data_5US9
#
_entry.id   5US9
#
_cell.length_a   1
_cell.length_b   1
_cell.length_c   1
_cell.angle_alpha   90.00
_cell.angle_beta   90.00
_cell.angle_gamma   90.00
#
_symmetry.space_group_name_H-M   'P 1'
#
_entity_poly.entity_id   1
_entity_poly.type   'polypeptide(L)'
_entity_poly.pdbx_seq_one_letter_code
;MSENEIQDQQPSDSMDGQRGGGGGATGSVGGGKGSGVGISTGGWVGGSYFTDSYVITKNTRQFLVKIQNNHQYKTELISP
STSQGKSQRCVSTPWSYFNFNQYSSHFSPQDWQRLTNEYKRFRPKGMHVKIYNLQIKQILSNGADTTYNNDLTAGVHIFC
DGEHAYPNATHPWDEDVMPELPYQTWYLFQYGYIPVIHELAEMEDSNAVEKAICLQIPFFMLENSDHEVLRTGESTEFTF
NFDCEWINNERAYIPPGLMFNPLVPTRRAQYIRRNNNPQTAESTSRIAPYAKPTSWMTGPGLLSAQRVGPATSDTGAWMV
AVKPENASIDTGMSGIGSGFDPPQGSLAPTNLEYKIQWYQTPQGTNNNGNIISNQPLSMLRDQALFRGNQTTYNLCSDVW
MFPNQIWDRYPITRENPIWCKKPRSDKHTTIDPFDGSLAMDHPPGTIFIKMAKIPVPSNNNADSYLNIYCTGQVSCEIVW
EVERYATKNWRPERRHTTFGLGIGGADNLNPTYHVDKNGTYIQPTTWDMCFPVKTNINKVL
;
_entity_poly.pdbx_strand_id   A,B,C,D,E,F,G,H,I,J,K,L,M,N,O,P,Q,R,S,T,U,V,W,X,Y,Z,1,2,3,4,5,6,a,b,c,d,e,f,g,h,i,j,k,l,m,n,o,p,q,r,s,t,u,v,w,x,y,z,7,8
#
# COMPACT_ATOMS: atom_id res chain seq x y z
N GLY A 34 -16.25 -19.98 -78.61
CA GLY A 34 -17.32 -19.33 -79.34
C GLY A 34 -18.58 -20.17 -79.48
N SER A 35 -19.57 -19.64 -80.20
CA SER A 35 -20.83 -20.34 -80.40
C SER A 35 -21.48 -19.81 -81.66
N GLY A 36 -22.43 -20.58 -82.19
CA GLY A 36 -23.19 -20.19 -83.36
C GLY A 36 -22.69 -20.87 -84.62
N VAL A 37 -23.34 -20.52 -85.72
CA VAL A 37 -22.93 -21.02 -87.03
C VAL A 37 -21.50 -20.59 -87.31
N GLY A 38 -20.73 -21.46 -87.94
CA GLY A 38 -19.35 -21.18 -88.24
C GLY A 38 -18.38 -21.61 -87.17
N ILE A 39 -18.86 -22.19 -86.08
CA ILE A 39 -18.01 -22.70 -85.02
C ILE A 39 -18.39 -24.16 -84.82
N SER A 40 -17.48 -25.07 -85.10
CA SER A 40 -17.79 -26.49 -85.00
C SER A 40 -18.03 -26.86 -83.54
N THR A 41 -18.98 -27.76 -83.31
CA THR A 41 -19.34 -28.06 -81.93
C THR A 41 -18.38 -29.04 -81.30
N GLY A 42 -18.02 -30.10 -82.02
CA GLY A 42 -17.08 -31.07 -81.50
C GLY A 42 -16.27 -31.65 -82.63
N GLY A 43 -15.16 -32.29 -82.28
CA GLY A 43 -14.24 -32.84 -83.25
C GLY A 43 -14.42 -34.34 -83.43
N TRP A 44 -13.64 -34.87 -84.36
CA TRP A 44 -13.64 -36.29 -84.64
C TRP A 44 -12.99 -37.05 -83.49
N VAL A 45 -13.36 -38.33 -83.34
CA VAL A 45 -12.96 -39.14 -82.21
C VAL A 45 -12.76 -40.57 -82.69
N GLY A 46 -11.85 -41.29 -82.06
CA GLY A 46 -11.72 -42.72 -82.30
C GLY A 46 -10.40 -43.25 -81.78
N GLY A 47 -10.12 -44.53 -82.11
CA GLY A 47 -8.81 -45.12 -81.95
C GLY A 47 -8.65 -46.12 -80.83
N SER A 48 -9.72 -46.44 -80.11
CA SER A 48 -9.75 -47.32 -78.94
C SER A 48 -8.74 -46.99 -77.84
N TYR A 49 -8.47 -47.96 -76.95
CA TYR A 49 -7.62 -47.68 -75.80
C TYR A 49 -6.81 -48.86 -75.26
N PHE A 50 -7.50 -49.86 -74.71
CA PHE A 50 -6.91 -51.08 -74.13
C PHE A 50 -6.03 -50.95 -72.89
N THR A 51 -6.66 -50.76 -71.73
CA THR A 51 -6.05 -51.02 -70.43
C THR A 51 -6.56 -52.34 -69.86
N ASP A 52 -5.72 -52.99 -69.05
CA ASP A 52 -6.04 -54.28 -68.45
C ASP A 52 -7.43 -54.36 -67.85
N SER A 53 -7.85 -53.30 -67.16
CA SER A 53 -9.14 -53.31 -66.49
C SER A 53 -10.29 -52.98 -67.43
N TYR A 54 -10.07 -52.16 -68.44
CA TYR A 54 -11.16 -51.76 -69.32
C TYR A 54 -10.62 -51.34 -70.67
N VAL A 55 -11.52 -51.37 -71.66
CA VAL A 55 -11.22 -50.97 -73.03
C VAL A 55 -12.20 -49.89 -73.43
N ILE A 56 -11.68 -48.76 -73.89
CA ILE A 56 -12.51 -47.65 -74.36
C ILE A 56 -12.43 -47.61 -75.87
N THR A 57 -13.53 -47.93 -76.53
CA THR A 57 -13.63 -47.82 -77.98
C THR A 57 -14.35 -46.54 -78.34
N LYS A 58 -13.78 -45.79 -79.26
CA LYS A 58 -14.32 -44.51 -79.69
C LYS A 58 -14.56 -44.58 -81.18
N ASN A 59 -15.67 -44.01 -81.64
CA ASN A 59 -16.02 -44.05 -83.05
C ASN A 59 -16.75 -42.78 -83.41
N THR A 60 -16.70 -42.41 -84.67
CA THR A 60 -17.38 -41.23 -85.17
C THR A 60 -17.86 -41.51 -86.58
N ARG A 61 -18.99 -40.91 -86.96
CA ARG A 61 -19.61 -41.21 -88.23
C ARG A 61 -20.11 -39.94 -88.89
N GLN A 62 -20.50 -40.08 -90.14
CA GLN A 62 -21.21 -39.06 -90.87
C GLN A 62 -22.54 -39.66 -91.28
N PHE A 63 -23.64 -39.00 -90.94
CA PHE A 63 -24.96 -39.58 -91.19
C PHE A 63 -25.83 -38.58 -91.92
N LEU A 64 -26.96 -39.05 -92.46
CA LEU A 64 -27.94 -38.12 -93.00
C LEU A 64 -29.34 -38.64 -92.78
N VAL A 65 -30.25 -37.70 -92.51
CA VAL A 65 -31.66 -37.98 -92.28
C VAL A 65 -32.42 -37.49 -93.50
N LYS A 66 -33.27 -38.36 -94.06
CA LYS A 66 -33.77 -38.19 -95.42
C LYS A 66 -35.19 -37.63 -95.52
N ILE A 67 -35.88 -37.38 -94.40
CA ILE A 67 -37.32 -37.15 -94.40
C ILE A 67 -38.03 -38.37 -94.97
N GLN A 68 -38.13 -39.43 -94.18
CA GLN A 68 -38.88 -40.59 -94.63
C GLN A 68 -40.37 -40.39 -94.44
N ASN A 69 -41.14 -40.93 -95.39
CA ASN A 69 -42.58 -41.14 -95.23
C ASN A 69 -43.34 -39.81 -95.15
N ASN A 70 -42.96 -38.84 -95.96
CA ASN A 70 -43.41 -37.45 -95.80
C ASN A 70 -43.15 -37.12 -94.34
N HIS A 71 -44.00 -36.40 -93.65
CA HIS A 71 -43.96 -36.42 -92.20
C HIS A 71 -45.10 -37.22 -91.58
N GLN A 72 -46.03 -37.69 -92.39
CA GLN A 72 -47.13 -38.49 -91.89
C GLN A 72 -46.70 -39.94 -91.65
N TYR A 73 -47.50 -40.64 -90.86
CA TYR A 73 -47.24 -41.99 -90.35
C TYR A 73 -47.67 -43.10 -91.29
N LYS A 74 -48.95 -43.18 -91.62
CA LYS A 74 -49.60 -44.29 -92.29
C LYS A 74 -49.47 -45.60 -91.51
N THR A 75 -49.59 -46.72 -92.22
CA THR A 75 -49.56 -48.05 -91.62
C THR A 75 -48.72 -48.99 -92.49
N GLU A 76 -49.10 -49.07 -93.77
CA GLU A 76 -48.36 -49.64 -94.90
C GLU A 76 -48.56 -51.13 -95.18
N LEU A 77 -49.11 -51.90 -94.24
CA LEU A 77 -49.54 -53.29 -94.50
C LEU A 77 -48.57 -54.00 -95.44
N ILE A 78 -47.39 -54.32 -94.93
CA ILE A 78 -46.21 -54.46 -95.80
C ILE A 78 -46.41 -55.48 -96.91
N SER A 79 -46.29 -56.77 -96.58
CA SER A 79 -46.58 -57.91 -97.46
C SER A 79 -45.69 -57.95 -98.70
N PRO A 80 -45.39 -59.12 -99.22
CA PRO A 80 -45.21 -59.24 -100.67
C PRO A 80 -46.49 -59.78 -101.28
N SER A 81 -46.53 -59.95 -102.60
CA SER A 81 -47.63 -60.72 -103.19
C SER A 81 -47.18 -61.60 -104.37
N THR A 82 -47.35 -62.93 -104.33
CA THR A 82 -47.48 -63.84 -103.15
C THR A 82 -48.36 -63.43 -101.96
N SER A 83 -49.62 -63.10 -102.25
CA SER A 83 -50.57 -62.67 -101.23
C SER A 83 -50.71 -63.69 -100.09
N GLN A 84 -50.26 -64.93 -100.32
CA GLN A 84 -50.26 -65.93 -99.26
C GLN A 84 -49.33 -65.57 -98.11
N GLY A 85 -48.49 -64.53 -98.28
CA GLY A 85 -47.52 -64.19 -97.27
C GLY A 85 -48.15 -63.70 -95.98
N LYS A 86 -47.29 -63.38 -95.02
CA LYS A 86 -47.77 -62.97 -93.71
C LYS A 86 -48.50 -61.63 -93.77
N SER A 87 -47.94 -60.67 -94.51
CA SER A 87 -48.60 -59.38 -94.73
C SER A 87 -48.80 -58.61 -93.43
N GLN A 88 -47.74 -58.52 -92.63
CA GLN A 88 -47.80 -57.73 -91.41
C GLN A 88 -48.14 -56.28 -91.74
N ARG A 89 -48.99 -55.67 -90.90
CA ARG A 89 -49.49 -54.34 -91.23
C ARG A 89 -48.49 -53.26 -90.86
N CYS A 90 -47.79 -53.44 -89.75
CA CYS A 90 -46.83 -52.50 -89.20
C CYS A 90 -47.36 -51.08 -89.03
N VAL A 91 -46.43 -50.12 -88.94
CA VAL A 91 -46.67 -48.68 -88.87
C VAL A 91 -45.41 -48.02 -89.38
N SER A 92 -45.54 -46.95 -90.15
CA SER A 92 -44.39 -46.20 -90.57
C SER A 92 -44.42 -44.87 -89.87
N THR A 93 -43.27 -44.29 -89.63
CA THR A 93 -43.15 -43.02 -88.92
C THR A 93 -42.19 -42.11 -89.67
N PRO A 94 -42.31 -40.80 -89.49
CA PRO A 94 -41.30 -39.89 -90.07
C PRO A 94 -39.93 -40.05 -89.45
N TRP A 95 -39.82 -40.72 -88.32
CA TRP A 95 -38.58 -40.76 -87.56
C TRP A 95 -37.59 -41.75 -88.14
N SER A 96 -36.31 -41.45 -87.92
CA SER A 96 -35.21 -42.34 -88.18
C SER A 96 -34.48 -42.56 -86.87
N TYR A 97 -33.69 -43.61 -86.79
CA TYR A 97 -33.06 -43.93 -85.52
C TYR A 97 -31.63 -44.40 -85.70
N PHE A 98 -30.85 -44.25 -84.64
CA PHE A 98 -29.48 -44.72 -84.59
C PHE A 98 -29.44 -46.11 -83.98
N ASN A 99 -28.93 -47.07 -84.72
CA ASN A 99 -28.71 -48.42 -84.23
C ASN A 99 -27.22 -48.58 -84.00
N PHE A 100 -26.80 -48.68 -82.75
CA PHE A 100 -25.40 -48.89 -82.42
C PHE A 100 -25.05 -50.33 -82.13
N ASN A 101 -25.98 -51.26 -82.32
CA ASN A 101 -25.85 -52.60 -81.77
C ASN A 101 -25.16 -53.50 -82.79
N GLN A 102 -23.88 -53.77 -82.55
CA GLN A 102 -23.07 -54.74 -83.27
C GLN A 102 -21.66 -54.59 -82.73
N TYR A 103 -20.85 -55.64 -82.85
CA TYR A 103 -19.47 -55.50 -82.42
C TYR A 103 -18.60 -54.89 -83.50
N SER A 104 -18.80 -55.29 -84.76
CA SER A 104 -17.95 -54.81 -85.84
C SER A 104 -18.04 -53.31 -86.02
N SER A 105 -19.03 -52.66 -85.42
CA SER A 105 -19.11 -51.22 -85.50
C SER A 105 -18.12 -50.56 -84.56
N HIS A 106 -17.94 -51.11 -83.37
CA HIS A 106 -17.14 -50.49 -82.34
C HIS A 106 -15.71 -50.99 -82.28
N PHE A 107 -15.38 -52.05 -83.01
CA PHE A 107 -14.05 -52.66 -82.94
C PHE A 107 -13.48 -52.82 -84.33
N SER A 108 -12.29 -52.28 -84.54
CA SER A 108 -11.56 -52.58 -85.75
C SER A 108 -11.16 -54.04 -85.74
N PRO A 109 -10.91 -54.62 -86.91
CA PRO A 109 -10.44 -56.00 -86.94
C PRO A 109 -9.21 -56.25 -86.10
N GLN A 110 -8.41 -55.23 -85.80
CA GLN A 110 -7.34 -55.43 -84.84
C GLN A 110 -7.77 -55.23 -83.40
N ASP A 111 -8.59 -54.22 -83.11
CA ASP A 111 -9.06 -54.04 -81.75
C ASP A 111 -9.78 -55.30 -81.27
N TRP A 112 -10.81 -55.70 -81.98
CA TRP A 112 -11.23 -57.09 -81.92
C TRP A 112 -10.05 -57.92 -82.35
N GLN A 113 -9.85 -59.07 -81.72
CA GLN A 113 -8.63 -59.88 -81.80
C GLN A 113 -7.52 -59.35 -80.92
N ARG A 114 -7.56 -58.09 -80.52
CA ARG A 114 -6.71 -57.74 -79.39
C ARG A 114 -7.37 -58.11 -78.08
N LEU A 115 -8.68 -57.94 -77.97
CA LEU A 115 -9.37 -58.45 -76.78
C LEU A 115 -9.69 -59.92 -76.90
N THR A 116 -10.03 -60.41 -78.09
CA THR A 116 -10.35 -61.81 -78.22
C THR A 116 -9.16 -62.68 -77.89
N ASN A 117 -7.96 -62.20 -78.18
CA ASN A 117 -6.75 -62.94 -77.82
C ASN A 117 -6.37 -62.71 -76.37
N GLU A 118 -6.47 -61.48 -75.89
CA GLU A 118 -5.81 -61.11 -74.64
C GLU A 118 -6.72 -61.12 -73.41
N TYR A 119 -8.01 -61.42 -73.54
CA TYR A 119 -8.88 -61.30 -72.39
C TYR A 119 -9.85 -62.46 -72.25
N LYS A 120 -10.17 -62.82 -71.00
CA LYS A 120 -11.18 -63.84 -70.72
C LYS A 120 -12.55 -63.38 -71.12
N ARG A 121 -12.95 -62.20 -70.68
CA ARG A 121 -14.34 -61.82 -70.73
C ARG A 121 -14.45 -60.31 -70.79
N PHE A 122 -15.55 -59.85 -71.32
CA PHE A 122 -15.78 -58.42 -71.41
C PHE A 122 -17.27 -58.17 -71.46
N ARG A 123 -17.68 -57.01 -70.98
CA ARG A 123 -19.04 -56.56 -71.14
C ARG A 123 -19.00 -55.05 -71.24
N PRO A 124 -19.89 -54.44 -72.01
CA PRO A 124 -19.90 -52.99 -72.09
C PRO A 124 -20.31 -52.40 -70.76
N LYS A 125 -19.48 -51.48 -70.26
CA LYS A 125 -19.76 -50.82 -69.00
C LYS A 125 -20.68 -49.63 -69.16
N GLY A 126 -20.44 -48.81 -70.18
CA GLY A 126 -21.19 -47.58 -70.36
C GLY A 126 -21.12 -47.16 -71.80
N MET A 127 -21.88 -46.12 -72.12
CA MET A 127 -21.97 -45.64 -73.49
C MET A 127 -22.24 -44.15 -73.47
N HIS A 128 -21.61 -43.44 -74.40
CA HIS A 128 -21.73 -41.99 -74.47
C HIS A 128 -21.83 -41.60 -75.92
N VAL A 129 -22.92 -40.93 -76.29
CA VAL A 129 -23.19 -40.61 -77.70
C VAL A 129 -23.34 -39.11 -77.82
N LYS A 130 -22.80 -38.55 -78.90
CA LYS A 130 -22.85 -37.11 -79.13
C LYS A 130 -23.22 -36.85 -80.57
N ILE A 131 -24.33 -36.14 -80.77
CA ILE A 131 -24.70 -35.60 -82.06
C ILE A 131 -24.11 -34.20 -82.12
N TYR A 132 -23.47 -33.87 -83.24
CA TYR A 132 -22.90 -32.54 -83.37
C TYR A 132 -22.57 -32.29 -84.83
N ASN A 133 -22.09 -31.08 -85.11
CA ASN A 133 -21.74 -30.65 -86.45
C ASN A 133 -22.88 -30.90 -87.43
N LEU A 134 -24.07 -30.43 -87.08
CA LEU A 134 -25.24 -30.66 -87.89
C LEU A 134 -25.27 -29.72 -89.08
N GLN A 135 -25.94 -30.16 -90.15
CA GLN A 135 -26.08 -29.37 -91.36
C GLN A 135 -27.44 -29.64 -91.96
N ILE A 136 -28.14 -28.60 -92.39
CA ILE A 136 -29.42 -28.74 -93.07
C ILE A 136 -29.24 -28.16 -94.46
N LYS A 137 -29.34 -29.00 -95.49
CA LYS A 137 -28.87 -28.58 -96.80
C LYS A 137 -29.94 -28.17 -97.80
N GLN A 138 -31.22 -28.32 -97.50
CA GLN A 138 -32.26 -27.73 -98.35
C GLN A 138 -32.16 -28.20 -99.80
N ILE A 139 -32.60 -29.44 -100.04
CA ILE A 139 -32.64 -29.96 -101.40
C ILE A 139 -33.47 -29.03 -102.28
N LEU A 140 -32.95 -28.77 -103.49
CA LEU A 140 -33.73 -28.10 -104.53
C LEU A 140 -33.67 -28.90 -105.82
N SER A 141 -34.73 -28.78 -106.61
CA SER A 141 -34.79 -29.41 -107.92
C SER A 141 -35.35 -28.41 -108.92
N ASN A 142 -34.55 -28.09 -109.93
CA ASN A 142 -34.99 -27.30 -111.07
C ASN A 142 -35.51 -28.18 -112.19
N GLY A 143 -35.61 -29.48 -111.94
CA GLY A 143 -35.79 -30.49 -112.94
C GLY A 143 -34.45 -31.11 -113.26
N ALA A 144 -34.43 -32.41 -113.47
CA ALA A 144 -33.20 -33.21 -113.56
C ALA A 144 -32.33 -32.86 -112.35
N ASP A 145 -31.00 -32.82 -112.50
CA ASP A 145 -30.02 -32.17 -111.62
C ASP A 145 -30.29 -32.34 -110.12
N THR A 146 -29.95 -31.29 -109.36
CA THR A 146 -30.32 -30.93 -107.99
C THR A 146 -29.44 -29.76 -107.59
N THR A 147 -29.83 -29.04 -106.54
CA THR A 147 -28.96 -28.05 -105.94
C THR A 147 -29.19 -28.06 -104.44
N TYR A 148 -28.16 -27.69 -103.69
CA TYR A 148 -28.19 -27.69 -102.24
C TYR A 148 -27.75 -26.30 -101.78
N ASN A 149 -28.67 -25.53 -101.21
CA ASN A 149 -28.37 -24.14 -100.89
C ASN A 149 -27.76 -24.02 -99.51
N ASN A 150 -27.44 -25.15 -98.90
CA ASN A 150 -27.27 -25.24 -97.46
C ASN A 150 -28.56 -24.73 -96.85
N ASP A 151 -28.47 -24.11 -95.68
CA ASP A 151 -29.64 -23.56 -95.01
C ASP A 151 -29.20 -23.08 -93.65
N LEU A 152 -29.98 -22.18 -93.08
CA LEU A 152 -29.90 -21.85 -91.67
C LEU A 152 -31.34 -21.73 -91.20
N THR A 153 -31.52 -21.41 -89.93
CA THR A 153 -32.84 -21.32 -89.35
C THR A 153 -33.68 -22.56 -89.65
N ALA A 154 -33.08 -23.73 -89.54
CA ALA A 154 -33.78 -24.99 -89.68
C ALA A 154 -33.41 -25.87 -88.49
N GLY A 155 -34.13 -26.98 -88.32
CA GLY A 155 -34.05 -27.72 -87.09
C GLY A 155 -34.15 -29.22 -87.32
N VAL A 156 -33.75 -29.93 -86.28
CA VAL A 156 -33.72 -31.38 -86.28
C VAL A 156 -34.20 -31.87 -84.92
N HIS A 157 -35.19 -32.74 -84.92
CA HIS A 157 -35.69 -33.33 -83.69
C HIS A 157 -34.80 -34.49 -83.31
N ILE A 158 -34.45 -34.58 -82.04
CA ILE A 158 -33.64 -35.68 -81.53
C ILE A 158 -34.25 -36.15 -80.22
N PHE A 159 -34.58 -37.43 -80.17
CA PHE A 159 -35.30 -37.99 -79.04
C PHE A 159 -34.64 -39.30 -78.63
N CYS A 160 -34.55 -39.53 -77.32
CA CYS A 160 -33.96 -40.74 -76.77
C CYS A 160 -34.94 -41.40 -75.82
N ASP A 161 -34.85 -42.73 -75.70
CA ASP A 161 -35.66 -43.49 -74.77
C ASP A 161 -34.85 -43.86 -73.54
N GLY A 162 -35.17 -43.24 -72.41
CA GLY A 162 -34.60 -43.71 -71.16
C GLY A 162 -35.52 -44.69 -70.48
N GLU A 163 -36.82 -44.57 -70.77
CA GLU A 163 -37.82 -45.44 -70.16
C GLU A 163 -38.09 -46.68 -70.99
N HIS A 164 -37.64 -46.71 -72.24
CA HIS A 164 -38.02 -47.73 -73.22
C HIS A 164 -39.52 -47.85 -73.38
N ALA A 165 -40.27 -46.78 -73.13
CA ALA A 165 -41.56 -46.65 -73.77
C ALA A 165 -41.31 -46.54 -75.27
N TYR A 166 -42.34 -46.82 -76.05
CA TYR A 166 -42.30 -46.89 -77.50
C TYR A 166 -41.73 -48.23 -77.96
N PRO A 167 -42.15 -48.69 -79.14
CA PRO A 167 -41.87 -50.07 -79.56
C PRO A 167 -40.41 -50.42 -79.83
N ASN A 168 -39.47 -49.48 -79.77
CA ASN A 168 -38.02 -49.73 -79.87
C ASN A 168 -37.59 -50.59 -81.06
N ALA A 169 -37.48 -49.95 -82.23
CA ALA A 169 -37.21 -50.65 -83.49
C ALA A 169 -36.09 -51.68 -83.39
N THR A 170 -35.04 -51.38 -82.63
CA THR A 170 -33.82 -52.18 -82.70
C THR A 170 -34.11 -53.65 -82.49
N HIS A 171 -33.68 -54.46 -83.44
CA HIS A 171 -33.70 -55.91 -83.42
C HIS A 171 -32.26 -56.36 -83.63
N PRO A 172 -31.84 -57.44 -82.98
CA PRO A 172 -30.39 -57.75 -82.97
C PRO A 172 -29.71 -57.76 -84.33
N TRP A 173 -30.25 -58.45 -85.32
CA TRP A 173 -29.50 -58.62 -86.56
C TRP A 173 -29.75 -57.43 -87.48
N ASP A 174 -30.94 -57.36 -88.05
CA ASP A 174 -31.36 -56.26 -88.91
C ASP A 174 -30.26 -56.03 -89.95
N GLU A 175 -29.83 -54.80 -90.16
CA GLU A 175 -28.91 -54.39 -91.21
C GLU A 175 -28.08 -53.31 -90.56
N ASP A 176 -27.36 -52.55 -91.38
CA ASP A 176 -26.95 -51.17 -91.04
C ASP A 176 -26.18 -51.19 -89.71
N VAL A 177 -26.73 -50.67 -88.62
CA VAL A 177 -26.01 -50.30 -87.41
C VAL A 177 -25.02 -49.27 -87.90
N MET A 178 -23.85 -49.19 -87.29
CA MET A 178 -22.85 -48.29 -87.81
C MET A 178 -22.09 -49.01 -88.90
N PRO A 179 -21.63 -48.33 -89.94
CA PRO A 179 -20.76 -49.01 -90.89
C PRO A 179 -19.51 -49.43 -90.16
N GLU A 180 -19.14 -50.70 -90.30
CA GLU A 180 -17.98 -51.21 -89.59
C GLU A 180 -16.74 -50.38 -89.87
N LEU A 181 -16.75 -49.65 -90.97
CA LEU A 181 -15.63 -48.91 -91.47
C LEU A 181 -15.92 -47.43 -91.34
N PRO A 182 -15.12 -46.62 -90.63
CA PRO A 182 -15.41 -45.18 -90.56
C PRO A 182 -15.29 -44.53 -91.92
N TYR A 183 -15.39 -43.20 -91.99
CA TYR A 183 -15.36 -42.43 -93.23
C TYR A 183 -16.47 -42.82 -94.17
N GLN A 184 -17.18 -43.89 -93.84
CA GLN A 184 -18.29 -44.38 -94.64
C GLN A 184 -19.56 -43.75 -94.09
N THR A 185 -20.22 -42.94 -94.90
CA THR A 185 -21.39 -42.23 -94.43
C THR A 185 -22.48 -43.20 -94.01
N TRP A 186 -23.23 -42.82 -92.98
CA TRP A 186 -24.16 -43.73 -92.35
C TRP A 186 -25.58 -43.27 -92.61
N TYR A 187 -26.30 -43.99 -93.45
CA TYR A 187 -27.67 -43.66 -93.79
C TYR A 187 -28.60 -44.25 -92.76
N LEU A 188 -29.40 -43.40 -92.14
CA LEU A 188 -30.36 -43.85 -91.15
C LEU A 188 -31.54 -44.53 -91.82
N PHE A 189 -32.27 -45.30 -91.01
CA PHE A 189 -33.41 -46.08 -91.49
C PHE A 189 -34.67 -45.67 -90.75
N GLN A 190 -35.78 -45.79 -91.45
CA GLN A 190 -37.06 -45.32 -90.93
C GLN A 190 -37.49 -46.13 -89.73
N TYR A 191 -38.12 -45.48 -88.77
CA TYR A 191 -38.63 -46.15 -87.59
C TYR A 191 -40.05 -46.63 -87.84
N GLY A 192 -40.30 -47.89 -87.52
CA GLY A 192 -41.61 -48.46 -87.66
C GLY A 192 -41.80 -49.54 -86.62
N TYR A 193 -43.04 -50.01 -86.48
CA TYR A 193 -43.30 -51.04 -85.50
C TYR A 193 -44.57 -51.77 -85.86
N ILE A 194 -44.70 -52.99 -85.36
CA ILE A 194 -45.90 -53.80 -85.55
C ILE A 194 -46.89 -53.47 -84.47
N PRO A 195 -48.01 -52.80 -84.77
CA PRO A 195 -49.01 -52.58 -83.72
C PRO A 195 -49.67 -53.86 -83.26
N VAL A 196 -50.09 -54.72 -84.20
CA VAL A 196 -50.78 -55.98 -83.90
C VAL A 196 -50.58 -56.93 -85.07
N ILE A 197 -50.63 -58.23 -84.79
CA ILE A 197 -50.60 -59.24 -85.83
C ILE A 197 -51.68 -58.93 -86.86
N HIS A 198 -51.29 -58.93 -88.15
CA HIS A 198 -52.24 -58.55 -89.18
C HIS A 198 -53.41 -59.52 -89.25
N GLU A 199 -53.13 -60.80 -89.43
CA GLU A 199 -54.16 -61.79 -89.18
C GLU A 199 -54.58 -61.67 -87.73
N LEU A 200 -55.79 -62.13 -87.40
CA LEU A 200 -56.36 -61.84 -86.09
C LEU A 200 -56.57 -60.34 -85.92
N ALA A 201 -57.72 -59.85 -86.45
CA ALA A 201 -58.02 -58.47 -86.86
C ALA A 201 -57.94 -58.22 -88.36
N GLU A 202 -57.72 -59.25 -89.17
CA GLU A 202 -57.74 -59.05 -90.62
C GLU A 202 -58.94 -58.24 -91.18
N MET A 203 -60.19 -58.46 -90.76
CA MET A 203 -60.71 -59.57 -89.97
C MET A 203 -61.82 -60.22 -90.78
N GLU A 204 -62.14 -61.47 -90.49
CA GLU A 204 -63.06 -62.20 -91.36
C GLU A 204 -64.48 -62.12 -90.83
N ASP A 205 -65.33 -61.35 -91.53
CA ASP A 205 -66.76 -61.28 -91.30
C ASP A 205 -67.09 -61.10 -89.82
N SER A 206 -68.15 -61.76 -89.36
CA SER A 206 -68.40 -62.02 -87.94
C SER A 206 -68.13 -60.71 -87.10
N ASN A 207 -67.22 -60.56 -86.11
CA ASN A 207 -66.41 -61.56 -85.41
C ASN A 207 -66.46 -61.31 -83.91
N ALA A 208 -65.99 -60.12 -83.53
CA ALA A 208 -65.98 -59.56 -82.18
C ALA A 208 -64.85 -60.14 -81.34
N VAL A 209 -64.30 -61.27 -81.76
CA VAL A 209 -63.05 -61.75 -81.16
C VAL A 209 -61.86 -61.08 -81.85
N GLU A 210 -61.93 -60.91 -83.17
CA GLU A 210 -60.91 -60.12 -83.86
C GLU A 210 -61.28 -58.65 -83.95
N LYS A 211 -62.54 -58.32 -83.66
CA LYS A 211 -62.89 -56.91 -83.51
C LYS A 211 -62.13 -56.32 -82.33
N ALA A 212 -62.26 -56.94 -81.17
CA ALA A 212 -61.25 -56.74 -80.16
C ALA A 212 -59.93 -57.29 -80.68
N ILE A 213 -58.83 -56.72 -80.18
CA ILE A 213 -57.48 -56.90 -80.68
C ILE A 213 -57.27 -56.07 -81.93
N CYS A 214 -58.36 -55.76 -82.64
CA CYS A 214 -58.28 -54.69 -83.63
C CYS A 214 -58.54 -53.33 -83.00
N LEU A 215 -59.52 -53.27 -82.12
CA LEU A 215 -59.79 -52.03 -81.39
C LEU A 215 -58.65 -51.68 -80.45
N GLN A 216 -57.95 -52.69 -79.95
CA GLN A 216 -56.97 -52.43 -78.91
C GLN A 216 -55.59 -52.13 -79.46
N ILE A 217 -55.42 -52.06 -80.78
CA ILE A 217 -54.08 -51.88 -81.31
C ILE A 217 -53.60 -50.53 -80.82
N PRO A 218 -52.48 -50.47 -80.13
CA PRO A 218 -51.98 -49.19 -79.65
C PRO A 218 -51.34 -48.40 -80.78
N PHE A 219 -51.34 -47.09 -80.63
CA PHE A 219 -50.75 -46.20 -81.61
C PHE A 219 -49.79 -45.28 -80.89
N PHE A 220 -48.51 -45.43 -81.19
CA PHE A 220 -47.46 -44.70 -80.52
C PHE A 220 -46.96 -43.59 -81.42
N MET A 221 -46.60 -42.47 -80.81
CA MET A 221 -46.14 -41.31 -81.55
C MET A 221 -44.97 -40.74 -80.77
N LEU A 222 -43.93 -40.35 -81.49
CA LEU A 222 -42.77 -39.82 -80.82
C LEU A 222 -42.90 -38.34 -80.54
N GLU A 223 -44.05 -37.74 -80.82
CA GLU A 223 -44.18 -36.32 -80.54
C GLU A 223 -44.44 -36.14 -79.06
N ASN A 224 -45.67 -36.40 -78.57
CA ASN A 224 -45.87 -36.90 -77.21
C ASN A 224 -44.81 -36.41 -76.25
N SER A 225 -44.07 -37.33 -75.66
CA SER A 225 -42.97 -36.97 -74.78
C SER A 225 -42.00 -36.00 -75.44
N ASP A 226 -41.52 -35.05 -74.66
CA ASP A 226 -40.73 -33.95 -75.20
C ASP A 226 -39.36 -34.41 -75.67
N HIS A 227 -38.78 -33.62 -76.56
CA HIS A 227 -37.47 -33.92 -77.11
C HIS A 227 -36.86 -32.63 -77.64
N GLU A 228 -35.56 -32.68 -77.90
CA GLU A 228 -34.83 -31.49 -78.27
C GLU A 228 -34.86 -31.28 -79.78
N VAL A 229 -34.96 -30.02 -80.18
CA VAL A 229 -34.75 -29.61 -81.55
C VAL A 229 -33.39 -28.90 -81.59
N LEU A 230 -32.69 -29.03 -82.70
CA LEU A 230 -31.37 -28.45 -82.82
C LEU A 230 -31.24 -27.72 -84.14
N ARG A 231 -30.78 -26.48 -84.09
CA ARG A 231 -30.28 -25.88 -85.31
C ARG A 231 -28.84 -26.32 -85.49
N THR A 232 -28.14 -25.69 -86.43
CA THR A 232 -26.77 -26.10 -86.74
C THR A 232 -25.84 -25.98 -85.54
N GLY A 233 -25.72 -24.79 -84.97
CA GLY A 233 -24.71 -24.57 -83.94
C GLY A 233 -24.86 -25.44 -82.71
N GLU A 234 -26.05 -25.96 -82.45
CA GLU A 234 -26.29 -26.75 -81.27
C GLU A 234 -25.86 -28.21 -81.46
N SER A 235 -25.61 -28.88 -80.34
CA SER A 235 -25.33 -30.32 -80.30
C SER A 235 -26.12 -30.96 -79.17
N THR A 236 -25.90 -32.25 -78.99
CA THR A 236 -26.57 -33.00 -77.93
C THR A 236 -25.70 -34.16 -77.51
N GLU A 237 -25.77 -34.51 -76.22
CA GLU A 237 -25.08 -35.67 -75.69
C GLU A 237 -26.10 -36.64 -75.10
N PHE A 238 -25.73 -37.90 -75.06
CA PHE A 238 -26.52 -38.92 -74.38
C PHE A 238 -25.57 -39.88 -73.70
N THR A 239 -25.95 -40.34 -72.51
CA THR A 239 -25.18 -41.33 -71.79
C THR A 239 -26.03 -42.56 -71.53
N PHE A 240 -25.36 -43.68 -71.29
CA PHE A 240 -26.04 -44.92 -70.98
C PHE A 240 -25.18 -45.72 -70.03
N ASN A 241 -25.84 -46.45 -69.14
CA ASN A 241 -25.17 -47.38 -68.26
C ASN A 241 -25.81 -48.74 -68.44
N PHE A 242 -25.02 -49.79 -68.23
CA PHE A 242 -25.44 -51.14 -68.54
C PHE A 242 -25.43 -52.00 -67.28
N ASP A 243 -26.58 -52.58 -66.95
CA ASP A 243 -26.63 -53.75 -66.10
C ASP A 243 -26.60 -54.94 -67.05
N CYS A 244 -25.48 -55.65 -67.07
CA CYS A 244 -25.16 -56.47 -68.22
C CYS A 244 -24.36 -57.68 -67.79
N GLU A 245 -24.59 -58.79 -68.47
CA GLU A 245 -23.89 -60.03 -68.19
C GLU A 245 -22.60 -60.10 -69.01
N TRP A 246 -21.56 -60.66 -68.40
CA TRP A 246 -20.31 -60.87 -69.11
C TRP A 246 -20.53 -61.77 -70.32
N ILE A 247 -19.75 -61.54 -71.37
CA ILE A 247 -19.61 -62.50 -72.45
C ILE A 247 -18.21 -63.07 -72.36
N ASN A 248 -18.11 -64.39 -72.30
CA ASN A 248 -16.89 -65.06 -71.90
C ASN A 248 -16.14 -65.57 -73.12
N ASN A 249 -14.89 -65.16 -73.25
CA ASN A 249 -13.97 -65.74 -74.22
C ASN A 249 -13.09 -66.71 -73.48
N GLU A 250 -13.33 -68.00 -73.70
CA GLU A 250 -12.77 -69.11 -72.93
C GLU A 250 -13.20 -70.38 -73.63
N ARG A 251 -12.50 -71.45 -73.34
CA ARG A 251 -12.70 -72.71 -74.03
C ARG A 251 -12.58 -73.85 -73.03
N ALA A 252 -13.53 -74.76 -73.07
CA ALA A 252 -13.45 -75.98 -72.29
C ALA A 252 -12.78 -77.04 -73.14
N TYR A 253 -11.64 -77.52 -72.68
CA TYR A 253 -10.90 -78.54 -73.42
C TYR A 253 -11.51 -79.92 -73.29
N ILE A 254 -12.41 -80.12 -72.34
CA ILE A 254 -13.12 -81.39 -72.18
C ILE A 254 -14.57 -81.12 -71.85
N PRO A 255 -15.46 -82.07 -72.14
CA PRO A 255 -16.82 -81.97 -71.68
C PRO A 255 -16.87 -81.90 -70.17
N PRO A 256 -17.93 -81.34 -69.59
CA PRO A 256 -18.01 -81.29 -68.13
C PRO A 256 -18.12 -82.66 -67.50
N GLY A 257 -18.69 -83.63 -68.20
CA GLY A 257 -18.78 -84.97 -67.68
C GLY A 257 -17.51 -85.78 -67.78
N LEU A 258 -16.47 -85.23 -68.40
CA LEU A 258 -15.22 -85.93 -68.59
C LEU A 258 -14.21 -85.59 -67.49
N MET A 259 -14.63 -84.87 -66.46
CA MET A 259 -13.73 -84.45 -65.39
C MET A 259 -13.71 -85.53 -64.33
N PHE A 260 -12.58 -86.22 -64.22
CA PHE A 260 -12.36 -87.23 -63.18
C PHE A 260 -10.96 -87.79 -63.38
N ASN A 261 -10.45 -88.42 -62.35
CA ASN A 261 -9.17 -89.09 -62.45
C ASN A 261 -9.42 -90.51 -62.93
N PRO A 262 -9.10 -90.83 -64.18
CA PRO A 262 -9.42 -92.16 -64.69
C PRO A 262 -8.56 -93.24 -64.10
N LEU A 263 -7.45 -92.87 -63.47
CA LEU A 263 -6.60 -93.87 -62.83
C LEU A 263 -7.29 -94.48 -61.62
N VAL A 264 -7.99 -93.67 -60.84
CA VAL A 264 -8.54 -94.14 -59.57
C VAL A 264 -9.77 -94.98 -59.84
N PRO A 265 -9.91 -96.15 -59.22
CA PRO A 265 -11.14 -96.93 -59.38
C PRO A 265 -12.31 -96.20 -58.75
N THR A 266 -13.52 -96.61 -59.14
CA THR A 266 -14.73 -95.99 -58.64
C THR A 266 -15.54 -96.98 -57.83
N ARG A 267 -16.26 -96.47 -56.84
CA ARG A 267 -17.24 -97.29 -56.14
C ARG A 267 -18.63 -97.00 -56.67
N ARG A 268 -19.12 -97.89 -57.50
CA ARG A 268 -20.38 -97.76 -58.22
C ARG A 268 -20.60 -99.06 -58.97
N ALA A 269 -21.82 -99.31 -59.43
CA ALA A 269 -22.08 -100.56 -60.12
C ALA A 269 -23.11 -100.33 -61.22
N GLN A 270 -23.08 -101.22 -62.20
CA GLN A 270 -23.98 -101.18 -63.34
C GLN A 270 -24.78 -102.46 -63.34
N TYR A 271 -26.08 -102.35 -63.10
CA TYR A 271 -26.99 -103.46 -63.37
C TYR A 271 -27.46 -103.27 -64.80
N ILE A 272 -27.47 -104.35 -65.56
CA ILE A 272 -27.91 -104.32 -66.94
C ILE A 272 -29.01 -105.35 -67.13
N ARG A 273 -30.15 -104.88 -67.62
CA ARG A 273 -31.33 -105.73 -67.76
C ARG A 273 -31.04 -106.88 -68.74
N ARG A 274 -31.80 -107.97 -68.58
CA ARG A 274 -31.80 -109.03 -69.58
C ARG A 274 -32.03 -108.44 -70.96
N ASN A 275 -31.21 -108.87 -71.91
CA ASN A 275 -31.16 -108.18 -73.19
C ASN A 275 -32.35 -108.55 -74.08
N ASN A 276 -32.93 -109.74 -73.88
CA ASN A 276 -34.09 -110.18 -74.65
C ASN A 276 -33.82 -110.06 -76.15
N ASN A 277 -32.98 -110.97 -76.64
CA ASN A 277 -32.33 -110.91 -77.95
C ASN A 277 -31.28 -109.80 -77.89
N PRO A 278 -30.14 -109.98 -78.58
CA PRO A 278 -29.65 -111.29 -79.06
C PRO A 278 -29.35 -112.31 -77.95
N GLN A 279 -28.65 -111.86 -76.91
CA GLN A 279 -28.01 -112.77 -75.97
C GLN A 279 -27.55 -111.98 -74.75
N THR A 280 -26.68 -112.56 -73.90
CA THR A 280 -26.08 -111.87 -72.76
C THR A 280 -27.10 -111.51 -71.69
N ALA A 281 -27.50 -112.50 -70.89
CA ALA A 281 -28.42 -112.30 -69.80
C ALA A 281 -27.83 -111.34 -68.76
N GLU A 282 -28.73 -110.79 -67.93
CA GLU A 282 -28.42 -109.68 -67.05
C GLU A 282 -27.22 -109.98 -66.15
N SER A 283 -26.45 -108.93 -65.86
CA SER A 283 -25.32 -109.04 -64.94
C SER A 283 -25.07 -107.68 -64.31
N THR A 284 -24.54 -107.69 -63.10
CA THR A 284 -24.07 -106.49 -62.43
C THR A 284 -22.54 -106.48 -62.39
N SER A 285 -21.96 -105.29 -62.45
CA SER A 285 -20.52 -105.16 -62.52
C SER A 285 -20.11 -103.80 -62.02
N ARG A 286 -18.84 -103.69 -61.61
CA ARG A 286 -18.31 -102.40 -61.19
C ARG A 286 -17.97 -101.55 -62.39
N ILE A 287 -18.23 -100.26 -62.27
CA ILE A 287 -17.91 -99.33 -63.34
C ILE A 287 -16.40 -99.21 -63.49
N ALA A 288 -15.93 -99.25 -64.73
CA ALA A 288 -14.51 -99.20 -65.01
C ALA A 288 -13.90 -97.91 -64.48
N PRO A 289 -12.60 -97.93 -64.15
CA PRO A 289 -11.99 -96.70 -63.62
C PRO A 289 -12.07 -95.54 -64.58
N TYR A 290 -11.73 -95.77 -65.84
CA TYR A 290 -12.06 -94.83 -66.90
C TYR A 290 -13.57 -94.84 -67.10
N ALA A 291 -14.08 -93.79 -67.73
CA ALA A 291 -15.49 -93.71 -68.10
C ALA A 291 -16.39 -93.84 -66.88
N LYS A 292 -16.13 -93.01 -65.89
CA LYS A 292 -17.00 -92.95 -64.75
C LYS A 292 -18.27 -92.19 -65.10
N PRO A 293 -19.39 -92.52 -64.46
CA PRO A 293 -20.63 -91.79 -64.73
C PRO A 293 -20.52 -90.35 -64.29
N THR A 294 -21.45 -89.55 -64.78
CA THR A 294 -21.41 -88.12 -64.50
C THR A 294 -22.80 -87.59 -64.19
N SER A 295 -22.80 -86.49 -63.47
CA SER A 295 -23.88 -85.52 -63.49
C SER A 295 -23.74 -84.64 -64.72
N TRP A 296 -24.38 -83.50 -64.68
CA TRP A 296 -24.09 -82.49 -65.69
C TRP A 296 -24.53 -82.90 -67.08
N MET A 297 -25.84 -82.85 -67.26
CA MET A 297 -26.57 -83.03 -68.50
C MET A 297 -26.17 -81.98 -69.53
N THR A 298 -26.42 -82.29 -70.80
CA THR A 298 -26.14 -81.38 -71.88
C THR A 298 -27.16 -80.25 -71.93
N GLY A 299 -26.75 -79.14 -72.54
CA GLY A 299 -27.63 -78.01 -72.71
C GLY A 299 -28.80 -78.33 -73.62
N PRO A 300 -29.88 -77.54 -73.50
CA PRO A 300 -31.09 -77.85 -74.25
C PRO A 300 -31.02 -77.41 -75.69
N GLY A 301 -31.81 -78.07 -76.52
CA GLY A 301 -31.94 -77.71 -77.92
C GLY A 301 -33.22 -78.30 -78.46
N LEU A 302 -33.60 -77.86 -79.67
CA LEU A 302 -34.71 -78.47 -80.39
C LEU A 302 -34.23 -78.81 -81.79
N LEU A 303 -34.04 -80.11 -82.05
CA LEU A 303 -33.52 -80.58 -83.32
C LEU A 303 -34.53 -81.25 -84.25
N SER A 304 -35.78 -81.42 -83.85
CA SER A 304 -36.65 -82.31 -84.62
C SER A 304 -37.22 -81.62 -85.85
N ALA A 305 -37.57 -80.35 -85.73
CA ALA A 305 -38.34 -79.63 -86.73
C ALA A 305 -37.53 -79.39 -88.00
N GLN A 306 -38.24 -79.05 -89.07
CA GLN A 306 -37.64 -78.64 -90.33
C GLN A 306 -38.36 -77.40 -90.84
N ARG A 307 -37.60 -76.47 -91.42
CA ARG A 307 -38.20 -75.27 -91.97
C ARG A 307 -39.25 -75.62 -93.01
N VAL A 308 -40.33 -74.84 -93.02
CA VAL A 308 -41.57 -75.21 -93.68
C VAL A 308 -41.88 -74.26 -94.82
N GLY A 309 -41.80 -74.76 -96.05
CA GLY A 309 -42.39 -74.08 -97.18
C GLY A 309 -41.45 -73.10 -97.86
N PRO A 310 -42.01 -72.26 -98.72
CA PRO A 310 -41.18 -71.38 -99.55
C PRO A 310 -40.65 -70.21 -98.75
N ALA A 311 -39.56 -69.63 -99.26
CA ALA A 311 -39.00 -68.44 -98.65
C ALA A 311 -39.96 -67.26 -98.81
N THR A 312 -39.75 -66.24 -97.98
CA THR A 312 -40.58 -65.04 -97.82
C THR A 312 -41.85 -65.36 -97.05
N SER A 313 -42.12 -66.62 -96.74
CA SER A 313 -43.26 -67.03 -95.94
C SER A 313 -42.93 -67.16 -94.46
N ASP A 314 -41.73 -66.76 -94.04
CA ASP A 314 -41.26 -66.94 -92.66
C ASP A 314 -41.17 -68.42 -92.29
N THR A 315 -40.16 -69.10 -92.82
CA THR A 315 -39.95 -70.49 -92.46
C THR A 315 -38.98 -70.55 -91.28
N GLY A 316 -39.50 -70.85 -90.10
CA GLY A 316 -38.66 -70.88 -88.91
C GLY A 316 -38.35 -72.26 -88.37
N ALA A 317 -39.09 -73.26 -88.82
CA ALA A 317 -39.15 -74.63 -88.32
C ALA A 317 -39.79 -74.70 -86.94
N TRP A 318 -39.86 -73.60 -86.20
CA TRP A 318 -40.62 -73.52 -84.97
C TRP A 318 -41.34 -72.18 -84.98
N MET A 319 -42.67 -72.22 -84.98
CA MET A 319 -43.47 -71.00 -84.96
C MET A 319 -44.09 -70.89 -83.59
N VAL A 320 -43.93 -69.72 -82.96
CA VAL A 320 -44.47 -69.52 -81.63
C VAL A 320 -45.96 -69.19 -81.69
N ALA A 321 -46.34 -68.33 -82.61
CA ALA A 321 -47.72 -67.89 -82.82
C ALA A 321 -48.46 -67.47 -81.55
N VAL A 322 -49.79 -67.59 -81.58
CA VAL A 322 -50.66 -67.26 -80.46
C VAL A 322 -51.80 -68.27 -80.36
N LYS A 323 -52.66 -68.29 -81.37
CA LYS A 323 -53.88 -69.09 -81.38
C LYS A 323 -54.85 -68.71 -80.24
N PRO A 324 -55.47 -67.54 -80.29
CA PRO A 324 -56.63 -67.29 -79.44
C PRO A 324 -57.75 -68.27 -79.77
N GLU A 325 -58.67 -68.43 -78.81
CA GLU A 325 -59.53 -69.60 -78.82
C GLU A 325 -60.45 -69.61 -80.04
N ASN A 326 -61.02 -68.47 -80.39
CA ASN A 326 -61.83 -68.43 -81.60
C ASN A 326 -61.08 -67.76 -82.74
N ALA A 327 -61.07 -66.44 -82.71
CA ALA A 327 -60.46 -65.58 -83.73
C ALA A 327 -60.94 -66.04 -85.10
N SER A 328 -60.06 -65.95 -86.10
CA SER A 328 -60.16 -66.68 -87.35
C SER A 328 -58.77 -66.66 -87.96
N ILE A 329 -58.50 -67.63 -88.83
CA ILE A 329 -57.15 -67.78 -89.36
C ILE A 329 -57.25 -68.19 -90.83
N ASP A 330 -56.43 -67.56 -91.65
CA ASP A 330 -56.29 -67.90 -93.05
C ASP A 330 -55.41 -69.14 -93.16
N THR A 331 -54.92 -69.45 -94.37
CA THR A 331 -53.87 -70.45 -94.48
C THR A 331 -52.75 -70.11 -93.51
N GLY A 332 -52.28 -71.12 -92.79
CA GLY A 332 -51.38 -70.89 -91.68
C GLY A 332 -51.99 -71.20 -90.33
N MET A 333 -51.22 -71.32 -89.24
CA MET A 333 -49.74 -71.30 -89.13
C MET A 333 -49.06 -70.14 -89.90
N SER A 334 -48.15 -70.46 -90.81
CA SER A 334 -47.54 -69.48 -91.72
C SER A 334 -46.87 -68.30 -90.93
N GLY A 335 -47.29 -67.02 -90.97
CA GLY A 335 -48.60 -66.44 -91.23
C GLY A 335 -49.24 -65.94 -89.95
N ILE A 336 -48.82 -66.53 -88.83
CA ILE A 336 -49.03 -65.98 -87.50
C ILE A 336 -47.80 -66.30 -86.68
N GLY A 337 -47.46 -65.41 -85.77
CA GLY A 337 -46.31 -65.62 -84.92
C GLY A 337 -45.00 -65.60 -85.68
N SER A 338 -43.94 -65.96 -84.96
CA SER A 338 -42.58 -65.76 -85.43
C SER A 338 -41.83 -67.07 -85.45
N GLY A 339 -40.89 -67.20 -86.38
CA GLY A 339 -40.02 -68.36 -86.39
C GLY A 339 -38.96 -68.25 -85.31
N PHE A 340 -38.71 -69.37 -84.65
CA PHE A 340 -37.70 -69.44 -83.60
C PHE A 340 -36.38 -69.93 -84.20
N ASP A 341 -35.34 -69.12 -84.09
CA ASP A 341 -34.10 -69.37 -84.79
C ASP A 341 -32.90 -68.91 -83.96
N PRO A 342 -31.80 -69.67 -83.97
CA PRO A 342 -31.67 -71.10 -84.25
C PRO A 342 -32.06 -72.01 -83.11
N PRO A 343 -32.93 -72.99 -83.35
CA PRO A 343 -32.84 -74.22 -82.58
C PRO A 343 -31.90 -75.25 -83.22
N GLN A 344 -31.05 -76.03 -82.54
CA GLN A 344 -30.26 -75.66 -81.37
C GLN A 344 -31.06 -75.11 -80.17
N GLY A 345 -30.61 -74.16 -79.34
CA GLY A 345 -29.25 -73.70 -79.10
C GLY A 345 -28.35 -74.80 -78.59
N SER A 346 -27.05 -74.51 -78.56
CA SER A 346 -26.04 -75.51 -78.22
C SER A 346 -26.23 -76.75 -79.08
N LEU A 347 -26.09 -77.93 -78.47
CA LEU A 347 -26.60 -79.18 -79.00
C LEU A 347 -26.31 -79.32 -80.49
N ALA A 348 -25.08 -79.65 -80.84
CA ALA A 348 -24.54 -79.42 -82.17
C ALA A 348 -25.52 -79.86 -83.26
N PRO A 349 -25.76 -79.03 -84.26
CA PRO A 349 -26.86 -79.26 -85.20
C PRO A 349 -26.56 -80.39 -86.18
N THR A 350 -27.62 -80.85 -86.83
CA THR A 350 -27.52 -81.90 -87.82
C THR A 350 -27.02 -81.35 -89.15
N ASN A 351 -27.82 -80.52 -89.81
CA ASN A 351 -27.37 -79.98 -91.08
C ASN A 351 -27.34 -78.45 -91.05
N LEU A 352 -27.04 -77.88 -92.21
CA LEU A 352 -26.86 -76.45 -92.38
C LEU A 352 -28.09 -75.67 -91.93
N GLU A 353 -29.25 -76.32 -91.97
CA GLU A 353 -30.52 -75.64 -91.74
C GLU A 353 -30.58 -74.97 -90.37
N TYR A 354 -29.84 -75.51 -89.40
CA TYR A 354 -29.81 -74.98 -88.04
C TYR A 354 -28.59 -74.11 -87.75
N LYS A 355 -27.72 -73.91 -88.72
CA LYS A 355 -26.35 -73.49 -88.48
C LYS A 355 -26.21 -71.97 -88.45
N ILE A 356 -27.33 -71.25 -88.42
CA ILE A 356 -27.47 -69.83 -88.66
C ILE A 356 -26.91 -69.54 -90.05
N GLN A 357 -26.54 -68.29 -90.32
CA GLN A 357 -25.95 -67.83 -91.57
C GLN A 357 -26.08 -66.31 -91.55
N TRP A 358 -25.31 -65.57 -92.35
CA TRP A 358 -25.67 -64.20 -92.66
C TRP A 358 -24.86 -63.74 -93.86
N TYR A 359 -25.33 -62.66 -94.51
CA TYR A 359 -24.70 -62.25 -95.75
C TYR A 359 -23.65 -61.18 -95.55
N GLN A 360 -23.59 -60.58 -94.37
CA GLN A 360 -22.64 -59.50 -94.05
C GLN A 360 -22.52 -58.47 -95.16
N THR A 361 -23.63 -58.20 -95.86
CA THR A 361 -23.66 -57.33 -97.02
C THR A 361 -25.08 -57.23 -97.51
N PRO A 362 -25.57 -56.03 -97.82
CA PRO A 362 -26.91 -55.93 -98.41
C PRO A 362 -26.95 -56.40 -99.85
N GLN A 363 -25.84 -56.31 -100.56
CA GLN A 363 -25.81 -56.78 -101.95
C GLN A 363 -25.80 -58.30 -102.04
N GLY A 364 -25.70 -58.99 -100.91
CA GLY A 364 -25.60 -60.43 -100.93
C GLY A 364 -26.78 -61.15 -101.54
N THR A 365 -26.52 -61.95 -102.58
CA THR A 365 -27.54 -62.75 -103.23
C THR A 365 -27.70 -64.06 -102.46
N ASN A 366 -28.41 -65.03 -103.04
CA ASN A 366 -28.69 -66.26 -102.32
C ASN A 366 -27.40 -66.92 -101.82
N ASN A 367 -26.48 -67.26 -102.72
CA ASN A 367 -25.13 -67.64 -102.32
C ASN A 367 -24.16 -66.59 -102.84
N ASN A 368 -23.70 -65.74 -101.93
CA ASN A 368 -22.73 -64.67 -102.09
C ASN A 368 -22.67 -64.01 -100.73
N GLY A 369 -21.59 -63.35 -100.38
CA GLY A 369 -21.47 -63.01 -98.97
C GLY A 369 -21.61 -64.33 -98.24
N ASN A 370 -22.64 -64.42 -97.41
CA ASN A 370 -23.19 -65.72 -97.01
C ASN A 370 -22.21 -66.52 -96.16
N ILE A 371 -21.63 -65.88 -95.15
CA ILE A 371 -20.74 -66.60 -94.27
C ILE A 371 -21.60 -67.39 -93.27
N ILE A 372 -21.21 -68.62 -93.02
CA ILE A 372 -22.01 -69.56 -92.26
C ILE A 372 -21.31 -69.85 -90.95
N SER A 373 -22.07 -69.92 -89.87
CA SER A 373 -21.49 -70.21 -88.57
C SER A 373 -20.88 -71.60 -88.56
N ASN A 374 -19.95 -71.82 -87.65
CA ASN A 374 -19.17 -73.05 -87.60
C ASN A 374 -18.96 -73.44 -86.14
N GLN A 375 -18.46 -74.64 -85.93
CA GLN A 375 -18.25 -75.08 -84.55
C GLN A 375 -16.99 -74.46 -83.96
N PRO A 376 -17.05 -73.94 -82.74
CA PRO A 376 -15.86 -73.34 -82.13
C PRO A 376 -14.77 -74.35 -81.81
N LEU A 377 -15.12 -75.64 -81.81
CA LEU A 377 -14.29 -76.74 -81.36
C LEU A 377 -14.16 -76.73 -79.84
N SER A 378 -14.72 -75.73 -79.16
CA SER A 378 -14.93 -75.80 -77.73
C SER A 378 -15.79 -77.00 -77.40
N MET A 379 -15.53 -77.61 -76.24
CA MET A 379 -16.17 -78.87 -75.91
C MET A 379 -17.46 -78.72 -75.14
N LEU A 380 -17.95 -77.50 -74.92
CA LEU A 380 -19.08 -77.38 -74.01
C LEU A 380 -20.46 -77.77 -74.51
N ARG A 381 -21.20 -77.11 -75.42
CA ARG A 381 -20.94 -76.37 -76.69
C ARG A 381 -21.04 -77.31 -77.93
N ASP A 382 -21.11 -78.61 -77.71
CA ASP A 382 -21.41 -79.51 -78.83
C ASP A 382 -22.62 -80.36 -78.47
N GLN A 383 -22.50 -81.19 -77.45
CA GLN A 383 -23.63 -81.67 -76.66
C GLN A 383 -24.67 -82.41 -77.51
N ALA A 384 -24.32 -83.63 -77.89
CA ALA A 384 -25.34 -84.55 -78.33
C ALA A 384 -26.10 -85.11 -77.12
N LEU A 385 -27.09 -85.95 -77.39
CA LEU A 385 -27.68 -86.78 -76.36
C LEU A 385 -28.27 -88.00 -77.05
N PHE A 386 -28.24 -89.14 -76.37
CA PHE A 386 -28.38 -90.43 -77.04
C PHE A 386 -29.54 -91.27 -76.52
N ARG A 387 -29.61 -91.56 -75.24
CA ARG A 387 -30.69 -92.39 -74.70
C ARG A 387 -30.61 -93.76 -75.39
N GLY A 388 -31.74 -94.43 -75.59
CA GLY A 388 -31.82 -95.67 -76.35
C GLY A 388 -30.90 -96.77 -75.86
N ASN A 389 -30.85 -97.85 -76.61
CA ASN A 389 -32.04 -98.47 -77.18
C ASN A 389 -32.27 -99.71 -76.35
N GLN A 390 -31.33 -99.92 -75.41
CA GLN A 390 -30.91 -101.17 -74.78
C GLN A 390 -29.90 -101.88 -75.67
N THR A 391 -29.74 -101.47 -76.92
CA THR A 391 -28.82 -102.05 -77.88
C THR A 391 -27.92 -100.98 -78.49
N THR A 392 -28.53 -99.96 -79.10
CA THR A 392 -27.82 -98.88 -79.76
C THR A 392 -28.21 -97.56 -79.10
N TYR A 393 -27.34 -96.57 -79.20
CA TYR A 393 -27.70 -95.20 -78.84
C TYR A 393 -28.27 -94.49 -80.05
N ASN A 394 -29.31 -93.68 -79.84
CA ASN A 394 -29.99 -92.99 -80.92
C ASN A 394 -30.16 -91.52 -80.58
N LEU A 395 -29.50 -90.65 -81.33
CA LEU A 395 -29.58 -89.21 -81.06
C LEU A 395 -31.02 -88.76 -80.95
N CYS A 396 -31.32 -88.04 -79.87
CA CYS A 396 -32.69 -87.71 -79.51
C CYS A 396 -32.99 -86.24 -79.81
N SER A 397 -34.14 -86.02 -80.42
CA SER A 397 -34.71 -84.69 -80.62
C SER A 397 -35.12 -84.09 -79.28
N ASP A 398 -35.38 -82.78 -79.29
CA ASP A 398 -35.71 -82.01 -78.09
C ASP A 398 -34.50 -81.97 -77.18
N VAL A 399 -34.60 -82.50 -75.95
CA VAL A 399 -33.76 -82.11 -74.81
C VAL A 399 -34.13 -80.72 -74.32
N TRP A 400 -35.22 -80.64 -73.58
CA TRP A 400 -35.67 -79.46 -72.88
C TRP A 400 -34.80 -79.18 -71.66
N MET A 401 -35.19 -78.20 -70.85
CA MET A 401 -34.41 -77.87 -69.67
C MET A 401 -34.45 -79.00 -68.64
N PHE A 402 -33.34 -79.17 -67.94
CA PHE A 402 -33.13 -80.25 -66.99
C PHE A 402 -32.19 -79.74 -65.92
N PRO A 403 -32.32 -80.23 -64.67
CA PRO A 403 -31.62 -79.59 -63.55
C PRO A 403 -30.11 -79.42 -63.70
N ASN A 404 -29.41 -80.43 -64.16
CA ASN A 404 -27.95 -80.40 -64.12
C ASN A 404 -27.33 -79.85 -65.39
N GLN A 405 -28.13 -79.31 -66.30
CA GLN A 405 -27.61 -78.96 -67.61
C GLN A 405 -26.54 -77.89 -67.56
N ILE A 406 -25.53 -78.06 -68.41
CA ILE A 406 -24.59 -76.99 -68.73
C ILE A 406 -24.50 -76.85 -70.23
N TRP A 407 -24.58 -75.62 -70.71
CA TRP A 407 -24.28 -75.32 -72.09
C TRP A 407 -23.41 -74.07 -72.09
N ASP A 408 -22.82 -73.79 -73.23
CA ASP A 408 -22.01 -72.62 -73.38
C ASP A 408 -22.71 -71.66 -74.31
N ARG A 409 -22.78 -70.40 -73.91
CA ARG A 409 -23.46 -69.40 -74.71
C ARG A 409 -22.80 -69.31 -76.08
N TYR A 410 -23.58 -68.92 -77.08
CA TYR A 410 -23.09 -68.90 -78.45
C TYR A 410 -21.78 -68.12 -78.53
N PRO A 411 -20.77 -68.64 -79.24
CA PRO A 411 -19.43 -68.04 -79.20
C PRO A 411 -19.36 -66.64 -79.76
N ILE A 412 -20.42 -66.20 -80.44
CA ILE A 412 -20.53 -64.97 -81.21
C ILE A 412 -19.35 -64.80 -82.14
N THR A 413 -19.00 -63.55 -82.45
CA THR A 413 -18.01 -63.17 -83.45
C THR A 413 -18.07 -61.65 -83.60
N ARG A 414 -17.21 -61.08 -84.43
CA ARG A 414 -17.20 -59.63 -84.60
C ARG A 414 -18.47 -59.11 -85.28
N GLU A 415 -19.20 -59.95 -86.00
CA GLU A 415 -20.35 -59.53 -86.78
C GLU A 415 -21.65 -59.50 -85.99
N ASN A 416 -21.62 -59.83 -84.73
CA ASN A 416 -22.86 -60.08 -84.02
C ASN A 416 -23.41 -58.82 -83.37
N PRO A 417 -24.71 -58.80 -83.10
CA PRO A 417 -25.26 -57.75 -82.25
C PRO A 417 -24.76 -57.89 -80.82
N ILE A 418 -24.51 -56.74 -80.19
CA ILE A 418 -24.01 -56.74 -78.84
C ILE A 418 -25.10 -57.18 -77.87
N TRP A 419 -26.27 -56.56 -77.96
CA TRP A 419 -27.33 -56.77 -76.99
C TRP A 419 -28.64 -57.03 -77.70
N CYS A 420 -29.62 -57.47 -76.91
CA CYS A 420 -31.00 -57.63 -77.31
C CYS A 420 -31.85 -57.28 -76.10
N LYS A 421 -33.01 -56.67 -76.35
CA LYS A 421 -33.85 -56.26 -75.23
C LYS A 421 -34.66 -57.43 -74.74
N LYS A 422 -34.61 -57.68 -73.43
CA LYS A 422 -35.43 -58.70 -72.80
C LYS A 422 -36.82 -58.12 -72.57
N PRO A 423 -37.84 -58.64 -73.24
CA PRO A 423 -39.18 -58.07 -73.10
C PRO A 423 -39.74 -58.22 -71.70
N ARG A 424 -40.44 -57.18 -71.25
CA ARG A 424 -41.01 -57.17 -69.91
C ARG A 424 -42.15 -58.16 -69.83
N SER A 425 -42.07 -59.06 -68.87
CA SER A 425 -43.12 -60.05 -68.67
C SER A 425 -43.03 -60.55 -67.24
N ASP A 426 -44.12 -61.16 -66.78
CA ASP A 426 -44.18 -61.64 -65.41
C ASP A 426 -43.11 -62.70 -65.17
N LYS A 427 -43.12 -63.76 -65.95
CA LYS A 427 -42.27 -64.92 -65.72
C LYS A 427 -41.38 -65.17 -66.92
N HIS A 428 -40.19 -65.71 -66.64
CA HIS A 428 -39.29 -66.12 -67.71
C HIS A 428 -38.31 -67.13 -67.16
N THR A 429 -37.68 -67.86 -68.08
CA THR A 429 -36.63 -68.83 -67.77
C THR A 429 -35.26 -68.19 -67.85
N THR A 430 -34.21 -69.02 -67.97
CA THR A 430 -32.83 -68.56 -67.75
C THR A 430 -32.46 -67.33 -68.58
N ILE A 431 -33.11 -67.12 -69.72
CA ILE A 431 -32.78 -66.03 -70.64
C ILE A 431 -31.36 -66.14 -71.15
N ASP A 432 -31.09 -67.13 -72.01
CA ASP A 432 -29.86 -67.13 -72.79
C ASP A 432 -30.23 -67.05 -74.26
N PRO A 433 -30.07 -65.91 -74.92
CA PRO A 433 -30.41 -65.84 -76.35
C PRO A 433 -29.47 -66.70 -77.18
N PHE A 434 -30.05 -67.40 -78.15
CA PHE A 434 -29.27 -68.29 -79.00
C PHE A 434 -28.62 -67.58 -80.17
N ASP A 435 -28.81 -66.28 -80.27
CA ASP A 435 -28.10 -65.44 -81.21
C ASP A 435 -26.78 -64.97 -80.65
N GLY A 436 -26.39 -65.49 -79.49
CA GLY A 436 -25.37 -64.85 -78.70
C GLY A 436 -25.94 -63.57 -78.16
N SER A 437 -25.30 -62.46 -78.46
CA SER A 437 -25.75 -61.15 -78.00
C SER A 437 -25.94 -61.14 -76.49
N LEU A 438 -26.95 -60.41 -76.03
CA LEU A 438 -27.17 -60.22 -74.60
C LEU A 438 -28.61 -59.84 -74.40
N ALA A 439 -29.07 -59.97 -73.16
CA ALA A 439 -30.40 -59.53 -72.79
C ALA A 439 -30.28 -58.53 -71.66
N MET A 440 -31.01 -57.43 -71.79
CA MET A 440 -31.02 -56.41 -70.74
C MET A 440 -32.43 -55.93 -70.53
N ASP A 441 -32.76 -55.62 -69.27
CA ASP A 441 -34.02 -54.96 -68.98
C ASP A 441 -34.14 -53.68 -69.79
N HIS A 442 -33.19 -52.78 -69.60
CA HIS A 442 -33.10 -51.56 -70.39
C HIS A 442 -31.81 -51.58 -71.18
N PRO A 443 -31.85 -51.84 -72.47
CA PRO A 443 -30.68 -51.70 -73.31
C PRO A 443 -30.40 -50.23 -73.55
N PRO A 444 -29.39 -49.89 -74.36
CA PRO A 444 -29.26 -48.49 -74.76
C PRO A 444 -30.54 -48.00 -75.41
N GLY A 445 -31.03 -46.87 -74.92
CA GLY A 445 -32.24 -46.30 -75.49
C GLY A 445 -31.98 -45.86 -76.91
N THR A 446 -32.88 -46.27 -77.81
CA THR A 446 -32.72 -45.89 -79.20
C THR A 446 -32.85 -44.38 -79.34
N ILE A 447 -31.92 -43.78 -80.06
CA ILE A 447 -31.94 -42.36 -80.32
C ILE A 447 -32.66 -42.13 -81.62
N PHE A 448 -33.75 -41.37 -81.59
CA PHE A 448 -34.57 -41.08 -82.75
C PHE A 448 -34.28 -39.67 -83.21
N ILE A 449 -34.40 -39.45 -84.51
CA ILE A 449 -34.09 -38.17 -85.10
C ILE A 449 -34.97 -37.95 -86.32
N LYS A 450 -35.40 -36.71 -86.52
CA LYS A 450 -36.36 -36.36 -87.55
C LYS A 450 -36.01 -34.98 -88.07
N MET A 451 -36.57 -34.62 -89.21
CA MET A 451 -36.17 -33.43 -89.94
C MET A 451 -37.01 -32.19 -89.66
N ALA A 452 -37.93 -32.23 -88.72
CA ALA A 452 -38.61 -31.00 -88.32
C ALA A 452 -39.36 -30.36 -89.48
N LYS A 453 -40.55 -30.88 -89.79
CA LYS A 453 -41.29 -30.46 -90.96
C LYS A 453 -41.37 -28.95 -91.06
N ILE A 454 -40.99 -28.43 -92.22
CA ILE A 454 -41.10 -27.01 -92.50
C ILE A 454 -42.14 -26.87 -93.60
N PRO A 455 -43.35 -26.43 -93.28
CA PRO A 455 -44.41 -26.38 -94.28
C PRO A 455 -44.25 -25.18 -95.19
N VAL A 456 -45.11 -25.12 -96.19
CA VAL A 456 -45.08 -24.03 -97.16
C VAL A 456 -46.52 -23.67 -97.48
N PRO A 457 -46.83 -22.39 -97.70
CA PRO A 457 -48.22 -22.00 -97.87
C PRO A 457 -48.79 -22.43 -99.21
N SER A 458 -50.09 -22.71 -99.20
CA SER A 458 -50.80 -23.06 -100.43
C SER A 458 -52.26 -22.67 -100.27
N ASN A 459 -53.02 -22.85 -101.35
CA ASN A 459 -54.43 -22.47 -101.36
C ASN A 459 -55.33 -23.55 -100.78
N ASN A 460 -55.05 -24.80 -101.10
CA ASN A 460 -55.97 -25.91 -100.82
C ASN A 460 -56.56 -26.00 -99.40
N ASN A 461 -55.76 -25.89 -98.33
CA ASN A 461 -54.32 -25.70 -98.37
C ASN A 461 -53.58 -26.99 -98.07
N ALA A 462 -52.26 -26.91 -98.10
CA ALA A 462 -51.38 -28.04 -97.84
C ALA A 462 -51.71 -29.23 -98.78
N ASP A 463 -51.43 -30.50 -98.45
CA ASP A 463 -50.27 -30.91 -97.66
C ASP A 463 -49.01 -30.69 -98.49
N SER A 464 -48.12 -29.87 -97.95
CA SER A 464 -46.88 -29.54 -98.63
C SER A 464 -45.85 -29.14 -97.60
N TYR A 465 -44.59 -29.36 -97.94
CA TYR A 465 -43.52 -29.14 -96.99
C TYR A 465 -42.24 -28.88 -97.77
N LEU A 466 -41.25 -28.35 -97.07
CA LEU A 466 -39.99 -28.00 -97.68
C LEU A 466 -39.04 -29.18 -97.60
N ASN A 467 -38.32 -29.43 -98.69
CA ASN A 467 -37.53 -30.65 -98.83
C ASN A 467 -36.11 -30.37 -98.34
N ILE A 468 -35.73 -31.00 -97.23
CA ILE A 468 -34.43 -30.77 -96.60
C ILE A 468 -33.88 -32.10 -96.13
N TYR A 469 -32.62 -32.09 -95.72
CA TYR A 469 -32.00 -33.23 -95.07
C TYR A 469 -30.95 -32.74 -94.11
N CYS A 470 -30.60 -33.57 -93.15
CA CYS A 470 -29.63 -33.23 -92.14
C CYS A 470 -28.40 -34.09 -92.32
N THR A 471 -27.27 -33.57 -91.84
CA THR A 471 -26.01 -34.27 -91.93
C THR A 471 -25.20 -33.88 -90.72
N GLY A 472 -24.48 -34.85 -90.14
CA GLY A 472 -23.77 -34.54 -88.93
C GLY A 472 -22.92 -35.71 -88.51
N GLN A 473 -22.46 -35.65 -87.27
CA GLN A 473 -21.49 -36.60 -86.78
C GLN A 473 -21.93 -37.15 -85.45
N VAL A 474 -22.08 -38.47 -85.38
CA VAL A 474 -22.32 -39.18 -84.12
C VAL A 474 -20.99 -39.72 -83.63
N SER A 475 -20.74 -39.59 -82.35
CA SER A 475 -19.57 -40.20 -81.73
C SER A 475 -20.08 -41.13 -80.65
N CYS A 476 -19.93 -42.42 -80.86
CA CYS A 476 -20.33 -43.41 -79.87
C CYS A 476 -19.08 -43.89 -79.16
N GLU A 477 -18.92 -43.49 -77.91
CA GLU A 477 -17.75 -43.84 -77.11
C GLU A 477 -18.24 -44.72 -75.96
N ILE A 478 -17.86 -45.99 -75.98
CA ILE A 478 -18.37 -46.94 -75.00
C ILE A 478 -17.21 -47.57 -74.26
N VAL A 479 -17.40 -47.80 -72.97
CA VAL A 479 -16.40 -48.36 -72.09
C VAL A 479 -16.75 -49.81 -71.84
N TRP A 480 -15.74 -50.67 -71.83
CA TRP A 480 -15.94 -52.11 -71.71
C TRP A 480 -15.25 -52.58 -70.45
N GLU A 481 -16.02 -53.11 -69.50
CA GLU A 481 -15.40 -53.87 -68.43
C GLU A 481 -14.75 -55.09 -69.02
N VAL A 482 -13.47 -55.28 -68.72
CA VAL A 482 -12.68 -56.30 -69.38
C VAL A 482 -11.80 -56.98 -68.33
N GLU A 483 -11.58 -58.27 -68.50
CA GLU A 483 -10.80 -59.07 -67.56
C GLU A 483 -9.77 -59.88 -68.31
N ARG A 484 -8.54 -59.90 -67.80
CA ARG A 484 -7.41 -60.47 -68.50
C ARG A 484 -7.09 -61.86 -67.96
N TYR A 485 -6.64 -62.75 -68.83
CA TYR A 485 -6.56 -64.15 -68.47
C TYR A 485 -5.17 -64.54 -67.99
N ALA A 486 -5.15 -65.43 -67.00
CA ALA A 486 -3.95 -66.12 -66.58
C ALA A 486 -4.27 -67.59 -66.42
N THR A 487 -3.33 -68.44 -66.79
CA THR A 487 -3.60 -69.87 -66.73
C THR A 487 -2.32 -70.63 -66.47
N LYS A 488 -2.48 -71.86 -65.99
CA LYS A 488 -1.36 -72.73 -65.68
C LYS A 488 -1.03 -73.69 -66.80
N ASN A 489 -1.71 -73.59 -67.93
CA ASN A 489 -1.40 -74.46 -69.05
C ASN A 489 0.04 -74.27 -69.49
N TRP A 490 0.69 -75.38 -69.82
CA TRP A 490 2.07 -75.32 -70.30
C TRP A 490 2.13 -74.96 -71.77
N ARG A 491 1.14 -75.33 -72.53
CA ARG A 491 1.19 -75.31 -73.98
C ARG A 491 0.73 -73.99 -74.57
N PRO A 492 1.06 -73.74 -75.84
CA PRO A 492 0.85 -72.42 -76.44
C PRO A 492 -0.59 -71.94 -76.55
N GLU A 493 -1.60 -72.78 -76.38
CA GLU A 493 -3.03 -72.44 -76.60
C GLU A 493 -3.19 -71.95 -78.05
N ARG A 494 -4.05 -70.97 -78.31
CA ARG A 494 -4.45 -70.63 -79.65
C ARG A 494 -4.78 -69.15 -79.71
N ARG A 495 -4.52 -68.54 -80.86
CA ARG A 495 -4.81 -67.13 -81.07
C ARG A 495 -5.47 -66.97 -82.43
N HIS A 496 -5.72 -65.73 -82.81
CA HIS A 496 -6.25 -65.43 -84.12
C HIS A 496 -5.17 -64.77 -84.96
N THR A 497 -4.61 -65.54 -85.88
CA THR A 497 -3.70 -65.03 -86.88
C THR A 497 -4.48 -64.44 -88.05
N THR A 498 -3.79 -63.57 -88.80
CA THR A 498 -4.25 -63.26 -90.13
C THR A 498 -4.20 -64.47 -91.04
N PHE A 499 -3.48 -65.53 -90.67
CA PHE A 499 -3.40 -66.66 -91.57
C PHE A 499 -4.73 -67.38 -91.73
N GLY A 500 -5.64 -67.24 -90.78
CA GLY A 500 -7.00 -67.67 -91.02
C GLY A 500 -7.66 -66.88 -92.13
N LEU A 501 -7.21 -65.65 -92.33
CA LEU A 501 -7.74 -64.77 -93.37
C LEU A 501 -7.25 -65.22 -94.74
N GLY A 502 -7.92 -64.73 -95.78
CA GLY A 502 -7.55 -65.10 -97.13
C GLY A 502 -7.77 -63.95 -98.08
N ILE A 503 -7.17 -64.07 -99.26
CA ILE A 503 -7.04 -63.00 -100.23
C ILE A 503 -8.34 -62.88 -101.03
N GLY A 504 -8.70 -61.67 -101.43
CA GLY A 504 -9.91 -61.50 -102.20
C GLY A 504 -10.05 -60.12 -102.79
N GLY A 505 -11.08 -59.98 -103.62
CA GLY A 505 -11.52 -58.73 -104.23
C GLY A 505 -10.83 -58.44 -105.55
N ALA A 506 -11.57 -57.83 -106.48
CA ALA A 506 -11.11 -57.43 -107.81
C ALA A 506 -10.22 -58.48 -108.46
N ASP A 507 -9.11 -58.04 -109.02
CA ASP A 507 -7.97 -58.92 -109.17
C ASP A 507 -7.50 -59.28 -107.77
N ASN A 508 -7.17 -60.56 -107.56
CA ASN A 508 -7.24 -61.14 -106.21
C ASN A 508 -6.56 -60.30 -105.16
N LEU A 509 -5.67 -59.39 -105.56
CA LEU A 509 -4.85 -58.62 -104.64
C LEU A 509 -5.67 -57.93 -103.57
N ASN A 510 -5.02 -57.72 -102.41
CA ASN A 510 -5.44 -57.26 -101.10
C ASN A 510 -6.03 -58.45 -100.35
N PRO A 511 -5.76 -58.61 -99.05
CA PRO A 511 -6.16 -59.86 -98.41
C PRO A 511 -7.61 -59.99 -98.03
N THR A 512 -8.03 -59.33 -96.96
CA THR A 512 -9.39 -59.52 -96.46
C THR A 512 -10.00 -58.24 -95.90
N TYR A 513 -9.49 -57.74 -94.79
CA TYR A 513 -9.99 -56.47 -94.29
C TYR A 513 -9.09 -55.39 -94.88
N HIS A 514 -9.59 -54.75 -95.93
CA HIS A 514 -8.73 -53.91 -96.75
C HIS A 514 -9.55 -53.42 -97.92
N VAL A 515 -9.06 -52.36 -98.55
CA VAL A 515 -9.75 -51.75 -99.67
C VAL A 515 -9.44 -52.44 -100.99
N ASP A 516 -10.36 -52.33 -101.93
CA ASP A 516 -10.21 -52.78 -103.31
C ASP A 516 -9.59 -51.64 -104.13
N LYS A 517 -9.62 -51.73 -105.47
CA LYS A 517 -8.85 -50.76 -106.26
C LYS A 517 -9.41 -49.46 -106.94
N ASN A 518 -10.70 -49.13 -107.14
CA ASN A 518 -11.98 -49.84 -107.01
C ASN A 518 -12.52 -49.82 -105.61
N GLY A 519 -11.83 -49.11 -104.71
CA GLY A 519 -11.83 -49.49 -103.32
C GLY A 519 -13.19 -49.75 -102.73
N THR A 520 -13.34 -51.02 -102.34
CA THR A 520 -14.50 -51.57 -101.67
C THR A 520 -13.95 -52.53 -100.63
N TYR A 521 -14.30 -52.29 -99.39
CA TYR A 521 -13.78 -53.07 -98.28
C TYR A 521 -14.08 -54.54 -98.51
N ILE A 522 -13.03 -55.37 -98.53
CA ILE A 522 -13.22 -56.78 -98.85
C ILE A 522 -13.89 -57.46 -97.67
N GLN A 523 -14.87 -58.20 -97.94
CA GLN A 523 -15.52 -58.77 -96.78
C GLN A 523 -14.90 -60.12 -96.43
N PRO A 524 -14.87 -60.44 -95.14
CA PRO A 524 -14.39 -61.74 -94.70
C PRO A 524 -15.32 -62.85 -95.18
N THR A 525 -14.73 -63.90 -95.75
CA THR A 525 -15.48 -65.00 -96.32
C THR A 525 -15.37 -66.24 -95.43
N THR A 526 -16.52 -66.80 -95.10
CA THR A 526 -16.88 -67.76 -94.04
C THR A 526 -16.53 -67.33 -92.62
N TRP A 527 -16.43 -68.31 -91.72
CA TRP A 527 -16.63 -68.03 -90.30
C TRP A 527 -15.35 -67.65 -89.59
N ASP A 528 -14.26 -68.35 -89.87
CA ASP A 528 -13.02 -68.12 -89.14
C ASP A 528 -12.44 -66.74 -89.39
N MET A 529 -12.69 -66.17 -90.57
CA MET A 529 -12.23 -64.83 -90.88
C MET A 529 -12.59 -63.86 -89.76
N CYS A 530 -13.89 -63.60 -89.59
CA CYS A 530 -14.37 -62.98 -88.38
C CYS A 530 -13.90 -63.82 -87.21
N PHE A 531 -13.26 -63.18 -86.23
CA PHE A 531 -12.56 -63.97 -85.24
C PHE A 531 -13.44 -64.16 -84.02
N PRO A 532 -14.00 -65.35 -83.82
CA PRO A 532 -14.99 -65.52 -82.75
C PRO A 532 -14.29 -65.63 -81.40
N VAL A 533 -14.91 -65.07 -80.37
CA VAL A 533 -14.46 -65.41 -79.04
C VAL A 533 -14.89 -66.83 -78.73
N LYS A 534 -14.29 -67.40 -77.69
CA LYS A 534 -14.62 -68.70 -77.11
C LYS A 534 -13.89 -69.82 -77.84
N THR A 535 -13.18 -69.51 -78.93
CA THR A 535 -12.32 -70.48 -79.59
C THR A 535 -10.89 -70.42 -79.08
N ASN A 536 -10.60 -69.55 -78.12
CA ASN A 536 -9.23 -69.35 -77.66
C ASN A 536 -9.14 -69.54 -76.16
N ILE A 537 -7.94 -69.29 -75.66
CA ILE A 537 -7.54 -69.49 -74.27
C ILE A 537 -7.89 -70.92 -73.88
N ASN A 538 -8.20 -71.13 -72.61
CA ASN A 538 -8.72 -72.38 -72.08
C ASN A 538 -9.32 -72.08 -70.71
N LYS A 539 -10.14 -72.98 -70.21
CA LYS A 539 -10.58 -72.90 -68.83
C LYS A 539 -10.67 -74.31 -68.26
N VAL A 540 -10.09 -74.49 -67.07
CA VAL A 540 -10.40 -75.68 -66.31
C VAL A 540 -11.84 -75.56 -65.82
N LEU A 541 -12.64 -76.57 -66.12
CA LEU A 541 -14.03 -76.53 -65.72
C LEU A 541 -14.17 -76.77 -64.23
N GLY B 34 -25.92 -20.05 -75.99
CA GLY B 34 -25.69 -19.15 -77.11
C GLY B 34 -26.93 -18.38 -77.53
N SER B 35 -26.80 -17.60 -78.59
CA SER B 35 -27.91 -16.80 -79.10
C SER B 35 -27.67 -16.49 -80.56
N GLY B 36 -28.74 -16.10 -81.24
CA GLY B 36 -28.66 -15.72 -82.65
C GLY B 36 -29.15 -16.82 -83.57
N VAL B 37 -29.07 -16.53 -84.86
CA VAL B 37 -29.41 -17.52 -85.87
C VAL B 37 -28.51 -18.73 -85.73
N GLY B 38 -29.06 -19.91 -85.95
CA GLY B 38 -28.32 -21.14 -85.82
C GLY B 38 -28.35 -21.75 -84.45
N ILE B 39 -29.04 -21.14 -83.50
CA ILE B 39 -29.20 -21.67 -82.15
C ILE B 39 -30.70 -21.73 -81.89
N SER B 40 -31.23 -22.94 -81.72
CA SER B 40 -32.66 -23.09 -81.52
C SER B 40 -33.06 -22.48 -80.19
N THR B 41 -34.24 -21.87 -80.16
CA THR B 41 -34.62 -21.17 -78.95
C THR B 41 -35.19 -22.10 -77.90
N GLY B 42 -36.05 -23.02 -78.30
CA GLY B 42 -36.61 -23.98 -77.37
C GLY B 42 -36.89 -25.28 -78.10
N GLY B 43 -37.09 -26.33 -77.30
CA GLY B 43 -37.29 -27.66 -77.84
C GLY B 43 -38.76 -28.07 -77.84
N TRP B 44 -39.00 -29.26 -78.39
CA TRP B 44 -40.33 -29.81 -78.45
C TRP B 44 -40.79 -30.23 -77.05
N VAL B 45 -42.10 -30.26 -76.85
CA VAL B 45 -42.70 -30.49 -75.55
C VAL B 45 -43.99 -31.28 -75.73
N GLY B 46 -44.32 -32.10 -74.73
CA GLY B 46 -45.60 -32.77 -74.72
C GLY B 46 -45.63 -33.91 -73.72
N GLY B 47 -46.72 -34.69 -73.77
CA GLY B 47 -46.80 -35.97 -73.11
C GLY B 47 -47.67 -36.05 -71.86
N SER B 48 -48.32 -34.97 -71.50
CA SER B 48 -49.13 -34.81 -70.29
C SER B 48 -48.45 -35.20 -68.97
N TYR B 49 -49.24 -35.44 -67.92
CA TYR B 49 -48.66 -35.68 -66.61
C TYR B 49 -49.46 -36.59 -65.68
N PHE B 50 -50.63 -36.11 -65.24
CA PHE B 50 -51.54 -36.82 -64.33
C PHE B 50 -51.09 -37.11 -62.90
N THR B 51 -51.12 -36.10 -62.05
CA THR B 51 -51.11 -36.25 -60.60
C THR B 51 -52.52 -36.04 -60.04
N ASP B 52 -52.82 -36.69 -58.92
CA ASP B 52 -54.13 -36.63 -58.28
C ASP B 52 -54.68 -35.22 -58.16
N SER B 53 -53.82 -34.27 -57.79
CA SER B 53 -54.28 -32.89 -57.58
C SER B 53 -54.41 -32.11 -58.88
N TYR B 54 -53.58 -32.40 -59.88
CA TYR B 54 -53.61 -31.62 -61.11
C TYR B 54 -53.06 -32.43 -62.26
N VAL B 55 -53.41 -32.01 -63.47
CA VAL B 55 -52.96 -32.62 -64.71
C VAL B 55 -52.31 -31.55 -65.56
N ILE B 56 -51.08 -31.79 -65.98
CA ILE B 56 -50.33 -30.88 -66.84
C ILE B 56 -50.30 -31.46 -68.24
N THR B 57 -51.01 -30.84 -69.17
CA THR B 57 -50.96 -31.24 -70.57
C THR B 57 -50.04 -30.31 -71.33
N LYS B 58 -49.14 -30.89 -72.10
CA LYS B 58 -48.16 -30.15 -72.87
C LYS B 58 -48.33 -30.49 -74.33
N ASN B 59 -48.21 -29.49 -75.20
CA ASN B 59 -48.39 -29.71 -76.62
C ASN B 59 -47.48 -28.76 -77.37
N THR B 60 -47.14 -29.14 -78.60
CA THR B 60 -46.29 -28.33 -79.45
C THR B 60 -46.75 -28.51 -80.89
N ARG B 61 -46.59 -27.45 -81.69
CA ARG B 61 -47.12 -27.46 -83.05
C ARG B 61 -46.13 -26.83 -84.01
N GLN B 62 -46.42 -26.99 -85.28
CA GLN B 62 -45.73 -26.29 -86.34
C GLN B 62 -46.78 -25.46 -87.07
N PHE B 63 -46.56 -24.16 -87.20
CA PHE B 63 -47.55 -23.28 -87.77
C PHE B 63 -46.94 -22.46 -88.89
N LEU B 64 -47.80 -21.81 -89.67
CA LEU B 64 -47.29 -20.85 -90.63
C LEU B 64 -48.27 -19.70 -90.81
N VAL B 65 -47.71 -18.50 -91.00
CA VAL B 65 -48.47 -17.28 -91.20
C VAL B 65 -48.32 -16.88 -92.66
N LYS B 66 -49.43 -16.61 -93.33
CA LYS B 66 -49.48 -16.61 -94.78
C LYS B 66 -49.46 -15.20 -95.42
N ILE B 67 -49.45 -14.12 -94.62
CA ILE B 67 -49.75 -12.79 -95.14
C ILE B 67 -51.15 -12.77 -95.72
N GLN B 68 -52.17 -12.75 -94.87
CA GLN B 68 -53.53 -12.64 -95.36
C GLN B 68 -53.88 -11.20 -95.70
N ASN B 69 -54.66 -11.03 -96.76
CA ASN B 69 -55.36 -9.78 -97.04
C ASN B 69 -54.41 -8.65 -97.40
N ASN B 70 -53.37 -8.96 -98.18
CA ASN B 70 -52.24 -8.05 -98.37
C ASN B 70 -51.81 -7.66 -96.97
N HIS B 71 -51.41 -6.42 -96.70
CA HIS B 71 -51.40 -5.95 -95.33
C HIS B 71 -52.54 -5.00 -95.02
N GLN B 72 -53.33 -4.62 -96.00
CA GLN B 72 -54.45 -3.74 -95.77
C GLN B 72 -55.64 -4.52 -95.20
N TYR B 73 -56.57 -3.76 -94.63
CA TYR B 73 -57.73 -4.26 -93.87
C TYR B 73 -58.95 -4.57 -94.74
N LYS B 74 -59.47 -3.59 -95.44
CA LYS B 74 -60.76 -3.63 -96.12
C LYS B 74 -61.92 -3.89 -95.17
N THR B 75 -63.03 -4.41 -95.70
CA THR B 75 -64.24 -4.66 -94.94
C THR B 75 -64.84 -6.00 -95.36
N GLU B 76 -65.07 -6.15 -96.66
CA GLU B 76 -65.37 -7.37 -97.40
C GLU B 76 -66.83 -7.79 -97.52
N LEU B 77 -67.74 -7.23 -96.70
CA LEU B 77 -69.19 -7.40 -96.89
C LEU B 77 -69.53 -8.81 -97.35
N ILE B 78 -69.39 -9.77 -96.44
CA ILE B 78 -69.13 -11.15 -96.85
C ILE B 78 -70.16 -11.71 -97.81
N SER B 79 -71.32 -12.13 -97.29
CA SER B 79 -72.51 -12.55 -98.04
C SER B 79 -72.25 -13.78 -98.90
N PRO B 80 -73.24 -14.62 -99.12
CA PRO B 80 -73.32 -15.33 -100.40
C PRO B 80 -74.29 -14.59 -101.32
N SER B 81 -74.50 -15.07 -102.54
CA SER B 81 -75.61 -14.58 -103.33
C SER B 81 -76.30 -15.68 -104.16
N THR B 82 -77.60 -15.95 -103.98
CA THR B 82 -78.48 -15.72 -102.81
C THR B 82 -78.38 -14.39 -102.04
N SER B 83 -78.54 -13.28 -102.77
CA SER B 83 -78.45 -11.95 -102.16
C SER B 83 -79.42 -11.76 -101.01
N GLN B 84 -80.43 -12.62 -100.90
CA GLN B 84 -81.34 -12.59 -99.76
C GLN B 84 -80.64 -12.88 -98.44
N GLY B 85 -79.40 -13.33 -98.47
CA GLY B 85 -78.71 -13.72 -97.26
C GLY B 85 -78.45 -12.55 -96.34
N LYS B 86 -77.83 -12.85 -95.20
CA LYS B 86 -77.58 -11.83 -94.18
C LYS B 86 -76.59 -10.78 -94.67
N SER B 87 -75.51 -11.21 -95.32
CA SER B 87 -74.55 -10.30 -95.93
C SER B 87 -73.88 -9.41 -94.89
N GLN B 88 -73.39 -10.03 -93.81
CA GLN B 88 -72.66 -9.28 -92.80
C GLN B 88 -71.43 -8.62 -93.42
N ARG B 89 -71.15 -7.40 -93.01
CA ARG B 89 -70.09 -6.62 -93.66
C ARG B 89 -68.71 -7.02 -93.14
N CYS B 90 -68.63 -7.31 -91.85
CA CYS B 90 -67.38 -7.64 -91.16
C CYS B 90 -66.24 -6.66 -91.38
N VAL B 91 -65.02 -7.12 -91.14
CA VAL B 91 -63.77 -6.42 -91.36
C VAL B 91 -62.70 -7.48 -91.50
N SER B 92 -61.77 -7.29 -92.42
CA SER B 92 -60.66 -8.20 -92.56
C SER B 92 -59.40 -7.49 -92.09
N THR B 93 -58.45 -8.23 -91.57
CA THR B 93 -57.21 -7.66 -91.07
C THR B 93 -56.04 -8.47 -91.59
N PRO B 94 -54.84 -7.89 -91.64
CA PRO B 94 -53.66 -8.67 -91.98
C PRO B 94 -53.29 -9.70 -90.93
N TRP B 95 -53.87 -9.62 -89.75
CA TRP B 95 -53.45 -10.44 -88.64
C TRP B 95 -54.02 -11.85 -88.71
N SER B 96 -53.29 -12.79 -88.14
CA SER B 96 -53.74 -14.14 -87.89
C SER B 96 -53.65 -14.39 -86.40
N TYR B 97 -54.35 -15.40 -85.91
CA TYR B 97 -54.40 -15.60 -84.48
C TYR B 97 -54.33 -17.08 -84.13
N PHE B 98 -53.90 -17.32 -82.89
CA PHE B 98 -53.85 -18.67 -82.34
C PHE B 98 -55.12 -18.94 -81.55
N ASN B 99 -55.85 -19.97 -81.95
CA ASN B 99 -57.02 -20.42 -81.22
C ASN B 99 -56.63 -21.71 -80.50
N PHE B 100 -56.55 -21.66 -79.18
CA PHE B 100 -56.24 -22.84 -78.39
C PHE B 100 -57.46 -23.51 -77.80
N ASN B 101 -58.67 -23.07 -78.14
CA ASN B 101 -59.87 -23.43 -77.40
C ASN B 101 -60.47 -24.68 -78.00
N GLN B 102 -60.27 -25.81 -77.33
CA GLN B 102 -60.90 -27.10 -77.59
C GLN B 102 -60.24 -28.09 -76.65
N TYR B 103 -60.95 -29.19 -76.36
CA TYR B 103 -60.31 -30.20 -75.52
C TYR B 103 -59.44 -31.14 -76.34
N SER B 104 -59.92 -31.54 -77.51
CA SER B 104 -59.19 -32.51 -78.32
C SER B 104 -57.82 -32.01 -78.73
N SER B 105 -57.56 -30.72 -78.59
CA SER B 105 -56.24 -30.20 -78.90
C SER B 105 -55.25 -30.52 -77.79
N HIS B 106 -55.69 -30.43 -76.54
CA HIS B 106 -54.80 -30.57 -75.40
C HIS B 106 -54.76 -31.98 -74.82
N PHE B 107 -55.64 -32.88 -75.24
CA PHE B 107 -55.73 -34.20 -74.66
C PHE B 107 -55.70 -35.25 -75.75
N SER B 108 -54.78 -36.20 -75.63
CA SER B 108 -54.82 -37.35 -76.48
C SER B 108 -56.05 -38.17 -76.14
N PRO B 109 -56.52 -39.01 -77.07
CA PRO B 109 -57.65 -39.87 -76.75
C PRO B 109 -57.42 -40.74 -75.53
N GLN B 110 -56.18 -41.00 -75.15
CA GLN B 110 -55.97 -41.67 -73.86
C GLN B 110 -55.90 -40.71 -72.68
N ASP B 111 -55.25 -39.56 -72.82
CA ASP B 111 -55.23 -38.61 -71.72
C ASP B 111 -56.64 -38.22 -71.32
N TRP B 112 -57.40 -37.69 -72.27
CA TRP B 112 -58.85 -37.76 -72.16
C TRP B 112 -59.21 -39.22 -72.05
N GLN B 113 -60.20 -39.55 -71.24
CA GLN B 113 -60.53 -40.91 -70.80
C GLN B 113 -59.61 -41.39 -69.70
N ARG B 114 -58.45 -40.82 -69.51
CA ARG B 114 -57.80 -41.04 -68.23
C ARG B 114 -58.36 -40.13 -67.16
N LEU B 115 -58.66 -38.87 -67.50
CA LEU B 115 -59.36 -38.02 -66.56
C LEU B 115 -60.85 -38.26 -66.55
N THR B 116 -61.44 -38.54 -67.71
CA THR B 116 -62.88 -38.77 -67.75
C THR B 116 -63.25 -39.98 -66.91
N ASN B 117 -62.38 -40.98 -66.87
CA ASN B 117 -62.64 -42.15 -66.03
C ASN B 117 -62.27 -41.90 -64.58
N GLU B 118 -61.14 -41.24 -64.34
CA GLU B 118 -60.54 -41.24 -63.02
C GLU B 118 -60.86 -40.02 -62.17
N TYR B 119 -61.60 -39.03 -62.66
CA TYR B 119 -61.76 -37.82 -61.88
C TYR B 119 -63.19 -37.30 -61.90
N LYS B 120 -63.61 -36.70 -60.78
CA LYS B 120 -64.92 -36.06 -60.70
C LYS B 120 -64.99 -34.84 -61.60
N ARG B 121 -64.02 -33.95 -61.47
CA ARG B 121 -64.16 -32.63 -62.04
C ARG B 121 -62.79 -32.06 -62.33
N PHE B 122 -62.76 -31.12 -63.25
CA PHE B 122 -61.51 -30.49 -63.61
C PHE B 122 -61.81 -29.12 -64.18
N ARG B 123 -60.86 -28.22 -64.02
CA ARG B 123 -60.93 -26.92 -64.67
C ARG B 123 -59.50 -26.52 -64.98
N PRO B 124 -59.28 -25.80 -66.08
CA PRO B 124 -57.92 -25.35 -66.36
C PRO B 124 -57.49 -24.32 -65.33
N LYS B 125 -56.32 -24.57 -64.73
CA LYS B 125 -55.80 -23.66 -63.73
C LYS B 125 -55.00 -22.52 -64.35
N GLY B 126 -54.18 -22.83 -65.34
CA GLY B 126 -53.30 -21.83 -65.94
C GLY B 126 -52.90 -22.27 -67.32
N MET B 127 -52.21 -21.38 -68.01
CA MET B 127 -51.83 -21.62 -69.40
C MET B 127 -50.52 -20.90 -69.68
N HIS B 128 -49.66 -21.55 -70.44
CA HIS B 128 -48.34 -20.98 -70.75
C HIS B 128 -48.05 -21.28 -72.20
N VAL B 129 -47.81 -20.24 -72.99
CA VAL B 129 -47.64 -20.39 -74.43
C VAL B 129 -46.28 -19.82 -74.82
N LYS B 130 -45.60 -20.49 -75.72
CA LYS B 130 -44.27 -20.07 -76.16
C LYS B 130 -44.19 -20.15 -77.67
N ILE B 131 -43.92 -19.02 -78.32
CA ILE B 131 -43.57 -18.98 -79.72
C ILE B 131 -42.06 -19.06 -79.79
N TYR B 132 -41.54 -19.91 -80.67
CA TYR B 132 -40.10 -20.02 -80.80
C TYR B 132 -39.77 -20.75 -82.09
N ASN B 133 -38.48 -20.86 -82.37
CA ASN B 133 -37.98 -21.50 -83.58
C ASN B 133 -38.64 -20.94 -84.83
N LEU B 134 -38.61 -19.61 -84.94
CA LEU B 134 -39.27 -18.95 -86.06
C LEU B 134 -38.42 -19.04 -87.31
N GLN B 135 -39.09 -18.98 -88.47
CA GLN B 135 -38.43 -19.03 -89.76
C GLN B 135 -39.17 -18.13 -90.72
N ILE B 136 -38.46 -17.32 -91.50
CA ILE B 136 -39.06 -16.49 -92.53
C ILE B 136 -38.49 -16.96 -93.85
N LYS B 137 -39.32 -17.50 -94.72
CA LYS B 137 -38.79 -18.25 -95.86
C LYS B 137 -38.81 -17.53 -97.20
N GLN B 138 -39.39 -16.34 -97.32
CA GLN B 138 -39.23 -15.54 -98.53
C GLN B 138 -39.66 -16.30 -99.79
N ILE B 139 -40.98 -16.41 -99.98
CA ILE B 139 -41.51 -17.02 -101.19
C ILE B 139 -40.95 -16.30 -102.42
N LEU B 140 -40.54 -17.09 -103.41
CA LEU B 140 -40.21 -16.57 -104.73
C LEU B 140 -40.97 -17.33 -105.81
N SER B 141 -41.25 -16.65 -106.91
CA SER B 141 -41.89 -17.26 -108.06
C SER B 141 -41.17 -16.80 -109.32
N ASN B 142 -40.60 -17.76 -110.05
CA ASN B 142 -40.04 -17.51 -111.37
C ASN B 142 -41.07 -17.74 -112.46
N GLY B 143 -42.31 -17.98 -112.08
CA GLY B 143 -43.35 -18.51 -112.92
C GLY B 143 -43.43 -20.01 -112.69
N ALA B 144 -44.66 -20.52 -112.70
CA ALA B 144 -44.98 -21.89 -112.27
C ALA B 144 -44.31 -22.12 -110.92
N ASP B 145 -43.79 -23.32 -110.62
CA ASP B 145 -42.84 -23.65 -109.58
C ASP B 145 -43.05 -22.93 -108.24
N THR B 146 -41.94 -22.63 -107.57
CA THR B 146 -41.71 -21.70 -106.46
C THR B 146 -40.30 -21.94 -105.97
N THR B 147 -39.74 -21.00 -105.22
CA THR B 147 -38.49 -21.23 -104.51
C THR B 147 -38.56 -20.50 -103.18
N TYR B 148 -37.83 -21.02 -102.20
CA TYR B 148 -37.81 -20.47 -100.86
C TYR B 148 -36.35 -20.25 -100.48
N ASN B 149 -35.95 -18.99 -100.36
CA ASN B 149 -34.54 -18.68 -100.16
C ASN B 149 -34.18 -18.68 -98.68
N ASN B 150 -35.10 -19.11 -97.85
CA ASN B 150 -35.10 -18.79 -96.43
C ASN B 150 -35.08 -17.28 -96.35
N ASP B 151 -34.45 -16.74 -95.32
CA ASP B 151 -34.34 -15.30 -95.16
C ASP B 151 -33.70 -15.04 -93.80
N LEU B 152 -33.13 -13.86 -93.65
CA LEU B 152 -32.77 -13.33 -92.36
C LEU B 152 -33.17 -11.86 -92.40
N THR B 153 -32.89 -11.14 -91.32
CA THR B 153 -33.27 -9.75 -91.21
C THR B 153 -34.73 -9.53 -91.59
N ALA B 154 -35.61 -10.40 -91.14
CA ALA B 154 -37.05 -10.25 -91.30
C ALA B 154 -37.72 -10.44 -89.95
N GLY B 155 -38.99 -10.10 -89.86
CA GLY B 155 -39.64 -9.99 -88.59
C GLY B 155 -41.07 -10.46 -88.61
N VAL B 156 -41.59 -10.68 -87.41
CA VAL B 156 -42.93 -11.19 -87.20
C VAL B 156 -43.52 -10.44 -86.01
N HIS B 157 -44.70 -9.86 -86.21
CA HIS B 157 -45.40 -9.19 -85.13
C HIS B 157 -46.16 -10.20 -84.32
N ILE B 158 -46.10 -10.09 -83.00
CA ILE B 158 -46.82 -10.98 -82.10
C ILE B 158 -47.46 -10.14 -81.02
N PHE B 159 -48.77 -10.25 -80.89
CA PHE B 159 -49.53 -9.41 -80.00
C PHE B 159 -50.51 -10.26 -79.21
N CYS B 160 -50.67 -9.96 -77.92
CA CYS B 160 -51.58 -10.67 -77.05
C CYS B 160 -52.53 -9.69 -76.38
N ASP B 161 -53.72 -10.17 -76.05
CA ASP B 161 -54.71 -9.37 -75.33
C ASP B 161 -54.75 -9.77 -73.87
N GLY B 162 -54.25 -8.89 -73.00
CA GLY B 162 -54.47 -9.10 -71.59
C GLY B 162 -55.70 -8.38 -71.10
N GLU B 163 -56.07 -7.30 -71.81
CA GLU B 163 -57.21 -6.50 -71.44
C GLU B 163 -58.49 -6.96 -72.13
N HIS B 164 -58.37 -7.80 -73.15
CA HIS B 164 -59.48 -8.15 -74.04
C HIS B 164 -60.13 -6.93 -74.65
N ALA B 165 -59.40 -5.84 -74.82
CA ALA B 165 -59.75 -4.89 -75.86
C ALA B 165 -59.58 -5.60 -77.19
N TYR B 166 -60.23 -5.06 -78.22
CA TYR B 166 -60.31 -5.64 -79.55
C TYR B 166 -61.37 -6.73 -79.61
N PRO B 167 -61.96 -6.94 -80.77
CA PRO B 167 -63.16 -7.78 -80.89
C PRO B 167 -62.98 -9.27 -80.62
N ASN B 168 -61.76 -9.77 -80.40
CA ASN B 168 -61.48 -11.15 -79.97
C ASN B 168 -62.14 -12.23 -80.82
N ALA B 169 -61.54 -12.54 -81.97
CA ALA B 169 -62.12 -13.44 -82.97
C ALA B 169 -62.68 -14.72 -82.36
N THR B 170 -62.01 -15.29 -81.36
CA THR B 170 -62.33 -16.64 -80.91
C THR B 170 -63.80 -16.79 -80.59
N HIS B 171 -64.42 -17.77 -81.24
CA HIS B 171 -65.78 -18.22 -81.02
C HIS B 171 -65.69 -19.69 -80.68
N PRO B 172 -66.54 -20.19 -79.78
CA PRO B 172 -66.31 -21.56 -79.26
C PRO B 172 -66.11 -22.63 -80.31
N TRP B 173 -66.96 -22.74 -81.30
CA TRP B 173 -66.87 -23.90 -82.19
C TRP B 173 -65.87 -23.61 -83.32
N ASP B 174 -66.25 -22.75 -84.25
CA ASP B 174 -65.37 -22.33 -85.34
C ASP B 174 -64.79 -23.58 -85.99
N GLU B 175 -63.49 -23.63 -86.22
CA GLU B 175 -62.81 -24.67 -86.96
C GLU B 175 -61.49 -24.81 -86.23
N ASP B 176 -60.53 -25.48 -86.88
CA ASP B 176 -59.09 -25.28 -86.62
C ASP B 176 -58.81 -25.49 -85.13
N VAL B 177 -58.50 -24.44 -84.36
CA VAL B 177 -57.88 -24.52 -83.05
C VAL B 177 -56.57 -25.24 -83.33
N MET B 178 -56.07 -26.01 -82.40
CA MET B 178 -54.88 -26.78 -82.69
C MET B 178 -55.30 -28.07 -83.36
N PRO B 179 -54.53 -28.61 -84.28
CA PRO B 179 -54.87 -29.93 -84.79
C PRO B 179 -54.80 -30.92 -83.63
N GLU B 180 -55.85 -31.70 -83.47
CA GLU B 180 -55.90 -32.63 -82.35
C GLU B 180 -54.70 -33.55 -82.34
N LEU B 181 -54.04 -33.69 -83.47
CA LEU B 181 -52.95 -34.61 -83.68
C LEU B 181 -51.67 -33.83 -83.86
N PRO B 182 -50.62 -34.01 -83.05
CA PRO B 182 -49.38 -33.26 -83.29
C PRO B 182 -48.75 -33.63 -84.62
N TYR B 183 -47.55 -33.14 -84.90
CA TYR B 183 -46.83 -33.36 -86.16
C TYR B 183 -47.62 -32.84 -87.35
N GLN B 184 -48.86 -32.45 -87.12
CA GLN B 184 -49.72 -31.92 -88.15
C GLN B 184 -49.59 -30.41 -88.14
N THR B 185 -49.09 -29.85 -89.23
CA THR B 185 -48.83 -28.41 -89.28
C THR B 185 -50.12 -27.64 -89.09
N TRP B 186 -50.01 -26.49 -88.43
CA TRP B 186 -51.18 -25.74 -88.01
C TRP B 186 -51.25 -24.44 -88.78
N TYR B 187 -52.20 -24.35 -89.70
CA TYR B 187 -52.38 -23.17 -90.51
C TYR B 187 -53.25 -22.18 -89.76
N LEU B 188 -52.73 -20.98 -89.56
CA LEU B 188 -53.47 -19.93 -88.88
C LEU B 188 -54.55 -19.36 -89.79
N PHE B 189 -55.50 -18.69 -89.17
CA PHE B 189 -56.65 -18.11 -89.85
C PHE B 189 -56.70 -16.62 -89.64
N GLN B 190 -57.22 -15.93 -90.65
CA GLN B 190 -57.23 -14.47 -90.64
C GLN B 190 -58.12 -13.93 -89.54
N TYR B 191 -57.71 -12.82 -88.94
CA TYR B 191 -58.50 -12.17 -87.91
C TYR B 191 -59.46 -11.17 -88.52
N GLY B 192 -60.72 -11.26 -88.14
CA GLY B 192 -61.73 -10.34 -88.60
C GLY B 192 -62.78 -10.17 -87.54
N TYR B 193 -63.64 -9.19 -87.75
CA TYR B 193 -64.69 -8.95 -86.77
C TYR B 193 -65.84 -8.20 -87.42
N ILE B 194 -67.02 -8.31 -86.81
CA ILE B 194 -68.19 -7.59 -87.27
C ILE B 194 -68.22 -6.23 -86.62
N PRO B 195 -68.00 -5.14 -87.35
CA PRO B 195 -68.13 -3.82 -86.73
C PRO B 195 -69.56 -3.50 -86.34
N VAL B 196 -70.52 -3.74 -87.23
CA VAL B 196 -71.94 -3.44 -87.00
C VAL B 196 -72.78 -4.34 -87.89
N ILE B 197 -74.01 -4.62 -87.45
CA ILE B 197 -74.97 -5.35 -88.28
C ILE B 197 -75.08 -4.67 -89.64
N HIS B 198 -74.96 -5.46 -90.71
CA HIS B 198 -74.96 -4.87 -92.04
C HIS B 198 -76.29 -4.19 -92.35
N GLU B 199 -77.39 -4.92 -92.23
CA GLU B 199 -78.67 -4.25 -92.20
C GLU B 199 -78.68 -3.33 -90.99
N LEU B 200 -79.54 -2.30 -91.01
CA LEU B 200 -79.44 -1.25 -90.01
C LEU B 200 -78.11 -0.50 -90.14
N ALA B 201 -78.07 0.46 -91.08
CA ALA B 201 -76.90 1.05 -91.75
C ALA B 201 -76.67 0.52 -93.16
N GLU B 202 -77.57 -0.29 -93.70
CA GLU B 202 -77.41 -0.73 -95.09
C GLU B 202 -77.10 0.39 -96.12
N MET B 203 -77.74 1.57 -96.11
CA MET B 203 -78.94 1.93 -95.37
C MET B 203 -79.96 2.41 -96.40
N GLU B 204 -81.25 2.38 -96.06
CA GLU B 204 -82.27 2.65 -97.07
C GLU B 204 -82.70 4.11 -97.04
N ASP B 205 -82.29 4.84 -98.08
CA ASP B 205 -82.73 6.21 -98.33
C ASP B 205 -82.65 7.07 -97.09
N SER B 206 -83.63 7.95 -96.90
CA SER B 206 -83.94 8.59 -95.62
C SER B 206 -82.60 9.08 -94.94
N ASN B 207 -82.13 8.68 -93.74
CA ASN B 207 -82.75 7.90 -92.68
C ASN B 207 -82.50 8.56 -91.32
N ALA B 208 -81.22 8.66 -91.00
CA ALA B 208 -80.67 9.31 -89.81
C ALA B 208 -80.79 8.44 -88.57
N VAL B 209 -81.67 7.43 -88.62
CA VAL B 209 -81.64 6.40 -87.59
C VAL B 209 -80.61 5.33 -87.93
N GLU B 210 -80.50 4.98 -89.21
CA GLU B 210 -79.42 4.09 -89.64
C GLU B 210 -78.19 4.87 -90.06
N LYS B 211 -78.31 6.19 -90.24
CA LYS B 211 -77.12 7.01 -90.42
C LYS B 211 -76.27 6.96 -89.16
N ALA B 212 -76.88 7.28 -88.03
CA ALA B 212 -76.32 6.82 -86.78
C ALA B 212 -76.36 5.29 -86.77
N ILE B 213 -75.43 4.69 -86.02
CA ILE B 213 -75.13 3.27 -86.02
C ILE B 213 -74.30 2.91 -87.25
N CYS B 214 -74.41 3.72 -88.30
CA CYS B 214 -73.40 3.65 -89.36
C CYS B 214 -72.22 4.54 -89.04
N LEU B 215 -72.49 5.74 -88.54
CA LEU B 215 -71.42 6.63 -88.13
C LEU B 215 -70.67 6.09 -86.93
N GLN B 216 -71.35 5.31 -86.09
CA GLN B 216 -70.74 4.91 -84.84
C GLN B 216 -69.98 3.60 -84.95
N ILE B 217 -69.87 3.01 -86.15
CA ILE B 217 -69.25 1.71 -86.24
C ILE B 217 -67.79 1.91 -85.81
N PRO B 218 -67.32 1.19 -84.80
CA PRO B 218 -65.94 1.34 -84.37
C PRO B 218 -65.01 0.63 -85.34
N PHE B 219 -63.78 1.12 -85.39
CA PHE B 219 -62.76 0.54 -86.23
C PHE B 219 -61.53 0.26 -85.39
N PHE B 220 -61.23 -1.02 -85.23
CA PHE B 220 -60.15 -1.47 -84.36
C PHE B 220 -58.97 -1.86 -85.20
N MET B 221 -57.78 -1.60 -84.68
CA MET B 221 -56.53 -1.87 -85.38
C MET B 221 -55.57 -2.44 -84.37
N LEU B 222 -54.85 -3.48 -84.75
CA LEU B 222 -53.93 -4.09 -83.82
C LEU B 222 -52.59 -3.39 -83.81
N GLU B 223 -52.45 -2.29 -84.53
CA GLU B 223 -51.16 -1.61 -84.51
C GLU B 223 -51.06 -0.79 -83.24
N ASN B 224 -51.73 0.37 -83.15
CA ASN B 224 -52.24 0.86 -81.87
C ASN B 224 -51.38 0.44 -80.69
N SER B 225 -51.97 -0.31 -79.76
CA SER B 225 -51.23 -0.85 -78.63
C SER B 225 -49.99 -1.61 -79.09
N ASP B 226 -48.91 -1.44 -78.33
CA ASP B 226 -47.62 -1.96 -78.74
C ASP B 226 -47.57 -3.48 -78.67
N HIS B 227 -46.65 -4.05 -79.43
CA HIS B 227 -46.46 -5.49 -79.48
C HIS B 227 -45.05 -5.79 -79.96
N GLU B 228 -44.64 -7.03 -79.77
CA GLU B 228 -43.27 -7.42 -80.06
C GLU B 228 -43.11 -7.86 -81.50
N VAL B 229 -41.99 -7.50 -82.08
CA VAL B 229 -41.55 -8.04 -83.36
C VAL B 229 -40.41 -9.00 -83.06
N LEU B 230 -40.29 -10.05 -83.84
CA LEU B 230 -39.29 -11.08 -83.61
C LEU B 230 -38.59 -11.41 -84.91
N ARG B 231 -37.26 -11.38 -84.89
CA ARG B 231 -36.55 -12.05 -85.96
C ARG B 231 -36.45 -13.54 -85.60
N THR B 232 -35.62 -14.28 -86.34
CA THR B 232 -35.52 -15.71 -86.13
C THR B 232 -35.07 -16.06 -84.72
N GLY B 233 -33.89 -15.57 -84.31
CA GLY B 233 -33.31 -16.02 -83.06
C GLY B 233 -34.15 -15.75 -81.82
N GLU B 234 -35.05 -14.78 -81.90
CA GLU B 234 -35.87 -14.41 -80.76
C GLU B 234 -37.07 -15.33 -80.59
N SER B 235 -37.59 -15.37 -79.37
CA SER B 235 -38.83 -16.07 -79.04
C SER B 235 -39.69 -15.19 -78.15
N THR B 236 -40.82 -15.74 -77.71
CA THR B 236 -41.73 -15.02 -76.83
C THR B 236 -42.50 -16.03 -75.99
N GLU B 237 -42.82 -15.62 -74.77
CA GLU B 237 -43.66 -16.41 -73.87
C GLU B 237 -44.90 -15.63 -73.52
N PHE B 238 -45.96 -16.36 -73.18
CA PHE B 238 -47.18 -15.76 -72.65
C PHE B 238 -47.73 -16.66 -71.57
N THR B 239 -48.27 -16.05 -70.52
CA THR B 239 -48.91 -16.81 -69.45
C THR B 239 -50.35 -16.37 -69.31
N PHE B 240 -51.15 -17.24 -68.71
CA PHE B 240 -52.55 -16.93 -68.47
C PHE B 240 -52.97 -17.61 -67.18
N ASN B 241 -53.87 -16.96 -66.47
CA ASN B 241 -54.49 -17.54 -65.28
C ASN B 241 -55.99 -17.49 -65.47
N PHE B 242 -56.68 -18.45 -64.87
CA PHE B 242 -58.10 -18.63 -65.10
C PHE B 242 -58.87 -18.48 -63.80
N ASP B 243 -59.81 -17.54 -63.78
CA ASP B 243 -60.92 -17.58 -62.83
C ASP B 243 -62.03 -18.34 -63.54
N CYS B 244 -62.31 -19.55 -63.09
CA CYS B 244 -62.98 -20.50 -63.94
C CYS B 244 -63.82 -21.46 -63.12
N GLU B 245 -64.95 -21.85 -63.66
CA GLU B 245 -65.85 -22.78 -63.00
C GLU B 245 -65.47 -24.21 -63.34
N TRP B 246 -65.61 -25.09 -62.35
CA TRP B 246 -65.37 -26.51 -62.59
C TRP B 246 -66.32 -27.03 -63.65
N ILE B 247 -65.84 -28.01 -64.41
CA ILE B 247 -66.71 -28.83 -65.25
C ILE B 247 -66.75 -30.22 -64.63
N ASN B 248 -67.94 -30.71 -64.35
CA ASN B 248 -68.11 -31.87 -63.48
C ASN B 248 -68.36 -33.12 -64.31
N ASN B 249 -67.53 -34.13 -64.09
CA ASN B 249 -67.76 -35.46 -64.61
C ASN B 249 -68.34 -36.30 -63.49
N GLU B 250 -69.63 -36.57 -63.59
CA GLU B 250 -70.45 -37.16 -62.54
C GLU B 250 -71.81 -37.44 -63.15
N ARG B 251 -72.55 -38.32 -62.49
CA ARG B 251 -73.81 -38.79 -63.02
C ARG B 251 -74.82 -38.92 -61.89
N ALA B 252 -76.01 -38.38 -62.10
CA ALA B 252 -77.10 -38.58 -61.18
C ALA B 252 -77.87 -39.81 -61.60
N TYR B 253 -77.91 -40.82 -60.73
CA TYR B 253 -78.60 -42.06 -61.05
C TYR B 253 -80.11 -41.93 -60.91
N ILE B 254 -80.60 -40.87 -60.29
CA ILE B 254 -82.04 -40.61 -60.19
C ILE B 254 -82.30 -39.13 -60.40
N PRO B 255 -83.51 -38.77 -60.82
CA PRO B 255 -83.89 -37.37 -60.85
C PRO B 255 -83.82 -36.78 -59.45
N PRO B 256 -83.66 -35.46 -59.34
CA PRO B 256 -83.61 -34.86 -58.00
C PRO B 256 -84.92 -34.98 -57.26
N GLY B 257 -86.04 -35.05 -57.96
CA GLY B 257 -87.31 -35.23 -57.31
C GLY B 257 -87.62 -36.64 -56.88
N LEU B 258 -86.75 -37.59 -57.20
CA LEU B 258 -86.95 -38.99 -56.87
C LEU B 258 -86.26 -39.37 -55.57
N MET B 259 -85.72 -38.40 -54.84
CA MET B 259 -84.98 -38.67 -53.61
C MET B 259 -85.96 -38.67 -52.45
N PHE B 260 -86.20 -39.84 -51.89
CA PHE B 260 -87.04 -40.00 -50.71
C PHE B 260 -87.07 -41.48 -50.35
N ASN B 261 -87.47 -41.77 -49.14
CA ASN B 261 -87.63 -43.14 -48.72
C ASN B 261 -89.06 -43.56 -49.04
N PRO B 262 -89.27 -44.38 -50.06
CA PRO B 262 -90.64 -44.72 -50.46
C PRO B 262 -91.33 -45.63 -49.47
N LEU B 263 -90.58 -46.25 -48.56
CA LEU B 263 -91.19 -47.09 -47.55
C LEU B 263 -91.99 -46.26 -46.55
N VAL B 264 -91.46 -45.11 -46.17
CA VAL B 264 -92.08 -44.33 -45.10
C VAL B 264 -93.31 -43.61 -45.63
N PRO B 265 -94.44 -43.66 -44.93
CA PRO B 265 -95.60 -42.89 -45.36
C PRO B 265 -95.34 -41.40 -45.26
N THR B 266 -96.15 -40.63 -45.96
CA THR B 266 -95.99 -39.18 -45.98
C THR B 266 -97.19 -38.51 -45.34
N ARG B 267 -96.95 -37.36 -44.72
CA ARG B 267 -98.06 -36.53 -44.27
C ARG B 267 -98.29 -35.40 -45.24
N ARG B 268 -99.31 -35.56 -46.07
CA ARG B 268 -99.65 -34.66 -47.16
C ARG B 268 -100.96 -35.15 -47.74
N ALA B 269 -101.64 -34.34 -48.53
CA ALA B 269 -102.91 -34.75 -49.09
C ALA B 269 -103.08 -34.17 -50.47
N GLN B 270 -103.92 -34.84 -51.27
CA GLN B 270 -104.22 -34.44 -52.63
C GLN B 270 -105.71 -34.15 -52.70
N TYR B 271 -106.07 -32.90 -52.91
CA TYR B 271 -107.42 -32.55 -53.30
C TYR B 271 -107.46 -32.60 -54.82
N ILE B 272 -108.48 -33.20 -55.38
CA ILE B 272 -108.63 -33.29 -56.82
C ILE B 272 -109.98 -32.72 -57.20
N ARG B 273 -109.97 -31.75 -58.11
CA ARG B 273 -111.19 -31.05 -58.50
C ARG B 273 -112.17 -32.01 -59.15
N ARG B 274 -113.45 -31.66 -59.10
CA ARG B 274 -114.47 -32.36 -59.88
C ARG B 274 -114.03 -32.46 -61.32
N ASN B 275 -114.16 -33.66 -61.89
CA ASN B 275 -113.52 -33.92 -63.18
C ASN B 275 -114.30 -33.31 -64.33
N ASN B 276 -115.61 -33.12 -64.16
CA ASN B 276 -116.45 -32.52 -65.19
C ASN B 276 -116.27 -33.24 -66.52
N ASN B 277 -116.83 -34.45 -66.59
CA ASN B 277 -116.57 -35.47 -67.61
C ASN B 277 -115.16 -36.01 -67.37
N PRO B 278 -114.94 -37.31 -67.61
CA PRO B 278 -115.99 -38.33 -67.72
C PRO B 278 -116.82 -38.54 -66.44
N GLN B 279 -116.13 -38.64 -65.30
CA GLN B 279 -116.74 -39.16 -64.09
C GLN B 279 -115.81 -38.88 -62.91
N THR B 280 -116.02 -39.53 -61.76
CA THR B 280 -115.15 -39.42 -60.59
C THR B 280 -115.15 -38.03 -59.97
N ALA B 281 -116.20 -37.73 -59.22
CA ALA B 281 -116.31 -36.47 -58.50
C ALA B 281 -115.19 -36.30 -57.50
N GLU B 282 -114.98 -35.04 -57.09
CA GLU B 282 -113.81 -34.64 -56.32
C GLU B 282 -113.65 -35.46 -55.04
N SER B 283 -112.40 -35.70 -54.67
CA SER B 283 -112.08 -36.40 -53.43
C SER B 283 -110.70 -35.96 -52.96
N THR B 284 -110.50 -35.99 -51.65
CA THR B 284 -109.20 -35.77 -51.05
C THR B 284 -108.65 -37.09 -50.52
N SER B 285 -107.33 -37.24 -50.55
CA SER B 285 -106.70 -38.48 -50.17
C SER B 285 -105.26 -38.21 -49.76
N ARG B 286 -104.71 -39.14 -48.99
CA ARG B 286 -103.31 -39.04 -48.60
C ARG B 286 -102.42 -39.49 -49.74
N ILE B 287 -101.29 -38.80 -49.88
CA ILE B 287 -100.34 -39.16 -50.93
C ILE B 287 -99.69 -40.48 -50.59
N ALA B 288 -99.58 -41.34 -51.60
CA ALA B 288 -99.04 -42.67 -51.40
C ALA B 288 -97.60 -42.60 -50.89
N PRO B 289 -97.15 -43.63 -50.17
CA PRO B 289 -95.78 -43.58 -49.63
C PRO B 289 -94.74 -43.47 -50.73
N TYR B 290 -94.86 -44.29 -51.77
CA TYR B 290 -94.13 -44.06 -53.00
C TYR B 290 -94.67 -42.81 -53.68
N ALA B 291 -93.88 -42.25 -54.58
CA ALA B 291 -94.31 -41.12 -55.39
C ALA B 291 -94.73 -39.93 -54.52
N LYS B 292 -93.85 -39.55 -53.64
CA LYS B 292 -94.08 -38.36 -52.84
C LYS B 292 -93.83 -37.12 -53.70
N PRO B 293 -94.52 -36.03 -53.41
CA PRO B 293 -94.29 -34.80 -54.18
C PRO B 293 -92.90 -34.27 -53.94
N THR B 294 -92.49 -33.36 -54.82
CA THR B 294 -91.14 -32.83 -54.74
C THR B 294 -91.13 -31.33 -54.96
N SER B 295 -90.08 -30.71 -54.46
CA SER B 295 -89.57 -29.45 -54.96
C SER B 295 -88.72 -29.74 -56.19
N TRP B 296 -87.88 -28.78 -56.53
CA TRP B 296 -86.85 -29.06 -57.52
C TRP B 296 -87.42 -29.30 -58.91
N MET B 297 -87.84 -28.20 -59.51
CA MET B 297 -88.29 -28.05 -60.87
C MET B 297 -87.19 -28.42 -61.87
N THR B 298 -87.60 -28.76 -63.09
CA THR B 298 -86.65 -29.09 -64.14
C THR B 298 -85.97 -27.84 -64.67
N GLY B 299 -84.80 -28.05 -65.27
CA GLY B 299 -84.06 -26.97 -65.88
C GLY B 299 -84.79 -26.37 -67.07
N PRO B 300 -84.44 -25.14 -67.41
CA PRO B 300 -85.17 -24.43 -68.45
C PRO B 300 -84.76 -24.86 -69.85
N GLY B 301 -85.67 -24.68 -70.79
CA GLY B 301 -85.41 -24.95 -72.19
C GLY B 301 -86.43 -24.21 -73.03
N LEU B 302 -86.18 -24.16 -74.33
CA LEU B 302 -87.14 -23.64 -75.29
C LEU B 302 -87.34 -24.67 -76.40
N LEU B 303 -88.48 -25.35 -76.39
CA LEU B 303 -88.76 -26.42 -77.35
C LEU B 303 -89.76 -26.08 -78.45
N SER B 304 -90.36 -24.89 -78.45
CA SER B 304 -91.51 -24.69 -79.33
C SER B 304 -91.10 -24.41 -80.76
N ALA B 305 -90.03 -23.64 -80.94
CA ALA B 305 -89.65 -23.08 -82.23
C ALA B 305 -89.17 -24.16 -83.19
N GLN B 306 -89.12 -23.80 -84.47
CA GLN B 306 -88.55 -24.63 -85.51
C GLN B 306 -87.65 -23.78 -86.40
N ARG B 307 -86.54 -24.36 -86.83
CA ARG B 307 -85.62 -23.63 -87.71
C ARG B 307 -86.35 -23.19 -88.97
N VAL B 308 -86.01 -22.00 -89.44
CA VAL B 308 -86.82 -21.27 -90.42
C VAL B 308 -86.05 -21.09 -91.71
N GLY B 309 -86.52 -21.75 -92.76
CA GLY B 309 -86.11 -21.41 -94.11
C GLY B 309 -84.88 -22.16 -94.58
N PRO B 310 -84.31 -21.69 -95.69
CA PRO B 310 -83.20 -22.42 -96.31
C PRO B 310 -81.90 -22.23 -95.55
N ALA B 311 -80.99 -23.17 -95.77
CA ALA B 311 -79.66 -23.06 -95.19
C ALA B 311 -78.92 -21.89 -95.82
N THR B 312 -77.87 -21.44 -95.12
CA THR B 312 -77.03 -20.26 -95.41
C THR B 312 -77.77 -18.98 -95.06
N SER B 313 -79.04 -19.06 -94.67
CA SER B 313 -79.81 -17.91 -94.23
C SER B 313 -79.79 -17.71 -92.72
N ASP B 314 -78.98 -18.49 -91.99
CA ASP B 314 -78.96 -18.47 -90.53
C ASP B 314 -80.29 -18.90 -89.94
N THR B 315 -80.58 -20.20 -90.02
CA THR B 315 -81.79 -20.70 -89.41
C THR B 315 -81.48 -21.16 -88.00
N GLY B 316 -81.93 -20.38 -87.00
CA GLY B 316 -81.64 -20.71 -85.62
C GLY B 316 -82.80 -21.24 -84.82
N ALA B 317 -84.02 -21.08 -85.34
CA ALA B 317 -85.31 -21.30 -84.70
C ALA B 317 -85.56 -20.27 -83.60
N TRP B 318 -84.55 -19.58 -83.09
CA TRP B 318 -84.72 -18.45 -82.19
C TRP B 318 -83.73 -17.40 -82.63
N MET B 319 -84.24 -16.25 -83.06
CA MET B 319 -83.40 -15.14 -83.47
C MET B 319 -83.47 -14.07 -82.40
N VAL B 320 -82.32 -13.60 -81.94
CA VAL B 320 -82.30 -12.60 -80.88
C VAL B 320 -82.53 -11.21 -81.48
N ALA B 321 -81.87 -10.91 -82.58
CA ALA B 321 -81.96 -9.63 -83.29
C ALA B 321 -81.79 -8.40 -82.41
N VAL B 322 -82.39 -7.29 -82.85
CA VAL B 322 -82.38 -6.02 -82.13
C VAL B 322 -83.71 -5.31 -82.25
N LYS B 323 -84.07 -4.93 -83.48
CA LYS B 323 -85.24 -4.11 -83.77
C LYS B 323 -85.22 -2.75 -83.07
N PRO B 324 -84.34 -1.83 -83.49
CA PRO B 324 -84.50 -0.43 -83.10
C PRO B 324 -85.82 0.11 -83.63
N GLU B 325 -86.28 1.20 -83.02
CA GLU B 325 -87.68 1.57 -83.12
C GLU B 325 -88.05 1.94 -84.57
N ASN B 326 -87.20 2.69 -85.25
CA ASN B 326 -87.47 2.98 -86.64
C ASN B 326 -86.59 2.15 -87.57
N ALA B 327 -85.35 2.57 -87.73
CA ALA B 327 -84.35 1.96 -88.61
C ALA B 327 -84.98 1.74 -89.98
N SER B 328 -84.61 0.65 -90.62
CA SER B 328 -85.34 0.06 -91.73
C SER B 328 -84.84 -1.37 -91.86
N ILE B 329 -85.67 -2.23 -92.43
CA ILE B 329 -85.34 -3.65 -92.49
C ILE B 329 -85.79 -4.22 -93.83
N ASP B 330 -84.92 -5.03 -94.41
CA ASP B 330 -85.21 -5.75 -95.64
C ASP B 330 -86.06 -6.97 -95.29
N THR B 331 -86.19 -7.92 -96.20
CA THR B 331 -86.77 -9.21 -95.83
C THR B 331 -86.03 -9.73 -94.60
N GLY B 332 -86.79 -10.23 -93.64
CA GLY B 332 -86.24 -10.55 -92.34
C GLY B 332 -86.71 -9.62 -91.22
N MET B 333 -86.53 -9.96 -89.93
CA MET B 333 -85.98 -11.21 -89.36
C MET B 333 -84.67 -11.69 -90.02
N SER B 334 -84.66 -12.93 -90.53
CA SER B 334 -83.55 -13.46 -91.32
C SER B 334 -82.20 -13.38 -90.54
N GLY B 335 -81.14 -12.61 -90.89
CA GLY B 335 -81.08 -11.36 -91.65
C GLY B 335 -80.82 -10.19 -90.72
N ILE B 336 -81.19 -10.36 -89.46
CA ILE B 336 -80.73 -9.51 -88.36
C ILE B 336 -80.58 -10.41 -87.15
N GLY B 337 -79.61 -10.09 -86.31
CA GLY B 337 -79.38 -10.87 -85.12
C GLY B 337 -78.90 -12.28 -85.41
N SER B 338 -78.85 -13.07 -84.34
CA SER B 338 -78.19 -14.36 -84.36
C SER B 338 -79.15 -15.46 -83.96
N GLY B 339 -78.94 -16.66 -84.52
CA GLY B 339 -79.71 -17.79 -84.07
C GLY B 339 -79.22 -18.31 -82.73
N PHE B 340 -80.16 -18.67 -81.87
CA PHE B 340 -79.84 -19.21 -80.55
C PHE B 340 -79.85 -20.72 -80.63
N ASP B 341 -78.71 -21.33 -80.29
CA ASP B 341 -78.53 -22.76 -80.51
C ASP B 341 -77.66 -23.36 -79.40
N PRO B 342 -77.97 -24.58 -78.95
CA PRO B 342 -79.26 -25.26 -78.97
C PRO B 342 -80.23 -24.81 -77.90
N PRO B 343 -81.46 -24.46 -78.26
CA PRO B 343 -82.57 -24.66 -77.34
C PRO B 343 -83.21 -26.04 -77.49
N GLN B 344 -83.62 -26.80 -76.46
CA GLN B 344 -82.97 -26.97 -75.16
C GLN B 344 -82.71 -25.65 -74.39
N GLY B 345 -81.66 -25.44 -73.58
CA GLY B 345 -80.73 -26.40 -72.99
C GLY B 345 -81.42 -27.38 -72.07
N SER B 346 -80.70 -28.41 -71.66
CA SER B 346 -81.26 -29.50 -70.87
C SER B 346 -82.50 -30.04 -71.55
N LEU B 347 -83.53 -30.33 -70.77
CA LEU B 347 -84.90 -30.48 -71.25
C LEU B 347 -84.96 -31.31 -72.53
N ALA B 348 -84.84 -32.63 -72.41
CA ALA B 348 -84.45 -33.49 -73.52
C ALA B 348 -85.23 -33.16 -74.79
N PRO B 349 -84.56 -33.03 -75.93
CA PRO B 349 -85.20 -32.48 -77.13
C PRO B 349 -86.17 -33.46 -77.78
N THR B 350 -86.99 -32.90 -78.67
CA THR B 350 -87.95 -33.69 -79.42
C THR B 350 -87.28 -34.42 -80.58
N ASN B 351 -86.79 -33.68 -81.57
CA ASN B 351 -86.16 -34.34 -82.70
C ASN B 351 -84.72 -33.87 -82.86
N LEU B 352 -84.10 -34.35 -83.93
CA LEU B 352 -82.70 -34.09 -84.24
C LEU B 352 -82.41 -32.60 -84.34
N GLU B 353 -83.43 -31.81 -84.65
CA GLU B 353 -83.23 -30.40 -84.95
C GLU B 353 -82.61 -29.65 -83.78
N TYR B 354 -82.83 -30.11 -82.55
CA TYR B 354 -82.30 -29.49 -81.35
C TYR B 354 -81.04 -30.18 -80.82
N LYS B 355 -80.56 -31.22 -81.47
CA LYS B 355 -79.67 -32.20 -80.86
C LYS B 355 -78.21 -31.81 -80.99
N ILE B 356 -77.94 -30.59 -81.43
CA ILE B 356 -76.65 -30.08 -81.91
C ILE B 356 -76.22 -30.97 -83.07
N GLN B 357 -74.92 -30.99 -83.37
CA GLN B 357 -74.30 -31.78 -84.43
C GLN B 357 -72.94 -31.17 -84.67
N TRP B 358 -71.99 -31.88 -85.26
CA TRP B 358 -70.83 -31.23 -85.86
C TRP B 358 -70.14 -32.21 -86.80
N TYR B 359 -69.32 -31.68 -87.70
CA TYR B 359 -68.73 -32.54 -88.73
C TYR B 359 -67.35 -33.04 -88.36
N GLN B 360 -66.74 -32.48 -87.31
CA GLN B 360 -65.39 -32.85 -86.86
C GLN B 360 -64.41 -33.00 -88.00
N THR B 361 -64.57 -32.19 -89.05
CA THR B 361 -63.78 -32.29 -90.27
C THR B 361 -64.22 -31.19 -91.21
N PRO B 362 -63.27 -30.47 -91.82
CA PRO B 362 -63.66 -29.48 -92.83
C PRO B 362 -64.15 -30.10 -94.12
N GLN B 363 -63.69 -31.30 -94.44
CA GLN B 363 -64.14 -31.96 -95.66
C GLN B 363 -65.55 -32.52 -95.52
N GLY B 364 -66.14 -32.42 -94.34
CA GLY B 364 -67.45 -32.99 -94.11
C GLY B 364 -68.55 -32.41 -94.97
N THR B 365 -69.23 -33.26 -95.74
CA THR B 365 -70.35 -32.86 -96.56
C THR B 365 -71.61 -32.89 -95.71
N ASN B 366 -72.78 -32.77 -96.35
CA ASN B 366 -74.03 -32.69 -95.59
C ASN B 366 -74.17 -33.84 -94.61
N ASN B 367 -74.17 -35.08 -95.11
CA ASN B 367 -74.04 -36.24 -94.24
C ASN B 367 -72.74 -36.94 -94.56
N ASN B 368 -71.75 -36.73 -93.68
CA ASN B 368 -70.41 -37.30 -93.67
C ASN B 368 -69.75 -36.65 -92.46
N GLY B 369 -68.74 -37.26 -91.88
CA GLY B 369 -68.35 -36.76 -90.58
C GLY B 369 -69.61 -36.80 -89.75
N ASN B 370 -70.05 -35.64 -89.30
CA ASN B 370 -71.45 -35.44 -88.91
C ASN B 370 -71.83 -36.25 -87.69
N ILE B 371 -71.02 -36.20 -86.65
CA ILE B 371 -71.37 -36.91 -85.42
C ILE B 371 -72.38 -36.06 -84.66
N ILE B 372 -73.38 -36.72 -84.13
CA ILE B 372 -74.52 -36.05 -83.55
C ILE B 372 -74.54 -36.30 -82.05
N SER B 373 -74.85 -35.26 -81.27
CA SER B 373 -74.89 -35.41 -79.83
C SER B 373 -75.97 -36.40 -79.43
N ASN B 374 -75.83 -36.97 -78.24
CA ASN B 374 -76.69 -38.03 -77.76
C ASN B 374 -76.95 -37.83 -76.28
N GLN B 375 -77.90 -38.59 -75.74
CA GLN B 375 -78.21 -38.42 -74.33
C GLN B 375 -77.16 -39.11 -73.46
N PRO B 376 -76.68 -38.46 -72.40
CA PRO B 376 -75.68 -39.09 -71.53
C PRO B 376 -76.23 -40.26 -70.74
N LEU B 377 -77.56 -40.39 -70.67
CA LEU B 377 -78.29 -41.32 -69.81
C LEU B 377 -78.20 -40.88 -68.36
N SER B 378 -77.46 -39.83 -68.05
CA SER B 378 -77.57 -39.16 -66.76
C SER B 378 -78.99 -38.68 -66.56
N MET B 379 -79.44 -38.70 -65.32
CA MET B 379 -80.84 -38.44 -65.03
C MET B 379 -81.14 -36.98 -64.75
N LEU B 380 -80.18 -36.07 -64.87
CA LEU B 380 -80.44 -34.72 -64.41
C LEU B 380 -81.32 -33.80 -65.27
N ARG B 381 -80.98 -33.28 -66.47
CA ARG B 381 -80.22 -33.70 -67.67
C ARG B 381 -81.15 -34.37 -68.72
N ASP B 382 -82.40 -34.66 -68.35
CA ASP B 382 -83.36 -35.08 -69.36
C ASP B 382 -84.58 -34.16 -69.31
N GLN B 383 -85.30 -34.19 -68.19
CA GLN B 383 -86.13 -33.08 -67.76
C GLN B 383 -87.21 -32.70 -68.78
N ALA B 384 -88.23 -33.55 -68.84
CA ALA B 384 -89.46 -33.10 -69.46
C ALA B 384 -90.22 -32.20 -68.50
N LEU B 385 -91.38 -31.71 -68.95
CA LEU B 385 -92.34 -31.09 -68.06
C LEU B 385 -93.70 -31.22 -68.71
N PHE B 386 -94.74 -31.38 -67.91
CA PHE B 386 -96.01 -31.91 -68.39
C PHE B 386 -97.20 -30.98 -68.17
N ARG B 387 -97.46 -30.57 -66.94
CA ARG B 387 -98.63 -29.70 -66.69
C ARG B 387 -99.90 -30.46 -67.10
N GLY B 388 -100.92 -29.76 -67.56
CA GLY B 388 -102.12 -30.36 -68.12
C GLY B 388 -102.81 -31.35 -67.21
N ASN B 389 -103.83 -32.03 -67.74
CA ASN B 389 -104.83 -31.38 -68.57
C ASN B 389 -106.06 -31.30 -67.69
N GLN B 390 -105.90 -31.85 -66.48
CA GLN B 390 -106.91 -32.41 -65.57
C GLN B 390 -107.23 -33.84 -65.97
N THR B 391 -106.81 -34.28 -67.16
CA THR B 391 -107.05 -35.63 -67.66
C THR B 391 -105.74 -36.27 -68.10
N THR B 392 -105.01 -35.62 -69.01
CA THR B 392 -103.76 -36.13 -69.55
C THR B 392 -102.65 -35.12 -69.27
N TYR B 393 -101.41 -35.59 -69.21
CA TYR B 393 -100.26 -34.70 -69.17
C TYR B 393 -99.83 -34.40 -70.60
N ASN B 394 -99.44 -33.15 -70.86
CA ASN B 394 -99.05 -32.71 -72.19
C ASN B 394 -97.73 -31.95 -72.12
N LEU B 395 -96.69 -32.52 -72.74
CA LEU B 395 -95.38 -31.89 -72.71
C LEU B 395 -95.46 -30.44 -73.14
N CYS B 396 -94.88 -29.55 -72.34
CA CYS B 396 -95.06 -28.12 -72.50
C CYS B 396 -93.80 -27.48 -73.08
N SER B 397 -94.02 -26.61 -74.06
CA SER B 397 -92.97 -25.76 -74.62
C SER B 397 -92.54 -24.72 -73.58
N ASP B 398 -91.41 -24.07 -73.87
CA ASP B 398 -90.78 -23.12 -72.96
C ASP B 398 -90.29 -23.83 -71.71
N VAL B 399 -90.80 -23.48 -70.53
CA VAL B 399 -90.12 -23.69 -69.24
C VAL B 399 -88.94 -22.74 -69.10
N TRP B 400 -89.24 -21.49 -68.77
CA TRP B 400 -88.27 -20.46 -68.43
C TRP B 400 -87.68 -20.71 -67.05
N MET B 401 -86.89 -19.75 -66.56
CA MET B 401 -86.29 -19.91 -65.24
C MET B 401 -87.34 -19.88 -64.14
N PHE B 402 -87.09 -20.66 -63.10
CA PHE B 402 -88.01 -20.86 -61.99
C PHE B 402 -87.17 -21.14 -60.75
N PRO B 403 -87.65 -20.75 -59.56
CA PRO B 403 -86.78 -20.76 -58.38
C PRO B 403 -86.09 -22.07 -58.04
N ASN B 404 -86.79 -23.18 -58.11
CA ASN B 404 -86.25 -24.43 -57.61
C ASN B 404 -85.54 -25.24 -58.68
N GLN B 405 -85.32 -24.69 -59.86
CA GLN B 405 -84.85 -25.50 -60.97
C GLN B 405 -83.46 -26.07 -60.72
N ILE B 406 -83.27 -27.31 -61.16
CA ILE B 406 -81.95 -27.90 -61.32
C ILE B 406 -81.82 -28.45 -62.71
N TRP B 407 -80.70 -28.16 -63.36
CA TRP B 407 -80.34 -28.82 -64.59
C TRP B 407 -78.87 -29.16 -64.49
N ASP B 408 -78.42 -29.99 -65.40
CA ASP B 408 -77.03 -30.38 -65.45
C ASP B 408 -76.40 -29.77 -66.68
N ARG B 409 -75.24 -29.17 -66.51
CA ARG B 409 -74.57 -28.52 -67.62
C ARG B 409 -74.28 -29.55 -68.70
N TYR B 410 -74.21 -29.10 -69.95
CA TYR B 410 -74.05 -30.01 -71.07
C TYR B 410 -72.85 -30.93 -70.83
N PRO B 411 -73.00 -32.22 -71.10
CA PRO B 411 -71.95 -33.19 -70.71
C PRO B 411 -70.63 -33.00 -71.42
N ILE B 412 -70.61 -32.16 -72.45
CA ILE B 412 -69.52 -31.94 -73.38
C ILE B 412 -68.95 -33.26 -73.90
N THR B 413 -67.67 -33.25 -74.25
CA THR B 413 -66.97 -34.34 -74.91
C THR B 413 -65.58 -33.85 -75.29
N ARG B 414 -64.76 -34.71 -75.88
CA ARG B 414 -63.41 -34.30 -76.24
C ARG B 414 -63.38 -33.26 -77.35
N GLU B 415 -64.44 -33.16 -78.15
CA GLU B 415 -64.47 -32.28 -79.31
C GLU B 415 -64.88 -30.86 -79.00
N ASN B 416 -65.17 -30.54 -77.77
CA ASN B 416 -65.83 -29.29 -77.45
C ASN B 416 -64.83 -28.17 -77.22
N PRO B 417 -65.27 -26.93 -77.39
CA PRO B 417 -64.48 -25.80 -76.91
C PRO B 417 -64.40 -25.77 -75.41
N ILE B 418 -63.22 -25.40 -74.90
CA ILE B 418 -63.02 -25.36 -73.46
C ILE B 418 -63.80 -24.20 -72.86
N TRP B 419 -63.64 -23.01 -73.40
CA TRP B 419 -64.19 -21.81 -72.81
C TRP B 419 -64.92 -20.99 -73.86
N CYS B 420 -65.66 -20.00 -73.37
CA CYS B 420 -66.31 -18.98 -74.17
C CYS B 420 -66.26 -17.69 -73.38
N LYS B 421 -66.10 -16.56 -74.07
CA LYS B 421 -66.00 -15.31 -73.36
C LYS B 421 -67.39 -14.79 -72.98
N LYS B 422 -67.57 -14.46 -71.72
CA LYS B 422 -68.80 -13.85 -71.25
C LYS B 422 -68.75 -12.36 -71.56
N PRO B 423 -69.62 -11.89 -72.45
CA PRO B 423 -69.55 -10.46 -72.84
C PRO B 423 -69.87 -9.53 -71.68
N ARG B 424 -69.14 -8.42 -71.64
CA ARG B 424 -69.31 -7.44 -70.58
C ARG B 424 -70.64 -6.73 -70.73
N SER B 425 -71.44 -6.77 -69.66
CA SER B 425 -72.73 -6.10 -69.68
C SER B 425 -73.14 -5.83 -68.25
N ASP B 426 -74.08 -4.92 -68.09
CA ASP B 426 -74.53 -4.54 -66.76
C ASP B 426 -75.13 -5.73 -66.02
N LYS B 427 -76.14 -6.35 -66.62
CA LYS B 427 -76.91 -7.39 -65.95
C LYS B 427 -76.85 -8.67 -66.75
N HIS B 428 -76.93 -9.80 -66.03
CA HIS B 428 -77.02 -11.10 -66.68
C HIS B 428 -77.59 -12.10 -65.70
N THR B 429 -78.07 -13.21 -66.25
CA THR B 429 -78.59 -14.33 -65.49
C THR B 429 -77.51 -15.37 -65.20
N THR B 430 -77.91 -16.59 -64.87
CA THR B 430 -77.00 -17.57 -64.28
C THR B 430 -75.73 -17.79 -65.10
N ILE B 431 -75.79 -17.56 -66.41
CA ILE B 431 -74.67 -17.81 -67.32
C ILE B 431 -74.27 -19.28 -67.32
N ASP B 432 -75.11 -20.14 -67.89
CA ASP B 432 -74.70 -21.48 -68.23
C ASP B 432 -74.78 -21.66 -69.73
N PRO B 433 -73.66 -21.67 -70.46
CA PRO B 433 -73.76 -21.85 -71.92
C PRO B 433 -74.24 -23.25 -72.27
N PHE B 434 -75.11 -23.32 -73.27
CA PHE B 434 -75.68 -24.59 -73.67
C PHE B 434 -74.81 -25.34 -74.66
N ASP B 435 -73.66 -24.78 -75.00
CA ASP B 435 -72.64 -25.46 -75.77
C ASP B 435 -71.73 -26.27 -74.88
N GLY B 436 -72.06 -26.36 -73.60
CA GLY B 436 -71.08 -26.78 -72.62
C GLY B 436 -70.08 -25.66 -72.48
N SER B 437 -68.80 -25.96 -72.72
CA SER B 437 -67.73 -24.98 -72.62
C SER B 437 -67.77 -24.27 -71.27
N LEU B 438 -67.45 -22.99 -71.26
CA LEU B 438 -67.31 -22.23 -70.04
C LEU B 438 -67.47 -20.77 -70.37
N ALA B 439 -67.73 -19.97 -69.34
CA ALA B 439 -67.80 -18.53 -69.48
C ALA B 439 -66.78 -17.91 -68.54
N MET B 440 -66.03 -16.95 -69.04
CA MET B 440 -65.06 -16.25 -68.22
C MET B 440 -65.09 -14.77 -68.55
N ASP B 441 -64.91 -13.94 -67.52
CA ASP B 441 -64.73 -12.52 -67.75
C ASP B 441 -63.59 -12.28 -68.73
N HIS B 442 -62.41 -12.75 -68.37
CA HIS B 442 -61.26 -12.71 -69.26
C HIS B 442 -60.82 -14.13 -69.57
N PRO B 443 -61.11 -14.63 -70.76
CA PRO B 443 -60.58 -15.91 -71.17
C PRO B 443 -59.11 -15.76 -71.52
N PRO B 444 -58.46 -16.80 -72.00
CA PRO B 444 -57.10 -16.62 -72.54
C PRO B 444 -57.12 -15.57 -73.63
N GLY B 445 -56.23 -14.58 -73.49
CA GLY B 445 -56.13 -13.55 -74.49
C GLY B 445 -55.67 -14.13 -75.81
N THR B 446 -56.37 -13.80 -76.88
CA THR B 446 -55.99 -14.30 -78.19
C THR B 446 -54.63 -13.74 -78.57
N ILE B 447 -53.75 -14.62 -79.02
CA ILE B 447 -52.43 -14.23 -79.48
C ILE B 447 -52.51 -13.98 -80.97
N PHE B 448 -52.18 -12.78 -81.38
CA PHE B 448 -52.23 -12.37 -82.78
C PHE B 448 -50.82 -12.32 -83.33
N ILE B 449 -50.68 -12.60 -84.61
CA ILE B 449 -49.37 -12.67 -85.24
C ILE B 449 -49.50 -12.26 -86.70
N LYS B 450 -48.51 -11.54 -87.19
CA LYS B 450 -48.55 -10.95 -88.53
C LYS B 450 -47.14 -11.00 -89.09
N MET B 451 -47.03 -10.78 -90.40
CA MET B 451 -45.79 -11.01 -91.11
C MET B 451 -44.91 -9.78 -91.31
N ALA B 452 -45.26 -8.63 -90.71
CA ALA B 452 -44.35 -7.50 -90.74
C ALA B 452 -44.04 -7.03 -92.16
N LYS B 453 -44.96 -6.29 -92.76
CA LYS B 453 -44.86 -5.91 -94.16
C LYS B 453 -43.48 -5.38 -94.49
N ILE B 454 -42.87 -5.96 -95.53
CA ILE B 454 -41.59 -5.49 -96.03
C ILE B 454 -41.85 -4.91 -97.42
N PRO B 455 -41.86 -3.60 -97.57
CA PRO B 455 -42.23 -3.02 -98.85
C PRO B 455 -41.05 -3.07 -99.83
N VAL B 456 -41.33 -2.67 -101.05
CA VAL B 456 -40.32 -2.68 -102.10
C VAL B 456 -40.50 -1.41 -102.92
N PRO B 457 -39.42 -0.80 -103.41
CA PRO B 457 -39.54 0.49 -104.07
C PRO B 457 -40.18 0.37 -105.45
N SER B 458 -40.91 1.41 -105.82
CA SER B 458 -41.51 1.50 -107.15
C SER B 458 -41.66 2.96 -107.53
N ASN B 459 -42.12 3.19 -108.76
CA ASN B 459 -42.27 4.54 -109.29
C ASN B 459 -43.59 5.19 -108.87
N ASN B 460 -44.67 4.42 -108.91
CA ASN B 460 -46.02 4.94 -108.79
C ASN B 460 -46.29 5.95 -107.64
N ASN B 461 -45.88 5.65 -106.39
CA ASN B 461 -45.19 4.44 -106.00
C ASN B 461 -46.13 3.48 -105.29
N ALA B 462 -45.59 2.34 -104.89
CA ALA B 462 -46.32 1.29 -104.20
C ALA B 462 -47.56 0.86 -105.03
N ASP B 463 -48.65 0.33 -104.44
CA ASP B 463 -48.59 -0.56 -103.27
C ASP B 463 -47.96 -1.88 -103.67
N SER B 464 -46.87 -2.21 -102.99
CA SER B 464 -46.13 -3.42 -103.29
C SER B 464 -45.38 -3.83 -102.04
N TYR B 465 -45.14 -5.13 -101.91
CA TYR B 465 -44.52 -5.66 -100.71
C TYR B 465 -43.85 -6.97 -101.06
N LEU B 466 -42.99 -7.41 -100.15
CA LEU B 466 -42.22 -8.62 -100.37
C LEU B 466 -42.99 -9.81 -99.82
N ASN B 467 -42.99 -10.91 -100.57
CA ASN B 467 -43.84 -12.05 -100.26
C ASN B 467 -43.07 -13.03 -99.39
N ILE B 468 -43.49 -13.18 -98.14
CA ILE B 468 -42.81 -14.01 -97.16
C ILE B 468 -43.85 -14.77 -96.35
N TYR B 469 -43.38 -15.74 -95.56
CA TYR B 469 -44.22 -16.40 -94.59
C TYR B 469 -43.35 -16.84 -93.42
N CYS B 470 -44.00 -17.07 -92.30
CA CYS B 470 -43.31 -17.45 -91.08
C CYS B 470 -43.66 -18.88 -90.73
N THR B 471 -42.78 -19.51 -89.99
CA THR B 471 -42.99 -20.88 -89.57
C THR B 471 -42.32 -21.04 -88.22
N GLY B 472 -42.95 -21.78 -87.32
CA GLY B 472 -42.38 -21.88 -86.00
C GLY B 472 -43.16 -22.85 -85.16
N GLN B 473 -42.91 -22.81 -83.85
CA GLN B 473 -43.46 -23.79 -82.95
C GLN B 473 -44.11 -23.11 -81.76
N VAL B 474 -45.39 -23.39 -81.56
CA VAL B 474 -46.11 -22.97 -80.37
C VAL B 474 -46.13 -24.14 -79.40
N SER B 475 -45.89 -23.86 -78.13
CA SER B 475 -46.05 -24.87 -77.10
C SER B 475 -47.07 -24.34 -76.11
N CYS B 476 -48.23 -24.96 -76.08
CA CYS B 476 -49.27 -24.58 -75.14
C CYS B 476 -49.26 -25.59 -74.00
N GLU B 477 -48.81 -25.16 -72.84
CA GLU B 477 -48.71 -26.01 -71.66
C GLU B 477 -49.67 -25.47 -70.62
N ILE B 478 -50.73 -26.21 -70.34
CA ILE B 478 -51.78 -25.74 -69.45
C ILE B 478 -51.94 -26.70 -68.29
N VAL B 479 -52.20 -26.14 -67.12
CA VAL B 479 -52.35 -26.90 -65.89
C VAL B 479 -53.82 -26.98 -65.56
N TRP B 480 -54.26 -28.14 -65.10
CA TRP B 480 -55.67 -28.39 -64.85
C TRP B 480 -55.85 -28.71 -63.38
N GLU B 481 -56.60 -27.87 -62.66
CA GLU B 481 -57.07 -28.28 -61.35
C GLU B 481 -57.99 -29.47 -61.52
N VAL B 482 -57.70 -30.54 -60.79
CA VAL B 482 -58.39 -31.80 -61.01
C VAL B 482 -58.69 -32.41 -59.65
N GLU B 483 -59.83 -33.10 -59.55
CA GLU B 483 -60.27 -33.71 -58.30
C GLU B 483 -60.68 -35.14 -58.56
N ARG B 484 -60.26 -36.04 -57.68
CA ARG B 484 -60.39 -37.47 -57.89
C ARG B 484 -61.56 -38.01 -57.07
N TYR B 485 -62.25 -39.01 -57.62
CA TYR B 485 -63.53 -39.40 -57.05
C TYR B 485 -63.39 -40.57 -56.10
N ALA B 486 -64.20 -40.54 -55.05
CA ALA B 486 -64.39 -41.67 -54.16
C ALA B 486 -65.88 -41.81 -53.91
N THR B 487 -66.36 -43.05 -53.82
CA THR B 487 -67.78 -43.25 -53.66
C THR B 487 -68.03 -44.54 -52.89
N LYS B 488 -69.22 -44.62 -52.32
CA LYS B 488 -69.63 -45.78 -51.54
C LYS B 488 -70.44 -46.78 -52.34
N ASN B 489 -70.61 -46.55 -53.63
CA ASN B 489 -71.33 -47.50 -54.46
C ASN B 489 -70.65 -48.86 -54.43
N TRP B 490 -71.45 -49.91 -54.37
CA TRP B 490 -70.92 -51.26 -54.37
C TRP B 490 -70.59 -51.73 -55.78
N ARG B 491 -71.30 -51.25 -56.76
CA ARG B 491 -71.30 -51.80 -58.09
C ARG B 491 -70.25 -51.17 -59.00
N PRO B 492 -69.92 -51.83 -60.11
CA PRO B 492 -68.76 -51.42 -60.92
C PRO B 492 -68.82 -50.04 -61.56
N GLU B 493 -69.97 -49.37 -61.61
CA GLU B 493 -70.16 -48.09 -62.33
C GLU B 493 -69.80 -48.29 -63.81
N ARG B 494 -69.19 -47.32 -64.46
CA ARG B 494 -69.04 -47.33 -65.90
C ARG B 494 -67.78 -46.58 -66.29
N ARG B 495 -67.13 -47.01 -67.36
CA ARG B 495 -65.93 -46.37 -67.84
C ARG B 495 -66.03 -46.22 -69.35
N HIS B 496 -64.97 -45.73 -69.97
CA HIS B 496 -64.91 -45.62 -71.41
C HIS B 496 -63.92 -46.66 -71.93
N THR B 497 -64.46 -47.73 -72.51
CA THR B 497 -63.68 -48.71 -73.23
C THR B 497 -63.43 -48.25 -74.65
N THR B 498 -62.38 -48.83 -75.25
CA THR B 498 -62.28 -48.80 -76.70
C THR B 498 -63.42 -49.57 -77.36
N PHE B 499 -64.13 -50.41 -76.62
CA PHE B 499 -65.18 -51.17 -77.28
C PHE B 499 -66.33 -50.29 -77.75
N GLY B 500 -66.50 -49.11 -77.17
CA GLY B 500 -67.40 -48.14 -77.78
C GLY B 500 -66.91 -47.71 -79.14
N LEU B 501 -65.61 -47.77 -79.37
CA LEU B 501 -65.01 -47.38 -80.62
C LEU B 501 -65.27 -48.44 -81.69
N GLY B 502 -65.07 -48.06 -82.94
CA GLY B 502 -65.32 -48.99 -84.04
C GLY B 502 -64.33 -48.75 -85.17
N ILE B 503 -64.26 -49.74 -86.06
CA ILE B 503 -63.22 -49.84 -87.08
C ILE B 503 -63.59 -48.96 -88.26
N GLY B 504 -62.59 -48.38 -88.92
CA GLY B 504 -62.88 -47.54 -90.07
C GLY B 504 -61.65 -47.17 -90.86
N GLY B 505 -61.90 -46.51 -91.99
CA GLY B 505 -60.90 -45.94 -92.88
C GLY B 505 -60.42 -46.92 -93.93
N ALA B 506 -60.13 -46.39 -95.12
CA ALA B 506 -59.61 -47.14 -96.28
C ALA B 506 -60.30 -48.48 -96.45
N ASP B 507 -59.50 -49.52 -96.68
CA ASP B 507 -59.92 -50.86 -96.31
C ASP B 507 -60.05 -50.90 -94.81
N ASN B 508 -61.13 -51.52 -94.31
CA ASN B 508 -61.68 -51.17 -93.00
C ASN B 508 -60.62 -51.12 -91.91
N LEU B 509 -59.46 -51.75 -92.13
CA LEU B 509 -58.43 -51.89 -91.11
C LEU B 509 -58.06 -50.57 -90.47
N ASN B 510 -57.62 -50.66 -89.22
CA ASN B 510 -57.31 -49.68 -88.18
C ASN B 510 -58.62 -49.28 -87.51
N PRO B 511 -58.64 -49.11 -86.19
CA PRO B 511 -59.94 -48.95 -85.54
C PRO B 511 -60.58 -47.58 -85.63
N THR B 512 -60.08 -46.62 -84.87
CA THR B 512 -60.74 -45.32 -84.82
C THR B 512 -59.76 -44.16 -84.67
N TYR B 513 -59.09 -44.05 -83.53
CA TYR B 513 -58.06 -43.02 -83.41
C TYR B 513 -56.74 -43.66 -83.82
N HIS B 514 -56.34 -43.39 -85.05
CA HIS B 514 -55.27 -44.16 -85.66
C HIS B 514 -55.12 -43.69 -87.10
N VAL B 515 -53.97 -44.00 -87.68
CA VAL B 515 -53.67 -43.58 -89.04
C VAL B 515 -54.23 -44.56 -90.07
N ASP B 516 -54.46 -44.05 -91.27
CA ASP B 516 -54.86 -44.82 -92.44
C ASP B 516 -53.59 -45.28 -93.18
N LYS B 517 -53.71 -45.76 -94.42
CA LYS B 517 -52.55 -46.39 -95.05
C LYS B 517 -51.55 -45.72 -96.06
N ASN B 518 -51.69 -44.55 -96.70
CA ASN B 518 -52.83 -43.62 -96.90
C ASN B 518 -52.96 -42.64 -95.76
N GLY B 519 -52.04 -42.69 -94.81
CA GLY B 519 -52.37 -42.32 -93.45
C GLY B 519 -53.09 -41.01 -93.29
N THR B 520 -54.32 -41.15 -92.81
CA THR B 520 -55.23 -40.08 -92.47
C THR B 520 -55.90 -40.50 -91.19
N TYR B 521 -55.79 -39.68 -90.17
CA TYR B 521 -56.31 -40.00 -88.86
C TYR B 521 -57.80 -40.30 -88.96
N ILE B 522 -58.20 -41.50 -88.52
CA ILE B 522 -59.59 -41.90 -88.68
C ILE B 522 -60.45 -41.13 -87.69
N GLN B 523 -61.49 -40.60 -88.16
CA GLN B 523 -62.24 -39.82 -87.21
C GLN B 523 -63.27 -40.67 -86.49
N PRO B 524 -63.52 -40.35 -85.22
CA PRO B 524 -64.56 -41.03 -84.47
C PRO B 524 -65.94 -40.75 -85.05
N THR B 525 -66.72 -41.81 -85.25
CA THR B 525 -68.03 -41.72 -85.87
C THR B 525 -69.13 -41.91 -84.82
N THR B 526 -70.06 -40.96 -84.81
CA THR B 526 -71.06 -40.59 -83.81
C THR B 526 -70.51 -40.25 -82.42
N TRP B 527 -71.36 -40.34 -81.40
CA TRP B 527 -71.15 -39.56 -80.19
C TRP B 527 -70.33 -40.32 -79.16
N ASP B 528 -70.59 -41.61 -78.97
CA ASP B 528 -69.93 -42.35 -77.91
C ASP B 528 -68.44 -42.50 -78.16
N MET B 529 -68.02 -42.53 -79.42
CA MET B 529 -66.59 -42.58 -79.75
C MET B 529 -65.81 -41.56 -78.96
N CYS B 530 -66.02 -40.28 -79.27
CA CYS B 530 -65.60 -39.22 -78.37
C CYS B 530 -66.19 -39.49 -77.00
N PHE B 531 -65.34 -39.50 -75.98
CA PHE B 531 -65.82 -40.03 -74.71
C PHE B 531 -66.29 -38.88 -73.83
N PRO B 532 -67.59 -38.70 -73.66
CA PRO B 532 -68.07 -37.52 -72.94
C PRO B 532 -67.91 -37.69 -71.44
N VAL B 533 -67.59 -36.60 -70.77
CA VAL B 533 -67.72 -36.63 -69.33
C VAL B 533 -69.19 -36.61 -68.98
N LYS B 534 -69.49 -36.96 -67.72
CA LYS B 534 -70.81 -36.89 -67.10
C LYS B 534 -71.60 -38.15 -67.39
N THR B 535 -71.09 -39.05 -68.22
CA THR B 535 -71.70 -40.36 -68.41
C THR B 535 -71.13 -41.42 -67.49
N ASN B 536 -70.19 -41.05 -66.62
CA ASN B 536 -69.52 -42.02 -65.78
C ASN B 536 -69.62 -41.63 -64.32
N ILE B 537 -68.96 -42.43 -63.49
CA ILE B 537 -68.97 -42.34 -62.04
C ILE B 537 -70.42 -42.37 -61.57
N ASN B 538 -70.71 -41.71 -60.46
CA ASN B 538 -72.06 -41.48 -59.95
C ASN B 538 -71.96 -40.39 -58.92
N LYS B 539 -73.08 -39.77 -58.59
CA LYS B 539 -73.14 -38.87 -57.45
C LYS B 539 -74.47 -39.05 -56.74
N VAL B 540 -74.41 -39.19 -55.42
CA VAL B 540 -75.62 -39.04 -54.64
C VAL B 540 -76.02 -37.58 -54.67
N LEU B 541 -77.25 -37.31 -55.06
CA LEU B 541 -77.71 -35.93 -55.15
C LEU B 541 -77.95 -35.36 -53.76
N GLY C 34 -29.37 -10.69 -76.60
CA GLY C 34 -28.48 -10.98 -77.71
C GLY C 34 -28.20 -9.80 -78.60
N SER C 35 -27.43 -10.03 -79.67
CA SER C 35 -27.09 -8.98 -80.61
C SER C 35 -26.75 -9.61 -81.96
N GLY C 36 -26.78 -8.78 -82.99
CA GLY C 36 -26.42 -9.21 -84.33
C GLY C 36 -27.64 -9.48 -85.19
N VAL C 37 -27.36 -9.91 -86.43
CA VAL C 37 -28.43 -10.29 -87.34
C VAL C 37 -29.23 -11.43 -86.74
N GLY C 38 -30.53 -11.41 -86.97
CA GLY C 38 -31.42 -12.42 -86.43
C GLY C 38 -31.98 -12.10 -85.06
N ILE C 39 -31.63 -10.96 -84.49
CA ILE C 39 -32.16 -10.52 -83.20
C ILE C 39 -32.75 -9.14 -83.43
N SER C 40 -34.06 -9.02 -83.28
CA SER C 40 -34.71 -7.73 -83.54
C SER C 40 -34.26 -6.71 -82.50
N THR C 41 -34.10 -5.47 -82.94
CA THR C 41 -33.56 -4.46 -82.03
C THR C 41 -34.61 -3.91 -81.11
N GLY C 42 -35.79 -3.60 -81.64
CA GLY C 42 -36.88 -3.09 -80.81
C GLY C 42 -38.20 -3.52 -81.40
N GLY C 43 -39.23 -3.41 -80.57
CA GLY C 43 -40.56 -3.86 -80.95
C GLY C 43 -41.46 -2.71 -81.37
N TRP C 44 -42.66 -3.08 -81.79
CA TRP C 44 -43.67 -2.11 -82.20
C TRP C 44 -44.18 -1.36 -80.99
N VAL C 45 -44.69 -0.15 -81.23
CA VAL C 45 -45.08 0.76 -80.16
C VAL C 45 -46.29 1.56 -80.64
N GLY C 46 -47.16 1.94 -79.70
CA GLY C 46 -48.23 2.86 -80.01
C GLY C 46 -49.29 2.85 -78.92
N GLY C 47 -50.40 3.55 -79.21
CA GLY C 47 -51.63 3.43 -78.44
C GLY C 47 -51.98 4.61 -77.54
N SER C 48 -51.20 5.67 -77.56
CA SER C 48 -51.32 6.85 -76.71
C SER C 48 -51.41 6.59 -75.21
N TYR C 49 -51.90 7.58 -74.46
CA TYR C 49 -51.90 7.45 -73.00
C TYR C 49 -53.01 8.18 -72.27
N PHE C 50 -52.99 9.53 -72.30
CA PHE C 50 -53.95 10.42 -71.65
C PHE C 50 -54.02 10.42 -70.13
N THR C 51 -53.08 11.09 -69.48
CA THR C 51 -53.19 11.54 -68.09
C THR C 51 -53.48 13.04 -68.07
N ASP C 52 -54.17 13.49 -67.02
CA ASP C 52 -54.58 14.88 -66.86
C ASP C 52 -53.45 15.87 -67.11
N SER C 53 -52.25 15.56 -66.64
CA SER C 53 -51.13 16.49 -66.79
C SER C 53 -50.47 16.39 -68.15
N TYR C 54 -50.46 15.22 -68.78
CA TYR C 54 -49.76 15.07 -70.04
C TYR C 54 -50.35 13.91 -70.82
N VAL C 55 -50.10 13.93 -72.13
CA VAL C 55 -50.53 12.89 -73.06
C VAL C 55 -49.32 12.38 -73.79
N ILE C 56 -49.12 11.06 -73.75
CA ILE C 56 -48.01 10.41 -74.44
C ILE C 56 -48.57 9.70 -75.65
N THR C 57 -48.25 10.19 -76.85
CA THR C 57 -48.63 9.53 -78.09
C THR C 57 -47.46 8.75 -78.63
N LYS C 58 -47.69 7.50 -78.98
CA LYS C 58 -46.66 6.62 -79.48
C LYS C 58 -47.07 6.12 -80.85
N ASN C 59 -46.11 6.04 -81.77
CA ASN C 59 -46.39 5.63 -83.13
C ASN C 59 -45.21 4.87 -83.67
N THR C 60 -45.46 4.02 -84.65
CA THR C 60 -44.42 3.23 -85.29
C THR C 60 -44.77 3.07 -86.75
N ARG C 61 -43.75 2.98 -87.60
CA ARG C 61 -43.96 2.98 -89.04
C ARG C 61 -43.04 1.97 -89.70
N GLN C 62 -43.31 1.73 -90.96
CA GLN C 62 -42.42 0.98 -91.84
C GLN C 62 -42.05 1.91 -92.97
N PHE C 63 -40.75 2.08 -93.20
CA PHE C 63 -40.30 3.05 -94.19
C PHE C 63 -39.33 2.39 -95.15
N LEU C 64 -39.04 3.07 -96.26
CA LEU C 64 -37.97 2.61 -97.13
C LEU C 64 -37.26 3.78 -97.78
N VAL C 65 -35.94 3.61 -97.94
CA VAL C 65 -35.07 4.60 -98.55
C VAL C 65 -34.67 4.08 -99.91
N LYS C 66 -34.84 4.90 -100.94
CA LYS C 66 -34.87 4.43 -102.32
C LYS C 66 -33.57 4.66 -103.10
N ILE C 67 -32.54 5.28 -102.51
CA ILE C 67 -31.40 5.80 -103.28
C ILE C 67 -31.90 6.84 -104.29
N GLN C 68 -32.22 8.03 -103.81
CA GLN C 68 -32.61 9.08 -104.73
C GLN C 68 -31.39 9.73 -105.37
N ASN C 69 -31.54 10.11 -106.64
CA ASN C 69 -30.62 11.02 -107.31
C ASN C 69 -29.23 10.43 -107.49
N ASN C 70 -29.16 9.14 -107.83
CA ASN C 70 -27.92 8.38 -107.78
C ASN C 70 -27.37 8.63 -106.38
N HIS C 71 -26.08 8.79 -106.19
CA HIS C 71 -25.61 9.41 -104.96
C HIS C 71 -25.12 10.82 -105.17
N GLN C 72 -25.06 11.29 -106.40
CA GLN C 72 -24.64 12.66 -106.68
C GLN C 72 -25.77 13.65 -106.42
N TYR C 73 -25.38 14.91 -106.29
CA TYR C 73 -26.24 16.03 -105.89
C TYR C 73 -27.00 16.69 -107.05
N LYS C 74 -26.27 17.22 -108.01
CA LYS C 74 -26.77 18.09 -109.07
C LYS C 74 -27.42 19.36 -108.52
N THR C 75 -28.30 19.98 -109.31
CA THR C 75 -28.95 21.23 -108.95
C THR C 75 -30.43 21.17 -109.35
N GLU C 76 -30.68 20.86 -110.62
CA GLU C 76 -31.94 20.46 -111.23
C GLU C 76 -32.85 21.56 -111.76
N LEU C 77 -32.64 22.82 -111.37
CA LEU C 77 -33.31 23.98 -111.99
C LEU C 77 -34.76 23.65 -112.33
N ILE C 78 -35.60 23.53 -111.30
CA ILE C 78 -36.80 22.70 -111.40
C ILE C 78 -37.70 23.10 -112.56
N SER C 79 -38.50 24.16 -112.39
CA SER C 79 -39.33 24.79 -113.41
C SER C 79 -40.39 23.86 -113.96
N PRO C 80 -41.54 24.38 -114.37
CA PRO C 80 -42.26 23.76 -115.50
C PRO C 80 -41.93 24.52 -116.77
N SER C 81 -42.48 24.12 -117.91
CA SER C 81 -42.42 24.98 -119.08
C SER C 81 -43.70 24.93 -119.93
N THR C 82 -44.42 26.04 -120.15
CA THR C 82 -44.49 27.31 -119.36
C THR C 82 -43.21 27.93 -118.80
N SER C 83 -42.24 28.16 -119.68
CA SER C 83 -40.95 28.73 -119.29
C SER C 83 -41.10 30.07 -118.55
N GLN C 84 -42.27 30.71 -118.66
CA GLN C 84 -42.54 31.92 -117.89
C GLN C 84 -42.54 31.68 -116.38
N GLY C 85 -42.52 30.42 -115.95
CA GLY C 85 -42.61 30.12 -114.54
C GLY C 85 -41.40 30.62 -113.75
N LYS C 86 -41.45 30.36 -112.44
CA LYS C 86 -40.40 30.84 -111.56
C LYS C 86 -39.06 30.15 -111.85
N SER C 87 -39.09 28.83 -112.04
CA SER C 87 -37.92 28.07 -112.41
C SER C 87 -36.82 28.14 -111.36
N GLN C 88 -37.20 27.89 -110.11
CA GLN C 88 -36.23 27.84 -109.03
C GLN C 88 -35.19 26.76 -109.30
N ARG C 89 -33.93 27.07 -109.00
CA ARG C 89 -32.85 26.16 -109.38
C ARG C 89 -32.72 25.01 -108.39
N CYS C 90 -32.93 25.29 -107.11
CA CYS C 90 -32.79 24.34 -106.01
C CYS C 90 -31.47 23.59 -105.99
N VAL C 91 -31.47 22.45 -105.30
CA VAL C 91 -30.37 21.51 -105.19
C VAL C 91 -30.98 20.17 -104.84
N SER C 92 -30.49 19.09 -105.43
CA SER C 92 -30.95 17.77 -105.05
C SER C 92 -29.83 17.07 -104.32
N THR C 93 -30.17 16.17 -103.41
CA THR C 93 -29.20 15.45 -102.63
C THR C 93 -29.54 13.98 -102.60
N PRO C 94 -28.57 13.11 -102.36
CA PRO C 94 -28.89 11.68 -102.18
C PRO C 94 -29.70 11.40 -100.94
N TRP C 95 -29.81 12.35 -100.02
CA TRP C 95 -30.41 12.11 -98.72
C TRP C 95 -31.93 12.12 -98.78
N SER C 96 -32.54 11.38 -97.88
CA SER C 96 -33.96 11.42 -97.60
C SER C 96 -34.12 11.79 -96.14
N TYR C 97 -35.31 12.24 -95.77
CA TYR C 97 -35.49 12.72 -94.42
C TYR C 97 -36.84 12.32 -93.86
N PHE C 98 -36.90 12.28 -92.54
CA PHE C 98 -38.12 12.00 -91.80
C PHE C 98 -38.81 13.29 -91.44
N ASN C 99 -40.05 13.46 -91.91
CA ASN C 99 -40.88 14.60 -91.53
C ASN C 99 -41.93 14.10 -90.56
N PHE C 100 -41.83 14.51 -89.31
CA PHE C 100 -42.81 14.13 -88.29
C PHE C 100 -43.86 15.20 -88.05
N ASN C 101 -43.87 16.26 -88.82
CA ASN C 101 -44.62 17.47 -88.46
C ASN C 101 -46.02 17.37 -89.05
N GLN C 102 -46.99 17.06 -88.19
CA GLN C 102 -48.42 17.10 -88.46
C GLN C 102 -49.10 16.53 -87.23
N TYR C 103 -50.37 16.89 -87.02
CA TYR C 103 -51.08 16.30 -85.90
C TYR C 103 -51.66 14.95 -86.25
N SER C 104 -52.23 14.81 -87.44
CA SER C 104 -52.89 13.57 -87.83
C SER C 104 -51.94 12.40 -87.83
N SER C 105 -50.63 12.64 -87.80
CA SER C 105 -49.69 11.54 -87.73
C SER C 105 -49.62 10.96 -86.33
N HIS C 106 -49.67 11.81 -85.32
CA HIS C 106 -49.47 11.40 -83.94
C HIS C 106 -50.75 11.10 -83.18
N PHE C 107 -51.91 11.44 -83.74
CA PHE C 107 -53.17 11.28 -83.04
C PHE C 107 -54.16 10.54 -83.90
N SER C 108 -54.71 9.46 -83.35
CA SER C 108 -55.82 8.82 -84.00
C SER C 108 -57.03 9.75 -83.97
N PRO C 109 -57.98 9.55 -84.86
CA PRO C 109 -59.19 10.37 -84.81
C PRO C 109 -59.90 10.33 -83.49
N GLN C 110 -59.70 9.30 -82.67
CA GLN C 110 -60.21 9.33 -81.31
C GLN C 110 -59.28 10.01 -80.32
N ASP C 111 -57.98 9.77 -80.41
CA ASP C 111 -57.05 10.45 -79.50
C ASP C 111 -57.19 11.95 -79.65
N TRP C 112 -56.99 12.46 -80.86
CA TRP C 112 -57.56 13.74 -81.21
C TRP C 112 -59.06 13.61 -81.01
N GLN C 113 -59.70 14.67 -80.53
CA GLN C 113 -61.07 14.66 -80.04
C GLN C 113 -61.19 14.10 -78.64
N ARG C 114 -60.22 13.33 -78.17
CA ARG C 114 -60.18 13.14 -76.73
C ARG C 114 -59.50 14.30 -76.04
N LEU C 115 -58.46 14.86 -76.64
CA LEU C 115 -57.89 16.08 -76.10
C LEU C 115 -58.64 17.32 -76.55
N THR C 116 -59.13 17.33 -77.78
CA THR C 116 -59.86 18.51 -78.25
C THR C 116 -61.11 18.73 -77.43
N ASN C 117 -61.73 17.65 -76.95
CA ASN C 117 -62.90 17.80 -76.10
C ASN C 117 -62.50 18.06 -74.65
N GLU C 118 -61.49 17.37 -74.15
CA GLU C 118 -61.26 17.32 -72.72
C GLU C 118 -60.21 18.29 -72.20
N TYR C 119 -59.56 19.10 -73.04
CA TYR C 119 -58.46 19.92 -72.54
C TYR C 119 -58.50 21.33 -73.09
N LYS C 120 -58.07 22.29 -72.26
CA LYS C 120 -57.93 23.67 -72.70
C LYS C 120 -56.82 23.81 -73.74
N ARG C 121 -55.65 23.30 -73.43
CA ARG C 121 -54.48 23.67 -74.19
C ARG C 121 -53.47 22.54 -74.10
N PHE C 122 -52.59 22.49 -75.09
CA PHE C 122 -51.56 21.47 -75.12
C PHE C 122 -50.40 21.98 -75.94
N ARG C 123 -49.21 21.50 -75.60
CA ARG C 123 -48.04 21.75 -76.42
C ARG C 123 -47.16 20.54 -76.30
N PRO C 124 -46.44 20.18 -77.36
CA PRO C 124 -45.54 19.04 -77.24
C PRO C 124 -44.39 19.35 -76.28
N LYS C 125 -44.20 18.47 -75.31
CA LYS C 125 -43.15 18.65 -74.33
C LYS C 125 -41.82 18.11 -74.82
N GLY C 126 -41.83 16.94 -75.43
CA GLY C 126 -40.59 16.29 -75.84
C GLY C 126 -40.89 15.30 -76.94
N MET C 127 -39.82 14.74 -77.49
CA MET C 127 -39.93 13.84 -78.63
C MET C 127 -38.80 12.84 -78.57
N HIS C 128 -39.10 11.59 -78.91
CA HIS C 128 -38.12 10.51 -78.85
C HIS C 128 -38.33 9.63 -80.07
N VAL C 129 -37.28 9.50 -80.88
CA VAL C 129 -37.38 8.79 -82.15
C VAL C 129 -36.37 7.66 -82.16
N LYS C 130 -36.78 6.51 -82.68
CA LYS C 130 -35.92 5.34 -82.72
C LYS C 130 -36.00 4.70 -84.10
N ILE C 131 -34.85 4.60 -84.77
CA ILE C 131 -34.71 3.81 -85.97
C ILE C 131 -34.26 2.44 -85.54
N TYR C 132 -34.88 1.39 -86.08
CA TYR C 132 -34.47 0.05 -85.71
C TYR C 132 -35.06 -0.93 -86.72
N ASN C 133 -34.71 -2.20 -86.54
CA ASN C 133 -35.16 -3.28 -87.41
C ASN C 133 -34.88 -2.96 -88.88
N LEU C 134 -33.64 -2.59 -89.15
CA LEU C 134 -33.27 -2.18 -90.51
C LEU C 134 -33.07 -3.41 -91.39
N GLN C 135 -33.28 -3.21 -92.70
CA GLN C 135 -33.11 -4.27 -93.69
C GLN C 135 -32.56 -3.65 -94.96
N ILE C 136 -31.56 -4.29 -95.55
CA ILE C 136 -31.01 -3.86 -96.84
C ILE C 136 -31.27 -4.99 -97.83
N LYS C 137 -32.10 -4.73 -98.83
CA LYS C 137 -32.62 -5.84 -99.61
C LYS C 137 -31.98 -6.07 -100.98
N GLN C 138 -31.08 -5.20 -101.44
CA GLN C 138 -30.30 -5.52 -102.64
C GLN C 138 -31.18 -5.84 -103.85
N ILE C 139 -31.75 -4.78 -104.44
CA ILE C 139 -32.53 -4.95 -105.66
C ILE C 139 -31.69 -5.64 -106.73
N LEU C 140 -32.30 -6.61 -107.42
CA LEU C 140 -31.71 -7.19 -108.62
C LEU C 140 -32.71 -7.15 -109.76
N SER C 141 -32.20 -7.08 -110.97
CA SER C 141 -33.02 -7.13 -112.18
C SER C 141 -32.35 -8.06 -113.19
N ASN C 142 -33.05 -9.13 -113.55
CA ASN C 142 -32.66 -9.99 -114.64
C ASN C 142 -33.26 -9.56 -115.96
N GLY C 143 -33.92 -8.41 -115.96
CA GLY C 143 -34.79 -7.97 -117.02
C GLY C 143 -36.22 -8.31 -116.63
N ALA C 144 -37.14 -7.40 -116.95
CA ALA C 144 -38.52 -7.43 -116.46
C ALA C 144 -38.47 -7.60 -114.95
N ASP C 145 -39.40 -8.34 -114.34
CA ASP C 145 -39.36 -8.91 -112.99
C ASP C 145 -38.74 -8.02 -111.92
N THR C 146 -38.04 -8.66 -110.98
CA THR C 146 -37.08 -8.17 -110.00
C THR C 146 -36.79 -9.31 -109.04
N THR C 147 -35.69 -9.23 -108.29
CA THR C 147 -35.46 -10.14 -107.19
C THR C 147 -34.77 -9.37 -106.07
N TYR C 148 -34.98 -9.84 -104.85
CA TYR C 148 -34.44 -9.19 -103.66
C TYR C 148 -33.71 -10.27 -102.86
N ASN C 149 -32.38 -10.17 -102.80
CA ASN C 149 -31.59 -11.24 -102.19
C ASN C 149 -31.43 -11.03 -100.71
N ASN C 150 -32.15 -10.06 -100.16
CA ASN C 150 -31.82 -9.46 -98.89
C ASN C 150 -30.40 -8.96 -99.01
N ASP C 151 -29.65 -8.96 -97.92
CA ASP C 151 -28.26 -8.54 -97.93
C ASP C 151 -27.78 -8.53 -96.50
N LEU C 152 -26.47 -8.59 -96.35
CA LEU C 152 -25.82 -8.27 -95.09
C LEU C 152 -24.59 -7.46 -95.46
N THR C 153 -23.81 -7.09 -94.47
CA THR C 153 -22.63 -6.26 -94.68
C THR C 153 -22.95 -5.04 -95.54
N ALA C 154 -24.07 -4.40 -95.28
CA ALA C 154 -24.45 -3.15 -95.93
C ALA C 154 -24.83 -2.14 -94.85
N GLY C 155 -24.98 -0.88 -95.23
CA GLY C 155 -25.07 0.18 -94.26
C GLY C 155 -26.04 1.26 -94.68
N VAL C 156 -26.40 2.07 -93.70
CA VAL C 156 -27.34 3.16 -93.86
C VAL C 156 -26.83 4.34 -93.06
N HIS C 157 -26.71 5.49 -93.70
CA HIS C 157 -26.31 6.70 -93.02
C HIS C 157 -27.52 7.33 -92.36
N ILE C 158 -27.37 7.77 -91.13
CA ILE C 158 -28.45 8.43 -90.39
C ILE C 158 -27.86 9.65 -89.71
N PHE C 159 -28.44 10.81 -89.99
CA PHE C 159 -27.90 12.08 -89.52
C PHE C 159 -29.03 12.94 -88.99
N CYS C 160 -28.78 13.62 -87.89
CA CYS C 160 -29.76 14.49 -87.25
C CYS C 160 -29.17 15.88 -87.08
N ASP C 161 -30.03 16.90 -87.08
CA ASP C 161 -29.63 18.28 -86.86
C ASP C 161 -29.97 18.70 -85.43
N GLY C 162 -28.97 18.85 -84.59
CA GLY C 162 -29.21 19.47 -83.30
C GLY C 162 -28.97 20.97 -83.37
N GLU C 163 -28.10 21.38 -84.29
CA GLU C 163 -27.76 22.78 -84.44
C GLU C 163 -28.65 23.50 -85.42
N HIS C 164 -29.41 22.77 -86.23
CA HIS C 164 -30.15 23.30 -87.36
C HIS C 164 -29.25 24.06 -88.33
N ALA C 165 -27.97 23.72 -88.39
CA ALA C 165 -27.24 23.96 -89.61
C ALA C 165 -27.86 23.11 -90.70
N TYR C 166 -27.61 23.49 -91.95
CA TYR C 166 -28.19 22.91 -93.15
C TYR C 166 -29.60 23.45 -93.38
N PRO C 167 -30.01 23.49 -94.64
CA PRO C 167 -31.24 24.23 -95.01
C PRO C 167 -32.56 23.68 -94.49
N ASN C 168 -32.60 22.53 -93.82
CA ASN C 168 -33.77 21.97 -93.13
C ASN C 168 -35.04 21.91 -94.00
N ALA C 169 -35.12 20.87 -94.83
CA ALA C 169 -36.20 20.73 -95.82
C ALA C 169 -37.58 21.01 -95.25
N THR C 170 -37.85 20.60 -94.02
CA THR C 170 -39.22 20.59 -93.52
C THR C 170 -39.88 21.95 -93.66
N HIS C 171 -41.03 21.95 -94.33
CA HIS C 171 -41.93 23.07 -94.51
C HIS C 171 -43.27 22.63 -93.96
N PRO C 172 -44.02 23.53 -93.31
CA PRO C 172 -45.20 23.07 -92.56
C PRO C 172 -46.16 22.16 -93.32
N TRP C 173 -46.57 22.53 -94.52
CA TRP C 173 -47.64 21.75 -95.16
C TRP C 173 -47.04 20.57 -95.92
N ASP C 174 -46.38 20.85 -97.03
CA ASP C 174 -45.70 19.84 -97.84
C ASP C 174 -46.67 18.69 -98.08
N GLU C 175 -46.27 17.46 -97.86
CA GLU C 175 -47.00 16.25 -98.19
C GLU C 175 -46.66 15.30 -97.06
N ASP C 176 -46.96 14.02 -97.25
CA ASP C 176 -46.24 12.92 -96.57
C ASP C 176 -46.32 13.13 -95.07
N VAL C 177 -45.22 13.47 -94.39
CA VAL C 177 -45.05 13.37 -92.96
C VAL C 177 -45.25 11.88 -92.69
N MET C 178 -45.78 11.52 -91.54
CA MET C 178 -46.07 10.12 -91.32
C MET C 178 -47.45 9.84 -91.90
N PRO C 179 -47.70 8.65 -92.43
CA PRO C 179 -49.05 8.35 -92.83
C PRO C 179 -49.94 8.37 -91.59
N GLU C 180 -51.04 9.10 -91.67
CA GLU C 180 -51.91 9.23 -90.51
C GLU C 180 -52.34 7.88 -89.97
N LEU C 181 -52.25 6.86 -90.79
CA LEU C 181 -52.73 5.53 -90.51
C LEU C 181 -51.54 4.60 -90.38
N PRO C 182 -51.33 3.90 -89.25
CA PRO C 182 -50.19 2.97 -89.18
C PRO C 182 -50.34 1.82 -90.17
N TYR C 183 -49.45 0.84 -90.11
CA TYR C 183 -49.43 -0.30 -91.02
C TYR C 183 -49.24 0.14 -92.47
N GLN C 184 -49.31 1.44 -92.71
CA GLN C 184 -49.15 2.01 -94.03
C GLN C 184 -47.68 2.37 -94.19
N THR C 185 -47.00 1.73 -95.12
CA THR C 185 -45.58 1.96 -95.28
C THR C 185 -45.30 3.41 -95.63
N TRP C 186 -44.18 3.92 -95.14
CA TRP C 186 -43.89 5.33 -95.24
C TRP C 186 -42.71 5.56 -96.18
N TYR C 187 -42.98 6.09 -97.35
CA TYR C 187 -41.95 6.35 -98.33
C TYR C 187 -41.32 7.70 -98.05
N LEU C 188 -40.01 7.71 -97.87
CA LEU C 188 -39.29 8.94 -97.62
C LEU C 188 -39.15 9.75 -98.90
N PHE C 189 -38.85 11.03 -98.72
CA PHE C 189 -38.74 11.97 -99.83
C PHE C 189 -37.35 12.58 -99.85
N GLN C 190 -36.91 12.91 -101.06
CA GLN C 190 -35.55 13.39 -101.26
C GLN C 190 -35.34 14.74 -100.60
N TYR C 191 -34.16 14.96 -100.06
CA TYR C 191 -33.82 16.22 -99.44
C TYR C 191 -33.23 17.18 -100.48
N GLY C 192 -33.75 18.40 -100.51
CA GLY C 192 -33.26 19.40 -101.41
C GLY C 192 -33.46 20.76 -100.77
N TYR C 193 -32.85 21.76 -101.39
CA TYR C 193 -32.97 23.11 -100.85
C TYR C 193 -32.70 24.13 -101.93
N ILE C 194 -33.21 25.34 -101.73
CA ILE C 194 -32.97 26.44 -102.64
C ILE C 194 -31.69 27.14 -102.24
N PRO C 195 -30.60 27.04 -103.00
CA PRO C 195 -29.41 27.81 -102.66
C PRO C 195 -29.61 29.31 -102.80
N VAL C 196 -30.19 29.76 -103.91
CA VAL C 196 -30.41 31.18 -104.18
C VAL C 196 -31.57 31.30 -105.18
N ILE C 197 -32.26 32.44 -105.12
CA ILE C 197 -33.30 32.76 -106.10
C ILE C 197 -32.72 32.59 -107.51
N HIS C 198 -33.44 31.86 -108.36
CA HIS C 198 -32.91 31.58 -109.69
C HIS C 198 -32.76 32.85 -110.50
N GLU C 199 -33.83 33.62 -110.65
CA GLU C 199 -33.65 34.97 -111.13
C GLU C 199 -32.77 35.71 -110.13
N LEU C 200 -32.12 36.79 -110.57
CA LEU C 200 -31.09 37.41 -109.76
C LEU C 200 -29.92 36.44 -109.55
N ALA C 201 -29.02 36.39 -110.55
CA ALA C 201 -28.08 35.32 -110.89
C ALA C 201 -28.50 34.44 -112.06
N GLU C 202 -29.60 34.77 -112.74
CA GLU C 202 -29.98 34.00 -113.93
C GLU C 202 -28.84 33.73 -114.95
N MET C 203 -27.96 34.68 -115.31
CA MET C 203 -28.03 36.11 -115.06
C MET C 203 -27.97 36.80 -116.42
N GLU C 204 -28.44 38.04 -116.51
CA GLU C 204 -28.58 38.67 -117.82
C GLU C 204 -27.37 39.52 -118.15
N ASP C 205 -26.55 39.03 -119.08
CA ASP C 205 -25.44 39.78 -119.66
C ASP C 205 -24.59 40.43 -118.59
N SER C 206 -24.11 41.65 -118.87
CA SER C 206 -23.60 42.57 -117.86
C SER C 206 -22.65 41.82 -116.85
N ASN C 207 -22.83 41.69 -115.52
CA ASN C 207 -23.76 42.35 -114.61
C ASN C 207 -23.04 42.84 -113.37
N ALA C 208 -22.48 41.86 -112.66
CA ALA C 208 -21.65 42.00 -111.46
C ALA C 208 -22.49 42.26 -110.23
N VAL C 209 -23.74 42.69 -110.41
CA VAL C 209 -24.69 42.69 -109.29
C VAL C 209 -25.32 41.31 -109.12
N GLU C 210 -25.63 40.65 -110.24
CA GLU C 210 -26.09 39.26 -110.16
C GLU C 210 -24.92 38.28 -110.26
N LYS C 211 -23.74 38.76 -110.66
CA LYS C 211 -22.56 37.92 -110.55
C LYS C 211 -22.28 37.62 -109.10
N ALA C 212 -22.18 38.65 -108.28
CA ALA C 212 -22.39 38.44 -106.86
C ALA C 212 -23.82 37.99 -106.65
N ILE C 213 -24.04 37.24 -105.57
CA ILE C 213 -25.27 36.51 -105.26
C ILE C 213 -25.32 35.24 -106.09
N CYS C 214 -24.62 35.22 -107.22
CA CYS C 214 -24.35 33.95 -107.88
C CYS C 214 -23.09 33.31 -107.33
N LEU C 215 -22.06 34.12 -107.11
CA LEU C 215 -20.83 33.61 -106.50
C LEU C 215 -21.06 33.20 -105.07
N GLN C 216 -22.01 33.84 -104.39
CA GLN C 216 -22.15 33.62 -102.96
C GLN C 216 -23.10 32.49 -102.64
N ILE C 217 -23.63 31.78 -103.64
CA ILE C 217 -24.63 30.76 -103.33
C ILE C 217 -23.92 29.72 -102.49
N PRO C 218 -24.41 29.42 -101.30
CA PRO C 218 -23.77 28.41 -100.47
C PRO C 218 -24.11 27.02 -100.97
N PHE C 219 -23.22 26.09 -100.68
CA PHE C 219 -23.41 24.70 -101.06
C PHE C 219 -23.23 23.84 -99.84
N PHE C 220 -24.31 23.21 -99.40
CA PHE C 220 -24.32 22.44 -98.18
C PHE C 220 -24.29 20.96 -98.52
N MET C 221 -23.61 20.19 -97.69
CA MET C 221 -23.44 18.77 -97.90
C MET C 221 -23.61 18.09 -96.56
N LEU C 222 -24.34 16.99 -96.53
CA LEU C 222 -24.56 16.31 -95.28
C LEU C 222 -23.42 15.37 -94.93
N GLU C 223 -22.36 15.34 -95.72
CA GLU C 223 -21.26 14.45 -95.38
C GLU C 223 -20.44 15.07 -94.26
N ASN C 224 -19.59 16.07 -94.56
CA ASN C 224 -19.30 17.14 -93.61
C ASN C 224 -19.36 16.67 -92.17
N SER C 225 -20.26 17.26 -91.40
CA SER C 225 -20.47 16.84 -90.02
C SER C 225 -20.75 15.34 -89.93
N ASP C 226 -20.20 14.71 -88.90
CA ASP C 226 -20.23 13.27 -88.78
C ASP C 226 -21.63 12.76 -88.48
N HIS C 227 -21.85 11.49 -88.81
CA HIS C 227 -23.13 10.84 -88.59
C HIS C 227 -22.92 9.33 -88.54
N GLU C 228 -23.94 8.64 -88.06
CA GLU C 228 -23.82 7.22 -87.83
C GLU C 228 -24.19 6.42 -89.07
N VAL C 229 -23.47 5.34 -89.30
CA VAL C 229 -23.84 4.33 -90.27
C VAL C 229 -24.32 3.13 -89.48
N LEU C 230 -25.28 2.40 -90.04
CA LEU C 230 -25.88 1.26 -89.34
C LEU C 230 -25.96 0.09 -90.29
N ARG C 231 -25.46 -1.06 -89.84
CA ARG C 231 -25.86 -2.29 -90.51
C ARG C 231 -27.20 -2.73 -89.94
N THR C 232 -27.61 -3.95 -90.25
CA THR C 232 -28.91 -4.43 -89.82
C THR C 232 -29.06 -4.45 -88.30
N GLY C 233 -28.18 -5.18 -87.61
CA GLY C 233 -28.37 -5.39 -86.19
C GLY C 233 -28.39 -4.13 -85.35
N GLU C 234 -27.80 -3.05 -85.85
CA GLU C 234 -27.72 -1.81 -85.09
C GLU C 234 -29.01 -1.00 -85.20
N SER C 235 -29.21 -0.13 -84.22
CA SER C 235 -30.30 0.85 -84.21
C SER C 235 -29.77 2.20 -83.78
N THR C 236 -30.68 3.17 -83.66
CA THR C 236 -30.31 4.51 -83.24
C THR C 236 -31.51 5.16 -82.56
N GLU C 237 -31.22 6.00 -81.57
CA GLU C 237 -32.24 6.80 -80.90
C GLU C 237 -31.95 8.27 -81.08
N PHE C 238 -33.00 9.08 -81.01
CA PHE C 238 -32.87 10.53 -81.00
C PHE C 238 -33.88 11.10 -80.03
N THR C 239 -33.49 12.14 -79.31
CA THR C 239 -34.40 12.83 -78.42
C THR C 239 -34.50 14.29 -78.81
N PHE C 240 -35.58 14.92 -78.38
CA PHE C 240 -35.79 16.33 -78.65
C PHE C 240 -36.56 16.94 -77.50
N ASN C 241 -36.25 18.19 -77.20
CA ASN C 241 -37.00 18.96 -76.23
C ASN C 241 -37.48 20.23 -76.89
N PHE C 242 -38.61 20.73 -76.42
CA PHE C 242 -39.29 21.84 -77.07
C PHE C 242 -39.40 23.02 -76.13
N ASP C 243 -38.86 24.16 -76.55
CA ASP C 243 -39.27 25.44 -76.02
C ASP C 243 -40.39 25.93 -76.94
N CYS C 244 -41.61 25.93 -76.43
CA CYS C 244 -42.75 25.90 -77.31
C CYS C 244 -43.93 26.62 -76.67
N GLU C 245 -44.72 27.29 -77.50
CA GLU C 245 -45.89 28.01 -77.04
C GLU C 245 -47.09 27.09 -77.03
N TRP C 246 -47.95 27.27 -76.03
CA TRP C 246 -49.20 26.52 -75.97
C TRP C 246 -50.05 26.80 -77.19
N ILE C 247 -50.80 25.79 -77.62
CA ILE C 247 -51.89 26.00 -78.56
C ILE C 247 -53.18 25.79 -77.80
N ASN C 248 -54.07 26.78 -77.86
CA ASN C 248 -55.20 26.86 -76.94
C ASN C 248 -56.46 26.37 -77.61
N ASN C 249 -57.11 25.39 -76.99
CA ASN C 249 -58.45 24.96 -77.38
C ASN C 249 -59.41 25.61 -76.40
N GLU C 250 -60.14 26.61 -76.86
CA GLU C 250 -60.96 27.51 -76.06
C GLU C 250 -61.71 28.40 -77.03
N ARG C 251 -62.79 28.99 -76.54
CA ARG C 251 -63.68 29.75 -77.38
C ARG C 251 -64.14 30.98 -76.63
N ALA C 252 -64.08 32.13 -77.29
CA ALA C 252 -64.63 33.36 -76.75
C ALA C 252 -66.06 33.48 -77.22
N TYR C 253 -67.00 33.49 -76.28
CA TYR C 253 -68.40 33.58 -76.62
C TYR C 253 -68.82 34.98 -77.01
N ILE C 254 -67.99 35.99 -76.74
CA ILE C 254 -68.26 37.37 -77.14
C ILE C 254 -66.98 38.01 -77.63
N PRO C 255 -67.07 39.03 -78.47
CA PRO C 255 -65.90 39.82 -78.82
C PRO C 255 -65.29 40.44 -77.58
N PRO C 256 -64.01 40.77 -77.60
CA PRO C 256 -63.40 41.40 -76.43
C PRO C 256 -63.97 42.77 -76.13
N GLY C 257 -64.45 43.48 -77.14
CA GLY C 257 -65.06 44.77 -76.92
C GLY C 257 -66.47 44.73 -76.41
N LEU C 258 -67.06 43.55 -76.30
CA LEU C 258 -68.43 43.38 -75.86
C LEU C 258 -68.52 43.11 -74.36
N MET C 259 -67.41 43.21 -73.65
CA MET C 259 -67.38 42.91 -72.22
C MET C 259 -67.70 44.18 -71.45
N PHE C 260 -68.88 44.21 -70.84
CA PHE C 260 -69.29 45.31 -69.98
C PHE C 260 -70.68 44.98 -69.46
N ASN C 261 -71.06 45.66 -68.40
CA ASN C 261 -72.41 45.50 -67.87
C ASN C 261 -73.31 46.51 -68.58
N PRO C 262 -74.17 46.05 -69.48
CA PRO C 262 -74.98 47.01 -70.25
C PRO C 262 -76.06 47.67 -69.43
N LEU C 263 -76.36 47.13 -68.25
CA LEU C 263 -77.35 47.74 -67.38
C LEU C 263 -76.83 49.07 -66.83
N VAL C 264 -75.56 49.11 -66.45
CA VAL C 264 -75.03 50.29 -65.77
C VAL C 264 -74.82 51.41 -66.76
N PRO C 265 -75.25 52.63 -66.47
CA PRO C 265 -74.95 53.75 -67.35
C PRO C 265 -73.46 54.05 -67.38
N THR C 266 -73.04 54.76 -68.41
CA THR C 266 -71.63 55.09 -68.58
C THR C 266 -71.42 56.59 -68.47
N ARG C 267 -70.25 56.98 -67.97
CA ARG C 267 -69.86 58.37 -68.03
C ARG C 267 -68.90 58.60 -69.18
N ARG C 268 -69.43 59.16 -70.26
CA ARG C 268 -68.72 59.36 -71.52
C ARG C 268 -69.67 60.14 -72.42
N ALA C 269 -69.16 60.72 -73.49
CA ALA C 269 -70.01 61.50 -74.36
C ALA C 269 -69.55 61.35 -75.80
N GLN C 270 -70.49 61.59 -76.71
CA GLN C 270 -70.26 61.50 -78.14
C GLN C 270 -70.51 62.87 -78.74
N TYR C 271 -69.47 63.52 -79.23
CA TYR C 271 -69.63 64.68 -80.08
C TYR C 271 -69.71 64.15 -81.51
N ILE C 272 -70.65 64.67 -82.27
CA ILE C 272 -70.82 64.26 -83.66
C ILE C 272 -70.77 65.49 -84.54
N ARG C 273 -69.87 65.48 -85.51
CA ARG C 273 -69.66 66.63 -86.38
C ARG C 273 -70.92 66.95 -87.17
N ARG C 274 -71.04 68.21 -87.59
CA ARG C 274 -72.07 68.60 -88.54
C ARG C 274 -72.04 67.67 -89.75
N ASN C 275 -73.21 67.18 -90.14
CA ASN C 275 -73.25 66.09 -91.11
C ASN C 275 -72.99 66.56 -92.52
N ASN C 276 -73.27 67.83 -92.81
CA ASN C 276 -73.03 68.40 -94.14
C ASN C 276 -73.66 67.53 -95.22
N ASN C 277 -74.99 67.61 -95.29
CA ASN C 277 -75.86 66.68 -96.02
C ASN C 277 -75.86 65.36 -95.26
N PRO C 278 -77.00 64.65 -95.23
CA PRO C 278 -78.34 65.20 -95.53
C PRO C 278 -78.80 66.30 -94.57
N GLN C 279 -78.63 66.08 -93.27
CA GLN C 279 -79.32 66.87 -92.26
C GLN C 279 -78.69 66.56 -90.89
N THR C 280 -79.37 66.94 -89.80
CA THR C 280 -78.93 66.63 -88.43
C THR C 280 -77.62 67.30 -88.04
N ALA C 281 -77.70 68.59 -87.73
CA ALA C 281 -76.55 69.36 -87.28
C ALA C 281 -75.97 68.78 -85.99
N GLU C 282 -74.71 69.16 -85.73
CA GLU C 282 -73.92 68.53 -84.68
C GLU C 282 -74.60 68.58 -83.33
N SER C 283 -74.37 67.53 -82.53
CA SER C 283 -74.88 67.47 -81.18
C SER C 283 -73.98 66.57 -80.34
N THR C 284 -73.91 66.85 -79.04
CA THR C 284 -73.23 65.98 -78.10
C THR C 284 -74.26 65.27 -77.24
N SER C 285 -73.93 64.05 -76.82
CA SER C 285 -74.86 63.22 -76.07
C SER C 285 -74.09 62.19 -75.27
N ARG C 286 -74.75 61.67 -74.24
CA ARG C 286 -74.16 60.63 -73.43
C ARG C 286 -74.27 59.29 -74.14
N ILE C 287 -73.23 58.47 -74.01
CA ILE C 287 -73.24 57.16 -74.62
C ILE C 287 -74.24 56.28 -73.91
N ALA C 288 -75.03 55.54 -74.69
CA ALA C 288 -76.07 54.70 -74.14
C ALA C 288 -75.49 53.65 -73.22
N PRO C 289 -76.27 53.17 -72.25
CA PRO C 289 -75.73 52.17 -71.31
C PRO C 289 -75.28 50.91 -72.02
N TYR C 290 -76.10 50.38 -72.91
CA TYR C 290 -75.65 49.37 -73.85
C TYR C 290 -74.69 50.02 -74.84
N ALA C 291 -73.90 49.19 -75.51
CA ALA C 291 -73.01 49.66 -76.56
C ALA C 291 -72.04 50.72 -76.06
N LYS C 292 -71.35 50.39 -74.99
CA LYS C 292 -70.31 51.25 -74.50
C LYS C 292 -69.07 51.14 -75.39
N PRO C 293 -68.29 52.20 -75.51
CA PRO C 293 -67.08 52.13 -76.32
C PRO C 293 -66.07 51.17 -75.72
N THR C 294 -65.10 50.79 -76.53
CA THR C 294 -64.13 49.82 -76.11
C THR C 294 -62.73 50.21 -76.52
N SER C 295 -61.76 49.68 -75.80
CA SER C 295 -60.42 49.46 -76.28
C SER C 295 -60.40 48.19 -77.11
N TRP C 296 -59.22 47.64 -77.29
CA TRP C 296 -59.13 46.30 -77.84
C TRP C 296 -59.58 46.23 -79.29
N MET C 297 -58.71 46.74 -80.14
CA MET C 297 -58.76 46.72 -81.58
C MET C 297 -58.73 45.27 -82.11
N THR C 298 -59.21 45.10 -83.34
CA THR C 298 -59.21 43.78 -83.96
C THR C 298 -57.81 43.40 -84.42
N GLY C 299 -57.59 42.10 -84.57
CA GLY C 299 -56.34 41.58 -85.05
C GLY C 299 -56.06 41.99 -86.48
N PRO C 300 -54.78 41.97 -86.86
CA PRO C 300 -54.40 42.47 -88.18
C PRO C 300 -54.68 41.48 -89.29
N GLY C 301 -54.86 42.01 -90.49
CA GLY C 301 -55.04 41.20 -91.68
C GLY C 301 -54.72 42.03 -92.90
N LEU C 302 -54.61 41.37 -94.04
CA LEU C 302 -54.49 42.05 -95.32
C LEU C 302 -55.54 41.48 -96.27
N LEU C 303 -56.58 42.27 -96.54
CA LEU C 303 -57.69 41.83 -97.37
C LEU C 303 -57.75 42.43 -98.78
N SER C 304 -56.85 43.34 -99.14
CA SER C 304 -57.10 44.10 -100.37
C SER C 304 -56.71 43.32 -101.62
N ALA C 305 -55.61 42.57 -101.55
CA ALA C 305 -54.98 41.97 -102.70
C ALA C 305 -55.84 40.85 -103.30
N GLN C 306 -55.50 40.48 -104.52
CA GLN C 306 -56.10 39.33 -105.20
C GLN C 306 -55.01 38.52 -105.86
N ARG C 307 -55.15 37.20 -105.81
CA ARG C 307 -54.16 36.33 -106.44
C ARG C 307 -54.03 36.65 -107.92
N VAL C 308 -52.80 36.58 -108.42
CA VAL C 308 -52.43 37.18 -109.69
C VAL C 308 -52.01 36.11 -110.68
N GLY C 309 -52.81 35.94 -111.72
CA GLY C 309 -52.37 35.20 -112.90
C GLY C 309 -52.64 33.72 -112.83
N PRO C 310 -52.03 32.97 -113.75
CA PRO C 310 -52.32 31.56 -113.88
C PRO C 310 -51.66 30.75 -112.78
N ALA C 311 -52.23 29.56 -112.54
CA ALA C 311 -51.64 28.64 -111.58
C ALA C 311 -50.29 28.15 -112.10
N THR C 312 -49.49 27.61 -111.17
CA THR C 312 -48.11 27.18 -111.33
C THR C 312 -47.16 28.36 -111.42
N SER C 313 -47.67 29.58 -111.46
CA SER C 313 -46.86 30.79 -111.47
C SER C 313 -46.65 31.38 -110.08
N ASP C 314 -47.07 30.67 -109.03
CA ASP C 314 -47.02 31.17 -107.65
C ASP C 314 -47.89 32.41 -107.47
N THR C 315 -49.19 32.22 -107.46
CA THR C 315 -50.10 33.33 -107.20
C THR C 315 -50.38 33.40 -105.72
N GLY C 316 -49.80 34.40 -105.05
CA GLY C 316 -49.98 34.52 -103.62
C GLY C 316 -50.87 35.65 -103.15
N ALA C 317 -51.17 36.58 -104.07
CA ALA C 317 -51.81 37.87 -103.85
C ALA C 317 -50.93 38.82 -103.06
N TRP C 318 -49.92 38.34 -102.35
CA TRP C 318 -48.91 39.17 -101.72
C TRP C 318 -47.58 38.50 -101.96
N MET C 319 -46.69 39.17 -102.69
CA MET C 319 -45.36 38.64 -102.95
C MET C 319 -44.37 39.44 -102.13
N VAL C 320 -43.52 38.74 -101.39
CA VAL C 320 -42.55 39.43 -100.55
C VAL C 320 -41.34 39.87 -101.37
N ALA C 321 -40.84 39.00 -102.23
CA ALA C 321 -39.69 39.24 -103.10
C ALA C 321 -38.48 39.82 -102.39
N VAL C 322 -37.65 40.54 -103.16
CA VAL C 322 -36.45 41.20 -102.67
C VAL C 322 -36.26 42.57 -103.32
N LYS C 323 -36.05 42.57 -104.63
CA LYS C 323 -35.72 43.76 -105.40
C LYS C 323 -34.42 44.43 -104.93
N PRO C 324 -33.27 43.82 -105.17
CA PRO C 324 -32.01 44.56 -105.05
C PRO C 324 -31.97 45.69 -106.06
N GLU C 325 -31.11 46.67 -105.78
CA GLU C 325 -31.27 47.99 -106.39
C GLU C 325 -31.07 47.92 -107.91
N ASN C 326 -30.07 47.17 -108.37
CA ASN C 326 -29.93 47.02 -109.82
C ASN C 326 -30.42 45.65 -110.28
N ALA C 327 -29.58 44.64 -110.07
CA ALA C 327 -29.81 43.26 -110.49
C ALA C 327 -30.26 43.25 -111.96
N SER C 328 -31.16 42.33 -112.27
CA SER C 328 -32.00 42.40 -113.46
C SER C 328 -33.16 41.45 -113.22
N ILE C 329 -34.27 41.69 -113.91
CA ILE C 329 -35.47 40.92 -113.64
C ILE C 329 -36.19 40.65 -114.96
N ASP C 330 -36.64 39.42 -115.12
CA ASP C 330 -37.45 39.00 -116.26
C ASP C 330 -38.88 39.47 -116.02
N THR C 331 -39.84 38.95 -116.79
CA THR C 331 -41.23 39.16 -116.45
C THR C 331 -41.45 38.78 -114.99
N GLY C 332 -42.16 39.64 -114.27
CA GLY C 332 -42.24 39.50 -112.82
C GLY C 332 -41.52 40.61 -112.07
N MET C 333 -41.75 40.80 -110.76
CA MET C 333 -42.71 40.11 -109.86
C MET C 333 -42.71 38.57 -109.99
N SER C 334 -43.86 37.98 -110.29
CA SER C 334 -43.98 36.56 -110.58
C SER C 334 -43.41 35.67 -109.43
N GLY C 335 -42.33 34.88 -109.52
CA GLY C 335 -41.15 34.96 -110.39
C GLY C 335 -39.95 35.43 -109.61
N ILE C 336 -40.21 36.15 -108.52
CA ILE C 336 -39.24 36.41 -107.46
C ILE C 336 -40.00 36.42 -106.15
N GLY C 337 -39.35 35.96 -105.10
CA GLY C 337 -39.98 35.93 -103.80
C GLY C 337 -41.12 34.95 -103.72
N SER C 338 -41.83 35.03 -102.59
CA SER C 338 -42.79 34.01 -102.21
C SER C 338 -44.16 34.64 -101.99
N GLY C 339 -45.21 33.88 -102.27
CA GLY C 339 -46.55 34.34 -101.95
C GLY C 339 -46.82 34.22 -100.46
N PHE C 340 -47.48 35.22 -99.91
CA PHE C 340 -47.85 35.24 -98.50
C PHE C 340 -49.27 34.72 -98.35
N ASP C 341 -49.42 33.64 -97.58
CA ASP C 341 -50.69 32.94 -97.53
C ASP C 341 -50.91 32.37 -96.13
N PRO C 342 -52.17 32.40 -95.63
CA PRO C 342 -53.26 33.31 -95.98
C PRO C 342 -53.17 34.68 -95.35
N PRO C 343 -53.28 35.74 -96.14
CA PRO C 343 -53.84 36.98 -95.60
C PRO C 343 -55.37 37.03 -95.77
N GLN C 344 -56.20 37.51 -94.83
CA GLN C 344 -56.12 37.35 -93.38
C GLN C 344 -54.78 37.83 -92.75
N GLY C 345 -54.19 37.25 -91.69
CA GLY C 345 -54.75 36.34 -90.70
C GLY C 345 -55.89 36.95 -89.93
N SER C 346 -56.59 36.12 -89.15
CA SER C 346 -57.79 36.54 -88.45
C SER C 346 -58.75 37.21 -89.42
N LEU C 347 -59.38 38.30 -88.97
CA LEU C 347 -60.01 39.28 -89.86
C LEU C 347 -60.83 38.60 -90.95
N ALA C 348 -62.02 38.10 -90.61
CA ALA C 348 -62.71 37.10 -91.41
C ALA C 348 -62.70 37.44 -92.89
N PRO C 349 -62.35 36.49 -93.76
CA PRO C 349 -62.08 36.80 -95.16
C PRO C 349 -63.36 37.09 -95.95
N THR C 350 -63.14 37.68 -97.12
CA THR C 350 -64.23 38.00 -98.03
C THR C 350 -64.70 36.77 -98.78
N ASN C 351 -63.86 36.23 -99.66
CA ASN C 351 -64.27 35.07 -100.41
C ASN C 351 -63.32 33.90 -100.17
N LEU C 352 -63.57 32.82 -100.90
CA LEU C 352 -62.83 31.56 -100.77
C LEU C 352 -61.34 31.76 -100.98
N GLU C 353 -60.97 32.81 -101.72
CA GLU C 353 -59.58 32.99 -102.13
C GLU C 353 -58.64 33.11 -100.94
N TYR C 354 -59.14 33.58 -99.80
CA TYR C 354 -58.34 33.74 -98.59
C TYR C 354 -58.53 32.61 -97.58
N LYS C 355 -59.34 31.61 -97.89
CA LYS C 355 -59.92 30.74 -96.89
C LYS C 355 -59.04 29.52 -96.60
N ILE C 356 -57.81 29.54 -97.09
CA ILE C 356 -56.89 28.40 -97.19
C ILE C 356 -57.59 27.32 -98.01
N GLN C 357 -57.15 26.07 -97.87
CA GLN C 357 -57.69 24.90 -98.55
C GLN C 357 -56.64 23.82 -98.41
N TRP C 358 -56.98 22.54 -98.56
CA TRP C 358 -55.97 21.53 -98.85
C TRP C 358 -56.66 20.28 -99.35
N TYR C 359 -55.88 19.41 -100.00
CA TYR C 359 -56.49 18.25 -100.65
C TYR C 359 -56.46 17.01 -99.78
N GLN C 360 -55.71 17.02 -98.68
CA GLN C 360 -55.56 15.89 -97.77
C GLN C 360 -55.38 14.57 -98.49
N THR C 361 -54.70 14.60 -99.65
CA THR C 361 -54.53 13.44 -100.52
C THR C 361 -53.67 13.85 -101.70
N PRO C 362 -52.68 13.04 -102.06
CA PRO C 362 -51.90 13.36 -103.27
C PRO C 362 -52.68 13.12 -104.55
N GLN C 363 -53.65 12.21 -104.53
CA GLN C 363 -54.46 11.96 -105.72
C GLN C 363 -55.46 13.06 -105.98
N GLY C 364 -55.57 14.03 -105.07
CA GLY C 364 -56.57 15.08 -105.21
C GLY C 364 -56.42 15.93 -106.45
N THR C 365 -57.47 15.96 -107.26
CA THR C 365 -57.51 16.79 -108.46
C THR C 365 -57.97 18.19 -108.07
N ASN C 366 -58.30 19.02 -109.06
CA ASN C 366 -58.64 20.41 -108.76
C ASN C 366 -59.76 20.51 -107.73
N ASN C 367 -60.91 19.93 -108.02
CA ASN C 367 -61.94 19.74 -107.01
C ASN C 367 -62.13 18.25 -106.78
N ASN C 368 -61.58 17.78 -105.67
CA ASN C 368 -61.63 16.41 -105.14
C ASN C 368 -60.77 16.48 -103.90
N GLY C 369 -60.97 15.59 -102.94
CA GLY C 369 -60.34 15.88 -101.66
C GLY C 369 -60.82 17.27 -101.28
N ASN C 370 -59.87 18.19 -101.17
CA ASN C 370 -60.17 19.62 -101.29
C ASN C 370 -61.05 20.13 -100.16
N ILE C 371 -60.69 19.78 -98.93
CA ILE C 371 -61.46 20.30 -97.80
C ILE C 371 -61.02 21.73 -97.53
N ILE C 372 -61.97 22.58 -97.27
CA ILE C 372 -61.74 24.02 -97.20
C ILE C 372 -61.95 24.47 -95.76
N SER C 373 -61.09 25.36 -95.28
CA SER C 373 -61.21 25.85 -93.93
C SER C 373 -62.51 26.62 -93.75
N ASN C 374 -62.97 26.73 -92.52
CA ASN C 374 -64.26 27.31 -92.21
C ASN C 374 -64.14 28.12 -90.93
N GLN C 375 -65.17 28.91 -90.62
CA GLN C 375 -65.11 29.72 -89.43
C GLN C 375 -65.36 28.89 -88.18
N PRO C 376 -64.56 29.06 -87.13
CA PRO C 376 -64.79 28.27 -85.90
C PRO C 376 -66.06 28.65 -85.17
N LEU C 377 -66.64 29.80 -85.52
CA LEU C 377 -67.75 30.45 -84.82
C LEU C 377 -67.30 31.01 -83.49
N SER C 378 -66.04 30.82 -83.12
CA SER C 378 -65.43 31.59 -82.04
C SER C 378 -65.49 33.07 -82.38
N MET C 379 -65.64 33.90 -81.35
CA MET C 379 -65.89 35.31 -81.58
C MET C 379 -64.62 36.16 -81.63
N LEU C 380 -63.45 35.56 -81.55
CA LEU C 380 -62.27 36.40 -81.40
C LEU C 380 -61.74 37.16 -82.63
N ARG C 381 -61.15 36.62 -83.70
CA ARG C 381 -61.30 35.39 -84.52
C ARG C 381 -62.26 35.62 -85.71
N ASP C 382 -62.97 36.74 -85.74
CA ASP C 382 -63.73 37.09 -86.94
C ASP C 382 -63.30 38.48 -87.40
N GLN C 383 -63.56 39.49 -86.59
CA GLN C 383 -62.81 40.74 -86.61
C GLN C 383 -62.86 41.44 -87.97
N ALA C 384 -64.02 42.04 -88.24
CA ALA C 384 -64.04 43.05 -89.28
C ALA C 384 -63.45 44.36 -88.76
N LEU C 385 -63.42 45.36 -89.62
CA LEU C 385 -63.17 46.72 -89.19
C LEU C 385 -63.79 47.65 -90.23
N PHE C 386 -64.29 48.79 -89.79
CA PHE C 386 -65.24 49.55 -90.58
C PHE C 386 -64.80 50.97 -90.89
N ARG C 387 -64.48 51.78 -89.89
CA ARG C 387 -64.08 53.17 -90.15
C ARG C 387 -65.25 53.88 -90.84
N GLY C 388 -64.97 54.86 -91.71
CA GLY C 388 -65.97 55.51 -92.53
C GLY C 388 -67.12 56.11 -91.76
N ASN C 389 -68.12 56.59 -92.50
CA ASN C 389 -67.89 57.39 -93.69
C ASN C 389 -68.24 58.81 -93.27
N GLN C 390 -68.67 58.92 -92.01
CA GLN C 390 -69.54 59.94 -91.42
C GLN C 390 -71.00 59.61 -91.69
N THR C 391 -71.28 58.68 -92.60
CA THR C 391 -72.62 58.27 -92.95
C THR C 391 -72.77 56.76 -92.85
N THR C 392 -71.92 56.01 -93.56
CA THR C 392 -71.96 54.55 -93.58
C THR C 392 -70.62 54.02 -93.10
N TYR C 393 -70.62 52.80 -92.58
CA TYR C 393 -69.38 52.09 -92.30
C TYR C 393 -68.97 51.31 -93.53
N ASN C 394 -67.67 51.28 -93.82
CA ASN C 394 -67.15 50.61 -95.00
C ASN C 394 -65.96 49.73 -94.63
N LEU C 395 -66.13 48.42 -94.78
CA LEU C 395 -65.07 47.48 -94.42
C LEU C 395 -63.75 47.87 -95.05
N CYS C 396 -62.72 47.94 -94.24
CA CYS C 396 -61.44 48.51 -94.65
C CYS C 396 -60.40 47.41 -94.87
N SER C 397 -59.68 47.53 -95.98
CA SER C 397 -58.53 46.70 -96.28
C SER C 397 -57.39 47.02 -95.33
N ASP C 398 -56.38 46.14 -95.32
CA ASP C 398 -55.25 46.23 -94.40
C ASP C 398 -55.72 46.00 -92.97
N VAL C 399 -55.55 46.99 -92.07
CA VAL C 399 -55.48 46.77 -90.63
C VAL C 399 -54.17 46.11 -90.25
N TRP C 400 -53.10 46.89 -90.21
CA TRP C 400 -51.79 46.50 -89.73
C TRP C 400 -51.79 46.39 -88.20
N MET C 401 -50.61 46.19 -87.63
CA MET C 401 -50.52 46.07 -86.17
C MET C 401 -50.85 47.39 -85.49
N PHE C 402 -51.47 47.29 -84.34
CA PHE C 402 -51.96 48.41 -83.57
C PHE C 402 -51.90 48.03 -82.09
N PRO C 403 -51.69 49.00 -81.19
CA PRO C 403 -51.35 48.65 -79.80
C PRO C 403 -52.34 47.74 -79.08
N ASN C 404 -53.63 47.97 -79.21
CA ASN C 404 -54.59 47.26 -78.39
C ASN C 404 -55.12 45.99 -79.04
N GLN C 405 -54.55 45.57 -80.15
CA GLN C 405 -55.15 44.50 -80.92
C GLN C 405 -55.18 43.18 -80.16
N ILE C 406 -56.29 42.45 -80.33
CA ILE C 406 -56.38 41.05 -79.96
C ILE C 406 -56.88 40.25 -81.15
N TRP C 407 -56.21 39.14 -81.43
CA TRP C 407 -56.71 38.18 -82.37
C TRP C 407 -56.51 36.82 -81.75
N ASP C 408 -57.14 35.82 -82.35
CA ASP C 408 -57.02 34.46 -81.88
C ASP C 408 -56.24 33.67 -82.92
N ARG C 409 -55.26 32.92 -82.47
CA ARG C 409 -54.44 32.15 -83.38
C ARG C 409 -55.32 31.17 -84.15
N TYR C 410 -54.89 30.82 -85.36
CA TYR C 410 -55.70 29.98 -86.22
C TYR C 410 -56.13 28.72 -85.49
N PRO C 411 -57.40 28.32 -85.59
CA PRO C 411 -57.92 27.23 -84.76
C PRO C 411 -57.28 25.88 -85.01
N ILE C 412 -56.52 25.78 -86.09
CA ILE C 412 -55.93 24.56 -86.64
C ILE C 412 -56.98 23.45 -86.76
N THR C 413 -56.52 22.20 -86.66
CA THR C 413 -57.31 21.00 -86.90
C THR C 413 -56.36 19.81 -86.88
N ARG C 414 -56.88 18.60 -87.03
CA ARG C 414 -56.02 17.43 -86.99
C ARG C 414 -55.07 17.35 -88.17
N GLU C 415 -55.36 18.03 -89.27
CA GLU C 415 -54.57 17.93 -90.50
C GLU C 415 -53.39 18.88 -90.54
N ASN C 416 -53.16 19.65 -89.53
CA ASN C 416 -52.22 20.75 -89.63
C ASN C 416 -50.83 20.33 -89.24
N PRO C 417 -49.82 21.06 -89.71
CA PRO C 417 -48.47 20.90 -89.17
C PRO C 417 -48.39 21.37 -87.74
N ILE C 418 -47.62 20.65 -86.94
CA ILE C 418 -47.48 20.99 -85.53
C ILE C 418 -46.67 22.27 -85.39
N TRP C 419 -45.51 22.31 -86.01
CA TRP C 419 -44.57 23.41 -85.81
C TRP C 419 -44.08 23.94 -87.15
N CYS C 420 -43.42 25.08 -87.07
CA CYS C 420 -42.71 25.71 -88.17
C CYS C 420 -41.47 26.37 -87.60
N LYS C 421 -40.37 26.35 -88.35
CA LYS C 421 -39.15 26.93 -87.83
C LYS C 421 -39.16 28.44 -88.01
N LYS C 422 -38.89 29.15 -86.93
CA LYS C 422 -38.75 30.59 -86.97
C LYS C 422 -37.35 30.93 -87.46
N PRO C 423 -37.22 31.53 -88.64
CA PRO C 423 -35.88 31.80 -89.18
C PRO C 423 -35.10 32.80 -88.34
N ARG C 424 -33.80 32.53 -88.22
CA ARG C 424 -32.92 33.37 -87.41
C ARG C 424 -32.73 34.72 -88.08
N SER C 425 -33.03 35.78 -87.35
CA SER C 425 -32.87 37.12 -87.88
C SER C 425 -32.73 38.09 -86.71
N ASP C 426 -32.22 39.28 -87.00
CA ASP C 426 -32.00 40.25 -85.94
C ASP C 426 -33.31 40.65 -85.29
N LYS C 427 -34.26 41.12 -86.08
CA LYS C 427 -35.49 41.69 -85.57
C LYS C 427 -36.69 40.94 -86.10
N HIS C 428 -37.75 40.90 -85.32
CA HIS C 428 -39.00 40.31 -85.75
C HIS C 428 -40.13 40.84 -84.89
N THR C 429 -41.35 40.70 -85.40
CA THR C 429 -42.57 41.07 -84.70
C THR C 429 -43.15 39.88 -83.93
N THR C 430 -44.43 39.94 -83.57
CA THR C 430 -45.01 39.03 -82.59
C THR C 430 -44.78 37.55 -82.91
N ILE C 431 -44.61 37.22 -84.19
CA ILE C 431 -44.45 35.84 -84.65
C ILE C 431 -45.69 35.01 -84.31
N ASP C 432 -46.80 35.26 -84.99
CA ASP C 432 -47.91 34.34 -84.98
C ASP C 432 -48.14 33.82 -86.39
N PRO C 433 -47.76 32.59 -86.72
CA PRO C 433 -47.99 32.09 -88.07
C PRO C 433 -49.47 31.93 -88.37
N PHE C 434 -49.86 32.32 -89.57
CA PHE C 434 -51.27 32.26 -89.96
C PHE C 434 -51.67 30.90 -90.48
N ASP C 435 -50.76 29.96 -90.51
CA ASP C 435 -51.04 28.58 -90.81
C ASP C 435 -51.45 27.82 -89.56
N GLY C 436 -51.64 28.53 -88.46
CA GLY C 436 -51.65 27.89 -87.17
C GLY C 436 -50.26 27.42 -86.87
N SER C 437 -50.08 26.13 -86.64
CA SER C 437 -48.79 25.54 -86.33
C SER C 437 -48.12 26.29 -85.19
N LEU C 438 -46.81 26.42 -85.26
CA LEU C 438 -46.02 26.98 -84.17
C LEU C 438 -44.71 27.49 -84.74
N ALA C 439 -44.05 28.34 -83.97
CA ALA C 439 -42.72 28.81 -84.33
C ALA C 439 -41.77 28.46 -83.20
N MET C 440 -40.61 27.93 -83.57
CA MET C 440 -39.60 27.61 -82.59
C MET C 440 -38.24 28.01 -83.11
N ASP C 441 -37.38 28.48 -82.21
CA ASP C 441 -35.99 28.71 -82.58
C ASP C 441 -35.39 27.44 -83.15
N HIS C 442 -35.40 26.37 -82.36
CA HIS C 442 -34.95 25.06 -82.82
C HIS C 442 -36.14 24.12 -82.78
N PRO C 443 -36.72 23.78 -83.91
CA PRO C 443 -37.74 22.74 -83.94
C PRO C 443 -37.08 21.38 -83.81
N PRO C 444 -37.84 20.30 -83.89
CA PRO C 444 -37.19 18.99 -83.98
C PRO C 444 -36.23 18.96 -85.16
N GLY C 445 -34.99 18.55 -84.88
CA GLY C 445 -34.01 18.44 -85.94
C GLY C 445 -34.41 17.38 -86.93
N THR C 446 -34.38 17.73 -88.20
CA THR C 446 -34.74 16.77 -89.24
C THR C 446 -33.73 15.63 -89.23
N ILE C 447 -34.26 14.41 -89.24
CA ILE C 447 -33.43 13.22 -89.30
C ILE C 447 -33.25 12.83 -90.75
N PHE C 448 -32.01 12.80 -91.21
CA PHE C 448 -31.68 12.48 -92.58
C PHE C 448 -31.13 11.06 -92.64
N ILE C 449 -31.37 10.40 -93.76
CA ILE C 449 -30.97 9.01 -93.92
C ILE C 449 -30.68 8.74 -95.38
N LYS C 450 -29.66 7.93 -95.63
CA LYS C 450 -29.14 7.68 -96.96
C LYS C 450 -28.70 6.24 -97.03
N MET C 451 -28.47 5.75 -98.25
CA MET C 451 -28.26 4.33 -98.48
C MET C 451 -26.80 3.90 -98.55
N ALA C 452 -25.84 4.79 -98.27
CA ALA C 452 -24.46 4.35 -98.16
C ALA C 452 -23.94 3.73 -99.45
N LYS C 453 -23.59 4.57 -100.42
CA LYS C 453 -23.22 4.10 -101.75
C LYS C 453 -22.24 2.95 -101.68
N ILE C 454 -22.57 1.87 -102.37
CA ILE C 454 -21.69 0.72 -102.50
C ILE C 454 -21.28 0.64 -103.96
N PRO C 455 -20.05 1.03 -104.29
CA PRO C 455 -19.66 1.08 -105.69
C PRO C 455 -19.32 -0.31 -106.21
N VAL C 456 -19.06 -0.36 -107.51
CA VAL C 456 -18.73 -1.63 -108.17
C VAL C 456 -17.61 -1.35 -109.17
N PRO C 457 -16.69 -2.26 -109.36
CA PRO C 457 -15.53 -1.96 -110.20
C PRO C 457 -15.88 -1.93 -111.67
N SER C 458 -15.18 -1.09 -112.41
CA SER C 458 -15.35 -1.01 -113.86
C SER C 458 -14.04 -0.52 -114.47
N ASN C 459 -14.01 -0.49 -115.80
CA ASN C 459 -12.80 -0.11 -116.53
C ASN C 459 -12.66 1.40 -116.67
N ASN C 460 -13.77 2.09 -116.94
CA ASN C 460 -13.75 3.51 -117.34
C ASN C 460 -12.89 4.46 -116.48
N ASN C 461 -13.00 4.46 -115.15
CA ASN C 461 -13.88 3.59 -114.38
C ASN C 461 -15.09 4.36 -113.90
N ALA C 462 -15.97 3.64 -113.19
CA ALA C 462 -17.19 4.18 -112.63
C ALA C 462 -18.06 4.84 -113.75
N ASP C 463 -18.93 5.82 -113.47
CA ASP C 463 -19.71 5.90 -112.24
C ASP C 463 -20.73 4.78 -112.22
N SER C 464 -20.63 3.95 -111.18
CA SER C 464 -21.51 2.81 -111.05
C SER C 464 -21.60 2.45 -109.58
N TYR C 465 -22.72 1.87 -109.20
CA TYR C 465 -22.98 1.58 -107.80
C TYR C 465 -23.97 0.43 -107.72
N LEU C 466 -24.06 -0.14 -106.54
CA LEU C 466 -24.93 -1.29 -106.32
C LEU C 466 -26.29 -0.82 -105.87
N ASN C 467 -27.33 -1.43 -106.43
CA ASN C 467 -28.70 -0.96 -106.26
C ASN C 467 -29.33 -1.64 -105.05
N ILE C 468 -29.59 -0.88 -104.00
CA ILE C 468 -30.12 -1.41 -102.74
C ILE C 468 -31.17 -0.45 -102.21
N TYR C 469 -31.89 -0.90 -101.19
CA TYR C 469 -32.80 -0.04 -100.46
C TYR C 469 -32.89 -0.53 -99.03
N CYS C 470 -33.31 0.37 -98.14
CA CYS C 470 -33.39 0.07 -96.73
C CYS C 470 -34.85 0.04 -96.32
N THR C 471 -35.11 -0.69 -95.25
CA THR C 471 -36.47 -0.80 -94.72
C THR C 471 -36.35 -0.97 -93.23
N GLY C 472 -37.24 -0.33 -92.48
CA GLY C 472 -37.11 -0.40 -91.05
C GLY C 472 -38.29 0.27 -90.39
N GLN C 473 -38.13 0.53 -89.09
CA GLN C 473 -39.23 1.00 -88.28
C GLN C 473 -38.81 2.21 -87.48
N VAL C 474 -39.51 3.31 -87.66
CA VAL C 474 -39.36 4.51 -86.84
C VAL C 474 -40.44 4.48 -85.79
N SER C 475 -40.07 4.82 -84.56
CA SER C 475 -41.05 4.99 -83.50
C SER C 475 -40.90 6.41 -82.98
N CYS C 476 -41.90 7.23 -83.23
CA CYS C 476 -41.90 8.60 -82.75
C CYS C 476 -42.82 8.66 -81.54
N GLU C 477 -42.23 8.82 -80.37
CA GLU C 477 -42.96 8.86 -79.11
C GLU C 477 -42.79 10.26 -78.53
N ILE C 478 -43.85 11.05 -78.50
CA ILE C 478 -43.77 12.43 -78.08
C ILE C 478 -44.70 12.66 -76.91
N VAL C 479 -44.26 13.49 -75.98
CA VAL C 479 -44.99 13.81 -74.77
C VAL C 479 -45.58 15.20 -74.92
N TRP C 480 -46.81 15.36 -74.48
CA TRP C 480 -47.55 16.61 -74.67
C TRP C 480 -47.87 17.18 -73.30
N GLU C 481 -47.35 18.36 -73.00
CA GLU C 481 -47.88 19.11 -71.86
C GLU C 481 -49.32 19.47 -72.15
N VAL C 482 -50.20 19.12 -71.23
CA VAL C 482 -51.63 19.23 -71.47
C VAL C 482 -52.29 19.78 -70.21
N GLU C 483 -53.33 20.59 -70.39
CA GLU C 483 -54.03 21.21 -69.28
C GLU C 483 -55.52 21.02 -69.46
N ARG C 484 -56.20 20.65 -68.37
CA ARG C 484 -57.59 20.24 -68.41
C ARG C 484 -58.48 21.37 -67.95
N TYR C 485 -59.68 21.46 -68.53
CA TYR C 485 -60.49 22.65 -68.37
C TYR C 485 -61.52 22.48 -67.27
N ALA C 486 -61.76 23.57 -66.55
CA ALA C 486 -62.87 23.69 -65.62
C ALA C 486 -63.52 25.03 -65.85
N THR C 487 -64.84 25.08 -65.75
CA THR C 487 -65.55 26.32 -66.03
C THR C 487 -66.81 26.39 -65.21
N LYS C 488 -67.31 27.61 -65.05
CA LYS C 488 -68.52 27.87 -64.29
C LYS C 488 -69.75 27.96 -65.16
N ASN C 489 -69.63 27.72 -66.46
CA ASN C 489 -70.79 27.76 -67.33
C ASN C 489 -71.80 26.73 -66.88
N TRP C 490 -73.07 27.11 -66.94
CA TRP C 490 -74.15 26.20 -66.59
C TRP C 490 -74.50 25.26 -67.73
N ARG C 491 -74.33 25.69 -68.94
CA ARG C 491 -74.86 25.04 -70.12
C ARG C 491 -73.90 24.00 -70.70
N PRO C 492 -74.42 23.10 -71.54
CA PRO C 492 -73.65 21.93 -71.99
C PRO C 492 -72.40 22.22 -72.80
N GLU C 493 -72.19 23.43 -73.31
CA GLU C 493 -71.06 23.75 -74.23
C GLU C 493 -71.16 22.85 -75.46
N ARG C 494 -70.04 22.40 -76.02
CA ARG C 494 -70.02 21.75 -77.32
C ARG C 494 -68.87 20.77 -77.36
N ARG C 495 -69.06 19.68 -78.11
CA ARG C 495 -68.05 18.65 -78.25
C ARG C 495 -67.97 18.27 -79.72
N HIS C 496 -67.15 17.28 -80.01
CA HIS C 496 -67.05 16.74 -81.37
C HIS C 496 -67.68 15.36 -81.39
N THR C 497 -68.88 15.27 -81.94
CA THR C 497 -69.54 14.02 -82.23
C THR C 497 -69.04 13.44 -83.54
N THR C 498 -69.21 12.13 -83.68
CA THR C 498 -69.19 11.52 -85.00
C THR C 498 -70.31 12.05 -85.88
N PHE C 499 -71.34 12.66 -85.31
CA PHE C 499 -72.43 13.11 -86.16
C PHE C 499 -72.03 14.22 -87.09
N GLY C 500 -70.98 14.97 -86.78
CA GLY C 500 -70.41 15.85 -87.77
C GLY C 500 -69.85 15.09 -88.95
N LEU C 501 -69.45 13.85 -88.74
CA LEU C 501 -68.90 13.00 -89.77
C LEU C 501 -70.00 12.51 -90.69
N GLY C 502 -69.60 12.01 -91.86
CA GLY C 502 -70.56 11.54 -92.83
C GLY C 502 -70.01 10.35 -93.59
N ILE C 503 -70.93 9.65 -94.26
CA ILE C 503 -70.68 8.35 -94.87
C ILE C 503 -70.00 8.54 -96.22
N GLY C 504 -69.13 7.62 -96.60
CA GLY C 504 -68.45 7.75 -97.88
C GLY C 504 -67.68 6.50 -98.27
N GLY C 505 -67.18 6.54 -99.50
CA GLY C 505 -66.31 5.54 -100.09
C GLY C 505 -67.07 4.42 -100.79
N ALA C 506 -66.50 3.92 -101.88
CA ALA C 506 -67.03 2.82 -102.67
C ALA C 506 -68.53 2.91 -102.88
N ASP C 507 -69.22 1.79 -102.69
CA ASP C 507 -70.62 1.85 -102.29
C ASP C 507 -70.67 2.50 -100.92
N ASN C 508 -71.62 3.41 -100.72
CA ASN C 508 -71.48 4.46 -99.72
C ASN C 508 -71.03 3.94 -98.36
N LEU C 509 -71.21 2.64 -98.11
CA LEU C 509 -70.96 2.05 -96.80
C LEU C 509 -69.58 2.39 -96.26
N ASN C 510 -69.49 2.41 -94.93
CA ASN C 510 -68.44 2.84 -94.01
C ASN C 510 -68.52 4.34 -93.86
N PRO C 511 -68.35 4.88 -92.65
CA PRO C 511 -68.64 6.30 -92.49
C PRO C 511 -67.59 7.28 -92.98
N THR C 512 -66.50 7.43 -92.23
CA THR C 512 -65.52 8.45 -92.59
C THR C 512 -64.10 8.01 -92.30
N TYR C 513 -63.73 7.87 -91.03
CA TYR C 513 -62.41 7.36 -90.73
C TYR C 513 -62.54 5.84 -90.59
N HIS C 514 -62.16 5.15 -91.65
CA HIS C 514 -62.51 3.74 -91.77
C HIS C 514 -62.05 3.25 -93.13
N VAL C 515 -61.94 1.94 -93.25
CA VAL C 515 -61.47 1.33 -94.49
C VAL C 515 -62.59 1.14 -95.49
N ASP C 516 -62.22 1.08 -96.77
CA ASP C 516 -63.10 0.76 -97.88
C ASP C 516 -63.10 -0.75 -98.10
N LYS C 517 -63.61 -1.25 -99.23
CA LYS C 517 -63.80 -2.70 -99.35
C LYS C 517 -62.83 -3.71 -100.05
N ASN C 518 -61.80 -3.43 -100.88
CA ASN C 518 -61.34 -2.21 -101.55
C ASN C 518 -60.45 -1.36 -100.67
N GLY C 519 -60.16 -1.85 -99.48
CA GLY C 519 -59.90 -0.95 -98.37
C GLY C 519 -58.93 0.16 -98.64
N THR C 520 -59.49 1.37 -98.57
CA THR C 520 -58.80 2.62 -98.70
C THR C 520 -59.42 3.54 -97.66
N TYR C 521 -58.59 4.06 -96.79
CA TYR C 521 -59.05 4.88 -95.68
C TYR C 521 -59.86 6.04 -96.22
N ILE C 522 -61.12 6.16 -95.77
CA ILE C 522 -61.99 7.19 -96.31
C ILE C 522 -61.56 8.55 -95.78
N GLN C 523 -61.44 9.46 -96.63
CA GLN C 523 -60.95 10.72 -96.09
C GLN C 523 -62.11 11.60 -95.63
N PRO C 524 -61.87 12.37 -94.58
CA PRO C 524 -62.88 13.32 -94.11
C PRO C 524 -63.11 14.41 -95.15
N THR C 525 -64.39 14.69 -95.43
CA THR C 525 -64.77 15.64 -96.46
C THR C 525 -65.32 16.91 -95.81
N THR C 526 -64.77 18.04 -96.23
CA THR C 526 -64.76 19.40 -95.66
C THR C 526 -64.23 19.52 -94.24
N TRP C 527 -64.60 20.60 -93.55
CA TRP C 527 -63.78 21.09 -92.45
C TRP C 527 -64.16 20.49 -91.12
N ASP C 528 -65.46 20.37 -90.84
CA ASP C 528 -65.90 19.91 -89.54
C ASP C 528 -65.52 18.47 -89.26
N MET C 529 -65.40 17.65 -90.31
CA MET C 529 -64.96 16.27 -90.15
C MET C 529 -63.71 16.20 -89.30
N CYS C 530 -62.60 16.70 -89.83
CA CYS C 530 -61.44 16.98 -89.00
C CYS C 530 -61.88 17.89 -87.87
N PHE C 531 -61.56 17.51 -86.65
CA PHE C 531 -62.20 18.21 -85.53
C PHE C 531 -61.28 19.30 -85.02
N PRO C 532 -61.58 20.57 -85.31
CA PRO C 532 -60.64 21.63 -84.97
C PRO C 532 -60.70 21.95 -83.50
N VAL C 533 -59.56 22.27 -82.90
CA VAL C 533 -59.61 22.89 -81.60
C VAL C 533 -60.11 24.31 -81.75
N LYS C 534 -60.51 24.90 -80.63
CA LYS C 534 -60.91 26.30 -80.49
C LYS C 534 -62.38 26.47 -80.83
N THR C 535 -63.06 25.44 -81.31
CA THR C 535 -64.49 25.48 -81.51
C THR C 535 -65.26 24.96 -80.31
N ASN C 536 -64.58 24.56 -79.25
CA ASN C 536 -65.22 23.95 -78.10
C ASN C 536 -64.87 24.70 -76.83
N ILE C 537 -65.36 24.13 -75.72
CA ILE C 537 -65.26 24.70 -74.39
C ILE C 537 -65.80 26.13 -74.43
N ASN C 538 -65.27 26.99 -73.56
CA ASN C 538 -65.52 28.43 -73.56
C ASN C 538 -64.43 29.06 -72.71
N LYS C 539 -64.26 30.37 -72.86
CA LYS C 539 -63.42 31.11 -71.93
C LYS C 539 -64.05 32.46 -71.67
N VAL C 540 -64.15 32.83 -70.40
CA VAL C 540 -64.41 34.22 -70.08
C VAL C 540 -63.18 35.04 -70.45
N LEU C 541 -63.37 36.06 -71.26
CA LEU C 541 -62.26 36.88 -71.69
C LEU C 541 -61.79 37.76 -70.54
N GLY D 34 -21.86 -4.82 -79.64
CA GLY D 34 -21.83 -6.09 -80.35
C GLY D 34 -20.65 -6.26 -81.27
N SER D 35 -20.61 -7.38 -81.99
CA SER D 35 -19.52 -7.68 -82.90
C SER D 35 -20.01 -8.66 -83.96
N GLY D 36 -19.28 -8.73 -85.05
CA GLY D 36 -19.57 -9.65 -86.13
C GLY D 36 -20.27 -8.98 -87.29
N VAL D 37 -20.59 -9.80 -88.29
CA VAL D 37 -21.35 -9.31 -89.44
C VAL D 37 -22.69 -8.76 -88.98
N GLY D 38 -23.13 -7.69 -89.61
CA GLY D 38 -24.38 -7.06 -89.25
C GLY D 38 -24.26 -5.99 -88.20
N ILE D 39 -23.06 -5.71 -87.71
CA ILE D 39 -22.82 -4.65 -86.75
C ILE D 39 -21.74 -3.76 -87.35
N SER D 40 -22.08 -2.51 -87.66
CA SER D 40 -21.12 -1.63 -88.28
C SER D 40 -19.99 -1.32 -87.32
N THR D 41 -18.78 -1.20 -87.85
CA THR D 41 -17.63 -1.04 -86.97
C THR D 41 -17.46 0.41 -86.52
N GLY D 42 -17.60 1.35 -87.44
CA GLY D 42 -17.50 2.75 -87.10
C GLY D 42 -18.38 3.56 -88.00
N GLY D 43 -18.64 4.80 -87.60
CA GLY D 43 -19.53 5.68 -88.31
C GLY D 43 -18.79 6.70 -89.16
N TRP D 44 -19.57 7.48 -89.89
CA TRP D 44 -19.03 8.53 -90.73
C TRP D 44 -18.48 9.67 -89.87
N VAL D 45 -17.53 10.41 -90.43
CA VAL D 45 -16.81 11.43 -89.70
C VAL D 45 -16.50 12.59 -90.64
N GLY D 46 -16.44 13.80 -90.10
CA GLY D 46 -15.97 14.94 -90.87
C GLY D 46 -16.33 16.25 -90.20
N GLY D 47 -16.09 17.34 -90.93
CA GLY D 47 -16.62 18.66 -90.58
C GLY D 47 -15.63 19.66 -90.02
N SER D 48 -14.35 19.32 -89.94
CA SER D 48 -13.28 20.11 -89.36
C SER D 48 -13.52 20.64 -87.95
N TYR D 49 -12.77 21.66 -87.53
CA TYR D 49 -12.85 22.13 -86.16
C TYR D 49 -12.55 23.61 -85.93
N PHE D 50 -11.29 24.01 -86.15
CA PHE D 50 -10.79 25.37 -85.98
C PHE D 50 -10.79 25.98 -84.58
N THR D 51 -9.81 25.60 -83.76
CA THR D 51 -9.40 26.33 -82.57
C THR D 51 -8.11 27.09 -82.84
N ASP D 52 -7.91 28.21 -82.16
CA ASP D 52 -6.75 29.07 -82.34
C ASP D 52 -5.43 28.32 -82.36
N SER D 53 -5.29 27.34 -81.47
CA SER D 53 -4.03 26.61 -81.38
C SER D 53 -3.91 25.51 -82.42
N TYR D 54 -5.01 24.90 -82.84
CA TYR D 54 -4.93 23.79 -83.78
C TYR D 54 -6.23 23.64 -84.54
N VAL D 55 -6.15 22.97 -85.68
CA VAL D 55 -7.28 22.70 -86.54
C VAL D 55 -7.35 21.19 -86.75
N ILE D 56 -8.51 20.60 -86.47
CA ILE D 56 -8.73 19.18 -86.67
C ILE D 56 -9.62 19.00 -87.88
N THR D 57 -9.07 18.46 -88.95
CA THR D 57 -9.85 18.16 -90.15
C THR D 57 -10.17 16.67 -90.16
N LYS D 58 -11.42 16.35 -90.39
CA LYS D 58 -11.90 14.97 -90.39
C LYS D 58 -12.53 14.69 -91.75
N ASN D 59 -12.28 13.50 -92.28
CA ASN D 59 -12.79 13.13 -93.58
C ASN D 59 -13.08 11.65 -93.60
N THR D 60 -13.98 11.24 -94.47
CA THR D 60 -14.36 9.85 -94.62
C THR D 60 -14.66 9.58 -96.08
N ARG D 61 -14.39 8.37 -96.54
CA ARG D 61 -14.51 8.04 -97.95
C ARG D 61 -15.14 6.67 -98.12
N GLN D 62 -15.48 6.38 -99.36
CA GLN D 62 -15.89 5.06 -99.78
C GLN D 62 -14.90 4.62 -100.86
N PHE D 63 -14.27 3.47 -100.67
CA PHE D 63 -13.23 3.04 -101.59
C PHE D 63 -13.51 1.63 -102.08
N LEU D 64 -12.80 1.21 -103.12
CA LEU D 64 -12.87 -0.18 -103.52
C LEU D 64 -11.54 -0.67 -104.06
N VAL D 65 -11.23 -1.92 -103.76
CA VAL D 65 -10.00 -2.58 -104.19
C VAL D 65 -10.37 -3.59 -105.27
N LYS D 66 -9.68 -3.53 -106.39
CA LYS D 66 -10.15 -4.15 -107.63
C LYS D 66 -9.50 -5.49 -107.97
N ILE D 67 -8.55 -5.98 -107.18
CA ILE D 67 -7.67 -7.08 -107.59
C ILE D 67 -6.90 -6.66 -108.84
N GLN D 68 -5.88 -5.82 -108.68
CA GLN D 68 -5.06 -5.46 -109.82
C GLN D 68 -4.03 -6.54 -110.11
N ASN D 69 -3.76 -6.73 -111.39
CA ASN D 69 -2.58 -7.47 -111.86
C ASN D 69 -2.65 -8.95 -111.49
N ASN D 70 -3.83 -9.55 -111.61
CA ASN D 70 -4.10 -10.87 -111.04
C ASN D 70 -3.64 -10.78 -109.59
N HIS D 71 -3.03 -11.80 -109.01
CA HIS D 71 -2.26 -11.57 -107.80
C HIS D 71 -0.76 -11.61 -108.04
N GLN D 72 -0.33 -11.95 -109.23
CA GLN D 72 1.08 -11.97 -109.56
C GLN D 72 1.61 -10.56 -109.82
N TYR D 73 2.94 -10.44 -109.75
CA TYR D 73 3.67 -9.18 -109.82
C TYR D 73 4.00 -8.72 -111.24
N LYS D 74 4.74 -9.52 -111.99
CA LYS D 74 5.37 -9.16 -113.25
C LYS D 74 6.33 -7.99 -113.13
N THR D 75 6.57 -7.29 -114.25
CA THR D 75 7.52 -6.18 -114.30
C THR D 75 6.92 -5.05 -115.14
N GLU D 76 6.52 -5.38 -116.37
CA GLU D 76 5.69 -4.62 -117.29
C GLU D 76 6.39 -3.65 -118.23
N LEU D 77 7.66 -3.29 -117.98
CA LEU D 77 8.47 -2.54 -118.94
C LEU D 77 7.65 -1.49 -119.69
N ILE D 78 7.26 -0.44 -118.98
CA ILE D 78 6.05 0.31 -119.34
C ILE D 78 6.08 0.83 -120.77
N SER D 79 6.80 1.92 -121.02
CA SER D 79 7.06 2.49 -122.34
C SER D 79 5.81 2.94 -123.07
N PRO D 80 5.87 3.96 -123.90
CA PRO D 80 5.03 3.99 -125.09
C PRO D 80 5.84 3.51 -126.28
N SER D 81 5.24 3.44 -127.46
CA SER D 81 6.04 3.27 -128.67
C SER D 81 5.52 4.08 -129.87
N THR D 82 6.31 4.99 -130.47
CA THR D 82 7.47 5.75 -129.93
C THR D 82 8.52 5.02 -129.08
N SER D 83 9.07 3.93 -129.63
CA SER D 83 10.07 3.13 -128.92
C SER D 83 11.26 3.96 -128.47
N GLN D 84 11.45 5.15 -129.03
CA GLN D 84 12.51 6.06 -128.58
C GLN D 84 12.30 6.51 -127.14
N GLY D 85 11.14 6.24 -126.55
CA GLY D 85 10.86 6.72 -125.21
C GLY D 85 11.76 6.10 -124.16
N LYS D 86 11.54 6.52 -122.92
CA LYS D 86 12.38 6.06 -121.82
C LYS D 86 12.19 4.57 -121.55
N SER D 87 10.95 4.09 -121.55
CA SER D 87 10.65 2.67 -121.42
C SER D 87 11.13 2.13 -120.08
N GLN D 88 10.78 2.82 -119.00
CA GLN D 88 11.11 2.33 -117.67
C GLN D 88 10.46 0.97 -117.43
N ARG D 89 11.20 0.07 -116.79
CA ARG D 89 10.72 -1.31 -116.66
C ARG D 89 9.71 -1.45 -115.53
N CYS D 90 9.93 -0.72 -114.44
CA CYS D 90 9.11 -0.77 -113.24
C CYS D 90 8.87 -2.16 -112.68
N VAL D 91 7.83 -2.28 -111.87
CA VAL D 91 7.35 -3.53 -111.28
C VAL D 91 5.88 -3.30 -110.95
N SER D 92 5.04 -4.29 -111.19
CA SER D 92 3.65 -4.18 -110.80
C SER D 92 3.40 -5.14 -109.65
N THR D 93 2.46 -4.81 -108.80
CA THR D 93 2.14 -5.63 -107.64
C THR D 93 0.65 -5.80 -107.53
N PRO D 94 0.18 -6.85 -106.85
CA PRO D 94 -1.26 -6.97 -106.58
C PRO D 94 -1.79 -5.90 -105.65
N TRP D 95 -0.92 -5.18 -104.97
CA TRP D 95 -1.34 -4.27 -103.91
C TRP D 95 -1.86 -2.96 -104.46
N SER D 96 -2.76 -2.35 -103.70
CA SER D 96 -3.23 -0.99 -103.91
C SER D 96 -2.91 -0.21 -102.65
N TYR D 97 -2.90 1.11 -102.75
CA TYR D 97 -2.48 1.90 -101.62
C TYR D 97 -3.34 3.15 -101.48
N PHE D 98 -3.37 3.66 -100.25
CA PHE D 98 -4.06 4.90 -99.92
C PHE D 98 -3.08 6.05 -99.99
N ASN D 99 -3.37 7.02 -100.85
CA ASN D 99 -2.60 8.25 -100.93
C ASN D 99 -3.43 9.36 -100.29
N PHE D 100 -2.99 9.85 -99.15
CA PHE D 100 -3.66 10.94 -98.46
C PHE D 100 -3.04 12.29 -98.73
N ASN D 101 -2.05 12.39 -99.61
CA ASN D 101 -1.21 13.56 -99.68
C ASN D 101 -1.80 14.56 -100.67
N GLN D 102 -2.41 15.60 -100.14
CA GLN D 102 -2.89 16.78 -100.86
C GLN D 102 -3.64 17.62 -99.85
N TYR D 103 -3.75 18.92 -100.12
CA TYR D 103 -4.53 19.75 -99.22
C TYR D 103 -6.01 19.69 -99.53
N SER D 104 -6.36 19.72 -100.82
CA SER D 104 -7.76 19.76 -101.20
C SER D 104 -8.52 18.53 -100.75
N SER D 105 -7.84 17.48 -100.32
CA SER D 105 -8.53 16.32 -99.80
C SER D 105 -9.01 16.57 -98.38
N HIS D 106 -8.21 17.25 -97.57
CA HIS D 106 -8.51 17.41 -96.16
C HIS D 106 -9.22 18.71 -95.83
N PHE D 107 -9.33 19.64 -96.77
CA PHE D 107 -9.91 20.96 -96.50
C PHE D 107 -10.99 21.27 -97.52
N SER D 108 -12.17 21.59 -97.04
CA SER D 108 -13.18 22.13 -97.91
C SER D 108 -12.73 23.49 -98.40
N PRO D 109 -13.28 23.95 -99.53
CA PRO D 109 -12.94 25.30 -99.98
C PRO D 109 -13.21 26.38 -98.97
N GLN D 110 -14.09 26.15 -97.99
CA GLN D 110 -14.21 27.09 -96.90
C GLN D 110 -13.23 26.85 -95.76
N ASP D 111 -13.00 25.59 -95.38
CA ASP D 111 -12.01 25.34 -94.33
C ASP D 111 -10.65 25.89 -94.73
N TRP D 112 -10.14 25.46 -95.87
CA TRP D 112 -9.15 26.25 -96.56
C TRP D 112 -9.80 27.59 -96.85
N GLN D 113 -9.03 28.67 -96.76
CA GLN D 113 -9.52 30.05 -96.74
C GLN D 113 -10.06 30.45 -95.38
N ARG D 114 -10.42 29.52 -94.53
CA ARG D 114 -10.56 29.93 -93.15
C ARG D 114 -9.22 29.96 -92.45
N LEU D 115 -8.34 29.01 -92.73
CA LEU D 115 -6.97 29.10 -92.22
C LEU D 115 -6.10 30.00 -93.06
N THR D 116 -6.28 30.01 -94.37
CA THR D 116 -5.46 30.86 -95.21
C THR D 116 -5.67 32.33 -94.88
N ASN D 117 -6.90 32.69 -94.48
CA ASN D 117 -7.17 34.06 -94.08
C ASN D 117 -6.75 34.32 -92.64
N GLU D 118 -7.02 33.37 -91.75
CA GLU D 118 -6.96 33.66 -90.32
C GLU D 118 -5.66 33.24 -89.63
N TYR D 119 -4.71 32.64 -90.33
CA TYR D 119 -3.54 32.12 -89.62
C TYR D 119 -2.24 32.41 -90.35
N LYS D 120 -1.18 32.64 -89.57
CA LYS D 120 0.16 32.82 -90.13
C LYS D 120 0.66 31.54 -90.77
N ARG D 121 0.60 30.44 -90.02
CA ARG D 121 1.35 29.27 -90.41
C ARG D 121 0.67 28.05 -89.83
N PHE D 122 0.91 26.91 -90.47
CA PHE D 122 0.32 25.67 -90.02
C PHE D 122 1.20 24.54 -90.48
N ARG D 123 1.17 23.45 -89.71
CA ARG D 123 1.81 22.22 -90.13
C ARG D 123 1.00 21.08 -89.57
N PRO D 124 0.91 19.96 -90.26
CA PRO D 124 0.15 18.83 -89.70
C PRO D 124 0.87 18.28 -88.49
N LYS D 125 0.13 18.17 -87.39
CA LYS D 125 0.70 17.65 -86.15
C LYS D 125 0.66 16.14 -86.10
N GLY D 126 -0.46 15.54 -86.51
CA GLY D 126 -0.63 14.10 -86.41
C GLY D 126 -1.67 13.65 -87.39
N MET D 127 -1.83 12.34 -87.48
CA MET D 127 -2.74 11.74 -88.44
C MET D 127 -3.27 10.44 -87.88
N HIS D 128 -4.55 10.18 -88.12
CA HIS D 128 -5.20 8.99 -87.60
C HIS D 128 -6.11 8.44 -88.68
N VAL D 129 -5.90 7.20 -89.08
CA VAL D 129 -6.61 6.61 -90.20
C VAL D 129 -7.31 5.36 -89.71
N LYS D 130 -8.53 5.14 -90.18
CA LYS D 130 -9.32 3.99 -89.77
C LYS D 130 -9.97 3.37 -90.99
N ILE D 131 -9.66 2.10 -91.23
CA ILE D 131 -10.38 1.29 -92.21
C ILE D 131 -11.49 0.60 -91.46
N TYR D 132 -12.70 0.60 -92.01
CA TYR D 132 -13.81 -0.06 -91.35
C TYR D 132 -14.94 -0.21 -92.33
N ASN D 133 -16.01 -0.87 -91.87
CA ASN D 133 -17.19 -1.14 -92.68
C ASN D 133 -16.82 -1.80 -94.01
N LEU D 134 -16.04 -2.87 -93.93
CA LEU D 134 -15.56 -3.54 -95.12
C LEU D 134 -16.64 -4.41 -95.72
N GLN D 135 -16.55 -4.63 -97.03
CA GLN D 135 -17.50 -5.48 -97.75
C GLN D 135 -16.76 -6.22 -98.84
N ILE D 136 -17.01 -7.51 -99.00
CA ILE D 136 -16.43 -8.30 -100.07
C ILE D 136 -17.59 -8.79 -100.92
N LYS D 137 -17.68 -8.34 -102.17
CA LYS D 137 -18.92 -8.52 -102.91
C LYS D 137 -18.92 -9.64 -103.95
N GLN D 138 -17.80 -10.31 -104.22
CA GLN D 138 -17.84 -11.52 -105.03
C GLN D 138 -18.47 -11.27 -106.41
N ILE D 139 -17.70 -10.64 -107.29
CA ILE D 139 -18.16 -10.44 -108.66
C ILE D 139 -18.52 -11.78 -109.29
N LEU D 140 -19.65 -11.81 -110.00
CA LEU D 140 -20.01 -12.94 -110.85
C LEU D 140 -20.36 -12.45 -112.24
N SER D 141 -20.13 -13.31 -113.22
CA SER D 141 -20.49 -13.03 -114.60
C SER D 141 -21.13 -14.27 -115.20
N ASN D 142 -22.39 -14.13 -115.62
CA ASN D 142 -23.08 -15.16 -116.38
C ASN D 142 -22.90 -14.95 -117.87
N GLY D 143 -22.07 -14.00 -118.26
CA GLY D 143 -22.00 -13.46 -119.59
C GLY D 143 -22.81 -12.18 -119.64
N ALA D 144 -22.30 -11.20 -120.37
CA ALA D 144 -22.80 -9.82 -120.36
C ALA D 144 -22.92 -9.39 -118.89
N ASP D 145 -23.93 -8.59 -118.52
CA ASP D 145 -24.43 -8.34 -117.17
C ASP D 145 -23.35 -8.22 -116.09
N THR D 146 -23.68 -8.71 -114.90
CA THR D 146 -22.85 -9.04 -113.73
C THR D 146 -23.81 -9.33 -112.58
N THR D 147 -23.32 -10.00 -111.55
CA THR D 147 -24.08 -10.12 -110.31
C THR D 147 -23.09 -10.07 -109.15
N TYR D 148 -23.58 -9.61 -108.01
CA TYR D 148 -22.76 -9.45 -106.80
C TYR D 148 -23.49 -10.16 -105.67
N ASN D 149 -22.92 -11.26 -105.19
CA ASN D 149 -23.63 -12.09 -104.22
C ASN D 149 -23.36 -11.63 -102.81
N ASN D 150 -22.69 -10.50 -102.67
CA ASN D 150 -21.99 -10.14 -101.46
C ASN D 150 -21.01 -11.27 -101.18
N ASP D 151 -20.74 -11.54 -99.92
CA ASP D 151 -19.84 -12.63 -99.55
C ASP D 151 -19.64 -12.54 -98.05
N LEU D 152 -19.23 -13.66 -97.47
CA LEU D 152 -18.68 -13.68 -96.13
C LEU D 152 -17.49 -14.63 -96.20
N THR D 153 -16.83 -14.83 -95.07
CA THR D 153 -15.66 -15.67 -95.00
C THR D 153 -14.65 -15.30 -96.08
N ALA D 154 -14.44 -14.01 -96.29
CA ALA D 154 -13.42 -13.50 -97.20
C ALA D 154 -12.60 -12.45 -96.46
N GLY D 155 -11.48 -12.04 -97.03
CA GLY D 155 -10.51 -11.27 -96.31
C GLY D 155 -9.84 -10.23 -97.17
N VAL D 156 -9.19 -9.30 -96.49
CA VAL D 156 -8.51 -8.17 -97.10
C VAL D 156 -7.22 -7.94 -96.34
N HIS D 157 -6.12 -7.91 -97.07
CA HIS D 157 -4.81 -7.62 -96.49
C HIS D 157 -4.66 -6.12 -96.35
N ILE D 158 -4.17 -5.68 -95.20
CA ILE D 158 -3.92 -4.26 -94.96
C ILE D 158 -2.56 -4.13 -94.30
N PHE D 159 -1.68 -3.35 -94.91
CA PHE D 159 -0.31 -3.24 -94.49
C PHE D 159 0.11 -1.77 -94.47
N CYS D 160 0.86 -1.38 -93.46
CA CYS D 160 1.34 -0.02 -93.31
C CYS D 160 2.85 -0.01 -93.15
N ASP D 161 3.49 1.07 -93.57
CA ASP D 161 4.92 1.25 -93.43
C ASP D 161 5.22 2.19 -92.27
N GLY D 162 5.74 1.66 -91.18
CA GLY D 162 6.26 2.53 -90.15
C GLY D 162 7.74 2.78 -90.34
N GLU D 163 8.41 1.83 -90.98
CA GLU D 163 9.84 1.94 -91.20
C GLU D 163 10.19 2.61 -92.52
N HIS D 164 9.21 2.76 -93.41
CA HIS D 164 9.43 3.17 -94.79
C HIS D 164 10.44 2.30 -95.51
N ALA D 165 10.57 1.04 -95.11
CA ALA D 165 11.03 0.03 -96.04
C ALA D 165 10.01 -0.09 -97.15
N TYR D 166 10.43 -0.62 -98.29
CA TYR D 166 9.65 -0.72 -99.51
C TYR D 166 9.65 0.61 -100.27
N PRO D 167 9.51 0.54 -101.58
CA PRO D 167 9.76 1.73 -102.43
C PRO D 167 8.79 2.89 -102.29
N ASN D 168 7.72 2.78 -101.51
CA ASN D 168 6.79 3.87 -101.17
C ASN D 168 6.26 4.65 -102.39
N ALA D 169 5.24 4.10 -103.04
CA ALA D 169 4.72 4.64 -104.29
C ALA D 169 4.51 6.15 -104.25
N THR D 170 4.04 6.69 -103.13
CA THR D 170 3.55 8.06 -103.10
C THR D 170 4.59 9.03 -103.66
N HIS D 171 4.17 9.80 -104.64
CA HIS D 171 4.89 10.90 -105.26
C HIS D 171 4.01 12.12 -105.12
N PRO D 172 4.59 13.31 -104.88
CA PRO D 172 3.76 14.45 -104.50
C PRO D 172 2.56 14.73 -105.39
N TRP D 173 2.73 14.78 -106.69
CA TRP D 173 1.61 15.23 -107.54
C TRP D 173 0.71 14.06 -107.88
N ASP D 174 1.18 13.17 -108.75
CA ASP D 174 0.47 11.96 -109.14
C ASP D 174 -0.96 12.37 -109.51
N GLU D 175 -1.96 11.67 -109.01
CA GLU D 175 -3.36 11.82 -109.38
C GLU D 175 -4.10 11.60 -108.08
N ASP D 176 -5.41 11.37 -108.18
CA ASP D 176 -6.18 10.63 -107.15
C ASP D 176 -5.97 11.29 -105.79
N VAL D 177 -5.25 10.68 -104.86
CA VAL D 177 -5.26 11.00 -103.44
C VAL D 177 -6.71 10.79 -103.05
N MET D 178 -7.22 11.55 -102.09
CA MET D 178 -8.63 11.43 -101.78
C MET D 178 -9.39 12.33 -102.73
N PRO D 179 -10.59 11.97 -103.14
CA PRO D 179 -11.38 12.93 -103.91
C PRO D 179 -11.65 14.13 -103.04
N GLU D 180 -11.36 15.32 -103.57
CA GLU D 180 -11.52 16.53 -102.79
C GLU D 180 -12.92 16.65 -102.23
N LEU D 181 -13.87 15.95 -102.84
CA LEU D 181 -15.28 16.04 -102.53
C LEU D 181 -15.71 14.74 -101.89
N PRO D 182 -16.28 14.72 -100.67
CA PRO D 182 -16.74 13.45 -100.10
C PRO D 182 -17.87 12.86 -100.90
N TYR D 183 -18.48 11.77 -100.43
CA TYR D 183 -19.55 11.05 -101.11
C TYR D 183 -19.10 10.53 -102.47
N GLN D 184 -17.92 10.93 -102.89
CA GLN D 184 -17.36 10.50 -104.16
C GLN D 184 -16.50 9.29 -103.89
N THR D 185 -16.87 8.15 -104.45
CA THR D 185 -16.15 6.92 -104.16
C THR D 185 -14.71 7.03 -104.61
N TRP D 186 -13.82 6.39 -103.87
CA TRP D 186 -12.39 6.55 -104.06
C TRP D 186 -11.78 5.27 -104.59
N TYR D 187 -11.40 5.27 -105.85
CA TYR D 187 -10.82 4.10 -106.47
C TYR D 187 -9.32 4.09 -106.19
N LEU D 188 -8.85 3.01 -105.59
CA LEU D 188 -7.44 2.86 -105.31
C LEU D 188 -6.65 2.56 -106.58
N PHE D 189 -5.35 2.78 -106.49
CA PHE D 189 -4.44 2.59 -107.62
C PHE D 189 -3.38 1.56 -107.28
N GLN D 190 -2.93 0.86 -108.31
CA GLN D 190 -2.01 -0.24 -108.13
C GLN D 190 -0.66 0.25 -107.64
N TYR D 191 -0.03 -0.53 -106.78
CA TYR D 191 1.29 -0.20 -106.28
C TYR D 191 2.36 -0.76 -107.18
N GLY D 192 3.31 0.08 -107.56
CA GLY D 192 4.42 -0.34 -108.38
C GLY D 192 5.63 0.50 -108.04
N TYR D 193 6.78 0.08 -108.56
CA TYR D 193 7.99 0.82 -108.29
C TYR D 193 9.02 0.53 -109.36
N ILE D 194 9.97 1.45 -109.50
CA ILE D 194 11.07 1.27 -110.44
C ILE D 194 12.20 0.51 -109.74
N PRO D 195 12.47 -0.73 -110.10
CA PRO D 195 13.62 -1.40 -109.49
C PRO D 195 14.95 -0.79 -109.90
N VAL D 196 15.15 -0.53 -111.19
CA VAL D 196 16.38 0.03 -111.74
C VAL D 196 16.06 0.73 -113.05
N ILE D 197 16.89 1.73 -113.39
CA ILE D 197 16.79 2.39 -114.68
C ILE D 197 16.82 1.35 -115.78
N HIS D 198 15.87 1.44 -116.71
CA HIS D 198 15.76 0.41 -117.74
C HIS D 198 16.99 0.40 -118.64
N GLU D 199 17.32 1.54 -119.23
CA GLU D 199 18.65 1.66 -119.81
C GLU D 199 19.67 1.49 -118.70
N LEU D 200 20.89 1.10 -119.05
CA LEU D 200 21.86 0.69 -118.05
C LEU D 200 21.37 -0.57 -117.35
N ALA D 201 21.63 -1.73 -117.97
CA ALA D 201 20.95 -3.03 -117.83
C ALA D 201 19.96 -3.35 -118.93
N GLU D 202 19.87 -2.53 -119.97
CA GLU D 202 19.00 -2.87 -121.09
C GLU D 202 19.13 -4.31 -121.64
N MET D 203 20.32 -4.91 -121.82
CA MET D 203 21.64 -4.29 -121.83
C MET D 203 22.27 -4.60 -123.18
N GLU D 204 23.26 -3.81 -123.59
CA GLU D 204 23.77 -3.95 -124.95
C GLU D 204 25.00 -4.84 -124.99
N ASP D 205 24.81 -6.05 -125.53
CA ASP D 205 25.89 -6.99 -125.81
C ASP D 205 26.84 -7.15 -124.62
N SER D 206 28.14 -7.26 -124.91
CA SER D 206 29.20 -7.05 -123.93
C SER D 206 28.84 -7.78 -122.57
N ASN D 207 28.69 -7.19 -121.37
CA ASN D 207 28.99 -5.83 -120.92
C ASN D 207 29.72 -5.87 -119.58
N ALA D 208 29.02 -6.43 -118.60
CA ALA D 208 29.48 -6.68 -117.23
C ALA D 208 29.45 -5.41 -116.38
N VAL D 209 29.39 -4.25 -117.02
CA VAL D 209 29.08 -3.03 -116.28
C VAL D 209 27.57 -2.86 -116.14
N GLU D 210 26.82 -3.20 -117.19
CA GLU D 210 25.37 -3.23 -117.06
C GLU D 210 24.86 -4.60 -116.64
N LYS D 211 25.72 -5.63 -116.70
CA LYS D 211 25.36 -6.90 -116.09
C LYS D 211 25.19 -6.73 -114.60
N ALA D 212 26.21 -6.19 -113.94
CA ALA D 212 25.97 -5.57 -112.65
C ALA D 212 25.05 -4.39 -112.86
N ILE D 213 24.29 -4.06 -111.82
CA ILE D 213 23.18 -3.12 -111.82
C ILE D 213 21.96 -3.77 -112.43
N CYS D 214 22.16 -4.79 -113.27
CA CYS D 214 21.05 -5.68 -113.61
C CYS D 214 20.92 -6.79 -112.60
N LEU D 215 22.04 -7.37 -112.17
CA LEU D 215 22.02 -8.39 -111.14
C LEU D 215 21.59 -7.82 -109.81
N GLN D 216 21.86 -6.54 -109.57
CA GLN D 216 21.63 -5.98 -108.25
C GLN D 216 20.23 -5.40 -108.09
N ILE D 217 19.37 -5.52 -109.10
CA ILE D 217 18.08 -4.87 -109.00
C ILE D 217 17.36 -5.53 -107.82
N PRO D 218 16.93 -4.79 -106.83
CA PRO D 218 16.23 -5.38 -105.70
C PRO D 218 14.80 -5.71 -106.09
N PHE D 219 14.25 -6.70 -105.39
CA PHE D 219 12.88 -7.12 -105.62
C PHE D 219 12.16 -7.13 -104.28
N PHE D 220 11.20 -6.23 -104.14
CA PHE D 220 10.49 -6.04 -102.89
C PHE D 220 9.12 -6.68 -103.00
N MET D 221 8.66 -7.23 -101.89
CA MET D 221 7.39 -7.92 -101.82
C MET D 221 6.71 -7.51 -100.53
N LEU D 222 5.43 -7.23 -100.58
CA LEU D 222 4.74 -6.81 -99.39
C LEU D 222 4.27 -7.99 -98.56
N GLU D 223 4.61 -9.21 -98.96
CA GLU D 223 4.17 -10.34 -98.15
C GLU D 223 5.06 -10.46 -96.94
N ASN D 224 6.29 -10.98 -97.07
CA ASN D 224 7.41 -10.56 -96.24
C ASN D 224 6.97 -10.15 -94.84
N SER D 225 7.23 -8.89 -94.50
CA SER D 225 6.78 -8.36 -93.22
C SER D 225 5.29 -8.58 -93.01
N ASP D 226 4.92 -8.90 -91.78
CA ASP D 226 3.56 -9.30 -91.48
C ASP D 226 2.59 -8.15 -91.59
N HIS D 227 1.32 -8.47 -91.78
CA HIS D 227 0.26 -7.50 -91.90
C HIS D 227 -1.07 -8.15 -91.57
N GLU D 228 -2.07 -7.32 -91.35
CA GLU D 228 -3.36 -7.80 -90.89
C GLU D 228 -4.25 -8.17 -92.05
N VAL D 229 -5.01 -9.24 -91.88
CA VAL D 229 -6.11 -9.59 -92.77
C VAL D 229 -7.39 -9.28 -92.01
N LEU D 230 -8.42 -8.87 -92.74
CA LEU D 230 -9.67 -8.48 -92.13
C LEU D 230 -10.83 -9.12 -92.86
N ARG D 231 -11.72 -9.77 -92.13
CA ARG D 231 -13.01 -10.07 -92.70
C ARG D 231 -13.89 -8.83 -92.55
N THR D 232 -15.19 -8.99 -92.79
CA THR D 232 -16.09 -7.84 -92.75
C THR D 232 -16.13 -7.19 -91.37
N GLY D 233 -16.49 -7.95 -90.33
CA GLY D 233 -16.72 -7.35 -89.03
C GLY D 233 -15.53 -6.63 -88.43
N GLU D 234 -14.33 -6.96 -88.87
CA GLU D 234 -13.13 -6.36 -88.31
C GLU D 234 -12.83 -5.01 -88.94
N SER D 235 -12.07 -4.19 -88.21
CA SER D 235 -11.55 -2.92 -88.70
C SER D 235 -10.08 -2.79 -88.32
N THR D 236 -9.50 -1.63 -88.64
CA THR D 236 -8.11 -1.37 -88.33
C THR D 236 -7.92 0.13 -88.16
N GLU D 237 -7.01 0.51 -87.27
CA GLU D 237 -6.62 1.89 -87.08
C GLU D 237 -5.14 2.05 -87.36
N PHE D 238 -4.75 3.26 -87.75
CA PHE D 238 -3.35 3.62 -87.90
C PHE D 238 -3.16 5.04 -87.41
N THR D 239 -2.04 5.29 -86.76
CA THR D 239 -1.70 6.63 -86.31
C THR D 239 -0.38 7.06 -86.92
N PHE D 240 -0.17 8.36 -86.96
CA PHE D 240 1.07 8.92 -87.49
C PHE D 240 1.38 10.19 -86.74
N ASN D 241 2.67 10.45 -86.55
CA ASN D 241 3.14 11.69 -85.98
C ASN D 241 4.14 12.29 -86.93
N PHE D 242 4.22 13.62 -86.93
CA PHE D 242 5.00 14.35 -87.92
C PHE D 242 6.08 15.16 -87.24
N ASP D 243 7.33 14.91 -87.62
CA ASP D 243 8.39 15.88 -87.44
C ASP D 243 8.43 16.69 -88.73
N CYS D 244 8.00 17.94 -88.65
CA CYS D 244 7.55 18.62 -89.85
C CYS D 244 7.82 20.11 -89.73
N GLU D 245 8.15 20.73 -90.85
CA GLU D 245 8.42 22.15 -90.91
C GLU D 245 7.13 22.92 -91.16
N TRP D 246 7.02 24.09 -90.53
CA TRP D 246 5.87 24.95 -90.76
C TRP D 246 5.80 25.35 -92.22
N ILE D 247 4.59 25.53 -92.73
CA ILE D 247 4.37 26.21 -93.99
C ILE D 247 3.73 27.56 -93.66
N ASN D 248 4.34 28.63 -94.15
CA ASN D 248 4.03 29.97 -93.67
C ASN D 248 3.10 30.68 -94.63
N ASN D 249 1.98 31.15 -94.13
CA ASN D 249 1.09 32.05 -94.86
C ASN D 249 1.37 33.45 -94.35
N GLU D 250 2.03 34.25 -95.17
CA GLU D 250 2.61 35.54 -94.81
C GLU D 250 3.14 36.16 -96.08
N ARG D 251 3.33 37.46 -96.05
CA ARG D 251 3.71 38.20 -97.24
C ARG D 251 4.71 39.27 -96.86
N ALA D 252 5.79 39.36 -97.62
CA ALA D 252 6.74 40.43 -97.46
C ALA D 252 6.34 41.55 -98.39
N TYR D 253 6.04 42.71 -97.81
CA TYR D 253 5.61 43.86 -98.60
C TYR D 253 6.77 44.55 -99.30
N ILE D 254 8.01 44.24 -98.92
CA ILE D 254 9.20 44.78 -99.59
C ILE D 254 10.24 43.69 -99.71
N PRO D 255 11.15 43.83 -100.67
CA PRO D 255 12.30 42.93 -100.74
C PRO D 255 13.11 43.04 -99.47
N PRO D 256 13.88 42.00 -99.12
CA PRO D 256 14.70 42.11 -97.91
C PRO D 256 15.79 43.15 -98.02
N GLY D 257 16.26 43.44 -99.22
CA GLY D 257 17.26 44.48 -99.38
C GLY D 257 16.72 45.88 -99.37
N LEU D 258 15.41 46.05 -99.28
CA LEU D 258 14.78 47.35 -99.29
C LEU D 258 14.52 47.87 -97.88
N MET D 259 15.03 47.18 -96.87
CA MET D 259 14.78 47.56 -95.48
C MET D 259 15.87 48.53 -95.05
N PHE D 260 15.49 49.79 -94.86
CA PHE D 260 16.39 50.82 -94.35
C PHE D 260 15.59 52.11 -94.26
N ASN D 261 16.11 53.04 -93.50
CA ASN D 261 15.49 54.35 -93.41
C ASN D 261 16.09 55.22 -94.51
N PRO D 262 15.35 55.52 -95.57
CA PRO D 262 15.93 56.26 -96.68
C PRO D 262 16.18 57.71 -96.36
N LEU D 263 15.59 58.22 -95.27
CA LEU D 263 15.84 59.59 -94.87
C LEU D 263 17.26 59.77 -94.37
N VAL D 264 17.77 58.80 -93.63
CA VAL D 264 19.06 58.97 -92.97
C VAL D 264 20.18 58.80 -93.99
N PRO D 265 21.17 59.68 -94.03
CA PRO D 265 22.31 59.46 -94.93
C PRO D 265 23.10 58.25 -94.50
N THR D 266 23.91 57.75 -95.44
CA THR D 266 24.71 56.56 -95.20
C THR D 266 26.19 56.91 -95.22
N ARG D 267 26.98 56.18 -94.44
CA ARG D 267 28.42 56.27 -94.55
C ARG D 267 28.95 55.10 -95.35
N ARG D 268 29.27 55.37 -96.61
CA ARG D 268 29.68 54.38 -97.60
C ARG D 268 30.06 55.13 -98.85
N ALA D 269 30.77 54.50 -99.78
CA ALA D 269 31.17 55.19 -100.98
C ALA D 269 31.17 54.23 -102.16
N GLN D 270 31.04 54.81 -103.34
CA GLN D 270 31.02 54.07 -104.60
C GLN D 270 32.20 54.53 -105.43
N TYR D 271 33.17 53.65 -105.63
CA TYR D 271 34.18 53.88 -106.65
C TYR D 271 33.63 53.26 -107.94
N ILE D 272 33.76 53.99 -109.03
CA ILE D 272 33.29 53.52 -110.33
C ILE D 272 34.44 53.56 -111.31
N ARG D 273 34.73 52.42 -111.93
CA ARG D 273 35.87 52.32 -112.83
C ARG D 273 35.70 53.24 -114.03
N ARG D 274 36.83 53.62 -114.64
CA ARG D 274 36.80 54.30 -115.92
C ARG D 274 35.93 53.55 -116.90
N ASN D 275 35.05 54.28 -117.58
CA ASN D 275 33.99 53.62 -118.33
C ASN D 275 34.51 53.03 -119.65
N ASN D 276 35.58 53.59 -120.19
CA ASN D 276 36.18 53.10 -121.44
C ASN D 276 35.12 53.00 -122.53
N ASN D 277 34.71 54.16 -123.03
CA ASN D 277 33.53 54.36 -123.87
C ASN D 277 32.30 54.19 -122.97
N PRO D 278 31.24 54.98 -123.21
CA PRO D 278 31.28 56.23 -124.00
C PRO D 278 32.15 57.33 -123.41
N GLN D 279 32.04 57.56 -122.10
CA GLN D 279 32.54 58.78 -121.49
C GLN D 279 32.51 58.62 -119.98
N THR D 280 32.64 59.71 -119.22
CA THR D 280 32.53 59.71 -117.76
C THR D 280 33.63 58.92 -117.07
N ALA D 281 34.81 59.52 -116.98
CA ALA D 281 35.95 58.92 -116.30
C ALA D 281 35.64 58.69 -114.83
N GLU D 282 36.44 57.81 -114.22
CA GLU D 282 36.16 57.26 -112.89
C GLU D 282 35.98 58.36 -111.86
N SER D 283 35.11 58.10 -110.89
CA SER D 283 34.88 59.00 -109.78
C SER D 283 34.39 58.21 -108.58
N THR D 284 34.69 58.70 -107.38
CA THR D 284 34.15 58.16 -106.15
C THR D 284 33.12 59.13 -105.57
N SER D 285 32.11 58.58 -104.91
CA SER D 285 31.02 59.40 -104.39
C SER D 285 30.35 58.68 -103.25
N ARG D 286 29.65 59.45 -102.42
CA ARG D 286 28.90 58.87 -101.32
C ARG D 286 27.59 58.28 -101.84
N ILE D 287 27.21 57.15 -101.27
CA ILE D 287 25.96 56.51 -101.66
C ILE D 287 24.79 57.36 -101.19
N ALA D 288 23.81 57.53 -102.07
CA ALA D 288 22.66 58.36 -101.78
C ALA D 288 21.91 57.83 -100.57
N PRO D 289 21.20 58.70 -99.84
CA PRO D 289 20.47 58.24 -98.65
C PRO D 289 19.44 57.18 -98.98
N TYR D 290 18.64 57.41 -100.01
CA TYR D 290 17.85 56.35 -100.61
C TYR D 290 18.77 55.37 -101.31
N ALA D 291 18.27 54.17 -101.56
CA ALA D 291 19.00 53.17 -102.33
C ALA D 291 20.34 52.85 -101.69
N LYS D 292 20.30 52.50 -100.42
CA LYS D 292 21.49 52.05 -99.75
C LYS D 292 21.80 50.61 -100.16
N PRO D 293 23.08 50.23 -100.17
CA PRO D 293 23.43 48.86 -100.52
C PRO D 293 22.89 47.88 -99.50
N THR D 294 22.88 46.62 -99.90
CA THR D 294 22.32 45.60 -99.04
C THR D 294 23.18 44.35 -99.03
N SER D 295 23.04 43.59 -97.97
CA SER D 295 23.30 42.17 -97.95
C SER D 295 22.11 41.45 -98.54
N TRP D 296 22.02 40.16 -98.25
CA TRP D 296 20.78 39.45 -98.54
C TRP D 296 20.52 39.32 -100.03
N MET D 297 21.30 38.42 -100.63
CA MET D 297 21.22 37.94 -101.99
C MET D 297 19.88 37.26 -102.26
N THR D 298 19.52 37.19 -103.54
CA THR D 298 18.28 36.54 -103.94
C THR D 298 18.41 35.02 -103.86
N GLY D 299 17.27 34.35 -103.74
CA GLY D 299 17.23 32.92 -103.71
C GLY D 299 17.69 32.31 -105.01
N PRO D 300 18.12 31.05 -104.96
CA PRO D 300 18.70 30.41 -106.14
C PRO D 300 17.65 29.94 -107.12
N GLY D 301 18.05 29.84 -108.38
CA GLY D 301 17.21 29.31 -109.44
C GLY D 301 18.08 28.88 -110.59
N LEU D 302 17.48 28.16 -111.53
CA LEU D 302 18.13 27.82 -112.80
C LEU D 302 17.22 28.22 -113.94
N LEU D 303 17.57 29.30 -114.64
CA LEU D 303 16.75 29.83 -115.71
C LEU D 303 17.26 29.58 -117.12
N SER D 304 18.43 28.96 -117.30
CA SER D 304 19.03 28.99 -118.65
C SER D 304 18.42 27.95 -119.58
N ALA D 305 18.11 26.78 -119.05
CA ALA D 305 17.75 25.62 -119.84
C ALA D 305 16.39 25.78 -120.52
N GLN D 306 16.13 24.94 -121.51
CA GLN D 306 14.83 24.86 -122.16
C GLN D 306 14.46 23.39 -122.30
N ARG D 307 13.17 23.10 -122.13
CA ARG D 307 12.70 21.73 -122.27
C ARG D 307 13.02 21.20 -123.66
N VAL D 308 13.38 19.92 -123.71
CA VAL D 308 14.05 19.34 -124.87
C VAL D 308 13.18 18.27 -125.50
N GLY D 309 12.72 18.55 -126.72
CA GLY D 309 12.17 17.52 -127.57
C GLY D 309 10.68 17.29 -127.38
N PRO D 310 10.19 16.18 -127.94
CA PRO D 310 8.75 15.94 -127.94
C PRO D 310 8.25 15.48 -126.59
N ALA D 311 6.95 15.67 -126.38
CA ALA D 311 6.31 15.19 -125.17
C ALA D 311 6.33 13.67 -125.14
N THR D 312 6.14 13.12 -123.94
CA THR D 312 6.21 11.70 -123.58
C THR D 312 7.66 11.22 -123.53
N SER D 313 8.61 12.06 -123.90
CA SER D 313 10.04 11.75 -123.82
C SER D 313 10.68 12.24 -122.53
N ASP D 314 9.89 12.75 -121.58
CA ASP D 314 10.40 13.36 -120.35
C ASP D 314 11.25 14.58 -120.64
N THR D 315 10.59 15.68 -121.02
CA THR D 315 11.33 16.91 -121.24
C THR D 315 11.33 17.72 -119.95
N GLY D 316 12.47 17.77 -119.28
CA GLY D 316 12.55 18.48 -118.01
C GLY D 316 13.29 19.80 -118.03
N ALA D 317 14.04 20.03 -119.11
CA ALA D 317 15.03 21.09 -119.30
C ALA D 317 16.25 20.91 -118.41
N TRP D 318 16.16 20.11 -117.36
CA TRP D 318 17.32 19.72 -116.56
C TRP D 318 17.16 18.26 -116.25
N MET D 319 18.08 17.44 -116.74
CA MET D 319 18.06 16.00 -116.48
C MET D 319 19.18 15.69 -115.51
N VAL D 320 18.84 14.98 -114.43
CA VAL D 320 19.84 14.64 -113.42
C VAL D 320 20.67 13.44 -113.87
N ALA D 321 20.01 12.42 -114.40
CA ALA D 321 20.63 11.19 -114.87
C ALA D 321 21.62 10.55 -113.90
N VAL D 322 22.58 9.80 -114.45
CA VAL D 322 23.63 9.13 -113.69
C VAL D 322 24.96 9.19 -114.43
N LYS D 323 25.01 8.54 -115.59
CA LYS D 323 26.23 8.37 -116.37
C LYS D 323 27.32 7.61 -115.61
N PRO D 324 27.15 6.31 -115.37
CA PRO D 324 28.29 5.49 -114.96
C PRO D 324 29.36 5.48 -116.05
N GLU D 325 30.58 5.14 -115.65
CA GLU D 325 31.74 5.49 -116.46
C GLU D 325 31.72 4.77 -117.80
N ASN D 326 31.37 3.49 -117.81
CA ASN D 326 31.25 2.80 -119.09
C ASN D 326 29.79 2.61 -119.48
N ALA D 327 29.14 1.62 -118.88
CA ALA D 327 27.76 1.22 -119.15
C ALA D 327 27.57 1.10 -120.66
N SER D 328 26.39 1.48 -121.13
CA SER D 328 26.12 1.80 -122.52
C SER D 328 24.83 2.60 -122.53
N ILE D 329 24.64 3.40 -123.57
CA ILE D 329 23.50 4.31 -123.60
C ILE D 329 22.98 4.37 -125.03
N ASP D 330 21.66 4.32 -125.15
CA ASP D 330 20.96 4.49 -126.41
C ASP D 330 20.89 5.98 -126.72
N THR D 331 20.06 6.37 -127.67
CA THR D 331 19.76 7.79 -127.83
C THR D 331 19.36 8.37 -126.49
N GLY D 332 19.92 9.54 -126.16
CA GLY D 332 19.79 10.07 -124.82
C GLY D 332 21.08 10.07 -124.04
N MET D 333 21.22 10.80 -122.92
CA MET D 333 20.24 11.72 -122.29
C MET D 333 18.80 11.17 -122.20
N SER D 334 17.84 11.89 -122.76
CA SER D 334 16.45 11.42 -122.88
C SER D 334 15.86 11.04 -121.48
N GLY D 335 15.50 9.80 -121.11
CA GLY D 335 15.98 8.49 -121.55
C GLY D 335 16.87 7.86 -120.49
N ILE D 336 17.46 8.72 -119.66
CA ILE D 336 18.07 8.32 -118.40
C ILE D 336 17.83 9.45 -117.42
N GLY D 337 17.67 9.11 -116.16
CA GLY D 337 17.42 10.10 -115.15
C GLY D 337 16.10 10.82 -115.30
N SER D 338 15.94 11.86 -114.48
CA SER D 338 14.66 12.50 -114.29
C SER D 338 14.76 13.99 -114.62
N GLY D 339 13.67 14.56 -115.12
CA GLY D 339 13.63 15.99 -115.31
C GLY D 339 13.45 16.72 -113.99
N PHE D 340 14.16 17.83 -113.83
CA PHE D 340 14.07 18.65 -112.64
C PHE D 340 13.09 19.77 -112.89
N ASP D 341 12.05 19.83 -112.07
CA ASP D 341 10.93 20.73 -112.33
C ASP D 341 10.34 21.24 -111.01
N PRO D 342 9.95 22.52 -110.96
CA PRO D 342 10.39 23.66 -111.76
C PRO D 342 11.72 24.25 -111.34
N PRO D 343 12.66 24.42 -112.26
CA PRO D 343 13.62 25.51 -112.12
C PRO D 343 13.12 26.80 -112.77
N GLN D 344 13.29 28.02 -112.23
CA GLN D 344 13.20 28.39 -110.82
C GLN D 344 14.13 27.60 -109.88
N GLY D 345 13.82 27.26 -108.61
CA GLY D 345 12.80 27.81 -107.74
C GLY D 345 12.97 29.29 -107.47
N SER D 346 11.96 29.90 -106.85
CA SER D 346 11.94 31.34 -106.65
C SER D 346 12.20 32.06 -107.96
N LEU D 347 13.01 33.12 -107.91
CA LEU D 347 13.68 33.68 -109.07
C LEU D 347 12.74 33.79 -110.27
N ALA D 348 11.86 34.79 -110.25
CA ALA D 348 10.66 34.80 -111.08
C ALA D 348 10.94 34.36 -112.52
N PRO D 349 10.17 33.44 -113.08
CA PRO D 349 10.53 32.82 -114.36
C PRO D 349 10.34 33.75 -115.54
N THR D 350 10.94 33.35 -116.65
CA THR D 350 10.84 34.09 -117.90
C THR D 350 9.50 33.82 -118.58
N ASN D 351 9.29 32.60 -119.05
CA ASN D 351 8.03 32.31 -119.72
C ASN D 351 7.29 31.18 -119.03
N LEU D 352 6.17 30.79 -119.64
CA LEU D 352 5.27 29.78 -119.10
C LEU D 352 5.98 28.47 -118.83
N GLU D 353 7.08 28.22 -119.56
CA GLU D 353 7.73 26.91 -119.51
C GLU D 353 8.20 26.55 -118.12
N TYR D 354 8.48 27.54 -117.28
CA TYR D 354 8.93 27.32 -115.91
C TYR D 354 7.84 27.48 -114.87
N LYS D 355 6.61 27.75 -115.29
CA LYS D 355 5.60 28.33 -114.41
C LYS D 355 4.78 27.27 -113.68
N ILE D 356 5.22 26.02 -113.74
CA ILE D 356 4.50 24.80 -113.38
C ILE D 356 3.22 24.78 -114.22
N GLN D 357 2.21 24.03 -113.76
CA GLN D 357 0.92 23.89 -114.40
C GLN D 357 0.28 22.65 -113.79
N TRP D 358 -1.04 22.48 -113.86
CA TRP D 358 -1.63 21.17 -113.64
C TRP D 358 -3.06 21.18 -114.16
N TYR D 359 -3.61 19.99 -114.40
CA TYR D 359 -4.91 19.92 -115.04
C TYR D 359 -6.05 19.79 -114.05
N GLN D 360 -5.75 19.52 -112.77
CA GLN D 360 -6.74 19.35 -111.71
C GLN D 360 -7.93 18.49 -112.14
N THR D 361 -7.67 17.50 -113.00
CA THR D 361 -8.71 16.68 -113.59
C THR D 361 -8.04 15.63 -114.49
N PRO D 362 -8.45 14.37 -114.38
CA PRO D 362 -7.90 13.37 -115.31
C PRO D 362 -8.42 13.52 -116.72
N GLN D 363 -9.62 14.08 -116.89
CA GLN D 363 -10.16 14.28 -118.23
C GLN D 363 -9.50 15.43 -118.94
N GLY D 364 -8.61 16.16 -118.27
CA GLY D 364 -7.99 17.32 -118.87
C GLY D 364 -7.17 17.04 -120.11
N THR D 365 -7.52 17.69 -121.22
CA THR D 365 -6.79 17.57 -122.47
C THR D 365 -5.63 18.56 -122.44
N ASN D 366 -4.99 18.78 -123.59
CA ASN D 366 -3.81 19.63 -123.63
C ASN D 366 -4.10 21.01 -123.05
N ASN D 367 -5.06 21.74 -123.61
CA ASN D 367 -5.58 22.93 -122.96
C ASN D 367 -7.03 22.69 -122.60
N ASN D 368 -7.27 22.45 -121.32
CA ASN D 368 -8.54 22.24 -120.64
C ASN D 368 -8.15 21.94 -119.21
N GLY D 369 -9.03 22.16 -118.24
CA GLY D 369 -8.51 22.15 -116.89
C GLY D 369 -7.38 23.16 -116.90
N ASN D 370 -6.17 22.67 -116.62
CA ASN D 370 -4.96 23.36 -117.03
C ASN D 370 -4.77 24.70 -116.32
N ILE D 371 -4.94 24.70 -115.02
CA ILE D 371 -4.71 25.94 -114.27
C ILE D 371 -3.22 26.12 -114.08
N ILE D 372 -2.75 27.32 -114.27
CA ILE D 372 -1.33 27.63 -114.32
C ILE D 372 -0.96 28.46 -113.12
N SER D 373 0.19 28.16 -112.52
CA SER D 373 0.63 28.91 -111.36
C SER D 373 0.89 30.36 -111.74
N ASN D 374 0.85 31.23 -110.73
CA ASN D 374 0.93 32.67 -110.95
C ASN D 374 1.77 33.28 -109.84
N GLN D 375 2.13 34.55 -109.99
CA GLN D 375 2.95 35.18 -108.97
C GLN D 375 2.10 35.57 -107.76
N PRO D 376 2.56 35.30 -106.54
CA PRO D 376 1.77 35.68 -105.35
C PRO D 376 1.69 37.17 -105.15
N LEU D 377 2.55 37.93 -105.82
CA LEU D 377 2.77 39.37 -105.62
C LEU D 377 3.49 39.63 -104.31
N SER D 378 3.77 38.58 -103.52
CA SER D 378 4.71 38.68 -102.43
C SER D 378 6.07 39.09 -102.97
N MET D 379 6.81 39.87 -102.19
CA MET D 379 8.04 40.47 -102.68
C MET D 379 9.27 39.62 -102.42
N LEU D 380 9.14 38.42 -101.90
CA LEU D 380 10.34 37.71 -101.49
C LEU D 380 11.22 37.07 -102.56
N ARG D 381 10.91 35.99 -103.31
CA ARG D 381 9.69 35.43 -103.94
C ARG D 381 9.54 35.93 -105.40
N ASP D 382 10.34 36.91 -105.82
CA ASP D 382 10.37 37.26 -107.23
C ASP D 382 11.81 37.17 -107.73
N GLN D 383 12.67 38.02 -107.19
CA GLN D 383 14.11 37.76 -107.15
C GLN D 383 14.72 37.56 -108.54
N ALA D 384 14.86 38.67 -109.25
CA ALA D 384 15.78 38.66 -110.38
C ALA D 384 17.22 38.75 -109.88
N LEU D 385 18.16 38.74 -110.82
CA LEU D 385 19.53 39.12 -110.53
C LEU D 385 20.16 39.59 -111.83
N PHE D 386 21.05 40.56 -111.75
CA PHE D 386 21.41 41.38 -112.90
C PHE D 386 22.89 41.34 -113.25
N ARG D 387 23.77 41.68 -112.33
CA ARG D 387 25.21 41.70 -112.63
C ARG D 387 25.44 42.70 -113.76
N GLY D 388 26.44 42.47 -114.62
CA GLY D 388 26.68 43.27 -115.80
C GLY D 388 26.85 44.75 -115.55
N ASN D 389 26.93 45.52 -116.63
CA ASN D 389 27.73 45.16 -117.78
C ASN D 389 28.94 46.07 -117.70
N GLN D 390 28.91 46.93 -116.68
CA GLN D 390 29.56 48.23 -116.55
C GLN D 390 28.74 49.32 -117.24
N THR D 391 27.74 48.94 -118.05
CA THR D 391 26.88 49.86 -118.75
C THR D 391 25.41 49.52 -118.49
N THR D 392 25.01 48.29 -118.77
CA THR D 392 23.63 47.84 -118.60
C THR D 392 23.62 46.66 -117.63
N TYR D 393 22.48 46.44 -116.97
CA TYR D 393 22.28 45.22 -116.21
C TYR D 393 21.66 44.16 -117.12
N ASN D 394 22.10 42.92 -116.97
CA ASN D 394 21.64 41.83 -117.80
C ASN D 394 21.24 40.64 -116.95
N LEU D 395 19.95 40.29 -116.96
CA LEU D 395 19.45 39.19 -116.15
C LEU D 395 20.29 37.94 -116.37
N CYS D 396 20.73 37.33 -115.28
CA CYS D 396 21.71 36.26 -115.33
C CYS D 396 21.05 34.91 -115.05
N SER D 397 21.39 33.93 -115.87
CA SER D 397 21.02 32.55 -115.65
C SER D 397 21.75 31.98 -114.44
N ASP D 398 21.29 30.82 -113.97
CA ASP D 398 21.78 30.18 -112.76
C ASP D 398 21.43 31.02 -111.55
N VAL D 399 22.42 31.51 -110.80
CA VAL D 399 22.28 31.90 -109.38
C VAL D 399 22.13 30.66 -108.51
N TRP D 400 23.24 30.00 -108.25
CA TRP D 400 23.36 28.89 -107.31
C TRP D 400 23.28 29.39 -105.87
N MET D 401 23.52 28.49 -104.92
CA MET D 401 23.48 28.89 -103.51
C MET D 401 24.60 29.84 -103.17
N PHE D 402 24.30 30.77 -102.27
CA PHE D 402 25.20 31.84 -101.87
C PHE D 402 24.89 32.19 -100.42
N PRO D 403 25.89 32.63 -99.65
CA PRO D 403 25.70 32.72 -98.19
C PRO D 403 24.51 33.53 -97.71
N ASN D 404 24.26 34.69 -98.28
CA ASN D 404 23.27 35.59 -97.72
C ASN D 404 21.89 35.41 -98.32
N GLN D 405 21.68 34.38 -99.11
CA GLN D 405 20.45 34.29 -99.87
C GLN D 405 19.22 34.16 -98.99
N ILE D 406 18.15 34.82 -99.41
CA ILE D 406 16.81 34.57 -98.89
C ILE D 406 15.87 34.33 -100.05
N TRP D 407 15.06 33.29 -99.94
CA TRP D 407 13.96 33.08 -100.85
C TRP D 407 12.78 32.67 -100.01
N ASP D 408 11.61 32.70 -100.63
CA ASP D 408 10.40 32.30 -99.96
C ASP D 408 9.91 31.01 -100.57
N ARG D 409 9.56 30.05 -99.71
CA ARG D 409 9.12 28.76 -100.19
C ARG D 409 7.88 28.94 -101.06
N TYR D 410 7.68 28.03 -102.00
CA TYR D 410 6.59 28.16 -102.95
C TYR D 410 5.27 28.38 -102.22
N PRO D 411 4.45 29.33 -102.68
CA PRO D 411 3.26 29.72 -101.91
C PRO D 411 2.23 28.63 -101.76
N ILE D 412 2.37 27.55 -102.50
CA ILE D 412 1.44 26.44 -102.65
C ILE D 412 0.03 26.95 -102.94
N THR D 413 -0.97 26.17 -102.53
CA THR D 413 -2.38 26.39 -102.83
C THR D 413 -3.15 25.18 -102.34
N ARG D 414 -4.47 25.18 -102.48
CA ARG D 414 -5.27 24.07 -101.99
C ARG D 414 -5.02 22.77 -102.78
N GLU D 415 -4.51 22.87 -104.00
CA GLU D 415 -4.35 21.72 -104.88
C GLU D 415 -3.04 20.97 -104.67
N ASN D 416 -2.21 21.39 -103.76
CA ASN D 416 -0.86 20.88 -103.70
C ASN D 416 -0.74 19.66 -102.83
N PRO D 417 0.29 18.85 -103.05
CA PRO D 417 0.62 17.81 -102.08
C PRO D 417 1.13 18.40 -100.78
N ILE D 418 0.73 17.76 -99.68
CA ILE D 418 1.13 18.25 -98.37
C ILE D 418 2.61 18.02 -98.15
N TRP D 419 3.07 16.79 -98.37
CA TRP D 419 4.43 16.39 -98.02
C TRP D 419 5.07 15.66 -99.19
N CYS D 420 6.37 15.48 -99.07
CA CYS D 420 7.19 14.67 -99.96
C CYS D 420 8.26 14.01 -99.12
N LYS D 421 8.62 12.79 -99.46
CA LYS D 421 9.61 12.08 -98.66
C LYS D 421 11.01 12.52 -99.04
N LYS D 422 11.80 12.89 -98.04
CA LYS D 422 13.19 13.23 -98.25
C LYS D 422 13.99 11.94 -98.30
N PRO D 423 14.58 11.61 -99.44
CA PRO D 423 15.30 10.34 -99.55
C PRO D 423 16.52 10.27 -98.65
N ARG D 424 16.74 9.09 -98.09
CA ARG D 424 17.85 8.88 -97.17
C ARG D 424 19.16 8.92 -97.92
N SER D 425 20.06 9.79 -97.48
CA SER D 425 21.37 9.90 -98.11
C SER D 425 22.33 10.50 -97.11
N ASP D 426 23.62 10.33 -97.39
CA ASP D 426 24.63 10.84 -96.48
C ASP D 426 24.54 12.35 -96.34
N LYS D 427 24.64 13.06 -97.46
CA LYS D 427 24.74 14.50 -97.45
C LYS D 427 23.60 15.11 -98.24
N HIS D 428 23.20 16.31 -97.83
CA HIS D 428 22.20 17.06 -98.57
C HIS D 428 22.31 18.53 -98.20
N THR D 429 21.73 19.37 -99.06
CA THR D 429 21.65 20.81 -98.85
C THR D 429 20.35 21.19 -98.14
N THR D 430 19.96 22.47 -98.24
CA THR D 430 18.92 23.03 -97.37
C THR D 430 17.63 22.23 -97.40
N ILE D 431 17.34 21.51 -98.49
CA ILE D 431 16.09 20.77 -98.66
C ILE D 431 14.88 21.69 -98.64
N ASP D 432 14.73 22.52 -99.67
CA ASP D 432 13.46 23.19 -99.89
C ASP D 432 12.88 22.71 -101.21
N PRO D 433 11.85 21.87 -101.22
CA PRO D 433 11.27 21.43 -102.49
C PRO D 433 10.59 22.57 -103.22
N PHE D 434 10.80 22.62 -104.53
CA PHE D 434 10.24 23.69 -105.34
C PHE D 434 8.81 23.42 -105.77
N ASP D 435 8.26 22.29 -105.36
CA ASP D 435 6.85 21.99 -105.54
C ASP D 435 6.03 22.54 -104.39
N GLY D 436 6.64 23.33 -103.52
CA GLY D 436 6.06 23.59 -102.23
C GLY D 436 6.13 22.31 -101.43
N SER D 437 4.99 21.83 -100.97
CA SER D 437 4.91 20.61 -100.19
C SER D 437 5.86 20.66 -99.01
N LEU D 438 6.46 19.53 -98.66
CA LEU D 438 7.27 19.42 -97.47
C LEU D 438 8.20 18.23 -97.65
N ALA D 439 9.25 18.19 -96.83
CA ALA D 439 10.15 17.07 -96.82
C ALA D 439 10.18 16.51 -95.40
N MET D 440 10.10 15.20 -95.29
CA MET D 440 10.17 14.55 -94.00
C MET D 440 11.02 13.30 -94.10
N ASP D 441 11.79 13.02 -93.05
CA ASP D 441 12.49 11.75 -92.97
C ASP D 441 11.51 10.60 -93.13
N HIS D 442 10.52 10.54 -92.25
CA HIS D 442 9.45 9.57 -92.35
C HIS D 442 8.14 10.31 -92.56
N PRO D 443 7.59 10.31 -93.76
CA PRO D 443 6.27 10.84 -93.97
C PRO D 443 5.23 9.88 -93.45
N PRO D 444 3.95 10.15 -93.62
CA PRO D 444 2.95 9.12 -93.30
C PRO D 444 3.24 7.87 -94.08
N GLY D 445 3.30 6.75 -93.36
CA GLY D 445 3.54 5.46 -94.01
C GLY D 445 2.39 5.13 -94.93
N THR D 446 2.71 4.76 -96.15
CA THR D 446 1.66 4.39 -97.09
C THR D 446 0.95 3.15 -96.61
N ILE D 447 -0.37 3.19 -96.62
CA ILE D 447 -1.20 2.06 -96.23
C ILE D 447 -1.52 1.27 -97.48
N PHE D 448 -1.12 0.00 -97.50
CA PHE D 448 -1.32 -0.88 -98.62
C PHE D 448 -2.46 -1.82 -98.31
N ILE D 449 -3.18 -2.23 -99.34
CA ILE D 449 -4.34 -3.09 -99.16
C ILE D 449 -4.51 -3.96 -100.39
N LYS D 450 -4.91 -5.21 -100.18
CA LYS D 450 -4.99 -6.21 -101.23
C LYS D 450 -6.18 -7.10 -100.93
N MET D 451 -6.58 -7.88 -101.93
CA MET D 451 -7.83 -8.62 -101.87
C MET D 451 -7.71 -10.06 -101.41
N ALA D 452 -6.54 -10.51 -100.97
CA ALA D 452 -6.46 -11.83 -100.36
C ALA D 452 -6.88 -12.94 -101.31
N LYS D 453 -5.98 -13.32 -102.21
CA LYS D 453 -6.31 -14.27 -103.27
C LYS D 453 -7.04 -15.48 -102.73
N ILE D 454 -8.19 -15.78 -103.33
CA ILE D 454 -8.94 -16.97 -103.00
C ILE D 454 -8.90 -17.88 -104.22
N PRO D 455 -8.11 -18.94 -104.18
CA PRO D 455 -7.95 -19.77 -105.38
C PRO D 455 -9.13 -20.70 -105.56
N VAL D 456 -9.12 -21.41 -106.68
CA VAL D 456 -10.19 -22.34 -107.00
C VAL D 456 -9.54 -23.57 -107.61
N PRO D 457 -10.08 -24.77 -107.37
CA PRO D 457 -9.40 -25.97 -107.82
C PRO D 457 -9.52 -26.17 -109.32
N SER D 458 -8.50 -26.77 -109.91
CA SER D 458 -8.51 -27.11 -111.32
C SER D 458 -7.61 -28.32 -111.53
N ASN D 459 -7.59 -28.80 -112.78
CA ASN D 459 -6.81 -29.99 -113.12
C ASN D 459 -5.35 -29.67 -113.42
N ASN D 460 -5.10 -28.57 -114.13
CA ASN D 460 -3.79 -28.27 -114.70
C ASN D 460 -2.57 -28.41 -113.76
N ASN D 461 -2.59 -27.84 -112.55
CA ASN D 461 -3.70 -27.08 -111.98
C ASN D 461 -3.41 -25.59 -112.04
N ALA D 462 -4.38 -24.82 -111.56
CA ALA D 462 -4.29 -23.37 -111.51
C ALA D 462 -4.01 -22.80 -112.92
N ASP D 463 -3.39 -21.61 -113.09
CA ASP D 463 -3.57 -20.46 -112.20
C ASP D 463 -4.98 -19.93 -112.35
N SER D 464 -5.70 -19.92 -111.23
CA SER D 464 -7.09 -19.47 -111.23
C SER D 464 -7.43 -18.99 -109.83
N TYR D 465 -8.36 -18.06 -109.76
CA TYR D 465 -8.69 -17.43 -108.50
C TYR D 465 -10.12 -16.92 -108.58
N LEU D 466 -10.67 -16.60 -107.42
CA LEU D 466 -12.04 -16.15 -107.33
C LEU D 466 -12.08 -14.64 -107.43
N ASN D 467 -13.04 -14.11 -108.19
CA ASN D 467 -13.08 -12.70 -108.55
C ASN D 467 -13.91 -11.95 -107.52
N ILE D 468 -13.27 -11.10 -106.73
CA ILE D 468 -13.93 -10.37 -105.66
C ILE D 468 -13.41 -8.94 -105.64
N TYR D 469 -14.07 -8.10 -104.85
CA TYR D 469 -13.57 -6.76 -104.59
C TYR D 469 -14.03 -6.34 -103.20
N CYS D 470 -13.33 -5.37 -102.64
CA CYS D 470 -13.61 -4.89 -101.30
C CYS D 470 -14.15 -3.47 -101.39
N THR D 471 -14.90 -3.10 -100.37
CA THR D 471 -15.48 -1.77 -100.30
C THR D 471 -15.57 -1.40 -98.83
N GLY D 472 -15.28 -0.14 -98.53
CA GLY D 472 -15.26 0.23 -97.13
C GLY D 472 -15.04 1.71 -96.98
N GLN D 473 -14.73 2.11 -95.76
CA GLN D 473 -14.66 3.52 -95.43
C GLN D 473 -13.36 3.82 -94.70
N VAL D 474 -12.58 4.74 -95.26
CA VAL D 474 -11.40 5.28 -94.62
C VAL D 474 -11.79 6.60 -93.97
N SER D 475 -11.33 6.81 -92.75
CA SER D 475 -11.49 8.11 -92.10
C SER D 475 -10.11 8.62 -91.78
N CYS D 476 -9.69 9.68 -92.45
CA CYS D 476 -8.40 10.29 -92.20
C CYS D 476 -8.65 11.54 -91.37
N GLU D 477 -8.28 11.50 -90.11
CA GLU D 477 -8.47 12.61 -89.18
C GLU D 477 -7.10 13.10 -88.77
N ILE D 478 -6.74 14.31 -89.20
CA ILE D 478 -5.40 14.84 -88.99
C ILE D 478 -5.50 16.14 -88.22
N VAL D 479 -4.55 16.35 -87.32
CA VAL D 479 -4.49 17.53 -86.48
C VAL D 479 -3.41 18.44 -87.01
N TRP D 480 -3.68 19.74 -87.02
CA TRP D 480 -2.79 20.72 -87.60
C TRP D 480 -2.35 21.68 -86.52
N GLU D 481 -1.04 21.71 -86.23
CA GLU D 481 -0.52 22.81 -85.45
C GLU D 481 -0.70 24.09 -86.23
N VAL D 482 -1.31 25.08 -85.61
CA VAL D 482 -1.73 26.28 -86.31
C VAL D 482 -1.43 27.48 -85.43
N GLU D 483 -1.05 28.60 -86.05
CA GLU D 483 -0.69 29.81 -85.33
C GLU D 483 -1.41 30.99 -85.94
N ARG D 484 -1.96 31.85 -85.09
CA ARG D 484 -2.85 32.91 -85.52
C ARG D 484 -2.10 34.24 -85.54
N TYR D 485 -2.46 35.10 -86.49
CA TYR D 485 -1.63 36.27 -86.77
C TYR D 485 -2.13 37.50 -86.05
N ALA D 486 -1.18 38.32 -85.61
CA ALA D 486 -1.45 39.65 -85.12
C ALA D 486 -0.43 40.59 -85.74
N THR D 487 -0.87 41.80 -86.07
CA THR D 487 0.05 42.72 -86.74
C THR D 487 -0.33 44.15 -86.40
N LYS D 488 0.65 45.04 -86.58
CA LYS D 488 0.46 46.45 -86.29
C LYS D 488 0.09 47.25 -87.52
N ASN D 489 -0.10 46.61 -88.67
CA ASN D 489 -0.50 47.33 -89.86
C ASN D 489 -1.81 48.04 -89.63
N TRP D 490 -1.91 49.26 -90.15
CA TRP D 490 -3.14 50.03 -90.04
C TRP D 490 -4.16 49.62 -91.07
N ARG D 491 -3.71 49.18 -92.22
CA ARG D 491 -4.54 49.02 -93.40
C ARG D 491 -5.18 47.64 -93.48
N PRO D 492 -6.22 47.51 -94.32
CA PRO D 492 -7.05 46.29 -94.32
C PRO D 492 -6.34 44.99 -94.71
N GLU D 493 -5.15 45.02 -95.29
CA GLU D 493 -4.47 43.82 -95.83
C GLU D 493 -5.37 43.16 -96.89
N ARG D 494 -5.40 41.85 -96.98
CA ARG D 494 -6.03 41.16 -98.10
C ARG D 494 -6.54 39.81 -97.63
N ARG D 495 -7.64 39.37 -98.23
CA ARG D 495 -8.23 38.09 -97.89
C ARG D 495 -8.60 37.38 -99.18
N HIS D 496 -9.24 36.23 -99.06
CA HIS D 496 -9.72 35.50 -100.21
C HIS D 496 -11.24 35.58 -100.24
N THR D 497 -11.75 36.41 -101.13
CA THR D 497 -13.17 36.48 -101.43
C THR D 497 -13.56 35.39 -102.43
N THR D 498 -14.85 35.06 -102.42
CA THR D 498 -15.42 34.37 -103.57
C THR D 498 -15.35 35.23 -104.82
N PHE D 499 -15.14 36.52 -104.71
CA PHE D 499 -15.14 37.33 -105.92
C PHE D 499 -13.96 37.01 -106.83
N GLY D 500 -12.89 36.44 -106.30
CA GLY D 500 -11.87 35.88 -107.16
C GLY D 500 -12.40 34.73 -107.98
N LEU D 501 -13.42 34.05 -107.46
CA LEU D 501 -14.04 32.91 -108.13
C LEU D 501 -14.91 33.39 -109.29
N GLY D 502 -15.25 32.46 -110.18
CA GLY D 502 -16.06 32.81 -111.33
C GLY D 502 -16.98 31.68 -111.71
N ILE D 503 -17.97 32.01 -112.53
CA ILE D 503 -19.11 31.15 -112.83
C ILE D 503 -18.71 30.15 -113.90
N GLY D 504 -19.27 28.94 -113.84
CA GLY D 504 -18.93 27.94 -114.83
C GLY D 504 -19.83 26.72 -114.78
N GLY D 505 -19.64 25.86 -115.77
CA GLY D 505 -20.27 24.56 -115.90
C GLY D 505 -21.60 24.61 -116.62
N ALA D 506 -21.88 23.56 -117.40
CA ALA D 506 -23.12 23.39 -118.16
C ALA D 506 -23.58 24.67 -118.85
N ASP D 507 -24.86 24.97 -118.73
CA ASP D 507 -25.30 26.35 -118.83
C ASP D 507 -24.68 27.10 -117.65
N ASN D 508 -24.17 28.30 -117.90
CA ASN D 508 -23.12 28.87 -117.07
C ASN D 508 -23.42 28.79 -115.58
N LEU D 509 -24.69 28.62 -115.22
CA LEU D 509 -25.13 28.66 -113.82
C LEU D 509 -24.30 27.75 -112.93
N ASN D 510 -24.24 28.15 -111.66
CA ASN D 510 -23.45 27.69 -110.52
C ASN D 510 -22.06 28.31 -110.61
N PRO D 511 -21.48 28.76 -109.50
CA PRO D 511 -20.25 29.54 -109.65
C PRO D 511 -18.97 28.77 -109.91
N THR D 512 -18.43 28.13 -108.88
CA THR D 512 -17.14 27.48 -109.04
C THR D 512 -17.03 26.19 -108.23
N TYR D 513 -17.01 26.26 -106.91
CA TYR D 513 -17.01 25.04 -106.13
C TYR D 513 -18.47 24.71 -105.83
N HIS D 514 -19.02 23.78 -106.60
CA HIS D 514 -20.44 23.58 -106.63
C HIS D 514 -20.77 22.54 -107.67
N VAL D 515 -21.96 21.97 -107.57
CA VAL D 515 -22.38 20.93 -108.48
C VAL D 515 -22.99 21.50 -109.77
N ASP D 516 -22.93 20.70 -110.82
CA ASP D 516 -23.56 20.97 -112.11
C ASP D 516 -24.97 20.40 -112.09
N LYS D 517 -25.63 20.28 -113.25
CA LYS D 517 -27.06 19.93 -113.22
C LYS D 517 -27.68 18.50 -113.42
N ASN D 518 -27.06 17.40 -113.89
CA ASN D 518 -25.77 17.15 -114.55
C ASN D 518 -24.65 16.97 -113.56
N GLY D 519 -24.97 16.97 -112.27
CA GLY D 519 -24.03 17.43 -111.29
C GLY D 519 -22.64 16.84 -111.38
N THR D 520 -21.72 17.76 -111.66
CA THR D 520 -20.30 17.52 -111.75
C THR D 520 -19.65 18.72 -111.10
N TYR D 521 -18.84 18.48 -110.09
CA TYR D 521 -18.22 19.54 -109.32
C TYR D 521 -17.44 20.45 -110.25
N ILE D 522 -17.76 21.74 -110.26
CA ILE D 522 -17.12 22.65 -111.19
C ILE D 522 -15.69 22.90 -110.74
N GLN D 523 -14.82 22.80 -111.63
CA GLN D 523 -13.46 22.97 -111.15
C GLN D 523 -13.04 24.43 -111.22
N PRO D 524 -12.21 24.85 -110.27
CA PRO D 524 -11.68 26.21 -110.30
C PRO D 524 -10.76 26.41 -111.49
N THR D 525 -10.95 27.51 -112.21
CA THR D 525 -10.21 27.80 -113.43
C THR D 525 -9.22 28.93 -113.18
N THR D 526 -7.97 28.66 -113.55
CA THR D 526 -6.69 29.29 -113.22
C THR D 526 -6.37 29.37 -111.73
N TRP D 527 -5.48 30.30 -111.36
CA TRP D 527 -4.70 30.12 -110.14
C TRP D 527 -5.37 30.73 -108.92
N ASP D 528 -5.94 31.93 -109.08
CA ASP D 528 -6.51 32.63 -107.93
C ASP D 528 -7.71 31.91 -107.34
N MET D 529 -8.46 31.19 -108.16
CA MET D 529 -9.58 30.40 -107.68
C MET D 529 -9.19 29.58 -106.47
N CYS D 530 -8.34 28.58 -106.68
CA CYS D 530 -7.65 27.94 -105.57
C CYS D 530 -6.93 29.03 -104.79
N PHE D 531 -7.15 29.08 -103.48
CA PHE D 531 -6.71 30.25 -102.75
C PHE D 531 -5.35 29.98 -102.13
N PRO D 532 -4.27 30.55 -102.67
CA PRO D 532 -2.94 30.19 -102.20
C PRO D 532 -2.64 30.88 -100.89
N VAL D 533 -1.92 30.19 -100.01
CA VAL D 533 -1.34 30.89 -98.89
C VAL D 533 -0.19 31.75 -99.40
N LYS D 534 0.24 32.69 -98.56
CA LYS D 534 1.40 33.54 -98.75
C LYS D 534 1.04 34.77 -99.59
N THR D 535 -0.17 34.85 -100.10
CA THR D 535 -0.65 36.05 -100.77
C THR D 535 -1.39 36.99 -99.82
N ASN D 536 -1.50 36.63 -98.54
CA ASN D 536 -2.28 37.40 -97.59
C ASN D 536 -1.44 37.79 -96.39
N ILE D 537 -2.11 38.42 -95.44
CA ILE D 537 -1.53 38.98 -94.23
C ILE D 537 -0.38 39.91 -94.64
N ASN D 538 0.63 40.03 -93.79
CA ASN D 538 1.88 40.73 -94.07
C ASN D 538 2.88 40.29 -93.02
N LYS D 539 4.15 40.50 -93.28
CA LYS D 539 5.17 40.33 -92.26
C LYS D 539 6.21 41.42 -92.41
N VAL D 540 6.55 42.08 -91.30
CA VAL D 540 7.76 42.88 -91.29
C VAL D 540 8.95 41.93 -91.35
N LEU D 541 9.82 42.16 -92.31
CA LEU D 541 10.97 41.30 -92.46
C LEU D 541 11.99 41.58 -91.36
N GLY E 34 -13.75 -10.56 -80.89
CA GLY E 34 -14.94 -11.25 -81.36
C GLY E 34 -14.70 -12.67 -81.81
N SER E 35 -15.75 -13.32 -82.31
CA SER E 35 -15.65 -14.70 -82.77
C SER E 35 -16.76 -14.95 -83.79
N GLY E 36 -16.59 -16.02 -84.56
CA GLY E 36 -17.57 -16.43 -85.53
C GLY E 36 -17.22 -16.02 -86.94
N VAL E 37 -18.12 -16.35 -87.86
CA VAL E 37 -17.95 -15.94 -89.25
C VAL E 37 -17.91 -14.42 -89.33
N GLY E 38 -17.08 -13.90 -90.23
CA GLY E 38 -16.93 -12.48 -90.37
C GLY E 38 -15.86 -11.86 -89.51
N ILE E 39 -15.16 -12.65 -88.71
CA ILE E 39 -14.07 -12.18 -87.87
C ILE E 39 -12.87 -13.05 -88.21
N SER E 40 -11.83 -12.44 -88.78
CA SER E 40 -10.67 -13.21 -89.19
C SER E 40 -9.96 -13.76 -87.96
N THR E 41 -9.43 -14.98 -88.09
CA THR E 41 -8.85 -15.62 -86.91
C THR E 41 -7.43 -15.13 -86.64
N GLY E 42 -6.62 -15.03 -87.68
CA GLY E 42 -5.26 -14.54 -87.52
C GLY E 42 -4.84 -13.82 -88.78
N GLY E 43 -3.77 -13.04 -88.65
CA GLY E 43 -3.28 -12.23 -89.74
C GLY E 43 -2.08 -12.84 -90.44
N TRP E 44 -1.63 -12.17 -91.48
CA TRP E 44 -0.48 -12.59 -92.24
C TRP E 44 0.79 -12.39 -91.42
N VAL E 45 1.82 -13.18 -91.74
CA VAL E 45 3.05 -13.22 -90.97
C VAL E 45 4.22 -13.45 -91.91
N GLY E 46 5.39 -12.92 -91.56
CA GLY E 46 6.59 -13.23 -92.29
C GLY E 46 7.70 -12.24 -91.96
N GLY E 47 8.81 -12.35 -92.72
CA GLY E 47 9.84 -11.35 -92.75
C GLY E 47 11.14 -11.68 -92.05
N SER E 48 11.27 -12.88 -91.52
CA SER E 48 12.42 -13.36 -90.74
C SER E 48 12.85 -12.48 -89.57
N TYR E 49 14.08 -12.67 -89.09
CA TYR E 49 14.51 -11.95 -87.89
C TYR E 49 16.00 -11.65 -87.79
N PHE E 50 16.82 -12.70 -87.64
CA PHE E 50 18.28 -12.63 -87.51
C PHE E 50 18.87 -11.94 -86.29
N THR E 51 18.88 -12.63 -85.16
CA THR E 51 19.73 -12.33 -84.02
C THR E 51 20.89 -13.32 -83.97
N ASP E 52 22.03 -12.87 -83.42
CA ASP E 52 23.24 -13.68 -83.33
C ASP E 52 23.00 -15.08 -82.81
N SER E 53 22.15 -15.22 -81.80
CA SER E 53 21.92 -16.53 -81.20
C SER E 53 20.92 -17.36 -81.98
N TYR E 54 19.95 -16.75 -82.64
CA TYR E 54 18.92 -17.51 -83.33
C TYR E 54 18.31 -16.68 -84.44
N VAL E 55 17.70 -17.38 -85.39
CA VAL E 55 17.01 -16.78 -86.52
C VAL E 55 15.58 -17.29 -86.54
N ILE E 56 14.62 -16.37 -86.56
CA ILE E 56 13.22 -16.70 -86.62
C ILE E 56 12.71 -16.41 -88.01
N THR E 57 12.38 -17.45 -88.77
CA THR E 57 11.79 -17.29 -90.08
C THR E 57 10.29 -17.50 -89.99
N LYS E 58 9.54 -16.58 -90.57
CA LYS E 58 8.08 -16.61 -90.53
C LYS E 58 7.57 -16.64 -91.96
N ASN E 59 6.54 -17.44 -92.20
CA ASN E 59 5.99 -17.57 -93.54
C ASN E 59 4.50 -17.80 -93.43
N THR E 60 3.78 -17.45 -94.49
CA THR E 60 2.34 -17.63 -94.55
C THR E 60 1.96 -17.97 -95.98
N ARG E 61 0.91 -18.76 -96.15
CA ARG E 61 0.54 -19.27 -97.46
C ARG E 61 -0.96 -19.23 -97.63
N GLN E 62 -1.39 -19.46 -98.86
CA GLN E 62 -2.78 -19.69 -99.19
C GLN E 62 -2.85 -21.07 -99.81
N PHE E 63 -3.70 -21.93 -99.28
CA PHE E 63 -3.75 -23.32 -99.73
C PHE E 63 -5.18 -23.69 -100.09
N LEU E 64 -5.34 -24.82 -100.77
CA LEU E 64 -6.67 -25.36 -100.97
C LEU E 64 -6.65 -26.88 -100.97
N VAL E 65 -7.71 -27.46 -100.41
CA VAL E 65 -7.90 -28.89 -100.31
C VAL E 65 -8.99 -29.28 -101.30
N LYS E 66 -8.72 -30.27 -102.15
CA LYS E 66 -9.48 -30.49 -103.36
C LYS E 66 -10.51 -31.62 -103.28
N ILE E 67 -10.61 -32.33 -102.16
CA ILE E 67 -11.33 -33.61 -102.11
C ILE E 67 -10.69 -34.59 -103.09
N GLN E 68 -9.54 -35.14 -102.73
CA GLN E 68 -8.93 -36.16 -103.57
C GLN E 68 -9.58 -37.51 -103.36
N ASN E 69 -9.69 -38.27 -104.44
CA ASN E 69 -9.97 -39.71 -104.39
C ASN E 69 -11.37 -40.00 -103.86
N ASN E 70 -12.35 -39.21 -104.27
CA ASN E 70 -13.67 -39.20 -103.64
C ASN E 70 -13.39 -39.06 -102.15
N HIS E 71 -14.12 -39.72 -101.27
CA HIS E 71 -13.61 -39.90 -99.91
C HIS E 71 -13.12 -41.30 -99.64
N GLN E 72 -13.29 -42.22 -100.58
CA GLN E 72 -12.82 -43.57 -100.41
C GLN E 72 -11.33 -43.67 -100.69
N TYR E 73 -10.74 -44.76 -100.22
CA TYR E 73 -9.30 -45.03 -100.21
C TYR E 73 -8.78 -45.66 -101.50
N LYS E 74 -9.28 -46.84 -101.85
CA LYS E 74 -8.74 -47.72 -102.88
C LYS E 74 -7.30 -48.13 -102.62
N THR E 75 -6.59 -48.51 -103.68
CA THR E 75 -5.22 -49.00 -103.59
C THR E 75 -4.39 -48.41 -104.72
N GLU E 76 -4.87 -48.60 -105.95
CA GLU E 76 -4.46 -47.94 -107.20
C GLU E 76 -3.33 -48.58 -107.99
N LEU E 77 -2.54 -49.47 -107.40
CA LEU E 77 -1.56 -50.29 -108.13
C LEU E 77 -0.89 -49.49 -109.25
N ILE E 78 -0.03 -48.55 -108.85
CA ILE E 78 0.24 -47.38 -109.70
C ILE E 78 0.69 -47.75 -111.11
N SER E 79 1.97 -48.10 -111.26
CA SER E 79 2.59 -48.62 -112.49
C SER E 79 2.53 -47.63 -113.64
N PRO E 80 3.49 -47.64 -114.54
CA PRO E 80 3.20 -47.31 -115.93
C PRO E 80 3.01 -48.60 -116.72
N SER E 81 2.72 -48.51 -118.01
CA SER E 81 2.82 -49.70 -118.86
C SER E 81 3.37 -49.40 -120.25
N THR E 82 4.48 -50.00 -120.69
CA THR E 82 5.62 -50.59 -119.92
C THR E 82 5.33 -51.45 -118.68
N SER E 83 4.51 -52.47 -118.86
CA SER E 83 4.12 -53.36 -117.76
C SER E 83 5.33 -53.98 -117.07
N GLN E 84 6.50 -53.96 -117.70
CA GLN E 84 7.73 -54.43 -117.06
C GLN E 84 8.11 -53.58 -115.85
N GLY E 85 7.45 -52.46 -115.63
CA GLY E 85 7.82 -51.57 -114.54
C GLY E 85 7.59 -52.19 -113.17
N LYS E 86 7.92 -51.42 -112.14
CA LYS E 86 7.80 -51.91 -110.78
C LYS E 86 6.36 -52.15 -110.38
N SER E 87 5.48 -51.21 -110.71
CA SER E 87 4.04 -51.36 -110.48
C SER E 87 3.72 -51.49 -109.00
N GLN E 88 4.27 -50.58 -108.20
CA GLN E 88 3.95 -50.56 -106.78
C GLN E 88 2.45 -50.35 -106.58
N ARG E 89 1.89 -51.07 -105.60
CA ARG E 89 0.44 -51.05 -105.45
C ARG E 89 -0.03 -49.82 -104.70
N CYS E 90 0.74 -49.38 -103.71
CA CYS E 90 0.43 -48.25 -102.85
C CYS E 90 -0.95 -48.30 -102.20
N VAL E 91 -1.42 -47.14 -101.76
CA VAL E 91 -2.75 -46.91 -101.20
C VAL E 91 -3.05 -45.44 -101.41
N SER E 92 -4.27 -45.11 -101.75
CA SER E 92 -4.66 -43.72 -101.86
C SER E 92 -5.62 -43.41 -100.73
N THR E 93 -5.64 -42.17 -100.28
CA THR E 93 -6.48 -41.76 -99.18
C THR E 93 -7.17 -40.46 -99.54
N PRO E 94 -8.31 -40.15 -98.90
CA PRO E 94 -8.93 -38.84 -99.11
C PRO E 94 -8.11 -37.69 -98.56
N TRP E 95 -7.11 -37.98 -97.74
CA TRP E 95 -6.39 -36.94 -97.01
C TRP E 95 -5.36 -36.26 -97.89
N SER E 96 -5.10 -35.00 -97.56
CA SER E 96 -4.00 -34.23 -98.09
C SER E 96 -3.14 -33.80 -96.92
N TYR E 97 -1.89 -33.40 -97.21
CA TYR E 97 -0.98 -33.12 -96.12
C TYR E 97 -0.13 -31.91 -96.43
N PHE E 98 0.37 -31.28 -95.37
CA PHE E 98 1.28 -30.16 -95.46
C PHE E 98 2.71 -30.66 -95.38
N ASN E 99 3.49 -30.39 -96.41
CA ASN E 99 4.92 -30.69 -96.42
C ASN E 99 5.67 -29.38 -96.24
N PHE E 100 6.31 -29.20 -95.10
CA PHE E 100 7.09 -28.01 -94.83
C PHE E 100 8.57 -28.20 -95.07
N ASN E 101 8.99 -29.34 -95.59
CA ASN E 101 10.40 -29.73 -95.55
C ASN E 101 11.09 -29.24 -96.81
N GLN E 102 11.87 -28.17 -96.66
CA GLN E 102 12.78 -27.63 -97.65
C GLN E 102 13.32 -26.33 -97.07
N TYR E 103 14.49 -25.91 -97.54
CA TYR E 103 15.00 -24.64 -97.06
C TYR E 103 14.42 -23.46 -97.84
N SER E 104 14.30 -23.61 -99.16
CA SER E 104 13.83 -22.50 -99.98
C SER E 104 12.42 -22.07 -99.62
N SER E 105 11.70 -22.87 -98.86
CA SER E 105 10.37 -22.45 -98.42
C SER E 105 10.45 -21.45 -97.29
N HIS E 106 11.39 -21.64 -96.37
CA HIS E 106 11.46 -20.83 -95.17
C HIS E 106 12.43 -19.66 -95.28
N PHE E 107 13.24 -19.60 -96.33
CA PHE E 107 14.26 -18.57 -96.44
C PHE E 107 14.16 -17.88 -97.79
N SER E 108 14.05 -16.57 -97.77
CA SER E 108 14.17 -15.81 -99.00
C SER E 108 15.59 -15.93 -99.50
N PRO E 109 15.81 -15.70 -100.79
CA PRO E 109 17.18 -15.72 -101.30
C PRO E 109 18.11 -14.76 -100.59
N GLN E 110 17.61 -13.73 -99.93
CA GLN E 110 18.46 -12.93 -99.08
C GLN E 110 18.61 -13.47 -97.67
N ASP E 111 17.52 -13.95 -97.05
CA ASP E 111 17.65 -14.52 -95.72
C ASP E 111 18.64 -15.67 -95.73
N TRP E 112 18.40 -16.67 -96.56
CA TRP E 112 19.48 -17.52 -97.01
C TRP E 112 20.50 -16.63 -97.68
N GLN E 113 21.78 -16.91 -97.49
CA GLN E 113 22.90 -16.02 -97.83
C GLN E 113 23.11 -14.94 -96.80
N ARG E 114 22.14 -14.62 -95.98
CA ARG E 114 22.49 -13.88 -94.79
C ARG E 114 23.00 -14.80 -93.71
N LEU E 115 22.42 -15.98 -93.56
CA LEU E 115 23.01 -16.96 -92.65
C LEU E 115 24.15 -17.73 -93.27
N THR E 116 24.06 -18.03 -94.56
CA THR E 116 25.14 -18.78 -95.20
C THR E 116 26.44 -17.99 -95.17
N ASN E 117 26.33 -16.65 -95.26
CA ASN E 117 27.53 -15.83 -95.16
C ASN E 117 27.94 -15.61 -93.71
N GLU E 118 26.98 -15.37 -92.82
CA GLU E 118 27.30 -14.81 -91.52
C GLU E 118 27.39 -15.84 -90.39
N TYR E 119 27.15 -17.12 -90.64
CA TYR E 119 27.10 -18.07 -89.53
C TYR E 119 27.82 -19.37 -89.84
N LYS E 120 28.42 -19.95 -88.79
CA LYS E 120 29.05 -21.26 -88.92
C LYS E 120 28.03 -22.35 -89.16
N ARG E 121 27.00 -22.39 -88.32
CA ARG E 121 26.15 -23.57 -88.27
C ARG E 121 24.78 -23.16 -87.79
N PHE E 122 23.80 -23.96 -88.14
CA PHE E 122 22.44 -23.70 -87.74
C PHE E 122 21.67 -25.01 -87.72
N ARG E 123 20.67 -25.07 -86.86
CA ARG E 123 19.74 -26.18 -86.88
C ARG E 123 18.40 -25.63 -86.45
N PRO E 124 17.30 -26.16 -86.97
CA PRO E 124 15.99 -25.67 -86.52
C PRO E 124 15.75 -26.06 -85.07
N LYS E 125 15.41 -25.06 -84.26
CA LYS E 125 15.15 -25.29 -82.86
C LYS E 125 13.71 -25.73 -82.61
N GLY E 126 12.76 -25.09 -83.26
CA GLY E 126 11.36 -25.37 -83.02
C GLY E 126 10.54 -24.95 -84.22
N MET E 127 9.25 -25.27 -84.16
CA MET E 127 8.36 -25.02 -85.28
C MET E 127 6.96 -24.78 -84.74
N HIS E 128 6.26 -23.83 -85.34
CA HIS E 128 4.93 -23.46 -84.89
C HIS E 128 4.08 -23.22 -86.12
N VAL E 129 2.98 -23.95 -86.25
CA VAL E 129 2.16 -23.92 -87.45
C VAL E 129 0.75 -23.54 -87.04
N LYS E 130 0.10 -22.69 -87.84
CA LYS E 130 -1.25 -22.24 -87.55
C LYS E 130 -2.09 -22.31 -88.81
N ILE E 131 -3.16 -23.08 -88.76
CA ILE E 131 -4.19 -23.06 -89.79
C ILE E 131 -5.22 -22.05 -89.34
N TYR E 132 -5.66 -21.18 -90.26
CA TYR E 132 -6.66 -20.20 -89.90
C TYR E 132 -7.24 -19.59 -91.17
N ASN E 133 -8.21 -18.72 -91.00
CA ASN E 133 -8.90 -18.06 -92.10
C ASN E 133 -9.41 -19.07 -93.12
N LEU E 134 -10.12 -20.07 -92.64
CA LEU E 134 -10.60 -21.13 -93.51
C LEU E 134 -11.82 -20.68 -94.29
N GLN E 135 -12.02 -21.30 -95.45
CA GLN E 135 -13.16 -20.99 -96.31
C GLN E 135 -13.60 -22.27 -97.00
N ILE E 136 -14.90 -22.52 -97.04
CA ILE E 136 -15.45 -23.67 -97.75
C ILE E 136 -16.35 -23.12 -98.84
N LYS E 137 -15.97 -23.33 -100.10
CA LYS E 137 -16.60 -22.57 -101.16
C LYS E 137 -17.66 -23.29 -101.98
N GLN E 138 -17.90 -24.59 -101.77
CA GLN E 138 -19.06 -25.25 -102.38
C GLN E 138 -19.08 -25.10 -103.90
N ILE E 139 -18.23 -25.88 -104.57
CA ILE E 139 -18.23 -25.89 -106.03
C ILE E 139 -19.62 -26.24 -106.55
N LEU E 140 -20.06 -25.51 -107.57
CA LEU E 140 -21.27 -25.86 -108.32
C LEU E 140 -20.96 -25.88 -109.81
N SER E 141 -21.70 -26.72 -110.53
CA SER E 141 -21.60 -26.80 -111.98
C SER E 141 -22.99 -26.85 -112.57
N ASN E 142 -23.31 -25.86 -113.38
CA ASN E 142 -24.53 -25.85 -114.18
C ASN E 142 -24.30 -26.46 -115.54
N GLY E 143 -23.13 -27.02 -115.77
CA GLY E 143 -22.62 -27.38 -117.07
C GLY E 143 -21.72 -26.27 -117.56
N ALA E 144 -20.63 -26.65 -118.22
CA ALA E 144 -19.52 -25.76 -118.57
C ALA E 144 -19.13 -24.99 -117.30
N ASP E 145 -18.74 -23.73 -117.39
CA ASP E 145 -18.66 -22.72 -116.32
C ASP E 145 -18.14 -23.24 -114.98
N THR E 146 -18.69 -22.69 -113.89
CA THR E 146 -18.68 -23.11 -112.50
C THR E 146 -19.27 -21.97 -111.68
N THR E 147 -19.70 -22.23 -110.46
CA THR E 147 -20.06 -21.18 -109.53
C THR E 147 -19.65 -21.62 -108.13
N TYR E 148 -19.37 -20.64 -107.29
CA TYR E 148 -18.91 -20.88 -105.93
C TYR E 148 -19.82 -20.08 -105.01
N ASN E 149 -20.64 -20.77 -104.22
CA ASN E 149 -21.64 -20.07 -103.42
C ASN E 149 -21.08 -19.66 -102.08
N ASN E 150 -19.79 -19.83 -101.89
CA ASN E 150 -19.17 -19.89 -100.57
C ASN E 150 -19.88 -21.01 -99.85
N ASP E 151 -20.01 -20.91 -98.54
CA ASP E 151 -20.70 -21.91 -97.74
C ASP E 151 -20.52 -21.54 -96.29
N LEU E 152 -21.41 -22.05 -95.45
CA LEU E 152 -21.20 -22.07 -94.02
C LEU E 152 -21.66 -23.44 -93.57
N THR E 153 -21.61 -23.68 -92.26
CA THR E 153 -21.96 -24.97 -91.70
C THR E 153 -21.28 -26.11 -92.44
N ALA E 154 -20.01 -25.95 -92.75
CA ALA E 154 -19.18 -27.00 -93.34
C ALA E 154 -17.91 -27.11 -92.53
N GLY E 155 -17.13 -28.17 -92.76
CA GLY E 155 -16.05 -28.51 -91.88
C GLY E 155 -14.86 -29.06 -92.62
N VAL E 156 -13.74 -29.07 -91.90
CA VAL E 156 -12.45 -29.52 -92.41
C VAL E 156 -11.78 -30.32 -91.32
N HIS E 157 -11.36 -31.53 -91.65
CA HIS E 157 -10.62 -32.37 -90.72
C HIS E 157 -9.15 -31.97 -90.75
N ILE E 158 -8.55 -31.84 -89.59
CA ILE E 158 -7.13 -31.51 -89.48
C ILE E 158 -6.51 -32.43 -88.44
N PHE E 159 -5.49 -33.16 -88.84
CA PHE E 159 -4.88 -34.18 -88.01
C PHE E 159 -3.37 -34.06 -88.07
N CYS E 160 -2.71 -34.23 -86.93
CA CYS E 160 -1.27 -34.15 -86.84
C CYS E 160 -0.72 -35.42 -86.20
N ASP E 161 0.51 -35.77 -86.55
CA ASP E 161 1.19 -36.93 -85.96
C ASP E 161 2.20 -36.47 -84.92
N GLY E 162 1.91 -36.70 -83.65
CA GLY E 162 2.93 -36.51 -82.65
C GLY E 162 3.68 -37.80 -82.37
N GLU E 163 3.02 -38.93 -82.63
CA GLU E 163 3.63 -40.22 -82.38
C GLU E 163 4.34 -40.77 -83.60
N HIS E 164 4.12 -40.18 -84.77
CA HIS E 164 4.56 -40.72 -86.05
C HIS E 164 4.09 -42.14 -86.27
N ALA E 165 2.98 -42.53 -85.68
CA ALA E 165 2.18 -43.61 -86.26
C ALA E 165 1.68 -43.13 -87.61
N TYR E 166 1.31 -44.07 -88.45
CA TYR E 166 0.92 -43.84 -89.84
C TYR E 166 2.15 -43.69 -90.73
N PRO E 167 2.02 -44.06 -91.99
CA PRO E 167 3.19 -44.19 -92.88
C PRO E 167 3.93 -42.91 -93.23
N ASN E 168 3.47 -41.72 -92.84
CA ASN E 168 4.16 -40.43 -92.98
C ASN E 168 4.69 -40.15 -94.39
N ALA E 169 3.79 -39.67 -95.25
CA ALA E 169 4.08 -39.47 -96.68
C ALA E 169 5.42 -38.77 -96.92
N THR E 170 5.78 -37.80 -96.10
CA THR E 170 6.89 -36.91 -96.42
C THR E 170 8.15 -37.70 -96.74
N HIS E 171 8.70 -37.43 -97.91
CA HIS E 171 9.97 -37.93 -98.41
C HIS E 171 10.81 -36.70 -98.74
N PRO E 172 12.12 -36.74 -98.50
CA PRO E 172 12.90 -35.50 -98.58
C PRO E 172 12.72 -34.68 -99.83
N TRP E 173 12.81 -35.26 -101.01
CA TRP E 173 12.82 -34.43 -102.22
C TRP E 173 11.40 -34.15 -102.67
N ASP E 174 10.72 -35.16 -103.20
CA ASP E 174 9.33 -35.06 -103.62
C ASP E 174 9.18 -33.82 -104.49
N GLU E 175 8.19 -32.98 -104.24
CA GLU E 175 7.82 -31.85 -105.07
C GLU E 175 7.38 -30.81 -104.06
N ASP E 176 6.70 -29.77 -104.54
CA ASP E 176 5.75 -28.99 -103.73
C ASP E 176 6.47 -28.45 -102.48
N VAL E 177 6.17 -28.96 -101.29
CA VAL E 177 6.50 -28.35 -100.02
C VAL E 177 5.78 -27.00 -100.08
N MET E 178 6.32 -25.98 -99.46
CA MET E 178 5.72 -24.67 -99.62
C MET E 178 6.28 -24.04 -100.87
N PRO E 179 5.50 -23.24 -101.59
CA PRO E 179 6.10 -22.52 -102.71
C PRO E 179 7.15 -21.58 -102.16
N GLU E 180 8.35 -21.63 -102.73
CA GLU E 180 9.44 -20.82 -102.21
C GLU E 180 9.07 -19.36 -102.17
N LEU E 181 8.06 -18.97 -102.94
CA LEU E 181 7.65 -17.60 -103.13
C LEU E 181 6.29 -17.41 -102.49
N PRO E 182 6.11 -16.50 -101.52
CA PRO E 182 4.76 -16.31 -100.95
C PRO E 182 3.79 -15.79 -102.00
N TYR E 183 2.57 -15.45 -101.59
CA TYR E 183 1.49 -14.97 -102.47
C TYR E 183 1.15 -16.02 -103.52
N GLN E 184 1.94 -17.08 -103.59
CA GLN E 184 1.71 -18.16 -104.54
C GLN E 184 0.89 -19.22 -103.83
N THR E 185 -0.32 -19.46 -104.32
CA THR E 185 -1.21 -20.39 -103.65
C THR E 185 -0.61 -21.78 -103.61
N TRP E 186 -0.88 -22.50 -102.53
CA TRP E 186 -0.21 -23.76 -102.28
C TRP E 186 -1.21 -24.90 -102.39
N TYR E 187 -1.10 -25.69 -103.44
CA TYR E 187 -1.99 -26.81 -103.67
C TYR E 187 -1.47 -28.02 -102.93
N LEU E 188 -2.29 -28.58 -102.06
CA LEU E 188 -1.92 -29.76 -101.31
C LEU E 188 -1.95 -31.00 -102.20
N PHE E 189 -1.28 -32.04 -101.73
CA PHE E 189 -1.16 -33.28 -102.47
C PHE E 189 -1.73 -34.44 -101.66
N GLN E 190 -2.25 -35.42 -102.38
CA GLN E 190 -2.94 -36.53 -101.75
C GLN E 190 -1.99 -37.38 -100.92
N TYR E 191 -2.48 -37.88 -99.80
CA TYR E 191 -1.70 -38.74 -98.95
C TYR E 191 -1.85 -40.20 -99.38
N GLY E 192 -0.74 -40.89 -99.53
CA GLY E 192 -0.75 -42.29 -99.88
C GLY E 192 0.47 -42.96 -99.29
N TYR E 193 0.48 -44.28 -99.35
CA TYR E 193 1.60 -45.00 -98.81
C TYR E 193 1.68 -46.38 -99.43
N ILE E 194 2.87 -46.96 -99.39
CA ILE E 194 3.09 -48.32 -99.89
C ILE E 194 2.79 -49.30 -98.76
N PRO E 195 1.71 -50.08 -98.83
CA PRO E 195 1.51 -51.09 -97.79
C PRO E 195 2.54 -52.19 -97.83
N VAL E 196 2.84 -52.74 -99.01
CA VAL E 196 3.79 -53.83 -99.19
C VAL E 196 4.31 -53.79 -100.62
N ILE E 197 5.53 -54.31 -100.82
CA ILE E 197 6.09 -54.47 -102.16
C ILE E 197 5.10 -55.22 -103.03
N HIS E 198 4.83 -54.68 -104.22
CA HIS E 198 3.81 -55.29 -105.06
C HIS E 198 4.22 -56.69 -105.50
N GLU E 199 5.40 -56.81 -106.11
CA GLU E 199 5.97 -58.14 -106.24
C GLU E 199 6.19 -58.70 -104.86
N LEU E 200 6.27 -60.02 -104.73
CA LEU E 200 6.23 -60.65 -103.41
C LEU E 200 4.90 -60.38 -102.74
N ALA E 201 3.89 -61.21 -103.08
CA ALA E 201 2.44 -61.00 -102.98
C ALA E 201 1.77 -60.62 -104.29
N GLU E 202 2.49 -60.64 -105.41
CA GLU E 202 1.83 -60.39 -106.70
C GLU E 202 0.52 -61.17 -106.95
N MET E 203 0.39 -62.46 -106.66
CA MET E 203 1.44 -63.42 -106.32
C MET E 203 1.35 -64.55 -107.34
N GLU E 204 2.44 -65.31 -107.52
CA GLU E 204 2.46 -66.28 -108.59
C GLU E 204 2.05 -67.67 -108.11
N ASP E 205 0.85 -68.09 -108.49
CA ASP E 205 0.35 -69.45 -108.28
C ASP E 205 0.57 -69.90 -106.84
N SER E 206 0.91 -71.18 -106.67
CA SER E 206 1.51 -71.69 -105.44
C SER E 206 0.73 -71.13 -104.18
N ASN E 207 1.25 -70.39 -103.19
CA ASN E 207 2.63 -70.05 -102.86
C ASN E 207 2.88 -70.23 -101.37
N ALA E 208 2.13 -69.45 -100.60
CA ALA E 208 2.08 -69.45 -99.14
C ALA E 208 3.26 -68.71 -98.54
N VAL E 209 4.32 -68.50 -99.31
CA VAL E 209 5.37 -67.57 -98.90
C VAL E 209 4.99 -66.14 -99.28
N GLU E 210 4.38 -65.96 -100.46
CA GLU E 210 3.84 -64.66 -100.80
C GLU E 210 2.39 -64.51 -100.38
N LYS E 211 1.74 -65.62 -100.01
CA LYS E 211 0.42 -65.50 -99.38
C LYS E 211 0.56 -64.78 -98.06
N ALA E 212 1.43 -65.27 -97.19
CA ALA E 212 1.95 -64.39 -96.15
C ALA E 212 2.73 -63.27 -96.81
N ILE E 213 2.78 -62.13 -96.12
CA ILE E 213 3.27 -60.85 -96.63
C ILE E 213 2.20 -60.20 -97.50
N CYS E 214 1.31 -61.02 -98.08
CA CYS E 214 0.09 -60.47 -98.62
C CYS E 214 -0.99 -60.35 -97.57
N LEU E 215 -1.11 -61.37 -96.72
CA LEU E 215 -2.07 -61.32 -95.62
C LEU E 215 -1.65 -60.27 -94.59
N GLN E 216 -0.36 -60.01 -94.47
CA GLN E 216 0.10 -59.16 -93.39
C GLN E 216 0.15 -57.70 -93.78
N ILE E 217 -0.29 -57.34 -94.98
CA ILE E 217 -0.13 -55.95 -95.39
C ILE E 217 -0.99 -55.13 -94.43
N PRO E 218 -0.42 -54.15 -93.75
CA PRO E 218 -1.21 -53.33 -92.83
C PRO E 218 -2.03 -52.33 -93.61
N PHE E 219 -3.14 -51.93 -93.00
CA PHE E 219 -4.02 -50.94 -93.60
C PHE E 219 -4.26 -49.84 -92.58
N PHE E 220 -3.77 -48.66 -92.88
CA PHE E 220 -3.81 -47.53 -91.98
C PHE E 220 -4.90 -46.57 -92.43
N MET E 221 -5.56 -45.95 -91.46
CA MET E 221 -6.65 -45.04 -91.71
C MET E 221 -6.49 -43.86 -90.77
N LEU E 222 -6.68 -42.67 -91.28
CA LEU E 222 -6.52 -41.50 -90.46
C LEU E 222 -7.77 -41.18 -89.67
N GLU E 223 -8.80 -42.02 -89.74
CA GLU E 223 -9.99 -41.72 -88.98
C GLU E 223 -9.77 -42.11 -87.53
N ASN E 224 -9.82 -43.40 -87.20
CA ASN E 224 -9.01 -43.96 -86.10
C ASN E 224 -8.76 -42.95 -85.00
N SER E 225 -7.49 -42.63 -84.78
CA SER E 225 -7.12 -41.62 -83.80
C SER E 225 -7.85 -40.30 -84.06
N ASP E 226 -8.26 -39.65 -82.98
CA ASP E 226 -9.12 -38.48 -83.09
C ASP E 226 -8.38 -37.29 -83.66
N HIS E 227 -9.15 -36.35 -84.21
CA HIS E 227 -8.61 -35.15 -84.80
C HIS E 227 -9.69 -34.08 -84.83
N GLU E 228 -9.26 -32.85 -85.06
CA GLU E 228 -10.17 -31.72 -84.98
C GLU E 228 -10.85 -31.47 -86.31
N VAL E 229 -12.11 -31.10 -86.24
CA VAL E 229 -12.85 -30.56 -87.38
C VAL E 229 -13.00 -29.07 -87.14
N LEU E 230 -13.01 -28.29 -88.21
CA LEU E 230 -13.07 -26.84 -88.10
C LEU E 230 -14.10 -26.30 -89.06
N ARG E 231 -15.00 -25.48 -88.57
CA ARG E 231 -15.75 -24.65 -89.49
C ARG E 231 -14.90 -23.42 -89.80
N THR E 232 -15.52 -22.41 -90.44
CA THR E 232 -14.77 -21.23 -90.85
C THR E 232 -14.16 -20.50 -89.67
N GLY E 233 -14.97 -20.08 -88.70
CA GLY E 233 -14.46 -19.20 -87.65
C GLY E 233 -13.36 -19.80 -86.81
N GLU E 234 -13.25 -21.11 -86.77
CA GLU E 234 -12.25 -21.78 -85.95
C GLU E 234 -10.89 -21.82 -86.64
N SER E 235 -9.84 -21.96 -85.81
CA SER E 235 -8.48 -22.18 -86.28
C SER E 235 -7.83 -23.28 -85.46
N THR E 236 -6.55 -23.54 -85.75
CA THR E 236 -5.80 -24.55 -85.04
C THR E 236 -4.33 -24.18 -85.04
N GLU E 237 -3.63 -24.53 -83.96
CA GLU E 237 -2.20 -24.35 -83.85
C GLU E 237 -1.52 -25.69 -83.67
N PHE E 238 -0.27 -25.77 -84.08
CA PHE E 238 0.56 -26.94 -83.81
C PHE E 238 1.97 -26.46 -83.50
N THR E 239 2.62 -27.14 -82.55
CA THR E 239 4.00 -26.84 -82.21
C THR E 239 4.85 -28.08 -82.43
N PHE E 240 6.15 -27.85 -82.58
CA PHE E 240 7.09 -28.94 -82.75
C PHE E 240 8.41 -28.53 -82.12
N ASN E 241 9.11 -29.51 -81.56
CA ASN E 241 10.45 -29.32 -81.05
C ASN E 241 11.35 -30.33 -81.72
N PHE E 242 12.62 -29.96 -81.87
CA PHE E 242 13.56 -30.76 -82.65
C PHE E 242 14.71 -31.21 -81.77
N ASP E 243 14.92 -32.51 -81.69
CA ASP E 243 16.21 -33.06 -81.31
C ASP E 243 16.95 -33.29 -82.62
N CYS E 244 17.97 -32.48 -82.87
CA CYS E 244 18.43 -32.28 -84.24
C CYS E 244 19.92 -31.99 -84.24
N GLU E 245 20.59 -32.47 -85.28
CA GLU E 245 22.01 -32.26 -85.45
C GLU E 245 22.26 -30.97 -86.21
N TRP E 246 23.33 -30.27 -85.82
CA TRP E 246 23.72 -29.06 -86.53
C TRP E 246 24.04 -29.39 -87.98
N ILE E 247 23.78 -28.45 -88.86
CA ILE E 247 24.32 -28.47 -90.22
C ILE E 247 25.34 -27.35 -90.30
N ASN E 248 26.55 -27.71 -90.71
CA ASN E 248 27.70 -26.83 -90.56
C ASN E 248 28.02 -26.13 -91.86
N ASN E 249 28.07 -24.81 -91.82
CA ASN E 249 28.58 -24.00 -92.91
C ASN E 249 30.00 -23.61 -92.54
N GLU E 250 30.97 -24.23 -93.21
CA GLU E 250 32.39 -24.17 -92.88
C GLU E 250 33.12 -24.89 -93.98
N ARG E 251 34.41 -24.62 -94.08
CA ARG E 251 35.21 -25.13 -95.18
C ARG E 251 36.57 -25.52 -94.64
N ALA E 252 37.02 -26.71 -95.02
CA ALA E 252 38.38 -27.14 -94.71
C ALA E 252 39.27 -26.74 -95.87
N TYR E 253 40.25 -25.90 -95.59
CA TYR E 253 41.15 -25.43 -96.62
C TYR E 253 42.20 -26.47 -97.00
N ILE E 254 42.35 -27.52 -96.21
CA ILE E 254 43.27 -28.61 -96.52
C ILE E 254 42.62 -29.94 -96.15
N PRO E 255 43.06 -31.03 -96.77
CA PRO E 255 42.62 -32.34 -96.33
C PRO E 255 43.04 -32.58 -94.89
N PRO E 256 42.36 -33.46 -94.18
CA PRO E 256 42.76 -33.72 -92.79
C PRO E 256 44.12 -34.38 -92.68
N GLY E 257 44.54 -35.11 -93.69
CA GLY E 257 45.86 -35.71 -93.68
C GLY E 257 46.98 -34.78 -94.03
N LEU E 258 46.67 -33.54 -94.40
CA LEU E 258 47.66 -32.57 -94.80
C LEU E 258 48.08 -31.67 -93.65
N MET E 259 47.64 -31.98 -92.43
CA MET E 259 47.93 -31.15 -91.27
C MET E 259 49.24 -31.63 -90.65
N PHE E 260 50.28 -30.82 -90.77
CA PHE E 260 51.57 -31.09 -90.15
C PHE E 260 52.49 -29.94 -90.51
N ASN E 261 53.56 -29.82 -89.76
CA ASN E 261 54.57 -28.82 -90.07
C ASN E 261 55.58 -29.46 -91.02
N PRO E 262 55.56 -29.09 -92.30
CA PRO E 262 56.45 -29.74 -93.26
C PRO E 262 57.90 -29.38 -93.07
N LEU E 263 58.18 -28.31 -92.33
CA LEU E 263 59.56 -27.93 -92.06
C LEU E 263 60.24 -28.95 -91.16
N VAL E 264 59.53 -29.44 -90.16
CA VAL E 264 60.16 -30.29 -89.15
C VAL E 264 60.37 -31.68 -89.72
N PRO E 265 61.55 -32.28 -89.56
CA PRO E 265 61.74 -33.66 -90.00
C PRO E 265 60.89 -34.61 -89.17
N THR E 266 60.70 -35.81 -89.71
CA THR E 266 59.87 -36.81 -89.05
C THR E 266 60.72 -38.00 -88.66
N ARG E 267 60.34 -38.66 -87.56
CA ARG E 267 60.94 -39.93 -87.22
C ARG E 267 60.02 -41.07 -87.63
N ARG E 268 60.36 -41.70 -88.74
CA ARG E 268 59.56 -42.73 -89.39
C ARG E 268 60.38 -43.25 -90.55
N ALA E 269 60.01 -44.41 -91.08
CA ALA E 269 60.79 -44.97 -92.18
C ALA E 269 59.87 -45.70 -93.14
N GLN E 270 60.34 -45.81 -94.38
CA GLN E 270 59.62 -46.47 -95.45
C GLN E 270 60.45 -47.65 -95.92
N TYR E 271 59.98 -48.86 -95.67
CA TYR E 271 60.52 -50.03 -96.34
C TYR E 271 59.74 -50.21 -97.62
N ILE E 272 60.44 -50.48 -98.71
CA ILE E 272 59.81 -50.67 -100.00
C ILE E 272 60.25 -52.02 -100.55
N ARG E 273 59.27 -52.86 -100.88
CA ARG E 273 59.57 -54.21 -101.33
C ARG E 273 60.35 -54.19 -102.64
N ARG E 274 61.08 -55.27 -102.90
CA ARG E 274 61.69 -55.47 -104.20
C ARG E 274 60.66 -55.30 -105.29
N ASN E 275 61.02 -54.54 -106.32
CA ASN E 275 60.00 -54.09 -107.28
C ASN E 275 59.62 -55.19 -108.25
N ASN E 276 60.51 -56.15 -108.50
CA ASN E 276 60.24 -57.27 -109.39
C ASN E 276 59.75 -56.77 -110.74
N ASN E 277 60.68 -56.21 -111.51
CA ASN E 277 60.43 -55.39 -112.71
C ASN E 277 59.85 -54.06 -112.24
N PRO E 278 60.20 -52.96 -112.92
CA PRO E 278 61.37 -52.86 -113.83
C PRO E 278 62.72 -53.06 -113.14
N GLN E 279 62.92 -52.42 -112.00
CA GLN E 279 64.26 -52.24 -111.43
C GLN E 279 64.11 -51.73 -110.00
N THR E 280 65.20 -51.23 -109.40
CA THR E 280 65.19 -50.61 -108.07
C THR E 280 64.86 -51.59 -106.96
N ALA E 281 65.84 -52.40 -106.58
CA ALA E 281 65.69 -53.36 -105.49
C ALA E 281 65.39 -52.64 -104.17
N GLU E 282 64.87 -53.42 -103.22
CA GLU E 282 64.28 -52.87 -102.00
C GLU E 282 65.26 -52.00 -101.24
N SER E 283 64.72 -50.97 -100.59
CA SER E 283 65.51 -50.09 -99.75
C SER E 283 64.61 -49.49 -98.68
N THR E 284 65.20 -49.17 -97.53
CA THR E 284 64.53 -48.43 -96.47
C THR E 284 65.09 -47.01 -96.41
N SER E 285 64.23 -46.07 -96.03
CA SER E 285 64.61 -44.67 -96.03
C SER E 285 63.72 -43.91 -95.07
N ARG E 286 64.20 -42.75 -94.63
CA ARG E 286 63.41 -41.89 -93.76
C ARG E 286 62.39 -41.13 -94.58
N ILE E 287 61.20 -40.96 -94.01
CA ILE E 287 60.16 -40.21 -94.69
C ILE E 287 60.54 -38.74 -94.75
N ALA E 288 60.33 -38.14 -95.92
CA ALA E 288 60.71 -36.76 -96.14
C ALA E 288 59.96 -35.84 -95.17
N PRO E 289 60.55 -34.68 -94.86
CA PRO E 289 59.87 -33.78 -93.91
C PRO E 289 58.51 -33.34 -94.40
N TYR E 290 58.43 -32.92 -95.65
CA TYR E 290 57.14 -32.77 -96.31
C TYR E 290 56.55 -34.15 -96.53
N ALA E 291 55.23 -34.20 -96.76
CA ALA E 291 54.55 -35.44 -97.11
C ALA E 291 54.73 -36.50 -96.02
N LYS E 292 54.42 -36.12 -94.80
CA LYS E 292 54.43 -37.08 -93.72
C LYS E 292 53.20 -37.96 -93.81
N PRO E 293 53.30 -39.21 -93.34
CA PRO E 293 52.13 -40.09 -93.37
C PRO E 293 51.04 -39.58 -92.45
N THR E 294 49.86 -40.11 -92.64
CA THR E 294 48.71 -39.65 -91.87
C THR E 294 47.86 -40.82 -91.41
N SER E 295 47.11 -40.56 -90.35
CA SER E 295 45.88 -41.26 -90.05
C SER E 295 44.77 -40.66 -90.88
N TRP E 296 43.54 -40.89 -90.46
CA TRP E 296 42.43 -40.15 -91.04
C TRP E 296 42.19 -40.49 -92.49
N MET E 297 41.62 -41.67 -92.67
CA MET E 297 41.12 -42.24 -93.90
C MET E 297 40.00 -41.38 -94.50
N THR E 298 39.78 -41.54 -95.80
CA THR E 298 38.72 -40.82 -96.48
C THR E 298 37.35 -41.40 -96.14
N GLY E 299 36.33 -40.57 -96.32
CA GLY E 299 34.97 -41.00 -96.08
C GLY E 299 34.53 -42.06 -97.07
N PRO E 300 33.51 -42.82 -96.70
CA PRO E 300 33.10 -43.96 -97.53
C PRO E 300 32.27 -43.54 -98.73
N GLY E 301 32.30 -44.37 -99.76
CA GLY E 301 31.49 -44.18 -100.94
C GLY E 301 31.36 -45.49 -101.67
N LEU E 302 30.46 -45.53 -102.65
CA LEU E 302 30.36 -46.65 -103.56
C LEU E 302 30.39 -46.13 -104.99
N LEU E 303 31.51 -46.34 -105.68
CA LEU E 303 31.69 -45.82 -107.04
C LEU E 303 31.61 -46.85 -108.15
N SER E 304 31.45 -48.14 -107.86
CA SER E 304 31.67 -49.13 -108.92
C SER E 304 30.46 -49.27 -109.84
N ALA E 305 29.26 -49.19 -109.28
CA ALA E 305 28.03 -49.54 -109.97
C ALA E 305 27.70 -48.53 -111.06
N GLN E 306 26.79 -48.93 -111.95
CA GLN E 306 26.24 -48.06 -112.98
C GLN E 306 24.73 -48.24 -113.03
N ARG E 307 24.01 -47.15 -113.24
CA ARG E 307 22.57 -47.24 -113.32
C ARG E 307 22.15 -48.18 -114.44
N VAL E 308 21.08 -48.94 -114.20
CA VAL E 308 20.77 -50.12 -114.98
C VAL E 308 19.44 -49.93 -115.71
N GLY E 309 19.51 -49.86 -117.02
CA GLY E 309 18.34 -50.02 -117.86
C GLY E 309 17.60 -48.73 -118.13
N PRO E 310 16.38 -48.85 -118.65
CA PRO E 310 15.63 -47.68 -119.09
C PRO E 310 15.06 -46.91 -117.92
N ALA E 311 14.78 -45.63 -118.18
CA ALA E 311 14.13 -44.80 -117.18
C ALA E 311 12.70 -45.30 -116.93
N THR E 312 12.14 -44.89 -115.79
CA THR E 312 10.86 -45.28 -115.22
C THR E 312 10.94 -46.69 -114.64
N SER E 313 12.05 -47.40 -114.80
CA SER E 313 12.25 -48.71 -114.22
C SER E 313 12.98 -48.66 -112.88
N ASP E 314 13.18 -47.46 -112.33
CA ASP E 314 13.95 -47.28 -111.10
C ASP E 314 15.40 -47.72 -111.26
N THR E 315 16.18 -46.94 -111.98
CA THR E 315 17.59 -47.24 -112.12
C THR E 315 18.36 -46.52 -111.03
N GLY E 316 18.84 -47.28 -110.04
CA GLY E 316 19.54 -46.67 -108.93
C GLY E 316 21.04 -46.89 -108.90
N ALA E 317 21.51 -47.86 -109.69
CA ALA E 317 22.85 -48.43 -109.71
C ALA E 317 23.12 -49.25 -108.45
N TRP E 318 22.36 -49.06 -107.37
CA TRP E 318 22.44 -49.92 -106.20
C TRP E 318 21.00 -50.15 -105.75
N MET E 319 20.56 -51.40 -105.80
CA MET E 319 19.23 -51.76 -105.36
C MET E 319 19.34 -52.50 -104.04
N VAL E 320 18.58 -52.06 -103.05
CA VAL E 320 18.64 -52.69 -101.74
C VAL E 320 17.81 -53.96 -101.71
N ALA E 321 16.61 -53.90 -102.27
CA ALA E 321 15.67 -55.02 -102.34
C ALA E 321 15.45 -55.75 -101.01
N VAL E 322 15.07 -57.03 -101.11
CA VAL E 322 14.84 -57.90 -99.96
C VAL E 322 15.35 -59.31 -100.24
N LYS E 323 14.74 -59.98 -101.22
CA LYS E 323 14.99 -61.38 -101.52
C LYS E 323 14.70 -62.32 -100.35
N PRO E 324 13.42 -62.50 -99.99
CA PRO E 324 13.08 -63.63 -99.12
C PRO E 324 13.43 -64.95 -99.79
N GLU E 325 13.55 -65.99 -98.98
CA GLU E 325 14.27 -67.18 -99.41
C GLU E 325 13.56 -67.87 -100.57
N ASN E 326 12.24 -67.99 -100.51
CA ASN E 326 11.53 -68.56 -101.65
C ASN E 326 10.82 -67.48 -102.46
N ALA E 327 9.68 -67.03 -101.97
CA ALA E 327 8.82 -66.04 -102.61
C ALA E 327 8.60 -66.44 -104.07
N SER E 328 8.53 -65.44 -104.94
CA SER E 328 8.72 -65.60 -106.37
C SER E 328 8.99 -64.21 -106.91
N ILE E 329 9.67 -64.15 -108.06
CA ILE E 329 10.09 -62.87 -108.59
C ILE E 329 9.95 -62.89 -110.10
N ASP E 330 9.43 -61.80 -110.64
CA ASP E 330 9.31 -61.57 -112.07
C ASP E 330 10.68 -61.14 -112.60
N THR E 331 10.73 -60.62 -113.82
CA THR E 331 11.94 -59.95 -114.26
C THR E 331 12.37 -58.93 -113.21
N GLY E 332 13.65 -58.92 -112.89
CA GLY E 332 14.13 -58.17 -111.76
C GLY E 332 14.62 -59.02 -110.61
N MET E 333 15.35 -58.50 -109.62
CA MET E 333 15.89 -57.12 -109.48
C MET E 333 14.87 -56.01 -109.78
N SER E 334 15.18 -55.12 -110.73
CA SER E 334 14.25 -54.11 -111.21
C SER E 334 13.70 -53.22 -110.05
N GLY E 335 12.43 -53.17 -109.64
CA GLY E 335 11.37 -54.18 -109.71
C GLY E 335 11.11 -54.80 -108.34
N ILE E 336 12.15 -54.75 -107.50
CA ILE E 336 12.01 -54.96 -106.06
C ILE E 336 13.01 -54.03 -105.39
N GLY E 337 12.63 -53.55 -104.21
CA GLY E 337 13.51 -52.66 -103.47
C GLY E 337 13.71 -51.32 -104.16
N SER E 338 14.64 -50.56 -103.59
CA SER E 338 14.79 -49.15 -103.93
C SER E 338 16.20 -48.88 -104.40
N GLY E 339 16.33 -47.91 -105.30
CA GLY E 339 17.66 -47.47 -105.71
C GLY E 339 18.30 -46.61 -104.63
N PHE E 340 19.59 -46.82 -104.41
CA PHE E 340 20.35 -46.04 -103.43
C PHE E 340 21.04 -44.90 -104.15
N ASP E 341 20.74 -43.68 -103.73
CA ASP E 341 21.19 -42.50 -104.45
C ASP E 341 21.47 -41.35 -103.49
N PRO E 342 22.53 -40.56 -103.75
CA PRO E 342 23.73 -40.86 -104.52
C PRO E 342 24.77 -41.69 -103.77
N PRO E 343 25.24 -42.78 -104.37
CA PRO E 343 26.60 -43.23 -104.07
C PRO E 343 27.62 -42.59 -105.02
N GLN E 344 28.83 -42.15 -104.64
CA GLN E 344 29.17 -41.45 -103.41
C GLN E 344 28.78 -42.20 -102.10
N GLY E 345 28.39 -41.58 -100.97
CA GLY E 345 28.55 -40.19 -100.57
C GLY E 345 29.99 -39.78 -100.46
N SER E 346 30.22 -38.48 -100.31
CA SER E 346 31.56 -37.91 -100.32
C SER E 346 32.30 -38.37 -101.57
N LEU E 347 33.58 -38.70 -101.41
CA LEU E 347 34.32 -39.53 -102.36
C LEU E 347 34.06 -39.09 -103.80
N ALA E 348 34.68 -37.98 -104.22
CA ALA E 348 34.24 -37.23 -105.38
C ALA E 348 33.93 -38.13 -106.57
N PRO E 349 32.78 -37.94 -107.21
CA PRO E 349 32.30 -38.91 -108.20
C PRO E 349 33.08 -38.86 -109.50
N THR E 350 32.89 -39.91 -110.30
CA THR E 350 33.52 -40.02 -111.61
C THR E 350 32.79 -39.18 -112.63
N ASN E 351 31.56 -39.56 -112.97
CA ASN E 351 30.83 -38.79 -113.97
C ASN E 351 29.52 -38.26 -113.39
N LEU E 352 28.75 -37.63 -114.27
CA LEU E 352 27.50 -36.98 -113.91
C LEU E 352 26.52 -37.93 -113.25
N GLU E 353 26.67 -39.23 -113.54
CA GLU E 353 25.69 -40.21 -113.10
C GLU E 353 25.54 -40.25 -111.59
N TYR E 354 26.58 -39.87 -110.85
CA TYR E 354 26.57 -39.87 -109.40
C TYR E 354 26.33 -38.49 -108.80
N LYS E 355 26.15 -37.46 -109.62
CA LYS E 355 26.35 -36.08 -109.21
C LYS E 355 25.07 -35.46 -108.65
N ILE E 356 24.06 -36.27 -108.39
CA ILE E 356 22.68 -35.90 -108.11
C ILE E 356 22.18 -35.09 -109.30
N GLN E 357 21.13 -34.29 -109.10
CA GLN E 357 20.53 -33.42 -110.10
C GLN E 357 19.16 -33.05 -109.55
N TRP E 358 18.53 -31.98 -110.02
CA TRP E 358 17.09 -31.81 -109.83
C TRP E 358 16.59 -30.74 -110.77
N TYR E 359 15.28 -30.74 -111.01
CA TYR E 359 14.73 -29.84 -112.01
C TYR E 359 14.22 -28.53 -111.44
N GLN E 360 14.11 -28.44 -110.11
CA GLN E 360 13.61 -27.24 -109.41
C GLN E 360 12.38 -26.64 -110.08
N THR E 361 11.53 -27.49 -110.67
CA THR E 361 10.38 -27.06 -111.43
C THR E 361 9.62 -28.30 -111.90
N PRO E 362 8.30 -28.32 -111.76
CA PRO E 362 7.54 -29.45 -112.31
C PRO E 362 7.48 -29.45 -113.81
N GLN E 363 7.57 -28.28 -114.44
CA GLN E 363 7.53 -28.20 -115.90
C GLN E 363 8.84 -28.67 -116.52
N GLY E 364 9.84 -28.97 -115.71
CA GLY E 364 11.15 -29.35 -116.23
C GLY E 364 11.14 -30.60 -117.09
N THR E 365 11.61 -30.46 -118.32
CA THR E 365 11.73 -31.59 -119.24
C THR E 365 13.07 -32.27 -118.99
N ASN E 366 13.48 -33.17 -119.88
CA ASN E 366 14.70 -33.93 -119.65
C ASN E 366 15.89 -33.02 -119.39
N ASN E 367 16.22 -32.14 -120.33
CA ASN E 367 17.16 -31.08 -120.07
C ASN E 367 16.43 -29.75 -120.17
N ASN E 368 16.14 -29.16 -119.01
CA ASN E 368 15.50 -27.88 -118.76
C ASN E 368 15.39 -27.81 -117.25
N GLY E 369 15.30 -26.63 -116.67
CA GLY E 369 15.50 -26.61 -115.24
C GLY E 369 16.85 -27.27 -115.01
N ASN E 370 16.82 -28.39 -114.29
CA ASN E 370 17.90 -29.38 -114.39
C ASN E 370 19.22 -28.84 -113.86
N ILE E 371 19.20 -28.24 -112.68
CA ILE E 371 20.44 -27.77 -112.09
C ILE E 371 21.15 -28.96 -111.45
N ILE E 372 22.44 -29.03 -111.65
CA ILE E 372 23.22 -30.21 -111.28
C ILE E 372 24.15 -29.83 -110.15
N SER E 373 24.30 -30.73 -109.18
CA SER E 373 25.18 -30.45 -108.05
C SER E 373 26.62 -30.34 -108.53
N ASN E 374 27.44 -29.67 -107.73
CA ASN E 374 28.81 -29.35 -108.11
C ASN E 374 29.70 -29.49 -106.87
N GLN E 375 31.00 -29.45 -107.09
CA GLN E 375 31.91 -29.59 -105.96
C GLN E 375 31.99 -28.29 -105.17
N PRO E 376 31.92 -28.36 -103.84
CA PRO E 376 32.01 -27.13 -103.03
C PRO E 376 33.38 -26.49 -103.07
N LEU E 377 34.39 -27.23 -103.54
CA LEU E 377 35.81 -26.89 -103.48
C LEU E 377 36.33 -26.96 -102.05
N SER E 378 35.47 -27.27 -101.08
CA SER E 378 35.93 -27.68 -99.77
C SER E 378 36.79 -28.94 -99.90
N MET E 379 37.78 -29.05 -99.02
CA MET E 379 38.77 -30.11 -99.18
C MET E 379 38.42 -31.38 -98.42
N LEU E 380 37.26 -31.46 -97.79
CA LEU E 380 37.04 -32.61 -96.92
C LEU E 380 36.73 -33.97 -97.55
N ARG E 381 35.59 -34.31 -98.19
CA ARG E 381 34.63 -33.65 -99.11
C ARG E 381 35.01 -33.86 -100.59
N ASP E 382 36.20 -34.38 -100.86
CA ASP E 382 36.51 -34.80 -102.22
C ASP E 382 36.94 -36.27 -102.21
N GLN E 383 38.06 -36.56 -101.55
CA GLN E 383 38.32 -37.89 -101.01
C GLN E 383 38.33 -38.98 -102.08
N ALA E 384 39.41 -39.00 -102.85
CA ALA E 384 39.69 -40.20 -103.61
C ALA E 384 40.30 -41.25 -102.69
N LEU E 385 40.61 -42.41 -103.27
CA LEU E 385 41.46 -43.39 -102.60
C LEU E 385 42.09 -44.24 -103.69
N PHE E 386 43.33 -44.68 -103.45
CA PHE E 386 44.19 -45.13 -104.53
C PHE E 386 44.68 -46.56 -104.38
N ARG E 387 45.32 -46.91 -103.27
CA ARG E 387 45.84 -48.27 -103.09
C ARG E 387 46.84 -48.55 -104.22
N GLY E 388 46.97 -49.80 -104.67
CA GLY E 388 47.78 -50.17 -105.81
C GLY E 388 49.23 -49.74 -105.72
N ASN E 389 49.95 -49.93 -106.82
CA ASN E 389 49.88 -51.17 -107.59
C ASN E 389 51.17 -51.90 -107.25
N GLN E 390 51.98 -51.24 -106.43
CA GLN E 390 53.43 -51.33 -106.27
C GLN E 390 54.13 -50.49 -107.33
N THR E 391 53.41 -50.04 -108.36
CA THR E 391 53.95 -49.23 -109.44
C THR E 391 53.12 -47.96 -109.61
N THR E 392 51.82 -48.11 -109.83
CA THR E 392 50.91 -46.99 -110.05
C THR E 392 49.83 -47.02 -108.99
N TYR E 393 49.23 -45.86 -108.71
CA TYR E 393 48.03 -45.81 -107.90
C TYR E 393 46.81 -45.94 -108.79
N ASN E 394 45.80 -46.68 -108.33
CA ASN E 394 44.60 -46.92 -109.10
C ASN E 394 43.36 -46.66 -108.26
N LEU E 395 42.59 -45.65 -108.65
CA LEU E 395 41.39 -45.28 -107.89
C LEU E 395 40.52 -46.51 -107.65
N CYS E 396 40.12 -46.70 -106.39
CA CYS E 396 39.47 -47.93 -105.98
C CYS E 396 37.99 -47.69 -105.74
N SER E 397 37.17 -48.60 -106.25
CA SER E 397 35.74 -48.66 -105.98
C SER E 397 35.51 -49.05 -104.52
N ASP E 398 34.27 -48.86 -104.08
CA ASP E 398 33.87 -49.08 -102.69
C ASP E 398 34.55 -48.07 -101.79
N VAL E 399 35.37 -48.51 -100.84
CA VAL E 399 35.71 -47.76 -99.62
C VAL E 399 34.51 -47.72 -98.67
N TRP E 400 34.30 -48.82 -97.97
CA TRP E 400 33.32 -48.95 -96.90
C TRP E 400 33.79 -48.22 -95.65
N MET E 401 33.05 -48.38 -94.56
CA MET E 401 33.43 -47.71 -93.31
C MET E 401 34.73 -48.27 -92.76
N PHE E 402 35.51 -47.39 -92.15
CA PHE E 402 36.83 -47.68 -91.64
C PHE E 402 37.06 -46.78 -90.43
N PRO E 403 37.85 -47.24 -89.44
CA PRO E 403 37.90 -46.53 -88.15
C PRO E 403 38.25 -45.05 -88.20
N ASN E 404 39.23 -44.66 -88.98
CA ASN E 404 39.73 -43.30 -88.91
C ASN E 404 39.07 -42.36 -89.89
N GLN E 405 38.01 -42.79 -90.56
CA GLN E 405 37.47 -42.01 -91.66
C GLN E 405 36.92 -40.67 -91.20
N ILE E 406 37.16 -39.65 -92.04
CA ILE E 406 36.46 -38.38 -91.95
C ILE E 406 35.88 -38.04 -93.31
N TRP E 407 34.62 -37.64 -93.32
CA TRP E 407 34.01 -37.07 -94.49
C TRP E 407 33.23 -35.85 -94.04
N ASP E 408 32.82 -35.05 -95.00
CA ASP E 408 32.03 -33.88 -94.71
C ASP E 408 30.63 -34.10 -95.25
N ARG E 409 29.63 -33.80 -94.43
CA ARG E 409 28.26 -34.00 -94.84
C ARG E 409 27.98 -33.16 -96.08
N TYR E 410 27.03 -33.62 -96.88
CA TYR E 410 26.75 -32.96 -98.15
C TYR E 410 26.50 -31.47 -97.93
N PRO E 411 27.08 -30.60 -98.76
CA PRO E 411 27.04 -29.16 -98.48
C PRO E 411 25.66 -28.55 -98.52
N ILE E 412 24.68 -29.30 -99.01
CA ILE E 412 23.31 -28.89 -99.30
C ILE E 412 23.28 -27.59 -100.09
N THR E 413 22.21 -26.83 -99.92
CA THR E 413 21.90 -25.62 -100.70
C THR E 413 20.51 -25.17 -100.31
N ARG E 414 20.04 -24.06 -100.88
CA ARG E 414 18.72 -23.56 -100.52
C ARG E 414 17.60 -24.48 -100.99
N GLU E 415 17.84 -25.32 -101.98
CA GLU E 415 16.80 -26.15 -102.58
C GLU E 415 16.57 -27.47 -101.85
N ASN E 416 17.27 -27.73 -100.79
CA ASN E 416 17.29 -29.07 -100.24
C ASN E 416 16.20 -29.27 -99.21
N PRO E 417 15.81 -30.51 -98.96
CA PRO E 417 14.96 -30.80 -97.81
C PRO E 417 15.72 -30.59 -96.51
N ILE E 418 15.01 -30.06 -95.52
CA ILE E 418 15.64 -29.79 -94.23
C ILE E 418 15.94 -31.09 -93.52
N TRP E 419 14.95 -31.97 -93.39
CA TRP E 419 15.07 -33.16 -92.58
C TRP E 419 14.61 -34.38 -93.36
N CYS E 420 14.90 -35.54 -92.79
CA CYS E 420 14.42 -36.83 -93.25
C CYS E 420 14.19 -37.68 -92.01
N LYS E 421 13.17 -38.53 -92.05
CA LYS E 421 12.88 -39.34 -90.88
C LYS E 421 13.78 -40.56 -90.84
N LYS E 422 14.43 -40.77 -89.70
CA LYS E 422 15.24 -41.95 -89.49
C LYS E 422 14.31 -43.10 -89.09
N PRO E 423 14.18 -44.13 -89.93
CA PRO E 423 13.26 -45.22 -89.62
C PRO E 423 13.65 -45.99 -88.37
N ARG E 424 12.63 -46.36 -87.60
CA ARG E 424 12.85 -47.08 -86.35
C ARG E 424 13.33 -48.49 -86.64
N SER E 425 14.48 -48.84 -86.06
CA SER E 425 15.04 -50.17 -86.25
C SER E 425 15.96 -50.46 -85.08
N ASP E 426 16.26 -51.74 -84.89
CA ASP E 426 17.10 -52.14 -83.78
C ASP E 426 18.48 -51.52 -83.90
N LYS E 427 19.16 -51.77 -85.02
CA LYS E 427 20.55 -51.38 -85.18
C LYS E 427 20.70 -50.46 -86.38
N HIS E 428 21.68 -49.57 -86.30
CA HIS E 428 22.02 -48.71 -87.42
C HIS E 428 23.43 -48.19 -87.25
N THR E 429 24.00 -47.73 -88.35
CA THR E 429 25.32 -47.11 -88.39
C THR E 429 25.22 -45.59 -88.21
N THR E 430 26.28 -44.87 -88.60
CA THR E 430 26.45 -43.46 -88.21
C THR E 430 25.24 -42.60 -88.53
N ILE E 431 24.45 -42.97 -89.55
CA ILE E 431 23.30 -42.19 -90.01
C ILE E 431 23.75 -40.81 -90.50
N ASP E 432 24.43 -40.77 -91.64
CA ASP E 432 24.61 -39.51 -92.36
C ASP E 432 23.93 -39.63 -93.71
N PRO E 433 22.78 -39.00 -93.93
CA PRO E 433 22.13 -39.09 -95.25
C PRO E 433 22.95 -38.39 -96.31
N PHE E 434 23.05 -39.01 -97.48
CA PHE E 434 23.83 -38.45 -98.57
C PHE E 434 23.06 -37.44 -99.39
N ASP E 435 21.82 -37.19 -99.03
CA ASP E 435 21.03 -36.12 -99.61
C ASP E 435 21.27 -34.81 -98.89
N GLY E 436 22.25 -34.78 -97.99
CA GLY E 436 22.31 -33.73 -97.00
C GLY E 436 21.15 -33.93 -96.04
N SER E 437 20.30 -32.92 -95.92
CA SER E 437 19.15 -32.97 -95.04
C SER E 437 19.55 -33.36 -93.64
N LEU E 438 18.72 -34.14 -92.96
CA LEU E 438 18.93 -34.48 -91.56
C LEU E 438 18.15 -35.74 -91.26
N ALA E 439 18.50 -36.37 -90.16
CA ALA E 439 17.77 -37.53 -89.68
C ALA E 439 17.29 -37.25 -88.27
N MET E 440 16.03 -37.56 -88.01
CA MET E 440 15.48 -37.37 -86.68
C MET E 440 14.61 -38.57 -86.33
N ASP E 441 14.64 -38.95 -85.05
CA ASP E 441 13.70 -39.96 -84.57
C ASP E 441 12.28 -39.54 -84.88
N HIS E 442 11.89 -38.38 -84.37
CA HIS E 442 10.59 -37.78 -84.67
C HIS E 442 10.82 -36.47 -85.40
N PRO E 443 10.61 -36.42 -86.70
CA PRO E 443 10.64 -35.15 -87.40
C PRO E 443 9.36 -34.38 -87.10
N PRO E 444 9.16 -33.23 -87.72
CA PRO E 444 7.85 -32.57 -87.61
C PRO E 444 6.76 -33.52 -88.06
N GLY E 445 5.75 -33.68 -87.21
CA GLY E 445 4.63 -34.54 -87.56
C GLY E 445 3.88 -33.96 -88.73
N THR E 446 3.62 -34.79 -89.73
CA THR E 446 2.90 -34.34 -90.91
C THR E 446 1.49 -33.94 -90.50
N ILE E 447 1.07 -32.77 -90.93
CA ILE E 447 -0.28 -32.29 -90.68
C ILE E 447 -1.16 -32.70 -91.84
N PHE E 448 -2.20 -33.47 -91.54
CA PHE E 448 -3.11 -33.97 -92.55
C PHE E 448 -4.40 -33.18 -92.48
N ILE E 449 -5.06 -33.05 -93.62
CA ILE E 449 -6.27 -32.25 -93.71
C ILE E 449 -7.16 -32.82 -94.79
N LYS E 450 -8.47 -32.80 -94.55
CA LYS E 450 -9.45 -33.43 -95.40
C LYS E 450 -10.70 -32.57 -95.40
N MET E 451 -11.59 -32.82 -96.35
CA MET E 451 -12.72 -31.96 -96.60
C MET E 451 -14.02 -32.37 -95.92
N ALA E 452 -14.01 -33.38 -95.06
CA ALA E 452 -15.21 -33.67 -94.28
C ALA E 452 -16.41 -34.00 -95.14
N LYS E 453 -16.47 -35.23 -95.64
CA LYS E 453 -17.49 -35.62 -96.61
C LYS E 453 -18.87 -35.19 -96.17
N ILE E 454 -19.57 -34.50 -97.06
CA ILE E 454 -20.94 -34.10 -96.82
C ILE E 454 -21.79 -34.88 -97.81
N PRO E 455 -22.51 -35.90 -97.38
CA PRO E 455 -23.24 -36.74 -98.32
C PRO E 455 -24.54 -36.06 -98.74
N VAL E 456 -25.22 -36.71 -99.68
CA VAL E 456 -26.48 -36.18 -100.20
C VAL E 456 -27.42 -37.37 -100.39
N PRO E 457 -28.71 -37.20 -100.17
CA PRO E 457 -29.61 -38.35 -100.20
C PRO E 457 -29.86 -38.84 -101.61
N SER E 458 -30.08 -40.15 -101.74
CA SER E 458 -30.42 -40.74 -103.01
C SER E 458 -31.23 -42.01 -102.76
N ASN E 459 -31.70 -42.62 -103.85
CA ASN E 459 -32.54 -43.81 -103.75
C ASN E 459 -31.73 -45.08 -103.60
N ASN E 460 -30.63 -45.20 -104.34
CA ASN E 460 -29.89 -46.45 -104.49
C ASN E 460 -29.56 -47.24 -103.19
N ASN E 461 -29.02 -46.60 -102.14
CA ASN E 461 -28.70 -45.18 -102.09
C ASN E 461 -27.20 -44.97 -102.25
N ALA E 462 -26.81 -43.71 -102.23
CA ALA E 462 -25.42 -43.28 -102.36
C ALA E 462 -24.81 -43.85 -103.67
N ASP E 463 -23.49 -44.05 -103.80
CA ASP E 463 -22.46 -43.21 -103.19
C ASP E 463 -22.48 -41.85 -103.87
N SER E 464 -22.69 -40.82 -103.05
CA SER E 464 -22.77 -39.46 -103.56
C SER E 464 -22.42 -38.51 -102.43
N TYR E 465 -21.89 -37.36 -102.80
CA TYR E 465 -21.39 -36.42 -101.82
C TYR E 465 -21.42 -35.03 -102.42
N LEU E 466 -21.30 -34.03 -101.57
CA LEU E 466 -21.36 -32.65 -101.99
C LEU E 466 -19.96 -32.16 -102.32
N ASN E 467 -19.83 -31.42 -103.41
CA ASN E 467 -18.53 -31.05 -103.96
C ASN E 467 -18.11 -29.71 -103.37
N ILE E 468 -17.07 -29.71 -102.55
CA ILE E 468 -16.60 -28.51 -101.85
C ILE E 468 -15.08 -28.50 -101.88
N TYR E 469 -14.51 -27.37 -101.47
CA TYR E 469 -13.08 -27.27 -101.25
C TYR E 469 -12.82 -26.25 -100.17
N CYS E 470 -11.66 -26.35 -99.55
CA CYS E 470 -11.28 -25.47 -98.46
C CYS E 470 -10.16 -24.56 -98.91
N THR E 471 -10.06 -23.42 -98.27
CA THR E 471 -9.02 -22.46 -98.57
C THR E 471 -8.67 -21.74 -97.28
N GLY E 472 -7.40 -21.47 -97.08
CA GLY E 472 -7.01 -20.87 -95.83
C GLY E 472 -5.55 -20.53 -95.83
N GLN E 473 -5.04 -20.24 -94.63
CA GLN E 473 -3.69 -19.72 -94.50
C GLN E 473 -2.93 -20.51 -93.45
N VAL E 474 -1.81 -21.08 -93.85
CA VAL E 474 -0.87 -21.72 -92.94
C VAL E 474 0.23 -20.72 -92.64
N SER E 475 0.62 -20.62 -91.39
CA SER E 475 1.78 -19.82 -91.02
C SER E 475 2.76 -20.75 -90.34
N CYS E 476 3.88 -21.01 -90.99
CA CYS E 476 4.92 -21.85 -90.41
C CYS E 476 6.02 -20.94 -89.90
N GLU E 477 6.14 -20.83 -88.59
CA GLU E 477 7.11 -19.97 -87.93
C GLU E 477 8.08 -20.86 -87.19
N ILE E 478 9.32 -20.93 -87.65
CA ILE E 478 10.30 -21.86 -87.09
C ILE E 478 11.50 -21.08 -86.58
N VAL E 479 12.04 -21.53 -85.47
CA VAL E 479 13.18 -20.89 -84.82
C VAL E 479 14.41 -21.73 -85.09
N TRP E 480 15.52 -21.08 -85.38
CA TRP E 480 16.75 -21.74 -85.79
C TRP E 480 17.82 -21.44 -84.75
N GLU E 481 18.32 -22.46 -84.08
CA GLU E 481 19.56 -22.29 -83.32
C GLU E 481 20.66 -21.98 -84.30
N VAL E 482 21.38 -20.90 -84.06
CA VAL E 482 22.35 -20.39 -85.03
C VAL E 482 23.59 -19.95 -84.27
N GLU E 483 24.76 -20.15 -84.88
CA GLU E 483 26.02 -19.81 -84.26
C GLU E 483 26.86 -19.00 -85.24
N ARG E 484 27.48 -17.94 -84.74
CA ARG E 484 28.16 -16.96 -85.60
C ARG E 484 29.66 -17.20 -85.55
N TYR E 485 30.33 -16.94 -86.68
CA TYR E 485 31.70 -17.38 -86.84
C TYR E 485 32.69 -16.28 -86.49
N ALA E 486 33.80 -16.69 -85.90
CA ALA E 486 34.96 -15.85 -85.71
C ALA E 486 36.19 -16.66 -86.09
N THR E 487 37.15 -16.00 -86.72
CA THR E 487 38.33 -16.73 -87.19
C THR E 487 39.53 -15.82 -87.18
N LYS E 488 40.71 -16.44 -87.16
CA LYS E 488 41.96 -15.72 -87.16
C LYS E 488 42.56 -15.57 -88.54
N ASN E 489 41.87 -16.01 -89.58
CA ASN E 489 42.39 -15.85 -90.92
C ASN E 489 42.58 -14.38 -91.24
N TRP E 490 43.68 -14.08 -91.93
CA TRP E 490 43.96 -12.71 -92.33
C TRP E 490 43.20 -12.32 -93.58
N ARG E 491 42.92 -13.25 -94.44
CA ARG E 491 42.45 -13.00 -95.79
C ARG E 491 40.94 -12.92 -95.89
N PRO E 492 40.43 -12.36 -96.98
CA PRO E 492 39.00 -12.02 -97.07
C PRO E 492 38.02 -13.20 -97.03
N GLU E 493 38.47 -14.45 -97.20
CA GLU E 493 37.57 -15.63 -97.30
C GLU E 493 36.63 -15.42 -98.50
N ARG E 494 35.38 -15.86 -98.40
CA ARG E 494 34.50 -15.93 -99.55
C ARG E 494 33.07 -15.75 -99.08
N ARG E 495 32.25 -15.15 -99.95
CA ARG E 495 30.85 -14.92 -99.64
C ARG E 495 30.03 -15.29 -100.86
N HIS E 496 28.73 -15.07 -100.79
CA HIS E 496 27.85 -15.29 -101.92
C HIS E 496 27.39 -13.94 -102.45
N THR E 497 27.96 -13.54 -103.57
CA THR E 497 27.51 -12.38 -104.31
C THR E 497 26.35 -12.74 -105.22
N THR E 498 25.58 -11.72 -105.59
CA THR E 498 24.71 -11.85 -106.74
C THR E 498 25.50 -12.07 -108.02
N PHE E 499 26.80 -11.80 -108.03
CA PHE E 499 27.53 -11.97 -109.28
C PHE E 499 27.64 -13.43 -109.70
N GLY E 500 27.49 -14.36 -108.77
CA GLY E 500 27.31 -15.74 -109.18
C GLY E 500 26.03 -15.93 -109.95
N LEU E 501 25.04 -15.09 -109.70
CA LEU E 501 23.75 -15.15 -110.36
C LEU E 501 23.87 -14.64 -111.79
N GLY E 502 22.87 -14.96 -112.60
CA GLY E 502 22.88 -14.55 -114.00
C GLY E 502 21.49 -14.24 -114.48
N ILE E 503 21.43 -13.55 -115.62
CA ILE E 503 20.22 -12.94 -116.13
C ILE E 503 19.40 -13.99 -116.88
N GLY E 504 18.07 -13.88 -116.83
CA GLY E 504 17.25 -14.86 -117.51
C GLY E 504 15.78 -14.45 -117.57
N GLY E 505 15.03 -15.25 -118.32
CA GLY E 505 13.59 -15.16 -118.46
C GLY E 505 13.15 -14.23 -119.58
N ALA E 506 12.05 -14.61 -120.24
CA ALA E 506 11.43 -13.85 -121.33
C ALA E 506 12.46 -13.28 -122.30
N ASP E 507 12.28 -12.00 -122.65
CA ASP E 507 13.42 -11.21 -123.08
C ASP E 507 14.36 -11.08 -121.88
N ASN E 508 15.66 -11.23 -122.13
CA ASN E 508 16.58 -11.68 -121.08
C ASN E 508 16.43 -10.90 -119.78
N LEU E 509 15.82 -9.73 -119.82
CA LEU E 509 15.73 -8.83 -118.68
C LEU E 509 15.18 -9.54 -117.44
N ASN E 510 15.61 -9.02 -116.29
CA ASN E 510 15.48 -9.45 -114.89
C ASN E 510 16.56 -10.50 -114.63
N PRO E 511 17.20 -10.48 -113.47
CA PRO E 511 18.37 -11.35 -113.31
C PRO E 511 18.10 -12.81 -113.03
N THR E 512 17.70 -13.13 -111.80
CA THR E 512 17.55 -14.53 -111.43
C THR E 512 16.40 -14.76 -110.47
N TYR E 513 16.51 -14.29 -109.24
CA TYR E 513 15.37 -14.40 -108.34
C TYR E 513 14.56 -13.13 -108.48
N HIS E 514 13.48 -13.24 -109.24
CA HIS E 514 12.78 -12.05 -109.70
C HIS E 514 11.67 -12.48 -110.64
N VAL E 515 10.72 -11.58 -110.85
CA VAL E 515 9.57 -11.88 -111.69
C VAL E 515 9.87 -11.62 -113.17
N ASP E 516 9.13 -12.31 -114.02
CA ASP E 516 9.13 -12.12 -115.47
C ASP E 516 8.09 -11.05 -115.83
N LYS E 517 7.73 -10.91 -117.10
CA LYS E 517 6.89 -9.78 -117.49
C LYS E 517 5.34 -9.78 -117.68
N ASN E 518 4.52 -10.84 -117.76
CA ASN E 518 4.74 -12.29 -117.93
C ASN E 518 4.97 -12.98 -116.61
N GLY E 519 4.89 -12.24 -115.51
CA GLY E 519 5.67 -12.57 -114.34
C GLY E 519 5.61 -14.00 -113.90
N THR E 520 6.79 -14.61 -114.00
CA THR E 520 7.07 -15.97 -113.58
C THR E 520 8.44 -15.92 -112.94
N TYR E 521 8.53 -16.35 -111.70
CA TYR E 521 9.74 -16.27 -110.93
C TYR E 521 10.86 -17.00 -111.67
N ILE E 522 11.94 -16.29 -111.97
CA ILE E 522 13.01 -16.88 -112.77
C ILE E 522 13.76 -17.89 -111.92
N GLN E 523 13.97 -19.01 -112.45
CA GLN E 523 14.62 -19.98 -111.58
C GLN E 523 16.13 -19.88 -111.72
N PRO E 524 16.83 -20.15 -110.62
CA PRO E 524 18.30 -20.18 -110.67
C PRO E 524 18.78 -21.35 -111.52
N THR E 525 19.73 -21.06 -112.40
CA THR E 525 20.24 -22.04 -113.35
C THR E 525 21.65 -22.46 -112.95
N THR E 526 21.84 -23.77 -112.86
CA THR E 526 22.90 -24.57 -112.22
C THR E 526 23.11 -24.30 -110.73
N TRP E 527 24.30 -24.65 -110.23
CA TRP E 527 24.43 -24.96 -108.81
C TRP E 527 24.78 -23.74 -107.99
N ASP E 528 25.70 -22.91 -108.47
CA ASP E 528 26.18 -21.77 -107.69
C ASP E 528 25.09 -20.75 -107.42
N MET E 529 24.13 -20.62 -108.33
CA MET E 529 23.00 -19.72 -108.14
C MET E 529 22.40 -19.90 -106.75
N CYS E 530 21.76 -21.05 -106.54
CA CYS E 530 21.44 -21.47 -105.19
C CYS E 530 22.72 -21.46 -104.37
N PHE E 531 22.71 -20.80 -103.23
CA PHE E 531 23.97 -20.54 -102.57
C PHE E 531 24.21 -21.60 -101.51
N PRO E 532 25.12 -22.54 -101.75
CA PRO E 532 25.27 -23.67 -100.83
C PRO E 532 26.05 -23.24 -99.60
N VAL E 533 25.68 -23.79 -98.45
CA VAL E 533 26.56 -23.67 -97.31
C VAL E 533 27.75 -24.58 -97.53
N LYS E 534 28.80 -24.36 -96.75
CA LYS E 534 30.01 -25.17 -96.67
C LYS E 534 31.01 -24.74 -97.74
N THR E 535 30.65 -23.83 -98.63
CA THR E 535 31.59 -23.25 -99.57
C THR E 535 32.21 -21.97 -99.05
N ASN E 536 31.87 -21.54 -97.85
CA ASN E 536 32.33 -20.27 -97.33
C ASN E 536 33.01 -20.46 -95.98
N ILE E 537 33.39 -19.32 -95.40
CA ILE E 537 34.14 -19.22 -94.16
C ILE E 537 35.41 -20.06 -94.31
N ASN E 538 35.89 -20.61 -93.21
CA ASN E 538 36.99 -21.57 -93.16
C ASN E 538 36.94 -22.22 -91.79
N LYS E 539 37.60 -23.37 -91.65
CA LYS E 539 37.82 -23.94 -90.34
C LYS E 539 39.21 -24.56 -90.30
N VAL E 540 39.96 -24.25 -89.25
CA VAL E 540 41.14 -25.04 -88.96
C VAL E 540 40.68 -26.42 -88.49
N LEU E 541 41.18 -27.45 -89.14
CA LEU E 541 40.79 -28.80 -88.79
C LEU E 541 41.43 -29.21 -87.48
N GLY F 34 12.79 -72.57 -37.59
CA GLY F 34 13.86 -73.46 -37.16
C GLY F 34 15.07 -73.45 -38.05
N SER F 35 16.05 -74.29 -37.74
CA SER F 35 17.28 -74.37 -38.51
C SER F 35 17.91 -75.74 -38.30
N GLY F 36 18.81 -76.11 -39.20
CA GLY F 36 19.54 -77.35 -39.11
C GLY F 36 18.99 -78.41 -40.03
N VAL F 37 19.60 -79.58 -39.95
CA VAL F 37 19.13 -80.73 -40.72
C VAL F 37 17.69 -81.06 -40.31
N GLY F 38 16.88 -81.47 -41.28
CA GLY F 38 15.50 -81.77 -41.02
C GLY F 38 14.55 -80.61 -41.16
N ILE F 39 15.05 -79.43 -41.51
CA ILE F 39 14.23 -78.25 -41.73
C ILE F 39 14.59 -77.74 -43.13
N SER F 40 13.63 -77.79 -44.04
CA SER F 40 13.90 -77.38 -45.41
C SER F 40 14.18 -75.89 -45.45
N THR F 41 15.11 -75.48 -46.32
CA THR F 41 15.52 -74.09 -46.32
C THR F 41 14.56 -73.21 -47.10
N GLY F 42 14.13 -73.68 -48.27
CA GLY F 42 13.18 -72.92 -49.07
C GLY F 42 12.32 -73.88 -49.86
N GLY F 43 11.21 -73.36 -50.36
CA GLY F 43 10.24 -74.15 -51.08
C GLY F 43 10.36 -74.00 -52.59
N TRP F 44 9.54 -74.76 -53.29
CA TRP F 44 9.48 -74.71 -54.73
C TRP F 44 8.85 -73.40 -55.19
N VAL F 45 9.20 -72.99 -56.41
CA VAL F 45 8.80 -71.69 -56.94
C VAL F 45 8.56 -71.82 -58.44
N GLY F 46 7.64 -71.02 -58.96
CA GLY F 46 7.46 -70.94 -60.39
C GLY F 46 6.15 -70.27 -60.75
N GLY F 47 5.83 -70.30 -62.06
CA GLY F 47 4.50 -69.97 -62.55
C GLY F 47 4.36 -68.64 -63.27
N SER F 48 5.44 -67.91 -63.46
CA SER F 48 5.48 -66.58 -64.06
C SER F 48 4.53 -65.54 -63.46
N TYR F 49 4.26 -64.46 -64.20
CA TYR F 49 3.47 -63.37 -63.63
C TYR F 49 2.64 -62.57 -64.63
N PHE F 50 3.32 -61.82 -65.51
CA PHE F 50 2.72 -60.96 -66.54
C PHE F 50 1.89 -59.76 -66.10
N THR F 51 2.56 -58.69 -65.70
CA THR F 51 2.00 -57.35 -65.63
C THR F 51 2.48 -56.52 -66.81
N ASP F 52 1.66 -55.55 -67.23
CA ASP F 52 1.96 -54.69 -68.37
C ASP F 52 3.38 -54.13 -68.36
N SER F 53 3.84 -53.70 -67.19
CA SER F 53 5.16 -53.08 -67.10
C SER F 53 6.28 -54.11 -67.03
N TYR F 54 6.05 -55.28 -66.45
CA TYR F 54 7.12 -56.25 -66.29
C TYR F 54 6.55 -57.64 -66.17
N VAL F 55 7.40 -58.62 -66.45
CA VAL F 55 7.07 -60.04 -66.35
C VAL F 55 8.06 -60.70 -65.43
N ILE F 56 7.56 -61.40 -64.41
CA ILE F 56 8.39 -62.11 -63.46
C ILE F 56 8.27 -63.60 -63.75
N THR F 57 9.34 -64.21 -64.25
CA THR F 57 9.38 -65.64 -64.47
C THR F 57 10.13 -66.30 -63.33
N LYS F 58 9.54 -67.35 -62.78
CA LYS F 58 10.10 -68.07 -61.66
C LYS F 58 10.28 -69.52 -62.06
N ASN F 59 11.40 -70.12 -61.66
CA ASN F 59 11.68 -71.49 -62.02
C ASN F 59 12.45 -72.14 -60.89
N THR F 60 12.36 -73.46 -60.81
CA THR F 60 13.06 -74.23 -59.79
C THR F 60 13.48 -75.56 -60.40
N ARG F 61 14.61 -76.10 -59.94
CA ARG F 61 15.18 -77.29 -60.54
C ARG F 61 15.69 -78.22 -59.47
N GLN F 62 16.03 -79.42 -59.90
CA GLN F 62 16.74 -80.39 -59.09
C GLN F 62 18.05 -80.69 -59.82
N PHE F 63 19.17 -80.53 -59.15
CA PHE F 63 20.46 -80.68 -59.80
C PHE F 63 21.33 -81.65 -59.02
N LEU F 64 22.42 -82.09 -59.64
CA LEU F 64 23.40 -82.86 -58.90
C LEU F 64 24.81 -82.57 -59.40
N VAL F 65 25.75 -82.55 -58.46
CA VAL F 65 27.15 -82.30 -58.74
C VAL F 65 27.89 -83.62 -58.57
N LYS F 66 28.69 -84.00 -59.55
CA LYS F 66 29.14 -85.37 -59.71
C LYS F 66 30.58 -85.63 -59.24
N ILE F 67 31.31 -84.62 -58.77
CA ILE F 67 32.76 -84.72 -58.60
C ILE F 67 33.41 -85.02 -59.94
N GLN F 68 33.50 -84.01 -60.81
CA GLN F 68 34.20 -84.21 -62.07
C GLN F 68 35.71 -84.13 -61.88
N ASN F 69 36.43 -84.94 -62.65
CA ASN F 69 37.87 -84.78 -62.86
C ASN F 69 38.67 -85.02 -61.59
N ASN F 70 38.28 -86.01 -60.80
CA ASN F 70 38.78 -86.19 -59.44
C ASN F 70 38.58 -84.83 -58.78
N HIS F 71 39.50 -84.35 -57.95
CA HIS F 71 39.50 -82.92 -57.65
C HIS F 71 40.63 -82.18 -58.32
N GLN F 72 41.52 -82.89 -59.00
CA GLN F 72 42.61 -82.25 -59.71
C GLN F 72 42.14 -81.68 -61.04
N TYR F 73 42.96 -80.78 -61.58
CA TYR F 73 42.67 -79.97 -62.77
C TYR F 73 43.03 -80.66 -64.09
N LYS F 74 44.30 -80.99 -64.28
CA LYS F 74 44.89 -81.41 -65.54
C LYS F 74 44.75 -80.36 -66.63
N THR F 75 44.81 -80.80 -67.89
CA THR F 75 44.77 -79.92 -69.05
C THR F 75 43.87 -80.54 -70.13
N GLU F 76 44.20 -81.77 -70.50
CA GLU F 76 43.41 -82.72 -71.29
C GLU F 76 43.56 -82.68 -72.80
N LEU F 77 44.11 -81.60 -73.37
CA LEU F 77 44.50 -81.55 -74.79
C LEU F 77 43.47 -82.28 -75.66
N ILE F 78 42.30 -81.67 -75.81
CA ILE F 78 41.09 -82.45 -76.11
C ILE F 78 41.22 -83.31 -77.35
N SER F 79 41.08 -82.71 -78.54
CA SER F 79 41.29 -83.32 -79.85
C SER F 79 40.37 -84.49 -80.13
N PRO F 80 40.00 -84.72 -81.37
CA PRO F 80 39.77 -86.10 -81.81
C PRO F 80 41.02 -86.62 -82.52
N SER F 81 41.00 -87.86 -82.98
CA SER F 81 42.06 -88.29 -83.90
C SER F 81 41.53 -89.23 -85.00
N THR F 82 41.67 -88.90 -86.29
CA THR F 82 41.81 -87.56 -86.93
C THR F 82 42.75 -86.51 -86.30
N SER F 83 44.01 -86.91 -86.09
CA SER F 83 45.00 -86.03 -85.47
C SER F 83 45.15 -84.71 -86.22
N GLN F 84 44.67 -84.63 -87.46
CA GLN F 84 44.68 -83.37 -88.20
C GLN F 84 43.78 -82.31 -87.55
N GLY F 85 42.99 -82.68 -86.56
CA GLY F 85 42.06 -81.74 -85.96
C GLY F 85 42.76 -80.62 -85.22
N LYS F 86 41.94 -79.73 -84.66
CA LYS F 86 42.48 -78.56 -83.97
C LYS F 86 43.24 -78.94 -82.72
N SER F 87 42.69 -79.85 -81.92
CA SER F 87 43.36 -80.38 -80.74
C SER F 87 43.64 -79.29 -79.71
N GLN F 88 42.61 -78.51 -79.40
CA GLN F 88 42.75 -77.50 -78.36
C GLN F 88 43.11 -78.16 -77.04
N ARG F 89 44.01 -77.50 -76.29
CA ARG F 89 44.53 -78.13 -75.09
C ARG F 89 43.58 -77.98 -73.92
N CYS F 90 42.92 -76.83 -73.82
CA CYS F 90 42.00 -76.49 -72.74
C CYS F 90 42.57 -76.66 -71.34
N VAL F 91 41.68 -76.76 -70.36
CA VAL F 91 41.97 -77.02 -68.96
C VAL F 91 40.71 -77.63 -68.37
N SER F 92 40.85 -78.61 -67.51
CA SER F 92 39.69 -79.16 -66.83
C SER F 92 39.79 -78.78 -65.37
N THR F 93 38.66 -78.64 -64.71
CA THR F 93 38.61 -78.24 -63.32
C THR F 93 37.66 -79.14 -62.56
N PRO F 94 37.81 -79.26 -61.24
CA PRO F 94 36.81 -80.00 -60.46
C PRO F 94 35.46 -79.33 -60.42
N TRP F 95 35.37 -78.07 -60.82
CA TRP F 95 34.16 -77.28 -60.64
C TRP F 95 33.13 -77.60 -61.70
N SER F 96 31.87 -77.42 -61.31
CA SER F 96 30.73 -77.44 -62.21
C SER F 96 30.05 -76.09 -62.08
N TYR F 97 29.21 -75.75 -63.07
CA TYR F 97 28.64 -74.42 -63.07
C TYR F 97 27.18 -74.46 -63.52
N PHE F 98 26.45 -73.42 -63.11
CA PHE F 98 25.07 -73.23 -63.50
C PHE F 98 25.01 -72.32 -64.72
N ASN F 99 24.44 -72.82 -65.80
CA ASN F 99 24.20 -72.03 -67.00
C ASN F 99 22.71 -71.73 -67.05
N PHE F 100 22.34 -70.48 -66.86
CA PHE F 100 20.94 -70.07 -66.93
C PHE F 100 20.57 -69.45 -68.26
N ASN F 101 21.46 -69.46 -69.24
CA ASN F 101 21.31 -68.62 -70.42
C ASN F 101 20.57 -69.40 -71.49
N GLN F 102 19.29 -69.06 -71.66
CA GLN F 102 18.42 -69.51 -72.74
C GLN F 102 17.03 -68.98 -72.42
N TYR F 103 16.19 -68.85 -73.44
CA TYR F 103 14.83 -68.42 -73.17
C TYR F 103 13.94 -69.58 -72.77
N SER F 104 14.09 -70.72 -73.45
CA SER F 104 13.21 -71.85 -73.19
C SER F 104 13.34 -72.37 -71.77
N SER F 105 14.36 -71.96 -71.05
CA SER F 105 14.48 -72.36 -69.66
C SER F 105 13.55 -71.57 -68.77
N HIS F 106 13.41 -70.28 -69.04
CA HIS F 106 12.66 -69.39 -68.17
C HIS F 106 11.21 -69.19 -68.60
N PHE F 107 10.82 -69.65 -69.79
CA PHE F 107 9.48 -69.41 -70.31
C PHE F 107 8.85 -70.70 -70.75
N SER F 108 7.67 -70.99 -70.23
CA SER F 108 6.89 -72.08 -70.77
C SER F 108 6.46 -71.74 -72.17
N PRO F 109 6.14 -72.74 -72.98
CA PRO F 109 5.63 -72.44 -74.32
C PRO F 109 4.43 -71.54 -74.34
N GLN F 110 3.66 -71.45 -73.25
CA GLN F 110 2.63 -70.44 -73.18
C GLN F 110 3.11 -69.09 -72.69
N ASP F 111 3.98 -69.06 -71.67
CA ASP F 111 4.50 -67.77 -71.21
C ASP F 111 5.20 -67.06 -72.34
N TRP F 112 6.19 -67.69 -72.95
CA TRP F 112 6.57 -67.34 -74.30
C TRP F 112 5.35 -67.53 -75.16
N GLN F 113 5.14 -66.65 -76.13
CA GLN F 113 3.90 -66.52 -76.90
C GLN F 113 2.84 -65.74 -76.14
N ARG F 114 2.92 -65.63 -74.83
CA ARG F 114 2.14 -64.59 -74.20
C ARG F 114 2.83 -63.25 -74.30
N LEU F 115 4.14 -63.22 -74.15
CA LEU F 115 4.86 -61.97 -74.41
C LEU F 115 5.14 -61.75 -75.88
N THR F 116 5.42 -62.81 -76.62
CA THR F 116 5.70 -62.65 -78.04
C THR F 116 4.48 -62.09 -78.77
N ASN F 117 3.28 -62.46 -78.31
CA ASN F 117 2.08 -61.90 -78.91
C ASN F 117 1.76 -60.53 -78.35
N GLU F 118 1.90 -60.34 -77.05
CA GLU F 118 1.31 -59.18 -76.39
C GLU F 118 2.26 -58.01 -76.17
N TYR F 119 3.54 -58.11 -76.53
CA TYR F 119 4.46 -57.04 -76.18
C TYR F 119 5.40 -56.67 -77.33
N LYS F 120 5.74 -55.38 -77.39
CA LYS F 120 6.73 -54.92 -78.37
C LYS F 120 8.10 -55.45 -78.06
N ARG F 121 8.55 -55.28 -76.82
CA ARG F 121 9.95 -55.47 -76.53
C ARG F 121 10.09 -55.86 -75.07
N PHE F 122 11.20 -56.51 -74.78
CA PHE F 122 11.46 -56.94 -73.42
C PHE F 122 12.96 -57.08 -73.24
N ARG F 123 13.41 -56.88 -72.01
CA ARG F 123 14.78 -57.17 -71.66
C ARG F 123 14.78 -57.62 -70.21
N PRO F 124 15.66 -58.53 -69.83
CA PRO F 124 15.71 -58.93 -68.42
C PRO F 124 16.19 -57.78 -67.56
N LYS F 125 15.41 -57.47 -66.53
CA LYS F 125 15.75 -56.39 -65.63
C LYS F 125 16.70 -56.85 -64.52
N GLY F 126 16.44 -58.02 -63.95
CA GLY F 126 17.23 -58.49 -62.82
C GLY F 126 17.11 -60.00 -62.73
N MET F 127 17.89 -60.56 -61.81
CA MET F 127 17.94 -62.00 -61.66
C MET F 127 18.25 -62.33 -60.21
N HIS F 128 17.61 -63.36 -59.69
CA HIS F 128 17.77 -63.76 -58.30
C HIS F 128 17.83 -65.28 -58.26
N VAL F 129 18.92 -65.82 -57.72
CA VAL F 129 19.15 -67.25 -57.74
C VAL F 129 19.34 -67.72 -56.31
N LYS F 130 18.77 -68.88 -55.98
CA LYS F 130 18.85 -69.43 -54.64
C LYS F 130 19.20 -70.91 -54.72
N ILE F 131 20.31 -71.28 -54.11
CA ILE F 131 20.65 -72.67 -53.88
C ILE F 131 20.09 -73.03 -52.51
N TYR F 132 19.43 -74.18 -52.41
CA TYR F 132 18.89 -74.59 -51.13
C TYR F 132 18.51 -76.06 -51.19
N ASN F 133 18.06 -76.58 -50.07
CA ASN F 133 17.67 -77.98 -49.94
C ASN F 133 18.77 -78.91 -50.43
N LEU F 134 19.98 -78.71 -49.94
CA LEU F 134 21.12 -79.48 -50.39
C LEU F 134 21.13 -80.85 -49.74
N GLN F 135 21.75 -81.81 -50.43
CA GLN F 135 21.87 -83.18 -49.93
C GLN F 135 23.20 -83.74 -50.39
N ILE F 136 23.91 -84.41 -49.49
CA ILE F 136 25.16 -85.08 -49.83
C ILE F 136 24.95 -86.56 -49.57
N LYS F 137 24.98 -87.37 -50.62
CA LYS F 137 24.47 -88.72 -50.48
C LYS F 137 25.52 -89.83 -50.35
N GLN F 138 26.81 -89.54 -50.47
CA GLN F 138 27.84 -90.53 -50.12
C GLN F 138 27.67 -91.83 -50.90
N ILE F 139 28.06 -91.80 -52.18
CA ILE F 139 28.04 -93.02 -52.99
C ILE F 139 28.86 -94.11 -52.32
N LEU F 140 28.31 -95.32 -52.31
CA LEU F 140 29.07 -96.51 -51.91
C LEU F 140 28.94 -97.58 -52.98
N SER F 141 29.97 -98.41 -53.08
CA SER F 141 29.97 -99.55 -53.99
C SER F 141 30.51 -100.77 -53.26
N ASN F 142 29.69 -101.80 -53.14
CA ASN F 142 30.11 -103.09 -52.65
C ASN F 142 30.56 -104.00 -53.77
N GLY F 143 30.64 -103.47 -54.98
CA GLY F 143 30.75 -104.23 -56.20
C GLY F 143 29.38 -104.36 -56.81
N ALA F 144 29.31 -104.28 -58.14
CA ALA F 144 28.06 -104.14 -58.90
C ALA F 144 27.24 -103.03 -58.25
N ASP F 145 25.92 -103.13 -58.19
CA ASP F 145 24.99 -102.39 -57.34
C ASP F 145 25.31 -100.91 -57.16
N THR F 146 25.03 -100.39 -55.96
CA THR F 146 25.46 -99.15 -55.33
C THR F 146 24.63 -98.99 -54.06
N THR F 147 25.06 -98.15 -53.14
CA THR F 147 24.25 -97.75 -52.01
C THR F 147 24.53 -96.29 -51.69
N TYR F 148 23.54 -95.62 -51.12
CA TYR F 148 23.63 -94.21 -50.80
C TYR F 148 23.25 -94.06 -49.34
N ASN F 149 24.21 -93.70 -48.49
CA ASN F 149 23.96 -93.70 -47.06
C ASN F 149 23.40 -92.36 -46.61
N ASN F 150 23.08 -91.50 -47.55
CA ASN F 150 22.95 -90.07 -47.32
C ASN F 150 24.28 -89.64 -46.73
N ASP F 151 24.26 -88.63 -45.87
CA ASP F 151 25.47 -88.13 -45.23
C ASP F 151 25.09 -86.90 -44.44
N LEU F 152 25.92 -86.57 -43.46
CA LEU F 152 25.89 -85.28 -42.83
C LEU F 152 27.35 -84.88 -42.66
N THR F 153 27.59 -83.73 -42.06
CA THR F 153 28.93 -83.21 -41.89
C THR F 153 29.72 -83.25 -43.19
N ALA F 154 29.09 -82.88 -44.29
CA ALA F 154 29.74 -82.74 -45.59
C ALA F 154 29.40 -81.38 -46.15
N GLY F 155 30.09 -80.97 -47.22
CA GLY F 155 30.04 -79.61 -47.67
C GLY F 155 30.08 -79.50 -49.17
N VAL F 156 29.70 -78.32 -49.64
CA VAL F 156 29.63 -77.99 -51.05
C VAL F 156 30.14 -76.58 -51.23
N HIS F 157 31.11 -76.41 -52.11
CA HIS F 157 31.64 -75.10 -52.44
C HIS F 157 30.72 -74.43 -53.46
N ILE F 158 30.42 -73.17 -53.24
CA ILE F 158 29.59 -72.40 -54.17
C ILE F 158 30.24 -71.04 -54.36
N PHE F 159 30.53 -70.71 -55.60
CA PHE F 159 31.28 -69.50 -55.93
C PHE F 159 30.61 -68.79 -57.09
N CYS F 160 30.55 -67.47 -57.01
CA CYS F 160 29.94 -66.64 -58.05
C CYS F 160 30.94 -65.60 -58.53
N ASP F 161 30.80 -65.18 -59.78
CA ASP F 161 31.64 -64.12 -60.35
C ASP F 161 30.87 -62.81 -60.40
N GLY F 162 31.23 -61.87 -59.54
CA GLY F 162 30.70 -60.53 -59.72
C GLY F 162 31.61 -59.68 -60.56
N GLU F 163 32.90 -60.01 -60.55
CA GLU F 163 33.89 -59.26 -61.29
C GLU F 163 34.10 -59.81 -62.70
N HIS F 164 33.61 -61.00 -62.99
CA HIS F 164 33.92 -61.73 -64.20
C HIS F 164 35.41 -61.90 -64.42
N ALA F 165 36.20 -61.92 -63.36
CA ALA F 165 37.47 -62.62 -63.42
C ALA F 165 37.17 -64.09 -63.62
N TYR F 166 38.17 -64.82 -64.11
CA TYR F 166 38.06 -66.21 -64.50
C TYR F 166 37.45 -66.34 -65.90
N PRO F 167 37.80 -67.40 -66.61
CA PRO F 167 37.47 -67.50 -68.04
C PRO F 167 36.00 -67.64 -68.40
N ASN F 168 35.08 -67.77 -67.44
CA ASN F 168 33.62 -67.77 -67.64
C ASN F 168 33.12 -68.72 -68.73
N ALA F 169 32.99 -70.00 -68.37
CA ALA F 169 32.65 -71.06 -69.31
C ALA F 169 31.51 -70.69 -70.25
N THR F 170 30.49 -70.00 -69.76
CA THR F 170 29.25 -69.85 -70.51
C THR F 170 29.51 -69.32 -71.91
N HIS F 171 29.02 -70.05 -72.89
CA HIS F 171 29.01 -69.71 -74.30
C HIS F 171 27.55 -69.77 -74.74
N PRO F 172 27.10 -68.88 -75.63
CA PRO F 172 25.66 -68.76 -75.87
C PRO F 172 24.93 -70.06 -76.16
N TRP F 173 25.41 -70.89 -77.07
CA TRP F 173 24.61 -72.04 -77.48
C TRP F 173 24.86 -73.21 -76.54
N ASP F 174 26.04 -73.82 -76.65
CA ASP F 174 26.44 -74.92 -75.77
C ASP F 174 25.32 -75.94 -75.75
N GLU F 175 24.92 -76.41 -74.58
CA GLU F 175 23.98 -77.49 -74.39
C GLU F 175 23.20 -77.08 -73.15
N ASP F 176 22.48 -78.03 -72.57
CA ASP F 176 22.12 -77.99 -71.14
C ASP F 176 21.39 -76.68 -70.83
N VAL F 177 22.01 -75.75 -70.10
CA VAL F 177 21.34 -74.63 -69.45
C VAL F 177 20.35 -75.31 -68.51
N MET F 178 19.22 -74.70 -68.25
CA MET F 178 18.23 -75.38 -67.46
C MET F 178 17.40 -76.25 -68.38
N PRO F 179 16.92 -77.41 -67.92
CA PRO F 179 16.01 -78.16 -68.77
C PRO F 179 14.76 -77.31 -68.97
N GLU F 180 14.35 -77.16 -70.22
CA GLU F 180 13.21 -76.31 -70.52
C GLU F 180 11.99 -76.74 -69.74
N LEU F 181 11.99 -77.98 -69.26
CA LEU F 181 10.86 -78.60 -68.62
C LEU F 181 11.19 -78.81 -67.15
N PRO F 182 10.44 -78.27 -66.19
CA PRO F 182 10.78 -78.54 -64.78
C PRO F 182 10.62 -80.01 -64.44
N TYR F 183 10.77 -80.37 -63.16
CA TYR F 183 10.70 -81.76 -62.68
C TYR F 183 11.78 -82.62 -63.33
N GLN F 184 12.47 -82.07 -64.32
CA GLN F 184 13.54 -82.78 -65.01
C GLN F 184 14.84 -82.42 -64.32
N THR F 185 15.49 -83.42 -63.75
CA THR F 185 16.70 -83.15 -62.98
C THR F 185 17.78 -82.55 -63.87
N TRP F 186 18.57 -81.66 -63.30
CA TRP F 186 19.50 -80.86 -64.08
C TRP F 186 20.93 -81.27 -63.74
N TYR F 187 21.59 -81.94 -64.66
CA TYR F 187 22.95 -82.39 -64.46
C TYR F 187 23.91 -81.28 -64.84
N LEU F 188 24.75 -80.88 -63.90
CA LEU F 188 25.73 -79.84 -64.15
C LEU F 188 26.87 -80.38 -65.02
N PHE F 189 27.61 -79.44 -65.61
CA PHE F 189 28.69 -79.76 -66.51
C PHE F 189 30.00 -79.17 -65.99
N GLN F 190 31.08 -79.86 -66.31
CA GLN F 190 32.39 -79.50 -65.78
C GLN F 190 32.84 -78.15 -66.33
N TYR F 191 33.52 -77.38 -65.49
CA TYR F 191 34.06 -76.11 -65.90
C TYR F 191 35.45 -76.28 -66.48
N GLY F 192 35.68 -75.69 -67.65
CA GLY F 192 36.98 -75.73 -68.28
C GLY F 192 37.16 -74.49 -69.11
N TYR F 193 38.39 -74.29 -69.57
CA TYR F 193 38.65 -73.12 -70.37
C TYR F 193 39.89 -73.34 -71.21
N ILE F 194 39.99 -72.57 -72.29
CA ILE F 194 41.16 -72.63 -73.17
C ILE F 194 42.21 -71.66 -72.63
N PRO F 195 43.33 -72.14 -72.09
CA PRO F 195 44.37 -71.19 -71.68
C PRO F 195 45.02 -70.48 -72.85
N VAL F 196 45.38 -71.21 -73.91
CA VAL F 196 46.04 -70.66 -75.09
C VAL F 196 45.77 -71.59 -76.27
N ILE F 197 45.79 -71.01 -77.48
CA ILE F 197 45.70 -71.81 -78.71
C ILE F 197 46.75 -72.91 -78.67
N HIS F 198 46.31 -74.14 -78.94
CA HIS F 198 47.24 -75.27 -78.83
C HIS F 198 48.37 -75.16 -79.83
N GLU F 199 48.04 -75.03 -81.11
CA GLU F 199 49.05 -74.60 -82.05
C GLU F 199 49.53 -73.22 -81.63
N LEU F 200 50.73 -72.83 -82.04
CA LEU F 200 51.36 -71.64 -81.50
C LEU F 200 51.63 -71.82 -80.01
N ALA F 201 52.76 -72.48 -79.69
CA ALA F 201 53.10 -73.19 -78.45
C ALA F 201 52.97 -74.71 -78.54
N GLU F 202 52.69 -75.25 -79.71
CA GLU F 202 52.65 -76.71 -79.84
C GLU F 202 53.86 -77.48 -79.22
N MET F 203 55.12 -77.06 -79.38
CA MET F 203 55.62 -76.05 -80.30
C MET F 203 56.69 -76.74 -81.16
N GLU F 204 56.99 -76.18 -82.34
CA GLU F 204 57.85 -76.88 -83.26
C GLU F 204 59.30 -76.43 -83.13
N ASP F 205 60.13 -77.31 -82.56
CA ASP F 205 61.58 -77.15 -82.49
C ASP F 205 61.96 -75.75 -82.01
N SER F 206 63.02 -75.18 -82.59
CA SER F 206 63.31 -73.76 -82.53
C SER F 206 63.11 -73.22 -81.05
N ASN F 207 62.26 -72.26 -80.66
CA ASN F 207 61.44 -71.33 -81.44
C ASN F 207 61.55 -69.92 -80.86
N ALA F 208 61.13 -69.82 -79.60
CA ALA F 208 61.19 -68.63 -78.76
C ALA F 208 60.08 -67.64 -79.10
N VAL F 209 59.47 -67.78 -80.27
CA VAL F 209 58.23 -67.06 -80.55
C VAL F 209 57.03 -67.83 -80.01
N GLU F 210 57.06 -69.16 -80.14
CA GLU F 210 56.04 -69.97 -79.49
C GLU F 210 56.45 -70.41 -78.09
N LYS F 211 57.73 -70.24 -77.75
CA LYS F 211 58.12 -70.42 -76.35
C LYS F 211 57.44 -69.39 -75.49
N ALA F 212 57.58 -68.12 -75.84
CA ALA F 212 56.61 -67.14 -75.38
C ALA F 212 55.26 -67.49 -75.99
N ILE F 213 54.20 -67.10 -75.28
CA ILE F 213 52.82 -67.50 -75.53
C ILE F 213 52.60 -68.92 -74.98
N CYS F 214 53.66 -69.71 -74.88
CA CYS F 214 53.59 -70.90 -74.06
C CYS F 214 53.90 -70.60 -72.60
N LEU F 215 54.91 -69.78 -72.38
CA LEU F 215 55.25 -69.36 -71.02
C LEU F 215 54.15 -68.49 -70.43
N GLN F 216 53.44 -67.76 -71.27
CA GLN F 216 52.50 -66.77 -70.75
C GLN F 216 51.12 -67.35 -70.53
N ILE F 217 50.91 -68.63 -70.75
CA ILE F 217 49.55 -69.15 -70.65
C ILE F 217 49.13 -68.96 -69.19
N PRO F 218 48.03 -68.27 -68.95
CA PRO F 218 47.59 -68.07 -67.57
C PRO F 218 46.94 -69.33 -67.05
N PHE F 219 46.99 -69.48 -65.73
CA PHE F 219 46.38 -70.62 -65.06
C PHE F 219 45.48 -70.10 -63.96
N PHE F 220 44.18 -70.32 -64.14
CA PHE F 220 43.18 -69.79 -63.24
C PHE F 220 42.68 -70.91 -62.34
N MET F 221 42.37 -70.56 -61.10
CA MET F 221 41.92 -71.51 -60.11
C MET F 221 40.79 -70.86 -59.33
N LEU F 222 39.74 -71.61 -59.09
CA LEU F 222 38.62 -71.05 -58.37
C LEU F 222 38.80 -71.10 -56.88
N GLU F 223 39.96 -71.55 -56.40
CA GLU F 223 40.14 -71.60 -54.96
C GLU F 223 40.46 -70.20 -54.46
N ASN F 224 41.69 -69.71 -54.64
CA ASN F 224 41.93 -68.27 -54.84
C ASN F 224 40.93 -67.41 -54.10
N SER F 225 40.18 -66.62 -54.85
CA SER F 225 39.12 -65.80 -54.27
C SER F 225 38.16 -66.64 -53.43
N ASP F 226 37.74 -66.08 -52.31
CA ASP F 226 36.96 -66.82 -51.33
C ASP F 226 35.57 -67.14 -51.83
N HIS F 227 34.97 -68.17 -51.24
CA HIS F 227 33.64 -68.60 -51.60
C HIS F 227 33.04 -69.39 -50.44
N GLU F 228 31.73 -69.59 -50.50
CA GLU F 228 31.02 -70.21 -49.40
C GLU F 228 31.00 -71.71 -49.54
N VAL F 229 31.12 -72.39 -48.40
CA VAL F 229 30.87 -73.82 -48.30
C VAL F 229 29.55 -73.97 -47.57
N LEU F 230 28.80 -75.01 -47.91
CA LEU F 230 27.49 -75.21 -47.33
C LEU F 230 27.33 -76.65 -46.91
N ARG F 231 26.91 -76.87 -45.67
CA ARG F 231 26.39 -78.18 -45.34
C ARG F 231 24.92 -78.22 -45.76
N THR F 232 24.21 -79.26 -45.33
CA THR F 232 22.82 -79.43 -45.75
C THR F 232 21.94 -78.26 -45.33
N GLY F 233 21.88 -77.96 -44.04
CA GLY F 233 20.91 -76.98 -43.56
C GLY F 233 21.08 -75.59 -44.13
N GLU F 234 22.25 -75.26 -44.63
CA GLU F 234 22.53 -73.93 -45.15
C GLU F 234 22.04 -73.78 -46.59
N SER F 235 21.81 -72.53 -46.98
CA SER F 235 21.50 -72.17 -48.36
C SER F 235 22.30 -70.94 -48.77
N THR F 236 22.06 -70.46 -49.98
CA THR F 236 22.75 -69.29 -50.49
C THR F 236 21.85 -68.59 -51.51
N GLU F 237 21.96 -67.26 -51.56
CA GLU F 237 21.26 -66.46 -52.54
C GLU F 237 22.27 -65.71 -53.39
N PHE F 238 21.86 -65.37 -54.60
CA PHE F 238 22.65 -64.50 -55.47
C PHE F 238 21.70 -63.60 -56.23
N THR F 239 22.11 -62.34 -56.41
CA THR F 239 21.33 -61.40 -57.19
C THR F 239 22.16 -60.89 -58.36
N PHE F 240 21.46 -60.39 -59.38
CA PHE F 240 22.12 -59.84 -60.54
C PHE F 240 21.28 -58.70 -61.08
N ASN F 241 21.94 -57.69 -61.62
CA ASN F 241 21.28 -56.60 -62.30
C ASN F 241 21.87 -56.50 -63.69
N PHE F 242 21.06 -56.03 -64.63
CA PHE F 242 21.44 -56.05 -66.04
C PHE F 242 21.44 -54.63 -66.58
N ASP F 243 22.58 -54.21 -67.12
CA ASP F 243 22.63 -53.12 -68.07
C ASP F 243 22.53 -53.78 -69.44
N CYS F 244 21.39 -53.60 -70.10
CA CYS F 244 21.01 -54.54 -71.15
C CYS F 244 20.19 -53.81 -72.20
N GLU F 245 20.36 -54.24 -73.45
CA GLU F 245 19.63 -53.68 -74.56
C GLU F 245 18.32 -54.40 -74.76
N TRP F 246 17.28 -53.67 -75.14
CA TRP F 246 16.00 -54.27 -75.45
C TRP F 246 16.15 -55.25 -76.61
N ILE F 247 15.34 -56.30 -76.59
CA ILE F 247 15.14 -57.14 -77.76
C ILE F 247 13.72 -56.88 -78.25
N ASN F 248 13.59 -56.53 -79.51
CA ASN F 248 12.36 -55.96 -80.02
C ASN F 248 11.55 -57.00 -80.77
N ASN F 249 10.31 -57.19 -80.36
CA ASN F 249 9.34 -57.98 -81.10
C ASN F 249 8.46 -57.00 -81.86
N GLU F 250 8.66 -56.94 -83.17
CA GLU F 250 8.09 -55.93 -84.06
C GLU F 250 8.47 -56.33 -85.46
N ARG F 251 7.73 -55.79 -86.42
CA ARG F 251 7.88 -56.19 -87.81
C ARG F 251 7.76 -54.96 -88.69
N ALA F 252 8.69 -54.82 -89.62
CA ALA F 252 8.60 -53.78 -90.63
C ALA F 252 7.86 -54.35 -91.83
N TYR F 253 6.73 -53.76 -92.16
CA TYR F 253 5.93 -54.24 -93.27
C TYR F 253 6.50 -53.81 -94.62
N ILE F 254 7.44 -52.88 -94.63
CA ILE F 254 8.10 -52.46 -95.87
C ILE F 254 9.59 -52.24 -95.59
N PRO F 255 10.42 -52.33 -96.61
CA PRO F 255 11.81 -51.95 -96.45
C PRO F 255 11.92 -50.49 -96.06
N PRO F 256 13.01 -50.09 -95.42
CA PRO F 256 13.14 -48.67 -95.05
C PRO F 256 13.25 -47.75 -96.24
N GLY F 257 13.75 -48.24 -97.36
CA GLY F 257 13.82 -47.43 -98.55
C GLY F 257 12.53 -47.31 -99.32
N LEU F 258 11.48 -48.00 -98.88
CA LEU F 258 10.21 -48.01 -99.55
C LEU F 258 9.25 -46.99 -98.95
N MET F 259 9.73 -46.15 -98.04
CA MET F 259 8.88 -45.18 -97.35
C MET F 259 8.86 -43.89 -98.17
N PHE F 260 7.72 -43.60 -98.77
CA PHE F 260 7.51 -42.36 -99.51
C PHE F 260 6.10 -42.39 -100.05
N ASN F 261 5.60 -41.22 -100.42
CA ASN F 261 4.30 -41.14 -101.04
C ASN F 261 4.49 -41.29 -102.55
N PRO F 262 4.12 -42.43 -103.12
CA PRO F 262 4.38 -42.64 -104.55
C PRO F 262 3.51 -41.80 -105.44
N LEU F 263 2.43 -41.23 -104.91
CA LEU F 263 1.58 -40.36 -105.70
C LEU F 263 2.29 -39.07 -106.06
N VAL F 264 3.04 -38.51 -105.10
CA VAL F 264 3.63 -37.19 -105.31
C VAL F 264 4.83 -37.29 -106.22
N PRO F 265 4.95 -36.43 -107.24
CA PRO F 265 6.15 -36.44 -108.07
C PRO F 265 7.36 -36.02 -107.26
N THR F 266 8.54 -36.35 -107.80
CA THR F 266 9.79 -36.05 -107.12
C THR F 266 10.60 -35.06 -107.94
N ARG F 267 11.37 -34.23 -107.25
CA ARG F 267 12.34 -33.39 -107.93
C ARG F 267 13.72 -34.00 -107.81
N ARG F 268 14.16 -34.64 -108.89
CA ARG F 268 15.40 -35.40 -108.96
C ARG F 268 15.55 -35.85 -110.40
N ALA F 269 16.74 -36.27 -110.80
CA ALA F 269 16.95 -36.67 -112.17
C ALA F 269 17.94 -37.82 -112.23
N GLN F 270 17.84 -38.58 -113.31
CA GLN F 270 18.70 -39.73 -113.57
C GLN F 270 19.47 -39.46 -114.84
N TYR F 271 20.77 -39.29 -114.73
CA TYR F 271 21.64 -39.34 -115.89
C TYR F 271 22.06 -40.78 -116.06
N ILE F 272 22.03 -41.27 -117.28
CA ILE F 272 22.41 -42.64 -117.58
C ILE F 272 23.48 -42.62 -118.65
N ARG F 273 24.61 -43.25 -118.35
CA ARG F 273 25.75 -43.22 -119.26
C ARG F 273 25.40 -43.91 -120.58
N ARG F 274 26.13 -43.54 -121.63
CA ARG F 274 26.06 -44.27 -122.88
C ARG F 274 26.26 -45.75 -122.64
N ASN F 275 25.39 -46.56 -123.24
CA ASN F 275 25.33 -47.97 -122.84
C ASN F 275 26.46 -48.77 -123.44
N ASN F 276 27.01 -48.34 -124.58
CA ASN F 276 28.13 -49.02 -125.22
C ASN F 276 27.81 -50.49 -125.43
N ASN F 277 26.93 -50.75 -126.39
CA ASN F 277 26.24 -52.02 -126.61
C ASN F 277 25.22 -52.18 -125.47
N PRO F 278 24.05 -52.77 -125.77
CA PRO F 278 23.51 -52.93 -127.13
C PRO F 278 23.22 -51.62 -127.86
N GLN F 279 22.57 -50.68 -127.17
CA GLN F 279 21.93 -49.54 -127.83
C GLN F 279 21.54 -48.52 -126.76
N THR F 280 20.69 -47.54 -127.10
CA THR F 280 20.16 -46.56 -126.17
C THR F 280 21.22 -45.63 -125.60
N ALA F 281 21.61 -44.65 -126.41
CA ALA F 281 22.57 -43.64 -126.00
C ALA F 281 22.06 -42.83 -124.80
N GLU F 282 23.00 -42.18 -124.13
CA GLU F 282 22.75 -41.56 -122.83
C GLU F 282 21.59 -40.58 -122.88
N SER F 283 20.86 -40.51 -121.78
CA SER F 283 19.77 -39.56 -121.63
C SER F 283 19.57 -39.25 -120.16
N THR F 284 19.08 -38.04 -119.87
CA THR F 284 18.67 -37.65 -118.54
C THR F 284 17.15 -37.57 -118.47
N SER F 285 16.60 -37.87 -117.30
CA SER F 285 15.16 -37.93 -117.14
C SER F 285 14.81 -37.74 -115.68
N ARG F 286 13.56 -37.33 -115.44
CA ARG F 286 13.08 -37.19 -114.08
C ARG F 286 12.73 -38.54 -113.50
N ILE F 287 13.02 -38.72 -112.22
CA ILE F 287 12.70 -39.97 -111.55
C ILE F 287 11.19 -40.09 -111.41
N ALA F 288 10.67 -41.28 -111.70
CA ALA F 288 9.25 -41.52 -111.67
C ALA F 288 8.70 -41.28 -110.27
N PRO F 289 7.41 -40.91 -110.17
CA PRO F 289 6.84 -40.65 -108.83
C PRO F 289 6.93 -41.86 -107.92
N TYR F 290 6.54 -43.02 -108.41
CA TYR F 290 6.86 -44.26 -107.74
C TYR F 290 8.36 -44.51 -107.85
N ALA F 291 8.87 -45.38 -106.98
CA ALA F 291 10.27 -45.79 -107.05
C ALA F 291 11.21 -44.60 -106.93
N LYS F 292 11.00 -43.82 -105.90
CA LYS F 292 11.92 -42.73 -105.61
C LYS F 292 13.21 -43.28 -104.99
N PRO F 293 14.33 -42.62 -105.21
CA PRO F 293 15.58 -43.08 -104.61
C PRO F 293 15.53 -42.98 -103.10
N THR F 294 16.46 -43.67 -102.47
CA THR F 294 16.48 -43.70 -101.01
C THR F 294 17.89 -43.55 -100.48
N SER F 295 17.95 -43.11 -99.23
CA SER F 295 19.06 -43.37 -98.34
C SER F 295 18.90 -44.76 -97.76
N TRP F 296 19.57 -45.01 -96.65
CA TRP F 296 19.27 -46.20 -95.88
C TRP F 296 19.64 -47.48 -96.61
N MET F 297 20.95 -47.71 -96.65
CA MET F 297 21.63 -48.88 -97.13
C MET F 297 21.23 -50.12 -96.32
N THR F 298 21.42 -51.29 -96.93
CA THR F 298 21.12 -52.54 -96.26
C THR F 298 22.18 -52.87 -95.21
N GLY F 299 21.79 -53.70 -94.25
CA GLY F 299 22.69 -54.15 -93.22
C GLY F 299 23.81 -55.00 -93.76
N PRO F 300 24.90 -55.09 -93.03
CA PRO F 300 26.09 -55.78 -93.53
C PRO F 300 25.98 -57.29 -93.42
N GLY F 301 26.71 -57.98 -94.28
CA GLY F 301 26.81 -59.41 -94.24
C GLY F 301 28.05 -59.86 -94.98
N LEU F 302 28.40 -61.13 -94.85
CA LEU F 302 29.45 -61.74 -95.63
C LEU F 302 28.92 -63.01 -96.27
N LEU F 303 28.68 -62.96 -97.58
CA LEU F 303 28.10 -64.08 -98.30
C LEU F 303 29.06 -64.86 -99.19
N SER F 304 30.32 -64.47 -99.32
CA SER F 304 31.13 -65.06 -100.39
C SER F 304 31.68 -66.42 -100.02
N ALA F 305 32.07 -66.60 -98.76
CA ALA F 305 32.82 -67.75 -98.31
C ALA F 305 31.98 -69.03 -98.33
N GLN F 306 32.67 -70.16 -98.26
CA GLN F 306 32.03 -71.47 -98.13
C GLN F 306 32.76 -72.26 -97.05
N ARG F 307 32.01 -73.01 -96.27
CA ARG F 307 32.62 -73.83 -95.23
C ARG F 307 33.62 -74.80 -95.83
N VAL F 308 34.72 -75.01 -95.12
CA VAL F 308 35.92 -75.61 -95.68
C VAL F 308 36.22 -76.94 -95.01
N GLY F 309 36.09 -78.02 -95.77
CA GLY F 309 36.64 -79.29 -95.38
C GLY F 309 35.72 -80.15 -94.55
N PRO F 310 36.27 -81.19 -93.95
CA PRO F 310 35.44 -82.17 -93.23
C PRO F 310 34.97 -81.64 -91.90
N ALA F 311 33.88 -82.23 -91.41
CA ALA F 311 33.37 -81.89 -90.09
C ALA F 311 34.36 -82.34 -89.02
N THR F 312 34.22 -81.76 -87.83
CA THR F 312 35.08 -81.89 -86.66
C THR F 312 36.37 -81.10 -86.84
N SER F 313 36.61 -80.53 -88.02
CA SER F 313 37.77 -79.68 -88.27
C SER F 313 37.49 -78.20 -88.07
N ASP F 314 36.32 -77.86 -87.53
CA ASP F 314 35.89 -76.46 -87.38
C ASP F 314 35.77 -75.77 -88.73
N THR F 315 34.73 -76.10 -89.48
CA THR F 315 34.49 -75.43 -90.74
C THR F 315 33.56 -74.24 -90.50
N GLY F 316 34.12 -73.04 -90.56
CA GLY F 316 33.32 -71.86 -90.29
C GLY F 316 32.98 -71.00 -91.49
N ALA F 317 33.68 -71.24 -92.60
CA ALA F 317 33.72 -70.45 -93.83
C ALA F 317 34.41 -69.11 -93.60
N TRP F 318 34.55 -68.64 -92.37
CA TRP F 318 35.34 -67.47 -92.05
C TRP F 318 36.10 -67.80 -90.78
N MET F 319 37.42 -67.84 -90.86
CA MET F 319 38.26 -68.11 -89.71
C MET F 319 38.94 -66.82 -89.30
N VAL F 320 38.83 -66.47 -88.02
CA VAL F 320 39.43 -65.23 -87.54
C VAL F 320 40.92 -65.40 -87.30
N ALA F 321 41.29 -66.50 -86.67
CA ALA F 321 42.68 -66.85 -86.34
C ALA F 321 43.48 -65.73 -85.68
N VAL F 322 44.80 -65.77 -85.85
CA VAL F 322 45.72 -64.78 -85.32
C VAL F 322 46.84 -64.48 -86.31
N LYS F 323 47.66 -65.49 -86.60
CA LYS F 323 48.86 -65.35 -87.41
C LYS F 323 49.87 -64.36 -86.84
N PRO F 324 50.52 -64.69 -85.72
CA PRO F 324 51.71 -63.94 -85.33
C PRO F 324 52.79 -64.07 -86.39
N GLU F 325 53.74 -63.14 -86.37
CA GLU F 325 54.57 -62.90 -87.55
C GLU F 325 55.44 -64.11 -87.87
N ASN F 326 56.04 -64.74 -86.86
CA ASN F 326 56.80 -65.95 -87.12
C ASN F 326 56.04 -67.19 -86.68
N ALA F 327 56.05 -67.46 -85.39
CA ALA F 327 55.44 -68.62 -84.76
C ALA F 327 55.85 -69.88 -85.53
N SER F 328 54.93 -70.83 -85.64
CA SER F 328 54.97 -71.89 -86.62
C SER F 328 53.56 -72.46 -86.69
N ILE F 329 53.23 -73.07 -87.83
CA ILE F 329 51.87 -73.53 -88.04
C ILE F 329 51.90 -74.86 -88.77
N ASP F 330 51.07 -75.77 -88.32
CA ASP F 330 50.86 -77.07 -88.94
C ASP F 330 49.94 -76.87 -90.15
N THR F 331 49.41 -77.96 -90.70
CA THR F 331 48.33 -77.82 -91.66
C THR F 331 47.25 -76.91 -91.08
N GLY F 332 46.78 -75.97 -91.89
CA GLY F 332 45.93 -74.92 -91.38
C GLY F 332 46.58 -73.55 -91.39
N MET F 333 45.84 -72.44 -91.24
CA MET F 333 44.37 -72.29 -91.14
C MET F 333 43.70 -73.28 -90.17
N SER F 334 42.74 -74.06 -90.64
CA SER F 334 42.13 -75.15 -89.87
C SER F 334 41.53 -74.63 -88.52
N GLY F 335 41.97 -74.96 -87.29
CA GLY F 335 43.30 -75.39 -86.84
C GLY F 335 44.00 -74.27 -86.10
N ILE F 336 43.59 -73.04 -86.41
CA ILE F 336 43.88 -71.88 -85.57
C ILE F 336 42.66 -70.96 -85.67
N GLY F 337 42.38 -70.26 -84.58
CA GLY F 337 41.25 -69.36 -84.55
C GLY F 337 39.92 -70.07 -84.66
N SER F 338 38.88 -69.26 -84.81
CA SER F 338 37.51 -69.72 -84.66
C SER F 338 36.72 -69.42 -85.93
N GLY F 339 35.75 -70.28 -86.21
CA GLY F 339 34.84 -70.00 -87.32
C GLY F 339 33.84 -68.94 -86.93
N PHE F 340 33.56 -68.04 -87.87
CA PHE F 340 32.58 -66.97 -87.66
C PHE F 340 31.25 -67.42 -88.23
N ASP F 341 30.24 -67.45 -87.38
CA ASP F 341 28.96 -68.04 -87.74
C ASP F 341 27.81 -67.30 -87.05
N PRO F 342 26.68 -67.11 -87.76
CA PRO F 342 26.49 -67.07 -89.21
C PRO F 342 26.90 -65.75 -89.85
N PRO F 343 27.72 -65.80 -90.90
CA PRO F 343 27.64 -64.76 -91.92
C PRO F 343 26.65 -65.13 -93.03
N GLN F 344 25.81 -64.27 -93.61
CA GLN F 344 25.06 -63.19 -92.96
C GLN F 344 25.93 -62.17 -92.17
N GLY F 345 25.54 -61.55 -91.05
CA GLY F 345 24.20 -61.38 -90.50
C GLY F 345 23.28 -60.62 -91.42
N SER F 346 21.99 -60.61 -91.09
CA SER F 346 20.97 -60.03 -91.95
C SER F 346 21.09 -60.59 -93.36
N LEU F 347 20.94 -59.72 -94.37
CA LEU F 347 21.40 -59.98 -95.72
C LEU F 347 21.05 -61.40 -96.18
N ALA F 348 19.79 -61.62 -96.54
CA ALA F 348 19.21 -62.96 -96.59
C ALA F 348 20.14 -63.94 -97.30
N PRO F 349 20.37 -65.12 -96.71
CA PRO F 349 21.42 -66.01 -97.20
C PRO F 349 21.06 -66.71 -98.51
N THR F 350 22.08 -67.26 -99.14
CA THR F 350 21.92 -68.00 -100.38
C THR F 350 21.38 -69.40 -100.12
N ASN F 351 22.17 -70.25 -99.48
CA ASN F 351 21.70 -71.61 -99.22
C ASN F 351 21.71 -71.90 -97.73
N LEU F 352 21.38 -73.16 -97.42
CA LEU F 352 21.25 -73.64 -96.05
C LEU F 352 22.51 -73.41 -95.24
N GLU F 353 23.66 -73.34 -95.93
CA GLU F 353 24.95 -73.30 -95.25
C GLU F 353 25.07 -72.12 -94.31
N TYR F 354 24.36 -71.03 -94.59
CA TYR F 354 24.40 -69.83 -93.76
C TYR F 354 23.21 -69.71 -92.81
N LYS F 355 22.31 -70.67 -92.80
CA LYS F 355 20.96 -70.49 -92.28
C LYS F 355 20.87 -70.79 -90.79
N ILE F 356 22.01 -70.96 -90.12
CA ILE F 356 22.18 -71.52 -88.79
C ILE F 356 21.58 -72.92 -88.81
N GLN F 357 21.23 -73.45 -87.63
CA GLN F 357 20.63 -74.75 -87.44
C GLN F 357 20.80 -75.08 -85.97
N TRP F 358 20.02 -76.00 -85.40
CA TRP F 358 20.40 -76.63 -84.13
C TRP F 358 19.56 -77.87 -83.93
N TYR F 359 20.04 -78.75 -83.06
CA TYR F 359 19.38 -80.04 -82.90
C TYR F 359 18.36 -80.07 -81.77
N GLN F 360 18.36 -79.04 -80.92
CA GLN F 360 17.45 -78.94 -79.76
C GLN F 360 17.32 -80.24 -79.00
N THR F 361 18.41 -81.02 -78.94
CA THR F 361 18.42 -82.34 -78.34
C THR F 361 19.84 -82.90 -78.42
N PRO F 362 20.35 -83.47 -77.33
CA PRO F 362 21.66 -84.11 -77.41
C PRO F 362 21.65 -85.40 -78.20
N GLN F 363 20.50 -86.09 -78.24
CA GLN F 363 20.42 -87.34 -78.99
C GLN F 363 20.35 -87.08 -80.49
N GLY F 364 20.28 -85.83 -80.91
CA GLY F 364 20.14 -85.52 -82.32
C GLY F 364 21.28 -86.00 -83.19
N THR F 365 20.95 -86.81 -84.19
CA THR F 365 21.93 -87.30 -85.15
C THR F 365 22.07 -86.27 -86.26
N ASN F 366 22.74 -86.63 -87.36
CA ASN F 366 23.00 -85.66 -88.42
C ASN F 366 21.72 -84.99 -88.90
N ASN F 367 20.75 -85.76 -89.39
CA ASN F 367 19.42 -85.25 -89.63
C ASN F 367 18.46 -85.96 -88.69
N ASN F 368 18.05 -85.25 -87.64
CA ASN F 368 17.11 -85.62 -86.59
C ASN F 368 17.11 -84.43 -85.65
N GLY F 369 16.07 -84.21 -84.89
CA GLY F 369 16.01 -82.92 -84.24
C GLY F 369 16.13 -81.90 -85.36
N ASN F 370 17.20 -81.11 -85.30
CA ASN F 370 17.72 -80.45 -86.50
C ASN F 370 16.75 -79.41 -87.05
N ILE F 371 16.23 -78.56 -86.19
CA ILE F 371 15.35 -77.50 -86.67
C ILE F 371 16.21 -76.38 -87.24
N ILE F 372 15.80 -75.86 -88.36
CA ILE F 372 16.61 -74.92 -89.14
C ILE F 372 15.94 -73.57 -89.11
N SER F 373 16.75 -72.52 -88.97
CA SER F 373 16.20 -71.17 -88.93
C SER F 373 15.55 -70.84 -90.27
N ASN F 374 14.64 -69.86 -90.24
CA ASN F 374 13.83 -69.52 -91.40
C ASN F 374 13.67 -68.00 -91.45
N GLN F 375 13.14 -67.51 -92.55
CA GLN F 375 12.97 -66.06 -92.67
C GLN F 375 11.75 -65.61 -91.88
N PRO F 376 11.87 -64.53 -91.11
CA PRO F 376 10.71 -64.03 -90.34
C PRO F 376 9.62 -63.47 -91.21
N LEU F 377 9.92 -63.19 -92.48
CA LEU F 377 9.08 -62.47 -93.43
C LEU F 377 8.99 -60.99 -93.07
N SER F 378 9.62 -60.58 -91.96
CA SER F 378 9.87 -59.16 -91.73
C SER F 378 10.72 -58.60 -92.85
N MET F 379 10.47 -57.33 -93.17
CA MET F 379 11.08 -56.74 -94.36
C MET F 379 12.42 -56.06 -94.08
N LEU F 380 12.94 -56.13 -92.86
CA LEU F 380 14.11 -55.31 -92.58
C LEU F 380 15.47 -55.75 -93.12
N ARG F 381 16.19 -56.81 -92.71
CA ARG F 381 15.91 -58.20 -92.27
C ARG F 381 15.92 -59.20 -93.46
N ASP F 382 15.97 -58.70 -94.68
CA ASP F 382 16.21 -59.59 -95.81
C ASP F 382 17.41 -59.09 -96.60
N GLN F 383 17.29 -57.90 -97.19
CA GLN F 383 18.44 -57.07 -97.52
C GLN F 383 19.42 -57.75 -98.47
N ALA F 384 19.02 -57.83 -99.73
CA ALA F 384 20.01 -58.09 -100.75
C ALA F 384 20.79 -56.81 -101.06
N LEU F 385 21.74 -56.92 -101.98
CA LEU F 385 22.34 -55.74 -102.58
C LEU F 385 22.88 -56.16 -103.94
N PHE F 386 22.84 -55.23 -104.90
CA PHE F 386 22.91 -55.60 -106.30
C PHE F 386 24.06 -54.95 -107.05
N ARG F 387 24.18 -53.63 -107.05
CA ARG F 387 25.25 -52.96 -107.78
C ARG F 387 25.11 -53.32 -109.27
N GLY F 388 26.21 -53.40 -110.01
CA GLY F 388 26.22 -53.86 -111.39
C GLY F 388 25.29 -53.11 -112.31
N ASN F 389 25.18 -53.60 -113.54
CA ASN F 389 26.33 -54.05 -114.30
C ASN F 389 26.55 -52.97 -115.35
N GLN F 390 25.65 -51.98 -115.30
CA GLN F 390 25.21 -51.07 -116.36
C GLN F 390 24.15 -51.75 -117.22
N THR F 391 23.97 -53.06 -117.09
CA THR F 391 22.99 -53.82 -117.84
C THR F 391 22.10 -54.64 -116.89
N THR F 392 22.72 -55.47 -116.06
CA THR F 392 22.01 -56.34 -115.12
C THR F 392 22.46 -56.02 -113.71
N TYR F 393 21.62 -56.30 -112.73
CA TYR F 393 22.03 -56.27 -111.34
C TYR F 393 22.59 -57.63 -110.94
N ASN F 394 23.65 -57.63 -110.14
CA ASN F 394 24.30 -58.86 -109.72
C ASN F 394 24.54 -58.85 -108.23
N LEU F 395 23.87 -59.76 -107.52
CA LEU F 395 24.00 -59.83 -106.06
C LEU F 395 25.46 -59.86 -105.65
N CYS F 396 25.82 -58.98 -104.71
CA CYS F 396 27.21 -58.75 -104.38
C CYS F 396 27.54 -59.37 -103.03
N SER F 397 28.68 -60.06 -102.97
CA SER F 397 29.27 -60.57 -101.74
C SER F 397 29.75 -59.40 -100.88
N ASP F 398 30.05 -59.72 -99.62
CA ASP F 398 30.44 -58.73 -98.62
C ASP F 398 29.26 -57.81 -98.32
N VAL F 399 29.40 -56.51 -98.57
CA VAL F 399 28.61 -55.45 -97.90
C VAL F 399 29.04 -55.30 -96.45
N TRP F 400 30.17 -54.62 -96.25
CA TRP F 400 30.66 -54.22 -94.95
C TRP F 400 29.84 -53.06 -94.38
N MET F 401 30.29 -52.51 -93.26
CA MET F 401 29.57 -51.40 -92.65
C MET F 401 29.62 -50.16 -93.52
N PHE F 402 28.53 -49.41 -93.50
CA PHE F 402 28.33 -48.24 -94.33
C PHE F 402 27.44 -47.28 -93.55
N PRO F 403 27.60 -45.96 -93.75
CA PRO F 403 26.96 -44.99 -92.85
C PRO F 403 25.45 -45.12 -92.67
N ASN F 404 24.70 -45.33 -93.73
CA ASN F 404 23.26 -45.26 -93.64
C ASN F 404 22.60 -46.60 -93.38
N GLN F 405 23.38 -47.63 -93.07
CA GLN F 405 22.82 -48.97 -93.01
C GLN F 405 21.79 -49.12 -91.91
N ILE F 406 20.74 -49.89 -92.23
CA ILE F 406 19.82 -50.41 -91.23
C ILE F 406 19.68 -51.91 -91.43
N TRP F 407 19.77 -52.65 -90.33
CA TRP F 407 19.43 -54.05 -90.33
C TRP F 407 18.61 -54.30 -89.09
N ASP F 408 17.99 -55.46 -89.05
CA ASP F 408 17.20 -55.85 -87.90
C ASP F 408 17.90 -56.99 -87.20
N ARG F 409 18.01 -56.89 -85.89
CA ARG F 409 18.70 -57.91 -85.13
C ARG F 409 17.99 -59.24 -85.32
N TYR F 410 18.75 -60.32 -85.19
CA TYR F 410 18.21 -61.64 -85.46
C TYR F 410 16.91 -61.86 -84.67
N PRO F 411 15.87 -62.41 -85.30
CA PRO F 411 14.55 -62.47 -84.65
C PRO F 411 14.50 -63.33 -83.42
N ILE F 412 15.54 -64.11 -83.18
CA ILE F 412 15.66 -65.14 -82.16
C ILE F 412 14.44 -66.06 -82.16
N THR F 413 14.14 -66.62 -80.99
CA THR F 413 13.11 -67.65 -80.80
C THR F 413 13.21 -68.14 -79.36
N ARG F 414 12.34 -69.06 -78.96
CA ARG F 414 12.37 -69.55 -77.59
C ARG F 414 13.63 -70.35 -77.28
N GLU F 415 14.30 -70.90 -78.29
CA GLU F 415 15.44 -71.79 -78.09
C GLU F 415 16.76 -71.06 -77.93
N ASN F 416 16.78 -69.76 -77.97
CA ASN F 416 18.03 -69.04 -78.10
C ASN F 416 18.64 -68.72 -76.76
N PRO F 417 19.94 -68.49 -76.72
CA PRO F 417 20.55 -67.92 -75.52
C PRO F 417 20.11 -66.48 -75.32
N ILE F 418 19.91 -66.12 -74.05
CA ILE F 418 19.46 -64.77 -73.73
C ILE F 418 20.57 -63.77 -73.99
N TRP F 419 21.76 -64.03 -73.44
CA TRP F 419 22.85 -63.07 -73.47
C TRP F 419 24.13 -63.74 -73.94
N CYS F 420 25.11 -62.90 -74.22
CA CYS F 420 26.47 -63.29 -74.52
C CYS F 420 27.38 -62.23 -73.93
N LYS F 421 28.55 -62.63 -73.43
CA LYS F 421 29.44 -61.67 -72.82
C LYS F 421 30.24 -60.94 -73.88
N LYS F 422 30.22 -59.61 -73.82
CA LYS F 422 31.03 -58.79 -74.71
C LYS F 422 32.45 -58.74 -74.14
N PRO F 423 33.42 -59.30 -74.84
CA PRO F 423 34.79 -59.33 -74.30
C PRO F 423 35.40 -57.95 -74.16
N ARG F 424 36.13 -57.77 -73.07
CA ARG F 424 36.76 -56.48 -72.78
C ARG F 424 37.88 -56.21 -73.76
N SER F 425 37.79 -55.06 -74.43
CA SER F 425 38.82 -54.69 -75.39
C SER F 425 38.78 -53.17 -75.55
N ASP F 426 39.87 -52.63 -76.08
CA ASP F 426 39.96 -51.19 -76.25
C ASP F 426 38.87 -50.68 -77.18
N LYS F 427 38.81 -51.21 -78.39
CA LYS F 427 37.94 -50.69 -79.43
C LYS F 427 37.00 -51.78 -79.92
N HIS F 428 35.81 -51.37 -80.34
CA HIS F 428 34.86 -52.28 -80.95
C HIS F 428 33.86 -51.49 -81.77
N THR F 429 33.19 -52.20 -82.66
CA THR F 429 32.12 -51.65 -83.50
C THR F 429 30.76 -51.84 -82.84
N THR F 430 29.69 -51.74 -83.64
CA THR F 430 28.33 -51.59 -83.10
C THR F 430 27.97 -52.65 -82.07
N ILE F 431 28.57 -53.84 -82.15
CA ILE F 431 28.26 -54.97 -81.27
C ILE F 431 26.81 -55.40 -81.44
N ASP F 432 26.48 -56.00 -82.59
CA ASP F 432 25.23 -56.73 -82.71
C ASP F 432 25.55 -58.18 -82.98
N PRO F 433 25.39 -59.09 -82.01
CA PRO F 433 25.68 -60.50 -82.28
C PRO F 433 24.69 -61.09 -83.27
N PHE F 434 25.21 -61.90 -84.18
CA PHE F 434 24.37 -62.51 -85.21
C PHE F 434 23.70 -63.78 -84.75
N ASP F 435 23.93 -64.18 -83.52
CA ASP F 435 23.21 -65.27 -82.89
C ASP F 435 21.92 -64.78 -82.26
N GLY F 436 21.56 -63.52 -82.50
CA GLY F 436 20.59 -62.87 -81.66
C GLY F 436 21.22 -62.64 -80.31
N SER F 437 20.60 -63.17 -79.26
CA SER F 437 21.10 -63.03 -77.90
C SER F 437 21.35 -61.56 -77.57
N LEU F 438 22.40 -61.30 -76.79
CA LEU F 438 22.67 -59.97 -76.30
C LEU F 438 24.14 -59.89 -75.94
N ALA F 439 24.62 -58.68 -75.80
CA ALA F 439 25.98 -58.44 -75.34
C ALA F 439 25.93 -57.57 -74.10
N MET F 440 26.70 -57.96 -73.08
CA MET F 440 26.77 -57.18 -71.87
C MET F 440 28.20 -57.11 -71.39
N ASP F 441 28.58 -55.97 -70.83
CA ASP F 441 29.87 -55.87 -70.16
C ASP F 441 30.00 -56.95 -69.10
N HIS F 442 29.08 -56.94 -68.16
CA HIS F 442 29.00 -57.98 -67.14
C HIS F 442 27.68 -58.70 -67.29
N PRO F 443 27.67 -59.91 -67.83
CA PRO F 443 26.47 -60.71 -67.83
C PRO F 443 26.22 -61.27 -66.44
N PRO F 444 25.21 -62.10 -66.26
CA PRO F 444 25.09 -62.81 -64.98
C PRO F 444 26.36 -63.59 -64.69
N GLY F 445 26.91 -63.38 -63.50
CA GLY F 445 28.11 -64.10 -63.11
C GLY F 445 27.82 -65.57 -63.00
N THR F 446 28.66 -66.38 -63.62
CA THR F 446 28.48 -67.82 -63.56
C THR F 446 28.64 -68.30 -62.13
N ILE F 447 27.70 -69.09 -61.67
CA ILE F 447 27.75 -69.68 -60.34
C ILE F 447 28.43 -71.02 -60.43
N PHE F 448 29.53 -71.18 -59.72
CA PHE F 448 30.31 -72.40 -59.74
C PHE F 448 30.05 -73.16 -58.45
N ILE F 449 30.14 -74.47 -58.54
CA ILE F 449 29.84 -75.33 -57.40
C ILE F 449 30.68 -76.60 -57.50
N LYS F 450 31.14 -77.07 -56.35
CA LYS F 450 32.07 -78.19 -56.27
C LYS F 450 31.74 -79.00 -55.04
N MET F 451 32.28 -80.21 -54.96
CA MET F 451 31.88 -81.17 -53.95
C MET F 451 32.76 -81.20 -52.71
N ALA F 452 33.72 -80.29 -52.56
CA ALA F 452 34.44 -80.21 -51.30
C ALA F 452 35.18 -81.50 -50.96
N LYS F 453 36.34 -81.72 -51.59
CA LYS F 453 37.05 -82.98 -51.47
C LYS F 453 37.16 -83.42 -50.02
N ILE F 454 36.75 -84.65 -49.76
CA ILE F 454 36.90 -85.25 -48.44
C ILE F 454 37.91 -86.38 -48.58
N PRO F 455 39.14 -86.21 -48.12
CA PRO F 455 40.17 -87.21 -48.35
C PRO F 455 40.00 -88.37 -47.37
N VAL F 456 40.83 -89.39 -47.58
CA VAL F 456 40.79 -90.57 -46.73
C VAL F 456 42.24 -91.01 -46.49
N PRO F 457 42.56 -91.51 -45.31
CA PRO F 457 43.96 -91.81 -45.01
C PRO F 457 44.47 -93.03 -45.76
N SER F 458 45.76 -93.00 -46.08
CA SER F 458 46.41 -94.13 -46.72
C SER F 458 47.89 -94.11 -46.36
N ASN F 459 48.61 -95.15 -46.80
CA ASN F 459 50.02 -95.29 -46.48
C ASN F 459 50.91 -94.51 -47.43
N ASN F 460 50.60 -94.52 -48.72
CA ASN F 460 51.48 -94.03 -49.77
C ASN F 460 52.12 -92.63 -49.56
N ASN F 461 51.36 -91.60 -49.18
CA ASN F 461 49.92 -91.65 -48.95
C ASN F 461 49.17 -91.04 -50.13
N ALA F 462 47.85 -91.05 -50.01
CA ALA F 462 46.94 -90.51 -51.01
C ALA F 462 47.21 -91.17 -52.39
N ASP F 463 46.91 -90.55 -53.54
CA ASP F 463 45.76 -89.67 -53.72
C ASP F 463 44.48 -90.48 -53.65
N SER F 464 43.63 -90.12 -52.70
CA SER F 464 42.38 -90.83 -52.48
C SER F 464 41.40 -89.88 -51.83
N TYR F 465 40.13 -90.12 -52.07
CA TYR F 465 39.09 -89.22 -51.60
C TYR F 465 37.80 -89.99 -51.47
N LEU F 466 36.85 -89.40 -50.78
CA LEU F 466 35.58 -90.04 -50.51
C LEU F 466 34.60 -89.67 -51.61
N ASN F 467 33.83 -90.65 -52.09
CA ASN F 467 32.99 -90.49 -53.27
C ASN F 467 31.60 -90.03 -52.83
N ILE F 468 31.25 -88.81 -53.18
CA ILE F 468 29.98 -88.20 -52.77
C ILE F 468 29.40 -87.43 -53.95
N TYR F 469 28.15 -87.00 -53.80
CA TYR F 469 27.54 -86.09 -54.74
C TYR F 469 26.53 -85.24 -54.01
N CYS F 470 26.20 -84.10 -54.60
CA CYS F 470 25.28 -83.16 -54.00
C CYS F 470 24.01 -83.12 -54.83
N THR F 471 22.92 -82.74 -54.18
CA THR F 471 21.64 -82.62 -54.83
C THR F 471 20.88 -81.50 -54.16
N GLY F 472 20.16 -80.71 -54.94
CA GLY F 472 19.49 -79.58 -54.36
C GLY F 472 18.64 -78.88 -55.36
N GLN F 473 18.21 -77.67 -55.00
CA GLN F 473 17.24 -76.95 -55.80
C GLN F 473 17.71 -75.54 -56.06
N VAL F 474 17.82 -75.18 -57.32
CA VAL F 474 18.10 -73.81 -57.74
C VAL F 474 16.76 -73.18 -58.11
N SER F 475 16.56 -71.94 -57.68
CA SER F 475 15.40 -71.19 -58.11
C SER F 475 15.92 -69.93 -58.79
N CYS F 476 15.73 -69.84 -60.09
CA CYS F 476 16.14 -68.66 -60.84
C CYS F 476 14.90 -67.82 -61.11
N GLU F 477 14.79 -66.69 -60.44
CA GLU F 477 13.65 -65.80 -60.55
C GLU F 477 14.14 -64.51 -61.17
N ILE F 478 13.73 -64.23 -62.40
CA ILE F 478 14.25 -63.08 -63.14
C ILE F 478 13.09 -62.18 -63.52
N VAL F 479 13.34 -60.88 -63.47
CA VAL F 479 12.34 -59.87 -63.79
C VAL F 479 12.66 -59.30 -65.16
N TRP F 480 11.64 -59.07 -65.95
CA TRP F 480 11.79 -58.64 -67.34
C TRP F 480 11.14 -57.28 -67.49
N GLU F 481 11.92 -56.26 -67.82
CA GLU F 481 11.33 -55.03 -68.30
C GLU F 481 10.61 -55.32 -69.60
N VAL F 482 9.34 -54.94 -69.67
CA VAL F 482 8.49 -55.34 -70.79
C VAL F 482 7.64 -54.14 -71.18
N GLU F 483 7.38 -54.00 -72.48
CA GLU F 483 6.61 -52.89 -73.00
C GLU F 483 5.53 -53.41 -73.92
N ARG F 484 4.32 -52.87 -73.79
CA ARG F 484 3.15 -53.40 -74.46
C ARG F 484 2.81 -52.54 -75.67
N TYR F 485 2.29 -53.18 -76.72
CA TYR F 485 2.20 -52.51 -78.01
C TYR F 485 0.81 -51.91 -78.22
N ALA F 486 0.81 -50.76 -78.88
CA ALA F 486 -0.40 -50.15 -79.40
C ALA F 486 -0.11 -49.68 -80.81
N THR F 487 -1.10 -49.82 -81.69
CA THR F 487 -0.86 -49.46 -83.09
C THR F 487 -2.15 -49.00 -83.72
N LYS F 488 -2.02 -48.26 -84.81
CA LYS F 488 -3.14 -47.73 -85.54
C LYS F 488 -3.55 -48.59 -86.72
N ASN F 489 -2.90 -49.73 -86.90
CA ASN F 489 -3.28 -50.61 -87.99
C ASN F 489 -4.73 -51.04 -87.85
N TRP F 490 -5.43 -51.10 -88.97
CA TRP F 490 -6.81 -51.54 -88.97
C TRP F 490 -6.92 -53.05 -88.95
N ARG F 491 -5.97 -53.73 -89.52
CA ARG F 491 -6.07 -55.15 -89.82
C ARG F 491 -5.59 -56.04 -88.69
N PRO F 492 -5.96 -57.32 -88.72
CA PRO F 492 -5.74 -58.20 -87.56
C PRO F 492 -4.28 -58.47 -87.17
N GLU F 493 -3.30 -58.14 -88.00
CA GLU F 493 -1.87 -58.48 -87.76
C GLU F 493 -1.75 -60.00 -87.62
N ARG F 494 -0.88 -60.49 -86.75
CA ARG F 494 -0.51 -61.90 -86.74
C ARG F 494 -0.14 -62.29 -85.31
N ARG F 495 -0.42 -63.55 -84.97
CA ARG F 495 -0.11 -64.07 -83.65
C ARG F 495 0.51 -65.44 -83.82
N HIS F 496 0.79 -66.10 -82.70
CA HIS F 496 1.28 -67.47 -82.73
C HIS F 496 0.19 -68.39 -82.23
N THR F 497 -0.43 -69.11 -83.17
CA THR F 497 -1.36 -70.17 -82.87
C THR F 497 -0.62 -71.47 -82.58
N THR F 498 -1.29 -72.37 -81.87
CA THR F 498 -0.88 -73.75 -81.88
C THR F 498 -1.00 -74.37 -83.27
N PHE F 499 -1.74 -73.74 -84.18
CA PHE F 499 -1.87 -74.37 -85.49
C PHE F 499 -0.57 -74.39 -86.27
N GLY F 500 0.37 -73.52 -85.95
CA GLY F 500 1.71 -73.70 -86.48
C GLY F 500 2.35 -74.98 -85.98
N LEU F 501 1.93 -75.44 -84.81
CA LEU F 501 2.45 -76.66 -84.20
C LEU F 501 1.89 -77.89 -84.92
N GLY F 502 2.54 -79.02 -84.71
CA GLY F 502 2.12 -80.25 -85.35
C GLY F 502 2.33 -81.44 -84.45
N ILE F 503 1.68 -82.54 -84.82
CA ILE F 503 1.55 -83.72 -83.97
C ILE F 503 2.81 -84.57 -84.10
N GLY F 504 3.19 -85.24 -83.01
CA GLY F 504 4.39 -86.06 -83.07
C GLY F 504 4.55 -86.96 -81.85
N GLY F 505 5.55 -87.83 -81.94
CA GLY F 505 6.00 -88.71 -80.88
C GLY F 505 5.27 -90.04 -80.86
N ALA F 506 6.01 -91.10 -80.50
CA ALA F 506 5.50 -92.47 -80.39
C ALA F 506 4.57 -92.85 -81.53
N ASP F 507 3.43 -93.47 -81.19
CA ASP F 507 2.27 -93.37 -82.04
C ASP F 507 1.85 -91.92 -82.06
N ASN F 508 1.49 -91.40 -83.24
CA ASN F 508 1.59 -89.98 -83.51
C ASN F 508 0.96 -89.11 -82.44
N LEU F 509 0.09 -89.68 -81.61
CA LEU F 509 -0.68 -88.94 -80.61
C LEU F 509 0.21 -88.06 -79.74
N ASN F 510 -0.40 -86.98 -79.26
CA ASN F 510 0.09 -85.80 -78.53
C ASN F 510 0.67 -84.83 -79.54
N PRO F 511 0.44 -83.53 -79.39
CA PRO F 511 0.82 -82.63 -80.49
C PRO F 511 2.29 -82.27 -80.58
N THR F 512 2.76 -81.39 -79.71
CA THR F 512 4.13 -80.90 -79.85
C THR F 512 4.81 -80.66 -78.50
N TYR F 513 4.35 -79.66 -77.74
CA TYR F 513 4.90 -79.49 -76.41
C TYR F 513 4.02 -80.27 -75.45
N HIS F 514 4.49 -81.45 -75.08
CA HIS F 514 3.63 -82.41 -74.41
C HIS F 514 4.42 -83.70 -74.22
N VAL F 515 3.93 -84.53 -73.32
CA VAL F 515 4.61 -85.78 -73.01
C VAL F 515 4.22 -86.90 -73.96
N ASP F 516 5.11 -87.87 -74.08
CA ASP F 516 4.90 -89.11 -74.82
C ASP F 516 4.28 -90.15 -73.88
N LYS F 517 4.25 -91.42 -74.26
CA LYS F 517 3.49 -92.39 -73.47
C LYS F 517 4.06 -93.36 -72.38
N ASN F 518 5.36 -93.67 -72.14
CA ASN F 518 6.61 -93.42 -72.86
C ASN F 518 7.20 -92.08 -72.54
N GLY F 519 6.57 -91.34 -71.63
CA GLY F 519 6.62 -89.90 -71.70
C GLY F 519 7.99 -89.30 -71.86
N THR F 520 8.11 -88.65 -73.02
CA THR F 520 9.28 -87.90 -73.43
C THR F 520 8.74 -86.66 -74.12
N TYR F 521 9.14 -85.51 -73.63
CA TYR F 521 8.64 -84.25 -74.12
C TYR F 521 8.89 -84.15 -75.61
N ILE F 522 7.82 -83.96 -76.38
CA ILE F 522 7.96 -83.96 -77.84
C ILE F 522 8.64 -82.67 -78.27
N GLN F 523 9.59 -82.80 -79.08
CA GLN F 523 10.28 -81.56 -79.41
C GLN F 523 9.62 -80.90 -80.62
N PRO F 524 9.64 -79.57 -80.63
CA PRO F 524 9.13 -78.83 -81.80
C PRO F 524 10.01 -79.08 -83.02
N THR F 525 9.37 -79.37 -84.14
CA THR F 525 10.07 -79.71 -85.37
C THR F 525 9.95 -78.57 -86.37
N THR F 526 11.09 -78.14 -86.89
CA THR F 526 11.47 -76.92 -87.60
C THR F 526 11.18 -75.62 -86.85
N TRP F 527 11.08 -74.52 -87.60
CA TRP F 527 11.35 -73.20 -87.02
C TRP F 527 10.10 -72.55 -86.44
N ASP F 528 8.98 -72.64 -87.15
CA ASP F 528 7.77 -71.95 -86.72
C ASP F 528 7.22 -72.48 -85.41
N MET F 529 7.45 -73.76 -85.13
CA MET F 529 7.02 -74.36 -83.87
C MET F 529 7.45 -73.49 -82.70
N CYS F 530 8.76 -73.43 -82.45
CA CYS F 530 9.31 -72.39 -81.59
C CYS F 530 8.85 -71.05 -82.12
N PHE F 531 8.27 -70.23 -81.27
CA PHE F 531 7.57 -69.06 -81.79
C PHE F 531 8.50 -67.86 -81.73
N PRO F 532 9.04 -67.41 -82.87
CA PRO F 532 10.05 -66.36 -82.83
C PRO F 532 9.40 -65.01 -82.61
N VAL F 533 10.07 -64.14 -81.87
CA VAL F 533 9.66 -62.76 -81.87
C VAL F 533 10.06 -62.15 -83.20
N LYS F 534 9.48 -60.99 -83.51
CA LYS F 534 9.80 -60.14 -84.65
C LYS F 534 9.01 -60.59 -85.88
N THR F 535 8.27 -61.69 -85.79
CA THR F 535 7.36 -62.09 -86.85
C THR F 535 5.94 -61.57 -86.64
N ASN F 536 5.71 -60.82 -85.57
CA ASN F 536 4.38 -60.38 -85.22
C ASN F 536 4.33 -58.87 -85.07
N ILE F 537 3.15 -58.40 -84.67
CA ILE F 537 2.81 -57.00 -84.53
C ILE F 537 3.13 -56.30 -85.85
N ASN F 538 3.49 -55.02 -85.80
CA ASN F 538 3.98 -54.24 -86.92
C ASN F 538 4.63 -53.00 -86.34
N LYS F 539 5.45 -52.33 -87.13
CA LYS F 539 5.94 -51.02 -86.76
C LYS F 539 6.00 -50.15 -88.00
N VAL F 540 5.47 -48.94 -87.89
CA VAL F 540 5.78 -47.93 -88.89
C VAL F 540 7.24 -47.53 -88.72
N LEU F 541 7.99 -47.62 -89.80
CA LEU F 541 9.40 -47.28 -89.73
C LEU F 541 9.58 -45.77 -89.63
N GLY G 34 10.48 -76.83 -28.83
CA GLY G 34 11.64 -77.17 -29.65
C GLY G 34 11.33 -77.28 -31.13
N SER G 35 12.34 -77.66 -31.91
CA SER G 35 12.19 -77.79 -33.34
C SER G 35 13.25 -78.75 -33.88
N GLY G 36 13.02 -79.26 -35.07
CA GLY G 36 13.96 -80.14 -35.73
C GLY G 36 13.56 -81.60 -35.63
N VAL G 37 14.42 -82.45 -36.19
CA VAL G 37 14.21 -83.89 -36.09
C VAL G 37 14.21 -84.31 -34.63
N GLY G 38 13.36 -85.27 -34.30
CA GLY G 38 13.25 -85.73 -32.94
C GLY G 38 12.23 -84.99 -32.10
N ILE G 39 11.54 -84.01 -32.66
CA ILE G 39 10.50 -83.28 -31.98
C ILE G 39 9.26 -83.38 -32.86
N SER G 40 8.21 -84.04 -32.36
CA SER G 40 7.02 -84.23 -33.16
C SER G 40 6.34 -82.89 -33.40
N THR G 41 5.77 -82.72 -34.59
CA THR G 41 5.23 -81.42 -34.92
C THR G 41 3.83 -81.22 -34.34
N GLY G 42 2.98 -82.24 -34.44
CA GLY G 42 1.65 -82.14 -33.88
C GLY G 42 1.20 -83.52 -33.44
N GLY G 43 0.15 -83.54 -32.61
CA GLY G 43 -0.36 -84.77 -32.05
C GLY G 43 -1.60 -85.27 -32.76
N TRP G 44 -2.06 -86.43 -32.32
CA TRP G 44 -3.25 -87.04 -32.86
C TRP G 44 -4.48 -86.26 -32.44
N VAL G 45 -5.54 -86.36 -33.24
CA VAL G 45 -6.75 -85.56 -33.06
C VAL G 45 -7.95 -86.40 -33.45
N GLY G 46 -9.09 -86.13 -32.81
CA GLY G 46 -10.34 -86.74 -33.23
C GLY G 46 -11.41 -86.61 -32.16
N GLY G 47 -12.53 -87.29 -32.41
CA GLY G 47 -13.55 -87.53 -31.38
C GLY G 47 -14.83 -86.73 -31.51
N SER G 48 -14.98 -85.93 -32.56
CA SER G 48 -16.10 -85.03 -32.81
C SER G 48 -16.46 -84.08 -31.67
N TYR G 49 -17.69 -83.53 -31.70
CA TYR G 49 -18.05 -82.51 -30.72
C TYR G 49 -19.53 -82.44 -30.34
N PHE G 50 -20.37 -82.04 -31.31
CA PHE G 50 -21.81 -81.89 -31.16
C PHE G 50 -22.35 -80.84 -30.19
N THR G 51 -22.33 -79.57 -30.61
CA THR G 51 -23.13 -78.50 -30.03
C THR G 51 -24.32 -78.19 -30.94
N ASP G 52 -25.42 -77.73 -30.35
CA ASP G 52 -26.65 -77.43 -31.06
C ASP G 52 -26.43 -76.62 -32.33
N SER G 53 -25.55 -75.62 -32.26
CA SER G 53 -25.34 -74.75 -33.42
C SER G 53 -24.39 -75.36 -34.44
N TYR G 54 -23.42 -76.16 -34.01
CA TYR G 54 -22.45 -76.70 -34.96
C TYR G 54 -21.85 -77.99 -34.42
N VAL G 55 -21.30 -78.76 -35.34
CA VAL G 55 -20.64 -80.03 -35.03
C VAL G 55 -19.22 -79.96 -35.57
N ILE G 56 -18.24 -80.23 -34.72
CA ILE G 56 -16.84 -80.24 -35.12
C ILE G 56 -16.38 -81.69 -35.15
N THR G 57 -16.11 -82.19 -36.34
CA THR G 57 -15.57 -83.54 -36.51
C THR G 57 -14.07 -83.44 -36.75
N LYS G 58 -13.31 -84.23 -36.01
CA LYS G 58 -11.86 -84.22 -36.09
C LYS G 58 -11.40 -85.63 -36.45
N ASN G 59 -10.40 -85.72 -37.31
CA ASN G 59 -9.90 -87.00 -37.76
C ASN G 59 -8.41 -86.90 -38.02
N THR G 60 -7.73 -88.02 -37.95
CA THR G 60 -6.30 -88.08 -38.18
C THR G 60 -5.98 -89.41 -38.84
N ARG G 61 -4.96 -89.42 -39.69
CA ARG G 61 -4.65 -90.60 -40.49
C ARG G 61 -3.15 -90.82 -40.54
N GLN G 62 -2.79 -91.98 -41.06
CA GLN G 62 -1.42 -92.30 -41.40
C GLN G 62 -1.41 -92.58 -42.90
N PHE G 63 -0.56 -91.90 -43.65
CA PHE G 63 -0.57 -92.04 -45.09
C PHE G 63 0.83 -92.34 -45.60
N LEU G 64 0.93 -92.75 -46.86
CA LEU G 64 2.24 -92.87 -47.47
C LEU G 64 2.18 -92.53 -48.95
N VAL G 65 3.24 -91.88 -49.42
CA VAL G 65 3.39 -91.47 -50.82
C VAL G 65 4.43 -92.39 -51.44
N LYS G 66 4.10 -92.97 -52.59
CA LYS G 66 4.81 -94.13 -53.10
C LYS G 66 5.80 -93.83 -54.22
N ILE G 67 5.93 -92.57 -54.67
CA ILE G 67 6.62 -92.26 -55.94
C ILE G 67 5.91 -92.98 -57.08
N GLN G 68 4.77 -92.46 -57.50
CA GLN G 68 4.08 -93.05 -58.65
C GLN G 68 4.71 -92.55 -59.95
N ASN G 69 4.76 -93.44 -60.93
CA ASN G 69 5.00 -93.08 -62.34
C ASN G 69 6.40 -92.54 -62.55
N ASN G 70 7.39 -93.15 -61.90
CA ASN G 70 8.74 -92.57 -61.81
C ASN G 70 8.52 -91.14 -61.32
N HIS G 71 9.25 -90.15 -61.80
CA HIS G 71 8.78 -88.78 -61.65
C HIS G 71 8.27 -88.19 -62.94
N GLN G 72 8.39 -88.90 -64.05
CA GLN G 72 7.88 -88.43 -65.32
C GLN G 72 6.37 -88.63 -65.42
N TYR G 73 5.77 -87.90 -66.36
CA TYR G 73 4.33 -87.80 -66.56
C TYR G 73 3.74 -88.89 -67.45
N LYS G 74 4.19 -88.99 -68.69
CA LYS G 74 3.59 -89.78 -69.75
C LYS G 74 2.16 -89.39 -70.05
N THR G 75 1.39 -90.31 -70.62
CA THR G 75 0.01 -90.07 -71.03
C THR G 75 -0.85 -91.30 -70.67
N GLU G 76 -0.42 -92.46 -71.16
CA GLU G 76 -0.85 -93.80 -70.78
C GLU G 76 -2.03 -94.40 -71.53
N LEU G 77 -2.82 -93.59 -72.24
CA LEU G 77 -3.84 -94.11 -73.18
C LEU G 77 -4.53 -95.35 -72.61
N ILE G 78 -5.35 -95.16 -71.58
CA ILE G 78 -5.62 -96.23 -70.61
C ILE G 78 -6.14 -97.52 -71.27
N SER G 79 -7.43 -97.54 -71.60
CA SER G 79 -8.09 -98.61 -72.35
C SER G 79 -8.06 -99.95 -71.64
N PRO G 80 -9.06 -100.80 -71.83
CA PRO G 80 -8.81 -102.23 -71.83
C PRO G 80 -8.68 -102.71 -73.27
N SER G 81 -8.44 -104.00 -73.48
CA SER G 81 -8.61 -104.56 -74.82
C SER G 81 -9.20 -105.97 -74.82
N THR G 82 -10.34 -106.23 -75.47
CA THR G 82 -11.46 -105.31 -75.82
C THR G 82 -11.15 -103.92 -76.39
N SER G 83 -10.36 -103.89 -77.47
CA SER G 83 -9.97 -102.63 -78.10
C SER G 83 -11.17 -101.78 -78.50
N GLN G 84 -12.36 -102.38 -78.57
CA GLN G 84 -13.57 -101.61 -78.84
C GLN G 84 -13.88 -100.60 -77.75
N GLY G 85 -13.19 -100.67 -76.61
CA GLY G 85 -13.50 -99.79 -75.50
C GLY G 85 -13.22 -98.33 -75.82
N LYS G 86 -13.50 -97.49 -74.82
CA LYS G 86 -13.35 -96.05 -75.00
C LYS G 86 -11.90 -95.65 -75.19
N SER G 87 -11.00 -96.21 -74.39
CA SER G 87 -9.56 -96.00 -74.54
C SER G 87 -9.20 -94.53 -74.34
N GLN G 88 -9.68 -93.94 -73.26
CA GLN G 88 -9.31 -92.57 -72.93
C GLN G 88 -7.80 -92.46 -72.73
N ARG G 89 -7.22 -91.37 -73.24
CA ARG G 89 -5.77 -91.26 -73.24
C ARG G 89 -5.23 -90.83 -71.88
N CYS G 90 -5.97 -89.94 -71.21
CA CYS G 90 -5.59 -89.35 -69.93
C CYS G 90 -4.19 -88.76 -69.89
N VAL G 91 -3.66 -88.60 -68.67
CA VAL G 91 -2.32 -88.14 -68.38
C VAL G 91 -1.98 -88.68 -67.00
N SER G 92 -0.76 -89.14 -66.80
CA SER G 92 -0.33 -89.56 -65.48
C SER G 92 0.68 -88.55 -64.96
N THR G 93 0.74 -88.39 -63.66
CA THR G 93 1.65 -87.44 -63.04
C THR G 93 2.36 -88.10 -61.88
N PRO G 94 3.52 -87.58 -61.48
CA PRO G 94 4.18 -88.09 -60.27
C PRO G 94 3.41 -87.79 -59.00
N TRP G 95 2.43 -86.90 -59.06
CA TRP G 95 1.77 -86.40 -57.86
C TRP G 95 0.73 -87.38 -57.35
N SER G 96 0.52 -87.33 -56.04
CA SER G 96 -0.58 -88.00 -55.36
C SER G 96 -1.39 -86.93 -54.65
N TYR G 97 -2.62 -87.25 -54.29
CA TYR G 97 -3.49 -86.23 -53.74
C TYR G 97 -4.32 -86.80 -52.59
N PHE G 98 -4.75 -85.88 -51.73
CA PHE G 98 -5.64 -86.20 -50.62
C PHE G 98 -7.08 -85.96 -51.04
N ASN G 99 -7.89 -87.00 -50.99
CA ASN G 99 -9.32 -86.89 -51.23
C ASN G 99 -10.02 -87.00 -49.88
N PHE G 100 -10.62 -85.91 -49.43
CA PHE G 100 -11.36 -85.89 -48.18
C PHE G 100 -12.86 -86.03 -48.37
N ASN G 101 -13.33 -86.27 -49.59
CA ASN G 101 -14.74 -86.10 -49.90
C ASN G 101 -15.47 -87.42 -49.68
N GLN G 102 -16.20 -87.49 -48.57
CA GLN G 102 -17.14 -88.56 -48.23
C GLN G 102 -17.61 -88.27 -46.82
N TYR G 103 -18.78 -88.79 -46.47
CA TYR G 103 -19.25 -88.60 -45.10
C TYR G 103 -18.65 -89.62 -44.16
N SER G 104 -18.58 -90.88 -44.60
CA SER G 104 -18.11 -91.95 -43.73
C SER G 104 -16.68 -91.74 -43.27
N SER G 105 -15.95 -90.83 -43.90
CA SER G 105 -14.60 -90.54 -43.46
C SER G 105 -14.61 -89.66 -42.22
N HIS G 106 -15.52 -88.70 -42.16
CA HIS G 106 -15.53 -87.70 -41.11
C HIS G 106 -16.46 -88.04 -39.95
N PHE G 107 -17.31 -89.05 -40.09
CA PHE G 107 -18.31 -89.37 -39.08
C PHE G 107 -18.23 -90.84 -38.72
N SER G 108 -18.07 -91.12 -37.43
CA SER G 108 -18.23 -92.47 -36.97
C SER G 108 -19.68 -92.90 -37.15
N PRO G 109 -19.93 -94.20 -37.20
CA PRO G 109 -21.32 -94.65 -37.28
C PRO G 109 -22.19 -94.15 -36.16
N GLN G 110 -21.63 -93.75 -35.02
CA GLN G 110 -22.43 -93.08 -34.02
C GLN G 110 -22.54 -91.58 -34.22
N ASP G 111 -21.46 -90.90 -34.60
CA ASP G 111 -21.55 -89.47 -34.86
C ASP G 111 -22.57 -89.19 -35.95
N TRP G 112 -22.39 -89.79 -37.11
CA TRP G 112 -23.51 -90.00 -38.00
C TRP G 112 -24.53 -90.83 -37.23
N GLN G 113 -25.81 -90.55 -37.43
CA GLN G 113 -26.91 -91.04 -36.59
C GLN G 113 -27.05 -90.27 -35.30
N ARG G 114 -26.03 -89.58 -34.85
CA ARG G 114 -26.32 -88.57 -33.84
C ARG G 114 -26.83 -87.30 -34.47
N LEU G 115 -26.27 -86.90 -35.62
CA LEU G 115 -26.85 -85.78 -36.35
C LEU G 115 -28.04 -86.19 -37.20
N THR G 116 -28.00 -87.37 -37.78
CA THR G 116 -29.12 -87.80 -38.61
C THR G 116 -30.39 -87.90 -37.78
N ASN G 117 -30.27 -88.28 -36.51
CA ASN G 117 -31.43 -88.34 -35.65
C ASN G 117 -31.79 -86.97 -35.08
N GLU G 118 -30.79 -86.20 -34.69
CA GLU G 118 -31.04 -85.03 -33.86
C GLU G 118 -31.11 -83.70 -34.60
N TYR G 119 -30.93 -83.67 -35.91
CA TYR G 119 -30.86 -82.37 -36.58
C TYR G 119 -31.62 -82.36 -37.90
N LYS G 120 -32.21 -81.19 -38.20
CA LYS G 120 -32.88 -81.00 -39.48
C LYS G 120 -31.90 -81.02 -40.63
N ARG G 121 -30.84 -80.23 -40.53
CA ARG G 121 -30.03 -79.95 -41.69
C ARG G 121 -28.63 -79.60 -41.24
N PHE G 122 -27.68 -79.80 -42.15
CA PHE G 122 -26.30 -79.50 -41.84
C PHE G 122 -25.58 -79.21 -43.14
N ARG G 123 -24.54 -78.39 -43.04
CA ARG G 123 -23.65 -78.18 -44.16
C ARG G 123 -22.27 -77.93 -43.58
N PRO G 124 -21.22 -78.34 -44.26
CA PRO G 124 -19.88 -78.06 -43.73
C PRO G 124 -19.60 -76.57 -43.79
N LYS G 125 -19.19 -76.02 -42.64
CA LYS G 125 -18.89 -74.60 -42.56
C LYS G 125 -17.46 -74.30 -42.99
N GLY G 126 -16.51 -75.11 -42.55
CA GLY G 126 -15.11 -74.85 -42.82
C GLY G 126 -14.33 -76.13 -42.71
N MET G 127 -13.05 -76.05 -43.06
CA MET G 127 -12.19 -77.22 -43.10
C MET G 127 -10.77 -76.79 -42.78
N HIS G 128 -10.06 -77.61 -42.02
CA HIS G 128 -8.70 -77.29 -41.61
C HIS G 128 -7.90 -78.57 -41.68
N VAL G 129 -6.82 -78.56 -42.47
CA VAL G 129 -6.04 -79.76 -42.72
C VAL G 129 -4.60 -79.48 -42.32
N LYS G 130 -3.97 -80.47 -41.71
CA LYS G 130 -2.59 -80.33 -41.24
C LYS G 130 -1.81 -81.57 -41.62
N ILE G 131 -0.75 -81.38 -42.40
CA ILE G 131 0.24 -82.42 -42.65
C ILE G 131 1.32 -82.24 -41.59
N TYR G 132 1.73 -83.34 -40.97
CA TYR G 132 2.78 -83.24 -39.97
C TYR G 132 3.33 -84.64 -39.69
N ASN G 133 4.34 -84.68 -38.84
CA ASN G 133 5.00 -85.92 -38.46
C ASN G 133 5.44 -86.71 -39.69
N LEU G 134 6.15 -86.04 -40.59
CA LEU G 134 6.56 -86.65 -41.83
C LEU G 134 7.76 -87.56 -41.61
N GLN G 135 7.91 -88.56 -42.47
CA GLN G 135 9.02 -89.50 -42.42
C GLN G 135 9.39 -89.89 -43.83
N ILE G 136 10.69 -89.91 -44.14
CA ILE G 136 11.19 -90.36 -45.43
C ILE G 136 12.04 -91.58 -45.17
N LYS G 137 11.63 -92.75 -45.64
CA LYS G 137 12.23 -93.98 -45.17
C LYS G 137 13.25 -94.63 -46.10
N GLN G 138 13.45 -94.15 -47.31
CA GLN G 138 14.57 -94.63 -48.13
C GLN G 138 14.53 -96.15 -48.33
N ILE G 139 13.63 -96.60 -49.20
CA ILE G 139 13.59 -98.02 -49.54
C ILE G 139 14.95 -98.48 -50.04
N LEU G 140 15.38 -99.65 -49.57
CA LEU G 140 16.54 -100.34 -50.13
C LEU G 140 16.18 -101.77 -50.48
N SER G 141 16.85 -102.31 -51.48
CA SER G 141 16.70 -103.70 -51.88
C SER G 141 18.07 -104.31 -52.11
N ASN G 142 18.40 -105.34 -51.33
CA ASN G 142 19.59 -106.14 -51.55
C ASN G 142 19.29 -107.34 -52.44
N GLY G 143 18.09 -107.39 -52.99
CA GLY G 143 17.53 -108.56 -53.61
C GLY G 143 16.64 -109.26 -52.61
N ALA G 144 15.52 -109.79 -53.09
CA ALA G 144 14.42 -110.29 -52.25
C ALA G 144 14.10 -109.21 -51.21
N ASP G 145 13.74 -109.58 -49.98
CA ASP G 145 13.73 -108.76 -48.76
C ASP G 145 13.25 -107.32 -48.95
N THR G 146 13.85 -106.42 -48.19
CA THR G 146 13.89 -104.95 -48.29
C THR G 146 14.54 -104.43 -47.01
N THR G 147 15.00 -103.19 -47.03
CA THR G 147 15.43 -102.54 -45.80
C THR G 147 15.05 -101.07 -45.90
N TYR G 148 14.83 -100.46 -44.74
CA TYR G 148 14.42 -99.06 -44.66
C TYR G 148 15.38 -98.36 -43.70
N ASN G 149 16.20 -97.47 -44.23
CA ASN G 149 17.26 -96.88 -43.41
C ASN G 149 16.77 -95.64 -42.69
N ASN G 150 15.47 -95.39 -42.76
CA ASN G 150 14.91 -94.08 -42.51
C ASN G 150 15.61 -93.14 -43.48
N ASP G 151 15.79 -91.88 -43.07
CA ASP G 151 16.47 -90.91 -43.90
C ASP G 151 16.36 -89.56 -43.21
N LEU G 152 17.25 -88.66 -43.55
CA LEU G 152 17.12 -87.26 -43.25
C LEU G 152 17.55 -86.52 -44.50
N THR G 153 17.53 -85.20 -44.45
CA THR G 153 17.88 -84.37 -45.58
C THR G 153 17.12 -84.81 -46.83
N ALA G 154 15.84 -85.11 -46.70
CA ALA G 154 14.98 -85.43 -47.82
C ALA G 154 13.72 -84.58 -47.70
N GLY G 155 12.91 -84.55 -48.76
CA GLY G 155 11.86 -83.58 -48.86
C GLY G 155 10.61 -84.14 -49.51
N VAL G 156 9.53 -83.41 -49.33
CA VAL G 156 8.22 -83.77 -49.83
C VAL G 156 7.55 -82.50 -50.33
N HIS G 157 7.09 -82.54 -51.57
CA HIS G 157 6.35 -81.43 -52.15
C HIS G 157 4.90 -81.50 -51.72
N ILE G 158 4.34 -80.38 -51.32
CA ILE G 158 2.94 -80.31 -50.92
C ILE G 158 2.34 -79.07 -51.55
N PHE G 159 1.27 -79.27 -52.32
CA PHE G 159 0.67 -78.21 -53.11
C PHE G 159 -0.84 -78.26 -52.95
N CYS G 160 -1.46 -77.09 -52.84
CA CYS G 160 -2.90 -76.97 -52.68
C CYS G 160 -3.46 -76.05 -53.76
N ASP G 161 -4.71 -76.27 -54.13
CA ASP G 161 -5.40 -75.43 -55.10
C ASP G 161 -6.36 -74.48 -54.39
N GLY G 162 -6.03 -73.21 -54.35
CA GLY G 162 -7.00 -72.24 -53.90
C GLY G 162 -7.78 -71.67 -55.05
N GLU G 163 -7.16 -71.68 -56.24
CA GLU G 163 -7.79 -71.13 -57.43
C GLU G 163 -8.58 -72.17 -58.20
N HIS G 164 -8.38 -73.45 -57.91
CA HIS G 164 -8.88 -74.56 -58.70
C HIS G 164 -8.47 -74.47 -60.15
N ALA G 165 -7.33 -73.84 -60.44
CA ALA G 165 -6.59 -74.19 -61.63
C ALA G 165 -6.13 -75.62 -61.50
N TYR G 166 -5.82 -76.25 -62.62
CA TYR G 166 -5.47 -77.66 -62.73
C TYR G 166 -6.72 -78.53 -62.72
N PRO G 167 -6.65 -79.69 -63.37
CA PRO G 167 -7.86 -80.48 -63.65
C PRO G 167 -8.58 -81.09 -62.46
N ASN G 168 -8.07 -80.98 -61.23
CA ASN G 168 -8.72 -81.38 -59.98
C ASN G 168 -9.29 -82.81 -60.00
N ALA G 169 -8.41 -83.79 -59.75
CA ALA G 169 -8.76 -85.20 -59.86
C ALA G 169 -10.08 -85.56 -59.20
N THR G 170 -10.38 -84.97 -58.05
CA THR G 170 -11.47 -85.45 -57.21
C THR G 170 -12.77 -85.55 -58.01
N HIS G 171 -13.36 -86.73 -57.98
CA HIS G 171 -14.65 -87.08 -58.53
C HIS G 171 -15.46 -87.64 -57.38
N PRO G 172 -16.77 -87.36 -57.32
CA PRO G 172 -17.52 -87.69 -56.10
C PRO G 172 -17.36 -89.11 -55.58
N TRP G 173 -17.50 -90.11 -56.41
CA TRP G 173 -17.53 -91.48 -55.88
C TRP G 173 -16.12 -92.02 -55.75
N ASP G 174 -15.50 -92.33 -56.89
CA ASP G 174 -14.11 -92.81 -56.94
C ASP G 174 -13.97 -93.94 -55.91
N GLU G 175 -12.94 -93.92 -55.09
CA GLU G 175 -12.57 -94.99 -54.17
C GLU G 175 -12.06 -94.25 -52.95
N ASP G 176 -11.37 -94.97 -52.08
CA ASP G 176 -10.38 -94.38 -51.16
C ASP G 176 -11.03 -93.26 -50.35
N VAL G 177 -10.70 -92.00 -50.58
CA VAL G 177 -10.96 -90.88 -49.68
C VAL G 177 -10.22 -91.28 -48.42
N MET G 178 -10.70 -90.89 -47.26
CA MET G 178 -10.07 -91.34 -46.04
C MET G 178 -10.65 -92.69 -45.69
N PRO G 179 -9.89 -93.60 -45.11
CA PRO G 179 -10.50 -94.83 -44.63
C PRO G 179 -11.50 -94.46 -43.55
N GLU G 180 -12.72 -94.97 -43.68
CA GLU G 180 -13.76 -94.63 -42.74
C GLU G 180 -13.35 -94.93 -41.32
N LEU G 181 -12.36 -95.79 -41.15
CA LEU G 181 -11.92 -96.29 -39.87
C LEU G 181 -10.53 -95.75 -39.60
N PRO G 182 -10.28 -95.02 -38.49
CA PRO G 182 -8.92 -94.55 -38.23
C PRO G 182 -7.97 -95.71 -37.99
N TYR G 183 -6.72 -95.43 -37.61
CA TYR G 183 -5.67 -96.42 -37.39
C TYR G 183 -5.39 -97.22 -38.66
N GLN G 184 -6.20 -97.03 -39.68
CA GLN G 184 -6.05 -97.71 -40.95
C GLN G 184 -5.23 -96.81 -41.85
N THR G 185 -4.05 -97.27 -42.24
CA THR G 185 -3.17 -96.42 -43.03
C THR G 185 -3.81 -96.06 -44.35
N TRP G 186 -3.52 -94.86 -44.83
CA TRP G 186 -4.21 -94.31 -45.98
C TRP G 186 -3.26 -94.19 -47.15
N TYR G 187 -3.43 -95.04 -48.14
CA TYR G 187 -2.57 -95.03 -49.31
C TYR G 187 -3.10 -94.03 -50.31
N LEU G 188 -2.27 -93.08 -50.69
CA LEU G 188 -2.64 -92.08 -51.66
C LEU G 188 -2.68 -92.66 -53.06
N PHE G 189 -3.36 -91.96 -53.94
CA PHE G 189 -3.55 -92.38 -55.33
C PHE G 189 -2.98 -91.36 -56.29
N GLN G 190 -2.52 -91.85 -57.43
CA GLN G 190 -1.83 -91.01 -58.39
C GLN G 190 -2.78 -89.99 -58.99
N TYR G 191 -2.26 -88.80 -59.26
CA TYR G 191 -3.04 -87.75 -59.89
C TYR G 191 -2.94 -87.85 -61.39
N GLY G 192 -4.08 -87.81 -62.06
CA GLY G 192 -4.12 -87.85 -63.50
C GLY G 192 -5.34 -87.08 -63.97
N TYR G 193 -5.39 -86.84 -65.28
CA TYR G 193 -6.51 -86.12 -65.82
C TYR G 193 -6.66 -86.41 -67.30
N ILE G 194 -7.86 -86.21 -67.81
CA ILE G 194 -8.13 -86.39 -69.23
C ILE G 194 -7.82 -85.07 -69.96
N PRO G 195 -6.78 -85.00 -70.76
CA PRO G 195 -6.56 -83.77 -71.53
C PRO G 195 -7.63 -83.53 -72.58
N VAL G 196 -7.98 -84.54 -73.36
CA VAL G 196 -8.97 -84.46 -74.43
C VAL G 196 -9.54 -85.84 -74.69
N ILE G 197 -10.78 -85.87 -75.19
CA ILE G 197 -11.40 -87.13 -75.62
C ILE G 197 -10.46 -87.84 -76.58
N HIS G 198 -10.22 -89.12 -76.34
CA HIS G 198 -9.25 -89.85 -77.16
C HIS G 198 -9.71 -89.95 -78.60
N GLU G 199 -10.92 -90.48 -78.82
CA GLU G 199 -11.53 -90.29 -80.12
C GLU G 199 -11.72 -88.80 -80.34
N LEU G 200 -11.82 -88.39 -81.60
CA LEU G 200 -11.77 -86.97 -81.92
C LEU G 200 -10.39 -86.40 -81.55
N ALA G 201 -9.43 -86.58 -82.48
CA ALA G 201 -7.98 -86.57 -82.30
C ALA G 201 -7.33 -87.94 -82.26
N GLU G 202 -8.09 -89.01 -82.49
CA GLU G 202 -7.48 -90.34 -82.55
C GLU G 202 -6.20 -90.46 -83.41
N MET G 203 -6.10 -89.88 -84.62
CA MET G 203 -7.16 -89.31 -85.44
C MET G 203 -7.14 -90.05 -86.78
N GLU G 204 -8.25 -90.02 -87.51
CA GLU G 204 -8.35 -90.86 -88.70
C GLU G 204 -7.97 -90.09 -89.95
N ASP G 205 -6.79 -90.41 -90.50
CA ASP G 205 -6.33 -89.91 -91.79
C ASP G 205 -6.49 -88.40 -91.90
N SER G 206 -6.87 -87.93 -93.09
CA SER G 206 -7.44 -86.60 -93.30
C SER G 206 -6.60 -85.52 -92.51
N ASN G 207 -7.05 -84.71 -91.54
CA ASN G 207 -8.42 -84.43 -91.09
C ASN G 207 -8.61 -82.93 -90.92
N ALA G 208 -7.80 -82.37 -90.02
CA ALA G 208 -7.71 -80.95 -89.70
C ALA G 208 -8.85 -80.48 -88.80
N VAL G 209 -9.93 -81.27 -88.73
CA VAL G 209 -10.93 -81.03 -87.69
C VAL G 209 -10.53 -81.74 -86.40
N GLU G 210 -9.96 -82.94 -86.51
CA GLU G 210 -9.39 -83.59 -85.33
C GLU G 210 -7.92 -83.25 -85.15
N LYS G 211 -7.29 -82.66 -86.17
CA LYS G 211 -5.96 -82.11 -85.97
C LYS G 211 -6.01 -80.99 -84.96
N ALA G 212 -6.87 -80.01 -85.21
CA ALA G 212 -7.33 -79.17 -84.12
C ALA G 212 -8.10 -80.05 -83.13
N ILE G 213 -8.10 -79.63 -81.86
CA ILE G 213 -8.56 -80.39 -80.71
C ILE G 213 -7.51 -81.42 -80.32
N CYS G 214 -6.66 -81.82 -81.26
CA CYS G 214 -5.44 -82.52 -80.89
C CYS G 214 -4.33 -81.54 -80.58
N LEU G 215 -4.20 -80.50 -81.40
CA LEU G 215 -3.22 -79.46 -81.14
C LEU G 215 -3.55 -78.68 -79.88
N GLN G 216 -4.83 -78.58 -79.55
CA GLN G 216 -5.23 -77.70 -78.46
C GLN G 216 -5.25 -78.41 -77.12
N ILE G 217 -4.85 -79.68 -77.05
CA ILE G 217 -4.98 -80.38 -75.79
C ILE G 217 -4.06 -79.66 -74.80
N PRO G 218 -4.57 -79.20 -73.68
CA PRO G 218 -3.73 -78.51 -72.71
C PRO G 218 -2.91 -79.52 -71.93
N PHE G 219 -1.77 -79.05 -71.44
CA PHE G 219 -0.88 -79.87 -70.65
C PHE G 219 -0.57 -79.14 -69.36
N PHE G 220 -1.04 -79.69 -68.25
CA PHE G 220 -0.92 -79.05 -66.95
C PHE G 220 0.17 -79.74 -66.16
N MET G 221 0.89 -78.95 -65.37
CA MET G 221 1.99 -79.44 -64.58
C MET G 221 1.90 -78.79 -63.22
N LEU G 222 2.10 -79.55 -62.17
CA LEU G 222 2.01 -79.01 -60.85
C LEU G 222 3.29 -78.34 -60.40
N GLU G 223 4.29 -78.27 -61.28
CA GLU G 223 5.52 -77.61 -60.85
C GLU G 223 5.34 -76.12 -60.91
N ASN G 224 5.36 -75.49 -62.09
CA ASN G 224 4.58 -74.29 -62.36
C ASN G 224 4.40 -73.43 -61.12
N SER G 225 3.15 -73.24 -60.71
CA SER G 225 2.84 -72.51 -59.49
C SER G 225 3.61 -73.08 -58.31
N ASP G 226 4.08 -72.18 -57.44
CA ASP G 226 4.96 -72.57 -56.36
C ASP G 226 4.24 -73.38 -55.30
N HIS G 227 5.01 -74.14 -54.54
CA HIS G 227 4.49 -74.98 -53.48
C HIS G 227 5.59 -75.28 -52.48
N GLU G 228 5.19 -75.76 -51.32
CA GLU G 228 6.13 -75.97 -50.23
C GLU G 228 6.77 -77.35 -50.30
N VAL G 229 8.06 -77.40 -49.97
CA VAL G 229 8.76 -78.64 -49.73
C VAL G 229 8.96 -78.74 -48.23
N LEU G 230 8.95 -79.96 -47.71
CA LEU G 230 9.06 -80.18 -46.28
C LEU G 230 10.06 -81.28 -46.00
N ARG G 231 11.02 -81.01 -45.13
CA ARG G 231 11.75 -82.11 -44.54
C ARG G 231 10.93 -82.66 -43.39
N THR G 232 11.55 -83.52 -42.58
CA THR G 232 10.82 -84.17 -41.49
C THR G 232 10.27 -83.16 -40.49
N GLY G 233 11.13 -82.34 -39.88
CA GLY G 233 10.70 -81.49 -38.79
C GLY G 233 9.60 -80.51 -39.13
N GLU G 234 9.44 -80.18 -40.41
CA GLU G 234 8.46 -79.20 -40.84
C GLU G 234 7.08 -79.82 -40.98
N SER G 235 6.07 -78.96 -40.90
CA SER G 235 4.68 -79.33 -41.16
C SER G 235 4.02 -78.27 -42.04
N THR G 236 2.73 -78.45 -42.29
CA THR G 236 1.98 -77.50 -43.09
C THR G 236 0.52 -77.55 -42.68
N GLU G 237 -0.15 -76.40 -42.76
CA GLU G 237 -1.57 -76.29 -42.51
C GLU G 237 -2.28 -75.79 -43.76
N PHE G 238 -3.55 -76.13 -43.87
CA PHE G 238 -4.40 -75.59 -44.91
C PHE G 238 -5.78 -75.34 -44.34
N THR G 239 -6.41 -74.26 -44.76
CA THR G 239 -7.77 -73.96 -44.34
C THR G 239 -8.67 -73.86 -45.56
N PHE G 240 -9.96 -74.02 -45.32
CA PHE G 240 -10.95 -73.91 -46.39
C PHE G 240 -12.23 -73.35 -45.81
N ASN G 241 -12.93 -72.58 -46.61
CA ASN G 241 -14.25 -72.08 -46.25
C ASN G 241 -15.20 -72.47 -47.36
N PHE G 242 -16.46 -72.67 -47.00
CA PHE G 242 -17.45 -73.22 -47.91
C PHE G 242 -18.58 -72.23 -48.10
N ASP G 243 -18.83 -71.86 -49.36
CA ASP G 243 -20.12 -71.33 -49.76
C ASP G 243 -20.91 -72.53 -50.24
N CYS G 244 -21.91 -72.92 -49.47
CA CYS G 244 -22.41 -74.28 -49.57
C CYS G 244 -23.90 -74.31 -49.23
N GLU G 245 -24.62 -75.19 -49.90
CA GLU G 245 -26.04 -75.36 -49.69
C GLU G 245 -26.29 -76.38 -48.58
N TRP G 246 -27.31 -76.13 -47.78
CA TRP G 246 -27.70 -77.08 -46.75
C TRP G 246 -28.08 -78.41 -47.38
N ILE G 247 -27.82 -79.50 -46.67
CA ILE G 247 -28.40 -80.79 -46.98
C ILE G 247 -29.41 -81.10 -45.87
N ASN G 248 -30.64 -81.38 -46.26
CA ASN G 248 -31.75 -81.39 -45.33
C ASN G 248 -32.11 -82.82 -44.93
N ASN G 249 -32.11 -83.06 -43.63
CA ASN G 249 -32.63 -84.30 -43.07
C ASN G 249 -34.03 -83.99 -42.55
N GLU G 250 -35.04 -84.46 -43.25
CA GLU G 250 -36.44 -84.11 -43.08
C GLU G 250 -37.24 -85.00 -44.00
N ARG G 251 -38.52 -85.12 -43.71
CA ARG G 251 -39.37 -86.05 -44.42
C ARG G 251 -40.73 -85.41 -44.64
N ALA G 252 -41.23 -85.49 -45.86
CA ALA G 252 -42.57 -85.06 -46.16
C ALA G 252 -43.49 -86.25 -46.00
N TYR G 253 -44.44 -86.14 -45.08
CA TYR G 253 -45.38 -87.23 -44.82
C TYR G 253 -46.46 -87.33 -45.88
N ILE G 254 -46.62 -86.32 -46.73
CA ILE G 254 -47.58 -86.34 -47.83
C ILE G 254 -46.95 -85.71 -49.06
N PRO G 255 -47.44 -86.06 -50.24
CA PRO G 255 -47.03 -85.34 -51.44
C PRO G 255 -47.40 -83.88 -51.33
N PRO G 256 -46.71 -83.00 -52.06
CA PRO G 256 -47.08 -81.59 -51.99
C PRO G 256 -48.45 -81.30 -52.55
N GLY G 257 -48.93 -82.10 -53.48
CA GLY G 257 -50.27 -81.91 -54.01
C GLY G 257 -51.37 -82.44 -53.13
N LEU G 258 -51.04 -83.08 -52.04
CA LEU G 258 -52.01 -83.66 -51.13
C LEU G 258 -52.37 -82.72 -49.99
N MET G 259 -51.89 -81.48 -50.04
CA MET G 259 -52.11 -80.52 -48.95
C MET G 259 -53.41 -79.78 -49.24
N PHE G 260 -54.43 -80.05 -48.44
CA PHE G 260 -55.71 -79.35 -48.52
C PHE G 260 -56.61 -79.93 -47.44
N ASN G 261 -57.65 -79.19 -47.12
CA ASN G 261 -58.64 -79.69 -46.18
C ASN G 261 -59.69 -80.44 -46.96
N PRO G 262 -59.72 -81.77 -46.89
CA PRO G 262 -60.65 -82.53 -47.72
C PRO G 262 -62.09 -82.40 -47.26
N LEU G 263 -62.31 -81.89 -46.04
CA LEU G 263 -63.66 -81.69 -45.57
C LEU G 263 -64.35 -80.56 -46.33
N VAL G 264 -63.61 -79.49 -46.62
CA VAL G 264 -64.23 -78.30 -47.20
C VAL G 264 -64.50 -78.54 -48.68
N PRO G 265 -65.68 -78.21 -49.18
CA PRO G 265 -65.93 -78.32 -50.62
C PRO G 265 -65.09 -77.33 -51.39
N THR G 266 -64.95 -77.59 -52.68
CA THR G 266 -64.14 -76.75 -53.54
C THR G 266 -65.00 -76.07 -54.58
N ARG G 267 -64.60 -74.88 -54.99
CA ARG G 267 -65.21 -74.23 -56.13
C ARG G 267 -64.34 -74.41 -57.35
N ARG G 268 -64.75 -75.34 -58.21
CA ARG G 268 -64.00 -75.76 -59.40
C ARG G 268 -64.87 -76.74 -60.13
N ALA G 269 -64.57 -77.02 -61.40
CA ALA G 269 -65.40 -77.94 -62.15
C ALA G 269 -64.53 -78.75 -63.10
N GLN G 270 -65.05 -79.90 -63.48
CA GLN G 270 -64.39 -80.82 -64.38
C GLN G 270 -65.28 -80.99 -65.61
N TYR G 271 -64.82 -80.49 -66.75
CA TYR G 271 -65.43 -80.86 -68.02
C TYR G 271 -64.69 -82.10 -68.50
N ILE G 272 -65.44 -83.08 -68.98
CA ILE G 272 -64.87 -84.31 -69.48
C ILE G 272 -65.36 -84.53 -70.90
N ARG G 273 -64.42 -84.69 -71.83
CA ARG G 273 -64.77 -84.83 -73.24
C ARG G 273 -65.60 -86.08 -73.48
N ARG G 274 -66.37 -86.06 -74.57
CA ARG G 274 -67.04 -87.27 -75.03
C ARG G 274 -66.04 -88.41 -75.14
N ASN G 275 -66.41 -89.57 -74.61
CA ASN G 275 -65.42 -90.62 -74.43
C ASN G 275 -65.10 -91.34 -75.74
N ASN G 276 -66.04 -91.34 -76.69
CA ASN G 276 -65.84 -91.97 -77.99
C ASN G 276 -65.37 -93.41 -77.82
N ASN G 277 -66.31 -94.26 -77.41
CA ASN G 277 -66.09 -95.61 -76.89
C ASN G 277 -65.45 -95.47 -75.51
N PRO G 278 -65.80 -96.38 -74.58
CA PRO G 278 -66.99 -97.24 -74.65
C PRO G 278 -68.32 -96.49 -74.64
N GLN G 279 -68.46 -95.51 -73.74
CA GLN G 279 -69.76 -94.96 -73.41
C GLN G 279 -69.56 -93.69 -72.59
N THR G 280 -70.61 -93.19 -71.93
CA THR G 280 -70.53 -92.04 -71.03
C THR G 280 -70.18 -90.74 -71.74
N ALA G 281 -71.18 -90.16 -72.41
CA ALA G 281 -71.02 -88.88 -73.11
C ALA G 281 -70.65 -87.78 -72.13
N GLU G 282 -70.11 -86.69 -72.69
CA GLU G 282 -69.47 -85.63 -71.91
C GLU G 282 -70.40 -85.06 -70.86
N SER G 283 -69.81 -84.67 -69.73
CA SER G 283 -70.53 -84.03 -68.65
C SER G 283 -69.58 -83.15 -67.86
N THR G 284 -70.12 -82.09 -67.28
CA THR G 284 -69.39 -81.24 -66.35
C THR G 284 -69.90 -81.48 -64.93
N SER G 285 -69.00 -81.34 -63.96
CA SER G 285 -69.34 -81.64 -62.57
C SER G 285 -68.39 -80.90 -61.65
N ARG G 286 -68.83 -80.72 -60.41
CA ARG G 286 -67.98 -80.10 -59.41
C ARG G 286 -66.97 -81.10 -58.88
N ILE G 287 -65.76 -80.62 -58.63
CA ILE G 287 -64.72 -81.47 -58.09
C ILE G 287 -65.06 -81.85 -56.67
N ALA G 288 -64.88 -83.13 -56.35
CA ALA G 288 -65.22 -83.64 -55.04
C ALA G 288 -64.42 -82.93 -53.96
N PRO G 289 -64.95 -82.86 -52.73
CA PRO G 289 -64.21 -82.16 -51.67
C PRO G 289 -62.86 -82.77 -51.40
N TYR G 290 -62.80 -84.09 -51.27
CA TYR G 290 -61.55 -84.81 -51.33
C TYR G 290 -61.00 -84.73 -52.74
N ALA G 291 -59.70 -84.98 -52.88
CA ALA G 291 -59.06 -85.06 -54.19
C ALA G 291 -59.24 -83.76 -54.97
N LYS G 292 -58.87 -82.67 -54.35
CA LYS G 292 -58.87 -81.40 -55.04
C LYS G 292 -57.66 -81.32 -55.96
N PRO G 293 -57.78 -80.59 -57.07
CA PRO G 293 -56.65 -80.45 -57.98
C PRO G 293 -55.51 -79.69 -57.31
N THR G 294 -54.35 -79.80 -57.92
CA THR G 294 -53.17 -79.19 -57.34
C THR G 294 -52.33 -78.50 -58.41
N SER G 295 -51.54 -77.55 -57.95
CA SER G 295 -50.32 -77.14 -58.61
C SER G 295 -49.22 -78.12 -58.25
N TRP G 296 -47.98 -77.69 -58.42
CA TRP G 296 -46.87 -78.44 -57.86
C TRP G 296 -46.69 -79.80 -58.53
N MET G 297 -46.16 -79.72 -59.74
CA MET G 297 -45.72 -80.80 -60.60
C MET G 297 -44.61 -81.60 -59.93
N THR G 298 -44.44 -82.84 -60.38
CA THR G 298 -43.39 -83.70 -59.86
C THR G 298 -42.02 -83.29 -60.41
N GLY G 299 -40.98 -83.67 -59.68
CA GLY G 299 -39.63 -83.40 -60.09
C GLY G 299 -39.26 -84.12 -61.37
N PRO G 300 -38.25 -83.63 -62.06
CA PRO G 300 -37.90 -84.19 -63.37
C PRO G 300 -37.10 -85.47 -63.25
N GLY G 301 -37.19 -86.29 -64.30
CA GLY G 301 -36.42 -87.51 -64.40
C GLY G 301 -36.37 -87.93 -65.84
N LEU G 302 -35.50 -88.90 -66.14
CA LEU G 302 -35.46 -89.54 -67.44
C LEU G 302 -35.53 -91.05 -67.25
N LEU G 303 -36.67 -91.65 -67.56
CA LEU G 303 -36.89 -93.06 -67.36
C LEU G 303 -36.89 -93.92 -68.62
N SER G 304 -36.75 -93.36 -69.81
CA SER G 304 -37.03 -94.17 -71.00
C SER G 304 -35.87 -95.07 -71.38
N ALA G 305 -34.64 -94.57 -71.23
CA ALA G 305 -33.45 -95.21 -71.76
C ALA G 305 -33.13 -96.51 -71.04
N GLN G 306 -32.28 -97.31 -71.66
CA GLN G 306 -31.73 -98.52 -71.06
C GLN G 306 -30.24 -98.56 -71.30
N ARG G 307 -29.49 -99.04 -70.31
CA ARG G 307 -28.04 -99.15 -70.47
C ARG G 307 -27.71 -100.04 -71.66
N VAL G 308 -26.66 -99.66 -72.38
CA VAL G 308 -26.39 -100.17 -73.71
C VAL G 308 -25.09 -100.95 -73.74
N GLY G 309 -25.21 -102.25 -73.97
CA GLY G 309 -24.08 -103.06 -74.34
C GLY G 309 -23.31 -103.64 -73.18
N PRO G 310 -22.11 -104.15 -73.47
CA PRO G 310 -21.35 -104.87 -72.44
C PRO G 310 -20.70 -103.92 -71.45
N ALA G 311 -20.40 -104.46 -70.27
CA ALA G 311 -19.68 -103.69 -69.27
C ALA G 311 -18.28 -103.38 -69.75
N THR G 312 -17.67 -102.38 -69.12
CA THR G 312 -16.36 -101.77 -69.42
C THR G 312 -16.46 -100.89 -70.66
N SER G 313 -17.60 -100.86 -71.33
CA SER G 313 -17.83 -99.99 -72.48
C SER G 313 -18.49 -98.68 -72.10
N ASP G 314 -18.64 -98.39 -70.81
CA ASP G 314 -19.37 -97.21 -70.33
C ASP G 314 -20.83 -97.23 -70.75
N THR G 315 -21.61 -98.10 -70.10
CA THR G 315 -23.04 -98.12 -70.39
C THR G 315 -23.75 -97.19 -69.42
N GLY G 316 -24.20 -96.05 -69.91
CA GLY G 316 -24.86 -95.08 -69.05
C GLY G 316 -26.35 -94.95 -69.21
N ALA G 317 -26.88 -95.50 -70.30
CA ALA G 317 -28.24 -95.35 -70.82
C ALA G 317 -28.49 -93.93 -71.33
N TRP G 318 -27.69 -92.95 -70.93
CA TRP G 318 -27.74 -91.61 -71.50
C TRP G 318 -26.30 -91.16 -71.69
N MET G 319 -25.90 -90.94 -72.93
CA MET G 319 -24.56 -90.48 -73.23
C MET G 319 -24.65 -89.03 -73.64
N VAL G 320 -23.83 -88.17 -73.02
CA VAL G 320 -23.87 -86.75 -73.34
C VAL G 320 -23.07 -86.46 -74.60
N ALA G 321 -21.89 -87.05 -74.72
CA ALA G 321 -20.99 -86.90 -75.85
C ALA G 321 -20.74 -85.46 -76.28
N VAL G 322 -20.40 -85.28 -77.56
CA VAL G 322 -20.16 -83.97 -78.16
C VAL G 322 -20.71 -83.91 -79.58
N LYS G 323 -20.16 -84.73 -80.47
CA LYS G 323 -20.47 -84.70 -81.89
C LYS G 323 -20.15 -83.35 -82.55
N PRO G 324 -18.88 -83.01 -82.70
CA PRO G 324 -18.53 -81.92 -83.62
C PRO G 324 -18.93 -82.26 -85.04
N GLU G 325 -19.06 -81.23 -85.87
CA GLU G 325 -19.83 -81.37 -87.10
C GLU G 325 -19.19 -82.37 -88.06
N ASN G 326 -17.87 -82.32 -88.20
CA ASN G 326 -17.21 -83.32 -89.04
C ASN G 326 -16.51 -84.37 -88.20
N ALA G 327 -15.34 -84.02 -87.69
CA ALA G 327 -14.47 -84.90 -86.90
C ALA G 327 -14.32 -86.24 -87.63
N SER G 328 -14.25 -87.31 -86.86
CA SER G 328 -14.49 -88.67 -87.32
C SER G 328 -14.75 -89.49 -86.08
N ILE G 329 -15.46 -90.61 -86.25
CA ILE G 329 -15.88 -91.40 -85.10
C ILE G 329 -15.79 -92.87 -85.47
N ASP G 330 -15.25 -93.65 -84.54
CA ASP G 330 -15.18 -95.10 -84.64
C ASP G 330 -16.55 -95.67 -84.29
N THR G 331 -16.63 -96.97 -84.05
CA THR G 331 -17.85 -97.52 -83.45
C THR G 331 -18.20 -96.72 -82.21
N GLY G 332 -19.47 -96.36 -82.09
CA GLY G 332 -19.89 -95.42 -81.07
C GLY G 332 -20.35 -94.09 -81.64
N MET G 333 -21.05 -93.22 -80.88
CA MET G 333 -21.53 -93.38 -79.49
C MET G 333 -20.49 -93.95 -78.51
N SER G 334 -20.81 -95.06 -77.85
CA SER G 334 -19.87 -95.79 -77.00
C SER G 334 -19.25 -94.87 -75.89
N GLY G 335 -17.96 -94.52 -75.80
CA GLY G 335 -16.93 -94.39 -76.84
C GLY G 335 -16.65 -92.93 -77.14
N ILE G 336 -17.65 -92.09 -76.86
CA ILE G 336 -17.46 -90.65 -76.76
C ILE G 336 -18.40 -90.18 -75.67
N GLY G 337 -17.98 -89.14 -74.95
CA GLY G 337 -18.80 -88.61 -73.89
C GLY G 337 -18.98 -89.56 -72.73
N SER G 338 -19.86 -89.15 -71.82
CA SER G 338 -19.99 -89.78 -70.52
C SER G 338 -21.41 -90.27 -70.31
N GLY G 339 -21.56 -91.37 -69.56
CA GLY G 339 -22.88 -91.81 -69.18
C GLY G 339 -23.45 -90.94 -68.07
N PHE G 340 -24.73 -90.64 -68.18
CA PHE G 340 -25.43 -89.84 -67.19
C PHE G 340 -26.12 -90.78 -66.21
N ASP G 341 -25.77 -90.65 -64.93
CA ASP G 341 -26.21 -91.61 -63.93
C ASP G 341 -26.43 -90.91 -62.59
N PRO G 342 -27.47 -91.32 -61.84
CA PRO G 342 -28.71 -91.96 -62.26
C PRO G 342 -29.74 -91.02 -62.86
N PRO G 343 -30.26 -91.34 -64.04
CA PRO G 343 -31.62 -90.92 -64.35
C PRO G 343 -32.67 -91.96 -63.91
N GLN G 344 -33.84 -91.64 -63.36
CA GLN G 344 -34.12 -90.59 -62.38
C GLN G 344 -33.71 -89.17 -62.83
N GLY G 345 -33.25 -88.21 -62.00
CA GLY G 345 -33.35 -88.12 -60.55
C GLY G 345 -34.78 -88.08 -60.06
N SER G 346 -34.96 -88.21 -58.75
CA SER G 346 -36.28 -88.32 -58.15
C SER G 346 -37.09 -89.40 -58.85
N LEU G 347 -38.37 -89.13 -59.11
CA LEU G 347 -39.16 -89.86 -60.08
C LEU G 347 -38.95 -91.36 -59.99
N ALA G 348 -39.55 -92.00 -58.98
CA ALA G 348 -39.14 -93.31 -58.51
C ALA G 348 -38.88 -94.28 -59.67
N PRO G 349 -37.75 -94.99 -59.68
CA PRO G 349 -37.34 -95.74 -60.87
C PRO G 349 -38.16 -97.00 -61.08
N THR G 350 -38.04 -97.54 -62.29
CA THR G 350 -38.73 -98.76 -62.65
C THR G 350 -38.00 -99.98 -62.09
N ASN G 351 -36.80 -100.26 -62.58
CA ASN G 351 -36.09 -101.42 -62.08
C ASN G 351 -34.74 -101.03 -61.49
N LEU G 352 -33.98 -102.04 -61.10
CA LEU G 352 -32.69 -101.88 -60.42
C LEU G 352 -31.73 -101.04 -61.24
N GLU G 353 -31.93 -101.03 -62.57
CA GLU G 353 -30.96 -100.41 -63.47
C GLU G 353 -30.75 -98.93 -63.17
N TYR G 354 -31.75 -98.27 -62.60
CA TYR G 354 -31.68 -96.86 -62.26
C TYR G 354 -31.40 -96.59 -60.80
N LYS G 355 -31.21 -97.63 -59.99
CA LYS G 355 -31.35 -97.53 -58.55
C LYS G 355 -30.05 -97.16 -57.86
N ILE G 356 -29.04 -96.75 -58.63
CA ILE G 356 -27.65 -96.60 -58.26
C ILE G 356 -27.17 -97.96 -57.75
N GLN G 357 -26.09 -97.97 -56.96
CA GLN G 357 -25.50 -99.16 -56.37
C GLN G 357 -24.09 -98.75 -55.93
N TRP G 358 -23.45 -99.46 -55.01
CA TRP G 358 -22.01 -99.35 -54.86
C TRP G 358 -21.51 -100.53 -54.05
N TYR G 359 -20.21 -100.80 -54.14
CA TYR G 359 -19.67 -102.00 -53.52
C TYR G 359 -19.11 -101.74 -52.12
N GLN G 360 -18.93 -100.48 -51.74
CA GLN G 360 -18.38 -100.08 -50.45
C GLN G 360 -17.16 -100.90 -50.05
N THR G 361 -16.35 -101.30 -51.04
CA THR G 361 -15.22 -102.18 -50.84
C THR G 361 -14.51 -102.38 -52.18
N PRO G 362 -13.19 -102.28 -52.21
CA PRO G 362 -12.49 -102.58 -53.47
C PRO G 362 -12.48 -104.06 -53.80
N GLN G 363 -12.56 -104.92 -52.79
CA GLN G 363 -12.57 -106.36 -53.05
C GLN G 363 -13.92 -106.82 -53.60
N GLY G 364 -14.90 -105.93 -53.67
CA GLY G 364 -16.22 -106.32 -54.10
C GLY G 364 -16.30 -106.87 -55.51
N THR G 365 -16.80 -108.10 -55.64
CA THR G 365 -17.00 -108.73 -56.94
C THR G 365 -18.34 -108.29 -57.50
N ASN G 366 -18.81 -108.95 -58.56
CA ASN G 366 -20.03 -108.52 -59.21
C ASN G 366 -21.20 -108.44 -58.22
N ASN G 367 -21.53 -109.54 -57.56
CA ASN G 367 -22.43 -109.50 -56.42
C ASN G 367 -21.66 -109.91 -55.18
N ASN G 368 -21.32 -108.92 -54.37
CA ASN G 368 -20.63 -108.99 -53.09
C ASN G 368 -20.46 -107.54 -52.69
N GLY G 369 -20.32 -107.23 -51.40
CA GLY G 369 -20.47 -105.83 -51.05
C GLY G 369 -21.82 -105.43 -51.60
N ASN G 370 -21.80 -104.48 -52.54
CA ASN G 370 -22.90 -104.32 -53.47
C ASN G 370 -24.19 -103.88 -52.80
N ILE G 371 -24.11 -102.88 -51.94
CA ILE G 371 -25.32 -102.37 -51.31
C ILE G 371 -26.03 -101.46 -52.30
N ILE G 372 -27.33 -101.60 -52.37
CA ILE G 372 -28.13 -100.96 -53.40
C ILE G 372 -29.02 -99.91 -52.75
N SER G 373 -29.15 -98.75 -53.39
CA SER G 373 -29.97 -97.70 -52.85
C SER G 373 -31.43 -98.15 -52.80
N ASN G 374 -32.20 -97.49 -51.93
CA ASN G 374 -33.57 -97.89 -51.66
C ASN G 374 -34.41 -96.64 -51.49
N GLN G 375 -35.73 -96.81 -51.44
CA GLN G 375 -36.60 -95.64 -51.29
C GLN G 375 -36.61 -95.17 -49.85
N PRO G 376 -36.50 -93.87 -49.62
CA PRO G 376 -36.53 -93.35 -48.24
C PRO G 376 -37.88 -93.49 -47.58
N LEU G 377 -38.92 -93.75 -48.37
CA LEU G 377 -40.33 -93.73 -47.96
C LEU G 377 -40.80 -92.31 -47.72
N SER G 378 -39.92 -91.32 -47.82
CA SER G 378 -40.33 -89.93 -47.91
C SER G 378 -41.23 -89.75 -49.13
N MET G 379 -42.20 -88.85 -49.01
CA MET G 379 -43.22 -88.73 -50.03
C MET G 379 -42.88 -87.72 -51.12
N LEU G 380 -41.70 -87.13 -51.11
CA LEU G 380 -41.49 -86.02 -52.03
C LEU G 380 -41.24 -86.34 -53.51
N ARG G 381 -40.14 -86.93 -54.03
CA ARG G 381 -39.18 -87.99 -53.62
C ARG G 381 -39.63 -89.38 -54.15
N ASP G 382 -40.85 -89.49 -54.68
CA ASP G 382 -41.22 -90.71 -55.37
C ASP G 382 -41.69 -90.36 -56.79
N GLN G 383 -42.78 -89.62 -56.88
CA GLN G 383 -43.07 -88.78 -58.05
C GLN G 383 -43.14 -89.59 -59.35
N ALA G 384 -44.25 -90.30 -59.49
CA ALA G 384 -44.60 -90.76 -60.82
C ALA G 384 -45.20 -89.61 -61.63
N LEU G 385 -45.56 -89.90 -62.87
CA LEU G 385 -46.42 -89.02 -63.64
C LEU G 385 -47.12 -89.86 -64.69
N PHE G 386 -48.35 -89.50 -65.02
CA PHE G 386 -49.27 -90.43 -65.68
C PHE G 386 -49.79 -89.94 -67.02
N ARG G 387 -50.40 -88.77 -67.07
CA ARG G 387 -50.96 -88.27 -68.35
C ARG G 387 -52.01 -89.28 -68.83
N GLY G 388 -52.19 -89.42 -70.15
CA GLY G 388 -53.05 -90.43 -70.72
C GLY G 388 -54.48 -90.41 -70.24
N ASN G 389 -55.25 -91.40 -70.65
CA ASN G 389 -55.25 -91.88 -72.02
C ASN G 389 -56.53 -91.35 -72.62
N GLN G 390 -57.30 -90.68 -71.75
CA GLN G 390 -58.74 -90.46 -71.76
C GLN G 390 -59.46 -91.67 -71.16
N THR G 391 -58.77 -92.78 -70.97
CA THR G 391 -59.32 -94.00 -70.40
C THR G 391 -58.46 -94.48 -69.23
N THR G 392 -57.17 -94.70 -69.47
CA THR G 392 -56.24 -95.19 -68.47
C THR G 392 -55.11 -94.18 -68.29
N TYR G 393 -54.48 -94.19 -67.13
CA TYR G 393 -53.25 -93.43 -66.94
C TYR G 393 -52.06 -94.32 -67.31
N ASN G 394 -51.06 -93.73 -67.96
CA ASN G 394 -49.90 -94.46 -68.42
C ASN G 394 -48.63 -93.74 -68.02
N LEU G 395 -47.83 -94.37 -67.15
CA LEU G 395 -46.60 -93.75 -66.67
C LEU G 395 -45.75 -93.26 -67.84
N CYS G 396 -45.32 -92.01 -67.77
CA CYS G 396 -44.69 -91.34 -68.89
C CYS G 396 -43.19 -91.20 -68.66
N SER G 397 -42.42 -91.53 -69.69
CA SER G 397 -40.99 -91.29 -69.74
C SER G 397 -40.70 -89.79 -69.80
N ASP G 398 -39.44 -89.43 -69.56
CA ASP G 398 -39.00 -88.04 -69.48
C ASP G 398 -39.62 -87.37 -68.27
N VAL G 399 -40.42 -86.32 -68.46
CA VAL G 399 -40.69 -85.29 -67.44
C VAL G 399 -39.46 -84.41 -67.23
N TRP G 400 -39.25 -83.49 -68.16
CA TRP G 400 -38.24 -82.45 -68.09
C TRP G 400 -38.64 -81.38 -67.07
N MET G 401 -37.87 -80.30 -67.01
CA MET G 401 -38.19 -79.23 -66.07
C MET G 401 -39.48 -78.53 -66.44
N PHE G 402 -40.20 -78.11 -65.42
CA PHE G 402 -41.52 -77.50 -65.54
C PHE G 402 -41.69 -76.52 -64.39
N PRO G 403 -42.44 -75.43 -64.59
CA PRO G 403 -42.43 -74.34 -63.60
C PRO G 403 -42.73 -74.70 -62.17
N ASN G 404 -43.73 -75.52 -61.92
CA ASN G 404 -44.19 -75.74 -60.56
C ASN G 404 -43.53 -76.94 -59.89
N GLN G 405 -42.51 -77.51 -60.50
CA GLN G 405 -41.99 -78.77 -60.00
C GLN G 405 -41.39 -78.66 -58.61
N ILE G 406 -41.62 -79.69 -57.81
CA ILE G 406 -40.88 -79.91 -56.57
C ILE G 406 -40.35 -81.32 -56.57
N TRP G 407 -39.07 -81.46 -56.22
CA TRP G 407 -38.50 -82.75 -55.94
C TRP G 407 -37.66 -82.60 -54.70
N ASP G 408 -37.27 -83.73 -54.14
CA ASP G 408 -36.43 -83.73 -52.96
C ASP G 408 -35.07 -84.25 -53.34
N ARG G 409 -34.03 -83.55 -52.91
CA ARG G 409 -32.68 -83.94 -53.24
C ARG G 409 -32.41 -85.34 -52.71
N TYR G 410 -31.51 -86.06 -53.37
CA TYR G 410 -31.26 -87.44 -53.03
C TYR G 410 -30.96 -87.57 -51.53
N PRO G 411 -31.55 -88.55 -50.85
CA PRO G 411 -31.45 -88.61 -49.38
C PRO G 411 -30.06 -88.82 -48.86
N ILE G 412 -29.12 -89.16 -49.73
CA ILE G 412 -27.76 -89.57 -49.45
C ILE G 412 -27.72 -90.64 -48.36
N THR G 413 -26.61 -90.68 -47.61
CA THR G 413 -26.30 -91.71 -46.63
C THR G 413 -24.88 -91.48 -46.15
N ARG G 414 -24.40 -92.29 -45.21
CA ARG G 414 -23.05 -92.09 -44.69
C ARG G 414 -21.97 -92.37 -45.73
N GLU G 415 -22.28 -93.15 -46.77
CA GLU G 415 -21.28 -93.58 -47.75
C GLU G 415 -21.07 -92.58 -48.88
N ASN G 416 -21.74 -91.47 -48.87
CA ASN G 416 -21.77 -90.63 -50.05
C ASN G 416 -20.65 -89.61 -50.05
N PRO G 417 -20.29 -89.10 -51.21
CA PRO G 417 -19.42 -87.93 -51.27
C PRO G 417 -20.12 -86.70 -50.75
N ILE G 418 -19.35 -85.87 -50.04
CA ILE G 418 -19.93 -84.66 -49.47
C ILE G 418 -20.24 -83.66 -50.56
N TRP G 419 -19.28 -83.37 -51.42
CA TRP G 419 -19.40 -82.30 -52.40
C TRP G 419 -18.99 -82.81 -53.78
N CYS G 420 -19.30 -81.99 -54.77
CA CYS G 420 -18.88 -82.16 -56.16
C CYS G 420 -18.63 -80.78 -56.72
N LYS G 421 -17.64 -80.65 -57.58
CA LYS G 421 -17.33 -79.33 -58.12
C LYS G 421 -18.26 -79.00 -59.27
N LYS G 422 -18.87 -77.82 -59.20
CA LYS G 422 -19.70 -77.33 -60.28
C LYS G 422 -18.80 -76.71 -61.34
N PRO G 423 -18.74 -77.30 -62.53
CA PRO G 423 -17.83 -76.78 -63.55
C PRO G 423 -18.19 -75.38 -64.01
N ARG G 424 -17.17 -74.58 -64.24
CA ARG G 424 -17.35 -73.19 -64.66
C ARG G 424 -17.89 -73.14 -66.07
N SER G 425 -19.02 -72.47 -66.24
CA SER G 425 -19.62 -72.33 -67.56
C SER G 425 -20.51 -71.11 -67.55
N ASP G 426 -20.84 -70.63 -68.75
CA ASP G 426 -21.65 -69.43 -68.85
C ASP G 426 -23.02 -69.65 -68.23
N LYS G 427 -23.75 -70.65 -68.69
CA LYS G 427 -25.13 -70.86 -68.30
C LYS G 427 -25.30 -72.23 -67.67
N HIS G 428 -26.25 -72.32 -66.75
CA HIS G 428 -26.60 -73.60 -66.15
C HIS G 428 -27.99 -73.50 -65.56
N THR G 429 -28.58 -74.67 -65.32
CA THR G 429 -29.88 -74.80 -64.68
C THR G 429 -29.75 -74.97 -63.17
N THR G 430 -30.79 -75.48 -62.51
CA THR G 430 -30.90 -75.41 -61.06
C THR G 430 -29.67 -75.96 -60.32
N ILE G 431 -28.94 -76.89 -60.95
CA ILE G 431 -27.79 -77.55 -60.32
C ILE G 431 -28.20 -78.33 -59.08
N ASP G 432 -28.94 -79.42 -59.27
CA ASP G 432 -29.10 -80.40 -58.20
C ASP G 432 -28.48 -81.71 -58.63
N PRO G 433 -27.32 -82.10 -58.12
CA PRO G 433 -26.73 -83.37 -58.52
C PRO G 433 -27.56 -84.55 -58.04
N PHE G 434 -27.71 -85.54 -58.90
CA PHE G 434 -28.52 -86.70 -58.58
C PHE G 434 -27.75 -87.76 -57.81
N ASP G 435 -26.49 -87.50 -57.52
CA ASP G 435 -25.69 -88.32 -56.63
C ASP G 435 -25.87 -87.91 -55.19
N GLY G 436 -26.81 -87.00 -54.93
CA GLY G 436 -26.80 -86.28 -53.68
C GLY G 436 -25.62 -85.34 -53.70
N SER G 437 -24.74 -85.47 -52.72
CA SER G 437 -23.55 -84.63 -52.62
C SER G 437 -23.92 -83.16 -52.68
N LEU G 438 -23.08 -82.36 -53.31
CA LEU G 438 -23.25 -80.92 -53.31
C LEU G 438 -22.50 -80.36 -54.51
N ALA G 439 -22.82 -79.13 -54.87
CA ALA G 439 -22.11 -78.43 -55.92
C ALA G 439 -21.57 -77.14 -55.34
N MET G 440 -20.32 -76.85 -55.64
CA MET G 440 -19.71 -75.61 -55.18
C MET G 440 -18.86 -75.02 -56.30
N ASP G 441 -18.85 -73.70 -56.39
CA ASP G 441 -17.93 -73.03 -57.29
C ASP G 441 -16.51 -73.46 -57.00
N HIS G 442 -16.07 -73.23 -55.77
CA HIS G 442 -14.77 -73.70 -55.31
C HIS G 442 -14.98 -74.69 -54.19
N PRO G 443 -14.81 -75.99 -54.43
CA PRO G 443 -14.82 -76.95 -53.36
C PRO G 443 -13.53 -76.87 -52.58
N PRO G 444 -13.32 -77.73 -51.60
CA PRO G 444 -11.98 -77.81 -50.99
C PRO G 444 -10.94 -78.07 -52.05
N GLY G 445 -9.90 -77.23 -52.05
CA GLY G 445 -8.82 -77.42 -53.01
C GLY G 445 -8.11 -78.71 -52.74
N THR G 446 -7.91 -79.50 -53.78
CA THR G 446 -7.21 -80.76 -53.61
C THR G 446 -5.78 -80.50 -53.20
N ILE G 447 -5.33 -81.21 -52.17
CA ILE G 447 -3.96 -81.11 -51.69
C ILE G 447 -3.14 -82.17 -52.39
N PHE G 448 -2.12 -81.74 -53.11
CA PHE G 448 -1.25 -82.62 -53.86
C PHE G 448 0.06 -82.78 -53.12
N ILE G 449 0.67 -83.94 -53.26
CA ILE G 449 1.90 -84.24 -52.54
C ILE G 449 2.75 -85.20 -53.38
N LYS G 450 4.05 -84.99 -53.35
CA LYS G 450 4.99 -85.72 -54.19
C LYS G 450 6.26 -85.94 -53.40
N MET G 451 7.11 -86.83 -53.89
CA MET G 451 8.26 -87.30 -53.14
C MET G 451 9.56 -86.59 -53.44
N ALA G 452 9.56 -85.53 -54.24
CA ALA G 452 10.77 -84.73 -54.38
C ALA G 452 11.93 -85.53 -54.94
N LYS G 453 11.94 -85.75 -56.26
CA LYS G 453 12.90 -86.63 -56.89
C LYS G 453 14.32 -86.34 -56.42
N ILE G 454 15.00 -87.38 -55.97
CA ILE G 454 16.40 -87.28 -55.59
C ILE G 454 17.19 -88.10 -56.59
N PRO G 455 17.89 -87.47 -57.52
CA PRO G 455 18.57 -88.22 -58.56
C PRO G 455 19.86 -88.82 -58.06
N VAL G 456 20.48 -89.61 -58.91
CA VAL G 456 21.74 -90.27 -58.57
C VAL G 456 22.64 -90.22 -59.80
N PRO G 457 23.95 -90.07 -59.63
CA PRO G 457 24.81 -89.87 -60.79
C PRO G 457 24.99 -91.15 -61.58
N SER G 458 25.16 -90.99 -62.90
CA SER G 458 25.45 -92.11 -63.78
C SER G 458 26.23 -91.59 -64.98
N ASN G 459 26.64 -92.53 -65.84
CA ASN G 459 27.44 -92.20 -67.01
C ASN G 459 26.60 -91.74 -68.19
N ASN G 460 25.47 -92.40 -68.42
CA ASN G 460 24.69 -92.25 -69.65
C ASN G 460 24.39 -90.80 -70.11
N ASN G 461 23.91 -89.91 -69.24
CA ASN G 461 23.62 -90.15 -67.84
C ASN G 461 22.13 -90.33 -67.61
N ALA G 462 21.78 -90.57 -66.35
CA ALA G 462 20.40 -90.75 -65.92
C ALA G 462 19.73 -91.89 -66.74
N ASP G 463 18.40 -91.92 -66.93
CA ASP G 463 17.41 -91.49 -65.93
C ASP G 463 17.44 -92.45 -64.75
N SER G 464 17.73 -91.90 -63.58
CA SER G 464 17.83 -92.70 -62.37
C SER G 464 17.54 -91.81 -61.18
N TYR G 465 17.02 -92.40 -60.13
CA TYR G 465 16.60 -91.64 -58.97
C TYR G 465 16.64 -92.55 -57.75
N LEU G 466 16.58 -91.93 -56.59
CA LEU G 466 16.66 -92.65 -55.34
C LEU G 466 15.27 -93.03 -54.88
N ASN G 467 15.12 -94.27 -54.40
CA ASN G 467 13.82 -94.85 -54.11
C ASN G 467 13.46 -94.57 -52.66
N ILE G 468 12.45 -93.73 -52.44
CA ILE G 468 12.03 -93.32 -51.11
C ILE G 468 10.52 -93.29 -51.04
N TYR G 469 10.01 -93.14 -49.83
CA TYR G 469 8.58 -92.90 -49.64
C TYR G 469 8.39 -92.07 -48.38
N CYS G 470 7.25 -91.42 -48.30
CA CYS G 470 6.94 -90.54 -47.18
C CYS G 470 5.82 -91.15 -46.36
N THR G 471 5.78 -90.77 -45.10
CA THR G 471 4.76 -91.25 -44.19
C THR G 471 4.48 -90.15 -43.19
N GLY G 472 3.22 -89.97 -42.84
CA GLY G 472 2.90 -88.87 -41.96
C GLY G 472 1.45 -88.90 -41.57
N GLN G 473 0.99 -87.79 -41.01
CA GLN G 473 -0.33 -87.75 -40.43
C GLN G 473 -1.08 -86.52 -40.92
N VAL G 474 -2.23 -86.75 -41.54
CA VAL G 474 -3.15 -85.69 -41.92
C VAL G 474 -4.21 -85.60 -40.84
N SER G 475 -4.55 -84.38 -40.45
CA SER G 475 -5.68 -84.17 -39.55
C SER G 475 -6.66 -83.28 -40.27
N CYS G 476 -7.81 -83.81 -40.63
CA CYS G 476 -8.85 -83.04 -41.28
C CYS G 476 -9.90 -82.71 -40.23
N GLU G 477 -9.96 -81.45 -39.83
CA GLU G 477 -10.90 -80.98 -38.81
C GLU G 477 -11.86 -80.02 -39.49
N ILE G 478 -13.12 -80.41 -39.61
CA ILE G 478 -14.09 -79.63 -40.35
C ILE G 478 -15.25 -79.29 -39.43
N VAL G 479 -15.77 -78.09 -39.60
CA VAL G 479 -16.87 -77.57 -38.80
C VAL G 479 -18.13 -77.61 -39.62
N TRP G 480 -19.24 -78.00 -39.01
CA TRP G 480 -20.49 -78.20 -39.70
C TRP G 480 -21.52 -77.24 -39.13
N GLU G 481 -22.02 -76.33 -39.97
CA GLU G 481 -23.21 -75.61 -39.58
C GLU G 481 -24.36 -76.59 -39.47
N VAL G 482 -25.03 -76.57 -38.33
CA VAL G 482 -26.01 -77.60 -38.02
C VAL G 482 -27.22 -76.93 -37.37
N GLU G 483 -28.41 -77.45 -37.65
CA GLU G 483 -29.65 -76.89 -37.14
C GLU G 483 -30.50 -77.99 -36.54
N ARG G 484 -31.07 -77.73 -35.38
CA ARG G 484 -31.74 -78.75 -34.59
C ARG G 484 -33.25 -78.62 -34.75
N TYR G 485 -33.94 -79.75 -34.73
CA TYR G 485 -35.34 -79.77 -35.14
C TYR G 485 -36.28 -79.66 -33.96
N ALA G 486 -37.38 -78.95 -34.19
CA ALA G 486 -38.51 -78.92 -33.28
C ALA G 486 -39.78 -79.08 -34.11
N THR G 487 -40.75 -79.81 -33.57
CA THR G 487 -41.95 -80.06 -34.35
C THR G 487 -43.14 -80.24 -33.41
N LYS G 488 -44.32 -80.04 -33.97
CA LYS G 488 -45.56 -80.16 -33.23
C LYS G 488 -46.20 -81.52 -33.36
N ASN G 489 -45.56 -82.46 -34.05
CA ASN G 489 -46.12 -83.79 -34.17
C ASN G 489 -46.28 -84.42 -32.81
N TRP G 490 -47.40 -85.12 -32.63
CA TRP G 490 -47.66 -85.81 -31.38
C TRP G 490 -46.93 -87.14 -31.30
N ARG G 491 -46.70 -87.77 -32.41
CA ARG G 491 -46.28 -89.16 -32.49
C ARG G 491 -44.77 -89.31 -32.48
N PRO G 492 -44.29 -90.53 -32.19
CA PRO G 492 -42.85 -90.73 -31.94
C PRO G 492 -41.91 -90.45 -33.12
N GLU G 493 -42.39 -90.33 -34.34
CA GLU G 493 -41.54 -90.19 -35.56
C GLU G 493 -40.63 -91.42 -35.66
N ARG G 494 -39.40 -91.26 -36.11
CA ARG G 494 -38.56 -92.40 -36.47
C ARG G 494 -37.10 -92.02 -36.24
N ARG G 495 -36.30 -93.02 -35.87
CA ARG G 495 -34.88 -92.81 -35.64
C ARG G 495 -34.13 -93.94 -36.30
N HIS G 496 -32.81 -93.97 -36.11
CA HIS G 496 -31.98 -95.04 -36.61
C HIS G 496 -31.50 -95.88 -35.44
N THR G 497 -32.11 -97.04 -35.27
CA THR G 497 -31.65 -98.04 -34.32
C THR G 497 -30.52 -98.87 -34.93
N THR G 498 -29.74 -99.48 -34.04
CA THR G 498 -28.92 -100.60 -34.45
C THR G 498 -29.77 -101.78 -34.92
N PHE G 499 -31.06 -101.81 -34.61
CA PHE G 499 -31.84 -102.96 -35.03
C PHE G 499 -32.00 -103.05 -36.54
N GLY G 500 -31.85 -101.93 -37.25
CA GLY G 500 -31.73 -102.03 -38.69
C GLY G 500 -30.48 -102.77 -39.10
N LEU G 501 -29.46 -102.75 -38.25
CA LEU G 501 -28.20 -103.42 -38.51
C LEU G 501 -28.35 -104.92 -38.33
N GLY G 502 -27.38 -105.67 -38.85
CA GLY G 502 -27.45 -107.12 -38.77
C GLY G 502 -26.06 -107.70 -38.63
N ILE G 503 -26.02 -108.96 -38.21
CA ILE G 503 -24.81 -109.64 -37.78
C ILE G 503 -24.05 -110.15 -39.00
N GLY G 504 -22.72 -110.16 -38.92
CA GLY G 504 -21.95 -110.63 -40.05
C GLY G 504 -20.48 -110.83 -39.72
N GLY G 505 -19.77 -111.40 -40.69
CA GLY G 505 -18.34 -111.60 -40.69
C GLY G 505 -17.91 -112.90 -40.06
N ALA G 506 -16.85 -113.51 -40.61
CA ALA G 506 -16.26 -114.75 -40.14
C ALA G 506 -17.30 -115.80 -39.75
N ASP G 507 -17.09 -116.43 -38.60
CA ASP G 507 -18.22 -116.99 -37.88
C ASP G 507 -19.11 -115.83 -37.46
N ASN G 508 -20.43 -115.99 -37.61
CA ASN G 508 -21.32 -114.85 -37.77
C ASN G 508 -21.09 -113.75 -36.75
N LEU G 509 -20.46 -114.09 -35.62
CA LEU G 509 -20.30 -113.16 -34.50
C LEU G 509 -19.73 -111.82 -34.93
N ASN G 510 -20.09 -110.80 -34.15
CA ASN G 510 -19.94 -109.36 -34.27
C ASN G 510 -21.02 -108.83 -35.19
N PRO G 511 -21.63 -107.68 -34.88
CA PRO G 511 -22.81 -107.30 -35.66
C PRO G 511 -22.57 -106.70 -37.03
N THR G 512 -22.15 -105.45 -37.08
CA THR G 512 -22.03 -104.79 -38.37
C THR G 512 -20.85 -103.82 -38.42
N TYR G 513 -20.89 -102.73 -37.69
CA TYR G 513 -19.73 -101.86 -37.64
C TYR G 513 -18.88 -102.30 -36.45
N HIS G 514 -17.84 -103.06 -36.77
CA HIS G 514 -17.13 -103.79 -35.74
C HIS G 514 -16.06 -104.64 -36.41
N VAL G 515 -15.09 -105.07 -35.62
CA VAL G 515 -13.99 -105.86 -36.14
C VAL G 515 -14.33 -107.35 -36.20
N ASP G 516 -13.63 -108.05 -37.09
CA ASP G 516 -13.69 -109.50 -37.22
C ASP G 516 -12.63 -110.12 -36.31
N LYS G 517 -12.32 -111.40 -36.48
CA LYS G 517 -11.46 -112.06 -35.48
C LYS G 517 -9.91 -112.29 -35.58
N ASN G 518 -9.13 -112.16 -36.67
CA ASN G 518 -9.39 -111.98 -38.10
C ASN G 518 -9.61 -110.53 -38.48
N GLY G 519 -9.46 -109.64 -37.51
CA GLY G 519 -10.20 -108.41 -37.55
C GLY G 519 -10.17 -107.65 -38.85
N THR G 520 -11.37 -107.58 -39.42
CA THR G 520 -11.68 -106.86 -40.64
C THR G 520 -13.02 -106.20 -40.39
N TYR G 521 -13.07 -104.89 -40.54
CA TYR G 521 -14.26 -104.13 -40.25
C TYR G 521 -15.42 -104.66 -41.07
N ILE G 522 -16.49 -105.07 -40.41
CA ILE G 522 -17.60 -105.68 -41.12
C ILE G 522 -18.35 -104.61 -41.89
N GLN G 523 -18.61 -104.87 -43.09
CA GLN G 523 -19.26 -103.79 -43.82
C GLN G 523 -20.77 -103.90 -43.70
N PRO G 524 -21.43 -102.75 -43.68
CA PRO G 524 -22.90 -102.75 -43.67
C PRO G 524 -23.45 -103.30 -44.98
N THR G 525 -24.42 -104.20 -44.87
CA THR G 525 -25.00 -104.88 -46.02
C THR G 525 -26.40 -104.36 -46.28
N THR G 526 -26.63 -103.98 -47.54
CA THR G 526 -27.68 -103.15 -48.14
C THR G 526 -27.82 -101.74 -47.54
N TRP G 527 -29.00 -101.15 -47.72
CA TRP G 527 -29.10 -99.69 -47.69
C TRP G 527 -29.39 -99.14 -46.31
N ASP G 528 -30.30 -99.78 -45.57
CA ASP G 528 -30.71 -99.26 -44.27
C ASP G 528 -29.59 -99.26 -43.26
N MET G 529 -28.66 -100.21 -43.37
CA MET G 529 -27.49 -100.25 -42.49
C MET G 529 -26.84 -98.88 -42.38
N CYS G 530 -26.23 -98.43 -43.47
CA CYS G 530 -25.87 -97.03 -43.60
C CYS G 530 -27.13 -96.20 -43.37
N PHE G 531 -27.05 -95.23 -42.46
CA PHE G 531 -28.29 -94.61 -42.01
C PHE G 531 -28.52 -93.34 -42.80
N PRO G 532 -29.46 -93.33 -43.75
CA PRO G 532 -29.61 -92.17 -44.63
C PRO G 532 -30.32 -91.05 -43.91
N VAL G 533 -29.93 -89.82 -44.20
CA VAL G 533 -30.76 -88.71 -43.80
C VAL G 533 -32.00 -88.69 -44.69
N LYS G 534 -33.01 -87.94 -44.26
CA LYS G 534 -34.24 -87.66 -44.98
C LYS G 534 -35.27 -88.77 -44.77
N THR G 535 -34.91 -89.84 -44.10
CA THR G 535 -35.86 -90.87 -43.72
C THR G 535 -36.43 -90.63 -42.32
N ASN G 536 -36.02 -89.56 -41.65
CA ASN G 536 -36.43 -89.32 -40.27
C ASN G 536 -37.07 -87.96 -40.13
N ILE G 537 -37.38 -87.63 -38.89
CA ILE G 537 -38.10 -86.43 -38.49
C ILE G 537 -39.38 -86.34 -39.29
N ASN G 538 -39.85 -85.12 -39.56
CA ASN G 538 -40.97 -84.83 -40.45
C ASN G 538 -40.90 -83.35 -40.78
N LYS G 539 -41.58 -82.95 -41.83
CA LYS G 539 -41.77 -81.53 -42.10
C LYS G 539 -43.17 -81.32 -42.64
N VAL G 540 -43.87 -80.34 -42.08
CA VAL G 540 -45.07 -79.84 -42.74
C VAL G 540 -44.63 -79.10 -43.99
N LEU G 541 -45.18 -79.48 -45.12
CA LEU G 541 -44.82 -78.85 -46.37
C LEU G 541 -45.42 -77.45 -46.46
N GLY H 34 -58.32 -55.94 -17.73
CA GLY H 34 -59.59 -55.94 -17.03
C GLY H 34 -59.71 -57.00 -15.97
N SER H 35 -60.89 -57.08 -15.34
CA SER H 35 -61.13 -58.06 -14.30
C SER H 35 -62.63 -58.32 -14.20
N GLY H 36 -62.98 -59.42 -13.57
CA GLY H 36 -64.37 -59.77 -13.34
C GLY H 36 -64.87 -60.81 -14.32
N VAL H 37 -66.15 -61.15 -14.17
CA VAL H 37 -66.80 -62.07 -15.10
C VAL H 37 -66.74 -61.50 -16.51
N GLY H 38 -66.56 -62.37 -17.48
CA GLY H 38 -66.46 -61.95 -18.87
C GLY H 38 -65.06 -61.63 -19.33
N ILE H 39 -64.06 -61.76 -18.47
CA ILE H 39 -62.67 -61.53 -18.81
C ILE H 39 -61.92 -62.80 -18.42
N SER H 40 -61.38 -63.52 -19.40
CA SER H 40 -60.70 -64.76 -19.10
C SER H 40 -59.43 -64.48 -18.29
N THR H 41 -59.13 -65.37 -17.36
CA THR H 41 -58.01 -65.11 -16.47
C THR H 41 -56.68 -65.47 -17.11
N GLY H 42 -56.61 -66.61 -17.77
CA GLY H 42 -55.39 -67.02 -18.45
C GLY H 42 -55.73 -67.86 -19.65
N GLY H 43 -54.75 -68.00 -20.53
CA GLY H 43 -54.93 -68.71 -21.78
C GLY H 43 -54.39 -70.12 -21.74
N TRP H 44 -54.59 -70.83 -22.84
CA TRP H 44 -54.12 -72.19 -22.98
C TRP H 44 -52.60 -72.18 -23.14
N VAL H 45 -51.98 -73.31 -22.77
CA VAL H 45 -50.53 -73.42 -22.70
C VAL H 45 -50.13 -74.84 -23.10
N GLY H 46 -48.95 -74.97 -23.70
CA GLY H 46 -48.40 -76.29 -23.95
C GLY H 46 -47.26 -76.22 -24.96
N GLY H 47 -46.81 -77.42 -25.37
CA GLY H 47 -45.93 -77.57 -26.52
C GLY H 47 -44.48 -77.90 -26.23
N SER H 48 -44.12 -78.09 -24.98
CA SER H 48 -42.76 -78.34 -24.50
C SER H 48 -41.70 -77.34 -24.96
N TYR H 49 -40.42 -77.73 -24.87
CA TYR H 49 -39.35 -76.79 -25.16
C TYR H 49 -38.07 -77.39 -25.72
N PHE H 50 -37.36 -78.17 -24.89
CA PHE H 50 -36.09 -78.84 -25.21
C PHE H 50 -34.86 -77.97 -25.50
N THR H 51 -34.24 -77.44 -24.46
CA THR H 51 -32.87 -76.94 -24.49
C THR H 51 -31.93 -77.94 -23.83
N ASP H 52 -30.68 -77.96 -24.27
CA ASP H 52 -29.67 -78.90 -23.77
C ASP H 52 -29.62 -79.00 -22.26
N SER H 53 -29.74 -77.86 -21.57
CA SER H 53 -29.65 -77.86 -20.11
C SER H 53 -30.95 -78.26 -19.44
N TYR H 54 -32.10 -77.95 -20.03
CA TYR H 54 -33.37 -78.22 -19.38
C TYR H 54 -34.47 -78.35 -20.42
N VAL H 55 -35.54 -79.02 -20.01
CA VAL H 55 -36.73 -79.21 -20.83
C VAL H 55 -37.93 -78.67 -20.07
N ILE H 56 -38.68 -77.78 -20.70
CA ILE H 56 -39.88 -77.21 -20.11
C ILE H 56 -41.09 -77.82 -20.79
N THR H 57 -41.83 -78.64 -20.07
CA THR H 57 -43.07 -79.22 -20.57
C THR H 57 -44.25 -78.44 -20.03
N LYS H 58 -45.15 -78.05 -20.91
CA LYS H 58 -46.32 -77.27 -20.55
C LYS H 58 -47.56 -78.03 -20.96
N ASN H 59 -48.58 -78.00 -20.11
CA ASN H 59 -49.81 -78.73 -20.36
C ASN H 59 -50.98 -77.96 -19.80
N THR H 60 -52.15 -78.19 -20.36
CA THR H 60 -53.37 -77.54 -19.91
C THR H 60 -54.52 -78.52 -20.06
N ARG H 61 -55.51 -78.41 -19.18
CA ARG H 61 -56.59 -79.38 -19.13
C ARG H 61 -57.91 -78.68 -18.90
N GLN H 62 -58.97 -79.45 -19.07
CA GLN H 62 -60.31 -79.04 -18.69
C GLN H 62 -60.79 -80.05 -17.66
N PHE H 63 -61.22 -79.57 -16.50
CA PHE H 63 -61.58 -80.47 -15.41
C PHE H 63 -62.97 -80.12 -14.89
N LEU H 64 -63.54 -81.02 -14.09
CA LEU H 64 -64.76 -80.68 -13.40
C LEU H 64 -64.82 -81.34 -12.03
N VAL H 65 -65.39 -80.61 -11.08
CA VAL H 65 -65.55 -81.06 -9.70
C VAL H 65 -67.03 -81.35 -9.49
N LYS H 66 -67.33 -82.54 -8.97
CA LYS H 66 -68.67 -83.11 -9.07
C LYS H 66 -69.50 -82.99 -7.79
N ILE H 67 -68.97 -82.42 -6.70
CA ILE H 67 -69.59 -82.54 -5.38
C ILE H 67 -69.68 -84.02 -4.99
N GLN H 68 -68.56 -84.61 -4.60
CA GLN H 68 -68.59 -85.98 -4.14
C GLN H 68 -69.06 -86.06 -2.70
N ASN H 69 -69.81 -87.12 -2.39
CA ASN H 69 -70.07 -87.54 -1.02
C ASN H 69 -70.92 -86.53 -0.25
N ASN H 70 -71.91 -85.96 -0.91
CA ASN H 70 -72.64 -84.79 -0.40
C ASN H 70 -71.55 -83.79 -0.04
N HIS H 71 -71.65 -83.05 1.05
CA HIS H 71 -70.47 -82.42 1.60
C HIS H 71 -69.97 -83.08 2.87
N GLN H 72 -70.70 -84.06 3.38
CA GLN H 72 -70.28 -84.77 4.57
C GLN H 72 -69.22 -85.82 4.23
N TYR H 73 -68.52 -86.27 5.28
CA TYR H 73 -67.36 -87.15 5.21
C TYR H 73 -67.71 -88.64 5.18
N LYS H 74 -68.35 -89.12 6.22
CA LYS H 74 -68.56 -90.54 6.50
C LYS H 74 -67.25 -91.30 6.67
N THR H 75 -67.29 -92.61 6.46
CA THR H 75 -66.14 -93.49 6.65
C THR H 75 -66.09 -94.51 5.51
N GLU H 76 -67.20 -95.23 5.33
CA GLU H 76 -67.56 -96.07 4.19
C GLU H 76 -67.12 -97.53 4.22
N LEU H 77 -66.17 -97.91 5.08
CA LEU H 77 -65.84 -99.32 5.33
C LEU H 77 -65.90 -100.14 4.04
N ILE H 78 -64.93 -99.91 3.16
CA ILE H 78 -65.14 -100.16 1.73
C ILE H 78 -65.59 -101.59 1.44
N SER H 79 -64.65 -102.54 1.42
CA SER H 79 -64.88 -103.98 1.30
C SER H 79 -65.55 -104.36 -0.02
N PRO H 80 -65.27 -105.54 -0.54
CA PRO H 80 -66.31 -106.26 -1.30
C PRO H 80 -66.97 -107.28 -0.40
N SER H 81 -67.95 -108.03 -0.89
CA SER H 81 -68.40 -109.20 -0.15
C SER H 81 -68.76 -110.39 -1.06
N THR H 82 -68.13 -111.56 -0.93
CA THR H 82 -66.78 -111.86 -0.35
C THR H 82 -66.34 -111.17 0.95
N SER H 83 -67.16 -111.29 1.99
CA SER H 83 -66.88 -110.67 3.28
C SER H 83 -65.52 -111.08 3.85
N GLN H 84 -64.93 -112.17 3.33
CA GLN H 84 -63.59 -112.56 3.72
C GLN H 84 -62.53 -111.52 3.35
N GLY H 85 -62.89 -110.52 2.55
CA GLY H 85 -61.93 -109.56 2.07
C GLY H 85 -61.36 -108.70 3.20
N LYS H 86 -60.45 -107.80 2.81
CA LYS H 86 -59.78 -106.96 3.79
C LYS H 86 -60.75 -105.99 4.47
N SER H 87 -61.62 -105.36 3.68
CA SER H 87 -62.66 -104.49 4.21
C SER H 87 -62.08 -103.29 4.96
N GLN H 88 -61.13 -102.61 4.32
CA GLN H 88 -60.57 -101.40 4.89
C GLN H 88 -61.66 -100.36 5.09
N ARG H 89 -61.60 -99.66 6.23
CA ARG H 89 -62.69 -98.76 6.59
C ARG H 89 -62.59 -97.43 5.85
N CYS H 90 -61.37 -96.94 5.66
CA CYS H 90 -61.07 -95.66 5.03
C CYS H 90 -61.82 -94.48 5.62
N VAL H 91 -61.92 -93.41 4.83
CA VAL H 91 -62.65 -92.18 5.13
C VAL H 91 -62.95 -91.55 3.79
N SER H 92 -64.14 -91.00 3.62
CA SER H 92 -64.45 -90.27 2.41
C SER H 92 -64.57 -88.80 2.75
N THR H 93 -64.27 -87.94 1.81
CA THR H 93 -64.31 -86.51 2.03
C THR H 93 -65.02 -85.83 0.87
N PRO H 94 -65.57 -84.64 1.08
CA PRO H 94 -66.14 -83.89 -0.05
C PRO H 94 -65.10 -83.44 -1.05
N TRP H 95 -63.82 -83.50 -0.71
CA TRP H 95 -62.77 -82.92 -1.52
C TRP H 95 -62.40 -83.80 -2.70
N SER H 96 -61.94 -83.17 -3.76
CA SER H 96 -61.32 -83.81 -4.90
C SER H 96 -59.92 -83.25 -5.03
N TYR H 97 -59.06 -83.95 -5.75
CA TYR H 97 -57.68 -83.52 -5.82
C TYR H 97 -57.11 -83.70 -7.20
N PHE H 98 -56.06 -82.92 -7.48
CA PHE H 98 -55.32 -83.00 -8.72
C PHE H 98 -54.13 -83.92 -8.54
N ASN H 99 -54.07 -84.98 -9.34
CA ASN H 99 -52.92 -85.87 -9.38
C ASN H 99 -52.15 -85.59 -10.65
N PHE H 100 -50.96 -85.02 -10.52
CA PHE H 100 -50.11 -84.74 -11.67
C PHE H 100 -49.05 -85.78 -11.90
N ASN H 101 -49.06 -86.88 -11.15
CA ASN H 101 -47.91 -87.78 -11.08
C ASN H 101 -48.04 -88.85 -12.14
N GLN H 102 -47.28 -88.70 -13.23
CA GLN H 102 -47.08 -89.67 -14.29
C GLN H 102 -46.24 -88.99 -15.35
N TYR H 103 -45.54 -89.78 -16.16
CA TYR H 103 -44.80 -89.16 -17.25
C TYR H 103 -45.67 -88.91 -18.46
N SER H 104 -46.53 -89.86 -18.80
CA SER H 104 -47.35 -89.74 -20.01
C SER H 104 -48.26 -88.53 -19.96
N SER H 105 -48.45 -87.94 -18.80
CA SER H 105 -49.26 -86.73 -18.72
C SER H 105 -48.50 -85.52 -19.23
N HIS H 106 -47.21 -85.43 -18.91
CA HIS H 106 -46.41 -84.25 -19.21
C HIS H 106 -45.64 -84.35 -20.51
N PHE H 107 -45.58 -85.52 -21.14
CA PHE H 107 -44.77 -85.71 -22.33
C PHE H 107 -45.60 -86.34 -23.42
N SER H 108 -45.62 -85.70 -24.58
CA SER H 108 -46.19 -86.33 -25.74
C SER H 108 -45.33 -87.52 -26.14
N PRO H 109 -45.88 -88.48 -26.87
CA PRO H 109 -45.06 -89.59 -27.34
C PRO H 109 -43.85 -89.17 -28.13
N GLN H 110 -43.84 -87.97 -28.71
CA GLN H 110 -42.61 -87.46 -29.31
C GLN H 110 -41.70 -86.75 -28.32
N ASP H 111 -42.26 -85.93 -27.42
CA ASP H 111 -41.42 -85.27 -26.43
C ASP H 111 -40.66 -86.30 -25.62
N TRP H 112 -41.38 -87.21 -24.98
CA TRP H 112 -40.80 -88.48 -24.60
C TRP H 112 -40.31 -89.12 -25.88
N GLN H 113 -39.17 -89.80 -25.83
CA GLN H 113 -38.41 -90.26 -26.99
C GLN H 113 -37.59 -89.16 -27.64
N ARG H 114 -37.91 -87.90 -27.40
CA ARG H 114 -36.90 -86.91 -27.70
C ARG H 114 -35.89 -86.79 -26.58
N LEU H 115 -36.33 -86.89 -25.34
CA LEU H 115 -35.38 -86.96 -24.24
C LEU H 115 -34.85 -88.36 -24.02
N THR H 116 -35.67 -89.38 -24.21
CA THR H 116 -35.20 -90.74 -24.01
C THR H 116 -34.09 -91.07 -24.99
N ASN H 117 -34.15 -90.51 -26.19
CA ASN H 117 -33.08 -90.73 -27.16
C ASN H 117 -31.90 -89.80 -26.91
N GLU H 118 -32.17 -88.54 -26.60
CA GLU H 118 -31.13 -87.52 -26.67
C GLU H 118 -30.46 -87.19 -25.34
N TYR H 119 -30.85 -87.80 -24.23
CA TYR H 119 -30.29 -87.36 -22.95
C TYR H 119 -29.93 -88.53 -22.05
N LYS H 120 -28.87 -88.34 -21.26
CA LYS H 120 -28.49 -89.33 -20.26
C LYS H 120 -29.51 -89.42 -19.14
N ARG H 121 -29.88 -88.29 -18.58
CA ARG H 121 -30.58 -88.30 -17.32
C ARG H 121 -31.41 -87.04 -17.21
N PHE H 122 -32.45 -87.11 -16.40
CA PHE H 122 -33.31 -85.97 -16.19
C PHE H 122 -33.99 -86.11 -14.85
N ARG H 123 -34.31 -84.97 -14.25
CA ARG H 123 -35.13 -84.95 -13.06
C ARG H 123 -35.95 -83.69 -13.10
N PRO H 124 -37.17 -83.71 -12.59
CA PRO H 124 -37.96 -82.48 -12.58
C PRO H 124 -37.34 -81.45 -11.64
N LYS H 125 -37.12 -80.26 -12.17
CA LYS H 125 -36.52 -79.19 -11.39
C LYS H 125 -37.57 -78.43 -10.58
N GLY H 126 -38.70 -78.12 -11.19
CA GLY H 126 -39.71 -77.31 -10.55
C GLY H 126 -41.05 -77.56 -11.20
N MET H 127 -42.08 -76.97 -10.61
CA MET H 127 -43.44 -77.20 -11.07
C MET H 127 -44.26 -75.94 -10.79
N HIS H 128 -45.14 -75.60 -11.73
CA HIS H 128 -45.96 -74.40 -11.60
C HIS H 128 -47.35 -74.74 -12.10
N VAL H 129 -48.34 -74.56 -11.23
CA VAL H 129 -49.70 -74.96 -11.54
C VAL H 129 -50.61 -73.74 -11.42
N LYS H 130 -51.56 -73.63 -12.34
CA LYS H 130 -52.46 -72.50 -12.36
C LYS H 130 -53.88 -73.00 -12.59
N ILE H 131 -54.77 -72.70 -11.66
CA ILE H 131 -56.20 -72.90 -11.82
C ILE H 131 -56.74 -71.59 -12.36
N TYR H 132 -57.58 -71.65 -13.39
CA TYR H 132 -58.14 -70.43 -13.93
C TYR H 132 -59.32 -70.79 -14.82
N ASN H 133 -59.98 -69.76 -15.33
CA ASN H 133 -61.15 -69.90 -16.20
C ASN H 133 -62.20 -70.81 -15.56
N LEU H 134 -62.54 -70.50 -14.32
CA LEU H 134 -63.48 -71.34 -13.58
C LEU H 134 -64.91 -71.05 -14.02
N GLN H 135 -65.77 -72.06 -13.86
CA GLN H 135 -67.19 -71.94 -14.21
C GLN H 135 -67.99 -72.75 -13.21
N ILE H 136 -69.08 -72.18 -12.72
CA ILE H 136 -70.01 -72.90 -11.83
C ILE H 136 -71.34 -72.98 -12.56
N LYS H 137 -71.77 -74.18 -12.91
CA LYS H 137 -72.85 -74.30 -13.85
C LYS H 137 -74.23 -74.63 -13.28
N GLN H 138 -74.36 -74.91 -11.98
CA GLN H 138 -75.68 -75.01 -11.37
C GLN H 138 -76.58 -76.04 -12.07
N ILE H 139 -76.30 -77.32 -11.80
CA ILE H 139 -77.14 -78.38 -12.32
C ILE H 139 -78.59 -78.16 -11.91
N LEU H 140 -79.51 -78.35 -12.86
CA LEU H 140 -80.93 -78.41 -12.56
C LEU H 140 -81.54 -79.66 -13.16
N SER H 141 -82.59 -80.15 -12.52
CA SER H 141 -83.35 -81.30 -13.01
C SER H 141 -84.84 -80.99 -12.89
N ASN H 142 -85.53 -80.98 -14.02
CA ASN H 142 -86.98 -80.91 -14.06
C ASN H 142 -87.61 -82.28 -14.07
N GLY H 143 -86.79 -83.32 -13.90
CA GLY H 143 -87.16 -84.69 -14.16
C GLY H 143 -86.65 -85.05 -15.54
N ALA H 144 -86.15 -86.28 -15.68
CA ALA H 144 -85.41 -86.74 -16.86
C ALA H 144 -84.32 -85.71 -17.15
N ASP H 145 -84.01 -85.43 -18.42
CA ASP H 145 -83.27 -84.27 -18.94
C ASP H 145 -82.11 -83.80 -18.08
N THR H 146 -81.91 -82.48 -18.06
CA THR H 146 -81.12 -81.64 -17.16
C THR H 146 -81.07 -80.25 -17.76
N THR H 147 -80.73 -79.24 -16.96
CA THR H 147 -80.44 -77.93 -17.49
C THR H 147 -79.32 -77.32 -16.67
N TYR H 148 -78.56 -76.44 -17.30
CA TYR H 148 -77.41 -75.80 -16.67
C TYR H 148 -77.58 -74.30 -16.86
N ASN H 149 -77.83 -73.58 -15.76
CA ASN H 149 -78.16 -72.16 -15.88
C ASN H 149 -76.92 -71.30 -15.86
N ASN H 150 -75.75 -71.93 -15.92
CA ASN H 150 -74.51 -71.34 -15.50
C ASN H 150 -74.71 -70.91 -14.06
N ASP H 151 -74.05 -69.84 -13.65
CA ASP H 151 -74.20 -69.32 -12.29
C ASP H 151 -73.20 -68.20 -12.13
N LEU H 152 -73.46 -67.35 -11.16
CA LEU H 152 -72.48 -66.42 -10.66
C LEU H 152 -72.65 -66.42 -9.14
N THR H 153 -71.87 -65.62 -8.46
CA THR H 153 -71.89 -65.56 -7.01
C THR H 153 -71.80 -66.96 -6.40
N ALA H 154 -70.94 -67.80 -6.94
CA ALA H 154 -70.66 -69.11 -6.39
C ALA H 154 -69.14 -69.26 -6.24
N GLY H 155 -68.70 -70.30 -5.55
CA GLY H 155 -67.33 -70.39 -5.14
C GLY H 155 -66.80 -71.80 -5.19
N VAL H 156 -65.47 -71.88 -5.14
CA VAL H 156 -64.74 -73.13 -5.20
C VAL H 156 -63.60 -73.05 -4.22
N HIS H 157 -63.49 -74.04 -3.34
CA HIS H 157 -62.39 -74.10 -2.40
C HIS H 157 -61.20 -74.75 -3.08
N ILE H 158 -60.02 -74.18 -2.89
CA ILE H 158 -58.79 -74.72 -3.46
C ILE H 158 -57.73 -74.69 -2.37
N PHE H 159 -57.15 -75.85 -2.09
CA PHE H 159 -56.22 -76.00 -0.98
C PHE H 159 -55.03 -76.81 -1.43
N CYS H 160 -53.84 -76.40 -1.00
CA CYS H 160 -52.60 -77.07 -1.35
C CYS H 160 -51.85 -77.44 -0.08
N ASP H 161 -51.05 -78.51 -0.15
CA ASP H 161 -50.22 -78.95 0.96
C ASP H 161 -48.77 -78.53 0.72
N GLY H 162 -48.30 -77.56 1.47
CA GLY H 162 -46.87 -77.28 1.45
C GLY H 162 -46.16 -78.05 2.55
N GLU H 163 -46.89 -78.36 3.62
CA GLU H 163 -46.31 -79.07 4.75
C GLU H 163 -46.45 -80.57 4.63
N HIS H 164 -47.28 -81.05 3.71
CA HIS H 164 -47.68 -82.44 3.63
C HIS H 164 -48.26 -82.96 4.94
N ALA H 165 -48.85 -82.09 5.75
CA ALA H 165 -49.87 -82.56 6.66
C ALA H 165 -51.03 -83.06 5.83
N TYR H 166 -51.87 -83.88 6.44
CA TYR H 166 -52.98 -84.59 5.82
C TYR H 166 -52.48 -85.82 5.08
N PRO H 167 -53.34 -86.83 4.97
CA PRO H 167 -52.90 -88.16 4.50
C PRO H 167 -52.44 -88.26 3.05
N ASN H 168 -52.53 -87.22 2.24
CA ASN H 168 -51.99 -87.14 0.88
C ASN H 168 -52.36 -88.33 -0.03
N ALA H 169 -53.58 -88.27 -0.59
CA ALA H 169 -54.15 -89.38 -1.37
C ALA H 169 -53.16 -89.97 -2.37
N THR H 170 -52.36 -89.14 -3.02
CA THR H 170 -51.59 -89.60 -4.18
C THR H 170 -50.78 -90.84 -3.86
N HIS H 171 -50.99 -91.88 -4.67
CA HIS H 171 -50.27 -93.14 -4.68
C HIS H 171 -49.72 -93.29 -6.08
N PRO H 172 -48.51 -93.84 -6.24
CA PRO H 172 -47.86 -93.78 -7.56
C PRO H 172 -48.71 -94.24 -8.73
N TRP H 173 -49.33 -95.41 -8.65
CA TRP H 173 -49.99 -95.93 -9.86
C TRP H 173 -51.40 -95.37 -9.97
N ASP H 174 -52.29 -95.83 -9.12
CA ASP H 174 -53.68 -95.35 -9.07
C ASP H 174 -54.24 -95.37 -10.48
N GLU H 175 -54.86 -94.30 -10.93
CA GLU H 175 -55.59 -94.21 -12.18
C GLU H 175 -55.33 -92.80 -12.65
N ASP H 176 -56.11 -92.34 -13.62
CA ASP H 176 -56.38 -90.89 -13.82
C ASP H 176 -55.05 -90.16 -13.99
N VAL H 177 -54.63 -89.35 -13.02
CA VAL H 177 -53.60 -88.33 -13.17
C VAL H 177 -54.16 -87.42 -14.26
N MET H 178 -53.31 -86.82 -15.07
CA MET H 178 -53.85 -86.05 -16.17
C MET H 178 -54.09 -87.00 -17.34
N PRO H 179 -55.10 -86.76 -18.16
CA PRO H 179 -55.22 -87.58 -19.35
C PRO H 179 -53.99 -87.34 -20.22
N GLU H 180 -53.35 -88.43 -20.64
CA GLU H 180 -52.14 -88.29 -21.42
C GLU H 180 -52.35 -87.42 -22.65
N LEU H 181 -53.59 -87.28 -23.06
CA LEU H 181 -53.97 -86.61 -24.28
C LEU H 181 -54.71 -85.33 -23.92
N PRO H 182 -54.26 -84.14 -24.34
CA PRO H 182 -55.02 -82.93 -24.01
C PRO H 182 -56.40 -82.93 -24.67
N TYR H 183 -57.14 -81.84 -24.56
CA TYR H 183 -58.50 -81.71 -25.09
C TYR H 183 -59.45 -82.72 -24.46
N GLN H 184 -58.89 -83.66 -23.69
CA GLN H 184 -59.66 -84.69 -23.02
C GLN H 184 -59.98 -84.18 -21.63
N THR H 185 -61.25 -83.99 -21.34
CA THR H 185 -61.63 -83.43 -20.05
C THR H 185 -61.18 -84.32 -18.91
N TRP H 186 -60.81 -83.69 -17.80
CA TRP H 186 -60.18 -84.41 -16.72
C TRP H 186 -61.10 -84.45 -15.51
N TYR H 187 -61.66 -85.60 -15.22
CA TYR H 187 -62.57 -85.77 -14.10
C TYR H 187 -61.76 -86.04 -12.85
N LEU H 188 -61.96 -85.20 -11.84
CA LEU H 188 -61.28 -85.36 -10.57
C LEU H 188 -61.88 -86.51 -9.78
N PHE H 189 -61.11 -86.98 -8.81
CA PHE H 189 -61.48 -88.12 -7.99
C PHE H 189 -61.53 -87.72 -6.53
N GLN H 190 -62.41 -88.39 -5.80
CA GLN H 190 -62.67 -88.03 -4.41
C GLN H 190 -61.46 -88.30 -3.54
N TYR H 191 -61.23 -87.45 -2.57
CA TYR H 191 -60.14 -87.62 -1.64
C TYR H 191 -60.58 -88.46 -0.45
N GLY H 192 -59.78 -89.47 -0.12
CA GLY H 192 -60.06 -90.32 1.00
C GLY H 192 -58.76 -90.83 1.57
N TYR H 193 -58.85 -91.44 2.74
CA TYR H 193 -57.64 -91.97 3.36
C TYR H 193 -58.00 -93.05 4.35
N ILE H 194 -57.03 -93.91 4.65
CA ILE H 194 -57.20 -94.96 5.63
C ILE H 194 -56.84 -94.41 7.00
N PRO H 195 -57.79 -94.21 7.91
CA PRO H 195 -57.41 -93.78 9.25
C PRO H 195 -56.64 -94.84 10.02
N VAL H 196 -57.10 -96.09 10.00
CA VAL H 196 -56.47 -97.20 10.72
C VAL H 196 -56.87 -98.51 10.03
N ILE H 197 -56.01 -99.52 10.16
CA ILE H 197 -56.33 -100.86 9.68
C ILE H 197 -57.68 -101.29 10.25
N HIS H 198 -58.56 -101.77 9.38
CA HIS H 198 -59.91 -102.11 9.83
C HIS H 198 -59.88 -103.24 10.84
N GLU H 199 -59.28 -104.37 10.48
CA GLU H 199 -58.95 -105.34 11.50
C GLU H 199 -57.99 -104.68 12.48
N LEU H 200 -57.92 -105.21 13.70
CA LEU H 200 -57.21 -104.51 14.77
C LEU H 200 -57.90 -103.18 15.07
N ALA H 201 -58.96 -103.25 15.90
CA ALA H 201 -60.07 -102.30 16.05
C ALA H 201 -61.37 -102.73 15.38
N GLU H 202 -61.42 -103.93 14.82
CA GLU H 202 -62.69 -104.41 14.24
C GLU H 202 -63.95 -104.23 15.13
N MET H 203 -63.94 -104.51 16.44
CA MET H 203 -62.93 -105.22 17.20
C MET H 203 -63.64 -106.41 17.87
N GLU H 204 -62.89 -107.44 18.26
CA GLU H 204 -63.53 -108.65 18.73
C GLU H 204 -63.64 -108.68 20.24
N ASP H 205 -64.87 -108.50 20.74
CA ASP H 205 -65.21 -108.66 22.15
C ASP H 205 -64.23 -107.92 23.04
N SER H 206 -63.90 -108.53 24.20
CA SER H 206 -62.73 -108.17 24.99
C SER H 206 -62.62 -106.60 25.13
N ASN H 207 -61.59 -105.83 24.71
CA ASN H 207 -60.25 -106.19 24.23
C ASN H 207 -59.20 -105.33 24.90
N ALA H 208 -59.33 -104.02 24.64
CA ALA H 208 -58.53 -102.93 25.20
C ALA H 208 -57.19 -102.82 24.50
N VAL H 209 -56.76 -103.86 23.80
CA VAL H 209 -55.63 -103.72 22.89
C VAL H 209 -56.09 -103.18 21.54
N GLU H 210 -57.26 -103.64 21.07
CA GLU H 210 -57.84 -103.04 19.87
C GLU H 210 -58.78 -101.89 20.22
N LYS H 211 -59.14 -101.74 21.49
CA LYS H 211 -59.84 -100.54 21.90
C LYS H 211 -58.94 -99.33 21.72
N ALA H 212 -57.75 -99.39 22.29
CA ALA H 212 -56.69 -98.53 21.78
C ALA H 212 -56.39 -98.94 20.35
N ILE H 213 -55.90 -97.99 19.57
CA ILE H 213 -55.74 -98.06 18.11
C ILE H 213 -57.08 -97.85 17.44
N CYS H 214 -58.17 -98.13 18.15
CA CYS H 214 -59.47 -97.64 17.70
C CYS H 214 -59.73 -96.24 18.23
N LEU H 215 -59.38 -96.00 19.50
CA LEU H 215 -59.52 -94.67 20.06
C LEU H 215 -58.55 -93.70 19.42
N GLN H 216 -57.41 -94.19 18.95
CA GLN H 216 -56.37 -93.29 18.48
C GLN H 216 -56.49 -92.96 17.01
N ILE H 217 -57.53 -93.46 16.33
CA ILE H 217 -57.58 -93.23 14.88
C ILE H 217 -57.69 -91.73 14.69
N PRO H 218 -56.79 -91.12 13.94
CA PRO H 218 -56.87 -89.69 13.72
C PRO H 218 -57.94 -89.37 12.69
N PHE H 219 -58.47 -88.17 12.79
CA PHE H 219 -59.49 -87.70 11.87
C PHE H 219 -59.06 -86.37 11.31
N PHE H 220 -58.77 -86.35 10.02
CA PHE H 220 -58.24 -85.17 9.36
C PHE H 220 -59.34 -84.51 8.55
N MET H 221 -59.30 -83.18 8.50
CA MET H 221 -60.30 -82.40 7.82
C MET H 221 -59.57 -81.30 7.07
N LEU H 222 -59.97 -81.06 5.84
CA LEU H 222 -59.30 -80.04 5.07
C LEU H 222 -59.85 -78.65 5.34
N GLU H 223 -60.78 -78.51 6.29
CA GLU H 223 -61.30 -77.19 6.56
C GLU H 223 -60.29 -76.42 7.40
N ASN H 224 -60.20 -76.70 8.71
CA ASN H 224 -58.94 -76.59 9.44
C ASN H 224 -58.05 -75.49 8.89
N SER H 225 -56.87 -75.87 8.41
CA SER H 225 -55.97 -74.92 7.79
C SER H 225 -56.65 -74.16 6.67
N ASP H 226 -56.34 -72.87 6.55
CA ASP H 226 -57.04 -71.99 5.66
C ASP H 226 -56.71 -72.29 4.20
N HIS H 227 -57.62 -71.88 3.32
CA HIS H 227 -57.47 -72.08 1.89
C HIS H 227 -58.32 -71.07 1.15
N GLU H 228 -58.05 -70.94 -0.14
CA GLU H 228 -58.69 -69.91 -0.93
C GLU H 228 -60.01 -70.40 -1.51
N VAL H 229 -60.98 -69.51 -1.56
CA VAL H 229 -62.21 -69.72 -2.30
C VAL H 229 -62.13 -68.82 -3.52
N LEU H 230 -62.71 -69.26 -4.63
CA LEU H 230 -62.63 -68.53 -5.88
C LEU H 230 -64.01 -68.45 -6.51
N ARG H 231 -64.43 -67.25 -6.87
CA ARG H 231 -65.54 -67.16 -7.81
C ARG H 231 -64.96 -67.31 -9.22
N THR H 232 -65.78 -67.02 -10.22
CA THR H 232 -65.36 -67.20 -11.60
C THR H 232 -64.14 -66.36 -11.96
N GLY H 233 -64.23 -65.04 -11.81
CA GLY H 233 -63.18 -64.18 -12.30
C GLY H 233 -61.82 -64.41 -11.69
N GLU H 234 -61.76 -65.01 -10.51
CA GLU H 234 -60.50 -65.23 -9.82
C GLU H 234 -59.79 -66.48 -10.34
N SER H 235 -58.48 -66.51 -10.12
CA SER H 235 -57.64 -67.67 -10.39
C SER H 235 -56.69 -67.90 -9.24
N THR H 236 -55.82 -68.90 -9.39
CA THR H 236 -54.84 -69.22 -8.37
C THR H 236 -53.62 -69.85 -9.02
N GLU H 237 -52.45 -69.59 -8.45
CA GLU H 237 -51.21 -70.21 -8.87
C GLU H 237 -50.61 -71.01 -7.74
N PHE H 238 -49.82 -72.01 -8.09
CA PHE H 238 -49.05 -72.77 -7.12
C PHE H 238 -47.69 -73.09 -7.73
N THR H 239 -46.65 -73.05 -6.91
CA THR H 239 -45.32 -73.41 -7.35
C THR H 239 -44.80 -74.55 -6.50
N PHE H 240 -43.81 -75.25 -7.03
CA PHE H 240 -43.19 -76.35 -6.32
C PHE H 240 -41.74 -76.43 -6.73
N ASN H 241 -40.89 -76.81 -5.79
CA ASN H 241 -39.50 -77.09 -6.06
C ASN H 241 -39.18 -78.48 -5.59
N PHE H 242 -38.22 -79.13 -6.25
CA PHE H 242 -37.94 -80.53 -6.02
C PHE H 242 -36.52 -80.70 -5.54
N ASP H 243 -36.36 -81.32 -4.37
CA ASP H 243 -35.12 -81.97 -4.01
C ASP H 243 -35.27 -83.42 -4.46
N CYS H 244 -34.54 -83.80 -5.50
CA CYS H 244 -34.95 -84.94 -6.28
C CYS H 244 -33.72 -85.63 -6.87
N GLU H 245 -33.79 -86.95 -6.97
CA GLU H 245 -32.72 -87.74 -7.53
C GLU H 245 -32.90 -87.87 -9.02
N TRP H 246 -31.78 -87.86 -9.74
CA TRP H 246 -31.81 -88.08 -11.18
C TRP H 246 -32.39 -89.45 -11.50
N ILE H 247 -33.08 -89.54 -12.62
CA ILE H 247 -33.42 -90.83 -13.21
C ILE H 247 -32.59 -90.96 -14.48
N ASN H 248 -31.85 -92.06 -14.57
CA ASN H 248 -30.78 -92.19 -15.55
C ASN H 248 -31.24 -93.01 -16.74
N ASN H 249 -31.12 -92.43 -17.92
CA ASN H 249 -31.30 -93.16 -19.17
C ASN H 249 -29.91 -93.48 -19.70
N GLU H 250 -29.52 -94.75 -19.60
CA GLU H 250 -28.17 -95.24 -19.83
C GLU H 250 -28.24 -96.75 -19.74
N ARG H 251 -27.24 -97.40 -20.31
CA ARG H 251 -27.24 -98.84 -20.43
C ARG H 251 -25.84 -99.36 -20.17
N ALA H 252 -25.73 -100.38 -19.33
CA ALA H 252 -24.48 -101.07 -19.12
C ALA H 252 -24.40 -102.22 -20.10
N TYR H 253 -23.41 -102.18 -20.97
CA TYR H 253 -23.24 -103.22 -21.97
C TYR H 253 -22.65 -104.49 -21.41
N ILE H 254 -22.11 -104.45 -20.19
CA ILE H 254 -21.59 -105.64 -19.52
C ILE H 254 -21.96 -105.59 -18.05
N PRO H 255 -22.02 -106.74 -17.38
CA PRO H 255 -22.18 -106.75 -15.94
C PRO H 255 -21.02 -106.03 -15.28
N PRO H 256 -21.20 -105.52 -14.07
CA PRO H 256 -20.09 -104.84 -13.40
C PRO H 256 -18.94 -105.77 -13.07
N GLY H 257 -19.22 -107.05 -12.86
CA GLY H 257 -18.16 -108.00 -12.61
C GLY H 257 -17.40 -108.47 -13.81
N LEU H 258 -17.82 -108.04 -15.01
CA LEU H 258 -17.19 -108.44 -16.25
C LEU H 258 -16.14 -107.44 -16.71
N MET H 259 -15.82 -106.46 -15.89
CA MET H 259 -14.87 -105.42 -16.26
C MET H 259 -13.47 -105.87 -15.88
N PHE H 260 -12.66 -106.17 -16.88
CA PHE H 260 -11.26 -106.52 -16.68
C PHE H 260 -10.67 -106.79 -18.05
N ASN H 261 -9.35 -106.76 -18.11
CA ASN H 261 -8.66 -107.10 -19.34
C ASN H 261 -8.42 -108.61 -19.34
N PRO H 262 -9.15 -109.36 -20.15
CA PRO H 262 -9.00 -110.82 -20.10
C PRO H 262 -7.70 -111.31 -20.68
N LEU H 263 -6.99 -110.46 -21.42
CA LEU H 263 -5.70 -110.85 -21.96
C LEU H 263 -4.67 -111.00 -20.85
N VAL H 264 -4.69 -110.10 -19.88
CA VAL H 264 -3.64 -110.07 -18.87
C VAL H 264 -3.85 -111.19 -17.87
N PRO H 265 -2.83 -111.96 -17.53
CA PRO H 265 -2.99 -112.98 -16.48
C PRO H 265 -3.24 -112.33 -15.13
N THR H 266 -3.77 -113.13 -14.22
CA THR H 266 -4.10 -112.63 -12.89
C THR H 266 -3.23 -113.32 -11.85
N ARG H 267 -2.94 -112.59 -10.77
CA ARG H 267 -2.32 -113.21 -9.62
C ARG H 267 -3.35 -113.50 -8.55
N ARG H 268 -3.75 -114.76 -8.46
CA ARG H 268 -4.82 -115.24 -7.60
C ARG H 268 -4.84 -116.76 -7.74
N ALA H 269 -5.50 -117.45 -6.82
CA ALA H 269 -5.51 -118.89 -6.89
C ALA H 269 -6.86 -119.41 -6.40
N GLN H 270 -7.19 -120.62 -6.86
CA GLN H 270 -8.43 -121.29 -6.51
C GLN H 270 -8.07 -122.59 -5.80
N TYR H 271 -8.37 -122.67 -4.51
CA TYR H 271 -8.35 -123.94 -3.81
C TYR H 271 -9.75 -124.53 -3.97
N ILE H 272 -9.81 -125.81 -4.29
CA ILE H 272 -11.08 -126.50 -4.45
C ILE H 272 -11.10 -127.71 -3.54
N ARG H 273 -12.12 -127.78 -2.69
CA ARG H 273 -12.21 -128.84 -1.71
C ARG H 273 -12.32 -130.21 -2.38
N ARG H 274 -11.92 -131.25 -1.66
CA ARG H 274 -12.17 -132.61 -2.10
C ARG H 274 -13.65 -132.78 -2.44
N ASN H 275 -13.92 -133.39 -3.59
CA ASN H 275 -15.27 -133.36 -4.13
C ASN H 275 -16.20 -134.32 -3.42
N ASN H 276 -15.64 -135.40 -2.84
CA ASN H 276 -16.43 -136.38 -2.10
C ASN H 276 -17.60 -136.88 -2.95
N ASN H 277 -17.25 -137.71 -3.95
CA ASN H 277 -18.11 -138.09 -5.07
C ASN H 277 -18.24 -136.86 -5.98
N PRO H 278 -18.31 -137.08 -7.30
CA PRO H 278 -17.88 -138.32 -7.98
C PRO H 278 -16.39 -138.63 -7.84
N GLN H 279 -15.53 -137.63 -8.03
CA GLN H 279 -14.12 -137.87 -8.26
C GLN H 279 -13.38 -136.52 -8.16
N THR H 280 -12.12 -136.47 -8.63
CA THR H 280 -11.34 -135.23 -8.68
C THR H 280 -11.02 -134.65 -7.31
N ALA H 281 -10.03 -135.25 -6.65
CA ALA H 281 -9.56 -134.79 -5.36
C ALA H 281 -9.02 -133.36 -5.44
N GLU H 282 -8.94 -132.73 -4.27
CA GLU H 282 -8.69 -131.29 -4.18
C GLU H 282 -7.41 -130.89 -4.90
N SER H 283 -7.42 -129.68 -5.46
CA SER H 283 -6.26 -129.12 -6.11
C SER H 283 -6.34 -127.60 -6.06
N THR H 284 -5.19 -126.95 -6.05
CA THR H 284 -5.10 -125.50 -6.17
C THR H 284 -4.54 -125.15 -7.55
N SER H 285 -4.99 -124.01 -8.07
CA SER H 285 -4.60 -123.61 -9.42
C SER H 285 -4.75 -122.10 -9.55
N ARG H 286 -4.05 -121.55 -10.54
CA ARG H 286 -4.16 -120.14 -10.82
C ARG H 286 -5.43 -119.85 -11.60
N ILE H 287 -6.06 -118.72 -11.28
CA ILE H 287 -7.27 -118.34 -11.99
C ILE H 287 -6.93 -117.96 -13.41
N ALA H 288 -7.74 -118.44 -14.35
CA ALA H 288 -7.50 -118.20 -15.76
C ALA H 288 -7.51 -116.72 -16.07
N PRO H 289 -6.80 -116.30 -17.12
CA PRO H 289 -6.77 -114.86 -17.44
C PRO H 289 -8.14 -114.30 -17.73
N TYR H 290 -8.92 -114.98 -18.56
CA TYR H 290 -10.34 -114.71 -18.66
C TYR H 290 -11.02 -115.15 -17.36
N ALA H 291 -12.22 -114.63 -17.14
CA ALA H 291 -13.03 -115.03 -15.99
C ALA H 291 -12.30 -114.80 -14.68
N LYS H 292 -11.83 -113.59 -14.49
CA LYS H 292 -11.24 -113.22 -13.23
C LYS H 292 -12.34 -113.00 -12.19
N PRO H 293 -12.05 -113.25 -10.92
CA PRO H 293 -13.06 -113.02 -9.89
C PRO H 293 -13.39 -111.54 -9.76
N THR H 294 -14.50 -111.28 -9.10
CA THR H 294 -14.96 -109.92 -8.98
C THR H 294 -15.45 -109.62 -7.58
N SER H 295 -15.43 -108.34 -7.25
CA SER H 295 -16.29 -107.75 -6.25
C SER H 295 -17.66 -107.50 -6.86
N TRP H 296 -18.42 -106.64 -6.24
CA TRP H 296 -19.63 -106.14 -6.89
C TRP H 296 -20.69 -107.22 -7.06
N MET H 297 -21.30 -107.54 -5.94
CA MET H 297 -22.44 -108.42 -5.77
C MET H 297 -23.66 -107.88 -6.53
N THR H 298 -24.60 -108.78 -6.83
CA THR H 298 -25.82 -108.39 -7.52
C THR H 298 -26.77 -107.67 -6.57
N GLY H 299 -27.67 -106.88 -7.16
CA GLY H 299 -28.67 -106.18 -6.40
C GLY H 299 -29.64 -107.11 -5.72
N PRO H 300 -30.30 -106.62 -4.67
CA PRO H 300 -31.16 -107.49 -3.87
C PRO H 300 -32.51 -107.73 -4.51
N GLY H 301 -33.11 -108.86 -4.15
CA GLY H 301 -34.45 -109.20 -4.59
C GLY H 301 -35.03 -110.23 -3.65
N LEU H 302 -36.32 -110.47 -3.79
CA LEU H 302 -36.99 -111.56 -3.09
C LEU H 302 -37.76 -112.38 -4.11
N LEU H 303 -37.27 -113.58 -4.42
CA LEU H 303 -37.86 -114.44 -5.42
C LEU H 303 -38.62 -115.66 -4.89
N SER H 304 -38.64 -115.90 -3.59
CA SER H 304 -39.12 -117.21 -3.14
C SER H 304 -40.64 -117.29 -3.10
N ALA H 305 -41.30 -116.21 -2.70
CA ALA H 305 -42.71 -116.21 -2.38
C ALA H 305 -43.56 -116.39 -3.64
N GLN H 306 -44.83 -116.72 -3.41
CA GLN H 306 -45.84 -116.79 -4.47
C GLN H 306 -47.10 -116.11 -3.99
N ARG H 307 -47.76 -115.39 -4.90
CA ARG H 307 -49.00 -114.71 -4.54
C ARG H 307 -50.03 -115.72 -4.02
N VAL H 308 -50.78 -115.30 -3.02
CA VAL H 308 -51.55 -116.20 -2.17
C VAL H 308 -53.04 -115.93 -2.33
N GLY H 309 -53.74 -116.90 -2.90
CA GLY H 309 -55.18 -116.95 -2.82
C GLY H 309 -55.89 -116.19 -3.93
N PRO H 310 -57.19 -115.97 -3.75
CA PRO H 310 -58.00 -115.39 -4.81
C PRO H 310 -57.76 -113.89 -4.95
N ALA H 311 -58.08 -113.38 -6.13
CA ALA H 311 -58.00 -111.95 -6.37
C ALA H 311 -59.04 -111.22 -5.52
N THR H 312 -58.82 -109.92 -5.35
CA THR H 312 -59.57 -108.98 -4.50
C THR H 312 -59.23 -109.20 -3.04
N SER H 313 -58.45 -110.22 -2.69
CA SER H 313 -58.00 -110.47 -1.33
C SER H 313 -56.63 -109.86 -1.04
N ASP H 314 -56.09 -109.06 -1.95
CA ASP H 314 -54.74 -108.49 -1.82
C ASP H 314 -53.68 -109.59 -1.79
N THR H 315 -53.42 -110.19 -2.94
CA THR H 315 -52.36 -111.18 -3.02
C THR H 315 -51.08 -110.49 -3.43
N GLY H 316 -50.16 -110.35 -2.48
CA GLY H 316 -48.91 -109.66 -2.77
C GLY H 316 -47.68 -110.54 -2.86
N ALA H 317 -47.80 -111.78 -2.40
CA ALA H 317 -46.74 -112.76 -2.17
C ALA H 317 -45.82 -112.34 -1.03
N TRP H 318 -45.81 -111.08 -0.63
CA TRP H 318 -45.12 -110.62 0.57
C TRP H 318 -46.04 -109.64 1.25
N MET H 319 -46.48 -109.97 2.46
CA MET H 319 -47.34 -109.08 3.23
C MET H 319 -46.51 -108.51 4.36
N VAL H 320 -46.55 -107.18 4.50
CA VAL H 320 -45.76 -106.53 5.54
C VAL H 320 -46.49 -106.61 6.88
N ALA H 321 -47.78 -106.34 6.88
CA ALA H 321 -48.64 -106.36 8.07
C ALA H 321 -48.09 -105.61 9.27
N VAL H 322 -48.51 -106.02 10.46
CA VAL H 322 -48.08 -105.44 11.72
C VAL H 322 -47.88 -106.51 12.79
N LYS H 323 -48.98 -107.18 13.15
CA LYS H 323 -49.01 -108.15 14.25
C LYS H 323 -48.62 -107.53 15.60
N PRO H 324 -49.45 -106.68 16.18
CA PRO H 324 -49.28 -106.33 17.59
C PRO H 324 -49.46 -107.57 18.45
N GLU H 325 -48.93 -107.49 19.68
CA GLU H 325 -48.64 -108.70 20.43
C GLU H 325 -49.92 -109.47 20.78
N ASN H 326 -50.97 -108.75 21.19
CA ASN H 326 -52.23 -109.45 21.43
C ASN H 326 -53.23 -109.20 20.30
N ALA H 327 -53.85 -108.04 20.33
CA ALA H 327 -54.88 -107.61 19.38
C ALA H 327 -55.92 -108.73 19.24
N SER H 328 -56.44 -108.90 18.04
CA SER H 328 -57.11 -110.11 17.60
C SER H 328 -57.14 -110.06 16.08
N ILE H 329 -57.25 -111.22 15.46
CA ILE H 329 -57.14 -111.29 14.01
C ILE H 329 -58.13 -112.32 13.49
N ASP H 330 -58.82 -111.96 12.42
CA ASP H 330 -59.73 -112.85 11.71
C ASP H 330 -58.90 -113.77 10.83
N THR H 331 -59.54 -114.46 9.88
CA THR H 331 -58.78 -115.15 8.86
C THR H 331 -57.78 -114.19 8.24
N GLY H 332 -56.55 -114.63 8.07
CA GLY H 332 -55.47 -113.74 7.71
C GLY H 332 -54.45 -113.54 8.82
N MET H 333 -53.25 -112.99 8.56
CA MET H 333 -52.67 -112.59 7.25
C MET H 333 -53.63 -111.78 6.35
N SER H 334 -53.88 -112.26 5.14
CA SER H 334 -54.87 -111.67 4.24
C SER H 334 -54.61 -110.15 3.98
N GLY H 335 -55.41 -109.15 4.37
CA GLY H 335 -56.36 -109.06 5.48
C GLY H 335 -55.81 -108.20 6.59
N ILE H 336 -54.48 -108.11 6.65
CA ILE H 336 -53.77 -107.09 7.40
C ILE H 336 -52.53 -106.73 6.60
N GLY H 337 -52.13 -105.47 6.69
CA GLY H 337 -50.96 -105.03 5.97
C GLY H 337 -51.13 -105.05 4.47
N SER H 338 -50.01 -104.82 3.79
CA SER H 338 -50.01 -104.54 2.36
C SER H 338 -49.12 -105.52 1.64
N GLY H 339 -49.49 -105.83 0.39
CA GLY H 339 -48.62 -106.65 -0.44
C GLY H 339 -47.44 -105.84 -0.95
N PHE H 340 -46.27 -106.46 -0.95
CA PHE H 340 -45.06 -105.83 -1.44
C PHE H 340 -44.85 -106.24 -2.90
N ASP H 341 -44.80 -105.24 -3.78
CA ASP H 341 -44.81 -105.50 -5.20
C ASP H 341 -43.96 -104.46 -5.94
N PRO H 342 -43.22 -104.88 -6.98
CA PRO H 342 -42.69 -106.22 -7.25
C PRO H 342 -41.46 -106.58 -6.45
N PRO H 343 -41.46 -107.74 -5.79
CA PRO H 343 -40.20 -108.44 -5.57
C PRO H 343 -39.89 -109.42 -6.72
N GLN H 344 -38.66 -109.60 -7.23
CA GLN H 344 -37.64 -108.59 -7.48
C GLN H 344 -37.23 -107.74 -6.24
N GLY H 345 -36.88 -106.45 -6.28
CA GLY H 345 -36.45 -105.64 -7.41
C GLY H 345 -35.20 -106.17 -8.07
N SER H 346 -34.87 -105.61 -9.23
CA SER H 346 -33.76 -106.11 -10.04
C SER H 346 -33.89 -107.60 -10.25
N LEU H 347 -32.76 -108.32 -10.15
CA LEU H 347 -32.75 -109.76 -9.94
C LEU H 347 -33.76 -110.48 -10.81
N ALA H 348 -33.45 -110.65 -12.10
CA ALA H 348 -34.45 -110.93 -13.12
C ALA H 348 -35.43 -112.00 -12.68
N PRO H 349 -36.73 -111.78 -12.84
CA PRO H 349 -37.74 -112.65 -12.23
C PRO H 349 -37.86 -114.00 -12.94
N THR H 350 -38.51 -114.92 -12.23
CA THR H 350 -38.75 -116.26 -12.76
C THR H 350 -39.90 -116.25 -13.75
N ASN H 351 -41.12 -116.00 -13.28
CA ASN H 351 -42.24 -116.00 -14.18
C ASN H 351 -42.96 -114.66 -14.17
N LEU H 352 -44.07 -114.61 -14.90
CA LEU H 352 -44.86 -113.40 -15.09
C LEU H 352 -45.31 -112.81 -13.76
N GLU H 353 -45.42 -113.65 -12.73
CA GLU H 353 -46.01 -113.22 -11.47
C GLU H 353 -45.26 -112.06 -10.83
N TYR H 354 -43.97 -111.93 -11.13
CA TYR H 354 -43.14 -110.86 -10.58
C TYR H 354 -42.93 -109.71 -11.56
N LYS H 355 -43.51 -109.77 -12.75
CA LYS H 355 -43.05 -108.98 -13.88
C LYS H 355 -43.73 -107.62 -13.97
N ILE H 356 -44.44 -107.24 -12.91
CA ILE H 356 -45.40 -106.13 -12.85
C ILE H 356 -46.45 -106.38 -13.92
N GLN H 357 -47.16 -105.33 -14.34
CA GLN H 357 -48.19 -105.36 -15.36
C GLN H 357 -48.98 -104.07 -15.21
N TRP H 358 -49.71 -103.61 -16.22
CA TRP H 358 -50.77 -102.64 -15.98
C TRP H 358 -51.67 -102.60 -17.20
N TYR H 359 -52.88 -102.05 -17.00
CA TYR H 359 -53.87 -102.11 -18.07
C TYR H 359 -53.88 -100.86 -18.93
N GLN H 360 -53.21 -99.79 -18.49
CA GLN H 360 -53.16 -98.51 -19.20
C GLN H 360 -54.52 -98.08 -19.73
N THR H 361 -55.60 -98.40 -19.00
CA THR H 361 -56.96 -98.16 -19.43
C THR H 361 -57.89 -98.63 -18.33
N PRO H 362 -58.90 -97.83 -17.97
CA PRO H 362 -59.88 -98.30 -16.99
C PRO H 362 -60.81 -99.36 -17.55
N GLN H 363 -61.04 -99.36 -18.85
CA GLN H 363 -61.90 -100.37 -19.46
C GLN H 363 -61.22 -101.73 -19.55
N GLY H 364 -59.94 -101.81 -19.19
CA GLY H 364 -59.20 -103.04 -19.33
C GLY H 364 -59.74 -104.20 -18.51
N THR H 365 -60.08 -105.29 -19.20
CA THR H 365 -60.55 -106.50 -18.55
C THR H 365 -59.34 -107.33 -18.13
N ASN H 366 -59.57 -108.58 -17.74
CA ASN H 366 -58.48 -109.40 -17.23
C ASN H 366 -57.31 -109.46 -18.21
N ASN H 367 -57.54 -109.94 -19.43
CA ASN H 367 -56.58 -109.80 -20.50
C ASN H 367 -57.17 -108.91 -21.57
N ASN H 368 -56.71 -107.66 -21.59
CA ASN H 368 -57.04 -106.58 -22.52
C ASN H 368 -56.26 -105.41 -22.00
N GLY H 369 -55.94 -104.42 -22.84
CA GLY H 369 -54.94 -103.48 -22.36
C GLY H 369 -53.75 -104.32 -21.97
N ASN H 370 -53.40 -104.26 -20.69
CA ASN H 370 -52.63 -105.33 -20.06
C ASN H 370 -51.22 -105.44 -20.62
N ILE H 371 -50.53 -104.30 -20.73
CA ILE H 371 -49.15 -104.35 -21.19
C ILE H 371 -48.26 -104.77 -20.04
N ILE H 372 -47.33 -105.64 -20.32
CA ILE H 372 -46.53 -106.29 -19.29
C ILE H 372 -45.10 -105.81 -19.40
N SER H 373 -44.46 -105.56 -18.26
CA SER H 373 -43.09 -105.10 -18.28
C SER H 373 -42.17 -106.17 -18.87
N ASN H 374 -41.02 -105.74 -19.35
CA ASN H 374 -40.11 -106.61 -20.07
C ASN H 374 -38.68 -106.26 -19.68
N GLN H 375 -37.73 -107.10 -20.08
CA GLN H 375 -36.35 -106.82 -19.71
C GLN H 375 -35.77 -105.73 -20.61
N PRO H 376 -35.06 -104.75 -20.04
CA PRO H 376 -34.47 -103.69 -20.87
C PRO H 376 -33.34 -104.19 -21.76
N LEU H 377 -32.82 -105.38 -21.48
CA LEU H 377 -31.61 -105.95 -22.07
C LEU H 377 -30.37 -105.23 -21.58
N SER H 378 -30.52 -104.20 -20.76
CA SER H 378 -29.41 -103.66 -19.99
C SER H 378 -28.84 -104.75 -19.10
N MET H 379 -27.53 -104.70 -18.88
CA MET H 379 -26.86 -105.79 -18.19
C MET H 379 -26.77 -105.60 -16.69
N LEU H 380 -27.35 -104.56 -16.13
CA LEU H 380 -27.08 -104.30 -14.72
C LEU H 380 -27.77 -105.18 -13.67
N ARG H 381 -29.07 -105.18 -13.36
CA ARG H 381 -30.36 -105.04 -14.09
C ARG H 381 -30.91 -106.41 -14.52
N ASP H 382 -30.12 -107.48 -14.41
CA ASP H 382 -30.67 -108.82 -14.61
C ASP H 382 -30.38 -109.66 -13.38
N GLN H 383 -29.10 -109.90 -13.10
CA GLN H 383 -28.62 -110.22 -11.75
C GLN H 383 -29.29 -111.47 -11.17
N ALA H 384 -28.86 -112.62 -11.68
CA ALA H 384 -29.12 -113.84 -10.94
C ALA H 384 -28.13 -113.95 -9.77
N LEU H 385 -28.26 -115.03 -9.01
CA LEU H 385 -27.23 -115.42 -8.07
C LEU H 385 -27.38 -116.92 -7.84
N PHE H 386 -26.26 -117.59 -7.62
CA PHE H 386 -26.20 -119.03 -7.80
C PHE H 386 -25.77 -119.79 -6.55
N ARG H 387 -24.62 -119.49 -5.97
CA ARG H 387 -24.16 -120.22 -4.78
C ARG H 387 -23.99 -121.69 -5.17
N GLY H 388 -24.21 -122.62 -4.23
CA GLY H 388 -24.23 -124.05 -4.50
C GLY H 388 -22.98 -124.58 -5.17
N ASN H 389 -23.02 -125.85 -5.55
CA ASN H 389 -23.58 -126.89 -4.71
C ASN H 389 -22.37 -127.66 -4.20
N GLN H 390 -21.20 -127.21 -4.67
CA GLN H 390 -19.93 -127.92 -4.83
C GLN H 390 -19.94 -128.71 -6.14
N THR H 391 -21.09 -128.87 -6.78
CA THR H 391 -21.24 -129.59 -8.03
C THR H 391 -21.96 -128.74 -9.06
N THR H 392 -23.16 -128.26 -8.73
CA THR H 392 -23.98 -127.45 -9.63
C THR H 392 -24.26 -126.11 -8.97
N TYR H 393 -24.52 -125.09 -9.78
CA TYR H 393 -25.03 -123.83 -9.26
C TYR H 393 -26.55 -123.89 -9.22
N ASN H 394 -27.14 -123.33 -8.17
CA ASN H 394 -28.58 -123.35 -7.98
C ASN H 394 -29.09 -121.97 -7.64
N LEU H 395 -29.89 -121.39 -8.53
CA LEU H 395 -30.42 -120.04 -8.31
C LEU H 395 -31.05 -119.91 -6.94
N CYS H 396 -30.65 -118.89 -6.21
CA CYS H 396 -31.01 -118.75 -4.80
C CYS H 396 -32.07 -117.68 -4.60
N SER H 397 -33.07 -118.00 -3.80
CA SER H 397 -34.08 -117.06 -3.34
C SER H 397 -33.45 -116.05 -2.40
N ASP H 398 -34.20 -114.97 -2.13
CA ASP H 398 -33.74 -113.85 -1.33
C ASP H 398 -32.61 -113.13 -2.06
N VAL H 399 -31.40 -113.06 -1.48
CA VAL H 399 -30.41 -112.04 -1.77
C VAL H 399 -30.83 -110.69 -1.19
N TRP H 400 -30.65 -110.53 0.11
CA TRP H 400 -30.84 -109.29 0.84
C TRP H 400 -29.70 -108.31 0.53
N MET H 401 -29.68 -107.20 1.25
CA MET H 401 -28.62 -106.21 1.03
C MET H 401 -27.27 -106.74 1.46
N PHE H 402 -26.24 -106.34 0.73
CA PHE H 402 -24.88 -106.80 0.90
C PHE H 402 -23.95 -105.67 0.49
N PRO H 403 -22.77 -105.56 1.10
CA PRO H 403 -21.95 -104.35 0.94
C PRO H 403 -21.63 -103.94 -0.49
N ASN H 404 -21.26 -104.87 -1.35
CA ASN H 404 -20.75 -104.50 -2.65
C ASN H 404 -21.82 -104.45 -3.73
N GLN H 405 -23.08 -104.56 -3.36
CA GLN H 405 -24.12 -104.74 -4.36
C GLN H 405 -24.25 -103.53 -5.29
N ILE H 406 -24.50 -103.83 -6.56
CA ILE H 406 -24.95 -102.85 -7.53
C ILE H 406 -26.20 -103.38 -8.22
N TRP H 407 -27.21 -102.53 -8.32
CA TRP H 407 -28.36 -102.82 -9.14
C TRP H 407 -28.68 -101.55 -9.89
N ASP H 408 -29.53 -101.68 -10.90
CA ASP H 408 -29.95 -100.54 -11.68
C ASP H 408 -31.41 -100.28 -11.38
N ARG H 409 -31.74 -99.03 -11.13
CA ARG H 409 -33.11 -98.67 -10.81
C ARG H 409 -34.02 -99.06 -11.96
N TYR H 410 -35.28 -99.34 -11.65
CA TYR H 410 -36.21 -99.82 -12.66
C TYR H 410 -36.22 -98.89 -13.86
N PRO H 411 -36.18 -99.43 -15.09
CA PRO H 411 -35.99 -98.59 -16.27
C PRO H 411 -37.11 -97.61 -16.54
N ILE H 412 -38.22 -97.77 -15.84
CA ILE H 412 -39.49 -97.07 -16.01
C ILE H 412 -39.92 -97.08 -17.48
N THR H 413 -40.66 -96.04 -17.88
CA THR H 413 -41.30 -95.93 -19.19
C THR H 413 -42.20 -94.70 -19.16
N ARG H 414 -42.86 -94.39 -20.27
CA ARG H 414 -43.71 -93.21 -20.30
C ARG H 414 -44.93 -93.34 -19.41
N GLU H 415 -45.35 -94.56 -19.06
CA GLU H 415 -46.58 -94.79 -18.32
C GLU H 415 -46.40 -94.70 -16.81
N ASN H 416 -45.23 -94.42 -16.33
CA ASN H 416 -44.95 -94.59 -14.91
C ASN H 416 -45.26 -93.35 -14.13
N PRO H 417 -45.50 -93.48 -12.83
CA PRO H 417 -45.52 -92.32 -11.95
C PRO H 417 -44.15 -91.69 -11.82
N ILE H 418 -44.14 -90.37 -11.77
CA ILE H 418 -42.88 -89.64 -11.67
C ILE H 418 -42.27 -89.85 -10.29
N TRP H 419 -43.05 -89.60 -9.25
CA TRP H 419 -42.53 -89.59 -7.89
C TRP H 419 -43.42 -90.42 -6.98
N CYS H 420 -42.90 -90.67 -5.79
CA CYS H 420 -43.61 -91.30 -4.69
C CYS H 420 -43.12 -90.65 -3.41
N LYS H 421 -44.02 -90.48 -2.44
CA LYS H 421 -43.62 -89.82 -1.21
C LYS H 421 -42.91 -90.81 -0.28
N LYS H 422 -41.74 -90.42 0.18
CA LYS H 422 -41.01 -91.20 1.16
C LYS H 422 -41.59 -90.91 2.54
N PRO H 423 -42.22 -91.89 3.19
CA PRO H 423 -42.85 -91.63 4.48
C PRO H 423 -41.85 -91.26 5.56
N ARG H 424 -42.25 -90.32 6.41
CA ARG H 424 -41.38 -89.84 7.48
C ARG H 424 -41.21 -90.91 8.54
N SER H 425 -39.96 -91.25 8.82
CA SER H 425 -39.68 -92.25 9.83
C SER H 425 -38.26 -92.03 10.33
N ASP H 426 -37.96 -92.60 11.50
CA ASP H 426 -36.65 -92.42 12.08
C ASP H 426 -35.56 -92.99 11.20
N LYS H 427 -35.67 -94.26 10.86
CA LYS H 427 -34.62 -94.96 10.14
C LYS H 427 -35.13 -95.52 8.83
N HIS H 428 -34.25 -95.61 7.85
CA HIS H 428 -34.59 -96.23 6.58
C HIS H 428 -33.31 -96.65 5.88
N THR H 429 -33.46 -97.55 4.92
CA THR H 429 -32.38 -98.02 4.07
C THR H 429 -32.28 -97.20 2.79
N THR H 430 -31.62 -97.73 1.76
CA THR H 430 -31.19 -96.94 0.61
C THR H 430 -32.34 -96.15 -0.04
N ILE H 431 -33.57 -96.63 0.09
CA ILE H 431 -34.74 -96.01 -0.55
C ILE H 431 -34.60 -96.02 -2.06
N ASP H 432 -34.70 -97.19 -2.68
CA ASP H 432 -34.91 -97.27 -4.11
C ASP H 432 -36.24 -97.94 -4.38
N PRO H 433 -37.28 -97.21 -4.77
CA PRO H 433 -38.57 -97.86 -5.04
C PRO H 433 -38.49 -98.77 -6.26
N PHE H 434 -39.11 -99.93 -6.15
CA PHE H 434 -39.07 -100.91 -7.23
C PHE H 434 -40.13 -100.66 -8.28
N ASP H 435 -40.93 -99.63 -8.12
CA ASP H 435 -41.85 -99.16 -9.13
C ASP H 435 -41.18 -98.21 -10.09
N GLY H 436 -39.87 -98.06 -9.98
CA GLY H 436 -39.21 -96.93 -10.58
C GLY H 436 -39.60 -95.70 -9.80
N SER H 437 -40.19 -94.72 -10.48
CA SER H 437 -40.62 -93.48 -9.85
C SER H 437 -39.49 -92.86 -9.06
N LEU H 438 -39.83 -92.24 -7.93
CA LEU H 438 -38.86 -91.48 -7.15
C LEU H 438 -39.38 -91.39 -5.73
N ALA H 439 -38.48 -91.05 -4.82
CA ALA H 439 -38.86 -90.80 -3.44
C ALA H 439 -38.42 -89.39 -3.07
N MET H 440 -39.31 -88.67 -2.42
CA MET H 440 -39.00 -87.32 -1.97
C MET H 440 -39.55 -87.12 -0.57
N ASP H 441 -38.81 -86.37 0.24
CA ASP H 441 -39.34 -85.95 1.53
C ASP H 441 -40.66 -85.23 1.34
N HIS H 442 -40.64 -84.15 0.57
CA HIS H 442 -41.84 -83.42 0.21
C HIS H 442 -42.01 -83.50 -1.30
N PRO H 443 -42.94 -84.31 -1.79
CA PRO H 443 -43.27 -84.30 -3.20
C PRO H 443 -44.09 -83.07 -3.52
N PRO H 444 -44.55 -82.91 -4.75
CA PRO H 444 -45.53 -81.85 -5.01
C PRO H 444 -46.73 -82.00 -4.09
N GLY H 445 -47.07 -80.90 -3.41
CA GLY H 445 -48.23 -80.93 -2.53
C GLY H 445 -49.49 -81.13 -3.33
N THR H 446 -50.30 -82.08 -2.90
CA THR H 446 -51.55 -82.34 -3.59
C THR H 446 -52.46 -81.12 -3.49
N ILE H 447 -53.00 -80.71 -4.63
CA ILE H 447 -53.93 -79.60 -4.68
C ILE H 447 -55.34 -80.15 -4.55
N PHE H 448 -56.04 -79.71 -3.52
CA PHE H 448 -57.39 -80.16 -3.24
C PHE H 448 -58.37 -79.08 -3.65
N ILE H 449 -59.56 -79.49 -4.07
CA ILE H 449 -60.56 -78.57 -4.56
C ILE H 449 -61.94 -79.12 -4.26
N LYS H 450 -62.87 -78.23 -3.90
CA LYS H 450 -64.19 -78.60 -3.44
C LYS H 450 -65.16 -77.56 -3.95
N MET H 451 -66.45 -77.88 -3.87
CA MET H 451 -67.48 -77.08 -4.51
C MET H 451 -68.16 -76.06 -3.61
N ALA H 452 -67.71 -75.88 -2.38
CA ALA H 452 -68.24 -74.79 -1.57
C ALA H 452 -69.74 -74.92 -1.33
N LYS H 453 -70.13 -75.78 -0.40
CA LYS H 453 -71.53 -76.10 -0.19
C LYS H 453 -72.39 -74.85 -0.11
N ILE H 454 -73.44 -74.83 -0.92
CA ILE H 454 -74.42 -73.75 -0.89
C ILE H 454 -75.72 -74.34 -0.39
N PRO H 455 -76.09 -74.08 0.85
CA PRO H 455 -77.27 -74.74 1.41
C PRO H 455 -78.55 -74.05 0.93
N VAL H 456 -79.67 -74.65 1.30
CA VAL H 456 -80.98 -74.13 0.91
C VAL H 456 -81.91 -74.27 2.10
N PRO H 457 -82.81 -73.34 2.32
CA PRO H 457 -83.62 -73.37 3.54
C PRO H 457 -84.66 -74.47 3.50
N SER H 458 -84.97 -75.01 4.67
CA SER H 458 -86.01 -76.01 4.81
C SER H 458 -86.58 -75.94 6.22
N ASN H 459 -87.62 -76.74 6.48
CA ASN H 459 -88.30 -76.72 7.76
C ASN H 459 -87.61 -77.59 8.79
N ASN H 460 -87.15 -78.77 8.38
CA ASN H 460 -86.68 -79.82 9.30
C ASN H 460 -85.70 -79.38 10.43
N ASN H 461 -84.63 -78.64 10.13
CA ASN H 461 -84.26 -78.17 8.80
C ASN H 461 -83.13 -78.99 8.22
N ALA H 462 -82.74 -78.65 7.00
CA ALA H 462 -81.67 -79.30 6.28
C ALA H 462 -81.95 -80.83 6.16
N ASP H 463 -80.96 -81.72 6.02
CA ASP H 463 -79.73 -81.46 5.26
C ASP H 463 -80.06 -81.37 3.79
N SER H 464 -79.74 -80.22 3.21
CA SER H 464 -80.03 -79.96 1.81
C SER H 464 -79.05 -78.93 1.30
N TYR H 465 -78.77 -78.99 0.01
CA TYR H 465 -77.76 -78.13 -0.58
C TYR H 465 -78.07 -77.96 -2.05
N LEU H 466 -77.43 -76.98 -2.65
CA LEU H 466 -77.66 -76.67 -4.05
C LEU H 466 -76.69 -77.43 -4.91
N ASN H 467 -77.18 -77.99 -6.01
CA ASN H 467 -76.42 -78.92 -6.83
C ASN H 467 -75.68 -78.15 -7.92
N ILE H 468 -74.36 -78.11 -7.83
CA ILE H 468 -73.52 -77.34 -8.75
C ILE H 468 -72.29 -78.17 -9.09
N TYR H 469 -71.55 -77.70 -10.09
CA TYR H 469 -70.25 -78.26 -10.40
C TYR H 469 -69.37 -77.17 -10.98
N CYS H 470 -68.06 -77.40 -10.91
CA CYS H 470 -67.10 -76.43 -11.37
C CYS H 470 -66.39 -76.97 -12.60
N THR H 471 -65.88 -76.06 -13.41
CA THR H 471 -65.17 -76.43 -14.62
C THR H 471 -64.12 -75.37 -14.85
N GLY H 472 -62.94 -75.79 -15.30
CA GLY H 472 -61.89 -74.83 -15.45
C GLY H 472 -60.67 -75.47 -16.08
N GLN H 473 -59.56 -74.76 -16.00
CA GLN H 473 -58.36 -75.16 -16.70
C GLN H 473 -57.17 -75.14 -15.78
N VAL H 474 -56.51 -76.28 -15.65
CA VAL H 474 -55.24 -76.39 -14.93
C VAL H 474 -54.14 -76.35 -15.96
N SER H 475 -53.09 -75.61 -15.66
CA SER H 475 -51.89 -75.62 -16.49
C SER H 475 -50.74 -76.04 -15.60
N CYS H 476 -50.21 -77.22 -15.86
CA CYS H 476 -49.07 -77.73 -15.12
C CYS H 476 -47.84 -77.55 -15.98
N GLU H 477 -46.98 -76.61 -15.61
CA GLU H 477 -45.77 -76.29 -16.35
C GLU H 477 -44.59 -76.65 -15.47
N ILE H 478 -43.84 -77.69 -15.84
CA ILE H 478 -42.76 -78.19 -15.01
C ILE H 478 -41.47 -78.14 -15.79
N VAL H 479 -40.39 -77.81 -15.08
CA VAL H 479 -39.07 -77.68 -15.65
C VAL H 479 -38.26 -78.90 -15.26
N TRP H 480 -37.48 -79.42 -16.20
CA TRP H 480 -36.74 -80.66 -16.01
C TRP H 480 -35.26 -80.36 -16.13
N GLU H 481 -34.51 -80.57 -15.07
CA GLU H 481 -33.06 -80.61 -15.20
C GLU H 481 -32.70 -81.79 -16.08
N VAL H 482 -31.93 -81.53 -17.13
CA VAL H 482 -31.67 -82.53 -18.15
C VAL H 482 -30.20 -82.46 -18.53
N GLU H 483 -29.61 -83.61 -18.83
CA GLU H 483 -28.21 -83.70 -19.19
C GLU H 483 -28.04 -84.52 -20.45
N ARG H 484 -27.22 -84.04 -21.36
CA ARG H 484 -27.10 -84.59 -22.71
C ARG H 484 -25.87 -85.47 -22.80
N TYR H 485 -25.96 -86.53 -23.60
CA TYR H 485 -24.95 -87.57 -23.55
C TYR H 485 -23.90 -87.39 -24.63
N ALA H 486 -22.67 -87.73 -24.28
CA ALA H 486 -21.57 -87.85 -25.22
C ALA H 486 -20.83 -89.13 -24.90
N THR H 487 -20.37 -89.83 -25.93
CA THR H 487 -19.72 -91.11 -25.69
C THR H 487 -18.69 -91.36 -26.77
N LYS H 488 -17.75 -92.25 -26.46
CA LYS H 488 -16.69 -92.61 -27.37
C LYS H 488 -16.98 -93.87 -28.16
N ASN H 489 -18.18 -94.44 -28.00
CA ASN H 489 -18.52 -95.63 -28.76
C ASN H 489 -18.47 -95.34 -30.24
N TRP H 490 -17.97 -96.29 -31.00
CA TRP H 490 -17.91 -96.15 -32.45
C TRP H 490 -19.23 -96.49 -33.10
N ARG H 491 -19.99 -97.36 -32.53
CA ARG H 491 -21.14 -97.98 -33.16
C ARG H 491 -22.44 -97.21 -32.94
N PRO H 492 -23.45 -97.48 -33.75
CA PRO H 492 -24.66 -96.64 -33.78
C PRO H 492 -25.48 -96.59 -32.49
N GLU H 493 -25.27 -97.48 -31.52
CA GLU H 493 -26.11 -97.59 -30.31
C GLU H 493 -27.56 -97.86 -30.73
N ARG H 494 -28.54 -97.31 -30.03
CA ARG H 494 -29.94 -97.70 -30.21
C ARG H 494 -30.82 -96.52 -29.89
N ARG H 495 -31.96 -96.44 -30.57
CA ARG H 495 -32.92 -95.38 -30.37
C ARG H 495 -34.30 -95.99 -30.31
N HIS H 496 -35.31 -95.13 -30.21
CA HIS H 496 -36.70 -95.58 -30.25
C HIS H 496 -37.32 -95.14 -31.56
N THR H 497 -37.48 -96.09 -32.47
CA THR H 497 -38.22 -95.90 -33.70
C THR H 497 -39.71 -96.07 -33.45
N THR H 498 -40.50 -95.50 -34.35
CA THR H 498 -41.88 -95.92 -34.49
C THR H 498 -41.98 -97.38 -34.92
N PHE H 499 -40.92 -97.96 -35.45
CA PHE H 499 -41.04 -99.33 -35.92
C PHE H 499 -41.26 -100.31 -34.79
N GLY H 500 -40.89 -99.97 -33.57
CA GLY H 500 -41.33 -100.76 -32.44
C GLY H 500 -42.83 -100.72 -32.27
N LEU H 501 -43.46 -99.64 -32.74
CA LEU H 501 -44.90 -99.46 -32.65
C LEU H 501 -45.60 -100.34 -33.67
N GLY H 502 -46.90 -100.53 -33.47
CA GLY H 502 -47.67 -101.37 -34.36
C GLY H 502 -49.07 -100.84 -34.52
N ILE H 503 -49.74 -101.35 -35.56
CA ILE H 503 -51.01 -100.82 -36.04
C ILE H 503 -52.15 -101.36 -35.18
N GLY H 504 -53.19 -100.57 -34.99
CA GLY H 504 -54.31 -101.04 -34.19
C GLY H 504 -55.52 -100.12 -34.27
N GLY H 505 -56.60 -100.60 -33.66
CA GLY H 505 -57.86 -99.89 -33.49
C GLY H 505 -58.82 -100.07 -34.64
N ALA H 506 -60.11 -100.13 -34.32
CA ALA H 506 -61.20 -100.26 -35.28
C ALA H 506 -60.91 -101.27 -36.37
N ASP H 507 -61.20 -100.89 -37.62
CA ASP H 507 -60.48 -101.47 -38.74
C ASP H 507 -59.03 -101.05 -38.61
N ASN H 508 -58.11 -101.99 -38.84
CA ASN H 508 -56.78 -101.91 -38.25
C ASN H 508 -56.12 -100.55 -38.42
N LEU H 509 -56.59 -99.75 -39.38
CA LEU H 509 -55.95 -98.49 -39.73
C LEU H 509 -55.71 -97.60 -38.53
N ASN H 510 -54.68 -96.76 -38.65
CA ASN H 510 -54.00 -95.88 -37.71
C ASN H 510 -53.02 -96.70 -36.90
N PRO H 511 -51.82 -96.20 -36.62
CA PRO H 511 -50.82 -97.08 -36.03
C PRO H 511 -50.94 -97.35 -34.54
N THR H 512 -50.57 -96.39 -33.71
CA THR H 512 -50.55 -96.65 -32.27
C THR H 512 -50.94 -95.43 -31.46
N TYR H 513 -50.13 -94.38 -31.45
CA TYR H 513 -50.53 -93.17 -30.77
C TYR H 513 -51.23 -92.29 -31.80
N HIS H 514 -52.55 -92.31 -31.75
CA HIS H 514 -53.33 -91.76 -32.85
C HIS H 514 -54.79 -92.04 -32.57
N VAL H 515 -55.65 -91.29 -33.25
CA VAL H 515 -57.09 -91.42 -33.05
C VAL H 515 -57.68 -92.53 -33.90
N ASP H 516 -58.81 -93.06 -33.45
CA ASP H 516 -59.63 -94.02 -34.15
C ASP H 516 -60.64 -93.28 -35.03
N LYS H 517 -61.67 -93.95 -35.55
CA LYS H 517 -62.52 -93.29 -36.55
C LYS H 517 -63.90 -92.59 -36.29
N ASN H 518 -64.67 -92.67 -35.17
CA ASN H 518 -64.65 -93.52 -33.98
C ASN H 518 -63.72 -92.99 -32.91
N GLY H 519 -63.13 -91.83 -33.16
CA GLY H 519 -61.83 -91.55 -32.58
C GLY H 519 -61.68 -91.81 -31.12
N THR H 520 -60.81 -92.78 -30.85
CA THR H 520 -60.39 -93.20 -29.54
C THR H 520 -58.91 -93.45 -29.63
N TYR H 521 -58.15 -92.77 -28.80
CA TYR H 521 -56.70 -92.83 -28.85
C TYR H 521 -56.26 -94.28 -28.71
N ILE H 522 -55.51 -94.77 -29.69
CA ILE H 522 -55.12 -96.18 -29.68
C ILE H 522 -54.07 -96.41 -28.61
N GLN H 523 -54.26 -97.37 -27.84
CA GLN H 523 -53.26 -97.51 -26.79
C GLN H 523 -52.11 -98.39 -27.24
N PRO H 524 -50.91 -98.07 -26.76
CA PRO H 524 -49.75 -98.91 -27.05
C PRO H 524 -49.89 -100.28 -26.42
N THR H 525 -49.62 -101.32 -27.22
CA THR H 525 -49.79 -102.70 -26.79
C THR H 525 -48.44 -103.35 -26.57
N THR H 526 -48.28 -103.95 -25.39
CA THR H 526 -47.09 -104.38 -24.66
C THR H 526 -46.05 -103.31 -24.39
N TRP H 527 -44.80 -103.73 -24.14
CA TRP H 527 -43.88 -102.90 -23.37
C TRP H 527 -43.07 -101.96 -24.23
N ASP H 528 -42.56 -102.46 -25.37
CA ASP H 528 -41.67 -101.66 -26.19
C ASP H 528 -42.37 -100.45 -26.79
N MET H 529 -43.67 -100.53 -27.04
CA MET H 529 -44.43 -99.39 -27.53
C MET H 529 -44.14 -98.15 -26.72
N CYS H 530 -44.58 -98.14 -25.47
CA CYS H 530 -44.08 -97.16 -24.52
C CYS H 530 -42.56 -97.25 -24.49
N PHE H 531 -41.90 -96.13 -24.66
CA PHE H 531 -40.46 -96.22 -24.92
C PHE H 531 -39.71 -96.03 -23.61
N PRO H 532 -39.14 -97.11 -23.04
CA PRO H 532 -38.54 -97.00 -21.73
C PRO H 532 -37.18 -96.33 -21.81
N VAL H 533 -36.85 -95.53 -20.81
CA VAL H 533 -35.46 -95.13 -20.68
C VAL H 533 -34.66 -96.32 -20.20
N LYS H 534 -33.35 -96.22 -20.34
CA LYS H 534 -32.34 -97.16 -19.84
C LYS H 534 -32.12 -98.28 -20.83
N THR H 535 -32.89 -98.35 -21.92
CA THR H 535 -32.65 -99.29 -22.99
C THR H 535 -31.78 -98.70 -24.09
N ASN H 536 -31.35 -97.45 -23.95
CA ASN H 536 -30.61 -96.77 -25.00
C ASN H 536 -29.29 -96.25 -24.47
N ILE H 537 -28.61 -95.54 -25.37
CA ILE H 537 -27.27 -95.01 -25.16
C ILE H 537 -26.36 -96.15 -24.71
N ASN H 538 -25.34 -95.84 -23.91
CA ASN H 538 -24.47 -96.81 -23.26
C ASN H 538 -23.74 -96.06 -22.15
N LYS H 539 -23.18 -96.81 -21.21
CA LYS H 539 -22.27 -96.22 -20.25
C LYS H 539 -21.14 -97.20 -19.97
N VAL H 540 -19.91 -96.70 -20.03
CA VAL H 540 -18.82 -97.46 -19.45
C VAL H 540 -18.98 -97.47 -17.94
N LEU H 541 -19.00 -98.65 -17.35
CA LEU H 541 -19.18 -98.77 -15.93
C LEU H 541 -17.91 -98.32 -15.20
N GLY I 34 -63.96 -48.25 -20.71
CA GLY I 34 -64.41 -49.31 -19.82
C GLY I 34 -63.98 -50.70 -20.27
N SER I 35 -64.41 -51.71 -19.54
CA SER I 35 -64.06 -53.09 -19.85
C SER I 35 -65.11 -54.01 -19.26
N GLY I 36 -65.14 -55.24 -19.76
CA GLY I 36 -66.06 -56.26 -19.25
C GLY I 36 -67.26 -56.44 -20.15
N VAL I 37 -68.14 -57.34 -19.72
CA VAL I 37 -69.39 -57.56 -20.43
C VAL I 37 -70.20 -56.27 -20.46
N GLY I 38 -70.88 -56.03 -21.57
CA GLY I 38 -71.66 -54.84 -21.74
C GLY I 38 -70.92 -53.68 -22.34
N ILE I 39 -69.64 -53.85 -22.66
CA ILE I 39 -68.83 -52.82 -23.31
C ILE I 39 -68.26 -53.46 -24.57
N SER I 40 -68.66 -52.96 -25.73
CA SER I 40 -68.19 -53.55 -26.98
C SER I 40 -66.70 -53.32 -27.14
N THR I 41 -66.02 -54.31 -27.70
CA THR I 41 -64.57 -54.21 -27.77
C THR I 41 -64.11 -53.35 -28.93
N GLY I 42 -64.71 -53.55 -30.10
CA GLY I 42 -64.36 -52.74 -31.26
C GLY I 42 -65.58 -52.59 -32.14
N GLY I 43 -65.49 -51.61 -33.05
CA GLY I 43 -66.59 -51.28 -33.92
C GLY I 43 -66.42 -51.85 -35.32
N TRP I 44 -67.45 -51.63 -36.13
CA TRP I 44 -67.45 -52.09 -37.50
C TRP I 44 -66.46 -51.27 -38.33
N VAL I 45 -65.97 -51.86 -39.41
CA VAL I 45 -64.91 -51.28 -40.22
C VAL I 45 -65.15 -51.65 -41.68
N GLY I 46 -64.73 -50.76 -42.59
CA GLY I 46 -64.74 -51.08 -43.99
C GLY I 46 -64.59 -49.83 -44.85
N GLY I 47 -64.76 -50.02 -46.16
CA GLY I 47 -64.94 -48.93 -47.10
C GLY I 47 -63.77 -48.62 -48.02
N SER I 48 -62.70 -49.40 -47.94
CA SER I 48 -61.44 -49.21 -48.67
C SER I 48 -60.80 -47.82 -48.57
N TYR I 49 -59.90 -47.50 -49.50
CA TYR I 49 -59.16 -46.25 -49.38
C TYR I 49 -58.72 -45.61 -50.70
N PHE I 50 -57.79 -46.27 -51.40
CA PHE I 50 -57.23 -45.83 -52.69
C PHE I 50 -56.39 -44.56 -52.72
N THR I 51 -55.15 -44.65 -52.27
CA THR I 51 -54.09 -43.69 -52.58
C THR I 51 -53.16 -44.26 -53.64
N ASP I 52 -52.56 -43.38 -54.44
CA ASP I 52 -51.67 -43.77 -55.53
C ASP I 52 -50.64 -44.81 -55.14
N SER I 53 -50.05 -44.66 -53.96
CA SER I 53 -49.00 -45.59 -53.53
C SER I 53 -49.55 -46.89 -52.96
N TYR I 54 -50.72 -46.86 -52.32
CA TYR I 54 -51.25 -48.06 -51.69
C TYR I 54 -52.75 -47.97 -51.57
N VAL I 55 -53.38 -49.13 -51.41
CA VAL I 55 -54.81 -49.27 -51.23
C VAL I 55 -55.06 -50.04 -49.95
N ILE I 56 -55.86 -49.46 -49.06
CA ILE I 56 -56.23 -50.09 -47.79
C ILE I 56 -57.66 -50.57 -47.91
N THR I 57 -57.85 -51.88 -47.94
CA THR I 57 -59.19 -52.46 -47.94
C THR I 57 -59.52 -52.94 -46.54
N LYS I 58 -60.69 -52.57 -46.06
CA LYS I 58 -61.15 -52.91 -44.72
C LYS I 58 -62.44 -53.68 -44.83
N ASN I 59 -62.60 -54.71 -44.01
CA ASN I 59 -63.79 -55.54 -44.06
C ASN I 59 -64.10 -56.02 -42.67
N THR I 60 -65.37 -56.35 -42.44
CA THR I 60 -65.82 -56.86 -41.16
C THR I 60 -66.92 -57.87 -41.40
N ARG I 61 -67.01 -58.87 -40.52
CA ARG I 61 -67.94 -59.97 -40.73
C ARG I 61 -68.61 -60.35 -39.43
N GLN I 62 -69.62 -61.19 -39.55
CA GLN I 62 -70.25 -61.84 -38.43
C GLN I 62 -70.09 -63.34 -38.65
N PHE I 63 -69.52 -64.04 -37.68
CA PHE I 63 -69.21 -65.45 -37.85
C PHE I 63 -69.79 -66.26 -36.71
N LEU I 64 -69.83 -67.57 -36.87
CA LEU I 64 -70.19 -68.42 -35.75
C LEU I 64 -69.43 -69.74 -35.80
N VAL I 65 -69.06 -70.22 -34.62
CA VAL I 65 -68.33 -71.48 -34.46
C VAL I 65 -69.30 -72.49 -33.87
N LYS I 66 -69.38 -73.67 -34.48
CA LYS I 66 -70.51 -74.56 -34.30
C LYS I 66 -70.23 -75.75 -33.35
N ILE I 67 -69.01 -75.89 -32.81
CA ILE I 67 -68.59 -77.13 -32.17
C ILE I 67 -68.66 -78.27 -33.18
N GLN I 68 -67.71 -78.34 -34.10
CA GLN I 68 -67.67 -79.46 -35.02
C GLN I 68 -67.04 -80.68 -34.38
N ASN I 69 -67.57 -81.85 -34.74
CA ASN I 69 -66.91 -83.13 -34.50
C ASN I 69 -66.82 -83.47 -33.01
N ASN I 70 -67.88 -83.18 -32.27
CA ASN I 70 -67.83 -83.19 -30.80
C ASN I 70 -66.63 -82.34 -30.44
N HIS I 71 -65.84 -82.68 -29.44
CA HIS I 71 -64.50 -82.12 -29.35
C HIS I 71 -63.42 -83.11 -29.73
N GLN I 72 -63.77 -84.36 -29.97
CA GLN I 72 -62.80 -85.35 -30.37
C GLN I 72 -62.46 -85.22 -31.85
N TYR I 73 -61.34 -85.84 -32.22
CA TYR I 73 -60.71 -85.74 -33.54
C TYR I 73 -61.24 -86.75 -34.56
N LYS I 74 -61.11 -88.03 -34.28
CA LYS I 74 -61.32 -89.14 -35.21
C LYS I 74 -60.40 -89.06 -36.42
N THR I 75 -60.81 -89.69 -37.53
CA THR I 75 -60.02 -89.77 -38.74
C THR I 75 -60.94 -89.57 -39.95
N GLU I 76 -61.98 -90.40 -40.03
CA GLU I 76 -63.16 -90.30 -40.88
C GLU I 76 -63.09 -90.94 -42.26
N LEU I 77 -61.90 -91.28 -42.76
CA LEU I 77 -61.75 -92.10 -43.97
C LEU I 77 -62.80 -91.75 -45.02
N ILE I 78 -62.67 -90.57 -45.62
CA ILE I 78 -63.82 -89.87 -46.18
C ILE I 78 -64.61 -90.71 -47.18
N SER I 79 -64.12 -90.79 -48.42
CA SER I 79 -64.63 -91.65 -49.49
C SER I 79 -66.06 -91.32 -49.89
N PRO I 80 -66.43 -91.51 -51.14
CA PRO I 80 -67.81 -91.92 -51.43
C PRO I 80 -67.86 -93.42 -51.61
N SER I 81 -69.04 -93.99 -51.87
CA SER I 81 -69.08 -95.37 -52.33
C SER I 81 -70.16 -95.61 -53.40
N THR I 82 -69.82 -96.08 -54.62
CA THR I 82 -68.54 -96.00 -55.35
C THR I 82 -67.22 -96.25 -54.60
N SER I 83 -67.13 -97.41 -53.95
CA SER I 83 -65.95 -97.77 -53.16
C SER I 83 -64.67 -97.73 -54.00
N GLN I 84 -64.79 -97.73 -55.33
CA GLN I 84 -63.62 -97.58 -56.20
C GLN I 84 -62.94 -96.22 -56.02
N GLY I 85 -63.55 -95.29 -55.31
CA GLY I 85 -63.00 -93.96 -55.19
C GLY I 85 -61.69 -93.94 -54.43
N LYS I 86 -61.13 -92.74 -54.29
CA LYS I 86 -59.83 -92.59 -53.64
C LYS I 86 -59.90 -92.94 -52.16
N SER I 87 -60.93 -92.47 -51.47
CA SER I 87 -61.17 -92.83 -50.07
C SER I 87 -60.04 -92.35 -49.18
N GLN I 88 -59.66 -91.08 -49.33
CA GLN I 88 -58.65 -90.50 -48.45
C GLN I 88 -59.10 -90.56 -47.00
N ARG I 89 -58.17 -90.87 -46.11
CA ARG I 89 -58.54 -91.12 -44.72
C ARG I 89 -58.72 -89.81 -43.95
N CYS I 90 -57.89 -88.83 -44.25
CA CYS I 90 -57.86 -87.53 -43.58
C CYS I 90 -57.80 -87.59 -42.06
N VAL I 91 -58.19 -86.50 -41.41
CA VAL I 91 -58.31 -86.34 -39.97
C VAL I 91 -59.30 -85.23 -39.75
N SER I 92 -60.17 -85.37 -38.76
CA SER I 92 -61.08 -84.30 -38.41
C SER I 92 -60.66 -83.74 -37.06
N THR I 93 -60.92 -82.47 -36.84
CA THR I 93 -60.53 -81.81 -35.61
C THR I 93 -61.71 -81.00 -35.08
N PRO I 94 -61.75 -80.70 -33.79
CA PRO I 94 -62.77 -79.80 -33.27
C PRO I 94 -62.61 -78.37 -33.76
N TRP I 95 -61.48 -78.03 -34.35
CA TRP I 95 -61.18 -76.66 -34.68
C TRP I 95 -61.86 -76.21 -35.96
N SER I 96 -62.13 -74.92 -36.04
CA SER I 96 -62.57 -74.24 -37.24
C SER I 96 -61.56 -73.16 -37.54
N TYR I 97 -61.55 -72.67 -38.77
CA TYR I 97 -60.52 -71.72 -39.15
C TYR I 97 -61.08 -70.62 -40.03
N PHE I 98 -60.36 -69.50 -40.03
CA PHE I 98 -60.68 -68.36 -40.88
C PHE I 98 -59.87 -68.44 -42.16
N ASN I 99 -60.57 -68.49 -43.29
CA ASN I 99 -59.93 -68.44 -44.59
C ASN I 99 -60.18 -67.05 -45.17
N PHE I 100 -59.13 -66.25 -45.29
CA PHE I 100 -59.25 -64.92 -45.86
C PHE I 100 -58.83 -64.86 -47.31
N ASN I 101 -58.54 -65.99 -47.94
CA ASN I 101 -57.83 -66.00 -49.22
C ASN I 101 -58.84 -65.98 -50.35
N GLN I 102 -58.99 -64.81 -50.97
CA GLN I 102 -59.74 -64.57 -52.19
C GLN I 102 -59.73 -63.07 -52.42
N TYR I 103 -59.92 -62.65 -53.67
CA TYR I 103 -60.00 -61.22 -53.91
C TYR I 103 -61.40 -60.68 -53.66
N SER I 104 -62.41 -61.41 -54.09
CA SER I 104 -63.78 -60.93 -53.97
C SER I 104 -64.20 -60.71 -52.53
N SER I 105 -63.44 -61.23 -51.58
CA SER I 105 -63.75 -60.97 -50.18
C SER I 105 -63.32 -59.57 -49.77
N HIS I 106 -62.17 -59.12 -50.24
CA HIS I 106 -61.59 -57.87 -49.81
C HIS I 106 -61.92 -56.68 -50.71
N PHE I 107 -62.52 -56.91 -51.87
CA PHE I 107 -62.77 -55.85 -52.83
C PHE I 107 -64.22 -55.88 -53.26
N SER I 108 -64.90 -54.75 -53.12
CA SER I 108 -66.20 -54.61 -53.71
C SER I 108 -66.06 -54.62 -55.22
N PRO I 109 -67.13 -54.95 -55.95
CA PRO I 109 -67.05 -54.88 -57.41
C PRO I 109 -66.64 -53.53 -57.93
N GLN I 110 -66.81 -52.46 -57.17
CA GLN I 110 -66.23 -51.19 -57.60
C GLN I 110 -64.78 -50.99 -57.16
N ASP I 111 -64.43 -51.38 -55.93
CA ASP I 111 -63.04 -51.26 -55.51
C ASP I 111 -62.14 -52.04 -56.45
N TRP I 112 -62.39 -53.33 -56.60
CA TRP I 112 -61.95 -54.03 -57.79
C TRP I 112 -62.58 -53.32 -58.97
N GLN I 113 -61.85 -53.19 -60.07
CA GLN I 113 -62.18 -52.33 -61.20
C GLN I 113 -61.82 -50.88 -60.95
N ARG I 114 -61.66 -50.46 -59.71
CA ARG I 114 -60.96 -49.21 -59.53
C ARG I 114 -59.46 -49.41 -59.59
N LEU I 115 -58.95 -50.50 -59.02
CA LEU I 115 -57.54 -50.81 -59.20
C LEU I 115 -57.27 -51.50 -60.52
N THR I 116 -58.18 -52.36 -60.98
CA THR I 116 -57.95 -53.05 -62.24
C THR I 116 -57.87 -52.05 -63.39
N ASN I 117 -58.62 -50.96 -63.30
CA ASN I 117 -58.54 -49.94 -64.33
C ASN I 117 -57.37 -49.01 -64.12
N GLU I 118 -57.12 -48.62 -62.87
CA GLU I 118 -56.23 -47.49 -62.61
C GLU I 118 -54.80 -47.86 -62.26
N TYR I 119 -54.44 -49.14 -62.17
CA TYR I 119 -53.11 -49.47 -61.70
C TYR I 119 -52.45 -50.57 -62.51
N LYS I 120 -51.12 -50.48 -62.65
CA LYS I 120 -50.35 -51.54 -63.31
C LYS I 120 -50.37 -52.81 -62.50
N ARG I 121 -50.03 -52.71 -61.22
CA ARG I 121 -49.70 -53.89 -60.46
C ARG I 121 -49.98 -53.63 -59.00
N PHE I 122 -50.19 -54.71 -58.27
CA PHE I 122 -50.46 -54.60 -56.85
C PHE I 122 -50.07 -55.89 -56.18
N ARG I 123 -49.70 -55.79 -54.92
CA ARG I 123 -49.48 -56.97 -54.10
C ARG I 123 -49.87 -56.60 -52.69
N PRO I 124 -50.40 -57.54 -51.92
CA PRO I 124 -50.73 -57.21 -50.53
C PRO I 124 -49.47 -56.95 -49.73
N LYS I 125 -49.45 -55.80 -49.06
CA LYS I 125 -48.30 -55.43 -48.26
C LYS I 125 -48.37 -56.03 -46.85
N GLY I 126 -49.54 -55.98 -46.24
CA GLY I 126 -49.69 -56.43 -44.86
C GLY I 126 -51.13 -56.78 -44.60
N MET I 127 -51.36 -57.32 -43.41
CA MET I 127 -52.69 -57.80 -43.04
C MET I 127 -52.86 -57.66 -41.54
N HIS I 128 -54.05 -57.26 -41.13
CA HIS I 128 -54.34 -57.04 -39.71
C HIS I 128 -55.72 -57.57 -39.43
N VAL I 129 -55.83 -58.51 -38.51
CA VAL I 129 -57.10 -59.19 -38.24
C VAL I 129 -57.44 -59.01 -36.77
N LYS I 130 -58.71 -58.77 -36.49
CA LYS I 130 -59.18 -58.54 -35.13
C LYS I 130 -60.43 -59.35 -34.88
N ILE I 131 -60.39 -60.24 -33.90
CA ILE I 131 -61.56 -60.90 -33.38
C ILE I 131 -62.07 -60.06 -32.23
N TYR I 132 -63.37 -59.81 -32.19
CA TYR I 132 -63.92 -59.02 -31.11
C TYR I 132 -65.43 -59.19 -31.09
N ASN I 133 -66.06 -58.57 -30.10
CA ASN I 133 -67.50 -58.65 -29.90
C ASN I 133 -67.99 -60.09 -29.89
N LEU I 134 -67.35 -60.91 -29.06
CA LEU I 134 -67.68 -62.32 -29.01
C LEU I 134 -68.95 -62.55 -28.20
N GLN I 135 -69.65 -63.65 -28.51
CA GLN I 135 -70.87 -64.02 -27.82
C GLN I 135 -70.93 -65.53 -27.73
N ILE I 136 -71.28 -66.06 -26.56
CA ILE I 136 -71.47 -67.49 -26.38
C ILE I 136 -72.92 -67.70 -26.00
N LYS I 137 -73.69 -68.37 -26.85
CA LYS I 137 -75.14 -68.32 -26.70
C LYS I 137 -75.78 -69.55 -26.08
N GLN I 138 -75.07 -70.63 -25.81
CA GLN I 138 -75.61 -71.73 -25.02
C GLN I 138 -76.91 -72.28 -25.62
N ILE I 139 -76.77 -73.06 -26.69
CA ILE I 139 -77.92 -73.73 -27.29
C ILE I 139 -78.64 -74.57 -26.23
N LEU I 140 -79.97 -74.48 -26.23
CA LEU I 140 -80.80 -75.39 -25.45
C LEU I 140 -81.87 -76.01 -26.34
N SER I 141 -82.28 -77.22 -25.98
CA SER I 141 -83.36 -77.91 -26.68
C SER I 141 -84.28 -78.53 -25.64
N ASN I 142 -85.55 -78.10 -25.65
CA ASN I 142 -86.59 -78.72 -24.86
C ASN I 142 -87.30 -79.81 -25.65
N GLY I 143 -86.80 -80.13 -26.83
CA GLY I 143 -87.49 -80.90 -27.83
C GLY I 143 -88.11 -79.95 -28.82
N ALA I 144 -88.07 -80.34 -30.09
CA ALA I 144 -88.42 -79.47 -31.23
C ALA I 144 -87.65 -78.15 -31.04
N ASP I 145 -88.23 -77.00 -31.40
CA ASP I 145 -87.85 -75.65 -31.01
C ASP I 145 -86.34 -75.39 -30.96
N THR I 146 -85.94 -74.55 -30.00
CA THR I 146 -84.61 -74.29 -29.43
C THR I 146 -84.74 -73.07 -28.55
N THR I 147 -83.78 -72.85 -27.66
CA THR I 147 -83.68 -71.61 -26.92
C THR I 147 -82.21 -71.27 -26.74
N TYR I 148 -81.92 -69.98 -26.63
CA TYR I 148 -80.57 -69.48 -26.49
C TYR I 148 -80.54 -68.57 -25.27
N ASN I 149 -79.85 -69.01 -24.22
CA ASN I 149 -79.90 -68.28 -22.96
C ASN I 149 -78.84 -67.19 -22.90
N ASN I 150 -78.17 -66.96 -24.01
CA ASN I 150 -76.88 -66.30 -24.03
C ASN I 150 -75.98 -67.11 -23.13
N ASP I 151 -75.04 -66.46 -22.47
CA ASP I 151 -74.14 -67.13 -21.55
C ASP I 151 -73.10 -66.12 -21.10
N LEU I 152 -72.48 -66.39 -19.97
CA LEU I 152 -71.27 -65.73 -19.57
C LEU I 152 -70.38 -66.82 -18.99
N THR I 153 -69.20 -66.44 -18.51
CA THR I 153 -68.24 -67.39 -18.00
C THR I 153 -68.02 -68.55 -18.95
N ALA I 154 -67.92 -68.26 -20.24
CA ALA I 154 -67.58 -69.25 -21.25
C ALA I 154 -66.44 -68.71 -22.10
N GLY I 155 -65.84 -69.55 -22.91
CA GLY I 155 -64.60 -69.22 -23.55
C GLY I 155 -64.50 -69.75 -24.96
N VAL I 156 -63.53 -69.19 -25.68
CA VAL I 156 -63.29 -69.52 -27.08
C VAL I 156 -61.78 -69.57 -27.28
N HIS I 157 -61.29 -70.68 -27.82
CA HIS I 157 -59.89 -70.82 -28.14
C HIS I 157 -59.61 -70.17 -29.47
N ILE I 158 -58.53 -69.41 -29.55
CA ILE I 158 -58.12 -68.76 -30.79
C ILE I 158 -56.63 -68.95 -30.96
N PHE I 159 -56.24 -69.54 -32.08
CA PHE I 159 -54.86 -69.91 -32.31
C PHE I 159 -54.45 -69.50 -33.71
N CYS I 160 -53.23 -68.99 -33.85
CA CYS I 160 -52.69 -68.56 -35.13
C CYS I 160 -51.37 -69.26 -35.39
N ASP I 161 -51.05 -69.44 -36.67
CA ASP I 161 -49.78 -70.03 -37.08
C ASP I 161 -48.84 -68.94 -37.57
N GLY I 162 -47.80 -68.65 -36.79
CA GLY I 162 -46.74 -67.81 -37.30
C GLY I 162 -45.63 -68.63 -37.90
N GLU I 163 -45.49 -69.87 -37.44
CA GLU I 163 -44.45 -70.75 -37.92
C GLU I 163 -44.90 -71.60 -39.10
N HIS I 164 -46.20 -71.67 -39.35
CA HIS I 164 -46.80 -72.61 -40.30
C HIS I 164 -46.42 -74.04 -39.99
N ALA I 165 -46.15 -74.37 -38.74
CA ALA I 165 -46.35 -75.73 -38.28
C ALA I 165 -47.84 -76.02 -38.37
N TYR I 166 -48.17 -77.31 -38.40
CA TYR I 166 -49.52 -77.82 -38.60
C TYR I 166 -49.89 -77.80 -40.08
N PRO I 167 -50.76 -78.71 -40.49
CA PRO I 167 -51.00 -78.96 -41.92
C PRO I 167 -51.66 -77.84 -42.71
N ASN I 168 -52.09 -76.74 -42.08
CA ASN I 168 -52.60 -75.53 -42.75
C ASN I 168 -53.69 -75.79 -43.79
N ALA I 169 -54.93 -75.96 -43.32
CA ALA I 169 -56.05 -76.36 -44.16
C ALA I 169 -56.14 -75.57 -45.47
N THR I 170 -55.85 -74.27 -45.43
CA THR I 170 -56.16 -73.40 -46.56
C THR I 170 -55.59 -73.94 -47.85
N HIS I 171 -56.48 -74.10 -48.83
CA HIS I 171 -56.20 -74.47 -50.20
C HIS I 171 -56.77 -73.36 -51.07
N PRO I 172 -56.11 -73.01 -52.17
CA PRO I 172 -56.53 -71.78 -52.89
C PRO I 172 -58.00 -71.68 -53.21
N TRP I 173 -58.61 -72.68 -53.79
CA TRP I 173 -59.99 -72.50 -54.27
C TRP I 173 -60.97 -72.77 -53.15
N ASP I 174 -61.12 -74.04 -52.78
CA ASP I 174 -61.99 -74.45 -51.67
C ASP I 174 -63.34 -73.79 -51.86
N GLU I 175 -63.90 -73.18 -50.84
CA GLU I 175 -65.25 -72.64 -50.81
C GLU I 175 -65.11 -71.38 -49.97
N ASP I 176 -66.25 -70.85 -49.51
CA ASP I 176 -66.32 -70.02 -48.30
C ASP I 176 -65.34 -68.85 -48.44
N VAL I 177 -64.24 -68.83 -47.68
CA VAL I 177 -63.42 -67.65 -47.44
C VAL I 177 -64.39 -66.67 -46.80
N MET I 178 -64.22 -65.39 -47.00
CA MET I 178 -65.19 -64.46 -46.48
C MET I 178 -66.32 -64.35 -47.49
N PRO I 179 -67.56 -64.16 -47.06
CA PRO I 179 -68.60 -63.89 -48.04
C PRO I 179 -68.26 -62.59 -48.75
N GLU I 180 -68.28 -62.62 -50.07
CA GLU I 180 -67.90 -61.44 -50.84
C GLU I 180 -68.73 -60.24 -50.45
N LEU I 181 -69.88 -60.47 -49.84
CA LEU I 181 -70.85 -59.45 -49.50
C LEU I 181 -70.89 -59.30 -47.99
N PRO I 182 -70.64 -58.13 -47.41
CA PRO I 182 -70.75 -58.02 -45.94
C PRO I 182 -72.17 -58.25 -45.46
N TYR I 183 -72.44 -58.04 -44.18
CA TYR I 183 -73.75 -58.27 -43.55
C TYR I 183 -74.18 -59.71 -43.68
N GLN I 184 -73.44 -60.49 -44.46
CA GLN I 184 -73.73 -61.89 -44.66
C GLN I 184 -72.92 -62.68 -43.65
N THR I 185 -73.60 -63.38 -42.76
CA THR I 185 -72.91 -64.09 -41.69
C THR I 185 -71.99 -65.14 -42.27
N TRP I 186 -70.86 -65.35 -41.60
CA TRP I 186 -69.80 -66.18 -42.14
C TRP I 186 -69.66 -67.44 -41.30
N TYR I 187 -70.08 -68.57 -41.85
CA TYR I 187 -70.02 -69.83 -41.15
C TYR I 187 -68.64 -70.44 -41.36
N LEU I 188 -67.95 -70.73 -40.28
CA LEU I 188 -66.64 -71.33 -40.33
C LEU I 188 -66.74 -72.81 -40.70
N PHE I 189 -65.63 -73.36 -41.15
CA PHE I 189 -65.54 -74.74 -41.59
C PHE I 189 -64.53 -75.50 -40.77
N GLN I 190 -64.79 -76.79 -40.62
CA GLN I 190 -63.98 -77.63 -39.75
C GLN I 190 -62.57 -77.78 -40.30
N TYR I 191 -61.60 -77.84 -39.41
CA TYR I 191 -60.22 -78.03 -39.80
C TYR I 191 -59.88 -79.51 -39.86
N GLY I 192 -59.29 -79.93 -40.97
CA GLY I 192 -58.87 -81.30 -41.14
C GLY I 192 -57.65 -81.34 -42.02
N TYR I 193 -57.04 -82.52 -42.09
CA TYR I 193 -55.86 -82.66 -42.92
C TYR I 193 -55.65 -84.11 -43.28
N ILE I 194 -54.91 -84.34 -44.36
CA ILE I 194 -54.56 -85.68 -44.79
C ILE I 194 -53.28 -86.09 -44.09
N PRO I 195 -53.31 -87.04 -43.15
CA PRO I 195 -52.06 -87.51 -42.57
C PRO I 195 -51.19 -88.25 -43.55
N VAL I 196 -51.76 -89.18 -44.32
CA VAL I 196 -51.03 -90.00 -45.29
C VAL I 196 -52.01 -90.48 -46.35
N ILE I 197 -51.49 -90.74 -47.56
CA ILE I 197 -52.28 -91.34 -48.62
C ILE I 197 -52.95 -92.62 -48.09
N HIS I 198 -54.26 -92.73 -48.31
CA HIS I 198 -54.98 -93.87 -47.75
C HIS I 198 -54.49 -95.18 -48.34
N GLU I 199 -54.51 -95.31 -49.66
CA GLU I 199 -53.76 -96.38 -50.27
C GLU I 199 -52.30 -96.20 -49.92
N LEU I 200 -51.51 -97.28 -49.97
CA LEU I 200 -50.17 -97.24 -49.42
C LEU I 200 -50.21 -97.01 -47.91
N ALA I 201 -50.42 -98.10 -47.16
CA ALA I 201 -50.94 -98.19 -45.79
C ALA I 201 -52.40 -98.60 -45.70
N GLU I 202 -53.04 -98.96 -46.81
CA GLU I 202 -54.42 -99.45 -46.74
C GLU I 202 -54.70 -100.54 -45.67
N MET I 203 -53.85 -101.57 -45.46
CA MET I 203 -52.75 -102.00 -46.30
C MET I 203 -53.03 -103.46 -46.66
N GLU I 204 -52.42 -103.95 -47.75
CA GLU I 204 -52.79 -105.28 -48.24
C GLU I 204 -51.85 -106.35 -47.70
N ASP I 205 -52.37 -107.16 -46.78
CA ASP I 205 -51.69 -108.35 -46.27
C ASP I 205 -50.25 -108.06 -45.89
N SER I 206 -49.35 -109.00 -46.16
CA SER I 206 -47.91 -108.78 -46.22
C SER I 206 -47.45 -107.91 -44.98
N ASN I 207 -46.86 -106.70 -45.03
CA ASN I 207 -46.29 -105.96 -46.15
C ASN I 207 -44.93 -105.39 -45.77
N ALA I 208 -44.95 -104.55 -44.74
CA ALA I 208 -43.81 -103.91 -44.11
C ALA I 208 -43.29 -102.72 -44.91
N VAL I 209 -43.65 -102.66 -46.20
CA VAL I 209 -43.42 -101.43 -46.95
C VAL I 209 -44.56 -100.44 -46.73
N GLU I 210 -45.79 -100.95 -46.66
CA GLU I 210 -46.91 -100.09 -46.27
C GLU I 210 -47.15 -100.11 -44.76
N LYS I 211 -46.52 -101.05 -44.05
CA LYS I 211 -46.53 -100.96 -42.60
C LYS I 211 -45.79 -99.71 -42.15
N ALA I 212 -44.55 -99.55 -42.62
CA ALA I 212 -43.99 -98.22 -42.64
C ALA I 212 -44.81 -97.36 -43.59
N ILE I 213 -44.80 -96.05 -43.33
CA ILE I 213 -45.67 -95.06 -43.95
C ILE I 213 -47.06 -95.13 -43.31
N CYS I 214 -47.42 -96.28 -42.76
CA CYS I 214 -48.55 -96.32 -41.84
C CYS I 214 -48.13 -95.99 -40.43
N LEU I 215 -47.00 -96.53 -40.01
CA LEU I 215 -46.46 -96.21 -38.69
C LEU I 215 -46.02 -94.76 -38.61
N GLN I 216 -45.61 -94.19 -39.73
CA GLN I 216 -45.01 -92.87 -39.69
C GLN I 216 -46.04 -91.76 -39.86
N ILE I 217 -47.33 -92.07 -39.94
CA ILE I 217 -48.30 -91.02 -40.21
C ILE I 217 -48.24 -90.07 -39.02
N PRO I 218 -47.97 -88.79 -39.23
CA PRO I 218 -47.92 -87.86 -38.12
C PRO I 218 -49.33 -87.51 -37.66
N PHE I 219 -49.42 -87.14 -36.39
CA PHE I 219 -50.68 -86.74 -35.81
C PHE I 219 -50.51 -85.39 -35.14
N PHE I 220 -51.17 -84.39 -35.69
CA PHE I 220 -51.03 -83.02 -35.24
C PHE I 220 -52.22 -82.63 -34.42
N MET I 221 -51.99 -81.81 -33.41
CA MET I 221 -53.02 -81.38 -32.48
C MET I 221 -52.81 -79.91 -32.22
N LEU I 222 -53.87 -79.14 -32.22
CA LEU I 222 -53.73 -77.72 -32.00
C LEU I 222 -53.69 -77.37 -30.53
N GLU I 223 -53.69 -78.36 -29.65
CA GLU I 223 -53.63 -78.02 -28.23
C GLU I 223 -52.21 -77.68 -27.86
N ASN I 224 -51.31 -78.66 -27.71
CA ASN I 224 -49.90 -78.47 -28.01
C ASN I 224 -49.43 -77.05 -27.77
N SER I 225 -48.96 -76.39 -28.82
CA SER I 225 -48.57 -74.99 -28.73
C SER I 225 -49.69 -74.14 -28.14
N ASP I 226 -49.29 -73.18 -27.31
CA ASP I 226 -50.25 -72.41 -26.54
C ASP I 226 -51.05 -71.46 -27.41
N HIS I 227 -52.21 -71.07 -26.92
CA HIS I 227 -53.10 -70.16 -27.63
C HIS I 227 -54.02 -69.49 -26.63
N GLU I 228 -54.67 -68.43 -27.08
CA GLU I 228 -55.48 -67.62 -26.19
C GLU I 228 -56.90 -68.14 -26.10
N VAL I 229 -57.46 -68.07 -24.91
CA VAL I 229 -58.89 -68.28 -24.69
C VAL I 229 -59.49 -66.91 -24.41
N LEU I 230 -60.73 -66.71 -24.83
CA LEU I 230 -61.38 -65.42 -24.69
C LEU I 230 -62.78 -65.62 -24.14
N ARG I 231 -63.10 -64.89 -23.08
CA ARG I 231 -64.51 -64.74 -22.76
C ARG I 231 -65.07 -63.61 -23.63
N THR I 232 -66.29 -63.16 -23.30
CA THR I 232 -66.94 -62.15 -24.12
C THR I 232 -66.16 -60.86 -24.18
N GLY I 233 -65.88 -60.24 -23.03
CA GLY I 233 -65.31 -58.90 -23.03
C GLY I 233 -63.96 -58.80 -23.71
N GLU I 234 -63.23 -59.90 -23.83
CA GLU I 234 -61.91 -59.89 -24.43
C GLU I 234 -61.97 -59.92 -25.95
N SER I 235 -60.89 -59.46 -26.58
CA SER I 235 -60.68 -59.55 -28.01
C SER I 235 -59.26 -60.00 -28.31
N THR I 236 -58.92 -60.05 -29.59
CA THR I 236 -57.58 -60.44 -30.01
C THR I 236 -57.27 -59.79 -31.35
N GLU I 237 -56.00 -59.47 -31.54
CA GLU I 237 -55.51 -58.94 -32.81
C GLU I 237 -54.46 -59.87 -33.38
N PHE I 238 -54.32 -59.84 -34.70
CA PHE I 238 -53.24 -60.55 -35.38
C PHE I 238 -52.74 -59.69 -36.52
N THR I 239 -51.44 -59.71 -36.74
CA THR I 239 -50.84 -58.99 -37.86
C THR I 239 -50.10 -59.96 -38.75
N PHE I 240 -49.89 -59.54 -40.00
CA PHE I 240 -49.16 -60.35 -40.95
C PHE I 240 -48.41 -59.43 -41.89
N ASN I 241 -47.25 -59.87 -42.32
CA ASN I 241 -46.47 -59.17 -43.33
C ASN I 241 -46.18 -60.15 -44.45
N PHE I 242 -46.06 -59.62 -45.66
CA PHE I 242 -45.96 -60.45 -46.85
C PHE I 242 -44.64 -60.18 -47.56
N ASP I 243 -43.86 -61.23 -47.75
CA ASP I 243 -42.84 -61.26 -48.79
C ASP I 243 -43.52 -61.86 -50.00
N CYS I 244 -43.76 -61.05 -51.01
CA CYS I 244 -44.79 -61.38 -51.97
C CYS I 244 -44.44 -60.80 -53.34
N GLU I 245 -44.78 -61.53 -54.39
CA GLU I 245 -44.53 -61.10 -55.75
C GLU I 245 -45.70 -60.26 -56.26
N TRP I 246 -45.37 -59.24 -57.05
CA TRP I 246 -46.41 -58.43 -57.67
C TRP I 246 -47.29 -59.28 -58.56
N ILE I 247 -48.55 -58.91 -58.66
CA ILE I 247 -49.44 -59.43 -59.70
C ILE I 247 -49.70 -58.27 -60.65
N ASN I 248 -49.44 -58.49 -61.93
CA ASN I 248 -49.35 -57.39 -62.89
C ASN I 248 -50.63 -57.30 -63.70
N ASN I 249 -51.24 -56.13 -63.69
CA ASN I 249 -52.34 -55.80 -64.58
C ASN I 249 -51.76 -54.97 -65.72
N GLU I 250 -51.65 -55.58 -66.88
CA GLU I 250 -50.92 -55.07 -68.04
C GLU I 250 -51.19 -56.03 -69.18
N ARG I 251 -50.96 -55.54 -70.39
CA ARG I 251 -51.31 -56.29 -71.58
C ARG I 251 -50.22 -56.09 -72.62
N ALA I 252 -49.77 -57.19 -73.21
CA ALA I 252 -48.86 -57.13 -74.33
C ALA I 252 -49.67 -57.10 -75.61
N TYR I 253 -49.53 -56.02 -76.38
CA TYR I 253 -50.29 -55.88 -77.61
C TYR I 253 -49.70 -56.71 -78.74
N ILE I 254 -48.49 -57.23 -78.58
CA ILE I 254 -47.89 -58.11 -79.58
C ILE I 254 -47.15 -59.24 -78.87
N PRO I 255 -46.96 -60.37 -79.54
CA PRO I 255 -46.10 -61.41 -79.00
C PRO I 255 -44.69 -60.87 -78.80
N PRO I 256 -43.92 -61.48 -77.91
CA PRO I 256 -42.54 -61.00 -77.71
C PRO I 256 -41.67 -61.22 -78.93
N GLY I 257 -41.96 -62.22 -79.75
CA GLY I 257 -41.21 -62.43 -80.96
C GLY I 257 -41.57 -61.53 -82.10
N LEU I 258 -42.58 -60.69 -81.94
CA LEU I 258 -43.05 -59.80 -82.98
C LEU I 258 -42.42 -58.41 -82.87
N MET I 259 -41.46 -58.24 -81.98
CA MET I 259 -40.83 -56.94 -81.74
C MET I 259 -39.66 -56.79 -82.69
N PHE I 260 -39.80 -55.91 -83.67
CA PHE I 260 -38.73 -55.58 -84.61
C PHE I 260 -39.27 -54.53 -85.57
N ASN I 261 -38.37 -53.85 -86.24
CA ASN I 261 -38.76 -52.90 -87.26
C ASN I 261 -38.86 -53.65 -88.57
N PRO I 262 -40.07 -53.90 -89.07
CA PRO I 262 -40.20 -54.70 -90.29
C PRO I 262 -39.74 -53.97 -91.53
N LEU I 263 -39.57 -52.65 -91.46
CA LEU I 263 -39.08 -51.90 -92.60
C LEU I 263 -37.62 -52.23 -92.88
N VAL I 264 -36.82 -52.37 -91.83
CA VAL I 264 -35.38 -52.52 -92.02
C VAL I 264 -35.07 -53.94 -92.48
N PRO I 265 -34.24 -54.12 -93.51
CA PRO I 265 -33.84 -55.47 -93.89
C PRO I 265 -33.00 -56.12 -92.81
N THR I 266 -32.90 -57.43 -92.88
CA THR I 266 -32.16 -58.20 -91.88
C THR I 266 -30.96 -58.86 -92.52
N ARG I 267 -29.90 -59.03 -91.75
CA ARG I 267 -28.79 -59.85 -92.18
C ARG I 267 -28.86 -61.22 -91.54
N ARG I 268 -29.32 -62.19 -92.32
CA ARG I 268 -29.60 -63.55 -91.88
C ARG I 268 -29.97 -64.33 -93.11
N ALA I 269 -29.96 -65.66 -93.04
CA ALA I 269 -30.29 -66.46 -94.20
C ALA I 269 -31.01 -67.72 -93.77
N GLN I 270 -31.77 -68.27 -94.71
CA GLN I 270 -32.55 -69.48 -94.51
C GLN I 270 -32.04 -70.52 -95.49
N TYR I 271 -31.41 -71.57 -94.99
CA TYR I 271 -31.16 -72.76 -95.79
C TYR I 271 -32.37 -73.66 -95.61
N ILE I 272 -32.87 -74.21 -96.69
CA ILE I 272 -34.02 -75.10 -96.64
C ILE I 272 -33.64 -76.41 -97.31
N ARG I 273 -33.81 -77.51 -96.58
CA ARG I 273 -33.41 -78.82 -97.06
C ARG I 273 -34.19 -79.20 -98.31
N ARG I 274 -33.61 -80.09 -99.11
CA ARG I 274 -34.33 -80.72 -100.21
C ARG I 274 -35.65 -81.28 -99.69
N ASN I 275 -36.73 -80.99 -100.43
CA ASN I 275 -38.06 -81.26 -99.88
C ASN I 275 -38.41 -82.73 -99.96
N ASN I 276 -37.82 -83.47 -100.91
CA ASN I 276 -38.08 -84.90 -101.05
C ASN I 276 -39.57 -85.18 -101.13
N ASN I 277 -40.15 -84.83 -102.29
CA ASN I 277 -41.59 -84.71 -102.53
C ASN I 277 -42.08 -83.47 -101.78
N PRO I 278 -43.05 -82.74 -102.35
CA PRO I 278 -43.42 -82.80 -103.77
C PRO I 278 -42.31 -82.37 -104.74
N GLN I 279 -41.64 -81.26 -104.44
CA GLN I 279 -40.82 -80.57 -105.41
C GLN I 279 -39.99 -79.51 -104.69
N THR I 280 -39.39 -78.56 -105.43
CA THR I 280 -38.64 -77.44 -104.86
C THR I 280 -37.38 -77.87 -104.12
N ALA I 281 -36.34 -78.18 -104.89
CA ALA I 281 -35.04 -78.54 -104.33
C ALA I 281 -34.46 -77.41 -103.50
N GLU I 282 -33.49 -77.78 -102.65
CA GLU I 282 -32.98 -76.90 -101.60
C GLU I 282 -32.48 -75.58 -102.16
N SER I 283 -32.65 -74.52 -101.38
CA SER I 283 -32.15 -73.20 -101.73
C SER I 283 -31.91 -72.41 -100.46
N THR I 284 -30.94 -71.50 -100.52
CA THR I 284 -30.70 -70.53 -99.46
C THR I 284 -31.16 -69.15 -99.90
N SER I 285 -31.63 -68.36 -98.94
CA SER I 285 -32.19 -67.05 -99.25
C SER I 285 -32.10 -66.17 -98.02
N ARG I 286 -32.16 -64.86 -98.25
CA ARG I 286 -32.18 -63.91 -97.16
C ARG I 286 -33.56 -63.84 -96.55
N ILE I 287 -33.60 -63.69 -95.22
CA ILE I 287 -34.87 -63.58 -94.53
C ILE I 287 -35.52 -62.26 -94.87
N ALA I 288 -36.82 -62.30 -95.14
CA ALA I 288 -37.55 -61.12 -95.54
C ALA I 288 -37.49 -60.05 -94.44
N PRO I 289 -37.61 -58.78 -94.81
CA PRO I 289 -37.53 -57.72 -93.78
C PRO I 289 -38.61 -57.86 -92.73
N TYR I 290 -39.85 -58.08 -93.16
CA TYR I 290 -40.89 -58.54 -92.25
C TYR I 290 -40.59 -59.97 -91.83
N ALA I 291 -41.20 -60.39 -90.74
CA ALA I 291 -41.09 -61.77 -90.28
C ALA I 291 -39.64 -62.16 -90.03
N LYS I 292 -38.97 -61.37 -89.25
CA LYS I 292 -37.61 -61.71 -88.83
C LYS I 292 -37.67 -62.80 -87.77
N PRO I 293 -36.65 -63.65 -87.70
CA PRO I 293 -36.63 -64.68 -86.66
C PRO I 293 -36.52 -64.07 -85.29
N THR I 294 -36.82 -64.89 -84.29
CA THR I 294 -36.83 -64.41 -82.92
C THR I 294 -36.17 -65.40 -81.99
N SER I 295 -35.71 -64.88 -80.86
CA SER I 295 -35.54 -65.62 -79.64
C SER I 295 -36.90 -65.72 -78.95
N TRP I 296 -36.86 -66.01 -77.66
CA TRP I 296 -38.07 -65.86 -76.87
C TRP I 296 -39.15 -66.87 -77.25
N MET I 297 -38.90 -68.10 -76.82
CA MET I 297 -39.76 -69.25 -76.88
C MET I 297 -41.04 -69.02 -76.09
N THR I 298 -42.08 -69.78 -76.42
CA THR I 298 -43.34 -69.69 -75.71
C THR I 298 -43.25 -70.35 -74.35
N GLY I 299 -44.16 -69.94 -73.46
CA GLY I 299 -44.23 -70.52 -72.14
C GLY I 299 -44.64 -71.98 -72.17
N PRO I 300 -44.32 -72.70 -71.10
CA PRO I 300 -44.55 -74.15 -71.10
C PRO I 300 -46.00 -74.50 -70.82
N GLY I 301 -46.39 -75.67 -71.28
CA GLY I 301 -47.72 -76.21 -71.03
C GLY I 301 -47.69 -77.71 -71.25
N LEU I 302 -48.76 -78.37 -70.83
CA LEU I 302 -48.96 -79.78 -71.13
C LEU I 302 -50.35 -79.95 -71.73
N LEU I 303 -50.42 -80.19 -73.04
CA LEU I 303 -51.68 -80.31 -73.74
C LEU I 303 -52.09 -81.71 -74.16
N SER I 304 -51.27 -82.74 -73.92
CA SER I 304 -51.55 -84.01 -74.57
C SER I 304 -52.63 -84.81 -73.86
N ALA I 305 -52.63 -84.77 -72.53
CA ALA I 305 -53.43 -85.65 -71.70
C ALA I 305 -54.92 -85.33 -71.82
N GLN I 306 -55.74 -86.28 -71.37
CA GLN I 306 -57.18 -86.09 -71.26
C GLN I 306 -57.64 -86.62 -69.91
N ARG I 307 -58.61 -85.93 -69.31
CA ARG I 307 -59.13 -86.37 -68.02
C ARG I 307 -59.69 -87.78 -68.13
N VAL I 308 -59.48 -88.56 -67.08
CA VAL I 308 -59.63 -90.01 -67.13
C VAL I 308 -60.75 -90.46 -66.22
N GLY I 309 -61.82 -90.97 -66.83
CA GLY I 309 -62.81 -91.74 -66.09
C GLY I 309 -63.92 -90.91 -65.50
N PRO I 310 -64.69 -91.52 -64.61
CA PRO I 310 -65.88 -90.86 -64.07
C PRO I 310 -65.52 -89.80 -63.05
N ALA I 311 -66.46 -88.87 -62.86
CA ALA I 311 -66.30 -87.85 -61.84
C ALA I 311 -66.34 -88.49 -60.46
N THR I 312 -65.83 -87.75 -59.47
CA THR I 312 -65.63 -88.14 -58.07
C THR I 312 -64.44 -89.08 -57.93
N SER I 313 -63.84 -89.51 -59.04
CA SER I 313 -62.65 -90.34 -59.02
C SER I 313 -61.36 -89.54 -59.12
N ASP I 314 -61.43 -88.21 -59.06
CA ASP I 314 -60.28 -87.33 -59.26
C ASP I 314 -59.70 -87.47 -60.66
N THR I 315 -60.40 -86.93 -61.65
CA THR I 315 -59.87 -86.95 -63.00
C THR I 315 -59.09 -85.67 -63.24
N GLY I 316 -57.76 -85.77 -63.28
CA GLY I 316 -56.94 -84.59 -63.46
C GLY I 316 -56.29 -84.45 -64.82
N ALA I 317 -56.28 -85.53 -65.60
CA ALA I 317 -55.55 -85.74 -66.84
C ALA I 317 -54.05 -85.81 -66.60
N TRP I 318 -53.54 -85.35 -65.46
CA TRP I 318 -52.16 -85.56 -65.06
C TRP I 318 -52.18 -85.88 -63.59
N MET I 319 -51.74 -87.09 -63.24
CA MET I 319 -51.69 -87.49 -61.84
C MET I 319 -50.22 -87.52 -61.43
N VAL I 320 -49.91 -86.87 -60.31
CA VAL I 320 -48.52 -86.81 -59.86
C VAL I 320 -48.16 -88.10 -59.11
N ALA I 321 -49.04 -88.57 -58.24
CA ALA I 321 -48.86 -89.77 -57.45
C ALA I 321 -47.52 -89.87 -56.72
N VAL I 322 -47.10 -91.10 -56.46
CA VAL I 322 -45.83 -91.40 -55.79
C VAL I 322 -45.17 -92.63 -56.40
N LYS I 323 -45.83 -93.78 -56.27
CA LYS I 323 -45.29 -95.08 -56.66
C LYS I 323 -43.99 -95.44 -55.93
N PRO I 324 -44.04 -95.72 -54.63
CA PRO I 324 -42.92 -96.39 -53.98
C PRO I 324 -42.68 -97.75 -54.61
N GLU I 325 -41.47 -98.27 -54.41
CA GLU I 325 -40.97 -99.33 -55.28
C GLU I 325 -41.80 -100.61 -55.13
N ASN I 326 -42.15 -100.98 -53.90
CA ASN I 326 -43.01 -102.13 -53.73
C ASN I 326 -44.43 -101.71 -53.39
N ALA I 327 -44.66 -101.36 -52.14
CA ALA I 327 -45.96 -100.98 -51.59
C ALA I 327 -46.99 -102.02 -52.00
N SER I 328 -48.21 -101.57 -52.26
CA SER I 328 -49.21 -102.30 -53.01
C SER I 328 -50.23 -101.28 -53.46
N ILE I 329 -50.95 -101.58 -54.54
CA ILE I 329 -51.87 -100.61 -55.12
C ILE I 329 -53.11 -101.33 -55.60
N ASP I 330 -54.26 -100.73 -55.31
CA ASP I 330 -55.55 -101.21 -55.79
C ASP I 330 -55.72 -100.76 -57.24
N THR I 331 -56.93 -100.83 -57.77
CA THR I 331 -57.20 -100.19 -59.05
C THR I 331 -56.72 -98.74 -58.98
N GLY I 332 -56.04 -98.30 -60.02
CA GLY I 332 -55.34 -97.04 -59.98
C GLY I 332 -53.83 -97.16 -59.96
N MET I 333 -53.04 -96.10 -60.22
CA MET I 333 -53.43 -94.73 -60.62
C MET I 333 -54.58 -94.12 -59.78
N SER I 334 -55.66 -93.70 -60.43
CA SER I 334 -56.88 -93.25 -59.76
C SER I 334 -56.58 -92.08 -58.76
N GLY I 335 -56.72 -92.14 -57.42
CA GLY I 335 -56.63 -93.28 -56.51
C GLY I 335 -55.33 -93.26 -55.74
N ILE I 336 -54.33 -92.62 -56.33
CA ILE I 336 -53.12 -92.19 -55.63
C ILE I 336 -52.71 -90.87 -56.24
N GLY I 337 -52.13 -90.01 -55.41
CA GLY I 337 -51.69 -88.72 -55.88
C GLY I 337 -52.82 -87.81 -56.30
N SER I 338 -52.44 -86.69 -56.90
CA SER I 338 -53.35 -85.58 -57.14
C SER I 338 -53.38 -85.24 -58.62
N GLY I 339 -54.54 -84.77 -59.08
CA GLY I 339 -54.61 -84.28 -60.44
C GLY I 339 -53.98 -82.91 -60.57
N PHE I 340 -53.25 -82.70 -61.65
CA PHE I 340 -52.60 -81.43 -61.93
C PHE I 340 -53.50 -80.60 -62.83
N ASP I 341 -53.87 -79.42 -62.35
CA ASP I 341 -54.89 -78.63 -63.02
C ASP I 341 -54.59 -77.13 -62.87
N PRO I 342 -54.82 -76.33 -63.91
CA PRO I 342 -54.87 -76.66 -65.33
C PRO I 342 -53.52 -76.82 -65.99
N PRO I 343 -53.28 -77.92 -66.69
CA PRO I 343 -52.36 -77.87 -67.82
C PRO I 343 -53.08 -77.52 -69.13
N GLN I 344 -52.58 -76.70 -70.07
CA GLN I 344 -51.83 -75.47 -69.85
C GLN I 344 -50.56 -75.62 -68.99
N GLY I 345 -50.09 -74.67 -68.15
CA GLY I 345 -50.40 -73.25 -68.09
C GLY I 345 -50.04 -72.52 -69.36
N SER I 346 -50.49 -71.27 -69.46
CA SER I 346 -50.32 -70.49 -70.68
C SER I 346 -50.82 -71.27 -71.88
N LEU I 347 -50.09 -71.21 -72.99
CA LEU I 347 -50.19 -72.17 -74.08
C LEU I 347 -51.64 -72.49 -74.42
N ALA I 348 -52.31 -71.59 -75.13
CA ALA I 348 -53.77 -71.54 -75.18
C ALA I 348 -54.37 -72.92 -75.39
N PRO I 349 -55.38 -73.30 -74.61
CA PRO I 349 -55.84 -74.69 -74.60
C PRO I 349 -56.64 -75.06 -75.85
N THR I 350 -56.81 -76.36 -76.02
CA THR I 350 -57.58 -76.89 -77.13
C THR I 350 -59.07 -76.79 -76.87
N ASN I 351 -59.57 -77.54 -75.89
CA ASN I 351 -61.00 -77.48 -75.62
C ASN I 351 -61.25 -77.05 -74.17
N LEU I 352 -62.53 -77.07 -73.81
CA LEU I 352 -63.00 -76.63 -72.51
C LEU I 352 -62.33 -77.38 -71.37
N GLU I 353 -61.87 -78.59 -71.66
CA GLU I 353 -61.37 -79.48 -70.61
C GLU I 353 -60.19 -78.87 -69.85
N TYR I 354 -59.43 -77.99 -70.49
CA TYR I 354 -58.28 -77.33 -69.88
C TYR I 354 -58.58 -75.93 -69.39
N LYS I 355 -59.80 -75.44 -69.53
CA LYS I 355 -60.10 -74.01 -69.51
C LYS I 355 -60.39 -73.51 -68.11
N ILE I 356 -60.12 -74.33 -67.10
CA ILE I 356 -60.56 -74.19 -65.71
C ILE I 356 -62.09 -74.13 -65.72
N GLN I 357 -62.68 -73.58 -64.66
CA GLN I 357 -64.12 -73.40 -64.50
C GLN I 357 -64.34 -73.15 -63.02
N TRP I 358 -65.46 -72.56 -62.60
CA TRP I 358 -65.88 -72.65 -61.21
C TRP I 358 -67.34 -72.26 -61.11
N TYR I 359 -67.98 -72.65 -60.01
CA TYR I 359 -69.43 -72.44 -59.90
C TYR I 359 -69.79 -71.16 -59.17
N GLN I 360 -68.81 -70.52 -58.52
CA GLN I 360 -69.02 -69.29 -57.74
C GLN I 360 -70.27 -69.34 -56.88
N THR I 361 -70.60 -70.52 -56.37
CA THR I 361 -71.83 -70.75 -55.62
C THR I 361 -71.84 -72.20 -55.16
N PRO I 362 -72.17 -72.45 -53.89
CA PRO I 362 -72.31 -73.84 -53.45
C PRO I 362 -73.54 -74.52 -54.01
N GLN I 363 -74.59 -73.76 -54.31
CA GLN I 363 -75.79 -74.36 -54.87
C GLN I 363 -75.61 -74.74 -56.34
N GLY I 364 -74.47 -74.42 -56.93
CA GLY I 364 -74.25 -74.68 -58.34
C GLY I 364 -74.31 -76.15 -58.72
N THR I 365 -75.21 -76.49 -59.65
CA THR I 365 -75.33 -77.84 -60.16
C THR I 365 -74.34 -78.02 -61.30
N ASN I 366 -74.46 -79.11 -62.06
CA ASN I 366 -73.48 -79.40 -63.10
C ASN I 366 -73.31 -78.23 -64.06
N ASN I 367 -74.39 -77.81 -64.72
CA ASN I 367 -74.39 -76.55 -65.44
C ASN I 367 -75.38 -75.61 -64.79
N ASN I 368 -74.84 -74.66 -64.02
CA ASN I 368 -75.51 -73.57 -63.31
C ASN I 368 -74.37 -72.86 -62.59
N GLY I 369 -74.53 -71.60 -62.25
CA GLY I 369 -73.33 -70.90 -61.84
C GLY I 369 -72.36 -71.07 -62.99
N ASN I 370 -71.24 -71.73 -62.70
CA ASN I 370 -70.45 -72.38 -63.74
C ASN I 370 -69.84 -71.40 -64.72
N ILE I 371 -69.21 -70.36 -64.21
CA ILE I 371 -68.54 -69.41 -65.10
C ILE I 371 -67.20 -70.00 -65.50
N ILE I 372 -66.88 -69.86 -66.76
CA ILE I 372 -65.74 -70.54 -67.35
C ILE I 372 -64.70 -69.51 -67.74
N SER I 373 -63.43 -69.81 -67.49
CA SER I 373 -62.37 -68.88 -67.83
C SER I 373 -62.31 -68.67 -69.34
N ASN I 374 -61.73 -67.55 -69.74
CA ASN I 374 -61.71 -67.14 -71.13
C ASN I 374 -60.37 -66.51 -71.44
N GLN I 375 -60.11 -66.28 -72.72
CA GLN I 375 -58.82 -65.70 -73.08
C GLN I 375 -58.80 -64.20 -72.80
N PRO I 376 -57.73 -63.68 -72.20
CA PRO I 376 -57.67 -62.23 -71.92
C PRO I 376 -57.55 -61.39 -73.18
N LEU I 377 -57.21 -62.02 -74.31
CA LEU I 377 -56.85 -61.37 -75.57
C LEU I 377 -55.49 -60.70 -75.46
N SER I 378 -54.86 -60.72 -74.30
CA SER I 378 -53.45 -60.39 -74.18
C SER I 378 -52.64 -61.34 -75.05
N MET I 379 -51.55 -60.83 -75.60
CA MET I 379 -50.80 -61.60 -76.59
C MET I 379 -49.69 -62.44 -76.00
N LEU I 380 -49.54 -62.50 -74.69
CA LEU I 380 -48.36 -63.15 -74.15
C LEU I 380 -48.29 -64.68 -74.16
N ARG I 381 -49.03 -65.51 -73.40
CA ARG I 381 -50.41 -65.56 -72.87
C ARG I 381 -51.36 -66.33 -73.84
N ASP I 382 -50.90 -66.63 -75.05
CA ASP I 382 -51.67 -67.53 -75.90
C ASP I 382 -50.79 -68.70 -76.32
N GLN I 383 -49.73 -68.42 -77.08
CA GLN I 383 -48.55 -69.26 -77.13
C GLN I 383 -48.85 -70.69 -77.61
N ALA I 384 -49.10 -70.80 -78.90
CA ALA I 384 -49.00 -72.12 -79.50
C ALA I 384 -47.54 -72.49 -79.71
N LEU I 385 -47.32 -73.68 -80.26
CA LEU I 385 -46.01 -74.05 -80.78
C LEU I 385 -46.24 -75.12 -81.83
N PHE I 386 -45.41 -75.12 -82.87
CA PHE I 386 -45.75 -75.80 -84.11
C PHE I 386 -44.74 -76.87 -84.53
N ARG I 387 -43.46 -76.53 -84.67
CA ARG I 387 -42.47 -77.52 -85.11
C ARG I 387 -42.89 -78.03 -86.50
N GLY I 388 -42.58 -79.28 -86.81
CA GLY I 388 -43.03 -79.94 -88.03
C GLY I 388 -42.68 -79.20 -89.31
N ASN I 389 -43.20 -79.69 -90.43
CA ASN I 389 -43.22 -81.12 -90.70
C ASN I 389 -42.15 -81.33 -91.76
N GLN I 390 -41.55 -80.19 -92.15
CA GLN I 390 -40.88 -79.89 -93.42
C GLN I 390 -41.90 -79.48 -94.46
N THR I 391 -43.19 -79.70 -94.21
CA THR I 391 -44.27 -79.35 -95.13
C THR I 391 -45.33 -78.52 -94.41
N THR I 392 -45.88 -79.04 -93.31
CA THR I 392 -46.92 -78.37 -92.55
C THR I 392 -46.43 -78.17 -91.12
N TYR I 393 -46.98 -77.17 -90.43
CA TYR I 393 -46.77 -77.02 -89.00
C TYR I 393 -47.84 -77.81 -88.26
N ASN I 394 -47.45 -78.47 -87.17
CA ASN I 394 -48.36 -79.31 -86.40
C ASN I 394 -48.24 -78.97 -84.92
N LEU I 395 -49.32 -78.43 -84.34
CA LEU I 395 -49.30 -78.05 -82.94
C LEU I 395 -48.81 -79.19 -82.07
N CYS I 396 -47.84 -78.90 -81.20
CA CYS I 396 -47.13 -79.92 -80.47
C CYS I 396 -47.56 -79.94 -79.00
N SER I 397 -47.80 -81.15 -78.50
CA SER I 397 -48.05 -81.39 -77.09
C SER I 397 -46.77 -81.14 -76.29
N ASP I 398 -46.94 -81.05 -74.96
CA ASP I 398 -45.86 -80.71 -74.04
C ASP I 398 -45.41 -79.28 -74.27
N VAL I 399 -44.15 -79.06 -74.64
CA VAL I 399 -43.43 -77.79 -74.43
C VAL I 399 -43.11 -77.60 -72.95
N TRP I 400 -42.08 -78.29 -72.50
CA TRP I 400 -41.49 -78.15 -71.17
C TRP I 400 -40.71 -76.85 -71.07
N MET I 401 -40.00 -76.67 -69.95
CA MET I 401 -39.21 -75.45 -69.77
C MET I 401 -38.05 -75.40 -70.75
N PHE I 402 -37.73 -74.18 -71.18
CA PHE I 402 -36.72 -73.92 -72.19
C PHE I 402 -36.13 -72.55 -71.89
N PRO I 403 -34.84 -72.33 -72.21
CA PRO I 403 -34.15 -71.13 -71.72
C PRO I 403 -34.80 -69.79 -72.01
N ASN I 404 -35.28 -69.58 -73.22
CA ASN I 404 -35.73 -68.26 -73.61
C ASN I 404 -37.21 -68.03 -73.38
N GLN I 405 -37.89 -68.94 -72.70
CA GLN I 405 -39.35 -68.87 -72.64
C GLN I 405 -39.83 -67.62 -71.92
N ILE I 406 -40.92 -67.06 -72.44
CA ILE I 406 -41.73 -66.08 -71.74
C ILE I 406 -43.17 -66.52 -71.75
N TRP I 407 -43.82 -66.46 -70.60
CA TRP I 407 -45.25 -66.61 -70.51
C TRP I 407 -45.75 -65.54 -69.59
N ASP I 408 -47.06 -65.35 -69.58
CA ASP I 408 -47.68 -64.39 -68.71
C ASP I 408 -48.48 -65.13 -67.66
N ARG I 409 -48.32 -64.73 -66.42
CA ARG I 409 -49.02 -65.39 -65.33
C ARG I 409 -50.52 -65.28 -65.56
N TYR I 410 -51.27 -66.24 -65.04
CA TYR I 410 -52.70 -66.30 -65.28
C TYR I 410 -53.34 -64.97 -64.92
N PRO I 411 -54.23 -64.45 -65.78
CA PRO I 411 -54.74 -63.08 -65.59
C PRO I 411 -55.55 -62.88 -64.32
N ILE I 412 -55.90 -63.97 -63.66
CA ILE I 412 -56.81 -64.05 -62.51
C ILE I 412 -58.10 -63.28 -62.78
N THR I 413 -58.71 -62.79 -61.71
CA THR I 413 -60.03 -62.16 -61.71
C THR I 413 -60.43 -61.90 -60.27
N ARG I 414 -61.59 -61.30 -60.04
CA ARG I 414 -62.01 -60.99 -58.68
C ARG I 414 -62.31 -62.25 -57.87
N GLU I 415 -62.59 -63.37 -58.52
CA GLU I 415 -63.02 -64.59 -57.84
C GLU I 415 -61.87 -65.45 -57.37
N ASN I 416 -60.65 -65.06 -57.58
CA ASN I 416 -59.53 -65.97 -57.40
C ASN I 416 -58.99 -65.92 -55.99
N PRO I 417 -58.32 -66.98 -55.57
CA PRO I 417 -57.53 -66.91 -54.34
C PRO I 417 -56.35 -65.98 -54.49
N ILE I 418 -56.06 -65.24 -53.43
CA ILE I 418 -54.96 -64.29 -53.46
C ILE I 418 -53.63 -65.03 -53.47
N TRP I 419 -53.44 -65.96 -52.54
CA TRP I 419 -52.15 -66.60 -52.36
C TRP I 419 -52.33 -68.11 -52.28
N CYS I 420 -51.20 -68.80 -52.35
CA CYS I 420 -51.09 -70.23 -52.12
C CYS I 420 -49.76 -70.48 -51.44
N LYS I 421 -49.72 -71.45 -50.53
CA LYS I 421 -48.49 -71.69 -49.81
C LYS I 421 -47.54 -72.54 -50.66
N LYS I 422 -46.31 -72.07 -50.79
CA LYS I 422 -45.27 -72.82 -51.46
C LYS I 422 -44.70 -73.85 -50.49
N PRO I 423 -44.90 -75.13 -50.75
CA PRO I 423 -44.43 -76.15 -49.80
C PRO I 423 -42.92 -76.17 -49.66
N ARG I 424 -42.46 -76.38 -48.43
CA ARG I 424 -41.04 -76.41 -48.13
C ARG I 424 -40.41 -77.65 -48.74
N SER I 425 -39.37 -77.44 -49.55
CA SER I 425 -38.67 -78.55 -50.17
C SER I 425 -37.28 -78.08 -50.54
N ASP I 426 -36.40 -79.03 -50.77
CA ASP I 426 -35.02 -78.70 -51.10
C ASP I 426 -34.94 -77.91 -52.39
N LYS I 427 -35.48 -78.47 -53.47
CA LYS I 427 -35.33 -77.90 -54.79
C LYS I 427 -36.68 -77.60 -55.40
N HIS I 428 -36.73 -76.57 -56.24
CA HIS I 428 -37.94 -76.25 -56.99
C HIS I 428 -37.57 -75.40 -58.19
N THR I 429 -38.49 -75.37 -59.15
CA THR I 429 -38.37 -74.55 -60.34
C THR I 429 -39.01 -73.18 -60.16
N THR I 430 -39.33 -72.49 -61.25
CA THR I 430 -39.65 -71.06 -61.21
C THR I 430 -40.76 -70.72 -60.22
N ILE I 431 -41.65 -71.67 -59.92
CA ILE I 431 -42.80 -71.45 -59.05
C ILE I 431 -43.73 -70.38 -59.62
N ASP I 432 -44.42 -70.70 -60.71
CA ASP I 432 -45.55 -69.89 -61.13
C ASP I 432 -46.81 -70.73 -61.07
N PRO I 433 -47.69 -70.55 -60.09
CA PRO I 433 -48.91 -71.36 -60.05
C PRO I 433 -49.83 -71.04 -61.21
N PHE I 434 -50.43 -72.08 -61.78
CA PHE I 434 -51.29 -71.90 -62.93
C PHE I 434 -52.72 -71.57 -62.54
N ASP I 435 -52.99 -71.46 -61.25
CA ASP I 435 -54.25 -70.96 -60.73
C ASP I 435 -54.24 -69.45 -60.64
N GLY I 436 -53.20 -68.82 -61.15
CA GLY I 436 -52.92 -67.45 -60.77
C GLY I 436 -52.46 -67.46 -59.34
N SER I 437 -53.15 -66.71 -58.48
CA SER I 437 -52.82 -66.62 -57.07
C SER I 437 -51.35 -66.25 -56.88
N LEU I 438 -50.72 -66.81 -55.86
CA LEU I 438 -49.37 -66.44 -55.49
C LEU I 438 -48.77 -67.57 -54.69
N ALA I 439 -47.46 -67.56 -54.57
CA ALA I 439 -46.74 -68.51 -53.75
C ALA I 439 -45.94 -67.74 -52.72
N MET I 440 -46.00 -68.18 -51.47
CA MET I 440 -45.23 -67.55 -50.42
C MET I 440 -44.66 -68.62 -49.52
N ASP I 441 -43.43 -68.38 -49.03
CA ASP I 441 -42.87 -69.24 -48.01
C ASP I 441 -43.81 -69.33 -46.83
N HIS I 442 -44.11 -68.19 -46.23
CA HIS I 442 -45.09 -68.11 -45.16
C HIS I 442 -46.25 -67.23 -45.61
N PRO I 443 -47.38 -67.82 -45.96
CA PRO I 443 -48.56 -67.02 -46.24
C PRO I 443 -49.15 -66.50 -44.94
N PRO I 444 -50.28 -65.82 -44.98
CA PRO I 444 -50.97 -65.50 -43.72
C PRO I 444 -51.23 -66.76 -42.94
N GLY I 445 -50.82 -66.76 -41.67
CA GLY I 445 -51.06 -67.90 -40.82
C GLY I 445 -52.54 -68.10 -40.60
N THR I 446 -53.01 -69.31 -40.79
CA THR I 446 -54.42 -69.60 -40.59
C THR I 446 -54.77 -69.39 -39.13
N ILE I 447 -55.85 -68.67 -38.90
CA ILE I 447 -56.36 -68.43 -37.55
C ILE I 447 -57.37 -69.51 -37.23
N PHE I 448 -57.11 -70.27 -36.19
CA PHE I 448 -57.97 -71.36 -35.78
C PHE I 448 -58.75 -70.94 -34.55
N ILE I 449 -59.96 -71.46 -34.41
CA ILE I 449 -60.84 -71.08 -33.32
C ILE I 449 -61.73 -72.26 -32.96
N LYS I 450 -61.98 -72.42 -31.67
CA LYS I 450 -62.69 -73.57 -31.15
C LYS I 450 -63.54 -73.11 -29.98
N MET I 451 -64.48 -73.95 -29.56
CA MET I 451 -65.50 -73.56 -28.61
C MET I 451 -65.20 -73.91 -27.16
N ALA I 452 -64.01 -74.40 -26.84
CA ALA I 452 -63.64 -74.57 -25.44
C ALA I 452 -64.59 -75.51 -24.70
N LYS I 453 -64.40 -76.81 -24.88
CA LYS I 453 -65.31 -77.81 -24.37
C LYS I 453 -65.65 -77.54 -22.91
N ILE I 454 -66.95 -77.50 -22.62
CA ILE I 454 -67.42 -77.35 -21.25
C ILE I 454 -68.13 -78.66 -20.90
N PRO I 455 -67.52 -79.51 -20.10
CA PRO I 455 -68.11 -80.82 -19.84
C PRO I 455 -69.21 -80.71 -18.81
N VAL I 456 -69.88 -81.84 -18.59
CA VAL I 456 -70.98 -81.89 -17.64
C VAL I 456 -70.88 -83.22 -16.90
N PRO I 457 -71.21 -83.27 -15.61
CA PRO I 457 -70.98 -84.48 -14.83
C PRO I 457 -71.96 -85.59 -15.20
N SER I 458 -71.48 -86.82 -15.09
CA SER I 458 -72.32 -87.99 -15.31
C SER I 458 -71.76 -89.15 -14.50
N ASN I 459 -72.48 -90.27 -14.53
CA ASN I 459 -72.11 -91.44 -13.75
C ASN I 459 -71.06 -92.31 -14.47
N ASN I 460 -71.23 -92.48 -15.77
CA ASN I 460 -70.48 -93.47 -16.55
C ASN I 460 -68.94 -93.51 -16.33
N ASN I 461 -68.23 -92.37 -16.38
CA ASN I 461 -68.79 -91.04 -16.62
C ASN I 461 -68.51 -90.60 -18.04
N ALA I 462 -68.98 -89.39 -18.36
CA ALA I 462 -68.82 -88.78 -19.67
C ALA I 462 -69.37 -89.72 -20.77
N ASP I 463 -68.92 -89.66 -22.03
CA ASP I 463 -68.50 -88.42 -22.70
C ASP I 463 -69.72 -87.55 -22.93
N SER I 464 -69.67 -86.35 -22.38
CA SER I 464 -70.77 -85.41 -22.47
C SER I 464 -70.22 -84.01 -22.31
N TYR I 465 -70.90 -83.05 -22.92
CA TYR I 465 -70.41 -81.69 -22.94
C TYR I 465 -71.60 -80.76 -23.14
N LEU I 466 -71.37 -79.48 -22.87
CA LEU I 466 -72.41 -78.49 -22.95
C LEU I 466 -72.44 -77.90 -24.35
N ASN I 467 -73.64 -77.71 -24.89
CA ASN I 467 -73.80 -77.34 -26.30
C ASN I 467 -73.87 -75.83 -26.40
N ILE I 468 -72.85 -75.23 -27.02
CA ILE I 468 -72.73 -73.78 -27.13
C ILE I 468 -72.23 -73.43 -28.53
N TYR I 469 -72.28 -72.15 -28.86
CA TYR I 469 -71.66 -71.65 -30.06
C TYR I 469 -71.21 -70.21 -29.83
N CYS I 470 -70.28 -69.77 -30.64
CA CYS I 470 -69.72 -68.43 -30.52
C CYS I 470 -70.14 -67.60 -31.70
N THR I 471 -70.15 -66.30 -31.50
CA THR I 471 -70.53 -65.37 -32.55
C THR I 471 -69.73 -64.10 -32.32
N GLY I 472 -69.26 -63.49 -33.40
CA GLY I 472 -68.43 -62.33 -33.21
C GLY I 472 -68.10 -61.70 -34.54
N GLN I 473 -67.12 -60.81 -34.51
CA GLN I 473 -66.81 -60.00 -35.68
C GLN I 473 -65.32 -60.04 -35.96
N VAL I 474 -64.97 -60.47 -37.16
CA VAL I 474 -63.61 -60.40 -37.66
C VAL I 474 -63.49 -59.16 -38.52
N SER I 475 -62.40 -58.43 -38.37
CA SER I 475 -62.11 -57.31 -39.25
C SER I 475 -60.76 -57.60 -39.89
N CYS I 476 -60.77 -57.87 -41.19
CA CYS I 476 -59.54 -58.10 -41.92
C CYS I 476 -59.21 -56.83 -42.69
N GLU I 477 -58.17 -56.14 -42.25
CA GLU I 477 -57.74 -54.88 -42.86
C GLU I 477 -56.37 -55.11 -43.46
N ILE I 478 -56.27 -55.10 -44.78
CA ILE I 478 -55.03 -55.43 -45.46
C ILE I 478 -54.61 -54.26 -46.34
N VAL I 479 -53.31 -54.03 -46.39
CA VAL I 479 -52.73 -52.94 -47.14
C VAL I 479 -52.11 -53.52 -48.40
N TRP I 480 -52.27 -52.81 -49.51
CA TRP I 480 -51.84 -53.31 -50.81
C TRP I 480 -50.81 -52.34 -51.37
N GLU I 481 -49.58 -52.81 -51.57
CA GLU I 481 -48.65 -52.06 -52.39
C GLU I 481 -49.19 -51.98 -53.80
N VAL I 482 -49.29 -50.77 -54.32
CA VAL I 482 -49.98 -50.55 -55.58
C VAL I 482 -49.17 -49.56 -56.39
N GLU I 483 -49.16 -49.73 -57.72
CA GLU I 483 -48.41 -48.87 -58.61
C GLU I 483 -49.30 -48.43 -59.75
N ARG I 484 -49.22 -47.15 -60.09
CA ARG I 484 -50.15 -46.52 -61.02
C ARG I 484 -49.49 -46.37 -62.39
N TYR I 485 -50.28 -46.50 -63.45
CA TYR I 485 -49.72 -46.65 -64.78
C TYR I 485 -49.65 -45.33 -65.51
N ALA I 486 -48.59 -45.16 -66.29
CA ALA I 486 -48.47 -44.09 -67.25
C ALA I 486 -47.95 -44.68 -68.55
N THR I 487 -48.44 -44.18 -69.68
CA THR I 487 -48.04 -44.76 -70.94
C THR I 487 -48.08 -43.69 -72.03
N LYS I 488 -47.37 -43.97 -73.10
CA LYS I 488 -47.28 -43.06 -74.24
C LYS I 488 -48.25 -43.41 -75.35
N ASN I 489 -49.10 -44.41 -75.14
CA ASN I 489 -50.08 -44.75 -76.15
C ASN I 489 -50.99 -43.57 -76.43
N TRP I 490 -51.31 -43.38 -77.70
CA TRP I 490 -52.21 -42.30 -78.09
C TRP I 490 -53.66 -42.69 -77.89
N ARG I 491 -53.98 -43.95 -78.02
CA ARG I 491 -55.34 -44.44 -78.13
C ARG I 491 -55.98 -44.75 -76.80
N PRO I 492 -57.31 -44.85 -76.76
CA PRO I 492 -58.03 -44.93 -75.48
C PRO I 492 -57.75 -46.14 -74.60
N GLU I 493 -57.11 -47.19 -75.11
CA GLU I 493 -56.91 -48.47 -74.37
C GLU I 493 -58.29 -49.03 -73.99
N ARG I 494 -58.42 -49.65 -72.82
CA ARG I 494 -59.61 -50.42 -72.48
C ARG I 494 -59.83 -50.39 -70.99
N ARG I 495 -61.09 -50.42 -70.57
CA ARG I 495 -61.43 -50.40 -69.17
C ARG I 495 -62.50 -51.45 -68.93
N HIS I 496 -63.01 -51.52 -67.71
CA HIS I 496 -64.10 -52.40 -67.37
C HIS I 496 -65.35 -51.57 -67.14
N THR I 497 -66.26 -51.59 -68.11
CA THR I 497 -67.57 -51.03 -67.97
C THR I 497 -68.51 -52.00 -67.28
N THR I 498 -69.58 -51.44 -66.71
CA THR I 498 -70.73 -52.27 -66.39
C THR I 498 -71.37 -52.85 -67.65
N PHE I 499 -71.06 -52.33 -68.82
CA PHE I 499 -71.72 -52.86 -70.00
C PHE I 499 -71.30 -54.29 -70.31
N GLY I 500 -70.14 -54.72 -69.83
CA GLY I 500 -69.84 -56.14 -69.87
C GLY I 500 -70.80 -56.94 -69.01
N LEU I 501 -71.36 -56.32 -67.98
CA LEU I 501 -72.30 -56.95 -67.09
C LEU I 501 -73.66 -57.12 -67.76
N GLY I 502 -74.49 -57.98 -67.19
CA GLY I 502 -75.80 -58.24 -67.76
C GLY I 502 -76.82 -58.50 -66.68
N ILE I 503 -78.09 -58.42 -67.07
CA ILE I 503 -79.22 -58.40 -66.16
C ILE I 503 -79.56 -59.82 -65.75
N GLY I 504 -80.03 -59.99 -64.51
CA GLY I 504 -80.39 -61.33 -64.06
C GLY I 504 -81.13 -61.33 -62.75
N GLY I 505 -81.59 -62.52 -62.39
CA GLY I 505 -82.24 -62.83 -61.12
C GLY I 505 -83.74 -62.62 -61.15
N ALA I 506 -84.46 -63.48 -60.43
CA ALA I 506 -85.93 -63.45 -60.29
C ALA I 506 -86.62 -63.16 -61.61
N ASP I 507 -87.60 -62.25 -61.57
CA ASP I 507 -87.94 -61.50 -62.75
C ASP I 507 -86.74 -60.65 -63.11
N ASN I 508 -86.41 -60.59 -64.41
CA ASN I 508 -85.04 -60.31 -64.83
C ASN I 508 -84.43 -59.10 -64.14
N LEU I 509 -85.27 -58.23 -63.57
CA LEU I 509 -84.82 -56.96 -63.00
C LEU I 509 -83.68 -57.14 -62.02
N ASN I 510 -82.87 -56.09 -61.91
CA ASN I 510 -81.59 -55.87 -61.25
C ASN I 510 -80.49 -56.42 -62.14
N PRO I 511 -79.35 -55.74 -62.26
CA PRO I 511 -78.40 -56.17 -63.28
C PRO I 511 -77.54 -57.37 -62.95
N THR I 512 -76.53 -57.19 -62.10
CA THR I 512 -75.60 -58.28 -61.85
C THR I 512 -75.10 -58.31 -60.41
N TYR I 513 -74.32 -57.32 -59.99
CA TYR I 513 -73.93 -57.27 -58.59
C TYR I 513 -74.96 -56.41 -57.87
N HIS I 514 -75.89 -57.09 -57.20
CA HIS I 514 -77.08 -56.41 -56.73
C HIS I 514 -77.99 -57.47 -56.11
N VAL I 515 -78.93 -56.99 -55.30
CA VAL I 515 -79.85 -57.88 -54.61
C VAL I 515 -81.06 -58.24 -55.47
N ASP I 516 -81.65 -59.38 -55.17
CA ASP I 516 -82.89 -59.86 -55.76
C ASP I 516 -84.07 -59.33 -54.92
N LYS I 517 -85.28 -59.86 -55.12
CA LYS I 517 -86.45 -59.23 -54.48
C LYS I 517 -87.13 -59.66 -53.13
N ASN I 518 -86.95 -60.80 -52.45
CA ASN I 518 -86.28 -62.09 -52.75
C ASN I 518 -84.80 -62.04 -52.45
N GLY I 519 -84.33 -60.94 -51.90
CA GLY I 519 -82.97 -60.52 -52.15
C GLY I 519 -81.92 -61.59 -51.96
N THR I 520 -81.29 -61.90 -53.08
CA THR I 520 -80.18 -62.82 -53.21
C THR I 520 -79.23 -62.19 -54.19
N TYR I 521 -78.00 -61.99 -53.77
CA TYR I 521 -77.01 -61.31 -54.57
C TYR I 521 -76.86 -62.02 -55.90
N ILE I 522 -77.07 -61.29 -57.00
CA ILE I 522 -77.05 -61.92 -58.32
C ILE I 522 -75.61 -62.26 -58.68
N GLN I 523 -75.40 -63.42 -59.11
CA GLN I 523 -74.02 -63.72 -59.37
C GLN I 523 -73.64 -63.37 -60.81
N PRO I 524 -72.40 -62.94 -61.01
CA PRO I 524 -71.92 -62.67 -62.35
C PRO I 524 -71.85 -63.95 -63.18
N THR I 525 -72.39 -63.89 -64.39
CA THR I 525 -72.46 -65.04 -65.28
C THR I 525 -71.45 -64.92 -66.41
N THR I 526 -70.67 -65.97 -66.58
CA THR I 526 -69.40 -66.14 -67.30
C THR I 526 -68.27 -65.21 -66.87
N TRP I 527 -67.29 -65.02 -67.76
CA TRP I 527 -65.96 -64.62 -67.32
C TRP I 527 -65.79 -63.11 -67.28
N ASP I 528 -66.28 -62.40 -68.29
CA ASP I 528 -66.04 -60.97 -68.37
C ASP I 528 -66.72 -60.21 -67.25
N MET I 529 -67.85 -60.71 -66.74
CA MET I 529 -68.52 -60.08 -65.60
C MET I 529 -67.54 -59.77 -64.49
N CYS I 530 -67.01 -60.81 -63.86
CA CYS I 530 -65.83 -60.65 -63.02
C CYS I 530 -64.75 -59.99 -63.85
N PHE I 531 -64.17 -58.91 -63.36
CA PHE I 531 -63.34 -58.11 -64.24
C PHE I 531 -61.88 -58.51 -64.06
N PRO I 532 -61.30 -59.24 -65.00
CA PRO I 532 -59.95 -59.76 -64.79
C PRO I 532 -58.92 -58.67 -64.98
N VAL I 533 -57.86 -58.72 -64.20
CA VAL I 533 -56.70 -57.92 -64.53
C VAL I 533 -56.03 -58.54 -65.73
N LYS I 534 -55.15 -57.76 -66.36
CA LYS I 534 -54.27 -58.15 -67.46
C LYS I 534 -54.98 -58.04 -68.79
N THR I 535 -56.27 -57.73 -68.80
CA THR I 535 -56.99 -57.43 -70.03
C THR I 535 -57.00 -55.95 -70.36
N ASN I 536 -56.37 -55.12 -69.53
CA ASN I 536 -56.43 -53.68 -69.71
C ASN I 536 -55.03 -53.09 -69.79
N ILE I 537 -55.01 -51.77 -69.86
CA ILE I 537 -53.81 -50.96 -70.04
C ILE I 537 -53.07 -51.47 -71.27
N ASN I 538 -51.75 -51.35 -71.28
CA ASN I 538 -50.86 -51.92 -72.29
C ASN I 538 -49.46 -51.88 -71.71
N LYS I 539 -48.56 -52.66 -72.27
CA LYS I 539 -47.15 -52.53 -71.96
C LYS I 539 -46.33 -52.74 -73.22
N VAL I 540 -45.39 -51.84 -73.46
CA VAL I 540 -44.36 -52.13 -74.44
C VAL I 540 -43.47 -53.22 -73.88
N LEU I 541 -43.30 -54.29 -74.63
CA LEU I 541 -42.48 -55.40 -74.15
C LEU I 541 -41.01 -55.03 -74.21
N GLY J 34 -68.58 -44.49 -12.66
CA GLY J 34 -68.51 -45.89 -13.00
C GLY J 34 -68.75 -46.19 -14.47
N SER J 35 -68.76 -47.47 -14.82
CA SER J 35 -68.97 -47.89 -16.20
C SER J 35 -69.49 -49.32 -16.20
N GLY J 36 -70.08 -49.71 -17.32
CA GLY J 36 -70.57 -51.06 -17.51
C GLY J 36 -72.07 -51.14 -17.34
N VAL J 37 -72.57 -52.37 -17.47
CA VAL J 37 -73.99 -52.62 -17.24
C VAL J 37 -74.35 -52.25 -15.82
N GLY J 38 -75.55 -51.70 -15.64
CA GLY J 38 -76.00 -51.27 -14.33
C GLY J 38 -75.65 -49.84 -13.99
N ILE J 39 -74.99 -49.12 -14.88
CA ILE J 39 -74.67 -47.72 -14.68
C ILE J 39 -75.21 -46.97 -15.89
N SER J 40 -76.19 -46.10 -15.67
CA SER J 40 -76.81 -45.40 -16.77
C SER J 40 -75.81 -44.45 -17.41
N THR J 41 -75.87 -44.31 -18.73
CA THR J 41 -74.86 -43.52 -19.41
C THR J 41 -75.16 -42.04 -19.35
N GLY J 42 -76.41 -41.66 -19.57
CA GLY J 42 -76.80 -40.27 -19.49
C GLY J 42 -78.23 -40.16 -19.03
N GLY J 43 -78.60 -38.96 -18.59
CA GLY J 43 -79.92 -38.71 -18.05
C GLY J 43 -80.85 -38.05 -19.06
N TRP J 44 -82.08 -37.87 -18.62
CA TRP J 44 -83.10 -37.21 -19.43
C TRP J 44 -82.78 -35.72 -19.54
N VAL J 45 -83.28 -35.11 -20.63
CA VAL J 45 -82.95 -33.73 -20.97
C VAL J 45 -84.17 -33.08 -21.60
N GLY J 46 -84.32 -31.78 -21.40
CA GLY J 46 -85.34 -31.03 -22.12
C GLY J 46 -85.58 -29.68 -21.48
N GLY J 47 -86.63 -28.99 -21.97
CA GLY J 47 -87.18 -27.82 -21.32
C GLY J 47 -86.89 -26.48 -21.96
N SER J 48 -86.22 -26.46 -23.10
CA SER J 48 -85.78 -25.27 -23.83
C SER J 48 -85.00 -24.24 -23.01
N TYR J 49 -84.92 -23.00 -23.52
CA TYR J 49 -84.08 -22.01 -22.86
C TYR J 49 -84.54 -20.55 -23.01
N PHE J 50 -84.48 -20.03 -24.23
CA PHE J 50 -84.86 -18.65 -24.59
C PHE J 50 -84.03 -17.49 -24.00
N THR J 51 -82.86 -17.26 -24.57
CA THR J 51 -82.14 -15.99 -24.44
C THR J 51 -82.28 -15.17 -25.72
N ASP J 52 -82.23 -13.85 -25.58
CA ASP J 52 -82.40 -12.92 -26.69
C ASP J 52 -81.59 -13.29 -27.92
N SER J 53 -80.35 -13.72 -27.72
CA SER J 53 -79.48 -14.03 -28.85
C SER J 53 -79.72 -15.42 -29.41
N TYR J 54 -80.13 -16.38 -28.59
CA TYR J 54 -80.31 -17.74 -29.08
C TYR J 54 -81.28 -18.49 -28.19
N VAL J 55 -81.83 -19.56 -28.77
CA VAL J 55 -82.77 -20.44 -28.08
C VAL J 55 -82.22 -21.85 -28.15
N ILE J 56 -82.09 -22.50 -26.99
CA ILE J 56 -81.62 -23.88 -26.90
C ILE J 56 -82.80 -24.76 -26.59
N THR J 57 -83.21 -25.58 -27.54
CA THR J 57 -84.26 -26.56 -27.33
C THR J 57 -83.64 -27.92 -27.09
N LYS J 58 -84.10 -28.59 -26.04
CA LYS J 58 -83.58 -29.88 -25.63
C LYS J 58 -84.73 -30.87 -25.63
N ASN J 59 -84.48 -32.09 -26.11
CA ASN J 59 -85.51 -33.10 -26.18
C ASN J 59 -84.89 -34.47 -25.95
N THR J 60 -85.70 -35.40 -25.49
CA THR J 60 -85.25 -36.75 -25.24
C THR J 60 -86.39 -37.71 -25.57
N ARG J 61 -86.05 -38.91 -26.03
CA ARG J 61 -87.05 -39.84 -26.51
C ARG J 61 -86.72 -41.24 -26.05
N GLN J 62 -87.68 -42.12 -26.24
CA GLN J 62 -87.50 -43.55 -26.08
C GLN J 62 -87.80 -44.18 -27.43
N PHE J 63 -86.87 -44.97 -27.95
CA PHE J 63 -87.03 -45.52 -29.29
C PHE J 63 -86.82 -47.02 -29.27
N LEU J 64 -87.20 -47.69 -30.35
CA LEU J 64 -86.85 -49.10 -30.49
C LEU J 64 -86.58 -49.45 -31.93
N VAL J 65 -85.61 -50.33 -32.13
CA VAL J 65 -85.20 -50.82 -33.44
C VAL J 65 -85.68 -52.26 -33.56
N LYS J 66 -86.38 -52.56 -34.65
CA LYS J 66 -87.22 -53.75 -34.74
C LYS J 66 -86.60 -54.92 -35.51
N ILE J 67 -85.40 -54.78 -36.08
CA ILE J 67 -84.89 -55.72 -37.07
C ILE J 67 -85.82 -55.74 -38.27
N GLN J 68 -85.76 -54.72 -39.10
CA GLN J 68 -86.56 -54.72 -40.32
C GLN J 68 -85.90 -55.56 -41.40
N ASN J 69 -86.74 -56.24 -42.18
CA ASN J 69 -86.34 -56.83 -43.47
C ASN J 69 -85.34 -57.97 -43.29
N ASN J 70 -85.54 -58.80 -42.28
CA ASN J 70 -84.52 -59.76 -41.83
C ASN J 70 -83.27 -58.92 -41.65
N HIS J 71 -82.08 -59.42 -42.00
CA HIS J 71 -80.97 -58.51 -42.20
C HIS J 71 -80.62 -58.31 -43.67
N GLN J 72 -81.26 -59.05 -44.56
CA GLN J 72 -81.02 -58.89 -45.97
C GLN J 72 -81.75 -57.67 -46.54
N TYR J 73 -81.31 -57.24 -47.71
CA TYR J 73 -81.73 -56.01 -48.39
C TYR J 73 -82.97 -56.17 -49.25
N LYS J 74 -82.92 -57.03 -50.25
CA LYS J 74 -83.90 -57.15 -51.32
C LYS J 74 -84.05 -55.85 -52.13
N THR J 75 -85.20 -55.70 -52.78
CA THR J 75 -85.47 -54.55 -53.65
C THR J 75 -86.90 -54.07 -53.41
N GLU J 76 -87.86 -55.00 -53.56
CA GLU J 76 -89.26 -54.93 -53.15
C GLU J 76 -90.25 -54.35 -54.15
N LEU J 77 -89.79 -53.65 -55.19
CA LEU J 77 -90.65 -53.24 -56.32
C LEU J 77 -92.05 -52.85 -55.84
N ILE J 78 -92.14 -51.70 -55.17
CA ILE J 78 -93.22 -51.49 -54.20
C ILE J 78 -94.60 -51.67 -54.80
N SER J 79 -95.10 -50.67 -55.52
CA SER J 79 -96.34 -50.70 -56.30
C SER J 79 -97.58 -50.92 -55.43
N PRO J 80 -98.72 -50.39 -55.81
CA PRO J 80 -99.98 -51.09 -55.51
C PRO J 80 -100.42 -51.85 -56.76
N SER J 81 -101.53 -52.56 -56.69
CA SER J 81 -102.13 -53.07 -57.92
C SER J 81 -103.67 -53.03 -57.91
N THR J 82 -104.33 -52.33 -58.85
CA THR J 82 -103.88 -51.17 -59.68
C THR J 82 -102.48 -51.18 -60.31
N SER J 83 -102.19 -52.25 -61.06
CA SER J 83 -100.88 -52.41 -61.71
C SER J 83 -100.52 -51.22 -62.59
N GLN J 84 -101.50 -50.39 -62.95
CA GLN J 84 -101.23 -49.18 -63.71
C GLN J 84 -100.37 -48.19 -62.94
N GLY J 85 -100.16 -48.42 -61.63
CA GLY J 85 -99.44 -47.47 -60.82
C GLY J 85 -97.98 -47.34 -61.23
N LYS J 86 -97.27 -46.47 -60.50
CA LYS J 86 -95.88 -46.19 -60.83
C LYS J 86 -95.00 -47.40 -60.60
N SER J 87 -95.19 -48.09 -59.47
CA SER J 87 -94.48 -49.33 -59.18
C SER J 87 -92.97 -49.11 -59.08
N GLN J 88 -92.57 -48.11 -58.32
CA GLN J 88 -91.16 -47.86 -58.08
C GLN J 88 -90.52 -49.09 -57.43
N ARG J 89 -89.29 -49.40 -57.86
CA ARG J 89 -88.68 -50.65 -57.41
C ARG J 89 -88.06 -50.50 -56.03
N CYS J 90 -87.47 -49.33 -55.76
CA CYS J 90 -86.77 -49.02 -54.53
C CYS J 90 -85.71 -50.04 -54.12
N VAL J 91 -85.36 -50.02 -52.83
CA VAL J 91 -84.44 -50.94 -52.17
C VAL J 91 -84.81 -50.92 -50.71
N SER J 92 -84.78 -52.07 -50.06
CA SER J 92 -85.01 -52.12 -48.63
C SER J 92 -83.70 -52.49 -47.97
N THR J 93 -83.50 -52.04 -46.75
CA THR J 93 -82.27 -52.29 -46.01
C THR J 93 -82.62 -52.73 -44.60
N PRO J 94 -81.72 -53.44 -43.92
CA PRO J 94 -81.94 -53.75 -42.51
C PRO J 94 -81.91 -52.53 -41.61
N TRP J 95 -81.42 -51.41 -42.11
CA TRP J 95 -81.17 -50.24 -41.27
C TRP J 95 -82.45 -49.46 -40.99
N SER J 96 -82.45 -48.80 -39.84
CA SER J 96 -83.45 -47.82 -39.47
C SER J 96 -82.73 -46.51 -39.23
N TYR J 97 -83.46 -45.41 -39.25
CA TYR J 97 -82.81 -44.12 -39.14
C TYR J 97 -83.60 -43.16 -38.26
N PHE J 98 -82.89 -42.18 -37.73
CA PHE J 98 -83.48 -41.11 -36.93
C PHE J 98 -83.78 -39.93 -37.83
N ASN J 99 -85.04 -39.53 -37.89
CA ASN J 99 -85.46 -38.33 -38.59
C ASN J 99 -85.78 -37.27 -37.55
N PHE J 100 -84.96 -36.24 -37.48
CA PHE J 100 -85.19 -35.14 -36.55
C PHE J 100 -85.86 -33.94 -37.18
N ASN J 101 -86.27 -34.04 -38.44
CA ASN J 101 -86.62 -32.86 -39.22
C ASN J 101 -88.11 -32.57 -39.07
N GLN J 102 -88.41 -31.56 -38.25
CA GLN J 102 -89.73 -30.97 -38.08
C GLN J 102 -89.61 -29.96 -36.97
N TYR J 103 -90.50 -28.97 -36.94
CA TYR J 103 -90.45 -28.02 -35.84
C TYR J 103 -91.19 -28.55 -34.62
N SER J 104 -92.36 -29.17 -34.83
CA SER J 104 -93.17 -29.63 -33.70
C SER J 104 -92.45 -30.65 -32.85
N SER J 105 -91.35 -31.21 -33.33
CA SER J 105 -90.60 -32.14 -32.52
C SER J 105 -89.76 -31.41 -31.49
N HIS J 106 -89.17 -30.28 -31.87
CA HIS J 106 -88.24 -29.58 -31.02
C HIS J 106 -88.86 -28.46 -30.21
N PHE J 107 -90.11 -28.10 -30.46
CA PHE J 107 -90.74 -26.97 -29.80
C PHE J 107 -92.08 -27.40 -29.22
N SER J 108 -92.27 -27.16 -27.94
CA SER J 108 -93.58 -27.31 -27.35
C SER J 108 -94.49 -26.24 -27.92
N PRO J 109 -95.80 -26.46 -27.88
CA PRO J 109 -96.72 -25.42 -28.34
C PRO J 109 -96.53 -24.10 -27.65
N GLN J 110 -95.94 -24.06 -26.45
CA GLN J 110 -95.58 -22.77 -25.88
C GLN J 110 -94.22 -22.27 -26.32
N ASP J 111 -93.21 -23.13 -26.40
CA ASP J 111 -91.91 -22.69 -26.88
C ASP J 111 -92.04 -22.08 -28.27
N TRP J 112 -92.55 -22.83 -29.21
CA TRP J 112 -93.16 -22.24 -30.38
C TRP J 112 -94.28 -21.35 -29.88
N GLN J 113 -94.48 -20.20 -30.51
CA GLN J 113 -95.32 -19.10 -30.03
C GLN J 113 -94.62 -18.27 -28.97
N ARG J 114 -93.60 -18.77 -28.31
CA ARG J 114 -92.75 -17.83 -27.60
C ARG J 114 -91.74 -17.20 -28.55
N LEU J 115 -91.20 -17.96 -29.49
CA LEU J 115 -90.37 -17.34 -30.52
C LEU J 115 -91.19 -16.74 -31.64
N THR J 116 -92.31 -17.36 -32.01
CA THR J 116 -93.11 -16.80 -33.08
C THR J 116 -93.65 -15.45 -32.71
N ASN J 117 -93.94 -15.23 -31.43
CA ASN J 117 -94.39 -13.92 -30.99
C ASN J 117 -93.23 -12.96 -30.77
N GLU J 118 -92.13 -13.44 -30.18
CA GLU J 118 -91.12 -12.54 -29.64
C GLU J 118 -89.92 -12.31 -30.55
N TYR J 119 -89.84 -12.93 -31.73
CA TYR J 119 -88.63 -12.80 -32.52
C TYR J 119 -88.91 -12.58 -33.99
N LYS J 120 -88.03 -11.81 -34.65
CA LYS J 120 -88.11 -11.61 -36.09
C LYS J 120 -87.80 -12.88 -36.84
N ARG J 121 -86.69 -13.52 -36.51
CA ARG J 121 -86.15 -14.54 -37.38
C ARG J 121 -85.33 -15.50 -36.55
N PHE J 122 -85.19 -16.70 -37.06
CA PHE J 122 -84.41 -17.71 -36.37
C PHE J 122 -83.91 -18.72 -37.38
N ARG J 123 -82.77 -19.32 -37.09
CA ARG J 123 -82.28 -20.44 -37.87
C ARG J 123 -81.54 -21.34 -36.92
N PRO J 124 -81.57 -22.65 -37.13
CA PRO J 124 -80.82 -23.54 -36.26
C PRO J 124 -79.34 -23.32 -36.43
N LYS J 125 -78.65 -23.09 -35.31
CA LYS J 125 -77.21 -22.87 -35.34
C LYS J 125 -76.43 -24.17 -35.32
N GLY J 126 -76.85 -25.11 -34.48
CA GLY J 126 -76.10 -26.35 -34.31
C GLY J 126 -77.02 -27.42 -33.78
N MET J 127 -76.49 -28.63 -33.70
CA MET J 127 -77.28 -29.78 -33.29
C MET J 127 -76.36 -30.77 -32.60
N HIS J 128 -76.87 -31.39 -31.54
CA HIS J 128 -76.08 -32.34 -30.76
C HIS J 128 -76.99 -33.49 -30.38
N VAL J 129 -76.61 -34.70 -30.78
CA VAL J 129 -77.46 -35.87 -30.60
C VAL J 129 -76.69 -36.90 -29.79
N LYS J 130 -77.38 -37.57 -28.86
CA LYS J 130 -76.75 -38.56 -28.01
C LYS J 130 -77.63 -39.78 -27.93
N ILE J 131 -77.09 -40.93 -28.34
CA ILE J 131 -77.71 -42.22 -28.11
C ILE J 131 -77.15 -42.74 -26.79
N TYR J 132 -78.00 -43.24 -25.93
CA TYR J 132 -77.52 -43.77 -24.66
C TYR J 132 -78.62 -44.60 -24.03
N ASN J 133 -78.30 -45.20 -22.89
CA ASN J 133 -79.21 -46.05 -22.15
C ASN J 133 -79.81 -47.13 -23.04
N LEU J 134 -78.95 -47.85 -23.75
CA LEU J 134 -79.41 -48.86 -24.69
C LEU J 134 -79.82 -50.13 -23.97
N GLN J 135 -80.72 -50.88 -24.59
CA GLN J 135 -81.19 -52.14 -24.04
C GLN J 135 -81.45 -53.11 -25.18
N ILE J 136 -81.02 -54.35 -25.05
CA ILE J 136 -81.29 -55.39 -26.03
C ILE J 136 -82.11 -56.45 -25.33
N LYS J 137 -83.37 -56.64 -25.75
CA LYS J 137 -84.28 -57.40 -24.93
C LYS J 137 -84.56 -58.83 -25.37
N GLN J 138 -84.05 -59.28 -26.52
CA GLN J 138 -84.12 -60.70 -26.85
C GLN J 138 -85.55 -61.24 -26.83
N ILE J 139 -86.31 -60.91 -27.88
CA ILE J 139 -87.66 -61.45 -28.01
C ILE J 139 -87.62 -62.98 -27.97
N LEU J 140 -88.55 -63.56 -27.23
CA LEU J 140 -88.80 -65.00 -27.28
C LEU J 140 -90.27 -65.28 -27.52
N SER J 141 -90.55 -66.40 -28.15
CA SER J 141 -91.90 -66.86 -28.38
C SER J 141 -91.99 -68.35 -28.06
N ASN J 142 -92.81 -68.69 -27.09
CA ASN J 142 -93.16 -70.08 -26.79
C ASN J 142 -94.40 -70.52 -27.55
N GLY J 143 -94.88 -69.68 -28.45
CA GLY J 143 -96.19 -69.80 -29.04
C GLY J 143 -97.14 -68.88 -28.29
N ALA J 144 -98.04 -68.24 -29.03
CA ALA J 144 -98.88 -67.15 -28.53
C ALA J 144 -97.97 -66.15 -27.82
N ASP J 145 -98.41 -65.53 -26.73
CA ASP J 145 -97.63 -64.82 -25.71
C ASP J 145 -96.47 -63.99 -26.25
N THR J 146 -95.38 -63.95 -25.47
CA THR J 146 -94.00 -63.54 -25.76
C THR J 146 -93.28 -63.49 -24.43
N THR J 147 -91.95 -63.50 -24.46
CA THR J 147 -91.16 -63.22 -23.28
C THR J 147 -89.92 -62.45 -23.70
N TYR J 148 -89.41 -61.65 -22.78
CA TYR J 148 -88.25 -60.79 -23.03
C TYR J 148 -87.24 -61.07 -21.92
N ASN J 149 -86.12 -61.69 -22.27
CA ASN J 149 -85.17 -62.13 -21.25
C ASN J 149 -84.18 -61.04 -20.92
N ASN J 150 -84.41 -59.84 -21.44
CA ASN J 150 -83.38 -58.84 -21.57
C ASN J 150 -82.27 -59.49 -22.37
N ASP J 151 -81.03 -59.09 -22.12
CA ASP J 151 -79.88 -59.66 -22.81
C ASP J 151 -78.66 -58.88 -22.39
N LEU J 152 -77.50 -59.49 -22.55
CA LEU J 152 -76.23 -58.80 -22.51
C LEU J 152 -75.41 -59.39 -23.64
N THR J 153 -74.18 -58.91 -23.79
CA THR J 153 -73.32 -59.35 -24.86
C THR J 153 -74.02 -59.28 -26.21
N ALA J 154 -74.75 -58.21 -26.46
CA ALA J 154 -75.37 -57.95 -27.74
C ALA J 154 -75.02 -56.52 -28.16
N GLY J 155 -75.30 -56.18 -29.42
CA GLY J 155 -74.77 -54.97 -29.98
C GLY J 155 -75.76 -54.30 -30.92
N VAL J 156 -75.44 -53.04 -31.20
CA VAL J 156 -76.26 -52.19 -32.04
C VAL J 156 -75.33 -51.37 -32.92
N HIS J 157 -75.55 -51.41 -34.22
CA HIS J 157 -74.78 -50.61 -35.15
C HIS J 157 -75.36 -49.22 -35.20
N ILE J 158 -74.50 -48.21 -35.18
CA ILE J 158 -74.93 -46.82 -35.27
C ILE J 158 -74.00 -46.11 -36.23
N PHE J 159 -74.58 -45.52 -37.27
CA PHE J 159 -73.82 -44.92 -38.34
C PHE J 159 -74.40 -43.55 -38.67
N CYS J 160 -73.52 -42.59 -38.94
CA CYS J 160 -73.91 -41.23 -39.28
C CYS J 160 -73.27 -40.83 -40.60
N ASP J 161 -73.94 -39.94 -41.33
CA ASP J 161 -73.41 -39.39 -42.58
C ASP J 161 -72.87 -37.99 -42.35
N GLY J 162 -71.55 -37.86 -42.39
CA GLY J 162 -70.98 -36.52 -42.42
C GLY J 162 -70.75 -36.06 -43.84
N GLU J 163 -70.55 -37.01 -44.74
CA GLU J 163 -70.29 -36.71 -46.14
C GLU J 163 -71.55 -36.64 -46.97
N HIS J 164 -72.68 -37.12 -46.44
CA HIS J 164 -73.91 -37.33 -47.20
C HIS J 164 -73.70 -38.19 -48.43
N ALA J 165 -72.71 -39.07 -48.41
CA ALA J 165 -72.80 -40.25 -49.26
C ALA J 165 -73.98 -41.07 -48.76
N TYR J 166 -74.47 -41.95 -49.62
CA TYR J 166 -75.67 -42.74 -49.41
C TYR J 166 -76.92 -41.93 -49.69
N PRO J 167 -77.99 -42.60 -50.11
CA PRO J 167 -79.17 -41.91 -50.65
C PRO J 167 -79.97 -41.06 -49.67
N ASN J 168 -79.66 -41.04 -48.38
CA ASN J 168 -80.26 -40.15 -47.38
C ASN J 168 -81.79 -40.12 -47.37
N ALA J 169 -82.39 -41.13 -46.72
CA ALA J 169 -83.84 -41.33 -46.73
C ALA J 169 -84.63 -40.05 -46.48
N THR J 170 -84.15 -39.19 -45.59
CA THR J 170 -84.98 -38.09 -45.10
C THR J 170 -85.55 -37.27 -46.24
N HIS J 171 -86.86 -37.14 -46.24
CA HIS J 171 -87.65 -36.30 -47.12
C HIS J 171 -88.44 -35.36 -46.23
N PRO J 172 -88.65 -34.11 -46.65
CA PRO J 172 -89.20 -33.13 -45.69
C PRO J 172 -90.46 -33.56 -44.96
N TRP J 173 -91.47 -34.04 -45.64
CA TRP J 173 -92.75 -34.28 -44.96
C TRP J 173 -92.75 -35.65 -44.30
N ASP J 174 -92.84 -36.70 -45.11
CA ASP J 174 -92.79 -38.08 -44.65
C ASP J 174 -93.78 -38.22 -43.49
N GLU J 175 -93.37 -38.81 -42.38
CA GLU J 175 -94.22 -39.17 -41.25
C GLU J 175 -93.33 -38.94 -40.06
N ASP J 176 -93.75 -39.48 -38.90
CA ASP J 176 -92.82 -39.84 -37.81
C ASP J 176 -91.99 -38.61 -37.42
N VAL J 177 -90.70 -38.56 -37.71
CA VAL J 177 -89.74 -37.65 -37.11
C VAL J 177 -89.81 -37.99 -35.64
N MET J 178 -89.60 -37.02 -34.77
CA MET J 178 -89.78 -37.30 -33.36
C MET J 178 -91.24 -37.11 -33.02
N PRO J 179 -91.81 -37.87 -32.10
CA PRO J 179 -93.16 -37.56 -31.67
C PRO J 179 -93.16 -36.19 -31.05
N GLU J 180 -94.07 -35.33 -31.49
CA GLU J 180 -94.11 -33.97 -30.99
C GLU J 180 -94.21 -33.92 -29.49
N LEU J 181 -94.66 -35.01 -28.89
CA LEU J 181 -94.95 -35.12 -27.48
C LEU J 181 -93.94 -36.05 -26.85
N PRO J 182 -93.15 -35.65 -25.84
CA PRO J 182 -92.21 -36.60 -25.23
C PRO J 182 -92.95 -37.72 -24.53
N TYR J 183 -92.24 -38.59 -23.81
CA TYR J 183 -92.80 -39.76 -23.12
C TYR J 183 -93.46 -40.71 -24.10
N GLN J 184 -93.60 -40.29 -25.34
CA GLN J 184 -94.21 -41.11 -26.38
C GLN J 184 -93.08 -41.84 -27.09
N THR J 185 -93.10 -43.16 -27.01
CA THR J 185 -92.01 -43.94 -27.57
C THR J 185 -91.93 -43.74 -29.07
N TRP J 186 -90.71 -43.76 -29.59
CA TRP J 186 -90.46 -43.38 -30.97
C TRP J 186 -90.03 -44.58 -31.77
N TYR J 187 -90.91 -45.07 -32.63
CA TYR J 187 -90.62 -46.23 -33.46
C TYR J 187 -89.88 -45.79 -34.71
N LEU J 188 -88.71 -46.35 -34.93
CA LEU J 188 -87.92 -46.03 -36.10
C LEU J 188 -88.51 -46.69 -37.34
N PHE J 189 -88.11 -46.17 -38.49
CA PHE J 189 -88.61 -46.64 -39.78
C PHE J 189 -87.46 -47.14 -40.64
N GLN J 190 -87.78 -48.10 -41.48
CA GLN J 190 -86.77 -48.77 -42.28
C GLN J 190 -86.16 -47.82 -43.29
N TYR J 191 -84.87 -47.99 -43.54
CA TYR J 191 -84.18 -47.17 -44.53
C TYR J 191 -84.26 -47.83 -45.90
N GLY J 192 -84.65 -47.05 -46.89
CA GLY J 192 -84.72 -47.53 -48.25
C GLY J 192 -84.45 -46.39 -49.20
N TYR J 193 -84.26 -46.73 -50.47
CA TYR J 193 -84.00 -45.69 -51.45
C TYR J 193 -84.35 -46.19 -52.83
N ILE J 194 -84.60 -45.25 -53.74
CA ILE J 194 -84.88 -45.58 -55.12
C ILE J 194 -83.57 -45.66 -55.88
N PRO J 195 -83.14 -46.85 -56.32
CA PRO J 195 -81.92 -46.91 -57.13
C PRO J 195 -82.09 -46.26 -58.49
N VAL J 196 -83.20 -46.56 -59.19
CA VAL J 196 -83.47 -46.04 -60.53
C VAL J 196 -84.98 -46.09 -60.76
N ILE J 197 -85.46 -45.19 -61.62
CA ILE J 197 -86.86 -45.21 -62.05
C ILE J 197 -87.21 -46.61 -62.55
N HIS J 198 -88.32 -47.16 -62.05
CA HIS J 198 -88.66 -48.52 -62.41
C HIS J 198 -88.95 -48.66 -63.89
N GLU J 199 -89.87 -47.86 -64.41
CA GLU J 199 -89.95 -47.72 -65.85
C GLU J 199 -88.63 -47.15 -66.33
N LEU J 200 -88.30 -47.37 -67.60
CA LEU J 200 -86.95 -47.06 -68.09
C LEU J 200 -85.93 -47.95 -67.38
N ALA J 201 -85.77 -49.18 -67.91
CA ALA J 201 -85.24 -50.39 -67.27
C ALA J 201 -86.30 -51.39 -66.82
N GLU J 202 -87.57 -51.16 -67.14
CA GLU J 202 -88.60 -52.15 -66.81
C GLU J 202 -88.27 -53.61 -67.18
N MET J 203 -87.72 -53.94 -68.35
CA MET J 203 -87.58 -53.11 -69.55
C MET J 203 -88.28 -53.84 -70.69
N GLU J 204 -88.66 -53.12 -71.74
CA GLU J 204 -89.50 -53.73 -72.77
C GLU J 204 -88.66 -54.25 -73.92
N ASP J 205 -88.56 -55.58 -74.01
CA ASP J 205 -87.95 -56.27 -75.14
C ASP J 205 -86.60 -55.68 -75.52
N SER J 206 -86.32 -55.61 -76.81
CA SER J 206 -85.28 -54.75 -77.38
C SER J 206 -83.96 -54.86 -76.52
N ASN J 207 -83.35 -53.85 -75.87
CA ASN J 207 -83.56 -52.40 -75.94
C ASN J 207 -82.23 -51.68 -76.05
N ALA J 208 -81.40 -51.88 -75.03
CA ALA J 208 -80.03 -51.39 -74.89
C ALA J 208 -80.00 -49.92 -74.49
N VAL J 209 -81.10 -49.22 -74.66
CA VAL J 209 -81.23 -47.89 -74.06
C VAL J 209 -81.72 -48.02 -72.61
N GLU J 210 -82.64 -48.95 -72.36
CA GLU J 210 -83.02 -49.25 -70.98
C GLU J 210 -82.17 -50.36 -70.39
N LYS J 211 -81.42 -51.08 -71.22
CA LYS J 211 -80.44 -52.00 -70.67
C LYS J 211 -79.38 -51.21 -69.91
N ALA J 212 -78.77 -50.24 -70.56
CA ALA J 212 -78.14 -49.18 -69.80
C ALA J 212 -79.21 -48.44 -69.01
N ILE J 213 -78.80 -47.86 -67.88
CA ILE J 213 -79.66 -47.30 -66.85
C ILE J 213 -80.23 -48.41 -66.00
N CYS J 214 -80.32 -49.62 -66.55
CA CYS J 214 -80.54 -50.79 -65.70
C CYS J 214 -79.21 -51.34 -65.19
N LEU J 215 -78.22 -51.39 -66.06
CA LEU J 215 -76.88 -51.82 -65.65
C LEU J 215 -76.26 -50.83 -64.69
N GLN J 216 -76.61 -49.56 -64.81
CA GLN J 216 -75.92 -48.54 -64.05
C GLN J 216 -76.55 -48.28 -62.69
N ILE J 217 -77.60 -49.02 -62.32
CA ILE J 217 -78.28 -48.69 -61.07
C ILE J 217 -77.27 -48.92 -59.97
N PRO J 218 -76.99 -47.91 -59.15
CA PRO J 218 -76.03 -48.09 -58.07
C PRO J 218 -76.66 -48.86 -56.92
N PHE J 219 -75.81 -49.53 -56.16
CA PHE J 219 -76.25 -50.30 -55.01
C PHE J 219 -75.43 -49.87 -53.82
N PHE J 220 -76.09 -49.25 -52.86
CA PHE J 220 -75.44 -48.69 -51.69
C PHE J 220 -75.67 -49.59 -50.50
N MET J 221 -74.66 -49.67 -49.64
CA MET J 221 -74.71 -50.53 -48.47
C MET J 221 -74.11 -49.75 -47.33
N LEU J 222 -74.73 -49.82 -46.17
CA LEU J 222 -74.23 -49.08 -45.04
C LEU J 222 -73.14 -49.84 -44.30
N GLU J 223 -72.73 -50.99 -44.81
CA GLU J 223 -71.68 -51.72 -44.10
C GLU J 223 -70.35 -51.08 -44.42
N ASN J 224 -69.77 -51.32 -45.62
CA ASN J 224 -68.92 -50.33 -46.29
C ASN J 224 -68.18 -49.45 -45.31
N SER J 225 -68.43 -48.15 -45.37
CA SER J 225 -67.84 -47.22 -44.42
C SER J 225 -68.07 -47.64 -42.98
N ASP J 226 -67.06 -47.46 -42.15
CA ASP J 226 -67.09 -47.98 -40.79
C ASP J 226 -68.08 -47.24 -39.92
N HIS J 227 -68.50 -47.90 -38.85
CA HIS J 227 -69.45 -47.33 -37.92
C HIS J 227 -69.32 -48.04 -36.58
N GLU J 228 -69.90 -47.45 -35.55
CA GLU J 228 -69.72 -47.96 -34.20
C GLU J 228 -70.78 -49.00 -33.87
N VAL J 229 -70.37 -50.01 -33.14
CA VAL J 229 -71.28 -50.96 -32.51
C VAL J 229 -71.28 -50.64 -31.02
N LEU J 230 -72.42 -50.84 -30.37
CA LEU J 230 -72.54 -50.50 -28.97
C LEU J 230 -73.21 -51.65 -28.23
N ARG J 231 -72.61 -52.08 -27.13
CA ARG J 231 -73.36 -52.88 -26.19
C ARG J 231 -74.14 -51.93 -25.29
N THR J 232 -74.72 -52.47 -24.22
CA THR J 232 -75.55 -51.65 -23.35
C THR J 232 -74.79 -50.49 -22.73
N GLY J 233 -73.71 -50.77 -22.01
CA GLY J 233 -73.06 -49.72 -21.23
C GLY J 233 -72.53 -48.56 -22.06
N GLU J 234 -72.30 -48.77 -23.35
CA GLU J 234 -71.74 -47.74 -24.20
C GLU J 234 -72.82 -46.77 -24.69
N SER J 235 -72.38 -45.57 -25.08
CA SER J 235 -73.22 -44.57 -25.72
C SER J 235 -72.47 -43.96 -26.90
N THR J 236 -73.11 -42.98 -27.53
CA THR J 236 -72.51 -42.29 -28.66
C THR J 236 -73.06 -40.88 -28.74
N GLU J 237 -72.22 -39.95 -29.19
CA GLU J 237 -72.63 -38.58 -29.43
C GLU J 237 -72.43 -38.23 -30.90
N PHE J 238 -73.20 -37.27 -31.37
CA PHE J 238 -73.03 -36.72 -32.71
C PHE J 238 -73.27 -35.23 -32.64
N THR J 239 -72.50 -34.46 -33.39
CA THR J 239 -72.69 -33.03 -33.49
C THR J 239 -72.94 -32.64 -34.94
N PHE J 240 -73.55 -31.47 -35.12
CA PHE J 240 -73.81 -30.95 -36.43
C PHE J 240 -73.74 -29.45 -36.39
N ASN J 241 -73.27 -28.86 -37.48
CA ASN J 241 -73.28 -27.42 -37.64
C ASN J 241 -73.99 -27.10 -38.93
N PHE J 242 -74.62 -25.93 -38.97
CA PHE J 242 -75.51 -25.57 -40.06
C PHE J 242 -74.99 -24.32 -40.76
N ASP J 243 -74.75 -24.43 -42.06
CA ASP J 243 -74.72 -23.27 -42.93
C ASP J 243 -76.14 -23.13 -43.47
N CYS J 244 -76.85 -22.10 -43.02
CA CYS J 244 -78.29 -22.14 -43.08
C CYS J 244 -78.84 -20.74 -43.23
N GLU J 245 -79.94 -20.64 -43.98
CA GLU J 245 -80.60 -19.36 -44.20
C GLU J 245 -81.62 -19.10 -43.11
N TRP J 246 -81.73 -17.83 -42.72
CA TRP J 246 -82.74 -17.44 -41.76
C TRP J 246 -84.13 -17.76 -42.28
N ILE J 247 -85.04 -18.09 -41.37
CA ILE J 247 -86.46 -18.10 -41.67
C ILE J 247 -87.09 -16.95 -40.92
N ASN J 248 -87.79 -16.09 -41.64
CA ASN J 248 -88.19 -14.78 -41.14
C ASN J 248 -89.63 -14.80 -40.67
N ASN J 249 -89.84 -14.42 -39.42
CA ASN J 249 -91.17 -14.16 -38.89
C ASN J 249 -91.37 -12.66 -38.89
N GLU J 250 -92.19 -12.18 -39.82
CA GLU J 250 -92.35 -10.77 -40.16
C GLU J 250 -93.49 -10.69 -41.15
N ARG J 251 -94.05 -9.51 -41.28
CA ARG J 251 -95.24 -9.31 -42.09
C ARG J 251 -95.12 -7.99 -42.83
N ALA J 252 -95.40 -8.01 -44.12
CA ALA J 252 -95.48 -6.79 -44.90
C ALA J 252 -96.92 -6.32 -44.88
N TYR J 253 -97.14 -5.13 -44.34
CA TYR J 253 -98.47 -4.58 -44.25
C TYR J 253 -98.98 -4.04 -45.58
N ILE J 254 -98.10 -3.86 -46.55
CA ILE J 254 -98.50 -3.42 -47.89
C ILE J 254 -97.69 -4.19 -48.92
N PRO J 255 -98.22 -4.30 -50.15
CA PRO J 255 -97.43 -4.85 -51.23
C PRO J 255 -96.19 -4.01 -51.46
N PRO J 256 -95.14 -4.58 -52.04
CA PRO J 256 -93.94 -3.78 -52.31
C PRO J 256 -94.17 -2.66 -53.31
N GLY J 257 -95.11 -2.84 -54.23
CA GLY J 257 -95.43 -1.81 -55.18
C GLY J 257 -96.29 -0.70 -54.65
N LEU J 258 -96.75 -0.80 -53.41
CA LEU J 258 -97.63 0.18 -52.81
C LEU J 258 -96.85 1.20 -51.98
N MET J 259 -95.52 1.17 -52.04
CA MET J 259 -94.69 2.06 -51.25
C MET J 259 -94.45 3.33 -52.04
N PHE J 260 -95.06 4.42 -51.58
CA PHE J 260 -94.86 5.75 -52.17
C PHE J 260 -95.71 6.73 -51.37
N ASN J 261 -95.38 8.00 -51.50
CA ASN J 261 -96.18 9.04 -50.88
C ASN J 261 -97.27 9.43 -51.85
N PRO J 262 -98.52 9.05 -51.60
CA PRO J 262 -99.58 9.33 -52.58
C PRO J 262 -99.95 10.79 -52.63
N LEU J 263 -99.55 11.57 -51.63
CA LEU J 263 -99.83 13.00 -51.66
C LEU J 263 -99.03 13.69 -52.75
N VAL J 264 -97.78 13.30 -52.93
CA VAL J 264 -96.89 14.03 -53.85
C VAL J 264 -97.23 13.67 -55.28
N PRO J 265 -97.36 14.64 -56.18
CA PRO J 265 -97.59 14.31 -57.59
C PRO J 265 -96.37 13.61 -58.18
N THR J 266 -96.59 12.95 -59.31
CA THR J 266 -95.52 12.21 -59.96
C THR J 266 -95.22 12.82 -61.32
N ARG J 267 -93.97 12.72 -61.74
CA ARG J 267 -93.61 13.06 -63.09
C ARG J 267 -93.48 11.81 -63.94
N ARG J 268 -94.50 11.55 -64.73
CA ARG J 268 -94.66 10.35 -65.54
C ARG J 268 -95.91 10.53 -66.38
N ALA J 269 -96.08 9.72 -67.41
CA ALA J 269 -97.24 9.88 -68.26
C ALA J 269 -97.71 8.53 -68.76
N GLN J 270 -98.99 8.47 -69.12
CA GLN J 270 -99.62 7.26 -69.62
C GLN J 270 -100.12 7.56 -71.02
N TYR J 271 -99.52 6.92 -72.01
CA TYR J 271 -100.10 6.89 -73.35
C TYR J 271 -101.00 5.67 -73.39
N ILE J 272 -102.19 5.83 -73.93
CA ILE J 272 -103.14 4.74 -74.05
C ILE J 272 -103.56 4.61 -75.50
N ARG J 273 -103.39 3.41 -76.04
CA ARG J 273 -103.65 3.16 -77.45
C ARG J 273 -105.14 3.41 -77.76
N ARG J 274 -105.41 3.70 -79.04
CA ARG J 274 -106.79 3.73 -79.51
C ARG J 274 -107.49 2.43 -79.13
N ASN J 275 -108.70 2.56 -78.59
CA ASN J 275 -109.33 1.43 -77.95
C ASN J 275 -109.91 0.45 -78.97
N ASN J 276 -110.26 0.93 -80.16
CA ASN J 276 -110.80 0.08 -81.23
C ASN J 276 -111.98 -0.74 -80.71
N ASN J 277 -113.10 -0.04 -80.51
CA ASN J 277 -114.28 -0.49 -79.76
C ASN J 277 -113.90 -0.51 -78.29
N PRO J 278 -114.84 -0.18 -77.40
CA PRO J 278 -116.08 0.55 -77.72
C PRO J 278 -115.85 1.97 -78.26
N GLN J 279 -114.97 2.72 -77.61
CA GLN J 279 -114.91 4.17 -77.79
C GLN J 279 -113.64 4.70 -77.13
N THR J 280 -113.53 6.02 -76.92
CA THR J 280 -112.41 6.64 -76.23
C THR J 280 -111.09 6.51 -76.97
N ALA J 281 -110.91 7.33 -78.00
CA ALA J 281 -109.68 7.36 -78.77
C ALA J 281 -108.49 7.74 -77.90
N GLU J 282 -107.29 7.43 -78.40
CA GLU J 282 -106.06 7.49 -77.62
C GLU J 282 -105.85 8.86 -77.01
N SER J 283 -105.24 8.86 -75.82
CA SER J 283 -104.88 10.10 -75.13
C SER J 283 -103.70 9.83 -74.22
N THR J 284 -102.89 10.86 -74.00
CA THR J 284 -101.83 10.82 -73.01
C THR J 284 -102.20 11.69 -71.81
N SER J 285 -101.75 11.29 -70.63
CA SER J 285 -102.11 11.98 -69.41
C SER J 285 -101.07 11.71 -68.35
N ARG J 286 -101.03 12.60 -67.35
CA ARG J 286 -100.13 12.41 -66.22
C ARG J 286 -100.70 11.38 -65.27
N ILE J 287 -99.81 10.57 -64.71
CA ILE J 287 -100.22 9.57 -63.75
C ILE J 287 -100.68 10.25 -62.47
N ALA J 288 -101.81 9.79 -61.92
CA ALA J 288 -102.37 10.38 -60.74
C ALA J 288 -101.40 10.29 -59.57
N PRO J 289 -101.50 11.22 -58.61
CA PRO J 289 -100.57 11.17 -57.47
C PRO J 289 -100.66 9.88 -56.69
N TYR J 290 -101.87 9.45 -56.37
CA TYR J 290 -102.09 8.09 -55.91
C TYR J 290 -101.85 7.14 -57.07
N ALA J 291 -101.63 5.87 -56.74
CA ALA J 291 -101.49 4.82 -57.75
C ALA J 291 -100.36 5.12 -58.72
N LYS J 292 -99.20 5.38 -58.18
CA LYS J 292 -98.02 5.54 -59.00
C LYS J 292 -97.54 4.19 -59.49
N PRO J 293 -96.92 4.15 -60.67
CA PRO J 293 -96.39 2.87 -61.16
C PRO J 293 -95.28 2.36 -60.29
N THR J 294 -94.97 1.08 -60.46
CA THR J 294 -93.96 0.45 -59.62
C THR J 294 -93.05 -0.44 -60.44
N SER J 295 -91.87 -0.65 -59.89
CA SER J 295 -91.06 -1.82 -60.17
C SER J 295 -91.58 -2.98 -59.34
N TRP J 296 -90.74 -3.98 -59.17
CA TRP J 296 -91.05 -5.00 -58.17
C TRP J 296 -92.25 -5.84 -58.55
N MET J 297 -92.02 -6.71 -59.53
CA MET J 297 -92.89 -7.75 -60.02
C MET J 297 -93.23 -8.75 -58.92
N THR J 298 -94.33 -9.47 -59.11
CA THR J 298 -94.75 -10.48 -58.17
C THR J 298 -93.89 -11.74 -58.29
N GLY J 299 -93.86 -12.51 -57.22
CA GLY J 299 -93.14 -13.75 -57.21
C GLY J 299 -93.71 -14.77 -58.18
N PRO J 300 -92.89 -15.74 -58.57
CA PRO J 300 -93.32 -16.69 -59.59
C PRO J 300 -94.23 -17.77 -59.06
N GLY J 301 -95.04 -18.32 -59.94
CA GLY J 301 -95.91 -19.44 -59.61
C GLY J 301 -96.32 -20.13 -60.89
N LEU J 302 -96.92 -21.32 -60.74
CA LEU J 302 -97.53 -22.02 -61.86
C LEU J 302 -98.95 -22.39 -61.48
N LEU J 303 -99.92 -21.69 -62.07
CA LEU J 303 -101.33 -21.89 -61.75
C LEU J 303 -102.16 -22.61 -62.80
N SER J 304 -101.60 -22.97 -63.94
CA SER J 304 -102.47 -23.40 -65.04
C SER J 304 -102.91 -24.85 -64.89
N ALA J 305 -102.01 -25.71 -64.42
CA ALA J 305 -102.18 -27.15 -64.45
C ALA J 305 -103.27 -27.60 -63.47
N GLN J 306 -103.73 -28.83 -63.66
CA GLN J 306 -104.66 -29.49 -62.75
C GLN J 306 -104.18 -30.91 -62.50
N ARG J 307 -104.32 -31.37 -61.26
CA ARG J 307 -103.92 -32.72 -60.92
C ARG J 307 -104.65 -33.73 -61.80
N VAL J 308 -103.94 -34.78 -62.18
CA VAL J 308 -104.34 -35.65 -63.28
C VAL J 308 -104.62 -37.06 -62.78
N GLY J 309 -105.88 -37.46 -62.82
CA GLY J 309 -106.23 -38.86 -62.71
C GLY J 309 -106.48 -39.31 -61.28
N PRO J 310 -106.54 -40.62 -61.09
CA PRO J 310 -106.92 -41.16 -59.78
C PRO J 310 -105.79 -41.07 -58.78
N ALA J 311 -106.16 -41.09 -57.51
CA ALA J 311 -105.17 -41.11 -56.45
C ALA J 311 -104.38 -42.42 -56.48
N THR J 312 -103.22 -42.40 -55.83
CA THR J 312 -102.20 -43.46 -55.78
C THR J 312 -101.43 -43.51 -57.09
N SER J 313 -101.81 -42.75 -58.10
CA SER J 313 -101.11 -42.67 -59.37
C SER J 313 -100.11 -41.52 -59.42
N ASP J 314 -99.88 -40.84 -58.30
CA ASP J 314 -99.02 -39.65 -58.25
C ASP J 314 -99.57 -38.53 -59.12
N THR J 315 -100.64 -37.89 -58.65
CA THR J 315 -101.18 -36.75 -59.37
C THR J 315 -100.55 -35.48 -58.82
N GLY J 316 -99.65 -34.89 -59.60
CA GLY J 316 -98.96 -33.69 -59.14
C GLY J 316 -99.38 -32.39 -59.79
N ALA J 317 -100.10 -32.49 -60.90
CA ALA J 317 -100.44 -31.44 -61.85
C ALA J 317 -99.22 -30.93 -62.61
N TRP J 318 -98.01 -31.17 -62.12
CA TRP J 318 -96.79 -30.89 -62.86
C TRP J 318 -95.87 -32.08 -62.62
N MET J 319 -95.53 -32.79 -63.69
CA MET J 319 -94.62 -33.93 -63.60
C MET J 319 -93.31 -33.52 -64.23
N VAL J 320 -92.21 -33.73 -63.50
CA VAL J 320 -90.91 -33.35 -64.01
C VAL J 320 -90.37 -34.41 -64.98
N ALA J 321 -90.51 -35.67 -64.62
CA ALA J 321 -90.07 -36.81 -65.41
C ALA J 321 -88.64 -36.71 -65.94
N VAL J 322 -88.37 -37.40 -67.05
CA VAL J 322 -87.07 -37.40 -67.71
C VAL J 322 -87.24 -37.39 -69.23
N LYS J 323 -87.83 -38.45 -69.76
CA LYS J 323 -87.94 -38.68 -71.20
C LYS J 323 -86.58 -38.75 -71.91
N PRO J 324 -85.80 -39.81 -71.68
CA PRO J 324 -84.68 -40.08 -72.58
C PRO J 324 -85.18 -40.34 -73.99
N GLU J 325 -84.27 -40.19 -74.96
CA GLU J 325 -84.69 -39.99 -76.33
C GLU J 325 -85.41 -41.23 -76.88
N ASN J 326 -84.90 -42.41 -76.60
CA ASN J 326 -85.62 -43.61 -77.02
C ASN J 326 -86.34 -44.27 -75.86
N ALA J 327 -85.59 -45.00 -75.06
CA ALA J 327 -86.08 -45.76 -73.91
C ALA J 327 -87.28 -46.60 -74.35
N SER J 328 -88.25 -46.74 -73.45
CA SER J 328 -89.61 -47.13 -73.78
C SER J 328 -90.46 -46.74 -72.57
N ILE J 329 -91.76 -46.54 -72.81
CA ILE J 329 -92.62 -46.03 -71.76
C ILE J 329 -93.97 -46.72 -71.86
N ASP J 330 -94.49 -47.12 -70.71
CA ASP J 330 -95.82 -47.68 -70.58
C ASP J 330 -96.83 -46.54 -70.61
N THR J 331 -98.08 -46.81 -70.23
CA THR J 331 -99.01 -45.72 -69.99
C THR J 331 -98.36 -44.71 -69.05
N GLY J 332 -98.49 -43.44 -69.40
CA GLY J 332 -97.72 -42.41 -68.73
C GLY J 332 -96.67 -41.77 -69.59
N MET J 333 -96.08 -40.61 -69.23
CA MET J 333 -96.38 -39.74 -68.07
C MET J 333 -96.53 -40.49 -66.72
N SER J 334 -97.66 -40.34 -66.06
CA SER J 334 -98.00 -41.11 -64.85
C SER J 334 -96.90 -40.95 -63.74
N GLY J 335 -96.11 -41.94 -63.30
CA GLY J 335 -95.64 -43.17 -63.95
C GLY J 335 -94.19 -43.04 -64.34
N ILE J 336 -93.75 -41.80 -64.54
CA ILE J 336 -92.33 -41.44 -64.58
C ILE J 336 -92.20 -40.08 -63.93
N GLY J 337 -91.07 -39.86 -63.27
CA GLY J 337 -90.84 -38.59 -62.62
C GLY J 337 -91.77 -38.33 -61.46
N SER J 338 -91.69 -37.11 -60.95
CA SER J 338 -92.32 -36.74 -59.69
C SER J 338 -93.27 -35.58 -59.88
N GLY J 339 -94.32 -35.55 -59.07
CA GLY J 339 -95.21 -34.40 -59.08
C GLY J 339 -94.58 -33.22 -58.36
N PHE J 340 -94.75 -32.04 -58.92
CA PHE J 340 -94.24 -30.81 -58.33
C PHE J 340 -95.33 -30.16 -57.49
N ASP J 341 -95.07 -29.98 -56.21
CA ASP J 341 -96.10 -29.57 -55.28
C ASP J 341 -95.51 -28.67 -54.19
N PRO J 342 -96.24 -27.63 -53.77
CA PRO J 342 -97.29 -26.89 -54.48
C PRO J 342 -96.79 -25.90 -55.50
N PRO J 343 -97.30 -25.95 -56.74
CA PRO J 343 -97.39 -24.73 -57.52
C PRO J 343 -98.72 -24.01 -57.30
N GLN J 344 -98.84 -22.67 -57.21
CA GLN J 344 -97.94 -21.75 -56.54
C GLN J 344 -96.47 -21.80 -57.03
N GLY J 345 -95.41 -21.60 -56.24
CA GLY J 345 -95.33 -20.97 -54.93
C GLY J 345 -95.79 -19.53 -54.94
N SER J 346 -95.94 -18.95 -53.76
CA SER J 346 -96.51 -17.61 -53.62
C SER J 346 -97.82 -17.51 -54.37
N LEU J 347 -98.03 -16.39 -55.06
CA LEU J 347 -99.01 -16.27 -56.13
C LEU J 347 -100.33 -16.91 -55.76
N ALA J 348 -101.12 -16.25 -54.93
CA ALA J 348 -102.20 -16.88 -54.16
C ALA J 348 -103.02 -17.82 -55.03
N PRO J 349 -103.29 -19.04 -54.57
CA PRO J 349 -103.87 -20.07 -55.43
C PRO J 349 -105.34 -19.84 -55.72
N THR J 350 -105.82 -20.55 -56.73
CA THR J 350 -107.21 -20.48 -57.13
C THR J 350 -108.08 -21.31 -56.20
N ASN J 351 -107.93 -22.63 -56.22
CA ASN J 351 -108.75 -23.46 -55.35
C ASN J 351 -107.89 -24.29 -54.43
N LEU J 352 -108.56 -25.15 -53.67
CA LEU J 352 -107.95 -25.99 -52.65
C LEU J 352 -106.83 -26.85 -53.22
N GLU J 353 -106.91 -27.15 -54.52
CA GLU J 353 -106.01 -28.12 -55.14
C GLU J 353 -104.55 -27.71 -55.00
N TYR J 354 -104.28 -26.40 -54.89
CA TYR J 354 -102.92 -25.88 -54.75
C TYR J 354 -102.54 -25.53 -53.32
N LYS J 355 -103.43 -25.75 -52.36
CA LYS J 355 -103.37 -25.08 -51.07
C LYS J 355 -102.54 -25.87 -50.06
N ILE J 356 -101.82 -26.88 -50.52
CA ILE J 356 -101.18 -27.93 -49.73
C ILE J 356 -102.26 -28.62 -48.91
N GLN J 357 -101.88 -29.29 -47.83
CA GLN J 357 -102.76 -29.98 -46.90
C GLN J 357 -101.87 -30.92 -46.10
N TRP J 358 -102.30 -31.39 -44.93
CA TRP J 358 -101.68 -32.57 -44.34
C TRP J 358 -102.59 -33.10 -43.24
N TYR J 359 -102.37 -34.37 -42.88
CA TYR J 359 -103.29 -35.01 -41.94
C TYR J 359 -102.82 -34.92 -40.50
N GLN J 360 -101.57 -34.53 -40.28
CA GLN J 360 -100.98 -34.43 -38.93
C GLN J 360 -101.31 -35.63 -38.06
N THR J 361 -101.41 -36.81 -38.66
CA THR J 361 -101.83 -38.03 -37.98
C THR J 361 -101.79 -39.17 -38.97
N PRO J 362 -101.22 -40.32 -38.59
CA PRO J 362 -101.28 -41.48 -39.49
C PRO J 362 -102.66 -42.09 -39.59
N GLN J 363 -103.47 -41.94 -38.55
CA GLN J 363 -104.83 -42.49 -38.59
C GLN J 363 -105.75 -41.66 -39.47
N GLY J 364 -105.27 -40.53 -39.98
CA GLY J 364 -106.12 -39.64 -40.77
C GLY J 364 -106.68 -40.26 -42.03
N THR J 365 -108.01 -40.27 -42.14
CA THR J 365 -108.69 -40.76 -43.32
C THR J 365 -108.77 -39.64 -44.35
N ASN J 366 -109.57 -39.82 -45.40
CA ASN J 366 -109.62 -38.83 -46.47
C ASN J 366 -109.94 -37.44 -45.93
N ASN J 367 -111.08 -37.27 -45.26
CA ASN J 367 -111.33 -36.06 -44.49
C ASN J 367 -111.42 -36.43 -43.03
N ASN J 368 -110.36 -36.13 -42.29
CA ASN J 368 -110.15 -36.30 -40.86
C ASN J 368 -108.73 -35.84 -40.63
N GLY J 369 -108.38 -35.41 -39.44
CA GLY J 369 -107.11 -34.70 -39.36
C GLY J 369 -107.23 -33.57 -40.37
N ASN J 370 -106.35 -33.60 -41.36
CA ASN J 370 -106.62 -32.92 -42.63
C ASN J 370 -106.65 -31.40 -42.47
N ILE J 371 -105.66 -30.85 -41.79
CA ILE J 371 -105.61 -29.40 -41.66
C ILE J 371 -105.03 -28.83 -42.95
N ILE J 372 -105.62 -27.75 -43.42
CA ILE J 372 -105.32 -27.20 -44.73
C ILE J 372 -104.64 -25.87 -44.55
N SER J 373 -103.63 -25.60 -45.36
CA SER J 373 -102.93 -24.33 -45.28
C SER J 373 -103.86 -23.18 -45.63
N ASN J 374 -103.51 -21.99 -45.17
CA ASN J 374 -104.37 -20.82 -45.30
C ASN J 374 -103.49 -19.61 -45.59
N GLN J 375 -104.13 -18.51 -45.95
CA GLN J 375 -103.34 -17.31 -46.26
C GLN J 375 -102.87 -16.62 -44.99
N PRO J 376 -101.60 -16.22 -44.91
CA PRO J 376 -101.12 -15.54 -43.71
C PRO J 376 -101.72 -14.17 -43.50
N LEU J 377 -102.34 -13.61 -44.54
CA LEU J 377 -102.82 -12.24 -44.62
C LEU J 377 -101.64 -11.27 -44.74
N SER J 378 -100.41 -11.75 -44.70
CA SER J 378 -99.26 -10.97 -45.12
C SER J 378 -99.44 -10.56 -46.57
N MET J 379 -98.94 -9.37 -46.91
CA MET J 379 -99.21 -8.80 -48.21
C MET J 379 -98.17 -9.15 -49.25
N LEU J 380 -97.19 -9.99 -48.94
CA LEU J 380 -96.10 -10.15 -49.90
C LEU J 380 -96.34 -10.98 -51.15
N ARG J 381 -96.50 -12.32 -51.19
CA ARG J 381 -97.16 -13.36 -50.36
C ARG J 381 -98.62 -13.62 -50.80
N ASP J 382 -99.15 -12.77 -51.67
CA ASP J 382 -100.45 -13.09 -52.27
C ASP J 382 -100.31 -13.06 -53.79
N GLN J 383 -100.01 -11.90 -54.35
CA GLN J 383 -99.35 -11.78 -55.64
C GLN J 383 -100.15 -12.44 -56.77
N ALA J 384 -101.23 -11.75 -57.16
CA ALA J 384 -101.80 -12.07 -58.45
C ALA J 384 -100.96 -11.44 -59.57
N LEU J 385 -101.38 -11.66 -60.81
CA LEU J 385 -100.87 -10.90 -61.93
C LEU J 385 -101.92 -10.93 -63.01
N PHE J 386 -102.03 -9.85 -63.78
CA PHE J 386 -103.24 -9.58 -64.55
C PHE J 386 -102.99 -9.43 -66.05
N ARG J 387 -102.11 -8.54 -66.47
CA ARG J 387 -101.87 -8.34 -67.91
C ARG J 387 -103.20 -7.91 -68.56
N GLY J 388 -103.42 -8.27 -69.82
CA GLY J 388 -104.69 -8.06 -70.50
C GLY J 388 -105.16 -6.62 -70.51
N ASN J 389 -106.37 -6.42 -71.00
CA ASN J 389 -106.84 -7.06 -72.22
C ASN J 389 -106.81 -5.97 -73.27
N GLN J 390 -106.44 -4.77 -72.80
CA GLN J 390 -106.76 -3.44 -73.32
C GLN J 390 -108.12 -2.99 -72.81
N THR J 391 -108.92 -3.89 -72.24
CA THR J 391 -110.24 -3.61 -71.72
C THR J 391 -110.37 -4.11 -70.28
N THR J 392 -110.11 -5.40 -70.06
CA THR J 392 -110.23 -6.01 -68.75
C THR J 392 -108.87 -6.61 -68.37
N TYR J 393 -108.63 -6.75 -67.08
CA TYR J 393 -107.49 -7.53 -66.60
C TYR J 393 -107.89 -8.98 -66.44
N ASN J 394 -107.00 -9.89 -66.81
CA ASN J 394 -107.28 -11.32 -66.76
C ASN J 394 -106.15 -12.06 -66.07
N LEU J 395 -106.43 -12.64 -64.91
CA LEU J 395 -105.40 -13.36 -64.15
C LEU J 395 -104.68 -14.35 -65.03
N CYS J 396 -103.35 -14.29 -65.00
CA CYS J 396 -102.52 -15.03 -65.94
C CYS J 396 -101.85 -16.22 -65.26
N SER J 397 -101.90 -17.36 -65.93
CA SER J 397 -101.17 -18.56 -65.55
C SER J 397 -99.67 -18.33 -65.73
N ASP J 398 -98.88 -19.24 -65.15
CA ASP J 398 -97.42 -19.15 -65.13
C ASP J 398 -97.00 -17.95 -64.29
N VAL J 399 -96.30 -16.97 -64.88
CA VAL J 399 -95.42 -16.04 -64.16
C VAL J 399 -94.17 -16.76 -63.69
N TRP J 400 -93.24 -16.97 -64.62
CA TRP J 400 -91.91 -17.49 -64.37
C TRP J 400 -91.03 -16.43 -63.71
N MET J 401 -89.74 -16.73 -63.55
CA MET J 401 -88.84 -15.78 -62.93
C MET J 401 -88.65 -14.54 -63.79
N PHE J 402 -88.50 -13.40 -63.13
CA PHE J 402 -88.40 -12.10 -63.75
C PHE J 402 -87.53 -11.23 -62.87
N PRO J 403 -86.78 -10.27 -63.46
CA PRO J 403 -85.73 -9.58 -62.69
C PRO J 403 -86.16 -8.93 -61.39
N ASN J 404 -87.28 -8.23 -61.37
CA ASN J 404 -87.62 -7.42 -60.21
C ASN J 404 -88.48 -8.15 -59.20
N GLN J 405 -88.67 -9.45 -59.36
CA GLN J 405 -89.66 -10.14 -58.54
C GLN J 405 -89.31 -10.14 -57.07
N ILE J 406 -90.34 -9.99 -56.24
CA ILE J 406 -90.26 -10.27 -54.82
C ILE J 406 -91.38 -11.20 -54.44
N TRP J 407 -91.05 -12.24 -53.68
CA TRP J 407 -92.06 -13.07 -53.06
C TRP J 407 -91.59 -13.31 -51.63
N ASP J 408 -92.50 -13.83 -50.82
CA ASP J 408 -92.17 -14.15 -49.45
C ASP J 408 -92.18 -15.65 -49.29
N ARG J 409 -91.15 -16.17 -48.65
CA ARG J 409 -91.04 -17.61 -48.48
C ARG J 409 -92.25 -18.11 -47.69
N TYR J 410 -92.61 -19.36 -47.92
CA TYR J 410 -93.81 -19.92 -47.31
C TYR J 410 -93.79 -19.70 -45.80
N PRO J 411 -94.91 -19.26 -45.21
CA PRO J 411 -94.90 -18.84 -43.80
C PRO J 411 -94.58 -19.94 -42.82
N ILE J 412 -94.59 -21.19 -43.29
CA ILE J 412 -94.48 -22.43 -42.52
C ILE J 412 -95.44 -22.42 -41.34
N THR J 413 -95.08 -23.14 -40.28
CA THR J 413 -95.92 -23.40 -39.11
C THR J 413 -95.18 -24.40 -38.23
N ARG J 414 -95.75 -24.75 -37.08
CA ARG J 414 -95.08 -25.68 -36.19
C ARG J 414 -94.98 -27.10 -36.77
N GLU J 415 -95.82 -27.45 -37.73
CA GLU J 415 -95.89 -28.80 -38.27
C GLU J 415 -94.90 -29.07 -39.39
N ASN J 416 -94.10 -28.11 -39.77
CA ASN J 416 -93.35 -28.22 -41.00
C ASN J 416 -91.99 -28.87 -40.77
N PRO J 417 -91.42 -29.44 -41.83
CA PRO J 417 -90.02 -29.84 -41.77
C PRO J 417 -89.10 -28.64 -41.67
N ILE J 418 -88.04 -28.78 -40.88
CA ILE J 418 -87.11 -27.69 -40.70
C ILE J 418 -86.30 -27.46 -41.97
N TRP J 419 -85.71 -28.53 -42.51
CA TRP J 419 -84.78 -28.42 -43.62
C TRP J 419 -85.13 -29.42 -44.69
N CYS J 420 -84.49 -29.23 -45.85
CA CYS J 420 -84.52 -30.15 -46.97
C CYS J 420 -83.15 -30.11 -47.62
N LYS J 421 -82.70 -31.25 -48.12
CA LYS J 421 -81.36 -31.28 -48.71
C LYS J 421 -81.40 -30.76 -50.13
N LYS J 422 -80.53 -29.81 -50.43
CA LYS J 422 -80.38 -29.30 -51.79
C LYS J 422 -79.50 -30.27 -52.57
N PRO J 423 -80.04 -30.93 -53.58
CA PRO J 423 -79.25 -31.93 -54.31
C PRO J 423 -78.09 -31.32 -55.06
N ARG J 424 -76.97 -32.03 -55.05
CA ARG J 424 -75.75 -31.56 -55.71
C ARG J 424 -75.93 -31.57 -57.21
N SER J 425 -75.70 -30.43 -57.83
CA SER J 425 -75.81 -30.32 -59.28
C SER J 425 -74.99 -29.13 -59.73
N ASP J 426 -74.68 -29.11 -61.02
CA ASP J 426 -73.85 -28.04 -61.56
C ASP J 426 -74.53 -26.69 -61.39
N LYS J 427 -75.74 -26.55 -61.92
CA LYS J 427 -76.42 -25.27 -61.97
C LYS J 427 -77.74 -25.35 -61.24
N HIS J 428 -78.15 -24.21 -60.67
CA HIS J 428 -79.46 -24.11 -60.04
C HIS J 428 -79.85 -22.66 -59.95
N THR J 429 -81.14 -22.43 -59.75
CA THR J 429 -81.73 -21.11 -59.56
C THR J 429 -81.80 -20.76 -58.08
N THR J 430 -82.64 -19.77 -57.74
CA THR J 430 -82.58 -19.14 -56.41
C THR J 430 -82.65 -20.14 -55.26
N ILE J 431 -83.26 -21.30 -55.46
CA ILE J 431 -83.46 -22.30 -54.42
C ILE J 431 -84.31 -21.75 -53.28
N ASP J 432 -85.60 -21.54 -53.53
CA ASP J 432 -86.55 -21.33 -52.45
C ASP J 432 -87.56 -22.46 -52.46
N PRO J 433 -87.50 -23.43 -51.55
CA PRO J 433 -88.49 -24.51 -51.56
C PRO J 433 -89.88 -23.98 -51.20
N PHE J 434 -90.87 -24.48 -51.93
CA PHE J 434 -92.24 -24.04 -51.72
C PHE J 434 -92.94 -24.79 -50.60
N ASP J 435 -92.24 -25.70 -49.96
CA ASP J 435 -92.71 -26.36 -48.75
C ASP J 435 -92.36 -25.56 -47.52
N GLY J 436 -91.84 -24.35 -47.71
CA GLY J 436 -91.14 -23.68 -46.64
C GLY J 436 -89.85 -24.42 -46.41
N SER J 437 -89.64 -24.88 -45.19
CA SER J 437 -88.44 -25.61 -44.83
C SER J 437 -87.18 -24.82 -45.21
N LEU J 438 -86.15 -25.52 -45.65
CA LEU J 438 -84.86 -24.91 -45.92
C LEU J 438 -84.10 -25.80 -46.86
N ALA J 439 -83.08 -25.24 -47.48
CA ALA J 439 -82.18 -26.01 -48.33
C ALA J 439 -80.77 -25.86 -47.80
N MET J 440 -80.06 -26.97 -47.70
CA MET J 440 -78.67 -26.94 -47.26
C MET J 440 -77.86 -27.88 -48.11
N ASP J 441 -76.61 -27.48 -48.38
CA ASP J 441 -75.67 -28.39 -49.03
C ASP J 441 -75.57 -29.68 -48.23
N HIS J 442 -75.18 -29.56 -46.97
CA HIS J 442 -75.14 -30.69 -46.06
C HIS J 442 -76.12 -30.43 -44.92
N PRO J 443 -77.27 -31.08 -44.92
CA PRO J 443 -78.16 -31.01 -43.79
C PRO J 443 -77.61 -31.85 -42.64
N PRO J 444 -78.33 -31.97 -41.53
CA PRO J 444 -77.91 -32.94 -40.52
C PRO J 444 -77.80 -34.32 -41.14
N GLY J 445 -76.65 -34.96 -40.93
CA GLY J 445 -76.46 -36.30 -41.45
C GLY J 445 -77.41 -37.26 -40.77
N THR J 446 -78.10 -38.05 -41.58
CA THR J 446 -79.03 -39.02 -41.01
C THR J 446 -78.26 -40.05 -40.19
N ILE J 447 -78.74 -40.30 -38.99
CA ILE J 447 -78.15 -41.30 -38.12
C ILE J 447 -78.86 -42.61 -38.35
N PHE J 448 -78.11 -43.63 -38.75
CA PHE J 448 -78.65 -44.94 -39.05
C PHE J 448 -78.30 -45.88 -37.90
N ILE J 449 -79.17 -46.85 -37.67
CA ILE J 449 -79.00 -47.77 -36.57
C ILE J 449 -79.61 -49.11 -36.94
N LYS J 450 -78.96 -50.19 -36.51
CA LYS J 450 -79.32 -51.54 -36.90
C LYS J 450 -79.05 -52.45 -35.72
N MET J 451 -79.60 -53.66 -35.77
CA MET J 451 -79.62 -54.55 -34.63
C MET J 451 -78.49 -55.57 -34.59
N ALA J 452 -77.52 -55.50 -35.48
CA ALA J 452 -76.34 -56.35 -35.34
C ALA J 452 -76.69 -57.83 -35.38
N LYS J 453 -76.91 -58.37 -36.57
CA LYS J 453 -77.40 -59.73 -36.73
C LYS J 453 -76.62 -60.71 -35.87
N ILE J 454 -77.34 -61.48 -35.08
CA ILE J 454 -76.74 -62.54 -34.28
C ILE J 454 -77.24 -63.86 -34.84
N PRO J 455 -76.43 -64.59 -35.58
CA PRO J 455 -76.91 -65.80 -36.23
C PRO J 455 -77.00 -66.95 -35.25
N VAL J 456 -77.52 -68.07 -35.74
CA VAL J 456 -77.69 -69.26 -34.91
C VAL J 456 -77.34 -70.46 -35.78
N PRO J 457 -76.73 -71.50 -35.22
CA PRO J 457 -76.27 -72.60 -36.06
C PRO J 457 -77.41 -73.47 -36.56
N SER J 458 -77.21 -74.02 -37.75
CA SER J 458 -78.18 -74.94 -38.33
C SER J 458 -77.45 -75.89 -39.27
N ASN J 459 -78.19 -76.85 -39.81
CA ASN J 459 -77.61 -77.87 -40.69
C ASN J 459 -77.51 -77.39 -42.13
N ASN J 460 -78.54 -76.71 -42.61
CA ASN J 460 -78.69 -76.40 -44.04
C ASN J 460 -77.46 -75.83 -44.77
N ASN J 461 -76.77 -74.81 -44.24
CA ASN J 461 -77.08 -74.15 -42.99
C ASN J 461 -77.76 -72.81 -43.23
N ALA J 462 -78.10 -72.14 -42.14
CA ALA J 462 -78.75 -70.84 -42.16
C ALA J 462 -80.07 -70.90 -42.98
N ASP J 463 -80.58 -69.83 -43.58
CA ASP J 463 -80.50 -68.46 -43.02
C ASP J 463 -81.37 -68.39 -41.78
N SER J 464 -80.73 -68.04 -40.67
CA SER J 464 -81.42 -67.95 -39.40
C SER J 464 -80.66 -66.99 -38.50
N TYR J 465 -81.39 -66.37 -37.59
CA TYR J 465 -80.81 -65.34 -36.76
C TYR J 465 -81.62 -65.24 -35.48
N LEU J 466 -81.04 -64.57 -34.50
CA LEU J 466 -81.66 -64.44 -33.20
C LEU J 466 -82.51 -63.19 -33.17
N ASN J 467 -83.70 -63.29 -32.59
CA ASN J 467 -84.70 -62.23 -32.67
C ASN J 467 -84.54 -61.31 -31.46
N ILE J 468 -84.13 -60.08 -31.70
CA ILE J 468 -83.85 -59.10 -30.65
C ILE J 468 -84.37 -57.75 -31.08
N TYR J 469 -84.38 -56.81 -30.14
CA TYR J 469 -84.66 -55.42 -30.45
C TYR J 469 -83.92 -54.55 -29.46
N CYS J 470 -83.72 -53.30 -29.84
CA CYS J 470 -83.00 -52.35 -29.03
C CYS J 470 -83.94 -51.28 -28.54
N THR J 471 -83.58 -50.67 -27.42
CA THR J 471 -84.38 -49.62 -26.83
C THR J 471 -83.43 -48.66 -26.15
N GLY J 472 -83.71 -47.37 -26.25
CA GLY J 472 -82.78 -46.42 -25.69
C GLY J 472 -83.33 -45.02 -25.79
N GLN J 473 -82.44 -44.06 -25.57
CA GLN J 473 -82.84 -42.68 -25.46
C GLN J 473 -81.98 -41.80 -26.34
N VAL J 474 -82.62 -41.08 -27.26
CA VAL J 474 -81.95 -40.06 -28.06
C VAL J 474 -82.23 -38.72 -27.41
N SER J 475 -81.21 -37.89 -27.33
CA SER J 475 -81.39 -36.51 -26.88
C SER J 475 -80.92 -35.61 -28.00
N CYS J 476 -81.84 -34.91 -28.63
CA CYS J 476 -81.50 -33.96 -29.68
C CYS J 476 -81.55 -32.56 -29.09
N GLU J 477 -80.38 -31.96 -28.91
CA GLU J 477 -80.26 -30.63 -28.33
C GLU J 477 -79.71 -29.71 -29.41
N ILE J 478 -80.54 -28.78 -29.88
CA ILE J 478 -80.16 -27.93 -30.99
C ILE J 478 -80.23 -26.48 -30.57
N VAL J 479 -79.30 -25.68 -31.06
CA VAL J 479 -79.18 -24.27 -30.74
C VAL J 479 -79.70 -23.48 -31.92
N TRP J 480 -80.44 -22.42 -31.64
CA TRP J 480 -81.09 -21.62 -32.68
C TRP J 480 -80.55 -20.21 -32.61
N GLU J 481 -79.89 -19.77 -33.68
CA GLU J 481 -79.63 -18.35 -33.81
C GLU J 481 -80.96 -17.63 -33.93
N VAL J 482 -81.17 -16.63 -33.09
CA VAL J 482 -82.46 -15.99 -32.98
C VAL J 482 -82.25 -14.49 -32.85
N GLU J 483 -83.16 -13.72 -33.43
CA GLU J 483 -83.08 -12.26 -33.43
C GLU J 483 -84.39 -11.67 -32.99
N ARG J 484 -84.34 -10.68 -32.12
CA ARG J 484 -85.51 -10.13 -31.46
C ARG J 484 -85.93 -8.83 -32.12
N TYR J 485 -87.23 -8.58 -32.16
CA TYR J 485 -87.76 -7.52 -33.00
C TYR J 485 -87.97 -6.23 -32.22
N ALA J 486 -87.69 -5.12 -32.88
CA ALA J 486 -88.06 -3.80 -32.41
C ALA J 486 -88.67 -3.03 -33.57
N THR J 487 -89.69 -2.24 -33.28
CA THR J 487 -90.37 -1.53 -34.36
C THR J 487 -90.93 -0.22 -33.84
N LYS J 488 -91.18 0.68 -34.78
CA LYS J 488 -91.72 2.00 -34.47
C LYS J 488 -93.23 2.06 -34.61
N ASN J 489 -93.88 0.95 -34.90
CA ASN J 489 -95.33 0.96 -35.01
C ASN J 489 -95.95 1.39 -33.70
N TRP J 490 -97.00 2.19 -33.80
CA TRP J 490 -97.71 2.64 -32.61
C TRP J 490 -98.69 1.59 -32.11
N ARG J 491 -99.24 0.79 -33.00
CA ARG J 491 -100.38 -0.05 -32.72
C ARG J 491 -99.98 -1.43 -32.21
N PRO J 492 -100.93 -2.15 -31.60
CA PRO J 492 -100.61 -3.39 -30.89
C PRO J 492 -100.04 -4.53 -31.72
N GLU J 493 -100.11 -4.50 -33.04
CA GLU J 493 -99.71 -5.63 -33.92
C GLU J 493 -100.54 -6.87 -33.54
N ARG J 494 -99.96 -8.06 -33.59
CA ARG J 494 -100.72 -9.29 -33.49
C ARG J 494 -99.86 -10.36 -32.86
N ARG J 495 -100.49 -11.26 -32.11
CA ARG J 495 -99.79 -12.35 -31.46
C ARG J 495 -100.60 -13.62 -31.68
N HIS J 496 -100.14 -14.71 -31.08
CA HIS J 496 -100.86 -15.97 -31.11
C HIS J 496 -101.45 -16.25 -29.74
N THR J 497 -102.75 -16.04 -29.62
CA THR J 497 -103.50 -16.43 -28.44
C THR J 497 -103.88 -17.90 -28.52
N THR J 498 -104.16 -18.48 -27.35
CA THR J 498 -104.93 -19.70 -27.31
C THR J 498 -106.33 -19.51 -27.86
N PHE J 499 -106.81 -18.28 -27.99
CA PHE J 499 -108.18 -18.12 -28.46
C PHE J 499 -108.34 -18.54 -29.91
N GLY J 500 -107.27 -18.56 -30.69
CA GLY J 500 -107.33 -19.21 -31.99
C GLY J 500 -107.59 -20.69 -31.85
N LEU J 501 -107.19 -21.28 -30.73
CA LEU J 501 -107.37 -22.70 -30.47
C LEU J 501 -108.83 -22.99 -30.14
N GLY J 502 -109.20 -24.26 -30.22
CA GLY J 502 -110.57 -24.66 -29.94
C GLY J 502 -110.61 -26.01 -29.28
N ILE J 503 -111.77 -26.31 -28.70
CA ILE J 503 -111.97 -27.44 -27.81
C ILE J 503 -112.19 -28.70 -28.63
N GLY J 504 -111.74 -29.84 -28.13
CA GLY J 504 -111.92 -31.08 -28.87
C GLY J 504 -111.58 -32.31 -28.06
N GLY J 505 -111.87 -33.46 -28.66
CA GLY J 505 -111.55 -34.79 -28.16
C GLY J 505 -112.61 -35.36 -27.25
N ALA J 506 -112.80 -36.68 -27.32
CA ALA J 506 -113.75 -37.44 -26.52
C ALA J 506 -115.08 -36.74 -26.34
N ASP J 507 -115.58 -36.71 -25.12
CA ASP J 507 -116.49 -35.65 -24.73
C ASP J 507 -115.71 -34.35 -24.79
N ASN J 508 -116.35 -33.30 -25.32
CA ASN J 508 -115.60 -32.20 -25.94
C ASN J 508 -114.48 -31.68 -25.05
N LEU J 509 -114.53 -31.95 -23.75
CA LEU J 509 -113.60 -31.38 -22.78
C LEU J 509 -112.15 -31.59 -23.19
N ASN J 510 -111.30 -30.67 -22.72
CA ASN J 510 -109.90 -30.38 -22.99
C ASN J 510 -109.81 -29.58 -24.28
N PRO J 511 -108.95 -28.56 -24.35
CA PRO J 511 -109.04 -27.67 -25.51
C PRO J 511 -108.42 -28.18 -26.80
N THR J 512 -107.09 -28.15 -26.89
CA THR J 512 -106.45 -28.50 -28.15
C THR J 512 -105.13 -29.24 -27.96
N TYR J 513 -104.11 -28.58 -27.42
CA TYR J 513 -102.88 -29.30 -27.14
C TYR J 513 -102.99 -29.77 -25.69
N HIS J 514 -103.32 -31.05 -25.54
CA HIS J 514 -103.73 -31.55 -24.24
C HIS J 514 -104.16 -32.99 -24.41
N VAL J 515 -104.20 -33.70 -23.29
CA VAL J 515 -104.55 -35.11 -23.31
C VAL J 515 -106.06 -35.32 -23.26
N ASP J 516 -106.49 -36.46 -23.77
CA ASP J 516 -107.87 -36.94 -23.71
C ASP J 516 -108.05 -37.75 -22.42
N LYS J 517 -109.14 -38.51 -22.29
CA LYS J 517 -109.43 -39.12 -20.98
C LYS J 517 -109.10 -40.58 -20.55
N ASN J 518 -108.71 -41.62 -21.33
CA ASN J 518 -108.67 -41.84 -22.78
C ASN J 518 -107.41 -41.31 -23.41
N GLY J 519 -106.49 -40.80 -22.59
CA GLY J 519 -105.61 -39.75 -23.03
C GLY J 519 -104.93 -40.00 -24.35
N THR J 520 -105.29 -39.12 -25.28
CA THR J 520 -104.75 -39.04 -26.62
C THR J 520 -104.61 -37.57 -26.92
N TYR J 521 -103.41 -37.16 -27.25
CA TYR J 521 -103.11 -35.75 -27.47
C TYR J 521 -104.03 -35.21 -28.55
N ILE J 522 -104.79 -34.16 -28.22
CA ILE J 522 -105.77 -33.64 -29.16
C ILE J 522 -105.04 -32.91 -30.28
N GLN J 523 -105.40 -33.19 -31.45
CA GLN J 523 -104.63 -32.53 -32.48
C GLN J 523 -105.28 -31.20 -32.86
N PRO J 524 -104.44 -30.22 -33.21
CA PRO J 524 -104.96 -28.94 -33.68
C PRO J 524 -105.69 -29.10 -35.01
N THR J 525 -106.89 -28.51 -35.09
CA THR J 525 -107.74 -28.63 -36.24
C THR J 525 -107.76 -27.32 -37.03
N THR J 526 -107.50 -27.44 -38.33
CA THR J 526 -107.11 -26.45 -39.34
C THR J 526 -105.85 -25.66 -39.03
N TRP J 527 -105.71 -24.50 -39.66
CA TRP J 527 -104.38 -23.93 -39.88
C TRP J 527 -103.96 -23.01 -38.76
N ASP J 528 -104.86 -22.16 -38.28
CA ASP J 528 -104.49 -21.17 -37.27
C ASP J 528 -104.07 -21.80 -35.96
N MET J 529 -104.63 -22.97 -35.63
CA MET J 529 -104.23 -23.68 -34.42
C MET J 529 -102.73 -23.76 -34.30
N CYS J 530 -102.10 -24.53 -35.19
CA CYS J 530 -100.67 -24.44 -35.38
C CYS J 530 -100.34 -22.99 -35.69
N PHE J 531 -99.40 -22.42 -34.96
CA PHE J 531 -99.24 -20.98 -35.03
C PHE J 531 -98.15 -20.63 -36.02
N PRO J 532 -98.50 -20.13 -37.21
CA PRO J 532 -97.49 -19.95 -38.25
C PRO J 532 -96.67 -18.69 -37.97
N VAL J 533 -95.39 -18.74 -38.29
CA VAL J 533 -94.65 -17.50 -38.34
C VAL J 533 -95.08 -16.74 -39.57
N LYS J 534 -94.74 -15.45 -39.60
CA LYS J 534 -94.92 -14.53 -40.73
C LYS J 534 -96.31 -13.92 -40.71
N THR J 535 -97.18 -14.35 -39.80
CA THR J 535 -98.47 -13.71 -39.60
C THR J 535 -98.43 -12.64 -38.52
N ASN J 536 -97.27 -12.41 -37.92
CA ASN J 536 -97.16 -11.49 -36.79
C ASN J 536 -96.11 -10.43 -37.06
N ILE J 537 -95.90 -9.61 -36.05
CA ILE J 537 -95.02 -8.45 -36.07
C ILE J 537 -95.42 -7.58 -37.26
N ASN J 538 -94.45 -6.87 -37.83
CA ASN J 538 -94.59 -6.12 -39.06
C ASN J 538 -93.19 -5.81 -39.56
N LYS J 539 -93.07 -5.45 -40.82
CA LYS J 539 -91.82 -4.91 -41.34
C LYS J 539 -92.13 -3.80 -42.33
N VAL J 540 -91.45 -2.67 -42.17
CA VAL J 540 -91.43 -1.70 -43.24
C VAL J 540 -90.60 -2.28 -44.38
N LEU J 541 -91.18 -2.31 -45.56
CA LEU J 541 -90.47 -2.87 -46.70
C LEU J 541 -89.39 -1.92 -47.18
N GLY K 34 -73.34 26.56 -27.55
CA GLY K 34 -73.78 27.92 -27.31
C GLY K 34 -74.80 28.06 -26.21
N SER K 35 -75.29 29.28 -25.99
CA SER K 35 -76.26 29.55 -24.95
C SER K 35 -77.03 30.81 -25.31
N GLY K 36 -78.18 30.99 -24.67
CA GLY K 36 -79.00 32.16 -24.86
C GLY K 36 -80.17 31.92 -25.79
N VAL K 37 -80.93 32.98 -26.02
CA VAL K 37 -82.04 32.93 -26.96
C VAL K 37 -81.52 32.56 -28.34
N GLY K 38 -82.28 31.77 -29.08
CA GLY K 38 -81.88 31.33 -30.39
C GLY K 38 -81.09 30.05 -30.42
N ILE K 39 -80.84 29.44 -29.27
CA ILE K 39 -80.14 28.17 -29.17
C ILE K 39 -81.05 27.24 -28.38
N SER K 40 -81.54 26.18 -29.02
CA SER K 40 -82.46 25.28 -28.35
C SER K 40 -81.74 24.55 -27.23
N THR K 41 -82.45 24.32 -26.13
CA THR K 41 -81.79 23.74 -24.97
C THR K 41 -81.65 22.23 -25.08
N GLY K 42 -82.72 21.56 -25.51
CA GLY K 42 -82.67 20.12 -25.69
C GLY K 42 -83.59 19.73 -26.82
N GLY K 43 -83.39 18.50 -27.30
CA GLY K 43 -84.15 18.00 -28.43
C GLY K 43 -85.28 17.07 -28.01
N TRP K 44 -86.03 16.63 -29.01
CA TRP K 44 -87.12 15.71 -28.80
C TRP K 44 -86.59 14.33 -28.44
N VAL K 45 -87.41 13.56 -27.73
CA VAL K 45 -87.00 12.27 -27.19
C VAL K 45 -88.18 11.31 -27.23
N GLY K 46 -87.91 10.02 -27.39
CA GLY K 46 -88.94 9.02 -27.25
C GLY K 46 -88.49 7.69 -27.84
N GLY K 47 -89.45 6.75 -27.91
CA GLY K 47 -89.31 5.53 -28.68
C GLY K 47 -89.10 4.25 -27.89
N SER K 48 -89.13 4.32 -26.58
CA SER K 48 -88.87 3.21 -25.65
C SER K 48 -87.56 2.44 -25.87
N TYR K 49 -87.47 1.23 -25.33
CA TYR K 49 -86.21 0.50 -25.39
C TYR K 49 -86.33 -1.02 -25.40
N PHE K 50 -86.79 -1.60 -24.29
CA PHE K 50 -86.96 -3.05 -24.09
C PHE K 50 -85.73 -3.94 -24.09
N THR K 51 -84.99 -3.95 -22.98
CA THR K 51 -84.04 -4.99 -22.63
C THR K 51 -84.64 -5.90 -21.58
N ASP K 52 -84.21 -7.17 -21.58
CA ASP K 52 -84.72 -8.18 -20.65
C ASP K 52 -84.76 -7.72 -19.21
N SER K 53 -83.74 -7.00 -18.76
CA SER K 53 -83.67 -6.58 -17.37
C SER K 53 -84.49 -5.32 -17.11
N TYR K 54 -84.62 -4.43 -18.08
CA TYR K 54 -85.33 -3.18 -17.85
C TYR K 54 -85.85 -2.62 -19.14
N VAL K 55 -86.84 -1.74 -19.02
CA VAL K 55 -87.47 -1.05 -20.14
C VAL K 55 -87.38 0.44 -19.90
N ILE K 56 -86.82 1.17 -20.86
CA ILE K 56 -86.70 2.61 -20.78
C ILE K 56 -87.72 3.23 -21.72
N THR K 57 -88.74 3.87 -21.17
CA THR K 57 -89.72 4.59 -21.96
C THR K 57 -89.39 6.07 -21.94
N LYS K 58 -89.38 6.67 -23.11
CA LYS K 58 -89.05 8.08 -23.28
C LYS K 58 -90.22 8.78 -23.94
N ASN K 59 -90.54 9.98 -23.48
CA ASN K 59 -91.66 10.72 -24.02
C ASN K 59 -91.34 12.20 -23.98
N THR K 60 -91.99 12.96 -24.85
CA THR K 60 -91.80 14.39 -24.92
C THR K 60 -93.13 15.03 -25.29
N ARG K 61 -93.37 16.25 -24.80
CA ARG K 61 -94.66 16.89 -24.96
C ARG K 61 -94.47 18.36 -25.29
N GLN K 62 -95.57 18.98 -25.67
CA GLN K 62 -95.67 20.42 -25.81
C GLN K 62 -96.75 20.88 -24.85
N PHE K 63 -96.43 21.82 -23.98
CA PHE K 63 -97.38 22.23 -22.95
C PHE K 63 -97.54 23.74 -22.97
N LEU K 64 -98.56 24.24 -22.28
CA LEU K 64 -98.67 25.66 -22.08
C LEU K 64 -99.29 25.98 -20.72
N VAL K 65 -98.79 27.05 -20.11
CA VAL K 65 -99.24 27.53 -18.81
C VAL K 65 -100.04 28.80 -19.06
N LYS K 66 -101.24 28.87 -18.50
CA LYS K 66 -102.25 29.82 -18.94
C LYS K 66 -102.41 31.05 -18.03
N ILE K 67 -101.67 31.15 -16.93
CA ILE K 67 -101.99 32.12 -15.87
C ILE K 67 -103.38 31.85 -15.33
N GLN K 68 -103.53 30.81 -14.52
CA GLN K 68 -104.82 30.55 -13.90
C GLN K 68 -105.03 31.45 -12.69
N ASN K 69 -106.28 31.86 -12.50
CA ASN K 69 -106.75 32.45 -11.23
C ASN K 69 -106.09 33.78 -10.94
N ASN K 70 -105.93 34.62 -11.96
CA ASN K 70 -105.08 35.81 -11.88
C ASN K 70 -103.75 35.31 -11.33
N HIS K 71 -103.07 36.04 -10.45
CA HIS K 71 -102.04 35.40 -9.65
C HIS K 71 -102.47 35.19 -8.20
N GLN K 72 -103.64 35.69 -7.82
CA GLN K 72 -104.13 35.50 -6.47
C GLN K 72 -104.74 34.12 -6.30
N TYR K 73 -104.88 33.73 -5.03
CA TYR K 73 -105.30 32.39 -4.59
C TYR K 73 -106.80 32.20 -4.52
N LYS K 74 -107.48 32.98 -3.69
CA LYS K 74 -108.86 32.79 -3.28
C LYS K 74 -109.10 31.46 -2.60
N THR K 75 -110.36 30.99 -2.62
CA THR K 75 -110.76 29.77 -1.95
C THR K 75 -111.72 28.98 -2.86
N GLU K 76 -112.79 29.66 -3.28
CA GLU K 76 -113.72 29.29 -4.35
C GLU K 76 -114.93 28.45 -3.97
N LEU K 77 -114.92 27.79 -2.81
CA LEU K 77 -116.12 27.13 -2.26
C LEU K 77 -116.93 26.46 -3.36
N ILE K 78 -116.39 25.37 -3.90
CA ILE K 78 -116.74 24.97 -5.27
C ILE K 78 -118.24 24.80 -5.50
N SER K 79 -118.79 23.66 -5.07
CA SER K 79 -120.21 23.35 -5.06
C SER K 79 -120.83 23.34 -6.45
N PRO K 80 -121.85 22.53 -6.68
CA PRO K 80 -122.90 22.93 -7.62
C PRO K 80 -124.08 23.50 -6.84
N SER K 81 -125.13 23.94 -7.52
CA SER K 81 -126.37 24.22 -6.81
C SER K 81 -127.62 23.81 -7.61
N THR K 82 -128.49 22.93 -7.11
CA THR K 82 -128.28 21.85 -6.10
C THR K 82 -127.46 22.15 -4.83
N SER K 83 -127.85 23.20 -4.12
CA SER K 83 -127.14 23.61 -2.90
C SER K 83 -127.04 22.48 -1.88
N GLN K 84 -127.84 21.43 -2.01
CA GLN K 84 -127.72 20.27 -1.15
C GLN K 84 -126.39 19.55 -1.31
N GLY K 85 -125.60 19.91 -2.32
CA GLY K 85 -124.36 19.21 -2.58
C GLY K 85 -123.34 19.39 -1.47
N LYS K 86 -122.18 18.76 -1.67
CA LYS K 86 -121.14 18.79 -0.65
C LYS K 86 -120.56 20.18 -0.47
N SER K 87 -120.29 20.88 -1.57
CA SER K 87 -119.84 22.26 -1.54
C SER K 87 -118.50 22.41 -0.82
N GLN K 88 -117.55 21.57 -1.21
CA GLN K 88 -116.20 21.68 -0.66
C GLN K 88 -115.62 23.05 -0.98
N ARG K 89 -114.91 23.62 0.01
CA ARG K 89 -114.46 25.00 -0.14
C ARG K 89 -113.20 25.08 -0.99
N CYS K 90 -112.31 24.10 -0.83
CA CYS K 90 -111.02 24.04 -1.51
C CYS K 90 -110.17 25.30 -1.37
N VAL K 91 -109.21 25.44 -2.29
CA VAL K 91 -108.33 26.60 -2.43
C VAL K 91 -107.86 26.60 -3.88
N SER K 92 -107.78 27.76 -4.49
CA SER K 92 -107.24 27.84 -5.83
C SER K 92 -105.90 28.54 -5.75
N THR K 93 -104.99 28.23 -6.66
CA THR K 93 -103.67 28.81 -6.67
C THR K 93 -103.32 29.25 -8.07
N PRO K 94 -102.39 30.19 -8.23
CA PRO K 94 -101.91 30.53 -9.58
C PRO K 94 -101.14 29.42 -10.25
N TRP K 95 -100.74 28.40 -9.50
CA TRP K 95 -99.83 27.38 -10.01
C TRP K 95 -100.56 26.35 -10.85
N SER K 96 -99.82 25.78 -11.79
CA SER K 96 -100.22 24.63 -12.56
C SER K 96 -99.20 23.54 -12.31
N TYR K 97 -99.56 22.29 -12.61
CA TYR K 97 -98.67 21.20 -12.27
C TYR K 97 -98.66 20.15 -13.37
N PHE K 98 -97.56 19.39 -13.40
CA PHE K 98 -97.39 18.27 -14.30
C PHE K 98 -97.83 16.99 -13.62
N ASN K 99 -98.81 16.32 -14.20
CA ASN K 99 -99.24 15.00 -13.73
C ASN K 99 -98.72 13.97 -14.72
N PHE K 100 -97.77 13.16 -14.29
CA PHE K 100 -97.22 12.11 -15.13
C PHE K 100 -97.83 10.75 -14.85
N ASN K 101 -98.84 10.66 -14.00
CA ASN K 101 -99.26 9.38 -13.44
C ASN K 101 -100.34 8.78 -14.33
N GLN K 102 -99.94 7.78 -15.11
CA GLN K 102 -100.80 6.91 -15.89
C GLN K 102 -99.89 6.02 -16.72
N TYR K 103 -100.39 4.87 -17.14
CA TYR K 103 -99.56 4.03 -17.99
C TYR K 103 -99.66 4.44 -19.45
N SER K 104 -100.87 4.77 -19.91
CA SER K 104 -101.06 5.10 -21.32
C SER K 104 -100.27 6.31 -21.74
N SER K 105 -99.75 7.08 -20.80
CA SER K 105 -98.91 8.21 -21.17
C SER K 105 -97.52 7.76 -21.56
N HIS K 106 -96.97 6.77 -20.86
CA HIS K 106 -95.60 6.36 -21.05
C HIS K 106 -95.43 5.19 -22.01
N PHE K 107 -96.52 4.53 -22.41
CA PHE K 107 -96.43 3.34 -23.23
C PHE K 107 -97.33 3.47 -24.44
N SER K 108 -96.77 3.29 -25.62
CA SER K 108 -97.59 3.17 -26.80
C SER K 108 -98.39 1.89 -26.72
N PRO K 109 -99.49 1.80 -27.45
CA PRO K 109 -100.24 0.55 -27.46
C PRO K 109 -99.44 -0.65 -27.87
N GLN K 110 -98.32 -0.48 -28.58
CA GLN K 110 -97.43 -1.60 -28.81
C GLN K 110 -96.42 -1.81 -27.69
N ASP K 111 -95.83 -0.74 -27.15
CA ASP K 111 -94.90 -0.92 -26.04
C ASP K 111 -95.58 -1.62 -24.88
N TRP K 112 -96.67 -1.06 -24.39
CA TRP K 112 -97.64 -1.86 -23.67
C TRP K 112 -98.10 -2.95 -24.62
N GLN K 113 -98.32 -4.15 -24.11
CA GLN K 113 -98.51 -5.38 -24.89
C GLN K 113 -97.20 -5.96 -25.37
N ARG K 114 -96.13 -5.20 -25.44
CA ARG K 114 -94.85 -5.86 -25.54
C ARG K 114 -94.37 -6.30 -24.18
N LEU K 115 -94.58 -5.50 -23.14
CA LEU K 115 -94.28 -5.98 -21.79
C LEU K 115 -95.39 -6.83 -21.22
N THR K 116 -96.65 -6.51 -21.52
CA THR K 116 -97.74 -7.30 -20.98
C THR K 116 -97.67 -8.72 -21.50
N ASN K 117 -97.20 -8.92 -22.72
CA ASN K 117 -97.04 -10.26 -23.25
C ASN K 117 -95.75 -10.90 -22.77
N GLU K 118 -94.66 -10.15 -22.74
CA GLU K 118 -93.34 -10.75 -22.60
C GLU K 118 -92.77 -10.77 -21.20
N TYR K 119 -93.46 -10.22 -20.20
CA TYR K 119 -92.83 -10.11 -18.89
C TYR K 119 -93.78 -10.49 -17.76
N LYS K 120 -93.20 -11.08 -16.70
CA LYS K 120 -93.98 -11.39 -15.50
C LYS K 120 -94.41 -10.13 -14.78
N ARG K 121 -93.46 -9.24 -14.52
CA ARG K 121 -93.70 -8.17 -13.57
C ARG K 121 -92.82 -7.00 -13.92
N PHE K 122 -93.24 -5.83 -13.49
CA PHE K 122 -92.48 -4.63 -13.74
C PHE K 122 -92.82 -3.61 -12.68
N ARG K 123 -91.87 -2.73 -12.39
CA ARG K 123 -92.12 -1.60 -11.54
C ARG K 123 -91.23 -0.47 -12.03
N PRO K 124 -91.67 0.77 -11.94
CA PRO K 124 -90.80 1.87 -12.36
C PRO K 124 -89.61 1.99 -11.43
N LYS K 125 -88.42 1.99 -12.02
CA LYS K 125 -87.20 2.10 -11.24
C LYS K 125 -86.84 3.55 -10.94
N GLY K 126 -86.96 4.43 -11.92
CA GLY K 126 -86.56 5.81 -11.77
C GLY K 126 -87.29 6.67 -12.77
N MET K 127 -87.09 7.98 -12.64
CA MET K 127 -87.79 8.93 -13.47
C MET K 127 -86.91 10.16 -13.66
N HIS K 128 -86.91 10.71 -14.86
CA HIS K 128 -86.08 11.86 -15.18
C HIS K 128 -86.90 12.79 -16.05
N VAL K 129 -87.07 14.03 -15.60
CA VAL K 129 -87.94 14.98 -16.27
C VAL K 129 -87.13 16.21 -16.62
N LYS K 130 -87.37 16.76 -17.81
CA LYS K 130 -86.64 17.92 -18.28
C LYS K 130 -87.61 18.92 -18.88
N ILE K 131 -87.64 20.12 -18.32
CA ILE K 131 -88.32 21.25 -18.93
C ILE K 131 -87.30 21.97 -19.79
N TYR K 132 -87.68 22.32 -21.01
CA TYR K 132 -86.75 23.03 -21.88
C TYR K 132 -87.52 23.62 -23.04
N ASN K 133 -86.80 24.35 -23.88
CA ASN K 133 -87.37 25.02 -25.05
C ASN K 133 -88.58 25.87 -24.66
N LEU K 134 -88.39 26.72 -23.66
CA LEU K 134 -89.49 27.53 -23.15
C LEU K 134 -89.74 28.72 -24.07
N GLN K 135 -90.98 29.20 -24.05
CA GLN K 135 -91.38 30.35 -24.85
C GLN K 135 -92.41 31.15 -24.07
N ILE K 136 -92.27 32.47 -24.05
CA ILE K 136 -93.24 33.35 -23.41
C ILE K 136 -93.80 34.24 -24.50
N LYS K 137 -95.09 34.09 -24.80
CA LYS K 137 -95.60 34.68 -26.03
C LYS K 137 -96.39 35.97 -25.88
N GLN K 138 -96.67 36.46 -24.68
CA GLN K 138 -97.22 37.81 -24.52
C GLN K 138 -98.51 37.99 -25.31
N ILE K 139 -99.61 37.43 -24.79
CA ILE K 139 -100.91 37.64 -25.41
C ILE K 139 -101.22 39.13 -25.52
N LEU K 140 -101.73 39.54 -26.67
CA LEU K 140 -102.29 40.87 -26.85
C LEU K 140 -103.69 40.78 -27.43
N SER K 141 -104.50 41.78 -27.10
CA SER K 141 -105.85 41.89 -27.64
C SER K 141 -106.10 43.33 -28.05
N ASN K 142 -106.35 43.54 -29.33
CA ASN K 142 -106.80 44.82 -29.85
C ASN K 142 -108.31 44.92 -29.87
N GLY K 143 -108.98 43.93 -29.30
CA GLY K 143 -110.40 43.70 -29.48
C GLY K 143 -110.59 42.65 -30.55
N ALA K 144 -111.56 41.78 -30.35
CA ALA K 144 -111.75 40.55 -31.14
C ALA K 144 -110.40 39.84 -31.21
N ASP K 145 -110.05 39.20 -32.33
CA ASP K 145 -108.72 38.76 -32.75
C ASP K 145 -107.85 38.19 -31.64
N THR K 146 -106.54 38.45 -31.73
CA THR K 146 -105.46 38.35 -30.75
C THR K 146 -104.15 38.55 -31.50
N THR K 147 -103.09 38.86 -30.79
CA THR K 147 -101.75 38.86 -31.38
C THR K 147 -100.77 38.36 -30.33
N TYR K 148 -99.68 37.76 -30.79
CA TYR K 148 -98.67 37.19 -29.93
C TYR K 148 -97.33 37.76 -30.36
N ASN K 149 -96.73 38.60 -29.52
CA ASN K 149 -95.53 39.31 -29.94
C ASN K 149 -94.29 38.50 -29.65
N ASN K 150 -94.46 37.26 -29.23
CA ASN K 150 -93.44 36.50 -28.52
C ASN K 150 -93.10 37.34 -27.31
N ASP K 151 -91.86 37.26 -26.85
CA ASP K 151 -91.40 38.03 -25.71
C ASP K 151 -89.99 37.58 -25.40
N LEU K 152 -89.26 38.44 -24.69
CA LEU K 152 -88.04 38.05 -24.03
C LEU K 152 -88.09 38.73 -22.67
N THR K 153 -87.03 38.55 -21.88
CA THR K 153 -86.97 39.10 -20.55
C THR K 153 -88.23 38.79 -19.75
N ALA K 154 -88.71 37.57 -19.86
CA ALA K 154 -89.83 37.07 -19.06
C ALA K 154 -89.43 35.76 -18.43
N GLY K 155 -90.23 35.27 -17.48
CA GLY K 155 -89.81 34.19 -16.64
C GLY K 155 -90.95 33.25 -16.31
N VAL K 156 -90.55 32.07 -15.83
CA VAL K 156 -91.46 31.00 -15.47
C VAL K 156 -90.96 30.37 -14.19
N HIS K 157 -91.83 30.28 -13.19
CA HIS K 157 -91.49 29.62 -11.95
C HIS K 157 -91.68 28.11 -12.11
N ILE K 158 -90.72 27.35 -11.63
CA ILE K 158 -90.80 25.89 -11.68
C ILE K 158 -90.37 25.35 -10.33
N PHE K 159 -91.24 24.57 -9.71
CA PHE K 159 -91.03 24.10 -8.35
C PHE K 159 -91.36 22.62 -8.28
N CYS K 160 -90.56 21.87 -7.54
CA CYS K 160 -90.75 20.44 -7.37
C CYS K 160 -90.81 20.10 -5.89
N ASP K 161 -91.52 19.04 -5.55
CA ASP K 161 -91.61 18.55 -4.17
C ASP K 161 -90.72 17.33 -3.99
N GLY K 162 -89.62 17.50 -3.27
CA GLY K 162 -88.87 16.33 -2.86
C GLY K 162 -89.30 15.85 -1.50
N GLU K 163 -89.83 16.76 -0.69
CA GLU K 163 -90.26 16.43 0.65
C GLU K 163 -91.72 16.02 0.71
N HIS K 164 -92.48 16.27 -0.35
CA HIS K 164 -93.93 16.13 -0.36
C HIS K 164 -94.59 16.92 0.75
N ALA K 165 -93.98 18.01 1.19
CA ALA K 165 -94.76 19.09 1.78
C ALA K 165 -95.66 19.65 0.70
N TYR K 166 -96.71 20.33 1.12
CA TYR K 166 -97.77 20.84 0.27
C TYR K 166 -98.77 19.75 -0.07
N PRO K 167 -100.01 20.12 -0.32
CA PRO K 167 -101.11 19.14 -0.42
C PRO K 167 -101.07 18.19 -1.61
N ASN K 168 -100.14 18.33 -2.56
CA ASN K 168 -99.91 17.40 -3.67
C ASN K 168 -101.16 17.02 -4.47
N ALA K 169 -101.54 17.89 -5.39
CA ALA K 169 -102.80 17.76 -6.15
C ALA K 169 -103.02 16.35 -6.68
N THR K 170 -101.98 15.68 -7.14
CA THR K 170 -102.15 14.46 -7.92
C THR K 170 -103.02 13.46 -7.18
N HIS K 171 -104.07 13.02 -7.85
CA HIS K 171 -104.99 11.98 -7.44
C HIS K 171 -104.97 10.94 -8.56
N PRO K 172 -105.06 9.65 -8.24
CA PRO K 172 -104.80 8.63 -9.27
C PRO K 172 -105.55 8.80 -10.57
N TRP K 173 -106.85 9.00 -10.55
CA TRP K 173 -107.61 8.97 -11.81
C TRP K 173 -107.58 10.35 -12.45
N ASP K 174 -108.32 11.29 -11.87
CA ASP K 174 -108.35 12.68 -12.35
C ASP K 174 -108.60 12.66 -13.84
N GLU K 175 -107.83 13.41 -14.62
CA GLU K 175 -108.04 13.63 -16.04
C GLU K 175 -106.62 13.69 -16.59
N ASP K 176 -106.49 14.19 -17.82
CA ASP K 176 -105.25 14.82 -18.30
C ASP K 176 -104.09 13.84 -18.13
N VAL K 177 -103.16 14.08 -17.20
CA VAL K 177 -101.85 13.46 -17.16
C VAL K 177 -101.22 13.87 -18.48
N MET K 178 -100.37 13.04 -19.05
CA MET K 178 -99.86 13.35 -20.37
C MET K 178 -100.85 12.84 -21.39
N PRO K 179 -101.00 13.52 -22.53
CA PRO K 179 -101.84 12.94 -23.57
C PRO K 179 -101.20 11.64 -24.01
N GLU K 180 -101.98 10.57 -24.05
CA GLU K 180 -101.43 9.27 -24.40
C GLU K 180 -100.73 9.31 -25.74
N LEU K 181 -101.04 10.30 -26.55
CA LEU K 181 -100.58 10.42 -27.91
C LEU K 181 -99.64 11.61 -28.00
N PRO K 182 -98.37 11.46 -28.41
CA PRO K 182 -97.50 12.64 -28.52
C PRO K 182 -98.02 13.61 -29.58
N TYR K 183 -97.25 14.65 -29.87
CA TYR K 183 -97.63 15.71 -30.82
C TYR K 183 -98.90 16.41 -30.40
N GLN K 184 -99.56 15.89 -29.37
CA GLN K 184 -100.78 16.48 -28.85
C GLN K 184 -100.39 17.41 -27.71
N THR K 185 -100.67 18.69 -27.89
CA THR K 185 -100.25 19.67 -26.90
C THR K 185 -100.90 19.38 -25.55
N TRP K 186 -100.17 19.65 -24.48
CA TRP K 186 -100.59 19.24 -23.15
C TRP K 186 -100.93 20.48 -22.33
N TYR K 187 -102.21 20.68 -22.07
CA TYR K 187 -102.66 21.82 -21.30
C TYR K 187 -102.60 21.48 -19.82
N LEU K 188 -101.87 22.28 -19.07
CA LEU K 188 -101.76 22.07 -17.63
C LEU K 188 -103.04 22.50 -16.92
N PHE K 189 -103.18 22.02 -15.70
CA PHE K 189 -104.36 22.26 -14.90
C PHE K 189 -103.98 22.96 -13.59
N GLN K 190 -104.90 23.77 -13.11
CA GLN K 190 -104.64 24.60 -11.94
C GLN K 190 -104.44 23.75 -10.70
N TYR K 191 -103.53 24.19 -9.83
CA TYR K 191 -103.29 23.50 -8.58
C TYR K 191 -104.22 24.03 -7.50
N GLY K 192 -104.87 23.12 -6.79
CA GLY K 192 -105.74 23.48 -5.70
C GLY K 192 -105.75 22.37 -4.68
N TYR K 193 -106.33 22.66 -3.53
CA TYR K 193 -106.37 21.66 -2.48
C TYR K 193 -107.50 21.96 -1.52
N ILE K 194 -107.95 20.94 -0.82
CA ILE K 194 -108.99 21.09 0.21
C ILE K 194 -108.30 21.43 1.53
N PRO K 195 -108.44 22.66 2.04
CA PRO K 195 -107.88 22.93 3.36
C PRO K 195 -108.58 22.18 4.47
N VAL K 196 -109.92 22.17 4.49
CA VAL K 196 -110.71 21.51 5.51
C VAL K 196 -112.08 21.20 4.93
N ILE K 197 -112.73 20.16 5.48
CA ILE K 197 -114.11 19.83 5.12
C ILE K 197 -114.97 21.07 5.27
N HIS K 198 -115.75 21.38 4.24
CA HIS K 198 -116.54 22.61 4.28
C HIS K 198 -117.57 22.58 5.38
N GLU K 199 -118.41 21.55 5.40
CA GLU K 199 -119.19 21.31 6.60
C GLU K 199 -118.22 21.03 7.73
N LEU K 200 -118.65 21.22 8.98
CA LEU K 200 -117.72 21.21 10.10
C LEU K 200 -116.73 22.36 9.97
N ALA K 201 -117.15 23.55 10.42
CA ALA K 201 -116.66 24.89 10.07
C ALA K 201 -117.53 25.64 9.07
N GLU K 202 -118.69 25.10 8.71
CA GLU K 202 -119.60 25.86 7.83
C GLU K 202 -119.86 27.33 8.23
N MET K 203 -120.09 27.69 9.49
CA MET K 203 -120.39 26.85 10.63
C MET K 203 -121.73 27.31 11.19
N GLU K 204 -122.43 26.46 11.94
CA GLU K 204 -123.78 26.79 12.34
C GLU K 204 -123.81 27.42 13.73
N ASP K 205 -124.07 28.72 13.77
CA ASP K 205 -124.31 29.48 15.00
C ASP K 205 -123.26 29.17 16.06
N SER K 206 -123.69 29.09 17.32
CA SER K 206 -122.92 28.46 18.40
C SER K 206 -121.42 28.92 18.33
N ASN K 207 -120.35 28.13 18.17
CA ASN K 207 -120.21 26.67 18.20
C ASN K 207 -119.01 26.27 19.04
N ALA K 208 -117.85 26.72 18.58
CA ALA K 208 -116.54 26.57 19.21
C ALA K 208 -115.96 25.18 18.97
N VAL K 209 -116.80 24.22 18.60
CA VAL K 209 -116.28 22.95 18.10
C VAL K 209 -115.97 23.05 16.61
N GLU K 210 -116.82 23.76 15.85
CA GLU K 210 -116.48 24.04 14.47
C GLU K 210 -115.74 25.36 14.32
N LYS K 211 -115.71 26.18 15.37
CA LYS K 211 -114.82 27.34 15.36
C LYS K 211 -113.38 26.87 15.30
N ALA K 212 -112.99 26.02 16.23
CA ALA K 212 -111.83 25.18 15.98
C ALA K 212 -112.13 24.27 14.80
N ILE K 213 -111.08 23.88 14.09
CA ILE K 213 -111.12 23.20 12.80
C ILE K 213 -111.42 24.20 11.70
N CYS K 214 -112.06 25.33 12.05
CA CYS K 214 -112.06 26.47 11.15
C CYS K 214 -110.84 27.34 11.35
N LEU K 215 -110.47 27.56 12.61
CA LEU K 215 -109.26 28.32 12.91
C LEU K 215 -108.02 27.56 12.48
N GLN K 216 -108.08 26.24 12.49
CA GLN K 216 -106.88 25.46 12.26
C GLN K 216 -106.65 25.15 10.79
N ILE K 217 -107.49 25.65 9.89
CA ILE K 217 -107.32 25.25 8.50
C ILE K 217 -105.96 25.77 8.06
N PRO K 218 -105.08 24.92 7.57
CA PRO K 218 -103.77 25.38 7.12
C PRO K 218 -103.89 26.06 5.78
N PHE K 219 -102.95 26.96 5.53
CA PHE K 219 -102.90 27.68 4.26
C PHE K 219 -101.50 27.54 3.70
N PHE K 220 -101.40 26.84 2.58
CA PHE K 220 -100.14 26.51 1.96
C PHE K 220 -99.92 27.42 0.76
N MET K 221 -98.67 27.78 0.54
CA MET K 221 -98.29 28.68 -0.54
C MET K 221 -97.02 28.14 -1.16
N LEU K 222 -96.96 28.13 -2.47
CA LEU K 222 -95.79 27.61 -3.13
C LEU K 222 -94.69 28.64 -3.25
N GLU K 223 -94.87 29.83 -2.67
CA GLU K 223 -93.81 30.81 -2.78
C GLU K 223 -92.73 30.49 -1.77
N ASN K 224 -92.92 30.78 -0.48
CA ASN K 224 -92.35 29.96 0.60
C ASN K 224 -91.02 29.35 0.21
N SER K 225 -90.97 28.02 0.21
CA SER K 225 -89.76 27.31 -0.23
C SER K 225 -89.32 27.77 -1.61
N ASP K 226 -88.01 27.88 -1.78
CA ASP K 226 -87.46 28.46 -2.99
C ASP K 226 -87.65 27.57 -4.19
N HIS K 227 -87.59 28.19 -5.37
CA HIS K 227 -87.76 27.48 -6.62
C HIS K 227 -87.12 28.29 -7.74
N GLU K 228 -86.93 27.64 -8.88
CA GLU K 228 -86.22 28.26 -9.98
C GLU K 228 -87.15 29.05 -10.87
N VAL K 229 -86.67 30.18 -11.36
CA VAL K 229 -87.32 30.93 -12.42
C VAL K 229 -86.47 30.72 -13.67
N LEU K 230 -87.11 30.70 -14.83
CA LEU K 230 -86.42 30.43 -16.07
C LEU K 230 -86.84 31.43 -17.12
N ARG K 231 -85.88 32.06 -17.76
CA ARG K 231 -86.21 32.73 -19.01
C ARG K 231 -86.17 31.69 -20.13
N THR K 232 -86.21 32.15 -21.38
CA THR K 232 -86.27 31.22 -22.50
C THR K 232 -85.05 30.31 -22.56
N GLY K 233 -83.85 30.87 -22.63
CA GLY K 233 -82.67 30.05 -22.88
C GLY K 233 -82.39 29.00 -21.83
N GLU K 234 -82.91 29.17 -20.62
CA GLU K 234 -82.66 28.24 -19.54
C GLU K 234 -83.58 27.03 -19.61
N SER K 235 -83.13 25.93 -18.98
CA SER K 235 -83.93 24.73 -18.80
C SER K 235 -83.78 24.23 -17.37
N THR K 236 -84.41 23.09 -17.09
CA THR K 236 -84.34 22.49 -15.77
C THR K 236 -84.51 20.98 -15.90
N GLU K 237 -83.84 20.24 -15.02
CA GLU K 237 -83.98 18.80 -14.94
C GLU K 237 -84.50 18.42 -13.56
N PHE K 238 -85.17 17.27 -13.49
CA PHE K 238 -85.57 16.69 -12.22
C PHE K 238 -85.41 15.19 -12.31
N THR K 239 -84.97 14.58 -11.21
CA THR K 239 -84.85 13.13 -11.14
C THR K 239 -85.71 12.61 -10.01
N PHE K 240 -86.04 11.32 -10.10
CA PHE K 240 -86.82 10.67 -9.07
C PHE K 240 -86.39 9.22 -8.97
N ASN K 241 -86.43 8.68 -7.77
CA ASN K 241 -86.18 7.28 -7.53
C ASN K 241 -87.38 6.72 -6.79
N PHE K 242 -87.65 5.43 -7.00
CA PHE K 242 -88.85 4.81 -6.50
C PHE K 242 -88.50 3.67 -5.56
N ASP K 243 -89.00 3.74 -4.33
CA ASP K 243 -89.15 2.57 -3.50
C ASP K 243 -90.57 2.07 -3.76
N CYS K 244 -90.68 0.94 -4.45
CA CYS K 244 -91.93 0.65 -5.15
C CYS K 244 -92.13 -0.86 -5.20
N GLU K 245 -93.40 -1.26 -5.13
CA GLU K 245 -93.76 -2.66 -5.19
C GLU K 245 -93.98 -3.08 -6.63
N TRP K 246 -93.58 -4.31 -6.94
CA TRP K 246 -93.82 -4.86 -8.27
C TRP K 246 -95.31 -4.90 -8.56
N ILE K 247 -95.66 -4.73 -9.82
CA ILE K 247 -97.00 -5.06 -10.31
C ILE K 247 -96.86 -6.29 -11.19
N ASN K 248 -97.62 -7.33 -10.89
CA ASN K 248 -97.38 -8.65 -11.44
C ASN K 248 -98.33 -8.94 -12.58
N ASN K 249 -97.77 -9.27 -13.73
CA ASN K 249 -98.54 -9.80 -14.85
C ASN K 249 -98.35 -11.30 -14.85
N GLU K 250 -99.40 -12.02 -14.45
CA GLU K 250 -99.39 -13.44 -14.16
C GLU K 250 -100.82 -13.84 -13.89
N ARG K 251 -101.08 -15.13 -13.99
CA ARG K 251 -102.43 -15.65 -13.91
C ARG K 251 -102.40 -16.96 -13.14
N ALA K 252 -103.31 -17.08 -12.17
CA ALA K 252 -103.50 -18.33 -11.46
C ALA K 252 -104.56 -19.12 -12.20
N TYR K 253 -104.19 -20.30 -12.70
CA TYR K 253 -105.12 -21.13 -13.43
C TYR K 253 -106.10 -21.87 -12.52
N ILE K 254 -105.83 -21.89 -11.22
CA ILE K 254 -106.75 -22.50 -10.25
C ILE K 254 -106.80 -21.63 -9.01
N PRO K 255 -107.89 -21.73 -8.24
CA PRO K 255 -107.92 -21.09 -6.94
C PRO K 255 -106.83 -21.64 -6.05
N PRO K 256 -106.40 -20.87 -5.04
CA PRO K 256 -105.36 -21.40 -4.16
C PRO K 256 -105.82 -22.59 -3.34
N GLY K 257 -107.10 -22.70 -3.07
CA GLY K 257 -107.61 -23.84 -2.34
C GLY K 257 -107.79 -25.08 -3.17
N LEU K 258 -107.56 -25.00 -4.47
CA LEU K 258 -107.74 -26.11 -5.38
C LEU K 258 -106.45 -26.87 -5.61
N MET K 259 -105.39 -26.54 -4.88
CA MET K 259 -104.08 -27.17 -5.07
C MET K 259 -104.00 -28.40 -4.19
N PHE K 260 -104.02 -29.57 -4.82
CA PHE K 260 -103.85 -30.84 -4.13
C PHE K 260 -103.91 -31.94 -5.18
N ASN K 261 -103.42 -33.10 -4.81
CA ASN K 261 -103.52 -34.25 -5.70
C ASN K 261 -104.83 -34.96 -5.40
N PRO K 262 -105.82 -34.85 -6.28
CA PRO K 262 -107.13 -35.44 -5.98
C PRO K 262 -107.13 -36.94 -6.03
N LEU K 263 -106.10 -37.54 -6.62
CA LEU K 263 -106.01 -39.00 -6.65
C LEU K 263 -105.76 -39.55 -5.26
N VAL K 264 -104.90 -38.90 -4.49
CA VAL K 264 -104.49 -39.46 -3.20
C VAL K 264 -105.59 -39.28 -2.18
N PRO K 265 -105.95 -40.31 -1.41
CA PRO K 265 -106.93 -40.14 -0.35
C PRO K 265 -106.39 -39.22 0.73
N THR K 266 -107.31 -38.70 1.54
CA THR K 266 -106.94 -37.77 2.60
C THR K 266 -107.25 -38.39 3.96
N ARG K 267 -106.45 -38.02 4.96
CA ARG K 267 -106.79 -38.37 6.33
C ARG K 267 -107.40 -37.18 7.03
N ARG K 268 -108.72 -37.22 7.16
CA ARG K 268 -109.54 -36.13 7.69
C ARG K 268 -110.96 -36.65 7.76
N ALA K 269 -111.82 -35.98 8.51
CA ALA K 269 -113.18 -36.45 8.65
C ALA K 269 -114.14 -35.28 8.74
N GLN K 270 -115.38 -35.54 8.38
CA GLN K 270 -116.45 -34.55 8.40
C GLN K 270 -117.52 -35.04 9.37
N TYR K 271 -117.68 -34.35 10.48
CA TYR K 271 -118.86 -34.54 11.32
C TYR K 271 -119.90 -33.57 10.81
N ILE K 272 -121.12 -34.03 10.67
CA ILE K 272 -122.22 -33.20 10.20
C ILE K 272 -123.34 -33.26 11.22
N ARG K 273 -123.76 -32.09 11.69
CA ARG K 273 -124.77 -32.02 12.74
C ARG K 273 -126.10 -32.60 12.26
N ARG K 274 -126.91 -33.04 13.21
CA ARG K 274 -128.28 -33.41 12.92
C ARG K 274 -128.97 -32.30 12.14
N ASN K 275 -129.65 -32.67 11.07
CA ASN K 275 -130.11 -31.65 10.12
C ASN K 275 -131.33 -30.91 10.62
N ASN K 276 -132.13 -31.54 11.49
CA ASN K 276 -133.31 -30.91 12.07
C ASN K 276 -134.22 -30.36 10.96
N ASN K 277 -134.88 -31.28 10.26
CA ASN K 277 -135.57 -31.06 8.99
C ASN K 277 -134.49 -30.85 7.92
N PRO K 278 -134.73 -31.34 6.69
CA PRO K 278 -135.75 -32.35 6.37
C PRO K 278 -135.52 -33.72 7.05
N GLN K 279 -134.28 -34.20 6.99
CA GLN K 279 -133.99 -35.61 7.27
C GLN K 279 -132.48 -35.78 7.41
N THR K 280 -131.98 -37.02 7.38
CA THR K 280 -130.55 -37.33 7.40
C THR K 280 -129.87 -36.93 8.71
N ALA K 281 -130.07 -37.76 9.73
CA ALA K 281 -129.44 -37.57 11.03
C ALA K 281 -127.92 -37.61 10.92
N GLU K 282 -127.28 -37.06 11.95
CA GLU K 282 -125.85 -36.78 11.92
C GLU K 282 -125.03 -38.02 11.60
N SER K 283 -123.92 -37.81 10.90
CA SER K 283 -122.98 -38.87 10.58
C SER K 283 -121.60 -38.29 10.39
N THR K 284 -120.58 -39.08 10.69
CA THR K 284 -119.20 -38.74 10.39
C THR K 284 -118.69 -39.59 9.23
N SER K 285 -117.79 -39.02 8.44
CA SER K 285 -117.31 -39.69 7.25
C SER K 285 -115.96 -39.13 6.86
N ARG K 286 -115.21 -39.91 6.08
CA ARG K 286 -113.93 -39.45 5.58
C ARG K 286 -114.14 -38.52 4.41
N ILE K 287 -113.31 -37.48 4.33
CA ILE K 287 -113.38 -36.54 3.23
C ILE K 287 -112.93 -37.23 1.95
N ALA K 288 -113.69 -37.00 0.88
CA ALA K 288 -113.41 -37.63 -0.40
C ALA K 288 -112.03 -37.24 -0.90
N PRO K 289 -111.40 -38.10 -1.70
CA PRO K 289 -110.06 -37.77 -2.20
C PRO K 289 -110.03 -36.49 -3.00
N TYR K 290 -110.96 -36.33 -3.92
CA TYR K 290 -111.21 -35.03 -4.52
C TYR K 290 -111.83 -34.12 -3.47
N ALA K 291 -111.77 -32.81 -3.71
CA ALA K 291 -112.42 -31.83 -2.85
C ALA K 291 -111.92 -31.93 -1.41
N LYS K 292 -110.62 -31.87 -1.27
CA LYS K 292 -110.04 -31.82 0.05
C LYS K 292 -110.20 -30.42 0.64
N PRO K 293 -110.31 -30.31 1.96
CA PRO K 293 -110.43 -29.00 2.57
C PRO K 293 -109.17 -28.17 2.36
N THR K 294 -109.30 -26.88 2.58
CA THR K 294 -108.19 -25.98 2.35
C THR K 294 -108.06 -24.97 3.47
N SER K 295 -106.85 -24.44 3.59
CA SER K 295 -106.59 -23.15 4.17
C SER K 295 -106.86 -22.09 3.12
N TRP K 296 -106.31 -20.90 3.34
CA TRP K 296 -106.29 -19.92 2.27
C TRP K 296 -107.67 -19.42 1.91
N MET K 297 -108.18 -18.57 2.80
CA MET K 297 -109.39 -17.80 2.72
C MET K 297 -109.34 -16.83 1.54
N THR K 298 -110.51 -16.40 1.09
CA THR K 298 -110.61 -15.45 -0.01
C THR K 298 -110.25 -14.05 0.47
N GLY K 299 -109.85 -13.21 -0.48
CA GLY K 299 -109.53 -11.84 -0.20
C GLY K 299 -110.73 -11.05 0.26
N PRO K 300 -110.49 -9.94 0.96
CA PRO K 300 -111.59 -9.19 1.54
C PRO K 300 -112.31 -8.31 0.53
N GLY K 301 -113.57 -8.03 0.84
CA GLY K 301 -114.37 -7.12 0.05
C GLY K 301 -115.52 -6.61 0.87
N LEU K 302 -116.22 -5.60 0.36
CA LEU K 302 -117.46 -5.14 0.95
C LEU K 302 -118.52 -5.08 -0.13
N LEU K 303 -119.47 -6.03 -0.09
CA LEU K 303 -120.50 -6.13 -1.10
C LEU K 303 -121.89 -5.68 -0.68
N SER K 304 -122.11 -5.28 0.57
CA SER K 304 -123.50 -5.14 1.02
C SER K 304 -124.11 -3.81 0.58
N ALA K 305 -123.33 -2.75 0.58
CA ALA K 305 -123.81 -1.39 0.41
C ALA K 305 -124.32 -1.14 -1.00
N GLN K 306 -125.08 -0.06 -1.15
CA GLN K 306 -125.52 0.43 -2.45
C GLN K 306 -125.32 1.93 -2.52
N ARG K 307 -124.91 2.42 -3.69
CA ARG K 307 -124.71 3.85 -3.85
C ARG K 307 -125.99 4.60 -3.54
N VAL K 308 -125.85 5.77 -2.91
CA VAL K 308 -126.95 6.44 -2.25
C VAL K 308 -127.24 7.78 -2.91
N GLY K 309 -128.40 7.87 -3.54
CA GLY K 309 -128.95 9.15 -3.93
C GLY K 309 -128.53 9.63 -5.29
N PRO K 310 -128.77 10.90 -5.58
CA PRO K 310 -128.54 11.43 -6.92
C PRO K 310 -127.06 11.66 -7.18
N ALA K 311 -126.72 11.69 -8.46
CA ALA K 311 -125.36 12.00 -8.87
C ALA K 311 -125.03 13.45 -8.52
N THR K 312 -123.73 13.75 -8.47
CA THR K 312 -123.11 15.00 -8.05
C THR K 312 -123.16 15.15 -6.53
N SER K 313 -123.83 14.25 -5.82
CA SER K 313 -123.88 14.25 -4.36
C SER K 313 -122.82 13.36 -3.73
N ASP K 314 -121.89 12.83 -4.53
CA ASP K 314 -120.88 11.89 -4.05
C ASP K 314 -121.53 10.60 -3.52
N THR K 315 -122.02 9.77 -4.43
CA THR K 315 -122.57 8.50 -4.02
C THR K 315 -121.48 7.44 -4.08
N GLY K 316 -121.00 7.02 -2.91
CA GLY K 316 -119.92 6.05 -2.88
C GLY K 316 -120.30 4.65 -2.45
N ALA K 317 -121.49 4.51 -1.87
CA ALA K 317 -122.03 3.35 -1.18
C ALA K 317 -121.29 3.09 0.13
N TRP K 318 -120.10 3.63 0.33
CA TRP K 318 -119.41 3.59 1.61
C TRP K 318 -118.80 4.96 1.81
N MET K 319 -119.24 5.67 2.84
CA MET K 319 -118.71 6.98 3.16
C MET K 319 -117.85 6.85 4.41
N VAL K 320 -116.62 7.36 4.34
CA VAL K 320 -115.72 7.25 5.48
C VAL K 320 -116.02 8.33 6.50
N ALA K 321 -116.24 9.56 6.04
CA ALA K 321 -116.55 10.72 6.88
C ALA K 321 -115.61 10.91 8.07
N VAL K 322 -116.13 11.57 9.11
CA VAL K 322 -115.41 11.82 10.35
C VAL K 322 -116.32 11.68 11.56
N LYS K 323 -117.33 12.55 11.64
CA LYS K 323 -118.21 12.65 12.80
C LYS K 323 -117.49 12.98 14.10
N PRO K 324 -116.96 14.20 14.24
CA PRO K 324 -116.56 14.67 15.57
C PRO K 324 -117.76 14.70 16.50
N GLU K 325 -117.48 14.71 17.80
CA GLU K 325 -118.49 14.33 18.77
C GLU K 325 -119.66 15.32 18.79
N ASN K 326 -119.37 16.62 18.73
CA ASN K 326 -120.45 17.58 18.65
C ASN K 326 -120.59 18.14 17.23
N ALA K 327 -119.73 19.08 16.89
CA ALA K 327 -119.72 19.78 15.61
C ALA K 327 -121.13 20.28 15.30
N SER K 328 -121.49 20.25 14.03
CA SER K 328 -122.87 20.29 13.57
C SER K 328 -122.86 19.80 12.14
N ILE K 329 -124.00 19.29 11.69
CA ILE K 329 -124.06 18.67 10.38
C ILE K 329 -125.38 19.02 9.72
N ASP K 330 -125.31 19.36 8.44
CA ASP K 330 -126.47 19.62 7.60
C ASP K 330 -127.07 18.27 7.18
N THR K 331 -127.96 18.27 6.20
CA THR K 331 -128.34 17.02 5.58
C THR K 331 -127.09 16.24 5.19
N GLY K 332 -127.08 14.95 5.50
CA GLY K 332 -125.87 14.17 5.38
C GLY K 332 -125.29 13.74 6.72
N MET K 333 -124.36 12.76 6.79
CA MET K 333 -123.80 11.93 5.69
C MET K 333 -123.40 12.72 4.43
N SER K 334 -123.95 12.36 3.27
CA SER K 334 -123.78 13.09 2.03
C SER K 334 -122.28 13.27 1.65
N GLY K 335 -121.61 14.44 1.62
CA GLY K 335 -121.85 15.70 2.34
C GLY K 335 -120.83 15.89 3.44
N ILE K 336 -120.28 14.76 3.91
CA ILE K 336 -119.05 14.75 4.69
C ILE K 336 -118.30 13.49 4.30
N GLY K 337 -116.98 13.58 4.33
CA GLY K 337 -116.15 12.45 3.97
C GLY K 337 -116.27 12.06 2.52
N SER K 338 -115.66 10.92 2.22
CA SER K 338 -115.43 10.51 0.83
C SER K 338 -116.05 9.15 0.59
N GLY K 339 -116.49 8.93 -0.65
CA GLY K 339 -116.96 7.61 -1.03
C GLY K 339 -115.80 6.66 -1.24
N PHE K 340 -115.96 5.43 -0.77
CA PHE K 340 -114.94 4.39 -0.94
C PHE K 340 -115.28 3.57 -2.17
N ASP K 341 -114.35 3.54 -3.11
CA ASP K 341 -114.62 2.95 -4.42
C ASP K 341 -113.36 2.29 -4.98
N PRO K 342 -113.50 1.13 -5.65
CA PRO K 342 -114.57 0.14 -5.55
C PRO K 342 -114.46 -0.78 -4.34
N PRO K 343 -115.53 -0.92 -3.56
CA PRO K 343 -115.73 -2.18 -2.85
C PRO K 343 -116.55 -3.18 -3.68
N GLN K 344 -116.29 -4.49 -3.74
CA GLN K 344 -114.98 -5.14 -3.78
C GLN K 344 -114.04 -4.78 -2.61
N GLY K 345 -112.70 -4.68 -2.72
CA GLY K 345 -111.82 -5.20 -3.76
C GLY K 345 -111.87 -6.70 -3.88
N SER K 346 -111.26 -7.22 -4.94
CA SER K 346 -111.33 -8.64 -5.27
C SER K 346 -112.78 -9.09 -5.29
N LEU K 347 -113.05 -10.27 -4.74
CA LEU K 347 -114.39 -10.68 -4.32
C LEU K 347 -115.44 -10.33 -5.37
N ALA K 348 -115.51 -11.12 -6.44
CA ALA K 348 -116.14 -10.69 -7.69
C ALA K 348 -117.49 -10.03 -7.44
N PRO K 349 -117.75 -8.87 -8.05
CA PRO K 349 -118.91 -8.06 -7.68
C PRO K 349 -120.22 -8.66 -8.18
N THR K 350 -121.31 -8.14 -7.61
CA THR K 350 -122.65 -8.54 -7.99
C THR K 350 -123.08 -7.88 -9.29
N ASN K 351 -123.26 -6.57 -9.27
CA ASN K 351 -123.68 -5.89 -10.49
C ASN K 351 -122.68 -4.82 -10.90
N LEU K 352 -123.04 -4.09 -11.95
CA LEU K 352 -122.20 -3.07 -12.55
C LEU K 352 -121.78 -2.02 -11.55
N GLU K 353 -122.59 -1.83 -10.50
CA GLU K 353 -122.38 -0.73 -9.57
C GLU K 353 -121.01 -0.79 -8.90
N TYR K 354 -120.43 -1.98 -8.77
CA TYR K 354 -119.13 -2.16 -8.15
C TYR K 354 -117.99 -2.31 -9.15
N LYS K 355 -118.27 -2.25 -10.44
CA LYS K 355 -117.40 -2.80 -11.47
C LYS K 355 -116.38 -1.78 -11.96
N ILE K 356 -116.26 -0.66 -11.26
CA ILE K 356 -115.56 0.56 -11.67
C ILE K 356 -116.19 1.02 -12.97
N GLN K 357 -115.47 1.84 -13.74
CA GLN K 357 -115.88 2.37 -15.03
C GLN K 357 -114.95 3.54 -15.32
N TRP K 358 -114.80 3.98 -16.57
CA TRP K 358 -114.25 5.31 -16.83
C TRP K 358 -114.56 5.68 -18.27
N TYR K 359 -114.49 6.98 -18.55
CA TYR K 359 -114.91 7.45 -19.87
C TYR K 359 -113.76 7.58 -20.86
N GLN K 360 -112.52 7.49 -20.38
CA GLN K 360 -111.31 7.61 -21.21
C GLN K 360 -111.41 8.76 -22.21
N THR K 361 -112.08 9.85 -21.83
CA THR K 361 -112.34 10.98 -22.70
C THR K 361 -113.09 12.04 -21.91
N PRO K 362 -112.69 13.31 -22.01
CA PRO K 362 -113.47 14.35 -21.35
C PRO K 362 -114.80 14.62 -22.01
N GLN K 363 -114.90 14.36 -23.31
CA GLN K 363 -116.16 14.58 -24.02
C GLN K 363 -117.19 13.50 -23.68
N GLY K 364 -116.80 12.49 -22.93
CA GLY K 364 -117.69 11.37 -22.64
C GLY K 364 -118.96 11.77 -21.89
N THR K 365 -120.10 11.46 -22.49
CA THR K 365 -121.40 11.71 -21.86
C THR K 365 -121.73 10.53 -20.96
N ASN K 366 -122.98 10.45 -20.48
CA ASN K 366 -123.34 9.41 -19.53
C ASN K 366 -123.00 8.02 -20.07
N ASN K 367 -123.56 7.64 -21.21
CA ASN K 367 -123.10 6.46 -21.92
C ASN K 367 -122.50 6.90 -23.24
N ASN K 368 -121.18 6.89 -23.30
CA ASN K 368 -120.30 7.20 -24.43
C ASN K 368 -118.91 7.08 -23.86
N GLY K 369 -117.90 6.83 -24.66
CA GLY K 369 -116.66 6.44 -24.03
C GLY K 369 -117.01 5.25 -23.16
N ASN K 370 -116.81 5.42 -21.85
CA ASN K 370 -117.52 4.61 -20.86
C ASN K 370 -117.12 3.15 -20.93
N ILE K 371 -115.82 2.88 -20.96
CA ILE K 371 -115.38 1.49 -20.94
C ILE K 371 -115.44 0.98 -19.51
N ILE K 372 -115.92 -0.22 -19.35
CA ILE K 372 -116.23 -0.77 -18.03
C ILE K 372 -115.27 -1.91 -17.75
N SER K 373 -114.79 -1.98 -16.51
CA SER K 373 -113.87 -3.05 -16.14
C SER K 373 -114.56 -4.40 -16.25
N ASN K 374 -113.75 -5.45 -16.39
CA ASN K 374 -114.26 -6.78 -16.63
C ASN K 374 -113.41 -7.78 -15.85
N GLN K 375 -113.86 -9.02 -15.80
CA GLN K 375 -113.11 -10.03 -15.06
C GLN K 375 -111.90 -10.50 -15.86
N PRO K 376 -110.73 -10.59 -15.24
CA PRO K 376 -109.53 -11.06 -15.97
C PRO K 376 -109.61 -12.51 -16.36
N LEU K 377 -110.54 -13.27 -15.77
CA LEU K 377 -110.66 -14.72 -15.85
C LEU K 377 -109.53 -15.40 -15.09
N SER K 378 -108.60 -14.63 -14.52
CA SER K 378 -107.69 -15.18 -13.51
C SER K 378 -108.49 -15.70 -12.34
N MET K 379 -107.98 -16.76 -11.72
CA MET K 379 -108.75 -17.46 -10.71
C MET K 379 -108.50 -16.95 -9.29
N LEU K 380 -107.73 -15.90 -9.11
CA LEU K 380 -107.37 -15.55 -7.75
C LEU K 380 -108.40 -14.87 -6.85
N ARG K 381 -108.86 -13.61 -6.99
CA ARG K 381 -109.21 -12.70 -8.11
C ARG K 381 -110.70 -12.82 -8.50
N ASP K 382 -111.40 -13.82 -7.98
CA ASP K 382 -112.85 -13.85 -8.16
C ASP K 382 -113.52 -13.94 -6.79
N GLN K 383 -113.28 -15.04 -6.08
CA GLN K 383 -113.39 -15.08 -4.63
C GLN K 383 -114.78 -14.71 -4.12
N ALA K 384 -115.71 -15.64 -4.29
CA ALA K 384 -116.93 -15.56 -3.51
C ALA K 384 -116.66 -16.04 -2.09
N LEU K 385 -117.70 -16.01 -1.26
CA LEU K 385 -117.68 -16.71 0.01
C LEU K 385 -119.13 -16.98 0.39
N PHE K 386 -119.36 -18.11 1.06
CA PHE K 386 -120.69 -18.70 1.11
C PHE K 386 -121.22 -18.88 2.53
N ARG K 387 -120.52 -19.58 3.40
CA ARG K 387 -121.01 -19.80 4.76
C ARG K 387 -122.34 -20.57 4.66
N GLY K 388 -123.27 -20.35 5.60
CA GLY K 388 -124.61 -20.90 5.55
C GLY K 388 -124.67 -22.41 5.40
N ASN K 389 -125.88 -22.91 5.21
CA ASN K 389 -127.04 -22.47 5.96
C ASN K 389 -127.32 -23.60 6.94
N GLN K 390 -126.49 -24.64 6.82
CA GLN K 390 -126.70 -26.05 7.18
C GLN K 390 -127.46 -26.76 6.07
N THR K 391 -128.05 -26.03 5.12
CA THR K 391 -128.79 -26.58 4.01
C THR K 391 -128.26 -26.03 2.68
N THR K 392 -128.24 -24.71 2.54
CA THR K 392 -127.80 -24.04 1.32
C THR K 392 -126.63 -23.13 1.65
N TYR K 393 -125.78 -22.85 0.67
CA TYR K 393 -124.78 -21.81 0.80
C TYR K 393 -125.37 -20.48 0.36
N ASN K 394 -125.03 -19.41 1.07
CA ASN K 394 -125.57 -18.09 0.79
C ASN K 394 -124.45 -17.06 0.74
N LEU K 395 -124.21 -16.48 -0.43
CA LEU K 395 -123.14 -15.51 -0.60
C LEU K 395 -123.23 -14.43 0.47
N CYS K 396 -122.10 -14.18 1.14
CA CYS K 396 -122.08 -13.33 2.32
C CYS K 396 -121.45 -11.99 2.00
N SER K 397 -122.09 -10.92 2.48
CA SER K 397 -121.57 -9.57 2.45
C SER K 397 -120.37 -9.46 3.39
N ASP K 398 -119.63 -8.35 3.25
CA ASP K 398 -118.40 -8.11 3.97
C ASP K 398 -117.34 -9.12 3.57
N VAL K 399 -116.85 -9.94 4.49
CA VAL K 399 -115.53 -10.59 4.40
C VAL K 399 -114.42 -9.58 4.60
N TRP K 400 -114.18 -9.22 5.86
CA TRP K 400 -113.07 -8.40 6.29
C TRP K 400 -111.77 -9.18 6.25
N MET K 401 -110.70 -8.58 6.77
CA MET K 401 -109.40 -9.26 6.76
C MET K 401 -109.41 -10.47 7.68
N PHE K 402 -108.69 -11.50 7.27
CA PHE K 402 -108.63 -12.78 7.94
C PHE K 402 -107.24 -13.37 7.69
N PRO K 403 -106.71 -14.16 8.64
CA PRO K 403 -105.29 -14.53 8.58
C PRO K 403 -104.82 -15.19 7.28
N ASN K 404 -105.57 -16.12 6.73
CA ASN K 404 -105.07 -16.91 5.62
C ASN K 404 -105.43 -16.34 4.27
N GLN K 405 -105.97 -15.13 4.22
CA GLN K 405 -106.52 -14.63 2.96
C GLN K 405 -105.46 -14.46 1.89
N ILE K 406 -105.86 -14.79 0.66
CA ILE K 406 -105.12 -14.40 -0.53
C ILE K 406 -106.07 -13.73 -1.50
N TRP K 407 -105.64 -12.60 -2.04
CA TRP K 407 -106.33 -11.98 -3.15
C TRP K 407 -105.27 -11.55 -4.14
N ASP K 408 -105.72 -11.20 -5.33
CA ASP K 408 -104.82 -10.73 -6.36
C ASP K 408 -105.09 -9.26 -6.59
N ARG K 409 -104.02 -8.47 -6.65
CA ARG K 409 -104.18 -7.05 -6.83
C ARG K 409 -104.88 -6.79 -8.16
N TYR K 410 -105.58 -5.66 -8.23
CA TYR K 410 -106.38 -5.36 -9.40
C TYR K 410 -105.54 -5.48 -10.67
N PRO K 411 -106.06 -6.12 -11.72
CA PRO K 411 -105.22 -6.43 -12.89
C PRO K 411 -104.72 -5.23 -13.64
N ILE K 412 -105.25 -4.05 -13.32
CA ILE K 412 -105.05 -2.77 -14.00
C ILE K 412 -105.22 -2.92 -15.51
N THR K 413 -104.54 -2.07 -16.27
CA THR K 413 -104.69 -1.93 -17.72
C THR K 413 -103.86 -0.74 -18.15
N ARG K 414 -103.82 -0.45 -19.45
CA ARG K 414 -103.02 0.67 -19.93
C ARG K 414 -103.56 2.02 -19.47
N GLU K 415 -104.83 2.10 -19.11
CA GLU K 415 -105.48 3.37 -18.78
C GLU K 415 -105.30 3.78 -17.32
N ASN K 416 -104.61 3.02 -16.53
CA ASN K 416 -104.65 3.22 -15.10
C ASN K 416 -103.58 4.17 -14.63
N PRO K 417 -103.78 4.79 -13.47
CA PRO K 417 -102.68 5.51 -12.83
C PRO K 417 -101.60 4.56 -12.35
N ILE K 418 -100.35 4.99 -12.49
CA ILE K 418 -99.23 4.15 -12.09
C ILE K 418 -99.18 4.05 -10.58
N TRP K 419 -99.21 5.18 -9.88
CA TRP K 419 -98.99 5.21 -8.45
C TRP K 419 -100.07 6.03 -7.77
N CYS K 420 -100.09 5.92 -6.45
CA CYS K 420 -100.91 6.73 -5.56
C CYS K 420 -100.10 6.97 -4.30
N LYS K 421 -100.25 8.15 -3.71
CA LYS K 421 -99.47 8.45 -2.52
C LYS K 421 -100.12 7.84 -1.29
N LYS K 422 -99.33 7.10 -0.52
CA LYS K 422 -99.79 6.55 0.74
C LYS K 422 -99.69 7.64 1.80
N PRO K 423 -100.82 8.10 2.34
CA PRO K 423 -100.78 9.19 3.32
C PRO K 423 -100.06 8.81 4.59
N ARG K 424 -99.30 9.77 5.12
CA ARG K 424 -98.52 9.55 6.33
C ARG K 424 -99.45 9.43 7.53
N SER K 425 -99.32 8.32 8.25
CA SER K 425 -100.14 8.09 9.43
C SER K 425 -99.41 7.10 10.33
N ASP K 426 -99.82 7.07 11.59
CA ASP K 426 -99.17 6.19 12.55
C ASP K 426 -99.33 4.74 12.14
N LYS K 427 -100.56 4.29 11.96
CA LYS K 427 -100.85 2.89 11.75
C LYS K 427 -101.59 2.70 10.43
N HIS K 428 -101.37 1.55 9.81
CA HIS K 428 -102.10 1.19 8.61
C HIS K 428 -102.05 -0.32 8.42
N THR K 429 -102.96 -0.82 7.60
CA THR K 429 -103.03 -2.23 7.22
C THR K 429 -102.25 -2.48 5.94
N THR K 430 -102.53 -3.61 5.28
CA THR K 430 -101.66 -4.13 4.21
C THR K 430 -101.34 -3.10 3.13
N ILE K 431 -102.22 -2.13 2.91
CA ILE K 431 -102.08 -1.13 1.85
C ILE K 431 -102.06 -1.79 0.48
N ASP K 432 -103.21 -2.30 0.05
CA ASP K 432 -103.38 -2.65 -1.36
C ASP K 432 -104.49 -1.79 -1.94
N PRO K 433 -104.18 -0.78 -2.75
CA PRO K 433 -105.26 0.04 -3.33
C PRO K 433 -106.10 -0.76 -4.31
N PHE K 434 -107.40 -0.56 -4.24
CA PHE K 434 -108.32 -1.29 -5.11
C PHE K 434 -108.49 -0.65 -6.46
N ASP K 435 -107.80 0.45 -6.71
CA ASP K 435 -107.72 1.05 -8.03
C ASP K 435 -106.60 0.43 -8.84
N GLY K 436 -106.00 -0.64 -8.34
CA GLY K 436 -104.71 -1.06 -8.84
C GLY K 436 -103.69 -0.03 -8.42
N SER K 437 -103.00 0.56 -9.38
CA SER K 437 -101.98 1.57 -9.11
C SER K 437 -100.98 1.06 -8.09
N LEU K 438 -100.50 1.95 -7.23
CA LEU K 438 -99.44 1.63 -6.30
C LEU K 438 -99.51 2.62 -5.15
N ALA K 439 -98.86 2.27 -4.05
CA ALA K 439 -98.73 3.16 -2.92
C ALA K 439 -97.26 3.37 -2.63
N MET K 440 -96.88 4.63 -2.42
CA MET K 440 -95.50 4.94 -2.09
C MET K 440 -95.48 5.99 -0.99
N ASP K 441 -94.51 5.87 -0.09
CA ASP K 441 -94.27 6.93 0.88
C ASP K 441 -94.07 8.26 0.17
N HIS K 442 -93.07 8.32 -0.69
CA HIS K 442 -92.83 9.48 -1.53
C HIS K 442 -93.00 9.07 -2.98
N PRO K 443 -94.09 9.44 -3.63
CA PRO K 443 -94.22 9.23 -5.05
C PRO K 443 -93.37 10.25 -5.79
N PRO K 444 -93.41 10.28 -7.11
CA PRO K 444 -92.77 11.39 -7.83
C PRO K 444 -93.32 12.71 -7.33
N GLY K 445 -92.41 13.60 -6.97
CA GLY K 445 -92.82 14.92 -6.51
C GLY K 445 -93.47 15.68 -7.64
N THR K 446 -94.64 16.24 -7.37
CA THR K 446 -95.34 17.01 -8.38
C THR K 446 -94.52 18.23 -8.76
N ILE K 447 -94.36 18.44 -10.04
CA ILE K 447 -93.65 19.60 -10.56
C ILE K 447 -94.65 20.70 -10.81
N PHE K 448 -94.48 21.83 -10.14
CA PHE K 448 -95.38 22.96 -10.26
C PHE K 448 -94.72 24.02 -11.11
N ILE K 449 -95.55 24.78 -11.82
CA ILE K 449 -95.04 25.79 -12.74
C ILE K 449 -96.04 26.93 -12.83
N LYS K 450 -95.54 28.15 -12.92
CA LYS K 450 -96.34 29.35 -12.86
C LYS K 450 -95.73 30.37 -13.80
N MET K 451 -96.48 31.42 -14.11
CA MET K 451 -96.11 32.36 -15.15
C MET K 451 -95.39 33.61 -14.67
N ALA K 452 -95.03 33.70 -13.40
CA ALA K 452 -94.19 34.82 -12.97
C ALA K 452 -94.84 36.17 -13.22
N LYS K 453 -95.76 36.57 -12.35
CA LYS K 453 -96.56 37.76 -12.56
C LYS K 453 -95.70 38.94 -12.95
N ILE K 454 -96.06 39.59 -14.05
CA ILE K 454 -95.40 40.80 -14.49
C ILE K 454 -96.41 41.93 -14.35
N PRO K 455 -96.28 42.79 -13.36
CA PRO K 455 -97.30 43.80 -13.11
C PRO K 455 -97.12 44.97 -14.08
N VAL K 456 -98.07 45.89 -14.01
CA VAL K 456 -98.05 47.06 -14.88
C VAL K 456 -98.50 48.25 -14.04
N PRO K 457 -97.94 49.44 -14.27
CA PRO K 457 -98.24 50.56 -13.38
C PRO K 457 -99.65 51.10 -13.60
N SER K 458 -100.23 51.61 -12.52
CA SER K 458 -101.53 52.24 -12.59
C SER K 458 -101.64 53.28 -11.46
N ASN K 459 -102.75 54.00 -11.45
CA ASN K 459 -102.96 55.06 -10.47
C ASN K 459 -103.51 54.54 -9.16
N ASN K 460 -104.45 53.60 -9.22
CA ASN K 460 -105.24 53.17 -8.07
C ASN K 460 -104.47 52.85 -6.76
N ASN K 461 -103.40 52.05 -6.80
CA ASN K 461 -102.86 51.42 -7.99
C ASN K 461 -103.24 49.95 -8.05
N ALA K 462 -102.79 49.30 -9.10
CA ALA K 462 -103.04 47.88 -9.34
C ALA K 462 -104.57 47.59 -9.32
N ASP K 463 -105.04 46.38 -9.01
CA ASP K 463 -104.39 45.12 -9.35
C ASP K 463 -104.44 44.92 -10.86
N SER K 464 -103.26 44.80 -11.46
CA SER K 464 -103.15 44.65 -12.90
C SER K 464 -101.85 43.95 -13.20
N TYR K 465 -101.83 43.23 -14.31
CA TYR K 465 -100.68 42.42 -14.66
C TYR K 465 -100.66 42.22 -16.16
N LEU K 466 -99.53 41.77 -16.66
CA LEU K 466 -99.34 41.59 -18.08
C LEU K 466 -99.73 40.17 -18.46
N ASN K 467 -100.44 40.03 -19.58
CA ASN K 467 -101.06 38.77 -19.96
C ASN K 467 -100.09 37.99 -20.85
N ILE K 468 -99.59 36.88 -20.34
CA ILE K 468 -98.59 36.07 -21.04
C ILE K 468 -98.93 34.60 -20.85
N TYR K 469 -98.23 33.75 -21.60
CA TYR K 469 -98.32 32.31 -21.39
C TYR K 469 -96.99 31.70 -21.79
N CYS K 470 -96.73 30.51 -21.28
CA CYS K 470 -95.49 29.80 -21.54
C CYS K 470 -95.77 28.59 -22.38
N THR K 471 -94.76 28.15 -23.11
CA THR K 471 -94.87 26.98 -23.94
C THR K 471 -93.51 26.31 -23.98
N GLY K 472 -93.50 25.00 -23.95
CA GLY K 472 -92.23 24.32 -23.89
C GLY K 472 -92.40 22.83 -23.99
N GLN K 473 -91.33 22.11 -23.66
CA GLN K 473 -91.29 20.68 -23.87
C GLN K 473 -90.84 19.97 -22.62
N VAL K 474 -91.67 19.07 -22.12
CA VAL K 474 -91.31 18.18 -21.02
C VAL K 474 -90.89 16.85 -21.63
N SER K 475 -89.81 16.28 -21.12
CA SER K 475 -89.42 14.94 -21.51
C SER K 475 -89.39 14.11 -20.25
N CYS K 476 -90.31 13.16 -20.14
CA CYS K 476 -90.36 12.26 -19.00
C CYS K 476 -89.77 10.93 -19.44
N GLU K 477 -88.58 10.62 -18.95
CA GLU K 477 -87.87 9.40 -19.30
C GLU K 477 -87.77 8.56 -18.04
N ILE K 478 -88.47 7.43 -18.01
CA ILE K 478 -88.55 6.62 -16.80
C ILE K 478 -88.05 5.22 -17.11
N VAL K 479 -87.35 4.64 -16.15
CA VAL K 479 -86.77 3.31 -16.28
C VAL K 479 -87.61 2.35 -15.48
N TRP K 480 -87.84 1.17 -16.03
CA TRP K 480 -88.74 0.18 -15.44
C TRP K 480 -87.93 -1.06 -15.11
N GLU K 481 -87.83 -1.40 -13.84
CA GLU K 481 -87.36 -2.75 -13.50
C GLU K 481 -88.35 -3.75 -14.03
N VAL K 482 -87.86 -4.72 -14.79
CA VAL K 482 -88.72 -5.62 -15.52
C VAL K 482 -88.14 -7.03 -15.42
N GLU K 483 -89.02 -8.03 -15.34
CA GLU K 483 -88.60 -9.41 -15.20
C GLU K 483 -89.33 -10.27 -16.22
N ARG K 484 -88.59 -11.17 -16.87
CA ARG K 484 -89.10 -11.91 -18.01
C ARG K 484 -89.49 -13.32 -17.58
N TYR K 485 -90.53 -13.87 -18.20
CA TYR K 485 -91.15 -15.08 -17.69
C TYR K 485 -90.61 -16.32 -18.38
N ALA K 486 -90.48 -17.38 -17.59
CA ALA K 486 -90.23 -18.71 -18.11
C ALA K 486 -91.16 -19.67 -17.38
N THR K 487 -91.66 -20.66 -18.10
CA THR K 487 -92.62 -21.58 -17.49
C THR K 487 -92.52 -22.94 -18.13
N LYS K 488 -93.00 -23.94 -17.40
CA LYS K 488 -92.98 -25.31 -17.87
C LYS K 488 -94.27 -25.74 -18.51
N ASN K 489 -95.23 -24.84 -18.67
CA ASN K 489 -96.47 -25.19 -19.32
C ASN K 489 -96.21 -25.66 -20.74
N TRP K 490 -96.94 -26.68 -21.15
CA TRP K 490 -96.81 -27.20 -22.50
C TRP K 490 -97.61 -26.38 -23.50
N ARG K 491 -98.69 -25.80 -23.07
CA ARG K 491 -99.69 -25.21 -23.95
C ARG K 491 -99.42 -23.75 -24.28
N PRO K 492 -100.06 -23.24 -25.33
CA PRO K 492 -99.69 -21.91 -25.86
C PRO K 492 -99.92 -20.71 -24.93
N GLU K 493 -100.66 -20.85 -23.84
CA GLU K 493 -101.04 -19.72 -22.95
C GLU K 493 -101.81 -18.69 -23.79
N ARG K 494 -101.63 -17.40 -23.53
CA ARG K 494 -102.50 -16.38 -24.09
C ARG K 494 -101.70 -15.09 -24.25
N ARG K 495 -102.06 -14.32 -25.27
CA ARG K 495 -101.39 -13.06 -25.53
C ARG K 495 -102.45 -12.02 -25.85
N HIS K 496 -102.01 -10.82 -26.20
CA HIS K 496 -102.92 -9.76 -26.62
C HIS K 496 -102.75 -9.54 -28.11
N THR K 497 -103.72 -10.03 -28.87
CA THR K 497 -103.82 -9.75 -30.29
C THR K 497 -104.52 -8.42 -30.52
N THR K 498 -104.28 -7.85 -31.70
CA THR K 498 -105.17 -6.83 -32.21
C THR K 498 -106.57 -7.37 -32.46
N PHE K 499 -106.75 -8.69 -32.52
CA PHE K 499 -108.08 -9.19 -32.80
C PHE K 499 -109.06 -8.91 -31.67
N GLY K 500 -108.58 -8.70 -30.46
CA GLY K 500 -109.45 -8.17 -29.43
C GLY K 500 -109.95 -6.78 -29.78
N LEU K 501 -109.17 -6.04 -30.56
CA LEU K 501 -109.50 -4.69 -30.97
C LEU K 501 -110.61 -4.72 -32.03
N GLY K 502 -111.24 -3.57 -32.23
CA GLY K 502 -112.32 -3.49 -33.20
C GLY K 502 -112.32 -2.15 -33.88
N ILE K 503 -113.05 -2.09 -35.00
CA ILE K 503 -113.01 -0.97 -35.93
C ILE K 503 -113.92 0.14 -35.43
N GLY K 504 -113.54 1.40 -35.70
CA GLY K 504 -114.36 2.50 -35.24
C GLY K 504 -113.94 3.83 -35.83
N GLY K 505 -114.77 4.84 -35.56
CA GLY K 505 -114.54 6.23 -35.89
C GLY K 505 -115.07 6.61 -37.26
N ALA K 506 -115.58 7.84 -37.36
CA ALA K 506 -116.11 8.42 -38.61
C ALA K 506 -116.97 7.44 -39.39
N ASP K 507 -116.74 7.37 -40.71
CA ASP K 507 -117.04 6.16 -41.43
C ASP K 507 -116.13 5.06 -40.89
N ASN K 508 -116.68 3.87 -40.69
CA ASN K 508 -116.13 2.94 -39.71
C ASN K 508 -114.63 2.74 -39.86
N LEU K 509 -114.06 3.07 -41.01
CA LEU K 509 -112.67 2.81 -41.32
C LEU K 509 -111.73 3.32 -40.23
N ASN K 510 -110.59 2.64 -40.14
CA ASN K 510 -109.49 2.67 -39.17
C ASN K 510 -109.90 1.83 -37.97
N PRO K 511 -109.00 1.05 -37.40
CA PRO K 511 -109.46 0.08 -36.39
C PRO K 511 -109.73 0.62 -35.00
N THR K 512 -108.68 0.91 -34.24
CA THR K 512 -108.88 1.31 -32.85
C THR K 512 -107.87 2.34 -32.38
N TYR K 513 -106.61 1.97 -32.26
CA TYR K 513 -105.60 2.97 -31.93
C TYR K 513 -105.05 3.50 -33.24
N HIS K 514 -105.54 4.66 -33.63
CA HIS K 514 -105.32 5.14 -34.98
C HIS K 514 -106.09 6.44 -35.16
N VAL K 515 -105.71 7.19 -36.18
CA VAL K 515 -106.34 8.48 -36.43
C VAL K 515 -107.61 8.34 -37.27
N ASP K 516 -108.49 9.32 -37.13
CA ASP K 516 -109.70 9.47 -37.93
C ASP K 516 -109.38 10.29 -39.18
N LYS K 517 -110.38 10.78 -39.90
CA LYS K 517 -110.09 11.40 -41.20
C LYS K 517 -109.92 12.93 -41.50
N ASN K 518 -110.25 13.96 -40.70
CA ASN K 518 -111.02 14.09 -39.46
C ASN K 518 -110.17 13.83 -38.24
N GLY K 519 -108.88 13.60 -38.43
CA GLY K 519 -108.14 12.75 -37.53
C GLY K 519 -108.31 13.07 -36.06
N THR K 520 -108.89 12.07 -35.40
CA THR K 520 -109.12 12.04 -33.97
C THR K 520 -108.82 10.62 -33.55
N TYR K 521 -107.90 10.47 -32.62
CA TYR K 521 -107.45 9.17 -32.18
C TYR K 521 -108.64 8.35 -31.70
N ILE K 522 -108.85 7.19 -32.31
CA ILE K 522 -110.03 6.39 -31.97
C ILE K 522 -109.85 5.77 -30.60
N GLN K 523 -110.81 5.89 -29.80
CA GLN K 523 -110.56 5.36 -28.48
C GLN K 523 -110.97 3.89 -28.41
N PRO K 524 -110.24 3.12 -27.60
CA PRO K 524 -110.62 1.71 -27.38
C PRO K 524 -111.95 1.62 -26.65
N THR K 525 -112.82 0.76 -27.15
CA THR K 525 -114.17 0.61 -26.62
C THR K 525 -114.28 -0.71 -25.87
N THR K 526 -114.77 -0.62 -24.64
CA THR K 526 -114.75 -1.56 -23.51
C THR K 526 -113.35 -2.02 -23.07
N TRP K 527 -113.30 -3.17 -22.38
CA TRP K 527 -112.19 -3.42 -21.46
C TRP K 527 -111.04 -4.14 -22.15
N ASP K 528 -111.35 -5.14 -22.97
CA ASP K 528 -110.29 -5.96 -23.58
C ASP K 528 -109.42 -5.17 -24.53
N MET K 529 -109.97 -4.14 -25.17
CA MET K 529 -109.19 -3.27 -26.05
C MET K 529 -107.90 -2.84 -25.37
N CYS K 530 -108.03 -2.00 -24.34
CA CYS K 530 -106.92 -1.78 -23.42
C CYS K 530 -106.47 -3.13 -22.90
N PHE K 531 -105.19 -3.42 -23.00
CA PHE K 531 -104.76 -4.78 -22.76
C PHE K 531 -104.30 -4.93 -21.33
N PRO K 532 -105.09 -5.58 -20.46
CA PRO K 532 -104.75 -5.60 -19.04
C PRO K 532 -103.64 -6.61 -18.78
N VAL K 533 -102.76 -6.29 -17.85
CA VAL K 533 -101.88 -7.32 -17.34
C VAL K 533 -102.70 -8.24 -16.46
N LYS K 534 -102.14 -9.42 -16.17
CA LYS K 534 -102.65 -10.42 -15.24
C LYS K 534 -103.65 -11.33 -15.95
N THR K 535 -104.00 -11.06 -17.20
CA THR K 535 -104.81 -11.96 -17.99
C THR K 535 -103.97 -12.92 -18.82
N ASN K 536 -102.65 -12.84 -18.73
CA ASN K 536 -101.78 -13.63 -19.56
C ASN K 536 -100.81 -14.43 -18.72
N ILE K 537 -99.91 -15.12 -19.43
CA ILE K 537 -98.93 -16.05 -18.88
C ILE K 537 -99.67 -17.06 -18.01
N ASN K 538 -99.02 -17.57 -16.97
CA ASN K 538 -99.59 -18.42 -15.95
C ASN K 538 -98.62 -18.43 -14.78
N LYS K 539 -99.10 -18.83 -13.61
CA LYS K 539 -98.21 -19.09 -12.50
C LYS K 539 -98.71 -20.30 -11.73
N VAL K 540 -97.81 -21.23 -11.45
CA VAL K 540 -98.12 -22.24 -10.46
C VAL K 540 -98.16 -21.56 -9.09
N LEU K 541 -99.26 -21.73 -8.39
CA LEU K 541 -99.40 -21.11 -7.09
C LEU K 541 -98.53 -21.81 -6.06
N GLY L 34 -68.19 32.97 -33.25
CA GLY L 34 -69.34 33.32 -32.42
C GLY L 34 -70.48 32.34 -32.51
N SER L 35 -71.58 32.64 -31.81
CA SER L 35 -72.74 31.78 -31.80
C SER L 35 -73.98 32.61 -31.45
N GLY L 36 -75.14 32.06 -31.75
CA GLY L 36 -76.40 32.70 -31.44
C GLY L 36 -77.02 33.38 -32.64
N VAL L 37 -78.16 34.01 -32.39
CA VAL L 37 -78.83 34.79 -33.43
C VAL L 37 -77.91 35.90 -33.90
N GLY L 38 -77.96 36.18 -35.19
CA GLY L 38 -77.12 37.20 -35.77
C GLY L 38 -75.77 36.71 -36.26
N ILE L 39 -75.48 35.43 -36.13
CA ILE L 39 -74.26 34.83 -36.61
C ILE L 39 -74.67 33.67 -37.52
N SER L 40 -74.37 33.77 -38.81
CA SER L 40 -74.78 32.73 -39.74
C SER L 40 -74.04 31.44 -39.43
N THR L 41 -74.73 30.32 -39.60
CA THR L 41 -74.12 29.06 -39.20
C THR L 41 -73.19 28.52 -40.27
N GLY L 42 -73.60 28.58 -41.53
CA GLY L 42 -72.74 28.12 -42.61
C GLY L 42 -73.05 28.92 -43.85
N GLY L 43 -72.12 28.85 -44.81
CA GLY L 43 -72.22 29.61 -46.04
C GLY L 43 -72.72 28.79 -47.21
N TRP L 44 -72.90 29.47 -48.32
CA TRP L 44 -73.35 28.83 -49.55
C TRP L 44 -72.25 27.94 -50.11
N VAL L 45 -72.66 26.94 -50.88
CA VAL L 45 -71.74 25.92 -51.38
C VAL L 45 -72.19 25.49 -52.77
N GLY L 46 -71.24 25.09 -53.60
CA GLY L 46 -71.58 24.50 -54.89
C GLY L 46 -70.37 24.47 -55.81
N GLY L 47 -70.63 24.10 -57.08
CA GLY L 47 -69.69 24.27 -58.17
C GLY L 47 -69.01 23.03 -58.68
N SER L 48 -69.34 21.86 -58.15
CA SER L 48 -68.74 20.57 -58.46
C SER L 48 -67.22 20.50 -58.35
N TYR L 49 -66.61 19.48 -58.99
CA TYR L 49 -65.17 19.28 -58.81
C TYR L 49 -64.44 18.64 -59.99
N PHE L 50 -64.75 17.36 -60.26
CA PHE L 50 -64.16 16.56 -61.33
C PHE L 50 -62.67 16.23 -61.27
N THR L 51 -62.30 15.26 -60.44
CA THR L 51 -61.04 14.54 -60.52
C THR L 51 -61.26 13.16 -61.12
N ASP L 52 -60.24 12.64 -61.81
CA ASP L 52 -60.31 11.35 -62.49
C ASP L 52 -60.91 10.25 -61.64
N SER L 53 -60.54 10.20 -60.36
CA SER L 53 -61.02 9.13 -59.49
C SER L 53 -62.42 9.39 -58.95
N TYR L 54 -62.79 10.65 -58.74
CA TYR L 54 -64.09 10.94 -58.15
C TYR L 54 -64.55 12.33 -58.53
N VAL L 55 -65.84 12.55 -58.43
CA VAL L 55 -66.48 13.82 -58.70
C VAL L 55 -67.26 14.24 -57.46
N ILE L 56 -67.00 15.46 -56.98
CA ILE L 56 -67.70 16.01 -55.83
C ILE L 56 -68.65 17.08 -56.32
N THR L 57 -69.94 16.81 -56.23
CA THR L 57 -70.96 17.78 -56.58
C THR L 57 -71.50 18.42 -55.30
N LYS L 58 -71.56 19.73 -55.30
CA LYS L 58 -72.01 20.49 -54.14
C LYS L 58 -73.20 21.34 -54.56
N ASN L 59 -74.20 21.43 -53.70
CA ASN L 59 -75.40 22.19 -54.00
C ASN L 59 -75.94 22.80 -52.73
N THR L 60 -76.69 23.87 -52.88
CA THR L 60 -77.29 24.56 -51.75
C THR L 60 -78.64 25.11 -52.19
N ARG L 61 -79.59 25.18 -51.27
CA ARG L 61 -80.95 25.55 -51.60
C ARG L 61 -81.52 26.48 -50.54
N GLN L 62 -82.67 27.04 -50.87
CA GLN L 62 -83.48 27.79 -49.93
C GLN L 62 -84.83 27.07 -49.87
N PHE L 63 -85.26 26.69 -48.68
CA PHE L 63 -86.47 25.89 -48.54
C PHE L 63 -87.41 26.55 -47.55
N LEU L 64 -88.66 26.09 -47.52
CA LEU L 64 -89.55 26.51 -46.46
C LEU L 64 -90.52 25.41 -46.08
N VAL L 65 -90.81 25.34 -44.79
CA VAL L 65 -91.72 24.35 -44.21
C VAL L 65 -93.00 25.08 -43.85
N LYS L 66 -94.14 24.55 -44.28
CA LYS L 66 -95.38 25.31 -44.33
C LYS L 66 -96.37 25.02 -43.19
N ILE L 67 -96.05 24.09 -42.28
CA ILE L 67 -97.06 23.54 -41.36
C ILE L 67 -98.17 22.88 -42.17
N GLN L 68 -97.90 21.69 -42.70
CA GLN L 68 -98.96 20.97 -43.40
C GLN L 68 -99.86 20.25 -42.42
N ASN L 69 -101.15 20.20 -42.75
CA ASN L 69 -102.11 19.28 -42.14
C ASN L 69 -102.36 19.62 -40.68
N ASN L 70 -102.45 20.91 -40.36
CA ASN L 70 -102.42 21.38 -38.97
C ASN L 70 -101.18 20.73 -38.37
N HIS L 71 -101.20 20.28 -37.12
CA HIS L 71 -100.20 19.32 -36.70
C HIS L 71 -100.75 17.92 -36.55
N GLN L 72 -102.05 17.73 -36.70
CA GLN L 72 -102.65 16.42 -36.63
C GLN L 72 -102.43 15.63 -37.92
N TYR L 73 -102.61 14.32 -37.82
CA TYR L 73 -102.32 13.34 -38.86
C TYR L 73 -103.47 13.11 -39.84
N LYS L 74 -104.62 12.67 -39.35
CA LYS L 74 -105.74 12.16 -40.13
C LYS L 74 -105.36 10.96 -40.98
N THR L 75 -106.13 10.73 -42.05
CA THR L 75 -105.94 9.58 -42.93
C THR L 75 -106.11 10.02 -44.39
N GLU L 76 -107.25 10.64 -44.68
CA GLU L 76 -107.59 11.41 -45.88
C GLU L 76 -108.20 10.65 -47.05
N LEU L 77 -108.09 9.31 -47.08
CA LEU L 77 -108.83 8.49 -48.05
C LEU L 77 -108.89 9.16 -49.42
N ILE L 78 -107.76 9.21 -50.11
CA ILE L 78 -107.52 10.26 -51.10
C ILE L 78 -108.60 10.31 -52.18
N SER L 79 -108.54 9.42 -53.16
CA SER L 79 -109.54 9.22 -54.20
C SER L 79 -109.74 10.43 -55.09
N PRO L 80 -110.09 10.26 -56.35
CA PRO L 80 -110.96 11.23 -57.02
C PRO L 80 -112.39 10.71 -56.98
N SER L 81 -113.34 11.47 -57.52
CA SER L 81 -114.66 10.89 -57.79
C SER L 81 -115.29 11.38 -59.09
N THR L 82 -115.63 10.51 -60.05
CA THR L 82 -115.10 9.14 -60.33
C THR L 82 -114.85 8.17 -59.17
N SER L 83 -115.90 7.95 -58.36
CA SER L 83 -115.80 7.07 -57.20
C SER L 83 -115.33 5.67 -57.58
N GLN L 84 -115.39 5.30 -58.86
CA GLN L 84 -114.85 4.02 -59.32
C GLN L 84 -113.35 3.93 -59.13
N GLY L 85 -112.67 5.03 -58.79
CA GLY L 85 -111.23 5.02 -58.68
C GLY L 85 -110.74 4.14 -57.54
N LYS L 86 -109.41 4.09 -57.41
CA LYS L 86 -108.80 3.23 -56.41
C LYS L 86 -109.11 3.70 -54.99
N SER L 87 -109.04 5.00 -54.74
CA SER L 87 -109.42 5.59 -53.46
C SER L 87 -108.55 5.06 -52.33
N GLN L 88 -107.24 5.10 -52.53
CA GLN L 88 -106.32 4.71 -51.47
C GLN L 88 -106.51 5.60 -50.24
N ARG L 89 -106.46 4.99 -49.06
CA ARG L 89 -106.79 5.74 -47.85
C ARG L 89 -105.62 6.59 -47.38
N CYS L 90 -104.40 6.07 -47.52
CA CYS L 90 -103.18 6.71 -47.07
C CYS L 90 -103.18 7.17 -45.62
N VAL L 91 -102.28 8.10 -45.30
CA VAL L 91 -102.15 8.76 -44.01
C VAL L 91 -101.46 10.08 -44.28
N SER L 92 -101.88 11.14 -43.62
CA SER L 92 -101.20 12.41 -43.75
C SER L 92 -100.50 12.70 -42.43
N THR L 93 -99.40 13.42 -42.48
CA THR L 93 -98.63 13.75 -41.30
C THR L 93 -98.27 15.21 -41.31
N PRO L 94 -97.99 15.80 -40.14
CA PRO L 94 -97.49 17.18 -40.12
C PRO L 94 -96.12 17.34 -40.74
N TRP L 95 -95.41 16.25 -40.97
CA TRP L 95 -94.01 16.31 -41.37
C TRP L 95 -93.87 16.60 -42.86
N SER L 96 -92.76 17.24 -43.19
CA SER L 96 -92.30 17.43 -44.56
C SER L 96 -90.94 16.78 -44.67
N TYR L 97 -90.50 16.49 -45.89
CA TYR L 97 -89.26 15.76 -46.04
C TYR L 97 -88.45 16.30 -47.21
N PHE L 98 -87.15 16.05 -47.14
CA PHE L 98 -86.21 16.41 -48.19
C PHE L 98 -86.02 15.22 -49.12
N ASN L 99 -86.35 15.40 -50.39
CA ASN L 99 -86.08 14.40 -51.42
C ASN L 99 -84.90 14.87 -52.24
N PHE L 100 -83.78 14.18 -52.12
CA PHE L 100 -82.58 14.50 -52.89
C PHE L 100 -82.40 13.65 -54.12
N ASN L 101 -83.37 12.79 -54.45
CA ASN L 101 -83.15 11.73 -55.41
C ASN L 101 -83.51 12.21 -56.80
N GLN L 102 -82.49 12.51 -57.59
CA GLN L 102 -82.55 12.81 -59.02
C GLN L 102 -81.16 13.21 -59.44
N TYR L 103 -80.86 13.08 -60.72
CA TYR L 103 -79.55 13.53 -61.18
C TYR L 103 -79.54 15.02 -61.48
N SER L 104 -80.59 15.52 -62.11
CA SER L 104 -80.63 16.91 -62.51
C SER L 104 -80.54 17.86 -61.32
N SER L 105 -80.73 17.37 -60.10
CA SER L 105 -80.58 18.21 -58.94
C SER L 105 -79.12 18.44 -58.61
N HIS L 106 -78.29 17.40 -58.75
CA HIS L 106 -76.90 17.47 -58.34
C HIS L 106 -75.93 17.83 -59.45
N PHE L 107 -76.38 17.86 -60.70
CA PHE L 107 -75.49 18.09 -61.83
C PHE L 107 -76.04 19.20 -62.70
N SER L 108 -75.23 20.22 -62.94
CA SER L 108 -75.57 21.20 -63.94
C SER L 108 -75.56 20.53 -65.31
N PRO L 109 -76.27 21.11 -66.28
CA PRO L 109 -76.20 20.55 -67.64
C PRO L 109 -74.81 20.44 -68.19
N GLN L 110 -73.84 21.21 -67.69
CA GLN L 110 -72.46 20.97 -68.08
C GLN L 110 -71.76 19.92 -67.22
N ASP L 111 -71.97 19.91 -65.91
CA ASP L 111 -71.36 18.88 -65.09
C ASP L 111 -71.78 17.50 -65.56
N TRP L 112 -73.08 17.25 -65.60
CA TRP L 112 -73.59 16.22 -66.47
C TRP L 112 -73.18 16.58 -67.88
N GLN L 113 -72.83 15.59 -68.69
CA GLN L 113 -72.15 15.77 -69.98
C GLN L 113 -70.67 16.02 -69.83
N ARG L 114 -70.20 16.45 -68.68
CA ARG L 114 -68.77 16.31 -68.46
C ARG L 114 -68.43 14.92 -68.00
N LEU L 115 -69.26 14.31 -67.15
CA LEU L 115 -69.05 12.90 -66.82
C LEU L 115 -69.63 11.98 -67.88
N THR L 116 -70.75 12.33 -68.46
CA THR L 116 -71.34 11.46 -69.48
C THR L 116 -70.41 11.31 -70.66
N ASN L 117 -69.65 12.36 -70.99
CA ASN L 117 -68.69 12.26 -72.07
C ASN L 117 -67.39 11.61 -71.62
N GLU L 118 -66.92 11.95 -70.43
CA GLU L 118 -65.55 11.63 -70.06
C GLU L 118 -65.37 10.38 -69.20
N TYR L 119 -66.44 9.68 -68.84
CA TYR L 119 -66.26 8.57 -67.91
C TYR L 119 -67.09 7.35 -68.30
N LYS L 120 -66.52 6.17 -68.02
CA LYS L 120 -67.25 4.91 -68.23
C LYS L 120 -68.42 4.79 -67.29
N ARG L 121 -68.19 4.99 -66.00
CA ARG L 121 -69.16 4.58 -65.02
C ARG L 121 -68.99 5.42 -63.78
N PHE L 122 -70.06 5.52 -63.01
CA PHE L 122 -70.03 6.30 -61.79
C PHE L 122 -71.08 5.76 -60.86
N ARG L 123 -70.83 5.92 -59.56
CA ARG L 123 -71.83 5.63 -58.56
C ARG L 123 -71.61 6.59 -57.42
N PRO L 124 -72.66 7.01 -56.73
CA PRO L 124 -72.45 7.91 -55.59
C PRO L 124 -71.73 7.17 -54.48
N LYS L 125 -70.64 7.76 -54.00
CA LYS L 125 -69.87 7.16 -52.92
C LYS L 125 -70.42 7.52 -51.56
N GLY L 126 -70.78 8.78 -51.36
CA GLY L 126 -71.23 9.25 -50.06
C GLY L 126 -72.06 10.49 -50.23
N MET L 127 -72.63 10.94 -49.12
CA MET L 127 -73.54 12.08 -49.14
C MET L 127 -73.44 12.80 -47.81
N HIS L 128 -73.48 14.13 -47.86
CA HIS L 128 -73.35 14.94 -46.66
C HIS L 128 -74.33 16.09 -46.78
N VAL L 129 -75.24 16.21 -45.81
CA VAL L 129 -76.31 17.18 -45.87
C VAL L 129 -76.23 18.06 -44.64
N LYS L 130 -76.47 19.35 -44.82
CA LYS L 130 -76.39 20.31 -43.73
C LYS L 130 -77.59 21.24 -43.80
N ILE L 131 -78.38 21.25 -42.73
CA ILE L 131 -79.42 22.25 -42.53
C ILE L 131 -78.78 23.38 -41.74
N TYR L 132 -79.02 24.62 -42.16
CA TYR L 132 -78.45 25.74 -41.43
C TYR L 132 -79.15 27.01 -41.88
N ASN L 133 -78.78 28.12 -41.24
CA ASN L 133 -79.35 29.42 -41.53
C ASN L 133 -80.87 29.39 -41.46
N LEU L 134 -81.40 28.86 -40.36
CA LEU L 134 -82.83 28.70 -40.22
C LEU L 134 -83.48 30.02 -39.85
N GLN L 135 -84.75 30.17 -40.20
CA GLN L 135 -85.53 31.36 -39.90
C GLN L 135 -86.96 30.95 -39.62
N ILE L 136 -87.56 31.50 -38.56
CA ILE L 136 -88.96 31.26 -38.24
C ILE L 136 -89.66 32.60 -38.34
N LYS L 137 -90.58 32.76 -39.29
CA LYS L 137 -91.04 34.09 -39.62
C LYS L 137 -92.41 34.48 -39.07
N GLN L 138 -93.16 33.58 -38.44
CA GLN L 138 -94.36 33.99 -37.72
C GLN L 138 -95.36 34.73 -38.62
N ILE L 139 -96.05 33.97 -39.47
CA ILE L 139 -97.10 34.56 -40.29
C ILE L 139 -98.12 35.28 -39.43
N LEU L 140 -98.51 36.48 -39.86
CA LEU L 140 -99.65 37.19 -39.28
C LEU L 140 -100.61 37.61 -40.36
N SER L 141 -101.89 37.70 -40.00
CA SER L 141 -102.93 38.18 -40.89
C SER L 141 -103.82 39.15 -40.14
N ASN L 142 -103.87 40.39 -40.62
CA ASN L 142 -104.80 41.39 -40.12
C ASN L 142 -106.09 41.38 -40.94
N GLY L 143 -106.23 40.42 -41.83
CA GLY L 143 -107.22 40.41 -42.88
C GLY L 143 -106.58 40.92 -44.15
N ALA L 144 -106.95 40.32 -45.28
CA ALA L 144 -106.28 40.50 -46.56
C ALA L 144 -104.77 40.32 -46.33
N ASP L 145 -103.90 41.07 -47.02
CA ASP L 145 -102.49 41.32 -46.73
C ASP L 145 -101.71 40.10 -46.22
N THR L 146 -100.77 40.37 -45.32
CA THR L 146 -100.04 39.48 -44.40
C THR L 146 -98.93 40.31 -43.77
N THR L 147 -98.38 39.84 -42.66
CA THR L 147 -97.16 40.43 -42.13
C THR L 147 -96.32 39.31 -41.53
N TYR L 148 -95.01 39.53 -41.52
CA TYR L 148 -94.06 38.54 -41.02
C TYR L 148 -93.18 39.25 -40.00
N ASN L 149 -93.31 38.87 -38.73
CA ASN L 149 -92.63 39.61 -37.67
C ASN L 149 -91.24 39.05 -37.43
N ASN L 150 -90.80 38.15 -38.29
CA ASN L 150 -89.73 37.22 -37.98
C ASN L 150 -90.15 36.48 -36.72
N ASP L 151 -89.19 36.11 -35.89
CA ASP L 151 -89.49 35.43 -34.64
C ASP L 151 -88.16 35.00 -34.04
N LEU L 152 -88.17 34.78 -32.74
CA LEU L 152 -87.12 34.07 -32.06
C LEU L 152 -87.81 33.14 -31.08
N THR L 153 -87.02 32.39 -30.31
CA THR L 153 -87.55 31.43 -29.37
C THR L 153 -88.58 30.51 -30.03
N ALA L 154 -88.30 30.06 -31.25
CA ALA L 154 -89.12 29.09 -31.95
C ALA L 154 -88.22 27.97 -32.44
N GLY L 155 -88.81 26.87 -32.90
CA GLY L 155 -88.07 25.67 -33.14
C GLY L 155 -88.56 24.91 -34.35
N VAL L 156 -87.72 23.99 -34.79
CA VAL L 156 -87.96 23.17 -35.96
C VAL L 156 -87.48 21.77 -35.65
N HIS L 157 -88.35 20.79 -35.85
CA HIS L 157 -87.99 19.40 -35.67
C HIS L 157 -87.30 18.90 -36.92
N ILE L 158 -86.21 18.17 -36.75
CA ILE L 158 -85.48 17.59 -37.88
C ILE L 158 -85.13 16.16 -37.52
N PHE L 159 -85.55 15.22 -38.35
CA PHE L 159 -85.43 13.81 -38.07
C PHE L 159 -84.92 13.09 -39.31
N CYS L 160 -84.02 12.14 -39.12
CA CYS L 160 -83.44 11.36 -40.20
C CYS L 160 -83.63 9.87 -39.93
N ASP L 161 -83.71 9.08 -40.99
CA ASP L 161 -83.82 7.64 -40.88
C ASP L 161 -82.47 6.98 -41.18
N GLY L 162 -81.82 6.45 -40.16
CA GLY L 162 -80.67 5.62 -40.42
C GLY L 162 -81.05 4.17 -40.51
N GLU L 163 -82.15 3.81 -39.85
CA GLU L 163 -82.62 2.43 -39.84
C GLU L 163 -83.59 2.13 -40.95
N HIS L 164 -84.12 3.16 -41.61
CA HIS L 164 -85.24 3.05 -42.54
C HIS L 164 -86.44 2.36 -41.94
N ALA L 165 -86.61 2.45 -40.63
CA ALA L 165 -87.94 2.35 -40.07
C ALA L 165 -88.76 3.52 -40.59
N TYR L 166 -90.08 3.38 -40.54
CA TYR L 166 -91.04 4.32 -41.10
C TYR L 166 -91.18 4.14 -42.60
N PRO L 167 -92.35 4.46 -43.14
CA PRO L 167 -92.69 4.08 -44.52
C PRO L 167 -91.89 4.74 -45.64
N ASN L 168 -91.00 5.70 -45.35
CA ASN L 168 -90.07 6.31 -46.30
C ASN L 168 -90.73 6.81 -47.60
N ALA L 169 -91.31 8.01 -47.53
CA ALA L 169 -92.10 8.57 -48.63
C ALA L 169 -91.41 8.44 -49.99
N THR L 170 -90.10 8.62 -50.05
CA THR L 170 -89.41 8.78 -51.32
C THR L 170 -89.75 7.65 -52.28
N HIS L 171 -90.23 8.02 -53.45
CA HIS L 171 -90.50 7.17 -54.60
C HIS L 171 -89.69 7.74 -55.75
N PRO L 172 -89.14 6.88 -56.61
CA PRO L 172 -88.16 7.39 -57.59
C PRO L 172 -88.59 8.61 -58.39
N TRP L 173 -89.76 8.61 -58.98
CA TRP L 173 -90.09 9.70 -59.90
C TRP L 173 -90.67 10.88 -59.13
N ASP L 174 -91.91 10.73 -58.66
CA ASP L 174 -92.58 11.74 -57.84
C ASP L 174 -92.44 13.08 -58.57
N GLU L 175 -92.06 14.13 -57.87
CA GLU L 175 -92.03 15.50 -58.35
C GLU L 175 -90.79 16.09 -57.70
N ASP L 176 -90.69 17.42 -57.72
CA ASP L 176 -89.91 18.17 -56.73
C ASP L 176 -88.48 17.65 -56.70
N VAL L 177 -88.05 16.96 -55.65
CA VAL L 177 -86.65 16.71 -55.32
C VAL L 177 -86.08 18.11 -55.17
N MET L 178 -84.82 18.30 -55.49
CA MET L 178 -84.28 19.65 -55.45
C MET L 178 -84.60 20.31 -56.78
N PRO L 179 -84.85 21.61 -56.80
CA PRO L 179 -84.99 22.27 -58.10
C PRO L 179 -83.67 22.15 -58.83
N GLU L 180 -83.73 21.69 -60.07
CA GLU L 180 -82.52 21.47 -60.84
C GLU L 180 -81.67 22.72 -60.91
N LEU L 181 -82.28 23.87 -60.67
CA LEU L 181 -81.68 25.17 -60.82
C LEU L 181 -81.52 25.79 -59.45
N PRO L 182 -80.33 26.17 -58.98
CA PRO L 182 -80.23 26.81 -57.67
C PRO L 182 -80.94 28.15 -57.65
N TYR L 183 -80.82 28.91 -56.56
CA TYR L 183 -81.48 30.20 -56.36
C TYR L 183 -82.99 30.06 -56.42
N GLN L 184 -83.47 28.89 -56.79
CA GLN L 184 -84.89 28.61 -56.88
C GLN L 184 -85.32 28.01 -55.56
N THR L 185 -86.20 28.69 -54.84
CA THR L 185 -86.58 28.23 -53.53
C THR L 185 -87.25 26.87 -53.61
N TRP L 186 -87.04 26.04 -52.60
CA TRP L 186 -87.45 24.66 -52.63
C TRP L 186 -88.56 24.42 -51.63
N TYR L 187 -89.76 24.22 -52.13
CA TYR L 187 -90.91 24.00 -51.26
C TYR L 187 -90.99 22.52 -50.93
N LEU L 188 -91.00 22.21 -49.65
CA LEU L 188 -91.10 20.84 -49.19
C LEU L 188 -92.51 20.33 -49.35
N PHE L 189 -92.64 19.01 -49.33
CA PHE L 189 -93.91 18.32 -49.53
C PHE L 189 -94.25 17.47 -48.32
N GLN L 190 -95.55 17.33 -48.08
CA GLN L 190 -96.02 16.66 -46.88
C GLN L 190 -95.68 15.18 -46.93
N TYR L 191 -95.36 14.62 -45.77
CA TYR L 191 -95.06 13.21 -45.66
C TYR L 191 -96.33 12.42 -45.40
N GLY L 192 -96.53 11.36 -46.18
CA GLY L 192 -97.67 10.49 -46.01
C GLY L 192 -97.29 9.10 -46.44
N TYR L 193 -98.17 8.15 -46.13
CA TYR L 193 -97.89 6.78 -46.50
C TYR L 193 -99.18 6.00 -46.56
N ILE L 194 -99.14 4.89 -47.31
CA ILE L 194 -100.29 4.00 -47.41
C ILE L 194 -100.21 2.98 -46.27
N PRO L 195 -101.09 3.03 -45.28
CA PRO L 195 -101.07 1.98 -44.25
C PRO L 195 -101.47 0.62 -44.79
N VAL L 196 -102.56 0.55 -45.55
CA VAL L 196 -103.08 -0.69 -46.11
C VAL L 196 -103.90 -0.36 -47.35
N ILE L 197 -103.98 -1.32 -48.28
CA ILE L 197 -104.85 -1.20 -49.44
C ILE L 197 -106.26 -0.85 -48.98
N HIS L 198 -106.84 0.18 -49.59
CA HIS L 198 -108.15 0.64 -49.14
C HIS L 198 -109.22 -0.43 -49.34
N GLU L 199 -109.36 -0.91 -50.57
CA GLU L 199 -110.11 -2.14 -50.74
C GLU L 199 -109.41 -3.24 -49.96
N LEU L 200 -110.15 -4.29 -49.61
CA LEU L 200 -109.62 -5.27 -48.67
C LEU L 200 -109.39 -4.61 -47.30
N ALA L 201 -110.47 -4.53 -46.51
CA ALA L 201 -110.71 -3.62 -45.39
C ALA L 201 -111.62 -2.44 -45.70
N GLU L 202 -112.19 -2.39 -46.91
CA GLU L 202 -113.14 -1.32 -47.22
C GLU L 202 -114.23 -1.05 -46.15
N MET L 203 -114.89 -2.05 -45.53
CA MET L 203 -114.93 -3.46 -45.90
C MET L 203 -116.40 -3.82 -46.13
N GLU L 204 -116.66 -4.89 -46.86
CA GLU L 204 -118.03 -5.18 -47.26
C GLU L 204 -118.69 -6.16 -46.31
N ASP L 205 -119.62 -5.64 -45.49
CA ASP L 205 -120.48 -6.45 -44.63
C ASP L 205 -119.68 -7.48 -43.84
N SER L 206 -120.26 -8.67 -43.68
CA SER L 206 -119.53 -9.89 -43.30
C SER L 206 -118.54 -9.56 -42.11
N ASN L 207 -117.20 -9.71 -42.13
CA ASN L 207 -116.32 -10.36 -43.10
C ASN L 207 -115.30 -11.23 -42.39
N ALA L 208 -114.50 -10.57 -41.56
CA ALA L 208 -113.48 -11.14 -40.68
C ALA L 208 -112.21 -11.51 -41.44
N VAL L 209 -112.31 -11.62 -42.76
CA VAL L 209 -111.08 -11.68 -43.58
C VAL L 209 -110.57 -10.28 -43.88
N GLU L 210 -111.48 -9.33 -44.13
CA GLU L 210 -111.06 -7.94 -44.25
C GLU L 210 -111.13 -7.21 -42.93
N LYS L 211 -111.78 -7.81 -41.92
CA LYS L 211 -111.67 -7.27 -40.57
C LYS L 211 -110.23 -7.35 -40.10
N ALA L 212 -109.65 -8.54 -40.15
CA ALA L 212 -108.20 -8.62 -40.18
C ALA L 212 -107.72 -7.95 -41.46
N ILE L 213 -106.49 -7.43 -41.40
CA ILE L 213 -105.88 -6.56 -42.40
C ILE L 213 -106.42 -5.16 -42.25
N CYS L 214 -107.62 -5.01 -41.67
CA CYS L 214 -108.04 -3.70 -41.19
C CYS L 214 -107.55 -3.48 -39.77
N LEU L 215 -107.65 -4.49 -38.92
CA LEU L 215 -107.13 -4.39 -37.57
C LEU L 215 -105.62 -4.28 -37.56
N GLN L 216 -104.96 -4.84 -38.56
CA GLN L 216 -103.51 -4.92 -38.52
C GLN L 216 -102.84 -3.72 -39.16
N ILE L 217 -103.60 -2.73 -39.61
CA ILE L 217 -102.96 -1.63 -40.33
C ILE L 217 -102.03 -0.95 -39.33
N PRO L 218 -100.75 -0.83 -39.63
CA PRO L 218 -99.83 -0.18 -38.70
C PRO L 218 -100.00 1.33 -38.78
N PHE L 219 -99.66 1.97 -37.68
CA PHE L 219 -99.73 3.42 -37.59
C PHE L 219 -98.39 3.94 -37.11
N PHE L 220 -97.70 4.65 -37.98
CA PHE L 220 -96.36 5.13 -37.70
C PHE L 220 -96.41 6.61 -37.38
N MET L 221 -95.54 7.03 -36.47
CA MET L 221 -95.49 8.39 -36.01
C MET L 221 -94.03 8.78 -35.90
N LEU L 222 -93.69 9.96 -36.36
CA LEU L 222 -92.31 10.38 -36.30
C LEU L 222 -91.94 10.98 -34.97
N GLU L 223 -92.85 10.97 -34.00
CA GLU L 223 -92.49 11.53 -32.71
C GLU L 223 -91.66 10.53 -31.95
N ASN L 224 -92.25 9.47 -31.37
CA ASN L 224 -91.57 8.19 -31.23
C ASN L 224 -90.08 8.33 -31.05
N SER L 225 -89.31 7.77 -31.99
CA SER L 225 -87.86 7.90 -31.97
C SER L 225 -87.45 9.37 -31.90
N ASP L 226 -86.40 9.63 -31.12
CA ASP L 226 -86.00 10.99 -30.82
C ASP L 226 -85.43 11.69 -32.04
N HIS L 227 -85.45 13.01 -32.01
CA HIS L 227 -84.95 13.84 -33.08
C HIS L 227 -84.63 15.22 -32.54
N GLU L 228 -83.88 15.98 -33.33
CA GLU L 228 -83.39 17.27 -32.88
C GLU L 228 -84.38 18.37 -33.18
N VAL L 229 -84.49 19.32 -32.25
CA VAL L 229 -85.18 20.57 -32.48
C VAL L 229 -84.11 21.64 -32.61
N LEU L 230 -84.38 22.65 -33.44
CA LEU L 230 -83.40 23.69 -33.70
C LEU L 230 -84.07 25.05 -33.61
N ARG L 231 -83.48 25.95 -32.83
CA ARG L 231 -83.83 27.34 -33.00
C ARG L 231 -83.01 27.90 -34.16
N THR L 232 -83.02 29.22 -34.30
CA THR L 232 -82.32 29.84 -35.43
C THR L 232 -80.82 29.55 -35.42
N GLY L 233 -80.13 29.92 -34.34
CA GLY L 233 -78.68 29.84 -34.35
C GLY L 233 -78.11 28.45 -34.56
N GLU L 234 -78.89 27.42 -34.30
CA GLU L 234 -78.41 26.05 -34.42
C GLU L 234 -78.50 25.55 -35.85
N SER L 235 -77.69 24.54 -36.15
CA SER L 235 -77.73 23.82 -37.42
C SER L 235 -77.65 22.32 -37.17
N THR L 236 -77.60 21.55 -38.26
CA THR L 236 -77.51 20.11 -38.16
C THR L 236 -76.81 19.58 -39.40
N GLU L 237 -76.05 18.49 -39.22
CA GLU L 237 -75.42 17.79 -40.32
C GLU L 237 -75.93 16.36 -40.38
N PHE L 238 -75.87 15.78 -41.57
CA PHE L 238 -76.16 14.38 -41.76
C PHE L 238 -75.20 13.81 -42.78
N THR L 239 -74.76 12.58 -42.57
CA THR L 239 -73.90 11.90 -43.52
C THR L 239 -74.56 10.61 -43.98
N PHE L 240 -74.12 10.13 -45.13
CA PHE L 240 -74.63 8.88 -45.67
C PHE L 240 -73.52 8.20 -46.44
N ASN L 241 -73.53 6.88 -46.40
CA ASN L 241 -72.62 6.07 -47.20
C ASN L 241 -73.45 5.11 -48.01
N PHE L 242 -72.93 4.73 -49.18
CA PHE L 242 -73.69 3.96 -50.14
C PHE L 242 -72.99 2.65 -50.42
N ASP L 243 -73.70 1.55 -50.19
CA ASP L 243 -73.38 0.28 -50.83
C ASP L 243 -74.21 0.24 -52.09
N CYS L 244 -73.56 0.37 -53.24
CA CYS L 244 -74.25 0.83 -54.43
C CYS L 244 -73.61 0.22 -55.66
N GLU L 245 -74.43 -0.08 -56.65
CA GLU L 245 -73.97 -0.64 -57.91
C GLU L 245 -73.61 0.48 -58.88
N TRP L 246 -72.56 0.24 -59.67
CA TRP L 246 -72.17 1.19 -60.69
C TRP L 246 -73.30 1.37 -61.69
N ILE L 247 -73.42 2.57 -62.25
CA ILE L 247 -74.22 2.80 -63.43
C ILE L 247 -73.26 3.09 -64.58
N ASN L 248 -73.39 2.33 -65.65
CA ASN L 248 -72.36 2.28 -66.68
C ASN L 248 -72.75 3.14 -67.87
N ASN L 249 -71.86 4.06 -68.23
CA ASN L 249 -71.96 4.82 -69.46
C ASN L 249 -71.01 4.18 -70.45
N GLU L 250 -71.56 3.47 -71.42
CA GLU L 250 -70.85 2.59 -72.34
C GLU L 250 -71.85 2.11 -73.36
N ARG L 251 -71.34 1.64 -74.48
CA ARG L 251 -72.19 1.28 -75.60
C ARG L 251 -71.64 0.02 -76.25
N ALA L 252 -72.52 -0.94 -76.50
CA ALA L 252 -72.15 -2.11 -77.25
C ALA L 252 -72.44 -1.84 -78.72
N TYR L 253 -71.39 -1.88 -79.54
CA TYR L 253 -71.55 -1.61 -80.96
C TYR L 253 -72.14 -2.79 -81.72
N ILE L 254 -72.20 -3.97 -81.10
CA ILE L 254 -72.83 -5.15 -81.71
C ILE L 254 -73.61 -5.90 -80.65
N PRO L 255 -74.60 -6.68 -81.05
CA PRO L 255 -75.26 -7.58 -80.12
C PRO L 255 -74.26 -8.57 -79.56
N PRO L 256 -74.53 -9.13 -78.37
CA PRO L 256 -73.59 -10.11 -77.83
C PRO L 256 -73.50 -11.38 -78.65
N GLY L 257 -74.56 -11.73 -79.37
CA GLY L 257 -74.51 -12.90 -80.22
C GLY L 257 -73.81 -12.68 -81.54
N LEU L 258 -73.39 -11.47 -81.84
CA LEU L 258 -72.74 -11.14 -83.09
C LEU L 258 -71.23 -11.20 -82.98
N MET L 259 -70.71 -11.67 -81.85
CA MET L 259 -69.26 -11.71 -81.62
C MET L 259 -68.73 -13.03 -82.15
N PHE L 260 -67.97 -12.96 -83.24
CA PHE L 260 -67.30 -14.12 -83.81
C PHE L 260 -66.53 -13.64 -85.04
N ASN L 261 -65.59 -14.45 -85.46
CA ASN L 261 -64.87 -14.15 -86.68
C ASN L 261 -65.62 -14.77 -87.84
N PRO L 262 -66.29 -13.98 -88.67
CA PRO L 262 -67.11 -14.55 -89.73
C PRO L 262 -66.29 -15.15 -90.85
N LEU L 263 -64.99 -14.84 -90.91
CA LEU L 263 -64.14 -15.43 -91.92
C LEU L 263 -63.93 -16.92 -91.67
N VAL L 264 -63.76 -17.30 -90.41
CA VAL L 264 -63.39 -18.67 -90.09
C VAL L 264 -64.61 -19.57 -90.22
N PRO L 265 -64.51 -20.72 -90.88
CA PRO L 265 -65.64 -21.65 -90.93
C PRO L 265 -65.92 -22.22 -89.54
N THR L 266 -67.12 -22.76 -89.40
CA THR L 266 -67.54 -23.31 -88.12
C THR L 266 -67.75 -24.80 -88.24
N ARG L 267 -67.52 -25.51 -87.14
CA ARG L 267 -67.89 -26.91 -87.06
C ARG L 267 -69.19 -27.06 -86.30
N ARG L 268 -70.27 -27.26 -87.04
CA ARG L 268 -71.63 -27.30 -86.52
C ARG L 268 -72.53 -27.66 -87.68
N ALA L 269 -73.76 -28.09 -87.42
CA ALA L 269 -74.64 -28.47 -88.50
C ALA L 269 -76.07 -28.09 -88.16
N GLN L 270 -76.87 -27.94 -89.20
CA GLN L 270 -78.27 -27.58 -89.09
C GLN L 270 -79.09 -28.71 -89.70
N TYR L 271 -79.83 -29.43 -88.87
CA TYR L 271 -80.87 -30.31 -89.37
C TYR L 271 -82.14 -29.47 -89.46
N ILE L 272 -82.85 -29.61 -90.56
CA ILE L 272 -84.09 -28.88 -90.77
C ILE L 272 -85.20 -29.87 -91.07
N ARG L 273 -86.27 -29.82 -90.28
CA ARG L 273 -87.36 -30.77 -90.42
C ARG L 273 -88.02 -30.65 -91.79
N ARG L 274 -88.66 -31.74 -92.22
CA ARG L 274 -89.52 -31.69 -93.39
C ARG L 274 -90.51 -30.54 -93.27
N ASN L 275 -90.63 -29.76 -94.33
CA ASN L 275 -91.34 -28.50 -94.21
C ASN L 275 -92.86 -28.69 -94.19
N ASN L 276 -93.35 -29.77 -94.78
CA ASN L 276 -94.78 -30.08 -94.80
C ASN L 276 -95.57 -28.88 -95.33
N ASN L 277 -95.47 -28.68 -96.63
CA ASN L 277 -95.88 -27.46 -97.35
C ASN L 277 -94.88 -26.36 -96.97
N PRO L 278 -94.55 -25.47 -97.93
CA PRO L 278 -94.77 -25.67 -99.37
C PRO L 278 -93.99 -26.84 -99.97
N GLN L 279 -92.70 -26.95 -99.64
CA GLN L 279 -91.79 -27.79 -100.38
C GLN L 279 -90.49 -27.93 -99.59
N THR L 280 -89.41 -28.40 -100.22
CA THR L 280 -88.08 -28.49 -99.61
C THR L 280 -88.02 -29.47 -98.45
N ALA L 281 -87.95 -30.76 -98.78
CA ALA L 281 -87.84 -31.82 -97.79
C ALA L 281 -86.54 -31.67 -96.99
N GLU L 282 -86.53 -32.33 -95.83
CA GLU L 282 -85.50 -32.13 -94.81
C GLU L 282 -84.11 -32.34 -95.36
N SER L 283 -83.16 -31.56 -94.83
CA SER L 283 -81.75 -31.69 -95.19
C SER L 283 -80.90 -31.20 -94.03
N THR L 284 -79.71 -31.76 -93.91
CA THR L 284 -78.70 -31.29 -92.97
C THR L 284 -77.59 -30.59 -93.73
N SER L 285 -76.99 -29.58 -93.09
CA SER L 285 -75.97 -28.78 -93.75
C SER L 285 -75.09 -28.12 -92.71
N ARG L 286 -73.89 -27.73 -93.13
CA ARG L 286 -72.99 -27.02 -92.24
C ARG L 286 -73.40 -25.57 -92.13
N ILE L 287 -73.26 -25.02 -90.92
CA ILE L 287 -73.59 -23.63 -90.70
C ILE L 287 -72.59 -22.74 -91.42
N ALA L 288 -73.10 -21.71 -92.09
CA ALA L 288 -72.26 -20.83 -92.86
C ALA L 288 -71.23 -20.15 -91.97
N PRO L 289 -70.08 -19.74 -92.54
CA PRO L 289 -69.05 -19.11 -91.70
C PRO L 289 -69.55 -17.84 -91.04
N TYR L 290 -70.19 -16.97 -91.81
CA TYR L 290 -70.98 -15.89 -91.24
C TYR L 290 -72.19 -16.48 -90.54
N ALA L 291 -72.79 -15.69 -89.65
CA ALA L 291 -74.03 -16.08 -88.99
C ALA L 291 -73.88 -17.39 -88.24
N LYS L 292 -72.88 -17.45 -87.39
CA LYS L 292 -72.72 -18.59 -86.53
C LYS L 292 -73.73 -18.52 -85.38
N PRO L 293 -74.16 -19.67 -84.87
CA PRO L 293 -75.11 -19.66 -83.76
C PRO L 293 -74.46 -19.07 -82.52
N THR L 294 -75.31 -18.73 -81.57
CA THR L 294 -74.84 -18.08 -80.36
C THR L 294 -75.52 -18.64 -79.13
N SER L 295 -74.84 -18.48 -78.01
CA SER L 295 -75.45 -18.44 -76.70
C SER L 295 -76.01 -17.04 -76.48
N TRP L 296 -76.25 -16.71 -75.22
CA TRP L 296 -76.52 -15.32 -74.89
C TRP L 296 -77.85 -14.84 -75.45
N MET L 297 -78.90 -15.31 -74.80
CA MET L 297 -80.29 -14.95 -74.98
C MET L 297 -80.52 -13.47 -74.68
N THR L 298 -81.60 -12.94 -75.21
CA THR L 298 -81.96 -11.54 -74.98
C THR L 298 -82.52 -11.35 -73.58
N GLY L 299 -82.44 -10.12 -73.09
CA GLY L 299 -82.98 -9.77 -71.81
C GLY L 299 -84.48 -9.90 -71.76
N PRO L 300 -85.02 -10.04 -70.56
CA PRO L 300 -86.46 -10.31 -70.42
C PRO L 300 -87.29 -9.06 -70.57
N GLY L 301 -88.55 -9.26 -70.97
CA GLY L 301 -89.52 -8.18 -71.08
C GLY L 301 -90.90 -8.77 -71.07
N LEU L 302 -91.90 -7.91 -70.92
CA LEU L 302 -93.30 -8.29 -71.07
C LEU L 302 -93.96 -7.35 -72.05
N LEU L 303 -94.23 -7.82 -73.27
CA LEU L 303 -94.80 -7.00 -74.31
C LEU L 303 -96.27 -7.26 -74.63
N SER L 304 -96.93 -8.22 -74.00
CA SER L 304 -98.24 -8.62 -74.53
C SER L 304 -99.36 -7.68 -74.09
N ALA L 305 -99.28 -7.20 -72.85
CA ALA L 305 -100.38 -6.49 -72.22
C ALA L 305 -100.62 -5.12 -72.85
N GLN L 306 -101.79 -4.55 -72.56
CA GLN L 306 -102.13 -3.20 -72.95
C GLN L 306 -102.75 -2.49 -71.76
N ARG L 307 -102.43 -1.20 -71.61
CA ARG L 307 -103.01 -0.43 -70.51
C ARG L 307 -104.53 -0.44 -70.59
N VAL L 308 -105.16 -0.51 -69.44
CA VAL L 308 -106.57 -0.86 -69.33
C VAL L 308 -107.38 0.29 -68.76
N GLY L 309 -108.25 0.84 -69.61
CA GLY L 309 -109.30 1.72 -69.14
C GLY L 309 -108.91 3.17 -69.05
N PRO L 310 -109.74 3.97 -68.38
CA PRO L 310 -109.53 5.42 -68.36
C PRO L 310 -108.40 5.81 -67.44
N ALA L 311 -107.86 7.00 -67.70
CA ALA L 311 -106.83 7.56 -66.83
C ALA L 311 -107.42 7.87 -65.47
N THR L 312 -106.53 8.01 -64.49
CA THR L 312 -106.78 8.20 -63.05
C THR L 312 -107.24 6.90 -62.41
N SER L 313 -107.45 5.84 -63.18
CA SER L 313 -107.80 4.53 -62.67
C SER L 313 -106.60 3.63 -62.46
N ASP L 314 -105.38 4.15 -62.61
CA ASP L 314 -104.15 3.36 -62.55
C ASP L 314 -104.11 2.30 -63.65
N THR L 315 -103.86 2.75 -64.88
CA THR L 315 -103.72 1.80 -65.97
C THR L 315 -102.24 1.45 -66.13
N GLY L 316 -101.88 0.24 -65.72
CA GLY L 316 -100.48 -0.16 -65.80
C GLY L 316 -100.14 -1.17 -66.87
N ALA L 317 -101.16 -1.79 -67.44
CA ALA L 317 -101.12 -2.95 -68.34
C ALA L 317 -100.66 -4.21 -67.61
N TRP L 318 -100.02 -4.09 -66.46
CA TRP L 318 -99.71 -5.23 -65.61
C TRP L 318 -99.99 -4.80 -64.19
N MET L 319 -100.96 -5.45 -63.54
CA MET L 319 -101.29 -5.15 -62.16
C MET L 319 -100.79 -6.29 -61.30
N VAL L 320 -100.04 -5.96 -60.25
CA VAL L 320 -99.50 -6.99 -59.38
C VAL L 320 -100.54 -7.47 -58.38
N ALA L 321 -101.28 -6.54 -57.78
CA ALA L 321 -102.33 -6.81 -56.82
C ALA L 321 -101.93 -7.76 -55.69
N VAL L 322 -102.93 -8.43 -55.11
CA VAL L 322 -102.74 -9.42 -54.05
C VAL L 322 -103.67 -10.61 -54.24
N LYS L 323 -104.97 -10.36 -54.16
CA LYS L 323 -106.00 -11.40 -54.16
C LYS L 323 -105.86 -12.39 -53.00
N PRO L 324 -106.12 -11.98 -51.77
CA PRO L 324 -106.33 -12.96 -50.71
C PRO L 324 -107.53 -13.83 -51.01
N GLU L 325 -107.58 -14.99 -50.37
CA GLU L 325 -108.42 -16.08 -50.87
C GLU L 325 -109.89 -15.73 -50.82
N ASN L 326 -110.34 -15.10 -49.72
CA ASN L 326 -111.73 -14.67 -49.68
C ASN L 326 -111.84 -13.16 -49.89
N ALA L 327 -111.56 -12.40 -48.84
CA ALA L 327 -111.66 -10.94 -48.79
C ALA L 327 -113.01 -10.52 -49.36
N SER L 328 -113.02 -9.41 -50.07
CA SER L 328 -114.08 -9.03 -51.00
C SER L 328 -113.49 -7.95 -51.89
N ILE L 329 -114.05 -7.81 -53.08
CA ILE L 329 -113.48 -6.89 -54.06
C ILE L 329 -114.61 -6.21 -54.81
N ASP L 330 -114.45 -4.91 -55.00
CA ASP L 330 -115.36 -4.09 -55.80
C ASP L 330 -115.03 -4.31 -57.27
N THR L 331 -115.54 -3.47 -58.15
CA THR L 331 -115.05 -3.47 -59.52
C THR L 331 -113.54 -3.39 -59.51
N GLY L 332 -112.90 -4.22 -60.32
CA GLY L 332 -111.47 -4.40 -60.23
C GLY L 332 -111.05 -5.75 -59.72
N MET L 333 -109.78 -6.20 -59.87
CA MET L 333 -108.65 -5.54 -60.56
C MET L 333 -108.47 -4.04 -60.23
N SER L 334 -108.48 -3.19 -61.25
CA SER L 334 -108.47 -1.73 -61.07
C SER L 334 -107.26 -1.26 -60.21
N GLY L 335 -107.33 -0.69 -58.99
CA GLY L 335 -108.36 -0.81 -57.95
C GLY L 335 -107.86 -1.68 -56.81
N ILE L 336 -106.91 -2.55 -57.13
CA ILE L 336 -106.08 -3.22 -56.14
C ILE L 336 -104.70 -3.38 -56.76
N GLY L 337 -103.67 -3.31 -55.92
CA GLY L 337 -102.33 -3.43 -56.41
C GLY L 337 -101.89 -2.29 -57.30
N SER L 338 -100.71 -2.47 -57.90
CA SER L 338 -100.01 -1.40 -58.57
C SER L 338 -99.73 -1.78 -60.01
N GLY L 339 -99.71 -0.78 -60.90
CA GLY L 339 -99.30 -1.03 -62.26
C GLY L 339 -97.79 -1.19 -62.36
N PHE L 340 -97.37 -2.14 -63.17
CA PHE L 340 -95.96 -2.40 -63.40
C PHE L 340 -95.52 -1.65 -64.65
N ASP L 341 -94.54 -0.77 -64.50
CA ASP L 341 -94.17 0.15 -65.56
C ASP L 341 -92.66 0.42 -65.53
N PRO L 342 -92.02 0.52 -66.71
CA PRO L 342 -92.38 -0.05 -68.00
C PRO L 342 -92.05 -1.52 -68.16
N PRO L 343 -93.01 -2.33 -68.58
CA PRO L 343 -92.65 -3.52 -69.35
C PRO L 343 -92.60 -3.23 -70.86
N GLN L 344 -91.68 -3.74 -71.68
CA GLN L 344 -90.26 -3.92 -71.42
C GLN L 344 -89.93 -4.78 -70.18
N GLY L 345 -88.87 -4.58 -69.37
CA GLY L 345 -87.65 -3.82 -69.62
C GLY L 345 -86.86 -4.35 -70.80
N SER L 346 -85.85 -3.59 -71.22
CA SER L 346 -85.08 -3.90 -72.41
C SER L 346 -86.02 -4.14 -73.58
N LEU L 347 -85.73 -5.17 -74.40
CA LEU L 347 -86.68 -5.77 -75.30
C LEU L 347 -87.50 -4.73 -76.05
N ALA L 348 -86.90 -4.09 -77.06
CA ALA L 348 -87.38 -2.82 -77.59
C ALA L 348 -88.89 -2.81 -77.79
N PRO L 349 -89.60 -1.78 -77.32
CA PRO L 349 -91.06 -1.82 -77.27
C PRO L 349 -91.71 -1.68 -78.63
N THR L 350 -92.99 -2.03 -78.67
CA THR L 350 -93.78 -1.92 -79.88
C THR L 350 -94.20 -0.47 -80.13
N ASN L 351 -95.06 0.06 -79.28
CA ASN L 351 -95.51 1.43 -79.49
C ASN L 351 -95.18 2.30 -78.29
N LEU L 352 -95.64 3.55 -78.36
CA LEU L 352 -95.37 4.57 -77.35
C LEU L 352 -95.81 4.12 -75.96
N GLU L 353 -96.79 3.22 -75.90
CA GLU L 353 -97.42 2.86 -74.64
C GLU L 353 -96.41 2.30 -73.64
N TYR L 354 -95.33 1.70 -74.11
CA TYR L 354 -94.30 1.13 -73.27
C TYR L 354 -93.07 2.00 -73.10
N LYS L 355 -93.07 3.20 -73.71
CA LYS L 355 -91.84 3.92 -73.98
C LYS L 355 -91.44 4.85 -72.84
N ILE L 356 -92.09 4.70 -71.68
CA ILE L 356 -92.10 5.62 -70.55
C ILE L 356 -92.58 6.97 -71.07
N GLN L 357 -92.25 8.05 -70.34
CA GLN L 357 -92.60 9.42 -70.68
C GLN L 357 -92.41 10.23 -69.40
N TRP L 358 -92.25 11.54 -69.46
CA TRP L 358 -92.46 12.37 -68.28
C TRP L 358 -92.61 13.81 -68.72
N TYR L 359 -93.18 14.63 -67.85
CA TYR L 359 -93.51 16.01 -68.24
C TYR L 359 -92.41 17.00 -67.85
N GLN L 360 -91.46 16.59 -67.02
CA GLN L 360 -90.37 17.45 -66.54
C GLN L 360 -90.84 18.83 -66.13
N THR L 361 -92.06 18.92 -65.59
CA THR L 361 -92.69 20.18 -65.25
C THR L 361 -94.04 19.89 -64.61
N PRO L 362 -94.37 20.54 -63.50
CA PRO L 362 -95.72 20.36 -62.94
C PRO L 362 -96.80 21.02 -63.76
N GLN L 363 -96.47 22.08 -64.50
CA GLN L 363 -97.47 22.74 -65.33
C GLN L 363 -97.79 21.94 -66.58
N GLY L 364 -97.09 20.83 -66.81
CA GLY L 364 -97.29 20.06 -68.01
C GLY L 364 -98.68 19.50 -68.18
N THR L 365 -99.34 19.85 -69.30
CA THR L 365 -100.65 19.33 -69.63
C THR L 365 -100.49 18.00 -70.33
N ASN L 366 -101.56 17.48 -70.93
CA ASN L 366 -101.51 16.17 -71.55
C ASN L 366 -100.37 16.07 -72.56
N ASN L 367 -100.38 16.91 -73.58
CA ASN L 367 -99.21 17.07 -74.44
C ASN L 367 -98.67 18.47 -74.27
N ASN L 368 -97.58 18.58 -73.54
CA ASN L 368 -96.79 19.76 -73.23
C ASN L 368 -95.71 19.26 -72.30
N GLY L 369 -94.57 19.93 -72.20
CA GLY L 369 -93.48 19.25 -71.53
C GLY L 369 -93.33 17.94 -72.27
N ASN L 370 -93.54 16.84 -71.55
CA ASN L 370 -93.89 15.57 -72.17
C ASN L 370 -92.76 15.00 -73.03
N ILE L 371 -91.56 14.99 -72.49
CA ILE L 371 -90.46 14.39 -73.24
C ILE L 371 -90.53 12.89 -73.10
N ILE L 372 -90.32 12.20 -74.20
CA ILE L 372 -90.55 10.76 -74.29
C ILE L 372 -89.23 10.06 -74.46
N SER L 373 -89.06 8.93 -73.77
CA SER L 373 -87.82 8.19 -73.87
C SER L 373 -87.63 7.67 -75.29
N ASN L 374 -86.38 7.38 -75.64
CA ASN L 374 -86.03 7.01 -77.00
C ASN L 374 -84.97 5.92 -76.94
N GLN L 375 -84.67 5.32 -78.09
CA GLN L 375 -83.68 4.26 -78.10
C GLN L 375 -82.27 4.83 -78.04
N PRO L 376 -81.39 4.28 -77.21
CA PRO L 376 -80.02 4.79 -77.14
C PRO L 376 -79.22 4.52 -78.39
N LEU L 377 -79.70 3.62 -79.24
CA LEU L 377 -78.99 3.07 -80.40
C LEU L 377 -77.88 2.13 -79.96
N SER L 378 -77.65 1.99 -78.65
CA SER L 378 -76.83 0.90 -78.14
C SER L 378 -77.45 -0.43 -78.55
N MET L 379 -76.60 -1.42 -78.79
CA MET L 379 -77.06 -2.67 -79.37
C MET L 379 -77.44 -3.71 -78.33
N LEU L 380 -77.42 -3.39 -77.05
CA LEU L 380 -77.60 -4.45 -76.07
C LEU L 380 -79.00 -5.02 -75.84
N ARG L 381 -80.03 -4.38 -75.25
CA ARG L 381 -80.56 -2.99 -75.20
C ARG L 381 -81.63 -2.76 -76.29
N ASP L 382 -81.78 -3.69 -77.24
CA ASP L 382 -82.90 -3.60 -78.16
C ASP L 382 -83.69 -4.91 -78.10
N GLN L 383 -83.06 -6.00 -78.50
CA GLN L 383 -83.43 -7.34 -78.05
C GLN L 383 -84.89 -7.70 -78.38
N ALA L 384 -85.10 -7.98 -79.66
CA ALA L 384 -86.31 -8.71 -80.01
C ALA L 384 -86.14 -10.19 -79.67
N LEU L 385 -87.18 -10.97 -79.94
CA LEU L 385 -87.06 -12.41 -79.96
C LEU L 385 -88.17 -12.95 -80.86
N PHE L 386 -87.90 -14.03 -81.56
CA PHE L 386 -88.69 -14.40 -82.74
C PHE L 386 -89.33 -15.77 -82.65
N ARG L 387 -88.56 -16.83 -82.42
CA ARG L 387 -89.14 -18.18 -82.37
C ARG L 387 -89.79 -18.47 -83.72
N GLY L 388 -90.86 -19.27 -83.74
CA GLY L 388 -91.65 -19.51 -84.94
C GLY L 388 -90.86 -20.04 -86.12
N ASN L 389 -91.53 -20.13 -87.26
CA ASN L 389 -92.88 -20.68 -87.33
C ASN L 389 -92.71 -22.05 -87.94
N GLN L 390 -91.45 -22.35 -88.27
CA GLN L 390 -90.95 -23.28 -89.28
C GLN L 390 -90.95 -22.63 -90.65
N THR L 391 -91.60 -21.48 -90.81
CA THR L 391 -91.69 -20.74 -92.05
C THR L 391 -91.27 -19.29 -91.84
N THR L 392 -91.92 -18.59 -90.92
CA THR L 392 -91.66 -17.19 -90.64
C THR L 392 -91.26 -17.05 -89.17
N TYR L 393 -90.52 -15.99 -88.86
CA TYR L 393 -90.28 -15.63 -87.47
C TYR L 393 -91.39 -14.68 -87.01
N ASN L 394 -91.84 -14.85 -85.77
CA ASN L 394 -92.92 -14.06 -85.22
C ASN L 394 -92.55 -13.53 -83.85
N LEU L 395 -92.42 -12.21 -83.73
CA LEU L 395 -92.03 -11.59 -82.47
C LEU L 395 -92.91 -12.10 -81.33
N CYS L 396 -92.27 -12.55 -80.25
CA CYS L 396 -92.96 -13.25 -79.18
C CYS L 396 -93.10 -12.36 -77.96
N SER L 397 -94.30 -12.36 -77.39
CA SER L 397 -94.58 -11.73 -76.11
C SER L 397 -93.88 -12.47 -74.98
N ASP L 398 -93.83 -11.84 -73.81
CA ASP L 398 -93.12 -12.34 -72.65
C ASP L 398 -91.62 -12.35 -72.92
N VAL L 399 -90.97 -13.52 -72.89
CA VAL L 399 -89.53 -13.66 -72.65
C VAL L 399 -89.20 -13.36 -71.19
N TRP L 400 -89.48 -14.33 -70.32
CA TRP L 400 -89.11 -14.32 -68.92
C TRP L 400 -87.61 -14.55 -68.75
N MET L 401 -87.17 -14.71 -67.51
CA MET L 401 -85.75 -14.95 -67.26
C MET L 401 -85.31 -16.29 -67.80
N PHE L 402 -84.07 -16.33 -68.28
CA PHE L 402 -83.48 -17.49 -68.93
C PHE L 402 -81.98 -17.45 -68.66
N PRO L 403 -81.33 -18.62 -68.56
CA PRO L 403 -79.95 -18.66 -68.05
C PRO L 403 -78.94 -17.75 -68.73
N ASN L 404 -78.94 -17.69 -70.05
CA ASN L 404 -77.86 -17.00 -70.75
C ASN L 404 -78.18 -15.55 -71.05
N GLN L 405 -79.25 -15.01 -70.49
CA GLN L 405 -79.70 -13.69 -70.92
C GLN L 405 -78.70 -12.60 -70.59
N ILE L 406 -78.58 -11.65 -71.51
CA ILE L 406 -77.93 -10.37 -71.25
C ILE L 406 -78.86 -9.26 -71.67
N TRP L 407 -79.00 -8.26 -70.80
CA TRP L 407 -79.65 -7.03 -71.17
C TRP L 407 -78.81 -5.91 -70.61
N ASP L 408 -79.11 -4.70 -71.06
CA ASP L 408 -78.41 -3.54 -70.59
C ASP L 408 -79.37 -2.71 -69.76
N ARG L 409 -78.91 -2.27 -68.60
CA ARG L 409 -79.75 -1.50 -67.72
C ARG L 409 -80.19 -0.22 -68.42
N TYR L 410 -81.35 0.30 -68.04
CA TYR L 410 -81.92 1.44 -68.72
C TYR L 410 -80.89 2.58 -68.79
N PRO L 411 -80.74 3.23 -69.95
CA PRO L 411 -79.64 4.19 -70.13
C PRO L 411 -79.72 5.40 -69.24
N ILE L 412 -80.85 5.60 -68.58
CA ILE L 412 -81.22 6.76 -67.79
C ILE L 412 -80.98 8.06 -68.56
N THR L 413 -80.70 9.14 -67.83
CA THR L 413 -80.58 10.49 -68.36
C THR L 413 -80.46 11.43 -67.18
N ARG L 414 -80.30 12.73 -67.42
CA ARG L 414 -80.14 13.68 -66.33
C ARG L 414 -81.41 13.82 -65.49
N GLU L 415 -82.58 13.48 -66.03
CA GLU L 415 -83.85 13.69 -65.36
C GLU L 415 -84.24 12.55 -64.42
N ASN L 416 -83.44 11.55 -64.28
CA ASN L 416 -83.89 10.34 -63.62
C ASN L 416 -83.62 10.37 -62.13
N PRO L 417 -84.36 9.59 -61.37
CA PRO L 417 -83.99 9.36 -59.97
C PRO L 417 -82.71 8.57 -59.86
N ILE L 418 -81.88 8.94 -58.87
CA ILE L 418 -80.61 8.26 -58.69
C ILE L 418 -80.83 6.85 -58.17
N TRP L 419 -81.61 6.71 -57.11
CA TRP L 419 -81.75 5.44 -56.42
C TRP L 419 -83.23 5.14 -56.19
N CYS L 420 -83.47 3.90 -55.79
CA CYS L 420 -84.77 3.40 -55.35
C CYS L 420 -84.50 2.41 -54.24
N LYS L 421 -85.38 2.37 -53.25
CA LYS L 421 -85.16 1.46 -52.13
C LYS L 421 -85.62 0.06 -52.49
N LYS L 422 -84.75 -0.92 -52.28
CA LYS L 422 -85.10 -2.31 -52.47
C LYS L 422 -85.83 -2.80 -51.23
N PRO L 423 -87.11 -3.14 -51.34
CA PRO L 423 -87.87 -3.54 -50.17
C PRO L 423 -87.36 -4.83 -49.54
N ARG L 424 -87.37 -4.86 -48.22
CA ARG L 424 -86.88 -6.01 -47.48
C ARG L 424 -87.82 -7.19 -47.65
N SER L 425 -87.28 -8.31 -48.11
CA SER L 425 -88.07 -9.50 -48.30
C SER L 425 -87.15 -10.70 -48.27
N ASP L 426 -87.74 -11.88 -48.06
CA ASP L 426 -86.94 -13.08 -47.97
C ASP L 426 -86.20 -13.35 -49.27
N LYS L 427 -86.92 -13.44 -50.37
CA LYS L 427 -86.37 -13.86 -51.64
C LYS L 427 -86.58 -12.79 -52.69
N HIS L 428 -85.65 -12.71 -53.64
CA HIS L 428 -85.80 -11.81 -54.77
C HIS L 428 -84.91 -12.29 -55.89
N THR L 429 -85.21 -11.79 -57.10
CA THR L 429 -84.43 -12.06 -58.30
C THR L 429 -83.37 -10.98 -58.52
N THR L 430 -82.86 -10.87 -59.75
CA THR L 430 -81.65 -10.11 -60.01
C THR L 430 -81.70 -8.67 -59.49
N ILE L 431 -82.90 -8.10 -59.38
CA ILE L 431 -83.08 -6.70 -58.96
C ILE L 431 -82.43 -5.74 -59.94
N ASP L 432 -82.99 -5.63 -61.15
CA ASP L 432 -82.64 -4.52 -62.02
C ASP L 432 -83.88 -3.67 -62.26
N PRO L 433 -84.01 -2.50 -61.65
CA PRO L 433 -85.19 -1.67 -61.88
C PRO L 433 -85.24 -1.16 -63.31
N PHE L 434 -86.43 -1.20 -63.89
CA PHE L 434 -86.60 -0.77 -65.27
C PHE L 434 -86.80 0.72 -65.41
N ASP L 435 -86.76 1.44 -64.31
CA ASP L 435 -86.73 2.90 -64.32
C ASP L 435 -85.32 3.42 -64.43
N GLY L 436 -84.36 2.53 -64.67
CA GLY L 436 -82.98 2.86 -64.42
C GLY L 436 -82.79 2.96 -62.93
N SER L 437 -82.33 4.11 -62.46
CA SER L 437 -82.10 4.35 -61.04
C SER L 437 -81.23 3.26 -60.45
N LEU L 438 -81.51 2.88 -59.20
CA LEU L 438 -80.66 1.96 -58.47
C LEU L 438 -81.50 1.34 -57.37
N ALA L 439 -81.01 0.22 -56.83
CA ALA L 439 -81.64 -0.41 -55.70
C ALA L 439 -80.61 -0.51 -54.59
N MET L 440 -81.02 -0.16 -53.38
CA MET L 440 -80.14 -0.26 -52.23
C MET L 440 -80.91 -0.79 -51.04
N ASP L 441 -80.25 -1.61 -50.24
CA ASP L 441 -80.84 -2.03 -48.96
C ASP L 441 -81.23 -0.81 -48.15
N HIS L 442 -80.25 0.04 -47.86
CA HIS L 442 -80.51 1.30 -47.18
C HIS L 442 -80.11 2.43 -48.12
N PRO L 443 -81.07 3.13 -48.72
CA PRO L 443 -80.76 4.32 -49.47
C PRO L 443 -80.45 5.46 -48.52
N PRO L 444 -80.22 6.66 -49.02
CA PRO L 444 -80.14 7.81 -48.11
C PRO L 444 -81.40 7.91 -47.29
N GLY L 445 -81.21 8.00 -45.97
CA GLY L 445 -82.36 8.14 -45.08
C GLY L 445 -83.06 9.44 -45.34
N THR L 446 -84.37 9.38 -45.49
CA THR L 446 -85.13 10.60 -45.72
C THR L 446 -85.04 11.50 -44.50
N ILE L 447 -84.74 12.76 -44.73
CA ILE L 447 -84.67 13.75 -43.67
C ILE L 447 -86.04 14.41 -43.55
N PHE L 448 -86.64 14.30 -42.38
CA PHE L 448 -87.95 14.84 -42.11
C PHE L 448 -87.81 16.10 -41.29
N ILE L 449 -88.73 17.03 -41.47
CA ILE L 449 -88.66 18.31 -40.79
C ILE L 449 -90.08 18.84 -40.57
N LYS L 450 -90.29 19.46 -39.43
CA LYS L 450 -91.61 19.90 -39.00
C LYS L 450 -91.45 21.20 -38.25
N MET L 451 -92.56 21.90 -38.04
CA MET L 451 -92.54 23.26 -37.53
C MET L 451 -92.73 23.39 -36.03
N ALA L 452 -92.76 22.31 -35.28
CA ALA L 452 -92.76 22.42 -33.83
C ALA L 452 -93.97 23.20 -33.31
N LYS L 453 -95.12 22.54 -33.23
CA LYS L 453 -96.36 23.21 -32.90
C LYS L 453 -96.22 24.10 -31.68
N ILE L 454 -96.62 25.36 -31.84
CA ILE L 454 -96.64 26.30 -30.74
C ILE L 454 -98.10 26.62 -30.45
N PRO L 455 -98.66 26.09 -29.38
CA PRO L 455 -100.09 26.28 -29.14
C PRO L 455 -100.37 27.64 -28.56
N VAL L 456 -101.65 27.94 -28.41
CA VAL L 456 -102.08 29.22 -27.86
C VAL L 456 -103.26 28.95 -26.94
N PRO L 457 -103.40 29.69 -25.85
CA PRO L 457 -104.43 29.37 -24.87
C PRO L 457 -105.82 29.74 -25.37
N SER L 458 -106.81 28.95 -24.94
CA SER L 458 -108.20 29.22 -25.25
C SER L 458 -109.07 28.64 -24.14
N ASN L 459 -110.38 28.90 -24.25
CA ASN L 459 -111.32 28.45 -23.24
C ASN L 459 -111.77 27.01 -23.44
N ASN L 460 -112.02 26.63 -24.69
CA ASN L 460 -112.69 25.37 -25.03
C ASN L 460 -112.17 24.10 -24.32
N ASN L 461 -110.86 23.83 -24.30
CA ASN L 461 -109.82 24.66 -24.89
C ASN L 461 -109.33 24.07 -26.20
N ALA L 462 -108.38 24.76 -26.82
CA ALA L 462 -107.78 24.36 -28.08
C ALA L 462 -108.87 24.14 -29.16
N ASP L 463 -108.68 23.32 -30.20
CA ASP L 463 -107.39 23.12 -30.87
C ASP L 463 -107.01 24.39 -31.60
N SER L 464 -105.85 24.93 -31.23
CA SER L 464 -105.37 26.17 -31.81
C SER L 464 -103.87 26.21 -31.69
N TYR L 465 -103.23 26.90 -32.61
CA TYR L 465 -101.78 26.91 -32.67
C TYR L 465 -101.34 28.19 -33.36
N LEU L 466 -100.06 28.49 -33.22
CA LEU L 466 -99.51 29.70 -33.78
C LEU L 466 -98.98 29.42 -35.18
N ASN L 467 -99.25 30.34 -36.10
CA ASN L 467 -98.99 30.12 -37.52
C ASN L 467 -97.59 30.63 -37.86
N ILE L 468 -96.69 29.72 -38.20
CA ILE L 468 -95.30 30.05 -38.47
C ILE L 468 -94.83 29.23 -39.66
N TYR L 469 -93.65 29.58 -40.15
CA TYR L 469 -92.98 28.77 -41.16
C TYR L 469 -91.48 28.93 -41.00
N CYS L 470 -90.75 27.97 -41.53
CA CYS L 470 -89.30 27.96 -41.42
C CYS L 470 -88.69 28.18 -42.79
N THR L 471 -87.47 28.69 -42.79
CA THR L 471 -86.76 28.94 -44.02
C THR L 471 -85.28 28.75 -43.73
N GLY L 472 -84.57 28.15 -44.66
CA GLY L 472 -83.18 27.87 -44.40
C GLY L 472 -82.50 27.31 -45.62
N GLN L 473 -81.32 26.76 -45.41
CA GLN L 473 -80.48 26.34 -46.51
C GLN L 473 -79.99 24.92 -46.29
N VAL L 474 -80.29 24.04 -47.23
CA VAL L 474 -79.76 22.69 -47.27
C VAL L 474 -78.57 22.70 -48.21
N SER L 475 -77.50 22.04 -47.81
CA SER L 475 -76.37 21.82 -48.71
C SER L 475 -76.17 20.34 -48.84
N CYS L 476 -76.44 19.79 -50.01
CA CYS L 476 -76.24 18.38 -50.26
C CYS L 476 -74.95 18.23 -51.06
N GLU L 477 -73.92 17.71 -50.41
CA GLU L 477 -72.61 17.53 -51.03
C GLU L 477 -72.35 16.03 -51.10
N ILE L 478 -72.32 15.49 -52.31
CA ILE L 478 -72.21 14.05 -52.50
C ILE L 478 -70.99 13.76 -53.34
N VAL L 479 -70.31 12.67 -53.01
CA VAL L 479 -69.10 12.25 -53.68
C VAL L 479 -69.43 11.07 -54.57
N TRP L 480 -68.87 11.05 -55.77
CA TRP L 480 -69.18 10.05 -56.77
C TRP L 480 -67.92 9.27 -57.10
N GLU L 481 -67.94 7.97 -56.82
CA GLU L 481 -66.92 7.11 -57.38
C GLU L 481 -67.07 7.11 -58.89
N VAL L 482 -65.98 7.41 -59.58
CA VAL L 482 -66.05 7.64 -61.02
C VAL L 482 -64.84 6.97 -61.66
N GLU L 483 -65.03 6.45 -62.87
CA GLU L 483 -63.98 5.74 -63.59
C GLU L 483 -63.90 6.26 -65.01
N ARG L 484 -62.69 6.49 -65.48
CA ARG L 484 -62.45 7.18 -66.74
C ARG L 484 -62.10 6.17 -67.82
N TYR L 485 -62.52 6.45 -69.05
CA TYR L 485 -62.49 5.44 -70.10
C TYR L 485 -61.24 5.56 -70.95
N ALA L 486 -60.72 4.40 -71.36
CA ALA L 486 -59.70 4.30 -72.37
C ALA L 486 -60.09 3.19 -73.33
N THR L 487 -59.82 3.40 -74.61
CA THR L 487 -60.24 2.40 -75.59
C THR L 487 -59.29 2.41 -76.77
N LYS L 488 -59.30 1.30 -77.50
CA LYS L 488 -58.44 1.12 -78.67
C LYS L 488 -59.14 1.48 -79.96
N ASN L 489 -60.37 1.97 -79.91
CA ASN L 489 -61.06 2.35 -81.13
C ASN L 489 -60.29 3.44 -81.84
N TRP L 490 -60.24 3.33 -83.17
CA TRP L 490 -59.57 4.34 -83.98
C TRP L 490 -60.44 5.55 -84.20
N ARG L 491 -61.73 5.38 -84.24
CA ARG L 491 -62.67 6.37 -84.73
C ARG L 491 -63.16 7.30 -83.63
N PRO L 492 -63.73 8.44 -84.02
CA PRO L 492 -64.04 9.51 -83.05
C PRO L 492 -65.06 9.17 -81.96
N GLU L 493 -65.82 8.09 -82.08
CA GLU L 493 -66.93 7.76 -81.14
C GLU L 493 -67.94 8.91 -81.14
N ARG L 494 -68.54 9.25 -80.01
CA ARG L 494 -69.68 10.15 -79.98
C ARG L 494 -69.69 10.88 -78.64
N ARG L 495 -70.16 12.12 -78.66
CA ARG L 495 -70.25 12.93 -77.46
C ARG L 495 -71.60 13.61 -77.44
N HIS L 496 -71.81 14.46 -76.45
CA HIS L 496 -73.03 15.25 -76.36
C HIS L 496 -72.70 16.70 -76.66
N THR L 497 -73.05 17.14 -77.86
CA THR L 497 -72.98 18.53 -78.25
C THR L 497 -74.22 19.28 -77.76
N THR L 498 -74.07 20.60 -77.64
CA THR L 498 -75.25 21.46 -77.61
C THR L 498 -76.04 21.37 -78.91
N PHE L 499 -75.47 20.87 -79.98
CA PHE L 499 -76.22 20.86 -81.22
C PHE L 499 -77.41 19.91 -81.17
N GLY L 500 -77.39 18.92 -80.28
CA GLY L 500 -78.62 18.18 -80.02
C GLY L 500 -79.68 19.06 -79.41
N LEU L 501 -79.28 20.12 -78.73
CA LEU L 501 -80.19 21.06 -78.10
C LEU L 501 -80.85 21.95 -79.15
N GLY L 502 -81.93 22.60 -78.75
CA GLY L 502 -82.66 23.46 -79.68
C GLY L 502 -83.24 24.65 -78.95
N ILE L 503 -83.62 25.65 -79.74
CA ILE L 503 -83.99 26.97 -79.26
C ILE L 503 -85.44 26.95 -78.78
N GLY L 504 -85.74 27.75 -77.75
CA GLY L 504 -87.09 27.78 -77.25
C GLY L 504 -87.34 28.91 -76.27
N GLY L 505 -88.61 29.04 -75.91
CA GLY L 505 -89.11 29.96 -74.89
C GLY L 505 -89.44 31.33 -75.44
N ALA L 506 -90.50 31.93 -74.88
CA ALA L 506 -90.98 33.27 -75.23
C ALA L 506 -90.98 33.51 -76.72
N ASP L 507 -90.48 34.69 -77.13
CA ASP L 507 -89.92 34.82 -78.46
C ASP L 507 -88.70 33.90 -78.53
N ASN L 508 -88.56 33.17 -79.64
CA ASN L 508 -87.82 31.92 -79.63
C ASN L 508 -86.46 32.03 -78.96
N LEU L 509 -85.93 33.24 -78.82
CA LEU L 509 -84.58 33.47 -78.33
C LEU L 509 -84.32 32.75 -77.01
N ASN L 510 -83.04 32.43 -76.80
CA ASN L 510 -82.38 31.61 -75.80
C ASN L 510 -82.51 30.15 -76.20
N PRO L 511 -81.47 29.34 -76.03
CA PRO L 511 -81.56 28.00 -76.62
C PRO L 511 -82.37 26.96 -75.86
N THR L 512 -81.82 26.44 -74.77
CA THR L 512 -82.50 25.36 -74.08
C THR L 512 -82.32 25.42 -72.57
N TYR L 513 -81.12 25.21 -72.06
CA TYR L 513 -80.92 25.38 -70.63
C TYR L 513 -80.46 26.82 -70.42
N HIS L 514 -81.40 27.65 -70.00
CA HIS L 514 -81.20 29.08 -70.03
C HIS L 514 -82.48 29.76 -69.60
N VAL L 515 -82.36 31.02 -69.22
CA VAL L 515 -83.50 31.78 -68.74
C VAL L 515 -84.28 32.41 -69.89
N ASP L 516 -85.56 32.67 -69.63
CA ASP L 516 -86.46 33.40 -70.52
C ASP L 516 -86.37 34.89 -70.19
N LYS L 517 -87.30 35.71 -70.69
CA LYS L 517 -87.11 37.16 -70.56
C LYS L 517 -87.73 38.10 -69.46
N ASN L 518 -88.72 37.80 -68.60
CA ASN L 518 -89.68 36.70 -68.48
C ASN L 518 -89.11 35.52 -67.73
N GLY L 519 -87.90 35.66 -67.22
CA GLY L 519 -87.04 34.52 -67.08
C GLY L 519 -87.65 33.32 -66.40
N THR L 520 -87.74 32.27 -67.20
CA THR L 520 -88.22 30.95 -66.83
C THR L 520 -87.30 29.98 -67.53
N TYR L 521 -86.67 29.11 -66.76
CA TYR L 521 -85.70 28.17 -67.29
C TYR L 521 -86.33 27.34 -68.38
N ILE L 522 -85.75 27.38 -69.59
CA ILE L 522 -86.35 26.69 -70.71
C ILE L 522 -86.16 25.19 -70.55
N GLN L 523 -87.18 24.49 -70.72
CA GLN L 523 -86.98 23.07 -70.47
C GLN L 523 -86.54 22.36 -71.74
N PRO L 524 -85.71 21.34 -71.58
CA PRO L 524 -85.30 20.52 -72.73
C PRO L 524 -86.49 19.76 -73.30
N THR L 525 -86.65 19.80 -74.61
CA THR L 525 -87.78 19.19 -75.30
C THR L 525 -87.32 17.95 -76.06
N THR L 526 -88.03 16.85 -75.81
CA THR L 526 -87.76 15.43 -76.05
C THR L 526 -86.46 14.90 -75.41
N TRP L 527 -85.96 13.79 -75.96
CA TRP L 527 -85.10 12.91 -75.17
C TRP L 527 -83.63 13.27 -75.28
N ASP L 528 -83.16 13.56 -76.50
CA ASP L 528 -81.74 13.81 -76.70
C ASP L 528 -81.24 15.04 -75.97
N MET L 529 -82.11 16.04 -75.79
CA MET L 529 -81.75 17.24 -75.04
C MET L 529 -81.08 16.87 -73.72
N CYS L 530 -81.85 16.30 -72.80
CA CYS L 530 -81.27 15.61 -71.67
C CYS L 530 -80.29 14.58 -72.19
N PHE L 531 -79.06 14.60 -71.70
CA PHE L 531 -78.03 13.82 -72.36
C PHE L 531 -77.88 12.48 -71.66
N PRO L 532 -78.37 11.39 -72.25
CA PRO L 532 -78.38 10.12 -71.55
C PRO L 532 -77.00 9.50 -71.55
N VAL L 533 -76.65 8.83 -70.46
CA VAL L 533 -75.49 7.97 -70.51
C VAL L 533 -75.85 6.74 -71.34
N LYS L 534 -74.82 6.01 -71.75
CA LYS L 534 -74.90 4.72 -72.44
C LYS L 534 -75.08 4.92 -73.94
N THR L 535 -75.24 6.14 -74.40
CA THR L 535 -75.25 6.43 -75.83
C THR L 535 -73.88 6.81 -76.35
N ASN L 536 -72.86 6.82 -75.49
CA ASN L 536 -71.53 7.28 -75.88
C ASN L 536 -70.49 6.22 -75.59
N ILE L 537 -69.24 6.60 -75.83
CA ILE L 537 -68.07 5.75 -75.73
C ILE L 537 -68.31 4.50 -76.57
N ASN L 538 -67.72 3.38 -76.17
CA ASN L 538 -67.96 2.06 -76.74
C ASN L 538 -67.41 1.05 -75.75
N LYS L 539 -67.84 -0.19 -75.88
CA LYS L 539 -67.21 -1.28 -75.14
C LYS L 539 -67.14 -2.50 -76.03
N VAL L 540 -65.96 -3.12 -76.08
CA VAL L 540 -65.89 -4.47 -76.62
C VAL L 540 -66.58 -5.40 -75.64
N LEU L 541 -67.53 -6.17 -76.14
CA LEU L 541 -68.26 -7.07 -75.28
C LEU L 541 -67.39 -8.27 -74.90
N GLY M 34 5.92 58.80 -57.89
CA GLY M 34 5.86 60.21 -57.54
C GLY M 34 4.53 60.86 -57.84
N SER M 35 4.44 62.17 -57.59
CA SER M 35 3.21 62.92 -57.83
C SER M 35 3.56 64.39 -58.03
N GLY M 36 2.63 65.12 -58.61
CA GLY M 36 2.78 66.55 -58.81
C GLY M 36 3.18 66.89 -60.23
N VAL M 37 3.36 68.18 -60.46
CA VAL M 37 3.83 68.66 -61.75
C VAL M 37 5.19 68.05 -62.06
N GLY M 38 5.41 67.73 -63.32
CA GLY M 38 6.66 67.11 -63.74
C GLY M 38 6.67 65.60 -63.69
N ILE M 39 5.57 64.98 -63.29
CA ILE M 39 5.44 63.54 -63.26
C ILE M 39 4.19 63.20 -64.08
N SER M 40 4.37 62.51 -65.19
CA SER M 40 3.24 62.20 -66.05
C SER M 40 2.30 61.24 -65.34
N THR M 41 1.01 61.42 -65.56
CA THR M 41 0.04 60.61 -64.82
C THR M 41 -0.14 59.24 -65.44
N GLY M 42 -0.25 59.17 -66.75
CA GLY M 42 -0.41 57.89 -67.43
C GLY M 42 0.21 57.98 -68.80
N GLY M 43 0.45 56.82 -69.39
CA GLY M 43 1.12 56.72 -70.67
C GLY M 43 0.14 56.48 -71.81
N TRP M 44 0.70 56.45 -73.02
CA TRP M 44 -0.08 56.21 -74.21
C TRP M 44 -0.52 54.76 -74.25
N VAL M 45 -1.62 54.51 -74.97
CA VAL M 45 -2.27 53.20 -74.98
C VAL M 45 -2.86 52.96 -76.38
N GLY M 46 -2.89 51.70 -76.79
CA GLY M 46 -3.59 51.35 -78.01
C GLY M 46 -3.20 49.96 -78.49
N GLY M 47 -3.68 49.62 -79.70
CA GLY M 47 -3.20 48.47 -80.44
C GLY M 47 -4.13 47.27 -80.52
N SER M 48 -5.33 47.37 -79.97
CA SER M 48 -6.33 46.31 -79.88
C SER M 48 -5.85 44.99 -79.28
N TYR M 49 -6.59 43.91 -79.52
CA TYR M 49 -6.27 42.64 -78.86
C TYR M 49 -6.63 41.38 -79.64
N PHE M 50 -7.94 41.13 -79.81
CA PHE M 50 -8.50 39.98 -80.52
C PHE M 50 -8.28 38.59 -79.93
N THR M 51 -9.03 38.25 -78.89
CA THR M 51 -9.25 36.87 -78.45
C THR M 51 -10.63 36.40 -78.90
N ASP M 52 -10.77 35.09 -79.12
CA ASP M 52 -12.01 34.49 -79.60
C ASP M 52 -13.24 34.95 -78.84
N SER M 53 -13.13 35.07 -77.53
CA SER M 53 -14.29 35.45 -76.72
C SER M 53 -14.53 36.95 -76.71
N TYR M 54 -13.49 37.77 -76.81
CA TYR M 54 -13.67 39.20 -76.72
C TYR M 54 -12.53 39.92 -77.42
N VAL M 55 -12.79 41.17 -77.77
CA VAL M 55 -11.82 42.05 -78.42
C VAL M 55 -11.69 43.31 -77.58
N ILE M 56 -10.46 43.64 -77.21
CA ILE M 56 -10.17 44.84 -76.44
C ILE M 56 -9.52 45.85 -77.35
N THR M 57 -10.23 46.93 -77.66
CA THR M 57 -9.68 48.02 -78.44
C THR M 57 -9.27 49.15 -77.52
N LYS M 58 -8.05 49.63 -77.72
CA LYS M 58 -7.48 50.68 -76.89
C LYS M 58 -7.11 51.86 -77.79
N ASN M 59 -7.37 53.07 -77.32
CA ASN M 59 -7.11 54.26 -78.10
C ASN M 59 -6.71 55.38 -77.17
N THR M 60 -5.96 56.34 -77.71
CA THR M 60 -5.52 57.49 -76.95
C THR M 60 -5.49 58.70 -77.88
N ARG M 61 -5.74 59.88 -77.32
CA ARG M 61 -5.89 61.07 -78.14
C ARG M 61 -5.21 62.25 -77.46
N GLN M 62 -5.09 63.32 -78.22
CA GLN M 62 -4.68 64.61 -77.71
C GLN M 62 -5.82 65.57 -77.98
N PHE M 63 -6.31 66.25 -76.95
CA PHE M 63 -7.47 67.10 -77.11
C PHE M 63 -7.18 68.49 -76.57
N LEU M 64 -8.05 69.45 -76.89
CA LEU M 64 -7.96 70.75 -76.25
C LEU M 64 -9.33 71.36 -76.05
N VAL M 65 -9.47 72.06 -74.93
CA VAL M 65 -10.70 72.73 -74.55
C VAL M 65 -10.48 74.23 -74.71
N LYS M 66 -11.38 74.90 -75.42
CA LYS M 66 -11.11 76.21 -75.98
C LYS M 66 -11.72 77.38 -75.19
N ILE M 67 -12.46 77.13 -74.10
CA ILE M 67 -13.31 78.15 -73.49
C ILE M 67 -14.34 78.62 -74.51
N GLN M 68 -15.36 77.81 -74.76
CA GLN M 68 -16.43 78.25 -75.64
C GLN M 68 -17.41 79.16 -74.91
N ASN M 69 -17.92 80.15 -75.65
CA ASN M 69 -19.09 80.91 -75.25
C ASN M 69 -18.84 81.76 -74.01
N ASN M 70 -17.67 82.37 -73.92
CA ASN M 70 -17.18 83.00 -72.68
C ASN M 70 -17.35 81.91 -71.62
N HIS M 71 -17.75 82.22 -70.41
CA HIS M 71 -18.28 81.17 -69.55
C HIS M 71 -19.79 81.25 -69.38
N GLN M 72 -20.42 82.27 -69.93
CA GLN M 72 -21.87 82.39 -69.86
C GLN M 72 -22.55 81.49 -70.89
N TYR M 73 -23.84 81.25 -70.66
CA TYR M 73 -24.68 80.32 -71.41
C TYR M 73 -25.31 80.91 -72.67
N LYS M 74 -26.12 81.93 -72.51
CA LYS M 74 -27.00 82.48 -73.54
C LYS M 74 -28.01 81.45 -74.05
N THR M 75 -28.52 81.66 -75.26
CA THR M 75 -29.55 80.82 -75.86
C THR M 75 -29.22 80.60 -77.33
N GLU M 76 -29.05 81.70 -78.06
CA GLU M 76 -28.48 81.83 -79.39
C GLU M 76 -29.43 81.70 -80.59
N LEU M 77 -30.64 81.15 -80.40
CA LEU M 77 -31.69 81.19 -81.43
C LEU M 77 -31.11 80.99 -82.82
N ILE M 78 -30.67 79.75 -83.10
CA ILE M 78 -29.62 79.54 -84.11
C ILE M 78 -29.98 80.13 -85.47
N SER M 79 -30.81 79.43 -86.25
CA SER M 79 -31.38 79.87 -87.52
C SER M 79 -30.33 80.13 -88.58
N PRO M 80 -30.64 79.93 -89.85
CA PRO M 80 -30.05 80.78 -90.89
C PRO M 80 -31.03 81.88 -91.25
N SER M 81 -30.69 82.76 -92.17
CA SER M 81 -31.69 83.64 -92.75
C SER M 81 -31.49 83.90 -94.26
N THR M 82 -32.44 83.56 -95.13
CA THR M 82 -33.54 82.56 -95.04
C THR M 82 -34.34 82.44 -93.73
N SER M 83 -34.90 83.56 -93.28
CA SER M 83 -35.67 83.60 -92.04
C SER M 83 -36.81 82.59 -92.04
N GLN M 84 -37.20 82.08 -93.21
CA GLN M 84 -38.21 81.03 -93.28
C GLN M 84 -37.77 79.73 -92.60
N GLY M 85 -36.49 79.63 -92.22
CA GLY M 85 -35.98 78.40 -91.65
C GLY M 85 -36.61 78.08 -90.30
N LYS M 86 -36.17 76.95 -89.73
CA LYS M 86 -36.74 76.48 -88.49
C LYS M 86 -36.40 77.42 -87.33
N SER M 87 -35.14 77.86 -87.26
CA SER M 87 -34.71 78.83 -86.27
C SER M 87 -34.87 78.31 -84.85
N GLN M 88 -34.37 77.10 -84.61
CA GLN M 88 -34.38 76.54 -83.27
C GLN M 88 -33.60 77.43 -82.32
N ARG M 89 -34.13 77.60 -81.10
CA ARG M 89 -33.53 78.57 -80.18
C ARG M 89 -32.31 77.99 -79.49
N CYS M 90 -32.36 76.70 -79.16
CA CYS M 90 -31.32 75.99 -78.43
C CYS M 90 -30.87 76.66 -77.13
N VAL M 91 -29.66 76.29 -76.69
CA VAL M 91 -28.99 76.85 -75.52
C VAL M 91 -27.50 76.57 -75.74
N SER M 92 -26.66 77.53 -75.41
CA SER M 92 -25.23 77.30 -75.48
C SER M 92 -24.69 77.25 -74.07
N THR M 93 -23.62 76.51 -73.86
CA THR M 93 -23.02 76.34 -72.55
C THR M 93 -21.52 76.51 -72.65
N PRO M 94 -20.85 76.86 -71.56
CA PRO M 94 -19.39 76.90 -71.57
C PRO M 94 -18.76 75.53 -71.72
N TRP M 95 -19.53 74.46 -71.55
CA TRP M 95 -18.99 73.12 -71.49
C TRP M 95 -18.68 72.57 -72.87
N SER M 96 -17.70 71.67 -72.92
CA SER M 96 -17.40 70.85 -74.07
C SER M 96 -17.52 69.41 -73.63
N TYR M 97 -17.64 68.50 -74.59
CA TYR M 97 -17.89 67.12 -74.23
C TYR M 97 -17.12 66.17 -75.14
N PHE M 98 -16.90 64.98 -74.61
CA PHE M 98 -16.25 63.90 -75.35
C PHE M 98 -17.31 63.02 -75.99
N ASN M 99 -17.27 62.91 -77.31
CA ASN M 99 -18.13 61.99 -78.04
C ASN M 99 -17.29 60.82 -78.49
N PHE M 100 -17.53 59.65 -77.92
CA PHE M 100 -16.82 58.44 -78.29
C PHE M 100 -17.58 57.57 -79.27
N ASN M 101 -18.72 58.02 -79.76
CA ASN M 101 -19.66 57.13 -80.44
C ASN M 101 -19.36 57.12 -81.93
N GLN M 102 -18.73 56.04 -82.38
CA GLN M 102 -18.50 55.70 -83.77
C GLN M 102 -17.63 54.45 -83.77
N TYR M 103 -17.68 53.68 -84.86
CA TYR M 103 -16.80 52.53 -84.93
C TYR M 103 -15.42 52.90 -85.41
N SER M 104 -15.33 53.77 -86.41
CA SER M 104 -14.04 54.11 -86.99
C SER M 104 -13.11 54.76 -86.00
N SER M 105 -13.62 55.20 -84.85
CA SER M 105 -12.75 55.75 -83.84
C SER M 105 -12.01 54.66 -83.09
N HIS M 106 -12.68 53.55 -82.81
CA HIS M 106 -12.13 52.49 -81.97
C HIS M 106 -11.47 51.37 -82.75
N PHE M 107 -11.62 51.33 -84.07
CA PHE M 107 -11.10 50.24 -84.87
C PHE M 107 -10.28 50.77 -86.02
N SER M 108 -9.05 50.30 -86.13
CA SER M 108 -8.28 50.57 -87.31
C SER M 108 -8.91 49.86 -88.50
N PRO M 109 -8.65 50.32 -89.71
CA PRO M 109 -9.17 49.61 -90.88
C PRO M 109 -8.79 48.15 -90.92
N GLN M 110 -7.72 47.74 -90.26
CA GLN M 110 -7.45 46.31 -90.13
C GLN M 110 -8.17 45.65 -88.97
N ASP M 111 -8.23 46.31 -87.81
CA ASP M 111 -8.96 45.72 -86.68
C ASP M 111 -10.40 45.47 -87.07
N TRP M 112 -11.10 46.51 -87.49
CA TRP M 112 -12.27 46.33 -88.32
C TRP M 112 -11.80 45.58 -89.55
N GLN M 113 -12.62 44.66 -90.06
CA GLN M 113 -12.25 43.68 -91.07
C GLN M 113 -11.48 42.50 -90.49
N ARG M 114 -10.88 42.64 -89.32
CA ARG M 114 -10.50 41.42 -88.64
C ARG M 114 -11.67 40.82 -87.89
N LEU M 115 -12.52 41.65 -87.29
CA LEU M 115 -13.75 41.13 -86.72
C LEU M 115 -14.84 40.96 -87.75
N THR M 116 -14.92 41.86 -88.72
CA THR M 116 -15.97 41.72 -89.73
C THR M 116 -15.79 40.44 -90.53
N ASN M 117 -14.56 40.01 -90.73
CA ASN M 117 -14.33 38.75 -91.42
C ASN M 117 -14.46 37.57 -90.47
N GLU M 118 -13.95 37.67 -89.25
CA GLU M 118 -13.75 36.50 -88.42
C GLU M 118 -14.84 36.25 -87.39
N TYR M 119 -15.88 37.07 -87.29
CA TYR M 119 -16.83 36.89 -86.21
C TYR M 119 -18.27 37.06 -86.67
N LYS M 120 -19.17 36.29 -86.05
CA LYS M 120 -20.60 36.44 -86.31
C LYS M 120 -21.12 37.77 -85.80
N ARG M 121 -20.83 38.08 -84.55
CA ARG M 121 -21.54 39.14 -83.88
C ARG M 121 -20.67 39.71 -82.79
N PHE M 122 -20.94 40.95 -82.43
CA PHE M 122 -20.18 41.61 -81.39
C PHE M 122 -21.05 42.69 -80.77
N ARG M 123 -20.79 42.97 -79.51
CA ARG M 123 -21.39 44.11 -78.86
C ARG M 123 -20.39 44.63 -77.85
N PRO M 124 -20.35 45.93 -77.61
CA PRO M 124 -19.43 46.44 -76.60
C PRO M 124 -19.84 45.97 -75.22
N LYS M 125 -18.88 45.37 -74.51
CA LYS M 125 -19.15 44.88 -73.17
C LYS M 125 -18.99 45.97 -72.11
N GLY M 126 -17.94 46.77 -72.23
CA GLY M 126 -17.63 47.76 -71.22
C GLY M 126 -16.76 48.85 -71.83
N MET M 127 -16.53 49.88 -71.04
CA MET M 127 -15.80 51.04 -71.51
C MET M 127 -15.06 51.66 -70.34
N HIS M 128 -13.84 52.11 -70.58
CA HIS M 128 -13.00 52.69 -69.54
C HIS M 128 -12.29 53.88 -70.13
N VAL M 129 -12.49 55.06 -69.54
CA VAL M 129 -11.96 56.30 -70.08
C VAL M 129 -11.08 56.95 -69.03
N LYS M 130 -9.96 57.52 -69.46
CA LYS M 130 -9.02 58.14 -68.55
C LYS M 130 -8.58 59.48 -69.13
N ILE M 131 -8.82 60.55 -68.38
CA ILE M 131 -8.26 61.85 -68.68
C ILE M 131 -6.97 61.95 -67.90
N TYR M 132 -5.90 62.40 -68.54
CA TYR M 132 -4.64 62.54 -67.84
C TYR M 132 -3.71 63.41 -68.66
N ASN M 133 -2.52 63.66 -68.11
CA ASN M 133 -1.51 64.50 -68.74
C ASN M 133 -2.09 65.85 -69.17
N LEU M 134 -2.75 66.51 -68.23
CA LEU M 134 -3.41 67.77 -68.54
C LEU M 134 -2.39 68.91 -68.58
N GLN M 135 -2.72 69.95 -69.36
CA GLN M 135 -1.88 71.12 -69.49
C GLN M 135 -2.76 72.34 -69.64
N ILE M 136 -2.44 73.41 -68.92
CA ILE M 136 -3.16 74.68 -69.04
C ILE M 136 -2.15 75.70 -69.55
N LYS M 137 -2.35 76.21 -70.75
CA LYS M 137 -1.28 76.93 -71.41
C LYS M 137 -1.39 78.46 -71.40
N GLN M 138 -2.48 79.05 -70.91
CA GLN M 138 -2.52 80.50 -70.69
C GLN M 138 -2.19 81.29 -71.97
N ILE M 139 -3.17 81.35 -72.87
CA ILE M 139 -3.02 82.17 -74.07
C ILE M 139 -2.67 83.61 -73.69
N LEU M 140 -1.71 84.19 -74.39
CA LEU M 140 -1.44 85.62 -74.32
C LEU M 140 -1.42 86.22 -75.71
N SER M 141 -1.77 87.49 -75.79
CA SER M 141 -1.72 88.25 -77.03
C SER M 141 -1.11 89.61 -76.74
N ASN M 142 0.03 89.89 -77.39
CA ASN M 142 0.64 91.21 -77.37
C ASN M 142 0.15 92.05 -78.55
N GLY M 143 -0.82 91.53 -79.30
CA GLY M 143 -1.19 92.04 -80.59
C GLY M 143 -0.51 91.19 -81.65
N ALA M 144 -1.23 90.92 -82.73
CA ALA M 144 -0.84 89.93 -83.75
C ALA M 144 -0.48 88.64 -83.02
N ASP M 145 0.53 87.89 -83.49
CA ASP M 145 1.26 86.83 -82.79
C ASP M 145 0.41 85.93 -81.89
N THR M 146 1.02 85.51 -80.78
CA THR M 146 0.47 84.91 -79.56
C THR M 146 1.64 84.42 -78.74
N THR M 147 1.43 84.18 -77.45
CA THR M 147 2.42 83.49 -76.63
C THR M 147 1.68 82.60 -75.65
N TYR M 148 2.35 81.53 -75.24
CA TYR M 148 1.78 80.55 -74.32
C TYR M 148 2.78 80.37 -73.18
N ASN M 149 2.40 80.81 -71.99
CA ASN M 149 3.35 80.83 -70.88
C ASN M 149 3.33 79.51 -70.12
N ASN M 150 2.61 78.53 -70.66
CA ASN M 150 2.15 77.39 -69.90
C ASN M 150 1.33 77.97 -68.75
N ASP M 151 1.33 77.30 -67.61
CA ASP M 151 0.61 77.77 -66.43
C ASP M 151 0.70 76.69 -65.38
N LEU M 152 0.51 77.08 -64.14
CA LEU M 152 0.23 76.16 -63.06
C LEU M 152 -0.87 76.81 -62.24
N THR M 153 -1.26 76.15 -61.16
CA THR M 153 -2.34 76.63 -60.32
C THR M 153 -3.57 77.00 -61.14
N ALA M 154 -3.91 76.18 -62.11
CA ALA M 154 -5.13 76.34 -62.89
C ALA M 154 -5.87 75.00 -62.91
N GLY M 155 -7.11 75.01 -63.37
CA GLY M 155 -7.98 73.88 -63.18
C GLY M 155 -8.88 73.63 -64.37
N VAL M 156 -9.44 72.43 -64.38
CA VAL M 156 -10.32 71.97 -65.43
C VAL M 156 -11.45 71.20 -64.79
N HIS M 157 -12.68 71.57 -65.13
CA HIS M 157 -13.85 70.86 -64.63
C HIS M 157 -14.10 69.65 -65.51
N ILE M 158 -14.39 68.51 -64.90
CA ILE M 158 -14.69 67.29 -65.63
C ILE M 158 -15.90 66.65 -64.98
N PHE M 159 -16.93 66.41 -65.77
CA PHE M 159 -18.21 65.94 -65.26
C PHE M 159 -18.72 64.83 -66.15
N CYS M 160 -19.28 63.79 -65.54
CA CYS M 160 -19.82 62.65 -66.27
C CYS M 160 -21.27 62.42 -65.85
N ASP M 161 -22.06 61.86 -66.76
CA ASP M 161 -23.46 61.52 -66.49
C ASP M 161 -23.58 60.02 -66.24
N GLY M 162 -23.83 59.64 -64.99
CA GLY M 162 -24.20 58.26 -64.74
C GLY M 162 -25.71 58.09 -64.76
N GLU M 163 -26.42 59.17 -64.44
CA GLU M 163 -27.86 59.12 -64.39
C GLU M 163 -28.51 59.50 -65.71
N HIS M 164 -27.75 60.07 -66.64
CA HIS M 164 -28.27 60.67 -67.86
C HIS M 164 -29.33 61.72 -67.57
N ALA M 165 -29.28 62.36 -66.42
CA ALA M 165 -29.85 63.70 -66.33
C ALA M 165 -29.05 64.60 -67.23
N TYR M 166 -29.64 65.73 -67.60
CA TYR M 166 -29.11 66.68 -68.56
C TYR M 166 -29.38 66.22 -69.99
N PRO M 167 -29.50 67.16 -70.91
CA PRO M 167 -30.00 66.84 -72.27
C PRO M 167 -29.12 65.97 -73.15
N ASN M 168 -27.91 65.61 -72.73
CA ASN M 168 -27.02 64.65 -73.40
C ASN M 168 -26.80 64.92 -74.90
N ALA M 169 -25.90 65.86 -75.19
CA ALA M 169 -25.67 66.35 -76.56
C ALA M 169 -25.57 65.22 -77.58
N THR M 170 -24.94 64.11 -77.23
CA THR M 170 -24.56 63.11 -78.24
C THR M 170 -25.76 62.69 -79.07
N HIS M 171 -25.60 62.82 -80.39
CA HIS M 171 -26.51 62.38 -81.42
C HIS M 171 -25.72 61.44 -82.31
N PRO M 172 -26.34 60.37 -82.82
CA PRO M 172 -25.53 59.33 -83.49
C PRO M 172 -24.56 59.83 -84.55
N TRP M 173 -25.00 60.65 -85.49
CA TRP M 173 -24.10 60.97 -86.61
C TRP M 173 -23.20 62.14 -86.24
N ASP M 174 -23.76 63.33 -86.17
CA ASP M 174 -23.05 64.54 -85.77
C ASP M 174 -21.76 64.62 -86.59
N GLU M 175 -20.62 64.85 -85.97
CA GLU M 175 -19.34 65.11 -86.60
C GLU M 175 -18.35 64.45 -85.69
N ASP M 176 -17.07 64.78 -85.86
CA ASP M 176 -16.06 64.71 -84.77
C ASP M 176 -16.04 63.29 -84.22
N VAL M 177 -16.52 63.05 -83.00
CA VAL M 177 -16.25 61.86 -82.21
C VAL M 177 -14.73 61.87 -82.07
N MET M 178 -14.11 60.71 -82.00
CA MET M 178 -12.66 60.70 -81.97
C MET M 178 -12.17 60.73 -83.42
N PRO M 179 -11.05 61.35 -83.70
CA PRO M 179 -10.51 61.25 -85.04
C PRO M 179 -10.17 59.78 -85.30
N GLU M 180 -10.65 59.25 -86.41
CA GLU M 180 -10.43 57.84 -86.70
C GLU M 180 -8.96 57.49 -86.67
N LEU M 181 -8.10 58.48 -86.81
CA LEU M 181 -6.67 58.33 -86.93
C LEU M 181 -6.01 58.89 -85.69
N PRO M 182 -5.23 58.12 -84.92
CA PRO M 182 -4.56 58.71 -83.74
C PRO M 182 -3.57 59.77 -84.14
N TYR M 183 -2.80 60.30 -83.20
CA TYR M 183 -1.82 61.37 -83.42
C TYR M 183 -2.49 62.64 -83.94
N GLN M 184 -3.76 62.53 -84.28
CA GLN M 184 -4.53 63.66 -84.78
C GLN M 184 -5.22 64.30 -83.60
N THR M 185 -4.88 65.55 -83.31
CA THR M 185 -5.43 66.21 -82.14
C THR M 185 -6.94 66.31 -82.24
N TRP M 186 -7.61 66.21 -81.10
CA TRP M 186 -9.05 66.11 -81.08
C TRP M 186 -9.66 67.36 -80.46
N TYR M 187 -10.28 68.18 -81.28
CA TYR M 187 -10.88 69.42 -80.82
C TYR M 187 -12.28 69.13 -80.33
N LEU M 188 -12.55 69.47 -79.08
CA LEU M 188 -13.86 69.29 -78.50
C LEU M 188 -14.85 70.30 -79.03
N PHE M 189 -16.13 69.98 -78.86
CA PHE M 189 -17.21 70.80 -79.37
C PHE M 189 -18.11 71.25 -78.22
N GLN M 190 -18.69 72.42 -78.40
CA GLN M 190 -19.48 73.04 -77.35
C GLN M 190 -20.73 72.24 -77.05
N TYR M 191 -21.12 72.19 -75.80
CA TYR M 191 -22.34 71.50 -75.39
C TYR M 191 -23.51 72.45 -75.45
N GLY M 192 -24.60 72.00 -76.09
CA GLY M 192 -25.80 72.78 -76.18
C GLY M 192 -26.99 71.84 -76.26
N TYR M 193 -28.17 72.41 -76.12
CA TYR M 193 -29.36 71.59 -76.19
C TYR M 193 -30.56 72.44 -76.55
N ILE M 194 -31.59 71.79 -77.08
CA ILE M 194 -32.84 72.46 -77.41
C ILE M 194 -33.74 72.46 -76.19
N PRO M 195 -33.97 73.60 -75.55
CA PRO M 195 -34.93 73.60 -74.43
C PRO M 195 -36.36 73.32 -74.87
N VAL M 196 -36.82 73.98 -75.93
CA VAL M 196 -38.18 73.83 -76.45
C VAL M 196 -38.19 74.22 -77.92
N ILE M 197 -39.13 73.65 -78.67
CA ILE M 197 -39.35 74.04 -80.06
C ILE M 197 -39.52 75.55 -80.13
N HIS M 198 -38.78 76.18 -81.04
CA HIS M 198 -38.80 77.64 -81.11
C HIS M 198 -40.18 78.15 -81.49
N GLU M 199 -40.71 77.68 -82.62
CA GLU M 199 -42.13 77.89 -82.85
C GLU M 199 -42.89 77.19 -81.73
N LEU M 200 -44.13 77.61 -81.50
CA LEU M 200 -44.84 77.16 -80.30
C LEU M 200 -44.12 77.66 -79.04
N ALA M 201 -44.41 78.91 -78.66
CA ALA M 201 -43.62 79.82 -77.83
C ALA M 201 -42.85 80.89 -78.59
N GLU M 202 -43.03 80.98 -79.91
CA GLU M 202 -42.36 82.06 -80.65
C GLU M 202 -42.49 83.48 -80.05
N MET M 203 -43.65 83.95 -79.55
CA MET M 203 -44.98 83.38 -79.70
C MET M 203 -45.86 84.47 -80.33
N GLU M 204 -46.96 84.10 -80.96
CA GLU M 204 -47.72 85.07 -81.72
C GLU M 204 -48.86 85.66 -80.91
N ASP M 205 -48.69 86.92 -80.52
CA ASP M 205 -49.73 87.72 -79.88
C ASP M 205 -50.40 86.97 -78.74
N SER M 206 -51.71 87.14 -78.60
CA SER M 206 -52.58 86.24 -77.83
C SER M 206 -51.90 85.89 -76.45
N ASN M 207 -51.56 84.66 -76.02
CA ASN M 207 -51.86 83.34 -76.55
C ASN M 207 -52.32 82.41 -75.43
N ALA M 208 -51.39 82.22 -74.48
CA ALA M 208 -51.55 81.45 -73.25
C ALA M 208 -51.45 79.95 -73.51
N VAL M 209 -51.61 79.53 -74.75
CA VAL M 209 -51.25 78.16 -75.11
C VAL M 209 -49.76 78.05 -75.42
N GLU M 210 -49.21 79.07 -76.09
CA GLU M 210 -47.76 79.12 -76.27
C GLU M 210 -47.08 79.88 -75.14
N LYS M 211 -47.85 80.60 -74.32
CA LYS M 211 -47.28 81.16 -73.12
C LYS M 211 -46.84 80.05 -72.19
N ALA M 212 -47.74 79.13 -71.88
CA ALA M 212 -47.30 77.83 -71.43
C ALA M 212 -46.53 77.17 -72.56
N ILE M 213 -45.61 76.28 -72.19
CA ILE M 213 -44.59 75.67 -73.04
C ILE M 213 -43.47 76.67 -73.28
N CYS M 214 -43.76 77.97 -73.14
CA CYS M 214 -42.68 78.93 -73.02
C CYS M 214 -42.25 79.08 -71.57
N LEU M 215 -43.22 79.13 -70.67
CA LEU M 215 -42.92 79.19 -69.24
C LEU M 215 -42.27 77.91 -68.76
N GLN M 216 -42.59 76.79 -69.40
CA GLN M 216 -42.14 75.51 -68.88
C GLN M 216 -40.80 75.08 -69.43
N ILE M 217 -40.14 75.92 -70.25
CA ILE M 217 -38.90 75.46 -70.86
C ILE M 217 -37.93 75.23 -69.72
N PRO M 218 -37.37 74.04 -69.60
CA PRO M 218 -36.42 73.78 -68.54
C PRO M 218 -35.07 74.38 -68.87
N PHE M 219 -34.32 74.69 -67.83
CA PHE M 219 -32.99 75.26 -67.97
C PHE M 219 -32.03 74.42 -67.16
N PHE M 220 -31.12 73.74 -67.85
CA PHE M 220 -30.20 72.82 -67.23
C PHE M 220 -28.83 73.46 -67.15
N MET M 221 -28.11 73.16 -66.07
CA MET M 221 -26.80 73.71 -65.83
C MET M 221 -25.93 72.60 -65.30
N LEU M 222 -24.70 72.53 -65.79
CA LEU M 222 -23.82 71.47 -65.35
C LEU M 222 -23.11 71.82 -64.07
N GLU M 223 -23.43 72.96 -63.45
CA GLU M 223 -22.75 73.29 -62.21
C GLU M 223 -23.37 72.48 -61.08
N ASN M 224 -24.56 72.87 -60.58
CA ASN M 224 -25.52 71.91 -60.05
C ASN M 224 -24.85 70.70 -59.43
N SER M 225 -25.13 69.52 -59.97
CA SER M 225 -24.48 68.30 -59.51
C SER M 225 -22.96 68.44 -59.51
N ASP M 226 -22.33 67.88 -58.49
CA ASP M 226 -20.91 68.08 -58.27
C ASP M 226 -20.07 67.37 -59.32
N HIS M 227 -18.84 67.85 -59.49
CA HIS M 227 -17.91 67.29 -60.44
C HIS M 227 -16.50 67.66 -60.03
N GLU M 228 -15.53 66.96 -60.63
CA GLU M 228 -14.15 67.12 -60.23
C GLU M 228 -13.47 68.24 -61.00
N VAL M 229 -12.62 68.97 -60.31
CA VAL M 229 -11.70 69.91 -60.92
C VAL M 229 -10.32 69.28 -60.84
N LEU M 230 -9.49 69.55 -61.84
CA LEU M 230 -8.17 68.94 -61.91
C LEU M 230 -7.14 70.00 -62.24
N ARG M 231 -6.07 70.05 -61.45
CA ARG M 231 -4.90 70.75 -61.92
C ARG M 231 -4.11 69.81 -62.81
N THR M 232 -2.88 70.19 -63.15
CA THR M 232 -2.08 69.39 -64.06
C THR M 232 -1.81 67.99 -63.52
N GLY M 233 -1.20 67.88 -62.34
CA GLY M 233 -0.76 66.59 -61.87
C GLY M 233 -1.85 65.55 -61.69
N GLU M 234 -3.10 66.00 -61.54
CA GLU M 234 -4.20 65.09 -61.30
C GLU M 234 -4.73 64.49 -62.60
N SER M 235 -5.39 63.34 -62.48
CA SER M 235 -6.10 62.69 -63.58
C SER M 235 -7.46 62.23 -63.10
N THR M 236 -8.18 61.55 -64.00
CA THR M 236 -9.50 61.02 -63.68
C THR M 236 -9.77 59.80 -64.53
N GLU M 237 -10.51 58.85 -63.97
CA GLU M 237 -10.97 57.68 -64.68
C GLU M 237 -12.48 57.63 -64.70
N PHE M 238 -13.02 56.97 -65.72
CA PHE M 238 -14.45 56.70 -65.79
C PHE M 238 -14.65 55.31 -66.35
N THR M 239 -15.64 54.60 -65.84
CA THR M 239 -15.98 53.28 -66.34
C THR M 239 -17.43 53.28 -66.81
N PHE M 240 -17.75 52.33 -67.67
CA PHE M 240 -19.10 52.18 -68.17
C PHE M 240 -19.36 50.71 -68.43
N ASN M 241 -20.59 50.30 -68.20
CA ASN M 241 -21.04 48.96 -68.55
C ASN M 241 -22.26 49.08 -69.44
N PHE M 242 -22.44 48.10 -70.31
CA PHE M 242 -23.45 48.17 -71.35
C PHE M 242 -24.43 47.03 -71.19
N ASP M 243 -25.71 47.38 -71.05
CA ASP M 243 -26.79 46.45 -71.36
C ASP M 243 -27.15 46.72 -72.81
N CYS M 244 -26.81 45.78 -73.69
CA CYS M 244 -26.66 46.12 -75.09
C CYS M 244 -27.02 44.92 -75.96
N GLU M 245 -27.61 45.19 -77.10
CA GLU M 245 -27.99 44.16 -78.05
C GLU M 245 -26.84 43.87 -78.99
N TRP M 246 -26.70 42.60 -79.36
CA TRP M 246 -25.69 42.21 -80.33
C TRP M 246 -25.95 42.90 -81.66
N ILE M 247 -24.87 43.20 -82.38
CA ILE M 247 -24.97 43.56 -83.78
C ILE M 247 -24.38 42.40 -84.58
N ASN M 248 -25.15 41.89 -85.52
CA ASN M 248 -24.86 40.61 -86.15
C ASN M 248 -24.21 40.81 -87.50
N ASN M 249 -23.04 40.21 -87.67
CA ASN M 249 -22.40 40.11 -88.98
C ASN M 249 -22.67 38.71 -89.50
N GLU M 250 -23.55 38.61 -90.48
CA GLU M 250 -24.13 37.37 -90.99
C GLU M 250 -24.96 37.75 -92.20
N ARG M 251 -25.24 36.75 -93.02
CA ARG M 251 -25.90 36.98 -94.29
C ARG M 251 -26.88 35.86 -94.54
N ALA M 252 -28.10 36.22 -94.92
CA ALA M 252 -29.09 35.25 -95.35
C ALA M 252 -28.96 35.07 -96.85
N TYR M 253 -28.64 33.86 -97.27
CA TYR M 253 -28.47 33.58 -98.69
C TYR M 253 -29.79 33.45 -99.41
N ILE M 254 -30.90 33.33 -98.70
CA ILE M 254 -32.24 33.28 -99.30
C ILE M 254 -33.20 34.08 -98.44
N PRO M 255 -34.29 34.57 -99.04
CA PRO M 255 -35.34 35.17 -98.26
C PRO M 255 -35.91 34.18 -97.26
N PRO M 256 -36.50 34.64 -96.17
CA PRO M 256 -37.08 33.70 -95.21
C PRO M 256 -38.24 32.91 -95.76
N GLY M 257 -38.96 33.47 -96.73
CA GLY M 257 -40.05 32.75 -97.35
C GLY M 257 -39.63 31.74 -98.39
N LEU M 258 -38.35 31.66 -98.70
CA LEU M 258 -37.83 30.76 -99.71
C LEU M 258 -37.35 29.45 -99.10
N MET M 259 -37.58 29.23 -97.82
CA MET M 259 -37.11 28.04 -97.13
C MET M 259 -38.15 26.95 -97.26
N PHE M 260 -37.84 25.93 -98.05
CA PHE M 260 -38.69 24.76 -98.20
C PHE M 260 -38.00 23.81 -99.16
N ASN M 261 -38.43 22.57 -99.14
CA ASN M 261 -37.91 21.59 -100.08
C ASN M 261 -38.78 21.64 -101.33
N PRO M 262 -38.29 22.20 -102.43
CA PRO M 262 -39.14 22.35 -103.61
C PRO M 262 -39.44 21.04 -104.30
N LEU M 263 -38.68 20.00 -103.99
CA LEU M 263 -38.94 18.69 -104.58
C LEU M 263 -40.25 18.12 -104.06
N VAL M 264 -40.52 18.28 -102.77
CA VAL M 264 -41.67 17.63 -102.16
C VAL M 264 -42.95 18.35 -102.55
N PRO M 265 -44.00 17.65 -102.97
CA PRO M 265 -45.27 18.32 -103.24
C PRO M 265 -45.87 18.87 -101.96
N THR M 266 -46.80 19.81 -102.13
CA THR M 266 -47.44 20.44 -101.00
C THR M 266 -48.92 20.10 -100.97
N ARG M 267 -49.48 20.04 -99.76
CA ARG M 267 -50.91 19.95 -99.62
C ARG M 267 -51.50 21.31 -99.29
N ARG M 268 -52.09 21.93 -100.32
CA ARG M 268 -52.60 23.29 -100.26
C ARG M 268 -53.28 23.55 -101.60
N ALA M 269 -54.10 24.57 -101.68
CA ALA M 269 -54.80 24.85 -102.93
C ALA M 269 -54.95 26.34 -103.12
N GLN M 270 -55.11 26.72 -104.38
CA GLN M 270 -55.27 28.11 -104.78
C GLN M 270 -56.63 28.24 -105.45
N TYR M 271 -57.55 28.95 -104.82
CA TYR M 271 -58.75 29.40 -105.50
C TYR M 271 -58.43 30.75 -106.11
N ILE M 272 -58.83 30.94 -107.35
CA ILE M 272 -58.59 32.19 -108.05
C ILE M 272 -59.92 32.73 -108.55
N ARG M 273 -60.23 33.96 -108.18
CA ARG M 273 -61.51 34.56 -108.51
C ARG M 273 -61.66 34.70 -110.03
N ARG M 274 -62.91 34.75 -110.48
CA ARG M 274 -63.20 35.10 -111.86
C ARG M 274 -62.48 36.39 -112.23
N ASN M 275 -61.81 36.38 -113.38
CA ASN M 275 -60.87 37.46 -113.69
C ASN M 275 -61.59 38.72 -114.13
N ASN M 276 -62.80 38.59 -114.68
CA ASN M 276 -63.59 39.75 -115.11
C ASN M 276 -62.76 40.65 -116.03
N ASN M 277 -62.56 40.16 -117.26
CA ASN M 277 -61.58 40.66 -118.22
C ASN M 277 -60.19 40.27 -117.72
N PRO M 278 -59.26 39.95 -118.62
CA PRO M 278 -59.55 39.56 -120.02
C PRO M 278 -60.37 38.28 -120.16
N GLN M 279 -60.02 37.23 -119.42
CA GLN M 279 -60.49 35.89 -119.70
C GLN M 279 -60.14 34.99 -118.51
N THR M 280 -60.21 33.66 -118.69
CA THR M 280 -59.81 32.69 -117.66
C THR M 280 -60.68 32.72 -116.42
N ALA M 281 -61.86 32.13 -116.52
CA ALA M 281 -62.80 32.03 -115.41
C ALA M 281 -62.18 31.23 -114.25
N GLU M 282 -62.78 31.41 -113.08
CA GLU M 282 -62.19 30.94 -111.83
C GLU M 282 -61.90 29.45 -111.86
N SER M 283 -60.84 29.07 -111.16
CA SER M 283 -60.47 27.67 -111.03
C SER M 283 -59.69 27.49 -109.73
N THR M 284 -59.78 26.30 -109.16
CA THR M 284 -58.96 25.90 -108.03
C THR M 284 -57.93 24.88 -108.47
N SER M 285 -56.76 24.91 -107.83
CA SER M 285 -55.66 24.05 -108.23
C SER M 285 -54.71 23.87 -107.05
N ARG M 286 -53.93 22.80 -107.12
CA ARG M 286 -52.93 22.55 -106.10
C ARG M 286 -51.71 23.42 -106.33
N ILE M 287 -51.14 23.91 -105.23
CA ILE M 287 -49.94 24.73 -105.33
C ILE M 287 -48.77 23.89 -105.79
N ALA M 288 -48.00 24.43 -106.74
CA ALA M 288 -46.89 23.70 -107.32
C ALA M 288 -45.87 23.35 -106.25
N PRO M 289 -45.11 22.27 -106.46
CA PRO M 289 -44.12 21.88 -105.44
C PRO M 289 -43.10 22.96 -105.17
N TYR M 290 -42.54 23.54 -106.22
CA TYR M 290 -41.79 24.77 -106.08
C TYR M 290 -42.76 25.90 -105.75
N ALA M 291 -42.22 26.99 -105.22
CA ALA M 291 -43.01 28.19 -104.95
C ALA M 291 -44.18 27.89 -104.01
N LYS M 292 -43.85 27.29 -102.89
CA LYS M 292 -44.85 27.08 -101.86
C LYS M 292 -45.12 28.40 -101.13
N PRO M 293 -46.34 28.58 -100.63
CA PRO M 293 -46.65 29.79 -99.89
C PRO M 293 -45.85 29.88 -98.60
N THR M 294 -45.80 31.07 -98.04
CA THR M 294 -45.01 31.29 -96.86
C THR M 294 -45.76 32.14 -95.84
N SER M 295 -45.35 31.99 -94.60
CA SER M 295 -45.49 33.00 -93.58
C SER M 295 -44.39 34.03 -93.74
N TRP M 296 -44.14 34.79 -92.70
CA TRP M 296 -42.93 35.60 -92.67
C TRP M 296 -42.97 36.72 -93.70
N MET M 297 -43.77 37.72 -93.36
CA MET M 297 -43.94 38.99 -94.02
C MET M 297 -42.62 39.79 -94.03
N THR M 298 -42.52 40.72 -94.97
CA THR M 298 -41.33 41.57 -95.05
C THR M 298 -41.33 42.62 -93.95
N GLY M 299 -40.14 43.13 -93.65
CA GLY M 299 -39.98 44.16 -92.67
C GLY M 299 -40.64 45.46 -93.09
N PRO M 300 -40.95 46.31 -92.12
CA PRO M 300 -41.70 47.53 -92.42
C PRO M 300 -40.83 48.62 -93.01
N GLY M 301 -41.47 49.51 -93.77
CA GLY M 301 -40.82 50.67 -94.33
C GLY M 301 -41.86 51.70 -94.69
N LEU M 302 -41.41 52.90 -94.99
CA LEU M 302 -42.27 53.95 -95.53
C LEU M 302 -41.63 54.49 -96.80
N LEU M 303 -42.20 54.15 -97.96
CA LEU M 303 -41.66 54.54 -99.24
C LEU M 303 -42.42 55.64 -99.98
N SER M 304 -43.54 56.12 -99.47
CA SER M 304 -44.39 56.95 -100.32
C SER M 304 -43.91 58.39 -100.41
N ALA M 305 -43.41 58.93 -99.30
CA ALA M 305 -43.13 60.34 -99.16
C ALA M 305 -41.94 60.77 -100.02
N GLN M 306 -41.82 62.08 -100.22
CA GLN M 306 -40.68 62.69 -100.88
C GLN M 306 -40.22 63.89 -100.08
N ARG M 307 -38.91 64.08 -100.00
CA ARG M 307 -38.36 65.22 -99.27
C ARG M 307 -38.91 66.53 -99.85
N VAL M 308 -39.18 67.47 -98.96
CA VAL M 308 -40.02 68.63 -99.26
C VAL M 308 -39.21 69.91 -99.17
N GLY M 309 -39.01 70.56 -100.31
CA GLY M 309 -38.56 71.93 -100.33
C GLY M 309 -37.07 72.09 -100.34
N PRO M 310 -36.61 73.32 -100.09
CA PRO M 310 -35.19 73.62 -100.21
C PRO M 310 -34.39 73.07 -99.04
N ALA M 311 -33.10 72.90 -99.28
CA ALA M 311 -32.20 72.48 -98.22
C ALA M 311 -32.09 73.59 -97.17
N THR M 312 -31.62 73.20 -95.98
CA THR M 312 -31.50 74.00 -94.76
C THR M 312 -32.87 74.19 -94.12
N SER M 313 -33.95 73.76 -94.75
CA SER M 313 -35.29 73.83 -94.20
C SER M 313 -35.71 72.54 -93.49
N ASP M 314 -34.78 71.59 -93.31
CA ASP M 314 -35.08 70.28 -92.73
C ASP M 314 -36.07 69.50 -93.60
N THR M 315 -35.60 69.01 -94.74
CA THR M 315 -36.45 68.18 -95.58
C THR M 315 -36.25 66.73 -95.20
N GLY M 316 -37.24 66.15 -94.53
CA GLY M 316 -37.12 64.78 -94.09
C GLY M 316 -37.96 63.77 -94.83
N ALA M 317 -38.93 64.25 -95.62
CA ALA M 317 -40.00 63.52 -96.27
C ALA M 317 -41.00 62.96 -95.27
N TRP M 318 -40.65 62.84 -94.00
CA TRP M 318 -41.59 62.50 -92.94
C TRP M 318 -41.25 63.40 -91.76
N MET M 319 -42.19 64.25 -91.38
CA MET M 319 -42.01 65.13 -90.24
C MET M 319 -42.88 64.63 -89.11
N VAL M 320 -42.28 64.45 -87.93
CA VAL M 320 -43.04 63.94 -86.80
C VAL M 320 -43.84 65.06 -86.13
N ALA M 321 -43.23 66.21 -85.95
CA ALA M 321 -43.83 67.39 -85.33
C ALA M 321 -44.56 67.13 -84.02
N VAL M 322 -45.53 67.98 -83.72
CA VAL M 322 -46.36 67.88 -82.53
C VAL M 322 -47.81 68.23 -82.82
N LYS M 323 -48.04 69.49 -83.21
CA LYS M 323 -49.38 70.05 -83.41
C LYS M 323 -50.23 70.00 -82.13
N PRO M 324 -49.92 70.81 -81.12
CA PRO M 324 -50.89 71.04 -80.05
C PRO M 324 -52.14 71.71 -80.61
N GLU M 325 -53.23 71.60 -79.85
CA GLU M 325 -54.55 71.79 -80.44
C GLU M 325 -54.75 73.24 -80.91
N ASN M 326 -54.29 74.21 -80.13
CA ASN M 326 -54.38 75.59 -80.60
C ASN M 326 -53.02 76.10 -81.05
N ALA M 327 -52.20 76.47 -80.07
CA ALA M 327 -50.87 77.05 -80.27
C ALA M 327 -50.96 78.17 -81.30
N SER M 328 -49.93 78.30 -82.13
CA SER M 328 -49.98 79.01 -83.40
C SER M 328 -48.78 78.54 -84.19
N ILE M 329 -48.87 78.65 -85.51
CA ILE M 329 -47.82 78.11 -86.36
C ILE M 329 -47.61 79.05 -87.54
N ASP M 330 -46.34 79.28 -87.85
CA ASP M 330 -45.92 80.06 -89.00
C ASP M 330 -46.03 79.18 -90.24
N THR M 331 -45.43 79.59 -91.35
CA THR M 331 -45.28 78.68 -92.47
C THR M 331 -44.67 77.38 -91.98
N GLY M 332 -45.23 76.27 -92.42
CA GLY M 332 -44.89 74.98 -91.85
C GLY M 332 -46.01 74.36 -91.04
N MET M 333 -45.97 73.05 -90.70
CA MET M 333 -44.96 72.02 -91.07
C MET M 333 -43.50 72.47 -90.92
N SER M 334 -42.72 72.41 -91.99
CA SER M 334 -41.36 72.93 -92.04
C SER M 334 -40.46 72.32 -90.90
N GLY M 335 -39.94 73.01 -89.87
CA GLY M 335 -40.40 74.23 -89.21
C GLY M 335 -41.00 73.92 -87.86
N ILE M 336 -41.49 72.69 -87.73
CA ILE M 336 -41.80 72.08 -86.44
C ILE M 336 -41.45 70.61 -86.55
N GLY M 337 -41.01 70.03 -85.45
CA GLY M 337 -40.67 68.63 -85.44
C GLY M 337 -39.46 68.31 -86.29
N SER M 338 -39.22 67.01 -86.45
CA SER M 338 -37.98 66.50 -87.00
C SER M 338 -38.27 65.62 -88.21
N GLY M 339 -37.34 65.62 -89.16
CA GLY M 339 -37.45 64.70 -90.28
C GLY M 339 -37.07 63.29 -89.86
N PHE M 340 -37.82 62.32 -90.35
CA PHE M 340 -37.56 60.92 -90.06
C PHE M 340 -36.73 60.33 -91.20
N ASP M 341 -35.55 59.82 -90.86
CA ASP M 341 -34.59 59.41 -91.86
C ASP M 341 -33.78 58.20 -91.39
N PRO M 342 -33.49 57.25 -92.29
CA PRO M 342 -34.18 56.92 -93.54
C PRO M 342 -35.44 56.10 -93.37
N PRO M 343 -36.55 56.53 -93.96
CA PRO M 343 -37.54 55.56 -94.39
C PRO M 343 -37.29 55.08 -95.83
N GLN M 344 -37.45 53.81 -96.23
CA GLN M 344 -37.10 52.59 -95.50
C GLN M 344 -37.77 52.46 -94.10
N GLY M 345 -37.18 51.88 -93.04
CA GLY M 345 -36.05 50.97 -92.99
C GLY M 345 -36.29 49.69 -93.76
N SER M 346 -35.22 48.91 -93.93
CA SER M 346 -35.28 47.70 -94.75
C SER M 346 -35.84 48.04 -96.12
N LEU M 347 -36.70 47.16 -96.63
CA LEU M 347 -37.63 47.48 -97.71
C LEU M 347 -36.96 48.27 -98.82
N ALA M 348 -36.18 47.60 -99.67
CA ALA M 348 -35.17 48.25 -100.49
C ALA M 348 -35.71 49.51 -101.17
N PRO M 349 -34.99 50.62 -101.11
CA PRO M 349 -35.54 51.91 -101.52
C PRO M 349 -35.66 52.04 -103.03
N THR M 350 -36.44 53.04 -103.43
CA THR M 350 -36.64 53.34 -104.84
C THR M 350 -35.45 54.09 -105.42
N ASN M 351 -35.23 55.33 -104.97
CA ASN M 351 -34.13 56.09 -105.50
C ASN M 351 -33.17 56.51 -104.40
N LEU M 352 -32.18 57.30 -104.79
CA LEU M 352 -31.10 57.75 -103.91
C LEU M 352 -31.64 58.48 -102.70
N GLU M 353 -32.84 59.07 -102.83
CA GLU M 353 -33.37 59.95 -101.79
C GLU M 353 -33.52 59.24 -100.45
N TYR M 354 -33.71 57.92 -100.46
CA TYR M 354 -33.87 57.13 -99.25
C TYR M 354 -32.60 56.40 -98.83
N LYS M 355 -31.50 56.57 -99.56
CA LYS M 355 -30.39 55.64 -99.52
C LYS M 355 -29.36 55.99 -98.45
N ILE M 356 -29.71 56.92 -97.56
CA ILE M 356 -28.83 57.62 -96.64
C ILE M 356 -27.75 58.31 -97.46
N GLN M 357 -26.62 58.63 -96.84
CA GLN M 357 -25.46 59.27 -97.46
C GLN M 357 -24.62 59.81 -96.32
N TRP M 358 -23.33 60.09 -96.51
CA TRP M 358 -22.61 60.95 -95.59
C TRP M 358 -21.32 61.41 -96.26
N TYR M 359 -20.74 62.49 -95.73
CA TYR M 359 -19.58 63.08 -96.40
C TYR M 359 -18.27 62.58 -95.83
N GLN M 360 -18.29 61.90 -94.68
CA GLN M 360 -17.10 61.40 -94.00
C GLN M 360 -15.96 62.40 -93.97
N THR M 361 -16.30 63.69 -93.87
CA THR M 361 -15.34 64.79 -93.94
C THR M 361 -16.08 66.10 -93.74
N PRO M 362 -15.57 66.99 -92.90
CA PRO M 362 -16.21 68.31 -92.78
C PRO M 362 -15.99 69.18 -94.00
N GLN M 363 -14.90 68.98 -94.73
CA GLN M 363 -14.65 69.77 -95.93
C GLN M 363 -15.53 69.36 -97.09
N GLY M 364 -16.32 68.30 -96.92
CA GLY M 364 -17.14 67.80 -98.01
C GLY M 364 -18.17 68.78 -98.53
N THR M 365 -18.09 69.07 -99.83
CA THR M 365 -19.04 69.94 -100.49
C THR M 365 -20.25 69.11 -100.91
N ASN M 366 -21.12 69.67 -101.75
CA ASN M 366 -22.34 68.97 -102.12
C ASN M 366 -22.05 67.59 -102.68
N ASN M 367 -21.28 67.50 -103.76
CA ASN M 367 -20.74 66.24 -104.21
C ASN M 367 -19.23 66.28 -104.08
N ASN M 368 -18.73 65.62 -103.04
CA ASN M 368 -17.33 65.42 -102.67
C ASN M 368 -17.40 64.65 -101.38
N GLY M 369 -16.36 63.90 -101.02
CA GLY M 369 -16.61 62.95 -99.94
C GLY M 369 -17.79 62.13 -100.39
N ASN M 370 -18.87 62.21 -99.63
CA ASN M 370 -20.20 61.88 -100.14
C ASN M 370 -20.35 60.41 -100.51
N ILE M 371 -19.92 59.53 -99.61
CA ILE M 371 -20.10 58.11 -99.87
C ILE M 371 -21.54 57.73 -99.55
N ILE M 372 -22.12 56.94 -100.41
CA ILE M 372 -23.54 56.65 -100.36
C ILE M 372 -23.74 55.19 -99.98
N SER M 373 -24.71 54.91 -99.13
CA SER M 373 -24.97 53.55 -98.72
C SER M 373 -25.42 52.71 -99.91
N ASN M 374 -25.25 51.40 -99.80
CA ASN M 374 -25.48 50.48 -100.90
C ASN M 374 -26.12 49.22 -100.35
N GLN M 375 -26.61 48.36 -101.24
CA GLN M 375 -27.26 47.14 -100.76
C GLN M 375 -26.21 46.12 -100.35
N PRO M 376 -26.40 45.46 -99.20
CA PRO M 376 -25.43 44.44 -98.76
C PRO M 376 -25.41 43.21 -99.63
N LEU M 377 -26.44 43.03 -100.46
CA LEU M 377 -26.73 41.83 -101.23
C LEU M 377 -27.19 40.70 -100.33
N SER M 378 -27.23 40.91 -99.02
CA SER M 378 -27.95 40.02 -98.12
C SER M 378 -29.41 39.99 -98.52
N MET M 379 -30.04 38.83 -98.32
CA MET M 379 -31.39 38.63 -98.83
C MET M 379 -32.48 38.99 -97.84
N LEU M 380 -32.14 39.52 -96.67
CA LEU M 380 -33.19 39.67 -95.67
C LEU M 380 -34.21 40.81 -95.83
N ARG M 381 -33.97 42.13 -95.70
CA ARG M 381 -32.86 43.06 -96.02
C ARG M 381 -33.04 43.68 -97.43
N ASP M 382 -33.97 43.18 -98.22
CA ASP M 382 -34.32 43.87 -99.46
C ASP M 382 -35.81 44.15 -99.47
N GLN M 383 -36.62 43.10 -99.49
CA GLN M 383 -38.00 43.15 -98.99
C GLN M 383 -38.85 44.18 -99.73
N ALA M 384 -39.22 43.84 -100.96
CA ALA M 384 -40.33 44.53 -101.57
C ALA M 384 -41.65 44.02 -100.99
N LEU M 385 -42.75 44.58 -101.47
CA LEU M 385 -44.06 44.00 -101.24
C LEU M 385 -44.97 44.48 -102.37
N PHE M 386 -45.90 43.64 -102.78
CA PHE M 386 -46.54 43.79 -104.08
C PHE M 386 -48.05 43.94 -104.01
N ARG M 387 -48.76 43.00 -103.41
CA ARG M 387 -50.23 43.08 -103.35
C ARG M 387 -50.76 43.08 -104.78
N GLY M 388 -51.89 43.75 -105.04
CA GLY M 388 -52.42 43.94 -106.38
C GLY M 388 -52.64 42.66 -107.15
N ASN M 389 -53.00 42.82 -108.43
CA ASN M 389 -53.98 43.79 -108.85
C ASN M 389 -55.23 42.97 -109.17
N GLN M 390 -55.06 41.65 -109.02
CA GLN M 390 -55.77 40.56 -109.68
C GLN M 390 -55.18 40.29 -111.05
N THR M 391 -54.35 41.19 -111.57
CA THR M 391 -53.71 41.05 -112.87
C THR M 391 -52.20 41.24 -112.74
N THR M 392 -51.76 42.37 -112.20
CA THR M 392 -50.35 42.69 -112.05
C THR M 392 -50.06 42.91 -110.57
N TYR M 393 -48.80 42.72 -110.18
CA TYR M 393 -48.35 43.12 -108.85
C TYR M 393 -47.85 44.55 -108.92
N ASN M 394 -48.15 45.34 -107.88
CA ASN M 394 -47.78 46.74 -107.84
C ASN M 394 -47.12 47.07 -106.50
N LEU M 395 -45.85 47.42 -106.54
CA LEU M 395 -45.12 47.73 -105.31
C LEU M 395 -45.87 48.74 -104.46
N CYS M 396 -46.04 48.41 -103.19
CA CYS M 396 -46.92 49.17 -102.31
C CYS M 396 -46.12 50.02 -101.34
N SER M 397 -46.54 51.27 -101.18
CA SER M 397 -46.03 52.17 -100.18
C SER M 397 -46.45 51.71 -98.79
N ASP M 398 -45.81 52.29 -97.77
CA ASP M 398 -46.01 51.91 -96.38
C ASP M 398 -45.50 50.50 -96.15
N VAL M 399 -46.36 49.55 -95.74
CA VAL M 399 -45.96 48.35 -95.03
C VAL M 399 -45.55 48.67 -93.60
N TRP M 400 -46.53 48.89 -92.74
CA TRP M 400 -46.37 49.07 -91.31
C TRP M 400 -46.05 47.74 -90.63
N MET M 401 -46.02 47.75 -89.31
CA MET M 401 -45.73 46.51 -88.58
C MET M 401 -46.83 45.49 -88.75
N PHE M 402 -46.45 44.23 -88.80
CA PHE M 402 -47.32 43.10 -89.05
C PHE M 402 -46.75 41.89 -88.31
N PRO M 403 -47.61 40.97 -87.86
CA PRO M 403 -47.15 39.94 -86.91
C PRO M 403 -45.95 39.10 -87.36
N ASN M 404 -45.92 38.66 -88.59
CA ASN M 404 -44.91 37.69 -88.99
C ASN M 404 -43.66 38.34 -89.58
N GLN M 405 -43.54 39.65 -89.50
CA GLN M 405 -42.48 40.33 -90.22
C GLN M 405 -41.09 39.92 -89.74
N ILE M 406 -40.18 39.80 -90.70
CA ILE M 406 -38.74 39.73 -90.43
C ILE M 406 -38.03 40.76 -91.28
N TRP M 407 -37.14 41.52 -90.66
CA TRP M 407 -36.23 42.37 -91.38
C TRP M 407 -34.88 42.19 -90.75
N ASP M 408 -33.86 42.69 -91.44
CA ASP M 408 -32.51 42.62 -90.93
C ASP M 408 -32.06 44.03 -90.59
N ARG M 409 -31.48 44.18 -89.42
CA ARG M 409 -31.04 45.49 -88.98
C ARG M 409 -30.01 46.03 -89.96
N TYR M 410 -29.94 47.36 -90.04
CA TYR M 410 -29.07 47.99 -91.03
C TYR M 410 -27.65 47.44 -90.93
N PRO M 411 -27.01 47.11 -92.05
CA PRO M 411 -25.73 46.39 -92.01
C PRO M 411 -24.60 47.17 -91.37
N ILE M 412 -24.81 48.46 -91.14
CA ILE M 412 -23.84 49.45 -90.69
C ILE M 412 -22.56 49.38 -91.51
N THR M 413 -21.44 49.75 -90.90
CA THR M 413 -20.14 49.91 -91.55
C THR M 413 -19.19 50.52 -90.52
N ARG M 414 -17.93 50.72 -90.90
CA ARG M 414 -16.98 51.28 -89.95
C ARG M 414 -17.27 52.73 -89.61
N GLU M 415 -18.02 53.44 -90.44
CA GLU M 415 -18.27 54.87 -90.24
C GLU M 415 -19.44 55.18 -89.34
N ASN M 416 -20.10 54.20 -88.81
CA ASN M 416 -21.37 54.42 -88.16
C ASN M 416 -21.22 54.73 -86.69
N PRO M 417 -22.20 55.39 -86.09
CA PRO M 417 -22.26 55.48 -84.64
C PRO M 417 -22.53 54.14 -84.01
N ILE M 418 -21.88 53.88 -82.88
CA ILE M 418 -22.05 52.62 -82.20
C ILE M 418 -23.44 52.53 -81.58
N TRP M 419 -23.82 53.55 -80.82
CA TRP M 419 -25.06 53.51 -80.05
C TRP M 419 -25.86 54.77 -80.27
N CYS M 420 -27.10 54.72 -79.79
CA CYS M 420 -28.01 55.84 -79.72
C CYS M 420 -28.83 55.68 -78.46
N LYS M 421 -29.16 56.80 -77.81
CA LYS M 421 -29.90 56.70 -76.57
C LYS M 421 -31.39 56.52 -76.86
N LYS M 422 -31.99 55.51 -76.24
CA LYS M 422 -33.41 55.29 -76.34
C LYS M 422 -34.11 56.22 -75.35
N PRO M 423 -34.88 57.19 -75.82
CA PRO M 423 -35.50 58.14 -74.90
C PRO M 423 -36.52 57.49 -73.97
N ARG M 424 -36.53 57.96 -72.73
CA ARG M 424 -37.42 57.41 -71.72
C ARG M 424 -38.85 57.79 -72.02
N SER M 425 -39.71 56.78 -72.11
CA SER M 425 -41.11 57.03 -72.38
C SER M 425 -41.91 55.83 -71.88
N ASP M 426 -43.21 56.04 -71.70
CA ASP M 426 -44.06 54.98 -71.19
C ASP M 426 -44.07 53.78 -72.13
N LYS M 427 -44.43 54.00 -73.38
CA LYS M 427 -44.64 52.93 -74.33
C LYS M 427 -43.74 53.09 -75.53
N HIS M 428 -43.35 51.97 -76.13
CA HIS M 428 -42.58 51.99 -77.35
C HIS M 428 -42.72 50.66 -78.06
N THR M 429 -42.40 50.66 -79.34
CA THR M 429 -42.40 49.46 -80.18
C THR M 429 -41.02 48.81 -80.20
N THR M 430 -40.76 47.96 -81.20
CA THR M 430 -39.61 47.05 -81.16
C THR M 430 -38.28 47.76 -80.90
N ILE M 431 -38.17 49.04 -81.25
CA ILE M 431 -36.93 49.80 -81.12
C ILE M 431 -35.82 49.19 -81.97
N ASP M 432 -35.92 49.30 -83.29
CA ASP M 432 -34.78 49.05 -84.15
C ASP M 432 -34.43 50.32 -84.89
N PRO M 433 -33.37 51.03 -84.53
CA PRO M 433 -33.03 52.26 -85.25
C PRO M 433 -32.60 51.97 -86.68
N PHE M 434 -33.06 52.79 -87.60
CA PHE M 434 -32.75 52.59 -89.02
C PHE M 434 -31.42 53.19 -89.42
N ASP M 435 -30.72 53.79 -88.48
CA ASP M 435 -29.36 54.24 -88.68
C ASP M 435 -28.37 53.13 -88.40
N GLY M 436 -28.85 51.92 -88.18
CA GLY M 436 -28.05 50.90 -87.56
C GLY M 436 -27.86 51.30 -86.12
N SER M 437 -26.61 51.44 -85.69
CA SER M 437 -26.28 51.82 -84.32
C SER M 437 -26.98 50.90 -83.33
N LEU M 438 -27.41 51.46 -82.20
CA LEU M 438 -27.96 50.68 -81.12
C LEU M 438 -28.82 51.60 -80.26
N ALA M 439 -29.67 51.00 -79.45
CA ALA M 439 -30.46 51.75 -78.50
C ALA M 439 -30.17 51.19 -77.11
N MET M 440 -29.97 52.10 -76.17
CA MET M 440 -29.73 51.70 -74.80
C MET M 440 -30.48 52.63 -73.86
N ASP M 441 -31.00 52.07 -72.77
CA ASP M 441 -31.56 52.89 -71.72
C ASP M 441 -30.56 53.92 -71.26
N HIS M 442 -29.41 53.45 -70.78
CA HIS M 442 -28.30 54.32 -70.41
C HIS M 442 -27.13 54.02 -71.32
N PRO M 443 -26.83 54.87 -72.28
CA PRO M 443 -25.62 54.72 -73.06
C PRO M 443 -24.43 55.15 -72.23
N PRO M 444 -23.23 55.16 -72.80
CA PRO M 444 -22.11 55.79 -72.08
C PRO M 444 -22.45 57.22 -71.73
N GLY M 445 -22.28 57.55 -70.45
CA GLY M 445 -22.55 58.91 -70.01
C GLY M 445 -21.57 59.87 -70.66
N THR M 446 -22.10 60.94 -71.23
CA THR M 446 -21.24 61.93 -71.87
C THR M 446 -20.34 62.58 -70.82
N ILE M 447 -19.06 62.64 -71.12
CA ILE M 447 -18.09 63.28 -70.24
C ILE M 447 -17.96 64.73 -70.67
N PHE M 448 -18.26 65.63 -69.75
CA PHE M 448 -18.21 67.06 -70.01
C PHE M 448 -16.97 67.64 -69.36
N ILE M 449 -16.43 68.69 -69.97
CA ILE M 449 -15.19 69.29 -69.49
C ILE M 449 -15.21 70.77 -69.82
N LYS M 450 -14.68 71.58 -68.91
CA LYS M 450 -14.73 73.02 -68.99
C LYS M 450 -13.44 73.57 -68.43
N MET M 451 -13.19 74.86 -68.70
CA MET M 451 -11.90 75.46 -68.41
C MET M 451 -11.81 76.19 -67.08
N ALA M 452 -12.83 76.14 -66.23
CA ALA M 452 -12.69 76.69 -64.89
C ALA M 452 -12.38 78.18 -64.90
N LYS M 453 -13.40 79.00 -65.12
CA LYS M 453 -13.22 80.43 -65.31
C LYS M 453 -12.31 81.01 -64.25
N ILE M 454 -11.29 81.73 -64.70
CA ILE M 454 -10.38 82.45 -63.82
C ILE M 454 -10.60 83.93 -64.06
N PRO M 455 -11.28 84.63 -63.17
CA PRO M 455 -11.61 86.03 -63.43
C PRO M 455 -10.42 86.93 -63.16
N VAL M 456 -10.60 88.20 -63.48
CA VAL M 456 -9.55 89.19 -63.30
C VAL M 456 -10.19 90.45 -62.78
N PRO M 457 -9.54 91.20 -61.92
CA PRO M 457 -10.19 92.35 -61.29
C PRO M 457 -10.35 93.51 -62.25
N SER M 458 -11.42 94.27 -62.06
CA SER M 458 -11.68 95.47 -62.83
C SER M 458 -12.51 96.44 -62.01
N ASN M 459 -12.73 97.63 -62.56
CA ASN M 459 -13.46 98.67 -61.85
C ASN M 459 -14.97 98.52 -61.99
N ASN M 460 -15.44 98.18 -63.19
CA ASN M 460 -16.86 98.22 -63.54
C ASN M 460 -17.85 97.60 -62.53
N ASN M 461 -17.64 96.37 -62.05
CA ASN M 461 -16.50 95.52 -62.38
C ASN M 461 -16.91 94.44 -63.36
N ALA M 462 -15.93 93.62 -63.74
CA ALA M 462 -16.12 92.51 -64.65
C ALA M 462 -16.72 93.02 -65.99
N ASP M 463 -17.45 92.21 -66.79
CA ASP M 463 -17.18 90.78 -66.96
C ASP M 463 -15.88 90.60 -67.71
N SER M 464 -14.95 89.90 -67.06
CA SER M 464 -13.64 89.68 -67.64
C SER M 464 -13.07 88.41 -67.03
N TYR M 465 -12.21 87.75 -67.79
CA TYR M 465 -11.68 86.46 -67.37
C TYR M 465 -10.34 86.25 -68.06
N LEU M 466 -9.60 85.28 -67.55
CA LEU M 466 -8.28 84.99 -68.07
C LEU M 466 -8.38 83.95 -69.17
N ASN M 467 -7.64 84.15 -70.25
CA ASN M 467 -7.78 83.36 -71.46
C ASN M 467 -6.82 82.18 -71.40
N ILE M 468 -7.35 80.97 -71.28
CA ILE M 468 -6.55 79.76 -71.13
C ILE M 468 -7.17 78.65 -71.98
N TYR M 469 -6.43 77.55 -72.12
CA TYR M 469 -6.97 76.36 -72.73
C TYR M 469 -6.28 75.15 -72.11
N CYS M 470 -6.94 74.00 -72.23
CA CYS M 470 -6.42 72.77 -71.65
C CYS M 470 -6.03 71.83 -72.77
N THR M 471 -5.12 70.93 -72.44
CA THR M 471 -4.65 69.95 -73.40
C THR M 471 -4.30 68.70 -72.63
N GLY M 472 -4.62 67.54 -73.19
CA GLY M 472 -4.38 66.34 -72.45
C GLY M 472 -4.68 65.13 -73.30
N GLN M 473 -4.79 63.98 -72.63
CA GLN M 473 -4.90 62.72 -73.32
C GLN M 473 -6.04 61.91 -72.76
N VAL M 474 -6.98 61.54 -73.63
CA VAL M 474 -8.05 60.62 -73.29
C VAL M 474 -7.65 59.25 -73.78
N SER M 475 -7.88 58.23 -72.97
CA SER M 475 -7.69 56.86 -73.41
C SER M 475 -9.02 56.15 -73.25
N CYS M 476 -9.63 55.80 -74.36
CA CYS M 476 -10.89 55.07 -74.34
C CYS M 476 -10.58 53.62 -74.64
N GLU M 477 -10.69 52.77 -73.63
CA GLU M 477 -10.40 51.34 -73.74
C GLU M 477 -11.71 50.60 -73.52
N ILE M 478 -12.24 49.97 -74.57
CA ILE M 478 -13.54 49.34 -74.50
C ILE M 478 -13.40 47.86 -74.85
N VAL M 479 -14.16 47.03 -74.17
CA VAL M 479 -14.14 45.60 -74.34
C VAL M 479 -15.38 45.20 -75.12
N TRP M 480 -15.21 44.27 -76.05
CA TRP M 480 -16.28 43.87 -76.95
C TRP M 480 -16.58 42.40 -76.73
N GLU M 481 -17.79 42.08 -76.29
CA GLU M 481 -18.23 40.70 -76.37
C GLU M 481 -18.31 40.30 -77.84
N VAL M 482 -17.66 39.20 -78.17
CA VAL M 482 -17.49 38.82 -79.57
C VAL M 482 -17.70 37.32 -79.68
N GLU M 483 -18.29 36.89 -80.80
CA GLU M 483 -18.58 35.49 -81.02
C GLU M 483 -18.09 35.08 -82.40
N ARG M 484 -17.45 33.93 -82.48
CA ARG M 484 -16.75 33.49 -83.69
C ARG M 484 -17.59 32.48 -84.44
N TYR M 485 -17.50 32.50 -85.76
CA TYR M 485 -18.46 31.78 -86.59
C TYR M 485 -17.91 30.42 -87.00
N ALA M 486 -18.82 29.44 -87.04
CA ALA M 486 -18.56 28.15 -87.65
C ALA M 486 -19.76 27.80 -88.52
N THR M 487 -19.50 27.17 -89.66
CA THR M 487 -20.59 26.88 -90.57
C THR M 487 -20.27 25.62 -91.36
N LYS M 488 -21.32 25.01 -91.89
CA LYS M 488 -21.20 23.80 -92.67
C LYS M 488 -21.14 24.06 -94.16
N ASN M 489 -21.13 25.32 -94.58
CA ASN M 489 -21.03 25.62 -96.00
C ASN M 489 -19.76 25.04 -96.58
N TRP M 490 -19.86 24.51 -97.78
CA TRP M 490 -18.69 23.96 -98.46
C TRP M 490 -17.88 25.04 -99.14
N ARG M 491 -18.50 26.09 -99.56
CA ARG M 491 -17.92 27.08 -100.47
C ARG M 491 -17.21 28.20 -99.72
N PRO M 492 -16.34 28.93 -100.44
CA PRO M 492 -15.44 29.90 -99.78
C PRO M 492 -16.10 31.06 -99.05
N GLU M 493 -17.39 31.34 -99.25
CA GLU M 493 -18.07 32.53 -98.69
C GLU M 493 -17.35 33.78 -99.18
N ARG M 494 -17.24 34.83 -98.37
CA ARG M 494 -16.79 36.13 -98.82
C ARG M 494 -16.09 36.84 -97.69
N ARG M 495 -15.10 37.66 -98.03
CA ARG M 495 -14.35 38.42 -97.05
C ARG M 495 -14.20 39.85 -97.57
N HIS M 496 -13.46 40.66 -96.83
CA HIS M 496 -13.16 42.02 -97.26
C HIS M 496 -11.69 42.09 -97.63
N THR M 497 -11.42 42.12 -98.93
CA THR M 497 -10.10 42.38 -99.47
C THR M 497 -9.84 43.88 -99.52
N THR M 498 -8.55 44.22 -99.56
CA THR M 498 -8.17 45.53 -100.02
C THR M 498 -8.55 45.76 -101.48
N PHE M 499 -8.84 44.70 -102.23
CA PHE M 499 -9.15 44.92 -103.63
C PHE M 499 -10.45 45.67 -103.83
N GLY M 500 -11.35 45.66 -102.86
CA GLY M 500 -12.47 46.57 -102.90
C GLY M 500 -12.02 48.01 -102.81
N LEU M 501 -10.86 48.24 -102.19
CA LEU M 501 -10.31 49.57 -102.02
C LEU M 501 -9.73 50.06 -103.34
N GLY M 502 -9.50 51.37 -103.43
CA GLY M 502 -8.98 51.96 -104.64
C GLY M 502 -8.05 53.11 -104.32
N ILE M 503 -7.27 53.50 -105.33
CA ILE M 503 -6.15 54.42 -105.20
C ILE M 503 -6.68 55.85 -105.20
N GLY M 504 -6.02 56.74 -104.46
CA GLY M 504 -6.48 58.12 -104.44
C GLY M 504 -5.49 59.05 -103.75
N GLY M 505 -5.81 60.34 -103.84
CA GLY M 505 -5.11 61.43 -103.19
C GLY M 505 -3.95 61.98 -104.00
N ALA M 506 -3.75 63.30 -103.91
CA ALA M 506 -2.69 64.03 -104.57
C ALA M 506 -2.47 63.59 -106.01
N ASP M 507 -1.22 63.39 -106.39
CA ASP M 507 -0.93 62.46 -107.47
C ASP M 507 -1.34 61.09 -107.01
N ASN M 508 -1.99 60.32 -107.90
CA ASN M 508 -2.90 59.27 -107.48
C ASN M 508 -2.30 58.34 -106.43
N LEU M 509 -0.98 58.33 -106.30
CA LEU M 509 -0.28 57.40 -105.43
C LEU M 509 -0.83 57.40 -104.01
N ASN M 510 -0.67 56.25 -103.36
CA ASN M 510 -1.19 55.75 -102.08
C ASN M 510 -2.60 55.25 -102.29
N PRO M 511 -3.00 54.13 -101.69
CA PRO M 511 -4.28 53.56 -102.07
C PRO M 511 -5.52 54.20 -101.48
N THR M 512 -5.80 53.94 -100.21
CA THR M 512 -7.04 54.42 -99.63
C THR M 512 -6.89 54.83 -98.16
N TYR M 513 -6.65 53.87 -97.27
CA TYR M 513 -6.39 54.25 -95.90
C TYR M 513 -4.88 54.41 -95.75
N HIS M 514 -4.44 55.65 -95.78
CA HIS M 514 -3.02 55.92 -95.95
C HIS M 514 -2.84 57.43 -96.06
N VAL M 515 -1.61 57.87 -95.84
CA VAL M 515 -1.30 59.29 -95.87
C VAL M 515 -1.01 59.78 -97.28
N ASP M 516 -1.21 61.07 -97.50
CA ASP M 516 -0.87 61.78 -98.72
C ASP M 516 0.56 62.30 -98.61
N LYS M 517 0.99 63.22 -99.48
CA LYS M 517 2.42 63.56 -99.50
C LYS M 517 3.09 64.80 -98.81
N ASN M 518 2.48 65.88 -98.29
CA ASN M 518 1.10 66.40 -98.33
C ASN M 518 0.22 65.79 -97.28
N GLY M 519 0.80 64.95 -96.43
CA GLY M 519 0.02 63.87 -95.85
C GLY M 519 -1.29 64.26 -95.25
N THR M 520 -2.32 63.71 -95.87
CA THR M 520 -3.71 63.82 -95.49
C THR M 520 -4.31 62.45 -95.72
N TYR M 521 -4.88 61.89 -94.67
CA TYR M 521 -5.41 60.54 -94.71
C TYR M 521 -6.44 60.44 -95.82
N ILE M 522 -6.21 59.52 -96.77
CA ILE M 522 -7.10 59.43 -97.92
C ILE M 522 -8.42 58.83 -97.49
N GLN M 523 -9.46 59.43 -97.88
CA GLN M 523 -10.71 58.87 -97.38
C GLN M 523 -11.24 57.81 -98.33
N PRO M 524 -11.89 56.80 -97.76
CA PRO M 524 -12.53 55.78 -98.60
C PRO M 524 -13.68 56.37 -99.39
N THR M 525 -13.71 56.05 -100.69
CA THR M 525 -14.70 56.60 -101.61
C THR M 525 -15.71 55.53 -101.99
N THR M 526 -16.99 55.88 -101.83
CA THR M 526 -18.22 55.08 -101.77
C THR M 526 -18.25 54.00 -100.68
N TRP M 527 -19.11 53.01 -100.87
CA TRP M 527 -19.61 52.25 -99.73
C TRP M 527 -18.76 51.04 -99.41
N ASP M 528 -18.33 50.30 -100.43
CA ASP M 528 -17.61 49.05 -100.19
C ASP M 528 -16.26 49.28 -99.53
N MET M 529 -15.64 50.44 -99.78
CA MET M 529 -14.38 50.77 -99.13
C MET M 529 -14.46 50.53 -97.63
N CYS M 530 -15.26 51.34 -96.95
CA CYS M 530 -15.66 51.00 -95.59
C CYS M 530 -16.29 49.62 -95.62
N PHE M 531 -15.82 48.74 -94.76
CA PHE M 531 -16.20 47.34 -94.94
C PHE M 531 -17.38 47.02 -94.04
N PRO M 532 -18.59 46.88 -94.60
CA PRO M 532 -19.77 46.72 -93.76
C PRO M 532 -19.85 45.31 -93.23
N VAL M 533 -20.33 45.18 -92.00
CA VAL M 533 -20.73 43.86 -91.55
C VAL M 533 -22.02 43.49 -92.26
N LYS M 534 -22.34 42.20 -92.22
CA LYS M 534 -23.59 41.60 -92.70
C LYS M 534 -23.50 41.28 -94.18
N THR M 535 -22.41 41.67 -94.85
CA THR M 535 -22.17 41.27 -96.22
C THR M 535 -21.33 40.00 -96.32
N ASN M 536 -20.94 39.42 -95.19
CA ASN M 536 -20.06 38.26 -95.19
C ASN M 536 -20.68 37.11 -94.43
N ILE M 537 -19.87 36.05 -94.30
CA ILE M 537 -20.25 34.78 -93.71
C ILE M 537 -21.53 34.29 -94.40
N ASN M 538 -22.35 33.55 -93.67
CA ASN M 538 -23.68 33.13 -94.09
C ASN M 538 -24.41 32.67 -92.84
N LYS M 539 -25.73 32.59 -92.93
CA LYS M 539 -26.50 31.94 -91.88
C LYS M 539 -27.64 31.16 -92.51
N VAL M 540 -27.79 29.90 -92.10
CA VAL M 540 -29.03 29.22 -92.38
C VAL M 540 -30.14 29.86 -91.56
N LEU M 541 -31.20 30.28 -92.22
CA LEU M 541 -32.29 30.92 -91.53
C LEU M 541 -33.09 29.90 -90.72
N GLY N 34 14.32 61.66 -53.26
CA GLY N 34 13.26 62.55 -53.68
C GLY N 34 12.72 62.26 -55.06
N SER N 35 11.78 63.09 -55.51
CA SER N 35 11.17 62.92 -56.82
C SER N 35 10.62 64.26 -57.29
N GLY N 36 10.38 64.35 -58.59
CA GLY N 36 9.79 65.55 -59.18
C GLY N 36 10.83 66.41 -59.86
N VAL N 37 10.36 67.54 -60.39
CA VAL N 37 11.24 68.50 -61.00
C VAL N 37 12.24 69.02 -59.97
N GLY N 38 13.47 69.25 -60.41
CA GLY N 38 14.51 69.70 -59.52
C GLY N 38 15.30 68.60 -58.86
N ILE N 39 15.00 67.34 -59.15
CA ILE N 39 15.72 66.20 -58.64
C ILE N 39 16.15 65.37 -59.85
N SER N 40 17.46 65.28 -60.09
CA SER N 40 17.94 64.56 -61.26
C SER N 40 17.62 63.08 -61.12
N THR N 41 17.29 62.45 -62.23
CA THR N 41 16.85 61.06 -62.15
C THR N 41 18.03 60.10 -62.09
N GLY N 42 19.05 60.32 -62.89
CA GLY N 42 20.23 59.47 -62.87
C GLY N 42 21.44 60.29 -63.26
N GLY N 43 22.61 59.75 -62.94
CA GLY N 43 23.86 60.42 -63.18
C GLY N 43 24.57 59.94 -64.44
N TRP N 44 25.69 60.58 -64.72
CA TRP N 44 26.51 60.23 -65.86
C TRP N 44 27.20 58.89 -65.61
N VAL N 45 27.54 58.20 -66.70
CA VAL N 45 28.07 56.84 -66.63
C VAL N 45 29.10 56.66 -67.74
N GLY N 46 30.11 55.83 -67.49
CA GLY N 46 31.02 55.45 -68.55
C GLY N 46 32.27 54.80 -67.98
N GLY N 47 33.25 54.57 -68.87
CA GLY N 47 34.61 54.24 -68.48
C GLY N 47 35.04 52.79 -68.71
N SER N 48 34.18 51.97 -69.28
CA SER N 48 34.38 50.54 -69.50
C SER N 48 34.79 49.72 -68.27
N TYR N 49 35.34 48.52 -68.49
CA TYR N 49 35.63 47.64 -67.37
C TYR N 49 36.82 46.69 -67.55
N PHE N 50 36.68 45.72 -68.48
CA PHE N 50 37.68 44.71 -68.80
C PHE N 50 38.06 43.68 -67.74
N THR N 51 37.21 42.69 -67.54
CA THR N 51 37.56 41.44 -66.88
C THR N 51 37.73 40.33 -67.92
N ASP N 52 38.58 39.36 -67.62
CA ASP N 52 38.89 38.25 -68.52
C ASP N 52 37.66 37.62 -69.14
N SER N 53 36.61 37.42 -68.35
CA SER N 53 35.42 36.76 -68.85
C SER N 53 34.50 37.69 -69.64
N TYR N 54 34.46 38.97 -69.29
CA TYR N 54 33.55 39.88 -69.96
C TYR N 54 34.05 41.31 -69.85
N VAL N 55 33.55 42.15 -70.74
CA VAL N 55 33.87 43.57 -70.80
C VAL N 55 32.57 44.35 -70.73
N ILE N 56 32.49 45.27 -69.78
CA ILE N 56 31.33 46.13 -69.62
C ILE N 56 31.68 47.52 -70.11
N THR N 57 31.09 47.93 -71.22
CA THR N 57 31.28 49.27 -71.74
C THR N 57 30.08 50.12 -71.37
N LYS N 58 30.34 51.30 -70.83
CA LYS N 58 29.30 52.21 -70.38
C LYS N 58 29.46 53.52 -71.12
N ASN N 59 28.35 54.12 -71.52
CA ASN N 59 28.39 55.36 -72.27
C ASN N 59 27.18 56.19 -71.91
N THR N 60 27.30 57.49 -72.09
CA THR N 60 26.22 58.42 -71.80
C THR N 60 26.28 59.56 -72.81
N ARG N 61 25.13 60.11 -73.16
CA ARG N 61 25.05 61.10 -74.22
C ARG N 61 24.09 62.21 -73.83
N GLN N 62 24.12 63.26 -74.62
CA GLN N 62 23.15 64.34 -74.57
C GLN N 62 22.48 64.38 -75.93
N PHE N 63 21.15 64.30 -75.95
CA PHE N 63 20.44 64.22 -77.21
C PHE N 63 19.35 65.28 -77.27
N LEU N 64 18.80 65.51 -78.45
CA LEU N 64 17.62 66.34 -78.55
C LEU N 64 16.69 65.86 -79.65
N VAL N 65 15.39 65.99 -79.40
CA VAL N 65 14.35 65.60 -80.33
C VAL N 65 13.73 66.88 -80.87
N LYS N 66 13.62 66.97 -82.19
CA LYS N 66 13.41 68.24 -82.86
C LYS N 66 11.97 68.51 -83.31
N ILE N 67 11.03 67.58 -83.10
CA ILE N 67 9.73 67.62 -83.78
C ILE N 67 9.94 67.57 -85.28
N GLN N 68 10.25 66.40 -85.82
CA GLN N 68 10.37 66.28 -87.26
C GLN N 68 9.00 66.12 -87.90
N ASN N 69 8.86 66.72 -89.10
CA ASN N 69 7.76 66.42 -90.01
C ASN N 69 6.41 66.87 -89.46
N ASN N 70 6.38 68.04 -88.83
CA ASN N 70 5.24 68.47 -88.03
C ASN N 70 4.96 67.30 -87.09
N HIS N 71 3.71 66.96 -86.81
CA HIS N 71 3.45 65.64 -86.25
C HIS N 71 2.82 64.70 -87.25
N GLN N 72 2.49 65.18 -88.44
CA GLN N 72 1.91 64.33 -89.47
C GLN N 72 2.99 63.51 -90.18
N TYR N 73 2.54 62.47 -90.86
CA TYR N 73 3.37 61.45 -91.50
C TYR N 73 3.82 61.80 -92.90
N LYS N 74 2.88 62.00 -93.81
CA LYS N 74 3.10 62.10 -95.25
C LYS N 74 3.74 60.84 -95.84
N THR N 75 4.40 60.99 -96.99
CA THR N 75 5.01 59.88 -97.71
C THR N 75 6.38 60.32 -98.24
N GLU N 76 6.39 61.41 -99.00
CA GLU N 76 7.54 62.22 -99.41
C GLU N 76 8.23 61.83 -100.71
N LEU N 77 8.00 60.62 -101.24
CA LEU N 77 8.44 60.24 -102.59
C LEU N 77 9.83 60.82 -102.90
N ILE N 78 10.86 60.29 -102.25
CA ILE N 78 12.08 61.05 -102.00
C ILE N 78 12.69 61.62 -103.28
N SER N 79 13.42 60.78 -104.02
CA SER N 79 13.98 61.07 -105.35
C SER N 79 14.99 62.21 -105.32
N PRO N 80 15.99 62.20 -106.20
CA PRO N 80 16.51 63.46 -106.72
C PRO N 80 15.87 63.73 -108.08
N SER N 81 16.22 64.83 -108.72
CA SER N 81 15.86 64.98 -110.13
C SER N 81 16.96 65.69 -110.95
N THR N 82 17.52 65.07 -112.00
CA THR N 82 17.65 63.63 -112.31
C THR N 82 16.45 62.69 -112.07
N SER N 83 15.32 63.03 -112.67
CA SER N 83 14.09 62.24 -112.51
C SER N 83 14.29 60.79 -112.91
N GLN N 84 15.35 60.47 -113.64
CA GLN N 84 15.68 59.09 -113.97
C GLN N 84 15.99 58.26 -112.73
N GLY N 85 16.16 58.88 -111.58
CA GLY N 85 16.55 58.16 -110.39
C GLY N 85 15.49 57.18 -109.91
N LYS N 86 15.81 56.48 -108.82
CA LYS N 86 14.92 55.46 -108.30
C LYS N 86 13.62 56.05 -107.77
N SER N 87 13.72 57.15 -107.03
CA SER N 87 12.54 57.88 -106.56
C SER N 87 11.69 57.03 -105.63
N GLN N 88 12.33 56.40 -104.65
CA GLN N 88 11.59 55.63 -103.65
C GLN N 88 10.60 56.53 -102.92
N ARG N 89 9.41 56.01 -102.66
CA ARG N 89 8.36 56.85 -102.11
C ARG N 89 8.51 57.02 -100.60
N CYS N 90 8.94 55.96 -99.92
CA CYS N 90 9.10 55.91 -98.47
C CYS N 90 7.87 56.36 -97.68
N VAL N 91 8.10 56.72 -96.42
CA VAL N 91 7.12 57.26 -95.50
C VAL N 91 7.89 58.06 -94.46
N SER N 92 7.38 59.21 -94.06
CA SER N 92 8.01 59.97 -93.00
C SER N 92 7.11 59.90 -91.78
N THR N 93 7.70 59.98 -90.61
CA THR N 93 6.96 59.90 -89.36
C THR N 93 7.41 61.01 -88.43
N PRO N 94 6.58 61.40 -87.46
CA PRO N 94 7.04 62.35 -86.45
C PRO N 94 8.10 61.79 -85.53
N TRP N 95 8.31 60.49 -85.54
CA TRP N 95 9.17 59.83 -84.58
C TRP N 95 10.64 59.98 -84.93
N SER N 96 11.47 59.97 -83.90
CA SER N 96 12.92 59.87 -84.01
C SER N 96 13.34 58.62 -83.26
N TYR N 97 14.55 58.14 -83.53
CA TYR N 97 14.94 56.87 -82.93
C TYR N 97 16.41 56.91 -82.52
N PHE N 98 16.73 56.05 -81.57
CA PHE N 98 18.10 55.86 -81.09
C PHE N 98 18.74 54.72 -81.85
N ASN N 99 19.83 55.01 -82.54
CA ASN N 99 20.62 53.99 -83.20
C ASN N 99 21.90 53.78 -82.38
N PHE N 100 22.02 52.63 -81.74
CA PHE N 100 23.20 52.30 -80.96
C PHE N 100 24.19 51.43 -81.71
N ASN N 101 23.97 51.17 -82.99
CA ASN N 101 24.68 50.10 -83.68
C ASN N 101 25.94 50.68 -84.32
N GLN N 102 27.08 50.40 -83.69
CA GLN N 102 28.43 50.66 -84.19
C GLN N 102 29.37 50.31 -83.07
N TYR N 103 30.62 50.00 -83.41
CA TYR N 103 31.59 49.74 -82.35
C TYR N 103 32.19 51.02 -81.81
N SER N 104 32.52 51.96 -82.69
CA SER N 104 33.18 53.17 -82.25
C SER N 104 32.35 53.98 -81.28
N SER N 105 31.06 53.68 -81.16
CA SER N 105 30.25 54.37 -80.18
C SER N 105 30.49 53.84 -78.78
N HIS N 106 30.68 52.54 -78.64
CA HIS N 106 30.78 51.91 -77.34
C HIS N 106 32.21 51.72 -76.86
N PHE N 107 33.21 51.93 -77.71
CA PHE N 107 34.59 51.66 -77.36
C PHE N 107 35.44 52.88 -77.66
N SER N 108 36.18 53.35 -76.66
CA SER N 108 37.18 54.34 -76.91
C SER N 108 38.28 53.73 -77.75
N PRO N 109 39.06 54.55 -78.45
CA PRO N 109 40.19 54.00 -79.20
C PRO N 109 41.15 53.20 -78.36
N GLN N 110 41.19 53.39 -77.05
CA GLN N 110 41.97 52.49 -76.21
C GLN N 110 41.20 51.26 -75.78
N ASP N 111 39.92 51.40 -75.41
CA ASP N 111 39.15 50.21 -75.04
C ASP N 111 39.14 49.22 -76.18
N TRP N 112 38.66 49.64 -77.35
CA TRP N 112 39.05 48.98 -78.58
C TRP N 112 40.56 49.06 -78.65
N GLN N 113 41.20 48.00 -79.14
CA GLN N 113 42.64 47.78 -79.06
C GLN N 113 43.08 47.26 -77.70
N ARG N 114 42.29 47.44 -76.66
CA ARG N 114 42.55 46.61 -75.50
C ARG N 114 41.93 45.24 -75.66
N LEU N 115 40.74 45.15 -76.25
CA LEU N 115 40.20 43.83 -76.57
C LEU N 115 40.76 43.28 -77.86
N THR N 116 40.99 44.14 -78.86
CA THR N 116 41.51 43.65 -80.12
C THR N 116 42.89 43.04 -79.93
N ASN N 117 43.67 43.56 -78.99
CA ASN N 117 44.97 42.97 -78.71
C ASN N 117 44.85 41.77 -77.78
N GLU N 118 44.01 41.86 -76.76
CA GLU N 118 44.07 40.91 -75.66
C GLU N 118 43.07 39.76 -75.73
N TYR N 119 42.21 39.69 -76.74
CA TYR N 119 41.18 38.66 -76.72
C TYR N 119 40.99 38.00 -78.07
N LYS N 120 40.65 36.71 -78.04
CA LYS N 120 40.32 35.98 -79.26
C LYS N 120 39.03 36.47 -79.88
N ARG N 121 37.98 36.56 -79.07
CA ARG N 121 36.66 36.71 -79.62
C ARG N 121 35.78 37.40 -78.61
N PHE N 122 34.73 38.03 -79.11
CA PHE N 122 33.80 38.72 -78.24
C PHE N 122 32.46 38.80 -78.93
N ARG N 123 31.41 38.85 -78.14
CA ARG N 123 30.08 39.11 -78.66
C ARG N 123 29.34 39.86 -77.58
N PRO N 124 28.44 40.77 -77.94
CA PRO N 124 27.68 41.47 -76.92
C PRO N 124 26.73 40.50 -76.22
N LYS N 125 26.80 40.49 -74.89
CA LYS N 125 25.95 39.60 -74.11
C LYS N 125 24.60 40.23 -73.83
N GLY N 126 24.57 41.51 -73.48
CA GLY N 126 23.34 42.17 -73.09
C GLY N 126 23.48 43.65 -73.28
N MET N 127 22.38 44.35 -73.08
CA MET N 127 22.33 45.79 -73.30
C MET N 127 21.32 46.40 -72.36
N HIS N 128 21.65 47.57 -71.82
CA HIS N 128 20.79 48.25 -70.86
C HIS N 128 20.80 49.73 -71.19
N VAL N 129 19.64 50.30 -71.46
CA VAL N 129 19.54 51.68 -71.91
C VAL N 129 18.64 52.43 -70.95
N LYS N 130 19.02 53.67 -70.63
CA LYS N 130 18.25 54.49 -69.71
C LYS N 130 18.11 55.89 -70.27
N ILE N 131 16.87 56.31 -70.46
CA ILE N 131 16.56 57.70 -70.77
C ILE N 131 16.30 58.39 -69.43
N TYR N 132 16.89 59.57 -69.24
CA TYR N 132 16.66 60.28 -68.00
C TYR N 132 17.11 61.72 -68.17
N ASN N 133 16.92 62.51 -67.12
CA ASN N 133 17.26 63.92 -67.11
C ASN N 133 16.68 64.65 -68.31
N LEU N 134 15.37 64.47 -68.51
CA LEU N 134 14.72 65.05 -69.67
C LEU N 134 14.45 66.54 -69.45
N GLN N 135 14.37 67.28 -70.55
CA GLN N 135 14.09 68.71 -70.51
C GLN N 135 13.25 69.07 -71.71
N ILE N 136 12.20 69.87 -71.51
CA ILE N 136 11.38 70.37 -72.61
C ILE N 136 11.52 71.87 -72.61
N LYS N 137 12.11 72.44 -73.66
CA LYS N 137 12.55 73.82 -73.57
C LYS N 137 11.68 74.85 -74.27
N GLN N 138 10.63 74.46 -75.01
CA GLN N 138 9.65 75.43 -75.49
C GLN N 138 10.31 76.55 -76.32
N ILE N 139 10.67 76.21 -77.56
CA ILE N 139 11.19 77.22 -78.47
C ILE N 139 10.22 78.39 -78.61
N LEU N 140 10.74 79.60 -78.57
CA LEU N 140 9.98 80.79 -78.91
C LEU N 140 10.74 81.62 -79.94
N SER N 141 9.98 82.34 -80.76
CA SER N 141 10.55 83.24 -81.75
C SER N 141 9.78 84.55 -81.72
N ASN N 142 10.47 85.64 -81.40
CA ASN N 142 9.93 86.99 -81.50
C ASN N 142 10.22 87.59 -82.87
N GLY N 143 10.78 86.80 -83.76
CA GLY N 143 11.38 87.26 -84.99
C GLY N 143 12.88 87.35 -84.77
N ALA N 144 13.64 86.98 -85.79
CA ALA N 144 15.10 86.77 -85.70
C ALA N 144 15.36 85.88 -84.48
N ASP N 145 16.44 86.08 -83.74
CA ASP N 145 16.72 85.61 -82.39
C ASP N 145 16.26 84.17 -82.10
N THR N 146 15.81 83.96 -80.86
CA THR N 146 15.03 82.86 -80.31
C THR N 146 15.03 83.03 -78.80
N THR N 147 14.10 82.38 -78.10
CA THR N 147 14.15 82.30 -76.65
C THR N 147 13.65 80.92 -76.24
N TYR N 148 14.13 80.46 -75.09
CA TYR N 148 13.79 79.15 -74.56
C TYR N 148 13.31 79.35 -73.14
N ASN N 149 12.03 79.12 -72.89
CA ASN N 149 11.45 79.45 -71.59
C ASN N 149 11.59 78.28 -70.63
N ASN N 150 12.32 77.25 -71.04
CA ASN N 150 12.20 75.92 -70.47
C ASN N 150 10.75 75.53 -70.62
N ASP N 151 10.23 74.74 -69.68
CA ASP N 151 8.84 74.33 -69.71
C ASP N 151 8.65 73.32 -68.59
N LEU N 152 7.41 73.16 -68.17
CA LEU N 152 7.00 72.04 -67.36
C LEU N 152 5.65 71.59 -67.94
N THR N 153 5.07 70.59 -67.32
CA THR N 153 3.81 70.04 -67.80
C THR N 153 3.86 69.73 -69.29
N ALA N 154 4.96 69.17 -69.76
CA ALA N 154 5.09 68.72 -71.14
C ALA N 154 5.60 67.29 -71.12
N GLY N 155 5.57 66.63 -72.27
CA GLY N 155 5.77 65.20 -72.31
C GLY N 155 6.55 64.76 -73.53
N VAL N 156 7.03 63.53 -73.44
CA VAL N 156 7.84 62.91 -74.49
C VAL N 156 7.41 61.46 -74.60
N HIS N 157 7.07 61.04 -75.80
CA HIS N 157 6.72 59.65 -76.06
C HIS N 157 7.99 58.85 -76.25
N ILE N 158 8.05 57.68 -75.63
CA ILE N 158 9.19 56.78 -75.77
C ILE N 158 8.67 55.38 -75.98
N PHE N 159 9.08 54.76 -77.08
CA PHE N 159 8.55 53.48 -77.49
C PHE N 159 9.69 52.58 -77.92
N CYS N 160 9.62 51.30 -77.54
CA CYS N 160 10.63 50.32 -77.87
C CYS N 160 9.98 49.13 -78.56
N ASP N 161 10.75 48.45 -79.41
CA ASP N 161 10.28 47.25 -80.10
C ASP N 161 10.88 46.01 -79.44
N GLY N 162 10.04 45.25 -78.74
CA GLY N 162 10.50 43.95 -78.29
C GLY N 162 10.13 42.88 -79.29
N GLU N 163 9.07 43.12 -80.05
CA GLU N 163 8.58 42.16 -81.03
C GLU N 163 9.21 42.37 -82.40
N HIS N 164 9.85 43.51 -82.63
CA HIS N 164 10.30 43.94 -83.95
C HIS N 164 9.17 43.95 -84.96
N ALA N 165 7.94 44.16 -84.53
CA ALA N 165 6.96 44.74 -85.42
C ALA N 165 7.41 46.14 -85.75
N TYR N 166 6.88 46.68 -86.84
CA TYR N 166 7.28 47.97 -87.42
C TYR N 166 8.56 47.83 -88.24
N PRO N 167 8.71 48.68 -89.24
CA PRO N 167 9.77 48.49 -90.23
C PRO N 167 11.22 48.64 -89.76
N ASN N 168 11.47 49.03 -88.52
CA ASN N 168 12.80 49.08 -87.90
C ASN N 168 13.87 49.80 -88.71
N ALA N 169 13.87 51.13 -88.63
CA ALA N 169 14.73 51.99 -89.44
C ALA N 169 16.17 51.50 -89.52
N THR N 170 16.72 51.00 -88.41
CA THR N 170 18.15 50.77 -88.31
C THR N 170 18.66 49.93 -89.47
N HIS N 171 19.65 50.47 -90.17
CA HIS N 171 20.41 49.83 -91.23
C HIS N 171 21.87 49.89 -90.81
N PRO N 172 22.66 48.86 -91.10
CA PRO N 172 24.00 48.78 -90.49
C PRO N 172 24.84 50.02 -90.61
N TRP N 173 24.99 50.60 -91.79
CA TRP N 173 25.96 51.69 -91.93
C TRP N 173 25.32 53.02 -91.57
N ASP N 174 24.44 53.51 -92.42
CA ASP N 174 23.68 54.74 -92.18
C ASP N 174 24.68 55.82 -91.77
N GLU N 175 24.41 56.56 -90.71
CA GLU N 175 25.17 57.71 -90.28
C GLU N 175 25.13 57.63 -88.77
N ASP N 176 25.48 58.73 -88.11
CA ASP N 176 25.01 59.03 -86.73
C ASP N 176 25.36 57.86 -85.81
N VAL N 177 24.40 57.08 -85.35
CA VAL N 177 24.52 56.17 -84.22
C VAL N 177 24.89 57.10 -83.07
N MET N 178 25.67 56.63 -82.10
CA MET N 178 26.10 57.54 -81.06
C MET N 178 27.35 58.24 -81.57
N PRO N 179 27.58 59.50 -81.19
CA PRO N 179 28.86 60.10 -81.55
C PRO N 179 29.95 59.31 -80.85
N GLU N 180 30.96 58.92 -81.62
CA GLU N 180 32.03 58.10 -81.05
C GLU N 180 32.66 58.77 -79.85
N LEU N 181 32.49 60.08 -79.72
CA LEU N 181 33.12 60.90 -78.73
C LEU N 181 32.06 61.40 -77.77
N PRO N 182 32.13 61.14 -76.46
CA PRO N 182 31.10 61.68 -75.55
C PRO N 182 31.15 63.19 -75.51
N TYR N 183 30.37 63.82 -74.64
CA TYR N 183 30.24 65.28 -74.51
C TYR N 183 29.75 65.91 -75.81
N GLN N 184 29.66 65.12 -76.86
CA GLN N 184 29.20 65.59 -78.15
C GLN N 184 27.71 65.30 -78.23
N THR N 185 26.91 66.35 -78.33
CA THR N 185 25.47 66.17 -78.30
C THR N 185 25.02 65.32 -79.48
N TRP N 186 23.98 64.53 -79.25
CA TRP N 186 23.57 63.53 -80.21
C TRP N 186 22.21 63.90 -80.80
N TYR N 187 22.20 64.31 -82.05
CA TYR N 187 20.97 64.71 -82.71
C TYR N 187 20.31 63.48 -83.30
N LEU N 188 19.07 63.24 -82.91
CA LEU N 188 18.31 62.12 -83.42
C LEU N 188 17.86 62.37 -84.85
N PHE N 189 17.50 61.29 -85.52
CA PHE N 189 17.10 61.33 -86.92
C PHE N 189 15.69 60.78 -87.08
N GLN N 190 15.00 61.32 -88.07
CA GLN N 190 13.60 61.00 -88.26
C GLN N 190 13.42 59.54 -88.66
N TYR N 191 12.34 58.93 -88.19
CA TYR N 191 12.03 57.55 -88.53
C TYR N 191 11.19 57.51 -89.79
N GLY N 192 11.60 56.67 -90.73
CA GLY N 192 10.86 56.49 -91.96
C GLY N 192 11.07 55.08 -92.46
N TYR N 193 10.27 54.70 -93.45
CA TYR N 193 10.40 53.36 -94.00
C TYR N 193 9.84 53.32 -95.40
N ILE N 194 10.28 52.34 -96.16
CA ILE N 194 9.79 52.12 -97.52
C ILE N 194 8.55 51.22 -97.44
N PRO N 195 7.35 51.74 -97.70
CA PRO N 195 6.19 50.84 -97.74
C PRO N 195 6.24 49.85 -98.88
N VAL N 196 6.55 50.30 -100.10
CA VAL N 196 6.61 49.47 -101.30
C VAL N 196 7.52 50.13 -102.31
N ILE N 197 8.12 49.31 -103.18
CA ILE N 197 8.92 49.82 -104.29
C ILE N 197 8.10 50.85 -105.07
N HIS N 198 8.68 52.01 -105.33
CA HIS N 198 7.93 53.07 -105.99
C HIS N 198 7.51 52.67 -107.39
N GLU N 199 8.47 52.28 -108.22
CA GLU N 199 8.10 51.60 -109.44
C GLU N 199 7.38 50.31 -109.05
N LEU N 200 6.57 49.76 -109.96
CA LEU N 200 5.67 48.68 -109.59
C LEU N 200 4.66 49.18 -108.56
N ALA N 201 3.58 49.81 -109.06
CA ALA N 201 2.67 50.75 -108.39
C ALA N 201 2.92 52.21 -108.72
N GLU N 202 3.83 52.51 -109.64
CA GLU N 202 4.02 53.90 -110.05
C GLU N 202 2.73 54.71 -110.37
N MET N 203 1.73 54.18 -111.08
CA MET N 203 1.74 52.96 -111.89
C MET N 203 1.35 53.37 -113.31
N GLU N 204 1.70 52.56 -114.31
CA GLU N 204 1.52 52.98 -115.68
C GLU N 204 0.21 52.48 -116.26
N ASP N 205 -0.74 53.41 -116.44
CA ASP N 205 -2.00 53.17 -117.12
C ASP N 205 -2.67 51.89 -116.62
N SER N 206 -3.28 51.14 -117.55
CA SER N 206 -3.65 49.74 -117.36
C SER N 206 -4.32 49.56 -115.93
N ASN N 207 -3.88 48.76 -114.94
CA ASN N 207 -2.83 47.74 -114.93
C ASN N 207 -3.33 46.49 -114.21
N ALA N 208 -3.66 46.69 -112.94
CA ALA N 208 -4.24 45.71 -112.03
C ALA N 208 -3.19 44.75 -111.48
N VAL N 209 -2.05 44.66 -112.14
CA VAL N 209 -0.90 43.99 -111.54
C VAL N 209 -0.14 44.94 -110.62
N GLU N 210 0.00 46.20 -111.03
CA GLU N 210 0.56 47.20 -110.13
C GLU N 210 -0.52 47.89 -109.32
N LYS N 211 -1.79 47.72 -109.69
CA LYS N 211 -2.86 48.18 -108.81
C LYS N 211 -2.81 47.40 -107.51
N ALA N 212 -2.84 46.08 -107.60
CA ALA N 212 -2.33 45.29 -106.49
C ALA N 212 -0.85 45.59 -106.32
N ILE N 213 -0.37 45.44 -105.09
CA ILE N 213 0.95 45.86 -104.62
C ILE N 213 0.94 47.36 -104.37
N CYS N 214 0.03 48.09 -105.03
CA CYS N 214 -0.26 49.44 -104.59
C CYS N 214 -1.33 49.44 -103.51
N LEU N 215 -2.36 48.63 -103.70
CA LEU N 215 -3.40 48.49 -102.69
C LEU N 215 -2.87 47.85 -101.43
N GLN N 216 -1.85 46.99 -101.56
CA GLN N 216 -1.42 46.21 -100.42
C GLN N 216 -0.33 46.90 -99.61
N ILE N 217 0.04 48.13 -99.96
CA ILE N 217 1.16 48.75 -99.26
C ILE N 217 0.71 48.90 -97.81
N PRO N 218 1.46 48.35 -96.86
CA PRO N 218 1.07 48.49 -95.46
C PRO N 218 1.42 49.87 -94.96
N PHE N 219 0.67 50.29 -93.95
CA PHE N 219 0.89 51.59 -93.32
C PHE N 219 1.02 51.38 -91.83
N PHE N 220 2.22 51.65 -91.31
CA PHE N 220 2.54 51.39 -89.92
C PHE N 220 2.54 52.71 -89.17
N MET N 221 2.10 52.66 -87.92
CA MET N 221 2.01 53.83 -87.08
C MET N 221 2.50 53.44 -85.71
N LEU N 222 3.29 54.29 -85.09
CA LEU N 222 3.81 53.97 -83.78
C LEU N 222 2.85 54.34 -82.68
N GLU N 223 1.65 54.81 -83.01
CA GLU N 223 0.73 55.15 -81.94
C GLU N 223 0.09 53.88 -81.42
N ASN N 224 -0.87 53.28 -82.12
CA ASN N 224 -1.06 51.82 -82.10
C ASN N 224 -0.68 51.21 -80.77
N SER N 225 0.32 50.32 -80.80
CA SER N 225 0.83 49.73 -79.58
C SER N 225 1.23 50.79 -78.56
N ASP N 226 0.95 50.51 -77.29
CA ASP N 226 1.12 51.50 -76.24
C ASP N 226 2.58 51.79 -75.96
N HIS N 227 2.83 52.96 -75.39
CA HIS N 227 4.17 53.39 -75.05
C HIS N 227 4.09 54.44 -73.97
N GLU N 228 5.24 54.71 -73.35
CA GLU N 228 5.28 55.60 -72.20
C GLU N 228 5.46 57.03 -72.63
N VAL N 229 4.79 57.93 -71.92
CA VAL N 229 5.04 59.36 -72.00
C VAL N 229 5.77 59.75 -70.73
N LEU N 230 6.65 60.74 -70.83
CA LEU N 230 7.45 61.15 -69.70
C LEU N 230 7.44 62.66 -69.59
N ARG N 231 7.14 63.17 -68.40
CA ARG N 231 7.48 64.55 -68.13
C ARG N 231 8.94 64.60 -67.69
N THR N 232 9.36 65.74 -67.17
CA THR N 232 10.77 65.90 -66.81
C THR N 232 11.21 64.91 -65.74
N GLY N 233 10.55 64.91 -64.58
CA GLY N 233 11.03 64.12 -63.46
C GLY N 233 11.12 62.64 -63.72
N GLU N 234 10.37 62.13 -64.68
CA GLU N 234 10.34 60.70 -64.97
C GLU N 234 11.51 60.27 -65.83
N SER N 235 11.84 58.98 -65.76
CA SER N 235 12.82 58.36 -66.63
C SER N 235 12.29 57.02 -67.13
N THR N 236 13.12 56.31 -67.88
CA THR N 236 12.75 55.01 -68.41
C THR N 236 13.99 54.16 -68.60
N GLU N 237 13.85 52.86 -68.41
CA GLU N 237 14.91 51.90 -68.66
C GLU N 237 14.47 50.92 -69.72
N PHE N 238 15.46 50.35 -70.42
CA PHE N 238 15.21 49.27 -71.36
C PHE N 238 16.36 48.28 -71.26
N THR N 239 16.04 47.00 -71.37
CA THR N 239 17.04 45.96 -71.37
C THR N 239 16.95 45.15 -72.66
N PHE N 240 18.04 44.49 -72.99
CA PHE N 240 18.08 43.65 -74.17
C PHE N 240 19.02 42.49 -73.91
N ASN N 241 18.69 41.34 -74.49
CA ASN N 241 19.54 40.18 -74.44
C ASN N 241 19.79 39.72 -75.87
N PHE N 242 20.94 39.13 -76.10
CA PHE N 242 21.40 38.81 -77.44
C PHE N 242 21.59 37.31 -77.58
N ASP N 243 20.89 36.71 -78.54
CA ASP N 243 21.30 35.44 -79.11
C ASP N 243 22.17 35.79 -80.30
N CYS N 244 23.47 35.55 -80.20
CA CYS N 244 24.42 36.26 -81.03
C CYS N 244 25.63 35.38 -81.29
N GLU N 245 26.18 35.50 -82.49
CA GLU N 245 27.36 34.76 -82.88
C GLU N 245 28.62 35.52 -82.50
N TRP N 246 29.64 34.77 -82.08
CA TRP N 246 30.93 35.39 -81.77
C TRP N 246 31.49 36.08 -83.00
N ILE N 247 32.22 37.16 -82.78
CA ILE N 247 33.09 37.73 -83.80
C ILE N 247 34.52 37.47 -83.38
N ASN N 248 35.29 36.85 -84.26
CA ASN N 248 36.57 36.26 -83.88
C ASN N 248 37.71 37.17 -84.28
N ASN N 249 38.54 37.53 -83.31
CA ASN N 249 39.81 38.20 -83.57
C ASN N 249 40.89 37.15 -83.48
N GLU N 250 41.43 36.78 -84.64
CA GLU N 250 42.33 35.64 -84.84
C GLU N 250 42.79 35.70 -86.27
N ARG N 251 43.90 35.01 -86.53
CA ARG N 251 44.55 35.09 -87.83
C ARG N 251 45.04 33.72 -88.22
N ALA N 252 44.76 33.31 -89.44
CA ALA N 252 45.31 32.08 -89.99
C ALA N 252 46.61 32.43 -90.69
N TYR N 253 47.70 31.85 -90.21
CA TYR N 253 49.00 32.12 -90.79
C TYR N 253 49.23 31.39 -92.10
N ILE N 254 48.39 30.40 -92.42
CA ILE N 254 48.47 29.68 -93.69
C ILE N 254 47.06 29.44 -94.21
N PRO N 255 46.92 29.26 -95.51
CA PRO N 255 45.64 28.82 -96.07
C PRO N 255 45.25 27.48 -95.47
N PRO N 256 43.95 27.16 -95.45
CA PRO N 256 43.55 25.85 -94.92
C PRO N 256 44.05 24.69 -95.74
N GLY N 257 44.27 24.89 -97.04
CA GLY N 257 44.81 23.84 -97.87
C GLY N 257 46.30 23.63 -97.76
N LEU N 258 46.97 24.48 -97.00
CA LEU N 258 48.42 24.41 -96.85
C LEU N 258 48.83 23.61 -95.62
N MET N 259 47.87 22.97 -94.95
CA MET N 259 48.15 22.22 -93.73
C MET N 259 48.52 20.80 -94.10
N PHE N 260 49.79 20.45 -93.92
CA PHE N 260 50.29 19.10 -94.13
C PHE N 260 51.77 19.11 -93.80
N ASN N 261 52.31 17.92 -93.59
CA ASN N 261 53.73 17.79 -93.37
C ASN N 261 54.39 17.59 -94.72
N PRO N 262 55.09 18.59 -95.24
CA PRO N 262 55.66 18.47 -96.59
C PRO N 262 56.82 17.52 -96.66
N LEU N 263 57.39 17.16 -95.52
CA LEU N 263 58.48 16.20 -95.51
C LEU N 263 57.99 14.81 -95.90
N VAL N 264 56.81 14.42 -95.42
CA VAL N 264 56.34 13.05 -95.60
C VAL N 264 55.84 12.87 -97.03
N PRO N 265 56.23 11.81 -97.73
CA PRO N 265 55.68 11.56 -99.06
C PRO N 265 54.19 11.25 -98.97
N THR N 266 53.52 11.38 -100.10
CA THR N 266 52.08 11.15 -100.16
C THR N 266 51.79 9.95 -101.05
N ARG N 267 50.71 9.24 -100.73
CA ARG N 267 50.20 8.22 -101.63
C ARG N 267 49.02 8.75 -102.40
N ARG N 268 49.28 9.10 -103.66
CA ARG N 268 48.34 9.75 -104.56
C ARG N 268 49.01 9.86 -105.91
N ALA N 269 48.25 10.11 -106.96
CA ALA N 269 48.85 10.19 -108.28
C ALA N 269 48.13 11.23 -109.11
N GLN N 270 48.84 11.74 -110.10
CA GLN N 270 48.34 12.75 -111.03
C GLN N 270 48.37 12.16 -112.43
N TYR N 271 47.20 11.92 -113.00
CA TYR N 271 47.10 11.66 -114.42
C TYR N 271 46.93 13.01 -115.10
N ILE N 272 47.66 13.23 -116.18
CA ILE N 272 47.59 14.46 -116.92
C ILE N 272 47.26 14.15 -118.37
N ARG N 273 46.19 14.74 -118.88
CA ARG N 273 45.73 14.45 -120.23
C ARG N 273 46.78 14.86 -121.26
N ARG N 274 46.71 14.22 -122.42
CA ARG N 274 47.50 14.65 -123.57
C ARG N 274 47.30 16.15 -123.80
N ASN N 275 48.40 16.87 -123.99
CA ASN N 275 48.34 18.32 -123.94
C ASN N 275 47.76 18.91 -125.22
N ASN N 276 47.88 18.19 -126.34
CA ASN N 276 47.34 18.64 -127.62
C ASN N 276 47.81 20.06 -127.94
N ASN N 277 49.09 20.15 -128.30
CA ASN N 277 49.87 21.39 -128.36
C ASN N 277 50.12 21.85 -126.94
N PRO N 278 51.30 22.45 -126.67
CA PRO N 278 52.50 22.34 -127.51
C PRO N 278 53.05 20.92 -127.67
N GLN N 279 53.16 20.20 -126.55
CA GLN N 279 53.98 18.99 -126.50
C GLN N 279 53.66 18.26 -125.20
N THR N 280 54.50 17.29 -124.80
CA THR N 280 54.38 16.56 -123.53
C THR N 280 53.12 15.71 -123.45
N ALA N 281 53.16 14.56 -124.11
CA ALA N 281 52.06 13.60 -124.07
C ALA N 281 51.81 13.11 -122.65
N GLU N 282 50.60 12.55 -122.46
CA GLU N 282 50.07 12.25 -121.14
C GLU N 282 51.01 11.36 -120.34
N SER N 283 51.02 11.58 -119.03
CA SER N 283 51.80 10.76 -118.11
C SER N 283 51.14 10.79 -116.74
N THR N 284 51.32 9.71 -115.99
CA THR N 284 50.91 9.64 -114.60
C THR N 284 52.14 9.68 -113.70
N SER N 285 51.99 10.27 -112.52
CA SER N 285 53.12 10.45 -111.62
C SER N 285 52.61 10.60 -110.21
N ARG N 286 53.50 10.34 -109.25
CA ARG N 286 53.16 10.53 -107.85
C ARG N 286 53.24 11.99 -107.49
N ILE N 287 52.31 12.43 -106.64
CA ILE N 287 52.30 13.81 -106.19
C ILE N 287 53.49 14.06 -105.29
N ALA N 288 54.15 15.19 -105.51
CA ALA N 288 55.35 15.52 -104.76
C ALA N 288 55.04 15.62 -103.27
N PRO N 289 56.04 15.38 -102.41
CA PRO N 289 55.77 15.44 -100.96
C PRO N 289 55.29 16.81 -100.53
N TYR N 290 55.96 17.87 -100.98
CA TYR N 290 55.41 19.21 -100.88
C TYR N 290 54.22 19.32 -101.83
N ALA N 291 53.39 20.32 -101.59
CA ALA N 291 52.27 20.62 -102.49
C ALA N 291 51.34 19.42 -102.64
N LYS N 292 50.90 18.90 -101.52
CA LYS N 292 49.91 17.84 -101.55
C LYS N 292 48.54 18.43 -101.86
N PRO N 293 47.67 17.66 -102.50
CA PRO N 293 46.32 18.17 -102.79
C PRO N 293 45.54 18.39 -101.52
N THR N 294 44.47 19.15 -101.65
CA THR N 294 43.66 19.50 -100.49
C THR N 294 42.18 19.38 -100.78
N SER N 295 41.43 19.20 -99.71
CA SER N 295 40.03 19.58 -99.65
C SER N 295 39.95 21.08 -99.39
N TRP N 296 38.81 21.51 -98.90
CA TRP N 296 38.71 22.87 -98.38
C TRP N 296 38.88 23.92 -99.45
N MET N 297 37.81 24.06 -100.23
CA MET N 297 37.58 25.05 -101.25
C MET N 297 37.56 26.47 -100.65
N THR N 298 37.80 27.46 -101.49
CA THR N 298 37.77 28.84 -101.06
C THR N 298 36.34 29.32 -100.86
N GLY N 299 36.20 30.36 -100.04
CA GLY N 299 34.93 30.96 -99.79
C GLY N 299 34.33 31.60 -101.04
N PRO N 300 33.01 31.78 -101.03
CA PRO N 300 32.34 32.26 -102.24
C PRO N 300 32.48 33.76 -102.42
N GLY N 301 32.36 34.20 -103.66
CA GLY N 301 32.37 35.61 -104.00
C GLY N 301 31.75 35.79 -105.36
N LEU N 302 31.47 37.03 -105.72
CA LEU N 302 31.05 37.38 -107.07
C LEU N 302 31.93 38.52 -107.57
N LEU N 303 32.83 38.21 -108.49
CA LEU N 303 33.78 39.18 -109.01
C LEU N 303 33.51 39.68 -110.42
N SER N 304 32.48 39.19 -111.12
CA SER N 304 32.44 39.48 -112.56
C SER N 304 31.86 40.85 -112.86
N ALA N 305 30.86 41.27 -112.08
CA ALA N 305 30.06 42.45 -112.37
C ALA N 305 30.86 43.73 -112.21
N GLN N 306 30.33 44.81 -112.77
CA GLN N 306 30.87 46.15 -112.60
C GLN N 306 29.73 47.11 -112.30
N ARG N 307 29.98 48.06 -111.41
CA ARG N 307 28.96 49.05 -111.08
C ARG N 307 28.51 49.80 -112.33
N VAL N 308 27.22 50.09 -112.39
CA VAL N 308 26.55 50.47 -113.62
C VAL N 308 26.03 51.89 -113.53
N GLY N 309 26.63 52.78 -114.31
CA GLY N 309 26.02 54.08 -114.57
C GLY N 309 26.41 55.15 -113.58
N PRO N 310 25.68 56.27 -113.62
CA PRO N 310 26.07 57.42 -112.81
C PRO N 310 25.70 57.22 -111.35
N ALA N 311 26.39 57.98 -110.49
CA ALA N 311 26.08 57.97 -109.07
C ALA N 311 24.69 58.57 -108.84
N THR N 312 24.14 58.27 -107.67
CA THR N 312 22.78 58.60 -107.21
C THR N 312 21.75 57.71 -107.88
N SER N 313 22.14 56.88 -108.84
CA SER N 313 21.26 55.94 -109.49
C SER N 313 21.29 54.56 -108.85
N ASP N 314 21.96 54.41 -107.71
CA ASP N 314 22.14 53.11 -107.05
C ASP N 314 22.93 52.15 -107.94
N THR N 315 24.23 52.38 -108.04
CA THR N 315 25.07 51.45 -108.79
C THR N 315 25.64 50.41 -107.84
N GLY N 316 25.13 49.20 -107.92
CA GLY N 316 25.57 48.15 -107.02
C GLY N 316 26.45 47.08 -107.64
N ALA N 317 26.48 47.03 -108.96
CA ALA N 317 27.06 45.99 -109.81
C ALA N 317 26.27 44.68 -109.71
N TRP N 318 25.46 44.49 -108.67
CA TRP N 318 24.54 43.37 -108.59
C TRP N 318 23.24 43.92 -108.04
N MET N 319 22.18 43.85 -108.84
CA MET N 319 20.87 44.31 -108.40
C MET N 319 20.00 43.10 -108.15
N VAL N 320 19.37 43.04 -106.99
CA VAL N 320 18.54 41.89 -106.65
C VAL N 320 17.16 42.03 -107.30
N ALA N 321 16.57 43.21 -107.23
CA ALA N 321 15.26 43.53 -107.79
C ALA N 321 14.17 42.53 -107.44
N VAL N 322 13.16 42.45 -108.30
CA VAL N 322 12.02 41.54 -108.15
C VAL N 322 11.61 40.96 -109.50
N LYS N 323 11.14 41.82 -110.39
CA LYS N 323 10.57 41.43 -111.67
C LYS N 323 9.34 40.53 -111.54
N PRO N 324 8.21 41.05 -111.06
CA PRO N 324 6.95 40.33 -111.22
C PRO N 324 6.63 40.16 -112.70
N GLU N 325 5.76 39.20 -112.99
CA GLU N 325 5.69 38.66 -114.34
C GLU N 325 5.21 39.71 -115.34
N ASN N 326 4.20 40.49 -114.97
CA ASN N 326 3.78 41.57 -115.86
C ASN N 326 4.27 42.92 -115.37
N ALA N 327 3.57 43.46 -114.38
CA ALA N 327 3.82 44.77 -113.79
C ALA N 327 3.97 45.80 -114.92
N SER N 328 4.87 46.75 -114.71
CA SER N 328 5.44 47.58 -115.77
C SER N 328 6.70 48.20 -115.18
N ILE N 329 7.62 48.58 -116.06
CA ILE N 329 8.91 49.07 -115.59
C ILE N 329 9.36 50.20 -116.49
N ASP N 330 9.88 51.25 -115.87
CA ASP N 330 10.47 52.38 -116.55
C ASP N 330 11.89 51.98 -116.99
N THR N 331 12.71 52.96 -117.38
CA THR N 331 14.12 52.68 -117.55
C THR N 331 14.65 52.00 -116.30
N GLY N 332 15.43 50.94 -116.50
CA GLY N 332 15.80 50.08 -115.40
C GLY N 332 15.16 48.69 -115.46
N MET N 333 15.63 47.69 -114.70
CA MET N 333 16.79 47.67 -113.78
C MET N 333 16.89 48.89 -112.84
N SER N 334 18.01 49.62 -112.89
CA SER N 334 18.18 50.88 -112.17
C SER N 334 17.91 50.71 -110.63
N GLY N 335 16.90 51.27 -109.95
CA GLY N 335 15.58 51.69 -110.39
C GLY N 335 14.51 50.73 -109.91
N ILE N 336 14.93 49.48 -109.67
CA ILE N 336 14.17 48.51 -108.90
C ILE N 336 15.18 47.68 -108.13
N GLY N 337 14.78 47.25 -106.94
CA GLY N 337 15.66 46.46 -106.11
C GLY N 337 16.87 47.21 -105.63
N SER N 338 17.77 46.45 -105.01
CA SER N 338 18.88 47.02 -104.25
C SER N 338 20.20 46.51 -104.79
N GLY N 339 21.23 47.35 -104.68
CA GLY N 339 22.56 46.90 -105.03
C GLY N 339 23.14 46.01 -103.93
N PHE N 340 23.82 44.95 -104.35
CA PHE N 340 24.45 44.02 -103.43
C PHE N 340 25.90 44.41 -103.25
N ASP N 341 26.30 44.69 -102.02
CA ASP N 341 27.60 45.28 -101.76
C ASP N 341 28.15 44.78 -100.42
N PRO N 342 29.46 44.51 -100.34
CA PRO N 342 30.40 44.16 -101.40
C PRO N 342 30.32 42.72 -101.86
N PRO N 343 30.20 42.48 -103.17
CA PRO N 343 30.76 41.26 -103.72
C PRO N 343 32.21 41.44 -104.18
N GLN N 344 33.18 40.53 -104.00
CA GLN N 344 33.38 39.67 -102.84
C GLN N 344 32.16 38.79 -102.45
N GLY N 345 31.84 38.45 -101.18
CA GLY N 345 32.66 38.50 -99.98
C GLY N 345 33.87 37.62 -100.07
N SER N 346 34.78 37.76 -99.09
CA SER N 346 36.06 37.08 -99.11
C SER N 346 36.76 37.31 -100.44
N LEU N 347 37.37 36.26 -100.99
CA LEU N 347 37.73 36.19 -102.40
C LEU N 347 38.37 37.48 -102.89
N ALA N 348 39.63 37.71 -102.54
CA ALA N 348 40.23 39.03 -102.57
C ALA N 348 39.89 39.78 -103.86
N PRO N 349 39.47 41.04 -103.77
CA PRO N 349 38.91 41.74 -104.92
C PRO N 349 39.96 42.14 -105.93
N THR N 350 39.48 42.49 -107.12
CA THR N 350 40.34 42.94 -108.21
C THR N 350 40.75 44.40 -108.01
N ASN N 351 39.78 45.31 -108.11
CA ASN N 351 40.13 46.72 -107.93
C ASN N 351 39.34 47.34 -106.80
N LEU N 352 39.52 48.64 -106.63
CA LEU N 352 38.93 49.42 -105.56
C LEU N 352 37.41 49.30 -105.54
N GLU N 353 36.82 48.99 -106.69
CA GLU N 353 35.37 49.03 -106.83
C GLU N 353 34.68 48.07 -105.88
N TYR N 354 35.35 47.00 -105.49
CA TYR N 354 34.80 46.00 -104.56
C TYR N 354 35.27 46.17 -103.13
N LYS N 355 36.09 47.17 -102.85
CA LYS N 355 36.92 47.19 -101.66
C LYS N 355 36.21 47.82 -100.45
N ILE N 356 34.91 48.05 -100.57
CA ILE N 356 34.09 48.88 -99.71
C ILE N 356 34.69 50.27 -99.69
N GLN N 357 34.38 51.07 -98.66
CA GLN N 357 34.87 52.43 -98.47
C GLN N 357 33.95 53.05 -97.43
N TRP N 358 34.35 54.12 -96.75
CA TRP N 358 33.39 54.98 -96.06
C TRP N 358 34.06 56.28 -95.72
N TYR N 359 33.25 57.31 -95.45
CA TYR N 359 33.80 58.64 -95.25
C TYR N 359 34.03 58.97 -93.79
N GLN N 360 33.51 58.16 -92.88
CA GLN N 360 33.64 58.37 -91.42
C GLN N 360 33.42 59.82 -91.02
N THR N 361 32.53 60.51 -91.73
CA THR N 361 32.28 61.94 -91.55
C THR N 361 31.17 62.37 -92.49
N PRO N 362 30.19 63.13 -92.01
CA PRO N 362 29.17 63.65 -92.92
C PRO N 362 29.70 64.74 -93.83
N GLN N 363 30.72 65.48 -93.39
CA GLN N 363 31.28 66.53 -94.23
C GLN N 363 32.14 65.96 -95.36
N GLY N 364 32.34 64.65 -95.39
CA GLY N 364 33.21 64.06 -96.39
C GLY N 364 32.75 64.25 -97.81
N THR N 365 33.61 64.85 -98.63
CA THR N 365 33.35 65.05 -100.05
C THR N 365 33.76 63.79 -100.80
N ASN N 366 33.83 63.86 -102.13
CA ASN N 366 34.11 62.67 -102.92
C ASN N 366 35.40 62.00 -102.48
N ASN N 367 36.53 62.70 -102.51
CA ASN N 367 37.74 62.24 -101.87
C ASN N 367 38.09 63.20 -100.75
N ASN N 368 37.81 62.76 -99.52
CA ASN N 368 38.07 63.41 -98.24
C ASN N 368 37.47 62.47 -97.23
N GLY N 369 37.93 62.48 -95.99
CA GLY N 369 37.53 61.36 -95.16
C GLY N 369 37.97 60.13 -95.91
N ASN N 370 36.99 59.30 -96.27
CA ASN N 370 37.16 58.35 -97.37
C ASN N 370 38.20 57.29 -97.07
N ILE N 371 38.12 56.68 -95.90
CA ILE N 371 39.05 55.61 -95.59
C ILE N 371 38.56 54.33 -96.27
N ILE N 372 39.48 53.60 -96.85
CA ILE N 372 39.16 52.48 -97.72
C ILE N 372 39.62 51.20 -97.03
N SER N 373 38.80 50.16 -97.12
CA SER N 373 39.16 48.89 -96.51
C SER N 373 40.40 48.32 -97.17
N ASN N 374 41.08 47.44 -96.44
CA ASN N 374 42.36 46.91 -96.87
C ASN N 374 42.42 45.44 -96.49
N GLN N 375 43.44 44.74 -96.99
CA GLN N 375 43.54 43.32 -96.68
C GLN N 375 44.11 43.13 -95.27
N PRO N 376 43.52 42.23 -94.48
CA PRO N 376 44.05 41.99 -93.13
C PRO N 376 45.40 41.32 -93.12
N LEU N 377 45.82 40.75 -94.25
CA LEU N 377 46.99 39.90 -94.41
C LEU N 377 46.76 38.55 -93.76
N SER N 378 45.62 38.34 -93.10
CA SER N 378 45.19 37.01 -92.74
C SER N 378 45.06 36.16 -93.98
N MET N 379 45.34 34.86 -93.84
CA MET N 379 45.43 34.00 -95.00
C MET N 379 44.13 33.31 -95.35
N LEU N 380 43.03 33.60 -94.66
CA LEU N 380 41.85 32.79 -94.89
C LEU N 380 41.03 33.01 -96.16
N ARG N 381 40.27 34.08 -96.45
CA ARG N 381 40.36 35.55 -96.23
C ARG N 381 41.05 36.26 -97.43
N ASP N 382 41.64 35.50 -98.34
CA ASP N 382 42.12 36.12 -99.59
C ASP N 382 41.50 35.38 -100.76
N GLN N 383 41.84 34.10 -100.91
CA GLN N 383 41.00 33.14 -101.62
C GLN N 383 40.73 33.54 -103.07
N ALA N 384 41.76 33.38 -103.90
CA ALA N 384 41.50 33.34 -105.32
C ALA N 384 40.93 31.98 -105.71
N LEU N 385 40.64 31.81 -106.99
CA LEU N 385 40.37 30.50 -107.55
C LEU N 385 40.69 30.57 -109.04
N PHE N 386 41.19 29.47 -109.60
CA PHE N 386 41.91 29.52 -110.86
C PHE N 386 41.30 28.64 -111.95
N ARG N 387 41.13 27.35 -111.72
CA ARG N 387 40.58 26.47 -112.76
C ARG N 387 41.52 26.50 -113.96
N GLY N 388 41.00 26.34 -115.17
CA GLY N 388 41.76 26.49 -116.41
C GLY N 388 43.00 25.62 -116.49
N ASN N 389 43.79 25.84 -117.54
CA ASN N 389 43.26 26.04 -118.88
C ASN N 389 43.57 24.74 -119.60
N GLN N 390 44.24 23.85 -118.86
CA GLN N 390 45.13 22.76 -119.29
C GLN N 390 46.53 23.30 -119.55
N THR N 391 46.69 24.62 -119.64
CA THR N 391 47.98 25.27 -119.88
C THR N 391 48.25 26.33 -118.82
N THR N 392 47.34 27.28 -118.65
CA THR N 392 47.49 28.37 -117.70
C THR N 392 46.31 28.34 -116.73
N TYR N 393 46.51 28.89 -115.53
CA TYR N 393 45.41 29.12 -114.61
C TYR N 393 44.82 30.50 -114.89
N ASN N 394 43.49 30.61 -114.82
CA ASN N 394 42.80 31.86 -115.10
C ASN N 394 41.79 32.16 -114.01
N LEU N 395 42.03 33.24 -113.28
CA LEU N 395 41.15 33.61 -112.18
C LEU N 395 39.69 33.64 -112.63
N CYS N 396 38.82 32.96 -111.88
CA CYS N 396 37.46 32.72 -112.31
C CYS N 396 36.50 33.60 -111.52
N SER N 397 35.56 34.20 -112.25
CA SER N 397 34.44 34.92 -111.68
C SER N 397 33.48 33.96 -110.99
N ASP N 398 32.57 34.51 -110.19
CA ASP N 398 31.64 33.74 -109.37
C ASP N 398 32.41 32.99 -108.29
N VAL N 399 32.34 31.65 -108.28
CA VAL N 399 32.58 30.83 -107.09
C VAL N 399 31.43 30.97 -106.10
N TRP N 400 30.33 30.28 -106.39
CA TRP N 400 29.17 30.13 -105.54
C TRP N 400 29.48 29.19 -104.37
N MET N 401 28.46 28.86 -103.58
CA MET N 401 28.66 27.97 -102.46
C MET N 401 29.02 26.57 -102.92
N PHE N 402 29.87 25.91 -102.15
CA PHE N 402 30.41 24.60 -102.46
C PHE N 402 30.68 23.89 -101.14
N PRO N 403 30.57 22.56 -101.10
CA PRO N 403 30.55 21.85 -99.81
C PRO N 403 31.72 22.11 -98.88
N ASN N 404 32.94 22.13 -99.38
CA ASN N 404 34.10 22.18 -98.50
C ASN N 404 34.58 23.58 -98.22
N GLN N 405 33.84 24.60 -98.62
CA GLN N 405 34.36 25.95 -98.57
C GLN N 405 34.65 26.42 -97.15
N ILE N 406 35.74 27.16 -97.00
CA ILE N 406 36.01 27.94 -95.81
C ILE N 406 36.33 29.36 -96.23
N TRP N 407 35.71 30.32 -95.54
CA TRP N 407 36.09 31.71 -95.67
C TRP N 407 36.11 32.28 -94.27
N ASP N 408 36.70 33.46 -94.16
CA ASP N 408 36.77 34.13 -92.87
C ASP N 408 35.86 35.35 -92.94
N ARG N 409 35.06 35.53 -91.90
CA ARG N 409 34.14 36.64 -91.88
C ARG N 409 34.92 37.95 -91.94
N TYR N 410 34.29 38.97 -92.48
CA TYR N 410 34.97 40.24 -92.70
C TYR N 410 35.64 40.71 -91.41
N PRO N 411 36.89 41.18 -91.47
CA PRO N 411 37.65 41.46 -90.25
C PRO N 411 37.09 42.57 -89.40
N ILE N 412 36.13 43.32 -89.94
CA ILE N 412 35.54 44.54 -89.40
C ILE N 412 36.62 45.51 -88.93
N THR N 413 36.29 46.33 -87.95
CA THR N 413 37.11 47.44 -87.47
C THR N 413 36.28 48.22 -86.46
N ARG N 414 36.85 49.26 -85.87
CA ARG N 414 36.12 50.03 -84.86
C ARG N 414 34.96 50.81 -85.47
N GLU N 415 34.97 51.07 -86.78
CA GLU N 415 33.96 51.91 -87.41
C GLU N 415 32.72 51.15 -87.85
N ASN N 416 32.64 49.87 -87.61
CA ASN N 416 31.62 49.06 -88.24
C ASN N 416 30.36 49.00 -87.39
N PRO N 417 29.23 48.70 -88.03
CA PRO N 417 28.03 48.35 -87.26
C PRO N 417 28.20 47.04 -86.55
N ILE N 418 27.67 46.98 -85.32
CA ILE N 418 27.77 45.76 -84.53
C ILE N 418 26.92 44.65 -85.12
N TRP N 419 25.64 44.94 -85.37
CA TRP N 419 24.69 43.94 -85.77
C TRP N 419 23.90 44.41 -86.99
N CYS N 420 23.18 43.46 -87.57
CA CYS N 420 22.22 43.69 -88.64
C CYS N 420 21.07 42.72 -88.42
N LYS N 421 19.86 43.15 -88.74
CA LYS N 421 18.72 42.28 -88.51
C LYS N 421 18.58 41.29 -89.65
N LYS N 422 18.46 40.01 -89.30
CA LYS N 422 18.22 38.97 -90.28
C LYS N 422 16.72 38.94 -90.58
N PRO N 423 16.31 39.28 -91.79
CA PRO N 423 14.88 39.34 -92.10
C PRO N 423 14.21 37.98 -92.01
N ARG N 424 12.98 38.00 -91.49
CA ARG N 424 12.22 36.78 -91.31
C ARG N 424 11.80 36.21 -92.65
N SER N 425 12.15 34.96 -92.90
CA SER N 425 11.79 34.32 -94.15
C SER N 425 11.81 32.81 -93.94
N ASP N 426 11.15 32.10 -94.83
CA ASP N 426 11.07 30.65 -94.71
C ASP N 426 12.45 30.02 -94.76
N LYS N 427 13.19 30.28 -95.84
CA LYS N 427 14.45 29.61 -96.09
C LYS N 427 15.56 30.62 -96.21
N HIS N 428 16.77 30.20 -95.82
CA HIS N 428 17.95 31.03 -96.00
C HIS N 428 19.18 30.14 -95.95
N THR N 429 20.28 30.68 -96.47
CA THR N 429 21.59 30.04 -96.46
C THR N 429 22.39 30.44 -95.23
N THR N 430 23.71 30.25 -95.27
CA THR N 430 24.54 30.30 -94.07
C THR N 430 24.37 31.59 -93.26
N ILE N 431 23.98 32.69 -93.92
CA ILE N 431 23.85 33.99 -93.28
C ILE N 431 25.18 34.48 -92.72
N ASP N 432 26.11 34.84 -93.61
CA ASP N 432 27.28 35.60 -93.20
C ASP N 432 27.25 36.94 -93.91
N PRO N 433 26.92 38.04 -93.23
CA PRO N 433 26.91 39.34 -93.91
C PRO N 433 28.31 39.76 -94.30
N PHE N 434 28.42 40.31 -95.51
CA PHE N 434 29.72 40.72 -96.02
C PHE N 434 30.12 42.12 -95.56
N ASP N 435 29.28 42.76 -94.76
CA ASP N 435 29.62 44.00 -94.11
C ASP N 435 30.33 43.75 -92.79
N GLY N 436 30.67 42.50 -92.51
CA GLY N 436 31.00 42.11 -91.16
C GLY N 436 29.72 42.14 -90.36
N SER N 437 29.71 42.93 -89.29
CA SER N 437 28.54 43.05 -88.42
C SER N 437 28.05 41.68 -87.97
N LEU N 438 26.75 41.52 -87.85
CA LEU N 438 26.15 40.32 -87.30
C LEU N 438 24.73 40.22 -87.78
N ALA N 439 24.16 39.03 -87.67
CA ALA N 439 22.76 38.82 -87.99
C ALA N 439 22.09 38.25 -86.76
N MET N 440 20.92 38.80 -86.43
CA MET N 440 20.15 38.29 -85.31
C MET N 440 18.68 38.25 -85.68
N ASP N 441 17.99 37.22 -85.19
CA ASP N 441 16.54 37.18 -85.33
C ASP N 441 15.93 38.46 -84.77
N HIS N 442 16.18 38.72 -83.49
CA HIS N 442 15.77 39.96 -82.85
C HIS N 442 17.00 40.72 -82.41
N PRO N 443 17.37 41.78 -83.12
CA PRO N 443 18.44 42.64 -82.64
C PRO N 443 17.94 43.50 -81.50
N PRO N 444 18.74 44.41 -80.98
CA PRO N 444 18.19 45.39 -80.04
C PRO N 444 17.02 46.13 -80.66
N GLY N 445 15.90 46.14 -79.94
CA GLY N 445 14.74 46.85 -80.43
C GLY N 445 15.02 48.34 -80.50
N THR N 446 14.70 48.93 -81.64
CA THR N 446 14.91 50.36 -81.80
C THR N 446 14.03 51.12 -80.83
N ILE N 447 14.64 52.07 -80.12
CA ILE N 447 13.91 52.92 -79.20
C ILE N 447 13.48 54.16 -79.94
N PHE N 448 12.17 54.40 -80.00
CA PHE N 448 11.60 55.52 -80.70
C PHE N 448 11.18 56.57 -79.67
N ILE N 449 11.23 57.83 -80.07
CA ILE N 449 10.92 58.92 -79.18
C ILE N 449 10.36 60.08 -79.98
N LYS N 450 9.37 60.77 -79.41
CA LYS N 450 8.63 61.80 -80.10
C LYS N 450 8.29 62.88 -79.08
N MET N 451 7.88 64.05 -79.57
CA MET N 451 7.73 65.22 -78.74
C MET N 451 6.32 65.47 -78.22
N ALA N 452 5.38 64.56 -78.42
CA ALA N 452 4.08 64.70 -77.77
C ALA N 452 3.36 65.99 -78.17
N LYS N 453 2.75 65.99 -79.36
CA LYS N 453 2.17 67.20 -79.92
C LYS N 453 1.32 67.94 -78.91
N ILE N 454 1.60 69.22 -78.74
CA ILE N 454 0.79 70.08 -77.87
C ILE N 454 0.11 71.08 -78.79
N PRO N 455 -1.18 70.93 -79.03
CA PRO N 455 -1.85 71.80 -80.00
C PRO N 455 -2.18 73.14 -79.37
N VAL N 456 -2.69 74.04 -80.20
CA VAL N 456 -3.04 75.38 -79.74
C VAL N 456 -4.35 75.76 -80.42
N PRO N 457 -5.23 76.49 -79.77
CA PRO N 457 -6.55 76.75 -80.34
C PRO N 457 -6.49 77.74 -81.48
N SER N 458 -7.40 77.57 -82.43
CA SER N 458 -7.54 78.49 -83.56
C SER N 458 -8.97 78.44 -84.06
N ASN N 459 -9.26 79.31 -85.02
CA ASN N 459 -10.61 79.43 -85.56
C ASN N 459 -10.90 78.39 -86.65
N ASN N 460 -9.93 78.16 -87.53
CA ASN N 460 -10.12 77.39 -88.75
C ASN N 460 -10.87 76.04 -88.63
N ASN N 461 -10.50 75.16 -87.69
CA ASN N 461 -9.42 75.34 -86.73
C ASN N 461 -8.20 74.55 -87.14
N ALA N 462 -7.15 74.67 -86.33
CA ALA N 462 -5.88 73.99 -86.54
C ALA N 462 -5.32 74.32 -87.95
N ASP N 463 -4.49 73.49 -88.59
CA ASP N 463 -3.49 72.65 -87.92
C ASP N 463 -2.40 73.54 -87.35
N SER N 464 -2.22 73.45 -86.03
CA SER N 464 -1.24 74.27 -85.34
C SER N 464 -0.84 73.56 -84.07
N TYR N 465 0.38 73.83 -83.63
CA TYR N 465 0.93 73.11 -82.49
C TYR N 465 2.00 73.98 -81.86
N LEU N 466 2.38 73.61 -80.65
CA LEU N 466 3.34 74.37 -79.88
C LEU N 466 4.74 73.84 -80.17
N ASN N 467 5.70 74.74 -80.35
CA ASN N 467 7.03 74.38 -80.83
C ASN N 467 7.94 74.12 -79.62
N ILE N 468 8.34 72.87 -79.44
CA ILE N 468 9.14 72.46 -78.30
C ILE N 468 10.21 71.49 -78.77
N TYR N 469 11.15 71.19 -77.87
CA TYR N 469 12.12 70.13 -78.12
C TYR N 469 12.51 69.53 -76.79
N CYS N 470 13.03 68.31 -76.84
CA CYS N 470 13.43 67.59 -75.65
C CYS N 470 14.93 67.44 -75.62
N THR N 471 15.46 67.28 -74.42
CA THR N 471 16.89 67.12 -74.24
C THR N 471 17.09 66.22 -73.04
N GLY N 472 18.06 65.33 -73.12
CA GLY N 472 18.23 64.41 -72.03
C GLY N 472 19.45 63.56 -72.23
N GLN N 473 19.53 62.48 -71.45
CA GLN N 473 20.73 61.67 -71.41
C GLN N 473 20.38 60.21 -71.57
N VAL N 474 20.95 59.58 -72.58
CA VAL N 474 20.87 58.14 -72.77
C VAL N 474 22.13 57.52 -72.21
N SER N 475 22.00 56.43 -71.48
CA SER N 475 23.15 55.67 -71.04
C SER N 475 23.00 54.27 -71.60
N CYS N 476 23.85 53.90 -72.54
CA CYS N 476 23.84 52.57 -73.11
C CYS N 476 24.98 51.78 -72.47
N GLU N 477 24.63 50.84 -71.62
CA GLU N 477 25.59 50.01 -70.90
C GLU N 477 25.42 48.58 -71.39
N ILE N 478 26.41 48.07 -72.11
CA ILE N 478 26.29 46.76 -72.73
C ILE N 478 27.42 45.87 -72.23
N VAL N 479 27.11 44.61 -72.04
CA VAL N 479 28.04 43.61 -71.53
C VAL N 479 28.48 42.74 -72.69
N TRP N 480 29.76 42.42 -72.74
CA TRP N 480 30.34 41.68 -73.85
C TRP N 480 30.90 40.37 -73.33
N GLU N 481 30.35 39.25 -73.79
CA GLU N 481 31.03 37.99 -73.59
C GLU N 481 32.35 38.03 -74.33
N VAL N 482 33.42 37.73 -73.61
CA VAL N 482 34.76 37.92 -74.15
C VAL N 482 35.61 36.73 -73.75
N GLU N 483 36.53 36.33 -74.63
CA GLU N 483 37.39 35.18 -74.39
C GLU N 483 38.83 35.56 -74.68
N ARG N 484 39.73 35.14 -73.80
CA ARG N 484 41.11 35.59 -73.82
C ARG N 484 42.00 34.51 -74.44
N TYR N 485 43.03 34.93 -75.14
CA TYR N 485 43.77 34.02 -75.99
C TYR N 485 45.00 33.47 -75.30
N ALA N 486 45.30 32.20 -75.57
CA ALA N 486 46.55 31.58 -75.20
C ALA N 486 47.04 30.79 -76.40
N THR N 487 48.35 30.81 -76.62
CA THR N 487 48.89 30.13 -77.80
C THR N 487 50.29 29.63 -77.51
N LYS N 488 50.70 28.66 -78.31
CA LYS N 488 52.01 28.05 -78.18
C LYS N 488 53.04 28.67 -79.11
N ASN N 489 52.67 29.70 -79.86
CA ASN N 489 53.64 30.34 -80.73
C ASN N 489 54.80 30.89 -79.92
N TRP N 490 56.00 30.75 -80.47
CA TRP N 490 57.19 31.26 -79.82
C TRP N 490 57.37 32.75 -80.07
N ARG N 491 56.93 33.23 -81.19
CA ARG N 491 57.27 34.55 -81.70
C ARG N 491 56.31 35.63 -81.23
N PRO N 492 56.71 36.90 -81.33
CA PRO N 492 55.96 37.99 -80.70
C PRO N 492 54.55 38.23 -81.23
N GLU N 493 54.15 37.67 -82.36
CA GLU N 493 52.85 37.96 -83.01
C GLU N 493 52.77 39.46 -83.30
N ARG N 494 51.59 40.07 -83.17
CA ARG N 494 51.37 41.43 -83.66
C ARG N 494 50.32 42.10 -82.80
N ARG N 495 50.44 43.41 -82.64
CA ARG N 495 49.51 44.18 -81.85
C ARG N 495 49.17 45.45 -82.62
N HIS N 496 48.38 46.32 -82.01
CA HIS N 496 48.07 47.61 -82.59
C HIS N 496 48.77 48.69 -81.80
N THR N 497 49.84 49.22 -82.38
CA THR N 497 50.53 50.39 -81.86
C THR N 497 49.83 51.66 -82.31
N THR N 498 50.07 52.73 -81.56
CA THR N 498 49.83 54.06 -82.10
C THR N 498 50.72 54.36 -83.30
N PHE N 499 51.79 53.59 -83.50
CA PHE N 499 52.65 53.94 -84.63
C PHE N 499 51.99 53.70 -85.97
N GLY N 500 50.96 52.86 -86.03
CA GLY N 500 50.14 52.83 -87.23
C GLY N 500 49.41 54.14 -87.45
N LEU N 501 49.16 54.87 -86.36
CA LEU N 501 48.48 56.16 -86.42
C LEU N 501 49.42 57.23 -86.98
N GLY N 502 48.83 58.35 -87.39
CA GLY N 502 49.61 59.42 -87.96
C GLY N 502 49.02 60.77 -87.60
N ILE N 503 49.84 61.81 -87.79
CA ILE N 503 49.57 63.15 -87.29
C ILE N 503 48.63 63.86 -88.25
N GLY N 504 47.77 64.73 -87.72
CA GLY N 504 46.84 65.44 -88.60
C GLY N 504 46.11 66.57 -87.88
N GLY N 505 45.38 67.33 -88.69
CA GLY N 505 44.49 68.40 -88.26
C GLY N 505 45.18 69.73 -88.14
N ALA N 506 44.44 70.80 -88.49
CA ALA N 506 44.89 72.19 -88.41
C ALA N 506 46.31 72.36 -88.92
N ASP N 507 47.11 73.13 -88.17
CA ASP N 507 48.55 72.91 -88.21
C ASP N 507 48.81 71.52 -87.67
N ASN N 508 49.72 70.80 -88.33
CA ASN N 508 49.69 69.34 -88.29
C ASN N 508 49.57 68.77 -86.89
N LEU N 509 49.89 69.56 -85.87
CA LEU N 509 49.96 69.10 -84.49
C LEU N 509 48.69 68.39 -84.06
N ASN N 510 48.86 67.47 -83.11
CA ASN N 510 47.99 66.46 -82.53
C ASN N 510 47.98 65.25 -83.45
N PRO N 511 48.00 64.04 -82.92
CA PRO N 511 48.22 62.89 -83.81
C PRO N 511 47.02 62.43 -84.62
N THR N 512 46.09 61.73 -83.97
CA THR N 512 44.98 61.14 -84.71
C THR N 512 43.68 61.14 -83.93
N TYR N 513 43.59 60.37 -82.85
CA TYR N 513 42.39 60.46 -82.03
C TYR N 513 42.66 61.49 -80.95
N HIS N 514 42.14 62.68 -81.16
CA HIS N 514 42.57 63.82 -80.36
C HIS N 514 41.88 65.06 -80.92
N VAL N 515 41.86 66.10 -80.09
CA VAL N 515 41.19 67.34 -80.47
C VAL N 515 42.12 68.25 -81.28
N ASP N 516 41.50 69.12 -82.08
CA ASP N 516 42.16 70.17 -82.84
C ASP N 516 42.24 71.43 -81.97
N LYS N 517 42.55 72.59 -82.55
CA LYS N 517 42.82 73.76 -81.69
C LYS N 517 41.82 74.90 -81.32
N ASN N 518 40.62 75.17 -81.89
CA ASN N 518 39.94 74.68 -83.11
C ASN N 518 39.18 73.40 -82.87
N GLY N 519 39.17 72.93 -81.63
CA GLY N 519 39.07 71.51 -81.39
C GLY N 519 37.98 70.80 -82.14
N THR N 520 38.45 69.91 -83.02
CA THR N 520 37.65 69.01 -83.82
C THR N 520 38.40 67.69 -83.81
N TYR N 521 37.71 66.65 -83.38
CA TYR N 521 38.32 65.34 -83.23
C TYR N 521 38.91 64.91 -84.55
N ILE N 522 40.22 64.62 -84.56
CA ILE N 522 40.89 64.29 -85.82
C ILE N 522 40.47 62.91 -86.26
N GLN N 523 40.11 62.79 -87.46
CA GLN N 523 39.65 61.47 -87.82
C GLN N 523 40.80 60.60 -88.32
N PRO N 524 40.72 59.31 -88.04
CA PRO N 524 41.72 58.37 -88.56
C PRO N 524 41.66 58.29 -90.07
N THR N 525 42.82 58.37 -90.71
CA THR N 525 42.93 58.38 -92.16
C THR N 525 43.49 57.06 -92.66
N THR N 526 42.78 56.46 -93.60
CA THR N 526 42.77 55.09 -94.12
C THR N 526 42.51 54.00 -93.07
N TRP N 527 42.94 52.78 -93.38
CA TRP N 527 42.31 51.61 -92.77
C TRP N 527 43.00 51.18 -91.48
N ASP N 528 44.33 51.18 -91.47
CA ASP N 528 45.06 50.67 -90.32
C ASP N 528 44.85 51.53 -89.08
N MET N 529 44.60 52.82 -89.24
CA MET N 529 44.31 53.70 -88.12
C MET N 529 43.26 53.08 -87.22
N CYS N 530 42.03 52.99 -87.70
CA CYS N 530 41.04 52.13 -87.08
C CYS N 530 41.62 50.74 -86.98
N PHE N 531 41.59 50.17 -85.78
CA PHE N 531 42.38 48.95 -85.58
C PHE N 531 41.50 47.73 -85.77
N PRO N 532 41.63 47.02 -86.88
CA PRO N 532 40.69 45.93 -87.18
C PRO N 532 41.03 44.71 -86.35
N VAL N 533 40.00 43.99 -85.92
CA VAL N 533 40.26 42.66 -85.41
C VAL N 533 40.62 41.76 -86.57
N LYS N 534 41.18 40.60 -86.25
CA LYS N 534 41.49 39.51 -87.16
C LYS N 534 42.84 39.72 -87.83
N THR N 535 43.49 40.86 -87.61
CA THR N 535 44.85 41.08 -88.06
C THR N 535 45.88 40.71 -87.01
N ASN N 536 45.45 40.24 -85.84
CA ASN N 536 46.36 39.96 -84.74
C ASN N 536 46.21 38.53 -84.27
N ILE N 537 46.95 38.24 -83.21
CA ILE N 537 47.07 36.92 -82.61
C ILE N 537 47.47 35.94 -83.70
N ASN N 538 47.06 34.68 -83.56
CA ASN N 538 47.21 33.65 -84.57
C ASN N 538 46.26 32.52 -84.19
N LYS N 539 45.96 31.65 -85.12
CA LYS N 539 45.26 30.41 -84.80
C LYS N 539 45.83 29.29 -85.65
N VAL N 540 46.14 28.16 -85.01
CA VAL N 540 46.35 26.94 -85.78
C VAL N 540 45.02 26.51 -86.34
N LEU N 541 44.98 26.31 -87.64
CA LEU N 541 43.73 25.90 -88.27
C LEU N 541 43.43 24.45 -87.96
N GLY O 34 57.46 3.40 -59.41
CA GLY O 34 58.71 2.68 -59.29
C GLY O 34 59.89 3.55 -58.91
N SER O 35 61.07 2.93 -58.84
CA SER O 35 62.29 3.65 -58.48
C SER O 35 63.48 2.90 -59.03
N GLY O 36 64.60 3.61 -59.11
CA GLY O 36 65.86 3.02 -59.57
C GLY O 36 66.17 3.38 -61.00
N VAL O 37 67.28 2.83 -61.48
CA VAL O 37 67.67 3.02 -62.87
C VAL O 37 66.60 2.43 -63.78
N GLY O 38 66.36 3.10 -64.91
CA GLY O 38 65.34 2.68 -65.83
C GLY O 38 63.98 3.26 -65.58
N ILE O 39 63.83 4.10 -64.56
CA ILE O 39 62.57 4.77 -64.26
C ILE O 39 62.88 6.26 -64.21
N SER O 40 62.32 7.03 -65.14
CA SER O 40 62.62 8.45 -65.19
C SER O 40 62.06 9.14 -63.95
N THR O 41 62.79 10.13 -63.46
CA THR O 41 62.37 10.74 -62.21
C THR O 41 61.29 11.79 -62.42
N GLY O 42 61.43 12.62 -63.43
CA GLY O 42 60.43 13.63 -63.73
C GLY O 42 60.41 13.89 -65.23
N GLY O 43 59.33 14.51 -65.67
CA GLY O 43 59.12 14.79 -67.07
C GLY O 43 59.45 16.22 -67.46
N TRP O 44 59.34 16.48 -68.75
CA TRP O 44 59.59 17.80 -69.28
C TRP O 44 58.47 18.75 -68.87
N VAL O 45 58.79 20.05 -68.82
CA VAL O 45 57.88 21.06 -68.30
C VAL O 45 58.07 22.35 -69.10
N GLY O 46 57.00 23.12 -69.24
CA GLY O 46 57.13 24.45 -69.82
C GLY O 46 55.77 25.00 -70.22
N GLY O 47 55.81 26.14 -70.92
CA GLY O 47 54.65 26.67 -71.63
C GLY O 47 53.98 27.89 -71.03
N SER O 48 54.50 28.42 -69.94
CA SER O 48 53.95 29.53 -69.16
C SER O 48 52.49 29.39 -68.73
N TYR O 49 51.85 30.51 -68.38
CA TYR O 49 50.50 30.42 -67.83
C TYR O 49 49.61 31.63 -68.10
N PHE O 50 49.95 32.79 -67.49
CA PHE O 50 49.22 34.05 -67.61
C PHE O 50 47.80 34.13 -67.04
N THR O 51 47.69 34.25 -65.72
CA THR O 51 46.49 34.74 -65.05
C THR O 51 46.70 36.18 -64.60
N ASP O 52 45.61 36.94 -64.54
CA ASP O 52 45.63 38.36 -64.16
C ASP O 52 46.47 38.65 -62.93
N SER O 53 46.38 37.79 -61.92
CA SER O 53 47.10 38.03 -60.67
C SER O 53 48.55 37.60 -60.74
N TYR O 54 48.87 36.55 -61.51
CA TYR O 54 50.23 36.05 -61.54
C TYR O 54 50.48 35.31 -62.84
N VAL O 55 51.76 35.17 -63.17
CA VAL O 55 52.23 34.47 -64.35
C VAL O 55 53.20 33.40 -63.91
N ILE O 56 52.94 32.17 -64.32
CA ILE O 56 53.80 31.03 -64.01
C ILE O 56 54.56 30.66 -65.27
N THR O 57 55.87 30.89 -65.28
CA THR O 57 56.71 30.48 -66.39
C THR O 57 57.44 29.20 -66.01
N LYS O 58 57.41 28.23 -66.90
CA LYS O 58 58.02 26.93 -66.68
C LYS O 58 59.03 26.68 -67.78
N ASN O 59 60.16 26.11 -67.43
CA ASN O 59 61.22 25.86 -68.39
C ASN O 59 61.95 24.60 -68.00
N THR O 60 62.57 23.96 -68.98
CA THR O 60 63.33 22.74 -68.77
C THR O 60 64.52 22.73 -69.71
N ARG O 61 65.62 22.14 -69.29
CA ARG O 61 66.86 22.20 -70.05
C ARG O 61 67.56 20.85 -70.02
N GLN O 62 68.56 20.74 -70.86
CA GLN O 62 69.50 19.63 -70.85
C GLN O 62 70.87 20.22 -70.60
N PHE O 63 71.56 19.72 -69.58
CA PHE O 63 72.83 20.31 -69.19
C PHE O 63 73.89 19.24 -69.10
N LEU O 64 75.16 19.65 -69.03
CA LEU O 64 76.21 18.70 -68.74
C LEU O 64 77.31 19.33 -67.90
N VAL O 65 77.87 18.54 -67.00
CA VAL O 65 78.94 18.95 -66.11
C VAL O 65 80.21 18.26 -66.58
N LYS O 66 81.27 19.04 -66.77
CA LYS O 66 82.42 18.61 -67.56
C LYS O 66 83.63 18.13 -66.75
N ILE O 67 83.57 18.18 -65.41
CA ILE O 67 84.79 18.04 -64.58
C ILE O 67 85.76 19.16 -64.93
N GLN O 68 85.49 20.37 -64.47
CA GLN O 68 86.43 21.46 -64.68
C GLN O 68 87.57 21.40 -63.68
N ASN O 69 88.77 21.77 -64.15
CA ASN O 69 89.89 22.09 -63.28
C ASN O 69 90.40 20.87 -62.51
N ASN O 70 90.46 19.72 -63.17
CA ASN O 70 90.66 18.44 -62.50
C ASN O 70 89.62 18.42 -61.38
N HIS O 71 89.94 17.92 -60.19
CA HIS O 71 89.11 18.26 -59.05
C HIS O 71 89.78 19.24 -58.10
N GLN O 72 91.03 19.58 -58.36
CA GLN O 72 91.73 20.55 -57.53
C GLN O 72 91.33 21.97 -57.88
N TYR O 73 91.63 22.89 -56.96
CA TYR O 73 91.22 24.29 -56.99
C TYR O 73 92.16 25.20 -57.76
N LYS O 74 93.41 25.28 -57.34
CA LYS O 74 94.40 26.26 -57.78
C LYS O 74 93.95 27.70 -57.51
N THR O 75 94.51 28.65 -58.26
CA THR O 75 94.24 30.07 -58.08
C THR O 75 94.08 30.74 -59.45
N GLU O 76 95.10 30.56 -60.30
CA GLU O 76 95.12 30.83 -61.74
C GLU O 76 95.54 32.22 -62.18
N LEU O 77 95.54 33.22 -61.29
CA LEU O 77 96.13 34.54 -61.56
C LEU O 77 95.87 34.97 -63.01
N ILE O 78 94.62 35.30 -63.31
CA ILE O 78 94.11 35.19 -64.68
C ILE O 78 94.95 35.95 -65.69
N SER O 79 94.76 37.27 -65.78
CA SER O 79 95.55 38.20 -66.58
C SER O 79 95.48 37.91 -68.08
N PRO O 80 95.58 38.93 -68.93
CA PRO O 80 96.22 38.71 -70.23
C PRO O 80 97.66 39.19 -70.14
N SER O 81 98.42 39.07 -71.23
CA SER O 81 99.70 39.76 -71.28
C SER O 81 100.02 40.33 -72.67
N THR O 82 100.23 41.65 -72.83
CA THR O 82 99.77 42.80 -72.01
C THR O 82 99.83 42.72 -70.48
N SER O 83 101.03 42.42 -69.97
CA SER O 83 101.23 42.28 -68.52
C SER O 83 100.81 43.52 -67.76
N GLN O 84 100.64 44.66 -68.43
CA GLN O 84 100.13 45.87 -67.80
C GLN O 84 98.69 45.70 -67.30
N GLY O 85 98.03 44.61 -67.66
CA GLY O 85 96.64 44.43 -67.29
C GLY O 85 96.45 44.27 -65.79
N LYS O 86 95.18 44.11 -65.40
CA LYS O 86 94.85 44.02 -63.99
C LYS O 86 95.40 42.75 -63.35
N SER O 87 95.27 41.63 -64.04
CA SER O 87 95.86 40.36 -63.60
C SER O 87 95.28 39.91 -62.26
N GLN O 88 93.95 39.92 -62.17
CA GLN O 88 93.29 39.42 -60.97
C GLN O 88 93.65 37.96 -60.74
N ARG O 89 93.88 37.61 -59.47
CA ARG O 89 94.39 36.28 -59.18
C ARG O 89 93.28 35.24 -59.18
N CYS O 90 92.10 35.62 -58.69
CA CYS O 90 90.93 34.75 -58.56
C CYS O 90 91.19 33.44 -57.83
N VAL O 91 90.31 32.47 -58.06
CA VAL O 91 90.39 31.11 -57.55
C VAL O 91 89.55 30.25 -58.50
N SER O 92 90.01 29.07 -58.82
CA SER O 92 89.22 28.16 -59.63
C SER O 92 88.78 27.01 -58.73
N THR O 93 87.64 26.43 -59.05
CA THR O 93 87.09 25.34 -58.26
C THR O 93 86.63 24.23 -59.19
N PRO O 94 86.54 23.00 -58.70
CA PRO O 94 85.95 21.93 -59.52
C PRO O 94 84.47 22.11 -59.78
N TRP O 95 83.81 23.02 -59.07
CA TRP O 95 82.38 23.14 -59.13
C TRP O 95 81.92 23.91 -60.35
N SER O 96 80.72 23.58 -60.80
CA SER O 96 79.98 24.32 -61.81
C SER O 96 78.67 24.78 -61.18
N TYR O 97 78.03 25.77 -61.78
CA TYR O 97 76.84 26.31 -61.14
C TYR O 97 75.77 26.63 -62.18
N PHE O 98 74.54 26.67 -61.70
CA PHE O 98 73.38 27.05 -62.51
C PHE O 98 73.11 28.53 -62.33
N ASN O 99 73.16 29.27 -63.43
CA ASN O 99 72.78 30.68 -63.44
C ASN O 99 71.42 30.80 -64.10
N PHE O 100 70.40 31.13 -63.33
CA PHE O 100 69.06 31.32 -63.86
C PHE O 100 68.71 32.77 -64.12
N ASN O 101 69.66 33.69 -63.98
CA ASN O 101 69.33 35.10 -63.89
C ASN O 101 69.37 35.70 -65.29
N GLN O 102 68.19 35.94 -65.85
CA GLN O 102 67.95 36.68 -67.09
C GLN O 102 66.47 36.56 -67.37
N TYR O 103 65.92 37.50 -68.14
CA TYR O 103 64.52 37.38 -68.51
C TYR O 103 64.34 36.48 -69.72
N SER O 104 65.21 36.61 -70.72
CA SER O 104 65.05 35.86 -71.95
C SER O 104 65.12 34.36 -71.73
N SER O 105 65.59 33.93 -70.56
CA SER O 105 65.60 32.51 -70.28
C SER O 105 64.23 32.00 -69.90
N HIS O 106 63.47 32.79 -69.15
CA HIS O 106 62.20 32.37 -68.61
C HIS O 106 61.00 32.77 -69.46
N PHE O 107 61.19 33.62 -70.46
CA PHE O 107 60.08 34.14 -71.24
C PHE O 107 60.35 33.95 -72.72
N SER O 108 59.43 33.30 -73.42
CA SER O 108 59.50 33.28 -74.85
C SER O 108 59.27 34.68 -75.38
N PRO O 109 59.71 34.98 -76.60
CA PRO O 109 59.43 36.29 -77.17
C PRO O 109 57.96 36.63 -77.22
N GLN O 110 57.06 35.66 -77.18
CA GLN O 110 55.65 35.98 -77.02
C GLN O 110 55.22 36.13 -75.58
N ASP O 111 55.68 35.27 -74.67
CA ASP O 111 55.33 35.42 -73.27
C ASP O 111 55.76 36.79 -72.77
N TRP O 112 57.04 37.11 -72.88
CA TRP O 112 57.45 38.50 -72.91
C TRP O 112 56.74 39.13 -74.08
N GLN O 113 56.31 40.38 -73.92
CA GLN O 113 55.38 41.07 -74.82
C GLN O 113 53.94 40.67 -74.59
N ARG O 114 53.67 39.53 -73.97
CA ARG O 114 52.34 39.38 -73.44
C ARG O 114 52.20 40.08 -72.10
N LEU O 115 53.23 40.02 -71.25
CA LEU O 115 53.19 40.81 -70.03
C LEU O 115 53.62 42.25 -70.27
N THR O 116 54.58 42.48 -71.16
CA THR O 116 55.02 43.84 -71.41
C THR O 116 53.89 44.68 -71.98
N ASN O 117 53.01 44.06 -72.75
CA ASN O 117 51.86 44.79 -73.27
C ASN O 117 50.73 44.86 -72.25
N GLU O 118 50.47 43.77 -71.54
CA GLU O 118 49.23 43.65 -70.79
C GLU O 118 49.33 43.98 -69.31
N TYR O 119 50.50 44.33 -68.78
CA TYR O 119 50.59 44.51 -67.34
C TYR O 119 51.42 45.75 -66.96
N LYS O 120 51.02 46.37 -65.85
CA LYS O 120 51.78 47.50 -65.31
C LYS O 120 53.13 47.05 -64.79
N ARG O 121 53.13 46.03 -63.96
CA ARG O 121 54.31 45.74 -63.17
C ARG O 121 54.32 44.27 -62.82
N PHE O 122 55.52 43.77 -62.55
CA PHE O 122 55.67 42.37 -62.19
C PHE O 122 56.92 42.21 -61.38
N ARG O 123 56.92 41.21 -60.51
CA ARG O 123 58.13 40.83 -59.80
C ARG O 123 58.05 39.34 -59.59
N PRO O 124 59.17 38.64 -59.59
CA PRO O 124 59.13 37.21 -59.34
C PRO O 124 58.71 36.94 -57.90
N LYS O 125 57.69 36.10 -57.74
CA LYS O 125 57.20 35.76 -56.42
C LYS O 125 57.98 34.62 -55.79
N GLY O 126 58.28 33.59 -56.58
CA GLY O 126 58.93 32.41 -56.06
C GLY O 126 59.62 31.67 -57.18
N MET O 127 60.36 30.63 -56.80
CA MET O 127 61.16 29.87 -57.75
C MET O 127 61.27 28.45 -57.28
N HIS O 128 61.19 27.51 -58.21
CA HIS O 128 61.24 26.09 -57.89
C HIS O 128 62.09 25.40 -58.93
N VAL O 129 63.15 24.73 -58.50
CA VAL O 129 64.12 24.14 -59.41
C VAL O 129 64.21 22.66 -59.11
N LYS O 130 64.30 21.85 -60.15
CA LYS O 130 64.37 20.41 -60.00
C LYS O 130 65.46 19.86 -60.91
N ILE O 131 66.44 19.19 -60.31
CA ILE O 131 67.42 18.41 -61.05
C ILE O 131 66.87 16.99 -61.12
N TYR O 132 66.92 16.38 -62.30
CA TYR O 132 66.42 15.03 -62.43
C TYR O 132 66.92 14.44 -63.73
N ASN O 133 66.59 13.17 -63.96
CA ASN O 133 67.00 12.44 -65.15
C ASN O 133 68.49 12.54 -65.38
N LEU O 134 69.26 12.24 -64.34
CA LEU O 134 70.71 12.37 -64.42
C LEU O 134 71.32 11.19 -65.17
N GLN O 135 72.49 11.43 -65.77
CA GLN O 135 73.20 10.40 -66.51
C GLN O 135 74.69 10.63 -66.32
N ILE O 136 75.44 9.56 -66.05
CA ILE O 136 76.89 9.64 -65.95
C ILE O 136 77.45 8.76 -67.05
N LYS O 137 78.15 9.36 -68.01
CA LYS O 137 78.43 8.64 -69.24
C LYS O 137 79.84 8.10 -69.39
N GLN O 138 80.77 8.38 -68.47
CA GLN O 138 82.06 7.69 -68.48
C GLN O 138 82.79 7.83 -69.82
N ILE O 139 83.37 9.02 -70.04
CA ILE O 139 84.18 9.22 -71.24
C ILE O 139 85.29 8.18 -71.32
N LEU O 140 85.50 7.62 -72.50
CA LEU O 140 86.66 6.80 -72.78
C LEU O 140 87.36 7.31 -74.04
N SER O 141 88.67 7.07 -74.09
CA SER O 141 89.47 7.41 -75.26
C SER O 141 90.41 6.26 -75.55
N ASN O 142 90.26 5.67 -76.73
CA ASN O 142 91.20 4.68 -77.25
C ASN O 142 92.30 5.33 -78.07
N GLY O 143 92.33 6.65 -78.08
CA GLY O 143 93.10 7.44 -79.02
C GLY O 143 92.18 7.87 -80.14
N ALA O 144 92.36 9.10 -80.61
CA ALA O 144 91.44 9.78 -81.53
C ALA O 144 90.02 9.64 -80.94
N ASP O 145 88.99 9.48 -81.76
CA ASP O 145 87.65 8.99 -81.44
C ASP O 145 87.08 9.48 -80.11
N THR O 146 86.32 8.60 -79.45
CA THR O 146 85.86 8.58 -78.06
C THR O 146 84.83 7.47 -77.95
N THR O 147 84.54 7.02 -76.74
CA THR O 147 83.42 6.13 -76.50
C THR O 147 82.80 6.49 -75.16
N TYR O 148 81.51 6.22 -75.03
CA TYR O 148 80.75 6.53 -73.83
C TYR O 148 80.05 5.26 -73.40
N ASN O 149 80.45 4.69 -72.27
CA ASN O 149 79.94 3.39 -71.88
C ASN O 149 78.67 3.53 -71.06
N ASN O 150 78.15 4.74 -70.97
CA ASN O 150 77.23 5.13 -69.91
C ASN O 150 77.94 4.85 -68.61
N ASP O 151 77.21 4.50 -67.57
CA ASP O 151 77.79 4.19 -66.28
C ASP O 151 76.65 3.99 -65.30
N LEU O 152 76.94 3.28 -64.22
CA LEU O 152 76.09 3.26 -63.06
C LEU O 152 77.03 3.35 -61.87
N THR O 153 76.48 3.32 -60.67
CA THR O 153 77.25 3.45 -59.46
C THR O 153 78.20 4.64 -59.51
N ALA O 154 77.72 5.76 -60.01
CA ALA O 154 78.46 7.02 -60.03
C ALA O 154 77.57 8.10 -59.44
N GLY O 155 78.15 9.26 -59.15
CA GLY O 155 77.47 10.25 -58.36
C GLY O 155 77.77 11.66 -58.82
N VAL O 156 76.92 12.56 -58.35
CA VAL O 156 76.99 13.98 -58.68
C VAL O 156 76.69 14.77 -57.42
N HIS O 157 77.58 15.68 -57.07
CA HIS O 157 77.37 16.56 -55.93
C HIS O 157 76.49 17.71 -56.36
N ILE O 158 75.51 18.05 -55.53
CA ILE O 158 74.62 19.18 -55.79
C ILE O 158 74.47 19.96 -54.52
N PHE O 159 74.79 21.25 -54.57
CA PHE O 159 74.83 22.09 -53.39
C PHE O 159 74.15 23.41 -53.69
N CYS O 160 73.37 23.91 -52.74
CA CYS O 160 72.66 25.17 -52.87
C CYS O 160 73.01 26.09 -51.71
N ASP O 161 72.94 27.40 -51.95
CA ASP O 161 73.19 28.39 -50.91
C ASP O 161 71.86 28.98 -50.43
N GLY O 162 71.47 28.63 -49.21
CA GLY O 162 70.35 29.32 -48.61
C GLY O 162 70.82 30.49 -47.77
N GLU O 163 72.05 30.39 -47.28
CA GLU O 163 72.62 31.43 -46.43
C GLU O 163 73.37 32.48 -47.23
N HIS O 164 73.68 32.21 -48.49
CA HIS O 164 74.59 33.01 -49.30
C HIS O 164 75.94 33.19 -48.64
N ALA O 165 76.36 32.26 -47.81
CA ALA O 165 77.79 32.07 -47.61
C ALA O 165 78.39 31.61 -48.92
N TYR O 166 79.69 31.78 -49.06
CA TYR O 166 80.45 31.54 -50.28
C TYR O 166 80.31 32.71 -51.26
N PRO O 167 81.32 32.92 -52.08
CA PRO O 167 81.41 34.15 -52.88
C PRO O 167 80.35 34.36 -53.97
N ASN O 168 79.47 33.39 -54.23
CA ASN O 168 78.32 33.51 -55.13
C ASN O 168 78.66 34.06 -56.53
N ALA O 169 79.16 33.18 -57.40
CA ALA O 169 79.66 33.56 -58.72
C ALA O 169 78.74 34.52 -59.47
N THR O 170 77.42 34.32 -59.36
CA THR O 170 76.49 35.01 -60.25
C THR O 170 76.72 36.51 -60.24
N HIS O 171 76.93 37.06 -61.42
CA HIS O 171 77.03 38.48 -61.71
C HIS O 171 75.97 38.78 -62.76
N PRO O 172 75.32 39.94 -62.70
CA PRO O 172 74.12 40.15 -63.53
C PRO O 172 74.29 39.82 -65.01
N TRP O 173 75.32 40.32 -65.67
CA TRP O 173 75.37 40.15 -67.12
C TRP O 173 76.01 38.82 -67.48
N ASP O 174 77.31 38.71 -67.28
CA ASP O 174 78.05 37.46 -67.52
C ASP O 174 77.68 36.95 -68.90
N GLU O 175 77.35 35.68 -69.03
CA GLU O 175 77.13 35.00 -70.29
C GLU O 175 76.00 34.02 -69.99
N ASP O 176 75.80 33.06 -70.87
CA ASP O 176 75.17 31.77 -70.52
C ASP O 176 73.81 32.02 -69.86
N VAL O 177 73.66 31.79 -68.56
CA VAL O 177 72.38 31.65 -67.89
C VAL O 177 71.73 30.47 -68.60
N MET O 178 70.42 30.45 -68.71
CA MET O 178 69.80 29.39 -69.48
C MET O 178 69.80 29.81 -70.94
N PRO O 179 69.94 28.89 -71.89
CA PRO O 179 69.78 29.30 -73.27
C PRO O 179 68.34 29.77 -73.44
N GLU O 180 68.20 30.96 -74.04
CA GLU O 180 66.87 31.53 -74.20
C GLU O 180 65.93 30.58 -74.92
N LEU O 181 66.49 29.63 -75.65
CA LEU O 181 65.77 28.73 -76.51
C LEU O 181 65.85 27.33 -75.92
N PRO O 182 64.74 26.65 -75.59
CA PRO O 182 64.85 25.28 -75.07
C PRO O 182 65.44 24.34 -76.10
N TYR O 183 65.48 23.04 -75.81
CA TYR O 183 66.07 22.02 -76.67
C TYR O 183 67.55 22.28 -76.92
N GLN O 184 68.02 23.43 -76.49
CA GLN O 184 69.42 23.81 -76.65
C GLN O 184 70.15 23.40 -75.38
N THR O 185 71.10 22.48 -75.51
CA THR O 185 71.77 21.96 -74.34
C THR O 185 72.51 23.07 -73.62
N TRP O 186 72.56 22.97 -72.30
CA TRP O 186 73.07 24.05 -71.47
C TRP O 186 74.38 23.64 -70.81
N TYR O 187 75.47 24.21 -71.27
CA TYR O 187 76.78 23.89 -70.73
C TYR O 187 77.05 24.76 -69.52
N LEU O 188 77.32 24.12 -68.39
CA LEU O 188 77.62 24.84 -67.17
C LEU O 188 79.02 25.43 -67.22
N PHE O 189 79.24 26.40 -66.34
CA PHE O 189 80.49 27.13 -66.28
C PHE O 189 81.13 26.97 -64.91
N GLN O 190 82.46 27.01 -64.90
CA GLN O 190 83.21 26.74 -63.69
C GLN O 190 82.98 27.83 -62.65
N TYR O 191 82.95 27.44 -61.39
CA TYR O 191 82.78 28.38 -60.30
C TYR O 191 84.13 28.89 -59.85
N GLY O 192 84.25 30.21 -59.73
CA GLY O 192 85.47 30.82 -59.25
C GLY O 192 85.13 32.11 -58.54
N TYR O 193 86.12 32.66 -57.85
CA TYR O 193 85.89 33.90 -57.14
C TYR O 193 87.19 34.63 -56.92
N ILE O 194 87.10 35.93 -56.70
CA ILE O 194 88.27 36.75 -56.39
C ILE O 194 88.49 36.73 -54.88
N PRO O 195 89.54 36.08 -54.39
CA PRO O 195 89.80 36.17 -52.94
C PRO O 195 90.20 37.56 -52.50
N VAL O 196 91.11 38.21 -53.21
CA VAL O 196 91.61 39.55 -52.88
C VAL O 196 92.14 40.20 -54.14
N ILE O 197 92.11 41.53 -54.16
CA ILE O 197 92.72 42.30 -55.25
C ILE O 197 94.15 41.84 -55.44
N HIS O 198 94.52 41.54 -56.69
CA HIS O 198 95.87 41.00 -56.94
C HIS O 198 96.95 42.00 -56.58
N GLU O 199 96.88 43.20 -57.14
CA GLU O 199 97.68 44.28 -56.60
C GLU O 199 97.23 44.50 -55.16
N LEU O 200 98.10 45.10 -54.34
CA LEU O 200 97.85 45.14 -52.91
C LEU O 200 97.84 43.73 -52.34
N ALA O 201 99.05 43.22 -52.04
CA ALA O 201 99.44 41.81 -51.90
C ALA O 201 100.17 41.23 -53.11
N GLU O 202 100.49 42.04 -54.11
CA GLU O 202 101.28 41.53 -55.24
C GLU O 202 102.54 40.71 -54.87
N MET O 203 103.37 41.08 -53.90
CA MET O 203 103.44 42.37 -53.22
C MET O 203 104.86 42.89 -53.42
N GLU O 204 105.06 44.21 -53.29
CA GLU O 204 106.35 44.78 -53.64
C GLU O 204 107.26 44.92 -52.43
N ASP O 205 108.28 44.07 -52.38
CA ASP O 205 109.35 44.14 -51.40
C ASP O 205 108.81 44.31 -49.98
N SER O 206 109.50 45.13 -49.18
CA SER O 206 108.96 45.70 -47.95
C SER O 206 108.20 44.59 -47.12
N ASN O 207 106.90 44.61 -46.77
CA ASN O 207 105.90 45.67 -46.86
C ASN O 207 105.11 45.76 -45.56
N ALA O 208 104.44 44.64 -45.25
CA ALA O 208 103.66 44.39 -44.03
C ALA O 208 102.30 45.08 -44.09
N VAL O 209 102.14 46.05 -44.97
CA VAL O 209 100.80 46.55 -45.27
C VAL O 209 100.12 45.68 -46.32
N GLU O 210 100.88 45.23 -47.33
CA GLU O 210 100.35 44.25 -48.26
C GLU O 210 100.62 42.83 -47.81
N LYS O 211 101.50 42.64 -46.82
CA LYS O 211 101.61 41.33 -46.21
C LYS O 211 100.31 40.96 -45.53
N ALA O 212 99.83 41.83 -44.65
CA ALA O 212 98.41 41.79 -44.33
C ALA O 212 97.63 42.12 -45.59
N ILE O 213 96.40 41.61 -45.65
CA ILE O 213 95.53 41.59 -46.84
C ILE O 213 95.99 40.49 -47.78
N CYS O 214 97.26 40.10 -47.70
CA CYS O 214 97.68 38.85 -48.32
C CYS O 214 97.45 37.68 -47.37
N LEU O 215 97.80 37.86 -46.11
CA LEU O 215 97.55 36.84 -45.10
C LEU O 215 96.06 36.63 -44.87
N GLN O 216 95.27 37.68 -45.07
CA GLN O 216 93.86 37.59 -44.70
C GLN O 216 93.00 37.08 -45.83
N ILE O 217 93.57 36.71 -46.97
CA ILE O 217 92.72 36.34 -48.10
C ILE O 217 91.96 35.09 -47.66
N PRO O 218 90.63 35.11 -47.70
CA PRO O 218 89.87 33.93 -47.29
C PRO O 218 89.90 32.89 -48.39
N PHE O 219 89.74 31.65 -47.97
CA PHE O 219 89.72 30.53 -48.90
C PHE O 219 88.46 29.72 -48.63
N PHE O 220 87.56 29.72 -49.61
CA PHE O 220 86.26 29.09 -49.46
C PHE O 220 86.27 27.78 -50.23
N MET O 221 85.56 26.80 -49.69
CA MET O 221 85.49 25.48 -50.27
C MET O 221 84.06 25.01 -50.16
N LEU O 222 83.55 24.41 -51.22
CA LEU O 222 82.17 23.96 -51.19
C LEU O 222 82.03 22.59 -50.57
N GLU O 223 83.11 22.02 -50.05
CA GLU O 223 82.97 20.71 -49.43
C GLU O 223 82.38 20.88 -48.05
N ASN O 224 83.16 21.30 -47.05
CA ASN O 224 82.63 22.10 -45.94
C ASN O 224 81.19 21.76 -45.62
N SER O 225 80.31 22.75 -45.76
CA SER O 225 78.88 22.53 -45.55
C SER O 225 78.38 21.36 -46.40
N ASP O 226 77.48 20.58 -45.82
CA ASP O 226 77.04 19.34 -46.44
C ASP O 226 76.18 19.59 -47.67
N HIS O 227 76.12 18.60 -48.54
CA HIS O 227 75.34 18.67 -49.76
C HIS O 227 75.03 17.28 -50.24
N GLU O 228 74.08 17.18 -51.16
CA GLU O 228 73.59 15.89 -51.61
C GLU O 228 74.42 15.36 -52.76
N VAL O 229 74.64 14.05 -52.76
CA VAL O 229 75.17 13.34 -53.90
C VAL O 229 74.02 12.55 -54.50
N LEU O 230 74.04 12.38 -55.82
CA LEU O 230 72.95 11.73 -56.51
C LEU O 230 73.51 10.71 -57.48
N ARG O 231 73.03 9.48 -57.42
CA ARG O 231 73.22 8.60 -58.55
C ARG O 231 72.15 8.90 -59.59
N THR O 232 72.02 8.03 -60.58
CA THR O 232 71.08 8.28 -61.66
C THR O 232 69.64 8.36 -61.17
N GLY O 233 69.14 7.31 -60.50
CA GLY O 233 67.73 7.26 -60.17
C GLY O 233 67.25 8.39 -59.29
N GLU O 234 68.13 9.02 -58.54
CA GLU O 234 67.75 10.08 -57.62
C GLU O 234 67.58 11.41 -58.33
N SER O 235 66.81 12.30 -57.70
CA SER O 235 66.66 13.69 -58.13
C SER O 235 66.74 14.61 -56.92
N THR O 236 66.55 15.90 -57.18
CA THR O 236 66.58 16.89 -56.12
C THR O 236 65.70 18.07 -56.50
N GLU O 237 65.09 18.68 -55.50
CA GLU O 237 64.30 19.89 -55.68
C GLU O 237 64.89 21.02 -54.86
N PHE O 238 64.65 22.25 -55.31
CA PHE O 238 65.00 23.43 -54.56
C PHE O 238 63.90 24.46 -54.72
N THR O 239 63.61 25.19 -53.65
CA THR O 239 62.64 26.26 -53.70
C THR O 239 63.29 27.57 -53.29
N PHE O 240 62.67 28.66 -53.70
CA PHE O 240 63.16 29.98 -53.35
C PHE O 240 61.98 30.92 -53.22
N ASN O 241 62.09 31.87 -52.31
CA ASN O 241 61.11 32.92 -52.16
C ASN O 241 61.83 34.25 -52.25
N PHE O 242 61.12 35.26 -52.73
CA PHE O 242 61.74 36.54 -53.05
C PHE O 242 61.10 37.64 -52.22
N ASP O 243 61.92 38.35 -51.46
CA ASP O 243 61.58 39.68 -50.99
C ASP O 243 62.14 40.63 -52.04
N CYS O 244 61.26 41.26 -52.81
CA CYS O 244 61.68 41.78 -54.10
C CYS O 244 60.85 43.00 -54.45
N GLU O 245 61.49 43.95 -55.12
CA GLU O 245 60.83 45.17 -55.55
C GLU O 245 60.19 44.98 -56.92
N TRP O 246 59.03 45.59 -57.11
CA TRP O 246 58.38 45.56 -58.41
C TRP O 246 59.27 46.18 -59.46
N ILE O 247 59.17 45.68 -60.69
CA ILE O 247 59.70 46.37 -61.85
C ILE O 247 58.52 46.85 -62.67
N ASN O 248 58.49 48.15 -62.95
CA ASN O 248 57.28 48.80 -63.44
C ASN O 248 57.35 48.99 -64.95
N ASN O 249 56.35 48.48 -65.64
CA ASN O 249 56.15 48.77 -67.06
C ASN O 249 55.07 49.82 -67.13
N GLU O 250 55.47 51.05 -67.46
CA GLU O 250 54.65 52.26 -67.39
C GLU O 250 55.48 53.37 -67.99
N ARG O 251 54.79 54.43 -68.38
CA ARG O 251 55.43 55.52 -69.10
C ARG O 251 54.87 56.83 -68.61
N ALA O 252 55.74 57.78 -68.32
CA ALA O 252 55.33 59.13 -67.99
C ALA O 252 55.29 59.94 -69.28
N TYR O 253 54.12 60.43 -69.62
CA TYR O 253 53.97 61.20 -70.84
C TYR O 253 54.49 62.62 -70.72
N ILE O 254 54.75 63.09 -69.49
CA ILE O 254 55.34 64.40 -69.26
C ILE O 254 56.37 64.30 -68.15
N PRO O 255 57.32 65.22 -68.12
CA PRO O 255 58.23 65.32 -66.98
C PRO O 255 57.43 65.58 -65.71
N PRO O 256 57.97 65.23 -64.54
CA PRO O 256 57.24 65.51 -63.30
C PRO O 256 57.09 66.98 -63.02
N GLY O 257 58.01 67.81 -63.50
CA GLY O 257 57.88 69.23 -63.32
C GLY O 257 56.92 69.92 -64.27
N LEU O 258 56.36 69.19 -65.21
CA LEU O 258 55.46 69.74 -66.20
C LEU O 258 53.99 69.59 -65.78
N MET O 259 53.75 69.13 -64.56
CA MET O 259 52.39 68.90 -64.08
C MET O 259 51.86 70.18 -63.46
N PHE O 260 50.90 70.80 -64.14
CA PHE O 260 50.22 71.99 -63.64
C PHE O 260 49.19 72.40 -64.67
N ASN O 261 48.25 73.22 -64.25
CA ASN O 261 47.27 73.76 -65.17
C ASN O 261 47.83 75.05 -65.73
N PRO O 262 48.26 75.07 -66.98
CA PRO O 262 48.89 76.28 -67.52
C PRO O 262 47.92 77.41 -67.75
N LEU O 263 46.62 77.11 -67.75
CA LEU O 263 45.63 78.17 -67.91
C LEU O 263 45.59 79.07 -66.69
N VAL O 264 45.70 78.49 -65.50
CA VAL O 264 45.51 79.26 -64.27
C VAL O 264 46.74 80.11 -64.00
N PRO O 265 46.60 81.39 -63.68
CA PRO O 265 47.77 82.19 -63.32
C PRO O 265 48.36 81.70 -62.01
N THR O 266 49.61 82.09 -61.77
CA THR O 266 50.32 81.66 -60.58
C THR O 266 50.61 82.86 -59.69
N ARG O 267 50.66 82.63 -58.39
CA ARG O 267 51.15 83.65 -57.47
C ARG O 267 52.58 83.33 -57.07
N ARG O 268 53.50 84.06 -57.69
CA ARG O 268 54.94 83.85 -57.55
C ARG O 268 55.62 84.97 -58.33
N ALA O 269 56.90 85.20 -58.10
CA ALA O 269 57.58 86.28 -58.78
C ALA O 269 59.02 85.88 -59.07
N GLN O 270 59.58 86.53 -60.08
CA GLN O 270 60.95 86.30 -60.52
C GLN O 270 61.71 87.60 -60.36
N TYR O 271 62.65 87.64 -59.43
CA TYR O 271 63.63 88.70 -59.41
C TYR O 271 64.79 88.25 -60.27
N ILE O 272 65.28 89.14 -61.11
CA ILE O 272 66.40 88.84 -62.00
C ILE O 272 67.49 89.86 -61.77
N ARG O 273 68.69 89.38 -61.45
CA ARG O 273 69.80 90.25 -61.12
C ARG O 273 70.17 91.14 -62.32
N ARG O 274 70.79 92.28 -62.02
CA ARG O 274 71.39 93.10 -63.06
C ARG O 274 72.30 92.25 -63.94
N ASN O 275 72.15 92.40 -65.25
CA ASN O 275 72.76 91.44 -66.16
C ASN O 275 74.26 91.68 -66.31
N ASN O 276 74.71 92.92 -66.09
CA ASN O 276 76.13 93.26 -66.19
C ASN O 276 76.71 92.80 -67.53
N ASN O 277 76.34 93.52 -68.58
CA ASN O 277 76.49 93.13 -69.98
C ASN O 277 75.51 92.01 -70.26
N PRO O 278 74.93 91.96 -71.48
CA PRO O 278 74.87 93.09 -72.41
C PRO O 278 74.08 94.31 -71.90
N GLN O 279 72.90 94.06 -71.33
CA GLN O 279 71.92 95.12 -71.12
C GLN O 279 70.82 94.57 -70.21
N THR O 280 69.68 95.26 -70.12
CA THR O 280 68.50 94.81 -69.36
C THR O 280 68.76 94.75 -67.86
N ALA O 281 68.72 95.92 -67.22
CA ALA O 281 68.88 96.01 -65.77
C ALA O 281 67.77 95.27 -65.05
N GLU O 282 68.04 94.97 -63.77
CA GLU O 282 67.23 94.06 -62.98
C GLU O 282 65.76 94.47 -62.95
N SER O 283 64.89 93.47 -62.91
CA SER O 283 63.45 93.70 -62.80
C SER O 283 62.81 92.49 -62.13
N THR O 284 61.71 92.73 -61.43
CA THR O 284 60.88 91.68 -60.88
C THR O 284 59.58 91.59 -61.67
N SER O 285 59.05 90.37 -61.78
CA SER O 285 57.86 90.14 -62.59
C SER O 285 57.16 88.89 -62.10
N ARG O 286 55.88 88.79 -62.44
CA ARG O 286 55.11 87.60 -62.10
C ARG O 286 55.43 86.49 -63.08
N ILE O 287 55.48 85.26 -62.56
CA ILE O 287 55.74 84.11 -63.40
C ILE O 287 54.55 83.86 -64.31
N ALA O 288 54.84 83.59 -65.58
CA ALA O 288 53.79 83.40 -66.56
C ALA O 288 52.91 82.21 -66.18
N PRO O 289 51.65 82.22 -66.62
CA PRO O 289 50.76 81.10 -66.25
C PRO O 289 51.27 79.77 -66.74
N TYR O 290 51.69 79.70 -68.00
CA TYR O 290 52.48 78.58 -68.47
C TYR O 290 53.85 78.63 -67.81
N ALA O 291 54.55 77.51 -67.83
CA ALA O 291 55.93 77.44 -67.35
C ALA O 291 56.03 77.88 -65.90
N LYS O 292 55.22 77.28 -65.06
CA LYS O 292 55.32 77.53 -63.64
C LYS O 292 56.53 76.79 -63.07
N PRO O 293 57.14 77.33 -62.02
CA PRO O 293 58.28 76.64 -61.41
C PRO O 293 57.86 75.33 -60.80
N THR O 294 58.85 74.49 -60.53
CA THR O 294 58.58 73.18 -60.00
C THR O 294 59.53 72.81 -58.88
N SER O 295 59.08 71.89 -58.05
CA SER O 295 59.93 71.02 -57.27
C SER O 295 60.42 69.89 -58.17
N TRP O 296 60.86 68.82 -57.54
CA TRP O 296 61.09 67.60 -58.30
C TRP O 296 62.24 67.73 -59.27
N MET O 297 63.43 67.71 -58.70
CA MET O 297 64.73 67.68 -59.35
C MET O 297 64.89 66.40 -60.18
N THR O 298 65.80 66.45 -61.14
CA THR O 298 66.09 65.29 -61.97
C THR O 298 66.91 64.26 -61.22
N GLY O 299 66.82 63.02 -61.68
CA GLY O 299 67.58 61.94 -61.11
C GLY O 299 69.07 62.13 -61.28
N PRO O 300 69.84 61.46 -60.43
CA PRO O 300 71.30 61.67 -60.44
C PRO O 300 71.99 60.92 -61.57
N GLY O 301 73.14 61.43 -61.96
CA GLY O 301 73.98 60.78 -62.95
C GLY O 301 75.39 61.32 -62.82
N LEU O 302 76.33 60.67 -63.49
CA LEU O 302 77.69 61.17 -63.62
C LEU O 302 78.07 61.17 -65.09
N LEU O 303 78.13 62.36 -65.68
CA LEU O 303 78.42 62.51 -67.10
C LEU O 303 79.81 63.02 -67.45
N SER O 304 80.66 63.36 -66.48
CA SER O 304 81.86 64.11 -66.85
C SER O 304 82.97 63.21 -67.39
N ALA O 305 83.10 62.03 -66.81
CA ALA O 305 84.24 61.15 -67.05
C ALA O 305 84.24 60.59 -68.47
N GLN O 306 85.39 60.07 -68.88
CA GLN O 306 85.55 59.36 -70.14
C GLN O 306 86.34 58.09 -69.90
N ARG O 307 85.95 57.01 -70.58
CA ARG O 307 86.67 55.76 -70.44
C ARG O 307 88.15 55.94 -70.79
N VAL O 308 89.00 55.25 -70.05
CA VAL O 308 90.43 55.55 -70.00
C VAL O 308 91.24 54.39 -70.55
N GLY O 309 91.87 54.61 -71.69
CA GLY O 309 92.92 53.74 -72.15
C GLY O 309 92.45 52.58 -73.00
N PRO O 310 93.33 51.61 -73.21
CA PRO O 310 93.03 50.52 -74.13
C PRO O 310 92.06 49.51 -73.51
N ALA O 311 91.39 48.78 -74.39
CA ALA O 311 90.52 47.70 -73.95
C ALA O 311 91.34 46.59 -73.30
N THR O 312 90.65 45.76 -72.51
CA THR O 312 91.17 44.68 -71.67
C THR O 312 91.85 45.24 -70.43
N SER O 313 91.98 46.56 -70.31
CA SER O 313 92.53 47.20 -69.13
C SER O 313 91.46 47.63 -68.13
N ASP O 314 90.21 47.25 -68.36
CA ASP O 314 89.07 47.70 -67.53
C ASP O 314 88.89 49.22 -67.60
N THR O 315 88.38 49.69 -68.72
CA THR O 315 88.09 51.11 -68.84
C THR O 315 86.66 51.36 -68.42
N GLY O 316 86.47 51.95 -67.25
CA GLY O 316 85.13 52.18 -66.75
C GLY O 316 84.66 53.62 -66.77
N ALA O 317 85.59 54.55 -66.96
CA ALA O 317 85.46 55.99 -66.82
C ALA O 317 85.26 56.40 -65.36
N TRP O 318 84.84 55.49 -64.49
CA TRP O 318 84.81 55.73 -63.06
C TRP O 318 85.33 54.48 -62.39
N MET O 319 86.45 54.61 -61.68
CA MET O 319 87.03 53.48 -60.96
C MET O 319 86.79 53.70 -59.48
N VAL O 320 86.26 52.69 -58.81
CA VAL O 320 85.96 52.82 -57.39
C VAL O 320 87.23 52.58 -56.57
N ALA O 321 87.99 51.56 -56.91
CA ALA O 321 89.23 51.18 -56.24
C ALA O 321 89.14 51.10 -54.73
N VAL O 322 90.28 51.29 -54.06
CA VAL O 322 90.39 51.28 -52.60
C VAL O 322 91.35 52.35 -52.12
N LYS O 323 92.62 52.22 -52.48
CA LYS O 323 93.70 53.07 -51.99
C LYS O 323 93.87 53.02 -50.47
N PRO O 324 94.34 51.90 -49.92
CA PRO O 324 94.83 51.92 -48.55
C PRO O 324 96.01 52.87 -48.42
N GLU O 325 96.28 53.29 -47.19
CA GLU O 325 97.07 54.49 -46.98
C GLU O 325 98.51 54.30 -47.47
N ASN O 326 99.11 53.14 -47.20
CA ASN O 326 100.45 52.90 -47.74
C ASN O 326 100.39 51.95 -48.92
N ALA O 327 100.27 50.65 -48.62
CA ALA O 327 100.25 49.57 -49.59
C ALA O 327 101.43 49.75 -50.55
N SER O 328 101.22 49.39 -51.81
CA SER O 328 102.03 49.83 -52.93
C SER O 328 101.20 49.59 -54.18
N ILE O 329 101.51 50.32 -55.24
CA ILE O 329 100.67 50.26 -56.44
C ILE O 329 101.57 50.36 -57.66
N ASP O 330 101.28 49.52 -58.64
CA ASP O 330 101.96 49.52 -59.93
C ASP O 330 101.35 50.65 -60.77
N THR O 331 101.62 50.65 -62.07
CA THR O 331 100.87 51.54 -62.95
C THR O 331 99.38 51.35 -62.69
N GLY O 332 98.66 52.46 -62.59
CA GLY O 332 97.29 52.42 -62.12
C GLY O 332 97.09 53.04 -60.75
N MET O 333 95.86 53.36 -60.31
CA MET O 333 94.56 53.26 -61.01
C MET O 333 94.33 51.93 -61.76
N SER O 334 94.08 51.97 -63.06
CA SER O 334 94.00 50.79 -63.92
C SER O 334 92.94 49.77 -63.38
N GLY O 335 93.22 48.54 -62.91
CA GLY O 335 94.43 48.01 -62.28
C GLY O 335 94.23 47.84 -60.79
N ILE O 336 93.31 48.62 -60.24
CA ILE O 336 92.75 48.39 -58.92
C ILE O 336 91.29 48.81 -59.00
N GLY O 337 90.45 48.12 -58.24
CA GLY O 337 89.03 48.42 -58.23
C GLY O 337 88.35 48.15 -59.55
N SER O 338 87.10 48.60 -59.61
CA SER O 338 86.19 48.21 -60.68
C SER O 338 85.67 49.44 -61.39
N GLY O 339 85.39 49.28 -62.69
CA GLY O 339 84.74 50.36 -63.42
C GLY O 339 83.26 50.42 -63.08
N PHE O 340 82.76 51.64 -62.94
CA PHE O 340 81.36 51.87 -62.64
C PHE O 340 80.61 52.13 -63.95
N ASP O 341 79.62 51.30 -64.24
CA ASP O 341 78.98 51.32 -65.55
C ASP O 341 77.49 50.97 -65.41
N PRO O 342 76.62 51.63 -66.18
CA PRO O 342 76.75 52.95 -66.80
C PRO O 342 76.53 54.11 -65.85
N PRO O 343 77.44 55.07 -65.80
CA PRO O 343 77.04 56.44 -65.48
C PRO O 343 76.67 57.24 -66.74
N GLN O 344 75.64 58.09 -66.81
CA GLN O 344 74.32 57.94 -66.21
C GLN O 344 74.31 57.70 -64.68
N GLY O 345 73.41 56.94 -64.03
CA GLY O 345 72.11 56.46 -64.48
C GLY O 345 71.16 57.57 -64.80
N SER O 346 70.02 57.22 -65.41
CA SER O 346 69.06 58.19 -65.89
C SER O 346 69.76 59.23 -66.76
N LEU O 347 69.39 60.50 -66.59
CA LEU O 347 70.20 61.64 -67.03
C LEU O 347 70.76 61.44 -68.42
N ALA O 348 69.93 61.60 -69.45
CA ALA O 348 70.20 61.05 -70.77
C ALA O 348 71.63 61.30 -71.22
N PRO O 349 72.33 60.29 -71.72
CA PRO O 349 73.77 60.39 -71.95
C PRO O 349 74.12 61.25 -73.14
N THR O 350 75.39 61.62 -73.19
CA THR O 350 75.92 62.43 -74.29
C THR O 350 76.17 61.57 -75.53
N ASN O 351 77.14 60.67 -75.44
CA ASN O 351 77.42 59.84 -76.60
C ASN O 351 77.28 58.36 -76.26
N LEU O 352 77.61 57.52 -77.23
CA LEU O 352 77.47 56.08 -77.16
C LEU O 352 78.21 55.51 -75.96
N GLU O 353 79.25 56.20 -75.50
CA GLU O 353 80.14 55.66 -74.49
C GLU O 353 79.40 55.32 -73.20
N TYR O 354 78.30 56.01 -72.92
CA TYR O 354 77.50 55.79 -71.72
C TYR O 354 76.27 54.93 -71.95
N LYS O 355 76.05 54.46 -73.18
CA LYS O 355 74.74 54.01 -73.62
C LYS O 355 74.50 52.53 -73.34
N ILE O 356 75.38 51.92 -72.55
CA ILE O 356 75.53 50.48 -72.37
C ILE O 356 75.80 49.86 -73.74
N GLN O 357 75.54 48.56 -73.89
CA GLN O 357 75.71 47.81 -75.12
C GLN O 357 75.71 46.34 -74.70
N TRP O 358 75.45 45.40 -75.60
CA TRP O 358 75.82 44.01 -75.37
C TRP O 358 75.77 43.26 -76.68
N TYR O 359 76.44 42.10 -76.72
CA TYR O 359 76.56 41.38 -77.98
C TYR O 359 75.50 40.31 -78.15
N GLN O 360 74.77 39.98 -77.10
CA GLN O 360 73.72 38.94 -77.11
C GLN O 360 74.16 37.68 -77.84
N THR O 361 75.45 37.35 -77.76
CA THR O 361 76.04 36.25 -78.50
C THR O 361 77.50 36.13 -78.12
N PRO O 362 78.00 34.93 -77.82
CA PRO O 362 79.44 34.79 -77.57
C PRO O 362 80.28 34.94 -78.81
N GLN O 363 79.73 34.63 -79.98
CA GLN O 363 80.49 34.77 -81.22
C GLN O 363 80.62 36.23 -81.64
N GLY O 364 79.98 37.15 -80.92
CA GLY O 364 79.99 38.55 -81.31
C GLY O 364 81.37 39.17 -81.32
N THR O 365 81.76 39.72 -82.47
CA THR O 365 83.02 40.42 -82.62
C THR O 365 82.81 41.87 -82.21
N ASN O 366 83.79 42.74 -82.49
CA ASN O 366 83.72 44.12 -82.03
C ASN O 366 82.42 44.78 -82.46
N ASN O 367 82.14 44.85 -83.76
CA ASN O 367 80.83 45.22 -84.25
C ASN O 367 80.23 44.03 -84.97
N ASN O 368 79.29 43.37 -84.30
CA ASN O 368 78.48 42.23 -84.72
C ASN O 368 77.66 41.89 -83.50
N GLY O 369 76.52 41.25 -83.66
CA GLY O 369 75.65 41.22 -82.51
C GLY O 369 75.44 42.66 -82.12
N ASN O 370 75.88 43.00 -80.91
CA ASN O 370 76.20 44.38 -80.57
C ASN O 370 74.97 45.28 -80.58
N ILE O 371 73.90 44.85 -79.94
CA ILE O 371 72.72 45.70 -79.86
C ILE O 371 72.94 46.72 -78.76
N ILE O 372 72.56 47.95 -79.04
CA ILE O 372 72.90 49.08 -78.18
C ILE O 372 71.61 49.61 -77.57
N SER O 373 71.68 49.97 -76.29
CA SER O 373 70.50 50.49 -75.62
C SER O 373 70.08 51.81 -76.25
N ASN O 374 68.81 52.16 -76.05
CA ASN O 374 68.22 53.31 -76.70
C ASN O 374 67.28 54.00 -75.71
N GLN O 375 66.81 55.18 -76.07
CA GLN O 375 65.93 55.90 -75.16
C GLN O 375 64.51 55.33 -75.23
N PRO O 376 63.86 55.10 -74.09
CA PRO O 376 62.49 54.57 -74.12
C PRO O 376 61.49 55.55 -74.65
N LEU O 377 61.85 56.83 -74.76
CA LEU O 377 60.98 57.95 -75.07
C LEU O 377 60.05 58.26 -73.91
N SER O 378 60.09 57.47 -72.84
CA SER O 378 59.50 57.86 -71.58
C SER O 378 60.12 59.16 -71.11
N MET O 379 59.31 59.99 -70.43
CA MET O 379 59.75 61.34 -70.10
C MET O 379 60.40 61.44 -68.73
N LEU O 380 60.62 60.33 -68.03
CA LEU O 380 61.07 60.48 -66.65
C LEU O 380 62.53 60.85 -66.39
N ARG O 381 63.60 60.06 -66.59
CA ARG O 381 64.01 59.04 -67.60
C ARG O 381 64.82 59.69 -68.75
N ASP O 382 64.85 61.02 -68.83
CA ASP O 382 65.77 61.66 -69.77
C ASP O 382 66.65 62.64 -69.00
N GLN O 383 66.04 63.67 -68.42
CA GLN O 383 66.60 64.38 -67.27
C GLN O 383 67.97 64.99 -67.57
N ALA O 384 67.96 66.07 -68.33
CA ALA O 384 69.12 66.93 -68.33
C ALA O 384 69.14 67.79 -67.06
N LEU O 385 70.16 68.61 -66.94
CA LEU O 385 70.16 69.68 -65.95
C LEU O 385 71.10 70.77 -66.46
N PHE O 386 70.79 72.02 -66.17
CA PHE O 386 71.35 73.13 -66.93
C PHE O 386 72.10 74.14 -66.06
N ARG O 387 71.48 74.71 -65.04
CA ARG O 387 72.15 75.71 -64.20
C ARG O 387 72.55 76.89 -65.10
N GLY O 388 73.65 77.58 -64.79
CA GLY O 388 74.21 78.62 -65.64
C GLY O 388 73.25 79.73 -65.98
N ASN O 389 73.68 80.63 -66.86
CA ASN O 389 75.03 81.17 -66.81
C ASN O 389 74.85 82.59 -66.28
N GLN O 390 73.57 82.92 -66.07
CA GLN O 390 72.96 84.26 -66.06
C GLN O 390 72.63 84.69 -67.48
N THR O 391 73.16 84.00 -68.49
CA THR O 391 72.92 84.30 -69.90
C THR O 391 72.45 83.06 -70.64
N THR O 392 73.21 81.98 -70.59
CA THR O 392 72.90 80.74 -71.28
C THR O 392 72.80 79.62 -70.25
N TYR O 393 72.05 78.57 -70.58
CA TYR O 393 72.07 77.34 -69.78
C TYR O 393 73.16 76.43 -70.30
N ASN O 394 73.87 75.76 -69.40
CA ASN O 394 74.97 74.89 -69.76
C ASN O 394 74.84 73.55 -69.06
N LEU O 395 74.63 72.49 -69.85
CA LEU O 395 74.45 71.15 -69.27
C LEU O 395 75.57 70.83 -68.30
N CYS O 396 75.19 70.39 -67.10
CA CYS O 396 76.14 70.23 -66.01
C CYS O 396 76.44 68.76 -65.76
N SER O 397 77.73 68.48 -65.60
CA SER O 397 78.22 67.19 -65.16
C SER O 397 77.80 66.92 -63.71
N ASP O 398 77.95 65.66 -63.30
CA ASP O 398 77.52 65.19 -61.98
C ASP O 398 76.00 65.26 -61.88
N VAL O 399 75.46 66.05 -60.94
CA VAL O 399 74.12 65.88 -60.39
C VAL O 399 74.07 64.64 -59.49
N TRP O 400 74.57 64.80 -58.27
CA TRP O 400 74.50 63.83 -57.20
C TRP O 400 73.08 63.77 -56.62
N MET O 401 72.91 63.02 -55.55
CA MET O 401 71.60 62.91 -54.93
C MET O 401 71.16 64.23 -54.33
N PHE O 402 69.87 64.48 -54.40
CA PHE O 402 69.25 65.72 -53.97
C PHE O 402 67.84 65.40 -53.50
N PRO O 403 67.31 66.15 -52.52
CA PRO O 403 66.07 65.72 -51.85
C PRO O 403 64.88 65.44 -52.74
N ASN O 404 64.60 66.27 -53.73
CA ASN O 404 63.36 66.15 -54.47
C ASN O 404 63.49 65.30 -55.72
N GLN O 405 64.61 64.63 -55.91
CA GLN O 405 64.86 63.98 -57.18
C GLN O 405 63.87 62.87 -57.49
N ILE O 406 63.50 62.78 -58.76
CA ILE O 406 62.80 61.62 -59.30
C ILE O 406 63.54 61.15 -60.54
N TRP O 407 63.77 59.85 -60.62
CA TRP O 407 64.25 59.23 -61.84
C TRP O 407 63.44 57.97 -62.03
N ASP O 408 63.56 57.41 -63.21
CA ASP O 408 62.87 56.17 -63.53
C ASP O 408 63.90 55.07 -63.68
N ARG O 409 63.65 53.94 -63.05
CA ARG O 409 64.60 52.85 -63.11
C ARG O 409 64.78 52.42 -64.56
N TYR O 410 65.95 51.87 -64.86
CA TYR O 410 66.28 51.53 -66.23
C TYR O 410 65.18 50.66 -66.84
N PRO O 411 64.76 50.95 -68.08
CA PRO O 411 63.57 50.28 -68.64
C PRO O 411 63.72 48.79 -68.84
N ILE O 412 64.95 48.29 -68.72
CA ILE O 412 65.37 46.93 -69.02
C ILE O 412 64.87 46.48 -70.38
N THR O 413 64.67 45.17 -70.53
CA THR O 413 64.35 44.52 -71.80
C THR O 413 64.39 43.02 -71.56
N ARG O 414 64.09 42.22 -72.58
CA ARG O 414 64.07 40.77 -72.40
C ARG O 414 65.46 40.21 -72.16
N GLU O 415 66.52 40.92 -72.54
CA GLU O 415 67.88 40.40 -72.45
C GLU O 415 68.54 40.63 -71.10
N ASN O 416 67.87 41.22 -70.16
CA ASN O 416 68.53 41.70 -68.97
C ASN O 416 68.55 40.65 -67.87
N PRO O 417 69.50 40.78 -66.95
CA PRO O 417 69.43 39.98 -65.72
C PRO O 417 68.26 40.39 -64.86
N ILE O 418 67.62 39.39 -64.25
CA ILE O 418 66.47 39.66 -63.41
C ILE O 418 66.89 40.37 -62.13
N TRP O 419 67.87 39.81 -61.43
CA TRP O 419 68.25 40.30 -60.12
C TRP O 419 69.76 40.48 -60.04
N CYS O 420 70.17 41.15 -58.97
CA CYS O 420 71.56 41.31 -58.58
C CYS O 420 71.60 41.28 -57.06
N LYS O 421 72.67 40.71 -56.50
CA LYS O 421 72.74 40.62 -55.06
C LYS O 421 73.23 41.92 -54.47
N LYS O 422 72.49 42.43 -53.48
CA LYS O 422 72.91 43.62 -52.76
C LYS O 422 73.91 43.20 -51.69
N PRO O 423 75.16 43.62 -51.79
CA PRO O 423 76.18 43.19 -50.83
C PRO O 423 75.89 43.68 -49.42
N ARG O 424 76.18 42.81 -48.46
CA ARG O 424 75.93 43.12 -47.06
C ARG O 424 76.90 44.18 -46.58
N SER O 425 76.37 45.26 -46.05
CA SER O 425 77.20 46.33 -45.54
C SER O 425 76.40 47.13 -44.52
N ASP O 426 77.10 47.89 -43.70
CA ASP O 426 76.44 48.67 -42.66
C ASP O 426 75.48 49.67 -43.26
N LYS O 427 75.99 50.54 -44.14
CA LYS O 427 75.21 51.65 -44.65
C LYS O 427 75.13 51.59 -46.16
N HIS O 428 74.03 52.09 -46.70
CA HIS O 428 73.88 52.20 -48.15
C HIS O 428 72.81 53.24 -48.45
N THR O 429 72.84 53.71 -49.69
CA THR O 429 71.85 54.66 -50.22
C THR O 429 70.69 53.93 -50.89
N THR O 430 69.94 54.64 -51.74
CA THR O 430 68.64 54.15 -52.20
C THR O 430 68.69 52.75 -52.81
N ILE O 431 69.84 52.34 -53.35
CA ILE O 431 70.00 51.06 -54.03
C ILE O 431 69.08 50.96 -55.24
N ASP O 432 69.39 51.72 -56.30
CA ASP O 432 68.79 51.47 -57.59
C ASP O 432 69.89 51.10 -58.57
N PRO O 433 70.03 49.83 -58.96
CA PRO O 433 71.08 49.48 -59.92
C PRO O 433 70.81 50.07 -61.28
N PHE O 434 71.86 50.58 -61.91
CA PHE O 434 71.72 51.22 -63.21
C PHE O 434 71.76 50.21 -64.36
N ASP O 435 71.89 48.94 -64.05
CA ASP O 435 71.75 47.87 -65.03
C ASP O 435 70.30 47.46 -65.18
N GLY O 436 69.39 48.19 -64.56
CA GLY O 436 68.06 47.67 -64.33
C GLY O 436 68.17 46.59 -63.30
N SER O 437 67.73 45.38 -63.65
CA SER O 437 67.76 44.24 -62.75
C SER O 437 67.11 44.57 -61.41
N LEU O 438 67.66 44.04 -60.33
CA LEU O 438 67.05 44.17 -59.02
C LEU O 438 68.14 43.94 -57.99
N ALA O 439 67.85 44.36 -56.76
CA ALA O 439 68.74 44.11 -55.64
C ALA O 439 67.96 43.36 -54.58
N MET O 440 68.57 42.32 -54.04
CA MET O 440 67.95 41.56 -52.98
C MET O 440 68.99 41.21 -51.93
N ASP O 441 68.56 41.22 -50.66
CA ASP O 441 69.42 40.72 -49.60
C ASP O 441 69.87 39.30 -49.92
N HIS O 442 68.91 38.41 -50.08
CA HIS O 442 69.19 37.04 -50.50
C HIS O 442 68.53 36.80 -51.85
N PRO O 443 69.29 36.78 -52.93
CA PRO O 443 68.75 36.38 -54.21
C PRO O 443 68.54 34.88 -54.24
N PRO O 444 68.12 34.31 -55.36
CA PRO O 444 68.13 32.85 -55.47
C PRO O 444 69.52 32.32 -55.19
N GLY O 445 69.60 31.35 -54.28
CA GLY O 445 70.88 30.75 -53.97
C GLY O 445 71.41 30.00 -55.17
N THR O 446 72.67 30.25 -55.50
CA THR O 446 73.27 29.57 -56.63
C THR O 446 73.36 28.08 -56.34
N ILE O 447 72.92 27.28 -57.30
CA ILE O 447 72.98 25.83 -57.19
C ILE O 447 74.29 25.38 -57.82
N PHE O 448 75.12 24.73 -57.02
CA PHE O 448 76.42 24.25 -57.46
C PHE O 448 76.34 22.74 -57.69
N ILE O 449 77.13 22.26 -58.63
CA ILE O 449 77.10 20.86 -58.99
C ILE O 449 78.49 20.44 -59.48
N LYS O 450 78.88 19.23 -59.12
CA LYS O 450 80.22 18.72 -59.37
C LYS O 450 80.11 17.24 -59.68
N MET O 451 81.19 16.67 -60.22
CA MET O 451 81.15 15.33 -60.77
C MET O 451 81.63 14.23 -59.83
N ALA O 452 81.89 14.53 -58.57
CA ALA O 452 82.17 13.47 -57.61
C ALA O 452 83.39 12.64 -58.00
N LYS O 453 84.59 13.16 -57.73
CA LYS O 453 85.82 12.54 -58.19
C LYS O 453 85.84 11.06 -57.90
N ILE O 454 86.11 10.28 -58.93
CA ILE O 454 86.26 8.83 -58.78
C ILE O 454 87.73 8.53 -59.08
N PRO O 455 88.53 8.24 -58.08
CA PRO O 455 89.97 8.05 -58.31
C PRO O 455 90.24 6.67 -58.87
N VAL O 456 91.51 6.46 -59.21
CA VAL O 456 91.93 5.18 -59.78
C VAL O 456 93.28 4.84 -59.17
N PRO O 457 93.58 3.59 -58.92
CA PRO O 457 94.81 3.25 -58.21
C PRO O 457 96.04 3.42 -59.08
N SER O 458 97.14 3.77 -58.44
CA SER O 458 98.42 3.90 -59.12
C SER O 458 99.54 3.65 -58.12
N ASN O 459 100.77 3.63 -58.62
CA ASN O 459 101.94 3.35 -57.79
C ASN O 459 102.44 4.58 -57.06
N ASN O 460 102.47 5.72 -57.74
CA ASN O 460 103.15 6.93 -57.27
C ASN O 460 102.88 7.36 -55.81
N ASN O 461 101.63 7.43 -55.35
CA ASN O 461 100.43 7.14 -56.13
C ASN O 461 99.74 8.42 -56.56
N ALA O 462 98.65 8.25 -57.28
CA ALA O 462 97.83 9.35 -57.79
C ALA O 462 98.70 10.32 -58.64
N ASP O 463 98.38 11.61 -58.79
CA ASP O 463 97.00 12.10 -58.87
C ASP O 463 96.37 11.63 -60.17
N SER O 464 95.28 10.89 -60.04
CA SER O 464 94.60 10.34 -61.20
C SER O 464 93.14 10.11 -60.82
N TYR O 465 92.29 10.16 -61.84
CA TYR O 465 90.86 10.09 -61.59
C TYR O 465 90.20 9.58 -62.86
N LEU O 466 88.96 9.16 -62.71
CA LEU O 466 88.19 8.60 -63.81
C LEU O 466 87.43 9.71 -64.52
N ASN O 467 87.44 9.67 -65.85
CA ASN O 467 86.92 10.77 -66.66
C ASN O 467 85.45 10.51 -66.97
N ILE O 468 84.57 11.34 -66.41
CA ILE O 468 83.13 11.18 -66.55
C ILE O 468 82.49 12.54 -66.76
N TYR O 469 81.22 12.52 -67.11
CA TYR O 469 80.43 13.75 -67.15
C TYR O 469 78.99 13.40 -66.84
N CYS O 470 78.24 14.41 -66.42
CA CYS O 470 76.85 14.23 -66.05
C CYS O 470 75.97 14.94 -67.05
N THR O 471 74.74 14.47 -67.16
CA THR O 471 73.77 15.05 -68.07
C THR O 471 72.40 14.89 -67.44
N GLY O 472 71.57 15.90 -67.57
CA GLY O 472 70.28 15.82 -66.92
C GLY O 472 69.42 16.99 -67.28
N GLN O 473 68.36 17.17 -66.51
CA GLN O 473 67.35 18.15 -66.84
C GLN O 473 67.03 19.01 -65.63
N VAL O 474 67.20 20.31 -65.79
CA VAL O 474 66.77 21.29 -64.80
C VAL O 474 65.43 21.83 -65.23
N SER O 475 64.50 21.97 -64.30
CA SER O 475 63.24 22.63 -64.57
C SER O 475 63.14 23.81 -63.61
N CYS O 476 63.22 25.01 -64.13
CA CYS O 476 63.08 26.21 -63.33
C CYS O 476 61.68 26.75 -63.55
N GLU O 477 60.83 26.63 -62.53
CA GLU O 477 59.45 27.06 -62.58
C GLU O 477 59.29 28.20 -61.58
N ILE O 478 59.07 29.40 -62.08
CA ILE O 478 59.04 30.58 -61.21
C ILE O 478 57.69 31.27 -61.38
N VAL O 479 57.18 31.79 -60.27
CA VAL O 479 55.89 32.47 -60.22
C VAL O 479 56.14 33.96 -60.14
N TRP O 480 55.35 34.73 -60.87
CA TRP O 480 55.54 36.17 -60.97
C TRP O 480 54.31 36.87 -60.43
N GLU O 481 54.48 37.63 -59.36
CA GLU O 481 53.43 38.56 -58.98
C GLU O 481 53.29 39.59 -60.09
N VAL O 482 52.06 39.75 -60.57
CA VAL O 482 51.82 40.55 -61.76
C VAL O 482 50.57 41.38 -61.53
N GLU O 483 50.56 42.60 -62.07
CA GLU O 483 49.44 43.51 -61.90
C GLU O 483 49.04 44.08 -63.25
N ARG O 484 47.74 44.13 -63.50
CA ARG O 484 47.21 44.46 -64.81
C ARG O 484 46.73 45.91 -64.84
N TYR O 485 46.88 46.55 -65.99
CA TYR O 485 46.71 48.00 -66.04
C TYR O 485 45.32 48.40 -66.48
N ALA O 486 44.82 49.47 -65.90
CA ALA O 486 43.63 50.15 -66.35
C ALA O 486 43.91 51.64 -66.36
N THR O 487 43.37 52.33 -67.36
CA THR O 487 43.67 53.75 -67.47
C THR O 487 42.50 54.46 -68.14
N LYS O 488 42.45 55.77 -67.91
CA LYS O 488 41.40 56.62 -68.45
C LYS O 488 41.79 57.29 -69.75
N ASN O 489 42.97 56.99 -70.28
CA ASN O 489 43.37 57.58 -71.55
C ASN O 489 42.39 57.20 -72.64
N TRP O 490 42.10 58.15 -73.50
CA TRP O 490 41.20 57.91 -74.62
C TRP O 490 41.91 57.24 -75.79
N ARG O 491 43.17 57.49 -75.94
CA ARG O 491 43.92 57.17 -77.14
C ARG O 491 44.55 55.78 -77.09
N PRO O 492 44.94 55.25 -78.24
CA PRO O 492 45.35 53.83 -78.32
C PRO O 492 46.59 53.43 -77.52
N GLU O 493 47.39 54.35 -77.03
CA GLU O 493 48.68 54.06 -76.37
C GLU O 493 49.58 53.29 -77.35
N ARG O 494 50.36 52.33 -76.87
CA ARG O 494 51.42 51.72 -77.69
C ARG O 494 51.63 50.30 -77.23
N ARG O 495 52.00 49.43 -78.16
CA ARG O 495 52.25 48.04 -77.87
C ARG O 495 53.53 47.63 -78.59
N HIS O 496 53.87 46.35 -78.49
CA HIS O 496 55.01 45.81 -79.21
C HIS O 496 54.51 44.92 -80.32
N THR O 497 54.58 45.43 -81.55
CA THR O 497 54.34 44.66 -82.74
C THR O 497 55.57 43.88 -83.14
N THR O 498 55.35 42.82 -83.92
CA THR O 498 56.44 42.25 -84.70
C THR O 498 56.97 43.24 -85.74
N PHE O 499 56.23 44.30 -86.04
CA PHE O 499 56.73 45.20 -87.07
C PHE O 499 57.97 45.95 -86.63
N GLY O 500 58.20 46.08 -85.33
CA GLY O 500 59.51 46.54 -84.89
C GLY O 500 60.61 45.57 -85.26
N LEU O 501 60.26 44.30 -85.40
CA LEU O 501 61.21 43.26 -85.76
C LEU O 501 61.57 43.36 -87.24
N GLY O 502 62.66 42.70 -87.62
CA GLY O 502 63.12 42.75 -88.99
C GLY O 502 63.73 41.43 -89.40
N ILE O 503 63.88 41.25 -90.71
CA ILE O 503 64.22 39.99 -91.33
C ILE O 503 65.73 39.79 -91.26
N GLY O 504 66.17 38.53 -91.12
CA GLY O 504 67.61 38.28 -91.05
C GLY O 504 67.94 36.82 -91.16
N GLY O 505 69.25 36.57 -91.24
CA GLY O 505 69.86 35.25 -91.23
C GLY O 505 69.98 34.63 -92.61
N ALA O 506 71.07 33.89 -92.83
CA ALA O 506 71.37 33.17 -94.07
C ALA O 506 71.05 34.01 -95.31
N ASP O 507 70.39 33.38 -96.28
CA ASP O 507 69.57 34.14 -97.20
C ASP O 507 68.45 34.75 -96.39
N ASN O 508 68.14 36.02 -96.68
CA ASN O 508 67.51 36.88 -95.68
C ASN O 508 66.31 36.25 -95.00
N LEU O 509 65.73 35.22 -95.61
CA LEU O 509 64.48 34.62 -95.15
C LEU O 509 64.54 34.24 -93.68
N ASN O 510 63.36 34.25 -93.05
CA ASN O 510 62.98 34.11 -91.66
C ASN O 510 63.14 35.47 -90.98
N PRO O 511 62.23 35.87 -90.12
CA PRO O 511 62.29 37.27 -89.65
C PRO O 511 63.31 37.58 -88.58
N THR O 512 63.04 37.19 -87.34
CA THR O 512 63.93 37.57 -86.24
C THR O 512 64.05 36.50 -85.18
N TYR O 513 62.99 36.22 -84.44
CA TYR O 513 63.06 35.11 -83.49
C TYR O 513 62.55 33.88 -84.21
N HIS O 514 63.49 33.06 -84.66
CA HIS O 514 63.16 32.01 -85.61
C HIS O 514 64.46 31.33 -86.01
N VAL O 515 64.31 30.12 -86.56
CA VAL O 515 65.47 29.33 -86.95
C VAL O 515 65.95 29.70 -88.36
N ASP O 516 67.23 29.43 -88.60
CA ASP O 516 67.88 29.57 -89.90
C ASP O 516 67.73 28.25 -90.66
N LYS O 517 68.48 28.04 -91.75
CA LYS O 517 68.21 26.87 -92.59
C LYS O 517 68.96 25.50 -92.56
N ASN O 518 70.12 25.21 -91.95
CA ASN O 518 71.18 26.02 -91.31
C ASN O 518 70.86 26.34 -89.86
N GLY O 519 69.76 25.80 -89.36
CA GLY O 519 69.04 26.47 -88.31
C GLY O 519 69.87 26.95 -87.15
N THR O 520 69.88 28.28 -87.03
CA THR O 520 70.52 29.03 -85.97
C THR O 520 69.56 30.15 -85.64
N TYR O 521 69.16 30.21 -84.38
CA TYR O 521 68.18 31.18 -83.94
C TYR O 521 68.64 32.58 -84.28
N ILE O 522 67.83 33.31 -85.05
CA ILE O 522 68.26 34.63 -85.51
C ILE O 522 68.22 35.60 -84.35
N GLN O 523 69.24 36.32 -84.19
CA GLN O 523 69.19 37.17 -83.02
C GLN O 523 68.58 38.53 -83.37
N PRO O 524 67.87 39.11 -82.41
CA PRO O 524 67.31 40.45 -82.59
C PRO O 524 68.42 41.48 -82.72
N THR O 525 68.31 42.35 -83.72
CA THR O 525 69.31 43.34 -84.02
C THR O 525 68.82 44.73 -83.64
N THR O 526 69.64 45.43 -82.86
CA THR O 526 69.44 46.61 -82.03
C THR O 526 68.34 46.48 -80.96
N TRP O 527 67.83 47.63 -80.50
CA TRP O 527 67.23 47.67 -79.17
C TRP O 527 65.74 47.37 -79.20
N ASP O 528 65.01 47.93 -80.17
CA ASP O 528 63.57 47.78 -80.20
C ASP O 528 63.13 46.35 -80.43
N MET O 529 63.93 45.54 -81.13
CA MET O 529 63.64 44.14 -81.32
C MET O 529 63.28 43.47 -80.00
N CYS O 530 64.25 43.34 -79.11
CA CYS O 530 63.95 43.03 -77.73
C CYS O 530 62.98 44.07 -77.22
N PHE O 531 61.88 43.61 -76.64
CA PHE O 531 60.80 44.56 -76.39
C PHE O 531 60.89 45.07 -74.95
N PRO O 532 61.34 46.30 -74.75
CA PRO O 532 61.59 46.77 -73.38
C PRO O 532 60.29 47.12 -72.69
N VAL O 533 60.22 46.84 -71.39
CA VAL O 533 59.14 47.43 -70.63
C VAL O 533 59.43 48.91 -70.46
N LYS O 534 58.39 49.66 -70.06
CA LYS O 534 58.43 51.07 -69.69
C LYS O 534 58.30 51.94 -70.92
N THR O 535 58.27 51.36 -72.12
CA THR O 535 57.96 52.11 -73.33
C THR O 535 56.49 52.07 -73.69
N ASN O 536 55.67 51.41 -72.88
CA ASN O 536 54.26 51.23 -73.20
C ASN O 536 53.39 51.74 -72.07
N ILE O 537 52.09 51.52 -72.26
CA ILE O 537 51.03 51.99 -71.38
C ILE O 537 51.19 53.50 -71.19
N ASN O 538 50.79 54.01 -70.03
CA ASN O 538 51.01 55.37 -69.59
C ASN O 538 50.74 55.41 -68.10
N LYS O 539 51.24 56.45 -67.44
CA LYS O 539 50.85 56.70 -66.07
C LYS O 539 50.70 58.19 -65.86
N VAL O 540 49.58 58.59 -65.25
CA VAL O 540 49.51 59.94 -64.72
C VAL O 540 50.45 60.02 -63.53
N LEU O 541 51.35 60.99 -63.56
CA LEU O 541 52.30 61.13 -62.47
C LEU O 541 51.62 61.70 -61.23
N GLY P 34 55.98 -6.42 -60.58
CA GLY P 34 57.28 -5.79 -60.46
C GLY P 34 57.40 -4.52 -61.27
N SER P 35 58.59 -3.93 -61.25
CA SER P 35 58.85 -2.69 -61.98
C SER P 35 60.34 -2.59 -62.25
N GLY P 36 60.69 -1.73 -63.21
CA GLY P 36 62.08 -1.48 -63.55
C GLY P 36 62.50 -2.21 -64.80
N VAL P 37 63.78 -2.03 -65.14
CA VAL P 37 64.36 -2.74 -66.27
C VAL P 37 64.28 -4.24 -66.03
N GLY P 38 64.02 -4.99 -67.09
CA GLY P 38 63.89 -6.43 -66.98
C GLY P 38 62.49 -6.91 -66.72
N ILE P 39 61.52 -6.01 -66.61
CA ILE P 39 60.12 -6.36 -66.43
C ILE P 39 59.35 -5.67 -67.54
N SER P 40 58.75 -6.44 -68.43
CA SER P 40 58.04 -5.85 -69.56
C SER P 40 56.83 -5.10 -69.07
N THR P 41 56.53 -3.98 -69.72
CA THR P 41 55.45 -3.14 -69.22
C THR P 41 54.09 -3.64 -69.65
N GLY P 42 53.96 -4.02 -70.92
CA GLY P 42 52.70 -4.56 -71.42
C GLY P 42 52.98 -5.55 -72.52
N GLY P 43 51.96 -6.36 -72.82
CA GLY P 43 52.08 -7.42 -73.80
C GLY P 43 51.49 -7.04 -75.14
N TRP P 44 51.65 -7.96 -76.08
CA TRP P 44 51.12 -7.79 -77.42
C TRP P 44 49.60 -7.89 -77.39
N VAL P 45 48.96 -7.25 -78.38
CA VAL P 45 47.51 -7.12 -78.42
C VAL P 45 47.05 -7.18 -79.88
N GLY P 46 45.85 -7.70 -80.10
CA GLY P 46 45.25 -7.64 -81.42
C GLY P 46 44.08 -8.60 -81.54
N GLY P 47 43.58 -8.73 -82.78
CA GLY P 47 42.66 -9.78 -83.15
C GLY P 47 41.20 -9.39 -83.36
N SER P 48 40.89 -8.11 -83.25
CA SER P 48 39.54 -7.54 -83.34
C SER P 48 38.49 -8.18 -82.43
N TYR P 49 37.21 -7.97 -82.75
CA TYR P 49 36.16 -8.44 -81.85
C TYR P 49 34.82 -8.81 -82.51
N PHE P 50 34.13 -7.81 -83.06
CA PHE P 50 32.83 -7.94 -83.74
C PHE P 50 31.62 -8.38 -82.92
N THR P 51 31.06 -7.47 -82.14
CA THR P 51 29.70 -7.57 -81.61
C THR P 51 28.76 -6.67 -82.41
N ASP P 52 27.49 -7.06 -82.48
CA ASP P 52 26.47 -6.33 -83.24
C ASP P 52 26.48 -4.83 -83.00
N SER P 53 26.66 -4.42 -81.75
CA SER P 53 26.61 -3.01 -81.42
C SER P 53 27.93 -2.29 -81.70
N TYR P 54 29.07 -2.98 -81.57
CA TYR P 54 30.35 -2.32 -81.75
C TYR P 54 31.41 -3.32 -82.14
N VAL P 55 32.48 -2.81 -82.73
CA VAL P 55 33.63 -3.60 -83.15
C VAL P 55 34.87 -3.02 -82.50
N ILE P 56 35.62 -3.85 -81.79
CA ILE P 56 36.86 -3.45 -81.15
C ILE P 56 38.02 -4.01 -81.95
N THR P 57 38.77 -3.14 -82.61
CA THR P 57 39.97 -3.54 -83.33
C THR P 57 41.18 -3.21 -82.48
N LYS P 58 42.07 -4.19 -82.34
CA LYS P 58 43.27 -4.05 -81.54
C LYS P 58 44.47 -4.30 -82.42
N ASN P 59 45.52 -3.52 -82.24
CA ASN P 59 46.72 -3.64 -83.05
C ASN P 59 47.92 -3.29 -82.22
N THR P 60 49.08 -3.82 -82.61
CA THR P 60 50.32 -3.57 -81.92
C THR P 60 51.44 -3.53 -82.94
N ARG P 61 52.47 -2.72 -82.68
CA ARG P 61 53.52 -2.48 -83.66
C ARG P 61 54.87 -2.47 -82.97
N GLN P 62 55.90 -2.48 -83.80
CA GLN P 62 57.26 -2.24 -83.37
C GLN P 62 57.75 -1.03 -84.13
N PHE P 63 58.24 -0.02 -83.42
CA PHE P 63 58.61 1.23 -84.07
C PHE P 63 60.02 1.63 -83.67
N LEU P 64 60.60 2.58 -84.39
CA LEU P 64 61.86 3.15 -83.95
C LEU P 64 61.95 4.62 -84.29
N VAL P 65 62.56 5.38 -83.38
CA VAL P 65 62.76 6.81 -83.52
C VAL P 65 64.24 7.04 -83.81
N LYS P 66 64.52 7.80 -84.86
CA LYS P 66 65.84 7.80 -85.48
C LYS P 66 66.74 8.99 -85.11
N ILE P 67 66.26 9.94 -84.30
CA ILE P 67 66.92 11.24 -84.14
C ILE P 67 66.98 11.94 -85.50
N GLN P 68 65.85 12.48 -85.94
CA GLN P 68 65.86 13.25 -87.18
C GLN P 68 66.38 14.65 -86.95
N ASN P 69 67.11 15.16 -87.94
CA ASN P 69 67.41 16.59 -88.06
C ASN P 69 68.31 17.09 -86.93
N ASN P 70 69.31 16.28 -86.57
CA ASN P 70 70.08 16.51 -85.33
C ASN P 70 69.02 16.67 -84.25
N HIS P 71 69.19 17.56 -83.28
CA HIS P 71 68.05 17.98 -82.50
C HIS P 71 67.58 19.38 -82.84
N GLN P 72 68.30 20.08 -83.71
CA GLN P 72 67.90 21.41 -84.13
C GLN P 72 66.80 21.35 -85.19
N TYR P 73 66.13 22.48 -85.36
CA TYR P 73 64.94 22.64 -86.19
C TYR P 73 65.24 22.94 -87.65
N LYS P 74 65.92 24.05 -87.93
CA LYS P 74 66.09 24.64 -89.24
C LYS P 74 64.76 25.01 -89.90
N THR P 75 64.77 25.10 -91.23
CA THR P 75 63.59 25.51 -92.00
C THR P 75 63.47 24.63 -93.24
N GLU P 76 64.55 24.58 -94.03
CA GLU P 76 64.84 23.64 -95.11
C GLU P 76 64.36 24.01 -96.51
N LEU P 77 63.44 24.97 -96.65
CA LEU P 77 63.07 25.54 -97.96
C LEU P 77 63.06 24.47 -99.05
N ILE P 78 62.07 23.59 -98.99
CA ILE P 78 62.22 22.25 -99.56
C ILE P 78 62.62 22.26 -101.03
N SER P 79 61.65 22.49 -101.93
CA SER P 79 61.84 22.69 -103.36
C SER P 79 62.44 21.47 -104.06
N PRO P 80 62.11 21.23 -105.32
CA PRO P 80 63.10 20.63 -106.21
C PRO P 80 63.76 21.72 -107.03
N SER P 81 64.70 21.38 -107.91
CA SER P 81 65.15 22.34 -108.90
C SER P 81 65.43 21.72 -110.27
N THR P 82 64.77 22.13 -111.36
CA THR P 82 63.44 22.79 -111.47
C THR P 82 63.06 23.91 -110.50
N SER P 83 63.93 24.93 -110.43
CA SER P 83 63.71 26.06 -109.52
C SER P 83 62.37 26.74 -109.74
N GLN P 84 61.72 26.50 -110.89
CA GLN P 84 60.38 27.01 -111.13
C GLN P 84 59.35 26.44 -110.17
N GLY P 85 59.71 25.43 -109.39
CA GLY P 85 58.75 24.78 -108.51
C GLY P 85 58.25 25.69 -107.41
N LYS P 86 57.36 25.15 -106.59
CA LYS P 86 56.75 25.93 -105.53
C LYS P 86 57.76 26.34 -104.47
N SER P 87 58.62 25.42 -104.06
CA SER P 87 59.71 25.71 -103.13
C SER P 87 59.19 26.18 -101.78
N GLN P 88 58.24 25.43 -101.22
CA GLN P 88 57.73 25.73 -99.89
C GLN P 88 58.87 25.67 -98.88
N ARG P 89 58.86 26.62 -97.94
CA ARG P 89 59.99 26.73 -97.02
C ARG P 89 59.89 25.72 -95.88
N CYS P 90 58.69 25.46 -95.42
CA CYS P 90 58.41 24.57 -94.29
C CYS P 90 59.22 24.86 -93.03
N VAL P 91 59.31 23.85 -92.17
CA VAL P 91 60.09 23.84 -90.94
C VAL P 91 60.36 22.37 -90.63
N SER P 92 61.56 22.06 -90.17
CA SER P 92 61.85 20.70 -89.74
C SER P 92 62.02 20.71 -88.25
N THR P 93 61.71 19.61 -87.60
CA THR P 93 61.80 19.50 -86.16
C THR P 93 62.49 18.19 -85.79
N PRO P 94 63.07 18.12 -84.60
CA PRO P 94 63.62 16.83 -84.14
C PRO P 94 62.56 15.78 -83.89
N TRP P 95 61.30 16.18 -83.82
CA TRP P 95 60.24 15.27 -83.40
C TRP P 95 59.80 14.34 -84.51
N SER P 96 59.33 13.18 -84.12
CA SER P 96 58.64 12.23 -84.97
C SER P 96 57.25 12.01 -84.41
N TYR P 97 56.35 11.50 -85.22
CA TYR P 97 54.97 11.38 -84.76
C TYR P 97 54.35 10.08 -85.23
N PHE P 98 53.31 9.67 -84.49
CA PHE P 98 52.52 8.50 -84.81
C PHE P 98 51.31 8.91 -85.63
N ASN P 99 51.20 8.38 -86.83
CA ASN P 99 50.03 8.58 -87.67
C ASN P 99 49.22 7.29 -87.65
N PHE P 100 48.05 7.33 -87.03
CA PHE P 100 47.17 6.17 -86.98
C PHE P 100 46.07 6.21 -88.02
N ASN P 101 46.07 7.18 -88.91
CA ASN P 101 44.90 7.48 -89.72
C ASN P 101 44.96 6.68 -91.02
N GLN P 102 44.17 5.62 -91.08
CA GLN P 102 43.90 4.81 -92.26
C GLN P 102 43.05 3.65 -91.80
N TYR P 103 42.30 3.06 -92.72
CA TYR P 103 41.53 1.88 -92.34
C TYR P 103 42.36 0.61 -92.39
N SER P 104 43.18 0.47 -93.43
CA SER P 104 43.95 -0.75 -93.60
C SER P 104 44.91 -1.00 -92.46
N SER P 105 45.16 -0.01 -91.62
CA SER P 105 45.99 -0.23 -90.46
C SER P 105 45.25 -0.97 -89.37
N HIS P 106 43.99 -0.64 -89.17
CA HIS P 106 43.22 -1.17 -88.05
C HIS P 106 42.39 -2.40 -88.40
N PHE P 107 42.27 -2.75 -89.68
CA PHE P 107 41.42 -3.84 -90.12
C PHE P 107 42.19 -4.79 -91.00
N SER P 108 42.19 -6.07 -90.64
CA SER P 108 42.69 -7.08 -91.53
C SER P 108 41.78 -7.16 -92.74
N PRO P 109 42.28 -7.68 -93.86
CA PRO P 109 41.41 -7.86 -95.02
C PRO P 109 40.17 -8.69 -94.73
N GLN P 110 40.19 -9.53 -93.70
CA GLN P 110 38.95 -10.18 -93.30
C GLN P 110 38.10 -9.36 -92.34
N ASP P 111 38.71 -8.69 -91.36
CA ASP P 111 37.92 -7.84 -90.48
C ASP P 111 37.17 -6.79 -91.27
N TRP P 112 37.89 -5.98 -92.03
CA TRP P 112 37.28 -5.32 -93.16
C TRP P 112 36.73 -6.40 -94.06
N GLN P 113 35.57 -6.17 -94.67
CA GLN P 113 34.76 -7.18 -95.35
C GLN P 113 33.95 -8.03 -94.39
N ARG P 114 34.31 -8.10 -93.12
CA ARG P 114 33.31 -8.58 -92.19
C ARG P 114 32.36 -7.48 -91.79
N LEU P 115 32.84 -6.26 -91.61
CA LEU P 115 31.93 -5.15 -91.41
C LEU P 115 31.36 -4.61 -92.70
N THR P 116 32.14 -4.59 -93.77
CA THR P 116 31.64 -4.07 -95.03
C THR P 116 30.49 -4.92 -95.53
N ASN P 117 30.52 -6.22 -95.26
CA ASN P 117 29.41 -7.08 -95.64
C ASN P 117 28.27 -7.01 -94.64
N GLU P 118 28.58 -7.00 -93.35
CA GLU P 118 27.57 -7.26 -92.34
C GLU P 118 26.97 -6.03 -91.70
N TYR P 119 27.38 -4.82 -92.05
CA TYR P 119 26.87 -3.66 -91.33
C TYR P 119 26.52 -2.49 -92.25
N LYS P 120 25.49 -1.74 -91.85
CA LYS P 120 25.12 -0.53 -92.58
C LYS P 120 26.18 0.54 -92.46
N ARG P 121 26.60 0.82 -91.24
CA ARG P 121 27.35 2.04 -90.99
C ARG P 121 28.22 1.84 -89.77
N PHE P 122 29.28 2.61 -89.70
CA PHE P 122 30.18 2.53 -88.58
C PHE P 122 30.90 3.84 -88.42
N ARG P 123 31.28 4.17 -87.21
CA ARG P 123 32.15 5.30 -86.95
C ARG P 123 33.00 4.95 -85.75
N PRO P 124 34.23 5.43 -85.71
CA PRO P 124 35.05 5.13 -84.54
C PRO P 124 34.49 5.83 -83.31
N LYS P 125 34.29 5.05 -82.25
CA LYS P 125 33.76 5.61 -81.01
C LYS P 125 34.85 6.18 -80.13
N GLY P 126 35.97 5.48 -80.01
CA GLY P 126 37.04 5.90 -79.11
C GLY P 126 38.34 5.28 -79.55
N MET P 127 39.41 5.69 -78.88
CA MET P 127 40.74 5.25 -79.24
C MET P 127 41.60 5.23 -78.00
N HIS P 128 42.46 4.22 -77.91
CA HIS P 128 43.31 4.05 -76.74
C HIS P 128 44.68 3.60 -77.23
N VAL P 129 45.71 4.37 -76.90
CA VAL P 129 47.05 4.12 -77.41
C VAL P 129 47.99 3.93 -76.24
N LYS P 130 48.91 2.98 -76.36
CA LYS P 130 49.86 2.68 -75.29
C LYS P 130 51.24 2.53 -75.89
N ILE P 131 52.17 3.35 -75.42
CA ILE P 131 53.59 3.18 -75.70
C ILE P 131 54.14 2.36 -74.56
N TYR P 132 54.94 1.35 -74.88
CA TYR P 132 55.52 0.53 -73.83
C TYR P 132 56.66 -0.30 -74.42
N ASN P 133 57.32 -1.04 -73.56
CA ASN P 133 58.45 -1.88 -73.94
C ASN P 133 59.49 -1.09 -74.72
N LEU P 134 59.90 0.03 -74.15
CA LEU P 134 60.84 0.91 -74.83
C LEU P 134 62.26 0.38 -74.71
N GLN P 135 63.10 0.74 -75.68
CA GLN P 135 64.50 0.33 -75.70
C GLN P 135 65.32 1.46 -76.29
N ILE P 136 66.45 1.78 -75.68
CA ILE P 136 67.37 2.77 -76.20
C ILE P 136 68.68 2.06 -76.50
N LYS P 137 69.06 1.98 -77.76
CA LYS P 137 70.11 1.03 -78.12
C LYS P 137 71.49 1.63 -78.37
N GLN P 138 71.66 2.96 -78.35
CA GLN P 138 73.00 3.53 -78.36
C GLN P 138 73.84 3.07 -79.56
N ILE P 139 73.53 3.62 -80.73
CA ILE P 139 74.32 3.32 -81.92
C ILE P 139 75.80 3.64 -81.66
N LEU P 140 76.67 2.72 -82.10
CA LEU P 140 78.10 2.98 -82.13
C LEU P 140 78.65 2.67 -83.51
N SER P 141 79.71 3.37 -83.88
CA SER P 141 80.42 3.12 -85.14
C SER P 141 81.92 3.13 -84.86
N ASN P 142 82.57 2.01 -85.13
CA ASN P 142 84.01 1.91 -85.12
C ASN P 142 84.60 2.19 -86.49
N GLY P 143 83.77 2.61 -87.43
CA GLY P 143 84.07 2.65 -88.83
C GLY P 143 83.50 1.40 -89.48
N ALA P 144 82.98 1.56 -90.69
CA ALA P 144 82.18 0.54 -91.37
C ALA P 144 81.11 0.05 -90.39
N ASP P 145 80.76 -1.24 -90.39
CA ASP P 145 80.05 -1.98 -89.35
C ASP P 145 78.92 -1.22 -88.67
N THR P 146 78.76 -1.49 -87.36
CA THR P 146 78.03 -0.77 -86.32
C THR P 146 78.00 -1.68 -85.09
N THR P 147 77.72 -1.11 -83.92
CA THR P 147 77.45 -1.91 -82.74
C THR P 147 76.37 -1.21 -81.93
N TYR P 148 75.62 -2.00 -81.18
CA TYR P 148 74.51 -1.50 -80.37
C TYR P 148 74.72 -2.02 -78.96
N ASN P 149 75.03 -1.13 -78.02
CA ASN P 149 75.40 -1.56 -76.69
C ASN P 149 74.17 -1.70 -75.80
N ASN P 150 72.99 -1.59 -76.39
CA ASN P 150 71.78 -1.28 -75.67
C ASN P 150 72.05 0.03 -74.94
N ASP P 151 71.45 0.21 -73.78
CA ASP P 151 71.66 1.41 -72.98
C ASP P 151 70.69 1.34 -71.81
N LEU P 152 71.01 2.09 -70.77
CA LEU P 152 70.07 2.40 -69.72
C LEU P 152 70.30 3.86 -69.40
N THR P 153 69.57 4.39 -68.43
CA THR P 153 69.65 5.78 -68.06
C THR P 153 69.54 6.69 -69.27
N ALA P 154 68.63 6.38 -70.18
CA ALA P 154 68.33 7.22 -71.32
C ALA P 154 66.82 7.43 -71.39
N GLY P 155 66.38 8.35 -72.23
CA GLY P 155 65.02 8.81 -72.17
C GLY P 155 64.44 9.10 -73.54
N VAL P 156 63.13 9.20 -73.56
CA VAL P 156 62.36 9.44 -74.76
C VAL P 156 61.24 10.41 -74.42
N HIS P 157 61.15 11.49 -75.18
CA HIS P 157 60.08 12.45 -75.01
C HIS P 157 58.84 11.97 -75.74
N ILE P 158 57.69 12.07 -75.09
CA ILE P 158 56.43 11.67 -75.70
C ILE P 158 55.41 12.75 -75.39
N PHE P 159 54.82 13.30 -76.43
CA PHE P 159 53.93 14.44 -76.30
C PHE P 159 52.68 14.22 -77.15
N CYS P 160 51.52 14.59 -76.61
CA CYS P 160 50.25 14.44 -77.30
C CYS P 160 49.53 15.78 -77.35
N ASP P 161 48.71 15.97 -78.37
CA ASP P 161 47.89 17.17 -78.52
C ASP P 161 46.46 16.88 -78.12
N GLY P 162 46.04 17.41 -76.99
CA GLY P 162 44.62 17.38 -76.67
C GLY P 162 43.93 18.63 -77.14
N GLU P 163 44.68 19.72 -77.23
CA GLU P 163 44.14 21.00 -77.64
C GLU P 163 44.22 21.22 -79.15
N HIS P 164 45.01 20.40 -79.85
CA HIS P 164 45.37 20.63 -81.24
C HIS P 164 45.97 22.00 -81.48
N ALA P 165 46.61 22.58 -80.47
CA ALA P 165 47.66 23.55 -80.75
C ALA P 165 48.78 22.82 -81.47
N TYR P 166 49.61 23.58 -82.17
CA TYR P 166 50.67 23.09 -83.04
C TYR P 166 50.11 22.66 -84.39
N PRO P 167 50.94 22.75 -85.43
CA PRO P 167 50.44 22.61 -86.80
C PRO P 167 49.92 21.24 -87.21
N ASN P 168 50.02 20.20 -86.37
CA ASN P 168 49.43 18.87 -86.59
C ASN P 168 49.74 18.24 -87.96
N ALA P 169 50.93 17.65 -88.07
CA ALA P 169 51.43 17.13 -89.34
C ALA P 169 50.40 16.31 -90.12
N THR P 170 49.59 15.51 -89.42
CA THR P 170 48.78 14.51 -90.10
C THR P 170 47.94 15.13 -91.20
N HIS P 171 48.10 14.57 -92.40
CA HIS P 171 47.34 14.86 -93.60
C HIS P 171 46.73 13.54 -94.05
N PRO P 172 45.51 13.55 -94.58
CA PRO P 172 44.81 12.27 -94.79
C PRO P 172 45.59 11.20 -95.53
N TRP P 173 46.19 11.52 -96.66
CA TRP P 173 46.78 10.45 -97.47
C TRP P 173 48.20 10.16 -97.01
N ASP P 174 49.12 11.08 -97.29
CA ASP P 174 50.51 10.98 -96.86
C ASP P 174 51.02 9.58 -97.22
N GLU P 175 51.66 8.89 -96.30
CA GLU P 175 52.35 7.63 -96.52
C GLU P 175 52.10 6.87 -95.23
N ASP P 176 52.87 5.80 -95.04
CA ASP P 176 53.18 5.27 -93.68
C ASP P 176 51.86 4.99 -92.96
N VAL P 177 51.50 5.75 -91.93
CA VAL P 177 50.50 5.41 -90.94
C VAL P 177 51.04 4.13 -90.32
N MET P 178 50.19 3.23 -89.88
CA MET P 178 50.69 1.97 -89.39
C MET P 178 50.86 1.04 -90.58
N PRO P 179 51.85 0.16 -90.58
CA PRO P 179 51.91 -0.82 -91.65
C PRO P 179 50.66 -1.68 -91.56
N GLU P 180 49.97 -1.84 -92.68
CA GLU P 180 48.72 -2.59 -92.68
C GLU P 180 48.92 -3.99 -92.12
N LEU P 181 50.16 -4.46 -92.12
CA LEU P 181 50.51 -5.81 -91.75
C LEU P 181 51.29 -5.76 -90.46
N PRO P 182 50.87 -6.43 -89.37
CA PRO P 182 51.67 -6.40 -88.14
C PRO P 182 53.02 -7.08 -88.34
N TYR P 183 53.80 -7.24 -87.28
CA TYR P 183 55.15 -7.82 -87.32
C TYR P 183 56.08 -7.01 -88.22
N GLN P 184 55.53 -6.05 -88.93
CA GLN P 184 56.29 -5.18 -89.80
C GLN P 184 56.67 -3.94 -89.01
N THR P 185 57.97 -3.73 -88.81
CA THR P 185 58.41 -2.63 -87.99
C THR P 185 57.97 -1.31 -88.58
N TRP P 186 57.66 -0.36 -87.72
CA TRP P 186 57.04 0.90 -88.15
C TRP P 186 58.01 2.04 -87.95
N TYR P 187 58.55 2.57 -89.04
CA TYR P 187 59.48 3.67 -88.98
C TYR P 187 58.73 4.98 -88.93
N LEU P 188 58.99 5.76 -87.89
CA LEU P 188 58.35 7.05 -87.75
C LEU P 188 58.93 8.07 -88.72
N PHE P 189 58.19 9.14 -88.93
CA PHE P 189 58.56 10.18 -89.87
C PHE P 189 58.67 11.51 -89.16
N GLN P 190 59.56 12.35 -89.67
CA GLN P 190 59.88 13.61 -89.03
C GLN P 190 58.70 14.55 -89.05
N TYR P 191 58.54 15.32 -87.98
CA TYR P 191 57.46 16.30 -87.91
C TYR P 191 57.92 17.63 -88.48
N GLY P 192 57.11 18.19 -89.37
CA GLY P 192 57.41 19.49 -89.95
C GLY P 192 56.11 20.18 -90.27
N TYR P 193 56.22 21.46 -90.61
CA TYR P 193 55.02 22.21 -90.94
C TYR P 193 55.39 23.41 -91.79
N ILE P 194 54.41 23.92 -92.52
CA ILE P 194 54.59 25.12 -93.34
C ILE P 194 54.28 26.32 -92.48
N PRO P 195 55.28 27.14 -92.12
CA PRO P 195 54.96 28.37 -91.38
C PRO P 195 54.19 29.37 -92.22
N VAL P 196 54.61 29.62 -93.46
CA VAL P 196 53.97 30.58 -94.36
C VAL P 196 54.31 30.20 -95.79
N ILE P 197 53.43 30.58 -96.71
CA ILE P 197 53.69 30.40 -98.14
C ILE P 197 55.04 31.01 -98.48
N HIS P 198 55.88 30.25 -99.18
CA HIS P 198 57.23 30.73 -99.47
C HIS P 198 57.21 31.96 -100.33
N GLU P 199 56.56 31.88 -101.49
CA GLU P 199 56.24 33.10 -102.21
C GLU P 199 55.34 33.94 -101.31
N LEU P 200 55.30 35.25 -101.54
CA LEU P 200 54.65 36.15 -100.59
C LEU P 200 55.39 36.12 -99.25
N ALA P 201 56.47 36.92 -99.17
CA ALA P 201 57.62 36.82 -98.26
C ALA P 201 58.87 36.22 -98.88
N GLU P 202 58.88 35.95 -100.18
CA GLU P 202 60.10 35.46 -100.82
C GLU P 202 61.40 36.24 -100.49
N MET P 203 61.43 37.59 -100.47
CA MET P 203 60.43 38.52 -100.96
C MET P 203 61.12 39.41 -101.98
N GLU P 204 60.37 40.03 -102.88
CA GLU P 204 60.99 40.75 -103.98
C GLU P 204 61.15 42.23 -103.67
N ASP P 205 62.40 42.64 -103.43
CA ASP P 205 62.78 44.03 -103.28
C ASP P 205 61.87 44.78 -102.33
N SER P 206 61.56 46.03 -102.65
CA SER P 206 60.43 46.77 -102.08
C SER P 206 60.36 46.55 -100.52
N ASN P 207 59.35 46.00 -99.83
CA ASN P 207 57.99 45.65 -100.24
C ASN P 207 56.98 46.14 -99.21
N ALA P 208 57.15 45.60 -98.00
CA ALA P 208 56.40 45.92 -96.79
C ALA P 208 55.03 45.25 -96.78
N VAL P 209 54.55 44.82 -97.93
CA VAL P 209 53.39 43.93 -97.96
C VAL P 209 53.82 42.48 -97.75
N GLU P 210 54.95 42.09 -98.34
CA GLU P 210 55.51 40.77 -98.05
C GLU P 210 56.49 40.82 -96.88
N LYS P 211 56.91 42.02 -96.47
CA LYS P 211 57.66 42.13 -95.23
C LYS P 211 56.78 41.71 -94.07
N ALA P 212 55.61 42.31 -93.94
CA ALA P 212 54.56 41.66 -93.19
C ALA P 212 54.19 40.36 -93.90
N ILE P 213 53.70 39.40 -93.13
CA ILE P 213 53.48 38.01 -93.52
C ILE P 213 54.81 37.26 -93.52
N CYS P 214 55.92 37.99 -93.67
CA CYS P 214 57.20 37.40 -93.33
C CYS P 214 57.53 37.59 -91.86
N LEU P 215 57.24 38.78 -91.34
CA LEU P 215 57.43 39.04 -89.92
C LEU P 215 56.48 38.22 -89.08
N GLN P 216 55.31 37.91 -89.62
CA GLN P 216 54.28 37.28 -88.81
C GLN P 216 54.36 35.77 -88.83
N ILE P 217 55.33 35.18 -89.49
CA ILE P 217 55.35 33.72 -89.61
C ILE P 217 55.50 33.19 -88.19
N PRO P 218 54.58 32.36 -87.73
CA PRO P 218 54.70 31.81 -86.38
C PRO P 218 55.74 30.71 -86.34
N PHE P 219 56.31 30.53 -85.17
CA PHE P 219 57.31 29.50 -84.96
C PHE P 219 56.89 28.66 -83.76
N PHE P 220 56.57 27.40 -84.02
CA PHE P 220 56.04 26.51 -83.01
C PHE P 220 57.14 25.55 -82.58
N MET P 221 57.12 25.21 -81.31
CA MET P 221 58.11 24.33 -80.72
C MET P 221 57.39 23.38 -79.79
N LEU P 222 57.76 22.11 -79.84
CA LEU P 222 57.09 21.15 -79.00
C LEU P 222 57.69 21.09 -77.61
N GLU P 223 58.65 21.96 -77.30
CA GLU P 223 59.22 21.91 -75.96
C GLU P 223 58.27 22.59 -75.00
N ASN P 224 58.22 23.93 -74.97
CA ASN P 224 56.99 24.66 -74.65
C ASN P 224 56.12 23.88 -73.68
N SER P 225 54.91 23.55 -74.10
CA SER P 225 54.00 22.75 -73.29
C SER P 225 54.67 21.46 -72.82
N ASP P 226 54.39 21.08 -71.58
CA ASP P 226 55.09 19.98 -70.95
C ASP P 226 54.70 18.65 -71.55
N HIS P 227 55.59 17.67 -71.38
CA HIS P 227 55.37 16.33 -71.89
C HIS P 227 56.22 15.35 -71.10
N GLU P 228 55.92 14.08 -71.25
CA GLU P 228 56.56 13.05 -70.44
C GLU P 228 57.84 12.56 -71.10
N VAL P 229 58.83 12.29 -70.28
CA VAL P 229 60.03 11.58 -70.69
C VAL P 229 59.93 10.18 -70.09
N LEU P 230 60.46 9.19 -70.79
CA LEU P 230 60.35 7.81 -70.35
C LEU P 230 61.71 7.15 -70.47
N ARG P 231 62.15 6.50 -69.39
CA ARG P 231 63.22 5.54 -69.55
C ARG P 231 62.60 4.22 -69.99
N THR P 232 63.39 3.15 -69.96
CA THR P 232 62.90 1.86 -70.44
C THR P 232 61.71 1.36 -69.65
N GLY P 233 61.84 1.21 -68.34
CA GLY P 233 60.80 0.56 -67.56
C GLY P 233 59.45 1.25 -67.61
N GLU P 234 59.41 2.53 -67.93
CA GLU P 234 58.18 3.30 -67.94
C GLU P 234 57.41 3.09 -69.24
N SER P 235 56.10 3.35 -69.18
CA SER P 235 55.23 3.36 -70.34
C SER P 235 54.31 4.58 -70.27
N THR P 236 53.41 4.68 -71.24
CA THR P 236 52.45 5.78 -71.30
C THR P 236 51.20 5.31 -72.01
N GLU P 237 50.06 5.85 -71.58
CA GLU P 237 48.79 5.61 -72.24
C GLU P 237 48.21 6.91 -72.75
N PHE P 238 47.37 6.81 -73.76
CA PHE P 238 46.61 7.95 -74.26
C PHE P 238 45.23 7.46 -74.66
N THR P 239 44.22 8.29 -74.40
CA THR P 239 42.87 7.98 -74.80
C THR P 239 42.34 9.08 -75.70
N PHE P 240 41.32 8.74 -76.48
CA PHE P 240 40.70 9.71 -77.36
C PHE P 240 39.22 9.36 -77.47
N ASN P 241 38.41 10.39 -77.61
CA ASN P 241 36.99 10.22 -77.88
C ASN P 241 36.65 11.02 -79.13
N PHE P 242 35.65 10.54 -79.86
CA PHE P 242 35.35 11.08 -81.18
C PHE P 242 33.92 11.63 -81.19
N ASP P 243 33.80 12.91 -81.52
CA ASP P 243 32.54 13.44 -82.03
C ASP P 243 32.64 13.33 -83.54
N CYS P 244 31.87 12.42 -84.11
CA CYS P 244 32.21 11.91 -85.43
C CYS P 244 30.95 11.52 -86.18
N GLU P 245 30.98 11.72 -87.48
CA GLU P 245 29.86 11.38 -88.35
C GLU P 245 29.97 9.95 -88.81
N TRP P 246 28.83 9.28 -88.92
CA TRP P 246 28.81 7.93 -89.46
C TRP P 246 29.34 7.90 -90.87
N ILE P 247 29.98 6.81 -91.24
CA ILE P 247 30.26 6.51 -92.65
C ILE P 247 29.37 5.35 -93.03
N ASN P 248 28.61 5.51 -94.09
CA ASN P 248 27.49 4.62 -94.40
C ASN P 248 27.89 3.63 -95.48
N ASN P 249 27.74 2.35 -95.18
CA ASN P 249 27.85 1.29 -96.17
C ASN P 249 26.44 0.90 -96.55
N GLU P 250 26.03 1.28 -97.74
CA GLU P 250 24.65 1.22 -98.24
C GLU P 250 24.67 1.63 -99.68
N ARG P 251 23.63 1.26 -100.41
CA ARG P 251 23.59 1.46 -101.83
C ARG P 251 22.18 1.87 -102.23
N ALA P 252 22.09 2.92 -103.03
CA ALA P 252 20.82 3.32 -103.62
C ALA P 252 20.67 2.62 -104.95
N TYR P 253 19.64 1.79 -105.07
CA TYR P 253 19.41 1.06 -106.29
C TYR P 253 18.81 1.92 -107.40
N ILE P 254 18.30 3.11 -107.06
CA ILE P 254 17.78 4.04 -108.05
C ILE P 254 18.21 5.45 -107.68
N PRO P 255 18.25 6.35 -108.66
CA PRO P 255 18.46 7.76 -108.36
C PRO P 255 17.36 8.27 -107.46
N PRO P 256 17.59 9.34 -106.69
CA PRO P 256 16.53 9.87 -105.85
C PRO P 256 15.37 10.44 -106.65
N GLY P 257 15.61 10.91 -107.85
CA GLY P 257 14.54 11.41 -108.68
C GLY P 257 13.73 10.34 -109.38
N LEU P 258 14.11 9.08 -109.24
CA LEU P 258 13.43 7.98 -109.89
C LEU P 258 12.39 7.34 -108.98
N MET P 259 12.13 7.92 -107.83
CA MET P 259 11.20 7.35 -106.85
C MET P 259 9.80 7.87 -107.16
N PHE P 260 8.94 7.00 -107.65
CA PHE P 260 7.54 7.30 -107.90
C PHE P 260 6.88 6.04 -108.45
N ASN P 261 5.57 6.02 -108.40
CA ASN P 261 4.83 4.92 -108.97
C ASN P 261 4.54 5.25 -110.42
N PRO P 262 5.22 4.62 -111.37
CA PRO P 262 5.03 5.00 -112.77
C PRO P 262 3.70 4.58 -113.32
N LEU P 263 2.99 3.69 -112.64
CA LEU P 263 1.67 3.28 -113.09
C LEU P 263 0.68 4.43 -112.95
N VAL P 264 0.76 5.17 -111.86
CA VAL P 264 -0.26 6.19 -111.56
C VAL P 264 -0.04 7.41 -112.44
N PRO P 265 -1.07 7.94 -113.08
CA PRO P 265 -0.90 9.18 -113.85
C PRO P 265 -0.58 10.33 -112.92
N THR P 266 -0.04 11.40 -113.51
CA THR P 266 0.35 12.57 -112.75
C THR P 266 -0.50 13.76 -113.14
N ARG P 267 -0.73 14.66 -112.19
CA ARG P 267 -1.33 15.94 -112.51
C ARG P 267 -0.26 17.02 -112.60
N ARG P 268 0.10 17.37 -113.83
CA ARG P 268 1.18 18.29 -114.13
C ARG P 268 1.16 18.49 -115.64
N ALA P 269 1.83 19.52 -116.13
CA ALA P 269 1.80 19.77 -117.56
C ALA P 269 3.15 20.33 -118.00
N GLN P 270 3.43 20.15 -119.29
CA GLN P 270 4.66 20.61 -119.91
C GLN P 270 4.29 21.60 -121.00
N TYR P 271 4.63 22.86 -120.81
CA TYR P 271 4.60 23.82 -121.89
C TYR P 271 5.97 23.76 -122.56
N ILE P 272 5.99 23.74 -123.87
CA ILE P 272 7.23 23.69 -124.62
C ILE P 272 7.25 24.85 -125.60
N ARG P 273 8.29 25.67 -125.52
CA ARG P 273 8.38 26.86 -126.34
C ARG P 273 8.44 26.50 -127.83
N ARG P 274 8.03 27.46 -128.66
CA ARG P 274 8.23 27.33 -130.10
C ARG P 274 9.68 26.99 -130.38
N ASN P 275 9.90 26.00 -131.25
CA ASN P 275 11.22 25.42 -131.38
C ASN P 275 12.15 26.31 -132.20
N ASN P 276 11.59 27.13 -133.10
CA ASN P 276 12.38 28.05 -133.92
C ASN P 276 13.49 27.29 -134.64
N ASN P 277 13.09 26.51 -135.65
CA ASN P 277 13.88 25.48 -136.31
C ASN P 277 14.03 24.32 -135.33
N PRO P 278 14.04 23.07 -135.83
CA PRO P 278 13.55 22.71 -137.17
C PRO P 278 12.05 22.97 -137.40
N GLN P 279 11.23 22.58 -136.43
CA GLN P 279 9.79 22.45 -136.65
C GLN P 279 9.09 22.27 -135.31
N THR P 280 7.83 21.84 -135.30
CA THR P 280 7.08 21.52 -134.08
C THR P 280 6.83 22.74 -133.21
N ALA P 281 5.84 23.55 -133.60
CA ALA P 281 5.44 24.73 -132.85
C ALA P 281 4.93 24.34 -131.46
N GLU P 282 4.92 25.34 -130.58
CA GLU P 282 4.71 25.11 -129.15
C GLU P 282 3.41 24.36 -128.87
N SER P 283 3.44 23.53 -127.82
CA SER P 283 2.27 22.80 -127.37
C SER P 283 2.41 22.52 -125.89
N THR P 284 1.27 22.42 -125.21
CA THR P 284 1.22 21.97 -123.82
C THR P 284 0.63 20.57 -123.76
N SER P 285 1.08 19.79 -122.78
CA SER P 285 0.67 18.40 -122.68
C SER P 285 0.85 17.93 -121.25
N ARG P 286 0.13 16.87 -120.91
CA ARG P 286 0.27 16.28 -119.59
C ARG P 286 1.52 15.40 -119.54
N ILE P 287 2.19 15.44 -118.40
CA ILE P 287 3.38 14.64 -118.21
C ILE P 287 3.00 13.17 -118.16
N ALA P 288 3.76 12.34 -118.86
CA ALA P 288 3.48 10.92 -118.94
C ALA P 288 3.52 10.29 -117.56
N PRO P 289 2.78 9.19 -117.36
CA PRO P 289 2.78 8.56 -116.02
C PRO P 289 4.16 8.11 -115.59
N TYR P 290 4.89 7.44 -116.48
CA TYR P 290 6.30 7.24 -116.29
C TYR P 290 7.02 8.57 -116.45
N ALA P 291 8.24 8.64 -115.93
CA ALA P 291 9.09 9.83 -116.10
C ALA P 291 8.41 11.08 -115.56
N LYS P 292 7.99 11.00 -114.32
CA LYS P 292 7.46 12.17 -113.65
C LYS P 292 8.60 13.09 -113.25
N PRO P 293 8.34 14.40 -113.20
CA PRO P 293 9.39 15.33 -112.77
C PRO P 293 9.77 15.10 -111.33
N THR P 294 10.91 15.65 -110.96
CA THR P 294 11.43 15.46 -109.62
C THR P 294 11.97 16.74 -109.03
N SER P 295 12.00 16.77 -107.72
CA SER P 295 12.91 17.60 -106.96
C SER P 295 14.27 16.90 -106.90
N TRP P 296 15.08 17.30 -105.94
CA TRP P 296 16.27 16.52 -105.65
C TRP P 296 17.29 16.56 -106.77
N MET P 297 17.94 17.70 -106.87
CA MET P 297 19.06 18.02 -107.72
C MET P 297 20.26 17.13 -107.41
N THR P 298 21.16 17.01 -108.38
CA THR P 298 22.37 16.23 -108.21
C THR P 298 23.37 16.95 -107.32
N GLY P 299 24.27 16.18 -106.73
CA GLY P 299 25.31 16.73 -105.91
C GLY P 299 26.28 17.58 -106.70
N PRO P 300 26.99 18.48 -106.01
CA PRO P 300 27.85 19.42 -106.71
C PRO P 300 29.18 18.81 -107.14
N GLY P 301 29.76 19.40 -108.17
CA GLY P 301 31.08 19.00 -108.65
C GLY P 301 31.65 20.13 -109.47
N LEU P 302 32.94 20.02 -109.78
CA LEU P 302 33.59 20.92 -110.72
C LEU P 302 34.31 20.10 -111.78
N LEU P 303 33.76 20.07 -112.98
CA LEU P 303 34.30 19.27 -114.07
C LEU P 303 35.03 20.03 -115.17
N SER P 304 35.10 21.36 -115.12
CA SER P 304 35.55 22.07 -116.31
C SER P 304 37.07 22.09 -116.44
N ALA P 305 37.77 22.22 -115.31
CA ALA P 305 39.19 22.48 -115.29
C ALA P 305 40.00 21.28 -115.78
N GLN P 306 41.27 21.53 -116.10
CA GLN P 306 42.22 20.49 -116.44
C GLN P 306 43.53 20.77 -115.71
N ARG P 307 44.18 19.71 -115.25
CA ARG P 307 45.45 19.86 -114.55
C ARG P 307 46.46 20.57 -115.45
N VAL P 308 47.27 21.42 -114.84
CA VAL P 308 48.04 22.43 -115.55
C VAL P 308 49.53 22.18 -115.39
N GLY P 309 50.18 21.82 -116.49
CA GLY P 309 51.62 21.86 -116.56
C GLY P 309 52.31 20.59 -116.10
N PRO P 310 53.62 20.68 -115.89
CA PRO P 310 54.41 19.49 -115.59
C PRO P 310 54.21 19.03 -114.16
N ALA P 311 54.49 17.75 -113.94
CA ALA P 311 54.45 17.21 -112.59
C ALA P 311 55.55 17.84 -111.73
N THR P 312 55.36 17.72 -110.41
CA THR P 312 56.17 18.32 -109.34
C THR P 312 55.87 19.80 -109.21
N SER P 313 55.08 20.38 -110.10
CA SER P 313 54.67 21.77 -110.02
C SER P 313 53.34 21.97 -109.31
N ASP P 314 52.79 20.91 -108.71
CA ASP P 314 51.46 20.95 -108.09
C ASP P 314 50.37 21.26 -109.11
N THR P 315 50.06 20.28 -109.95
CA THR P 315 48.97 20.45 -110.89
C THR P 315 47.68 19.94 -110.26
N GLY P 316 46.80 20.87 -109.88
CA GLY P 316 45.57 20.47 -109.23
C GLY P 316 44.31 20.60 -110.06
N ALA P 317 44.40 21.33 -111.17
CA ALA P 317 43.34 21.80 -112.03
C ALA P 317 42.47 22.85 -111.34
N TRP P 318 42.51 22.95 -110.01
CA TRP P 318 41.88 24.03 -109.29
C TRP P 318 42.85 24.46 -108.20
N MET P 319 43.32 25.69 -108.27
CA MET P 319 44.24 26.22 -107.26
C MET P 319 43.47 27.21 -106.42
N VAL P 320 43.55 27.06 -105.11
CA VAL P 320 42.82 27.95 -104.21
C VAL P 320 43.59 29.26 -104.01
N ALA P 321 44.90 29.16 -103.80
CA ALA P 321 45.79 30.29 -103.60
C ALA P 321 45.31 31.30 -102.56
N VAL P 322 45.76 32.55 -102.71
CA VAL P 322 45.39 33.66 -101.85
C VAL P 322 45.21 34.94 -102.65
N LYS P 323 46.29 35.41 -103.27
CA LYS P 323 46.33 36.69 -103.95
C LYS P 323 46.00 37.89 -103.04
N PRO P 324 46.90 38.23 -102.11
CA PRO P 324 46.78 39.54 -101.45
C PRO P 324 46.95 40.65 -102.48
N GLU P 325 46.47 41.84 -102.11
CA GLU P 325 46.17 42.86 -103.11
C GLU P 325 47.44 43.33 -103.82
N ASN P 326 48.53 43.53 -103.08
CA ASN P 326 49.77 43.89 -103.74
C ASN P 326 50.73 42.71 -103.79
N ALA P 327 51.39 42.45 -102.67
CA ALA P 327 52.40 41.40 -102.51
C ALA P 327 53.39 41.49 -103.66
N SER P 328 53.87 40.34 -104.11
CA SER P 328 54.49 40.16 -105.42
C SER P 328 54.46 38.68 -105.70
N ILE P 329 54.52 38.32 -106.99
CA ILE P 329 54.36 36.93 -107.37
C ILE P 329 55.30 36.62 -108.53
N ASP P 330 55.96 35.49 -108.44
CA ASP P 330 56.81 34.97 -109.50
C ASP P 330 55.92 34.33 -110.56
N THR P 331 56.50 33.55 -111.47
CA THR P 331 55.69 32.74 -112.35
C THR P 331 54.70 31.94 -111.50
N GLY P 332 53.45 31.92 -111.93
CA GLY P 332 52.39 31.40 -111.10
C GLY P 332 51.41 32.45 -110.62
N MET P 333 50.22 32.11 -110.10
CA MET P 333 49.60 30.77 -109.97
C MET P 333 50.55 29.68 -109.43
N SER P 334 50.75 28.60 -110.17
CA SER P 334 51.73 27.56 -109.84
C SER P 334 51.49 26.97 -108.40
N GLY P 335 52.34 27.11 -107.37
CA GLY P 335 53.34 28.14 -107.07
C GLY P 335 52.84 29.05 -105.96
N ILE P 336 51.53 29.12 -105.82
CA ILE P 336 50.87 29.65 -104.63
C ILE P 336 49.61 28.82 -104.41
N GLY P 337 49.26 28.64 -103.15
CA GLY P 337 48.07 27.88 -102.83
C GLY P 337 48.18 26.42 -103.20
N SER P 338 47.05 25.73 -103.08
CA SER P 338 47.01 24.28 -103.13
C SER P 338 46.06 23.82 -104.22
N GLY P 339 46.37 22.67 -104.81
CA GLY P 339 45.45 22.07 -105.76
C GLY P 339 44.28 21.42 -105.05
N PHE P 340 43.09 21.59 -105.61
CA PHE P 340 41.88 21.01 -105.06
C PHE P 340 41.61 19.69 -105.77
N ASP P 341 41.56 18.60 -105.00
CA ASP P 341 41.50 17.27 -105.57
C ASP P 341 40.66 16.35 -104.69
N PRO P 342 39.86 15.45 -105.30
CA PRO P 342 39.28 15.50 -106.65
C PRO P 342 38.08 16.40 -106.78
N PRO P 343 38.07 17.31 -107.76
CA PRO P 343 36.79 17.71 -108.35
C PRO P 343 36.41 16.82 -109.54
N GLN P 344 35.16 16.40 -109.78
CA GLN P 344 34.17 15.96 -108.82
C GLN P 344 33.84 17.00 -107.71
N GLY P 345 33.51 16.67 -106.44
CA GLY P 345 33.08 15.39 -105.89
C GLY P 345 31.78 14.92 -106.50
N SER P 346 31.43 13.67 -106.21
CA SER P 346 30.27 13.03 -106.83
C SER P 346 30.35 13.16 -108.34
N LEU P 347 29.21 13.43 -108.98
CA LEU P 347 29.15 13.98 -110.33
C LEU P 347 30.12 13.25 -111.27
N ALA P 348 29.76 12.05 -111.70
CA ALA P 348 30.71 11.09 -112.23
C ALA P 348 31.68 11.73 -113.22
N PRO P 349 32.97 11.48 -113.10
CA PRO P 349 33.98 12.24 -113.85
C PRO P 349 34.03 11.86 -115.32
N THR P 350 34.67 12.72 -116.08
CA THR P 350 34.86 12.50 -117.51
C THR P 350 35.98 11.50 -117.76
N ASN P 351 37.21 11.88 -117.46
CA ASN P 351 38.31 10.96 -117.71
C ASN P 351 39.06 10.66 -116.42
N LEU P 352 40.15 9.90 -116.57
CA LEU P 352 40.96 9.42 -115.47
C LEU P 352 41.48 10.56 -114.61
N GLU P 353 41.60 11.75 -115.20
CA GLU P 353 42.25 12.87 -114.54
C GLU P 353 41.56 13.24 -113.23
N TYR P 354 40.26 12.97 -113.12
CA TYR P 354 39.49 13.28 -111.93
C TYR P 354 39.27 12.08 -111.02
N LYS P 355 39.80 10.92 -111.36
CA LYS P 355 39.32 9.64 -110.83
C LYS P 355 40.05 9.25 -109.55
N ILE P 356 40.81 10.16 -108.97
CA ILE P 356 41.79 9.95 -107.91
C ILE P 356 42.81 8.93 -108.43
N GLN P 357 43.53 8.27 -107.53
CA GLN P 357 44.51 7.24 -107.82
C GLN P 357 45.34 7.09 -106.55
N TRP P 358 46.05 5.98 -106.36
CA TRP P 358 47.14 5.96 -105.40
C TRP P 358 48.01 4.74 -105.66
N TYR P 359 49.23 4.78 -105.13
CA TYR P 359 50.18 3.71 -105.47
C TYR P 359 50.20 2.60 -104.44
N GLN P 360 49.57 2.81 -103.28
CA GLN P 360 49.54 1.83 -102.18
C GLN P 360 50.90 1.18 -101.93
N THR P 361 51.98 1.93 -102.13
CA THR P 361 53.34 1.42 -102.04
C THR P 361 54.30 2.57 -102.28
N PRO P 362 55.33 2.71 -101.45
CA PRO P 362 56.34 3.74 -101.73
C PRO P 362 57.21 3.41 -102.92
N GLN P 363 57.40 2.12 -103.23
CA GLN P 363 58.20 1.75 -104.37
C GLN P 363 57.48 1.98 -105.68
N GLY P 364 56.21 2.39 -105.64
CA GLY P 364 55.43 2.55 -106.85
C GLY P 364 55.98 3.58 -107.81
N THR P 365 56.25 3.15 -109.04
CA THR P 365 56.71 4.04 -110.09
C THR P 365 55.50 4.67 -110.76
N ASN P 366 55.70 5.33 -111.90
CA ASN P 366 54.60 6.04 -112.54
C ASN P 366 53.40 5.13 -112.78
N ASN P 367 53.57 4.05 -113.53
CA ASN P 367 52.57 3.00 -113.60
C ASN P 367 53.15 1.74 -112.98
N ASN P 368 52.73 1.45 -111.76
CA ASN P 368 53.06 0.29 -110.93
C ASN P 368 52.33 0.55 -109.63
N GLY P 369 52.01 -0.47 -108.86
CA GLY P 369 51.07 -0.18 -107.80
C GLY P 369 49.86 0.42 -108.49
N ASN P 370 49.56 1.67 -108.13
CA ASN P 370 48.77 2.55 -109.01
C ASN P 370 47.34 2.06 -109.17
N ILE P 371 46.69 1.72 -108.08
CA ILE P 371 45.30 1.32 -108.17
C ILE P 371 44.43 2.56 -108.29
N ILE P 372 43.46 2.51 -109.16
CA ILE P 372 42.68 3.68 -109.54
C ILE P 372 41.26 3.50 -109.05
N SER P 373 40.68 4.57 -108.53
CA SER P 373 39.31 4.50 -108.03
C SER P 373 38.36 4.19 -109.18
N ASN P 374 37.19 3.66 -108.82
CA ASN P 374 36.23 3.18 -109.80
C ASN P 374 34.83 3.52 -109.31
N GLN P 375 33.84 3.35 -110.18
CA GLN P 375 32.48 3.68 -109.77
C GLN P 375 31.89 2.58 -108.90
N PRO P 376 31.24 2.94 -107.79
CA PRO P 376 30.65 1.91 -106.93
C PRO P 376 29.48 1.19 -107.56
N LEU P 377 28.93 1.74 -108.64
CA LEU P 377 27.70 1.33 -109.29
C LEU P 377 26.49 1.69 -108.44
N SER P 378 26.70 2.25 -107.24
CA SER P 378 25.63 2.91 -106.51
C SER P 378 25.07 4.04 -107.35
N MET P 379 23.77 4.28 -107.21
CA MET P 379 23.09 5.21 -108.09
C MET P 379 23.06 6.63 -107.57
N LEU P 380 23.70 6.94 -106.45
CA LEU P 380 23.49 8.25 -105.87
C LEU P 380 24.18 9.46 -106.52
N ARG P 381 25.50 9.72 -106.49
CA ARG P 381 26.76 8.94 -106.57
C ARG P 381 27.25 8.80 -108.04
N ASP P 382 26.44 9.18 -109.01
CA ASP P 382 26.93 9.27 -110.38
C ASP P 382 26.67 10.67 -110.92
N GLN P 383 25.40 11.03 -111.04
CA GLN P 383 24.96 12.42 -111.03
C GLN P 383 25.61 13.26 -112.15
N ALA P 384 25.13 13.02 -113.36
CA ALA P 384 25.37 14.00 -114.39
C ALA P 384 24.43 15.20 -114.21
N LEU P 385 24.56 16.19 -115.09
CA LEU P 385 23.56 17.22 -115.22
C LEU P 385 23.67 17.78 -116.64
N PHE P 386 22.54 18.18 -117.21
CA PHE P 386 22.43 18.32 -118.66
C PHE P 386 22.02 19.72 -119.10
N ARG P 387 20.91 20.26 -118.63
CA ARG P 387 20.46 21.58 -119.06
C ARG P 387 20.24 21.54 -120.58
N GLY P 388 20.47 22.66 -121.28
CA GLY P 388 20.42 22.72 -122.73
C GLY P 388 19.13 22.22 -123.34
N ASN P 389 19.14 22.13 -124.67
CA ASN P 389 19.69 23.17 -125.53
C ASN P 389 18.48 23.87 -126.10
N GLN P 390 17.31 23.34 -125.73
CA GLN P 390 16.01 23.38 -126.42
C GLN P 390 15.95 22.29 -127.48
N THR P 391 17.07 21.67 -127.82
CA THR P 391 17.16 20.61 -128.81
C THR P 391 17.86 19.39 -128.23
N THR P 392 19.09 19.57 -127.73
CA THR P 392 19.89 18.49 -127.18
C THR P 392 20.23 18.83 -125.74
N TYR P 393 20.50 17.80 -124.94
CA TYR P 393 21.06 18.01 -123.60
C TYR P 393 22.58 18.02 -123.71
N ASN P 394 23.22 18.90 -122.94
CA ASN P 394 24.67 19.05 -122.98
C ASN P 394 25.23 19.06 -121.57
N LEU P 395 26.02 18.03 -121.24
CA LEU P 395 26.60 17.92 -119.90
C LEU P 395 27.28 19.22 -119.49
N CYS P 396 26.93 19.71 -118.31
CA CYS P 396 27.35 21.04 -117.88
C CYS P 396 28.44 20.96 -116.83
N SER P 397 29.46 21.78 -117.00
CA SER P 397 30.52 22.00 -116.03
C SER P 397 29.95 22.71 -114.80
N ASP P 398 30.74 22.70 -113.72
CA ASP P 398 30.34 23.24 -112.42
C ASP P 398 29.21 22.40 -111.85
N VAL P 399 28.04 22.99 -111.61
CA VAL P 399 27.05 22.51 -110.65
C VAL P 399 27.54 22.75 -109.22
N TRP P 400 27.41 23.99 -108.77
CA TRP P 400 27.66 24.41 -107.41
C TRP P 400 26.54 23.94 -106.48
N MET P 401 26.58 24.38 -105.22
CA MET P 401 25.54 23.99 -104.28
C MET P 401 24.19 24.55 -104.65
N PHE P 402 23.15 23.78 -104.39
CA PHE P 402 21.78 24.09 -104.74
C PHE P 402 20.87 23.46 -103.70
N PRO P 403 19.71 24.07 -103.42
CA PRO P 403 18.92 23.66 -102.25
C PRO P 403 18.56 22.20 -102.15
N ASN P 404 18.13 21.57 -103.23
CA ASN P 404 17.59 20.23 -103.14
C ASN P 404 18.62 19.14 -103.39
N GLN P 405 19.89 19.49 -103.44
CA GLN P 405 20.89 18.52 -103.88
C GLN P 405 21.02 17.34 -102.93
N ILE P 406 21.21 16.16 -103.51
CA ILE P 406 21.66 14.99 -102.78
C ILE P 406 22.86 14.41 -103.49
N TRP P 407 23.90 14.09 -102.73
CA TRP P 407 25.01 13.32 -103.24
C TRP P 407 25.34 12.29 -102.18
N ASP P 408 26.14 11.32 -102.56
CA ASP P 408 26.57 10.29 -101.64
C ASP P 408 28.05 10.48 -101.37
N ARG P 409 28.42 10.43 -100.10
CA ARG P 409 29.81 10.63 -99.74
C ARG P 409 30.67 9.56 -100.40
N TYR P 410 31.92 9.89 -100.65
CA TYR P 410 32.81 9.00 -101.38
C TYR P 410 32.80 7.61 -100.74
N PRO P 411 32.70 6.55 -101.55
CA PRO P 411 32.48 5.20 -100.98
C PRO P 411 33.62 4.69 -100.13
N ILE P 412 34.76 5.38 -100.17
CA ILE P 412 36.04 5.01 -99.57
C ILE P 412 36.41 3.57 -99.92
N THR P 413 37.17 2.93 -99.03
CA THR P 413 37.77 1.61 -99.24
C THR P 413 38.69 1.34 -98.07
N ARG P 414 39.32 0.17 -98.04
CA ARG P 414 40.20 -0.15 -96.92
C ARG P 414 41.46 0.71 -96.89
N GLU P 415 41.85 1.30 -98.02
CA GLU P 415 43.10 2.04 -98.12
C GLU P 415 42.99 3.51 -97.70
N ASN P 416 41.84 3.94 -97.27
CA ASN P 416 41.61 5.36 -97.12
C ASN P 416 41.98 5.85 -95.73
N PRO P 417 42.26 7.14 -95.59
CA PRO P 417 42.35 7.73 -94.26
C PRO P 417 41.01 7.76 -93.57
N ILE P 418 41.03 7.51 -92.27
CA ILE P 418 39.80 7.48 -91.50
C ILE P 418 39.23 8.88 -91.36
N TRP P 419 40.05 9.83 -90.92
CA TRP P 419 39.59 11.16 -90.59
C TRP P 419 40.49 12.20 -91.23
N CYS P 420 40.01 13.44 -91.18
CA CYS P 420 40.74 14.63 -91.57
C CYS P 420 40.31 15.74 -90.63
N LYS P 421 41.25 16.62 -90.29
CA LYS P 421 40.92 17.69 -89.36
C LYS P 421 40.22 18.83 -90.08
N LYS P 422 39.07 19.23 -89.56
CA LYS P 422 38.36 20.39 -90.08
C LYS P 422 38.99 21.65 -89.50
N PRO P 423 39.61 22.48 -90.34
CA PRO P 423 40.30 23.66 -89.82
C PRO P 423 39.35 24.66 -89.18
N ARG P 424 39.81 25.25 -88.09
CA ARG P 424 38.99 26.22 -87.35
C ARG P 424 38.83 27.49 -88.16
N SER P 425 37.59 27.89 -88.38
CA SER P 425 37.31 29.10 -89.12
C SER P 425 35.92 29.58 -88.74
N ASP P 426 35.65 30.84 -89.02
CA ASP P 426 34.37 31.43 -88.67
C ASP P 426 33.23 30.70 -89.38
N LYS P 427 33.28 30.66 -90.70
CA LYS P 427 32.19 30.16 -91.51
C LYS P 427 32.64 29.00 -92.36
N HIS P 428 31.72 28.08 -92.64
CA HIS P 428 31.99 26.98 -93.54
C HIS P 428 30.68 26.42 -94.05
N THR P 429 30.77 25.68 -95.14
CA THR P 429 29.64 24.99 -95.76
C THR P 429 29.53 23.56 -95.23
N THR P 430 28.80 22.70 -95.96
CA THR P 430 28.36 21.42 -95.43
C THR P 430 29.50 20.57 -94.85
N ILE P 431 30.73 20.77 -95.33
CA ILE P 431 31.89 19.97 -94.92
C ILE P 431 31.70 18.50 -95.26
N ASP P 432 31.74 18.16 -96.55
CA ASP P 432 31.88 16.78 -96.95
C ASP P 432 33.19 16.63 -97.71
N PRO P 433 34.24 16.05 -97.12
CA PRO P 433 35.49 15.89 -97.86
C PRO P 433 35.35 14.92 -99.02
N PHE P 434 35.94 15.27 -100.15
CA PHE P 434 35.83 14.44 -101.33
C PHE P 434 36.86 13.33 -101.37
N ASP P 435 37.69 13.23 -100.35
CA ASP P 435 38.60 12.12 -100.16
C ASP P 435 37.91 10.99 -99.42
N GLY P 436 36.61 11.10 -99.21
CA GLY P 436 35.95 10.29 -98.21
C GLY P 436 36.42 10.76 -96.86
N SER P 437 37.00 9.85 -96.08
CA SER P 437 37.49 10.18 -94.75
C SER P 437 36.42 10.84 -93.91
N LEU P 438 36.80 11.79 -93.08
CA LEU P 438 35.90 12.41 -92.12
C LEU P 438 36.47 13.76 -91.75
N ALA P 439 35.61 14.60 -91.18
CA ALA P 439 36.05 15.87 -90.64
C ALA P 439 35.67 15.93 -89.17
N MET P 440 36.60 16.38 -88.34
CA MET P 440 36.34 16.52 -86.92
C MET P 440 36.95 17.81 -86.44
N ASP P 441 36.27 18.47 -85.50
CA ASP P 441 36.85 19.61 -84.82
C ASP P 441 38.18 19.23 -84.20
N HIS P 442 38.16 18.23 -83.32
CA HIS P 442 39.38 17.68 -82.74
C HIS P 442 39.50 16.22 -83.16
N PRO P 443 40.37 15.91 -84.10
CA PRO P 443 40.65 14.52 -84.41
C PRO P 443 41.50 13.91 -83.31
N PRO P 444 41.92 12.66 -83.45
CA PRO P 444 42.92 12.14 -82.51
C PRO P 444 44.14 13.03 -82.49
N GLY P 445 44.54 13.45 -81.29
CA GLY P 445 45.73 14.27 -81.16
C GLY P 445 46.95 13.50 -81.58
N THR P 446 47.75 14.11 -82.44
CA THR P 446 48.97 13.45 -82.89
C THR P 446 49.91 13.25 -81.72
N ILE P 447 50.43 12.04 -81.59
CA ILE P 447 51.39 11.72 -80.55
C ILE P 447 52.78 11.93 -81.11
N PHE P 448 53.54 12.81 -80.47
CA PHE P 448 54.89 13.14 -80.90
C PHE P 448 55.88 12.47 -79.97
N ILE P 449 57.03 12.12 -80.52
CA ILE P 449 58.04 11.41 -79.76
C ILE P 449 59.42 11.79 -80.28
N LYS P 450 60.37 11.91 -79.37
CA LYS P 450 61.71 12.40 -79.67
C LYS P 450 62.70 11.65 -78.80
N MET P 451 63.97 11.74 -79.15
CA MET P 451 65.00 10.91 -78.55
C MET P 451 65.75 11.55 -77.39
N ALA P 452 65.34 12.73 -76.92
CA ALA P 452 65.94 13.25 -75.69
C ALA P 452 67.43 13.46 -75.82
N LYS P 453 67.84 14.56 -76.46
CA LYS P 453 69.23 14.80 -76.78
C LYS P 453 70.13 14.56 -75.58
N ILE P 454 71.15 13.74 -75.78
CA ILE P 454 72.15 13.49 -74.75
C ILE P 454 73.45 14.08 -75.27
N PRO P 455 73.88 15.22 -74.76
CA PRO P 455 75.07 15.89 -75.31
C PRO P 455 76.34 15.22 -74.81
N VAL P 456 77.46 15.69 -75.34
CA VAL P 456 78.76 15.15 -74.96
C VAL P 456 79.73 16.32 -74.87
N PRO P 457 80.67 16.29 -73.95
CA PRO P 457 81.53 17.46 -73.74
C PRO P 457 82.53 17.63 -74.86
N SER P 458 82.86 18.90 -75.13
CA SER P 458 83.88 19.23 -76.11
C SER P 458 84.50 20.56 -75.73
N ASN P 459 85.52 20.96 -76.50
CA ASN P 459 86.26 22.19 -76.22
C ASN P 459 85.57 23.41 -76.82
N ASN P 460 85.06 23.29 -78.04
CA ASN P 460 84.59 24.43 -78.84
C ASN P 460 83.68 25.45 -78.13
N ASN P 461 82.62 25.03 -77.43
CA ASN P 461 82.22 23.65 -77.25
C ASN P 461 81.05 23.30 -78.15
N ALA P 462 80.62 22.04 -78.07
CA ALA P 462 79.50 21.52 -78.83
C ALA P 462 79.73 21.74 -80.35
N ASP P 463 78.71 21.83 -81.22
CA ASP P 463 77.46 21.07 -81.09
C ASP P 463 77.74 19.60 -81.33
N SER P 464 77.44 18.79 -80.34
CA SER P 464 77.68 17.36 -80.41
C SER P 464 76.71 16.66 -79.47
N TYR P 465 76.39 15.42 -79.81
CA TYR P 465 75.38 14.68 -79.07
C TYR P 465 75.65 13.20 -79.26
N LEU P 466 75.01 12.41 -78.40
CA LEU P 466 75.21 10.98 -78.42
C LEU P 466 74.17 10.34 -79.33
N ASN P 467 74.61 9.37 -80.12
CA ASN P 467 73.79 8.81 -81.19
C ASN P 467 73.04 7.60 -80.66
N ILE P 468 71.72 7.71 -80.55
CA ILE P 468 70.87 6.67 -79.98
C ILE P 468 69.61 6.55 -80.81
N TYR P 469 68.84 5.51 -80.55
CA TYR P 469 67.51 5.37 -81.12
C TYR P 469 66.64 4.59 -80.15
N CYS P 470 65.34 4.73 -80.31
CA CYS P 470 64.38 4.10 -79.44
C CYS P 470 63.62 3.05 -80.21
N THR P 471 63.10 2.07 -79.49
CA THR P 471 62.35 0.99 -80.09
C THR P 471 61.31 0.56 -79.07
N GLY P 472 60.11 0.26 -79.55
CA GLY P 472 59.07 -0.08 -78.60
C GLY P 472 57.82 -0.51 -79.32
N GLN P 473 56.73 -0.56 -78.56
CA GLN P 473 55.50 -1.12 -79.06
C GLN P 473 54.35 -0.19 -78.80
N VAL P 474 53.65 0.22 -79.86
CA VAL P 474 52.42 0.98 -79.76
C VAL P 474 51.27 -0.01 -79.90
N SER P 475 50.26 0.15 -79.07
CA SER P 475 49.03 -0.62 -79.23
C SER P 475 47.90 0.36 -79.40
N CYS P 476 47.33 0.41 -80.59
CA CYS P 476 46.20 1.27 -80.88
C CYS P 476 44.94 0.42 -80.85
N GLU P 477 44.14 0.60 -79.82
CA GLU P 477 42.90 -0.16 -79.64
C GLU P 477 41.74 0.82 -79.75
N ILE P 478 40.96 0.70 -80.81
CA ILE P 478 39.90 1.66 -81.08
C ILE P 478 38.57 0.93 -81.15
N VAL P 479 37.53 1.57 -80.64
CA VAL P 479 36.19 1.03 -80.59
C VAL P 479 35.36 1.70 -81.66
N TRP P 480 34.54 0.92 -82.35
CA TRP P 480 33.77 1.41 -83.48
C TRP P 480 32.29 1.26 -83.16
N GLU P 481 31.58 2.38 -83.10
CA GLU P 481 30.13 2.30 -83.12
C GLU P 481 29.70 1.72 -84.45
N VAL P 482 28.90 0.66 -84.40
CA VAL P 482 28.58 -0.09 -85.60
C VAL P 482 27.10 -0.44 -85.57
N GLU P 483 26.47 -0.46 -86.73
CA GLU P 483 25.04 -0.75 -86.85
C GLU P 483 24.82 -1.79 -87.92
N ARG P 484 23.96 -2.77 -87.62
CA ARG P 484 23.79 -3.94 -88.46
C ARG P 484 22.52 -3.80 -89.29
N TYR P 485 22.56 -4.34 -90.50
CA TYR P 485 21.52 -4.04 -91.47
C TYR P 485 20.43 -5.10 -91.50
N ALA P 486 19.21 -4.64 -91.70
CA ALA P 486 18.08 -5.50 -91.99
C ALA P 486 17.30 -4.88 -93.14
N THR P 487 16.79 -5.71 -94.03
CA THR P 487 16.10 -5.17 -95.20
C THR P 487 15.04 -6.14 -95.66
N LYS P 488 14.08 -5.61 -96.41
CA LYS P 488 12.97 -6.39 -96.93
C LYS P 488 13.21 -6.88 -98.34
N ASN P 489 14.38 -6.63 -98.90
CA ASN P 489 14.68 -7.11 -100.25
C ASN P 489 14.58 -8.63 -100.29
N TRP P 490 14.02 -9.13 -101.37
CA TRP P 490 13.90 -10.58 -101.56
C TRP P 490 15.19 -11.18 -102.07
N ARG P 491 15.96 -10.44 -102.83
CA ARG P 491 17.06 -10.94 -103.62
C ARG P 491 18.38 -10.95 -102.86
N PRO P 492 19.36 -11.71 -103.35
CA PRO P 492 20.59 -11.95 -102.57
C PRO P 492 21.46 -10.74 -102.27
N GLU P 493 21.26 -9.60 -102.91
CA GLU P 493 22.14 -8.40 -102.78
C GLU P 493 23.56 -8.80 -103.18
N ARG P 494 24.59 -8.27 -102.53
CA ARG P 494 25.96 -8.39 -103.01
C ARG P 494 26.89 -8.38 -101.81
N ARG P 495 28.00 -9.09 -101.94
CA ARG P 495 29.00 -9.16 -100.88
C ARG P 495 30.37 -9.02 -101.52
N HIS P 496 31.41 -9.13 -100.70
CA HIS P 496 32.77 -9.11 -101.20
C HIS P 496 33.36 -10.51 -101.08
N THR P 497 33.46 -11.18 -102.21
CA THR P 497 34.16 -12.44 -102.33
C THR P 497 35.65 -12.20 -102.50
N THR P 498 36.43 -13.23 -102.16
CA THR P 498 37.79 -13.30 -102.67
C THR P 498 37.83 -13.41 -104.18
N PHE P 499 36.72 -13.77 -104.83
CA PHE P 499 36.80 -13.93 -106.27
C PHE P 499 37.03 -12.61 -106.99
N GLY P 500 36.71 -11.48 -106.36
CA GLY P 500 37.17 -10.21 -106.90
C GLY P 500 38.68 -10.10 -106.87
N LEU P 501 39.32 -10.82 -105.95
CA LEU P 501 40.76 -10.81 -105.80
C LEU P 501 41.40 -11.63 -106.92
N GLY P 502 42.70 -11.43 -107.11
CA GLY P 502 43.41 -12.13 -108.15
C GLY P 502 44.83 -12.46 -107.73
N ILE P 503 45.44 -13.37 -108.47
CA ILE P 503 46.71 -14.00 -108.10
C ILE P 503 47.86 -13.07 -108.49
N GLY P 504 48.94 -13.09 -107.71
CA GLY P 504 50.07 -12.23 -108.02
C GLY P 504 51.30 -12.55 -107.20
N GLY P 505 52.38 -11.89 -107.58
CA GLY P 505 53.67 -11.91 -106.89
C GLY P 505 54.58 -13.02 -107.36
N ALA P 506 55.88 -12.73 -107.39
CA ALA P 506 56.94 -13.67 -107.77
C ALA P 506 56.57 -14.51 -108.98
N ASP P 507 56.83 -15.81 -108.91
CA ASP P 507 56.05 -16.75 -109.68
C ASP P 507 54.61 -16.67 -109.19
N ASN P 508 53.65 -16.67 -110.13
CA ASN P 508 52.35 -16.07 -109.88
C ASN P 508 51.73 -16.52 -108.57
N LEU P 509 52.18 -17.64 -108.02
CA LEU P 509 51.58 -18.26 -106.85
C LEU P 509 51.41 -17.27 -105.70
N ASN P 510 50.40 -17.54 -104.88
CA ASN P 510 49.79 -16.81 -103.78
C ASN P 510 48.80 -15.81 -104.37
N PRO P 511 47.63 -15.62 -103.77
CA PRO P 511 46.63 -14.81 -104.46
C PRO P 511 46.80 -13.30 -104.40
N THR P 512 46.47 -12.70 -103.26
CA THR P 512 46.50 -11.25 -103.19
C THR P 512 46.96 -10.74 -101.84
N TYR P 513 46.17 -10.93 -100.79
CA TYR P 513 46.64 -10.56 -99.46
C TYR P 513 47.33 -11.78 -98.86
N HIS P 514 48.65 -11.76 -98.92
CA HIS P 514 49.41 -12.98 -98.66
C HIS P 514 50.87 -12.69 -98.92
N VAL P 515 51.73 -13.54 -98.37
CA VAL P 515 53.15 -13.36 -98.51
C VAL P 515 53.69 -13.97 -99.81
N ASP P 516 54.82 -13.43 -100.25
CA ASP P 516 55.59 -13.93 -101.38
C ASP P 516 56.59 -14.97 -100.89
N LYS P 517 57.58 -15.36 -101.70
CA LYS P 517 58.41 -16.51 -101.30
C LYS P 517 59.81 -16.45 -100.62
N ASN P 518 60.62 -15.37 -100.48
CA ASN P 518 60.62 -14.01 -101.04
C ASN P 518 59.75 -13.06 -100.25
N GLY P 519 59.18 -13.54 -99.15
CA GLY P 519 57.92 -13.02 -98.70
C GLY P 519 57.81 -11.52 -98.63
N THR P 520 56.92 -11.03 -99.48
CA THR P 520 56.54 -9.64 -99.58
C THR P 520 55.04 -9.63 -99.79
N TYR P 521 54.34 -8.95 -98.91
CA TYR P 521 52.89 -8.94 -98.94
C TYR P 521 52.41 -8.47 -100.30
N ILE P 522 51.60 -9.29 -100.97
CA ILE P 522 51.18 -8.96 -102.32
C ILE P 522 50.16 -7.83 -102.27
N GLN P 523 50.35 -6.87 -103.05
CA GLN P 523 49.40 -5.78 -102.91
C GLN P 523 48.19 -6.00 -103.81
N PRO P 524 47.03 -5.56 -103.36
CA PRO P 524 45.83 -5.63 -104.20
C PRO P 524 45.96 -4.71 -105.40
N THR P 525 45.63 -5.24 -106.58
CA THR P 525 45.77 -4.52 -107.84
C THR P 525 44.41 -4.12 -108.37
N THR P 526 44.27 -2.84 -108.68
CA THR P 526 43.10 -1.99 -108.91
C THR P 526 42.10 -1.94 -107.75
N TRP P 527 40.86 -1.57 -108.06
CA TRP P 527 39.99 -0.96 -107.05
C TRP P 527 39.17 -2.00 -106.30
N ASP P 528 38.61 -2.98 -107.01
CA ASP P 528 37.72 -3.94 -106.38
C ASP P 528 38.41 -4.81 -105.36
N MET P 529 39.71 -5.07 -105.55
CA MET P 529 40.49 -5.83 -104.58
C MET P 529 40.26 -5.32 -103.18
N CYS P 530 40.75 -4.11 -102.90
CA CYS P 530 40.31 -3.38 -101.72
C CYS P 530 38.80 -3.30 -101.76
N PHE P 531 38.15 -3.69 -100.67
CA PHE P 531 36.72 -3.88 -100.76
C PHE P 531 36.00 -2.63 -100.27
N PRO P 532 35.44 -1.83 -101.16
CA PRO P 532 34.89 -0.54 -100.73
C PRO P 532 33.54 -0.73 -100.07
N VAL P 533 33.27 0.07 -99.05
CA VAL P 533 31.90 0.14 -98.58
C VAL P 533 31.08 0.90 -99.61
N LYS P 534 29.77 0.78 -99.49
CA LYS P 534 28.76 1.51 -100.25
C LYS P 534 28.47 0.80 -101.57
N THR P 535 29.20 -0.26 -101.90
CA THR P 535 28.88 -1.09 -103.04
C THR P 535 27.99 -2.26 -102.68
N ASN P 536 27.61 -2.39 -101.42
CA ASN P 536 26.86 -3.55 -100.96
C ASN P 536 25.56 -3.12 -100.29
N ILE P 537 24.87 -4.12 -99.77
CA ILE P 537 23.55 -4.00 -99.15
C ILE P 537 22.63 -3.29 -100.14
N ASN P 538 21.66 -2.54 -99.62
CA ASN P 538 20.78 -1.67 -100.38
C ASN P 538 20.12 -0.74 -99.39
N LYS P 539 19.57 0.36 -99.88
CA LYS P 539 18.71 1.19 -99.06
C LYS P 539 17.56 1.72 -99.92
N VAL P 540 16.35 1.60 -99.39
CA VAL P 540 15.25 2.35 -99.97
C VAL P 540 15.48 3.82 -99.65
N LEU P 541 15.47 4.65 -100.68
CA LEU P 541 15.70 6.07 -100.46
C LEU P 541 14.48 6.72 -99.83
N GLY Q 34 61.73 -11.23 -53.92
CA GLY Q 34 62.17 -10.15 -54.79
C GLY Q 34 61.68 -10.26 -56.21
N SER Q 35 62.11 -9.31 -57.06
CA SER Q 35 61.72 -9.30 -58.46
C SER Q 35 62.76 -8.55 -59.26
N GLY Q 36 62.74 -8.76 -60.57
CA GLY Q 36 63.63 -8.08 -61.48
C GLY Q 36 64.80 -8.94 -61.91
N VAL Q 37 65.67 -8.34 -62.71
CA VAL Q 37 66.89 -9.01 -63.14
C VAL Q 37 67.73 -9.36 -61.92
N GLY Q 38 68.38 -10.52 -61.96
CA GLY Q 38 69.19 -10.97 -60.85
C GLY Q 38 68.45 -11.80 -59.83
N ILE Q 39 67.16 -12.04 -60.03
CA ILE Q 39 66.36 -12.87 -59.14
C ILE Q 39 65.73 -13.94 -60.02
N SER Q 40 66.10 -15.20 -59.81
CA SER Q 40 65.58 -16.27 -60.64
C SER Q 40 64.09 -16.43 -60.41
N THR Q 41 63.35 -16.73 -61.47
CA THR Q 41 61.90 -16.78 -61.34
C THR Q 41 61.42 -18.10 -60.75
N GLY Q 42 61.98 -19.21 -61.22
CA GLY Q 42 61.61 -20.51 -60.69
C GLY Q 42 62.80 -21.44 -60.77
N GLY Q 43 62.71 -22.53 -60.02
CA GLY Q 43 63.79 -23.49 -59.93
C GLY Q 43 63.56 -24.72 -60.81
N TRP Q 44 64.55 -25.59 -60.81
CA TRP Q 44 64.49 -26.82 -61.55
C TRP Q 44 63.49 -27.78 -60.90
N VAL Q 45 62.95 -28.69 -61.71
CA VAL Q 45 61.88 -29.58 -61.28
C VAL Q 45 62.05 -30.92 -61.97
N GLY Q 46 61.63 -31.99 -61.30
CA GLY Q 46 61.58 -33.29 -61.93
C GLY Q 46 61.43 -34.40 -60.89
N GLY Q 47 61.55 -35.65 -61.38
CA GLY Q 47 61.72 -36.81 -60.53
C GLY Q 47 60.52 -37.74 -60.39
N SER Q 48 59.44 -37.46 -61.09
CA SER Q 48 58.17 -38.18 -61.03
C SER Q 48 57.58 -38.37 -59.64
N TYR Q 49 56.66 -39.32 -59.49
CA TYR Q 49 55.95 -39.47 -58.22
C TYR Q 49 55.48 -40.88 -57.88
N PHE Q 50 54.51 -41.40 -58.65
CA PHE Q 50 53.91 -42.73 -58.48
C PHE Q 50 53.11 -43.01 -57.22
N THR Q 51 51.88 -42.53 -57.17
CA THR Q 51 50.84 -43.01 -56.26
C THR Q 51 49.86 -43.89 -57.02
N ASP Q 52 49.25 -44.84 -56.32
CA ASP Q 52 48.31 -45.80 -56.91
C ASP Q 52 47.27 -45.15 -57.79
N SER Q 53 46.73 -44.01 -57.38
CA SER Q 53 45.67 -43.37 -58.14
C SER Q 53 46.21 -42.53 -59.29
N TYR Q 54 47.40 -41.96 -59.17
CA TYR Q 54 47.91 -41.08 -60.21
C TYR Q 54 49.42 -41.03 -60.15
N VAL Q 55 50.01 -40.63 -61.27
CA VAL Q 55 51.45 -40.47 -61.42
C VAL Q 55 51.72 -39.06 -61.89
N ILE Q 56 52.57 -38.33 -61.16
CA ILE Q 56 52.96 -36.98 -61.51
C ILE Q 56 54.38 -37.01 -62.05
N THR Q 57 54.54 -36.76 -63.34
CA THR Q 57 55.85 -36.66 -63.95
C THR Q 57 56.21 -35.20 -64.11
N LYS Q 58 57.42 -34.86 -63.69
CA LYS Q 58 57.91 -33.49 -63.73
C LYS Q 58 59.18 -33.47 -64.56
N ASN Q 59 59.34 -32.44 -65.38
CA ASN Q 59 60.50 -32.33 -66.25
C ASN Q 59 60.84 -30.87 -66.42
N THR Q 60 62.11 -30.61 -66.74
CA THR Q 60 62.59 -29.26 -66.95
C THR Q 60 63.65 -29.30 -68.03
N ARG Q 61 63.75 -28.23 -68.82
CA ARG Q 61 64.63 -28.21 -69.97
C ARG Q 61 65.33 -26.88 -70.08
N GLN Q 62 66.32 -26.84 -70.96
CA GLN Q 62 66.97 -25.61 -71.37
C GLN Q 62 66.75 -25.49 -72.87
N PHE Q 63 66.21 -24.36 -73.31
CA PHE Q 63 65.85 -24.21 -74.71
C PHE Q 63 66.45 -22.93 -75.26
N LEU Q 64 66.45 -22.79 -76.58
CA LEU Q 64 66.81 -21.52 -77.17
C LEU Q 64 66.01 -21.25 -78.44
N VAL Q 65 65.67 -19.98 -78.64
CA VAL Q 65 64.91 -19.52 -79.79
C VAL Q 65 65.88 -18.74 -80.68
N LYS Q 66 65.90 -19.09 -81.97
CA LYS Q 66 67.00 -18.73 -82.84
C LYS Q 66 66.73 -17.54 -83.76
N ILE Q 67 65.53 -16.95 -83.74
CA ILE Q 67 65.09 -16.04 -84.80
C ILE Q 67 65.10 -16.76 -86.13
N GLN Q 68 64.11 -17.61 -86.36
CA GLN Q 68 64.00 -18.26 -87.66
C GLN Q 68 63.36 -17.34 -88.69
N ASN Q 69 63.85 -17.45 -89.93
CA ASN Q 69 63.16 -16.90 -91.10
C ASN Q 69 63.11 -15.38 -91.09
N ASN Q 70 64.21 -14.74 -90.68
CA ASN Q 70 64.22 -13.32 -90.36
C ASN Q 70 63.04 -13.13 -89.41
N HIS Q 71 62.28 -12.04 -89.49
CA HIS Q 71 60.96 -12.05 -88.87
C HIS Q 71 59.84 -12.16 -89.87
N GLN Q 72 60.15 -12.13 -91.16
CA GLN Q 72 59.14 -12.27 -92.19
C GLN Q 72 58.75 -13.73 -92.38
N TYR Q 73 57.60 -13.92 -93.02
CA TYR Q 73 56.92 -15.20 -93.21
C TYR Q 73 57.38 -15.98 -94.42
N LYS Q 74 57.22 -15.42 -95.61
CA LYS Q 74 57.36 -16.09 -96.90
C LYS Q 74 56.41 -17.26 -97.06
N THR Q 75 56.77 -18.20 -97.94
CA THR Q 75 55.93 -19.35 -98.27
C THR Q 75 56.80 -20.59 -98.38
N GLU Q 76 57.83 -20.51 -99.23
CA GLU Q 76 58.98 -21.39 -99.37
C GLU Q 76 58.84 -22.59 -100.30
N LEU Q 77 57.62 -22.97 -100.70
CA LEU Q 77 57.40 -23.96 -101.76
C LEU Q 77 58.42 -25.09 -101.70
N ILE Q 78 58.30 -25.94 -100.67
CA ILE Q 78 59.46 -26.68 -100.16
C ILE Q 78 60.18 -27.48 -101.23
N SER Q 79 59.65 -28.66 -101.58
CA SER Q 79 60.09 -29.53 -102.67
C SER Q 79 61.52 -30.02 -102.48
N PRO Q 80 61.84 -31.21 -102.97
CA PRO Q 80 63.19 -31.44 -103.47
C PRO Q 80 63.19 -31.28 -104.99
N SER Q 81 64.34 -31.44 -105.63
CA SER Q 81 64.33 -31.58 -107.09
C SER Q 81 65.36 -32.59 -107.60
N THR Q 82 64.97 -33.66 -108.31
CA THR Q 82 63.66 -34.36 -108.35
C THR Q 82 62.36 -33.54 -108.38
N SER Q 83 62.26 -32.64 -109.36
CA SER Q 83 61.10 -31.77 -109.49
C SER Q 83 59.80 -32.55 -109.60
N GLN Q 84 59.86 -33.85 -109.90
CA GLN Q 84 58.67 -34.70 -109.91
C GLN Q 84 58.04 -34.82 -108.52
N GLY Q 85 58.70 -34.34 -107.48
CA GLY Q 85 58.19 -34.50 -106.13
C GLY Q 85 56.90 -33.73 -105.90
N LYS Q 86 56.40 -33.85 -104.67
CA LYS Q 86 55.13 -33.22 -104.33
C LYS Q 86 55.23 -31.71 -104.34
N SER Q 87 56.30 -31.16 -103.77
CA SER Q 87 56.58 -29.73 -103.81
C SER Q 87 55.49 -28.92 -103.10
N GLN Q 88 55.15 -29.35 -101.89
CA GLN Q 88 54.19 -28.60 -101.09
C GLN Q 88 54.70 -27.19 -100.85
N ARG Q 89 53.77 -26.22 -100.92
CA ARG Q 89 54.20 -24.82 -100.86
C ARG Q 89 54.44 -24.37 -99.43
N CYS Q 90 53.63 -24.86 -98.50
CA CYS Q 90 53.67 -24.49 -97.09
C CYS Q 90 53.65 -23.00 -96.80
N VAL Q 91 54.10 -22.63 -95.61
CA VAL Q 91 54.28 -21.26 -95.14
C VAL Q 91 55.32 -21.32 -94.03
N SER Q 92 56.20 -20.35 -93.99
CA SER Q 92 57.16 -20.29 -92.90
C SER Q 92 56.80 -19.09 -92.04
N THR Q 93 57.11 -19.16 -90.76
CA THR Q 93 56.79 -18.09 -89.83
C THR Q 93 58.00 -17.80 -88.96
N PRO Q 94 58.09 -16.61 -88.38
CA PRO Q 94 59.17 -16.34 -87.42
C PRO Q 94 59.04 -17.13 -86.14
N TRP Q 95 57.89 -17.75 -85.90
CA TRP Q 95 57.61 -18.37 -84.62
C TRP Q 95 58.26 -19.74 -84.50
N SER Q 96 58.57 -20.10 -83.27
CA SER Q 96 58.98 -21.44 -82.89
C SER Q 96 57.98 -21.95 -81.87
N TYR Q 97 57.95 -23.27 -81.66
CA TYR Q 97 56.93 -23.82 -80.80
C TYR Q 97 57.49 -24.93 -79.94
N PHE Q 98 56.81 -25.17 -78.82
CA PHE Q 98 57.13 -26.25 -77.91
C PHE Q 98 56.28 -27.46 -78.25
N ASN Q 99 56.93 -28.57 -78.57
CA ASN Q 99 56.25 -29.84 -78.79
C ASN Q 99 56.52 -30.72 -77.58
N PHE Q 100 55.50 -30.98 -76.79
CA PHE Q 100 55.63 -31.85 -75.62
C PHE Q 100 55.16 -33.26 -75.88
N ASN Q 101 54.81 -33.61 -77.11
CA ASN Q 101 54.06 -34.83 -77.37
C ASN Q 101 55.03 -35.96 -77.64
N GLN Q 102 55.18 -36.84 -76.65
CA GLN Q 102 55.89 -38.10 -76.72
C GLN Q 102 55.92 -38.66 -75.31
N TYR Q 103 56.08 -39.98 -75.19
CA TYR Q 103 56.18 -40.53 -73.85
C TYR Q 103 57.61 -40.45 -73.33
N SER Q 104 58.59 -40.74 -74.17
CA SER Q 104 59.98 -40.77 -73.72
C SER Q 104 60.44 -39.43 -73.20
N SER Q 105 59.71 -38.37 -73.45
CA SER Q 105 60.07 -37.08 -72.91
C SER Q 105 59.70 -36.97 -71.44
N HIS Q 106 58.55 -37.51 -71.07
CA HIS Q 106 58.02 -37.34 -69.72
C HIS Q 106 58.36 -38.49 -68.79
N PHE Q 107 58.90 -39.59 -69.29
CA PHE Q 107 59.15 -40.77 -68.48
C PHE Q 107 60.58 -41.23 -68.65
N SER Q 108 61.30 -41.36 -67.55
CA SER Q 108 62.59 -42.01 -67.60
C SER Q 108 62.39 -43.47 -67.94
N PRO Q 109 63.42 -44.13 -68.45
CA PRO Q 109 63.30 -45.56 -68.71
C PRO Q 109 62.90 -46.38 -67.51
N GLN Q 110 63.13 -45.88 -66.29
CA GLN Q 110 62.58 -46.56 -65.13
C GLN Q 110 61.15 -46.14 -64.79
N ASP Q 111 60.83 -44.84 -64.88
CA ASP Q 111 59.46 -44.43 -64.62
C ASP Q 111 58.50 -45.13 -65.56
N TRP Q 112 58.71 -45.00 -66.85
CA TRP Q 112 58.21 -45.99 -67.78
C TRP Q 112 58.82 -47.31 -67.38
N GLN Q 113 58.05 -48.39 -67.48
CA GLN Q 113 58.36 -49.70 -66.90
C GLN Q 113 58.05 -49.77 -65.42
N ARG Q 114 57.95 -48.65 -64.72
CA ARG Q 114 57.29 -48.74 -63.44
C ARG Q 114 55.80 -48.70 -63.59
N LEU Q 115 55.27 -47.89 -64.51
CA LEU Q 115 53.85 -47.97 -64.81
C LEU Q 115 53.51 -49.09 -65.76
N THR Q 116 54.37 -49.37 -66.73
CA THR Q 116 54.08 -50.43 -67.68
C THR Q 116 53.99 -51.77 -66.96
N ASN Q 117 54.78 -51.96 -65.91
CA ASN Q 117 54.69 -53.19 -65.15
C ASN Q 117 53.55 -53.14 -64.14
N GLU Q 118 53.35 -52.01 -63.47
CA GLU Q 118 52.50 -51.99 -62.29
C GLU Q 118 51.08 -51.52 -62.51
N TYR Q 119 50.70 -51.14 -63.73
CA TYR Q 119 49.37 -50.57 -63.90
C TYR Q 119 48.65 -51.10 -65.13
N LYS Q 120 47.32 -51.21 -65.02
CA LYS Q 120 46.50 -51.59 -66.17
C LYS Q 120 46.50 -50.52 -67.23
N ARG Q 121 46.21 -49.29 -66.83
CA ARG Q 121 45.87 -48.27 -67.80
C ARG Q 121 46.22 -46.92 -67.24
N PHE Q 122 46.43 -45.97 -68.13
CA PHE Q 122 46.76 -44.62 -67.72
C PHE Q 122 46.35 -43.66 -68.81
N ARG Q 123 46.02 -42.44 -68.42
CA ARG Q 123 45.79 -41.38 -69.37
C ARG Q 123 46.25 -40.09 -68.71
N PRO Q 124 46.78 -39.15 -69.46
CA PRO Q 124 47.17 -37.88 -68.85
C PRO Q 124 45.95 -37.12 -68.37
N LYS Q 125 45.98 -36.73 -67.11
CA LYS Q 125 44.88 -36.00 -66.52
C LYS Q 125 44.98 -34.50 -66.79
N GLY Q 126 46.17 -33.93 -66.65
CA GLY Q 126 46.36 -32.51 -66.78
C GLY Q 126 47.80 -32.21 -67.12
N MET Q 127 48.06 -30.93 -67.39
CA MET Q 127 49.38 -30.52 -67.81
C MET Q 127 49.61 -29.08 -67.35
N HIS Q 128 50.82 -28.80 -66.91
CA HIS Q 128 51.16 -27.49 -66.39
C HIS Q 128 52.55 -27.14 -66.90
N VAL Q 129 52.66 -26.03 -67.61
CA VAL Q 129 53.91 -25.64 -68.26
C VAL Q 129 54.31 -24.27 -67.76
N LYS Q 130 55.62 -24.09 -67.52
CA LYS Q 130 56.13 -22.83 -67.01
C LYS Q 130 57.37 -22.44 -67.79
N ILE Q 131 57.32 -21.28 -68.43
CA ILE Q 131 58.50 -20.66 -69.01
C ILE Q 131 59.07 -19.74 -67.94
N TYR Q 132 60.38 -19.79 -67.74
CA TYR Q 132 61.00 -18.93 -66.74
C TYR Q 132 62.50 -18.92 -66.97
N ASN Q 133 63.18 -18.12 -66.16
CA ASN Q 133 64.63 -17.95 -66.24
C ASN Q 133 65.08 -17.62 -67.66
N LEU Q 134 64.45 -16.61 -68.25
CA LEU Q 134 64.73 -16.25 -69.63
C LEU Q 134 66.02 -15.45 -69.72
N GLN Q 135 66.67 -15.53 -70.88
CA GLN Q 135 67.91 -14.80 -71.13
C GLN Q 135 67.93 -14.38 -72.59
N ILE Q 136 68.31 -13.13 -72.85
CA ILE Q 136 68.46 -12.64 -74.21
C ILE Q 136 69.92 -12.26 -74.38
N LYS Q 137 70.63 -12.97 -75.25
CA LYS Q 137 72.08 -12.87 -75.22
C LYS Q 137 72.72 -12.02 -76.31
N GLN Q 138 71.98 -11.49 -77.27
CA GLN Q 138 72.53 -10.48 -78.18
C GLN Q 138 73.78 -10.98 -78.91
N ILE Q 139 73.57 -11.84 -79.90
CA ILE Q 139 74.69 -12.31 -80.73
C ILE Q 139 75.42 -11.12 -81.33
N LEU Q 140 76.75 -11.17 -81.30
CA LEU Q 140 77.58 -10.23 -82.05
C LEU Q 140 78.60 -10.99 -82.88
N SER Q 141 78.99 -10.38 -83.99
CA SER Q 141 80.02 -10.92 -84.86
C SER Q 141 80.97 -9.81 -85.26
N ASN Q 142 82.23 -9.95 -84.89
CA ASN Q 142 83.30 -9.07 -85.36
C ASN Q 142 83.95 -9.61 -86.62
N GLY Q 143 83.39 -10.67 -87.17
CA GLY Q 143 84.02 -11.49 -88.18
C GLY Q 143 84.64 -12.70 -87.51
N ALA Q 144 84.55 -13.85 -88.16
CA ALA Q 144 84.87 -15.16 -87.58
C ALA Q 144 84.15 -15.25 -86.23
N ASP Q 145 84.74 -15.87 -85.21
CA ASP Q 145 84.41 -15.79 -83.79
C ASP Q 145 82.92 -15.75 -83.46
N THR Q 146 82.58 -14.99 -82.42
CA THR Q 146 81.28 -14.47 -82.00
C THR Q 146 81.47 -13.87 -80.61
N THR Q 147 80.55 -13.04 -80.17
CA THR Q 147 80.52 -12.59 -78.78
C THR Q 147 79.06 -12.45 -78.36
N TYR Q 148 78.82 -12.62 -77.07
CA TYR Q 148 77.48 -12.57 -76.51
C TYR Q 148 77.53 -11.58 -75.35
N ASN Q 149 76.86 -10.43 -75.51
CA ASN Q 149 76.99 -9.37 -74.52
C ASN Q 149 75.96 -9.54 -73.42
N ASN Q 150 75.25 -10.65 -73.42
CA ASN Q 150 73.98 -10.78 -72.73
C ASN Q 150 73.10 -9.69 -73.28
N ASP Q 151 72.19 -9.17 -72.47
CA ASP Q 151 71.31 -8.09 -72.88
C ASP Q 151 70.33 -7.85 -71.75
N LEU Q 152 69.73 -6.67 -71.75
CA LEU Q 152 68.56 -6.39 -70.97
C LEU Q 152 67.66 -5.57 -71.87
N THR Q 153 66.50 -5.16 -71.35
CA THR Q 153 65.53 -4.41 -72.12
C THR Q 153 65.25 -5.07 -73.46
N ALA Q 154 65.11 -6.38 -73.46
CA ALA Q 154 64.71 -7.15 -74.63
C ALA Q 154 63.55 -8.05 -74.25
N GLY Q 155 62.90 -8.65 -75.24
CA GLY Q 155 61.64 -9.30 -75.01
C GLY Q 155 61.48 -10.55 -75.84
N VAL Q 156 60.51 -11.36 -75.43
CA VAL Q 156 60.20 -12.63 -76.06
C VAL Q 156 58.69 -12.76 -76.09
N HIS Q 157 58.15 -13.03 -77.28
CA HIS Q 157 56.73 -13.27 -77.44
C HIS Q 157 56.42 -14.72 -77.08
N ILE Q 158 55.36 -14.93 -76.32
CA ILE Q 158 54.92 -16.27 -75.95
C ILE Q 158 53.43 -16.35 -76.12
N PHE Q 159 52.98 -17.29 -76.92
CA PHE Q 159 51.58 -17.40 -77.30
C PHE Q 159 51.13 -18.84 -77.19
N CYS Q 160 49.93 -19.05 -76.68
CA CYS Q 160 49.36 -20.38 -76.53
C CYS Q 160 48.00 -20.44 -77.22
N ASP Q 161 47.63 -21.64 -77.67
CA ASP Q 161 46.33 -21.87 -78.29
C ASP Q 161 45.40 -22.56 -77.31
N GLY Q 162 44.40 -21.84 -76.81
CA GLY Q 162 43.35 -22.50 -76.07
C GLY Q 162 42.20 -22.87 -76.96
N GLU Q 163 42.04 -22.14 -78.05
CA GLU Q 163 40.96 -22.38 -78.99
C GLU Q 163 41.34 -23.34 -80.10
N HIS Q 164 42.63 -23.62 -80.27
CA HIS Q 164 43.17 -24.33 -81.41
C HIS Q 164 42.77 -23.71 -82.73
N ALA Q 165 42.52 -22.41 -82.76
CA ALA Q 165 42.70 -21.66 -83.99
C ALA Q 165 44.17 -21.71 -84.35
N TYR Q 166 44.47 -21.47 -85.61
CA TYR Q 166 45.79 -21.59 -86.20
C TYR Q 166 46.10 -23.05 -86.54
N PRO Q 167 46.93 -23.26 -87.55
CA PRO Q 167 47.11 -24.61 -88.12
C PRO Q 167 47.78 -25.65 -87.23
N ASN Q 168 48.26 -25.31 -86.03
CA ASN Q 168 48.79 -26.24 -85.02
C ASN Q 168 49.83 -27.23 -85.55
N ALA Q 169 51.08 -26.76 -85.66
CA ALA Q 169 52.16 -27.53 -86.27
C ALA Q 169 52.22 -28.97 -85.79
N THR Q 170 51.97 -29.23 -84.51
CA THR Q 170 52.27 -30.53 -83.92
C THR Q 170 51.65 -31.65 -84.72
N HIS Q 171 52.48 -32.59 -85.13
CA HIS Q 171 52.13 -33.84 -85.79
C HIS Q 171 52.71 -34.95 -84.93
N PRO Q 172 52.03 -36.09 -84.79
CA PRO Q 172 52.44 -37.07 -83.78
C PRO Q 172 53.91 -37.45 -83.80
N TRP Q 173 54.48 -37.80 -84.94
CA TRP Q 173 55.83 -38.35 -84.92
C TRP Q 173 56.85 -37.22 -84.96
N ASP Q 174 56.98 -36.59 -86.12
CA ASP Q 174 57.88 -35.44 -86.30
C ASP Q 174 59.25 -35.81 -85.76
N GLU Q 175 59.86 -34.97 -84.95
CA GLU Q 175 61.21 -35.10 -84.47
C GLU Q 175 61.15 -34.55 -83.06
N ASP Q 176 62.32 -34.27 -82.48
CA ASP Q 176 62.45 -33.27 -81.40
C ASP Q 176 61.50 -33.64 -80.25
N VAL Q 177 60.43 -32.88 -80.02
CA VAL Q 177 59.66 -32.89 -78.79
C VAL Q 177 60.67 -32.50 -77.73
N MET Q 178 60.54 -32.99 -76.52
CA MET Q 178 61.56 -32.73 -75.53
C MET Q 178 62.65 -33.76 -75.69
N PRO Q 179 63.90 -33.42 -75.44
CA PRO Q 179 64.92 -34.46 -75.45
C PRO Q 179 64.59 -35.44 -74.33
N GLU Q 180 64.57 -36.73 -74.66
CA GLU Q 180 64.19 -37.72 -73.67
C GLU Q 180 65.06 -37.63 -72.44
N LEU Q 181 66.22 -37.01 -72.57
CA LEU Q 181 67.24 -36.95 -71.54
C LEU Q 181 67.34 -35.52 -71.05
N PRO Q 182 67.15 -35.20 -69.77
CA PRO Q 182 67.31 -33.80 -69.34
C PRO Q 182 68.74 -33.33 -69.51
N TYR Q 183 69.05 -32.13 -69.03
CA TYR Q 183 70.38 -31.51 -69.16
C TYR Q 183 70.76 -31.33 -70.61
N GLN Q 184 69.98 -31.88 -71.52
CA GLN Q 184 70.22 -31.77 -72.94
C GLN Q 184 69.42 -30.59 -73.45
N THR Q 185 70.12 -29.58 -73.96
CA THR Q 185 69.45 -28.36 -74.38
C THR Q 185 68.47 -28.65 -75.50
N TRP Q 186 67.36 -27.93 -75.51
CA TRP Q 186 66.26 -28.24 -76.40
C TRP Q 186 66.12 -27.14 -77.44
N TYR Q 187 66.48 -27.43 -78.67
CA TYR Q 187 66.40 -26.47 -79.75
C TYR Q 187 65.00 -26.49 -80.34
N LEU Q 188 64.35 -25.34 -80.34
CA LEU Q 188 63.01 -25.23 -80.90
C LEU Q 188 63.07 -25.26 -82.43
N PHE Q 189 61.91 -25.53 -83.02
CA PHE Q 189 61.79 -25.66 -84.45
C PHE Q 189 60.77 -24.66 -84.99
N GLN Q 190 61.01 -24.23 -86.22
CA GLN Q 190 60.20 -23.17 -86.81
C GLN Q 190 58.77 -23.64 -87.03
N TYR Q 191 57.83 -22.72 -86.85
CA TYR Q 191 56.42 -23.02 -87.07
C TYR Q 191 56.05 -22.75 -88.52
N GLY Q 192 55.39 -23.70 -89.15
CA GLY Q 192 54.94 -23.55 -90.51
C GLY Q 192 53.69 -24.37 -90.71
N TYR Q 193 53.04 -24.15 -91.84
CA TYR Q 193 51.83 -24.88 -92.12
C TYR Q 193 51.56 -24.91 -93.61
N ILE Q 194 50.79 -25.89 -94.03
CA ILE Q 194 50.38 -26.00 -95.44
C ILE Q 194 49.11 -25.19 -95.63
N PRO Q 195 49.15 -24.06 -96.35
CA PRO Q 195 47.90 -23.35 -96.62
C PRO Q 195 46.98 -24.12 -97.54
N VAL Q 196 47.49 -24.68 -98.64
CA VAL Q 196 46.71 -25.42 -99.62
C VAL Q 196 47.63 -26.36 -100.36
N ILE Q 197 47.06 -27.47 -100.86
CA ILE Q 197 47.80 -28.39 -101.73
C ILE Q 197 48.44 -27.61 -102.86
N HIS Q 198 49.74 -27.84 -103.08
CA HIS Q 198 50.44 -27.05 -104.09
C HIS Q 198 49.90 -27.31 -105.48
N GLU Q 199 49.87 -28.58 -105.89
CA GLU Q 199 49.07 -28.91 -107.05
C GLU Q 199 47.63 -28.56 -106.74
N LEU Q 200 46.81 -28.35 -107.77
CA LEU Q 200 45.48 -27.78 -107.57
C LEU Q 200 45.59 -26.37 -107.01
N ALA Q 201 45.79 -25.40 -107.91
CA ALA Q 201 46.37 -24.06 -107.71
C ALA Q 201 47.82 -23.92 -108.15
N GLU Q 202 48.40 -24.95 -108.76
CA GLU Q 202 49.77 -24.79 -109.28
C GLU Q 202 50.04 -23.51 -110.11
N MET Q 203 49.19 -23.06 -111.03
CA MET Q 203 48.04 -23.75 -111.61
C MET Q 203 48.26 -23.78 -113.11
N GLU Q 204 47.60 -24.71 -113.82
CA GLU Q 204 47.91 -24.90 -115.22
C GLU Q 204 46.96 -24.11 -116.12
N ASP Q 205 47.49 -23.04 -116.72
CA ASP Q 205 46.80 -22.26 -117.74
C ASP Q 205 45.38 -21.92 -117.32
N SER Q 206 44.45 -21.94 -118.28
CA SER Q 206 43.01 -22.01 -118.00
C SER Q 206 42.63 -20.98 -116.87
N ASN Q 207 42.06 -21.28 -115.68
CA ASN Q 207 41.48 -22.52 -115.19
C ASN Q 207 40.15 -22.24 -114.50
N ALA Q 208 40.24 -21.44 -113.44
CA ALA Q 208 39.13 -20.93 -112.64
C ALA Q 208 38.62 -21.97 -111.66
N VAL Q 209 38.93 -23.24 -111.88
CA VAL Q 209 38.71 -24.25 -110.86
C VAL Q 209 39.89 -24.29 -109.88
N GLU Q 210 41.12 -24.14 -110.40
CA GLU Q 210 42.26 -23.98 -109.52
C GLU Q 210 42.55 -22.52 -109.20
N LYS Q 211 41.92 -21.60 -109.94
CA LYS Q 211 41.99 -20.20 -109.53
C LYS Q 211 41.30 -20.03 -108.19
N ALA Q 212 40.06 -20.47 -108.09
CA ALA Q 212 39.53 -20.78 -106.78
C ALA Q 212 40.34 -21.93 -106.18
N ILE Q 213 40.38 -21.97 -104.86
CA ILE Q 213 41.26 -22.82 -104.06
C ILE Q 213 42.66 -22.22 -104.04
N CYS Q 214 43.01 -21.43 -105.05
CA CYS Q 214 44.17 -20.57 -104.92
C CYS Q 214 43.81 -19.25 -104.27
N LEU Q 215 42.68 -18.68 -104.65
CA LEU Q 215 42.21 -17.45 -104.03
C LEU Q 215 41.81 -17.70 -102.58
N GLN Q 216 41.37 -18.90 -102.26
CA GLN Q 216 40.82 -19.14 -100.94
C GLN Q 216 41.86 -19.59 -99.94
N ILE Q 217 43.14 -19.63 -100.31
CA ILE Q 217 44.12 -20.16 -99.37
C ILE Q 217 44.13 -19.21 -98.18
N PRO Q 218 43.90 -19.70 -96.98
CA PRO Q 218 43.92 -18.82 -95.82
C PRO Q 218 45.35 -18.50 -95.43
N PHE Q 219 45.50 -17.34 -94.79
CA PHE Q 219 46.80 -16.90 -94.32
C PHE Q 219 46.68 -16.55 -92.85
N PHE Q 220 47.35 -17.33 -92.02
CA PHE Q 220 47.26 -17.20 -90.58
C PHE Q 220 48.51 -16.51 -90.06
N MET Q 221 48.33 -15.71 -89.02
CA MET Q 221 49.40 -14.94 -88.43
C MET Q 221 49.24 -15.00 -86.93
N LEU Q 222 50.33 -15.21 -86.23
CA LEU Q 222 50.24 -15.31 -84.79
C LEU Q 222 50.26 -13.96 -84.11
N GLU Q 223 50.26 -12.87 -84.88
CA GLU Q 223 50.27 -11.57 -84.24
C GLU Q 223 48.88 -11.24 -83.76
N ASN Q 224 47.95 -10.83 -84.65
CA ASN Q 224 46.53 -11.15 -84.49
C ASN Q 224 46.12 -11.21 -83.03
N SER Q 225 45.64 -12.38 -82.61
CA SER Q 225 45.29 -12.59 -81.21
C SER Q 225 46.44 -12.24 -80.28
N ASP Q 226 46.10 -11.63 -79.16
CA ASP Q 226 47.11 -11.08 -78.26
C ASP Q 226 47.90 -12.17 -77.57
N HIS Q 227 49.10 -11.81 -77.11
CA HIS Q 227 49.98 -12.72 -76.42
C HIS Q 227 50.96 -11.93 -75.57
N GLU Q 228 51.62 -12.62 -74.67
CA GLU Q 228 52.49 -11.97 -73.71
C GLU Q 228 53.90 -11.81 -74.25
N VAL Q 229 54.51 -10.67 -73.93
CA VAL Q 229 55.93 -10.46 -74.15
C VAL Q 229 56.58 -10.52 -72.77
N LEU Q 230 57.81 -11.00 -72.72
CA LEU Q 230 58.51 -11.17 -71.45
C LEU Q 230 59.90 -10.63 -71.57
N ARG Q 231 60.30 -9.78 -70.63
CA ARG Q 231 61.72 -9.53 -70.46
C ARG Q 231 62.28 -10.64 -69.59
N THR Q 232 63.53 -10.46 -69.12
CA THR Q 232 64.18 -11.51 -68.35
C THR Q 232 63.43 -11.84 -67.06
N GLY Q 233 63.21 -10.85 -66.20
CA GLY Q 233 62.67 -11.14 -64.88
C GLY Q 233 61.30 -11.78 -64.88
N GLU Q 234 60.54 -11.63 -65.95
CA GLU Q 234 59.20 -12.18 -66.03
C GLU Q 234 59.20 -13.65 -66.40
N SER Q 235 58.11 -14.33 -66.05
CA SER Q 235 57.86 -15.71 -66.45
C SER Q 235 56.41 -15.85 -66.89
N THR Q 236 56.02 -17.08 -67.23
CA THR Q 236 54.67 -17.37 -67.66
C THR Q 236 54.32 -18.80 -67.31
N GLU Q 237 53.05 -19.04 -66.99
CA GLU Q 237 52.53 -20.37 -66.74
C GLU Q 237 51.44 -20.69 -67.74
N PHE Q 238 51.24 -21.97 -68.01
CA PHE Q 238 50.13 -22.44 -68.80
C PHE Q 238 49.62 -23.74 -68.20
N THR Q 239 48.30 -23.91 -68.22
CA THR Q 239 47.68 -25.14 -67.75
C THR Q 239 46.88 -25.77 -68.88
N PHE Q 240 46.65 -27.07 -68.74
CA PHE Q 240 45.86 -27.80 -69.71
C PHE Q 240 45.10 -28.90 -68.99
N ASN Q 241 43.90 -29.19 -69.48
CA ASN Q 241 43.12 -30.30 -68.99
C ASN Q 241 42.76 -31.17 -70.19
N PHE Q 242 42.61 -32.46 -69.94
CA PHE Q 242 42.44 -33.43 -71.01
C PHE Q 242 41.11 -34.15 -70.86
N ASP Q 243 40.29 -34.08 -71.90
CA ASP Q 243 39.23 -35.04 -72.11
C ASP Q 243 39.85 -36.11 -73.01
N CYS Q 244 40.08 -37.29 -72.45
CA CYS Q 244 41.07 -38.19 -73.02
C CYS Q 244 40.67 -39.63 -72.75
N GLU Q 245 40.97 -40.49 -73.70
CA GLU Q 245 40.69 -41.91 -73.58
C GLU Q 245 41.84 -42.63 -72.92
N TRP Q 246 41.53 -43.62 -72.09
CA TRP Q 246 42.56 -44.44 -71.47
C TRP Q 246 43.38 -45.14 -72.54
N ILE Q 247 44.65 -45.35 -72.25
CA ILE Q 247 45.48 -46.28 -73.01
C ILE Q 247 45.75 -47.47 -72.11
N ASN Q 248 45.44 -48.66 -72.59
CA ASN Q 248 45.35 -49.84 -71.75
C ASN Q 248 46.59 -50.69 -71.88
N ASN Q 249 47.24 -50.96 -70.76
CA ASN Q 249 48.31 -51.94 -70.68
C ASN Q 249 47.71 -53.21 -70.10
N GLU Q 250 47.54 -54.21 -70.96
CA GLU Q 250 46.79 -55.42 -70.69
C GLU Q 250 46.99 -56.33 -71.89
N ARG Q 251 46.74 -57.61 -71.68
CA ARG Q 251 47.01 -58.61 -72.69
C ARG Q 251 45.90 -59.63 -72.69
N ALA Q 252 45.40 -59.94 -73.87
CA ALA Q 252 44.44 -61.03 -74.03
C ALA Q 252 45.22 -62.31 -74.31
N TYR Q 253 45.08 -63.28 -73.43
CA TYR Q 253 45.78 -64.54 -73.59
C TYR Q 253 45.14 -65.44 -74.64
N ILE Q 254 43.92 -65.13 -75.06
CA ILE Q 254 43.25 -65.88 -76.12
C ILE Q 254 42.52 -64.92 -77.04
N PRO Q 255 42.26 -65.32 -78.28
CA PRO Q 255 41.40 -64.53 -79.14
C PRO Q 255 40.01 -64.42 -78.53
N PRO Q 256 39.25 -63.38 -78.89
CA PRO Q 256 37.90 -63.28 -78.33
C PRO Q 256 36.98 -64.38 -78.78
N GLY Q 257 37.21 -64.96 -79.94
CA GLY Q 257 36.41 -66.07 -80.39
C GLY Q 257 36.75 -67.40 -79.78
N LEU Q 258 37.80 -67.46 -78.96
CA LEU Q 258 38.25 -68.68 -78.35
C LEU Q 258 37.67 -68.87 -76.96
N MET Q 259 36.75 -68.01 -76.55
CA MET Q 259 36.17 -68.06 -75.21
C MET Q 259 34.96 -68.99 -75.23
N PHE Q 260 35.09 -70.14 -74.60
CA PHE Q 260 34.00 -71.10 -74.45
C PHE Q 260 34.54 -72.28 -73.67
N ASN Q 261 33.63 -73.06 -73.12
CA ASN Q 261 34.01 -74.28 -72.44
C ASN Q 261 34.05 -75.40 -73.46
N PRO Q 262 35.22 -75.86 -73.86
CA PRO Q 262 35.29 -76.88 -74.93
C PRO Q 262 34.80 -78.23 -74.47
N LEU Q 263 34.69 -78.45 -73.17
CA LEU Q 263 34.17 -79.72 -72.67
C LEU Q 263 32.70 -79.87 -73.00
N VAL Q 264 31.93 -78.80 -72.87
CA VAL Q 264 30.47 -78.90 -73.01
C VAL Q 264 30.11 -79.02 -74.47
N PRO Q 265 29.23 -79.97 -74.85
CA PRO Q 265 28.79 -80.02 -76.24
C PRO Q 265 27.97 -78.80 -76.59
N THR Q 266 27.83 -78.57 -77.90
CA THR Q 266 27.10 -77.40 -78.38
C THR Q 266 25.86 -77.85 -79.14
N ARG Q 267 24.82 -77.02 -79.09
CA ARG Q 267 23.67 -77.23 -79.94
C ARG Q 267 23.73 -76.30 -81.13
N ARG Q 268 24.13 -76.85 -82.27
CA ARG Q 268 24.37 -76.12 -83.51
C ARG Q 268 24.70 -77.16 -84.56
N ALA Q 269 24.63 -76.79 -85.84
CA ALA Q 269 24.90 -77.75 -86.88
C ALA Q 269 25.60 -77.07 -88.05
N GLN Q 270 26.32 -77.88 -88.81
CA GLN Q 270 27.06 -77.44 -89.99
C GLN Q 270 26.50 -78.14 -91.20
N TYR Q 271 25.86 -77.40 -92.08
CA TYR Q 271 25.55 -77.91 -93.41
C TYR Q 271 26.73 -77.56 -94.29
N ILE Q 272 27.17 -78.50 -95.09
CA ILE Q 272 28.29 -78.30 -95.98
C ILE Q 272 27.85 -78.63 -97.40
N ARG Q 273 28.02 -77.68 -98.31
CA ARG Q 273 27.56 -77.85 -99.68
C ARG Q 273 28.29 -78.99 -100.36
N ARG Q 274 27.65 -79.56 -101.38
CA ARG Q 274 28.32 -80.51 -102.26
C ARG Q 274 29.63 -79.93 -102.75
N ASN Q 275 30.69 -80.73 -102.67
CA ASN Q 275 32.03 -80.17 -102.85
C ASN Q 275 32.34 -79.93 -104.32
N ASN Q 276 31.71 -80.67 -105.23
CA ASN Q 276 31.91 -80.49 -106.66
C ASN Q 276 33.39 -80.56 -107.01
N ASN Q 277 33.93 -81.78 -106.94
CA ASN Q 277 35.36 -82.08 -106.94
C ASN Q 277 35.91 -81.64 -105.58
N PRO Q 278 36.89 -82.39 -105.03
CA PRO Q 278 37.21 -83.77 -105.42
C PRO Q 278 36.07 -84.78 -105.18
N GLN Q 279 35.45 -84.71 -104.00
CA GLN Q 279 34.62 -85.81 -103.51
C GLN Q 279 33.84 -85.31 -102.29
N THR Q 280 33.24 -86.22 -101.51
CA THR Q 280 32.54 -85.90 -100.27
C THR Q 280 31.30 -85.04 -100.47
N ALA Q 281 30.22 -85.70 -100.91
CA ALA Q 281 28.94 -85.03 -101.10
C ALA Q 281 28.41 -84.46 -99.78
N GLU Q 282 27.47 -83.53 -99.92
CA GLU Q 282 27.03 -82.69 -98.81
C GLU Q 282 26.55 -83.52 -97.63
N SER Q 283 26.78 -83.00 -96.43
CA SER Q 283 26.31 -83.62 -95.21
C SER Q 283 26.12 -82.55 -94.14
N THR Q 284 25.19 -82.79 -93.23
CA THR Q 284 25.01 -81.97 -92.05
C THR Q 284 25.50 -82.73 -90.81
N SER Q 285 26.02 -81.98 -89.84
CA SER Q 285 26.60 -82.59 -88.66
C SER Q 285 26.59 -81.59 -87.52
N ARG Q 286 26.68 -82.11 -86.30
CA ARG Q 286 26.76 -81.26 -85.13
C ARG Q 286 28.17 -80.72 -84.98
N ILE Q 287 28.26 -79.47 -84.55
CA ILE Q 287 29.55 -78.85 -84.33
C ILE Q 287 30.23 -79.50 -83.13
N ALA Q 288 31.52 -79.79 -83.28
CA ALA Q 288 32.27 -80.46 -82.24
C ALA Q 288 32.28 -79.63 -80.96
N PRO Q 289 32.42 -80.28 -79.80
CA PRO Q 289 32.42 -79.52 -78.54
C PRO Q 289 33.53 -78.48 -78.49
N TYR Q 290 34.74 -78.89 -78.84
CA TYR Q 290 35.80 -77.94 -79.11
C TYR Q 290 35.46 -77.19 -80.40
N ALA Q 291 36.11 -76.05 -80.60
CA ALA Q 291 35.97 -75.29 -81.84
C ALA Q 291 34.52 -74.92 -82.12
N LYS Q 292 33.89 -74.31 -81.13
CA LYS Q 292 32.56 -73.80 -81.33
C LYS Q 292 32.61 -72.51 -82.15
N PRO Q 293 31.58 -72.23 -82.92
CA PRO Q 293 31.56 -71.00 -83.70
C PRO Q 293 31.52 -69.78 -82.80
N THR Q 294 31.84 -68.64 -83.38
CA THR Q 294 31.90 -67.41 -82.60
C THR Q 294 31.25 -66.26 -83.34
N SER Q 295 30.86 -65.27 -82.56
CA SER Q 295 30.71 -63.91 -83.00
C SER Q 295 32.08 -63.25 -83.00
N TRP Q 296 32.08 -61.93 -82.99
CA TRP Q 296 33.32 -61.22 -82.71
C TRP Q 296 34.35 -61.40 -83.81
N MET Q 297 34.09 -60.71 -84.91
CA MET Q 297 34.91 -60.53 -86.08
C MET Q 297 36.23 -59.84 -85.72
N THR Q 298 37.23 -60.02 -86.57
CA THR Q 298 38.52 -59.40 -86.38
C THR Q 298 38.47 -57.91 -86.71
N GLY Q 299 39.40 -57.16 -86.15
CA GLY Q 299 39.51 -55.75 -86.41
C GLY Q 299 39.88 -55.46 -87.85
N PRO Q 300 39.57 -54.26 -88.31
CA PRO Q 300 39.77 -53.93 -89.72
C PRO Q 300 41.22 -53.62 -90.06
N GLY Q 301 41.56 -53.83 -91.32
CA GLY Q 301 42.86 -53.48 -91.83
C GLY Q 301 42.79 -53.37 -93.34
N LEU Q 302 43.85 -52.83 -93.94
CA LEU Q 302 44.01 -52.83 -95.38
C LEU Q 302 45.36 -53.40 -95.73
N LEU Q 303 45.38 -54.63 -96.26
CA LEU Q 303 46.61 -55.32 -96.57
C LEU Q 303 46.96 -55.42 -98.06
N SER Q 304 46.13 -54.94 -98.96
CA SER Q 304 46.35 -55.30 -100.37
C SER Q 304 47.42 -54.45 -101.02
N ALA Q 305 47.48 -53.17 -100.68
CA ALA Q 305 48.29 -52.18 -101.38
C ALA Q 305 49.77 -52.41 -101.16
N GLN Q 306 50.58 -51.78 -102.01
CA GLN Q 306 52.02 -51.76 -101.86
C GLN Q 306 52.52 -50.34 -102.08
N ARG Q 307 53.53 -49.94 -101.30
CA ARG Q 307 54.08 -48.61 -101.47
C ARG Q 307 54.59 -48.41 -102.88
N VAL Q 308 54.41 -47.20 -103.41
CA VAL Q 308 54.51 -46.93 -104.83
C VAL Q 308 55.65 -45.97 -105.11
N GLY Q 309 56.68 -46.47 -105.78
CA GLY Q 309 57.67 -45.63 -106.40
C GLY Q 309 58.82 -45.26 -105.50
N PRO Q 310 59.61 -44.27 -105.92
CA PRO Q 310 60.84 -43.94 -105.21
C PRO Q 310 60.55 -43.17 -103.93
N ALA Q 311 61.51 -43.22 -103.02
CA ALA Q 311 61.43 -42.45 -101.79
C ALA Q 311 61.51 -40.96 -102.10
N THR Q 312 61.05 -40.15 -101.15
CA THR Q 312 60.88 -38.70 -101.20
C THR Q 312 59.67 -38.32 -102.04
N SER Q 313 59.02 -39.28 -102.69
CA SER Q 313 57.80 -39.04 -103.46
C SER Q 313 56.53 -39.30 -102.65
N ASP Q 314 56.66 -39.53 -101.34
CA ASP Q 314 55.52 -39.88 -100.48
C ASP Q 314 54.89 -41.20 -100.92
N THR Q 315 55.56 -42.30 -100.64
CA THR Q 315 54.99 -43.60 -100.93
C THR Q 315 54.24 -44.10 -99.71
N GLY Q 316 52.91 -44.08 -99.78
CA GLY Q 316 52.12 -44.50 -98.64
C GLY Q 316 51.42 -45.83 -98.77
N ALA Q 317 51.35 -46.34 -99.99
CA ALA Q 317 50.57 -47.49 -100.46
C ALA Q 317 49.08 -47.19 -100.43
N TRP Q 318 48.62 -46.18 -99.70
CA TRP Q 318 47.25 -45.71 -99.76
C TRP Q 318 47.31 -44.20 -99.75
N MET Q 319 46.86 -43.56 -100.82
CA MET Q 319 46.83 -42.12 -100.91
C MET Q 319 45.39 -41.67 -100.79
N VAL Q 320 45.13 -40.72 -99.89
CA VAL Q 320 43.77 -40.24 -99.70
C VAL Q 320 43.39 -39.22 -100.76
N ALA Q 321 44.29 -38.30 -101.05
CA ALA Q 321 44.11 -37.24 -102.04
C ALA Q 321 42.80 -36.48 -101.93
N VAL Q 322 42.34 -35.92 -103.05
CA VAL Q 322 41.09 -35.18 -103.15
C VAL Q 322 40.38 -35.48 -104.46
N LYS Q 323 41.01 -35.10 -105.57
CA LYS Q 323 40.41 -35.18 -106.90
C LYS Q 323 39.13 -34.35 -107.04
N PRO Q 324 39.23 -33.02 -107.03
CA PRO Q 324 38.10 -32.21 -107.49
C PRO Q 324 37.80 -32.51 -108.95
N GLU Q 325 36.58 -32.17 -109.37
CA GLU Q 325 36.03 -32.76 -110.58
C GLU Q 325 36.83 -32.35 -111.82
N ASN Q 326 37.20 -31.08 -111.92
CA ASN Q 326 38.04 -30.68 -113.04
C ASN Q 326 39.49 -30.48 -112.61
N ALA Q 327 39.77 -29.34 -111.99
CA ALA Q 327 41.09 -28.93 -111.54
C ALA Q 327 42.09 -29.12 -112.69
N SER Q 328 43.30 -29.52 -112.36
CA SER Q 328 44.26 -30.12 -113.27
C SER Q 328 45.29 -30.81 -112.40
N ILE Q 329 45.96 -31.82 -112.97
CA ILE Q 329 46.88 -32.62 -112.18
C ILE Q 329 48.08 -32.97 -113.04
N ASP Q 330 49.26 -32.85 -112.44
CA ASP Q 330 50.51 -33.25 -113.06
C ASP Q 330 50.64 -34.77 -112.95
N THR Q 331 51.84 -35.30 -113.19
CA THR Q 331 52.08 -36.69 -112.85
C THR Q 331 51.65 -36.94 -111.41
N GLY Q 332 50.93 -38.03 -111.19
CA GLY Q 332 50.28 -38.25 -109.92
C GLY Q 332 48.76 -38.17 -109.98
N MET Q 333 48.01 -38.65 -108.99
CA MET Q 333 48.42 -39.35 -107.74
C MET Q 333 49.61 -38.70 -107.01
N SER Q 334 50.69 -39.46 -106.79
CA SER Q 334 51.93 -38.94 -106.24
C SER Q 334 51.71 -38.22 -104.86
N GLY Q 335 51.88 -36.91 -104.63
CA GLY Q 335 51.81 -35.77 -105.53
C GLY Q 335 50.53 -34.98 -105.30
N ILE Q 336 49.52 -35.68 -104.76
CA ILE Q 336 48.35 -35.05 -104.15
C ILE Q 336 47.96 -35.93 -102.98
N GLY Q 337 47.44 -35.30 -101.94
CA GLY Q 337 47.02 -36.03 -100.76
C GLY Q 337 48.17 -36.69 -100.02
N SER Q 338 47.79 -37.51 -99.05
CA SER Q 338 48.73 -38.01 -98.06
C SER Q 338 48.71 -39.53 -98.06
N GLY Q 339 49.86 -40.12 -97.75
CA GLY Q 339 49.91 -41.56 -97.57
C GLY Q 339 49.30 -41.97 -96.24
N PHE Q 340 48.54 -43.06 -96.26
CA PHE Q 340 47.92 -43.60 -95.06
C PHE Q 340 48.81 -44.68 -94.48
N ASP Q 341 49.24 -44.49 -93.25
CA ASP Q 341 50.25 -45.35 -92.65
C ASP Q 341 50.00 -45.52 -91.15
N PRO Q 342 50.22 -46.73 -90.61
CA PRO Q 342 50.21 -48.05 -91.26
C PRO Q 342 48.83 -48.61 -91.51
N PRO Q 343 48.54 -49.04 -92.73
CA PRO Q 343 47.58 -50.13 -92.90
C PRO Q 343 48.26 -51.50 -92.88
N GLN Q 344 47.75 -52.58 -92.27
CA GLN Q 344 47.05 -52.63 -90.99
C GLN Q 344 45.80 -51.71 -90.90
N GLY Q 345 45.39 -51.09 -89.77
CA GLY Q 345 45.75 -51.37 -88.39
C GLY Q 345 45.35 -52.76 -87.95
N SER Q 346 45.83 -53.16 -86.77
CA SER Q 346 45.64 -54.51 -86.27
C SER Q 346 46.08 -55.52 -87.32
N LEU Q 347 45.32 -56.59 -87.48
CA LEU Q 347 45.34 -57.43 -88.68
C LEU Q 347 46.77 -57.74 -89.12
N ALA Q 348 47.44 -58.65 -88.41
CA ALA Q 348 48.89 -58.76 -88.43
C ALA Q 348 49.45 -58.67 -89.85
N PRO Q 349 50.47 -57.85 -90.08
CA PRO Q 349 50.90 -57.54 -91.45
C PRO Q 349 51.65 -58.69 -92.11
N THR Q 350 51.77 -58.58 -93.42
CA THR Q 350 52.48 -59.56 -94.22
C THR Q 350 53.99 -59.37 -94.12
N ASN Q 351 54.50 -58.27 -94.64
CA ASN Q 351 55.94 -58.04 -94.57
C ASN Q 351 56.25 -56.75 -93.85
N LEU Q 352 57.55 -56.43 -93.83
CA LEU Q 352 58.07 -55.27 -93.13
C LEU Q 352 57.43 -53.98 -93.57
N GLU Q 353 56.91 -53.97 -94.81
CA GLU Q 353 56.42 -52.73 -95.41
C GLU Q 353 55.30 -52.10 -94.61
N TYR Q 354 54.54 -52.90 -93.86
CA TYR Q 354 53.44 -52.42 -93.05
C TYR Q 354 53.79 -52.27 -91.58
N LYS Q 355 55.01 -52.55 -91.19
CA LYS Q 355 55.35 -52.86 -89.80
C LYS Q 355 55.71 -51.61 -89.01
N ILE Q 356 55.46 -50.44 -89.57
CA ILE Q 356 55.95 -49.13 -89.14
C ILE Q 356 57.47 -49.20 -89.14
N GLN Q 357 58.12 -48.31 -88.39
CA GLN Q 357 59.57 -48.22 -88.24
C GLN Q 357 59.85 -46.85 -87.66
N TRP Q 358 61.00 -46.61 -87.04
CA TRP Q 358 61.48 -45.25 -86.83
C TRP Q 358 62.95 -45.28 -86.48
N TYR Q 359 63.61 -44.14 -86.64
CA TYR Q 359 65.06 -44.12 -86.46
C TYR Q 359 65.49 -43.70 -85.06
N GLN Q 360 64.56 -43.19 -84.26
CA GLN Q 360 64.83 -42.72 -82.89
C GLN Q 360 66.11 -41.91 -82.79
N THR Q 361 66.43 -41.15 -83.84
CA THR Q 361 67.67 -40.39 -83.95
C THR Q 361 67.66 -39.62 -85.25
N PRO Q 362 68.03 -38.34 -85.22
CA PRO Q 362 68.14 -37.61 -86.49
C PRO Q 362 69.32 -38.03 -87.32
N GLN Q 363 70.38 -38.53 -86.69
CA GLN Q 363 71.55 -38.98 -87.44
C GLN Q 363 71.30 -40.31 -88.14
N GLY Q 364 70.15 -40.92 -87.91
CA GLY Q 364 69.88 -42.23 -88.48
C GLY Q 364 69.88 -42.27 -89.99
N THR Q 365 70.73 -43.12 -90.55
CA THR Q 365 70.80 -43.32 -92.00
C THR Q 365 69.76 -44.36 -92.39
N ASN Q 366 69.82 -44.86 -93.63
CA ASN Q 366 68.80 -45.78 -94.10
C ASN Q 366 68.63 -46.98 -93.16
N ASN Q 367 69.69 -47.74 -92.95
CA ASN Q 367 69.70 -48.73 -91.89
C ASN Q 367 70.75 -48.32 -90.86
N ASN Q 368 70.27 -47.80 -89.74
CA ASN Q 368 70.98 -47.35 -88.55
C ASN Q 368 69.90 -46.78 -87.65
N GLY Q 369 70.10 -46.73 -86.35
CA GLY Q 369 68.94 -46.46 -85.54
C GLY Q 369 67.92 -47.52 -85.93
N ASN Q 370 66.79 -47.06 -86.46
CA ASN Q 370 65.95 -47.91 -87.31
C ASN Q 370 65.33 -49.07 -86.54
N ILE Q 371 64.76 -48.77 -85.38
CA ILE Q 371 64.09 -49.83 -84.64
C ILE Q 371 62.72 -50.07 -85.25
N ILE Q 372 62.35 -51.30 -85.39
CA ILE Q 372 61.16 -51.70 -86.14
C ILE Q 372 60.15 -52.27 -85.18
N SER Q 373 58.88 -51.93 -85.38
CA SER Q 373 57.83 -52.44 -84.51
C SER Q 373 57.73 -53.95 -84.65
N ASN Q 374 57.16 -54.58 -83.62
CA ASN Q 374 57.11 -56.02 -83.53
C ASN Q 374 55.76 -56.44 -82.94
N GLN Q 375 55.47 -57.72 -82.99
CA GLN Q 375 54.19 -58.18 -82.46
C GLN Q 375 54.22 -58.23 -80.94
N PRO Q 376 53.20 -57.74 -80.26
CA PRO Q 376 53.19 -57.79 -78.78
C PRO Q 376 53.05 -59.19 -78.24
N LEU Q 377 52.65 -60.14 -79.09
CA LEU Q 377 52.26 -61.50 -78.74
C LEU Q 377 50.93 -61.52 -78.00
N SER Q 378 50.34 -60.35 -77.74
CA SER Q 378 48.94 -60.28 -77.34
C SER Q 378 48.08 -60.88 -78.43
N MET Q 379 46.98 -61.51 -78.02
CA MET Q 379 46.17 -62.29 -78.95
C MET Q 379 45.06 -61.48 -79.61
N LEU Q 380 44.97 -60.18 -79.36
CA LEU Q 380 43.78 -59.49 -79.84
C LEU Q 380 43.66 -59.15 -81.32
N ARG Q 381 44.40 -58.24 -81.99
CA ARG Q 381 45.81 -57.76 -81.98
C ARG Q 381 46.68 -58.55 -82.97
N ASP Q 382 46.18 -59.65 -83.52
CA ASP Q 382 46.89 -60.30 -84.61
C ASP Q 382 45.97 -60.42 -85.81
N GLN Q 383 44.88 -61.19 -85.66
CA GLN Q 383 43.68 -61.01 -86.46
C GLN Q 383 43.93 -61.17 -87.96
N ALA Q 384 44.12 -62.41 -88.38
CA ALA Q 384 43.97 -62.70 -89.78
C ALA Q 384 42.49 -62.77 -90.14
N LEU Q 385 42.21 -63.03 -91.42
CA LEU Q 385 40.88 -63.43 -91.83
C LEU Q 385 41.03 -64.21 -93.14
N PHE Q 386 40.16 -65.20 -93.34
CA PHE Q 386 40.44 -66.26 -94.29
C PHE Q 386 39.39 -66.40 -95.38
N ARG Q 387 38.12 -66.58 -95.04
CA ARG Q 387 37.09 -66.75 -96.06
C ARG Q 387 37.44 -68.00 -96.89
N GLY Q 388 37.08 -68.03 -98.17
CA GLY Q 388 37.47 -69.08 -99.09
C GLY Q 388 37.09 -70.48 -98.65
N ASN Q 389 37.56 -71.46 -99.40
CA ASN Q 389 37.53 -71.42 -100.86
C ASN Q 389 36.42 -72.37 -101.25
N GLN Q 390 35.83 -72.99 -100.21
CA GLN Q 390 35.13 -74.27 -100.17
C GLN Q 390 36.13 -75.41 -100.05
N THR Q 391 37.41 -75.16 -100.26
CA THR Q 391 38.46 -76.15 -100.16
C THR Q 391 39.57 -75.67 -99.22
N THR Q 392 40.14 -74.50 -99.50
CA THR Q 392 41.23 -73.94 -98.72
C THR Q 392 40.80 -72.58 -98.18
N TYR Q 393 41.40 -72.15 -97.08
CA TYR Q 393 41.26 -70.79 -96.62
C TYR Q 393 42.32 -69.91 -97.25
N ASN Q 394 41.95 -68.70 -97.63
CA ASN Q 394 42.86 -67.78 -98.31
C ASN Q 394 42.81 -66.41 -97.65
N LEU Q 395 43.93 -66.00 -97.03
CA LEU Q 395 43.98 -64.71 -96.35
C LEU Q 395 43.48 -63.60 -97.25
N CYS Q 396 42.55 -62.80 -96.73
CA CYS Q 396 41.83 -61.83 -97.54
C CYS Q 396 42.32 -60.41 -97.24
N SER Q 397 42.54 -59.65 -98.31
CA SER Q 397 42.82 -58.23 -98.25
C SER Q 397 41.59 -57.47 -97.77
N ASP Q 398 41.80 -56.20 -97.40
CA ASP Q 398 40.77 -55.36 -96.83
C ASP Q 398 40.36 -55.89 -95.46
N VAL Q 399 39.09 -56.26 -95.28
CA VAL Q 399 38.42 -56.32 -93.97
C VAL Q 399 38.16 -54.92 -93.45
N TRP Q 400 37.11 -54.28 -93.99
CA TRP Q 400 36.59 -53.01 -93.52
C TRP Q 400 35.84 -53.18 -92.21
N MET Q 401 35.18 -52.12 -91.75
CA MET Q 401 34.44 -52.19 -90.50
C MET Q 401 33.25 -53.12 -90.62
N PHE Q 402 32.95 -53.81 -89.54
CA PHE Q 402 31.91 -54.82 -89.46
C PHE Q 402 31.37 -54.81 -88.04
N PRO Q 403 30.08 -55.15 -87.85
CA PRO Q 403 29.44 -54.90 -86.55
C PRO Q 403 30.12 -55.52 -85.33
N ASN Q 404 30.57 -56.76 -85.41
CA ASN Q 404 31.04 -57.44 -84.23
C ASN Q 404 32.53 -57.32 -84.01
N GLN Q 405 33.20 -56.47 -84.76
CA GLN Q 405 34.66 -56.47 -84.73
C GLN Q 405 35.21 -56.06 -83.38
N ILE Q 406 36.30 -56.73 -83.00
CA ILE Q 406 37.15 -56.29 -81.91
C ILE Q 406 38.59 -56.25 -82.39
N TRP Q 407 39.27 -55.15 -82.09
CA TRP Q 407 40.70 -55.07 -82.28
C TRP Q 407 41.27 -54.42 -81.04
N ASP Q 408 42.58 -54.50 -80.91
CA ASP Q 408 43.26 -53.89 -79.79
C ASP Q 408 44.08 -52.72 -80.32
N ARG Q 409 43.97 -51.59 -79.64
CA ARG Q 409 44.69 -50.41 -80.07
C ARG Q 409 46.19 -50.70 -80.06
N TYR Q 410 46.91 -49.99 -80.91
CA TYR Q 410 48.33 -50.26 -81.08
C TYR Q 410 49.03 -50.23 -79.72
N PRO Q 411 49.91 -51.20 -79.44
CA PRO Q 411 50.47 -51.34 -78.08
C PRO Q 411 51.32 -50.18 -77.64
N ILE Q 412 51.67 -49.29 -78.55
CA ILE Q 412 52.61 -48.19 -78.42
C ILE Q 412 53.91 -48.65 -77.78
N THR Q 413 54.58 -47.74 -77.07
CA THR Q 413 55.92 -47.93 -76.51
C THR Q 413 56.37 -46.59 -75.95
N ARG Q 414 57.56 -46.55 -75.35
CA ARG Q 414 58.03 -45.29 -74.77
C ARG Q 414 58.33 -44.23 -75.82
N GLU Q 415 58.56 -44.62 -77.07
CA GLU Q 415 58.97 -43.70 -78.12
C GLU Q 415 57.81 -43.01 -78.82
N ASN Q 416 56.59 -43.27 -78.44
CA ASN Q 416 55.46 -42.86 -79.24
C ASN Q 416 54.97 -41.48 -78.86
N PRO Q 417 54.28 -40.81 -79.77
CA PRO Q 417 53.55 -39.61 -79.40
C PRO Q 417 52.38 -39.92 -78.48
N ILE Q 418 52.16 -39.05 -77.50
CA ILE Q 418 51.08 -39.26 -76.55
C ILE Q 418 49.74 -39.08 -77.22
N TRP Q 419 49.55 -37.96 -77.92
CA TRP Q 419 48.25 -37.59 -78.47
C TRP Q 419 48.40 -37.18 -79.92
N CYS Q 420 47.24 -37.06 -80.56
CA CYS Q 420 47.10 -36.52 -81.90
C CYS Q 420 45.79 -35.75 -81.93
N LYS Q 421 45.75 -34.66 -82.68
CA LYS Q 421 44.54 -33.86 -82.72
C LYS Q 421 43.54 -34.46 -83.69
N LYS Q 422 42.31 -34.67 -83.22
CA LYS Q 422 41.23 -35.13 -84.07
C LYS Q 422 40.67 -33.93 -84.82
N PRO Q 423 40.82 -33.89 -86.14
CA PRO Q 423 40.35 -32.73 -86.90
C PRO Q 423 38.85 -32.55 -86.85
N ARG Q 424 38.44 -31.29 -86.75
CA ARG Q 424 37.02 -30.95 -86.66
C ARG Q 424 36.33 -31.24 -87.98
N SER Q 425 35.28 -32.05 -87.92
CA SER Q 425 34.52 -32.39 -89.12
C SER Q 425 33.13 -32.82 -88.68
N ASP Q 426 32.20 -32.79 -89.64
CA ASP Q 426 30.83 -33.15 -89.34
C ASP Q 426 30.73 -34.59 -88.85
N LYS Q 427 31.21 -35.53 -89.66
CA LYS Q 427 31.03 -36.94 -89.39
C LYS Q 427 32.37 -37.63 -89.28
N HIS Q 428 32.42 -38.69 -88.48
CA HIS Q 428 33.60 -39.52 -88.37
C HIS Q 428 33.21 -40.87 -87.81
N THR Q 429 34.10 -41.84 -88.01
CA THR Q 429 33.96 -43.19 -87.48
C THR Q 429 34.66 -43.32 -86.13
N THR Q 430 34.94 -44.56 -85.71
CA THR Q 430 35.31 -44.85 -84.32
C THR Q 430 36.46 -43.99 -83.82
N ILE Q 431 37.34 -43.52 -84.70
CA ILE Q 431 38.53 -42.75 -84.34
C ILE Q 431 39.46 -43.57 -83.46
N ASP Q 432 40.11 -44.58 -84.04
CA ASP Q 432 41.25 -45.20 -83.38
C ASP Q 432 42.48 -44.99 -84.24
N PRO Q 433 43.40 -44.10 -83.87
CA PRO Q 433 44.60 -43.91 -84.70
C PRO Q 433 45.48 -45.14 -84.67
N PHE Q 434 46.02 -45.48 -85.83
CA PHE Q 434 46.86 -46.66 -85.95
C PHE Q 434 48.31 -46.40 -85.59
N ASP Q 435 48.62 -45.18 -85.21
CA ASP Q 435 49.92 -44.83 -84.66
C ASP Q 435 49.96 -45.07 -83.16
N GLY Q 436 48.91 -45.68 -82.62
CA GLY Q 436 48.69 -45.62 -81.19
C GLY Q 436 48.28 -44.20 -80.86
N SER Q 437 49.02 -43.56 -79.97
CA SER Q 437 48.75 -42.20 -79.56
C SER Q 437 47.31 -42.06 -79.10
N LEU Q 438 46.69 -40.91 -79.39
CA LEU Q 438 45.37 -40.60 -78.89
C LEU Q 438 44.76 -39.55 -79.80
N ALA Q 439 43.45 -39.41 -79.71
CA ALA Q 439 42.74 -38.36 -80.43
C ALA Q 439 41.99 -37.52 -79.42
N MET Q 440 42.09 -36.20 -79.57
CA MET Q 440 41.38 -35.29 -78.70
C MET Q 440 40.80 -34.15 -79.52
N ASP Q 441 39.61 -33.70 -79.13
CA ASP Q 441 39.05 -32.49 -79.72
C ASP Q 441 40.04 -31.34 -79.58
N HIS Q 442 40.40 -31.03 -78.34
CA HIS Q 442 41.41 -30.03 -78.05
C HIS Q 442 42.58 -30.72 -77.35
N PRO Q 443 43.68 -30.95 -78.03
CA PRO Q 443 44.88 -31.44 -77.37
C PRO Q 443 45.52 -30.30 -76.59
N PRO Q 444 46.67 -30.52 -75.98
CA PRO Q 444 47.41 -29.39 -75.40
C PRO Q 444 47.66 -28.35 -76.47
N GLY Q 445 47.30 -27.11 -76.16
CA GLY Q 445 47.53 -26.02 -77.10
C GLY Q 445 49.01 -25.81 -77.29
N THR Q 446 49.44 -25.74 -78.55
CA THR Q 446 50.85 -25.53 -78.83
C THR Q 446 51.27 -24.15 -78.31
N ILE Q 447 52.37 -24.12 -77.59
CA ILE Q 447 52.93 -22.87 -77.08
C ILE Q 447 53.92 -22.36 -78.09
N PHE Q 448 53.68 -21.16 -78.59
CA PHE Q 448 54.53 -20.53 -79.59
C PHE Q 448 55.36 -19.46 -78.93
N ILE Q 449 56.55 -19.24 -79.47
CA ILE Q 449 57.48 -18.29 -78.88
C ILE Q 449 58.35 -17.70 -79.98
N LYS Q 450 58.65 -16.41 -79.86
CA LYS Q 450 59.34 -15.67 -80.89
C LYS Q 450 60.25 -14.66 -80.20
N MET Q 451 61.17 -14.09 -80.96
CA MET Q 451 62.24 -13.28 -80.40
C MET Q 451 61.98 -11.78 -80.40
N ALA Q 452 60.79 -11.33 -80.77
CA ALA Q 452 60.47 -9.91 -80.60
C ALA Q 452 61.41 -9.01 -81.39
N LYS Q 453 61.17 -8.88 -82.70
CA LYS Q 453 62.09 -8.18 -83.59
C LYS Q 453 62.49 -6.83 -83.02
N ILE Q 454 63.79 -6.60 -82.95
CA ILE Q 454 64.32 -5.32 -82.52
C ILE Q 454 64.99 -4.70 -83.75
N PRO Q 455 64.39 -3.71 -84.37
CA PRO Q 455 64.95 -3.17 -85.61
C PRO Q 455 66.11 -2.23 -85.32
N VAL Q 456 66.74 -1.78 -86.39
CA VAL Q 456 67.88 -0.88 -86.27
C VAL Q 456 67.75 0.16 -87.39
N PRO Q 457 68.14 1.39 -87.17
CA PRO Q 457 67.90 2.44 -88.15
C PRO Q 457 68.82 2.31 -89.35
N SER Q 458 68.32 2.71 -90.52
CA SER Q 458 69.11 2.73 -91.73
C SER Q 458 68.55 3.80 -92.66
N ASN Q 459 69.24 3.99 -93.79
CA ASN Q 459 68.85 5.02 -94.74
C ASN Q 459 67.77 4.55 -95.71
N ASN Q 460 67.87 3.32 -96.18
CA ASN Q 460 67.07 2.81 -97.28
C ASN Q 460 65.54 3.06 -97.21
N ASN Q 461 64.86 2.79 -96.08
CA ASN Q 461 65.45 2.24 -94.87
C ASN Q 461 65.13 0.76 -94.74
N ALA Q 462 65.63 0.17 -93.67
CA ALA Q 462 65.44 -1.24 -93.35
C ALA Q 462 65.92 -2.13 -94.53
N ASP Q 463 65.42 -3.35 -94.74
CA ASP Q 463 65.02 -4.27 -93.67
C ASP Q 463 66.25 -4.73 -92.91
N SER Q 464 66.25 -4.45 -91.61
CA SER Q 464 67.38 -4.79 -90.76
C SER Q 464 66.87 -4.93 -89.34
N TYR Q 465 67.56 -5.76 -88.57
CA TYR Q 465 67.12 -6.07 -87.23
C TYR Q 465 68.32 -6.50 -86.41
N LEU Q 466 68.14 -6.53 -85.11
CA LEU Q 466 69.21 -6.85 -84.19
C LEU Q 466 69.20 -8.35 -83.93
N ASN Q 467 70.38 -8.96 -83.91
CA ASN Q 467 70.51 -10.41 -83.87
C ASN Q 467 70.61 -10.86 -82.42
N ILE Q 468 69.59 -11.56 -81.95
CA ILE Q 468 69.51 -12.00 -80.55
C ILE Q 468 68.97 -13.42 -80.51
N TYR Q 469 69.04 -14.02 -79.33
CA TYR Q 469 68.39 -15.31 -79.09
C TYR Q 469 68.00 -15.38 -77.63
N CYS Q 470 67.04 -16.25 -77.34
CA CYS Q 470 66.53 -16.41 -76.00
C CYS Q 470 66.93 -17.76 -75.47
N THR Q 471 67.00 -17.86 -74.15
CA THR Q 471 67.35 -19.10 -73.49
C THR Q 471 66.61 -19.14 -72.17
N GLY Q 472 66.11 -20.32 -71.81
CA GLY Q 472 65.33 -20.38 -70.60
C GLY Q 472 64.97 -21.80 -70.28
N GLN Q 473 64.01 -21.94 -69.36
CA GLN Q 473 63.68 -23.25 -68.83
C GLN Q 473 62.19 -23.48 -68.88
N VAL Q 474 61.78 -24.54 -69.55
CA VAL Q 474 60.40 -25.00 -69.55
C VAL Q 474 60.29 -26.11 -68.52
N SER Q 475 59.23 -26.10 -67.74
CA SER Q 475 58.94 -27.20 -66.84
C SER Q 475 57.57 -27.72 -67.21
N CYS Q 476 57.51 -28.91 -67.76
CA CYS Q 476 56.25 -29.55 -68.11
C CYS Q 476 55.93 -30.57 -67.04
N GLU Q 477 54.94 -30.28 -66.22
CA GLU Q 477 54.52 -31.14 -65.12
C GLU Q 477 53.12 -31.63 -65.42
N ILE Q 478 52.98 -32.92 -65.70
CA ILE Q 478 51.70 -33.47 -66.14
C ILE Q 478 51.29 -34.57 -65.18
N VAL Q 479 49.99 -34.64 -64.92
CA VAL Q 479 49.41 -35.61 -64.00
C VAL Q 479 48.72 -36.68 -64.82
N TRP Q 480 48.87 -37.92 -64.40
CA TRP Q 480 48.38 -39.06 -65.15
C TRP Q 480 47.36 -39.79 -64.30
N GLU Q 481 46.12 -39.84 -64.76
CA GLU Q 481 45.17 -40.79 -64.17
C GLU Q 481 45.68 -42.19 -64.43
N VAL Q 482 45.79 -42.98 -63.38
CA VAL Q 482 46.43 -44.27 -63.46
C VAL Q 482 45.63 -45.27 -62.64
N GLU Q 483 45.57 -46.51 -63.12
CA GLU Q 483 44.80 -47.55 -62.46
C GLU Q 483 45.66 -48.80 -62.31
N ARG Q 484 45.61 -49.41 -61.13
CA ARG Q 484 46.52 -50.48 -60.77
C ARG Q 484 45.82 -51.83 -60.90
N TYR Q 485 46.57 -52.86 -61.29
CA TYR Q 485 45.96 -54.10 -61.72
C TYR Q 485 45.90 -55.12 -60.58
N ALA Q 486 44.81 -55.88 -60.57
CA ALA Q 486 44.69 -57.05 -59.73
C ALA Q 486 44.11 -58.17 -60.59
N THR Q 487 44.57 -59.39 -60.36
CA THR Q 487 44.11 -60.48 -61.20
C THR Q 487 44.14 -61.78 -60.41
N LYS Q 488 43.37 -62.75 -60.88
CA LYS Q 488 43.28 -64.05 -60.25
C LYS Q 488 44.20 -65.08 -60.86
N ASN Q 489 45.02 -64.68 -61.83
CA ASN Q 489 45.95 -65.62 -62.43
C ASN Q 489 46.89 -66.18 -61.37
N TRP Q 490 47.17 -67.47 -61.47
CA TRP Q 490 48.09 -68.12 -60.55
C TRP Q 490 49.54 -67.88 -60.94
N ARG Q 491 49.80 -67.73 -62.20
CA ARG Q 491 51.15 -67.77 -62.75
C ARG Q 491 51.83 -66.41 -62.77
N PRO Q 492 53.15 -66.40 -62.92
CA PRO Q 492 53.92 -65.15 -62.73
C PRO Q 492 53.64 -64.01 -63.72
N GLU Q 493 52.95 -64.26 -64.83
CA GLU Q 493 52.74 -63.24 -65.90
C GLU Q 493 54.12 -62.79 -66.41
N ARG Q 494 54.27 -61.51 -66.75
CA ARG Q 494 55.45 -61.05 -67.48
C ARG Q 494 55.71 -59.60 -67.10
N ARG Q 495 56.99 -59.23 -67.11
CA ARG Q 495 57.39 -57.87 -66.78
C ARG Q 495 58.44 -57.44 -67.78
N HIS Q 496 58.98 -56.24 -67.59
CA HIS Q 496 60.06 -55.75 -68.42
C HIS Q 496 61.34 -55.74 -67.61
N THR Q 497 62.20 -56.70 -67.88
CA THR Q 497 63.55 -56.74 -67.33
C THR Q 497 64.48 -55.88 -68.17
N THR Q 498 65.58 -55.47 -67.54
CA THR Q 498 66.72 -55.02 -68.31
C THR Q 498 67.30 -56.12 -69.19
N PHE Q 499 66.97 -57.38 -68.93
CA PHE Q 499 67.57 -58.43 -69.74
C PHE Q 499 67.09 -58.39 -71.18
N GLY Q 500 65.94 -57.79 -71.45
CA GLY Q 500 65.60 -57.50 -72.83
C GLY Q 500 66.57 -56.52 -73.45
N LEU Q 501 67.18 -55.67 -72.63
CA LEU Q 501 68.13 -54.68 -73.08
C LEU Q 501 69.46 -55.34 -73.45
N GLY Q 502 70.28 -54.61 -74.19
CA GLY Q 502 71.55 -55.15 -74.63
C GLY Q 502 72.61 -54.06 -74.67
N ILE Q 503 73.86 -54.50 -74.73
CA ILE Q 503 75.03 -53.65 -74.53
C ILE Q 503 75.35 -52.94 -75.84
N GLY Q 504 75.86 -51.72 -75.75
CA GLY Q 504 76.18 -50.98 -76.97
C GLY Q 504 76.98 -49.72 -76.70
N GLY Q 505 77.42 -49.11 -77.80
CA GLY Q 505 78.10 -47.83 -77.84
C GLY Q 505 79.61 -47.95 -77.70
N ALA Q 506 80.33 -47.08 -78.41
CA ALA Q 506 81.79 -46.99 -78.39
C ALA Q 506 82.46 -48.36 -78.43
N ASP Q 507 83.46 -48.54 -77.57
CA ASP Q 507 83.78 -49.89 -77.11
C ASP Q 507 82.58 -50.39 -76.33
N ASN Q 508 82.21 -51.65 -76.55
CA ASN Q 508 80.84 -52.09 -76.32
C ASN Q 508 80.29 -51.67 -74.96
N LEU Q 509 81.17 -51.34 -74.01
CA LEU Q 509 80.79 -51.06 -72.64
C LEU Q 509 79.67 -50.02 -72.56
N ASN Q 510 78.90 -50.15 -71.47
CA ASN Q 510 77.65 -49.50 -71.06
C ASN Q 510 76.50 -50.22 -71.76
N PRO Q 511 75.38 -50.45 -71.09
CA PRO Q 511 74.38 -51.33 -71.70
C PRO Q 511 73.49 -50.72 -72.76
N THR Q 512 72.52 -49.90 -72.35
CA THR Q 512 71.56 -49.38 -73.33
C THR Q 512 71.12 -47.96 -73.02
N TYR Q 513 70.39 -47.75 -71.93
CA TYR Q 513 70.06 -46.38 -71.56
C TYR Q 513 71.13 -45.91 -70.60
N HIS Q 514 72.06 -45.13 -71.14
CA HIS Q 514 73.29 -44.85 -70.42
C HIS Q 514 74.20 -44.04 -71.33
N VAL Q 515 75.18 -43.38 -70.72
CA VAL Q 515 76.09 -42.53 -71.47
C VAL Q 515 77.26 -43.33 -72.06
N ASP Q 516 77.83 -42.79 -73.13
CA ASP Q 516 79.04 -43.29 -73.77
C ASP Q 516 80.26 -42.64 -73.11
N LYS Q 517 81.43 -42.74 -73.71
CA LYS Q 517 82.64 -42.30 -72.99
C LYS Q 517 83.36 -40.91 -73.14
N ASN Q 518 83.17 -39.98 -74.10
CA ASN Q 518 82.46 -39.97 -75.39
C ASN Q 518 81.00 -39.63 -75.23
N GLY Q 519 80.57 -39.34 -74.00
CA GLY Q 519 79.21 -39.64 -73.61
C GLY Q 519 78.15 -39.17 -74.56
N THR Q 520 77.47 -40.19 -75.09
CA THR Q 520 76.34 -40.06 -75.98
C THR Q 520 75.37 -41.14 -75.55
N TYR Q 521 74.16 -40.74 -75.22
CA TYR Q 521 73.16 -41.64 -74.70
C TYR Q 521 72.93 -42.78 -75.68
N ILE Q 522 73.13 -44.01 -75.23
CA ILE Q 522 73.04 -45.15 -76.14
C ILE Q 522 71.59 -45.39 -76.49
N GLN Q 523 71.33 -45.55 -77.71
CA GLN Q 523 69.92 -45.69 -78.02
C GLN Q 523 69.52 -47.16 -77.98
N PRO Q 524 68.27 -47.41 -77.57
CA PRO Q 524 67.75 -48.78 -77.59
C PRO Q 524 67.62 -49.29 -79.02
N THR Q 525 68.10 -50.51 -79.24
CA THR Q 525 68.13 -51.10 -80.57
C THR Q 525 67.08 -52.21 -80.66
N THR Q 526 66.25 -52.12 -81.69
CA THR Q 526 64.96 -52.75 -81.98
C THR Q 526 63.87 -52.50 -80.93
N TRP Q 527 62.87 -53.39 -80.91
CA TRP Q 527 61.56 -53.00 -80.38
C TRP Q 527 61.44 -53.29 -78.90
N ASP Q 528 61.91 -54.45 -78.45
CA ASP Q 528 61.72 -54.85 -77.06
C ASP Q 528 62.45 -53.95 -76.08
N MET Q 529 63.57 -53.37 -76.51
CA MET Q 529 64.31 -52.42 -75.68
C MET Q 529 63.38 -51.38 -75.08
N CYS Q 530 62.85 -50.51 -75.93
CA CYS Q 530 61.70 -49.70 -75.55
C CYS Q 530 60.61 -50.63 -75.05
N PHE Q 531 60.09 -50.38 -73.87
CA PHE Q 531 59.24 -51.39 -73.25
C PHE Q 531 57.79 -51.08 -73.55
N PRO Q 532 57.14 -51.83 -74.44
CA PRO Q 532 55.79 -51.46 -74.87
C PRO Q 532 54.78 -51.87 -73.81
N VAL Q 533 53.75 -51.05 -73.64
CA VAL Q 533 52.61 -51.53 -72.89
C VAL Q 533 51.87 -52.54 -73.73
N LYS Q 534 50.99 -53.31 -73.08
CA LYS Q 534 50.06 -54.25 -73.68
C LYS Q 534 50.74 -55.60 -73.90
N THR Q 535 52.04 -55.72 -73.64
CA THR Q 535 52.72 -57.00 -73.66
C THR Q 535 52.75 -57.66 -72.29
N ASN Q 536 52.18 -57.03 -71.27
CA ASN Q 536 52.27 -57.52 -69.91
C ASN Q 536 50.89 -57.69 -69.31
N ILE Q 537 50.90 -58.06 -68.02
CA ILE Q 537 49.72 -58.38 -67.24
C ILE Q 537 48.93 -59.45 -67.99
N ASN Q 538 47.60 -59.44 -67.82
CA ASN Q 538 46.66 -60.26 -68.57
C ASN Q 538 45.29 -59.68 -68.35
N LYS Q 539 44.35 -60.03 -69.21
CA LYS Q 539 42.96 -59.71 -68.96
C LYS Q 539 42.09 -60.87 -69.41
N VAL Q 540 41.17 -61.28 -68.55
CA VAL Q 540 40.09 -62.14 -69.02
C VAL Q 540 39.19 -61.30 -69.92
N LEU Q 541 38.97 -61.79 -71.13
CA LEU Q 541 38.13 -61.06 -72.06
C LEU Q 541 36.67 -61.16 -71.67
N GLY R 34 22.52 -70.25 -37.43
CA GLY R 34 22.29 -71.53 -36.80
C GLY R 34 23.54 -72.15 -36.19
N SER R 35 23.39 -73.36 -35.66
CA SER R 35 24.49 -74.06 -35.03
C SER R 35 24.21 -75.55 -35.06
N GLY R 36 25.27 -76.34 -34.87
CA GLY R 36 25.15 -77.79 -34.80
C GLY R 36 25.58 -78.44 -36.09
N VAL R 37 25.45 -79.78 -36.10
CA VAL R 37 25.73 -80.54 -37.30
C VAL R 37 24.80 -80.11 -38.41
N GLY R 38 25.32 -80.08 -39.63
CA GLY R 38 24.54 -79.66 -40.77
C GLY R 38 24.60 -78.18 -41.06
N ILE R 39 25.35 -77.42 -40.28
CA ILE R 39 25.54 -75.99 -40.51
C ILE R 39 27.04 -75.76 -40.56
N SER R 40 27.54 -75.35 -41.72
CA SER R 40 28.97 -75.16 -41.88
C SER R 40 29.43 -74.00 -41.00
N THR R 41 30.63 -74.14 -40.44
CA THR R 41 31.08 -73.14 -39.49
C THR R 41 31.66 -71.92 -40.19
N GLY R 42 32.49 -72.14 -41.21
CA GLY R 42 33.05 -71.04 -41.96
C GLY R 42 33.26 -71.46 -43.40
N GLY R 43 33.46 -70.46 -44.25
CA GLY R 43 33.61 -70.69 -45.67
C GLY R 43 35.06 -70.64 -46.12
N TRP R 44 35.24 -70.91 -47.40
CA TRP R 44 36.56 -70.88 -48.01
C TRP R 44 37.05 -69.45 -48.12
N VAL R 45 38.38 -69.29 -48.16
CA VAL R 45 39.02 -67.98 -48.11
C VAL R 45 40.27 -68.01 -48.97
N GLY R 46 40.60 -66.87 -49.57
CA GLY R 46 41.88 -66.75 -50.25
C GLY R 46 41.90 -65.53 -51.15
N GLY R 47 42.97 -65.42 -51.96
CA GLY R 47 43.04 -64.50 -53.06
C GLY R 47 43.94 -63.29 -52.89
N SER R 48 44.65 -63.19 -51.78
CA SER R 48 45.51 -62.08 -51.38
C SER R 48 44.86 -60.69 -51.45
N TYR R 49 45.69 -59.64 -51.47
CA TYR R 49 45.14 -58.29 -51.40
C TYR R 49 45.96 -57.20 -52.11
N PHE R 50 47.16 -56.92 -51.59
CA PHE R 50 48.08 -55.89 -52.11
C PHE R 50 47.67 -54.43 -52.06
N THR R 51 47.76 -53.83 -50.87
CA THR R 51 47.80 -52.38 -50.71
C THR R 51 49.23 -51.93 -50.42
N ASP R 52 49.56 -50.69 -50.82
CA ASP R 52 50.89 -50.13 -50.66
C ASP R 52 51.48 -50.34 -49.28
N SER R 53 50.67 -50.17 -48.24
CA SER R 53 51.18 -50.28 -46.89
C SER R 53 51.27 -51.73 -46.41
N TYR R 54 50.40 -52.62 -46.88
CA TYR R 54 50.41 -53.99 -46.40
C TYR R 54 49.79 -54.91 -47.43
N VAL R 55 50.12 -56.19 -47.29
CA VAL R 55 49.60 -57.25 -48.16
C VAL R 55 48.95 -58.30 -47.27
N ILE R 56 47.69 -58.62 -47.57
CA ILE R 56 46.95 -59.64 -46.83
C ILE R 56 46.84 -60.87 -47.71
N THR R 57 47.54 -61.94 -47.34
CA THR R 57 47.44 -63.21 -48.04
C THR R 57 46.50 -64.13 -47.27
N LYS R 58 45.57 -64.73 -47.98
CA LYS R 58 44.57 -65.61 -47.39
C LYS R 58 44.68 -66.97 -48.05
N ASN R 59 44.55 -68.02 -47.28
CA ASN R 59 44.68 -69.38 -47.79
C ASN R 59 43.77 -70.29 -47.02
N THR R 60 43.37 -71.39 -47.64
CA THR R 60 42.51 -72.38 -47.02
C THR R 60 42.91 -73.75 -47.52
N ARG R 61 42.75 -74.76 -46.67
CA ARG R 61 43.23 -76.09 -46.99
C ARG R 61 42.23 -77.14 -46.56
N GLN R 62 42.47 -78.35 -47.00
CA GLN R 62 41.75 -79.53 -46.54
C GLN R 62 42.80 -80.45 -45.93
N PHE R 63 42.61 -80.86 -44.68
CA PHE R 63 43.61 -81.64 -43.99
C PHE R 63 42.99 -82.90 -43.41
N LEU R 64 43.82 -83.84 -42.99
CA LEU R 64 43.32 -84.97 -42.25
C LEU R 64 44.32 -85.43 -41.20
N VAL R 65 43.79 -85.87 -40.07
CA VAL R 65 44.58 -86.36 -38.94
C VAL R 65 44.37 -87.87 -38.87
N LYS R 66 45.48 -88.61 -38.81
CA LYS R 66 45.46 -90.03 -39.12
C LYS R 66 45.47 -90.95 -37.90
N ILE R 67 45.51 -90.43 -36.67
CA ILE R 67 45.84 -91.24 -35.49
C ILE R 67 47.22 -91.86 -35.66
N GLN R 68 48.26 -91.05 -35.47
CA GLN R 68 49.61 -91.60 -35.53
C GLN R 68 49.98 -92.26 -34.21
N ASN R 69 50.74 -93.36 -34.32
CA ASN R 69 51.46 -93.93 -33.19
C ASN R 69 50.52 -94.51 -32.13
N ASN R 70 49.45 -95.16 -32.57
CA ASN R 70 48.33 -95.53 -31.69
C ASN R 70 47.97 -94.23 -30.98
N HIS R 71 47.63 -94.24 -29.70
CA HIS R 71 47.67 -93.01 -28.93
C HIS R 71 48.85 -92.94 -27.98
N GLN R 72 49.61 -94.01 -27.86
CA GLN R 72 50.77 -94.02 -26.99
C GLN R 72 51.96 -93.32 -27.65
N TYR R 73 52.93 -92.96 -26.83
CA TYR R 73 54.09 -92.15 -27.19
C TYR R 73 55.27 -92.96 -27.73
N LYS R 74 55.80 -93.87 -26.95
CA LYS R 74 57.06 -94.57 -27.18
C LYS R 74 58.25 -93.62 -27.28
N THR R 75 59.31 -94.06 -27.93
CA THR R 75 60.55 -93.30 -28.05
C THR R 75 61.09 -93.42 -29.48
N GLU R 76 61.28 -94.67 -29.92
CA GLU R 76 61.51 -95.11 -31.29
C GLU R 76 62.96 -95.18 -31.77
N LEU R 77 63.90 -94.54 -31.07
CA LEU R 77 65.34 -94.73 -31.33
C LEU R 77 65.63 -94.86 -32.83
N ILE R 78 65.48 -93.76 -33.56
CA ILE R 78 65.17 -93.84 -34.98
C ILE R 78 66.16 -94.69 -35.78
N SER R 79 67.32 -94.12 -36.11
CA SER R 79 68.46 -94.79 -36.73
C SER R 79 68.14 -95.35 -38.11
N PRO R 80 69.10 -95.42 -39.02
CA PRO R 80 69.11 -96.50 -39.99
C PRO R 80 70.07 -97.58 -39.52
N SER R 81 70.21 -98.67 -40.27
CA SER R 81 71.31 -99.59 -40.00
C SER R 81 71.93 -100.17 -41.27
N THR R 82 73.24 -99.99 -41.55
CA THR R 82 74.16 -98.91 -41.10
C THR R 82 74.13 -98.45 -39.63
N SER R 83 74.29 -99.41 -38.71
CA SER R 83 74.26 -99.13 -37.28
C SER R 83 75.28 -98.08 -36.88
N GLN R 84 76.28 -97.80 -37.73
CA GLN R 84 77.23 -96.72 -37.47
C GLN R 84 76.57 -95.35 -37.44
N GLY R 85 75.30 -95.25 -37.84
CA GLY R 85 74.65 -93.96 -37.92
C GLY R 85 74.47 -93.31 -36.56
N LYS R 86 73.87 -92.12 -36.59
CA LYS R 86 73.70 -91.35 -35.36
C LYS R 86 72.73 -92.03 -34.41
N SER R 87 71.61 -92.53 -34.93
CA SER R 87 70.65 -93.30 -34.14
C SER R 87 70.04 -92.46 -33.02
N GLN R 88 69.58 -91.27 -33.37
CA GLN R 88 68.91 -90.43 -32.38
C GLN R 88 67.67 -91.14 -31.84
N ARG R 89 67.44 -91.01 -30.54
CA ARG R 89 66.39 -91.79 -29.90
C ARG R 89 65.02 -91.15 -30.12
N CYS R 90 64.97 -89.82 -30.10
CA CYS R 90 63.75 -89.04 -30.23
C CYS R 90 62.62 -89.45 -29.28
N VAL R 91 61.40 -89.06 -29.64
CA VAL R 91 60.15 -89.39 -28.95
C VAL R 91 59.06 -89.27 -29.98
N SER R 92 58.10 -90.18 -29.96
CA SER R 92 56.96 -90.07 -30.85
C SER R 92 55.75 -89.74 -30.00
N THR R 93 54.78 -89.05 -30.57
CA THR R 93 53.59 -88.64 -29.86
C THR R 93 52.37 -88.93 -30.72
N PRO R 94 51.19 -89.08 -30.12
CA PRO R 94 49.97 -89.20 -30.92
C PRO R 94 49.62 -87.94 -31.68
N TRP R 95 50.23 -86.82 -31.35
CA TRP R 95 49.84 -85.53 -31.89
C TRP R 95 50.37 -85.31 -33.30
N SER R 96 49.63 -84.52 -34.06
CA SER R 96 50.05 -83.99 -35.34
C SER R 96 50.01 -82.47 -35.24
N TYR R 97 50.69 -81.80 -36.15
CA TYR R 97 50.80 -80.36 -36.02
C TYR R 97 50.70 -79.68 -37.38
N PHE R 98 50.31 -78.42 -37.34
CA PHE R 98 50.23 -77.57 -38.51
C PHE R 98 51.52 -76.78 -38.65
N ASN R 99 52.21 -76.96 -39.77
CA ASN R 99 53.39 -76.18 -40.09
C ASN R 99 53.01 -75.19 -41.18
N PHE R 100 52.97 -73.90 -40.83
CA PHE R 100 52.65 -72.86 -41.78
C PHE R 100 53.88 -72.17 -42.36
N ASN R 101 55.07 -72.64 -42.05
CA ASN R 101 56.29 -71.87 -42.28
C ASN R 101 56.85 -72.20 -43.65
N GLN R 102 56.63 -71.28 -44.59
CA GLN R 102 57.21 -71.27 -45.93
C GLN R 102 56.56 -70.11 -46.66
N TYR R 103 57.24 -69.60 -47.69
CA TYR R 103 56.61 -68.54 -48.47
C TYR R 103 55.70 -69.11 -49.54
N SER R 104 56.11 -70.18 -50.21
CA SER R 104 55.32 -70.72 -51.30
C SER R 104 53.95 -71.20 -50.85
N SER R 105 53.73 -71.33 -49.55
CA SER R 105 52.42 -71.71 -49.08
C SER R 105 51.47 -70.52 -49.11
N HIS R 106 51.95 -69.35 -48.75
CA HIS R 106 51.10 -68.18 -48.61
C HIS R 106 51.04 -67.30 -49.84
N PHE R 107 51.88 -67.54 -50.84
CA PHE R 107 51.96 -66.67 -52.00
C PHE R 107 51.85 -67.50 -53.27
N SER R 108 50.91 -67.14 -54.13
CA SER R 108 50.89 -67.72 -55.45
C SER R 108 52.11 -67.24 -56.22
N PRO R 109 52.51 -67.96 -57.25
CA PRO R 109 53.63 -67.49 -58.07
C PRO R 109 53.42 -66.12 -58.63
N GLN R 110 52.19 -65.63 -58.76
CA GLN R 110 52.00 -64.23 -59.11
C GLN R 110 52.01 -63.29 -57.92
N ASP R 111 51.39 -63.67 -56.80
CA ASP R 111 51.43 -62.82 -55.62
C ASP R 111 52.87 -62.55 -55.21
N TRP R 112 53.62 -63.61 -54.94
CA TRP R 112 55.06 -63.54 -55.03
C TRP R 112 55.38 -63.11 -56.44
N GLN R 113 56.39 -62.28 -56.62
CA GLN R 113 56.70 -61.56 -57.86
C GLN R 113 55.81 -60.34 -58.05
N ARG R 114 54.67 -60.26 -57.40
CA ARG R 114 54.06 -58.95 -57.32
C ARG R 114 54.68 -58.13 -56.20
N LEU R 115 55.01 -58.75 -55.07
CA LEU R 115 55.77 -58.03 -54.06
C LEU R 115 57.26 -58.02 -54.34
N THR R 116 57.79 -59.09 -54.90
CA THR R 116 59.22 -59.12 -55.18
C THR R 116 59.58 -58.06 -56.19
N ASN R 117 58.69 -57.76 -57.12
CA ASN R 117 58.95 -56.70 -58.08
C ASN R 117 58.63 -55.34 -57.50
N GLU R 118 57.53 -55.20 -56.76
CA GLU R 118 56.99 -53.89 -56.45
C GLU R 118 57.36 -53.35 -55.08
N TYR R 119 58.12 -54.07 -54.26
CA TYR R 119 58.35 -53.59 -52.91
C TYR R 119 59.79 -53.77 -52.46
N LYS R 120 60.27 -52.82 -51.64
CA LYS R 120 61.59 -52.93 -51.04
C LYS R 120 61.67 -54.08 -50.06
N ARG R 121 60.72 -54.12 -49.13
CA ARG R 121 60.89 -54.97 -47.97
C ARG R 121 59.53 -55.34 -47.43
N PHE R 122 59.49 -56.46 -46.72
CA PHE R 122 58.25 -56.91 -46.15
C PHE R 122 58.56 -57.79 -44.95
N ARG R 123 57.65 -57.80 -43.99
CA ARG R 123 57.73 -58.74 -42.89
C ARG R 123 56.31 -59.08 -42.50
N PRO R 124 56.06 -60.30 -42.04
CA PRO R 124 54.71 -60.63 -41.62
C PRO R 124 54.33 -59.85 -40.38
N LYS R 125 53.19 -59.17 -40.44
CA LYS R 125 52.73 -58.39 -39.30
C LYS R 125 51.95 -59.22 -38.31
N GLY R 126 51.07 -60.09 -38.80
CA GLY R 126 50.21 -60.87 -37.92
C GLY R 126 49.74 -62.11 -38.65
N MET R 127 49.05 -62.96 -37.91
CA MET R 127 48.61 -64.24 -38.44
C MET R 127 47.32 -64.64 -37.74
N HIS R 128 46.40 -65.21 -38.52
CA HIS R 128 45.10 -65.60 -37.99
C HIS R 128 44.73 -66.94 -38.60
N VAL R 129 44.50 -67.94 -37.76
CA VAL R 129 44.27 -69.30 -38.21
C VAL R 129 42.93 -69.76 -37.68
N LYS R 130 42.19 -70.49 -38.52
CA LYS R 130 40.86 -70.96 -38.15
C LYS R 130 40.72 -72.41 -38.57
N ILE R 131 40.46 -73.27 -37.61
CA ILE R 131 40.06 -74.65 -37.86
C ILE R 131 38.54 -74.66 -37.91
N TYR R 132 37.97 -75.30 -38.90
CA TYR R 132 36.52 -75.36 -38.99
C TYR R 132 36.13 -76.46 -39.97
N ASN R 133 34.82 -76.65 -40.11
CA ASN R 133 34.26 -77.67 -40.99
C ASN R 133 34.88 -79.04 -40.73
N LEU R 134 34.89 -79.44 -39.47
CA LEU R 134 35.52 -80.70 -39.09
C LEU R 134 34.63 -81.88 -39.43
N GLN R 135 35.26 -83.04 -39.65
CA GLN R 135 34.54 -84.26 -39.95
C GLN R 135 35.28 -85.43 -39.33
N ILE R 136 34.56 -86.33 -38.69
CA ILE R 136 35.14 -87.55 -38.13
C ILE R 136 34.51 -88.71 -38.85
N LYS R 137 35.29 -89.47 -39.62
CA LYS R 137 34.70 -90.39 -40.57
C LYS R 137 34.69 -91.86 -40.17
N GLN R 138 35.31 -92.26 -39.06
CA GLN R 138 35.12 -93.61 -38.55
C GLN R 138 35.49 -94.68 -39.58
N ILE R 139 36.79 -94.88 -39.77
CA ILE R 139 37.25 -95.94 -40.66
C ILE R 139 36.67 -97.28 -40.22
N LEU R 140 36.21 -98.06 -41.19
CA LEU R 140 35.85 -99.46 -40.96
C LEU R 140 36.54 -100.35 -41.97
N SER R 141 36.80 -101.58 -41.57
CA SER R 141 37.37 -102.59 -42.43
C SER R 141 36.62 -103.90 -42.25
N ASN R 142 36.00 -104.38 -43.31
CA ASN R 142 35.40 -105.71 -43.35
C ASN R 142 36.38 -106.75 -43.85
N GLY R 143 37.63 -106.34 -44.05
CA GLY R 143 38.61 -107.10 -44.79
C GLY R 143 38.67 -106.54 -46.21
N ALA R 144 39.87 -106.46 -46.75
CA ALA R 144 40.17 -105.75 -48.00
C ALA R 144 39.55 -104.36 -47.90
N ASP R 145 39.01 -103.79 -48.97
CA ASP R 145 38.08 -102.67 -49.04
C ASP R 145 38.37 -101.53 -48.05
N THR R 146 37.29 -100.91 -47.56
CA THR R 146 37.13 -100.04 -46.40
C THR R 146 35.73 -99.46 -46.48
N THR R 147 35.22 -98.92 -45.37
CA THR R 147 33.99 -98.14 -45.39
C THR R 147 34.14 -97.02 -44.38
N TYR R 148 33.43 -95.93 -44.65
CA TYR R 148 33.48 -94.73 -43.82
C TYR R 148 32.04 -94.38 -43.46
N ASN R 149 31.68 -94.52 -42.19
CA ASN R 149 30.28 -94.36 -41.80
C ASN R 149 29.98 -92.91 -41.46
N ASN R 150 30.92 -92.02 -41.73
CA ASN R 150 30.98 -90.71 -41.09
C ASN R 150 31.00 -90.98 -39.60
N ASP R 151 30.43 -90.08 -38.82
CA ASP R 151 30.37 -90.23 -37.37
C ASP R 151 29.79 -88.95 -36.80
N LEU R 152 29.26 -89.06 -35.60
CA LEU R 152 28.96 -87.91 -34.77
C LEU R 152 29.40 -88.29 -33.37
N THR R 153 29.19 -87.39 -32.43
CA THR R 153 29.61 -87.60 -31.06
C THR R 153 31.06 -88.05 -30.98
N ALA R 154 31.92 -87.45 -31.76
CA ALA R 154 33.36 -87.69 -31.71
C ALA R 154 34.07 -86.35 -31.61
N GLY R 155 35.37 -86.37 -31.31
CA GLY R 155 36.06 -85.18 -30.93
C GLY R 155 37.48 -85.13 -31.46
N VAL R 156 38.03 -83.93 -31.42
CA VAL R 156 39.37 -83.65 -31.91
C VAL R 156 40.03 -82.69 -30.95
N HIS R 157 41.21 -83.04 -30.47
CA HIS R 157 41.97 -82.17 -29.60
C HIS R 157 42.73 -81.17 -30.44
N ILE R 158 42.71 -79.91 -30.03
CA ILE R 158 43.44 -78.85 -30.72
C ILE R 158 44.15 -78.01 -29.68
N PHE R 159 45.45 -77.89 -29.81
CA PHE R 159 46.28 -77.23 -28.82
C PHE R 159 47.26 -76.31 -29.51
N CYS R 160 47.47 -75.13 -28.94
CA CYS R 160 48.40 -74.14 -29.46
C CYS R 160 49.40 -73.74 -28.40
N ASP R 161 50.59 -73.34 -28.83
CA ASP R 161 51.63 -72.86 -27.93
C ASP R 161 51.71 -71.34 -27.99
N GLY R 162 51.27 -70.67 -26.93
CA GLY R 162 51.53 -69.26 -26.82
C GLY R 162 52.81 -68.99 -26.06
N GLU R 163 53.17 -69.92 -25.18
CA GLU R 163 54.36 -69.79 -24.35
C GLU R 163 55.58 -70.39 -25.00
N HIS R 164 55.41 -71.19 -26.05
CA HIS R 164 56.47 -72.01 -26.62
C HIS R 164 57.13 -72.90 -25.60
N ALA R 165 56.43 -73.29 -24.54
CA ALA R 165 56.76 -74.52 -23.86
C ALA R 165 56.53 -75.66 -24.84
N TYR R 166 57.16 -76.80 -24.57
CA TYR R 166 57.17 -77.96 -25.44
C TYR R 166 58.19 -77.81 -26.56
N PRO R 167 58.73 -78.91 -27.03
CA PRO R 167 59.90 -78.88 -27.93
C PRO R 167 59.69 -78.27 -29.31
N ASN R 168 58.47 -77.90 -29.70
CA ASN R 168 58.16 -77.17 -30.94
C ASN R 168 58.77 -77.79 -32.21
N ALA R 169 58.11 -78.82 -32.74
CA ALA R 169 58.62 -79.60 -33.87
C ALA R 169 59.17 -78.74 -35.00
N THR R 170 58.52 -77.62 -35.30
CA THR R 170 58.82 -76.89 -36.53
C THR R 170 60.30 -76.59 -36.66
N HIS R 171 60.86 -77.01 -37.78
CA HIS R 171 62.22 -76.74 -38.22
C HIS R 171 62.10 -76.08 -39.58
N PRO R 172 62.96 -75.11 -39.89
CA PRO R 172 62.72 -74.30 -41.10
C PRO R 172 62.45 -75.07 -42.38
N TRP R 173 63.25 -76.05 -42.73
CA TRP R 173 63.10 -76.66 -44.05
C TRP R 173 62.07 -77.77 -43.99
N ASP R 174 62.43 -78.89 -43.37
CA ASP R 174 61.53 -80.03 -43.17
C ASP R 174 60.89 -80.35 -44.52
N GLU R 175 59.58 -80.53 -44.57
CA GLU R 175 58.84 -81.00 -45.72
C GLU R 175 57.54 -80.22 -45.66
N ASP R 176 56.54 -80.67 -46.41
CA ASP R 176 55.12 -80.43 -46.10
C ASP R 176 54.89 -78.92 -45.97
N VAL R 177 54.65 -78.39 -44.77
CA VAL R 177 54.07 -77.08 -44.53
C VAL R 177 52.73 -77.16 -45.23
N MET R 178 52.24 -76.05 -45.77
CA MET R 178 51.02 -76.13 -46.54
C MET R 178 51.38 -76.50 -47.96
N PRO R 179 50.55 -77.25 -48.67
CA PRO R 179 50.84 -77.47 -50.07
C PRO R 179 50.78 -76.12 -50.77
N GLU R 180 51.82 -75.82 -51.54
CA GLU R 180 51.88 -74.52 -52.20
C GLU R 180 50.66 -74.27 -53.05
N LEU R 181 49.95 -75.32 -53.41
CA LEU R 181 48.83 -75.28 -54.31
C LEU R 181 47.56 -75.60 -53.55
N PRO R 182 46.54 -74.74 -53.51
CA PRO R 182 45.32 -75.10 -52.78
C PRO R 182 44.63 -76.29 -53.42
N TYR R 183 43.44 -76.64 -52.95
CA TYR R 183 42.66 -77.80 -53.42
C TYR R 183 43.43 -79.10 -53.21
N GLN R 184 44.68 -79.00 -52.82
CA GLN R 184 45.52 -80.15 -52.57
C GLN R 184 45.43 -80.47 -51.09
N THR R 185 44.90 -81.65 -50.77
CA THR R 185 44.68 -81.99 -49.38
C THR R 185 46.00 -82.03 -48.62
N TRP R 186 45.94 -81.64 -47.36
CA TRP R 186 47.15 -81.44 -46.58
C TRP R 186 47.24 -82.48 -45.48
N TYR R 187 48.15 -83.42 -45.63
CA TYR R 187 48.33 -84.48 -44.67
C TYR R 187 49.26 -84.00 -43.56
N LEU R 188 48.78 -84.06 -42.33
CA LEU R 188 49.58 -83.65 -41.19
C LEU R 188 50.64 -84.70 -40.87
N PHE R 189 51.64 -84.27 -40.12
CA PHE R 189 52.76 -85.11 -39.75
C PHE R 189 52.87 -85.23 -38.24
N GLN R 190 53.38 -86.38 -37.81
CA GLN R 190 53.42 -86.69 -36.40
C GLN R 190 54.37 -85.77 -35.66
N TYR R 191 54.02 -85.43 -34.43
CA TYR R 191 54.87 -84.59 -33.60
C TYR R 191 55.83 -85.45 -32.80
N GLY R 192 57.10 -85.08 -32.84
CA GLY R 192 58.11 -85.78 -32.09
C GLY R 192 59.21 -84.81 -31.72
N TYR R 193 60.10 -85.26 -30.84
CA TYR R 193 61.19 -84.39 -30.43
C TYR R 193 62.33 -85.22 -29.89
N ILE R 194 63.52 -84.64 -29.91
CA ILE R 194 64.70 -85.28 -29.35
C ILE R 194 64.79 -84.95 -27.87
N PRO R 195 64.57 -85.91 -26.97
CA PRO R 195 64.77 -85.61 -25.55
C PRO R 195 66.21 -85.33 -25.19
N VAL R 196 67.15 -86.17 -25.67
CA VAL R 196 68.57 -86.06 -25.38
C VAL R 196 69.35 -86.76 -26.49
N ILE R 197 70.58 -86.30 -26.71
CA ILE R 197 71.50 -86.97 -27.63
C ILE R 197 71.57 -88.45 -27.28
N HIS R 198 71.40 -89.31 -28.28
CA HIS R 198 71.36 -90.74 -28.01
C HIS R 198 72.69 -91.24 -27.46
N GLU R 199 73.78 -90.99 -28.18
CA GLU R 199 75.09 -91.14 -27.57
C GLU R 199 75.16 -90.17 -26.40
N LEU R 200 76.04 -90.45 -25.44
CA LEU R 200 76.02 -89.71 -24.18
C LEU R 200 74.70 -89.96 -23.45
N ALA R 201 74.66 -91.09 -22.71
CA ALA R 201 73.49 -91.84 -22.25
C ALA R 201 73.19 -93.09 -23.06
N GLU R 202 74.04 -93.46 -24.01
CA GLU R 202 73.82 -94.72 -24.74
C GLU R 202 73.50 -95.96 -23.86
N MET R 203 74.17 -96.23 -22.74
CA MET R 203 75.42 -95.63 -22.26
C MET R 203 76.40 -96.77 -22.07
N GLU R 204 77.70 -96.46 -22.06
CA GLU R 204 78.69 -97.53 -22.06
C GLU R 204 79.16 -97.85 -20.65
N ASP R 205 78.73 -99.02 -20.15
CA ASP R 205 79.20 -99.59 -18.90
C ASP R 205 79.19 -98.56 -17.77
N SER R 206 80.22 -98.61 -16.91
CA SER R 206 80.59 -97.51 -16.01
C SER R 206 79.29 -96.92 -15.34
N ASN R 207 78.85 -95.64 -15.44
CA ASN R 207 79.49 -94.45 -15.99
C ASN R 207 79.32 -93.28 -15.04
N ALA R 208 78.04 -92.94 -14.81
CA ALA R 208 77.56 -91.91 -13.89
C ALA R 208 77.71 -90.51 -14.48
N VAL R 209 78.54 -90.36 -15.50
CA VAL R 209 78.53 -89.13 -16.28
C VAL R 209 77.46 -89.20 -17.36
N GLU R 210 77.29 -90.36 -17.98
CA GLU R 210 76.17 -90.54 -18.90
C GLU R 210 74.94 -91.09 -18.19
N LYS R 211 75.09 -91.56 -16.95
CA LYS R 211 73.92 -91.88 -16.16
C LYS R 211 73.12 -90.62 -15.89
N ALA R 212 73.78 -89.60 -15.35
CA ALA R 212 73.24 -88.26 -15.50
C ALA R 212 73.25 -87.92 -16.98
N ILE R 213 72.33 -87.03 -17.37
CA ILE R 213 71.99 -86.69 -18.74
C ILE R 213 71.11 -87.79 -19.33
N CYS R 214 71.19 -89.00 -18.79
CA CYS R 214 70.15 -89.99 -19.05
C CYS R 214 69.01 -89.84 -18.07
N LEU R 215 69.33 -89.63 -16.80
CA LEU R 215 68.30 -89.40 -15.79
C LEU R 215 67.58 -88.08 -16.04
N GLN R 216 68.26 -87.12 -16.63
CA GLN R 216 67.69 -85.78 -16.72
C GLN R 216 66.89 -85.58 -17.99
N ILE R 217 66.73 -86.61 -18.82
CA ILE R 217 66.06 -86.38 -20.10
C ILE R 217 64.63 -85.97 -19.75
N PRO R 218 64.18 -84.82 -20.22
CA PRO R 218 62.82 -84.40 -19.92
C PRO R 218 61.83 -85.15 -20.79
N PHE R 219 60.61 -85.26 -20.28
CA PHE R 219 59.54 -85.93 -21.00
C PHE R 219 58.34 -85.01 -21.04
N PHE R 220 58.01 -84.56 -22.23
CA PHE R 220 56.96 -83.59 -22.43
C PHE R 220 55.72 -84.28 -22.96
N MET R 221 54.56 -83.79 -22.55
CA MET R 221 53.29 -84.37 -22.93
C MET R 221 52.35 -83.23 -23.22
N LEU R 222 51.59 -83.35 -24.29
CA LEU R 222 50.68 -82.28 -24.65
C LEU R 222 49.37 -82.39 -23.91
N GLU R 223 49.23 -83.34 -23.00
CA GLU R 223 47.96 -83.43 -22.29
C GLU R 223 47.93 -82.37 -21.21
N ASN R 224 48.63 -82.56 -20.08
CA ASN R 224 49.21 -81.44 -19.33
C ASN R 224 48.39 -80.17 -19.45
N SER R 225 48.99 -79.12 -19.99
CA SER R 225 48.27 -77.88 -20.23
C SER R 225 47.00 -78.11 -21.03
N ASP R 226 45.95 -77.38 -20.66
CA ASP R 226 44.63 -77.62 -21.21
C ASP R 226 44.53 -77.21 -22.67
N HIS R 227 43.56 -77.79 -23.36
CA HIS R 227 43.35 -77.52 -24.77
C HIS R 227 41.91 -77.87 -25.12
N GLU R 228 41.47 -77.39 -26.27
CA GLU R 228 40.08 -77.55 -26.66
C GLU R 228 39.86 -78.86 -27.41
N VAL R 229 38.71 -79.47 -27.15
CA VAL R 229 38.21 -80.58 -27.95
C VAL R 229 37.06 -80.03 -28.77
N LEU R 230 36.89 -80.57 -29.97
CA LEU R 230 35.86 -80.08 -30.87
C LEU R 230 35.10 -81.25 -31.46
N ARG R 231 33.78 -81.20 -31.39
CA ARG R 231 33.00 -82.06 -32.25
C ARG R 231 32.88 -81.38 -33.61
N THR R 232 32.01 -81.91 -34.46
CA THR R 232 31.89 -81.38 -35.81
C THR R 232 31.46 -79.92 -35.82
N GLY R 233 30.32 -79.59 -35.22
CA GLY R 233 29.77 -78.26 -35.36
C GLY R 233 30.66 -77.14 -34.84
N GLU R 234 31.59 -77.45 -33.95
CA GLU R 234 32.45 -76.46 -33.36
C GLU R 234 33.64 -76.12 -34.27
N SER R 235 34.20 -74.93 -34.05
CA SER R 235 35.44 -74.49 -34.71
C SER R 235 36.35 -73.84 -33.68
N THR R 236 37.47 -73.33 -34.16
CA THR R 236 38.44 -72.66 -33.31
C THR R 236 39.22 -71.65 -34.11
N GLU R 237 39.59 -70.55 -33.47
CA GLU R 237 40.43 -69.53 -34.06
C GLU R 237 41.72 -69.39 -33.27
N PHE R 238 42.76 -68.93 -33.93
CA PHE R 238 44.01 -68.59 -33.29
C PHE R 238 44.58 -67.35 -33.94
N THR R 239 45.17 -66.48 -33.14
CA THR R 239 45.83 -65.29 -33.65
C THR R 239 47.30 -65.29 -33.25
N PHE R 240 48.10 -64.53 -33.99
CA PHE R 240 49.50 -64.41 -33.69
C PHE R 240 49.95 -63.02 -34.08
N ASN R 241 50.90 -62.49 -33.32
CA ASN R 241 51.54 -61.23 -33.65
C ASN R 241 53.03 -61.46 -33.69
N PHE R 242 53.72 -60.68 -34.51
CA PHE R 242 55.13 -60.92 -34.79
C PHE R 242 55.95 -59.71 -34.38
N ASP R 243 56.92 -59.92 -33.50
CA ASP R 243 58.05 -59.03 -33.37
C ASP R 243 59.11 -59.58 -34.30
N CYS R 244 59.37 -58.88 -35.40
CA CYS R 244 59.98 -59.52 -36.54
C CYS R 244 60.82 -58.52 -37.31
N GLU R 245 61.92 -59.01 -37.86
CA GLU R 245 62.82 -58.18 -38.65
C GLU R 245 62.39 -58.18 -40.11
N TRP R 246 62.54 -57.02 -40.75
CA TRP R 246 62.25 -56.92 -42.18
C TRP R 246 63.14 -57.87 -42.96
N ILE R 247 62.61 -58.38 -44.07
CA ILE R 247 63.43 -59.03 -45.08
C ILE R 247 63.44 -58.12 -46.29
N ASN R 248 64.63 -57.77 -46.76
CA ASN R 248 64.81 -56.68 -47.70
C ASN R 248 64.98 -57.21 -49.11
N ASN R 249 64.14 -56.74 -50.01
CA ASN R 249 64.31 -56.96 -51.44
C ASN R 249 64.90 -55.70 -52.02
N GLU R 250 66.19 -55.77 -52.36
CA GLU R 250 67.02 -54.64 -52.73
C GLU R 250 68.35 -55.21 -53.19
N ARG R 251 69.09 -54.40 -53.91
CA ARG R 251 70.32 -54.86 -54.55
C ARG R 251 71.35 -53.75 -54.46
N ALA R 252 72.55 -54.11 -54.03
CA ALA R 252 73.68 -53.19 -54.05
C ALA R 252 74.40 -53.35 -55.38
N TYR R 253 74.43 -52.28 -56.16
CA TYR R 253 75.08 -52.33 -57.47
C TYR R 253 76.59 -52.27 -57.36
N ILE R 254 77.14 -51.93 -56.21
CA ILE R 254 78.59 -51.93 -55.99
C ILE R 254 78.88 -52.47 -54.60
N PRO R 255 80.08 -52.99 -54.38
CA PRO R 255 80.51 -53.34 -53.05
C PRO R 255 80.50 -52.13 -52.15
N PRO R 256 80.38 -52.30 -50.84
CA PRO R 256 80.40 -51.13 -49.95
C PRO R 256 81.74 -50.41 -49.95
N GLY R 257 82.83 -51.12 -50.22
CA GLY R 257 84.11 -50.48 -50.30
C GLY R 257 84.40 -49.75 -51.58
N LEU R 258 83.49 -49.82 -52.55
CA LEU R 258 83.66 -49.20 -53.84
C LEU R 258 83.01 -47.83 -53.90
N MET R 259 82.53 -47.31 -52.78
CA MET R 259 81.83 -46.04 -52.74
C MET R 259 82.85 -44.94 -52.51
N PHE R 260 83.08 -44.14 -53.54
CA PHE R 260 83.96 -42.97 -53.46
C PHE R 260 83.96 -42.30 -54.82
N ASN R 261 84.38 -41.06 -54.84
CA ASN R 261 84.53 -40.35 -56.10
C ASN R 261 85.93 -40.61 -56.63
N PRO R 262 86.08 -41.43 -57.67
CA PRO R 262 87.42 -41.78 -58.13
C PRO R 262 88.12 -40.64 -58.82
N LEU R 263 87.39 -39.60 -59.21
CA LEU R 263 88.01 -38.44 -59.83
C LEU R 263 88.87 -37.68 -58.82
N VAL R 264 88.39 -37.55 -57.59
CA VAL R 264 89.06 -36.69 -56.61
C VAL R 264 90.29 -37.40 -56.09
N PRO R 265 91.45 -36.74 -56.01
CA PRO R 265 92.62 -37.37 -55.41
C PRO R 265 92.40 -37.60 -53.92
N THR R 266 93.21 -38.48 -53.35
CA THR R 266 93.09 -38.81 -51.94
C THR R 266 94.33 -38.38 -51.19
N ARG R 267 94.16 -38.02 -49.92
CA ARG R 267 95.29 -37.80 -49.05
C ARG R 267 95.52 -39.02 -48.16
N ARG R 268 96.52 -39.81 -48.54
CA ARG R 268 96.84 -41.09 -47.93
C ARG R 268 98.11 -41.58 -48.59
N ALA R 269 98.78 -42.56 -47.99
CA ALA R 269 100.02 -43.04 -48.57
C ALA R 269 100.15 -44.53 -48.32
N GLN R 270 100.94 -45.17 -49.17
CA GLN R 270 101.21 -46.60 -49.10
C GLN R 270 102.69 -46.78 -48.89
N TYR R 271 103.08 -47.28 -47.72
CA TYR R 271 104.43 -47.77 -47.53
C TYR R 271 104.40 -49.24 -47.90
N ILE R 272 105.39 -49.68 -48.65
CA ILE R 272 105.49 -51.07 -49.07
C ILE R 272 106.84 -51.61 -48.65
N ARG R 273 106.82 -52.71 -47.91
CA ARG R 273 108.04 -53.28 -47.36
C ARG R 273 108.97 -53.73 -48.47
N ARG R 274 110.27 -53.80 -48.16
CA ARG R 274 111.23 -54.42 -49.06
C ARG R 274 110.73 -55.81 -49.46
N ASN R 275 110.80 -56.09 -50.75
CA ASN R 275 110.11 -57.26 -51.28
C ASN R 275 110.87 -58.55 -50.97
N ASN R 276 112.19 -58.47 -50.79
CA ASN R 276 113.01 -59.64 -50.47
C ASN R 276 112.76 -60.77 -51.47
N ASN R 277 113.28 -60.57 -52.68
CA ASN R 277 112.94 -61.33 -53.89
C ASN R 277 111.53 -60.94 -54.30
N PRO R 278 111.27 -60.87 -55.62
CA PRO R 278 112.29 -60.78 -56.68
C PRO R 278 113.15 -59.51 -56.63
N GLN R 279 112.51 -58.36 -56.44
CA GLN R 279 113.14 -57.08 -56.70
C GLN R 279 112.26 -55.97 -56.13
N THR R 280 112.50 -54.71 -56.52
CA THR R 280 111.68 -53.56 -56.12
C THR R 280 111.74 -53.27 -54.63
N ALA R 281 112.83 -52.63 -54.20
CA ALA R 281 113.01 -52.24 -52.82
C ALA R 281 111.93 -51.25 -52.40
N GLU R 282 111.77 -51.13 -51.07
CA GLU R 282 110.64 -50.43 -50.46
C GLU R 282 110.51 -49.01 -50.98
N SER R 283 109.26 -48.55 -51.08
CA SER R 283 108.96 -47.18 -51.46
C SER R 283 107.62 -46.77 -50.88
N THR R 284 107.47 -45.49 -50.62
CA THR R 284 106.20 -44.91 -50.22
C THR R 284 105.63 -44.08 -51.37
N SER R 285 104.31 -44.05 -51.47
CA SER R 285 103.65 -43.37 -52.58
C SER R 285 102.24 -42.99 -52.18
N ARG R 286 101.69 -42.01 -52.89
CA ARG R 286 100.31 -41.62 -52.65
C ARG R 286 99.36 -42.60 -53.31
N ILE R 287 98.26 -42.87 -52.63
CA ILE R 287 97.25 -43.77 -53.17
C ILE R 287 96.58 -43.12 -54.37
N ALA R 288 96.41 -43.91 -55.43
CA ALA R 288 95.83 -43.40 -56.66
C ALA R 288 94.42 -42.88 -56.42
N PRO R 289 93.97 -41.93 -57.24
CA PRO R 289 92.62 -41.39 -57.03
C PRO R 289 91.53 -42.45 -57.13
N TYR R 290 91.60 -43.27 -58.16
CA TYR R 290 90.82 -44.50 -58.19
C TYR R 290 91.38 -45.46 -57.13
N ALA R 291 90.57 -46.44 -56.76
CA ALA R 291 91.01 -47.50 -55.86
C ALA R 291 91.49 -46.92 -54.53
N LYS R 292 90.66 -46.13 -53.92
CA LYS R 292 90.95 -45.64 -52.59
C LYS R 292 90.71 -46.73 -51.57
N PRO R 293 91.44 -46.73 -50.45
CA PRO R 293 91.21 -47.73 -49.43
C PRO R 293 89.85 -47.58 -48.81
N THR R 294 89.43 -48.62 -48.11
CA THR R 294 88.10 -48.63 -47.52
C THR R 294 88.13 -49.19 -46.11
N SER R 295 87.12 -48.80 -45.36
CA SER R 295 86.62 -49.56 -44.22
C SER R 295 85.72 -50.67 -44.74
N TRP R 296 84.90 -51.19 -43.85
CA TRP R 296 83.82 -52.06 -44.31
C TRP R 296 84.33 -53.37 -44.88
N MET R 297 84.75 -54.21 -43.96
CA MET R 297 85.17 -55.59 -44.13
C MET R 297 84.02 -56.44 -44.67
N THR R 298 84.37 -57.57 -45.28
CA THR R 298 83.38 -58.49 -45.82
C THR R 298 82.71 -59.27 -44.69
N GLY R 299 81.52 -59.77 -44.98
CA GLY R 299 80.79 -60.58 -44.04
C GLY R 299 81.49 -61.89 -43.75
N PRO R 300 81.16 -62.49 -42.60
CA PRO R 300 81.87 -63.69 -42.18
C PRO R 300 81.40 -64.94 -42.89
N GLY R 301 82.29 -65.93 -42.96
CA GLY R 301 81.96 -67.22 -43.52
C GLY R 301 82.96 -68.24 -43.03
N LEU R 302 82.67 -69.51 -43.26
CA LEU R 302 83.62 -70.59 -43.01
C LEU R 302 83.73 -71.44 -44.26
N LEU R 303 84.86 -71.31 -44.96
CA LEU R 303 85.07 -72.02 -46.22
C LEU R 303 86.04 -73.19 -46.17
N SER R 304 86.67 -73.48 -45.04
CA SER R 304 87.79 -74.42 -45.09
C SER R 304 87.34 -75.86 -45.11
N ALA R 305 86.29 -76.18 -44.37
CA ALA R 305 85.87 -77.54 -44.10
C ALA R 305 85.33 -78.22 -45.34
N GLN R 306 85.24 -79.55 -45.28
CA GLN R 306 84.61 -80.36 -46.31
C GLN R 306 83.71 -81.39 -45.64
N ARG R 307 82.56 -81.65 -46.25
CA ARG R 307 81.63 -82.64 -45.70
C ARG R 307 82.33 -83.99 -45.58
N VAL R 308 82.00 -84.70 -44.51
CA VAL R 308 82.78 -85.84 -44.05
C VAL R 308 81.98 -87.13 -44.13
N GLY R 309 82.39 -88.01 -45.03
CA GLY R 309 81.94 -89.38 -44.99
C GLY R 309 80.68 -89.64 -45.77
N PRO R 310 80.08 -90.81 -45.54
CA PRO R 310 78.93 -91.22 -46.35
C PRO R 310 77.66 -90.49 -45.95
N ALA R 311 76.72 -90.45 -46.88
CA ALA R 311 75.41 -89.88 -46.60
C ALA R 311 74.68 -90.73 -45.56
N THR R 312 73.67 -90.12 -44.94
CA THR R 312 72.87 -90.64 -43.83
C THR R 312 73.65 -90.60 -42.53
N SER R 313 74.93 -90.25 -42.55
CA SER R 313 75.76 -90.10 -41.36
C SER R 313 75.80 -88.67 -40.84
N ASP R 314 74.99 -87.77 -41.40
CA ASP R 314 75.02 -86.35 -41.07
C ASP R 314 76.37 -85.72 -41.40
N THR R 315 76.62 -85.51 -42.69
CA THR R 315 77.83 -84.84 -43.09
C THR R 315 77.56 -83.34 -43.21
N GLY R 316 78.06 -82.57 -42.25
CA GLY R 316 77.81 -81.15 -42.25
C GLY R 316 79.00 -80.27 -42.63
N ALA R 317 80.18 -80.85 -42.63
CA ALA R 317 81.49 -80.22 -42.75
C ALA R 317 81.83 -79.39 -41.51
N TRP R 318 80.85 -79.02 -40.70
CA TRP R 318 81.09 -78.40 -39.41
C TRP R 318 80.12 -79.03 -38.43
N MET R 319 80.64 -79.72 -37.43
CA MET R 319 79.81 -80.34 -36.40
C MET R 319 79.96 -79.55 -35.13
N VAL R 320 78.83 -79.16 -34.54
CA VAL R 320 78.89 -78.37 -33.32
C VAL R 320 79.13 -79.26 -32.10
N ALA R 321 78.44 -80.39 -32.03
CA ALA R 321 78.54 -81.36 -30.96
C ALA R 321 78.45 -80.77 -29.55
N VAL R 322 79.04 -81.47 -28.58
CA VAL R 322 79.10 -81.06 -27.19
C VAL R 322 80.46 -81.37 -26.57
N LYS R 323 80.78 -82.66 -26.48
CA LYS R 323 81.97 -83.16 -25.80
C LYS R 323 82.00 -82.79 -24.31
N PRO R 324 81.14 -83.37 -23.48
CA PRO R 324 81.36 -83.31 -22.04
C PRO R 324 82.67 -83.98 -21.67
N GLU R 325 83.18 -83.65 -20.50
CA GLU R 325 84.59 -83.88 -20.21
C GLU R 325 84.91 -85.38 -20.18
N ASN R 326 84.05 -86.18 -19.57
CA ASN R 326 84.28 -87.62 -19.61
C ASN R 326 83.35 -88.30 -20.60
N ALA R 327 82.11 -88.51 -20.17
CA ALA R 327 81.07 -89.20 -20.93
C ALA R 327 81.63 -90.52 -21.46
N SER R 328 81.21 -90.89 -22.66
CA SER R 328 81.88 -91.85 -23.52
C SER R 328 81.34 -91.64 -24.91
N ILE R 329 82.12 -92.04 -25.91
CA ILE R 329 81.75 -91.76 -27.29
C ILE R 329 82.13 -92.95 -28.16
N ASP R 330 81.21 -93.31 -29.04
CA ASP R 330 81.44 -94.35 -30.04
C ASP R 330 82.26 -93.76 -31.18
N THR R 331 82.34 -94.45 -32.32
CA THR R 331 82.88 -93.81 -33.50
C THR R 331 82.19 -92.48 -33.72
N GLY R 332 82.97 -91.44 -34.01
CA GLY R 332 82.45 -90.10 -34.01
C GLY R 332 82.99 -89.23 -32.89
N MET R 333 82.85 -87.90 -32.92
CA MET R 333 82.28 -87.04 -33.99
C MET R 333 80.94 -87.54 -34.56
N SER R 334 80.88 -87.76 -35.86
CA SER R 334 79.72 -88.38 -36.52
C SER R 334 78.40 -87.59 -36.22
N GLY R 335 77.36 -88.07 -35.51
CA GLY R 335 77.30 -89.09 -34.46
C GLY R 335 77.11 -88.44 -33.11
N ILE R 336 77.53 -87.19 -33.00
CA ILE R 336 77.13 -86.29 -31.92
C ILE R 336 77.00 -84.91 -32.52
N GLY R 337 76.06 -84.13 -31.98
CA GLY R 337 75.85 -82.79 -32.48
C GLY R 337 75.32 -82.74 -33.89
N SER R 338 75.29 -81.52 -34.42
CA SER R 338 74.59 -81.23 -35.66
C SER R 338 75.53 -80.62 -36.68
N GLY R 339 75.28 -80.89 -37.96
CA GLY R 339 76.04 -80.22 -39.00
C GLY R 339 75.58 -78.79 -39.18
N PHE R 340 76.53 -77.90 -39.37
CA PHE R 340 76.26 -76.49 -39.59
C PHE R 340 76.21 -76.21 -41.08
N ASP R 341 75.08 -75.72 -41.56
CA ASP R 341 74.84 -75.61 -42.98
C ASP R 341 73.99 -74.37 -43.30
N PRO R 342 74.29 -73.67 -44.40
CA PRO R 342 75.56 -73.57 -45.12
C PRO R 342 76.58 -72.66 -44.47
N PRO R 343 77.80 -73.13 -44.26
CA PRO R 343 78.93 -72.21 -44.28
C PRO R 343 79.53 -72.07 -45.69
N GLN R 344 79.96 -70.92 -46.22
CA GLN R 344 79.35 -69.59 -46.06
C GLN R 344 79.17 -69.12 -44.60
N GLY R 345 78.14 -68.36 -44.18
CA GLY R 345 77.22 -67.54 -44.94
C GLY R 345 77.91 -66.45 -45.72
N SER R 346 77.17 -65.79 -46.60
CA SER R 346 77.74 -64.79 -47.51
C SER R 346 78.93 -65.38 -48.24
N LEU R 347 79.99 -64.57 -48.39
CA LEU R 347 81.33 -65.06 -48.69
C LEU R 347 81.31 -66.12 -49.79
N ALA R 348 81.15 -65.71 -51.03
CA ALA R 348 80.71 -66.58 -52.11
C ALA R 348 81.45 -67.92 -52.09
N PRO R 349 80.74 -69.03 -52.20
CA PRO R 349 81.34 -70.34 -51.95
C PRO R 349 82.25 -70.79 -53.08
N THR R 350 83.06 -71.80 -52.77
CA THR R 350 83.97 -72.38 -53.74
C THR R 350 83.24 -73.32 -54.68
N ASN R 351 82.74 -74.44 -54.17
CA ASN R 351 82.04 -75.37 -55.04
C ASN R 351 80.61 -75.61 -54.56
N LEU R 352 79.94 -76.51 -55.25
CA LEU R 352 78.54 -76.83 -55.02
C LEU R 352 78.28 -77.25 -53.58
N GLU R 353 79.32 -77.77 -52.91
CA GLU R 353 79.15 -78.37 -51.60
C GLU R 353 78.60 -77.38 -50.58
N TYR R 354 78.85 -76.08 -50.78
CA TYR R 354 78.38 -75.03 -49.88
C TYR R 354 77.13 -74.32 -50.38
N LYS R 355 76.59 -74.71 -51.53
CA LYS R 355 75.70 -73.87 -52.31
C LYS R 355 74.24 -74.05 -51.91
N ILE R 356 73.99 -74.75 -50.80
CA ILE R 356 72.70 -75.28 -50.38
C ILE R 356 72.20 -76.20 -51.48
N GLN R 357 70.89 -76.45 -51.51
CA GLN R 357 70.22 -77.28 -52.50
C GLN R 357 68.86 -77.61 -51.90
N TRP R 358 67.87 -78.00 -52.71
CA TRP R 358 66.71 -78.70 -52.16
C TRP R 358 65.96 -79.37 -53.30
N TYR R 359 65.12 -80.35 -52.95
CA TYR R 359 64.47 -81.13 -53.99
C TYR R 359 63.09 -80.61 -54.35
N GLN R 360 62.53 -79.70 -53.55
CA GLN R 360 61.19 -79.14 -53.75
C GLN R 360 60.16 -80.19 -54.12
N THR R 361 60.30 -81.40 -53.58
CA THR R 361 59.47 -82.54 -53.91
C THR R 361 59.90 -83.73 -53.07
N PRO R 362 58.95 -84.45 -52.47
CA PRO R 362 59.34 -85.67 -51.74
C PRO R 362 59.76 -86.80 -52.65
N GLN R 363 59.25 -86.82 -53.89
CA GLN R 363 59.64 -87.88 -54.82
C GLN R 363 61.03 -87.66 -55.36
N GLY R 364 61.67 -86.55 -55.04
CA GLY R 364 62.97 -86.24 -55.59
C GLY R 364 64.06 -87.24 -55.25
N THR R 365 64.68 -87.82 -56.28
CA THR R 365 65.79 -88.75 -56.11
C THR R 365 67.08 -87.94 -55.99
N ASN R 366 68.22 -88.63 -56.07
CA ASN R 366 69.50 -87.95 -55.85
C ASN R 366 69.65 -86.74 -56.77
N ASN R 367 69.59 -86.94 -58.09
CA ASN R 367 69.46 -85.83 -59.02
C ASN R 367 68.11 -85.95 -59.73
N ASN R 368 67.18 -85.11 -59.30
CA ASN R 368 65.82 -84.93 -59.79
C ASN R 368 65.23 -83.89 -58.87
N GLY R 369 64.22 -83.15 -59.30
CA GLY R 369 63.90 -81.99 -58.50
C GLY R 369 65.18 -81.19 -58.41
N ASN R 370 65.68 -81.04 -57.19
CA ASN R 370 67.09 -80.75 -56.96
C ASN R 370 67.50 -79.38 -57.50
N ILE R 371 66.72 -78.36 -57.18
CA ILE R 371 67.09 -77.02 -57.61
C ILE R 371 68.16 -76.49 -56.66
N ILE R 372 69.16 -75.87 -57.22
CA ILE R 372 70.35 -75.48 -56.47
C ILE R 372 70.40 -73.97 -56.37
N SER R 373 70.78 -73.45 -55.22
CA SER R 373 70.87 -72.01 -55.04
C SER R 373 71.93 -71.43 -55.95
N ASN R 374 71.81 -70.14 -56.23
CA ASN R 374 72.67 -69.46 -57.19
C ASN R 374 72.99 -68.07 -56.67
N GLN R 375 73.93 -67.40 -57.33
CA GLN R 375 74.30 -66.07 -56.86
C GLN R 375 73.26 -65.05 -57.31
N PRO R 376 72.84 -64.15 -56.42
CA PRO R 376 71.86 -63.13 -56.81
C PRO R 376 72.40 -62.11 -57.79
N LEU R 377 73.72 -62.05 -57.94
CA LEU R 377 74.46 -61.03 -58.68
C LEU R 377 74.43 -59.71 -57.93
N SER R 378 73.74 -59.62 -56.81
CA SER R 378 73.92 -58.52 -55.87
C SER R 378 75.36 -58.48 -55.42
N MET R 379 75.84 -57.26 -55.17
CA MET R 379 77.27 -57.09 -54.90
C MET R 379 77.63 -57.16 -53.43
N LEU R 380 76.68 -57.45 -52.54
CA LEU R 380 77.01 -57.31 -51.13
C LEU R 380 77.88 -58.37 -50.47
N ARG R 381 77.51 -59.64 -50.20
CA ARG R 381 76.70 -60.70 -50.86
C ARG R 381 77.57 -61.61 -51.77
N ASP R 382 78.81 -61.22 -52.02
CA ASP R 382 79.73 -62.14 -52.69
C ASP R 382 80.97 -62.32 -51.83
N GLN R 383 81.73 -61.26 -51.63
CA GLN R 383 82.61 -61.10 -50.48
C GLN R 383 83.66 -62.22 -50.39
N ALA R 384 84.65 -62.12 -51.26
CA ALA R 384 85.87 -62.85 -51.01
C ALA R 384 86.70 -62.14 -49.94
N LEU R 385 87.84 -62.73 -49.61
CA LEU R 385 88.86 -62.03 -48.84
C LEU R 385 90.19 -62.68 -49.16
N PHE R 386 91.26 -61.89 -49.17
CA PHE R 386 92.49 -62.28 -49.85
C PHE R 386 93.70 -62.31 -48.93
N ARG R 387 94.03 -61.21 -48.26
CA ARG R 387 95.23 -61.18 -47.41
C ARG R 387 96.45 -61.46 -48.29
N GLY R 388 97.49 -62.09 -47.74
CA GLY R 388 98.65 -62.54 -48.50
C GLY R 388 99.34 -61.45 -49.29
N ASN R 389 100.31 -61.85 -50.09
CA ASN R 389 101.31 -62.83 -49.70
C ASN R 389 102.57 -62.03 -49.45
N GLN R 390 102.44 -60.72 -49.72
CA GLN R 390 103.46 -59.75 -50.10
C GLN R 390 103.73 -59.82 -51.60
N THR R 391 103.25 -60.86 -52.28
CA THR R 391 103.43 -61.06 -53.70
C THR R 391 102.09 -61.31 -54.39
N THR R 392 101.35 -62.32 -53.92
CA THR R 392 100.06 -62.69 -54.50
C THR R 392 98.99 -62.60 -53.41
N TYR R 393 97.75 -62.41 -53.81
CA TYR R 393 96.62 -62.54 -52.89
C TYR R 393 96.14 -63.99 -52.90
N ASN R 394 95.78 -64.50 -51.73
CA ASN R 394 95.36 -65.89 -51.58
C ASN R 394 94.07 -65.96 -50.78
N LEU R 395 93.00 -66.40 -51.43
CA LEU R 395 91.70 -66.48 -50.76
C LEU R 395 91.81 -67.22 -49.45
N CYS R 396 91.28 -66.61 -48.39
CA CYS R 396 91.49 -67.10 -47.03
C CYS R 396 90.23 -67.77 -46.49
N SER R 397 90.43 -68.93 -45.87
CA SER R 397 89.40 -69.63 -45.13
C SER R 397 89.04 -68.83 -43.87
N ASP R 398 87.91 -69.23 -43.26
CA ASP R 398 87.34 -68.54 -42.11
C ASP R 398 86.88 -67.15 -42.51
N VAL R 399 87.44 -66.09 -41.92
CA VAL R 399 86.81 -64.77 -41.81
C VAL R 399 85.67 -64.82 -40.81
N TRP R 400 86.01 -64.78 -39.53
CA TRP R 400 85.10 -64.65 -38.42
C TRP R 400 84.55 -63.23 -38.33
N MET R 401 83.80 -62.94 -37.27
CA MET R 401 83.24 -61.61 -37.10
C MET R 401 84.33 -60.58 -36.86
N PHE R 402 84.10 -59.38 -37.39
CA PHE R 402 85.05 -58.28 -37.37
C PHE R 402 84.25 -56.98 -37.33
N PRO R 403 84.78 -55.93 -36.71
CA PRO R 403 83.96 -54.74 -36.41
C PRO R 403 83.25 -54.11 -37.59
N ASN R 404 83.92 -53.94 -38.72
CA ASN R 404 83.35 -53.16 -39.80
C ASN R 404 82.58 -53.99 -40.81
N GLN R 405 82.34 -55.26 -40.53
CA GLN R 405 81.80 -56.14 -41.54
C GLN R 405 80.41 -55.74 -41.99
N ILE R 406 80.16 -55.89 -43.29
CA ILE R 406 78.83 -55.86 -43.85
C ILE R 406 78.62 -57.09 -44.70
N TRP R 407 77.49 -57.76 -44.52
CA TRP R 407 77.06 -58.80 -45.41
C TRP R 407 75.59 -58.58 -45.67
N ASP R 408 75.08 -59.28 -46.68
CA ASP R 408 73.68 -59.19 -47.00
C ASP R 408 73.03 -60.51 -46.66
N ARG R 409 71.89 -60.44 -45.99
CA ARG R 409 71.20 -61.66 -45.59
C ARG R 409 70.84 -62.46 -46.83
N TYR R 410 70.74 -63.77 -46.66
CA TYR R 410 70.51 -64.66 -47.78
C TYR R 410 69.29 -64.19 -48.59
N PRO R 411 69.38 -64.16 -49.92
CA PRO R 411 68.33 -63.54 -50.73
C PRO R 411 66.99 -64.22 -50.65
N ILE R 412 66.95 -65.42 -50.07
CA ILE R 412 65.83 -66.35 -50.02
C ILE R 412 65.21 -66.53 -51.39
N THR R 413 63.91 -66.85 -51.42
CA THR R 413 63.16 -67.22 -52.62
C THR R 413 61.78 -67.66 -52.17
N ARG R 414 60.91 -68.01 -53.11
CA ARG R 414 59.56 -68.41 -52.74
C ARG R 414 59.52 -69.73 -51.97
N GLU R 415 60.55 -70.56 -52.08
CA GLU R 415 60.57 -71.89 -51.50
C GLU R 415 61.04 -71.92 -50.05
N ASN R 416 61.37 -70.80 -49.48
CA ASN R 416 62.07 -70.80 -48.22
C ASN R 416 61.13 -70.79 -47.03
N PRO R 417 61.59 -71.24 -45.88
CA PRO R 417 60.85 -71.02 -44.64
C PRO R 417 60.82 -69.54 -44.28
N ILE R 418 59.67 -69.10 -43.77
CA ILE R 418 59.53 -67.70 -43.39
C ILE R 418 60.37 -67.39 -42.17
N TRP R 419 60.22 -68.18 -41.11
CA TRP R 419 60.83 -67.89 -39.83
C TRP R 419 61.54 -69.13 -39.29
N CYS R 420 62.33 -68.90 -38.25
CA CYS R 420 62.98 -69.92 -37.45
C CYS R 420 63.00 -69.43 -36.02
N LYS R 421 62.85 -70.35 -35.08
CA LYS R 421 62.81 -69.94 -33.68
C LYS R 421 64.22 -69.73 -33.16
N LYS R 422 64.46 -68.57 -32.56
CA LYS R 422 65.72 -68.29 -31.90
C LYS R 422 65.70 -68.93 -30.52
N PRO R 423 66.55 -69.92 -30.27
CA PRO R 423 66.52 -70.62 -28.98
C PRO R 423 66.90 -69.72 -27.82
N ARG R 424 66.20 -69.90 -26.71
CA ARG R 424 66.43 -69.09 -25.53
C ARG R 424 67.78 -69.43 -24.92
N SER R 425 68.62 -68.42 -24.74
CA SER R 425 69.93 -68.62 -24.14
C SER R 425 70.39 -67.29 -23.58
N ASP R 426 71.38 -67.37 -22.68
CA ASP R 426 71.88 -66.17 -22.03
C ASP R 426 72.47 -65.21 -23.06
N LYS R 427 73.44 -65.68 -23.83
CA LYS R 427 74.20 -64.81 -24.72
C LYS R 427 74.08 -65.31 -26.15
N HIS R 428 74.15 -64.36 -27.08
CA HIS R 428 74.18 -64.70 -28.49
C HIS R 428 74.76 -63.55 -29.28
N THR R 429 75.18 -63.84 -30.50
CA THR R 429 75.70 -62.86 -31.44
C THR R 429 74.61 -62.33 -32.34
N THR R 430 74.99 -61.73 -33.48
CA THR R 430 74.06 -60.91 -34.27
C THR R 430 72.76 -61.63 -34.61
N ILE R 431 72.77 -62.96 -34.69
CA ILE R 431 71.61 -63.76 -35.09
C ILE R 431 71.17 -63.42 -36.51
N ASP R 432 71.98 -63.81 -37.50
CA ASP R 432 71.50 -63.82 -38.88
C ASP R 432 71.53 -65.25 -39.39
N PRO R 433 70.39 -65.93 -39.52
CA PRO R 433 70.41 -67.30 -40.02
C PRO R 433 70.84 -67.35 -41.47
N PHE R 434 71.68 -68.33 -41.79
CA PHE R 434 72.20 -68.46 -43.15
C PHE R 434 71.27 -69.23 -44.06
N ASP R 435 70.13 -69.65 -43.56
CA ASP R 435 69.06 -70.22 -44.36
C ASP R 435 68.15 -69.14 -44.90
N GLY R 436 68.53 -67.88 -44.73
CA GLY R 436 67.58 -66.81 -44.88
C GLY R 436 66.61 -66.89 -43.72
N SER R 437 65.33 -67.02 -44.03
CA SER R 437 64.29 -67.11 -43.01
C SER R 437 64.39 -65.95 -42.02
N LEU R 438 64.11 -66.23 -40.75
CA LEU R 438 64.04 -65.19 -39.73
C LEU R 438 64.23 -65.85 -38.39
N ALA R 439 64.55 -65.04 -37.39
CA ALA R 439 64.65 -65.50 -36.03
C ALA R 439 63.68 -64.69 -35.18
N MET R 440 62.94 -65.37 -34.33
CA MET R 440 62.03 -64.69 -33.42
C MET R 440 62.10 -65.34 -32.06
N ASP R 441 61.96 -64.53 -31.02
CA ASP R 441 61.83 -65.06 -29.67
C ASP R 441 60.66 -66.04 -29.62
N HIS R 442 59.48 -65.55 -29.96
CA HIS R 442 58.29 -66.38 -30.06
C HIS R 442 57.81 -66.36 -31.50
N PRO R 443 58.04 -67.41 -32.27
CA PRO R 443 57.45 -67.51 -33.59
C PRO R 443 55.98 -67.85 -33.47
N PRO R 444 55.27 -68.06 -34.57
CA PRO R 444 53.91 -68.58 -34.46
C PRO R 444 53.91 -69.88 -33.67
N GLY R 445 53.05 -69.94 -32.66
CA GLY R 445 52.95 -71.14 -31.86
C GLY R 445 52.42 -72.28 -32.71
N THR R 446 53.11 -73.42 -32.65
CA THR R 446 52.66 -74.57 -33.42
C THR R 446 51.30 -75.02 -32.91
N ILE R 447 50.38 -75.24 -33.83
CA ILE R 447 49.05 -75.73 -33.50
C ILE R 447 49.08 -77.25 -33.61
N PHE R 448 48.78 -77.92 -32.50
CA PHE R 448 48.78 -79.37 -32.42
C PHE R 448 47.35 -79.86 -32.44
N ILE R 449 47.16 -81.05 -33.00
CA ILE R 449 45.84 -81.61 -33.15
C ILE R 449 45.92 -83.13 -33.09
N LYS R 450 44.93 -83.75 -32.46
CA LYS R 450 44.94 -85.17 -32.18
C LYS R 450 43.50 -85.67 -32.30
N MET R 451 43.35 -86.99 -32.38
CA MET R 451 42.08 -87.60 -32.72
C MET R 451 41.24 -88.03 -31.52
N ALA R 452 41.64 -87.72 -30.30
CA ALA R 452 40.76 -87.98 -29.16
C ALA R 452 40.41 -89.45 -29.02
N LYS R 453 41.33 -90.24 -28.45
CA LYS R 453 41.18 -91.68 -28.39
C LYS R 453 39.80 -92.07 -27.90
N ILE R 454 39.15 -92.94 -28.67
CA ILE R 454 37.87 -93.50 -28.28
C ILE R 454 38.09 -94.98 -28.04
N PRO R 455 38.12 -95.43 -26.80
CA PRO R 455 38.46 -96.82 -26.53
C PRO R 455 37.26 -97.72 -26.76
N VAL R 456 37.49 -99.02 -26.64
CA VAL R 456 36.45 -100.01 -26.85
C VAL R 456 36.63 -101.09 -25.80
N PRO R 457 35.56 -101.67 -25.29
CA PRO R 457 35.69 -102.61 -24.17
C PRO R 457 36.28 -103.94 -24.62
N SER R 458 37.02 -104.57 -23.71
CA SER R 458 37.57 -105.89 -23.95
C SER R 458 37.76 -106.59 -22.62
N ASN R 459 38.17 -107.86 -22.69
CA ASN R 459 38.33 -108.67 -21.48
C ASN R 459 39.68 -108.45 -20.82
N ASN R 460 40.74 -108.36 -21.61
CA ASN R 460 42.13 -108.39 -21.12
C ASN R 460 42.45 -107.49 -19.90
N ASN R 461 42.09 -106.21 -19.89
CA ASN R 461 41.36 -105.53 -20.96
C ASN R 461 42.31 -104.66 -21.77
N ALA R 462 41.75 -104.00 -22.77
CA ALA R 462 42.48 -103.12 -23.67
C ALA R 462 43.68 -103.86 -24.32
N ASP R 463 44.77 -103.20 -24.75
CA ASP R 463 44.74 -101.86 -25.34
C ASP R 463 44.05 -101.94 -26.70
N SER R 464 42.97 -101.17 -26.82
CA SER R 464 42.19 -101.16 -28.05
C SER R 464 41.47 -99.83 -28.14
N TYR R 465 41.20 -99.42 -29.36
CA TYR R 465 40.62 -98.11 -29.60
C TYR R 465 39.88 -98.13 -30.92
N LEU R 466 39.05 -97.13 -31.12
CA LEU R 466 38.24 -97.04 -32.32
C LEU R 466 38.99 -96.26 -33.38
N ASN R 467 38.94 -96.75 -34.62
CA ASN R 467 39.76 -96.22 -35.70
C ASN R 467 38.99 -95.13 -36.43
N ILE R 468 39.46 -93.89 -36.31
CA ILE R 468 38.80 -92.73 -36.88
C ILE R 468 39.84 -91.80 -37.48
N TYR R 469 39.36 -90.80 -38.22
CA TYR R 469 40.22 -89.73 -38.69
C TYR R 469 39.39 -88.47 -38.83
N CYS R 470 40.07 -87.34 -38.81
CA CYS R 470 39.42 -86.05 -38.89
C CYS R 470 39.75 -85.40 -40.22
N THR R 471 38.87 -84.51 -40.65
CA THR R 471 39.05 -83.80 -41.89
C THR R 471 38.43 -82.43 -41.72
N GLY R 472 39.07 -81.41 -42.26
CA GLY R 472 38.56 -80.08 -42.05
C GLY R 472 39.34 -79.07 -42.84
N GLN R 473 39.14 -77.80 -42.49
CA GLN R 473 39.69 -76.72 -43.27
C GLN R 473 40.40 -75.72 -42.37
N VAL R 474 41.67 -75.50 -42.63
CA VAL R 474 42.46 -74.46 -41.98
C VAL R 474 42.48 -73.26 -42.91
N SER R 475 42.29 -72.08 -42.35
CA SER R 475 42.46 -70.85 -43.10
C SER R 475 43.53 -70.04 -42.41
N CYS R 476 44.68 -69.90 -43.05
CA CYS R 476 45.77 -69.10 -42.51
C CYS R 476 45.77 -67.76 -43.24
N GLU R 477 45.36 -66.72 -42.54
CA GLU R 477 45.28 -65.38 -43.11
C GLU R 477 46.31 -64.51 -42.38
N ILE R 478 47.35 -64.10 -43.09
CA ILE R 478 48.44 -63.38 -42.46
C ILE R 478 48.62 -62.03 -43.14
N VAL R 479 48.94 -61.02 -42.36
CA VAL R 479 49.11 -59.66 -42.82
C VAL R 479 50.59 -59.36 -42.87
N TRP R 480 51.02 -58.68 -43.92
CA TRP R 480 52.43 -58.41 -44.16
C TRP R 480 52.65 -56.91 -44.14
N GLU R 481 53.45 -56.43 -43.20
CA GLU R 481 53.96 -55.07 -43.32
C GLU R 481 54.83 -55.00 -44.55
N VAL R 482 54.55 -54.05 -45.42
CA VAL R 482 55.19 -53.99 -46.72
C VAL R 482 55.52 -52.54 -47.04
N GLU R 483 56.64 -52.32 -47.71
CA GLU R 483 57.11 -50.98 -48.05
C GLU R 483 57.47 -50.92 -49.51
N ARG R 484 57.05 -49.86 -50.18
CA ARG R 484 57.14 -49.74 -51.63
C ARG R 484 58.33 -48.86 -52.01
N TYR R 485 58.96 -49.19 -53.13
CA TYR R 485 60.25 -48.59 -53.44
C TYR R 485 60.12 -47.40 -54.36
N ALA R 486 60.95 -46.40 -54.12
CA ALA R 486 61.16 -45.29 -55.03
C ALA R 486 62.65 -45.06 -55.17
N THR R 487 63.08 -44.71 -56.37
CA THR R 487 64.52 -44.55 -56.59
C THR R 487 64.75 -43.52 -57.68
N LYS R 488 65.96 -42.98 -57.67
CA LYS R 488 66.37 -41.97 -58.64
C LYS R 488 67.11 -42.55 -59.82
N ASN R 489 67.24 -43.87 -59.89
CA ASN R 489 67.90 -44.48 -61.03
C ASN R 489 67.19 -44.13 -62.32
N TRP R 490 67.96 -43.85 -63.36
CA TRP R 490 67.39 -43.54 -64.66
C TRP R 490 66.99 -44.80 -65.42
N ARG R 491 67.68 -45.88 -65.20
CA ARG R 491 67.61 -47.07 -66.03
C ARG R 491 66.54 -48.05 -65.58
N PRO R 492 66.15 -48.98 -66.45
CA PRO R 492 64.99 -49.83 -66.19
C PRO R 492 65.07 -50.76 -64.99
N GLU R 493 66.23 -50.99 -64.40
CA GLU R 493 66.42 -51.98 -63.32
C GLU R 493 66.01 -53.37 -63.84
N ARG R 494 65.39 -54.20 -63.00
CA ARG R 494 65.19 -55.60 -63.33
C ARG R 494 63.94 -56.10 -62.64
N ARG R 495 63.24 -57.04 -63.28
CA ARG R 495 62.04 -57.61 -62.72
C ARG R 495 62.09 -59.11 -62.91
N HIS R 496 61.02 -59.79 -62.53
CA HIS R 496 60.91 -61.23 -62.75
C HIS R 496 59.88 -61.48 -63.83
N THR R 497 60.36 -61.81 -65.02
CA THR R 497 59.53 -62.26 -66.11
C THR R 497 59.23 -63.76 -65.98
N THR R 498 58.15 -64.18 -66.63
CA THR R 498 57.99 -65.59 -66.93
C THR R 498 59.09 -66.09 -67.86
N PHE R 499 59.81 -65.20 -68.53
CA PHE R 499 60.81 -65.71 -69.47
C PHE R 499 61.96 -66.40 -68.76
N GLY R 500 62.19 -66.10 -67.48
CA GLY R 500 63.09 -66.94 -66.72
C GLY R 500 62.57 -68.35 -66.57
N LEU R 501 61.26 -68.52 -66.64
CA LEU R 501 60.61 -69.82 -66.52
C LEU R 501 60.81 -70.62 -67.79
N GLY R 502 60.57 -71.92 -67.70
CA GLY R 502 60.75 -72.80 -68.85
C GLY R 502 59.74 -73.91 -68.83
N ILE R 503 59.60 -74.55 -70.00
CA ILE R 503 58.53 -75.50 -70.28
C ILE R 503 58.88 -76.86 -69.69
N GLY R 504 57.87 -77.59 -69.25
CA GLY R 504 58.15 -78.91 -68.68
C GLY R 504 56.89 -79.73 -68.46
N GLY R 505 57.12 -80.98 -68.09
CA GLY R 505 56.11 -81.95 -67.69
C GLY R 505 55.55 -82.74 -68.86
N ALA R 506 55.24 -84.02 -68.60
CA ALA R 506 54.65 -84.95 -69.57
C ALA R 506 55.29 -84.84 -70.94
N ASP R 507 54.46 -84.81 -71.97
CA ASP R 507 54.85 -84.17 -73.21
C ASP R 507 55.05 -82.69 -72.91
N ASN R 508 56.12 -82.11 -73.46
CA ASN R 508 56.73 -80.92 -72.85
C ASN R 508 55.71 -79.83 -72.51
N LEU R 509 54.53 -79.87 -73.13
CA LEU R 509 53.53 -78.82 -73.01
C LEU R 509 53.22 -78.48 -71.56
N ASN R 510 52.82 -77.23 -71.35
CA ASN R 510 52.59 -76.44 -70.15
C ASN R 510 53.92 -75.90 -69.66
N PRO R 511 54.00 -74.66 -69.21
CA PRO R 511 55.32 -74.09 -68.95
C PRO R 511 56.00 -74.52 -67.66
N THR R 512 55.57 -73.96 -66.54
CA THR R 512 56.26 -74.23 -65.28
C THR R 512 55.32 -74.32 -64.09
N TYR R 513 54.69 -73.21 -63.70
CA TYR R 513 53.71 -73.30 -62.64
C TYR R 513 52.35 -73.50 -63.31
N HIS R 514 51.91 -74.77 -63.30
CA HIS R 514 50.80 -75.16 -64.14
C HIS R 514 50.61 -76.65 -64.00
N VAL R 515 49.43 -77.11 -64.39
CA VAL R 515 49.10 -78.52 -64.28
C VAL R 515 49.58 -79.32 -65.47
N ASP R 516 49.78 -80.61 -65.26
CA ASP R 516 50.11 -81.59 -66.27
C ASP R 516 48.82 -82.17 -66.84
N LYS R 517 48.87 -83.27 -67.59
CA LYS R 517 47.67 -83.72 -68.31
C LYS R 517 46.65 -84.81 -67.83
N ASN R 518 46.80 -85.71 -66.85
CA ASN R 518 47.95 -86.15 -66.02
C ASN R 518 48.16 -85.25 -64.82
N GLY R 519 47.27 -84.28 -64.63
CA GLY R 519 47.67 -83.06 -63.97
C GLY R 519 48.43 -83.22 -62.70
N THR R 520 49.67 -82.75 -62.77
CA THR R 520 50.62 -82.69 -61.68
C THR R 520 51.33 -81.37 -61.83
N TYR R 521 51.28 -80.56 -60.80
CA TYR R 521 51.84 -79.22 -60.84
C TYR R 521 53.31 -79.30 -61.21
N ILE R 522 53.69 -78.62 -62.29
CA ILE R 522 55.06 -78.72 -62.77
C ILE R 522 55.98 -77.96 -61.83
N GLN R 523 57.02 -78.57 -61.46
CA GLN R 523 57.82 -77.83 -60.50
C GLN R 523 58.86 -76.97 -61.22
N PRO R 524 59.17 -75.82 -60.63
CA PRO R 524 60.21 -74.97 -61.17
C PRO R 524 61.57 -75.65 -61.08
N THR R 525 62.32 -75.61 -62.18
CA THR R 525 63.61 -76.28 -62.28
C THR R 525 64.74 -75.25 -62.27
N THR R 526 65.70 -75.47 -61.37
CA THR R 526 66.74 -74.61 -60.83
C THR R 526 66.26 -73.32 -60.17
N TRP R 527 67.14 -72.33 -60.06
CA TRP R 527 66.99 -71.32 -59.03
C TRP R 527 66.19 -70.11 -59.50
N ASP R 528 66.44 -69.65 -60.72
CA ASP R 528 65.78 -68.44 -61.19
C ASP R 528 64.27 -68.61 -61.34
N MET R 529 63.81 -69.81 -61.62
CA MET R 529 62.38 -70.09 -61.71
C MET R 529 61.65 -69.52 -60.50
N CYS R 530 61.90 -70.11 -59.33
CA CYS R 530 61.52 -69.46 -58.08
C CYS R 530 62.16 -68.08 -58.07
N PHE R 531 61.36 -67.06 -57.82
CA PHE R 531 61.86 -65.72 -58.06
C PHE R 531 62.39 -65.13 -56.77
N PRO R 532 63.71 -65.03 -56.60
CA PRO R 532 64.25 -64.62 -55.31
C PRO R 532 64.13 -63.12 -55.13
N VAL R 533 63.87 -62.69 -53.90
CA VAL R 533 64.06 -61.29 -53.62
C VAL R 533 65.54 -60.99 -53.58
N LYS R 534 65.88 -59.71 -53.65
CA LYS R 534 67.22 -59.16 -53.49
C LYS R 534 67.97 -59.17 -54.82
N THR R 535 67.39 -59.76 -55.86
CA THR R 535 67.96 -59.69 -57.20
C THR R 535 67.40 -58.53 -58.00
N ASN R 536 66.50 -57.74 -57.42
CA ASN R 536 65.83 -56.68 -58.15
C ASN R 536 66.01 -55.34 -57.45
N ILE R 537 65.34 -54.35 -58.01
CA ILE R 537 65.42 -52.95 -57.61
C ILE R 537 66.88 -52.54 -57.59
N ASN R 538 67.23 -51.61 -56.71
CA ASN R 538 68.60 -51.20 -56.42
C ASN R 538 68.57 -50.43 -55.11
N LYS R 539 69.72 -50.28 -54.49
CA LYS R 539 69.85 -49.38 -53.35
C LYS R 539 71.20 -48.68 -53.43
N VAL R 540 71.19 -47.37 -53.27
CA VAL R 540 72.43 -46.68 -52.99
C VAL R 540 72.86 -47.04 -51.58
N LEU R 541 74.09 -47.52 -51.46
CA LEU R 541 74.58 -47.93 -50.15
C LEU R 541 74.89 -46.72 -49.29
N GLY S 34 66.76 -4.35 -48.67
CA GLY S 34 66.64 -4.36 -50.11
C GLY S 34 66.81 -5.74 -50.73
N SER S 35 66.77 -5.79 -52.07
CA SER S 35 66.92 -7.04 -52.79
C SER S 35 67.40 -6.74 -54.20
N GLY S 36 67.93 -7.78 -54.85
CA GLY S 36 68.38 -7.67 -56.23
C GLY S 36 69.88 -7.52 -56.32
N VAL S 37 70.35 -7.38 -57.56
CA VAL S 37 71.76 -7.14 -57.82
C VAL S 37 72.18 -5.84 -57.14
N GLY S 38 73.40 -5.83 -56.61
CA GLY S 38 73.91 -4.68 -55.92
C GLY S 38 73.62 -4.65 -54.44
N ILE S 39 72.95 -5.66 -53.91
CA ILE S 39 72.67 -5.78 -52.49
C ILE S 39 73.19 -7.14 -52.05
N SER S 40 74.21 -7.14 -51.19
CA SER S 40 74.80 -8.40 -50.77
C SER S 40 73.80 -9.20 -49.96
N THR S 41 73.83 -10.52 -50.12
CA THR S 41 72.81 -11.32 -49.46
C THR S 41 73.16 -11.61 -48.02
N GLY S 42 74.41 -11.94 -47.73
CA GLY S 42 74.85 -12.19 -46.37
C GLY S 42 76.30 -11.81 -46.23
N GLY S 43 76.71 -11.67 -44.97
CA GLY S 43 78.06 -11.23 -44.66
C GLY S 43 78.97 -12.38 -44.26
N TRP S 44 80.23 -12.03 -44.04
CA TRP S 44 81.21 -13.00 -43.62
C TRP S 44 80.95 -13.44 -42.19
N VAL S 45 81.42 -14.64 -41.84
CA VAL S 45 81.12 -15.27 -40.56
C VAL S 45 82.33 -16.07 -40.12
N GLY S 46 82.52 -16.18 -38.81
CA GLY S 46 83.54 -17.07 -38.28
C GLY S 46 83.84 -16.76 -36.83
N GLY S 47 84.89 -17.42 -36.31
CA GLY S 47 85.50 -17.06 -35.04
C GLY S 47 85.23 -17.99 -33.87
N SER S 48 84.51 -19.08 -34.08
CA SER S 48 84.09 -20.04 -33.07
C SER S 48 83.37 -19.46 -31.86
N TYR S 49 83.31 -20.22 -30.75
CA TYR S 49 82.52 -19.78 -29.61
C TYR S 49 83.02 -20.26 -28.24
N PHE S 50 82.92 -21.57 -27.99
CA PHE S 50 83.32 -22.24 -26.76
C PHE S 50 82.57 -21.90 -25.47
N THR S 51 81.37 -22.48 -25.31
CA THR S 51 80.69 -22.61 -24.03
C THR S 51 80.82 -24.04 -23.52
N ASP S 52 80.80 -24.20 -22.20
CA ASP S 52 80.96 -25.49 -21.55
C ASP S 52 80.10 -26.59 -22.16
N SER S 53 78.85 -26.26 -22.48
CA SER S 53 77.93 -27.26 -23.00
C SER S 53 78.12 -27.52 -24.49
N TYR S 54 78.52 -26.51 -25.27
CA TYR S 54 78.64 -26.69 -26.70
C TYR S 54 79.63 -25.69 -27.28
N VAL S 55 80.13 -26.02 -28.47
CA VAL S 55 81.05 -25.18 -29.20
C VAL S 55 80.47 -24.91 -30.58
N ILE S 56 80.37 -23.64 -30.94
CA ILE S 56 79.85 -23.22 -32.24
C ILE S 56 81.03 -22.76 -33.08
N THR S 57 81.36 -23.51 -34.11
CA THR S 57 82.41 -23.12 -35.05
C THR S 57 81.75 -22.55 -36.30
N LYS S 58 82.23 -21.40 -36.73
CA LYS S 58 81.69 -20.71 -37.88
C LYS S 58 82.81 -20.51 -38.88
N ASN S 59 82.51 -20.69 -40.16
CA ASN S 59 83.50 -20.56 -41.21
C ASN S 59 82.85 -20.02 -42.46
N THR S 60 83.65 -19.40 -43.30
CA THR S 60 83.17 -18.82 -44.56
C THR S 60 84.27 -18.97 -45.58
N ARG S 61 83.88 -19.14 -46.85
CA ARG S 61 84.83 -19.42 -47.90
C ARG S 61 84.49 -18.65 -49.16
N GLN S 62 85.41 -18.67 -50.10
CA GLN S 62 85.20 -18.18 -51.44
C GLN S 62 85.43 -19.36 -52.37
N PHE S 63 84.46 -19.67 -53.22
CA PHE S 63 84.55 -20.86 -54.05
C PHE S 63 84.29 -20.50 -55.50
N LEU S 64 84.61 -21.41 -56.41
CA LEU S 64 84.22 -21.22 -57.80
C LEU S 64 83.89 -22.54 -58.46
N VAL S 65 82.89 -22.50 -59.33
CA VAL S 65 82.42 -23.65 -60.07
C VAL S 65 82.86 -23.47 -61.52
N LYS S 66 83.50 -24.49 -62.09
CA LYS S 66 84.30 -24.33 -63.30
C LYS S 66 83.63 -24.80 -64.58
N ILE S 67 82.40 -25.34 -64.53
CA ILE S 67 81.83 -26.09 -65.64
C ILE S 67 82.72 -27.28 -65.97
N GLN S 68 82.66 -28.32 -65.15
CA GLN S 68 83.42 -29.52 -65.47
C GLN S 68 82.69 -30.37 -66.50
N ASN S 69 83.48 -31.01 -67.36
CA ASN S 69 83.01 -32.11 -68.21
C ASN S 69 81.99 -31.65 -69.24
N ASN S 70 82.20 -30.49 -69.83
CA ASN S 70 81.17 -29.81 -70.63
C ASN S 70 79.94 -29.78 -69.74
N HIS S 71 78.74 -29.98 -70.25
CA HIS S 71 77.65 -30.35 -69.36
C HIS S 71 77.25 -31.81 -69.49
N GLN S 72 77.84 -32.53 -70.42
CA GLN S 72 77.55 -33.95 -70.58
C GLN S 72 78.29 -34.78 -69.55
N TYR S 73 77.82 -36.01 -69.37
CA TYR S 73 78.25 -36.95 -68.34
C TYR S 73 79.46 -37.80 -68.73
N LYS S 74 79.35 -38.57 -69.79
CA LYS S 74 80.28 -39.63 -70.18
C LYS S 74 80.44 -40.69 -69.10
N THR S 75 81.57 -41.41 -69.14
CA THR S 75 81.84 -42.52 -68.22
C THR S 75 83.30 -42.44 -67.76
N GLU S 76 84.21 -42.40 -68.73
CA GLU S 76 85.63 -42.06 -68.63
C GLU S 76 86.60 -43.19 -68.33
N LEU S 77 86.13 -44.36 -67.85
CA LEU S 77 86.96 -45.56 -67.74
C LEU S 77 88.38 -45.23 -67.30
N ILE S 78 88.53 -44.83 -66.04
CA ILE S 78 89.64 -43.97 -65.65
C ILE S 78 91.01 -44.55 -66.02
N SER S 79 91.51 -45.49 -65.22
CA SER S 79 92.71 -46.27 -65.46
C SER S 79 93.98 -45.42 -65.53
N PRO S 80 95.12 -45.94 -65.13
CA PRO S 80 96.37 -45.54 -65.79
C PRO S 80 96.73 -46.58 -66.83
N SER S 81 97.83 -46.40 -67.56
CA SER S 81 98.37 -47.50 -68.35
C SER S 81 99.90 -47.55 -68.35
N THR S 82 100.55 -48.63 -67.91
CA THR S 82 100.11 -49.69 -66.95
C THR S 82 98.68 -50.25 -67.05
N SER S 83 98.34 -50.74 -68.25
CA SER S 83 97.00 -51.29 -68.50
C SER S 83 96.64 -52.41 -67.53
N GLN S 84 97.63 -52.98 -66.84
CA GLN S 84 97.37 -53.99 -65.81
C GLN S 84 96.57 -53.42 -64.64
N GLY S 85 96.40 -52.10 -64.57
CA GLY S 85 95.73 -51.50 -63.44
C GLY S 85 94.27 -51.89 -63.35
N LYS S 86 93.61 -51.35 -62.32
CA LYS S 86 92.21 -51.70 -62.06
C LYS S 86 91.30 -51.17 -63.17
N SER S 87 91.51 -49.92 -63.59
CA SER S 87 90.78 -49.34 -64.71
C SER S 87 89.29 -49.25 -64.41
N GLN S 88 88.95 -48.72 -63.25
CA GLN S 88 87.55 -48.50 -62.91
C GLN S 88 86.89 -47.57 -63.93
N ARG S 89 85.66 -47.89 -64.30
CA ARG S 89 85.02 -47.15 -65.39
C ARG S 89 84.45 -45.82 -64.91
N CYS S 90 83.92 -45.81 -63.70
CA CYS S 90 83.26 -44.65 -63.09
C CYS S 90 82.19 -43.99 -63.94
N VAL S 91 81.90 -42.74 -63.63
CA VAL S 91 80.98 -41.86 -64.35
C VAL S 91 81.38 -40.45 -64.02
N SER S 92 81.36 -39.56 -64.99
CA SER S 92 81.64 -38.15 -64.72
C SER S 92 80.33 -37.39 -64.89
N THR S 93 80.20 -36.30 -64.17
CA THR S 93 78.99 -35.49 -64.21
C THR S 93 79.38 -34.03 -64.34
N PRO S 94 78.48 -33.18 -64.84
CA PRO S 94 78.75 -31.74 -64.83
C PRO S 94 78.77 -31.14 -63.45
N TRP S 95 78.30 -31.86 -62.44
CA TRP S 95 78.12 -31.30 -61.12
C TRP S 95 79.42 -31.24 -60.34
N SER S 96 79.49 -30.27 -59.44
CA SER S 96 80.54 -30.15 -58.43
C SER S 96 79.86 -30.19 -57.08
N TYR S 97 80.63 -30.47 -56.04
CA TYR S 97 80.02 -30.64 -54.73
C TYR S 97 80.87 -30.03 -53.64
N PHE S 98 80.20 -29.71 -52.54
CA PHE S 98 80.85 -29.19 -51.34
C PHE S 98 81.15 -30.33 -50.39
N ASN S 99 82.42 -30.52 -50.07
CA ASN S 99 82.85 -31.48 -49.07
C ASN S 99 83.24 -30.72 -47.82
N PHE S 100 82.45 -30.85 -46.76
CA PHE S 100 82.74 -30.20 -45.49
C PHE S 100 83.43 -31.11 -44.49
N ASN S 101 83.78 -32.33 -44.88
CA ASN S 101 84.14 -33.36 -43.92
C ASN S 101 85.64 -33.31 -43.66
N GLN S 102 86.00 -32.77 -42.51
CA GLN S 102 87.34 -32.76 -41.94
C GLN S 102 87.29 -31.90 -40.70
N TYR S 103 88.22 -32.12 -39.77
CA TYR S 103 88.25 -31.26 -38.60
C TYR S 103 89.01 -29.98 -38.86
N SER S 104 90.14 -30.08 -39.56
CA SER S 104 90.97 -28.91 -39.78
C SER S 104 90.26 -27.82 -40.56
N SER S 105 89.13 -28.13 -41.19
CA SER S 105 88.37 -27.11 -41.88
C SER S 105 87.60 -26.25 -40.90
N HIS S 106 87.03 -26.85 -39.87
CA HIS S 106 86.14 -26.16 -38.96
C HIS S 106 86.83 -25.63 -37.71
N PHE S 107 88.08 -26.00 -37.46
CA PHE S 107 88.77 -25.62 -36.23
C PHE S 107 90.12 -25.00 -36.56
N SER S 108 90.35 -23.80 -36.06
CA SER S 108 91.68 -23.24 -36.12
C SER S 108 92.61 -24.07 -35.24
N PRO S 109 93.91 -24.01 -35.50
CA PRO S 109 94.84 -24.72 -34.62
C PRO S 109 94.72 -24.34 -33.16
N GLN S 110 94.17 -23.16 -32.84
CA GLN S 110 93.87 -22.88 -31.45
C GLN S 110 92.51 -23.38 -31.00
N ASP S 111 91.47 -23.25 -31.82
CA ASP S 111 90.17 -23.78 -31.44
C ASP S 111 90.27 -25.27 -31.16
N TRP S 112 90.72 -26.03 -32.14
CA TRP S 112 91.31 -27.32 -31.84
C TRP S 112 92.46 -27.05 -30.90
N GLN S 113 92.68 -27.94 -29.93
CA GLN S 113 93.56 -27.74 -28.79
C GLN S 113 92.93 -26.87 -27.71
N ARG S 114 91.91 -26.09 -28.01
CA ARG S 114 91.12 -25.59 -26.92
C ARG S 114 90.10 -26.62 -26.47
N LEU S 115 89.51 -27.35 -27.40
CA LEU S 115 88.66 -28.47 -27.01
C LEU S 115 89.45 -29.72 -26.69
N THR S 116 90.53 -29.97 -27.42
CA THR S 116 91.31 -31.17 -27.15
C THR S 116 91.91 -31.12 -25.76
N ASN S 117 92.24 -29.93 -25.28
CA ASN S 117 92.75 -29.81 -23.91
C ASN S 117 91.62 -29.78 -22.90
N GLU S 118 90.54 -29.07 -23.19
CA GLU S 118 89.57 -28.72 -22.16
C GLU S 118 88.35 -29.62 -22.09
N TYR S 119 88.21 -30.62 -22.95
CA TYR S 119 86.97 -31.39 -22.96
C TYR S 119 87.21 -32.88 -23.09
N LYS S 120 86.33 -33.66 -22.44
CA LYS S 120 86.36 -35.12 -22.58
C LYS S 120 85.99 -35.55 -23.98
N ARG S 121 84.87 -35.06 -24.48
CA ARG S 121 84.27 -35.65 -25.65
C ARG S 121 83.45 -34.61 -26.36
N PHE S 122 83.25 -34.83 -27.65
CA PHE S 122 82.48 -33.91 -28.46
C PHE S 122 81.90 -34.66 -29.64
N ARG S 123 80.77 -34.20 -30.12
CA ARG S 123 80.21 -34.70 -31.36
C ARG S 123 79.48 -33.54 -32.01
N PRO S 124 79.46 -33.47 -33.33
CA PRO S 124 78.73 -32.39 -33.98
C PRO S 124 77.24 -32.57 -33.74
N LYS S 125 76.61 -31.51 -33.25
CA LYS S 125 75.17 -31.54 -32.98
C LYS S 125 74.36 -31.20 -34.21
N GLY S 126 74.77 -30.20 -34.97
CA GLY S 126 74.00 -29.73 -36.11
C GLY S 126 74.91 -29.00 -37.06
N MET S 127 74.35 -28.63 -38.21
CA MET S 127 75.12 -27.99 -39.26
C MET S 127 74.21 -27.08 -40.05
N HIS S 128 74.73 -25.92 -40.42
CA HIS S 128 73.94 -24.93 -41.14
C HIS S 128 74.83 -24.33 -42.22
N VAL S 129 74.40 -24.43 -43.47
CA VAL S 129 75.22 -24.01 -44.60
C VAL S 129 74.45 -22.97 -45.40
N LYS S 130 75.15 -21.95 -45.87
CA LYS S 130 74.52 -20.87 -46.62
C LYS S 130 75.38 -20.54 -47.82
N ILE S 131 74.79 -20.67 -49.01
CA ILE S 131 75.38 -20.17 -50.24
C ILE S 131 74.85 -18.77 -50.43
N TYR S 132 75.72 -17.83 -50.76
CA TYR S 132 75.27 -16.47 -50.97
C TYR S 132 76.37 -15.69 -51.68
N ASN S 133 76.07 -14.44 -51.99
CA ASN S 133 76.99 -13.55 -52.71
C ASN S 133 77.53 -14.21 -53.98
N LEU S 134 76.62 -14.70 -54.79
CA LEU S 134 77.01 -15.41 -56.00
C LEU S 134 77.41 -14.43 -57.10
N GLN S 135 78.27 -14.89 -58.01
CA GLN S 135 78.73 -14.09 -59.12
C GLN S 135 78.91 -15.00 -60.33
N ILE S 136 78.44 -14.57 -61.49
CA ILE S 136 78.65 -15.30 -62.73
C ILE S 136 79.47 -14.41 -63.65
N LYS S 137 80.69 -14.81 -63.96
CA LYS S 137 81.62 -13.87 -64.55
C LYS S 137 81.84 -13.99 -66.05
N GLN S 138 81.28 -14.99 -66.73
CA GLN S 138 81.29 -15.00 -68.20
C GLN S 138 82.71 -14.90 -68.77
N ILE S 139 83.44 -16.01 -68.71
CA ILE S 139 84.76 -16.07 -69.32
C ILE S 139 84.68 -15.68 -70.79
N LEU S 140 85.62 -14.86 -71.23
CA LEU S 140 85.83 -14.59 -72.65
C LEU S 140 87.28 -14.80 -73.02
N SER S 141 87.50 -15.17 -74.28
CA SER S 141 88.83 -15.33 -74.82
C SER S 141 88.89 -14.69 -76.20
N ASN S 142 89.74 -13.69 -76.35
CA ASN S 142 90.06 -13.10 -77.64
C ASN S 142 91.25 -13.78 -78.29
N GLY S 143 91.73 -14.86 -77.68
CA GLY S 143 93.01 -15.45 -77.97
C GLY S 143 94.00 -14.95 -76.96
N ALA S 144 94.89 -15.83 -76.53
CA ALA S 144 95.80 -15.62 -75.39
C ALA S 144 94.94 -15.12 -74.22
N ASP S 145 95.44 -14.21 -73.39
CA ASP S 145 94.71 -13.36 -72.44
C ASP S 145 93.56 -14.04 -71.70
N THR S 146 92.50 -13.25 -71.46
CA THR S 146 91.14 -13.59 -71.08
C THR S 146 90.45 -12.28 -70.70
N THR S 147 89.12 -12.27 -70.67
CA THR S 147 88.38 -11.15 -70.11
C THR S 147 87.16 -11.71 -69.40
N TYR S 148 86.70 -10.97 -68.40
CA TYR S 148 85.56 -11.38 -67.58
C TYR S 148 84.59 -10.19 -67.57
N ASN S 149 83.43 -10.37 -68.21
CA ASN S 149 82.51 -9.25 -68.38
C ASN S 149 81.56 -9.13 -67.21
N ASN S 150 81.81 -9.92 -66.16
CA ASN S 150 80.79 -10.25 -65.17
C ASN S 150 79.64 -10.85 -65.94
N ASP S 151 78.43 -10.66 -65.47
CA ASP S 151 77.24 -11.17 -66.12
C ASP S 151 76.05 -10.89 -65.23
N LEU S 152 74.88 -10.88 -65.82
CA LEU S 152 73.63 -10.96 -65.08
C LEU S 152 72.75 -11.91 -65.87
N THR S 153 71.54 -12.12 -65.41
CA THR S 153 70.61 -13.05 -66.04
C THR S 153 71.26 -14.40 -66.30
N ALA S 154 72.02 -14.90 -65.34
CA ALA S 154 72.60 -16.22 -65.39
C ALA S 154 72.27 -16.94 -64.09
N GLY S 155 72.52 -18.24 -64.04
CA GLY S 155 72.01 -19.06 -62.97
C GLY S 155 72.98 -20.15 -62.56
N VAL S 156 72.70 -20.69 -61.38
CA VAL S 156 73.50 -21.73 -60.77
C VAL S 156 72.56 -22.73 -60.14
N HIS S 157 72.73 -24.00 -60.47
CA HIS S 157 71.96 -25.07 -59.88
C HIS S 157 72.57 -25.45 -58.55
N ILE S 158 71.74 -25.62 -57.53
CA ILE S 158 72.20 -26.04 -56.21
C ILE S 158 71.27 -27.11 -55.71
N PHE S 159 71.82 -28.26 -55.38
CA PHE S 159 71.04 -29.43 -55.01
C PHE S 159 71.65 -30.07 -53.78
N CYS S 160 70.79 -30.52 -52.87
CA CYS S 160 71.21 -31.17 -51.63
C CYS S 160 70.53 -32.52 -51.51
N ASP S 161 71.19 -33.46 -50.83
CA ASP S 161 70.64 -34.78 -50.55
C ASP S 161 70.14 -34.85 -49.12
N GLY S 162 68.82 -34.88 -48.95
CA GLY S 162 68.30 -35.20 -47.63
C GLY S 162 68.02 -36.68 -47.49
N GLU S 163 67.78 -37.34 -48.62
CA GLU S 163 67.47 -38.75 -48.62
C GLU S 163 68.71 -39.61 -48.79
N HIS S 164 69.83 -39.02 -49.18
CA HIS S 164 71.03 -39.76 -49.59
C HIS S 164 70.75 -40.75 -50.69
N ALA S 165 69.73 -40.51 -51.51
CA ALA S 165 69.76 -41.07 -52.85
C ALA S 165 70.92 -40.45 -53.59
N TYR S 166 71.36 -41.10 -54.66
CA TYR S 166 72.55 -40.75 -55.44
C TYR S 166 73.81 -41.24 -54.74
N PRO S 167 74.84 -41.53 -55.53
CA PRO S 167 76.01 -42.24 -55.01
C PRO S 167 76.88 -41.51 -54.00
N ASN S 168 76.61 -40.24 -53.67
CA ASN S 168 77.27 -39.48 -52.61
C ASN S 168 78.81 -39.52 -52.64
N ALA S 169 79.40 -38.68 -53.49
CA ALA S 169 80.84 -38.69 -53.74
C ALA S 169 81.68 -38.76 -52.48
N THR S 170 81.27 -38.07 -51.42
CA THR S 170 82.14 -37.86 -50.27
C THR S 170 82.69 -39.17 -49.74
N HIS S 171 84.01 -39.25 -49.66
CA HIS S 171 84.79 -40.32 -49.08
C HIS S 171 85.64 -39.68 -48.00
N PRO S 172 85.86 -40.37 -46.87
CA PRO S 172 86.48 -39.68 -45.72
C PRO S 172 87.75 -38.90 -46.02
N TRP S 173 88.72 -39.49 -46.69
CA TRP S 173 90.01 -38.81 -46.80
C TRP S 173 90.00 -37.86 -48.00
N ASP S 174 90.02 -38.42 -49.20
CA ASP S 174 89.96 -37.65 -50.44
C ASP S 174 90.98 -36.52 -50.35
N GLU S 175 90.60 -35.30 -50.68
CA GLU S 175 91.48 -34.15 -50.80
C GLU S 175 90.64 -33.00 -50.28
N ASP S 176 91.07 -31.78 -50.56
CA ASP S 176 90.18 -30.60 -50.62
C ASP S 176 89.41 -30.48 -49.32
N VAL S 177 88.11 -30.73 -49.29
CA VAL S 177 87.19 -30.32 -48.24
C VAL S 177 87.32 -28.81 -48.24
N MET S 178 87.17 -28.17 -47.09
CA MET S 178 87.38 -26.74 -47.05
C MET S 178 88.86 -26.51 -46.84
N PRO S 179 89.43 -25.45 -47.40
CA PRO S 179 90.82 -25.15 -47.06
C PRO S 179 90.87 -24.84 -45.57
N GLU S 180 91.80 -25.49 -44.88
CA GLU S 180 91.89 -25.32 -43.44
C GLU S 180 92.05 -23.86 -43.06
N LEU S 181 92.49 -23.05 -44.01
CA LEU S 181 92.82 -21.66 -43.80
C LEU S 181 91.82 -20.80 -44.54
N PRO S 182 91.08 -19.89 -43.89
CA PRO S 182 90.14 -19.05 -44.64
C PRO S 182 90.87 -18.14 -45.61
N TYR S 183 90.16 -17.22 -46.27
CA TYR S 183 90.70 -16.31 -47.27
C TYR S 183 91.31 -17.06 -48.44
N GLN S 184 91.41 -18.37 -48.32
CA GLN S 184 91.96 -19.23 -49.36
C GLN S 184 90.79 -19.72 -50.20
N THR S 185 90.77 -19.33 -51.47
CA THR S 185 89.64 -19.68 -52.33
C THR S 185 89.50 -21.20 -52.44
N TRP S 186 88.27 -21.66 -52.53
CA TRP S 186 87.98 -23.08 -52.46
C TRP S 186 87.48 -23.58 -53.81
N TYR S 187 88.31 -24.33 -54.50
CA TYR S 187 87.96 -24.86 -55.81
C TYR S 187 87.20 -26.16 -55.63
N LEU S 188 86.00 -26.22 -56.18
CA LEU S 188 85.18 -27.41 -56.10
C LEU S 188 85.70 -28.48 -57.04
N PHE S 189 85.27 -29.70 -56.78
CA PHE S 189 85.71 -30.86 -57.54
C PHE S 189 84.52 -31.56 -58.17
N GLN S 190 84.78 -32.18 -59.32
CA GLN S 190 83.72 -32.77 -60.11
C GLN S 190 83.10 -33.96 -59.39
N TYR S 191 81.80 -34.13 -59.55
CA TYR S 191 81.10 -35.25 -58.96
C TYR S 191 81.11 -36.43 -59.91
N GLY S 192 81.48 -37.60 -59.39
CA GLY S 192 81.49 -38.82 -60.17
C GLY S 192 81.22 -39.98 -59.25
N TYR S 193 80.97 -41.14 -59.86
CA TYR S 193 80.70 -42.31 -59.06
C TYR S 193 81.00 -43.56 -59.87
N ILE S 194 81.24 -44.65 -59.16
CA ILE S 194 81.45 -45.95 -59.80
C ILE S 194 80.11 -46.63 -60.00
N PRO S 195 79.64 -46.77 -61.24
CA PRO S 195 78.39 -47.52 -61.43
C PRO S 195 78.54 -49.00 -61.12
N VAL S 196 79.59 -49.64 -61.61
CA VAL S 196 79.84 -51.07 -61.40
C VAL S 196 81.33 -51.33 -61.56
N ILE S 197 81.81 -52.39 -60.89
CA ILE S 197 83.19 -52.83 -61.05
C ILE S 197 83.48 -53.02 -62.53
N HIS S 198 84.59 -52.45 -63.00
CA HIS S 198 84.89 -52.49 -64.43
C HIS S 198 85.11 -53.92 -64.90
N GLU S 199 86.04 -54.63 -64.27
CA GLU S 199 86.06 -56.07 -64.45
C GLU S 199 84.74 -56.62 -63.96
N LEU S 200 84.36 -57.81 -64.44
CA LEU S 200 83.01 -58.30 -64.21
C LEU S 200 81.99 -57.39 -64.88
N ALA S 201 81.78 -57.62 -66.18
CA ALA S 201 81.23 -56.70 -67.20
C ALA S 201 82.27 -56.08 -68.12
N GLU S 202 83.54 -56.48 -68.00
CA GLU S 202 84.55 -55.97 -68.93
C GLU S 202 84.17 -55.99 -70.43
N MET S 203 83.57 -57.05 -71.00
CA MET S 203 83.40 -58.39 -70.45
C MET S 203 84.04 -59.36 -71.44
N GLU S 204 84.41 -60.55 -70.99
CA GLU S 204 85.19 -61.44 -71.83
C GLU S 204 84.30 -62.43 -72.57
N ASP S 205 84.15 -62.21 -73.88
CA ASP S 205 83.48 -63.14 -74.80
C ASP S 205 82.14 -63.59 -74.24
N SER S 206 81.81 -64.87 -74.46
CA SER S 206 80.78 -65.59 -73.71
C SER S 206 79.49 -64.68 -73.58
N ASN S 207 78.93 -64.27 -72.43
CA ASN S 207 79.18 -64.65 -71.04
C ASN S 207 77.86 -64.89 -70.32
N ALA S 208 77.07 -63.82 -70.26
CA ALA S 208 75.72 -63.76 -69.70
C ALA S 208 75.74 -63.69 -68.18
N VAL S 209 76.86 -64.06 -67.56
CA VAL S 209 77.05 -63.76 -66.15
C VAL S 209 77.59 -62.34 -65.96
N GLU S 210 78.49 -61.92 -66.84
CA GLU S 210 78.91 -60.52 -66.83
C GLU S 210 78.06 -59.67 -67.75
N LYS S 211 77.25 -60.29 -68.62
CA LYS S 211 76.25 -59.52 -69.36
C LYS S 211 75.26 -58.93 -68.39
N ALA S 212 74.66 -59.76 -67.55
CA ALA S 212 74.08 -59.25 -66.33
C ALA S 212 75.20 -58.66 -65.48
N ILE S 213 74.85 -57.69 -64.65
CA ILE S 213 75.75 -56.83 -63.89
C ILE S 213 76.33 -55.76 -64.82
N CYS S 214 76.37 -56.04 -66.12
CA CYS S 214 76.57 -54.96 -67.08
C CYS S 214 75.26 -54.30 -67.45
N LEU S 215 74.22 -55.11 -67.66
CA LEU S 215 72.90 -54.57 -67.94
C LEU S 215 72.34 -53.84 -66.73
N GLN S 216 72.73 -54.25 -65.53
CA GLN S 216 72.09 -53.71 -64.35
C GLN S 216 72.78 -52.47 -63.81
N ILE S 217 73.82 -51.98 -64.49
CA ILE S 217 74.55 -50.85 -63.92
C ILE S 217 73.57 -49.69 -63.85
N PRO S 218 73.35 -49.12 -62.68
CA PRO S 218 72.43 -47.99 -62.58
C PRO S 218 73.09 -46.73 -63.09
N PHE S 219 72.24 -45.81 -63.55
CA PHE S 219 72.69 -44.54 -64.06
C PHE S 219 71.94 -43.44 -63.35
N PHE S 220 72.65 -42.66 -62.55
CA PHE S 220 72.05 -41.63 -61.72
C PHE S 220 72.31 -40.28 -62.35
N MET S 221 71.33 -39.39 -62.19
CA MET S 221 71.40 -38.06 -62.77
C MET S 221 70.85 -37.10 -61.73
N LEU S 222 71.53 -35.98 -61.56
CA LEU S 222 71.08 -35.03 -60.57
C LEU S 222 70.00 -34.11 -61.10
N GLU S 223 69.53 -34.32 -62.33
CA GLU S 223 68.49 -33.45 -62.84
C GLU S 223 67.17 -33.87 -62.24
N ASN S 224 66.54 -34.95 -62.72
CA ASN S 224 65.71 -35.81 -61.87
C ASN S 224 65.02 -35.03 -60.78
N SER S 225 65.31 -35.38 -59.53
CA SER S 225 64.78 -34.66 -58.39
C SER S 225 65.06 -33.17 -58.49
N ASP S 226 64.07 -32.37 -58.09
CA ASP S 226 64.14 -30.93 -58.29
C ASP S 226 65.17 -30.27 -57.41
N HIS S 227 65.63 -29.10 -57.83
CA HIS S 227 66.62 -28.34 -57.11
C HIS S 227 66.52 -26.88 -57.49
N GLU S 228 67.15 -26.03 -56.70
CA GLU S 228 67.02 -24.60 -56.90
C GLU S 228 68.06 -24.07 -57.87
N VAL S 229 67.64 -23.11 -58.68
CA VAL S 229 68.54 -22.31 -59.50
C VAL S 229 68.61 -20.94 -58.85
N LEU S 230 69.75 -20.29 -58.95
CA LEU S 230 69.95 -19.00 -58.30
C LEU S 230 70.61 -18.04 -59.28
N ARG S 231 70.03 -16.86 -59.44
CA ARG S 231 70.80 -15.79 -60.04
C ARG S 231 71.65 -15.15 -58.94
N THR S 232 72.24 -13.99 -59.24
CA THR S 232 73.13 -13.35 -58.29
C THR S 232 72.42 -12.99 -56.99
N GLY S 233 71.36 -12.19 -57.06
CA GLY S 233 70.77 -11.66 -55.84
C GLY S 233 70.25 -12.71 -54.88
N GLU S 234 69.96 -13.91 -55.36
CA GLU S 234 69.40 -14.96 -54.53
C GLU S 234 70.49 -15.68 -53.74
N SER S 235 70.06 -16.31 -52.63
CA SER S 235 70.91 -17.19 -51.83
C SER S 235 70.15 -18.45 -51.48
N THR S 236 70.78 -19.31 -50.68
CA THR S 236 70.16 -20.54 -50.24
C THR S 236 70.74 -20.95 -48.90
N GLU S 237 69.93 -21.58 -48.07
CA GLU S 237 70.36 -22.13 -46.81
C GLU S 237 70.11 -23.63 -46.79
N PHE S 238 70.90 -24.34 -45.98
CA PHE S 238 70.69 -25.74 -45.73
C PHE S 238 70.99 -26.03 -44.28
N THR S 239 70.20 -26.92 -43.67
CA THR S 239 70.43 -27.33 -42.30
C THR S 239 70.64 -28.83 -42.25
N PHE S 240 71.27 -29.28 -41.18
CA PHE S 240 71.50 -30.70 -40.98
C PHE S 240 71.48 -30.99 -39.50
N ASN S 241 70.98 -32.16 -39.14
CA ASN S 241 71.02 -32.65 -37.79
C ASN S 241 71.71 -34.00 -37.78
N PHE S 242 72.37 -34.31 -36.68
CA PHE S 242 73.23 -35.49 -36.60
C PHE S 242 72.72 -36.43 -35.52
N ASP S 243 72.42 -37.66 -35.90
CA ASP S 243 72.39 -38.77 -34.97
C ASP S 243 73.80 -39.37 -35.01
N CYS S 244 74.55 -39.18 -33.94
CA CYS S 244 76.00 -39.28 -34.05
C CYS S 244 76.58 -39.76 -32.73
N GLU S 245 77.64 -40.54 -32.83
CA GLU S 245 78.33 -41.06 -31.66
C GLU S 245 79.40 -40.09 -31.20
N TRP S 246 79.56 -40.00 -29.88
CA TRP S 246 80.63 -39.17 -29.32
C TRP S 246 81.98 -39.65 -29.80
N ILE S 247 82.91 -38.72 -29.95
CA ILE S 247 84.32 -39.05 -30.09
C ILE S 247 85.00 -38.59 -28.81
N ASN S 248 85.71 -39.51 -28.17
CA ASN S 248 86.16 -39.32 -26.80
C ASN S 248 87.61 -38.91 -26.76
N ASN S 249 87.89 -37.78 -26.12
CA ASN S 249 89.24 -37.37 -25.80
C ASN S 249 89.48 -37.71 -24.34
N GLU S 250 90.28 -38.75 -24.11
CA GLU S 250 90.47 -39.40 -22.82
C GLU S 250 91.57 -40.41 -23.01
N ARG S 251 92.17 -40.81 -21.90
CA ARG S 251 93.32 -41.69 -21.93
C ARG S 251 93.22 -42.69 -20.81
N ALA S 252 93.44 -43.95 -21.13
CA ALA S 252 93.53 -45.00 -20.12
C ALA S 252 94.99 -45.12 -19.70
N TYR S 253 95.26 -44.86 -18.43
CA TYR S 253 96.61 -44.94 -17.93
C TYR S 253 97.08 -46.37 -17.71
N ILE S 254 96.18 -47.34 -17.72
CA ILE S 254 96.54 -48.75 -17.61
C ILE S 254 95.68 -49.56 -18.56
N PRO S 255 96.15 -50.74 -18.96
CA PRO S 255 95.30 -51.65 -19.70
C PRO S 255 94.08 -52.03 -18.89
N PRO S 256 93.00 -52.44 -19.54
CA PRO S 256 91.81 -52.84 -18.77
C PRO S 256 92.03 -54.07 -17.93
N GLY S 257 92.94 -54.95 -18.34
CA GLY S 257 93.24 -56.12 -17.55
C GLY S 257 94.16 -55.88 -16.38
N LEU S 258 94.66 -54.66 -16.23
CA LEU S 258 95.59 -54.32 -15.16
C LEU S 258 94.87 -53.72 -13.97
N MET S 259 93.55 -53.74 -13.95
CA MET S 259 92.77 -53.14 -12.88
C MET S 259 92.54 -54.19 -11.81
N PHE S 260 93.19 -54.00 -10.67
CA PHE S 260 93.01 -54.86 -9.49
C PHE S 260 93.92 -54.33 -8.40
N ASN S 261 93.62 -54.74 -7.18
CA ASN S 261 94.47 -54.39 -6.06
C ASN S 261 95.54 -55.46 -5.93
N PRO S 262 96.78 -55.16 -6.29
CA PRO S 262 97.81 -56.20 -6.27
C PRO S 262 98.22 -56.59 -4.88
N LEU S 263 97.88 -55.79 -3.88
CA LEU S 263 98.20 -56.14 -2.50
C LEU S 263 97.38 -57.34 -2.04
N VAL S 264 96.11 -57.39 -2.43
CA VAL S 264 95.21 -58.41 -1.89
C VAL S 264 95.50 -59.74 -2.56
N PRO S 265 95.62 -60.85 -1.83
CA PRO S 265 95.78 -62.14 -2.47
C PRO S 265 94.53 -62.53 -3.23
N THR S 266 94.68 -63.48 -4.14
CA THR S 266 93.58 -63.92 -4.97
C THR S 266 93.24 -65.37 -4.67
N ARG S 267 91.96 -65.72 -4.81
CA ARG S 267 91.56 -67.12 -4.77
C ARG S 267 91.38 -67.65 -6.17
N ARG S 268 92.37 -68.40 -6.64
CA ARG S 268 92.45 -68.91 -7.99
C ARG S 268 93.67 -69.80 -8.05
N ALA S 269 93.79 -70.65 -9.07
CA ALA S 269 94.93 -71.53 -9.15
C ALA S 269 95.33 -71.73 -10.60
N GLN S 270 96.59 -72.10 -10.77
CA GLN S 270 97.18 -72.35 -12.08
C GLN S 270 97.62 -73.79 -12.13
N TYR S 271 96.96 -74.60 -12.95
CA TYR S 271 97.50 -75.90 -13.31
C TYR S 271 98.37 -75.70 -14.54
N ILE S 272 99.53 -76.30 -14.54
CA ILE S 272 100.46 -76.19 -15.66
C ILE S 272 100.81 -77.59 -16.13
N ARG S 273 100.58 -77.85 -17.42
CA ARG S 273 100.80 -79.17 -17.98
C ARG S 273 102.27 -79.58 -17.87
N ARG S 274 102.51 -80.88 -17.87
CA ARG S 274 103.86 -81.40 -18.01
C ARG S 274 104.55 -80.75 -19.21
N ASN S 275 105.78 -80.30 -19.00
CA ASN S 275 106.41 -79.43 -19.99
C ASN S 275 106.91 -80.22 -21.19
N ASN S 276 107.23 -81.51 -20.99
CA ASN S 276 107.71 -82.37 -22.08
C ASN S 276 108.88 -81.71 -22.80
N ASN S 277 110.03 -81.72 -22.13
CA ASN S 277 111.22 -80.92 -22.44
C ASN S 277 110.89 -79.46 -22.12
N PRO S 278 111.87 -78.69 -21.63
CA PRO S 278 113.12 -79.21 -21.03
C PRO S 278 112.91 -80.05 -19.76
N GLN S 279 112.08 -79.56 -18.85
CA GLN S 279 112.06 -80.05 -17.47
C GLN S 279 110.82 -79.50 -16.78
N THR S 280 110.76 -79.60 -15.44
CA THR S 280 109.68 -79.02 -14.63
C THR S 280 108.34 -79.67 -14.89
N ALA S 281 108.14 -80.85 -14.30
CA ALA S 281 106.88 -81.58 -14.40
C ALA S 281 105.74 -80.77 -13.79
N GLU S 282 104.52 -81.16 -14.16
CA GLU S 282 103.32 -80.38 -13.89
C GLU S 282 103.17 -80.08 -12.40
N SER S 283 102.61 -78.91 -12.11
CA SER S 283 102.31 -78.50 -10.75
C SER S 283 101.15 -77.52 -10.76
N THR S 284 100.39 -77.51 -9.68
CA THR S 284 99.35 -76.51 -9.46
C THR S 284 99.80 -75.56 -8.36
N SER S 285 99.37 -74.30 -8.47
CA SER S 285 99.81 -73.28 -7.54
C SER S 285 98.79 -72.14 -7.52
N ARG S 286 98.81 -71.37 -6.44
CA ARG S 286 97.95 -70.21 -6.33
C ARG S 286 98.52 -69.06 -7.14
N ILE S 287 97.63 -68.30 -7.78
CA ILE S 287 98.06 -67.16 -8.56
C ILE S 287 98.58 -66.08 -7.62
N ALA S 288 99.70 -65.48 -8.00
CA ALA S 288 100.34 -64.48 -7.17
C ALA S 288 99.41 -63.28 -6.96
N PRO S 289 99.57 -62.55 -5.85
CA PRO S 289 98.68 -61.41 -5.60
C PRO S 289 98.76 -60.36 -6.70
N TYR S 290 99.97 -60.00 -7.09
CA TYR S 290 100.16 -59.25 -8.32
C TYR S 290 99.86 -60.16 -9.50
N ALA S 291 99.60 -59.54 -10.65
CA ALA S 291 99.40 -60.29 -11.89
C ALA S 291 98.24 -61.27 -11.77
N LYS S 292 97.12 -60.76 -11.35
CA LYS S 292 95.92 -61.57 -11.33
C LYS S 292 95.37 -61.73 -12.75
N PRO S 293 94.70 -62.84 -13.04
CA PRO S 293 94.14 -63.03 -14.36
C PRO S 293 93.04 -62.03 -14.63
N THR S 294 92.68 -61.89 -15.90
CA THR S 294 91.69 -60.91 -16.29
C THR S 294 90.72 -61.49 -17.30
N SER S 295 89.56 -60.87 -17.35
CA SER S 295 88.70 -60.86 -18.51
C SER S 295 89.22 -59.80 -19.48
N TRP S 296 88.35 -59.38 -20.39
CA TRP S 296 88.68 -58.20 -21.17
C TRP S 296 89.84 -58.42 -22.11
N MET S 297 89.54 -59.15 -23.18
CA MET S 297 90.36 -59.43 -24.32
C MET S 297 90.71 -58.15 -25.07
N THR S 298 91.79 -58.20 -25.85
CA THR S 298 92.21 -57.07 -26.65
C THR S 298 91.31 -56.88 -27.86
N GLY S 299 91.30 -55.67 -28.38
CA GLY S 299 90.54 -55.35 -29.57
C GLY S 299 91.05 -56.08 -30.78
N PRO S 300 90.19 -56.22 -31.79
CA PRO S 300 90.55 -57.03 -32.96
C PRO S 300 91.46 -56.29 -33.93
N GLY S 301 92.21 -57.05 -34.69
CA GLY S 301 93.06 -56.51 -35.74
C GLY S 301 93.40 -57.60 -36.71
N LEU S 302 93.98 -57.21 -37.85
CA LEU S 302 94.52 -58.16 -38.80
C LEU S 302 95.95 -57.75 -39.13
N LEU S 303 96.92 -58.51 -38.62
CA LEU S 303 98.33 -58.19 -38.78
C LEU S 303 99.09 -59.07 -39.77
N SER S 304 98.48 -60.10 -40.35
CA SER S 304 99.31 -61.09 -41.05
C SER S 304 99.70 -60.63 -42.44
N ALA S 305 98.79 -59.96 -43.13
CA ALA S 305 98.93 -59.66 -44.55
C ALA S 305 100.03 -58.64 -44.82
N GLN S 306 100.46 -58.57 -46.07
CA GLN S 306 101.39 -57.56 -46.55
C GLN S 306 100.88 -56.98 -47.85
N ARG S 307 101.07 -55.68 -48.02
CA ARG S 307 100.63 -55.03 -49.26
C ARG S 307 101.30 -55.69 -50.47
N VAL S 308 100.55 -55.79 -51.55
CA VAL S 308 100.89 -56.68 -52.65
C VAL S 308 101.13 -55.88 -53.92
N GLY S 309 102.39 -55.89 -54.37
CA GLY S 309 102.70 -55.46 -55.71
C GLY S 309 102.99 -53.98 -55.85
N PRO S 310 103.02 -53.50 -57.08
CA PRO S 310 103.43 -52.11 -57.33
C PRO S 310 102.33 -51.14 -56.97
N ALA S 311 102.75 -49.90 -56.73
CA ALA S 311 101.80 -48.83 -56.48
C ALA S 311 100.98 -48.55 -57.73
N THR S 312 99.84 -47.89 -57.52
CA THR S 312 98.79 -47.58 -58.50
C THR S 312 97.97 -48.82 -58.83
N SER S 313 98.35 -49.99 -58.33
CA SER S 313 97.60 -51.21 -58.50
C SER S 313 96.62 -51.49 -57.35
N ASP S 314 96.46 -50.54 -56.44
CA ASP S 314 95.64 -50.73 -55.23
C ASP S 314 96.19 -51.85 -54.36
N THR S 315 97.29 -51.56 -53.66
CA THR S 315 97.83 -52.54 -52.73
C THR S 315 97.26 -52.27 -51.35
N GLY S 316 96.35 -53.13 -50.91
CA GLY S 316 95.72 -52.93 -49.62
C GLY S 316 96.15 -53.87 -48.52
N ALA S 317 96.82 -54.96 -48.89
CA ALA S 317 97.16 -56.12 -48.09
C ALA S 317 95.93 -56.94 -47.72
N TRP S 318 94.73 -56.38 -47.80
CA TRP S 318 93.49 -57.12 -47.65
C TRP S 318 92.54 -56.61 -48.72
N MET S 319 92.15 -57.47 -49.63
CA MET S 319 91.22 -57.09 -50.69
C MET S 319 89.89 -57.76 -50.38
N VAL S 320 88.82 -56.98 -50.40
CA VAL S 320 87.50 -57.52 -50.08
C VAL S 320 86.90 -58.21 -51.30
N ALA S 321 87.01 -57.58 -52.46
CA ALA S 321 86.51 -58.08 -53.74
C ALA S 321 85.07 -58.57 -53.70
N VAL S 322 84.74 -59.49 -54.61
CA VAL S 322 83.42 -60.10 -54.72
C VAL S 322 83.54 -61.59 -55.05
N LYS S 323 84.07 -61.89 -56.23
CA LYS S 323 84.12 -63.24 -56.78
C LYS S 323 82.73 -63.88 -56.95
N PRO S 324 81.94 -63.40 -57.90
CA PRO S 324 80.77 -64.18 -58.32
C PRO S 324 81.20 -65.51 -58.91
N GLU S 325 80.27 -66.46 -58.95
CA GLU S 325 80.66 -67.86 -59.08
C GLU S 325 81.31 -68.14 -60.43
N ASN S 326 80.78 -67.57 -61.50
CA ASN S 326 81.45 -67.74 -62.78
C ASN S 326 82.20 -66.48 -63.20
N ALA S 327 81.45 -65.52 -63.71
CA ALA S 327 81.96 -64.24 -64.22
C ALA S 327 83.12 -64.51 -65.16
N SER S 328 84.12 -63.64 -65.13
CA SER S 328 85.46 -63.90 -65.64
C SER S 328 86.36 -62.86 -65.02
N ILE S 329 87.65 -63.16 -64.93
CA ILE S 329 88.56 -62.28 -64.23
C ILE S 329 89.89 -62.26 -64.97
N ASP S 330 90.44 -61.06 -65.12
CA ASP S 330 91.76 -60.85 -65.70
C ASP S 330 92.80 -61.17 -64.62
N THR S 331 94.05 -60.77 -64.85
CA THR S 331 95.02 -60.81 -63.76
C THR S 331 94.44 -60.11 -62.55
N GLY S 332 94.58 -60.73 -61.39
CA GLY S 332 93.88 -60.29 -60.21
C GLY S 332 92.80 -61.24 -59.73
N MET S 333 92.27 -61.13 -58.50
CA MET S 333 92.64 -60.19 -57.41
C MET S 333 92.81 -58.73 -57.85
N SER S 334 93.98 -58.15 -57.60
CA SER S 334 94.33 -56.81 -58.09
C SER S 334 93.28 -55.74 -57.65
N GLY S 335 92.47 -55.05 -58.48
CA GLY S 335 91.95 -55.40 -59.81
C GLY S 335 90.48 -55.77 -59.72
N ILE S 336 90.07 -56.23 -58.54
CA ILE S 336 88.67 -56.31 -58.15
C ILE S 336 88.60 -55.98 -56.67
N GLY S 337 87.50 -55.35 -56.26
CA GLY S 337 87.33 -54.99 -54.88
C GLY S 337 88.32 -53.94 -54.40
N SER S 338 88.30 -53.72 -53.09
CA SER S 338 88.96 -52.59 -52.48
C SER S 338 89.95 -53.07 -51.43
N GLY S 339 91.04 -52.32 -51.25
CA GLY S 339 91.94 -52.61 -50.17
C GLY S 339 91.38 -52.14 -48.83
N PHE S 340 91.57 -52.96 -47.81
CA PHE S 340 91.11 -52.65 -46.47
C PHE S 340 92.26 -52.03 -45.69
N ASP S 341 92.05 -50.80 -45.22
CA ASP S 341 93.12 -50.02 -44.64
C ASP S 341 92.59 -49.14 -43.50
N PRO S 342 93.36 -48.99 -42.41
CA PRO S 342 94.42 -49.87 -41.90
C PRO S 342 93.90 -51.07 -41.15
N PRO S 343 94.37 -52.28 -41.49
CA PRO S 343 94.46 -53.33 -40.48
C PRO S 343 95.82 -53.31 -39.78
N GLN S 344 95.99 -53.52 -38.46
CA GLN S 344 95.14 -53.05 -37.37
C GLN S 344 93.64 -53.47 -37.49
N GLY S 345 92.61 -52.72 -37.06
CA GLY S 345 92.61 -51.58 -36.15
C GLY S 345 93.10 -51.93 -34.78
N SER S 346 93.32 -50.91 -33.96
CA SER S 346 93.92 -51.09 -32.64
C SER S 346 95.21 -51.89 -32.76
N LEU S 347 95.43 -52.81 -31.82
CA LEU S 347 96.38 -53.91 -31.98
C LEU S 347 97.69 -53.43 -32.58
N ALA S 348 98.54 -52.80 -31.77
CA ALA S 348 99.61 -51.96 -32.26
C ALA S 348 100.38 -52.61 -33.40
N PRO S 349 100.63 -51.89 -34.49
CA PRO S 349 101.14 -52.52 -35.71
C PRO S 349 102.62 -52.90 -35.59
N THR S 350 103.04 -53.73 -36.53
CA THR S 350 104.42 -54.18 -36.61
C THR S 350 105.30 -53.10 -37.24
N ASN S 351 105.10 -52.83 -38.52
CA ASN S 351 105.93 -51.84 -39.16
C ASN S 351 105.08 -50.71 -39.74
N LEU S 352 105.75 -49.80 -40.43
CA LEU S 352 105.14 -48.60 -41.00
C LEU S 352 103.99 -48.94 -41.93
N GLU S 353 104.02 -50.14 -42.51
CA GLU S 353 103.06 -50.49 -43.55
C GLU S 353 101.62 -50.41 -43.07
N TYR S 354 101.39 -50.59 -41.77
CA TYR S 354 100.06 -50.53 -41.19
C TYR S 354 99.75 -49.21 -40.51
N LYS S 355 100.66 -48.25 -40.54
CA LYS S 355 100.66 -47.13 -39.60
C LYS S 355 99.84 -45.95 -40.10
N ILE S 356 99.08 -46.14 -41.17
CA ILE S 356 98.44 -45.12 -42.00
C ILE S 356 99.54 -44.20 -42.52
N GLN S 357 99.17 -42.98 -42.92
CA GLN S 357 100.07 -41.96 -43.42
C GLN S 357 99.18 -40.94 -44.12
N TRP S 358 99.63 -39.71 -44.33
CA TRP S 358 99.00 -38.84 -45.33
C TRP S 358 99.93 -37.69 -45.64
N TYR S 359 99.69 -37.05 -46.78
CA TYR S 359 100.63 -36.02 -47.22
C TYR S 359 100.23 -34.62 -46.81
N GLN S 360 98.99 -34.44 -46.32
CA GLN S 360 98.45 -33.15 -45.90
C GLN S 360 98.77 -32.03 -46.88
N THR S 361 98.83 -32.35 -48.18
CA THR S 361 99.24 -31.44 -49.23
C THR S 361 99.13 -32.14 -50.57
N PRO S 362 98.53 -31.50 -51.57
CA PRO S 362 98.52 -32.12 -52.91
C PRO S 362 99.88 -32.12 -53.57
N GLN S 363 100.74 -31.16 -53.23
CA GLN S 363 102.07 -31.12 -53.82
C GLN S 363 102.99 -32.19 -53.24
N GLY S 364 102.52 -32.93 -52.24
CA GLY S 364 103.36 -33.92 -51.59
C GLY S 364 103.87 -35.02 -52.49
N THR S 365 105.18 -35.17 -52.56
CA THR S 365 105.81 -36.23 -53.34
C THR S 365 105.89 -37.48 -52.48
N ASN S 366 106.64 -38.48 -52.92
CA ASN S 366 106.68 -39.75 -52.18
C ASN S 366 107.06 -39.55 -50.72
N ASN S 367 108.22 -38.97 -50.45
CA ASN S 367 108.54 -38.50 -49.12
C ASN S 367 108.67 -36.99 -49.16
N ASN S 368 107.65 -36.31 -48.65
CA ASN S 368 107.49 -34.87 -48.50
C ASN S 368 106.09 -34.71 -47.94
N GLY S 369 105.80 -33.64 -47.24
CA GLY S 369 104.56 -33.68 -46.49
C GLY S 369 104.66 -34.92 -45.62
N ASN S 370 103.75 -35.86 -45.84
CA ASN S 370 103.99 -37.25 -45.46
C ASN S 370 104.07 -37.44 -43.96
N ILE S 371 103.12 -36.87 -43.22
CA ILE S 371 103.12 -37.07 -41.79
C ILE S 371 102.51 -38.43 -41.49
N ILE S 372 103.11 -39.14 -40.58
CA ILE S 372 102.79 -40.54 -40.32
C ILE S 372 102.16 -40.65 -38.94
N SER S 373 101.12 -41.47 -38.84
CA SER S 373 100.46 -41.64 -37.55
C SER S 373 101.41 -42.28 -36.55
N ASN S 374 101.11 -42.07 -35.28
CA ASN S 374 101.99 -42.49 -34.20
C ASN S 374 101.14 -43.03 -33.05
N GLN S 375 101.80 -43.65 -32.07
CA GLN S 375 101.03 -44.19 -30.96
C GLN S 375 100.63 -43.09 -29.98
N PRO S 376 99.38 -43.07 -29.53
CA PRO S 376 98.95 -42.03 -28.58
C PRO S 376 99.60 -42.17 -27.22
N LEU S 377 100.20 -43.32 -26.93
CA LEU S 377 100.72 -43.72 -25.62
C LEU S 377 99.57 -44.02 -24.66
N SER S 378 98.33 -43.83 -25.09
CA SER S 378 97.19 -44.38 -24.38
C SER S 378 97.33 -45.89 -24.30
N MET S 379 96.84 -46.46 -23.20
CA MET S 379 97.08 -47.88 -22.94
C MET S 379 95.99 -48.79 -23.47
N LEU S 380 95.00 -48.27 -24.19
CA LEU S 380 93.88 -49.13 -24.52
C LEU S 380 94.04 -50.17 -25.63
N ARG S 381 94.17 -49.91 -26.95
CA ARG S 381 94.82 -48.89 -27.80
C ARG S 381 96.26 -49.30 -28.19
N ASP S 382 96.79 -50.35 -27.58
CA ASP S 382 98.05 -50.91 -28.08
C ASP S 382 97.86 -52.38 -28.38
N GLN S 383 97.56 -53.18 -27.36
CA GLN S 383 96.86 -54.45 -27.51
C GLN S 383 97.61 -55.43 -28.43
N ALA S 384 98.68 -55.99 -27.90
CA ALA S 384 99.21 -57.20 -28.51
C ALA S 384 98.34 -58.39 -28.12
N LEU S 385 98.71 -59.56 -28.62
CA LEU S 385 98.17 -60.82 -28.11
C LEU S 385 99.19 -61.90 -28.42
N PHE S 386 99.30 -62.89 -27.55
CA PHE S 386 100.48 -63.74 -27.51
C PHE S 386 100.18 -65.22 -27.68
N ARG S 387 99.32 -65.81 -26.87
CA ARG S 387 99.03 -67.25 -26.99
C ARG S 387 100.34 -68.02 -26.77
N GLY S 388 100.51 -69.17 -27.40
CA GLY S 388 101.75 -69.92 -27.39
C GLY S 388 102.26 -70.27 -26.01
N ASN S 389 103.47 -70.83 -25.97
CA ASN S 389 103.87 -71.88 -26.89
C ASN S 389 103.84 -73.15 -26.05
N GLN S 390 103.52 -72.96 -24.77
CA GLN S 390 103.86 -73.76 -23.60
C GLN S 390 105.25 -73.40 -23.10
N THR S 391 106.04 -72.67 -23.89
CA THR S 391 107.39 -72.26 -23.53
C THR S 391 107.56 -70.76 -23.70
N THR S 392 107.26 -70.24 -24.90
CA THR S 392 107.41 -68.82 -25.21
C THR S 392 106.06 -68.29 -25.67
N TYR S 393 105.86 -66.99 -25.51
CA TYR S 393 104.71 -66.32 -26.11
C TYR S 393 105.09 -65.84 -27.50
N ASN S 394 104.15 -65.97 -28.45
CA ASN S 394 104.40 -65.61 -29.84
C ASN S 394 103.26 -64.74 -30.35
N LEU S 395 103.57 -63.49 -30.68
CA LEU S 395 102.55 -62.56 -31.17
C LEU S 395 101.76 -63.18 -32.30
N CYS S 396 100.44 -63.12 -32.19
CA CYS S 396 99.55 -63.85 -33.10
C CYS S 396 98.89 -62.91 -34.07
N SER S 397 98.87 -63.30 -35.34
CA SER S 397 98.13 -62.64 -36.39
C SER S 397 96.63 -62.82 -36.16
N ASP S 398 95.84 -62.03 -36.89
CA ASP S 398 94.39 -61.98 -36.73
C ASP S 398 94.02 -61.43 -35.37
N VAL S 399 93.33 -62.20 -34.52
CA VAL S 399 92.50 -61.68 -33.43
C VAL S 399 91.24 -61.03 -33.98
N TRP S 400 90.28 -61.86 -34.36
CA TRP S 400 88.94 -61.45 -34.75
C TRP S 400 88.12 -61.02 -33.54
N MET S 401 86.84 -60.76 -33.76
CA MET S 401 85.97 -60.34 -32.65
C MET S 401 85.80 -61.46 -31.63
N PHE S 402 85.70 -61.07 -30.37
CA PHE S 402 85.62 -61.96 -29.24
C PHE S 402 84.80 -61.27 -28.16
N PRO S 403 84.07 -62.03 -27.34
CA PRO S 403 83.06 -61.40 -26.46
C PRO S 403 83.56 -60.31 -25.54
N ASN S 404 84.69 -60.48 -24.89
CA ASN S 404 85.10 -59.53 -23.86
C ASN S 404 85.98 -58.41 -24.38
N GLN S 405 86.14 -58.28 -25.68
CA GLN S 405 87.12 -57.36 -26.22
C GLN S 405 86.83 -55.91 -25.87
N ILE S 406 87.89 -55.17 -25.58
CA ILE S 406 87.86 -53.72 -25.53
C ILE S 406 88.97 -53.17 -26.39
N TRP S 407 88.64 -52.20 -27.23
CA TRP S 407 89.63 -51.42 -27.93
C TRP S 407 89.22 -49.98 -27.83
N ASP S 408 90.13 -49.10 -28.19
CA ASP S 408 89.85 -47.68 -28.17
C ASP S 408 89.82 -47.19 -29.61
N ARG S 409 88.80 -46.41 -29.93
CA ARG S 409 88.66 -45.92 -31.29
C ARG S 409 89.88 -45.07 -31.65
N TYR S 410 90.20 -45.03 -32.93
CA TYR S 410 91.40 -44.35 -33.39
C TYR S 410 91.44 -42.93 -32.83
N PRO S 411 92.60 -42.49 -32.31
CA PRO S 411 92.65 -41.20 -31.59
C PRO S 411 92.34 -40.00 -32.44
N ILE S 412 92.29 -40.17 -33.74
CA ILE S 412 92.18 -39.15 -34.78
C ILE S 412 93.18 -38.02 -34.55
N THR S 413 92.83 -36.82 -35.00
CA THR S 413 93.70 -35.65 -35.02
C THR S 413 92.97 -34.54 -35.77
N ARG S 414 93.57 -33.36 -35.88
CA ARG S 414 92.90 -32.27 -36.57
C ARG S 414 92.74 -32.51 -38.07
N GLU S 415 93.54 -33.39 -38.65
CA GLU S 415 93.55 -33.61 -40.08
C GLU S 415 92.52 -34.63 -40.56
N ASN S 416 91.74 -35.17 -39.69
CA ASN S 416 90.92 -36.33 -40.04
C ASN S 416 89.57 -35.93 -40.58
N PRO S 417 88.94 -36.81 -41.35
CA PRO S 417 87.53 -36.61 -41.67
C PRO S 417 86.65 -36.77 -40.45
N ILE S 418 85.62 -35.93 -40.37
CA ILE S 418 84.72 -35.98 -39.23
C ILE S 418 83.87 -37.24 -39.27
N TRP S 419 83.23 -37.50 -40.40
CA TRP S 419 82.27 -38.58 -40.50
C TRP S 419 82.55 -39.42 -41.74
N CYS S 420 81.88 -40.56 -41.79
CA CYS S 420 81.84 -41.45 -42.93
C CYS S 420 80.45 -42.04 -42.99
N LYS S 421 79.94 -42.28 -44.20
CA LYS S 421 78.59 -42.81 -44.31
C LYS S 421 78.59 -44.31 -44.12
N LYS S 422 77.73 -44.79 -43.23
CA LYS S 422 77.55 -46.20 -43.03
C LYS S 422 76.62 -46.73 -44.11
N PRO S 423 77.10 -47.58 -45.01
CA PRO S 423 76.26 -48.06 -46.12
C PRO S 423 75.08 -48.89 -45.64
N ARG S 424 73.94 -48.69 -46.30
CA ARG S 424 72.72 -49.39 -45.94
C ARG S 424 72.84 -50.86 -46.29
N SER S 425 72.62 -51.72 -45.30
CA SER S 425 72.69 -53.15 -45.52
C SER S 425 71.87 -53.83 -44.44
N ASP S 426 71.52 -55.08 -44.70
CA ASP S 426 70.71 -55.83 -43.75
C ASP S 426 71.43 -55.99 -42.42
N LYS S 427 72.62 -56.56 -42.45
CA LYS S 427 73.33 -56.92 -41.24
C LYS S 427 74.68 -56.24 -41.19
N HIS S 428 75.14 -55.94 -39.98
CA HIS S 428 76.47 -55.39 -39.79
C HIS S 428 76.91 -55.64 -38.36
N THR S 429 78.22 -55.54 -38.15
CA THR S 429 78.85 -55.66 -36.84
C THR S 429 78.99 -54.30 -36.16
N THR S 430 79.87 -54.21 -35.16
CA THR S 430 79.88 -53.06 -34.25
C THR S 430 79.95 -51.72 -34.96
N ILE S 431 80.53 -51.67 -36.16
CA ILE S 431 80.74 -50.44 -36.92
C ILE S 431 81.65 -49.48 -36.15
N ASP S 432 82.93 -49.80 -36.05
CA ASP S 432 83.91 -48.83 -35.64
C ASP S 432 84.90 -48.62 -36.78
N PRO S 433 84.84 -47.51 -37.51
CA PRO S 433 85.81 -47.30 -38.60
C PRO S 433 87.22 -47.12 -38.07
N PHE S 434 88.17 -47.74 -38.75
CA PHE S 434 89.55 -47.68 -38.32
C PHE S 434 90.27 -46.44 -38.82
N ASP S 435 89.57 -45.59 -39.55
CA ASP S 435 90.06 -44.28 -39.94
C ASP S 435 89.78 -43.25 -38.87
N GLY S 436 89.29 -43.69 -37.71
CA GLY S 436 88.65 -42.78 -36.80
C GLY S 436 87.35 -42.35 -37.41
N SER S 437 87.17 -41.05 -37.59
CA SER S 437 85.95 -40.50 -38.18
C SER S 437 84.72 -41.01 -37.45
N LEU S 438 83.65 -41.25 -38.20
CA LEU S 438 82.36 -41.61 -37.60
C LEU S 438 81.54 -42.32 -38.67
N ALA S 439 80.52 -43.01 -38.23
CA ALA S 439 79.57 -43.64 -39.13
C ALA S 439 78.19 -43.11 -38.80
N MET S 440 77.44 -42.75 -39.84
CA MET S 440 76.08 -42.28 -39.66
C MET S 440 75.21 -42.88 -40.74
N ASP S 441 73.97 -43.19 -40.37
CA ASP S 441 72.98 -43.59 -41.36
C ASP S 441 72.87 -42.52 -42.43
N HIS S 442 72.52 -41.32 -42.03
CA HIS S 442 72.48 -40.16 -42.91
C HIS S 442 73.51 -39.15 -42.45
N PRO S 443 74.64 -39.04 -43.13
CA PRO S 443 75.57 -37.97 -42.83
C PRO S 443 75.05 -36.66 -43.37
N PRO S 444 75.79 -35.57 -43.27
CA PRO S 444 75.39 -34.36 -43.98
C PRO S 444 75.21 -34.65 -45.46
N GLY S 445 74.06 -34.26 -45.98
CA GLY S 445 73.80 -34.46 -47.40
C GLY S 445 74.75 -33.61 -48.22
N THR S 446 75.39 -34.23 -49.20
CA THR S 446 76.31 -33.50 -50.05
C THR S 446 75.54 -32.45 -50.83
N ILE S 447 76.05 -31.23 -50.83
CA ILE S 447 75.47 -30.14 -51.59
C ILE S 447 76.14 -30.10 -52.95
N PHE S 448 75.35 -30.24 -54.00
CA PHE S 448 75.83 -30.25 -55.37
C PHE S 448 75.51 -28.92 -56.00
N ILE S 449 76.36 -28.50 -56.94
CA ILE S 449 76.20 -27.21 -57.58
C ILE S 449 76.75 -27.28 -58.99
N LYS S 450 76.09 -26.61 -59.92
CA LYS S 450 76.39 -26.70 -61.33
C LYS S 450 76.14 -25.33 -61.94
N MET S 451 76.66 -25.13 -63.16
CA MET S 451 76.69 -23.82 -63.77
C MET S 451 75.54 -23.51 -64.72
N ALA S 452 74.53 -24.37 -64.80
CA ALA S 452 73.34 -24.01 -65.57
C ALA S 452 73.64 -23.72 -67.03
N LYS S 453 73.80 -24.77 -67.83
CA LYS S 453 74.25 -24.64 -69.21
C LYS S 453 73.47 -23.55 -69.94
N ILE S 454 74.20 -22.63 -70.55
CA ILE S 454 73.60 -21.60 -71.38
C ILE S 454 74.04 -21.87 -72.80
N PRO S 455 73.18 -22.39 -73.65
CA PRO S 455 73.60 -22.78 -74.99
C PRO S 455 73.68 -21.56 -75.91
N VAL S 456 74.17 -21.81 -77.11
CA VAL S 456 74.33 -20.75 -78.10
C VAL S 456 73.92 -21.30 -79.44
N PRO S 457 73.31 -20.52 -80.30
CA PRO S 457 72.77 -21.07 -81.56
C PRO S 457 73.87 -21.39 -82.55
N SER S 458 73.62 -22.42 -83.35
CA SER S 458 74.52 -22.81 -84.41
C SER S 458 73.74 -23.50 -85.52
N ASN S 459 74.43 -23.82 -86.61
CA ASN S 459 73.79 -24.43 -87.77
C ASN S 459 73.64 -25.94 -87.62
N ASN S 460 74.67 -26.60 -87.10
CA ASN S 460 74.78 -28.06 -87.12
C ASN S 460 73.54 -28.86 -86.68
N ASN S 461 72.91 -28.56 -85.55
CA ASN S 461 73.28 -27.49 -84.64
C ASN S 461 74.00 -28.05 -83.42
N ALA S 462 74.39 -27.14 -82.53
CA ALA S 462 75.08 -27.47 -81.29
C ALA S 462 76.37 -28.30 -81.58
N ASP S 463 76.88 -29.15 -80.69
CA ASP S 463 76.87 -28.90 -79.23
C ASP S 463 77.78 -27.73 -78.91
N SER S 464 77.19 -26.71 -78.30
CA SER S 464 77.94 -25.51 -77.97
C SER S 464 77.23 -24.83 -76.80
N TYR S 465 78.01 -24.10 -76.01
CA TYR S 465 77.50 -23.51 -74.80
C TYR S 465 78.35 -22.31 -74.45
N LEU S 466 77.82 -21.49 -73.56
CA LEU S 466 78.50 -20.26 -73.17
C LEU S 466 79.39 -20.55 -71.96
N ASN S 467 80.60 -20.00 -71.98
CA ASN S 467 81.62 -20.34 -71.00
C ASN S 467 81.54 -19.36 -69.83
N ILE S 468 81.13 -19.86 -68.66
CA ILE S 468 80.93 -19.04 -67.48
C ILE S 468 81.48 -19.79 -66.26
N TYR S 469 81.55 -19.08 -65.15
CA TYR S 469 81.86 -19.70 -63.87
C TYR S 469 81.19 -18.91 -62.77
N CYS S 470 81.01 -19.56 -61.63
CA CYS S 470 80.33 -18.95 -60.50
C CYS S 470 81.33 -18.74 -59.38
N THR S 471 81.02 -17.78 -58.52
CA THR S 471 81.87 -17.47 -57.40
C THR S 471 80.98 -16.99 -56.28
N GLY S 472 81.29 -17.39 -55.05
CA GLY S 472 80.41 -17.02 -53.98
C GLY S 472 80.99 -17.45 -52.66
N GLN S 473 80.14 -17.42 -51.64
CA GLN S 473 80.59 -17.64 -50.28
C GLN S 473 79.72 -18.67 -49.59
N VAL S 474 80.35 -19.75 -49.12
CA VAL S 474 79.68 -20.74 -48.28
C VAL S 474 80.02 -20.41 -46.84
N SER S 475 79.03 -20.49 -45.97
CA SER S 475 79.27 -20.37 -44.53
C SER S 475 78.78 -21.64 -43.89
N CYS S 476 79.69 -22.44 -43.38
CA CYS S 476 79.34 -23.67 -42.69
C CYS S 476 79.45 -23.40 -41.20
N GLU S 477 78.31 -23.34 -40.52
CA GLU S 477 78.25 -23.07 -39.09
C GLU S 477 77.69 -24.30 -38.42
N ILE S 478 78.52 -25.00 -37.64
CA ILE S 478 78.14 -26.26 -37.05
C ILE S 478 78.27 -26.17 -35.54
N VAL S 479 77.33 -26.80 -34.85
CA VAL S 479 77.28 -26.80 -33.40
C VAL S 479 77.76 -28.15 -32.91
N TRP S 480 78.54 -28.13 -31.83
CA TRP S 480 79.18 -29.34 -31.31
C TRP S 480 78.68 -29.58 -29.91
N GLU S 481 78.00 -30.69 -29.69
CA GLU S 481 77.78 -31.14 -28.33
C GLU S 481 79.12 -31.46 -27.70
N VAL S 482 79.38 -30.86 -26.55
CA VAL S 482 80.71 -30.93 -25.95
C VAL S 482 80.54 -31.15 -24.45
N GLU S 483 81.45 -31.91 -23.86
CA GLU S 483 81.40 -32.22 -22.44
C GLU S 483 82.76 -31.98 -21.82
N ARG S 484 82.76 -31.35 -20.65
CA ARG S 484 83.98 -30.86 -20.01
C ARG S 484 84.41 -31.80 -18.91
N TYR S 485 85.72 -31.94 -18.72
CA TYR S 485 86.23 -33.01 -17.89
C TYR S 485 86.50 -32.54 -16.47
N ALA S 486 86.25 -33.44 -15.53
CA ALA S 486 86.67 -33.27 -14.14
C ALA S 486 87.26 -34.59 -13.68
N THR S 487 88.31 -34.52 -12.88
CA THR S 487 88.96 -35.74 -12.46
C THR S 487 89.58 -35.56 -11.08
N LYS S 488 89.83 -36.67 -10.42
CA LYS S 488 90.41 -36.68 -9.09
C LYS S 488 91.92 -36.89 -9.11
N ASN S 489 92.52 -36.95 -10.29
CA ASN S 489 93.96 -37.09 -10.35
C ASN S 489 94.65 -35.92 -9.67
N TRP S 490 95.72 -36.22 -8.94
CA TRP S 490 96.48 -35.20 -8.27
C TRP S 490 97.46 -34.50 -9.22
N ARG S 491 97.94 -35.20 -10.21
CA ARG S 491 99.07 -34.79 -11.01
C ARG S 491 98.65 -33.97 -12.23
N PRO S 492 99.60 -33.25 -12.82
CA PRO S 492 99.27 -32.26 -13.86
C PRO S 492 98.64 -32.79 -15.14
N GLU S 493 98.66 -34.09 -15.41
CA GLU S 493 98.20 -34.67 -16.69
C GLU S 493 98.99 -34.06 -17.83
N ARG S 494 98.39 -33.82 -18.99
CA ARG S 494 99.12 -33.46 -20.19
C ARG S 494 98.25 -32.59 -21.07
N ARG S 495 98.89 -31.68 -21.80
CA ARG S 495 98.18 -30.79 -22.69
C ARG S 495 98.93 -30.73 -24.01
N HIS S 496 98.46 -29.89 -24.91
CA HIS S 496 99.15 -29.66 -26.18
C HIS S 496 99.78 -28.29 -26.16
N THR S 497 101.09 -28.24 -25.98
CA THR S 497 101.87 -27.04 -26.13
C THR S 497 102.21 -26.79 -27.59
N THR S 498 102.51 -25.54 -27.89
CA THR S 498 103.24 -25.24 -29.12
C THR S 498 104.64 -25.86 -29.10
N PHE S 499 105.15 -26.27 -27.95
CA PHE S 499 106.49 -26.81 -27.95
C PHE S 499 106.59 -28.14 -28.68
N GLY S 500 105.49 -28.85 -28.84
CA GLY S 500 105.49 -29.98 -29.76
C GLY S 500 105.71 -29.52 -31.19
N LEU S 501 105.34 -28.29 -31.50
CA LEU S 501 105.48 -27.72 -32.82
C LEU S 501 106.94 -27.37 -33.08
N GLY S 502 107.27 -27.17 -34.35
CA GLY S 502 108.64 -26.86 -34.73
C GLY S 502 108.67 -25.91 -35.91
N ILE S 503 109.84 -25.32 -36.10
CA ILE S 503 110.04 -24.20 -37.02
C ILE S 503 110.19 -24.73 -38.44
N GLY S 504 109.72 -23.96 -39.41
CA GLY S 504 109.85 -24.41 -40.80
C GLY S 504 109.50 -23.34 -41.80
N GLY S 505 109.74 -23.67 -43.06
CA GLY S 505 109.40 -22.88 -44.24
C GLY S 505 110.47 -21.89 -44.63
N ALA S 506 110.62 -21.68 -45.94
CA ALA S 506 111.57 -20.74 -46.54
C ALA S 506 112.93 -20.78 -45.86
N ASP S 507 113.48 -19.60 -45.58
CA ASP S 507 114.43 -19.49 -44.49
C ASP S 507 113.69 -19.81 -43.21
N ASN S 508 114.33 -20.59 -42.33
CA ASN S 508 113.59 -21.41 -41.36
C ASN S 508 112.52 -20.64 -40.62
N LEU S 509 112.61 -19.31 -40.59
CA LEU S 509 111.74 -18.47 -39.80
C LEU S 509 110.27 -18.77 -40.04
N ASN S 510 109.47 -18.51 -39.00
CA ASN S 510 108.06 -18.78 -38.73
C ASN S 510 107.95 -20.21 -38.23
N PRO S 511 107.12 -20.49 -37.23
CA PRO S 511 107.18 -21.82 -36.62
C PRO S 511 106.50 -22.94 -37.39
N THR S 512 105.18 -23.00 -37.33
CA THR S 512 104.48 -24.13 -37.92
C THR S 512 103.15 -23.73 -38.55
N TYR S 513 102.16 -23.35 -37.76
CA TYR S 513 100.93 -22.86 -38.35
C TYR S 513 101.07 -21.35 -38.49
N HIS S 514 101.38 -20.93 -39.71
CA HIS S 514 101.82 -19.56 -39.92
C HIS S 514 102.20 -19.42 -41.38
N VAL S 515 102.26 -18.16 -41.83
CA VAL S 515 102.57 -17.87 -43.21
C VAL S 515 104.07 -17.83 -43.46
N ASP S 516 104.45 -18.08 -44.71
CA ASP S 516 105.82 -17.96 -45.20
C ASP S 516 106.03 -16.53 -45.72
N LYS S 517 107.10 -16.26 -46.46
CA LYS S 517 107.42 -14.85 -46.78
C LYS S 517 107.06 -14.09 -48.10
N ASN S 518 106.62 -14.61 -49.26
CA ASN S 518 106.52 -15.98 -49.80
C ASN S 518 105.24 -16.66 -49.38
N GLY S 519 104.38 -15.95 -48.67
CA GLY S 519 103.51 -16.60 -47.71
C GLY S 519 102.77 -17.81 -48.22
N THR S 520 103.12 -18.92 -47.60
CA THR S 520 102.53 -20.23 -47.79
C THR S 520 102.43 -20.85 -46.42
N TYR S 521 101.23 -21.22 -46.04
CA TYR S 521 100.96 -21.74 -44.72
C TYR S 521 101.86 -22.94 -44.46
N ILE S 522 102.65 -22.88 -43.40
CA ILE S 522 103.61 -23.94 -43.14
C ILE S 522 102.87 -25.17 -42.65
N GLN S 523 103.18 -26.26 -43.19
CA GLN S 523 102.39 -27.40 -42.75
C GLN S 523 103.05 -28.08 -41.56
N PRO S 524 102.24 -28.62 -40.66
CA PRO S 524 102.78 -29.38 -39.53
C PRO S 524 103.46 -30.65 -40.01
N THR S 525 104.66 -30.90 -39.50
CA THR S 525 105.48 -32.03 -39.91
C THR S 525 105.50 -33.08 -38.81
N THR S 526 105.20 -34.32 -39.21
CA THR S 526 104.80 -35.51 -38.46
C THR S 526 103.56 -35.35 -37.56
N TRP S 527 103.43 -36.23 -36.57
CA TRP S 527 102.12 -36.53 -36.01
C TRP S 527 101.75 -35.62 -34.85
N ASP S 528 102.71 -35.37 -33.95
CA ASP S 528 102.39 -34.61 -32.75
C ASP S 528 102.01 -33.16 -33.05
N MET S 529 102.55 -32.60 -34.14
CA MET S 529 102.18 -31.25 -34.55
C MET S 529 100.67 -31.08 -34.55
N CYS S 530 99.99 -31.75 -35.47
CA CYS S 530 98.56 -31.92 -35.37
C CYS S 530 98.26 -32.54 -34.01
N PHE S 531 97.36 -31.92 -33.27
CA PHE S 531 97.24 -32.31 -31.87
C PHE S 531 96.12 -33.33 -31.72
N PRO S 532 96.44 -34.60 -31.51
CA PRO S 532 95.41 -35.62 -31.52
C PRO S 532 94.64 -35.61 -30.20
N VAL S 533 93.35 -35.86 -30.28
CA VAL S 533 92.63 -36.18 -29.06
C VAL S 533 93.05 -37.56 -28.60
N LYS S 534 92.74 -37.87 -27.34
CA LYS S 534 92.90 -39.17 -26.71
C LYS S 534 94.31 -39.33 -26.16
N THR S 535 95.21 -38.38 -26.41
CA THR S 535 96.51 -38.37 -25.78
C THR S 535 96.54 -37.56 -24.50
N ASN S 536 95.42 -36.98 -24.09
CA ASN S 536 95.38 -36.09 -22.95
C ASN S 536 94.35 -36.57 -21.94
N ILE S 537 94.20 -35.75 -20.90
CA ILE S 537 93.35 -36.01 -19.74
C ILE S 537 93.72 -37.37 -19.17
N ASN S 538 92.76 -38.06 -18.58
CA ASN S 538 92.88 -39.43 -18.12
C ASN S 538 91.48 -39.94 -17.88
N LYS S 539 91.31 -41.26 -17.81
CA LYS S 539 90.06 -41.83 -17.35
C LYS S 539 90.37 -43.06 -16.51
N VAL S 540 89.73 -43.13 -15.35
CA VAL S 540 89.69 -44.40 -14.64
C VAL S 540 88.81 -45.35 -15.42
N LEU S 541 89.35 -46.52 -15.76
CA LEU S 541 88.59 -47.48 -16.53
C LEU S 541 87.51 -48.12 -15.66
N GLY T 34 73.03 -34.92 17.05
CA GLY T 34 73.52 -35.01 18.42
C GLY T 34 74.58 -33.99 18.76
N SER T 35 75.11 -34.06 19.99
CA SER T 35 76.14 -33.14 20.44
C SER T 35 76.93 -33.80 21.57
N GLY T 36 78.10 -33.25 21.83
CA GLY T 36 78.95 -33.72 22.91
C GLY T 36 80.07 -34.61 22.42
N VAL T 37 80.85 -35.10 23.37
CA VAL T 37 81.92 -36.03 23.07
C VAL T 37 81.34 -37.28 22.42
N GLY T 38 82.06 -37.83 21.46
CA GLY T 38 81.60 -39.01 20.75
C GLY T 38 80.77 -38.73 19.52
N ILE T 39 80.54 -37.46 19.20
CA ILE T 39 79.81 -37.06 18.01
C ILE T 39 80.72 -36.11 17.24
N SER T 40 81.16 -36.50 16.06
CA SER T 40 82.07 -35.67 15.30
C SER T 40 81.37 -34.39 14.86
N THR T 41 82.11 -33.30 14.86
CA THR T 41 81.47 -32.02 14.58
C THR T 41 81.30 -31.79 13.09
N GLY T 42 82.32 -32.09 12.30
CA GLY T 42 82.23 -31.93 10.85
C GLY T 42 83.10 -32.96 10.18
N GLY T 43 82.85 -33.17 8.89
CA GLY T 43 83.54 -34.17 8.12
C GLY T 43 84.66 -33.58 7.27
N TRP T 44 85.36 -34.48 6.59
CA TRP T 44 86.44 -34.10 5.70
C TRP T 44 85.87 -33.43 4.46
N VAL T 45 86.70 -32.60 3.83
CA VAL T 45 86.27 -31.76 2.71
C VAL T 45 87.43 -31.61 1.73
N GLY T 46 87.11 -31.49 0.45
CA GLY T 46 88.12 -31.16 -0.53
C GLY T 46 87.61 -31.41 -1.94
N GLY T 47 88.54 -31.30 -2.90
CA GLY T 47 88.33 -31.77 -4.26
C GLY T 47 88.11 -30.71 -5.33
N SER T 48 88.19 -29.45 -4.98
CA SER T 48 87.93 -28.29 -5.83
C SER T 48 86.60 -28.30 -6.58
N TYR T 49 86.49 -27.49 -7.64
CA TYR T 49 85.21 -27.34 -8.32
C TYR T 49 85.28 -27.02 -9.81
N PHE T 50 85.76 -25.81 -10.15
CA PHE T 50 85.91 -25.31 -11.51
C PHE T 50 84.65 -25.07 -12.34
N THR T 51 83.95 -23.97 -12.07
CA THR T 51 82.97 -23.37 -12.98
C THR T 51 83.59 -22.15 -13.65
N ASP T 52 83.12 -21.85 -14.87
CA ASP T 52 83.64 -20.74 -15.67
C ASP T 52 83.75 -19.44 -14.90
N SER T 53 82.76 -19.14 -14.06
CA SER T 53 82.76 -17.87 -13.33
C SER T 53 83.62 -17.92 -12.08
N TYR T 54 83.75 -19.08 -11.43
CA TYR T 54 84.49 -19.14 -10.18
C TYR T 54 84.98 -20.56 -9.95
N VAL T 55 86.01 -20.66 -9.11
CA VAL T 55 86.61 -21.93 -8.71
C VAL T 55 86.57 -22.01 -7.20
N ILE T 56 86.00 -23.10 -6.69
CA ILE T 56 85.93 -23.35 -5.26
C ILE T 56 86.92 -24.43 -4.90
N THR T 57 87.98 -24.07 -4.18
CA THR T 57 88.95 -25.03 -3.70
C THR T 57 88.67 -25.33 -2.25
N LYS T 58 88.64 -26.61 -1.91
CA LYS T 58 88.34 -27.07 -0.57
C LYS T 58 89.51 -27.91 -0.08
N ASN T 59 89.88 -27.74 1.18
CA ASN T 59 90.99 -28.46 1.74
C ASN T 59 90.72 -28.74 3.21
N THR T 60 91.37 -29.78 3.73
CA THR T 60 91.21 -30.16 5.12
C THR T 60 92.55 -30.71 5.61
N ARG T 61 92.83 -30.51 6.89
CA ARG T 61 94.14 -30.86 7.43
C ARG T 61 93.98 -31.49 8.80
N GLN T 62 95.08 -32.04 9.28
CA GLN T 62 95.21 -32.50 10.65
C GLN T 62 96.35 -31.71 11.26
N PHE T 63 96.09 -31.05 12.39
CA PHE T 63 97.09 -30.17 12.98
C PHE T 63 97.29 -30.53 14.44
N LEU T 64 98.36 -30.00 15.03
CA LEU T 64 98.51 -30.12 16.47
C LEU T 64 99.18 -28.89 17.06
N VAL T 65 98.74 -28.53 18.26
CA VAL T 65 99.25 -27.39 19.00
C VAL T 65 100.08 -27.93 20.16
N LYS T 66 101.30 -27.43 20.30
CA LYS T 66 102.32 -28.11 21.09
C LYS T 66 102.55 -27.51 22.49
N ILE T 67 101.86 -26.42 22.86
CA ILE T 67 102.24 -25.62 24.03
C ILE T 67 103.64 -25.08 23.83
N GLN T 68 103.79 -24.06 22.99
CA GLN T 68 105.09 -23.43 22.84
C GLN T 68 105.37 -22.46 23.97
N ASN T 69 106.64 -22.41 24.38
CA ASN T 69 107.17 -21.32 25.20
C ASN T 69 106.56 -21.31 26.60
N ASN T 70 106.38 -22.49 27.19
CA ASN T 70 105.58 -22.66 28.41
C ASN T 70 104.26 -21.96 28.08
N HIS T 71 103.63 -21.26 29.01
CA HIS T 71 102.62 -20.30 28.60
C HIS T 71 103.09 -18.86 28.71
N GLN T 72 104.28 -18.63 29.24
CA GLN T 72 104.82 -17.30 29.35
C GLN T 72 105.39 -16.82 28.01
N TYR T 73 105.57 -15.52 27.90
CA TYR T 73 105.96 -14.80 26.69
C TYR T 73 107.47 -14.72 26.47
N LYS T 74 108.19 -14.11 27.38
CA LYS T 74 109.59 -13.72 27.25
C LYS T 74 109.82 -12.75 26.09
N THR T 75 111.04 -12.71 25.58
CA THR T 75 111.44 -11.79 24.52
C THR T 75 112.34 -12.53 23.53
N GLU T 76 113.41 -13.12 24.04
CA GLU T 76 114.28 -14.11 23.42
C GLU T 76 115.49 -13.58 22.63
N LEU T 77 115.51 -12.30 22.25
CA LEU T 77 116.71 -11.65 21.69
C LEU T 77 117.46 -12.60 20.76
N ILE T 78 116.87 -12.88 19.59
CA ILE T 78 117.14 -14.13 18.89
C ILE T 78 118.63 -14.35 18.61
N SER T 79 119.17 -13.70 17.58
CA SER T 79 120.58 -13.65 17.23
C SER T 79 121.15 -15.03 16.89
N PRO T 80 122.14 -15.10 16.01
CA PRO T 80 123.16 -16.14 16.15
C PRO T 80 124.38 -15.54 16.83
N SER T 81 125.42 -16.33 17.07
CA SER T 81 126.69 -15.74 17.46
C SER T 81 127.91 -16.46 16.84
N THR T 82 128.77 -15.80 16.06
CA THR T 82 128.56 -14.56 15.24
C THR T 82 127.79 -13.37 15.85
N SER T 83 128.24 -12.92 17.01
CA SER T 83 127.59 -11.82 17.71
C SER T 83 127.49 -10.56 16.85
N GLN T 84 128.26 -10.48 15.75
CA GLN T 84 128.14 -9.38 14.83
C GLN T 84 126.77 -9.33 14.14
N GLY T 85 125.96 -10.37 14.29
CA GLY T 85 124.69 -10.43 13.59
C GLY T 85 123.72 -9.37 14.06
N LYS T 86 122.54 -9.38 13.44
CA LYS T 86 121.53 -8.36 13.73
C LYS T 86 121.00 -8.48 15.15
N SER T 87 120.73 -9.71 15.60
CA SER T 87 120.31 -9.98 16.97
C SER T 87 119.01 -9.27 17.32
N GLN T 88 118.01 -9.43 16.45
CA GLN T 88 116.69 -8.89 16.73
C GLN T 88 116.13 -9.48 18.01
N ARG T 89 115.48 -8.63 18.82
CA ARG T 89 115.06 -9.06 20.14
C ARG T 89 113.77 -9.87 20.08
N CYS T 90 112.86 -9.48 19.20
CA CYS T 90 111.55 -10.08 19.03
C CYS T 90 110.74 -10.21 20.32
N VAL T 91 109.76 -11.11 20.29
CA VAL T 91 108.90 -11.48 21.42
C VAL T 91 108.38 -12.87 21.10
N SER T 92 108.31 -13.73 22.10
CA SER T 92 107.72 -15.04 21.91
C SER T 92 106.41 -15.07 22.66
N THR T 93 105.47 -15.86 22.19
CA THR T 93 104.16 -15.97 22.79
C THR T 93 103.77 -17.42 22.92
N PRO T 94 102.86 -17.76 23.83
CA PRO T 94 102.34 -19.13 23.88
C PRO T 94 101.52 -19.51 22.68
N TRP T 95 101.11 -18.54 21.87
CA TRP T 95 100.16 -18.78 20.80
C TRP T 95 100.82 -19.40 19.58
N SER T 96 100.03 -20.16 18.84
CA SER T 96 100.37 -20.67 17.53
C SER T 96 99.33 -20.15 16.56
N TYR T 97 99.64 -20.17 15.27
CA TYR T 97 98.73 -19.57 14.31
C TYR T 97 98.65 -20.41 13.04
N PHE T 98 97.54 -20.22 12.35
CA PHE T 98 97.29 -20.86 11.06
C PHE T 98 97.72 -19.92 9.95
N ASN T 99 98.66 -20.36 9.12
CA ASN T 99 99.07 -19.62 7.93
C ASN T 99 98.49 -20.33 6.73
N PHE T 100 97.52 -19.71 6.06
CA PHE T 100 96.92 -20.27 4.87
C PHE T 100 97.49 -19.72 3.59
N ASN T 101 98.53 -18.90 3.66
CA ASN T 101 98.94 -18.07 2.52
C ASN T 101 99.96 -18.83 1.69
N GLN T 102 99.51 -19.36 0.56
CA GLN T 102 100.32 -19.96 -0.49
C GLN T 102 99.34 -20.53 -1.50
N TYR T 103 99.80 -20.70 -2.75
CA TYR T 103 98.92 -21.33 -3.72
C TYR T 103 98.98 -22.83 -3.65
N SER T 104 100.17 -23.40 -3.48
CA SER T 104 100.33 -24.85 -3.48
C SER T 104 99.55 -25.51 -2.36
N SER T 105 99.09 -24.75 -1.37
CA SER T 105 98.27 -25.33 -0.33
C SER T 105 96.85 -25.58 -0.81
N HIS T 106 96.31 -24.66 -1.59
CA HIS T 106 94.91 -24.71 -1.99
C HIS T 106 94.68 -25.37 -3.34
N PHE T 107 95.73 -25.64 -4.11
CA PHE T 107 95.58 -26.18 -5.45
C PHE T 107 96.44 -27.41 -5.62
N SER T 108 95.82 -28.50 -6.04
CA SER T 108 96.59 -29.65 -6.45
C SER T 108 97.36 -29.31 -7.71
N PRO T 109 98.44 -30.03 -8.00
CA PRO T 109 99.16 -29.78 -9.25
C PRO T 109 98.28 -29.89 -10.48
N GLN T 110 97.17 -30.59 -10.42
CA GLN T 110 96.22 -30.53 -11.54
C GLN T 110 95.25 -29.37 -11.46
N ASP T 111 94.72 -29.06 -10.27
CA ASP T 111 93.82 -27.92 -10.16
C ASP T 111 94.52 -26.65 -10.62
N TRP T 112 95.64 -26.33 -10.00
CA TRP T 112 96.62 -25.48 -10.65
C TRP T 112 97.00 -26.17 -11.94
N GLN T 113 97.22 -25.41 -13.01
CA GLN T 113 97.33 -25.89 -14.37
C GLN T 113 95.99 -26.21 -15.01
N ARG T 114 94.94 -26.41 -14.23
CA ARG T 114 93.64 -26.32 -14.86
C ARG T 114 93.19 -24.88 -14.98
N LEU T 115 93.48 -24.06 -13.98
CA LEU T 115 93.22 -22.63 -14.12
C LEU T 115 94.33 -21.91 -14.86
N THR T 116 95.57 -22.31 -14.67
CA THR T 116 96.66 -21.64 -15.35
C THR T 116 96.54 -21.83 -16.86
N ASN T 117 96.01 -22.96 -17.29
CA ASN T 117 95.80 -23.16 -18.72
C ASN T 117 94.50 -22.51 -19.18
N GLU T 118 93.43 -22.62 -18.41
CA GLU T 118 92.10 -22.32 -18.92
C GLU T 118 91.59 -20.94 -18.59
N TYR T 119 92.32 -20.09 -17.87
CA TYR T 119 91.74 -18.83 -17.46
C TYR T 119 92.72 -17.67 -17.60
N LYS T 120 92.18 -16.49 -17.93
CA LYS T 120 92.98 -15.27 -17.98
C LYS T 120 93.47 -14.87 -16.60
N ARG T 121 92.56 -14.79 -15.64
CA ARG T 121 92.87 -14.11 -14.41
C ARG T 121 92.01 -14.68 -13.31
N PHE T 122 92.48 -14.54 -12.08
CA PHE T 122 91.74 -15.03 -10.94
C PHE T 122 92.15 -14.24 -9.72
N ARG T 123 91.24 -14.12 -8.78
CA ARG T 123 91.55 -13.56 -7.48
C ARG T 123 90.68 -14.26 -6.47
N PRO T 124 91.16 -14.46 -5.26
CA PRO T 124 90.31 -15.09 -4.25
C PRO T 124 89.15 -14.18 -3.88
N LYS T 125 87.94 -14.73 -3.97
CA LYS T 125 86.75 -13.95 -3.64
C LYS T 125 86.45 -13.97 -2.15
N GLY T 126 86.57 -15.14 -1.51
CA GLY T 126 86.21 -15.28 -0.12
C GLY T 126 86.92 -16.48 0.46
N MET T 127 86.77 -16.63 1.77
CA MET T 127 87.47 -17.68 2.49
C MET T 127 86.61 -18.11 3.68
N HIS T 128 86.59 -19.39 3.95
CA HIS T 128 85.78 -19.95 5.03
C HIS T 128 86.59 -21.02 5.72
N VAL T 129 86.82 -20.86 7.01
CA VAL T 129 87.69 -21.76 7.76
C VAL T 129 86.90 -22.36 8.91
N LYS T 130 87.12 -23.64 9.17
CA LYS T 130 86.40 -24.34 10.22
C LYS T 130 87.38 -25.18 11.02
N ILE T 131 87.45 -24.91 12.32
CA ILE T 131 88.16 -25.77 13.26
C ILE T 131 87.13 -26.73 13.80
N TYR T 132 87.46 -28.01 13.85
CA TYR T 132 86.53 -28.99 14.38
C TYR T 132 87.27 -30.28 14.68
N ASN T 133 86.55 -31.25 15.23
CA ASN T 133 87.09 -32.54 15.60
C ASN T 133 88.34 -32.40 16.47
N LEU T 134 88.21 -31.60 17.52
CA LEU T 134 89.35 -31.33 18.38
C LEU T 134 89.60 -32.49 19.33
N GLN T 135 90.86 -32.62 19.76
CA GLN T 135 91.26 -33.67 20.68
C GLN T 135 92.34 -33.12 21.60
N ILE T 136 92.23 -33.38 22.89
CA ILE T 136 93.26 -32.99 23.86
C ILE T 136 93.81 -34.27 24.46
N LYS T 137 95.07 -34.57 24.21
CA LYS T 137 95.55 -35.91 24.49
C LYS T 137 96.39 -36.08 25.75
N GLN T 138 96.73 -35.02 26.49
CA GLN T 138 97.33 -35.18 27.81
C GLN T 138 98.60 -36.04 27.77
N ILE T 139 99.69 -35.43 27.30
CA ILE T 139 100.98 -36.11 27.32
C ILE T 139 101.31 -36.58 28.73
N LEU T 140 101.80 -37.80 28.85
CA LEU T 140 102.39 -38.29 30.09
C LEU T 140 103.76 -38.88 29.82
N SER T 141 104.62 -38.81 30.83
CA SER T 141 105.96 -39.39 30.77
C SER T 141 106.23 -40.12 32.08
N ASN T 142 106.44 -41.43 31.99
CA ASN T 142 106.89 -42.23 33.11
C ASN T 142 108.42 -42.32 33.15
N GLY T 143 109.08 -41.56 32.28
CA GLY T 143 110.48 -41.72 31.97
C GLY T 143 110.59 -42.54 30.70
N ALA T 144 111.55 -42.16 29.85
CA ALA T 144 111.67 -42.67 28.48
C ALA T 144 110.30 -42.54 27.82
N ASP T 145 109.90 -43.48 26.95
CA ASP T 145 108.54 -43.75 26.48
C ASP T 145 107.69 -42.51 26.21
N THR T 146 106.39 -42.63 26.49
CA THR T 146 105.35 -41.62 26.65
C THR T 146 104.03 -42.36 26.73
N THR T 147 102.98 -41.70 27.23
CA THR T 147 101.63 -42.23 27.15
C THR T 147 100.68 -41.07 26.93
N TYR T 148 99.56 -41.36 26.28
CA TYR T 148 98.56 -40.35 25.96
C TYR T 148 97.22 -40.88 26.46
N ASN T 149 96.67 -40.22 27.48
CA ASN T 149 95.48 -40.75 28.13
C ASN T 149 94.22 -40.25 27.46
N ASN T 150 94.38 -39.58 26.33
CA ASN T 150 93.37 -38.69 25.79
C ASN T 150 93.09 -37.67 26.88
N ASP T 151 91.86 -37.18 26.95
CA ASP T 151 91.47 -36.23 27.98
C ASP T 151 90.06 -35.77 27.66
N LEU T 152 89.39 -35.27 28.67
CA LEU T 152 88.17 -34.49 28.50
C LEU T 152 88.29 -33.33 29.46
N THR T 153 87.27 -32.50 29.50
CA THR T 153 87.27 -31.31 30.34
C THR T 153 88.55 -30.50 30.16
N ALA T 154 88.99 -30.34 28.93
CA ALA T 154 90.13 -29.49 28.60
C ALA T 154 89.71 -28.57 27.45
N GLY T 155 90.53 -27.56 27.17
CA GLY T 155 90.11 -26.48 26.31
C GLY T 155 91.23 -25.98 25.43
N VAL T 156 90.82 -25.24 24.41
CA VAL T 156 91.71 -24.68 23.42
C VAL T 156 91.23 -23.28 23.10
N HIS T 157 92.13 -22.31 23.20
CA HIS T 157 91.81 -20.94 22.85
C HIS T 157 91.95 -20.76 21.35
N ILE T 158 90.99 -20.10 20.74
CA ILE T 158 91.02 -19.82 19.31
C ILE T 158 90.64 -18.37 19.10
N PHE T 159 91.51 -17.62 18.43
CA PHE T 159 91.33 -16.19 18.29
C PHE T 159 91.63 -15.79 16.86
N CYS T 160 90.83 -14.88 16.31
CA CYS T 160 90.99 -14.40 14.95
C CYS T 160 91.08 -12.88 14.96
N ASP T 161 91.78 -12.33 13.97
CA ASP T 161 91.90 -10.89 13.80
C ASP T 161 90.98 -10.41 12.69
N GLY T 162 89.92 -9.71 13.05
CA GLY T 162 89.14 -9.03 12.03
C GLY T 162 89.61 -7.61 11.85
N GLU T 163 90.20 -7.04 12.90
CA GLU T 163 90.68 -5.67 12.86
C GLU T 163 92.12 -5.56 12.41
N HIS T 164 92.85 -6.67 12.39
CA HIS T 164 94.29 -6.70 12.21
C HIS T 164 95.02 -5.81 13.21
N ALA T 165 94.45 -5.60 14.39
CA ALA T 165 95.28 -5.30 15.53
C ALA T 165 96.16 -6.50 15.80
N TYR T 166 97.25 -6.27 16.52
CA TYR T 166 98.29 -7.25 16.80
C TYR T 166 99.24 -7.37 15.61
N PRO T 167 100.49 -7.73 15.89
CA PRO T 167 101.54 -7.64 14.87
C PRO T 167 101.43 -8.58 13.68
N ASN T 168 100.48 -9.51 13.63
CA ASN T 168 100.17 -10.37 12.49
C ASN T 168 101.39 -11.10 11.89
N ALA T 169 101.77 -12.21 12.53
CA ALA T 169 102.99 -12.95 12.18
C ALA T 169 103.14 -13.17 10.68
N THR T 170 102.07 -13.44 9.97
CA THR T 170 102.18 -13.92 8.59
C THR T 170 103.04 -13.01 7.74
N HIS T 171 104.06 -13.59 7.14
CA HIS T 171 104.96 -12.99 6.16
C HIS T 171 104.87 -13.84 4.91
N PRO T 172 104.93 -13.24 3.72
CA PRO T 172 104.60 -14.01 2.51
C PRO T 172 105.31 -15.34 2.37
N TRP T 173 106.62 -15.39 2.52
CA TRP T 173 107.32 -16.64 2.18
C TRP T 173 107.32 -17.57 3.38
N ASP T 174 108.10 -17.25 4.40
CA ASP T 174 108.16 -18.01 5.65
C ASP T 174 108.35 -19.49 5.28
N GLU T 175 107.58 -20.38 5.86
CA GLU T 175 107.73 -21.82 5.76
C GLU T 175 106.31 -22.33 5.74
N ASP T 176 106.14 -23.64 5.96
CA ASP T 176 104.90 -24.21 6.52
C ASP T 176 103.72 -23.79 5.64
N VAL T 177 102.83 -22.91 6.11
CA VAL T 177 101.50 -22.69 5.58
C VAL T 177 100.84 -24.05 5.69
N MET T 178 99.95 -24.39 4.78
CA MET T 178 99.40 -25.73 4.82
C MET T 178 100.34 -26.65 4.06
N PRO T 179 100.47 -27.91 4.46
CA PRO T 179 101.24 -28.81 3.63
C PRO T 179 100.55 -28.95 2.29
N GLU T 180 101.30 -28.76 1.21
CA GLU T 180 100.71 -28.80 -0.12
C GLU T 180 99.96 -30.09 -0.35
N LEU T 181 100.26 -31.11 0.42
CA LEU T 181 99.76 -32.44 0.25
C LEU T 181 98.84 -32.77 1.42
N PRO T 182 97.57 -33.10 1.23
CA PRO T 182 96.73 -33.45 2.40
C PRO T 182 97.22 -34.70 3.08
N TYR T 183 96.49 -35.22 4.06
CA TYR T 183 96.85 -36.39 4.86
C TYR T 183 98.16 -36.17 5.61
N GLN T 184 98.84 -35.08 5.30
CA GLN T 184 100.09 -34.73 5.94
C GLN T 184 99.78 -33.83 7.11
N THR T 185 100.08 -34.28 8.32
CA THR T 185 99.74 -33.52 9.50
C THR T 185 100.42 -32.17 9.50
N TRP T 186 99.74 -31.16 10.03
CA TRP T 186 100.20 -29.79 9.91
C TRP T 186 100.60 -29.27 11.28
N TYR T 187 101.89 -29.10 11.50
CA TYR T 187 102.41 -28.62 12.76
C TYR T 187 102.39 -27.11 12.76
N LEU T 188 101.72 -26.53 13.73
CA LEU T 188 101.65 -25.08 13.86
C LEU T 188 102.96 -24.52 14.39
N PHE T 189 103.14 -23.23 14.18
CA PHE T 189 104.36 -22.53 14.55
C PHE T 189 104.04 -21.41 15.54
N GLN T 190 105.01 -21.14 16.40
CA GLN T 190 104.80 -20.19 17.48
C GLN T 190 104.63 -18.78 16.94
N TYR T 191 103.77 -18.01 17.59
CA TYR T 191 103.56 -16.63 17.20
C TYR T 191 104.53 -15.72 17.93
N GLY T 192 105.19 -14.85 17.17
CA GLY T 192 106.11 -13.90 17.74
C GLY T 192 106.11 -12.65 16.89
N TYR T 193 106.75 -11.61 17.41
CA TYR T 193 106.80 -10.37 16.66
C TYR T 193 107.97 -9.53 17.14
N ILE T 194 108.42 -8.62 16.27
CA ILE T 194 109.49 -7.70 16.62
C ILE T 194 108.87 -6.47 17.27
N PRO T 195 109.07 -6.25 18.57
CA PRO T 195 108.56 -5.00 19.16
C PRO T 195 109.28 -3.77 18.65
N VAL T 196 110.61 -3.80 18.60
CA VAL T 196 111.43 -2.68 18.15
C VAL T 196 112.77 -3.20 17.66
N ILE T 197 113.39 -2.46 16.74
CA ILE T 197 114.75 -2.78 16.29
C ILE T 197 115.65 -2.93 17.51
N HIS T 198 116.41 -4.03 17.55
CA HIS T 198 117.23 -4.29 18.73
C HIS T 198 118.30 -3.23 18.90
N GLU T 199 119.12 -3.01 17.88
CA GLU T 199 119.93 -1.81 17.88
C GLU T 199 118.99 -0.62 17.89
N LEU T 200 119.48 0.54 18.34
CA LEU T 200 118.59 1.66 18.62
C LEU T 200 117.62 1.30 19.74
N ALA T 201 118.09 1.46 20.99
CA ALA T 201 117.63 0.84 22.23
C ALA T 201 118.49 -0.32 22.72
N GLU T 202 119.61 -0.60 22.06
CA GLU T 202 120.51 -1.65 22.56
C GLU T 202 120.83 -1.60 24.09
N MET T 203 121.12 -0.45 24.71
CA MET T 203 121.43 0.84 24.13
C MET T 203 122.81 1.25 24.66
N GLU T 204 123.50 2.15 23.97
CA GLU T 204 124.88 2.42 24.34
C GLU T 204 124.97 3.63 25.25
N ASP T 205 125.29 3.36 26.52
CA ASP T 205 125.59 4.39 27.51
C ASP T 205 124.57 5.52 27.50
N SER T 206 125.03 6.75 27.69
CA SER T 206 124.30 7.97 27.34
C SER T 206 122.80 7.84 27.83
N ASN T 207 121.70 7.89 27.05
CA ASN T 207 121.53 8.26 25.65
C ASN T 207 120.36 9.20 25.49
N ALA T 208 119.18 8.68 25.88
CA ALA T 208 117.89 9.37 25.91
C ALA T 208 117.27 9.47 24.53
N VAL T 209 118.06 9.30 23.48
CA VAL T 209 117.49 9.11 22.15
C VAL T 209 117.12 7.64 21.93
N GLU T 210 117.97 6.73 22.42
CA GLU T 210 117.59 5.31 22.40
C GLU T 210 116.88 4.90 23.68
N LYS T 211 116.91 5.74 24.71
CA LYS T 211 116.06 5.49 25.86
C LYS T 211 114.61 5.59 25.45
N ALA T 212 114.22 6.70 24.84
CA ALA T 212 113.03 6.67 24.02
C ALA T 212 113.27 5.71 22.86
N ILE T 213 112.18 5.15 22.35
CA ILE T 213 112.14 4.03 21.40
C ILE T 213 112.44 2.73 22.13
N CYS T 214 113.12 2.80 23.27
CA CYS T 214 113.12 1.67 24.18
C CYS T 214 111.93 1.71 25.12
N LEU T 215 111.62 2.89 25.63
CA LEU T 215 110.44 3.05 26.48
C LEU T 215 109.17 2.84 25.69
N GLN T 216 109.19 3.14 24.40
CA GLN T 216 107.95 3.13 23.63
C GLN T 216 107.67 1.78 23.01
N ILE T 217 108.48 0.76 23.27
CA ILE T 217 108.26 -0.51 22.58
C ILE T 217 106.91 -1.01 23.04
N PRO T 218 105.98 -1.27 22.13
CA PRO T 218 104.67 -1.76 22.53
C PRO T 218 104.75 -3.24 22.88
N PHE T 219 103.83 -3.65 23.74
CA PHE T 219 103.75 -5.03 24.16
C PHE T 219 102.33 -5.52 23.94
N PHE T 220 102.17 -6.45 23.01
CA PHE T 220 100.88 -6.95 22.61
C PHE T 220 100.64 -8.31 23.23
N MET T 221 99.39 -8.57 23.59
CA MET T 221 99.01 -9.81 24.23
C MET T 221 97.70 -10.25 23.61
N LEU T 222 97.59 -11.53 23.32
CA LEU T 222 96.37 -12.02 22.70
C LEU T 222 95.30 -12.33 23.72
N GLU T 223 95.54 -12.05 25.00
CA GLU T 223 94.51 -12.34 25.98
C GLU T 223 93.45 -11.26 25.92
N ASN T 224 93.71 -10.06 26.48
CA ASN T 224 93.15 -8.82 25.95
C ASN T 224 91.79 -9.02 25.32
N SER T 225 91.70 -8.72 24.02
CA SER T 225 90.46 -8.95 23.29
C SER T 225 89.98 -10.39 23.43
N ASP T 226 88.66 -10.54 23.55
CA ASP T 226 88.08 -11.82 23.87
C ASP T 226 88.20 -12.81 22.72
N HIS T 227 88.13 -14.09 23.07
CA HIS T 227 88.22 -15.16 22.09
C HIS T 227 87.57 -16.41 22.65
N GLU T 228 87.32 -17.37 21.78
CA GLU T 228 86.59 -18.55 22.16
C GLU T 228 87.51 -19.64 22.69
N VAL T 229 87.05 -20.34 23.70
CA VAL T 229 87.67 -21.57 24.17
C VAL T 229 86.78 -22.71 23.72
N LEU T 230 87.38 -23.85 23.42
CA LEU T 230 86.62 -24.98 22.90
C LEU T 230 87.05 -26.24 23.63
N ARG T 231 86.08 -26.99 24.14
CA ARG T 231 86.37 -28.36 24.49
C ARG T 231 86.27 -29.21 23.23
N THR T 232 86.27 -30.53 23.40
CA THR T 232 86.26 -31.42 22.25
C THR T 232 85.02 -31.23 21.38
N GLY T 233 83.83 -31.40 21.96
CA GLY T 233 82.63 -31.42 21.16
C GLY T 233 82.35 -30.16 20.37
N GLU T 234 82.92 -29.04 20.79
CA GLU T 234 82.68 -27.76 20.13
C GLU T 234 83.56 -27.59 18.91
N SER T 235 83.11 -26.71 18.00
CA SER T 235 83.88 -26.29 16.83
C SER T 235 83.77 -24.79 16.67
N THR T 236 84.37 -24.28 15.60
CA THR T 236 84.33 -22.86 15.31
C THR T 236 84.45 -22.65 13.80
N GLU T 237 83.80 -21.61 13.31
CA GLU T 237 83.90 -21.20 11.91
C GLU T 237 84.46 -19.79 11.83
N PHE T 238 85.08 -19.49 10.71
CA PHE T 238 85.52 -18.14 10.41
C PHE T 238 85.31 -17.88 8.93
N THR T 239 84.90 -16.66 8.60
CA THR T 239 84.73 -16.26 7.22
C THR T 239 85.62 -15.07 6.91
N PHE T 240 85.91 -14.87 5.64
CA PHE T 240 86.71 -13.75 5.20
C PHE T 240 86.24 -13.32 3.83
N ASN T 241 86.30 -12.03 3.58
CA ASN T 241 86.04 -11.47 2.27
C ASN T 241 87.23 -10.65 1.84
N PHE T 242 87.45 -10.58 0.53
CA PHE T 242 88.66 -9.99 -0.01
C PHE T 242 88.31 -8.81 -0.90
N ASP T 243 88.86 -7.65 -0.56
CA ASP T 243 89.01 -6.57 -1.53
C ASP T 243 90.40 -6.76 -2.12
N CYS T 244 90.46 -7.17 -3.38
CA CYS T 244 91.65 -7.83 -3.87
C CYS T 244 91.82 -7.55 -5.36
N GLU T 245 93.07 -7.42 -5.78
CA GLU T 245 93.40 -7.18 -7.17
C GLU T 245 93.54 -8.50 -7.90
N TRP T 246 93.11 -8.52 -9.16
CA TRP T 246 93.28 -9.69 -10.00
C TRP T 246 94.76 -10.01 -10.16
N ILE T 247 95.07 -11.29 -10.29
CA ILE T 247 96.37 -11.71 -10.77
C ILE T 247 96.16 -12.30 -12.15
N ASN T 248 96.91 -11.80 -13.13
CA ASN T 248 96.61 -12.03 -14.53
C ASN T 248 97.51 -13.11 -15.10
N ASN T 249 96.89 -14.14 -15.66
CA ASN T 249 97.60 -15.14 -16.45
C ASN T 249 97.38 -14.79 -17.91
N GLU T 250 98.41 -14.27 -18.56
CA GLU T 250 98.37 -13.67 -19.88
C GLU T 250 99.80 -13.35 -20.27
N ARG T 251 100.01 -13.17 -21.56
CA ARG T 251 101.35 -13.01 -22.09
C ARG T 251 101.32 -11.97 -23.18
N ALA T 252 102.25 -11.03 -23.13
CA ALA T 252 102.44 -10.07 -24.19
C ALA T 252 103.45 -10.63 -25.17
N TYR T 253 103.02 -10.84 -26.40
CA TYR T 253 103.91 -11.40 -27.42
C TYR T 253 104.88 -10.38 -27.96
N ILE T 254 104.68 -9.10 -27.69
CA ILE T 254 105.60 -8.04 -28.10
C ILE T 254 105.73 -7.02 -26.99
N PRO T 255 106.84 -6.29 -26.94
CA PRO T 255 106.94 -5.17 -26.03
C PRO T 255 105.87 -4.15 -26.32
N PRO T 256 105.49 -3.33 -25.35
CA PRO T 256 104.47 -2.32 -25.61
C PRO T 256 104.92 -1.27 -26.61
N GLY T 257 106.22 -1.01 -26.70
CA GLY T 257 106.71 -0.07 -27.67
C GLY T 257 106.84 -0.60 -29.07
N LEU T 258 106.56 -1.88 -29.27
CA LEU T 258 106.67 -2.52 -30.57
C LEU T 258 105.34 -2.53 -31.31
N MET T 259 104.33 -1.86 -30.79
CA MET T 259 103.00 -1.86 -31.39
C MET T 259 102.91 -0.73 -32.40
N PHE T 260 102.87 -1.09 -33.67
CA PHE T 260 102.69 -0.13 -34.75
C PHE T 260 102.68 -0.90 -36.05
N ASN T 261 102.17 -0.27 -37.09
CA ASN T 261 102.20 -0.87 -38.41
C ASN T 261 103.50 -0.47 -39.08
N PRO T 262 104.45 -1.38 -39.21
CA PRO T 262 105.76 -1.00 -39.76
C PRO T 262 105.71 -0.71 -41.24
N LEU T 263 104.65 -1.11 -41.92
CA LEU T 263 104.52 -0.82 -43.34
C LEU T 263 104.30 0.67 -43.56
N VAL T 264 103.50 1.30 -42.72
CA VAL T 264 103.11 2.69 -42.96
C VAL T 264 104.26 3.61 -42.60
N PRO T 265 104.60 4.59 -43.44
CA PRO T 265 105.63 5.56 -43.07
C PRO T 265 105.16 6.42 -41.92
N THR T 266 106.12 7.06 -41.26
CA THR T 266 105.82 7.90 -40.11
C THR T 266 106.16 9.35 -40.43
N ARG T 267 105.41 10.26 -39.82
CA ARG T 267 105.78 11.66 -39.86
C ARG T 267 106.46 12.06 -38.57
N ARG T 268 107.78 12.16 -38.62
CA ARG T 268 108.64 12.41 -37.48
C ARG T 268 110.06 12.56 -38.02
N ALA T 269 110.96 13.11 -37.23
CA ALA T 269 112.32 13.30 -37.71
C ALA T 269 113.30 13.11 -36.58
N GLN T 270 114.53 12.78 -36.97
CA GLN T 270 115.62 12.55 -36.04
C GLN T 270 116.71 13.56 -36.34
N TYR T 271 116.94 14.50 -35.42
CA TYR T 271 118.13 15.31 -35.45
C TYR T 271 119.19 14.57 -34.66
N ILE T 272 120.39 14.50 -35.19
CA ILE T 272 121.49 13.83 -34.53
C ILE T 272 122.65 14.80 -34.40
N ARG T 273 123.12 14.99 -33.17
CA ARG T 273 124.17 15.96 -32.89
C ARG T 273 125.46 15.58 -33.62
N ARG T 274 126.29 16.59 -33.87
CA ARG T 274 127.65 16.35 -34.34
C ARG T 274 128.33 15.33 -33.46
N ASN T 275 128.97 14.33 -34.09
CA ASN T 275 129.42 13.17 -33.33
C ASN T 275 130.68 13.46 -32.54
N ASN T 276 131.49 14.43 -32.99
CA ASN T 276 132.72 14.81 -32.29
C ASN T 276 133.59 13.58 -32.02
N ASN T 277 134.20 13.09 -33.11
CA ASN T 277 134.84 11.78 -33.19
C ASN T 277 133.74 10.72 -33.20
N PRO T 278 133.92 9.62 -33.95
CA PRO T 278 134.89 9.52 -35.05
C PRO T 278 134.64 10.48 -36.22
N GLN T 279 133.39 10.58 -36.66
CA GLN T 279 133.08 11.18 -37.96
C GLN T 279 131.57 11.39 -38.03
N THR T 280 131.03 11.65 -39.24
CA THR T 280 129.60 11.78 -39.47
C THR T 280 128.98 12.98 -38.77
N ALA T 281 129.18 14.16 -39.36
CA ALA T 281 128.62 15.41 -38.86
C ALA T 281 127.09 15.35 -38.86
N GLU T 282 126.49 16.25 -38.07
CA GLU T 282 125.07 16.20 -37.76
C GLU T 282 124.21 16.19 -39.01
N SER T 283 123.08 15.50 -38.92
CA SER T 283 122.11 15.45 -40.00
C SER T 283 120.73 15.18 -39.41
N THR T 284 119.71 15.67 -40.08
CA THR T 284 118.32 15.34 -39.76
C THR T 284 117.75 14.43 -40.83
N SER T 285 116.84 13.54 -40.42
CA SER T 285 116.29 12.55 -41.33
C SER T 285 114.94 12.09 -40.81
N ARG T 286 114.15 11.53 -41.71
CA ARG T 286 112.87 10.97 -41.34
C ARG T 286 113.05 9.61 -40.70
N ILE T 287 112.25 9.34 -39.67
CA ILE T 287 112.31 8.05 -39.02
C ILE T 287 111.80 6.96 -39.94
N ALA T 288 112.52 5.85 -39.99
CA ALA T 288 112.18 4.75 -40.88
C ALA T 288 110.79 4.22 -40.57
N PRO T 289 110.11 3.64 -41.56
CA PRO T 289 108.75 3.12 -41.30
C PRO T 289 108.73 2.06 -40.23
N TYR T 290 109.63 1.10 -40.30
CA TYR T 290 109.90 0.22 -39.19
C TYR T 290 110.59 1.02 -38.09
N ALA T 291 110.56 0.49 -36.87
CA ALA T 291 111.26 1.09 -35.75
C ALA T 291 110.82 2.53 -35.50
N LYS T 292 109.52 2.70 -35.37
CA LYS T 292 108.99 3.99 -35.00
C LYS T 292 109.22 4.24 -33.52
N PRO T 293 109.37 5.49 -33.12
CA PRO T 293 109.55 5.79 -31.70
C PRO T 293 108.32 5.45 -30.90
N THR T 294 108.49 5.37 -29.60
CA THR T 294 107.41 4.97 -28.74
C THR T 294 107.34 5.83 -27.49
N SER T 295 106.16 5.88 -26.91
CA SER T 295 105.96 6.16 -25.51
C SER T 295 106.22 4.89 -24.71
N TRP T 296 105.72 4.85 -23.50
CA TRP T 296 105.68 3.59 -22.77
C TRP T 296 107.06 3.08 -22.41
N MET T 297 107.62 3.76 -21.42
CA MET T 297 108.86 3.46 -20.73
C MET T 297 108.79 2.09 -20.04
N THR T 298 109.96 1.52 -19.78
CA THR T 298 110.03 0.24 -19.09
C THR T 298 109.74 0.39 -17.60
N GLY T 299 109.33 -0.70 -16.98
CA GLY T 299 109.06 -0.73 -15.57
C GLY T 299 110.30 -0.49 -14.75
N PRO T 300 110.12 -0.05 -13.50
CA PRO T 300 111.26 0.32 -12.68
C PRO T 300 111.97 -0.88 -12.08
N GLY T 301 113.25 -0.68 -11.77
CA GLY T 301 114.04 -1.68 -11.10
C GLY T 301 115.24 -1.02 -10.47
N LEU T 302 115.94 -1.77 -9.61
CA LEU T 302 117.22 -1.33 -9.07
C LEU T 302 118.24 -2.43 -9.31
N LEU T 303 119.16 -2.21 -10.24
CA LEU T 303 120.15 -3.20 -10.62
C LEU T 303 121.58 -2.93 -10.13
N SER T 304 121.85 -1.81 -9.47
CA SER T 304 123.25 -1.45 -9.28
C SER T 304 123.89 -2.19 -8.12
N ALA T 305 123.14 -2.40 -7.04
CA ALA T 305 123.66 -2.89 -5.78
C ALA T 305 124.11 -4.34 -5.87
N GLN T 306 124.90 -4.75 -4.88
CA GLN T 306 125.31 -6.13 -4.71
C GLN T 306 125.15 -6.52 -3.26
N ARG T 307 124.71 -7.76 -3.03
CA ARG T 307 124.55 -8.24 -1.66
C ARG T 307 125.87 -8.15 -0.90
N VAL T 308 125.78 -7.79 0.38
CA VAL T 308 126.92 -7.32 1.14
C VAL T 308 127.22 -8.28 2.28
N GLY T 309 128.37 -8.95 2.19
CA GLY T 309 128.93 -9.63 3.33
C GLY T 309 128.47 -11.05 3.51
N PRO T 310 128.75 -11.62 4.68
CA PRO T 310 128.48 -13.05 4.89
C PRO T 310 127.00 -13.30 5.11
N ALA T 311 126.61 -14.55 4.86
CA ALA T 311 125.25 -14.97 5.14
C ALA T 311 124.97 -14.94 6.63
N THR T 312 123.69 -14.93 6.98
CA THR T 312 123.12 -14.78 8.33
C THR T 312 123.24 -13.34 8.81
N SER T 313 123.90 -12.46 8.06
CA SER T 313 124.00 -11.05 8.39
C SER T 313 122.95 -10.20 7.71
N ASP T 314 121.97 -10.83 7.04
CA ASP T 314 120.95 -10.12 6.26
C ASP T 314 121.58 -9.34 5.11
N THR T 315 122.02 -10.05 4.08
CA THR T 315 122.54 -9.38 2.90
C THR T 315 121.41 -9.17 1.90
N GLY T 316 120.97 -7.93 1.77
CA GLY T 316 119.86 -7.64 0.88
C GLY T 316 120.22 -6.92 -0.41
N ALA T 317 121.43 -6.37 -0.45
CA ALA T 317 121.95 -5.44 -1.45
C ALA T 317 121.26 -4.09 -1.39
N TRP T 318 120.09 -3.99 -0.77
CA TRP T 318 119.44 -2.71 -0.50
C TRP T 318 118.89 -2.80 0.90
N MET T 319 119.38 -1.97 1.80
CA MET T 319 118.90 -1.94 3.17
C MET T 319 118.09 -0.67 3.35
N VAL T 320 116.87 -0.81 3.88
CA VAL T 320 116.01 0.34 4.06
C VAL T 320 116.38 1.10 5.34
N ALA T 321 116.61 0.37 6.41
CA ALA T 321 116.99 0.90 7.72
C ALA T 321 116.10 2.05 8.21
N VAL T 322 116.67 2.90 9.06
CA VAL T 322 116.01 4.07 9.62
C VAL T 322 116.96 5.26 9.71
N LYS T 323 118.00 5.12 10.54
CA LYS T 323 118.93 6.20 10.86
C LYS T 323 118.25 7.41 11.50
N PRO T 324 117.78 7.29 12.74
CA PRO T 324 117.43 8.49 13.51
C PRO T 324 118.67 9.35 13.71
N GLU T 325 118.44 10.63 14.01
CA GLU T 325 119.48 11.63 13.82
C GLU T 325 120.66 11.40 14.75
N ASN T 326 120.40 11.05 16.01
CA ASN T 326 121.52 10.72 16.90
C ASN T 326 121.62 9.22 17.11
N ALA T 327 120.78 8.70 17.97
CA ALA T 327 120.74 7.30 18.38
C ALA T 327 122.15 6.84 18.74
N SER T 328 122.47 5.59 18.42
CA SER T 328 123.83 5.10 18.32
C SER T 328 123.75 3.82 17.51
N ILE T 329 124.86 3.46 16.88
CA ILE T 329 124.85 2.31 15.97
C ILE T 329 126.16 1.56 16.12
N ASP T 330 126.05 0.24 16.16
CA ASP T 330 127.19 -0.66 16.19
C ASP T 330 127.72 -0.79 14.76
N THR T 331 128.57 -1.78 14.51
CA THR T 331 128.90 -2.11 13.13
C THR T 331 127.62 -2.28 12.34
N GLY T 332 127.58 -1.69 11.16
CA GLY T 332 126.34 -1.59 10.41
C GLY T 332 125.80 -0.18 10.30
N MET T 333 124.85 0.13 9.41
CA MET T 333 124.22 -0.74 8.38
C MET T 333 123.81 -2.12 8.87
N SER T 334 124.30 -3.18 8.23
CA SER T 334 124.11 -4.57 8.70
C SER T 334 122.59 -4.91 8.83
N GLY T 335 121.97 -5.19 9.99
CA GLY T 335 122.26 -4.78 11.36
C GLY T 335 121.29 -3.73 11.83
N ILE T 336 120.72 -3.00 10.87
CA ILE T 336 119.53 -2.19 11.06
C ILE T 336 118.72 -2.28 9.79
N GLY T 337 117.40 -2.23 9.93
CA GLY T 337 116.54 -2.29 8.78
C GLY T 337 116.58 -3.63 8.07
N SER T 338 115.93 -3.66 6.91
CA SER T 338 115.64 -4.89 6.21
C SER T 338 116.21 -4.85 4.80
N GLY T 339 116.60 -6.02 4.30
CA GLY T 339 117.02 -6.10 2.91
C GLY T 339 115.83 -6.07 1.98
N PHE T 340 115.96 -5.34 0.88
CA PHE T 340 114.92 -5.23 -0.12
C PHE T 340 115.18 -6.26 -1.22
N ASP T 341 114.21 -7.15 -1.43
CA ASP T 341 114.43 -8.30 -2.29
C ASP T 341 113.13 -8.66 -3.01
N PRO T 342 113.21 -9.06 -4.30
CA PRO T 342 114.26 -8.76 -5.28
C PRO T 342 114.16 -7.38 -5.90
N PRO T 343 115.25 -6.61 -5.90
CA PRO T 343 115.44 -5.66 -6.98
C PRO T 343 116.20 -6.26 -8.16
N GLN T 344 115.90 -6.01 -9.45
CA GLN T 344 114.57 -5.87 -10.04
C GLN T 344 113.68 -4.78 -9.40
N GLY T 345 112.34 -4.87 -9.28
CA GLY T 345 111.41 -5.74 -9.98
C GLY T 345 111.42 -5.54 -11.47
N SER T 346 110.75 -6.43 -12.20
CA SER T 346 110.78 -6.43 -13.65
C SER T 346 112.21 -6.39 -14.15
N LEU T 347 112.46 -5.60 -15.19
CA LEU T 347 113.80 -5.14 -15.55
C LEU T 347 114.82 -6.27 -15.48
N ALA T 348 114.83 -7.15 -16.48
CA ALA T 348 115.43 -8.47 -16.37
C ALA T 348 116.81 -8.41 -15.72
N PRO T 349 117.08 -9.27 -14.74
CA PRO T 349 118.27 -9.13 -13.91
C PRO T 349 119.54 -9.53 -14.63
N THR T 350 120.66 -9.11 -14.05
CA THR T 350 121.98 -9.43 -14.58
C THR T 350 122.37 -10.86 -14.25
N ASN T 351 122.60 -11.15 -12.96
CA ASN T 351 123.00 -12.49 -12.60
C ASN T 351 122.01 -13.10 -11.60
N LEU T 352 122.36 -14.29 -11.15
CA LEU T 352 121.52 -15.09 -10.25
C LEU T 352 121.17 -14.33 -8.99
N GLU T 353 122.02 -13.38 -8.61
CA GLU T 353 121.87 -12.71 -7.31
C GLU T 353 120.53 -12.01 -7.16
N TYR T 354 119.93 -11.60 -8.27
CA TYR T 354 118.64 -10.91 -8.27
C TYR T 354 117.47 -11.83 -8.61
N LYS T 355 117.70 -13.11 -8.84
CA LYS T 355 116.78 -13.96 -9.56
C LYS T 355 115.76 -14.63 -8.65
N ILE T 356 115.70 -14.20 -7.39
CA ILE T 356 115.02 -14.85 -6.28
C ILE T 356 115.62 -16.25 -6.13
N GLN T 357 114.89 -17.16 -5.49
CA GLN T 357 115.27 -18.55 -5.27
C GLN T 357 114.37 -19.06 -4.17
N TRP T 358 114.19 -20.37 -4.01
CA TRP T 358 113.67 -20.91 -2.76
C TRP T 358 113.94 -22.40 -2.73
N TYR T 359 113.89 -22.97 -1.52
CA TYR T 359 114.28 -24.36 -1.37
C TYR T 359 113.10 -25.32 -1.43
N GLN T 360 111.87 -24.80 -1.36
CA GLN T 360 110.64 -25.60 -1.37
C GLN T 360 110.73 -26.83 -0.49
N THR T 361 111.44 -26.72 0.63
CA THR T 361 111.72 -27.84 1.53
C THR T 361 112.52 -27.33 2.72
N PRO T 362 112.15 -27.69 3.93
CA PRO T 362 112.99 -27.31 5.08
C PRO T 362 114.30 -28.06 5.14
N GLN T 363 114.35 -29.27 4.59
CA GLN T 363 115.59 -30.04 4.61
C GLN T 363 116.59 -29.51 3.59
N GLY T 364 116.20 -28.53 2.78
CA GLY T 364 117.07 -28.03 1.74
C GLY T 364 118.37 -27.42 2.23
N THR T 365 119.49 -27.96 1.77
CA THR T 365 120.81 -27.45 2.10
C THR T 365 121.15 -26.31 1.14
N ASN T 366 122.41 -25.88 1.12
CA ASN T 366 122.78 -24.73 0.31
C ASN T 366 122.38 -24.92 -1.15
N ASN T 367 122.87 -25.97 -1.80
CA ASN T 367 122.36 -26.38 -3.09
C ASN T 367 121.72 -27.75 -2.94
N ASN T 368 120.39 -27.76 -2.91
CA ASN T 368 119.49 -28.90 -2.82
C ASN T 368 118.12 -28.28 -2.76
N GLY T 369 117.07 -28.99 -3.15
CA GLY T 369 115.84 -28.24 -3.35
C GLY T 369 116.19 -27.14 -4.32
N ASN T 370 116.04 -25.90 -3.86
CA ASN T 370 116.76 -24.77 -4.45
C ASN T 370 116.32 -24.49 -5.88
N ILE T 371 115.02 -24.43 -6.10
CA ILE T 371 114.53 -24.09 -7.43
C ILE T 371 114.62 -22.58 -7.61
N ILE T 372 115.09 -22.17 -8.76
CA ILE T 372 115.43 -20.77 -9.02
C ILE T 372 114.44 -20.20 -10.03
N SER T 373 114.00 -18.97 -9.81
CA SER T 373 113.08 -18.35 -10.72
C SER T 373 113.71 -18.16 -12.09
N ASN T 374 112.87 -18.04 -13.12
CA ASN T 374 113.33 -18.01 -14.49
C ASN T 374 112.48 -17.00 -15.26
N GLN T 375 112.90 -16.67 -16.48
CA GLN T 375 112.14 -15.71 -17.25
C GLN T 375 110.89 -16.35 -17.85
N PRO T 376 109.74 -15.68 -17.76
CA PRO T 376 108.51 -16.26 -18.33
C PRO T 376 108.53 -16.32 -19.85
N LEU T 377 109.46 -15.60 -20.48
CA LEU T 377 109.53 -15.36 -21.91
C LEU T 377 108.42 -14.43 -22.36
N SER T 378 107.53 -14.02 -21.46
CA SER T 378 106.64 -12.89 -21.72
C SER T 378 107.47 -11.66 -22.01
N MET T 379 106.94 -10.80 -22.88
CA MET T 379 107.72 -9.68 -23.37
C MET T 379 107.56 -8.41 -22.55
N LEU T 380 106.82 -8.44 -21.45
CA LEU T 380 106.51 -7.17 -20.80
C LEU T 380 107.61 -6.49 -19.97
N ARG T 381 108.10 -6.92 -18.80
CA ARG T 381 108.43 -8.22 -18.17
C ARG T 381 109.90 -8.62 -18.42
N ASP T 382 110.59 -7.91 -19.31
CA ASP T 382 112.04 -8.12 -19.43
C ASP T 382 112.74 -6.79 -19.24
N GLN T 383 112.50 -5.85 -20.14
CA GLN T 383 112.66 -4.42 -19.87
C GLN T 383 114.08 -4.05 -19.43
N ALA T 384 114.98 -4.04 -20.41
CA ALA T 384 116.22 -3.33 -20.20
C ALA T 384 115.99 -1.82 -20.34
N LEU T 385 117.06 -1.06 -20.17
CA LEU T 385 117.07 0.34 -20.56
C LEU T 385 118.52 0.73 -20.81
N PHE T 386 118.74 1.62 -21.76
CA PHE T 386 120.05 1.77 -22.37
C PHE T 386 120.63 3.17 -22.25
N ARG T 387 119.94 4.20 -22.72
CA ARG T 387 120.48 5.57 -22.65
C ARG T 387 121.78 5.60 -23.46
N GLY T 388 122.75 6.44 -23.08
CA GLY T 388 124.07 6.47 -23.67
C GLY T 388 124.08 6.66 -25.17
N ASN T 389 125.27 6.56 -25.75
CA ASN T 389 126.47 7.16 -25.20
C ASN T 389 126.75 8.36 -26.09
N GLN T 390 125.88 8.49 -27.11
CA GLN T 390 126.08 9.15 -28.40
C GLN T 390 126.77 8.21 -29.37
N THR T 391 127.33 7.10 -28.89
CA THR T 391 128.03 6.11 -29.70
C THR T 391 127.47 4.72 -29.44
N THR T 392 127.48 4.28 -28.18
CA THR T 392 127.01 2.96 -27.79
C THR T 392 125.88 3.12 -26.78
N TYR T 393 125.01 2.12 -26.70
CA TYR T 393 124.04 2.05 -25.62
C TYR T 393 124.65 1.30 -24.45
N ASN T 394 124.37 1.76 -23.23
CA ASN T 394 124.94 1.17 -22.03
C ASN T 394 123.84 0.93 -20.99
N LEU T 395 123.58 -0.33 -20.69
CA LEU T 395 122.54 -0.68 -19.73
C LEU T 395 122.69 0.11 -18.45
N CYS T 396 121.60 0.74 -18.01
CA CYS T 396 121.65 1.70 -16.93
C CYS T 396 121.04 1.11 -15.66
N SER T 397 121.74 1.31 -14.54
CA SER T 397 121.25 1.00 -13.22
C SER T 397 120.10 1.93 -12.85
N ASP T 398 119.38 1.55 -11.78
CA ASP T 398 118.18 2.25 -11.33
C ASP T 398 117.08 2.11 -12.37
N VAL T 399 116.60 3.20 -12.96
CA VAL T 399 115.27 3.30 -13.55
C VAL T 399 114.19 3.30 -12.48
N TRP T 400 114.00 4.46 -11.84
CA TRP T 400 112.94 4.74 -10.90
C TRP T 400 111.60 4.90 -11.63
N MET T 401 110.58 5.30 -10.89
CA MET T 401 109.27 5.49 -11.51
C MET T 401 109.27 6.65 -12.48
N PHE T 402 108.50 6.50 -13.54
CA PHE T 402 108.43 7.44 -14.64
C PHE T 402 107.02 7.38 -15.22
N PRO T 403 106.50 8.48 -15.76
CA PRO T 403 105.07 8.56 -16.09
C PRO T 403 104.54 7.46 -17.00
N ASN T 404 105.24 7.11 -18.06
CA ASN T 404 104.67 6.22 -19.05
C ASN T 404 105.00 4.75 -18.81
N GLN T 405 105.57 4.42 -17.67
CA GLN T 405 106.09 3.07 -17.47
C GLN T 405 105.00 2.02 -17.51
N ILE T 406 105.33 0.88 -18.11
CA ILE T 406 104.57 -0.34 -17.99
C ILE T 406 105.50 -1.47 -17.58
N TRP T 407 105.09 -2.23 -16.58
CA TRP T 407 105.75 -3.47 -16.25
C TRP T 407 104.67 -4.49 -16.02
N ASP T 408 105.08 -5.75 -15.96
CA ASP T 408 104.16 -6.83 -15.70
C ASP T 408 104.47 -7.40 -14.33
N ARG T 409 103.43 -7.59 -13.53
CA ARG T 409 103.61 -8.10 -12.19
C ARG T 409 104.27 -9.47 -12.26
N TYR T 410 105.01 -9.82 -11.20
CA TYR T 410 105.78 -11.05 -11.20
C TYR T 410 104.88 -12.23 -11.57
N PRO T 411 105.34 -13.13 -12.44
CA PRO T 411 104.45 -14.17 -12.97
C PRO T 411 103.95 -15.16 -11.95
N ILE T 412 104.53 -15.13 -10.76
CA ILE T 412 104.35 -16.07 -9.66
C ILE T 412 104.47 -17.50 -10.14
N THR T 413 103.77 -18.42 -9.46
CA THR T 413 103.87 -19.87 -9.66
C THR T 413 103.06 -20.53 -8.55
N ARG T 414 102.98 -21.86 -8.56
CA ARG T 414 102.20 -22.54 -7.55
C ARG T 414 102.79 -22.43 -6.15
N GLU T 415 104.08 -22.13 -6.04
CA GLU T 415 104.77 -22.11 -4.76
C GLU T 415 104.67 -20.78 -4.03
N ASN T 416 103.99 -19.82 -4.57
CA ASN T 416 104.09 -18.46 -4.05
C ASN T 416 103.06 -18.19 -2.98
N PRO T 417 103.31 -17.21 -2.13
CA PRO T 417 102.26 -16.71 -1.25
C PRO T 417 101.17 -16.00 -2.02
N ILE T 418 99.94 -16.20 -1.59
CA ILE T 418 98.80 -15.59 -2.27
C ILE T 418 98.81 -14.09 -2.04
N TRP T 419 98.89 -13.67 -0.78
CA TRP T 419 98.73 -12.27 -0.42
C TRP T 419 99.85 -11.83 0.50
N CYS T 420 99.92 -10.52 0.68
CA CYS T 420 100.79 -9.85 1.63
C CYS T 420 100.04 -8.66 2.18
N LYS T 421 100.24 -8.35 3.45
CA LYS T 421 99.52 -7.24 4.04
C LYS T 421 100.19 -5.92 3.69
N LYS T 422 99.41 -4.99 3.18
CA LYS T 422 99.90 -3.64 2.90
C LYS T 422 99.88 -2.85 4.20
N PRO T 423 101.03 -2.46 4.73
CA PRO T 423 101.06 -1.77 6.02
C PRO T 423 100.38 -0.41 5.96
N ARG T 424 99.67 -0.09 7.04
CA ARG T 424 98.93 1.16 7.13
C ARG T 424 99.89 2.33 7.23
N SER T 425 99.75 3.28 6.32
CA SER T 425 100.61 4.46 6.34
C SER T 425 99.90 5.57 5.60
N ASP T 426 100.34 6.80 5.84
CA ASP T 426 99.71 7.95 5.22
C ASP T 426 99.81 7.88 3.70
N LYS T 427 101.02 7.78 3.18
CA LYS T 427 101.26 7.87 1.75
C LYS T 427 101.94 6.61 1.25
N HIS T 428 101.67 6.27 0.00
CA HIS T 428 102.34 5.15 -0.65
C HIS T 428 102.24 5.31 -2.15
N THR T 429 103.10 4.59 -2.85
CA THR T 429 103.12 4.54 -4.31
C THR T 429 102.29 3.37 -4.83
N THR T 430 102.51 2.97 -6.08
CA THR T 430 101.59 2.08 -6.79
C THR T 430 101.26 0.80 -6.02
N ILE T 431 102.16 0.35 -5.15
CA ILE T 431 102.01 -0.90 -4.41
C ILE T 431 101.93 -2.09 -5.35
N ASP T 432 103.04 -2.44 -6.00
CA ASP T 432 103.15 -3.73 -6.66
C ASP T 432 104.25 -4.53 -5.99
N PRO T 433 103.95 -5.53 -5.18
CA PRO T 433 105.02 -6.31 -4.55
C PRO T 433 105.80 -7.11 -5.58
N PHE T 434 107.12 -7.13 -5.41
CA PHE T 434 107.98 -7.83 -6.35
C PHE T 434 108.12 -9.30 -6.03
N ASP T 435 107.45 -9.77 -5.00
CA ASP T 435 107.34 -11.18 -4.70
C ASP T 435 106.18 -11.80 -5.44
N GLY T 436 105.56 -11.06 -6.35
CA GLY T 436 104.25 -11.42 -6.82
C GLY T 436 103.28 -11.20 -5.69
N SER T 437 102.56 -12.25 -5.30
CA SER T 437 101.59 -12.19 -4.23
C SER T 437 100.60 -11.06 -4.45
N LEU T 438 100.19 -10.41 -3.37
CA LEU T 438 99.15 -9.39 -3.44
C LEU T 438 99.29 -8.49 -2.22
N ALA T 439 98.67 -7.33 -2.30
CA ALA T 439 98.61 -6.42 -1.17
C ALA T 439 97.15 -6.15 -0.85
N MET T 440 96.83 -6.20 0.43
CA MET T 440 95.47 -5.92 0.87
C MET T 440 95.52 -5.08 2.13
N ASP T 441 94.58 -4.15 2.25
CA ASP T 441 94.42 -3.43 3.51
C ASP T 441 94.22 -4.42 4.65
N HIS T 442 93.19 -5.25 4.55
CA HIS T 442 92.95 -6.31 5.51
C HIS T 442 93.05 -7.64 4.78
N PRO T 443 94.13 -8.38 4.96
CA PRO T 443 94.20 -9.73 4.44
C PRO T 443 93.36 -10.65 5.29
N PRO T 444 93.35 -11.95 5.01
CA PRO T 444 92.71 -12.87 5.96
C PRO T 444 93.32 -12.71 7.34
N GLY T 445 92.45 -12.52 8.33
CA GLY T 445 92.92 -12.38 9.70
C GLY T 445 93.55 -13.67 10.16
N THR T 446 94.75 -13.56 10.72
CA THR T 446 95.44 -14.75 11.22
C THR T 446 94.64 -15.36 12.36
N ILE T 447 94.43 -16.67 12.28
CA ILE T 447 93.73 -17.40 13.32
C ILE T 447 94.77 -17.92 14.30
N PHE T 448 94.65 -17.53 15.56
CA PHE T 448 95.57 -17.91 16.60
C PHE T 448 94.92 -18.96 17.47
N ILE T 449 95.73 -19.85 18.02
CA ILE T 449 95.23 -20.96 18.81
C ILE T 449 96.26 -21.32 19.86
N LYS T 450 95.78 -21.67 21.06
CA LYS T 450 96.63 -21.91 22.21
C LYS T 450 96.01 -23.04 23.01
N MET T 451 96.78 -23.59 23.93
CA MET T 451 96.39 -24.81 24.63
C MET T 451 95.73 -24.60 25.99
N ALA T 452 95.42 -23.38 26.38
CA ALA T 452 94.63 -23.17 27.58
C ALA T 452 95.31 -23.73 28.83
N LYS T 453 96.28 -23.01 29.36
CA LYS T 453 97.10 -23.51 30.46
C LYS T 453 96.26 -24.12 31.55
N ILE T 454 96.60 -25.34 31.93
CA ILE T 454 95.96 -26.04 33.03
C ILE T 454 97.01 -26.18 34.13
N PRO T 455 96.94 -25.39 35.18
CA PRO T 455 97.99 -25.42 36.19
C PRO T 455 97.82 -26.62 37.12
N VAL T 456 98.79 -26.79 38.00
CA VAL T 456 98.78 -27.90 38.95
C VAL T 456 99.29 -27.36 40.28
N PRO T 457 98.76 -27.83 41.40
CA PRO T 457 99.13 -27.22 42.68
C PRO T 457 100.53 -27.61 43.11
N SER T 458 101.17 -26.68 43.83
CA SER T 458 102.50 -26.92 44.38
C SER T 458 102.66 -26.06 45.63
N ASN T 459 103.80 -26.25 46.30
CA ASN T 459 104.07 -25.53 47.55
C ASN T 459 104.65 -24.15 47.30
N ASN T 460 105.57 -24.04 46.34
CA ASN T 460 106.38 -22.84 46.16
C ASN T 460 105.66 -21.48 46.16
N ASN T 461 104.56 -21.30 45.42
CA ASN T 461 103.95 -22.30 44.55
C ASN T 461 104.29 -22.03 43.10
N ALA T 462 103.79 -22.91 42.24
CA ALA T 462 103.99 -22.83 40.80
C ALA T 462 105.50 -22.79 40.47
N ASP T 463 105.96 -22.23 39.33
CA ASP T 463 105.25 -22.26 38.05
C ASP T 463 105.25 -23.68 37.52
N SER T 464 104.04 -24.21 37.32
CA SER T 464 103.88 -25.57 36.85
C SER T 464 102.54 -25.67 36.15
N TYR T 465 102.45 -26.59 35.21
CA TYR T 465 101.27 -26.71 34.38
C TYR T 465 101.20 -28.13 33.85
N LEU T 466 100.03 -28.48 33.34
CA LEU T 466 99.79 -29.82 32.85
C LEU T 466 100.13 -29.89 31.37
N ASN T 467 100.78 -30.96 30.96
CA ASN T 467 101.35 -31.07 29.62
C ASN T 467 100.33 -31.73 28.71
N ILE T 468 99.81 -30.98 27.75
CA ILE T 468 98.77 -31.44 26.84
C ILE T 468 99.07 -30.94 25.44
N TYR T 469 98.33 -31.46 24.47
CA TYR T 469 98.37 -30.94 23.12
C TYR T 469 97.02 -31.16 22.48
N CYS T 470 96.74 -30.38 21.44
CA CYS T 470 95.47 -30.44 20.75
C CYS T 470 95.68 -30.99 19.35
N THR T 471 94.63 -31.56 18.81
CA THR T 471 94.69 -32.13 17.47
C THR T 471 93.30 -31.98 16.87
N GLY T 472 93.25 -31.65 15.59
CA GLY T 472 91.96 -31.40 15.00
C GLY T 472 92.09 -31.18 13.51
N GLN T 473 91.02 -30.65 12.93
CA GLN T 473 90.93 -30.54 11.49
C GLN T 473 90.50 -29.15 11.10
N VAL T 474 91.32 -28.49 10.30
CA VAL T 474 90.97 -27.21 9.68
C VAL T 474 90.49 -27.49 8.28
N SER T 475 89.41 -26.84 7.88
CA SER T 475 88.98 -26.90 6.49
C SER T 475 88.97 -25.48 5.96
N CYS T 476 89.86 -25.20 5.04
CA CYS T 476 89.93 -23.89 4.41
C CYS T 476 89.29 -24.00 3.04
N GLU T 477 88.11 -23.42 2.89
CA GLU T 477 87.35 -23.46 1.65
C GLU T 477 87.27 -22.04 1.12
N ILE T 478 87.94 -21.77 0.00
CA ILE T 478 88.03 -20.42 -0.52
C ILE T 478 87.48 -20.39 -1.94
N VAL T 479 86.81 -19.31 -2.27
CA VAL T 479 86.18 -19.12 -3.56
C VAL T 479 87.03 -18.15 -4.36
N TRP T 480 87.20 -18.43 -5.64
CA TRP T 480 88.08 -17.65 -6.50
C TRP T 480 87.25 -17.04 -7.61
N GLU T 481 87.19 -15.71 -7.66
CA GLU T 481 86.70 -15.07 -8.87
C GLU T 481 87.64 -15.40 -10.01
N VAL T 482 87.08 -15.91 -11.10
CA VAL T 482 87.89 -16.44 -12.18
C VAL T 482 87.28 -16.00 -13.50
N GLU T 483 88.12 -15.73 -14.49
CA GLU T 483 87.68 -15.27 -15.79
C GLU T 483 88.35 -16.09 -16.88
N ARG T 484 87.56 -16.51 -17.87
CA ARG T 484 88.00 -17.46 -18.88
C ARG T 484 88.36 -16.74 -20.16
N TYR T 485 89.36 -17.25 -20.87
CA TYR T 485 89.96 -16.49 -21.95
C TYR T 485 89.37 -16.88 -23.30
N ALA T 486 89.23 -15.87 -24.16
CA ALA T 486 88.93 -16.07 -25.57
C ALA T 486 89.85 -15.17 -26.36
N THR T 487 90.30 -15.66 -27.52
CA THR T 487 91.25 -14.89 -28.30
C THR T 487 91.08 -15.20 -29.76
N LYS T 488 91.57 -14.28 -30.60
CA LYS T 488 91.49 -14.43 -32.04
C LYS T 488 92.75 -15.00 -32.64
N ASN T 489 93.72 -15.39 -31.83
CA ASN T 489 94.93 -15.98 -32.36
C ASN T 489 94.60 -17.25 -33.13
N TRP T 490 95.29 -17.44 -34.24
CA TRP T 490 95.09 -18.63 -35.05
C TRP T 490 95.88 -19.81 -34.50
N ARG T 491 96.98 -19.56 -33.88
CA ARG T 491 97.97 -20.57 -33.54
C ARG T 491 97.73 -21.21 -32.18
N PRO T 492 98.34 -22.37 -31.94
CA PRO T 492 98.01 -23.18 -30.75
C PRO T 492 98.30 -22.55 -29.39
N GLU T 493 99.07 -21.47 -29.30
CA GLU T 493 99.52 -20.88 -28.02
C GLU T 493 100.29 -21.93 -27.23
N ARG T 494 100.16 -21.97 -25.91
CA ARG T 494 101.03 -22.77 -25.07
C ARG T 494 100.27 -23.19 -23.82
N ARG T 495 100.60 -24.37 -23.31
CA ARG T 495 99.97 -24.89 -22.11
C ARG T 495 101.05 -25.46 -21.21
N HIS T 496 100.63 -26.06 -20.11
CA HIS T 496 101.56 -26.73 -19.21
C HIS T 496 101.34 -28.23 -19.32
N THR T 497 102.26 -28.90 -20.00
CA THR T 497 102.33 -30.34 -20.05
C THR T 497 103.04 -30.88 -18.83
N THR T 498 102.78 -32.15 -18.52
CA THR T 498 103.68 -32.90 -17.67
C THR T 498 105.06 -33.05 -18.31
N PHE T 499 105.19 -32.83 -19.62
CA PHE T 499 106.50 -33.03 -20.21
C PHE T 499 107.52 -32.02 -19.73
N GLY T 500 107.09 -30.87 -19.23
CA GLY T 500 108.02 -30.02 -18.52
C GLY T 500 108.54 -30.67 -17.26
N LEU T 501 107.76 -31.59 -16.69
CA LEU T 501 108.12 -32.29 -15.48
C LEU T 501 109.18 -33.35 -15.79
N GLY T 502 109.84 -33.83 -14.73
CA GLY T 502 110.89 -34.82 -14.90
C GLY T 502 110.91 -35.78 -13.75
N ILE T 503 111.60 -36.90 -13.97
CA ILE T 503 111.55 -38.07 -13.09
C ILE T 503 112.50 -37.85 -11.92
N GLY T 504 112.15 -38.38 -10.75
CA GLY T 504 113.02 -38.21 -9.60
C GLY T 504 112.62 -39.07 -8.42
N GLY T 505 113.48 -39.05 -7.41
CA GLY T 505 113.29 -39.69 -6.12
C GLY T 505 113.78 -41.12 -6.08
N ALA T 506 114.32 -41.52 -4.92
CA ALA T 506 114.82 -42.86 -4.66
C ALA T 506 115.62 -43.44 -5.82
N ASP T 507 115.35 -44.69 -6.16
CA ASP T 507 115.58 -45.14 -7.52
C ASP T 507 114.66 -44.35 -8.42
N ASN T 508 115.19 -43.89 -9.57
CA ASN T 508 114.65 -42.72 -10.24
C ASN T 508 113.13 -42.77 -10.40
N LEU T 509 112.53 -43.96 -10.32
CA LEU T 509 111.12 -44.15 -10.59
C LEU T 509 110.24 -43.19 -9.82
N ASN T 510 109.07 -42.90 -10.41
CA ASN T 510 108.02 -41.94 -10.13
C ASN T 510 108.45 -40.59 -10.70
N PRO T 511 107.55 -39.82 -11.31
CA PRO T 511 108.01 -38.65 -12.03
C PRO T 511 108.35 -37.42 -11.20
N THR T 512 107.34 -36.71 -10.73
CA THR T 512 107.60 -35.46 -10.03
C THR T 512 106.64 -35.20 -8.88
N TYR T 513 105.36 -34.97 -9.17
CA TYR T 513 104.41 -34.84 -8.08
C TYR T 513 103.82 -36.22 -7.84
N HIS T 514 104.33 -36.87 -6.81
CA HIS T 514 104.08 -38.29 -6.64
C HIS T 514 104.88 -38.77 -5.45
N VAL T 515 104.49 -39.92 -4.92
CA VAL T 515 105.14 -40.48 -3.76
C VAL T 515 106.38 -41.30 -4.12
N ASP T 516 107.29 -41.41 -3.17
CA ASP T 516 108.47 -42.25 -3.24
C ASP T 516 108.13 -43.65 -2.71
N LYS T 517 109.12 -44.50 -2.43
CA LYS T 517 108.80 -45.89 -2.11
C LYS T 517 108.67 -46.52 -0.68
N ASN T 518 109.05 -45.99 0.49
CA ASN T 518 109.87 -44.82 0.87
C ASN T 518 109.06 -43.54 0.92
N GLY T 519 107.76 -43.65 0.70
CA GLY T 519 107.02 -42.56 0.11
C GLY T 519 107.26 -41.20 0.73
N THR T 520 107.83 -40.35 -0.10
CA THR T 520 108.11 -38.96 0.17
C THR T 520 107.79 -38.22 -1.12
N TYR T 521 106.90 -37.26 -1.02
CA TYR T 521 106.43 -36.52 -2.18
C TYR T 521 107.60 -35.91 -2.90
N ILE T 522 107.77 -36.25 -4.18
CA ILE T 522 108.93 -35.78 -4.92
C ILE T 522 108.78 -34.30 -5.21
N GLN T 523 109.77 -33.58 -4.95
CA GLN T 523 109.56 -32.15 -5.17
C GLN T 523 109.93 -31.77 -6.60
N PRO T 524 109.20 -30.79 -7.15
CA PRO T 524 109.55 -30.28 -8.48
C PRO T 524 110.90 -29.58 -8.45
N THR T 525 111.74 -29.90 -9.44
CA THR T 525 113.10 -29.38 -9.51
C THR T 525 113.20 -28.37 -10.64
N THR T 526 113.72 -27.20 -10.30
CA THR T 526 113.72 -25.88 -10.95
C THR T 526 112.33 -25.31 -11.25
N TRP T 527 112.27 -24.38 -12.22
CA TRP T 527 111.19 -23.41 -12.22
C TRP T 527 110.00 -23.87 -13.03
N ASP T 528 110.24 -24.47 -14.20
CA ASP T 528 109.14 -24.83 -15.09
C ASP T 528 108.25 -25.91 -14.50
N MET T 529 108.82 -26.79 -13.65
CA MET T 529 108.03 -27.81 -12.98
C MET T 529 106.77 -27.21 -12.36
N CYS T 530 106.96 -26.40 -11.33
CA CYS T 530 105.90 -25.53 -10.87
C CYS T 530 105.43 -24.70 -12.05
N PHE T 531 104.13 -24.70 -12.30
CA PHE T 531 103.68 -24.14 -13.56
C PHE T 531 103.26 -22.70 -13.37
N PRO T 532 104.07 -21.73 -13.83
CA PRO T 532 103.77 -20.34 -13.52
C PRO T 532 102.65 -19.83 -14.41
N VAL T 533 101.81 -18.97 -13.85
CA VAL T 533 100.93 -18.21 -14.72
C VAL T 533 101.75 -17.17 -15.45
N LYS T 534 101.17 -16.61 -16.50
CA LYS T 534 101.69 -15.50 -17.29
C LYS T 534 102.63 -16.00 -18.38
N THR T 535 102.94 -17.30 -18.40
CA THR T 535 103.70 -17.89 -19.49
C THR T 535 102.80 -18.46 -20.57
N ASN T 536 101.49 -18.35 -20.43
CA ASN T 536 100.56 -18.96 -21.36
C ASN T 536 99.60 -17.93 -21.92
N ILE T 537 98.65 -18.44 -22.71
CA ILE T 537 97.67 -17.66 -23.45
C ILE T 537 98.41 -16.61 -24.27
N ASN T 538 97.77 -15.47 -24.51
CA ASN T 538 98.37 -14.29 -25.12
C ASN T 538 97.44 -13.13 -24.84
N LYS T 539 97.95 -11.92 -24.98
CA LYS T 539 97.08 -10.75 -24.96
C LYS T 539 97.58 -9.75 -25.99
N VAL T 540 96.67 -9.24 -26.81
CA VAL T 540 96.99 -8.06 -27.57
C VAL T 540 97.10 -6.88 -26.61
N LEU T 541 98.22 -6.18 -26.66
CA LEU T 541 98.42 -5.06 -25.76
C LEU T 541 97.57 -3.88 -26.19
N GLY U 34 67.85 -41.78 22.21
CA GLY U 34 69.02 -41.09 22.70
C GLY U 34 70.14 -40.97 21.67
N SER U 35 71.27 -40.40 22.09
CA SER U 35 72.41 -40.23 21.21
C SER U 35 73.66 -40.11 22.05
N GLY U 36 74.81 -40.33 21.40
CA GLY U 36 76.09 -40.19 22.05
C GLY U 36 76.69 -41.54 22.42
N VAL U 37 77.86 -41.46 23.05
CA VAL U 37 78.51 -42.67 23.55
C VAL U 37 77.61 -43.36 24.57
N GLY U 38 77.61 -44.69 24.55
CA GLY U 38 76.78 -45.44 25.44
C GLY U 38 75.41 -45.78 24.91
N ILE U 39 75.10 -45.34 23.69
CA ILE U 39 73.83 -45.65 23.05
C ILE U 39 74.17 -46.28 21.71
N SER U 40 73.83 -47.55 21.53
CA SER U 40 74.17 -48.24 20.30
C SER U 40 73.41 -47.63 19.13
N THR U 41 74.06 -47.56 17.97
CA THR U 41 73.43 -46.87 16.85
C THR U 41 72.43 -47.77 16.12
N GLY U 42 72.80 -49.02 15.88
CA GLY U 42 71.90 -49.94 15.23
C GLY U 42 72.18 -51.34 15.72
N GLY U 43 71.22 -52.23 15.47
CA GLY U 43 71.29 -53.60 15.94
C GLY U 43 71.73 -54.56 14.85
N TRP U 44 71.88 -55.82 15.27
CA TRP U 44 72.27 -56.87 14.35
C TRP U 44 71.12 -57.19 13.41
N VAL U 45 71.47 -57.73 12.24
CA VAL U 45 70.50 -57.95 11.15
C VAL U 45 70.90 -59.23 10.41
N GLY U 46 69.90 -59.92 9.88
CA GLY U 46 70.16 -61.05 9.00
C GLY U 46 68.93 -61.91 8.81
N GLY U 47 69.14 -63.05 8.15
CA GLY U 47 68.16 -64.13 8.12
C GLY U 47 67.41 -64.34 6.81
N SER U 48 67.74 -63.57 5.78
CA SER U 48 67.09 -63.56 4.47
C SER U 48 65.57 -63.39 4.48
N TYR U 49 64.91 -63.76 3.38
CA TYR U 49 63.48 -63.51 3.27
C TYR U 49 62.68 -64.48 2.41
N PHE U 50 62.94 -64.47 1.10
CA PHE U 50 62.29 -65.32 0.09
C PHE U 50 60.80 -65.14 -0.16
N THR U 51 60.44 -64.10 -0.90
CA THR U 51 59.14 -63.98 -1.57
C THR U 51 59.31 -64.27 -3.06
N ASP U 52 58.24 -64.78 -3.68
CA ASP U 52 58.24 -65.15 -5.09
C ASP U 52 58.84 -64.10 -6.00
N SER U 53 58.52 -62.83 -5.75
CA SER U 53 59.01 -61.76 -6.61
C SER U 53 60.44 -61.34 -6.29
N TYR U 54 60.86 -61.43 -5.03
CA TYR U 54 62.18 -60.96 -4.67
C TYR U 54 62.66 -61.66 -3.41
N VAL U 55 63.97 -61.63 -3.22
CA VAL U 55 64.63 -62.21 -2.07
C VAL U 55 65.46 -61.13 -1.41
N ILE U 56 65.25 -60.92 -0.12
CA ILE U 56 66.01 -59.94 0.66
C ILE U 56 66.98 -60.70 1.55
N THR U 57 68.27 -60.58 1.27
CA THR U 57 69.30 -61.17 2.11
C THR U 57 69.90 -60.09 2.98
N LYS U 58 70.00 -60.37 4.28
CA LYS U 58 70.51 -59.44 5.25
C LYS U 58 71.71 -60.07 5.93
N ASN U 59 72.74 -59.27 6.18
CA ASN U 59 73.95 -59.79 6.80
C ASN U 59 74.56 -58.69 7.66
N THR U 60 75.34 -59.10 8.66
CA THR U 60 76.00 -58.18 9.56
C THR U 60 77.34 -58.77 9.94
N ARG U 61 78.32 -57.91 10.18
CA ARG U 61 79.68 -58.36 10.42
C ARG U 61 80.32 -57.56 11.53
N GLN U 62 81.47 -58.04 11.97
CA GLN U 62 82.34 -57.31 12.87
C GLN U 62 83.66 -57.13 12.13
N PHE U 63 84.13 -55.90 12.02
CA PHE U 63 85.32 -55.63 11.23
C PHE U 63 86.32 -54.82 12.06
N LEU U 64 87.55 -54.74 11.57
CA LEU U 64 88.50 -53.84 12.20
C LEU U 64 89.44 -53.24 11.16
N VAL U 65 89.79 -51.98 11.37
CA VAL U 65 90.69 -51.22 10.51
C VAL U 65 92.00 -51.05 11.25
N LYS U 66 93.10 -51.40 10.60
CA LYS U 66 94.36 -51.66 11.28
C LYS U 66 95.39 -50.52 11.21
N ILE U 67 95.08 -49.41 10.53
CA ILE U 67 96.10 -48.42 10.16
C ILE U 67 97.16 -49.09 9.29
N GLN U 68 96.84 -49.33 8.03
CA GLN U 68 97.84 -49.88 7.13
C GLN U 68 98.76 -48.79 6.62
N ASN U 69 100.04 -49.16 6.44
CA ASN U 69 100.99 -48.37 5.65
C ASN U 69 101.30 -47.03 6.31
N ASN U 70 101.44 -47.01 7.62
CA ASN U 70 101.48 -45.77 8.40
C ASN U 70 100.25 -44.99 7.94
N HIS U 71 100.30 -43.68 7.78
CA HIS U 71 99.29 -43.02 6.98
C HIS U 71 99.80 -42.58 5.62
N GLN U 72 101.09 -42.74 5.36
CA GLN U 72 101.65 -42.38 4.07
C GLN U 72 101.37 -43.46 3.03
N TYR U 73 101.51 -43.06 1.76
CA TYR U 73 101.16 -43.85 0.59
C TYR U 73 102.26 -44.78 0.11
N LYS U 74 103.41 -44.25 -0.25
CA LYS U 74 104.48 -44.93 -0.96
C LYS U 74 104.05 -45.48 -2.31
N THR U 75 104.76 -46.49 -2.81
CA THR U 75 104.51 -47.08 -4.11
C THR U 75 104.64 -48.60 -4.01
N GLU U 76 105.79 -49.06 -3.52
CA GLU U 76 106.10 -50.41 -3.05
C GLU U 76 106.64 -51.40 -4.07
N LEU U 77 106.50 -51.13 -5.38
CA LEU U 77 107.17 -51.90 -6.43
C LEU U 77 107.21 -53.39 -6.08
N ILE U 78 106.05 -54.03 -6.15
CA ILE U 78 105.81 -55.23 -5.34
C ILE U 78 106.85 -56.33 -5.56
N SER U 79 106.72 -57.09 -6.65
CA SER U 79 107.68 -58.09 -7.13
C SER U 79 107.89 -59.23 -6.14
N PRO U 80 108.18 -60.43 -6.61
CA PRO U 80 109.05 -61.32 -5.84
C PRO U 80 110.46 -61.22 -6.39
N SER U 81 111.41 -61.94 -5.81
CA SER U 81 112.70 -62.10 -6.47
C SER U 81 113.29 -63.50 -6.31
N THR U 82 113.57 -64.26 -7.38
CA THR U 82 113.00 -64.20 -8.76
C THR U 82 112.77 -62.85 -9.44
N SER U 83 113.83 -62.04 -9.51
CA SER U 83 113.75 -60.71 -10.12
C SER U 83 113.22 -60.74 -11.54
N GLN U 84 113.23 -61.92 -12.19
CA GLN U 84 112.64 -62.05 -13.51
C GLN U 84 111.14 -61.80 -13.51
N GLY U 85 110.52 -61.70 -12.34
CA GLY U 85 109.08 -61.55 -12.28
C GLY U 85 108.60 -60.23 -12.86
N LYS U 86 107.27 -60.05 -12.82
CA LYS U 86 106.67 -58.86 -13.42
C LYS U 86 107.06 -57.60 -12.65
N SER U 87 107.03 -57.65 -11.33
CA SER U 87 107.47 -56.55 -10.49
C SER U 87 106.63 -55.29 -10.71
N GLN U 88 105.32 -55.45 -10.68
CA GLN U 88 104.43 -54.31 -10.78
C GLN U 88 104.70 -53.33 -9.65
N ARG U 89 104.66 -52.03 -9.98
CA ARG U 89 105.06 -51.03 -9.00
C ARG U 89 103.94 -50.73 -8.01
N CYS U 90 102.70 -50.72 -8.50
CA CYS U 90 101.51 -50.39 -7.73
C CYS U 90 101.58 -49.08 -6.96
N VAL U 91 100.73 -48.95 -5.95
CA VAL U 91 100.66 -47.83 -5.01
C VAL U 91 100.00 -48.38 -3.77
N SER U 92 100.47 -47.98 -2.60
CA SER U 92 99.83 -48.37 -1.37
C SER U 92 99.18 -47.13 -0.77
N THR U 93 98.11 -47.31 -0.03
CA THR U 93 97.39 -46.21 0.57
C THR U 93 97.08 -46.54 2.02
N PRO U 94 96.85 -45.53 2.86
CA PRO U 94 96.40 -45.81 4.22
C PRO U 94 95.01 -46.39 4.29
N TRP U 95 94.25 -46.35 3.20
CA TRP U 95 92.85 -46.72 3.23
C TRP U 95 92.67 -48.23 3.19
N SER U 96 91.55 -48.67 3.77
CA SER U 96 91.05 -50.01 3.66
C SER U 96 89.67 -49.94 3.05
N TYR U 97 89.17 -51.05 2.53
CA TYR U 97 87.91 -51.00 1.82
C TYR U 97 87.07 -52.23 2.12
N PHE U 98 85.77 -52.06 1.93
CA PHE U 98 84.80 -53.15 2.08
C PHE U 98 84.54 -53.78 0.72
N ASN U 99 84.82 -55.07 0.60
CA ASN U 99 84.51 -55.83 -0.60
C ASN U 99 83.30 -56.70 -0.27
N PHE U 100 82.17 -56.40 -0.88
CA PHE U 100 80.95 -57.18 -0.69
C PHE U 100 80.71 -58.19 -1.79
N ASN U 101 81.63 -58.34 -2.73
CA ASN U 101 81.34 -59.03 -3.99
C ASN U 101 81.67 -60.51 -3.83
N GLN U 102 80.62 -61.32 -3.68
CA GLN U 102 80.64 -62.77 -3.70
C GLN U 102 79.24 -63.23 -3.36
N TYR U 103 78.88 -64.44 -3.77
CA TYR U 103 77.58 -64.94 -3.39
C TYR U 103 77.60 -65.57 -2.01
N SER U 104 78.64 -66.33 -1.69
CA SER U 104 78.71 -67.03 -0.42
C SER U 104 78.69 -66.10 0.77
N SER U 105 78.91 -64.80 0.55
CA SER U 105 78.83 -63.85 1.64
C SER U 105 77.38 -63.54 1.99
N HIS U 106 76.52 -63.43 0.98
CA HIS U 106 75.16 -62.99 1.18
C HIS U 106 74.16 -64.13 1.33
N PHE U 107 74.56 -65.36 1.06
CA PHE U 107 73.64 -66.49 1.07
C PHE U 107 74.18 -67.61 1.93
N SER U 108 73.40 -68.05 2.89
CA SER U 108 73.73 -69.25 3.61
C SER U 108 73.65 -70.43 2.66
N PRO U 109 74.33 -71.52 2.98
CA PRO U 109 74.20 -72.72 2.13
C PRO U 109 72.78 -73.19 1.95
N GLN U 110 71.86 -72.84 2.85
CA GLN U 110 70.46 -73.12 2.59
C GLN U 110 69.76 -72.04 1.78
N ASP U 111 70.02 -70.77 2.06
CA ASP U 111 69.41 -69.71 1.25
C ASP U 111 69.77 -69.88 -0.21
N TRP U 112 71.06 -69.89 -0.51
CA TRP U 112 71.51 -70.53 -1.73
C TRP U 112 71.05 -71.97 -1.67
N GLN U 113 70.65 -72.52 -2.80
CA GLN U 113 69.93 -73.80 -2.90
C GLN U 113 68.46 -73.66 -2.57
N ARG U 114 68.04 -72.62 -1.87
CA ARG U 114 66.62 -72.34 -1.91
C ARG U 114 66.26 -71.57 -3.15
N LEU U 115 67.11 -70.63 -3.59
CA LEU U 115 66.87 -69.99 -4.87
C LEU U 115 67.37 -70.82 -6.03
N THR U 116 68.49 -71.52 -5.86
CA THR U 116 69.01 -72.31 -6.95
C THR U 116 68.04 -73.42 -7.33
N ASN U 117 67.31 -73.94 -6.36
CA ASN U 117 66.29 -74.95 -6.66
C ASN U 117 65.00 -74.31 -7.14
N GLU U 118 64.57 -73.22 -6.52
CA GLU U 118 63.20 -72.75 -6.70
C GLU U 118 63.04 -71.64 -7.72
N TYR U 119 64.09 -71.15 -8.36
CA TYR U 119 63.92 -69.99 -9.23
C TYR U 119 64.68 -70.12 -10.53
N LYS U 120 64.11 -69.57 -11.61
CA LYS U 120 64.78 -69.51 -12.90
C LYS U 120 66.00 -68.61 -12.86
N ARG U 121 65.81 -67.39 -12.37
CA ARG U 121 66.80 -66.37 -12.58
C ARG U 121 66.71 -65.35 -11.47
N PHE U 122 67.81 -64.65 -11.25
CA PHE U 122 67.84 -63.63 -10.22
C PHE U 122 68.91 -62.63 -10.57
N ARG U 123 68.72 -61.40 -10.11
CA ARG U 123 69.75 -60.39 -10.22
C ARG U 123 69.58 -59.49 -9.01
N PRO U 124 70.67 -58.95 -8.48
CA PRO U 124 70.53 -58.03 -7.35
C PRO U 124 69.84 -56.76 -7.79
N LYS U 125 68.79 -56.39 -7.07
CA LYS U 125 68.04 -55.19 -7.39
C LYS U 125 68.65 -53.95 -6.75
N GLY U 126 69.06 -54.06 -5.50
CA GLY U 126 69.56 -52.91 -4.77
C GLY U 126 70.42 -53.38 -3.62
N MET U 127 71.05 -52.41 -2.95
CA MET U 127 71.98 -52.72 -1.88
C MET U 127 71.95 -51.58 -0.88
N HIS U 128 72.04 -51.93 0.40
CA HIS U 128 71.97 -50.94 1.47
C HIS U 128 72.98 -51.34 2.52
N VAL U 129 73.93 -50.45 2.81
CA VAL U 129 75.03 -50.76 3.72
C VAL U 129 75.02 -49.76 4.86
N LYS U 130 75.28 -50.24 6.06
CA LYS U 130 75.28 -49.38 7.24
C LYS U 130 76.50 -49.68 8.09
N ILE U 131 77.33 -48.68 8.31
CA ILE U 131 78.40 -48.74 9.28
C ILE U 131 77.83 -48.20 10.59
N TYR U 132 78.08 -48.90 11.68
CA TYR U 132 77.57 -48.43 12.96
C TYR U 132 78.29 -49.17 14.08
N ASN U 133 77.98 -48.79 15.31
CA ASN U 133 78.58 -49.37 16.50
C ASN U 133 80.10 -49.34 16.43
N LEU U 134 80.64 -48.17 16.13
CA LEU U 134 82.08 -48.05 15.96
C LEU U 134 82.79 -47.99 17.31
N GLN U 135 84.04 -48.41 17.32
CA GLN U 135 84.86 -48.40 18.52
C GLN U 135 86.29 -48.08 18.14
N ILE U 136 86.94 -47.20 18.88
CA ILE U 136 88.35 -46.87 18.67
C ILE U 136 89.09 -47.28 19.93
N LYS U 137 89.97 -48.28 19.83
CA LYS U 137 90.46 -48.91 21.04
C LYS U 137 91.86 -48.51 21.49
N GLN U 138 92.60 -47.71 20.73
CA GLN U 138 93.84 -47.14 21.25
C GLN U 138 94.83 -48.21 21.73
N ILE U 139 95.47 -48.89 20.77
CA ILE U 139 96.50 -49.85 21.13
C ILE U 139 97.57 -49.21 22.00
N LEU U 140 97.99 -49.91 23.04
CA LEU U 140 99.16 -49.53 23.82
C LEU U 140 100.09 -50.72 23.94
N SER U 141 101.38 -50.42 24.08
CA SER U 141 102.40 -51.42 24.31
C SER U 141 103.35 -50.94 25.39
N ASN U 142 103.41 -51.67 26.49
CA ASN U 142 104.40 -51.46 27.54
C ASN U 142 105.65 -52.28 27.29
N GLY U 143 105.72 -52.94 26.15
CA GLY U 143 106.68 -53.99 25.88
C GLY U 143 106.00 -55.32 26.12
N ALA U 144 106.31 -56.29 25.25
CA ALA U 144 105.60 -57.57 25.17
C ALA U 144 104.10 -57.26 25.10
N ASP U 145 103.24 -58.07 25.72
CA ASP U 145 101.84 -57.80 26.07
C ASP U 145 101.05 -57.01 25.03
N THR U 146 100.14 -56.16 25.53
CA THR U 146 99.43 -55.05 24.90
C THR U 146 98.36 -54.60 25.88
N THR U 147 97.84 -53.39 25.70
CA THR U 147 96.66 -52.96 26.43
C THR U 147 95.82 -52.11 25.51
N TYR U 148 94.51 -52.09 25.78
CA TYR U 148 93.55 -51.36 24.95
C TYR U 148 92.72 -50.50 25.91
N ASN U 149 92.90 -49.18 25.81
CA ASN U 149 92.28 -48.30 26.80
C ASN U 149 90.89 -47.90 26.36
N ASN U 150 90.39 -48.52 25.30
CA ASN U 150 89.30 -47.98 24.50
C ASN U 150 89.75 -46.61 24.07
N ASP U 151 88.81 -45.68 23.91
CA ASP U 151 89.13 -44.32 23.52
C ASP U 151 87.81 -43.60 23.29
N LEU U 152 87.87 -42.27 23.35
CA LEU U 152 86.82 -41.43 22.85
C LEU U 152 87.51 -40.28 22.14
N THR U 153 86.74 -39.35 21.62
CA THR U 153 87.28 -38.23 20.86
C THR U 153 88.25 -38.70 19.79
N ALA U 154 87.91 -39.76 19.09
CA ALA U 154 88.69 -40.26 17.95
C ALA U 154 87.73 -40.46 16.78
N GLY U 155 88.28 -40.68 15.60
CA GLY U 155 87.49 -40.61 14.40
C GLY U 155 87.92 -41.64 13.37
N VAL U 156 87.03 -41.84 12.41
CA VAL U 156 87.20 -42.80 11.34
C VAL U 156 86.70 -42.17 10.06
N HIS U 157 87.53 -42.18 9.03
CA HIS U 157 87.14 -41.67 7.73
C HIS U 157 86.39 -42.76 6.98
N ILE U 158 85.28 -42.40 6.36
CA ILE U 158 84.49 -43.33 5.57
C ILE U 158 84.12 -42.66 4.26
N PHE U 159 84.48 -43.28 3.15
CA PHE U 159 84.32 -42.68 1.84
C PHE U 159 83.75 -43.72 0.88
N CYS U 160 82.83 -43.28 0.03
CA CYS U 160 82.19 -44.15 -0.94
C CYS U 160 82.34 -43.55 -2.34
N ASP U 161 82.37 -44.41 -3.36
CA ASP U 161 82.43 -43.98 -4.74
C ASP U 161 81.06 -44.09 -5.39
N GLY U 162 80.44 -42.95 -5.66
CA GLY U 162 79.24 -42.98 -6.49
C GLY U 162 79.58 -42.76 -7.94
N GLU U 163 80.70 -42.07 -8.19
CA GLU U 163 81.12 -41.76 -9.53
C GLU U 163 82.04 -42.82 -10.11
N HIS U 164 82.58 -43.70 -9.28
CA HIS U 164 83.65 -44.62 -9.64
C HIS U 164 84.85 -43.91 -10.21
N ALA U 165 85.08 -42.66 -9.83
CA ALA U 165 86.43 -42.13 -9.87
C ALA U 165 87.25 -42.92 -8.87
N TYR U 166 88.57 -42.89 -9.04
CA TYR U 166 89.54 -43.67 -8.28
C TYR U 166 89.62 -45.09 -8.81
N PRO U 167 90.78 -45.72 -8.66
CA PRO U 167 91.06 -46.99 -9.35
C PRO U 167 90.23 -48.20 -8.91
N ASN U 168 89.39 -48.11 -7.89
CA ASN U 168 88.44 -49.16 -7.48
C ASN U 168 89.06 -50.55 -7.30
N ALA U 169 89.68 -50.76 -6.14
CA ALA U 169 90.44 -51.99 -5.86
C ALA U 169 89.70 -53.26 -6.27
N THR U 170 88.39 -53.31 -6.06
CA THR U 170 87.68 -54.58 -6.16
C THR U 170 87.93 -55.27 -7.49
N HIS U 171 88.38 -56.51 -7.41
CA HIS U 171 88.58 -57.44 -8.50
C HIS U 171 87.74 -58.66 -8.19
N PRO U 172 87.14 -59.30 -9.19
CA PRO U 172 86.14 -60.34 -8.87
C PRO U 172 86.57 -61.39 -7.89
N TRP U 173 87.72 -62.01 -8.05
CA TRP U 173 88.04 -63.16 -7.21
C TRP U 173 88.70 -62.70 -5.91
N ASP U 174 89.93 -62.24 -6.00
CA ASP U 174 90.66 -61.69 -4.86
C ASP U 174 90.55 -62.69 -3.70
N GLU U 175 90.21 -62.24 -2.51
CA GLU U 175 90.21 -63.01 -1.28
C GLU U 175 89.01 -62.48 -0.52
N ASP U 176 88.95 -62.79 0.77
CA ASP U 176 88.24 -61.96 1.76
C ASP U 176 86.78 -61.78 1.31
N VAL U 177 86.38 -60.59 0.89
CA VAL U 177 84.98 -60.17 0.77
C VAL U 177 84.45 -60.32 2.18
N MET U 178 83.18 -60.65 2.35
CA MET U 178 82.70 -60.89 3.69
C MET U 178 82.99 -62.34 4.03
N PRO U 179 83.27 -62.67 5.28
CA PRO U 179 83.38 -64.07 5.63
C PRO U 179 82.03 -64.72 5.38
N GLU U 180 82.04 -65.83 4.65
CA GLU U 180 80.79 -66.49 4.32
C GLU U 180 79.98 -66.82 5.55
N LEU U 181 80.63 -66.86 6.71
CA LEU U 181 80.05 -67.28 7.96
C LEU U 181 79.97 -66.07 8.88
N PRO U 182 78.81 -65.67 9.39
CA PRO U 182 78.77 -64.53 10.31
C PRO U 182 79.52 -64.83 11.60
N TYR U 183 79.46 -63.94 12.58
CA TYR U 183 80.17 -64.06 13.86
C TYR U 183 81.67 -64.13 13.65
N GLN U 184 82.10 -64.25 12.41
CA GLN U 184 83.51 -64.32 12.07
C GLN U 184 83.97 -62.90 11.75
N THR U 185 84.89 -62.39 12.56
CA THR U 185 85.32 -61.01 12.39
C THR U 185 85.95 -60.80 11.02
N TRP U 186 85.74 -59.63 10.46
CA TRP U 186 86.11 -59.36 9.08
C TRP U 186 87.25 -58.36 9.03
N TYR U 187 88.43 -58.83 8.69
CA TYR U 187 89.60 -57.98 8.61
C TYR U 187 89.66 -57.33 7.24
N LEU U 188 89.70 -56.01 7.24
CA LEU U 188 89.78 -55.26 6.00
C LEU U 188 91.17 -55.34 5.41
N PHE U 189 91.26 -55.03 4.12
CA PHE U 189 92.51 -55.11 3.37
C PHE U 189 92.86 -53.75 2.80
N GLN U 190 94.16 -53.52 2.67
CA GLN U 190 94.66 -52.22 2.26
C GLN U 190 94.27 -51.92 0.82
N TYR U 191 93.98 -50.66 0.55
CA TYR U 191 93.64 -50.22 -0.80
C TYR U 191 94.90 -49.83 -1.55
N GLY U 192 95.03 -50.36 -2.76
CA GLY U 192 96.16 -50.03 -3.61
C GLY U 192 95.73 -50.12 -5.05
N TYR U 193 96.59 -49.64 -5.94
CA TYR U 193 96.25 -49.68 -7.34
C TYR U 193 97.52 -49.61 -8.18
N ILE U 194 97.43 -50.08 -9.41
CA ILE U 194 98.54 -50.02 -10.35
C ILE U 194 98.47 -48.68 -11.08
N PRO U 195 99.39 -47.75 -10.84
CA PRO U 195 99.37 -46.52 -11.63
C PRO U 195 99.72 -46.74 -13.09
N VAL U 196 100.78 -47.51 -13.37
CA VAL U 196 101.23 -47.78 -14.73
C VAL U 196 102.02 -49.10 -14.71
N ILE U 197 102.04 -49.78 -15.85
CA ILE U 197 102.87 -50.96 -16.03
C ILE U 197 104.30 -50.63 -15.64
N HIS U 198 104.90 -51.48 -14.80
CA HIS U 198 106.23 -51.18 -14.29
C HIS U 198 107.25 -51.18 -15.42
N GLU U 199 107.34 -52.27 -16.17
CA GLU U 199 108.05 -52.18 -17.43
C GLU U 199 107.34 -51.16 -18.30
N LEU U 200 108.06 -50.59 -19.27
CA LEU U 200 107.54 -49.44 -20.00
C LEU U 200 107.38 -48.25 -19.05
N ALA U 201 108.49 -47.53 -18.82
CA ALA U 201 108.80 -46.65 -17.69
C ALA U 201 109.73 -47.26 -16.65
N GLU U 202 110.27 -48.45 -16.89
CA GLU U 202 111.23 -49.02 -15.95
C GLU U 202 112.37 -48.07 -15.49
N MET U 203 113.03 -47.27 -16.35
CA MET U 203 113.00 -47.31 -17.80
C MET U 203 114.44 -47.49 -18.27
N GLU U 204 114.66 -47.99 -19.48
CA GLU U 204 116.01 -48.35 -19.90
C GLU U 204 116.66 -47.21 -20.67
N ASP U 205 117.64 -46.56 -20.02
CA ASP U 205 118.51 -45.57 -20.64
C ASP U 205 117.72 -44.54 -21.44
N SER U 206 118.26 -44.14 -22.59
CA SER U 206 117.51 -43.46 -23.65
C SER U 206 116.57 -42.35 -23.04
N ASN U 207 115.23 -42.31 -23.13
CA ASN U 207 114.29 -43.08 -23.95
C ASN U 207 113.28 -42.15 -24.61
N ALA U 208 112.53 -41.47 -23.75
CA ALA U 208 111.53 -40.46 -24.07
C ALA U 208 110.22 -41.08 -24.54
N VAL U 209 110.26 -42.35 -24.95
CA VAL U 209 109.01 -43.08 -25.15
C VAL U 209 108.53 -43.67 -23.84
N GLU U 210 109.45 -44.17 -23.01
CA GLU U 210 109.07 -44.59 -21.66
C GLU U 210 109.21 -43.46 -20.66
N LYS U 211 109.87 -42.36 -21.04
CA LYS U 211 109.84 -41.17 -20.20
C LYS U 211 108.41 -40.65 -20.12
N ALA U 212 107.79 -40.42 -21.28
CA ALA U 212 106.35 -40.38 -21.31
C ALA U 212 105.83 -41.75 -20.92
N ILE U 213 104.62 -41.78 -20.37
CA ILE U 213 104.00 -42.94 -19.72
C ILE U 213 104.60 -43.12 -18.33
N CYS U 214 105.81 -42.63 -18.11
CA CYS U 214 106.29 -42.45 -16.75
C CYS U 214 105.86 -41.12 -16.17
N LEU U 215 105.96 -40.07 -16.99
CA LEU U 215 105.49 -38.76 -16.56
C LEU U 215 103.99 -38.73 -16.40
N GLN U 216 103.28 -39.55 -17.15
CA GLN U 216 101.83 -39.45 -17.16
C GLN U 216 101.17 -40.32 -16.11
N ILE U 217 101.94 -41.01 -15.28
CA ILE U 217 101.30 -41.94 -14.34
C ILE U 217 100.44 -41.09 -13.43
N PRO U 218 99.14 -41.37 -13.33
CA PRO U 218 98.29 -40.59 -12.45
C PRO U 218 98.49 -41.00 -11.02
N PHE U 219 98.22 -40.06 -10.12
CA PHE U 219 98.33 -40.31 -8.69
C PHE U 219 97.03 -39.91 -8.03
N PHE U 220 96.33 -40.90 -7.50
CA PHE U 220 95.01 -40.71 -6.93
C PHE U 220 95.12 -40.72 -5.42
N MET U 221 94.29 -39.90 -4.79
CA MET U 221 94.29 -39.75 -3.33
C MET U 221 92.85 -39.69 -2.89
N LEU U 222 92.54 -40.39 -1.82
CA LEU U 222 91.17 -40.40 -1.36
C LEU U 222 90.86 -39.21 -0.46
N GLU U 223 91.81 -38.30 -0.29
CA GLU U 223 91.51 -37.16 0.56
C GLU U 223 90.68 -36.17 -0.22
N ASN U 224 91.26 -35.38 -1.13
CA ASN U 224 90.56 -34.93 -2.33
C ASN U 224 89.07 -34.75 -2.10
N SER U 225 88.26 -35.51 -2.83
CA SER U 225 86.82 -35.48 -2.63
C SER U 225 86.45 -35.73 -1.18
N ASP U 226 85.44 -35.02 -0.71
CA ASP U 226 85.09 -35.02 0.69
C ASP U 226 84.48 -36.33 1.12
N HIS U 227 84.55 -36.60 2.43
CA HIS U 227 84.03 -37.81 3.00
C HIS U 227 83.77 -37.59 4.48
N GLU U 228 83.00 -38.51 5.07
CA GLU U 228 82.57 -38.34 6.45
C GLU U 228 83.59 -38.92 7.41
N VAL U 229 83.76 -38.23 8.54
CA VAL U 229 84.48 -38.75 9.68
C VAL U 229 83.44 -39.09 10.74
N LEU U 230 83.70 -40.13 11.52
CA LEU U 230 82.75 -40.58 12.51
C LEU U 230 83.46 -40.82 13.83
N ARG U 231 82.93 -40.25 14.90
CA ARG U 231 83.31 -40.73 16.21
C ARG U 231 82.45 -41.96 16.52
N THR U 232 82.50 -42.40 17.78
CA THR U 232 81.78 -43.62 18.16
C THR U 232 80.28 -43.49 17.93
N GLY U 233 79.64 -42.51 18.56
CA GLY U 233 78.19 -42.45 18.53
C GLY U 233 77.57 -42.34 17.15
N GLU U 234 78.32 -41.86 16.18
CA GLU U 234 77.81 -41.66 14.83
C GLU U 234 77.82 -42.95 14.03
N SER U 235 76.97 -42.99 13.00
CA SER U 235 76.95 -44.07 12.02
C SER U 235 76.83 -43.48 10.62
N THR U 236 76.73 -44.37 9.62
CA THR U 236 76.60 -43.94 8.24
C THR U 236 75.83 -45.01 7.48
N GLU U 237 75.05 -44.57 6.49
CA GLU U 237 74.35 -45.47 5.58
C GLU U 237 74.82 -45.22 4.16
N PHE U 238 74.70 -46.25 3.33
CA PHE U 238 74.95 -46.12 1.90
C PHE U 238 73.93 -46.97 1.16
N THR U 239 73.46 -46.47 0.03
CA THR U 239 72.54 -47.22 -0.82
C THR U 239 73.15 -47.39 -2.19
N PHE U 240 72.66 -48.39 -2.90
CA PHE U 240 73.11 -48.66 -4.26
C PHE U 240 71.95 -49.21 -5.05
N ASN U 241 71.93 -48.88 -6.34
CA ASN U 241 70.97 -49.45 -7.26
C ASN U 241 71.73 -50.05 -8.43
N PHE U 242 71.17 -51.09 -9.02
CA PHE U 242 71.87 -51.88 -10.02
C PHE U 242 71.12 -51.83 -11.33
N ASP U 243 71.80 -51.38 -12.38
CA ASP U 243 71.42 -51.70 -13.75
C ASP U 243 72.21 -52.96 -14.09
N CYS U 244 71.51 -54.08 -14.21
CA CYS U 244 72.17 -55.36 -14.05
C CYS U 244 71.47 -56.41 -14.89
N GLU U 245 72.25 -57.33 -15.44
CA GLU U 245 71.72 -58.41 -16.25
C GLU U 245 71.36 -59.60 -15.36
N TRP U 246 70.27 -60.28 -15.73
CA TRP U 246 69.88 -61.49 -15.01
C TRP U 246 70.97 -62.53 -15.10
N ILE U 247 71.10 -63.34 -14.07
CA ILE U 247 71.87 -64.58 -14.13
C ILE U 247 70.87 -65.73 -14.09
N ASN U 248 70.94 -66.61 -15.07
CA ASN U 248 69.87 -67.57 -15.31
C ASN U 248 70.23 -68.93 -14.75
N ASN U 249 69.37 -69.45 -13.90
CA ASN U 249 69.44 -70.83 -13.45
C ASN U 249 68.43 -71.62 -14.25
N GLU U 250 68.92 -72.42 -15.19
CA GLU U 250 68.16 -73.10 -16.21
C GLU U 250 69.11 -74.01 -16.95
N ARG U 251 68.55 -74.99 -17.63
CA ARG U 251 69.34 -76.03 -18.27
C ARG U 251 68.72 -76.35 -19.62
N ALA U 252 69.56 -76.41 -20.64
CA ALA U 252 69.15 -76.87 -21.95
C ALA U 252 69.38 -78.37 -22.02
N TYR U 253 68.31 -79.13 -22.21
CA TYR U 253 68.41 -80.58 -22.26
C TYR U 253 68.94 -81.06 -23.60
N ILE U 254 68.99 -80.20 -24.62
CA ILE U 254 69.57 -80.55 -25.92
C ILE U 254 70.35 -79.36 -26.45
N PRO U 255 71.31 -79.62 -27.33
CA PRO U 255 71.98 -78.53 -28.03
C PRO U 255 70.98 -77.72 -28.82
N PRO U 256 71.27 -76.46 -29.12
CA PRO U 256 70.33 -75.67 -29.91
C PRO U 256 70.17 -76.19 -31.32
N GLY U 257 71.19 -76.84 -31.87
CA GLY U 257 71.07 -77.41 -33.20
C GLY U 257 70.34 -78.73 -33.26
N LEU U 258 69.93 -79.26 -32.13
CA LEU U 258 69.25 -80.55 -32.06
C LEU U 258 67.74 -80.38 -32.03
N MET U 259 67.25 -79.16 -32.22
CA MET U 259 65.81 -78.88 -32.16
C MET U 259 65.22 -79.09 -33.54
N PHE U 260 64.43 -80.14 -33.69
CA PHE U 260 63.70 -80.42 -34.92
C PHE U 260 62.91 -81.69 -34.70
N ASN U 261 61.92 -81.90 -35.56
CA ASN U 261 61.16 -83.14 -35.51
C ASN U 261 61.85 -84.14 -36.40
N PRO U 262 62.52 -85.15 -35.83
CA PRO U 262 63.28 -86.08 -36.66
C PRO U 262 62.40 -87.00 -37.47
N LEU U 263 61.12 -87.10 -37.12
CA LEU U 263 60.21 -87.93 -37.90
C LEU U 263 59.97 -87.34 -39.28
N VAL U 264 59.83 -86.03 -39.35
CA VAL U 264 59.43 -85.39 -40.61
C VAL U 264 60.61 -85.35 -41.57
N PRO U 265 60.45 -85.74 -42.83
CA PRO U 265 61.56 -85.61 -43.79
C PRO U 265 61.87 -84.15 -44.04
N THR U 266 63.06 -83.91 -44.58
CA THR U 266 63.52 -82.56 -44.84
C THR U 266 63.68 -82.34 -46.34
N ARG U 267 63.46 -81.10 -46.77
CA ARG U 267 63.80 -80.74 -48.13
C ARG U 267 65.12 -79.99 -48.15
N ARG U 268 66.17 -80.70 -48.55
CA ARG U 268 67.55 -80.21 -48.53
C ARG U 268 68.39 -81.31 -49.17
N ALA U 269 69.61 -80.98 -49.57
CA ALA U 269 70.45 -81.98 -50.21
C ALA U 269 71.90 -81.77 -49.82
N GLN U 270 72.66 -82.85 -49.93
CA GLN U 270 74.08 -82.87 -49.62
C GLN U 270 74.84 -83.22 -50.87
N TYR U 271 75.59 -82.28 -51.42
CA TYR U 271 76.59 -82.60 -52.43
C TYR U 271 77.87 -82.91 -51.69
N ILE U 272 78.54 -83.98 -52.09
CA ILE U 272 79.79 -84.37 -51.47
C ILE U 272 80.86 -84.49 -52.54
N ARG U 273 81.95 -83.76 -52.36
CA ARG U 273 83.01 -83.72 -53.35
C ARG U 273 83.62 -85.09 -53.57
N ARG U 274 84.21 -85.29 -54.75
CA ARG U 274 85.03 -86.47 -55.00
C ARG U 274 86.05 -86.63 -53.88
N ASN U 275 86.17 -87.85 -53.37
CA ASN U 275 86.92 -88.05 -52.13
C ASN U 275 88.41 -88.02 -52.37
N ASN U 276 88.86 -88.37 -53.58
CA ASN U 276 90.28 -88.35 -53.92
C ASN U 276 91.08 -89.16 -52.91
N ASN U 277 90.94 -90.49 -53.00
CA ASN U 277 91.36 -91.46 -51.99
C ASN U 277 90.41 -91.32 -50.80
N PRO U 278 90.07 -92.43 -50.13
CA PRO U 278 90.23 -93.80 -50.65
C PRO U 278 89.39 -94.10 -51.90
N GLN U 279 88.12 -93.70 -51.89
CA GLN U 279 87.14 -94.23 -52.84
C GLN U 279 85.87 -93.38 -52.74
N THR U 280 84.76 -93.85 -53.31
CA THR U 280 83.45 -93.20 -53.22
C THR U 280 83.41 -91.84 -53.91
N ALA U 281 83.29 -91.87 -55.23
CA ALA U 281 83.17 -90.67 -56.03
C ALA U 281 81.92 -89.88 -55.66
N GLU U 282 81.93 -88.60 -56.05
CA GLU U 282 80.96 -87.63 -55.58
C GLU U 282 79.52 -88.08 -55.86
N SER U 283 78.63 -87.71 -54.95
CA SER U 283 77.21 -87.98 -55.11
C SER U 283 76.41 -86.93 -54.34
N THR U 284 75.21 -86.66 -54.82
CA THR U 284 74.26 -85.83 -54.10
C THR U 284 73.13 -86.69 -53.55
N SER U 285 72.58 -86.28 -52.41
CA SER U 285 71.57 -87.07 -51.74
C SER U 285 70.75 -86.16 -50.84
N ARG U 286 69.55 -86.63 -50.50
CA ARG U 286 68.70 -85.90 -49.58
C ARG U 286 69.16 -86.13 -48.15
N ILE U 287 69.08 -85.07 -47.35
CA ILE U 287 69.46 -85.18 -45.95
C ILE U 287 68.45 -86.04 -45.22
N ALA U 288 68.97 -86.95 -44.38
CA ALA U 288 68.12 -87.87 -43.66
C ALA U 288 67.14 -87.13 -42.76
N PRO U 289 65.99 -87.73 -42.46
CA PRO U 289 65.02 -87.03 -41.60
C PRO U 289 65.57 -86.69 -40.24
N TYR U 290 66.21 -87.66 -39.60
CA TYR U 290 67.04 -87.36 -38.45
C TYR U 290 68.27 -86.59 -38.90
N ALA U 291 68.92 -85.92 -37.96
CA ALA U 291 70.18 -85.23 -38.24
C ALA U 291 70.01 -84.19 -39.34
N LYS U 292 69.05 -83.32 -39.16
CA LYS U 292 68.88 -82.22 -40.08
C LYS U 292 69.93 -81.15 -39.80
N PRO U 293 70.35 -80.41 -40.82
CA PRO U 293 71.34 -79.35 -40.59
C PRO U 293 70.76 -78.25 -39.72
N THR U 294 71.65 -77.44 -39.19
CA THR U 294 71.25 -76.39 -38.28
C THR U 294 71.96 -75.09 -38.58
N SER U 295 71.33 -74.01 -38.15
CA SER U 295 71.99 -72.76 -37.84
C SER U 295 72.60 -72.88 -36.45
N TRP U 296 72.89 -71.73 -35.85
CA TRP U 296 73.21 -71.74 -34.43
C TRP U 296 74.54 -72.43 -34.15
N MET U 297 75.60 -71.72 -34.49
CA MET U 297 76.98 -72.01 -34.24
C MET U 297 77.26 -72.06 -32.73
N THR U 298 78.34 -72.75 -32.37
CA THR U 298 78.74 -72.83 -30.98
C THR U 298 79.37 -71.52 -30.50
N GLY U 299 79.33 -71.33 -29.18
CA GLY U 299 79.94 -70.16 -28.57
C GLY U 299 81.43 -70.14 -28.75
N PRO U 300 82.02 -68.94 -28.64
CA PRO U 300 83.44 -68.80 -28.91
C PRO U 300 84.32 -69.26 -27.76
N GLY U 301 85.55 -69.64 -28.10
CA GLY U 301 86.54 -70.01 -27.11
C GLY U 301 87.91 -69.91 -27.72
N LEU U 302 88.94 -69.98 -26.89
CA LEU U 302 90.32 -70.10 -27.35
C LEU U 302 90.97 -71.28 -26.67
N LEU U 303 91.18 -72.36 -27.42
CA LEU U 303 91.73 -73.60 -26.88
C LEU U 303 93.18 -73.89 -27.25
N SER U 304 93.84 -73.07 -28.07
CA SER U 304 95.11 -73.54 -28.62
C SER U 304 96.27 -73.35 -27.66
N ALA U 305 96.26 -72.25 -26.90
CA ALA U 305 97.39 -71.82 -26.11
C ALA U 305 97.65 -72.75 -24.93
N GLN U 306 98.85 -72.64 -24.35
CA GLN U 306 99.21 -73.33 -23.13
C GLN U 306 99.90 -72.35 -22.20
N ARG U 307 99.62 -72.48 -20.90
CA ARG U 307 100.26 -71.61 -19.93
C ARG U 307 101.77 -71.74 -20.01
N VAL U 308 102.46 -70.61 -19.83
CA VAL U 308 103.84 -70.46 -20.21
C VAL U 308 104.71 -70.20 -18.98
N GLY U 309 105.56 -71.17 -18.67
CA GLY U 309 106.65 -70.94 -17.75
C GLY U 309 106.31 -71.18 -16.30
N PRO U 310 107.19 -70.72 -15.41
CA PRO U 310 107.03 -71.02 -13.98
C PRO U 310 105.94 -70.18 -13.35
N ALA U 311 105.42 -70.68 -12.24
CA ALA U 311 104.44 -69.93 -11.47
C ALA U 311 105.09 -68.69 -10.86
N THR U 312 104.24 -67.74 -10.48
CA THR U 312 104.56 -66.40 -9.99
C THR U 312 104.99 -65.49 -11.12
N SER U 313 105.15 -66.01 -12.34
CA SER U 313 105.48 -65.23 -13.52
C SER U 313 104.26 -64.79 -14.31
N ASP U 314 103.06 -65.01 -13.78
CA ASP U 314 101.81 -64.73 -14.50
C ASP U 314 101.69 -65.57 -15.76
N THR U 315 101.42 -66.85 -15.60
CA THR U 315 101.20 -67.71 -16.76
C THR U 315 99.71 -67.74 -17.08
N GLY U 316 99.33 -67.06 -18.16
CA GLY U 316 97.92 -66.99 -18.51
C GLY U 316 97.51 -67.81 -19.71
N ALA U 317 98.49 -68.25 -20.50
CA ALA U 317 98.39 -68.86 -21.82
C ALA U 317 97.92 -67.87 -22.86
N TRP U 318 97.32 -66.75 -22.47
CA TRP U 318 97.01 -65.66 -23.39
C TRP U 318 97.36 -64.38 -22.65
N MET U 319 98.33 -63.64 -23.18
CA MET U 319 98.72 -62.36 -22.58
C MET U 319 98.22 -61.25 -23.49
N VAL U 320 97.53 -60.28 -22.90
CA VAL U 320 96.98 -59.19 -23.70
C VAL U 320 98.05 -58.14 -23.98
N ALA U 321 98.84 -57.79 -22.97
CA ALA U 321 99.91 -56.81 -23.04
C ALA U 321 99.53 -55.49 -23.70
N VAL U 322 100.52 -54.81 -24.28
CA VAL U 322 100.36 -53.55 -24.98
C VAL U 322 101.23 -53.49 -26.22
N LYS U 323 102.55 -53.51 -26.00
CA LYS U 323 103.55 -53.30 -27.06
C LYS U 323 103.42 -51.95 -27.77
N PRO U 324 103.74 -50.86 -27.09
CA PRO U 324 103.96 -49.60 -27.83
C PRO U 324 105.12 -49.75 -28.79
N GLU U 325 105.16 -48.86 -29.78
CA GLU U 325 105.94 -49.12 -30.98
C GLU U 325 107.44 -49.19 -30.67
N ASN U 326 107.94 -48.28 -29.83
CA ASN U 326 109.33 -48.38 -29.44
C ASN U 326 109.48 -48.92 -28.04
N ALA U 327 109.27 -48.06 -27.06
CA ALA U 327 109.41 -48.35 -25.62
C ALA U 327 110.75 -49.03 -25.40
N SER U 328 110.77 -49.98 -24.45
CA SER U 328 111.79 -50.99 -24.34
C SER U 328 111.21 -52.09 -23.47
N ILE U 329 111.73 -53.30 -23.61
CA ILE U 329 111.15 -54.45 -22.93
C ILE U 329 112.27 -55.37 -22.47
N ASP U 330 112.14 -55.84 -21.24
CA ASP U 330 113.04 -56.83 -20.66
C ASP U 330 112.66 -58.20 -21.18
N THR U 331 113.15 -59.26 -20.57
CA THR U 331 112.62 -60.58 -20.87
C THR U 331 111.10 -60.55 -20.73
N GLY U 332 110.42 -61.13 -21.70
CA GLY U 332 108.98 -60.96 -21.80
C GLY U 332 108.54 -60.14 -23.00
N MET U 333 107.26 -60.14 -23.41
CA MET U 333 106.12 -60.93 -22.88
C MET U 333 106.00 -60.95 -21.34
N SER U 334 106.00 -62.13 -20.74
CA SER U 334 106.04 -62.28 -19.28
C SER U 334 104.87 -61.52 -18.58
N GLY U 335 105.02 -60.46 -17.76
CA GLY U 335 106.06 -59.45 -17.68
C GLY U 335 105.58 -58.13 -18.25
N ILE U 336 104.60 -58.21 -19.15
CA ILE U 336 103.78 -57.08 -19.55
C ILE U 336 102.38 -57.61 -19.78
N GLY U 337 101.39 -56.77 -19.48
CA GLY U 337 100.01 -57.18 -19.67
C GLY U 337 99.58 -58.30 -18.74
N SER U 338 98.39 -58.80 -19.01
CA SER U 338 97.68 -59.67 -18.09
C SER U 338 97.34 -60.99 -18.77
N GLY U 339 97.31 -62.06 -18.00
CA GLY U 339 96.86 -63.32 -18.53
C GLY U 339 95.34 -63.35 -18.65
N PHE U 340 94.86 -63.91 -19.74
CA PHE U 340 93.43 -64.02 -19.99
C PHE U 340 92.96 -65.40 -19.53
N ASP U 341 92.01 -65.42 -18.60
CA ASP U 341 91.63 -66.66 -17.94
C ASP U 341 90.14 -66.64 -17.60
N PRO U 342 89.45 -67.78 -17.75
CA PRO U 342 89.74 -68.93 -18.59
C PRO U 342 89.37 -68.74 -20.05
N PRO U 343 90.29 -68.99 -20.98
CA PRO U 343 89.87 -69.47 -22.29
C PRO U 343 89.78 -71.00 -22.35
N GLN U 344 88.81 -71.66 -22.99
CA GLN U 344 87.39 -71.33 -23.06
C GLN U 344 87.09 -69.91 -23.61
N GLY U 345 86.06 -69.15 -23.19
CA GLY U 345 84.84 -69.52 -22.46
C GLY U 345 84.01 -70.51 -23.21
N SER U 346 83.01 -71.07 -22.53
CA SER U 346 82.19 -72.14 -23.09
C SER U 346 83.07 -73.25 -23.61
N LEU U 347 82.71 -73.81 -24.77
CA LEU U 347 83.62 -74.59 -25.60
C LEU U 347 84.44 -75.57 -24.78
N ALA U 348 83.83 -76.68 -24.36
CA ALA U 348 84.32 -77.49 -23.26
C ALA U 348 85.83 -77.72 -23.36
N PRO U 349 86.57 -77.54 -22.27
CA PRO U 349 88.03 -77.51 -22.36
C PRO U 349 88.63 -78.90 -22.54
N THR U 350 89.90 -78.90 -22.93
CA THR U 350 90.65 -80.12 -23.13
C THR U 350 91.10 -80.71 -21.79
N ASN U 351 92.01 -80.01 -21.11
CA ASN U 351 92.49 -80.55 -19.84
C ASN U 351 92.23 -79.55 -18.72
N LEU U 352 92.72 -79.91 -17.54
CA LEU U 352 92.52 -79.16 -16.31
C LEU U 352 93.00 -77.73 -16.44
N GLU U 353 93.96 -77.49 -17.34
CA GLU U 353 94.61 -76.20 -17.43
C GLU U 353 93.63 -75.07 -17.72
N TYR U 354 92.52 -75.36 -18.38
CA TYR U 354 91.50 -74.38 -18.71
C TYR U 354 90.31 -74.38 -17.76
N LYS U 355 90.31 -75.23 -16.75
CA LYS U 355 89.10 -75.63 -16.05
C LYS U 355 88.77 -74.71 -14.88
N ILE U 356 89.46 -73.57 -14.79
CA ILE U 356 89.53 -72.68 -13.64
C ILE U 356 90.03 -73.49 -12.46
N GLN U 357 89.77 -73.03 -11.23
CA GLN U 357 90.14 -73.67 -9.99
C GLN U 357 90.02 -72.60 -8.91
N TRP U 358 89.90 -72.95 -7.63
CA TRP U 358 90.18 -71.99 -6.57
C TRP U 358 90.35 -72.75 -5.27
N TYR U 359 90.98 -72.09 -4.29
CA TYR U 359 91.33 -72.80 -3.05
C TYR U 359 90.28 -72.62 -1.97
N GLN U 360 89.35 -71.68 -2.14
CA GLN U 360 88.30 -71.37 -1.17
C GLN U 360 88.83 -71.31 0.26
N THR U 361 90.06 -70.83 0.43
CA THR U 361 90.75 -70.80 1.70
C THR U 361 92.11 -70.16 1.52
N PRO U 362 92.50 -69.23 2.39
CA PRO U 362 93.86 -68.68 2.29
C PRO U 362 94.94 -69.66 2.71
N GLN U 363 94.60 -70.61 3.58
CA GLN U 363 95.58 -71.59 4.01
C GLN U 363 95.85 -72.64 2.94
N GLY U 364 95.10 -72.61 1.84
CA GLY U 364 95.24 -73.61 0.80
C GLY U 364 96.61 -73.68 0.17
N THR U 365 97.23 -74.86 0.24
CA THR U 365 98.52 -75.11 -0.39
C THR U 365 98.28 -75.50 -1.84
N ASN U 366 99.32 -76.00 -2.52
CA ASN U 366 99.20 -76.30 -3.93
C ASN U 366 98.03 -77.23 -4.22
N ASN U 367 98.02 -78.41 -3.63
CA ASN U 367 96.83 -79.25 -3.62
C ASN U 367 96.34 -79.39 -2.19
N ASN U 368 95.27 -78.66 -1.88
CA ASN U 368 94.53 -78.61 -0.64
C ASN U 368 93.47 -77.54 -0.87
N GLY U 369 92.36 -77.57 -0.15
CA GLY U 369 91.28 -76.74 -0.64
C GLY U 369 91.06 -77.15 -2.08
N ASN U 370 91.26 -76.21 -2.99
CA ASN U 370 91.55 -76.54 -4.38
C ASN U 370 90.38 -77.22 -5.08
N ILE U 371 89.20 -76.65 -4.93
CA ILE U 371 88.05 -77.22 -5.63
C ILE U 371 88.09 -76.74 -7.08
N ILE U 372 87.82 -77.66 -7.98
CA ILE U 372 88.01 -77.42 -9.41
C ILE U 372 86.65 -77.39 -10.08
N SER U 373 86.48 -76.46 -11.02
CA SER U 373 85.21 -76.36 -11.73
C SER U 373 84.96 -77.62 -12.54
N ASN U 374 83.69 -77.86 -12.85
CA ASN U 374 83.26 -79.09 -13.50
C ASN U 374 82.18 -78.76 -14.51
N GLN U 375 81.82 -79.73 -15.35
CA GLN U 375 80.81 -79.47 -16.35
C GLN U 375 79.42 -79.50 -15.73
N PRO U 376 78.56 -78.53 -16.04
CA PRO U 376 77.20 -78.54 -15.48
C PRO U 376 76.34 -79.68 -15.99
N LEU U 377 76.77 -80.32 -17.08
CA LEU U 377 76.00 -81.30 -17.85
C LEU U 377 74.88 -80.63 -18.62
N SER U 378 74.69 -79.32 -18.46
CA SER U 378 73.87 -78.55 -19.38
C SER U 378 74.43 -78.67 -20.78
N MET U 379 73.54 -78.65 -21.76
CA MET U 379 73.95 -78.95 -23.14
C MET U 379 74.34 -77.72 -23.93
N LEU U 380 74.37 -76.54 -23.34
CA LEU U 380 74.56 -75.36 -24.16
C LEU U 380 75.95 -75.05 -24.71
N ARG U 381 77.01 -74.64 -23.98
CA ARG U 381 77.59 -74.92 -22.65
C ARG U 381 78.62 -76.08 -22.70
N ASP U 382 78.70 -76.79 -23.82
CA ASP U 382 79.80 -77.74 -23.99
C ASP U 382 80.55 -77.41 -25.27
N GLN U 383 79.88 -77.53 -26.41
CA GLN U 383 80.23 -76.81 -27.63
C GLN U 383 81.66 -77.10 -28.10
N ALA U 384 81.82 -78.28 -28.67
CA ALA U 384 82.99 -78.49 -29.50
C ALA U 384 82.78 -77.84 -30.86
N LEU U 385 83.80 -77.95 -31.71
CA LEU U 385 83.64 -77.64 -33.13
C LEU U 385 84.69 -78.43 -33.87
N PHE U 386 84.36 -78.87 -35.09
CA PHE U 386 85.10 -79.94 -35.73
C PHE U 386 85.70 -79.57 -37.08
N ARG U 387 84.91 -79.08 -38.03
CA ARG U 387 85.45 -78.75 -39.35
C ARG U 387 86.05 -80.02 -39.97
N GLY U 388 87.08 -79.89 -40.78
CA GLY U 388 87.83 -81.03 -41.32
C GLY U 388 86.98 -82.04 -42.06
N ASN U 389 87.61 -83.15 -42.44
CA ASN U 389 88.94 -83.13 -43.03
C ASN U 389 88.70 -83.41 -44.50
N GLN U 390 87.42 -83.63 -44.82
CA GLN U 390 86.85 -84.39 -45.94
C GLN U 390 86.82 -85.87 -45.60
N THR U 391 87.51 -86.30 -44.54
CA THR U 391 87.55 -87.68 -44.11
C THR U 391 87.19 -87.80 -42.63
N THR U 392 87.90 -87.08 -41.77
CA THR U 392 87.69 -87.11 -40.33
C THR U 392 87.35 -85.70 -39.85
N TYR U 393 86.65 -85.61 -38.72
CA TYR U 393 86.48 -84.32 -38.05
C TYR U 393 87.62 -84.12 -37.06
N ASN U 394 88.12 -82.90 -36.98
CA ASN U 394 89.24 -82.58 -36.11
C ASN U 394 88.93 -81.34 -35.28
N LEU U 395 88.85 -81.52 -33.96
CA LEU U 395 88.52 -80.41 -33.07
C LEU U 395 89.42 -79.22 -33.33
N CYS U 396 88.82 -78.05 -33.51
CA CYS U 396 89.52 -76.87 -33.97
C CYS U 396 89.74 -75.88 -32.84
N SER U 397 90.96 -75.37 -32.76
CA SER U 397 91.32 -74.27 -31.87
C SER U 397 90.63 -72.98 -32.32
N ASP U 398 90.65 -71.98 -31.44
CA ASP U 398 89.96 -70.71 -31.64
C ASP U 398 88.45 -70.93 -31.66
N VAL U 399 87.77 -70.63 -32.76
CA VAL U 399 86.34 -70.31 -32.79
C VAL U 399 86.08 -68.95 -32.16
N TRP U 400 86.35 -67.90 -32.92
CA TRP U 400 86.04 -66.52 -32.59
C TRP U 400 84.54 -66.26 -32.72
N MET U 401 84.14 -64.99 -32.59
CA MET U 401 82.73 -64.65 -32.71
C MET U 401 82.22 -64.88 -34.12
N PHE U 402 80.97 -65.30 -34.22
CA PHE U 402 80.32 -65.65 -35.47
C PHE U 402 78.83 -65.35 -35.32
N PRO U 403 78.16 -64.99 -36.41
CA PRO U 403 76.80 -64.42 -36.28
C PRO U 403 75.79 -65.26 -35.53
N ASN U 404 75.73 -66.56 -35.75
CA ASN U 404 74.66 -67.36 -35.19
C ASN U 404 75.00 -67.98 -33.86
N GLN U 405 76.11 -67.60 -33.25
CA GLN U 405 76.58 -68.32 -32.08
C GLN U 405 75.63 -68.22 -30.91
N ILE U 406 75.50 -69.32 -30.18
CA ILE U 406 74.89 -69.34 -28.86
C ILE U 406 75.84 -70.03 -27.90
N TRP U 407 76.04 -69.42 -26.74
CA TRP U 407 76.72 -70.06 -25.64
C TRP U 407 75.94 -69.75 -24.39
N ASP U 408 76.24 -70.46 -23.33
CA ASP U 408 75.59 -70.25 -22.06
C ASP U 408 76.61 -69.66 -21.10
N ARG U 409 76.20 -68.60 -20.41
CA ARG U 409 77.11 -67.95 -19.49
C ARG U 409 77.55 -68.94 -18.41
N TYR U 410 78.73 -68.71 -17.87
CA TYR U 410 79.31 -69.66 -16.93
C TYR U 410 78.32 -69.94 -15.80
N PRO U 411 78.15 -71.22 -15.42
CA PRO U 411 77.07 -71.58 -14.49
C PRO U 411 77.22 -70.98 -13.11
N ILE U 412 78.37 -70.42 -12.81
CA ILE U 412 78.81 -69.92 -11.51
C ILE U 412 78.57 -70.95 -10.42
N THR U 413 78.35 -70.48 -9.19
CA THR U 413 78.26 -71.29 -7.98
C THR U 413 78.20 -70.34 -6.79
N ARG U 414 78.08 -70.88 -5.59
CA ARG U 414 77.99 -70.01 -4.41
C ARG U 414 79.29 -69.26 -4.13
N GLU U 415 80.42 -69.75 -4.63
CA GLU U 415 81.72 -69.18 -4.32
C GLU U 415 82.12 -68.02 -5.23
N ASN U 416 81.30 -67.64 -6.15
CA ASN U 416 81.73 -66.73 -7.19
C ASN U 416 81.51 -65.29 -6.81
N PRO U 417 82.27 -64.39 -7.44
CA PRO U 417 81.94 -62.97 -7.34
C PRO U 417 80.64 -62.65 -8.04
N ILE U 418 79.87 -61.75 -7.43
CA ILE U 418 78.58 -61.37 -7.99
C ILE U 418 78.78 -60.56 -9.26
N TRP U 419 79.59 -59.51 -9.19
CA TRP U 419 79.74 -58.57 -10.28
C TRP U 419 81.20 -58.32 -10.58
N CYS U 420 81.42 -57.65 -11.70
CA CYS U 420 82.71 -57.15 -12.13
C CYS U 420 82.46 -55.84 -12.85
N LYS U 421 83.38 -54.89 -12.69
CA LYS U 421 83.17 -53.59 -13.33
C LYS U 421 83.58 -53.64 -14.78
N LYS U 422 82.69 -53.20 -15.65
CA LYS U 422 82.99 -53.08 -17.06
C LYS U 422 83.76 -51.79 -17.29
N PRO U 423 85.02 -51.86 -17.70
CA PRO U 423 85.82 -50.64 -17.85
C PRO U 423 85.29 -49.73 -18.95
N ARG U 424 85.35 -48.43 -18.68
CA ARG U 424 84.85 -47.43 -19.62
C ARG U 424 85.75 -47.37 -20.84
N SER U 425 85.16 -47.55 -22.01
CA SER U 425 85.92 -47.49 -23.25
C SER U 425 84.95 -47.16 -24.38
N ASP U 426 85.51 -46.71 -25.50
CA ASP U 426 84.69 -46.33 -26.63
C ASP U 426 83.89 -47.51 -27.14
N LYS U 427 84.58 -48.58 -27.52
CA LYS U 427 83.96 -49.71 -28.18
C LYS U 427 84.17 -50.99 -27.37
N HIS U 428 83.20 -51.89 -27.48
CA HIS U 428 83.34 -53.20 -26.86
C HIS U 428 82.38 -54.17 -27.54
N THR U 429 82.66 -55.45 -27.35
CA THR U 429 81.83 -56.54 -27.84
C THR U 429 80.79 -56.97 -26.80
N THR U 430 80.24 -58.17 -26.95
CA THR U 430 79.03 -58.57 -26.22
C THR U 430 79.15 -58.39 -24.71
N ILE U 431 80.37 -58.43 -24.17
CA ILE U 431 80.61 -58.35 -22.73
C ILE U 431 79.95 -59.50 -21.99
N ASP U 432 80.47 -60.71 -22.16
CA ASP U 432 80.12 -61.81 -21.27
C ASP U 432 81.37 -62.26 -20.53
N PRO U 433 81.56 -61.94 -19.26
CA PRO U 433 82.75 -62.39 -18.56
C PRO U 433 82.76 -63.90 -18.38
N PHE U 434 83.93 -64.49 -18.58
CA PHE U 434 84.06 -65.93 -18.49
C PHE U 434 84.29 -66.42 -17.07
N ASP U 435 84.31 -65.51 -16.12
CA ASP U 435 84.33 -65.83 -14.71
C ASP U 435 82.93 -66.02 -14.17
N GLY U 436 81.94 -66.02 -15.05
CA GLY U 436 80.58 -65.81 -14.63
C GLY U 436 80.45 -64.38 -14.18
N SER U 437 80.05 -64.17 -12.94
CA SER U 437 79.87 -62.83 -12.39
C SER U 437 78.98 -61.98 -13.28
N LEU U 438 79.30 -60.69 -13.38
CA LEU U 438 78.46 -59.75 -14.10
C LEU U 438 79.32 -58.56 -14.48
N ALA U 439 78.82 -57.78 -15.42
CA ALA U 439 79.47 -56.54 -15.81
C ALA U 439 78.48 -55.41 -15.63
N MET U 440 78.95 -54.32 -15.02
CA MET U 440 78.10 -53.16 -14.83
C MET U 440 78.91 -51.91 -15.12
N ASP U 441 78.26 -50.91 -15.71
CA ASP U 441 78.88 -49.60 -15.86
C ASP U 441 79.34 -49.10 -14.51
N HIS U 442 78.40 -48.97 -13.57
CA HIS U 442 78.71 -48.60 -12.20
C HIS U 442 78.31 -49.75 -11.29
N PRO U 443 79.26 -50.52 -10.79
CA PRO U 443 78.96 -51.52 -9.78
C PRO U 443 78.73 -50.84 -8.45
N PRO U 444 78.50 -51.59 -7.38
CA PRO U 444 78.49 -50.96 -6.06
C PRO U 444 79.78 -50.21 -5.82
N GLY U 445 79.65 -48.94 -5.44
CA GLY U 445 80.83 -48.14 -5.15
C GLY U 445 81.56 -48.70 -3.95
N THR U 446 82.86 -48.89 -4.09
CA THR U 446 83.65 -49.40 -2.98
C THR U 446 83.63 -48.42 -1.83
N ILE U 447 83.36 -48.91 -0.64
CA ILE U 447 83.36 -48.10 0.56
C ILE U 447 84.73 -48.17 1.18
N PHE U 448 85.39 -47.02 1.31
CA PHE U 448 86.72 -46.93 1.84
C PHE U 448 86.64 -46.40 3.27
N ILE U 449 87.59 -46.81 4.10
CA ILE U 449 87.58 -46.44 5.50
C ILE U 449 89.02 -46.39 6.00
N LYS U 450 89.30 -45.41 6.86
CA LYS U 450 90.64 -45.14 7.33
C LYS U 450 90.55 -44.70 8.78
N MET U 451 91.69 -44.69 9.47
CA MET U 451 91.72 -44.50 10.90
C MET U 451 91.97 -43.07 11.37
N ALA U 452 92.00 -42.09 10.46
CA ALA U 452 92.06 -40.70 10.91
C ALA U 452 93.30 -40.40 11.74
N LYS U 453 94.44 -40.22 11.08
CA LYS U 453 95.72 -40.08 11.75
C LYS U 453 95.64 -39.09 12.90
N ILE U 454 96.07 -39.54 14.07
CA ILE U 454 96.16 -38.68 15.24
C ILE U 454 97.64 -38.52 15.56
N PRO U 455 98.22 -37.38 15.26
CA PRO U 455 99.67 -37.23 15.44
C PRO U 455 100.01 -36.97 16.90
N VAL U 456 101.30 -36.93 17.17
CA VAL U 456 101.79 -36.69 18.52
C VAL U 456 102.99 -35.78 18.43
N PRO U 457 103.19 -34.88 19.38
CA PRO U 457 104.25 -33.89 19.25
C PRO U 457 105.63 -34.50 19.44
N SER U 458 106.61 -33.92 18.74
CA SER U 458 107.99 -34.34 18.89
C SER U 458 108.89 -33.15 18.54
N ASN U 459 110.20 -33.35 18.72
CA ASN U 459 111.17 -32.29 18.48
C ASN U 459 111.56 -32.19 17.01
N ASN U 460 111.76 -33.32 16.35
CA ASN U 460 112.37 -33.39 15.02
C ASN U 460 111.85 -32.41 13.95
N ASN U 461 110.53 -32.28 13.75
CA ASN U 461 109.49 -33.02 14.46
C ASN U 461 108.94 -34.13 13.61
N ALA U 462 107.99 -34.86 14.18
CA ALA U 462 107.33 -35.99 13.53
C ALA U 462 108.38 -37.02 13.05
N ASP U 463 108.12 -37.85 12.01
CA ASP U 463 106.80 -38.41 11.71
C ASP U 463 106.43 -39.41 12.80
N SER U 464 105.31 -39.12 13.46
CA SER U 464 104.84 -39.97 14.55
C SER U 464 103.34 -39.81 14.67
N TYR U 465 102.69 -40.84 15.16
CA TYR U 465 101.24 -40.86 15.21
C TYR U 465 100.81 -41.80 16.32
N LEU U 466 99.54 -41.69 16.68
CA LEU U 466 99.01 -42.49 17.77
C LEU U 466 98.42 -43.78 17.20
N ASN U 467 98.69 -44.89 17.88
CA ASN U 467 98.36 -46.22 17.35
C ASN U 467 96.98 -46.62 17.83
N ILE U 468 96.03 -46.71 16.90
CA ILE U 468 94.64 -47.01 17.20
C ILE U 468 94.10 -47.97 16.16
N TYR U 469 92.91 -48.50 16.43
CA TYR U 469 92.19 -49.28 15.45
C TYR U 469 90.70 -49.12 15.69
N CYS U 470 89.91 -49.40 14.66
CA CYS U 470 88.47 -49.23 14.73
C CYS U 470 87.82 -50.61 14.66
N THR U 471 86.62 -50.67 15.21
CA THR U 471 85.87 -51.91 15.20
C THR U 471 84.40 -51.54 15.13
N GLY U 472 83.64 -52.31 14.37
CA GLY U 472 82.25 -51.94 14.20
C GLY U 472 81.51 -52.99 13.42
N GLN U 473 80.33 -52.61 12.96
CA GLN U 473 79.43 -53.56 12.34
C GLN U 473 78.91 -53.01 11.02
N VAL U 474 79.14 -53.76 9.95
CA VAL U 474 78.57 -53.46 8.65
C VAL U 474 77.35 -54.35 8.48
N SER U 475 76.27 -53.78 7.96
CA SER U 475 75.11 -54.58 7.61
C SER U 475 74.86 -54.35 6.13
N CYS U 476 75.08 -55.38 5.33
CA CYS U 476 74.82 -55.31 3.90
C CYS U 476 73.50 -56.01 3.63
N GLU U 477 72.49 -55.23 3.30
CA GLU U 477 71.14 -55.75 3.03
C GLU U 477 70.83 -55.48 1.57
N ILE U 478 70.75 -56.54 0.77
CA ILE U 478 70.58 -56.39 -0.66
C ILE U 478 69.32 -57.11 -1.10
N VAL U 479 68.62 -56.52 -2.05
CA VAL U 479 67.38 -57.05 -2.57
C VAL U 479 67.66 -57.66 -3.93
N TRP U 480 67.04 -58.80 -4.20
CA TRP U 480 67.30 -59.57 -5.41
C TRP U 480 66.00 -59.67 -6.20
N GLU U 481 65.99 -59.11 -7.40
CA GLU U 481 64.92 -59.43 -8.32
C GLU U 481 65.02 -60.91 -8.67
N VAL U 482 63.91 -61.62 -8.49
CA VAL U 482 63.93 -63.07 -8.59
C VAL U 482 62.69 -63.51 -9.34
N GLU U 483 62.81 -64.56 -10.14
CA GLU U 483 61.71 -65.08 -10.94
C GLU U 483 61.59 -66.57 -10.75
N ARG U 484 60.37 -67.05 -10.58
CA ARG U 484 60.11 -68.43 -10.18
C ARG U 484 59.69 -69.25 -11.40
N TYR U 485 60.07 -70.51 -11.41
CA TYR U 485 59.97 -71.31 -12.63
C TYR U 485 58.70 -72.13 -12.67
N ALA U 486 58.14 -72.25 -13.86
CA ALA U 486 57.06 -73.18 -14.15
C ALA U 486 57.40 -73.88 -15.45
N THR U 487 57.07 -75.16 -15.53
CA THR U 487 57.44 -75.91 -16.73
C THR U 487 56.44 -77.03 -16.96
N LYS U 488 56.39 -77.49 -18.20
CA LYS U 488 55.49 -78.56 -18.59
C LYS U 488 56.14 -79.93 -18.57
N ASN U 489 57.39 -80.02 -18.13
CA ASN U 489 58.04 -81.31 -18.06
C ASN U 489 57.28 -82.23 -17.12
N TRP U 490 57.18 -83.50 -17.52
CA TRP U 490 56.50 -84.48 -16.70
C TRP U 490 57.40 -85.01 -15.60
N ARG U 491 58.68 -85.05 -15.82
CA ARG U 491 59.64 -85.77 -15.00
C ARG U 491 60.20 -84.92 -13.86
N PRO U 492 60.79 -85.57 -12.86
CA PRO U 492 61.16 -84.88 -11.62
C PRO U 492 62.21 -83.78 -11.75
N GLU U 493 62.93 -83.67 -12.85
CA GLU U 493 64.07 -82.72 -13.00
C GLU U 493 65.11 -83.02 -11.92
N ARG U 494 65.76 -81.99 -11.36
CA ARG U 494 66.92 -82.20 -10.51
C ARG U 494 67.00 -81.07 -9.51
N ARG U 495 67.51 -81.38 -8.32
CA ARG U 495 67.66 -80.39 -7.27
C ARG U 495 69.04 -80.57 -6.65
N HIS U 496 69.31 -79.80 -5.60
CA HIS U 496 70.55 -79.93 -4.86
C HIS U 496 70.25 -80.53 -3.50
N THR U 497 70.57 -81.81 -3.36
CA THR U 497 70.53 -82.49 -2.08
C THR U 497 71.80 -82.23 -1.29
N THR U 498 71.69 -82.41 0.02
CA THR U 498 72.90 -82.61 0.83
C THR U 498 73.64 -83.87 0.43
N PHE U 499 73.01 -84.79 -0.29
CA PHE U 499 73.73 -86.01 -0.61
C PHE U 499 74.89 -85.79 -1.56
N GLY U 500 74.87 -84.69 -2.32
CA GLY U 500 76.08 -84.32 -3.03
C GLY U 500 77.20 -83.96 -2.08
N LEU U 501 76.84 -83.51 -0.87
CA LEU U 501 77.81 -83.14 0.14
C LEU U 501 78.45 -84.38 0.76
N GLY U 502 79.56 -84.18 1.44
CA GLY U 502 80.27 -85.29 2.04
C GLY U 502 80.93 -84.87 3.34
N ILE U 503 81.31 -85.87 4.13
CA ILE U 503 81.72 -85.72 5.51
C ILE U 503 83.19 -85.29 5.54
N GLY U 504 83.55 -84.48 6.54
CA GLY U 504 84.93 -84.04 6.62
C GLY U 504 85.24 -83.34 7.93
N GLY U 505 86.53 -83.06 8.10
CA GLY U 505 87.09 -82.28 9.20
C GLY U 505 87.46 -83.14 10.40
N ALA U 506 88.54 -82.75 11.08
CA ALA U 506 89.04 -83.40 12.28
C ALA U 506 89.00 -84.92 12.20
N ASP U 507 88.52 -85.57 13.26
CA ASP U 507 87.91 -86.87 13.11
C ASP U 507 86.67 -86.69 12.25
N ASN U 508 86.46 -87.61 11.30
CA ASN U 508 85.68 -87.31 10.11
C ASN U 508 84.36 -86.63 10.42
N LEU U 509 83.86 -86.76 11.64
CA LEU U 509 82.54 -86.28 12.02
C LEU U 509 82.31 -84.83 11.63
N ASN U 510 81.03 -84.52 11.40
CA ASN U 510 80.38 -83.33 10.86
C ASN U 510 80.46 -83.40 9.34
N PRO U 511 79.41 -83.02 8.62
CA PRO U 511 79.43 -83.30 7.19
C PRO U 511 80.24 -82.35 6.32
N THR U 512 79.71 -81.16 6.07
CA THR U 512 80.38 -80.25 5.15
C THR U 512 80.28 -78.80 5.55
N TYR U 513 79.08 -78.21 5.51
CA TYR U 513 78.93 -76.86 5.99
C TYR U 513 78.53 -76.96 7.46
N HIS U 514 79.52 -76.76 8.33
CA HIS U 514 79.34 -77.12 9.72
C HIS U 514 80.67 -76.89 10.44
N VAL U 515 80.59 -76.79 11.76
CA VAL U 515 81.77 -76.53 12.56
C VAL U 515 82.53 -77.81 12.89
N ASP U 516 83.82 -77.66 13.15
CA ASP U 516 84.70 -78.71 13.63
C ASP U 516 84.68 -78.73 15.16
N LYS U 517 85.61 -79.42 15.81
CA LYS U 517 85.47 -79.62 17.27
C LYS U 517 86.15 -78.78 18.39
N ASN U 518 87.17 -77.90 18.27
CA ASN U 518 88.10 -77.57 17.18
C ASN U 518 87.53 -76.55 16.23
N GLY U 519 86.33 -76.06 16.52
CA GLY U 519 85.45 -75.63 15.46
C GLY U 519 86.05 -74.72 14.43
N THR U 520 86.08 -75.27 13.22
CA THR U 520 86.52 -74.62 12.01
C THR U 520 85.56 -75.06 10.93
N TYR U 521 84.93 -74.11 10.29
CA TYR U 521 83.91 -74.37 9.30
C TYR U 521 84.48 -75.28 8.22
N ILE U 522 83.85 -76.43 8.00
CA ILE U 522 84.41 -77.40 7.06
C ILE U 522 84.18 -76.89 5.64
N GLN U 523 85.17 -76.93 4.88
CA GLN U 523 84.92 -76.36 3.56
C GLN U 523 84.43 -77.42 2.60
N PRO U 524 83.57 -77.02 1.67
CA PRO U 524 83.10 -77.94 0.63
C PRO U 524 84.24 -78.36 -0.28
N THR U 525 84.35 -79.66 -0.53
CA THR U 525 85.43 -80.22 -1.32
C THR U 525 84.92 -80.66 -2.68
N THR U 526 85.60 -80.20 -3.72
CA THR U 526 85.27 -80.11 -5.15
C THR U 526 84.00 -79.33 -5.49
N TRP U 527 83.43 -79.60 -6.67
CA TRP U 527 82.58 -78.60 -7.32
C TRP U 527 81.12 -78.75 -6.95
N ASP U 528 80.62 -79.99 -6.90
CA ASP U 528 79.20 -80.19 -6.66
C ASP U 528 78.77 -79.76 -5.28
N MET U 529 79.67 -79.81 -4.30
CA MET U 529 79.37 -79.34 -2.95
C MET U 529 78.74 -77.97 -2.99
N CYS U 530 79.53 -76.96 -3.38
CA CYS U 530 78.96 -75.69 -3.77
C CYS U 530 77.94 -75.94 -4.85
N PHE U 531 76.73 -75.42 -4.67
CA PHE U 531 75.66 -75.86 -5.54
C PHE U 531 75.49 -74.87 -6.68
N PRO U 532 75.93 -75.23 -7.90
CA PRO U 532 75.93 -74.24 -8.98
C PRO U 532 74.53 -74.07 -9.53
N VAL U 533 74.20 -72.84 -9.93
CA VAL U 533 73.01 -72.68 -10.74
C VAL U 533 73.31 -73.20 -12.13
N LYS U 534 72.25 -73.42 -12.90
CA LYS U 534 72.26 -73.80 -14.31
C LYS U 534 72.39 -75.30 -14.45
N THR U 535 72.57 -76.04 -13.38
CA THR U 535 72.54 -77.49 -13.41
C THR U 535 71.15 -78.04 -13.11
N ASN U 536 70.17 -77.19 -12.87
CA ASN U 536 68.85 -77.62 -12.46
C ASN U 536 67.78 -77.07 -13.39
N ILE U 537 66.53 -77.36 -13.03
CA ILE U 537 65.34 -77.04 -13.80
C ILE U 537 65.52 -77.58 -15.21
N ASN U 538 64.92 -76.92 -16.19
CA ASN U 538 65.09 -77.18 -17.60
C ASN U 538 64.56 -75.97 -18.35
N LYS U 539 64.94 -75.83 -19.61
CA LYS U 539 64.30 -74.86 -20.47
C LYS U 539 64.16 -75.44 -21.87
N VAL U 540 62.97 -75.32 -22.43
CA VAL U 540 62.85 -75.54 -23.86
C VAL U 540 63.53 -74.39 -24.58
N LEU U 541 64.45 -74.74 -25.48
CA LEU U 541 65.18 -73.71 -26.19
C LEU U 541 64.29 -73.06 -27.23
N GLY V 34 26.23 -73.07 -28.57
CA GLY V 34 25.29 -74.06 -29.07
C GLY V 34 25.01 -75.20 -28.10
N SER V 35 24.21 -76.16 -28.54
CA SER V 35 23.86 -77.30 -27.72
C SER V 35 23.45 -78.45 -28.61
N GLY V 36 23.46 -79.65 -28.05
CA GLY V 36 23.05 -80.85 -28.76
C GLY V 36 24.22 -81.67 -29.24
N VAL V 37 23.89 -82.76 -29.93
CA VAL V 37 24.91 -83.60 -30.54
C VAL V 37 25.71 -82.78 -31.55
N GLY V 38 27.00 -83.04 -31.62
CA GLY V 38 27.87 -82.32 -32.52
C GLY V 38 28.49 -81.08 -31.93
N ILE V 39 28.20 -80.76 -30.67
CA ILE V 39 28.78 -79.62 -29.99
C ILE V 39 29.40 -80.17 -28.70
N SER V 40 30.72 -80.09 -28.60
CA SER V 40 31.40 -80.65 -27.44
C SER V 40 31.01 -79.86 -26.19
N THR V 41 30.88 -80.56 -25.07
CA THR V 41 30.39 -79.88 -23.87
C THR V 41 31.51 -79.13 -23.15
N GLY V 42 32.67 -79.75 -23.02
CA GLY V 42 33.79 -79.10 -22.38
C GLY V 42 35.09 -79.61 -22.98
N GLY V 43 36.15 -78.86 -22.73
CA GLY V 43 37.45 -79.17 -23.30
C GLY V 43 38.37 -79.86 -22.30
N TRP V 44 39.55 -80.22 -22.80
CA TRP V 44 40.55 -80.86 -21.99
C TRP V 44 41.14 -79.87 -21.00
N VAL V 45 41.66 -80.38 -19.89
CA VAL V 45 42.13 -79.57 -18.77
C VAL V 45 43.34 -80.25 -18.14
N GLY V 46 44.26 -79.43 -17.60
CA GLY V 46 45.35 -79.98 -16.82
C GLY V 46 46.45 -78.95 -16.62
N GLY V 47 47.57 -79.42 -16.05
CA GLY V 47 48.81 -78.68 -16.04
C GLY V 47 49.23 -78.07 -14.70
N SER V 48 48.47 -78.31 -13.65
CA SER V 48 48.66 -77.76 -12.31
C SER V 48 48.81 -76.23 -12.23
N TYR V 49 49.35 -75.73 -11.12
CA TYR V 49 49.39 -74.29 -10.92
C TYR V 49 50.56 -73.77 -10.08
N PHE V 50 50.56 -74.11 -8.78
CA PHE V 50 51.58 -73.69 -7.81
C PHE V 50 51.72 -72.21 -7.46
N THR V 51 50.80 -71.71 -6.63
CA THR V 51 50.98 -70.47 -5.89
C THR V 51 51.32 -70.78 -4.43
N ASP V 52 52.06 -69.88 -3.79
CA ASP V 52 52.51 -70.05 -2.41
C ASP V 52 51.40 -70.49 -1.47
N SER V 53 50.22 -69.92 -1.61
CA SER V 53 49.12 -70.24 -0.70
C SER V 53 48.40 -71.53 -1.08
N TYR V 54 48.33 -71.86 -2.36
CA TYR V 54 47.58 -73.05 -2.76
C TYR V 54 48.11 -73.57 -4.09
N VAL V 55 47.82 -74.84 -4.35
CA VAL V 55 48.19 -75.52 -5.57
C VAL V 55 46.93 -76.09 -6.20
N ILE V 56 46.69 -75.76 -7.47
CA ILE V 56 45.54 -76.24 -8.22
C ILE V 56 46.04 -77.29 -9.20
N THR V 57 45.69 -78.54 -8.98
CA THR V 57 46.02 -79.61 -9.91
C THR V 57 44.79 -79.93 -10.74
N LYS V 58 44.98 -80.00 -12.05
CA LYS V 58 43.90 -80.25 -12.99
C LYS V 58 44.25 -81.50 -13.78
N ASN V 59 43.26 -82.34 -14.04
CA ASN V 59 43.47 -83.58 -14.75
C ASN V 59 42.24 -83.90 -15.57
N THR V 60 42.43 -84.68 -16.63
CA THR V 60 41.35 -85.09 -17.50
C THR V 60 41.64 -86.50 -17.99
N ARG V 61 40.59 -87.27 -18.22
CA ARG V 61 40.75 -88.67 -18.56
C ARG V 61 39.77 -89.06 -19.65
N GLN V 62 39.99 -90.25 -20.19
CA GLN V 62 39.06 -90.91 -21.08
C GLN V 62 38.66 -92.21 -20.41
N PHE V 63 37.37 -92.44 -20.24
CA PHE V 63 36.91 -93.61 -19.50
C PHE V 63 35.88 -94.36 -20.33
N LEU V 64 35.58 -95.59 -19.91
CA LEU V 64 34.47 -96.30 -20.51
C LEU V 64 33.75 -97.17 -19.49
N VAL V 65 32.43 -97.25 -19.64
CA VAL V 65 31.57 -98.04 -18.77
C VAL V 65 31.11 -99.25 -19.58
N LYS V 66 31.25 -100.44 -19.01
CA LYS V 66 31.22 -101.68 -19.77
C LYS V 66 29.90 -102.45 -19.69
N ILE V 67 28.92 -101.98 -18.91
CA ILE V 67 27.77 -102.82 -18.53
C ILE V 67 28.26 -104.04 -17.78
N GLN V 68 28.63 -103.86 -16.51
CA GLN V 68 29.01 -105.01 -15.70
C GLN V 68 27.79 -105.72 -15.17
N ASN V 69 27.90 -107.06 -15.09
CA ASN V 69 27.00 -107.89 -14.31
C ASN V 69 25.58 -107.89 -14.89
N ASN V 70 25.46 -107.94 -16.20
CA ASN V 70 24.20 -107.68 -16.90
C ASN V 70 23.71 -106.35 -16.32
N HIS V 71 22.42 -106.17 -16.07
CA HIS V 71 22.02 -105.09 -15.18
C HIS V 71 21.56 -105.60 -13.83
N GLN V 72 21.48 -106.90 -13.65
CA GLN V 72 21.08 -107.47 -12.37
C GLN V 72 22.26 -107.47 -11.38
N TYR V 73 21.91 -107.62 -10.11
CA TYR V 73 22.81 -107.51 -8.97
C TYR V 73 23.54 -108.80 -8.61
N LYS V 74 22.80 -109.85 -8.28
CA LYS V 74 23.29 -111.07 -7.68
C LYS V 74 23.99 -110.84 -6.34
N THR V 75 24.86 -111.77 -5.96
CA THR V 75 25.57 -111.73 -4.68
C THR V 75 27.02 -112.14 -4.89
N GLU V 76 27.21 -113.33 -5.47
CA GLU V 76 28.45 -113.86 -6.05
C GLU V 76 29.36 -114.65 -5.12
N LEU V 77 29.20 -114.55 -3.80
CA LEU V 77 29.88 -115.44 -2.84
C LEU V 77 31.31 -115.73 -3.29
N ILE V 78 32.18 -114.72 -3.21
CA ILE V 78 33.36 -114.67 -4.08
C ILE V 78 34.22 -115.92 -3.98
N SER V 79 35.05 -116.01 -2.94
CA SER V 79 35.87 -117.17 -2.58
C SER V 79 36.88 -117.53 -3.65
N PRO V 80 38.03 -118.09 -3.28
CA PRO V 80 38.68 -119.06 -4.16
C PRO V 80 38.33 -120.46 -3.68
N SER V 81 38.83 -121.49 -4.36
CA SER V 81 38.76 -122.83 -3.78
C SER V 81 40.01 -123.67 -4.06
N THR V 82 40.74 -124.16 -3.05
CA THR V 82 40.88 -123.69 -1.65
C THR V 82 39.63 -123.24 -0.87
N SER V 83 38.65 -124.13 -0.80
CA SER V 83 37.39 -123.83 -0.11
C SER V 83 37.61 -123.42 1.34
N GLN V 84 38.78 -123.69 1.90
CA GLN V 84 39.12 -123.23 3.24
C GLN V 84 39.16 -121.71 3.34
N GLY V 85 39.13 -121.01 2.22
CA GLY V 85 39.26 -119.56 2.24
C GLY V 85 38.10 -118.87 2.93
N LYS V 86 38.18 -117.53 2.98
CA LYS V 86 37.17 -116.76 3.68
C LYS V 86 35.82 -116.84 2.99
N SER V 87 35.81 -116.73 1.66
CA SER V 87 34.59 -116.90 0.88
C SER V 87 33.53 -115.85 1.22
N GLN V 88 33.96 -114.58 1.25
CA GLN V 88 33.02 -113.49 1.48
C GLN V 88 31.94 -113.49 0.41
N ARG V 89 30.71 -113.23 0.82
CA ARG V 89 29.59 -113.36 -0.11
C ARG V 89 29.46 -112.14 -1.01
N CYS V 90 29.72 -110.96 -0.45
CA CYS V 90 29.59 -109.67 -1.14
C CYS V 90 28.25 -109.44 -1.82
N VAL V 91 28.25 -108.51 -2.77
CA VAL V 91 27.12 -108.17 -3.62
C VAL V 91 27.71 -107.54 -4.88
N SER V 92 27.17 -107.86 -6.04
CA SER V 92 27.61 -107.21 -7.26
C SER V 92 26.48 -106.31 -7.73
N THR V 93 26.83 -105.24 -8.42
CA THR V 93 25.87 -104.27 -8.90
C THR V 93 26.17 -103.94 -10.36
N PRO V 94 25.19 -103.47 -11.11
CA PRO V 94 25.47 -102.99 -12.47
C PRO V 94 26.32 -101.74 -12.49
N TRP V 95 26.49 -101.07 -11.37
CA TRP V 95 27.13 -99.77 -11.33
C TRP V 95 28.64 -99.87 -11.38
N SER V 96 29.26 -98.84 -11.94
CA SER V 96 30.69 -98.61 -11.89
C SER V 96 30.92 -97.29 -11.21
N TYR V 97 32.13 -97.06 -10.73
CA TYR V 97 32.37 -95.86 -9.96
C TYR V 97 33.73 -95.25 -10.28
N PHE V 98 33.84 -93.96 -10.02
CA PHE V 98 35.08 -93.22 -10.19
C PHE V 98 35.82 -93.18 -8.86
N ASN V 99 37.04 -93.71 -8.85
CA ASN V 99 37.91 -93.63 -7.69
C ASN V 99 38.98 -92.59 -8.00
N PHE V 100 38.95 -91.46 -7.32
CA PHE V 100 39.95 -90.42 -7.49
C PHE V 100 41.04 -90.45 -6.44
N ASN V 101 41.06 -91.45 -5.57
CA ASN V 101 41.86 -91.38 -4.35
C ASN V 101 43.23 -91.98 -4.62
N GLN V 102 44.22 -91.10 -4.77
CA GLN V 102 45.64 -91.40 -4.84
C GLN V 102 46.35 -90.10 -5.14
N TYR V 103 47.63 -90.02 -4.79
CA TYR V 103 48.37 -88.81 -5.14
C TYR V 103 48.89 -88.86 -6.57
N SER V 104 49.41 -90.02 -6.98
CA SER V 104 50.02 -90.13 -8.29
C SER V 104 49.04 -89.85 -9.42
N SER V 105 47.74 -89.83 -9.12
CA SER V 105 46.77 -89.50 -10.14
C SER V 105 46.74 -87.99 -10.39
N HIS V 106 46.84 -87.19 -9.33
CA HIS V 106 46.68 -85.75 -9.43
C HIS V 106 47.99 -85.00 -9.59
N PHE V 107 49.13 -85.64 -9.43
CA PHE V 107 50.42 -84.97 -9.46
C PHE V 107 51.35 -85.66 -10.43
N SER V 108 51.89 -84.91 -11.38
CA SER V 108 52.95 -85.43 -12.19
C SER V 108 54.18 -85.64 -11.32
N PRO V 109 55.11 -86.50 -11.74
CA PRO V 109 56.33 -86.66 -10.97
C PRO V 109 57.09 -85.37 -10.75
N GLN V 110 56.89 -84.35 -11.56
CA GLN V 110 57.46 -83.05 -11.24
C GLN V 110 56.57 -82.20 -10.33
N ASP V 111 55.26 -82.19 -10.54
CA ASP V 111 54.40 -81.45 -9.64
C ASP V 111 54.57 -81.93 -8.21
N TRP V 112 54.34 -83.21 -7.98
CA TRP V 112 54.93 -83.86 -6.83
C TRP V 112 56.43 -83.68 -6.96
N GLN V 113 57.12 -83.48 -5.85
CA GLN V 113 58.51 -83.03 -5.80
C GLN V 113 58.66 -81.53 -6.04
N ARG V 114 57.70 -80.88 -6.65
CA ARG V 114 57.70 -79.44 -6.51
C ARG V 114 57.08 -79.02 -5.20
N LEU V 115 56.03 -79.69 -4.75
CA LEU V 115 55.51 -79.42 -3.42
C LEU V 115 56.29 -80.15 -2.33
N THR V 116 56.73 -81.36 -2.62
CA THR V 116 57.47 -82.10 -1.61
C THR V 116 58.77 -81.39 -1.26
N ASN V 117 59.37 -80.71 -2.22
CA ASN V 117 60.57 -79.93 -1.93
C ASN V 117 60.24 -78.58 -1.34
N GLU V 118 59.21 -77.91 -1.86
CA GLU V 118 59.04 -76.50 -1.59
C GLU V 118 58.04 -76.18 -0.48
N TYR V 119 57.39 -77.16 0.14
CA TYR V 119 56.34 -76.81 1.09
C TYR V 119 56.38 -77.68 2.33
N LYS V 120 56.01 -77.08 3.47
CA LYS V 120 55.90 -77.82 4.73
C LYS V 120 54.77 -78.82 4.68
N ARG V 121 53.59 -78.37 4.28
CA ARG V 121 52.40 -79.16 4.51
C ARG V 121 51.36 -78.79 3.48
N PHE V 122 50.45 -79.71 3.24
CA PHE V 122 49.39 -79.48 2.28
C PHE V 122 48.22 -80.36 2.64
N ARG V 123 47.02 -79.90 2.29
CA ARG V 123 45.84 -80.71 2.39
C ARG V 123 44.92 -80.30 1.27
N PRO V 124 44.15 -81.22 0.71
CA PRO V 124 43.22 -80.83 -0.34
C PRO V 124 42.13 -79.93 0.22
N LYS V 125 41.95 -78.78 -0.42
CA LYS V 125 40.93 -77.84 0.02
C LYS V 125 39.56 -78.15 -0.57
N GLY V 126 39.52 -78.48 -1.85
CA GLY V 126 38.26 -78.71 -2.53
C GLY V 126 38.48 -79.57 -3.74
N MET V 127 37.37 -79.94 -4.37
CA MET V 127 37.42 -80.85 -5.51
C MET V 127 36.26 -80.54 -6.44
N HIS V 128 36.52 -80.60 -7.73
CA HIS V 128 35.50 -80.27 -8.74
C HIS V 128 35.65 -81.27 -9.87
N VAL V 129 34.57 -82.00 -10.16
CA VAL V 129 34.60 -83.08 -11.13
C VAL V 129 33.56 -82.80 -12.20
N LYS V 130 33.91 -83.07 -13.45
CA LYS V 130 33.01 -82.82 -14.57
C LYS V 130 33.02 -84.02 -15.50
N ILE V 131 31.85 -84.62 -15.69
CA ILE V 131 31.65 -85.61 -16.73
C ILE V 131 31.17 -84.87 -17.96
N TYR V 132 31.73 -85.17 -19.11
CA TYR V 132 31.30 -84.50 -20.33
C TYR V 132 31.83 -85.27 -21.52
N ASN V 133 31.46 -84.81 -22.71
CA ASN V 133 31.84 -85.44 -23.97
C ASN V 133 31.51 -86.92 -23.98
N LEU V 134 30.27 -87.24 -23.64
CA LEU V 134 29.87 -88.64 -23.54
C LEU V 134 29.61 -89.23 -24.91
N GLN V 135 29.76 -90.55 -25.01
CA GLN V 135 29.53 -91.26 -26.26
C GLN V 135 28.95 -92.63 -25.93
N ILE V 136 27.91 -93.04 -26.65
CA ILE V 136 27.33 -94.36 -26.50
C ILE V 136 27.52 -95.08 -27.82
N LYS V 137 28.32 -96.14 -27.83
CA LYS V 137 28.78 -96.67 -29.11
C LYS V 137 28.09 -97.93 -29.60
N GLN V 138 27.19 -98.55 -28.83
CA GLN V 138 26.35 -99.62 -29.38
C GLN V 138 27.19 -100.76 -29.98
N ILE V 139 27.77 -101.58 -29.11
CA ILE V 139 28.49 -102.76 -29.58
C ILE V 139 27.60 -103.63 -30.46
N LEU V 140 28.14 -104.09 -31.57
CA LEU V 140 27.50 -105.12 -32.39
C LEU V 140 28.47 -106.26 -32.64
N SER V 141 27.91 -107.45 -32.83
CA SER V 141 28.68 -108.63 -33.17
C SER V 141 27.96 -109.39 -34.27
N ASN V 142 28.61 -109.52 -35.42
CA ASN V 142 28.14 -110.38 -36.51
C ASN V 142 28.71 -111.78 -36.38
N GLY V 143 29.40 -112.05 -35.30
CA GLY V 143 30.25 -113.22 -35.14
C GLY V 143 31.68 -112.80 -35.43
N ALA V 144 32.61 -113.34 -34.66
CA ALA V 144 34.02 -112.90 -34.62
C ALA V 144 34.01 -111.38 -34.45
N ASP V 145 34.93 -110.65 -35.07
CA ASP V 145 34.94 -109.21 -35.33
C ASP V 145 34.38 -108.35 -34.19
N THR V 146 33.70 -107.27 -34.58
CA THR V 146 32.78 -106.39 -33.84
C THR V 146 32.50 -105.20 -34.73
N THR V 147 31.44 -104.45 -34.44
CA THR V 147 31.21 -103.17 -35.09
C THR V 147 30.59 -102.23 -34.05
N TYR V 148 30.83 -100.94 -34.25
CA TYR V 148 30.35 -99.91 -33.34
C TYR V 148 29.61 -98.87 -34.18
N ASN V 149 28.30 -98.79 -34.01
CA ASN V 149 27.50 -97.95 -34.90
C ASN V 149 27.40 -96.54 -34.36
N ASN V 150 28.17 -96.25 -33.31
CA ASN V 150 27.91 -95.13 -32.43
C ASN V 150 26.49 -95.32 -31.92
N ASP V 151 25.78 -94.23 -31.65
CA ASP V 151 24.41 -94.31 -31.19
C ASP V 151 23.98 -92.89 -30.84
N LEU V 152 22.67 -92.68 -30.83
CA LEU V 152 22.08 -91.53 -30.21
C LEU V 152 20.86 -92.03 -29.46
N THR V 153 20.13 -91.13 -28.83
CA THR V 153 18.97 -91.49 -28.04
C THR V 153 19.29 -92.60 -27.06
N ALA V 154 20.44 -92.52 -26.42
CA ALA V 154 20.83 -93.45 -25.36
C ALA V 154 21.28 -92.63 -24.16
N GLY V 155 21.45 -93.29 -23.02
CA GLY V 155 21.61 -92.58 -21.77
C GLY V 155 22.59 -93.27 -20.84
N VAL V 156 23.01 -92.50 -19.85
CA VAL V 156 23.97 -92.93 -18.85
C VAL V 156 23.53 -92.39 -17.50
N HIS V 157 23.42 -93.28 -16.53
CA HIS V 157 23.08 -92.88 -15.17
C HIS V 157 24.34 -92.41 -14.47
N ILE V 158 24.24 -91.30 -13.76
CA ILE V 158 25.35 -90.77 -12.99
C ILE V 158 24.84 -90.36 -11.62
N PHE V 159 25.43 -90.91 -10.59
CA PHE V 159 24.95 -90.72 -9.23
C PHE V 159 26.13 -90.43 -8.31
N CYS V 160 25.94 -89.49 -7.39
CA CYS V 160 26.96 -89.11 -6.44
C CYS V 160 26.42 -89.23 -5.02
N ASP V 161 27.31 -89.49 -4.06
CA ASP V 161 26.95 -89.56 -2.65
C ASP V 161 27.37 -88.29 -1.94
N GLY V 162 26.40 -87.46 -1.56
CA GLY V 162 26.71 -86.36 -0.69
C GLY V 162 26.50 -86.74 0.77
N GLU V 163 25.62 -87.71 0.99
CA GLU V 163 25.31 -88.16 2.34
C GLU V 163 26.18 -89.31 2.79
N HIS V 164 26.89 -89.95 1.87
CA HIS V 164 27.60 -91.20 2.11
C HIS V 164 26.70 -92.28 2.67
N ALA V 165 25.41 -92.23 2.36
CA ALA V 165 24.64 -93.45 2.36
C ALA V 165 25.18 -94.34 1.27
N TYR V 166 24.90 -95.63 1.37
CA TYR V 166 25.43 -96.69 0.51
C TYR V 166 26.84 -97.08 0.94
N PRO V 167 27.22 -98.33 0.68
CA PRO V 167 28.44 -98.89 1.27
C PRO V 167 29.77 -98.30 0.80
N ASN V 168 29.79 -97.39 -0.17
CA ASN V 168 30.97 -96.63 -0.60
C ASN V 168 32.21 -97.49 -0.90
N ALA V 169 32.24 -98.07 -2.10
CA ALA V 169 33.26 -99.04 -2.50
C ALA V 169 34.68 -98.59 -2.14
N THR V 170 34.98 -97.30 -2.29
CA THR V 170 36.36 -96.85 -2.22
C THR V 170 37.06 -97.33 -0.96
N HIS V 171 38.18 -98.01 -1.16
CA HIS V 171 39.11 -98.45 -0.14
C HIS V 171 40.45 -97.85 -0.49
N PRO V 172 41.25 -97.45 0.50
CA PRO V 172 42.45 -96.65 0.17
C PRO V 172 43.34 -97.22 -0.90
N TRP V 173 43.73 -98.47 -0.84
CA TRP V 173 44.75 -98.95 -1.78
C TRP V 173 44.09 -99.42 -3.07
N ASP V 174 43.40 -100.54 -3.02
CA ASP V 174 42.66 -101.08 -4.16
C ASP V 174 43.59 -101.09 -5.37
N GLU V 175 43.14 -100.59 -6.51
CA GLU V 175 43.84 -100.66 -7.78
C GLU V 175 43.50 -99.33 -8.45
N ASP V 176 43.76 -99.24 -9.75
CA ASP V 176 43.05 -98.32 -10.64
C ASP V 176 43.18 -96.89 -10.11
N VAL V 177 42.11 -96.28 -9.59
CA VAL V 177 41.99 -94.85 -9.36
C VAL V 177 42.17 -94.27 -10.75
N MET V 178 42.72 -93.09 -10.87
CA MET V 178 42.99 -92.56 -12.20
C MET V 178 44.33 -93.10 -12.64
N PRO V 179 44.53 -93.36 -13.94
CA PRO V 179 45.86 -93.72 -14.37
C PRO V 179 46.78 -92.54 -14.10
N GLU V 180 47.91 -92.82 -13.45
CA GLU V 180 48.81 -91.74 -13.09
C GLU V 180 49.22 -90.93 -14.30
N LEU V 181 49.08 -91.50 -15.49
CA LEU V 181 49.53 -90.94 -16.73
C LEU V 181 48.32 -90.56 -17.56
N PRO V 182 48.13 -89.31 -17.98
CA PRO V 182 46.97 -89.00 -18.83
C PRO V 182 47.05 -89.70 -20.17
N TYR V 183 46.13 -89.40 -21.08
CA TYR V 183 46.04 -90.04 -22.41
C TYR V 183 45.82 -91.53 -22.29
N GLN V 184 45.92 -92.06 -21.08
CA GLN V 184 45.72 -93.47 -20.82
C GLN V 184 44.26 -93.66 -20.44
N THR V 185 43.53 -94.42 -21.24
CA THR V 185 42.11 -94.57 -21.01
C THR V 185 41.86 -95.23 -19.67
N TRP V 186 40.78 -94.85 -19.01
CA TRP V 186 40.53 -95.24 -17.65
C TRP V 186 39.32 -96.17 -17.59
N TYR V 187 39.56 -97.45 -17.35
CA TYR V 187 38.50 -98.43 -17.28
C TYR V 187 37.93 -98.44 -15.88
N LEU V 188 36.62 -98.22 -15.78
CA LEU V 188 35.95 -98.24 -14.50
C LEU V 188 35.78 -99.66 -13.99
N PHE V 189 35.53 -99.77 -12.70
CA PHE V 189 35.40 -101.05 -12.03
C PHE V 189 34.03 -101.17 -11.38
N GLN V 190 33.56 -102.41 -11.31
CA GLN V 190 32.21 -102.67 -10.84
C GLN V 190 32.07 -102.33 -9.36
N TYR V 191 30.90 -101.81 -8.99
CA TYR V 191 30.62 -101.49 -7.61
C TYR V 191 30.04 -102.69 -6.90
N GLY V 192 30.58 -103.01 -5.73
CA GLY V 192 30.09 -104.10 -4.94
C GLY V 192 30.35 -103.79 -3.47
N TYR V 193 29.74 -104.59 -2.61
CA TYR V 193 29.93 -104.37 -1.18
C TYR V 193 29.65 -105.66 -0.43
N ILE V 194 30.20 -105.73 0.77
CA ILE V 194 29.96 -106.87 1.66
C ILE V 194 28.71 -106.59 2.48
N PRO V 195 27.60 -107.29 2.24
CA PRO V 195 26.44 -107.09 3.12
C PRO V 195 26.68 -107.56 4.54
N VAL V 196 27.23 -108.77 4.71
CA VAL V 196 27.49 -109.36 6.02
C VAL V 196 28.60 -110.38 5.88
N ILE V 197 29.33 -110.61 6.98
CA ILE V 197 30.34 -111.66 7.03
C ILE V 197 29.71 -112.98 6.57
N HIS V 198 30.38 -113.66 5.64
CA HIS V 198 29.79 -114.89 5.09
C HIS V 198 29.65 -115.96 6.16
N GLU V 199 30.73 -116.30 6.83
CA GLU V 199 30.58 -117.07 8.06
C GLU V 199 29.76 -116.23 9.03
N LEU V 200 29.13 -116.89 10.00
CA LEU V 200 28.14 -116.20 10.82
C LEU V 200 26.96 -115.76 9.96
N ALA V 201 26.01 -116.69 9.73
CA ALA V 201 25.02 -116.74 8.64
C ALA V 201 25.38 -117.71 7.51
N GLU V 202 26.46 -118.47 7.64
CA GLU V 202 26.77 -119.47 6.62
C GLU V 202 25.59 -120.37 6.16
N MET V 203 24.73 -120.90 7.04
CA MET V 203 24.86 -120.99 8.49
C MET V 203 24.76 -122.47 8.85
N GLU V 204 25.27 -122.85 10.02
CA GLU V 204 25.38 -124.27 10.33
C GLU V 204 24.17 -124.74 11.15
N ASP V 205 23.31 -125.53 10.49
CA ASP V 205 22.20 -126.22 11.12
C ASP V 205 21.41 -125.30 12.03
N SER V 206 20.95 -125.83 13.17
CA SER V 206 20.51 -125.04 14.33
C SER V 206 19.58 -123.86 13.84
N ASN V 207 19.80 -122.54 14.01
CA ASN V 207 20.79 -121.84 14.82
C ASN V 207 20.12 -120.70 15.59
N ALA V 208 19.56 -119.78 14.82
CA ALA V 208 18.78 -118.63 15.27
C ALA V 208 19.67 -117.50 15.76
N VAL V 209 20.93 -117.81 16.09
CA VAL V 209 21.91 -116.75 16.30
C VAL V 209 22.52 -116.30 14.98
N GLU V 210 22.77 -117.24 14.07
CA GLU V 210 23.17 -116.87 12.72
C GLU V 210 21.99 -116.71 11.79
N LYS V 211 20.80 -117.17 12.21
CA LYS V 211 19.60 -116.85 11.45
C LYS V 211 19.36 -115.35 11.49
N ALA V 212 19.32 -114.78 12.69
CA ALA V 212 19.58 -113.35 12.79
C ALA V 212 21.01 -113.09 12.36
N ILE V 213 21.24 -111.88 11.86
CA ILE V 213 22.46 -111.45 11.17
C ILE V 213 22.45 -111.98 9.74
N CYS V 214 21.71 -113.06 9.49
CA CYS V 214 21.38 -113.41 8.12
C CYS V 214 20.12 -112.68 7.66
N LEU V 215 19.12 -112.63 8.53
CA LEU V 215 17.90 -111.89 8.23
C LEU V 215 18.17 -110.40 8.14
N GLN V 216 19.15 -109.92 8.88
CA GLN V 216 19.34 -108.47 8.97
C GLN V 216 20.28 -107.94 7.91
N ILE V 217 20.75 -108.76 6.98
CA ILE V 217 21.73 -108.27 6.02
C ILE V 217 21.02 -107.19 5.22
N PRO V 218 21.55 -105.98 5.18
CA PRO V 218 20.90 -104.92 4.40
C PRO V 218 21.19 -105.11 2.93
N PHE V 219 20.28 -104.60 2.11
CA PHE V 219 20.42 -104.66 0.67
C PHE V 219 20.25 -103.26 0.11
N PHE V 220 21.33 -102.73 -0.45
CA PHE V 220 21.37 -101.37 -0.94
C PHE V 220 21.28 -101.38 -2.45
N MET V 221 20.61 -100.37 -2.98
CA MET V 221 20.38 -100.25 -4.41
C MET V 221 20.59 -98.80 -4.77
N LEU V 222 21.28 -98.55 -5.86
CA LEU V 222 21.53 -97.18 -6.26
C LEU V 222 20.39 -96.60 -7.06
N GLU V 223 19.29 -97.33 -7.22
CA GLU V 223 18.18 -96.77 -7.97
C GLU V 223 17.42 -95.80 -7.09
N ASN V 224 16.59 -96.28 -6.15
CA ASN V 224 16.36 -95.59 -4.89
C ASN V 224 16.46 -94.08 -5.03
N SER V 225 17.40 -93.49 -4.32
CA SER V 225 17.66 -92.06 -4.42
C SER V 225 17.89 -91.64 -5.87
N ASP V 226 17.36 -90.48 -6.23
CA ASP V 226 17.36 -90.04 -7.61
C ASP V 226 18.75 -89.68 -8.10
N HIS V 227 18.92 -89.72 -9.42
CA HIS V 227 20.19 -89.40 -10.05
C HIS V 227 19.93 -89.01 -11.49
N GLU V 228 20.95 -88.41 -12.10
CA GLU V 228 20.80 -87.86 -13.43
C GLU V 228 21.10 -88.90 -14.49
N VAL V 229 20.34 -88.85 -15.57
CA VAL V 229 20.64 -89.59 -16.79
C VAL V 229 21.12 -88.57 -17.81
N LEU V 230 22.04 -88.97 -18.67
CA LEU V 230 22.62 -88.07 -19.64
C LEU V 230 22.64 -88.72 -21.00
N ARG V 231 22.13 -88.01 -22.00
CA ARG V 231 22.46 -88.39 -23.36
C ARG V 231 23.81 -87.78 -23.71
N THR V 232 24.16 -87.83 -24.99
CA THR V 232 25.48 -87.34 -25.40
C THR V 232 25.67 -85.86 -25.10
N GLY V 233 24.80 -84.99 -25.61
CA GLY V 233 25.03 -83.57 -25.51
C GLY V 233 25.12 -83.03 -24.09
N GLU V 234 24.55 -83.74 -23.13
CA GLU V 234 24.53 -83.29 -21.75
C GLU V 234 25.84 -83.60 -21.03
N SER V 235 26.11 -82.85 -19.97
CA SER V 235 27.22 -83.10 -19.07
C SER V 235 26.75 -82.96 -17.62
N THR V 236 27.68 -83.10 -16.68
CA THR V 236 27.38 -82.97 -15.28
C THR V 236 28.61 -82.50 -14.53
N GLU V 237 28.39 -81.71 -13.48
CA GLU V 237 29.45 -81.27 -12.60
C GLU V 237 29.19 -81.77 -11.19
N PHE V 238 30.27 -81.90 -10.42
CA PHE V 238 30.18 -82.21 -9.01
C PHE V 238 31.24 -81.44 -8.27
N THR V 239 30.92 -80.96 -7.08
CA THR V 239 31.87 -80.26 -6.24
C THR V 239 32.00 -80.98 -4.92
N PHE V 240 33.12 -80.73 -4.24
CA PHE V 240 33.36 -81.32 -2.94
C PHE V 240 34.18 -80.35 -2.12
N ASN V 241 33.93 -80.35 -0.83
CA ASN V 241 34.73 -79.58 0.11
C ASN V 241 35.22 -80.52 1.19
N PHE V 242 36.39 -80.21 1.74
CA PHE V 242 37.08 -81.12 2.65
C PHE V 242 37.25 -80.46 4.01
N ASP V 243 36.73 -81.11 5.04
CA ASP V 243 37.20 -80.89 6.40
C ASP V 243 38.29 -81.93 6.61
N CYS V 244 39.53 -81.47 6.69
CA CYS V 244 40.64 -82.36 6.43
C CYS V 244 41.86 -81.93 7.23
N GLU V 245 42.63 -82.91 7.67
CA GLU V 245 43.84 -82.66 8.42
C GLU V 245 45.03 -82.48 7.49
N TRP V 246 45.92 -81.57 7.86
CA TRP V 246 47.14 -81.38 7.10
C TRP V 246 47.95 -82.66 7.06
N ILE V 247 48.67 -82.87 5.96
CA ILE V 247 49.72 -83.87 5.91
C ILE V 247 51.04 -83.10 5.83
N ASN V 248 51.94 -83.41 6.74
CA ASN V 248 53.11 -82.57 6.98
C ASN V 248 54.34 -83.15 6.31
N ASN V 249 54.98 -82.35 5.48
CA ASN V 249 56.29 -82.66 4.93
C ASN V 249 57.31 -81.88 5.73
N GLU V 250 58.05 -82.59 6.58
CA GLU V 250 58.91 -82.03 7.61
C GLU V 250 59.66 -83.20 8.22
N ARG V 251 60.76 -82.88 8.88
CA ARG V 251 61.66 -83.89 9.40
C ARG V 251 62.17 -83.46 10.75
N ALA V 252 62.12 -84.35 11.72
CA ALA V 252 62.72 -84.11 13.02
C ALA V 252 64.15 -84.64 12.98
N TYR V 253 65.11 -83.76 13.16
CA TYR V 253 66.51 -84.15 13.13
C TYR V 253 66.96 -84.86 14.39
N ILE V 254 66.16 -84.80 15.46
CA ILE V 254 66.46 -85.51 16.70
C ILE V 254 65.17 -86.08 17.26
N PRO V 255 65.27 -87.13 18.07
CA PRO V 255 64.11 -87.62 18.80
C PRO V 255 63.57 -86.53 19.71
N PRO V 256 62.29 -86.59 20.07
CA PRO V 256 61.75 -85.57 20.96
C PRO V 256 62.36 -85.61 22.35
N GLY V 257 62.83 -86.77 22.79
CA GLY V 257 63.48 -86.86 24.08
C GLY V 257 64.92 -86.39 24.10
N LEU V 258 65.46 -86.04 22.95
CA LEU V 258 66.85 -85.61 22.84
C LEU V 258 66.99 -84.09 22.91
N MET V 259 65.90 -83.39 23.20
CA MET V 259 65.92 -81.93 23.24
C MET V 259 66.30 -81.47 24.63
N PHE V 260 67.50 -80.92 24.75
CA PHE V 260 67.99 -80.35 26.00
C PHE V 260 69.38 -79.80 25.74
N ASN V 261 69.83 -78.93 26.63
CA ASN V 261 71.18 -78.43 26.54
C ASN V 261 72.08 -79.36 27.33
N PRO V 262 72.89 -80.17 26.65
CA PRO V 262 73.71 -81.15 27.39
C PRO V 262 74.83 -80.53 28.17
N LEU V 263 75.15 -79.26 27.89
CA LEU V 263 76.19 -78.59 28.65
C LEU V 263 75.74 -78.33 30.09
N VAL V 264 74.48 -77.94 30.26
CA VAL V 264 74.01 -77.52 31.58
C VAL V 264 73.79 -78.73 32.46
N PRO V 265 74.27 -78.73 33.70
CA PRO V 265 73.98 -79.84 34.61
C PRO V 265 72.49 -79.88 34.94
N THR V 266 72.06 -81.04 35.42
CA THR V 266 70.66 -81.24 35.74
C THR V 266 70.49 -81.45 37.24
N ARG V 267 69.35 -81.03 37.78
CA ARG V 267 68.99 -81.38 39.14
C ARG V 267 68.00 -82.53 39.14
N ARG V 268 68.51 -83.71 39.42
CA ARG V 268 67.77 -84.96 39.37
C ARG V 268 68.70 -86.05 39.88
N ALA V 269 68.17 -87.21 40.23
CA ALA V 269 69.01 -88.26 40.76
C ALA V 269 68.50 -89.61 40.31
N GLN V 270 69.40 -90.58 40.31
CA GLN V 270 69.11 -91.95 39.92
C GLN V 270 69.39 -92.85 41.11
N TYR V 271 68.35 -93.43 41.67
CA TYR V 271 68.52 -94.53 42.60
C TYR V 271 68.53 -95.80 41.77
N ILE V 272 69.45 -96.69 42.06
CA ILE V 272 69.57 -97.96 41.36
C ILE V 272 69.52 -99.09 42.36
N ARG V 273 68.58 -100.01 42.16
CA ARG V 273 68.37 -101.10 43.10
C ARG V 273 69.62 -101.99 43.19
N ARG V 274 69.76 -102.68 44.31
CA ARG V 274 70.76 -103.72 44.44
C ARG V 274 70.66 -104.69 43.27
N ASN V 275 71.80 -105.00 42.66
CA ASN V 275 71.77 -105.69 41.38
C ASN V 275 71.46 -107.16 41.53
N ASN V 276 71.78 -107.75 42.70
CA ASN V 276 71.51 -109.16 42.96
C ASN V 276 72.08 -110.04 41.86
N ASN V 277 73.41 -110.16 41.86
CA ASN V 277 74.22 -110.69 40.77
C ASN V 277 74.21 -109.65 39.64
N PRO V 278 75.33 -109.50 38.93
CA PRO V 278 76.66 -109.95 39.34
C PRO V 278 77.20 -109.28 40.62
N GLN V 279 77.06 -107.95 40.70
CA GLN V 279 77.81 -107.16 41.66
C GLN V 279 77.23 -105.75 41.69
N THR V 280 77.95 -104.79 42.28
CA THR V 280 77.56 -103.38 42.30
C THR V 280 76.28 -103.11 43.09
N ALA V 281 76.41 -103.09 44.41
CA ALA V 281 75.30 -102.79 45.30
C ALA V 281 74.75 -101.39 45.05
N GLU V 282 73.52 -101.18 45.52
CA GLU V 282 72.74 -100.01 45.17
C GLU V 282 73.48 -98.71 45.49
N SER V 283 73.24 -97.70 44.66
CA SER V 283 73.80 -96.37 44.88
C SER V 283 72.89 -95.34 44.22
N THR V 284 72.90 -94.14 44.79
CA THR V 284 72.23 -92.99 44.19
C THR V 284 73.26 -92.03 43.64
N SER V 285 72.91 -91.34 42.55
CA SER V 285 73.85 -90.45 41.89
C SER V 285 73.08 -89.41 41.10
N ARG V 286 73.75 -88.31 40.80
CA ARG V 286 73.16 -87.27 39.97
C ARG V 286 73.21 -87.67 38.51
N ILE V 287 72.15 -87.34 37.77
CA ILE V 287 72.10 -87.63 36.36
C ILE V 287 73.11 -86.78 35.62
N ALA V 288 73.84 -87.40 34.70
CA ALA V 288 74.88 -86.70 33.97
C ALA V 288 74.29 -85.54 33.18
N PRO V 289 75.10 -84.52 32.90
CA PRO V 289 74.57 -83.36 32.15
C PRO V 289 74.05 -83.75 30.78
N TYR V 290 74.82 -84.52 30.04
CA TYR V 290 74.31 -85.20 28.86
C TYR V 290 73.33 -86.29 29.31
N ALA V 291 72.49 -86.72 28.38
CA ALA V 291 71.58 -87.84 28.63
C ALA V 291 70.66 -87.55 29.81
N LYS V 292 70.00 -86.42 29.75
CA LYS V 292 69.00 -86.11 30.74
C LYS V 292 67.74 -86.91 30.48
N PRO V 293 66.98 -87.24 31.52
CA PRO V 293 65.73 -87.98 31.31
C PRO V 293 64.73 -87.15 30.55
N THR V 294 63.72 -87.83 30.03
CA THR V 294 62.73 -87.17 29.21
C THR V 294 61.33 -87.62 29.56
N SER V 295 60.37 -86.77 29.23
CA SER V 295 59.00 -87.15 28.97
C SER V 295 58.92 -87.67 27.54
N TRP V 296 57.71 -87.70 27.00
CA TRP V 296 57.57 -87.92 25.58
C TRP V 296 57.96 -89.33 25.17
N MET V 297 57.08 -90.25 25.51
CA MET V 297 57.08 -91.65 25.16
C MET V 297 56.99 -91.83 23.64
N THR V 298 57.42 -93.00 23.17
CA THR V 298 57.35 -93.32 21.75
C THR V 298 55.93 -93.65 21.33
N GLY V 299 55.67 -93.49 20.04
CA GLY V 299 54.38 -93.80 19.48
C GLY V 299 54.06 -95.29 19.58
N PRO V 300 52.77 -95.61 19.51
CA PRO V 300 52.36 -97.00 19.72
C PRO V 300 52.58 -97.87 18.49
N GLY V 301 52.72 -99.16 18.73
CA GLY V 301 52.83 -100.14 17.67
C GLY V 301 52.50 -101.50 18.22
N LEU V 302 52.33 -102.47 17.32
CA LEU V 302 52.18 -103.87 17.71
C LEU V 302 53.17 -104.69 16.91
N LEU V 303 54.23 -105.16 17.57
CA LEU V 303 55.29 -105.91 16.92
C LEU V 303 55.31 -107.40 17.19
N SER V 304 54.43 -107.94 18.03
CA SER V 304 54.66 -109.32 18.48
C SER V 304 54.20 -110.35 17.47
N ALA V 305 53.08 -110.08 16.79
CA ALA V 305 52.39 -111.05 15.97
C ALA V 305 53.19 -111.40 14.72
N GLN V 306 52.81 -112.51 14.09
CA GLN V 306 53.35 -112.93 12.80
C GLN V 306 52.21 -113.35 11.90
N ARG V 307 52.31 -113.01 10.62
CA ARG V 307 51.27 -113.41 9.66
C ARG V 307 51.10 -114.92 9.66
N VAL V 308 49.85 -115.35 9.52
CA VAL V 308 49.45 -116.71 9.84
C VAL V 308 48.96 -117.42 8.59
N GLY V 309 49.72 -118.42 8.15
CA GLY V 309 49.22 -119.39 7.20
C GLY V 309 49.45 -119.00 5.76
N PRO V 310 48.77 -119.71 4.85
CA PRO V 310 49.03 -119.52 3.43
C PRO V 310 48.39 -118.24 2.91
N ALA V 311 48.92 -117.77 1.78
CA ALA V 311 48.35 -116.61 1.12
C ALA V 311 46.96 -116.96 0.58
N THR V 312 46.18 -115.92 0.30
CA THR V 312 44.78 -115.93 -0.12
C THR V 312 43.87 -116.26 1.05
N SER V 313 44.41 -116.59 2.21
CA SER V 313 43.64 -116.85 3.42
C SER V 313 43.50 -115.61 4.31
N ASP V 314 43.93 -114.45 3.83
CA ASP V 314 43.94 -113.22 4.63
C ASP V 314 44.86 -113.35 5.84
N THR V 315 46.16 -113.32 5.61
CA THR V 315 47.10 -113.35 6.72
C THR V 315 47.44 -111.93 7.12
N GLY V 316 46.91 -111.49 8.26
CA GLY V 316 47.14 -110.12 8.69
C GLY V 316 48.09 -109.96 9.86
N ALA V 317 48.37 -111.05 10.56
CA ALA V 317 49.06 -111.16 11.83
C ALA V 317 48.24 -110.58 12.98
N TRP V 318 47.24 -109.75 12.69
CA TRP V 318 46.28 -109.29 13.69
C TRP V 318 44.92 -109.34 13.03
N MET V 319 44.03 -110.17 13.54
CA MET V 319 42.68 -110.27 13.02
C MET V 319 41.74 -109.62 14.02
N VAL V 320 40.89 -108.72 13.54
CA VAL V 320 39.98 -108.01 14.43
C VAL V 320 38.75 -108.88 14.72
N ALA V 321 38.20 -109.51 13.70
CA ALA V 321 37.03 -110.38 13.78
C ALA V 321 35.85 -109.80 14.54
N VAL V 322 35.03 -110.67 15.11
CA VAL V 322 33.86 -110.30 15.91
C VAL V 322 33.69 -111.24 17.09
N LYS V 323 33.44 -112.51 16.82
CA LYS V 323 33.10 -113.51 17.82
C LYS V 323 31.85 -113.18 18.63
N PRO V 324 30.66 -113.23 18.01
CA PRO V 324 29.43 -113.25 18.80
C PRO V 324 29.40 -114.48 19.69
N GLU V 325 28.57 -114.41 20.73
CA GLU V 325 28.74 -115.31 21.87
C GLU V 325 28.50 -116.77 21.48
N ASN V 326 27.46 -117.02 20.68
CA ASN V 326 27.26 -118.39 20.21
C ASN V 326 27.68 -118.54 18.76
N ALA V 327 26.82 -118.09 17.85
CA ALA V 327 27.00 -118.19 16.40
C ALA V 327 27.40 -119.63 16.05
N SER V 328 28.26 -119.76 15.05
CA SER V 328 29.06 -120.96 14.82
C SER V 328 30.19 -120.55 13.90
N ILE V 329 31.28 -121.30 13.94
CA ILE V 329 32.47 -120.91 13.20
C ILE V 329 33.13 -122.15 12.63
N ASP V 330 33.55 -122.04 11.37
CA ASP V 330 34.30 -123.07 10.69
C ASP V 330 35.76 -122.99 11.15
N THR V 331 36.67 -123.66 10.44
CA THR V 331 38.07 -123.41 10.67
C THR V 331 38.33 -121.91 10.62
N GLY V 332 39.10 -121.41 11.58
CA GLY V 332 39.22 -119.99 11.77
C GLY V 332 38.57 -119.47 13.04
N MET V 333 38.85 -118.25 13.51
CA MET V 333 39.81 -117.25 13.00
C MET V 333 39.77 -117.03 11.48
N SER V 334 40.90 -117.22 10.79
CA SER V 334 40.97 -117.20 9.33
C SER V 334 40.40 -115.85 8.75
N GLY V 335 39.30 -115.73 8.00
CA GLY V 335 38.10 -116.56 7.93
C GLY V 335 36.93 -115.87 8.61
N ILE V 336 37.26 -114.98 9.55
CA ILE V 336 36.33 -113.99 10.07
C ILE V 336 37.15 -112.73 10.34
N GLY V 337 36.52 -111.59 10.16
CA GLY V 337 37.19 -110.32 10.38
C GLY V 337 38.31 -110.06 9.42
N SER V 338 39.06 -109.00 9.71
CA SER V 338 40.01 -108.43 8.78
C SER V 338 41.40 -108.40 9.39
N GLY V 339 42.41 -108.53 8.53
CA GLY V 339 43.77 -108.36 9.01
C GLY V 339 44.10 -106.89 9.21
N PHE V 340 44.81 -106.60 10.29
CA PHE V 340 45.22 -105.24 10.61
C PHE V 340 46.63 -105.02 10.08
N ASP V 341 46.78 -104.04 9.20
CA ASP V 341 48.03 -103.86 8.48
C ASP V 341 48.30 -102.37 8.23
N PRO V 342 49.56 -101.94 8.33
CA PRO V 342 50.68 -102.50 9.09
C PRO V 342 50.64 -102.20 10.57
N PRO V 343 50.76 -103.20 11.43
CA PRO V 343 51.38 -102.98 12.73
C PRO V 343 52.90 -103.19 12.69
N GLN V 344 53.78 -102.41 13.34
CA GLN V 344 53.73 -100.97 13.50
C GLN V 344 52.43 -100.43 14.16
N GLY V 345 51.86 -99.24 13.85
CA GLY V 345 52.43 -98.09 13.17
C GLY V 345 53.62 -97.51 13.90
N SER V 346 54.32 -96.58 13.24
CA SER V 346 55.56 -96.03 13.75
C SER V 346 56.51 -97.15 14.16
N LEU V 347 57.18 -96.99 15.29
CA LEU V 347 57.80 -98.08 16.02
C LEU V 347 58.57 -99.02 15.10
N ALA V 348 59.75 -98.61 14.64
CA ALA V 348 60.38 -99.18 13.46
C ALA V 348 60.32 -100.70 13.45
N PRO V 349 59.92 -101.31 12.36
CA PRO V 349 59.62 -102.75 12.35
C PRO V 349 60.86 -103.62 12.42
N THR V 350 60.63 -104.89 12.73
CA THR V 350 61.70 -105.88 12.81
C THR V 350 62.09 -106.34 11.42
N ASN V 351 61.21 -107.06 10.73
CA ASN V 351 61.56 -107.54 9.41
C ASN V 351 60.57 -107.02 8.37
N LEU V 352 60.77 -107.49 7.14
CA LEU V 352 60.01 -107.06 5.98
C LEU V 352 58.51 -107.27 6.17
N GLU V 353 58.14 -108.21 7.04
CA GLU V 353 56.75 -108.61 7.18
C GLU V 353 55.85 -107.45 7.59
N TYR V 354 56.40 -106.46 8.29
CA TYR V 354 55.66 -105.29 8.74
C TYR V 354 55.85 -104.07 7.87
N LYS V 355 56.63 -104.17 6.80
CA LYS V 355 57.21 -103.01 6.14
C LYS V 355 56.31 -102.44 5.05
N ILE V 356 55.07 -102.88 5.01
CA ILE V 356 54.11 -102.70 3.91
C ILE V 356 54.75 -103.27 2.65
N GLN V 357 54.27 -102.84 1.48
CA GLN V 357 54.76 -103.25 0.17
C GLN V 357 53.68 -102.84 -0.82
N TRP V 358 53.98 -102.72 -2.11
CA TRP V 358 52.93 -102.73 -3.12
C TRP V 358 53.57 -102.96 -4.47
N TYR V 359 52.74 -103.38 -5.44
CA TYR V 359 53.29 -103.77 -6.74
C TYR V 359 53.25 -102.65 -7.75
N GLN V 360 52.54 -101.57 -7.46
CA GLN V 360 52.40 -100.41 -8.36
C GLN V 360 52.15 -100.82 -9.80
N THR V 361 51.43 -101.93 -10.00
CA THR V 361 51.19 -102.51 -11.32
C THR V 361 50.30 -103.73 -11.15
N PRO V 362 49.27 -103.87 -11.98
CA PRO V 362 48.47 -105.10 -11.92
C PRO V 362 49.20 -106.31 -12.46
N GLN V 363 50.13 -106.11 -13.39
CA GLN V 363 50.88 -107.25 -13.92
C GLN V 363 51.92 -107.77 -12.94
N GLY V 364 52.08 -107.11 -11.80
CA GLY V 364 53.09 -107.50 -10.85
C GLY V 364 52.94 -108.90 -10.30
N THR V 365 53.96 -109.74 -10.47
CA THR V 365 53.98 -111.08 -9.94
C THR V 365 54.49 -111.03 -8.50
N ASN V 366 54.81 -112.19 -7.92
CA ASN V 366 55.20 -112.23 -6.52
C ASN V 366 56.36 -111.28 -6.23
N ASN V 367 57.49 -111.46 -6.90
CA ASN V 367 58.55 -110.46 -6.90
C ASN V 367 58.70 -109.91 -8.30
N ASN V 368 58.18 -108.71 -8.50
CA ASN V 368 58.21 -107.88 -9.71
C ASN V 368 57.39 -106.67 -9.35
N GLY V 369 57.60 -105.54 -10.00
CA GLY V 369 57.02 -104.34 -9.41
C GLY V 369 57.56 -104.30 -7.99
N ASN V 370 56.64 -104.37 -7.03
CA ASN V 370 56.98 -104.82 -5.68
C ASN V 370 57.92 -103.85 -4.97
N ILE V 371 57.60 -102.57 -5.01
CA ILE V 371 58.41 -101.61 -4.29
C ILE V 371 58.02 -101.64 -2.81
N ILE V 372 59.02 -101.61 -1.96
CA ILE V 372 58.82 -101.85 -0.54
C ILE V 372 59.10 -100.56 0.21
N SER V 373 58.28 -100.27 1.22
CA SER V 373 58.48 -99.07 2.00
C SER V 373 59.80 -99.11 2.74
N ASN V 374 60.31 -97.94 3.10
CA ASN V 374 61.63 -97.81 3.69
C ASN V 374 61.57 -96.75 4.78
N GLN V 375 62.63 -96.65 5.56
CA GLN V 375 62.63 -95.67 6.63
C GLN V 375 62.91 -94.27 6.08
N PRO V 376 62.16 -93.26 6.51
CA PRO V 376 62.40 -91.89 6.03
C PRO V 376 63.71 -91.32 6.51
N LEU V 377 64.32 -91.92 7.52
CA LEU V 377 65.47 -91.42 8.27
C LEU V 377 65.08 -90.24 9.14
N SER V 378 63.83 -89.79 9.07
CA SER V 378 63.28 -88.90 10.09
C SER V 378 63.37 -89.56 11.44
N MET V 379 63.59 -88.76 12.49
CA MET V 379 63.86 -89.30 13.80
C MET V 379 62.63 -89.49 14.65
N LEU V 380 61.43 -89.26 14.13
CA LEU V 380 60.29 -89.27 15.03
C LEU V 380 59.74 -90.60 15.52
N ARG V 381 59.09 -91.52 14.78
CA ARG V 381 59.18 -92.04 13.38
C ARG V 381 60.11 -93.29 13.31
N ASP V 382 60.84 -93.58 14.37
CA ASP V 382 61.56 -94.85 14.42
C ASP V 382 61.16 -95.61 15.67
N GLN V 383 61.48 -95.04 16.84
CA GLN V 383 60.76 -95.33 18.08
C GLN V 383 60.79 -96.81 18.45
N ALA V 384 61.95 -97.23 18.93
CA ALA V 384 61.97 -98.48 19.67
C ALA V 384 61.44 -98.24 21.09
N LEU V 385 61.40 -99.31 21.88
CA LEU V 385 61.20 -99.19 23.31
C LEU V 385 61.80 -100.43 23.96
N PHE V 386 62.36 -100.27 25.15
CA PHE V 386 63.31 -101.24 25.68
C PHE V 386 62.90 -101.85 27.01
N ARG V 387 62.64 -101.04 28.04
CA ARG V 387 62.27 -101.59 29.34
C ARG V 387 63.43 -102.46 29.84
N GLY V 388 63.14 -103.52 30.61
CA GLY V 388 64.13 -104.49 31.02
C GLY V 388 65.33 -103.92 31.75
N ASN V 389 66.31 -104.76 32.02
CA ASN V 389 66.07 -106.11 32.53
C ASN V 389 66.47 -106.02 33.99
N GLN V 390 66.95 -104.83 34.36
CA GLN V 390 67.87 -104.50 35.45
C GLN V 390 69.31 -104.74 35.02
N THR V 391 69.53 -105.43 33.91
CA THR V 391 70.85 -105.71 33.37
C THR V 391 70.95 -105.28 31.91
N THR V 392 70.06 -105.78 31.06
CA THR V 392 70.06 -105.47 29.64
C THR V 392 68.71 -104.85 29.28
N TYR V 393 68.70 -104.07 28.20
CA TYR V 393 67.45 -103.60 27.62
C TYR V 393 66.97 -104.61 26.60
N ASN V 394 65.66 -104.86 26.56
CA ASN V 394 65.08 -105.84 25.66
C ASN V 394 63.89 -105.24 24.92
N LEU V 395 64.01 -105.10 23.61
CA LEU V 395 62.94 -104.51 22.81
C LEU V 395 61.61 -105.18 23.11
N CYS V 396 60.59 -104.37 23.39
CA CYS V 396 59.33 -104.86 23.90
C CYS V 396 58.26 -104.80 22.82
N SER V 397 57.50 -105.89 22.71
CA SER V 397 56.32 -105.96 21.88
C SER V 397 55.21 -105.06 22.45
N ASP V 398 54.19 -104.83 21.64
CA ASP V 398 53.10 -103.92 21.96
C ASP V 398 53.61 -102.50 22.04
N VAL V 399 53.50 -101.84 23.20
CA VAL V 399 53.48 -100.38 23.33
C VAL V 399 52.16 -99.81 22.80
N TRP V 400 51.12 -99.92 23.61
CA TRP V 400 49.81 -99.33 23.40
C TRP V 400 49.86 -97.83 23.63
N MET V 401 48.70 -97.18 23.59
CA MET V 401 48.66 -95.74 23.81
C MET V 401 49.05 -95.38 25.23
N PHE V 402 49.71 -94.24 25.37
CA PHE V 402 50.26 -93.76 26.62
C PHE V 402 50.25 -92.24 26.57
N PRO V 403 50.09 -91.57 27.73
CA PRO V 403 49.80 -90.13 27.72
C PRO V 403 50.79 -89.25 26.95
N ASN V 404 52.08 -89.47 27.10
CA ASN V 404 53.04 -88.54 26.55
C ASN V 404 53.51 -88.90 25.15
N GLN V 405 52.90 -89.88 24.52
CA GLN V 405 53.44 -90.40 23.28
C GLN V 405 53.46 -89.36 22.16
N ILE V 406 54.53 -89.41 21.37
CA ILE V 406 54.59 -88.73 20.09
C ILE V 406 55.02 -89.72 19.04
N TRP V 407 54.32 -89.73 17.91
CA TRP V 407 54.76 -90.44 16.74
C TRP V 407 54.54 -89.54 15.56
N ASP V 408 55.11 -89.91 14.44
CA ASP V 408 54.97 -89.14 13.22
C ASP V 408 54.13 -89.96 12.26
N ARG V 409 53.15 -89.31 11.65
CA ARG V 409 52.28 -90.01 10.73
C ARG V 409 53.10 -90.57 9.57
N TYR V 410 52.61 -91.64 8.98
CA TYR V 410 53.36 -92.33 7.94
C TYR V 410 53.79 -91.34 6.86
N PRO V 411 55.04 -91.39 6.40
CA PRO V 411 55.56 -90.34 5.50
C PRO V 411 54.87 -90.27 4.16
N ILE V 412 54.07 -91.28 3.84
CA ILE V 412 53.42 -91.53 2.55
C ILE V 412 54.43 -91.41 1.41
N THR V 413 53.94 -91.04 0.23
CA THR V 413 54.68 -91.02 -1.02
C THR V 413 53.70 -90.70 -2.13
N ARG V 414 54.18 -90.60 -3.37
CA ARG V 414 53.30 -90.27 -4.48
C ARG V 414 52.30 -91.37 -4.78
N GLU V 415 52.57 -92.61 -4.37
CA GLU V 415 51.73 -93.75 -4.72
C GLU V 415 50.57 -93.98 -3.77
N ASN V 416 50.41 -93.16 -2.76
CA ASN V 416 49.49 -93.48 -1.69
C ASN V 416 48.10 -92.96 -1.96
N PRO V 417 47.11 -93.56 -1.31
CA PRO V 417 45.77 -92.96 -1.31
C PRO V 417 45.75 -91.67 -0.52
N ILE V 418 45.00 -90.70 -1.02
CA ILE V 418 44.92 -89.41 -0.37
C ILE V 418 44.15 -89.53 0.94
N TRP V 419 42.96 -90.11 0.90
CA TRP V 419 42.07 -90.13 2.03
C TRP V 419 41.55 -91.54 2.27
N CYS V 420 40.92 -91.70 3.43
CA CYS V 420 40.19 -92.89 3.82
C CYS V 420 38.99 -92.44 4.63
N LYS V 421 37.87 -93.15 4.49
CA LYS V 421 36.68 -92.74 5.21
C LYS V 421 36.74 -93.24 6.64
N LYS V 422 36.51 -92.33 7.59
CA LYS V 422 36.41 -92.70 8.99
C LYS V 422 35.01 -93.22 9.26
N PRO V 423 34.86 -94.49 9.59
CA PRO V 423 33.52 -95.04 9.78
C PRO V 423 32.79 -94.42 10.96
N ARG V 424 31.49 -94.21 10.78
CA ARG V 424 30.67 -93.59 11.81
C ARG V 424 30.50 -94.53 12.98
N SER V 425 30.85 -94.07 14.17
CA SER V 425 30.71 -94.88 15.37
C SER V 425 30.64 -93.95 16.56
N ASP V 426 30.15 -94.48 17.67
CA ASP V 426 30.00 -93.68 18.87
C ASP V 426 31.35 -93.16 19.35
N LYS V 427 32.28 -94.06 19.61
CA LYS V 427 33.54 -93.72 20.23
C LYS V 427 34.70 -94.12 19.34
N HIS V 428 35.79 -93.36 19.43
CA HIS V 428 37.01 -93.71 18.72
C HIS V 428 38.18 -93.00 19.38
N THR V 429 39.37 -93.51 19.09
CA THR V 429 40.63 -92.95 19.56
C THR V 429 41.20 -91.95 18.55
N THR V 430 42.49 -91.66 18.65
CA THR V 430 43.08 -90.50 17.96
C THR V 430 42.80 -90.48 16.46
N ILE V 431 42.57 -91.65 15.85
CA ILE V 431 42.36 -91.77 14.41
C ILE V 431 43.59 -91.30 13.63
N ASP V 432 44.67 -92.05 13.69
CA ASP V 432 45.76 -91.87 12.74
C ASP V 432 45.91 -93.14 11.92
N PRO V 433 45.50 -93.16 10.66
CA PRO V 433 45.66 -94.38 9.86
C PRO V 433 47.12 -94.67 9.59
N PHE V 434 47.48 -95.95 9.69
CA PHE V 434 48.86 -96.35 9.49
C PHE V 434 49.21 -96.57 8.03
N ASP V 435 48.26 -96.36 7.14
CA ASP V 435 48.50 -96.34 5.72
C ASP V 435 48.94 -94.98 5.24
N GLY V 436 49.18 -94.06 6.18
CA GLY V 436 49.23 -92.66 5.83
C GLY V 436 47.82 -92.23 5.50
N SER V 437 47.63 -91.71 4.30
CA SER V 437 46.33 -91.24 3.84
C SER V 437 45.72 -90.27 4.85
N LEU V 438 44.41 -90.33 5.02
CA LEU V 438 43.68 -89.38 5.83
C LEU V 438 42.38 -90.00 6.24
N ALA V 439 41.76 -89.43 7.27
CA ALA V 439 40.44 -89.85 7.70
C ALA V 439 39.52 -88.65 7.63
N MET V 440 38.33 -88.85 7.08
CA MET V 440 37.35 -87.79 7.03
C MET V 440 35.98 -88.35 7.35
N ASP V 441 35.16 -87.55 8.04
CA ASP V 441 33.77 -87.91 8.23
C ASP V 441 33.11 -88.18 6.90
N HIS V 442 33.12 -87.17 6.03
CA HIS V 442 32.62 -87.31 4.67
C HIS V 442 33.78 -87.09 3.70
N PRO V 443 34.31 -88.14 3.11
CA PRO V 443 35.30 -87.97 2.05
C PRO V 443 34.61 -87.52 0.78
N PRO V 444 35.33 -87.37 -0.32
CA PRO V 444 34.64 -87.15 -1.60
C PRO V 444 33.63 -88.26 -1.85
N GLY V 445 32.40 -87.85 -2.14
CA GLY V 445 31.38 -88.83 -2.44
C GLY V 445 31.71 -89.57 -3.72
N THR V 446 31.64 -90.89 -3.65
CA THR V 446 31.93 -91.69 -4.83
C THR V 446 30.90 -91.40 -5.91
N ILE V 447 31.37 -91.16 -7.12
CA ILE V 447 30.51 -90.91 -8.26
C ILE V 447 30.27 -92.25 -8.96
N PHE V 448 29.01 -92.64 -9.04
CA PHE V 448 28.62 -93.90 -9.65
C PHE V 448 28.05 -93.62 -11.02
N ILE V 449 28.22 -94.57 -11.93
CA ILE V 449 27.78 -94.40 -13.30
C ILE V 449 27.42 -95.76 -13.88
N LYS V 450 26.36 -95.80 -14.69
CA LYS V 450 25.80 -97.02 -15.20
C LYS V 450 25.30 -96.75 -16.61
N MET V 451 25.03 -97.81 -17.36
CA MET V 451 24.76 -97.71 -18.78
C MET V 451 23.29 -97.65 -19.15
N ALA V 452 22.38 -97.55 -18.20
CA ALA V 452 20.97 -97.31 -18.56
C ALA V 452 20.40 -98.40 -19.43
N LYS V 453 20.03 -99.53 -18.81
CA LYS V 453 19.60 -100.71 -19.55
C LYS V 453 18.59 -100.36 -20.62
N ILE V 454 18.87 -100.80 -21.83
CA ILE V 454 17.95 -100.63 -22.96
C ILE V 454 17.48 -102.03 -23.33
N PRO V 455 16.26 -102.40 -23.00
CA PRO V 455 15.81 -103.77 -23.24
C PRO V 455 15.42 -103.95 -24.70
N VAL V 456 15.10 -105.20 -25.03
CA VAL V 456 14.71 -105.54 -26.39
C VAL V 456 13.57 -106.54 -26.31
N PRO V 457 12.61 -106.50 -27.20
CA PRO V 457 11.43 -107.36 -27.06
C PRO V 457 11.74 -108.81 -27.37
N SER V 458 11.02 -109.69 -26.69
CA SER V 458 11.14 -111.13 -26.93
C SER V 458 9.83 -111.79 -26.56
N ASN V 459 9.75 -113.10 -26.82
CA ASN V 459 8.53 -113.86 -26.56
C ASN V 459 8.43 -114.32 -25.11
N ASN V 460 9.54 -114.78 -24.55
CA ASN V 460 9.55 -115.49 -23.26
C ASN V 460 8.76 -114.84 -22.10
N ASN V 461 8.91 -113.54 -21.82
CA ASN V 461 9.79 -112.63 -22.52
C ASN V 461 11.04 -112.36 -21.72
N ALA V 462 11.92 -111.54 -22.28
CA ALA V 462 13.18 -111.15 -21.67
C ALA V 462 14.02 -112.41 -21.31
N ASP V 463 14.93 -112.39 -20.33
CA ASP V 463 15.76 -111.23 -20.00
C ASP V 463 16.74 -110.98 -21.13
N SER V 464 16.66 -109.79 -21.70
CA SER V 464 17.52 -109.42 -22.82
C SER V 464 17.65 -107.92 -22.85
N TYR V 465 18.77 -107.45 -23.38
CA TYR V 465 19.07 -106.03 -23.35
C TYR V 465 20.02 -105.73 -24.48
N LEU V 466 20.14 -104.45 -24.78
CA LEU V 466 20.98 -104.00 -25.89
C LEU V 466 22.38 -103.72 -25.37
N ASN V 467 23.39 -104.14 -26.13
CA ASN V 467 24.77 -104.12 -25.68
C ASN V 467 25.41 -102.81 -26.11
N ILE V 468 25.74 -101.96 -25.13
CA ILE V 468 26.29 -100.64 -25.39
C ILE V 468 27.40 -100.37 -24.38
N TYR V 469 28.14 -99.29 -24.62
CA TYR V 469 29.10 -98.80 -23.64
C TYR V 469 29.22 -97.30 -23.80
N CYS V 470 29.70 -96.65 -22.75
CA CYS V 470 29.83 -95.21 -22.73
C CYS V 470 31.30 -94.84 -22.71
N THR V 471 31.59 -93.64 -23.20
CA THR V 471 32.95 -93.15 -23.25
C THR V 471 32.88 -91.65 -23.06
N GLY V 472 33.82 -91.10 -22.31
CA GLY V 472 33.75 -89.68 -22.05
C GLY V 472 34.95 -89.22 -21.29
N GLN V 473 34.85 -88.01 -20.76
CA GLN V 473 35.99 -87.35 -20.15
C GLN V 473 35.64 -86.83 -18.77
N VAL V 474 36.37 -87.28 -17.77
CA VAL V 474 36.28 -86.75 -16.41
C VAL V 474 37.39 -85.74 -16.24
N SER V 475 37.07 -84.61 -15.63
CA SER V 475 38.11 -83.64 -15.26
C SER V 475 38.01 -83.45 -13.76
N CYS V 476 39.02 -83.92 -13.04
CA CYS V 476 39.08 -83.76 -11.60
C CYS V 476 40.05 -82.62 -11.31
N GLU V 477 39.51 -81.48 -10.88
CA GLU V 477 40.30 -80.30 -10.58
C GLU V 477 40.18 -80.04 -9.08
N ILE V 478 41.26 -80.22 -8.35
CA ILE V 478 41.23 -80.12 -6.90
C ILE V 478 42.22 -79.05 -6.45
N VAL V 479 41.82 -78.32 -5.42
CA VAL V 479 42.61 -77.24 -4.87
C VAL V 479 43.24 -77.72 -3.57
N TRP V 480 44.50 -77.36 -3.35
CA TRP V 480 45.25 -77.84 -2.21
C TRP V 480 45.65 -76.65 -1.36
N GLU V 481 45.17 -76.59 -0.12
CA GLU V 481 45.75 -75.68 0.84
C GLU V 481 47.20 -76.08 1.07
N VAL V 482 48.10 -75.13 0.90
CA VAL V 482 49.52 -75.43 0.91
C VAL V 482 50.24 -74.35 1.70
N GLU V 483 51.29 -74.74 2.41
CA GLU V 483 52.06 -73.82 3.24
C GLU V 483 53.54 -73.97 2.95
N ARG V 484 54.24 -72.86 2.82
CA ARG V 484 55.62 -72.84 2.35
C ARG V 484 56.56 -72.68 3.52
N TYR V 485 57.74 -73.30 3.44
CA TYR V 485 58.59 -73.44 4.60
C TYR V 485 59.65 -72.36 4.65
N ALA V 486 59.94 -71.90 5.86
CA ALA V 486 61.09 -71.05 6.15
C ALA V 486 61.78 -71.61 7.39
N THR V 487 63.11 -71.55 7.39
CA THR V 487 63.82 -72.13 8.52
C THR V 487 65.13 -71.38 8.72
N LYS V 488 65.67 -71.51 9.93
CA LYS V 488 66.91 -70.87 10.30
C LYS V 488 68.12 -71.77 10.16
N ASN V 489 67.93 -72.98 9.65
CA ASN V 489 69.06 -73.87 9.44
C ASN V 489 70.07 -73.23 8.50
N TRP V 490 71.34 -73.41 8.81
CA TRP V 490 72.40 -72.89 7.97
C TRP V 490 72.67 -73.80 6.79
N ARG V 491 72.47 -75.07 6.94
CA ARG V 491 72.94 -76.09 6.02
C ARG V 491 71.94 -76.39 4.92
N PRO V 492 72.41 -77.04 3.83
CA PRO V 492 71.59 -77.18 2.62
C PRO V 492 70.30 -78.00 2.77
N GLU V 493 70.11 -78.76 3.83
CA GLU V 493 68.96 -79.70 3.98
C GLU V 493 68.99 -80.70 2.83
N ARG V 494 67.84 -81.10 2.31
CA ARG V 494 67.76 -82.23 1.38
C ARG V 494 66.58 -82.02 0.45
N ARG V 495 66.71 -82.50 -0.77
CA ARG V 495 65.66 -82.38 -1.77
C ARG V 495 65.52 -83.72 -2.47
N HIS V 496 64.65 -83.76 -3.47
CA HIS V 496 64.50 -84.96 -4.28
C HIS V 496 65.08 -84.69 -5.66
N THR V 497 66.25 -85.25 -5.92
CA THR V 497 66.87 -85.26 -7.22
C THR V 497 66.31 -86.40 -8.07
N THR V 498 66.44 -86.25 -9.39
CA THR V 498 66.35 -87.40 -10.25
C THR V 498 67.45 -88.40 -9.99
N PHE V 499 68.53 -88.01 -9.30
CA PHE V 499 69.59 -88.97 -9.10
C PHE V 499 69.19 -90.12 -8.21
N GLY V 500 68.17 -89.94 -7.37
CA GLY V 500 67.59 -91.10 -6.71
C GLY V 500 66.97 -92.06 -7.70
N LEU V 501 66.54 -91.55 -8.84
CA LEU V 501 65.92 -92.36 -9.88
C LEU V 501 66.98 -93.18 -10.60
N GLY V 502 66.52 -94.19 -11.34
CA GLY V 502 67.44 -95.06 -12.05
C GLY V 502 66.83 -95.53 -13.35
N ILE V 503 67.69 -96.05 -14.22
CA ILE V 503 67.38 -96.34 -15.61
C ILE V 503 66.67 -97.68 -15.70
N GLY V 504 65.74 -97.81 -16.65
CA GLY V 504 65.03 -99.07 -16.79
C GLY V 504 64.21 -99.16 -18.06
N GLY V 505 63.67 -100.35 -18.28
CA GLY V 505 62.75 -100.68 -19.36
C GLY V 505 63.44 -101.11 -20.62
N ALA V 506 62.82 -102.06 -21.34
CA ALA V 506 63.29 -102.60 -22.61
C ALA V 506 64.79 -102.86 -22.61
N ASP V 507 65.45 -102.44 -23.69
CA ASP V 507 66.86 -102.10 -23.59
C ASP V 507 66.98 -100.92 -22.66
N ASN V 508 67.97 -100.96 -21.77
CA ASN V 508 67.89 -100.22 -20.51
C ASN V 508 67.48 -98.77 -20.70
N LEU V 509 67.63 -98.23 -21.90
CA LEU V 509 67.41 -96.81 -22.18
C LEU V 509 66.06 -96.33 -21.68
N ASN V 510 66.02 -95.03 -21.36
CA ASN V 510 65.02 -94.20 -20.71
C ASN V 510 65.15 -94.39 -19.21
N PRO V 511 65.03 -93.34 -18.41
CA PRO V 511 65.38 -93.50 -16.99
C PRO V 511 64.34 -94.17 -16.12
N THR V 512 63.29 -93.44 -15.76
CA THR V 512 62.32 -93.99 -14.81
C THR V 512 60.89 -93.56 -15.11
N TYR V 513 60.56 -92.29 -14.97
CA TYR V 513 59.24 -91.84 -15.36
C TYR V 513 59.33 -91.38 -16.80
N HIS V 514 58.90 -92.24 -17.70
CA HIS V 514 59.20 -92.05 -19.11
C HIS V 514 58.67 -93.25 -19.86
N VAL V 515 58.53 -93.07 -21.18
CA VAL V 515 57.99 -94.13 -22.02
C VAL V 515 59.08 -95.09 -22.48
N ASP V 516 58.65 -96.31 -22.80
CA ASP V 516 59.49 -97.35 -23.39
C ASP V 516 59.43 -97.22 -24.92
N LYS V 517 59.88 -98.22 -25.67
CA LYS V 517 60.02 -98.03 -27.12
C LYS V 517 59.01 -98.46 -28.22
N ASN V 518 57.95 -99.29 -28.10
CA ASN V 518 57.50 -100.22 -27.04
C ASN V 518 56.67 -99.52 -25.99
N GLY V 519 56.41 -98.23 -26.18
CA GLY V 519 56.22 -97.35 -25.06
C GLY V 519 55.27 -97.84 -24.00
N THR V 520 55.86 -98.05 -22.83
CA THR V 520 55.21 -98.44 -21.60
C THR V 520 55.89 -97.65 -20.51
N TYR V 521 55.11 -96.89 -19.77
CA TYR V 521 55.63 -96.02 -18.74
C TYR V 521 56.46 -96.82 -17.76
N ILE V 522 57.73 -96.45 -17.59
CA ILE V 522 58.62 -97.23 -16.74
C ILE V 522 58.25 -97.01 -15.29
N GLN V 523 58.13 -98.03 -14.58
CA GLN V 523 57.69 -97.77 -13.22
C GLN V 523 58.88 -97.55 -12.30
N PRO V 524 58.72 -96.70 -11.30
CA PRO V 524 59.77 -96.49 -10.31
C PRO V 524 59.99 -97.75 -9.49
N THR V 525 61.26 -98.12 -9.33
CA THR V 525 61.64 -99.34 -8.63
C THR V 525 62.25 -99.01 -7.28
N THR V 526 61.71 -99.66 -6.25
CA THR V 526 61.76 -99.42 -4.80
C THR V 526 61.28 -98.04 -4.36
N TRP V 527 61.71 -97.62 -3.17
CA TRP V 527 60.94 -96.65 -2.40
C TRP V 527 61.36 -95.21 -2.71
N ASP V 528 62.66 -94.96 -2.81
CA ASP V 528 63.14 -93.60 -2.98
C ASP V 528 62.72 -92.99 -4.31
N MET V 529 62.55 -93.82 -5.34
CA MET V 529 62.07 -93.35 -6.63
C MET V 529 60.84 -92.47 -6.46
N CYS V 530 59.74 -93.06 -6.06
CA CYS V 530 58.62 -92.28 -5.55
C CYS V 530 59.13 -91.41 -4.43
N PHE V 531 58.85 -90.12 -4.52
CA PHE V 531 59.54 -89.20 -3.61
C PHE V 531 58.67 -88.93 -2.41
N PRO V 532 58.99 -89.50 -1.25
CA PRO V 532 58.09 -89.38 -0.09
C PRO V 532 58.23 -88.02 0.54
N VAL V 533 57.12 -87.48 1.03
CA VAL V 533 57.23 -86.34 1.92
C VAL V 533 57.77 -86.83 3.25
N LYS V 534 58.23 -85.88 4.06
CA LYS V 534 58.67 -86.06 5.44
C LYS V 534 60.13 -86.49 5.49
N THR V 535 60.76 -86.74 4.34
CA THR V 535 62.19 -86.99 4.28
C THR V 535 62.99 -85.73 4.02
N ASN V 536 62.33 -84.58 3.89
CA ASN V 536 63.01 -83.34 3.53
C ASN V 536 62.72 -82.26 4.55
N ILE V 537 63.23 -81.08 4.24
CA ILE V 537 63.19 -79.89 5.09
C ILE V 537 63.76 -80.27 6.45
N ASN V 538 63.29 -79.61 7.50
CA ASN V 538 63.59 -79.92 8.88
C ASN V 538 62.56 -79.21 9.74
N LYS V 539 62.41 -79.65 10.98
CA LYS V 539 61.63 -78.89 11.94
C LYS V 539 62.31 -78.95 13.30
N VAL V 540 62.46 -77.80 13.94
CA VAL V 540 62.77 -77.82 15.35
C VAL V 540 61.56 -78.31 16.11
N LEU V 541 61.77 -79.34 16.92
CA LEU V 541 60.65 -79.91 17.66
C LEU V 541 60.24 -78.97 18.80
N GLY W 34 18.79 -77.13 -23.26
CA GLY W 34 18.70 -77.54 -24.65
C GLY W 34 17.48 -78.36 -24.98
N SER W 35 17.38 -78.81 -26.24
CA SER W 35 16.25 -79.61 -26.68
C SER W 35 16.68 -80.43 -27.89
N GLY W 36 15.89 -81.46 -28.18
CA GLY W 36 16.13 -82.30 -29.33
C GLY W 36 16.80 -83.61 -28.96
N VAL W 37 17.07 -84.41 -29.99
CA VAL W 37 17.79 -85.66 -29.80
C VAL W 37 19.16 -85.38 -29.22
N GLY W 38 19.61 -86.24 -28.33
CA GLY W 38 20.90 -86.07 -27.68
C GLY W 38 20.85 -85.29 -26.39
N ILE W 39 19.67 -84.84 -25.97
CA ILE W 39 19.49 -84.12 -24.72
C ILE W 39 18.42 -84.88 -23.94
N SER W 40 18.79 -85.47 -22.81
CA SER W 40 17.83 -86.24 -22.05
C SER W 40 16.74 -85.34 -21.49
N THR W 41 15.52 -85.85 -21.46
CA THR W 41 14.41 -85.00 -21.05
C THR W 41 14.31 -84.88 -19.55
N GLY W 42 14.44 -85.99 -18.83
CA GLY W 42 14.39 -85.97 -17.38
C GLY W 42 15.25 -87.06 -16.83
N GLY W 43 15.57 -86.94 -15.54
CA GLY W 43 16.46 -87.87 -14.88
C GLY W 43 15.71 -88.90 -14.05
N TRP W 44 16.49 -89.81 -13.47
CA TRP W 44 15.95 -90.85 -12.62
C TRP W 44 15.47 -90.24 -11.31
N VAL W 45 14.53 -90.94 -10.67
CA VAL W 45 13.85 -90.42 -9.48
C VAL W 45 13.53 -91.60 -8.55
N GLY W 46 13.54 -91.34 -7.25
CA GLY W 46 13.07 -92.33 -6.30
C GLY W 46 13.50 -91.98 -4.89
N GLY W 47 13.26 -92.93 -3.97
CA GLY W 47 13.84 -92.91 -2.64
C GLY W 47 12.90 -92.56 -1.49
N SER W 48 11.63 -92.36 -1.77
CA SER W 48 10.59 -91.94 -0.83
C SER W 48 10.90 -90.69 0.00
N TYR W 49 10.19 -90.50 1.11
CA TYR W 49 10.34 -89.26 1.87
C TYR W 49 10.09 -89.36 3.36
N PHE W 50 8.83 -89.62 3.75
CA PHE W 50 8.38 -89.76 5.14
C PHE W 50 8.44 -88.53 6.05
N THR W 51 7.49 -87.62 5.89
CA THR W 51 7.15 -86.61 6.89
C THR W 51 5.87 -87.01 7.61
N ASP W 52 5.73 -86.58 8.87
CA ASP W 52 4.59 -86.92 9.71
C ASP W 52 3.25 -86.73 9.02
N SER W 53 3.11 -85.65 8.26
CA SER W 53 1.83 -85.35 7.62
C SER W 53 1.64 -86.12 6.32
N TYR W 54 2.71 -86.42 5.59
CA TYR W 54 2.55 -87.09 4.31
C TYR W 54 3.83 -87.83 3.95
N VAL W 55 3.68 -88.80 3.05
CA VAL W 55 4.78 -89.60 2.53
C VAL W 55 4.79 -89.48 1.03
N ILE W 56 5.94 -89.10 0.47
CA ILE W 56 6.12 -88.99 -0.97
C ILE W 56 6.96 -90.14 -1.44
N THR W 57 6.36 -91.06 -2.19
CA THR W 57 7.08 -92.17 -2.79
C THR W 57 7.35 -91.86 -4.25
N LYS W 58 8.59 -92.05 -4.66
CA LYS W 58 9.02 -91.76 -6.01
C LYS W 58 9.59 -93.03 -6.62
N ASN W 59 9.29 -93.27 -7.88
CA ASN W 59 9.74 -94.47 -8.56
C ASN W 59 9.99 -94.16 -10.01
N THR W 60 10.85 -94.96 -10.63
CA THR W 60 11.18 -94.80 -12.03
C THR W 60 11.43 -96.18 -12.63
N ARG W 61 11.11 -96.33 -13.91
CA ARG W 61 11.16 -97.64 -14.54
C ARG W 61 11.73 -97.52 -15.94
N GLN W 62 12.02 -98.67 -16.51
CA GLN W 62 12.38 -98.80 -17.92
C GLN W 62 11.34 -99.71 -18.54
N PHE W 63 10.69 -99.26 -19.60
CA PHE W 63 9.60 -100.03 -20.19
C PHE W 63 9.83 -100.20 -21.68
N LEU W 64 9.06 -101.10 -22.30
CA LEU W 64 9.07 -101.18 -23.74
C LEU W 64 7.71 -101.56 -24.28
N VAL W 65 7.38 -100.97 -25.43
CA VAL W 65 6.12 -101.20 -26.11
C VAL W 65 6.42 -102.04 -27.36
N LYS W 66 5.69 -103.13 -27.53
CA LYS W 66 6.10 -104.21 -28.42
C LYS W 66 5.39 -104.22 -29.77
N ILE W 67 4.45 -103.31 -30.04
CA ILE W 67 3.53 -103.45 -31.17
C ILE W 67 2.73 -104.73 -31.01
N GLN W 68 1.74 -104.74 -30.13
CA GLN W 68 0.89 -105.90 -30.00
C GLN W 68 -0.18 -105.90 -31.08
N ASN W 69 -0.51 -107.11 -31.55
CA ASN W 69 -1.72 -107.36 -32.33
C ASN W 69 -1.68 -106.67 -33.69
N ASN W 70 -0.52 -106.68 -34.34
CA ASN W 70 -0.27 -105.85 -35.52
C ASN W 70 -0.67 -104.45 -35.08
N HIS W 71 -1.29 -103.64 -35.92
CA HIS W 71 -2.01 -102.48 -35.39
C HIS W 71 -3.51 -102.66 -35.44
N GLN W 72 -4.00 -103.74 -36.02
CA GLN W 72 -5.42 -104.00 -36.06
C GLN W 72 -5.92 -104.57 -34.73
N TYR W 73 -7.24 -104.49 -34.54
CA TYR W 73 -7.95 -104.81 -33.31
C TYR W 73 -8.31 -106.29 -33.17
N LYS W 74 -9.10 -106.81 -34.08
CA LYS W 74 -9.75 -108.12 -33.99
C LYS W 74 -10.68 -108.23 -32.79
N THR W 75 -10.94 -109.45 -32.34
CA THR W 75 -11.86 -109.74 -31.25
C THR W 75 -11.26 -110.82 -30.36
N GLU W 76 -10.92 -111.96 -30.97
CA GLU W 76 -10.10 -113.05 -30.47
C GLU W 76 -10.80 -114.17 -29.71
N LEU W 77 -12.04 -113.96 -29.24
CA LEU W 77 -12.88 -115.05 -28.70
C LEU W 77 -12.05 -116.03 -27.88
N ILE W 78 -11.61 -115.58 -26.70
CA ILE W 78 -10.39 -116.14 -26.10
C ILE W 78 -10.46 -117.66 -25.92
N SER W 79 -11.15 -118.12 -24.87
CA SER W 79 -11.45 -119.53 -24.60
C SER W 79 -10.20 -120.37 -24.38
N PRO W 80 -10.28 -121.41 -23.56
CA PRO W 80 -9.47 -122.61 -23.84
C PRO W 80 -10.33 -123.63 -24.54
N SER W 81 -9.79 -124.79 -24.89
CA SER W 81 -10.63 -125.90 -25.30
C SER W 81 -10.14 -127.26 -24.80
N THR W 82 -10.91 -128.02 -24.02
CA THR W 82 -12.04 -127.65 -23.12
C THR W 82 -13.08 -126.62 -23.60
N SER W 83 -13.67 -126.89 -24.76
CA SER W 83 -14.67 -125.99 -25.34
C SER W 83 -15.83 -125.70 -24.39
N GLN W 84 -16.00 -126.52 -23.35
CA GLN W 84 -17.01 -126.25 -22.33
C GLN W 84 -16.74 -124.95 -21.57
N GLY W 85 -15.57 -124.34 -21.75
CA GLY W 85 -15.22 -123.16 -20.99
C GLY W 85 -16.10 -121.97 -21.33
N LYS W 86 -15.82 -120.86 -20.65
CA LYS W 86 -16.63 -119.66 -20.81
C LYS W 86 -16.49 -119.08 -22.22
N SER W 87 -15.25 -119.01 -22.72
CA SER W 87 -14.99 -118.56 -24.08
C SER W 87 -15.43 -117.13 -24.31
N GLN W 88 -15.03 -116.24 -23.41
CA GLN W 88 -15.32 -114.82 -23.58
C GLN W 88 -14.70 -114.31 -24.87
N ARG W 89 -15.44 -113.46 -25.58
CA ARG W 89 -15.01 -113.04 -26.90
C ARG W 89 -13.96 -111.94 -26.83
N CYS W 90 -14.12 -111.03 -25.86
CA CYS W 90 -13.25 -109.87 -25.67
C CYS W 90 -13.04 -109.02 -26.92
N VAL W 91 -11.96 -108.23 -26.89
CA VAL W 91 -11.50 -107.40 -27.99
C VAL W 91 -10.01 -107.17 -27.75
N SER W 92 -9.21 -107.21 -28.80
CA SER W 92 -7.80 -106.89 -28.66
C SER W 92 -7.55 -105.57 -29.34
N THR W 93 -6.57 -104.83 -28.87
CA THR W 93 -6.23 -103.53 -29.41
C THR W 93 -4.74 -103.42 -29.61
N PRO W 94 -4.28 -102.55 -30.50
CA PRO W 94 -2.84 -102.30 -30.61
C PRO W 94 -2.24 -101.65 -29.39
N TRP W 95 -3.06 -101.11 -28.50
CA TRP W 95 -2.58 -100.30 -27.39
C TRP W 95 -2.04 -101.15 -26.26
N SER W 96 -1.10 -100.58 -25.52
CA SER W 96 -0.60 -101.09 -24.27
C SER W 96 -0.85 -100.03 -23.22
N TYR W 97 -0.82 -100.43 -21.95
CA TYR W 97 -1.17 -99.48 -20.90
C TYR W 97 -0.27 -99.65 -19.69
N PHE W 98 -0.19 -98.57 -18.92
CA PHE W 98 0.55 -98.55 -17.67
C PHE W 98 -0.39 -98.85 -16.52
N ASN W 99 -0.11 -99.91 -15.78
CA ASN W 99 -0.84 -100.25 -14.57
C ASN W 99 0.03 -99.90 -13.39
N PHE W 100 -0.35 -98.88 -12.63
CA PHE W 100 0.38 -98.47 -11.44
C PHE W 100 -0.21 -99.02 -10.16
N ASN W 101 -1.22 -99.86 -10.23
CA ASN W 101 -2.04 -100.18 -9.07
C ASN W 101 -1.45 -101.38 -8.34
N GLN W 102 -0.79 -101.12 -7.23
CA GLN W 102 -0.30 -102.09 -6.27
C GLN W 102 0.51 -101.32 -5.24
N TYR W 103 0.65 -101.88 -4.04
CA TYR W 103 1.48 -101.21 -3.06
C TYR W 103 2.95 -101.55 -3.24
N SER W 104 3.25 -102.81 -3.51
CA SER W 104 4.64 -103.25 -3.62
C SER W 104 5.38 -102.54 -4.73
N SER W 105 4.68 -101.88 -5.64
CA SER W 105 5.35 -101.12 -6.67
C SER W 105 5.90 -99.81 -6.13
N HIS W 106 5.15 -99.15 -5.26
CA HIS W 106 5.50 -97.82 -4.79
C HIS W 106 6.26 -97.81 -3.48
N PHE W 107 6.36 -98.94 -2.79
CA PHE W 107 6.99 -98.99 -1.48
C PHE W 107 8.03 -100.09 -1.44
N SER W 108 9.24 -99.72 -1.06
CA SER W 108 10.24 -100.72 -0.77
C SER W 108 9.82 -101.49 0.47
N PRO W 109 10.33 -102.70 0.65
CA PRO W 109 10.01 -103.44 1.87
C PRO W 109 10.35 -102.70 3.14
N GLN W 110 11.26 -101.73 3.10
CA GLN W 110 11.46 -100.87 4.26
C GLN W 110 10.50 -99.69 4.31
N ASP W 111 10.25 -99.03 3.18
CA ASP W 111 9.29 -97.92 3.19
C ASP W 111 7.95 -98.39 3.70
N TRP W 112 7.37 -99.39 3.04
CA TRP W 112 6.38 -100.22 3.69
C TRP W 112 7.06 -100.81 4.91
N GLN W 113 6.32 -100.94 6.01
CA GLN W 113 6.85 -101.24 7.33
C GLN W 113 7.45 -100.03 8.02
N ARG W 114 7.81 -99.00 7.29
CA ARG W 114 8.02 -97.75 7.99
C ARG W 114 6.71 -97.03 8.23
N LEU W 115 5.79 -97.08 7.27
CA LEU W 115 4.46 -96.56 7.53
C LEU W 115 3.57 -97.56 8.25
N THR W 116 3.71 -98.84 7.95
CA THR W 116 2.88 -99.83 8.63
C THR W 116 3.15 -99.84 10.12
N ASN W 117 4.39 -99.57 10.51
CA ASN W 117 4.71 -99.50 11.93
C ASN W 117 4.36 -98.13 12.51
N GLU W 118 4.63 -97.05 11.78
CA GLU W 118 4.63 -95.73 12.39
C GLU W 118 3.36 -94.93 12.17
N TYR W 119 2.35 -95.44 11.47
CA TYR W 119 1.20 -94.61 11.17
C TYR W 119 -0.11 -95.34 11.34
N LYS W 120 -1.14 -94.60 11.78
CA LYS W 120 -2.49 -95.16 11.87
C LYS W 120 -3.06 -95.47 10.49
N ARG W 121 -3.00 -94.51 9.59
CA ARG W 121 -3.80 -94.59 8.39
C ARG W 121 -3.13 -93.78 7.31
N PHE W 122 -3.42 -94.14 6.07
CA PHE W 122 -2.86 -93.43 4.94
C PHE W 122 -3.79 -93.60 3.76
N ARG W 123 -3.77 -92.62 2.87
CA ARG W 123 -4.46 -92.73 1.61
C ARG W 123 -3.65 -91.95 0.59
N PRO W 124 -3.61 -92.38 -0.66
CA PRO W 124 -2.88 -91.60 -1.66
C PRO W 124 -3.57 -90.27 -1.89
N LYS W 125 -2.79 -89.20 -1.79
CA LYS W 125 -3.32 -87.86 -2.00
C LYS W 125 -3.33 -87.46 -3.47
N GLY W 126 -2.25 -87.77 -4.18
CA GLY W 126 -2.11 -87.35 -5.56
C GLY W 126 -1.11 -88.24 -6.26
N MET W 127 -1.00 -88.03 -7.57
CA MET W 127 -0.15 -88.87 -8.39
C MET W 127 0.37 -88.05 -9.55
N HIS W 128 1.63 -88.25 -9.91
CA HIS W 128 2.26 -87.50 -10.98
C HIS W 128 3.12 -88.45 -11.78
N VAL W 129 2.84 -88.56 -13.07
CA VAL W 129 3.51 -89.54 -13.92
C VAL W 129 4.19 -88.80 -15.06
N LYS W 130 5.39 -89.25 -15.42
CA LYS W 130 6.16 -88.61 -16.47
C LYS W 130 6.74 -89.69 -17.38
N ILE W 131 6.39 -89.62 -18.66
CA ILE W 131 7.04 -90.41 -19.69
C ILE W 131 8.16 -89.55 -20.24
N TYR W 132 9.35 -90.13 -20.40
CA TYR W 132 10.46 -89.37 -20.94
C TYR W 132 11.56 -90.33 -21.36
N ASN W 133 12.61 -89.77 -21.93
CA ASN W 133 13.76 -90.53 -22.42
C ASN W 133 13.32 -91.67 -23.34
N LEU W 134 12.51 -91.32 -24.33
CA LEU W 134 11.96 -92.32 -25.23
C LEU W 134 13.01 -92.73 -26.26
N GLN W 135 12.86 -93.96 -26.77
CA GLN W 135 13.75 -94.49 -27.79
C GLN W 135 12.96 -95.38 -28.71
N ILE W 136 13.16 -95.24 -30.02
CA ILE W 136 12.52 -96.10 -31.01
C ILE W 136 13.64 -96.85 -31.72
N LYS W 137 13.69 -98.16 -31.56
CA LYS W 137 14.89 -98.89 -31.95
C LYS W 137 14.83 -99.65 -33.26
N GLN W 138 13.68 -99.73 -33.94
CA GLN W 138 13.66 -100.25 -35.31
C GLN W 138 14.24 -101.67 -35.40
N ILE W 139 13.46 -102.65 -34.95
CA ILE W 139 13.87 -104.04 -35.08
C ILE W 139 14.18 -104.36 -36.54
N LEU W 140 15.27 -105.07 -36.76
CA LEU W 140 15.57 -105.66 -38.06
C LEU W 140 15.88 -107.14 -37.91
N SER W 141 15.59 -107.90 -38.95
CA SER W 141 15.91 -109.32 -39.01
C SER W 141 16.49 -109.63 -40.37
N ASN W 142 17.74 -110.11 -40.38
CA ASN W 142 18.37 -110.64 -41.57
C ASN W 142 18.15 -112.14 -41.70
N GLY W 143 17.33 -112.70 -40.82
CA GLY W 143 17.22 -114.12 -40.60
C GLY W 143 18.07 -114.47 -39.39
N ALA W 144 17.56 -115.39 -38.57
CA ALA W 144 18.10 -115.70 -37.25
C ALA W 144 18.28 -114.38 -36.50
N ASP W 145 19.33 -114.22 -35.69
CA ASP W 145 19.88 -112.98 -35.16
C ASP W 145 18.85 -111.93 -34.76
N THR W 146 19.22 -110.66 -34.98
CA THR W 146 18.42 -109.43 -35.01
C THR W 146 19.41 -108.27 -35.07
N THR W 147 18.94 -107.09 -35.47
CA THR W 147 19.74 -105.88 -35.35
C THR W 147 18.80 -104.74 -35.00
N TYR W 148 19.33 -103.74 -34.31
CA TYR W 148 18.56 -102.59 -33.86
C TYR W 148 19.32 -101.35 -34.33
N ASN W 149 18.73 -100.61 -35.28
CA ASN W 149 19.45 -99.51 -35.89
C ASN W 149 19.24 -98.22 -35.13
N ASN W 150 18.62 -98.32 -33.96
CA ASN W 150 17.98 -97.20 -33.31
C ASN W 150 16.98 -96.65 -34.32
N ASP W 151 16.74 -95.35 -34.29
CA ASP W 151 15.82 -94.71 -35.23
C ASP W 151 15.68 -93.27 -34.81
N LEU W 152 15.26 -92.44 -35.74
CA LEU W 152 14.75 -91.12 -35.45
C LEU W 152 13.54 -90.94 -36.34
N THR W 153 12.92 -89.77 -36.27
CA THR W 153 11.72 -89.49 -37.03
C THR W 153 10.68 -90.59 -36.86
N ALA W 154 10.50 -91.08 -35.65
CA ALA W 154 9.46 -92.04 -35.32
C ALA W 154 8.70 -91.53 -34.10
N GLY W 155 7.57 -92.16 -33.80
CA GLY W 155 6.65 -91.60 -32.85
C GLY W 155 5.99 -92.65 -32.00
N VAL W 156 5.40 -92.17 -30.91
CA VAL W 156 4.72 -93.00 -29.93
C VAL W 156 3.46 -92.28 -29.50
N HIS W 157 2.33 -92.97 -29.58
CA HIS W 157 1.07 -92.41 -29.12
C HIS W 157 0.96 -92.62 -27.62
N ILE W 158 0.52 -91.59 -26.91
CA ILE W 158 0.33 -91.66 -25.47
C ILE W 158 -1.01 -91.01 -25.15
N PHE W 159 -1.88 -91.76 -24.49
CA PHE W 159 -3.24 -91.33 -24.24
C PHE W 159 -3.61 -91.63 -22.80
N CYS W 160 -4.31 -90.70 -22.16
CA CYS W 160 -4.74 -90.86 -20.78
C CYS W 160 -6.24 -90.66 -20.69
N ASP W 161 -6.86 -91.30 -19.70
CA ASP W 161 -8.29 -91.15 -19.45
C ASP W 161 -8.52 -90.22 -18.26
N GLY W 162 -9.01 -89.02 -18.51
CA GLY W 162 -9.46 -88.20 -17.42
C GLY W 162 -10.94 -88.40 -17.16
N GLU W 163 -11.67 -88.79 -18.20
CA GLU W 163 -13.10 -88.99 -18.10
C GLU W 163 -13.47 -90.41 -17.73
N HIS W 164 -12.53 -91.34 -17.82
CA HIS W 164 -12.78 -92.77 -17.71
C HIS W 164 -13.85 -93.25 -18.69
N ALA W 165 -14.00 -92.57 -19.82
CA ALA W 165 -14.53 -93.25 -20.99
C ALA W 165 -13.54 -94.32 -21.39
N TYR W 166 -14.01 -95.30 -22.15
CA TYR W 166 -13.28 -96.49 -22.54
C TYR W 166 -13.28 -97.52 -21.42
N PRO W 167 -13.20 -98.79 -21.79
CA PRO W 167 -13.44 -99.88 -20.81
C PRO W 167 -12.43 -100.04 -19.68
N ASN W 168 -11.33 -99.29 -19.65
CA ASN W 168 -10.36 -99.22 -18.55
C ASN W 168 -9.86 -100.60 -18.07
N ALA W 169 -8.88 -101.14 -18.81
CA ALA W 169 -8.38 -102.50 -18.57
C ALA W 169 -8.12 -102.80 -17.10
N THR W 170 -7.60 -101.84 -16.35
CA THR W 170 -7.08 -102.14 -15.02
C THR W 170 -8.10 -102.86 -14.16
N HIS W 171 -7.69 -104.01 -13.64
CA HIS W 171 -8.40 -104.84 -12.69
C HIS W 171 -7.49 -105.00 -11.49
N PRO W 172 -8.03 -105.02 -10.27
CA PRO W 172 -7.14 -104.93 -9.10
C PRO W 172 -5.97 -105.89 -9.08
N TRP W 173 -6.19 -107.17 -9.30
CA TRP W 173 -5.09 -108.12 -9.09
C TRP W 173 -4.24 -108.22 -10.35
N ASP W 174 -4.76 -108.85 -11.38
CA ASP W 174 -4.10 -108.98 -12.68
C ASP W 174 -2.68 -109.48 -12.43
N GLU W 175 -1.67 -108.86 -13.02
CA GLU W 175 -0.29 -109.29 -13.01
C GLU W 175 0.49 -108.00 -12.96
N ASP W 176 1.79 -108.08 -13.25
CA ASP W 176 2.56 -106.93 -13.78
C ASP W 176 2.44 -105.76 -12.81
N VAL W 177 1.73 -104.69 -13.17
CA VAL W 177 1.80 -103.39 -12.55
C VAL W 177 3.26 -102.99 -12.72
N MET W 178 3.82 -102.25 -11.79
CA MET W 178 5.24 -101.96 -11.89
C MET W 178 6.00 -103.11 -11.25
N PRO W 179 7.17 -103.46 -11.73
CA PRO W 179 7.95 -104.45 -11.01
C PRO W 179 8.29 -103.88 -9.64
N GLU W 180 8.01 -104.66 -8.60
CA GLU W 180 8.24 -104.17 -7.25
C GLU W 180 9.67 -103.70 -7.05
N LEU W 181 10.56 -104.15 -7.91
CA LEU W 181 11.99 -103.92 -7.80
C LEU W 181 12.41 -103.01 -8.95
N PRO W 182 13.01 -101.84 -8.71
CA PRO W 182 13.46 -101.01 -9.84
C PRO W 182 14.55 -101.69 -10.64
N TYR W 183 15.14 -101.01 -11.61
CA TYR W 183 16.17 -101.54 -12.50
C TYR W 183 15.66 -102.73 -13.30
N GLN W 184 14.47 -103.20 -12.96
CA GLN W 184 13.84 -104.33 -13.64
C GLN W 184 12.96 -103.76 -14.73
N THR W 185 13.28 -104.06 -15.98
CA THR W 185 12.54 -103.50 -17.09
C THR W 185 11.07 -103.91 -17.03
N TRP W 186 10.20 -103.01 -17.45
CA TRP W 186 8.78 -103.20 -17.28
C TRP W 186 8.11 -103.40 -18.63
N TYR W 187 7.68 -104.62 -18.90
CA TYR W 187 7.04 -104.95 -20.16
C TYR W 187 5.56 -104.64 -20.05
N LEU W 188 5.08 -103.80 -20.94
CA LEU W 188 3.67 -103.44 -20.98
C LEU W 188 2.83 -104.58 -21.53
N PHE W 189 1.54 -104.52 -21.25
CA PHE W 189 0.60 -105.55 -21.65
C PHE W 189 -0.49 -104.95 -22.53
N GLN W 190 -0.99 -105.79 -23.43
CA GLN W 190 -1.94 -105.34 -24.43
C GLN W 190 -3.26 -104.93 -23.79
N TYR W 191 -3.88 -103.90 -24.34
CA TYR W 191 -5.17 -103.44 -23.85
C TYR W 191 -6.29 -104.17 -24.56
N GLY W 192 -7.24 -104.69 -23.79
CA GLY W 192 -8.38 -105.37 -24.34
C GLY W 192 -9.55 -105.19 -23.41
N TYR W 193 -10.72 -105.57 -23.90
CA TYR W 193 -11.91 -105.44 -23.07
C TYR W 193 -12.98 -106.39 -23.55
N ILE W 194 -13.91 -106.71 -22.65
CA ILE W 194 -15.05 -107.55 -23.00
C ILE W 194 -16.17 -106.67 -23.53
N PRO W 195 -16.49 -106.73 -24.82
CA PRO W 195 -17.64 -105.95 -25.30
C PRO W 195 -18.96 -106.45 -24.75
N VAL W 196 -19.20 -107.76 -24.77
CA VAL W 196 -20.44 -108.38 -24.29
C VAL W 196 -20.15 -109.82 -23.92
N ILE W 197 -20.95 -110.35 -22.99
CA ILE W 197 -20.89 -111.76 -22.63
C ILE W 197 -20.98 -112.60 -23.90
N HIS W 198 -20.06 -113.55 -24.06
CA HIS W 198 -20.03 -114.33 -25.29
C HIS W 198 -21.29 -115.16 -25.46
N GLU W 199 -21.61 -115.98 -24.46
CA GLU W 199 -22.95 -116.54 -24.43
C GLU W 199 -23.93 -115.38 -24.32
N LEU W 200 -25.18 -115.62 -24.72
CA LEU W 200 -26.13 -114.51 -24.86
C LEU W 200 -25.65 -113.55 -25.96
N ALA W 201 -25.96 -113.90 -27.22
CA ALA W 201 -25.32 -113.48 -28.47
C ALA W 201 -24.38 -114.53 -29.08
N GLU W 202 -24.30 -115.72 -28.50
CA GLU W 202 -23.48 -116.76 -29.12
C GLU W 202 -23.67 -116.98 -30.65
N MET W 203 -24.88 -116.99 -31.22
CA MET W 203 -26.18 -117.08 -30.56
C MET W 203 -26.88 -118.31 -31.14
N GLU W 204 -27.85 -118.87 -30.43
CA GLU W 204 -28.42 -120.13 -30.85
C GLU W 204 -29.68 -119.94 -31.69
N ASP W 205 -29.54 -120.20 -32.99
CA ASP W 205 -30.67 -120.24 -33.93
C ASP W 205 -31.56 -119.02 -33.78
N SER W 206 -32.87 -119.22 -33.91
CA SER W 206 -33.89 -118.29 -33.45
C SER W 206 -33.51 -116.81 -33.87
N ASN W 207 -33.30 -115.78 -33.03
CA ASN W 207 -33.54 -115.63 -31.60
C ASN W 207 -34.23 -114.31 -31.31
N ALA W 208 -33.50 -113.24 -31.66
CA ALA W 208 -33.92 -111.84 -31.59
C ALA W 208 -33.82 -111.30 -30.17
N VAL W 209 -33.75 -112.19 -29.17
CA VAL W 209 -33.38 -111.75 -27.84
C VAL W 209 -31.86 -111.69 -27.69
N GLU W 210 -31.16 -112.66 -28.28
CA GLU W 210 -29.70 -112.57 -28.34
C GLU W 210 -29.22 -111.87 -29.60
N LYS W 211 -30.11 -111.66 -30.58
CA LYS W 211 -29.76 -110.81 -31.69
C LYS W 211 -29.55 -109.39 -31.20
N ALA W 212 -30.52 -108.84 -30.50
CA ALA W 212 -30.21 -107.74 -29.61
C ALA W 212 -29.26 -108.23 -28.54
N ILE W 213 -28.46 -107.31 -28.01
CA ILE W 213 -27.31 -107.56 -27.13
C ILE W 213 -26.14 -108.04 -27.96
N CYS W 214 -26.41 -108.62 -29.13
CA CYS W 214 -25.34 -108.79 -30.11
C CYS W 214 -25.20 -107.55 -30.98
N LEU W 215 -26.32 -106.98 -31.39
CA LEU W 215 -26.29 -105.74 -32.16
C LEU W 215 -25.79 -104.59 -31.32
N GLN W 216 -26.02 -104.64 -30.02
CA GLN W 216 -25.72 -103.48 -29.19
C GLN W 216 -24.31 -103.50 -28.64
N ILE W 217 -23.49 -104.48 -29.02
CA ILE W 217 -22.16 -104.56 -28.40
C ILE W 217 -21.44 -103.29 -28.81
N PRO W 218 -20.95 -102.50 -27.87
CA PRO W 218 -20.22 -101.29 -28.23
C PRO W 218 -18.82 -101.63 -28.69
N PHE W 219 -18.28 -100.75 -29.52
CA PHE W 219 -16.93 -100.91 -30.03
C PHE W 219 -16.16 -99.64 -29.77
N PHE W 220 -15.16 -99.73 -28.89
CA PHE W 220 -14.41 -98.58 -28.46
C PHE W 220 -13.06 -98.57 -29.15
N MET W 221 -12.57 -97.38 -29.46
CA MET W 221 -11.32 -97.21 -30.16
C MET W 221 -10.59 -96.05 -29.50
N LEU W 222 -9.30 -96.21 -29.28
CA LEU W 222 -8.56 -95.16 -28.64
C LEU W 222 -8.09 -94.10 -29.61
N GLU W 223 -8.48 -94.19 -30.88
CA GLU W 223 -8.04 -93.17 -31.82
C GLU W 223 -8.89 -91.94 -31.63
N ASN W 224 -10.14 -91.91 -32.13
CA ASN W 224 -11.22 -91.16 -31.49
C ASN W 224 -10.72 -89.91 -30.80
N SER W 225 -10.93 -89.84 -29.48
CA SER W 225 -10.42 -88.74 -28.69
C SER W 225 -8.92 -88.53 -28.91
N ASP W 226 -8.52 -87.26 -28.96
CA ASP W 226 -7.16 -86.92 -29.34
C ASP W 226 -6.16 -87.31 -28.26
N HIS W 227 -4.91 -87.47 -28.68
CA HIS W 227 -3.83 -87.83 -27.79
C HIS W 227 -2.51 -87.40 -28.41
N GLU W 228 -1.47 -87.40 -27.57
CA GLU W 228 -0.19 -86.88 -28.00
C GLU W 228 0.66 -87.97 -28.65
N VAL W 229 1.39 -87.58 -29.68
CA VAL W 229 2.44 -88.40 -30.26
C VAL W 229 3.75 -87.77 -29.84
N LEU W 230 4.77 -88.60 -29.64
CA LEU W 230 6.06 -88.12 -29.16
C LEU W 230 7.17 -88.73 -30.00
N ARG W 231 8.06 -87.89 -30.50
CA ARG W 231 9.33 -88.42 -30.96
C ARG W 231 10.25 -88.58 -29.75
N THR W 232 11.52 -88.82 -30.01
CA THR W 232 12.46 -89.06 -28.92
C THR W 232 12.58 -87.87 -27.98
N GLY W 233 12.94 -86.69 -28.50
CA GLY W 233 13.25 -85.57 -27.64
C GLY W 233 12.11 -85.11 -26.75
N GLU W 234 10.87 -85.43 -27.13
CA GLU W 234 9.71 -84.98 -26.38
C GLU W 234 9.43 -85.89 -25.19
N SER W 235 8.71 -85.34 -24.20
CA SER W 235 8.21 -86.08 -23.06
C SER W 235 6.77 -85.70 -22.79
N THR W 236 6.21 -86.26 -21.72
CA THR W 236 4.84 -85.97 -21.33
C THR W 236 4.70 -86.14 -19.83
N GLU W 237 3.83 -85.33 -19.23
CA GLU W 237 3.49 -85.45 -17.82
C GLU W 237 2.01 -85.72 -17.67
N PHE W 238 1.65 -86.35 -16.57
CA PHE W 238 0.26 -86.54 -16.20
C PHE W 238 0.12 -86.37 -14.70
N THR W 239 -0.97 -85.76 -14.27
CA THR W 239 -1.26 -85.61 -12.86
C THR W 239 -2.58 -86.27 -12.53
N PHE W 240 -2.76 -86.59 -11.26
CA PHE W 240 -3.99 -87.19 -10.79
C PHE W 240 -4.25 -86.74 -9.37
N ASN W 241 -5.51 -86.56 -9.04
CA ASN W 241 -5.93 -86.28 -7.68
C ASN W 241 -6.95 -87.32 -7.26
N PHE W 242 -6.99 -87.61 -5.98
CA PHE W 242 -7.78 -88.71 -5.46
C PHE W 242 -8.81 -88.20 -4.48
N ASP W 243 -10.08 -88.48 -4.76
CA ASP W 243 -11.11 -88.49 -3.73
C ASP W 243 -11.17 -89.93 -3.23
N CYS W 244 -10.71 -90.15 -2.00
CA CYS W 244 -10.28 -91.48 -1.63
C CYS W 244 -10.50 -91.69 -0.14
N GLU W 245 -10.86 -92.91 0.22
CA GLU W 245 -11.07 -93.28 1.61
C GLU W 245 -9.78 -93.73 2.24
N TRP W 246 -9.61 -93.39 3.52
CA TRP W 246 -8.45 -93.83 4.27
C TRP W 246 -8.42 -95.35 4.33
N ILE W 247 -7.22 -95.91 4.35
CA ILE W 247 -7.04 -97.31 4.73
C ILE W 247 -6.34 -97.31 6.08
N ASN W 248 -6.93 -98.00 7.05
CA ASN W 248 -6.57 -97.85 8.45
C ASN W 248 -5.66 -98.98 8.89
N ASN W 249 -4.50 -98.61 9.42
CA ASN W 249 -3.63 -99.56 10.10
C ASN W 249 -3.84 -99.36 11.59
N GLU W 250 -4.51 -100.32 12.21
CA GLU W 250 -5.03 -100.24 13.58
C GLU W 250 -5.60 -101.61 13.90
N ARG W 251 -5.74 -101.86 15.19
CA ARG W 251 -6.14 -103.18 15.65
C ARG W 251 -7.09 -103.02 16.81
N ALA W 252 -8.20 -103.74 16.77
CA ALA W 252 -9.12 -103.81 17.89
C ALA W 252 -8.72 -104.98 18.77
N TYR W 253 -8.36 -104.68 20.01
CA TYR W 253 -7.93 -105.72 20.93
C TYR W 253 -9.09 -106.51 21.49
N ILE W 254 -10.32 -106.04 21.32
CA ILE W 254 -11.52 -106.77 21.75
C ILE W 254 -12.61 -106.63 20.69
N PRO W 255 -13.54 -107.57 20.63
CA PRO W 255 -14.70 -107.39 19.80
C PRO W 255 -15.48 -106.16 20.21
N PRO W 256 -16.25 -105.57 19.32
CA PRO W 256 -17.03 -104.39 19.70
C PRO W 256 -18.09 -104.68 20.74
N GLY W 257 -18.60 -105.91 20.78
CA GLY W 257 -19.57 -106.28 21.78
C GLY W 257 -19.00 -106.59 23.14
N LEU W 258 -17.68 -106.59 23.27
CA LEU W 258 -17.00 -106.91 24.51
C LEU W 258 -16.69 -105.66 25.32
N MET W 259 -17.17 -104.50 24.90
CA MET W 259 -16.88 -103.24 25.57
C MET W 259 -17.91 -103.01 26.66
N PHE W 260 -17.48 -103.11 27.90
CA PHE W 260 -18.33 -102.82 29.05
C PHE W 260 -17.50 -103.05 30.30
N ASN W 261 -17.96 -102.50 31.40
CA ASN W 261 -17.30 -102.73 32.67
C ASN W 261 -17.92 -103.98 33.30
N PRO W 262 -17.21 -105.09 33.32
CA PRO W 262 -17.81 -106.33 33.82
C PRO W 262 -18.01 -106.32 35.32
N LEU W 263 -17.36 -105.41 36.02
CA LEU W 263 -17.54 -105.31 37.46
C LEU W 263 -18.95 -104.83 37.80
N VAL W 264 -19.45 -103.86 37.04
CA VAL W 264 -20.72 -103.23 37.39
C VAL W 264 -21.87 -104.15 37.04
N PRO W 265 -22.85 -104.35 37.92
CA PRO W 265 -24.02 -105.15 37.56
C PRO W 265 -24.84 -104.44 36.50
N THR W 266 -25.68 -105.21 35.83
CA THR W 266 -26.51 -104.68 34.76
C THR W 266 -27.98 -104.75 35.15
N ARG W 267 -28.76 -103.80 34.65
CA ARG W 267 -30.20 -103.90 34.76
C ARG W 267 -30.80 -104.39 33.45
N ARG W 268 -31.15 -105.68 33.45
CA ARG W 268 -31.63 -106.39 32.27
C ARG W 268 -32.03 -107.78 32.75
N ALA W 269 -32.79 -108.50 31.95
CA ALA W 269 -33.22 -109.84 32.37
C ALA W 269 -33.28 -110.76 31.18
N GLN W 270 -33.18 -112.05 31.47
CA GLN W 270 -33.22 -113.10 30.47
C GLN W 270 -34.42 -113.98 30.78
N TYR W 271 -35.42 -113.97 29.91
CA TYR W 271 -36.46 -114.98 29.93
C TYR W 271 -35.98 -116.11 29.03
N ILE W 272 -36.13 -117.33 29.50
CA ILE W 272 -35.73 -118.50 28.74
C ILE W 272 -36.91 -119.43 28.61
N ARG W 273 -37.26 -119.77 27.37
CA ARG W 273 -38.43 -120.59 27.10
C ARG W 273 -38.28 -121.97 27.73
N ARG W 274 -39.41 -122.62 28.00
CA ARG W 274 -39.42 -124.02 28.38
C ARG W 274 -38.60 -124.83 27.39
N ASN W 275 -37.72 -125.68 27.92
CA ASN W 275 -36.72 -126.30 27.07
C ASN W 275 -37.29 -127.43 26.23
N ASN W 276 -38.37 -128.06 26.70
CA ASN W 276 -39.03 -129.14 25.95
C ASN W 276 -38.02 -130.21 25.57
N ASN W 277 -37.59 -130.99 26.58
CA ASN W 277 -36.43 -131.87 26.54
C ASN W 277 -35.18 -130.99 26.54
N PRO W 278 -34.11 -131.44 27.21
CA PRO W 278 -34.13 -132.49 28.25
C PRO W 278 -34.96 -132.13 29.48
N GLN W 279 -34.78 -130.92 30.00
CA GLN W 279 -35.24 -130.58 31.34
C GLN W 279 -35.14 -129.06 31.52
N THR W 280 -35.22 -128.57 32.77
CA THR W 280 -35.06 -127.15 33.09
C THR W 280 -36.15 -126.26 32.51
N ALA W 281 -37.31 -126.28 33.15
CA ALA W 281 -38.45 -125.45 32.76
C ALA W 281 -38.09 -123.96 32.85
N GLU W 282 -38.89 -123.16 32.16
CA GLU W 282 -38.57 -121.76 31.92
C GLU W 282 -38.33 -120.99 33.21
N SER W 283 -37.43 -120.02 33.13
CA SER W 283 -37.14 -119.15 34.26
C SER W 283 -36.62 -117.82 33.73
N THR W 284 -36.87 -116.75 34.49
CA THR W 284 -36.29 -115.45 34.23
C THR W 284 -35.23 -115.14 35.26
N SER W 285 -34.20 -114.39 34.84
CA SER W 285 -33.07 -114.11 35.71
C SER W 285 -32.38 -112.84 35.23
N ARG W 286 -31.63 -112.24 36.14
CA ARG W 286 -30.85 -111.05 35.80
C ARG W 286 -29.59 -111.46 35.06
N ILE W 287 -29.22 -110.66 34.06
CA ILE W 287 -28.00 -110.93 33.32
C ILE W 287 -26.79 -110.70 34.20
N ALA W 288 -25.84 -111.63 34.14
CA ALA W 288 -24.66 -111.56 34.98
C ALA W 288 -23.87 -110.29 34.70
N PRO W 289 -23.12 -109.81 35.68
CA PRO W 289 -22.35 -108.56 35.47
C PRO W 289 -21.37 -108.67 34.32
N TYR W 290 -20.60 -109.75 34.30
CA TYR W 290 -19.86 -110.11 33.10
C TYR W 290 -20.84 -110.56 32.02
N ALA W 291 -20.37 -110.55 30.78
CA ALA W 291 -21.17 -111.04 29.66
C ALA W 291 -22.50 -110.32 29.53
N LYS W 292 -22.41 -109.00 29.49
CA LYS W 292 -23.59 -108.21 29.23
C LYS W 292 -23.96 -108.29 27.76
N PRO W 293 -25.24 -108.17 27.43
CA PRO W 293 -25.65 -108.19 26.03
C PRO W 293 -25.11 -106.99 25.28
N THR W 294 -25.13 -107.10 23.96
CA THR W 294 -24.58 -106.05 23.14
C THR W 294 -25.48 -105.74 21.96
N SER W 295 -25.32 -104.53 21.45
CA SER W 295 -25.63 -104.19 20.08
C SER W 295 -24.48 -104.64 19.19
N TRP W 296 -24.41 -104.08 18.01
CA TRP W 296 -23.20 -104.23 17.21
C TRP W 296 -23.01 -105.67 16.74
N MET W 297 -23.83 -106.01 15.76
CA MET W 297 -23.82 -107.23 14.99
C MET W 297 -22.50 -107.39 14.21
N THR W 298 -22.19 -108.63 13.85
CA THR W 298 -20.99 -108.90 13.07
C THR W 298 -21.17 -108.48 11.62
N GLY W 299 -20.04 -108.26 10.95
CA GLY W 299 -20.04 -107.91 9.56
C GLY W 299 -20.56 -109.02 8.68
N PRO W 300 -21.02 -108.68 7.48
CA PRO W 300 -21.66 -109.66 6.63
C PRO W 300 -20.66 -110.55 5.91
N GLY W 301 -21.12 -111.74 5.55
CA GLY W 301 -20.34 -112.67 4.77
C GLY W 301 -21.26 -113.68 4.12
N LEU W 302 -20.71 -114.45 3.19
CA LEU W 302 -21.42 -115.58 2.60
C LEU W 302 -20.54 -116.81 2.70
N LEU W 303 -20.88 -117.73 3.60
CA LEU W 303 -20.09 -118.92 3.86
C LEU W 303 -20.66 -120.22 3.32
N SER W 304 -21.85 -120.23 2.71
CA SER W 304 -22.49 -121.52 2.47
C SER W 304 -21.95 -122.21 1.23
N ALA W 305 -21.65 -121.45 0.18
CA ALA W 305 -21.37 -121.96 -1.13
C ALA W 305 -20.02 -122.70 -1.16
N GLN W 306 -19.82 -123.49 -2.22
CA GLN W 306 -18.56 -124.14 -2.50
C GLN W 306 -18.22 -123.97 -3.96
N ARG W 307 -16.94 -123.76 -4.26
CA ARG W 307 -16.51 -123.60 -5.64
C ARG W 307 -16.90 -124.83 -6.46
N VAL W 308 -17.31 -124.59 -7.70
CA VAL W 308 -18.03 -125.57 -8.50
C VAL W 308 -17.21 -125.97 -9.71
N GLY W 309 -16.78 -127.23 -9.73
CA GLY W 309 -16.30 -127.84 -10.95
C GLY W 309 -14.82 -127.65 -11.18
N PRO W 310 -14.38 -127.96 -12.41
CA PRO W 310 -12.96 -127.95 -12.70
C PRO W 310 -12.41 -126.54 -12.85
N ALA W 311 -11.10 -126.42 -12.68
CA ALA W 311 -10.43 -125.15 -12.89
C ALA W 311 -10.49 -124.78 -14.37
N THR W 312 -10.27 -123.49 -14.65
CA THR W 312 -10.37 -122.82 -15.95
C THR W 312 -11.82 -122.62 -16.34
N SER W 313 -12.78 -123.15 -15.57
CA SER W 313 -14.20 -122.95 -15.81
C SER W 313 -14.78 -121.79 -15.01
N ASP W 314 -13.94 -121.01 -14.34
CA ASP W 314 -14.39 -119.92 -13.46
C ASP W 314 -15.22 -120.46 -12.29
N THR W 315 -14.55 -121.10 -11.34
CA THR W 315 -15.25 -121.56 -10.15
C THR W 315 -15.17 -120.49 -9.09
N GLY W 316 -16.29 -119.81 -8.84
CA GLY W 316 -16.30 -118.74 -7.87
C GLY W 316 -17.02 -119.03 -6.57
N ALA W 317 -17.80 -120.11 -6.55
CA ALA W 317 -18.75 -120.51 -5.52
C ALA W 317 -19.94 -119.56 -5.45
N TRP W 318 -19.84 -118.35 -5.99
CA TRP W 318 -20.97 -117.46 -6.16
C TRP W 318 -20.84 -116.83 -7.53
N MET W 319 -21.81 -117.10 -8.40
CA MET W 319 -21.82 -116.53 -9.73
C MET W 319 -22.91 -115.48 -9.79
N VAL W 320 -22.56 -114.28 -10.25
CA VAL W 320 -23.53 -113.20 -10.31
C VAL W 320 -24.41 -113.33 -11.55
N ALA W 321 -23.80 -113.63 -12.68
CA ALA W 321 -24.47 -113.80 -13.97
C ALA W 321 -25.45 -112.69 -14.34
N VAL W 322 -26.44 -113.02 -15.16
CA VAL W 322 -27.48 -112.11 -15.60
C VAL W 322 -28.84 -112.80 -15.66
N LYS W 323 -28.95 -113.79 -16.55
CA LYS W 323 -30.20 -114.48 -16.85
C LYS W 323 -31.29 -113.53 -17.38
N PRO W 324 -31.15 -113.01 -18.60
CA PRO W 324 -32.30 -112.38 -19.26
C PRO W 324 -33.40 -113.42 -19.48
N GLU W 325 -34.62 -112.92 -19.68
CA GLU W 325 -35.80 -113.76 -19.48
C GLU W 325 -35.85 -114.90 -20.48
N ASN W 326 -35.52 -114.63 -21.74
CA ASN W 326 -35.47 -115.73 -22.71
C ASN W 326 -34.04 -116.11 -23.02
N ALA W 327 -33.41 -115.32 -23.88
CA ALA W 327 -32.05 -115.53 -24.37
C ALA W 327 -31.91 -116.97 -24.84
N SER W 328 -30.74 -117.55 -24.63
CA SER W 328 -30.51 -118.99 -24.62
C SER W 328 -29.20 -119.22 -23.89
N ILE W 329 -29.03 -120.41 -23.34
CA ILE W 329 -27.86 -120.68 -22.53
C ILE W 329 -27.39 -122.10 -22.79
N ASP W 330 -26.07 -122.25 -22.92
CA ASP W 330 -25.42 -123.54 -23.06
C ASP W 330 -25.32 -124.18 -21.68
N THR W 331 -24.51 -125.22 -21.54
CA THR W 331 -24.18 -125.70 -20.21
C THR W 331 -23.70 -124.53 -19.36
N GLY W 332 -24.22 -124.45 -18.14
CA GLY W 332 -24.02 -123.27 -17.32
C GLY W 332 -25.30 -122.48 -17.10
N MET W 333 -25.36 -121.54 -16.13
CA MET W 333 -24.34 -121.16 -15.12
C MET W 333 -22.92 -120.99 -15.69
N SER W 334 -21.95 -121.73 -15.15
CA SER W 334 -20.59 -121.78 -15.68
C SER W 334 -19.94 -120.35 -15.77
N GLY W 335 -19.61 -119.72 -16.91
CA GLY W 335 -20.15 -119.84 -18.26
C GLY W 335 -21.01 -118.65 -18.61
N ILE W 336 -21.56 -118.01 -17.57
CA ILE W 336 -22.12 -116.68 -17.65
C ILE W 336 -21.81 -115.99 -16.33
N GLY W 337 -21.61 -114.68 -16.40
CA GLY W 337 -21.31 -113.92 -15.21
C GLY W 337 -19.97 -114.27 -14.60
N SER W 338 -19.76 -113.72 -13.40
CA SER W 338 -18.45 -113.71 -12.78
C SER W 338 -18.53 -114.36 -11.40
N GLY W 339 -17.43 -115.00 -11.00
CA GLY W 339 -17.36 -115.52 -9.64
C GLY W 339 -17.11 -114.40 -8.65
N PHE W 340 -17.78 -114.47 -7.51
CA PHE W 340 -17.63 -113.50 -6.46
C PHE W 340 -16.62 -114.02 -5.44
N ASP W 341 -15.54 -113.26 -5.24
CA ASP W 341 -14.42 -113.75 -4.46
C ASP W 341 -13.76 -112.60 -3.70
N PRO W 342 -13.32 -112.84 -2.45
CA PRO W 342 -13.77 -113.87 -1.51
C PRO W 342 -15.07 -113.55 -0.79
N PRO W 343 -16.03 -114.46 -0.80
CA PRO W 343 -16.95 -114.53 0.32
C PRO W 343 -16.44 -115.48 1.42
N GLN W 344 -16.56 -115.22 2.73
CA GLN W 344 -16.40 -113.94 3.42
C GLN W 344 -17.32 -112.81 2.89
N GLY W 345 -16.98 -111.51 2.83
CA GLY W 345 -15.90 -110.81 3.53
C GLY W 345 -16.03 -110.88 5.03
N SER W 346 -14.98 -110.44 5.73
CA SER W 346 -14.91 -110.56 7.18
C SER W 346 -15.19 -111.99 7.59
N LEU W 347 -15.97 -112.16 8.67
CA LEU W 347 -16.66 -113.40 8.98
C LEU W 347 -15.77 -114.61 8.79
N ALA W 348 -14.85 -114.86 9.73
CA ALA W 348 -13.69 -115.69 9.50
C ALA W 348 -14.04 -116.99 8.78
N PRO W 349 -13.31 -117.36 7.73
CA PRO W 349 -13.74 -118.44 6.84
C PRO W 349 -13.56 -119.81 7.48
N THR W 350 -14.22 -120.79 6.86
CA THR W 350 -14.13 -122.17 7.30
C THR W 350 -12.83 -122.82 6.85
N ASN W 351 -12.67 -123.01 5.54
CA ASN W 351 -11.45 -123.63 5.06
C ASN W 351 -10.71 -122.73 4.09
N LEU W 352 -9.64 -123.26 3.53
CA LEU W 352 -8.74 -122.54 2.63
C LEU W 352 -9.48 -121.97 1.44
N GLU W 353 -10.60 -122.59 1.08
CA GLU W 353 -11.30 -122.23 -0.16
C GLU W 353 -11.73 -120.77 -0.19
N TYR W 354 -11.96 -120.17 0.98
CA TYR W 354 -12.37 -118.78 1.09
C TYR W 354 -11.22 -117.83 1.43
N LYS W 355 -10.00 -118.33 1.56
CA LYS W 355 -8.95 -117.63 2.28
C LYS W 355 -8.13 -116.71 1.38
N ILE W 356 -8.62 -116.48 0.16
CA ILE W 356 -7.90 -115.87 -0.96
C ILE W 356 -6.66 -116.72 -1.23
N GLN W 357 -5.67 -116.14 -1.89
CA GLN W 357 -4.39 -116.77 -2.22
C GLN W 357 -3.77 -115.91 -3.31
N TRP W 358 -2.46 -115.98 -3.54
CA TRP W 358 -1.90 -115.49 -4.79
C TRP W 358 -0.49 -116.05 -4.94
N TYR W 359 0.01 -116.03 -6.18
CA TYR W 359 1.29 -116.67 -6.44
C TYR W 359 2.46 -115.70 -6.38
N GLN W 360 2.19 -114.39 -6.35
CA GLN W 360 3.22 -113.35 -6.32
C GLN W 360 4.35 -113.62 -7.29
N THR W 361 4.05 -114.22 -8.43
CA THR W 361 5.04 -114.65 -9.42
C THR W 361 4.32 -115.25 -10.61
N PRO W 362 4.68 -114.88 -11.82
CA PRO W 362 4.08 -115.55 -12.99
C PRO W 362 4.55 -116.98 -13.17
N GLN W 363 5.75 -117.30 -12.71
CA GLN W 363 6.26 -118.66 -12.83
C GLN W 363 5.60 -119.61 -11.85
N GLY W 364 4.76 -119.09 -10.96
CA GLY W 364 4.15 -119.92 -9.93
C GLY W 364 3.27 -121.03 -10.46
N THR W 365 3.61 -122.27 -10.08
CA THR W 365 2.82 -123.43 -10.45
C THR W 365 1.69 -123.60 -9.44
N ASN W 366 1.02 -124.75 -9.46
CA ASN W 366 -0.14 -124.94 -8.59
C ASN W 366 0.22 -124.69 -7.13
N ASN W 367 1.18 -125.42 -6.58
CA ASN W 367 1.76 -125.08 -5.30
C ASN W 367 3.22 -124.72 -5.50
N ASN W 368 3.48 -123.42 -5.46
CA ASN W 368 4.78 -122.75 -5.57
C ASN W 368 4.44 -121.28 -5.52
N GLY W 369 5.36 -120.42 -5.12
CA GLY W 369 4.88 -119.08 -4.81
C GLY W 369 3.79 -119.27 -3.79
N ASN W 370 2.58 -118.86 -4.16
CA ASN W 370 1.36 -119.38 -3.53
C ASN W 370 1.24 -118.99 -2.07
N ILE W 371 1.46 -117.72 -1.77
CA ILE W 371 1.29 -117.27 -0.39
C ILE W 371 -0.19 -117.08 -0.12
N ILE W 372 -0.62 -117.52 1.02
CA ILE W 372 -2.04 -117.60 1.35
C ILE W 372 -2.35 -116.59 2.45
N SER W 373 -3.48 -115.91 2.33
CA SER W 373 -3.85 -114.94 3.34
C SER W 373 -4.09 -115.62 4.69
N ASN W 374 -3.99 -114.85 5.75
CA ASN W 374 -4.03 -115.37 7.11
C ASN W 374 -4.81 -114.40 7.98
N GLN W 375 -5.15 -114.82 9.20
CA GLN W 375 -5.91 -113.95 10.07
C GLN W 375 -4.99 -112.89 10.69
N PRO W 376 -5.42 -111.62 10.71
CA PRO W 376 -4.58 -110.57 11.31
C PRO W 376 -4.44 -110.71 12.81
N LEU W 377 -5.30 -111.51 13.44
CA LEU W 377 -5.47 -111.63 14.88
C LEU W 377 -6.13 -110.39 15.45
N SER W 378 -6.41 -109.38 14.63
CA SER W 378 -7.32 -108.31 15.01
C SER W 378 -8.68 -108.90 15.34
N MET W 379 -9.37 -108.27 16.29
CA MET W 379 -10.61 -108.86 16.81
C MET W 379 -11.85 -108.39 16.08
N LEU W 380 -11.73 -107.60 15.03
CA LEU W 380 -12.94 -107.01 14.48
C LEU W 380 -13.88 -107.89 13.63
N ARG W 381 -13.62 -108.38 12.41
CA ARG W 381 -12.44 -108.92 11.67
C ARG W 381 -12.33 -110.45 11.84
N ASP W 382 -13.11 -111.05 12.72
CA ASP W 382 -13.19 -112.51 12.75
C ASP W 382 -14.64 -112.93 12.61
N GLN W 383 -15.46 -112.57 13.59
CA GLN W 383 -16.91 -112.43 13.40
C GLN W 383 -17.57 -113.72 12.91
N ALA W 384 -17.71 -114.66 13.84
CA ALA W 384 -18.66 -115.73 13.61
C ALA W 384 -20.08 -115.22 13.86
N LEU W 385 -21.05 -116.11 13.68
CA LEU W 385 -22.40 -115.87 14.17
C LEU W 385 -23.06 -117.23 14.36
N PHE W 386 -23.92 -117.34 15.36
CA PHE W 386 -24.30 -118.63 15.90
C PHE W 386 -25.78 -118.92 15.84
N ARG W 387 -26.63 -118.07 16.41
CA ARG W 387 -28.08 -118.33 16.41
C ARG W 387 -28.33 -119.65 17.15
N GLY W 388 -29.36 -120.41 16.77
CA GLY W 388 -29.61 -121.73 17.29
C GLY W 388 -29.73 -121.81 18.79
N ASN W 389 -29.83 -123.03 19.30
CA ASN W 389 -30.68 -124.05 18.73
C ASN W 389 -31.86 -124.15 19.68
N GLN W 390 -31.77 -123.34 20.75
CA GLN W 390 -32.38 -123.49 22.07
C GLN W 390 -31.55 -124.42 22.93
N THR W 391 -30.60 -125.15 22.35
CA THR W 391 -29.73 -126.07 23.06
C THR W 391 -28.26 -125.78 22.73
N THR W 392 -27.91 -125.79 21.45
CA THR W 392 -26.54 -125.56 21.00
C THR W 392 -26.53 -124.36 20.07
N TYR W 393 -25.38 -123.70 19.97
CA TYR W 393 -25.18 -122.69 18.94
C TYR W 393 -24.63 -123.36 17.69
N ASN W 394 -25.09 -122.92 16.52
CA ASN W 394 -24.70 -123.50 15.26
C ASN W 394 -24.30 -122.41 14.27
N LEU W 395 -23.03 -122.38 13.89
CA LEU W 395 -22.53 -121.36 12.98
C LEU W 395 -23.40 -121.27 11.74
N CYS W 396 -23.83 -120.06 11.42
CA CYS W 396 -24.84 -119.84 10.38
C CYS W 396 -24.21 -119.28 9.12
N SER W 397 -24.61 -119.85 7.98
CA SER W 397 -24.27 -119.34 6.67
C SER W 397 -24.97 -118.01 6.42
N ASP W 398 -24.53 -117.32 5.36
CA ASP W 398 -25.00 -115.98 5.04
C ASP W 398 -24.58 -114.99 6.12
N VAL W 399 -25.53 -114.34 6.80
CA VAL W 399 -25.32 -113.06 7.48
C VAL W 399 -25.17 -111.93 6.47
N TRP W 400 -26.30 -111.49 5.92
CA TRP W 400 -26.41 -110.33 5.05
C TRP W 400 -26.27 -109.04 5.86
N MET W 401 -26.49 -107.91 5.21
CA MET W 401 -26.39 -106.63 5.91
C MET W 401 -27.47 -106.48 6.96
N PHE W 402 -27.12 -105.82 8.04
CA PHE W 402 -27.96 -105.64 9.21
C PHE W 402 -27.59 -104.31 9.86
N PRO W 403 -28.54 -103.63 10.50
CA PRO W 403 -28.31 -102.23 10.90
C PRO W 403 -27.08 -101.98 11.77
N ASN W 404 -26.82 -102.81 12.76
CA ASN W 404 -25.78 -102.49 13.72
C ASN W 404 -24.42 -103.08 13.36
N GLN W 405 -24.28 -103.63 12.17
CA GLN W 405 -23.08 -104.39 11.87
C GLN W 405 -21.82 -103.53 11.89
N ILE W 406 -20.75 -104.12 12.40
CA ILE W 406 -19.39 -103.59 12.23
C ILE W 406 -18.50 -104.70 11.71
N TRP W 407 -17.72 -104.38 10.68
CA TRP W 407 -16.67 -105.25 10.24
C TRP W 407 -15.46 -104.37 9.99
N ASP W 408 -14.32 -105.02 9.83
CA ASP W 408 -13.09 -104.31 9.55
C ASP W 408 -12.67 -104.62 8.13
N ARG W 409 -12.32 -103.59 7.38
CA ARG W 409 -11.93 -103.78 6.00
C ARG W 409 -10.72 -104.70 5.94
N TYR W 410 -10.58 -105.41 4.82
CA TYR W 410 -9.53 -106.40 4.70
C TYR W 410 -8.17 -105.79 5.03
N PRO W 411 -7.34 -106.47 5.82
CA PRO W 411 -6.11 -105.84 6.34
C PRO W 411 -5.10 -105.47 5.27
N ILE W 412 -5.31 -105.95 4.06
CA ILE W 412 -4.41 -105.89 2.90
C ILE W 412 -3.01 -106.31 3.29
N THR W 413 -2.01 -105.77 2.59
CA THR W 413 -0.60 -106.16 2.68
C THR W 413 0.15 -105.42 1.58
N ARG W 414 1.46 -105.60 1.51
CA ARG W 414 2.24 -104.90 0.49
C ARG W 414 1.93 -105.37 -0.92
N GLU W 415 1.38 -106.57 -1.08
CA GLU W 415 1.14 -107.15 -2.40
C GLU W 415 -0.18 -106.75 -3.03
N ASN W 416 -0.95 -105.93 -2.40
CA ASN W 416 -2.32 -105.72 -2.82
C ASN W 416 -2.45 -104.59 -3.82
N PRO W 417 -3.50 -104.59 -4.62
CA PRO W 417 -3.83 -103.41 -5.40
C PRO W 417 -4.26 -102.26 -4.52
N ILE W 418 -3.85 -101.06 -4.90
CA ILE W 418 -4.19 -99.88 -4.12
C ILE W 418 -5.67 -99.57 -4.25
N TRP W 419 -6.16 -99.49 -5.48
CA TRP W 419 -7.52 -99.04 -5.74
C TRP W 419 -8.23 -100.00 -6.68
N CYS W 420 -9.53 -99.79 -6.78
CA CYS W 420 -10.40 -100.45 -7.73
C CYS W 420 -11.45 -99.45 -8.16
N LYS W 421 -11.87 -99.50 -9.43
CA LYS W 421 -12.84 -98.54 -9.90
C LYS W 421 -14.25 -98.96 -9.50
N LYS W 422 -14.98 -98.05 -8.88
CA LYS W 422 -16.37 -98.28 -8.54
C LYS W 422 -17.21 -98.03 -9.79
N PRO W 423 -17.85 -99.05 -10.35
CA PRO W 423 -18.61 -98.85 -11.59
C PRO W 423 -19.80 -97.92 -11.41
N ARG W 424 -20.03 -97.10 -12.42
CA ARG W 424 -21.12 -96.12 -12.38
C ARG W 424 -22.46 -96.83 -12.46
N SER W 425 -23.31 -96.57 -11.49
CA SER W 425 -24.63 -97.18 -11.48
C SER W 425 -25.55 -96.31 -10.62
N ASP W 426 -26.85 -96.50 -10.80
CA ASP W 426 -27.81 -95.69 -10.07
C ASP W 426 -27.68 -95.90 -8.57
N LYS W 427 -27.79 -97.14 -8.13
CA LYS W 427 -27.85 -97.46 -6.71
C LYS W 427 -26.72 -98.40 -6.33
N HIS W 428 -26.27 -98.29 -5.09
CA HIS W 428 -25.27 -99.20 -4.56
C HIS W 428 -25.32 -99.17 -3.04
N THR W 429 -24.76 -100.20 -2.44
CA THR W 429 -24.63 -100.32 -0.99
C THR W 429 -23.29 -99.77 -0.51
N THR W 430 -22.88 -100.15 0.70
CA THR W 430 -21.78 -99.47 1.40
C THR W 430 -20.51 -99.35 0.56
N ILE W 431 -20.30 -100.26 -0.38
CA ILE W 431 -19.08 -100.30 -1.20
C ILE W 431 -17.84 -100.52 -0.33
N ASP W 432 -17.69 -101.71 0.23
CA ASP W 432 -16.42 -102.11 0.80
C ASP W 432 -15.89 -103.30 0.02
N PRO W 433 -14.89 -103.15 -0.84
CA PRO W 433 -14.38 -104.31 -1.58
C PRO W 433 -13.69 -105.30 -0.65
N PHE W 434 -13.94 -106.58 -0.89
CA PHE W 434 -13.38 -107.62 -0.04
C PHE W 434 -11.98 -108.02 -0.46
N ASP W 435 -11.45 -107.39 -1.48
CA ASP W 435 -10.06 -107.53 -1.87
C ASP W 435 -9.18 -106.57 -1.11
N GLY W 436 -9.73 -105.88 -0.13
CA GLY W 436 -9.10 -104.70 0.39
C GLY W 436 -9.18 -103.63 -0.66
N SER W 437 -8.03 -103.11 -1.08
CA SER W 437 -7.96 -102.07 -2.10
C SER W 437 -8.86 -100.91 -1.74
N LEU W 438 -9.48 -100.30 -2.75
CA LEU W 438 -10.25 -99.09 -2.57
C LEU W 438 -11.23 -98.97 -3.73
N ALA W 439 -12.24 -98.14 -3.54
CA ALA W 439 -13.18 -97.84 -4.60
C ALA W 439 -13.18 -96.34 -4.82
N MET W 440 -13.12 -95.94 -6.09
CA MET W 440 -13.17 -94.53 -6.42
C MET W 440 -14.06 -94.33 -7.63
N ASP W 441 -14.79 -93.22 -7.64
CA ASP W 441 -15.52 -92.83 -8.84
C ASP W 441 -14.59 -92.77 -10.03
N HIS W 442 -13.57 -91.92 -9.93
CA HIS W 442 -12.53 -91.83 -10.94
C HIS W 442 -11.21 -92.24 -10.31
N PRO W 443 -10.71 -93.43 -10.60
CA PRO W 443 -9.37 -93.79 -10.17
C PRO W 443 -8.35 -93.09 -11.03
N PRO W 444 -7.06 -93.35 -10.84
CA PRO W 444 -6.09 -92.85 -11.82
C PRO W 444 -6.44 -93.32 -13.21
N GLY W 445 -6.50 -92.36 -14.14
CA GLY W 445 -6.81 -92.70 -15.52
C GLY W 445 -5.70 -93.54 -16.10
N THR W 446 -6.07 -94.66 -16.72
CA THR W 446 -5.07 -95.53 -17.32
C THR W 446 -4.38 -94.79 -18.46
N ILE W 447 -3.05 -94.85 -18.45
CA ILE W 447 -2.25 -94.24 -19.50
C ILE W 447 -2.00 -95.29 -20.56
N PHE W 448 -2.44 -95.00 -21.78
CA PHE W 448 -2.30 -95.92 -22.90
C PHE W 448 -1.18 -95.42 -23.81
N ILE W 449 -0.51 -96.36 -24.45
CA ILE W 449 0.64 -96.03 -25.29
C ILE W 449 0.73 -97.04 -26.42
N LYS W 450 1.10 -96.56 -27.60
CA LYS W 450 1.11 -97.36 -28.81
C LYS W 450 2.29 -96.91 -29.65
N MET W 451 2.62 -97.72 -30.66
CA MET W 451 3.85 -97.54 -31.41
C MET W 451 3.71 -96.76 -32.70
N ALA W 452 2.55 -96.19 -33.00
CA ALA W 452 2.45 -95.29 -34.14
C ALA W 452 2.79 -95.98 -35.45
N LYS W 453 1.86 -96.76 -35.99
CA LYS W 453 2.13 -97.59 -37.16
C LYS W 453 2.84 -96.80 -38.25
N ILE W 454 3.94 -97.36 -38.72
CA ILE W 454 4.68 -96.79 -39.84
C ILE W 454 4.57 -97.77 -40.99
N PRO W 455 3.75 -97.48 -41.99
CA PRO W 455 3.52 -98.45 -43.05
C PRO W 455 4.67 -98.45 -44.05
N VAL W 456 4.59 -99.38 -44.98
CA VAL W 456 5.62 -99.52 -46.01
C VAL W 456 4.93 -99.82 -47.32
N PRO W 457 5.43 -99.33 -48.44
CA PRO W 457 4.70 -99.48 -49.70
C PRO W 457 4.77 -100.90 -50.22
N SER W 458 3.70 -101.31 -50.91
CA SER W 458 3.64 -102.60 -51.55
C SER W 458 2.70 -102.53 -52.74
N ASN W 459 2.62 -103.63 -53.49
CA ASN W 459 1.81 -103.67 -54.70
C ASN W 459 0.35 -103.99 -54.40
N ASN W 460 0.11 -104.92 -53.48
CA ASN W 460 -1.22 -105.51 -53.25
C ASN W 460 -2.41 -104.52 -53.14
N ASN W 461 -2.33 -103.47 -52.32
CA ASN W 461 -1.18 -103.13 -51.50
C ASN W 461 -1.43 -103.50 -50.05
N ALA W 462 -0.42 -103.24 -49.22
CA ALA W 462 -0.46 -103.51 -47.79
C ALA W 462 -0.78 -105.01 -47.54
N ASP W 463 -1.36 -105.42 -46.40
CA ASP W 463 -1.12 -104.82 -45.09
C ASP W 463 0.30 -105.12 -44.65
N SER W 464 1.07 -104.06 -44.42
CA SER W 464 2.46 -104.20 -44.04
C SER W 464 2.86 -102.95 -43.27
N TYR W 465 3.83 -103.11 -42.38
CA TYR W 465 4.22 -102.03 -41.50
C TYR W 465 5.66 -102.27 -41.07
N LEU W 466 6.26 -101.23 -40.52
CA LEU W 466 7.64 -101.28 -40.11
C LEU W 466 7.72 -101.72 -38.66
N ASN W 467 8.67 -102.61 -38.36
CA ASN W 467 8.73 -103.27 -37.07
C ASN W 467 9.63 -102.47 -36.14
N ILE W 468 9.04 -101.87 -35.11
CA ILE W 468 9.76 -101.00 -34.18
C ILE W 468 9.28 -101.29 -32.76
N TYR W 469 9.99 -100.73 -31.79
CA TYR W 469 9.55 -100.76 -30.41
C TYR W 469 10.07 -99.52 -29.71
N CYS W 470 9.41 -99.17 -28.61
CA CYS W 470 9.76 -97.98 -27.86
C CYS W 470 10.33 -98.39 -26.51
N THR W 471 11.13 -97.51 -25.96
CA THR W 471 11.75 -97.76 -24.67
C THR W 471 11.90 -96.42 -23.98
N GLY W 472 11.66 -96.39 -22.68
CA GLY W 472 11.71 -95.12 -22.01
C GLY W 472 11.54 -95.30 -20.52
N GLN W 473 11.27 -94.18 -19.85
CA GLN W 473 11.26 -94.17 -18.40
C GLN W 473 10.01 -93.50 -17.89
N VAL W 474 9.24 -94.23 -17.09
CA VAL W 474 8.09 -93.68 -16.38
C VAL W 474 8.53 -93.36 -14.97
N SER W 475 8.12 -92.21 -14.47
CA SER W 475 8.35 -91.88 -13.07
C SER W 475 7.00 -91.63 -12.45
N CYS W 476 6.59 -92.51 -11.55
CA CYS W 476 5.34 -92.37 -10.84
C CYS W 476 5.65 -91.85 -9.45
N GLU W 477 5.32 -90.60 -9.20
CA GLU W 477 5.58 -89.94 -7.93
C GLU W 477 4.23 -89.61 -7.30
N ILE W 478 3.89 -90.30 -6.21
CA ILE W 478 2.58 -90.16 -5.60
C ILE W 478 2.74 -89.71 -4.16
N VAL W 479 1.83 -88.86 -3.72
CA VAL W 479 1.84 -88.30 -2.38
C VAL W 479 0.77 -88.99 -1.57
N TRP W 480 1.08 -89.29 -0.32
CA TRP W 480 0.18 -90.06 0.54
C TRP W 480 -0.19 -89.21 1.73
N GLU W 481 -1.47 -88.89 1.87
CA GLU W 481 -1.94 -88.36 3.15
C GLU W 481 -1.75 -89.43 4.21
N VAL W 482 -1.08 -89.05 5.29
CA VAL W 482 -0.66 -90.02 6.29
C VAL W 482 -0.89 -89.42 7.66
N GLU W 483 -1.27 -90.26 8.63
CA GLU W 483 -1.56 -89.82 9.97
C GLU W 483 -0.83 -90.70 10.97
N ARG W 484 -0.21 -90.09 11.97
CA ARG W 484 0.69 -90.77 12.89
C ARG W 484 -0.02 -91.07 14.19
N TYR W 485 0.32 -92.19 14.81
CA TYR W 485 -0.49 -92.70 15.91
C TYR W 485 0.08 -92.29 17.26
N ALA W 486 -0.83 -92.02 18.19
CA ALA W 486 -0.50 -91.85 19.59
C ALA W 486 -1.52 -92.63 20.40
N THR W 487 -1.06 -93.24 21.49
CA THR W 487 -1.97 -94.07 22.27
C THR W 487 -1.55 -94.07 23.72
N LYS W 488 -2.49 -94.41 24.58
CA LYS W 488 -2.26 -94.46 26.01
C LYS W 488 -1.91 -95.84 26.51
N ASN W 489 -1.78 -96.82 25.61
CA ASN W 489 -1.40 -98.16 26.04
C ASN W 489 -0.06 -98.13 26.74
N TRP W 490 0.05 -98.91 27.80
CA TRP W 490 1.31 -99.01 28.53
C TRP W 490 2.28 -99.97 27.87
N ARG W 491 1.77 -100.96 27.20
CA ARG W 491 2.56 -102.11 26.75
C ARG W 491 3.15 -101.89 25.36
N PRO W 492 4.15 -102.71 25.02
CA PRO W 492 4.95 -102.46 23.79
C PRO W 492 4.20 -102.53 22.47
N GLU W 493 2.98 -103.07 22.41
CA GLU W 493 2.24 -103.31 21.14
C GLU W 493 3.08 -104.22 20.24
N ARG W 494 3.07 -104.01 18.93
CA ARG W 494 3.63 -104.96 17.99
C ARG W 494 4.13 -104.21 16.77
N ARG W 495 5.19 -104.74 16.16
CA ARG W 495 5.76 -104.14 14.97
C ARG W 495 6.06 -105.25 13.97
N HIS W 496 6.66 -104.88 12.86
CA HIS W 496 7.09 -105.86 11.86
C HIS W 496 8.60 -105.95 11.88
N THR W 497 9.11 -107.02 12.47
CA THR W 497 10.51 -107.37 12.42
C THR W 497 10.84 -108.10 11.13
N THR W 498 12.11 -108.06 10.76
CA THR W 498 12.62 -109.03 9.82
C THR W 498 12.54 -110.45 10.36
N PHE W 499 12.36 -110.63 11.67
CA PHE W 499 12.33 -111.99 12.18
C PHE W 499 11.12 -112.76 11.71
N GLY W 500 10.05 -112.09 11.31
CA GLY W 500 8.99 -112.78 10.61
C GLY W 500 9.46 -113.33 9.28
N LEU W 501 10.48 -112.71 8.70
CA LEU W 501 11.03 -113.13 7.43
C LEU W 501 11.87 -114.38 7.61
N GLY W 502 12.16 -115.05 6.49
CA GLY W 502 12.92 -116.28 6.54
C GLY W 502 13.81 -116.41 5.32
N ILE W 503 14.77 -117.31 5.43
CA ILE W 503 15.88 -117.45 4.48
C ILE W 503 15.41 -118.25 3.27
N GLY W 504 15.94 -117.94 2.10
CA GLY W 504 15.53 -118.68 0.91
C GLY W 504 16.40 -118.37 -0.30
N GLY W 505 16.14 -119.14 -1.35
CA GLY W 505 16.74 -118.99 -2.67
C GLY W 505 18.04 -119.76 -2.83
N ALA W 506 18.26 -120.28 -4.03
CA ALA W 506 19.46 -121.01 -4.42
C ALA W 506 19.93 -121.99 -3.35
N ASP W 507 21.23 -121.98 -3.07
CA ASP W 507 21.70 -122.39 -1.76
C ASP W 507 21.15 -121.40 -0.75
N ASN W 508 20.67 -121.90 0.39
CA ASN W 508 19.66 -121.19 1.16
C ASN W 508 20.01 -119.73 1.41
N LEU W 509 21.29 -119.37 1.27
CA LEU W 509 21.78 -118.04 1.61
C LEU W 509 20.97 -116.93 0.95
N ASN W 510 20.96 -115.78 1.63
CA ASN W 510 20.19 -114.55 1.47
C ASN W 510 18.83 -114.74 2.10
N PRO W 511 18.29 -113.74 2.80
CA PRO W 511 17.09 -114.02 3.58
C PRO W 511 15.78 -114.06 2.81
N THR W 512 15.25 -112.90 2.44
CA THR W 512 13.93 -112.87 1.81
C THR W 512 13.82 -111.79 0.74
N TYR W 513 13.85 -110.52 1.11
CA TYR W 513 13.85 -109.49 0.10
C TYR W 513 15.31 -109.17 -0.21
N HIS W 514 15.79 -109.73 -1.31
CA HIS W 514 17.22 -109.75 -1.56
C HIS W 514 17.47 -110.55 -2.82
N VAL W 515 18.65 -110.35 -3.40
CA VAL W 515 19.00 -111.02 -4.64
C VAL W 515 19.58 -112.41 -4.39
N ASP W 516 19.46 -113.27 -5.40
CA ASP W 516 20.05 -114.59 -5.44
C ASP W 516 21.45 -114.49 -6.05
N LYS W 517 22.07 -115.61 -6.44
CA LYS W 517 23.49 -115.54 -6.83
C LYS W 517 24.05 -115.44 -8.29
N ASN W 518 23.38 -115.64 -9.45
CA ASN W 518 22.06 -116.18 -9.78
C ASN W 518 20.97 -115.14 -9.71
N GLY W 519 21.35 -113.90 -9.42
CA GLY W 519 20.44 -113.01 -8.72
C GLY W 519 19.05 -112.93 -9.26
N THR W 520 18.14 -113.39 -8.40
CA THR W 520 16.71 -113.37 -8.60
C THR W 520 16.12 -113.00 -7.26
N TYR W 521 15.35 -111.94 -7.25
CA TYR W 521 14.79 -111.40 -6.01
C TYR W 521 13.99 -112.49 -5.32
N ILE W 522 14.36 -112.79 -4.07
CA ILE W 522 13.71 -113.89 -3.36
C ILE W 522 12.30 -113.48 -2.96
N GLN W 523 11.39 -114.29 -3.24
CA GLN W 523 10.05 -113.81 -2.91
C GLN W 523 9.67 -114.20 -1.48
N PRO W 524 8.90 -113.33 -0.83
CA PRO W 524 8.40 -113.66 0.51
C PRO W 524 7.44 -114.84 0.46
N THR W 525 7.65 -115.80 1.37
CA THR W 525 6.88 -117.03 1.41
C THR W 525 5.92 -117.01 2.59
N THR W 526 4.65 -117.27 2.30
CA THR W 526 3.40 -117.05 3.04
C THR W 526 3.13 -115.60 3.45
N TRP W 527 2.29 -115.43 4.47
CA TRP W 527 1.55 -114.18 4.60
C TRP W 527 2.29 -113.15 5.44
N ASP W 528 2.88 -113.58 6.56
CA ASP W 528 3.51 -112.63 7.48
C ASP W 528 4.70 -111.94 6.86
N MET W 529 5.41 -112.61 5.94
CA MET W 529 6.53 -111.99 5.24
C MET W 529 6.15 -110.61 4.73
N CYS W 530 5.27 -110.57 3.74
CA CYS W 530 4.60 -109.32 3.40
C CYS W 530 3.94 -108.78 4.66
N PHE W 531 4.21 -107.53 4.97
CA PHE W 531 3.83 -107.06 6.30
C PHE W 531 2.49 -106.36 6.22
N PRO W 532 1.41 -106.99 6.70
CA PRO W 532 0.08 -106.40 6.51
C PRO W 532 -0.15 -105.27 7.47
N VAL W 533 -0.85 -104.25 7.02
CA VAL W 533 -1.37 -103.29 7.98
C VAL W 533 -2.52 -103.95 8.74
N LYS W 534 -2.88 -103.34 9.86
CA LYS W 534 -4.03 -103.68 10.70
C LYS W 534 -3.67 -104.77 11.70
N THR W 535 -2.46 -105.33 11.61
CA THR W 535 -1.97 -106.25 12.62
C THR W 535 -1.18 -105.56 13.71
N ASN W 536 -1.03 -104.24 13.64
CA ASN W 536 -0.20 -103.51 14.58
C ASN W 536 -0.99 -102.41 15.25
N ILE W 537 -0.26 -101.63 16.06
CA ILE W 537 -0.78 -100.57 16.91
C ILE W 537 -1.92 -101.15 17.75
N ASN W 538 -2.89 -100.32 18.10
CA ASN W 538 -4.13 -100.71 18.76
C ASN W 538 -5.10 -99.55 18.60
N LYS W 539 -6.38 -99.83 18.80
CA LYS W 539 -7.35 -98.76 18.90
C LYS W 539 -8.37 -99.12 19.97
N VAL W 540 -8.65 -98.18 20.86
CA VAL W 540 -9.83 -98.31 21.68
C VAL W 540 -11.05 -98.12 20.80
N LEU W 541 -11.95 -99.09 20.83
CA LEU W 541 -13.14 -99.01 20.00
C LEU W 541 -14.10 -97.97 20.55
N GLY X 34 -6.32 -69.40 44.58
CA GLY X 34 -6.20 -69.37 46.03
C GLY X 34 -4.86 -69.86 46.55
N SER X 35 -4.73 -69.91 47.87
CA SER X 35 -3.49 -70.34 48.50
C SER X 35 -3.80 -70.85 49.91
N GLY X 36 -2.87 -71.61 50.46
CA GLY X 36 -2.99 -72.13 51.80
C GLY X 36 -3.42 -73.57 51.83
N VAL X 37 -3.58 -74.08 53.05
CA VAL X 37 -4.09 -75.44 53.24
C VAL X 37 -5.47 -75.56 52.63
N GLY X 38 -5.75 -76.71 52.04
CA GLY X 38 -7.02 -76.94 51.40
C GLY X 38 -7.07 -76.55 49.94
N ILE X 39 -5.98 -76.05 49.38
CA ILE X 39 -5.89 -75.71 47.98
C ILE X 39 -4.69 -76.46 47.42
N SER X 40 -4.93 -77.40 46.51
CA SER X 40 -3.84 -78.19 45.98
C SER X 40 -2.90 -77.32 45.17
N THR X 41 -1.61 -77.61 45.24
CA THR X 41 -0.65 -76.72 44.59
C THR X 41 -0.52 -77.03 43.10
N GLY X 42 -0.46 -78.30 42.74
CA GLY X 42 -0.38 -78.67 41.35
C GLY X 42 -1.04 -80.01 41.14
N GLY X 43 -1.33 -80.32 39.88
CA GLY X 43 -2.04 -81.53 39.53
C GLY X 43 -1.12 -82.61 39.01
N TRP X 44 -1.72 -83.76 38.73
CA TRP X 44 -0.99 -84.89 38.20
C TRP X 44 -0.59 -84.63 36.76
N VAL X 45 0.48 -85.29 36.32
CA VAL X 45 1.08 -85.04 35.01
C VAL X 45 1.60 -86.35 34.45
N GLY X 46 1.60 -86.48 33.13
CA GLY X 46 2.24 -87.61 32.49
C GLY X 46 1.80 -87.75 31.04
N GLY X 47 2.21 -88.87 30.42
CA GLY X 47 1.67 -89.32 29.15
C GLY X 47 2.56 -89.15 27.94
N SER X 48 3.79 -88.67 28.11
CA SER X 48 4.75 -88.38 27.06
C SER X 48 4.26 -87.48 25.94
N TYR X 49 4.96 -87.49 24.79
CA TYR X 49 4.63 -86.57 23.72
C TYR X 49 4.92 -87.05 22.30
N PHE X 50 6.21 -87.20 21.97
CA PHE X 50 6.72 -87.64 20.67
C PHE X 50 6.47 -86.75 19.46
N THR X 51 7.26 -85.68 19.32
CA THR X 51 7.46 -84.96 18.08
C THR X 51 8.80 -85.32 17.47
N ASP X 52 8.89 -85.25 16.14
CA ASP X 52 10.09 -85.62 15.40
C ASP X 52 11.37 -85.02 15.98
N SER X 53 11.31 -83.76 16.39
CA SER X 53 12.51 -83.10 16.89
C SER X 53 12.79 -83.42 18.35
N TYR X 54 11.76 -83.67 19.16
CA TYR X 54 11.99 -83.91 20.58
C TYR X 54 10.85 -84.72 21.16
N VAL X 55 11.14 -85.36 22.30
CA VAL X 55 10.18 -86.16 23.03
C VAL X 55 10.10 -85.61 24.46
N ILE X 56 8.90 -85.29 24.91
CA ILE X 56 8.67 -84.80 26.26
C ILE X 56 8.02 -85.91 27.06
N THR X 57 8.74 -86.46 28.02
CA THR X 57 8.21 -87.46 28.92
C THR X 57 7.85 -86.79 30.24
N LYS X 58 6.65 -87.07 30.72
CA LYS X 58 6.14 -86.48 31.95
C LYS X 58 5.78 -87.61 32.90
N ASN X 59 6.09 -87.42 34.17
CA ASN X 59 5.82 -88.45 35.17
C ASN X 59 5.49 -87.78 36.49
N THR X 60 4.76 -88.49 37.33
CA THR X 60 4.37 -88.00 38.63
C THR X 60 4.35 -89.17 39.60
N ARG X 61 4.66 -88.91 40.86
CA ARG X 61 4.81 -89.97 41.85
C ARG X 61 4.18 -89.56 43.17
N GLN X 62 4.08 -90.54 44.05
CA GLN X 62 3.71 -90.32 45.43
C GLN X 62 4.87 -90.83 46.27
N PHE X 63 5.42 -90.00 47.14
CA PHE X 63 6.60 -90.37 47.89
C PHE X 63 6.37 -90.15 49.37
N LEU X 64 7.26 -90.70 50.20
CA LEU X 64 7.22 -90.37 51.62
C LEU X 64 8.62 -90.35 52.21
N VAL X 65 8.82 -89.41 53.13
CA VAL X 65 10.08 -89.23 53.82
C VAL X 65 9.90 -89.73 55.25
N LYS X 66 10.79 -90.58 55.71
CA LYS X 66 10.55 -91.41 56.88
C LYS X 66 11.21 -90.93 58.18
N ILE X 67 11.98 -89.84 58.15
CA ILE X 67 12.89 -89.49 59.25
C ILE X 67 13.89 -90.62 59.44
N GLN X 68 14.89 -90.71 58.56
CA GLN X 68 15.92 -91.71 58.75
C GLN X 68 16.95 -91.23 59.76
N ASN X 69 17.46 -92.18 60.54
CA ASN X 69 18.69 -91.99 61.34
C ASN X 69 18.50 -90.97 62.44
N ASN X 70 17.35 -90.99 63.11
CA ASN X 70 16.93 -89.91 64.00
C ASN X 70 17.10 -88.64 63.18
N HIS X 71 17.56 -87.53 63.74
CA HIS X 71 18.09 -86.47 62.89
C HIS X 71 19.60 -86.38 62.95
N GLN X 72 20.24 -87.16 63.80
CA GLN X 72 21.69 -87.16 63.88
C GLN X 72 22.31 -87.98 62.74
N TYR X 73 23.60 -87.74 62.52
CA TYR X 73 24.37 -88.28 61.41
C TYR X 73 24.99 -89.66 61.67
N LYS X 74 25.83 -89.77 62.69
CA LYS X 74 26.69 -90.91 62.95
C LYS X 74 27.65 -91.20 61.81
N THR X 75 28.12 -92.45 61.73
CA THR X 75 29.10 -92.87 60.73
C THR X 75 28.71 -94.25 60.19
N GLU X 76 28.54 -95.20 61.11
CA GLU X 76 27.93 -96.51 60.95
C GLU X 76 28.83 -97.67 60.53
N LEU X 77 30.02 -97.40 60.00
CA LEU X 77 31.04 -98.44 59.77
C LEU X 77 30.41 -99.73 59.27
N ILE X 78 29.92 -99.73 58.03
CA ILE X 78 28.84 -100.62 57.64
C ILE X 78 29.15 -102.10 57.90
N SER X 79 29.93 -102.71 57.01
CA SER X 79 30.47 -104.07 57.14
C SER X 79 29.39 -105.13 57.19
N PRO X 80 29.65 -106.33 56.71
CA PRO X 80 29.05 -107.52 57.32
C PRO X 80 30.06 -108.14 58.27
N SER X 81 29.70 -109.23 58.94
CA SER X 81 30.71 -110.03 59.63
C SER X 81 30.46 -111.54 59.54
N THR X 82 31.37 -112.35 58.99
CA THR X 82 32.43 -112.06 58.00
C THR X 82 33.28 -110.78 58.14
N SER X 83 33.88 -110.62 59.32
CA SER X 83 34.70 -109.43 59.60
C SER X 83 35.81 -109.24 58.58
N GLN X 84 36.14 -110.27 57.80
CA GLN X 84 37.12 -110.14 56.72
C GLN X 84 36.66 -109.17 55.64
N GLY X 85 35.40 -108.75 55.67
CA GLY X 85 34.88 -107.90 54.61
C GLY X 85 35.54 -106.53 54.58
N LYS X 86 35.10 -105.72 53.62
CA LYS X 86 35.70 -104.40 53.43
C LYS X 86 35.42 -103.48 54.60
N SER X 87 34.18 -103.47 55.10
CA SER X 87 33.82 -102.72 56.29
C SER X 87 34.01 -101.22 56.08
N GLN X 88 33.49 -100.71 54.98
CA GLN X 88 33.54 -99.27 54.73
C GLN X 88 32.81 -98.52 55.85
N ARG X 89 33.39 -97.40 56.25
CA ARG X 89 32.85 -96.70 57.42
C ARG X 89 31.64 -95.85 57.06
N CYS X 90 31.66 -95.24 55.89
CA CYS X 90 30.63 -94.34 55.39
C CYS X 90 30.25 -93.22 56.35
N VAL X 91 29.06 -92.66 56.13
CA VAL X 91 28.43 -91.64 56.95
C VAL X 91 26.94 -91.74 56.69
N SER X 92 26.13 -91.61 57.73
CA SER X 92 24.68 -91.59 57.54
C SER X 92 24.20 -90.18 57.83
N THR X 93 23.12 -89.79 57.19
CA THR X 93 22.57 -88.45 57.35
C THR X 93 21.07 -88.55 57.54
N PRO X 94 20.45 -87.54 58.16
CA PRO X 94 18.99 -87.51 58.23
C PRO X 94 18.32 -87.34 56.88
N TRP X 95 19.06 -86.96 55.86
CA TRP X 95 18.48 -86.58 54.59
C TRP X 95 18.12 -87.79 53.75
N SER X 96 17.11 -87.61 52.91
CA SER X 96 16.73 -88.54 51.86
C SER X 96 16.82 -87.80 50.54
N TYR X 97 16.90 -88.53 49.44
CA TYR X 97 17.12 -87.88 48.16
C TYR X 97 16.28 -88.53 47.07
N PHE X 98 16.04 -87.74 46.03
CA PHE X 98 15.34 -88.20 44.84
C PHE X 98 16.35 -88.65 43.81
N ASN X 99 16.26 -89.91 43.41
CA ASN X 99 17.07 -90.44 42.32
C ASN X 99 16.17 -90.59 41.10
N PHE X 100 16.40 -89.78 40.08
CA PHE X 100 15.64 -89.86 38.85
C PHE X 100 16.33 -90.64 37.75
N ASN X 101 17.48 -91.25 38.04
CA ASN X 101 18.36 -91.74 37.00
C ASN X 101 18.01 -93.18 36.66
N GLN X 102 17.34 -93.36 35.53
CA GLN X 102 17.04 -94.62 34.89
C GLN X 102 16.14 -94.32 33.71
N TYR X 103 16.13 -95.21 32.72
CA TYR X 103 15.21 -95.00 31.61
C TYR X 103 13.82 -95.51 31.91
N SER X 104 13.72 -96.68 32.54
CA SER X 104 12.42 -97.28 32.80
C SER X 104 11.55 -96.43 33.69
N SER X 105 12.11 -95.43 34.34
CA SER X 105 11.30 -94.53 35.15
C SER X 105 10.55 -93.54 34.27
N HIS X 106 11.20 -93.04 33.23
CA HIS X 106 10.65 -91.97 32.42
C HIS X 106 9.93 -92.45 31.17
N PHE X 107 10.03 -93.74 30.83
CA PHE X 107 9.45 -94.26 29.60
C PHE X 107 8.61 -95.47 29.89
N SER X 108 7.36 -95.44 29.46
CA SER X 108 6.55 -96.63 29.48
C SER X 108 7.13 -97.64 28.51
N PRO X 109 6.83 -98.92 28.69
CA PRO X 109 7.29 -99.91 27.72
C PRO X 109 6.86 -99.63 26.30
N GLN X 110 5.80 -98.84 26.08
CA GLN X 110 5.51 -98.40 24.74
C GLN X 110 6.24 -97.13 24.33
N ASP X 111 6.36 -96.15 25.22
CA ASP X 111 7.12 -94.95 24.87
C ASP X 111 8.55 -95.31 24.49
N TRP X 112 9.25 -95.97 25.39
CA TRP X 112 10.38 -96.78 24.97
C TRP X 112 9.84 -97.79 23.99
N GLN X 113 10.62 -98.11 22.95
CA GLN X 113 10.17 -98.86 21.77
C GLN X 113 9.40 -98.01 20.80
N ARG X 114 8.85 -96.89 21.21
CA ARG X 114 8.46 -95.94 20.20
C ARG X 114 9.64 -95.11 19.73
N LEU X 115 10.53 -94.73 20.64
CA LEU X 115 11.77 -94.09 20.22
C LEU X 115 12.82 -95.09 19.78
N THR X 116 12.89 -96.24 20.43
CA THR X 116 13.89 -97.23 20.04
C THR X 116 13.66 -97.70 18.62
N ASN X 117 12.39 -97.77 18.20
CA ASN X 117 12.10 -98.15 16.83
C ASN X 117 12.24 -96.97 15.87
N GLU X 118 11.77 -95.80 16.28
CA GLU X 118 11.57 -94.71 15.33
C GLU X 118 12.69 -93.68 15.27
N TYR X 119 13.75 -93.81 16.06
CA TYR X 119 14.74 -92.73 16.09
C TYR X 119 16.17 -93.27 16.11
N LYS X 120 17.07 -92.52 15.45
CA LYS X 120 18.48 -92.85 15.49
C LYS X 120 19.06 -92.66 16.88
N ARG X 121 18.83 -91.49 17.47
CA ARG X 121 19.59 -91.11 18.63
C ARG X 121 18.78 -90.15 19.46
N PHE X 122 19.10 -90.08 20.74
CA PHE X 122 18.40 -89.19 21.64
C PHE X 122 19.31 -88.87 22.79
N ARG X 123 19.10 -87.69 23.37
CA ARG X 123 19.77 -87.32 24.59
C ARG X 123 18.83 -86.43 25.36
N PRO X 124 18.84 -86.49 26.68
CA PRO X 124 17.96 -85.59 27.44
C PRO X 124 18.40 -84.16 27.28
N LYS X 125 17.47 -83.30 26.89
CA LYS X 125 17.77 -81.88 26.70
C LYS X 125 17.67 -81.11 27.99
N GLY X 126 16.64 -81.36 28.78
CA GLY X 126 16.40 -80.60 29.99
C GLY X 126 15.55 -81.40 30.94
N MET X 127 15.37 -80.86 32.14
CA MET X 127 14.65 -81.55 33.20
C MET X 127 13.98 -80.54 34.08
N HIS X 128 12.76 -80.85 34.51
CA HIS X 128 11.99 -79.93 35.34
C HIS X 128 11.28 -80.76 36.40
N VAL X 129 11.53 -80.44 37.66
CA VAL X 129 11.03 -81.24 38.77
C VAL X 129 10.21 -80.33 39.67
N LYS X 130 9.09 -80.84 40.17
CA LYS X 130 8.20 -80.07 41.02
C LYS X 130 7.77 -80.92 42.21
N ILE X 131 8.08 -80.45 43.41
CA ILE X 131 7.54 -81.01 44.63
C ILE X 131 6.28 -80.23 44.94
N TYR X 132 5.20 -80.93 45.29
CA TYR X 132 3.97 -80.24 45.62
C TYR X 132 3.04 -81.21 46.31
N ASN X 133 1.89 -80.69 46.73
CA ASN X 133 0.88 -81.46 47.44
C ASN X 133 1.47 -82.19 48.63
N LEU X 134 2.19 -81.46 49.47
CA LEU X 134 2.87 -82.05 50.60
C LEU X 134 1.90 -82.33 51.74
N GLN X 135 2.23 -83.32 52.56
CA GLN X 135 1.41 -83.69 53.71
C GLN X 135 2.32 -84.12 54.84
N ILE X 136 2.06 -83.66 56.06
CA ILE X 136 2.81 -84.09 57.23
C ILE X 136 1.82 -84.78 58.15
N LYS X 137 1.99 -86.08 58.37
CA LYS X 137 0.91 -86.84 58.97
C LYS X 137 1.07 -87.18 60.46
N GLN X 138 2.19 -86.88 61.09
CA GLN X 138 2.28 -86.98 62.55
C GLN X 138 1.93 -88.39 63.05
N ILE X 139 2.88 -89.31 62.87
CA ILE X 139 2.69 -90.66 63.41
C ILE X 139 2.42 -90.60 64.90
N LEU X 140 1.44 -91.39 65.35
CA LEU X 140 1.22 -91.63 66.77
C LEU X 140 1.16 -93.12 67.05
N SER X 141 1.54 -93.49 68.26
CA SER X 141 1.47 -94.87 68.72
C SER X 141 0.91 -94.89 70.13
N ASN X 142 -0.24 -95.54 70.30
CA ASN X 142 -0.81 -95.80 71.62
C ASN X 142 -0.34 -97.14 72.14
N GLY X 143 0.58 -97.79 71.45
CA GLY X 143 0.93 -99.17 71.63
C GLY X 143 0.18 -99.99 70.60
N ALA X 144 0.85 -101.01 70.06
CA ALA X 144 0.40 -101.77 68.89
C ALA X 144 0.02 -100.75 67.81
N ASP X 145 -1.01 -101.01 67.00
CA ASP X 145 -1.76 -100.07 66.16
C ASP X 145 -0.90 -99.02 65.45
N THR X 146 -1.48 -97.83 65.31
CA THR X 146 -0.90 -96.52 64.99
C THR X 146 -2.06 -95.57 64.73
N THR X 147 -1.81 -94.28 64.77
CA THR X 147 -2.79 -93.30 64.33
C THR X 147 -2.04 -92.16 63.65
N TYR X 148 -2.73 -91.50 62.72
CA TYR X 148 -2.15 -90.40 61.95
C TYR X 148 -3.10 -89.22 62.06
N ASN X 149 -2.67 -88.17 62.75
CA ASN X 149 -3.58 -87.07 63.04
C ASN X 149 -3.56 -86.04 61.93
N ASN X 150 -2.91 -86.36 60.83
CA ASN X 150 -2.44 -85.37 59.88
C ASN X 150 -1.57 -84.41 60.67
N ASP X 151 -1.55 -83.14 60.27
CA ASP X 151 -0.78 -82.13 60.96
C ASP X 151 -0.86 -80.86 60.14
N LEU X 152 -0.61 -79.75 60.80
CA LEU X 152 -0.32 -78.49 60.14
C LEU X 152 0.82 -77.87 60.91
N THR X 153 1.25 -76.68 60.49
CA THR X 153 2.36 -76.00 61.11
C THR X 153 3.57 -76.92 61.24
N ALA X 154 3.85 -77.69 60.21
CA ALA X 154 5.05 -78.53 60.14
C ALA X 154 5.74 -78.26 58.81
N GLY X 155 6.97 -78.75 58.67
CA GLY X 155 7.81 -78.34 57.58
C GLY X 155 8.66 -79.46 57.04
N VAL X 156 9.19 -79.22 55.86
CA VAL X 156 10.01 -80.18 55.13
C VAL X 156 11.14 -79.41 54.48
N HIS X 157 12.37 -79.84 54.73
CA HIS X 157 13.54 -79.25 54.10
C HIS X 157 13.71 -79.85 52.72
N ILE X 158 13.99 -78.99 51.74
CA ILE X 158 14.23 -79.44 50.37
C ILE X 158 15.44 -78.70 49.84
N PHE X 159 16.44 -79.44 49.41
CA PHE X 159 17.72 -78.88 49.01
C PHE X 159 18.17 -79.52 47.70
N CYS X 160 18.72 -78.70 46.81
CA CYS X 160 19.21 -79.16 45.52
C CYS X 160 20.66 -78.75 45.34
N ASP X 161 21.40 -79.54 44.56
CA ASP X 161 22.79 -79.24 44.24
C ASP X 161 22.89 -78.66 42.83
N GLY X 162 23.17 -77.38 42.72
CA GLY X 162 23.51 -76.84 41.43
C GLY X 162 25.00 -76.84 41.20
N GLU X 163 25.75 -76.80 42.30
CA GLU X 163 27.21 -76.78 42.22
C GLU X 163 27.82 -78.18 42.26
N HIS X 164 27.04 -79.18 42.63
CA HIS X 164 27.53 -80.52 42.93
C HIS X 164 28.63 -80.52 43.97
N ALA X 165 28.64 -79.54 44.87
CA ALA X 165 29.25 -79.75 46.16
C ALA X 165 28.44 -80.82 46.87
N TYR X 166 29.05 -81.45 47.86
CA TYR X 166 28.52 -82.58 48.60
C TYR X 166 28.72 -83.88 47.82
N PRO X 167 28.83 -84.99 48.53
CA PRO X 167 29.27 -86.25 47.90
C PRO X 167 28.34 -86.88 46.88
N ASN X 168 27.13 -86.36 46.67
CA ASN X 168 26.19 -86.77 45.62
C ASN X 168 25.93 -88.29 45.56
N ALA X 169 25.03 -88.76 46.44
CA ALA X 169 24.78 -90.19 46.61
C ALA X 169 24.61 -90.94 45.29
N THR X 170 23.96 -90.33 44.30
CA THR X 170 23.51 -91.07 43.13
C THR X 170 24.67 -91.83 42.49
N HIS X 171 24.47 -93.13 42.33
CA HIS X 171 25.33 -94.06 41.63
C HIS X 171 24.48 -94.70 40.56
N PRO X 172 25.04 -94.98 39.37
CA PRO X 172 24.19 -95.37 38.24
C PRO X 172 23.19 -96.49 38.52
N TRP X 173 23.60 -97.59 39.09
CA TRP X 173 22.69 -98.74 39.18
C TRP X 173 21.84 -98.61 40.44
N ASP X 174 22.44 -98.83 41.61
CA ASP X 174 21.77 -98.70 42.89
C ASP X 174 20.46 -99.47 42.82
N GLU X 175 19.35 -98.89 43.25
CA GLU X 175 18.06 -99.53 43.40
C GLU X 175 17.07 -98.45 43.00
N ASP X 176 15.81 -98.65 43.34
CA ASP X 176 14.83 -97.56 43.53
C ASP X 176 14.79 -96.68 42.27
N VAL X 177 15.30 -95.46 42.30
CA VAL X 177 15.03 -94.42 41.33
C VAL X 177 13.52 -94.24 41.42
N MET X 178 12.86 -93.90 40.33
CA MET X 178 11.42 -93.83 40.38
C MET X 178 10.89 -95.22 40.11
N PRO X 179 9.77 -95.61 40.70
CA PRO X 179 9.18 -96.88 40.30
C PRO X 179 8.79 -96.78 38.84
N GLU X 180 9.21 -97.76 38.05
CA GLU X 180 8.94 -97.72 36.63
C GLU X 180 7.46 -97.57 36.34
N LEU X 181 6.62 -97.91 37.31
CA LEU X 181 5.19 -97.95 37.18
C LEU X 181 4.59 -96.84 38.03
N PRO X 182 3.81 -95.90 37.48
CA PRO X 182 3.21 -94.87 38.34
C PRO X 182 2.23 -95.47 39.32
N TYR X 183 1.51 -94.65 40.08
CA TYR X 183 0.56 -95.06 41.11
C TYR X 183 1.25 -95.88 42.20
N GLN X 184 2.51 -96.22 41.98
CA GLN X 184 3.28 -96.99 42.93
C GLN X 184 4.04 -96.00 43.80
N THR X 185 3.74 -95.99 45.09
CA THR X 185 4.35 -95.01 45.97
C THR X 185 5.86 -95.18 46.00
N TRP X 186 6.57 -94.07 46.13
CA TRP X 186 8.01 -94.06 45.99
C TRP X 186 8.67 -93.76 47.32
N TYR X 187 9.29 -94.76 47.91
CA TYR X 187 9.94 -94.61 49.19
C TYR X 187 11.35 -94.10 48.97
N LEU X 188 11.67 -92.97 49.58
CA LEU X 188 12.99 -92.40 49.47
C LEU X 188 14.00 -93.18 50.30
N PHE X 189 15.26 -92.98 49.99
CA PHE X 189 16.36 -93.69 50.63
C PHE X 189 17.31 -92.70 51.29
N GLN X 190 17.92 -93.15 52.38
CA GLN X 190 18.76 -92.28 53.19
C GLN X 190 20.00 -91.86 52.43
N TYR X 191 20.43 -90.63 52.65
CA TYR X 191 21.64 -90.12 52.02
C TYR X 191 22.85 -90.42 52.88
N GLY X 192 23.88 -90.98 52.27
CA GLY X 192 25.11 -91.27 52.96
C GLY X 192 26.26 -91.17 51.98
N TYR X 193 27.47 -91.21 52.52
CA TYR X 193 28.63 -91.11 51.67
C TYR X 193 29.83 -91.69 52.38
N ILE X 194 30.83 -92.09 51.58
CA ILE X 194 32.08 -92.61 52.12
C ILE X 194 33.03 -91.43 52.36
N PRO X 195 33.32 -91.08 53.60
CA PRO X 195 34.31 -90.02 53.81
C PRO X 195 35.72 -90.42 53.39
N VAL X 196 36.16 -91.62 53.77
CA VAL X 196 37.50 -92.13 53.48
C VAL X 196 37.46 -93.65 53.52
N ILE X 197 38.36 -94.28 52.77
CA ILE X 197 38.54 -95.72 52.83
C ILE X 197 38.75 -96.14 54.27
N HIS X 198 37.99 -97.15 54.72
CA HIS X 198 38.05 -97.54 56.12
C HIS X 198 39.43 -98.07 56.49
N GLU X 199 39.91 -99.08 55.76
CA GLU X 199 41.32 -99.39 55.85
C GLU X 199 42.10 -98.17 55.39
N LEU X 200 43.36 -98.06 55.81
CA LEU X 200 44.10 -96.82 55.62
C LEU X 200 43.45 -95.70 56.40
N ALA X 201 43.78 -95.61 57.70
CA ALA X 201 43.06 -94.97 58.80
C ALA X 201 42.29 -95.94 59.69
N GLU X 202 42.42 -97.24 59.49
CA GLU X 202 41.77 -98.19 60.40
C GLU X 202 41.95 -97.93 61.92
N MET X 203 43.13 -97.57 62.44
CA MET X 203 44.45 -97.63 61.80
C MET X 203 45.32 -98.52 62.69
N GLU X 204 46.39 -99.07 62.15
CA GLU X 204 47.16 -100.07 62.89
C GLU X 204 48.34 -99.44 63.61
N ASP X 205 48.22 -99.34 64.94
CA ASP X 205 49.31 -98.92 65.82
C ASP X 205 50.00 -97.66 65.31
N SER X 206 51.32 -97.60 65.46
CA SER X 206 52.19 -96.68 64.73
C SER X 206 51.55 -95.23 64.72
N ASN X 207 51.19 -94.53 63.63
CA ASN X 207 51.44 -94.76 62.21
C ASN X 207 51.90 -93.47 61.54
N ALA X 208 51.01 -92.48 61.60
CA ALA X 208 51.19 -91.11 61.12
C ALA X 208 51.03 -91.02 59.61
N VAL X 209 51.14 -92.15 58.91
CA VAL X 209 50.73 -92.17 57.50
C VAL X 209 49.23 -92.41 57.39
N GLU X 210 48.68 -93.27 58.25
CA GLU X 210 47.23 -93.41 58.31
C GLU X 210 46.61 -92.48 59.33
N LYS X 211 47.43 -91.87 60.19
CA LYS X 211 46.92 -90.79 61.03
C LYS X 211 46.48 -89.63 60.16
N ALA X 212 47.37 -89.15 59.31
CA ALA X 212 46.91 -88.40 58.15
C ALA X 212 46.08 -89.33 57.28
N ILE X 213 45.14 -88.74 56.54
CA ILE X 213 44.08 -89.41 55.80
C ILE X 213 42.98 -89.83 56.75
N CYS X 214 43.30 -90.00 58.03
CA CYS X 214 42.26 -90.06 59.04
C CYS X 214 41.90 -88.68 59.52
N LEU X 215 42.90 -87.83 59.74
CA LEU X 215 42.65 -86.45 60.13
C LEU X 215 41.99 -85.67 59.01
N GLN X 216 42.24 -86.06 57.76
CA GLN X 216 41.79 -85.24 56.65
C GLN X 216 40.40 -85.65 56.16
N ILE X 217 39.75 -86.61 56.82
CA ILE X 217 38.48 -87.08 56.28
C ILE X 217 37.52 -85.89 56.34
N PRO X 218 36.94 -85.49 55.22
CA PRO X 218 36.02 -84.35 55.24
C PRO X 218 34.68 -84.78 55.81
N PHE X 219 33.98 -83.81 56.37
CA PHE X 219 32.67 -84.04 56.94
C PHE X 219 31.70 -83.03 56.34
N PHE X 220 30.75 -83.53 55.56
CA PHE X 220 29.83 -82.69 54.83
C PHE X 220 28.48 -82.71 55.53
N MET X 221 27.79 -81.58 55.49
CA MET X 221 26.52 -81.42 56.15
C MET X 221 25.63 -80.64 55.21
N LEU X 222 24.39 -81.06 55.08
CA LEU X 222 23.49 -80.38 54.18
C LEU X 222 22.83 -79.18 54.83
N GLU X 223 23.21 -78.85 56.06
CA GLU X 223 22.58 -77.69 56.68
C GLU X 223 23.22 -76.43 56.13
N ASN X 224 24.44 -76.07 56.56
CA ASN X 224 25.39 -75.36 55.72
C ASN X 224 24.71 -74.45 54.71
N SER X 225 24.93 -74.73 53.43
CA SER X 225 24.26 -73.99 52.37
C SER X 225 22.76 -73.98 52.56
N ASP X 226 22.15 -72.84 52.26
CA ASP X 226 20.74 -72.63 52.56
C ASP X 226 19.84 -73.47 51.67
N HIS X 227 18.63 -73.70 52.13
CA HIS X 227 17.64 -74.48 51.41
C HIS X 227 16.26 -74.12 51.91
N GLU X 228 15.25 -74.52 51.14
CA GLU X 228 13.89 -74.13 51.43
C GLU X 228 13.22 -75.11 52.37
N VAL X 229 12.41 -74.56 53.28
CA VAL X 229 11.49 -75.35 54.09
C VAL X 229 10.11 -75.10 53.53
N LEU X 230 9.24 -76.10 53.60
CA LEU X 230 7.91 -76.00 53.05
C LEU X 230 6.89 -76.53 54.04
N ARG X 231 5.86 -75.74 54.31
CA ARG X 231 4.69 -76.32 54.93
C ARG X 231 3.85 -76.95 53.84
N THR X 232 2.61 -77.32 54.19
CA THR X 232 1.75 -78.01 53.23
C THR X 232 1.47 -77.17 51.99
N GLY X 233 0.90 -75.98 52.17
CA GLY X 233 0.43 -75.21 51.03
C GLY X 233 1.51 -74.84 50.02
N GLU X 234 2.76 -74.83 50.44
CA GLU X 234 3.85 -74.43 49.58
C GLU X 234 4.31 -75.58 48.68
N SER X 235 4.94 -75.22 47.56
CA SER X 235 5.59 -76.16 46.66
C SER X 235 6.96 -75.64 46.26
N THR X 236 7.63 -76.37 45.38
CA THR X 236 8.94 -75.98 44.90
C THR X 236 9.15 -76.54 43.50
N GLU X 237 9.88 -75.81 42.68
CA GLU X 237 10.27 -76.25 41.35
C GLU X 237 11.78 -76.30 41.26
N PHE X 238 12.27 -77.16 40.36
CA PHE X 238 13.67 -77.21 40.03
C PHE X 238 13.82 -77.46 38.54
N THR X 239 14.81 -76.82 37.93
CA THR X 239 15.10 -77.04 36.52
C THR X 239 16.52 -77.53 36.36
N PHE X 240 16.78 -78.16 35.23
CA PHE X 240 18.11 -78.66 34.92
C PHE X 240 18.32 -78.59 33.43
N ASN X 241 19.55 -78.32 33.03
CA ASN X 241 19.94 -78.36 31.63
C ASN X 241 21.13 -79.29 31.51
N PHE X 242 21.25 -79.92 30.35
CA PHE X 242 22.22 -80.98 30.15
C PHE X 242 23.18 -80.60 29.04
N ASP X 243 24.47 -80.58 29.36
CA ASP X 243 25.51 -80.71 28.35
C ASP X 243 25.82 -82.20 28.28
N CYS X 244 25.43 -82.82 27.18
CA CYS X 244 25.24 -84.26 27.21
C CYS X 244 25.52 -84.84 25.83
N GLU X 245 26.08 -86.04 25.82
CA GLU X 245 26.40 -86.75 24.59
C GLU X 245 25.21 -87.57 24.13
N TRP X 246 25.01 -87.63 22.81
CA TRP X 246 23.96 -88.46 22.26
C TRP X 246 24.19 -89.91 22.63
N ILE X 247 23.10 -90.66 22.80
CA ILE X 247 23.15 -92.11 22.84
C ILE X 247 22.50 -92.60 21.54
N ASN X 248 23.22 -93.43 20.81
CA ASN X 248 22.87 -93.74 19.44
C ASN X 248 22.17 -95.08 19.35
N ASN X 249 20.99 -95.09 18.77
CA ASN X 249 20.29 -96.32 18.40
C ASN X 249 20.50 -96.52 16.91
N GLU X 250 21.34 -97.49 16.57
CA GLU X 250 21.87 -97.71 15.24
C GLU X 250 22.66 -99.00 15.29
N ARG X 251 22.88 -99.58 14.13
CA ARG X 251 23.50 -100.89 14.05
C ARG X 251 24.45 -100.91 12.86
N ALA X 252 25.66 -101.40 13.08
CA ALA X 252 26.60 -101.62 12.01
C ALA X 252 26.41 -103.04 11.51
N TYR X 253 26.04 -103.17 10.23
CA TYR X 253 25.81 -104.49 9.66
C TYR X 253 27.11 -105.21 9.32
N ILE X 254 28.24 -104.51 9.32
CA ILE X 254 29.55 -105.13 9.10
C ILE X 254 30.56 -104.50 10.04
N PRO X 255 31.64 -105.22 10.32
CA PRO X 255 32.75 -104.63 11.06
C PRO X 255 33.31 -103.45 10.29
N PRO X 256 33.96 -102.51 10.97
CA PRO X 256 34.54 -101.38 10.23
C PRO X 256 35.66 -101.78 9.30
N GLY X 257 36.37 -102.87 9.60
CA GLY X 257 37.41 -103.33 8.72
C GLY X 257 36.92 -104.11 7.52
N LEU X 258 35.62 -104.35 7.42
CA LEU X 258 35.05 -105.13 6.34
C LEU X 258 34.54 -104.22 5.22
N MET X 259 34.83 -102.93 5.28
CA MET X 259 34.33 -101.98 4.29
C MET X 259 35.34 -101.89 3.17
N PHE X 260 34.97 -102.42 2.01
CA PHE X 260 35.78 -102.34 0.79
C PHE X 260 35.03 -103.04 -0.32
N ASN X 261 35.42 -102.75 -1.53
CA ASN X 261 34.84 -103.44 -2.67
C ASN X 261 35.67 -104.68 -2.93
N PRO X 262 35.16 -105.87 -2.62
CA PRO X 262 35.97 -107.08 -2.76
C PRO X 262 36.20 -107.47 -4.20
N LEU X 263 35.42 -106.91 -5.13
CA LEU X 263 35.63 -107.19 -6.54
C LEU X 263 36.94 -106.60 -7.04
N VAL X 264 37.26 -105.39 -6.59
CA VAL X 264 38.41 -104.68 -7.14
C VAL X 264 39.69 -105.26 -6.57
N PRO X 265 40.70 -105.54 -7.38
CA PRO X 265 41.99 -105.99 -6.84
C PRO X 265 42.65 -104.89 -6.04
N THR X 266 43.60 -105.29 -5.20
CA THR X 266 44.30 -104.36 -4.34
C THR X 266 45.77 -104.28 -4.73
N ARG X 267 46.37 -103.11 -4.53
CA ARG X 267 47.81 -102.99 -4.65
C ARG X 267 48.44 -103.00 -3.28
N ARG X 268 49.01 -104.15 -2.92
CA ARG X 268 49.57 -104.42 -1.60
C ARG X 268 50.20 -105.79 -1.67
N ALA X 269 51.06 -106.13 -0.72
CA ALA X 269 51.71 -107.43 -0.76
C ALA X 269 51.90 -107.96 0.65
N GLN X 270 52.02 -109.27 0.73
CA GLN X 270 52.21 -109.98 1.99
C GLN X 270 53.54 -110.70 1.92
N TYR X 271 54.50 -110.27 2.71
CA TYR X 271 55.69 -111.07 2.96
C TYR X 271 55.39 -111.95 4.15
N ILE X 272 55.75 -113.22 4.05
CA ILE X 272 55.52 -114.18 5.12
C ILE X 272 56.84 -114.82 5.48
N ARG X 273 57.21 -114.73 6.76
CA ARG X 273 58.49 -115.24 7.21
C ARG X 273 58.59 -116.75 7.01
N ARG X 274 59.82 -117.25 6.90
CA ARG X 274 60.07 -118.68 6.93
C ARG X 274 59.37 -119.30 8.13
N ASN X 275 58.66 -120.40 7.89
CA ASN X 275 57.74 -120.91 8.90
C ASN X 275 58.49 -121.64 10.02
N ASN X 276 59.66 -122.19 9.73
CA ASN X 276 60.48 -122.90 10.72
C ASN X 276 59.64 -123.97 11.42
N ASN X 277 59.37 -125.04 10.67
CA ASN X 277 58.38 -126.07 10.99
C ASN X 277 57.00 -125.44 10.78
N PRO X 278 56.03 -126.23 10.29
CA PRO X 278 56.25 -127.51 9.58
C PRO X 278 57.04 -127.39 8.28
N GLN X 279 56.67 -126.42 7.45
CA GLN X 279 57.10 -126.41 6.05
C GLN X 279 56.77 -125.04 5.46
N THR X 280 56.79 -124.91 4.12
CA THR X 280 56.40 -123.69 3.42
C THR X 280 57.32 -122.51 3.69
N ALA X 281 58.48 -122.52 3.05
CA ALA X 281 59.45 -121.43 3.17
C ALA X 281 58.86 -120.12 2.67
N GLU X 282 59.49 -119.02 3.08
CA GLU X 282 58.95 -117.67 2.92
C GLU X 282 58.61 -117.37 1.47
N SER X 283 57.56 -116.58 1.30
CA SER X 283 57.15 -116.11 -0.02
C SER X 283 56.41 -114.80 0.12
N THR X 284 56.49 -113.96 -0.92
CA THR X 284 55.71 -112.75 -1.02
C THR X 284 54.63 -112.92 -2.07
N SER X 285 53.49 -112.27 -1.85
CA SER X 285 52.35 -112.43 -2.74
C SER X 285 51.44 -111.22 -2.63
N ARG X 286 50.63 -111.02 -3.66
CA ARG X 286 49.65 -109.94 -3.64
C ARG X 286 48.46 -110.34 -2.78
N ILE X 287 47.93 -109.36 -2.05
CA ILE X 287 46.76 -109.60 -1.22
C ILE X 287 45.56 -109.84 -2.12
N ALA X 288 44.77 -110.85 -1.76
CA ALA X 288 43.61 -111.21 -2.55
C ALA X 288 42.63 -110.06 -2.63
N PRO X 289 41.82 -110.01 -3.70
CA PRO X 289 40.86 -108.90 -3.83
C PRO X 289 39.88 -108.84 -2.68
N TYR X 290 39.30 -109.98 -2.32
CA TYR X 290 38.60 -110.11 -1.06
C TYR X 290 39.61 -110.06 0.08
N ALA X 291 39.12 -109.77 1.28
CA ALA X 291 39.96 -109.80 2.48
C ALA X 291 41.14 -108.85 2.35
N LYS X 292 40.85 -107.61 2.04
CA LYS X 292 41.87 -106.60 2.02
C LYS X 292 42.21 -106.19 3.46
N PRO X 293 43.45 -105.78 3.70
CA PRO X 293 43.81 -105.34 5.04
C PRO X 293 43.07 -104.08 5.43
N THR X 294 43.09 -103.80 6.72
CA THR X 294 42.34 -102.67 7.23
C THR X 294 43.15 -101.90 8.26
N SER X 295 42.77 -100.63 8.40
CA SER X 295 42.99 -99.87 9.62
C SER X 295 41.91 -100.24 10.62
N TRP X 296 41.72 -99.38 11.60
CA TRP X 296 40.54 -99.50 12.44
C TRP X 296 40.57 -100.75 13.30
N MET X 297 41.41 -100.67 14.32
CA MET X 297 41.59 -101.61 15.41
C MET X 297 40.30 -101.75 16.22
N THR X 298 40.19 -102.87 16.93
CA THR X 298 39.03 -103.11 17.78
C THR X 298 39.10 -102.28 19.05
N GLY X 299 37.94 -102.06 19.65
CA GLY X 299 37.85 -101.33 20.89
C GLY X 299 38.53 -102.06 22.02
N PRO X 300 38.89 -101.31 23.07
CA PRO X 300 39.67 -101.90 24.16
C PRO X 300 38.81 -102.69 25.12
N GLY X 301 39.45 -103.64 25.79
CA GLY X 301 38.81 -104.44 26.83
C GLY X 301 39.86 -105.04 27.70
N LEU X 302 39.43 -105.60 28.84
CA LEU X 302 40.31 -106.39 29.70
C LEU X 302 39.64 -107.73 29.97
N LEU X 303 40.16 -108.79 29.35
CA LEU X 303 39.58 -110.11 29.47
C LEU X 303 40.34 -111.10 30.34
N SER X 304 41.50 -110.73 30.89
CA SER X 304 42.34 -111.79 31.48
C SER X 304 41.89 -112.18 32.88
N ALA X 305 41.45 -111.20 33.67
CA ALA X 305 41.21 -111.37 35.09
C ALA X 305 40.02 -112.28 35.36
N GLN X 306 39.93 -112.75 36.60
CA GLN X 306 38.77 -113.51 37.08
C GLN X 306 38.38 -112.97 38.44
N ARG X 307 37.08 -112.92 38.70
CA ARG X 307 36.60 -112.45 40.00
C ARG X 307 37.16 -113.31 41.11
N VAL X 308 37.49 -112.66 42.22
CA VAL X 308 38.35 -113.24 43.25
C VAL X 308 37.58 -113.41 44.55
N GLY X 309 37.37 -114.66 44.93
CA GLY X 309 36.96 -114.98 46.28
C GLY X 309 35.46 -114.98 46.49
N PRO X 310 35.05 -115.00 47.76
CA PRO X 310 33.63 -115.15 48.07
C PRO X 310 32.86 -113.86 47.84
N ALA X 311 31.56 -114.01 47.66
CA ALA X 311 30.68 -112.86 47.53
C ALA X 311 30.65 -112.08 48.84
N THR X 312 30.21 -110.83 48.74
CA THR X 312 30.16 -109.80 49.79
C THR X 312 31.56 -109.27 50.08
N SER X 313 32.59 -109.82 49.47
CA SER X 313 33.97 -109.34 49.61
C SER X 313 34.36 -108.37 48.51
N ASP X 314 33.42 -107.96 47.66
CA ASP X 314 33.71 -107.11 46.49
C ASP X 314 34.64 -107.81 45.51
N THR X 315 34.10 -108.79 44.79
CA THR X 315 34.90 -109.46 43.77
C THR X 315 34.68 -108.75 42.44
N GLY X 316 35.68 -107.99 41.99
CA GLY X 316 35.54 -107.25 40.75
C GLY X 316 36.31 -107.78 39.57
N ALA X 317 37.26 -108.68 39.84
CA ALA X 317 38.30 -109.18 38.94
C ALA X 317 39.31 -108.12 38.58
N TRP X 318 39.00 -106.84 38.76
CA TRP X 318 39.97 -105.75 38.64
C TRP X 318 39.70 -104.80 39.78
N MET X 319 40.68 -104.65 40.67
CA MET X 319 40.56 -103.72 41.78
C MET X 319 41.46 -102.54 41.51
N VAL X 320 40.90 -101.34 41.62
CA VAL X 320 41.68 -100.13 41.35
C VAL X 320 42.54 -99.76 42.56
N ALA X 321 41.97 -99.83 43.75
CA ALA X 321 42.63 -99.52 45.01
C ALA X 321 43.39 -98.19 45.02
N VAL X 322 44.41 -98.12 45.89
CA VAL X 322 45.28 -96.95 46.02
C VAL X 322 46.72 -97.37 46.25
N LYS X 323 46.97 -98.03 47.37
CA LYS X 323 48.31 -98.38 47.83
C LYS X 323 49.22 -97.16 48.04
N PRO X 324 48.96 -96.35 49.06
CA PRO X 324 49.98 -95.38 49.49
C PRO X 324 51.22 -96.11 49.96
N GLU X 325 52.34 -95.39 49.99
CA GLU X 325 53.64 -96.03 50.00
C GLU X 325 53.86 -96.83 51.29
N ASN X 326 53.48 -96.26 52.43
CA ASN X 326 53.58 -97.04 53.66
C ASN X 326 52.22 -97.55 54.12
N ALA X 327 51.44 -96.66 54.73
CA ALA X 327 50.12 -96.95 55.29
C ALA X 327 50.22 -98.21 56.15
N SER X 328 49.16 -99.01 56.13
CA SER X 328 49.18 -100.40 56.55
C SER X 328 47.94 -101.03 55.95
N ILE X 329 47.98 -102.35 55.77
CA ILE X 329 46.89 -103.03 55.07
C ILE X 329 46.66 -104.38 55.75
N ASP X 330 45.39 -104.69 55.94
CA ASP X 330 44.94 -105.98 56.46
C ASP X 330 44.99 -106.99 55.32
N THR X 331 44.36 -108.15 55.49
CA THR X 331 44.15 -109.03 54.36
C THR X 331 43.52 -108.25 53.22
N GLY X 332 44.03 -108.45 52.03
CA GLY X 332 43.67 -107.58 50.91
C GLY X 332 44.79 -106.69 50.44
N MET X 333 44.73 -106.07 49.25
CA MET X 333 43.68 -106.16 48.20
C MET X 333 42.23 -106.07 48.73
N SER X 334 41.42 -107.08 48.45
CA SER X 334 40.07 -107.20 49.01
C SER X 334 39.21 -105.94 48.70
N GLY X 335 38.74 -105.08 49.61
CA GLY X 335 39.25 -104.72 50.93
C GLY X 335 39.90 -103.34 50.91
N ILE X 336 40.36 -102.96 49.72
CA ILE X 336 40.70 -101.57 49.41
C ILE X 336 40.31 -101.35 47.97
N GLY X 337 39.89 -100.13 47.66
CA GLY X 337 39.49 -99.80 46.31
C GLY X 337 38.25 -100.52 45.85
N SER X 338 37.97 -100.37 44.56
CA SER X 338 36.70 -100.76 43.99
C SER X 338 36.91 -101.75 42.85
N GLY X 339 35.95 -102.65 42.67
CA GLY X 339 36.00 -103.52 41.52
C GLY X 339 35.59 -102.80 40.25
N PHE X 340 36.29 -103.08 39.17
CA PHE X 340 36.00 -102.48 37.88
C PHE X 340 35.12 -103.43 37.09
N ASP X 341 33.94 -102.95 36.71
CA ASP X 341 32.93 -103.81 36.13
C ASP X 341 32.11 -103.05 35.07
N PRO X 342 31.75 -103.71 33.96
CA PRO X 342 32.38 -104.88 33.33
C PRO X 342 33.63 -104.56 32.53
N PRO X 343 34.73 -105.26 32.77
CA PRO X 343 35.67 -105.50 31.69
C PRO X 343 35.35 -106.78 30.91
N GLN X 344 35.46 -106.89 29.58
CA GLN X 344 35.11 -105.89 28.57
C GLN X 344 35.82 -104.53 28.73
N GLY X 345 35.26 -103.34 28.43
CA GLY X 345 34.10 -103.05 27.60
C GLY X 345 34.27 -103.52 26.17
N SER X 346 33.18 -103.48 25.40
CA SER X 346 33.16 -104.02 24.05
C SER X 346 33.70 -105.44 24.05
N LEU X 347 34.52 -105.77 23.04
CA LEU X 347 35.41 -106.92 23.08
C LEU X 347 34.72 -108.16 23.63
N ALA X 348 33.88 -108.80 22.82
CA ALA X 348 32.87 -109.73 23.30
C ALA X 348 33.41 -110.69 24.36
N PRO X 349 32.73 -110.86 25.48
CA PRO X 349 33.30 -111.57 26.62
C PRO X 349 33.37 -113.07 26.41
N THR X 350 34.17 -113.71 27.26
CA THR X 350 34.33 -115.15 27.23
C THR X 350 33.14 -115.84 27.89
N ASN X 351 32.98 -115.68 29.19
CA ASN X 351 31.87 -116.34 29.86
C ASN X 351 30.97 -115.33 30.55
N LEU X 352 29.98 -115.86 31.26
CA LEU X 352 28.96 -115.06 31.94
C LEU X 352 29.56 -114.07 32.91
N GLU X 353 30.77 -114.36 33.40
CA GLU X 353 31.36 -113.56 34.47
C GLU X 353 31.55 -112.11 34.07
N TYR X 354 31.69 -111.82 32.79
CA TYR X 354 31.86 -110.48 32.28
C TYR X 354 30.60 -109.87 31.70
N LYS X 355 29.48 -110.58 31.75
CA LYS X 355 28.34 -110.30 30.89
C LYS X 355 27.37 -109.31 31.51
N ILE X 356 27.77 -108.66 32.60
CA ILE X 356 26.95 -107.89 33.53
C ILE X 356 25.86 -108.82 34.05
N GLN X 357 24.75 -108.25 34.54
CA GLN X 357 23.60 -108.96 35.06
C GLN X 357 22.82 -107.95 35.89
N TRP X 358 21.52 -108.17 36.15
CA TRP X 358 20.87 -107.44 37.23
C TRP X 358 19.57 -108.15 37.57
N TYR X 359 19.04 -107.87 38.76
CA TYR X 359 17.88 -108.62 39.22
C TYR X 359 16.56 -107.91 38.92
N GLN X 360 16.61 -106.64 38.52
CA GLN X 360 15.43 -105.83 38.22
C GLN X 360 14.32 -105.99 39.25
N THR X 361 14.70 -106.19 40.51
CA THR X 361 13.78 -106.48 41.59
C THR X 361 14.56 -106.61 42.89
N PRO X 362 14.11 -105.97 43.97
CA PRO X 362 14.79 -106.16 45.25
C PRO X 362 14.56 -107.54 45.84
N GLN X 363 13.43 -108.17 45.52
CA GLN X 363 13.16 -109.51 46.04
C GLN X 363 13.99 -110.57 45.34
N GLY X 364 14.76 -110.19 44.32
CA GLY X 364 15.51 -111.16 43.56
C GLY X 364 16.55 -111.92 44.35
N THR X 365 16.43 -113.26 44.35
CA THR X 365 17.39 -114.13 45.02
C THR X 365 18.55 -114.38 44.07
N ASN X 366 19.41 -115.35 44.40
CA ASN X 366 20.60 -115.59 43.59
C ASN X 366 20.25 -115.82 42.13
N ASN X 367 19.44 -116.83 41.84
CA ASN X 367 18.84 -116.96 40.52
C ASN X 367 17.34 -116.80 40.65
N ASN X 368 16.85 -115.63 40.25
CA ASN X 368 15.47 -115.19 40.19
C ASN X 368 15.56 -113.75 39.72
N GLY X 369 14.52 -113.20 39.11
CA GLY X 369 14.77 -111.95 38.42
C GLY X 369 15.92 -112.24 37.48
N ASN X 370 17.03 -111.54 37.68
CA ASN X 370 18.32 -112.01 37.20
C ASN X 370 18.41 -112.04 35.69
N ILE X 371 18.00 -110.95 35.05
CA ILE X 371 18.12 -110.89 33.60
C ILE X 371 19.55 -110.54 33.25
N ILE X 372 20.09 -111.21 32.26
CA ILE X 372 21.50 -111.15 31.93
C ILE X 372 21.66 -110.46 30.59
N SER X 373 22.66 -109.59 30.47
CA SER X 373 22.89 -108.90 29.23
C SER X 373 23.27 -109.89 28.13
N ASN X 374 23.07 -109.47 26.89
CA ASN X 374 23.23 -110.34 25.74
C ASN X 374 23.86 -109.54 24.60
N GLN X 375 24.29 -110.23 23.56
CA GLN X 375 24.91 -109.52 22.45
C GLN X 375 23.86 -108.85 21.58
N PRO X 376 24.07 -107.59 21.18
CA PRO X 376 23.08 -106.91 20.33
C PRO X 376 23.01 -107.48 18.94
N LEU X 377 24.00 -108.28 18.54
CA LEU X 377 24.23 -108.77 17.19
C LEU X 377 24.69 -107.65 16.27
N SER X 378 24.78 -106.42 16.77
CA SER X 378 25.50 -105.36 16.09
C SER X 378 26.95 -105.78 15.90
N MET X 379 27.55 -105.36 14.80
CA MET X 379 28.87 -105.85 14.43
C MET X 379 30.00 -104.99 14.97
N LEU X 380 29.73 -103.96 15.76
CA LEU X 380 30.81 -103.05 16.10
C LEU X 380 31.86 -103.49 17.12
N ARG X 381 31.67 -103.65 18.45
CA ARG X 381 30.57 -104.14 19.32
C ARG X 381 30.72 -105.66 19.61
N ASP X 382 31.61 -106.35 18.91
CA ASP X 382 31.92 -107.72 19.29
C ASP X 382 33.43 -107.84 19.51
N GLN X 383 34.20 -107.64 18.46
CA GLN X 383 35.60 -107.21 18.56
C GLN X 383 36.46 -108.19 19.38
N ALA X 384 36.76 -109.31 18.75
CA ALA X 384 37.88 -110.09 19.25
C ALA X 384 39.20 -109.46 18.82
N LEU X 385 40.29 -110.08 19.24
CA LEU X 385 41.60 -109.77 18.67
C LEU X 385 42.48 -111.00 18.85
N PHE X 386 43.37 -111.24 17.91
CA PHE X 386 43.97 -112.56 17.75
C PHE X 386 45.49 -112.57 17.84
N ARG X 387 46.19 -111.79 17.04
CA ARG X 387 47.66 -111.79 17.08
C ARG X 387 48.14 -113.21 16.74
N GLY X 388 49.28 -113.64 17.29
CA GLY X 388 49.76 -115.00 17.16
C GLY X 388 49.92 -115.48 15.73
N ASN X 389 50.23 -116.76 15.58
CA ASN X 389 51.23 -117.42 16.41
C ASN X 389 52.43 -117.58 15.50
N GLN X 390 52.23 -117.14 14.25
CA GLN X 390 52.89 -117.55 13.01
C GLN X 390 52.24 -118.82 12.46
N THR X 391 51.41 -119.49 13.25
CA THR X 391 50.73 -120.71 12.85
C THR X 391 49.23 -120.59 13.11
N THR X 392 48.85 -120.29 14.35
CA THR X 392 47.45 -120.18 14.75
C THR X 392 47.21 -118.78 15.31
N TYR X 393 45.97 -118.32 15.25
CA TYR X 393 45.58 -117.10 15.95
C TYR X 393 45.12 -117.47 17.36
N ASN X 394 45.48 -116.65 18.34
CA ASN X 394 45.15 -116.91 19.73
C ASN X 394 44.56 -115.67 20.37
N LEU X 395 43.28 -115.75 20.76
CA LEU X 395 42.61 -114.60 21.36
C LEU X 395 43.43 -114.02 22.49
N CYS X 396 43.64 -112.71 22.46
CA CYS X 396 44.57 -112.05 23.36
C CYS X 396 43.83 -111.27 24.43
N SER X 397 44.29 -111.42 25.67
CA SER X 397 43.84 -110.62 26.79
C SER X 397 44.30 -109.18 26.64
N ASP X 398 43.72 -108.29 27.46
CA ASP X 398 43.96 -106.86 27.39
C ASP X 398 43.41 -106.30 26.08
N VAL X 399 44.25 -105.72 25.23
CA VAL X 399 43.85 -104.74 24.22
C VAL X 399 43.49 -103.41 24.87
N TRP X 400 44.52 -102.66 25.24
CA TRP X 400 44.42 -101.29 25.74
C TRP X 400 44.08 -100.33 24.60
N MET X 401 44.10 -99.03 24.90
CA MET X 401 43.80 -98.05 23.88
C MET X 401 44.87 -98.01 22.80
N PHE X 402 44.44 -97.76 21.58
CA PHE X 402 45.27 -97.79 20.40
C PHE X 402 44.70 -96.78 19.40
N PRO X 403 45.54 -96.15 18.57
CA PRO X 403 45.08 -94.99 17.79
C PRO X 403 43.86 -95.19 16.93
N ASN X 404 43.76 -96.30 16.22
CA ASN X 404 42.70 -96.44 15.22
C ASN X 404 41.46 -97.12 15.77
N GLN X 405 41.37 -97.33 17.07
CA GLN X 405 40.30 -98.15 17.60
C GLN X 405 38.93 -97.56 17.37
N ILE X 406 37.98 -98.44 17.07
CA ILE X 406 36.56 -98.12 17.12
C ILE X 406 35.85 -99.16 17.96
N TRP X 407 35.00 -98.70 18.87
CA TRP X 407 34.09 -99.58 19.57
C TRP X 407 32.76 -98.87 19.59
N ASP X 408 31.73 -99.63 19.95
CA ASP X 408 30.39 -99.09 20.05
C ASP X 408 30.00 -99.05 21.51
N ARG X 409 29.46 -97.91 21.95
CA ARG X 409 29.08 -97.77 23.33
C ARG X 409 28.04 -98.82 23.68
N TYR X 410 27.99 -99.21 24.95
CA TYR X 410 27.11 -100.29 25.37
C TYR X 410 25.68 -100.01 24.91
N PRO X 411 25.00 -101.02 24.37
CA PRO X 411 23.69 -100.77 23.73
C PRO X 411 22.61 -100.30 24.68
N ILE X 412 22.86 -100.37 25.97
CA ILE X 412 21.94 -100.12 27.07
C ILE X 412 20.63 -100.88 26.86
N THR X 413 19.55 -100.32 27.40
CA THR X 413 18.23 -100.95 27.46
C THR X 413 17.34 -100.07 28.32
N ARG X 414 16.07 -100.43 28.47
CA ARG X 414 15.16 -99.62 29.26
C ARG X 414 15.52 -99.60 30.75
N GLU X 415 16.25 -100.60 31.24
CA GLU X 415 16.54 -100.75 32.65
C GLU X 415 17.77 -99.96 33.11
N ASN X 416 18.41 -99.24 32.25
CA ASN X 416 19.71 -98.70 32.58
C ASN X 416 19.62 -97.33 33.20
N PRO X 417 20.65 -96.93 33.94
CA PRO X 417 20.76 -95.54 34.35
C PRO X 417 21.02 -94.63 33.17
N ILE X 418 20.40 -93.45 33.21
CA ILE X 418 20.56 -92.50 32.12
C ILE X 418 21.96 -91.93 32.11
N TRP X 419 22.41 -91.42 33.26
CA TRP X 419 23.66 -90.69 33.35
C TRP X 419 24.49 -91.22 34.50
N CYS X 420 25.75 -90.78 34.52
CA CYS X 420 26.69 -90.99 35.60
C CYS X 420 27.55 -89.75 35.69
N LYS X 421 27.94 -89.38 36.90
CA LYS X 421 28.73 -88.16 37.06
C LYS X 421 30.19 -88.45 36.77
N LYS X 422 30.78 -87.64 35.89
CA LYS X 422 32.20 -87.73 35.62
C LYS X 422 32.96 -86.99 36.71
N PRO X 423 33.75 -87.69 37.52
CA PRO X 423 34.43 -87.03 38.63
C PRO X 423 35.45 -86.00 38.17
N ARG X 424 35.52 -84.90 38.90
CA ARG X 424 36.43 -83.82 38.56
C ARG X 424 37.86 -84.24 38.81
N SER X 425 38.68 -84.13 37.78
CA SER X 425 40.09 -84.48 37.90
C SER X 425 40.86 -83.75 36.82
N ASP X 426 42.18 -83.67 37.02
CA ASP X 426 43.00 -82.95 36.06
C ASP X 426 42.94 -83.60 34.69
N LYS X 427 43.28 -84.88 34.61
CA LYS X 427 43.42 -85.56 33.34
C LYS X 427 42.48 -86.75 33.27
N HIS X 428 42.04 -87.06 32.06
CA HIS X 428 41.23 -88.25 31.83
C HIS X 428 41.31 -88.63 30.37
N THR X 429 40.93 -89.88 30.10
CA THR X 429 40.86 -90.42 28.75
C THR X 429 39.46 -90.25 28.16
N THR X 430 39.14 -91.03 27.12
CA THR X 430 37.97 -90.76 26.28
C THR X 430 36.68 -90.63 27.07
N ILE X 431 36.59 -91.26 28.25
CA ILE X 431 35.37 -91.26 29.06
C ILE X 431 34.21 -91.92 28.33
N ASP X 432 34.28 -93.23 28.13
CA ASP X 432 33.10 -93.98 27.73
C ASP X 432 32.76 -94.98 28.83
N PRO X 433 31.73 -94.75 29.64
CA PRO X 433 31.39 -95.72 30.68
C PRO X 433 30.91 -97.03 30.09
N PHE X 434 31.36 -98.13 30.68
CA PHE X 434 31.00 -99.45 30.18
C PHE X 434 29.68 -99.94 30.73
N ASP X 435 29.02 -99.14 31.54
CA ASP X 435 27.66 -99.40 31.98
C ASP X 435 26.65 -98.85 31.00
N GLY X 436 27.12 -98.38 29.85
CA GLY X 436 26.30 -97.52 29.03
C GLY X 436 26.18 -96.19 29.74
N SER X 437 24.95 -95.78 30.02
CA SER X 437 24.69 -94.52 30.70
C SER X 437 25.40 -93.37 30.01
N LEU X 438 25.87 -92.41 30.79
CA LEU X 438 26.44 -91.19 30.25
C LEU X 438 27.35 -90.59 31.31
N ALA X 439 28.22 -89.70 30.87
CA ALA X 439 29.07 -88.95 31.78
C ALA X 439 28.81 -87.47 31.57
N MET X 440 28.67 -86.74 32.67
CA MET X 440 28.47 -85.31 32.59
C MET X 440 29.28 -84.63 33.68
N ASP X 441 29.82 -83.46 33.35
CA ASP X 441 30.46 -82.63 34.37
C ASP X 441 29.49 -82.38 35.51
N HIS X 442 28.35 -81.79 35.20
CA HIS X 442 27.28 -81.59 36.17
C HIS X 442 26.07 -82.37 35.71
N PRO X 443 25.76 -83.50 36.34
CA PRO X 443 24.52 -84.18 36.07
C PRO X 443 23.37 -83.44 36.72
N PRO X 444 22.15 -83.96 36.65
CA PRO X 444 21.08 -83.37 37.45
C PRO X 444 21.48 -83.36 38.92
N GLY X 445 21.36 -82.18 39.53
CA GLY X 445 21.68 -82.06 40.95
C GLY X 445 20.71 -82.88 41.76
N THR X 446 21.25 -83.69 42.67
CA THR X 446 20.39 -84.50 43.51
C THR X 446 19.56 -83.60 44.41
N ILE X 447 18.27 -83.87 44.46
CA ILE X 447 17.35 -83.13 45.32
C ILE X 447 17.25 -83.87 46.64
N PHE X 448 17.60 -83.19 47.72
CA PHE X 448 17.59 -83.75 49.05
C PHE X 448 16.39 -83.23 49.79
N ILE X 449 15.86 -84.03 50.70
CA ILE X 449 14.66 -83.67 51.43
C ILE X 449 14.70 -84.32 52.81
N LYS X 450 14.23 -83.60 53.81
CA LYS X 450 14.32 -84.01 55.20
C LYS X 450 13.07 -83.54 55.91
N MET X 451 12.84 -84.08 57.11
CA MET X 451 11.58 -83.89 57.81
C MET X 451 11.57 -82.77 58.83
N ALA X 452 12.61 -81.96 58.92
CA ALA X 452 12.53 -80.78 59.76
C ALA X 452 12.27 -81.11 61.23
N LYS X 453 13.31 -81.53 61.94
CA LYS X 453 13.16 -82.03 63.29
C LYS X 453 12.30 -81.10 64.14
N ILE X 454 11.29 -81.67 64.77
CA ILE X 454 10.44 -80.94 65.70
C ILE X 454 10.69 -81.52 67.08
N PRO X 455 11.42 -80.83 67.94
CA PRO X 455 11.78 -81.41 69.22
C PRO X 455 10.63 -81.32 70.20
N VAL X 456 10.83 -81.92 71.36
CA VAL X 456 9.82 -81.93 72.40
C VAL X 456 10.53 -81.73 73.74
N PRO X 457 9.92 -81.03 74.69
CA PRO X 457 10.63 -80.70 75.91
C PRO X 457 10.79 -81.91 76.82
N SER X 458 11.88 -81.91 77.57
CA SER X 458 12.14 -82.95 78.56
C SER X 458 13.03 -82.38 79.65
N ASN X 459 13.27 -83.19 80.68
CA ASN X 459 14.06 -82.77 81.82
C ASN X 459 15.56 -82.91 81.59
N ASN X 460 15.97 -84.01 80.97
CA ASN X 460 17.38 -84.41 80.90
C ASN X 460 18.39 -83.31 80.47
N ASN X 461 18.15 -82.56 79.39
CA ASN X 461 16.99 -82.65 78.53
C ASN X 461 17.32 -83.38 77.24
N ALA X 462 16.31 -83.53 76.40
CA ALA X 462 16.43 -84.19 75.10
C ALA X 462 17.00 -85.62 75.28
N ASP X 463 17.67 -86.23 74.29
CA ASP X 463 17.37 -86.08 72.87
C ASP X 463 16.02 -86.73 72.57
N SER X 464 15.11 -85.91 72.06
CA SER X 464 13.76 -86.37 71.77
C SER X 464 13.17 -85.49 70.69
N TYR X 465 12.27 -86.05 69.91
CA TYR X 465 11.73 -85.35 68.77
C TYR X 465 10.35 -85.93 68.46
N LEU X 466 9.61 -85.20 67.65
CA LEU X 466 8.26 -85.60 67.31
C LEU X 466 8.29 -86.44 66.05
N ASN X 467 7.51 -87.52 66.03
CA ASN X 467 7.59 -88.52 64.97
C ASN X 467 6.59 -88.17 63.88
N ILE X 468 7.09 -87.80 62.70
CA ILE X 468 6.27 -87.37 61.59
C ILE X 468 6.82 -87.96 60.30
N TYR X 469 6.05 -87.82 59.23
CA TYR X 469 6.53 -88.16 57.90
C TYR X 469 5.83 -87.27 56.89
N CYS X 470 6.44 -87.15 55.73
CA CYS X 470 5.92 -86.30 54.67
C CYS X 470 5.45 -87.16 53.52
N THR X 471 4.53 -86.62 52.74
CA THR X 471 3.99 -87.32 51.60
C THR X 471 3.64 -86.27 50.56
N GLY X 472 3.91 -86.58 49.30
CA GLY X 472 3.66 -85.57 48.29
C GLY X 472 3.90 -86.13 46.91
N GLN X 473 3.99 -85.23 45.95
CA GLN X 473 4.03 -85.63 44.56
C GLN X 473 5.18 -84.93 43.85
N VAL X 474 6.08 -85.71 43.27
CA VAL X 474 7.13 -85.21 42.41
C VAL X 474 6.67 -85.38 40.98
N SER X 475 6.89 -84.36 40.16
CA SER X 475 6.65 -84.48 38.73
C SER X 475 7.96 -84.21 38.03
N CYS X 476 8.53 -85.22 37.41
CA CYS X 476 9.77 -85.07 36.67
C CYS X 476 9.41 -85.03 35.19
N GLU X 477 9.53 -83.86 34.59
CA GLU X 477 9.20 -83.65 33.18
C GLU X 477 10.48 -83.30 32.46
N ILE X 478 10.95 -84.20 31.60
CA ILE X 478 12.24 -84.03 30.94
C ILE X 478 12.04 -84.04 29.44
N VAL X 479 12.80 -83.20 28.76
CA VAL X 479 12.74 -83.05 27.31
C VAL X 479 13.93 -83.75 26.70
N TRP X 480 13.71 -84.45 25.60
CA TRP X 480 14.73 -85.27 24.97
C TRP X 480 14.98 -84.74 23.58
N GLU X 481 16.21 -84.27 23.32
CA GLU X 481 16.61 -84.05 21.95
C GLU X 481 16.62 -85.38 21.23
N VAL X 482 15.93 -85.45 20.10
CA VAL X 482 15.70 -86.72 19.44
C VAL X 482 15.86 -86.50 17.93
N GLU X 483 16.39 -87.50 17.24
CA GLU X 483 16.64 -87.42 15.82
C GLU X 483 16.08 -88.66 15.13
N ARG X 484 15.41 -88.46 14.01
CA ARG X 484 14.65 -89.51 13.36
C ARG X 484 15.44 -90.05 12.16
N TYR X 485 15.30 -91.34 11.90
CA TYR X 485 16.20 -92.01 10.96
C TYR X 485 15.61 -92.09 9.57
N ALA X 486 16.48 -91.94 8.58
CA ALA X 486 16.17 -92.23 7.20
C ALA X 486 17.31 -93.03 6.62
N THR X 487 16.99 -93.99 5.76
CA THR X 487 18.05 -94.85 5.23
C THR X 487 17.65 -95.33 3.84
N LYS X 488 18.67 -95.75 3.08
CA LYS X 488 18.48 -96.23 1.74
C LYS X 488 18.39 -97.74 1.66
N ASN X 489 18.39 -98.43 2.79
CA ASN X 489 18.25 -99.87 2.77
C ASN X 489 16.94 -100.27 2.13
N TRP X 490 16.98 -101.33 1.34
CA TRP X 490 15.79 -101.83 0.69
C TRP X 490 14.97 -102.69 1.62
N ARG X 491 15.61 -103.37 2.54
CA ARG X 491 15.02 -104.45 3.31
C ARG X 491 14.36 -103.96 4.59
N PRO X 492 13.50 -104.80 5.18
CA PRO X 492 12.65 -104.35 6.30
C PRO X 492 13.38 -103.92 7.58
N GLU X 493 14.66 -104.21 7.75
CA GLU X 493 15.39 -103.95 9.02
C GLU X 493 14.69 -104.69 10.16
N ARG X 494 14.64 -104.13 11.36
CA ARG X 494 14.21 -104.85 12.54
C ARG X 494 13.58 -103.88 13.52
N ARG X 495 12.60 -104.38 14.27
CA ARG X 495 11.91 -103.58 15.25
C ARG X 495 11.78 -104.38 16.52
N HIS X 496 11.09 -103.83 17.51
CA HIS X 496 10.81 -104.54 18.75
C HIS X 496 9.33 -104.88 18.79
N THR X 497 9.03 -106.14 18.54
CA THR X 497 7.70 -106.69 18.72
C THR X 497 7.47 -107.07 20.18
N THR X 498 6.20 -107.14 20.56
CA THR X 498 5.83 -107.88 21.76
C THR X 498 6.16 -109.36 21.62
N PHE X 499 6.40 -109.86 20.42
CA PHE X 499 6.66 -111.29 20.31
C PHE X 499 7.98 -111.69 20.95
N GLY X 500 8.91 -110.76 21.12
CA GLY X 500 10.05 -111.04 21.96
C GLY X 500 9.65 -111.26 23.39
N LEU X 501 8.53 -110.67 23.80
CA LEU X 501 8.02 -110.80 25.15
C LEU X 501 7.40 -112.18 25.36
N GLY X 502 7.21 -112.54 26.63
CA GLY X 502 6.65 -113.84 26.94
C GLY X 502 5.78 -113.77 28.18
N ILE X 503 4.98 -114.81 28.35
CA ILE X 503 3.89 -114.85 29.32
C ILE X 503 4.46 -115.20 30.70
N GLY X 504 3.85 -114.65 31.75
CA GLY X 504 4.34 -114.94 33.08
C GLY X 504 3.41 -114.46 34.18
N GLY X 505 3.76 -114.85 35.40
CA GLY X 505 3.12 -114.43 36.63
C GLY X 505 1.96 -115.31 37.03
N ALA X 506 1.81 -115.51 38.35
CA ALA X 506 0.72 -116.29 38.95
C ALA X 506 0.45 -117.60 38.21
N ASP X 507 -0.82 -117.88 37.97
CA ASP X 507 -1.18 -118.72 36.85
C ASP X 507 -0.79 -117.98 35.58
N ASN X 508 -0.19 -118.69 34.62
CA ASN X 508 0.70 -118.07 33.65
C ASN X 508 0.11 -116.81 33.01
N LEU X 509 -1.21 -116.66 33.07
CA LEU X 509 -1.90 -115.57 32.38
C LEU X 509 -1.30 -114.21 32.68
N ASN X 510 -1.46 -113.31 31.71
CA ASN X 510 -0.92 -111.97 31.49
C ASN X 510 0.47 -112.11 30.91
N PRO X 511 0.85 -111.28 29.94
CA PRO X 511 2.11 -111.56 29.25
C PRO X 511 3.39 -111.16 29.96
N THR X 512 3.70 -109.88 29.98
CA THR X 512 4.98 -109.45 30.53
C THR X 512 4.89 -108.12 31.25
N TYR X 513 4.66 -107.03 30.55
CA TYR X 513 4.46 -105.76 31.23
C TYR X 513 2.96 -105.61 31.46
N HIS X 514 2.55 -105.91 32.68
CA HIS X 514 1.15 -106.09 32.96
C HIS X 514 1.00 -106.53 34.41
N VAL X 515 -0.21 -106.38 34.93
CA VAL X 515 -0.48 -106.72 36.32
C VAL X 515 -0.81 -108.20 36.49
N ASP X 516 -0.57 -108.70 37.70
CA ASP X 516 -0.94 -110.04 38.12
C ASP X 516 -2.35 -110.00 38.71
N LYS X 517 -2.78 -111.05 39.42
CA LYS X 517 -4.19 -111.11 39.81
C LYS X 517 -4.81 -110.69 41.19
N ASN X 518 -4.14 -110.44 42.34
CA ASN X 518 -2.76 -110.64 42.79
C ASN X 518 -1.85 -109.50 42.39
N GLY X 519 -2.42 -108.47 41.78
CA GLY X 519 -1.67 -107.68 40.84
C GLY X 519 -0.31 -107.22 41.30
N THR X 520 0.67 -107.74 40.58
CA THR X 520 2.08 -107.44 40.73
C THR X 520 2.63 -107.37 39.33
N TYR X 521 3.23 -106.24 38.99
CA TYR X 521 3.71 -106.00 37.65
C TYR X 521 4.69 -107.09 37.26
N ILE X 522 4.41 -107.78 36.17
CA ILE X 522 5.25 -108.91 35.78
C ILE X 522 6.58 -108.39 35.25
N GLN X 523 7.60 -108.94 35.71
CA GLN X 523 8.85 -108.37 35.24
C GLN X 523 9.32 -109.07 33.97
N PRO X 524 9.96 -108.31 33.09
CA PRO X 524 10.54 -108.91 31.89
C PRO X 524 11.68 -109.86 32.23
N THR X 525 11.66 -111.04 31.64
CA THR X 525 12.62 -112.10 31.92
C THR X 525 13.59 -112.25 30.76
N THR X 526 14.87 -112.21 31.09
CA THR X 526 16.08 -112.01 30.29
C THR X 526 16.12 -110.71 29.48
N TRP X 527 16.95 -110.70 28.43
CA TRP X 527 17.47 -109.42 27.94
C TRP X 527 16.60 -108.81 26.86
N ASP X 528 16.11 -109.64 25.93
CA ASP X 528 15.36 -109.11 24.79
C ASP X 528 14.04 -108.48 25.22
N MET X 529 13.44 -108.95 26.30
CA MET X 529 12.22 -108.37 26.82
C MET X 529 12.35 -106.85 26.92
N CYS X 530 13.19 -106.38 27.83
CA CYS X 530 13.64 -105.00 27.80
C CYS X 530 14.23 -104.74 26.42
N PHE X 531 13.76 -103.69 25.76
CA PHE X 531 14.09 -103.56 24.35
C PHE X 531 15.29 -102.66 24.19
N PRO X 532 16.47 -103.20 23.89
CA PRO X 532 17.68 -102.38 23.88
C PRO X 532 17.74 -101.55 22.62
N VAL X 533 18.26 -100.34 22.74
CA VAL X 533 18.63 -99.62 21.55
C VAL X 533 19.89 -100.26 20.97
N LYS X 534 20.18 -99.93 19.71
CA LYS X 534 21.38 -100.30 18.98
C LYS X 534 21.23 -101.69 18.35
N THR X 535 20.14 -102.39 18.61
CA THR X 535 19.84 -103.63 17.93
C THR X 535 18.96 -103.42 16.70
N ASN X 536 18.60 -102.17 16.39
CA ASN X 536 17.67 -101.89 15.31
C ASN X 536 18.28 -100.90 14.33
N ILE X 537 17.46 -100.53 13.36
CA ILE X 537 17.82 -99.67 12.24
C ILE X 537 19.05 -100.26 11.56
N ASN X 538 19.89 -99.42 10.97
CA ASN X 538 21.18 -99.77 10.42
C ASN X 538 21.95 -98.48 10.22
N LYS X 539 23.26 -98.57 10.07
CA LYS X 539 24.05 -97.43 9.65
C LYS X 539 25.14 -97.91 8.71
N VAL X 540 25.28 -97.23 7.58
CA VAL X 540 26.49 -97.39 6.79
C VAL X 540 27.64 -96.76 7.56
N LEU X 541 28.69 -97.53 7.78
CA LEU X 541 29.81 -97.02 8.52
C LEU X 541 30.61 -96.04 7.67
N GLY Y 34 -14.46 -65.29 48.70
CA GLY Y 34 -13.38 -65.93 49.44
C GLY Y 34 -12.90 -67.22 48.83
N SER Y 35 -11.95 -67.88 49.51
CA SER Y 35 -11.40 -69.14 49.02
C SER Y 35 -10.82 -69.91 50.20
N GLY Y 36 -10.63 -71.20 50.00
CA GLY Y 36 -10.03 -72.06 51.00
C GLY Y 36 -11.07 -72.89 51.74
N VAL Y 37 -10.58 -73.66 52.69
CA VAL Y 37 -11.46 -74.45 53.54
C VAL Y 37 -12.40 -73.54 54.30
N GLY Y 38 -13.64 -73.97 54.47
CA GLY Y 38 -14.64 -73.18 55.15
C GLY Y 38 -15.45 -72.27 54.25
N ILE Y 39 -15.18 -72.28 52.95
CA ILE Y 39 -15.92 -71.50 51.98
C ILE Y 39 -16.42 -72.49 50.92
N SER Y 40 -17.73 -72.66 50.82
CA SER Y 40 -18.27 -73.62 49.88
C SER Y 40 -18.00 -73.16 48.46
N THR Y 41 -17.72 -74.12 47.58
CA THR Y 41 -17.32 -73.75 46.23
C THR Y 41 -18.52 -73.42 45.36
N GLY Y 42 -19.57 -74.23 45.43
CA GLY Y 42 -20.77 -73.98 44.65
C GLY Y 42 -21.97 -74.51 45.40
N GLY Y 43 -23.14 -74.06 44.98
CA GLY Y 43 -24.38 -74.40 45.64
C GLY Y 43 -25.15 -75.49 44.91
N TRP Y 44 -26.26 -75.88 45.51
CA TRP Y 44 -27.13 -76.88 44.94
C TRP Y 44 -27.85 -76.31 43.73
N VAL Y 45 -28.26 -77.21 42.83
CA VAL Y 45 -28.83 -76.83 41.54
C VAL Y 45 -29.89 -77.85 41.14
N GLY Y 46 -30.91 -77.39 40.43
CA GLY Y 46 -31.88 -78.30 39.85
C GLY Y 46 -33.12 -77.57 39.40
N GLY Y 47 -34.14 -78.36 39.01
CA GLY Y 47 -35.49 -77.87 38.82
C GLY Y 47 -35.97 -77.74 37.38
N SER Y 48 -35.16 -78.14 36.42
CA SER Y 48 -35.41 -78.03 34.98
C SER Y 48 -35.80 -76.64 34.47
N TYR Y 49 -36.39 -76.57 33.28
CA TYR Y 49 -36.66 -75.27 32.67
C TYR Y 49 -37.88 -75.20 31.76
N PHE Y 50 -37.80 -75.89 30.60
CA PHE Y 50 -38.85 -75.95 29.58
C PHE Y 50 -39.22 -74.67 28.83
N THR Y 51 -38.39 -74.28 27.87
CA THR Y 51 -38.75 -73.34 26.81
C THR Y 51 -38.99 -74.11 25.52
N ASP Y 52 -39.86 -73.56 24.66
CA ASP Y 52 -40.24 -74.19 23.40
C ASP Y 52 -39.05 -74.69 22.59
N SER Y 53 -37.98 -73.91 22.55
CA SER Y 53 -36.82 -74.28 21.73
C SER Y 53 -35.91 -75.28 22.44
N TYR Y 54 -35.82 -75.23 23.76
CA TYR Y 54 -34.90 -76.11 24.46
C TYR Y 54 -35.36 -76.31 25.90
N VAL Y 55 -34.87 -77.39 26.50
CA VAL Y 55 -35.15 -77.75 27.88
C VAL Y 55 -33.83 -77.90 28.61
N ILE Y 56 -33.69 -77.18 29.72
CA ILE Y 56 -32.49 -77.25 30.55
C ILE Y 56 -32.82 -78.02 31.80
N THR Y 57 -32.27 -79.22 31.94
CA THR Y 57 -32.43 -80.02 33.14
C THR Y 57 -31.19 -79.89 34.00
N LYS Y 58 -31.40 -79.61 35.28
CA LYS Y 58 -30.32 -79.41 36.22
C LYS Y 58 -30.47 -80.42 37.35
N ASN Y 59 -29.36 -80.98 37.80
CA ASN Y 59 -29.39 -81.98 38.84
C ASN Y 59 -28.14 -81.85 39.68
N THR Y 60 -28.23 -82.32 40.93
CA THR Y 60 -27.11 -82.28 41.85
C THR Y 60 -27.18 -83.52 42.74
N ARG Y 61 -26.01 -84.01 43.15
CA ARG Y 61 -25.95 -85.27 43.88
C ARG Y 61 -24.95 -85.17 45.01
N GLN Y 62 -24.98 -86.17 45.86
CA GLN Y 62 -23.97 -86.38 46.88
C GLN Y 62 -23.35 -87.74 46.60
N PHE Y 63 -22.03 -87.78 46.47
CA PHE Y 63 -21.37 -89.02 46.08
C PHE Y 63 -20.25 -89.34 47.06
N LEU Y 64 -19.74 -90.56 46.99
CA LEU Y 64 -18.54 -90.88 47.75
C LEU Y 64 -17.67 -91.88 47.00
N VAL Y 65 -16.36 -91.69 47.14
CA VAL Y 65 -15.35 -92.54 46.51
C VAL Y 65 -14.71 -93.37 47.61
N LYS Y 66 -14.66 -94.68 47.41
CA LYS Y 66 -14.44 -95.63 48.49
C LYS Y 66 -13.01 -96.17 48.59
N ILE Y 67 -12.09 -95.78 47.69
CA ILE Y 67 -10.81 -96.48 47.53
C ILE Y 67 -11.08 -97.94 47.16
N GLN Y 68 -11.45 -98.18 45.91
CA GLN Y 68 -11.61 -99.56 45.47
C GLN Y 68 -10.28 -100.20 45.14
N ASN Y 69 -10.16 -101.49 45.44
CA ASN Y 69 -9.11 -102.34 44.91
C ASN Y 69 -7.73 -101.95 45.42
N ASN Y 70 -7.63 -101.60 46.70
CA ASN Y 70 -6.45 -100.95 47.26
C ASN Y 70 -6.17 -99.78 46.32
N HIS Y 71 -4.93 -99.46 46.00
CA HIS Y 71 -4.69 -98.63 44.83
C HIS Y 71 -4.12 -99.42 43.66
N GLN Y 72 -3.81 -100.69 43.86
CA GLN Y 72 -3.30 -101.52 42.78
C GLN Y 72 -4.43 -101.99 41.87
N TYR Y 73 -4.04 -102.43 40.67
CA TYR Y 73 -4.92 -102.81 39.57
C TYR Y 73 -5.41 -104.25 39.62
N LYS Y 74 -4.50 -105.20 39.57
CA LYS Y 74 -4.77 -106.62 39.36
C LYS Y 74 -5.46 -106.90 38.03
N THR Y 75 -6.16 -108.02 37.94
CA THR Y 75 -6.83 -108.46 36.72
C THR Y 75 -8.20 -109.03 37.08
N GLU Y 76 -8.21 -110.01 37.98
CA GLU Y 76 -9.35 -110.56 38.71
C GLU Y 76 -10.10 -111.73 38.07
N LEU Y 77 -9.93 -111.98 36.77
CA LEU Y 77 -10.43 -113.20 36.11
C LEU Y 77 -11.80 -113.59 36.66
N ILE Y 78 -12.82 -112.80 36.32
CA ILE Y 78 -14.01 -112.70 37.16
C ILE Y 78 -14.66 -114.05 37.45
N SER Y 79 -15.44 -114.57 36.49
CA SER Y 79 -16.04 -115.90 36.50
C SER Y 79 -17.01 -116.10 37.65
N PRO Y 80 -18.04 -116.93 37.49
CA PRO Y 80 -18.54 -117.71 38.61
C PRO Y 80 -17.96 -119.10 38.55
N SER Y 81 -18.28 -119.98 39.50
CA SER Y 81 -17.97 -121.39 39.32
C SER Y 81 -19.07 -122.32 39.86
N THR Y 82 -19.70 -123.19 39.05
CA THR Y 82 -19.88 -123.15 37.57
C THR Y 82 -18.71 -122.75 36.67
N SER Y 83 -17.58 -123.44 36.83
CA SER Y 83 -16.37 -123.14 36.05
C SER Y 83 -16.63 -123.20 34.55
N GLN Y 84 -17.73 -123.81 34.12
CA GLN Y 84 -18.10 -123.81 32.71
C GLN Y 84 -18.40 -122.41 32.18
N GLY Y 85 -18.50 -121.42 33.06
CA GLY Y 85 -18.87 -120.08 32.64
C GLY Y 85 -17.81 -119.44 31.75
N LYS Y 86 -18.12 -118.20 31.33
CA LYS Y 86 -17.25 -117.50 30.41
C LYS Y 86 -15.91 -117.16 31.06
N SER Y 87 -15.94 -116.68 32.30
CA SER Y 87 -14.74 -116.41 33.07
C SER Y 87 -13.87 -115.35 32.42
N GLN Y 88 -14.49 -114.23 32.05
CA GLN Y 88 -13.74 -113.11 31.50
C GLN Y 88 -12.70 -112.63 32.50
N ARG Y 89 -11.52 -112.29 32.00
CA ARG Y 89 -10.41 -111.96 32.90
C ARG Y 89 -10.51 -110.53 33.42
N CYS Y 90 -10.96 -109.62 32.55
CA CYS Y 90 -11.06 -108.19 32.84
C CYS Y 90 -9.79 -107.56 33.39
N VAL Y 91 -9.96 -106.41 34.05
CA VAL Y 91 -8.93 -105.66 34.74
C VAL Y 91 -9.64 -104.81 35.77
N SER Y 92 -9.08 -104.69 36.96
CA SER Y 92 -9.65 -103.80 37.96
C SER Y 92 -8.71 -102.63 38.14
N THR Y 93 -9.25 -101.48 38.50
CA THR Y 93 -8.47 -100.27 38.67
C THR Y 93 -8.85 -99.60 39.97
N PRO Y 94 -7.98 -98.77 40.54
CA PRO Y 94 -8.37 -97.98 41.71
C PRO Y 94 -9.41 -96.94 41.41
N TRP Y 95 -9.66 -96.65 40.14
CA TRP Y 95 -10.51 -95.53 39.76
C TRP Y 95 -11.99 -95.87 39.88
N SER Y 96 -12.78 -94.84 40.12
CA SER Y 96 -14.23 -94.88 40.05
C SER Y 96 -14.65 -93.85 39.02
N TYR Y 97 -15.88 -93.98 38.53
CA TYR Y 97 -16.30 -93.10 37.45
C TYR Y 97 -17.74 -92.67 37.63
N PHE Y 98 -18.05 -91.53 37.01
CA PHE Y 98 -19.40 -90.99 36.99
C PHE Y 98 -20.11 -91.45 35.73
N ASN Y 99 -21.23 -92.16 35.90
CA ASN Y 99 -22.08 -92.55 34.78
C ASN Y 99 -23.31 -91.67 34.81
N PHE Y 100 -23.45 -90.78 33.84
CA PHE Y 100 -24.60 -89.91 33.73
C PHE Y 100 -25.65 -90.42 32.76
N ASN Y 101 -25.48 -91.61 32.21
CA ASN Y 101 -26.26 -92.02 31.04
C ASN Y 101 -27.52 -92.74 31.50
N GLN Y 102 -28.64 -92.03 31.42
CA GLN Y 102 -29.99 -92.54 31.61
C GLN Y 102 -30.91 -91.34 31.55
N TYR Y 103 -32.18 -91.57 31.22
CA TYR Y 103 -33.11 -90.46 31.23
C TYR Y 103 -33.66 -90.19 32.62
N SER Y 104 -33.99 -91.24 33.36
CA SER Y 104 -34.60 -91.08 34.67
C SER Y 104 -33.70 -90.33 35.63
N SER Y 105 -32.42 -90.19 35.32
CA SER Y 105 -31.55 -89.41 36.18
C SER Y 105 -31.77 -87.93 35.99
N HIS Y 106 -31.98 -87.49 34.75
CA HIS Y 106 -32.06 -86.07 34.43
C HIS Y 106 -33.47 -85.52 34.40
N PHE Y 107 -34.49 -86.37 34.46
CA PHE Y 107 -35.87 -85.93 34.34
C PHE Y 107 -36.70 -86.48 35.48
N SER Y 108 -37.38 -85.58 36.18
CA SER Y 108 -38.37 -86.02 37.13
C SER Y 108 -39.52 -86.67 36.39
N PRO Y 109 -40.30 -87.51 37.06
CA PRO Y 109 -41.46 -88.09 36.40
C PRO Y 109 -42.41 -87.06 35.84
N GLN Y 110 -42.41 -85.83 36.33
CA GLN Y 110 -43.17 -84.78 35.67
C GLN Y 110 -42.43 -84.10 34.53
N ASP Y 111 -41.14 -83.82 34.70
CA ASP Y 111 -40.38 -83.22 33.60
C ASP Y 111 -40.44 -84.10 32.37
N TRP Y 112 -40.00 -85.35 32.51
CA TRP Y 112 -40.45 -86.39 31.61
C TRP Y 112 -41.96 -86.43 31.72
N GLN Y 113 -42.65 -86.66 30.61
CA GLN Y 113 -44.09 -86.48 30.46
C GLN Y 113 -44.49 -85.03 30.28
N ARG Y 114 -43.66 -84.08 30.65
CA ARG Y 114 -43.89 -82.76 30.11
C ARG Y 114 -43.33 -82.62 28.72
N LEU Y 115 -42.17 -83.21 28.46
CA LEU Y 115 -41.68 -83.25 27.09
C LEU Y 115 -42.29 -84.37 26.29
N THR Y 116 -42.53 -85.52 26.91
CA THR Y 116 -43.12 -86.63 26.16
C THR Y 116 -44.50 -86.26 25.65
N ASN Y 117 -45.23 -85.45 26.40
CA ASN Y 117 -46.54 -85.00 25.93
C ASN Y 117 -46.41 -83.83 24.97
N GLU Y 118 -45.54 -82.88 25.25
CA GLU Y 118 -45.59 -81.59 24.59
C GLU Y 118 -44.63 -81.44 23.42
N TYR Y 119 -43.81 -82.43 23.09
CA TYR Y 119 -42.80 -82.21 22.05
C TYR Y 119 -42.68 -83.38 21.10
N LYS Y 120 -42.39 -83.06 19.83
CA LYS Y 120 -42.12 -84.10 18.84
C LYS Y 120 -40.84 -84.85 19.14
N ARG Y 121 -39.76 -84.12 19.36
CA ARG Y 121 -38.45 -84.73 19.33
C ARG Y 121 -37.52 -83.92 20.20
N PHE Y 122 -36.47 -84.58 20.67
CA PHE Y 122 -35.49 -83.91 21.50
C PHE Y 122 -34.17 -84.65 21.37
N ARG Y 123 -33.09 -83.91 21.55
CA ARG Y 123 -31.78 -84.52 21.65
C ARG Y 123 -30.97 -83.66 22.59
N PRO Y 124 -30.07 -84.24 23.37
CA PRO Y 124 -29.24 -83.42 24.24
C PRO Y 124 -28.30 -82.55 23.43
N LYS Y 125 -28.33 -81.25 23.71
CA LYS Y 125 -27.48 -80.32 23.00
C LYS Y 125 -26.09 -80.22 23.62
N GLY Y 126 -26.02 -80.17 24.94
CA GLY Y 126 -24.75 -79.97 25.62
C GLY Y 126 -24.86 -80.48 27.04
N MET Y 127 -23.73 -80.48 27.73
CA MET Y 127 -23.65 -81.02 29.07
C MET Y 127 -22.59 -80.27 29.84
N HIS Y 128 -22.85 -80.00 31.11
CA HIS Y 128 -21.94 -79.24 31.95
C HIS Y 128 -21.93 -79.88 33.32
N VAL Y 129 -20.76 -80.32 33.77
CA VAL Y 129 -20.63 -81.07 35.01
C VAL Y 129 -19.68 -80.32 35.93
N LYS Y 130 -20.01 -80.29 37.22
CA LYS Y 130 -19.20 -79.58 38.20
C LYS Y 130 -19.03 -80.46 39.42
N ILE Y 131 -17.78 -80.76 39.76
CA ILE Y 131 -17.44 -81.38 41.03
C ILE Y 131 -17.12 -80.25 41.98
N TYR Y 132 -17.66 -80.31 43.19
CA TYR Y 132 -17.37 -79.26 44.16
C TYR Y 132 -17.78 -79.74 45.54
N ASN Y 133 -17.53 -78.90 46.54
CA ASN Y 133 -17.83 -79.20 47.93
C ASN Y 133 -17.27 -80.55 48.35
N LEU Y 134 -15.98 -80.75 48.08
CA LEU Y 134 -15.35 -82.02 48.36
C LEU Y 134 -15.02 -82.14 49.85
N GLN Y 135 -14.97 -83.39 50.33
CA GLN Y 135 -14.64 -83.68 51.71
C GLN Y 135 -13.84 -84.96 51.77
N ILE Y 136 -12.77 -84.97 52.55
CA ILE Y 136 -11.97 -86.18 52.76
C ILE Y 136 -12.07 -86.51 54.25
N LYS Y 137 -12.68 -87.64 54.58
CA LYS Y 137 -13.08 -87.85 55.95
C LYS Y 137 -12.20 -88.79 56.78
N GLN Y 138 -11.19 -89.45 56.20
CA GLN Y 138 -10.20 -90.17 57.00
C GLN Y 138 -10.85 -91.20 57.92
N ILE Y 139 -11.27 -92.33 57.33
CA ILE Y 139 -11.80 -93.43 58.13
C ILE Y 139 -10.80 -93.84 59.20
N LEU Y 140 -11.29 -94.06 60.41
CA LEU Y 140 -10.50 -94.70 61.46
C LEU Y 140 -11.27 -95.85 62.06
N SER Y 141 -10.53 -96.84 62.56
CA SER Y 141 -11.10 -97.99 63.23
C SER Y 141 -10.28 -98.27 64.49
N ASN Y 142 -10.94 -98.18 65.65
CA ASN Y 142 -10.36 -98.60 66.91
C ASN Y 142 -10.69 -100.06 67.22
N GLY Y 143 -11.30 -100.74 66.26
CA GLY Y 143 -11.94 -102.02 66.46
C GLY Y 143 -13.42 -101.78 66.66
N ALA Y 144 -14.23 -102.67 66.09
CA ALA Y 144 -15.69 -102.49 65.96
C ALA Y 144 -15.93 -101.11 65.37
N ASP Y 145 -16.99 -100.39 65.78
CA ASP Y 145 -17.22 -98.96 65.62
C ASP Y 145 -16.79 -98.37 64.28
N THR Y 146 -16.30 -97.13 64.33
CA THR Y 146 -15.53 -96.36 63.35
C THR Y 146 -15.48 -94.93 63.86
N THR Y 147 -14.54 -94.14 63.34
CA THR Y 147 -14.54 -92.70 63.59
C THR Y 147 -14.07 -92.01 62.33
N TYR Y 148 -14.51 -90.78 62.15
CA TYR Y 148 -14.19 -89.98 60.97
C TYR Y 148 -13.66 -88.64 61.47
N ASN Y 149 -12.37 -88.39 61.25
CA ASN Y 149 -11.75 -87.21 61.84
C ASN Y 149 -11.88 -86.01 60.92
N ASN Y 150 -12.65 -86.16 59.86
CA ASN Y 150 -12.56 -85.31 58.69
C ASN Y 150 -11.11 -85.41 58.22
N ASP Y 151 -10.59 -84.34 57.64
CA ASP Y 151 -9.21 -84.31 57.18
C ASP Y 151 -9.01 -83.00 56.44
N LEU Y 152 -7.76 -82.60 56.34
CA LEU Y 152 -7.35 -81.57 55.40
C LEU Y 152 -6.05 -82.06 54.79
N THR Y 153 -5.46 -81.26 53.92
CA THR Y 153 -4.24 -81.63 53.24
C THR Y 153 -4.35 -83.02 52.61
N ALA Y 154 -5.48 -83.32 52.00
CA ALA Y 154 -5.68 -84.56 51.27
C ALA Y 154 -6.23 -84.20 49.88
N GLY Y 155 -6.26 -85.18 48.98
CA GLY Y 155 -6.51 -84.89 47.60
C GLY Y 155 -7.34 -85.96 46.92
N VAL Y 156 -7.86 -85.58 45.76
CA VAL Y 156 -8.71 -86.43 44.96
C VAL Y 156 -8.33 -86.23 43.51
N HIS Y 157 -8.06 -87.33 42.81
CA HIS Y 157 -7.75 -87.27 41.39
C HIS Y 157 -9.05 -87.24 40.61
N ILE Y 158 -9.12 -86.38 39.61
CA ILE Y 158 -10.30 -86.27 38.75
C ILE Y 158 -9.81 -86.18 37.32
N PHE Y 159 -10.29 -87.10 36.49
CA PHE Y 159 -9.81 -87.23 35.12
C PHE Y 159 -10.99 -87.40 34.19
N CYS Y 160 -10.94 -86.75 33.03
CA CYS Y 160 -12.00 -86.83 32.04
C CYS Y 160 -11.41 -87.25 30.70
N ASP Y 161 -12.22 -87.91 29.88
CA ASP Y 161 -11.82 -88.33 28.54
C ASP Y 161 -12.42 -87.38 27.50
N GLY Y 162 -11.59 -86.56 26.89
CA GLY Y 162 -12.06 -85.81 25.74
C GLY Y 162 -11.76 -86.56 24.45
N GLU Y 163 -10.72 -87.39 24.49
CA GLU Y 163 -10.31 -88.14 23.31
C GLU Y 163 -10.97 -89.50 23.23
N HIS Y 164 -11.59 -89.96 24.31
CA HIS Y 164 -12.08 -91.33 24.45
C HIS Y 164 -10.98 -92.36 24.20
N ALA Y 165 -9.73 -92.01 24.45
CA ALA Y 165 -8.77 -93.03 24.78
C ALA Y 165 -9.19 -93.66 26.09
N TYR Y 166 -8.69 -94.86 26.35
CA TYR Y 166 -9.07 -95.69 27.49
C TYR Y 166 -10.37 -96.42 27.22
N PRO Y 167 -10.54 -97.59 27.83
CA PRO Y 167 -11.65 -98.49 27.46
C PRO Y 167 -13.06 -98.02 27.76
N ASN Y 168 -13.26 -96.89 28.44
CA ASN Y 168 -14.56 -96.25 28.67
C ASN Y 168 -15.65 -97.18 29.23
N ALA Y 169 -15.60 -97.39 30.55
CA ALA Y 169 -16.47 -98.36 31.23
C ALA Y 169 -17.92 -98.27 30.79
N THR Y 170 -18.43 -97.06 30.57
CA THR Y 170 -19.88 -96.89 30.42
C THR Y 170 -20.45 -97.80 29.36
N HIS Y 171 -21.45 -98.58 29.76
CA HIS Y 171 -22.27 -99.45 28.94
C HIS Y 171 -23.70 -99.00 29.14
N PRO Y 172 -24.54 -99.03 28.09
CA PRO Y 172 -25.85 -98.38 28.21
C PRO Y 172 -26.67 -98.76 29.43
N TRP Y 173 -26.84 -100.04 29.72
CA TRP Y 173 -27.78 -100.39 30.79
C TRP Y 173 -27.09 -100.35 32.14
N ASP Y 174 -26.22 -101.31 32.40
CA ASP Y 174 -25.42 -101.37 33.62
C ASP Y 174 -26.37 -101.19 34.81
N GLU Y 175 -26.06 -100.33 35.75
CA GLU Y 175 -26.76 -100.14 37.01
C GLU Y 175 -26.67 -98.66 37.26
N ASP Y 176 -26.96 -98.24 38.49
CA ASP Y 176 -26.42 -96.99 39.07
C ASP Y 176 -26.78 -95.83 38.15
N VAL Y 177 -25.82 -95.22 37.45
CA VAL Y 177 -25.93 -93.92 36.83
C VAL Y 177 -26.23 -93.00 38.00
N MET Y 178 -26.99 -91.94 37.79
CA MET Y 178 -27.36 -91.11 38.92
C MET Y 178 -28.61 -91.72 39.54
N PRO Y 179 -28.79 -91.63 40.85
CA PRO Y 179 -30.05 -92.07 41.41
C PRO Y 179 -31.15 -91.18 40.84
N GLU Y 180 -32.19 -91.81 40.32
CA GLU Y 180 -33.27 -91.04 39.69
C GLU Y 180 -33.83 -90.00 40.64
N LEU Y 181 -33.62 -90.18 41.92
CA LEU Y 181 -34.19 -89.38 42.97
C LEU Y 181 -33.07 -88.59 43.64
N PRO Y 182 -33.11 -87.25 43.67
CA PRO Y 182 -32.03 -86.52 44.37
C PRO Y 182 -32.02 -86.82 45.85
N TYR Y 183 -31.20 -86.13 46.63
CA TYR Y 183 -31.04 -86.34 48.07
C TYR Y 183 -30.56 -87.75 48.38
N GLN Y 184 -30.55 -88.60 47.37
CA GLN Y 184 -30.11 -89.98 47.52
C GLN Y 184 -28.64 -90.03 47.17
N THR Y 185 -27.81 -90.39 48.14
CA THR Y 185 -26.37 -90.38 47.93
C THR Y 185 -25.99 -91.33 46.81
N TRP Y 186 -24.97 -90.97 46.05
CA TRP Y 186 -24.62 -91.69 44.86
C TRP Y 186 -23.27 -92.39 45.03
N TYR Y 187 -23.30 -93.69 45.16
CA TYR Y 187 -22.08 -94.47 45.35
C TYR Y 187 -21.48 -94.78 44.00
N LEU Y 188 -20.24 -94.39 43.81
CA LEU Y 188 -19.53 -94.66 42.57
C LEU Y 188 -19.12 -96.11 42.48
N PHE Y 189 -18.82 -96.54 41.26
CA PHE Y 189 -18.48 -97.92 40.98
C PHE Y 189 -17.08 -97.99 40.36
N GLN Y 190 -16.42 -99.10 40.63
CA GLN Y 190 -15.03 -99.26 40.23
C GLN Y 190 -14.91 -99.32 38.71
N TYR Y 191 -13.84 -98.76 38.19
CA TYR Y 191 -13.58 -98.79 36.75
C TYR Y 191 -12.78 -100.03 36.40
N GLY Y 192 -13.25 -100.76 35.38
CA GLY Y 192 -12.56 -101.93 34.91
C GLY Y 192 -12.83 -102.09 33.44
N TYR Y 193 -12.08 -103.00 32.82
CA TYR Y 193 -12.26 -103.23 31.40
C TYR Y 193 -11.76 -104.60 31.03
N ILE Y 194 -12.26 -105.11 29.91
CA ILE Y 194 -11.81 -106.39 29.38
C ILE Y 194 -10.61 -106.16 28.48
N PRO Y 195 -9.40 -106.56 28.87
CA PRO Y 195 -8.27 -106.43 27.96
C PRO Y 195 -8.39 -107.32 26.73
N VAL Y 196 -8.73 -108.60 26.92
CA VAL Y 196 -8.86 -109.57 25.83
C VAL Y 196 -9.79 -110.69 26.29
N ILE Y 197 -10.45 -111.33 25.32
CA ILE Y 197 -11.27 -112.51 25.60
C ILE Y 197 -10.44 -113.51 26.39
N HIS Y 198 -11.00 -114.01 27.48
CA HIS Y 198 -10.24 -114.91 28.35
C HIS Y 198 -9.89 -116.20 27.63
N GLU Y 199 -10.89 -116.90 27.10
CA GLU Y 199 -10.58 -117.94 26.15
C GLU Y 199 -9.89 -117.29 24.96
N LEU Y 200 -9.13 -118.08 24.20
CA LEU Y 200 -8.25 -117.51 23.18
C LEU Y 200 -7.18 -116.64 23.86
N ALA Y 201 -6.11 -117.30 24.32
CA ALA Y 201 -5.15 -116.89 25.36
C ALA Y 201 -5.37 -117.53 26.72
N GLU Y 202 -6.30 -118.47 26.84
CA GLU Y 202 -6.47 -119.17 28.12
C GLU Y 202 -5.17 -119.70 28.77
N MET Y 203 -4.21 -120.31 28.07
CA MET Y 203 -4.28 -120.81 26.70
C MET Y 203 -3.94 -122.31 26.77
N GLU Y 204 -4.34 -123.08 25.76
CA GLU Y 204 -4.20 -124.52 25.87
C GLU Y 204 -2.93 -125.01 25.20
N ASP Y 205 -1.96 -125.41 26.03
CA ASP Y 205 -0.74 -126.07 25.58
C ASP Y 205 -0.08 -125.33 24.44
N SER Y 206 0.48 -126.07 23.48
CA SER Y 206 0.82 -125.58 22.15
C SER Y 206 1.53 -124.17 22.26
N ASN Y 207 1.09 -123.01 21.72
CA ASN Y 207 0.02 -122.74 20.78
C ASN Y 207 0.51 -121.78 19.69
N ALA Y 208 0.90 -120.59 20.16
CA ALA Y 208 1.48 -119.49 19.39
C ALA Y 208 0.42 -118.73 18.61
N VAL Y 209 -0.75 -119.32 18.42
CA VAL Y 209 -1.89 -118.54 17.94
C VAL Y 209 -2.59 -117.83 19.09
N GLU Y 210 -2.70 -118.52 20.24
CA GLU Y 210 -3.21 -117.84 21.44
C GLU Y 210 -2.08 -117.24 22.26
N LYS Y 211 -0.83 -117.60 21.96
CA LYS Y 211 0.28 -116.88 22.56
C LYS Y 211 0.27 -115.44 22.09
N ALA Y 212 0.25 -115.22 20.79
CA ALA Y 212 -0.24 -113.95 20.29
C ALA Y 212 -1.70 -113.82 20.67
N ILE Y 213 -2.15 -112.57 20.81
CA ILE Y 213 -3.44 -112.17 21.38
C ILE Y 213 -3.37 -112.26 22.89
N CYS Y 214 -2.46 -113.09 23.42
CA CYS Y 214 -2.12 -112.97 24.83
C CYS Y 214 -1.00 -111.96 25.03
N LEU Y 215 -0.01 -111.99 24.15
CA LEU Y 215 1.06 -110.99 24.21
C LEU Y 215 0.55 -109.61 23.88
N GLN Y 216 -0.49 -109.52 23.06
CA GLN Y 216 -0.91 -108.22 22.56
C GLN Y 216 -1.94 -107.56 23.45
N ILE Y 217 -2.29 -108.16 24.59
CA ILE Y 217 -3.36 -107.58 25.39
C ILE Y 217 -2.86 -106.22 25.84
N PRO Y 218 -3.58 -105.15 25.55
CA PRO Y 218 -3.14 -103.84 25.98
C PRO Y 218 -3.43 -103.63 27.46
N PHE Y 219 -2.64 -102.77 28.07
CA PHE Y 219 -2.79 -102.45 29.47
C PHE Y 219 -2.88 -100.95 29.61
N PHE Y 220 -4.04 -100.46 30.02
CA PHE Y 220 -4.31 -99.05 30.10
C PHE Y 220 -4.26 -98.60 31.55
N MET Y 221 -3.78 -97.39 31.77
CA MET Y 221 -3.62 -96.83 33.09
C MET Y 221 -4.07 -95.39 33.04
N LEU Y 222 -4.82 -94.96 34.03
CA LEU Y 222 -5.30 -93.60 34.02
C LEU Y 222 -4.29 -92.63 34.60
N GLU Y 223 -3.08 -93.10 34.93
CA GLU Y 223 -2.10 -92.17 35.47
C GLU Y 223 -1.49 -91.38 34.33
N ASN Y 224 -0.57 -91.97 33.55
CA ASN Y 224 -0.43 -91.63 32.13
C ASN Y 224 -0.79 -90.18 31.84
N SER Y 225 -1.79 -89.98 31.00
CA SER Y 225 -2.28 -88.64 30.71
C SER Y 225 -2.62 -87.88 31.99
N ASP Y 226 -2.29 -86.59 32.00
CA ASP Y 226 -2.39 -85.79 33.20
C ASP Y 226 -3.84 -85.54 33.60
N HIS Y 227 -4.04 -85.24 34.87
CA HIS Y 227 -5.35 -84.96 35.42
C HIS Y 227 -5.21 -84.13 36.69
N GLU Y 228 -6.32 -83.57 37.12
CA GLU Y 228 -6.29 -82.65 38.24
C GLU Y 228 -6.44 -83.38 39.57
N VAL Y 229 -5.73 -82.91 40.57
CA VAL Y 229 -5.93 -83.31 41.95
C VAL Y 229 -6.60 -82.13 42.64
N LEU Y 230 -7.45 -82.43 43.61
CA LEU Y 230 -8.20 -81.38 44.29
C LEU Y 230 -8.15 -81.61 45.79
N ARG Y 231 -7.79 -80.58 46.54
CA ARG Y 231 -8.08 -80.61 47.96
C ARG Y 231 -9.52 -80.17 48.15
N THR Y 232 -9.90 -79.90 49.39
CA THR Y 232 -11.27 -79.54 49.69
C THR Y 232 -11.71 -78.26 48.98
N GLY Y 233 -11.00 -77.15 49.21
CA GLY Y 233 -11.47 -75.88 48.72
C GLY Y 233 -11.61 -75.78 47.21
N GLU Y 234 -10.91 -76.63 46.47
CA GLU Y 234 -10.93 -76.59 45.02
C GLU Y 234 -12.14 -77.31 44.45
N SER Y 235 -12.50 -76.94 43.22
CA SER Y 235 -13.54 -77.62 42.45
C SER Y 235 -13.06 -77.82 41.03
N THR Y 236 -13.95 -78.37 40.19
CA THR Y 236 -13.63 -78.60 38.78
C THR Y 236 -14.91 -78.56 37.97
N GLU Y 237 -14.80 -78.08 36.74
CA GLU Y 237 -15.89 -78.09 35.79
C GLU Y 237 -15.52 -78.91 34.57
N PHE Y 238 -16.54 -79.44 33.90
CA PHE Y 238 -16.37 -80.12 32.64
C PHE Y 238 -17.53 -79.76 31.73
N THR Y 239 -17.25 -79.59 30.45
CA THR Y 239 -18.29 -79.33 29.48
C THR Y 239 -18.27 -80.41 28.40
N PHE Y 240 -19.39 -80.55 27.72
CA PHE Y 240 -19.50 -81.51 26.64
C PHE Y 240 -20.45 -80.97 25.60
N ASN Y 241 -20.18 -81.28 24.34
CA ASN Y 241 -21.07 -80.96 23.25
C ASN Y 241 -21.38 -82.24 22.50
N PHE Y 242 -22.56 -82.29 21.90
CA PHE Y 242 -23.06 -83.51 21.31
C PHE Y 242 -23.31 -83.31 19.83
N ASP Y 243 -22.67 -84.13 19.01
CA ASP Y 243 -23.13 -84.39 17.66
C ASP Y 243 -24.03 -85.61 17.75
N CYS Y 244 -25.33 -85.41 17.59
CA CYS Y 244 -26.28 -86.35 18.13
C CYS Y 244 -27.54 -86.37 17.26
N GLU Y 245 -28.13 -87.55 17.14
CA GLU Y 245 -29.35 -87.73 16.37
C GLU Y 245 -30.56 -87.49 17.24
N TRP Y 246 -31.59 -86.89 16.65
CA TRP Y 246 -32.84 -86.69 17.36
C TRP Y 246 -33.43 -88.02 17.78
N ILE Y 247 -34.12 -88.03 18.91
CA ILE Y 247 -35.00 -89.13 19.27
C ILE Y 247 -36.43 -88.61 19.16
N ASN Y 248 -37.25 -89.31 18.39
CA ASN Y 248 -38.53 -88.78 17.95
C ASN Y 248 -39.66 -89.34 18.79
N ASN Y 249 -40.44 -88.44 19.38
CA ASN Y 249 -41.70 -88.80 20.02
C ASN Y 249 -42.81 -88.46 19.06
N GLU Y 250 -43.40 -89.49 18.46
CA GLU Y 250 -44.33 -89.40 17.33
C GLU Y 250 -44.86 -90.80 17.09
N ARG Y 251 -45.98 -90.87 16.40
CA ARG Y 251 -46.68 -92.13 16.22
C ARG Y 251 -47.23 -92.18 14.81
N ALA Y 252 -47.00 -93.29 14.13
CA ALA Y 252 -47.61 -93.53 12.83
C ALA Y 252 -48.92 -94.26 13.06
N TYR Y 253 -50.01 -93.63 12.65
CA TYR Y 253 -51.33 -94.22 12.83
C TYR Y 253 -51.63 -95.32 11.83
N ILE Y 254 -50.83 -95.43 10.77
CA ILE Y 254 -50.97 -96.50 9.78
C ILE Y 254 -49.59 -96.99 9.37
N PRO Y 255 -49.50 -98.24 8.90
CA PRO Y 255 -48.26 -98.70 8.31
C PRO Y 255 -47.88 -97.85 7.12
N PRO Y 256 -46.60 -97.79 6.76
CA PRO Y 256 -46.22 -96.99 5.60
C PRO Y 256 -46.78 -97.52 4.31
N GLY Y 257 -47.04 -98.82 4.21
CA GLY Y 257 -47.63 -99.37 3.02
C GLY Y 257 -49.12 -99.18 2.90
N LEU Y 258 -49.76 -98.61 3.92
CA LEU Y 258 -51.19 -98.41 3.94
C LEU Y 258 -51.57 -97.02 3.45
N MET Y 259 -50.62 -96.25 2.94
CA MET Y 259 -50.87 -94.89 2.50
C MET Y 259 -51.30 -94.91 1.04
N PHE Y 260 -52.57 -94.62 0.79
CA PHE Y 260 -53.10 -94.51 -0.55
C PHE Y 260 -54.58 -94.16 -0.43
N ASN Y 261 -55.13 -93.66 -1.51
CA ASN Y 261 -56.56 -93.37 -1.54
C ASN Y 261 -57.28 -94.64 -2.01
N PRO Y 262 -57.96 -95.34 -1.12
CA PRO Y 262 -58.57 -96.61 -1.52
C PRO Y 262 -59.77 -96.43 -2.43
N LEU Y 263 -60.31 -95.22 -2.50
CA LEU Y 263 -61.43 -94.96 -3.40
C LEU Y 263 -60.98 -95.05 -4.86
N VAL Y 264 -59.81 -94.52 -5.16
CA VAL Y 264 -59.38 -94.42 -6.56
C VAL Y 264 -58.95 -95.78 -7.06
N PRO Y 265 -59.38 -96.21 -8.25
CA PRO Y 265 -58.88 -97.47 -8.80
C PRO Y 265 -57.41 -97.35 -9.15
N THR Y 266 -56.77 -98.51 -9.29
CA THR Y 266 -55.36 -98.56 -9.59
C THR Y 266 -55.13 -99.16 -10.96
N ARG Y 267 -54.06 -98.72 -11.62
CA ARG Y 267 -53.62 -99.37 -12.83
C ARG Y 267 -52.44 -100.29 -12.53
N ARG Y 268 -52.74 -101.59 -12.46
CA ARG Y 268 -51.80 -102.63 -12.06
C ARG Y 268 -52.53 -103.95 -12.23
N ALA Y 269 -51.81 -105.05 -12.25
CA ALA Y 269 -52.45 -106.34 -12.45
C ALA Y 269 -51.73 -107.40 -11.65
N GLN Y 270 -52.47 -108.47 -11.35
CA GLN Y 270 -51.97 -109.60 -10.58
C GLN Y 270 -52.06 -110.83 -11.47
N TYR Y 271 -50.92 -111.37 -11.87
CA TYR Y 271 -50.88 -112.71 -12.44
C TYR Y 271 -50.70 -113.67 -11.28
N ILE Y 272 -51.46 -114.74 -11.29
CA ILE Y 272 -51.38 -115.76 -10.26
C ILE Y 272 -51.12 -117.10 -10.90
N ARG Y 273 -50.05 -117.77 -10.47
CA ARG Y 273 -49.64 -119.03 -11.07
C ARG Y 273 -50.72 -120.09 -10.86
N ARG Y 274 -50.71 -121.08 -11.75
CA ARG Y 274 -51.52 -122.28 -11.56
C ARG Y 274 -51.29 -122.84 -10.16
N ASN Y 275 -52.38 -123.15 -9.47
CA ASN Y 275 -52.28 -123.44 -8.04
C ASN Y 275 -51.73 -124.83 -7.78
N ASN Y 276 -51.91 -125.75 -8.72
CA ASN Y 276 -51.39 -127.12 -8.58
C ASN Y 276 -51.84 -127.73 -7.26
N ASN Y 277 -53.13 -128.07 -7.20
CA ASN Y 277 -53.87 -128.39 -5.98
C ASN Y 277 -54.06 -127.09 -5.19
N PRO Y 278 -55.21 -126.93 -4.52
CA PRO Y 278 -56.45 -127.70 -4.77
C PRO Y 278 -57.05 -127.50 -6.16
N GLN Y 279 -57.14 -126.26 -6.62
CA GLN Y 279 -57.98 -125.91 -7.75
C GLN Y 279 -57.64 -124.49 -8.18
N THR Y 280 -58.50 -123.86 -9.01
CA THR Y 280 -58.34 -122.46 -9.44
C THR Y 280 -57.10 -122.23 -10.29
N ALA Y 281 -57.20 -122.61 -11.57
CA ALA Y 281 -56.13 -122.40 -12.53
C ALA Y 281 -55.84 -120.91 -12.70
N GLU Y 282 -54.64 -120.64 -13.24
CA GLU Y 282 -54.08 -119.29 -13.26
C GLU Y 282 -55.01 -118.29 -13.91
N SER Y 283 -54.96 -117.06 -13.41
CA SER Y 283 -55.73 -115.96 -13.98
C SER Y 283 -55.03 -114.65 -13.67
N THR Y 284 -55.21 -113.68 -14.54
CA THR Y 284 -54.76 -112.31 -14.31
C THR Y 284 -55.95 -111.41 -14.04
N SER Y 285 -55.74 -110.40 -13.20
CA SER Y 285 -56.83 -109.53 -12.79
C SER Y 285 -56.26 -108.19 -12.34
N ARG Y 286 -57.12 -107.19 -12.34
CA ARG Y 286 -56.73 -105.87 -11.86
C ARG Y 286 -56.74 -105.84 -10.35
N ILE Y 287 -55.76 -105.14 -9.77
CA ILE Y 287 -55.71 -105.01 -8.33
C ILE Y 287 -56.86 -104.15 -7.84
N ALA Y 288 -57.50 -104.60 -6.77
CA ALA Y 288 -58.66 -103.91 -6.24
C ALA Y 288 -58.30 -102.50 -5.81
N PRO Y 289 -59.26 -101.58 -5.82
CA PRO Y 289 -58.94 -100.19 -5.44
C PRO Y 289 -58.41 -100.09 -4.03
N TYR Y 290 -59.06 -100.74 -3.08
CA TYR Y 290 -58.47 -100.96 -1.77
C TYR Y 290 -57.32 -101.95 -1.91
N ALA Y 291 -56.44 -101.96 -0.92
CA ALA Y 291 -55.35 -102.93 -0.87
C ALA Y 291 -54.46 -102.85 -2.10
N LYS Y 292 -54.00 -101.65 -2.38
CA LYS Y 292 -53.04 -101.46 -3.45
C LYS Y 292 -51.66 -101.94 -2.99
N PRO Y 293 -50.84 -102.42 -3.91
CA PRO Y 293 -49.50 -102.86 -3.54
C PRO Y 293 -48.66 -101.69 -3.06
N THR Y 294 -47.56 -102.02 -2.40
CA THR Y 294 -46.72 -101.00 -1.83
C THR Y 294 -45.25 -101.29 -2.06
N SER Y 295 -44.46 -100.23 -2.02
CA SER Y 295 -43.06 -100.29 -1.69
C SER Y 295 -42.91 -100.38 -0.18
N TRP Y 296 -41.74 -100.05 0.31
CA TRP Y 296 -41.59 -99.83 1.74
C TRP Y 296 -41.77 -101.11 2.54
N MET Y 297 -40.73 -101.93 2.45
CA MET Y 297 -40.50 -103.15 3.18
C MET Y 297 -40.42 -102.88 4.70
N THR Y 298 -40.66 -103.93 5.48
CA THR Y 298 -40.58 -103.81 6.93
C THR Y 298 -39.13 -103.76 7.40
N GLY Y 299 -38.93 -103.21 8.58
CA GLY Y 299 -37.63 -103.13 9.18
C GLY Y 299 -37.06 -104.50 9.50
N PRO Y 300 -35.74 -104.59 9.62
CA PRO Y 300 -35.10 -105.89 9.81
C PRO Y 300 -35.19 -106.39 11.23
N GLY Y 301 -35.12 -107.71 11.37
CA GLY Y 301 -35.09 -108.35 12.66
C GLY Y 301 -34.52 -109.74 12.51
N LEU Y 302 -34.21 -110.37 13.64
CA LEU Y 302 -33.82 -111.77 13.67
C LEU Y 302 -34.69 -112.49 14.69
N LEU Y 303 -35.64 -113.30 14.22
CA LEU Y 303 -36.58 -113.99 15.08
C LEU Y 303 -36.35 -115.49 15.24
N SER Y 304 -35.37 -116.09 14.57
CA SER Y 304 -35.35 -117.55 14.53
C SER Y 304 -34.75 -118.16 15.79
N ALA Y 305 -33.71 -117.54 16.33
CA ALA Y 305 -32.90 -118.10 17.37
C ALA Y 305 -33.66 -118.21 18.69
N GLN Y 306 -33.11 -119.02 19.60
CA GLN Y 306 -33.60 -119.13 20.97
C GLN Y 306 -32.43 -119.09 21.92
N ARG Y 307 -32.61 -118.43 23.06
CA ARG Y 307 -31.55 -118.35 24.06
C ARG Y 307 -31.13 -119.75 24.49
N VAL Y 308 -29.83 -119.92 24.71
CA VAL Y 308 -29.20 -121.23 24.79
C VAL Y 308 -28.64 -121.46 26.18
N GLY Y 309 -29.23 -122.41 26.89
CA GLY Y 309 -28.60 -122.97 28.07
C GLY Y 309 -28.92 -122.24 29.34
N PRO Y 310 -28.16 -122.54 30.40
CA PRO Y 310 -28.47 -122.00 31.72
C PRO Y 310 -28.07 -120.54 31.84
N ALA Y 311 -28.70 -119.86 32.79
CA ALA Y 311 -28.35 -118.49 33.09
C ALA Y 311 -26.93 -118.44 33.68
N THR Y 312 -26.34 -117.24 33.64
CA THR Y 312 -24.96 -116.91 34.01
C THR Y 312 -23.99 -117.39 32.95
N SER Y 313 -24.44 -118.12 31.94
CA SER Y 313 -23.60 -118.58 30.84
C SER Y 313 -23.65 -117.64 29.63
N ASP Y 314 -24.28 -116.48 29.77
CA ASP Y 314 -24.48 -115.54 28.66
C ASP Y 314 -25.33 -116.16 27.55
N THR Y 315 -26.62 -116.29 27.80
CA THR Y 315 -27.52 -116.79 26.77
C THR Y 315 -28.08 -115.61 26.00
N GLY Y 316 -27.60 -115.43 24.77
CA GLY Y 316 -28.05 -114.30 23.97
C GLY Y 316 -28.98 -114.63 22.82
N ALA Y 317 -29.06 -115.92 22.47
CA ALA Y 317 -29.70 -116.48 21.29
C ALA Y 317 -28.95 -116.11 20.02
N TRP Y 318 -28.11 -115.09 20.02
CA TRP Y 318 -27.21 -114.78 18.92
C TRP Y 318 -25.88 -114.41 19.54
N MET Y 319 -24.85 -115.20 19.25
CA MET Y 319 -23.52 -114.92 19.75
C MET Y 319 -22.67 -114.44 18.59
N VAL Y 320 -22.01 -113.30 18.77
CA VAL Y 320 -21.19 -112.75 17.70
C VAL Y 320 -19.84 -113.44 17.63
N ALA Y 321 -19.21 -113.66 18.78
CA ALA Y 321 -17.91 -114.31 18.91
C ALA Y 321 -16.84 -113.77 17.98
N VAL Y 322 -15.86 -114.62 17.68
CA VAL Y 322 -14.75 -114.31 16.78
C VAL Y 322 -14.40 -115.50 15.90
N LYS Y 323 -13.94 -116.59 16.53
CA LYS Y 323 -13.43 -117.77 15.84
C LYS Y 323 -12.22 -117.46 14.94
N PRO Y 324 -11.06 -117.15 15.52
CA PRO Y 324 -9.82 -117.18 14.73
C PRO Y 324 -9.56 -118.59 14.23
N GLU Y 325 -8.74 -118.68 13.19
CA GLU Y 325 -8.73 -119.88 12.35
C GLU Y 325 -8.25 -121.11 13.14
N ASN Y 326 -7.21 -120.95 13.96
CA ASN Y 326 -6.79 -122.07 14.79
C ASN Y 326 -7.23 -121.88 16.23
N ALA Y 327 -6.47 -121.06 16.95
CA ALA Y 327 -6.67 -120.77 18.37
C ALA Y 327 -6.83 -122.10 19.13
N SER Y 328 -7.69 -122.08 20.15
CA SER Y 328 -8.28 -123.28 20.73
C SER Y 328 -9.49 -122.81 21.51
N ILE Y 329 -10.44 -123.72 21.71
CA ILE Y 329 -11.69 -123.33 22.34
C ILE Y 329 -12.15 -124.46 23.25
N ASP Y 330 -12.61 -124.07 24.43
CA ASP Y 330 -13.20 -124.98 25.41
C ASP Y 330 -14.64 -125.27 24.98
N THR Y 331 -15.43 -125.85 25.87
CA THR Y 331 -16.86 -125.90 25.61
C THR Y 331 -17.36 -124.52 25.25
N GLY Y 332 -18.17 -124.45 24.20
CA GLY Y 332 -18.53 -123.17 23.62
C GLY Y 332 -17.94 -122.95 22.24
N MET Y 333 -18.41 -121.97 21.44
CA MET Y 333 -19.55 -121.04 21.67
C MET Y 333 -19.57 -120.40 23.07
N SER Y 334 -20.66 -120.57 23.81
CA SER Y 334 -20.77 -120.14 25.20
C SER Y 334 -20.46 -118.61 25.37
N GLY Y 335 -19.40 -118.11 26.03
CA GLY Y 335 -18.08 -118.67 26.30
C GLY Y 335 -17.03 -118.02 25.43
N ILE Y 336 -17.48 -117.50 24.29
CA ILE Y 336 -16.72 -116.55 23.48
C ILE Y 336 -17.72 -115.57 22.89
N GLY Y 337 -17.29 -114.33 22.72
CA GLY Y 337 -18.16 -113.33 22.16
C GLY Y 337 -19.33 -112.98 23.05
N SER Y 338 -20.24 -112.19 22.48
CA SER Y 338 -21.29 -111.54 23.24
C SER Y 338 -22.65 -111.91 22.67
N GLY Y 339 -23.65 -111.96 23.55
CA GLY Y 339 -25.01 -112.16 23.08
C GLY Y 339 -25.56 -110.89 22.48
N PHE Y 340 -26.29 -111.03 21.38
CA PHE Y 340 -26.91 -109.91 20.70
C PHE Y 340 -28.36 -109.79 21.17
N ASP Y 341 -28.69 -108.63 21.75
CA ASP Y 341 -29.96 -108.47 22.41
C ASP Y 341 -30.47 -107.04 22.24
N PRO Y 342 -31.80 -106.86 22.06
CA PRO Y 342 -32.78 -107.80 21.51
C PRO Y 342 -32.76 -107.92 20.00
N PRO Y 343 -32.69 -109.14 19.47
CA PRO Y 343 -33.30 -109.39 18.17
C PRO Y 343 -34.77 -109.84 18.31
N GLN Y 344 -35.75 -109.43 17.49
CA GLN Y 344 -35.94 -108.10 16.92
C GLN Y 344 -34.74 -107.55 16.10
N GLY Y 345 -34.38 -106.26 16.05
CA GLY Y 345 -35.15 -105.07 16.39
C GLY Y 345 -36.40 -104.93 15.56
N SER Y 346 -37.26 -103.98 15.95
CA SER Y 346 -38.56 -103.81 15.33
C SER Y 346 -39.29 -105.14 15.28
N LEU Y 347 -39.96 -105.41 14.16
CA LEU Y 347 -40.38 -106.76 13.78
C LEU Y 347 -40.99 -107.51 14.95
N ALA Y 348 -42.24 -107.19 15.31
CA ALA Y 348 -42.80 -107.50 16.62
C ALA Y 348 -42.49 -108.93 17.04
N PRO Y 349 -42.02 -109.14 18.27
CA PRO Y 349 -41.47 -110.43 18.67
C PRO Y 349 -42.56 -111.48 18.88
N THR Y 350 -42.11 -112.73 18.93
CA THR Y 350 -43.00 -113.86 19.16
C THR Y 350 -43.35 -113.97 20.64
N ASN Y 351 -42.37 -114.30 21.48
CA ASN Y 351 -42.67 -114.44 22.89
C ASN Y 351 -41.82 -113.50 23.72
N LEU Y 352 -41.96 -113.63 25.03
CA LEU Y 352 -41.30 -112.77 26.01
C LEU Y 352 -39.79 -112.77 25.84
N GLU Y 353 -39.25 -113.85 25.27
CA GLU Y 353 -37.80 -114.03 25.22
C GLU Y 353 -37.10 -112.91 24.47
N TYR Y 354 -37.80 -112.26 23.54
CA TYR Y 354 -37.24 -111.16 22.75
C TYR Y 354 -37.66 -109.79 23.25
N LYS Y 355 -38.43 -109.70 24.33
CA LYS Y 355 -39.21 -108.52 24.64
C LYS Y 355 -38.45 -107.52 25.50
N ILE Y 356 -37.14 -107.73 25.64
CA ILE Y 356 -36.26 -107.08 26.61
C ILE Y 356 -36.82 -107.37 28.00
N GLN Y 357 -36.46 -106.56 28.99
CA GLN Y 357 -36.90 -106.65 30.37
C GLN Y 357 -35.92 -105.82 31.19
N TRP Y 358 -36.27 -105.38 32.39
CA TRP Y 358 -35.26 -104.93 33.34
C TRP Y 358 -35.88 -104.88 34.72
N TYR Y 359 -35.02 -104.86 35.74
CA TYR Y 359 -35.53 -104.95 37.11
C TYR Y 359 -35.71 -103.60 37.76
N GLN Y 360 -35.18 -102.53 37.16
CA GLN Y 360 -35.24 -101.17 37.69
C GLN Y 360 -34.97 -101.10 39.19
N THR Y 361 -34.09 -101.98 39.68
CA THR Y 361 -33.79 -102.12 41.09
C THR Y 361 -32.70 -103.16 41.27
N PRO Y 362 -31.68 -102.89 42.07
CA PRO Y 362 -30.68 -103.94 42.34
C PRO Y 362 -31.21 -105.05 43.22
N GLN Y 363 -32.19 -104.76 44.06
CA GLN Y 363 -32.76 -105.80 44.92
C GLN Y 363 -33.67 -106.74 44.16
N GLY Y 364 -33.91 -106.47 42.88
CA GLY Y 364 -34.83 -107.28 42.10
C GLY Y 364 -34.42 -108.74 41.96
N THR Y 365 -35.30 -109.64 42.40
CA THR Y 365 -35.08 -111.07 42.27
C THR Y 365 -35.55 -111.51 40.89
N ASN Y 366 -35.66 -112.82 40.67
CA ASN Y 366 -36.01 -113.32 39.34
C ASN Y 366 -37.30 -112.69 38.83
N ASN Y 367 -38.40 -112.85 39.55
CA ASN Y 367 -39.61 -112.09 39.29
C ASN Y 367 -39.89 -111.20 40.48
N ASN Y 368 -39.58 -109.91 40.32
CA ASN Y 368 -39.76 -108.81 41.25
C ASN Y 368 -39.16 -107.62 40.52
N GLY Y 369 -39.57 -106.40 40.84
CA GLY Y 369 -39.18 -105.35 39.92
C GLY Y 369 -39.68 -105.80 38.57
N ASN Y 370 -38.74 -105.99 37.64
CA ASN Y 370 -38.97 -106.85 36.48
C ASN Y 370 -40.04 -106.30 35.54
N ILE Y 371 -39.93 -105.01 35.22
CA ILE Y 371 -40.88 -104.45 34.27
C ILE Y 371 -40.46 -104.84 32.86
N ILE Y 372 -41.41 -105.21 32.06
CA ILE Y 372 -41.16 -105.81 30.76
C ILE Y 372 -41.62 -104.85 29.68
N SER Y 373 -40.84 -104.72 28.61
CA SER Y 373 -41.21 -103.83 27.53
C SER Y 373 -42.49 -104.31 26.86
N ASN Y 374 -43.17 -103.38 26.20
CA ASN Y 374 -44.48 -103.65 25.63
C ASN Y 374 -44.58 -102.94 24.29
N GLN Y 375 -45.62 -103.25 23.52
CA GLN Y 375 -45.77 -102.62 22.23
C GLN Y 375 -46.28 -101.20 22.36
N PRO Y 376 -45.69 -100.24 21.64
CA PRO Y 376 -46.17 -98.85 21.73
C PRO Y 376 -47.55 -98.65 21.14
N LEU Y 377 -48.02 -99.61 20.35
CA LEU Y 377 -49.22 -99.54 19.52
C LEU Y 377 -49.01 -98.61 18.35
N SER Y 378 -47.85 -97.96 18.25
CA SER Y 378 -47.44 -97.31 17.01
C SER Y 378 -47.38 -98.34 15.90
N MET Y 379 -47.70 -97.90 14.68
CA MET Y 379 -47.86 -98.85 13.58
C MET Y 379 -46.58 -99.06 12.79
N LEU Y 380 -45.46 -98.49 13.19
CA LEU Y 380 -44.31 -98.56 12.30
C LEU Y 380 -43.53 -99.88 12.20
N ARG Y 381 -42.76 -100.43 13.16
CA ARG Y 381 -42.79 -100.55 14.64
C ARG Y 381 -43.50 -101.84 15.08
N ASP Y 382 -44.15 -102.55 14.17
CA ASP Y 382 -44.65 -103.88 14.50
C ASP Y 382 -44.11 -104.88 13.50
N GLN Y 383 -44.48 -104.73 12.24
CA GLN Y 383 -43.70 -105.23 11.11
C GLN Y 383 -43.47 -106.74 11.17
N ALA Y 384 -44.53 -107.48 10.86
CA ALA Y 384 -44.32 -108.86 10.49
C ALA Y 384 -43.80 -108.95 9.06
N LEU Y 385 -43.58 -110.18 8.60
CA LEU Y 385 -43.37 -110.43 7.19
C LEU Y 385 -43.74 -111.89 6.94
N PHE Y 386 -44.28 -112.17 5.76
CA PHE Y 386 -45.05 -113.39 5.55
C PHE Y 386 -44.50 -114.27 4.44
N ARG Y 387 -44.36 -113.76 3.22
CA ARG Y 387 -43.87 -114.59 2.11
C ARG Y 387 -44.86 -115.75 1.91
N GLY Y 388 -44.39 -116.91 1.47
CA GLY Y 388 -45.19 -118.11 1.37
C GLY Y 388 -46.45 -117.96 0.55
N ASN Y 389 -47.27 -119.01 0.55
CA ASN Y 389 -46.79 -120.37 0.43
C ASN Y 389 -47.17 -120.79 -0.99
N GLN Y 390 -47.84 -119.84 -1.67
CA GLN Y 390 -48.77 -120.00 -2.79
C GLN Y 390 -50.15 -120.34 -2.27
N THR Y 391 -50.29 -120.70 -1.00
CA THR Y 391 -51.56 -121.05 -0.37
C THR Y 391 -51.76 -120.24 0.90
N THR Y 392 -50.82 -120.32 1.84
CA THR Y 392 -50.90 -119.63 3.12
C THR Y 392 -49.69 -118.71 3.26
N TYR Y 393 -49.83 -117.67 4.06
CA TYR Y 393 -48.69 -116.86 4.46
C TYR Y 393 -48.08 -117.45 5.72
N ASN Y 394 -46.75 -117.43 5.79
CA ASN Y 394 -46.03 -118.02 6.91
C ASN Y 394 -44.97 -117.05 7.42
N LEU Y 395 -45.15 -116.57 8.65
CA LEU Y 395 -44.21 -115.61 9.22
C LEU Y 395 -42.78 -116.10 9.09
N CYS Y 396 -41.91 -115.24 8.57
CA CYS Y 396 -40.57 -115.65 8.19
C CYS Y 396 -39.54 -115.11 9.18
N SER Y 397 -38.61 -115.97 9.58
CA SER Y 397 -37.46 -115.61 10.37
C SER Y 397 -36.51 -114.75 9.54
N ASP Y 398 -35.55 -114.12 10.24
CA ASP Y 398 -34.62 -113.18 9.64
C ASP Y 398 -35.36 -111.94 9.16
N VAL Y 399 -35.34 -111.63 7.86
CA VAL Y 399 -35.55 -110.28 7.34
C VAL Y 399 -34.36 -109.39 7.64
N TRP Y 400 -33.29 -109.55 6.87
CA TRP Y 400 -32.11 -108.71 6.88
C TRP Y 400 -32.41 -107.35 6.23
N MET Y 401 -31.36 -106.55 6.05
CA MET Y 401 -31.56 -105.24 5.43
C MET Y 401 -31.97 -105.37 3.98
N PHE Y 402 -32.81 -104.45 3.54
CA PHE Y 402 -33.40 -104.43 2.22
C PHE Y 402 -33.64 -102.98 1.83
N PRO Y 403 -33.56 -102.65 0.53
CA PRO Y 403 -33.52 -101.23 0.13
C PRO Y 403 -34.65 -100.35 0.64
N ASN Y 404 -35.88 -100.82 0.59
CA ASN Y 404 -37.00 -99.94 0.87
C ASN Y 404 -37.44 -99.96 2.33
N GLN Y 405 -36.69 -100.60 3.20
CA GLN Y 405 -37.16 -100.84 4.55
C GLN Y 405 -37.38 -99.55 5.33
N ILE Y 406 -38.44 -99.54 6.12
CA ILE Y 406 -38.66 -98.55 7.16
C ILE Y 406 -38.94 -99.26 8.47
N TRP Y 407 -38.27 -98.83 9.53
CA TRP Y 407 -38.61 -99.25 10.86
C TRP Y 407 -38.58 -98.01 11.73
N ASP Y 408 -39.12 -98.15 12.92
CA ASP Y 408 -39.13 -97.05 13.87
C ASP Y 408 -38.19 -97.41 15.01
N ARG Y 409 -37.34 -96.47 15.38
CA ARG Y 409 -36.39 -96.72 16.44
C ARG Y 409 -37.13 -97.06 17.73
N TYR Y 410 -36.49 -97.83 18.60
CA TYR Y 410 -37.14 -98.31 19.80
C TYR Y 410 -37.75 -97.14 20.57
N PRO Y 411 -38.99 -97.26 21.05
CA PRO Y 411 -39.69 -96.11 21.62
C PRO Y 411 -39.06 -95.54 22.88
N ILE Y 412 -38.11 -96.27 23.45
CA ILE Y 412 -37.46 -96.03 24.74
C ILE Y 412 -38.50 -95.78 25.83
N THR Y 413 -38.11 -95.00 26.84
CA THR Y 413 -38.88 -94.75 28.06
C THR Y 413 -37.99 -93.97 29.02
N ARG Y 414 -38.51 -93.61 30.18
CA ARG Y 414 -37.71 -92.84 31.12
C ARG Y 414 -36.56 -93.63 31.70
N GLU Y 415 -36.61 -94.95 31.67
CA GLU Y 415 -35.60 -95.81 32.30
C GLU Y 415 -34.40 -96.09 31.42
N ASN Y 416 -34.35 -95.57 30.23
CA ASN Y 416 -33.37 -96.02 29.26
C ASN Y 416 -32.09 -95.23 29.34
N PRO Y 417 -30.99 -95.81 28.87
CA PRO Y 417 -29.78 -95.03 28.66
C PRO Y 417 -29.96 -94.02 27.54
N ILE Y 418 -29.38 -92.85 27.73
CA ILE Y 418 -29.50 -91.79 26.73
C ILE Y 418 -28.70 -92.15 25.50
N TRP Y 419 -27.42 -92.49 25.68
CA TRP Y 419 -26.51 -92.69 24.57
C TRP Y 419 -25.76 -94.00 24.72
N CYS Y 420 -25.09 -94.37 23.65
CA CYS Y 420 -24.16 -95.49 23.59
C CYS Y 420 -23.04 -95.10 22.66
N LYS Y 421 -21.82 -95.54 22.97
CA LYS Y 421 -20.70 -95.15 22.13
C LYS Y 421 -20.62 -96.05 20.90
N LYS Y 422 -20.54 -95.43 19.74
CA LYS Y 422 -20.36 -96.15 18.49
C LYS Y 422 -18.87 -96.48 18.35
N PRO Y 423 -18.50 -97.75 18.39
CA PRO Y 423 -17.08 -98.10 18.33
C PRO Y 423 -16.44 -97.73 17.00
N ARG Y 424 -15.20 -97.27 17.08
CA ARG Y 424 -14.47 -96.83 15.90
C ARG Y 424 -14.11 -98.03 15.04
N SER Y 425 -14.51 -97.98 13.78
CA SER Y 425 -14.20 -99.07 12.87
C SER Y 425 -14.26 -98.52 11.44
N ASP Y 426 -13.66 -99.26 10.52
CA ASP Y 426 -13.62 -98.81 9.14
C ASP Y 426 -15.02 -98.68 8.56
N LYS Y 427 -15.78 -99.76 8.60
CA LYS Y 427 -17.07 -99.82 7.94
C LYS Y 427 -18.17 -100.13 8.93
N HIS Y 428 -19.37 -99.63 8.66
CA HIS Y 428 -20.53 -99.94 9.46
C HIS Y 428 -21.79 -99.67 8.66
N THR Y 429 -22.88 -100.26 9.11
CA THR Y 429 -24.20 -100.07 8.53
C THR Y 429 -24.96 -98.94 9.23
N THR Y 430 -26.28 -98.90 9.08
CA THR Y 430 -27.07 -97.72 9.43
C THR Y 430 -26.83 -97.22 10.86
N ILE Y 431 -26.42 -98.12 11.76
CA ILE Y 431 -26.23 -97.79 13.18
C ILE Y 431 -27.54 -97.32 13.82
N ASP Y 432 -28.48 -98.24 14.01
CA ASP Y 432 -29.60 -97.98 14.88
C ASP Y 432 -29.57 -98.96 16.04
N PRO Y 433 -29.18 -98.56 17.24
CA PRO Y 433 -29.16 -99.51 18.35
C PRO Y 433 -30.56 -99.95 18.74
N PHE Y 434 -30.70 -101.24 19.01
CA PHE Y 434 -32.01 -101.80 19.34
C PHE Y 434 -32.35 -101.65 20.81
N ASP Y 435 -31.47 -101.04 21.58
CA ASP Y 435 -31.74 -100.67 22.95
C ASP Y 435 -32.40 -99.31 23.02
N GLY Y 436 -32.78 -98.75 21.88
CA GLY Y 436 -33.06 -97.34 21.81
C GLY Y 436 -31.76 -96.60 21.97
N SER Y 437 -31.68 -95.74 22.98
CA SER Y 437 -30.48 -94.96 23.25
C SER Y 437 -30.02 -94.22 22.00
N LEU Y 438 -28.71 -94.11 21.82
CA LEU Y 438 -28.14 -93.31 20.76
C LEU Y 438 -26.73 -93.81 20.50
N ALA Y 439 -26.20 -93.45 19.35
CA ALA Y 439 -24.82 -93.75 19.02
C ALA Y 439 -24.11 -92.45 18.71
N MET Y 440 -22.92 -92.29 19.27
CA MET Y 440 -22.13 -91.11 19.01
C MET Y 440 -20.67 -91.50 18.82
N ASP Y 441 -19.99 -90.81 17.92
CA ASP Y 441 -18.55 -90.98 17.80
C ASP Y 441 -17.89 -90.73 19.14
N HIS Y 442 -18.08 -89.54 19.69
CA HIS Y 442 -17.60 -89.21 21.02
C HIS Y 442 -18.80 -88.92 21.90
N PRO Y 443 -19.17 -89.83 22.79
CA PRO Y 443 -20.19 -89.53 23.78
C PRO Y 443 -19.62 -88.62 24.85
N PRO Y 444 -20.38 -88.30 25.88
CA PRO Y 444 -19.77 -87.61 27.03
C PRO Y 444 -18.60 -88.42 27.56
N GLY Y 445 -17.46 -87.75 27.70
CA GLY Y 445 -16.29 -88.42 28.24
C GLY Y 445 -16.53 -88.82 29.68
N THR Y 446 -16.24 -90.07 29.99
CA THR Y 446 -16.42 -90.54 31.35
C THR Y 446 -15.48 -89.80 32.28
N ILE Y 447 -16.03 -89.30 33.38
CA ILE Y 447 -15.24 -88.61 34.39
C ILE Y 447 -14.80 -89.62 35.42
N PHE Y 448 -13.50 -89.77 35.59
CA PHE Y 448 -12.92 -90.72 36.52
C PHE Y 448 -12.42 -89.97 37.74
N ILE Y 449 -12.46 -90.64 38.89
CA ILE Y 449 -12.09 -90.02 40.14
C ILE Y 449 -11.52 -91.08 41.07
N LYS Y 450 -10.50 -90.71 41.83
CA LYS Y 450 -9.74 -91.62 42.66
C LYS Y 450 -9.34 -90.89 43.92
N MET Y 451 -8.91 -91.64 44.93
CA MET Y 451 -8.69 -91.11 46.25
C MET Y 451 -7.26 -90.69 46.56
N ALA Y 452 -6.35 -90.71 45.60
CA ALA Y 452 -5.03 -90.15 45.83
C ALA Y 452 -4.29 -90.85 46.96
N LYS Y 453 -3.73 -92.02 46.68
CA LYS Y 453 -3.13 -92.86 47.72
C LYS Y 453 -2.22 -92.05 48.62
N ILE Y 454 -2.45 -92.17 49.92
CA ILE Y 454 -1.60 -91.54 50.92
C ILE Y 454 -0.91 -92.68 51.68
N PRO Y 455 0.36 -92.93 51.42
CA PRO Y 455 1.02 -94.08 52.03
C PRO Y 455 1.41 -93.77 53.47
N VAL Y 456 1.91 -94.79 54.14
CA VAL Y 456 2.32 -94.67 55.53
C VAL Y 456 3.62 -95.45 55.70
N PRO Y 457 4.53 -95.01 56.53
CA PRO Y 457 5.84 -95.66 56.60
C PRO Y 457 5.77 -96.99 57.32
N SER Y 458 6.64 -97.91 56.90
CA SER Y 458 6.75 -99.21 57.55
C SER Y 458 8.17 -99.74 57.34
N ASN Y 459 8.45 -100.88 57.96
CA ASN Y 459 9.79 -101.47 57.90
C ASN Y 459 10.00 -102.30 56.65
N ASN Y 460 8.99 -103.07 56.25
CA ASN Y 460 9.12 -104.10 55.22
C ASN Y 460 9.84 -103.69 53.91
N ASN Y 461 9.48 -102.57 53.27
CA ASN Y 461 8.44 -101.65 53.70
C ASN Y 461 7.18 -101.84 52.89
N ALA Y 462 6.16 -101.04 53.22
CA ALA Y 462 4.87 -101.06 52.55
C ALA Y 462 4.27 -102.49 52.59
N ASP Y 463 3.38 -102.90 51.66
CA ASP Y 463 2.38 -102.03 51.04
C ASP Y 463 1.34 -101.65 52.07
N SER Y 464 1.21 -100.34 52.28
CA SER Y 464 0.29 -99.82 53.27
C SER Y 464 -0.09 -98.41 52.87
N TYR Y 465 -1.29 -98.00 53.27
CA TYR Y 465 -1.82 -96.72 52.85
C TYR Y 465 -2.84 -96.27 53.88
N LEU Y 466 -3.18 -94.99 53.80
CA LEU Y 466 -4.10 -94.40 54.75
C LEU Y 466 -5.51 -94.51 54.22
N ASN Y 467 -6.45 -94.86 55.09
CA ASN Y 467 -7.81 -95.20 54.69
C ASN Y 467 -8.67 -93.95 54.74
N ILE Y 468 -9.11 -93.47 53.57
CA ILE Y 468 -9.88 -92.24 53.45
C ILE Y 468 -10.99 -92.45 52.44
N TYR Y 469 -11.91 -91.50 52.38
CA TYR Y 469 -12.91 -91.47 51.34
C TYR Y 469 -13.28 -90.02 51.06
N CYS Y 470 -13.84 -89.79 49.88
CA CYS Y 470 -14.21 -88.45 49.46
C CYS Y 470 -15.71 -88.35 49.37
N THR Y 471 -16.20 -87.13 49.50
CA THR Y 471 -17.63 -86.88 49.44
C THR Y 471 -17.80 -85.50 48.84
N GLY Y 472 -18.81 -85.35 47.99
CA GLY Y 472 -18.96 -84.07 47.34
C GLY Y 472 -20.22 -84.04 46.51
N GLN Y 473 -20.29 -83.04 45.64
CA GLN Y 473 -21.52 -82.79 44.91
C GLN Y 473 -21.22 -82.62 43.43
N VAL Y 474 -21.85 -83.45 42.61
CA VAL Y 474 -21.81 -83.31 41.16
C VAL Y 474 -23.06 -82.60 40.73
N SER Y 475 -22.94 -81.64 39.82
CA SER Y 475 -24.09 -81.01 39.22
C SER Y 475 -24.00 -81.24 37.73
N CYS Y 476 -24.91 -82.05 37.20
CA CYS Y 476 -24.95 -82.30 35.77
C CYS Y 476 -26.08 -81.47 35.19
N GLU Y 477 -25.73 -80.44 34.44
CA GLU Y 477 -26.69 -79.53 33.84
C GLU Y 477 -26.58 -79.69 32.33
N ILE Y 478 -27.61 -80.25 31.70
CA ILE Y 478 -27.56 -80.56 30.29
C ILE Y 478 -28.69 -79.85 29.57
N VAL Y 479 -28.41 -79.38 28.37
CA VAL Y 479 -29.35 -78.64 27.55
C VAL Y 479 -29.85 -79.57 26.46
N TRP Y 480 -31.14 -79.49 26.18
CA TRP Y 480 -31.79 -80.40 25.23
C TRP Y 480 -32.35 -79.58 24.09
N GLU Y 481 -31.86 -79.81 22.88
CA GLU Y 481 -32.57 -79.30 21.71
C GLU Y 481 -33.92 -79.99 21.64
N VAL Y 482 -34.98 -79.19 21.55
CA VAL Y 482 -36.33 -79.71 21.67
C VAL Y 482 -37.19 -79.03 20.63
N GLU Y 483 -38.15 -79.78 20.07
CA GLU Y 483 -39.03 -79.27 19.04
C GLU Y 483 -40.47 -79.59 19.39
N ARG Y 484 -41.35 -78.61 19.23
CA ARG Y 484 -42.73 -78.69 19.70
C ARG Y 484 -43.65 -79.02 18.55
N TYR Y 485 -44.71 -79.78 18.84
CA TYR Y 485 -45.50 -80.38 17.77
C TYR Y 485 -46.73 -79.54 17.45
N ALA Y 486 -47.07 -79.51 16.17
CA ALA Y 486 -48.33 -78.98 15.69
C ALA Y 486 -48.89 -79.96 14.67
N THR Y 487 -50.20 -80.13 14.68
CA THR Y 487 -50.79 -81.11 13.78
C THR Y 487 -52.19 -80.69 13.40
N LYS Y 488 -52.67 -81.24 12.29
CA LYS Y 488 -53.99 -80.93 11.79
C LYS Y 488 -55.03 -81.95 12.21
N ASN Y 489 -54.67 -82.91 13.05
CA ASN Y 489 -55.64 -83.88 13.51
C ASN Y 489 -56.76 -83.18 14.26
N TRP Y 490 -57.98 -83.65 14.05
CA TRP Y 490 -59.13 -83.09 14.74
C TRP Y 490 -59.28 -83.67 16.13
N ARG Y 491 -58.86 -84.88 16.33
CA ARG Y 491 -59.18 -85.66 17.52
C ARG Y 491 -58.16 -85.47 18.64
N PRO Y 492 -58.55 -85.84 19.86
CA PRO Y 492 -57.74 -85.50 21.05
C PRO Y 492 -56.34 -86.11 21.12
N GLU Y 493 -56.00 -87.10 20.30
CA GLU Y 493 -54.71 -87.84 20.39
C GLU Y 493 -54.60 -88.46 21.78
N ARG Y 494 -53.40 -88.51 22.37
CA ARG Y 494 -53.16 -89.29 23.57
C ARG Y 494 -52.06 -88.63 24.37
N ARG Y 495 -52.14 -88.76 25.69
CA ARG Y 495 -51.15 -88.20 26.59
C ARG Y 495 -50.80 -89.24 27.64
N HIS Y 496 -49.97 -88.86 28.59
CA HIS Y 496 -49.64 -89.73 29.71
C HIS Y 496 -50.28 -89.18 30.96
N THR Y 497 -51.36 -89.83 31.39
CA THR Y 497 -52.00 -89.57 32.66
C THR Y 497 -51.27 -90.31 33.78
N THR Y 498 -51.46 -89.82 35.00
CA THR Y 498 -51.19 -90.64 36.16
C THR Y 498 -52.11 -91.85 36.22
N PHE Y 499 -53.21 -91.86 35.47
CA PHE Y 499 -54.11 -93.00 35.58
C PHE Y 499 -53.50 -94.27 35.03
N GLY Y 500 -52.50 -94.18 34.16
CA GLY Y 500 -51.73 -95.35 33.84
C GLY Y 500 -50.98 -95.88 35.04
N LEU Y 501 -50.66 -95.00 35.98
CA LEU Y 501 -49.95 -95.36 37.19
C LEU Y 501 -50.87 -96.11 38.15
N GLY Y 502 -50.27 -96.79 39.13
CA GLY Y 502 -51.04 -97.57 40.07
C GLY Y 502 -50.40 -97.53 41.44
N ILE Y 503 -51.19 -97.92 42.44
CA ILE Y 503 -50.87 -97.75 43.85
C ILE Y 503 -49.93 -98.87 44.30
N GLY Y 504 -49.04 -98.58 45.22
CA GLY Y 504 -48.13 -99.62 45.69
C GLY Y 504 -47.34 -99.19 46.92
N GLY Y 505 -46.61 -100.16 47.45
CA GLY Y 505 -45.67 -100.02 48.56
C GLY Y 505 -46.31 -100.19 49.92
N ALA Y 506 -45.56 -100.78 50.85
CA ALA Y 506 -45.97 -101.00 52.23
C ALA Y 506 -47.40 -101.49 52.35
N ASP Y 507 -48.15 -100.91 53.28
CA ASP Y 507 -49.59 -100.85 53.12
C ASP Y 507 -49.88 -100.02 51.90
N ASN Y 508 -50.84 -100.47 51.07
CA ASN Y 508 -50.85 -100.11 49.66
C ASN Y 508 -50.69 -98.61 49.41
N LEU Y 509 -50.95 -97.79 50.43
CA LEU Y 509 -50.98 -96.34 50.29
C LEU Y 509 -49.71 -95.80 49.64
N ASN Y 510 -49.88 -94.66 48.97
CA ASN Y 510 -49.01 -93.90 48.08
C ASN Y 510 -49.08 -94.52 46.70
N PRO Y 511 -49.12 -93.73 45.63
CA PRO Y 511 -49.39 -94.34 44.33
C PRO Y 511 -48.23 -95.05 43.65
N THR Y 512 -47.30 -94.29 43.08
CA THR Y 512 -46.25 -94.91 42.30
C THR Y 512 -44.92 -94.19 42.44
N TYR Y 513 -44.81 -92.97 41.93
CA TYR Y 513 -43.58 -92.23 42.14
C TYR Y 513 -43.79 -91.39 43.40
N HIS Y 514 -43.24 -91.88 44.49
CA HIS Y 514 -43.60 -91.35 45.79
C HIS Y 514 -42.90 -92.19 46.85
N VAL Y 515 -42.81 -91.62 48.05
CA VAL Y 515 -42.13 -92.29 49.15
C VAL Y 515 -43.05 -93.25 49.89
N ASP Y 516 -42.44 -94.24 50.53
CA ASP Y 516 -43.10 -95.19 51.41
C ASP Y 516 -43.11 -94.63 52.84
N LYS Y 517 -43.40 -95.45 53.85
CA LYS Y 517 -43.61 -94.86 55.19
C LYS Y 517 -42.56 -94.79 56.35
N ASN Y 518 -41.38 -95.45 56.43
CA ASN Y 518 -40.76 -96.54 55.67
C ASN Y 518 -40.03 -96.04 54.44
N GLY Y 519 -39.99 -94.73 54.27
CA GLY Y 519 -39.92 -94.18 52.92
C GLY Y 519 -38.88 -94.78 52.03
N THR Y 520 -39.40 -95.41 50.99
CA THR Y 520 -38.67 -96.02 49.90
C THR Y 520 -39.44 -95.70 48.65
N TYR Y 521 -38.78 -95.07 47.71
CA TYR Y 521 -39.42 -94.61 46.48
C TYR Y 521 -40.08 -95.78 45.78
N ILE Y 522 -41.39 -95.69 45.56
CA ILE Y 522 -42.11 -96.82 44.98
C ILE Y 522 -41.73 -96.95 43.51
N GLN Y 523 -41.44 -98.11 43.13
CA GLN Y 523 -41.02 -98.18 41.73
C GLN Y 523 -42.21 -98.43 40.82
N PRO Y 524 -42.15 -97.87 39.62
CA PRO Y 524 -43.21 -98.13 38.63
C PRO Y 524 -43.20 -99.59 38.21
N THR Y 525 -44.38 -100.20 38.18
CA THR Y 525 -44.54 -101.61 37.88
C THR Y 525 -45.16 -101.79 36.51
N THR Y 526 -44.50 -102.60 35.68
CA THR Y 526 -44.56 -102.79 34.23
C THR Y 526 -44.30 -101.53 33.39
N TRP Y 527 -44.77 -101.55 32.15
CA TRP Y 527 -44.16 -100.71 31.12
C TRP Y 527 -44.80 -99.34 31.01
N ASP Y 528 -46.14 -99.29 31.07
CA ASP Y 528 -46.84 -98.02 30.86
C ASP Y 528 -46.55 -97.01 31.95
N MET Y 529 -46.27 -97.48 33.18
CA MET Y 529 -45.91 -96.59 34.27
C MET Y 529 -44.85 -95.60 33.83
N CYS Y 530 -43.65 -96.09 33.58
CA CYS Y 530 -42.66 -95.32 32.85
C CYS Y 530 -43.27 -94.88 31.54
N PHE Y 531 -43.22 -93.59 31.25
CA PHE Y 531 -44.03 -93.11 30.14
C PHE Y 531 -43.19 -93.05 28.88
N PRO Y 532 -43.38 -93.97 27.94
CA PRO Y 532 -42.50 -94.03 26.79
C PRO Y 532 -42.84 -92.94 25.79
N VAL Y 533 -41.82 -92.39 25.15
CA VAL Y 533 -42.09 -91.59 23.97
C VAL Y 533 -42.51 -92.51 22.85
N LYS Y 534 -43.10 -91.92 21.81
CA LYS Y 534 -43.47 -92.56 20.55
C LYS Y 534 -44.85 -93.21 20.66
N THR Y 535 -45.45 -93.23 21.85
CA THR Y 535 -46.82 -93.68 22.01
C THR Y 535 -47.82 -92.55 21.92
N ASN Y 536 -47.36 -91.32 21.71
CA ASN Y 536 -48.23 -90.16 21.72
C ASN Y 536 -48.11 -89.38 20.42
N ILE Y 537 -48.82 -88.25 20.40
CA ILE Y 537 -48.97 -87.37 19.26
C ILE Y 537 -49.43 -88.20 18.06
N ASN Y 538 -49.05 -87.80 16.86
CA ASN Y 538 -49.26 -88.55 15.62
C ASN Y 538 -48.33 -87.94 14.58
N LYS Y 539 -48.09 -88.68 13.51
CA LYS Y 539 -47.42 -88.11 12.36
C LYS Y 539 -48.05 -88.67 11.09
N VAL Y 540 -48.37 -87.78 10.16
CA VAL Y 540 -48.65 -88.24 8.82
C VAL Y 540 -47.35 -88.74 8.20
N LEU Y 541 -47.35 -89.96 7.72
CA LEU Y 541 -46.15 -90.53 7.14
C LEU Y 541 -45.87 -89.90 5.78
N GLY Z 34 -59.46 -56.97 -7.84
CA GLY Z 34 -60.73 -56.65 -8.48
C GLY Z 34 -61.87 -56.44 -7.50
N SER Z 35 -63.07 -56.20 -8.03
CA SER Z 35 -64.24 -55.97 -7.21
C SER Z 35 -65.49 -56.32 -8.02
N GLY Z 36 -66.60 -56.52 -7.31
CA GLY Z 36 -67.87 -56.79 -7.94
C GLY Z 36 -68.22 -58.26 -7.91
N VAL Z 37 -69.37 -58.56 -8.50
CA VAL Z 37 -69.80 -59.96 -8.62
C VAL Z 37 -68.78 -60.74 -9.42
N GLY Z 38 -68.56 -61.99 -9.03
CA GLY Z 38 -67.60 -62.83 -9.69
C GLY Z 38 -66.20 -62.75 -9.12
N ILE Z 39 -65.98 -61.96 -8.08
CA ILE Z 39 -64.71 -61.85 -7.41
C ILE Z 39 -64.98 -62.13 -5.93
N SER Z 40 -64.43 -63.22 -5.41
CA SER Z 40 -64.69 -63.58 -4.03
C SER Z 40 -64.07 -62.55 -3.10
N THR Z 41 -64.74 -62.26 -2.00
CA THR Z 41 -64.26 -61.19 -1.14
C THR Z 41 -63.16 -61.67 -0.21
N GLY Z 42 -63.31 -62.84 0.39
CA GLY Z 42 -62.29 -63.38 1.25
C GLY Z 42 -62.32 -64.89 1.18
N GLY Z 43 -61.23 -65.50 1.65
CA GLY Z 43 -61.08 -66.93 1.60
C GLY Z 43 -61.38 -67.61 2.91
N TRP Z 44 -61.30 -68.94 2.88
CA TRP Z 44 -61.53 -69.74 4.07
C TRP Z 44 -60.37 -69.58 5.04
N VAL Z 45 -60.65 -69.82 6.32
CA VAL Z 45 -59.70 -69.57 7.39
C VAL Z 45 -59.88 -70.63 8.47
N GLY Z 46 -58.80 -70.97 9.16
CA GLY Z 46 -58.90 -71.83 10.32
C GLY Z 46 -57.54 -72.38 10.73
N GLY Z 47 -57.57 -73.33 11.68
CA GLY Z 47 -56.43 -74.17 12.00
C GLY Z 47 -55.70 -73.86 13.29
N SER Z 48 -56.17 -72.90 14.07
CA SER Z 48 -55.56 -72.42 15.30
C SER Z 48 -54.09 -72.02 15.21
N TYR Z 49 -53.40 -71.94 16.36
CA TYR Z 49 -52.03 -71.43 16.35
C TYR Z 49 -51.11 -71.99 17.44
N PHE Z 50 -51.40 -71.65 18.70
CA PHE Z 50 -50.65 -72.05 19.88
C PHE Z 50 -49.21 -71.57 20.04
N THR Z 51 -49.04 -70.31 20.45
CA THR Z 51 -47.80 -69.80 21.03
C THR Z 51 -47.95 -69.68 22.54
N ASP Z 52 -46.83 -69.82 23.26
CA ASP Z 52 -46.81 -69.77 24.71
C ASP Z 52 -47.60 -68.61 25.30
N SER Z 53 -47.49 -67.44 24.69
CA SER Z 53 -48.16 -66.26 25.24
C SER Z 53 -49.62 -66.18 24.84
N TYR Z 54 -49.99 -66.69 23.66
CA TYR Z 54 -51.37 -66.57 23.21
C TYR Z 54 -51.70 -67.66 22.21
N VAL Z 55 -52.98 -67.92 22.07
CA VAL Z 55 -53.51 -68.90 21.13
C VAL Z 55 -54.50 -68.19 20.21
N ILE Z 56 -54.30 -68.33 18.91
CA ILE Z 56 -55.19 -67.75 17.91
C ILE Z 56 -56.00 -68.87 17.29
N THR Z 57 -57.28 -68.89 17.56
CA THR Z 57 -58.19 -69.86 16.95
C THR Z 57 -58.94 -69.18 15.81
N LYS Z 58 -58.96 -69.83 14.67
CA LYS Z 58 -59.60 -69.30 13.47
C LYS Z 58 -60.65 -70.30 13.02
N ASN Z 59 -61.80 -69.79 12.59
CA ASN Z 59 -62.89 -70.64 12.16
C ASN Z 59 -63.65 -69.95 11.04
N THR Z 60 -64.33 -70.75 10.24
CA THR Z 60 -65.11 -70.24 9.12
C THR Z 60 -66.33 -71.13 8.95
N ARG Z 61 -67.43 -70.54 8.51
CA ARG Z 61 -68.70 -71.26 8.43
C ARG Z 61 -69.42 -70.92 7.15
N GLN Z 62 -70.47 -71.69 6.90
CA GLN Z 62 -71.43 -71.41 5.85
C GLN Z 62 -72.78 -71.24 6.53
N PHE Z 63 -73.44 -70.12 6.31
CA PHE Z 63 -74.69 -69.83 7.01
C PHE Z 63 -75.78 -69.48 6.02
N LEU Z 64 -77.02 -69.46 6.49
CA LEU Z 64 -78.09 -68.93 5.67
C LEU Z 64 -79.14 -68.24 6.51
N VAL Z 65 -79.68 -67.16 5.95
CA VAL Z 65 -80.72 -66.35 6.59
C VAL Z 65 -82.02 -66.63 5.87
N LYS Z 66 -83.07 -66.94 6.61
CA LYS Z 66 -84.25 -67.59 6.07
C LYS Z 66 -85.45 -66.66 5.83
N ILE Z 67 -85.35 -65.37 6.16
CA ILE Z 67 -86.52 -64.49 6.26
C ILE Z 67 -87.48 -65.06 7.31
N GLN Z 68 -87.16 -64.88 8.59
CA GLN Z 68 -88.07 -65.31 9.63
C GLN Z 68 -89.18 -64.29 9.83
N ASN Z 69 -90.38 -64.78 10.13
CA ASN Z 69 -91.47 -63.99 10.69
C ASN Z 69 -91.98 -62.95 9.69
N ASN Z 70 -92.09 -63.34 8.42
CA ASN Z 70 -92.30 -62.38 7.33
C ASN Z 70 -91.23 -61.32 7.52
N HIS Z 71 -91.51 -60.04 7.31
CA HIS Z 71 -90.64 -59.02 7.87
C HIS Z 71 -91.25 -58.31 9.05
N GLN Z 72 -92.49 -58.58 9.38
CA GLN Z 72 -93.14 -57.99 10.53
C GLN Z 72 -92.70 -58.66 11.83
N TYR Z 73 -92.94 -57.95 12.93
CA TYR Z 73 -92.49 -58.31 14.27
C TYR Z 73 -93.43 -59.24 15.02
N LYS Z 74 -94.67 -58.82 15.24
CA LYS Z 74 -95.63 -59.44 16.14
C LYS Z 74 -95.14 -59.50 17.58
N THR Z 75 -95.69 -60.43 18.35
CA THR Z 75 -95.38 -60.58 19.77
C THR Z 75 -95.25 -62.07 20.11
N GLU Z 76 -96.30 -62.83 19.79
CA GLU Z 76 -96.37 -64.29 19.73
C GLU Z 76 -96.77 -65.02 21.01
N LEU Z 77 -96.70 -64.37 22.17
CA LEU Z 77 -97.27 -64.93 23.42
C LEU Z 77 -97.05 -66.44 23.51
N ILE Z 78 -95.80 -66.84 23.72
CA ILE Z 78 -95.34 -68.16 23.28
C ILE Z 78 -96.19 -69.30 23.83
N SER Z 79 -95.98 -69.68 25.08
CA SER Z 79 -96.76 -70.65 25.84
C SER Z 79 -96.75 -72.05 25.23
N PRO Z 80 -96.86 -73.10 26.02
CA PRO Z 80 -97.55 -74.30 25.56
C PRO Z 80 -98.97 -74.28 26.09
N SER Z 81 -99.78 -75.28 25.76
CA SER Z 81 -101.04 -75.46 26.47
C SER Z 81 -101.39 -76.93 26.73
N THR Z 82 -101.57 -77.38 27.98
CA THR Z 82 -101.04 -76.85 29.27
C THR Z 82 -101.05 -75.33 29.53
N SER Z 83 -102.24 -74.73 29.40
CA SER Z 83 -102.39 -73.29 29.60
C SER Z 83 -101.90 -72.83 30.96
N GLN Z 84 -101.73 -73.75 31.91
CA GLN Z 84 -101.15 -73.42 33.21
C GLN Z 84 -99.72 -72.93 33.10
N GLY Z 85 -99.09 -73.07 31.93
CA GLY Z 85 -97.69 -72.70 31.79
C GLY Z 85 -97.46 -71.21 31.97
N LYS Z 86 -96.18 -70.84 31.85
CA LYS Z 86 -95.80 -69.45 32.07
C LYS Z 86 -96.37 -68.53 31.00
N SER Z 87 -96.30 -68.95 29.73
CA SER Z 87 -96.90 -68.22 28.63
C SER Z 87 -96.28 -66.83 28.47
N GLN Z 88 -94.96 -66.78 28.45
CA GLN Z 88 -94.27 -65.52 28.21
C GLN Z 88 -94.66 -64.95 26.85
N ARG Z 89 -94.85 -63.64 26.79
CA ARG Z 89 -95.39 -63.03 25.58
C ARG Z 89 -94.31 -62.84 24.52
N CYS Z 90 -93.10 -62.48 24.97
CA CYS Z 90 -91.97 -62.19 24.10
C CYS Z 90 -92.24 -61.18 23.00
N VAL Z 91 -91.39 -61.21 21.98
CA VAL Z 91 -91.48 -60.40 20.76
C VAL Z 91 -90.71 -61.16 19.70
N SER Z 92 -91.22 -61.20 18.48
CA SER Z 92 -90.48 -61.80 17.39
C SER Z 92 -90.04 -60.69 16.45
N THR Z 93 -88.93 -60.90 15.77
CA THR Z 93 -88.39 -59.91 14.87
C THR Z 93 -87.99 -60.57 13.56
N PRO Z 94 -87.92 -59.82 12.46
CA PRO Z 94 -87.39 -60.39 11.22
C PRO Z 94 -85.92 -60.74 11.29
N TRP Z 95 -85.21 -60.27 12.30
CA TRP Z 95 -83.76 -60.39 12.35
C TRP Z 95 -83.33 -61.77 12.82
N SER Z 96 -82.15 -62.17 12.35
CA SER Z 96 -81.44 -63.34 12.83
C SER Z 96 -80.10 -62.87 13.35
N TYR Z 97 -79.45 -63.68 14.16
CA TYR Z 97 -78.23 -63.23 14.80
C TYR Z 97 -77.19 -64.34 14.84
N PHE Z 98 -75.93 -63.92 14.94
CA PHE Z 98 -74.80 -64.82 15.08
C PHE Z 98 -74.48 -64.99 16.55
N ASN Z 99 -74.54 -66.22 17.04
CA ASN Z 99 -74.12 -66.56 18.39
C ASN Z 99 -72.79 -67.27 18.30
N PHE Z 100 -71.73 -66.62 18.77
CA PHE Z 100 -70.40 -67.22 18.78
C PHE Z 100 -70.01 -67.82 20.12
N ASN Z 101 -70.93 -67.85 21.09
CA ASN Z 101 -70.57 -68.10 22.47
C ASN Z 101 -70.63 -69.59 22.75
N GLN Z 102 -69.47 -70.22 22.81
CA GLN Z 102 -69.25 -71.60 23.25
C GLN Z 102 -67.79 -71.90 23.01
N TYR Z 103 -67.25 -72.87 23.74
CA TYR Z 103 -65.86 -73.25 23.48
C TYR Z 103 -65.75 -74.23 22.33
N SER Z 104 -66.65 -75.21 22.27
CA SER Z 104 -66.56 -76.23 21.25
C SER Z 104 -66.67 -75.68 19.85
N SER Z 105 -67.11 -74.43 19.70
CA SER Z 105 -67.16 -73.83 18.38
C SER Z 105 -65.78 -73.40 17.93
N HIS Z 106 -64.97 -72.85 18.84
CA HIS Z 106 -63.69 -72.28 18.49
C HIS Z 106 -62.51 -73.23 18.65
N PHE Z 107 -62.71 -74.39 19.27
CA PHE Z 107 -61.61 -75.30 19.55
C PHE Z 107 -61.95 -76.69 19.05
N SER Z 108 -61.08 -77.25 18.23
CA SER Z 108 -61.19 -78.64 17.89
C SER Z 108 -60.94 -79.48 19.14
N PRO Z 109 -61.43 -80.72 19.16
CA PRO Z 109 -61.12 -81.58 20.30
C PRO Z 109 -59.65 -81.75 20.57
N GLN Z 110 -58.77 -81.52 19.60
CA GLN Z 110 -57.35 -81.49 19.90
C GLN Z 110 -56.86 -80.11 20.35
N ASP Z 111 -57.33 -79.03 19.72
CA ASP Z 111 -56.91 -77.71 20.19
C ASP Z 111 -57.27 -77.51 21.64
N TRP Z 112 -58.55 -77.65 21.97
CA TRP Z 112 -58.92 -77.98 23.32
C TRP Z 112 -58.23 -79.28 23.66
N GLN Z 113 -57.77 -79.42 24.90
CA GLN Z 113 -56.85 -80.48 25.33
C GLN Z 113 -55.42 -80.21 24.94
N ARG Z 114 -55.16 -79.36 23.97
CA ARG Z 114 -53.81 -78.84 23.89
C ARG Z 114 -53.60 -77.70 24.85
N LEU Z 115 -54.60 -76.83 25.03
CA LEU Z 115 -54.51 -75.82 26.08
C LEU Z 115 -54.90 -76.37 27.44
N THR Z 116 -55.88 -77.24 27.49
CA THR Z 116 -56.29 -77.79 28.78
C THR Z 116 -55.15 -78.55 29.43
N ASN Z 117 -54.32 -79.21 28.62
CA ASN Z 117 -53.17 -79.90 29.17
C ASN Z 117 -52.00 -78.96 29.44
N GLU Z 118 -51.75 -78.03 28.52
CA GLU Z 118 -50.49 -77.31 28.53
C GLU Z 118 -50.52 -75.94 29.18
N TYR Z 119 -51.66 -75.47 29.69
CA TYR Z 119 -51.70 -74.11 30.19
C TYR Z 119 -52.47 -73.99 31.49
N LYS Z 120 -52.01 -73.06 32.35
CA LYS Z 120 -52.72 -72.75 33.59
C LYS Z 120 -54.06 -72.11 33.32
N ARG Z 121 -54.07 -71.07 32.50
CA ARG Z 121 -55.22 -70.21 32.45
C ARG Z 121 -55.27 -69.54 31.09
N PHE Z 122 -56.47 -69.13 30.70
CA PHE Z 122 -56.64 -68.46 29.43
C PHE Z 122 -57.87 -67.60 29.51
N ARG Z 123 -57.87 -66.53 28.72
CA ARG Z 123 -59.05 -65.72 28.56
C ARG Z 123 -59.02 -65.18 27.15
N PRO Z 124 -60.17 -64.99 26.51
CA PRO Z 124 -60.15 -64.42 25.16
C PRO Z 124 -59.69 -62.99 25.20
N LYS Z 125 -58.69 -62.67 24.39
CA LYS Z 125 -58.16 -61.31 24.34
C LYS Z 125 -58.95 -60.43 23.39
N GLY Z 126 -59.30 -60.95 22.22
CA GLY Z 126 -59.97 -60.15 21.21
C GLY Z 126 -60.72 -61.06 20.27
N MET Z 127 -61.48 -60.44 19.37
CA MET Z 127 -62.33 -61.18 18.45
C MET Z 127 -62.46 -60.39 17.17
N HIS Z 128 -62.45 -61.09 16.04
CA HIS Z 128 -62.53 -60.45 14.74
C HIS Z 128 -63.44 -61.29 13.86
N VAL Z 129 -64.50 -60.70 13.35
CA VAL Z 129 -65.51 -61.42 12.60
C VAL Z 129 -65.64 -60.79 11.23
N LYS Z 130 -65.80 -61.62 10.21
CA LYS Z 130 -65.90 -61.15 8.84
C LYS Z 130 -67.03 -61.88 8.15
N ILE Z 131 -68.01 -61.13 7.67
CA ILE Z 131 -69.04 -61.64 6.77
C ILE Z 131 -68.53 -61.41 5.37
N TYR Z 132 -68.64 -62.42 4.50
CA TYR Z 132 -68.19 -62.25 3.13
C TYR Z 132 -68.74 -63.38 2.30
N ASN Z 133 -68.47 -63.32 1.00
CA ASN Z 133 -68.93 -64.30 0.04
C ASN Z 133 -70.44 -64.51 0.13
N LEU Z 134 -71.18 -63.41 0.10
CA LEU Z 134 -72.62 -63.47 0.26
C LEU Z 134 -73.29 -63.92 -1.03
N GLN Z 135 -74.47 -64.53 -0.89
CA GLN Z 135 -75.25 -64.99 -2.03
C GLN Z 135 -76.72 -64.82 -1.71
N ILE Z 136 -77.49 -64.30 -2.67
CA ILE Z 136 -78.93 -64.16 -2.52
C ILE Z 136 -79.56 -65.03 -3.59
N LYS Z 137 -80.27 -66.09 -3.20
CA LYS Z 137 -80.62 -67.11 -4.16
C LYS Z 137 -82.06 -67.08 -4.68
N GLN Z 138 -82.94 -66.24 -4.16
CA GLN Z 138 -84.24 -66.05 -4.79
C GLN Z 138 -85.02 -67.36 -4.92
N ILE Z 139 -85.57 -67.84 -3.80
CA ILE Z 139 -86.42 -69.02 -3.84
C ILE Z 139 -87.56 -68.83 -4.82
N LEU Z 140 -87.82 -69.86 -5.63
CA LEU Z 140 -89.03 -69.91 -6.46
C LEU Z 140 -89.76 -71.23 -6.22
N SER Z 141 -91.07 -71.19 -6.39
CA SER Z 141 -91.90 -72.37 -6.30
C SER Z 141 -92.89 -72.38 -7.46
N ASN Z 142 -92.81 -73.40 -8.30
CA ASN Z 142 -93.79 -73.64 -9.34
C ASN Z 142 -94.89 -74.56 -8.85
N GLY Z 143 -94.89 -74.88 -7.57
CA GLY Z 143 -95.66 -75.94 -6.99
C GLY Z 143 -94.77 -77.16 -6.85
N ALA Z 144 -94.94 -77.89 -5.75
CA ALA Z 144 -94.03 -78.95 -5.32
C ALA Z 144 -92.60 -78.39 -5.38
N ASP Z 145 -91.59 -79.19 -5.76
CA ASP Z 145 -90.26 -78.80 -6.21
C ASP Z 145 -89.63 -77.63 -5.45
N THR Z 146 -88.88 -76.82 -6.19
CA THR Z 146 -88.36 -75.47 -5.92
C THR Z 146 -87.36 -75.14 -7.02
N THR Z 147 -87.05 -73.87 -7.19
CA THR Z 147 -85.94 -73.48 -8.05
C THR Z 147 -85.27 -72.27 -7.42
N TYR Z 148 -83.98 -72.13 -7.71
CA TYR Z 148 -83.17 -71.04 -7.16
C TYR Z 148 -82.48 -70.36 -8.33
N ASN Z 149 -82.86 -69.12 -8.61
CA ASN Z 149 -82.37 -68.46 -9.81
C ASN Z 149 -81.08 -67.72 -9.54
N ASN Z 150 -80.52 -67.92 -8.36
CA ASN Z 150 -79.55 -67.02 -7.78
C ASN Z 150 -80.22 -65.66 -7.73
N ASP Z 151 -79.45 -64.59 -7.87
CA ASP Z 151 -80.00 -63.25 -7.87
C ASP Z 151 -78.83 -62.28 -7.89
N LEU Z 152 -79.10 -61.07 -8.32
CA LEU Z 152 -78.22 -59.94 -8.11
C LEU Z 152 -79.11 -58.78 -7.73
N THR Z 153 -78.51 -57.62 -7.51
CA THR Z 153 -79.24 -56.44 -7.10
C THR Z 153 -80.16 -56.74 -5.91
N ALA Z 154 -79.66 -57.50 -4.94
CA ALA Z 154 -80.37 -57.77 -3.70
C ALA Z 154 -79.42 -57.47 -2.54
N GLY Z 155 -79.95 -57.43 -1.33
CA GLY Z 155 -79.22 -56.90 -0.21
C GLY Z 155 -79.49 -57.65 1.07
N VAL Z 156 -78.61 -57.42 2.03
CA VAL Z 156 -78.65 -58.06 3.33
C VAL Z 156 -78.27 -57.02 4.37
N HIS Z 157 -79.13 -56.87 5.38
CA HIS Z 157 -78.85 -55.96 6.48
C HIS Z 157 -77.95 -56.66 7.48
N ILE Z 158 -76.93 -55.95 7.95
CA ILE Z 158 -76.03 -56.48 8.96
C ILE Z 158 -75.79 -55.42 10.00
N PHE Z 159 -76.08 -55.74 11.25
CA PHE Z 159 -76.05 -54.79 12.34
C PHE Z 159 -75.34 -55.40 13.53
N CYS Z 160 -74.53 -54.60 14.21
CA CYS Z 160 -73.78 -55.03 15.37
C CYS Z 160 -74.06 -54.10 16.55
N ASP Z 161 -73.96 -54.62 17.76
CA ASP Z 161 -74.14 -53.84 18.97
C ASP Z 161 -72.78 -53.53 19.59
N GLY Z 162 -72.35 -52.28 19.52
CA GLY Z 162 -71.20 -51.88 20.28
C GLY Z 162 -71.61 -51.31 21.62
N GLU Z 163 -72.82 -50.78 21.68
CA GLU Z 163 -73.32 -50.17 22.91
C GLU Z 163 -74.08 -51.16 23.79
N HIS Z 164 -74.44 -52.32 23.25
CA HIS Z 164 -75.35 -53.26 23.87
C HIS Z 164 -76.67 -52.62 24.26
N ALA Z 165 -77.09 -51.58 23.55
CA ALA Z 165 -78.51 -51.30 23.45
C ALA Z 165 -79.17 -52.47 22.74
N TYR Z 166 -80.47 -52.60 22.93
CA TYR Z 166 -81.28 -53.71 22.45
C TYR Z 166 -81.13 -54.93 23.35
N PRO Z 167 -82.17 -55.76 23.41
CA PRO Z 167 -82.25 -56.81 24.44
C PRO Z 167 -81.24 -57.94 24.36
N ASN Z 168 -80.39 -58.01 23.33
CA ASN Z 168 -79.27 -58.94 23.20
C ASN Z 168 -79.65 -60.42 23.44
N ALA Z 169 -80.20 -61.06 22.40
CA ALA Z 169 -80.74 -62.41 22.50
C ALA Z 169 -79.81 -63.38 23.24
N THR Z 170 -78.50 -63.27 23.02
CA THR Z 170 -77.59 -64.32 23.45
C THR Z 170 -77.77 -64.64 24.93
N HIS Z 171 -78.00 -65.91 25.21
CA HIS Z 171 -78.07 -66.51 26.53
C HIS Z 171 -77.04 -67.62 26.55
N PRO Z 172 -76.35 -67.84 27.68
CA PRO Z 172 -75.19 -68.74 27.65
C PRO Z 172 -75.42 -70.09 27.01
N TRP Z 173 -76.46 -70.81 27.37
CA TRP Z 173 -76.57 -72.19 26.90
C TRP Z 173 -77.25 -72.22 25.54
N ASP Z 174 -78.56 -71.97 25.52
CA ASP Z 174 -79.34 -71.90 24.28
C ASP Z 174 -79.03 -73.15 23.46
N GLU Z 175 -78.75 -73.00 22.18
CA GLU Z 175 -78.59 -74.09 21.22
C GLU Z 175 -77.48 -73.60 20.31
N ASP Z 176 -77.34 -74.24 19.16
CA ASP Z 176 -76.74 -73.63 17.95
C ASP Z 176 -75.35 -73.09 18.31
N VAL Z 177 -75.15 -71.77 18.36
CA VAL Z 177 -73.85 -71.12 18.33
C VAL Z 177 -73.28 -71.57 17.00
N MET Z 178 -71.97 -71.71 16.90
CA MET Z 178 -71.41 -72.24 15.68
C MET Z 178 -71.45 -73.76 15.77
N PRO Z 179 -71.64 -74.46 14.67
CA PRO Z 179 -71.51 -75.91 14.73
C PRO Z 179 -70.08 -76.24 15.11
N GLU Z 180 -69.92 -77.08 16.13
CA GLU Z 180 -68.59 -77.40 16.60
C GLU Z 180 -67.71 -77.92 15.49
N LEU Z 181 -68.31 -78.40 14.42
CA LEU Z 181 -67.65 -79.05 13.32
C LEU Z 181 -67.74 -78.17 12.10
N PRO Z 182 -66.65 -77.74 11.46
CA PRO Z 182 -66.78 -76.92 10.25
C PRO Z 182 -67.44 -77.69 9.13
N TYR Z 183 -67.51 -77.11 7.92
CA TYR Z 183 -68.15 -77.70 6.75
C TYR Z 183 -69.63 -77.96 7.01
N GLN Z 184 -70.06 -77.78 8.24
CA GLN Z 184 -71.45 -77.98 8.62
C GLN Z 184 -72.14 -76.64 8.53
N THR Z 185 -73.12 -76.53 7.64
CA THR Z 185 -73.77 -75.25 7.43
C THR Z 185 -74.44 -74.77 8.69
N TRP Z 186 -74.46 -73.46 8.90
CA TRP Z 186 -74.90 -72.89 10.15
C TRP Z 186 -76.19 -72.12 9.95
N TYR Z 187 -77.28 -72.66 10.44
CA TYR Z 187 -78.58 -72.03 10.29
C TYR Z 187 -78.77 -71.03 11.42
N LEU Z 188 -79.03 -69.79 11.06
CA LEU Z 188 -79.26 -68.75 12.03
C LEU Z 188 -80.64 -68.89 12.66
N PHE Z 189 -80.80 -68.25 13.81
CA PHE Z 189 -82.04 -68.30 14.58
C PHE Z 189 -82.63 -66.92 14.75
N GLN Z 190 -83.95 -66.88 14.84
CA GLN Z 190 -84.66 -65.62 14.88
C GLN Z 190 -84.37 -64.87 16.16
N TYR Z 191 -84.30 -63.55 16.06
CA TYR Z 191 -84.07 -62.70 17.22
C TYR Z 191 -85.39 -62.33 17.87
N GLY Z 192 -85.47 -62.50 19.17
CA GLY Z 192 -86.65 -62.14 19.92
C GLY Z 192 -86.23 -61.75 21.32
N TYR Z 193 -87.19 -61.18 22.06
CA TYR Z 193 -86.89 -60.77 23.41
C TYR Z 193 -88.17 -60.67 24.21
N ILE Z 194 -88.02 -60.76 25.53
CA ILE Z 194 -89.16 -60.61 26.43
C ILE Z 194 -89.32 -59.14 26.76
N PRO Z 195 -90.38 -58.47 26.29
CA PRO Z 195 -90.58 -57.08 26.69
C PRO Z 195 -90.92 -56.94 28.17
N VAL Z 196 -91.85 -57.75 28.68
CA VAL Z 196 -92.29 -57.71 30.07
C VAL Z 196 -92.85 -59.08 30.44
N ILE Z 197 -92.78 -59.41 31.73
CA ILE Z 197 -93.41 -60.61 32.26
C ILE Z 197 -94.86 -60.65 31.82
N HIS Z 198 -95.29 -61.79 31.27
CA HIS Z 198 -96.64 -61.87 30.73
C HIS Z 198 -97.68 -61.71 31.83
N GLU Z 199 -97.60 -62.54 32.86
CA GLU Z 199 -98.35 -62.22 34.07
C GLU Z 199 -97.84 -60.89 34.59
N LEU Z 200 -98.67 -60.20 35.38
CA LEU Z 200 -98.36 -58.82 35.74
C LEU Z 200 -98.38 -57.95 34.49
N ALA Z 201 -99.58 -57.51 34.10
CA ALA Z 201 -100.01 -57.05 32.78
C ALA Z 201 -100.80 -58.07 31.97
N GLU Z 202 -101.13 -59.22 32.55
CA GLU Z 202 -101.97 -60.18 31.83
C GLU Z 202 -103.24 -59.60 31.16
N MET Z 203 -104.03 -58.70 31.76
CA MET Z 203 -104.05 -58.33 33.17
C MET Z 203 -105.45 -58.61 33.69
N GLU Z 204 -105.60 -58.76 35.00
CA GLU Z 204 -106.88 -59.21 35.54
C GLU Z 204 -107.74 -58.03 35.97
N ASP Z 205 -108.79 -57.76 35.18
CA ASP Z 205 -109.83 -56.79 35.52
C ASP Z 205 -109.23 -55.46 35.98
N SER Z 206 -109.87 -54.85 36.99
CA SER Z 206 -109.26 -53.79 37.80
C SER Z 206 -108.51 -52.75 36.87
N ASN Z 207 -107.19 -52.47 36.92
CA ASN Z 207 -106.16 -52.81 37.90
C ASN Z 207 -105.33 -51.58 38.24
N ALA Z 208 -104.68 -51.06 37.20
CA ALA Z 208 -103.87 -49.84 37.21
C ALA Z 208 -102.49 -50.08 37.81
N VAL Z 209 -102.33 -51.17 38.56
CA VAL Z 209 -100.98 -51.60 38.93
C VAL Z 209 -100.37 -52.46 37.82
N GLU Z 210 -101.18 -53.31 37.18
CA GLU Z 210 -100.71 -54.02 36.00
C GLU Z 210 -101.00 -53.26 34.73
N LYS Z 211 -101.85 -52.22 34.80
CA LYS Z 211 -101.99 -51.32 33.66
C LYS Z 211 -100.67 -50.62 33.40
N ALA Z 212 -100.13 -49.97 34.42
CA ALA Z 212 -98.70 -49.70 34.41
C ALA Z 212 -97.96 -51.02 34.42
N ILE Z 213 -96.75 -51.01 33.86
CA ILE Z 213 -95.93 -52.17 33.55
C ILE Z 213 -96.45 -52.84 32.29
N CYS Z 214 -97.73 -52.63 31.96
CA CYS Z 214 -98.20 -52.94 30.62
C CYS Z 214 -97.99 -51.76 29.69
N LEU Z 215 -98.27 -50.56 30.17
CA LEU Z 215 -98.02 -49.36 29.38
C LEU Z 215 -96.54 -49.13 29.18
N GLN Z 216 -95.71 -49.58 30.12
CA GLN Z 216 -94.30 -49.24 30.07
C GLN Z 216 -93.48 -50.26 29.29
N ILE Z 217 -94.11 -51.27 28.70
CA ILE Z 217 -93.31 -52.30 28.06
C ILE Z 217 -92.57 -51.62 26.91
N PRO Z 218 -91.25 -51.70 26.87
CA PRO Z 218 -90.52 -51.06 25.79
C PRO Z 218 -90.61 -51.90 24.52
N PHE Z 219 -90.47 -51.22 23.40
CA PHE Z 219 -90.51 -51.87 22.10
C PHE Z 219 -89.27 -51.47 21.33
N PHE Z 220 -88.40 -52.44 21.08
CA PHE Z 220 -87.13 -52.20 20.45
C PHE Z 220 -87.19 -52.65 19.00
N MET Z 221 -86.50 -51.93 18.14
CA MET Z 221 -86.49 -52.20 16.72
C MET Z 221 -85.07 -52.03 16.23
N LEU Z 222 -84.61 -52.94 15.40
CA LEU Z 222 -83.25 -52.85 14.92
C LEU Z 222 -83.13 -51.94 13.72
N GLU Z 223 -84.21 -51.28 13.32
CA GLU Z 223 -84.09 -50.39 12.17
C GLU Z 223 -83.44 -49.09 12.62
N ASN Z 224 -84.17 -48.19 13.30
CA ASN Z 224 -83.58 -47.32 14.30
C ASN Z 224 -82.14 -46.96 13.98
N SER Z 225 -81.23 -47.34 14.88
CA SER Z 225 -79.80 -47.13 14.66
C SER Z 225 -79.37 -47.71 13.32
N ASP Z 226 -78.47 -46.99 12.65
CA ASP Z 226 -78.10 -47.33 11.29
C ASP Z 226 -77.28 -48.61 11.23
N HIS Z 227 -77.27 -49.24 10.07
CA HIS Z 227 -76.54 -50.47 9.84
C HIS Z 227 -76.28 -50.63 8.35
N GLU Z 228 -75.38 -51.53 8.03
CA GLU Z 228 -74.94 -51.69 6.66
C GLU Z 228 -75.82 -52.68 5.91
N VAL Z 229 -76.08 -52.37 4.64
CA VAL Z 229 -76.67 -53.31 3.71
C VAL Z 229 -75.56 -53.75 2.77
N LEU Z 230 -75.63 -55.00 2.32
CA LEU Z 230 -74.60 -55.55 1.47
C LEU Z 230 -75.22 -56.27 0.29
N ARG Z 231 -74.76 -55.95 -0.91
CA ARG Z 231 -75.03 -56.84 -2.02
C ARG Z 231 -73.98 -57.95 -1.99
N THR Z 232 -73.92 -58.72 -3.07
CA THR Z 232 -73.00 -59.86 -3.10
C THR Z 232 -71.55 -59.43 -2.96
N GLY Z 233 -71.06 -58.57 -3.85
CA GLY Z 233 -69.64 -58.27 -3.88
C GLY Z 233 -69.09 -57.67 -2.60
N GLU Z 234 -69.94 -57.08 -1.78
CA GLU Z 234 -69.49 -56.42 -0.56
C GLU Z 234 -69.31 -57.41 0.57
N SER Z 235 -68.49 -57.02 1.55
CA SER Z 235 -68.31 -57.76 2.79
C SER Z 235 -68.33 -56.79 3.97
N THR Z 236 -68.10 -57.33 5.17
CA THR Z 236 -68.07 -56.52 6.36
C THR Z 236 -67.16 -57.18 7.39
N GLU Z 237 -66.49 -56.35 8.20
CA GLU Z 237 -65.68 -56.83 9.30
C GLU Z 237 -66.22 -56.27 10.61
N PHE Z 238 -65.95 -56.99 11.69
CA PHE Z 238 -66.25 -56.51 13.03
C PHE Z 238 -65.12 -56.93 13.95
N THR Z 239 -64.77 -56.06 14.89
CA THR Z 239 -63.76 -56.38 15.89
C THR Z 239 -64.36 -56.26 17.28
N PHE Z 240 -63.72 -56.91 18.23
CA PHE Z 240 -64.16 -56.86 19.61
C PHE Z 240 -62.95 -56.98 20.50
N ASN Z 241 -63.00 -56.29 21.64
CA ASN Z 241 -61.99 -56.41 22.67
C ASN Z 241 -62.67 -56.77 23.96
N PHE Z 242 -61.96 -57.49 24.82
CA PHE Z 242 -62.54 -58.07 26.01
C PHE Z 242 -61.84 -57.53 27.24
N ASP Z 243 -62.62 -56.92 28.14
CA ASP Z 243 -62.22 -56.79 29.53
C ASP Z 243 -62.79 -57.99 30.24
N CYS Z 244 -61.93 -58.91 30.64
CA CYS Z 244 -62.37 -60.28 30.87
C CYS Z 244 -61.52 -60.91 31.96
N GLU Z 245 -62.15 -61.76 32.76
CA GLU Z 245 -61.47 -62.47 33.83
C GLU Z 245 -60.90 -63.78 33.31
N TRP Z 246 -59.72 -64.14 33.83
CA TRP Z 246 -59.12 -65.41 33.48
C TRP Z 246 -60.03 -66.56 33.88
N ILE Z 247 -60.00 -67.64 33.12
CA ILE Z 247 -60.55 -68.91 33.55
C ILE Z 247 -59.37 -69.84 33.80
N ASN Z 248 -59.32 -70.41 35.00
CA ASN Z 248 -58.12 -71.07 35.47
C ASN Z 248 -58.24 -72.58 35.33
N ASN Z 249 -57.27 -73.17 34.64
CA ASN Z 249 -57.11 -74.62 34.59
C ASN Z 249 -56.01 -74.97 35.57
N GLU Z 250 -56.38 -75.55 36.70
CA GLU Z 250 -55.54 -75.77 37.86
C GLU Z 250 -56.34 -76.58 38.84
N ARG Z 251 -55.65 -77.21 39.77
CA ARG Z 251 -56.28 -78.14 40.69
C ARG Z 251 -55.65 -77.97 42.06
N ALA Z 252 -56.49 -77.88 43.08
CA ALA Z 252 -56.03 -77.87 44.44
C ALA Z 252 -56.02 -79.31 44.94
N TYR Z 253 -54.84 -79.79 45.31
CA TYR Z 253 -54.71 -81.17 45.78
C TYR Z 253 -55.18 -81.34 47.22
N ILE Z 254 -55.40 -80.24 47.95
CA ILE Z 254 -55.93 -80.29 49.31
C ILE Z 254 -56.92 -79.16 49.49
N PRO Z 255 -57.84 -79.31 50.44
CA PRO Z 255 -58.70 -78.19 50.81
C PRO Z 255 -57.86 -77.04 51.33
N PRO Z 256 -58.37 -75.81 51.25
CA PRO Z 256 -57.58 -74.69 51.78
C PRO Z 256 -57.38 -74.75 53.27
N GLY Z 257 -58.29 -75.38 54.01
CA GLY Z 257 -58.11 -75.52 55.43
C GLY Z 257 -57.17 -76.62 55.85
N LEU Z 258 -56.66 -77.39 54.90
CA LEU Z 258 -55.77 -78.51 55.19
C LEU Z 258 -54.31 -78.11 55.08
N MET Z 259 -54.03 -76.82 54.91
CA MET Z 259 -52.66 -76.34 54.73
C MET Z 259 -52.08 -76.05 56.10
N PHE Z 260 -51.13 -76.87 56.52
CA PHE Z 260 -50.39 -76.66 57.77
C PHE Z 260 -49.39 -77.80 57.90
N ASN Z 261 -48.41 -77.59 58.75
CA ASN Z 261 -47.45 -78.65 59.03
C ASN Z 261 -47.99 -79.46 60.19
N PRO Z 262 -48.46 -80.68 59.95
CA PRO Z 262 -49.08 -81.45 61.02
C PRO Z 262 -48.09 -81.96 62.04
N LEU Z 263 -46.79 -81.93 61.70
CA LEU Z 263 -45.78 -82.34 62.66
C LEU Z 263 -45.67 -81.36 63.81
N VAL Z 264 -45.76 -80.07 63.51
CA VAL Z 264 -45.50 -79.05 64.53
C VAL Z 264 -46.70 -78.95 65.46
N PRO Z 265 -46.51 -78.92 66.77
CA PRO Z 265 -47.63 -78.71 67.68
C PRO Z 265 -48.19 -77.31 67.52
N THR Z 266 -49.42 -77.13 68.00
CA THR Z 266 -50.10 -75.86 67.87
C THR Z 266 -50.33 -75.25 69.25
N ARG Z 267 -50.33 -73.92 69.32
CA ARG Z 267 -50.76 -73.24 70.52
C ARG Z 267 -52.18 -72.75 70.36
N ARG Z 268 -53.11 -73.48 70.97
CA ARG Z 268 -54.54 -73.27 70.85
C ARG Z 268 -55.21 -74.24 71.79
N ALA Z 269 -56.48 -74.03 72.12
CA ALA Z 269 -57.15 -74.93 73.03
C ALA Z 269 -58.61 -75.08 72.63
N GLN Z 270 -59.18 -76.20 73.06
CA GLN Z 270 -60.57 -76.53 72.79
C GLN Z 270 -61.29 -76.64 74.13
N TYR Z 271 -62.20 -75.72 74.40
CA TYR Z 271 -63.15 -75.90 75.48
C TYR Z 271 -64.36 -76.62 74.88
N ILE Z 272 -64.85 -77.62 75.58
CA ILE Z 272 -66.00 -78.38 75.13
C ILE Z 272 -67.06 -78.35 76.22
N ARG Z 273 -68.26 -77.90 75.86
CA ARG Z 273 -69.33 -77.75 76.83
C ARG Z 273 -69.72 -79.09 77.43
N ARG Z 274 -70.29 -79.05 78.64
CA ARG Z 274 -70.91 -80.22 79.23
C ARG Z 274 -71.87 -80.86 78.23
N ASN Z 275 -71.76 -82.18 78.08
CA ASN Z 275 -72.43 -82.83 76.97
C ASN Z 275 -73.93 -82.99 77.23
N ASN Z 276 -74.34 -83.04 78.50
CA ASN Z 276 -75.75 -83.17 78.87
C ASN Z 276 -76.39 -84.35 78.14
N ASN Z 277 -76.02 -85.55 78.59
CA ASN Z 277 -76.25 -86.83 77.90
C ASN Z 277 -75.31 -86.87 76.70
N PRO Z 278 -74.78 -88.06 76.37
CA PRO Z 278 -74.72 -89.24 77.27
C PRO Z 278 -73.88 -89.02 78.53
N GLN Z 279 -72.68 -88.45 78.37
CA GLN Z 279 -71.66 -88.51 79.41
C GLN Z 279 -70.55 -87.53 79.05
N THR Z 280 -69.38 -87.63 79.69
CA THR Z 280 -68.20 -86.82 79.38
C THR Z 280 -68.40 -85.34 79.66
N ALA Z 281 -68.31 -84.98 80.94
CA ALA Z 281 -68.42 -83.59 81.37
C ALA Z 281 -67.30 -82.75 80.76
N GLU Z 282 -67.53 -81.43 80.77
CA GLU Z 282 -66.71 -80.47 80.03
C GLU Z 282 -65.24 -80.59 80.38
N SER Z 283 -64.39 -80.35 79.39
CA SER Z 283 -62.95 -80.33 79.58
C SER Z 283 -62.32 -79.43 78.53
N THR Z 284 -61.19 -78.84 78.88
CA THR Z 284 -60.37 -78.08 77.94
C THR Z 284 -59.09 -78.87 77.63
N SER Z 285 -58.61 -78.72 76.40
CA SER Z 285 -57.46 -79.49 75.95
C SER Z 285 -56.77 -78.76 74.82
N ARG Z 286 -55.51 -79.09 74.60
CA ARG Z 286 -54.76 -78.53 73.49
C ARG Z 286 -55.15 -79.22 72.20
N ILE Z 287 -55.23 -78.44 71.12
CA ILE Z 287 -55.54 -78.99 69.82
C ILE Z 287 -54.40 -79.86 69.34
N ALA Z 288 -54.74 -81.03 68.81
CA ALA Z 288 -53.73 -81.96 68.35
C ALA Z 288 -52.87 -81.35 67.26
N PRO Z 289 -51.63 -81.83 67.11
CA PRO Z 289 -50.76 -81.24 66.07
C PRO Z 289 -51.32 -81.40 64.68
N TYR Z 290 -51.79 -82.60 64.35
CA TYR Z 290 -52.63 -82.78 63.19
C TYR Z 290 -53.98 -82.12 63.43
N ALA Z 291 -54.71 -81.86 62.36
CA ALA Z 291 -56.07 -81.34 62.45
C ALA Z 291 -56.10 -80.02 63.22
N LYS Z 292 -55.29 -79.09 62.78
CA LYS Z 292 -55.33 -77.76 63.35
C LYS Z 292 -56.54 -77.00 62.80
N PRO Z 293 -57.10 -76.08 63.58
CA PRO Z 293 -58.23 -75.30 63.08
C PRO Z 293 -57.82 -74.42 61.92
N THR Z 294 -58.83 -73.94 61.22
CA THR Z 294 -58.57 -73.15 60.03
C THR Z 294 -59.50 -71.95 59.96
N SER Z 295 -59.04 -70.95 59.24
CA SER Z 295 -59.89 -69.97 58.60
C SER Z 295 -60.44 -70.57 57.31
N TRP Z 296 -60.90 -69.71 56.42
CA TRP Z 296 -61.19 -70.15 55.07
C TRP Z 296 -62.37 -71.12 55.02
N MET Z 297 -63.54 -70.52 55.18
CA MET Z 297 -64.86 -71.10 55.05
C MET Z 297 -65.09 -71.61 53.63
N THR Z 298 -66.03 -72.54 53.50
CA THR Z 298 -66.38 -73.08 52.19
C THR Z 298 -67.20 -72.09 51.38
N GLY Z 299 -67.17 -72.27 50.06
CA GLY Z 299 -67.93 -71.44 49.17
C GLY Z 299 -69.42 -71.61 49.37
N PRO Z 300 -70.19 -70.62 48.94
CA PRO Z 300 -71.63 -70.63 49.19
C PRO Z 300 -72.38 -71.53 48.24
N GLY Z 301 -73.54 -72.00 48.69
CA GLY Z 301 -74.44 -72.80 47.87
C GLY Z 301 -75.81 -72.75 48.47
N LEU Z 302 -76.80 -73.23 47.71
CA LEU Z 302 -78.15 -73.42 48.22
C LEU Z 302 -78.58 -74.85 47.92
N LEU Z 303 -78.63 -75.70 48.95
CA LEU Z 303 -78.96 -77.10 48.78
C LEU Z 303 -80.34 -77.52 49.26
N SER Z 304 -81.15 -76.62 49.83
CA SER Z 304 -82.35 -77.11 50.52
C SER Z 304 -83.50 -77.40 49.57
N ALA Z 305 -83.65 -76.57 48.54
CA ALA Z 305 -84.82 -76.58 47.69
C ALA Z 305 -84.89 -77.84 46.82
N GLN Z 306 -86.07 -78.09 46.27
CA GLN Z 306 -86.28 -79.15 45.30
C GLN Z 306 -87.10 -78.60 44.14
N ARG Z 307 -86.78 -79.04 42.93
CA ARG Z 307 -87.53 -78.59 41.76
C ARG Z 307 -89.01 -78.94 41.91
N VAL Z 308 -89.86 -78.03 41.45
CA VAL Z 308 -91.27 -78.02 41.80
C VAL Z 308 -92.13 -78.26 40.57
N GLY Z 309 -92.80 -79.40 40.56
CA GLY Z 309 -93.90 -79.63 39.64
C GLY Z 309 -93.48 -80.21 38.31
N PRO Z 310 -94.40 -80.17 37.35
CA PRO Z 310 -94.16 -80.83 36.06
C PRO Z 310 -93.21 -80.04 35.19
N ALA Z 311 -92.59 -80.74 34.25
CA ALA Z 311 -91.73 -80.10 33.27
C ALA Z 311 -92.56 -79.19 32.37
N THR Z 312 -91.87 -78.27 31.71
CA THR Z 312 -92.39 -77.19 30.87
C THR Z 312 -93.00 -76.09 31.71
N SER Z 313 -93.09 -76.26 33.02
CA SER Z 313 -93.58 -75.24 33.94
C SER Z 313 -92.47 -74.40 34.54
N ASP Z 314 -91.23 -74.56 34.07
CA ASP Z 314 -90.06 -73.89 34.65
C ASP Z 314 -89.83 -74.30 36.10
N THR Z 315 -89.35 -75.52 36.30
CA THR Z 315 -89.03 -75.96 37.65
C THR Z 315 -87.56 -75.65 37.93
N GLY Z 316 -87.32 -74.64 38.76
CA GLY Z 316 -85.95 -74.25 39.05
C GLY Z 316 -85.43 -74.61 40.43
N ALA Z 317 -86.35 -74.98 41.32
CA ALA Z 317 -86.18 -75.16 42.76
C ALA Z 317 -85.91 -73.84 43.47
N TRP Z 318 -85.49 -72.80 42.77
CA TRP Z 318 -85.39 -71.45 43.32
C TRP Z 318 -85.92 -70.51 42.27
N MET Z 319 -87.02 -69.82 42.58
CA MET Z 319 -87.60 -68.85 41.67
C MET Z 319 -87.31 -67.46 42.21
N VAL Z 320 -86.77 -66.60 41.35
CA VAL Z 320 -86.43 -65.25 41.79
C VAL Z 320 -87.67 -64.35 41.79
N ALA Z 321 -88.47 -64.44 40.74
CA ALA Z 321 -89.70 -63.68 40.57
C ALA Z 321 -89.55 -62.17 40.82
N VAL Z 322 -90.66 -61.54 41.20
CA VAL Z 322 -90.72 -60.11 41.52
C VAL Z 322 -91.63 -59.85 42.71
N LYS Z 323 -92.91 -60.14 42.54
CA LYS Z 323 -93.95 -59.83 43.51
C LYS Z 323 -94.07 -58.32 43.80
N PRO Z 324 -94.55 -57.53 42.86
CA PRO Z 324 -94.99 -56.17 43.20
C PRO Z 324 -96.14 -56.23 44.20
N GLU Z 325 -96.34 -55.11 44.89
CA GLU Z 325 -97.10 -55.16 46.14
C GLU Z 325 -98.55 -55.56 45.91
N ASN Z 326 -99.18 -55.01 44.86
CA ASN Z 326 -100.53 -55.45 44.55
C ASN Z 326 -100.56 -56.38 43.35
N ALA Z 327 -100.46 -55.81 42.16
CA ALA Z 327 -100.52 -56.51 40.87
C ALA Z 327 -101.73 -57.45 40.88
N SER Z 328 -101.56 -58.60 40.25
CA SER Z 328 -102.41 -59.77 40.45
C SER Z 328 -101.63 -60.95 39.91
N ILE Z 329 -101.95 -62.15 40.40
CA ILE Z 329 -101.16 -63.32 40.05
C ILE Z 329 -102.11 -64.50 39.90
N ASP Z 330 -101.88 -65.28 38.85
CA ASP Z 330 -102.59 -66.52 38.59
C ASP Z 330 -101.99 -67.61 39.48
N THR Z 331 -102.29 -68.87 39.20
CA THR Z 331 -101.55 -69.94 39.84
C THR Z 331 -100.06 -69.70 39.67
N GLY Z 332 -99.31 -69.87 40.75
CA GLY Z 332 -97.93 -69.43 40.76
C GLY Z 332 -97.66 -68.26 41.66
N MET Z 333 -96.40 -67.93 42.03
CA MET Z 333 -95.14 -68.64 41.72
C MET Z 333 -94.98 -69.06 40.24
N SER Z 334 -94.77 -70.35 40.00
CA SER Z 334 -94.75 -70.91 38.65
C SER Z 334 -93.71 -70.19 37.74
N GLY Z 335 -93.99 -69.45 36.65
CA GLY Z 335 -95.21 -68.69 36.32
C GLY Z 335 -94.96 -67.20 36.48
N ILE Z 336 -93.99 -66.87 37.33
CA ILE Z 336 -93.39 -65.55 37.37
C ILE Z 336 -91.92 -65.75 37.72
N GLY Z 337 -91.07 -64.88 37.18
CA GLY Z 337 -89.66 -64.99 37.43
C GLY Z 337 -89.03 -66.23 36.84
N SER Z 338 -87.77 -66.43 37.21
CA SER Z 338 -86.91 -67.40 36.57
C SER Z 338 -86.37 -68.40 37.59
N GLY Z 339 -86.15 -69.64 37.15
CA GLY Z 339 -85.49 -70.60 38.00
C GLY Z 339 -84.00 -70.33 38.08
N PHE Z 340 -83.46 -70.48 39.28
CA PHE Z 340 -82.04 -70.29 39.52
C PHE Z 340 -81.35 -71.64 39.46
N ASP Z 341 -80.39 -71.76 38.55
CA ASP Z 341 -79.79 -73.05 38.25
C ASP Z 341 -78.31 -72.89 37.89
N PRO Z 342 -77.45 -73.82 38.33
CA PRO Z 342 -77.57 -74.71 39.48
C PRO Z 342 -77.27 -74.05 40.82
N PRO Z 343 -78.16 -74.19 41.80
CA PRO Z 343 -77.69 -74.19 43.19
C PRO Z 343 -77.35 -75.61 43.67
N GLN Z 344 -76.30 -75.89 44.45
CA GLN Z 344 -74.96 -75.32 44.38
C GLN Z 344 -74.91 -73.78 44.50
N GLY Z 345 -74.01 -73.00 43.86
CA GLY Z 345 -72.74 -73.37 43.24
C GLY Z 345 -71.76 -73.96 44.22
N SER Z 346 -70.66 -74.51 43.70
CA SER Z 346 -69.69 -75.23 44.51
C SER Z 346 -70.40 -76.28 45.35
N LEU Z 347 -69.99 -76.42 46.61
CA LEU Z 347 -70.77 -77.07 47.65
C LEU Z 347 -71.39 -78.36 47.16
N ALA Z 348 -70.59 -79.42 47.06
CA ALA Z 348 -70.92 -80.59 46.25
C ALA Z 348 -72.37 -81.04 46.44
N PRO Z 349 -73.11 -81.28 45.36
CA PRO Z 349 -74.57 -81.48 45.47
C PRO Z 349 -74.93 -82.83 46.05
N THR Z 350 -76.19 -82.93 46.46
CA THR Z 350 -76.72 -84.16 47.02
C THR Z 350 -77.05 -85.15 45.90
N ASN Z 351 -78.04 -84.85 45.08
CA ASN Z 351 -78.40 -85.78 44.03
C ASN Z 351 -78.28 -85.13 42.66
N LEU Z 352 -78.67 -85.89 41.64
CA LEU Z 352 -78.57 -85.48 40.24
C LEU Z 352 -79.28 -84.17 39.98
N GLU Z 353 -80.28 -83.85 40.80
CA GLU Z 353 -81.15 -82.70 40.53
C GLU Z 353 -80.38 -81.39 40.47
N TYR Z 354 -79.24 -81.31 41.15
CA TYR Z 354 -78.41 -80.12 41.17
C TYR Z 354 -77.21 -80.19 40.24
N LYS Z 355 -77.05 -81.28 39.50
CA LYS Z 355 -75.77 -81.66 38.92
C LYS Z 355 -75.57 -81.06 37.53
N ILE Z 356 -76.43 -80.13 37.13
CA ILE Z 356 -76.63 -79.62 35.79
C ILE Z 356 -76.96 -80.81 34.89
N GLN Z 357 -76.75 -80.66 33.58
CA GLN Z 357 -76.97 -81.69 32.58
C GLN Z 357 -77.01 -80.96 31.23
N TRP Z 358 -76.80 -81.63 30.11
CA TRP Z 358 -77.21 -81.08 28.83
C TRP Z 358 -77.22 -82.18 27.79
N TYR Z 359 -77.93 -81.95 26.69
CA TYR Z 359 -78.12 -83.01 25.71
C TYR Z 359 -77.09 -82.97 24.59
N GLN Z 360 -76.33 -81.89 24.47
CA GLN Z 360 -75.33 -81.71 23.42
C GLN Z 360 -75.82 -82.13 22.04
N THR Z 361 -77.12 -81.93 21.78
CA THR Z 361 -77.76 -82.38 20.57
C THR Z 361 -79.22 -81.94 20.60
N PRO Z 362 -79.74 -81.38 19.51
CA PRO Z 362 -81.17 -81.05 19.49
C PRO Z 362 -82.05 -82.27 19.39
N GLN Z 363 -81.56 -83.36 18.80
CA GLN Z 363 -82.35 -84.58 18.70
C GLN Z 363 -82.46 -85.31 20.03
N GLY Z 364 -81.76 -84.83 21.06
CA GLY Z 364 -81.75 -85.51 22.33
C GLY Z 364 -83.10 -85.63 23.00
N THR Z 365 -83.52 -86.87 23.28
CA THR Z 365 -84.76 -87.14 23.98
C THR Z 365 -84.51 -87.05 25.47
N ASN Z 366 -85.46 -87.51 26.29
CA ASN Z 366 -85.33 -87.37 27.73
C ASN Z 366 -84.03 -87.98 28.24
N ASN Z 367 -83.81 -89.26 28.00
CA ASN Z 367 -82.50 -89.86 28.20
C ASN Z 367 -81.96 -90.31 26.87
N ASN Z 368 -81.02 -89.54 26.34
CA ASN Z 368 -80.27 -89.72 25.11
C ASN Z 368 -79.40 -88.48 25.01
N GLY Z 369 -78.28 -88.52 24.31
CA GLY Z 369 -77.37 -87.41 24.50
C GLY Z 369 -77.12 -87.37 25.99
N ASN Z 370 -77.49 -86.25 26.61
CA ASN Z 370 -77.76 -86.22 28.04
C ASN Z 370 -76.51 -86.46 28.88
N ILE Z 371 -75.43 -85.78 28.55
CA ILE Z 371 -74.22 -85.92 29.35
C ILE Z 371 -74.37 -85.08 30.60
N ILE Z 372 -73.98 -85.63 31.72
CA ILE Z 372 -74.23 -85.05 33.03
C ILE Z 372 -72.92 -84.60 33.64
N SER Z 373 -72.92 -83.43 34.27
CA SER Z 373 -71.71 -82.93 34.88
C SER Z 373 -71.28 -83.85 36.02
N ASN Z 374 -69.99 -83.77 36.35
CA ASN Z 374 -69.39 -84.68 37.31
C ASN Z 374 -68.39 -83.91 38.16
N GLN Z 375 -67.91 -84.53 39.23
CA GLN Z 375 -66.97 -83.83 40.09
C GLN Z 375 -65.58 -83.81 39.47
N PRO Z 376 -64.89 -82.67 39.49
CA PRO Z 376 -63.55 -82.61 38.91
C PRO Z 376 -62.53 -83.39 39.70
N LEU Z 377 -62.86 -83.76 40.94
CA LEU Z 377 -61.97 -84.35 41.93
C LEU Z 377 -60.98 -83.31 42.46
N SER Z 378 -61.02 -82.09 41.93
CA SER Z 378 -60.35 -80.97 42.57
C SER Z 378 -60.92 -80.77 43.97
N MET Z 379 -60.07 -80.34 44.89
CA MET Z 379 -60.45 -80.30 46.29
C MET Z 379 -61.06 -78.97 46.71
N LEU Z 380 -61.28 -78.03 45.81
CA LEU Z 380 -61.67 -76.71 46.27
C LEU Z 380 -63.11 -76.49 46.75
N ARG Z 381 -64.21 -76.49 45.97
CA ARG Z 381 -64.69 -77.23 44.77
C ARG Z 381 -65.52 -78.47 45.17
N ASP Z 382 -65.52 -78.84 46.45
CA ASP Z 382 -66.45 -79.87 46.90
C ASP Z 382 -67.27 -79.32 48.06
N GLN Z 383 -66.61 -79.01 49.17
CA GLN Z 383 -67.11 -78.03 50.14
C GLN Z 383 -68.48 -78.41 50.71
N ALA Z 384 -68.45 -79.39 51.60
CA ALA Z 384 -69.59 -79.55 52.48
C ALA Z 384 -69.54 -78.51 53.59
N LEU Z 385 -70.53 -78.54 54.47
CA LEU Z 385 -70.46 -77.83 55.73
C LEU Z 385 -71.40 -78.53 56.71
N PHE Z 386 -71.03 -78.55 57.97
CA PHE Z 386 -71.59 -79.51 58.92
C PHE Z 386 -72.28 -78.87 60.12
N ARG Z 387 -71.60 -78.02 60.87
CA ARG Z 387 -72.22 -77.42 62.06
C ARG Z 387 -72.61 -78.54 63.02
N GLY Z 388 -73.68 -78.36 63.80
CA GLY Z 388 -74.23 -79.40 64.64
C GLY Z 388 -73.25 -80.01 65.63
N ASN Z 389 -73.69 -81.06 66.31
CA ASN Z 389 -75.02 -81.09 66.91
C ASN Z 389 -74.78 -80.90 68.39
N GLN Z 390 -73.49 -80.81 68.73
CA GLN Z 390 -72.83 -81.12 69.99
C GLN Z 390 -72.55 -82.61 70.10
N THR Z 391 -73.13 -83.42 69.23
CA THR Z 391 -72.94 -84.86 69.20
C THR Z 391 -72.53 -85.33 67.80
N THR Z 392 -73.32 -85.00 66.79
CA THR Z 392 -73.07 -85.41 65.41
C THR Z 392 -72.96 -84.15 64.54
N TYR Z 393 -72.26 -84.27 63.42
CA TYR Z 393 -72.28 -83.22 62.41
C TYR Z 393 -73.42 -83.50 61.44
N ASN Z 394 -74.11 -82.44 61.01
CA ASN Z 394 -75.25 -82.56 60.13
C ASN Z 394 -75.13 -81.59 58.97
N LEU Z 395 -74.99 -82.12 57.75
CA LEU Z 395 -74.83 -81.27 56.58
C LEU Z 395 -75.92 -80.21 56.52
N CYS Z 396 -75.52 -78.96 56.34
CA CYS Z 396 -76.42 -77.83 56.47
C CYS Z 396 -76.77 -77.25 55.11
N SER Z 397 -78.05 -76.99 54.91
CA SER Z 397 -78.55 -76.26 53.76
C SER Z 397 -78.10 -74.81 53.81
N ASP Z 398 -78.26 -74.11 52.68
CA ASP Z 398 -77.80 -72.74 52.50
C ASP Z 398 -76.28 -72.70 52.55
N VAL Z 399 -75.68 -71.98 53.50
CA VAL Z 399 -74.32 -71.44 53.40
C VAL Z 399 -74.27 -70.29 52.41
N TRP Z 400 -74.74 -69.13 52.85
CA TRP Z 400 -74.65 -67.86 52.13
C TRP Z 400 -73.22 -67.33 52.15
N MET Z 401 -73.03 -66.12 51.65
CA MET Z 401 -71.69 -65.53 51.64
C MET Z 401 -71.20 -65.25 53.04
N PHE Z 402 -69.90 -65.41 53.22
CA PHE Z 402 -69.22 -65.29 54.51
C PHE Z 402 -67.81 -64.80 54.25
N PRO Z 403 -67.22 -64.03 55.17
CA PRO Z 403 -65.97 -63.32 54.86
C PRO Z 403 -64.82 -64.16 54.34
N ASN Z 404 -64.56 -65.31 54.93
CA ASN Z 404 -63.35 -66.05 54.60
C ASN Z 404 -63.55 -67.07 53.50
N GLN Z 405 -64.70 -67.07 52.84
CA GLN Z 405 -65.01 -68.16 51.93
C GLN Z 405 -64.06 -68.23 50.75
N ILE Z 406 -63.74 -69.46 50.36
CA ILE Z 406 -63.11 -69.75 49.08
C ILE Z 406 -63.90 -70.83 48.38
N TRP Z 407 -64.18 -70.61 47.10
CA TRP Z 407 -64.71 -71.64 46.26
C TRP Z 407 -63.96 -71.56 44.95
N ASP Z 408 -64.12 -72.60 44.14
CA ASP Z 408 -63.48 -72.64 42.84
C ASP Z 408 -64.55 -72.53 41.78
N ARG Z 409 -64.32 -71.66 40.81
CA ARG Z 409 -65.29 -71.45 39.76
C ARG Z 409 -65.54 -72.75 39.02
N TYR Z 410 -66.73 -72.90 38.46
CA TYR Z 410 -67.12 -74.15 37.84
C TYR Z 410 -66.07 -74.58 36.81
N PRO Z 411 -65.68 -75.85 36.81
CA PRO Z 411 -64.54 -76.28 35.98
C PRO Z 411 -64.75 -76.14 34.50
N ILE Z 412 -65.97 -75.88 34.08
CA ILE Z 412 -66.46 -75.85 32.71
C ILE Z 412 -66.03 -77.09 31.94
N THR Z 413 -65.86 -76.95 30.63
CA THR Z 413 -65.60 -78.05 29.70
C THR Z 413 -65.67 -77.48 28.29
N ARG Z 414 -65.43 -78.30 27.28
CA ARG Z 414 -65.46 -77.81 25.91
C ARG Z 414 -66.86 -77.39 25.46
N GLU Z 415 -67.91 -77.90 26.10
CA GLU Z 415 -69.28 -77.66 25.67
C GLU Z 415 -69.87 -76.37 26.22
N ASN Z 416 -69.15 -75.62 26.98
CA ASN Z 416 -69.76 -74.54 27.73
C ASN Z 416 -69.78 -73.24 26.96
N PRO Z 417 -70.67 -72.34 27.33
CA PRO Z 417 -70.58 -70.97 26.81
C PRO Z 417 -69.37 -70.25 27.37
N ILE Z 418 -68.75 -69.45 26.50
CA ILE Z 418 -67.55 -68.72 26.92
C ILE Z 418 -67.91 -67.62 27.90
N TRP Z 419 -68.89 -66.80 27.56
CA TRP Z 419 -69.20 -65.61 28.34
C TRP Z 419 -70.70 -65.53 28.59
N CYS Z 420 -71.05 -64.63 29.49
CA CYS Z 420 -72.43 -64.25 29.79
C CYS Z 420 -72.41 -62.76 30.10
N LYS Z 421 -73.46 -62.06 29.70
CA LYS Z 421 -73.49 -60.62 29.94
C LYS Z 421 -73.92 -60.33 31.36
N LYS Z 422 -73.13 -59.50 32.05
CA LYS Z 422 -73.49 -59.05 33.38
C LYS Z 422 -74.46 -57.89 33.24
N PRO Z 423 -75.71 -58.05 33.69
CA PRO Z 423 -76.69 -56.98 33.51
C PRO Z 423 -76.35 -55.73 34.29
N ARG Z 424 -76.61 -54.59 33.67
CA ARG Z 424 -76.31 -53.30 34.28
C ARG Z 424 -77.24 -53.04 35.45
N SER Z 425 -76.65 -52.78 36.60
CA SER Z 425 -77.43 -52.50 37.80
C SER Z 425 -76.57 -51.72 38.76
N ASP Z 426 -77.22 -51.06 39.72
CA ASP Z 426 -76.50 -50.25 40.67
C ASP Z 426 -75.53 -51.09 41.49
N LYS Z 427 -76.03 -52.11 42.16
CA LYS Z 427 -75.26 -52.89 43.10
C LYS Z 427 -75.23 -54.35 42.70
N HIS Z 428 -74.14 -55.02 43.03
CA HIS Z 428 -74.04 -56.45 42.81
C HIS Z 428 -72.96 -57.01 43.71
N THR Z 429 -73.01 -58.33 43.89
CA THR Z 429 -72.02 -59.08 44.66
C THR Z 429 -70.91 -59.61 43.76
N THR Z 430 -70.16 -60.62 44.23
CA THR Z 430 -68.89 -61.00 43.61
C THR Z 430 -69.01 -61.27 42.11
N ILE Z 431 -70.19 -61.67 41.64
CA ILE Z 431 -70.40 -62.04 40.23
C ILE Z 431 -69.55 -63.23 39.83
N ASP Z 432 -69.86 -64.41 40.36
CA ASP Z 432 -69.32 -65.64 39.80
C ASP Z 432 -70.46 -66.48 39.26
N PRO Z 433 -70.66 -66.56 37.95
CA PRO Z 433 -71.75 -67.39 37.42
C PRO Z 433 -71.51 -68.86 37.69
N PHE Z 434 -72.57 -69.56 38.07
CA PHE Z 434 -72.46 -70.97 38.40
C PHE Z 434 -72.57 -71.86 37.18
N ASP Z 435 -72.72 -71.28 36.01
CA ASP Z 435 -72.65 -71.99 34.75
C ASP Z 435 -71.22 -72.09 34.25
N GLY Z 436 -70.27 -71.67 35.07
CA GLY Z 436 -68.95 -71.38 34.57
C GLY Z 436 -69.05 -70.12 33.74
N SER Z 437 -68.65 -70.20 32.48
CA SER Z 437 -68.69 -69.07 31.57
C SER Z 437 -67.99 -67.87 32.17
N LEU Z 438 -68.51 -66.68 31.91
CA LEU Z 438 -67.85 -65.45 32.30
C LEU Z 438 -68.90 -64.36 32.35
N ALA Z 439 -68.56 -63.26 33.03
CA ALA Z 439 -69.41 -62.10 33.06
C ALA Z 439 -68.62 -60.92 32.54
N MET Z 440 -69.24 -60.13 31.67
CA MET Z 440 -68.60 -58.95 31.14
C MET Z 440 -69.61 -57.81 31.08
N ASP Z 441 -69.13 -56.60 31.35
CA ASP Z 441 -69.97 -55.42 31.13
C ASP Z 441 -70.47 -55.40 29.70
N HIS Z 442 -69.55 -55.40 28.75
CA HIS Z 442 -69.88 -55.49 27.34
C HIS Z 442 -69.28 -56.76 26.79
N PRO Z 443 -70.08 -57.79 26.54
CA PRO Z 443 -69.59 -58.96 25.85
C PRO Z 443 -69.44 -58.66 24.37
N PRO Z 444 -69.07 -59.64 23.56
CA PRO Z 444 -69.13 -59.41 22.11
C PRO Z 444 -70.52 -58.99 21.70
N GLY Z 445 -70.59 -57.88 20.97
CA GLY Z 445 -71.88 -57.40 20.49
C GLY Z 445 -72.47 -58.39 19.53
N THR Z 446 -73.73 -58.73 19.74
CA THR Z 446 -74.39 -59.66 18.85
C THR Z 446 -74.51 -59.05 17.47
N ILE Z 447 -74.14 -59.81 16.46
CA ILE Z 447 -74.24 -59.38 15.07
C ILE Z 447 -75.58 -59.85 14.54
N PHE Z 448 -76.40 -58.91 14.10
CA PHE Z 448 -77.72 -59.19 13.59
C PHE Z 448 -77.70 -59.09 12.08
N ILE Z 449 -78.54 -59.86 11.42
CA ILE Z 449 -78.56 -59.91 9.97
C ILE Z 449 -79.97 -60.24 9.50
N LYS Z 450 -80.39 -59.61 8.41
CA LYS Z 450 -81.75 -59.70 7.91
C LYS Z 450 -81.69 -59.67 6.40
N MET Z 451 -82.80 -60.04 5.77
CA MET Z 451 -82.84 -60.28 4.33
C MET Z 451 -83.31 -59.10 3.50
N ALA Z 452 -83.52 -57.93 4.08
CA ALA Z 452 -83.79 -56.76 3.26
C ALA Z 452 -85.05 -56.91 2.41
N LYS Z 453 -86.21 -56.73 3.03
CA LYS Z 453 -87.48 -57.00 2.37
C LYS Z 453 -87.54 -56.38 0.99
N ILE Z 454 -87.86 -57.21 0.00
CA ILE Z 454 -88.06 -56.74 -1.36
C ILE Z 454 -89.54 -56.92 -1.68
N PRO Z 455 -90.31 -55.85 -1.70
CA PRO Z 455 -91.75 -55.99 -1.88
C PRO Z 455 -92.10 -56.22 -3.34
N VAL Z 456 -93.38 -56.47 -3.59
CA VAL Z 456 -93.86 -56.72 -4.93
C VAL Z 456 -95.20 -56.02 -5.07
N PRO Z 457 -95.53 -55.48 -6.24
CA PRO Z 457 -96.74 -54.68 -6.36
C PRO Z 457 -97.99 -55.53 -6.34
N SER Z 458 -99.06 -54.96 -5.81
CA SER Z 458 -100.36 -55.61 -5.80
C SER Z 458 -101.44 -54.55 -5.78
N ASN Z 459 -102.70 -55.00 -5.87
CA ASN Z 459 -103.84 -54.09 -5.91
C ASN Z 459 -104.28 -53.64 -4.52
N ASN Z 460 -104.30 -54.56 -3.56
CA ASN Z 460 -104.93 -54.35 -2.26
C ASN Z 460 -104.59 -53.03 -1.53
N ASN Z 461 -103.33 -52.64 -1.40
CA ASN Z 461 -102.16 -53.35 -1.90
C ASN Z 461 -101.45 -54.09 -0.78
N ALA Z 462 -100.38 -54.79 -1.14
CA ALA Z 462 -99.56 -55.55 -0.22
C ALA Z 462 -100.44 -56.57 0.56
N ASP Z 463 -100.07 -57.01 1.78
CA ASP Z 463 -98.69 -57.24 2.20
C ASP Z 463 -98.13 -58.42 1.42
N SER Z 464 -97.05 -58.16 0.69
CA SER Z 464 -96.43 -59.18 -0.13
C SER Z 464 -94.97 -58.82 -0.33
N TYR Z 465 -94.15 -59.83 -0.52
CA TYR Z 465 -92.72 -59.62 -0.59
C TYR Z 465 -92.11 -60.76 -1.40
N LEU Z 466 -90.87 -60.56 -1.82
CA LEU Z 466 -90.18 -61.52 -2.64
C LEU Z 466 -89.41 -62.48 -1.75
N ASN Z 467 -89.46 -63.77 -2.08
CA ASN Z 467 -88.95 -64.82 -1.21
C ASN Z 467 -87.50 -65.10 -1.58
N ILE Z 468 -86.57 -64.78 -0.68
CA ILE Z 468 -85.14 -64.92 -0.93
C ILE Z 468 -84.48 -65.44 0.33
N TYR Z 469 -83.22 -65.82 0.19
CA TYR Z 469 -82.40 -66.16 1.35
C TYR Z 469 -80.95 -65.82 1.03
N CYS Z 470 -80.16 -65.67 2.07
CA CYS Z 470 -78.76 -65.31 1.93
C CYS Z 470 -77.89 -66.47 2.36
N THR Z 471 -76.68 -66.50 1.84
CA THR Z 471 -75.74 -67.54 2.17
C THR Z 471 -74.35 -66.93 2.10
N GLY Z 472 -73.49 -67.30 3.02
CA GLY Z 472 -72.19 -66.68 3.05
C GLY Z 472 -71.31 -67.33 4.08
N GLN Z 473 -70.21 -66.65 4.38
CA GLN Z 473 -69.19 -67.23 5.23
C GLN Z 473 -68.80 -66.25 6.32
N VAL Z 474 -68.93 -66.68 7.57
CA VAL Z 474 -68.44 -65.95 8.72
C VAL Z 474 -67.10 -66.54 9.10
N SER Z 475 -66.14 -65.68 9.41
CA SER Z 475 -64.87 -66.13 9.96
C SER Z 475 -64.70 -65.47 11.30
N CYS Z 476 -64.76 -66.25 12.36
CA CYS Z 476 -64.56 -65.74 13.71
C CYS Z 476 -63.15 -66.10 14.13
N GLU Z 477 -62.28 -65.11 14.20
CA GLU Z 477 -60.88 -65.30 14.57
C GLU Z 477 -60.66 -64.59 15.89
N ILE Z 478 -60.42 -65.34 16.96
CA ILE Z 478 -60.31 -64.77 18.29
C ILE Z 478 -58.96 -65.12 18.88
N VAL Z 479 -58.39 -64.18 19.62
CA VAL Z 479 -57.09 -64.32 20.22
C VAL Z 479 -57.29 -64.57 21.71
N TRP Z 480 -56.50 -65.47 22.28
CA TRP Z 480 -56.65 -65.89 23.65
C TRP Z 480 -55.38 -65.55 24.41
N GLU Z 481 -55.50 -64.68 25.41
CA GLU Z 481 -54.41 -64.55 26.35
C GLU Z 481 -54.27 -65.86 27.10
N VAL Z 482 -53.06 -66.40 27.11
CA VAL Z 482 -52.84 -67.74 27.61
C VAL Z 482 -51.55 -67.75 28.43
N GLU Z 483 -51.52 -68.54 29.49
CA GLU Z 483 -50.38 -68.62 30.39
C GLU Z 483 -50.01 -70.07 30.62
N ARG Z 484 -48.72 -70.36 30.57
CA ARG Z 484 -48.23 -71.73 30.57
C ARG Z 484 -47.71 -72.09 31.95
N TYR Z 485 -47.88 -73.35 32.34
CA TYR Z 485 -47.67 -73.74 33.73
C TYR Z 485 -46.29 -74.30 33.96
N ALA Z 486 -45.74 -73.98 35.13
CA ALA Z 486 -44.54 -74.60 35.64
C ALA Z 486 -44.78 -74.95 37.09
N THR Z 487 -44.26 -76.09 37.53
CA THR Z 487 -44.52 -76.51 38.90
C THR Z 487 -43.35 -77.34 39.40
N LYS Z 488 -43.26 -77.42 40.73
CA LYS Z 488 -42.21 -78.17 41.38
C LYS Z 488 -42.63 -79.57 41.77
N ASN Z 489 -43.83 -79.99 41.40
CA ASN Z 489 -44.26 -81.34 41.71
C ASN Z 489 -43.33 -82.35 41.06
N TRP Z 490 -43.04 -83.42 41.79
CA TRP Z 490 -42.18 -84.47 41.26
C TRP Z 490 -42.96 -85.42 40.38
N ARG Z 491 -44.22 -85.61 40.64
CA ARG Z 491 -45.02 -86.68 40.08
C ARG Z 491 -45.68 -86.29 38.76
N PRO Z 492 -46.13 -87.29 37.99
CA PRO Z 492 -46.59 -87.05 36.62
C PRO Z 492 -47.81 -86.14 36.45
N GLU Z 493 -48.57 -85.85 37.50
CA GLU Z 493 -49.84 -85.09 37.40
C GLU Z 493 -50.80 -85.84 36.46
N ARG Z 494 -51.60 -85.16 35.66
CA ARG Z 494 -52.69 -85.78 34.94
C ARG Z 494 -52.93 -85.00 33.65
N ARG Z 495 -53.35 -85.72 32.62
CA ARG Z 495 -53.64 -85.11 31.33
C ARG Z 495 -54.95 -85.67 30.82
N HIS Z 496 -55.32 -85.28 29.61
CA HIS Z 496 -56.50 -85.82 28.96
C HIS Z 496 -56.07 -86.72 27.82
N THR Z 497 -56.18 -88.03 28.05
CA THR Z 497 -55.99 -89.03 27.02
C THR Z 497 -57.28 -89.21 26.22
N THR Z 498 -57.11 -89.74 25.01
CA THR Z 498 -58.24 -90.34 24.32
C THR Z 498 -58.77 -91.55 25.08
N PHE Z 499 -58.02 -92.11 26.01
CA PHE Z 499 -58.53 -93.30 26.68
C PHE Z 499 -59.73 -93.01 27.56
N GLY Z 500 -59.91 -91.76 27.98
CA GLY Z 500 -61.19 -91.40 28.57
C GLY Z 500 -62.32 -91.51 27.59
N LEU Z 501 -62.02 -91.37 26.30
CA LEU Z 501 -63.01 -91.46 25.24
C LEU Z 501 -63.42 -92.92 25.02
N GLY Z 502 -64.55 -93.10 24.33
CA GLY Z 502 -65.05 -94.44 24.09
C GLY Z 502 -65.72 -94.52 22.74
N ILE Z 503 -65.92 -95.75 22.28
CA ILE Z 503 -66.33 -96.06 20.92
C ILE Z 503 -67.84 -95.91 20.80
N GLY Z 504 -68.30 -95.49 19.63
CA GLY Z 504 -69.73 -95.31 19.45
C GLY Z 504 -70.12 -95.08 18.00
N GLY Z 505 -71.44 -95.07 17.79
CA GLY Z 505 -72.09 -94.74 16.53
C GLY Z 505 -72.27 -95.94 15.63
N ALA Z 506 -73.40 -95.96 14.91
CA ALA Z 506 -73.75 -97.00 13.94
C ALA Z 506 -73.47 -98.40 14.45
N ASP Z 507 -72.86 -99.22 13.60
CA ASP Z 507 -72.05 -100.32 14.10
C ASP Z 507 -70.87 -99.71 14.85
N ASN Z 508 -70.54 -100.27 16.02
CA ASN Z 508 -69.85 -99.51 17.05
C ASN Z 508 -68.64 -98.74 16.54
N LEU Z 509 -68.11 -99.12 15.38
CA LEU Z 509 -66.87 -98.57 14.85
C LEU Z 509 -66.90 -97.05 14.82
N ASN Z 510 -65.69 -96.48 14.91
CA ASN Z 510 -65.26 -95.10 15.08
C ASN Z 510 -65.36 -94.75 16.56
N PRO Z 511 -64.40 -94.02 17.12
CA PRO Z 511 -64.41 -93.87 18.58
C PRO Z 511 -65.39 -92.87 19.16
N THR Z 512 -65.08 -91.58 19.04
CA THR Z 512 -65.91 -90.58 19.69
C THR Z 512 -66.02 -89.30 18.89
N TYR Z 513 -64.95 -88.54 18.74
CA TYR Z 513 -65.02 -87.37 17.88
C TYR Z 513 -64.56 -87.81 16.49
N HIS Z 514 -65.54 -88.04 15.63
CA HIS Z 514 -65.29 -88.73 14.39
C HIS Z 514 -66.61 -88.93 13.67
N VAL Z 515 -66.52 -89.20 12.38
CA VAL Z 515 -67.71 -89.38 11.57
C VAL Z 515 -68.24 -90.81 11.63
N ASP Z 516 -69.53 -90.95 11.36
CA ASP Z 516 -70.22 -92.23 11.22
C ASP Z 516 -70.14 -92.67 9.76
N LYS Z 517 -70.94 -93.66 9.36
CA LYS Z 517 -70.73 -94.23 8.01
C LYS Z 517 -71.52 -93.87 6.70
N ASN Z 518 -72.66 -93.18 6.60
CA ASN Z 518 -73.67 -92.71 7.58
C ASN Z 518 -73.29 -91.39 8.20
N GLY Z 519 -72.19 -90.80 7.75
CA GLY Z 519 -71.41 -89.96 8.61
C GLY Z 519 -72.18 -88.90 9.36
N THR Z 520 -72.15 -89.09 10.67
CA THR Z 520 -72.73 -88.21 11.67
C THR Z 520 -71.73 -88.16 12.80
N TYR Z 521 -71.28 -86.96 13.13
CA TYR Z 521 -70.26 -86.77 14.14
C TYR Z 521 -70.70 -87.41 15.44
N ILE Z 522 -69.89 -88.35 15.96
CA ILE Z 522 -70.29 -89.08 17.15
C ILE Z 522 -70.18 -88.16 18.36
N GLN Z 523 -71.17 -88.14 19.12
CA GLN Z 523 -71.07 -87.20 20.22
C GLN Z 523 -70.42 -87.85 21.43
N PRO Z 524 -69.66 -87.06 22.18
CA PRO Z 524 -69.07 -87.57 23.43
C PRO Z 524 -70.15 -87.89 24.45
N THR Z 525 -70.06 -89.06 25.07
CA THR Z 525 -71.05 -89.55 26.01
C THR Z 525 -70.49 -89.50 27.42
N THR Z 526 -71.27 -88.88 28.31
CA THR Z 526 -71.00 -88.33 29.64
C THR Z 526 -69.87 -87.30 29.71
N TRP Z 527 -69.31 -87.13 30.91
CA TRP Z 527 -68.65 -85.86 31.23
C TRP Z 527 -67.18 -85.86 30.87
N ASP Z 528 -66.48 -86.96 31.17
CA ASP Z 528 -65.03 -86.99 30.97
C ASP Z 528 -64.64 -86.89 29.51
N MET Z 529 -65.50 -87.39 28.61
CA MET Z 529 -65.25 -87.27 27.17
C MET Z 529 -64.86 -85.84 26.80
N CYS Z 530 -65.81 -84.92 26.91
CA CYS Z 530 -65.47 -83.51 26.91
C CYS Z 530 -64.45 -83.27 28.00
N PHE Z 531 -63.33 -82.63 27.65
CA PHE Z 531 -62.22 -82.63 28.59
C PHE Z 531 -62.26 -81.34 29.40
N PRO Z 532 -62.65 -81.40 30.67
CA PRO Z 532 -62.84 -80.17 31.43
C PRO Z 532 -61.50 -79.62 31.88
N VAL Z 533 -61.39 -78.30 31.90
CA VAL Z 533 -60.28 -77.71 32.60
C VAL Z 533 -60.51 -77.87 34.10
N LYS Z 534 -59.44 -77.67 34.87
CA LYS Z 534 -59.43 -77.64 36.33
C LYS Z 534 -59.31 -79.05 36.90
N THR Z 535 -59.34 -80.08 36.08
CA THR Z 535 -59.07 -81.43 36.52
C THR Z 535 -57.61 -81.81 36.35
N ASN Z 536 -56.77 -80.90 35.85
CA ASN Z 536 -55.38 -81.22 35.55
C ASN Z 536 -54.45 -80.26 36.27
N ILE Z 537 -53.17 -80.42 35.97
CA ILE Z 537 -52.06 -79.70 36.58
C ILE Z 537 -52.18 -79.84 38.10
N ASN Z 538 -51.72 -78.85 38.84
CA ASN Z 538 -51.88 -78.73 40.27
C ASN Z 538 -51.57 -77.28 40.64
N LYS Z 539 -52.00 -76.86 41.81
CA LYS Z 539 -51.55 -75.59 42.35
C LYS Z 539 -51.36 -75.73 43.85
N VAL Z 540 -50.21 -75.25 44.34
CA VAL Z 540 -50.08 -75.03 45.76
C VAL Z 540 -50.97 -73.87 46.14
N LEU Z 541 -51.84 -74.08 47.11
CA LEU Z 541 -52.74 -73.04 47.52
C LEU Z 541 -52.00 -71.97 48.32
N GLY AA 34 -65.81 -49.90 -4.71
CA GLY AA 34 -66.24 -50.45 -5.98
C GLY AA 34 -67.46 -49.76 -6.57
N SER AA 35 -67.93 -50.26 -7.71
CA SER AA 35 -69.08 -49.70 -8.38
C SER AA 35 -69.73 -50.76 -9.25
N GLY AA 36 -70.97 -50.52 -9.64
CA GLY AA 36 -71.70 -51.41 -10.51
C GLY AA 36 -72.68 -52.28 -9.77
N VAL AA 37 -73.34 -53.15 -10.53
CA VAL AA 37 -74.25 -54.12 -9.95
C VAL AA 37 -73.49 -55.02 -8.99
N GLY AA 38 -74.12 -55.40 -7.89
CA GLY AA 38 -73.49 -56.23 -6.89
C GLY AA 38 -72.75 -55.48 -5.82
N ILE AA 39 -72.75 -54.15 -5.87
CA ILE AA 39 -72.12 -53.32 -4.86
C ILE AA 39 -73.19 -52.35 -4.37
N SER AA 40 -73.59 -52.47 -3.11
CA SER AA 40 -74.64 -51.61 -2.59
C SER AA 40 -74.17 -50.17 -2.55
N THR AA 41 -75.09 -49.25 -2.84
CA THR AA 41 -74.68 -47.86 -2.95
C THR AA 41 -74.57 -47.19 -1.59
N GLY AA 42 -75.56 -47.42 -0.72
CA GLY AA 42 -75.53 -46.85 0.61
C GLY AA 42 -76.22 -47.78 1.57
N GLY AA 43 -75.98 -47.56 2.86
CA GLY AA 43 -76.52 -48.41 3.90
C GLY AA 43 -77.73 -47.80 4.58
N TRP AA 44 -78.29 -48.57 5.49
CA TRP AA 44 -79.44 -48.14 6.27
C TRP AA 44 -79.03 -47.06 7.26
N VAL AA 45 -79.99 -46.22 7.64
CA VAL AA 45 -79.74 -45.05 8.47
C VAL AA 45 -80.92 -44.83 9.40
N GLY AA 46 -80.66 -44.28 10.58
CA GLY AA 46 -81.73 -43.86 11.45
C GLY AA 46 -81.22 -43.62 12.87
N GLY AA 47 -82.18 -43.40 13.78
CA GLY AA 47 -81.92 -43.43 15.21
C GLY AA 47 -81.91 -42.09 15.93
N SER AA 48 -82.19 -41.01 15.22
CA SER AA 48 -82.15 -39.63 15.72
C SER AA 48 -80.85 -39.20 16.41
N TYR AA 49 -80.91 -38.12 17.19
CA TYR AA 49 -79.68 -37.58 17.77
C TYR AA 49 -79.84 -36.86 19.11
N PHE AA 50 -80.53 -35.71 19.10
CA PHE AA 50 -80.78 -34.86 20.27
C PHE AA 50 -79.60 -34.20 20.96
N THR AA 51 -79.09 -33.12 20.38
CA THR AA 51 -78.25 -32.14 21.06
C THR AA 51 -79.07 -30.90 21.37
N ASP AA 52 -78.70 -30.20 22.45
CA ASP AA 52 -79.40 -29.00 22.90
C ASP AA 52 -79.71 -28.01 21.80
N SER AA 53 -78.76 -27.80 20.89
CA SER AA 53 -78.96 -26.81 19.84
C SER AA 53 -79.77 -27.36 18.67
N TYR AA 54 -79.68 -28.64 18.38
CA TYR AA 54 -80.38 -29.19 17.23
C TYR AA 54 -80.62 -30.67 17.41
N VAL AA 55 -81.59 -31.17 16.65
CA VAL AA 55 -81.97 -32.58 16.64
C VAL AA 55 -81.88 -33.09 15.22
N ILE AA 56 -81.13 -34.17 15.02
CA ILE AA 56 -80.98 -34.79 13.72
C ILE AA 56 -81.77 -36.08 13.71
N THR AA 57 -82.86 -36.11 12.94
CA THR AA 57 -83.65 -37.31 12.77
C THR AA 57 -83.29 -37.97 11.45
N LYS AA 58 -83.03 -39.26 11.50
CA LYS AA 58 -82.63 -40.03 10.34
C LYS AA 58 -83.63 -41.15 10.13
N ASN AA 59 -83.99 -41.42 8.88
CA ASN AA 59 -84.96 -42.44 8.58
C ASN AA 59 -84.61 -43.08 7.25
N THR AA 60 -85.05 -44.31 7.06
CA THR AA 60 -84.81 -45.04 5.83
C THR AA 60 -86.02 -45.91 5.54
N ARG AA 61 -86.32 -46.13 4.27
CA ARG AA 61 -87.53 -46.83 3.87
C ARG AA 61 -87.23 -47.80 2.74
N GLN AA 62 -88.22 -48.63 2.46
CA GLN AA 62 -88.24 -49.47 1.28
C GLN AA 62 -89.47 -49.08 0.49
N PHE AA 63 -89.30 -48.74 -0.77
CA PHE AA 63 -90.41 -48.23 -1.57
C PHE AA 63 -90.52 -49.03 -2.86
N LEU AA 64 -91.64 -48.87 -3.56
CA LEU AA 64 -91.74 -49.42 -4.90
C LEU AA 64 -92.59 -48.53 -5.79
N VAL AA 65 -92.18 -48.45 -7.06
CA VAL AA 65 -92.86 -47.67 -8.08
C VAL AA 65 -93.55 -48.65 -9.02
N LYS AA 66 -94.84 -48.42 -9.26
CA LYS AA 66 -95.72 -49.45 -9.81
C LYS AA 66 -96.00 -49.31 -11.31
N ILE AA 67 -95.49 -48.29 -11.99
CA ILE AA 67 -95.97 -47.92 -13.32
C ILE AA 67 -97.45 -47.59 -13.25
N GLN AA 68 -97.79 -46.42 -12.74
CA GLN AA 68 -99.18 -45.99 -12.73
C GLN AA 68 -99.59 -45.44 -14.09
N ASN AA 69 -100.84 -45.71 -14.46
CA ASN AA 69 -101.52 -45.01 -15.56
C ASN AA 69 -100.89 -45.30 -16.90
N ASN AA 70 -100.51 -46.55 -17.14
CA ASN AA 70 -99.65 -46.91 -18.27
C ASN AA 70 -98.47 -45.95 -18.20
N HIS AA 71 -97.95 -45.44 -19.31
CA HIS AA 71 -97.12 -44.25 -19.21
C HIS AA 71 -97.82 -43.00 -19.71
N GLN AA 72 -99.02 -43.13 -20.25
CA GLN AA 72 -99.77 -41.98 -20.71
C GLN AA 72 -100.44 -41.26 -19.55
N TYR AA 73 -100.84 -40.02 -19.82
CA TYR AA 73 -101.37 -39.06 -18.85
C TYR AA 73 -102.87 -39.18 -18.62
N LYS AA 74 -103.67 -38.98 -19.66
CA LYS AA 74 -105.11 -38.80 -19.60
C LYS AA 74 -105.52 -37.60 -18.76
N THR AA 75 -106.76 -37.62 -18.25
CA THR AA 75 -107.32 -36.52 -17.49
C THR AA 75 -108.11 -37.08 -16.30
N GLU AA 76 -109.06 -37.97 -16.61
CA GLU AA 76 -109.78 -38.87 -15.70
C GLU AA 76 -111.06 -38.35 -15.07
N LEU AA 77 -111.30 -37.03 -15.07
CA LEU AA 77 -112.60 -36.46 -14.69
C LEU AA 77 -113.21 -37.22 -13.51
N ILE AA 78 -112.62 -37.04 -12.33
CA ILE AA 78 -112.70 -38.07 -11.29
C ILE AA 78 -114.13 -38.45 -10.93
N SER AA 79 -114.80 -37.63 -10.11
CA SER AA 79 -116.20 -37.73 -9.75
C SER AA 79 -116.55 -39.02 -9.03
N PRO AA 80 -117.53 -39.01 -8.14
CA PRO AA 80 -118.36 -40.19 -7.96
C PRO AA 80 -119.65 -40.02 -8.76
N SER AA 81 -120.53 -41.01 -8.73
CA SER AA 81 -121.88 -40.77 -9.24
C SER AA 81 -122.96 -41.48 -8.41
N THR AA 82 -123.94 -40.78 -7.83
CA THR AA 82 -123.97 -39.35 -7.40
C THR AA 82 -123.39 -38.26 -8.33
N SER AA 83 -123.88 -38.25 -9.57
CA SER AA 83 -123.40 -37.28 -10.57
C SER AA 83 -123.54 -35.84 -10.10
N GLN AA 84 -124.34 -35.58 -9.06
CA GLN AA 84 -124.42 -34.26 -8.48
C GLN AA 84 -123.10 -33.79 -7.86
N GLY AA 85 -122.12 -34.68 -7.74
CA GLY AA 85 -120.88 -34.33 -7.08
C GLY AA 85 -120.08 -33.29 -7.85
N LYS AA 86 -118.93 -32.94 -7.28
CA LYS AA 86 -118.10 -31.90 -7.88
C LYS AA 86 -117.53 -32.33 -9.21
N SER AA 87 -117.03 -33.55 -9.30
CA SER AA 87 -116.55 -34.13 -10.56
C SER AA 87 -115.37 -33.35 -11.12
N GLN AA 88 -114.38 -33.09 -10.26
CA GLN AA 88 -113.17 -32.43 -10.72
C GLN AA 88 -112.49 -33.27 -11.80
N ARG AA 89 -111.97 -32.58 -12.82
CA ARG AA 89 -111.45 -33.30 -13.98
C ARG AA 89 -110.05 -33.84 -13.72
N CYS AA 90 -109.24 -33.06 -13.01
CA CYS AA 90 -107.85 -33.37 -12.71
C CYS AA 90 -106.99 -33.72 -13.92
N VAL AA 91 -105.88 -34.40 -13.67
CA VAL AA 91 -104.95 -34.93 -14.66
C VAL AA 91 -104.21 -36.07 -13.98
N SER AA 92 -103.98 -37.14 -14.70
CA SER AA 92 -103.18 -38.23 -14.15
C SER AA 92 -101.86 -38.26 -14.90
N THR AA 93 -100.81 -38.72 -14.24
CA THR AA 93 -99.49 -38.76 -14.83
C THR AA 93 -98.86 -40.12 -14.55
N PRO AA 94 -97.89 -40.54 -15.35
CA PRO AA 94 -97.16 -41.77 -15.02
C PRO AA 94 -96.31 -41.65 -13.78
N TRP AA 95 -96.09 -40.44 -13.28
CA TRP AA 95 -95.14 -40.21 -12.21
C TRP AA 95 -95.72 -40.55 -10.86
N SER AA 96 -94.83 -40.94 -9.95
CA SER AA 96 -95.12 -41.09 -8.54
C SER AA 96 -94.19 -40.16 -7.79
N TYR AA 97 -94.53 -39.87 -6.53
CA TYR AA 97 -93.76 -38.88 -5.81
C TYR AA 97 -93.57 -39.29 -4.35
N PHE AA 98 -92.52 -38.74 -3.76
CA PHE AA 98 -92.20 -38.93 -2.36
C PHE AA 98 -92.81 -37.80 -1.55
N ASN AA 99 -93.68 -38.14 -0.61
CA ASN AA 99 -94.24 -37.17 0.33
C ASN AA 99 -93.57 -37.41 1.68
N PHE AA 100 -92.74 -36.48 2.11
CA PHE AA 100 -92.08 -36.57 3.40
C PHE AA 100 -92.77 -35.78 4.49
N ASN AA 101 -93.93 -35.20 4.22
CA ASN AA 101 -94.49 -34.17 5.09
C ASN AA 101 -95.39 -34.82 6.11
N GLN AA 102 -94.89 -34.92 7.34
CA GLN AA 102 -95.61 -35.31 8.54
C GLN AA 102 -94.58 -35.41 9.65
N TYR AA 103 -95.03 -35.30 10.89
CA TYR AA 103 -94.08 -35.46 11.98
C TYR AA 103 -93.89 -36.92 12.35
N SER AA 104 -94.98 -37.70 12.37
CA SER AA 104 -94.88 -39.09 12.78
C SER AA 104 -93.98 -39.91 11.88
N SER AA 105 -93.63 -39.39 10.71
CA SER AA 105 -92.70 -40.10 9.86
C SER AA 105 -91.28 -39.96 10.34
N HIS AA 106 -90.91 -38.78 10.82
CA HIS AA 106 -89.53 -38.49 11.18
C HIS AA 106 -89.22 -38.69 12.66
N PHE AA 107 -90.23 -38.91 13.50
CA PHE AA 107 -90.03 -39.00 14.93
C PHE AA 107 -90.68 -40.26 15.47
N SER AA 108 -89.90 -41.07 16.17
CA SER AA 108 -90.48 -42.17 16.90
C SER AA 108 -91.33 -41.62 18.03
N PRO AA 109 -92.27 -42.40 18.54
CA PRO AA 109 -93.05 -41.93 19.68
C PRO AA 109 -92.22 -41.54 20.88
N GLN AA 110 -90.98 -42.03 21.00
CA GLN AA 110 -90.10 -41.51 22.02
C GLN AA 110 -89.32 -40.27 21.59
N ASP AA 111 -88.82 -40.22 20.36
CA ASP AA 111 -88.12 -39.02 19.91
C ASP AA 111 -89.03 -37.82 20.00
N TRP AA 112 -90.18 -37.87 19.34
CA TRP AA 112 -91.30 -37.05 19.75
C TRP AA 112 -91.60 -37.40 21.19
N GLN AA 113 -91.95 -36.41 22.00
CA GLN AA 113 -92.03 -36.50 23.46
C GLN AA 113 -90.67 -36.39 24.12
N ARG AA 114 -89.58 -36.63 23.42
CA ARG AA 114 -88.33 -36.15 23.96
C ARG AA 114 -88.13 -34.69 23.65
N LEU AA 115 -88.51 -34.24 22.46
CA LEU AA 115 -88.50 -32.80 22.19
C LEU AA 115 -89.72 -32.10 22.73
N THR AA 116 -90.88 -32.74 22.68
CA THR AA 116 -92.09 -32.10 23.17
C THR AA 116 -91.97 -31.82 24.66
N ASN AA 117 -91.28 -32.68 25.40
CA ASN AA 117 -91.06 -32.44 26.81
C ASN AA 117 -89.91 -31.48 27.04
N GLU AA 118 -88.82 -31.63 26.31
CA GLU AA 118 -87.57 -30.97 26.68
C GLU AA 118 -87.28 -29.67 25.97
N TYR AA 119 -88.12 -29.21 25.05
CA TYR AA 119 -87.76 -28.03 24.27
C TYR AA 119 -88.92 -27.06 24.11
N LYS AA 120 -88.57 -25.76 24.07
CA LYS AA 120 -89.58 -24.73 23.80
C LYS AA 120 -90.09 -24.82 22.39
N ARG AA 121 -89.19 -24.86 21.42
CA ARG AA 121 -89.57 -24.62 20.05
C ARG AA 121 -88.60 -25.33 19.14
N PHE AA 122 -89.06 -25.62 17.94
CA PHE AA 122 -88.23 -26.29 16.96
C PHE AA 122 -88.73 -25.95 15.58
N ARG AA 123 -87.82 -25.96 14.61
CA ARG AA 123 -88.20 -25.84 13.22
C ARG AA 123 -87.19 -26.65 12.43
N PRO AA 124 -87.60 -27.26 11.33
CA PRO AA 124 -86.63 -28.00 10.52
C PRO AA 124 -85.64 -27.05 9.88
N LYS AA 125 -84.36 -27.33 10.09
CA LYS AA 125 -83.31 -26.51 9.53
C LYS AA 125 -82.97 -26.90 8.10
N GLY AA 126 -82.88 -28.19 7.82
CA GLY AA 126 -82.47 -28.66 6.52
C GLY AA 126 -82.96 -30.08 6.31
N MET AA 127 -82.75 -30.57 5.10
CA MET AA 127 -83.25 -31.88 4.72
C MET AA 127 -82.31 -32.48 3.68
N HIS AA 128 -82.06 -33.77 3.79
CA HIS AA 128 -81.15 -34.46 2.90
C HIS AA 128 -81.76 -35.81 2.56
N VAL AA 129 -81.97 -36.06 1.27
CA VAL AA 129 -82.67 -37.26 0.83
C VAL AA 129 -81.76 -38.02 -0.12
N LYS AA 130 -81.75 -39.35 0.01
CA LYS AA 130 -80.91 -40.19 -0.83
C LYS AA 130 -81.71 -41.37 -1.34
N ILE AA 131 -81.81 -41.49 -2.65
CA ILE AA 131 -82.33 -42.68 -3.29
C ILE AA 131 -81.14 -43.58 -3.57
N TYR AA 132 -81.26 -44.86 -3.25
CA TYR AA 132 -80.16 -45.78 -3.50
C TYR AA 132 -80.67 -47.21 -3.40
N ASN AA 133 -79.79 -48.15 -3.67
CA ASN AA 133 -80.10 -49.57 -3.65
C ASN AA 133 -81.33 -49.88 -4.49
N LEU AA 134 -81.32 -49.42 -5.73
CA LEU AA 134 -82.46 -49.58 -6.61
C LEU AA 134 -82.50 -50.99 -7.18
N GLN AA 135 -83.70 -51.44 -7.53
CA GLN AA 135 -83.90 -52.76 -8.11
C GLN AA 135 -85.04 -52.68 -9.12
N ILE AA 136 -84.86 -53.28 -10.29
CA ILE AA 136 -85.91 -53.35 -11.30
C ILE AA 136 -86.22 -54.82 -11.50
N LYS AA 137 -87.43 -55.24 -11.14
CA LYS AA 137 -87.68 -56.66 -11.01
C LYS AA 137 -88.44 -57.32 -12.16
N GLN AA 138 -88.93 -56.59 -13.15
CA GLN AA 138 -89.46 -57.21 -14.36
C GLN AA 138 -90.57 -58.22 -14.05
N ILE AA 139 -91.76 -57.70 -13.75
CA ILE AA 139 -92.91 -58.56 -13.53
C ILE AA 139 -93.14 -59.45 -14.76
N LEU AA 140 -93.41 -60.72 -14.52
CA LEU AA 140 -93.88 -61.63 -15.55
C LEU AA 140 -95.15 -62.33 -15.09
N SER AA 141 -95.98 -62.70 -16.07
CA SER AA 141 -97.19 -63.46 -15.82
C SER AA 141 -97.31 -64.56 -16.85
N ASN AA 142 -97.31 -65.80 -16.39
CA ASN AA 142 -97.61 -66.96 -17.22
C ASN AA 142 -99.08 -67.30 -17.19
N GLY AA 143 -99.88 -66.45 -16.57
CA GLY AA 143 -101.24 -66.75 -16.18
C GLY AA 143 -101.26 -67.17 -14.73
N ALA AA 144 -102.28 -66.74 -14.00
CA ALA AA 144 -102.35 -66.85 -12.54
C ALA AA 144 -101.04 -66.32 -11.98
N ASP AA 145 -100.50 -66.89 -10.90
CA ASP AA 145 -99.13 -66.78 -10.40
C ASP AA 145 -98.50 -65.40 -10.50
N THR AA 146 -97.19 -65.37 -10.77
CA THR AA 146 -96.33 -64.29 -11.23
C THR AA 146 -94.90 -64.79 -11.14
N THR AA 147 -93.98 -64.14 -11.82
CA THR AA 147 -92.56 -64.39 -11.62
C THR AA 147 -91.81 -63.08 -11.77
N TYR AA 148 -90.67 -62.98 -11.10
CA TYR AA 148 -89.86 -61.78 -11.09
C TYR AA 148 -88.45 -62.19 -11.46
N ASN AA 149 -87.99 -61.77 -12.65
CA ASN AA 149 -86.71 -62.26 -13.14
C ASN AA 149 -85.57 -61.38 -12.66
N ASN AA 150 -85.86 -60.46 -11.77
CA ASN AA 150 -85.03 -59.29 -11.53
C ASN AA 150 -84.90 -58.61 -12.87
N ASP AA 151 -83.76 -57.95 -13.11
CA ASP AA 151 -83.52 -57.27 -14.37
C ASP AA 151 -82.20 -56.53 -14.23
N LEU AA 152 -81.60 -56.22 -15.36
CA LEU AA 152 -80.54 -55.24 -15.43
C LEU AA 152 -80.82 -54.43 -16.69
N THR AA 153 -79.95 -53.48 -16.99
CA THR AA 153 -80.12 -52.60 -18.12
C THR AA 153 -81.52 -52.00 -18.15
N ALA AA 154 -82.01 -51.58 -17.01
CA ALA AA 154 -83.28 -50.86 -16.89
C ALA AA 154 -83.05 -49.60 -16.09
N GLY AA 155 -84.03 -48.70 -16.07
CA GLY AA 155 -83.82 -47.38 -15.56
C GLY AA 155 -85.03 -46.84 -14.84
N VAL AA 156 -84.77 -45.78 -14.07
CA VAL AA 156 -85.76 -45.11 -13.25
C VAL AA 156 -85.53 -43.62 -13.37
N HIS AA 157 -86.58 -42.88 -13.71
CA HIS AA 157 -86.51 -41.44 -13.77
C HIS AA 157 -86.71 -40.87 -12.37
N ILE AA 158 -85.88 -39.91 -12.00
CA ILE AA 158 -86.00 -39.25 -10.70
C ILE AA 158 -85.85 -37.76 -10.92
N PHE AA 159 -86.85 -37.01 -10.49
CA PHE AA 159 -86.92 -35.58 -10.76
C PHE AA 159 -87.31 -34.85 -9.49
N CYS AA 160 -86.68 -33.70 -9.24
CA CYS AA 160 -86.95 -32.89 -8.08
C CYS AA 160 -87.31 -31.48 -8.50
N ASP AA 161 -88.11 -30.79 -7.69
CA ASP AA 161 -88.47 -29.39 -7.94
C ASP AA 161 -87.67 -28.48 -7.03
N GLY AA 162 -86.72 -27.74 -7.59
CA GLY AA 162 -86.10 -26.68 -6.83
C GLY AA 162 -86.80 -25.37 -7.05
N GLU AA 163 -87.45 -25.23 -8.20
CA GLU AA 163 -88.14 -24.00 -8.54
C GLU AA 163 -89.59 -24.01 -8.11
N HIS AA 164 -90.13 -25.17 -7.76
CA HIS AA 164 -91.55 -25.38 -7.54
C HIS AA 164 -92.39 -24.95 -8.72
N ALA AA 165 -91.84 -24.99 -9.93
CA ALA AA 165 -92.68 -25.16 -11.10
C ALA AA 165 -93.34 -26.52 -11.00
N TYR AA 166 -94.43 -26.69 -11.73
CA TYR AA 166 -95.29 -27.86 -11.69
C TYR AA 166 -96.24 -27.80 -10.49
N PRO AA 167 -97.40 -28.42 -10.62
CA PRO AA 167 -98.49 -28.23 -9.64
C PRO AA 167 -98.25 -28.76 -8.24
N ASN AA 168 -97.16 -29.47 -7.96
CA ASN AA 168 -96.74 -29.91 -6.62
C ASN AA 168 -97.83 -30.63 -5.82
N ALA AA 169 -98.00 -31.92 -6.10
CA ALA AA 169 -99.10 -32.72 -5.53
C ALA AA 169 -99.25 -32.53 -4.03
N THR AA 170 -98.16 -32.40 -3.29
CA THR AA 170 -98.22 -32.49 -1.84
C THR AA 170 -99.25 -31.53 -1.26
N HIS AA 171 -100.17 -32.08 -0.49
CA HIS AA 171 -101.18 -31.38 0.28
C HIS AA 171 -100.98 -31.82 1.73
N PRO AA 172 -101.17 -30.93 2.70
CA PRO AA 172 -100.75 -31.26 4.07
C PRO AA 172 -101.23 -32.58 4.61
N TRP AA 173 -102.51 -32.90 4.51
CA TRP AA 173 -103.00 -34.10 5.20
C TRP AA 173 -102.81 -35.31 4.32
N ASP AA 174 -103.62 -35.42 3.27
CA ASP AA 174 -103.51 -36.51 2.30
C ASP AA 174 -103.47 -37.83 3.06
N GLU AA 175 -102.54 -38.72 2.74
CA GLU AA 175 -102.46 -40.07 3.25
C GLU AA 175 -100.97 -40.31 3.37
N ASP AA 176 -100.59 -41.58 3.53
CA ASP AA 176 -99.26 -42.07 3.13
C ASP AA 176 -98.18 -41.23 3.82
N VAL AA 177 -97.44 -40.39 3.09
CA VAL AA 177 -96.18 -39.81 3.53
C VAL AA 177 -95.30 -41.02 3.78
N MET AA 178 -94.39 -40.94 4.72
CA MET AA 178 -93.62 -42.12 5.06
C MET AA 178 -94.41 -42.93 6.07
N PRO AA 179 -94.32 -44.25 6.04
CA PRO AA 179 -94.96 -45.01 7.11
C PRO AA 179 -94.29 -44.63 8.42
N GLU AA 180 -95.09 -44.28 9.42
CA GLU AA 180 -94.52 -43.83 10.68
C GLU AA 180 -93.58 -44.86 11.26
N LEU AA 181 -93.70 -46.10 10.81
CA LEU AA 181 -92.97 -47.23 11.34
C LEU AA 181 -92.00 -47.72 10.28
N PRO AA 182 -90.68 -47.76 10.53
CA PRO AA 182 -89.77 -48.28 9.50
C PRO AA 182 -90.04 -49.76 9.21
N TYR AA 183 -89.20 -50.38 8.39
CA TYR AA 183 -89.35 -51.78 7.97
C TYR AA 183 -90.66 -51.99 7.23
N GLN AA 184 -91.52 -50.99 7.23
CA GLN AA 184 -92.80 -51.05 6.54
C GLN AA 184 -92.61 -50.47 5.15
N THR AA 185 -92.80 -51.30 4.14
CA THR AA 185 -92.55 -50.86 2.78
C THR AA 185 -93.46 -49.69 2.41
N TRP AA 186 -92.94 -48.78 1.61
CA TRP AA 186 -93.62 -47.53 1.34
C TRP AA 186 -94.07 -47.49 -0.11
N TYR AA 187 -95.36 -47.61 -0.33
CA TYR AA 187 -95.92 -47.60 -1.67
C TYR AA 187 -96.16 -46.16 -2.10
N LEU AA 188 -95.56 -45.78 -3.21
CA LEU AA 188 -95.73 -44.44 -3.74
C LEU AA 188 -97.11 -44.28 -4.37
N PHE AA 189 -97.50 -43.02 -4.54
CA PHE AA 189 -98.80 -42.67 -5.06
C PHE AA 189 -98.65 -41.84 -6.33
N GLN AA 190 -99.63 -41.99 -7.22
CA GLN AA 190 -99.56 -41.36 -8.53
C GLN AA 190 -99.64 -39.85 -8.41
N TYR AA 191 -98.90 -39.16 -9.27
CA TYR AA 191 -98.93 -37.72 -9.30
C TYR AA 191 -100.02 -37.22 -10.22
N GLY AA 192 -100.83 -36.29 -9.74
CA GLY AA 192 -101.88 -35.70 -10.53
C GLY AA 192 -102.12 -34.28 -10.06
N TYR AA 193 -102.90 -33.55 -10.84
CA TYR AA 193 -103.18 -32.18 -10.47
C TYR AA 193 -104.45 -31.71 -11.13
N ILE AA 194 -105.06 -30.69 -10.55
CA ILE AA 194 -106.27 -30.09 -11.12
C ILE AA 194 -105.84 -29.01 -12.11
N PRO AA 195 -106.04 -29.20 -13.41
CA PRO AA 195 -105.73 -28.11 -14.34
C PRO AA 195 -106.66 -26.92 -14.18
N VAL AA 196 -107.97 -27.15 -14.09
CA VAL AA 196 -108.97 -26.10 -13.96
C VAL AA 196 -110.21 -26.69 -13.31
N ILE AA 197 -110.98 -25.83 -12.63
CA ILE AA 197 -112.28 -26.22 -12.08
C ILE AA 197 -113.11 -26.86 -13.17
N HIS AA 198 -113.68 -28.03 -12.88
CA HIS AA 198 -114.41 -28.75 -13.92
C HIS AA 198 -115.64 -27.98 -14.36
N GLU AA 199 -116.50 -27.61 -13.42
CA GLU AA 199 -117.50 -26.61 -13.74
C GLU AA 199 -116.77 -25.34 -14.11
N LEU AA 200 -117.43 -24.45 -14.87
CA LEU AA 200 -116.74 -23.32 -15.46
C LEU AA 200 -115.70 -23.81 -16.47
N ALA AA 201 -116.16 -24.09 -17.70
CA ALA AA 201 -115.57 -24.97 -18.72
C ALA AA 201 -116.21 -26.34 -18.83
N GLU AA 202 -117.29 -26.59 -18.11
CA GLU AA 202 -117.99 -27.88 -18.27
C GLU AA 202 -118.28 -28.32 -19.73
N MET AA 203 -118.73 -27.46 -20.65
CA MET AA 203 -119.28 -26.12 -20.45
C MET AA 203 -120.68 -26.13 -21.04
N GLU AA 204 -121.54 -25.19 -20.61
CA GLU AA 204 -122.93 -25.26 -21.01
C GLU AA 204 -123.21 -24.39 -22.23
N ASP AA 205 -123.43 -25.05 -23.37
CA ASP AA 205 -123.88 -24.42 -24.60
C ASP AA 205 -123.06 -23.17 -24.93
N SER AA 206 -123.73 -22.14 -25.45
CA SER AA 206 -123.20 -20.77 -25.48
C SER AA 206 -121.69 -20.78 -25.95
N ASN AA 207 -120.64 -20.33 -25.25
CA ASN AA 207 -120.56 -19.56 -24.01
C ASN AA 207 -119.56 -18.43 -24.15
N ALA AA 208 -118.31 -18.84 -24.40
CA ALA AA 208 -117.15 -17.99 -24.66
C ALA AA 208 -116.58 -17.40 -23.37
N VAL AA 209 -117.36 -17.40 -22.30
CA VAL AA 209 -116.80 -17.10 -20.98
C VAL AA 209 -116.20 -18.37 -20.37
N GLU AA 210 -116.87 -19.51 -20.56
CA GLU AA 210 -116.27 -20.77 -20.15
C GLU AA 210 -115.46 -21.41 -21.27
N LYS AA 211 -115.61 -20.91 -22.50
CA LYS AA 211 -114.70 -21.33 -23.56
C LYS AA 211 -113.30 -20.89 -23.23
N ALA AA 212 -113.12 -19.61 -22.96
CA ALA AA 212 -111.96 -19.20 -22.19
C ALA AA 212 -112.06 -19.81 -20.80
N ILE AA 213 -110.90 -20.02 -20.19
CA ILE AA 213 -110.72 -20.79 -18.96
C ILE AA 213 -110.76 -22.28 -19.28
N CYS AA 214 -111.43 -22.66 -20.38
CA CYS AA 214 -111.22 -23.98 -20.93
C CYS AA 214 -110.03 -24.02 -21.87
N LEU AA 215 -109.90 -22.99 -22.70
CA LEU AA 215 -108.75 -22.89 -23.60
C LEU AA 215 -107.47 -22.65 -22.80
N GLN AA 216 -107.58 -22.00 -21.65
CA GLN AA 216 -106.38 -21.60 -20.95
C GLN AA 216 -105.89 -22.64 -19.97
N ILE AA 217 -106.51 -23.82 -19.91
CA ILE AA 217 -106.10 -24.78 -18.90
C ILE AA 217 -104.66 -25.16 -19.23
N PRO AA 218 -103.74 -25.00 -18.30
CA PRO AA 218 -102.35 -25.36 -18.58
C PRO AA 218 -102.18 -26.86 -18.50
N PHE AA 219 -101.18 -27.34 -19.23
CA PHE AA 219 -100.87 -28.77 -19.24
C PHE AA 219 -99.39 -28.92 -18.93
N PHE AA 220 -99.11 -29.51 -17.78
CA PHE AA 220 -97.76 -29.65 -17.28
C PHE AA 220 -97.28 -31.07 -17.50
N MET AA 221 -96.00 -31.21 -17.79
CA MET AA 221 -95.40 -32.50 -18.07
C MET AA 221 -94.05 -32.53 -17.39
N LEU AA 222 -93.74 -33.63 -16.74
CA LEU AA 222 -92.48 -33.73 -16.05
C LEU AA 222 -91.34 -34.13 -16.96
N GLU AA 223 -91.59 -34.26 -18.26
CA GLU AA 223 -90.51 -34.65 -19.14
C GLU AA 223 -89.64 -33.43 -19.41
N ASN AA 224 -90.08 -32.51 -20.29
CA ASN AA 224 -89.75 -31.08 -20.14
C ASN AA 224 -88.39 -30.87 -19.51
N SER AA 225 -88.38 -30.21 -18.36
CA SER AA 225 -87.14 -30.01 -17.61
C SER AA 225 -86.42 -31.33 -17.36
N ASP AA 226 -85.10 -31.29 -17.46
CA ASP AA 226 -84.31 -32.51 -17.42
C ASP AA 226 -84.29 -33.13 -16.04
N HIS AA 227 -83.99 -34.42 -16.00
CA HIS AA 227 -83.93 -35.17 -14.76
C HIS AA 227 -83.07 -36.41 -14.97
N GLU AA 228 -82.69 -37.02 -13.86
CA GLU AA 228 -81.76 -38.13 -13.91
C GLU AA 228 -82.48 -39.45 -14.09
N VAL AA 229 -81.87 -40.33 -14.87
CA VAL AA 229 -82.28 -41.72 -14.96
C VAL AA 229 -81.22 -42.53 -14.22
N LEU AA 230 -81.63 -43.61 -13.60
CA LEU AA 230 -80.72 -44.42 -12.80
C LEU AA 230 -80.91 -45.88 -13.13
N ARG AA 231 -79.81 -46.57 -13.43
CA ARG AA 231 -79.87 -48.02 -13.38
C ARG AA 231 -79.66 -48.44 -11.93
N THR AA 232 -79.44 -49.74 -11.72
CA THR AA 232 -79.30 -50.25 -10.37
C THR AA 232 -78.13 -49.63 -9.62
N GLY AA 233 -76.92 -49.75 -10.15
CA GLY AA 233 -75.75 -49.35 -9.39
C GLY AA 233 -75.71 -47.89 -9.02
N GLU AA 234 -76.44 -47.04 -9.72
CA GLU AA 234 -76.43 -45.61 -9.46
C GLU AA 234 -77.36 -45.24 -8.30
N SER AA 235 -77.08 -44.09 -7.69
CA SER AA 235 -77.93 -43.48 -6.68
C SER AA 235 -78.07 -41.99 -6.95
N THR AA 236 -78.78 -41.31 -6.05
CA THR AA 236 -78.99 -39.88 -6.18
C THR AA 236 -79.18 -39.28 -4.80
N GLU AA 237 -78.71 -38.04 -4.63
CA GLU AA 237 -78.91 -37.29 -3.41
C GLU AA 237 -79.70 -36.02 -3.71
N PHE AA 238 -80.40 -35.52 -2.70
CA PHE AA 238 -81.06 -34.23 -2.79
C PHE AA 238 -80.93 -33.54 -1.45
N THR AA 239 -80.73 -32.22 -1.48
CA THR AA 239 -80.67 -31.42 -0.27
C THR AA 239 -81.75 -30.36 -0.31
N PHE AA 240 -82.10 -29.86 0.88
CA PHE AA 240 -83.09 -28.81 0.99
C PHE AA 240 -82.73 -27.94 2.17
N ASN AA 241 -83.02 -26.65 2.06
CA ASN AA 241 -82.86 -25.72 3.14
C ASN AA 241 -84.19 -25.02 3.35
N PHE AA 242 -84.46 -24.62 4.59
CA PHE AA 242 -85.76 -24.10 4.97
C PHE AA 242 -85.63 -22.68 5.48
N ASP AA 243 -86.35 -21.76 4.85
CA ASP AA 243 -86.70 -20.51 5.47
C ASP AA 243 -88.05 -20.74 6.13
N CYS AA 244 -88.07 -20.79 7.46
CA CYS AA 244 -89.16 -21.47 8.14
C CYS AA 244 -89.41 -20.81 9.48
N GLU AA 245 -90.67 -20.78 9.88
CA GLU AA 245 -91.06 -20.22 11.16
C GLU AA 245 -91.02 -21.27 12.24
N TRP AA 246 -90.60 -20.86 13.44
CA TRP AA 246 -90.60 -21.76 14.58
C TRP AA 246 -92.01 -22.26 14.86
N ILE AA 247 -92.11 -23.48 15.36
CA ILE AA 247 -93.33 -23.97 15.97
C ILE AA 247 -93.06 -24.09 17.46
N ASN AA 248 -93.90 -23.47 18.26
CA ASN AA 248 -93.60 -23.24 19.66
C ASN AA 248 -94.32 -24.25 20.54
N ASN AA 249 -93.57 -24.96 21.35
CA ASN AA 249 -94.12 -25.79 22.41
C ASN AA 249 -93.99 -25.02 23.71
N GLU AA 250 -95.11 -24.52 24.20
CA GLU AA 250 -95.20 -23.56 25.30
C GLU AA 250 -96.67 -23.40 25.61
N ARG AA 251 -96.94 -22.90 26.80
CA ARG AA 251 -98.31 -22.81 27.30
C ARG AA 251 -98.47 -21.51 28.06
N ALA AA 252 -99.55 -20.80 27.75
CA ALA AA 252 -99.91 -19.61 28.51
C ALA AA 252 -100.84 -20.05 29.64
N TYR AA 253 -100.41 -19.82 30.87
CA TYR AA 253 -101.21 -20.20 32.01
C TYR AA 253 -102.37 -19.25 32.28
N ILE AA 254 -102.36 -18.08 31.65
CA ILE AA 254 -103.46 -17.13 31.77
C ILE AA 254 -103.73 -16.51 30.41
N PRO AA 255 -104.94 -16.00 30.19
CA PRO AA 255 -105.21 -15.22 29.00
C PRO AA 255 -104.32 -13.99 28.96
N PRO AA 256 -104.07 -13.43 27.78
CA PRO AA 256 -103.23 -12.22 27.74
C PRO AA 256 -103.88 -11.03 28.40
N GLY AA 257 -105.19 -10.97 28.45
CA GLY AA 257 -105.86 -9.89 29.12
C GLY AA 257 -105.93 -10.01 30.62
N LEU AA 258 -105.45 -11.12 31.17
CA LEU AA 258 -105.49 -11.38 32.59
C LEU AA 258 -104.20 -10.97 33.28
N MET AA 259 -103.29 -10.31 32.56
CA MET AA 259 -101.99 -9.93 33.11
C MET AA 259 -102.12 -8.56 33.75
N PHE AA 260 -102.05 -8.52 35.07
CA PHE AA 260 -102.06 -7.28 35.83
C PHE AA 260 -101.95 -7.64 37.30
N ASN AA 261 -101.58 -6.67 38.10
CA ASN AA 261 -101.54 -6.87 39.54
C ASN AA 261 -102.91 -6.51 40.10
N PRO AA 262 -103.71 -7.50 40.50
CA PRO AA 262 -105.07 -7.19 40.96
C PRO AA 262 -105.10 -6.49 42.29
N LEU AA 263 -104.00 -6.51 43.03
CA LEU AA 263 -103.96 -5.80 44.30
C LEU AA 263 -104.00 -4.30 44.10
N VAL AA 264 -103.28 -3.81 43.08
CA VAL AA 264 -103.14 -2.37 42.91
C VAL AA 264 -104.41 -1.78 42.33
N PRO AA 265 -104.94 -0.68 42.88
CA PRO AA 265 -106.10 -0.05 42.28
C PRO AA 265 -105.75 0.52 40.92
N THR AA 266 -106.79 0.79 40.13
CA THR AA 266 -106.60 1.30 38.78
C THR AA 266 -107.19 2.70 38.67
N ARG AA 267 -106.59 3.52 37.81
CA ARG AA 267 -107.18 4.79 37.47
C ARG AA 267 -107.89 4.69 36.13
N ARG AA 268 -109.20 4.58 36.19
CA ARG AA 268 -110.07 4.35 35.04
C ARG AA 268 -111.50 4.41 35.55
N ALA AA 269 -112.47 4.55 34.66
CA ALA AA 269 -113.84 4.66 35.10
C ALA AA 269 -114.76 3.99 34.09
N GLN AA 270 -115.92 3.58 34.58
CA GLN AA 270 -116.94 2.92 33.78
C GLN AA 270 -118.19 3.78 33.81
N TYR AA 271 -118.54 4.36 32.68
CA TYR AA 271 -119.86 4.95 32.51
C TYR AA 271 -120.76 3.85 31.98
N ILE AA 272 -121.94 3.74 32.53
CA ILE AA 272 -122.90 2.73 32.12
C ILE AA 272 -124.20 3.42 31.75
N ARG AA 273 -124.66 3.17 30.53
CA ARG AA 273 -125.85 3.85 30.02
C ARG AA 273 -127.08 3.48 30.85
N ARG AA 274 -128.08 4.36 30.82
CA ARG AA 274 -129.38 4.04 31.38
C ARG AA 274 -129.87 2.71 30.83
N ASN AA 275 -130.35 1.85 31.73
CA ASN AA 275 -130.58 0.45 31.35
C ASN AA 275 -131.85 0.30 30.53
N ASN AA 276 -132.82 1.20 30.71
CA ASN AA 276 -134.07 1.16 29.96
C ASN AA 276 -134.73 -0.21 30.08
N ASN AA 277 -135.27 -0.47 31.27
CA ASN AA 277 -135.69 -1.80 31.74
C ASN AA 277 -134.43 -2.60 32.01
N PRO AA 278 -134.45 -3.46 33.05
CA PRO AA 278 -135.41 -3.41 34.16
C PRO AA 278 -135.35 -2.13 35.00
N GLN AA 279 -134.15 -1.71 35.37
CA GLN AA 279 -133.96 -0.73 36.44
C GLN AA 279 -132.51 -0.25 36.41
N THR AA 280 -132.06 0.43 37.48
CA THR AA 280 -130.67 0.86 37.63
C THR AA 280 -130.25 1.90 36.62
N ALA AA 281 -130.66 3.14 36.84
CA ALA AA 281 -130.30 4.26 35.99
C ALA AA 281 -128.77 4.47 35.98
N GLU AA 282 -128.32 5.20 34.96
CA GLU AA 282 -126.91 5.29 34.63
C GLU AA 282 -126.08 5.78 35.81
N SER AA 283 -124.85 5.28 35.90
CA SER AA 283 -123.91 5.70 36.92
C SER AA 283 -122.49 5.50 36.41
N THR AA 284 -121.57 6.34 36.88
CA THR AA 284 -120.15 6.17 36.64
C THR AA 284 -119.46 5.70 37.91
N SER AA 285 -118.41 4.90 37.74
CA SER AA 285 -117.72 4.31 38.88
C SER AA 285 -116.31 3.95 38.48
N ARG AA 286 -115.45 3.80 39.49
CA ARG AA 286 -114.09 3.39 39.25
C ARG AA 286 -114.03 1.89 39.03
N ILE AA 287 -113.17 1.47 38.11
CA ILE AA 287 -113.00 0.06 37.83
C ILE AA 287 -112.34 -0.62 39.03
N ALA AA 288 -112.87 -1.78 39.40
CA ALA AA 288 -112.37 -2.50 40.56
C ALA AA 288 -110.90 -2.87 40.37
N PRO AA 289 -110.17 -3.02 41.47
CA PRO AA 289 -108.74 -3.36 41.33
C PRO AA 289 -108.52 -4.66 40.60
N TYR AA 290 -109.24 -5.70 40.98
CA TYR AA 290 -109.34 -6.89 40.15
C TYR AA 290 -110.12 -6.56 38.90
N ALA AA 291 -109.97 -7.40 37.87
CA ALA AA 291 -110.75 -7.27 36.65
C ALA AA 291 -110.53 -5.90 35.99
N LYS AA 292 -109.28 -5.57 35.79
CA LYS AA 292 -108.96 -4.36 35.06
C LYS AA 292 -109.19 -4.58 33.57
N PRO AA 293 -109.54 -3.54 32.83
CA PRO AA 293 -109.75 -3.69 31.39
C PRO AA 293 -108.44 -4.04 30.70
N THR AA 294 -108.57 -4.51 29.48
CA THR AA 294 -107.40 -4.94 28.73
C THR AA 294 -107.46 -4.47 27.29
N SER AA 295 -106.28 -4.41 26.69
CA SER AA 295 -106.10 -4.50 25.27
C SER AA 295 -106.12 -5.96 24.88
N TRP AA 296 -105.59 -6.26 23.70
CA TRP AA 296 -105.33 -7.65 23.37
C TRP AA 296 -106.60 -8.46 23.20
N MET AA 297 -107.24 -8.21 22.06
CA MET AA 297 -108.40 -8.88 21.52
C MET AA 297 -108.08 -10.35 21.24
N THR AA 298 -109.14 -11.16 21.18
CA THR AA 298 -108.99 -12.58 20.88
C THR AA 298 -108.68 -12.80 19.41
N GLY AA 299 -108.08 -13.95 19.12
CA GLY AA 299 -107.78 -14.33 17.77
C GLY AA 299 -109.02 -14.54 16.93
N PRO AA 300 -108.88 -14.45 15.62
CA PRO AA 300 -110.05 -14.52 14.75
C PRO AA 300 -110.54 -15.94 14.53
N GLY AA 301 -111.82 -16.05 14.21
CA GLY AA 301 -112.42 -17.32 13.86
C GLY AA 301 -113.70 -17.08 13.10
N LEU AA 302 -114.25 -18.13 12.52
CA LEU AA 302 -115.56 -18.09 11.90
C LEU AA 302 -116.40 -19.23 12.46
N LEU AA 303 -117.36 -18.90 13.32
CA LEU AA 303 -118.19 -19.90 13.98
C LEU AA 303 -119.62 -20.02 13.47
N SER AA 304 -120.06 -19.19 12.53
CA SER AA 304 -121.50 -19.13 12.28
C SER AA 304 -121.98 -20.27 11.38
N ALA AA 305 -121.17 -20.65 10.40
CA ALA AA 305 -121.57 -21.55 9.33
C ALA AA 305 -121.79 -22.97 9.84
N GLN AA 306 -122.47 -23.77 9.02
CA GLN AA 306 -122.65 -25.20 9.27
C GLN AA 306 -122.38 -25.95 7.98
N ARG AA 307 -121.74 -27.12 8.10
CA ARG AA 307 -121.47 -27.92 6.92
C ARG AA 307 -122.76 -28.27 6.20
N VAL AA 308 -122.71 -28.28 4.87
CA VAL AA 308 -123.89 -28.24 4.03
C VAL AA 308 -124.00 -29.52 3.21
N GLY AA 309 -125.02 -30.31 3.52
CA GLY AA 309 -125.45 -31.37 2.63
C GLY AA 309 -124.75 -32.69 2.86
N PRO AA 310 -124.90 -33.61 1.90
CA PRO AA 310 -124.39 -34.96 2.09
C PRO AA 310 -122.89 -35.03 1.92
N ALA AA 311 -122.30 -36.07 2.49
CA ALA AA 311 -120.88 -36.32 2.33
C ALA AA 311 -120.58 -36.68 0.88
N THR AA 312 -119.30 -36.54 0.50
CA THR AA 312 -118.74 -36.69 -0.83
C THR AA 312 -119.07 -35.48 -1.71
N SER AA 313 -119.90 -34.56 -1.22
CA SER AA 313 -120.23 -33.33 -1.94
C SER AA 313 -119.33 -32.16 -1.54
N ASP AA 314 -118.29 -32.41 -0.75
CA ASP AA 314 -117.42 -31.35 -0.22
C ASP AA 314 -118.19 -30.39 0.67
N THR AA 315 -118.53 -30.84 1.87
CA THR AA 315 -119.19 -29.96 2.82
C THR AA 315 -118.14 -29.29 3.69
N GLY AA 316 -117.91 -28.01 3.46
CA GLY AA 316 -116.89 -27.30 4.21
C GLY AA 316 -117.39 -26.32 5.24
N ALA AA 317 -118.67 -25.98 5.16
CA ALA AA 317 -119.37 -24.91 5.87
C ALA AA 317 -118.90 -23.53 5.41
N TRP AA 318 -117.76 -23.41 4.76
CA TRP AA 318 -117.32 -22.18 4.12
C TRP AA 318 -116.72 -22.57 2.79
N MET AA 319 -117.33 -22.12 1.70
CA MET AA 319 -116.82 -22.40 0.37
C MET AA 319 -116.23 -21.12 -0.19
N VAL AA 320 -114.99 -21.21 -0.68
CA VAL AA 320 -114.33 -20.02 -1.20
C VAL AA 320 -114.79 -19.73 -2.62
N ALA AA 321 -114.88 -20.76 -3.45
CA ALA AA 321 -115.30 -20.69 -4.84
C ALA AA 321 -114.61 -19.59 -5.66
N VAL AA 322 -115.29 -19.13 -6.71
CA VAL AA 322 -114.81 -18.06 -7.58
C VAL AA 322 -115.94 -17.13 -7.99
N LYS AA 323 -116.92 -17.67 -8.71
CA LYS AA 323 -118.01 -16.90 -9.30
C LYS AA 323 -117.53 -15.82 -10.28
N PRO AA 324 -117.01 -16.21 -11.45
CA PRO AA 324 -116.85 -15.23 -12.52
C PRO AA 324 -118.21 -14.68 -12.93
N GLU AA 325 -118.18 -13.52 -13.59
CA GLU AA 325 -119.38 -12.69 -13.67
C GLU AA 325 -120.49 -13.38 -14.45
N ASN AA 326 -120.15 -14.01 -15.58
CA ASN AA 326 -121.17 -14.75 -16.30
C ASN AA 326 -121.03 -16.25 -16.09
N ALA AA 327 -120.07 -16.86 -16.79
CA ALA AA 327 -119.79 -18.29 -16.78
C ALA AA 327 -121.11 -19.05 -16.97
N SER AA 328 -121.22 -20.19 -16.29
CA SER AA 328 -122.48 -20.85 -16.02
C SER AA 328 -122.22 -21.82 -14.89
N ILE AA 329 -123.26 -22.17 -14.15
CA ILE AA 329 -123.08 -22.99 -12.97
C ILE AA 329 -124.25 -23.96 -12.86
N ASP AA 330 -123.92 -25.20 -12.53
CA ASP AA 330 -124.89 -26.26 -12.27
C ASP AA 330 -125.44 -26.06 -10.86
N THR AA 331 -126.12 -27.06 -10.31
CA THR AA 331 -126.42 -27.04 -8.90
C THR AA 331 -125.15 -26.76 -8.11
N GLY AA 332 -125.23 -25.86 -7.14
CA GLY AA 332 -124.05 -25.36 -6.49
C GLY AA 332 -123.75 -23.90 -6.81
N MET AA 333 -122.88 -23.20 -6.05
CA MET AA 333 -122.15 -23.62 -4.83
C MET AA 333 -121.49 -25.00 -4.92
N SER AA 334 -121.82 -25.91 -4.01
CA SER AA 334 -121.39 -27.30 -4.05
C SER AA 334 -119.84 -27.43 -4.13
N GLY AA 335 -119.14 -27.92 -5.18
CA GLY AA 335 -119.48 -27.97 -6.59
C GLY AA 335 -118.68 -26.94 -7.37
N ILE AA 336 -118.26 -25.88 -6.66
CA ILE AA 336 -117.21 -24.98 -7.12
C ILE AA 336 -116.44 -24.56 -5.88
N GLY AA 337 -115.15 -24.34 -6.06
CA GLY AA 337 -114.30 -23.93 -4.96
C GLY AA 337 -114.15 -25.00 -3.90
N SER AA 338 -113.53 -24.59 -2.79
CA SER AA 338 -113.05 -25.52 -1.78
C SER AA 338 -113.65 -25.17 -0.44
N GLY AA 339 -113.86 -26.20 0.38
CA GLY AA 339 -114.29 -25.96 1.75
C GLY AA 339 -113.14 -25.46 2.60
N PHE AA 340 -113.42 -24.48 3.46
CA PHE AA 340 -112.43 -23.93 4.37
C PHE AA 340 -112.55 -24.63 5.71
N ASP AA 341 -111.46 -25.25 6.14
CA ASP AA 341 -111.49 -26.12 7.30
C ASP AA 341 -110.17 -26.05 8.07
N PRO AA 342 -110.22 -26.07 9.41
CA PRO AA 342 -111.32 -25.69 10.30
C PRO AA 342 -111.47 -24.19 10.50
N PRO AA 343 -112.67 -23.65 10.31
CA PRO AA 343 -113.05 -22.46 11.07
C PRO AA 343 -113.72 -22.83 12.40
N GLN AA 344 -113.50 -22.18 13.56
CA GLN AA 344 -112.23 -21.66 14.06
C GLN AA 344 -111.51 -20.67 13.10
N GLY AA 345 -110.18 -20.57 12.98
CA GLY AA 345 -109.13 -21.04 13.88
C GLY AA 345 -109.20 -20.41 15.25
N SER AA 346 -108.42 -20.94 16.18
CA SER AA 346 -108.47 -20.54 17.58
C SER AA 346 -109.91 -20.60 18.08
N LEU AA 347 -110.31 -19.61 18.86
CA LEU AA 347 -111.72 -19.29 19.09
C LEU AA 347 -112.54 -20.54 19.38
N ALA AA 348 -112.43 -21.08 20.59
CA ALA AA 348 -112.79 -22.47 20.87
C ALA AA 348 -114.15 -22.83 20.27
N PRO AA 349 -114.24 -23.96 19.57
CA PRO AA 349 -115.43 -24.26 18.77
C PRO AA 349 -116.63 -24.63 19.61
N THR AA 350 -117.79 -24.60 18.96
CA THR AA 350 -119.05 -24.97 19.59
C THR AA 350 -119.20 -26.48 19.67
N ASN AA 351 -119.34 -27.14 18.54
CA ASN AA 351 -119.50 -28.59 18.57
C ASN AA 351 -118.40 -29.28 17.77
N LEU AA 352 -118.53 -30.60 17.68
CA LEU AA 352 -117.56 -31.46 17.02
C LEU AA 352 -117.30 -31.05 15.59
N GLU AA 353 -118.29 -30.39 14.97
CA GLU AA 353 -118.23 -30.11 13.54
C GLU AA 353 -117.02 -29.26 13.17
N TYR AA 354 -116.51 -28.46 14.11
CA TYR AA 354 -115.36 -27.61 13.87
C TYR AA 354 -114.06 -28.18 14.42
N LYS AA 355 -114.09 -29.36 15.02
CA LYS AA 355 -113.05 -29.80 15.94
C LYS AA 355 -111.92 -30.53 15.22
N ILE AA 356 -111.90 -30.47 13.89
CA ILE AA 356 -111.10 -31.29 12.99
C ILE AA 356 -111.45 -32.74 13.27
N GLN AA 357 -110.57 -33.67 12.88
CA GLN AA 357 -110.71 -35.10 13.07
C GLN AA 357 -109.70 -35.75 12.14
N TRP AA 358 -109.30 -37.00 12.36
CA TRP AA 358 -108.68 -37.79 11.30
C TRP AA 358 -108.69 -39.24 11.69
N TYR AA 359 -108.52 -40.11 10.69
CA TYR AA 359 -108.67 -41.54 10.96
C TYR AA 359 -107.35 -42.23 11.25
N GLN AA 360 -106.23 -41.56 11.01
CA GLN AA 360 -104.87 -42.11 11.23
C GLN AA 360 -104.74 -43.54 10.72
N THR AA 361 -105.44 -43.87 9.64
CA THR AA 361 -105.50 -45.22 9.10
C THR AA 361 -106.35 -45.20 7.84
N PRO AA 362 -105.89 -45.84 6.76
CA PRO AA 362 -106.75 -45.93 5.58
C PRO AA 362 -107.92 -46.87 5.76
N GLN AA 363 -107.78 -47.87 6.63
CA GLN AA 363 -108.88 -48.81 6.87
C GLN AA 363 -109.98 -48.18 7.71
N GLY AA 364 -109.78 -46.97 8.20
CA GLY AA 364 -110.74 -46.35 9.08
C GLY AA 364 -112.12 -46.13 8.46
N THR AA 365 -113.13 -46.69 9.10
CA THR AA 365 -114.52 -46.52 8.66
C THR AA 365 -115.06 -45.23 9.27
N ASN AA 366 -116.37 -45.01 9.19
CA ASN AA 366 -116.94 -43.76 9.66
C ASN AA 366 -116.55 -43.47 11.10
N ASN AA 367 -116.89 -44.35 12.03
CA ASN AA 367 -116.34 -44.30 13.37
C ASN AA 367 -115.49 -45.53 13.60
N ASN AA 368 -114.17 -45.33 13.55
CA ASN AA 368 -113.09 -46.28 13.76
C ASN AA 368 -111.84 -45.48 13.49
N GLY AA 369 -110.70 -45.86 14.04
CA GLY AA 369 -109.62 -44.91 13.99
C GLY AA 369 -110.16 -43.64 14.62
N ASN AA 370 -110.21 -42.58 13.82
CA ASN AA 370 -111.13 -41.47 14.09
C ASN AA 370 -110.77 -40.72 15.37
N ILE AA 371 -109.50 -40.38 15.53
CA ILE AA 371 -109.11 -39.61 16.70
C ILE AA 371 -109.46 -38.15 16.45
N ILE AA 372 -110.01 -37.51 17.44
CA ILE AA 372 -110.58 -36.17 17.30
C ILE AA 372 -109.73 -35.20 18.09
N SER AA 373 -109.50 -34.02 17.52
CA SER AA 373 -108.70 -33.01 18.20
C SER AA 373 -109.40 -32.56 19.47
N ASN AA 374 -108.61 -32.01 20.40
CA ASN AA 374 -109.11 -31.67 21.72
C ASN AA 374 -108.45 -30.35 22.15
N GLN AA 375 -108.94 -29.78 23.23
CA GLN AA 375 -108.38 -28.51 23.69
C GLN AA 375 -107.06 -28.75 24.41
N PRO AA 376 -106.03 -27.96 24.11
CA PRO AA 376 -104.73 -28.13 24.79
C PRO AA 376 -104.78 -27.76 26.26
N LEU AA 377 -105.83 -27.05 26.68
CA LEU AA 377 -105.98 -26.43 27.99
C LEU AA 377 -105.04 -25.24 28.14
N SER AA 378 -104.21 -24.96 27.13
CA SER AA 378 -103.53 -23.68 27.05
C SER AA 378 -104.55 -22.57 26.99
N MET AA 379 -104.20 -21.42 27.57
CA MET AA 379 -105.18 -20.35 27.74
C MET AA 379 -105.19 -19.36 26.59
N LEU AA 380 -104.43 -19.58 25.53
CA LEU AA 380 -104.33 -18.52 24.53
C LEU AA 380 -105.49 -18.29 23.57
N ARG AA 381 -105.88 -19.10 22.58
CA ARG AA 381 -105.98 -20.57 22.35
C ARG AA 381 -107.36 -21.12 22.75
N ASP AA 382 -108.18 -20.31 23.42
CA ASP AA 382 -109.57 -20.71 23.62
C ASP AA 382 -110.49 -19.63 23.08
N GLN AA 383 -110.44 -18.43 23.68
CA GLN AA 383 -110.82 -17.20 23.01
C GLN AA 383 -112.27 -17.21 22.53
N ALA AA 384 -113.17 -17.07 23.49
CA ALA AA 384 -114.52 -16.66 23.11
C ALA AA 384 -114.54 -15.16 22.82
N LEU AA 385 -115.72 -14.66 22.46
CA LEU AA 385 -115.97 -13.23 22.44
C LEU AA 385 -117.47 -13.04 22.60
N PHE AA 386 -117.86 -11.96 23.27
CA PHE AA 386 -119.19 -11.86 23.84
C PHE AA 386 -120.00 -10.67 23.35
N ARG AA 387 -119.49 -9.45 23.47
CA ARG AA 387 -120.25 -8.27 23.04
C ARG AA 387 -121.56 -8.23 23.84
N GLY AA 388 -122.64 -7.70 23.26
CA GLY AA 388 -123.96 -7.72 23.86
C GLY AA 388 -124.04 -7.11 25.24
N ASN AA 389 -125.21 -7.25 25.85
CA ASN AA 389 -126.48 -7.04 25.18
C ASN AA 389 -126.97 -5.70 25.70
N GLN AA 390 -126.17 -5.14 26.61
CA GLN AA 390 -126.49 -4.18 27.68
C GLN AA 390 -127.05 -4.91 28.89
N THR AA 391 -127.41 -6.19 28.75
CA THR AA 391 -127.95 -7.00 29.82
C THR AA 391 -127.16 -8.30 29.96
N THR AA 392 -127.07 -9.07 28.88
CA THR AA 392 -126.38 -10.35 28.87
C THR AA 392 -125.27 -10.31 27.83
N TYR AA 393 -124.24 -11.13 28.01
CA TYR AA 393 -123.25 -11.35 26.97
C TYR AA 393 -123.70 -12.48 26.07
N ASN AA 394 -123.47 -12.34 24.77
CA ASN AA 394 -123.90 -13.33 23.79
C ASN AA 394 -122.76 -13.67 22.85
N LEU AA 395 -122.29 -14.91 22.91
CA LEU AA 395 -121.17 -15.34 22.06
C LEU AA 395 -121.42 -14.97 20.61
N CYS AA 396 -120.44 -14.33 19.99
CA CYS AA 396 -120.62 -13.73 18.68
C CYS AA 396 -119.90 -14.55 17.62
N SER AA 397 -120.59 -14.79 16.50
CA SER AA 397 -120.02 -15.38 15.31
C SER AA 397 -119.03 -14.42 14.67
N ASP AA 398 -118.24 -14.95 13.73
CA ASP AA 398 -117.16 -14.22 13.08
C ASP AA 398 -116.08 -13.88 14.08
N VAL AA 399 -115.80 -12.60 14.32
CA VAL AA 399 -114.51 -12.12 14.84
C VAL AA 399 -113.42 -12.25 13.78
N TRP AA 400 -113.42 -11.30 12.84
CA TRP AA 400 -112.39 -11.13 11.84
C TRP AA 400 -111.13 -10.55 12.45
N MET AA 401 -110.16 -10.21 11.60
CA MET AA 401 -108.90 -9.64 12.11
C MET AA 401 -109.13 -8.27 12.72
N PHE AA 402 -108.37 -7.98 13.76
CA PHE AA 402 -108.49 -6.77 14.55
C PHE AA 402 -107.10 -6.44 15.08
N PRO AA 403 -106.79 -5.14 15.28
CA PRO AA 403 -105.39 -4.75 15.53
C PRO AA 403 -104.70 -5.44 16.71
N ASN AA 404 -105.36 -5.59 17.84
CA ASN AA 404 -104.68 -6.06 19.03
C ASN AA 404 -104.76 -7.56 19.22
N GLN AA 405 -105.24 -8.29 18.23
CA GLN AA 405 -105.52 -9.70 18.45
C GLN AA 405 -104.27 -10.51 18.75
N ILE AA 406 -104.43 -11.47 19.66
CA ILE AA 406 -103.47 -12.54 19.86
C ILE AA 406 -104.19 -13.87 19.82
N TRP AA 407 -103.63 -14.81 19.06
CA TRP AA 407 -104.08 -16.18 19.11
C TRP AA 407 -102.84 -17.04 19.15
N ASP AA 408 -103.03 -18.31 19.46
CA ASP AA 408 -101.94 -19.25 19.49
C ASP AA 408 -102.11 -20.22 18.34
N ARG AA 409 -101.03 -20.46 17.61
CA ARG AA 409 -101.10 -21.35 16.48
C ARG AA 409 -101.53 -22.73 16.95
N TYR AA 410 -102.17 -23.48 16.05
CA TYR AA 410 -102.72 -24.77 16.41
C TYR AA 410 -101.65 -25.64 17.08
N PRO AA 411 -101.98 -26.31 18.18
CA PRO AA 411 -100.95 -27.00 18.97
C PRO AA 411 -100.27 -28.14 18.26
N ILE AA 412 -100.81 -28.55 17.11
CA ILE AA 412 -100.45 -29.72 16.32
C ILE AA 412 -100.33 -30.95 17.20
N THR AA 413 -99.49 -31.90 16.78
CA THR AA 413 -99.35 -33.23 17.38
C THR AA 413 -98.42 -34.03 16.50
N ARG AA 414 -98.12 -35.27 16.88
CA ARG AA 414 -97.21 -36.08 16.08
C ARG AA 414 -97.78 -36.45 14.73
N GLU AA 415 -99.10 -36.42 14.56
CA GLU AA 415 -99.75 -36.88 13.34
C GLU AA 415 -99.85 -35.81 12.26
N ASN AA 416 -99.35 -34.64 12.49
CA ASN AA 416 -99.66 -33.52 11.62
C ASN AA 416 -98.67 -33.40 10.49
N PRO AA 417 -99.06 -32.75 9.40
CA PRO AA 417 -98.09 -32.36 8.39
C PRO AA 417 -97.15 -31.29 8.91
N ILE AA 418 -95.88 -31.40 8.51
CA ILE AA 418 -94.89 -30.43 8.97
C ILE AA 418 -95.13 -29.09 8.32
N TRP AA 419 -95.26 -29.05 7.00
CA TRP AA 419 -95.31 -27.81 6.25
C TRP AA 419 -96.48 -27.84 5.28
N CYS AA 420 -96.76 -26.66 4.73
CA CYS AA 420 -97.70 -26.46 3.66
C CYS AA 420 -97.14 -25.35 2.77
N LYS AA 421 -97.37 -25.45 1.47
CA LYS AA 421 -96.82 -24.45 0.57
C LYS AA 421 -97.71 -23.22 0.55
N LYS AA 422 -97.10 -22.05 0.76
CA LYS AA 422 -97.82 -20.79 0.65
C LYS AA 422 -97.89 -20.41 -0.82
N PRO AA 423 -99.08 -20.38 -1.41
CA PRO AA 423 -99.19 -20.09 -2.84
C PRO AA 423 -98.75 -18.68 -3.18
N ARG AA 424 -98.07 -18.57 -4.32
CA ARG AA 424 -97.55 -17.29 -4.78
C ARG AA 424 -98.69 -16.37 -5.19
N SER AA 425 -98.74 -15.19 -4.58
CA SER AA 425 -99.78 -14.22 -4.91
C SER AA 425 -99.26 -12.84 -4.54
N ASP AA 426 -99.91 -11.82 -5.10
CA ASP AA 426 -99.49 -10.46 -4.85
C ASP AA 426 -99.61 -10.12 -3.37
N LYS AA 427 -100.81 -10.27 -2.81
CA LYS AA 427 -101.09 -9.82 -1.47
C LYS AA 427 -101.56 -10.98 -0.61
N HIS AA 428 -101.27 -10.91 0.68
CA HIS AA 428 -101.77 -11.88 1.63
C HIS AA 428 -101.72 -11.29 3.03
N THR AA 429 -102.48 -11.91 3.92
CA THR AA 429 -102.52 -11.55 5.34
C THR AA 429 -101.51 -12.38 6.14
N THR AA 430 -101.70 -12.44 7.46
CA THR AA 430 -100.66 -12.92 8.37
C THR AA 430 -100.11 -14.29 7.98
N ILE AA 431 -100.90 -15.12 7.31
CA ILE AA 431 -100.52 -16.49 6.94
C ILE AA 431 -100.27 -17.33 8.19
N ASP AA 432 -101.33 -17.66 8.93
CA ASP AA 432 -101.23 -18.71 9.92
C ASP AA 432 -102.18 -19.83 9.53
N PRO AA 433 -101.69 -20.96 9.03
CA PRO AA 433 -102.61 -22.05 8.67
C PRO AA 433 -103.27 -22.64 9.90
N PHE AA 434 -104.56 -22.93 9.78
CA PHE AA 434 -105.32 -23.47 10.90
C PHE AA 434 -105.20 -24.97 11.02
N ASP AA 435 -104.44 -25.60 10.14
CA ASP AA 435 -104.09 -27.00 10.26
C ASP AA 435 -102.86 -27.19 11.12
N GLY AA 436 -102.40 -26.12 11.76
CA GLY AA 436 -101.05 -26.11 12.29
C GLY AA 436 -100.10 -26.06 11.11
N SER AA 437 -99.22 -27.04 11.03
CA SER AA 437 -98.24 -27.13 9.95
C SER AA 437 -97.47 -25.83 9.82
N LEU AA 438 -97.13 -25.45 8.59
CA LEU AA 438 -96.28 -24.31 8.35
C LEU AA 438 -96.54 -23.82 6.93
N ALA AA 439 -96.13 -22.60 6.66
CA ALA AA 439 -96.19 -22.05 5.32
C ALA AA 439 -94.79 -21.64 4.90
N MET AA 440 -94.42 -22.01 3.67
CA MET AA 440 -93.12 -21.63 3.15
C MET AA 440 -93.28 -21.21 1.69
N ASP AA 441 -92.50 -20.21 1.29
CA ASP AA 441 -92.42 -19.86 -0.12
C ASP AA 441 -92.05 -21.08 -0.94
N HIS AA 442 -90.89 -21.66 -0.63
CA HIS AA 442 -90.46 -22.90 -1.25
C HIS AA 442 -90.36 -23.97 -0.18
N PRO AA 443 -91.30 -24.90 -0.11
CA PRO AA 443 -91.16 -26.03 0.78
C PRO AA 443 -90.15 -27.01 0.19
N PRO AA 444 -89.94 -28.15 0.82
CA PRO AA 444 -89.13 -29.19 0.16
C PRO AA 444 -89.72 -29.52 -1.20
N GLY AA 445 -88.87 -29.48 -2.21
CA GLY AA 445 -89.33 -29.82 -3.55
C GLY AA 445 -89.73 -31.27 -3.62
N THR AA 446 -90.91 -31.53 -4.16
CA THR AA 446 -91.38 -32.89 -4.29
C THR AA 446 -90.46 -33.67 -5.22
N ILE AA 447 -90.04 -34.84 -4.78
CA ILE AA 447 -89.21 -35.72 -5.60
C ILE AA 447 -90.11 -36.66 -6.36
N PHE AA 448 -90.03 -36.61 -7.68
CA PHE AA 448 -90.86 -37.43 -8.54
C PHE AA 448 -90.01 -38.56 -9.10
N ILE AA 449 -90.66 -39.69 -9.36
CA ILE AA 449 -89.96 -40.88 -9.82
C ILE AA 449 -90.89 -41.69 -10.70
N LYS AA 450 -90.34 -42.28 -11.75
CA LYS AA 450 -91.10 -42.97 -12.77
C LYS AA 450 -90.29 -44.16 -13.24
N MET AA 451 -90.93 -45.08 -13.94
CA MET AA 451 -90.34 -46.36 -14.28
C MET AA 451 -89.69 -46.43 -15.65
N ALA AA 452 -89.57 -45.33 -16.38
CA ALA AA 452 -88.79 -45.36 -17.61
C ALA AA 452 -89.34 -46.36 -18.62
N LYS AA 453 -90.40 -45.98 -19.33
CA LYS AA 453 -91.11 -46.89 -20.22
C LYS AA 453 -90.15 -47.65 -21.11
N ILE AA 454 -90.27 -48.97 -21.11
CA ILE AA 454 -89.49 -49.82 -22.00
C ILE AA 454 -90.49 -50.44 -22.98
N PRO AA 455 -90.52 -49.99 -24.22
CA PRO AA 455 -91.53 -50.47 -25.15
C PRO AA 455 -91.13 -51.84 -25.70
N VAL AA 456 -92.05 -52.40 -26.48
CA VAL AA 456 -91.83 -53.72 -27.07
C VAL AA 456 -92.38 -53.67 -28.49
N PRO AA 457 -91.77 -54.34 -29.45
CA PRO AA 457 -92.18 -54.20 -30.83
C PRO AA 457 -93.51 -54.91 -31.11
N SER AA 458 -94.27 -54.34 -32.04
CA SER AA 458 -95.52 -54.95 -32.47
C SER AA 458 -95.80 -54.52 -33.90
N ASN AA 459 -96.87 -55.07 -34.47
CA ASN AA 459 -97.23 -54.80 -35.86
C ASN AA 459 -98.04 -53.51 -36.00
N ASN AA 460 -98.98 -53.28 -35.10
CA ASN AA 460 -99.99 -52.24 -35.23
C ASN AA 460 -99.50 -50.83 -35.64
N ASN AA 461 -98.46 -50.27 -35.00
CA ASN AA 461 -97.72 -50.88 -33.91
C ASN AA 461 -98.13 -50.27 -32.58
N ALA AA 462 -97.51 -50.77 -31.52
CA ALA AA 462 -97.76 -50.32 -30.15
C ALA AA 462 -99.26 -50.43 -29.81
N ASP AA 463 -99.83 -49.65 -28.87
CA ASP AA 463 -99.16 -49.21 -27.65
C ASP AA 463 -98.93 -50.41 -26.75
N SER AA 464 -97.66 -50.64 -26.43
CA SER AA 464 -97.28 -51.77 -25.60
C SER AA 464 -95.97 -51.44 -24.93
N TYR AA 465 -95.76 -52.04 -23.77
CA TYR AA 465 -94.60 -51.72 -22.96
C TYR AA 465 -94.30 -52.90 -22.06
N LEU AA 466 -93.10 -52.89 -21.50
CA LEU AA 466 -92.65 -53.98 -20.66
C LEU AA 466 -93.01 -53.68 -19.22
N ASN AA 467 -93.49 -54.69 -18.50
CA ASN AA 467 -94.07 -54.51 -17.17
C ASN AA 467 -92.97 -54.70 -16.13
N ILE AA 468 -92.61 -53.63 -15.44
CA ILE AA 468 -91.52 -53.64 -14.46
C ILE AA 468 -91.94 -52.82 -13.25
N TYR AA 469 -91.14 -52.92 -12.19
CA TYR AA 469 -91.31 -52.04 -11.04
C TYR AA 469 -89.95 -51.84 -10.40
N CYS AA 470 -89.83 -50.77 -9.63
CA CYS AA 470 -88.59 -50.42 -8.98
C CYS AA 470 -88.74 -50.59 -7.49
N THR AA 471 -87.62 -50.81 -6.82
CA THR AA 471 -87.61 -50.97 -5.39
C THR AA 471 -86.29 -50.42 -4.88
N GLY AA 472 -86.33 -49.75 -3.75
CA GLY AA 472 -85.11 -49.13 -3.27
C GLY AA 472 -85.31 -48.51 -1.92
N GLN AA 473 -84.35 -47.68 -1.53
CA GLN AA 473 -84.31 -47.15 -0.19
C GLN AA 473 -84.13 -45.65 -0.21
N VAL AA 474 -85.07 -44.94 0.39
CA VAL AA 474 -84.96 -43.50 0.60
C VAL AA 474 -84.46 -43.29 2.03
N SER AA 475 -83.53 -42.38 2.20
CA SER AA 475 -83.11 -41.98 3.53
C SER AA 475 -83.35 -40.49 3.64
N CYS AA 476 -84.31 -40.10 4.47
CA CYS AA 476 -84.60 -38.69 4.70
C CYS AA 476 -83.98 -38.30 6.03
N GLU AA 477 -82.92 -37.52 5.98
CA GLU AA 477 -82.19 -37.08 7.16
C GLU AA 477 -82.36 -35.58 7.28
N ILE AA 478 -83.10 -35.12 8.28
CA ILE AA 478 -83.43 -33.71 8.41
C ILE AA 478 -82.92 -33.20 9.74
N VAL AA 479 -82.44 -31.97 9.73
CA VAL AA 479 -81.89 -31.32 10.91
C VAL AA 479 -82.90 -30.31 11.42
N TRP AA 480 -83.05 -30.24 12.73
CA TRP AA 480 -84.08 -29.42 13.36
C TRP AA 480 -83.38 -28.38 14.22
N GLU AA 481 -83.55 -27.11 13.89
CA GLU AA 481 -83.19 -26.07 14.86
C GLU AA 481 -84.09 -26.22 16.06
N VAL AA 482 -83.50 -26.30 17.24
CA VAL AA 482 -84.23 -26.63 18.44
C VAL AA 482 -83.72 -25.74 19.58
N GLU AA 483 -84.63 -25.35 20.47
CA GLU AA 483 -84.29 -24.47 21.57
C GLU AA 483 -84.84 -25.05 22.87
N ARG AA 484 -84.02 -25.03 23.92
CA ARG AA 484 -84.33 -25.72 25.15
C ARG AA 484 -84.83 -24.73 26.20
N TYR AA 485 -85.75 -25.18 27.05
CA TYR AA 485 -86.50 -24.26 27.89
C TYR AA 485 -85.88 -24.14 29.27
N ALA AA 486 -85.94 -22.92 29.81
CA ALA AA 486 -85.63 -22.66 31.20
C ALA AA 486 -86.71 -21.74 31.74
N THR AA 487 -87.10 -21.96 32.99
CA THR AA 487 -88.19 -21.16 33.54
C THR AA 487 -88.01 -21.01 35.04
N LYS AA 488 -88.65 -19.99 35.59
CA LYS AA 488 -88.58 -19.71 37.01
C LYS AA 488 -89.75 -20.29 37.79
N ASN AA 489 -90.62 -21.03 37.13
CA ASN AA 489 -91.73 -21.64 37.84
C ASN AA 489 -91.21 -22.57 38.92
N TRP AA 490 -91.88 -22.55 40.07
CA TRP AA 490 -91.51 -23.42 41.17
C TRP AA 490 -92.08 -24.82 40.99
N ARG AA 491 -93.19 -24.95 40.35
CA ARG AA 491 -94.00 -26.16 40.34
C ARG AA 491 -93.62 -27.11 39.22
N PRO AA 492 -94.03 -28.37 39.32
CA PRO AA 492 -93.53 -29.41 38.41
C PRO AA 492 -93.89 -29.25 36.92
N GLU AA 493 -94.83 -28.39 36.56
CA GLU AA 493 -95.33 -28.26 35.16
C GLU AA 493 -95.90 -29.62 34.73
N ARG AA 494 -95.73 -30.00 33.47
CA ARG AA 494 -96.45 -31.14 32.91
C ARG AA 494 -95.59 -31.76 31.82
N ARG AA 495 -95.72 -33.07 31.67
CA ARG AA 495 -94.97 -33.80 30.65
C ARG AA 495 -95.92 -34.77 29.98
N HIS AA 496 -95.39 -35.58 29.07
CA HIS AA 496 -96.16 -36.62 28.42
C HIS AA 496 -95.71 -37.97 28.95
N THR AA 497 -96.52 -38.56 29.81
CA THR AA 497 -96.34 -39.92 30.27
C THR AA 497 -96.94 -40.90 29.27
N THR AA 498 -96.46 -42.14 29.34
CA THR AA 498 -97.20 -43.24 28.76
C THR AA 498 -98.55 -43.44 29.44
N PHE AA 499 -98.75 -42.87 30.63
CA PHE AA 499 -100.02 -43.11 31.29
C PHE AA 499 -101.19 -42.46 30.57
N GLY AA 500 -100.94 -41.45 29.75
CA GLY AA 500 -101.98 -41.00 28.85
C GLY AA 500 -102.35 -42.06 27.84
N LEU AA 501 -101.42 -42.95 27.53
CA LEU AA 501 -101.62 -44.02 26.58
C LEU AA 501 -102.50 -45.11 27.20
N GLY AA 502 -103.05 -45.97 26.34
CA GLY AA 502 -103.92 -47.03 26.81
C GLY AA 502 -103.75 -48.27 25.98
N ILE AA 503 -104.25 -49.38 26.52
CA ILE AA 503 -103.99 -50.72 26.01
C ILE AA 503 -104.94 -51.01 24.85
N GLY AA 504 -104.48 -51.78 23.87
CA GLY AA 504 -105.34 -52.08 22.74
C GLY AA 504 -104.77 -53.17 21.84
N GLY AA 505 -105.60 -53.58 20.89
CA GLY AA 505 -105.27 -54.51 19.82
C GLY AA 505 -105.52 -55.96 20.20
N ALA AA 506 -105.96 -56.74 19.22
CA ALA AA 506 -106.22 -58.18 19.35
C ALA AA 506 -106.95 -58.52 20.65
N ASP AA 507 -106.47 -59.57 21.33
CA ASP AA 507 -106.66 -59.65 22.76
C ASP AA 507 -105.91 -58.48 23.39
N ASN AA 508 -106.53 -57.82 24.36
CA ASN AA 508 -106.21 -56.43 24.66
C ASN AA 508 -104.71 -56.18 24.80
N LEU AA 509 -103.92 -57.22 25.04
CA LEU AA 509 -102.50 -57.11 25.32
C LEU AA 509 -101.78 -56.26 24.28
N ASN AA 510 -100.69 -55.63 24.76
CA ASN AA 510 -99.80 -54.62 24.18
C ASN AA 510 -100.46 -53.26 24.36
N PRO AA 511 -99.71 -52.23 24.70
CA PRO AA 511 -100.39 -50.98 25.08
C PRO AA 511 -100.90 -50.12 23.94
N THR AA 512 -100.01 -49.42 23.25
CA THR AA 512 -100.46 -48.47 22.24
C THR AA 512 -99.52 -48.40 21.04
N TYR AA 513 -98.32 -47.88 21.22
CA TYR AA 513 -97.37 -47.90 20.13
C TYR AA 513 -96.56 -49.17 20.27
N HIS AA 514 -96.93 -50.17 19.48
CA HIS AA 514 -96.44 -51.52 19.70
C HIS AA 514 -97.12 -52.45 18.72
N VAL AA 515 -96.53 -53.62 18.54
CA VAL AA 515 -97.04 -54.59 17.58
C VAL AA 515 -98.14 -55.46 18.20
N ASP AA 516 -99.00 -55.98 17.34
CA ASP AA 516 -100.03 -56.95 17.68
C ASP AA 516 -99.45 -58.37 17.55
N LYS AA 517 -100.28 -59.40 17.54
CA LYS AA 517 -99.73 -60.76 17.62
C LYS AA 517 -99.45 -61.74 16.43
N ASN AA 518 -99.89 -61.63 15.16
CA ASN AA 518 -100.88 -60.77 14.49
C ASN AA 518 -100.30 -59.45 14.06
N GLY AA 519 -98.99 -59.26 14.27
CA GLY AA 519 -98.47 -57.94 14.51
C GLY AA 519 -98.91 -56.89 13.54
N THR AA 520 -99.64 -55.94 14.12
CA THR AA 520 -100.14 -54.75 13.46
C THR AA 520 -99.97 -53.63 14.48
N TYR AA 521 -99.25 -52.60 14.09
CA TYR AA 521 -98.94 -51.50 14.98
C TYR AA 521 -100.22 -50.91 15.54
N ILE AA 522 -100.35 -50.89 16.86
CA ILE AA 522 -101.60 -50.43 17.46
C ILE AA 522 -101.70 -48.93 17.32
N GLN AA 523 -102.79 -48.48 16.90
CA GLN AA 523 -102.82 -47.04 16.69
C GLN AA 523 -103.28 -46.34 17.96
N PRO AA 524 -102.75 -45.14 18.19
CA PRO AA 524 -103.20 -44.33 19.33
C PRO AA 524 -104.65 -43.90 19.15
N THR AA 525 -105.44 -44.06 20.20
CA THR AA 525 -106.87 -43.78 20.16
C THR AA 525 -107.16 -42.52 20.95
N THR AA 526 -107.87 -41.60 20.30
CA THR AA 526 -108.10 -40.17 20.56
C THR AA 526 -106.83 -39.32 20.65
N TRP AA 527 -106.95 -38.16 21.31
CA TRP AA 527 -106.04 -37.05 21.01
C TRP AA 527 -104.81 -37.07 21.89
N ASP AA 528 -104.98 -37.33 23.19
CA ASP AA 528 -103.86 -37.25 24.12
C ASP AA 528 -102.79 -38.29 23.85
N MET AA 529 -103.17 -39.44 23.29
CA MET AA 529 -102.22 -40.48 22.92
C MET AA 529 -101.07 -39.88 22.13
N CYS AA 530 -101.36 -39.44 20.90
CA CYS AA 530 -100.45 -38.56 20.18
C CYS AA 530 -100.15 -37.37 21.08
N PHE AA 531 -98.88 -37.08 21.29
CA PHE AA 531 -98.55 -36.13 22.33
C PHE AA 531 -98.37 -34.75 21.73
N PRO AA 532 -99.33 -33.84 21.92
CA PRO AA 532 -99.27 -32.56 21.22
C PRO AA 532 -98.28 -31.64 21.90
N VAL AA 533 -97.58 -30.84 21.10
CA VAL AA 533 -96.84 -29.74 21.69
C VAL AA 533 -97.85 -28.69 22.12
N LYS AA 534 -97.39 -27.76 22.96
CA LYS AA 534 -98.10 -26.57 23.42
C LYS AA 534 -98.98 -26.90 24.62
N THR AA 535 -99.07 -28.17 25.02
CA THR AA 535 -99.75 -28.54 26.24
C THR AA 535 -98.79 -28.62 27.43
N ASN AA 536 -97.51 -28.34 27.23
CA ASN AA 536 -96.52 -28.51 28.27
C ASN AA 536 -95.75 -27.22 28.48
N ILE AA 537 -94.76 -27.32 29.37
CA ILE AA 537 -93.94 -26.22 29.84
C ILE AA 537 -94.86 -25.11 30.35
N ASN AA 538 -94.42 -23.87 30.23
CA ASN AA 538 -95.22 -22.67 30.51
C ASN AA 538 -94.49 -21.50 29.88
N LYS AA 539 -95.19 -20.40 29.69
CA LYS AA 539 -94.54 -19.16 29.32
C LYS AA 539 -95.23 -18.01 30.04
N VAL AA 540 -94.43 -17.14 30.65
CA VAL AA 540 -94.96 -15.85 31.06
C VAL AA 540 -95.23 -15.03 29.80
N LEU AA 541 -96.45 -14.55 29.68
CA LEU AA 541 -96.82 -13.78 28.51
C LEU AA 541 -96.19 -12.40 28.56
N GLY BA 34 -66.21 41.10 -27.76
CA GLY BA 34 -67.51 40.45 -27.86
C GLY BA 34 -67.90 40.05 -29.26
N SER BA 35 -69.10 39.51 -29.40
CA SER BA 35 -69.60 39.07 -30.71
C SER BA 35 -71.12 39.07 -30.68
N GLY BA 36 -71.71 39.05 -31.87
CA GLY BA 36 -73.15 38.97 -32.01
C GLY BA 36 -73.76 40.33 -32.32
N VAL BA 37 -75.08 40.32 -32.42
CA VAL BA 37 -75.83 41.56 -32.63
C VAL BA 37 -75.58 42.51 -31.48
N GLY BA 38 -75.49 43.79 -31.78
CA GLY BA 38 -75.22 44.79 -30.76
C GLY BA 38 -73.76 45.08 -30.53
N ILE BA 39 -72.86 44.42 -31.25
CA ILE BA 39 -71.43 44.65 -31.16
C ILE BA 39 -70.95 44.96 -32.58
N SER BA 40 -70.48 46.17 -32.81
CA SER BA 40 -70.06 46.55 -34.15
C SER BA 40 -68.83 45.76 -34.55
N THR BA 41 -68.76 45.40 -35.82
CA THR BA 41 -67.67 44.53 -36.25
C THR BA 41 -66.39 45.30 -36.49
N GLY BA 42 -66.48 46.44 -37.15
CA GLY BA 42 -65.31 47.27 -37.41
C GLY BA 42 -65.72 48.72 -37.47
N GLY BA 43 -64.73 49.59 -37.34
CA GLY BA 43 -64.95 51.02 -37.30
C GLY BA 43 -64.67 51.70 -38.62
N TRP BA 44 -64.94 53.00 -38.65
CA TRP BA 44 -64.70 53.80 -39.83
C TRP BA 44 -63.21 53.97 -40.04
N VAL BA 45 -62.83 54.23 -41.30
CA VAL BA 45 -61.43 54.28 -41.70
C VAL BA 45 -61.27 55.33 -42.80
N GLY BA 46 -60.10 55.96 -42.84
CA GLY BA 46 -59.78 56.84 -43.94
C GLY BA 46 -58.58 57.73 -43.62
N GLY BA 47 -58.33 58.68 -44.52
CA GLY BA 47 -57.42 59.79 -44.25
C GLY BA 47 -56.08 59.75 -44.96
N SER BA 48 -55.84 58.76 -45.80
CA SER BA 48 -54.59 58.51 -46.51
C SER BA 48 -53.33 58.45 -45.63
N TYR BA 49 -52.16 58.61 -46.26
CA TYR BA 49 -50.91 58.42 -45.52
C TYR BA 49 -49.73 59.25 -46.00
N PHE BA 50 -49.23 58.94 -47.21
CA PHE BA 50 -48.08 59.59 -47.86
C PHE BA 50 -46.70 59.45 -47.22
N THR BA 51 -46.07 58.30 -47.39
CA THR BA 51 -44.63 58.13 -47.21
C THR BA 51 -43.94 58.08 -48.57
N ASP BA 52 -42.68 58.51 -48.61
CA ASP BA 52 -41.90 58.57 -49.85
C ASP BA 52 -41.97 57.30 -50.68
N SER BA 53 -41.93 56.15 -50.03
CA SER BA 53 -41.93 54.88 -50.76
C SER BA 53 -43.32 54.45 -51.17
N TYR BA 54 -44.36 54.77 -50.40
CA TYR BA 54 -45.69 54.31 -50.72
C TYR BA 54 -46.73 55.23 -50.09
N VAL BA 55 -47.93 55.17 -50.66
CA VAL BA 55 -49.08 55.94 -50.19
C VAL BA 55 -50.20 54.97 -49.88
N ILE BA 56 -50.74 55.06 -48.67
CA ILE BA 56 -51.85 54.23 -48.23
C ILE BA 56 -53.10 55.08 -48.19
N THR BA 57 -54.03 54.84 -49.10
CA THR BA 57 -55.31 55.52 -49.10
C THR BA 57 -56.36 54.61 -48.49
N LYS BA 58 -57.12 55.17 -47.56
CA LYS BA 58 -58.14 54.44 -46.83
C LYS BA 58 -59.48 55.12 -47.05
N ASN BA 59 -60.53 54.34 -47.24
CA ASN BA 59 -61.84 54.88 -47.50
C ASN BA 59 -62.89 53.97 -46.90
N THR BA 60 -64.05 54.53 -46.60
CA THR BA 60 -65.15 53.78 -46.03
C THR BA 60 -66.45 54.36 -46.57
N ARG BA 61 -67.46 53.51 -46.72
CA ARG BA 61 -68.70 53.91 -47.36
C ARG BA 61 -69.89 53.33 -46.62
N GLN BA 62 -71.05 53.81 -46.99
CA GLN BA 62 -72.32 53.24 -46.58
C GLN BA 62 -73.04 52.83 -47.84
N PHE BA 63 -73.45 51.56 -47.92
CA PHE BA 63 -74.05 51.05 -49.15
C PHE BA 63 -75.38 50.39 -48.84
N LEU BA 64 -76.16 50.12 -49.89
CA LEU BA 64 -77.34 49.30 -49.70
C LEU BA 64 -77.61 48.44 -50.92
N VAL BA 65 -78.10 47.23 -50.65
CA VAL BA 65 -78.43 46.26 -51.68
C VAL BA 65 -79.95 46.17 -51.75
N LYS BA 66 -80.50 46.29 -52.95
CA LYS BA 66 -81.91 46.61 -53.13
C LYS BA 66 -82.79 45.41 -53.49
N ILE BA 67 -82.24 44.20 -53.64
CA ILE BA 67 -82.96 43.09 -54.28
C ILE BA 67 -83.33 43.48 -55.70
N GLN BA 68 -82.37 43.47 -56.61
CA GLN BA 68 -82.69 43.74 -58.01
C GLN BA 68 -83.26 42.51 -58.68
N ASN BA 69 -84.21 42.74 -59.59
CA ASN BA 69 -84.63 41.74 -60.57
C ASN BA 69 -85.33 40.55 -59.92
N ASN BA 70 -86.16 40.81 -58.92
CA ASN BA 70 -86.70 39.77 -58.04
C ASN BA 70 -85.46 39.00 -57.58
N HIS BA 71 -85.51 37.68 -57.46
CA HIS BA 71 -84.26 36.93 -57.41
C HIS BA 71 -83.98 36.17 -58.69
N GLN BA 72 -84.92 36.18 -59.63
CA GLN BA 72 -84.71 35.51 -60.91
C GLN BA 72 -83.84 36.36 -61.84
N TYR BA 73 -83.30 35.69 -62.85
CA TYR BA 73 -82.32 36.22 -63.80
C TYR BA 73 -82.93 36.96 -64.99
N LYS BA 74 -83.72 36.28 -65.78
CA LYS BA 74 -84.21 36.72 -67.09
C LYS BA 74 -83.07 37.00 -68.06
N THR BA 75 -83.33 37.82 -69.07
CA THR BA 75 -82.38 38.13 -70.13
C THR BA 75 -82.44 39.62 -70.45
N GLU BA 76 -83.65 40.10 -70.76
CA GLU BA 76 -84.08 41.49 -70.85
C GLU BA 76 -83.91 42.19 -72.19
N LEU BA 77 -83.10 41.66 -73.11
CA LEU BA 77 -83.06 42.15 -74.51
C LEU BA 77 -83.18 43.67 -74.57
N ILE BA 78 -82.13 44.37 -74.13
CA ILE BA 78 -82.28 45.72 -73.60
C ILE BA 78 -82.97 46.67 -74.59
N SER BA 79 -82.22 47.18 -75.57
CA SER BA 79 -82.70 47.99 -76.69
C SER BA 79 -83.33 49.29 -76.24
N PRO BA 80 -83.24 50.34 -77.05
CA PRO BA 80 -84.34 51.32 -77.09
C PRO BA 80 -85.24 51.02 -78.27
N SER BA 81 -86.30 51.78 -78.48
CA SER BA 81 -87.01 51.70 -79.75
C SER BA 81 -87.51 53.07 -80.25
N THR BA 82 -87.11 53.55 -81.43
CA THR BA 82 -85.89 53.24 -82.23
C THR BA 82 -85.42 51.78 -82.36
N SER BA 83 -86.32 50.91 -82.82
CA SER BA 83 -86.01 49.49 -82.97
C SER BA 83 -84.79 49.24 -83.85
N GLN BA 84 -84.38 50.25 -84.64
CA GLN BA 84 -83.16 50.14 -85.43
C GLN BA 84 -81.91 49.99 -84.55
N GLY BA 85 -82.03 50.18 -83.25
CA GLY BA 85 -80.87 50.15 -82.38
C GLY BA 85 -80.24 48.76 -82.31
N LYS BA 86 -79.16 48.68 -81.52
CA LYS BA 86 -78.40 47.45 -81.42
C LYS BA 86 -79.22 46.35 -80.75
N SER BA 87 -79.91 46.69 -79.66
CA SER BA 87 -80.81 45.77 -78.97
C SER BA 87 -80.07 44.56 -78.43
N GLN BA 88 -78.98 44.81 -77.72
CA GLN BA 88 -78.24 43.73 -77.07
C GLN BA 88 -79.14 43.00 -76.08
N ARG BA 89 -79.02 41.67 -76.05
CA ARG BA 89 -79.95 40.88 -75.26
C ARG BA 89 -79.56 40.87 -73.78
N CYS BA 90 -78.26 40.84 -73.51
CA CYS BA 90 -77.69 40.76 -72.17
C CYS BA 90 -78.26 39.64 -71.30
N VAL BA 91 -78.09 39.81 -69.98
CA VAL BA 91 -78.62 38.92 -68.94
C VAL BA 91 -78.70 39.77 -67.69
N SER BA 92 -79.76 39.60 -66.92
CA SER BA 92 -79.85 40.29 -65.64
C SER BA 92 -79.72 39.26 -64.55
N THR BA 93 -79.20 39.66 -63.40
CA THR BA 93 -79.00 38.77 -62.28
C THR BA 93 -79.49 39.42 -61.01
N PRO BA 94 -79.83 38.64 -59.98
CA PRO BA 94 -80.17 39.23 -58.69
C PRO BA 94 -79.01 39.91 -58.02
N TRP BA 95 -77.79 39.68 -58.48
CA TRP BA 95 -76.60 40.14 -57.79
C TRP BA 95 -76.32 41.61 -58.04
N SER BA 96 -75.68 42.24 -57.07
CA SER BA 96 -75.11 43.56 -57.18
C SER BA 96 -73.63 43.44 -56.90
N TYR BA 97 -72.86 44.44 -57.31
CA TYR BA 97 -71.42 44.33 -57.19
C TYR BA 97 -70.79 45.65 -56.76
N PHE BA 98 -69.61 45.53 -56.17
CA PHE BA 98 -68.82 46.67 -55.77
C PHE BA 98 -67.83 47.01 -56.87
N ASN BA 99 -67.91 48.23 -57.39
CA ASN BA 99 -66.94 48.74 -58.36
C ASN BA 99 -66.05 49.73 -57.64
N PHE BA 100 -64.79 49.38 -57.44
CA PHE BA 100 -63.83 50.26 -56.81
C PHE BA 100 -62.96 51.01 -57.79
N ASN BA 101 -63.22 50.90 -59.09
CA ASN BA 101 -62.25 51.32 -60.10
C ASN BA 101 -62.51 52.77 -60.47
N GLN BA 102 -61.67 53.66 -59.96
CA GLN BA 102 -61.58 55.07 -60.31
C GLN BA 102 -60.56 55.68 -59.37
N TYR BA 103 -59.97 56.80 -59.78
CA TYR BA 103 -59.05 57.46 -58.87
C TYR BA 103 -59.77 58.37 -57.90
N SER BA 104 -60.77 59.11 -58.37
CA SER BA 104 -61.47 60.07 -57.52
C SER BA 104 -62.15 59.40 -56.34
N SER BA 105 -62.30 58.09 -56.37
CA SER BA 105 -62.88 57.41 -55.22
C SER BA 105 -61.88 57.27 -54.09
N HIS BA 106 -60.62 56.99 -54.42
CA HIS BA 106 -59.61 56.71 -53.42
C HIS BA 106 -58.77 57.91 -53.01
N PHE BA 107 -58.89 59.03 -53.72
CA PHE BA 107 -58.05 60.19 -53.45
C PHE BA 107 -58.91 61.42 -53.30
N SER BA 108 -58.73 62.11 -52.18
CA SER BA 108 -59.33 63.42 -52.04
C SER BA 108 -58.67 64.38 -53.02
N PRO BA 109 -59.33 65.47 -53.37
CA PRO BA 109 -58.70 66.45 -54.25
C PRO BA 109 -57.38 66.96 -53.73
N GLN BA 110 -57.12 66.88 -52.44
CA GLN BA 110 -55.78 67.19 -51.95
C GLN BA 110 -54.83 66.00 -52.00
N ASP BA 111 -55.28 64.81 -51.63
CA ASP BA 111 -54.40 63.64 -51.72
C ASP BA 111 -53.90 63.46 -53.14
N TRP BA 112 -54.81 63.33 -54.08
CA TRP BA 112 -54.50 63.65 -55.46
C TRP BA 112 -54.05 65.10 -55.47
N GLN BA 113 -53.06 65.42 -56.30
CA GLN BA 113 -52.33 66.68 -56.27
C GLN BA 113 -51.28 66.73 -55.17
N ARG BA 114 -51.38 65.89 -54.15
CA ARG BA 114 -50.19 65.70 -53.36
C ARG BA 114 -49.25 64.70 -54.00
N LEU BA 115 -49.79 63.65 -54.60
CA LEU BA 115 -48.94 62.76 -55.38
C LEU BA 115 -48.68 63.28 -56.78
N THR BA 116 -49.66 63.92 -57.40
CA THR BA 116 -49.46 64.42 -58.74
C THR BA 116 -48.36 65.48 -58.76
N ASN BA 117 -48.25 66.25 -57.68
CA ASN BA 117 -47.17 67.23 -57.61
C ASN BA 117 -45.87 66.59 -57.16
N GLU BA 118 -45.91 65.69 -56.19
CA GLU BA 118 -44.70 65.29 -55.49
C GLU BA 118 -44.08 63.99 -55.98
N TYR BA 119 -44.65 63.31 -56.97
CA TYR BA 119 -44.11 62.00 -57.33
C TYR BA 119 -44.03 61.80 -58.83
N LYS BA 120 -43.00 61.06 -59.26
CA LYS BA 120 -42.87 60.68 -60.67
C LYS BA 120 -43.98 59.73 -61.09
N ARG BA 121 -44.16 58.66 -60.33
CA ARG BA 121 -44.94 57.55 -60.82
C ARG BA 121 -45.53 56.81 -59.65
N PHE BA 122 -46.62 56.11 -59.91
CA PHE BA 122 -47.27 55.34 -58.86
C PHE BA 122 -48.05 54.21 -59.51
N ARG BA 123 -48.19 53.13 -58.78
CA ARG BA 123 -49.08 52.05 -59.18
C ARG BA 123 -49.65 51.45 -57.93
N PRO BA 124 -50.88 50.97 -57.97
CA PRO BA 124 -51.43 50.33 -56.77
C PRO BA 124 -50.70 49.03 -56.48
N LYS BA 125 -50.22 48.91 -55.24
CA LYS BA 125 -49.50 47.72 -54.84
C LYS BA 125 -50.44 46.61 -54.38
N GLY BA 126 -51.46 46.96 -53.60
CA GLY BA 126 -52.34 45.97 -53.03
C GLY BA 126 -53.66 46.61 -52.66
N MET BA 127 -54.60 45.78 -52.26
CA MET BA 127 -55.95 46.24 -51.96
C MET BA 127 -56.54 45.36 -50.88
N HIS BA 128 -57.27 45.97 -49.96
CA HIS BA 128 -57.87 45.24 -48.84
C HIS BA 128 -59.26 45.79 -48.62
N VAL BA 129 -60.26 44.93 -48.70
CA VAL BA 129 -61.65 45.35 -48.63
C VAL BA 129 -62.33 44.62 -47.48
N LYS BA 130 -63.17 45.34 -46.75
CA LYS BA 130 -63.86 44.77 -45.60
C LYS BA 130 -65.32 45.17 -45.64
N ILE BA 131 -66.20 44.17 -45.68
CA ILE BA 131 -67.62 44.38 -45.48
C ILE BA 131 -67.88 44.18 -44.01
N TYR BA 132 -68.65 45.08 -43.40
CA TYR BA 132 -68.94 44.93 -41.98
C TYR BA 132 -70.11 45.84 -41.63
N ASN BA 133 -70.53 45.77 -40.37
CA ASN BA 133 -71.64 46.55 -39.85
C ASN BA 133 -72.88 46.41 -40.73
N LEU BA 134 -73.25 45.17 -41.01
CA LEU BA 134 -74.37 44.90 -41.91
C LEU BA 134 -75.69 45.10 -41.17
N GLN BA 135 -76.73 45.43 -41.94
CA GLN BA 135 -78.07 45.62 -41.41
C GLN BA 135 -79.07 45.14 -42.42
N ILE BA 136 -80.08 44.39 -41.97
CA ILE BA 136 -81.17 43.94 -42.84
C ILE BA 136 -82.44 44.57 -42.30
N LYS BA 137 -83.06 45.45 -43.07
CA LYS BA 137 -84.08 46.30 -42.49
C LYS BA 137 -85.53 45.92 -42.80
N GLN BA 138 -85.80 44.92 -43.64
CA GLN BA 138 -87.16 44.40 -43.77
C GLN BA 138 -88.17 45.48 -44.14
N ILE BA 139 -88.15 45.89 -45.41
CA ILE BA 139 -89.14 46.84 -45.90
C ILE BA 139 -90.55 46.33 -45.63
N LEU BA 140 -91.41 47.21 -45.15
CA LEU BA 140 -92.85 46.94 -45.08
C LEU BA 140 -93.63 48.06 -45.73
N SER BA 141 -94.79 47.71 -46.25
CA SER BA 141 -95.71 48.67 -46.85
C SER BA 141 -97.12 48.36 -46.37
N ASN BA 142 -97.73 49.33 -45.67
CA ASN BA 142 -99.12 49.28 -45.31
C ASN BA 142 -100.00 49.95 -46.36
N GLY BA 143 -99.40 50.34 -47.47
CA GLY BA 143 -99.98 51.23 -48.44
C GLY BA 143 -99.46 52.63 -48.17
N ALA BA 144 -99.19 53.36 -49.25
CA ALA BA 144 -98.47 54.64 -49.21
C ALA BA 144 -97.19 54.42 -48.39
N ASP BA 145 -96.75 55.40 -47.59
CA ASP BA 145 -95.78 55.30 -46.50
C ASP BA 145 -94.61 54.36 -46.74
N THR BA 146 -94.18 53.70 -45.66
CA THR BA 146 -93.31 52.53 -45.55
C THR BA 146 -92.97 52.37 -44.08
N THR BA 147 -92.51 51.19 -43.67
CA THR BA 147 -91.95 51.01 -42.34
C THR BA 147 -90.79 50.03 -42.45
N TYR BA 148 -89.84 50.16 -41.54
CA TYR BA 148 -88.64 49.34 -41.52
C TYR BA 148 -88.52 48.76 -40.11
N ASN BA 149 -88.70 47.45 -39.99
CA ASN BA 149 -88.76 46.84 -38.67
C ASN BA 149 -87.38 46.44 -38.18
N ASN BA 150 -86.36 46.85 -38.91
CA ASN BA 150 -85.05 46.23 -38.85
C ASN BA 150 -85.27 44.76 -39.15
N ASP BA 151 -84.46 43.89 -38.57
CA ASP BA 151 -84.60 42.45 -38.76
C ASP BA 151 -83.42 41.79 -38.08
N LEU BA 152 -83.59 40.52 -37.77
CA LEU BA 152 -82.49 39.65 -37.43
C LEU BA 152 -82.76 38.33 -38.13
N THR BA 153 -81.89 37.36 -37.93
CA THR BA 153 -82.01 36.08 -38.59
C THR BA 153 -82.22 36.24 -40.09
N ALA BA 154 -81.48 37.14 -40.71
CA ALA BA 154 -81.49 37.32 -42.15
C ALA BA 154 -80.03 37.33 -42.63
N GLY BA 155 -79.84 37.24 -43.95
CA GLY BA 155 -78.53 36.97 -44.48
C GLY BA 155 -78.27 37.73 -45.77
N VAL BA 156 -76.99 37.77 -46.11
CA VAL BA 156 -76.50 38.46 -47.29
C VAL BA 156 -75.42 37.60 -47.91
N HIS BA 157 -75.56 37.33 -49.20
CA HIS BA 157 -74.55 36.58 -49.93
C HIS BA 157 -73.46 37.52 -50.37
N ILE BA 158 -72.21 37.11 -50.21
CA ILE BA 158 -71.06 37.91 -50.63
C ILE BA 158 -70.09 36.98 -51.34
N PHE BA 159 -69.76 37.33 -52.57
CA PHE BA 159 -68.95 36.47 -53.42
C PHE BA 159 -67.89 37.30 -54.12
N CYS BA 160 -66.68 36.76 -54.21
CA CYS BA 160 -65.56 37.43 -54.85
C CYS BA 160 -64.98 36.54 -55.93
N ASP BA 161 -64.39 37.15 -56.96
CA ASP BA 161 -63.72 36.43 -58.03
C ASP BA 161 -62.21 36.48 -57.83
N GLY BA 162 -61.62 35.35 -57.47
CA GLY BA 162 -60.17 35.28 -57.50
C GLY BA 162 -59.69 34.73 -58.82
N GLU BA 163 -60.53 33.93 -59.47
CA GLU BA 163 -60.17 33.32 -60.73
C GLU BA 163 -60.57 34.15 -61.93
N HIS BA 164 -61.42 35.16 -61.73
CA HIS BA 164 -62.06 35.91 -62.80
C HIS BA 164 -62.80 35.00 -63.77
N ALA BA 165 -63.27 33.85 -63.31
CA ALA BA 165 -64.43 33.25 -63.96
C ALA BA 165 -65.60 34.18 -63.76
N TYR BA 166 -66.61 34.02 -64.60
CA TYR BA 166 -67.78 34.89 -64.67
C TYR BA 166 -67.48 36.15 -65.46
N PRO BA 167 -68.50 36.72 -66.10
CA PRO BA 167 -68.28 37.79 -67.08
C PRO BA 167 -67.74 39.12 -66.56
N ASN BA 168 -67.59 39.31 -65.25
CA ASN BA 168 -66.95 40.47 -64.62
C ASN BA 168 -67.47 41.84 -65.12
N ALA BA 169 -68.62 42.25 -64.56
CA ALA BA 169 -69.32 43.46 -65.02
C ALA BA 169 -68.40 44.65 -65.22
N THR BA 170 -67.41 44.83 -64.35
CA THR BA 170 -66.67 46.10 -64.32
C THR BA 170 -66.12 46.46 -65.69
N HIS BA 171 -66.47 47.66 -66.14
CA HIS BA 171 -65.99 48.31 -67.34
C HIS BA 171 -65.38 49.63 -66.90
N PRO BA 172 -64.28 50.07 -67.52
CA PRO BA 172 -63.55 51.21 -66.95
C PRO BA 172 -64.38 52.43 -66.61
N TRP BA 173 -65.21 52.92 -67.51
CA TRP BA 173 -65.87 54.20 -67.24
C TRP BA 173 -67.14 53.98 -66.44
N ASP BA 174 -68.16 53.44 -67.08
CA ASP BA 174 -69.43 53.10 -66.43
C ASP BA 174 -69.90 54.33 -65.65
N GLU BA 175 -70.28 54.18 -64.40
CA GLU BA 175 -70.89 55.20 -63.57
C GLU BA 175 -70.35 54.92 -62.19
N ASP BA 176 -70.96 55.51 -61.17
CA ASP BA 176 -70.96 54.97 -59.80
C ASP BA 176 -69.51 54.79 -59.34
N VAL BA 177 -69.01 53.57 -59.20
CA VAL BA 177 -67.81 53.23 -58.46
C VAL BA 177 -68.12 53.71 -57.05
N MET BA 178 -67.12 54.15 -56.31
CA MET BA 178 -67.43 54.71 -55.01
C MET BA 178 -67.76 56.18 -55.20
N PRO BA 179 -68.65 56.75 -54.40
CA PRO BA 179 -68.84 58.18 -54.50
C PRO BA 179 -67.54 58.86 -54.10
N GLU BA 180 -67.08 59.78 -54.94
CA GLU BA 180 -65.80 60.43 -54.67
C GLU BA 180 -65.77 61.07 -53.30
N LEU BA 181 -66.93 61.31 -52.74
CA LEU BA 181 -67.11 62.03 -51.50
C LEU BA 181 -67.62 61.06 -50.45
N PRO BA 182 -66.94 60.86 -49.31
CA PRO BA 182 -67.49 59.95 -48.30
C PRO BA 182 -68.79 60.48 -47.72
N TYR BA 183 -69.33 59.83 -46.69
CA TYR BA 183 -70.60 60.18 -46.06
C TYR BA 183 -71.76 60.10 -47.06
N GLN BA 184 -71.43 59.92 -48.32
CA GLN BA 184 -72.43 59.81 -49.38
C GLN BA 184 -72.73 58.34 -49.57
N THR BA 185 -73.97 57.95 -49.31
CA THR BA 185 -74.33 56.55 -49.39
C THR BA 185 -74.11 56.01 -50.79
N TRP BA 186 -73.72 54.74 -50.87
CA TRP BA 186 -73.30 54.17 -52.13
C TRP BA 186 -74.30 53.11 -52.58
N TYR BA 187 -75.07 53.41 -53.60
CA TYR BA 187 -76.07 52.49 -54.11
C TYR BA 187 -75.41 51.56 -55.11
N LEU BA 188 -75.52 50.26 -54.84
CA LEU BA 188 -74.97 49.26 -55.73
C LEU BA 188 -75.82 49.12 -56.99
N PHE BA 189 -75.21 48.53 -58.01
CA PHE BA 189 -75.84 48.37 -59.31
C PHE BA 189 -75.92 46.89 -59.67
N GLN BA 190 -76.96 46.56 -60.43
CA GLN BA 190 -77.24 45.17 -60.75
C GLN BA 190 -76.15 44.59 -61.64
N TYR BA 191 -75.85 43.32 -61.43
CA TYR BA 191 -74.86 42.63 -62.24
C TYR BA 191 -75.53 42.00 -63.45
N GLY BA 192 -74.95 42.24 -64.63
CA GLY BA 192 -75.45 41.66 -65.85
C GLY BA 192 -74.31 41.48 -66.81
N TYR BA 193 -74.59 40.75 -67.88
CA TYR BA 193 -73.54 40.52 -68.86
C TYR BA 193 -74.16 40.17 -70.20
N ILE BA 194 -73.38 40.37 -71.26
CA ILE BA 194 -73.81 40.02 -72.61
C ILE BA 194 -73.45 38.57 -72.88
N PRO BA 195 -74.40 37.65 -72.97
CA PRO BA 195 -74.05 36.28 -73.33
C PRO BA 195 -73.53 36.16 -74.76
N VAL BA 196 -74.22 36.78 -75.72
CA VAL BA 196 -73.84 36.73 -77.14
C VAL BA 196 -74.43 37.95 -77.84
N ILE BA 197 -73.78 38.36 -78.92
CA ILE BA 197 -74.30 39.43 -79.77
C ILE BA 197 -75.74 39.10 -80.16
N HIS BA 198 -76.64 40.06 -79.97
CA HIS BA 198 -78.05 39.80 -80.22
C HIS BA 198 -78.30 39.48 -81.69
N GLU BA 199 -77.89 40.37 -82.59
CA GLU BA 199 -77.82 39.97 -83.97
C GLU BA 199 -76.82 38.82 -84.08
N LEU BA 200 -76.92 38.02 -85.13
CA LEU BA 200 -76.18 36.77 -85.19
C LEU BA 200 -76.63 35.83 -84.07
N ALA BA 201 -77.74 35.11 -84.34
CA ALA BA 201 -78.67 34.48 -83.40
C ALA BA 201 -79.97 35.24 -83.18
N GLU BA 202 -80.20 36.31 -83.92
CA GLU BA 202 -81.49 37.01 -83.80
C GLU BA 202 -82.76 36.11 -83.85
N MET BA 203 -82.89 35.10 -84.72
CA MET BA 203 -82.08 34.82 -85.90
C MET BA 203 -83.03 34.80 -87.10
N GLU BA 204 -82.51 35.00 -88.30
CA GLU BA 204 -83.40 35.17 -89.44
C GLU BA 204 -83.61 33.86 -90.18
N ASP BA 205 -84.82 33.30 -90.04
CA ASP BA 205 -85.27 32.14 -90.80
C ASP BA 205 -84.24 31.03 -90.80
N SER BA 206 -84.10 30.34 -91.93
CA SER BA 206 -82.95 29.51 -92.25
C SER BA 206 -82.56 28.62 -91.00
N ASN BA 207 -81.38 28.64 -90.34
CA ASN BA 207 -80.11 29.28 -90.67
C ASN BA 207 -78.96 28.30 -90.46
N ALA BA 208 -78.84 27.87 -89.19
CA ALA BA 208 -77.89 26.88 -88.70
C ALA BA 208 -76.50 27.47 -88.51
N VAL BA 209 -76.23 28.61 -89.14
CA VAL BA 209 -75.03 29.37 -88.79
C VAL BA 209 -75.29 30.27 -87.58
N GLU BA 210 -76.49 30.86 -87.52
CA GLU BA 210 -76.88 31.59 -86.31
C GLU BA 210 -77.60 30.69 -85.32
N LYS BA 211 -78.02 29.50 -85.75
CA LYS BA 211 -78.52 28.53 -84.79
C LYS BA 211 -77.40 28.13 -83.85
N ALA BA 212 -76.28 27.69 -84.40
CA ALA BA 212 -75.05 27.75 -83.63
C ALA BA 212 -74.74 29.21 -83.34
N ILE BA 213 -74.02 29.43 -82.24
CA ILE BA 213 -73.78 30.74 -81.62
C ILE BA 213 -75.01 31.17 -80.86
N CYS BA 214 -76.18 30.66 -81.24
CA CYS BA 214 -77.34 30.77 -80.35
C CYS BA 214 -77.37 29.61 -79.36
N LEU BA 215 -77.07 28.40 -79.85
CA LEU BA 215 -77.00 27.25 -78.96
C LEU BA 215 -75.83 27.37 -78.01
N GLN BA 216 -74.77 28.05 -78.42
CA GLN BA 216 -73.56 28.04 -77.62
C GLN BA 216 -73.52 29.16 -76.60
N ILE BA 217 -74.57 29.97 -76.48
CA ILE BA 217 -74.49 31.11 -75.58
C ILE BA 217 -74.31 30.54 -74.19
N PRO BA 218 -73.26 30.91 -73.48
CA PRO BA 218 -73.07 30.40 -72.13
C PRO BA 218 -73.99 31.11 -71.15
N PHE BA 219 -74.30 30.41 -70.08
CA PHE BA 219 -75.16 30.94 -69.04
C PHE BA 219 -74.45 30.79 -67.71
N PHE BA 220 -74.08 31.92 -67.11
CA PHE BA 220 -73.30 31.93 -65.90
C PHE BA 220 -74.20 32.26 -64.72
N MET BA 221 -73.91 31.66 -63.58
CA MET BA 221 -74.70 31.84 -62.38
C MET BA 221 -73.74 31.97 -61.22
N LEU BA 222 -74.00 32.91 -60.34
CA LEU BA 222 -73.11 33.10 -59.22
C LEU BA 222 -73.41 32.16 -58.07
N GLU BA 223 -74.36 31.24 -58.24
CA GLU BA 223 -74.65 30.33 -57.14
C GLU BA 223 -73.58 29.25 -57.10
N ASN BA 224 -73.63 28.26 -58.00
CA ASN BA 224 -72.42 27.61 -58.50
C ASN BA 224 -71.31 27.58 -57.45
N SER BA 225 -70.19 28.21 -57.78
CA SER BA 225 -69.09 28.32 -56.83
C SER BA 225 -69.54 28.91 -55.51
N ASP BA 226 -68.99 28.37 -54.42
CA ASP BA 226 -69.46 28.70 -53.10
C ASP BA 226 -69.10 30.12 -52.70
N HIS BA 227 -69.85 30.66 -51.75
CA HIS BA 227 -69.64 32.00 -51.25
C HIS BA 227 -70.25 32.12 -49.87
N GLU BA 228 -69.87 33.19 -49.18
CA GLU BA 228 -70.26 33.35 -47.79
C GLU BA 228 -71.60 34.06 -47.67
N VAL BA 229 -72.39 33.63 -46.71
CA VAL BA 229 -73.59 34.33 -46.28
C VAL BA 229 -73.26 34.96 -44.94
N LEU BA 230 -73.84 36.12 -44.66
CA LEU BA 230 -73.54 36.84 -43.44
C LEU BA 230 -74.83 37.31 -42.80
N ARG BA 231 -75.00 37.03 -41.52
CA ARG BA 231 -76.00 37.76 -40.77
C ARG BA 231 -75.38 39.08 -40.32
N THR BA 232 -76.06 39.78 -39.42
CA THR BA 232 -75.59 41.09 -38.99
C THR BA 232 -74.22 41.02 -38.34
N GLY BA 233 -74.08 40.24 -37.27
CA GLY BA 233 -72.86 40.28 -36.49
C GLY BA 233 -71.59 39.90 -37.25
N GLU BA 234 -71.73 39.18 -38.35
CA GLU BA 234 -70.59 38.72 -39.12
C GLU BA 234 -70.08 39.80 -40.06
N SER BA 235 -68.81 39.67 -40.45
CA SER BA 235 -68.18 40.51 -41.46
C SER BA 235 -67.37 39.65 -42.41
N THR BA 236 -66.69 40.30 -43.35
CA THR BA 236 -65.86 39.60 -44.30
C THR BA 236 -64.73 40.52 -44.76
N GLU BA 237 -63.57 39.93 -45.05
CA GLU BA 237 -62.44 40.65 -45.60
C GLU BA 237 -62.07 40.07 -46.95
N PHE BA 238 -61.46 40.90 -47.78
CA PHE BA 238 -60.91 40.45 -49.05
C PHE BA 238 -59.60 41.18 -49.28
N THR BA 239 -58.62 40.48 -49.85
CA THR BA 239 -57.36 41.08 -50.19
C THR BA 239 -57.10 40.92 -51.68
N PHE BA 240 -56.23 41.76 -52.21
CA PHE BA 240 -55.87 41.70 -53.61
C PHE BA 240 -54.43 42.15 -53.76
N ASN BA 241 -53.73 41.54 -54.70
CA ASN BA 241 -52.40 41.96 -55.07
C ASN BA 241 -52.37 42.24 -56.55
N PHE BA 242 -51.50 43.16 -56.96
CA PHE BA 242 -51.50 43.66 -58.32
C PHE BA 242 -50.17 43.38 -58.98
N ASP BA 243 -50.21 42.67 -60.10
CA ASP BA 243 -49.13 42.72 -61.07
C ASP BA 243 -49.52 43.82 -62.06
N CYS BA 244 -48.80 44.93 -62.01
CA CYS BA 244 -49.35 46.16 -62.53
C CYS BA 244 -48.24 47.05 -63.05
N GLU BA 245 -48.54 47.78 -64.12
CA GLU BA 245 -47.59 48.70 -64.73
C GLU BA 245 -47.69 50.06 -64.07
N TRP BA 246 -46.54 50.72 -63.93
CA TRP BA 246 -46.52 52.07 -63.40
C TRP BA 246 -47.32 53.00 -64.30
N ILE BA 247 -47.94 54.00 -63.69
CA ILE BA 247 -48.46 55.14 -64.44
C ILE BA 247 -47.58 56.33 -64.10
N ASN BA 248 -47.05 56.98 -65.13
CA ASN BA 248 -45.96 57.93 -64.97
C ASN BA 248 -46.49 59.35 -64.99
N ASN BA 249 -46.18 60.10 -63.94
CA ASN BA 249 -46.40 61.55 -63.92
C ASN BA 249 -45.07 62.20 -64.20
N GLU BA 250 -44.93 62.75 -65.40
CA GLU BA 250 -43.67 63.23 -65.97
C GLU BA 250 -44.02 63.90 -67.28
N ARG BA 251 -43.11 64.74 -67.75
CA ARG BA 251 -43.37 65.56 -68.92
C ARG BA 251 -42.12 65.63 -69.75
N ALA BA 252 -42.25 65.40 -71.05
CA ALA BA 252 -41.16 65.60 -71.99
C ALA BA 252 -41.23 67.02 -72.50
N TYR BA 253 -40.18 67.79 -72.23
CA TYR BA 253 -40.15 69.18 -72.66
C TYR BA 253 -39.84 69.34 -74.13
N ILE BA 254 -39.38 68.27 -74.79
CA ILE BA 254 -39.13 68.29 -76.23
C ILE BA 254 -39.58 66.97 -76.84
N PRO BA 255 -39.90 66.96 -78.13
CA PRO BA 255 -40.15 65.70 -78.81
C PRO BA 255 -38.93 64.81 -78.75
N PRO BA 256 -39.09 63.50 -78.87
CA PRO BA 256 -37.93 62.62 -78.83
C PRO BA 256 -37.00 62.83 -80.00
N GLY BA 257 -37.51 63.27 -81.15
CA GLY BA 257 -36.67 63.55 -82.28
C GLY BA 257 -35.93 64.85 -82.23
N LEU BA 258 -36.18 65.67 -81.21
CA LEU BA 258 -35.55 66.97 -81.06
C LEU BA 258 -34.31 66.91 -80.19
N MET BA 259 -33.87 65.72 -79.81
CA MET BA 259 -32.73 65.56 -78.92
C MET BA 259 -31.46 65.49 -79.76
N PHE BA 260 -30.65 66.54 -79.69
CA PHE BA 260 -29.36 66.59 -80.35
C PHE BA 260 -28.72 67.93 -80.03
N ASN BA 261 -27.43 68.01 -80.23
CA ASN BA 261 -26.73 69.27 -80.05
C ASN BA 261 -26.77 70.02 -81.37
N PRO BA 262 -27.56 71.07 -81.49
CA PRO BA 262 -27.69 71.75 -82.78
C PRO BA 262 -26.46 72.53 -83.16
N LEU BA 263 -25.57 72.78 -82.21
CA LEU BA 263 -24.34 73.49 -82.52
C LEU BA 263 -23.42 72.63 -83.39
N VAL BA 264 -23.35 71.34 -83.09
CA VAL BA 264 -22.38 70.48 -83.76
C VAL BA 264 -22.86 70.16 -85.16
N PRO BA 265 -22.02 70.26 -86.19
CA PRO BA 265 -22.43 69.85 -87.53
C PRO BA 265 -22.65 68.35 -87.59
N THR BA 266 -23.38 67.93 -88.61
CA THR BA 266 -23.70 66.52 -88.78
C THR BA 266 -23.04 65.98 -90.04
N ARG BA 267 -22.70 64.70 -90.01
CA ARG BA 267 -22.28 64.02 -91.21
C ARG BA 267 -23.42 63.20 -91.78
N ARG BA 268 -24.05 63.73 -92.82
CA ARG BA 268 -25.24 63.18 -93.45
C ARG BA 268 -25.53 64.05 -94.66
N ALA BA 269 -26.36 63.57 -95.57
CA ALA BA 269 -26.63 64.35 -96.77
C ALA BA 269 -28.08 64.13 -97.19
N GLN BA 270 -28.59 65.11 -97.93
CA GLN BA 270 -29.95 65.09 -98.44
C GLN BA 270 -29.88 65.12 -99.95
N TYR BA 271 -30.28 64.04 -100.60
CA TYR BA 271 -30.55 64.06 -102.02
C TYR BA 271 -32.01 64.44 -102.18
N ILE BA 272 -32.29 65.34 -103.10
CA ILE BA 272 -33.64 65.79 -103.37
C ILE BA 272 -33.95 65.59 -104.83
N ARG BA 273 -35.01 64.85 -105.12
CA ARG BA 273 -35.37 64.52 -106.49
C ARG BA 273 -35.68 65.77 -107.29
N ARG BA 274 -35.52 65.68 -108.61
CA ARG BA 274 -36.00 66.71 -109.52
C ARG BA 274 -37.45 67.04 -109.20
N ASN BA 275 -37.74 68.34 -109.11
CA ASN BA 275 -39.03 68.75 -108.55
C ASN BA 275 -40.16 68.58 -109.55
N ASN BA 276 -39.85 68.62 -110.85
CA ASN BA 276 -40.86 68.44 -111.91
C ASN BA 276 -42.03 69.39 -111.68
N ASN BA 277 -41.78 70.67 -111.97
CA ASN BA 277 -42.61 71.81 -111.58
C ASN BA 277 -42.46 72.00 -110.07
N PRO BA 278 -42.47 73.25 -109.59
CA PRO BA 278 -42.23 74.46 -110.40
C PRO BA 278 -40.84 74.54 -111.02
N GLN BA 279 -39.80 74.24 -110.24
CA GLN BA 279 -38.44 74.60 -110.60
C GLN BA 279 -37.48 73.87 -109.65
N THR BA 280 -36.20 74.29 -109.61
CA THR BA 280 -35.21 73.75 -108.68
C THR BA 280 -34.88 72.29 -108.92
N ALA BA 281 -34.07 72.04 -109.94
CA ALA BA 281 -33.61 70.70 -110.28
C ALA BA 281 -32.81 70.09 -109.12
N GLU BA 282 -32.69 68.76 -109.17
CA GLU BA 282 -32.19 67.99 -108.04
C GLU BA 282 -30.81 68.46 -107.59
N SER BA 283 -30.57 68.35 -106.29
CA SER BA 283 -29.28 68.68 -105.71
C SER BA 283 -29.09 67.88 -104.43
N THR BA 284 -27.84 67.58 -104.11
CA THR BA 284 -27.48 66.99 -102.83
C THR BA 284 -26.78 68.02 -101.96
N SER BA 285 -26.97 67.91 -100.65
CA SER BA 285 -26.43 68.89 -99.72
C SER BA 285 -26.29 68.26 -98.35
N ARG BA 286 -25.44 68.87 -97.53
CA ARG BA 286 -25.27 68.42 -96.17
C ARG BA 286 -26.41 68.91 -95.30
N ILE BA 287 -26.84 68.06 -94.37
CA ILE BA 287 -27.91 68.45 -93.47
C ILE BA 287 -27.41 69.51 -92.51
N ALA BA 288 -28.23 70.54 -92.31
CA ALA BA 288 -27.86 71.66 -91.46
C ALA BA 288 -27.58 71.20 -90.05
N PRO BA 289 -26.73 71.93 -89.31
CA PRO BA 289 -26.41 71.49 -87.94
C PRO BA 289 -27.65 71.43 -87.06
N TYR BA 290 -28.48 72.46 -87.09
CA TYR BA 290 -29.81 72.37 -86.54
C TYR BA 290 -30.65 71.44 -87.41
N ALA BA 291 -31.74 70.95 -86.84
CA ALA BA 291 -32.69 70.12 -87.59
C ALA BA 291 -32.02 68.89 -88.19
N LYS BA 292 -31.35 68.15 -87.33
CA LYS BA 292 -30.79 66.88 -87.74
C LYS BA 292 -31.90 65.84 -87.85
N PRO BA 293 -31.74 64.86 -88.74
CA PRO BA 293 -32.75 63.81 -88.85
C PRO BA 293 -32.82 62.97 -87.60
N THR BA 294 -33.91 62.23 -87.48
CA THR BA 294 -34.12 61.44 -86.29
C THR BA 294 -34.64 60.06 -86.63
N SER BA 295 -34.41 59.14 -85.71
CA SER BA 295 -35.22 57.96 -85.53
C SER BA 295 -36.47 58.32 -84.76
N TRP BA 296 -37.11 57.33 -84.19
CA TRP BA 296 -38.15 57.61 -83.21
C TRP BA 296 -39.37 58.26 -83.84
N MET BA 297 -40.11 57.42 -84.54
CA MET BA 297 -41.40 57.67 -85.15
C MET BA 297 -42.45 58.03 -84.09
N THR BA 298 -43.51 58.70 -84.53
CA THR BA 298 -44.60 59.07 -83.63
C THR BA 298 -45.46 57.85 -83.29
N GLY BA 299 -46.16 57.95 -82.17
CA GLY BA 299 -47.06 56.92 -81.74
C GLY BA 299 -48.23 56.75 -82.69
N PRO BA 300 -48.86 55.58 -82.66
CA PRO BA 300 -49.91 55.28 -83.62
C PRO BA 300 -51.23 55.91 -83.25
N GLY BA 301 -52.06 56.13 -84.27
CA GLY BA 301 -53.40 56.64 -84.09
C GLY BA 301 -54.22 56.32 -85.32
N LEU BA 302 -55.53 56.51 -85.20
CA LEU BA 302 -56.43 56.42 -86.35
C LEU BA 302 -57.27 57.69 -86.40
N LEU BA 303 -56.98 58.56 -87.36
CA LEU BA 303 -57.65 59.84 -87.49
C LEU BA 303 -58.65 59.96 -88.64
N SER BA 304 -58.81 58.94 -89.48
CA SER BA 304 -59.54 59.18 -90.72
C SER BA 304 -61.05 59.14 -90.52
N ALA BA 305 -61.53 58.24 -89.67
CA ALA BA 305 -62.93 57.91 -89.55
C ALA BA 305 -63.72 59.07 -88.93
N GLN BA 306 -65.03 58.99 -89.08
CA GLN BA 306 -65.97 59.91 -88.43
C GLN BA 306 -67.11 59.12 -87.84
N ARG BA 307 -67.57 59.54 -86.66
CA ARG BA 307 -68.69 58.86 -86.02
C ARG BA 307 -69.91 58.87 -86.93
N VAL BA 308 -70.65 57.76 -86.91
CA VAL BA 308 -71.62 57.44 -87.95
C VAL BA 308 -73.02 57.40 -87.36
N GLY BA 309 -73.84 58.35 -87.77
CA GLY BA 309 -75.27 58.26 -87.56
C GLY BA 309 -75.75 58.83 -86.26
N PRO BA 310 -77.01 58.52 -85.90
CA PRO BA 310 -77.62 59.13 -84.73
C PRO BA 310 -77.10 58.53 -83.44
N ALA BA 311 -77.25 59.29 -82.37
CA ALA BA 311 -76.89 58.80 -81.05
C ALA BA 311 -77.83 57.67 -80.64
N THR BA 312 -77.39 56.89 -79.65
CA THR BA 312 -78.01 55.66 -79.14
C THR BA 312 -77.82 54.51 -80.10
N SER BA 313 -77.25 54.74 -81.28
CA SER BA 313 -76.95 53.69 -82.25
C SER BA 313 -75.52 53.17 -82.14
N ASP BA 314 -74.78 53.59 -81.11
CA ASP BA 314 -73.37 53.24 -80.95
C ASP BA 314 -72.52 53.79 -82.10
N THR BA 315 -72.31 55.10 -82.10
CA THR BA 315 -71.44 55.69 -83.11
C THR BA 315 -70.03 55.74 -82.57
N GLY BA 316 -69.16 54.88 -83.09
CA GLY BA 316 -67.80 54.83 -82.60
C GLY BA 316 -66.75 55.38 -83.54
N ALA BA 317 -67.12 55.59 -84.80
CA ALA BA 317 -66.27 55.90 -85.94
C ALA BA 317 -65.37 54.73 -86.32
N TRP BA 318 -65.16 53.76 -85.44
CA TRP BA 318 -64.48 52.52 -85.78
C TRP BA 318 -65.25 51.42 -85.10
N MET BA 319 -65.82 50.51 -85.88
CA MET BA 319 -66.55 49.38 -85.34
C MET BA 319 -65.71 48.14 -85.56
N VAL BA 320 -65.51 47.36 -84.50
CA VAL BA 320 -64.70 46.16 -84.60
C VAL BA 320 -65.51 45.01 -85.18
N ALA BA 321 -66.73 44.84 -84.71
CA ALA BA 321 -67.66 43.79 -85.14
C ALA BA 321 -67.07 42.39 -85.19
N VAL BA 322 -67.63 41.54 -86.04
CA VAL BA 322 -67.19 40.17 -86.25
C VAL BA 322 -67.26 39.78 -87.72
N LYS BA 323 -68.48 39.76 -88.26
CA LYS BA 323 -68.76 39.28 -89.61
C LYS BA 323 -68.35 37.81 -89.82
N PRO BA 324 -69.06 36.86 -89.22
CA PRO BA 324 -68.92 35.47 -89.65
C PRO BA 324 -69.38 35.32 -91.09
N GLU BA 325 -68.93 34.23 -91.72
CA GLU BA 325 -68.91 34.19 -93.18
C GLU BA 325 -70.34 34.22 -93.75
N ASN BA 326 -71.27 33.49 -93.14
CA ASN BA 326 -72.65 33.57 -93.60
C ASN BA 326 -73.50 34.40 -92.65
N ALA BA 327 -73.89 33.78 -91.56
CA ALA BA 327 -74.77 34.37 -90.54
C ALA BA 327 -75.98 35.00 -91.22
N SER BA 328 -76.44 36.12 -90.67
CA SER BA 328 -77.30 37.06 -91.35
C SER BA 328 -77.20 38.36 -90.57
N ILE BA 329 -77.48 39.48 -91.24
CA ILE BA 329 -77.30 40.77 -90.60
C ILE BA 329 -78.43 41.70 -91.04
N ASP BA 330 -78.96 42.44 -90.08
CA ASP BA 330 -79.97 43.46 -90.31
C ASP BA 330 -79.25 44.71 -90.83
N THR BA 331 -79.95 45.85 -90.83
CA THR BA 331 -79.25 47.10 -91.06
C THR BA 331 -78.06 47.20 -90.13
N GLY BA 332 -76.93 47.60 -90.67
CA GLY BA 332 -75.68 47.51 -89.94
C GLY BA 332 -74.72 46.48 -90.50
N MET BA 333 -73.42 46.48 -90.14
CA MET BA 333 -72.69 47.44 -89.26
C MET BA 333 -73.42 47.79 -87.96
N SER BA 334 -73.67 49.07 -87.72
CA SER BA 334 -74.48 49.54 -86.59
C SER BA 334 -73.93 49.02 -85.22
N GLY BA 335 -74.56 48.16 -84.41
CA GLY BA 335 -75.55 47.12 -84.69
C GLY BA 335 -74.93 45.75 -84.61
N ILE BA 336 -73.61 45.70 -84.81
CA ILE BA 336 -72.78 44.56 -84.45
C ILE BA 336 -71.44 45.12 -83.99
N GLY BA 337 -70.83 44.44 -83.04
CA GLY BA 337 -69.55 44.88 -82.54
C GLY BA 337 -69.62 46.19 -81.79
N SER BA 338 -68.43 46.71 -81.47
CA SER BA 338 -68.29 47.81 -80.54
C SER BA 338 -67.55 48.96 -81.19
N GLY BA 339 -67.88 50.17 -80.78
CA GLY BA 339 -67.12 51.33 -81.24
C GLY BA 339 -65.78 51.41 -80.52
N PHE BA 340 -64.75 51.76 -81.27
CA PHE BA 340 -63.41 51.91 -80.73
C PHE BA 340 -63.18 53.38 -80.40
N ASP BA 341 -62.89 53.67 -79.13
CA ASP BA 341 -62.85 55.03 -78.66
C ASP BA 341 -61.78 55.19 -77.57
N PRO BA 342 -61.06 56.32 -77.56
CA PRO BA 342 -60.77 57.23 -78.68
C PRO BA 342 -59.67 56.75 -79.61
N PRO BA 343 -59.93 56.74 -80.92
CA PRO BA 343 -58.84 56.94 -81.86
C PRO BA 343 -58.64 58.43 -82.19
N GLN BA 344 -57.43 59.00 -82.33
CA GLN BA 344 -56.22 58.76 -81.55
C GLN BA 344 -55.76 57.27 -81.51
N GLY BA 345 -55.18 56.68 -80.46
CA GLY BA 345 -54.53 57.29 -79.30
C GLY BA 345 -53.35 58.16 -79.67
N SER BA 346 -52.85 58.91 -78.69
CA SER BA 346 -51.79 59.89 -78.93
C SER BA 346 -52.18 60.80 -80.07
N LEU BA 347 -51.22 61.11 -80.94
CA LEU BA 347 -51.48 61.63 -82.29
C LEU BA 347 -52.54 62.71 -82.27
N ALA BA 348 -52.18 63.92 -81.85
CA ALA BA 348 -53.15 64.92 -81.40
C ALA BA 348 -54.34 65.03 -82.34
N PRO BA 349 -55.56 65.02 -81.82
CA PRO BA 349 -56.75 64.89 -82.67
C PRO BA 349 -57.05 66.15 -83.45
N THR BA 350 -57.91 65.98 -84.45
CA THR BA 350 -58.36 67.09 -85.28
C THR BA 350 -59.42 67.92 -84.57
N ASN BA 351 -60.60 67.34 -84.35
CA ASN BA 351 -61.64 68.09 -83.70
C ASN BA 351 -62.10 67.39 -82.43
N LEU BA 352 -63.13 67.97 -81.82
CA LEU BA 352 -63.68 67.51 -80.54
C LEU BA 352 -64.10 66.06 -80.60
N GLU BA 353 -64.43 65.57 -81.80
CA GLU BA 353 -65.02 64.24 -81.94
C GLU BA 353 -64.11 63.14 -81.40
N TYR BA 354 -62.81 63.37 -81.39
CA TYR BA 354 -61.83 62.40 -80.91
C TYR BA 354 -61.34 62.69 -79.49
N LYS BA 355 -61.84 63.73 -78.85
CA LYS BA 355 -61.17 64.35 -77.71
C LYS BA 355 -61.59 63.73 -76.38
N ILE BA 356 -62.29 62.60 -76.44
CA ILE BA 356 -63.03 61.98 -75.34
C ILE BA 356 -64.04 63.00 -74.83
N GLN BA 357 -64.51 62.82 -73.60
CA GLN BA 357 -65.46 63.69 -72.93
C GLN BA 357 -66.00 62.90 -71.75
N TRP BA 358 -66.57 63.52 -70.73
CA TRP BA 358 -67.44 62.80 -69.80
C TRP BA 358 -68.25 63.82 -69.01
N TYR BA 359 -69.34 63.34 -68.41
CA TYR BA 359 -70.25 64.27 -67.74
C TYR BA 359 -69.98 64.39 -66.26
N GLN BA 360 -69.15 63.51 -65.69
CA GLN BA 360 -68.83 63.49 -64.26
C GLN BA 360 -70.04 63.70 -63.37
N THR BA 361 -71.20 63.20 -63.80
CA THR BA 361 -72.47 63.41 -63.13
C THR BA 361 -73.55 62.64 -63.88
N PRO BA 362 -74.40 61.90 -63.18
CA PRO BA 362 -75.53 61.26 -63.88
C PRO BA 362 -76.59 62.23 -64.33
N GLN BA 363 -76.73 63.36 -63.65
CA GLN BA 363 -77.72 64.36 -64.05
C GLN BA 363 -77.29 65.13 -65.28
N GLY BA 364 -76.08 64.89 -65.77
CA GLY BA 364 -75.56 65.65 -66.90
C GLY BA 364 -76.37 65.49 -68.18
N THR BA 365 -76.85 66.61 -68.71
CA THR BA 365 -77.58 66.63 -69.97
C THR BA 365 -76.57 66.71 -71.11
N ASN BA 366 -77.05 66.99 -72.32
CA ASN BA 366 -76.16 66.98 -73.48
C ASN BA 366 -74.96 67.90 -73.28
N ASN BA 367 -75.19 69.18 -73.04
CA ASN BA 367 -74.15 70.07 -72.59
C ASN BA 367 -74.50 70.55 -71.19
N ASN BA 368 -73.82 69.97 -70.21
CA ASN BA 368 -73.88 70.24 -68.77
C ASN BA 368 -72.93 69.22 -68.17
N GLY BA 369 -72.38 69.49 -66.99
CA GLY BA 369 -71.27 68.64 -66.61
C GLY BA 369 -70.28 68.75 -67.75
N ASN BA 370 -70.01 67.61 -68.39
CA ASN BA 370 -69.49 67.62 -69.76
C ASN BA 370 -68.09 68.20 -69.84
N ILE BA 371 -67.20 67.76 -68.95
CA ILE BA 371 -65.83 68.23 -69.03
C ILE BA 371 -65.10 67.46 -70.12
N ILE BA 372 -64.33 68.16 -70.90
CA ILE BA 372 -63.74 67.62 -72.12
C ILE BA 372 -62.23 67.52 -71.93
N SER BA 373 -61.64 66.43 -72.39
CA SER BA 373 -60.21 66.26 -72.26
C SER BA 373 -59.47 67.33 -73.06
N ASN BA 374 -58.22 67.57 -72.68
CA ASN BA 374 -57.44 68.66 -73.24
C ASN BA 374 -56.00 68.19 -73.40
N GLN BA 375 -55.19 68.97 -74.11
CA GLN BA 375 -53.82 68.57 -74.31
C GLN BA 375 -52.99 68.83 -73.06
N PRO BA 376 -52.15 67.88 -72.64
CA PRO BA 376 -51.31 68.10 -71.45
C PRO BA 376 -50.25 69.15 -71.65
N LEU BA 377 -49.97 69.51 -72.90
CA LEU BA 377 -48.85 70.35 -73.33
C LEU BA 377 -47.54 69.60 -73.19
N SER BA 378 -47.55 68.38 -72.68
CA SER BA 378 -46.41 67.48 -72.82
C SER BA 378 -46.12 67.26 -74.29
N MET BA 379 -44.84 67.08 -74.60
CA MET BA 379 -44.43 67.04 -76.00
C MET BA 379 -44.40 65.65 -76.59
N LEU BA 380 -44.82 64.63 -75.86
CA LEU BA 380 -44.60 63.29 -76.38
C LEU BA 380 -45.50 62.77 -77.52
N ARG BA 381 -46.81 62.46 -77.42
CA ARG BA 381 -48.00 62.99 -76.70
C ARG BA 381 -48.76 64.03 -77.55
N ASP BA 382 -48.18 64.48 -78.66
CA ASP BA 382 -48.95 65.30 -79.60
C ASP BA 382 -48.90 64.65 -80.97
N GLN BA 383 -47.71 64.57 -81.56
CA GLN BA 383 -47.39 63.57 -82.58
C GLN BA 383 -48.31 63.65 -83.80
N ALA BA 384 -48.07 64.68 -84.61
CA ALA BA 384 -48.59 64.62 -85.96
C ALA BA 384 -47.73 63.69 -86.81
N LEU BA 385 -48.10 63.56 -88.08
CA LEU BA 385 -47.23 62.96 -89.07
C LEU BA 385 -47.66 63.50 -90.43
N PHE BA 386 -46.70 63.68 -91.33
CA PHE BA 386 -46.89 64.54 -92.48
C PHE BA 386 -46.69 63.84 -93.81
N ARG BA 387 -45.55 63.23 -94.06
CA ARG BA 387 -45.31 62.57 -95.35
C ARG BA 387 -45.39 63.64 -96.45
N GLY BA 388 -45.83 63.27 -97.65
CA GLY BA 388 -46.09 64.21 -98.73
C GLY BA 388 -44.92 65.09 -99.10
N ASN BA 389 -45.17 66.04 -99.98
CA ASN BA 389 -45.96 65.81 -101.17
C ASN BA 389 -44.95 65.78 -102.31
N GLN BA 390 -43.68 66.01 -101.92
CA GLN BA 390 -42.56 66.54 -102.69
C GLN BA 390 -42.62 68.06 -102.73
N THR BA 391 -43.74 68.66 -102.33
CA THR BA 391 -43.93 70.09 -102.30
C THR BA 391 -44.41 70.56 -100.93
N THR BA 392 -45.53 69.99 -100.45
CA THR BA 392 -46.12 70.35 -99.17
C THR BA 392 -46.19 69.11 -98.30
N TYR BA 393 -46.22 69.30 -96.99
CA TYR BA 393 -46.52 68.21 -96.07
C TYR BA 393 -48.02 68.16 -95.84
N ASN BA 394 -48.57 66.95 -95.77
CA ASN BA 394 -50.00 66.75 -95.61
C ASN BA 394 -50.27 65.75 -94.50
N LEU BA 395 -50.89 66.22 -93.42
CA LEU BA 395 -51.18 65.35 -92.28
C LEU BA 395 -51.87 64.07 -92.72
N CYS BA 396 -51.34 62.94 -92.27
CA CYS BA 396 -51.75 61.64 -92.78
C CYS BA 396 -52.61 60.91 -91.76
N SER BA 397 -53.71 60.33 -92.24
CA SER BA 397 -54.55 59.44 -91.47
C SER BA 397 -53.82 58.14 -91.19
N ASP BA 398 -54.38 57.36 -90.25
CA ASP BA 398 -53.77 56.12 -89.77
C ASP BA 398 -52.48 56.44 -89.02
N VAL BA 399 -51.33 55.94 -89.49
CA VAL BA 399 -50.15 55.72 -88.66
C VAL BA 399 -50.35 54.54 -87.72
N TRP BA 400 -50.23 53.33 -88.25
CA TRP BA 400 -50.24 52.08 -87.51
C TRP BA 400 -48.92 51.90 -86.75
N MET BA 401 -48.75 50.73 -86.16
CA MET BA 401 -47.52 50.47 -85.42
C MET BA 401 -46.32 50.41 -86.33
N PHE BA 402 -45.19 50.88 -85.84
CA PHE BA 402 -43.95 51.00 -86.57
C PHE BA 402 -42.80 50.83 -85.58
N PRO BA 403 -41.67 50.28 -86.02
CA PRO BA 403 -40.63 49.85 -85.06
C PRO BA 403 -40.14 50.90 -84.08
N ASN BA 404 -39.89 52.12 -84.52
CA ASN BA 404 -39.23 53.09 -83.67
C ASN BA 404 -40.21 53.97 -82.89
N GLN BA 405 -41.49 53.66 -82.93
CA GLN BA 405 -42.47 54.58 -82.39
C GLN BA 405 -42.32 54.79 -80.88
N ILE BA 406 -42.53 56.04 -80.47
CA ILE BA 406 -42.73 56.39 -79.07
C ILE BA 406 -44.00 57.20 -78.94
N TRP BA 407 -44.84 56.84 -77.99
CA TRP BA 407 -45.96 57.66 -77.60
C TRP BA 407 -45.99 57.68 -76.10
N ASP BA 408 -46.78 58.59 -75.55
CA ASP BA 408 -46.93 58.70 -74.12
C ASP BA 408 -48.34 58.26 -73.77
N ARG BA 409 -48.45 57.42 -72.76
CA ARG BA 409 -49.75 56.92 -72.35
C ARG BA 409 -50.63 58.08 -71.94
N TYR BA 410 -51.95 57.91 -72.09
CA TYR BA 410 -52.88 58.99 -71.83
C TYR BA 410 -52.63 59.58 -70.45
N PRO BA 411 -52.61 60.91 -70.31
CA PRO BA 411 -52.19 61.54 -69.05
C PRO BA 411 -53.09 61.25 -67.88
N ILE BA 412 -54.26 60.68 -68.15
CA ILE BA 412 -55.37 60.45 -67.22
C ILE BA 412 -55.69 61.72 -66.43
N THR BA 413 -56.20 61.54 -65.21
CA THR BA 413 -56.72 62.60 -64.35
C THR BA 413 -57.38 61.94 -63.15
N ARG BA 414 -57.89 62.72 -62.21
CA ARG BA 414 -58.51 62.14 -61.03
C ARG BA 414 -59.80 61.40 -61.34
N GLU BA 415 -60.44 61.68 -62.46
CA GLU BA 415 -61.75 61.11 -62.79
C GLU BA 415 -61.66 59.76 -63.49
N ASN BA 416 -60.50 59.24 -63.71
CA ASN BA 416 -60.35 58.10 -64.60
C ASN BA 416 -60.47 56.79 -63.87
N PRO BA 417 -60.82 55.72 -64.57
CA PRO BA 417 -60.69 54.39 -64.01
C PRO BA 417 -59.24 54.01 -63.79
N ILE BA 418 -58.98 53.32 -62.69
CA ILE BA 418 -57.63 52.91 -62.37
C ILE BA 418 -57.16 51.83 -63.34
N TRP BA 419 -57.94 50.77 -63.49
CA TRP BA 419 -57.53 49.61 -64.24
C TRP BA 419 -58.62 49.20 -65.22
N CYS BA 420 -58.23 48.30 -66.11
CA CYS BA 420 -59.11 47.63 -67.05
C CYS BA 420 -58.61 46.22 -67.21
N LYS BA 421 -59.52 45.25 -67.38
CA LYS BA 421 -59.09 43.88 -67.49
C LYS BA 421 -58.64 43.58 -68.92
N LYS BA 422 -57.45 43.02 -69.04
CA LYS BA 422 -56.94 42.58 -70.33
C LYS BA 422 -57.55 41.21 -70.64
N PRO BA 423 -58.39 41.11 -71.67
CA PRO BA 423 -59.05 39.84 -71.95
C PRO BA 423 -58.07 38.75 -72.37
N ARG BA 424 -58.35 37.54 -71.90
CA ARG BA 424 -57.48 36.40 -72.18
C ARG BA 424 -57.58 36.01 -73.64
N SER BA 425 -56.44 35.97 -74.31
CA SER BA 425 -56.41 35.59 -75.71
C SER BA 425 -55.01 35.09 -76.04
N ASP BA 426 -54.91 34.37 -77.15
CA ASP BA 426 -53.63 33.81 -77.54
C ASP BA 426 -52.60 34.90 -77.79
N LYS BA 427 -52.91 35.82 -78.69
CA LYS BA 427 -51.96 36.82 -79.14
C LYS BA 427 -52.48 38.21 -78.88
N HIS BA 428 -51.57 39.14 -78.64
CA HIS BA 428 -51.92 40.54 -78.49
C HIS BA 428 -50.70 41.40 -78.74
N THR BA 429 -50.95 42.67 -79.01
CA THR BA 429 -49.91 43.68 -79.21
C THR BA 429 -49.58 44.39 -77.90
N THR BA 430 -48.96 45.57 -77.98
CA THR BA 430 -48.32 46.19 -76.82
C THR BA 430 -49.26 46.33 -75.62
N ILE BA 431 -50.56 46.41 -75.85
CA ILE BA 431 -51.55 46.63 -74.79
C ILE BA 431 -51.32 47.96 -74.08
N ASP BA 432 -51.59 49.07 -74.76
CA ASP BA 432 -51.71 50.35 -74.08
C ASP BA 432 -53.12 50.87 -74.26
N PRO BA 433 -53.98 50.82 -73.26
CA PRO BA 433 -55.34 51.33 -73.43
C PRO BA 433 -55.35 52.83 -73.62
N PHE BA 434 -56.18 53.29 -74.55
CA PHE BA 434 -56.25 54.72 -74.86
C PHE BA 434 -57.17 55.47 -73.93
N ASP BA 435 -57.77 54.79 -72.98
CA ASP BA 435 -58.53 55.42 -71.91
C ASP BA 435 -57.63 55.80 -70.76
N GLY BA 436 -56.32 55.68 -70.94
CA GLY BA 436 -55.43 55.67 -69.81
C GLY BA 436 -55.65 54.37 -69.07
N SER BA 437 -55.99 54.46 -67.79
CA SER BA 437 -56.24 53.29 -66.96
C SER BA 437 -55.06 52.33 -67.03
N LEU BA 438 -55.36 51.03 -66.99
CA LEU BA 438 -54.33 50.01 -66.91
C LEU BA 438 -54.91 48.71 -67.43
N ALA BA 439 -54.03 47.78 -67.76
CA ALA BA 439 -54.45 46.45 -68.15
C ALA BA 439 -53.79 45.45 -67.21
N MET BA 440 -54.58 44.50 -66.75
CA MET BA 440 -54.05 43.45 -65.88
C MET BA 440 -54.65 42.12 -66.28
N ASP BA 441 -53.84 41.07 -66.19
CA ASP BA 441 -54.37 39.73 -66.35
C ASP BA 441 -55.52 39.49 -65.40
N HIS BA 442 -55.25 39.63 -64.10
CA HIS BA 442 -56.27 39.55 -63.08
C HIS BA 442 -56.36 40.89 -62.38
N PRO BA 443 -57.38 41.69 -62.65
CA PRO BA 443 -57.60 42.90 -61.88
C PRO BA 443 -58.17 42.54 -60.52
N PRO BA 444 -58.51 43.52 -59.70
CA PRO BA 444 -59.26 43.19 -58.48
C PRO BA 444 -60.52 42.43 -58.83
N GLY BA 445 -60.70 41.29 -58.16
CA GLY BA 445 -61.89 40.50 -58.40
C GLY BA 445 -63.12 41.25 -57.93
N THR BA 446 -64.12 41.32 -58.80
CA THR BA 446 -65.35 42.02 -58.44
C THR BA 446 -66.02 41.30 -57.28
N ILE BA 447 -66.41 42.06 -56.26
CA ILE BA 447 -67.10 41.53 -55.12
C ILE BA 447 -68.59 41.65 -55.38
N PHE BA 448 -69.28 40.51 -55.37
CA PHE BA 448 -70.70 40.45 -55.63
C PHE BA 448 -71.44 40.24 -54.32
N ILE BA 449 -72.65 40.77 -54.25
CA ILE BA 449 -73.43 40.71 -53.02
C ILE BA 449 -74.90 40.67 -53.38
N LYS BA 450 -75.68 39.90 -52.62
CA LYS BA 450 -77.07 39.64 -52.91
C LYS BA 450 -77.80 39.53 -51.58
N MET BA 451 -79.12 39.59 -51.64
CA MET BA 451 -79.95 39.72 -50.46
C MET BA 451 -80.50 38.41 -49.90
N ALA BA 452 -80.10 37.26 -50.43
CA ALA BA 452 -80.48 36.00 -49.80
C ALA BA 452 -81.98 35.81 -49.74
N LYS BA 453 -82.59 35.42 -50.85
CA LYS BA 453 -84.04 35.35 -50.96
C LYS BA 453 -84.65 34.64 -49.77
N ILE BA 454 -85.63 35.29 -49.15
CA ILE BA 454 -86.38 34.71 -48.06
C ILE BA 454 -87.81 34.52 -48.56
N PRO BA 455 -88.21 33.30 -48.88
CA PRO BA 455 -89.53 33.09 -49.48
C PRO BA 455 -90.62 33.14 -48.42
N VAL BA 456 -91.85 33.07 -48.89
CA VAL BA 456 -93.01 33.11 -48.01
C VAL BA 456 -94.02 32.12 -48.53
N PRO BA 457 -94.76 31.45 -47.67
CA PRO BA 457 -95.65 30.37 -48.14
C PRO BA 457 -96.86 30.92 -48.85
N SER BA 458 -97.35 30.15 -49.83
CA SER BA 458 -98.56 30.49 -50.55
C SER BA 458 -99.20 29.20 -51.06
N ASN BA 459 -100.38 29.35 -51.67
CA ASN BA 459 -101.13 28.20 -52.16
C ASN BA 459 -100.68 27.75 -53.54
N ASN BA 460 -100.42 28.70 -54.43
CA ASN BA 460 -100.20 28.44 -55.85
C ASN BA 460 -99.24 27.28 -56.22
N ASN BA 461 -98.04 27.20 -55.65
CA ASN BA 461 -97.51 28.14 -54.67
C ASN BA 461 -96.51 29.08 -55.31
N ALA BA 462 -95.98 29.99 -54.49
CA ALA BA 462 -95.00 30.97 -54.90
C ALA BA 462 -95.55 31.81 -56.09
N ASP BA 463 -94.72 32.41 -56.97
CA ASP BA 463 -93.42 32.98 -56.62
C ASP BA 463 -93.63 34.21 -55.75
N SER BA 464 -93.06 34.15 -54.55
CA SER BA 464 -93.21 35.24 -53.59
C SER BA 464 -92.03 35.20 -52.65
N TYR BA 465 -91.67 36.36 -52.13
CA TYR BA 465 -90.49 36.48 -51.30
C TYR BA 465 -90.66 37.67 -50.38
N LEU BA 466 -89.81 37.73 -49.37
CA LEU BA 466 -89.89 38.78 -48.38
C LEU BA 466 -89.02 39.95 -48.80
N ASN BA 467 -89.53 41.16 -48.63
CA ASN BA 467 -88.90 42.35 -49.18
C ASN BA 467 -87.96 42.95 -48.13
N ILE BA 468 -86.66 42.89 -48.39
CA ILE BA 468 -85.64 43.34 -47.45
C ILE BA 468 -84.55 44.09 -48.22
N TYR BA 469 -83.67 44.75 -47.47
CA TYR BA 469 -82.49 45.33 -48.05
C TYR BA 469 -81.38 45.33 -47.01
N CYS BA 470 -80.15 45.42 -47.49
CA CYS BA 470 -78.99 45.38 -46.62
C CYS BA 470 -78.31 46.73 -46.62
N THR BA 471 -77.59 47.00 -45.54
CA THR BA 471 -76.89 48.26 -45.41
C THR BA 471 -75.64 47.98 -44.59
N GLY BA 472 -74.54 48.61 -44.96
CA GLY BA 472 -73.32 48.30 -44.27
C GLY BA 472 -72.20 49.20 -44.74
N GLN BA 473 -70.98 48.81 -44.39
CA GLN BA 473 -69.83 49.66 -44.61
C GLN BA 473 -68.72 48.88 -45.28
N VAL BA 474 -68.29 49.35 -46.44
CA VAL BA 474 -67.12 48.83 -47.13
C VAL BA 474 -65.95 49.73 -46.80
N SER BA 475 -64.80 49.14 -46.51
CA SER BA 475 -63.59 49.91 -46.35
C SER BA 475 -62.59 49.38 -47.36
N CYS BA 476 -62.27 50.20 -48.35
CA CYS BA 476 -61.29 49.84 -49.36
C CYS BA 476 -59.99 50.54 -49.02
N GLU BA 477 -59.01 49.79 -48.57
CA GLU BA 477 -57.71 50.32 -48.16
C GLU BA 477 -56.68 49.76 -49.13
N ILE BA 478 -56.11 50.62 -49.97
CA ILE BA 478 -55.20 50.18 -51.02
C ILE BA 478 -53.86 50.87 -50.84
N VAL BA 479 -52.80 50.13 -51.11
CA VAL BA 479 -51.44 50.61 -50.97
C VAL BA 479 -50.89 50.90 -52.36
N TRP BA 480 -50.16 51.99 -52.49
CA TRP BA 480 -49.67 52.46 -53.78
C TRP BA 480 -48.16 52.46 -53.75
N GLU BA 481 -47.53 51.66 -54.59
CA GLU BA 481 -46.11 51.85 -54.84
C GLU BA 481 -45.92 53.21 -55.48
N VAL BA 482 -45.04 54.01 -54.90
CA VAL BA 482 -44.90 55.40 -55.30
C VAL BA 482 -43.42 55.75 -55.33
N GLU BA 483 -43.03 56.60 -56.28
CA GLU BA 483 -41.65 56.99 -56.45
C GLU BA 483 -41.55 58.50 -56.56
N ARG BA 484 -40.59 59.08 -55.86
CA ARG BA 484 -40.49 60.53 -55.70
C ARG BA 484 -39.44 61.08 -56.64
N TYR BA 485 -39.66 62.29 -57.14
CA TYR BA 485 -38.87 62.80 -58.25
C TYR BA 485 -37.73 63.68 -57.76
N ALA BA 486 -36.60 63.58 -58.46
CA ALA BA 486 -35.49 64.50 -58.31
C ALA BA 486 -35.02 64.87 -59.71
N THR BA 487 -34.62 66.12 -59.88
CA THR BA 487 -34.23 66.57 -61.21
C THR BA 487 -33.20 67.67 -61.10
N LYS BA 488 -32.46 67.86 -62.18
CA LYS BA 488 -31.42 68.86 -62.24
C LYS BA 488 -31.89 70.16 -62.88
N ASN BA 489 -33.17 70.26 -63.21
CA ASN BA 489 -33.68 71.50 -63.79
C ASN BA 489 -33.48 72.65 -62.82
N TRP BA 490 -33.11 73.79 -63.36
CA TRP BA 490 -32.92 74.99 -62.54
C TRP BA 490 -34.24 75.68 -62.26
N ARG BA 491 -35.18 75.58 -63.14
CA ARG BA 491 -36.38 76.40 -63.14
C ARG BA 491 -37.52 75.78 -62.34
N PRO BA 492 -38.51 76.60 -61.98
CA PRO BA 492 -39.55 76.17 -61.02
C PRO BA 492 -40.43 75.00 -61.45
N GLU BA 493 -40.45 74.60 -62.72
CA GLU BA 493 -41.38 73.57 -63.25
C GLU BA 493 -42.81 74.03 -62.99
N ARG BA 494 -43.73 73.11 -62.67
CA ARG BA 494 -45.15 73.41 -62.66
C ARG BA 494 -45.83 72.53 -61.63
N ARG BA 495 -46.88 73.05 -61.01
CA ARG BA 495 -47.64 72.31 -60.02
C ARG BA 495 -49.12 72.52 -60.30
N HIS BA 496 -49.96 71.98 -59.44
CA HIS BA 496 -51.40 72.19 -59.53
C HIS BA 496 -51.84 73.09 -58.40
N THR BA 497 -52.11 74.35 -58.73
CA THR BA 497 -52.71 75.30 -57.82
C THR BA 497 -54.23 75.12 -57.81
N THR BA 498 -54.84 75.60 -56.73
CA THR BA 498 -56.26 75.87 -56.76
C THR BA 498 -56.59 76.97 -57.76
N PHE BA 499 -55.62 77.76 -58.20
CA PHE BA 499 -55.96 78.84 -59.12
C PHE BA 499 -56.43 78.33 -60.46
N GLY BA 500 -56.09 77.11 -60.84
CA GLY BA 500 -56.74 76.50 -61.98
C GLY BA 500 -58.21 76.28 -61.73
N LEU BA 501 -58.59 76.13 -60.47
CA LEU BA 501 -59.99 75.93 -60.09
C LEU BA 501 -60.77 77.22 -60.21
N GLY BA 502 -62.09 77.11 -60.21
CA GLY BA 502 -62.95 78.27 -60.35
C GLY BA 502 -64.21 78.10 -59.55
N ILE BA 503 -64.89 79.23 -59.34
CA ILE BA 503 -66.00 79.35 -58.41
C ILE BA 503 -67.28 78.84 -59.07
N GLY BA 504 -68.17 78.25 -58.29
CA GLY BA 504 -69.41 77.74 -58.87
C GLY BA 504 -70.42 77.32 -57.82
N GLY BA 505 -71.61 77.00 -58.32
CA GLY BA 505 -72.72 76.46 -57.56
C GLY BA 505 -73.62 77.52 -56.96
N ALA BA 506 -74.92 77.23 -56.92
CA ALA BA 506 -75.95 78.09 -56.35
C ALA BA 506 -75.77 79.55 -56.73
N ASP BA 507 -75.91 80.43 -55.75
CA ASP BA 507 -75.23 81.72 -55.83
C ASP BA 507 -73.74 81.44 -55.82
N ASN BA 508 -72.99 82.14 -56.67
CA ASN BA 508 -71.71 81.63 -57.16
C ASN BA 508 -70.80 81.13 -56.04
N LEU BA 509 -71.05 81.55 -54.81
CA LEU BA 509 -70.18 81.26 -53.68
C LEU BA 509 -69.86 79.78 -53.56
N ASN BA 510 -68.69 79.51 -52.98
CA ASN BA 510 -67.92 78.27 -52.82
C ASN BA 510 -67.17 78.01 -54.10
N PRO BA 511 -65.92 77.55 -54.04
CA PRO BA 511 -65.14 77.51 -55.27
C PRO BA 511 -65.41 76.34 -56.21
N THR BA 512 -64.92 75.16 -55.87
CA THR BA 512 -65.04 74.04 -56.79
C THR BA 512 -65.26 72.72 -56.07
N TYR BA 513 -64.27 72.22 -55.35
CA TYR BA 513 -64.49 71.01 -54.57
C TYR BA 513 -64.95 71.46 -53.19
N HIS BA 514 -66.25 71.39 -52.97
CA HIS BA 514 -66.83 72.05 -51.82
C HIS BA 514 -68.35 71.89 -51.91
N VAL BA 515 -69.01 72.08 -50.78
CA VAL BA 515 -70.45 71.92 -50.71
C VAL BA 515 -71.18 73.20 -51.13
N ASP BA 516 -72.41 73.02 -51.58
CA ASP BA 516 -73.34 74.09 -51.90
C ASP BA 516 -74.14 74.45 -50.64
N LYS BA 517 -75.24 75.20 -50.76
CA LYS BA 517 -75.89 75.72 -49.55
C LYS BA 517 -77.13 75.10 -48.82
N ASN BA 518 -77.97 74.15 -49.28
CA ASN BA 518 -78.19 73.53 -50.60
C ASN BA 518 -77.25 72.37 -50.85
N GLY BA 519 -76.45 72.03 -49.85
CA GLY BA 519 -75.15 71.44 -50.14
C GLY BA 519 -75.16 70.29 -51.11
N THR BA 520 -74.50 70.56 -52.22
CA THR BA 520 -74.26 69.64 -53.30
C THR BA 520 -72.84 69.90 -53.76
N TYR BA 521 -72.03 68.87 -53.73
CA TYR BA 521 -70.61 68.98 -54.04
C TYR BA 521 -70.45 69.58 -55.43
N ILE BA 522 -69.74 70.71 -55.51
CA ILE BA 522 -69.62 71.41 -56.78
C ILE BA 522 -68.69 70.62 -57.70
N GLN BA 523 -69.12 70.42 -58.86
CA GLN BA 523 -68.23 69.60 -59.69
C GLN BA 523 -67.23 70.47 -60.43
N PRO BA 524 -66.03 69.92 -60.63
CA PRO BA 524 -65.02 70.63 -61.42
C PRO BA 524 -65.46 70.76 -62.87
N THR BA 525 -65.32 71.96 -63.42
CA THR BA 525 -65.77 72.27 -64.77
C THR BA 525 -64.58 72.44 -65.69
N THR BA 526 -64.61 71.71 -66.80
CA THR BA 526 -63.57 71.33 -67.76
C THR BA 526 -62.37 70.59 -67.18
N TRP BA 527 -61.25 70.63 -67.89
CA TRP BA 527 -60.24 69.58 -67.74
C TRP BA 527 -59.21 69.89 -66.68
N ASP BA 528 -58.73 71.15 -66.64
CA ASP BA 528 -57.65 71.49 -65.73
C ASP BA 528 -58.07 71.39 -64.28
N MET BA 529 -59.36 71.61 -63.98
CA MET BA 529 -59.86 71.46 -62.62
C MET BA 529 -59.40 70.15 -62.01
N CYS BA 530 -59.92 69.04 -62.53
CA CYS BA 530 -59.31 67.75 -62.26
C CYS BA 530 -57.85 67.82 -62.64
N PHE BA 531 -56.98 67.43 -61.73
CA PHE BA 531 -55.57 67.75 -61.96
C PHE BA 531 -54.88 66.55 -62.58
N PRO BA 532 -54.56 66.60 -63.88
CA PRO BA 532 -54.04 65.42 -64.55
C PRO BA 532 -52.58 65.21 -64.20
N VAL BA 533 -52.18 63.95 -64.07
CA VAL BA 533 -50.75 63.68 -64.06
C VAL BA 533 -50.21 63.88 -65.46
N LYS BA 534 -48.89 63.99 -65.56
CA LYS BA 534 -48.12 64.05 -66.80
C LYS BA 534 -48.03 65.48 -67.32
N THR BA 535 -48.73 66.43 -66.69
CA THR BA 535 -48.59 67.83 -67.01
C THR BA 535 -47.56 68.52 -66.14
N ASN BA 536 -46.92 67.81 -65.23
CA ASN BA 536 -46.00 68.41 -64.28
C ASN BA 536 -44.64 67.73 -64.34
N ILE BA 537 -43.77 68.17 -63.43
CA ILE BA 537 -42.38 67.78 -63.34
C ILE BA 537 -41.73 67.98 -64.71
N ASN BA 538 -40.73 67.17 -65.03
CA ASN BA 538 -40.10 67.10 -66.34
C ASN BA 538 -39.32 65.80 -66.38
N LYS BA 539 -38.97 65.37 -67.59
CA LYS BA 539 -38.03 64.27 -67.73
C LYS BA 539 -37.12 64.55 -68.91
N VAL BA 540 -35.82 64.39 -68.70
CA VAL BA 540 -34.93 64.30 -69.84
C VAL BA 540 -35.20 62.98 -70.55
N LEU BA 541 -35.46 63.05 -71.84
CA LEU BA 541 -35.76 61.86 -72.60
C LEU BA 541 -34.49 61.05 -72.83
N GLY CA 34 -1.79 63.23 -53.31
CA GLY CA 34 -0.67 64.15 -53.42
C GLY CA 34 -0.89 65.48 -52.74
N SER CA 35 0.09 66.38 -52.87
CA SER CA 35 0.01 67.69 -52.25
C SER CA 35 0.91 68.65 -53.01
N GLY CA 36 0.67 69.94 -52.82
CA GLY CA 36 1.48 70.98 -53.43
C GLY CA 36 0.81 71.59 -54.64
N VAL CA 37 1.54 72.53 -55.25
CA VAL CA 37 1.06 73.14 -56.49
C VAL CA 37 0.89 72.07 -57.56
N GLY CA 38 -0.14 72.23 -58.37
CA GLY CA 38 -0.43 71.28 -59.41
C GLY CA 38 -1.35 70.15 -59.00
N ILE CA 39 -1.80 70.13 -57.76
CA ILE CA 39 -2.74 69.14 -57.26
C ILE CA 39 -3.92 69.92 -56.69
N SER CA 40 -5.10 69.78 -57.29
CA SER CA 40 -6.25 70.53 -56.83
C SER CA 40 -6.65 70.06 -55.44
N THR CA 41 -7.10 70.99 -54.61
CA THR CA 41 -7.38 70.62 -53.23
C THR CA 41 -8.75 69.98 -53.08
N GLY CA 42 -9.76 70.53 -53.73
CA GLY CA 42 -11.09 69.96 -53.67
C GLY CA 42 -11.81 70.24 -54.97
N GLY CA 43 -12.89 69.50 -55.19
CA GLY CA 43 -13.66 69.60 -56.41
C GLY CA 43 -14.92 70.42 -56.25
N TRP CA 44 -15.61 70.59 -57.38
CA TRP CA 44 -16.86 71.33 -57.40
C TRP CA 44 -17.95 70.54 -56.70
N VAL CA 45 -18.95 71.25 -56.20
CA VAL CA 45 -20.00 70.66 -55.37
C VAL CA 45 -21.31 71.37 -55.66
N GLY CA 46 -22.42 70.65 -55.53
CA GLY CA 46 -23.73 71.28 -55.61
C GLY CA 46 -24.83 70.25 -55.81
N GLY CA 47 -26.04 70.76 -56.06
CA GLY CA 47 -27.15 69.95 -56.56
C GLY CA 47 -28.25 69.63 -55.57
N SER CA 48 -28.18 70.14 -54.35
CA SER CA 48 -29.10 69.88 -53.25
C SER CA 48 -29.35 68.41 -52.93
N TYR CA 49 -30.45 68.13 -52.22
CA TYR CA 49 -30.69 66.76 -51.76
C TYR CA 49 -32.15 66.35 -51.59
N PHE CA 50 -32.84 66.97 -50.62
CA PHE CA 50 -34.24 66.72 -50.28
C PHE CA 50 -34.63 65.34 -49.76
N THR CA 51 -34.36 65.09 -48.48
CA THR CA 51 -34.99 64.03 -47.70
C THR CA 51 -36.03 64.63 -46.77
N ASP CA 52 -37.07 63.85 -46.45
CA ASP CA 52 -38.18 64.28 -45.61
C ASP CA 52 -37.73 64.99 -44.34
N SER CA 53 -36.69 64.48 -43.70
CA SER CA 53 -36.24 65.06 -42.43
C SER CA 53 -35.36 66.27 -42.63
N TYR CA 54 -34.58 66.33 -43.71
CA TYR CA 54 -33.66 67.45 -43.89
C TYR CA 54 -33.35 67.63 -45.36
N VAL CA 55 -32.89 68.83 -45.69
CA VAL CA 55 -32.49 69.20 -47.04
C VAL CA 55 -31.05 69.69 -46.99
N ILE CA 56 -30.19 69.11 -47.82
CA ILE CA 56 -28.79 69.51 -47.91
C ILE CA 56 -28.60 70.27 -49.21
N THR CA 57 -28.35 71.56 -49.11
CA THR CA 57 -28.05 72.38 -50.27
C THR CA 57 -26.55 72.59 -50.36
N LYS CA 58 -26.00 72.36 -51.54
CA LYS CA 58 -24.57 72.47 -51.78
C LYS CA 58 -24.35 73.49 -52.88
N ASN CA 59 -23.33 74.32 -52.73
CA ASN CA 59 -23.04 75.36 -53.70
C ASN CA 59 -21.55 75.58 -53.77
N THR CA 60 -21.09 76.09 -54.89
CA THR CA 60 -19.68 76.37 -55.10
C THR CA 60 -19.56 77.61 -55.97
N ARG CA 61 -18.51 78.39 -55.76
CA ARG CA 61 -18.36 79.67 -56.43
C ARG CA 61 -16.93 79.87 -56.88
N GLN CA 62 -16.75 80.90 -57.68
CA GLN CA 62 -15.44 81.40 -58.05
C GLN CA 62 -15.39 82.84 -57.57
N PHE CA 63 -14.38 83.19 -56.78
CA PHE CA 63 -14.32 84.51 -56.19
C PHE CA 63 -12.96 85.14 -56.47
N LEU CA 64 -12.86 86.45 -56.22
CA LEU CA 64 -11.55 87.08 -56.28
C LEU CA 64 -11.45 88.20 -55.25
N VAL CA 65 -10.26 88.32 -54.67
CA VAL CA 65 -9.94 89.34 -53.67
C VAL CA 65 -9.05 90.37 -54.34
N LYS CA 66 -9.40 91.64 -54.22
CA LYS CA 66 -8.88 92.68 -55.09
C LYS CA 66 -7.78 93.54 -54.47
N ILE CA 67 -7.40 93.32 -53.21
CA ILE CA 67 -6.57 94.28 -52.46
C ILE CA 67 -7.32 95.61 -52.38
N GLN CA 68 -8.33 95.68 -51.51
CA GLN CA 68 -9.02 96.95 -51.32
C GLN CA 68 -8.23 97.86 -50.38
N ASN CA 69 -8.28 99.15 -50.67
CA ASN CA 69 -7.88 100.20 -49.72
C ASN CA 69 -6.39 100.17 -49.42
N ASN CA 70 -5.58 99.93 -50.45
CA ASN CA 70 -4.15 99.61 -50.27
C ASN CA 70 -4.14 98.48 -49.24
N HIS CA 71 -3.21 98.43 -48.31
CA HIS CA 71 -3.43 97.61 -47.12
C HIS CA 71 -3.74 98.43 -45.89
N GLN CA 72 -3.68 99.74 -45.97
CA GLN CA 72 -4.01 100.60 -44.86
C GLN CA 72 -5.52 100.74 -44.68
N TYR CA 73 -5.91 101.18 -43.49
CA TYR CA 73 -7.30 101.26 -43.03
C TYR CA 73 -8.01 102.55 -43.42
N LYS CA 74 -7.50 103.69 -42.98
CA LYS CA 74 -8.16 104.99 -43.02
C LYS CA 74 -9.48 105.00 -42.26
N THR CA 75 -10.36 105.93 -42.62
CA THR CA 75 -11.64 106.13 -41.95
C THR CA 75 -12.73 106.39 -43.01
N GLU CA 76 -12.49 107.40 -43.84
CA GLU CA 76 -13.18 107.72 -45.09
C GLU CA 76 -14.40 108.63 -45.00
N LEU CA 77 -14.98 108.82 -43.81
CA LEU CA 77 -16.02 109.85 -43.61
C LEU CA 77 -16.96 109.95 -44.80
N ILE CA 78 -17.80 108.94 -44.99
CA ILE CA 78 -18.31 108.61 -46.32
C ILE CA 78 -19.02 109.80 -47.00
N SER CA 79 -20.26 110.06 -46.61
CA SER CA 79 -21.06 111.22 -47.02
C SER CA 79 -21.32 111.26 -48.51
N PRO CA 80 -22.44 111.81 -48.95
CA PRO CA 80 -22.46 112.53 -50.22
C PRO CA 80 -22.33 114.02 -49.95
N SER CA 81 -22.30 114.84 -50.99
CA SER CA 81 -22.48 116.28 -50.78
C SER CA 81 -23.32 116.96 -51.87
N THR CA 82 -24.45 117.61 -51.55
CA THR CA 82 -25.35 117.43 -50.38
C THR CA 82 -24.76 117.25 -48.98
N SER CA 83 -23.90 118.20 -48.58
CA SER CA 83 -23.25 118.14 -47.28
C SER CA 83 -24.24 118.03 -46.12
N GLN CA 84 -25.51 118.35 -46.37
CA GLN CA 84 -26.55 118.17 -45.35
C GLN CA 84 -26.74 116.71 -44.97
N GLY CA 85 -26.15 115.78 -45.71
CA GLY CA 85 -26.36 114.37 -45.45
C GLY CA 85 -25.81 113.93 -44.11
N LYS CA 86 -25.99 112.64 -43.82
CA LYS CA 86 -25.57 112.10 -42.54
C LYS CA 86 -24.06 112.11 -42.39
N SER CA 87 -23.33 111.72 -43.43
CA SER CA 87 -21.88 111.79 -43.45
C SER CA 87 -21.26 110.91 -42.37
N GLN CA 88 -21.71 109.66 -42.30
CA GLN CA 88 -21.12 108.71 -41.37
C GLN CA 88 -19.63 108.53 -41.66
N ARG CA 89 -18.84 108.45 -40.60
CA ARG CA 89 -17.38 108.45 -40.78
C ARG CA 89 -16.87 107.07 -41.18
N CYS CA 90 -17.47 106.03 -40.60
CA CYS CA 90 -17.08 104.64 -40.80
C CYS CA 90 -15.60 104.35 -40.59
N VAL CA 91 -15.14 103.23 -41.15
CA VAL CA 91 -13.76 102.79 -41.17
C VAL CA 91 -13.61 101.87 -42.36
N SER CA 92 -12.51 101.96 -43.08
CA SER CA 92 -12.26 101.03 -44.17
C SER CA 92 -11.12 100.12 -43.75
N THR CA 93 -11.11 98.91 -44.27
CA THR CA 93 -10.10 97.93 -43.93
C THR CA 93 -9.60 97.27 -45.20
N PRO CA 94 -8.39 96.71 -45.18
CA PRO CA 94 -7.92 95.92 -46.33
C PRO CA 94 -8.70 94.64 -46.54
N TRP CA 95 -9.50 94.23 -45.57
CA TRP CA 95 -10.13 92.92 -45.61
C TRP CA 95 -11.37 92.92 -46.49
N SER CA 96 -11.65 91.75 -47.04
CA SER CA 96 -12.90 91.46 -47.74
C SER CA 96 -13.54 90.29 -47.02
N TYR CA 97 -14.84 90.10 -47.23
CA TYR CA 97 -15.54 89.08 -46.47
C TYR CA 97 -16.53 88.34 -47.35
N PHE CA 98 -16.85 87.12 -46.90
CA PHE CA 98 -17.85 86.29 -47.55
C PHE CA 98 -19.19 86.49 -46.86
N ASN CA 99 -20.18 86.93 -47.62
CA ASN CA 99 -21.55 87.04 -47.14
C ASN CA 99 -22.35 85.90 -47.75
N PHE CA 100 -22.76 84.95 -46.93
CA PHE CA 100 -23.57 83.83 -47.38
C PHE CA 100 -25.05 84.01 -47.12
N ASN CA 101 -25.48 85.18 -46.64
CA ASN CA 101 -26.81 85.32 -46.07
C ASN CA 101 -27.78 85.75 -47.17
N GLN CA 102 -28.59 84.80 -47.62
CA GLN CA 102 -29.72 85.00 -48.52
C GLN CA 102 -30.23 83.62 -48.87
N TYR CA 103 -31.50 83.53 -49.26
CA TYR CA 103 -32.01 82.23 -49.68
C TYR CA 103 -31.68 81.94 -51.13
N SER CA 104 -31.81 82.94 -51.99
CA SER CA 104 -31.59 82.71 -53.42
C SER CA 104 -30.19 82.27 -53.73
N SER CA 105 -29.27 82.39 -52.80
CA SER CA 105 -27.91 81.90 -53.02
C SER CA 105 -27.85 80.39 -52.88
N HIS CA 106 -28.57 79.84 -51.91
CA HIS CA 106 -28.47 78.43 -51.58
C HIS CA 106 -29.52 77.57 -52.25
N PHE CA 107 -30.53 78.16 -52.88
CA PHE CA 107 -31.63 77.40 -53.46
C PHE CA 107 -31.85 77.81 -54.90
N SER CA 108 -31.83 76.84 -55.79
CA SER CA 108 -32.26 77.09 -57.15
C SER CA 108 -33.75 77.41 -57.14
N PRO CA 109 -34.23 78.10 -58.18
CA PRO CA 109 -35.67 78.34 -58.25
C PRO CA 109 -36.51 77.09 -58.21
N GLN CA 110 -35.96 75.92 -58.53
CA GLN CA 110 -36.70 74.70 -58.29
C GLN CA 110 -36.51 74.13 -56.90
N ASP CA 111 -35.30 74.16 -56.36
CA ASP CA 111 -35.11 73.68 -54.99
C ASP CA 111 -35.99 74.45 -54.02
N TRP CA 112 -35.85 75.77 -54.00
CA TRP CA 112 -36.92 76.61 -53.53
C TRP CA 112 -38.12 76.31 -54.41
N GLN CA 113 -39.32 76.30 -53.83
CA GLN CA 113 -40.54 75.79 -54.44
C GLN CA 113 -40.62 74.28 -54.39
N ARG CA 114 -39.53 73.58 -54.22
CA ARG CA 114 -39.70 72.20 -53.79
C ARG CA 114 -39.92 72.10 -52.31
N LEU CA 115 -39.23 72.92 -51.52
CA LEU CA 115 -39.54 72.99 -50.09
C LEU CA 115 -40.72 73.89 -49.80
N THR CA 116 -40.87 74.98 -50.53
CA THR CA 116 -41.99 75.87 -50.28
C THR CA 116 -43.31 75.17 -50.53
N ASN CA 117 -43.34 74.25 -51.50
CA ASN CA 117 -44.55 73.49 -51.74
C ASN CA 117 -44.69 72.32 -50.78
N GLU CA 118 -43.59 71.62 -50.51
CA GLU CA 118 -43.68 70.32 -49.87
C GLU CA 118 -43.46 70.30 -48.37
N TYR CA 119 -43.18 71.44 -47.73
CA TYR CA 119 -42.84 71.39 -46.31
C TYR CA 119 -43.50 72.50 -45.51
N LYS CA 120 -43.84 72.17 -44.26
CA LYS CA 120 -44.38 73.17 -43.34
C LYS CA 120 -43.34 74.21 -42.98
N ARG CA 121 -42.16 73.77 -42.57
CA ARG CA 121 -41.24 74.66 -41.92
C ARG CA 121 -39.83 74.15 -42.11
N PHE CA 122 -38.87 75.06 -42.01
CA PHE CA 122 -37.48 74.69 -42.17
C PHE CA 122 -36.64 75.70 -41.43
N ARG CA 123 -35.48 75.24 -40.98
CA ARG CA 123 -34.49 76.14 -40.43
C ARG CA 123 -33.13 75.56 -40.76
N PRO CA 124 -32.13 76.39 -40.98
CA PRO CA 124 -30.80 75.83 -41.26
C PRO CA 124 -30.25 75.15 -40.03
N LYS CA 125 -29.83 73.90 -40.19
CA LYS CA 125 -29.27 73.15 -39.07
C LYS CA 125 -27.79 73.41 -38.88
N GLY CA 126 -27.04 73.46 -39.97
CA GLY CA 126 -25.60 73.62 -39.89
C GLY CA 126 -25.07 74.17 -41.18
N MET CA 127 -23.78 74.48 -41.19
CA MET CA 127 -23.15 75.11 -42.33
C MET CA 127 -21.69 74.67 -42.38
N HIS CA 128 -21.20 74.43 -43.59
CA HIS CA 128 -19.84 73.97 -43.78
C HIS CA 128 -19.27 74.68 -44.98
N VAL CA 129 -18.16 75.40 -44.81
CA VAL CA 129 -17.60 76.23 -45.85
C VAL CA 129 -16.17 75.80 -46.09
N LYS CA 130 -15.76 75.77 -47.35
CA LYS CA 130 -14.42 75.34 -47.73
C LYS CA 130 -13.85 76.30 -48.74
N ILE CA 131 -12.73 76.92 -48.40
CA ILE CA 131 -11.93 77.68 -49.36
C ILE CA 131 -10.91 76.71 -49.93
N TYR CA 132 -10.74 76.73 -51.24
CA TYR CA 132 -9.77 75.84 -51.85
C TYR CA 132 -9.51 76.30 -53.28
N ASN CA 133 -8.58 75.60 -53.93
CA ASN CA 133 -8.18 75.91 -55.29
C ASN CA 133 -7.81 77.38 -55.45
N LEU CA 134 -6.93 77.86 -54.57
CA LEU CA 134 -6.56 79.25 -54.57
C LEU CA 134 -5.56 79.55 -55.68
N GLN CA 135 -5.54 80.79 -56.14
CA GLN CA 135 -4.63 81.25 -57.17
C GLN CA 135 -4.23 82.68 -56.89
N ILE CA 136 -2.94 82.99 -57.01
CA ILE CA 136 -2.45 84.36 -56.86
C ILE CA 136 -1.85 84.75 -58.19
N LYS CA 137 -2.44 85.73 -58.87
CA LYS CA 137 -2.11 85.94 -60.26
C LYS CA 137 -1.17 87.10 -60.56
N GLN CA 138 -0.80 87.93 -59.60
CA GLN CA 138 0.27 88.91 -59.82
C GLN CA 138 -0.03 89.83 -61.00
N ILE CA 139 -0.94 90.79 -60.79
CA ILE CA 139 -1.22 91.78 -61.82
C ILE CA 139 0.06 92.49 -62.23
N LEU CA 140 0.24 92.67 -63.54
CA LEU CA 140 1.29 93.53 -64.08
C LEU CA 140 0.70 94.52 -65.06
N SER CA 141 1.33 95.68 -65.16
CA SER CA 141 0.95 96.70 -66.11
C SER CA 141 2.20 97.25 -66.78
N ASN CA 142 2.28 97.09 -68.10
CA ASN CA 142 3.32 97.71 -68.90
C ASN CA 142 2.87 99.07 -69.43
N GLY CA 143 1.72 99.53 -68.98
CA GLY CA 143 1.00 100.63 -69.56
C GLY CA 143 -0.08 100.08 -70.48
N ALA CA 144 -1.24 100.72 -70.48
CA ALA CA 144 -2.46 100.20 -71.11
C ALA CA 144 -2.64 98.76 -70.63
N ASP CA 145 -3.14 97.85 -71.48
CA ASP CA 145 -3.09 96.39 -71.38
C ASP CA 145 -3.29 95.83 -69.96
N THR CA 146 -2.58 94.74 -69.68
CA THR CA 146 -2.27 94.11 -68.39
C THR CA 146 -1.63 92.77 -68.70
N THR CA 147 -0.94 92.19 -67.73
CA THR CA 147 -0.49 90.81 -67.85
C THR CA 147 -0.58 90.16 -66.48
N TYR CA 148 -0.77 88.85 -66.48
CA TYR CA 148 -0.92 88.07 -65.25
C TYR CA 148 0.08 86.93 -65.31
N ASN CA 149 1.09 86.97 -64.45
CA ASN CA 149 2.18 86.00 -64.55
C ASN CA 149 1.87 84.75 -63.75
N ASN CA 150 0.65 84.64 -63.26
CA ASN CA 150 0.32 83.77 -62.16
C ASN CA 150 1.25 84.16 -61.02
N ASP CA 151 1.63 83.20 -60.19
CA ASP CA 151 2.53 83.46 -59.08
C ASP CA 151 2.61 82.19 -58.25
N LEU CA 152 3.68 82.08 -57.48
CA LEU CA 152 3.78 81.12 -56.42
C LEU CA 152 4.43 81.86 -55.26
N THR CA 153 4.64 81.16 -54.16
CA THR CA 153 5.21 81.75 -52.96
C THR CA 153 4.47 83.03 -52.58
N ALA CA 154 3.15 83.02 -52.66
CA ALA CA 154 2.32 84.13 -52.22
C ALA CA 154 1.24 83.57 -51.31
N GLY CA 155 0.52 84.44 -50.61
CA GLY CA 155 -0.33 84.02 -49.54
C GLY CA 155 -1.61 84.82 -49.46
N VAL CA 156 -2.55 84.27 -48.71
CA VAL CA 156 -3.87 84.84 -48.52
C VAL CA 156 -4.26 84.64 -47.07
N HIS CA 157 -4.64 85.72 -46.41
CA HIS CA 157 -5.12 85.65 -45.04
C HIS CA 157 -6.58 85.26 -45.04
N ILE CA 158 -6.95 84.34 -44.17
CA ILE CA 158 -8.34 83.92 -44.03
C ILE CA 158 -8.67 83.84 -42.56
N PHE CA 159 -9.69 84.57 -42.14
CA PHE CA 159 -10.04 84.72 -40.75
C PHE CA 159 -11.54 84.55 -40.57
N CYS CA 160 -11.94 83.87 -39.51
CA CYS CA 160 -13.34 83.62 -39.21
C CYS CA 160 -13.65 84.09 -37.79
N ASP CA 161 -14.89 84.48 -37.56
CA ASP CA 161 -15.35 84.89 -36.24
C ASP CA 161 -16.16 83.77 -35.60
N GLY CA 162 -15.61 83.12 -34.59
CA GLY CA 162 -16.42 82.22 -33.81
C GLY CA 162 -17.00 82.92 -32.60
N GLU CA 163 -16.32 83.97 -32.15
CA GLU CA 163 -16.76 84.72 -30.98
C GLU CA 163 -17.67 85.89 -31.34
N HIS CA 164 -17.73 86.26 -32.61
CA HIS CA 164 -18.36 87.49 -33.07
C HIS CA 164 -17.84 88.71 -32.36
N ALA CA 165 -16.60 88.69 -31.90
CA ALA CA 165 -15.85 89.92 -31.76
C ALA CA 165 -15.68 90.52 -33.15
N TYR CA 166 -15.40 91.82 -33.18
CA TYR CA 166 -15.32 92.62 -34.39
C TYR CA 166 -16.70 93.00 -34.90
N PRO CA 167 -16.80 94.14 -35.58
CA PRO CA 167 -18.11 94.73 -35.89
C PRO CA 167 -19.01 93.97 -36.85
N ASN CA 168 -18.57 92.87 -37.45
CA ASN CA 168 -19.37 91.96 -38.28
C ASN CA 168 -20.18 92.66 -39.38
N ALA CA 169 -19.52 92.95 -40.50
CA ALA CA 169 -20.11 93.74 -41.59
C ALA CA 169 -21.51 93.29 -41.96
N THR CA 170 -21.77 91.99 -41.97
CA THR CA 170 -22.99 91.47 -42.57
C THR CA 170 -24.23 92.17 -42.02
N HIS CA 171 -25.02 92.71 -42.93
CA HIS CA 171 -26.32 93.31 -42.70
C HIS CA 171 -27.30 92.56 -43.59
N PRO CA 172 -28.53 92.32 -43.13
CA PRO CA 172 -29.41 91.40 -43.86
C PRO CA 172 -29.54 91.66 -45.35
N TRP CA 173 -29.81 92.87 -45.77
CA TRP CA 173 -30.13 93.08 -47.19
C TRP CA 173 -28.84 93.28 -47.99
N ASP CA 174 -28.22 94.45 -47.82
CA ASP CA 174 -26.95 94.76 -48.46
C ASP CA 174 -27.08 94.44 -49.95
N GLU CA 175 -26.12 93.74 -50.54
CA GLU CA 175 -26.01 93.48 -51.96
C GLU CA 175 -25.46 92.07 -52.03
N ASP CA 176 -24.97 91.69 -53.20
CA ASP CA 176 -23.95 90.63 -53.34
C ASP CA 176 -24.45 89.36 -52.66
N VAL CA 177 -23.88 88.95 -51.53
CA VAL CA 177 -23.99 87.61 -50.97
C VAL CA 177 -23.41 86.73 -52.07
N MET CA 178 -23.90 85.51 -52.21
CA MET CA 178 -23.44 84.69 -53.31
C MET CA 178 -24.28 85.04 -54.52
N PRO CA 179 -23.74 85.00 -55.72
CA PRO CA 179 -24.59 85.16 -56.89
C PRO CA 179 -25.58 84.02 -56.91
N GLU CA 180 -26.86 84.35 -57.05
CA GLU CA 180 -27.89 83.32 -57.02
C GLU CA 180 -27.63 82.24 -58.04
N LEU CA 181 -26.83 82.55 -59.05
CA LEU CA 181 -26.57 81.70 -60.18
C LEU CA 181 -25.13 81.24 -60.12
N PRO CA 182 -24.83 79.93 -60.10
CA PRO CA 182 -23.42 79.51 -60.08
C PRO CA 182 -22.72 79.91 -61.36
N TYR CA 183 -21.47 79.48 -61.56
CA TYR CA 183 -20.64 79.81 -62.71
C TYR CA 183 -20.42 81.31 -62.82
N GLN CA 184 -21.12 82.08 -62.00
CA GLN CA 184 -21.00 83.52 -61.99
C GLN CA 184 -19.98 83.89 -60.94
N THR CA 185 -18.87 84.49 -61.37
CA THR CA 185 -17.80 84.79 -60.44
C THR CA 185 -18.27 85.74 -59.36
N TRP CA 186 -17.74 85.58 -58.15
CA TRP CA 186 -18.24 86.28 -56.99
C TRP CA 186 -17.21 87.27 -56.50
N TYR CA 187 -17.46 88.55 -56.70
CA TYR CA 187 -16.54 89.59 -56.30
C TYR CA 187 -16.81 89.95 -54.85
N LEU CA 188 -15.80 89.84 -54.01
CA LEU CA 188 -15.91 90.17 -52.62
C LEU CA 188 -15.96 91.68 -52.42
N PHE CA 189 -16.44 92.08 -51.26
CA PHE CA 189 -16.62 93.49 -50.93
C PHE CA 189 -15.81 93.84 -49.68
N GLN CA 190 -15.37 95.09 -49.63
CA GLN CA 190 -14.47 95.53 -48.58
C GLN CA 190 -15.17 95.53 -47.23
N TYR CA 191 -14.43 95.19 -46.19
CA TYR CA 191 -14.96 95.19 -44.84
C TYR CA 191 -14.78 96.55 -44.20
N GLY CA 192 -15.85 97.08 -43.63
CA GLY CA 192 -15.80 98.35 -42.94
C GLY CA 192 -16.82 98.34 -41.83
N TYR CA 193 -16.74 99.36 -40.98
CA TYR CA 193 -17.67 99.44 -39.88
C TYR CA 193 -17.76 100.87 -39.39
N ILE CA 194 -18.88 101.17 -38.73
CA ILE CA 194 -19.08 102.49 -38.13
C ILE CA 194 -18.49 102.48 -36.72
N PRO CA 195 -17.39 103.18 -36.47
CA PRO CA 195 -16.91 103.24 -35.09
C PRO CA 195 -17.84 104.01 -34.16
N VAL CA 196 -18.32 105.18 -34.58
CA VAL CA 196 -19.20 106.03 -33.79
C VAL CA 196 -19.99 106.92 -34.74
N ILE CA 197 -21.18 107.33 -34.28
CA ILE CA 197 -21.99 108.31 -35.02
C ILE CA 197 -21.14 109.52 -35.33
N HIS CA 198 -21.14 109.95 -36.59
CA HIS CA 198 -20.27 111.05 -37.00
C HIS CA 198 -20.65 112.34 -36.28
N GLU CA 199 -21.91 112.75 -36.40
CA GLU CA 199 -22.39 113.77 -35.49
C GLU CA 199 -22.29 113.22 -34.07
N LEU CA 200 -22.23 114.12 -33.08
CA LEU CA 200 -21.90 113.70 -31.73
C LEU CA 200 -20.48 113.15 -31.69
N ALA CA 201 -19.50 114.06 -31.57
CA ALA CA 201 -18.08 113.95 -31.94
C ALA CA 201 -17.71 114.61 -33.26
N GLU CA 202 -18.63 115.32 -33.90
CA GLU CA 202 -18.27 116.04 -35.12
C GLU CA 202 -16.98 116.90 -35.04
N MET CA 203 -16.69 117.66 -33.98
CA MET CA 203 -17.57 118.06 -32.89
C MET CA 203 -17.60 119.58 -32.87
N GLU CA 204 -18.62 120.17 -32.28
CA GLU CA 204 -18.80 121.62 -32.38
C GLU CA 204 -18.20 122.34 -31.19
N ASP CA 205 -17.06 123.01 -31.42
CA ASP CA 205 -16.43 123.90 -30.46
C ASP CA 205 -16.31 123.25 -29.08
N SER CA 206 -16.52 124.04 -28.03
CA SER CA 206 -16.82 123.55 -26.68
C SER CA 206 -15.85 122.36 -26.32
N ASN CA 207 -16.22 121.10 -26.02
CA ASN CA 207 -17.53 120.53 -25.73
C ASN CA 207 -17.46 119.63 -24.50
N ALA CA 208 -16.63 118.60 -24.62
CA ALA CA 208 -16.30 117.63 -23.59
C ALA CA 208 -17.39 116.58 -23.43
N VAL CA 209 -18.60 116.87 -23.91
CA VAL CA 209 -19.61 115.82 -24.02
C VAL CA 209 -19.42 115.06 -25.33
N GLU CA 210 -19.08 115.76 -26.41
CA GLU CA 210 -18.72 115.07 -27.65
C GLU CA 210 -17.23 114.80 -27.73
N LYS CA 211 -16.44 115.41 -26.85
CA LYS CA 211 -15.04 115.01 -26.73
C LYS CA 211 -14.96 113.58 -26.26
N ALA CA 212 -15.61 113.28 -25.14
CA ALA CA 212 -15.98 111.90 -24.88
C ALA CA 212 -16.95 111.46 -25.95
N ILE CA 213 -16.96 110.15 -26.22
CA ILE CA 213 -17.63 109.51 -27.34
C ILE CA 213 -16.82 109.71 -28.61
N CYS CA 214 -15.99 110.75 -28.65
CA CYS CA 214 -14.95 110.81 -29.67
C CYS CA 214 -13.70 110.10 -29.19
N LEU CA 215 -13.33 110.30 -27.93
CA LEU CA 215 -12.19 109.59 -27.37
C LEU CA 215 -12.46 108.11 -27.25
N GLN CA 216 -13.72 107.73 -27.08
CA GLN CA 216 -14.03 106.33 -26.79
C GLN CA 216 -14.26 105.51 -28.05
N ILE CA 217 -14.11 106.09 -29.23
CA ILE CA 217 -14.44 105.34 -30.43
C ILE CA 217 -13.48 104.15 -30.47
N PRO CA 218 -13.98 102.93 -30.53
CA PRO CA 218 -13.09 101.78 -30.57
C PRO CA 218 -12.52 101.62 -31.98
N PHE CA 219 -11.35 101.00 -32.03
CA PHE CA 219 -10.68 100.74 -33.29
C PHE CA 219 -10.33 99.27 -33.35
N PHE CA 220 -10.97 98.56 -34.27
CA PHE CA 220 -10.83 97.13 -34.39
C PHE CA 220 -9.93 96.81 -35.57
N MET CA 221 -9.15 95.76 -35.43
CA MET CA 221 -8.20 95.34 -36.43
C MET CA 221 -8.26 93.83 -36.53
N LEU CA 222 -8.27 93.31 -37.73
CA LEU CA 222 -8.35 91.88 -37.89
C LEU CA 222 -7.00 91.21 -37.79
N GLU CA 223 -5.95 91.96 -37.49
CA GLU CA 223 -4.65 91.32 -37.38
C GLU CA 223 -4.55 90.62 -36.05
N ASN CA 224 -4.34 91.34 -34.94
CA ASN CA 224 -4.86 90.96 -33.64
C ASN CA 224 -4.97 89.45 -33.48
N SER CA 225 -6.19 88.97 -33.27
CA SER CA 225 -6.43 87.53 -33.19
C SER CA 225 -5.87 86.81 -34.40
N ASP CA 226 -5.31 85.63 -34.15
CA ASP CA 226 -4.58 84.91 -35.17
C ASP CA 226 -5.51 84.36 -36.25
N HIS CA 227 -4.95 84.10 -37.42
CA HIS CA 227 -5.68 83.57 -38.54
C HIS CA 227 -4.72 82.89 -39.50
N GLU CA 228 -5.28 82.10 -40.40
CA GLU CA 228 -4.47 81.29 -41.29
C GLU CA 228 -4.08 82.05 -42.54
N VAL CA 229 -2.85 81.83 -43.00
CA VAL CA 229 -2.41 82.25 -44.31
C VAL CA 229 -2.33 81.00 -45.17
N LEU CA 230 -2.60 81.15 -46.46
CA LEU CA 230 -2.62 80.02 -47.36
C LEU CA 230 -1.86 80.35 -48.63
N ARG CA 231 -0.94 79.48 -49.01
CA ARG CA 231 -0.46 79.54 -50.37
C ARG CA 231 -1.44 78.78 -51.25
N THR CA 232 -1.04 78.52 -52.50
CA THR CA 232 -1.95 77.87 -53.44
C THR CA 232 -2.37 76.48 -52.97
N GLY CA 233 -1.42 75.58 -52.73
CA GLY CA 233 -1.76 74.20 -52.46
C GLY CA 233 -2.63 73.98 -51.24
N GLU CA 234 -2.64 74.92 -50.31
CA GLU CA 234 -3.40 74.78 -49.08
C GLU CA 234 -4.85 75.16 -49.27
N SER CA 235 -5.70 74.64 -48.38
CA SER CA 235 -7.11 75.01 -48.30
C SER CA 235 -7.51 75.22 -46.85
N THR CA 236 -8.79 75.49 -46.63
CA THR CA 236 -9.30 75.70 -45.29
C THR CA 236 -10.77 75.31 -45.25
N GLU CA 237 -11.21 74.79 -44.10
CA GLU CA 237 -12.60 74.48 -43.86
C GLU CA 237 -13.11 75.30 -42.69
N PHE CA 238 -14.42 75.53 -42.68
CA PHE CA 238 -15.09 76.14 -41.55
C PHE CA 238 -16.43 75.47 -41.35
N THR CA 239 -16.83 75.29 -40.10
CA THR CA 239 -18.13 74.73 -39.79
C THR CA 239 -18.92 75.71 -38.93
N PHE CA 240 -20.22 75.54 -38.94
CA PHE CA 240 -21.10 76.39 -38.14
C PHE CA 240 -22.30 75.56 -37.70
N ASN CA 241 -22.79 75.86 -36.51
CA ASN CA 241 -24.02 75.26 -36.02
C ASN CA 241 -24.95 76.38 -35.62
N PHE CA 242 -26.24 76.13 -35.72
CA PHE CA 242 -27.25 77.16 -35.56
C PHE CA 242 -28.17 76.80 -34.41
N ASP CA 243 -28.25 77.70 -33.43
CA ASP CA 243 -29.40 77.75 -32.54
C ASP CA 243 -30.36 78.74 -33.17
N CYS CA 244 -31.47 78.23 -33.69
CA CYS CA 244 -32.20 78.97 -34.70
C CYS CA 244 -33.68 78.64 -34.61
N GLU CA 245 -34.51 79.64 -34.89
CA GLU CA 245 -35.95 79.49 -34.87
C GLU CA 245 -36.45 79.02 -36.23
N TRP CA 246 -37.47 78.16 -36.21
CA TRP CA 246 -38.09 77.73 -37.45
C TRP CA 246 -38.66 78.91 -38.20
N ILE CA 247 -38.65 78.84 -39.53
CA ILE CA 247 -39.44 79.73 -40.36
C ILE CA 247 -40.56 78.88 -40.97
N ASN CA 248 -41.79 79.32 -40.78
CA ASN CA 248 -42.94 78.48 -41.03
C ASN CA 248 -43.58 78.83 -42.37
N ASN CA 249 -43.71 77.82 -43.21
CA ASN CA 249 -44.50 77.92 -44.45
C ASN CA 249 -45.84 77.27 -44.17
N GLU CA 250 -46.87 78.08 -44.03
CA GLU CA 250 -48.19 77.72 -43.55
C GLU CA 250 -49.07 78.93 -43.70
N ARG CA 251 -50.37 78.69 -43.70
CA ARG CA 251 -51.33 79.75 -43.98
C ARG CA 251 -52.53 79.57 -43.07
N ALA CA 252 -52.95 80.66 -42.44
CA ALA CA 252 -54.17 80.67 -41.67
C ALA CA 252 -55.30 81.09 -42.59
N TYR CA 253 -56.28 80.20 -42.76
CA TYR CA 253 -57.40 80.49 -43.64
C TYR CA 253 -58.42 81.42 -43.00
N ILE CA 254 -58.33 81.65 -41.69
CA ILE CA 254 -59.21 82.59 -40.99
C ILE CA 254 -58.39 83.36 -39.97
N PRO CA 255 -58.85 84.55 -39.60
CA PRO CA 255 -58.24 85.26 -38.48
C PRO CA 255 -58.35 84.43 -37.22
N PRO CA 256 -57.46 84.65 -36.25
CA PRO CA 256 -57.57 83.88 -35.00
C PRO CA 256 -58.82 84.18 -34.22
N GLY CA 257 -59.38 85.38 -34.36
CA GLY CA 257 -60.62 85.70 -33.68
C GLY CA 257 -61.86 85.16 -34.35
N LEU CA 258 -61.72 84.52 -35.50
CA LEU CA 258 -62.85 84.00 -36.25
C LEU CA 258 -63.10 82.53 -35.93
N MET CA 259 -62.40 81.98 -34.95
CA MET CA 259 -62.52 80.56 -34.62
C MET CA 259 -63.63 80.40 -33.60
N PHE CA 260 -64.73 79.81 -34.03
CA PHE CA 260 -65.85 79.49 -33.14
C PHE CA 260 -66.91 78.81 -34.00
N ASN CA 261 -67.82 78.13 -33.32
CA ASN CA 261 -68.95 77.53 -34.02
C ASN CA 261 -70.07 78.54 -34.06
N PRO CA 262 -70.34 79.14 -35.23
CA PRO CA 262 -71.34 80.20 -35.29
C PRO CA 262 -72.75 79.69 -35.13
N LEU CA 263 -72.96 78.38 -35.25
CA LEU CA 263 -74.28 77.82 -35.04
C LEU CA 263 -74.70 77.91 -33.58
N VAL CA 264 -73.76 77.66 -32.68
CA VAL CA 264 -74.11 77.55 -31.26
C VAL CA 264 -74.33 78.94 -30.69
N PRO CA 265 -75.40 79.18 -29.94
CA PRO CA 265 -75.56 80.48 -29.28
C PRO CA 265 -74.50 80.68 -28.23
N THR CA 266 -74.32 81.95 -27.84
CA THR CA 266 -73.31 82.31 -26.87
C THR CA 266 -73.97 82.85 -25.61
N ARG CA 267 -73.32 82.63 -24.47
CA ARG CA 267 -73.74 83.29 -23.24
C ARG CA 267 -72.83 84.46 -22.96
N ARG CA 268 -73.34 85.66 -23.26
CA ARG CA 268 -72.60 86.92 -23.18
C ARG CA 268 -73.59 88.02 -23.49
N ALA CA 269 -73.26 89.26 -23.17
CA ALA CA 269 -74.19 90.34 -23.43
C ALA CA 269 -73.42 91.60 -23.81
N GLN CA 270 -74.12 92.47 -24.52
CA GLN CA 270 -73.57 93.74 -24.98
C GLN CA 270 -74.39 94.86 -24.35
N TYR CA 271 -73.78 95.62 -23.46
CA TYR CA 271 -74.36 96.88 -23.03
C TYR CA 271 -73.83 97.94 -23.99
N ILE CA 272 -74.71 98.81 -24.45
CA ILE CA 272 -74.34 99.88 -25.36
C ILE CA 272 -74.76 101.20 -24.76
N ARG CA 273 -73.81 102.12 -24.62
CA ARG CA 273 -74.08 103.40 -23.98
C ARG CA 273 -75.11 104.19 -24.77
N ARG CA 274 -75.79 105.11 -24.08
CA ARG CA 274 -76.63 106.09 -24.76
C ARG CA 274 -75.85 106.78 -25.86
N ASN CA 275 -76.46 106.87 -27.04
CA ASN CA 275 -75.70 107.26 -28.22
C ASN CA 275 -75.43 108.77 -28.25
N ASN CA 276 -76.28 109.56 -27.60
CA ASN CA 276 -76.11 111.02 -27.54
C ASN CA 276 -75.93 111.59 -28.94
N ASN CA 277 -77.04 111.62 -29.68
CA ASN CA 277 -77.10 111.85 -31.13
C ASN CA 277 -76.54 110.59 -31.80
N PRO CA 278 -77.11 110.22 -32.96
CA PRO CA 278 -78.43 110.66 -33.44
C PRO CA 278 -79.60 110.25 -32.55
N GLN CA 279 -79.62 108.98 -32.12
CA GLN CA 279 -80.82 108.38 -31.58
C GLN CA 279 -80.44 107.05 -30.93
N THR CA 280 -81.42 106.19 -30.63
CA THR CA 280 -81.20 104.84 -30.10
C THR CA 280 -80.57 104.84 -28.71
N ALA CA 281 -81.40 105.10 -27.70
CA ALA CA 281 -80.96 105.09 -26.31
C ALA CA 281 -80.47 103.70 -25.91
N GLU CA 282 -79.70 103.67 -24.82
CA GLU CA 282 -78.93 102.49 -24.42
C GLU CA 282 -79.81 101.26 -24.28
N SER CA 283 -79.23 100.11 -24.60
CA SER CA 283 -79.90 98.83 -24.45
C SER CA 283 -78.86 97.74 -24.27
N THR CA 284 -79.23 96.69 -23.54
CA THR CA 284 -78.42 95.49 -23.42
C THR CA 284 -79.05 94.36 -24.21
N SER CA 285 -78.22 93.48 -24.75
CA SER CA 285 -78.70 92.41 -25.61
C SER CA 285 -77.70 91.27 -25.61
N ARG CA 286 -78.17 90.09 -25.98
CA ARG CA 286 -77.30 88.94 -26.10
C ARG CA 286 -76.52 89.01 -27.41
N ILE CA 287 -75.26 88.59 -27.35
CA ILE CA 287 -74.43 88.58 -28.55
C ILE CA 287 -74.94 87.51 -29.50
N ALA CA 288 -75.02 87.87 -30.78
CA ALA CA 288 -75.53 86.96 -31.78
C ALA CA 288 -74.69 85.70 -31.86
N PRO CA 289 -75.28 84.58 -32.30
CA PRO CA 289 -74.50 83.33 -32.37
C PRO CA 289 -73.31 83.44 -33.28
N TYR CA 290 -73.50 83.99 -34.48
CA TYR CA 290 -72.39 84.43 -35.30
C TYR CA 290 -71.74 85.64 -34.65
N ALA CA 291 -70.51 85.93 -35.04
CA ALA CA 291 -69.80 87.12 -34.59
C ALA CA 291 -69.69 87.16 -33.07
N LYS CA 292 -69.17 86.09 -32.51
CA LYS CA 292 -68.90 86.07 -31.10
C LYS CA 292 -67.63 86.87 -30.80
N PRO CA 293 -67.54 87.47 -29.62
CA PRO CA 293 -66.34 88.23 -29.27
C PRO CA 293 -65.14 87.31 -29.17
N THR CA 294 -63.97 87.93 -29.19
CA THR CA 294 -62.74 87.16 -29.18
C THR CA 294 -61.72 87.78 -28.24
N SER CA 295 -60.81 86.94 -27.80
CA SER CA 295 -59.49 87.35 -27.36
C SER CA 295 -58.61 87.55 -28.58
N TRP CA 296 -57.31 87.53 -28.37
CA TRP CA 296 -56.40 87.45 -29.50
C TRP CA 296 -56.42 88.71 -30.36
N MET CA 297 -55.80 89.74 -29.80
CA MET CA 297 -55.52 91.03 -30.39
C MET CA 297 -54.61 90.88 -31.61
N THR CA 298 -54.64 91.89 -32.48
CA THR CA 298 -53.80 91.89 -33.66
C THR CA 298 -52.35 92.21 -33.31
N GLY CA 299 -51.44 91.79 -34.19
CA GLY CA 299 -50.05 92.06 -34.01
C GLY CA 299 -49.74 93.54 -34.08
N PRO CA 300 -48.60 93.93 -33.51
CA PRO CA 300 -48.28 95.36 -33.42
C PRO CA 300 -47.73 95.92 -34.73
N GLY CA 301 -47.90 97.22 -34.89
CA GLY CA 301 -47.35 97.94 -36.03
C GLY CA 301 -47.29 99.40 -35.69
N LEU CA 302 -46.59 100.16 -36.54
CA LEU CA 302 -46.58 101.61 -36.45
C LEU CA 302 -46.94 102.19 -37.82
N LEU CA 303 -48.15 102.71 -37.95
CA LEU CA 303 -48.63 103.23 -39.22
C LEU CA 303 -48.71 104.74 -39.34
N SER CA 304 -48.38 105.51 -38.30
CA SER CA 304 -48.73 106.93 -38.35
C SER CA 304 -47.72 107.75 -39.15
N ALA CA 305 -46.44 107.40 -39.04
CA ALA CA 305 -45.36 108.22 -39.55
C ALA CA 305 -45.32 108.24 -41.07
N GLN CA 306 -44.59 109.21 -41.62
CA GLN CA 306 -44.32 109.29 -43.05
C GLN CA 306 -42.84 109.58 -43.24
N ARG CA 307 -42.26 108.97 -44.28
CA ARG CA 307 -40.85 109.21 -44.58
C ARG CA 307 -40.61 110.69 -44.82
N VAL CA 308 -39.46 111.17 -44.34
CA VAL CA 308 -39.20 112.59 -44.17
C VAL CA 308 -38.07 113.03 -45.08
N GLY CA 309 -38.41 113.87 -46.05
CA GLY CA 309 -37.42 114.63 -46.77
C GLY CA 309 -36.85 113.92 -47.98
N PRO CA 310 -35.75 114.47 -48.51
CA PRO CA 310 -35.20 113.95 -49.76
C PRO CA 310 -34.47 112.64 -49.57
N ALA CA 311 -34.34 111.90 -50.65
CA ALA CA 311 -33.57 110.66 -50.64
C ALA CA 311 -32.09 110.98 -50.40
N THR CA 312 -31.36 109.96 -49.98
CA THR CA 312 -29.95 109.96 -49.57
C THR CA 312 -29.79 110.61 -48.18
N SER CA 313 -30.86 111.14 -47.61
CA SER CA 313 -30.86 111.70 -46.26
C SER CA 313 -31.29 110.70 -45.20
N ASP CA 314 -31.47 109.44 -45.57
CA ASP CA 314 -32.00 108.41 -44.66
C ASP CA 314 -33.41 108.75 -44.19
N THR CA 315 -34.38 108.58 -45.09
CA THR CA 315 -35.77 108.79 -44.70
C THR CA 315 -36.36 107.47 -44.25
N GLY CA 316 -36.56 107.32 -42.94
CA GLY CA 316 -37.08 106.07 -42.42
C GLY CA 316 -38.52 106.10 -41.95
N ALA CA 317 -39.06 107.31 -41.78
CA ALA CA 317 -40.33 107.64 -41.13
C ALA CA 317 -40.28 107.38 -39.63
N TRP CA 318 -39.35 106.57 -39.14
CA TRP CA 318 -39.11 106.41 -37.71
C TRP CA 318 -37.61 106.39 -37.52
N MET CA 319 -37.09 107.38 -36.80
CA MET CA 319 -35.67 107.45 -36.51
C MET CA 319 -35.46 107.10 -35.06
N VAL CA 320 -34.55 106.16 -34.79
CA VAL CA 320 -34.31 105.74 -33.42
C VAL CA 320 -33.38 106.72 -32.71
N ALA CA 321 -32.32 107.15 -33.38
CA ALA CA 321 -31.34 108.09 -32.87
C ALA CA 321 -30.80 107.76 -31.48
N VAL CA 322 -30.35 108.80 -30.77
CA VAL CA 322 -29.83 108.68 -29.41
C VAL CA 322 -30.27 109.87 -28.56
N LYS CA 323 -29.82 111.06 -28.92
CA LYS CA 323 -30.02 112.27 -28.15
C LYS CA 323 -29.42 112.20 -26.73
N PRO CA 324 -28.10 112.20 -26.61
CA PRO CA 324 -27.49 112.47 -25.31
C PRO CA 324 -27.86 113.86 -24.83
N GLU CA 325 -27.74 114.07 -23.52
CA GLU CA 325 -28.44 115.19 -22.89
C GLU CA 325 -27.93 116.54 -23.39
N ASN CA 326 -26.61 116.68 -23.53
CA ASN CA 326 -26.10 117.92 -24.11
C ASN CA 326 -25.66 117.73 -25.55
N ALA CA 327 -24.48 117.15 -25.73
CA ALA CA 327 -23.84 116.92 -27.02
C ALA CA 327 -23.89 118.22 -27.83
N SER CA 328 -24.07 118.08 -29.13
CA SER CA 328 -24.52 119.14 -30.02
C SER CA 328 -25.01 118.46 -31.28
N ILE CA 329 -25.89 119.13 -32.01
CA ILE CA 329 -26.52 118.51 -33.16
C ILE CA 329 -26.68 119.56 -34.25
N ASP CA 330 -26.36 119.15 -35.47
CA ASP CA 330 -26.55 119.96 -36.67
C ASP CA 330 -28.02 119.88 -37.07
N THR CA 331 -28.35 120.31 -38.27
CA THR CA 331 -29.68 120.03 -38.80
C THR CA 331 -29.97 118.54 -38.65
N GLY CA 332 -31.17 118.22 -38.18
CA GLY CA 332 -31.46 116.85 -37.78
C GLY CA 332 -31.63 116.68 -36.29
N MET CA 333 -32.21 115.58 -35.79
CA MET CA 333 -32.81 114.43 -36.51
C MET CA 333 -31.95 113.88 -37.67
N SER CA 334 -32.52 113.85 -38.87
CA SER CA 334 -31.78 113.50 -40.09
C SER CA 334 -31.09 112.11 -39.97
N GLY CA 335 -29.76 111.89 -39.96
CA GLY CA 335 -28.66 112.77 -39.54
C GLY CA 335 -28.10 112.31 -38.21
N ILE CA 336 -28.94 111.63 -37.44
CA ILE CA 336 -28.50 110.84 -36.30
C ILE CA 336 -29.41 109.63 -36.24
N GLY CA 337 -28.85 108.50 -35.80
CA GLY CA 337 -29.64 107.29 -35.70
C GLY CA 337 -30.06 106.74 -37.04
N SER CA 338 -30.92 105.73 -36.98
CA SER CA 338 -31.24 104.90 -38.12
C SER CA 338 -32.75 104.91 -38.37
N GLY CA 339 -33.13 104.80 -39.64
CA GLY CA 339 -34.53 104.64 -39.95
C GLY CA 339 -35.01 103.23 -39.64
N PHE CA 340 -36.21 103.13 -39.09
CA PHE CA 340 -36.82 101.86 -38.76
C PHE CA 340 -37.73 101.44 -39.90
N ASP CA 341 -37.45 100.28 -40.48
CA ASP CA 341 -38.11 99.87 -41.71
C ASP CA 341 -38.30 98.35 -41.73
N PRO CA 342 -39.44 97.87 -42.24
CA PRO CA 342 -40.75 98.51 -42.34
C PRO CA 342 -41.54 98.54 -41.05
N PRO CA 343 -42.04 99.70 -40.64
CA PRO CA 343 -43.28 99.72 -39.88
C PRO CA 343 -44.52 99.81 -40.77
N GLN CA 344 -45.65 99.14 -40.55
CA GLN CA 344 -45.80 97.77 -40.08
C GLN CA 344 -45.10 97.47 -38.72
N GLY CA 345 -44.53 96.29 -38.41
CA GLY CA 345 -44.72 94.98 -39.02
C GLY CA 345 -46.15 94.50 -38.94
N SER CA 346 -46.43 93.41 -39.66
CA SER CA 346 -47.79 92.90 -39.79
C SER CA 346 -48.73 94.02 -40.22
N LEU CA 347 -49.92 94.07 -39.62
CA LEU CA 347 -50.77 95.25 -39.61
C LEU CA 347 -50.84 95.91 -40.97
N ALA CA 348 -51.61 95.33 -41.89
CA ALA CA 348 -51.48 95.59 -43.32
C ALA CA 348 -51.32 97.08 -43.63
N PRO CA 349 -50.35 97.47 -44.44
CA PRO CA 349 -50.00 98.89 -44.58
C PRO CA 349 -51.02 99.66 -45.40
N THR CA 350 -50.92 100.98 -45.28
CA THR CA 350 -51.79 101.88 -46.02
C THR CA 350 -51.33 102.01 -47.47
N ASN CA 351 -50.18 102.61 -47.69
CA ASN CA 351 -49.72 102.78 -49.06
C ASN CA 351 -48.37 102.11 -49.27
N LEU CA 352 -47.84 102.29 -50.48
CA LEU CA 352 -46.59 101.67 -50.91
C LEU CA 352 -45.44 102.00 -49.99
N GLU CA 353 -45.54 103.14 -49.29
CA GLU CA 353 -44.41 103.64 -48.51
C GLU CA 353 -43.96 102.67 -47.44
N TYR CA 354 -44.86 101.82 -46.95
CA TYR CA 354 -44.56 100.83 -45.94
C TYR CA 354 -44.33 99.43 -46.48
N LYS CA 355 -44.39 99.25 -47.79
CA LYS CA 355 -44.61 97.94 -48.39
C LYS CA 355 -43.30 97.19 -48.66
N ILE CA 356 -42.20 97.70 -48.12
CA ILE CA 356 -40.82 97.35 -48.45
C ILE CA 356 -40.63 97.59 -49.94
N GLN CA 357 -39.63 96.95 -50.55
CA GLN CA 357 -39.31 97.03 -51.96
C GLN CA 357 -37.88 96.50 -52.10
N TRP CA 358 -37.45 96.06 -53.27
CA TRP CA 358 -36.02 95.93 -53.53
C TRP CA 358 -35.80 95.82 -55.03
N TYR CA 359 -34.57 96.07 -55.46
CA TYR CA 359 -34.30 96.14 -56.89
C TYR CA 359 -33.80 94.81 -57.46
N GLN CA 360 -33.42 93.87 -56.60
CA GLN CA 360 -32.89 92.56 -57.00
C GLN CA 360 -31.87 92.66 -58.13
N THR CA 361 -31.09 93.74 -58.14
CA THR CA 361 -30.15 94.04 -59.21
C THR CA 361 -29.40 95.32 -58.86
N PRO CA 362 -28.08 95.34 -59.01
CA PRO CA 362 -27.37 96.61 -58.78
C PRO CA 362 -27.61 97.62 -59.88
N GLN CA 363 -27.91 97.17 -61.10
CA GLN CA 363 -28.17 98.11 -62.19
C GLN CA 363 -29.53 98.76 -62.06
N GLY CA 364 -30.33 98.35 -61.07
CA GLY CA 364 -31.67 98.88 -60.94
C GLY CA 364 -31.75 100.37 -60.71
N THR CA 365 -32.46 101.08 -61.59
CA THR CA 365 -32.68 102.51 -61.46
C THR CA 365 -33.87 102.73 -60.55
N ASN CA 366 -34.38 103.97 -60.51
CA ASN CA 366 -35.46 104.29 -59.59
C ASN CA 366 -36.66 103.35 -59.78
N ASN CA 367 -37.23 103.31 -60.97
CA ASN CA 367 -38.18 102.26 -61.32
C ASN CA 367 -37.58 101.41 -62.43
N ASN CA 368 -37.12 100.23 -62.05
CA ASN CA 368 -36.55 99.17 -62.86
C ASN CA 368 -36.15 98.11 -61.86
N GLY CA 369 -36.04 96.85 -62.26
CA GLY CA 369 -35.95 95.85 -61.20
C GLY CA 369 -37.16 96.09 -60.34
N ASN CA 370 -36.91 96.43 -59.07
CA ASN CA 370 -37.90 97.13 -58.27
C ASN CA 370 -39.13 96.29 -57.98
N ILE CA 371 -38.92 95.06 -57.56
CA ILE CA 371 -40.06 94.22 -57.20
C ILE CA 371 -40.52 94.60 -55.81
N ILE CA 372 -41.82 94.70 -55.64
CA ILE CA 372 -42.42 95.25 -54.44
C ILE CA 372 -43.14 94.14 -53.69
N SER CA 373 -43.02 94.13 -52.37
CA SER CA 373 -43.67 93.11 -51.58
C SER CA 373 -45.18 93.23 -51.71
N ASN CA 374 -45.88 92.13 -51.42
CA ASN CA 374 -47.32 92.05 -51.64
C ASN CA 374 -47.93 91.26 -50.50
N GLN CA 375 -49.25 91.27 -50.41
CA GLN CA 375 -49.90 90.53 -49.32
C GLN CA 375 -49.92 89.04 -49.61
N PRO CA 376 -49.58 88.20 -48.64
CA PRO CA 376 -49.62 86.75 -48.87
C PRO CA 376 -51.01 86.21 -49.06
N LEU CA 377 -52.03 86.98 -48.69
CA LEU CA 377 -53.43 86.58 -48.61
C LEU CA 377 -53.66 85.64 -47.43
N SER CA 378 -52.60 85.28 -46.70
CA SER CA 378 -52.75 84.66 -45.40
C SER CA 378 -53.51 85.60 -44.47
N MET CA 379 -54.31 85.02 -43.59
CA MET CA 379 -55.22 85.82 -42.78
C MET CA 379 -54.63 86.28 -41.46
N LEU CA 380 -53.36 86.01 -41.19
CA LEU CA 380 -52.88 86.28 -39.84
C LEU CA 380 -52.60 87.73 -39.43
N ARG CA 381 -51.59 88.51 -39.89
CA ARG CA 381 -50.88 88.71 -41.19
C ARG CA 381 -51.54 89.83 -42.01
N ASP CA 382 -52.71 90.31 -41.61
CA ASP CA 382 -53.26 91.51 -42.25
C ASP CA 382 -53.56 92.55 -41.16
N GLN CA 383 -54.48 92.23 -40.28
CA GLN CA 383 -54.54 92.82 -38.94
C GLN CA 383 -54.67 94.35 -38.97
N ALA CA 384 -55.87 94.79 -39.30
CA ALA CA 384 -56.21 96.16 -38.97
C ALA CA 384 -56.54 96.28 -37.49
N LEU CA 385 -56.87 97.49 -37.06
CA LEU CA 385 -57.49 97.69 -35.76
C LEU CA 385 -58.26 99.00 -35.83
N PHE CA 386 -59.38 99.07 -35.13
CA PHE CA 386 -60.41 100.07 -35.42
C PHE CA 386 -60.74 100.98 -34.25
N ARG CA 387 -61.12 100.43 -33.11
CA ARG CA 387 -61.49 101.28 -31.96
C ARG CA 387 -62.67 102.16 -32.38
N GLY CA 388 -62.78 103.37 -31.82
CA GLY CA 388 -63.77 104.34 -32.24
C GLY CA 388 -65.21 103.86 -32.18
N ASN CA 389 -66.12 104.68 -32.68
CA ASN CA 389 -66.11 106.12 -32.41
C ASN CA 389 -67.23 106.33 -31.42
N GLN CA 390 -67.92 105.22 -31.12
CA GLN CA 390 -69.30 105.08 -30.66
C GLN CA 390 -70.26 105.13 -31.84
N THR CA 391 -69.80 105.53 -33.03
CA THR CA 391 -70.60 105.62 -34.23
C THR CA 391 -69.92 104.87 -35.38
N THR CA 392 -68.68 105.23 -35.69
CA THR CA 392 -67.93 104.62 -36.78
C THR CA 392 -66.65 104.01 -36.21
N TYR CA 393 -66.10 103.02 -36.91
CA TYR CA 393 -64.77 102.52 -36.60
C TYR CA 393 -63.74 103.32 -37.40
N ASN CA 394 -62.61 103.63 -36.78
CA ASN CA 394 -61.58 104.43 -37.40
C ASN CA 394 -60.22 103.77 -37.22
N LEU CA 395 -59.61 103.34 -38.33
CA LEU CA 395 -58.33 102.66 -38.27
C LEU CA 395 -57.33 103.46 -37.45
N CYS CA 396 -56.68 102.79 -36.50
CA CYS CA 396 -55.86 103.47 -35.51
C CYS CA 396 -54.38 103.24 -35.79
N SER CA 397 -53.62 104.33 -35.71
CA SER CA 397 -52.17 104.29 -35.76
C SER CA 397 -51.61 103.62 -34.51
N ASP CA 398 -50.33 103.28 -34.56
CA ASP CA 398 -49.64 102.53 -33.50
C ASP CA 398 -50.22 101.13 -33.41
N VAL CA 399 -50.79 100.75 -32.27
CA VAL CA 399 -50.94 99.35 -31.83
C VAL CA 399 -49.59 98.78 -31.42
N TRP CA 400 -49.15 99.14 -30.22
CA TRP CA 400 -47.97 98.59 -29.57
C TRP CA 400 -48.24 97.17 -29.08
N MET CA 401 -47.29 96.61 -28.34
CA MET CA 401 -47.47 95.26 -27.82
C MET CA 401 -48.58 95.19 -26.80
N PHE CA 402 -49.28 94.07 -26.80
CA PHE CA 402 -50.46 93.84 -25.97
C PHE CA 402 -50.52 92.35 -25.67
N PRO CA 403 -51.05 91.96 -24.51
CA PRO CA 403 -50.90 90.57 -24.05
C PRO CA 403 -51.36 89.49 -25.01
N ASN CA 404 -52.51 89.64 -25.64
CA ASN CA 404 -53.09 88.55 -26.40
C ASN CA 404 -52.71 88.58 -27.87
N GLN CA 405 -51.77 89.42 -28.26
CA GLN CA 405 -51.53 89.63 -29.67
C GLN CA 405 -51.01 88.38 -30.37
N ILE CA 406 -51.47 88.18 -31.59
CA ILE CA 406 -50.88 87.24 -32.53
C ILE CA 406 -50.61 87.94 -33.83
N TRP CA 407 -49.41 87.75 -34.36
CA TRP CA 407 -49.10 88.17 -35.71
C TRP CA 407 -48.33 87.04 -36.35
N ASP CA 408 -48.19 87.12 -37.66
CA ASP CA 408 -47.44 86.12 -38.40
C ASP CA 408 -46.18 86.75 -38.91
N ARG CA 409 -45.06 86.07 -38.73
CA ARG CA 409 -43.79 86.59 -39.16
C ARG CA 409 -43.81 86.82 -40.66
N TYR CA 410 -43.02 87.78 -41.12
CA TYR CA 410 -43.05 88.17 -42.52
C TYR CA 410 -42.88 86.94 -43.41
N PRO CA 411 -43.68 86.82 -44.47
CA PRO CA 411 -43.69 85.57 -45.25
C PRO CA 411 -42.40 85.26 -45.96
N ILE CA 412 -41.49 86.22 -46.00
CA ILE CA 412 -40.24 86.22 -46.75
C ILE CA 412 -40.47 85.80 -48.19
N THR CA 413 -39.44 85.20 -48.81
CA THR CA 413 -39.39 84.87 -50.23
C THR CA 413 -37.99 84.38 -50.54
N ARG CA 414 -37.73 83.98 -51.77
CA ARG CA 414 -36.41 83.47 -52.12
C ARG CA 414 -35.32 84.55 -52.06
N GLU CA 415 -35.70 85.83 -52.16
CA GLU CA 415 -34.74 86.92 -52.23
C GLU CA 415 -34.27 87.41 -50.87
N ASN CA 416 -34.72 86.85 -49.80
CA ASN CA 416 -34.51 87.45 -48.50
C ASN CA 416 -33.24 86.98 -47.85
N PRO CA 417 -32.71 87.76 -46.92
CA PRO CA 417 -31.64 87.26 -46.06
C PRO CA 417 -32.13 86.18 -45.13
N ILE CA 418 -31.28 85.18 -44.92
CA ILE CA 418 -31.66 84.07 -44.06
C ILE CA 418 -31.72 84.51 -42.61
N TRP CA 419 -30.66 85.16 -42.13
CA TRP CA 419 -30.52 85.48 -40.72
C TRP CA 419 -30.12 86.94 -40.56
N CYS CA 420 -30.21 87.39 -39.32
CA CYS CA 420 -29.73 88.69 -38.87
C CYS CA 420 -29.20 88.50 -37.46
N LYS CA 421 -28.14 89.22 -37.12
CA LYS CA 421 -27.56 89.06 -35.79
C LYS CA 421 -28.34 89.86 -34.77
N LYS CA 422 -28.73 89.20 -33.69
CA LYS CA 422 -29.38 89.87 -32.58
C LYS CA 422 -28.31 90.52 -31.71
N PRO CA 423 -28.28 91.85 -31.64
CA PRO CA 423 -27.21 92.51 -30.88
C PRO CA 423 -27.29 92.21 -29.39
N ARG CA 424 -26.12 92.05 -28.79
CA ARG CA 424 -26.03 91.72 -27.37
C ARG CA 424 -26.45 92.91 -26.54
N SER CA 425 -27.42 92.68 -25.66
CA SER CA 425 -27.90 93.74 -24.79
C SER CA 425 -28.55 93.11 -23.58
N ASP CA 426 -28.70 93.90 -22.52
CA ASP CA 426 -29.28 93.38 -21.30
C ASP CA 426 -30.70 92.90 -21.52
N LYS CA 427 -31.56 93.77 -22.01
CA LYS CA 427 -32.98 93.50 -22.11
C LYS CA 427 -33.44 93.61 -23.55
N HIS CA 428 -34.45 92.83 -23.90
CA HIS CA 428 -35.07 92.93 -25.21
C HIS CA 428 -36.46 92.32 -25.15
N THR CA 429 -37.27 92.67 -26.15
CA THR CA 429 -38.61 92.13 -26.33
C THR CA 429 -38.60 90.90 -27.23
N THR CA 430 -39.77 90.55 -27.79
CA THR CA 430 -39.97 89.25 -28.42
C THR CA 430 -38.91 88.92 -29.48
N ILE CA 431 -38.32 89.94 -30.11
CA ILE CA 431 -37.35 89.76 -31.20
C ILE CA 431 -37.98 89.05 -32.39
N ASP CA 432 -38.89 89.73 -33.09
CA ASP CA 432 -39.30 89.27 -34.41
C ASP CA 432 -38.90 90.32 -35.43
N PRO CA 433 -37.86 90.10 -36.23
CA PRO CA 433 -37.49 91.09 -37.24
C PRO CA 433 -38.55 91.23 -38.31
N PHE CA 434 -38.82 92.46 -38.71
CA PHE CA 434 -39.85 92.72 -39.70
C PHE CA 434 -39.34 92.60 -41.12
N ASP CA 435 -38.08 92.26 -41.28
CA ASP CA 435 -37.50 91.92 -42.58
C ASP CA 435 -37.70 90.45 -42.89
N GLY CA 436 -38.47 89.75 -42.07
CA GLY CA 436 -38.42 88.31 -42.06
C GLY CA 436 -37.09 87.90 -41.48
N SER CA 437 -36.31 87.15 -42.24
CA SER CA 437 -35.00 86.68 -41.80
C SER CA 437 -35.09 86.00 -40.45
N LEU CA 438 -34.08 86.18 -39.62
CA LEU CA 438 -33.98 85.46 -38.36
C LEU CA 438 -33.06 86.25 -37.44
N ALA CA 439 -33.13 85.96 -36.16
CA ALA CA 439 -32.24 86.55 -35.19
C ALA CA 439 -31.51 85.42 -34.48
N MET CA 440 -30.20 85.58 -34.32
CA MET CA 440 -29.41 84.59 -33.61
C MET CA 440 -28.40 85.30 -32.73
N ASP CA 441 -28.15 84.73 -31.56
CA ASP CA 441 -27.06 85.21 -30.72
C ASP CA 441 -25.77 85.21 -31.50
N HIS CA 442 -25.37 84.05 -32.00
CA HIS CA 442 -24.21 83.92 -32.87
C HIS CA 442 -24.68 83.42 -34.22
N PRO CA 443 -24.73 84.28 -35.23
CA PRO CA 443 -24.99 83.82 -36.58
C PRO CA 443 -23.76 83.15 -37.14
N PRO CA 444 -23.78 82.72 -38.39
CA PRO CA 444 -22.52 82.27 -39.01
C PRO CA 444 -21.47 83.36 -38.92
N GLY CA 445 -20.30 82.98 -38.40
CA GLY CA 445 -19.21 83.94 -38.30
C GLY CA 445 -18.77 84.36 -39.67
N THR CA 446 -18.64 85.66 -39.87
CA THR CA 446 -18.20 86.16 -41.16
C THR CA 446 -16.77 85.72 -41.42
N ILE CA 447 -16.54 85.19 -42.60
CA ILE CA 447 -15.21 84.76 -43.01
C ILE CA 447 -14.55 85.92 -43.73
N PHE CA 448 -13.42 86.37 -43.21
CA PHE CA 448 -12.68 87.48 -43.76
C PHE CA 448 -11.47 86.96 -44.51
N ILE CA 449 -11.07 87.67 -45.54
CA ILE CA 449 -9.97 87.23 -46.39
C ILE CA 449 -9.26 88.46 -46.96
N LYS CA 450 -7.94 88.38 -47.05
CA LYS CA 450 -7.10 89.50 -47.43
C LYS CA 450 -5.94 88.95 -48.25
N MET CA 451 -5.24 89.85 -48.93
CA MET CA 451 -4.25 89.46 -49.92
C MET CA 451 -2.82 89.42 -49.42
N ALA CA 452 -2.57 89.59 -48.13
CA ALA CA 452 -1.23 89.36 -47.61
C ALA CA 452 -0.20 90.28 -48.23
N LYS CA 453 -0.15 91.53 -47.78
CA LYS CA 453 0.68 92.54 -48.41
C LYS CA 453 2.09 92.04 -48.66
N ILE CA 454 2.54 92.18 -49.90
CA ILE CA 454 3.90 91.84 -50.27
C ILE CA 454 4.60 93.14 -50.63
N PRO CA 455 5.46 93.66 -49.77
CA PRO CA 455 6.06 94.96 -50.03
C PRO CA 455 7.19 94.86 -51.04
N VAL CA 456 7.71 96.01 -51.42
CA VAL CA 456 8.80 96.07 -52.38
C VAL CA 456 9.77 97.15 -51.91
N PRO CA 457 11.07 96.97 -52.11
CA PRO CA 457 12.02 97.92 -51.54
C PRO CA 457 12.02 99.24 -52.28
N SER CA 458 12.31 100.30 -51.53
CA SER CA 458 12.45 101.63 -52.11
C SER CA 458 13.39 102.45 -51.23
N ASN CA 459 13.68 103.67 -51.69
CA ASN CA 459 14.61 104.55 -50.99
C ASN CA 459 13.94 105.32 -49.86
N ASN CA 460 12.73 105.82 -50.09
CA ASN CA 460 12.07 106.78 -49.21
C ASN CA 460 12.08 106.46 -47.70
N ASN CA 461 11.71 105.25 -47.27
CA ASN CA 461 11.29 104.14 -48.11
C ASN CA 461 9.78 103.98 -48.09
N ALA CA 462 9.31 102.99 -48.84
CA ALA CA 462 7.89 102.67 -48.94
C ALA CA 462 7.08 103.92 -49.38
N ASP CA 463 5.78 104.05 -49.06
CA ASP CA 463 4.83 102.94 -48.99
C ASP CA 463 4.60 102.39 -50.39
N SER CA 464 4.90 101.11 -50.55
CA SER CA 464 4.77 100.45 -51.84
C SER CA 464 4.57 98.97 -51.61
N TYR CA 465 3.89 98.33 -52.53
CA TYR CA 465 3.53 96.94 -52.36
C TYR CA 465 3.33 96.32 -53.74
N LEU CA 466 3.30 95.01 -53.77
CA LEU CA 466 3.17 94.28 -55.01
C LEU CA 466 1.70 94.03 -55.30
N ASN CA 467 1.29 94.20 -56.55
CA ASN CA 467 -0.11 94.20 -56.93
C ASN CA 467 -0.50 92.79 -57.34
N ILE CA 468 -1.36 92.16 -56.54
CA ILE CA 468 -1.78 90.78 -56.76
C ILE CA 468 -3.27 90.66 -56.48
N TYR CA 469 -3.82 89.51 -56.84
CA TYR CA 469 -5.19 89.18 -56.46
C TYR CA 469 -5.31 87.67 -56.33
N CYS CA 470 -6.32 87.24 -55.60
CA CYS CA 470 -6.53 85.83 -55.33
C CYS CA 470 -7.80 85.38 -56.04
N THR CA 471 -7.85 84.09 -56.32
CA THR CA 471 -9.00 83.51 -56.98
C THR CA 471 -9.14 82.09 -56.48
N GLY CA 472 -10.37 81.65 -56.26
CA GLY CA 472 -10.54 80.34 -55.69
C GLY CA 472 -12.00 79.97 -55.63
N GLN CA 473 -12.28 78.92 -54.87
CA GLN CA 473 -13.61 78.35 -54.86
C GLN CA 473 -14.09 78.15 -53.44
N VAL CA 474 -15.22 78.76 -53.11
CA VAL CA 474 -15.90 78.55 -51.84
C VAL CA 474 -17.00 77.53 -52.09
N SER CA 475 -17.13 76.58 -51.18
CA SER CA 475 -18.26 75.66 -51.22
C SER CA 475 -19.01 75.81 -49.92
N CYS CA 476 -20.21 76.34 -49.98
CA CYS CA 476 -21.05 76.50 -48.81
C CYS CA 476 -22.09 75.39 -48.84
N GLU CA 477 -21.95 74.42 -47.95
CA GLU CA 477 -22.85 73.28 -47.87
C GLU CA 477 -23.57 73.36 -46.54
N ILE CA 478 -24.87 73.62 -46.57
CA ILE CA 478 -25.64 73.85 -45.36
C ILE CA 478 -26.77 72.85 -45.29
N VAL CA 479 -27.05 72.38 -44.09
CA VAL CA 479 -28.08 71.38 -43.83
C VAL CA 479 -29.27 72.09 -43.21
N TRP CA 480 -30.47 71.71 -43.63
CA TRP CA 480 -31.69 72.37 -43.22
C TRP CA 480 -32.56 71.37 -42.49
N GLU CA 481 -32.84 71.64 -41.21
CA GLU CA 481 -33.90 70.91 -40.55
C GLU CA 481 -35.21 71.26 -41.23
N VAL CA 482 -35.95 70.24 -41.64
CA VAL CA 482 -37.11 70.44 -42.48
C VAL CA 482 -38.22 69.51 -41.99
N GLU CA 483 -39.46 69.97 -42.07
CA GLU CA 483 -40.61 69.21 -41.60
C GLU CA 483 -41.68 69.20 -42.67
N ARG CA 484 -42.27 68.05 -42.91
CA ARG CA 484 -43.17 67.84 -44.04
C ARG CA 484 -44.62 67.87 -43.56
N TYR CA 485 -45.51 68.38 -44.40
CA TYR CA 485 -46.86 68.71 -43.94
C TYR CA 485 -47.84 67.60 -44.25
N ALA CA 486 -48.77 67.41 -43.32
CA ALA CA 486 -49.93 66.57 -43.53
C ALA CA 486 -51.14 67.33 -43.01
N THR CA 487 -52.27 67.19 -43.71
CA THR CA 487 -53.44 67.95 -43.31
C THR CA 487 -54.70 67.18 -43.69
N LYS CA 488 -55.79 67.54 -43.02
CA LYS CA 488 -57.08 66.91 -43.25
C LYS CA 488 -57.94 67.68 -44.22
N ASN CA 489 -57.44 68.76 -44.81
CA ASN CA 489 -58.22 69.50 -45.77
C ASN CA 489 -58.59 68.62 -46.94
N TRP CA 490 -59.82 68.77 -47.41
CA TRP CA 490 -60.28 68.01 -48.57
C TRP CA 490 -59.81 68.62 -49.87
N ARG CA 491 -59.64 69.91 -49.91
CA ARG CA 491 -59.48 70.67 -51.13
C ARG CA 491 -58.02 70.79 -51.56
N PRO CA 492 -57.79 71.14 -52.83
CA PRO CA 492 -56.43 71.08 -53.40
C PRO CA 492 -55.38 72.00 -52.76
N GLU CA 493 -55.75 72.99 -51.97
CA GLU CA 493 -54.81 74.00 -51.42
C GLU CA 493 -54.13 74.72 -52.59
N ARG CA 494 -52.87 75.08 -52.47
CA ARG CA 494 -52.23 75.98 -53.43
C ARG CA 494 -50.74 75.64 -53.50
N ARG CA 495 -50.16 75.83 -54.68
CA ARG CA 495 -48.75 75.58 -54.89
C ARG CA 495 -48.17 76.74 -55.68
N HIS CA 496 -46.90 76.62 -56.04
CA HIS CA 496 -46.25 77.61 -56.87
C HIS CA 496 -46.00 77.01 -58.24
N THR CA 497 -46.82 77.43 -59.20
CA THR CA 497 -46.63 77.11 -60.60
C THR CA 497 -45.63 78.08 -61.23
N THR CA 498 -45.03 77.63 -62.33
CA THR CA 498 -44.41 78.57 -63.24
C THR CA 498 -45.42 79.53 -63.85
N PHE CA 499 -46.71 79.23 -63.78
CA PHE CA 499 -47.65 80.14 -64.42
C PHE CA 499 -47.73 81.49 -63.71
N GLY CA 500 -47.34 81.56 -62.44
CA GLY CA 500 -47.13 82.87 -61.85
C GLY CA 500 -46.02 83.63 -62.52
N LEU CA 501 -45.07 82.91 -63.11
CA LEU CA 501 -43.93 83.50 -63.80
C LEU CA 501 -44.37 84.08 -65.14
N GLY CA 502 -43.52 84.94 -65.70
CA GLY CA 502 -43.85 85.57 -66.96
C GLY CA 502 -42.61 85.78 -67.79
N ILE CA 503 -42.83 86.04 -69.08
CA ILE CA 503 -41.80 86.04 -70.10
C ILE CA 503 -41.06 87.38 -70.08
N GLY CA 504 -39.77 87.36 -70.39
CA GLY CA 504 -39.02 88.60 -70.38
C GLY CA 504 -37.63 88.45 -71.00
N GLY CA 505 -36.98 89.61 -71.14
CA GLY CA 505 -35.61 89.75 -71.58
C GLY CA 505 -35.47 89.85 -73.08
N ALA CA 506 -34.51 90.67 -73.53
CA ALA CA 506 -34.18 90.88 -74.94
C ALA CA 506 -35.42 91.03 -75.81
N ASP CA 507 -35.41 90.35 -76.95
CA ASP CA 507 -36.67 89.96 -77.57
C ASP CA 507 -37.36 88.99 -76.61
N ASN CA 508 -38.67 89.16 -76.43
CA ASN CA 508 -39.32 88.71 -75.21
C ASN CA 508 -38.97 87.29 -74.82
N LEU CA 509 -38.48 86.49 -75.77
CA LEU CA 509 -38.23 85.07 -75.57
C LEU CA 509 -37.41 84.80 -74.32
N ASN CA 510 -37.62 83.61 -73.76
CA ASN CA 510 -37.20 83.01 -72.50
C ASN CA 510 -38.11 83.51 -71.40
N PRO CA 511 -38.51 82.66 -70.45
CA PRO CA 511 -39.55 83.11 -69.53
C PRO CA 511 -39.11 84.02 -68.39
N THR CA 512 -38.47 83.46 -67.38
CA THR CA 512 -38.14 84.26 -66.21
C THR CA 512 -36.81 83.86 -65.59
N TYR CA 513 -36.69 82.68 -65.01
CA TYR CA 513 -35.40 82.25 -64.51
C TYR CA 513 -34.73 81.47 -65.64
N HIS CA 514 -33.82 82.14 -66.33
CA HIS CA 514 -33.33 81.64 -67.59
C HIS CA 514 -32.39 82.67 -68.19
N VAL CA 515 -31.58 82.23 -69.12
CA VAL CA 515 -30.60 83.10 -69.75
C VAL CA 515 -31.20 83.87 -70.93
N ASP CA 516 -30.59 85.01 -71.22
CA ASP CA 516 -30.90 85.84 -72.38
C ASP CA 516 -30.04 85.39 -73.56
N LYS CA 517 -29.95 86.18 -74.63
CA LYS CA 517 -29.29 85.66 -75.84
C LYS CA 517 -27.81 85.90 -76.28
N ASN CA 518 -26.94 86.81 -75.79
CA ASN CA 518 -27.07 87.97 -74.89
C ASN CA 518 -27.00 87.57 -73.43
N GLY CA 519 -26.76 86.30 -73.17
CA GLY CA 519 -27.26 85.70 -71.96
C GLY CA 519 -27.00 86.46 -70.69
N THR CA 520 -28.12 86.88 -70.12
CA THR CA 520 -28.21 87.58 -68.85
C THR CA 520 -29.43 87.00 -68.15
N TYR CA 521 -29.22 86.47 -66.96
CA TYR CA 521 -30.28 85.81 -66.23
C TYR CA 521 -31.45 86.75 -66.05
N ILE CA 522 -32.63 86.34 -66.52
CA ILE CA 522 -33.78 87.23 -66.48
C ILE CA 522 -34.27 87.35 -65.04
N GLN CA 523 -34.49 88.51 -64.63
CA GLN CA 523 -34.87 88.59 -63.24
C GLN CA 523 -36.38 88.50 -63.09
N PRO CA 524 -36.83 87.89 -62.00
CA PRO CA 524 -38.27 87.84 -61.72
C PRO CA 524 -38.83 89.23 -61.44
N THR CA 525 -39.94 89.55 -62.08
CA THR CA 525 -40.56 90.86 -61.99
C THR CA 525 -41.82 90.79 -61.14
N THR CA 526 -41.89 91.69 -60.16
CA THR CA 526 -42.74 91.76 -58.96
C THR CA 526 -42.66 90.54 -58.04
N TRP CA 527 -43.70 90.37 -57.21
CA TRP CA 527 -43.52 89.63 -55.96
C TRP CA 527 -43.80 88.15 -56.12
N ASP CA 528 -44.86 87.79 -56.85
CA ASP CA 528 -45.25 86.39 -56.95
C ASP CA 528 -44.22 85.54 -57.67
N MET CA 529 -43.47 86.14 -58.60
CA MET CA 529 -42.40 85.43 -59.29
C MET CA 529 -41.52 84.69 -58.30
N CYS CA 530 -40.76 85.43 -57.50
CA CYS CA 530 -40.15 84.86 -56.31
C CYS CA 530 -41.24 84.21 -55.49
N PHE CA 531 -41.05 82.95 -55.12
CA PHE CA 531 -42.18 82.22 -54.57
C PHE CA 531 -42.13 82.27 -53.06
N PRO CA 532 -42.98 83.06 -52.41
CA PRO CA 532 -42.86 83.25 -50.97
C PRO CA 532 -43.40 82.05 -50.23
N VAL CA 533 -42.78 81.71 -49.11
CA VAL CA 533 -43.41 80.79 -48.20
C VAL CA 533 -44.56 81.52 -47.51
N LYS CA 534 -45.44 80.73 -46.89
CA LYS CA 534 -46.56 81.19 -46.06
C LYS CA 534 -47.77 81.52 -46.91
N THR CA 535 -47.67 81.47 -48.22
CA THR CA 535 -48.82 81.61 -49.10
C THR CA 535 -49.43 80.27 -49.47
N ASN CA 536 -48.88 79.16 -48.97
CA ASN CA 536 -49.32 77.84 -49.36
C ASN CA 536 -49.71 77.02 -48.14
N ILE CA 537 -50.04 75.77 -48.41
CA ILE CA 537 -50.54 74.80 -47.45
C ILE CA 537 -51.74 75.42 -46.73
N ASN CA 538 -51.96 75.05 -45.48
CA ASN CA 538 -52.94 75.64 -44.58
C ASN CA 538 -52.58 75.20 -43.17
N LYS CA 539 -53.10 75.89 -42.18
CA LYS CA 539 -53.01 75.42 -40.81
C LYS CA 539 -54.31 75.75 -40.09
N VAL CA 540 -54.86 74.75 -39.40
CA VAL CA 540 -55.90 75.04 -38.43
C VAL CA 540 -55.24 75.78 -37.27
N LEU CA 541 -55.79 76.94 -36.93
CA LEU CA 541 -55.22 77.72 -35.86
C LEU CA 541 -55.56 77.09 -34.51
N GLY DA 34 64.12 4.68 -52.06
CA GLY DA 34 64.49 3.56 -52.90
C GLY DA 34 65.70 2.79 -52.40
N SER DA 35 66.11 1.78 -53.17
CA SER DA 35 67.27 0.96 -52.80
C SER DA 35 67.84 0.34 -54.06
N GLY DA 36 69.08 -0.13 -53.95
CA GLY DA 36 69.75 -0.81 -55.04
C GLY DA 36 70.72 0.09 -55.77
N VAL DA 37 71.34 -0.48 -56.80
CA VAL DA 37 72.24 0.28 -57.65
C VAL DA 37 71.48 1.45 -58.29
N GLY DA 38 72.15 2.57 -58.43
CA GLY DA 38 71.53 3.75 -59.00
C GLY DA 38 70.86 4.66 -57.99
N ILE DA 39 70.88 4.31 -56.71
CA ILE DA 39 70.32 5.12 -55.65
C ILE DA 39 71.44 5.35 -54.64
N SER DA 40 71.87 6.59 -54.48
CA SER DA 40 72.97 6.87 -53.57
C SER DA 40 72.55 6.60 -52.14
N THR DA 41 73.47 6.08 -51.35
CA THR DA 41 73.10 5.68 -50.00
C THR DA 41 73.07 6.86 -49.05
N GLY DA 42 74.07 7.73 -49.11
CA GLY DA 42 74.10 8.90 -48.25
C GLY DA 42 74.82 10.02 -48.97
N GLY DA 43 74.62 11.24 -48.46
CA GLY DA 43 75.17 12.42 -49.07
C GLY DA 43 76.42 12.92 -48.37
N TRP DA 44 77.00 13.97 -48.94
CA TRP DA 44 78.18 14.58 -48.39
C TRP DA 44 77.84 15.31 -47.10
N VAL DA 45 78.85 15.48 -46.24
CA VAL DA 45 78.65 16.02 -44.90
C VAL DA 45 79.88 16.84 -44.52
N GLY DA 46 79.67 17.88 -43.72
CA GLY DA 46 80.79 18.61 -43.16
C GLY DA 46 80.34 19.95 -42.59
N GLY DA 47 81.34 20.76 -42.20
CA GLY DA 47 81.14 22.17 -41.90
C GLY DA 47 81.19 22.57 -40.44
N SER DA 48 81.47 21.64 -39.54
CA SER DA 48 81.48 21.80 -38.09
C SER DA 48 80.23 22.42 -37.48
N TYR DA 49 80.34 22.94 -36.25
CA TYR DA 49 79.16 23.41 -35.55
C TYR DA 49 79.38 24.55 -34.56
N PHE DA 50 80.09 24.28 -33.46
CA PHE DA 50 80.43 25.21 -32.39
C PHE DA 50 79.29 25.77 -31.54
N THR DA 51 78.79 24.98 -30.60
CA THR DA 51 78.00 25.44 -29.46
C THR DA 51 78.86 25.45 -28.21
N ASP DA 52 78.55 26.34 -27.28
CA ASP DA 52 79.31 26.51 -26.04
C ASP DA 52 79.61 25.20 -25.33
N SER DA 53 78.63 24.30 -25.29
CA SER DA 53 78.82 23.03 -24.57
C SER DA 53 79.57 22.00 -25.39
N TYR DA 54 79.44 22.00 -26.71
CA TYR DA 54 80.07 20.97 -27.52
C TYR DA 54 80.28 21.48 -28.94
N VAL DA 55 81.21 20.84 -29.63
CA VAL DA 55 81.54 21.13 -31.02
C VAL DA 55 81.39 19.86 -31.82
N ILE DA 56 80.60 19.93 -32.89
CA ILE DA 56 80.38 18.81 -33.78
C ILE DA 56 81.14 19.06 -35.07
N THR DA 57 82.20 18.30 -35.31
CA THR DA 57 82.94 18.38 -36.55
C THR DA 57 82.51 17.25 -37.47
N LYS DA 58 82.22 17.59 -38.71
CA LYS DA 58 81.76 16.64 -39.70
C LYS DA 58 82.72 16.66 -40.88
N ASN DA 59 83.02 15.49 -41.43
CA ASN DA 59 83.95 15.40 -42.53
C ASN DA 59 83.53 14.25 -43.43
N THR DA 60 83.94 14.33 -44.69
CA THR DA 60 83.63 13.31 -45.66
C THR DA 60 84.81 13.19 -46.63
N ARG DA 61 85.03 11.99 -47.14
CA ARG DA 61 86.21 11.73 -47.95
C ARG DA 61 85.86 10.84 -49.13
N GLN DA 62 86.80 10.73 -50.04
CA GLN DA 62 86.75 9.77 -51.12
C GLN DA 62 87.97 8.88 -50.97
N PHE DA 63 87.76 7.57 -50.91
CA PHE DA 63 88.86 6.66 -50.64
C PHE DA 63 88.89 5.57 -51.70
N LEU DA 64 90.00 4.83 -51.74
CA LEU DA 64 90.03 3.64 -52.58
C LEU DA 64 90.88 2.55 -51.94
N VAL DA 65 90.42 1.31 -52.14
CA VAL DA 65 91.08 0.12 -51.63
C VAL DA 65 91.72 -0.60 -52.81
N LYS DA 66 93.00 -0.92 -52.70
CA LYS DA 66 93.82 -1.25 -53.85
C LYS DA 66 94.06 -2.75 -54.07
N ILE DA 67 93.55 -3.63 -53.20
CA ILE DA 67 94.00 -5.03 -53.16
C ILE DA 67 95.49 -5.08 -52.86
N GLN DA 68 95.87 -4.84 -51.62
CA GLN DA 68 97.28 -4.98 -51.26
C GLN DA 68 97.65 -6.44 -51.04
N ASN DA 69 98.88 -6.77 -51.43
CA ASN DA 69 99.54 -8.01 -51.02
C ASN DA 69 98.85 -9.25 -51.58
N ASN DA 70 98.42 -9.19 -52.83
CA ASN DA 70 97.52 -10.19 -53.42
C ASN DA 70 96.37 -10.29 -52.41
N HIS DA 71 95.83 -11.46 -52.14
CA HIS DA 71 95.03 -11.61 -50.93
C HIS DA 71 95.75 -12.41 -49.85
N GLN DA 72 96.92 -12.94 -50.15
CA GLN DA 72 97.69 -13.67 -49.16
C GLN DA 72 98.43 -12.72 -48.22
N TYR DA 73 98.85 -13.27 -47.08
CA TYR DA 73 99.44 -12.55 -45.96
C TYR DA 73 100.96 -12.35 -46.08
N LYS DA 74 101.71 -13.42 -46.14
CA LYS DA 74 103.16 -13.45 -46.01
C LYS DA 74 103.64 -12.91 -44.67
N THR DA 75 104.89 -12.45 -44.61
CA THR DA 75 105.52 -11.97 -43.39
C THR DA 75 106.33 -10.72 -43.71
N GLU DA 76 107.24 -10.83 -44.67
CA GLU DA 76 107.95 -9.78 -45.37
C GLU DA 76 109.29 -9.32 -44.77
N LEU DA 77 109.56 -9.62 -43.49
CA LEU DA 77 110.90 -9.41 -42.90
C LEU DA 77 111.52 -8.11 -43.40
N ILE DA 78 110.97 -6.98 -42.94
CA ILE DA 78 111.06 -5.74 -43.72
C ILE DA 78 112.50 -5.34 -44.06
N SER DA 79 113.21 -4.75 -43.10
CA SER DA 79 114.63 -4.42 -43.16
C SER DA 79 114.96 -3.43 -44.27
N PRO DA 80 115.97 -2.60 -44.10
CA PRO DA 80 116.78 -2.18 -45.25
C PRO DA 80 118.04 -3.03 -45.31
N SER DA 81 118.89 -2.81 -46.29
CA SER DA 81 120.23 -3.40 -46.22
C SER DA 81 121.33 -2.47 -46.77
N THR DA 82 122.34 -2.09 -45.98
CA THR DA 82 122.43 -1.99 -44.50
C THR DA 82 121.85 -3.12 -43.64
N SER DA 83 122.29 -4.35 -43.90
CA SER DA 83 121.81 -5.53 -43.18
C SER DA 83 121.99 -5.40 -41.67
N GLN DA 84 122.84 -4.45 -41.22
CA GLN DA 84 122.99 -4.19 -39.79
C GLN DA 84 121.70 -3.66 -39.16
N GLY DA 85 120.70 -3.31 -39.96
CA GLY DA 85 119.50 -2.71 -39.44
C GLY DA 85 118.70 -3.68 -38.56
N LYS DA 86 117.58 -3.17 -38.05
CA LYS DA 86 116.76 -3.95 -37.14
C LYS DA 86 116.13 -5.14 -37.83
N SER DA 87 115.60 -4.94 -39.04
CA SER DA 87 115.05 -6.02 -39.85
C SER DA 87 113.88 -6.70 -39.17
N GLN DA 88 112.93 -5.91 -38.70
CA GLN DA 88 111.71 -6.46 -38.12
C GLN DA 88 110.98 -7.30 -39.14
N ARG DA 89 110.44 -8.44 -38.69
CA ARG DA 89 109.86 -9.39 -39.62
C ARG DA 89 108.45 -8.98 -40.03
N CYS DA 90 107.69 -8.43 -39.09
CA CYS DA 90 106.30 -8.03 -39.27
C CYS DA 90 105.40 -9.12 -39.85
N VAL DA 91 104.27 -8.68 -40.42
CA VAL DA 91 103.29 -9.51 -41.12
C VAL DA 91 102.54 -8.56 -42.05
N SER DA 92 102.25 -9.01 -43.25
CA SER DA 92 101.45 -8.22 -44.16
C SER DA 92 100.10 -8.90 -44.30
N THR DA 93 99.07 -8.13 -44.57
CA THR DA 93 97.72 -8.64 -44.70
C THR DA 93 97.07 -8.05 -45.93
N PRO DA 94 96.05 -8.71 -46.49
CA PRO DA 94 95.29 -8.09 -47.58
C PRO DA 94 94.49 -6.88 -47.16
N TRP DA 95 94.33 -6.67 -45.86
CA TRP DA 95 93.43 -5.65 -45.36
C TRP DA 95 94.04 -4.27 -45.42
N SER DA 96 93.18 -3.27 -45.55
CA SER DA 96 93.50 -1.87 -45.41
C SER DA 96 92.64 -1.32 -44.29
N TYR DA 97 93.03 -0.18 -43.74
CA TYR DA 97 92.31 0.33 -42.59
C TYR DA 97 92.17 1.85 -42.66
N PHE DA 98 91.16 2.33 -41.95
CA PHE DA 98 90.89 3.76 -41.82
C PHE DA 98 91.55 4.27 -40.56
N ASN DA 99 92.45 5.24 -40.71
CA ASN DA 99 93.07 5.92 -39.58
C ASN DA 99 92.45 7.30 -39.48
N PHE DA 100 91.66 7.54 -38.45
CA PHE DA 100 91.05 8.84 -38.22
C PHE DA 100 91.80 9.69 -37.23
N ASN DA 101 92.96 9.26 -36.77
CA ASN DA 101 93.58 9.86 -35.59
C ASN DA 101 94.50 10.99 -36.03
N GLN DA 102 94.04 12.22 -35.84
CA GLN DA 102 94.79 13.45 -35.99
C GLN DA 102 93.80 14.59 -35.79
N TYR DA 103 94.30 15.76 -35.42
CA TYR DA 103 93.40 16.89 -35.30
C TYR DA 103 93.17 17.57 -36.64
N SER DA 104 94.22 17.74 -37.43
CA SER DA 104 94.11 18.45 -38.68
C SER DA 104 93.15 17.79 -39.65
N SER DA 105 92.78 16.54 -39.39
CA SER DA 105 91.80 15.89 -40.25
C SER DA 105 90.39 16.38 -39.95
N HIS DA 106 90.08 16.60 -38.68
CA HIS DA 106 88.72 16.93 -38.26
C HIS DA 106 88.47 18.41 -38.12
N PHE DA 107 89.50 19.25 -38.18
CA PHE DA 107 89.35 20.68 -37.95
C PHE DA 107 89.98 21.46 -39.08
N SER DA 108 89.20 22.34 -39.68
CA SER DA 108 89.77 23.29 -40.61
C SER DA 108 90.68 24.24 -39.85
N PRO DA 109 91.62 24.88 -40.53
CA PRO DA 109 92.45 25.87 -39.85
C PRO DA 109 91.66 26.97 -39.16
N GLN DA 110 90.43 27.22 -39.57
CA GLN DA 110 89.59 28.14 -38.80
C GLN DA 110 88.85 27.46 -37.67
N ASP DA 111 88.30 26.26 -37.88
CA ASP DA 111 87.62 25.57 -36.79
C ASP DA 111 88.57 25.37 -35.62
N TRP DA 112 89.69 24.71 -35.86
CA TRP DA 112 90.84 24.89 -35.02
C TRP DA 112 91.18 26.37 -35.05
N GLN DA 113 91.60 26.92 -33.91
CA GLN DA 113 91.72 28.35 -33.68
C GLN DA 113 90.39 29.02 -33.38
N ARG DA 114 89.27 28.41 -33.73
CA ARG DA 114 88.05 28.87 -33.10
C ARG DA 114 87.88 28.25 -31.73
N LEU DA 115 88.25 26.98 -31.57
CA LEU DA 115 88.26 26.40 -30.24
C LEU DA 115 89.53 26.72 -29.48
N THR DA 116 90.67 26.79 -30.15
CA THR DA 116 91.90 27.09 -29.46
C THR DA 116 91.85 28.49 -28.85
N ASN DA 117 91.16 29.41 -29.50
CA ASN DA 117 91.00 30.74 -28.94
C ASN DA 117 89.88 30.78 -27.91
N GLU DA 118 88.76 30.13 -28.17
CA GLU DA 118 87.54 30.38 -27.42
C GLU DA 118 87.27 29.40 -26.30
N TYR DA 119 88.10 28.38 -26.07
CA TYR DA 119 87.73 27.38 -25.09
C TYR DA 119 88.91 26.97 -24.22
N LYS DA 120 88.62 26.65 -22.95
CA LYS DA 120 89.63 26.12 -22.05
C LYS DA 120 90.09 24.74 -22.47
N ARG DA 121 89.15 23.85 -22.70
CA ARG DA 121 89.49 22.44 -22.78
C ARG DA 121 88.47 21.74 -23.64
N PHE DA 122 88.88 20.62 -24.21
CA PHE DA 122 87.98 19.84 -25.04
C PHE DA 122 88.45 18.40 -25.04
N ARG DA 123 87.51 17.50 -25.22
CA ARG DA 123 87.83 16.10 -25.44
C ARG DA 123 86.79 15.55 -26.37
N PRO DA 124 87.14 14.60 -27.23
CA PRO DA 124 86.12 14.01 -28.09
C PRO DA 124 85.12 13.21 -27.27
N LYS DA 125 83.84 13.51 -27.46
CA LYS DA 125 82.80 12.80 -26.73
C LYS DA 125 82.40 11.50 -27.42
N GLY DA 126 82.26 11.53 -28.75
CA GLY DA 126 81.79 10.38 -29.47
C GLY DA 126 82.22 10.48 -30.92
N MET DA 127 81.96 9.41 -31.66
CA MET DA 127 82.40 9.32 -33.04
C MET DA 127 81.41 8.47 -33.82
N HIS DA 128 81.13 8.88 -35.04
CA HIS DA 128 80.17 8.18 -35.89
C HIS DA 128 80.72 8.14 -37.29
N VAL DA 129 80.88 6.95 -37.83
CA VAL DA 129 81.53 6.76 -39.13
C VAL DA 129 80.56 6.03 -40.05
N LYS DA 130 80.52 6.44 -41.31
CA LYS DA 130 79.62 5.85 -42.28
C LYS DA 130 80.38 5.59 -43.57
N ILE DA 131 80.41 4.34 -43.99
CA ILE DA 131 80.88 3.97 -45.32
C ILE DA 131 79.66 3.93 -46.21
N TYR DA 132 79.75 4.53 -47.39
CA TYR DA 132 78.62 4.52 -48.30
C TYR DA 132 79.09 4.92 -49.68
N ASN DA 133 78.17 4.90 -50.64
CA ASN DA 133 78.44 5.23 -52.03
C ASN DA 133 79.63 4.44 -52.56
N LEU DA 134 79.59 3.13 -52.38
CA LEU DA 134 80.69 2.28 -52.78
C LEU DA 134 80.67 2.04 -54.28
N GLN DA 135 81.85 1.77 -54.84
CA GLN DA 135 81.99 1.49 -56.26
C GLN DA 135 83.08 0.46 -56.45
N ILE DA 136 82.85 -0.54 -57.29
CA ILE DA 136 83.85 -1.55 -57.62
C ILE DA 136 84.12 -1.42 -59.12
N LYS DA 137 85.32 -1.02 -59.49
CA LYS DA 137 85.53 -0.57 -60.85
C LYS DA 137 86.24 -1.56 -61.78
N GLN DA 138 86.71 -2.72 -61.30
CA GLN DA 138 87.18 -3.77 -62.20
C GLN DA 138 88.27 -3.28 -63.15
N ILE DA 139 89.49 -3.13 -62.62
CA ILE DA 139 90.62 -2.77 -63.45
C ILE DA 139 90.78 -3.76 -64.60
N LEU DA 140 91.02 -3.24 -65.80
CA LEU DA 140 91.42 -4.05 -66.93
C LEU DA 140 92.68 -3.49 -67.56
N SER DA 141 93.47 -4.38 -68.16
CA SER DA 141 94.67 -4.00 -68.88
C SER DA 141 94.72 -4.77 -70.19
N ASN DA 142 94.70 -4.04 -71.31
CA ASN DA 142 94.92 -4.60 -72.63
C ASN DA 142 96.40 -4.54 -73.01
N GLY DA 143 97.25 -4.14 -72.07
CA GLY DA 143 98.61 -3.75 -72.32
C GLY DA 143 98.66 -2.24 -72.42
N ALA DA 144 99.72 -1.65 -71.87
CA ALA DA 144 99.84 -0.21 -71.65
C ALA DA 144 98.56 0.26 -70.96
N ASP DA 145 98.06 1.46 -71.26
CA ASP DA 145 96.71 1.96 -70.99
C ASP DA 145 96.12 1.56 -69.64
N THR DA 146 94.80 1.33 -69.63
CA THR DA 146 93.95 0.66 -68.65
C THR DA 146 92.52 0.92 -69.06
N THR DA 147 91.58 0.12 -68.55
CA THR DA 147 90.16 0.42 -68.70
C THR DA 147 89.46 0.01 -67.42
N TYR DA 148 88.35 0.67 -67.14
CA TYR DA 148 87.57 0.43 -65.92
C TYR DA 148 86.13 0.20 -66.37
N ASN DA 149 85.64 -1.02 -66.20
CA ASN DA 149 84.33 -1.36 -66.74
C ASN DA 149 83.23 -1.07 -65.74
N ASN DA 150 83.59 -0.41 -64.65
CA ASN DA 150 82.80 -0.41 -63.44
C ASN DA 150 82.63 -1.87 -63.05
N ASP DA 151 81.52 -2.21 -62.43
CA ASP DA 151 81.24 -3.59 -62.05
C ASP DA 151 79.96 -3.58 -61.24
N LEU DA 152 79.32 -4.73 -61.17
CA LEU DA 152 78.28 -5.00 -60.20
C LEU DA 152 78.54 -6.41 -59.69
N THR DA 153 77.69 -6.88 -58.81
CA THR DA 153 77.85 -8.19 -58.21
C THR DA 153 79.27 -8.40 -57.68
N ALA DA 154 79.81 -7.39 -57.03
CA ALA DA 154 81.10 -7.49 -56.35
C ALA DA 154 80.94 -6.96 -54.93
N GLY DA 155 81.94 -7.18 -54.10
CA GLY DA 155 81.79 -6.98 -52.68
C GLY DA 155 83.04 -6.42 -52.04
N VAL DA 156 82.84 -5.91 -50.83
CA VAL DA 156 83.88 -5.30 -50.03
C VAL DA 156 83.68 -5.72 -48.60
N HIS DA 157 84.74 -6.26 -48.00
CA HIS DA 157 84.70 -6.64 -46.59
C HIS DA 157 84.97 -5.42 -45.74
N ILE DA 158 84.19 -5.23 -44.68
CA ILE DA 158 84.37 -4.13 -43.76
C ILE DA 158 84.27 -4.68 -42.35
N PHE DA 159 85.31 -4.44 -41.55
CA PHE DA 159 85.41 -5.03 -40.23
C PHE DA 159 85.86 -3.96 -39.25
N CYS DA 160 85.28 -3.97 -38.05
CA CYS DA 160 85.62 -3.02 -37.01
C CYS DA 160 85.99 -3.76 -35.74
N ASP DA 161 86.84 -3.15 -34.93
CA ASP DA 161 87.23 -3.72 -33.64
C ASP DA 161 86.49 -3.01 -32.51
N GLY DA 162 85.55 -3.70 -31.88
CA GLY DA 162 84.98 -3.18 -30.66
C GLY DA 162 85.72 -3.70 -29.46
N GLU DA 163 86.32 -4.87 -29.59
CA GLU DA 163 87.04 -5.49 -28.50
C GLU DA 163 88.51 -5.12 -28.47
N HIS DA 164 89.02 -4.53 -29.54
CA HIS DA 164 90.45 -4.31 -29.75
C HIS DA 164 91.25 -5.59 -29.62
N ALA DA 165 90.65 -6.74 -29.91
CA ALA DA 165 91.45 -7.86 -30.37
C ALA DA 165 92.07 -7.48 -31.69
N TYR DA 166 93.13 -8.18 -32.06
CA TYR DA 166 93.96 -7.91 -33.23
C TYR DA 166 94.95 -6.79 -32.94
N PRO DA 167 96.08 -6.81 -33.61
CA PRO DA 167 97.21 -5.93 -33.25
C PRO DA 167 97.01 -4.44 -33.44
N ASN DA 168 95.91 -3.97 -34.02
CA ASN DA 168 95.53 -2.56 -34.14
C ASN DA 168 96.63 -1.64 -34.70
N ALA DA 169 96.75 -1.65 -36.03
CA ALA DA 169 97.84 -0.94 -36.73
C ALA DA 169 98.05 0.48 -36.21
N THR DA 170 96.99 1.20 -35.88
CA THR DA 170 97.11 2.64 -35.64
C THR DA 170 98.18 2.95 -34.61
N HIS DA 171 99.11 3.80 -35.01
CA HIS DA 171 100.17 4.38 -34.19
C HIS DA 171 100.01 5.88 -34.29
N PRO DA 172 100.26 6.62 -33.21
CA PRO DA 172 99.88 8.04 -33.21
C PRO DA 172 100.34 8.85 -34.41
N TRP DA 173 101.61 8.78 -34.78
CA TRP DA 173 102.09 9.71 -35.81
C TRP DA 173 101.83 9.13 -37.19
N ASP DA 174 102.59 8.11 -37.56
CA ASP DA 174 102.43 7.40 -38.83
C ASP DA 174 102.37 8.45 -39.95
N GLU DA 175 101.41 8.37 -40.84
CA GLU DA 175 101.30 9.17 -42.04
C GLU DA 175 99.82 9.39 -42.20
N ASP DA 176 99.40 9.83 -43.39
CA ASP DA 176 98.04 9.59 -43.91
C ASP DA 176 97.02 10.11 -42.90
N VAL DA 177 96.28 9.24 -42.21
CA VAL DA 177 95.05 9.56 -41.50
C VAL DA 177 94.15 10.11 -42.59
N MET DA 178 93.27 11.04 -42.27
CA MET DA 178 92.48 11.64 -43.32
C MET DA 178 93.29 12.79 -43.91
N PRO DA 179 93.16 13.06 -45.20
CA PRO DA 179 93.81 14.26 -45.71
C PRO DA 179 93.19 15.46 -45.04
N GLU DA 180 94.04 16.34 -44.49
CA GLU DA 180 93.54 17.49 -43.77
C GLU DA 180 92.58 18.30 -44.60
N LEU DA 181 92.64 18.14 -45.91
CA LEU DA 181 91.92 18.93 -46.87
C LEU DA 181 90.88 18.04 -47.54
N PRO DA 182 89.58 18.33 -47.49
CA PRO DA 182 88.62 17.47 -48.19
C PRO DA 182 88.83 17.50 -49.69
N TYR DA 183 87.95 16.88 -50.46
CA TYR DA 183 88.04 16.77 -51.92
C TYR DA 183 89.32 16.06 -52.35
N GLN DA 184 90.20 15.81 -51.40
CA GLN DA 184 91.45 15.12 -51.66
C GLN DA 184 91.23 13.65 -51.40
N THR DA 185 91.36 12.83 -52.44
CA THR DA 185 91.08 11.42 -52.30
C THR DA 185 92.00 10.78 -51.27
N TRP DA 186 91.48 9.79 -50.55
CA TRP DA 186 92.19 9.24 -49.42
C TRP DA 186 92.58 7.81 -49.72
N TYR DA 187 93.87 7.58 -49.93
CA TYR DA 187 94.38 6.25 -50.24
C TYR DA 187 94.64 5.51 -48.94
N LEU DA 188 94.01 4.36 -48.79
CA LEU DA 188 94.20 3.53 -47.62
C LEU DA 188 95.55 2.84 -47.65
N PHE DA 189 95.98 2.39 -46.48
CA PHE DA 189 97.28 1.76 -46.30
C PHE DA 189 97.10 0.34 -45.77
N GLN DA 190 98.04 -0.51 -46.15
CA GLN DA 190 97.95 -1.93 -45.83
C GLN DA 190 98.06 -2.16 -44.33
N TYR DA 191 97.32 -3.13 -43.83
CA TYR DA 191 97.39 -3.48 -42.41
C TYR DA 191 98.46 -4.52 -42.18
N GLY DA 192 99.32 -4.28 -41.20
CA GLY DA 192 100.35 -5.21 -40.84
C GLY DA 192 100.64 -5.08 -39.37
N TYR DA 193 101.42 -6.02 -38.86
CA TYR DA 193 101.75 -5.98 -37.45
C TYR DA 193 103.02 -6.77 -37.19
N ILE DA 194 103.68 -6.45 -36.08
CA ILE DA 194 104.87 -7.18 -35.66
C ILE DA 194 104.45 -8.37 -34.83
N PRO DA 195 104.60 -9.60 -35.31
CA PRO DA 195 104.29 -10.74 -34.44
C PRO DA 195 105.25 -10.88 -33.27
N VAL DA 196 106.56 -10.78 -33.53
CA VAL DA 196 107.59 -10.92 -32.52
C VAL DA 196 108.85 -10.19 -32.99
N ILE DA 197 109.65 -9.74 -32.03
CA ILE DA 197 110.96 -9.14 -32.33
C ILE DA 197 111.73 -10.09 -33.23
N HIS DA 198 112.27 -9.57 -34.33
CA HIS DA 198 112.95 -10.44 -35.29
C HIS DA 198 114.18 -11.08 -34.67
N GLU DA 199 115.10 -10.27 -34.14
CA GLU DA 199 116.10 -10.84 -33.28
C GLU DA 199 115.40 -11.47 -32.08
N LEU DA 200 116.06 -12.41 -31.42
CA LEU DA 200 115.37 -13.24 -30.43
C LEU DA 200 114.28 -14.07 -31.09
N ALA DA 201 114.69 -15.22 -31.65
CA ALA DA 201 114.04 -16.00 -32.71
C ALA DA 201 114.64 -15.82 -34.10
N GLU DA 202 115.74 -15.08 -34.23
CA GLU DA 202 116.38 -14.97 -35.54
C GLU DA 202 116.61 -16.31 -36.31
N MET DA 203 117.06 -17.41 -35.69
CA MET DA 203 117.64 -17.53 -34.36
C MET DA 203 119.03 -18.15 -34.54
N GLU DA 204 119.92 -17.97 -33.57
CA GLU DA 204 121.30 -18.38 -33.78
C GLU DA 204 121.55 -19.77 -33.22
N ASP DA 205 121.72 -20.74 -34.12
CA ASP DA 205 122.14 -22.09 -33.79
C ASP DA 205 121.35 -22.66 -32.63
N SER DA 206 122.01 -23.42 -31.76
CA SER DA 206 121.54 -23.74 -30.42
C SER DA 206 120.01 -24.16 -30.47
N ASN DA 207 119.00 -23.54 -29.84
CA ASN DA 207 118.99 -22.50 -28.81
C ASN DA 207 118.02 -22.87 -27.70
N ALA DA 208 116.75 -22.98 -28.11
CA ALA DA 208 115.61 -23.39 -27.30
C ALA DA 208 115.11 -22.26 -26.42
N VAL DA 209 115.93 -21.24 -26.20
CA VAL DA 209 115.41 -20.01 -25.61
C VAL DA 209 114.80 -19.10 -26.68
N GLU DA 210 115.43 -19.05 -27.85
CA GLU DA 210 114.81 -18.35 -28.98
C GLU DA 210 113.95 -19.28 -29.81
N LYS DA 211 114.06 -20.60 -29.61
CA LYS DA 211 113.11 -21.50 -30.22
C LYS DA 211 111.73 -21.24 -29.66
N ALA DA 212 111.59 -21.26 -28.35
CA ALA DA 212 110.48 -20.57 -27.73
C ALA DA 212 110.61 -19.09 -28.03
N ILE DA 213 109.47 -18.40 -28.06
CA ILE DA 213 109.30 -17.03 -28.53
C ILE DA 213 109.30 -17.01 -30.04
N CYS DA 214 109.90 -18.02 -30.68
CA CYS DA 214 109.64 -18.24 -32.09
C CYS DA 214 108.42 -19.12 -32.29
N LEU DA 215 108.29 -20.16 -31.47
CA LEU DA 215 107.11 -21.01 -31.52
C LEU DA 215 105.87 -20.26 -31.07
N GLN DA 216 106.04 -19.28 -30.19
CA GLN DA 216 104.88 -18.65 -29.59
C GLN DA 216 104.38 -17.46 -30.37
N ILE DA 217 104.98 -17.15 -31.53
CA ILE DA 217 104.58 -15.94 -32.23
C ILE DA 217 103.13 -16.14 -32.61
N PRO DA 218 102.24 -15.25 -32.22
CA PRO DA 218 100.84 -15.39 -32.58
C PRO DA 218 100.62 -14.97 -34.03
N PHE DA 219 99.59 -15.54 -34.62
CA PHE DA 219 99.22 -15.23 -35.99
C PHE DA 219 97.76 -14.84 -36.02
N PHE DA 220 97.50 -13.58 -36.33
CA PHE DA 220 96.16 -13.04 -36.30
C PHE DA 220 95.64 -12.91 -37.72
N MET DA 221 94.34 -13.13 -37.88
CA MET DA 221 93.70 -13.08 -39.18
C MET DA 221 92.37 -12.38 -39.00
N LEU DA 222 92.05 -11.49 -39.93
CA LEU DA 222 90.81 -10.76 -39.80
C LEU DA 222 89.63 -11.52 -40.36
N GLU DA 223 89.84 -12.77 -40.79
CA GLU DA 223 88.70 -13.50 -41.32
C GLU DA 223 87.87 -14.03 -40.17
N ASN DA 224 88.30 -15.10 -39.48
CA ASN DA 224 88.02 -15.26 -38.05
C ASN DA 224 86.69 -14.66 -37.65
N SER DA 225 86.74 -13.68 -36.74
CA SER DA 225 85.54 -12.97 -36.35
C SER DA 225 84.79 -12.40 -37.55
N ASP DA 226 83.46 -12.47 -37.48
CA ASP DA 226 82.64 -12.14 -38.62
C ASP DA 226 82.65 -10.64 -38.92
N HIS DA 227 82.32 -10.32 -40.17
CA HIS DA 227 82.29 -8.93 -40.62
C HIS DA 227 81.39 -8.83 -41.84
N GLU DA 228 81.02 -7.61 -42.18
CA GLU DA 228 80.06 -7.38 -43.23
C GLU DA 228 80.74 -7.28 -44.59
N VAL DA 229 80.08 -7.83 -45.59
CA VAL DA 229 80.43 -7.60 -46.98
C VAL DA 229 79.38 -6.69 -47.56
N LEU DA 230 79.78 -5.84 -48.50
CA LEU DA 230 78.87 -4.86 -49.07
C LEU DA 230 79.01 -4.86 -50.58
N ARG DA 231 77.89 -4.96 -51.28
CA ARG DA 231 77.90 -4.59 -52.67
C ARG DA 231 77.74 -3.08 -52.76
N THR DA 232 77.48 -2.58 -53.97
CA THR DA 232 77.39 -1.14 -54.16
C THR DA 232 76.26 -0.51 -53.34
N GLY DA 233 75.02 -0.97 -53.54
CA GLY DA 233 73.89 -0.29 -52.93
C GLY DA 233 73.91 -0.25 -51.42
N GLU DA 234 74.64 -1.14 -50.78
CA GLU DA 234 74.69 -1.21 -49.32
C GLU DA 234 75.66 -0.20 -48.74
N SER DA 235 75.44 0.14 -47.47
CA SER DA 235 76.35 0.97 -46.69
C SER DA 235 76.53 0.37 -45.31
N THR DA 236 77.28 1.07 -44.47
CA THR DA 236 77.52 0.63 -43.11
C THR DA 236 77.78 1.84 -42.22
N GLU DA 237 77.36 1.73 -40.96
CA GLU DA 237 77.63 2.75 -39.96
C GLU DA 237 78.43 2.14 -38.82
N PHE DA 238 79.19 2.99 -38.14
CA PHE DA 238 79.88 2.61 -36.93
C PHE DA 238 79.82 3.75 -35.94
N THR DA 239 79.67 3.43 -34.66
CA THR DA 239 79.66 4.43 -33.61
C THR DA 239 80.78 4.14 -32.63
N PHE DA 240 81.17 5.16 -31.89
CA PHE DA 240 82.20 5.01 -30.88
C PHE DA 240 81.91 5.98 -29.75
N ASN DA 241 82.22 5.56 -28.54
CA ASN DA 241 82.15 6.42 -27.37
C ASN DA 241 83.50 6.43 -26.69
N PHE DA 242 83.82 7.53 -26.04
CA PHE DA 242 85.15 7.75 -25.50
C PHE DA 242 85.08 7.93 -24.00
N ASP DA 243 85.80 7.09 -23.28
CA ASP DA 243 86.22 7.41 -21.92
C ASP DA 243 87.58 8.05 -22.05
N CYS DA 244 87.65 9.36 -21.80
CA CYS DA 244 88.74 10.14 -22.35
C CYS DA 244 89.05 11.31 -21.42
N GLU DA 245 90.33 11.65 -21.34
CA GLU DA 245 90.79 12.76 -20.52
C GLU DA 245 90.74 14.04 -21.31
N TRP DA 246 90.39 15.13 -20.63
CA TRP DA 246 90.40 16.44 -21.25
C TRP DA 246 91.81 16.79 -21.72
N ILE DA 247 91.89 17.53 -22.81
CA ILE DA 247 93.12 18.21 -23.19
C ILE DA 247 92.90 19.70 -22.98
N ASN DA 248 93.79 20.32 -22.21
CA ASN DA 248 93.54 21.65 -21.66
C ASN DA 248 94.27 22.69 -22.48
N ASN DA 249 93.52 23.67 -22.96
CA ASN DA 249 94.08 24.88 -23.57
C ASN DA 249 94.03 25.96 -22.52
N GLU DA 250 95.18 26.31 -21.95
CA GLU DA 250 95.34 27.16 -20.78
C GLU DA 250 96.82 27.38 -20.60
N ARG DA 251 97.15 28.43 -19.86
CA ARG DA 251 98.53 28.85 -19.72
C ARG DA 251 98.76 29.29 -18.29
N ALA DA 252 99.84 28.81 -17.70
CA ALA DA 252 100.27 29.27 -16.39
C ALA DA 252 101.23 30.42 -16.59
N TYR DA 253 100.85 31.59 -16.08
CA TYR DA 253 101.69 32.77 -16.23
C TYR DA 253 102.86 32.78 -15.29
N ILE DA 254 102.88 31.91 -14.29
CA ILE DA 254 104.01 31.77 -13.37
C ILE DA 254 104.24 30.30 -13.07
N PRO DA 255 105.46 29.94 -12.68
CA PRO DA 255 105.71 28.60 -12.19
C PRO DA 255 104.86 28.31 -10.97
N PRO DA 256 104.58 27.05 -10.68
CA PRO DA 256 103.78 26.75 -9.49
C PRO DA 256 104.47 27.11 -8.20
N GLY DA 257 105.80 27.11 -8.18
CA GLY DA 257 106.53 27.51 -7.00
C GLY DA 257 106.65 28.99 -6.79
N LEU DA 258 106.15 29.79 -7.73
CA LEU DA 258 106.23 31.24 -7.66
C LEU DA 258 104.97 31.85 -7.06
N MET DA 259 104.07 31.03 -6.55
CA MET DA 259 102.80 31.51 -6.00
C MET DA 259 103.00 31.83 -4.53
N PHE DA 260 102.97 33.11 -4.20
CA PHE DA 260 103.04 33.57 -2.82
C PHE DA 260 102.98 35.08 -2.84
N ASN DA 261 102.66 35.65 -1.70
CA ASN DA 261 102.67 37.10 -1.57
C ASN DA 261 104.08 37.53 -1.15
N PRO DA 262 104.84 38.12 -2.05
CA PRO DA 262 106.23 38.45 -1.70
C PRO DA 262 106.34 39.60 -0.72
N LEU DA 263 105.27 40.35 -0.53
CA LEU DA 263 105.29 41.44 0.44
C LEU DA 263 105.36 40.89 1.86
N VAL DA 264 104.63 39.82 2.14
CA VAL DA 264 104.52 39.33 3.51
C VAL DA 264 105.79 38.61 3.90
N PRO DA 265 106.36 38.88 5.07
CA PRO DA 265 107.53 38.10 5.52
C PRO DA 265 107.15 36.66 5.79
N THR DA 266 108.16 35.81 5.82
CA THR DA 266 107.94 34.38 6.03
C THR DA 266 108.56 33.95 7.35
N ARG DA 267 107.95 32.95 7.98
CA ARG DA 267 108.57 32.31 9.12
C ARG DA 267 109.22 31.00 8.70
N ARG DA 268 110.54 31.05 8.55
CA ARG DA 268 111.35 29.96 8.04
C ARG DA 268 112.80 30.40 8.16
N ALA DA 269 113.73 29.47 8.07
CA ALA DA 269 115.13 29.84 8.20
C ALA DA 269 115.99 28.98 7.31
N GLN DA 270 117.16 29.52 6.98
CA GLN DA 270 118.13 28.86 6.11
C GLN DA 270 119.40 28.65 6.92
N TYR DA 271 119.73 27.40 7.22
CA TYR DA 271 121.06 27.07 7.70
C TYR DA 271 121.90 26.78 6.47
N ILE DA 272 123.10 27.31 6.45
CA ILE DA 272 124.02 27.10 5.35
C ILE DA 272 125.32 26.55 5.88
N ARG DA 273 125.74 25.40 5.35
CA ARG DA 273 126.92 24.72 5.84
C ARG DA 273 128.17 25.58 5.63
N ARG DA 274 129.19 25.32 6.45
CA ARG DA 274 130.50 25.90 6.22
C ARG DA 274 130.93 25.65 4.78
N ASN DA 275 131.41 26.70 4.13
CA ASN DA 275 131.60 26.64 2.68
C ASN DA 275 132.83 25.85 2.29
N ASN DA 276 133.83 25.79 3.19
CA ASN DA 276 135.06 25.02 2.94
C ASN DA 276 135.67 25.43 1.59
N ASN DA 277 136.25 26.63 1.58
CA ASN DA 277 136.65 27.37 0.39
C ASN DA 277 135.37 27.87 -0.30
N PRO DA 278 135.40 29.06 -0.90
CA PRO DA 278 136.41 30.11 -0.64
C PRO DA 278 136.42 30.64 0.80
N GLN DA 279 135.24 30.94 1.33
CA GLN DA 279 135.14 31.76 2.54
C GLN DA 279 133.69 31.67 3.05
N THR DA 280 133.30 32.58 3.96
CA THR DA 280 131.92 32.67 4.47
C THR DA 280 131.49 31.45 5.27
N ALA DA 281 131.95 31.39 6.52
CA ALA DA 281 131.59 30.32 7.44
C ALA DA 281 130.07 30.30 7.69
N GLU DA 282 129.61 29.16 8.18
CA GLU DA 282 128.18 28.86 8.25
C GLU DA 282 127.42 29.93 9.02
N SER DA 283 126.18 30.15 8.60
CA SER DA 283 125.29 31.08 9.28
C SER DA 283 123.85 30.67 9.02
N THR DA 284 122.98 30.97 9.96
CA THR DA 284 121.53 30.81 9.79
C THR DA 284 120.88 32.17 9.65
N SER DA 285 119.80 32.22 8.87
CA SER DA 285 119.14 33.49 8.58
C SER DA 285 117.70 33.22 8.19
N ARG DA 286 116.88 34.26 8.30
CA ARG DA 286 115.49 34.16 7.89
C ARG DA 286 115.38 34.28 6.39
N ILE DA 287 114.47 33.50 5.81
CA ILE DA 287 114.26 33.56 4.37
C ILE DA 287 113.62 34.88 4.00
N ALA DA 288 114.13 35.50 2.94
CA ALA DA 288 113.65 36.80 2.52
C ALA DA 288 112.17 36.75 2.17
N PRO DA 289 111.47 37.87 2.29
CA PRO DA 289 110.03 37.86 1.98
C PRO DA 289 109.74 37.45 0.56
N TYR DA 290 110.45 38.02 -0.40
CA TYR DA 290 110.48 37.48 -1.74
C TYR DA 290 111.23 36.15 -1.73
N ALA DA 291 111.02 35.36 -2.77
CA ALA DA 291 111.74 34.10 -2.94
C ALA DA 291 111.56 33.17 -1.75
N LYS DA 292 110.31 32.93 -1.42
CA LYS DA 292 110.00 31.96 -0.40
C LYS DA 292 110.16 30.55 -0.96
N PRO DA 293 110.52 29.59 -0.12
CA PRO DA 293 110.65 28.21 -0.59
C PRO DA 293 109.32 27.65 -1.03
N THR DA 294 109.39 26.56 -1.78
CA THR DA 294 108.20 25.98 -2.32
C THR DA 294 108.21 24.46 -2.19
N SER DA 295 107.02 23.90 -2.20
CA SER DA 295 106.78 22.54 -2.62
C SER DA 295 106.74 22.49 -4.13
N TRP DA 296 106.16 21.43 -4.66
CA TRP DA 296 105.84 21.42 -6.08
C TRP DA 296 107.09 21.39 -6.96
N MET DA 297 107.69 20.21 -6.98
CA MET DA 297 108.80 19.80 -7.80
C MET DA 297 108.44 19.87 -9.29
N THR DA 298 109.47 19.96 -10.13
CA THR DA 298 109.26 19.99 -11.57
C THR DA 298 108.90 18.61 -12.10
N GLY DA 299 108.26 18.61 -13.27
CA GLY DA 299 107.89 17.39 -13.93
C GLY DA 299 109.10 16.59 -14.37
N PRO DA 300 108.92 15.29 -14.57
CA PRO DA 300 110.05 14.42 -14.86
C PRO DA 300 110.48 14.50 -16.31
N GLY DA 301 111.75 14.19 -16.55
CA GLY DA 301 112.31 14.12 -17.88
C GLY DA 301 113.56 13.28 -17.85
N LEU DA 302 114.05 12.93 -19.04
CA LEU DA 302 115.35 12.28 -19.18
C LEU DA 302 116.17 13.06 -20.20
N LEU DA 303 117.17 13.80 -19.73
CA LEU DA 303 117.99 14.64 -20.58
C LEU DA 303 119.40 14.13 -20.86
N SER DA 304 119.83 13.02 -20.28
CA SER DA 304 121.26 12.71 -20.33
C SER DA 304 121.67 12.09 -21.66
N ALA DA 305 120.82 11.23 -22.22
CA ALA DA 305 121.15 10.39 -23.34
C ALA DA 305 121.34 11.20 -24.63
N GLN DA 306 121.98 10.57 -25.61
CA GLN DA 306 122.12 11.12 -26.95
C GLN DA 306 121.79 10.04 -27.96
N ARG DA 307 121.12 10.43 -29.04
CA ARG DA 307 120.78 9.47 -30.09
C ARG DA 307 122.04 8.81 -30.63
N VAL DA 308 121.93 7.52 -30.94
CA VAL DA 308 123.09 6.66 -31.13
C VAL DA 308 123.13 6.15 -32.56
N GLY DA 309 124.14 6.59 -33.31
CA GLY DA 309 124.49 5.95 -34.55
C GLY DA 309 123.77 6.49 -35.76
N PRO DA 310 123.86 5.76 -36.87
CA PRO DA 310 123.31 6.26 -38.13
C PRO DA 310 121.81 6.15 -38.17
N ALA DA 311 121.22 6.96 -39.04
CA ALA DA 311 119.78 6.90 -39.27
C ALA DA 311 119.42 5.57 -39.93
N THR DA 312 118.13 5.21 -39.83
CA THR DA 312 117.52 3.96 -40.26
C THR DA 312 117.86 2.84 -39.29
N SER DA 313 118.72 3.07 -38.31
CA SER DA 313 119.06 2.09 -37.29
C SER DA 313 118.22 2.24 -36.02
N ASP DA 314 117.19 3.10 -36.05
CA ASP DA 314 116.37 3.40 -34.87
C ASP DA 314 117.21 4.03 -33.76
N THR DA 315 117.58 5.29 -33.94
CA THR DA 315 118.30 6.00 -32.90
C THR DA 315 117.29 6.73 -32.02
N GLY DA 316 117.09 6.22 -30.81
CA GLY DA 316 116.12 6.82 -29.92
C GLY DA 316 116.69 7.60 -28.75
N ALA DA 317 117.98 7.40 -28.49
CA ALA DA 317 118.73 7.83 -27.31
C ALA DA 317 118.29 7.09 -26.05
N TRP DA 318 117.12 6.46 -26.04
CA TRP DA 318 116.70 5.58 -24.97
C TRP DA 318 116.05 4.39 -25.63
N MET DA 319 116.62 3.21 -25.45
CA MET DA 319 116.06 1.99 -26.00
C MET DA 319 115.49 1.18 -24.85
N VAL DA 320 114.23 0.76 -25.00
CA VAL DA 320 113.58 0.00 -23.94
C VAL DA 320 114.00 -1.47 -24.00
N ALA DA 321 114.02 -2.04 -25.18
CA ALA DA 321 114.39 -3.44 -25.43
C ALA DA 321 113.71 -4.45 -24.53
N VAL DA 322 114.37 -5.59 -24.33
CA VAL DA 322 113.89 -6.67 -23.48
C VAL DA 322 115.04 -7.31 -22.70
N LYS DA 323 115.97 -7.92 -23.42
CA LYS DA 323 117.06 -8.70 -22.84
C LYS DA 323 116.57 -9.88 -21.99
N PRO DA 324 116.00 -10.92 -22.61
CA PRO DA 324 115.83 -12.19 -21.90
C PRO DA 324 117.19 -12.75 -21.50
N GLU DA 325 117.17 -13.65 -20.51
CA GLU DA 325 118.39 -13.94 -19.76
C GLU DA 325 119.44 -14.59 -20.65
N ASN DA 326 119.05 -15.52 -21.51
CA ASN DA 326 120.01 -16.09 -22.44
C ASN DA 326 119.83 -15.54 -23.84
N ALA DA 327 118.84 -16.07 -24.54
CA ALA DA 327 118.53 -15.73 -25.93
C ALA DA 327 119.80 -15.78 -26.75
N SER DA 328 119.91 -14.87 -27.73
CA SER DA 328 121.16 -14.50 -28.35
C SER DA 328 120.91 -13.16 -29.03
N ILE DA 329 121.97 -12.40 -29.25
CA ILE DA 329 121.81 -11.05 -29.78
C ILE DA 329 122.95 -10.77 -30.74
N ASP DA 330 122.60 -10.16 -31.87
CA ASP DA 330 123.55 -9.70 -32.87
C ASP DA 330 124.15 -8.37 -32.38
N THR DA 331 124.82 -7.64 -33.26
CA THR DA 331 125.18 -6.27 -32.93
C THR DA 331 123.94 -5.54 -32.45
N GLY DA 332 124.09 -4.80 -31.36
CA GLY DA 332 122.94 -4.24 -30.67
C GLY DA 332 122.68 -4.86 -29.31
N MET DA 333 121.85 -4.26 -28.43
CA MET DA 333 121.15 -2.96 -28.54
C MET DA 333 120.46 -2.72 -29.89
N SER DA 334 120.80 -1.63 -30.57
CA SER DA 334 120.33 -1.36 -31.93
C SER DA 334 118.76 -1.35 -32.01
N GLY DA 335 118.02 -2.24 -32.69
CA GLY DA 335 118.30 -3.63 -33.07
C GLY DA 335 117.50 -4.59 -32.21
N ILE DA 336 117.14 -4.12 -31.02
CA ILE DA 336 116.10 -4.73 -30.20
C ILE DA 336 115.38 -3.60 -29.49
N GLY DA 337 114.09 -3.79 -29.26
CA GLY DA 337 113.31 -2.79 -28.59
C GLY DA 337 113.15 -1.51 -29.39
N SER DA 338 112.59 -0.51 -28.72
CA SER DA 338 112.12 0.69 -29.38
C SER DA 338 112.79 1.91 -28.76
N GLY DA 339 112.99 2.94 -29.58
CA GLY DA 339 113.48 4.21 -29.06
C GLY DA 339 112.37 4.95 -28.34
N PHE DA 340 112.72 5.56 -27.22
CA PHE DA 340 111.78 6.34 -26.44
C PHE DA 340 111.92 7.81 -26.82
N ASP DA 341 110.82 8.40 -27.30
CA ASP DA 341 110.88 9.72 -27.88
C ASP DA 341 109.59 10.49 -27.60
N PRO DA 342 109.69 11.81 -27.32
CA PRO DA 342 110.83 12.55 -26.78
C PRO DA 342 111.03 12.41 -25.29
N PRO DA 343 112.24 12.07 -24.85
CA PRO DA 343 112.67 12.53 -23.54
C PRO DA 343 113.39 13.89 -23.63
N GLN DA 344 113.22 14.88 -22.73
CA GLN DA 344 111.99 15.28 -22.06
C GLN DA 344 111.27 14.16 -21.28
N GLY DA 345 109.93 14.05 -21.16
CA GLY DA 345 108.91 15.06 -21.38
C GLY DA 345 109.05 16.25 -20.48
N SER DA 346 108.28 17.31 -20.75
CA SER DA 346 108.40 18.57 -20.04
C SER DA 346 109.85 19.03 -20.05
N LEU DA 347 110.31 19.56 -18.91
CA LEU DA 347 111.74 19.68 -18.60
C LEU DA 347 112.53 20.21 -19.79
N ALA DA 348 112.44 21.52 -20.05
CA ALA DA 348 112.79 22.09 -21.34
C ALA DA 348 114.10 21.54 -21.88
N PRO DA 349 114.14 21.12 -23.14
CA PRO DA 349 115.29 20.36 -23.66
C PRO DA 349 116.50 21.23 -23.88
N THR DA 350 117.64 20.55 -24.03
CA THR DA 350 118.91 21.22 -24.29
C THR DA 350 119.01 21.64 -25.75
N ASN DA 351 119.10 20.67 -26.66
CA ASN DA 351 119.22 21.03 -28.06
C ASN DA 351 118.08 20.44 -28.87
N LEU DA 352 118.16 20.63 -30.18
CA LEU DA 352 117.14 20.22 -31.14
C LEU DA 352 116.85 18.74 -31.05
N GLU DA 353 117.83 17.96 -30.58
CA GLU DA 353 117.72 16.50 -30.62
C GLU DA 353 116.53 15.99 -29.83
N TYR DA 354 116.07 16.72 -28.83
CA TYR DA 354 114.94 16.35 -28.00
C TYR DA 354 113.65 17.05 -28.39
N LYS DA 355 113.66 17.90 -29.41
CA LYS DA 355 112.64 18.91 -29.60
C LYS DA 355 111.46 18.42 -30.43
N ILE DA 356 111.40 17.11 -30.66
CA ILE DA 356 110.54 16.44 -31.63
C ILE DA 356 110.86 17.02 -33.00
N GLN DA 357 109.94 16.88 -33.95
CA GLN DA 357 110.04 17.39 -35.32
C GLN DA 357 108.99 16.66 -36.12
N TRP DA 358 108.56 17.16 -37.28
CA TRP DA 358 107.87 16.32 -38.24
C TRP DA 358 107.87 17.03 -39.59
N TYR DA 359 107.63 16.26 -40.65
CA TYR DA 359 107.74 16.83 -41.99
C TYR DA 359 106.42 17.31 -42.54
N GLN DA 360 105.30 16.96 -41.90
CA GLN DA 360 103.95 17.32 -42.33
C GLN DA 360 103.75 17.16 -43.83
N THR DA 361 104.39 16.16 -44.43
CA THR DA 361 104.41 15.94 -45.87
C THR DA 361 105.20 14.68 -46.16
N PRO DA 362 104.69 13.79 -47.00
CA PRO DA 362 105.51 12.63 -47.39
C PRO DA 362 106.65 12.98 -48.31
N GLN DA 363 106.51 14.06 -49.09
CA GLN DA 363 107.59 14.47 -49.99
C GLN DA 363 108.74 15.12 -49.23
N GLY DA 364 108.59 15.33 -47.93
CA GLY DA 364 109.61 16.01 -47.16
C GLY DA 364 110.96 15.32 -47.13
N THR DA 365 111.99 16.04 -47.58
CA THR DA 365 113.36 15.54 -47.56
C THR DA 365 113.96 15.82 -46.18
N ASN DA 366 115.28 15.67 -46.05
CA ASN DA 366 115.90 15.82 -44.73
C ASN DA 366 115.57 17.17 -44.12
N ASN DA 367 115.91 18.27 -44.79
CA ASN DA 367 115.42 19.58 -44.41
C ASN DA 367 114.54 20.10 -45.53
N ASN DA 368 113.22 20.04 -45.29
CA ASN DA 368 112.13 20.49 -46.13
C ASN DA 368 110.90 20.09 -45.38
N GLY DA 369 109.75 20.74 -45.58
CA GLY DA 369 108.70 20.51 -44.62
C GLY DA 369 109.31 20.82 -43.27
N ASN DA 370 109.36 19.81 -42.41
CA ASN DA 370 110.31 19.79 -41.30
C ASN DA 370 110.04 20.87 -40.27
N ILE DA 371 108.78 21.00 -39.87
CA ILE DA 371 108.45 21.97 -38.84
C ILE DA 371 108.83 21.39 -37.49
N ILE DA 372 109.44 22.20 -36.66
CA ILE DA 372 110.04 21.75 -35.41
C ILE DA 372 109.25 22.32 -34.24
N SER DA 373 109.03 21.51 -33.22
CA SER DA 373 108.29 21.97 -32.06
C SER DA 373 109.05 23.09 -31.36
N ASN DA 374 108.31 23.89 -30.60
CA ASN DA 374 108.86 25.08 -29.98
C ASN DA 374 108.26 25.23 -28.59
N GLN DA 375 108.81 26.14 -27.79
CA GLN DA 375 108.29 26.31 -26.44
C GLN DA 375 106.99 27.11 -26.46
N PRO DA 376 105.98 26.67 -25.72
CA PRO DA 376 104.71 27.41 -25.69
C PRO DA 376 104.82 28.76 -25.01
N LEU DA 377 105.90 28.98 -24.26
CA LEU DA 377 106.11 30.11 -23.37
C LEU DA 377 105.22 30.01 -22.15
N SER DA 378 104.36 29.00 -22.06
CA SER DA 378 103.71 28.64 -20.81
C SER DA 378 104.77 28.31 -19.77
N MET DA 379 104.47 28.63 -18.52
CA MET DA 379 105.47 28.53 -17.47
C MET DA 379 105.49 27.18 -16.77
N LEU DA 380 104.68 26.22 -17.19
CA LEU DA 380 104.57 25.02 -16.37
C LEU DA 380 105.71 23.99 -16.40
N ARG DA 381 106.04 23.20 -17.43
CA ARG DA 381 106.08 23.31 -18.92
C ARG DA 381 107.47 23.77 -19.41
N ASP DA 382 108.34 24.22 -18.51
CA ASP DA 382 109.73 24.47 -18.90
C ASP DA 382 110.65 23.67 -18.00
N GLN DA 383 110.64 23.99 -16.71
CA GLN DA 383 111.04 23.05 -15.66
C GLN DA 383 112.47 22.54 -15.83
N ALA DA 384 113.42 23.41 -15.51
CA ALA DA 384 114.75 22.92 -15.25
C ALA DA 384 114.82 22.29 -13.86
N LEU DA 385 115.99 21.80 -13.50
CA LEU DA 385 116.28 21.45 -12.12
C LEU DA 385 117.79 21.52 -11.94
N PHE DA 386 118.24 21.92 -10.76
CA PHE DA 386 119.59 22.41 -10.59
C PHE DA 386 120.41 21.64 -9.57
N ARG DA 387 119.95 21.52 -8.33
CA ARG DA 387 120.72 20.80 -7.30
C ARG DA 387 122.06 21.54 -7.12
N GLY DA 388 123.13 20.82 -6.79
CA GLY DA 388 124.47 21.36 -6.73
C GLY DA 388 124.62 22.57 -5.83
N ASN DA 389 125.81 23.17 -5.86
CA ASN DA 389 127.05 22.43 -5.85
C ASN DA 389 127.61 22.63 -4.45
N GLN DA 390 126.85 23.41 -3.67
CA GLN DA 390 127.25 24.22 -2.52
C GLN DA 390 127.83 25.55 -2.98
N THR DA 391 128.14 25.69 -4.26
CA THR DA 391 128.70 26.90 -4.83
C THR DA 391 127.88 27.35 -6.04
N THR DA 392 127.72 26.47 -7.03
CA THR DA 392 126.99 26.77 -8.26
C THR DA 392 125.85 25.78 -8.40
N TYR DA 393 124.81 26.17 -9.13
CA TYR DA 393 123.77 25.24 -9.53
C TYR DA 393 124.16 24.60 -10.86
N ASN DA 394 123.88 23.31 -11.00
CA ASN DA 394 124.25 22.57 -12.20
C ASN DA 394 123.06 21.75 -12.70
N LEU DA 395 122.56 22.10 -13.88
CA LEU DA 395 121.40 21.41 -14.43
C LEU DA 395 121.61 19.90 -14.42
N CYS DA 396 120.62 19.19 -13.89
CA CYS DA 396 120.77 17.77 -13.61
C CYS DA 396 119.99 16.93 -14.62
N SER DA 397 120.63 15.88 -15.12
CA SER DA 397 120.01 14.87 -15.94
C SER DA 397 119.02 14.06 -15.11
N ASP DA 398 118.18 13.29 -15.82
CA ASP DA 398 117.10 12.52 -15.21
C ASP DA 398 116.06 13.46 -14.62
N VAL DA 399 115.82 13.41 -13.30
CA VAL DA 399 114.58 13.84 -12.68
C VAL DA 399 113.45 12.87 -12.98
N TRP DA 400 113.43 11.74 -12.28
CA TRP DA 400 112.38 10.75 -12.30
C TRP DA 400 111.14 11.26 -11.55
N MET DA 401 110.17 10.39 -11.38
CA MET DA 401 108.96 10.79 -10.66
C MET DA 401 109.24 11.07 -9.20
N PHE DA 402 108.53 12.04 -8.66
CA PHE DA 402 108.70 12.53 -7.30
C PHE DA 402 107.35 13.03 -6.81
N PRO DA 403 107.08 12.93 -5.51
CA PRO DA 403 105.71 13.14 -5.01
C PRO DA 403 105.04 14.45 -5.40
N ASN DA 404 105.74 15.56 -5.31
CA ASN DA 404 105.09 16.85 -5.47
C ASN DA 404 105.12 17.37 -6.90
N GLN DA 405 105.55 16.57 -7.85
CA GLN DA 405 105.79 17.07 -9.19
C GLN DA 405 104.54 17.59 -9.87
N ILE DA 406 104.69 18.68 -10.60
CA ILE DA 406 103.72 19.15 -11.56
C ILE DA 406 104.40 19.38 -12.89
N TRP DA 407 103.79 18.88 -13.95
CA TRP DA 407 104.19 19.22 -15.29
C TRP DA 407 102.93 19.48 -16.07
N ASP DA 408 103.10 20.06 -17.25
CA ASP DA 408 101.98 20.35 -18.12
C ASP DA 408 102.09 19.44 -19.33
N ARG DA 409 100.98 18.81 -19.68
CA ARG DA 409 100.98 17.90 -20.81
C ARG DA 409 101.38 18.65 -22.07
N TYR DA 410 101.96 17.92 -23.01
CA TYR DA 410 102.49 18.55 -24.21
C TYR DA 410 101.42 19.43 -24.87
N PRO DA 411 101.77 20.65 -25.30
CA PRO DA 411 100.75 21.59 -25.75
C PRO DA 411 100.01 21.17 -27.00
N ILE DA 412 100.50 20.14 -27.66
CA ILE DA 412 100.07 19.64 -28.97
C ILE DA 412 99.96 20.77 -29.98
N THR DA 413 99.07 20.61 -30.95
CA THR DA 413 98.91 21.49 -32.11
C THR DA 413 97.92 20.83 -33.06
N ARG DA 414 97.61 21.49 -34.17
CA ARG DA 414 96.64 20.92 -35.10
C ARG DA 414 97.15 19.67 -35.80
N GLU DA 415 98.47 19.47 -35.85
CA GLU DA 415 99.06 18.36 -36.58
C GLU DA 415 99.16 17.07 -35.79
N ASN DA 416 98.69 17.05 -34.58
CA ASN DA 416 99.00 15.93 -33.69
C ASN DA 416 97.97 14.83 -33.79
N PRO DA 417 98.34 13.62 -33.42
CA PRO DA 417 97.35 12.57 -33.22
C PRO DA 417 96.46 12.87 -32.04
N ILE DA 418 95.18 12.55 -32.18
CA ILE DA 418 94.23 12.80 -31.11
C ILE DA 418 94.49 11.86 -29.94
N TRP DA 419 94.57 10.57 -30.22
CA TRP DA 419 94.64 9.56 -29.17
C TRP DA 419 95.76 8.58 -29.46
N CYS DA 420 96.05 7.78 -28.44
CA CYS DA 420 96.96 6.65 -28.51
C CYS DA 420 96.41 5.57 -27.62
N LYS DA 421 96.58 4.30 -28.02
CA LYS DA 421 96.03 3.22 -27.22
C LYS DA 421 96.95 2.90 -26.06
N LYS DA 422 96.39 2.86 -24.86
CA LYS DA 422 97.13 2.46 -23.68
C LYS DA 422 97.17 0.93 -23.64
N PRO DA 423 98.34 0.32 -23.79
CA PRO DA 423 98.40 -1.14 -23.83
C PRO DA 423 97.99 -1.78 -22.51
N ARG DA 424 97.28 -2.90 -22.63
CA ARG DA 424 96.77 -3.62 -21.47
C ARG DA 424 97.92 -4.25 -20.71
N SER DA 425 98.02 -3.93 -19.43
CA SER DA 425 99.07 -4.50 -18.60
C SER DA 425 98.62 -4.43 -17.14
N ASP DA 426 99.27 -5.23 -16.31
CA ASP DA 426 98.90 -5.26 -14.90
C ASP DA 426 99.08 -3.90 -14.24
N LYS DA 427 100.30 -3.37 -14.31
CA LYS DA 427 100.65 -2.17 -13.58
C LYS DA 427 101.12 -1.09 -14.53
N HIS DA 428 100.88 0.16 -14.16
CA HIS DA 428 101.37 1.29 -14.93
C HIS DA 428 101.40 2.52 -14.04
N THR DA 429 102.17 3.51 -14.47
CA THR DA 429 102.27 4.80 -13.80
C THR DA 429 101.27 5.80 -14.38
N THR DA 430 101.50 7.10 -14.16
CA THR DA 430 100.48 8.12 -14.39
C THR DA 430 99.88 8.08 -15.80
N ILE DA 431 100.62 7.57 -16.78
CA ILE DA 431 100.18 7.54 -18.18
C ILE DA 431 99.95 8.95 -18.71
N ASP DA 432 101.03 9.71 -18.91
CA ASP DA 432 100.94 10.92 -19.70
C ASP DA 432 101.84 10.77 -20.92
N PRO DA 433 101.31 10.54 -22.11
CA PRO DA 433 102.17 10.41 -23.29
C PRO DA 433 102.86 11.73 -23.62
N PHE DA 434 104.13 11.63 -23.97
CA PHE DA 434 104.92 12.82 -24.27
C PHE DA 434 104.76 13.28 -25.70
N ASP DA 435 103.95 12.59 -26.47
CA ASP DA 435 103.57 13.02 -27.80
C ASP DA 435 102.36 13.93 -27.75
N GLY DA 436 101.95 14.33 -26.56
CA GLY DA 436 100.63 14.88 -26.38
C GLY DA 436 99.65 13.76 -26.56
N SER DA 437 98.73 13.92 -27.51
CA SER DA 437 97.71 12.92 -27.79
C SER DA 437 96.97 12.52 -26.53
N LEU DA 438 96.60 11.25 -26.42
CA LEU DA 438 95.77 10.78 -25.33
C LEU DA 438 95.99 9.28 -25.18
N ALA DA 439 95.60 8.76 -24.03
CA ALA DA 439 95.64 7.32 -23.81
C ALA DA 439 94.23 6.86 -23.45
N MET DA 440 93.82 5.77 -24.06
CA MET DA 440 92.51 5.20 -23.77
C MET DA 440 92.62 3.70 -23.68
N ASP DA 441 91.86 3.10 -22.77
CA ASP DA 441 91.74 1.65 -22.75
C ASP DA 441 91.30 1.13 -24.11
N HIS DA 442 90.15 1.60 -24.56
CA HIS DA 442 89.65 1.28 -25.89
C HIS DA 442 89.56 2.57 -26.68
N PRO DA 443 90.47 2.81 -27.61
CA PRO DA 443 90.33 3.93 -28.52
C PRO DA 443 89.28 3.62 -29.56
N PRO DA 444 89.05 4.50 -30.52
CA PRO DA 444 88.20 4.11 -31.65
C PRO DA 444 88.73 2.85 -32.30
N GLY DA 445 87.84 1.87 -32.46
CA GLY DA 445 88.24 0.62 -33.10
C GLY DA 445 88.59 0.87 -34.54
N THR DA 446 89.75 0.37 -34.96
CA THR DA 446 90.17 0.55 -36.34
C THR DA 446 89.20 -0.17 -37.26
N ILE DA 447 88.76 0.53 -38.30
CA ILE DA 447 87.87 -0.03 -39.29
C ILE DA 447 88.73 -0.59 -40.42
N PHE DA 448 88.59 -1.89 -40.66
CA PHE DA 448 89.36 -2.58 -41.68
C PHE DA 448 88.47 -2.84 -42.88
N ILE DA 449 89.07 -2.85 -44.06
CA ILE DA 449 88.32 -3.01 -45.29
C ILE DA 449 89.19 -3.71 -46.32
N LYS DA 450 88.58 -4.59 -47.11
CA LYS DA 450 89.29 -5.45 -48.04
C LYS DA 450 88.42 -5.62 -49.26
N MET DA 451 89.02 -6.12 -50.34
CA MET DA 451 88.37 -6.13 -51.64
C MET DA 451 87.67 -7.44 -52.00
N ALA DA 452 87.56 -8.39 -51.09
CA ALA DA 452 86.74 -9.57 -51.35
C ALA DA 452 87.22 -10.34 -52.57
N LYS DA 453 88.27 -11.15 -52.40
CA LYS DA 453 88.91 -11.83 -53.51
C LYS DA 453 87.90 -12.51 -54.41
N ILE DA 454 87.99 -12.22 -55.70
CA ILE DA 454 87.16 -12.85 -56.70
C ILE DA 454 88.08 -13.70 -57.57
N PRO DA 455 88.09 -15.02 -57.40
CA PRO DA 455 89.05 -15.84 -58.12
C PRO DA 455 88.60 -16.07 -59.55
N VAL DA 456 89.46 -16.72 -60.31
CA VAL DA 456 89.18 -17.00 -61.71
C VAL DA 456 89.69 -18.41 -62.00
N PRO DA 457 89.02 -19.17 -62.86
CA PRO DA 457 89.40 -20.57 -63.04
C PRO DA 457 90.68 -20.71 -63.84
N SER DA 458 91.43 -21.76 -63.53
CA SER DA 458 92.64 -22.09 -64.25
C SER DA 458 92.88 -23.59 -64.17
N ASN DA 459 93.92 -24.05 -64.87
CA ASN DA 459 94.23 -25.47 -64.93
C ASN DA 459 95.07 -25.92 -63.74
N ASN DA 460 96.05 -25.11 -63.35
CA ASN DA 460 97.08 -25.51 -62.40
C ASN DA 460 96.61 -26.21 -61.10
N ASN DA 461 95.62 -25.70 -60.37
CA ASN DA 461 94.91 -24.47 -60.69
C ASN DA 461 95.38 -23.32 -59.81
N ALA DA 462 94.79 -22.15 -60.04
CA ALA DA 462 95.09 -20.94 -59.31
C ALA DA 462 96.61 -20.62 -59.41
N ASP DA 463 97.24 -19.89 -58.46
CA ASP DA 463 96.62 -18.79 -57.73
C ASP DA 463 96.39 -17.62 -58.68
N SER DA 464 95.13 -17.23 -58.79
CA SER DA 464 94.75 -16.16 -59.69
C SER DA 464 93.47 -15.54 -59.18
N TYR DA 465 93.28 -14.27 -59.49
CA TYR DA 465 92.16 -13.52 -58.96
C TYR DA 465 91.86 -12.37 -59.89
N LEU DA 466 90.68 -11.79 -59.71
CA LEU DA 466 90.23 -10.72 -60.56
C LEU DA 466 90.65 -9.39 -59.97
N ASN DA 467 91.13 -8.48 -60.81
CA ASN DA 467 91.75 -7.24 -60.36
C ASN DA 467 90.70 -6.16 -60.28
N ILE DA 468 90.38 -5.71 -59.07
CA ILE DA 468 89.34 -4.72 -58.82
C ILE DA 468 89.82 -3.74 -57.76
N TYR DA 469 89.07 -2.66 -57.59
CA TYR DA 469 89.29 -1.75 -56.50
C TYR DA 469 87.97 -1.12 -56.11
N CYS DA 470 87.91 -0.61 -54.89
CA CYS DA 470 86.70 -0.02 -54.36
C CYS DA 470 86.90 1.47 -54.18
N THR DA 471 85.80 2.20 -54.21
CA THR DA 471 85.84 3.64 -54.05
C THR DA 471 84.55 4.04 -53.35
N GLY DA 472 84.65 4.99 -52.44
CA GLY DA 472 83.47 5.34 -51.70
C GLY DA 472 83.74 6.53 -50.80
N GLN DA 473 82.82 6.74 -49.87
CA GLN DA 473 82.85 7.94 -49.05
C GLN DA 473 82.71 7.58 -47.59
N VAL DA 474 83.69 7.98 -46.79
CA VAL DA 474 83.62 7.87 -45.34
C VAL DA 474 83.19 9.22 -44.80
N SER DA 475 82.28 9.21 -43.84
CA SER DA 475 81.94 10.43 -43.13
C SER DA 475 82.22 10.19 -41.66
N CYS DA 476 83.22 10.89 -41.14
CA CYS DA 476 83.56 10.79 -39.73
C CYS DA 476 83.00 12.02 -39.04
N GLU DA 477 81.97 11.83 -38.24
CA GLU DA 477 81.29 12.90 -37.53
C GLU DA 477 81.51 12.66 -36.04
N ILE DA 478 82.29 13.53 -35.39
CA ILE DA 478 82.67 13.32 -34.00
C ILE DA 478 82.22 14.51 -33.19
N VAL DA 479 81.78 14.25 -31.98
CA VAL DA 479 81.29 15.26 -31.06
C VAL DA 479 82.35 15.50 -30.01
N TRP DA 480 82.55 16.76 -29.65
CA TRP DA 480 83.61 17.15 -28.74
C TRP DA 480 82.98 17.80 -27.51
N GLU DA 481 83.18 17.18 -26.35
CA GLU DA 481 82.89 17.90 -25.11
C GLU DA 481 83.83 19.08 -25.02
N VAL DA 482 83.27 20.26 -24.81
CA VAL DA 482 84.04 21.49 -24.89
C VAL DA 482 83.60 22.41 -23.76
N GLU DA 483 84.55 23.16 -23.21
CA GLU DA 483 84.28 24.06 -22.10
C GLU DA 483 84.85 25.43 -22.39
N ARG DA 484 84.08 26.46 -22.11
CA ARG DA 484 84.41 27.83 -22.52
C ARG DA 484 84.98 28.59 -21.34
N TYR DA 485 85.91 29.50 -21.62
CA TYR DA 485 86.71 30.08 -20.56
C TYR DA 485 86.15 31.43 -20.12
N ALA DA 486 86.26 31.68 -18.81
CA ALA DA 486 86.02 32.98 -18.23
C ALA DA 486 87.14 33.27 -17.26
N THR DA 487 87.57 34.52 -17.20
CA THR DA 487 88.70 34.86 -16.34
C THR DA 487 88.57 36.28 -15.87
N LYS DA 488 89.27 36.57 -14.77
CA LYS DA 488 89.26 37.89 -14.17
C LYS DA 488 90.44 38.74 -14.60
N ASN DA 489 91.27 38.25 -15.52
CA ASN DA 489 92.38 39.05 -16.00
C ASN DA 489 91.88 40.33 -16.63
N TRP DA 490 92.59 41.41 -16.38
CA TRP DA 490 92.24 42.69 -16.98
C TRP DA 490 92.75 42.82 -18.39
N ARG DA 491 93.84 42.19 -18.70
CA ARG DA 491 94.61 42.43 -19.92
C ARG DA 491 94.16 41.55 -21.07
N PRO DA 492 94.53 41.93 -22.29
CA PRO DA 492 93.98 41.28 -23.50
C PRO DA 492 94.29 39.80 -23.68
N GLU DA 493 95.24 39.22 -22.95
CA GLU DA 493 95.70 37.82 -23.16
C GLU DA 493 96.20 37.68 -24.60
N ARG DA 494 95.99 36.54 -25.25
CA ARG DA 494 96.63 36.24 -26.50
C ARG DA 494 95.73 35.34 -27.32
N ARG DA 495 95.80 35.48 -28.64
CA ARG DA 495 95.01 34.67 -29.55
C ARG DA 495 95.91 34.21 -30.68
N HIS DA 496 95.31 33.53 -31.65
CA HIS DA 496 96.03 33.11 -32.84
C HIS DA 496 95.55 33.93 -34.02
N THR DA 497 96.38 34.88 -34.43
CA THR DA 497 96.19 35.64 -35.65
C THR DA 497 96.71 34.86 -36.85
N THR DA 498 96.20 35.22 -38.02
CA THR DA 498 96.89 34.87 -39.25
C THR DA 498 98.25 35.55 -39.33
N PHE DA 499 98.52 36.57 -38.53
CA PHE DA 499 99.80 37.24 -38.66
C PHE DA 499 100.96 36.36 -38.24
N GLY DA 500 100.72 35.34 -37.42
CA GLY DA 500 101.73 34.33 -37.22
C GLY DA 500 102.03 33.58 -38.49
N LEU DA 501 101.06 33.50 -39.40
CA LEU DA 501 101.21 32.81 -40.65
C LEU DA 501 102.08 33.63 -41.61
N GLY DA 502 102.56 32.97 -42.66
CA GLY DA 502 103.42 33.64 -43.62
C GLY DA 502 103.19 33.11 -45.01
N ILE DA 503 103.67 33.87 -45.99
CA ILE DA 503 103.36 33.68 -47.40
C ILE DA 503 104.26 32.58 -47.97
N GLY DA 504 103.73 31.82 -48.93
CA GLY DA 504 104.55 30.76 -49.51
C GLY DA 504 103.91 30.15 -50.74
N GLY DA 505 104.69 29.29 -51.38
CA GLY DA 505 104.30 28.47 -52.52
C GLY DA 505 104.52 29.16 -53.85
N ALA DA 506 104.90 28.37 -54.86
CA ALA DA 506 105.13 28.81 -56.23
C ALA DA 506 105.88 30.13 -56.30
N ASP DA 507 105.41 31.03 -57.15
CA ASP DA 507 105.65 32.44 -56.91
C ASP DA 507 104.95 32.81 -55.62
N ASN DA 508 105.63 33.60 -54.78
CA ASN DA 508 105.35 33.59 -53.34
C ASN DA 508 103.87 33.71 -53.01
N LEU DA 509 103.07 34.19 -53.95
CA LEU DA 509 101.66 34.49 -53.72
C LEU DA 509 100.92 33.32 -53.10
N ASN DA 510 99.87 33.66 -52.35
CA ASN DA 510 98.99 32.90 -51.45
C ASN DA 510 99.70 32.75 -50.12
N PRO DA 511 98.99 32.87 -49.00
CA PRO DA 511 99.71 32.94 -47.73
C PRO DA 511 100.21 31.62 -47.16
N THR DA 512 99.32 30.82 -46.59
CA THR DA 512 99.76 29.61 -45.92
C THR DA 512 98.78 28.45 -46.08
N TYR DA 513 97.59 28.55 -45.49
CA TYR DA 513 96.61 27.51 -45.72
C TYR DA 513 95.76 27.96 -46.91
N HIS DA 514 96.08 27.40 -48.06
CA HIS DA 514 95.56 27.95 -49.30
C HIS DA 514 96.18 27.16 -50.45
N VAL DA 515 95.55 27.27 -51.61
CA VAL DA 515 96.00 26.54 -52.79
C VAL DA 515 97.09 27.31 -53.54
N ASP DA 516 97.90 26.56 -54.28
CA ASP DA 516 98.92 27.08 -55.18
C ASP DA 516 98.29 27.29 -56.56
N LYS DA 517 99.09 27.50 -57.62
CA LYS DA 517 98.49 27.90 -58.90
C LYS DA 517 98.15 26.96 -60.10
N ASN DA 518 98.55 25.68 -60.30
CA ASN DA 518 99.54 24.81 -59.64
C ASN DA 518 98.97 24.11 -58.43
N GLY DA 519 97.69 24.32 -58.16
CA GLY DA 519 97.22 24.26 -56.79
C GLY DA 519 97.65 23.07 -56.00
N THR DA 520 98.42 23.39 -54.98
CA THR DA 520 98.93 22.48 -53.98
C THR DA 520 98.84 23.22 -52.66
N TYR DA 521 98.14 22.63 -51.72
CA TYR DA 521 97.88 23.27 -50.43
C TYR DA 521 99.20 23.63 -49.78
N ILE DA 522 99.38 24.92 -49.47
CA ILE DA 522 100.66 25.37 -48.94
C ILE DA 522 100.80 24.89 -47.50
N GLN DA 523 101.89 24.34 -47.21
CA GLN DA 523 101.95 23.82 -45.85
C GLN DA 523 102.48 24.88 -44.89
N PRO DA 524 101.98 24.85 -43.66
CA PRO DA 524 102.51 25.77 -42.64
C PRO DA 524 103.95 25.45 -42.31
N THR DA 525 104.79 26.49 -42.27
CA THR DA 525 106.22 26.35 -42.05
C THR DA 525 106.58 26.83 -40.66
N THR DA 526 107.29 25.97 -39.92
CA THR DA 526 107.56 25.89 -38.49
C THR DA 526 106.33 25.83 -37.59
N TRP DA 527 106.51 26.20 -36.32
CA TRP DA 527 105.62 25.70 -35.27
C TRP DA 527 104.42 26.59 -35.05
N ASP DA 528 104.63 27.91 -35.02
CA ASP DA 528 103.54 28.83 -34.69
C ASP DA 528 102.43 28.82 -35.73
N MET DA 529 102.77 28.53 -37.00
CA MET DA 529 101.76 28.43 -38.04
C MET DA 529 100.61 27.55 -37.60
N CYS DA 530 100.87 26.26 -37.45
CA CYS DA 530 99.95 25.40 -36.73
C CYS DA 530 99.72 26.00 -35.35
N PHE DA 531 98.46 26.17 -34.98
CA PHE DA 531 98.21 26.99 -33.80
C PHE DA 531 98.05 26.09 -32.59
N PRO DA 532 99.05 26.04 -31.70
CA PRO DA 532 98.99 25.08 -30.60
C PRO DA 532 98.04 25.57 -29.52
N VAL DA 533 97.34 24.63 -28.90
CA VAL DA 533 96.67 24.98 -27.66
C VAL DA 533 97.72 25.14 -26.58
N LYS DA 534 97.32 25.76 -25.48
CA LYS DA 534 98.09 25.92 -24.24
C LYS DA 534 98.98 27.14 -24.33
N THR DA 535 99.06 27.81 -25.47
CA THR DA 535 99.77 29.06 -25.59
C THR DA 535 98.86 30.26 -25.37
N ASN DA 536 97.58 30.04 -25.10
CA ASN DA 536 96.62 31.12 -24.98
C ASN DA 536 95.90 31.07 -23.65
N ILE DA 537 94.93 31.98 -23.52
CA ILE DA 537 94.16 32.21 -22.30
C ILE DA 537 95.14 32.43 -21.15
N ASN DA 538 94.73 32.06 -19.95
CA ASN DA 538 95.57 32.03 -18.75
C ASN DA 538 94.85 31.18 -17.73
N LYS DA 539 95.58 30.73 -16.72
CA LYS DA 539 94.95 30.10 -15.57
C LYS DA 539 95.69 30.52 -14.31
N VAL DA 540 94.94 30.95 -13.30
CA VAL DA 540 95.52 31.04 -11.98
C VAL DA 540 95.78 29.63 -11.47
N LEU DA 541 97.01 29.36 -11.07
CA LEU DA 541 97.35 28.04 -10.60
C LEU DA 541 96.75 27.81 -9.22
N GLY EA 34 66.31 -38.18 31.42
CA GLY EA 34 67.59 -38.16 30.73
C GLY EA 34 67.91 -39.45 30.01
N SER EA 35 69.10 -39.51 29.41
CA SER EA 35 69.53 -40.69 28.67
C SER EA 35 71.04 -40.71 28.61
N GLY EA 36 71.60 -41.88 28.31
CA GLY EA 36 73.03 -42.04 28.16
C GLY EA 36 73.66 -42.67 29.38
N VAL EA 37 74.99 -42.81 29.31
CA VAL EA 37 75.76 -43.31 30.44
C VAL EA 37 75.58 -42.39 31.63
N GLY EA 38 75.51 -42.96 32.82
CA GLY EA 38 75.32 -42.19 34.02
C GLY EA 38 73.87 -41.99 34.41
N ILE EA 39 72.93 -42.52 33.64
CA ILE EA 39 71.51 -42.45 33.94
C ILE EA 39 70.99 -43.87 33.94
N SER EA 40 70.55 -44.36 35.09
CA SER EA 40 70.09 -45.74 35.18
C SER EA 40 68.82 -45.91 34.36
N THR EA 41 68.69 -47.07 33.73
CA THR EA 41 67.56 -47.25 32.83
C THR EA 41 66.29 -47.63 33.57
N GLY EA 42 66.40 -48.54 34.53
CA GLY EA 42 65.25 -48.93 35.32
C GLY EA 42 65.69 -49.32 36.70
N GLY EA 43 64.73 -49.37 37.62
CA GLY EA 43 65.01 -49.66 39.01
C GLY EA 43 64.70 -51.10 39.38
N TRP EA 44 65.00 -51.41 40.63
CA TRP EA 44 64.74 -52.74 41.17
C TRP EA 44 63.24 -52.94 41.34
N VAL EA 45 62.83 -54.21 41.32
CA VAL EA 45 61.41 -54.58 41.33
C VAL EA 45 61.25 -55.87 42.11
N GLY EA 46 60.10 -56.03 42.76
CA GLY EA 46 59.76 -57.28 43.39
C GLY EA 46 58.61 -57.13 44.36
N GLY EA 47 58.34 -58.21 45.11
CA GLY EA 47 57.48 -58.17 46.27
C GLY EA 47 56.11 -58.82 46.14
N SER EA 48 55.82 -59.41 44.99
CA SER EA 48 54.53 -60.01 44.63
C SER EA 48 53.31 -59.12 44.81
N TYR EA 49 52.11 -59.72 44.87
CA TYR EA 49 50.89 -58.91 44.91
C TYR EA 49 49.71 -59.55 45.64
N PHE EA 50 49.16 -60.62 45.08
CA PHE EA 50 48.01 -61.37 45.62
C PHE EA 50 46.66 -60.68 45.68
N THR EA 51 45.98 -60.57 44.55
CA THR EA 51 44.55 -60.32 44.47
C THR EA 51 43.80 -61.61 44.14
N ASP EA 52 42.56 -61.71 44.60
CA ASP EA 52 41.73 -62.90 44.41
C ASP EA 52 41.74 -63.43 42.98
N SER EA 53 41.69 -62.54 42.01
CA SER EA 53 41.63 -62.97 40.62
C SER EA 53 43.00 -63.31 40.05
N TYR EA 54 44.06 -62.66 40.50
CA TYR EA 54 45.37 -62.90 39.93
C TYR EA 54 46.46 -62.55 40.93
N VAL EA 55 47.63 -63.11 40.70
CA VAL EA 55 48.82 -62.86 41.51
C VAL EA 55 49.93 -62.37 40.59
N ILE EA 56 50.50 -61.22 40.94
CA ILE EA 56 51.61 -60.65 40.18
C ILE EA 56 52.88 -60.84 40.98
N THR EA 57 53.77 -61.69 40.49
CA THR EA 57 55.07 -61.89 41.11
C THR EA 57 56.11 -61.11 40.33
N LYS EA 58 56.93 -60.35 41.05
CA LYS EA 58 57.96 -59.51 40.46
C LYS EA 58 59.30 -59.92 41.02
N ASN EA 59 60.31 -59.96 40.19
CA ASN EA 59 61.64 -60.37 40.61
C ASN EA 59 62.67 -59.61 39.82
N THR EA 60 63.86 -59.48 40.39
CA THR EA 60 64.96 -58.78 39.75
C THR EA 60 66.26 -59.48 40.14
N ARG EA 61 67.24 -59.47 39.24
CA ARG EA 61 68.46 -60.22 39.44
C ARG EA 61 69.65 -59.40 38.99
N GLN EA 62 70.83 -59.91 39.35
CA GLN EA 62 72.09 -59.41 38.84
C GLN EA 62 72.75 -60.57 38.12
N PHE EA 63 73.13 -60.37 36.86
CA PHE EA 63 73.65 -61.47 36.06
C PHE EA 63 74.97 -61.07 35.44
N LEU EA 64 75.71 -62.04 34.91
CA LEU EA 64 76.88 -61.71 34.12
C LEU EA 64 77.07 -62.72 33.00
N VAL EA 65 77.53 -62.20 31.86
CA VAL EA 65 77.80 -62.99 30.67
C VAL EA 65 79.31 -63.08 30.51
N LYS EA 66 79.82 -64.30 30.34
CA LYS EA 66 81.23 -64.59 30.56
C LYS EA 66 82.07 -64.69 29.28
N ILE EA 67 81.48 -64.55 28.09
CA ILE EA 67 82.13 -64.95 26.84
C ILE EA 67 82.48 -66.43 26.89
N GLN EA 68 81.48 -67.28 26.71
CA GLN EA 68 81.75 -68.71 26.65
C GLN EA 68 82.25 -69.11 25.27
N ASN EA 69 83.17 -70.08 25.26
CA ASN EA 69 83.53 -70.83 24.06
C ASN EA 69 84.23 -69.94 23.02
N ASN EA 70 85.10 -69.05 23.47
CA ASN EA 70 85.63 -67.97 22.63
C ASN EA 70 84.40 -67.31 22.02
N HIS EA 71 84.41 -66.90 20.76
CA HIS EA 71 83.15 -66.65 20.09
C HIS EA 71 82.80 -67.72 19.08
N GLN EA 72 83.69 -68.67 18.84
CA GLN EA 72 83.42 -69.75 17.92
C GLN EA 72 82.55 -70.83 18.56
N TYR EA 73 81.95 -71.65 17.71
CA TYR EA 73 80.95 -72.65 18.06
C TYR EA 73 81.53 -74.00 18.48
N LYS EA 74 82.28 -74.64 17.62
CA LYS EA 74 82.72 -76.03 17.73
C LYS EA 74 81.57 -77.01 17.82
N THR EA 75 81.82 -78.18 18.39
CA THR EA 75 80.84 -79.26 18.49
C THR EA 75 80.93 -79.90 19.87
N GLU EA 76 82.13 -80.35 20.22
CA GLU EA 76 82.60 -80.75 21.54
C GLU EA 76 82.41 -82.22 21.93
N LEU EA 77 81.56 -82.98 21.24
CA LEU EA 77 81.46 -84.44 21.41
C LEU EA 77 81.62 -84.84 22.87
N ILE EA 78 80.61 -84.54 23.68
CA ILE EA 78 80.83 -84.34 25.11
C ILE EA 78 81.51 -85.52 25.79
N SER EA 79 80.74 -86.57 26.10
CA SER EA 79 81.20 -87.86 26.61
C SER EA 79 81.89 -87.75 27.97
N PRO EA 80 81.81 -88.76 28.81
CA PRO EA 80 82.92 -89.04 29.72
C PRO EA 80 83.77 -90.16 29.12
N SER EA 81 84.84 -90.56 29.79
CA SER EA 81 85.51 -91.80 29.40
C SER EA 81 86.03 -92.61 30.60
N THR EA 82 85.59 -93.87 30.81
CA THR EA 82 84.34 -94.52 30.38
C THR EA 82 83.81 -94.32 28.95
N SER EA 83 84.68 -94.60 27.96
CA SER EA 83 84.33 -94.42 26.56
C SER EA 83 83.07 -95.19 26.17
N GLN EA 84 82.66 -96.17 26.99
CA GLN EA 84 81.40 -96.87 26.74
C GLN EA 84 80.19 -95.96 26.84
N GLY EA 85 80.35 -94.72 27.32
CA GLY EA 85 79.23 -93.84 27.52
C GLY EA 85 78.56 -93.44 26.21
N LYS EA 86 77.50 -92.63 26.36
CA LYS EA 86 76.72 -92.23 25.19
C LYS EA 86 77.53 -91.35 24.24
N SER EA 87 78.27 -90.39 24.80
CA SER EA 87 79.17 -89.54 24.02
C SER EA 87 78.41 -88.71 22.98
N GLN EA 88 77.35 -88.05 23.43
CA GLN EA 88 76.61 -87.16 22.55
C GLN EA 88 77.52 -86.06 22.02
N ARG EA 89 77.36 -85.72 20.75
CA ARG EA 89 78.30 -84.79 20.11
C ARG EA 89 77.96 -83.35 20.45
N CYS EA 90 76.67 -83.04 20.52
CA CYS EA 90 76.15 -81.70 20.77
C CYS EA 90 76.72 -80.61 19.86
N VAL EA 91 76.61 -79.36 20.31
CA VAL EA 91 77.14 -78.17 19.66
C VAL EA 91 77.29 -77.14 20.76
N SER EA 92 78.38 -76.37 20.74
CA SER EA 92 78.54 -75.29 21.69
C SER EA 92 78.42 -73.99 20.92
N THR EA 93 77.95 -72.95 21.60
CA THR EA 93 77.76 -71.65 20.99
C THR EA 93 78.32 -70.58 21.89
N PRO EA 94 78.67 -69.41 21.34
CA PRO EA 94 79.07 -68.30 22.19
C PRO EA 94 77.95 -67.76 23.05
N TRP EA 95 76.72 -68.12 22.77
CA TRP EA 95 75.56 -67.51 23.41
C TRP EA 95 75.32 -68.09 24.80
N SER EA 96 74.74 -67.25 25.65
CA SER EA 96 74.20 -67.65 26.94
C SER EA 96 72.73 -67.31 26.95
N TYR EA 97 71.98 -67.90 27.85
CA TYR EA 97 70.54 -67.72 27.82
C TYR EA 97 69.96 -67.58 29.22
N PHE EA 98 68.80 -66.95 29.28
CA PHE EA 98 68.06 -66.79 30.52
C PHE EA 98 67.04 -67.91 30.63
N ASN EA 99 67.14 -68.69 31.70
CA ASN EA 99 66.16 -69.72 32.02
C ASN EA 99 65.32 -69.21 33.18
N PHE EA 100 64.06 -68.91 32.92
CA PHE EA 100 63.15 -68.46 33.96
C PHE EA 100 62.26 -69.57 34.51
N ASN EA 101 62.47 -70.81 34.10
CA ASN EA 101 61.49 -71.86 34.32
C ASN EA 101 61.77 -72.55 35.64
N GLN EA 102 60.97 -72.23 36.65
CA GLN EA 102 60.91 -72.88 37.95
C GLN EA 102 59.95 -72.07 38.79
N TYR EA 103 59.37 -72.71 39.81
CA TYR EA 103 58.50 -71.94 40.69
C TYR EA 103 59.29 -71.22 41.77
N SER EA 104 60.29 -71.87 42.34
CA SER EA 104 61.04 -71.29 43.43
C SER EA 104 61.75 -70.00 43.03
N SER EA 105 61.86 -69.74 41.74
CA SER EA 105 62.46 -68.49 41.31
C SER EA 105 61.50 -67.33 41.47
N HIS EA 106 60.23 -67.55 41.17
CA HIS EA 106 59.24 -66.48 41.14
C HIS EA 106 58.46 -66.33 42.44
N PHE EA 107 58.58 -67.27 43.37
CA PHE EA 107 57.79 -67.25 44.59
C PHE EA 107 58.68 -67.40 45.80
N SER EA 108 58.57 -66.46 46.73
CA SER EA 108 59.21 -66.63 48.01
C SER EA 108 58.54 -67.79 48.74
N PRO EA 109 59.23 -68.39 49.70
CA PRO EA 109 58.59 -69.45 50.49
C PRO EA 109 57.30 -69.03 51.15
N GLN EA 110 57.09 -67.73 51.37
CA GLN EA 110 55.77 -67.29 51.83
C GLN EA 110 54.79 -67.04 50.70
N ASP EA 111 55.22 -66.43 49.60
CA ASP EA 111 54.30 -66.23 48.48
C ASP EA 111 53.75 -67.56 48.01
N TRP EA 112 54.62 -68.48 47.63
CA TRP EA 112 54.26 -69.88 47.65
C TRP EA 112 53.86 -70.20 49.06
N GLN EA 113 52.85 -71.05 49.23
CA GLN EA 113 52.16 -71.28 50.50
C GLN EA 113 51.15 -70.19 50.82
N ARG EA 114 51.26 -69.01 50.24
CA ARG EA 114 50.09 -68.16 50.28
C ARG EA 114 49.11 -68.54 49.19
N LEU EA 115 49.59 -68.91 48.01
CA LEU EA 115 48.69 -69.44 47.00
C LEU EA 115 48.39 -70.91 47.20
N THR EA 116 49.37 -71.68 47.66
CA THR EA 116 49.13 -73.11 47.85
C THR EA 116 48.07 -73.33 48.92
N ASN EA 117 48.01 -72.45 49.91
CA ASN EA 117 46.97 -72.55 50.92
C ASN EA 117 45.66 -71.94 50.46
N GLU EA 118 45.72 -70.79 49.79
CA GLU EA 118 44.53 -69.99 49.60
C GLU EA 118 43.85 -70.16 48.24
N TYR EA 119 44.36 -70.99 47.34
CA TYR EA 119 43.77 -71.02 46.01
C TYR EA 119 43.64 -72.45 45.47
N LYS EA 120 42.57 -72.67 44.69
CA LYS EA 120 42.38 -73.95 44.02
C LYS EA 120 43.43 -74.18 42.96
N ARG EA 121 43.62 -73.21 42.08
CA ARG EA 121 44.34 -73.46 40.86
C ARG EA 121 44.95 -72.16 40.38
N PHE EA 122 46.00 -72.29 39.59
CA PHE EA 122 46.68 -71.13 39.06
C PHE EA 122 47.39 -71.52 37.80
N ARG EA 123 47.54 -70.57 36.89
CA ARG EA 123 48.37 -70.75 35.73
C ARG EA 123 48.97 -69.41 35.39
N PRO EA 124 50.19 -69.37 34.87
CA PRO EA 124 50.76 -68.08 34.49
C PRO EA 124 50.01 -67.48 33.33
N LYS EA 125 49.57 -66.23 33.49
CA LYS EA 125 48.83 -65.56 32.45
C LYS EA 125 49.75 -64.88 31.43
N GLY EA 126 50.80 -64.23 31.92
CA GLY EA 126 51.69 -63.49 31.05
C GLY EA 126 53.03 -63.31 31.70
N MET EA 127 53.97 -62.75 30.95
CA MET EA 127 55.33 -62.60 31.41
C MET EA 127 55.94 -61.37 30.77
N HIS EA 128 56.72 -60.64 31.55
CA HIS EA 128 57.33 -59.41 31.07
C HIS EA 128 58.74 -59.35 31.60
N VAL EA 129 59.72 -59.26 30.71
CA VAL EA 129 61.13 -59.34 31.08
C VAL EA 129 61.82 -58.07 30.61
N LYS EA 130 62.71 -57.54 31.43
CA LYS EA 130 63.42 -56.32 31.11
C LYS EA 130 64.89 -56.48 31.44
N ILE EA 131 65.74 -56.33 30.43
CA ILE EA 131 67.18 -56.23 30.61
C ILE EA 131 67.48 -54.74 30.74
N TYR EA 132 68.30 -54.38 31.72
CA TYR EA 132 68.64 -52.97 31.88
C TYR EA 132 69.83 -52.87 32.81
N ASN EA 133 70.30 -51.64 33.00
CA ASN EA 133 71.46 -51.35 33.84
C ASN EA 133 72.65 -52.21 33.46
N LEU EA 134 72.98 -52.20 32.18
CA LEU EA 134 74.06 -53.04 31.68
C LEU EA 134 75.41 -52.42 31.99
N GLN EA 135 76.43 -53.27 32.10
CA GLN EA 135 77.79 -52.83 32.36
C GLN EA 135 78.75 -53.73 31.62
N ILE EA 136 79.75 -53.17 30.96
CA ILE EA 136 80.78 -53.94 30.29
C ILE EA 136 82.10 -53.59 30.97
N LYS EA 137 82.72 -54.56 31.64
CA LYS EA 137 83.78 -54.22 32.55
C LYS EA 137 85.20 -54.47 32.06
N GLN EA 138 85.41 -55.07 30.89
CA GLN EA 138 86.74 -55.12 30.30
C GLN EA 138 87.79 -55.76 31.25
N ILE EA 139 87.72 -57.08 31.35
CA ILE EA 139 88.72 -57.80 32.14
C ILE EA 139 90.12 -57.46 31.65
N LEU EA 140 91.04 -57.23 32.58
CA LEU EA 140 92.46 -57.13 32.28
C LEU EA 140 93.25 -58.04 33.20
N SER EA 141 94.39 -58.50 32.69
CA SER EA 141 95.31 -59.33 33.46
C SER EA 141 96.72 -58.83 33.23
N ASN EA 142 97.38 -58.39 34.29
CA ASN EA 142 98.79 -58.06 34.28
C ASN EA 142 99.64 -59.26 34.66
N GLY EA 143 99.02 -60.42 34.81
CA GLY EA 143 99.59 -61.57 35.45
C GLY EA 143 99.12 -61.61 36.88
N ALA EA 144 98.83 -62.82 37.37
CA ALA EA 144 98.15 -63.05 38.65
C ALA EA 144 96.90 -62.16 38.66
N ASP EA 145 96.52 -61.59 39.81
CA ASP EA 145 95.59 -60.47 40.00
C ASP EA 145 94.38 -60.47 39.07
N THR EA 146 93.97 -59.26 38.69
CA THR EA 146 93.07 -58.86 37.60
C THR EA 146 92.78 -57.37 37.78
N THR EA 147 92.29 -56.71 36.75
CA THR EA 147 91.78 -55.36 36.89
C THR EA 147 90.59 -55.21 35.95
N TYR EA 148 89.68 -54.32 36.32
CA TYR EA 148 88.45 -54.08 35.57
C TYR EA 148 88.37 -52.58 35.31
N ASN EA 149 88.52 -52.17 34.06
CA ASN EA 149 88.61 -50.74 33.76
C ASN EA 149 87.24 -50.14 33.54
N ASN EA 150 86.20 -50.92 33.81
CA ASN EA 150 84.87 -50.68 33.26
C ASN EA 150 85.05 -50.65 31.75
N ASP EA 151 84.23 -49.86 31.06
CA ASP EA 151 84.33 -49.74 29.62
C ASP EA 151 83.16 -48.89 29.16
N LEU EA 152 83.29 -48.30 27.99
CA LEU EA 152 82.18 -47.73 27.26
C LEU EA 152 82.39 -48.14 25.81
N THR EA 153 81.50 -47.71 24.94
CA THR EA 153 81.55 -48.06 23.54
C THR EA 153 81.71 -49.57 23.35
N ALA EA 154 80.98 -50.35 24.13
CA ALA EA 154 80.94 -51.79 23.98
C ALA EA 154 79.48 -52.22 23.93
N GLY EA 155 79.23 -53.48 23.57
CA GLY EA 155 77.90 -53.89 23.23
C GLY EA 155 77.61 -55.32 23.69
N VAL EA 156 76.32 -55.61 23.70
CA VAL EA 156 75.80 -56.90 24.12
C VAL EA 156 74.68 -57.29 23.20
N HIS EA 157 74.76 -58.49 22.62
CA HIS EA 157 73.71 -59.01 21.77
C HIS EA 157 72.62 -59.62 22.64
N ILE EA 158 71.38 -59.33 22.32
CA ILE EA 158 70.24 -59.89 23.04
C ILE EA 158 69.21 -60.34 22.02
N PHE EA 159 68.84 -61.61 22.09
CA PHE EA 159 67.98 -62.22 21.10
C PHE EA 159 66.92 -63.04 21.79
N CYS EA 160 65.69 -62.98 21.28
CA CYS EA 160 64.57 -63.72 21.83
C CYS EA 160 63.92 -64.56 20.74
N ASP EA 161 63.32 -65.68 21.14
CA ASP EA 161 62.59 -66.54 20.22
C ASP EA 161 61.09 -66.33 20.36
N GLY EA 162 60.48 -65.70 19.38
CA GLY EA 162 59.03 -65.67 19.35
C GLY EA 162 58.47 -66.82 18.53
N GLU EA 163 59.27 -67.29 17.58
CA GLU EA 163 58.85 -68.38 16.71
C GLU EA 163 59.23 -69.74 17.25
N HIS EA 164 60.11 -69.80 18.24
CA HIS EA 164 60.74 -71.03 18.70
C HIS EA 164 61.41 -71.79 17.59
N ALA EA 165 61.88 -71.10 16.55
CA ALA EA 165 62.98 -71.61 15.77
C ALA EA 165 64.20 -71.68 16.68
N TYR EA 166 65.17 -72.49 16.31
CA TYR EA 166 66.36 -72.79 17.09
C TYR EA 166 66.06 -73.83 18.15
N PRO EA 167 67.07 -74.61 18.53
CA PRO EA 167 66.84 -75.81 19.36
C PRO EA 167 66.37 -75.57 20.79
N ASN EA 168 66.28 -74.33 21.27
CA ASN EA 168 65.70 -73.97 22.57
C ASN EA 168 66.23 -74.78 23.76
N ALA EA 169 67.40 -74.36 24.26
CA ALA EA 169 68.13 -75.09 25.30
C ALA EA 169 67.25 -75.53 26.46
N THR EA 170 66.29 -74.69 26.86
CA THR EA 170 65.58 -74.93 28.12
C THR EA 170 65.00 -76.33 28.19
N HIS EA 171 65.36 -77.04 29.24
CA HIS EA 171 64.85 -78.34 29.63
C HIS EA 171 64.31 -78.20 31.03
N PRO EA 172 63.21 -78.87 31.37
CA PRO EA 172 62.52 -78.54 32.64
C PRO EA 172 63.40 -78.51 33.87
N TRP EA 173 64.21 -79.52 34.11
CA TRP EA 173 64.91 -79.57 35.40
C TRP EA 173 66.21 -78.77 35.32
N ASP EA 174 67.19 -79.30 34.60
CA ASP EA 174 68.47 -78.63 34.38
C ASP EA 174 69.00 -78.15 35.73
N GLU EA 175 69.43 -76.92 35.85
CA GLU EA 175 70.10 -76.37 37.00
C GLU EA 175 69.59 -74.93 37.06
N ASP EA 176 70.27 -74.10 37.84
CA ASP EA 176 70.29 -72.63 37.62
C ASP EA 176 68.86 -72.11 37.60
N VAL EA 177 68.32 -71.68 36.45
CA VAL EA 177 67.15 -70.85 36.34
C VAL EA 177 67.52 -69.60 37.11
N MET EA 178 66.56 -68.94 37.73
CA MET EA 178 66.93 -67.81 38.56
C MET EA 178 67.30 -68.33 39.94
N PRO EA 179 68.23 -67.72 40.64
CA PRO EA 179 68.47 -68.13 42.01
C PRO EA 179 67.20 -67.86 42.80
N GLU EA 180 66.74 -68.87 43.53
CA GLU EA 180 65.49 -68.72 44.27
C GLU EA 180 65.53 -67.52 45.20
N LEU EA 181 66.73 -67.06 45.53
CA LEU EA 181 66.96 -66.02 46.49
C LEU EA 181 67.47 -64.80 45.77
N PRO EA 182 66.84 -63.61 45.85
CA PRO EA 182 67.39 -62.45 45.16
C PRO EA 182 68.73 -62.04 45.76
N TYR EA 183 69.29 -60.91 45.33
CA TYR EA 183 70.59 -60.41 45.76
C TYR EA 183 71.71 -61.40 45.43
N GLN EA 184 71.33 -62.58 44.98
CA GLN EA 184 72.28 -63.62 44.60
C GLN EA 184 72.53 -63.48 43.12
N THR EA 185 73.77 -63.18 42.75
CA THR EA 185 74.08 -62.94 41.36
C THR EA 185 73.81 -64.18 40.52
N TRP EA 186 73.37 -63.97 39.29
CA TRP EA 186 72.89 -65.06 38.46
C TRP EA 186 73.84 -65.28 37.29
N TYR EA 187 74.58 -66.37 37.33
CA TYR EA 187 75.53 -66.69 36.29
C TYR EA 187 74.82 -67.43 35.17
N LEU EA 188 74.90 -66.88 33.97
CA LEU EA 188 74.28 -67.51 32.82
C LEU EA 188 75.08 -68.73 32.37
N PHE EA 189 74.42 -69.57 31.60
CA PHE EA 189 75.01 -70.82 31.12
C PHE EA 189 75.03 -70.85 29.60
N GLN EA 190 76.01 -71.54 29.06
CA GLN EA 190 76.25 -71.55 27.64
C GLN EA 190 75.11 -72.24 26.91
N TYR EA 191 74.78 -71.75 25.72
CA TYR EA 191 73.74 -72.36 24.91
C TYR EA 191 74.35 -73.42 24.00
N GLY EA 192 73.73 -74.60 24.00
CA GLY EA 192 74.18 -75.67 23.15
C GLY EA 192 72.99 -76.53 22.78
N TYR EA 193 73.21 -77.43 21.83
CA TYR EA 193 72.12 -78.30 21.42
C TYR EA 193 72.68 -79.54 20.76
N ILE EA 194 71.88 -80.60 20.75
CA ILE EA 194 72.24 -81.84 20.09
C ILE EA 194 71.82 -81.77 18.64
N PRO EA 195 72.75 -81.68 17.69
CA PRO EA 195 72.34 -81.72 16.28
C PRO EA 195 71.76 -83.06 15.87
N VAL EA 196 72.43 -84.17 16.23
CA VAL EA 196 72.02 -85.52 15.87
C VAL EA 196 72.61 -86.49 16.89
N ILE EA 197 71.93 -87.62 17.07
CA ILE EA 197 72.45 -88.70 17.90
C ILE EA 197 73.87 -89.04 17.44
N HIS EA 198 74.80 -89.11 18.39
CA HIS EA 198 76.19 -89.34 18.03
C HIS EA 198 76.38 -90.69 17.38
N GLU EA 199 75.97 -91.76 18.06
CA GLU EA 199 75.82 -93.03 17.36
C GLU EA 199 74.79 -92.84 16.27
N LEU EA 200 74.84 -93.69 15.24
CA LEU EA 200 74.05 -93.44 14.03
C LEU EA 200 74.51 -92.16 13.35
N ALA EA 201 75.59 -92.28 12.55
CA ALA EA 201 76.54 -91.25 12.11
C ALA EA 201 77.86 -91.25 12.85
N GLU EA 202 78.11 -92.22 13.72
CA GLU EA 202 79.41 -92.30 14.37
C GLU EA 202 80.65 -92.17 13.44
N MET EA 203 80.72 -92.80 12.27
CA MET EA 203 79.86 -93.86 11.76
C MET EA 203 80.77 -95.05 11.44
N GLU EA 204 80.21 -96.26 11.39
CA GLU EA 204 81.06 -97.43 11.26
C GLU EA 204 81.21 -97.87 9.81
N ASP EA 205 82.40 -97.63 9.26
CA ASP EA 205 82.79 -98.13 7.94
C ASP EA 205 81.73 -97.84 6.89
N SER EA 206 81.53 -98.80 5.97
CA SER EA 206 80.34 -98.89 5.13
C SER EA 206 79.97 -97.46 4.57
N ASN EA 207 78.82 -96.78 4.78
CA ASN EA 207 77.55 -97.21 5.37
C ASN EA 207 76.39 -96.75 4.51
N ALA EA 208 76.30 -95.42 4.38
CA ALA EA 208 75.34 -94.69 3.56
C ALA EA 208 73.97 -94.61 4.23
N VAL EA 209 73.72 -95.46 5.20
CA VAL EA 209 72.56 -95.26 6.07
C VAL EA 209 72.89 -94.29 7.20
N GLU EA 210 74.10 -94.40 7.75
CA GLU EA 210 74.55 -93.40 8.71
C GLU EA 210 75.29 -92.25 8.03
N LYS EA 211 75.65 -92.41 6.76
CA LYS EA 211 76.15 -91.27 6.01
C LYS EA 211 75.06 -90.23 5.87
N ALA EA 212 73.91 -90.65 5.36
CA ALA EA 212 72.71 -89.87 5.63
C ALA EA 212 72.45 -89.90 7.13
N ILE EA 213 71.79 -88.86 7.63
CA ILE EA 213 71.60 -88.55 9.04
C ILE EA 213 72.88 -87.94 9.59
N CYS EA 214 74.02 -88.22 8.97
CA CYS EA 214 75.20 -87.42 9.23
C CYS EA 214 75.24 -86.20 8.32
N LEU EA 215 74.89 -86.39 7.05
CA LEU EA 215 74.82 -85.27 6.12
C LEU EA 215 73.69 -84.33 6.48
N GLN EA 216 72.64 -84.84 7.10
CA GLN EA 216 71.45 -84.03 7.31
C GLN EA 216 71.48 -83.29 8.63
N ILE EA 217 72.56 -83.39 9.41
CA ILE EA 217 72.54 -82.77 10.73
C ILE EA 217 72.41 -81.28 10.49
N PRO EA 218 71.39 -80.64 11.05
CA PRO EA 218 71.23 -79.20 10.86
C PRO EA 218 72.21 -78.44 11.72
N PHE EA 219 72.54 -77.24 11.28
CA PHE EA 219 73.45 -76.37 12.00
C PHE EA 219 72.78 -75.02 12.18
N PHE EA 220 72.47 -74.68 13.41
CA PHE EA 220 71.74 -73.48 13.73
C PHE EA 220 72.69 -72.44 14.28
N MET EA 221 72.42 -71.18 13.96
CA MET EA 221 73.26 -70.08 14.37
C MET EA 221 72.34 -68.95 14.80
N LEU EA 222 72.67 -68.30 15.89
CA LEU EA 222 71.83 -67.23 16.37
C LEU EA 222 72.15 -65.91 15.70
N GLU EA 223 73.06 -65.90 14.73
CA GLU EA 223 73.36 -64.64 14.08
C GLU EA 223 72.27 -64.32 13.08
N ASN EA 224 72.25 -64.97 11.90
CA ASN EA 224 71.00 -65.27 11.21
C ASN EA 224 69.93 -64.23 11.45
N SER EA 225 68.82 -64.64 12.03
CA SER EA 225 67.75 -63.72 12.39
C SER EA 225 68.28 -62.57 13.24
N ASP EA 226 67.75 -61.38 12.98
CA ASP EA 226 68.27 -60.17 13.58
C ASP EA 226 67.97 -60.10 15.07
N HIS EA 227 68.77 -59.31 15.77
CA HIS EA 227 68.63 -59.13 17.20
C HIS EA 227 69.27 -57.81 17.61
N GLU EA 228 68.95 -57.37 18.81
CA GLU EA 228 69.40 -56.07 19.27
C GLU EA 228 70.76 -56.15 19.92
N VAL EA 229 71.58 -55.14 19.70
CA VAL EA 229 72.80 -54.91 20.44
C VAL EA 229 72.54 -53.74 21.36
N LEU EA 230 73.17 -53.75 22.53
CA LEU EA 230 72.94 -52.71 23.52
C LEU EA 230 74.28 -52.24 24.07
N ARG EA 231 74.48 -50.93 24.07
CA ARG EA 231 75.52 -50.39 24.91
C ARG EA 231 74.96 -50.23 26.32
N THR EA 232 75.70 -49.53 27.18
CA THR EA 232 75.27 -49.39 28.57
C THR EA 232 73.93 -48.70 28.69
N GLY EA 233 73.80 -47.48 28.19
CA GLY EA 233 72.61 -46.69 28.44
C GLY EA 233 71.32 -47.32 27.95
N GLU EA 234 71.39 -48.23 27.00
CA GLU EA 234 70.20 -48.83 26.42
C GLU EA 234 69.69 -49.99 27.28
N SER EA 235 68.41 -50.29 27.12
CA SER EA 235 67.77 -51.45 27.73
C SER EA 235 66.90 -52.15 26.71
N THR EA 236 66.20 -53.20 27.15
CA THR EA 236 65.31 -53.96 26.29
C THR EA 236 64.20 -54.57 27.13
N GLU EA 237 63.02 -54.67 26.53
CA GLU EA 237 61.88 -55.34 27.15
C GLU EA 237 61.46 -56.52 26.30
N PHE EA 238 60.83 -57.49 26.94
CA PHE EA 238 60.22 -58.61 26.24
C PHE EA 238 58.92 -58.97 26.95
N THR EA 239 57.91 -59.33 26.17
CA THR EA 239 56.65 -59.77 26.73
C THR EA 239 56.34 -61.18 26.24
N PHE EA 240 55.48 -61.86 26.99
CA PHE EA 240 55.06 -63.19 26.63
C PHE EA 240 53.63 -63.40 27.09
N ASN EA 241 52.88 -64.17 26.31
CA ASN EA 241 51.55 -64.57 26.68
C ASN EA 241 51.47 -66.08 26.63
N PHE EA 242 50.62 -66.65 27.46
CA PHE EA 242 50.58 -68.10 27.66
C PHE EA 242 49.22 -68.64 27.28
N ASP EA 243 49.19 -69.58 26.34
CA ASP EA 243 48.08 -70.49 26.21
C ASP EA 243 48.47 -71.71 27.03
N CYS EA 244 47.79 -71.89 28.16
CA CYS EA 244 48.35 -72.69 29.23
C CYS EA 244 47.25 -73.37 30.01
N GLU EA 245 47.53 -74.58 30.48
CA GLU EA 245 46.59 -75.35 31.27
C GLU EA 245 46.75 -75.03 32.74
N TRP EA 246 45.62 -74.99 33.45
CA TRP EA 246 45.66 -74.79 34.89
C TRP EA 246 46.46 -75.89 35.56
N ILE EA 247 47.13 -75.54 36.65
CA ILE EA 247 47.66 -76.54 37.58
C ILE EA 247 46.83 -76.45 38.84
N ASN EA 248 46.28 -77.58 39.26
CA ASN EA 248 45.22 -77.60 40.26
C ASN EA 248 45.79 -77.96 41.62
N ASN EA 249 45.54 -77.11 42.61
CA ASN EA 249 45.80 -77.41 44.00
C ASN EA 249 44.49 -77.80 44.64
N GLU EA 250 44.32 -79.08 44.90
CA GLU EA 250 43.07 -79.71 45.29
C GLU EA 250 43.38 -81.14 45.64
N ARG EA 251 42.48 -81.77 46.38
CA ARG EA 251 42.71 -83.09 46.92
C ARG EA 251 41.43 -83.88 46.84
N ALA EA 252 41.52 -85.10 46.33
CA ALA EA 252 40.40 -86.03 46.34
C ALA EA 252 40.48 -86.84 47.61
N TYR EA 253 39.48 -86.72 48.47
CA TYR EA 253 39.46 -87.45 49.73
C TYR EA 253 39.11 -88.92 49.55
N ILE EA 254 38.59 -89.31 48.39
CA ILE EA 254 38.30 -90.71 48.09
C ILE EA 254 38.69 -91.01 46.66
N PRO EA 255 38.95 -92.28 46.35
CA PRO EA 255 39.15 -92.67 44.97
C PRO EA 255 37.90 -92.37 44.16
N PRO EA 256 38.02 -92.19 42.84
CA PRO EA 256 36.83 -91.94 42.04
C PRO EA 256 35.87 -93.10 42.01
N GLY EA 257 36.35 -94.32 42.17
CA GLY EA 257 35.48 -95.46 42.22
C GLY EA 257 34.77 -95.69 43.54
N LEU EA 258 35.08 -94.87 44.53
CA LEU EA 258 34.51 -95.01 45.86
C LEU EA 258 33.28 -94.11 46.05
N MET EA 259 32.83 -93.46 44.98
CA MET EA 259 31.71 -92.52 45.07
C MET EA 259 30.42 -93.30 44.86
N PHE EA 260 29.65 -93.43 45.93
CA PHE EA 260 28.33 -94.06 45.89
C PHE EA 260 27.76 -94.02 47.28
N ASN EA 261 26.45 -94.20 47.36
CA ASN EA 261 25.80 -94.28 48.66
C ASN EA 261 25.81 -95.74 49.08
N PRO EA 262 26.63 -96.10 50.06
CA PRO EA 262 26.73 -97.52 50.42
C PRO EA 262 25.51 -98.04 51.15
N LEU EA 263 24.66 -97.14 51.64
CA LEU EA 263 23.44 -97.57 52.30
C LEU EA 263 22.46 -98.19 51.30
N VAL EA 264 22.36 -97.61 50.11
CA VAL EA 264 21.35 -98.04 49.16
C VAL EA 264 21.76 -99.35 48.51
N PRO EA 265 20.89 -100.36 48.43
CA PRO EA 265 21.25 -101.58 47.71
C PRO EA 265 21.42 -101.30 46.23
N THR EA 266 22.09 -102.23 45.56
CA THR EA 266 22.38 -102.09 44.14
C THR EA 266 21.65 -103.17 43.36
N ARG EA 267 21.27 -102.84 42.12
CA ARG EA 267 20.78 -103.85 41.21
C ARG EA 267 21.88 -104.25 40.25
N ARG EA 268 22.48 -105.41 40.51
CA ARG EA 268 23.63 -105.93 39.79
C ARG EA 268 23.90 -107.31 40.35
N ALA EA 269 24.69 -108.12 39.65
CA ALA EA 269 24.95 -109.46 40.13
C ALA EA 269 26.37 -109.87 39.77
N GLN EA 270 26.88 -110.82 40.53
CA GLN EA 270 28.22 -111.36 40.36
C GLN EA 270 28.10 -112.84 40.05
N TYR EA 271 28.44 -113.23 38.85
CA TYR EA 271 28.65 -114.63 38.54
C TYR EA 271 30.12 -114.92 38.82
N ILE EA 272 30.39 -116.02 39.49
CA ILE EA 272 31.74 -116.41 39.81
C ILE EA 272 31.99 -117.81 39.28
N ARG EA 273 33.03 -117.95 38.46
CA ARG EA 273 33.31 -119.22 37.81
C ARG EA 273 33.64 -120.31 38.85
N ARG EA 274 33.43 -121.56 38.45
CA ARG EA 274 33.90 -122.68 39.25
C ARG EA 274 35.37 -122.49 39.59
N ASN EA 275 35.71 -122.71 40.86
CA ASN EA 275 37.01 -122.29 41.33
C ASN EA 275 38.11 -123.25 40.90
N ASN EA 276 37.76 -124.52 40.66
CA ASN EA 276 38.73 -125.53 40.22
C ASN EA 276 39.93 -125.57 41.15
N ASN EA 277 39.70 -126.12 42.34
CA ASN EA 277 40.57 -126.03 43.51
C ASN EA 277 40.49 -124.59 44.03
N PRO EA 278 40.56 -124.41 45.36
CA PRO EA 278 40.32 -125.46 46.37
C PRO EA 278 38.91 -126.05 46.35
N GLN EA 279 37.90 -125.19 46.28
CA GLN EA 279 36.53 -125.58 46.60
C GLN EA 279 35.59 -124.46 46.15
N THR EA 280 34.33 -124.48 46.60
CA THR EA 280 33.35 -123.43 46.33
C THR EA 280 32.97 -123.32 44.86
N ALA EA 281 32.11 -124.24 44.41
CA ALA EA 281 31.61 -124.25 43.06
C ALA EA 281 30.83 -122.97 42.75
N GLU EA 282 30.68 -122.71 41.45
CA GLU EA 282 30.19 -121.43 40.96
C GLU EA 282 28.84 -121.05 41.56
N SER EA 283 28.65 -119.75 41.77
CA SER EA 283 27.38 -119.22 42.26
C SER EA 283 27.23 -117.79 41.78
N THR EA 284 25.97 -117.37 41.61
CA THR EA 284 25.64 -115.98 41.32
C THR EA 284 25.01 -115.34 42.55
N SER EA 285 25.24 -114.05 42.73
CA SER EA 285 24.76 -113.36 43.91
C SER EA 285 24.65 -111.88 43.61
N ARG EA 286 23.85 -111.19 44.41
CA ARG EA 286 23.72 -109.75 44.28
C ARG EA 286 24.91 -109.05 44.91
N ILE EA 287 25.35 -107.97 44.28
CA ILE EA 287 26.45 -107.21 44.82
C ILE EA 287 26.03 -106.50 46.08
N ALA EA 288 26.89 -106.56 47.10
CA ALA EA 288 26.57 -105.98 48.39
C ALA EA 288 26.33 -104.48 48.26
N PRO EA 289 25.54 -103.90 49.17
CA PRO EA 289 25.26 -102.46 49.08
C PRO EA 289 26.52 -101.62 49.16
N TYR EA 290 27.37 -101.91 50.12
CA TYR EA 290 28.73 -101.39 50.11
C TYR EA 290 29.49 -102.05 48.97
N ALA EA 291 30.60 -101.43 48.58
CA ALA EA 291 31.50 -102.00 47.58
C ALA EA 291 30.77 -102.28 46.27
N LYS EA 292 30.12 -101.26 45.77
CA LYS EA 292 29.50 -101.36 44.46
C LYS EA 292 30.57 -101.27 43.38
N PRO EA 293 30.36 -101.91 42.24
CA PRO EA 293 31.33 -101.82 41.15
C PRO EA 293 31.42 -100.41 40.61
N THR EA 294 32.48 -100.16 39.88
CA THR EA 294 32.72 -98.83 39.36
C THR EA 294 33.19 -98.86 37.92
N SER EA 295 32.97 -97.75 37.24
CA SER EA 295 33.74 -97.34 36.10
C SER EA 295 35.03 -96.71 36.59
N TRP EA 296 35.66 -95.94 35.71
CA TRP EA 296 36.74 -95.09 36.17
C TRP EA 296 37.96 -95.88 36.62
N MET EA 297 38.66 -96.40 35.62
CA MET EA 297 39.93 -97.08 35.68
C MET EA 297 41.02 -96.16 36.23
N THR EA 298 42.08 -96.76 36.75
CA THR EA 298 43.21 -96.01 37.26
C THR EA 298 44.05 -95.43 36.13
N GLY EA 299 44.79 -94.38 36.45
CA GLY EA 299 45.68 -93.76 35.50
C GLY EA 299 46.81 -94.68 35.08
N PRO EA 300 47.39 -94.40 33.92
CA PRO EA 300 48.40 -95.30 33.37
C PRO EA 300 49.76 -95.13 34.04
N GLY EA 301 50.56 -96.19 33.98
CA GLY EA 301 51.91 -96.17 34.48
C GLY EA 301 52.68 -97.31 33.86
N LEU EA 302 54.01 -97.28 34.02
CA LEU EA 302 54.85 -98.41 33.65
C LEU EA 302 55.73 -98.76 34.83
N LEU EA 303 55.43 -99.89 35.48
CA LEU EA 303 56.14 -100.31 36.67
C LEU EA 303 57.09 -101.49 36.50
N SER EA 304 57.19 -102.10 35.31
CA SER EA 304 57.88 -103.37 35.24
C SER EA 304 59.40 -103.21 35.19
N ALA EA 305 59.87 -102.19 34.48
CA ALA EA 305 61.27 -102.04 34.15
C ALA EA 305 62.12 -101.72 35.38
N GLN EA 306 63.43 -101.89 35.22
CA GLN EA 306 64.40 -101.49 36.23
C GLN EA 306 65.55 -100.77 35.55
N ARG EA 307 66.07 -99.72 36.20
CA ARG EA 307 67.18 -98.98 35.64
C ARG EA 307 68.37 -99.91 35.40
N VAL EA 308 69.08 -99.66 34.30
CA VAL EA 308 70.01 -100.63 33.72
C VAL EA 308 71.42 -100.09 33.76
N GLY EA 309 72.25 -100.72 34.57
CA GLY EA 309 73.69 -100.55 34.47
C GLY EA 309 74.23 -99.41 35.30
N PRO EA 310 75.48 -99.04 35.03
CA PRO EA 310 76.15 -98.05 35.87
C PRO EA 310 75.67 -96.64 35.58
N ALA EA 311 75.88 -95.77 36.56
CA ALA EA 311 75.56 -94.37 36.39
C ALA EA 311 76.48 -93.74 35.35
N THR EA 312 76.05 -92.59 34.81
CA THR EA 312 76.65 -91.83 33.72
C THR EA 312 76.39 -92.50 32.38
N SER EA 313 75.79 -93.69 32.36
CA SER EA 313 75.42 -94.39 31.15
C SER EA 313 73.99 -94.12 30.72
N ASP EA 314 73.30 -93.19 31.38
CA ASP EA 314 71.88 -92.92 31.13
C ASP EA 314 71.02 -94.14 31.44
N THR EA 315 70.83 -94.43 32.72
CA THR EA 315 69.95 -95.52 33.10
C THR EA 315 68.56 -94.96 33.33
N GLY EA 316 67.65 -95.25 32.39
CA GLY EA 316 66.29 -94.73 32.51
C GLY EA 316 65.23 -95.73 32.89
N ALA EA 317 65.56 -97.01 32.78
CA ALA EA 317 64.69 -98.18 32.86
C ALA EA 317 63.74 -98.26 31.68
N TRP EA 318 63.53 -97.18 30.94
CA TRP EA 318 62.80 -97.21 29.68
C TRP EA 318 63.56 -96.32 28.72
N MET EA 319 64.08 -96.89 27.64
CA MET EA 319 64.80 -96.13 26.63
C MET EA 319 63.91 -96.05 25.40
N VAL EA 320 63.73 -94.83 24.90
CA VAL EA 320 62.88 -94.65 23.73
C VAL EA 320 63.64 -94.97 22.44
N ALA EA 321 64.87 -94.51 22.34
CA ALA EA 321 65.75 -94.73 21.20
C ALA EA 321 65.11 -94.44 19.84
N VAL EA 322 65.62 -95.09 18.81
CA VAL EA 322 65.13 -94.97 17.44
C VAL EA 322 65.14 -96.33 16.73
N LYS EA 323 66.33 -96.88 16.55
CA LYS EA 323 66.55 -98.09 15.76
C LYS EA 323 66.10 -97.96 14.30
N PRO EA 324 66.79 -97.18 13.49
CA PRO EA 324 66.61 -97.28 12.04
C PRO EA 324 66.99 -98.66 11.56
N GLU EA 325 66.50 -99.03 10.38
CA GLU EA 325 66.43 -100.43 10.00
C GLU EA 325 67.83 -101.04 9.85
N ASN EA 326 68.75 -100.31 9.24
CA ASN EA 326 70.12 -100.82 9.17
C ASN EA 326 71.03 -100.10 10.16
N ALA EA 327 71.45 -98.91 9.79
CA ALA EA 327 72.37 -98.07 10.56
C ALA EA 327 73.58 -98.91 10.97
N SER EA 328 74.09 -98.65 12.16
CA SER EA 328 74.95 -99.55 12.91
C SER EA 328 74.93 -99.07 14.35
N ILE EA 329 75.21 -99.97 15.27
CA ILE EA 329 75.09 -99.65 16.69
C ILE EA 329 76.22 -100.31 17.45
N ASP EA 330 76.81 -99.55 18.36
CA ASP EA 330 77.84 -100.03 19.26
C ASP EA 330 77.16 -100.80 20.40
N THR EA 331 77.88 -101.08 21.48
CA THR EA 331 77.21 -101.57 22.68
C THR EA 331 76.05 -100.64 23.02
N GLY EA 332 74.90 -101.23 23.33
CA GLY EA 332 73.69 -100.46 23.46
C GLY EA 332 72.68 -100.75 22.36
N MET EA 333 71.40 -100.35 22.49
CA MET EA 333 70.73 -99.70 23.64
C MET EA 333 71.51 -98.52 24.25
N SER EA 334 71.81 -98.59 25.54
CA SER EA 334 72.68 -97.62 26.22
C SER EA 334 72.15 -96.15 26.04
N GLY EA 335 72.80 -95.19 25.36
CA GLY EA 335 73.74 -95.25 24.25
C GLY EA 335 73.08 -94.85 22.95
N ILE EA 336 71.76 -95.01 22.91
CA ILE EA 336 70.91 -94.37 21.91
C ILE EA 336 69.61 -94.01 22.61
N GLY EA 337 69.01 -92.91 22.17
CA GLY EA 337 67.76 -92.48 22.77
C GLY EA 337 67.90 -92.05 24.21
N SER EA 338 66.75 -91.82 24.82
CA SER EA 338 66.66 -91.16 26.11
C SER EA 338 65.93 -92.03 27.11
N GLY EA 339 66.31 -91.91 28.38
CA GLY EA 339 65.57 -92.59 29.43
C GLY EA 339 64.26 -91.87 29.72
N PHE EA 340 63.22 -92.65 29.93
CA PHE EA 340 61.90 -92.12 30.25
C PHE EA 340 61.72 -92.13 31.76
N ASP EA 341 61.49 -90.95 32.33
CA ASP EA 341 61.51 -90.79 33.78
C ASP EA 341 60.48 -89.74 34.21
N PRO EA 342 59.79 -89.97 35.33
CA PRO EA 342 59.48 -91.23 35.99
C PRO EA 342 58.36 -92.01 35.35
N PRO EA 343 58.56 -93.29 35.04
CA PRO EA 343 57.43 -94.22 35.07
C PRO EA 343 57.26 -94.86 36.45
N GLN EA 344 56.07 -95.10 37.02
CA GLN EA 344 54.90 -94.24 36.99
C GLN EA 344 54.39 -93.87 35.58
N GLY EA 345 53.82 -92.69 35.26
CA GLY EA 345 53.24 -91.67 36.14
C GLY EA 345 52.08 -92.19 36.93
N SER EA 346 51.63 -91.40 37.91
CA SER EA 346 50.59 -91.82 38.84
C SER EA 346 50.96 -93.15 39.45
N LEU EA 347 49.99 -94.04 39.61
CA LEU EA 347 50.20 -95.46 39.79
C LEU EA 347 51.31 -95.73 40.82
N ALA EA 348 50.99 -95.58 42.11
CA ALA EA 348 52.00 -95.38 43.15
C ALA EA 348 53.16 -96.36 43.00
N PRO EA 349 54.40 -95.89 43.07
CA PRO EA 349 55.56 -96.72 42.70
C PRO EA 349 55.88 -97.78 43.75
N THR EA 350 56.68 -98.74 43.32
CA THR EA 350 57.13 -99.81 44.20
C THR EA 350 58.25 -99.34 45.12
N ASN EA 351 59.41 -99.03 44.56
CA ASN EA 351 60.50 -98.59 45.41
C ASN EA 351 60.99 -97.20 44.99
N LEU EA 352 62.05 -96.77 45.66
CA LEU EA 352 62.63 -95.45 45.48
C LEU EA 352 63.01 -95.18 44.03
N GLU EA 353 63.27 -96.25 43.28
CA GLU EA 353 63.82 -96.11 41.93
C GLU EA 353 62.91 -95.31 41.02
N TYR EA 354 61.61 -95.31 41.28
CA TYR EA 354 60.63 -94.60 40.49
C TYR EA 354 60.20 -93.27 41.10
N LYS EA 355 60.75 -92.90 42.24
CA LYS EA 355 60.14 -91.91 43.13
C LYS EA 355 60.59 -90.49 42.80
N ILE EA 356 61.25 -90.30 41.66
CA ILE EA 356 62.01 -89.12 41.27
C ILE EA 356 63.07 -88.88 42.34
N GLN EA 357 63.58 -87.65 42.42
CA GLN EA 357 64.57 -87.21 43.39
C GLN EA 357 65.14 -85.91 42.85
N TRP EA 358 65.76 -85.08 43.68
CA TRP EA 358 66.65 -84.04 43.15
C TRP EA 358 67.50 -83.51 44.28
N TYR EA 359 68.60 -82.85 43.91
CA TYR EA 359 69.57 -82.44 44.93
C TYR EA 359 69.36 -81.01 45.40
N GLN EA 360 68.53 -80.24 44.69
CA GLN EA 360 68.25 -78.83 45.01
C GLN EA 360 69.51 -78.05 45.36
N THR EA 361 70.63 -78.39 44.73
CA THR EA 361 71.94 -77.82 45.04
C THR EA 361 72.96 -78.41 44.08
N PRO EA 362 73.82 -77.59 43.49
CA PRO EA 362 74.89 -78.15 42.66
C PRO EA 362 75.96 -78.84 43.48
N GLN EA 363 76.17 -78.44 44.72
CA GLN EA 363 77.17 -79.07 45.56
C GLN EA 363 76.72 -80.44 46.05
N GLY EA 364 75.48 -80.83 45.76
CA GLY EA 364 74.95 -82.08 46.26
C GLY EA 364 75.70 -83.31 45.80
N THR EA 365 76.19 -84.09 46.76
CA THR EA 365 76.87 -85.34 46.47
C THR EA 365 75.83 -86.45 46.33
N ASN EA 366 76.27 -87.71 46.30
CA ASN EA 366 75.34 -88.80 46.07
C ASN EA 366 74.18 -88.79 47.06
N ASN EA 367 74.46 -88.85 48.35
CA ASN EA 367 73.45 -88.58 49.36
C ASN EA 367 73.86 -87.32 50.13
N ASN EA 368 73.20 -86.22 49.80
CA ASN EA 368 73.33 -84.89 50.39
C ASN EA 368 72.38 -84.04 49.57
N GLY EA 369 71.88 -82.94 50.10
CA GLY EA 369 70.76 -82.35 49.40
C GLY EA 369 69.73 -83.45 49.29
N ASN EA 370 69.40 -83.81 48.06
CA ASN EA 370 68.83 -85.13 47.77
C ASN EA 370 67.44 -85.30 48.38
N ILE EA 371 66.59 -84.32 48.17
CA ILE EA 371 65.22 -84.45 48.66
C ILE EA 371 64.44 -85.32 47.69
N ILE EA 372 63.65 -86.22 48.23
CA ILE EA 372 63.00 -87.27 47.46
C ILE EA 372 61.51 -87.01 47.46
N SER EA 373 60.87 -87.20 46.32
CA SER EA 373 59.43 -86.99 46.24
C SER EA 373 58.70 -87.99 47.12
N ASN EA 374 57.47 -87.63 47.49
CA ASN EA 374 56.70 -88.41 48.45
C ASN EA 374 55.24 -88.41 48.01
N GLN EA 375 54.43 -89.25 48.65
CA GLN EA 375 53.04 -89.33 48.26
C GLN EA 375 52.25 -88.14 48.82
N PRO EA 376 51.41 -87.49 48.02
CA PRO EA 376 50.63 -86.36 48.53
C PRO EA 376 49.58 -86.76 49.55
N LEU EA 377 49.27 -88.05 49.63
CA LEU EA 377 48.17 -88.62 50.39
C LEU EA 377 46.84 -88.29 49.74
N SER EA 378 46.84 -87.52 48.66
CA SER EA 378 45.67 -87.41 47.79
C SER EA 378 45.31 -88.78 47.26
N MET EA 379 44.01 -89.02 47.07
CA MET EA 379 43.54 -90.36 46.74
C MET EA 379 43.46 -90.62 45.25
N LEU EA 380 43.88 -89.69 44.40
CA LEU EA 380 43.61 -89.89 42.99
C LEU EA 380 44.45 -90.91 42.20
N ARG EA 381 45.75 -90.77 41.87
CA ARG EA 381 46.98 -90.22 42.51
C ARG EA 381 47.74 -91.31 43.31
N ASP EA 382 47.13 -92.48 43.51
CA ASP EA 382 47.89 -93.60 44.07
C ASP EA 382 47.77 -94.79 43.13
N GLN EA 383 46.56 -95.31 42.96
CA GLN EA 383 46.18 -96.06 41.78
C GLN EA 383 47.06 -97.30 41.56
N ALA EA 384 46.81 -98.31 42.38
CA ALA EA 384 47.28 -99.64 42.01
C ALA EA 384 46.36 -100.23 40.95
N LEU EA 385 46.68 -101.44 40.51
CA LEU EA 385 45.76 -102.25 39.74
C LEU EA 385 46.15 -103.71 39.94
N PHE EA 386 45.17 -104.60 39.95
CA PHE EA 386 45.34 -105.92 40.54
C PHE EA 386 45.07 -107.06 39.56
N ARG EA 387 43.90 -107.13 38.95
CA ARG EA 387 43.59 -108.22 38.03
C ARG EA 387 43.67 -109.54 38.82
N GLY EA 388 44.06 -110.64 38.18
CA GLY EA 388 44.30 -111.91 38.84
C GLY EA 388 43.14 -112.43 39.66
N ASN EA 389 43.39 -113.52 40.39
CA ASN EA 389 44.13 -114.66 39.86
C ASN EA 389 43.07 -115.71 39.62
N GLN EA 390 41.84 -115.35 39.97
CA GLN EA 390 40.70 -116.18 40.36
C GLN EA 390 40.81 -116.56 41.83
N THR EA 391 41.95 -116.35 42.46
CA THR EA 391 42.19 -116.65 43.86
C THR EA 391 42.74 -115.42 44.60
N THR EA 392 43.84 -114.86 44.11
CA THR EA 392 44.49 -113.72 44.73
C THR EA 392 44.56 -112.60 43.70
N TYR EA 393 44.64 -111.36 44.19
CA TYR EA 393 44.94 -110.22 43.33
C TYR EA 393 46.45 -110.04 43.26
N ASN EA 394 46.97 -109.71 42.08
CA ASN EA 394 48.39 -109.55 41.86
C ASN EA 394 48.68 -108.24 41.14
N LEU EA 395 49.36 -107.32 41.81
CA LEU EA 395 49.66 -106.02 41.21
C LEU EA 395 50.29 -106.19 39.84
N CYS EA 396 49.74 -105.49 38.85
CA CYS EA 396 50.11 -105.70 37.46
C CYS EA 396 50.97 -104.56 36.94
N SER EA 397 52.04 -104.93 36.25
CA SER EA 397 52.89 -104.01 35.51
C SER EA 397 52.12 -103.43 34.34
N ASP EA 398 52.69 -102.36 33.76
CA ASP EA 398 52.06 -101.60 32.69
C ASP EA 398 50.82 -100.89 33.20
N VAL EA 399 49.64 -101.20 32.66
CA VAL EA 399 48.47 -100.32 32.67
C VAL EA 399 48.68 -99.14 31.73
N TRP EA 400 48.51 -99.39 30.44
CA TRP EA 400 48.51 -98.39 29.39
C TRP EA 400 47.21 -97.57 29.43
N MET EA 401 47.03 -96.71 28.43
CA MET EA 401 45.82 -95.90 28.38
C MET EA 401 44.58 -96.75 28.15
N PHE EA 402 43.48 -96.32 28.77
CA PHE EA 402 42.22 -97.04 28.76
C PHE EA 402 41.11 -96.01 28.86
N PRO EA 403 39.93 -96.28 28.27
CA PRO EA 403 38.93 -95.22 28.11
C PRO EA 403 38.50 -94.49 29.37
N ASN EA 404 38.27 -95.17 30.46
CA ASN EA 404 37.68 -94.53 31.63
C ASN EA 404 38.70 -94.02 32.62
N GLN EA 405 39.97 -94.01 32.26
CA GLN EA 405 41.00 -93.71 33.24
C GLN EA 405 40.91 -92.31 33.80
N ILE EA 406 41.18 -92.18 35.09
CA ILE EA 406 41.44 -90.91 35.73
C ILE EA 406 42.73 -91.01 36.51
N TRP EA 407 43.59 -90.02 36.34
CA TRP EA 407 44.75 -89.86 37.18
C TRP EA 407 44.84 -88.40 37.54
N ASP EA 408 45.67 -88.10 38.51
CA ASP EA 408 45.88 -86.73 38.93
C ASP EA 408 47.29 -86.32 38.54
N ARG EA 409 47.41 -85.15 37.93
CA ARG EA 409 48.71 -84.69 37.49
C ARG EA 409 49.64 -84.57 38.69
N TYR EA 410 50.93 -84.71 38.44
CA TYR EA 410 51.91 -84.74 39.52
C TYR EA 410 51.73 -83.50 40.41
N PRO EA 411 51.76 -83.68 41.74
CA PRO EA 411 51.40 -82.58 42.64
C PRO EA 411 52.34 -81.40 42.59
N ILE EA 412 53.48 -81.56 41.93
CA ILE EA 412 54.61 -80.64 41.88
C ILE EA 412 55.00 -80.16 43.27
N THR EA 413 55.55 -78.94 43.35
CA THR EA 413 56.13 -78.37 44.56
C THR EA 413 56.81 -77.07 44.15
N ARG EA 414 57.38 -76.36 45.11
CA ARG EA 414 58.02 -75.09 44.79
C ARG EA 414 59.28 -75.25 43.94
N GLU EA 415 59.89 -76.43 43.95
CA GLU EA 415 61.16 -76.65 43.27
C GLU EA 415 61.02 -77.04 41.80
N ASN EA 416 59.82 -77.10 41.29
CA ASN EA 416 59.62 -77.71 39.99
C ASN EA 416 59.73 -76.70 38.87
N PRO EA 417 60.01 -77.16 37.66
CA PRO EA 417 59.87 -76.31 36.49
C PRO EA 417 58.42 -75.98 36.22
N ILE EA 418 58.19 -74.74 35.80
CA ILE EA 418 56.82 -74.30 35.53
C ILE EA 418 56.29 -74.97 34.28
N TRP EA 419 57.04 -74.91 33.19
CA TRP EA 419 56.57 -75.37 31.89
C TRP EA 419 57.60 -76.27 31.24
N CYS EA 420 57.16 -76.92 30.18
CA CYS EA 420 57.99 -77.71 29.29
C CYS EA 420 57.43 -77.54 27.89
N LYS EA 421 58.31 -77.51 26.89
CA LYS EA 421 57.83 -77.31 25.53
C LYS EA 421 57.32 -78.60 24.94
N LYS EA 422 56.11 -78.56 24.41
CA LYS EA 422 55.55 -79.70 23.71
C LYS EA 422 56.10 -79.73 22.29
N PRO EA 423 56.89 -80.72 21.93
CA PRO EA 423 57.51 -80.74 20.60
C PRO EA 423 56.48 -80.87 19.49
N ARG EA 424 56.74 -80.15 18.40
CA ARG EA 424 55.84 -80.14 17.26
C ARG EA 424 55.87 -81.49 16.55
N SER EA 425 54.70 -82.10 16.41
CA SER EA 425 54.61 -83.37 15.73
C SER EA 425 53.19 -83.53 15.22
N ASP EA 426 53.02 -84.46 14.28
CA ASP EA 426 51.72 -84.66 13.68
C ASP EA 426 50.71 -85.13 14.73
N LYS EA 427 51.02 -86.22 15.41
CA LYS EA 427 50.08 -86.85 16.32
C LYS EA 427 50.66 -86.93 17.71
N HIS EA 428 49.77 -86.87 18.71
CA HIS EA 428 50.18 -87.06 20.09
C HIS EA 428 48.97 -87.46 20.92
N THR EA 429 49.25 -88.01 22.09
CA THR EA 429 48.23 -88.39 23.06
C THR EA 429 47.97 -87.27 24.06
N THR EA 430 47.38 -87.60 25.21
CA THR EA 430 46.79 -86.59 26.10
C THR EA 430 47.78 -85.48 26.48
N ILE EA 431 49.08 -85.76 26.46
CA ILE EA 431 50.12 -84.80 26.87
C ILE EA 431 49.95 -84.40 28.32
N ASP EA 432 50.23 -85.32 29.24
CA ASP EA 432 50.40 -84.96 30.64
C ASP EA 432 51.83 -85.29 31.05
N PRO EA 433 52.72 -84.32 31.19
CA PRO EA 433 54.09 -84.64 31.61
C PRO EA 433 54.14 -85.18 33.04
N PHE EA 434 54.94 -86.20 33.24
CA PHE EA 434 55.04 -86.82 34.54
C PHE EA 434 56.02 -86.12 35.46
N ASP EA 435 56.64 -85.05 34.99
CA ASP EA 435 57.45 -84.17 35.81
C ASP EA 435 56.60 -83.11 36.48
N GLY EA 436 55.29 -83.22 36.36
CA GLY EA 436 54.43 -82.09 36.63
C GLY EA 436 54.64 -81.09 35.53
N SER EA 437 55.04 -79.87 35.89
CA SER EA 437 55.27 -78.81 34.93
C SER EA 437 54.08 -78.63 34.01
N LEU EA 438 54.33 -78.32 32.75
CA LEU EA 438 53.27 -77.98 31.81
C LEU EA 438 53.80 -78.20 30.41
N ALA EA 439 52.89 -78.29 29.46
CA ALA EA 439 53.24 -78.39 28.06
C ALA EA 439 52.60 -77.23 27.32
N MET EA 440 53.37 -76.58 26.47
CA MET EA 440 52.84 -75.49 25.67
C MET EA 440 53.39 -75.60 24.26
N ASP EA 441 52.55 -75.24 23.28
CA ASP EA 441 53.04 -75.12 21.91
C ASP EA 441 54.21 -74.17 21.86
N HIS EA 442 53.99 -72.94 22.30
CA HIS EA 442 55.05 -71.95 22.41
C HIS EA 442 55.20 -71.57 23.86
N PRO EA 443 56.23 -72.04 24.55
CA PRO EA 443 56.52 -71.57 25.88
C PRO EA 443 57.13 -70.19 25.82
N PRO EA 444 57.53 -69.61 26.95
CA PRO EA 444 58.31 -68.37 26.88
C PRO EA 444 59.54 -68.57 26.00
N GLY EA 445 59.71 -67.68 25.03
CA GLY EA 445 60.86 -67.76 24.17
C GLY EA 445 62.13 -67.52 24.96
N THR EA 446 63.10 -68.40 24.80
CA THR EA 446 64.36 -68.25 25.50
C THR EA 446 65.04 -66.97 25.04
N ILE EA 447 65.49 -66.18 26.00
CA ILE EA 447 66.23 -64.95 25.71
C ILE EA 447 67.71 -65.28 25.71
N PHE EA 448 68.36 -65.03 24.58
CA PHE EA 448 69.77 -65.32 24.40
C PHE EA 448 70.54 -64.02 24.47
N ILE EA 449 71.77 -64.10 24.96
CA ILE EA 449 72.59 -62.91 25.15
C ILE EA 449 74.06 -63.30 24.98
N LYS EA 450 74.82 -62.40 24.36
CA LYS EA 450 76.20 -62.66 23.99
C LYS EA 450 76.98 -61.37 24.15
N MET EA 451 78.30 -61.48 24.15
CA MET EA 451 79.17 -60.38 24.52
C MET EA 451 79.71 -59.56 23.35
N ALA EA 452 79.25 -59.81 22.12
CA ALA EA 452 79.61 -58.93 21.02
C ALA EA 452 81.11 -58.86 20.80
N LYS EA 453 81.67 -59.87 20.13
CA LYS EA 453 83.11 -60.00 19.99
C LYS EA 453 83.74 -58.71 19.55
N ILE EA 454 84.76 -58.28 20.29
CA ILE EA 454 85.53 -57.11 19.93
C ILE EA 454 86.93 -57.60 19.58
N PRO EA 455 87.30 -57.64 18.31
CA PRO EA 455 88.58 -58.22 17.94
C PRO EA 455 89.71 -57.23 18.17
N VAL EA 456 90.92 -57.70 17.96
CA VAL EA 456 92.11 -56.89 18.16
C VAL EA 456 93.08 -57.21 17.02
N PRO EA 457 93.83 -56.24 16.53
CA PRO EA 457 94.66 -56.48 15.36
C PRO EA 457 95.88 -57.34 15.68
N SER EA 458 96.29 -58.12 14.70
CA SER EA 458 97.49 -58.94 14.82
C SER EA 458 98.07 -59.17 13.42
N ASN EA 459 99.23 -59.82 13.40
CA ASN EA 459 99.92 -60.06 12.14
C ASN EA 459 99.41 -61.30 11.41
N ASN EA 460 99.14 -62.37 12.15
CA ASN EA 460 98.88 -63.69 11.58
C ASN EA 460 97.87 -63.76 10.41
N ASN EA 461 96.69 -63.16 10.50
CA ASN EA 461 96.22 -62.40 11.65
C ASN EA 461 95.22 -63.20 12.46
N ALA EA 462 94.76 -62.59 13.54
CA ALA EA 462 93.79 -63.19 14.45
C ALA EA 462 94.31 -64.55 14.99
N ASP EA 463 93.48 -65.51 15.40
CA ASP EA 463 92.20 -65.26 16.08
C ASP EA 463 92.48 -64.69 17.46
N SER EA 464 91.95 -63.50 17.70
CA SER EA 464 92.17 -62.81 18.97
C SER EA 464 91.01 -61.85 19.18
N TYR EA 465 90.73 -61.59 20.44
CA TYR EA 465 89.57 -60.78 20.79
C TYR EA 465 89.82 -60.16 22.14
N LEU EA 466 89.01 -59.16 22.46
CA LEU EA 466 89.15 -58.43 23.70
C LEU EA 466 88.30 -59.08 24.77
N ASN EA 467 88.85 -59.20 25.98
CA ASN EA 467 88.23 -59.99 27.04
C ASN EA 467 87.35 -59.07 27.89
N ILE EA 468 86.04 -59.28 27.82
CA ILE EA 468 85.07 -58.43 28.51
C ILE EA 468 83.98 -59.31 29.10
N TYR EA 469 83.15 -58.71 29.94
CA TYR EA 469 81.95 -59.37 30.43
C TYR EA 469 80.89 -58.32 30.69
N CYS EA 470 79.64 -58.77 30.72
CA CYS EA 470 78.52 -57.88 30.92
C CYS EA 470 77.89 -58.17 32.27
N THR EA 471 77.21 -57.16 32.80
CA THR EA 471 76.55 -57.28 34.07
C THR EA 471 75.32 -56.40 34.03
N GLY EA 472 74.23 -56.87 34.61
CA GLY EA 472 73.02 -56.08 34.51
C GLY EA 472 71.91 -56.71 35.31
N GLN EA 473 70.70 -56.24 35.06
CA GLN EA 473 69.57 -56.62 35.88
C GLN EA 473 68.41 -57.06 35.01
N VAL EA 474 67.95 -58.29 35.23
CA VAL EA 474 66.75 -58.81 34.60
C VAL EA 474 65.62 -58.65 35.60
N SER EA 475 64.47 -58.21 35.13
CA SER EA 475 63.27 -58.18 35.96
C SER EA 475 62.23 -59.03 35.26
N CYS EA 476 61.89 -60.16 35.84
CA CYS EA 476 60.87 -61.03 35.31
C CYS EA 476 59.60 -60.83 36.12
N GLU EA 477 58.62 -60.19 35.52
CA GLU EA 477 57.35 -59.88 36.17
C GLU EA 477 56.26 -60.66 35.45
N ILE EA 478 55.70 -61.66 36.12
CA ILE EA 478 54.73 -62.54 35.50
C ILE EA 478 53.42 -62.49 36.25
N VAL EA 479 52.33 -62.56 35.51
CA VAL EA 479 50.99 -62.50 36.05
C VAL EA 479 50.40 -63.89 36.05
N TRP EA 480 49.70 -64.24 37.11
CA TRP EA 480 49.18 -65.59 37.29
C TRP EA 480 47.67 -65.51 37.37
N GLU EA 481 46.99 -66.14 36.41
CA GLU EA 481 45.56 -66.38 36.60
C GLU EA 481 45.38 -67.31 37.78
N VAL EA 482 44.56 -66.89 38.73
CA VAL EA 482 44.44 -67.60 39.99
C VAL EA 482 42.98 -67.66 40.38
N GLU EA 483 42.58 -68.77 41.01
CA GLU EA 483 41.19 -68.98 41.41
C GLU EA 483 41.14 -69.43 42.86
N ARG EA 484 40.22 -68.84 43.62
CA ARG EA 484 40.17 -69.01 45.07
C ARG EA 484 39.09 -70.02 45.43
N TYR EA 485 39.35 -70.78 46.50
CA TYR EA 485 38.52 -71.95 46.77
C TYR EA 485 37.43 -71.64 47.78
N ALA EA 486 36.28 -72.26 47.55
CA ALA EA 486 35.20 -72.29 48.53
C ALA EA 486 34.69 -73.73 48.59
N THR EA 487 34.32 -74.16 49.80
CA THR EA 487 33.90 -75.54 49.95
C THR EA 487 32.91 -75.65 51.08
N LYS EA 488 32.13 -76.72 51.06
CA LYS EA 488 31.12 -76.99 52.06
C LYS EA 488 31.60 -77.91 53.16
N ASN EA 489 32.87 -78.30 53.14
CA ASN EA 489 33.40 -79.15 54.19
C ASN EA 489 33.27 -78.45 55.54
N TRP EA 490 32.90 -79.23 56.55
CA TRP EA 490 32.79 -78.70 57.90
C TRP EA 490 34.14 -78.60 58.59
N ARG EA 491 35.04 -79.47 58.26
CA ARG EA 491 36.26 -79.69 59.02
C ARG EA 491 37.41 -78.80 58.55
N PRO EA 492 38.44 -78.67 59.39
CA PRO EA 492 39.49 -77.66 59.15
C PRO EA 492 40.33 -77.85 57.88
N GLU EA 493 40.29 -78.99 57.21
CA GLU EA 493 41.16 -79.30 56.06
C GLU EA 493 42.62 -79.19 56.50
N ARG EA 494 43.52 -78.71 55.65
CA ARG EA 494 44.95 -78.80 55.89
C ARG EA 494 45.64 -77.63 55.23
N ARG EA 495 46.73 -77.18 55.84
CA ARG EA 495 47.50 -76.07 55.32
C ARG EA 495 48.97 -76.43 55.41
N HIS EA 496 49.84 -75.48 55.04
CA HIS EA 496 51.27 -75.67 55.17
C HIS EA 496 51.78 -74.77 56.29
N THR EA 497 52.07 -75.40 57.42
CA THR EA 497 52.74 -74.74 58.53
C THR EA 497 54.24 -74.73 58.31
N THR EA 498 54.91 -73.79 58.99
CA THR EA 498 56.34 -73.94 59.21
C THR EA 498 56.66 -75.17 60.03
N PHE EA 499 55.69 -75.74 60.73
CA PHE EA 499 56.04 -76.89 61.57
C PHE EA 499 56.45 -78.10 60.76
N GLY EA 500 56.04 -78.18 59.50
CA GLY EA 500 56.64 -79.17 58.62
C GLY EA 500 58.12 -78.93 58.42
N LEU EA 501 58.55 -77.68 58.54
CA LEU EA 501 59.94 -77.30 58.37
C LEU EA 501 60.76 -77.73 59.58
N GLY EA 502 62.07 -77.75 59.42
CA GLY EA 502 62.95 -78.17 60.49
C GLY EA 502 64.24 -77.38 60.46
N ILE EA 503 64.97 -77.46 61.57
CA ILE EA 503 66.11 -76.60 61.86
C ILE EA 503 67.34 -77.17 61.17
N GLY EA 504 68.24 -76.30 60.73
CA GLY EA 504 69.45 -76.79 60.06
C GLY EA 504 70.48 -75.71 59.86
N GLY EA 505 71.64 -76.15 59.38
CA GLY EA 505 72.77 -75.32 58.98
C GLY EA 505 73.71 -75.01 60.12
N ALA EA 506 75.01 -74.94 59.79
CA ALA EA 506 76.09 -74.61 60.72
C ALA EA 506 75.94 -75.30 62.07
N ASP EA 507 76.13 -74.54 63.14
CA ASP EA 507 75.49 -74.89 64.40
C ASP EA 507 73.99 -74.78 64.19
N ASN EA 508 73.23 -75.75 64.70
CA ASN EA 508 71.92 -76.06 64.15
C ASN EA 508 71.04 -74.84 63.95
N LEU EA 509 71.34 -73.73 64.62
CA LEU EA 509 70.51 -72.54 64.62
C LEU EA 509 70.15 -72.09 63.22
N ASN EA 510 68.99 -71.43 63.12
CA ASN EA 510 68.20 -70.97 61.99
C ASN EA 510 67.39 -72.14 61.47
N PRO EA 511 66.13 -71.95 61.09
CA PRO EA 511 65.30 -73.12 60.80
C PRO EA 511 65.51 -73.77 59.45
N THR EA 512 64.99 -73.16 58.39
CA THR EA 512 65.05 -73.82 57.08
C THR EA 512 65.25 -72.82 55.94
N TYR EA 513 64.27 -71.98 55.66
CA TYR EA 513 64.50 -70.96 54.65
C TYR EA 513 65.01 -69.71 55.37
N HIS EA 514 66.32 -69.53 55.31
CA HIS EA 514 66.97 -68.57 56.18
C HIS EA 514 68.46 -68.66 55.96
N VAL EA 515 69.17 -67.63 56.38
CA VAL EA 515 70.61 -67.56 56.18
C VAL EA 515 71.37 -68.28 57.30
N ASP EA 516 72.58 -68.71 56.98
CA ASP EA 516 73.53 -69.29 57.92
C ASP EA 516 74.38 -68.17 58.52
N LYS EA 517 75.49 -68.49 59.19
CA LYS EA 517 76.20 -67.45 59.94
C LYS EA 517 77.45 -66.63 59.45
N ASN EA 518 78.24 -66.89 58.39
CA ASN EA 518 78.40 -68.05 57.49
C ASN EA 518 77.42 -68.00 56.34
N GLY EA 519 76.63 -66.93 56.25
CA GLY EA 519 75.33 -67.03 55.66
C GLY EA 519 75.26 -67.73 54.32
N THR EA 520 74.57 -68.85 54.37
CA THR EA 520 74.26 -69.69 53.24
C THR EA 520 72.83 -70.15 53.44
N TYR EA 521 71.99 -69.87 52.47
CA TYR EA 521 70.58 -70.16 52.56
C TYR EA 521 70.37 -71.64 52.86
N ILE EA 522 69.69 -71.96 53.96
CA ILE EA 522 69.55 -73.35 54.35
C ILE EA 522 68.57 -74.04 53.41
N GLN EA 523 68.93 -75.14 52.95
CA GLN EA 523 68.01 -75.73 51.99
C GLN EA 523 67.00 -76.62 52.71
N PRO EA 524 65.78 -76.66 52.18
CA PRO EA 524 64.77 -77.56 52.73
C PRO EA 524 65.15 -79.02 52.51
N THR EA 525 65.03 -79.80 53.58
CA THR EA 525 65.44 -81.21 53.55
C THR EA 525 64.21 -82.11 53.56
N THR EA 526 64.19 -83.03 52.60
CA THR EA 526 63.10 -83.85 52.05
C THR EA 526 61.90 -83.07 51.51
N TRP EA 527 60.76 -83.75 51.42
CA TRP EA 527 59.73 -83.34 50.46
C TRP EA 527 58.75 -82.35 51.06
N ASP EA 528 58.30 -82.57 52.29
CA ASP EA 528 57.27 -81.73 52.88
C ASP EA 528 57.74 -80.31 53.09
N MET EA 529 59.04 -80.10 53.32
CA MET EA 529 59.59 -78.76 53.46
C MET EA 529 59.11 -77.86 52.34
N CYS EA 530 59.57 -78.13 51.12
CA CYS EA 530 58.95 -77.56 49.94
C CYS EA 530 57.47 -77.91 49.98
N PHE EA 531 56.61 -76.91 49.84
CA PHE EA 531 55.22 -77.15 50.15
C PHE EA 531 54.47 -77.48 48.87
N PRO EA 532 54.11 -78.74 48.64
CA PRO EA 532 53.53 -79.11 47.35
C PRO EA 532 52.07 -78.69 47.28
N VAL EA 533 51.63 -78.27 46.11
CA VAL EA 533 50.21 -78.15 45.90
C VAL EA 533 49.62 -79.55 45.80
N LYS EA 534 48.30 -79.63 45.93
CA LYS EA 534 47.48 -80.82 45.74
C LYS EA 534 47.43 -81.65 47.02
N THR EA 535 48.18 -81.28 48.06
CA THR EA 535 48.06 -81.90 49.36
C THR EA 535 47.08 -81.17 50.26
N ASN EA 536 46.46 -80.10 49.78
CA ASN EA 536 45.59 -79.29 50.63
C ASN EA 536 44.21 -79.16 50.01
N ILE EA 537 43.40 -78.35 50.67
CA ILE EA 537 41.99 -78.13 50.35
C ILE EA 537 41.30 -79.48 50.28
N ASN EA 538 40.28 -79.59 49.44
CA ASN EA 538 39.59 -80.83 49.12
C ASN EA 538 38.77 -80.57 47.86
N LYS EA 539 38.37 -81.62 47.18
CA LYS EA 539 37.39 -81.49 46.12
C LYS EA 539 36.45 -82.68 46.16
N VAL EA 540 35.15 -82.40 46.10
CA VAL EA 540 34.21 -83.46 45.78
C VAL EA 540 34.42 -83.87 44.33
N LEU EA 541 34.63 -85.16 44.11
CA LEU EA 541 34.87 -85.63 42.76
C LEU EA 541 33.56 -85.63 41.97
N GLY FA 34 1.69 -66.16 49.64
CA GLY FA 34 0.59 -66.44 50.55
C GLY FA 34 0.87 -66.08 51.99
N SER FA 35 -0.08 -66.38 52.87
CA SER FA 35 0.06 -66.07 54.28
C SER FA 35 -0.84 -67.01 55.08
N GLY FA 36 -0.57 -67.11 56.37
CA GLY FA 36 -1.36 -67.91 57.27
C GLY FA 36 -0.72 -69.25 57.58
N VAL FA 37 -1.44 -70.03 58.37
CA VAL FA 37 -1.00 -71.39 58.69
C VAL FA 37 -0.90 -72.20 57.40
N GLY FA 38 0.11 -73.07 57.33
CA GLY FA 38 0.33 -73.87 56.15
C GLY FA 38 1.23 -73.24 55.12
N ILE FA 39 1.74 -72.04 55.37
CA ILE FA 39 2.66 -71.36 54.48
C ILE FA 39 3.88 -71.00 55.32
N SER FA 40 5.02 -71.60 55.01
CA SER FA 40 6.22 -71.35 55.79
C SER FA 40 6.66 -69.91 55.63
N THR FA 41 7.16 -69.32 56.71
CA THR FA 41 7.49 -67.90 56.65
C THR FA 41 8.84 -67.65 56.00
N GLY FA 42 9.84 -68.44 56.36
CA GLY FA 42 11.16 -68.30 55.77
C GLY FA 42 11.84 -69.64 55.73
N GLY FA 43 12.89 -69.72 54.91
CA GLY FA 43 13.60 -70.96 54.71
C GLY FA 43 14.90 -71.03 55.51
N TRP FA 44 15.55 -72.17 55.40
CA TRP FA 44 16.82 -72.40 56.06
C TRP FA 44 17.92 -71.57 55.40
N VAL FA 45 18.96 -71.26 56.17
CA VAL FA 45 20.01 -70.36 55.75
C VAL FA 45 21.34 -70.83 56.33
N GLY FA 46 22.43 -70.58 55.62
CA GLY FA 46 23.74 -70.84 56.16
C GLY FA 46 24.80 -70.84 55.07
N GLY FA 47 26.03 -71.23 55.46
CA GLY FA 47 27.08 -71.56 54.53
C GLY FA 47 28.22 -70.56 54.40
N SER FA 48 28.20 -69.50 55.17
CA SER FA 48 29.16 -68.39 55.13
C SER FA 48 29.38 -67.75 53.76
N TYR FA 49 30.50 -67.02 53.61
CA TYR FA 49 30.71 -66.28 52.36
C TYR FA 49 32.16 -66.07 51.96
N PHE FA 50 32.90 -65.28 52.74
CA PHE FA 50 34.31 -64.93 52.52
C PHE FA 50 34.68 -64.12 51.29
N THR FA 51 34.45 -62.82 51.34
CA THR FA 51 35.08 -61.84 50.46
C THR FA 51 36.17 -61.10 51.21
N ASP FA 52 37.19 -60.65 50.48
CA ASP FA 52 38.34 -59.95 51.05
C ASP FA 52 37.97 -58.86 52.04
N SER FA 53 36.93 -58.09 51.72
CA SER FA 53 36.55 -56.97 52.58
C SER FA 53 35.69 -57.42 53.76
N TYR FA 54 34.89 -58.45 53.61
CA TYR FA 54 33.99 -58.85 54.68
C TYR FA 54 33.63 -60.32 54.54
N VAL FA 55 33.19 -60.89 55.65
CA VAL FA 55 32.75 -62.28 55.73
C VAL FA 55 31.33 -62.31 56.28
N ILE FA 56 30.43 -62.96 55.55
CA ILE FA 56 29.04 -63.09 55.97
C ILE FA 56 28.82 -64.51 56.43
N THR FA 57 28.61 -64.71 57.72
CA THR FA 57 28.29 -66.01 58.27
C THR FA 57 26.80 -66.10 58.51
N LYS FA 58 26.20 -67.18 58.04
CA LYS FA 58 24.76 -67.40 58.15
C LYS FA 58 24.53 -68.69 58.90
N ASN FA 59 23.54 -68.70 59.79
CA ASN FA 59 23.26 -69.87 60.59
C ASN FA 59 21.77 -69.94 60.84
N THR FA 60 21.28 -71.15 61.10
CA THR FA 60 19.87 -71.37 61.38
C THR FA 60 19.76 -72.49 62.40
N ARG FA 61 18.73 -72.43 63.25
CA ARG FA 61 18.60 -73.36 64.35
C ARG FA 61 17.17 -73.80 64.50
N GLN FA 62 16.98 -74.81 65.33
CA GLN FA 62 15.67 -75.24 65.79
C GLN FA 62 15.67 -75.10 67.30
N PHE FA 63 14.71 -74.38 67.84
CA PHE FA 63 14.70 -74.09 69.27
C PHE FA 63 13.36 -74.47 69.87
N LEU FA 64 13.30 -74.53 71.19
CA LEU FA 64 12.01 -74.67 71.85
C LEU FA 64 11.98 -73.92 73.17
N VAL FA 65 10.82 -73.35 73.47
CA VAL FA 65 10.57 -72.60 74.69
C VAL FA 65 9.68 -73.44 75.58
N LYS FA 66 10.07 -73.63 76.83
CA LYS FA 66 9.56 -74.70 77.67
C LYS FA 66 8.49 -74.25 78.68
N ILE FA 67 8.15 -72.97 78.76
CA ILE FA 67 7.40 -72.43 79.90
C ILE FA 67 8.18 -72.66 81.18
N GLN FA 68 9.22 -71.88 81.41
CA GLN FA 68 9.95 -71.98 82.67
C GLN FA 68 9.23 -71.25 83.78
N ASN FA 69 9.31 -71.82 84.98
CA ASN FA 69 8.97 -71.12 86.23
C ASN FA 69 7.49 -70.78 86.32
N ASN FA 70 6.63 -71.70 85.89
CA ASN FA 70 5.22 -71.41 85.66
C ASN FA 70 5.21 -70.16 84.79
N HIS FA 71 4.31 -69.22 84.99
CA HIS FA 71 4.54 -67.88 84.45
C HIS FA 71 4.92 -66.87 85.50
N GLN FA 72 4.90 -67.25 86.77
CA GLN FA 72 5.29 -66.36 87.84
C GLN FA 72 6.81 -66.27 87.95
N TYR FA 73 7.26 -65.23 88.64
CA TYR FA 73 8.66 -64.82 88.77
C TYR FA 73 9.40 -65.51 89.91
N LYS FA 74 8.94 -65.32 91.14
CA LYS FA 74 9.64 -65.67 92.37
C LYS FA 74 10.98 -64.98 92.51
N THR FA 75 11.88 -65.57 93.30
CA THR FA 75 13.18 -65.00 93.59
C THR FA 75 14.24 -66.10 93.58
N GLU FA 76 14.00 -67.14 94.38
CA GLU FA 76 14.66 -68.45 94.39
C GLU FA 76 15.89 -68.61 95.25
N LEU FA 77 16.53 -67.52 95.69
CA LEU FA 77 17.60 -67.56 96.69
C LEU FA 77 18.50 -68.79 96.49
N ILE FA 78 19.30 -68.76 95.42
CA ILE FA 78 19.76 -70.00 94.81
C ILE FA 78 20.47 -70.94 95.78
N SER FA 79 21.74 -70.66 96.08
CA SER FA 79 22.56 -71.34 97.08
C SER FA 79 22.76 -72.82 96.79
N PRO FA 80 23.88 -73.40 97.18
CA PRO FA 80 23.87 -74.80 97.59
C PRO FA 80 23.79 -74.87 99.11
N SER FA 81 23.76 -76.06 99.68
CA SER FA 81 23.97 -76.17 101.13
C SER FA 81 24.79 -77.42 101.51
N THR FA 82 25.95 -77.29 102.17
CA THR FA 82 26.90 -76.14 102.23
C THR FA 82 26.35 -74.71 102.39
N SER FA 83 25.54 -74.51 103.43
CA SER FA 83 24.92 -73.21 103.68
C SER FA 83 25.96 -72.10 103.81
N GLN FA 84 27.23 -72.43 104.02
CA GLN FA 84 28.30 -71.44 104.03
C GLN FA 84 28.46 -70.74 102.68
N GLY FA 85 27.81 -71.24 101.63
CA GLY FA 85 28.00 -70.67 100.31
C GLY FA 85 27.48 -69.25 100.20
N LYS FA 86 27.64 -68.69 99.00
CA LYS FA 86 27.25 -67.31 98.77
C LYS FA 86 25.75 -67.12 98.87
N SER FA 87 24.97 -68.02 98.28
CA SER FA 87 23.52 -68.01 98.40
C SER FA 87 22.91 -66.74 97.81
N GLN FA 88 23.32 -66.41 96.59
CA GLN FA 88 22.74 -65.28 95.90
C GLN FA 88 21.24 -65.49 95.72
N ARG FA 89 20.48 -64.40 95.90
CA ARG FA 89 19.03 -64.54 95.91
C ARG FA 89 18.46 -64.59 94.50
N CYS FA 90 19.05 -63.83 93.59
CA CYS FA 90 18.61 -63.71 92.20
C CYS FA 90 17.13 -63.38 92.02
N VAL FA 91 16.62 -63.67 90.83
CA VAL FA 91 15.22 -63.54 90.44
C VAL FA 91 15.01 -64.50 89.28
N SER FA 92 13.88 -65.18 89.26
CA SER FA 92 13.57 -66.03 88.12
C SER FA 92 12.43 -65.39 87.36
N THR FA 93 12.36 -65.62 86.07
CA THR FA 93 11.33 -65.04 85.23
C THR FA 93 10.76 -66.11 84.32
N PRO FA 94 9.54 -65.93 83.82
CA PRO FA 94 9.01 -66.86 82.82
C PRO FA 94 9.74 -66.81 81.50
N TRP FA 95 10.56 -65.79 81.28
CA TRP FA 95 11.16 -65.55 79.97
C TRP FA 95 12.36 -66.44 79.73
N SER FA 96 12.59 -66.74 78.46
CA SER FA 96 13.79 -67.37 77.98
C SER FA 96 14.43 -66.43 76.98
N TYR FA 97 15.72 -66.64 76.68
CA TYR FA 97 16.41 -65.69 75.84
C TYR FA 97 17.35 -66.39 74.89
N PHE FA 98 17.66 -65.71 73.79
CA PHE FA 98 18.60 -66.17 72.79
C PHE FA 98 19.97 -65.60 73.10
N ASN FA 99 20.95 -66.46 73.31
CA ASN FA 99 22.34 -66.06 73.48
C ASN FA 99 23.08 -66.42 72.20
N PHE FA 100 23.49 -65.41 71.45
CA PHE FA 100 24.25 -65.63 70.22
C PHE FA 100 25.74 -65.47 70.41
N ASN FA 101 26.22 -65.27 71.63
CA ASN FA 101 27.58 -64.79 71.86
C ASN FA 101 28.51 -65.98 72.00
N GLN FA 102 29.28 -66.24 70.94
CA GLN FA 102 30.38 -67.18 70.89
C GLN FA 102 30.85 -67.22 69.45
N TYR FA 103 32.09 -67.63 69.23
CA TYR FA 103 32.55 -67.75 67.85
C TYR FA 103 32.16 -69.09 67.25
N SER FA 104 32.29 -70.17 68.03
CA SER FA 104 32.02 -71.50 67.50
C SER FA 104 30.59 -71.67 67.05
N SER FA 105 29.70 -70.75 67.42
CA SER FA 105 28.34 -70.82 66.93
C SER FA 105 28.23 -70.34 65.50
N HIS FA 106 28.96 -69.29 65.15
CA HIS FA 106 28.83 -68.65 63.86
C HIS FA 106 29.84 -69.15 62.83
N PHE FA 107 30.84 -69.93 63.23
CA PHE FA 107 31.90 -70.34 62.33
C PHE FA 107 32.07 -71.84 62.39
N SER FA 108 32.00 -72.50 61.24
CA SER FA 108 32.38 -73.89 61.18
C SER FA 108 33.87 -74.01 61.43
N PRO FA 109 34.34 -75.17 61.85
CA PRO FA 109 35.78 -75.35 62.02
C PRO FA 109 36.59 -75.04 60.79
N GLN FA 110 36.00 -75.09 59.59
CA GLN FA 110 36.70 -74.60 58.42
C GLN FA 110 36.56 -73.10 58.19
N ASP FA 111 35.36 -72.54 58.38
CA ASP FA 111 35.21 -71.10 58.23
C ASP FA 111 36.14 -70.36 59.16
N TRP FA 112 36.04 -70.62 60.45
CA TRP FA 112 37.16 -70.39 61.34
C TRP FA 112 38.31 -71.21 60.82
N GLN FA 113 39.52 -70.68 60.88
CA GLN FA 113 40.72 -71.20 60.21
C GLN FA 113 40.76 -70.82 58.74
N ARG FA 114 39.65 -70.46 58.13
CA ARG FA 114 39.80 -69.74 56.88
C ARG FA 114 40.07 -68.28 57.12
N LEU FA 115 39.43 -67.68 58.11
CA LEU FA 115 39.80 -66.31 58.48
C LEU FA 115 41.01 -66.26 59.38
N THR FA 116 41.16 -67.22 60.29
CA THR FA 116 42.32 -67.20 61.16
C THR FA 116 43.61 -67.33 60.37
N ASN FA 117 43.57 -68.08 59.27
CA ASN FA 117 44.75 -68.17 58.42
C ASN FA 117 44.88 -66.98 57.49
N GLU FA 118 43.78 -66.52 56.91
CA GLU FA 118 43.86 -65.62 55.77
C GLU FA 118 43.70 -64.15 56.11
N TYR FA 119 43.47 -63.77 57.36
CA TYR FA 119 43.18 -62.37 57.64
C TYR FA 119 43.90 -61.85 58.88
N LYS FA 120 44.27 -60.57 58.83
CA LYS FA 120 44.87 -59.92 59.99
C LYS FA 120 43.88 -59.77 61.12
N ARG FA 121 42.71 -59.23 60.82
CA ARG FA 121 41.83 -58.76 61.88
C ARG FA 121 40.40 -58.80 61.38
N PHE FA 122 39.49 -58.88 62.32
CA PHE FA 122 38.08 -58.91 61.99
C PHE FA 122 37.28 -58.39 63.16
N ARG FA 123 36.13 -57.82 62.87
CA ARG FA 123 35.19 -57.45 63.90
C ARG FA 123 33.81 -57.61 63.30
N PRO FA 124 32.82 -57.99 64.09
CA PRO FA 124 31.46 -58.08 63.54
C PRO FA 124 30.94 -56.71 63.18
N LYS FA 125 30.48 -56.57 61.94
CA LYS FA 125 29.95 -55.31 61.47
C LYS FA 125 28.47 -55.14 61.83
N GLY FA 126 27.68 -56.19 61.66
CA GLY FA 126 26.25 -56.10 61.88
C GLY FA 126 25.70 -57.48 62.15
N MET FA 127 24.41 -57.50 62.49
CA MET FA 127 23.76 -58.74 62.88
C MET FA 127 22.29 -58.66 62.49
N HIS FA 128 21.75 -59.76 62.01
CA HIS FA 128 20.37 -59.81 61.56
C HIS FA 128 19.78 -61.13 62.01
N VAL FA 129 18.70 -61.07 62.78
CA VAL FA 129 18.13 -62.26 63.39
C VAL FA 129 16.67 -62.36 62.96
N LYS FA 130 16.22 -63.57 62.66
CA LYS FA 130 14.86 -63.80 62.21
C LYS FA 130 14.28 -64.99 62.95
N ILE FA 131 13.18 -64.76 63.66
CA ILE FA 131 12.37 -65.83 64.22
C ILE FA 131 11.31 -66.14 63.19
N TYR FA 132 11.09 -67.42 62.91
CA TYR FA 132 10.07 -67.79 61.95
C TYR FA 132 9.76 -69.27 62.08
N ASN FA 133 8.80 -69.73 61.30
CA ASN FA 133 8.36 -71.12 61.31
C ASN FA 133 8.02 -71.59 62.72
N LEU FA 134 7.20 -70.82 63.41
CA LEU FA 134 6.86 -71.12 64.79
C LEU FA 134 5.83 -72.23 64.86
N GLN FA 135 5.84 -72.95 65.98
CA GLN FA 135 4.90 -74.05 66.21
C GLN FA 135 4.55 -74.08 67.69
N ILE FA 136 3.27 -74.22 68.02
CA ILE FA 136 2.83 -74.36 69.40
C ILE FA 136 2.18 -75.73 69.51
N LYS FA 137 2.79 -76.62 70.29
CA LYS FA 137 2.40 -78.02 70.19
C LYS FA 137 1.49 -78.56 71.29
N GLN FA 138 1.18 -77.78 72.33
CA GLN FA 138 0.13 -78.19 73.27
C GLN FA 138 0.41 -79.56 73.89
N ILE FA 139 1.35 -79.59 74.84
CA ILE FA 139 1.63 -80.83 75.56
C ILE FA 139 0.35 -81.35 76.21
N LEU FA 140 0.14 -82.66 76.10
CA LEU FA 140 -0.91 -83.34 76.86
C LEU FA 140 -0.32 -84.54 77.59
N SER FA 141 -0.94 -84.88 78.72
CA SER FA 141 -0.56 -86.05 79.49
C SER FA 141 -1.81 -86.79 79.91
N ASN FA 142 -1.95 -88.03 79.47
CA ASN FA 142 -2.99 -88.93 79.93
C ASN FA 142 -2.52 -89.75 81.11
N GLY FA 143 -1.34 -89.45 81.63
CA GLY FA 143 -0.61 -90.30 82.55
C GLY FA 143 0.41 -91.09 81.76
N ALA FA 144 1.59 -91.27 82.34
CA ALA FA 144 2.77 -91.80 81.66
C ALA FA 144 2.94 -91.02 80.35
N ASP FA 145 3.37 -91.65 79.26
CA ASP FA 145 3.28 -91.22 77.87
C ASP FA 145 3.52 -89.74 77.62
N THR FA 146 2.79 -89.18 76.65
CA THR FA 146 2.51 -87.78 76.33
C THR FA 146 1.82 -87.76 74.98
N THR FA 147 1.15 -86.67 74.64
CA THR FA 147 0.65 -86.46 73.30
C THR FA 147 0.78 -84.98 72.97
N TYR FA 148 0.92 -84.69 71.68
CA TYR FA 148 1.10 -83.33 71.20
C TYR FA 148 0.06 -83.11 70.11
N ASN FA 149 -0.92 -82.24 70.38
CA ASN FA 149 -2.03 -82.09 69.45
C ASN FA 149 -1.73 -81.05 68.40
N ASN FA 150 -0.50 -80.57 68.37
CA ASN FA 150 -0.15 -79.31 67.74
C ASN FA 150 -1.02 -78.27 68.41
N ASP FA 151 -1.40 -77.23 67.68
CA ASP FA 151 -2.26 -76.18 68.22
C ASP FA 151 -2.35 -75.09 67.17
N LEU FA 152 -3.39 -74.29 67.27
CA LEU FA 152 -3.47 -73.03 66.57
C LEU FA 152 -4.05 -72.05 67.57
N THR FA 153 -4.26 -70.81 67.14
CA THR FA 153 -4.76 -69.76 68.01
C THR FA 153 -3.98 -69.70 69.32
N ALA FA 154 -2.67 -69.82 69.24
CA ALA FA 154 -1.77 -69.65 70.38
C ALA FA 154 -0.69 -68.67 70.00
N GLY FA 155 0.08 -68.22 70.98
CA GLY FA 155 0.97 -67.09 70.78
C GLY FA 155 2.26 -67.24 71.54
N VAL FA 156 3.22 -66.41 71.12
CA VAL FA 156 4.57 -66.39 71.67
C VAL FA 156 5.00 -64.95 71.79
N HIS FA 157 5.42 -64.56 72.98
CA HIS FA 157 5.95 -63.22 73.20
C HIS FA 157 7.41 -63.18 72.77
N ILE FA 158 7.78 -62.13 72.05
CA ILE FA 158 9.17 -61.95 71.62
C ILE FA 158 9.54 -60.50 71.86
N PHE FA 159 10.60 -60.30 72.63
CA PHE FA 159 11.00 -58.97 73.07
C PHE FA 159 12.50 -58.81 72.89
N CYS FA 160 12.92 -57.64 72.44
CA CYS FA 160 14.32 -57.33 72.23
C CYS FA 160 14.69 -56.07 72.98
N ASP FA 161 15.96 -55.96 73.38
CA ASP FA 161 16.48 -54.77 74.05
C ASP FA 161 17.28 -53.93 73.07
N GLY FA 162 16.74 -52.78 72.68
CA GLY FA 162 17.56 -51.84 71.95
C GLY FA 162 18.20 -50.83 72.88
N GLU FA 163 17.57 -50.61 74.03
CA GLU FA 163 18.07 -49.66 75.00
C GLU FA 163 18.99 -50.29 76.02
N HIS FA 164 19.02 -51.62 76.10
CA HIS FA 164 19.68 -52.36 77.17
C HIS FA 164 19.22 -51.93 78.54
N ALA FA 165 17.99 -51.44 78.67
CA ALA FA 165 17.29 -51.55 79.94
C ALA FA 165 17.08 -53.03 80.21
N TYR FA 166 16.84 -53.35 81.47
CA TYR FA 166 16.74 -54.71 81.98
C TYR FA 166 18.12 -55.32 82.20
N PRO FA 167 18.22 -56.24 83.14
CA PRO FA 167 19.53 -56.72 83.61
C PRO FA 167 20.37 -57.51 82.62
N ASN FA 168 19.87 -57.84 81.43
CA ASN FA 168 20.62 -58.47 80.33
C ASN FA 168 21.42 -59.72 80.73
N ALA FA 169 20.72 -60.85 80.80
CA ALA FA 169 21.29 -62.11 81.30
C ALA FA 169 22.66 -62.41 80.73
N THR FA 170 22.89 -62.13 79.45
CA THR FA 170 24.07 -62.64 78.76
C THR FA 170 25.35 -62.30 79.52
N HIS FA 171 26.12 -63.32 79.82
CA HIS FA 171 27.44 -63.27 80.41
C HIS FA 171 28.37 -64.00 79.45
N PRO FA 172 29.61 -63.54 79.28
CA PRO FA 172 30.43 -64.08 78.19
C PRO FA 172 30.51 -65.58 78.09
N TRP FA 173 30.81 -66.28 79.17
CA TRP FA 173 31.08 -67.72 79.04
C TRP FA 173 29.78 -68.49 79.11
N ASP FA 174 29.19 -68.57 80.30
CA ASP FA 174 27.90 -69.24 80.51
C ASP FA 174 27.97 -70.61 79.86
N GLU FA 175 26.97 -71.00 79.08
CA GLU FA 175 26.80 -72.32 78.53
C GLU FA 175 26.21 -72.06 77.15
N ASP FA 176 25.67 -73.10 76.53
CA ASP FA 176 24.61 -72.97 75.52
C ASP FA 176 25.10 -72.04 74.40
N VAL FA 177 24.56 -70.83 74.27
CA VAL FA 177 24.65 -69.99 73.10
C VAL FA 177 24.00 -70.84 72.01
N MET FA 178 24.45 -70.73 70.78
CA MET FA 178 23.93 -71.60 69.76
C MET FA 178 24.74 -72.88 69.78
N PRO FA 179 24.14 -74.03 69.49
CA PRO FA 179 24.96 -75.22 69.37
C PRO FA 179 25.92 -75.02 68.22
N GLU FA 180 27.20 -75.26 68.46
CA GLU FA 180 28.20 -75.03 67.42
C GLU FA 180 27.87 -75.78 66.16
N LEU FA 181 27.04 -76.80 66.27
CA LEU FA 181 26.72 -77.72 65.19
C LEU FA 181 25.27 -77.51 64.80
N PRO FA 182 24.94 -77.17 63.55
CA PRO FA 182 23.51 -77.03 63.20
C PRO FA 182 22.77 -78.35 63.32
N TYR FA 183 21.51 -78.39 62.91
CA TYR FA 183 20.64 -79.58 63.00
C TYR FA 183 20.47 -80.01 64.45
N GLN FA 184 21.22 -79.41 65.35
CA GLN FA 184 21.14 -79.72 66.77
C GLN FA 184 20.17 -78.74 67.40
N THR FA 185 19.08 -79.27 67.93
CA THR FA 185 18.04 -78.40 68.47
C THR FA 185 18.58 -77.57 69.62
N TRP FA 186 18.09 -76.35 69.74
CA TRP FA 186 18.66 -75.39 70.67
C TRP FA 186 17.66 -75.11 71.78
N TYR FA 187 17.94 -75.60 72.97
CA TYR FA 187 17.08 -75.40 74.11
C TYR FA 187 17.41 -74.08 74.77
N LEU FA 188 16.42 -73.22 74.89
CA LEU FA 188 16.60 -71.92 75.53
C LEU FA 188 16.70 -72.08 77.04
N PHE FA 189 17.23 -71.05 77.67
CA PHE FA 189 17.46 -71.04 79.10
C PHE FA 189 16.70 -69.88 79.75
N GLN FA 190 16.30 -70.12 81.00
CA GLN FA 190 15.46 -69.16 81.69
C GLN FA 190 16.21 -67.86 81.96
N TYR FA 191 15.49 -66.75 81.89
CA TYR FA 191 16.08 -65.46 82.17
C TYR FA 191 15.96 -65.13 83.65
N GLY FA 192 17.06 -64.72 84.25
CA GLY FA 192 17.07 -64.33 85.65
C GLY FA 192 18.13 -63.28 85.86
N TYR FA 193 18.11 -62.68 87.04
CA TYR FA 193 19.09 -61.66 87.33
C TYR FA 193 19.24 -61.49 88.82
N ILE FA 194 20.38 -60.95 89.23
CA ILE FA 194 20.65 -60.67 90.64
C ILE FA 194 20.11 -59.28 90.96
N PRO FA 195 19.03 -59.15 91.74
CA PRO FA 195 18.60 -57.81 92.13
C PRO FA 195 19.59 -57.11 93.04
N VAL FA 196 20.09 -57.79 94.07
CA VAL FA 196 21.03 -57.24 95.04
C VAL FA 196 21.81 -58.38 95.67
N ILE FA 197 23.02 -58.07 96.14
CA ILE FA 197 23.83 -59.03 96.89
C ILE FA 197 23.00 -59.58 98.04
N HIS FA 198 22.98 -60.91 98.17
CA HIS FA 198 22.13 -61.51 99.18
C HIS FA 198 22.56 -61.12 100.58
N GLU FA 199 23.83 -61.36 100.91
CA GLU FA 199 24.38 -60.72 102.09
C GLU FA 199 24.31 -59.22 101.89
N LEU FA 200 24.32 -58.45 102.97
CA LEU FA 200 24.01 -57.02 102.87
C LEU FA 200 22.58 -56.82 102.40
N ALA FA 201 21.64 -56.89 103.36
CA ALA FA 201 20.20 -57.18 103.22
C ALA FA 201 19.80 -58.60 103.58
N GLU FA 202 20.72 -59.41 104.09
CA GLU FA 202 20.33 -60.75 104.55
C GLU FA 202 19.07 -60.83 105.44
N MET FA 203 18.85 -59.96 106.43
CA MET FA 203 19.77 -59.02 107.02
C MET FA 203 19.85 -59.34 108.51
N GLU FA 204 20.93 -58.92 109.19
CA GLU FA 204 21.12 -59.35 110.56
C GLU FA 204 20.59 -58.33 111.56
N ASP FA 205 19.47 -58.67 112.19
CA ASP FA 205 18.89 -57.91 113.30
C ASP FA 205 18.82 -56.43 112.98
N SER FA 206 19.08 -55.59 113.98
CA SER FA 206 19.42 -54.17 113.79
C SER FA 206 18.43 -53.53 112.74
N ASN FA 207 18.77 -52.95 111.57
CA ASN FA 207 20.08 -52.59 111.02
C ASN FA 207 20.02 -51.19 110.44
N ALA FA 208 19.16 -51.05 109.43
CA ALA FA 208 18.84 -49.81 108.72
C ALA FA 208 19.91 -49.45 107.70
N VAL FA 209 21.10 -50.02 107.83
CA VAL FA 209 22.08 -49.93 106.75
C VAL FA 209 21.82 -51.03 105.72
N GLU FA 210 21.46 -52.23 106.18
CA GLU FA 210 21.04 -53.26 105.24
C GLU FA 210 19.53 -53.24 105.01
N LYS FA 211 18.79 -52.50 105.84
CA LYS FA 211 17.39 -52.26 105.51
C LYS FA 211 17.29 -51.47 104.23
N ALA FA 212 17.96 -50.33 104.17
CA ALA FA 212 18.30 -49.79 102.87
C ALA FA 212 19.23 -50.76 102.16
N ILE FA 213 19.18 -50.72 100.83
CA ILE FA 213 19.80 -51.69 99.93
C ILE FA 213 18.94 -52.96 99.88
N CYS FA 214 18.15 -53.20 100.92
CA CYS FA 214 17.07 -54.16 100.79
C CYS FA 214 15.81 -53.52 100.24
N LEU FA 215 15.51 -52.32 100.72
CA LEU FA 215 14.36 -51.58 100.21
C LEU FA 215 14.60 -51.14 98.77
N GLN FA 216 15.85 -50.93 98.39
CA GLN FA 216 16.12 -50.35 97.10
C GLN FA 216 16.29 -51.39 96.01
N ILE FA 217 16.11 -52.67 96.31
CA ILE FA 217 16.38 -53.67 95.29
C ILE FA 217 15.38 -53.42 94.16
N PRO FA 218 15.84 -53.22 92.94
CA PRO FA 218 14.92 -52.98 91.84
C PRO FA 218 14.29 -54.28 91.40
N PHE FA 219 13.10 -54.17 90.83
CA PHE FA 219 12.38 -55.33 90.32
C PHE FA 219 11.98 -55.04 88.89
N PHE FA 220 12.57 -55.79 87.97
CA PHE FA 220 12.38 -55.58 86.55
C PHE FA 220 11.44 -56.64 86.01
N MET FA 221 10.62 -56.24 85.03
CA MET FA 221 9.63 -57.10 84.45
C MET FA 221 9.64 -56.85 82.95
N LEU FA 222 9.59 -57.91 82.18
CA LEU FA 222 9.63 -57.75 80.74
C LEU FA 222 8.26 -57.46 80.16
N GLU FA 223 7.24 -57.30 81.00
CA GLU FA 223 5.93 -57.02 80.45
C GLU FA 223 5.86 -55.56 80.06
N ASN FA 224 5.70 -54.64 81.03
CA ASN FA 224 6.27 -53.29 80.92
C ASN FA 224 6.34 -52.80 79.49
N SER FA 225 7.55 -52.54 79.02
CA SER FA 225 7.76 -52.13 77.63
C SER FA 225 7.13 -53.14 76.66
N ASP FA 226 6.54 -52.62 75.60
CA ASP FA 226 5.76 -53.44 74.69
C ASP FA 226 6.63 -54.38 73.89
N HIS FA 227 6.02 -55.45 73.39
CA HIS FA 227 6.70 -56.44 72.59
C HIS FA 227 5.68 -57.19 71.75
N GLU FA 228 6.18 -57.91 70.77
CA GLU FA 228 5.31 -58.57 69.81
C GLU FA 228 4.91 -59.95 70.28
N VAL FA 229 3.66 -60.31 70.00
CA VAL FA 229 3.18 -61.67 70.15
C VAL FA 229 3.03 -62.23 68.75
N LEU FA 230 3.26 -63.53 68.59
CA LEU FA 230 3.22 -64.16 67.28
C LEU FA 230 2.42 -65.43 67.35
N ARG FA 231 1.46 -65.58 66.46
CA ARG FA 231 0.93 -66.91 66.23
C ARG FA 231 1.85 -67.63 65.25
N THR FA 232 1.41 -68.78 64.74
CA THR FA 232 2.26 -69.57 63.86
C THR FA 232 2.66 -68.81 62.60
N GLY FA 233 1.69 -68.35 61.82
CA GLY FA 233 2.01 -67.79 60.51
C GLY FA 233 2.91 -66.58 60.54
N GLU FA 234 2.97 -65.87 61.66
CA GLU FA 234 3.77 -64.67 61.77
C GLU FA 234 5.24 -64.98 62.05
N SER FA 235 6.10 -64.02 61.70
CA SER FA 235 7.52 -64.07 62.03
C SER FA 235 7.97 -62.71 62.54
N THR FA 236 9.27 -62.59 62.82
CA THR FA 236 9.84 -61.35 63.30
C THR FA 236 11.29 -61.27 62.88
N GLU FA 237 11.76 -60.05 62.61
CA GLU FA 237 13.15 -59.79 62.31
C GLU FA 237 13.73 -58.85 63.34
N PHE FA 238 15.04 -58.92 63.52
CA PHE FA 238 15.77 -57.97 64.35
C PHE FA 238 17.10 -57.68 63.69
N THR FA 239 17.53 -56.43 63.77
CA THR FA 239 18.83 -56.03 63.26
C THR FA 239 19.67 -55.45 64.38
N PHE FA 240 20.99 -55.46 64.17
CA PHE FA 240 21.90 -54.89 65.13
C PHE FA 240 23.09 -54.32 64.39
N ASN FA 241 23.64 -53.24 64.91
CA ASN FA 241 24.86 -52.65 64.41
C ASN FA 241 25.84 -52.55 65.55
N PHE FA 242 27.13 -52.63 65.23
CA PHE FA 242 28.17 -52.73 66.23
C PHE FA 242 29.12 -51.55 66.12
N ASP FA 243 29.27 -50.81 67.20
CA ASP FA 243 30.44 -49.98 67.41
C ASP FA 243 31.41 -50.84 68.19
N CYS FA 244 32.48 -51.27 67.54
CA CYS FA 244 33.20 -52.44 68.01
C CYS FA 244 34.67 -52.32 67.66
N GLU FA 245 35.51 -52.84 68.54
CA GLU FA 245 36.95 -52.83 68.34
C GLU FA 245 37.38 -54.06 67.57
N TRP FA 246 38.37 -53.89 66.70
CA TRP FA 246 38.94 -55.02 65.97
C TRP FA 246 39.52 -56.03 66.94
N ILE FA 247 39.46 -57.29 66.57
CA ILE FA 247 40.25 -58.34 67.22
C ILE FA 247 41.31 -58.77 66.23
N ASN FA 248 42.56 -58.73 66.65
CA ASN FA 248 43.68 -58.81 65.73
C ASN FA 248 44.27 -60.21 65.74
N ASN FA 249 44.35 -60.82 64.57
CA ASN FA 249 45.09 -62.05 64.36
C ASN FA 249 46.42 -61.67 63.74
N GLU FA 250 47.48 -61.76 64.54
CA GLU FA 250 48.81 -61.25 64.23
C GLU FA 250 49.72 -61.69 65.35
N ARG FA 251 51.01 -61.68 65.08
CA ARG FA 251 51.99 -62.21 66.00
C ARG FA 251 53.21 -61.32 65.99
N ALA FA 252 53.69 -60.97 67.18
CA ALA FA 252 54.94 -60.25 67.31
C ALA FA 252 56.05 -61.28 67.47
N TYR FA 253 56.99 -61.27 66.54
CA TYR FA 253 58.08 -62.22 66.57
C TYR FA 253 59.16 -61.83 67.59
N ILE FA 254 59.12 -60.61 68.10
CA ILE FA 254 60.04 -60.17 69.14
C ILE FA 254 59.30 -59.32 70.16
N PRO FA 255 59.80 -59.24 71.39
CA PRO FA 255 59.25 -58.29 72.34
C PRO FA 255 59.38 -56.87 71.81
N PRO FA 256 58.54 -55.96 72.28
CA PRO FA 256 58.67 -54.57 71.80
C PRO FA 256 59.96 -53.91 72.23
N GLY FA 257 60.54 -54.34 73.33
CA GLY FA 257 61.81 -53.79 73.76
C GLY FA 257 63.01 -54.34 73.04
N LEU FA 258 62.81 -55.32 72.17
CA LEU FA 258 63.89 -55.97 71.45
C LEU FA 258 64.12 -55.34 70.08
N MET FA 259 63.43 -54.24 69.78
CA MET FA 259 63.53 -53.60 68.47
C MET FA 259 64.67 -52.60 68.50
N PHE FA 260 65.74 -52.91 67.79
CA PHE FA 260 66.89 -52.02 67.63
C PHE FA 260 67.89 -52.72 66.75
N ASN FA 261 68.81 -51.95 66.20
CA ASN FA 261 69.88 -52.52 65.42
C ASN FA 261 71.03 -52.83 66.36
N PRO FA 262 71.28 -54.10 66.67
CA PRO FA 262 72.31 -54.44 67.65
C PRO FA 262 73.71 -54.19 67.14
N LEU FA 263 73.88 -54.03 65.83
CA LEU FA 263 75.19 -53.74 65.28
C LEU FA 263 75.65 -52.35 65.68
N VAL FA 264 74.74 -51.39 65.66
CA VAL FA 264 75.14 -50.00 65.87
C VAL FA 264 75.41 -49.75 67.34
N PRO FA 265 76.53 -49.11 67.71
CA PRO FA 265 76.75 -48.77 69.11
C PRO FA 265 75.73 -47.75 69.59
N THR FA 266 75.61 -47.66 70.91
CA THR FA 266 74.64 -46.75 71.51
C THR FA 266 75.36 -45.67 72.30
N ARG FA 267 74.75 -44.49 72.36
CA ARG FA 267 75.23 -43.46 73.26
C ARG FA 267 74.37 -43.42 74.51
N ARG FA 268 74.90 -43.99 75.58
CA ARG FA 268 74.20 -44.18 76.85
C ARG FA 268 75.21 -44.76 77.81
N ALA FA 269 74.92 -44.71 79.11
CA ALA FA 269 75.87 -45.23 80.08
C ALA FA 269 75.13 -45.86 81.24
N GLN FA 270 75.83 -46.77 81.91
CA GLN FA 270 75.30 -47.49 83.06
C GLN FA 270 76.17 -47.15 84.26
N TYR FA 271 75.63 -46.44 85.22
CA TYR FA 271 76.25 -46.33 86.53
C TYR FA 271 75.73 -47.47 87.36
N ILE FA 272 76.60 -48.14 88.08
CA ILE FA 272 76.23 -49.26 88.92
C ILE FA 272 76.72 -48.98 90.33
N ARG FA 273 75.80 -49.02 91.29
CA ARG FA 273 76.13 -48.69 92.67
C ARG FA 273 77.15 -49.68 93.24
N ARG FA 274 77.88 -49.23 94.25
CA ARG FA 274 78.73 -50.12 95.02
C ARG FA 274 77.93 -51.33 95.48
N ASN FA 275 78.50 -52.51 95.29
CA ASN FA 275 77.70 -53.73 95.44
C ASN FA 275 77.48 -54.10 96.90
N ASN FA 276 78.38 -53.67 97.79
CA ASN FA 276 78.24 -53.92 99.22
C ASN FA 276 78.03 -55.41 99.48
N ASN FA 277 79.11 -56.18 99.31
CA ASN FA 277 79.13 -57.63 99.20
C ASN FA 277 78.51 -58.00 97.85
N PRO FA 278 79.02 -59.06 97.20
CA PRO FA 278 80.34 -59.66 97.48
C PRO FA 278 81.54 -58.74 97.23
N GLN FA 279 81.52 -58.04 96.10
CA GLN FA 279 82.73 -57.41 95.59
C GLN FA 279 82.34 -56.46 94.44
N THR FA 280 83.31 -56.00 93.64
CA THR FA 280 83.06 -55.18 92.46
C THR FA 280 82.49 -53.82 92.78
N ALA FA 281 83.35 -52.91 93.23
CA ALA FA 281 82.96 -51.54 93.54
C ALA FA 281 82.44 -50.82 92.29
N GLU FA 282 81.72 -49.73 92.54
CA GLU FA 282 80.93 -49.06 91.52
C GLU FA 282 81.78 -48.67 90.32
N SER FA 283 81.15 -48.71 89.14
CA SER FA 283 81.79 -48.29 87.91
C SER FA 283 80.73 -47.84 86.92
N THR FA 284 81.10 -46.91 86.05
CA THR FA 284 80.26 -46.50 84.93
C THR FA 284 80.84 -47.04 83.63
N SER FA 285 79.95 -47.34 82.68
CA SER FA 285 80.37 -47.95 81.43
C SER FA 285 79.34 -47.67 80.37
N ARG FA 286 79.76 -47.79 79.11
CA ARG FA 286 78.85 -47.62 78.00
C ARG FA 286 78.03 -48.87 77.80
N ILE FA 287 76.76 -48.69 77.45
CA ILE FA 287 75.88 -49.82 77.21
C ILE FA 287 76.32 -50.53 75.93
N ALA FA 288 76.36 -51.86 75.99
CA ALA FA 288 76.82 -52.66 74.87
C ALA FA 288 75.93 -52.42 73.65
N PRO FA 289 76.48 -52.62 72.45
CA PRO FA 289 75.66 -52.38 71.25
C PRO FA 289 74.43 -53.27 71.20
N TYR FA 290 74.61 -54.55 71.45
CA TYR FA 290 73.47 -55.41 71.73
C TYR FA 290 72.89 -55.04 73.08
N ALA FA 291 71.65 -55.45 73.32
CA ALA FA 291 71.00 -55.26 74.61
C ALA FA 291 70.94 -53.78 74.99
N LYS FA 292 70.41 -52.98 74.09
CA LYS FA 292 70.19 -51.59 74.39
C LYS FA 292 68.97 -51.45 75.29
N PRO FA 293 68.93 -50.43 76.13
CA PRO FA 293 67.77 -50.23 77.00
C PRO FA 293 66.54 -49.89 76.17
N THR FA 294 65.39 -50.01 76.81
CA THR FA 294 64.14 -49.79 76.11
C THR FA 294 63.18 -48.98 76.96
N SER FA 295 62.24 -48.34 76.27
CA SER FA 295 60.96 -47.96 76.81
C SER FA 295 60.05 -49.18 76.78
N TRP FA 296 58.75 -48.92 76.85
CA TRP FA 296 57.80 -49.98 76.56
C TRP FA 296 57.83 -51.10 77.58
N MET FA 297 57.27 -50.77 78.74
CA MET FA 297 57.00 -51.63 79.87
C MET FA 297 56.03 -52.76 79.48
N THR FA 298 56.07 -53.83 80.27
CA THR FA 298 55.19 -54.96 80.05
C THR FA 298 53.76 -54.64 80.48
N GLY FA 299 52.81 -55.37 79.92
CA GLY FA 299 51.42 -55.22 80.27
C GLY FA 299 51.15 -55.61 81.70
N PRO FA 300 50.06 -55.12 82.25
CA PRO FA 300 49.77 -55.34 83.67
C PRO FA 300 49.20 -56.72 83.95
N GLY FA 301 49.40 -57.17 85.17
CA GLY FA 301 48.84 -58.42 85.64
C GLY FA 301 48.81 -58.43 87.14
N LEU FA 302 48.12 -59.40 87.72
CA LEU FA 302 48.16 -59.64 89.15
C LEU FA 302 48.47 -61.11 89.39
N LEU FA 303 49.70 -61.39 89.83
CA LEU FA 303 50.15 -62.76 90.03
C LEU FA 303 50.25 -63.22 91.48
N SER FA 304 50.00 -62.37 92.47
CA SER FA 304 50.39 -62.74 93.83
C SER FA 304 49.37 -63.68 94.48
N ALA FA 305 48.09 -63.46 94.23
CA ALA FA 305 47.01 -64.10 94.95
C ALA FA 305 46.92 -65.59 94.62
N GLN FA 306 46.19 -66.31 95.47
CA GLN FA 306 45.88 -67.71 95.25
C GLN FA 306 44.40 -67.94 95.54
N ARG FA 307 43.77 -68.79 94.74
CA ARG FA 307 42.36 -69.09 94.95
C ARG FA 307 42.14 -69.64 96.35
N VAL FA 308 41.02 -69.26 96.96
CA VAL FA 308 40.82 -69.40 98.39
C VAL FA 308 39.67 -70.35 98.67
N GLY FA 309 39.99 -71.50 99.24
CA GLY FA 309 39.00 -72.34 99.87
C GLY FA 309 38.37 -73.34 98.94
N PRO FA 310 37.27 -73.94 99.38
CA PRO FA 310 36.65 -75.04 98.62
C PRO FA 310 35.89 -74.53 97.42
N ALA FA 311 35.71 -75.42 96.45
CA ALA FA 311 34.90 -75.10 95.28
C ALA FA 311 33.44 -74.91 95.69
N THR FA 312 32.68 -74.24 94.81
CA THR FA 312 31.31 -73.80 94.97
C THR FA 312 31.22 -72.60 95.90
N SER FA 313 32.32 -72.18 96.52
CA SER FA 313 32.37 -71.00 97.37
C SER FA 313 32.83 -69.76 96.61
N ASP FA 314 32.96 -69.84 95.29
CA ASP FA 314 33.48 -68.74 94.48
C ASP FA 314 34.92 -68.40 94.85
N THR FA 315 35.85 -69.25 94.46
CA THR FA 315 37.25 -68.97 94.70
C THR FA 315 37.82 -68.25 93.49
N GLY FA 316 38.07 -66.95 93.63
CA GLY FA 316 38.58 -66.18 92.51
C GLY FA 316 40.02 -65.76 92.59
N ALA FA 317 40.61 -65.88 93.79
CA ALA FA 317 41.91 -65.37 94.21
C ALA FA 317 41.91 -63.84 94.28
N TRP FA 318 40.97 -63.15 93.65
CA TRP FA 318 40.78 -61.72 93.82
C TRP FA 318 39.29 -61.49 93.89
N MET FA 319 38.82 -60.99 95.03
CA MET FA 319 37.42 -60.69 95.22
C MET FA 319 37.25 -59.18 95.21
N VAL FA 320 36.33 -58.69 94.39
CA VAL FA 320 36.12 -57.26 94.29
C VAL FA 320 35.26 -56.75 95.44
N ALA FA 321 34.19 -57.48 95.75
CA ALA FA 321 33.24 -57.16 96.82
C ALA FA 321 32.75 -55.71 96.82
N VAL FA 322 32.35 -55.24 98.01
CA VAL FA 322 31.89 -53.87 98.22
C VAL FA 322 32.39 -53.32 99.54
N LYS FA 323 31.96 -53.94 100.64
CA LYS FA 323 32.22 -53.46 101.99
C LYS FA 323 31.68 -52.05 102.26
N PRO FA 324 30.35 -51.89 102.33
CA PRO FA 324 29.81 -50.66 102.90
C PRO FA 324 30.24 -50.52 104.36
N GLU FA 325 30.16 -49.28 104.86
CA GLU FA 325 30.92 -48.94 106.06
C GLU FA 325 30.43 -49.72 107.28
N ASN FA 326 29.11 -49.85 107.44
CA ASN FA 326 28.62 -50.67 108.54
C ASN FA 326 28.11 -52.02 108.04
N ALA FA 327 26.91 -52.03 107.48
CA ALA FA 327 26.23 -53.21 106.99
C ALA FA 327 26.28 -54.30 108.07
N SER FA 328 26.40 -55.55 107.64
CA SER FA 328 26.86 -56.66 108.45
C SER FA 328 27.28 -57.75 107.50
N ILE FA 329 28.16 -58.63 107.96
CA ILE FA 329 28.72 -59.64 107.08
C ILE FA 329 28.87 -60.94 107.84
N ASP FA 330 28.50 -62.03 107.19
CA ASP FA 330 28.66 -63.38 107.70
C ASP FA 330 30.12 -63.79 107.49
N THR FA 331 30.42 -65.08 107.63
CA THR FA 331 31.71 -65.56 107.19
C THR FA 331 31.97 -65.09 105.76
N GLY FA 332 33.16 -64.59 105.51
CA GLY FA 332 33.44 -63.91 104.26
C GLY FA 332 33.66 -62.41 104.41
N MET FA 333 34.22 -61.71 103.42
CA MET FA 333 34.76 -62.16 102.12
C MET FA 333 33.85 -63.15 101.37
N SER FA 334 34.37 -64.34 101.04
CA SER FA 334 33.58 -65.42 100.46
C SER FA 334 32.85 -64.97 99.15
N GLY FA 335 31.51 -64.87 99.00
CA GLY FA 335 30.46 -64.63 99.98
C GLY FA 335 29.93 -63.21 99.86
N ILE FA 336 30.79 -62.33 99.34
CA ILE FA 336 30.36 -61.03 98.83
C ILE FA 336 31.25 -60.73 97.63
N GLY FA 337 30.67 -60.03 96.66
CA GLY FA 337 31.41 -59.68 95.46
C GLY FA 337 31.79 -60.88 94.62
N SER FA 338 32.62 -60.62 93.62
CA SER FA 338 32.87 -61.57 92.54
C SER FA 338 34.36 -61.84 92.45
N GLY FA 339 34.69 -63.06 92.03
CA GLY FA 339 36.08 -63.38 91.76
C GLY FA 339 36.53 -62.77 90.44
N PHE FA 340 37.74 -62.24 90.43
CA PHE FA 340 38.33 -61.66 89.23
C PHE FA 340 39.18 -62.70 88.54
N ASP FA 341 38.85 -63.00 87.29
CA ASP FA 341 39.46 -64.12 86.59
C ASP FA 341 39.59 -63.81 85.10
N PRO FA 342 40.70 -64.23 84.47
CA PRO FA 342 42.02 -64.52 85.03
C PRO FA 342 42.87 -63.29 85.31
N PRO FA 343 43.41 -63.17 86.52
CA PRO FA 343 44.67 -62.45 86.67
C PRO FA 343 45.88 -63.38 86.52
N GLN FA 344 47.01 -63.06 85.87
CA GLN FA 344 47.13 -62.29 84.63
C GLN FA 344 46.47 -60.88 84.67
N GLY FA 345 45.88 -60.29 83.61
CA GLY FA 345 46.01 -60.60 82.19
C GLY FA 345 47.42 -60.46 81.68
N SER FA 346 47.65 -60.92 80.45
CA SER FA 346 48.99 -60.97 79.88
C SER FA 346 49.94 -61.67 80.84
N LEU FA 347 51.16 -61.13 80.97
CA LEU FA 347 52.04 -61.40 82.10
C LEU FA 347 52.08 -62.89 82.44
N ALA FA 348 52.80 -63.68 81.64
CA ALA FA 348 52.61 -65.12 81.57
C ALA FA 348 52.50 -65.74 82.96
N PRO FA 349 51.50 -66.60 83.19
CA PRO FA 349 51.19 -67.05 84.55
C PRO FA 349 52.21 -68.04 85.09
N THR FA 350 52.15 -68.23 86.40
CA THR FA 350 53.01 -69.17 87.10
C THR FA 350 52.51 -70.60 86.92
N ASN FA 351 51.37 -70.92 87.49
CA ASN FA 351 50.86 -72.29 87.36
C ASN FA 351 49.49 -72.29 86.70
N LEU FA 352 48.92 -73.49 86.64
CA LEU FA 352 47.64 -73.74 85.98
C LEU FA 352 46.53 -72.88 86.55
N GLU FA 353 46.68 -72.46 87.81
CA GLU FA 353 45.60 -71.78 88.52
C GLU FA 353 45.17 -70.50 87.82
N TYR FA 354 46.07 -69.87 87.07
CA TYR FA 354 45.77 -68.64 86.35
C TYR FA 354 45.47 -68.86 84.87
N LYS FA 355 45.48 -70.09 84.40
CA LYS FA 355 45.64 -70.38 82.98
C LYS FA 355 44.30 -70.44 82.25
N ILE FA 356 43.23 -70.01 82.90
CA ILE FA 356 41.84 -70.21 82.53
C ILE FA 356 41.60 -71.71 82.45
N GLN FA 357 40.56 -72.12 81.72
CA GLN FA 357 40.19 -73.51 81.50
C GLN FA 357 38.75 -73.48 81.00
N TRP FA 358 38.25 -74.52 80.33
CA TRP FA 358 36.81 -74.71 80.19
C TRP FA 358 36.54 -76.12 79.75
N TYR FA 359 35.30 -76.57 79.96
CA TYR FA 359 34.98 -77.96 79.70
C TYR FA 359 34.42 -78.21 78.31
N GLN FA 360 34.05 -77.15 77.60
CA GLN FA 360 33.47 -77.23 76.24
C GLN FA 360 32.41 -78.32 76.14
N THR FA 361 31.66 -78.56 77.22
CA THR FA 361 30.69 -79.63 77.30
C THR FA 361 30.00 -79.56 78.65
N PRO FA 362 28.67 -79.67 78.69
CA PRO FA 362 28.00 -79.72 79.99
C PRO FA 362 28.22 -81.01 80.73
N GLN FA 363 28.47 -82.10 80.01
CA GLN FA 363 28.71 -83.39 80.66
C GLN FA 363 30.10 -83.45 81.29
N GLY FA 364 30.92 -82.43 81.08
CA GLY FA 364 32.29 -82.45 81.58
C GLY FA 364 32.41 -82.56 83.08
N THR FA 365 33.11 -83.60 83.54
CA THR FA 365 33.37 -83.80 84.96
C THR FA 365 34.61 -83.01 85.33
N ASN FA 366 35.16 -83.25 86.53
CA ASN FA 366 36.28 -82.45 87.00
C ASN FA 366 37.43 -82.46 86.00
N ASN FA 367 37.97 -83.64 85.67
CA ASN FA 367 38.87 -83.77 84.55
C ASN FA 367 38.21 -84.64 83.49
N ASN FA 368 37.73 -83.99 82.44
CA ASN FA 368 37.09 -84.53 81.25
C ASN FA 368 36.70 -83.30 80.45
N GLY FA 369 36.54 -83.40 79.15
CA GLY FA 369 36.46 -82.16 78.42
C GLY FA 369 37.71 -81.39 78.79
N ASN FA 370 37.52 -80.23 79.41
CA ASN FA 370 38.56 -79.63 80.25
C ASN FA 370 39.77 -79.20 79.44
N ILE FA 371 39.54 -78.50 78.34
CA ILE FA 371 40.66 -78.00 77.56
C ILE FA 371 41.20 -76.75 78.23
N ILE FA 372 42.50 -76.65 78.31
CA ILE FA 372 43.16 -75.61 79.10
C ILE FA 372 43.87 -74.66 78.15
N SER FA 373 43.79 -73.37 78.45
CA SER FA 373 44.45 -72.38 77.60
C SER FA 373 45.96 -72.58 77.64
N ASN FA 374 46.63 -72.08 76.60
CA ASN FA 374 48.05 -72.31 76.43
C ASN FA 374 48.69 -71.03 75.89
N GLN FA 375 50.01 -70.99 75.86
CA GLN FA 375 50.68 -69.79 75.37
C GLN FA 375 50.65 -69.75 73.85
N PRO FA 376 50.32 -68.60 73.26
CA PRO FA 376 50.30 -68.50 71.79
C PRO FA 376 51.67 -68.60 71.17
N LEU FA 377 52.72 -68.45 71.97
CA LEU FA 377 54.11 -68.31 71.55
C LEU FA 377 54.35 -66.96 70.88
N SER FA 378 53.31 -66.14 70.73
CA SER FA 378 53.50 -64.72 70.42
C SER FA 378 54.32 -64.07 71.52
N MET FA 379 55.13 -63.09 71.12
CA MET FA 379 56.09 -62.52 72.05
C MET FA 379 55.56 -61.31 72.81
N LEU FA 380 54.30 -60.95 72.65
CA LEU FA 380 53.88 -59.69 73.24
C LEU FA 380 53.65 -59.61 74.75
N ARG FA 381 52.65 -60.20 75.43
CA ARG FA 381 51.90 -61.48 75.38
C ARG FA 381 52.55 -62.56 76.26
N ASP FA 382 53.76 -62.31 76.76
CA ASP FA 382 54.31 -63.21 77.77
C ASP FA 382 54.68 -62.41 79.01
N GLN FA 383 55.64 -61.49 78.87
CA GLN FA 383 55.75 -60.33 79.75
C GLN FA 383 55.93 -60.70 81.21
N ALA FA 384 57.13 -61.16 81.54
CA ALA FA 384 57.52 -61.16 82.93
C ALA FA 384 57.91 -59.74 83.36
N LEU FA 385 58.29 -59.61 84.63
CA LEU FA 385 58.96 -58.41 85.09
C LEU FA 385 59.77 -58.80 86.32
N PHE FA 386 60.92 -58.15 86.51
CA PHE FA 386 61.95 -58.70 87.38
C PHE FA 386 62.35 -57.76 88.51
N ARG FA 387 62.77 -56.54 88.22
CA ARG FA 387 63.19 -55.62 89.29
C ARG FA 387 64.39 -56.26 90.01
N GLY FA 388 64.56 -56.00 91.31
CA GLY FA 388 65.56 -56.65 92.13
C GLY FA 388 66.98 -56.52 91.62
N ASN FA 389 67.89 -57.22 92.28
CA ASN FA 389 67.93 -57.28 93.73
C ASN FA 389 69.11 -56.40 94.12
N GLN FA 390 69.76 -55.89 93.08
CA GLN FA 390 71.16 -55.44 92.99
C GLN FA 390 72.08 -56.62 92.73
N THR FA 391 71.58 -57.85 92.89
CA THR FA 391 72.34 -59.07 92.67
C THR FA 391 71.60 -60.00 91.71
N THR FA 392 70.36 -60.35 92.04
CA THR FA 392 69.55 -61.25 91.23
C THR FA 392 68.28 -60.53 90.81
N TYR FA 393 67.68 -60.96 89.71
CA TYR FA 393 66.34 -60.52 89.35
C TYR FA 393 65.32 -61.44 89.98
N ASN FA 394 64.22 -60.87 90.46
CA ASN FA 394 63.18 -61.63 91.13
C ASN FA 394 61.81 -61.27 90.58
N LEU FA 395 61.16 -62.23 89.93
CA LEU FA 395 59.85 -61.99 89.33
C LEU FA 395 58.91 -61.34 90.33
N CYS FA 396 58.27 -60.25 89.92
CA CYS FA 396 57.51 -59.41 90.83
C CYS FA 396 56.02 -59.59 90.60
N SER FA 397 55.28 -59.73 91.70
CA SER FA 397 53.83 -59.73 91.71
C SER FA 397 53.31 -58.34 91.35
N ASP FA 398 52.01 -58.28 91.06
CA ASP FA 398 51.35 -57.07 90.60
C ASP FA 398 51.88 -56.67 89.23
N VAL FA 399 52.49 -55.49 89.10
CA VAL FA 399 52.60 -54.76 87.83
C VAL FA 399 51.25 -54.20 87.41
N TRP FA 400 50.87 -53.09 88.04
CA TRP FA 400 49.71 -52.30 87.69
C TRP FA 400 49.95 -51.51 86.41
N MET FA 401 49.01 -50.64 86.07
CA MET FA 401 49.16 -49.83 84.85
C MET FA 401 50.32 -48.85 84.98
N PHE FA 402 50.99 -48.63 83.87
CA PHE FA 402 52.18 -47.80 83.78
C PHE FA 402 52.21 -47.18 82.39
N PRO FA 403 52.78 -45.96 82.25
CA PRO FA 403 52.59 -45.20 81.01
C PRO FA 403 53.00 -45.91 79.72
N ASN FA 404 54.13 -46.59 79.69
CA ASN FA 404 54.64 -47.11 78.44
C ASN FA 404 54.21 -48.53 78.15
N GLN FA 405 53.28 -49.08 78.92
CA GLN FA 405 52.99 -50.50 78.81
C GLN FA 405 52.42 -50.87 77.46
N ILE FA 406 52.84 -52.04 76.97
CA ILE FA 406 52.17 -52.72 75.87
C ILE FA 406 51.88 -54.15 76.28
N TRP FA 407 50.65 -54.58 76.02
CA TRP FA 407 50.30 -55.98 76.13
C TRP FA 407 49.48 -56.33 74.91
N ASP FA 408 49.29 -57.62 74.70
CA ASP FA 408 48.50 -58.09 73.59
C ASP FA 408 47.22 -58.70 74.15
N ARG FA 409 46.10 -58.33 73.55
CA ARG FA 409 44.83 -58.83 74.02
C ARG FA 409 44.81 -60.35 73.91
N TYR FA 410 44.02 -60.98 74.77
CA TYR FA 410 44.01 -62.43 74.84
C TYR FA 410 43.77 -63.02 73.45
N PRO FA 411 44.53 -64.05 73.06
CA PRO FA 411 44.48 -64.53 71.67
C PRO FA 411 43.16 -65.12 71.25
N ILE FA 412 42.27 -65.34 72.21
CA ILE FA 412 40.99 -66.04 72.09
C ILE FA 412 41.16 -67.36 71.35
N THR FA 413 40.09 -67.79 70.67
CA THR FA 413 39.98 -69.10 70.03
C THR FA 413 38.55 -69.25 69.54
N ARG FA 414 38.24 -70.36 68.88
CA ARG FA 414 36.89 -70.55 68.36
C ARG FA 414 35.85 -70.69 69.46
N GLU FA 415 36.25 -71.08 70.66
CA GLU FA 415 35.32 -71.37 71.75
C GLU FA 415 34.91 -70.14 72.55
N ASN FA 416 35.39 -68.99 72.22
CA ASN FA 416 35.26 -67.85 73.11
C ASN FA 416 33.99 -67.08 72.85
N PRO FA 417 33.51 -66.33 73.84
CA PRO FA 417 32.46 -65.36 73.58
C PRO FA 417 32.95 -64.22 72.71
N ILE FA 418 32.09 -63.76 71.81
CA ILE FA 418 32.46 -62.68 70.90
C ILE FA 418 32.58 -61.38 71.67
N TRP FA 419 31.56 -61.02 72.44
CA TRP FA 419 31.48 -59.72 73.07
C TRP FA 419 31.14 -59.88 74.55
N CYS FA 420 31.28 -58.76 75.25
CA CYS FA 420 30.86 -58.61 76.63
C CYS FA 420 30.37 -57.18 76.79
N LYS FA 421 29.34 -56.98 77.61
CA LYS FA 421 28.81 -55.64 77.76
C LYS FA 421 29.64 -54.84 78.74
N LYS FA 422 30.06 -53.65 78.33
CA LYS FA 422 30.77 -52.74 79.20
C LYS FA 422 29.75 -52.00 80.07
N PRO FA 423 29.75 -52.23 81.38
CA PRO FA 423 28.75 -51.60 82.23
C PRO FA 423 28.87 -50.09 82.27
N ARG FA 424 27.71 -49.44 82.28
CA ARG FA 424 27.66 -47.98 82.29
C ARG FA 424 28.15 -47.44 83.62
N SER FA 425 29.15 -46.57 83.56
CA SER FA 425 29.69 -45.97 84.78
C SER FA 425 30.36 -44.66 84.39
N ASP FA 426 30.58 -43.82 85.40
CA ASP FA 426 31.18 -42.52 85.15
C ASP FA 426 32.58 -42.68 84.58
N LYS FA 427 33.45 -43.39 85.29
CA LYS FA 427 34.85 -43.46 84.94
C LYS FA 427 35.27 -44.91 84.71
N HIS FA 428 36.24 -45.10 83.84
CA HIS FA 428 36.81 -46.41 83.62
C HIS FA 428 38.18 -46.26 82.98
N THR FA 429 38.97 -47.32 83.07
CA THR FA 429 40.28 -47.41 82.47
C THR FA 429 40.21 -48.03 81.07
N THR FA 430 41.34 -48.52 80.56
CA THR FA 430 41.47 -48.85 79.13
C THR FA 430 40.38 -49.78 78.63
N ILE FA 431 39.79 -50.60 79.49
CA ILE FA 431 38.78 -51.59 79.12
C ILE FA 431 39.35 -52.61 78.13
N ASP FA 432 40.24 -53.47 78.61
CA ASP FA 432 40.59 -54.67 77.85
C ASP FA 432 40.19 -55.89 78.66
N PRO FA 433 39.11 -56.59 78.29
CA PRO FA 433 38.74 -57.78 79.07
C PRO FA 433 39.76 -58.89 78.91
N PHE FA 434 40.06 -59.56 80.02
CA PHE FA 434 41.05 -60.62 80.01
C PHE FA 434 40.49 -61.96 79.59
N ASP FA 435 39.21 -62.00 79.28
CA ASP FA 435 38.58 -63.17 78.68
C ASP FA 435 38.72 -63.15 77.17
N GLY FA 436 39.51 -62.22 76.64
CA GLY FA 436 39.41 -61.89 75.24
C GLY FA 436 38.08 -61.19 75.02
N SER FA 437 37.26 -61.73 74.14
CA SER FA 437 35.96 -61.17 73.84
C SER FA 437 36.08 -59.70 73.47
N LEU FA 438 35.10 -58.90 73.86
CA LEU FA 438 35.03 -57.51 73.46
C LEU FA 438 34.17 -56.77 74.47
N ALA FA 439 34.28 -55.46 74.46
CA ALA FA 439 33.43 -54.61 75.27
C ALA FA 439 32.71 -53.64 74.37
N MET FA 440 31.40 -53.49 74.60
CA MET FA 440 30.62 -52.55 73.83
C MET FA 440 29.66 -51.83 74.76
N ASP FA 441 29.43 -50.55 74.46
CA ASP FA 441 28.38 -49.81 75.16
C ASP FA 441 27.06 -50.54 75.05
N HIS FA 442 26.62 -50.74 73.82
CA HIS FA 442 25.43 -51.54 73.53
C HIS FA 442 25.83 -52.75 72.73
N PRO FA 443 25.87 -53.93 73.33
CA PRO FA 443 26.07 -55.15 72.58
C PRO FA 443 24.79 -55.51 71.84
N PRO FA 444 24.75 -56.63 71.15
CA PRO FA 444 23.46 -57.10 70.62
C PRO FA 444 22.45 -57.22 71.73
N GLY FA 445 21.29 -56.60 71.53
CA GLY FA 445 20.24 -56.68 72.52
C GLY FA 445 19.74 -58.10 72.64
N THR FA 446 19.66 -58.59 73.87
CA THR FA 446 19.19 -59.94 74.10
C THR FA 446 17.73 -60.05 73.65
N ILE FA 447 17.44 -61.07 72.87
CA ILE FA 447 16.08 -61.34 72.42
C ILE FA 447 15.43 -62.28 73.40
N PHE FA 448 14.34 -61.84 74.00
CA PHE FA 448 13.61 -62.62 74.99
C PHE FA 448 12.36 -63.18 74.35
N ILE FA 449 11.94 -64.34 74.84
CA ILE FA 449 10.80 -65.03 74.27
C ILE FA 449 10.11 -65.83 75.35
N LYS FA 450 8.78 -65.87 75.31
CA LYS FA 450 7.96 -66.47 76.34
C LYS FA 450 6.76 -67.12 75.68
N MET FA 451 6.06 -67.96 76.42
CA MET FA 451 5.03 -68.81 75.86
C MET FA 451 3.61 -68.26 75.97
N ALA FA 452 3.42 -67.03 76.43
CA ALA FA 452 2.09 -66.44 76.38
C ALA FA 452 1.06 -67.24 77.17
N LYS FA 453 1.06 -67.06 78.50
CA LYS FA 453 0.24 -67.88 79.37
C LYS FA 453 -1.19 -67.97 78.87
N ILE FA 454 -1.68 -69.20 78.75
CA ILE FA 454 -3.06 -69.44 78.38
C ILE FA 454 -3.74 -70.06 79.60
N PRO FA 455 -4.55 -69.32 80.33
CA PRO FA 455 -5.12 -69.84 81.56
C PRO FA 455 -6.29 -70.77 81.27
N VAL FA 456 -6.79 -71.38 82.34
CA VAL FA 456 -7.91 -72.30 82.22
C VAL FA 456 -8.83 -72.05 83.41
N PRO FA 457 -10.14 -72.18 83.24
CA PRO FA 457 -11.05 -71.80 84.31
C PRO FA 457 -11.04 -72.82 85.45
N SER FA 458 -11.27 -72.32 86.66
CA SER FA 458 -11.38 -73.17 87.83
C SER FA 458 -12.27 -72.48 88.86
N ASN FA 459 -12.54 -73.19 89.96
CA ASN FA 459 -13.42 -72.67 91.00
C ASN FA 459 -12.69 -71.77 91.98
N ASN FA 460 -11.48 -72.14 92.37
CA ASN FA 460 -10.76 -71.52 93.48
C ASN FA 460 -10.71 -69.98 93.50
N ASN FA 461 -10.37 -69.29 92.40
CA ASN FA 461 -10.01 -69.89 91.12
C ASN FA 461 -8.50 -69.86 90.91
N ALA FA 462 -8.09 -70.39 89.78
CA ALA FA 462 -6.68 -70.46 89.38
C ALA FA 462 -5.85 -71.18 90.47
N ASP FA 463 -4.54 -70.94 90.62
CA ASP FA 463 -3.62 -70.66 89.52
C ASP FA 463 -3.46 -71.90 88.67
N SER FA 464 -3.80 -71.76 87.39
CA SER FA 464 -3.74 -72.87 86.46
C SER FA 464 -3.57 -72.31 85.07
N TYR FA 465 -2.95 -73.10 84.21
CA TYR FA 465 -2.62 -72.64 82.87
C TYR FA 465 -2.48 -73.84 81.97
N LEU FA 466 -2.49 -73.58 80.67
CA LEU FA 466 -2.44 -74.63 79.68
C LEU FA 466 -0.98 -74.89 79.32
N ASN FA 467 -0.62 -76.17 79.20
CA ASN FA 467 0.77 -76.57 79.06
C ASN FA 467 1.11 -76.66 77.57
N ILE FA 468 1.98 -75.77 77.11
CA ILE FA 468 2.34 -75.68 75.69
C ILE FA 468 3.84 -75.44 75.59
N TYR FA 469 4.35 -75.54 74.37
CA TYR FA 469 5.72 -75.14 74.08
C TYR FA 469 5.80 -74.68 72.65
N CYS FA 470 6.82 -73.89 72.35
CA CYS FA 470 7.00 -73.33 71.03
C CYS FA 470 8.22 -73.95 70.39
N THR FA 471 8.23 -73.95 69.07
CA THR FA 471 9.34 -74.49 68.31
C THR FA 471 9.46 -73.68 67.03
N GLY FA 472 10.67 -73.41 66.62
CA GLY FA 472 10.84 -72.57 65.46
C GLY FA 472 12.28 -72.47 65.06
N GLN FA 473 12.56 -71.50 64.19
CA GLN FA 473 13.88 -71.40 63.59
C GLN FA 473 14.40 -69.98 63.70
N VAL FA 474 15.55 -69.83 64.33
CA VAL FA 474 16.28 -68.57 64.37
C VAL FA 474 17.33 -68.61 63.28
N SER FA 475 17.48 -67.52 62.55
CA SER FA 475 18.57 -67.39 61.61
C SER FA 475 19.37 -66.17 62.02
N CYS FA 476 20.59 -66.39 62.48
CA CYS FA 476 21.47 -65.30 62.86
C CYS FA 476 22.48 -65.11 61.74
N GLU FA 477 22.35 -64.03 61.00
CA GLU FA 477 23.21 -63.71 59.87
C GLU FA 477 23.98 -62.46 60.21
N ILE FA 478 25.29 -62.60 60.41
CA ILE FA 478 26.11 -61.48 60.88
C ILE FA 478 27.21 -61.22 59.87
N VAL FA 479 27.52 -59.95 59.68
CA VAL FA 479 28.53 -59.51 58.74
C VAL FA 479 29.76 -59.10 59.52
N TRP FA 480 30.93 -59.46 59.01
CA TRP FA 480 32.19 -59.26 59.71
C TRP FA 480 33.05 -58.33 58.87
N GLU FA 481 33.38 -57.17 59.39
CA GLU FA 481 34.45 -56.38 58.79
C GLU FA 481 35.74 -57.16 58.93
N VAL FA 482 36.43 -57.36 57.82
CA VAL FA 482 37.58 -58.25 57.79
C VAL FA 482 38.67 -57.60 56.95
N GLU FA 483 39.92 -57.81 57.34
CA GLU FA 483 41.05 -57.22 56.66
C GLU FA 483 42.09 -58.30 56.38
N ARG FA 484 42.64 -58.28 55.17
CA ARG FA 484 43.50 -59.37 54.69
C ARG FA 484 44.95 -58.94 54.77
N TYR FA 485 45.83 -59.90 55.05
CA TYR FA 485 47.20 -59.57 55.42
C TYR FA 485 48.14 -59.64 54.23
N ALA FA 486 49.10 -58.72 54.22
CA ALA FA 486 50.22 -58.77 53.32
C ALA FA 486 51.48 -58.48 54.13
N THR FA 487 52.57 -59.16 53.80
CA THR FA 487 53.78 -58.98 54.58
C THR FA 487 55.00 -59.21 53.71
N LYS FA 488 56.12 -58.67 54.16
CA LYS FA 488 57.38 -58.79 53.45
C LYS FA 488 58.24 -59.93 53.94
N ASN FA 489 57.74 -60.72 54.89
CA ASN FA 489 58.51 -61.85 55.37
C ASN FA 489 58.81 -62.81 54.23
N TRP FA 490 60.03 -63.34 54.23
CA TRP FA 490 60.42 -64.31 53.22
C TRP FA 490 59.93 -65.70 53.55
N ARG FA 491 59.80 -66.02 54.80
CA ARG FA 491 59.60 -67.39 55.27
C ARG FA 491 58.14 -67.79 55.34
N PRO FA 492 57.87 -69.09 55.42
CA PRO FA 492 56.49 -69.59 55.27
C PRO FA 492 55.48 -69.15 56.35
N GLU FA 493 55.91 -68.60 57.48
CA GLU FA 493 55.02 -68.27 58.62
C GLU FA 493 54.33 -69.56 59.08
N ARG FA 494 53.07 -69.49 59.50
CA ARG FA 494 52.43 -70.60 60.19
C ARG FA 494 50.94 -70.55 59.90
N ARG FA 495 50.32 -71.72 59.85
CA ARG FA 495 48.89 -71.83 59.60
C ARG FA 495 48.31 -72.84 60.57
N HIS FA 496 47.03 -73.12 60.43
CA HIS FA 496 46.38 -74.14 61.23
C HIS FA 496 46.07 -75.34 60.35
N THR FA 497 46.86 -76.38 60.51
CA THR FA 497 46.61 -77.67 59.90
C THR FA 497 45.62 -78.47 60.73
N THR FA 498 44.97 -79.44 60.07
CA THR FA 498 44.33 -80.51 60.81
C THR FA 498 45.35 -81.34 61.58
N PHE FA 499 46.64 -81.25 61.25
CA PHE FA 499 47.58 -82.09 61.96
C PHE FA 499 47.72 -81.71 63.43
N GLY FA 500 47.37 -80.49 63.79
CA GLY FA 500 47.23 -80.19 65.21
C GLY FA 500 46.11 -80.99 65.84
N LEU FA 501 45.12 -81.37 65.04
CA LEU FA 501 43.98 -82.14 65.51
C LEU FA 501 44.39 -83.59 65.76
N GLY FA 502 43.55 -84.30 66.50
CA GLY FA 502 43.84 -85.69 66.83
C GLY FA 502 42.58 -86.50 66.88
N ILE FA 503 42.77 -87.83 66.85
CA ILE FA 503 41.69 -88.79 66.65
C ILE FA 503 41.00 -89.05 67.98
N GLY FA 504 39.69 -89.31 67.95
CA GLY FA 504 38.98 -89.55 69.19
C GLY FA 504 37.57 -90.08 68.96
N GLY FA 505 36.95 -90.46 70.07
CA GLY FA 505 35.57 -90.88 70.16
C GLY FA 505 35.38 -92.37 69.93
N ALA FA 506 34.41 -92.95 70.66
CA ALA FA 506 34.04 -94.37 70.57
C ALA FA 506 35.25 -95.29 70.48
N ASP FA 507 35.19 -96.25 69.55
CA ASP FA 507 36.41 -96.79 68.99
C ASP FA 507 37.10 -95.66 68.24
N ASN FA 508 38.42 -95.56 68.40
CA ASN FA 508 39.11 -94.29 68.21
C ASN FA 508 38.74 -93.58 66.92
N LEU FA 509 38.19 -94.31 65.95
CA LEU FA 509 37.91 -93.79 64.62
C LEU FA 509 37.11 -92.49 64.67
N ASN FA 510 37.33 -91.69 63.62
CA ASN FA 510 36.92 -90.31 63.32
C ASN FA 510 37.89 -89.37 64.03
N PRO FA 511 38.30 -88.28 63.41
CA PRO FA 511 39.39 -87.51 64.01
C PRO FA 511 39.02 -86.60 65.16
N THR FA 512 38.39 -85.47 64.87
CA THR FA 512 38.13 -84.49 65.91
C THR FA 512 36.81 -83.76 65.73
N TYR FA 513 36.69 -82.93 64.70
CA TYR FA 513 35.40 -82.32 64.44
C TYR FA 513 34.67 -83.21 63.46
N HIS FA 514 33.75 -84.00 63.99
CA HIS FA 514 33.19 -85.10 63.23
C HIS FA 514 32.27 -85.90 64.14
N VAL FA 515 31.41 -86.68 63.53
CA VAL FA 515 30.43 -87.46 64.28
C VAL FA 515 31.01 -88.80 64.74
N ASP FA 516 30.43 -89.32 65.81
CA ASP FA 516 30.72 -90.64 66.35
C ASP FA 516 29.80 -91.67 65.67
N LYS FA 517 29.69 -92.89 66.20
CA LYS FA 517 28.98 -93.93 65.46
C LYS FA 517 27.49 -94.37 65.65
N ASN FA 518 26.67 -94.07 66.68
CA ASN FA 518 26.87 -93.46 68.00
C ASN FA 518 26.83 -91.95 67.94
N GLY FA 519 26.56 -91.39 66.77
CA GLY FA 519 27.10 -90.10 66.43
C GLY FA 519 26.91 -89.04 67.47
N THR FA 520 28.06 -88.60 67.96
CA THR FA 520 28.21 -87.52 68.92
C THR FA 520 29.44 -86.75 68.47
N TYR FA 521 29.27 -85.47 68.23
CA TYR FA 521 30.32 -84.63 67.71
C TYR FA 521 31.53 -84.70 68.63
N ILE FA 522 32.67 -85.10 68.08
CA ILE FA 522 33.85 -85.29 68.92
C ILE FA 522 34.39 -83.94 69.33
N GLN FA 523 34.66 -83.80 70.55
CA GLN FA 523 35.10 -82.47 70.92
C GLN FA 523 36.62 -82.36 70.81
N PRO FA 524 37.08 -81.16 70.45
CA PRO FA 524 38.53 -80.92 70.41
C PRO FA 524 39.13 -80.99 71.80
N THR FA 525 40.24 -81.70 71.92
CA THR FA 525 40.89 -81.94 73.21
C THR FA 525 42.18 -81.13 73.28
N THR FA 526 42.31 -80.37 74.37
CA THR FA 526 43.20 -79.25 74.68
C THR FA 526 43.13 -78.07 73.70
N TRP FA 527 44.19 -77.26 73.68
CA TRP FA 527 44.04 -75.86 73.24
C TRP FA 527 44.26 -75.70 71.75
N ASP FA 528 45.29 -76.36 71.21
CA ASP FA 528 45.64 -76.16 69.80
C ASP FA 528 44.56 -76.64 68.85
N MET FA 529 43.79 -77.65 69.26
CA MET FA 529 42.68 -78.14 68.45
C MET FA 529 41.81 -76.98 67.97
N CYS FA 530 41.10 -76.35 68.91
CA CYS FA 530 40.52 -75.05 68.64
C CYS FA 530 41.62 -74.12 68.15
N PHE FA 531 41.41 -73.48 67.01
CA PHE FA 531 42.53 -72.82 66.38
C PHE FA 531 42.53 -71.35 66.77
N PRO FA 532 43.44 -70.92 67.65
CA PRO FA 532 43.37 -69.56 68.17
C PRO FA 532 43.91 -68.58 67.14
N VAL FA 533 43.31 -67.40 67.08
CA VAL FA 533 43.96 -66.33 66.35
C VAL FA 533 45.14 -65.85 67.17
N LYS FA 534 46.03 -65.10 66.53
CA LYS FA 534 47.18 -64.41 67.11
C LYS FA 534 48.38 -65.35 67.20
N THR FA 535 48.22 -66.63 66.86
CA THR FA 535 49.34 -67.54 66.76
C THR FA 535 49.89 -67.62 65.34
N ASN FA 536 49.34 -66.87 64.41
CA ASN FA 536 49.73 -66.96 63.02
C ASN FA 536 50.14 -65.60 62.48
N ILE FA 537 50.43 -65.60 61.18
CA ILE FA 537 50.94 -64.46 60.44
C ILE FA 537 52.18 -63.93 61.16
N ASN FA 538 52.43 -62.63 61.07
CA ASN FA 538 53.46 -61.92 61.80
C ASN FA 538 53.14 -60.44 61.70
N LYS FA 539 53.72 -59.64 62.58
CA LYS FA 539 53.67 -58.20 62.43
C LYS FA 539 55.00 -57.62 62.85
N VAL FA 540 55.54 -56.74 62.02
CA VAL FA 540 56.62 -55.88 62.49
C VAL FA 540 56.03 -54.89 63.49
N LEU FA 541 56.62 -54.85 64.67
CA LEU FA 541 56.12 -53.96 65.70
C LEU FA 541 56.48 -52.52 65.37
N GLY GA 34 17.44 6.06 80.64
CA GLY GA 34 18.38 7.06 81.13
C GLY GA 34 19.74 6.51 81.47
N SER GA 35 20.62 7.39 81.98
CA SER GA 35 21.97 6.99 82.35
C SER GA 35 22.50 7.96 83.39
N GLY GA 36 23.55 7.53 84.09
CA GLY GA 36 24.20 8.35 85.08
C GLY GA 36 23.80 7.99 86.49
N VAL GA 37 24.35 8.74 87.43
CA VAL GA 37 24.00 8.57 88.84
C VAL GA 37 22.50 8.82 89.02
N GLY GA 38 21.88 8.04 89.90
CA GLY GA 38 20.46 8.16 90.14
C GLY GA 38 19.60 7.30 89.26
N ILE GA 39 20.19 6.52 88.37
CA ILE GA 39 19.47 5.60 87.51
C ILE GA 39 20.10 4.22 87.72
N SER GA 40 19.33 3.29 88.28
CA SER GA 40 19.88 1.98 88.56
C SER GA 40 20.21 1.26 87.27
N THR GA 41 21.29 0.49 87.28
CA THR GA 41 21.75 -0.12 86.04
C THR GA 41 20.98 -1.39 85.72
N GLY GA 42 20.77 -2.24 86.73
CA GLY GA 42 20.02 -3.47 86.53
C GLY GA 42 19.29 -3.82 87.80
N GLY GA 43 18.31 -4.71 87.67
CA GLY GA 43 17.47 -5.10 88.77
C GLY GA 43 17.88 -6.44 89.37
N TRP GA 44 17.19 -6.81 90.43
CA TRP GA 44 17.41 -8.08 91.10
C TRP GA 44 16.93 -9.23 90.23
N VAL GA 45 17.51 -10.40 90.44
CA VAL GA 45 17.27 -11.57 89.59
C VAL GA 45 17.31 -12.82 90.45
N GLY GA 46 16.54 -13.84 90.08
CA GLY GA 46 16.64 -15.12 90.72
C GLY GA 46 15.44 -16.00 90.40
N GLY GA 47 15.37 -17.15 91.09
CA GLY GA 47 14.18 -17.97 91.13
C GLY GA 47 14.22 -19.27 90.34
N SER GA 48 15.34 -19.59 89.72
CA SER GA 48 15.54 -20.75 88.85
C SER GA 48 14.53 -20.92 87.72
N TYR GA 49 14.44 -22.14 87.16
CA TYR GA 49 13.58 -22.33 85.99
C TYR GA 49 12.99 -23.73 85.83
N PHE GA 50 13.85 -24.72 85.57
CA PHE GA 50 13.48 -26.13 85.37
C PHE GA 50 12.63 -26.50 84.16
N THR GA 51 13.24 -26.56 82.99
CA THR GA 51 12.72 -27.26 81.82
C THR GA 51 13.45 -28.58 81.65
N ASP GA 52 12.75 -29.57 81.07
CA ASP GA 52 13.30 -30.91 80.86
C ASP GA 52 14.70 -30.92 80.26
N SER GA 53 14.94 -30.05 79.29
CA SER GA 53 16.24 -30.04 78.62
C SER GA 53 17.29 -29.27 79.40
N TYR GA 54 16.92 -28.25 80.15
CA TYR GA 54 17.90 -27.44 80.85
C TYR GA 54 17.28 -26.75 82.03
N VAL GA 55 18.13 -26.35 82.97
CA VAL GA 55 17.74 -25.63 84.18
C VAL GA 55 18.52 -24.34 84.23
N ILE GA 56 17.81 -23.22 84.37
CA ILE GA 56 18.42 -21.91 84.48
C ILE GA 56 18.31 -21.44 85.92
N THR GA 57 19.44 -21.38 86.62
CA THR GA 57 19.47 -20.85 87.97
C THR GA 57 19.97 -19.42 87.94
N LYS GA 58 19.25 -18.55 88.62
CA LYS GA 58 19.56 -17.13 88.66
C LYS GA 58 19.77 -16.73 90.11
N ASN GA 59 20.77 -15.89 90.36
CA ASN GA 59 21.08 -15.46 91.71
C ASN GA 59 21.59 -14.04 91.67
N THR GA 60 21.45 -13.34 92.79
CA THR GA 60 21.91 -11.97 92.91
C THR GA 60 22.40 -11.76 94.34
N ARG GA 61 23.40 -10.89 94.51
CA ARG GA 61 24.04 -10.71 95.80
C ARG GA 61 24.31 -9.25 96.05
N GLN GA 62 24.68 -8.96 97.28
CA GLN GA 62 25.19 -7.67 97.68
C GLN GA 62 26.60 -7.90 98.21
N PHE GA 63 27.58 -7.20 97.67
CA PHE GA 63 28.97 -7.45 98.02
C PHE GA 63 29.64 -6.15 98.44
N LEU GA 64 30.81 -6.26 99.05
CA LEU GA 64 31.61 -5.08 99.29
C LEU GA 64 33.10 -5.39 99.18
N VAL GA 65 33.84 -4.43 98.64
CA VAL GA 65 35.28 -4.52 98.46
C VAL GA 65 35.93 -3.59 99.48
N LYS GA 66 36.89 -4.10 100.24
CA LYS GA 66 37.32 -3.48 101.48
C LYS GA 66 38.63 -2.69 101.38
N ILE GA 67 39.28 -2.66 100.22
CA ILE GA 67 40.67 -2.20 100.13
C ILE GA 67 41.56 -3.08 101.00
N GLN GA 68 41.85 -4.29 100.54
CA GLN GA 68 42.77 -5.14 101.28
C GLN GA 68 44.21 -4.74 101.02
N ASN GA 69 45.04 -4.86 102.06
CA ASN GA 69 46.50 -4.86 101.92
C ASN GA 69 47.03 -3.52 101.45
N ASN GA 70 46.47 -2.43 101.97
CA ASN GA 70 46.70 -1.09 101.41
C ASN GA 70 46.41 -1.24 99.92
N HIS GA 71 47.17 -0.60 99.03
CA HIS GA 71 47.16 -1.04 97.65
C HIS GA 71 48.42 -1.77 97.25
N GLN GA 72 49.40 -1.84 98.14
CA GLN GA 72 50.63 -2.56 97.86
C GLN GA 72 50.44 -4.06 98.05
N TYR GA 73 51.37 -4.81 97.47
CA TYR GA 73 51.35 -6.28 97.37
C TYR GA 73 51.93 -6.99 98.58
N LYS GA 74 53.20 -6.76 98.88
CA LYS GA 74 54.01 -7.52 99.82
C LYS GA 74 54.11 -8.99 99.45
N THR GA 75 54.40 -9.84 100.45
CA THR GA 75 54.60 -11.26 100.25
C THR GA 75 53.92 -12.04 101.38
N GLU GA 76 54.27 -11.69 102.61
CA GLU GA 76 53.61 -12.04 103.87
C GLU GA 76 54.06 -13.32 104.57
N LEU GA 77 54.74 -14.24 103.87
CA LEU GA 77 55.39 -15.39 104.50
C LEU GA 77 54.53 -15.97 105.62
N ILE GA 78 53.42 -16.61 105.25
CA ILE GA 78 52.27 -16.70 106.15
C ILE GA 78 52.61 -17.31 107.51
N SER GA 79 52.72 -18.64 107.57
CA SER GA 79 53.16 -19.42 108.72
C SER GA 79 52.27 -19.25 109.94
N PRO GA 80 52.14 -20.25 110.78
CA PRO GA 80 51.95 -20.00 112.20
C PRO GA 80 53.30 -20.11 112.91
N SER GA 81 53.33 -19.90 114.22
CA SER GA 81 54.53 -20.28 114.97
C SER GA 81 54.20 -20.85 116.36
N THR GA 82 54.59 -22.08 116.70
CA THR GA 82 54.89 -23.26 115.83
C THR GA 82 55.73 -23.06 114.55
N SER GA 83 56.91 -22.47 114.71
CA SER GA 83 57.79 -22.19 113.57
C SER GA 83 58.12 -23.45 112.78
N GLN GA 84 57.90 -24.64 113.35
CA GLN GA 84 58.08 -25.88 112.62
C GLN GA 84 57.12 -26.01 111.44
N GLY GA 85 56.13 -25.13 111.33
CA GLY GA 85 55.14 -25.25 110.29
C GLY GA 85 55.71 -25.05 108.90
N LYS GA 86 54.83 -25.16 107.90
CA LYS GA 86 55.27 -25.05 106.52
C LYS GA 86 55.76 -23.66 106.18
N SER GA 87 55.04 -22.63 106.62
CA SER GA 87 55.46 -21.25 106.46
C SER GA 87 55.57 -20.85 104.99
N GLN GA 88 54.52 -21.16 104.23
CA GLN GA 88 54.49 -20.75 102.83
C GLN GA 88 54.57 -19.23 102.73
N ARG GA 89 55.33 -18.76 101.74
CA ARG GA 89 55.59 -17.33 101.66
C ARG GA 89 54.44 -16.58 101.03
N CYS GA 90 53.80 -17.18 100.03
CA CYS GA 90 52.71 -16.60 99.26
C CYS GA 90 53.00 -15.22 98.68
N VAL GA 91 51.93 -14.50 98.35
CA VAL GA 91 51.94 -13.12 97.87
C VAL GA 91 50.57 -12.55 98.20
N SER GA 92 50.52 -11.31 98.63
CA SER GA 92 49.23 -10.67 98.85
C SER GA 92 49.06 -9.60 97.79
N THR GA 93 47.82 -9.31 97.43
CA THR GA 93 47.53 -8.33 96.41
C THR GA 93 46.41 -7.42 96.88
N PRO GA 94 46.30 -6.21 96.33
CA PRO GA 94 45.15 -5.36 96.66
C PRO GA 94 43.84 -5.90 96.14
N TRP GA 95 43.87 -6.89 95.25
CA TRP GA 95 42.68 -7.34 94.56
C TRP GA 95 41.85 -8.27 95.42
N SER GA 96 40.55 -8.26 95.16
CA SER GA 96 39.61 -9.22 95.69
C SER GA 96 38.95 -9.91 94.50
N TYR GA 97 38.33 -11.06 94.74
CA TYR GA 97 37.81 -11.83 93.63
C TYR GA 97 36.47 -12.46 93.98
N PHE GA 98 35.71 -12.75 92.93
CA PHE GA 98 34.43 -13.43 93.05
C PHE GA 98 34.63 -14.92 92.85
N ASN GA 99 34.27 -15.70 93.86
CA ASN GA 99 34.29 -17.16 93.77
C ASN GA 99 32.85 -17.62 93.64
N PHE GA 100 32.49 -18.14 92.48
CA PHE GA 100 31.14 -18.65 92.25
C PHE GA 100 31.06 -20.16 92.39
N ASN GA 101 32.12 -20.83 92.81
CA ASN GA 101 32.22 -22.28 92.67
C ASN GA 101 31.67 -22.94 93.92
N GLN GA 102 30.46 -23.48 93.80
CA GLN GA 102 29.80 -24.33 94.77
C GLN GA 102 28.40 -24.58 94.25
N TYR GA 103 27.78 -25.67 94.69
CA TYR GA 103 26.40 -25.89 94.26
C TYR GA 103 25.42 -25.14 95.15
N SER GA 104 25.65 -25.14 96.46
CA SER GA 104 24.70 -24.52 97.38
C SER GA 104 24.54 -23.03 97.13
N SER GA 105 25.42 -22.43 96.35
CA SER GA 105 25.25 -21.02 96.01
C SER GA 105 24.20 -20.83 94.95
N HIS GA 106 24.15 -21.73 93.97
CA HIS GA 106 23.28 -21.56 92.82
C HIS GA 106 21.95 -22.28 92.95
N PHE GA 107 21.78 -23.14 93.96
CA PHE GA 107 20.58 -23.95 94.09
C PHE GA 107 20.00 -23.80 95.48
N SER GA 108 18.73 -23.43 95.56
CA SER GA 108 18.04 -23.49 96.82
C SER GA 108 17.89 -24.94 97.24
N PRO GA 109 17.70 -25.19 98.53
CA PRO GA 109 17.47 -26.57 98.96
C PRO GA 109 16.32 -27.25 98.26
N GLN GA 110 15.36 -26.51 97.70
CA GLN GA 110 14.36 -27.13 96.86
C GLN GA 110 14.79 -27.29 95.41
N ASP GA 111 15.44 -26.28 94.83
CA ASP GA 111 15.91 -26.43 93.45
C ASP GA 111 16.84 -27.62 93.33
N TRP GA 112 17.91 -27.64 94.11
CA TRP GA 112 18.55 -28.89 94.44
C TRP GA 112 17.51 -29.75 95.11
N GLN GA 113 17.52 -31.05 94.83
CA GLN GA 113 16.45 -32.00 95.17
C GLN GA 113 15.29 -31.92 94.20
N ARG GA 114 15.13 -30.85 93.46
CA ARG GA 114 14.27 -30.97 92.30
C ARG GA 114 15.01 -31.59 91.14
N LEU GA 115 16.27 -31.24 90.95
CA LEU GA 115 17.06 -31.94 89.94
C LEU GA 115 17.62 -33.25 90.45
N THR GA 116 18.01 -33.31 91.72
CA THR GA 116 18.56 -34.55 92.25
C THR GA 116 17.53 -35.66 92.20
N ASN GA 117 16.25 -35.31 92.38
CA ASN GA 117 15.20 -36.31 92.27
C ASN GA 117 14.82 -36.57 90.82
N GLU GA 118 14.72 -35.53 90.01
CA GLU GA 118 14.05 -35.65 88.72
C GLU GA 118 14.98 -35.86 87.53
N TYR GA 119 16.29 -35.89 87.71
CA TYR GA 119 17.17 -35.95 86.54
C TYR GA 119 18.32 -36.93 86.72
N LYS GA 120 18.71 -37.56 85.60
CA LYS GA 120 19.88 -38.44 85.62
C LYS GA 120 21.15 -37.67 85.83
N ARG GA 121 21.36 -36.62 85.06
CA ARG GA 121 22.67 -36.01 84.98
C ARG GA 121 22.52 -34.55 84.60
N PHE GA 122 23.52 -33.79 84.95
CA PHE GA 122 23.51 -32.37 84.63
C PHE GA 122 24.93 -31.87 84.57
N ARG GA 123 25.15 -30.84 83.77
CA ARG GA 123 26.42 -30.15 83.76
C ARG GA 123 26.13 -28.70 83.44
N PRO GA 124 26.89 -27.77 83.98
CA PRO GA 124 26.65 -26.36 83.64
C PRO GA 124 26.99 -26.11 82.19
N LYS GA 125 26.04 -25.52 81.47
CA LYS GA 125 26.24 -25.22 80.06
C LYS GA 125 26.94 -23.88 79.86
N GLY GA 126 26.54 -22.87 80.61
CA GLY GA 126 27.08 -21.54 80.42
C GLY GA 126 26.90 -20.74 81.69
N MET GA 127 27.47 -19.53 81.68
CA MET GA 127 27.45 -18.69 82.85
C MET GA 127 27.46 -17.23 82.41
N HIS GA 128 26.71 -16.40 83.11
CA HIS GA 128 26.58 -15.00 82.76
C HIS GA 128 26.58 -14.20 84.05
N VAL GA 129 27.53 -13.28 84.18
CA VAL GA 129 27.72 -12.54 85.43
C VAL GA 129 27.61 -11.06 85.12
N LYS GA 130 26.95 -10.32 86.01
CA LYS GA 130 26.76 -8.89 85.83
C LYS GA 130 27.06 -8.17 87.13
N ILE GA 131 28.03 -7.26 87.08
CA ILE GA 131 28.27 -6.32 88.16
C ILE GA 131 27.45 -5.08 87.84
N TYR GA 132 26.75 -4.55 88.83
CA TYR GA 132 25.96 -3.36 88.60
C TYR GA 132 25.55 -2.76 89.94
N ASN GA 133 24.88 -1.62 89.87
CA ASN GA 133 24.43 -0.89 91.05
C ASN GA 133 25.57 -0.66 92.03
N LEU GA 134 26.67 -0.12 91.52
CA LEU GA 134 27.85 0.08 92.34
C LEU GA 134 27.69 1.32 93.22
N GLN GA 135 28.40 1.31 94.35
CA GLN GA 135 28.37 2.43 95.28
C GLN GA 135 29.75 2.57 95.91
N ILE GA 136 30.26 3.79 96.00
CA ILE GA 136 31.53 4.06 96.66
C ILE GA 136 31.22 4.97 97.84
N LYS GA 137 31.43 4.48 99.06
CA LYS GA 137 30.86 5.17 100.20
C LYS GA 137 31.82 6.02 101.03
N GLN GA 138 33.12 6.01 100.75
CA GLN GA 138 34.03 6.98 101.37
C GLN GA 138 33.97 6.92 102.89
N ILE GA 139 34.60 5.89 103.47
CA ILE GA 139 34.70 5.80 104.92
C ILE GA 139 35.34 7.06 105.49
N LEU GA 140 34.77 7.57 106.57
CA LEU GA 140 35.39 8.63 107.37
C LEU GA 140 35.43 8.22 108.83
N SER GA 141 36.44 8.73 109.53
CA SER GA 141 36.58 8.52 110.96
C SER GA 141 36.93 9.83 111.63
N ASN GA 142 36.07 10.30 112.52
CA ASN GA 142 36.35 11.43 113.38
C ASN GA 142 36.98 11.01 114.70
N GLY GA 143 37.30 9.73 114.81
CA GLY GA 143 37.62 9.08 116.06
C GLY GA 143 36.38 8.37 116.57
N ALA GA 144 36.58 7.19 117.15
CA ALA GA 144 35.50 6.25 117.49
C ALA GA 144 34.61 6.11 116.25
N ASP GA 145 33.29 5.97 116.40
CA ASP GA 145 32.24 6.16 115.41
C ASP GA 145 32.57 5.64 114.01
N THR GA 146 32.08 6.35 112.99
CA THR GA 146 32.42 6.36 111.58
C THR GA 146 31.37 7.21 110.87
N THR GA 147 31.65 7.66 109.66
CA THR GA 147 30.64 8.28 108.82
C THR GA 147 30.91 7.88 107.37
N TYR GA 148 29.85 7.85 106.58
CA TYR GA 148 29.92 7.45 105.19
C TYR GA 148 29.27 8.55 104.37
N ASN GA 149 30.06 9.27 103.58
CA ASN GA 149 29.53 10.44 102.89
C ASN GA 149 28.95 10.06 101.55
N ASN GA 150 28.85 8.78 101.28
CA ASN GA 150 28.71 8.25 99.93
C ASN GA 150 29.92 8.77 99.18
N ASP GA 151 29.77 9.01 97.87
CA ASP GA 151 30.84 9.54 97.05
C ASP GA 151 30.36 9.53 95.62
N LEU GA 152 30.99 10.35 94.80
CA LEU GA 152 30.89 10.25 93.37
C LEU GA 152 32.30 10.46 92.85
N THR GA 153 32.46 10.45 91.53
CA THR GA 153 33.76 10.58 90.90
C THR GA 153 34.78 9.64 91.52
N ALA GA 154 34.39 8.41 91.78
CA ALA GA 154 35.28 7.35 92.25
C ALA GA 154 35.10 6.14 91.37
N GLY GA 155 35.99 5.16 91.49
CA GLY GA 155 36.07 4.09 90.53
C GLY GA 155 36.40 2.77 91.16
N VAL GA 156 36.16 1.72 90.39
CA VAL GA 156 36.37 0.34 90.80
C VAL GA 156 36.96 -0.41 89.62
N HIS GA 157 38.08 -1.07 89.84
CA HIS GA 157 38.70 -1.90 88.82
C HIS GA 157 38.02 -3.26 88.80
N ILE GA 158 37.71 -3.75 87.62
CA ILE GA 158 37.10 -5.07 87.45
C ILE GA 158 37.82 -5.78 86.32
N PHE GA 159 38.35 -6.95 86.62
CA PHE GA 159 39.19 -7.69 85.69
C PHE GA 159 38.78 -9.15 85.68
N CYS GA 160 38.75 -9.74 84.50
CA CYS GA 160 38.38 -11.14 84.33
C CYS GA 160 39.48 -11.88 83.59
N ASP GA 161 39.60 -13.18 83.84
CA ASP GA 161 40.57 -14.03 83.14
C ASP GA 161 39.86 -14.86 82.08
N GLY GA 162 40.08 -14.53 80.81
CA GLY GA 162 39.63 -15.43 79.77
C GLY GA 162 40.73 -16.39 79.37
N GLU GA 163 41.97 -15.99 79.58
CA GLU GA 163 43.11 -16.81 79.22
C GLU GA 163 43.57 -17.70 80.36
N HIS GA 164 43.11 -17.45 81.58
CA HIS GA 164 43.62 -18.07 82.79
C HIS GA 164 45.11 -17.90 82.94
N ALA GA 165 45.68 -16.85 82.39
CA ALA GA 165 46.92 -16.32 82.94
C ALA GA 165 46.62 -15.82 84.34
N TYR GA 166 47.67 -15.70 85.14
CA TYR GA 166 47.60 -15.37 86.56
C TYR GA 166 47.25 -16.60 87.39
N PRO GA 167 47.71 -16.62 88.63
CA PRO GA 167 47.65 -17.85 89.45
C PRO GA 167 46.27 -18.36 89.84
N ASN GA 168 45.18 -17.64 89.55
CA ASN GA 168 43.79 -18.08 89.74
C ASN GA 168 43.48 -18.63 91.14
N ALA GA 169 43.24 -17.71 92.08
CA ALA GA 169 43.06 -18.07 93.49
C ALA GA 169 42.13 -19.25 93.71
N THR GA 170 41.06 -19.36 92.93
CA THR GA 170 39.99 -20.29 93.25
C THR GA 170 40.52 -21.70 93.46
N HIS GA 171 40.21 -22.26 94.61
CA HIS GA 171 40.48 -23.63 95.00
C HIS GA 171 39.13 -24.24 95.36
N PRO GA 172 38.89 -25.52 95.05
CA PRO GA 172 37.52 -26.05 95.17
C PRO GA 172 36.83 -25.79 96.49
N TRP GA 173 37.45 -26.07 97.61
CA TRP GA 173 36.70 -26.00 98.88
C TRP GA 173 36.73 -24.58 99.41
N ASP GA 174 37.88 -24.15 99.92
CA ASP GA 174 38.08 -22.79 100.42
C ASP GA 174 36.95 -22.47 101.38
N GLU GA 175 36.31 -21.31 101.24
CA GLU GA 175 35.31 -20.79 102.15
C GLU GA 175 34.33 -20.09 101.24
N ASP GA 176 33.48 -19.25 101.83
CA ASP GA 176 32.85 -18.12 101.12
C ASP GA 176 32.12 -18.64 99.88
N VAL GA 177 32.61 -18.36 98.67
CA VAL GA 177 31.88 -18.48 97.43
C VAL GA 177 30.71 -17.52 97.62
N MET GA 178 29.56 -17.81 97.04
CA MET GA 178 28.41 -16.98 97.31
C MET GA 178 27.75 -17.49 98.58
N PRO GA 179 27.16 -16.62 99.39
CA PRO GA 179 26.40 -17.14 100.52
C PRO GA 179 25.24 -17.95 99.97
N GLU GA 180 25.09 -19.17 100.47
CA GLU GA 180 24.05 -20.05 99.95
C GLU GA 180 22.69 -19.39 100.03
N LEU GA 181 22.55 -18.38 100.87
CA LEU GA 181 21.30 -17.73 101.17
C LEU GA 181 21.34 -16.32 100.62
N PRO GA 182 20.44 -15.89 99.72
CA PRO GA 182 20.49 -14.51 99.25
C PRO GA 182 20.23 -13.52 100.38
N TYR GA 183 20.11 -12.23 100.06
CA TYR GA 183 19.91 -11.15 101.03
C TYR GA 183 21.06 -11.09 102.02
N GLN GA 184 21.95 -12.07 101.98
CA GLN GA 184 23.10 -12.11 102.86
C GLN GA 184 24.27 -11.47 102.13
N THR GA 185 24.76 -10.37 102.67
CA THR GA 185 25.81 -9.63 101.99
C THR GA 185 27.06 -10.49 101.82
N TRP GA 186 27.75 -10.29 100.71
CA TRP GA 186 28.84 -11.18 100.34
C TRP GA 186 30.16 -10.43 100.43
N TYR GA 187 30.96 -10.76 101.42
CA TYR GA 187 32.25 -10.12 101.62
C TYR GA 187 33.29 -10.82 100.78
N LEU GA 188 33.95 -10.06 99.92
CA LEU GA 188 35.00 -10.61 99.07
C LEU GA 188 36.26 -10.87 99.88
N PHE GA 189 37.13 -11.70 99.31
CA PHE GA 189 38.35 -12.11 99.96
C PHE GA 189 39.56 -11.73 99.10
N GLN GA 190 40.66 -11.45 99.79
CA GLN GA 190 41.85 -10.95 99.12
C GLN GA 190 42.44 -11.99 98.19
N TYR GA 191 42.97 -11.53 97.06
CA TYR GA 191 43.62 -12.41 96.12
C TYR GA 191 45.09 -12.57 96.46
N GLY GA 192 45.56 -13.81 96.50
CA GLY GA 192 46.95 -14.09 96.76
C GLY GA 192 47.33 -15.37 96.06
N TYR GA 193 48.63 -15.64 96.03
CA TYR GA 193 49.09 -16.85 95.38
C TYR GA 193 50.45 -17.23 95.91
N ILE GA 194 50.78 -18.51 95.77
CA ILE GA 194 52.09 -19.02 96.16
C ILE GA 194 53.05 -18.84 94.99
N PRO GA 195 54.03 -17.94 95.06
CA PRO GA 195 55.00 -17.87 93.97
C PRO GA 195 55.88 -19.10 93.89
N VAL GA 196 56.42 -19.58 95.01
CA VAL GA 196 57.31 -20.73 95.07
C VAL GA 196 57.24 -21.32 96.46
N ILE GA 197 57.52 -22.63 96.55
CA ILE GA 197 57.64 -23.31 97.85
C ILE GA 197 58.62 -22.54 98.72
N HIS GA 198 58.20 -22.25 99.96
CA HIS GA 198 59.06 -21.43 100.82
C HIS GA 198 60.36 -22.12 101.14
N GLU GA 199 60.29 -23.34 101.67
CA GLU GA 199 61.47 -24.16 101.69
C GLU GA 199 61.91 -24.40 100.25
N LEU GA 200 63.18 -24.72 100.04
CA LEU GA 200 63.72 -24.73 98.69
C LEU GA 200 63.70 -23.32 98.10
N ALA GA 201 64.73 -22.52 98.44
CA ALA GA 201 64.79 -21.06 98.43
C ALA GA 201 64.63 -20.41 99.80
N GLU GA 202 64.58 -21.19 100.87
CA GLU GA 202 64.52 -20.58 102.21
C GLU GA 202 65.56 -19.47 102.49
N MET GA 203 66.83 -19.58 102.12
CA MET GA 203 67.55 -20.76 101.66
C MET GA 203 68.73 -20.97 102.60
N GLU GA 204 69.26 -22.19 102.67
CA GLU GA 204 70.26 -22.47 103.68
C GLU GA 204 71.68 -22.32 103.12
N ASP GA 205 72.35 -21.24 103.55
CA ASP GA 205 73.76 -21.00 103.28
C ASP GA 205 74.09 -21.21 101.80
N SER GA 206 75.27 -21.78 101.52
CA SER GA 206 75.58 -22.38 100.23
C SER GA 206 75.12 -21.43 99.06
N ASN GA 207 74.24 -21.72 98.09
CA ASN GA 207 73.61 -22.99 97.71
C ASN GA 207 73.66 -23.17 96.20
N ALA GA 208 73.00 -22.23 95.52
CA ALA GA 208 72.94 -22.09 94.07
C ALA GA 208 71.94 -23.06 93.45
N VAL GA 209 71.57 -24.11 94.18
CA VAL GA 209 70.43 -24.93 93.78
C VAL GA 209 69.13 -24.30 94.27
N GLU GA 210 69.14 -23.75 95.49
CA GLU GA 210 67.98 -22.99 95.95
C GLU GA 210 68.11 -21.51 95.61
N LYS GA 211 69.30 -21.07 95.21
CA LYS GA 211 69.41 -19.72 94.66
C LYS GA 211 68.61 -19.62 93.38
N ALA GA 212 68.86 -20.52 92.45
CA ALA GA 212 67.85 -20.78 91.44
C ALA GA 212 66.62 -21.37 92.13
N ILE GA 213 65.47 -21.16 91.51
CA ILE GA 213 64.14 -21.42 92.07
C ILE GA 213 63.77 -20.30 93.05
N CYS GA 214 64.77 -19.63 93.62
CA CYS GA 214 64.51 -18.36 94.26
C CYS GA 214 64.55 -17.21 93.27
N LEU GA 215 65.52 -17.24 92.37
CA LEU GA 215 65.61 -16.22 91.33
C LEU GA 215 64.44 -16.35 90.35
N GLN GA 216 63.93 -17.56 90.17
CA GLN GA 216 62.95 -17.77 89.13
C GLN GA 216 61.53 -17.57 89.61
N ILE GA 217 61.32 -17.14 90.86
CA ILE GA 217 59.95 -17.05 91.34
C ILE GA 217 59.27 -15.99 90.49
N PRO GA 218 58.16 -16.32 89.85
CA PRO GA 218 57.47 -15.32 89.03
C PRO GA 218 56.69 -14.38 89.92
N PHE GA 219 56.48 -13.17 89.40
CA PHE GA 219 55.72 -12.15 90.11
C PHE GA 219 54.65 -11.64 89.18
N PHE GA 220 53.40 -11.91 89.53
CA PHE GA 220 52.25 -11.59 88.71
C PHE GA 220 51.56 -10.37 89.28
N MET GA 221 51.03 -9.54 88.39
CA MET GA 221 50.37 -8.31 88.76
C MET GA 221 49.13 -8.18 87.89
N LEU GA 222 48.03 -7.79 88.49
CA LEU GA 222 46.81 -7.66 87.74
C LEU GA 222 46.70 -6.33 87.04
N GLU GA 223 47.73 -5.49 87.11
CA GLU GA 223 47.63 -4.21 86.44
C GLU GA 223 47.89 -4.41 84.96
N ASN GA 224 49.16 -4.58 84.53
CA ASN GA 224 49.47 -5.42 83.37
C ASN GA 224 48.38 -5.40 82.33
N SER GA 225 47.80 -6.56 82.05
CA SER GA 225 46.68 -6.66 81.12
C SER GA 225 45.56 -5.71 81.51
N ASP GA 226 44.94 -5.11 80.50
CA ASP GA 226 43.97 -4.05 80.73
C ASP GA 226 42.69 -4.58 81.34
N HIS GA 227 41.96 -3.67 81.99
CA HIS GA 227 40.70 -4.01 82.63
C HIS GA 227 39.87 -2.75 82.79
N GLU GA 228 38.60 -2.94 83.08
CA GLU GA 228 37.67 -1.83 83.13
C GLU GA 228 37.62 -1.20 84.50
N VAL GA 229 37.51 0.11 84.53
CA VAL GA 229 37.19 0.86 85.74
C VAL GA 229 35.75 1.31 85.61
N LEU GA 230 35.04 1.40 86.72
CA LEU GA 230 33.64 1.75 86.70
C LEU GA 230 33.37 2.79 87.76
N ARG GA 231 32.71 3.87 87.38
CA ARG GA 231 32.09 4.71 88.39
C ARG GA 231 30.74 4.10 88.73
N THR GA 232 29.91 4.86 89.46
CA THR GA 232 28.63 4.33 89.91
C THR GA 232 27.72 3.94 88.75
N GLY GA 233 27.42 4.88 87.86
CA GLY GA 233 26.41 4.63 86.84
C GLY GA 233 26.73 3.49 85.90
N GLU GA 234 27.99 3.12 85.77
CA GLU GA 234 28.40 2.07 84.86
C GLU GA 234 28.20 0.69 85.47
N SER GA 235 28.10 -0.31 84.58
CA SER GA 235 28.07 -1.71 84.97
C SER GA 235 28.97 -2.51 84.04
N THR GA 236 28.98 -3.83 84.23
CA THR GA 236 29.79 -4.72 83.42
C THR GA 236 29.13 -6.09 83.37
N GLU GA 237 29.28 -6.76 82.23
CA GLU GA 237 28.81 -8.12 82.06
C GLU GA 237 29.98 -9.03 81.75
N PHE GA 238 29.83 -10.30 82.08
CA PHE GA 238 30.80 -11.33 81.69
C PHE GA 238 30.04 -12.59 81.34
N THR GA 239 30.52 -13.29 80.31
CA THR GA 239 29.93 -14.56 79.92
C THR GA 239 30.99 -15.66 80.00
N PHE GA 240 30.51 -16.89 80.11
CA PHE GA 240 31.40 -18.03 80.15
C PHE GA 240 30.71 -19.21 79.48
N ASN GA 241 31.49 -20.04 78.82
CA ASN GA 241 31.02 -21.28 78.25
C ASN GA 241 31.86 -22.41 78.80
N PHE GA 242 31.27 -23.59 78.91
CA PHE GA 242 31.90 -24.71 79.58
C PHE GA 242 32.06 -25.87 78.61
N ASP GA 243 33.29 -26.33 78.44
CA ASP GA 243 33.56 -27.66 77.95
C ASP GA 243 33.70 -28.52 79.20
N CYS GA 244 32.72 -29.38 79.45
CA CYS GA 244 32.51 -29.88 80.79
C CYS GA 244 31.93 -31.28 80.74
N GLU GA 245 32.33 -32.10 81.70
CA GLU GA 245 31.84 -33.46 81.81
C GLU GA 245 30.57 -33.51 82.63
N TRP GA 246 29.65 -34.39 82.24
CA TRP GA 246 28.43 -34.59 83.01
C TRP GA 246 28.77 -35.06 84.41
N ILE GA 247 27.94 -34.68 85.37
CA ILE GA 247 27.94 -35.30 86.69
C ILE GA 247 26.65 -36.10 86.79
N ASN GA 248 26.78 -37.37 87.11
CA ASN GA 248 25.68 -38.31 86.95
C ASN GA 248 25.01 -38.58 88.28
N ASN GA 249 23.70 -38.37 88.32
CA ASN GA 249 22.87 -38.78 89.44
C ASN GA 249 22.18 -40.07 89.02
N GLU GA 250 22.63 -41.18 89.59
CA GLU GA 250 22.27 -42.54 89.18
C GLU GA 250 22.90 -43.46 90.19
N ARG GA 251 22.38 -44.68 90.24
CA ARG GA 251 22.78 -45.64 91.26
C ARG GA 251 22.86 -47.01 90.63
N ALA GA 252 23.96 -47.71 90.90
CA ALA GA 252 24.10 -49.10 90.49
C ALA GA 252 23.59 -49.97 91.63
N TYR GA 253 22.56 -50.75 91.35
CA TYR GA 253 21.98 -51.60 92.36
C TYR GA 253 22.81 -52.86 92.61
N ILE GA 254 23.76 -53.16 91.74
CA ILE GA 254 24.66 -54.30 91.93
C ILE GA 254 26.07 -53.89 91.51
N PRO GA 255 27.08 -54.57 92.03
CA PRO GA 255 28.43 -54.37 91.52
C PRO GA 255 28.50 -54.73 90.05
N PRO GA 256 29.47 -54.18 89.32
CA PRO GA 256 29.57 -54.54 87.90
C PRO GA 256 29.93 -55.99 87.68
N GLY GA 257 30.62 -56.62 88.62
CA GLY GA 257 30.94 -58.01 88.49
C GLY GA 257 29.83 -58.96 88.84
N LEU GA 258 28.70 -58.44 89.31
CA LEU GA 258 27.57 -59.24 89.72
C LEU GA 258 26.55 -59.41 88.61
N MET GA 259 26.87 -58.95 87.40
CA MET GA 259 25.94 -59.00 86.27
C MET GA 259 26.12 -60.33 85.56
N PHE GA 260 25.13 -61.20 85.68
CA PHE GA 260 25.10 -62.48 84.97
C PHE GA 260 23.82 -63.18 85.36
N ASN GA 261 23.44 -64.15 84.55
CA ASN GA 261 22.28 -64.96 84.88
C ASN GA 261 22.76 -66.14 85.73
N PRO GA 262 22.47 -66.13 87.02
CA PRO GA 262 22.99 -67.19 87.89
C PRO GA 262 22.33 -68.53 87.65
N LEU GA 263 21.19 -68.55 86.97
CA LEU GA 263 20.53 -69.81 86.65
C LEU GA 263 21.34 -70.62 85.66
N VAL GA 264 21.91 -69.94 84.65
CA VAL GA 264 22.57 -70.66 83.57
C VAL GA 264 23.92 -71.17 84.02
N PRO GA 265 24.25 -72.44 83.76
CA PRO GA 265 25.60 -72.92 84.10
C PRO GA 265 26.65 -72.22 83.26
N THR GA 266 27.89 -72.30 83.73
CA THR GA 266 29.00 -71.64 83.05
C THR GA 266 29.97 -72.67 82.53
N ARG GA 267 30.63 -72.36 81.42
CA ARG GA 267 31.74 -73.17 80.96
C ARG GA 267 33.05 -72.52 81.34
N ARG GA 268 33.67 -73.04 82.39
CA ARG GA 268 34.87 -72.50 83.01
C ARG GA 268 35.28 -73.48 84.09
N ALA GA 269 36.51 -73.39 84.57
CA ALA GA 269 36.97 -74.33 85.57
C ALA GA 269 37.92 -73.63 86.54
N GLN GA 270 38.01 -74.20 87.73
CA GLN GA 270 38.85 -73.69 88.80
C GLN GA 270 39.87 -74.77 89.14
N TYR GA 271 41.12 -74.52 88.84
CA TYR GA 271 42.20 -75.33 89.39
C TYR GA 271 42.60 -74.69 90.71
N ILE GA 272 42.78 -75.49 91.73
CA ILE GA 272 43.17 -75.00 93.04
C ILE GA 272 44.43 -75.72 93.47
N ARG GA 273 45.46 -74.96 93.80
CA ARG GA 273 46.76 -75.53 94.14
C ARG GA 273 46.64 -76.38 95.42
N ARG GA 274 47.57 -77.32 95.56
CA ARG GA 274 47.72 -78.05 96.80
C ARG GA 274 47.82 -77.07 97.97
N ASN GA 275 47.06 -77.34 99.01
CA ASN GA 275 46.87 -76.33 100.06
C ASN GA 275 48.08 -76.23 100.97
N ASN GA 276 48.85 -77.31 101.11
CA ASN GA 276 50.05 -77.32 101.94
C ASN GA 276 49.73 -76.83 103.35
N ASN GA 277 49.04 -77.68 104.10
CA ASN GA 277 48.35 -77.36 105.36
C ASN GA 277 47.14 -76.51 105.01
N PRO GA 278 46.03 -76.68 105.74
CA PRO GA 278 45.75 -77.86 106.59
C PRO GA 278 45.64 -79.18 105.82
N GLN GA 279 44.91 -79.17 104.72
CA GLN GA 279 44.45 -80.41 104.09
C GLN GA 279 43.89 -80.07 102.70
N THR GA 280 43.16 -81.01 102.08
CA THR GA 280 42.48 -80.79 100.80
C THR GA 280 43.44 -80.57 99.65
N ALA GA 281 44.02 -81.66 99.16
CA ALA GA 281 44.92 -81.64 98.02
C ALA GA 281 44.21 -81.12 96.76
N GLU GA 282 45.03 -80.69 95.80
CA GLU GA 282 44.55 -79.94 94.65
C GLU GA 282 43.45 -80.67 93.90
N SER GA 283 42.52 -79.90 93.34
CA SER GA 283 41.46 -80.45 92.52
C SER GA 283 40.99 -79.38 91.54
N THR GA 284 40.50 -79.82 90.38
CA THR GA 284 39.85 -78.95 89.42
C THR GA 284 38.35 -79.21 89.42
N SER GA 285 37.57 -78.16 89.15
CA SER GA 285 36.13 -78.26 89.21
C SER GA 285 35.51 -77.18 88.36
N ARG GA 286 34.26 -77.40 87.98
CA ARG GA 286 33.52 -76.40 87.21
C ARG GA 286 33.03 -75.31 88.14
N ILE GA 287 33.06 -74.08 87.64
CA ILE GA 287 32.58 -72.95 88.42
C ILE GA 287 31.06 -73.05 88.56
N ALA GA 288 30.58 -72.80 89.78
CA ALA GA 288 29.16 -72.92 90.06
C ALA GA 288 28.36 -71.95 89.20
N PRO GA 289 27.09 -72.27 88.93
CA PRO GA 289 26.29 -71.37 88.08
C PRO GA 289 26.16 -69.98 88.68
N TYR GA 290 25.83 -69.91 89.96
CA TYR GA 290 25.98 -68.66 90.69
C TYR GA 290 27.46 -68.36 90.86
N ALA GA 291 27.77 -67.10 91.15
CA ALA GA 291 29.14 -66.69 91.45
C ALA GA 291 30.09 -67.01 90.29
N LYS GA 292 29.71 -66.56 89.12
CA LYS GA 292 30.59 -66.68 87.98
C LYS GA 292 31.71 -65.64 88.06
N PRO GA 293 32.88 -65.95 87.52
CA PRO GA 293 33.98 -64.99 87.55
C PRO GA 293 33.64 -63.76 86.73
N THR GA 294 34.40 -62.72 86.95
CA THR GA 294 34.14 -61.46 86.27
C THR GA 294 35.43 -60.82 85.78
N SER GA 295 35.27 -59.96 84.79
CA SER GA 295 36.17 -58.88 84.50
C SER GA 295 35.86 -57.73 85.44
N TRP GA 296 36.30 -56.54 85.06
CA TRP GA 296 35.82 -55.35 85.75
C TRP GA 296 36.28 -55.28 87.19
N MET GA 297 37.57 -54.96 87.32
CA MET GA 297 38.29 -54.66 88.53
C MET GA 297 37.70 -53.43 89.24
N THR GA 298 37.97 -53.34 90.54
CA THR GA 298 37.51 -52.21 91.33
C THR GA 298 38.33 -50.96 91.03
N GLY GA 299 37.74 -49.81 91.30
CA GLY GA 299 38.41 -48.55 91.13
C GLY GA 299 39.58 -48.39 92.06
N PRO GA 300 40.51 -47.52 91.70
CA PRO GA 300 41.75 -47.39 92.47
C PRO GA 300 41.57 -46.57 93.74
N GLY GA 301 42.43 -46.83 94.71
CA GLY GA 301 42.48 -46.08 95.93
C GLY GA 301 43.82 -46.26 96.59
N LEU GA 302 44.09 -45.45 97.62
CA LEU GA 302 45.26 -45.63 98.45
C LEU GA 302 44.82 -45.65 99.91
N LEU GA 303 44.84 -46.83 100.53
CA LEU GA 303 44.38 -47.00 101.89
C LEU GA 303 45.46 -47.19 102.94
N SER GA 304 46.73 -47.27 102.58
CA SER GA 304 47.71 -47.75 103.56
C SER GA 304 48.14 -46.65 104.53
N ALA GA 305 48.27 -45.43 104.04
CA ALA GA 305 48.89 -44.34 104.77
C ALA GA 305 48.03 -43.88 105.95
N GLN GA 306 48.65 -43.14 106.85
CA GLN GA 306 47.96 -42.50 107.97
C GLN GA 306 48.44 -41.06 108.08
N ARG GA 307 47.53 -40.16 108.40
CA ARG GA 307 47.90 -38.76 108.56
C ARG GA 307 48.97 -38.61 109.63
N VAL GA 308 49.92 -37.70 109.40
CA VAL GA 308 51.17 -37.67 110.12
C VAL GA 308 51.30 -36.38 110.92
N GLY GA 309 51.28 -36.52 112.24
CA GLY GA 309 51.71 -35.47 113.12
C GLY GA 309 50.61 -34.51 113.52
N PRO GA 310 51.01 -33.38 114.10
CA PRO GA 310 50.02 -32.44 114.66
C PRO GA 310 49.32 -31.65 113.57
N ALA GA 311 48.15 -31.14 113.92
CA ALA GA 311 47.40 -30.28 113.02
C ALA GA 311 48.15 -28.97 112.82
N THR GA 312 47.80 -28.26 111.74
CA THR GA 312 48.41 -27.05 111.22
C THR GA 312 49.75 -27.35 110.53
N SER GA 313 50.23 -28.59 110.60
CA SER GA 313 51.44 -29.01 109.92
C SER GA 313 51.17 -29.63 108.54
N ASP GA 314 49.93 -29.55 108.06
CA ASP GA 314 49.52 -30.19 106.80
C ASP GA 314 49.69 -31.70 106.87
N THR GA 315 48.80 -32.37 107.59
CA THR GA 315 48.83 -33.81 107.63
C THR GA 315 47.91 -34.36 106.55
N GLY GA 316 48.50 -34.90 105.49
CA GLY GA 316 47.71 -35.40 104.39
C GLY GA 316 47.64 -36.90 104.26
N ALA GA 317 48.53 -37.61 104.96
CA ALA GA 317 48.82 -39.03 104.87
C ALA GA 317 49.50 -39.37 103.54
N TRP GA 318 49.41 -38.53 102.52
CA TRP GA 318 50.17 -38.68 101.30
C TRP GA 318 50.66 -37.30 100.91
N MET GA 319 51.97 -37.11 100.90
CA MET GA 319 52.56 -35.84 100.51
C MET GA 319 53.19 -36.01 99.14
N VAL GA 320 52.85 -35.11 98.22
CA VAL GA 320 53.39 -35.21 96.87
C VAL GA 320 54.80 -34.64 96.80
N ALA GA 321 55.01 -33.50 97.43
CA ALA GA 321 56.29 -32.80 97.48
C ALA GA 321 56.98 -32.64 96.12
N VAL GA 322 58.31 -32.52 96.15
CA VAL GA 322 59.15 -32.39 94.97
C VAL GA 322 60.44 -33.17 95.11
N LYS GA 323 61.27 -32.78 96.08
CA LYS GA 323 62.60 -33.32 96.28
C LYS GA 323 63.52 -33.13 95.07
N PRO GA 324 63.93 -31.90 94.76
CA PRO GA 324 65.05 -31.72 93.84
C PRO GA 324 66.31 -32.36 94.40
N GLU GA 325 67.27 -32.63 93.52
CA GLU GA 325 68.31 -33.60 93.83
C GLU GA 325 69.19 -33.12 94.98
N ASN GA 326 69.57 -31.84 94.99
CA ASN GA 326 70.33 -31.33 96.12
C ASN GA 326 69.45 -30.48 97.04
N ALA GA 327 69.21 -29.24 96.64
CA ALA GA 327 68.45 -28.25 97.38
C ALA GA 327 68.96 -28.21 98.83
N SER GA 328 68.05 -28.00 99.77
CA SER GA 328 68.24 -28.31 101.18
C SER GA 328 66.86 -28.35 101.79
N ILE GA 329 66.73 -29.07 102.90
CA ILE GA 329 65.42 -29.28 103.49
C ILE GA 329 65.55 -29.24 105.00
N ASP GA 330 64.61 -28.55 105.64
CA ASP GA 330 64.49 -28.49 107.09
C ASP GA 330 63.83 -29.78 107.57
N THR GA 331 63.37 -29.81 108.81
CA THR GA 331 62.50 -30.89 109.23
C THR GA 331 61.37 -31.05 108.23
N GLY GA 332 61.08 -32.28 107.84
CA GLY GA 332 60.19 -32.52 106.74
C GLY GA 332 60.87 -33.09 105.50
N MET GA 333 60.15 -33.65 104.52
CA MET GA 333 58.69 -33.89 104.44
C MET GA 333 57.83 -32.70 104.87
N SER GA 334 56.95 -32.89 105.85
CA SER GA 334 56.17 -31.82 106.46
C SER GA 334 55.33 -31.03 105.39
N GLY GA 335 55.52 -29.74 105.04
CA GLY GA 335 56.72 -28.91 105.11
C GLY GA 335 57.30 -28.70 103.73
N ILE GA 336 57.00 -29.64 102.82
CA ILE GA 336 57.16 -29.44 101.39
C ILE GA 336 56.02 -30.20 100.72
N GLY GA 337 55.55 -29.66 99.61
CA GLY GA 337 54.47 -30.29 98.88
C GLY GA 337 53.16 -30.28 99.64
N SER GA 338 52.19 -31.00 99.08
CA SER GA 338 50.81 -30.90 99.50
C SER GA 338 50.29 -32.26 99.91
N GLY GA 339 49.36 -32.26 100.86
CA GLY GA 339 48.69 -33.50 101.22
C GLY GA 339 47.66 -33.88 100.17
N PHE GA 340 47.60 -35.17 99.87
CA PHE GA 340 46.64 -35.70 98.91
C PHE GA 340 45.42 -36.21 99.66
N ASP GA 341 44.27 -35.65 99.34
CA ASP GA 341 43.06 -35.90 100.11
C ASP GA 341 41.83 -35.89 99.21
N PRO GA 342 40.86 -36.79 99.47
CA PRO GA 342 40.96 -38.08 100.15
C PRO GA 342 41.52 -39.20 99.30
N PRO GA 343 42.53 -39.92 99.79
CA PRO GA 343 42.68 -41.32 99.39
C PRO GA 343 41.91 -42.26 100.32
N GLN GA 344 41.22 -43.33 99.91
CA GLN GA 344 40.40 -43.45 98.71
C GLN GA 344 41.13 -43.12 97.38
N GLY GA 345 40.55 -42.54 96.32
CA GLY GA 345 39.14 -42.40 96.00
C GLY GA 345 38.44 -43.73 95.84
N SER GA 346 37.11 -43.68 95.76
CA SER GA 346 36.29 -44.89 95.74
C SER GA 346 36.66 -45.79 96.91
N LEU GA 347 36.73 -47.10 96.66
CA LEU GA 347 37.44 -48.04 97.51
C LEU GA 347 37.14 -47.80 98.99
N ALA GA 348 35.96 -48.22 99.45
CA ALA GA 348 35.36 -47.72 100.68
C ALA GA 348 36.38 -47.66 101.82
N PRO GA 349 36.45 -46.54 102.54
CA PRO GA 349 37.55 -46.33 103.48
C PRO GA 349 37.42 -47.16 104.75
N THR GA 350 38.52 -47.24 105.47
CA THR GA 350 38.58 -47.96 106.73
C THR GA 350 37.96 -47.15 107.85
N ASN GA 351 38.59 -46.05 108.23
CA ASN GA 351 38.03 -45.25 109.32
C ASN GA 351 37.74 -43.83 108.84
N LEU GA 352 37.32 -43.01 109.80
CA LEU GA 352 36.92 -41.63 109.56
C LEU GA 352 38.00 -40.82 108.89
N GLU GA 353 39.27 -41.23 109.08
CA GLU GA 353 40.40 -40.43 108.63
C GLU GA 353 40.38 -40.20 107.13
N TYR GA 354 39.77 -41.10 106.37
CA TYR GA 354 39.69 -40.98 104.92
C TYR GA 354 38.35 -40.45 104.43
N LYS GA 355 37.43 -40.12 105.32
CA LYS GA 355 36.01 -40.03 105.00
C LYS GA 355 35.63 -38.62 104.54
N ILE GA 356 36.61 -37.76 104.29
CA ILE GA 356 36.51 -36.32 104.11
C ILE GA 356 35.88 -35.75 105.38
N GLN GA 357 35.29 -34.56 105.29
CA GLN GA 357 34.62 -33.86 106.37
C GLN GA 357 34.49 -32.42 105.92
N TRP GA 358 33.59 -31.62 106.49
CA TRP GA 358 33.70 -30.17 106.39
C TRP GA 358 32.81 -29.53 107.44
N TYR GA 359 33.08 -28.27 107.74
CA TYR GA 359 32.36 -27.63 108.83
C TYR GA 359 31.14 -26.83 108.37
N GLN GA 360 31.01 -26.61 107.07
CA GLN GA 360 29.90 -25.85 106.48
C GLN GA 360 29.58 -24.58 107.24
N THR GA 361 30.62 -23.95 107.82
CA THR GA 361 30.47 -22.78 108.68
C THR GA 361 31.86 -22.32 109.10
N PRO GA 362 32.13 -21.01 109.03
CA PRO GA 362 33.42 -20.53 109.54
C PRO GA 362 33.51 -20.57 111.04
N GLN GA 363 32.38 -20.47 111.74
CA GLN GA 363 32.39 -20.51 113.20
C GLN GA 363 32.63 -21.93 113.72
N GLY GA 364 32.67 -22.92 112.84
CA GLY GA 364 32.82 -24.30 113.26
C GLY GA 364 34.08 -24.59 114.03
N THR GA 365 33.93 -25.10 115.24
CA THR GA 365 35.06 -25.50 116.08
C THR GA 365 35.44 -26.93 115.71
N ASN GA 366 36.29 -27.57 116.52
CA ASN GA 366 36.78 -28.89 116.17
C ASN GA 366 35.64 -29.87 115.91
N ASN GA 367 34.77 -30.08 116.89
CA ASN GA 367 33.52 -30.78 116.64
C ASN GA 367 32.37 -29.80 116.87
N ASN GA 368 31.80 -29.34 115.77
CA ASN GA 368 30.66 -28.44 115.64
C ASN GA 368 30.52 -28.22 114.15
N GLY GA 369 29.35 -27.87 113.65
CA GLY GA 369 29.22 -27.96 112.22
C GLY GA 369 29.58 -29.39 111.87
N ASN GA 370 30.65 -29.54 111.08
CA ASN GA 370 31.41 -30.79 111.06
C ASN GA 370 30.59 -31.94 110.49
N ILE GA 371 29.94 -31.73 109.36
CA ILE GA 371 29.21 -32.81 108.74
C ILE GA 371 30.19 -33.70 107.98
N ILE GA 372 30.02 -34.98 108.11
CA ILE GA 372 31.00 -35.96 107.62
C ILE GA 372 30.38 -36.72 106.47
N SER GA 373 31.18 -36.97 105.43
CA SER GA 373 30.68 -37.70 104.28
C SER GA 373 30.31 -39.13 104.69
N ASN GA 374 29.44 -39.74 103.88
CA ASN GA 374 28.88 -41.05 104.21
C ASN GA 374 28.78 -41.86 102.92
N GLN GA 375 28.49 -43.14 103.07
CA GLN GA 375 28.39 -43.99 101.88
C GLN GA 375 27.05 -43.76 101.18
N PRO GA 376 27.06 -43.62 99.85
CA PRO GA 376 25.79 -43.41 99.12
C PRO GA 376 24.91 -44.63 99.13
N LEU GA 377 25.45 -45.80 99.49
CA LEU GA 377 24.83 -47.11 99.38
C LEU GA 377 24.73 -47.55 97.93
N SER GA 378 25.15 -46.70 96.99
CA SER GA 378 25.38 -47.15 95.62
C SER GA 378 26.45 -48.23 95.63
N MET GA 379 26.32 -49.17 94.69
CA MET GA 379 27.16 -50.36 94.72
C MET GA 379 28.44 -50.21 93.90
N LEU GA 380 28.72 -49.04 93.34
CA LEU GA 380 29.83 -49.00 92.41
C LEU GA 380 31.26 -49.00 92.96
N ARG GA 381 31.85 -47.99 93.64
CA ARG GA 381 31.45 -46.98 94.65
C ARG GA 381 31.66 -47.49 96.09
N ASP GA 382 31.95 -48.78 96.25
CA ASP GA 382 32.37 -49.26 97.57
C ASP GA 382 33.72 -49.96 97.44
N GLN GA 383 33.76 -51.06 96.69
CA GLN GA 383 34.97 -51.55 96.06
C GLN GA 383 36.09 -51.84 97.05
N ALA GA 384 35.94 -52.95 97.76
CA ALA GA 384 37.09 -53.51 98.42
C ALA GA 384 37.97 -54.25 97.40
N LEU GA 385 39.07 -54.82 97.88
CA LEU GA 385 39.81 -55.79 97.11
C LEU GA 385 40.58 -56.65 98.11
N PHE GA 386 40.76 -57.93 97.77
CA PHE GA 386 41.09 -58.93 98.77
C PHE GA 386 42.38 -59.68 98.49
N ARG GA 387 42.53 -60.30 97.33
CA ARG GA 387 43.76 -61.06 97.04
C ARG GA 387 43.89 -62.17 98.09
N GLY GA 388 45.11 -62.56 98.44
CA GLY GA 388 45.37 -63.51 99.52
C GLY GA 388 44.66 -64.84 99.38
N ASN GA 389 44.77 -65.65 100.42
CA ASN GA 389 46.03 -65.87 101.11
C ASN GA 389 46.48 -67.26 100.66
N GLN GA 390 45.62 -67.87 99.84
CA GLN GA 390 45.42 -69.30 99.59
C GLN GA 390 44.52 -69.89 100.67
N THR GA 391 44.27 -69.17 101.76
CA THR GA 391 43.43 -69.61 102.86
C THR GA 391 42.36 -68.56 103.16
N THR GA 392 42.78 -67.33 103.44
CA THR GA 392 41.87 -66.24 103.78
C THR GA 392 42.06 -65.11 102.79
N TYR GA 393 41.03 -64.29 102.61
CA TYR GA 393 41.17 -63.04 101.87
C TYR GA 393 41.59 -61.93 102.82
N ASN GA 394 42.48 -61.06 102.36
CA ASN GA 394 43.01 -59.98 103.19
C ASN GA 394 42.95 -58.67 102.43
N LEU GA 395 42.13 -57.74 102.92
CA LEU GA 395 41.97 -56.44 102.26
C LEU GA 395 43.33 -55.81 101.99
N CYS GA 396 43.53 -55.38 100.74
CA CYS GA 396 44.84 -54.95 100.28
C CYS GA 396 44.88 -53.44 100.14
N SER GA 397 45.97 -52.85 100.63
CA SER GA 397 46.29 -51.44 100.44
C SER GA 397 46.64 -51.19 98.97
N ASP GA 398 46.68 -49.91 98.60
CA ASP GA 398 46.90 -49.48 97.24
C ASP GA 398 45.72 -49.89 96.37
N VAL GA 399 45.94 -50.71 95.34
CA VAL GA 399 45.07 -50.82 94.16
C VAL GA 399 45.22 -49.57 93.29
N TRP GA 400 46.31 -49.53 92.52
CA TRP GA 400 46.56 -48.53 91.50
C TRP GA 400 45.69 -48.76 90.28
N MET GA 401 45.93 -48.00 89.21
CA MET GA 401 45.13 -48.16 88.00
C MET GA 401 45.39 -49.50 87.35
N PHE GA 402 44.34 -50.06 86.76
CA PHE GA 402 44.34 -51.37 86.15
C PHE GA 402 43.35 -51.35 84.99
N PRO GA 403 43.58 -52.14 83.94
CA PRO GA 403 42.82 -51.96 82.69
C PRO GA 403 41.30 -52.02 82.82
N ASN GA 404 40.76 -52.96 83.57
CA ASN GA 404 39.33 -53.18 83.57
C ASN GA 404 38.59 -52.41 84.65
N GLN GA 405 39.26 -51.50 85.34
CA GLN GA 405 38.66 -50.90 86.51
C GLN GA 405 37.43 -50.07 86.18
N ILE GA 406 36.44 -50.16 87.07
CA ILE GA 406 35.33 -49.22 87.10
C ILE GA 406 35.19 -48.68 88.51
N TRP GA 407 35.04 -47.36 88.61
CA TRP GA 407 34.66 -46.73 89.85
C TRP GA 407 33.61 -45.70 89.52
N ASP GA 408 32.95 -45.21 90.55
CA ASP GA 408 31.95 -44.19 90.38
C ASP GA 408 32.47 -42.90 90.99
N ARG GA 409 32.33 -41.81 90.24
CA ARG GA 409 32.82 -40.54 90.71
C ARG GA 409 32.12 -40.18 92.02
N TYR GA 410 32.80 -39.39 92.84
CA TYR GA 410 32.28 -39.07 94.16
C TYR GA 410 30.86 -38.53 94.05
N PRO GA 411 29.94 -38.98 94.91
CA PRO GA 411 28.52 -38.64 94.72
C PRO GA 411 28.20 -37.18 94.88
N ILE GA 412 29.15 -36.40 95.37
CA ILE GA 412 29.04 -35.00 95.77
C ILE GA 412 27.83 -34.76 96.64
N THR GA 413 27.27 -33.56 96.58
CA THR GA 413 26.20 -33.08 97.45
C THR GA 413 26.01 -31.60 97.17
N ARG GA 414 25.05 -30.96 97.83
CA ARG GA 414 24.80 -29.55 97.58
C ARG GA 414 25.94 -28.66 98.04
N GLU GA 415 26.78 -29.13 98.97
CA GLU GA 415 27.83 -28.31 99.57
C GLU GA 415 29.12 -28.29 98.77
N ASN GA 416 29.19 -28.96 97.66
CA ASN GA 416 30.46 -29.20 97.01
C ASN GA 416 30.81 -28.10 96.03
N PRO GA 417 32.09 -27.94 95.73
CA PRO GA 417 32.48 -27.10 94.60
C PRO GA 417 32.05 -27.71 93.28
N ILE GA 418 31.62 -26.85 92.37
CA ILE GA 418 31.16 -27.32 91.06
C ILE GA 418 32.33 -27.83 90.25
N TRP GA 419 33.39 -27.02 90.12
CA TRP GA 419 34.49 -27.32 89.23
C TRP GA 419 35.81 -27.15 89.96
N CYS GA 420 36.86 -27.63 89.29
CA CYS GA 420 38.24 -27.44 89.69
C CYS GA 420 39.06 -27.30 88.42
N LYS GA 421 40.09 -26.46 88.45
CA LYS GA 421 40.87 -26.26 87.25
C LYS GA 421 41.89 -27.37 87.08
N LYS GA 422 41.90 -27.98 85.90
CA LYS GA 422 42.89 -28.99 85.56
C LYS GA 422 44.18 -28.27 85.14
N PRO GA 423 45.25 -28.40 85.91
CA PRO GA 423 46.49 -27.69 85.58
C PRO GA 423 47.10 -28.14 84.27
N ARG GA 424 47.62 -27.16 83.53
CA ARG GA 424 48.21 -27.43 82.23
C ARG GA 424 49.51 -28.20 82.40
N SER GA 425 49.59 -29.35 81.73
CA SER GA 425 50.80 -30.17 81.80
C SER GA 425 50.83 -31.05 80.56
N ASP GA 426 52.02 -31.58 80.28
CA ASP GA 426 52.19 -32.41 79.10
C ASP GA 426 51.31 -33.65 79.19
N LYS GA 427 51.48 -34.44 80.25
CA LYS GA 427 50.83 -35.73 80.36
C LYS GA 427 49.97 -35.78 81.61
N HIS GA 428 48.90 -36.56 81.53
CA HIS GA 428 48.05 -36.80 82.69
C HIS GA 428 47.25 -38.07 82.47
N THR GA 429 46.75 -38.61 83.57
CA THR GA 429 45.88 -39.78 83.58
C THR GA 429 44.41 -39.38 83.50
N THR GA 430 43.51 -40.30 83.88
CA THR GA 430 42.08 -40.16 83.58
C THR GA 430 41.50 -38.83 84.02
N ILE GA 431 42.06 -38.20 85.05
CA ILE GA 431 41.55 -36.96 85.63
C ILE GA 431 40.15 -37.16 86.19
N ASP GA 432 40.03 -37.90 87.30
CA ASP GA 432 38.81 -37.87 88.08
C ASP GA 432 39.13 -37.32 89.45
N PRO GA 433 38.75 -36.08 89.77
CA PRO GA 433 39.04 -35.57 91.11
C PRO GA 433 38.24 -36.29 92.17
N PHE GA 434 38.90 -36.58 93.29
CA PHE GA 434 38.25 -37.31 94.37
C PHE GA 434 37.47 -36.42 95.30
N ASP GA 435 37.44 -35.13 95.03
CA ASP GA 435 36.58 -34.19 95.72
C ASP GA 435 35.21 -34.12 95.07
N GLY GA 436 34.94 -35.02 94.12
CA GLY GA 436 33.85 -34.80 93.20
C GLY GA 436 34.22 -33.64 92.30
N SER GA 437 33.40 -32.61 92.29
CA SER GA 437 33.63 -31.43 91.48
C SER GA 437 33.86 -31.82 90.03
N LEU GA 438 34.74 -31.10 89.34
CA LEU GA 438 34.96 -31.28 87.92
C LEU GA 438 36.34 -30.74 87.58
N ALA GA 439 36.82 -31.14 86.43
CA ALA GA 439 38.07 -30.61 85.90
C ALA GA 439 37.81 -30.00 84.55
N MET GA 440 38.36 -28.80 84.33
CA MET GA 440 38.22 -28.14 83.06
C MET GA 440 39.54 -27.50 82.67
N ASP GA 441 39.84 -27.52 81.37
CA ASP GA 441 40.98 -26.77 80.87
C ASP GA 441 40.87 -25.31 81.29
N HIS GA 442 39.78 -24.68 80.87
CA HIS GA 442 39.47 -23.31 81.29
C HIS GA 442 38.18 -23.32 82.08
N PRO GA 443 38.24 -23.19 83.40
CA PRO GA 443 37.04 -23.02 84.18
C PRO GA 443 36.51 -21.60 84.01
N PRO GA 444 35.46 -21.22 84.70
CA PRO GA 444 35.07 -19.81 84.71
C PRO GA 444 36.24 -18.95 85.15
N GLY GA 445 36.55 -17.94 84.35
CA GLY GA 445 37.63 -17.04 84.70
C GLY GA 445 37.28 -16.27 85.95
N THR GA 446 38.20 -16.24 86.91
CA THR GA 446 37.96 -15.52 88.14
C THR GA 446 37.83 -14.03 87.84
N ILE GA 447 36.79 -13.43 88.38
CA ILE GA 447 36.57 -11.99 88.23
C ILE GA 447 37.21 -11.29 89.40
N PHE GA 448 38.15 -10.41 89.11
CA PHE GA 448 38.88 -9.67 90.13
C PHE GA 448 38.36 -8.26 90.18
N ILE GA 449 38.42 -7.66 91.37
CA ILE GA 449 37.88 -6.33 91.57
C ILE GA 449 38.68 -5.63 92.67
N LYS GA 450 38.90 -4.34 92.49
CA LYS GA 450 39.76 -3.56 93.36
C LYS GA 450 39.17 -2.17 93.48
N MET GA 451 39.64 -1.41 94.45
CA MET GA 451 39.03 -0.14 94.82
C MET GA 451 39.65 1.09 94.19
N ALA GA 452 40.59 0.94 93.26
CA ALA GA 452 41.07 2.10 92.52
C ALA GA 452 41.68 3.16 93.43
N LYS GA 453 42.93 2.95 93.86
CA LYS GA 453 43.56 3.80 94.85
C LYS GA 453 43.39 5.27 94.51
N ILE GA 454 42.90 6.03 95.48
CA ILE GA 454 42.77 7.47 95.34
C ILE GA 454 43.76 8.08 96.33
N PRO GA 455 44.87 8.62 95.87
CA PRO GA 455 45.89 9.11 96.79
C PRO GA 455 45.51 10.48 97.33
N VAL GA 456 46.33 10.96 98.26
CA VAL GA 456 46.08 12.25 98.88
C VAL GA 456 47.44 12.93 99.04
N PRO GA 457 47.53 14.24 98.89
CA PRO GA 457 48.83 14.90 98.90
C PRO GA 457 49.43 14.96 100.29
N SER GA 458 50.76 14.91 100.34
CA SER GA 458 51.48 15.04 101.59
C SER GA 458 52.87 15.61 101.30
N ASN GA 459 53.62 15.87 102.37
CA ASN GA 459 54.94 16.47 102.24
C ASN GA 459 56.02 15.44 101.96
N ASN GA 460 55.96 14.29 102.63
CA ASN GA 460 57.04 13.31 102.66
C ASN GA 460 57.68 12.92 101.29
N ASN GA 461 56.89 12.60 100.26
CA ASN GA 461 55.44 12.55 100.29
C ASN GA 461 54.94 11.12 100.38
N ALA GA 462 53.63 10.99 100.42
CA ALA GA 462 52.94 9.70 100.50
C ALA GA 462 53.44 8.90 101.74
N ASP GA 463 53.39 7.56 101.78
CA ASP GA 463 52.33 6.76 101.18
C ASP GA 463 51.03 6.99 101.93
N SER GA 464 50.03 7.46 101.21
CA SER GA 464 48.74 7.77 101.80
C SER GA 464 47.69 7.68 100.73
N TYR GA 465 46.47 7.36 101.14
CA TYR GA 465 45.40 7.13 100.20
C TYR GA 465 44.08 7.38 100.89
N LEU GA 466 43.03 7.51 100.10
CA LEU GA 466 41.72 7.82 100.61
C LEU GA 466 40.97 6.52 100.90
N ASN GA 467 40.28 6.46 102.03
CA ASN GA 467 39.69 5.23 102.53
C ASN GA 467 38.26 5.12 102.01
N ILE GA 468 38.02 4.15 101.14
CA ILE GA 468 36.71 3.97 100.50
C ILE GA 468 36.40 2.48 100.44
N TYR GA 469 35.16 2.17 100.08
CA TYR GA 469 34.77 0.81 99.79
C TYR GA 469 33.66 0.83 98.76
N CYS GA 470 33.49 -0.30 98.08
CA CYS GA 470 32.50 -0.42 97.03
C CYS GA 470 31.42 -1.37 97.48
N THR GA 471 30.24 -1.20 96.90
CA THR GA 471 29.11 -2.05 97.21
C THR GA 471 28.27 -2.17 95.96
N GLY GA 472 27.74 -3.35 95.70
CA GLY GA 472 27.01 -3.53 94.48
C GLY GA 472 26.39 -4.89 94.42
N GLN GA 473 25.94 -5.26 93.22
CA GLN GA 473 25.16 -6.47 93.04
C GLN GA 473 25.72 -7.30 91.92
N VAL GA 474 26.08 -8.53 92.21
CA VAL GA 474 26.47 -9.51 91.21
C VAL GA 474 25.25 -10.38 90.92
N SER GA 475 25.01 -10.66 89.66
CA SER GA 475 23.98 -11.61 89.28
C SER GA 475 24.66 -12.71 88.49
N CYS GA 476 24.73 -13.90 89.06
CA CYS GA 476 25.31 -15.04 88.37
C CYS GA 476 24.18 -15.90 87.86
N GLU GA 477 23.97 -15.91 86.56
CA GLU GA 477 22.90 -16.66 85.91
C GLU GA 477 23.55 -17.73 85.05
N ILE GA 478 23.39 -18.99 85.44
CA ILE GA 478 24.07 -20.09 84.76
C ILE GA 478 23.04 -21.07 84.25
N VAL GA 479 23.32 -21.62 83.08
CA VAL GA 479 22.43 -22.57 82.42
C VAL GA 479 23.03 -23.95 82.57
N TRP GA 480 22.18 -24.93 82.83
CA TRP GA 480 22.61 -26.29 83.13
C TRP GA 480 22.05 -27.21 82.06
N GLU GA 481 22.91 -27.85 81.29
CA GLU GA 481 22.46 -28.98 80.48
C GLU GA 481 21.99 -30.07 81.42
N VAL GA 482 20.78 -30.55 81.21
CA VAL GA 482 20.15 -31.45 82.15
C VAL GA 482 19.42 -32.54 81.36
N GLU GA 483 19.42 -33.76 81.90
CA GLU GA 483 18.80 -34.89 81.23
C GLU GA 483 17.90 -35.62 82.22
N ARG GA 484 16.71 -35.99 81.76
CA ARG GA 484 15.67 -36.51 82.63
C ARG GA 484 15.59 -38.03 82.49
N TYR GA 485 15.27 -38.70 83.60
CA TYR GA 485 15.44 -40.14 83.65
C TYR GA 485 14.15 -40.88 83.33
N ALA GA 486 14.30 -42.01 82.65
CA ALA GA 486 13.23 -42.96 82.45
C ALA GA 486 13.80 -44.35 82.72
N THR GA 487 13.00 -45.21 83.33
CA THR GA 487 13.51 -46.53 83.68
C THR GA 487 12.38 -47.53 83.68
N LYS GA 488 12.75 -48.80 83.55
CA LYS GA 488 11.80 -49.89 83.53
C LYS GA 488 11.60 -50.54 84.88
N ASN GA 489 12.23 -50.01 85.92
CA ASN GA 489 12.05 -50.58 87.25
C ASN GA 489 10.58 -50.50 87.65
N TRP GA 490 10.11 -51.56 88.29
CA TRP GA 490 8.74 -51.60 88.77
C TRP GA 490 8.58 -50.86 90.08
N ARG GA 491 9.59 -50.83 90.89
CA ARG GA 491 9.51 -50.41 92.28
C ARG GA 491 9.73 -48.92 92.47
N PRO GA 492 9.34 -48.38 93.62
CA PRO GA 492 9.31 -46.92 93.81
C PRO GA 492 10.65 -46.19 93.74
N GLU GA 493 11.79 -46.88 93.80
CA GLU GA 493 13.13 -46.24 93.88
C GLU GA 493 13.18 -45.36 95.13
N ARG GA 494 13.85 -44.22 95.07
CA ARG GA 494 14.16 -43.45 96.27
C ARG GA 494 14.24 -41.98 95.89
N ARG GA 495 13.86 -41.11 96.83
CA ARG GA 495 13.90 -39.68 96.61
C ARG GA 495 14.49 -39.03 97.85
N HIS GA 496 14.53 -37.71 97.86
CA HIS GA 496 14.97 -36.96 99.03
C HIS GA 496 13.77 -36.29 99.67
N THR GA 497 13.33 -36.84 100.78
CA THR GA 497 12.32 -36.23 101.62
C THR GA 497 12.95 -35.22 102.56
N THR GA 498 12.13 -34.29 103.04
CA THR GA 498 12.49 -33.55 104.23
C THR GA 498 12.62 -34.45 105.45
N PHE GA 499 12.09 -35.67 105.40
CA PHE GA 499 12.19 -36.50 106.59
C PHE GA 499 13.61 -36.91 106.91
N GLY GA 500 14.50 -36.89 105.93
CA GLY GA 500 15.91 -37.01 106.26
C GLY GA 500 16.40 -35.84 107.09
N LEU GA 501 15.75 -34.69 106.94
CA LEU GA 501 16.11 -33.49 107.66
C LEU GA 501 15.66 -33.60 109.12
N GLY GA 502 16.22 -32.73 109.96
CA GLY GA 502 15.89 -32.76 111.38
C GLY GA 502 15.89 -31.37 111.95
N ILE GA 503 15.28 -31.25 113.14
CA ILE GA 503 14.96 -29.98 113.76
C ILE GA 503 16.19 -29.44 114.47
N GLY GA 504 16.34 -28.11 114.50
CA GLY GA 504 17.49 -27.54 115.16
C GLY GA 504 17.39 -26.03 115.33
N GLY GA 505 18.35 -25.50 116.07
CA GLY GA 505 18.57 -24.08 116.29
C GLY GA 505 17.81 -23.54 117.49
N ALA GA 506 18.43 -22.58 118.18
CA ALA GA 506 17.86 -21.90 119.35
C ALA GA 506 17.16 -22.86 120.30
N ASP GA 507 15.96 -22.46 120.74
CA ASP GA 507 14.99 -23.45 121.16
C ASP GA 507 14.62 -24.26 119.93
N ASN GA 508 14.51 -25.58 120.09
CA ASN GA 508 14.71 -26.50 118.97
C ASN GA 508 13.91 -26.11 117.73
N LEU GA 509 12.88 -25.30 117.88
CA LEU GA 509 11.96 -24.96 116.81
C LEU GA 509 12.69 -24.48 115.56
N ASN GA 510 12.04 -24.72 114.42
CA ASN GA 510 12.41 -24.59 113.01
C ASN GA 510 13.21 -25.82 112.62
N PRO GA 511 13.00 -26.37 111.43
CA PRO GA 511 13.61 -27.68 111.15
C PRO GA 511 15.07 -27.67 110.79
N THR GA 512 15.40 -27.28 109.56
CA THR GA 512 16.78 -27.37 109.11
C THR GA 512 17.19 -26.22 108.20
N TYR GA 513 16.64 -26.16 107.00
CA TYR GA 513 16.92 -25.01 106.16
C TYR GA 513 15.85 -23.98 106.43
N HIS GA 514 16.20 -22.99 107.25
CA HIS GA 514 15.21 -22.11 107.81
C HIS GA 514 15.90 -21.17 108.78
N VAL GA 515 15.23 -20.08 109.09
CA VAL GA 515 15.79 -19.06 109.97
C VAL GA 515 15.55 -19.40 111.45
N ASP GA 516 16.42 -18.87 112.30
CA ASP GA 516 16.31 -18.93 113.75
C ASP GA 516 15.49 -17.72 114.24
N LYS GA 517 15.50 -17.43 115.53
CA LYS GA 517 14.57 -16.42 116.04
C LYS GA 517 14.89 -14.91 116.31
N ASN GA 518 16.10 -14.32 116.37
CA ASN GA 518 17.48 -14.82 116.43
C ASN GA 518 18.04 -15.10 115.06
N GLY GA 519 17.27 -14.80 114.01
CA GLY GA 519 17.38 -15.56 112.79
C GLY GA 519 18.77 -15.75 112.26
N THR GA 520 19.13 -17.03 112.25
CA THR GA 520 20.39 -17.54 111.73
C THR GA 520 20.03 -18.83 111.02
N TYR GA 521 20.36 -18.91 109.75
CA TYR GA 521 20.01 -20.03 108.92
C TYR GA 521 20.54 -21.32 109.55
N ILE GA 522 19.64 -22.26 109.83
CA ILE GA 522 20.06 -23.47 110.53
C ILE GA 522 20.85 -24.35 109.58
N GLN GA 523 21.94 -24.80 110.02
CA GLN GA 523 22.71 -25.57 109.06
C GLN GA 523 22.32 -27.04 109.12
N PRO GA 524 22.38 -27.70 107.97
CA PRO GA 524 22.13 -29.15 107.94
C PRO GA 524 23.22 -29.90 108.68
N THR GA 525 22.80 -30.84 109.53
CA THR GA 525 23.71 -31.59 110.39
C THR GA 525 23.82 -33.02 109.88
N THR GA 526 25.05 -33.46 109.69
CA THR GA 526 25.60 -34.61 108.95
C THR GA 526 25.21 -34.66 107.46
N TRP GA 527 25.29 -35.86 106.89
CA TRP GA 527 25.49 -35.96 105.44
C TRP GA 527 24.18 -36.01 104.68
N ASP GA 528 23.21 -36.78 105.17
CA ASP GA 528 21.96 -36.97 104.44
C ASP GA 528 21.15 -35.70 104.30
N MET GA 529 21.28 -34.78 105.26
CA MET GA 529 20.60 -33.50 105.20
C MET GA 529 20.83 -32.85 103.84
N CYS GA 530 22.06 -32.43 103.58
CA CYS GA 530 22.47 -32.11 102.22
C CYS GA 530 22.16 -33.31 101.34
N PHE GA 531 21.45 -33.09 100.25
CA PHE GA 531 20.91 -34.24 99.53
C PHE GA 531 21.85 -34.61 98.40
N PRO GA 532 22.61 -35.70 98.53
CA PRO GA 532 23.63 -36.00 97.53
C PRO GA 532 22.99 -36.60 96.29
N VAL GA 533 23.54 -36.27 95.13
CA VAL GA 533 23.18 -37.02 93.95
C VAL GA 533 23.85 -38.39 94.05
N LYS GA 534 23.38 -39.32 93.22
CA LYS GA 534 23.93 -40.66 93.02
C LYS GA 534 23.37 -41.62 94.07
N THR GA 535 22.60 -41.15 95.03
CA THR GA 535 21.90 -42.02 95.96
C THR GA 535 20.49 -42.34 95.49
N ASN GA 536 20.07 -41.85 94.34
CA ASN GA 536 18.71 -42.01 93.88
C ASN GA 536 18.69 -42.63 92.49
N ILE GA 537 17.46 -42.74 91.97
CA ILE GA 537 17.15 -43.38 90.70
C ILE GA 537 17.74 -44.79 90.72
N ASN GA 538 18.11 -45.29 89.56
CA ASN GA 538 18.84 -46.55 89.39
C ASN GA 538 19.41 -46.55 87.98
N LYS GA 539 20.39 -47.40 87.73
CA LYS GA 539 20.84 -47.65 86.38
C LYS GA 539 21.17 -49.12 86.22
N VAL GA 540 20.66 -49.72 85.15
CA VAL GA 540 21.19 -51.01 84.74
C VAL GA 540 22.60 -50.79 84.21
N LEU GA 541 23.54 -51.53 84.78
CA LEU GA 541 24.92 -51.39 84.35
C LEU GA 541 25.13 -52.00 82.98
N GLY HA 34 70.53 -29.11 31.96
CA GLY HA 34 71.16 -30.30 31.42
C GLY HA 34 70.96 -31.54 32.24
N SER HA 35 71.57 -32.65 31.81
CA SER HA 35 71.45 -33.91 32.51
C SER HA 35 72.66 -34.78 32.18
N GLY HA 36 72.88 -35.80 33.00
CA GLY HA 36 73.95 -36.74 32.79
C GLY HA 36 75.15 -36.47 33.67
N VAL HA 37 76.17 -37.29 33.48
CA VAL HA 37 77.43 -37.10 34.20
C VAL HA 37 78.01 -35.74 33.85
N GLY HA 38 78.62 -35.08 34.83
CA GLY HA 38 79.19 -33.77 34.62
C GLY HA 38 78.24 -32.63 34.89
N ILE HA 39 77.01 -32.91 35.29
CA ILE HA 39 76.03 -31.90 35.64
C ILE HA 39 75.54 -32.24 37.04
N SER HA 40 75.83 -31.37 38.00
CA SER HA 40 75.44 -31.65 39.37
C SER HA 40 73.93 -31.64 39.50
N THR HA 41 73.40 -32.52 40.34
CA THR HA 41 71.95 -32.66 40.41
C THR HA 41 71.33 -31.59 41.30
N GLY HA 42 71.93 -31.34 42.45
CA GLY HA 42 71.42 -30.32 43.36
C GLY HA 42 72.57 -29.72 44.12
N GLY HA 43 72.31 -28.56 44.71
CA GLY HA 43 73.31 -27.81 45.43
C GLY HA 43 73.22 -27.99 46.94
N TRP HA 44 74.17 -27.39 47.63
CA TRP HA 44 74.21 -27.42 49.08
C TRP HA 44 73.08 -26.58 49.66
N VAL HA 45 72.67 -26.92 50.88
CA VAL HA 45 71.51 -26.31 51.51
C VAL HA 45 71.76 -26.20 53.01
N GLY HA 46 71.19 -25.18 53.64
CA GLY HA 46 71.22 -25.09 55.08
C GLY HA 46 70.84 -23.69 55.55
N GLY HA 47 71.01 -23.47 56.86
CA GLY HA 47 70.98 -22.14 57.45
C GLY HA 47 69.75 -21.79 58.27
N SER HA 48 68.83 -22.72 58.44
CA SER HA 48 67.55 -22.54 59.12
C SER HA 48 66.69 -21.37 58.65
N TYR HA 49 65.73 -20.94 59.47
CA TYR HA 49 64.79 -19.92 59.02
C TYR HA 49 64.22 -19.02 60.12
N PHE HA 50 63.40 -19.60 61.00
CA PHE HA 50 62.74 -18.91 62.12
C PHE HA 50 61.70 -17.84 61.81
N THR HA 51 60.50 -18.26 61.44
CA THR HA 51 59.29 -17.44 61.49
C THR HA 51 58.45 -17.83 62.69
N ASP HA 52 57.69 -16.87 63.22
CA ASP HA 52 56.85 -17.08 64.40
C ASP HA 52 56.01 -18.34 64.34
N SER HA 53 55.44 -18.64 63.18
CA SER HA 53 54.57 -19.81 63.06
C SER HA 53 55.35 -21.10 62.87
N TYR HA 54 56.50 -21.06 62.23
CA TYR HA 54 57.23 -22.29 61.94
C TYR HA 54 58.70 -21.99 61.76
N VAL HA 55 59.51 -23.03 61.92
CA VAL HA 55 60.96 -22.97 61.76
C VAL HA 55 61.36 -24.01 60.74
N ILE HA 56 62.08 -23.60 59.70
CA ILE HA 56 62.57 -24.48 58.67
C ILE HA 56 64.06 -24.67 58.86
N THR HA 57 64.47 -25.87 59.26
CA THR HA 57 65.88 -26.20 59.39
C THR HA 57 66.32 -26.98 58.18
N LYS HA 58 67.43 -26.58 57.58
CA LYS HA 58 67.96 -27.20 56.38
C LYS HA 58 69.37 -27.68 56.68
N ASN HA 59 69.71 -28.86 56.18
CA ASN HA 59 71.02 -29.43 56.43
C ASN HA 59 71.44 -30.23 55.22
N THR HA 60 72.75 -30.41 55.06
CA THR HA 60 73.30 -31.16 53.96
C THR HA 60 74.55 -31.87 54.45
N ARG HA 61 74.83 -33.05 53.90
CA ARG HA 61 75.92 -33.88 54.39
C ARG HA 61 76.68 -34.49 53.22
N GLN HA 62 77.81 -35.09 53.56
CA GLN HA 62 78.56 -35.92 52.65
C GLN HA 62 78.64 -37.30 53.29
N PHE HA 63 78.23 -38.33 52.57
CA PHE HA 63 78.15 -39.66 53.14
C PHE HA 63 78.89 -40.65 52.25
N LEU HA 64 79.14 -41.84 52.78
CA LEU HA 64 79.65 -42.90 51.94
C LEU HA 64 79.12 -44.26 52.38
N VAL HA 65 78.86 -45.11 51.39
CA VAL HA 65 78.35 -46.46 51.60
C VAL HA 65 79.49 -47.42 51.30
N LYS HA 66 79.76 -48.34 52.23
CA LYS HA 66 81.02 -49.06 52.27
C LYS HA 66 80.96 -50.49 51.70
N ILE HA 67 79.80 -50.97 51.26
CA ILE HA 67 79.60 -52.40 51.01
C ILE HA 67 79.84 -53.18 52.29
N GLN HA 68 78.88 -53.14 53.21
CA GLN HA 68 79.01 -53.95 54.42
C GLN HA 68 78.61 -55.39 54.17
N ASN HA 69 79.32 -56.30 54.83
CA ASN HA 69 78.89 -57.70 54.97
C ASN HA 69 78.89 -58.44 53.65
N ASN HA 70 79.90 -58.21 52.82
CA ASN HA 70 79.90 -58.64 51.42
C ASN HA 70 78.57 -58.13 50.87
N HIS HA 71 77.87 -58.88 50.02
CA HIS HA 71 76.46 -58.58 49.81
C HIS HA 71 75.54 -59.59 50.47
N GLN HA 72 76.10 -60.65 51.06
CA GLN HA 72 75.30 -61.64 51.74
C GLN HA 72 74.91 -61.16 53.13
N TYR HA 73 73.89 -61.81 53.69
CA TYR HA 73 73.22 -61.46 54.94
C TYR HA 73 73.89 -62.03 56.19
N LYS HA 74 73.98 -63.35 56.29
CA LYS HA 74 74.34 -64.09 57.49
C LYS HA 74 73.40 -63.82 58.65
N THR HA 75 73.89 -64.05 59.87
CA THR HA 75 73.09 -63.91 61.08
C THR HA 75 73.93 -63.23 62.16
N GLU HA 76 75.10 -63.82 62.44
CA GLU HA 76 76.22 -63.28 63.20
C GLU HA 76 76.24 -63.52 64.71
N LEU HA 77 75.10 -63.88 65.32
CA LEU HA 77 75.06 -64.35 66.71
C LEU HA 77 76.02 -63.54 67.59
N ILE HA 78 75.67 -62.28 67.84
CA ILE HA 78 76.68 -61.27 68.15
C ILE HA 78 77.57 -61.65 69.33
N SER HA 79 77.08 -61.47 70.55
CA SER HA 79 77.70 -61.88 71.81
C SER HA 79 79.04 -61.22 72.06
N PRO HA 80 79.41 -61.00 73.30
CA PRO HA 80 80.83 -61.06 73.67
C PRO HA 80 81.12 -62.43 74.27
N SER HA 81 82.37 -62.69 74.64
CA SER HA 81 82.63 -63.87 75.48
C SER HA 81 83.71 -63.61 76.54
N THR HA 82 83.43 -63.77 77.84
CA THR HA 82 82.13 -63.69 78.56
C THR HA 82 80.88 -64.36 77.94
N SER HA 83 81.01 -65.65 77.64
CA SER HA 83 79.92 -66.41 77.03
C SER HA 83 78.64 -66.35 77.86
N GLN HA 84 78.72 -65.96 79.13
CA GLN HA 84 77.53 -65.76 79.94
C GLN HA 84 76.63 -64.64 79.41
N GLY HA 85 77.10 -63.86 78.45
CA GLY HA 85 76.33 -62.73 77.96
C GLY HA 85 75.05 -63.15 77.26
N LYS HA 86 74.32 -62.14 76.80
CA LYS HA 86 73.03 -62.39 76.17
C LYS HA 86 73.18 -63.13 74.86
N SER HA 87 74.13 -62.71 74.03
CA SER HA 87 74.46 -63.40 72.78
C SER HA 87 73.28 -63.39 71.81
N GLN HA 88 72.70 -62.21 71.61
CA GLN HA 88 71.63 -62.08 70.64
C GLN HA 88 72.13 -62.47 69.25
N ARG HA 89 71.27 -63.18 68.51
CA ARG HA 89 71.72 -63.73 67.23
C ARG HA 89 71.70 -62.69 66.12
N CYS HA 90 70.70 -61.82 66.15
CA CYS HA 90 70.48 -60.79 65.14
C CYS HA 90 70.46 -61.28 63.70
N VAL HA 91 70.68 -60.36 62.77
CA VAL HA 91 70.81 -60.61 61.34
C VAL HA 91 71.62 -59.45 60.78
N SER HA 92 72.51 -59.73 59.86
CA SER HA 92 73.24 -58.65 59.20
C SER HA 92 72.76 -58.58 57.76
N THR HA 93 72.82 -57.40 57.17
CA THR HA 93 72.36 -57.19 55.82
C THR HA 93 73.39 -56.37 55.06
N PRO HA 94 73.40 -56.45 53.73
CA PRO HA 94 74.28 -55.57 52.95
C PRO HA 94 73.89 -54.12 53.03
N TRP HA 95 72.70 -53.82 53.52
CA TRP HA 95 72.16 -52.47 53.46
C TRP HA 95 72.73 -51.58 54.54
N SER HA 96 72.78 -50.29 54.24
CA SER HA 96 73.07 -49.24 55.19
C SER HA 96 71.88 -48.30 55.20
N TYR HA 97 71.77 -47.48 56.25
CA TYR HA 97 70.58 -46.66 56.37
C TYR HA 97 70.93 -45.28 56.89
N PHE HA 98 70.05 -44.33 56.59
CA PHE HA 98 70.15 -42.97 57.07
C PHE HA 98 69.33 -42.81 58.34
N ASN HA 99 70.00 -42.43 59.42
CA ASN HA 99 69.33 -42.11 60.68
C ASN HA 99 69.34 -40.60 60.84
N PHE HA 100 68.18 -39.98 60.74
CA PHE HA 100 68.05 -38.54 60.91
C PHE HA 100 67.60 -38.15 62.30
N ASN HA 101 67.48 -39.09 63.23
CA ASN HA 101 66.75 -38.84 64.47
C ASN HA 101 67.72 -38.34 65.53
N GLN HA 102 67.66 -37.04 65.79
CA GLN HA 102 68.32 -36.35 66.88
C GLN HA 102 68.06 -34.86 66.67
N TYR HA 103 68.15 -34.09 67.74
CA TYR HA 103 67.98 -32.65 67.57
C TYR HA 103 69.29 -31.99 67.15
N SER HA 104 70.40 -32.39 67.74
CA SER HA 104 71.67 -31.73 67.45
C SER HA 104 72.07 -31.87 66.01
N SER HA 105 71.43 -32.74 65.25
CA SER HA 105 71.73 -32.84 63.83
C SER HA 105 71.09 -31.72 63.05
N HIS HA 106 69.87 -31.34 63.42
CA HIS HA 106 69.10 -30.38 62.65
C HIS HA 106 69.21 -28.95 63.17
N PHE HA 107 69.81 -28.74 64.34
CA PHE HA 107 69.86 -27.43 64.95
C PHE HA 107 71.28 -27.08 65.34
N SER HA 108 71.76 -25.95 64.87
CA SER HA 108 73.02 -25.44 65.37
C SER HA 108 72.85 -25.04 66.82
N PRO HA 109 73.93 -24.97 67.57
CA PRO HA 109 73.81 -24.51 68.95
C PRO HA 109 73.17 -23.15 69.10
N GLN HA 110 73.18 -22.32 68.06
CA GLN HA 110 72.39 -21.10 68.12
C GLN HA 110 70.94 -21.28 67.68
N ASP HA 111 70.68 -22.05 66.62
CA ASP HA 111 69.30 -22.28 66.23
C ASP HA 111 68.52 -22.91 67.36
N TRP HA 112 68.97 -24.04 67.87
CA TRP HA 112 68.63 -24.44 69.22
C TRP HA 112 69.11 -23.33 70.13
N GLN HA 113 68.34 -23.02 71.16
CA GLN HA 113 68.49 -21.83 72.01
C GLN HA 113 67.91 -20.59 71.36
N ARG HA 114 67.70 -20.57 70.05
CA ARG HA 114 66.81 -19.55 69.55
C ARG HA 114 65.37 -19.97 69.69
N LEU HA 115 65.07 -21.25 69.47
CA LEU HA 115 63.72 -21.72 69.78
C LEU HA 115 63.53 -22.05 71.24
N THR HA 116 64.55 -22.58 71.90
CA THR HA 116 64.42 -22.91 73.30
C THR HA 116 64.15 -21.66 74.12
N ASN HA 117 64.72 -20.54 73.72
CA ASN HA 117 64.45 -19.29 74.42
C ASN HA 117 63.14 -18.67 73.97
N GLU HA 118 62.85 -18.69 72.67
CA GLU HA 118 61.79 -17.84 72.13
C GLU HA 118 60.46 -18.52 71.93
N TYR HA 119 60.32 -19.82 72.22
CA TYR HA 119 59.07 -20.49 71.89
C TYR HA 119 58.59 -21.41 73.00
N LYS HA 120 57.26 -21.50 73.13
CA LYS HA 120 56.66 -22.44 74.09
C LYS HA 120 56.89 -23.87 73.67
N ARG HA 121 56.58 -24.19 72.42
CA ARG HA 121 56.46 -25.58 72.04
C ARG HA 121 56.74 -25.70 70.56
N PHE HA 122 57.14 -26.89 70.16
CA PHE HA 122 57.43 -27.14 68.76
C PHE HA 122 57.27 -28.62 68.49
N ARG HA 123 56.91 -28.94 67.26
CA ARG HA 123 56.91 -30.33 66.81
C ARG HA 123 57.28 -30.30 65.35
N PRO HA 124 57.96 -31.32 64.86
CA PRO HA 124 58.27 -31.35 63.42
C PRO HA 124 57.00 -31.54 62.61
N LYS HA 125 56.80 -30.65 61.65
CA LYS HA 125 55.63 -30.71 60.80
C LYS HA 125 55.83 -31.66 59.62
N GLY HA 126 56.99 -31.60 58.98
CA GLY HA 126 57.24 -32.38 57.79
C GLY HA 126 58.73 -32.55 57.60
N MET HA 127 59.08 -33.36 56.61
CA MET HA 127 60.47 -33.69 56.36
C MET HA 127 60.65 -33.96 54.88
N HIS HA 128 61.77 -33.50 54.33
CA HIS HA 128 62.04 -33.64 52.91
C HIS HA 128 63.51 -33.99 52.76
N VAL HA 129 63.80 -35.12 52.13
CA VAL HA 129 65.15 -35.64 52.04
C VAL HA 129 65.50 -35.82 50.57
N LYS HA 130 66.73 -35.46 50.21
CA LYS HA 130 67.18 -35.56 48.83
C LYS HA 130 68.56 -36.19 48.79
N ILE HA 131 68.67 -37.31 48.09
CA ILE HA 131 69.96 -37.89 47.76
C ILE HA 131 70.35 -37.33 46.40
N TYR HA 132 71.59 -36.90 46.26
CA TYR HA 132 72.03 -36.36 44.98
C TYR HA 132 73.55 -36.29 44.97
N ASN HA 133 74.09 -35.87 43.84
CA ASN HA 133 75.53 -35.76 43.64
C ASN HA 133 76.25 -37.05 44.01
N LEU HA 134 75.78 -38.15 43.47
CA LEU HA 134 76.33 -39.45 43.81
C LEU HA 134 77.64 -39.69 43.07
N GLN HA 135 78.49 -40.52 43.66
CA GLN HA 135 79.78 -40.87 43.07
C GLN HA 135 80.10 -42.31 43.41
N ILE HA 136 80.56 -43.08 42.43
CA ILE HA 136 80.98 -44.46 42.66
C ILE HA 136 82.46 -44.52 42.31
N LYS HA 137 83.30 -44.78 43.30
CA LYS HA 137 84.72 -44.54 43.11
C LYS HA 137 85.59 -45.77 42.85
N GLN HA 138 85.06 -46.98 42.91
CA GLN HA 138 85.80 -48.16 42.44
C GLN HA 138 87.15 -48.29 43.15
N ILE HA 139 87.12 -48.75 44.40
CA ILE HA 139 88.36 -49.02 45.13
C ILE HA 139 89.23 -50.00 44.34
N LEU HA 140 90.52 -49.70 44.28
CA LEU HA 140 91.51 -50.64 43.77
C LEU HA 140 92.64 -50.79 44.78
N SER HA 141 93.26 -51.97 44.76
CA SER HA 141 94.42 -52.25 45.58
C SER HA 141 95.46 -52.97 44.75
N ASN HA 142 96.63 -52.36 44.61
CA ASN HA 142 97.79 -52.99 44.00
C ASN HA 142 98.65 -53.68 45.04
N GLY HA 143 98.17 -53.73 46.27
CA GLY HA 143 98.96 -54.07 47.44
C GLY HA 143 99.40 -52.79 48.11
N ALA HA 144 99.40 -52.80 49.44
CA ALA HA 144 99.56 -51.60 50.27
C ALA HA 144 98.60 -50.54 49.75
N ASP HA 145 98.96 -49.25 49.74
CA ASP HA 145 98.37 -48.15 49.00
C ASP HA 145 96.85 -48.16 48.91
N THR HA 146 96.33 -47.71 47.76
CA THR HA 146 95.00 -47.84 47.19
C THR HA 146 94.94 -46.92 45.98
N THR HA 147 93.97 -47.12 45.10
CA THR HA 147 93.69 -46.17 44.04
C THR HA 147 92.19 -46.14 43.81
N TYR HA 148 91.70 -45.01 43.34
CA TYR HA 148 90.28 -44.80 43.11
C TYR HA 148 90.13 -44.30 41.68
N ASN HA 149 89.54 -45.12 40.80
CA ASN HA 149 89.51 -44.77 39.39
C ASN HA 149 88.29 -43.94 39.06
N ASN HA 150 87.56 -43.52 40.08
CA ASN HA 150 86.17 -43.10 39.94
C ASN HA 150 85.45 -44.27 39.32
N ASP HA 151 84.42 -44.00 38.53
CA ASP HA 151 83.67 -45.05 37.85
C ASP HA 151 82.49 -44.38 37.16
N LEU HA 152 81.95 -45.06 36.17
CA LEU HA 152 80.66 -44.75 35.63
C LEU HA 152 79.97 -46.09 35.41
N THR HA 153 78.76 -46.06 34.88
CA THR HA 153 77.97 -47.25 34.67
C THR HA 153 77.93 -48.12 35.92
N ALA HA 154 77.75 -47.51 37.07
CA ALA HA 154 77.56 -48.20 38.34
C ALA HA 154 76.33 -47.64 39.01
N GLY HA 155 75.86 -48.31 40.06
CA GLY HA 155 74.55 -48.02 40.60
C GLY HA 155 74.52 -48.14 42.11
N VAL HA 156 73.46 -47.57 42.67
CA VAL HA 156 73.23 -47.54 44.10
C VAL HA 156 71.75 -47.78 44.34
N HIS HA 157 71.44 -48.75 45.19
CA HIS HA 157 70.07 -49.03 45.57
C HIS HA 157 69.66 -48.07 46.68
N ILE HA 158 68.47 -47.51 46.56
CA ILE HA 158 67.93 -46.61 47.58
C ILE HA 158 66.49 -46.99 47.82
N PHE HA 159 66.17 -47.30 49.07
CA PHE HA 159 64.86 -47.82 49.44
C PHE HA 159 64.36 -47.09 50.67
N CYS HA 160 63.07 -46.78 50.69
CA CYS HA 160 62.45 -46.10 51.81
C CYS HA 160 61.25 -46.90 52.29
N ASP HA 161 60.93 -46.77 53.58
CA ASP HA 161 59.76 -47.42 54.17
C ASP HA 161 58.64 -46.41 54.35
N GLY HA 162 57.59 -46.52 53.54
CA GLY HA 162 56.40 -45.76 53.83
C GLY HA 162 55.43 -46.55 54.67
N GLU HA 163 55.50 -47.87 54.58
CA GLU HA 163 54.61 -48.74 55.31
C GLU HA 163 55.17 -49.15 56.66
N HIS HA 164 56.46 -48.92 56.90
CA HIS HA 164 57.18 -49.44 58.05
C HIS HA 164 57.06 -50.94 58.17
N ALA HA 165 56.86 -51.65 57.07
CA ALA HA 165 57.30 -53.03 57.01
C ALA HA 165 58.81 -53.05 57.14
N TYR HA 166 59.35 -54.19 57.52
CA TYR HA 166 60.76 -54.39 57.83
C TYR HA 166 61.09 -53.90 59.24
N PRO HA 167 62.09 -54.50 59.86
CA PRO HA 167 62.33 -54.29 61.30
C PRO HA 167 62.78 -52.90 61.73
N ASN HA 168 63.04 -51.96 60.81
CA ASN HA 168 63.33 -50.55 61.09
C ASN HA 168 64.42 -50.32 62.14
N ALA HA 169 65.68 -50.41 61.70
CA ALA HA 169 66.84 -50.35 62.59
C ALA HA 169 66.76 -49.23 63.61
N THR HA 170 66.25 -48.06 63.23
CA THR HA 170 66.40 -46.87 64.05
C THR HA 170 65.90 -47.11 65.46
N HIS HA 171 66.76 -46.84 66.42
CA HIS HA 171 66.51 -46.85 67.85
C HIS HA 171 66.88 -45.46 68.36
N PRO HA 172 66.15 -44.92 69.33
CA PRO HA 172 66.33 -43.49 69.66
C PRO HA 172 67.76 -43.06 69.90
N TRP HA 173 68.52 -43.75 70.72
CA TRP HA 173 69.83 -43.21 71.10
C TRP HA 173 70.87 -43.62 70.08
N ASP HA 174 71.24 -44.90 70.08
CA ASP HA 174 72.19 -45.45 69.11
C ASP HA 174 73.42 -44.56 69.08
N GLU HA 175 73.89 -44.17 67.90
CA GLU HA 175 75.13 -43.45 67.69
C GLU HA 175 74.81 -42.53 66.53
N ASP HA 176 75.85 -41.96 65.92
CA ASP HA 176 75.81 -41.51 64.52
C ASP HA 176 74.65 -40.52 64.34
N VAL HA 177 73.58 -40.90 63.64
CA VAL HA 177 72.59 -39.98 63.10
C VAL HA 177 73.39 -39.09 62.17
N MET HA 178 73.00 -37.84 62.02
CA MET HA 178 73.82 -36.95 61.24
C MET HA 178 74.89 -36.37 62.14
N PRO HA 179 76.09 -36.10 61.64
CA PRO HA 179 77.05 -35.41 62.48
C PRO HA 179 76.49 -34.04 62.81
N GLU HA 180 76.48 -33.69 64.09
CA GLU HA 180 75.89 -32.42 64.50
C GLU HA 180 76.51 -31.26 63.76
N LEU HA 181 77.70 -31.47 63.20
CA LEU HA 181 78.50 -30.44 62.58
C LEU HA 181 78.55 -30.71 61.09
N PRO HA 182 78.13 -29.81 60.20
CA PRO HA 182 78.24 -30.10 58.76
C PRO HA 182 79.70 -30.21 58.33
N TYR HA 183 79.95 -30.34 57.04
CA TYR HA 183 81.29 -30.51 56.47
C TYR HA 183 81.96 -31.77 57.00
N GLN HA 184 81.34 -32.41 57.98
CA GLN HA 184 81.86 -33.63 58.56
C GLN HA 184 81.21 -34.80 57.83
N THR HA 185 82.03 -35.59 57.16
CA THR HA 185 81.49 -36.67 56.35
C THR HA 185 80.73 -37.67 57.22
N TRP HA 186 79.67 -38.23 56.66
CA TRP HA 186 78.75 -39.04 57.44
C TRP HA 186 78.85 -40.49 57.00
N TYR HA 187 79.43 -41.33 57.83
CA TYR HA 187 79.58 -42.74 57.53
C TYR HA 187 78.32 -43.48 57.93
N LEU HA 188 77.72 -44.17 56.98
CA LEU HA 188 76.52 -44.95 57.24
C LEU HA 188 76.87 -46.22 58.01
N PHE HA 189 75.84 -46.80 58.62
CA PHE HA 189 75.99 -47.98 59.44
C PHE HA 189 75.12 -49.11 58.89
N GLN HA 190 75.60 -50.33 59.10
CA GLN HA 190 74.96 -51.50 58.53
C GLN HA 190 73.58 -51.72 59.14
N TYR HA 191 72.65 -52.18 58.31
CA TYR HA 191 71.31 -52.49 58.78
C TYR HA 191 71.24 -53.92 59.27
N GLY HA 192 70.68 -54.10 60.46
CA GLY HA 192 70.50 -55.42 61.02
C GLY HA 192 69.29 -55.42 61.91
N TYR HA 193 68.87 -56.61 62.32
CA TYR HA 193 67.71 -56.70 63.18
C TYR HA 193 67.73 -58.01 63.94
N ILE HA 194 67.03 -58.03 65.06
CA ILE HA 194 66.89 -59.24 65.87
C ILE HA 194 65.71 -60.04 65.34
N PRO HA 195 65.93 -61.20 64.71
CA PRO HA 195 64.77 -62.01 64.31
C PRO HA 195 64.02 -62.57 65.49
N VAL HA 196 64.71 -63.14 66.47
CA VAL HA 196 64.11 -63.75 67.65
C VAL HA 196 65.13 -63.76 68.77
N ILE HA 197 64.63 -63.74 70.02
CA ILE HA 197 65.49 -63.89 71.19
C ILE HA 197 66.36 -65.12 71.02
N HIS HA 198 67.67 -64.96 71.24
CA HIS HA 198 68.58 -66.07 71.00
C HIS HA 198 68.31 -67.23 71.95
N GLU HA 199 68.31 -66.96 73.25
CA GLU HA 199 67.74 -67.93 74.16
C GLU HA 199 66.28 -68.10 73.80
N LEU HA 200 65.68 -69.23 74.18
CA LEU HA 200 64.36 -69.58 73.67
C LEU HA 200 64.41 -69.78 72.17
N ALA HA 201 64.81 -70.99 71.75
CA ALA HA 201 65.37 -71.38 70.45
C ALA HA 201 66.88 -71.55 70.44
N GLU HA 202 67.54 -71.46 71.59
CA GLU HA 202 68.99 -71.73 71.62
C GLU HA 202 69.46 -73.01 70.89
N MET HA 203 68.81 -74.17 71.01
CA MET HA 203 67.78 -74.54 71.96
C MET HA 203 68.28 -75.76 72.72
N GLU HA 204 67.74 -76.02 73.91
CA GLU HA 204 68.30 -77.07 74.74
C GLU HA 204 67.56 -78.39 74.56
N ASP HA 205 68.23 -79.33 73.89
CA ASP HA 205 67.78 -80.72 73.75
C ASP HA 205 66.31 -80.78 73.34
N SER HA 206 65.58 -81.76 73.90
CA SER HA 206 64.12 -81.76 73.92
C SER HA 206 63.56 -81.36 72.50
N ASN HA 207 62.77 -80.31 72.21
CA ASN HA 207 62.06 -79.38 73.09
C ASN HA 207 60.63 -79.18 72.60
N ALA HA 208 60.54 -78.66 71.38
CA ALA HA 208 59.32 -78.43 70.62
C ALA HA 208 58.59 -77.17 71.08
N VAL HA 209 58.91 -76.69 72.27
CA VAL HA 209 58.46 -75.35 72.67
C VAL HA 209 59.43 -74.29 72.14
N GLU HA 210 60.74 -74.59 72.18
CA GLU HA 210 61.70 -73.70 71.54
C GLU HA 210 61.96 -74.10 70.09
N LYS HA 211 61.52 -75.29 69.69
CA LYS HA 211 61.55 -75.62 68.27
C LYS HA 211 60.62 -74.69 67.51
N ALA HA 212 59.37 -74.62 67.93
CA ALA HA 212 58.59 -73.44 67.60
C ALA HA 212 59.23 -72.22 68.25
N ILE HA 213 59.02 -71.07 67.63
CA ILE HA 213 59.70 -69.81 67.92
C ILE HA 213 61.10 -69.83 67.30
N CYS HA 214 61.65 -71.02 67.09
CA CYS HA 214 62.79 -71.12 66.19
C CYS HA 214 62.36 -71.28 64.75
N LEU HA 215 61.34 -72.09 64.52
CA LEU HA 215 60.80 -72.25 63.17
C LEU HA 215 60.12 -70.97 62.71
N GLN HA 216 59.59 -70.18 63.63
CA GLN HA 216 58.79 -69.05 63.23
C GLN HA 216 59.61 -67.78 63.05
N ILE HA 217 60.93 -67.85 63.19
CA ILE HA 217 61.70 -66.61 63.13
C ILE HA 217 61.51 -66.06 61.72
N PRO HA 218 61.04 -64.84 61.57
CA PRO HA 218 60.86 -64.27 60.24
C PRO HA 218 62.19 -63.85 59.67
N PHE HA 219 62.26 -63.84 58.35
CA PHE HA 219 63.46 -63.42 57.64
C PHE HA 219 63.07 -62.37 56.63
N PHE HA 220 63.54 -61.15 56.85
CA PHE HA 220 63.18 -60.01 56.04
C PHE HA 220 64.33 -59.67 55.11
N MET HA 221 63.98 -59.22 53.92
CA MET HA 221 64.94 -58.90 52.89
C MET HA 221 64.49 -57.62 52.22
N LEU HA 222 65.42 -56.72 51.98
CA LEU HA 222 65.06 -55.47 51.37
C LEU HA 222 64.99 -55.55 49.86
N GLU HA 223 65.17 -56.75 49.29
CA GLU HA 223 65.10 -56.84 47.85
C GLU HA 223 63.65 -56.84 47.42
N ASN HA 224 62.93 -57.97 47.57
CA ASN HA 224 61.49 -57.94 47.85
C ASN HA 224 60.81 -56.74 47.23
N SER HA 225 60.22 -55.89 48.07
CA SER HA 225 59.59 -54.66 47.59
C SER HA 225 60.56 -53.84 46.76
N ASP HA 226 60.03 -53.24 45.70
CA ASP HA 226 60.87 -52.56 44.72
C ASP HA 226 61.48 -51.29 45.27
N HIS HA 227 62.58 -50.86 44.66
CA HIS HA 227 63.28 -49.66 45.05
C HIS HA 227 64.10 -49.16 43.88
N GLU HA 228 64.56 -47.92 44.00
CA GLU HA 228 65.24 -47.27 42.90
C GLU HA 228 66.73 -47.56 42.93
N VAL HA 229 67.31 -47.73 41.75
CA VAL HA 229 68.75 -47.76 41.57
C VAL HA 229 69.12 -46.44 40.91
N LEU HA 230 70.31 -45.93 41.21
CA LEU HA 230 70.74 -44.64 40.70
C LEU HA 230 72.15 -44.75 40.19
N ARG HA 231 72.38 -44.30 38.97
CA ARG HA 231 73.75 -44.02 38.57
C ARG HA 231 74.10 -42.62 39.07
N THR HA 232 75.24 -42.09 38.61
CA THR HA 232 75.70 -40.80 39.09
C THR HA 232 74.70 -39.68 38.80
N GLY HA 233 74.35 -39.47 37.54
CA GLY HA 233 73.56 -38.30 37.18
C GLY HA 233 72.20 -38.24 37.83
N GLU HA 234 71.66 -39.36 38.28
CA GLU HA 234 70.34 -39.40 38.88
C GLU HA 234 70.37 -39.00 40.34
N SER HA 235 69.21 -38.55 40.83
CA SER HA 235 69.00 -38.27 42.25
C SER HA 235 67.65 -38.84 42.68
N THR HA 236 67.30 -38.59 43.95
CA THR HA 236 66.05 -39.07 44.49
C THR HA 236 65.60 -38.13 45.60
N GLU HA 237 64.28 -37.97 45.73
CA GLU HA 237 63.68 -37.20 46.80
C GLU HA 237 62.79 -38.09 47.64
N PHE HA 238 62.61 -37.72 48.90
CA PHE HA 238 61.65 -38.37 49.77
C PHE HA 238 60.99 -37.31 50.64
N THR HA 239 59.70 -37.48 50.89
CA THR HA 239 58.97 -36.59 51.77
C THR HA 239 58.38 -37.38 52.92
N PHE HA 240 58.07 -36.67 54.00
CA PHE HA 240 57.47 -37.28 55.16
C PHE HA 240 56.55 -36.27 55.82
N ASN HA 241 55.46 -36.76 56.39
CA ASN HA 241 54.56 -35.94 57.17
C ASN HA 241 54.42 -36.59 58.53
N PHE HA 242 54.17 -35.77 59.55
CA PHE HA 242 54.19 -36.24 60.93
C PHE HA 242 52.83 -36.01 61.57
N ASP HA 243 52.22 -37.07 62.07
CA ASP HA 243 51.20 -36.97 63.08
C ASP HA 243 51.94 -37.10 64.41
N CYS HA 244 52.03 -35.99 65.14
CA CYS HA 244 53.07 -35.86 66.14
C CYS HA 244 52.58 -34.99 67.29
N GLU HA 245 53.03 -35.33 68.49
CA GLU HA 245 52.69 -34.57 69.68
C GLU HA 245 53.67 -33.44 69.90
N TRP HA 246 53.17 -32.31 70.38
CA TRP HA 246 54.04 -31.20 70.72
C TRP HA 246 55.03 -31.61 71.80
N ILE HA 247 56.21 -31.03 71.75
CA ILE HA 247 57.14 -31.06 72.88
C ILE HA 247 57.19 -29.66 73.46
N ASN HA 248 56.94 -29.55 74.75
CA ASN HA 248 56.66 -28.26 75.36
C ASN HA 248 57.88 -27.73 76.08
N ASN HA 249 58.28 -26.52 75.73
CA ASN HA 249 59.29 -25.78 76.47
C ASN HA 249 58.55 -24.77 77.33
N GLU HA 250 58.52 -25.04 78.63
CA GLU HA 250 57.69 -24.35 79.61
C GLU HA 250 58.09 -24.89 80.96
N ARG HA 251 57.76 -24.13 82.00
CA ARG HA 251 58.19 -24.44 83.34
C ARG HA 251 57.06 -24.14 84.31
N ALA HA 252 56.79 -25.08 85.20
CA ALA HA 252 55.84 -24.86 86.28
C ALA HA 252 56.62 -24.33 87.47
N TYR HA 253 56.28 -23.13 87.90
CA TYR HA 253 56.96 -22.52 89.03
C TYR HA 253 56.51 -23.08 90.37
N ILE HA 254 55.41 -23.81 90.39
CA ILE HA 254 54.93 -24.47 91.60
C ILE HA 254 54.41 -25.85 91.26
N PRO HA 255 54.39 -26.76 92.23
CA PRO HA 255 53.73 -28.04 92.02
C PRO HA 255 52.26 -27.83 91.72
N PRO HA 256 51.62 -28.78 91.05
CA PRO HA 256 50.18 -28.61 90.77
C PRO HA 256 49.33 -28.61 92.01
N GLY HA 257 49.77 -29.27 93.07
CA GLY HA 257 49.02 -29.26 94.31
C GLY HA 257 49.20 -28.02 95.15
N LEU HA 258 50.07 -27.11 94.72
CA LEU HA 258 50.36 -25.90 95.46
C LEU HA 258 49.52 -24.73 94.98
N MET HA 259 48.56 -24.97 94.10
CA MET HA 259 47.73 -23.91 93.53
C MET HA 259 46.52 -23.69 94.42
N PHE HA 260 46.50 -22.57 95.11
CA PHE HA 260 45.37 -22.17 95.94
C PHE HA 260 45.70 -20.82 96.55
N ASN HA 261 44.68 -20.13 97.02
CA ASN HA 261 44.89 -18.89 97.73
C ASN HA 261 45.08 -19.20 99.20
N PRO HA 262 46.30 -19.10 99.72
CA PRO HA 262 46.53 -19.49 101.12
C PRO HA 262 45.93 -18.53 102.10
N LEU HA 263 45.56 -17.33 101.66
CA LEU HA 263 44.91 -16.38 102.56
C LEU HA 263 43.53 -16.85 102.95
N VAL HA 264 42.79 -17.41 102.00
CA VAL HA 264 41.39 -17.74 102.26
C VAL HA 264 41.30 -19.00 103.11
N PRO HA 265 40.48 -19.01 104.17
CA PRO HA 265 40.31 -20.25 104.93
C PRO HA 265 39.61 -21.30 104.09
N THR HA 266 39.73 -22.55 104.54
CA THR HA 266 39.15 -23.67 103.81
C THR HA 266 38.06 -24.32 104.65
N ARG HA 267 37.06 -24.87 103.98
CA ARG HA 267 36.09 -25.71 104.65
C ARG HA 267 36.41 -27.17 104.42
N ARG HA 268 37.00 -27.79 105.43
CA ARG HA 268 37.50 -29.16 105.39
C ARG HA 268 37.98 -29.49 106.78
N ALA HA 269 38.18 -30.76 107.08
CA ALA HA 269 38.61 -31.13 108.42
C ALA HA 269 39.55 -32.33 108.35
N GLN HA 270 40.36 -32.45 109.38
CA GLN HA 270 41.34 -33.53 109.51
C GLN HA 270 40.99 -34.32 110.76
N TYR HA 271 40.55 -35.55 110.59
CA TYR HA 271 40.49 -36.49 111.70
C TYR HA 271 41.83 -37.19 111.75
N ILE HA 272 42.39 -37.33 112.93
CA ILE HA 272 43.67 -37.99 113.11
C ILE HA 272 43.49 -39.11 114.12
N ARG HA 273 43.86 -40.32 113.73
CA ARG HA 273 43.66 -41.49 114.57
C ARG HA 273 44.48 -41.37 115.86
N ARG HA 274 44.03 -42.08 116.89
CA ARG HA 274 44.82 -42.24 118.10
C ARG HA 274 46.22 -42.70 117.75
N ASN HA 275 47.22 -42.05 118.33
CA ASN HA 275 48.59 -42.23 117.85
C ASN HA 275 49.18 -43.54 118.33
N ASN HA 276 48.71 -44.07 119.46
CA ASN HA 276 49.19 -45.34 120.00
C ASN HA 276 50.71 -45.33 120.13
N ASN HA 277 51.19 -44.58 121.12
CA ASN HA 277 52.58 -44.16 121.28
C ASN HA 277 52.87 -43.12 120.20
N PRO HA 278 53.70 -42.11 120.51
CA PRO HA 278 54.04 -41.70 121.88
C PRO HA 278 52.85 -41.21 122.72
N GLN HA 279 52.02 -40.35 122.12
CA GLN HA 279 51.07 -39.54 122.89
C GLN HA 279 50.09 -38.90 121.92
N THR HA 280 49.32 -37.90 122.37
CA THR HA 280 48.41 -37.12 121.53
C THR HA 280 47.27 -37.94 120.98
N ALA HA 281 46.27 -38.19 121.82
CA ALA HA 281 45.07 -38.92 121.42
C ALA HA 281 44.31 -38.17 120.32
N GLU HA 282 43.45 -38.92 119.64
CA GLU HA 282 42.83 -38.47 118.39
C GLU HA 282 42.10 -37.14 118.58
N SER HA 283 42.11 -36.34 117.52
CA SER HA 283 41.40 -35.07 117.49
C SER HA 283 41.05 -34.72 116.06
N THR HA 284 39.95 -34.00 115.88
CA THR HA 284 39.57 -33.43 114.60
C THR HA 284 39.79 -31.92 114.62
N SER HA 285 40.14 -31.37 113.46
CA SER HA 285 40.46 -29.96 113.38
C SER HA 285 40.27 -29.48 111.96
N ARG HA 286 40.11 -28.17 111.81
CA ARG HA 286 39.98 -27.58 110.49
C ARG HA 286 41.35 -27.45 109.85
N ILE HA 287 41.40 -27.69 108.54
CA ILE HA 287 42.65 -27.57 107.81
C ILE HA 287 43.06 -26.11 107.74
N ALA HA 288 44.34 -25.86 107.98
CA ALA HA 288 44.86 -24.50 108.01
C ALA HA 288 44.65 -23.82 106.66
N PRO HA 289 44.55 -22.50 106.65
CA PRO HA 289 44.33 -21.79 105.37
C PRO HA 289 45.44 -22.05 104.37
N TYR HA 290 46.68 -21.93 104.82
CA TYR HA 290 47.80 -22.44 104.05
C TYR HA 290 47.75 -23.96 104.06
N ALA HA 291 48.45 -24.58 103.11
CA ALA HA 291 48.59 -26.03 103.07
C ALA HA 291 47.22 -26.71 102.98
N LYS HA 292 46.44 -26.29 102.01
CA LYS HA 292 45.19 -26.96 101.75
C LYS HA 292 45.44 -28.27 101.03
N PRO HA 293 44.58 -29.27 101.23
CA PRO HA 293 44.75 -30.54 100.54
C PRO HA 293 44.58 -30.37 99.04
N THR HA 294 45.03 -31.37 98.31
CA THR HA 294 44.99 -31.30 96.86
C THR HA 294 44.53 -32.61 96.26
N SER HA 295 44.02 -32.51 95.05
CA SER HA 295 44.00 -33.58 94.08
C SER HA 295 45.37 -33.66 93.42
N TRP HA 296 45.41 -34.30 92.26
CA TRP HA 296 46.60 -34.18 91.43
C TRP HA 296 47.81 -34.84 92.06
N MET HA 297 47.79 -36.16 92.00
CA MET HA 297 48.82 -37.10 92.37
C MET HA 297 50.07 -36.89 91.50
N THR HA 298 51.20 -37.35 92.01
CA THR HA 298 52.46 -37.25 91.29
C THR HA 298 52.52 -38.28 90.16
N GLY HA 299 53.35 -38.00 89.17
CA GLY HA 299 53.55 -38.90 88.07
C GLY HA 299 54.19 -40.19 88.49
N PRO HA 300 54.02 -41.23 87.69
CA PRO HA 300 54.50 -42.56 88.08
C PRO HA 300 55.99 -42.74 87.88
N GLY HA 301 56.56 -43.64 88.65
CA GLY HA 301 57.95 -44.02 88.52
C GLY HA 301 58.18 -45.36 89.15
N LEU HA 302 59.35 -45.94 88.92
CA LEU HA 302 59.77 -47.15 89.60
C LEU HA 302 61.16 -46.91 90.18
N LEU HA 303 61.23 -46.76 91.51
CA LEU HA 303 62.48 -46.46 92.18
C LEU HA 303 63.10 -47.61 92.96
N SER HA 304 62.48 -48.77 93.05
CA SER HA 304 62.95 -49.75 94.04
C SER HA 304 64.16 -50.53 93.54
N ALA HA 305 64.19 -50.86 92.26
CA ALA HA 305 65.14 -51.79 91.69
C ALA HA 305 66.55 -51.22 91.68
N GLN HA 306 67.53 -52.10 91.49
CA GLN HA 306 68.92 -51.73 91.30
C GLN HA 306 69.50 -52.53 90.14
N ARG HA 307 70.34 -51.88 89.34
CA ARG HA 307 70.96 -52.57 88.23
C ARG HA 307 71.74 -53.78 88.71
N VAL HA 308 71.70 -54.86 87.93
CA VAL HA 308 72.08 -56.18 88.39
C VAL HA 308 73.28 -56.68 87.61
N GLY HA 309 74.40 -56.81 88.30
CA GLY HA 309 75.52 -57.58 87.81
C GLY HA 309 76.49 -56.79 86.97
N PRO HA 310 77.38 -57.49 86.26
CA PRO HA 310 78.46 -56.82 85.54
C PRO HA 310 77.95 -56.16 84.27
N ALA HA 311 78.72 -55.19 83.80
CA ALA HA 311 78.42 -54.53 82.54
C ALA HA 311 78.61 -55.52 81.39
N THR HA 312 78.00 -55.19 80.24
CA THR HA 312 77.89 -55.97 79.02
C THR HA 312 76.88 -57.10 79.19
N SER HA 313 76.33 -57.30 80.39
CA SER HA 313 75.30 -58.30 80.63
C SER HA 313 73.89 -57.71 80.55
N ASP HA 314 73.75 -56.46 80.10
CA ASP HA 314 72.46 -55.77 80.06
C ASP HA 314 71.88 -55.60 81.46
N THR HA 315 72.45 -54.70 82.24
CA THR HA 315 71.91 -54.41 83.55
C THR HA 315 70.92 -53.26 83.44
N GLY HA 316 69.63 -53.57 83.55
CA GLY HA 316 68.62 -52.54 83.41
C GLY HA 316 67.92 -52.13 84.67
N ALA HA 317 68.07 -52.93 85.72
CA ALA HA 317 67.36 -52.90 87.00
C ALA HA 317 65.90 -53.30 86.83
N TRP HA 318 65.34 -53.26 85.62
CA TRP HA 318 64.02 -53.79 85.33
C TRP HA 318 64.13 -54.51 84.01
N MET HA 319 63.91 -55.82 84.01
CA MET HA 319 63.95 -56.61 82.80
C MET HA 319 62.52 -57.00 82.45
N VAL HA 320 62.13 -56.74 81.20
CA VAL HA 320 60.77 -57.06 80.78
C VAL HA 320 60.64 -58.53 80.44
N ALA HA 321 61.61 -59.07 79.72
CA ALA HA 321 61.65 -60.47 79.29
C ALA HA 321 60.36 -60.99 78.66
N VAL HA 322 60.15 -62.31 78.76
CA VAL HA 322 58.97 -62.98 78.25
C VAL HA 322 58.51 -64.08 79.20
N LYS HA 323 59.35 -65.09 79.37
CA LYS HA 323 59.02 -66.30 80.12
C LYS HA 323 57.81 -67.06 79.56
N PRO HA 324 57.95 -67.69 78.39
CA PRO HA 324 56.96 -68.68 77.99
C PRO HA 324 56.94 -69.83 78.98
N GLU HA 325 55.83 -70.58 78.97
CA GLU HA 325 55.50 -71.42 80.11
C GLU HA 325 56.53 -72.53 80.31
N ASN HA 326 56.97 -73.17 79.22
CA ASN HA 326 58.02 -74.17 79.37
C ASN HA 326 59.36 -73.64 78.89
N ALA HA 327 59.55 -73.62 77.58
CA ALA HA 327 60.78 -73.20 76.91
C ALA HA 327 61.97 -73.90 77.57
N SER HA 328 63.08 -73.19 77.66
CA SER HA 328 64.18 -73.50 78.57
C SER HA 328 65.00 -72.24 78.68
N ILE HA 329 65.73 -72.11 79.79
CA ILE HA 329 66.46 -70.88 80.04
C ILE HA 329 67.79 -71.21 80.68
N ASP HA 330 68.83 -70.55 80.21
CA ASP HA 330 70.18 -70.64 80.77
C ASP HA 330 70.23 -69.78 82.03
N THR HA 331 71.43 -69.50 82.54
CA THR HA 331 71.56 -68.49 83.56
C THR HA 331 70.85 -67.22 83.11
N GLY HA 332 70.07 -66.62 83.99
CA GLY HA 332 69.18 -65.56 83.61
C GLY HA 332 67.71 -65.93 83.67
N MET HA 333 66.76 -64.98 83.65
CA MET HA 333 66.91 -63.50 83.62
C MET HA 333 67.95 -62.98 82.62
N SER HA 334 68.94 -62.22 83.10
CA SER HA 334 70.08 -61.79 82.29
C SER HA 334 69.62 -61.00 81.01
N GLY HA 335 69.78 -61.42 79.74
CA GLY HA 335 69.92 -62.77 79.20
C GLY HA 335 68.64 -63.19 78.48
N ILE HA 336 67.53 -62.57 78.90
CA ILE HA 336 66.29 -62.57 78.12
C ILE HA 336 65.65 -61.21 78.35
N GLY HA 337 64.96 -60.74 77.33
CA GLY HA 337 64.30 -59.44 77.42
C GLY HA 337 65.27 -58.28 77.54
N SER HA 338 64.68 -57.12 77.82
CA SER HA 338 65.39 -55.86 77.71
C SER HA 338 65.33 -55.12 79.03
N GLY HA 339 66.38 -54.35 79.31
CA GLY HA 339 66.35 -53.48 80.48
C GLY HA 339 65.48 -52.26 80.22
N PHE HA 340 64.71 -51.88 81.23
CA PHE HA 340 63.85 -50.70 81.15
C PHE HA 340 64.58 -49.52 81.76
N ASP HA 341 64.76 -48.48 80.96
CA ASP HA 341 65.61 -47.37 81.35
C ASP HA 341 65.08 -46.05 80.78
N PRO HA 342 65.15 -44.96 81.55
CA PRO HA 342 65.23 -44.86 83.01
C PRO HA 342 63.90 -45.05 83.72
N PRO HA 343 63.83 -45.93 84.71
CA PRO HA 343 62.89 -45.72 85.80
C PRO HA 343 63.51 -44.90 86.94
N GLN HA 344 62.86 -43.94 87.62
CA GLN HA 344 61.92 -42.96 87.09
C GLN HA 344 60.71 -43.56 86.32
N GLY HA 345 60.12 -42.98 85.26
CA GLY HA 345 60.19 -41.60 84.80
C GLY HA 345 59.67 -40.61 85.82
N SER HA 346 59.90 -39.33 85.56
CA SER HA 346 59.58 -38.27 86.51
C SER HA 346 60.18 -38.59 87.87
N LEU HA 347 59.43 -38.34 88.93
CA LEU HA 347 59.65 -38.93 90.25
C LEU HA 347 61.13 -38.90 90.63
N ALA HA 348 61.62 -37.73 91.04
CA ALA HA 348 63.05 -37.42 91.03
C ALA HA 348 63.87 -38.57 91.62
N PRO HA 349 64.94 -38.99 90.95
CA PRO HA 349 65.63 -40.23 91.32
C PRO HA 349 66.46 -40.09 92.59
N THR HA 350 66.83 -41.24 93.13
CA THR HA 350 67.65 -41.30 94.33
C THR HA 350 69.11 -41.03 94.00
N ASN HA 351 69.75 -41.93 93.27
CA ASN HA 351 71.15 -41.72 92.94
C ASN HA 351 71.37 -41.68 91.44
N LEU HA 352 72.64 -41.59 91.07
CA LEU HA 352 73.06 -41.46 89.68
C LEU HA 352 72.55 -42.60 88.82
N GLU HA 353 72.29 -43.75 89.45
CA GLU HA 353 71.97 -44.96 88.70
C GLU HA 353 70.73 -44.79 87.84
N TYR HA 354 69.81 -43.90 88.22
CA TYR HA 354 68.59 -43.65 87.48
C TYR HA 354 68.66 -42.41 86.60
N LYS HA 355 69.78 -41.71 86.57
CA LYS HA 355 69.83 -40.32 86.14
C LYS HA 355 70.07 -40.19 84.64
N ILE HA 356 69.97 -41.29 83.92
CA ILE HA 356 70.42 -41.47 82.54
C ILE HA 356 71.91 -41.17 82.49
N GLN HA 357 72.43 -40.85 81.31
CA GLN HA 357 73.82 -40.50 81.06
C GLN HA 357 74.03 -40.63 79.56
N TRP HA 358 75.04 -40.01 78.97
CA TRP HA 358 75.52 -40.42 77.65
C TRP HA 358 76.89 -39.84 77.41
N TYR HA 359 77.61 -40.41 76.46
CA TYR HA 359 78.99 -40.00 76.26
C TYR HA 359 79.16 -38.94 75.18
N GLN HA 360 78.11 -38.68 74.40
CA GLN HA 360 78.13 -37.70 73.31
C GLN HA 360 79.39 -37.77 72.47
N THR HA 361 79.93 -38.99 72.30
CA THR HA 361 81.19 -39.22 71.61
C THR HA 361 81.46 -40.71 71.57
N PRO HA 362 81.85 -41.26 70.42
CA PRO HA 362 82.23 -42.67 70.39
C PRO HA 362 83.53 -42.96 71.09
N GLN HA 363 84.43 -41.98 71.14
CA GLN HA 363 85.71 -42.18 71.82
C GLN HA 363 85.56 -42.17 73.34
N GLY HA 364 84.37 -41.88 73.84
CA GLY HA 364 84.17 -41.78 75.27
C GLY HA 364 84.46 -43.04 76.05
N THR HA 365 85.37 -42.94 77.01
CA THR HA 365 85.71 -44.06 77.88
C THR HA 365 84.73 -44.07 79.04
N ASN HA 366 85.02 -44.87 80.08
CA ASN HA 366 84.07 -45.00 81.18
C ASN HA 366 83.69 -43.65 81.78
N ASN HA 367 84.66 -42.90 82.26
CA ASN HA 367 84.44 -41.50 82.61
C ASN HA 367 85.28 -40.64 81.68
N ASN HA 368 84.61 -40.03 80.70
CA ASN HA 368 85.10 -39.11 79.69
C ASN HA 368 83.89 -38.82 78.83
N GLY HA 369 83.83 -37.70 78.14
CA GLY HA 369 82.55 -37.36 77.58
C GLY HA 369 81.59 -37.35 78.76
N ASN HA 370 80.60 -38.24 78.69
CA ASN HA 370 79.91 -38.70 79.90
C ASN HA 370 79.12 -37.58 80.57
N ILE HA 371 78.34 -36.85 79.80
CA ILE HA 371 77.51 -35.82 80.39
C ILE HA 371 76.27 -36.48 80.99
N ILE HA 372 75.91 -36.05 82.17
CA ILE HA 372 74.87 -36.71 82.96
C ILE HA 372 73.67 -35.80 83.05
N SER HA 373 72.48 -36.37 82.94
CA SER HA 373 71.27 -35.57 83.02
C SER HA 373 71.14 -34.96 84.41
N ASN HA 374 70.37 -33.88 84.49
CA ASN HA 374 70.25 -33.10 85.71
C ASN HA 374 68.80 -32.64 85.87
N GLN HA 375 68.48 -32.10 87.04
CA GLN HA 375 67.11 -31.66 87.26
C GLN HA 375 66.86 -30.33 86.57
N PRO HA 376 65.74 -30.19 85.87
CA PRO HA 376 65.44 -28.90 85.19
C PRO HA 376 65.15 -27.78 86.16
N LEU HA 377 64.89 -28.10 87.43
CA LEU HA 377 64.40 -27.21 88.46
C LEU HA 377 62.96 -26.81 88.20
N SER HA 378 62.36 -27.27 87.10
CA SER HA 378 60.91 -27.23 86.94
C SER HA 378 60.26 -28.01 88.05
N MET HA 379 59.08 -27.55 88.47
CA MET HA 379 58.45 -28.11 89.66
C MET HA 379 57.51 -29.27 89.35
N LEU HA 380 57.41 -29.72 88.11
CA LEU HA 380 56.36 -30.68 87.82
C LEU HA 380 56.54 -32.13 88.26
N ARG HA 381 57.42 -33.02 87.74
CA ARG HA 381 58.81 -32.98 87.22
C ARG HA 381 59.84 -33.28 88.33
N ASP HA 382 59.42 -33.30 89.59
CA ASP HA 382 60.30 -33.78 90.64
C ASP HA 382 59.62 -34.91 91.40
N GLN HA 383 58.51 -34.60 92.07
CA GLN HA 383 57.48 -35.59 92.39
C GLN HA 383 58.01 -36.74 93.23
N ALA HA 384 58.24 -36.45 94.51
CA ALA HA 384 58.35 -37.53 95.46
C ALA HA 384 56.96 -38.07 95.79
N LEU HA 385 56.93 -39.08 96.67
CA LEU HA 385 55.69 -39.48 97.30
C LEU HA 385 56.07 -40.18 98.61
N PHE HA 386 55.22 -40.02 99.62
CA PHE HA 386 55.64 -40.26 101.00
C PHE HA 386 54.81 -41.31 101.72
N ARG HA 387 53.50 -41.16 101.80
CA ARG HA 387 52.67 -42.14 102.52
C ARG HA 387 53.13 -42.16 103.98
N GLY HA 388 53.03 -43.31 104.65
CA GLY HA 388 53.55 -43.50 106.00
C GLY HA 388 53.05 -42.50 107.02
N ASN HA 389 53.63 -42.58 108.21
CA ASN HA 389 53.88 -43.84 108.88
C ASN HA 389 52.83 -43.91 109.98
N GLN HA 390 52.05 -42.84 110.05
CA GLN HA 390 51.30 -42.29 111.19
C GLN HA 390 52.22 -41.45 112.06
N THR HA 391 53.53 -41.51 111.85
CA THR HA 391 54.51 -40.75 112.60
C THR HA 391 55.43 -39.98 111.65
N THR HA 392 56.08 -40.69 110.73
CA THR HA 392 57.02 -40.10 109.78
C THR HA 392 56.54 -40.39 108.37
N TYR HA 393 56.93 -39.55 107.42
CA TYR HA 393 56.74 -39.86 106.01
C TYR HA 393 57.94 -40.64 105.50
N ASN HA 394 57.69 -41.63 104.65
CA ASN HA 394 58.74 -42.49 104.12
C ASN HA 394 58.61 -42.61 102.61
N LEU HA 395 59.59 -42.09 101.88
CA LEU HA 395 59.55 -42.13 100.42
C LEU HA 395 59.27 -43.54 99.92
N CYS HA 396 58.29 -43.66 99.03
CA CYS HA 396 57.77 -44.96 98.64
C CYS HA 396 58.24 -45.31 97.23
N SER HA 397 58.68 -46.55 97.07
CA SER HA 397 58.99 -47.14 95.78
C SER HA 397 57.71 -47.33 94.97
N ASP HA 398 57.89 -47.61 93.68
CA ASP HA 398 56.80 -47.72 92.72
C ASP HA 398 56.11 -46.38 92.55
N VAL HA 399 54.83 -46.27 92.88
CA VAL HA 399 53.91 -45.25 92.33
C VAL HA 399 53.60 -45.54 90.87
N TRP HA 400 52.70 -46.50 90.65
CA TRP HA 400 52.14 -46.83 89.35
C TRP HA 400 51.15 -45.77 88.91
N MET HA 401 50.45 -46.02 87.81
CA MET HA 401 49.47 -45.06 87.31
C MET HA 401 48.30 -44.92 88.26
N PHE HA 402 47.78 -43.71 88.35
CA PHE HA 402 46.71 -43.34 89.26
C PHE HA 402 45.91 -42.23 88.59
N PRO HA 403 44.59 -42.14 88.88
CA PRO HA 403 43.72 -41.27 88.07
C PRO HA 403 44.14 -39.81 87.97
N ASN HA 404 44.55 -39.18 89.05
CA ASN HA 404 44.77 -37.75 89.04
C ASN HA 404 46.19 -37.35 88.73
N GLN HA 405 47.03 -38.29 88.31
CA GLN HA 405 48.45 -38.00 88.20
C GLN HA 405 48.75 -36.95 87.15
N ILE HA 406 49.72 -36.09 87.47
CA ILE HA 406 50.36 -35.23 86.49
C ILE HA 406 51.86 -35.40 86.60
N TRP HA 407 52.51 -35.56 85.45
CA TRP HA 407 53.95 -35.50 85.38
C TRP HA 407 54.29 -34.66 84.17
N ASP HA 408 55.55 -34.27 84.08
CA ASP HA 408 56.02 -33.50 82.96
C ASP HA 408 56.96 -34.37 82.15
N ARG HA 409 56.76 -34.36 80.83
CA ARG HA 409 57.58 -35.18 79.97
C ARG HA 409 59.04 -34.76 80.12
N TYR HA 410 59.94 -35.70 79.87
CA TYR HA 410 61.35 -35.45 80.09
C TYR HA 410 61.79 -34.18 79.35
N PRO HA 411 62.56 -33.30 80.00
CA PRO HA 411 62.84 -31.98 79.42
C PRO HA 411 63.63 -32.01 78.14
N ILE HA 412 64.17 -33.17 77.79
CA ILE HA 412 65.11 -33.43 76.70
C ILE HA 412 66.25 -32.42 76.70
N THR HA 413 66.79 -32.14 75.52
CA THR HA 413 68.00 -31.32 75.32
C THR HA 413 68.37 -31.42 73.85
N ARG HA 414 69.43 -30.72 73.44
CA ARG HA 414 69.82 -30.76 72.04
C ARG HA 414 70.34 -32.12 71.61
N GLU HA 415 70.80 -32.95 72.54
CA GLU HA 415 71.43 -34.22 72.22
C GLU HA 415 70.45 -35.37 72.04
N ASN HA 416 69.18 -35.13 72.16
CA ASN HA 416 68.23 -36.23 72.27
C ASN HA 416 67.72 -36.67 70.92
N PRO HA 417 67.24 -37.90 70.83
CA PRO HA 417 66.49 -38.31 69.64
C PRO HA 417 65.16 -37.58 69.55
N ILE HA 418 64.78 -37.23 68.33
CA ILE HA 418 63.53 -36.51 68.12
C ILE HA 418 62.35 -37.42 68.39
N TRP HA 419 62.33 -38.60 67.76
CA TRP HA 419 61.19 -39.48 67.79
C TRP HA 419 61.62 -40.89 68.14
N CYS HA 420 60.61 -41.71 68.43
CA CYS HA 420 60.74 -43.14 68.62
C CYS HA 420 59.49 -43.78 68.06
N LYS HA 421 59.63 -44.97 67.48
CA LYS HA 421 58.47 -45.61 66.88
C LYS HA 421 57.66 -46.32 67.94
N LYS HA 422 56.36 -46.05 67.97
CA LYS HA 422 55.44 -46.74 68.87
C LYS HA 422 55.08 -48.08 68.23
N PRO HA 423 55.48 -49.19 68.83
CA PRO HA 423 55.21 -50.50 68.22
C PRO HA 423 53.73 -50.81 68.14
N ARG HA 424 53.34 -51.42 67.03
CA ARG HA 424 51.95 -51.77 66.78
C ARG HA 424 51.51 -52.87 67.72
N SER HA 425 50.44 -52.61 68.47
CA SER HA 425 49.92 -53.61 69.40
C SER HA 425 48.46 -53.28 69.66
N ASP HA 426 47.74 -54.28 70.17
CA ASP HA 426 46.32 -54.10 70.42
C ASP HA 426 46.09 -53.00 71.44
N LYS HA 427 46.69 -53.13 72.62
CA LYS HA 427 46.41 -52.24 73.73
C LYS HA 427 47.68 -51.56 74.20
N HIS HA 428 47.53 -50.35 74.71
CA HIS HA 428 48.65 -49.63 75.30
C HIS HA 428 48.11 -48.56 76.23
N THR HA 429 48.99 -48.09 77.11
CA THR HA 429 48.71 -47.00 78.03
C THR HA 429 49.13 -45.66 77.44
N THR HA 430 49.29 -44.64 78.30
CA THR HA 430 49.38 -43.25 77.85
C THR HA 430 50.44 -43.03 76.77
N ILE HA 431 51.48 -43.86 76.74
CA ILE HA 431 52.61 -43.71 75.81
C ILE HA 431 53.33 -42.39 76.03
N ASP HA 432 54.04 -42.27 77.15
CA ASP HA 432 55.01 -41.19 77.29
C ASP HA 432 56.39 -41.81 77.45
N PRO HA 433 57.25 -41.76 76.43
CA PRO HA 433 58.59 -42.34 76.59
C PRO HA 433 59.42 -41.55 77.59
N PHE HA 434 60.16 -42.27 78.42
CA PHE HA 434 60.97 -41.63 79.45
C PHE HA 434 62.32 -41.19 78.94
N ASP HA 435 62.60 -41.42 77.67
CA ASP HA 435 63.77 -40.88 77.01
C ASP HA 435 63.52 -39.48 76.48
N GLY HA 436 62.37 -38.90 76.83
CA GLY HA 436 61.88 -37.77 76.09
C GLY HA 436 61.45 -38.26 74.72
N SER HA 437 62.04 -37.68 73.68
CA SER HA 437 61.73 -38.05 72.31
C SER HA 437 60.23 -38.00 72.06
N LEU HA 438 59.72 -38.91 71.24
CA LEU HA 438 58.34 -38.88 70.82
C LEU HA 438 57.95 -40.29 70.39
N ALA HA 439 56.65 -40.52 70.31
CA ALA HA 439 56.13 -41.78 69.80
C ALA HA 439 55.23 -41.47 68.62
N MET HA 440 55.40 -42.23 67.54
CA MET HA 440 54.56 -42.06 66.37
C MET HA 440 54.18 -43.42 65.82
N ASP HA 441 52.95 -43.53 65.32
CA ASP HA 441 52.57 -44.73 64.59
C ASP HA 441 53.54 -45.00 63.46
N HIS HA 442 53.66 -44.03 62.55
CA HIS HA 442 54.64 -44.09 61.48
C HIS HA 442 55.62 -42.95 61.66
N PRO HA 443 56.83 -43.21 62.12
CA PRO HA 443 57.86 -42.19 62.14
C PRO HA 443 58.38 -41.97 60.72
N PRO HA 444 59.38 -41.13 60.54
CA PRO HA 444 60.03 -41.06 59.23
C PRO HA 444 60.52 -42.44 58.82
N GLY HA 445 60.14 -42.85 57.62
CA GLY HA 445 60.58 -44.14 57.12
C GLY HA 445 62.08 -44.13 56.92
N THR HA 446 62.74 -45.16 57.44
CA THR HA 446 64.19 -45.25 57.31
C THR HA 446 64.54 -45.41 55.83
N ILE HA 447 65.48 -44.61 55.37
CA ILE HA 447 65.97 -44.69 54.01
C ILE HA 447 67.16 -45.62 53.97
N PHE HA 448 67.05 -46.69 53.20
CA PHE HA 448 68.09 -47.69 53.09
C PHE HA 448 68.82 -47.50 51.77
N ILE HA 449 70.10 -47.85 51.77
CA ILE HA 449 70.93 -47.65 50.59
C ILE HA 449 72.01 -48.71 50.56
N LYS HA 450 72.32 -49.19 49.36
CA LYS HA 450 73.22 -50.31 49.16
C LYS HA 450 74.01 -50.06 47.89
N MET HA 451 75.08 -50.81 47.71
CA MET HA 451 76.05 -50.55 46.65
C MET HA 451 75.84 -51.33 45.37
N ALA HA 452 74.76 -52.08 45.23
CA ALA HA 452 74.46 -52.69 43.94
C ALA HA 452 75.56 -53.64 43.48
N LYS HA 453 75.58 -54.86 44.03
CA LYS HA 453 76.67 -55.79 43.78
C LYS HA 453 77.00 -55.89 42.31
N ILE HA 454 78.27 -55.71 41.98
CA ILE HA 454 78.75 -55.89 40.62
C ILE HA 454 79.67 -57.11 40.64
N PRO HA 455 79.23 -58.24 40.12
CA PRO HA 455 80.02 -59.46 40.23
C PRO HA 455 81.14 -59.46 39.18
N VAL HA 456 81.98 -60.48 39.27
CA VAL HA 456 83.10 -60.61 38.36
C VAL HA 456 83.22 -62.10 38.01
N PRO HA 457 83.60 -62.43 36.79
CA PRO HA 457 83.59 -63.85 36.39
C PRO HA 457 84.72 -64.63 37.03
N SER HA 458 84.46 -65.91 37.28
CA SER HA 458 85.47 -66.81 37.81
C SER HA 458 85.14 -68.23 37.37
N ASN HA 459 86.03 -69.16 37.70
CA ASN HA 459 85.87 -70.55 37.30
C ASN HA 459 84.98 -71.33 38.24
N ASN HA 460 85.13 -71.11 39.55
CA ASN HA 460 84.53 -71.95 40.59
C ASN HA 460 83.03 -72.29 40.43
N ASN HA 461 82.14 -71.32 40.16
CA ASN HA 461 82.46 -69.91 40.01
C ASN HA 461 82.08 -69.13 41.26
N ALA HA 462 82.34 -67.84 41.21
CA ALA HA 462 82.05 -66.91 42.30
C ALA HA 462 82.72 -67.38 43.61
N ASP HA 463 82.24 -67.05 44.81
CA ASP HA 463 81.61 -65.77 45.12
C ASP HA 463 82.65 -64.66 45.06
N SER HA 464 82.41 -63.70 44.18
CA SER HA 464 83.35 -62.60 43.99
C SER HA 464 82.57 -61.42 43.45
N TYR HA 465 83.08 -60.23 43.75
CA TYR HA 465 82.38 -59.01 43.40
C TYR HA 465 83.38 -57.89 43.29
N LEU HA 466 82.95 -56.79 42.68
CA LEU HA 466 83.81 -55.66 42.45
C LEU HA 466 83.71 -54.70 43.62
N ASN HA 467 84.84 -54.17 44.07
CA ASN HA 467 84.92 -53.40 45.30
C ASN HA 467 84.72 -51.92 44.97
N ILE HA 468 83.61 -51.36 45.42
CA ILE HA 468 83.25 -49.97 45.12
C ILE HA 468 82.67 -49.34 46.37
N TYR HA 469 82.49 -48.02 46.32
CA TYR HA 469 81.77 -47.31 47.37
C TYR HA 469 81.10 -46.10 46.74
N CYS HA 470 80.08 -45.60 47.42
CA CYS HA 470 79.31 -44.47 46.94
C CYS HA 470 79.56 -43.28 47.83
N THR HA 471 79.37 -42.10 47.27
CA THR HA 471 79.55 -40.87 48.00
C THR HA 471 78.57 -39.85 47.44
N GLY HA 472 77.98 -39.05 48.31
CA GLY HA 472 76.97 -38.14 47.84
C GLY HA 472 76.51 -37.24 48.94
N GLN HA 473 75.39 -36.56 48.68
CA GLN HA 473 74.93 -35.52 49.58
C GLN HA 473 73.46 -35.72 49.90
N VAL HA 474 73.16 -35.85 51.18
CA VAL HA 474 71.79 -35.87 51.67
C VAL HA 474 71.45 -34.47 52.15
N SER HA 475 70.26 -34.00 51.82
CA SER HA 475 69.77 -32.75 52.36
C SER HA 475 68.48 -33.06 53.09
N CYS HA 476 68.49 -32.94 54.40
CA CYS HA 476 67.30 -33.16 55.20
C CYS HA 476 66.75 -31.81 55.59
N GLU HA 477 65.62 -31.43 55.00
CA GLU HA 477 64.97 -30.15 55.24
C GLU HA 477 63.65 -30.42 55.91
N ILE HA 478 63.52 -30.05 57.18
CA ILE HA 478 62.34 -30.38 57.96
C ILE HA 478 61.71 -29.10 58.47
N VAL HA 479 60.38 -29.09 58.49
CA VAL HA 479 59.61 -27.94 58.93
C VAL HA 479 59.06 -28.23 60.31
N TRP HA 480 59.08 -27.23 61.17
CA TRP HA 480 58.71 -27.39 62.57
C TRP HA 480 57.51 -26.50 62.85
N GLU HA 481 56.39 -27.10 63.20
CA GLU HA 481 55.32 -26.30 63.80
C GLU HA 481 55.82 -25.74 65.11
N VAL HA 482 55.70 -24.43 65.28
CA VAL HA 482 56.31 -23.75 66.40
C VAL HA 482 55.33 -22.71 66.92
N GLU HA 483 55.32 -22.52 68.24
CA GLU HA 483 54.41 -21.58 68.87
C GLU HA 483 55.18 -20.69 69.83
N ARG HA 484 54.89 -19.39 69.79
CA ARG HA 484 55.68 -18.38 70.49
C ARG HA 484 54.97 -17.97 71.77
N TYR HA 485 55.75 -17.65 72.80
CA TYR HA 485 55.19 -17.51 74.13
C TYR HA 485 54.89 -16.06 74.46
N ALA HA 486 53.79 -15.87 75.19
CA ALA HA 486 53.47 -14.60 75.81
C ALA HA 486 53.03 -14.89 77.24
N THR HA 487 53.41 -14.01 78.16
CA THR HA 487 53.08 -14.26 79.56
C THR HA 487 52.92 -12.95 80.29
N LYS HA 488 52.22 -13.02 81.42
CA LYS HA 488 51.97 -11.86 82.24
C LYS HA 488 52.95 -11.71 83.38
N ASN HA 489 53.96 -12.57 83.45
CA ASN HA 489 54.95 -12.45 84.50
C ASN HA 489 55.65 -11.10 84.41
N TRP HA 490 55.91 -10.51 85.56
CA TRP HA 490 56.61 -9.23 85.61
C TRP HA 490 58.11 -9.42 85.49
N ARG HA 491 58.62 -10.52 85.96
CA ARG HA 491 60.05 -10.72 86.18
C ARG HA 491 60.76 -11.28 84.96
N PRO HA 492 62.09 -11.18 84.93
CA PRO HA 492 62.85 -11.48 83.70
C PRO HA 492 62.79 -12.94 83.21
N GLU HA 493 62.33 -13.89 84.01
CA GLU HA 493 62.36 -15.34 83.67
C GLU HA 493 63.82 -15.75 83.43
N ARG HA 494 64.08 -16.63 82.48
CA ARG HA 494 65.39 -17.26 82.35
C ARG HA 494 65.62 -17.61 80.89
N ARG HA 495 66.88 -17.56 80.48
CA ARG HA 495 67.26 -17.88 79.11
C ARG HA 495 68.49 -18.76 79.16
N HIS HA 496 69.02 -19.09 77.99
CA HIS HA 496 70.26 -19.84 77.89
C HIS HA 496 71.36 -18.91 77.40
N THR HA 497 72.22 -18.51 78.31
CA THR HA 497 73.44 -17.79 77.99
C THR HA 497 74.54 -18.75 77.58
N THR HA 498 75.52 -18.22 76.85
CA THR HA 498 76.80 -18.89 76.75
C THR HA 498 77.49 -18.99 78.10
N PHE HA 499 77.08 -18.20 79.09
CA PHE HA 499 77.79 -18.27 80.36
C PHE HA 499 77.60 -19.61 81.07
N GLY HA 500 76.54 -20.34 80.75
CA GLY HA 500 76.48 -21.72 81.19
C GLY HA 500 77.58 -22.56 80.58
N LEU HA 501 78.05 -22.16 79.40
CA LEU HA 501 79.10 -22.86 78.69
C LEU HA 501 80.45 -22.61 79.36
N GLY HA 502 81.43 -23.45 79.03
CA GLY HA 502 82.75 -23.32 79.62
C GLY HA 502 83.82 -23.69 78.63
N ILE HA 503 85.05 -23.30 78.96
CA ILE HA 503 86.18 -23.34 78.05
C ILE HA 503 86.77 -24.75 78.05
N GLY HA 504 87.29 -25.19 76.90
CA GLY HA 504 87.86 -26.52 76.84
C GLY HA 504 88.64 -26.77 75.55
N GLY HA 505 89.30 -27.92 75.53
CA GLY HA 505 90.01 -28.46 74.39
C GLY HA 505 91.46 -28.01 74.33
N ALA HA 506 92.33 -28.91 73.87
CA ALA HA 506 93.77 -28.67 73.68
C ALA HA 506 94.38 -27.91 74.85
N ASP HA 507 95.19 -26.90 74.52
CA ASP HA 507 95.38 -25.80 75.45
C ASP HA 507 94.04 -25.10 75.58
N ASN HA 508 93.67 -24.73 76.81
CA ASN HA 508 92.27 -24.57 77.17
C ASN HA 508 91.49 -23.72 76.17
N LEU HA 509 92.17 -22.91 75.37
CA LEU HA 509 91.55 -21.95 74.47
C LEU HA 509 90.47 -22.60 73.61
N ASN HA 510 89.50 -21.75 73.24
CA ASN HA 510 88.21 -21.95 72.56
C ASN HA 510 87.20 -22.40 73.61
N PRO HA 511 85.97 -21.92 73.55
CA PRO HA 511 85.07 -22.19 74.68
C PRO HA 511 84.43 -23.56 74.72
N THR HA 512 83.43 -23.79 73.88
CA THR HA 512 82.69 -25.05 73.97
C THR HA 512 82.24 -25.57 72.61
N TYR HA 513 81.33 -24.89 71.95
CA TYR HA 513 80.97 -25.30 70.61
C TYR HA 513 81.85 -24.52 69.65
N HIS HA 514 82.89 -25.19 69.17
CA HIS HA 514 83.97 -24.49 68.50
C HIS HA 514 85.06 -25.50 68.18
N VAL HA 515 85.93 -25.12 67.24
CA VAL HA 515 86.99 -26.02 66.81
C VAL HA 515 88.22 -25.91 67.71
N ASP HA 516 89.00 -26.98 67.72
CA ASP HA 516 90.29 -27.06 68.39
C ASP HA 516 91.39 -26.60 67.42
N LYS HA 517 92.65 -26.85 67.72
CA LYS HA 517 93.71 -26.23 66.91
C LYS HA 517 94.49 -26.91 65.72
N ASN HA 518 94.52 -28.22 65.39
CA ASN HA 518 94.07 -29.45 66.06
C ASN HA 518 92.62 -29.74 65.79
N GLY HA 519 91.97 -28.92 64.97
CA GLY HA 519 90.56 -28.69 65.12
C GLY HA 519 89.71 -29.92 65.26
N THR HA 520 89.12 -30.00 66.45
CA THR HA 520 88.17 -31.03 66.85
C THR HA 520 87.10 -30.30 67.64
N TYR HA 521 85.87 -30.44 67.21
CA TYR HA 521 84.76 -29.74 67.81
C TYR HA 521 84.69 -30.05 69.29
N ILE HA 522 84.76 -29.02 70.13
CA ILE HA 522 84.81 -29.26 71.57
C ILE HA 522 83.44 -29.70 72.05
N GLN HA 523 83.42 -30.71 72.80
CA GLN HA 523 82.09 -31.16 73.17
C GLN HA 523 81.64 -30.47 74.45
N PRO HA 524 80.34 -30.23 74.55
CA PRO HA 524 79.78 -29.66 75.79
C PRO HA 524 79.91 -30.65 76.94
N THR HA 525 80.38 -30.16 78.08
CA THR HA 525 80.65 -30.99 79.25
C THR HA 525 79.60 -30.72 80.32
N THR HA 526 78.99 -31.79 80.80
CA THR HA 526 77.76 -31.97 81.58
C THR HA 526 76.50 -31.38 80.92
N TRP HA 527 75.49 -31.12 81.75
CA TRP HA 527 74.11 -31.09 81.25
C TRP HA 527 73.70 -29.71 80.78
N ASP HA 528 74.04 -28.67 81.54
CA ASP HA 528 73.57 -27.33 81.22
C ASP HA 528 74.13 -26.81 79.91
N MET HA 529 75.33 -27.25 79.53
CA MET HA 529 75.93 -26.87 78.26
C MET HA 529 74.93 -27.05 77.12
N CYS HA 530 74.60 -28.30 76.82
CA CYS HA 530 73.43 -28.57 76.01
C CYS HA 530 72.23 -27.90 76.65
N PHE HA 531 71.50 -27.11 75.88
CA PHE HA 531 70.52 -26.24 76.51
C PHE HA 531 69.16 -26.91 76.48
N PRO HA 532 68.68 -27.43 77.62
CA PRO HA 532 67.45 -28.21 77.60
C PRO HA 532 66.24 -27.29 77.50
N VAL HA 533 65.22 -27.74 76.78
CA VAL HA 533 63.94 -27.07 76.89
C VAL HA 533 63.34 -27.43 78.24
N LYS HA 534 62.34 -26.66 78.65
CA LYS HA 534 61.51 -26.87 79.83
C LYS HA 534 62.17 -26.27 81.07
N THR HA 535 63.39 -25.76 80.95
CA THR HA 535 64.02 -25.02 82.03
C THR HA 535 63.77 -23.52 81.92
N ASN HA 536 63.04 -23.07 80.92
CA ASN HA 536 62.85 -21.66 80.68
C ASN HA 536 61.37 -21.31 80.63
N ILE HA 537 61.13 -20.03 80.32
CA ILE HA 537 59.81 -19.42 80.30
C ILE HA 537 59.14 -19.68 81.65
N ASN HA 538 57.81 -19.78 81.66
CA ASN HA 538 57.00 -20.18 82.79
C ASN HA 538 55.63 -20.54 82.27
N LYS HA 539 54.86 -21.27 83.05
CA LYS HA 539 53.46 -21.47 82.75
C LYS HA 539 52.66 -21.44 84.04
N VAL HA 540 51.58 -20.67 84.04
CA VAL HA 540 50.58 -20.85 85.09
C VAL HA 540 49.89 -22.19 84.86
N LEU HA 541 49.90 -23.02 85.89
CA LEU HA 541 49.28 -24.32 85.77
C LEU HA 541 47.77 -24.20 85.76
N GLY IA 34 74.68 -27.10 23.08
CA GLY IA 34 74.83 -28.35 23.81
C GLY IA 34 75.08 -28.17 25.29
N SER IA 35 75.29 -29.28 25.99
CA SER IA 35 75.53 -29.25 27.43
C SER IA 35 76.28 -30.51 27.83
N GLY IA 36 76.90 -30.47 28.99
CA GLY IA 36 77.61 -31.60 29.55
C GLY IA 36 79.11 -31.49 29.37
N VAL IA 37 79.80 -32.53 29.83
CA VAL IA 37 81.24 -32.60 29.64
C VAL IA 37 81.57 -32.58 28.15
N GLY IA 38 82.66 -31.92 27.81
CA GLY IA 38 83.07 -31.81 26.43
C GLY IA 38 82.50 -30.61 25.70
N ILE IA 39 81.71 -29.79 26.36
CA ILE IA 39 81.16 -28.58 25.79
C ILE IA 39 81.55 -27.44 26.72
N SER IA 40 82.38 -26.51 26.24
CA SER IA 40 82.84 -25.43 27.09
C SER IA 40 81.68 -24.53 27.45
N THR IA 41 81.69 -24.02 28.68
CA THR IA 41 80.54 -23.25 29.13
C THR IA 41 80.60 -21.80 28.64
N GLY IA 42 81.76 -21.18 28.71
CA GLY IA 42 81.91 -19.81 28.24
C GLY IA 42 83.32 -19.61 27.73
N GLY IA 43 83.50 -18.54 26.97
CA GLY IA 43 84.78 -18.24 26.34
C GLY IA 43 85.55 -17.17 27.08
N TRP IA 44 86.75 -16.92 26.59
CA TRP IA 44 87.61 -15.91 27.16
C TRP IA 44 87.07 -14.53 26.86
N VAL IA 45 87.42 -13.56 27.71
CA VAL IA 45 86.86 -12.21 27.65
C VAL IA 45 87.94 -11.22 28.05
N GLY IA 46 87.88 -10.02 27.49
CA GLY IA 46 88.75 -8.94 27.94
C GLY IA 46 88.77 -7.79 26.94
N GLY IA 47 89.68 -6.84 27.19
CA GLY IA 47 90.05 -5.82 26.22
C GLY IA 47 89.53 -4.43 26.47
N SER IA 48 88.83 -4.19 27.57
CA SER IA 48 88.19 -2.94 27.94
C SER IA 48 87.27 -2.33 26.88
N TYR IA 49 86.98 -1.02 27.02
CA TYR IA 49 85.99 -0.41 26.13
C TYR IA 49 86.20 1.08 25.84
N PHE IA 50 86.02 1.92 26.87
CA PHE IA 50 86.15 3.37 26.81
C PHE IA 50 85.18 4.16 25.95
N THR IA 51 83.96 4.36 26.45
CA THR IA 51 83.04 5.40 25.99
C THR IA 51 83.02 6.56 26.97
N ASP IA 52 82.75 7.76 26.47
CA ASP IA 52 82.74 8.98 27.27
C ASP IA 52 81.97 8.84 28.58
N SER IA 53 80.82 8.18 28.53
CA SER IA 53 79.99 8.06 29.72
C SER IA 53 80.45 6.95 30.65
N TYR IA 54 81.03 5.87 30.12
CA TYR IA 54 81.41 4.75 30.97
C TYR IA 54 82.52 3.95 30.32
N VAL IA 55 83.23 3.21 31.14
CA VAL IA 55 84.31 2.33 30.72
C VAL IA 55 83.99 0.92 31.20
N ILE IA 56 84.01 -0.04 30.27
CA ILE IA 56 83.77 -1.44 30.59
C ILE IA 56 85.10 -2.17 30.51
N THR IA 57 85.60 -2.61 31.65
CA THR IA 57 86.82 -3.42 31.70
C THR IA 57 86.44 -4.88 31.86
N LYS IA 58 87.02 -5.72 31.03
CA LYS IA 58 86.74 -7.15 31.03
C LYS IA 58 88.04 -7.89 31.27
N ASN IA 59 87.97 -8.95 32.07
CA ASN IA 59 89.16 -9.72 32.41
C ASN IA 59 88.77 -11.17 32.59
N THR IA 60 89.73 -12.05 32.40
CA THR IA 60 89.52 -13.48 32.55
C THR IA 60 90.80 -14.09 33.11
N ARG IA 61 90.65 -15.15 33.90
CA ARG IA 61 91.78 -15.74 34.60
C ARG IA 61 91.70 -17.25 34.56
N GLN IA 62 92.80 -17.87 34.98
CA GLN IA 62 92.86 -19.29 35.22
C GLN IA 62 93.22 -19.45 36.69
N PHE IA 63 92.42 -20.20 37.44
CA PHE IA 63 92.63 -20.31 38.88
C PHE IA 63 92.68 -21.77 39.28
N LEU IA 64 93.13 -22.04 40.50
CA LEU IA 64 93.02 -23.39 41.04
C LEU IA 64 92.78 -23.36 42.53
N VAL IA 65 91.96 -24.30 42.99
CA VAL IA 65 91.61 -24.46 44.40
C VAL IA 65 92.33 -25.69 44.91
N LYS IA 66 93.03 -25.56 46.02
CA LYS IA 66 94.05 -26.52 46.43
C LYS IA 66 93.61 -27.50 47.51
N ILE IA 67 92.39 -27.41 48.03
CA ILE IA 67 92.02 -28.11 49.27
C ILE IA 67 92.92 -27.63 50.40
N GLN IA 68 92.67 -26.43 50.92
CA GLN IA 68 93.43 -25.96 52.06
C GLN IA 68 92.90 -26.56 53.35
N ASN IA 69 93.81 -26.85 54.28
CA ASN IA 69 93.49 -27.10 55.68
C ASN IA 69 92.69 -28.39 55.86
N ASN IA 70 93.05 -29.43 55.12
CA ASN IA 70 92.22 -30.64 54.99
C ASN IA 70 90.84 -30.11 54.61
N HIS IA 71 89.75 -30.67 55.11
CA HIS IA 71 88.49 -29.93 55.08
C HIS IA 71 88.09 -29.40 56.43
N GLN IA 72 88.81 -29.73 57.48
CA GLN IA 72 88.53 -29.22 58.81
C GLN IA 72 89.02 -27.78 58.97
N TYR IA 73 88.48 -27.12 59.99
CA TYR IA 73 88.68 -25.70 60.28
C TYR IA 73 89.92 -25.40 61.12
N LYS IA 74 89.98 -25.94 62.33
CA LYS IA 74 90.94 -25.58 63.37
C LYS IA 74 90.86 -24.12 63.76
N THR IA 75 91.95 -23.58 64.32
CA THR IA 75 92.00 -22.21 64.81
C THR IA 75 93.35 -21.59 64.43
N GLU IA 76 94.43 -22.26 64.80
CA GLU IA 76 95.81 -22.08 64.36
C GLU IA 76 96.67 -21.09 65.14
N LEU IA 77 96.07 -20.21 65.94
CA LEU IA 77 96.83 -19.36 66.89
C LEU IA 77 98.15 -18.90 66.28
N ILE IA 78 98.07 -17.99 65.32
CA ILE IA 78 99.12 -17.88 64.30
C ILE IA 78 100.52 -17.66 64.89
N SER IA 79 100.82 -16.43 65.29
CA SER IA 79 102.03 -16.03 66.00
C SER IA 79 103.30 -16.27 65.21
N PRO IA 80 104.34 -15.48 65.39
CA PRO IA 80 105.69 -16.00 65.28
C PRO IA 80 106.22 -16.31 66.68
N SER IA 81 107.44 -16.82 66.79
CA SER IA 81 108.09 -16.85 68.10
C SER IA 81 109.59 -16.55 68.04
N THR IA 82 110.10 -15.52 68.73
CA THR IA 82 109.45 -14.26 69.20
C THR IA 82 108.05 -14.33 69.84
N SER IA 83 107.93 -15.18 70.88
CA SER IA 83 106.65 -15.36 71.56
C SER IA 83 106.08 -14.04 72.09
N GLN IA 84 106.90 -13.00 72.19
CA GLN IA 84 106.41 -11.68 72.57
C GLN IA 84 105.43 -11.11 71.56
N GLY IA 85 105.29 -11.73 70.39
CA GLY IA 85 104.43 -11.18 69.36
C GLY IA 85 102.96 -11.19 69.75
N LYS IA 86 102.14 -10.69 68.83
CA LYS IA 86 100.71 -10.56 69.10
C LYS IA 86 100.05 -11.92 69.23
N SER IA 87 100.37 -12.86 68.35
CA SER IA 87 99.89 -14.23 68.43
C SER IA 87 98.37 -14.29 68.32
N GLN IA 88 97.83 -13.63 67.30
CA GLN IA 88 96.40 -13.70 67.04
C GLN IA 88 95.98 -15.14 66.77
N ARG IA 89 94.83 -15.53 67.32
CA ARG IA 89 94.43 -16.93 67.25
C ARG IA 89 93.83 -17.28 65.89
N CYS IA 90 93.06 -16.35 65.33
CA CYS IA 90 92.34 -16.52 64.07
C CYS IA 90 91.49 -17.78 63.99
N VAL IA 91 91.17 -18.17 62.77
CA VAL IA 91 90.43 -19.39 62.42
C VAL IA 91 90.81 -19.73 61.00
N SER IA 92 91.01 -21.00 60.70
CA SER IA 92 91.27 -21.41 59.34
C SER IA 92 90.05 -22.17 58.83
N THR IA 93 89.81 -22.12 57.54
CA THR IA 93 88.67 -22.77 56.93
C THR IA 93 89.11 -23.52 55.70
N PRO IA 94 88.35 -24.54 55.28
CA PRO IA 94 88.66 -25.20 54.00
C PRO IA 94 88.44 -24.30 52.80
N TRP IA 95 87.77 -23.17 52.96
CA TRP IA 95 87.35 -22.36 51.84
C TRP IA 95 88.49 -21.49 51.32
N SER IA 96 88.40 -21.19 50.03
CA SER IA 96 89.24 -20.20 49.37
C SER IA 96 88.32 -19.15 48.78
N TYR IA 97 88.86 -17.98 48.47
CA TYR IA 97 88.00 -16.90 48.03
C TYR IA 97 88.66 -16.12 46.89
N PHE IA 98 87.80 -15.46 46.12
CA PHE IA 98 88.23 -14.58 45.04
C PHE IA 98 88.30 -13.16 45.55
N ASN IA 99 89.48 -12.56 45.48
CA ASN IA 99 89.67 -11.15 45.79
C ASN IA 99 89.84 -10.40 44.49
N PHE IA 100 88.86 -9.58 44.14
CA PHE IA 100 88.92 -8.76 42.94
C PHE IA 100 89.37 -7.33 43.19
N ASN IA 101 89.76 -7.00 44.42
CA ASN IA 101 89.89 -5.61 44.82
C ASN IA 101 91.32 -5.14 44.55
N GLN IA 102 91.47 -4.36 43.49
CA GLN IA 102 92.68 -3.63 43.12
C GLN IA 102 92.41 -3.01 41.77
N TYR IA 103 93.14 -1.95 41.45
CA TYR IA 103 92.97 -1.37 40.12
C TYR IA 103 93.81 -2.08 39.08
N SER IA 104 95.05 -2.42 39.42
CA SER IA 104 95.95 -3.04 38.47
C SER IA 104 95.43 -4.37 37.95
N SER IA 105 94.43 -4.95 38.60
CA SER IA 105 93.86 -6.18 38.10
C SER IA 105 92.93 -5.92 36.93
N HIS IA 106 92.17 -4.84 36.98
CA HIS IA 106 91.14 -4.56 35.99
C HIS IA 106 91.59 -3.64 34.87
N PHE IA 107 92.76 -3.02 35.00
CA PHE IA 107 93.21 -2.03 34.02
C PHE IA 107 94.61 -2.37 33.55
N SER IA 108 94.79 -2.50 32.25
CA SER IA 108 96.12 -2.58 31.70
C SER IA 108 96.83 -1.26 31.93
N PRO IA 109 98.16 -1.27 31.92
CA PRO IA 109 98.88 0.00 32.04
C PRO IA 109 98.50 1.03 31.01
N GLN IA 110 97.94 0.63 29.86
CA GLN IA 110 97.39 1.62 28.95
C GLN IA 110 95.94 2.00 29.26
N ASP IA 111 95.10 1.04 29.62
CA ASP IA 111 93.73 1.39 29.98
C ASP IA 111 93.71 2.38 31.14
N TRP IA 112 94.33 2.01 32.25
CA TRP IA 112 94.80 3.00 33.18
C TRP IA 112 95.77 3.89 32.42
N GLN IA 113 95.76 5.19 32.70
CA GLN IA 113 96.41 6.22 31.90
C GLN IA 113 95.62 6.59 30.67
N ARG IA 114 94.71 5.76 30.21
CA ARG IA 114 93.73 6.30 29.29
C ARG IA 114 92.62 7.01 30.03
N LEU IA 115 92.18 6.47 31.17
CA LEU IA 115 91.24 7.20 32.00
C LEU IA 115 91.93 8.23 32.88
N THR IA 116 93.10 7.93 33.38
CA THR IA 116 93.79 8.89 34.23
C THR IA 116 94.11 10.17 33.48
N ASN IA 117 94.38 10.05 32.18
CA ASN IA 117 94.62 11.23 31.38
C ASN IA 117 93.32 11.89 30.93
N GLU IA 118 92.34 11.08 30.53
CA GLU IA 118 91.20 11.62 29.79
C GLU IA 118 89.95 11.89 30.62
N TYR IA 119 89.96 11.63 31.92
CA TYR IA 119 88.72 11.78 32.67
C TYR IA 119 88.92 12.44 34.02
N LYS IA 120 87.91 13.22 34.44
CA LYS IA 120 87.92 13.83 35.77
C LYS IA 120 87.81 12.78 36.85
N ARG IA 121 86.83 11.90 36.75
CA ARG IA 121 86.46 11.10 37.88
C ARG IA 121 85.81 9.82 37.38
N PHE IA 122 85.86 8.79 38.21
CA PHE IA 122 85.28 7.52 37.86
C PHE IA 122 84.93 6.79 39.13
N ARG IA 123 83.91 5.94 39.03
CA ARG IA 123 83.59 5.03 40.11
C ARG IA 123 83.04 3.77 39.48
N PRO IA 124 83.28 2.61 40.06
CA PRO IA 124 82.71 1.39 39.49
C PRO IA 124 81.20 1.40 39.62
N LYS IA 125 80.52 1.19 38.50
CA LYS IA 125 79.06 1.17 38.50
C LYS IA 125 78.51 -0.19 38.87
N GLY IA 126 79.09 -1.25 38.32
CA GLY IA 126 78.57 -2.59 38.53
C GLY IA 126 79.67 -3.60 38.29
N MET IA 127 79.35 -4.86 38.58
CA MET IA 127 80.32 -5.93 38.49
C MET IA 127 79.60 -7.21 38.13
N HIS IA 128 80.23 -8.01 37.28
CA HIS IA 128 79.63 -9.26 36.82
C HIS IA 128 80.72 -10.30 36.76
N VAL IA 129 80.54 -11.40 37.49
CA VAL IA 129 81.58 -12.42 37.62
C VAL IA 129 81.00 -13.74 37.16
N LYS IA 130 81.81 -14.52 36.45
CA LYS IA 130 81.37 -15.80 35.92
C LYS IA 130 82.45 -16.83 36.17
N ILE IA 131 82.09 -17.89 36.90
CA ILE IA 131 82.93 -19.08 37.03
C ILE IA 131 82.48 -20.03 35.93
N TYR IA 132 83.45 -20.61 35.22
CA TYR IA 132 83.08 -21.55 34.17
C TYR IA 132 84.33 -22.33 33.77
N ASN IA 133 84.12 -23.28 32.86
CA ASN IA 133 85.19 -24.14 32.37
C ASN IA 133 85.94 -24.80 33.51
N LEU IA 134 85.19 -25.43 34.42
CA LEU IA 134 85.78 -26.03 35.59
C LEU IA 134 86.41 -27.37 35.25
N GLN IA 135 87.42 -27.75 36.04
CA GLN IA 135 88.11 -29.03 35.86
C GLN IA 135 88.49 -29.57 37.21
N ILE IA 136 88.27 -30.86 37.45
CA ILE IA 136 88.69 -31.52 38.68
C ILE IA 136 89.69 -32.57 38.29
N LYS IA 137 90.95 -32.43 38.71
CA LYS IA 137 92.00 -33.23 38.12
C LYS IA 137 92.49 -34.41 38.95
N GLN IA 138 92.05 -34.59 40.18
CA GLN IA 138 92.34 -35.83 40.90
C GLN IA 138 93.84 -36.11 41.00
N ILE IA 139 94.51 -35.37 41.89
CA ILE IA 139 95.92 -35.63 42.14
C ILE IA 139 96.14 -37.08 42.54
N LEU IA 140 97.17 -37.70 41.97
CA LEU IA 140 97.65 -39.00 42.42
C LEU IA 140 99.14 -38.95 42.68
N SER IA 141 99.58 -39.79 43.60
CA SER IA 141 101.00 -39.93 43.92
C SER IA 141 101.33 -41.40 44.04
N ASN IA 142 102.23 -41.87 43.18
CA ASN IA 142 102.79 -43.21 43.28
C ASN IA 142 104.07 -43.21 44.11
N GLY IA 143 104.39 -42.08 44.71
CA GLY IA 143 105.69 -41.80 45.29
C GLY IA 143 106.49 -41.00 44.28
N ALA IA 144 107.26 -40.04 44.79
CA ALA IA 144 107.92 -39.01 43.99
C ALA IA 144 106.87 -38.42 43.04
N ASP IA 145 107.23 -38.05 41.80
CA ASP IA 145 106.37 -37.80 40.64
C ASP IA 145 105.07 -37.06 40.96
N THR IA 146 104.01 -37.43 40.23
CA THR IA 146 102.58 -37.19 40.42
C THR IA 146 101.88 -37.63 39.15
N THR IA 147 100.57 -37.85 39.22
CA THR IA 147 99.78 -38.06 38.02
C THR IA 147 98.42 -37.41 38.24
N TYR IA 148 97.81 -37.00 37.13
CA TYR IA 148 96.51 -36.32 37.16
C TYR IA 148 95.59 -37.06 36.20
N ASN IA 149 94.58 -37.72 36.74
CA ASN IA 149 93.75 -38.59 35.91
C ASN IA 149 92.59 -37.82 35.30
N ASN IA 150 92.61 -36.51 35.45
CA ASN IA 150 91.43 -35.69 35.33
C ASN IA 150 90.42 -36.26 36.31
N ASP IA 151 89.14 -36.16 35.98
CA ASP IA 151 88.09 -36.70 36.84
C ASP IA 151 86.76 -36.27 36.24
N LEU IA 152 85.72 -36.99 36.59
CA LEU IA 152 84.35 -36.57 36.39
C LEU IA 152 83.61 -36.94 37.66
N THR IA 153 82.32 -36.66 37.70
CA THR IA 153 81.50 -36.91 38.87
C THR IA 153 82.14 -36.34 40.13
N ALA IA 154 82.69 -35.14 40.04
CA ALA IA 154 83.24 -34.42 41.18
C ALA IA 154 82.65 -33.02 41.19
N GLY IA 155 82.83 -32.29 42.29
CA GLY IA 155 82.10 -31.08 42.51
C GLY IA 155 82.93 -30.02 43.19
N VAL IA 156 82.42 -28.80 43.11
CA VAL IA 156 83.06 -27.62 43.66
C VAL IA 156 81.98 -26.75 44.28
N HIS IA 157 82.17 -26.39 45.54
CA HIS IA 157 81.26 -25.49 46.23
C HIS IA 157 81.60 -24.06 45.87
N ILE IA 158 80.59 -23.27 45.58
CA ILE IA 158 80.78 -21.85 45.26
C ILE IA 158 79.72 -21.06 46.01
N PHE IA 159 80.16 -20.11 46.82
CA PHE IA 159 79.29 -19.37 47.70
C PHE IA 159 79.63 -17.89 47.62
N CYS IA 160 78.60 -17.05 47.62
CA CYS IA 160 78.76 -15.61 47.56
C CYS IA 160 78.02 -14.96 48.72
N ASP IA 161 78.51 -13.79 49.15
CA ASP IA 161 77.88 -13.02 50.20
C ASP IA 161 77.10 -11.85 49.61
N GLY IA 162 75.79 -11.92 49.64
CA GLY IA 162 75.01 -10.75 49.30
C GLY IA 162 74.66 -9.95 50.53
N GLU IA 163 74.62 -10.64 51.68
CA GLU IA 163 74.27 -9.99 52.94
C GLU IA 163 75.49 -9.48 53.69
N HIS IA 164 76.69 -9.90 53.29
CA HIS IA 164 77.92 -9.68 54.04
C HIS IA 164 77.82 -10.17 55.47
N ALA IA 165 76.99 -11.17 55.73
CA ALA IA 165 77.25 -12.04 56.86
C ALA IA 165 78.56 -12.77 56.60
N TYR IA 166 79.17 -13.27 57.66
CA TYR IA 166 80.49 -13.88 57.66
C TYR IA 166 81.59 -12.83 57.67
N PRO IA 167 82.74 -13.17 58.23
CA PRO IA 167 83.77 -12.16 58.52
C PRO IA 167 84.45 -11.49 57.33
N ASN IA 168 84.17 -11.89 56.09
CA ASN IA 168 84.62 -11.25 54.85
C ASN IA 168 86.14 -10.97 54.80
N ALA IA 169 86.91 -12.00 54.45
CA ALA IA 169 88.37 -11.95 54.49
C ALA IA 169 88.94 -10.68 53.87
N THR IA 170 88.36 -10.19 52.78
CA THR IA 170 89.00 -9.17 51.97
C THR IA 170 89.41 -7.97 52.83
N HIS IA 171 90.68 -7.62 52.76
CA HIS IA 171 91.30 -6.46 53.35
C HIS IA 171 91.95 -5.69 52.21
N PRO IA 172 91.92 -4.36 52.24
CA PRO IA 172 92.33 -3.61 51.04
C PRO IA 172 93.66 -4.01 50.43
N TRP IA 173 94.72 -4.12 51.20
CA TRP IA 173 96.03 -4.31 50.58
C TRP IA 173 96.28 -5.80 50.34
N ASP IA 174 96.52 -6.54 51.41
CA ASP IA 174 96.72 -7.99 51.35
C ASP IA 174 97.74 -8.28 50.26
N GLU IA 175 97.47 -9.23 49.38
CA GLU IA 175 98.39 -9.74 48.38
C GLU IA 175 97.50 -10.01 47.18
N ASP IA 176 98.02 -10.78 46.22
CA ASP IA 176 97.19 -11.57 45.29
C ASP IA 176 96.19 -10.66 44.60
N VAL IA 177 94.90 -10.75 44.90
CA VAL IA 177 93.81 -10.23 44.09
C VAL IA 177 93.98 -10.95 42.76
N MET IA 178 93.63 -10.32 41.66
CA MET IA 178 93.88 -10.95 40.38
C MET IA 178 95.31 -10.61 39.97
N PRO IA 179 96.01 -11.50 39.29
CA PRO IA 179 97.31 -11.10 38.77
C PRO IA 179 97.09 -9.99 37.77
N GLU IA 180 97.84 -8.90 37.93
CA GLU IA 180 97.66 -7.75 37.07
C GLU IA 180 97.79 -8.12 35.61
N LEU IA 181 98.43 -9.24 35.33
CA LEU IA 181 98.76 -9.69 34.00
C LEU IA 181 97.94 -10.92 33.68
N PRO IA 182 97.12 -10.95 32.63
CA PRO IA 182 96.37 -12.18 32.33
C PRO IA 182 97.30 -13.32 31.96
N TYR IA 183 96.77 -14.46 31.52
CA TYR IA 183 97.52 -15.66 31.19
C TYR IA 183 98.31 -16.18 32.38
N GLN IA 184 98.34 -15.41 33.45
CA GLN IA 184 99.04 -15.78 34.66
C GLN IA 184 98.05 -16.46 35.58
N THR IA 185 98.29 -17.74 35.87
CA THR IA 185 97.33 -18.49 36.66
C THR IA 185 97.17 -17.88 38.04
N TRP IA 186 95.96 -17.95 38.58
CA TRP IA 186 95.63 -17.25 39.80
C TRP IA 186 95.38 -18.24 40.92
N TYR IA 187 96.31 -18.30 41.86
CA TYR IA 187 96.19 -19.21 42.98
C TYR IA 187 95.37 -18.56 44.07
N LEU IA 188 94.29 -19.23 44.47
CA LEU IA 188 93.44 -18.73 45.52
C LEU IA 188 94.10 -18.89 46.89
N PHE IA 189 93.59 -18.15 47.85
CA PHE IA 189 94.12 -18.14 49.21
C PHE IA 189 93.06 -18.56 50.20
N GLN IA 190 93.51 -19.18 51.28
CA GLN IA 190 92.60 -19.76 52.25
C GLN IA 190 91.83 -18.67 52.98
N TYR IA 191 90.57 -18.97 53.29
CA TYR IA 191 89.73 -18.04 54.03
C TYR IA 191 89.88 -18.26 55.52
N GLY IA 192 90.11 -17.18 56.25
CA GLY IA 192 90.23 -17.24 57.69
C GLY IA 192 89.75 -15.93 58.27
N TYR IA 193 89.60 -15.92 59.59
CA TYR IA 193 89.14 -14.71 60.24
C TYR IA 193 89.54 -14.73 61.70
N ILE IA 194 89.60 -13.54 62.29
CA ILE IA 194 89.91 -13.41 63.71
C ILE IA 194 88.60 -13.50 64.50
N PRO IA 195 88.37 -14.57 65.25
CA PRO IA 195 87.16 -14.59 66.09
C PRO IA 195 87.19 -13.57 67.20
N VAL IA 196 88.30 -13.47 67.94
CA VAL IA 196 88.47 -12.56 69.06
C VAL IA 196 89.95 -12.29 69.25
N ILE IA 197 90.26 -11.11 69.81
CA ILE IA 197 91.63 -10.78 70.20
C ILE IA 197 92.19 -11.90 71.06
N HIS IA 198 93.39 -12.37 70.72
CA HIS IA 198 93.95 -13.52 71.43
C HIS IA 198 94.22 -13.17 72.89
N GLU IA 199 94.99 -12.11 73.14
CA GLU IA 199 94.99 -11.56 74.48
C GLU IA 199 93.58 -11.11 74.81
N LEU IA 200 93.27 -11.01 76.10
CA LEU IA 200 91.88 -10.80 76.51
C LEU IA 200 91.04 -12.02 76.10
N ALA IA 201 91.07 -13.05 76.96
CA ALA IA 201 90.76 -14.47 76.70
C ALA IA 201 91.98 -15.36 76.54
N GLU IA 202 93.19 -14.83 76.74
CA GLU IA 202 94.37 -15.70 76.68
C GLU IA 202 94.28 -17.03 77.46
N MET IA 203 93.76 -17.10 78.70
CA MET IA 203 93.46 -16.00 79.61
C MET IA 203 94.25 -16.25 80.89
N GLU IA 204 94.48 -15.21 81.68
CA GLU IA 204 95.38 -15.35 82.82
C GLU IA 204 94.62 -15.66 84.10
N ASP IA 205 94.73 -16.91 84.56
CA ASP IA 205 94.22 -17.35 85.85
C ASP IA 205 92.78 -16.90 86.07
N SER IA 206 92.46 -16.52 87.31
CA SER IA 206 91.28 -15.72 87.64
C SER IA 206 90.02 -16.28 86.88
N ASN IA 207 89.26 -15.61 85.99
CA ASN IA 207 89.23 -14.19 85.63
C ASN IA 207 87.80 -13.70 85.57
N ALA IA 208 87.04 -14.32 84.66
CA ALA IA 208 85.61 -14.12 84.43
C ALA IA 208 85.33 -12.85 83.63
N VAL IA 209 86.31 -11.95 83.57
CA VAL IA 209 86.23 -10.85 82.60
C VAL IA 209 86.77 -11.30 81.25
N GLU IA 210 87.84 -12.09 81.24
CA GLU IA 210 88.29 -12.70 80.00
C GLU IA 210 87.66 -14.06 79.76
N LYS IA 211 87.02 -14.63 80.79
CA LYS IA 211 86.20 -15.81 80.55
C LYS IA 211 85.06 -15.47 79.62
N ALA IA 212 84.28 -14.46 79.98
CA ALA IA 212 83.50 -13.77 78.96
C ALA IA 212 84.45 -13.13 77.97
N ILE IA 213 83.98 -12.97 76.74
CA ILE IA 213 84.75 -12.59 75.56
C ILE IA 213 85.53 -13.78 75.05
N CYS IA 214 85.80 -14.76 75.92
CA CYS IA 214 86.23 -16.07 75.43
C CYS IA 214 85.02 -16.95 75.13
N LEU IA 215 84.03 -16.92 76.00
CA LEU IA 215 82.80 -17.66 75.76
C LEU IA 215 82.04 -17.10 74.58
N GLN IA 216 82.18 -15.80 74.32
CA GLN IA 216 81.34 -15.17 73.32
C GLN IA 216 81.96 -15.20 71.93
N ILE IA 217 83.12 -15.84 71.76
CA ILE IA 217 83.76 -15.77 70.46
C ILE IA 217 82.82 -16.46 69.48
N PRO IA 218 82.42 -15.79 68.42
CA PRO IA 218 81.52 -16.42 67.45
C PRO IA 218 82.30 -17.37 66.56
N PHE IA 219 81.59 -18.35 66.05
CA PHE IA 219 82.17 -19.34 65.16
C PHE IA 219 81.32 -19.41 63.90
N PHE IA 220 81.90 -18.98 62.79
CA PHE IA 220 81.18 -18.89 61.53
C PHE IA 220 81.60 -20.04 60.64
N MET IA 221 80.64 -20.53 59.86
CA MET IA 221 80.85 -21.66 58.98
C MET IA 221 80.16 -21.35 57.67
N LEU IA 222 80.81 -21.63 56.57
CA LEU IA 222 80.22 -21.35 55.29
C LEU IA 222 79.30 -22.44 54.82
N GLU IA 223 79.07 -23.46 55.64
CA GLU IA 223 78.17 -24.52 55.20
C GLU IA 223 76.74 -24.05 55.36
N ASN IA 224 76.18 -24.03 56.59
CA ASN IA 224 75.18 -23.05 56.97
C ASN IA 224 74.31 -22.62 55.80
N SER IA 225 74.35 -21.33 55.48
CA SER IA 225 73.63 -20.81 54.33
C SER IA 225 73.97 -21.58 53.06
N ASP IA 226 72.96 -21.81 52.24
CA ASP IA 226 73.09 -22.68 51.09
C ASP IA 226 73.98 -22.07 50.01
N HIS IA 227 74.53 -22.92 49.16
CA HIS IA 227 75.39 -22.50 48.08
C HIS IA 227 75.41 -23.58 47.01
N GLU IA 228 75.90 -23.20 45.84
CA GLU IA 228 75.86 -24.09 44.69
C GLU IA 228 77.08 -24.99 44.64
N VAL IA 229 76.86 -26.23 44.24
CA VAL IA 229 77.93 -27.15 43.87
C VAL IA 229 77.90 -27.27 42.37
N LEU IA 230 79.07 -27.45 41.76
CA LEU IA 230 79.19 -27.51 40.31
C LEU IA 230 80.05 -28.69 39.92
N ARG IA 231 79.55 -29.51 39.01
CA ARG IA 231 80.45 -30.40 38.31
C ARG IA 231 81.10 -29.63 37.16
N THR IA 232 81.76 -30.36 36.27
CA THR IA 232 82.48 -29.70 35.19
C THR IA 232 81.55 -28.89 34.28
N GLY IA 233 80.55 -29.54 33.69
CA GLY IA 233 79.74 -28.87 32.68
C GLY IA 233 79.01 -27.63 33.15
N GLU IA 234 78.79 -27.50 34.45
CA GLU IA 234 78.05 -26.38 34.99
C GLU IA 234 78.94 -25.16 35.17
N SER IA 235 78.30 -23.99 35.20
CA SER IA 235 78.95 -22.72 35.51
C SER IA 235 78.09 -21.93 36.49
N THR IA 236 78.53 -20.71 36.80
CA THR IA 236 77.80 -19.85 37.71
C THR IA 236 78.10 -18.40 37.36
N GLU IA 237 77.12 -17.53 37.56
CA GLU IA 237 77.28 -16.10 37.39
C GLU IA 237 76.99 -15.40 38.71
N PHE IA 238 77.59 -14.22 38.87
CA PHE IA 238 77.29 -13.35 39.98
C PHE IA 238 77.29 -11.92 39.51
N THR IA 239 76.38 -11.12 40.03
CA THR IA 239 76.33 -9.70 39.71
C THR IA 239 76.47 -8.88 40.98
N PHE IA 240 76.87 -7.63 40.80
CA PHE IA 240 77.02 -6.72 41.93
C PHE IA 240 76.70 -5.32 41.45
N ASN IA 241 76.12 -4.53 42.34
CA ASN IA 241 75.88 -3.12 42.09
C ASN IA 241 76.50 -2.34 43.22
N PHE IA 242 76.93 -1.12 42.91
CA PHE IA 242 77.71 -0.32 43.83
C PHE IA 242 76.98 0.97 44.15
N ASP IA 243 76.73 1.19 45.44
CA ASP IA 243 76.49 2.54 45.95
C ASP IA 243 77.85 3.05 46.40
N CYS IA 244 78.39 4.00 45.65
CA CYS IA 244 79.83 4.22 45.68
C CYS IA 244 80.13 5.69 45.43
N GLU IA 245 81.17 6.18 46.08
CA GLU IA 245 81.61 7.56 45.93
C GLU IA 245 82.60 7.67 44.78
N TRP IA 246 82.51 8.78 44.05
CA TRP IA 246 83.46 9.03 42.98
C TRP IA 246 84.87 9.11 43.54
N ILE IA 247 85.85 8.69 42.74
CA ILE IA 247 87.24 8.99 43.00
C ILE IA 247 87.68 9.99 41.93
N ASN IA 248 88.22 11.12 42.37
CA ASN IA 248 88.40 12.26 41.50
C ASN IA 248 89.85 12.36 41.03
N ASN IA 249 90.02 12.40 39.71
CA ASN IA 249 91.30 12.71 39.10
C ASN IA 249 91.25 14.17 38.68
N GLU IA 250 91.95 15.02 39.41
CA GLU IA 250 91.87 16.46 39.34
C GLU IA 250 92.95 17.01 40.24
N ARG IA 251 93.31 18.26 40.01
CA ARG IA 251 94.43 18.87 40.70
C ARG IA 251 94.07 20.31 41.03
N ALA IA 252 94.32 20.70 42.28
CA ALA IA 252 94.18 22.08 42.68
C ALA IA 252 95.52 22.76 42.49
N TYR IA 253 95.55 23.77 41.63
CA TYR IA 253 96.79 24.48 41.35
C TYR IA 253 97.16 25.46 42.45
N ILE IA 254 96.24 25.76 43.37
CA ILE IA 254 96.52 26.62 44.52
C ILE IA 254 95.84 26.05 45.75
N PRO IA 255 96.34 26.38 46.93
CA PRO IA 255 95.63 26.04 48.16
C PRO IA 255 94.26 26.70 48.16
N PRO IA 256 93.31 26.14 48.91
CA PRO IA 256 91.99 26.78 48.96
C PRO IA 256 92.01 28.14 49.61
N GLY IA 257 92.95 28.40 50.51
CA GLY IA 257 93.05 29.70 51.12
C GLY IA 257 93.74 30.75 50.28
N LEU IA 258 94.24 30.36 49.10
CA LEU IA 258 94.95 31.27 48.23
C LEU IA 258 94.03 31.87 47.17
N MET IA 259 92.74 31.64 47.28
CA MET IA 259 91.78 32.12 46.27
C MET IA 259 91.33 33.51 46.68
N PHE IA 260 91.75 34.51 45.92
CA PHE IA 260 91.32 35.89 46.11
C PHE IA 260 92.02 36.72 45.05
N ASN IA 261 91.48 37.91 44.83
CA ASN IA 261 92.11 38.84 43.91
C ASN IA 261 93.09 39.68 44.71
N PRO IA 262 94.40 39.45 44.55
CA PRO IA 262 95.37 40.17 45.37
C PRO IA 262 95.50 41.62 45.00
N LEU IA 263 94.99 42.02 43.84
CA LEU IA 263 95.02 43.42 43.45
C LEU IA 263 94.10 44.25 44.32
N VAL IA 264 92.93 43.72 44.64
CA VAL IA 264 91.91 44.52 45.33
C VAL IA 264 92.28 44.64 46.80
N PRO IA 265 92.22 45.84 47.39
CA PRO IA 265 92.46 45.96 48.83
C PRO IA 265 91.36 45.28 49.61
N THR IA 266 91.66 45.00 50.88
CA THR IA 266 90.73 44.30 51.74
C THR IA 266 90.28 45.22 52.87
N ARG IA 267 89.05 45.03 53.34
CA ARG IA 267 88.61 45.69 54.55
C ARG IA 267 88.67 44.72 55.71
N ARG IA 268 89.71 44.88 56.53
CA ARG IA 268 90.04 43.98 57.63
C ARG IA 268 91.22 44.60 58.35
N ALA IA 269 91.50 44.17 59.58
CA ALA IA 269 92.60 44.74 60.31
C ALA IA 269 93.27 43.68 61.16
N GLN IA 270 94.52 43.94 61.49
CA GLN IA 270 95.35 43.06 62.30
C GLN IA 270 95.75 43.80 63.55
N TYR IA 271 95.23 43.38 64.70
CA TYR IA 271 95.78 43.82 65.97
C TYR IA 271 96.88 42.83 66.33
N ILE IA 272 98.01 43.34 66.78
CA ILE IA 272 99.13 42.50 67.17
C ILE IA 272 99.52 42.85 68.59
N ARG IA 273 99.54 41.85 69.47
CA ARG IA 273 99.82 42.06 70.87
C ARG IA 273 101.22 42.62 71.08
N ARG IA 274 101.42 43.30 72.20
CA ARG IA 274 102.76 43.69 72.62
C ARG IA 274 103.68 42.48 72.60
N ASN IA 275 104.86 42.65 72.01
CA ASN IA 275 105.68 41.49 71.71
C ASN IA 275 106.39 40.96 72.95
N ASN IA 276 106.63 41.80 73.94
CA ASN IA 276 107.28 41.40 75.19
C ASN IA 276 108.59 40.68 74.90
N ASN IA 277 109.58 41.47 74.50
CA ASN IA 277 110.83 41.01 73.87
C ASN IA 277 110.49 40.51 72.47
N PRO IA 278 111.40 40.74 71.50
CA PRO IA 278 112.48 41.72 71.57
C PRO IA 278 112.01 43.17 71.69
N GLN IA 279 111.03 43.56 70.87
CA GLN IA 279 110.74 44.97 70.64
C GLN IA 279 109.41 45.07 69.90
N THR IA 280 109.09 46.24 69.33
CA THR IA 280 107.90 46.45 68.50
C THR IA 280 106.60 46.31 69.28
N ALA IA 281 106.26 47.35 70.04
CA ALA IA 281 105.02 47.40 70.81
C ALA IA 281 103.81 47.32 69.89
N GLU IA 282 102.68 46.96 70.49
CA GLU IA 282 101.46 46.59 69.75
C GLU IA 282 101.03 47.68 68.79
N SER IA 283 100.47 47.25 67.66
CA SER IA 283 99.93 48.16 66.66
C SER IA 283 98.84 47.45 65.88
N THR IA 284 97.87 48.22 65.40
CA THR IA 284 96.85 47.73 64.49
C THR IA 284 97.10 48.28 63.09
N SER IA 285 96.75 47.49 62.08
CA SER IA 285 97.03 47.86 60.71
C SER IA 285 96.07 47.13 59.78
N ARG IA 286 95.91 47.68 58.58
CA ARG IA 286 95.07 47.04 57.58
C ARG IA 286 95.83 45.89 56.93
N ILE IA 287 95.10 44.81 56.65
CA ILE IA 287 95.70 43.66 56.00
C ILE IA 287 96.07 44.02 54.57
N ALA IA 288 97.27 43.61 54.16
CA ALA IA 288 97.75 43.93 52.84
C ALA IA 288 96.84 43.36 51.77
N PRO IA 289 96.82 43.97 50.57
CA PRO IA 289 95.92 43.46 49.52
C PRO IA 289 96.24 42.03 49.14
N TYR IA 290 97.52 41.73 48.92
CA TYR IA 290 97.97 40.36 48.87
C TYR IA 290 97.87 39.74 50.25
N ALA IA 291 97.86 38.42 50.30
CA ALA IA 291 97.88 37.69 51.57
C ALA IA 291 96.69 38.06 52.44
N LYS IA 292 95.51 37.95 51.87
CA LYS IA 292 94.31 38.16 52.65
C LYS IA 292 94.04 36.93 53.51
N PRO IA 293 93.41 37.11 54.67
CA PRO IA 293 93.10 35.97 55.52
C PRO IA 293 92.09 35.05 54.84
N THR IA 294 92.00 33.85 55.38
CA THR IA 294 91.14 32.85 54.78
C THR IA 294 90.36 32.09 55.84
N SER IA 295 89.25 31.54 55.40
CA SER IA 295 88.63 30.38 56.02
C SER IA 295 89.36 29.14 55.54
N TRP IA 296 88.70 28.00 55.67
CA TRP IA 296 89.19 26.80 55.00
C TRP IA 296 90.52 26.32 55.57
N MET IA 297 90.40 25.73 56.75
CA MET IA 297 91.42 25.04 57.51
C MET IA 297 91.95 23.83 56.73
N THR IA 298 93.15 23.40 57.09
CA THR IA 298 93.75 22.23 56.46
C THR IA 298 93.11 20.94 56.96
N GLY IA 299 93.23 19.90 56.15
CA GLY IA 299 92.73 18.61 56.51
C GLY IA 299 93.44 18.02 57.70
N PRO IA 300 92.78 17.08 58.38
CA PRO IA 300 93.34 16.54 59.62
C PRO IA 300 94.43 15.52 59.38
N GLY IA 301 95.30 15.38 60.37
CA GLY IA 301 96.35 14.37 60.35
C GLY IA 301 96.83 14.15 61.76
N LEU IA 302 97.62 13.09 61.94
CA LEU IA 302 98.32 12.84 63.20
C LEU IA 302 99.79 12.63 62.91
N LEU IA 303 100.62 13.61 63.24
CA LEU IA 303 102.04 13.56 62.96
C LEU IA 303 102.95 13.31 64.15
N SER IA 304 102.43 13.20 65.37
CA SER IA 304 103.34 13.24 66.52
C SER IA 304 104.02 11.90 66.78
N ALA IA 305 103.28 10.82 66.59
CA ALA IA 305 103.69 9.49 67.01
C ALA IA 305 104.86 8.97 66.19
N GLN IA 306 105.52 7.94 66.71
CA GLN IA 306 106.55 7.21 66.00
C GLN IA 306 106.32 5.72 66.16
N ARG IA 307 106.58 4.96 65.10
CA ARG IA 307 106.41 3.51 65.18
C ARG IA 307 107.28 2.94 66.28
N VAL IA 308 106.73 1.93 66.96
CA VAL IA 308 107.26 1.49 68.25
C VAL IA 308 107.77 0.06 68.16
N GLY IA 309 109.08 -0.09 68.30
CA GLY IA 309 109.67 -1.38 68.56
C GLY IA 309 110.01 -2.17 67.32
N PRO IA 310 110.30 -3.46 67.50
CA PRO IA 310 110.79 -4.28 66.39
C PRO IA 310 109.68 -4.66 65.44
N ALA IA 311 110.08 -4.98 64.22
CA ALA IA 311 109.13 -5.47 63.23
C ALA IA 311 108.58 -6.82 63.65
N THR IA 312 107.45 -7.18 63.05
CA THR IA 312 106.61 -8.36 63.33
C THR IA 312 105.83 -8.18 64.62
N SER IA 313 106.06 -7.10 65.36
CA SER IA 313 105.32 -6.78 66.57
C SER IA 313 104.14 -5.85 66.32
N ASP IA 314 103.83 -5.56 65.06
CA ASP IA 314 102.79 -4.59 64.69
C ASP IA 314 103.13 -3.19 65.19
N THR IA 315 104.09 -2.55 64.53
CA THR IA 315 104.41 -1.18 64.90
C THR IA 315 103.59 -0.24 64.02
N GLY IA 316 102.59 0.39 64.62
CA GLY IA 316 101.72 1.28 63.85
C GLY IA 316 101.90 2.76 64.10
N ALA IA 317 102.60 3.09 65.18
CA ALA IA 317 102.75 4.42 65.79
C ALA IA 317 101.44 4.91 66.40
N TRP IA 318 100.30 4.35 66.02
CA TRP IA 318 99.03 4.61 66.68
C TRP IA 318 98.32 3.29 66.81
N MET IA 319 98.09 2.85 68.05
CA MET IA 319 97.38 1.60 68.30
C MET IA 319 96.00 1.95 68.82
N VAL IA 320 94.97 1.36 68.21
CA VAL IA 320 93.60 1.65 68.62
C VAL IA 320 93.23 0.84 69.86
N ALA IA 321 93.59 -0.44 69.88
CA ALA IA 321 93.32 -1.36 70.97
C ALA IA 321 91.88 -1.36 71.47
N VAL IA 322 91.71 -1.74 72.74
CA VAL IA 322 90.41 -1.76 73.42
C VAL IA 322 90.54 -1.30 74.86
N LYS IA 323 91.28 -2.06 75.66
CA LYS IA 323 91.39 -1.85 77.10
C LYS IA 323 90.04 -1.93 77.83
N PRO IA 324 89.46 -3.13 77.94
CA PRO IA 324 88.37 -3.32 78.90
C PRO IA 324 88.87 -3.08 80.31
N GLU IA 325 87.93 -2.82 81.21
CA GLU IA 325 88.28 -2.17 82.47
C GLU IA 325 89.19 -3.05 83.33
N ASN IA 326 88.88 -4.34 83.41
CA ASN IA 326 89.78 -5.24 84.14
C ASN IA 326 90.63 -6.07 83.19
N ALA IA 327 90.03 -7.11 82.64
CA ALA IA 327 90.66 -8.08 81.75
C ALA IA 327 91.98 -8.54 82.38
N SER IA 328 92.98 -8.76 81.54
CA SER IA 328 94.38 -8.82 81.92
C SER IA 328 95.18 -8.65 80.64
N ILE IA 329 96.41 -8.18 80.78
CA ILE IA 329 97.21 -7.85 79.60
C ILE IA 329 98.65 -8.25 79.87
N ASP IA 330 99.26 -8.86 78.86
CA ASP IA 330 100.67 -9.22 78.86
C ASP IA 330 101.48 -7.97 78.55
N THR IA 331 102.75 -8.13 78.23
CA THR IA 331 103.50 -7.01 77.66
C THR IA 331 102.72 -6.42 76.50
N GLY IA 332 102.62 -5.09 76.47
CA GLY IA 332 101.71 -4.45 75.55
C GLY IA 332 100.54 -3.77 76.22
N MET IA 333 99.79 -2.87 75.56
CA MET IA 333 99.97 -2.33 74.19
C MET IA 333 100.26 -3.40 73.12
N SER IA 334 101.37 -3.25 72.41
CA SER IA 334 101.86 -4.27 71.46
C SER IA 334 100.78 -4.61 70.39
N GLY IA 335 100.17 -5.80 70.25
CA GLY IA 335 99.90 -6.86 71.23
C GLY IA 335 98.43 -6.87 71.61
N ILE IA 336 97.79 -5.71 71.45
CA ILE IA 336 96.34 -5.60 71.43
C ILE IA 336 96.00 -4.52 70.43
N GLY IA 337 94.87 -4.68 69.76
CA GLY IA 337 94.44 -3.71 68.78
C GLY IA 337 95.35 -3.64 67.57
N SER IA 338 95.08 -2.64 66.74
CA SER IA 338 95.65 -2.55 65.41
C SER IA 338 96.41 -1.23 65.24
N GLY IA 339 97.46 -1.26 64.43
CA GLY IA 339 98.13 -0.03 64.09
C GLY IA 339 97.34 0.77 63.08
N PHE IA 340 97.30 2.08 63.28
CA PHE IA 340 96.61 2.99 62.37
C PHE IA 340 97.61 3.55 61.38
N ASP IA 341 97.34 3.31 60.10
CA ASP IA 341 98.32 3.61 59.06
C ASP IA 341 97.60 4.05 57.78
N PRO IA 342 98.17 5.05 57.06
CA PRO IA 342 99.06 6.11 57.51
C PRO IA 342 98.38 7.25 58.22
N PRO IA 343 98.86 7.63 59.40
CA PRO IA 343 98.73 9.02 59.81
C PRO IA 343 99.93 9.87 59.36
N GLN IA 344 99.83 11.12 58.90
CA GLN IA 344 98.80 11.66 58.01
C GLN IA 344 97.35 11.50 58.53
N GLY IA 345 96.28 11.29 57.74
CA GLY IA 345 96.13 11.51 56.31
C GLY IA 345 96.35 12.95 55.90
N SER IA 346 96.44 13.19 54.59
CA SER IA 346 96.78 14.50 54.07
C SER IA 346 98.03 15.03 54.73
N LEU IA 347 98.04 16.32 55.08
CA LEU IA 347 98.96 16.89 56.04
C LEU IA 347 100.38 16.40 55.84
N ALA IA 348 101.07 16.93 54.83
CA ALA IA 348 102.25 16.30 54.25
C ALA IA 348 103.20 15.78 55.33
N PRO IA 349 103.67 14.54 55.23
CA PRO IA 349 104.40 13.91 56.34
C PRO IA 349 105.80 14.45 56.51
N THR IA 350 106.37 14.15 57.67
CA THR IA 350 107.72 14.56 58.00
C THR IA 350 108.74 13.65 57.31
N ASN IA 351 108.80 12.39 57.71
CA ASN IA 351 109.77 11.50 57.10
C ASN IA 351 109.09 10.30 56.46
N LEU IA 352 109.91 9.39 55.96
CA LEU IA 352 109.46 8.20 55.24
C LEU IA 352 108.49 7.36 56.06
N GLU IA 353 108.59 7.47 57.39
CA GLU IA 353 107.85 6.58 58.28
C GLU IA 353 106.34 6.69 58.06
N TYR IA 354 105.85 7.84 57.60
CA TYR IA 354 104.44 8.07 57.35
C TYR IA 354 104.04 7.93 55.89
N LYS IA 355 104.98 7.60 55.01
CA LYS IA 355 104.83 7.86 53.58
C LYS IA 355 104.17 6.70 52.85
N ILE IA 356 103.62 5.74 53.59
CA ILE IA 356 103.18 4.43 53.16
C ILE IA 356 104.38 3.73 52.53
N GLN IA 357 104.14 2.72 51.69
CA GLN IA 357 105.15 1.96 50.98
C GLN IA 357 104.45 0.69 50.50
N TRP IA 358 104.97 -0.01 49.50
CA TRP IA 358 104.57 -1.40 49.28
C TRP IA 358 105.58 -2.06 48.37
N TYR IA 359 105.59 -3.40 48.37
CA TYR IA 359 106.63 -4.11 47.64
C TYR IA 359 106.19 -4.52 46.25
N GLN IA 360 104.89 -4.42 45.94
CA GLN IA 360 104.32 -4.80 44.64
C GLN IA 360 104.86 -6.13 44.13
N THR IA 361 105.15 -7.06 45.04
CA THR IA 361 105.78 -8.32 44.72
C THR IA 361 105.91 -9.14 46.01
N PRO IA 362 105.54 -10.42 45.97
CA PRO IA 362 105.77 -11.25 47.17
C PRO IA 362 107.23 -11.57 47.40
N GLN IA 363 108.04 -11.60 46.34
CA GLN IA 363 109.46 -11.87 46.51
C GLN IA 363 110.20 -10.69 47.09
N GLY IA 364 109.53 -9.55 47.28
CA GLY IA 364 110.20 -8.36 47.75
C GLY IA 364 110.83 -8.49 49.12
N THR IA 365 112.14 -8.25 49.20
CA THR IA 365 112.87 -8.27 50.46
C THR IA 365 112.73 -6.90 51.12
N ASN IA 366 113.53 -6.64 52.16
CA ASN IA 366 113.39 -5.40 52.90
C ASN IA 366 113.49 -4.18 51.98
N ASN IA 367 114.59 -4.03 51.28
CA ASN IA 367 114.66 -3.06 50.19
C ASN IA 367 114.85 -3.81 48.89
N ASN IA 368 113.77 -3.90 48.12
CA ASN IA 368 113.63 -4.50 46.80
C ASN IA 368 112.16 -4.36 46.49
N GLY IA 369 111.76 -4.35 45.22
CA GLY IA 369 110.40 -3.92 44.98
C GLY IA 369 110.31 -2.55 45.63
N ASN IA 370 109.42 -2.44 46.62
CA ASN IA 370 109.53 -1.40 47.62
C ASN IA 370 109.32 -0.01 47.05
N ILE IA 371 108.28 0.16 46.26
CA ILE IA 371 107.98 1.49 45.73
C ILE IA 371 107.29 2.30 46.81
N ILE IA 372 107.69 3.53 46.94
CA ILE IA 372 107.27 4.38 48.05
C ILE IA 372 106.39 5.49 47.52
N SER IA 373 105.32 5.80 48.25
CA SER IA 373 104.42 6.85 47.82
C SER IA 373 105.14 8.19 47.82
N ASN IA 374 104.61 9.13 47.04
CA ASN IA 374 105.25 10.41 46.82
C ASN IA 374 104.19 11.50 46.77
N GLN IA 375 104.62 12.75 46.79
CA GLN IA 375 103.64 13.84 46.77
C GLN IA 375 103.09 14.04 45.36
N PRO IA 376 101.78 14.19 45.21
CA PRO IA 376 101.21 14.42 43.88
C PRO IA 376 101.58 15.75 43.28
N LEU IA 377 102.08 16.67 44.10
CA LEU IA 377 102.32 18.08 43.78
C LEU IA 377 101.01 18.83 43.65
N SER IA 378 99.87 18.15 43.77
CA SER IA 378 98.60 18.82 43.97
C SER IA 378 98.67 19.66 45.25
N MET IA 379 97.97 20.79 45.24
CA MET IA 379 98.12 21.75 46.33
C MET IA 379 97.11 21.54 47.45
N LEU IA 380 96.30 20.50 47.42
CA LEU IA 380 95.24 20.44 48.40
C LEU IA 380 95.57 20.04 49.84
N ARG IA 381 95.95 18.81 50.26
CA ARG IA 381 96.79 17.70 49.72
C ARG IA 381 98.25 17.83 50.19
N ASP IA 382 98.64 18.97 50.77
CA ASP IA 382 99.95 19.05 51.40
C ASP IA 382 99.77 19.48 52.86
N GLN IA 383 99.26 20.69 53.06
CA GLN IA 383 98.57 21.06 54.30
C GLN IA 383 99.44 20.89 55.54
N ALA IA 384 100.37 21.82 55.70
CA ALA IA 384 100.96 21.98 57.01
C ALA IA 384 99.99 22.75 57.92
N LEU IA 385 100.42 22.96 59.16
CA LEU IA 385 99.76 23.92 60.03
C LEU IA 385 100.78 24.37 61.07
N PHE IA 386 100.69 25.62 61.48
CA PHE IA 386 101.82 26.30 62.13
C PHE IA 386 101.51 26.82 63.52
N ARG IA 387 100.50 27.64 63.70
CA ARG IA 387 100.19 28.20 65.02
C ARG IA 387 101.41 29.00 65.49
N GLY IA 388 101.66 29.05 66.80
CA GLY IA 388 102.85 29.66 67.36
C GLY IA 388 103.08 31.10 66.96
N ASN IA 389 104.23 31.64 67.34
CA ASN IA 389 104.77 31.45 68.68
C ASN IA 389 104.53 32.77 69.37
N GLN IA 390 103.98 33.71 68.60
CA GLN IA 390 104.06 35.16 68.70
C GLN IA 390 105.35 35.67 68.06
N THR IA 391 106.30 34.79 67.76
CA THR IA 391 107.56 35.13 67.14
C THR IA 391 107.80 34.27 65.90
N THR IA 392 107.78 32.95 66.05
CA THR IA 392 108.02 32.01 64.97
C THR IA 392 106.79 31.12 64.80
N TYR IA 393 106.61 30.57 63.61
CA TYR IA 393 105.62 29.53 63.40
C TYR IA 393 106.27 28.17 63.65
N ASN IA 394 105.53 27.26 64.28
CA ASN IA 394 106.04 25.95 64.63
C ASN IA 394 105.06 24.87 64.21
N LEU IA 395 105.47 24.03 63.26
CA LEU IA 395 104.59 22.98 62.75
C LEU IA 395 104.01 22.16 63.90
N CYS IA 396 102.70 21.99 63.89
CA CYS IA 396 101.98 21.42 65.02
C CYS IA 396 101.54 20.00 64.72
N SER IA 397 101.76 19.12 65.68
CA SER IA 397 101.24 17.76 65.67
C SER IA 397 99.72 17.77 65.81
N ASP IA 398 99.11 16.62 65.53
CA ASP IA 398 97.65 16.47 65.52
C ASP IA 398 97.06 17.28 64.39
N VAL IA 399 96.20 18.25 64.69
CA VAL IA 399 95.19 18.79 63.76
C VAL IA 399 94.08 17.77 63.54
N TRP IA 400 93.18 17.68 64.52
CA TRP IA 400 91.95 16.90 64.46
C TRP IA 400 90.93 17.56 63.53
N MET IA 401 89.72 17.03 63.51
CA MET IA 401 88.68 17.60 62.66
C MET IA 401 88.28 18.98 63.15
N PHE IA 402 87.95 19.84 62.20
CA PHE IA 402 87.63 21.24 62.43
C PHE IA 402 86.64 21.67 61.35
N PRO IA 403 85.73 22.61 61.67
CA PRO IA 403 84.60 22.87 60.76
C PRO IA 403 84.95 23.19 59.32
N ASN IA 404 85.93 24.03 59.07
CA ASN IA 404 86.16 24.52 57.72
C ASN IA 404 87.16 23.69 56.94
N GLN IA 405 87.56 22.54 57.45
CA GLN IA 405 88.66 21.82 56.84
C GLN IA 405 88.35 21.35 55.44
N ILE IA 406 89.37 21.42 54.58
CA ILE IA 406 89.37 20.74 53.29
C ILE IA 406 90.64 19.94 53.17
N TRP IA 407 90.51 18.69 52.74
CA TRP IA 407 91.65 17.90 52.35
C TRP IA 407 91.26 17.19 51.08
N ASP IA 408 92.26 16.62 50.42
CA ASP IA 408 92.03 15.88 49.20
C ASP IA 408 92.29 14.42 49.48
N ARG IA 409 91.37 13.56 49.03
CA ARG IA 409 91.51 12.15 49.26
C ARG IA 409 92.80 11.65 48.64
N TYR IA 410 93.36 10.59 49.19
CA TYR IA 410 94.64 10.09 48.75
C TYR IA 410 94.63 9.87 47.23
N PRO IA 411 95.67 10.30 46.52
CA PRO IA 411 95.63 10.29 45.05
C PRO IA 411 95.53 8.92 44.43
N ILE IA 412 95.73 7.88 45.23
CA ILE IA 412 95.84 6.48 44.85
C ILE IA 412 96.82 6.31 43.69
N THR IA 413 96.60 5.27 42.88
CA THR IA 413 97.49 4.83 41.82
C THR IA 413 96.96 3.52 41.28
N ARG IA 414 97.60 2.95 40.26
CA ARG IA 414 97.12 1.71 39.69
C ARG IA 414 97.24 0.52 40.64
N GLU IA 415 98.11 0.60 41.64
CA GLU IA 415 98.39 -0.51 42.53
C GLU IA 415 97.43 -0.60 43.72
N ASN IA 416 96.48 0.27 43.82
CA ASN IA 416 95.72 0.38 45.05
C ASN IA 416 94.50 -0.51 45.06
N PRO IA 417 94.00 -0.85 46.23
CA PRO IA 417 92.68 -1.48 46.32
C PRO IA 417 91.59 -0.52 45.93
N ILE IA 418 90.58 -1.06 45.23
CA ILE IA 418 89.48 -0.22 44.77
C ILE IA 418 88.62 0.21 45.94
N TRP IA 419 88.20 -0.74 46.77
CA TRP IA 419 87.23 -0.48 47.82
C TRP IA 419 87.72 -1.07 49.14
N CYS IA 420 87.04 -0.66 50.20
CA CYS IA 420 87.19 -1.21 51.53
C CYS IA 420 85.82 -1.21 52.18
N LYS IA 421 85.55 -2.22 52.99
CA LYS IA 421 84.22 -2.31 53.60
C LYS IA 421 84.15 -1.40 54.82
N LYS IA 422 83.11 -0.57 54.86
CA LYS IA 422 82.85 0.27 56.01
C LYS IA 422 82.13 -0.56 57.06
N PRO IA 423 82.75 -0.82 58.21
CA PRO IA 423 82.12 -1.68 59.20
C PRO IA 423 80.85 -1.08 59.78
N ARG IA 424 79.87 -1.94 60.01
CA ARG IA 424 78.58 -1.52 60.52
C ARG IA 424 78.71 -1.08 61.97
N SER IA 425 78.28 0.15 62.24
CA SER IA 425 78.34 0.68 63.59
C SER IA 425 77.32 1.79 63.71
N ASP IA 426 76.98 2.13 64.96
CA ASP IA 426 75.97 3.14 65.18
C ASP IA 426 76.42 4.49 64.62
N LYS IA 427 77.57 4.97 65.05
CA LYS IA 427 78.03 6.30 64.73
C LYS IA 427 79.37 6.25 64.02
N HIS IA 428 79.60 7.22 63.15
CA HIS IA 428 80.88 7.36 62.49
C HIS IA 428 81.03 8.77 61.98
N THR IA 429 82.28 9.14 61.69
CA THR IA 429 82.63 10.43 61.12
C THR IA 429 82.69 10.36 59.59
N THR IA 430 83.36 11.33 58.96
CA THR IA 430 83.23 11.55 57.53
C THR IA 430 83.49 10.29 56.69
N ILE IA 431 84.29 9.35 57.21
CA ILE IA 431 84.67 8.14 56.48
C ILE IA 431 85.45 8.47 55.21
N ASP IA 432 86.68 8.96 55.37
CA ASP IA 432 87.60 9.01 54.24
C ASP IA 432 88.79 8.12 54.55
N PRO IA 433 88.91 6.94 53.96
CA PRO IA 433 90.06 6.08 54.24
C PRO IA 433 91.35 6.70 53.73
N PHE IA 434 92.40 6.59 54.53
CA PHE IA 434 93.68 7.18 54.17
C PHE IA 434 94.52 6.28 53.30
N ASP IA 435 94.00 5.12 52.96
CA ASP IA 435 94.60 4.23 51.97
C ASP IA 435 94.15 4.59 50.57
N GLY IA 436 93.44 5.69 50.43
CA GLY IA 436 92.66 5.91 49.23
C GLY IA 436 91.50 4.94 49.25
N SER IA 437 91.41 4.11 48.22
CA SER IA 437 90.35 3.12 48.11
C SER IA 437 88.98 3.77 48.28
N LEU IA 438 88.06 3.05 48.92
CA LEU IA 438 86.69 3.50 49.03
C LEU IA 438 86.06 2.80 50.21
N ALA IA 439 84.94 3.32 50.68
CA ALA IA 439 84.17 2.70 51.73
C ALA IA 439 82.77 2.46 51.21
N MET IA 440 82.25 1.27 51.45
CA MET IA 440 80.89 0.94 51.05
C MET IA 440 80.21 0.16 52.15
N ASP IA 441 78.92 0.40 52.33
CA ASP IA 441 78.13 -0.43 53.23
C ASP IA 441 78.26 -1.88 52.83
N HIS IA 442 77.89 -2.20 51.59
CA HIS IA 442 78.06 -3.53 51.04
C HIS IA 442 79.00 -3.44 49.86
N PRO IA 443 80.25 -3.87 50.01
CA PRO IA 443 81.14 -3.98 48.88
C PRO IA 443 80.77 -5.18 48.04
N PRO IA 444 81.51 -5.48 46.99
CA PRO IA 444 81.29 -6.77 46.31
C PRO IA 444 81.40 -7.91 47.29
N GLY IA 445 80.37 -8.76 47.29
CA GLY IA 445 80.39 -9.92 48.17
C GLY IA 445 81.50 -10.85 47.78
N THR IA 446 82.29 -11.27 48.75
CA THR IA 446 83.38 -12.18 48.47
C THR IA 446 82.82 -13.51 47.99
N ILE IA 447 83.36 -14.01 46.90
CA ILE IA 447 82.97 -15.30 46.35
C ILE IA 447 83.88 -16.36 46.93
N PHE IA 448 83.30 -17.33 47.62
CA PHE IA 448 84.03 -18.39 48.27
C PHE IA 448 83.89 -19.66 47.45
N ILE IA 449 84.90 -20.49 47.48
CA ILE IA 449 84.92 -21.71 46.68
C ILE IA 449 85.73 -22.78 47.40
N LYS IA 450 85.27 -24.01 47.32
CA LYS IA 450 85.85 -25.12 48.06
C LYS IA 450 85.76 -26.36 47.18
N MET IA 451 86.50 -27.40 47.57
CA MET IA 451 86.69 -28.57 46.72
C MET IA 451 85.75 -29.73 47.00
N ALA IA 452 84.76 -29.56 47.86
CA ALA IA 452 83.74 -30.60 48.00
C ALA IA 452 84.32 -31.93 48.44
N LYS IA 453 84.61 -32.07 49.73
CA LYS IA 453 85.31 -33.23 50.25
C LYS IA 453 84.72 -34.52 49.73
N ILE IA 454 85.58 -35.37 49.17
CA ILE IA 454 85.19 -36.69 48.72
C ILE IA 454 85.89 -37.69 49.62
N PRO IA 455 85.18 -38.31 50.55
CA PRO IA 455 85.84 -39.19 51.51
C PRO IA 455 86.14 -40.54 50.89
N VAL IA 456 86.84 -41.36 51.66
CA VAL IA 456 87.21 -42.70 51.20
C VAL IA 456 87.06 -43.64 52.39
N PRO IA 457 86.64 -44.89 52.16
CA PRO IA 457 86.34 -45.77 53.28
C PRO IA 457 87.60 -46.25 53.97
N SER IA 458 87.47 -46.48 55.28
CA SER IA 458 88.56 -47.02 56.08
C SER IA 458 87.97 -47.77 57.26
N ASN IA 459 88.85 -48.41 58.04
CA ASN IA 459 88.43 -49.21 59.18
C ASN IA 459 88.21 -48.37 60.43
N ASN IA 460 89.10 -47.41 60.68
CA ASN IA 460 89.17 -46.70 61.96
C ASN IA 460 87.83 -46.15 62.53
N ASN IA 461 87.01 -45.45 61.75
CA ASN IA 461 87.23 -45.13 60.35
C ASN IA 461 87.68 -43.69 60.19
N ALA IA 462 87.92 -43.31 58.94
CA ALA IA 462 88.35 -41.96 58.58
C ALA IA 462 89.64 -41.58 59.35
N ASP IA 463 89.95 -40.30 59.60
CA ASP IA 463 89.67 -39.19 58.70
C ASP IA 463 90.54 -39.32 57.46
N SER IA 464 89.88 -39.42 56.31
CA SER IA 464 90.57 -39.59 55.05
C SER IA 464 89.69 -39.06 53.94
N TYR IA 465 90.32 -38.60 52.87
CA TYR IA 465 89.60 -37.96 51.79
C TYR IA 465 90.41 -38.10 50.52
N LEU IA 466 89.76 -37.83 49.40
CA LEU IA 466 90.38 -37.98 48.11
C LEU IA 466 91.00 -36.65 47.70
N ASN IA 467 92.21 -36.72 47.15
CA ASN IA 467 93.02 -35.53 46.89
C ASN IA 467 92.74 -35.04 45.48
N ILE IA 468 92.12 -33.86 45.37
CA ILE IA 468 91.72 -33.29 44.10
C ILE IA 468 91.99 -31.80 44.12
N TYR IA 469 91.87 -31.19 42.94
CA TYR IA 469 91.91 -29.74 42.85
C TYR IA 469 91.06 -29.31 41.67
N CYS IA 470 90.65 -28.06 41.68
CA CYS IA 470 89.79 -27.51 40.65
C CYS IA 470 90.57 -26.48 39.85
N THR IA 471 90.13 -26.28 38.62
CA THR IA 471 90.76 -25.32 37.74
C THR IA 471 89.68 -24.77 36.83
N GLY IA 472 89.74 -23.47 36.57
CA GLY IA 472 88.68 -22.89 35.77
C GLY IA 472 88.98 -21.45 35.46
N GLN IA 473 87.95 -20.75 35.00
CA GLN IA 473 88.14 -19.41 34.50
C GLN IA 473 87.11 -18.47 35.11
N VAL IA 474 87.59 -17.42 35.77
CA VAL IA 474 86.76 -16.35 36.27
C VAL IA 474 86.82 -15.22 35.26
N SER IA 475 85.68 -14.62 34.97
CA SER IA 475 85.64 -13.42 34.15
C SER IA 475 85.00 -12.33 34.98
N CYS IA 476 85.77 -11.33 35.36
CA CYS IA 476 85.26 -10.21 36.12
C CYS IA 476 85.09 -9.05 35.15
N GLU IA 477 83.85 -8.72 34.84
CA GLU IA 477 83.52 -7.64 33.91
C GLU IA 477 82.81 -6.56 34.70
N ILE IA 478 83.45 -5.41 34.86
CA ILE IA 478 82.92 -4.35 35.70
C ILE IA 478 82.76 -3.09 34.87
N VAL IA 479 81.69 -2.36 35.15
CA VAL IA 479 81.36 -1.13 34.44
C VAL IA 479 81.69 0.04 35.33
N TRP IA 480 82.26 1.09 34.75
CA TRP IA 480 82.74 2.23 35.50
C TRP IA 480 81.98 3.46 35.05
N GLU IA 481 81.23 4.07 35.97
CA GLU IA 481 80.74 5.41 35.70
C GLU IA 481 81.92 6.34 35.58
N VAL IA 482 81.98 7.08 34.49
CA VAL IA 482 83.16 7.86 34.16
C VAL IA 482 82.71 9.22 33.62
N GLU IA 483 83.46 10.26 33.93
CA GLU IA 483 83.13 11.62 33.53
C GLU IA 483 84.35 12.27 32.90
N ARG IA 484 84.15 12.96 31.80
CA ARG IA 484 85.23 13.47 30.98
C ARG IA 484 85.42 14.96 31.23
N TYR IA 485 86.65 15.42 31.16
CA TYR IA 485 86.98 16.76 31.66
C TYR IA 485 86.99 17.78 30.54
N ALA IA 486 86.52 18.98 30.87
CA ALA IA 486 86.67 20.15 30.03
C ALA IA 486 87.13 21.30 30.91
N THR IA 487 88.00 22.15 30.38
CA THR IA 487 88.52 23.23 31.20
C THR IA 487 88.88 24.41 30.32
N LYS IA 488 88.95 25.57 30.96
CA LYS IA 488 89.27 26.81 30.27
C LYS IA 488 90.74 27.16 30.35
N ASN IA 489 91.57 26.31 30.94
CA ASN IA 489 92.99 26.59 31.01
C ASN IA 489 93.56 26.72 29.61
N TRP IA 490 94.46 27.69 29.45
CA TRP IA 490 95.12 27.89 28.17
C TRP IA 490 96.27 26.92 27.97
N ARG IA 491 96.91 26.51 29.02
CA ARG IA 491 98.19 25.82 28.98
C ARG IA 491 98.04 24.31 28.88
N PRO IA 492 99.12 23.62 28.49
CA PRO IA 492 99.02 22.19 28.15
C PRO IA 492 98.62 21.24 29.29
N GLU IA 493 98.66 21.66 30.54
CA GLU IA 493 98.42 20.77 31.71
C GLU IA 493 99.45 19.64 31.69
N ARG IA 494 99.08 18.44 32.08
CA ARG IA 494 100.05 17.37 32.31
C ARG IA 494 99.38 16.03 32.04
N ARG IA 495 100.17 15.08 31.56
CA ARG IA 495 99.68 13.74 31.27
C ARG IA 495 100.68 12.73 31.81
N HIS IA 496 100.42 11.46 31.54
CA HIS IA 496 101.34 10.41 31.93
C HIS IA 496 101.99 9.85 30.68
N THR IA 497 103.24 10.23 30.46
CA THR IA 497 104.08 9.65 29.43
C THR IA 497 104.70 8.35 29.91
N THR IA 498 105.10 7.52 28.95
CA THR IA 498 106.05 6.48 29.24
C THR IA 498 107.40 7.04 29.68
N PHE IA 499 107.67 8.32 29.44
CA PHE IA 499 108.98 8.83 29.81
C PHE IA 499 109.17 8.88 31.32
N GLY IA 500 108.09 8.90 32.10
CA GLY IA 500 108.24 8.66 33.52
C GLY IA 500 108.74 7.27 33.81
N LEU IA 501 108.46 6.33 32.91
CA LEU IA 501 108.89 4.95 33.05
C LEU IA 501 110.38 4.82 32.79
N GLY IA 502 110.95 3.69 33.21
CA GLY IA 502 112.38 3.48 33.03
C GLY IA 502 112.66 2.01 32.77
N ILE IA 503 113.86 1.76 32.28
CA ILE IA 503 114.27 0.47 31.74
C ILE IA 503 114.68 -0.45 32.88
N GLY IA 504 114.43 -1.75 32.73
CA GLY IA 504 114.79 -2.67 33.78
C GLY IA 504 114.69 -4.12 33.36
N GLY IA 505 115.15 -4.99 34.25
CA GLY IA 505 115.06 -6.44 34.16
C GLY IA 505 116.22 -7.06 33.42
N ALA IA 506 116.63 -8.25 33.87
CA ALA IA 506 117.70 -9.05 33.28
C ALA IA 506 118.91 -8.21 32.90
N ASP IA 507 119.43 -8.45 31.69
CA ASP IA 507 120.16 -7.41 30.99
C ASP IA 507 119.18 -6.28 30.70
N ASN IA 508 119.61 -5.04 30.91
CA ASN IA 508 118.68 -3.95 31.20
C ASN IA 508 117.50 -3.89 30.23
N LEU IA 509 117.63 -4.51 29.07
CA LEU IA 509 116.65 -4.41 27.99
C LEU IA 509 115.24 -4.73 28.48
N ASN IA 510 114.27 -4.13 27.79
CA ASN IA 510 112.83 -4.01 28.00
C ASN IA 510 112.58 -2.90 29.00
N PRO IA 511 111.56 -2.07 28.81
CA PRO IA 511 111.47 -0.89 29.67
C PRO IA 511 110.91 -1.10 31.06
N THR IA 512 109.60 -1.27 31.17
CA THR IA 512 109.00 -1.35 32.50
C THR IA 512 107.82 -2.31 32.55
N TYR IA 513 106.72 -2.02 31.89
CA TYR IA 513 105.63 -2.98 31.84
C TYR IA 513 105.84 -3.81 30.58
N HIS IA 514 106.39 -5.00 30.78
CA HIS IA 514 106.91 -5.78 29.68
C HIS IA 514 107.56 -7.03 30.23
N VAL IA 515 107.75 -8.00 29.36
CA VAL IA 515 108.33 -9.27 29.76
C VAL IA 515 109.86 -9.23 29.75
N ASP IA 516 110.46 -10.11 30.55
CA ASP IA 516 111.90 -10.34 30.59
C ASP IA 516 112.24 -11.44 29.58
N LYS IA 517 113.45 -12.01 29.65
CA LYS IA 517 113.86 -12.91 28.56
C LYS IA 517 113.78 -14.48 28.56
N ASN IA 518 113.56 -15.29 29.61
CA ASN IA 518 113.52 -15.10 31.07
C ASN IA 518 112.17 -14.62 31.55
N GLY IA 519 111.21 -14.54 30.64
CA GLY IA 519 110.16 -13.56 30.79
C GLY IA 519 109.48 -13.53 32.14
N THR IA 520 109.67 -12.39 32.78
CA THR IA 520 109.10 -12.03 34.06
C THR IA 520 108.71 -10.57 33.93
N TYR IA 521 107.45 -10.28 34.16
CA TYR IA 521 106.92 -8.94 33.98
C TYR IA 521 107.70 -7.97 34.84
N ILE IA 522 108.29 -6.95 34.20
CA ILE IA 522 109.15 -6.03 34.94
C ILE IA 522 108.29 -5.14 35.82
N GLN IA 523 108.66 -5.02 37.00
CA GLN IA 523 107.77 -4.23 37.83
C GLN IA 523 108.17 -2.76 37.80
N PRO IA 524 107.18 -1.88 37.89
CA PRO IA 524 107.46 -0.45 37.96
C PRO IA 524 108.18 -0.10 39.25
N THR IA 525 109.25 0.68 39.14
CA THR IA 525 110.10 1.04 40.27
C THR IA 525 109.88 2.50 40.64
N THR IA 526 109.61 2.71 41.93
CA THR IA 526 109.03 3.86 42.63
C THR IA 526 107.67 4.32 42.13
N TRP IA 527 107.32 5.57 42.43
CA TRP IA 527 105.91 5.95 42.50
C TRP IA 527 105.36 6.43 41.17
N ASP IA 528 106.13 7.25 40.45
CA ASP IA 528 105.62 7.84 39.21
C ASP IA 528 105.35 6.80 38.14
N MET IA 529 106.10 5.70 38.14
CA MET IA 529 105.87 4.61 37.19
C MET IA 529 104.39 4.25 37.14
N CYS IA 530 103.88 3.67 38.23
CA CYS IA 530 102.45 3.58 38.42
C CYS IA 530 101.88 4.98 38.32
N PHE IA 531 100.87 5.16 37.47
CA PHE IA 531 100.48 6.52 37.14
C PHE IA 531 99.32 6.94 38.02
N PRO IA 532 99.55 7.80 39.01
CA PRO IA 532 98.49 8.11 39.97
C PRO IA 532 97.50 9.08 39.37
N VAL IA 533 96.24 8.91 39.72
CA VAL IA 533 95.29 9.97 39.44
C VAL IA 533 95.57 11.12 40.40
N LYS IA 534 95.00 12.29 40.07
CA LYS IA 534 95.01 13.50 40.88
C LYS IA 534 96.29 14.30 40.65
N THR IA 535 97.23 13.79 39.89
CA THR IA 535 98.40 14.55 39.49
C THR IA 535 98.21 15.24 38.15
N ASN IA 536 97.05 15.10 37.52
CA ASN IA 536 96.82 15.63 36.19
C ASN IA 536 95.60 16.54 36.17
N ILE IA 537 95.28 16.98 34.97
CA ILE IA 537 94.22 17.94 34.70
C ILE IA 537 94.43 19.17 35.57
N ASN IA 538 93.35 19.84 35.95
CA ASN IA 538 93.33 20.94 36.91
C ASN IA 538 91.89 21.13 37.33
N LYS IA 539 91.68 21.80 38.45
CA LYS IA 539 90.36 22.25 38.81
C LYS IA 539 90.45 23.62 39.45
N VAL IA 540 89.60 24.54 38.99
CA VAL IA 540 89.38 25.76 39.75
C VAL IA 540 88.64 25.39 41.02
N LEU IA 541 89.18 25.79 42.15
CA LEU IA 541 88.56 25.46 43.41
C LEU IA 541 87.32 26.33 43.63
N GLY JA 34 61.01 51.85 20.91
CA GLY JA 34 62.09 52.14 19.98
C GLY JA 34 63.38 51.42 20.30
N SER JA 35 64.42 51.70 19.54
CA SER JA 35 65.73 51.07 19.74
C SER JA 35 66.80 51.96 19.14
N GLY JA 36 68.03 51.71 19.56
CA GLY JA 36 69.19 52.44 19.04
C GLY JA 36 69.65 53.52 19.99
N VAL JA 37 70.68 54.25 19.55
CA VAL JA 37 71.19 55.37 20.31
C VAL JA 37 70.08 56.41 20.47
N GLY JA 38 70.05 57.05 21.62
CA GLY JA 38 69.04 58.04 21.91
C GLY JA 38 67.79 57.50 22.55
N ILE JA 39 67.72 56.20 22.80
CA ILE JA 39 66.59 55.56 23.46
C ILE JA 39 67.17 54.79 24.64
N SER JA 40 66.82 55.20 25.86
CA SER JA 40 67.37 54.55 27.03
C SER JA 40 66.87 53.12 27.13
N THR JA 41 67.73 52.22 27.58
CA THR JA 41 67.35 50.82 27.58
C THR JA 41 66.48 50.46 28.78
N GLY JA 42 66.86 50.94 29.96
CA GLY JA 42 66.06 50.67 31.14
C GLY JA 42 66.20 51.83 32.10
N GLY JA 43 65.28 51.88 33.07
CA GLY JA 43 65.22 52.97 34.01
C GLY JA 43 65.82 52.60 35.36
N TRP JA 44 65.85 53.59 36.24
CA TRP JA 44 66.37 53.41 37.58
C TRP JA 44 65.41 52.55 38.40
N VAL JA 45 65.96 51.88 39.41
CA VAL JA 45 65.23 50.90 40.20
C VAL JA 45 65.71 50.97 41.64
N GLY JA 46 64.81 50.67 42.58
CA GLY JA 46 65.20 50.52 43.96
C GLY JA 46 63.99 50.56 44.89
N GLY JA 47 64.28 50.61 46.20
CA GLY JA 47 63.30 50.93 47.21
C GLY JA 47 62.81 49.78 48.08
N SER JA 48 63.36 48.59 47.90
CA SER JA 48 62.97 47.35 48.57
C SER JA 48 61.48 47.00 48.53
N TYR JA 49 61.03 46.12 49.42
CA TYR JA 49 59.65 45.64 49.35
C TYR JA 49 59.02 45.25 50.68
N PHE JA 50 59.52 44.17 51.29
CA PHE JA 50 59.04 43.62 52.56
C PHE JA 50 57.63 43.04 52.64
N THR JA 51 57.45 41.84 52.12
CA THR JA 51 56.32 40.97 52.43
C THR JA 51 56.75 39.87 53.40
N ASP JA 52 55.81 39.41 54.22
CA ASP JA 52 56.08 38.39 55.24
C ASP JA 52 56.87 37.20 54.72
N SER JA 53 56.55 36.74 53.52
CA SER JA 53 57.23 35.56 52.98
C SER JA 53 58.57 35.88 52.35
N TYR JA 54 58.74 37.07 51.78
CA TYR JA 54 59.99 37.40 51.10
C TYR JA 54 60.19 38.90 51.07
N VAL JA 55 61.44 39.29 50.87
CA VAL JA 55 61.85 40.68 50.76
C VAL JA 55 62.58 40.86 49.44
N ILE JA 56 62.14 41.82 48.64
CA ILE JA 56 62.75 42.13 47.35
C ILE JA 56 63.51 43.43 47.51
N THR JA 57 64.83 43.37 47.47
CA THR JA 57 65.66 44.56 47.50
C THR JA 57 66.12 44.88 46.09
N LYS JA 58 65.96 46.14 45.70
CA LYS JA 58 66.31 46.60 44.37
C LYS JA 58 67.34 47.72 44.51
N ASN JA 59 68.33 47.73 43.63
CA ASN JA 59 69.38 48.72 43.69
C ASN JA 59 69.84 49.02 42.28
N THR JA 60 70.40 50.22 42.10
CA THR JA 60 70.91 50.64 40.81
C THR JA 60 72.13 51.51 41.05
N ARG JA 61 73.08 51.46 40.11
CA ARG JA 61 74.35 52.14 40.29
C ARG JA 61 74.79 52.81 39.01
N GLN JA 62 75.81 53.63 39.13
CA GLN JA 62 76.52 54.19 38.01
C GLN JA 62 77.97 53.73 38.12
N PHE JA 63 78.49 53.11 37.07
CA PHE JA 63 79.82 52.51 37.13
C PHE JA 63 80.66 53.00 35.97
N LEU JA 64 81.96 52.77 36.05
CA LEU JA 64 82.81 53.03 34.89
C LEU JA 64 83.94 52.03 34.82
N VAL JA 65 84.28 51.65 33.59
CA VAL JA 65 85.35 50.70 33.31
C VAL JA 65 86.51 51.49 32.71
N LYS JA 66 87.71 51.30 33.25
CA LYS JA 66 88.80 52.25 33.06
C LYS JA 66 89.85 51.81 32.03
N ILE JA 67 89.72 50.62 31.42
CA ILE JA 67 90.82 50.01 30.67
C ILE JA 67 92.00 49.79 31.60
N GLN JA 68 91.92 48.79 32.46
CA GLN JA 68 93.06 48.47 33.30
C GLN JA 68 94.10 47.65 32.55
N ASN JA 69 95.37 47.92 32.86
CA ASN JA 69 96.48 47.04 32.50
C ASN JA 69 96.71 46.99 31.00
N ASN JA 70 96.59 48.13 30.32
CA ASN JA 70 96.52 48.18 28.86
C ASN JA 70 95.42 47.19 28.49
N HIS JA 71 95.55 46.42 27.43
CA HIS JA 71 94.73 45.22 27.31
C HIS JA 71 95.51 43.94 27.55
N GLN JA 72 96.81 44.03 27.74
CA GLN JA 72 97.62 42.87 28.01
C GLN JA 72 97.50 42.46 29.49
N TYR JA 73 97.90 41.21 29.75
CA TYR JA 73 97.76 40.53 31.04
C TYR JA 73 98.90 40.79 32.01
N LYS JA 74 100.12 40.43 31.64
CA LYS JA 74 101.28 40.35 32.50
C LYS JA 74 101.09 39.40 33.67
N THR JA 75 101.85 39.60 34.75
CA THR JA 75 101.85 38.73 35.92
C THR JA 75 101.90 39.59 37.18
N GLU JA 76 102.92 40.45 37.26
CA GLU JA 76 103.10 41.57 38.18
C GLU JA 76 103.79 41.27 39.51
N LEU JA 77 103.91 40.01 39.92
CA LEU JA 77 104.75 39.62 41.06
C LEU JA 77 104.67 40.65 42.19
N ILE JA 78 103.52 40.71 42.86
CA ILE JA 78 103.10 41.94 43.53
C ILE JA 78 104.13 42.48 44.51
N SER JA 79 104.18 41.91 45.71
CA SER JA 79 105.18 42.16 46.75
C SER JA 79 105.16 43.60 47.25
N PRO JA 80 105.49 43.85 48.50
CA PRO JA 80 106.18 45.10 48.84
C PRO JA 80 107.67 44.85 48.92
N SER JA 81 108.48 45.87 49.20
CA SER JA 81 109.85 45.61 49.58
C SER JA 81 110.37 46.55 50.68
N THR JA 82 110.82 46.05 51.85
CA THR JA 82 110.52 44.76 52.50
C THR JA 82 110.47 43.47 51.67
N SER JA 83 111.55 43.20 50.94
CA SER JA 83 111.63 42.02 50.09
C SER JA 83 111.38 40.73 50.84
N GLN JA 84 111.48 40.76 52.18
CA GLN JA 84 111.14 39.59 52.99
C GLN JA 84 109.67 39.19 52.87
N GLY JA 85 108.85 40.02 52.25
CA GLY JA 85 107.42 39.74 52.19
C GLY JA 85 107.11 38.52 51.36
N LYS JA 86 105.82 38.22 51.27
CA LYS JA 86 105.37 37.01 50.57
C LYS JA 86 105.65 37.11 49.07
N SER JA 87 105.36 38.26 48.47
CA SER JA 87 105.68 38.52 47.07
C SER JA 87 104.93 37.55 46.14
N GLN JA 88 103.63 37.43 46.36
CA GLN JA 88 102.81 36.60 45.47
C GLN JA 88 102.89 37.13 44.04
N ARG JA 89 102.95 36.22 43.08
CA ARG JA 89 103.20 36.62 41.70
C ARG JA 89 101.91 37.11 41.03
N CYS JA 90 100.79 36.46 41.35
CA CYS JA 90 99.49 36.73 40.77
C CYS JA 90 99.45 36.76 39.24
N VAL JA 91 98.43 37.40 38.70
CA VAL JA 91 98.21 37.64 37.27
C VAL JA 91 97.31 38.85 37.18
N SER JA 92 97.57 39.73 36.24
CA SER JA 92 96.68 40.86 36.00
C SER JA 92 95.98 40.64 34.68
N THR JA 93 94.77 41.16 34.55
CA THR JA 93 93.98 40.99 33.35
C THR JA 93 93.40 42.33 32.94
N PRO JA 94 93.04 42.51 31.67
CA PRO JA 94 92.33 43.72 31.27
C PRO JA 94 90.94 43.82 31.85
N TRP JA 95 90.41 42.73 32.39
CA TRP JA 95 89.02 42.69 32.80
C TRP JA 95 88.79 43.35 34.14
N SER JA 96 87.57 43.86 34.31
CA SER JA 96 87.06 44.34 35.58
C SER JA 96 85.82 43.54 35.89
N TYR JA 97 85.41 43.55 37.16
CA TYR JA 97 84.31 42.69 37.54
C TYR JA 97 83.39 43.39 38.52
N PHE JA 98 82.15 42.92 38.56
CA PHE JA 98 81.14 43.40 39.49
C PHE JA 98 81.13 42.51 40.72
N ASN JA 99 81.38 43.10 41.88
CA ASN JA 99 81.27 42.40 43.15
C ASN JA 99 79.99 42.88 43.83
N PHE JA 100 79.01 42.01 43.94
CA PHE JA 100 77.75 42.34 44.61
C PHE JA 100 77.69 41.85 46.04
N ASN JA 101 78.77 41.29 46.58
CA ASN JA 101 78.72 40.52 47.81
C ASN JA 101 78.96 41.44 49.00
N GLN JA 102 77.87 41.77 49.70
CA GLN JA 102 77.85 42.47 50.97
C GLN JA 102 76.40 42.73 51.29
N TYR JA 103 76.10 42.92 52.58
CA TYR JA 103 74.72 43.26 52.91
C TYR JA 103 74.46 44.75 52.78
N SER JA 104 75.40 45.58 53.22
CA SER JA 104 75.19 47.01 53.20
C SER JA 104 74.98 47.56 51.80
N SER JA 105 75.28 46.78 50.78
CA SER JA 105 75.02 47.22 49.42
C SER JA 105 73.54 47.10 49.08
N HIS JA 106 72.90 46.03 49.52
CA HIS JA 106 71.54 45.74 49.14
C HIS JA 106 70.49 46.24 50.13
N PHE JA 107 70.89 46.69 51.31
CA PHE JA 107 69.96 47.09 52.34
C PHE JA 107 70.29 48.47 52.85
N SER JA 108 69.32 49.36 52.82
CA SER JA 108 69.47 50.63 53.49
C SER JA 108 69.53 50.39 54.99
N PRO JA 109 70.11 51.32 55.75
CA PRO JA 109 70.11 51.16 57.20
C PRO JA 109 68.73 50.98 57.79
N GLN JA 110 67.67 51.41 57.11
CA GLN JA 110 66.34 51.07 57.58
C GLN JA 110 65.84 49.71 57.09
N ASP JA 111 66.08 49.37 55.82
CA ASP JA 111 65.66 48.06 55.34
C ASP JA 111 66.29 46.97 56.17
N TRP JA 112 67.62 46.95 56.24
CA TRP JA 112 68.27 46.31 57.36
C TRP JA 112 67.77 46.98 58.62
N GLN JA 113 67.57 46.23 59.69
CA GLN JA 113 66.84 46.64 60.89
C GLN JA 113 65.34 46.59 60.70
N ARG JA 114 64.83 46.59 59.50
CA ARG JA 114 63.46 46.16 59.36
C ARG JA 114 63.36 44.65 59.32
N LEU JA 115 64.30 43.98 58.66
CA LEU JA 115 64.33 42.53 58.75
C LEU JA 115 65.03 42.04 60.00
N THR JA 116 66.07 42.73 60.45
CA THR JA 116 66.77 42.29 61.65
C THR JA 116 65.85 42.34 62.86
N ASN JA 117 64.92 43.28 62.88
CA ASN JA 117 63.96 43.34 63.98
C ASN JA 117 62.81 42.38 63.74
N GLU JA 118 62.30 42.29 62.52
CA GLU JA 118 61.01 41.67 62.29
C GLU JA 118 61.07 40.21 61.83
N TYR JA 119 62.25 39.62 61.65
CA TYR JA 119 62.28 38.28 61.08
C TYR JA 119 63.28 37.38 61.78
N LYS JA 120 62.93 36.08 61.86
CA LYS JA 120 63.84 35.09 62.40
C LYS JA 120 65.05 34.90 61.51
N ARG JA 121 64.81 34.67 60.22
CA ARG JA 121 65.86 34.17 59.37
C ARG JA 121 65.59 34.59 57.94
N PHE JA 122 66.65 34.64 57.16
CA PHE JA 122 66.52 35.02 55.78
C PHE JA 122 67.67 34.43 54.99
N ARG JA 123 67.42 34.17 53.72
CA ARG JA 123 68.49 33.78 52.82
C ARG JA 123 68.12 34.33 51.45
N PRO JA 124 69.11 34.71 50.65
CA PRO JA 124 68.79 35.19 49.32
C PRO JA 124 68.23 34.06 48.47
N LYS JA 125 67.07 34.31 47.87
CA LYS JA 125 66.43 33.30 47.03
C LYS JA 125 66.95 33.35 45.60
N GLY JA 126 67.11 34.55 45.05
CA GLY JA 126 67.50 34.70 43.66
C GLY JA 126 68.11 36.05 43.45
N MET JA 127 68.63 36.26 42.25
CA MET JA 127 69.33 37.49 41.92
C MET JA 127 69.15 37.78 40.44
N HIS JA 128 68.96 39.05 40.12
CA HIS JA 128 68.74 39.47 38.74
C HIS JA 128 69.51 40.74 38.50
N VAL JA 129 70.41 40.72 37.52
CA VAL JA 129 71.31 41.85 37.28
C VAL JA 129 71.12 42.32 35.85
N LYS JA 130 71.13 43.63 35.66
CA LYS JA 130 70.92 44.22 34.34
C LYS JA 130 71.95 45.30 34.10
N ILE JA 131 72.75 45.15 33.06
CA ILE JA 131 73.61 46.20 32.57
C ILE JA 131 72.82 46.94 31.50
N TYR JA 132 72.84 48.27 31.55
CA TYR JA 132 72.11 49.03 30.55
C TYR JA 132 72.58 50.48 30.61
N ASN JA 133 72.04 51.28 29.69
CA ASN JA 133 72.39 52.68 29.57
C ASN JA 133 73.90 52.89 29.49
N LEU JA 134 74.52 52.16 28.57
CA LEU JA 134 75.97 52.21 28.44
C LEU JA 134 76.40 53.46 27.70
N GLN JA 135 77.62 53.90 27.97
CA GLN JA 135 78.20 55.07 27.32
C GLN JA 135 79.68 54.85 27.13
N ILE JA 136 80.21 55.16 25.95
CA ILE JA 136 81.64 55.08 25.69
C ILE JA 136 82.10 56.49 25.37
N LYS JA 137 82.96 57.05 26.22
CA LYS JA 137 83.19 58.49 26.15
C LYS JA 137 84.49 58.93 25.49
N GLN JA 138 85.38 58.03 25.11
CA GLN JA 138 86.53 58.41 24.28
C GLN JA 138 87.36 59.53 24.92
N ILE JA 139 88.16 59.17 25.93
CA ILE JA 139 89.06 60.12 26.53
C ILE JA 139 89.97 60.73 25.47
N LEU JA 140 90.16 62.04 25.54
CA LEU JA 140 91.16 62.75 24.75
C LEU JA 140 92.03 63.61 25.66
N SER JA 141 93.28 63.80 25.24
CA SER JA 141 94.20 64.67 25.94
C SER JA 141 94.94 65.53 24.92
N ASN JA 142 94.77 66.85 25.02
CA ASN JA 142 95.54 67.81 24.26
C ASN JA 142 96.79 68.24 25.00
N GLY JA 143 97.06 67.60 26.13
CA GLY JA 143 98.01 68.06 27.12
C GLY JA 143 97.27 68.79 28.20
N ALA JA 144 97.70 68.59 29.44
CA ALA JA 144 96.98 69.02 30.64
C ALA JA 144 95.53 68.54 30.51
N ASP JA 145 94.54 69.30 30.97
CA ASP JA 145 93.11 69.22 30.65
C ASP JA 145 92.56 67.80 30.54
N THR JA 146 91.60 67.64 29.61
CA THR JA 146 91.06 66.42 29.00
C THR JA 146 89.84 66.84 28.20
N THR JA 147 89.40 66.00 27.28
CA THR JA 147 88.11 66.20 26.62
C THR JA 147 87.49 64.83 26.39
N TYR JA 148 86.16 64.82 26.34
CA TYR JA 148 85.39 63.59 26.17
C TYR JA 148 84.44 63.82 25.00
N ASN JA 149 84.66 63.13 23.89
CA ASN JA 149 83.89 63.41 22.69
C ASN JA 149 82.62 62.59 22.65
N ASN JA 150 82.32 61.90 23.73
CA ASN JA 150 81.42 60.77 23.73
C ASN JA 150 81.99 59.79 22.72
N ASP JA 151 81.13 59.03 22.06
CA ASP JA 151 81.56 58.08 21.04
C ASP JA 151 80.33 57.29 20.61
N LEU JA 152 80.42 56.72 19.43
CA LEU JA 152 79.51 55.67 19.00
C LEU JA 152 80.37 54.63 18.32
N THR JA 153 79.73 53.59 17.80
CA THR JA 153 80.44 52.50 17.17
C THR JA 153 81.59 52.00 18.04
N ALA JA 154 81.36 51.86 19.33
CA ALA JA 154 82.31 51.28 20.26
C ALA JA 154 81.59 50.20 21.06
N GLY JA 155 82.35 49.40 21.80
CA GLY JA 155 81.81 48.21 22.39
C GLY JA 155 82.39 47.92 23.75
N VAL JA 156 81.69 47.03 24.46
CA VAL JA 156 82.04 46.64 25.81
C VAL JA 156 81.80 45.14 25.92
N HIS JA 157 82.82 44.41 26.36
CA HIS JA 157 82.70 42.99 26.60
C HIS JA 157 82.08 42.75 27.95
N ILE JA 158 81.12 41.84 28.03
CA ILE JA 158 80.47 41.48 29.28
C ILE JA 158 80.38 39.98 29.36
N PHE JA 159 80.93 39.39 30.41
CA PHE JA 159 81.04 37.97 30.54
C PHE JA 159 80.63 37.55 31.94
N CYS JA 160 79.90 36.44 32.05
CA CYS JA 160 79.44 35.92 33.32
C CYS JA 160 79.88 34.47 33.47
N ASP JA 161 80.06 34.03 34.71
CA ASP JA 161 80.40 32.66 35.01
C ASP JA 161 79.18 31.91 35.52
N GLY JA 162 78.65 31.00 34.70
CA GLY JA 162 77.64 30.10 35.22
C GLY JA 162 78.26 28.81 35.71
N GLU JA 163 79.42 28.46 35.15
CA GLU JA 163 80.10 27.24 35.52
C GLU JA 163 81.09 27.44 36.66
N HIS JA 164 81.42 28.68 36.98
CA HIS JA 164 82.52 29.03 37.89
C HIS JA 164 83.83 28.40 37.46
N ALA JA 165 84.02 28.15 36.17
CA ALA JA 165 85.37 28.11 35.64
C ALA JA 165 85.96 29.50 35.79
N TYR JA 166 87.28 29.58 35.75
CA TYR JA 166 88.06 30.79 36.00
C TYR JA 166 88.20 31.05 37.49
N PRO JA 167 89.28 31.70 37.88
CA PRO JA 167 89.65 31.79 39.30
C PRO JA 167 88.73 32.60 40.20
N ASN JA 168 87.70 33.28 39.68
CA ASN JA 168 86.66 33.97 40.45
C ASN JA 168 87.18 34.91 41.53
N ALA JA 169 87.57 36.13 41.12
CA ALA JA 169 88.22 37.10 41.99
C ALA JA 169 87.54 37.25 43.34
N THR JA 170 86.21 37.22 43.37
CA THR JA 170 85.48 37.62 44.57
C THR JA 170 85.96 36.87 45.80
N HIS JA 171 86.36 37.64 46.81
CA HIS JA 171 86.73 37.20 48.14
C HIS JA 171 85.81 37.92 49.10
N PRO JA 172 85.39 37.27 50.19
CA PRO JA 172 84.31 37.87 51.01
C PRO JA 172 84.52 39.31 51.42
N TRP JA 173 85.66 39.67 51.96
CA TRP JA 173 85.77 41.03 52.53
C TRP JA 173 86.18 42.02 51.44
N ASP JA 174 87.43 41.94 51.00
CA ASP JA 174 87.94 42.78 49.92
C ASP JA 174 87.58 44.23 50.23
N GLU JA 175 87.03 44.96 49.27
CA GLU JA 175 86.77 46.38 49.35
C GLU JA 175 85.47 46.55 48.58
N ASP JA 176 85.15 47.79 48.24
CA ASP JA 176 84.28 48.11 47.09
C ASP JA 176 82.95 47.37 47.25
N VAL JA 177 82.67 46.34 46.44
CA VAL JA 177 81.34 45.78 46.23
C VAL JA 177 80.55 46.96 45.71
N MET JA 178 79.27 47.03 45.99
CA MET JA 178 78.52 48.20 45.58
C MET JA 178 78.69 49.26 46.66
N PRO JA 179 78.71 50.54 46.30
CA PRO JA 179 78.72 51.54 47.36
C PRO JA 179 77.42 51.42 48.13
N GLU JA 180 77.53 51.34 49.45
CA GLU JA 180 76.34 51.15 50.27
C GLU JA 180 75.30 52.22 50.01
N LEU JA 181 75.72 53.34 49.44
CA LEU JA 181 74.90 54.51 49.22
C LEU JA 181 74.68 54.68 47.74
N PRO JA 182 73.46 54.71 47.21
CA PRO JA 182 73.28 54.93 45.77
C PRO JA 182 73.76 56.30 45.36
N TYR JA 183 73.54 56.69 44.10
CA TYR JA 183 73.99 57.97 43.54
C TYR JA 183 75.51 58.10 43.60
N GLN JA 184 76.16 57.18 44.28
CA GLN JA 184 77.60 57.18 44.40
C GLN JA 184 78.16 56.30 43.30
N THR JA 185 78.93 56.89 42.39
CA THR JA 185 79.42 56.15 41.25
C THR JA 185 80.30 55.00 41.71
N TRP JA 186 80.25 53.90 40.96
CA TRP JA 186 80.88 52.66 41.39
C TRP JA 186 82.04 52.34 40.46
N TYR JA 187 83.25 52.49 40.96
CA TYR JA 187 84.45 52.22 40.18
C TYR JA 187 84.77 50.75 40.27
N LEU JA 188 84.85 50.09 39.13
CA LEU JA 188 85.20 48.69 39.08
C LEU JA 188 86.68 48.48 39.35
N PHE JA 189 87.02 47.25 39.70
CA PHE JA 189 88.38 46.87 40.04
C PHE JA 189 88.88 45.78 39.13
N GLN JA 190 90.19 45.79 38.90
CA GLN JA 190 90.80 44.90 37.94
C GLN JA 190 90.70 43.46 38.40
N TYR JA 191 90.51 42.55 37.46
CA TYR JA 191 90.45 41.14 37.76
C TYR JA 191 91.84 40.52 37.71
N GLY JA 192 92.19 39.78 38.74
CA GLY JA 192 93.46 39.09 38.80
C GLY JA 192 93.31 37.84 39.61
N TYR JA 193 94.34 37.00 39.57
CA TYR JA 193 94.29 35.77 40.32
C TYR JA 193 95.68 35.25 40.57
N ILE JA 194 95.82 34.41 41.59
CA ILE JA 194 97.09 33.78 41.92
C ILE JA 194 97.20 32.50 41.12
N PRO JA 195 98.09 32.41 40.13
CA PRO JA 195 98.26 31.12 39.45
C PRO JA 195 98.87 30.06 40.33
N VAL JA 196 99.94 30.39 41.07
CA VAL JA 196 100.64 29.45 41.94
C VAL JA 196 101.37 30.25 43.02
N ILE JA 197 101.58 29.61 44.17
CA ILE JA 197 102.39 30.20 45.24
C ILE JA 197 103.73 30.63 44.65
N HIS JA 198 104.12 31.89 44.94
CA HIS JA 198 105.35 32.40 44.34
C HIS JA 198 106.57 31.63 44.82
N GLU JA 199 106.76 31.54 46.13
CA GLU JA 199 107.70 30.56 46.63
C GLU JA 199 107.21 29.18 46.21
N LEU JA 200 108.12 28.21 46.15
CA LEU JA 200 107.78 26.93 45.53
C LEU JA 200 107.49 27.12 44.04
N ALA JA 201 108.55 27.16 43.23
CA ALA JA 201 108.67 27.75 41.89
C ALA JA 201 109.36 29.10 41.86
N GLU JA 202 109.89 29.58 42.97
CA GLU JA 202 110.64 30.84 42.94
C GLU JA 202 111.70 30.97 41.82
N MET JA 203 112.53 29.96 41.50
CA MET JA 203 112.78 28.74 42.25
C MET JA 203 114.29 28.70 42.52
N GLU JA 204 114.70 27.94 43.53
CA GLU JA 204 116.10 28.01 43.95
C GLU JA 204 116.93 26.92 43.31
N ASP JA 205 117.78 27.33 42.36
CA ASP JA 205 118.78 26.47 41.74
C ASP JA 205 118.20 25.14 41.30
N SER JA 206 118.96 24.06 41.46
CA SER JA 206 118.45 22.69 41.45
C SER JA 206 117.45 22.49 40.25
N ASN JA 207 116.15 22.14 40.34
CA ASN JA 207 115.37 21.66 41.48
C ASN JA 207 114.52 20.46 41.07
N ALA JA 208 113.65 20.72 40.10
CA ALA JA 208 112.75 19.76 39.44
C ALA JA 208 111.55 19.43 40.30
N VAL JA 209 111.62 19.71 41.61
CA VAL JA 209 110.42 19.67 42.43
C VAL JA 209 109.66 21.00 42.33
N GLU JA 210 110.40 22.11 42.29
CA GLU JA 210 109.76 23.40 42.02
C GLU JA 210 109.73 23.72 40.54
N LYS JA 211 110.49 22.98 39.73
CA LYS JA 211 110.34 23.10 38.29
C LYS JA 211 108.94 22.65 37.89
N ALA JA 212 108.56 21.44 38.29
CA ALA JA 212 107.16 21.13 38.37
C ALA JA 212 106.53 22.05 39.42
N ILE JA 213 105.23 22.32 39.25
CA ILE JA 213 104.47 23.32 39.97
C ILE JA 213 104.78 24.70 39.42
N CYS JA 214 105.94 24.87 38.80
CA CYS JA 214 106.15 26.03 37.96
C CYS JA 214 105.67 25.77 36.54
N LEU JA 215 105.95 24.59 36.02
CA LEU JA 215 105.46 24.22 34.70
C LEU JA 215 103.95 24.07 34.70
N GLN JA 216 103.37 23.71 35.83
CA GLN JA 216 101.95 23.38 35.85
C GLN JA 216 101.07 24.58 36.13
N ILE JA 217 101.65 25.78 36.28
CA ILE JA 217 100.82 26.91 36.66
C ILE JA 217 99.82 27.12 35.53
N PRO JA 218 98.53 27.10 35.82
CA PRO JA 218 97.55 27.30 34.77
C PRO JA 218 97.45 28.77 34.41
N PHE JA 219 97.04 29.03 33.17
CA PHE JA 219 96.87 30.38 32.69
C PHE JA 219 95.48 30.51 32.11
N PHE JA 220 94.66 31.32 32.76
CA PHE JA 220 93.26 31.47 32.39
C PHE JA 220 93.08 32.78 31.66
N MET JA 221 92.17 32.77 30.69
CA MET JA 221 91.91 33.93 29.86
C MET JA 221 90.40 34.00 29.68
N LEU JA 222 89.87 35.20 29.79
CA LEU JA 222 88.44 35.37 29.65
C LEU JA 222 88.01 35.49 28.21
N GLU JA 223 88.93 35.35 27.27
CA GLU JA 223 88.51 35.46 25.88
C GLU JA 223 87.87 34.16 25.45
N ASN JA 224 88.65 33.10 25.18
CA ASN JA 224 88.20 31.73 25.42
C ASN JA 224 86.71 31.57 25.25
N SER JA 225 86.02 31.17 26.32
CA SER JA 225 84.57 31.06 26.30
C SER JA 225 83.92 32.36 25.83
N ASP JA 226 82.86 32.21 25.04
CA ASP JA 226 82.25 33.35 24.38
C ASP JA 226 81.53 34.26 25.36
N HIS JA 227 81.35 35.50 24.95
CA HIS JA 227 80.68 36.50 25.76
C HIS JA 227 80.15 37.61 24.86
N GLU JA 228 79.27 38.42 25.41
CA GLU JA 228 78.59 39.43 24.63
C GLU JA 228 79.37 40.72 24.58
N VAL JA 229 79.35 41.36 23.43
CA VAL JA 229 79.82 42.73 23.27
C VAL JA 229 78.59 43.60 23.12
N LEU JA 230 78.66 44.82 23.62
CA LEU JA 230 77.53 45.72 23.60
C LEU JA 230 77.96 47.09 23.11
N ARG JA 231 77.25 47.62 22.13
CA ARG JA 231 77.36 49.04 21.88
C ARG JA 231 76.42 49.76 22.86
N THR JA 232 76.22 51.06 22.63
CA THR JA 232 75.40 51.85 23.54
C THR JA 232 73.97 51.32 23.65
N GLY JA 233 73.25 51.25 22.53
CA GLY JA 233 71.84 50.94 22.59
C GLY JA 233 71.49 49.60 23.21
N GLU JA 234 72.44 48.66 23.22
CA GLU JA 234 72.20 47.34 23.74
C GLU JA 234 72.33 47.28 25.25
N SER JA 235 71.69 46.28 25.85
CA SER JA 235 71.81 45.96 27.26
C SER JA 235 71.99 44.47 27.45
N THR JA 236 72.04 44.03 28.71
CA THR JA 236 72.19 42.62 29.03
C THR JA 236 71.56 42.36 30.39
N GLU JA 237 71.00 41.16 30.54
CA GLU JA 237 70.46 40.70 31.80
C GLU JA 237 71.19 39.46 32.25
N PHE JA 238 71.20 39.23 33.56
CA PHE JA 238 71.72 38.00 34.13
C PHE JA 238 70.84 37.60 35.30
N THR JA 239 70.61 36.31 35.44
CA THR JA 239 69.85 35.79 36.57
C THR JA 239 70.71 34.82 37.36
N PHE JA 240 70.32 34.61 38.62
CA PHE JA 240 71.02 33.68 39.47
C PHE JA 240 70.02 33.06 40.43
N ASN JA 241 70.25 31.81 40.76
CA ASN JA 241 69.46 31.12 41.78
C ASN JA 241 70.42 30.57 42.81
N PHE JA 242 69.95 30.47 44.05
CA PHE JA 242 70.80 30.14 45.18
C PHE JA 242 70.32 28.85 45.83
N ASP JA 243 71.20 27.87 45.90
CA ASP JA 243 71.08 26.79 46.88
C ASP JA 243 71.87 27.26 48.09
N CYS JA 244 71.18 27.59 49.16
CA CYS JA 244 71.77 28.47 50.17
C CYS JA 244 71.20 28.15 51.53
N GLU JA 245 72.04 28.27 52.55
CA GLU JA 245 71.64 28.02 53.92
C GLU JA 245 71.08 29.29 54.54
N TRP JA 246 70.06 29.12 55.38
CA TRP JA 246 69.50 30.25 56.11
C TRP JA 246 70.56 30.89 57.00
N ILE JA 247 70.46 32.20 57.18
CA ILE JA 247 71.19 32.89 58.23
C ILE JA 247 70.16 33.31 59.27
N ASN JA 248 70.39 32.92 60.51
CA ASN JA 248 69.35 32.99 61.54
C ASN JA 248 69.56 34.21 62.43
N ASN JA 249 68.53 35.03 62.52
CA ASN JA 249 68.47 36.11 63.49
C ASN JA 249 67.61 35.63 64.65
N GLU JA 250 68.26 35.33 65.77
CA GLU JA 250 67.67 34.64 66.91
C GLU JA 250 68.72 34.64 68.00
N ARG JA 251 68.27 34.43 69.22
CA ARG JA 251 69.13 34.54 70.38
C ARG JA 251 68.78 33.45 71.36
N ALA JA 252 69.80 32.76 71.86
CA ALA JA 252 69.62 31.80 72.93
C ALA JA 252 69.81 32.52 74.25
N TYR JA 253 68.77 32.54 75.08
CA TYR JA 253 68.85 33.22 76.35
C TYR JA 253 69.61 32.42 77.40
N ILE JA 254 69.87 31.14 77.14
CA ILE JA 254 70.67 30.31 78.04
C ILE JA 254 71.59 29.42 77.22
N PRO JA 255 72.69 28.96 77.80
CA PRO JA 255 73.51 27.96 77.15
C PRO JA 255 72.70 26.71 76.91
N PRO JA 256 73.09 25.89 75.94
CA PRO JA 256 72.34 24.65 75.71
C PRO JA 256 72.44 23.67 76.85
N GLY JA 257 73.52 23.70 77.61
CA GLY JA 257 73.65 22.84 78.77
C GLY JA 257 72.90 23.29 79.99
N LEU JA 258 72.27 24.46 79.93
CA LEU JA 258 71.54 25.02 81.06
C LEU JA 258 70.06 24.69 81.01
N MET JA 259 69.65 23.83 80.08
CA MET JA 259 68.25 23.50 79.90
C MET JA 259 67.92 22.31 80.78
N PHE JA 260 67.14 22.56 81.83
CA PHE JA 260 66.65 21.51 82.72
C PHE JA 260 65.79 22.18 83.78
N ASN JA 261 64.98 21.38 84.44
CA ASN JA 261 64.19 21.89 85.55
C ASN JA 261 65.01 21.75 86.81
N PRO JA 262 65.51 22.85 87.35
CA PRO JA 262 66.39 22.74 88.53
C PRO JA 262 65.66 22.35 89.78
N LEU JA 263 64.33 22.46 89.78
CA LEU JA 263 63.56 22.05 90.95
C LEU JA 263 63.60 20.53 91.13
N VAL JA 264 63.53 19.79 90.04
CA VAL JA 264 63.40 18.33 90.13
C VAL JA 264 64.74 17.72 90.47
N PRO JA 265 64.81 16.81 91.44
CA PRO JA 265 66.08 16.14 91.72
C PRO JA 265 66.48 15.26 90.55
N THR JA 266 67.76 14.90 90.53
CA THR JA 266 68.30 14.10 89.45
C THR JA 266 68.76 12.74 89.97
N ARG JA 267 68.66 11.72 89.13
CA ARG JA 267 69.28 10.44 89.45
C ARG JA 267 70.59 10.29 88.72
N ARG JA 268 71.67 10.50 89.45
CA ARG JA 268 73.04 10.54 88.95
C ARG JA 268 73.95 10.68 90.15
N ALA JA 269 75.24 10.41 89.98
CA ALA JA 269 76.15 10.49 91.10
C ALA JA 269 77.51 10.99 90.64
N GLN JA 270 78.24 11.56 91.58
CA GLN JA 270 79.57 12.10 91.33
C GLN JA 270 80.55 11.35 92.22
N TYR JA 271 81.42 10.55 91.61
CA TYR JA 271 82.57 10.03 92.33
C TYR JA 271 83.68 11.05 92.14
N ILE JA 272 84.38 11.35 93.21
CA ILE JA 272 85.48 12.31 93.17
C ILE JA 272 86.72 11.64 93.72
N ARG JA 273 87.79 11.64 92.93
CA ARG JA 273 89.02 10.96 93.30
C ARG JA 273 89.62 11.57 94.57
N ARG JA 274 90.41 10.77 95.27
CA ARG JA 274 91.23 11.29 96.36
C ARG JA 274 92.02 12.51 95.89
N ASN JA 275 91.99 13.56 96.70
CA ASN JA 275 92.48 14.85 96.21
C ASN JA 275 93.99 14.91 96.20
N ASN JA 276 94.65 14.12 97.07
CA ASN JA 276 96.12 14.09 97.13
C ASN JA 276 96.69 15.49 97.28
N ASN JA 277 96.52 16.04 98.48
CA ASN JA 277 96.69 17.46 98.81
C ASN JA 277 95.54 18.23 98.17
N PRO JA 278 95.05 19.28 98.84
CA PRO JA 278 95.26 19.54 100.27
C PRO JA 278 94.67 18.47 101.20
N GLN JA 279 93.44 18.06 100.93
CA GLN JA 279 92.64 17.33 101.91
C GLN JA 279 91.40 16.77 101.22
N THR JA 280 90.40 16.31 101.98
CA THR JA 280 89.12 15.83 101.44
C THR JA 280 89.26 14.57 100.61
N ALA JA 281 89.39 13.44 101.30
CA ALA JA 281 89.47 12.14 100.65
C ALA JA 281 88.20 11.84 99.87
N GLU JA 282 88.32 10.87 98.94
CA GLU JA 282 87.30 10.62 97.93
C GLU JA 282 85.94 10.34 98.55
N SER JA 283 84.90 10.77 97.85
CA SER JA 283 83.52 10.51 98.26
C SER JA 283 82.63 10.51 97.03
N THR JA 284 81.55 9.75 97.10
CA THR JA 284 80.51 9.77 96.09
C THR JA 284 79.27 10.45 96.65
N SER JA 285 78.53 11.12 95.77
CA SER JA 285 77.38 11.91 96.19
C SER JA 285 76.43 12.09 95.03
N ARG JA 286 75.18 12.38 95.35
CA ARG JA 286 74.19 12.64 94.32
C ARG JA 286 74.36 14.06 93.80
N ILE JA 287 74.16 14.21 92.49
CA ILE JA 287 74.26 15.52 91.87
C ILE JA 287 73.11 16.39 92.33
N ALA JA 288 73.42 17.63 92.66
CA ALA JA 288 72.43 18.55 93.18
C ALA JA 288 71.32 18.78 92.16
N PRO JA 289 70.11 19.12 92.62
CA PRO JA 289 69.01 19.33 91.66
C PRO JA 289 69.31 20.42 90.66
N TYR JA 290 69.78 21.56 91.14
CA TYR JA 290 70.39 22.54 90.26
C TYR JA 290 71.71 22.00 89.73
N ALA JA 291 72.18 22.59 88.64
CA ALA JA 291 73.49 22.24 88.09
C ALA JA 291 73.57 20.76 87.73
N LYS JA 292 72.62 20.31 86.97
CA LYS JA 292 72.67 18.95 86.47
C LYS JA 292 73.68 18.86 85.33
N PRO JA 293 74.30 17.70 85.16
CA PRO JA 293 75.26 17.55 84.05
C PRO JA 293 74.56 17.65 82.72
N THR JA 294 75.37 17.85 81.69
CA THR JA 294 74.82 18.04 80.36
C THR JA 294 75.61 17.27 79.32
N SER JA 295 74.95 17.00 78.21
CA SER JA 295 75.58 16.77 76.94
C SER JA 295 75.91 18.12 76.32
N TRP JA 296 76.11 18.11 75.01
CA TRP JA 296 76.17 19.37 74.29
C TRP JA 296 77.38 20.21 74.67
N MET JA 297 78.51 19.75 74.15
CA MET JA 297 79.82 20.37 74.18
C MET JA 297 79.80 21.72 73.47
N THR JA 298 80.77 22.57 73.81
CA THR JA 298 80.90 23.87 73.18
C THR JA 298 81.45 23.75 71.77
N GLY JA 299 81.18 24.77 70.96
CA GLY JA 299 81.68 24.82 69.61
C GLY JA 299 83.20 24.93 69.57
N PRO JA 300 83.78 24.54 68.44
CA PRO JA 300 85.24 24.50 68.36
C PRO JA 300 85.86 25.86 68.12
N GLY JA 301 87.12 25.99 68.54
CA GLY JA 301 87.89 27.19 68.31
C GLY JA 301 89.36 26.86 68.44
N LEU JA 302 90.20 27.80 68.03
CA LEU JA 302 91.64 27.71 68.26
C LEU JA 302 92.11 29.00 68.91
N LEU JA 303 92.43 28.93 70.20
CA LEU JA 303 92.83 30.10 70.96
C LEU JA 303 94.31 30.20 71.30
N SER JA 304 95.13 29.21 70.96
CA SER JA 304 96.48 29.19 71.54
C SER JA 304 97.43 30.14 70.83
N ALA JA 305 97.32 30.24 69.51
CA ALA JA 305 98.29 30.91 68.67
C ALA JA 305 98.28 32.41 68.89
N GLN JA 306 99.35 33.06 68.43
CA GLN JA 306 99.45 34.52 68.41
C GLN JA 306 99.98 34.96 67.05
N ARG JA 307 99.46 36.07 66.54
CA ARG JA 307 99.92 36.59 65.26
C ARG JA 307 101.42 36.85 65.31
N VAL JA 308 102.09 36.57 64.20
CA VAL JA 308 103.54 36.43 64.16
C VAL JA 308 104.15 37.49 63.29
N GLY JA 309 104.90 38.41 63.92
CA GLY JA 309 105.81 39.27 63.19
C GLY JA 309 105.18 40.56 62.70
N PRO JA 310 105.89 41.25 61.82
CA PRO JA 310 105.45 42.58 61.40
C PRO JA 310 104.28 42.51 60.42
N ALA JA 311 103.55 43.62 60.35
CA ALA JA 311 102.46 43.73 59.40
C ALA JA 311 103.03 43.74 57.97
N THR JA 312 102.15 43.44 57.01
CA THR JA 312 102.41 43.26 55.58
C THR JA 312 103.08 41.93 55.32
N SER JA 313 103.45 41.17 56.36
CA SER JA 313 104.02 39.85 56.23
C SER JA 313 102.99 38.74 56.31
N ASP JA 314 101.70 39.08 56.33
CA ASP JA 314 100.62 38.10 56.53
C ASP JA 314 100.72 37.41 57.88
N THR JA 315 100.38 38.14 58.95
CA THR JA 315 100.37 37.53 60.26
C THR JA 315 98.98 37.00 60.55
N GLY JA 316 98.81 35.68 60.51
CA GLY JA 316 97.51 35.09 60.72
C GLY JA 316 97.31 34.39 62.04
N ALA JA 317 98.41 34.13 62.75
CA ALA JA 317 98.54 33.28 63.93
C ALA JA 317 98.30 31.81 63.61
N TRP JA 318 97.68 31.48 62.48
CA TRP JA 318 97.59 30.12 61.99
C TRP JA 318 97.83 30.17 60.50
N MET JA 319 98.90 29.53 60.05
CA MET JA 319 99.22 29.48 58.63
C MET JA 319 98.93 28.08 58.14
N VAL JA 320 98.17 27.97 57.05
CA VAL JA 320 97.82 26.66 56.53
C VAL JA 320 98.96 26.10 55.68
N ALA JA 321 99.55 26.93 54.83
CA ALA JA 321 100.65 26.58 53.95
C ALA JA 321 100.44 25.30 53.14
N VAL JA 322 101.54 24.65 52.77
CA VAL JA 322 101.56 23.40 52.03
C VAL JA 322 102.66 22.48 52.52
N LYS JA 323 103.91 22.90 52.34
CA LYS JA 323 105.09 22.10 52.62
C LYS JA 323 105.14 20.80 51.80
N PRO JA 324 105.37 20.89 50.49
CA PRO JA 324 105.76 19.69 49.74
C PRO JA 324 107.08 19.16 50.26
N GLU JA 325 107.34 17.89 49.96
CA GLU JA 325 108.32 17.14 50.73
C GLU JA 325 109.73 17.71 50.54
N ASN JA 326 110.09 18.05 49.30
CA ASN JA 326 111.39 18.69 49.11
C ASN JA 326 111.24 20.19 48.88
N ALA JA 327 110.87 20.56 47.66
CA ALA JA 327 110.72 21.94 47.21
C ALA JA 327 111.97 22.72 47.60
N SER JA 328 111.79 23.98 47.96
CA SER JA 328 112.74 24.77 48.72
C SER JA 328 111.96 25.95 49.29
N ILE JA 329 112.46 26.51 50.38
CA ILE JA 329 111.72 27.56 51.07
C ILE JA 329 112.70 28.61 51.58
N ASP JA 330 112.33 29.87 51.39
CA ASP JA 330 113.08 31.01 51.90
C ASP JA 330 112.75 31.16 53.38
N THR JA 331 113.09 32.30 53.98
CA THR JA 331 112.58 32.60 55.30
C THR JA 331 111.07 32.42 55.31
N GLY JA 332 110.56 31.77 56.33
CA GLY JA 332 109.18 31.34 56.34
C GLY JA 332 109.00 29.83 56.24
N MET JA 333 107.82 29.25 56.52
CA MET JA 333 106.57 29.87 57.03
C MET JA 333 106.16 31.17 56.30
N SER JA 334 106.01 32.27 57.03
CA SER JA 334 105.76 33.59 56.45
C SER JA 334 104.51 33.59 55.52
N GLY JA 335 104.53 33.80 54.19
CA GLY JA 335 105.57 33.56 53.20
C GLY JA 335 105.25 32.33 52.37
N ILE JA 336 104.45 31.44 52.94
CA ILE JA 336 103.76 30.39 52.21
C ILE JA 336 102.42 30.20 52.88
N GLY JA 337 101.42 29.86 52.08
CA GLY JA 337 100.09 29.65 52.61
C GLY JA 337 99.46 30.91 53.15
N SER JA 338 98.31 30.71 53.80
CA SER JA 338 97.42 31.80 54.17
C SER JA 338 97.18 31.80 55.66
N GLY JA 339 96.97 33.00 56.22
CA GLY JA 339 96.57 33.07 57.61
C GLY JA 339 95.11 32.71 57.78
N PHE JA 340 94.83 31.96 58.85
CA PHE JA 340 93.47 31.55 59.17
C PHE JA 340 92.88 32.53 60.16
N ASP JA 341 91.78 33.16 59.79
CA ASP JA 341 91.24 34.27 60.57
C ASP JA 341 89.71 34.28 60.49
N PRO JA 342 89.02 34.60 61.60
CA PRO JA 342 89.44 34.48 63.00
C PRO JA 342 89.36 33.08 63.57
N PRO JA 343 90.43 32.59 64.18
CA PRO JA 343 90.26 31.63 65.26
C PRO JA 343 90.13 32.31 66.63
N GLN JA 344 89.27 31.92 67.59
CA GLN JA 344 87.92 31.44 67.42
C GLN JA 344 87.76 30.23 66.47
N GLY JA 345 86.70 30.01 65.68
CA GLY JA 345 85.36 30.59 65.72
C GLY JA 345 84.64 30.29 67.02
N SER JA 346 83.52 30.97 67.23
CA SER JA 346 82.78 30.87 68.49
C SER JA 346 83.71 31.13 69.66
N LEU JA 347 83.57 30.36 70.72
CA LEU JA 347 84.59 30.20 71.76
C LEU JA 347 85.20 31.53 72.15
N ALA JA 348 84.49 32.31 72.96
CA ALA JA 348 84.74 33.75 73.08
C ALA JA 348 86.23 34.06 73.25
N PRO JA 349 86.75 35.02 72.49
CA PRO JA 349 88.20 35.20 72.41
C PRO JA 349 88.79 35.83 73.67
N THR JA 350 90.11 35.73 73.77
CA THR JA 350 90.84 36.31 74.89
C THR JA 350 91.02 37.81 74.71
N ASN JA 351 91.79 38.22 73.71
CA ASN JA 351 92.00 39.64 73.52
C ASN JA 351 91.56 40.07 72.13
N LEU JA 352 91.81 41.34 71.83
CA LEU JA 352 91.40 41.97 70.59
C LEU JA 352 91.95 41.25 69.37
N GLU JA 353 93.05 40.54 69.55
CA GLU JA 353 93.76 39.94 68.42
C GLU JA 353 92.89 38.96 67.64
N TYR JA 354 91.92 38.34 68.30
CA TYR JA 354 91.01 37.39 67.67
C TYR JA 354 89.67 37.98 67.29
N LYS JA 355 89.44 39.27 67.53
CA LYS JA 355 88.10 39.84 67.62
C LYS JA 355 87.59 40.31 66.27
N ILE JA 356 88.29 39.96 65.19
CA ILE JA 356 88.16 40.51 63.85
C ILE JA 356 88.41 42.01 63.94
N GLN JA 357 87.93 42.77 62.96
CA GLN JA 357 88.04 44.23 62.88
C GLN JA 357 87.74 44.58 61.42
N TRP JA 358 87.37 45.82 61.12
CA TRP JA 358 87.47 46.31 59.75
C TRP JA 358 87.37 47.82 59.76
N TYR JA 359 87.82 48.44 58.67
CA TYR JA 359 87.89 49.91 58.66
C TYR JA 359 86.68 50.55 58.03
N GLN JA 360 85.82 49.76 57.37
CA GLN JA 360 84.61 50.26 56.69
C GLN JA 360 84.86 51.54 55.90
N THR JA 361 86.06 51.67 55.32
CA THR JA 361 86.49 52.87 54.63
C THR JA 361 87.88 52.63 54.07
N PRO JA 362 88.12 52.99 52.81
CA PRO JA 362 89.49 52.88 52.29
C PRO JA 362 90.43 53.91 52.87
N GLN JA 363 89.91 55.07 53.28
CA GLN JA 363 90.76 56.10 53.86
C GLN JA 363 91.19 55.74 55.29
N GLY JA 364 90.67 54.65 55.83
CA GLY JA 364 90.96 54.30 57.21
C GLY JA 364 92.43 54.05 57.50
N THR JA 365 92.99 54.79 58.45
CA THR JA 365 94.37 54.62 58.88
C THR JA 365 94.40 53.54 59.94
N ASN JA 366 95.54 53.39 60.63
CA ASN JA 366 95.68 52.31 61.60
C ASN JA 366 94.55 52.31 62.62
N ASN JA 367 94.39 53.41 63.37
CA ASN JA 367 93.20 53.60 64.17
C ASN JA 367 92.44 54.80 63.63
N ASN JA 368 91.36 54.50 62.91
CA ASN JA 368 90.39 55.41 62.30
C ASN JA 368 89.43 54.49 61.57
N GLY JA 369 88.21 54.91 61.32
CA GLY JA 369 87.26 53.90 60.90
C GLY JA 369 87.30 52.84 61.98
N ASN JA 370 87.71 51.64 61.59
CA ASN JA 370 88.26 50.66 62.54
C ASN JA 370 87.21 50.19 63.55
N ILE JA 371 86.04 49.82 63.07
CA ILE JA 371 85.04 49.29 63.97
C ILE JA 371 85.36 47.83 64.27
N ILE JA 372 85.24 47.47 65.53
CA ILE JA 372 85.71 46.17 66.00
C ILE JA 372 84.51 45.33 66.40
N SER JA 373 84.54 44.05 66.06
CA SER JA 373 83.44 43.16 66.41
C SER JA 373 83.31 43.05 67.92
N ASN JA 374 82.12 42.67 68.37
CA ASN JA 374 81.79 42.64 69.77
C ASN JA 374 80.92 41.43 70.05
N GLN JA 375 80.71 41.13 71.33
CA GLN JA 375 79.91 39.96 71.66
C GLN JA 375 78.42 40.26 71.48
N PRO JA 376 77.67 39.35 70.85
CA PRO JA 376 76.23 39.60 70.68
C PRO JA 376 75.45 39.56 71.97
N LEU JA 377 76.05 39.02 73.04
CA LEU JA 377 75.42 38.71 74.32
C LEU JA 377 74.49 37.52 74.18
N SER JA 378 74.32 36.98 72.98
CA SER JA 378 73.71 35.67 72.81
C SER JA 378 74.53 34.64 73.57
N MET JA 379 73.84 33.63 74.10
CA MET JA 379 74.49 32.69 74.99
C MET JA 379 75.07 31.47 74.29
N LEU JA 380 75.02 31.40 72.96
CA LEU JA 380 75.40 30.15 72.33
C LEU JA 380 76.89 29.79 72.23
N ARG JA 381 77.80 30.40 71.46
CA ARG JA 381 78.10 31.78 71.00
C ARG JA 381 79.09 32.49 71.97
N ASP JA 382 79.36 31.90 73.13
CA ASP JA 382 80.43 32.43 73.96
C ASP JA 382 81.43 31.31 74.25
N GLN JA 383 80.98 30.28 74.97
CA GLN JA 383 81.58 28.95 74.90
C GLN JA 383 83.07 28.95 75.29
N ALA JA 384 83.29 29.07 76.59
CA ALA JA 384 84.59 28.69 77.10
C ALA JA 384 84.68 27.17 77.20
N LEU JA 385 85.83 26.68 77.65
CA LEU JA 385 85.96 25.30 78.08
C LEU JA 385 87.11 25.24 79.07
N PHE JA 386 87.01 24.37 80.06
CA PHE JA 386 87.81 24.48 81.27
C PHE JA 386 88.67 23.25 81.56
N ARG JA 387 88.10 22.08 81.66
CA ARG JA 387 88.89 20.87 81.97
C ARG JA 387 89.55 21.09 83.35
N GLY JA 388 90.73 20.52 83.57
CA GLY JA 388 91.53 20.76 84.76
C GLY JA 388 90.81 20.47 86.06
N ASN JA 389 91.45 20.81 87.17
CA ASN JA 389 92.87 20.54 87.35
C ASN JA 389 92.91 19.38 88.33
N GLN JA 390 91.71 18.99 88.76
CA GLN JA 390 91.35 18.30 90.01
C GLN JA 390 91.21 19.32 91.14
N THR JA 391 91.66 20.55 90.94
CA THR JA 391 91.59 21.62 91.93
C THR JA 391 90.94 22.86 91.33
N THR JA 392 91.50 23.37 90.23
CA THR JA 392 91.01 24.57 89.57
C THR JA 392 90.63 24.23 88.13
N TYR JA 393 89.73 25.01 87.54
CA TYR JA 393 89.47 24.92 86.12
C TYR JA 393 90.41 25.86 85.39
N ASN JA 394 90.92 25.43 84.23
CA ASN JA 394 91.88 26.20 83.46
C ASN JA 394 91.45 26.26 82.00
N LEU JA 395 91.10 27.45 81.52
CA LEU JA 395 90.64 27.60 80.14
C LEU JA 395 91.62 26.95 79.17
N CYS JA 396 91.09 26.12 78.28
CA CYS JA 396 91.91 25.27 77.44
C CYS JA 396 91.94 25.79 76.01
N SER JA 397 93.14 25.82 75.43
CA SER JA 397 93.35 26.11 74.03
C SER JA 397 92.80 24.96 73.18
N ASP JA 398 92.68 25.23 71.87
CA ASP JA 398 92.09 24.30 70.91
C ASP JA 398 90.61 24.12 71.21
N VAL JA 399 90.16 22.91 71.53
CA VAL JA 399 88.77 22.46 71.37
C VAL JA 399 88.44 22.29 69.89
N TRP JA 400 88.89 21.17 69.33
CA TRP JA 400 88.56 20.71 67.99
C TRP JA 400 87.12 20.20 67.93
N MET JA 401 86.75 19.62 66.79
CA MET JA 401 85.39 19.10 66.65
C MET JA 401 85.16 17.90 67.57
N PHE JA 402 83.94 17.81 68.07
CA PHE JA 402 83.53 16.79 69.03
C PHE JA 402 82.05 16.50 68.79
N PRO JA 403 81.61 15.27 69.06
CA PRO JA 403 80.27 14.86 68.60
C PRO JA 403 79.11 15.73 69.03
N ASN JA 404 79.06 16.17 70.26
CA ASN JA 404 77.87 16.84 70.76
C ASN JA 404 77.92 18.35 70.63
N GLN JA 405 78.91 18.88 69.93
CA GLN JA 405 79.13 20.32 69.95
C GLN JA 405 77.97 21.09 69.35
N ILE JA 406 77.67 22.23 69.96
CA ILE JA 406 76.83 23.25 69.37
C ILE JA 406 77.55 24.58 69.44
N TRP JA 407 77.55 25.30 68.32
CA TRP JA 407 77.98 26.68 68.31
C TRP JA 407 76.97 27.44 67.48
N ASP JA 408 77.05 28.75 67.56
CA ASP JA 408 76.18 29.61 66.79
C ASP JA 408 77.00 30.32 65.74
N ARG JA 409 76.52 30.32 64.51
CA ARG JA 409 77.25 30.94 63.42
C ARG JA 409 77.44 32.42 63.74
N TYR JA 410 78.51 33.00 63.20
CA TYR JA 410 78.86 34.37 63.52
C TYR JA 410 77.66 35.29 63.28
N PRO JA 411 77.38 36.20 64.21
CA PRO JA 411 76.14 36.98 64.14
C PRO JA 411 76.03 37.89 62.94
N ILE JA 412 77.12 38.07 62.23
CA ILE JA 412 77.32 39.01 61.13
C ILE JA 412 76.84 40.41 61.51
N THR JA 413 76.42 41.18 60.51
CA THR JA 413 76.07 42.59 60.63
C THR JA 413 75.81 43.12 59.23
N ARG JA 414 75.45 44.39 59.11
CA ARG JA 414 75.16 44.95 57.80
C ARG JA 414 76.40 45.06 56.92
N GLU JA 415 77.59 45.07 57.51
CA GLU JA 415 78.82 45.30 56.77
C GLU JA 415 79.43 44.04 56.18
N ASN JA 416 78.81 42.90 56.35
CA ASN JA 416 79.47 41.65 56.05
C ASN JA 416 79.23 41.22 54.62
N PRO JA 417 80.11 40.38 54.09
CA PRO JA 417 79.82 39.71 52.83
C PRO JA 417 78.69 38.72 52.98
N ILE JA 418 77.84 38.65 51.95
CA ILE JA 418 76.70 37.75 51.99
C ILE JA 418 77.16 36.31 51.89
N TRP JA 419 77.98 36.00 50.89
CA TRP JA 419 78.35 34.64 50.59
C TRP JA 419 79.86 34.53 50.42
N CYS JA 420 80.31 33.28 50.38
CA CYS JA 420 81.68 32.91 50.06
C CYS JA 420 81.62 31.61 49.29
N LYS JA 421 82.51 31.43 48.32
CA LYS JA 421 82.47 30.23 47.52
C LYS JA 421 83.15 29.08 48.25
N LYS JA 422 82.46 27.96 48.35
CA LYS JA 422 83.03 26.75 48.91
C LYS JA 422 83.86 26.06 47.84
N PRO JA 423 85.17 25.98 48.03
CA PRO JA 423 86.02 25.39 46.99
C PRO JA 423 85.74 23.92 46.76
N ARG JA 424 85.79 23.51 45.50
CA ARG JA 424 85.52 22.13 45.13
C ARG JA 424 86.63 21.23 45.62
N SER JA 425 86.27 20.21 46.38
CA SER JA 425 87.25 19.26 46.88
C SER JA 425 86.54 17.97 47.21
N ASP JA 426 87.31 16.90 47.33
CA ASP JA 426 86.73 15.59 47.61
C ASP JA 426 86.01 15.59 48.95
N LYS JA 427 86.73 15.94 50.01
CA LYS JA 427 86.20 15.81 51.36
C LYS JA 427 86.22 17.16 52.05
N HIS JA 428 85.26 17.34 52.96
CA HIS JA 428 85.23 18.54 53.79
C HIS JA 428 84.39 18.27 55.02
N THR JA 429 84.59 19.11 56.03
CA THR JA 429 83.82 19.07 57.28
C THR JA 429 82.61 19.98 57.21
N THR JA 430 82.06 20.35 58.37
CA THR JA 430 80.72 20.94 58.44
C THR JA 430 80.55 22.16 57.53
N ILE JA 431 81.64 22.87 57.22
CA ILE JA 431 81.61 24.10 56.43
C ILE JA 431 80.78 25.18 57.12
N ASP JA 432 81.28 25.72 58.22
CA ASP JA 432 80.74 26.96 58.75
C ASP JA 432 81.81 28.03 58.71
N PRO JA 433 81.75 28.99 57.79
CA PRO JA 433 82.78 30.03 57.76
C PRO JA 433 82.71 30.91 58.99
N PHE JA 434 83.87 31.26 59.52
CA PHE JA 434 83.93 32.07 60.72
C PHE JA 434 83.88 33.55 60.43
N ASP JA 435 83.75 33.92 59.17
CA ASP JA 435 83.48 35.29 58.76
C ASP JA 435 82.00 35.58 58.76
N GLY JA 436 81.20 34.65 59.26
CA GLY JA 436 79.78 34.67 58.96
C GLY JA 436 79.62 34.30 57.51
N SER JA 437 79.00 35.19 56.74
CA SER JA 437 78.76 34.97 55.32
C SER JA 437 78.09 33.62 55.08
N LEU JA 438 78.46 32.96 53.99
CA LEU JA 438 77.81 31.74 53.57
C LEU JA 438 78.75 30.98 52.67
N ALA JA 439 78.47 29.70 52.48
CA ALA JA 439 79.22 28.88 51.55
C ALA JA 439 78.25 28.31 50.54
N MET JA 440 78.62 28.37 49.27
CA MET JA 440 77.80 27.80 48.22
C MET JA 440 78.68 27.09 47.22
N ASP JA 441 78.18 25.97 46.68
CA ASP JA 441 78.86 25.32 45.58
C ASP JA 441 79.07 26.30 44.44
N HIS JA 442 77.98 26.86 43.94
CA HIS JA 442 78.04 27.91 42.93
C HIS JA 442 77.42 29.17 43.51
N PRO JA 443 78.25 30.15 43.87
CA PRO JA 443 77.72 31.44 44.27
C PRO JA 443 77.25 32.20 43.04
N PRO JA 444 76.81 33.44 43.19
CA PRO JA 444 76.56 34.26 42.00
C PRO JA 444 77.82 34.32 41.14
N GLY JA 445 77.66 34.01 39.85
CA GLY JA 445 78.78 34.07 38.95
C GLY JA 445 79.25 35.50 38.79
N THR JA 446 80.54 35.71 38.93
CA THR JA 446 81.09 37.05 38.79
C THR JA 446 80.88 37.53 37.36
N ILE JA 447 80.37 38.74 37.24
CA ILE JA 447 80.17 39.37 35.94
C ILE JA 447 81.41 40.17 35.61
N PHE JA 448 82.04 39.84 34.50
CA PHE JA 448 83.26 40.49 34.06
C PHE JA 448 82.93 41.43 32.92
N ILE JA 449 83.68 42.52 32.81
CA ILE JA 449 83.42 43.52 31.80
C ILE JA 449 84.73 44.19 31.41
N LYS JA 450 84.87 44.49 30.13
CA LYS JA 450 86.11 45.00 29.56
C LYS JA 450 85.76 46.00 28.48
N MET JA 451 86.75 46.78 28.05
CA MET JA 451 86.51 47.92 27.19
C MET JA 451 86.72 47.65 25.70
N ALA JA 452 86.94 46.41 25.29
CA ALA JA 452 86.96 46.11 23.87
C ALA JA 452 88.02 46.90 23.11
N LYS JA 453 89.27 46.45 23.21
CA LYS JA 453 90.41 47.19 22.67
C LYS JA 453 90.13 47.66 21.25
N ILE JA 454 90.33 48.96 21.03
CA ILE JA 454 90.21 49.55 19.71
C ILE JA 454 91.61 50.01 19.32
N PRO JA 455 92.28 49.30 18.42
CA PRO JA 455 93.66 49.63 18.11
C PRO JA 455 93.73 50.81 17.15
N VAL JA 456 94.95 51.26 16.90
CA VAL JA 456 95.17 52.38 16.00
C VAL JA 456 96.40 52.08 15.17
N PRO JA 457 96.44 52.48 13.91
CA PRO JA 457 97.54 52.07 13.04
C PRO JA 457 98.83 52.79 13.38
N SER JA 458 99.94 52.09 13.16
CA SER JA 458 101.27 52.66 13.35
C SER JA 458 102.25 51.95 12.43
N ASN JA 459 103.49 52.43 12.43
CA ASN JA 459 104.53 51.88 11.56
C ASN JA 459 105.20 50.65 12.16
N ASN JA 460 105.48 50.69 13.46
CA ASN JA 460 106.34 49.71 14.12
C ASN JA 460 106.04 48.21 13.82
N ASN JA 461 104.80 47.75 13.91
CA ASN JA 461 103.62 48.52 14.26
C ASN JA 461 103.21 48.25 15.69
N ALA JA 462 102.15 48.92 16.12
CA ALA JA 462 101.58 48.80 17.45
C ALA JA 462 102.67 49.09 18.52
N ASP JA 463 102.60 48.57 19.76
CA ASP JA 463 101.34 48.35 20.48
C ASP JA 463 100.73 49.70 20.83
N SER JA 464 99.51 49.91 20.35
CA SER JA 464 98.82 51.18 20.58
C SER JA 464 97.33 50.91 20.48
N TYR JA 465 96.56 51.73 21.18
CA TYR JA 465 95.14 51.52 21.27
C TYR JA 465 94.47 52.84 21.59
N LEU JA 466 93.16 52.88 21.39
CA LEU JA 466 92.40 54.10 21.60
C LEU JA 466 91.90 54.14 23.03
N ASN JA 467 91.99 55.32 23.65
CA ASN JA 467 91.73 55.45 25.08
C ASN JA 467 90.27 55.81 25.29
N ILE JA 468 89.52 54.89 25.89
CA ILE JA 468 88.08 55.05 26.09
C ILE JA 468 87.72 54.53 27.48
N TYR JA 469 86.48 54.80 27.89
CA TYR JA 469 85.94 54.22 29.10
C TYR JA 469 84.44 54.07 28.94
N CYS JA 470 83.87 53.19 29.72
CA CYS JA 470 82.44 52.91 29.66
C CYS JA 470 81.77 53.41 30.92
N THR JA 471 80.49 53.69 30.80
CA THR JA 471 79.71 54.17 31.93
C THR JA 471 78.30 53.65 31.74
N GLY JA 472 77.66 53.24 32.83
CA GLY JA 472 76.35 52.67 32.68
C GLY JA 472 75.74 52.38 34.02
N GLN JA 473 74.68 51.58 34.01
CA GLN JA 473 73.89 51.36 35.20
C GLN JA 473 73.64 49.88 35.40
N VAL JA 474 74.06 49.37 36.56
CA VAL JA 474 73.75 48.02 36.98
C VAL JA 474 72.57 48.09 37.91
N SER JA 475 71.62 47.18 37.74
CA SER JA 475 70.52 47.05 38.69
C SER JA 475 70.57 45.63 39.23
N CYS JA 476 70.90 45.50 40.50
CA CYS JA 476 70.92 44.20 41.15
C CYS JA 476 69.66 44.08 41.99
N GLU JA 477 68.75 43.23 41.54
CA GLU JA 477 67.47 43.01 42.21
C GLU JA 477 67.45 41.58 42.71
N ILE JA 478 67.50 41.41 44.02
CA ILE JA 478 67.62 40.08 44.62
C ILE JA 478 66.43 39.84 45.54
N VAL JA 479 65.95 38.60 45.54
CA VAL JA 479 64.81 38.19 46.34
C VAL JA 479 65.32 37.40 47.51
N TRP JA 480 64.73 37.63 48.68
CA TRP JA 480 65.19 37.02 49.91
C TRP JA 480 64.07 36.16 50.47
N GLU JA 481 64.30 34.85 50.58
CA GLU JA 481 63.42 34.03 51.39
C GLU JA 481 63.53 34.49 52.83
N VAL JA 482 62.40 34.79 53.44
CA VAL JA 482 62.38 35.42 54.74
C VAL JA 482 61.29 34.77 55.57
N GLU JA 483 61.54 34.63 56.88
CA GLU JA 483 60.60 34.00 57.79
C GLU JA 483 60.40 34.89 59.00
N ARG JA 484 59.14 35.04 59.42
CA ARG JA 484 58.77 36.00 60.44
C ARG JA 484 58.57 35.29 61.78
N TYR JA 485 58.91 35.98 62.86
CA TYR JA 485 59.01 35.31 64.15
C TYR JA 485 57.74 35.46 64.98
N ALA JA 486 57.42 34.39 65.69
CA ALA JA 486 56.40 34.42 66.72
C ALA JA 486 56.95 33.72 67.95
N THR JA 487 56.61 34.21 69.12
CA THR JA 487 57.16 33.63 70.33
C THR JA 487 56.20 33.81 71.49
N LYS JA 488 56.37 32.98 72.49
CA LYS JA 488 55.53 33.00 73.68
C LYS JA 488 56.12 33.81 74.82
N ASN JA 489 57.26 34.45 74.59
CA ASN JA 489 57.85 35.28 75.63
C ASN JA 489 56.89 36.39 76.03
N TRP JA 490 56.83 36.65 77.33
CA TRP JA 490 55.98 37.72 77.84
C TRP JA 490 56.63 39.07 77.69
N ARG JA 491 57.93 39.13 77.75
CA ARG JA 491 58.69 40.36 77.91
C ARG JA 491 59.04 41.01 76.59
N PRO JA 492 59.41 42.30 76.62
CA PRO JA 492 59.55 43.07 75.38
C PRO JA 492 60.64 42.62 74.41
N GLU JA 493 61.58 41.76 74.81
CA GLU JA 493 62.75 41.37 73.99
C GLU JA 493 63.54 42.62 73.63
N ARG JA 494 64.11 42.71 72.44
CA ARG JA 494 65.09 43.75 72.12
C ARG JA 494 65.01 44.06 70.64
N ARG JA 495 65.27 45.32 70.29
CA ARG JA 495 65.25 45.76 68.91
C ARG JA 495 66.47 46.61 68.66
N HIS JA 496 66.57 47.17 67.47
CA HIS JA 496 67.64 48.10 67.14
C HIS JA 496 67.05 49.50 67.02
N THR JA 497 67.31 50.31 68.04
CA THR JA 497 67.01 51.72 68.01
C THR JA 497 68.10 52.49 67.31
N THR JA 498 67.74 53.69 66.83
CA THR JA 498 68.76 54.68 66.52
C THR JA 498 69.52 55.11 67.77
N PHE JA 499 69.01 54.83 68.96
CA PHE JA 499 69.74 55.29 70.14
C PHE JA 499 71.06 54.58 70.32
N GLY JA 500 71.24 53.40 69.75
CA GLY JA 500 72.56 52.82 69.68
C GLY JA 500 73.49 53.67 68.84
N LEU JA 501 72.94 54.40 67.88
CA LEU JA 501 73.69 55.25 66.99
C LEU JA 501 74.17 56.51 67.73
N GLY JA 502 75.13 57.19 67.14
CA GLY JA 502 75.69 58.39 67.76
C GLY JA 502 76.08 59.40 66.73
N ILE JA 503 76.28 60.63 67.20
CA ILE JA 503 76.43 61.81 66.35
C ILE JA 503 77.87 61.89 65.86
N GLY JA 504 78.06 62.40 64.64
CA GLY JA 504 79.42 62.51 64.12
C GLY JA 504 79.49 63.34 62.85
N GLY JA 505 80.73 63.58 62.44
CA GLY JA 505 81.09 64.24 61.19
C GLY JA 505 81.19 65.75 61.33
N ALA JA 506 82.14 66.33 60.58
CA ALA JA 506 82.38 67.78 60.53
C ALA JA 506 82.31 68.43 61.89
N ASP JA 507 81.61 69.57 61.97
CA ASP JA 507 81.00 69.97 63.22
C ASP JA 507 79.96 68.93 63.57
N ASN JA 508 79.91 68.54 64.84
CA ASN JA 508 79.38 67.22 65.21
C ASN JA 508 78.04 66.91 64.57
N LEU JA 509 77.32 67.92 64.11
CA LEU JA 509 75.96 67.78 63.59
C LEU JA 509 75.86 66.69 62.54
N ASN JA 510 74.66 66.11 62.47
CA ASN JA 510 74.17 64.95 61.75
C ASN JA 510 74.53 63.70 62.54
N PRO JA 511 73.64 62.71 62.64
CA PRO JA 511 73.93 61.62 63.58
C PRO JA 511 74.92 60.57 63.13
N THR JA 512 74.50 59.68 62.24
CA THR JA 512 75.36 58.57 61.87
C THR JA 512 75.22 58.17 60.41
N TYR JA 513 74.07 57.63 60.01
CA TYR JA 513 73.87 57.35 58.59
C TYR JA 513 73.20 58.57 57.99
N HIS JA 514 74.01 59.40 57.33
CA HIS JA 514 73.55 60.73 56.97
C HIS JA 514 74.73 61.45 56.33
N VAL JA 515 74.40 62.52 55.60
CA VAL JA 515 75.42 63.29 54.91
C VAL JA 515 76.05 64.34 55.81
N ASP JA 516 77.27 64.73 55.46
CA ASP JA 516 78.02 65.81 56.08
C ASP JA 516 77.69 67.12 55.35
N LYS JA 517 78.46 68.18 55.58
CA LYS JA 517 78.04 69.49 55.05
C LYS JA 517 78.52 70.17 53.72
N ASN JA 518 79.57 69.81 52.95
CA ASN JA 518 80.71 68.89 53.13
C ASN JA 518 80.36 67.47 52.75
N GLY JA 519 79.15 67.26 52.25
CA GLY JA 519 78.49 65.99 52.46
C GLY JA 519 79.32 64.77 52.13
N THR JA 520 79.56 64.02 53.20
CA THR JA 520 80.25 62.75 53.21
C THR JA 520 79.49 61.88 54.17
N TYR JA 521 79.03 60.74 53.70
CA TYR JA 521 78.22 59.85 54.48
C TYR JA 521 78.95 59.47 55.76
N ILE JA 522 78.34 59.75 56.92
CA ILE JA 522 79.03 59.52 58.17
C ILE JA 522 79.08 58.02 58.44
N GLN JA 523 80.20 57.56 58.78
CA GLN JA 523 80.24 56.13 58.95
C GLN JA 523 79.90 55.74 60.39
N PRO JA 524 79.25 54.60 60.54
CA PRO JA 524 78.96 54.08 61.88
C PRO JA 524 80.24 53.72 62.62
N THR JA 525 80.35 54.17 63.86
CA THR JA 525 81.55 53.96 64.66
C THR JA 525 81.28 52.92 65.75
N THR JA 526 82.17 51.94 65.81
CA THR JA 526 82.12 50.62 66.44
C THR JA 526 80.96 49.72 66.02
N TRP JA 527 80.63 48.74 66.86
CA TRP JA 527 79.96 47.55 66.38
C TRP JA 527 78.44 47.67 66.42
N ASP JA 528 77.90 48.23 67.50
CA ASP JA 528 76.46 48.27 67.66
C ASP JA 528 75.78 49.16 66.64
N MET JA 529 76.47 50.19 66.15
CA MET JA 529 75.94 51.05 65.10
C MET JA 529 75.37 50.22 63.96
N CYS JA 530 76.25 49.54 63.22
CA CYS JA 530 75.81 48.47 62.34
C CYS JA 530 75.00 47.49 63.16
N PHE JA 531 73.80 47.17 62.70
CA PHE JA 531 72.90 46.44 63.59
C PHE JA 531 72.99 44.96 63.31
N PRO JA 532 73.64 44.18 64.16
CA PRO JA 532 73.87 42.78 63.85
C PRO JA 532 72.61 41.96 64.06
N VAL JA 533 72.41 40.97 63.20
CA VAL JA 533 71.41 39.97 63.53
C VAL JA 533 71.95 39.11 64.66
N LYS JA 534 71.05 38.36 65.29
CA LYS JA 534 71.31 37.35 66.31
C LYS JA 534 71.42 37.99 67.68
N THR JA 535 71.37 39.30 67.78
CA THR JA 535 71.29 39.98 69.07
C THR JA 535 69.86 40.26 69.49
N ASN JA 536 68.88 39.86 68.69
CA ASN JA 536 67.49 40.19 68.97
C ASN JA 536 66.64 38.93 69.01
N ILE JA 537 65.34 39.15 69.17
CA ILE JA 537 64.32 38.13 69.33
C ILE JA 537 64.75 37.22 70.49
N ASN JA 538 64.37 35.96 70.43
CA ASN JA 538 64.81 34.91 71.34
C ASN JA 538 64.46 33.58 70.70
N LYS JA 539 65.08 32.51 71.16
CA LYS JA 539 64.66 31.18 70.78
C LYS JA 539 64.76 30.25 71.98
N VAL JA 540 63.71 29.49 72.23
CA VAL JA 540 63.84 28.36 73.12
C VAL JA 540 64.70 27.32 72.44
N LEU JA 541 65.76 26.89 73.11
CA LEU JA 541 66.65 25.91 72.52
C LEU JA 541 66.00 24.53 72.52
N GLY KA 34 27.03 6.83 77.88
CA GLY KA 34 26.65 7.95 78.71
C GLY KA 34 27.73 9.01 78.86
N SER KA 35 27.45 10.03 79.67
CA SER KA 35 28.39 11.12 79.89
C SER KA 35 28.07 11.77 81.23
N GLY KA 36 29.04 12.51 81.75
CA GLY KA 36 28.87 13.26 82.98
C GLY KA 36 29.51 12.56 84.16
N VAL KA 37 29.35 13.19 85.32
CA VAL KA 37 29.83 12.60 86.56
C VAL KA 37 29.14 11.27 86.78
N GLY KA 38 29.88 10.31 87.32
CA GLY KA 38 29.35 8.99 87.57
C GLY KA 38 29.51 8.02 86.42
N ILE KA 39 30.12 8.45 85.32
CA ILE KA 39 30.39 7.59 84.18
C ILE KA 39 31.88 7.70 83.90
N SER KA 40 32.61 6.60 84.08
CA SER KA 40 34.05 6.64 83.90
C SER KA 40 34.38 6.90 82.44
N THR KA 41 35.44 7.67 82.20
CA THR KA 41 35.73 8.06 80.83
C THR KA 41 36.48 6.98 80.07
N GLY KA 42 37.47 6.36 80.70
CA GLY KA 42 38.20 5.29 80.07
C GLY KA 42 38.68 4.31 81.12
N GLY KA 43 39.06 3.12 80.66
CA GLY KA 43 39.47 2.05 81.55
C GLY KA 43 40.99 1.92 81.63
N TRP KA 44 41.40 0.99 82.48
CA TRP KA 44 42.81 0.70 82.67
C TRP KA 44 43.36 -0.01 81.43
N VAL KA 45 44.67 0.12 81.23
CA VAL KA 45 45.33 -0.36 80.02
C VAL KA 45 46.73 -0.85 80.39
N GLY KA 46 47.21 -1.86 79.67
CA GLY KA 46 48.59 -2.28 79.80
C GLY KA 46 48.82 -3.64 79.18
N GLY KA 47 50.03 -4.17 79.42
CA GLY KA 47 50.34 -5.56 79.14
C GLY KA 47 51.23 -5.84 77.95
N SER KA 48 51.72 -4.81 77.27
CA SER KA 48 52.52 -4.88 76.05
C SER KA 48 51.94 -5.73 74.91
N TYR KA 49 52.79 -6.12 73.96
CA TYR KA 49 52.28 -6.82 72.78
C TYR KA 49 53.25 -7.81 72.13
N PHE KA 50 54.33 -7.29 71.55
CA PHE KA 50 55.38 -8.07 70.86
C PHE KA 50 55.01 -8.82 69.58
N THR KA 51 54.89 -8.09 68.48
CA THR KA 51 54.95 -8.66 67.13
C THR KA 51 56.31 -8.37 66.50
N ASP KA 52 56.74 -9.26 65.60
CA ASP KA 52 58.03 -9.16 64.94
C ASP KA 52 58.35 -7.78 64.41
N SER KA 53 57.36 -7.12 63.82
CA SER KA 53 57.59 -5.81 63.22
C SER KA 53 57.55 -4.68 64.24
N TYR KA 54 56.75 -4.81 65.29
CA TYR KA 54 56.63 -3.72 66.25
C TYR KA 54 56.18 -4.25 67.60
N VAL KA 55 56.44 -3.45 68.62
CA VAL KA 55 56.06 -3.76 70.00
C VAL KA 55 55.22 -2.61 70.52
N ILE KA 56 54.04 -2.93 71.03
CA ILE KA 56 53.14 -1.93 71.61
C ILE KA 56 53.17 -2.10 73.12
N THR KA 57 53.73 -1.13 73.81
CA THR KA 57 53.72 -1.11 75.27
C THR KA 57 52.64 -0.18 75.75
N LYS KA 58 51.83 -0.66 76.69
CA LYS KA 58 50.72 0.09 77.23
C LYS KA 58 50.91 0.22 78.73
N ASN KA 59 50.61 1.39 79.28
CA ASN KA 59 50.78 1.62 80.70
C ASN KA 59 49.71 2.57 81.18
N THR KA 60 49.40 2.50 82.46
CA THR KA 60 48.41 3.37 83.07
C THR KA 60 48.86 3.69 84.49
N ARG KA 61 48.51 4.88 84.97
CA ARG KA 61 48.99 5.35 86.25
C ARG KA 61 47.89 6.04 87.01
N GLN KA 62 48.18 6.31 88.28
CA GLN KA 62 47.35 7.16 89.11
C GLN KA 62 48.23 8.32 89.55
N PHE KA 63 47.78 9.55 89.31
CA PHE KA 63 48.62 10.71 89.59
C PHE KA 63 47.85 11.70 90.43
N LEU KA 64 48.56 12.68 90.99
CA LEU KA 64 47.89 13.78 91.65
C LEU KA 64 48.65 15.07 91.47
N VAL KA 65 47.91 16.16 91.32
CA VAL KA 65 48.44 17.50 91.15
C VAL KA 65 48.18 18.26 92.44
N LYS KA 66 49.23 18.88 92.98
CA LYS KA 66 49.23 19.32 94.37
C LYS KA 66 48.98 20.82 94.58
N ILE KA 67 48.80 21.61 93.52
CA ILE KA 67 48.86 23.07 93.62
C ILE KA 67 50.23 23.49 94.14
N GLN KA 68 51.24 23.43 93.29
CA GLN KA 68 52.56 23.90 93.70
C GLN KA 68 52.64 25.41 93.62
N ASN KA 69 53.38 26.00 94.57
CA ASN KA 69 53.85 27.38 94.47
C ASN KA 69 52.70 28.39 94.52
N ASN KA 70 51.72 28.14 95.36
CA ASN KA 70 50.44 28.87 95.32
C ASN KA 70 49.99 28.78 93.88
N HIS KA 71 49.41 29.80 93.29
CA HIS KA 71 49.35 29.85 91.84
C HIS KA 71 50.32 30.85 91.23
N GLN KA 72 51.01 31.62 92.06
CA GLN KA 72 51.99 32.57 91.57
C GLN KA 72 53.30 31.88 91.20
N TYR KA 73 54.10 32.59 90.42
CA TYR KA 73 55.35 32.10 89.81
C TYR KA 73 56.57 32.24 90.69
N LYS KA 74 56.92 33.46 91.08
CA LYS KA 74 58.17 33.83 91.71
C LYS KA 74 59.39 33.50 90.84
N THR KA 75 60.55 33.35 91.48
CA THR KA 75 61.81 33.11 90.79
C THR KA 75 62.60 32.05 91.55
N GLU KA 76 62.83 32.31 92.85
CA GLU KA 76 63.31 31.41 93.89
C GLU KA 76 64.81 31.30 94.08
N LEU KA 77 65.63 31.75 93.13
CA LEU KA 77 67.09 31.88 93.31
C LEU KA 77 67.65 30.73 94.15
N ILE KA 78 67.68 29.54 93.55
CA ILE KA 78 67.65 28.31 94.35
C ILE KA 78 68.74 28.23 95.40
N SER KA 79 69.96 27.88 94.98
CA SER KA 79 71.18 27.89 95.80
C SER KA 79 71.11 26.93 96.99
N PRO KA 80 72.23 26.37 97.41
CA PRO KA 80 72.38 26.07 98.84
C PRO KA 80 73.20 27.18 99.48
N SER KA 81 73.45 27.11 100.78
CA SER KA 81 74.45 27.99 101.37
C SER KA 81 75.29 27.30 102.47
N THR KA 82 76.62 27.21 102.35
CA THR KA 82 77.47 27.24 101.12
C THR KA 82 77.19 28.26 100.01
N SER KA 83 77.13 29.54 100.40
CA SER KA 83 76.84 30.61 99.45
C SER KA 83 77.80 30.63 98.26
N GLN KA 84 78.94 29.94 98.38
CA GLN KA 84 79.86 29.81 97.26
C GLN KA 84 79.26 29.04 96.09
N GLY KA 85 78.09 28.41 96.28
CA GLY KA 85 77.51 27.60 95.25
C GLY KA 85 77.08 28.40 94.03
N LYS KA 86 76.54 27.68 93.04
CA LYS KA 86 76.17 28.32 91.79
C LYS KA 86 75.01 29.29 91.98
N SER KA 87 74.00 28.88 92.75
CA SER KA 87 72.88 29.75 93.09
C SER KA 87 72.09 30.19 91.86
N GLN KA 88 71.74 29.23 91.01
CA GLN KA 88 70.92 29.52 89.85
C GLN KA 88 69.58 30.11 90.29
N ARG KA 89 69.12 31.12 89.55
CA ARG KA 89 67.93 31.84 89.99
C ARG KA 89 66.65 31.09 89.64
N CYS KA 90 66.63 30.45 88.48
CA CYS KA 90 65.49 29.73 87.94
C CYS KA 90 64.19 30.54 87.90
N VAL KA 91 63.07 29.82 87.82
CA VAL KA 91 61.71 30.34 87.86
C VAL KA 91 60.84 29.20 88.33
N SER KA 92 59.87 29.50 89.18
CA SER KA 92 58.91 28.47 89.59
C SER KA 92 57.58 28.81 88.98
N THR KA 93 56.77 27.81 88.71
CA THR KA 93 55.47 28.00 88.10
C THR KA 93 54.43 27.18 88.85
N PRO KA 94 53.16 27.55 88.77
CA PRO KA 94 52.11 26.71 89.34
C PRO KA 94 51.95 25.38 88.64
N TRP KA 95 52.53 25.22 87.47
CA TRP KA 95 52.28 24.05 86.63
C TRP KA 95 53.08 22.84 87.09
N SER KA 96 52.52 21.67 86.83
CA SER KA 96 53.19 20.40 86.97
C SER KA 96 53.19 19.73 85.61
N TYR KA 97 54.06 18.76 85.41
CA TYR KA 97 54.18 18.17 84.09
C TYR KA 97 54.36 16.66 84.17
N PHE KA 98 54.01 16.00 83.07
CA PHE KA 98 54.19 14.57 82.92
C PHE KA 98 55.51 14.30 82.22
N ASN KA 99 56.39 13.56 82.87
CA ASN KA 99 57.64 13.12 82.27
C ASN KA 99 57.49 11.64 81.96
N PHE KA 100 57.44 11.30 80.68
CA PHE KA 100 57.34 9.91 80.26
C PHE KA 100 58.68 9.30 79.86
N ASN KA 101 59.77 10.02 80.04
CA ASN KA 101 61.03 9.67 79.40
C ASN KA 101 61.83 8.76 80.32
N GLN KA 102 61.83 7.47 79.99
CA GLN KA 102 62.66 6.43 80.59
C GLN KA 102 62.19 5.11 79.99
N TYR KA 103 63.08 4.12 80.00
CA TYR KA 103 62.65 2.82 79.51
C TYR KA 103 61.93 2.02 80.57
N SER KA 104 62.43 2.05 81.81
CA SER KA 104 61.85 1.24 82.87
C SER KA 104 60.41 1.61 83.15
N SER KA 105 59.94 2.74 82.65
CA SER KA 105 58.55 3.09 82.84
C SER KA 105 57.66 2.31 81.89
N HIS KA 106 58.09 2.12 80.66
CA HIS KA 106 57.27 1.51 79.63
C HIS KA 106 57.48 0.02 79.46
N PHE KA 107 58.49 -0.56 80.10
CA PHE KA 107 58.81 -1.96 79.92
C PHE KA 107 58.93 -2.66 81.27
N SER KA 108 58.18 -3.73 81.43
CA SER KA 108 58.39 -4.58 82.59
C SER KA 108 59.75 -5.25 82.46
N PRO KA 109 60.33 -5.69 83.57
CA PRO KA 109 61.59 -6.42 83.48
C PRO KA 109 61.54 -7.61 82.57
N GLN KA 110 60.37 -8.18 82.29
CA GLN KA 110 60.30 -9.20 81.26
C GLN KA 110 60.11 -8.65 79.87
N ASP KA 111 59.27 -7.63 79.68
CA ASP KA 111 59.12 -7.04 78.36
C ASP KA 111 60.46 -6.55 77.84
N TRP KA 112 61.11 -5.66 78.58
CA TRP KA 112 62.54 -5.52 78.46
C TRP KA 112 63.14 -6.87 78.76
N GLN KA 113 64.19 -7.25 78.05
CA GLN KA 113 64.75 -8.60 78.01
C GLN KA 113 63.96 -9.52 77.11
N ARG KA 114 62.71 -9.22 76.79
CA ARG KA 114 62.15 -9.91 75.65
C ARG KA 114 62.57 -9.24 74.35
N LEU KA 115 62.65 -7.92 74.32
CA LEU KA 115 63.22 -7.27 73.15
C LEU KA 115 64.74 -7.25 73.18
N THR KA 116 65.34 -7.09 74.35
CA THR KA 116 66.79 -7.06 74.41
C THR KA 116 67.38 -8.37 73.96
N ASN KA 117 66.68 -9.47 74.21
CA ASN KA 117 67.15 -10.77 73.74
C ASN KA 117 66.77 -11.00 72.29
N GLU KA 118 65.57 -10.64 71.89
CA GLU KA 118 65.01 -11.12 70.64
C GLU KA 118 65.13 -10.16 69.47
N TYR KA 119 65.69 -8.96 69.64
CA TYR KA 119 65.68 -8.00 68.55
C TYR KA 119 67.00 -7.27 68.39
N LYS KA 120 67.34 -6.95 67.13
CA LYS KA 120 68.52 -6.15 66.85
C LYS KA 120 68.37 -4.74 67.35
N ARG KA 121 67.26 -4.10 67.00
CA ARG KA 121 67.18 -2.65 67.17
C ARG KA 121 65.73 -2.26 67.32
N PHE KA 122 65.52 -1.12 67.94
CA PHE KA 122 64.17 -0.64 68.14
C PHE KA 122 64.22 0.87 68.29
N ARG KA 123 63.15 1.53 67.91
CA ARG KA 123 62.98 2.94 68.17
C ARG KA 123 61.50 3.18 68.37
N PRO KA 124 61.13 4.12 69.23
CA PRO KA 124 59.71 4.41 69.40
C PRO KA 124 59.13 5.01 68.13
N LYS KA 125 58.05 4.41 67.66
CA LYS KA 125 57.40 4.91 66.45
C LYS KA 125 56.41 6.03 66.74
N GLY KA 126 55.62 5.88 67.80
CA GLY KA 126 54.59 6.85 68.11
C GLY KA 126 54.23 6.76 69.57
N MET KA 127 53.38 7.68 70.00
CA MET KA 127 53.00 7.78 71.40
C MET KA 127 51.60 8.32 71.49
N HIS KA 128 50.83 7.79 72.43
CA HIS KA 128 49.43 8.18 72.60
C HIS KA 128 49.15 8.26 74.09
N VAL KA 129 48.73 9.43 74.55
CA VAL KA 129 48.56 9.67 75.98
C VAL KA 129 47.12 10.10 76.21
N LYS KA 130 46.52 9.60 77.30
CA LYS KA 130 45.14 9.91 77.63
C LYS KA 130 45.03 10.24 79.10
N ILE KA 131 44.57 11.44 79.40
CA ILE KA 131 44.17 11.82 80.74
C ILE KA 131 42.70 11.51 80.87
N TYR KA 132 42.31 10.89 81.97
CA TYR KA 132 40.90 10.57 82.15
C TYR KA 132 40.67 10.20 83.61
N ASN KA 133 39.41 9.95 83.94
CA ASN KA 133 38.99 9.60 85.28
C ASN KA 133 39.51 10.60 86.31
N LEU KA 134 39.26 11.88 86.05
CA LEU KA 134 39.77 12.93 86.91
C LEU KA 134 38.92 13.06 88.16
N GLN KA 135 39.54 13.56 89.23
CA GLN KA 135 38.86 13.77 90.50
C GLN KA 135 39.43 15.02 91.15
N ILE KA 136 38.57 15.88 91.68
CA ILE KA 136 38.99 17.05 92.42
C ILE KA 136 38.48 16.90 93.84
N LYS KA 137 39.37 16.76 94.82
CA LYS KA 137 38.94 16.30 96.12
C LYS KA 137 38.80 17.36 97.20
N GLN KA 138 39.18 18.61 96.96
CA GLN KA 138 38.86 19.68 97.90
C GLN KA 138 39.38 19.39 99.31
N ILE KA 139 40.69 19.57 99.49
CA ILE KA 139 41.28 19.42 100.82
C ILE KA 139 40.58 20.34 101.81
N LEU KA 140 40.29 19.82 102.99
CA LEU KA 140 39.85 20.63 104.12
C LEU KA 140 40.69 20.34 105.34
N SER KA 141 40.82 21.34 106.20
CA SER KA 141 41.52 21.20 107.47
C SER KA 141 40.71 21.87 108.56
N ASN KA 142 40.29 21.08 109.54
CA ASN KA 142 39.67 21.59 110.76
C ASN KA 142 40.69 21.86 111.84
N GLY KA 143 41.97 21.72 111.51
CA GLY KA 143 43.05 21.64 112.45
C GLY KA 143 43.40 20.17 112.66
N ALA KA 144 44.69 19.89 112.78
CA ALA KA 144 45.24 18.53 112.75
C ALA KA 144 44.65 17.82 111.52
N ASP KA 145 44.35 16.53 111.60
CA ASP KA 145 43.48 15.75 110.71
C ASP KA 145 43.62 16.08 109.22
N THR KA 146 42.48 16.00 108.51
CA THR KA 146 42.13 16.52 107.20
C THR KA 146 40.79 15.91 106.82
N THR KA 147 40.10 16.50 105.85
CA THR KA 147 38.93 15.89 105.27
C THR KA 147 38.91 16.21 103.79
N TYR KA 148 38.29 15.32 103.02
CA TYR KA 148 38.22 15.45 101.56
C TYR KA 148 36.75 15.31 101.18
N ASN KA 149 36.15 16.40 100.71
CA ASN KA 149 34.71 16.40 100.46
C ASN KA 149 34.40 15.92 99.06
N ASN KA 150 35.41 15.43 98.36
CA ASN KA 150 35.39 15.34 96.91
C ASN KA 150 35.11 16.74 96.41
N ASP KA 151 34.42 16.85 95.28
CA ASP KA 151 34.08 18.16 94.72
C ASP KA 151 33.45 17.90 93.37
N LEU KA 152 32.69 18.87 92.90
CA LEU KA 152 32.28 18.96 91.52
C LEU KA 152 32.42 20.42 91.13
N THR KA 153 32.07 20.75 89.90
CA THR KA 153 32.21 22.09 89.39
C THR KA 153 33.61 22.65 89.65
N ALA KA 154 34.63 21.84 89.44
CA ALA KA 154 36.01 22.27 89.53
C ALA KA 154 36.73 21.82 88.27
N GLY KA 155 37.95 22.32 88.06
CA GLY KA 155 38.59 22.18 86.78
C GLY KA 155 40.09 21.97 86.92
N VAL KA 156 40.66 21.51 85.81
CA VAL KA 156 42.07 21.20 85.71
C VAL KA 156 42.56 21.67 84.36
N HIS KA 157 43.62 22.46 84.35
CA HIS KA 157 44.23 22.92 83.12
C HIS KA 157 45.16 21.85 82.61
N ILE KA 158 45.12 21.57 81.31
CA ILE KA 158 46.00 20.59 80.69
C ILE KA 158 46.51 21.19 79.40
N PHE KA 159 47.82 21.26 79.27
CA PHE KA 159 48.46 21.93 78.15
C PHE KA 159 49.59 21.07 77.62
N CYS KA 160 49.73 21.02 76.30
CA CYS KA 160 50.76 20.25 75.64
C CYS KA 160 51.55 21.14 74.70
N ASP KA 161 52.82 20.80 74.48
CA ASP KA 161 53.68 21.51 73.55
C ASP KA 161 53.82 20.73 72.26
N GLY KA 162 53.20 21.23 71.19
CA GLY KA 162 53.49 20.66 69.89
C GLY KA 162 54.60 21.42 69.20
N GLU KA 163 54.75 22.69 69.55
CA GLU KA 163 55.76 23.54 68.95
C GLU KA 163 57.08 23.52 69.71
N HIS KA 164 57.08 22.98 70.93
CA HIS KA 164 58.21 23.09 71.85
C HIS KA 164 58.63 24.53 72.09
N ALA KA 165 57.72 25.48 71.95
CA ALA KA 165 57.89 26.73 72.67
C ALA KA 165 57.81 26.41 74.15
N TYR KA 166 58.33 27.31 74.97
CA TYR KA 166 58.47 27.16 76.40
C TYR KA 166 59.69 26.31 76.74
N PRO KA 167 60.29 26.55 77.91
CA PRO KA 167 61.60 25.98 78.23
C PRO KA 167 61.68 24.47 78.40
N ASN KA 168 60.57 23.73 78.35
CA ASN KA 168 60.53 22.27 78.35
C ASN KA 168 61.35 21.60 79.46
N ALA KA 169 60.77 21.53 80.66
CA ALA KA 169 61.47 21.05 81.85
C ALA KA 169 62.25 19.76 81.62
N THR KA 170 61.70 18.84 80.83
CA THR KA 170 62.25 17.49 80.78
C THR KA 170 63.73 17.50 80.48
N HIS KA 171 64.49 16.86 81.36
CA HIS KA 171 65.92 16.60 81.25
C HIS KA 171 66.08 15.09 81.34
N PRO KA 172 67.02 14.51 80.60
CA PRO KA 172 67.03 13.04 80.50
C PRO KA 172 66.99 12.28 81.81
N TRP KA 173 67.82 12.61 82.77
CA TRP KA 173 67.90 11.75 83.96
C TRP KA 173 66.84 12.17 84.98
N ASP KA 174 67.04 13.31 85.62
CA ASP KA 174 66.09 13.88 86.56
C ASP KA 174 65.71 12.77 87.56
N GLU KA 175 64.43 12.58 87.82
CA GLU KA 175 63.90 11.69 88.84
C GLU KA 175 62.65 11.13 88.22
N ASP KA 176 61.80 10.52 89.06
CA ASP KA 176 60.35 10.41 88.78
C ASP KA 176 60.14 9.74 87.42
N VAL KA 177 59.69 10.46 86.39
CA VAL KA 177 59.13 9.91 85.18
C VAL KA 177 57.94 9.10 85.67
N MET KA 178 57.59 8.01 85.01
CA MET KA 178 56.54 7.18 85.53
C MET KA 178 57.16 6.21 86.53
N PRO KA 179 56.46 5.83 87.59
CA PRO KA 179 57.01 4.79 88.44
C PRO KA 179 57.12 3.52 87.62
N GLU KA 180 58.30 2.91 87.65
CA GLU KA 180 58.53 1.72 86.85
C GLU KA 180 57.50 0.65 87.12
N LEU KA 181 56.84 0.73 88.26
CA LEU KA 181 55.92 -0.26 88.75
C LEU KA 181 54.52 0.32 88.73
N PRO KA 182 53.53 -0.26 88.03
CA PRO KA 182 52.18 0.31 88.07
C PRO KA 182 51.59 0.23 89.47
N TYR KA 183 50.31 0.59 89.63
CA TYR KA 183 49.62 0.62 90.91
C TYR KA 183 50.28 1.58 91.89
N GLN KA 184 51.45 2.08 91.53
CA GLN KA 184 52.18 3.02 92.35
C GLN KA 184 51.79 4.42 91.91
N THR KA 185 51.18 5.17 92.81
CA THR KA 185 50.69 6.49 92.46
C THR KA 185 51.83 7.39 92.03
N TRP KA 186 51.55 8.26 91.07
CA TRP KA 186 52.59 9.05 90.44
C TRP KA 186 52.44 10.51 90.80
N TYR KA 187 53.33 11.01 91.63
CA TYR KA 187 53.29 12.39 92.06
C TYR KA 187 53.99 13.26 91.04
N LEU KA 188 53.29 14.25 90.52
CA LEU KA 188 53.87 15.16 89.56
C LEU KA 188 54.81 16.14 90.25
N PHE KA 189 55.66 16.76 89.43
CA PHE KA 189 56.67 17.69 89.92
C PHE KA 189 56.48 19.06 89.28
N GLN KA 190 56.86 20.07 90.03
CA GLN KA 190 56.62 21.44 89.61
C GLN KA 190 57.44 21.79 88.38
N TYR KA 191 56.87 22.60 87.51
CA TYR KA 191 57.57 23.05 86.31
C TYR KA 191 58.33 24.33 86.60
N GLY KA 192 59.60 24.34 86.22
CA GLY KA 192 60.43 25.52 86.40
C GLY KA 192 61.46 25.55 85.29
N TYR KA 193 62.15 26.68 85.19
CA TYR KA 193 63.16 26.81 84.16
C TYR KA 193 64.16 27.88 84.55
N ILE KA 194 65.34 27.80 83.96
CA ILE KA 194 66.37 28.80 84.18
C ILE KA 194 66.19 29.91 83.16
N PRO KA 195 65.78 31.12 83.57
CA PRO KA 195 65.70 32.21 82.59
C PRO KA 195 67.07 32.64 82.09
N VAL KA 196 68.04 32.82 82.99
CA VAL KA 196 69.39 33.27 82.64
C VAL KA 196 70.34 32.81 83.75
N ILE KA 197 71.61 32.63 83.37
CA ILE KA 197 72.66 32.34 84.34
C ILE KA 197 72.61 33.38 85.46
N HIS KA 198 72.61 32.92 86.71
CA HIS KA 198 72.48 33.85 87.81
C HIS KA 198 73.66 34.80 87.89
N GLU KA 199 74.87 34.26 87.96
CA GLU KA 199 76.03 35.10 87.71
C GLU KA 199 75.92 35.63 86.29
N LEU KA 200 76.58 36.74 86.00
CA LEU KA 200 76.35 37.45 84.74
C LEU KA 200 74.91 37.96 84.68
N ALA KA 201 74.69 39.14 85.30
CA ALA KA 201 73.43 39.68 85.82
C ALA KA 201 73.24 39.55 87.32
N GLU KA 202 74.25 39.08 88.05
CA GLU KA 202 74.14 39.04 89.51
C GLU KA 202 73.62 40.33 90.19
N MET KA 203 74.04 41.54 89.83
CA MET KA 203 75.20 41.89 88.99
C MET KA 203 76.10 42.80 89.82
N GLU KA 204 77.37 42.88 89.46
CA GLU KA 204 78.32 43.59 90.33
C GLU KA 204 78.50 45.03 89.90
N ASP KA 205 77.94 45.96 90.68
CA ASP KA 205 78.14 47.39 90.53
C ASP KA 205 77.96 47.84 89.09
N SER KA 206 78.79 48.78 88.65
CA SER KA 206 79.01 49.07 87.23
C SER KA 206 77.63 49.12 86.46
N ASN KA 207 77.25 48.32 85.44
CA ASN KA 207 78.03 47.39 84.63
C ASN KA 207 77.71 47.58 83.15
N ALA KA 208 76.44 47.39 82.83
CA ALA KA 208 75.81 47.56 81.52
C ALA KA 208 76.11 46.40 80.58
N VAL KA 209 77.13 45.62 80.90
CA VAL KA 209 77.32 44.34 80.20
C VAL KA 209 76.47 43.26 80.86
N GLU KA 210 76.38 43.27 82.19
CA GLU KA 210 75.45 42.38 82.87
C GLU KA 210 74.09 43.03 83.08
N LYS KA 211 74.00 44.35 82.88
CA LYS KA 211 72.68 44.97 82.85
C LYS KA 211 71.89 44.42 81.68
N ALA KA 212 72.46 44.50 80.48
CA ALA KA 212 72.01 43.62 79.43
C ALA KA 212 72.31 42.19 79.84
N ILE KA 213 71.51 41.25 79.32
CA ILE KA 213 71.44 39.85 79.73
C ILE KA 213 70.66 39.74 81.03
N CYS KA 214 70.61 40.81 81.81
CA CYS KA 214 69.60 40.88 82.87
C CYS KA 214 68.29 41.43 82.34
N LEU KA 215 68.38 42.47 81.52
CA LEU KA 215 67.18 43.03 80.89
C LEU KA 215 66.56 42.04 79.91
N GLN KA 216 67.37 41.19 79.31
CA GLN KA 216 66.88 40.35 78.24
C GLN KA 216 66.34 39.02 78.74
N ILE KA 217 66.31 38.78 80.05
CA ILE KA 217 65.90 37.46 80.52
C ILE KA 217 64.45 37.30 80.09
N PRO KA 218 64.13 36.25 79.34
CA PRO KA 218 62.75 36.05 78.92
C PRO KA 218 61.92 35.50 80.07
N PHE KA 219 60.63 35.76 80.00
CA PHE KA 219 59.69 35.29 81.01
C PHE KA 219 58.56 34.58 80.30
N PHE KA 220 58.47 33.28 80.52
CA PHE KA 220 57.51 32.44 79.84
C PHE KA 220 56.38 32.11 80.79
N MET KA 221 55.18 32.01 80.23
CA MET KA 221 53.98 31.74 81.02
C MET KA 221 53.15 30.75 80.22
N LEU KA 222 52.61 29.77 80.90
CA LEU KA 222 51.83 28.77 80.21
C LEU KA 222 50.38 29.21 80.03
N GLU KA 223 50.04 30.43 80.42
CA GLU KA 223 48.66 30.85 80.24
C GLU KA 223 48.46 31.24 78.79
N ASN KA 224 48.92 32.42 78.35
CA ASN KA 224 49.38 32.62 76.97
C ASN KA 224 48.64 31.74 75.99
N SER KA 225 49.36 30.87 75.30
CA SER KA 225 48.75 29.92 74.39
C SER KA 225 47.64 29.12 75.06
N ASP KA 226 46.57 28.88 74.32
CA ASP KA 226 45.37 28.29 74.88
C ASP KA 226 45.57 26.83 75.25
N HIS KA 227 44.74 26.36 76.16
CA HIS KA 227 44.80 24.98 76.62
C HIS KA 227 43.44 24.60 77.19
N GLU KA 228 43.25 23.30 77.38
CA GLU KA 228 41.96 22.79 77.79
C GLU KA 228 41.84 22.76 79.31
N VAL KA 229 40.65 23.08 79.79
CA VAL KA 229 40.28 22.86 81.18
C VAL KA 229 39.32 21.67 81.19
N LEU KA 230 39.37 20.88 82.25
CA LEU KA 230 38.55 19.69 82.34
C LEU KA 230 37.88 19.63 83.69
N ARG KA 231 36.57 19.42 83.70
CA ARG KA 231 35.95 18.97 84.93
C ARG KA 231 36.11 17.46 85.01
N THR KA 232 35.40 16.83 85.94
CA THR KA 232 35.55 15.39 86.15
C THR KA 232 35.19 14.59 84.91
N GLY KA 233 33.96 14.74 84.41
CA GLY KA 233 33.49 13.86 83.35
C GLY KA 233 34.31 13.91 82.07
N GLU KA 234 35.03 15.00 81.84
CA GLU KA 234 35.80 15.16 80.62
C GLU KA 234 37.14 14.44 80.70
N SER KA 235 37.69 14.14 79.52
CA SER KA 235 39.03 13.60 79.38
C SER KA 235 39.76 14.31 78.25
N THR KA 236 40.98 13.86 77.97
CA THR KA 236 41.78 14.44 76.91
C THR KA 236 42.72 13.39 76.36
N GLU KA 237 43.01 13.47 75.05
CA GLU KA 237 43.98 12.61 74.42
C GLU KA 237 45.09 13.45 73.82
N PHE KA 238 46.26 12.85 73.67
CA PHE KA 238 47.37 13.46 72.97
C PHE KA 238 48.09 12.40 72.18
N THR KA 239 48.55 12.76 70.99
CA THR KA 239 49.33 11.86 70.16
C THR KA 239 50.69 12.47 69.86
N PHE KA 240 51.64 11.61 69.51
CA PHE KA 240 52.96 12.06 69.16
C PHE KA 240 53.53 11.13 68.11
N ASN KA 241 54.33 11.69 67.22
CA ASN KA 241 55.06 10.91 66.24
C ASN KA 241 56.52 11.26 66.36
N PHE KA 242 57.38 10.30 66.04
CA PHE KA 242 58.80 10.43 66.28
C PHE KA 242 59.57 10.33 64.98
N ASP KA 243 60.35 11.37 64.67
CA ASP KA 243 61.46 11.24 63.75
C ASP KA 243 62.67 10.92 64.61
N CYS KA 244 63.15 9.69 64.52
CA CYS KA 244 63.94 9.14 65.60
C CYS KA 244 64.96 8.15 65.05
N GLU KA 245 66.12 8.11 65.67
CA GLU KA 245 67.18 7.20 65.27
C GLU KA 245 67.03 5.88 66.01
N TRP KA 246 67.35 4.79 65.31
CA TRP KA 246 67.34 3.48 65.93
C TRP KA 246 68.33 3.44 67.09
N ILE KA 247 68.01 2.65 68.11
CA ILE KA 247 68.99 2.26 69.12
C ILE KA 247 69.25 0.78 68.92
N ASN KA 248 70.53 0.44 68.76
CA ASN KA 248 70.91 -0.87 68.25
C ASN KA 248 71.34 -1.78 69.39
N ASN KA 249 70.69 -2.93 69.48
CA ASN KA 249 71.13 -4.01 70.36
C ASN KA 249 71.87 -5.02 69.51
N GLU KA 250 73.19 -5.04 69.65
CA GLU KA 250 74.12 -5.76 68.79
C GLU KA 250 75.49 -5.63 69.42
N ARG KA 251 76.38 -6.51 69.02
CA ARG KA 251 77.69 -6.60 69.64
C ARG KA 251 78.73 -6.87 68.56
N ALA KA 252 79.81 -6.12 68.59
CA ALA KA 252 80.94 -6.38 67.73
C ALA KA 252 81.90 -7.30 68.47
N TYR KA 253 82.12 -8.49 67.92
CA TYR KA 253 83.00 -9.45 68.55
C TYR KA 253 84.47 -9.12 68.36
N ILE KA 254 84.79 -8.21 67.45
CA ILE KA 254 86.17 -7.75 67.25
C ILE KA 254 86.17 -6.25 67.02
N PRO KA 255 87.30 -5.60 67.29
CA PRO KA 255 87.44 -4.21 66.91
C PRO KA 255 87.31 -4.04 65.42
N PRO KA 256 86.93 -2.86 64.93
CA PRO KA 256 86.82 -2.68 63.48
C PRO KA 256 88.15 -2.79 62.76
N GLY KA 257 89.25 -2.47 63.43
CA GLY KA 257 90.55 -2.61 62.83
C GLY KA 257 91.10 -4.02 62.81
N LEU KA 258 90.39 -4.97 63.40
CA LEU KA 258 90.83 -6.34 63.49
C LEU KA 258 90.24 -7.19 62.36
N MET KA 259 89.57 -6.58 61.40
CA MET KA 259 88.91 -7.30 60.32
C MET KA 259 89.91 -7.46 59.18
N PHE KA 260 90.36 -8.69 58.97
CA PHE KA 260 91.24 -9.03 57.86
C PHE KA 260 91.52 -10.52 57.94
N ASN KA 261 91.99 -11.08 56.84
CA ASN KA 261 92.39 -12.47 56.83
C ASN KA 261 93.86 -12.53 57.22
N PRO KA 262 94.17 -12.99 58.43
CA PRO KA 262 95.57 -12.97 58.87
C PRO KA 262 96.43 -13.99 58.17
N LEU KA 263 95.81 -14.96 57.50
CA LEU KA 263 96.58 -15.94 56.75
C LEU KA 263 97.25 -15.30 55.54
N VAL KA 264 96.55 -14.41 54.86
CA VAL KA 264 97.05 -13.88 53.59
C VAL KA 264 98.14 -12.85 53.87
N PRO KA 265 99.28 -12.90 53.18
CA PRO KA 265 100.29 -11.87 53.36
C PRO KA 265 99.78 -10.53 52.84
N THR KA 266 100.43 -9.46 53.27
CA THR KA 266 100.04 -8.12 52.88
C THR KA 266 101.13 -7.47 52.05
N ARG KA 267 100.72 -6.60 51.14
CA ARG KA 267 101.67 -5.76 50.45
C ARG KA 267 101.69 -4.36 51.05
N ARG KA 268 102.71 -4.11 51.86
CA ARG KA 268 102.87 -2.90 52.65
C ARG KA 268 104.23 -2.99 53.32
N ALA KA 269 104.74 -1.87 53.83
CA ALA KA 269 106.05 -1.91 54.44
C ALA KA 269 106.09 -0.93 55.61
N GLN KA 270 107.01 -1.20 56.53
CA GLN KA 270 107.21 -0.39 57.72
C GLN KA 270 108.62 0.15 57.68
N TYR KA 271 108.76 1.46 57.52
CA TYR KA 271 110.03 2.11 57.76
C TYR KA 271 110.02 2.51 59.22
N ILE KA 272 111.13 2.27 59.90
CA ILE KA 272 111.26 2.61 61.31
C ILE KA 272 112.49 3.48 61.49
N ARG KA 273 112.29 4.65 62.07
CA ARG KA 273 113.36 5.63 62.22
C ARG KA 273 114.48 5.06 63.10
N ARG KA 274 115.69 5.61 62.92
CA ARG KA 274 116.78 5.33 63.83
C ARG KA 274 116.32 5.57 65.27
N ASN KA 275 116.63 4.62 66.14
CA ASN KA 275 116.02 4.63 67.46
C ASN KA 275 116.66 5.66 68.38
N ASN KA 276 117.93 6.01 68.14
CA ASN KA 276 118.63 7.02 68.94
C ASN KA 276 118.54 6.67 70.43
N ASN KA 277 119.29 5.64 70.81
CA ASN KA 277 119.17 4.93 72.09
C ASN KA 277 117.88 4.12 72.04
N PRO KA 278 117.87 2.92 72.65
CA PRO KA 278 119.08 2.16 73.02
C PRO KA 278 119.95 1.74 71.83
N GLN KA 279 119.32 1.22 70.78
CA GLN KA 279 120.04 0.47 69.75
C GLN KA 279 119.10 0.25 68.57
N THR KA 280 119.45 -0.66 67.64
CA THR KA 280 118.60 -1.03 66.51
C THR KA 280 118.39 0.11 65.52
N ALA KA 281 119.39 0.36 64.69
CA ALA KA 281 119.32 1.37 63.65
C ALA KA 281 118.21 1.05 62.65
N GLU KA 282 117.80 2.09 61.91
CA GLU KA 282 116.60 2.05 61.09
C GLU KA 282 116.61 0.89 60.11
N SER KA 283 115.42 0.36 59.85
CA SER KA 283 115.25 -0.71 58.86
C SER KA 283 113.83 -0.65 58.31
N THR KA 284 113.68 -1.09 57.07
CA THR KA 284 112.37 -1.27 56.46
C THR KA 284 112.06 -2.76 56.34
N SER KA 285 110.79 -3.10 56.45
CA SER KA 285 110.38 -4.49 56.45
C SER KA 285 108.93 -4.59 56.02
N ARG KA 286 108.55 -5.78 55.55
CA ARG KA 286 107.16 -6.03 55.18
C ARG KA 286 106.33 -6.28 56.42
N ILE KA 287 105.11 -5.77 56.40
CA ILE KA 287 104.20 -5.97 57.51
C ILE KA 287 103.79 -7.43 57.58
N ALA KA 288 103.80 -7.98 58.80
CA ALA KA 288 103.49 -9.37 59.00
C ALA KA 288 102.07 -9.69 58.52
N PRO KA 289 101.82 -10.94 58.13
CA PRO KA 289 100.47 -11.27 57.64
C PRO KA 289 99.39 -11.03 58.69
N TYR KA 290 99.62 -11.49 59.90
CA TYR KA 290 98.83 -11.05 61.04
C TYR KA 290 99.15 -9.59 61.32
N ALA KA 291 98.25 -8.93 62.05
CA ALA KA 291 98.47 -7.56 62.50
C ALA KA 291 98.71 -6.62 61.32
N LYS KA 292 97.80 -6.65 60.38
CA LYS KA 292 97.84 -5.71 59.29
C LYS KA 292 97.38 -4.34 59.75
N PRO KA 293 97.89 -3.27 59.15
CA PRO KA 293 97.43 -1.93 59.54
C PRO KA 293 95.98 -1.73 59.19
N THR KA 294 95.40 -0.70 59.79
CA THR KA 294 93.98 -0.44 59.59
C THR KA 294 93.72 1.04 59.40
N SER KA 295 92.60 1.31 58.76
CA SER KA 295 91.87 2.56 58.89
C SER KA 295 91.05 2.50 60.17
N TRP KA 296 90.05 3.36 60.24
CA TRP KA 296 89.06 3.20 61.30
C TRP KA 296 89.63 3.46 62.68
N MET KA 297 89.84 4.73 62.93
CA MET KA 297 90.24 5.34 64.19
C MET KA 297 89.18 5.09 65.28
N THR KA 298 89.61 5.19 66.53
CA THR KA 298 88.72 5.01 67.65
C THR KA 298 87.81 6.23 67.83
N GLY KA 299 86.68 6.00 68.49
CA GLY KA 299 85.77 7.07 68.78
C GLY KA 299 86.35 8.10 69.73
N PRO KA 300 85.79 9.31 69.72
CA PRO KA 300 86.37 10.38 70.51
C PRO KA 300 86.00 10.31 71.98
N GLY KA 301 86.85 10.90 72.81
CA GLY KA 301 86.60 11.00 74.23
C GLY KA 301 87.46 12.10 74.80
N LEU KA 302 87.17 12.48 76.05
CA LEU KA 302 88.02 13.39 76.80
C LEU KA 302 88.35 12.77 78.13
N LEU KA 303 89.59 12.32 78.30
CA LEU KA 303 90.02 11.63 79.51
C LEU KA 303 90.92 12.43 80.44
N SER KA 304 91.32 13.65 80.10
CA SER KA 304 92.40 14.27 80.86
C SER KA 304 91.90 14.88 82.16
N ALA KA 305 90.72 15.48 82.15
CA ALA KA 305 90.23 16.31 83.22
C ALA KA 305 89.90 15.48 84.46
N GLN KA 306 89.76 16.17 85.59
CA GLN KA 306 89.32 15.58 86.84
C GLN KA 306 88.28 16.49 87.47
N ARG KA 307 87.25 15.89 88.07
CA ARG KA 307 86.21 16.67 88.72
C ARG KA 307 86.82 17.57 89.80
N VAL KA 308 86.28 18.77 89.92
CA VAL KA 308 86.92 19.87 90.62
C VAL KA 308 86.11 20.28 91.83
N GLY KA 309 86.65 20.03 93.02
CA GLY KA 309 86.15 20.66 94.22
C GLY KA 309 85.06 19.89 94.92
N PRO KA 310 84.39 20.54 95.86
CA PRO KA 310 83.41 19.85 96.69
C PRO KA 310 82.11 19.60 95.95
N ALA KA 311 81.37 18.62 96.44
CA ALA KA 311 80.05 18.35 95.88
C ALA KA 311 79.10 19.51 96.17
N THR KA 312 78.02 19.55 95.40
CA THR KA 312 76.99 20.60 95.36
C THR KA 312 77.51 21.83 94.64
N SER KA 313 78.78 21.88 94.26
CA SER KA 313 79.37 22.97 93.50
C SER KA 313 79.36 22.72 92.00
N ASP KA 314 78.70 21.65 91.54
CA ASP KA 314 78.71 21.24 90.13
C ASP KA 314 80.11 20.89 89.66
N THR KA 315 80.61 19.74 90.09
CA THR KA 315 81.91 19.28 89.62
C THR KA 315 81.71 18.40 88.39
N GLY KA 316 82.05 18.93 87.23
CA GLY KA 316 81.85 18.18 85.99
C GLY KA 316 83.10 17.64 85.35
N ALA KA 317 84.26 18.13 85.77
CA ALA KA 317 85.58 17.97 85.19
C ALA KA 317 85.70 18.67 83.84
N TRP KA 318 84.59 19.01 83.18
CA TRP KA 318 84.60 19.84 82.00
C TRP KA 318 83.44 20.81 82.14
N MET KA 319 83.74 22.10 82.21
CA MET KA 319 82.70 23.12 82.31
C MET KA 319 82.64 23.84 80.98
N VAL KA 320 81.43 23.96 80.43
CA VAL KA 320 81.27 24.61 79.15
C VAL KA 320 81.25 26.13 79.31
N ALA KA 321 80.53 26.61 80.30
CA ALA KA 321 80.38 28.03 80.62
C ALA KA 321 80.05 28.92 79.42
N VAL KA 322 80.43 30.20 79.52
CA VAL KA 322 80.23 31.19 78.47
C VAL KA 322 81.43 32.12 78.36
N LYS KA 323 81.69 32.88 79.41
CA LYS KA 323 82.70 33.93 79.43
C LYS KA 323 82.46 35.02 78.37
N PRO KA 324 81.43 35.85 78.54
CA PRO KA 324 81.38 37.09 77.77
C PRO KA 324 82.57 37.97 78.09
N GLU KA 325 82.86 38.91 77.18
CA GLU KA 325 84.17 39.52 77.15
C GLU KA 325 84.44 40.34 78.42
N ASN KA 326 83.46 41.10 78.87
CA ASN KA 326 83.64 41.82 80.13
C ASN KA 326 82.89 41.14 81.27
N ALA KA 327 81.60 41.38 81.32
CA ALA KA 327 80.70 40.88 82.36
C ALA KA 327 81.31 41.18 83.74
N SER KA 328 81.11 40.26 84.68
CA SER KA 328 81.91 40.14 85.88
C SER KA 328 81.64 38.74 86.42
N ILE KA 329 82.59 38.23 87.20
CA ILE KA 329 82.50 36.85 87.65
C ILE KA 329 83.00 36.77 89.09
N ASP KA 330 82.26 36.03 89.91
CA ASP KA 330 82.64 35.74 91.27
C ASP KA 330 83.69 34.63 91.25
N THR KA 331 83.96 34.01 92.40
CA THR KA 331 84.75 32.79 92.40
C THR KA 331 84.14 31.82 91.39
N GLY KA 332 84.99 31.20 90.58
CA GLY KA 332 84.53 30.45 89.44
C GLY KA 332 84.87 31.07 88.11
N MET KA 333 84.78 30.37 86.97
CA MET KA 333 84.46 28.93 86.78
C MET KA 333 83.23 28.44 87.59
N SER KA 334 83.41 27.43 88.43
CA SER KA 334 82.39 26.96 89.36
C SER KA 334 81.06 26.59 88.62
N GLY KA 335 79.89 27.24 88.76
CA GLY KA 335 79.60 28.62 89.14
C GLY KA 335 79.17 29.42 87.93
N ILE KA 336 79.59 28.97 86.75
CA ILE KA 336 79.02 29.38 85.48
C ILE KA 336 79.06 28.16 84.57
N GLY KA 337 78.06 28.07 83.70
CA GLY KA 337 78.00 26.95 82.78
C GLY KA 337 77.75 25.63 83.47
N SER KA 338 77.87 24.57 82.68
CA SER KA 338 77.42 23.24 83.08
C SER KA 338 78.56 22.25 82.98
N GLY KA 339 78.55 21.25 83.84
CA GLY KA 339 79.51 20.17 83.72
C GLY KA 339 79.14 19.23 82.59
N PHE KA 340 80.15 18.80 81.85
CA PHE KA 340 79.96 17.87 80.75
C PHE KA 340 80.20 16.45 81.24
N ASP KA 341 79.20 15.59 81.12
CA ASP KA 341 79.24 14.29 81.74
C ASP KA 341 78.51 13.26 80.88
N PRO KA 342 79.04 12.02 80.78
CA PRO KA 342 80.43 11.60 80.96
C PRO KA 342 81.33 11.88 79.78
N PRO KA 343 82.48 12.52 80.00
CA PRO KA 343 83.61 12.25 79.15
C PRO KA 343 84.48 11.09 79.67
N GLN KA 344 85.04 10.16 78.89
CA GLN KA 344 84.45 9.53 77.71
C GLN KA 344 84.01 10.50 76.59
N GLY KA 345 82.95 10.30 75.80
CA GLY KA 345 82.21 9.08 75.52
C GLY KA 345 83.07 8.01 74.90
N SER KA 346 82.54 6.80 74.81
CA SER KA 346 83.30 5.64 74.35
C SER KA 346 84.59 5.53 75.13
N LEU KA 347 85.69 5.20 74.44
CA LEU KA 347 87.04 5.42 74.92
C LEU KA 347 87.21 5.01 76.37
N ALA KA 348 87.30 3.72 76.63
CA ALA KA 348 87.04 3.14 77.96
C ALA KA 348 87.72 3.95 79.06
N PRO KA 349 87.01 4.28 80.13
CA PRO KA 349 87.52 5.25 81.11
C PRO KA 349 88.61 4.67 81.98
N THR KA 350 89.30 5.58 82.66
CA THR KA 350 90.37 5.21 83.58
C THR KA 350 89.80 4.74 84.90
N ASN KA 351 89.18 5.63 85.66
CA ASN KA 351 88.63 5.22 86.94
C ASN KA 351 87.14 5.48 87.00
N LEU KA 352 86.57 5.23 88.18
CA LEU KA 352 85.15 5.32 88.44
C LEU KA 352 84.60 6.71 88.11
N GLU KA 353 85.48 7.72 88.17
CA GLU KA 353 85.04 9.10 88.06
C GLU KA 353 84.33 9.38 86.74
N TYR KA 354 84.66 8.62 85.69
CA TYR KA 354 84.05 8.78 84.37
C TYR KA 354 82.95 7.78 84.08
N LYS KA 355 82.63 6.89 85.01
CA LYS KA 355 81.94 5.65 84.72
C LYS KA 355 80.42 5.82 84.79
N ILE KA 356 79.94 7.05 84.87
CA ILE KA 356 78.58 7.45 85.21
C ILE KA 356 78.27 6.87 86.58
N GLN KA 357 76.98 6.72 86.90
CA GLN KA 357 76.49 6.16 88.15
C GLN KA 357 75.02 6.59 88.25
N TRP KA 358 74.19 5.92 89.04
CA TRP KA 358 72.93 6.52 89.47
C TRP KA 358 72.39 5.73 90.65
N TYR KA 359 71.47 6.36 91.38
CA TYR KA 359 71.00 5.74 92.62
C TYR KA 359 69.74 4.94 92.45
N GLN KA 360 69.07 5.07 91.30
CA GLN KA 360 67.81 4.37 91.00
C GLN KA 360 66.84 4.39 92.17
N THR KA 361 66.84 5.47 92.94
CA THR KA 361 66.05 5.60 94.15
C THR KA 361 66.27 6.98 94.74
N PRO KA 362 65.20 7.67 95.14
CA PRO KA 362 65.40 8.96 95.81
C PRO KA 362 65.95 8.81 97.21
N GLN KA 363 65.68 7.69 97.87
CA GLN KA 363 66.21 7.48 99.22
C GLN KA 363 67.69 7.17 99.21
N GLY KA 364 68.29 7.01 98.03
CA GLY KA 364 69.69 6.64 97.95
C GLY KA 364 70.65 7.61 98.58
N THR KA 365 71.44 7.13 99.54
CA THR KA 365 72.46 7.93 100.19
C THR KA 365 73.73 7.88 99.35
N ASN KA 366 74.85 8.35 99.90
CA ASN KA 366 76.08 8.43 99.12
C ASN KA 366 76.44 7.08 98.51
N ASN KA 367 76.64 6.05 99.33
CA ASN KA 367 76.72 4.69 98.83
C ASN KA 367 75.53 3.91 99.37
N ASN KA 368 74.56 3.68 98.50
CA ASN KA 368 73.32 2.92 98.67
C ASN KA 368 72.60 3.09 97.35
N GLY KA 369 71.71 2.18 96.99
CA GLY KA 369 71.28 2.22 95.61
C GLY KA 369 72.56 2.15 94.79
N ASN KA 370 72.81 3.20 94.02
CA ASN KA 370 74.17 3.51 93.57
C ASN KA 370 74.71 2.45 92.61
N ILE KA 371 73.91 2.07 91.62
CA ILE KA 371 74.41 1.12 90.63
C ILE KA 371 75.28 1.86 89.64
N ILE KA 372 76.40 1.27 89.29
CA ILE KA 372 77.44 1.92 88.51
C ILE KA 372 77.51 1.27 87.15
N SER KA 373 77.67 2.07 86.11
CA SER KA 373 77.78 1.53 84.77
C SER KA 373 79.01 0.66 84.64
N ASN KA 374 78.99 -0.23 83.66
CA ASN KA 374 80.04 -1.23 83.49
C ASN KA 374 80.30 -1.41 82.00
N GLN KA 375 81.37 -2.12 81.68
CA GLN KA 375 81.68 -2.32 80.26
C GLN KA 375 80.79 -3.39 79.65
N PRO KA 376 80.22 -3.15 78.47
CA PRO KA 376 79.37 -4.17 77.84
C PRO KA 376 80.12 -5.40 77.40
N LEU KA 377 81.46 -5.32 77.33
CA LEU KA 377 82.35 -6.31 76.76
C LEU KA 377 82.22 -6.34 75.24
N SER KA 378 81.33 -5.55 74.66
CA SER KA 378 81.35 -5.26 73.24
C SER KA 378 82.68 -4.63 72.88
N MET KA 379 83.16 -4.92 71.67
CA MET KA 379 84.51 -4.53 71.29
C MET KA 379 84.57 -3.18 70.61
N LEU KA 380 83.47 -2.46 70.49
CA LEU KA 380 83.52 -1.26 69.66
C LEU KA 380 84.21 -0.01 70.20
N ARG KA 381 83.76 0.78 71.20
CA ARG KA 381 83.05 0.58 72.50
C ARG KA 381 84.05 0.41 73.67
N ASP KA 382 85.33 0.24 73.37
CA ASP KA 382 86.33 0.29 74.44
C ASP KA 382 87.38 1.34 74.10
N GLN KA 383 88.12 1.12 73.02
CA GLN KA 383 88.77 2.18 72.26
C GLN KA 383 89.74 3.00 73.12
N ALA KA 384 90.88 2.39 73.39
CA ALA KA 384 92.01 3.19 73.83
C ALA KA 384 92.64 3.90 72.63
N LEU KA 385 93.68 4.69 72.89
CA LEU KA 385 94.55 5.17 71.85
C LEU KA 385 95.90 5.47 72.48
N PHE KA 386 96.97 5.26 71.73
CA PHE KA 386 98.30 5.10 72.32
C PHE KA 386 99.32 6.11 71.81
N ARG KA 387 99.55 6.21 70.51
CA ARG KA 387 100.55 7.14 69.98
C ARG KA 387 101.91 6.75 70.57
N GLY KA 388 102.80 7.71 70.79
CA GLY KA 388 104.07 7.50 71.47
C GLY KA 388 104.94 6.42 70.86
N ASN KA 389 106.03 6.11 71.54
CA ASN KA 389 106.90 7.11 72.13
C ASN KA 389 108.12 7.15 71.23
N GLN KA 390 108.08 6.26 70.23
CA GLN KA 390 109.19 5.64 69.49
C GLN KA 390 109.74 4.45 70.28
N THR KA 391 109.36 4.30 71.55
CA THR KA 391 109.81 3.22 72.40
C THR KA 391 108.61 2.51 73.04
N THR KA 392 107.77 3.27 73.74
CA THR KA 392 106.60 2.73 74.43
C THR KA 392 105.36 3.42 73.89
N TYR KA 393 104.22 2.75 74.01
CA TYR KA 393 102.93 3.39 73.75
C TYR KA 393 102.42 4.01 75.04
N ASN KA 394 101.82 5.20 74.94
CA ASN KA 394 101.34 5.93 76.10
C ASN KA 394 99.91 6.40 75.86
N LEU KA 395 98.97 5.88 76.63
CA LEU KA 395 97.56 6.25 76.47
C LEU KA 395 97.39 7.75 76.47
N CYS KA 396 96.69 8.26 75.45
CA CYS KA 396 96.63 9.69 75.20
C CYS KA 396 95.27 10.25 75.60
N SER KA 397 95.30 11.38 76.29
CA SER KA 397 94.13 12.17 76.61
C SER KA 397 93.56 12.79 75.33
N ASP KA 398 92.33 13.30 75.45
CA ASP KA 398 91.57 13.84 74.32
C ASP KA 398 91.24 12.73 73.34
N VAL KA 399 91.71 12.81 72.09
CA VAL KA 399 91.11 12.13 70.94
C VAL KA 399 89.79 12.80 70.56
N TRP KA 400 89.89 13.94 69.88
CA TRP KA 400 88.78 14.65 69.29
C TRP KA 400 88.27 13.93 68.04
N MET KA 401 87.34 14.55 67.33
CA MET KA 401 86.80 13.93 66.13
C MET KA 401 87.86 13.82 65.04
N PHE KA 402 87.77 12.75 64.26
CA PHE KA 402 88.73 12.40 63.24
C PHE KA 402 87.99 11.65 62.15
N PRO KA 403 88.43 11.76 60.88
CA PRO KA 403 87.60 11.27 59.77
C PRO KA 403 87.14 9.82 59.84
N ASN KA 404 88.02 8.91 60.20
CA ASN KA 404 87.70 7.49 60.09
C ASN KA 404 87.11 6.90 61.35
N GLN KA 405 86.78 7.73 62.33
CA GLN KA 405 86.41 7.20 63.64
C GLN KA 405 85.15 6.36 63.60
N ILE KA 406 85.16 5.29 64.39
CA ILE KA 406 83.95 4.55 64.72
C ILE KA 406 83.88 4.40 66.22
N TRP KA 407 82.71 4.68 66.79
CA TRP KA 407 82.43 4.35 68.16
C TRP KA 407 81.04 3.75 68.19
N ASP KA 408 80.71 3.15 69.32
CA ASP KA 408 79.40 2.57 69.50
C ASP KA 408 78.66 3.39 70.53
N ARG KA 409 77.41 3.72 70.22
CA ARG KA 409 76.62 4.53 71.12
C ARG KA 409 76.47 3.81 72.45
N TYR KA 410 76.30 4.58 73.52
CA TYR KA 410 76.26 4.02 74.85
C TYR KA 410 75.24 2.88 74.92
N PRO KA 411 75.59 1.75 75.54
CA PRO KA 411 74.73 0.56 75.47
C PRO KA 411 73.38 0.72 76.11
N ILE KA 412 73.20 1.80 76.87
CA ILE KA 412 72.05 2.10 77.73
C ILE KA 412 71.70 0.91 78.60
N THR KA 413 70.42 0.80 78.98
CA THR KA 413 69.91 -0.17 79.94
C THR KA 413 68.45 0.17 80.20
N ARG KA 414 67.77 -0.61 81.03
CA ARG KA 414 66.36 -0.34 81.29
C ARG KA 414 66.13 0.95 82.06
N GLU KA 415 67.14 1.45 82.77
CA GLU KA 415 66.99 2.61 83.63
C GLU KA 415 67.18 3.93 82.92
N ASN KA 416 67.43 3.93 81.64
CA ASN KA 416 67.89 5.14 80.98
C ASN KA 416 66.72 5.96 80.45
N PRO KA 417 66.95 7.26 80.24
CA PRO KA 417 65.98 8.06 79.50
C PRO KA 417 65.94 7.64 78.04
N ILE KA 418 64.73 7.65 77.48
CA ILE KA 418 64.56 7.26 76.10
C ILE KA 418 65.16 8.30 75.17
N TRP KA 419 64.78 9.56 75.36
CA TRP KA 419 65.15 10.62 74.44
C TRP KA 419 65.71 11.81 75.20
N CYS KA 420 66.28 12.73 74.43
CA CYS KA 420 66.73 14.03 74.89
C CYS KA 420 66.49 15.01 73.76
N LYS KA 421 66.14 16.24 74.11
CA LYS KA 421 65.85 17.22 73.07
C LYS KA 421 67.13 17.82 72.54
N LYS KA 422 67.28 17.80 71.22
CA LYS KA 422 68.41 18.45 70.57
C LYS KA 422 68.11 19.94 70.45
N PRO KA 423 68.86 20.79 71.14
CA PRO KA 423 68.55 22.23 71.12
C PRO KA 423 68.74 22.84 69.74
N ARG KA 424 67.83 23.75 69.40
CA ARG KA 424 67.86 24.40 68.10
C ARG KA 424 69.06 25.33 68.01
N SER KA 425 69.87 25.14 66.99
CA SER KA 425 71.03 25.99 66.78
C SER KA 425 71.43 25.90 65.32
N ASP KA 426 72.21 26.88 64.89
CA ASP KA 426 72.62 26.93 63.49
C ASP KA 426 73.43 25.70 63.12
N LYS KA 427 74.52 25.45 63.83
CA LYS KA 427 75.47 24.41 63.47
C LYS KA 427 75.60 23.41 64.61
N HIS KA 428 75.89 22.16 64.24
CA HIS KA 428 76.16 21.13 65.22
C HIS KA 428 76.92 20.00 64.55
N THR KA 429 77.56 19.19 65.38
CA THR KA 429 78.29 17.99 64.95
C THR KA 429 77.40 16.77 65.00
N THR KA 430 78.01 15.57 65.01
CA THR KA 430 77.27 14.32 64.75
C THR KA 430 76.04 14.15 65.63
N ILE KA 431 76.03 14.74 66.82
CA ILE KA 431 74.95 14.58 67.79
C ILE KA 431 74.80 13.13 68.22
N ASP KA 432 75.76 12.62 68.99
CA ASP KA 432 75.56 11.37 69.71
C ASP KA 432 75.64 11.64 71.19
N PRO KA 433 74.52 11.66 71.93
CA PRO KA 433 74.60 11.91 73.37
C PRO KA 433 75.29 10.78 74.09
N PHE KA 434 76.15 11.14 75.04
CA PHE KA 434 76.91 10.15 75.78
C PHE KA 434 76.15 9.57 76.96
N ASP KA 435 74.92 10.00 77.15
CA ASP KA 435 74.01 9.41 78.11
C ASP KA 435 73.27 8.24 77.50
N GLY KA 436 73.64 7.85 76.30
CA GLY KA 436 72.76 7.02 75.50
C GLY KA 436 71.59 7.87 75.07
N SER KA 437 70.39 7.43 75.42
CA SER KA 437 69.17 8.15 75.07
C SER KA 437 69.12 8.45 73.57
N LEU KA 438 68.59 9.61 73.22
CA LEU KA 438 68.36 9.95 71.82
C LEU KA 438 68.27 11.45 71.72
N ALA KA 439 68.41 11.96 70.51
CA ALA KA 439 68.23 13.37 70.23
C ALA KA 439 67.16 13.52 69.17
N MET KA 440 66.24 14.44 69.41
CA MET KA 440 65.19 14.71 68.43
C MET KA 440 64.98 16.20 68.33
N ASP KA 441 64.68 16.67 67.11
CA ASP KA 441 64.26 18.05 66.94
C ASP KA 441 63.08 18.36 67.84
N HIS KA 442 62.00 17.62 67.66
CA HIS KA 442 60.83 17.72 68.52
C HIS KA 442 60.63 16.40 69.24
N PRO KA 443 60.97 16.31 70.51
CA PRO KA 443 60.64 15.13 71.28
C PRO KA 443 59.16 15.13 71.61
N PRO KA 444 58.68 14.16 72.38
CA PRO KA 444 57.30 14.27 72.87
C PRO KA 444 57.11 15.58 73.61
N GLY KA 445 56.08 16.31 73.22
CA GLY KA 445 55.79 17.56 73.90
C GLY KA 445 55.39 17.30 75.33
N THR KA 446 56.02 18.04 76.25
CA THR KA 446 55.69 17.87 77.65
C THR KA 446 54.24 18.28 77.89
N ILE KA 447 53.51 17.43 78.60
CA ILE KA 447 52.13 17.72 78.96
C ILE KA 447 52.13 18.38 80.32
N PHE KA 448 51.59 19.59 80.38
CA PHE KA 448 51.54 20.37 81.60
C PHE KA 448 50.12 20.34 82.14
N ILE KA 449 50.01 20.41 83.46
CA ILE KA 449 48.72 20.32 84.11
C ILE KA 449 48.75 21.14 85.39
N LYS KA 450 47.63 21.79 85.69
CA LYS KA 450 47.53 22.73 86.79
C LYS KA 450 46.14 22.62 87.38
N MET KA 451 45.96 23.17 88.58
CA MET KA 451 44.76 22.95 89.36
C MET KA 451 43.69 24.03 89.21
N ALA KA 452 43.86 24.99 88.32
CA ALA KA 452 42.77 25.93 88.04
C ALA KA 452 42.36 26.71 89.27
N LYS KA 453 43.12 27.74 89.62
CA LYS KA 453 42.92 28.48 90.85
C LYS KA 453 41.46 28.84 91.06
N ILE KA 454 40.94 28.49 92.22
CA ILE KA 454 39.59 28.86 92.60
C ILE KA 454 39.72 29.84 93.76
N PRO KA 455 39.50 31.12 93.54
CA PRO KA 455 39.72 32.10 94.60
C PRO KA 455 38.57 32.12 95.58
N VAL KA 456 38.74 32.91 96.63
CA VAL KA 456 37.71 33.02 97.66
C VAL KA 456 37.66 34.49 98.08
N PRO KA 457 36.49 35.02 98.40
CA PRO KA 457 36.38 36.45 98.68
C PRO KA 457 36.99 36.83 100.01
N SER KA 458 37.52 38.04 100.06
CA SER KA 458 38.08 38.60 101.29
C SER KA 458 37.98 40.11 101.24
N ASN KA 459 38.36 40.75 102.34
CA ASN KA 459 38.26 42.20 102.46
C ASN KA 459 39.46 42.91 101.85
N ASN KA 460 40.66 42.38 102.08
CA ASN KA 460 41.92 43.06 101.77
C ASN KA 460 42.03 43.73 100.38
N ASN KA 461 41.71 43.03 99.28
CA ASN KA 461 41.24 41.66 99.25
C ASN KA 461 42.35 40.72 98.83
N ALA KA 462 42.01 39.43 98.80
CA ALA KA 462 42.92 38.37 98.41
C ALA KA 462 44.20 38.39 99.29
N ASP KA 463 45.37 37.90 98.86
CA ASP KA 463 45.49 36.73 97.98
C ASP KA 463 45.08 35.49 98.76
N SER KA 464 44.07 34.81 98.22
CA SER KA 464 43.55 33.63 98.87
C SER KA 464 42.89 32.76 97.80
N TYR KA 465 42.87 31.46 98.06
CA TYR KA 465 42.39 30.51 97.07
C TYR KA 465 41.93 29.26 97.80
N LEU KA 466 41.18 28.45 97.07
CA LEU KA 466 40.61 27.24 97.64
C LEU KA 466 41.58 26.09 97.43
N ASN KA 467 41.75 25.26 98.46
CA ASN KA 467 42.79 24.24 98.47
C ASN KA 467 42.21 22.94 97.93
N ILE KA 468 42.68 22.51 96.76
CA ILE KA 468 42.17 21.33 96.07
C ILE KA 468 43.34 20.56 95.49
N TYR KA 469 43.05 19.35 95.02
CA TYR KA 469 44.02 18.58 94.25
C TYR KA 469 43.27 17.70 93.28
N CYS KA 470 43.97 17.27 92.25
CA CYS KA 470 43.39 16.45 91.21
C CYS KA 470 43.99 15.06 91.26
N THR KA 471 43.23 14.09 90.76
CA THR KA 471 43.67 12.72 90.74
C THR KA 471 43.07 12.08 89.51
N GLY KA 472 43.84 11.23 88.84
CA GLY KA 472 43.34 10.67 87.61
C GLY KA 472 44.29 9.64 87.07
N GLN KA 473 44.06 9.28 85.81
CA GLN KA 473 44.78 8.18 85.21
C GLN KA 473 45.34 8.59 83.86
N VAL KA 474 46.65 8.49 83.72
CA VAL KA 474 47.33 8.67 82.44
C VAL KA 474 47.56 7.29 81.84
N SER KA 475 47.31 7.16 80.55
CA SER KA 475 47.66 5.94 79.84
C SER KA 475 48.60 6.32 78.73
N CYS KA 476 49.85 5.92 78.84
CA CYS KA 476 50.84 6.18 77.80
C CYS KA 476 51.02 4.91 77.00
N GLU KA 477 50.53 4.91 75.78
CA GLU KA 477 50.60 3.75 74.89
C GLU KA 477 51.49 4.13 73.71
N ILE KA 478 52.67 3.52 73.63
CA ILE KA 478 53.64 3.90 72.62
C ILE KA 478 53.99 2.68 71.77
N VAL KA 479 54.18 2.92 70.49
CA VAL KA 479 54.49 1.89 69.52
C VAL KA 479 55.96 1.96 69.19
N TRP KA 480 56.60 0.81 69.07
CA TRP KA 480 58.04 0.73 68.86
C TRP KA 480 58.30 0.05 67.54
N GLU KA 481 58.91 0.76 66.60
CA GLU KA 481 59.48 0.08 65.45
C GLU KA 481 60.58 -0.84 65.93
N VAL KA 482 60.49 -2.11 65.54
CA VAL KA 482 61.38 -3.12 66.09
C VAL KA 482 61.80 -4.04 64.96
N GLU KA 483 63.05 -4.52 65.03
CA GLU KA 483 63.61 -5.38 63.99
C GLU KA 483 64.24 -6.59 64.63
N ARG KA 484 63.99 -7.76 64.06
CA ARG KA 484 64.37 -9.03 64.66
C ARG KA 484 65.62 -9.57 64.00
N TYR KA 485 66.46 -10.25 64.78
CA TYR KA 485 67.80 -10.57 64.33
C TYR KA 485 67.88 -11.97 63.75
N ALA KA 486 68.69 -12.11 62.71
CA ALA KA 486 69.10 -13.39 62.18
C ALA KA 486 70.60 -13.35 61.94
N THR KA 487 71.26 -14.46 62.20
CA THR KA 487 72.72 -14.47 62.07
C THR KA 487 73.20 -15.85 61.69
N LYS KA 488 74.40 -15.90 61.13
CA LYS KA 488 75.01 -17.14 60.70
C LYS KA 488 75.95 -17.73 61.74
N ASN KA 489 76.04 -17.12 62.90
CA ASN KA 489 76.90 -17.67 63.95
C ASN KA 489 76.45 -19.06 64.32
N TRP KA 490 77.41 -19.94 64.53
CA TRP KA 490 77.12 -21.31 64.94
C TRP KA 490 76.83 -21.40 66.43
N ARG KA 491 77.43 -20.55 67.22
CA ARG KA 491 77.48 -20.70 68.66
C ARG KA 491 76.31 -20.02 69.36
N PRO KA 492 76.07 -20.38 70.63
CA PRO KA 492 74.85 -19.96 71.32
C PRO KA 492 74.67 -18.46 71.54
N GLU KA 493 75.69 -17.63 71.38
CA GLU KA 493 75.65 -16.18 71.70
C GLU KA 493 75.28 -16.02 73.18
N ARG KA 494 74.50 -15.01 73.55
CA ARG KA 494 74.32 -14.64 74.93
C ARG KA 494 72.94 -14.03 75.11
N ARG KA 495 72.36 -14.24 76.28
CA ARG KA 495 71.04 -13.70 76.59
C ARG KA 495 71.10 -13.12 77.99
N HIS KA 496 69.95 -12.65 78.47
CA HIS KA 496 69.83 -12.16 79.83
C HIS KA 496 69.02 -13.14 80.65
N THR KA 497 69.71 -13.90 81.48
CA THR KA 497 69.09 -14.76 82.46
C THR KA 497 68.73 -13.96 83.71
N THR KA 498 67.78 -14.51 84.48
CA THR KA 498 67.64 -14.10 85.85
C THR KA 498 68.87 -14.44 86.67
N PHE KA 499 69.74 -15.32 86.19
CA PHE KA 499 70.88 -15.68 87.02
C PHE KA 499 71.85 -14.54 87.19
N GLY KA 500 71.84 -13.55 86.30
CA GLY KA 500 72.55 -12.31 86.59
C GLY KA 500 71.97 -11.60 87.79
N LEU KA 501 70.68 -11.81 88.04
CA LEU KA 501 69.99 -11.19 89.16
C LEU KA 501 70.40 -11.84 90.47
N GLY KA 502 70.11 -11.17 91.58
CA GLY KA 502 70.47 -11.68 92.88
C GLY KA 502 69.44 -11.31 93.92
N ILE KA 503 69.51 -12.00 95.05
CA ILE KA 503 68.48 -11.98 96.08
C ILE KA 503 68.67 -10.75 96.95
N GLY KA 504 67.58 -10.18 97.45
CA GLY KA 504 67.69 -9.01 98.30
C GLY KA 504 66.40 -8.65 98.99
N GLY KA 505 66.51 -7.67 99.88
CA GLY KA 505 65.41 -7.03 100.59
C GLY KA 505 65.06 -7.74 101.89
N ALA KA 506 64.67 -6.95 102.90
CA ALA KA 506 64.25 -7.42 104.21
C ALA KA 506 65.14 -8.53 104.75
N ASP KA 507 64.52 -9.57 105.29
CA ASP KA 507 65.16 -10.87 105.30
C ASP KA 507 65.34 -11.31 103.86
N ASN KA 508 66.52 -11.86 103.54
CA ASN KA 508 67.03 -11.82 102.17
C ASN KA 508 66.01 -12.25 101.14
N LEU KA 509 64.97 -12.97 101.55
CA LEU KA 509 64.00 -13.57 100.64
C LEU KA 509 63.44 -12.56 99.66
N ASN KA 510 63.04 -13.08 98.50
CA ASN KA 510 62.60 -12.49 97.24
C ASN KA 510 63.84 -12.09 96.45
N PRO KA 511 63.87 -12.30 95.13
CA PRO KA 511 65.13 -12.12 94.42
C PRO KA 511 65.53 -10.69 94.12
N THR KA 512 64.91 -10.09 93.12
CA THR KA 512 65.34 -8.76 92.68
C THR KA 512 64.18 -7.87 92.24
N TYR KA 513 63.53 -8.21 91.13
CA TYR KA 513 62.36 -7.44 90.75
C TYR KA 513 61.16 -8.14 91.36
N HIS KA 514 60.68 -7.60 92.48
CA HIS KA 514 59.73 -8.33 93.30
C HIS KA 514 59.48 -7.51 94.55
N VAL KA 515 58.38 -7.83 95.22
CA VAL KA 515 57.99 -7.10 96.41
C VAL KA 515 58.67 -7.64 97.66
N ASP KA 516 58.79 -6.77 98.66
CA ASP KA 516 59.27 -7.10 100.00
C ASP KA 516 58.08 -7.54 100.86
N LYS KA 517 58.25 -7.62 102.19
CA LYS KA 517 57.19 -8.24 103.00
C LYS KA 517 56.07 -7.47 103.79
N ASN KA 518 56.00 -6.16 104.07
CA ASN KA 518 56.95 -5.04 103.98
C ASN KA 518 56.96 -4.42 102.60
N GLY KA 519 56.08 -4.89 101.72
CA GLY KA 519 56.38 -4.87 100.31
C GLY KA 519 56.88 -3.55 99.78
N THR KA 520 58.13 -3.62 99.32
CA THR KA 520 58.85 -2.56 98.67
C THR KA 520 59.62 -3.21 97.55
N TYR KA 521 59.39 -2.74 96.34
CA TYR KA 521 59.99 -3.33 95.15
C TYR KA 521 61.51 -3.34 95.31
N ILE KA 522 62.11 -4.52 95.22
CA ILE KA 522 63.54 -4.63 95.45
C ILE KA 522 64.29 -4.03 94.27
N GLN KA 523 65.22 -3.23 94.54
CA GLN KA 523 65.84 -2.63 93.38
C GLN KA 523 67.02 -3.48 92.91
N PRO KA 524 67.25 -3.49 91.60
CA PRO KA 524 68.41 -4.18 91.06
C PRO KA 524 69.71 -3.51 91.50
N THR KA 525 70.65 -4.33 91.97
CA THR KA 525 71.90 -3.85 92.51
C THR KA 525 73.04 -4.15 91.53
N THR KA 526 73.81 -3.10 91.23
CA THR KA 526 74.76 -2.87 90.14
C THR KA 526 74.19 -3.04 88.73
N TRP KA 527 75.08 -3.27 87.76
CA TRP KA 527 74.76 -2.92 86.38
C TRP KA 527 74.10 -4.05 85.62
N ASP KA 528 74.59 -5.28 85.79
CA ASP KA 528 74.08 -6.39 85.01
C ASP KA 528 72.63 -6.71 85.32
N MET KA 529 72.19 -6.44 86.55
CA MET KA 529 70.79 -6.64 86.92
C MET KA 529 69.86 -6.03 85.89
N CYS KA 530 69.86 -4.69 85.81
CA CYS KA 530 69.27 -4.02 84.67
C CYS KA 530 69.94 -4.57 83.42
N PHE KA 531 69.14 -5.01 82.46
CA PHE KA 531 69.72 -5.78 81.38
C PHE KA 531 70.01 -4.88 80.20
N PRO KA 532 71.27 -4.54 79.95
CA PRO KA 532 71.58 -3.54 78.92
C PRO KA 532 71.47 -4.15 77.54
N VAL KA 533 71.00 -3.36 76.59
CA VAL KA 533 71.16 -3.78 75.21
C VAL KA 533 72.62 -3.62 74.83
N LYS KA 534 73.00 -4.25 73.72
CA LYS KA 534 74.31 -4.14 73.08
C LYS KA 534 75.30 -5.13 73.69
N THR KA 535 74.92 -5.84 74.75
CA THR KA 535 75.73 -6.90 75.30
C THR KA 535 75.37 -8.26 74.72
N ASN KA 536 74.40 -8.31 73.81
CA ASN KA 536 73.91 -9.58 73.29
C ASN KA 536 73.99 -9.61 71.78
N ILE KA 537 73.49 -10.70 71.23
CA ILE KA 537 73.53 -11.03 69.81
C ILE KA 537 74.98 -10.95 69.35
N ASN KA 538 75.18 -10.60 68.08
CA ASN KA 538 76.48 -10.30 67.50
C ASN KA 538 76.23 -9.57 66.19
N LYS KA 539 77.24 -8.90 65.68
CA LYS KA 539 77.17 -8.36 64.33
C LYS KA 539 78.53 -8.52 63.66
N VAL KA 540 78.53 -9.04 62.44
CA VAL KA 540 79.72 -8.91 61.62
C VAL KA 540 79.86 -7.45 61.23
N LEU KA 541 81.03 -6.88 61.51
CA LEU KA 541 81.25 -5.48 61.19
C LEU KA 541 81.42 -5.30 59.69
N GLY LA 34 67.26 45.03 17.12
CA GLY LA 34 67.47 46.32 16.50
C GLY LA 34 68.48 46.31 15.38
N SER LA 35 68.76 47.48 14.81
CA SER LA 35 69.71 47.60 13.72
C SER LA 35 70.25 49.03 13.69
N GLY LA 36 71.37 49.19 13.01
CA GLY LA 36 71.98 50.51 12.83
C GLY LA 36 73.14 50.72 13.77
N VAL LA 37 73.71 51.92 13.66
CA VAL LA 37 74.79 52.32 14.56
C VAL LA 37 74.31 52.28 16.00
N GLY LA 38 75.17 51.86 16.90
CA GLY LA 38 74.82 51.75 18.30
C GLY LA 38 74.25 50.41 18.71
N ILE LA 39 74.14 49.48 17.78
CA ILE LA 39 73.65 48.13 18.07
C ILE LA 39 74.72 47.18 17.55
N SER LA 40 75.37 46.44 18.45
CA SER LA 40 76.43 45.55 18.03
C SER LA 40 75.87 44.42 17.18
N THR LA 41 76.63 44.02 16.18
CA THR LA 41 76.11 43.03 15.25
C THR LA 41 76.23 41.62 15.79
N GLY LA 42 77.37 41.28 16.36
CA GLY LA 42 77.56 39.96 16.95
C GLY LA 42 78.52 40.06 18.11
N GLY LA 43 78.51 39.01 18.93
CA GLY LA 43 79.30 38.97 20.14
C GLY LA 43 80.58 38.16 19.97
N TRP LA 44 81.37 38.15 21.04
CA TRP LA 44 82.61 37.41 21.07
C TRP LA 44 82.32 35.92 21.13
N VAL LA 45 83.28 35.12 20.65
CA VAL LA 45 83.09 33.68 20.50
C VAL LA 45 84.43 32.99 20.78
N GLY LA 46 84.35 31.77 21.31
CA GLY LA 46 85.55 30.96 21.44
C GLY LA 46 85.32 29.79 22.38
N GLY LA 47 86.41 29.09 22.69
CA GLY LA 47 86.45 28.13 23.78
C GLY LA 47 86.48 26.65 23.40
N SER LA 48 86.52 26.35 22.11
CA SER LA 48 86.47 25.00 21.54
C SER LA 48 85.31 24.13 22.01
N TYR LA 49 85.44 22.81 21.82
CA TYR LA 49 84.31 21.92 22.12
C TYR LA 49 84.67 20.51 22.57
N PHE LA 50 85.26 19.72 21.65
CA PHE LA 50 85.67 18.33 21.86
C PHE LA 50 84.60 17.28 22.14
N THR LA 51 83.90 16.84 21.10
CA THR LA 51 83.14 15.59 21.10
C THR LA 51 83.90 14.53 20.31
N ASP LA 52 83.69 13.26 20.69
CA ASP LA 52 84.38 12.13 20.08
C ASP LA 52 84.39 12.17 18.56
N SER LA 53 83.27 12.55 17.96
CA SER LA 53 83.17 12.55 16.50
C SER LA 53 83.77 13.79 15.87
N TYR LA 54 83.73 14.94 16.55
CA TYR LA 54 84.22 16.17 15.95
C TYR LA 54 84.61 17.16 17.03
N VAL LA 55 85.46 18.11 16.64
CA VAL LA 55 85.93 19.18 17.51
C VAL LA 55 85.60 20.50 16.85
N ILE LA 56 84.91 21.37 17.58
CA ILE LA 56 84.55 22.69 17.10
C ILE LA 56 85.43 23.71 17.80
N THR LA 57 86.34 24.33 17.06
CA THR LA 57 87.17 25.40 17.59
C THR LA 57 86.61 26.73 17.16
N LYS LA 58 86.47 27.64 18.12
CA LYS LA 58 85.91 28.95 17.87
C LYS LA 58 86.93 30.00 18.30
N ASN LA 59 87.05 31.06 17.51
CA ASN LA 59 88.02 32.10 17.78
C ASN LA 59 87.47 33.43 17.34
N THR LA 60 87.96 34.50 17.94
CA THR LA 60 87.54 35.84 17.61
C THR LA 60 88.73 36.77 17.75
N ARG LA 61 88.77 37.81 16.93
CA ARG LA 61 89.93 38.69 16.88
C ARG LA 61 89.50 40.14 16.77
N GLN LA 62 90.47 41.01 16.94
CA GLN LA 62 90.32 42.43 16.66
C GLN LA 62 91.34 42.77 15.60
N PHE LA 63 90.90 43.36 14.50
CA PHE LA 63 91.79 43.61 13.37
C PHE LA 63 91.69 45.07 12.95
N LEU LA 64 92.64 45.51 12.13
CA LEU LA 64 92.51 46.82 11.52
C LEU LA 64 93.10 46.83 10.12
N VAL LA 65 92.44 47.60 9.25
CA VAL LA 65 92.85 47.76 7.86
C VAL LA 65 93.41 49.16 7.71
N LYS LA 66 94.60 49.26 7.13
CA LYS LA 66 95.43 50.45 7.26
C LYS LA 66 95.41 51.38 6.04
N ILE LA 67 94.69 51.04 4.97
CA ILE LA 67 94.86 51.71 3.67
C ILE LA 67 96.30 51.53 3.19
N GLN LA 68 96.64 50.35 2.71
CA GLN LA 68 97.96 50.14 2.16
C GLN LA 68 98.04 50.68 0.73
N ASN LA 69 99.22 51.23 0.40
CA ASN LA 69 99.61 51.50 -0.97
C ASN LA 69 98.75 52.57 -1.63
N ASN LA 70 98.42 53.61 -0.88
CA ASN LA 70 97.39 54.59 -1.27
C ASN LA 70 96.18 53.73 -1.63
N HIS LA 71 95.42 54.06 -2.65
CA HIS LA 71 94.53 53.05 -3.23
C HIS LA 71 95.01 52.52 -4.56
N GLN LA 72 96.09 53.08 -5.10
CA GLN LA 72 96.64 52.61 -6.35
C GLN LA 72 97.47 51.34 -6.14
N TYR LA 73 97.71 50.64 -7.24
CA TYR LA 73 98.35 49.33 -7.30
C TYR LA 73 99.88 49.38 -7.35
N LYS LA 74 100.42 49.99 -8.38
CA LYS LA 74 101.83 49.93 -8.75
C LYS LA 74 102.31 48.52 -9.04
N THR LA 75 103.62 48.29 -8.92
CA THR LA 75 104.24 47.00 -9.22
C THR LA 75 105.29 46.68 -8.16
N GLU LA 76 106.22 47.61 -7.96
CA GLU LA 76 107.17 47.72 -6.87
C GLU LA 76 108.51 47.02 -7.01
N LEU LA 77 108.64 46.06 -7.95
CA LEU LA 77 109.95 45.49 -8.31
C LEU LA 77 110.84 45.29 -7.08
N ILE LA 78 110.47 44.33 -6.24
CA ILE LA 78 110.84 44.40 -4.82
C ILE LA 78 112.34 44.54 -4.59
N SER LA 79 113.08 43.44 -4.69
CA SER LA 79 114.54 43.38 -4.65
C SER LA 79 115.12 43.87 -3.34
N PRO LA 80 116.25 43.33 -2.90
CA PRO LA 80 117.20 44.16 -2.14
C PRO LA 80 118.28 44.67 -3.07
N SER LA 81 119.23 45.45 -2.58
CA SER LA 81 120.43 45.71 -3.37
C SER LA 81 121.71 45.77 -2.52
N THR LA 82 122.72 44.93 -2.77
CA THR LA 82 122.72 43.59 -3.43
C THR LA 82 121.89 43.38 -4.70
N SER LA 83 122.12 44.23 -5.70
CA SER LA 83 121.39 44.16 -6.97
C SER LA 83 121.49 42.79 -7.63
N GLN LA 84 122.46 41.97 -7.22
CA GLN LA 84 122.55 40.60 -7.71
C GLN LA 84 121.35 39.75 -7.32
N GLY LA 85 120.48 40.24 -6.44
CA GLY LA 85 119.37 39.45 -5.96
C GLY LA 85 118.37 39.14 -7.05
N LYS LA 86 117.32 38.40 -6.65
CA LYS LA 86 116.32 37.97 -7.61
C LYS LA 86 115.52 39.15 -8.17
N SER LA 87 115.12 40.08 -7.30
CA SER LA 87 114.44 41.29 -7.71
C SER LA 87 113.12 41.01 -8.40
N GLN LA 88 112.30 40.17 -7.77
CA GLN LA 88 110.97 39.90 -8.29
C GLN LA 88 110.16 41.19 -8.38
N ARG LA 89 109.40 41.33 -9.46
CA ARG LA 89 108.71 42.59 -9.70
C ARG LA 89 107.44 42.70 -8.88
N CYS LA 90 106.73 41.59 -8.73
CA CYS LA 90 105.45 41.51 -8.03
C CYS LA 90 104.40 42.52 -8.50
N VAL LA 91 103.42 42.76 -7.64
CA VAL LA 91 102.35 43.73 -7.81
C VAL LA 91 101.86 44.07 -6.41
N SER LA 92 101.57 45.33 -6.15
CA SER LA 92 100.98 45.70 -4.87
C SER LA 92 99.55 46.12 -5.12
N THR LA 93 98.69 45.93 -4.14
CA THR LA 93 97.29 46.26 -4.26
C THR LA 93 96.83 47.01 -3.02
N PRO LA 94 95.76 47.79 -3.12
CA PRO LA 94 95.20 48.42 -1.92
C PRO LA 94 94.61 47.43 -0.94
N TRP LA 95 94.40 46.19 -1.36
CA TRP LA 95 93.66 45.22 -0.56
C TRP LA 95 94.52 44.61 0.53
N SER LA 96 93.87 44.21 1.61
CA SER LA 96 94.44 43.40 2.66
C SER LA 96 93.62 42.13 2.75
N TYR LA 97 94.17 41.10 3.38
CA TYR LA 97 93.48 39.83 3.39
C TYR LA 97 93.62 39.14 4.74
N PHE LA 98 92.66 38.25 5.00
CA PHE LA 98 92.66 37.43 6.19
C PHE LA 98 93.31 36.10 5.90
N ASN LA 99 94.38 35.78 6.62
CA ASN LA 99 95.03 34.48 6.53
C ASN LA 99 94.67 33.70 7.77
N PHE LA 100 93.87 32.66 7.63
CA PHE LA 100 93.49 31.80 8.74
C PHE LA 100 94.32 30.54 8.84
N ASN LA 101 95.35 30.39 8.02
CA ASN LA 101 96.00 29.09 7.83
C ASN LA 101 97.13 28.95 8.83
N GLN LA 102 96.89 28.16 9.88
CA GLN LA 102 97.86 27.71 10.86
C GLN LA 102 97.08 26.95 11.92
N TYR LA 103 97.76 26.06 12.64
CA TYR LA 103 97.07 25.38 13.72
C TYR LA 103 97.06 26.19 14.99
N SER LA 104 98.18 26.83 15.31
CA SER LA 104 98.29 27.57 16.56
C SER LA 104 97.29 28.71 16.65
N SER LA 105 96.68 29.08 15.54
CA SER LA 105 95.65 30.12 15.59
C SER LA 105 94.34 29.57 16.13
N HIS LA 106 93.99 28.35 15.75
CA HIS LA 106 92.69 27.78 16.09
C HIS LA 106 92.70 26.92 17.33
N PHE LA 107 93.87 26.59 17.88
CA PHE LA 107 93.97 25.68 19.01
C PHE LA 107 94.81 26.30 20.10
N SER LA 108 94.25 26.37 21.30
CA SER LA 108 95.04 26.72 22.44
C SER LA 108 96.05 25.62 22.71
N PRO LA 109 97.13 25.93 23.41
CA PRO LA 109 98.09 24.88 23.76
C PRO LA 109 97.48 23.73 24.51
N GLN LA 110 96.34 23.91 25.17
CA GLN LA 110 95.62 22.76 25.73
C GLN LA 110 94.69 22.08 24.74
N ASP LA 111 93.96 22.84 23.93
CA ASP LA 111 93.09 22.21 22.94
C ASP LA 111 93.91 21.33 22.02
N TRP LA 112 94.90 21.90 21.35
CA TRP LA 112 96.01 21.11 20.87
C TRP LA 112 96.60 20.42 22.08
N GLN LA 113 97.04 19.17 21.92
CA GLN LA 113 97.41 18.27 23.00
C GLN LA 113 96.21 17.63 23.68
N ARG LA 114 95.02 18.21 23.54
CA ARG LA 114 93.87 17.39 23.85
C ARG LA 114 93.49 16.50 22.69
N LEU LA 115 93.61 17.00 21.47
CA LEU LA 115 93.42 16.12 20.32
C LEU LA 115 94.68 15.34 19.98
N THR LA 116 95.85 15.93 20.15
CA THR LA 116 97.08 15.22 19.83
C THR LA 116 97.24 14.01 20.73
N ASN LA 117 96.76 14.10 21.96
CA ASN LA 117 96.82 12.94 22.85
C ASN LA 117 95.66 11.99 22.60
N GLU LA 118 94.47 12.51 22.39
CA GLU LA 118 93.27 11.69 22.47
C GLU LA 118 92.74 11.19 21.14
N TYR LA 119 93.35 11.53 20.01
CA TYR LA 119 92.74 11.15 18.73
C TYR LA 119 93.76 10.63 17.73
N LYS LA 120 93.33 9.67 16.91
CA LYS LA 120 94.17 9.18 15.82
C LYS LA 120 94.40 10.24 14.76
N ARG LA 121 93.33 10.85 14.29
CA ARG LA 121 93.41 11.62 13.07
C ARG LA 121 92.34 12.68 13.09
N PHE LA 122 92.57 13.74 12.34
CA PHE LA 122 91.61 14.82 12.25
C PHE LA 122 91.80 15.55 10.94
N ARG LA 123 90.73 16.12 10.44
CA ARG LA 123 90.80 17.01 9.30
C ARG LA 123 89.74 18.05 9.47
N PRO LA 124 89.97 19.28 9.02
CA PRO LA 124 88.93 20.29 9.14
C PRO LA 124 87.74 19.94 8.24
N LYS LA 125 86.56 19.92 8.84
CA LYS LA 125 85.36 19.60 8.09
C LYS LA 125 84.77 20.82 7.39
N GLY LA 126 84.73 21.95 8.08
CA GLY LA 126 84.10 23.14 7.55
C GLY LA 126 84.64 24.36 8.26
N MET LA 127 84.24 25.52 7.76
CA MET LA 127 84.75 26.78 8.28
C MET LA 127 83.68 27.84 8.13
N HIS LA 128 83.57 28.71 9.12
CA HIS LA 128 82.55 29.75 9.12
C HIS LA 128 83.17 31.01 9.67
N VAL LA 129 83.16 32.08 8.88
CA VAL LA 129 83.84 33.31 9.23
C VAL LA 129 82.82 34.45 9.24
N LYS LA 130 82.94 35.33 10.22
CA LYS LA 130 82.01 36.44 10.37
C LYS LA 130 82.80 37.71 10.64
N ILE LA 131 82.64 38.71 9.77
CA ILE LA 131 83.11 40.05 10.01
C ILE LA 131 81.97 40.80 10.65
N TYR LA 132 82.25 41.54 11.72
CA TYR LA 132 81.20 42.30 12.37
C TYR LA 132 81.83 43.32 13.30
N ASN LA 133 80.98 44.13 13.91
CA ASN LA 133 81.40 45.19 14.83
C ASN LA 133 82.46 46.08 14.19
N LEU LA 134 82.16 46.56 12.99
CA LEU LA 134 83.12 47.36 12.25
C LEU LA 134 83.15 48.79 12.79
N GLN LA 135 84.30 49.45 12.61
CA GLN LA 135 84.48 50.83 13.03
C GLN LA 135 85.38 51.53 12.04
N ILE LA 136 85.02 52.74 11.64
CA ILE LA 136 85.85 53.56 10.76
C ILE LA 136 86.23 54.80 11.55
N LYS LA 137 87.51 54.97 11.84
CA LYS LA 137 87.91 55.95 12.84
C LYS LA 137 88.46 57.26 12.32
N GLN LA 138 88.69 57.43 11.01
CA GLN LA 138 89.02 58.74 10.47
C GLN LA 138 90.25 59.36 11.15
N ILE LA 139 91.43 58.86 10.78
CA ILE LA 139 92.66 59.45 11.27
C ILE LA 139 92.70 60.94 10.96
N LEU LA 140 93.12 61.73 11.93
CA LEU LA 140 93.45 63.14 11.71
C LEU LA 140 94.83 63.45 12.26
N SER LA 141 95.48 64.43 11.65
CA SER LA 141 96.78 64.91 12.10
C SER LA 141 96.77 66.43 12.08
N ASN LA 142 96.95 67.04 13.25
CA ASN LA 142 97.17 68.46 13.36
C ASN LA 142 98.64 68.82 13.32
N GLY LA 143 99.48 67.83 13.05
CA GLY LA 143 100.91 67.90 13.23
C GLY LA 143 101.24 67.23 14.56
N ALA LA 144 102.35 66.51 14.59
CA ALA LA 144 102.72 65.61 15.69
C ALA LA 144 101.51 64.73 15.99
N ASP LA 145 101.25 64.40 17.25
CA ASP LA 145 100.00 63.87 17.82
C ASP LA 145 99.26 62.87 16.92
N THR LA 146 97.93 62.93 16.98
CA THR LA 146 96.90 62.39 16.09
C THR LA 146 95.56 62.57 16.79
N THR LA 147 94.46 62.49 16.04
CA THR LA 147 93.14 62.42 16.64
C THR LA 147 92.29 61.50 15.79
N TYR LA 148 91.30 60.89 16.43
CA TYR LA 148 90.42 59.92 15.79
C TYR LA 148 88.99 60.37 16.09
N ASN LA 149 88.28 60.83 15.06
CA ASN LA 149 86.96 61.42 15.28
C ASN LA 149 85.88 60.37 15.25
N ASN LA 150 86.26 59.10 15.21
CA ASN LA 150 85.41 58.03 14.77
C ASN LA 150 84.96 58.41 13.37
N ASP LA 151 83.76 58.00 12.99
CA ASP LA 151 83.21 58.33 11.69
C ASP LA 151 81.90 57.58 11.54
N LEU LA 152 81.07 58.07 10.65
CA LEU LA 152 79.93 57.31 10.15
C LEU LA 152 79.89 57.58 8.65
N THR LA 153 78.91 57.02 7.98
CA THR LA 153 78.79 57.16 6.54
C THR LA 153 80.10 56.84 5.84
N ALA LA 154 80.78 55.79 6.27
CA ALA LA 154 81.98 55.30 5.62
C ALA LA 154 81.83 53.80 5.39
N GLY LA 155 82.71 53.21 4.60
CA GLY LA 155 82.50 51.87 4.12
C GLY LA 155 83.78 51.08 4.04
N VAL LA 156 83.60 49.77 3.92
CA VAL LA 156 84.68 48.81 3.86
C VAL LA 156 84.32 47.76 2.82
N HIS LA 157 85.22 47.53 1.88
CA HIS LA 157 85.01 46.50 0.87
C HIS LA 157 85.44 45.16 1.45
N ILE LA 158 84.64 44.13 1.23
CA ILE LA 158 84.96 42.79 1.69
C ILE LA 158 84.66 41.83 0.55
N PHE LA 159 85.66 41.05 0.16
CA PHE LA 159 85.57 40.19 -1.00
C PHE LA 159 86.15 38.83 -0.67
N CYS LA 160 85.49 37.78 -1.14
CA CYS LA 160 85.92 36.41 -0.90
C CYS LA 160 86.07 35.68 -2.23
N ASP LA 161 86.96 34.70 -2.27
CA ASP LA 161 87.16 33.87 -3.45
C ASP LA 161 86.48 32.52 -3.27
N GLY LA 162 85.39 32.29 -3.98
CA GLY LA 162 84.84 30.95 -4.02
C GLY LA 162 85.39 30.17 -5.20
N GLU LA 163 85.78 30.89 -6.25
CA GLU LA 163 86.30 30.27 -7.45
C GLU LA 163 87.80 30.11 -7.42
N HIS LA 164 88.48 30.77 -6.50
CA HIS LA 164 89.94 30.89 -6.48
C HIS LA 164 90.48 31.43 -7.79
N ALA LA 165 89.71 32.23 -8.51
CA ALA LA 165 90.31 33.20 -9.39
C ALA LA 165 91.08 34.19 -8.54
N TYR LA 166 92.02 34.89 -9.16
CA TYR LA 166 92.96 35.80 -8.52
C TYR LA 166 94.12 35.02 -7.89
N PRO LA 167 95.27 35.66 -7.80
CA PRO LA 167 96.51 34.93 -7.44
C PRO LA 167 96.61 34.36 -6.04
N ASN LA 168 95.65 34.61 -5.15
CA ASN LA 168 95.53 34.00 -3.82
C ASN LA 168 96.82 34.08 -2.97
N ALA LA 169 97.03 35.24 -2.35
CA ALA LA 169 98.27 35.53 -1.61
C ALA LA 169 98.71 34.39 -0.70
N THR LA 170 97.77 33.71 -0.05
CA THR LA 170 98.14 32.80 1.04
C THR LA 170 99.17 31.78 0.59
N HIS LA 171 100.27 31.74 1.34
CA HIS LA 171 101.36 30.79 1.23
C HIS LA 171 101.48 30.13 2.59
N PRO LA 172 101.79 28.82 2.64
CA PRO LA 172 101.67 28.11 3.92
C PRO LA 172 102.36 28.78 5.11
N TRP LA 173 103.61 29.17 4.99
CA TRP LA 173 104.32 29.62 6.19
C TRP LA 173 104.06 31.11 6.41
N ASP LA 174 104.64 31.95 5.59
CA ASP LA 174 104.43 33.40 5.63
C ASP LA 174 104.65 33.86 7.07
N GLU LA 175 103.75 34.64 7.63
CA GLU LA 175 103.87 35.29 8.92
C GLU LA 175 102.47 35.27 9.47
N ASP LA 176 102.22 36.06 10.51
CA ASP LA 176 100.88 36.59 10.81
C ASP LA 176 99.90 35.43 10.96
N VAL LA 177 98.97 35.24 10.03
CA VAL LA 177 97.78 34.42 10.19
C VAL LA 177 97.06 35.08 11.36
N MET LA 178 96.35 34.31 12.16
CA MET LA 178 95.75 34.90 13.34
C MET LA 178 96.79 34.88 14.45
N PRO LA 179 96.81 35.86 15.34
CA PRO LA 179 97.71 35.73 16.47
C PRO LA 179 97.27 34.53 17.30
N GLU LA 180 98.23 33.67 17.60
CA GLU LA 180 97.89 32.45 18.33
C GLU LA 180 97.16 32.74 19.62
N LEU LA 181 97.29 33.96 20.12
CA LEU LA 181 96.77 34.38 21.39
C LEU LA 181 95.64 35.38 21.15
N PRO LA 182 94.41 35.14 21.63
CA PRO LA 182 93.36 36.15 21.42
C PRO LA 182 93.67 37.45 22.15
N TYR LA 183 92.75 38.40 22.16
CA TYR LA 183 92.91 39.71 22.76
C TYR LA 183 94.06 40.48 22.12
N GLN LA 184 94.83 39.81 21.27
CA GLN LA 184 95.95 40.41 20.57
C GLN LA 184 95.44 40.91 19.23
N THR LA 185 95.48 42.21 19.02
CA THR LA 185 94.94 42.78 17.80
C THR LA 185 95.66 42.23 16.58
N TRP LA 186 94.92 42.07 15.50
CA TRP LA 186 95.44 41.38 14.33
C TRP LA 186 95.59 42.36 13.18
N TYR LA 187 96.82 42.69 12.85
CA TYR LA 187 97.09 43.63 11.77
C TYR LA 187 97.13 42.87 10.46
N LEU LA 188 96.30 43.30 9.52
CA LEU LA 188 96.25 42.69 8.21
C LEU LA 188 97.45 43.10 7.38
N PHE LA 189 97.71 42.32 6.34
CA PHE LA 189 98.86 42.51 5.47
C PHE LA 189 98.39 42.73 4.03
N GLN LA 190 99.18 43.52 3.32
CA GLN LA 190 98.81 43.94 1.97
C GLN LA 190 98.79 42.74 1.02
N TYR LA 191 97.85 42.76 0.09
CA TYR LA 191 97.75 41.71 -0.91
C TYR LA 191 98.60 42.07 -2.13
N GLY LA 192 99.41 41.11 -2.56
CA GLY LA 192 100.23 41.29 -3.73
C GLY LA 192 100.45 39.95 -4.39
N TYR LA 193 101.00 40.00 -5.59
CA TYR LA 193 101.25 38.76 -6.31
C TYR LA 193 102.32 38.97 -7.35
N ILE LA 194 102.96 37.87 -7.75
CA ILE LA 194 103.96 37.90 -8.79
C ILE LA 194 103.28 37.74 -10.14
N PRO LA 195 103.22 38.77 -10.98
CA PRO LA 195 102.66 38.57 -12.31
C PRO LA 195 103.50 37.66 -13.19
N VAL LA 196 104.81 37.87 -13.22
CA VAL LA 196 105.74 37.09 -14.04
C VAL LA 196 107.13 37.18 -13.43
N ILE LA 197 107.94 36.15 -13.67
CA ILE LA 197 109.34 36.16 -13.26
C ILE LA 197 110.00 37.44 -13.79
N HIS LA 198 110.69 38.15 -12.91
CA HIS LA 198 111.27 39.44 -13.30
C HIS LA 198 112.32 39.26 -14.38
N GLU LA 199 113.32 38.43 -14.13
CA GLU LA 199 114.15 37.98 -15.23
C GLU LA 199 113.26 37.24 -16.22
N LEU LA 200 113.70 37.15 -17.47
CA LEU LA 200 112.81 36.66 -18.52
C LEU LA 200 111.63 37.61 -18.70
N ALA LA 201 111.86 38.68 -19.48
CA ALA LA 201 111.14 39.97 -19.51
C ALA LA 201 111.86 41.11 -18.79
N GLU LA 202 113.08 40.89 -18.31
CA GLU LA 202 113.82 41.99 -17.70
C GLU LA 202 113.86 43.32 -18.50
N MET LA 203 114.06 43.35 -19.83
CA MET LA 203 114.51 42.27 -20.69
C MET LA 203 115.77 42.78 -21.40
N GLU LA 204 116.61 41.87 -21.89
CA GLU LA 204 117.90 42.30 -22.40
C GLU LA 204 117.87 42.50 -23.91
N ASP LA 205 117.91 43.77 -24.32
CA ASP LA 205 118.05 44.16 -25.72
C ASP LA 205 117.09 43.41 -26.62
N SER LA 206 117.56 43.04 -27.81
CA SER LA 206 116.94 42.02 -28.65
C SER LA 206 115.37 42.22 -28.69
N ASN LA 207 114.44 41.34 -28.28
CA ASN LA 207 114.55 39.93 -27.90
C ASN LA 207 113.46 39.11 -28.56
N ALA LA 208 112.22 39.48 -28.21
CA ALA LA 208 110.97 38.95 -28.74
C ALA LA 208 110.62 37.61 -28.12
N VAL LA 209 111.60 36.94 -27.50
CA VAL LA 209 111.29 35.80 -26.65
C VAL LA 209 110.92 36.27 -25.24
N GLU LA 210 111.63 37.29 -24.74
CA GLU LA 210 111.23 37.90 -23.48
C GLU LA 210 110.26 39.06 -23.69
N LYS LA 211 110.12 39.53 -24.94
CA LYS LA 211 109.06 40.48 -25.22
C LYS LA 211 107.72 39.82 -25.01
N ALA LA 212 107.50 38.68 -25.65
CA ALA LA 212 106.48 37.78 -25.14
C ALA LA 212 106.90 37.31 -23.76
N ILE LA 213 105.91 36.96 -22.95
CA ILE LA 213 106.02 36.68 -21.52
C ILE LA 213 106.13 37.99 -20.76
N CYS LA 214 106.58 39.06 -21.42
CA CYS LA 214 106.38 40.39 -20.87
C CYS LA 214 105.03 40.95 -21.29
N LEU LA 215 104.67 40.75 -22.55
CA LEU LA 215 103.35 41.18 -23.02
C LEU LA 215 102.25 40.38 -22.37
N GLN LA 216 102.53 39.14 -22.00
CA GLN LA 216 101.46 38.26 -21.53
C GLN LA 216 101.25 38.34 -20.04
N ILE LA 217 101.97 39.22 -19.33
CA ILE LA 217 101.85 39.21 -17.87
C ILE LA 217 100.41 39.60 -17.58
N PRO LA 218 99.67 38.79 -16.84
CA PRO LA 218 98.30 39.13 -16.51
C PRO LA 218 98.26 40.18 -15.41
N PHE LA 219 97.18 40.94 -15.41
CA PHE LA 219 96.97 41.97 -14.41
C PHE LA 219 95.61 41.76 -13.78
N PHE LA 220 95.60 41.40 -12.51
CA PHE LA 220 94.39 41.06 -11.80
C PHE LA 220 93.99 42.22 -10.90
N MET LA 221 92.70 42.43 -10.76
CA MET LA 221 92.16 43.51 -9.97
C MET LA 221 90.98 42.97 -9.19
N LEU LA 222 90.89 43.32 -7.93
CA LEU LA 222 89.80 42.82 -7.13
C LEU LA 222 88.54 43.65 -7.28
N GLU LA 223 88.54 44.64 -8.16
CA GLU LA 223 87.33 45.43 -8.32
C GLU LA 223 86.34 44.65 -9.16
N ASN LA 224 86.52 44.59 -10.49
CA ASN LA 224 86.12 43.42 -11.28
C ASN LA 224 84.90 42.73 -10.70
N SER LA 225 85.06 41.47 -10.32
CA SER LA 225 83.99 40.72 -9.68
C SER LA 225 83.44 41.47 -8.47
N ASP LA 226 82.12 41.40 -8.30
CA ASP LA 226 81.44 42.21 -7.31
C ASP LA 226 81.75 41.73 -5.89
N HIS LA 227 81.58 42.64 -4.94
CA HIS LA 227 81.82 42.36 -3.54
C HIS LA 227 81.04 43.34 -2.68
N GLU LA 228 80.93 43.01 -1.40
CA GLU LA 228 80.09 43.79 -0.51
C GLU LA 228 80.87 44.94 0.11
N VAL LA 229 80.19 46.07 0.26
CA VAL LA 229 80.68 47.18 1.05
C VAL LA 229 79.85 47.19 2.32
N LEU LA 230 80.46 47.61 3.43
CA LEU LA 230 79.79 47.59 4.72
C LEU LA 230 80.02 48.91 5.42
N ARG LA 231 78.95 49.54 5.89
CA ARG LA 231 79.13 50.57 6.89
C ARG LA 231 79.24 49.89 8.25
N THR LA 232 79.17 50.68 9.31
CA THR LA 232 79.34 50.14 10.66
C THR LA 232 78.30 49.08 11.00
N GLY LA 233 77.01 49.44 10.95
CA GLY LA 233 75.99 48.55 11.44
C GLY LA 233 75.92 47.21 10.74
N GLU LA 234 76.43 47.12 9.52
CA GLU LA 234 76.36 45.88 8.75
C GLU LA 234 77.47 44.91 9.14
N SER LA 235 77.22 43.63 8.85
CA SER LA 235 78.21 42.58 9.01
C SER LA 235 78.18 41.67 7.78
N THR LA 236 79.00 40.62 7.82
CA THR LA 236 79.06 39.67 6.73
C THR LA 236 79.47 38.30 7.28
N GLU LA 237 78.96 37.25 6.66
CA GLU LA 237 79.34 35.89 6.97
C GLU LA 237 79.94 35.22 5.76
N PHE LA 238 80.79 34.23 6.00
CA PHE LA 238 81.32 33.39 4.94
C PHE LA 238 81.40 31.96 5.45
N THR LA 239 81.10 31.01 4.58
CA THR LA 239 81.22 29.61 4.93
C THR LA 239 82.18 28.92 3.97
N PHE LA 240 82.71 27.79 4.41
CA PHE LA 240 83.62 27.01 3.59
C PHE LA 240 83.43 25.55 3.92
N ASN LA 241 83.59 24.71 2.91
CA ASN LA 241 83.60 23.27 3.09
C ASN LA 241 84.87 22.72 2.50
N PHE LA 242 85.35 21.61 3.06
CA PHE LA 242 86.65 21.08 2.73
C PHE LA 242 86.52 19.69 2.16
N ASP LA 243 87.02 19.49 0.95
CA ASP LA 243 87.40 18.17 0.48
C ASP LA 243 88.87 18.01 0.84
N CYS LA 244 89.16 17.16 1.80
CA CYS LA 244 90.40 17.28 2.53
C CYS LA 244 90.86 15.91 3.01
N GLU LA 245 92.17 15.71 3.02
CA GLU LA 245 92.76 14.47 3.47
C GLU LA 245 93.00 14.52 4.96
N TRP LA 246 92.82 13.37 5.62
CA TRP LA 246 93.11 13.27 7.04
C TRP LA 246 94.58 13.56 7.30
N ILE LA 247 94.86 14.14 8.45
CA ILE LA 247 96.23 14.18 8.97
C ILE LA 247 96.27 13.25 10.17
N ASN LA 248 97.20 12.31 10.16
CA ASN LA 248 97.17 11.18 11.06
C ASN LA 248 98.12 11.39 12.22
N ASN LA 249 97.60 11.31 13.44
CA ASN LA 249 98.42 11.25 14.65
C ASN LA 249 98.48 9.81 15.07
N GLU LA 250 99.64 9.18 14.86
CA GLU LA 250 99.87 7.75 14.99
C GLU LA 250 101.36 7.53 14.80
N ARG LA 251 101.82 6.38 15.27
CA ARG LA 251 103.24 6.09 15.30
C ARG LA 251 103.45 4.65 14.92
N ALA LA 252 104.38 4.40 14.02
CA ALA LA 252 104.80 3.05 13.69
C ALA LA 252 105.96 2.69 14.59
N TYR LA 253 105.77 1.66 15.40
CA TYR LA 253 106.82 1.23 16.33
C TYR LA 253 107.91 0.44 15.64
N ILE LA 254 107.70 0.00 14.41
CA ILE LA 254 108.72 -0.70 13.63
C ILE LA 254 108.66 -0.23 12.19
N PRO LA 255 109.77 -0.34 11.45
CA PRO LA 255 109.73 -0.10 10.03
C PRO LA 255 108.76 -1.05 9.35
N PRO LA 256 108.23 -0.69 8.19
CA PRO LA 256 107.32 -1.60 7.50
C PRO LA 256 107.97 -2.89 7.05
N GLY LA 257 109.28 -2.85 6.78
CA GLY LA 257 109.98 -4.05 6.40
C GLY LA 257 110.36 -4.96 7.54
N LEU LA 258 110.08 -4.55 8.77
CA LEU LA 258 110.42 -5.32 9.95
C LEU LA 258 109.25 -6.19 10.42
N MET LA 259 108.18 -6.26 9.65
CA MET LA 259 106.99 -7.02 10.04
C MET LA 259 107.14 -8.44 9.55
N PHE LA 260 107.33 -9.36 10.48
CA PHE LA 260 107.39 -10.78 10.19
C PHE LA 260 107.61 -11.52 11.50
N ASN LA 261 107.32 -12.80 11.49
CA ASN LA 261 107.58 -13.62 12.65
C ASN LA 261 109.01 -14.15 12.55
N PRO LA 262 109.93 -13.64 13.34
CA PRO LA 262 111.33 -14.06 13.18
C PRO LA 262 111.58 -15.47 13.66
N LEU LA 263 110.66 -16.04 14.41
CA LEU LA 263 110.81 -17.42 14.86
C LEU LA 263 110.69 -18.38 13.69
N VAL LA 264 109.76 -18.12 12.78
CA VAL LA 264 109.47 -19.08 11.72
C VAL LA 264 110.56 -19.02 10.66
N PRO LA 265 111.08 -20.16 10.21
CA PRO LA 265 112.05 -20.13 9.12
C PRO LA 265 111.40 -19.66 7.83
N THR LA 266 112.23 -19.24 6.89
CA THR LA 266 111.74 -18.73 5.62
C THR LA 266 112.19 -19.65 4.49
N ARG LA 267 111.36 -19.72 3.44
CA ARG LA 267 111.78 -20.37 2.22
C ARG LA 267 112.21 -19.34 1.19
N ARG LA 268 113.51 -19.20 1.05
CA ARG LA 268 114.15 -18.19 0.21
C ARG LA 268 115.65 -18.47 0.25
N ALA LA 269 116.40 -17.90 -0.68
CA ALA LA 269 117.83 -18.17 -0.70
C ALA LA 269 118.57 -16.92 -1.15
N GLN LA 270 119.84 -16.86 -0.75
CA GLN LA 270 120.73 -15.76 -1.08
C GLN LA 270 121.88 -16.32 -1.90
N TYR LA 271 121.96 -15.95 -3.17
CA TYR LA 271 123.16 -16.17 -3.94
C TYR LA 271 124.02 -14.93 -3.75
N ILE LA 272 125.30 -15.13 -3.52
CA ILE LA 272 126.24 -14.04 -3.33
C ILE LA 272 127.38 -14.19 -4.31
N ARG LA 273 127.61 -13.16 -5.12
CA ARG LA 273 128.62 -13.20 -6.16
C ARG LA 273 130.00 -13.41 -5.57
N ARG LA 274 130.91 -13.95 -6.38
CA ARG LA 274 132.31 -14.00 -6.02
C ARG LA 274 132.79 -12.61 -5.61
N ASN LA 275 133.50 -12.54 -4.49
CA ASN LA 275 133.76 -11.25 -3.88
C ASN LA 275 134.85 -10.48 -4.60
N ASN LA 276 135.77 -11.20 -5.28
CA ASN LA 276 136.85 -10.57 -6.03
C ASN LA 276 137.61 -9.58 -5.15
N ASN LA 277 138.40 -10.14 -4.24
CA ASN LA 277 139.01 -9.45 -3.10
C ASN LA 277 137.89 -9.14 -2.10
N PRO LA 278 138.18 -9.21 -0.79
CA PRO LA 278 139.35 -9.92 -0.22
C PRO LA 278 139.36 -11.43 -0.47
N GLN LA 279 138.22 -12.08 -0.26
CA GLN LA 279 138.17 -13.53 -0.13
C GLN LA 279 136.71 -13.98 -0.18
N THR LA 280 136.43 -15.23 0.23
CA THR LA 280 135.06 -15.76 0.32
C THR LA 280 134.37 -15.88 -1.02
N ALA LA 281 134.72 -16.92 -1.78
CA ALA LA 281 134.10 -17.20 -3.06
C ALA LA 281 132.61 -17.46 -2.91
N GLU LA 282 131.90 -17.33 -4.04
CA GLU LA 282 130.44 -17.30 -4.05
C GLU LA 282 129.84 -18.52 -3.37
N SER LA 283 128.69 -18.30 -2.73
CA SER LA 283 127.94 -19.38 -2.11
C SER LA 283 126.47 -19.00 -2.05
N THR LA 284 125.60 -20.00 -2.09
CA THR LA 284 124.18 -19.82 -1.87
C THR LA 284 123.80 -20.38 -0.52
N SER LA 285 122.79 -19.76 0.11
CA SER LA 285 122.40 -20.14 1.46
C SER LA 285 120.96 -19.72 1.70
N ARG LA 286 120.34 -20.36 2.69
CA ARG LA 286 118.98 -20.00 3.06
C ARG LA 286 119.01 -18.75 3.93
N ILE LA 287 118.01 -17.89 3.72
CA ILE LA 287 117.91 -16.68 4.51
C ILE LA 287 117.55 -17.03 5.94
N ALA LA 288 118.23 -16.39 6.89
CA ALA LA 288 118.02 -16.68 8.29
C ALA LA 288 116.59 -16.40 8.70
N PRO LA 289 116.10 -17.08 9.74
CA PRO LA 289 114.70 -16.85 10.15
C PRO LA 289 114.44 -15.42 10.55
N TYR LA 290 115.31 -14.84 11.37
CA TYR LA 290 115.33 -13.41 11.56
C TYR LA 290 115.82 -12.75 10.28
N ALA LA 291 115.54 -11.46 10.16
CA ALA LA 291 116.03 -10.67 9.03
C ALA LA 291 115.60 -11.25 7.70
N LYS LA 292 114.30 -11.46 7.57
CA LYS LA 292 113.75 -11.88 6.30
C LYS LA 292 113.70 -10.69 5.35
N PRO LA 293 113.81 -10.94 4.05
CA PRO LA 293 113.73 -9.84 3.08
C PRO LA 293 112.35 -9.22 3.08
N THR LA 294 112.27 -8.04 2.50
CA THR LA 294 111.03 -7.31 2.49
C THR LA 294 110.75 -6.69 1.14
N SER LA 295 109.48 -6.43 0.90
CA SER LA 295 109.03 -5.41 -0.02
C SER LA 295 109.08 -4.07 0.69
N TRP LA 296 108.36 -3.11 0.16
CA TRP LA 296 108.14 -1.88 0.91
C TRP LA 296 109.42 -1.07 1.07
N MET LA 297 109.79 -0.45 -0.04
CA MET LA 297 110.86 0.51 -0.20
C MET LA 297 110.62 1.76 0.66
N THR LA 298 111.71 2.48 0.94
CA THR LA 298 111.60 3.70 1.71
C THR LA 298 111.03 4.84 0.87
N GLY LA 299 110.48 5.84 1.56
CA GLY LA 299 109.94 7.00 0.91
C GLY LA 299 111.01 7.81 0.22
N PRO LA 300 110.61 8.62 -0.76
CA PRO LA 300 111.58 9.34 -1.57
C PRO LA 300 112.12 10.58 -0.87
N GLY LA 301 113.32 10.98 -1.27
CA GLY LA 301 113.94 12.18 -0.78
C GLY LA 301 115.02 12.61 -1.75
N LEU LA 302 115.52 13.83 -1.56
CA LEU LA 302 116.68 14.32 -2.30
C LEU LA 302 117.69 14.84 -1.29
N LEU LA 303 118.78 14.11 -1.09
CA LEU LA 303 119.79 14.46 -0.11
C LEU LA 303 121.11 14.99 -0.68
N SER LA 304 121.28 15.06 -1.99
CA SER LA 304 122.63 15.30 -2.50
C SER LA 304 123.01 16.77 -2.46
N ALA LA 305 122.06 17.65 -2.75
CA ALA LA 305 122.31 19.05 -2.99
C ALA LA 305 122.73 19.77 -1.71
N GLN LA 306 123.30 20.96 -1.89
CA GLN LA 306 123.63 21.87 -0.79
C GLN LA 306 123.18 23.27 -1.15
N ARG LA 307 122.66 23.99 -0.16
CA ARG LA 307 122.22 25.36 -0.40
C ARG LA 307 123.38 26.20 -0.93
N VAL LA 308 123.06 27.09 -1.86
CA VAL LA 308 124.05 27.73 -2.73
C VAL LA 308 124.09 29.22 -2.47
N GLY LA 309 125.21 29.68 -1.93
CA GLY LA 309 125.54 31.09 -1.93
C GLY LA 309 125.00 31.85 -0.74
N PRO LA 310 125.03 33.19 -0.84
CA PRO LA 310 124.68 34.02 0.30
C PRO LA 310 123.18 34.07 0.52
N ALA LA 311 122.80 34.40 1.76
CA ALA LA 311 121.40 34.58 2.09
C ALA LA 311 120.85 35.80 1.34
N THR LA 312 119.52 35.84 1.25
CA THR LA 312 118.71 36.82 0.50
C THR LA 312 118.77 36.54 -0.99
N SER LA 313 119.59 35.60 -1.43
CA SER LA 313 119.68 35.20 -2.83
C SER LA 313 118.79 34.00 -3.16
N ASP LA 314 117.95 33.57 -2.23
CA ASP LA 314 117.12 32.37 -2.39
C ASP LA 314 117.98 31.12 -2.55
N THR LA 315 118.58 30.67 -1.46
CA THR LA 315 119.35 29.44 -1.50
C THR LA 315 118.44 28.29 -1.12
N GLY LA 316 118.07 27.48 -2.11
CA GLY LA 316 117.16 26.37 -1.84
C GLY LA 316 117.78 24.99 -1.87
N ALA LA 317 119.00 24.89 -2.41
CA ALA LA 317 119.73 23.69 -2.76
C ALA LA 317 119.08 22.95 -3.92
N TRP LA 318 117.82 23.20 -4.23
CA TRP LA 318 117.17 22.70 -5.43
C TRP LA 318 116.36 23.83 -6.00
N MET LA 319 116.70 24.28 -7.20
CA MET LA 319 115.96 25.34 -7.86
C MET LA 319 115.17 24.72 -9.00
N VAL LA 320 113.87 25.02 -9.05
CA VAL LA 320 113.03 24.45 -10.09
C VAL LA 320 113.17 25.23 -11.39
N ALA LA 321 113.17 26.55 -11.30
CA ALA LA 321 113.29 27.46 -12.43
C ALA LA 321 112.38 27.15 -13.61
N VAL LA 322 112.80 27.57 -14.80
CA VAL LA 322 112.08 27.34 -16.05
C VAL LA 322 113.03 27.01 -17.19
N LYS LA 323 113.89 27.97 -17.54
CA LYS LA 323 114.77 27.88 -18.70
C LYS LA 323 114.02 27.71 -20.02
N PRO LA 324 113.32 28.74 -20.49
CA PRO LA 324 112.88 28.73 -21.89
C PRO LA 324 114.07 28.72 -22.82
N GLU LA 325 113.83 28.30 -24.06
CA GLU LA 325 114.91 27.83 -24.91
C GLU LA 325 115.90 28.96 -25.24
N ASN LA 326 115.39 30.15 -25.53
CA ASN LA 326 116.31 31.26 -25.76
C ASN LA 326 116.32 32.20 -24.56
N ALA LA 327 115.30 33.04 -24.48
CA ALA LA 327 115.14 34.08 -23.45
C ALA LA 327 116.44 34.87 -23.34
N SER LA 328 116.77 35.26 -22.11
CA SER LA 328 118.12 35.66 -21.72
C SER LA 328 118.16 35.59 -20.21
N ILE LA 329 119.36 35.43 -19.65
CA ILE LA 329 119.48 35.22 -18.22
C ILE LA 329 120.71 35.96 -17.72
N ASP LA 330 120.55 36.63 -16.59
CA ASP LA 330 121.64 37.30 -15.89
C ASP LA 330 122.42 36.25 -15.12
N THR LA 331 123.28 36.68 -14.19
CA THR LA 331 123.86 35.73 -13.26
C THR LA 331 122.75 34.90 -12.63
N GLY LA 332 122.96 33.59 -12.57
CA GLY LA 332 121.89 32.69 -12.20
C GLY LA 332 121.42 31.81 -13.35
N MET LA 333 120.66 30.72 -13.11
CA MET LA 333 120.22 30.14 -11.82
C MET LA 333 119.68 31.18 -10.81
N SER LA 334 120.26 31.25 -9.62
CA SER LA 334 119.93 32.28 -8.63
C SER LA 334 118.40 32.30 -8.29
N GLY LA 335 117.56 33.31 -8.57
CA GLY LA 335 117.60 34.33 -9.62
C GLY LA 335 116.59 34.03 -10.70
N ILE LA 336 116.24 32.75 -10.82
CA ILE LA 336 115.06 32.30 -11.54
C ILE LA 336 114.51 31.11 -10.78
N GLY LA 337 113.19 30.96 -10.81
CA GLY LA 337 112.56 29.85 -10.14
C GLY LA 337 112.69 29.92 -8.63
N SER LA 338 112.28 28.82 -8.00
CA SER LA 338 112.09 28.79 -6.56
C SER LA 338 112.92 27.68 -5.95
N GLY LA 339 113.36 27.89 -4.71
CA GLY LA 339 114.03 26.82 -3.98
C GLY LA 339 113.04 25.80 -3.49
N PHE LA 340 113.41 24.53 -3.58
CA PHE LA 340 112.58 23.44 -3.12
C PHE LA 340 113.01 23.05 -1.71
N ASP LA 341 112.08 23.14 -0.76
CA ASP LA 341 112.41 23.00 0.64
C ASP LA 341 111.27 22.34 1.40
N PRO LA 342 111.58 21.45 2.36
CA PRO LA 342 112.81 20.66 2.51
C PRO LA 342 112.87 19.43 1.62
N PRO LA 343 113.97 19.25 0.89
CA PRO LA 343 114.39 17.90 0.56
C PRO LA 343 115.35 17.33 1.62
N GLN LA 344 115.31 16.06 2.05
CA GLN LA 344 114.13 15.23 2.31
C GLN LA 344 113.16 15.09 1.11
N GLY LA 345 111.83 14.99 1.21
CA GLY LA 345 111.01 14.66 2.38
C GLY LA 345 111.32 13.28 2.92
N SER LA 346 110.77 12.99 4.11
CA SER LA 346 111.07 11.75 4.81
C SER LA 346 112.58 11.58 4.93
N LEU LA 347 113.05 10.34 4.73
CA LEU LA 347 114.45 10.06 4.41
C LEU LA 347 115.40 10.85 5.29
N ALA LA 348 115.57 10.43 6.55
CA ALA LA 348 116.10 11.28 7.60
C ALA LA 348 117.32 12.07 7.15
N PRO LA 349 117.37 13.38 7.39
CA PRO LA 349 118.39 14.23 6.78
C PRO LA 349 119.77 14.03 7.39
N THR LA 350 120.76 14.54 6.68
CA THR LA 350 122.15 14.47 7.12
C THR LA 350 122.42 15.54 8.18
N ASN LA 351 122.39 16.81 7.78
CA ASN LA 351 122.66 17.86 8.75
C ASN LA 351 121.49 18.82 8.86
N LEU LA 352 121.70 19.87 9.65
CA LEU LA 352 120.69 20.87 9.96
C LEU LA 352 120.12 21.51 8.71
N GLU LA 353 120.91 21.52 7.63
CA GLU LA 353 120.54 22.27 6.43
C GLU LA 353 119.22 21.80 5.84
N TYR LA 354 118.85 20.54 6.06
CA TYR LA 354 117.61 19.98 5.55
C TYR LA 354 116.50 19.93 6.59
N LYS LA 355 116.73 20.40 7.81
CA LYS LA 355 115.94 20.03 8.96
C LYS LA 355 114.74 20.96 9.17
N ILE LA 356 114.46 21.80 8.18
CA ILE LA 356 113.56 22.95 8.25
C ILE LA 356 114.07 23.87 9.35
N GLN LA 357 113.20 24.73 9.88
CA GLN LA 357 113.49 25.67 10.95
C GLN LA 357 112.38 26.70 10.92
N TRP LA 358 112.13 27.44 12.00
CA TRP LA 358 111.37 28.68 11.88
C TRP LA 358 111.58 29.49 13.15
N TYR LA 359 111.27 30.79 13.06
CA TYR LA 359 111.59 31.67 14.17
C TYR LA 359 110.40 31.88 15.11
N GLN LA 360 109.20 31.46 14.71
CA GLN LA 360 107.98 31.61 15.50
C GLN LA 360 107.85 32.99 16.13
N THR LA 361 108.35 34.02 15.43
CA THR LA 361 108.41 35.38 15.95
C THR LA 361 108.99 36.28 14.87
N PRO LA 362 108.37 37.44 14.63
CA PRO LA 362 108.98 38.38 13.67
C PRO LA 362 110.24 39.04 14.21
N GLN LA 363 110.35 39.18 15.52
CA GLN LA 363 111.55 39.79 16.10
C GLN LA 363 112.74 38.85 16.07
N GLY LA 364 112.55 37.60 15.64
CA GLY LA 364 113.62 36.63 15.65
C GLY LA 364 114.81 37.00 14.79
N THR LA 365 115.98 37.07 15.42
CA THR LA 365 117.23 37.34 14.72
C THR LA 365 117.78 36.02 14.18
N ASN LA 366 119.03 36.02 13.73
CA ASN LA 366 119.58 34.82 13.10
C ASN LA 366 119.47 33.61 14.01
N ASN LA 367 120.05 33.67 15.19
CA ASN LA 367 119.78 32.68 16.23
C ASN LA 367 119.08 33.36 17.39
N ASN LA 368 117.77 33.15 17.47
CA ASN LA 368 116.83 33.62 18.48
C ASN LA 368 115.50 33.12 18.00
N GLY LA 369 114.53 32.94 18.88
CA GLY LA 369 113.37 32.18 18.41
C GLY LA 369 113.93 30.88 17.90
N ASN LA 370 113.74 30.63 16.61
CA ASN LA 370 114.60 29.71 15.87
C ASN LA 370 114.45 28.27 16.34
N ILE LA 371 113.21 27.81 16.49
CA ILE LA 371 113.01 26.42 16.88
C ILE LA 371 113.18 25.54 15.65
N ILE LA 372 113.86 24.45 15.82
CA ILE LA 372 114.29 23.61 14.71
C ILE LA 372 113.54 22.29 14.78
N SER LA 373 113.10 21.79 13.63
CA SER LA 373 112.39 20.53 13.60
C SER LA 373 113.29 19.39 14.06
N ASN LA 374 112.66 18.31 14.51
CA ASN LA 374 113.37 17.20 15.12
C ASN LA 374 112.72 15.90 14.68
N GLN LA 375 113.37 14.78 14.96
CA GLN LA 375 112.81 13.51 14.55
C GLN LA 375 111.68 13.09 15.48
N PRO LA 376 110.55 12.62 14.94
CA PRO LA 376 109.44 12.19 15.80
C PRO LA 376 109.75 10.94 16.60
N LEU LA 377 110.80 10.22 16.21
CA LEU LA 377 111.15 8.89 16.70
C LEU LA 377 110.18 7.85 16.19
N SER LA 378 109.15 8.25 15.45
CA SER LA 378 108.36 7.31 14.66
C SER LA 378 109.27 6.61 13.67
N MET LA 379 108.94 5.35 13.38
CA MET LA 379 109.85 4.51 12.59
C MET LA 379 109.56 4.57 11.10
N LEU LA 380 108.62 5.38 10.64
CA LEU LA 380 108.24 5.26 9.24
C LEU LA 380 109.17 5.83 8.16
N ARG LA 381 109.42 7.13 7.93
CA ARG LA 381 109.58 8.37 8.74
C ARG LA 381 111.06 8.60 9.11
N ASP LA 382 111.93 7.63 8.88
CA ASP LA 382 113.37 7.90 9.02
C ASP LA 382 114.07 7.53 7.72
N GLN LA 383 114.03 6.26 7.36
CA GLN LA 383 114.18 5.82 5.97
C GLN LA 383 115.50 6.26 5.35
N ALA LA 384 116.57 5.59 5.76
CA ALA LA 384 117.77 5.65 4.95
C ALA LA 384 117.62 4.74 3.73
N LEU LA 385 118.67 4.71 2.91
CA LEU LA 385 118.79 3.69 1.88
C LEU LA 385 120.28 3.55 1.56
N PHE LA 386 120.70 2.34 1.24
CA PHE LA 386 122.11 1.99 1.31
C PHE LA 386 122.70 1.51 0.00
N ARG LA 387 122.14 0.48 -0.62
CA ARG LA 387 122.70 -0.04 -1.88
C ARG LA 387 124.13 -0.51 -1.60
N GLY LA 388 125.04 -0.42 -2.58
CA GLY LA 388 126.45 -0.69 -2.40
C GLY LA 388 126.75 -2.07 -1.84
N ASN LA 389 128.03 -2.29 -1.54
CA ASN LA 389 129.11 -1.90 -2.42
C ASN LA 389 129.59 -3.20 -3.05
N GLN LA 390 128.95 -4.29 -2.61
CA GLN LA 390 129.41 -5.67 -2.56
C GLN LA 390 130.25 -5.91 -1.32
N THR LA 391 130.67 -4.85 -0.62
CA THR LA 391 131.47 -4.94 0.59
C THR LA 391 130.84 -4.13 1.71
N THR LA 392 130.59 -2.85 1.47
CA THR LA 392 130.00 -1.95 2.46
C THR LA 392 128.72 -1.37 1.91
N TYR LA 393 127.82 -0.96 2.80
CA TYR LA 393 126.65 -0.19 2.40
C TYR LA 393 127.01 1.29 2.44
N ASN LA 394 126.51 2.04 1.46
CA ASN LA 394 126.82 3.46 1.34
C ASN LA 394 125.54 4.26 1.12
N LEU LA 395 125.18 5.10 2.09
CA LEU LA 395 123.96 5.89 1.99
C LEU LA 395 123.89 6.62 0.66
N CYS LA 396 122.76 6.48 -0.02
CA CYS LA 396 122.63 6.95 -1.39
C CYS LA 396 121.77 8.21 -1.46
N SER LA 397 122.25 9.17 -2.23
CA SER LA 397 121.50 10.38 -2.57
C SER LA 397 120.33 10.02 -3.47
N ASP LA 398 119.41 10.99 -3.62
CA ASP LA 398 118.17 10.80 -4.37
C ASP LA 398 117.29 9.79 -3.66
N VAL LA 399 116.95 8.66 -4.30
CA VAL LA 399 115.77 7.87 -4.00
C VAL LA 399 114.50 8.58 -4.46
N TRP LA 400 114.24 8.52 -5.76
CA TRP LA 400 113.02 9.00 -6.39
C TRP LA 400 111.86 8.04 -6.08
N MET LA 401 110.72 8.30 -6.73
CA MET LA 401 109.56 7.44 -6.50
C MET LA 401 109.79 6.04 -7.03
N PHE LA 402 109.24 5.06 -6.34
CA PHE LA 402 109.40 3.65 -6.61
C PHE LA 402 108.13 2.93 -6.17
N PRO LA 403 107.76 1.84 -6.84
CA PRO LA 403 106.42 1.26 -6.65
C PRO LA 403 106.04 0.93 -5.21
N ASN LA 404 106.92 0.33 -4.44
CA ASN LA 404 106.53 -0.18 -3.14
C ASN LA 404 106.75 0.81 -2.00
N GLN LA 405 107.08 2.04 -2.31
CA GLN LA 405 107.51 2.96 -1.27
C GLN LA 405 106.42 3.26 -0.26
N ILE LA 406 106.82 3.35 1.00
CA ILE LA 406 106.01 3.93 2.06
C ILE LA 406 106.81 5.00 2.77
N TRP LA 407 106.19 6.15 2.98
CA TRP LA 407 106.74 7.16 3.85
C TRP LA 407 105.60 7.67 4.70
N ASP LA 408 105.95 8.42 5.73
CA ASP LA 408 104.97 9.00 6.61
C ASP LA 408 104.99 10.50 6.41
N ARG LA 409 103.81 11.09 6.26
CA ARG LA 409 103.71 12.51 6.04
C ARG LA 409 104.33 13.25 7.21
N TYR LA 410 104.83 14.45 6.95
CA TYR LA 410 105.55 15.20 7.97
C TYR LA 410 104.71 15.31 9.24
N PRO LA 411 105.29 15.09 10.42
CA PRO LA 411 104.50 14.99 11.64
C PRO LA 411 103.78 16.25 12.03
N ILE LA 412 104.12 17.36 11.38
CA ILE LA 412 103.69 18.73 11.68
C ILE LA 412 103.86 19.04 13.16
N THR LA 413 103.03 19.95 13.67
CA THR LA 413 103.11 20.51 15.01
C THR LA 413 102.08 21.62 15.11
N ARG LA 414 101.96 22.26 16.27
CA ARG LA 414 100.98 23.32 16.43
C ARG LA 414 101.30 24.55 15.61
N GLU LA 415 102.55 24.74 15.20
CA GLU LA 415 102.98 25.95 14.50
C GLU LA 415 102.79 25.89 13.00
N ASN LA 416 102.25 24.84 12.47
CA ASN LA 416 102.29 24.62 11.04
C ASN LA 416 101.08 25.21 10.35
N PRO LA 417 101.20 25.50 9.06
CA PRO LA 417 100.02 25.82 8.26
C PRO LA 417 99.12 24.61 8.11
N ILE LA 418 97.82 24.85 8.14
CA ILE LA 418 96.86 23.76 8.02
C ILE LA 418 96.86 23.22 6.60
N TRP LA 419 96.72 24.10 5.62
CA TRP LA 419 96.54 23.69 4.24
C TRP LA 419 97.48 24.46 3.33
N CYS LA 420 97.55 23.98 2.10
CA CYS LA 420 98.24 24.62 1.00
C CYS LA 420 97.44 24.36 -0.26
N LYS LA 421 97.40 25.34 -1.17
CA LYS LA 421 96.61 25.16 -2.37
C LYS LA 421 97.39 24.33 -3.40
N LYS LA 422 96.74 23.29 -3.91
CA LYS LA 422 97.32 22.49 -4.97
C LYS LA 422 97.07 23.20 -6.29
N PRO LA 423 98.12 23.67 -6.96
CA PRO LA 423 97.92 24.42 -8.20
C PRO LA 423 97.31 23.58 -9.31
N ARG LA 424 96.42 24.22 -10.07
CA ARG LA 424 95.71 23.53 -11.15
C ARG LA 424 96.67 23.23 -12.28
N SER LA 425 96.74 21.96 -12.65
CA SER LA 425 97.62 21.55 -13.74
C SER LA 425 97.09 20.24 -14.31
N ASP LA 426 97.53 19.92 -15.52
CA ASP LA 426 97.05 18.71 -16.16
C ASP LA 426 97.44 17.47 -15.37
N LYS LA 427 98.73 17.31 -15.12
CA LYS LA 427 99.24 16.09 -14.52
C LYS LA 427 99.97 16.40 -13.21
N HIS LA 428 99.93 15.46 -12.29
CA HIS LA 428 100.67 15.58 -11.05
C HIS LA 428 100.87 14.21 -10.44
N THR LA 429 101.83 14.12 -9.54
CA THR LA 429 102.12 12.90 -8.78
C THR LA 429 101.37 12.89 -7.45
N THR LA 430 101.81 12.06 -6.50
CA THR LA 430 101.02 11.73 -5.33
C THR LA 430 100.51 12.95 -4.56
N ILE LA 431 101.21 14.08 -4.66
CA ILE LA 431 100.88 15.30 -3.92
C ILE LA 431 100.94 15.06 -2.41
N ASP LA 432 102.14 14.89 -1.87
CA ASP LA 432 102.34 14.99 -0.44
C ASP LA 432 103.27 16.15 -0.14
N PRO LA 433 102.79 17.28 0.35
CA PRO LA 433 103.69 18.39 0.64
C PRO LA 433 104.63 18.05 1.79
N PHE LA 434 105.88 18.45 1.64
CA PHE LA 434 106.89 18.15 2.65
C PHE LA 434 106.92 19.17 3.77
N ASP LA 435 106.04 20.15 3.71
CA ASP LA 435 105.83 21.08 4.80
C ASP LA 435 104.82 20.55 5.79
N GLY LA 436 104.41 19.30 5.62
CA GLY LA 436 103.20 18.83 6.26
C GLY LA 436 102.04 19.51 5.58
N SER LA 437 101.23 20.23 6.35
CA SER LA 437 100.07 20.94 5.84
C SER LA 437 99.19 20.00 5.03
N LEU LA 438 98.59 20.52 3.96
CA LEU LA 438 97.62 19.78 3.18
C LEU LA 438 97.55 20.40 1.80
N ALA LA 439 96.99 19.65 0.86
CA ALA LA 439 96.75 20.16 -0.47
C ALA LA 439 95.27 20.02 -0.77
N MET LA 440 94.70 21.08 -1.33
CA MET LA 440 93.30 21.07 -1.70
C MET LA 440 93.12 21.74 -3.04
N ASP LA 441 92.21 21.21 -3.85
CA ASP LA 441 91.83 21.90 -5.08
C ASP LA 441 91.40 23.32 -4.77
N HIS LA 442 90.37 23.45 -3.93
CA HIS LA 442 89.92 24.75 -3.45
C HIS LA 442 90.12 24.80 -1.95
N PRO LA 443 91.12 25.52 -1.47
CA PRO LA 443 91.24 25.75 -0.04
C PRO LA 443 90.22 26.78 0.40
N PRO LA 444 90.23 27.18 1.66
CA PRO LA 444 89.39 28.32 2.05
C PRO LA 444 89.73 29.53 1.19
N GLY LA 445 88.69 30.12 0.59
CA GLY LA 445 88.89 31.30 -0.22
C GLY LA 445 89.39 32.44 0.63
N THR LA 446 90.45 33.09 0.18
CA THR LA 446 90.99 34.21 0.93
C THR LA 446 89.97 35.34 0.96
N ILE LA 447 89.74 35.88 2.15
CA ILE LA 447 88.83 37.00 2.32
C ILE LA 447 89.65 38.28 2.23
N PHE LA 448 89.30 39.13 1.28
CA PHE LA 448 89.99 40.38 1.04
C PHE LA 448 89.16 41.51 1.57
N ILE LA 449 89.82 42.57 2.02
CA ILE LA 449 89.14 43.70 2.63
C ILE LA 449 89.93 44.96 2.37
N LYS LA 450 89.22 46.07 2.12
CA LYS LA 450 89.83 47.31 1.71
C LYS LA 450 89.02 48.44 2.34
N MET LA 451 89.59 49.64 2.31
CA MET LA 451 89.05 50.76 3.06
C MET LA 451 88.14 51.69 2.26
N ALA LA 452 87.80 51.37 1.02
CA ALA LA 452 86.80 52.15 0.31
C ALA LA 452 87.20 53.60 0.15
N LYS LA 453 88.08 53.88 -0.81
CA LYS LA 453 88.66 55.21 -0.97
C LYS LA 453 87.60 56.29 -0.91
N ILE LA 454 87.83 57.27 -0.05
CA ILE LA 454 86.97 58.44 0.05
C ILE LA 454 87.78 59.62 -0.43
N PRO LA 455 87.53 60.13 -1.63
CA PRO LA 455 88.37 61.20 -2.16
C PRO LA 455 87.99 62.53 -1.57
N VAL LA 456 88.77 63.55 -1.92
CA VAL LA 456 88.53 64.90 -1.42
C VAL LA 456 88.80 65.85 -2.58
N PRO LA 457 88.06 66.94 -2.67
CA PRO LA 457 88.18 67.81 -3.85
C PRO LA 457 89.47 68.62 -3.83
N SER LA 458 89.99 68.89 -5.01
CA SER LA 458 91.17 69.72 -5.16
C SER LA 458 91.13 70.39 -6.53
N ASN LA 459 92.10 71.26 -6.78
CA ASN LA 459 92.15 72.02 -8.02
C ASN LA 459 92.81 71.24 -9.15
N ASN LA 460 93.90 70.53 -8.84
CA ASN LA 460 94.78 69.93 -9.85
C ASN LA 460 94.10 69.13 -10.98
N ASN LA 461 93.18 68.21 -10.71
CA ASN LA 461 92.71 67.86 -9.37
C ASN LA 461 93.33 66.55 -8.91
N ALA LA 462 92.98 66.16 -7.69
CA ALA LA 462 93.45 64.93 -7.07
C ALA LA 462 95.01 64.90 -7.04
N ASP LA 463 95.69 63.75 -7.01
CA ASP LA 463 95.23 62.54 -6.31
C ASP LA 463 95.29 62.79 -4.81
N SER LA 464 94.13 62.66 -4.18
CA SER LA 464 94.01 62.90 -2.75
C SER LA 464 92.83 62.11 -2.24
N TYR LA 465 92.90 61.74 -0.97
CA TYR LA 465 91.90 60.88 -0.38
C TYR LA 465 91.88 61.12 1.12
N LEU LA 466 90.82 60.65 1.74
CA LEU LA 466 90.64 60.84 3.18
C LEU LA 466 91.24 59.68 3.93
N ASN LA 467 91.94 59.98 5.02
CA ASN LA 467 92.75 59.00 5.73
C ASN LA 467 91.91 58.36 6.82
N ILE LA 468 91.60 57.07 6.67
CA ILE LA 468 90.73 56.34 7.59
C ILE LA 468 91.32 54.96 7.81
N TYR LA 469 90.76 54.25 8.79
CA TYR LA 469 91.07 52.85 9.00
C TYR LA 469 89.86 52.16 9.60
N CYS LA 470 89.82 50.85 9.44
CA CYS LA 470 88.70 50.06 9.91
C CYS LA 470 89.17 49.19 11.06
N THR LA 471 88.21 48.81 11.90
CA THR LA 471 88.50 47.96 13.04
C THR LA 471 87.27 47.12 13.29
N GLY LA 472 87.47 45.86 13.64
CA GLY LA 472 86.33 45.00 13.80
C GLY LA 472 86.75 43.65 14.32
N GLN LA 473 85.83 42.70 14.22
CA GLN LA 473 86.02 41.40 14.83
C GLN LA 473 85.72 40.30 13.85
N VAL LA 474 86.70 39.44 13.61
CA VAL LA 474 86.51 38.23 12.82
C VAL LA 474 86.30 37.09 13.78
N SER LA 475 85.35 36.22 13.47
CA SER LA 475 85.18 35.00 14.24
C SER LA 475 85.31 33.85 13.27
N CYS LA 476 86.38 33.08 13.41
CA CYS LA 476 86.61 31.92 12.58
C CYS LA 476 86.24 30.69 13.39
N GLU LA 477 85.13 30.06 13.03
CA GLU LA 477 84.61 28.89 13.73
C GLU LA 477 84.68 27.72 12.75
N ILE LA 478 85.57 26.76 13.02
CA ILE LA 478 85.81 25.66 12.10
C ILE LA 478 85.54 24.35 12.80
N VAL LA 479 84.97 23.41 12.07
CA VAL LA 479 84.61 22.10 12.58
C VAL LA 479 85.63 21.10 12.06
N TRP LA 480 86.03 20.18 12.92
CA TRP LA 480 87.08 19.22 12.61
C TRP LA 480 86.50 17.82 12.67
N GLU LA 481 86.50 17.12 11.55
CA GLU LA 481 86.26 15.68 11.61
C GLU LA 481 87.39 15.05 12.39
N VAL LA 482 87.04 14.27 13.40
CA VAL LA 482 88.03 13.75 14.34
C VAL LA 482 87.69 12.31 14.65
N GLU LA 483 88.72 11.48 14.84
CA GLU LA 483 88.54 10.07 15.11
C GLU LA 483 89.38 9.67 16.30
N ARG LA 484 88.79 8.89 17.20
CA ARG LA 484 89.39 8.58 18.50
C ARG LA 484 90.01 7.20 18.47
N TYR LA 485 91.11 7.03 19.20
CA TYR LA 485 91.93 5.85 19.02
C TYR LA 485 91.60 4.78 20.06
N ALA LA 486 91.66 3.53 19.61
CA ALA LA 486 91.62 2.37 20.49
C ALA LA 486 92.71 1.42 20.04
N THR LA 487 93.36 0.76 20.99
CA THR LA 487 94.46 -0.11 20.64
C THR LA 487 94.57 -1.23 21.64
N LYS LA 488 95.24 -2.30 21.23
CA LYS LA 488 95.42 -3.48 22.05
C LYS LA 488 96.76 -3.48 22.76
N ASN LA 489 97.55 -2.42 22.63
CA ASN LA 489 98.82 -2.36 23.33
C ASN LA 489 98.60 -2.45 24.83
N TRP LA 490 99.48 -3.18 25.50
CA TRP LA 490 99.41 -3.31 26.94
C TRP LA 490 100.03 -2.12 27.65
N ARG LA 491 101.01 -1.51 27.05
CA ARG LA 491 101.88 -0.54 27.70
C ARG LA 491 101.36 0.89 27.61
N PRO LA 492 101.88 1.77 28.46
CA PRO LA 492 101.29 3.12 28.60
C PRO LA 492 101.34 4.01 27.37
N GLU LA 493 102.12 3.70 26.33
CA GLU LA 493 102.33 4.58 25.16
C GLU LA 493 102.90 5.91 25.64
N ARG LA 494 102.52 7.03 25.03
CA ARG LA 494 103.19 8.31 25.26
C ARG LA 494 102.19 9.43 25.07
N ARG LA 495 102.38 10.51 25.82
CA ARG LA 495 101.51 11.67 25.74
C ARG LA 495 102.38 12.91 25.71
N HIS LA 496 101.74 14.07 25.72
CA HIS LA 496 102.46 15.34 25.80
C HIS LA 496 102.22 15.95 27.18
N THR LA 497 103.22 15.86 28.03
CA THR LA 497 103.26 16.54 29.30
C THR LA 497 103.71 17.98 29.13
N THR LA 498 103.35 18.81 30.10
CA THR LA 498 104.05 20.07 30.29
C THR LA 498 105.51 19.85 30.63
N PHE LA 499 105.90 18.66 31.06
CA PHE LA 499 107.29 18.49 31.44
C PHE LA 499 108.24 18.59 30.27
N GLY LA 500 107.76 18.37 29.05
CA GLY LA 500 108.55 18.72 27.90
C GLY LA 500 108.80 20.21 27.82
N LEU LA 501 107.90 21.00 28.38
CA LEU LA 501 108.01 22.45 28.38
C LEU LA 501 109.06 22.90 29.38
N GLY LA 502 109.49 24.15 29.24
CA GLY LA 502 110.52 24.68 30.11
C GLY LA 502 110.28 26.15 30.39
N ILE LA 503 110.97 26.64 31.42
CA ILE LA 503 110.73 27.95 32.01
C ILE LA 503 111.44 29.01 31.18
N GLY LA 504 110.86 30.20 31.10
CA GLY LA 504 111.50 31.26 30.32
C GLY LA 504 110.84 32.61 30.53
N GLY LA 505 111.50 33.62 29.96
CA GLY LA 505 111.04 34.99 29.89
C GLY LA 505 111.47 35.83 31.09
N ALA LA 506 111.76 37.10 30.83
CA ALA LA 506 112.16 38.08 31.84
C ALA LA 506 113.15 37.52 32.84
N ASP LA 507 112.90 37.80 34.13
CA ASP LA 507 113.38 36.91 35.17
C ASP LA 507 112.68 35.58 34.98
N ASN LA 508 113.43 34.48 35.10
CA ASN LA 508 113.06 33.23 34.45
C ASN LA 508 111.61 32.83 34.67
N LEU LA 509 110.97 33.39 35.70
CA LEU LA 509 109.63 32.99 36.11
C LEU LA 509 108.64 33.01 34.95
N ASN LA 510 107.62 32.15 35.07
CA ASN LA 510 106.57 31.72 34.16
C ASN LA 510 107.14 30.66 33.24
N PRO LA 511 106.39 29.60 32.93
CA PRO LA 511 107.03 28.49 32.23
C PRO LA 511 107.25 28.66 30.74
N THR LA 512 106.18 28.53 29.95
CA THR LA 512 106.35 28.55 28.50
C THR LA 512 105.19 29.22 27.80
N TYR LA 513 104.00 28.64 27.81
CA TYR LA 513 102.86 29.31 27.23
C TYR LA 513 102.19 30.10 28.35
N HIS LA 514 102.48 31.39 28.39
CA HIS LA 514 102.15 32.18 29.55
C HIS LA 514 102.69 33.58 29.33
N VAL LA 515 102.17 34.52 30.11
CA VAL LA 515 102.57 35.92 29.98
C VAL LA 515 103.82 36.23 30.78
N ASP LA 516 104.53 37.26 30.36
CA ASP LA 516 105.68 37.83 31.04
C ASP LA 516 105.20 38.90 32.02
N LYS LA 517 106.09 39.75 32.55
CA LYS LA 517 105.66 40.64 33.64
C LYS LA 517 105.24 42.14 33.49
N ASN LA 518 105.41 42.95 32.42
CA ASN LA 518 106.18 42.85 31.17
C ASN LA 518 105.41 42.11 30.09
N GLY LA 519 104.18 41.74 30.38
CA GLY LA 519 103.61 40.57 29.77
C GLY LA 519 103.76 40.47 28.27
N THR LA 520 104.51 39.44 27.90
CA THR LA 520 104.77 39.04 26.54
C THR LA 520 104.73 37.53 26.54
N TYR LA 521 103.87 36.98 25.71
CA TYR LA 521 103.65 35.54 25.67
C TYR LA 521 104.97 34.84 25.42
N ILE LA 522 105.36 33.94 26.33
CA ILE LA 522 106.66 33.29 26.20
C ILE LA 522 106.61 32.28 25.06
N GLN LA 523 107.56 32.33 24.24
CA GLN LA 523 107.43 31.41 23.13
C GLN LA 523 108.09 30.07 23.46
N PRO LA 524 107.51 28.99 22.93
CA PRO LA 524 108.12 27.67 23.11
C PRO LA 524 109.46 27.59 22.40
N THR LA 525 110.46 27.07 23.11
CA THR LA 525 111.83 27.00 22.60
C THR LA 525 112.18 25.56 22.26
N THR LA 526 112.67 25.37 21.04
CA THR LA 526 112.83 24.16 20.22
C THR LA 526 111.54 23.37 19.96
N TRP LA 527 111.70 22.09 19.62
CA TRP LA 527 110.67 21.40 18.86
C TRP LA 527 109.63 20.73 19.74
N ASP LA 528 110.08 20.06 20.81
CA ASP LA 528 109.16 19.29 21.62
C ASP LA 528 108.14 20.16 22.34
N MET LA 529 108.50 21.41 22.66
CA MET LA 529 107.57 22.35 23.27
C MET LA 529 106.25 22.35 22.52
N CYS LA 530 106.26 22.87 21.30
CA CYS LA 530 105.15 22.63 20.39
C CYS LA 530 104.94 21.14 20.28
N PHE LA 531 103.72 20.69 20.48
CA PHE LA 531 103.53 19.25 20.65
C PHE LA 531 103.13 18.63 19.33
N PRO LA 532 104.04 17.91 18.66
CA PRO LA 532 103.74 17.43 17.31
C PRO LA 532 102.83 16.23 17.38
N VAL LA 533 101.92 16.12 16.42
CA VAL LA 533 101.25 14.85 16.23
C VAL LA 533 102.23 13.86 15.64
N LYS LA 534 101.88 12.59 15.71
CA LYS LA 534 102.57 11.46 15.09
C LYS LA 534 103.69 10.95 16.00
N THR LA 535 103.96 11.63 17.12
CA THR LA 535 104.89 11.13 18.11
C THR LA 535 104.20 10.33 19.19
N ASN LA 536 102.88 10.16 19.12
CA ASN LA 536 102.13 9.50 20.17
C ASN LA 536 101.33 8.34 19.61
N ILE LA 537 100.54 7.75 20.50
CA ILE LA 537 99.74 6.55 20.25
C ILE LA 537 100.66 5.47 19.69
N ASN LA 538 100.12 4.59 18.86
CA ASN LA 538 100.85 3.60 18.10
C ASN LA 538 99.92 3.10 17.01
N LYS LA 539 100.49 2.47 15.99
CA LYS LA 539 99.68 1.75 15.02
C LYS LA 539 100.40 0.48 14.62
N VAL LA 540 99.67 -0.64 14.64
CA VAL LA 540 100.17 -1.81 13.96
C VAL LA 540 100.13 -1.55 12.46
N LEU LA 541 101.26 -1.73 11.80
CA LEU LA 541 101.32 -1.48 10.38
C LEU LA 541 100.60 -2.59 9.62
N GLY MA 34 11.80 67.86 -45.82
CA GLY MA 34 11.30 67.94 -47.17
C GLY MA 34 12.36 67.74 -48.24
N SER MA 35 11.96 67.88 -49.50
CA SER MA 35 12.88 67.72 -50.62
C SER MA 35 12.33 68.46 -51.82
N GLY MA 36 13.21 68.71 -52.79
CA GLY MA 36 12.82 69.36 -54.03
C GLY MA 36 13.21 70.83 -54.03
N VAL MA 37 12.84 71.48 -55.14
CA VAL MA 37 13.06 72.91 -55.27
C VAL MA 37 12.30 73.64 -54.18
N GLY MA 38 12.89 74.70 -53.65
CA GLY MA 38 12.28 75.46 -52.58
C GLY MA 38 12.63 74.99 -51.19
N ILE MA 39 13.45 73.95 -51.07
CA ILE MA 39 13.91 73.46 -49.78
C ILE MA 39 15.43 73.44 -49.84
N SER MA 40 16.08 74.26 -49.02
CA SER MA 40 17.52 74.35 -49.07
C SER MA 40 18.14 73.04 -48.60
N THR MA 41 19.25 72.65 -49.22
CA THR MA 41 19.81 71.35 -48.92
C THR MA 41 20.64 71.38 -47.65
N GLY MA 42 21.48 72.39 -47.49
CA GLY MA 42 22.28 72.52 -46.30
C GLY MA 42 22.51 73.98 -45.99
N GLY MA 43 22.95 74.24 -44.76
CA GLY MA 43 23.15 75.60 -44.30
C GLY MA 43 24.61 76.01 -44.32
N TRP MA 44 24.82 77.27 -43.96
CA TRP MA 44 26.16 77.83 -43.89
C TRP MA 44 26.91 77.23 -42.70
N VAL MA 45 28.25 77.22 -42.80
CA VAL MA 45 29.11 76.56 -41.84
C VAL MA 45 30.39 77.37 -41.68
N GLY MA 46 30.97 77.33 -40.49
CA GLY MA 46 32.28 77.91 -40.29
C GLY MA 46 32.59 78.09 -38.81
N GLY MA 47 33.71 78.78 -38.54
CA GLY MA 47 34.02 79.28 -37.22
C GLY MA 47 35.11 78.57 -36.45
N SER MA 48 35.76 77.57 -37.05
CA SER MA 48 36.78 76.71 -36.45
C SER MA 48 36.40 76.06 -35.13
N TYR MA 49 37.41 75.59 -34.38
CA TYR MA 49 37.11 74.84 -33.15
C TYR MA 49 38.15 74.95 -32.03
N PHE MA 50 39.34 74.40 -32.27
CA PHE MA 50 40.48 74.38 -31.34
C PHE MA 50 40.33 73.60 -30.03
N THR MA 51 40.45 72.28 -30.12
CA THR MA 51 40.75 71.42 -28.97
C THR MA 51 42.21 70.99 -29.00
N ASP MA 52 42.78 70.74 -27.82
CA ASP MA 52 44.18 70.37 -27.67
C ASP MA 52 44.63 69.29 -28.64
N SER MA 53 43.80 68.28 -28.85
CA SER MA 53 44.19 67.17 -29.71
C SER MA 53 43.98 67.48 -31.19
N TYR MA 54 43.00 68.29 -31.55
CA TYR MA 54 42.72 68.55 -32.94
C TYR MA 54 42.01 69.88 -33.12
N VAL MA 55 42.10 70.40 -34.33
CA VAL MA 55 41.45 71.65 -34.71
C VAL MA 55 40.57 71.38 -35.91
N ILE MA 56 39.29 71.76 -35.80
CA ILE MA 56 38.33 71.60 -36.89
C ILE MA 56 38.06 72.96 -37.48
N THR MA 57 38.51 73.18 -38.70
CA THR MA 57 38.23 74.42 -39.42
C THR MA 57 37.10 74.17 -40.40
N LYS MA 58 36.12 75.05 -40.39
CA LYS MA 58 34.95 74.94 -41.24
C LYS MA 58 34.85 76.19 -42.09
N ASN MA 59 34.48 76.03 -43.34
CA ASN MA 59 34.39 77.15 -44.26
C ASN MA 59 33.27 76.90 -45.25
N THR MA 60 32.73 77.97 -45.81
CA THR MA 60 31.66 77.88 -46.78
C THR MA 60 31.84 79.01 -47.78
N ARG MA 61 31.44 78.77 -49.03
CA ARG MA 61 31.69 79.72 -50.10
C ARG MA 61 30.48 79.82 -51.00
N GLN MA 62 30.53 80.81 -51.87
CA GLN MA 62 29.59 80.97 -52.96
C GLN MA 62 30.40 80.92 -54.24
N PHE MA 63 30.05 80.03 -55.16
CA PHE MA 63 30.85 79.85 -56.36
C PHE MA 63 29.98 79.94 -57.59
N LEU MA 64 30.59 80.07 -58.76
CA LEU MA 64 29.84 79.96 -59.99
C LEU MA 64 30.67 79.32 -61.09
N VAL MA 65 29.99 78.52 -61.90
CA VAL MA 65 30.59 77.81 -63.02
C VAL MA 65 30.11 78.48 -64.30
N LYS MA 66 31.06 78.82 -65.17
CA LYS MA 66 30.81 79.80 -66.23
C LYS MA 66 30.56 79.19 -67.62
N ILE MA 67 30.62 77.86 -67.78
CA ILE MA 67 30.71 77.24 -69.10
C ILE MA 67 31.96 77.74 -69.81
N GLN MA 68 33.12 77.22 -69.42
CA GLN MA 68 34.34 77.57 -70.12
C GLN MA 68 34.49 76.77 -71.39
N ASN MA 69 35.05 77.42 -72.42
CA ASN MA 69 35.58 76.75 -73.60
C ASN MA 69 34.48 76.08 -74.43
N ASN MA 70 33.34 76.75 -74.57
CA ASN MA 70 32.11 76.13 -75.09
C ASN MA 70 31.95 74.86 -74.26
N HIS MA 71 31.53 73.74 -74.83
CA HIS MA 71 31.75 72.47 -74.16
C HIS MA 71 32.85 71.64 -74.80
N GLN MA 72 33.39 72.09 -75.92
CA GLN MA 72 34.47 71.38 -76.58
C GLN MA 72 35.81 71.65 -75.89
N TYR MA 73 36.77 70.79 -76.17
CA TYR MA 73 38.09 70.73 -75.53
C TYR MA 73 39.13 71.64 -76.17
N LYS MA 74 39.43 71.43 -77.44
CA LYS MA 74 40.55 72.02 -78.15
C LYS MA 74 41.89 71.67 -77.53
N THR MA 75 42.91 72.49 -77.79
CA THR MA 75 44.27 72.25 -77.32
C THR MA 75 44.87 73.57 -76.83
N GLU MA 76 44.85 74.58 -77.71
CA GLU MA 76 45.10 76.00 -77.46
C GLU MA 76 46.53 76.49 -77.56
N LEU MA 77 47.53 75.61 -77.54
CA LEU MA 77 48.93 75.98 -77.85
C LEU MA 77 49.28 77.35 -77.29
N ILE MA 78 49.40 77.44 -75.97
CA ILE MA 78 49.16 78.71 -75.28
C ILE MA 78 50.03 79.84 -75.80
N SER MA 79 51.30 79.89 -75.38
CA SER MA 79 52.34 80.80 -75.86
C SER MA 79 52.01 82.26 -75.60
N PRO MA 80 53.00 83.11 -75.40
CA PRO MA 80 52.88 84.50 -75.85
C PRO MA 80 53.59 84.65 -77.18
N SER MA 81 53.59 85.83 -77.77
CA SER MA 81 54.48 86.09 -78.89
C SER MA 81 55.07 87.51 -78.89
N THR MA 82 56.40 87.69 -78.84
CA THR MA 82 57.47 86.79 -78.32
C THR MA 82 57.43 85.29 -78.65
N SER MA 83 57.35 84.98 -79.95
CA SER MA 83 57.27 83.59 -80.40
C SER MA 83 58.44 82.76 -79.89
N GLN MA 84 59.52 83.40 -79.44
CA GLN MA 84 60.63 82.67 -78.83
C GLN MA 84 60.23 81.95 -77.55
N GLY MA 85 59.04 82.21 -77.03
CA GLY MA 85 58.64 81.62 -75.76
C GLY MA 85 58.48 80.11 -75.84
N LYS MA 86 58.13 79.53 -74.70
CA LYS MA 86 58.01 78.08 -74.61
C LYS MA 86 56.87 77.55 -75.47
N SER MA 87 55.72 78.22 -75.42
CA SER MA 87 54.58 77.88 -76.28
C SER MA 87 54.07 76.47 -76.00
N GLN MA 88 53.85 76.16 -74.72
CA GLN MA 88 53.27 74.88 -74.36
C GLN MA 88 51.90 74.72 -74.99
N ARG MA 89 51.61 73.52 -75.48
CA ARG MA 89 50.39 73.31 -76.24
C ARG MA 89 49.18 73.14 -75.33
N CYS MA 90 49.37 72.48 -74.21
CA CYS MA 90 48.32 72.16 -73.24
C CYS MA 90 47.09 71.49 -73.83
N VAL MA 91 45.98 71.58 -73.10
CA VAL MA 91 44.65 71.11 -73.48
C VAL MA 91 43.67 71.91 -72.66
N SER MA 92 42.56 72.31 -73.26
CA SER MA 92 41.52 72.98 -72.51
C SER MA 92 40.34 72.05 -72.42
N THR MA 93 39.55 72.18 -71.36
CA THR MA 93 38.41 71.32 -71.14
C THR MA 93 37.22 72.17 -70.72
N PRO MA 94 36.00 71.69 -70.92
CA PRO MA 94 34.83 72.40 -70.40
C PRO MA 94 34.77 72.43 -68.89
N TRP MA 95 35.55 71.61 -68.21
CA TRP MA 95 35.43 71.43 -66.77
C TRP MA 95 36.09 72.57 -66.00
N SER MA 96 35.56 72.82 -64.81
CA SER MA 96 36.15 73.68 -63.82
C SER MA 96 36.39 72.85 -62.57
N TYR MA 97 37.24 73.33 -61.69
CA TYR MA 97 37.59 72.51 -60.54
C TYR MA 97 37.71 73.35 -59.28
N PHE MA 98 37.55 72.68 -58.14
CA PHE MA 98 37.72 73.29 -56.83
C PHE MA 98 39.14 73.06 -56.35
N ASN MA 99 39.85 74.14 -56.09
CA ASN MA 99 41.18 74.08 -55.49
C ASN MA 99 41.05 74.52 -54.04
N PHE MA 100 41.23 73.59 -53.12
CA PHE MA 100 41.17 73.89 -51.70
C PHE MA 100 42.54 74.10 -51.07
N ASN MA 101 43.60 74.09 -51.85
CA ASN MA 101 44.95 73.95 -51.31
C ASN MA 101 45.53 75.33 -51.02
N GLN MA 102 45.55 75.69 -49.75
CA GLN MA 102 46.21 76.86 -49.19
C GLN MA 102 45.83 76.91 -47.72
N TYR MA 103 46.66 77.57 -46.92
CA TYR MA 103 46.29 77.71 -45.52
C TYR MA 103 45.36 78.88 -45.29
N SER MA 104 45.61 80.01 -45.96
CA SER MA 104 44.81 81.21 -45.74
C SER MA 104 43.36 81.00 -46.10
N SER MA 105 43.03 79.94 -46.81
CA SER MA 105 41.64 79.66 -47.11
C SER MA 105 40.93 79.08 -45.91
N HIS MA 106 41.58 78.20 -45.16
CA HIS MA 106 40.96 77.48 -44.08
C HIS MA 106 41.14 78.11 -42.72
N PHE MA 107 41.99 79.12 -42.59
CA PHE MA 107 42.30 79.72 -41.30
C PHE MA 107 42.13 81.23 -41.37
N SER MA 108 41.34 81.76 -40.47
CA SER MA 108 41.29 83.20 -40.30
C SER MA 108 42.63 83.67 -39.76
N PRO MA 109 42.96 84.93 -39.95
CA PRO MA 109 44.20 85.45 -39.36
C PRO MA 109 44.29 85.25 -37.87
N GLN MA 110 43.18 85.09 -37.16
CA GLN MA 110 43.27 84.70 -35.76
C GLN MA 110 43.37 83.20 -35.55
N ASP MA 111 42.61 82.39 -36.29
CA ASP MA 111 42.73 80.95 -36.15
C ASP MA 111 44.17 80.51 -36.41
N TRP MA 112 44.69 80.82 -37.58
CA TRP MA 112 46.12 80.90 -37.74
C TRP MA 112 46.61 81.93 -36.76
N GLN MA 113 47.77 81.71 -36.16
CA GLN MA 113 48.28 82.44 -34.99
C GLN MA 113 47.65 81.98 -33.70
N ARG MA 114 46.49 81.34 -33.72
CA ARG MA 114 46.13 80.60 -32.53
C ARG MA 114 46.82 79.25 -32.51
N LEU MA 115 46.95 78.58 -33.64
CA LEU MA 115 47.76 77.37 -33.68
C LEU MA 115 49.23 77.66 -33.81
N THR MA 116 49.61 78.69 -34.56
CA THR MA 116 51.02 78.99 -34.72
C THR MA 116 51.64 79.36 -33.39
N ASN MA 117 50.88 79.99 -32.51
CA ASN MA 117 51.39 80.31 -31.18
C ASN MA 117 51.29 79.13 -30.24
N GLU MA 118 50.18 78.39 -30.29
CA GLU MA 118 49.87 77.46 -29.22
C GLU MA 118 50.25 76.01 -29.50
N TYR MA 119 50.79 75.67 -30.66
CA TYR MA 119 51.02 74.27 -30.95
C TYR MA 119 52.37 74.01 -31.60
N LYS MA 120 52.96 72.84 -31.29
CA LYS MA 120 54.20 72.42 -31.93
C LYS MA 120 54.00 72.13 -33.40
N ARG MA 121 53.00 71.32 -33.71
CA ARG MA 121 52.93 70.73 -35.03
C ARG MA 121 51.49 70.40 -35.35
N PHE MA 122 51.20 70.33 -36.63
CA PHE MA 122 49.86 70.02 -37.07
C PHE MA 122 49.92 69.41 -38.45
N ARG MA 123 48.97 68.56 -38.76
CA ARG MA 123 48.80 68.06 -40.11
C ARG MA 123 47.32 67.84 -40.32
N PRO MA 124 46.82 68.05 -41.53
CA PRO MA 124 45.41 67.79 -41.76
C PRO MA 124 45.10 66.32 -41.63
N LYS MA 125 44.11 66.00 -40.81
CA LYS MA 125 43.71 64.62 -40.60
C LYS MA 125 42.73 64.13 -41.65
N GLY MA 126 41.74 64.96 -41.98
CA GLY MA 126 40.70 64.56 -42.91
C GLY MA 126 40.06 65.78 -43.52
N MET MA 127 39.18 65.53 -44.47
CA MET MA 127 38.55 66.61 -45.22
C MET MA 127 37.17 66.16 -45.65
N HIS MA 128 36.22 67.09 -45.58
CA HIS MA 128 34.82 66.78 -45.92
C HIS MA 128 34.27 67.96 -46.69
N VAL MA 129 33.80 67.71 -47.91
CA VAL MA 129 33.36 68.77 -48.81
C VAL MA 129 31.92 68.49 -49.20
N LYS MA 130 31.11 69.55 -49.26
CA LYS MA 130 29.70 69.43 -49.59
C LYS MA 130 29.34 70.50 -50.59
N ILE MA 131 28.85 70.08 -51.75
CA ILE MA 131 28.23 70.96 -52.72
C ILE MA 131 26.74 70.96 -52.41
N TYR MA 132 26.13 72.12 -52.37
CA TYR MA 132 24.70 72.18 -52.09
C TYR MA 132 24.18 73.56 -52.47
N ASN MA 133 22.87 73.74 -52.33
CA ASN MA 133 22.20 74.99 -52.66
C ASN MA 133 22.54 75.45 -54.07
N LEU MA 134 22.39 74.55 -55.03
CA LEU MA 134 22.75 74.86 -56.40
C LEU MA 134 21.69 75.71 -57.06
N GLN MA 135 22.10 76.49 -58.06
CA GLN MA 135 21.20 77.33 -58.82
C GLN MA 135 21.66 77.39 -60.26
N ILE MA 136 20.75 77.25 -61.21
CA ILE MA 136 21.07 77.38 -62.62
C ILE MA 136 20.29 78.57 -63.15
N LYS MA 137 20.97 79.63 -63.56
CA LYS MA 137 20.28 80.89 -63.76
C LYS MA 137 19.98 81.26 -65.21
N GLN MA 138 20.43 80.51 -66.21
CA GLN MA 138 19.97 80.73 -67.57
C GLN MA 138 20.21 82.17 -68.06
N ILE MA 139 21.46 82.47 -68.38
CA ILE MA 139 21.77 83.78 -68.93
C ILE MA 139 20.93 84.04 -70.18
N LEU MA 140 20.40 85.26 -70.29
CA LEU MA 140 19.77 85.73 -71.51
C LEU MA 140 20.36 87.07 -71.91
N SER MA 141 20.36 87.34 -73.20
CA SER MA 141 20.80 88.61 -73.76
C SER MA 141 19.81 89.06 -74.82
N ASN MA 142 19.19 90.21 -74.59
CA ASN MA 142 18.36 90.88 -75.58
C ASN MA 142 19.16 91.86 -76.41
N GLY MA 143 20.48 91.87 -76.21
CA GLY MA 143 21.35 92.91 -76.67
C GLY MA 143 21.61 93.87 -75.52
N ALA MA 144 22.84 94.35 -75.42
CA ALA MA 144 23.34 95.10 -74.26
C ALA MA 144 22.98 94.30 -73.00
N ASP MA 145 22.63 94.94 -71.89
CA ASP MA 145 21.92 94.41 -70.72
C ASP MA 145 22.35 93.00 -70.30
N THR MA 146 21.37 92.24 -69.81
CA THR MA 146 21.30 90.79 -69.60
C THR MA 146 20.03 90.53 -68.79
N THR MA 147 19.56 89.29 -68.78
CA THR MA 147 18.50 88.88 -67.88
C THR MA 147 18.77 87.46 -67.43
N TYR MA 148 18.29 87.12 -66.24
CA TYR MA 148 18.50 85.81 -65.64
C TYR MA 148 17.14 85.28 -65.23
N ASN MA 149 16.67 84.24 -65.91
CA ASN MA 149 15.31 83.77 -65.69
C ASN MA 149 15.25 82.75 -64.57
N ASN MA 150 16.37 82.58 -63.87
CA ASN MA 150 16.61 81.39 -63.08
C ASN MA 150 16.48 80.22 -64.04
N ASP MA 151 16.04 79.08 -63.54
CA ASP MA 151 15.85 77.90 -64.37
C ASP MA 151 15.48 76.75 -63.45
N LEU MA 152 14.85 75.75 -64.02
CA LEU MA 152 14.72 74.45 -63.39
C LEU MA 152 14.98 73.43 -64.48
N THR MA 153 14.88 72.16 -64.14
CA THR MA 153 15.16 71.08 -65.07
C THR MA 153 16.49 71.29 -65.77
N ALA MA 154 17.50 71.70 -65.04
CA ALA MA 154 18.86 71.82 -65.54
C ALA MA 154 19.80 71.09 -64.59
N GLY MA 155 21.05 70.88 -65.00
CA GLY MA 155 21.92 69.98 -64.31
C GLY MA 155 23.36 70.47 -64.28
N VAL MA 156 24.11 69.87 -63.39
CA VAL MA 156 25.51 70.19 -63.16
C VAL MA 156 26.26 68.90 -62.93
N HIS MA 157 27.33 68.70 -63.70
CA HIS MA 157 28.17 67.53 -63.53
C HIS MA 157 29.15 67.80 -62.41
N ILE MA 158 29.34 66.83 -61.53
CA ILE MA 158 30.30 66.93 -60.44
C ILE MA 158 31.07 65.63 -60.36
N PHE MA 159 32.39 65.73 -60.45
CA PHE MA 159 33.25 64.56 -60.54
C PHE MA 159 34.43 64.74 -59.60
N CYS MA 160 34.81 63.67 -58.92
CA CYS MA 160 35.93 63.67 -57.99
C CYS MA 160 36.92 62.59 -58.36
N ASP MA 161 38.19 62.79 -58.04
CA ASP MA 161 39.24 61.81 -58.26
C ASP MA 161 39.59 61.11 -56.96
N GLY MA 162 39.21 59.85 -56.83
CA GLY MA 162 39.72 59.07 -55.72
C GLY MA 162 40.97 58.31 -56.12
N GLU MA 163 41.09 58.02 -57.41
CA GLU MA 163 42.23 57.27 -57.92
C GLU MA 163 43.37 58.18 -58.36
N HIS MA 164 43.12 59.47 -58.49
CA HIS MA 164 44.05 60.41 -59.11
C HIS MA 164 44.47 59.98 -60.51
N ALA MA 165 43.64 59.23 -61.20
CA ALA MA 165 43.70 59.25 -62.66
C ALA MA 165 43.32 60.66 -63.10
N TYR MA 166 43.71 61.00 -64.32
CA TYR MA 166 43.57 62.33 -64.90
C TYR MA 166 44.68 63.26 -64.41
N PRO MA 167 45.04 64.24 -65.23
CA PRO MA 167 46.25 65.03 -64.97
C PRO MA 167 46.24 65.93 -63.75
N ASN MA 168 45.14 66.05 -63.01
CA ASN MA 168 45.06 66.76 -61.73
C ASN MA 168 45.63 68.19 -61.74
N ALA MA 169 44.83 69.14 -62.23
CA ALA MA 169 45.26 70.52 -62.45
C ALA MA 169 46.04 71.10 -61.27
N THR MA 170 45.62 70.78 -60.04
CA THR MA 170 46.13 71.51 -58.87
C THR MA 170 47.64 71.51 -58.84
N HIS MA 171 48.20 72.72 -58.77
CA HIS MA 171 49.61 73.01 -58.58
C HIS MA 171 49.71 73.86 -57.33
N PRO MA 172 50.75 73.69 -56.52
CA PRO MA 172 50.73 74.32 -55.18
C PRO MA 172 50.41 75.81 -55.16
N TRP MA 173 51.05 76.62 -55.98
CA TRP MA 173 50.88 78.06 -55.82
C TRP MA 173 49.66 78.53 -56.60
N ASP MA 174 49.76 78.55 -57.93
CA ASP MA 174 48.66 78.91 -58.82
C ASP MA 174 48.07 80.22 -58.32
N GLU MA 175 46.75 80.31 -58.19
CA GLU MA 175 46.02 81.52 -57.89
C GLU MA 175 44.89 81.04 -57.01
N ASP MA 176 43.88 81.89 -56.83
CA ASP MA 176 42.50 81.45 -56.50
C ASP MA 176 42.55 80.59 -55.24
N VAL MA 177 42.31 79.27 -55.33
CA VAL MA 177 41.98 78.41 -54.22
C VAL MA 177 40.69 79.01 -53.68
N MET MA 178 40.45 78.91 -52.39
CA MET MA 178 39.29 79.58 -51.84
C MET MA 178 39.67 81.01 -51.53
N PRO MA 179 38.77 81.98 -51.67
CA PRO MA 179 39.11 83.32 -51.22
C PRO MA 179 39.34 83.26 -49.72
N GLU MA 180 40.47 83.81 -49.28
CA GLU MA 180 40.81 83.75 -47.87
C GLU MA 180 39.71 84.32 -47.00
N LEU MA 181 38.85 85.13 -47.59
CA LEU MA 181 37.82 85.87 -46.91
C LEU MA 181 36.47 85.31 -47.31
N PRO MA 182 35.62 84.82 -46.39
CA PRO MA 182 34.30 84.32 -46.82
C PRO MA 182 33.45 85.44 -47.39
N TYR MA 183 32.19 85.18 -47.69
CA TYR MA 183 31.25 86.13 -48.30
C TYR MA 183 31.76 86.61 -49.65
N GLN MA 184 32.98 86.26 -50.00
CA GLN MA 184 33.57 86.64 -51.26
C GLN MA 184 33.32 85.50 -52.24
N THR MA 185 32.57 85.79 -53.30
CA THR MA 185 32.20 84.75 -54.23
C THR MA 185 33.42 84.14 -54.88
N TRP MA 186 33.36 82.85 -55.16
CA TRP MA 186 34.53 82.11 -55.60
C TRP MA 186 34.36 81.68 -57.04
N TYR MA 187 35.09 82.30 -57.94
CA TYR MA 187 35.01 81.99 -59.35
C TYR MA 187 35.93 80.82 -59.66
N LEU MA 188 35.37 79.75 -60.21
CA LEU MA 188 36.15 78.59 -60.58
C LEU MA 188 36.97 78.86 -61.83
N PHE MA 189 37.98 78.02 -62.03
CA PHE MA 189 38.91 78.16 -63.14
C PHE MA 189 38.89 76.91 -64.00
N GLN MA 190 39.15 77.11 -65.28
CA GLN MA 190 39.04 76.05 -66.25
C GLN MA 190 40.09 74.98 -66.02
N TYR MA 191 39.72 73.73 -66.25
CA TYR MA 191 40.65 72.62 -66.10
C TYR MA 191 41.38 72.37 -67.41
N GLY MA 192 42.71 72.28 -67.32
CA GLY MA 192 43.52 72.00 -68.48
C GLY MA 192 44.74 71.23 -68.04
N TYR MA 193 45.47 70.71 -69.02
CA TYR MA 193 46.67 69.96 -68.69
C TYR MA 193 47.61 69.94 -69.89
N ILE MA 194 48.88 69.70 -69.61
CA ILE MA 194 49.88 69.58 -70.66
C ILE MA 194 49.93 68.13 -71.11
N PRO MA 195 49.48 67.82 -72.33
CA PRO MA 195 49.63 66.43 -72.80
C PRO MA 195 51.08 66.04 -73.02
N VAL MA 196 51.87 66.89 -73.68
CA VAL MA 196 53.27 66.63 -73.99
C VAL MA 196 53.98 67.96 -74.20
N ILE MA 197 55.29 67.97 -73.94
CA ILE MA 197 56.12 69.12 -74.23
C ILE MA 197 55.90 69.55 -75.68
N HIS MA 198 55.65 70.84 -75.89
CA HIS MA 198 55.34 71.31 -77.24
C HIS MA 198 56.51 71.11 -78.18
N GLU MA 199 57.67 71.66 -77.82
CA GLU MA 199 58.88 71.24 -78.50
C GLU MA 199 59.06 69.75 -78.26
N LEU MA 200 59.80 69.08 -79.14
CA LEU MA 200 59.83 67.62 -79.12
C LEU MA 200 58.45 67.06 -79.44
N ALA MA 201 58.15 66.96 -80.75
CA ALA MA 201 56.83 66.91 -81.39
C ALA MA 201 56.36 68.22 -82.00
N GLU MA 202 57.19 69.25 -82.02
CA GLU MA 202 56.80 70.49 -82.69
C GLU MA 202 56.20 70.34 -84.11
N MET MA 203 56.73 69.52 -85.02
CA MET MA 203 58.03 68.84 -84.98
C MET MA 203 58.78 69.26 -86.24
N GLU MA 204 60.11 69.16 -86.23
CA GLU MA 204 60.89 69.71 -87.33
C GLU MA 204 61.20 68.66 -88.38
N ASP MA 205 60.53 68.78 -89.53
CA ASP MA 205 60.80 67.98 -90.72
C ASP MA 205 60.91 66.50 -90.40
N SER MA 206 61.84 65.81 -91.06
CA SER MA 206 62.34 64.50 -90.62
C SER MA 206 61.13 63.58 -90.20
N ASN MA 207 60.94 63.03 -88.99
CA ASN MA 207 61.82 62.93 -87.82
C ASN MA 207 61.80 61.53 -87.25
N ALA MA 208 60.60 61.13 -86.84
CA ALA MA 208 60.25 59.80 -86.32
C ALA MA 208 60.69 59.63 -84.87
N VAL MA 209 61.60 60.47 -84.40
CA VAL MA 209 61.87 60.53 -82.96
C VAL MA 209 60.88 61.48 -82.29
N GLU MA 210 60.54 62.59 -82.94
CA GLU MA 210 59.47 63.44 -82.44
C GLU MA 210 58.12 63.05 -83.02
N LYS MA 211 58.10 62.21 -84.05
CA LYS MA 211 56.84 61.64 -84.49
C LYS MA 211 56.27 60.77 -83.39
N ALA MA 212 57.06 59.81 -82.91
CA ALA MA 212 56.79 59.27 -81.60
C ALA MA 212 56.96 60.39 -80.58
N ILE MA 213 56.26 60.25 -79.46
CA ILE MA 213 56.06 61.28 -78.44
C ILE MA 213 55.04 62.29 -78.92
N CYS MA 214 54.86 62.43 -80.23
CA CYS MA 214 53.68 63.10 -80.74
C CYS MA 214 52.52 62.15 -80.87
N LEU MA 215 52.79 60.95 -81.38
CA LEU MA 215 51.76 59.93 -81.48
C LEU MA 215 51.31 59.47 -80.10
N GLN MA 216 52.19 59.53 -79.12
CA GLN MA 216 51.88 58.93 -77.83
C GLN MA 216 51.21 59.91 -76.89
N ILE MA 217 50.92 61.14 -77.31
CA ILE MA 217 50.40 62.11 -76.37
C ILE MA 217 49.05 61.56 -75.92
N PRO MA 218 48.84 61.39 -74.62
CA PRO MA 218 47.57 60.87 -74.14
C PRO MA 218 46.51 61.97 -74.17
N PHE MA 219 45.27 61.55 -74.29
CA PHE MA 219 44.15 62.47 -74.31
C PHE MA 219 43.15 62.00 -73.26
N PHE MA 220 42.97 62.82 -72.23
CA PHE MA 220 42.13 62.48 -71.10
C PHE MA 220 40.83 63.24 -71.20
N MET MA 221 39.76 62.61 -70.77
CA MET MA 221 38.43 63.18 -70.83
C MET MA 221 37.73 62.84 -69.53
N LEU MA 222 37.04 63.80 -68.97
CA LEU MA 222 36.37 63.56 -67.71
C LEU MA 222 35.01 62.93 -67.90
N GLU MA 223 34.64 62.59 -69.14
CA GLU MA 223 33.33 61.98 -69.32
C GLU MA 223 33.42 60.52 -68.94
N ASN MA 224 33.99 59.65 -69.78
CA ASN MA 224 34.72 58.47 -69.31
C ASN MA 224 34.15 57.93 -68.01
N SER MA 225 34.96 57.90 -66.97
CA SER MA 225 34.50 57.48 -65.66
C SER MA 225 33.27 58.24 -65.22
N ASP MA 226 32.35 57.53 -64.57
CA ASP MA 226 31.05 58.09 -64.26
C ASP MA 226 31.12 59.15 -63.18
N HIS MA 227 30.12 60.01 -63.16
CA HIS MA 227 30.04 61.08 -62.19
C HIS MA 227 28.60 61.52 -62.04
N GLU MA 228 28.33 62.28 -60.99
CA GLU MA 228 26.97 62.65 -60.66
C GLU MA 228 26.56 63.93 -61.37
N VAL MA 229 25.30 63.97 -61.80
CA VAL MA 229 24.67 65.20 -62.26
C VAL MA 229 23.69 65.61 -61.17
N LEU MA 230 23.51 66.91 -61.01
CA LEU MA 230 22.65 67.42 -59.96
C LEU MA 230 21.73 68.48 -60.52
N ARG MA 231 20.44 68.35 -60.26
CA ARG MA 231 19.58 69.50 -60.42
C ARG MA 231 19.67 70.35 -59.16
N THR MA 232 18.78 71.32 -59.02
CA THR MA 232 18.84 72.23 -57.88
C THR MA 232 18.70 71.51 -56.55
N GLY MA 233 17.60 70.79 -56.35
CA GLY MA 233 17.30 70.23 -55.04
C GLY MA 233 18.36 69.26 -54.52
N GLU MA 234 19.15 68.67 -55.40
CA GLU MA 234 20.14 67.68 -54.99
C GLU MA 234 21.42 68.35 -54.49
N SER MA 235 22.17 67.60 -53.69
CA SER MA 235 23.50 67.99 -53.24
C SER MA 235 24.45 66.81 -53.36
N THR MA 236 25.68 67.01 -52.91
CA THR MA 236 26.70 65.97 -52.95
C THR MA 236 27.69 66.19 -51.83
N GLU MA 237 28.21 65.10 -51.29
CA GLU MA 237 29.27 65.15 -50.29
C GLU MA 237 30.51 64.43 -50.81
N PHE MA 238 31.66 64.81 -50.29
CA PHE MA 238 32.90 64.13 -50.56
C PHE MA 238 33.72 64.10 -49.29
N THR MA 239 34.41 62.99 -49.06
CA THR MA 239 35.31 62.88 -47.92
C THR MA 239 36.72 62.57 -48.40
N PHE MA 240 37.69 62.87 -47.54
CA PHE MA 240 39.08 62.60 -47.86
C PHE MA 240 39.80 62.26 -46.56
N ASN MA 241 40.77 61.37 -46.67
CA ASN MA 241 41.65 61.06 -45.56
C ASN MA 241 43.08 61.26 -46.03
N PHE MA 242 43.95 61.61 -45.09
CA PHE MA 242 45.31 62.01 -45.43
C PHE MA 242 46.30 61.09 -44.74
N ASP MA 243 47.16 60.46 -45.55
CA ASP MA 243 48.42 59.94 -45.06
C ASP MA 243 49.43 61.06 -45.29
N CYS MA 244 49.88 61.67 -44.20
CA CYS MA 244 50.44 63.00 -44.32
C CYS MA 244 51.50 63.20 -43.25
N GLU MA 245 52.52 63.96 -43.59
CA GLU MA 245 53.62 64.27 -42.68
C GLU MA 245 53.28 65.52 -41.88
N TRP MA 246 53.69 65.51 -40.61
CA TRP MA 246 53.52 66.70 -39.78
C TRP MA 246 54.27 67.87 -40.37
N ILE MA 247 53.73 69.07 -40.16
CA ILE MA 247 54.48 70.30 -40.38
C ILE MA 247 54.74 70.90 -39.02
N ASN MA 248 56.01 71.17 -38.73
CA ASN MA 248 56.44 71.46 -37.36
C ASN MA 248 56.61 72.95 -37.16
N ASN MA 249 55.93 73.48 -36.16
CA ASN MA 249 56.15 74.84 -35.68
C ASN MA 249 57.00 74.74 -34.44
N GLU MA 250 58.27 75.12 -34.57
CA GLU MA 250 59.33 74.90 -33.59
C GLU MA 250 60.55 75.63 -34.10
N ARG MA 251 61.48 75.89 -33.20
CA ARG MA 251 62.64 76.69 -33.52
C ARG MA 251 63.85 76.11 -32.82
N ALA MA 252 64.93 75.95 -33.56
CA ALA MA 252 66.21 75.56 -32.99
C ALA MA 252 66.97 76.81 -32.62
N TYR MA 253 67.25 76.96 -31.33
CA TYR MA 253 67.96 78.14 -30.86
C TYR MA 253 69.46 78.08 -31.16
N ILE MA 254 69.98 76.92 -31.52
CA ILE MA 254 71.38 76.77 -31.91
C ILE MA 254 71.47 75.84 -33.10
N PRO MA 255 72.55 75.95 -33.88
CA PRO MA 255 72.81 74.98 -34.93
C PRO MA 255 72.96 73.59 -34.32
N PRO MA 256 72.72 72.53 -35.09
CA PRO MA 256 72.90 71.19 -34.53
C PRO MA 256 74.35 70.88 -34.18
N GLY MA 257 75.30 71.49 -34.85
CA GLY MA 257 76.69 71.28 -34.52
C GLY MA 257 77.18 72.05 -33.33
N LEU MA 258 76.34 72.90 -32.74
CA LEU MA 258 76.72 73.72 -31.62
C LEU MA 258 76.32 73.08 -30.29
N MET MA 259 75.88 71.84 -30.31
CA MET MA 259 75.42 71.15 -29.11
C MET MA 259 76.60 70.44 -28.48
N PHE MA 260 77.05 70.95 -27.34
CA PHE MA 260 78.11 70.34 -26.55
C PHE MA 260 78.32 71.20 -25.31
N ASN MA 261 78.98 70.62 -24.33
CA ASN MA 261 79.33 71.36 -23.14
C ASN MA 261 80.69 71.99 -23.37
N PRO MA 262 80.76 73.30 -23.59
CA PRO MA 262 82.04 73.92 -23.92
C PRO MA 262 82.98 73.98 -22.74
N LEU MA 263 82.48 73.78 -21.53
CA LEU MA 263 83.35 73.77 -20.36
C LEU MA 263 84.25 72.55 -20.37
N VAL MA 264 83.73 71.40 -20.76
CA VAL MA 264 84.48 70.15 -20.65
C VAL MA 264 85.52 70.08 -21.74
N PRO MA 265 86.77 69.73 -21.44
CA PRO MA 265 87.76 69.55 -22.50
C PRO MA 265 87.40 68.36 -23.37
N THR MA 266 88.00 68.32 -24.56
CA THR MA 266 87.73 67.26 -25.51
C THR MA 266 88.97 66.43 -25.74
N ARG MA 267 88.78 65.14 -26.02
CA ARG MA 267 89.87 64.32 -26.48
C ARG MA 267 89.81 64.16 -27.99
N ARG MA 268 90.68 64.90 -28.67
CA ARG MA 268 90.72 65.00 -30.12
C ARG MA 268 91.92 65.87 -30.47
N ALA MA 269 92.36 65.84 -31.72
CA ALA MA 269 93.53 66.62 -32.08
C ALA MA 269 93.37 67.14 -33.50
N GLN MA 270 94.09 68.23 -33.78
CA GLN MA 270 94.08 68.88 -35.08
C GLN MA 270 95.50 68.84 -35.63
N TYR MA 271 95.70 68.07 -36.69
CA TYR MA 271 96.92 68.19 -37.46
C TYR MA 271 96.65 69.24 -38.53
N ILE MA 272 97.59 70.14 -38.72
CA ILE MA 272 97.46 71.19 -39.71
C ILE MA 272 98.66 71.14 -40.64
N ARG MA 273 98.39 71.02 -41.94
CA ARG MA 273 99.44 70.87 -42.93
C ARG MA 273 100.36 72.10 -42.95
N ARG MA 274 101.59 71.89 -43.40
CA ARG MA 274 102.48 73.01 -43.68
C ARG MA 274 101.76 74.03 -44.57
N ASN MA 275 101.87 75.30 -44.20
CA ASN MA 275 101.01 76.31 -44.80
C ASN MA 275 101.50 76.69 -46.19
N ASN MA 276 102.80 76.55 -46.46
CA ASN MA 276 103.37 76.87 -47.77
C ASN MA 276 102.98 78.28 -48.19
N ASN MA 277 103.61 79.25 -47.53
CA ASN MA 277 103.23 80.67 -47.53
C ASN MA 277 101.95 80.79 -46.72
N PRO MA 278 101.78 81.90 -45.97
CA PRO MA 278 102.87 82.81 -45.57
C PRO MA 278 103.94 82.16 -44.68
N GLN MA 279 103.51 81.41 -43.67
CA GLN MA 279 104.38 81.03 -42.57
C GLN MA 279 103.69 79.96 -41.73
N THR MA 280 104.18 79.69 -40.52
CA THR MA 280 103.55 78.75 -39.58
C THR MA 280 103.56 77.31 -40.07
N ALA MA 281 104.72 76.66 -39.95
CA ALA MA 281 104.87 75.27 -40.32
C ALA MA 281 103.97 74.37 -39.48
N GLU MA 282 103.75 73.16 -40.00
CA GLU MA 282 102.73 72.26 -39.49
C GLU MA 282 102.89 72.00 -37.99
N SER MA 283 101.75 71.82 -37.32
CA SER MA 283 101.74 71.47 -35.90
C SER MA 283 100.46 70.72 -35.59
N THR MA 284 100.53 69.85 -34.59
CA THR MA 284 99.36 69.18 -34.05
C THR MA 284 99.03 69.76 -32.67
N SER MA 285 97.74 69.78 -32.34
CA SER MA 285 97.30 70.39 -31.10
C SER MA 285 95.96 69.81 -30.70
N ARG MA 286 95.64 69.93 -29.42
CA ARG MA 286 94.35 69.49 -28.93
C ARG MA 286 93.28 70.51 -29.26
N ILE MA 287 92.10 70.02 -29.61
CA ILE MA 287 90.99 70.89 -29.92
C ILE MA 287 90.53 71.60 -28.66
N ALA MA 288 90.29 72.91 -28.77
CA ALA MA 288 89.90 73.71 -27.64
C ALA MA 288 88.60 73.20 -27.04
N PRO MA 289 88.37 73.44 -25.74
CA PRO MA 289 87.13 72.93 -25.12
C PRO MA 289 85.89 73.51 -25.77
N TYR MA 290 85.87 74.82 -25.99
CA TYR MA 290 84.89 75.42 -26.86
C TYR MA 290 85.19 75.00 -28.29
N ALA MA 291 84.19 75.13 -29.16
CA ALA MA 291 84.37 74.87 -30.59
C ALA MA 291 84.86 73.46 -30.85
N LYS MA 292 84.14 72.50 -30.30
CA LYS MA 292 84.42 71.12 -30.59
C LYS MA 292 83.92 70.76 -31.97
N PRO MA 293 84.57 69.81 -32.65
CA PRO MA 293 84.09 69.40 -33.97
C PRO MA 293 82.74 68.74 -33.88
N THR MA 294 82.09 68.63 -35.03
CA THR MA 294 80.75 68.09 -35.07
C THR MA 294 80.57 67.14 -36.23
N SER MA 295 79.60 66.26 -36.08
CA SER MA 295 78.91 65.63 -37.19
C SER MA 295 77.85 66.59 -37.70
N TRP MA 296 76.89 66.05 -38.42
CA TRP MA 296 75.71 66.84 -38.73
C TRP MA 296 76.00 68.00 -39.66
N MET MA 297 76.21 67.63 -40.92
CA MET MA 297 76.37 68.47 -42.08
C MET MA 297 75.12 69.32 -42.32
N THR MA 298 75.31 70.42 -43.05
CA THR MA 298 74.21 71.30 -43.39
C THR MA 298 73.33 70.69 -44.47
N GLY MA 299 72.09 71.15 -44.53
CA GLY MA 299 71.16 70.71 -45.53
C GLY MA 299 71.59 71.12 -46.93
N PRO MA 300 71.08 70.41 -47.94
CA PRO MA 300 71.53 70.66 -49.30
C PRO MA 300 70.89 71.88 -49.93
N GLY MA 301 71.58 72.45 -50.90
CA GLY MA 301 71.06 73.57 -51.67
C GLY MA 301 71.83 73.66 -52.96
N LEU MA 302 71.32 74.48 -53.88
CA LEU MA 302 72.04 74.83 -55.10
C LEU MA 302 72.09 76.34 -55.24
N LEU MA 303 73.26 76.92 -55.00
CA LEU MA 303 73.42 78.36 -55.03
C LEU MA 303 74.15 78.94 -56.23
N SER MA 304 74.65 78.11 -57.16
CA SER MA 304 75.58 78.66 -58.14
C SER MA 304 74.87 79.37 -59.28
N ALA MA 305 73.73 78.85 -59.71
CA ALA MA 305 73.06 79.27 -60.92
C ALA MA 305 72.48 80.67 -60.79
N GLN MA 306 72.16 81.27 -61.94
CA GLN MA 306 71.45 82.53 -62.00
C GLN MA 306 70.34 82.43 -63.03
N ARG MA 307 69.20 83.06 -62.73
CA ARG MA 307 68.08 83.03 -63.66
C ARG MA 307 68.50 83.62 -65.00
N VAL MA 308 67.98 83.03 -66.07
CA VAL MA 308 68.52 83.21 -67.42
C VAL MA 308 67.49 83.89 -68.31
N GLY MA 309 67.80 85.12 -68.71
CA GLY MA 309 67.10 85.75 -69.81
C GLY MA 309 65.86 86.51 -69.40
N PRO MA 310 65.05 86.87 -70.39
CA PRO MA 310 63.90 87.74 -70.13
C PRO MA 310 62.77 87.00 -69.46
N ALA MA 311 61.91 87.76 -68.79
CA ALA MA 311 60.72 87.18 -68.20
C ALA MA 311 59.77 86.68 -69.29
N THR MA 312 58.86 85.80 -68.87
CA THR MA 312 57.89 85.07 -69.70
C THR MA 312 58.58 83.94 -70.45
N SER MA 313 59.90 83.83 -70.40
CA SER MA 313 60.66 82.75 -71.01
C SER MA 313 60.92 81.59 -70.05
N ASP MA 314 60.33 81.62 -68.86
CA ASP MA 314 60.60 80.62 -67.82
C ASP MA 314 62.06 80.64 -67.37
N THR MA 315 62.43 81.67 -66.62
CA THR MA 315 63.77 81.73 -66.08
C THR MA 315 63.79 81.08 -64.70
N GLY MA 316 64.36 79.89 -64.62
CA GLY MA 316 64.38 79.18 -63.35
C GLY MA 316 65.71 79.12 -62.64
N ALA MA 317 66.78 79.45 -63.36
CA ALA MA 317 68.18 79.27 -63.02
C ALA MA 317 68.58 77.80 -62.97
N TRP MA 318 67.63 76.87 -62.87
CA TRP MA 318 67.90 75.46 -63.02
C TRP MA 318 66.75 74.89 -63.85
N MET MA 319 67.08 74.37 -65.03
CA MET MA 319 66.08 73.76 -65.90
C MET MA 319 66.29 72.27 -65.87
N VAL MA 320 65.22 71.52 -65.63
CA VAL MA 320 65.33 70.07 -65.55
C VAL MA 320 65.32 69.46 -66.95
N ALA MA 321 64.44 69.94 -67.81
CA ALA MA 321 64.28 69.48 -69.18
C ALA MA 321 64.21 67.97 -69.35
N VAL MA 322 64.60 67.49 -70.54
CA VAL MA 322 64.64 66.07 -70.87
C VAL MA 322 65.87 65.74 -71.70
N LYS MA 323 65.94 66.30 -72.91
CA LYS MA 323 66.97 65.99 -73.89
C LYS MA 323 66.97 64.51 -74.31
N PRO MA 324 65.97 64.06 -75.05
CA PRO MA 324 66.09 62.78 -75.74
C PRO MA 324 67.23 62.83 -76.75
N GLU MA 325 67.71 61.66 -77.13
CA GLU MA 325 69.03 61.57 -77.74
C GLU MA 325 69.08 62.29 -79.09
N ASN MA 326 68.05 62.12 -79.91
CA ASN MA 326 68.01 62.87 -81.16
C ASN MA 326 67.04 64.04 -81.08
N ALA MA 327 65.76 63.74 -81.23
CA ALA MA 327 64.67 64.70 -81.25
C ALA MA 327 65.01 65.83 -82.21
N SER MA 328 64.60 67.04 -81.86
CA SER MA 328 65.15 68.28 -82.39
C SER MA 328 64.75 69.38 -81.42
N ILE MA 329 65.51 70.47 -81.43
CA ILE MA 329 65.29 71.51 -80.44
C ILE MA 329 65.50 72.86 -81.10
N ASP MA 330 64.60 73.79 -80.81
CA ASP MA 330 64.70 75.18 -81.25
C ASP MA 330 65.69 75.89 -80.34
N THR MA 331 65.72 77.22 -80.39
CA THR MA 331 66.45 77.97 -79.37
C THR MA 331 66.02 77.47 -78.00
N GLY MA 332 67.00 77.25 -77.13
CA GLY MA 332 66.74 76.56 -75.89
C GLY MA 332 67.34 75.18 -75.80
N MET MA 333 67.45 74.54 -74.62
CA MET MA 333 67.13 75.03 -73.25
C MET MA 333 65.76 75.74 -73.15
N SER MA 334 65.74 76.98 -72.68
CA SER MA 334 64.53 77.82 -72.66
C SER MA 334 63.36 77.12 -71.88
N GLY MA 335 62.21 76.71 -72.44
CA GLY MA 335 61.89 76.30 -73.81
C GLY MA 335 61.73 74.79 -73.89
N ILE MA 336 62.36 74.10 -72.95
CA ILE MA 336 62.06 72.71 -72.64
C ILE MA 336 62.23 72.54 -71.14
N GLY MA 337 61.42 71.66 -70.57
CA GLY MA 337 61.49 71.41 -69.14
C GLY MA 337 61.08 72.61 -68.31
N SER MA 338 61.31 72.48 -67.01
CA SER MA 338 60.75 73.39 -66.02
C SER MA 338 61.86 74.00 -65.19
N GLY MA 339 61.64 75.24 -64.73
CA GLY MA 339 62.58 75.84 -63.80
C GLY MA 339 62.40 75.28 -62.41
N PHE MA 340 63.51 75.04 -61.74
CA PHE MA 340 63.52 74.52 -60.38
C PHE MA 340 63.62 75.69 -59.41
N ASP MA 341 62.63 75.82 -58.54
CA ASP MA 341 62.51 77.00 -57.70
C ASP MA 341 61.92 76.63 -56.33
N PRO MA 342 62.42 77.25 -55.25
CA PRO MA 342 63.73 77.88 -55.06
C PRO MA 342 64.85 76.89 -54.80
N PRO MA 343 65.96 76.99 -55.54
CA PRO MA 343 67.23 76.58 -54.96
C PRO MA 343 67.94 77.76 -54.27
N GLN MA 344 68.60 77.66 -53.11
CA GLN MA 344 68.25 76.86 -51.95
C GLN MA 344 68.05 75.35 -52.22
N GLY MA 345 67.15 74.58 -51.58
CA GLY MA 345 66.44 74.81 -50.33
C GLY MA 345 67.38 74.96 -49.16
N SER MA 346 66.83 75.38 -48.02
CA SER MA 346 67.63 75.70 -46.84
C SER MA 346 68.74 76.66 -47.21
N LEU MA 347 69.94 76.43 -46.66
CA LEU MA 347 71.18 76.97 -47.18
C LEU MA 347 71.05 78.45 -47.55
N ALA MA 348 71.05 79.33 -46.55
CA ALA MA 348 70.53 80.68 -46.68
C ALA MA 348 71.01 81.34 -47.97
N PRO MA 349 70.12 81.96 -48.73
CA PRO MA 349 70.46 82.42 -50.09
C PRO MA 349 71.35 83.65 -50.09
N THR MA 350 71.92 83.90 -51.25
CA THR MA 350 72.79 85.06 -51.46
C THR MA 350 71.95 86.31 -51.65
N ASN MA 351 71.23 86.40 -52.76
CA ASN MA 351 70.43 87.60 -52.99
C ASN MA 351 68.96 87.26 -53.14
N LEU MA 352 68.18 88.28 -53.46
CA LEU MA 352 66.73 88.19 -53.58
C LEU MA 352 66.31 87.13 -54.59
N GLU MA 353 67.18 86.84 -55.55
CA GLU MA 353 66.82 85.98 -56.67
C GLU MA 353 66.38 84.59 -56.22
N TYR MA 354 66.88 84.14 -55.07
CA TYR MA 354 66.55 82.82 -54.52
C TYR MA 354 65.50 82.87 -53.44
N LYS MA 355 64.98 84.04 -53.11
CA LYS MA 355 64.30 84.28 -51.83
C LYS MA 355 62.81 83.97 -51.90
N ILE MA 356 62.36 83.34 -52.98
CA ILE MA 356 60.97 83.20 -53.40
C ILE MA 356 60.39 84.59 -53.55
N GLN MA 357 59.06 84.70 -53.50
CA GLN MA 357 58.32 85.95 -53.58
C GLN MA 357 56.88 85.55 -53.90
N TRP MA 358 55.89 86.41 -53.65
CA TRP MA 358 54.59 86.25 -54.29
C TRP MA 358 53.81 87.54 -54.15
N TYR MA 359 52.78 87.69 -55.00
CA TYR MA 359 52.07 88.96 -55.04
C TYR MA 359 50.84 88.98 -54.16
N GLN MA 360 50.41 87.82 -53.67
CA GLN MA 360 49.21 87.67 -52.83
C GLN MA 360 48.03 88.48 -53.35
N THR MA 361 47.91 88.60 -54.67
CA THR MA 361 46.91 89.43 -55.32
C THR MA 361 47.05 89.30 -56.82
N PRO MA 362 45.95 89.09 -57.55
CA PRO MA 362 46.06 89.07 -59.01
C PRO MA 362 46.33 90.43 -59.61
N GLN MA 363 45.91 91.51 -58.94
CA GLN MA 363 46.15 92.85 -59.45
C GLN MA 363 47.60 93.26 -59.27
N GLY MA 364 48.41 92.45 -58.61
CA GLY MA 364 49.78 92.82 -58.32
C GLY MA 364 50.64 93.05 -59.54
N THR MA 365 51.21 94.25 -59.65
CA THR MA 365 52.12 94.59 -60.73
C THR MA 365 53.52 94.13 -60.36
N ASN MA 366 54.52 94.58 -61.12
CA ASN MA 366 55.89 94.09 -60.89
C ASN MA 366 56.32 94.30 -59.44
N ASN MA 367 56.31 95.55 -58.96
CA ASN MA 367 56.45 95.81 -57.53
C ASN MA 367 55.16 96.43 -57.03
N ASN MA 368 54.36 95.62 -56.35
CA ASN MA 368 53.09 95.92 -55.69
C ASN MA 368 52.64 94.58 -55.14
N GLY MA 369 51.81 94.56 -54.11
CA GLY MA 369 51.66 93.29 -53.45
C GLY MA 369 53.06 92.86 -53.07
N ASN MA 370 53.49 91.73 -53.62
CA ASN MA 370 54.92 91.44 -53.76
C ASN MA 370 55.60 91.24 -52.41
N ILE MA 371 55.00 90.45 -51.56
CA ILE MA 371 55.64 90.17 -50.28
C ILE MA 371 56.72 89.12 -50.49
N ILE MA 372 57.85 89.32 -49.87
CA ILE MA 372 59.04 88.52 -50.14
C ILE MA 372 59.35 87.69 -48.91
N SER MA 373 59.75 86.45 -49.11
CA SER MA 373 60.08 85.59 -47.99
C SER MA 373 61.30 86.13 -47.26
N ASN MA 374 61.43 85.73 -45.99
CA ASN MA 374 62.46 86.26 -45.12
C ASN MA 374 62.99 85.14 -44.24
N GLN MA 375 64.08 85.41 -43.54
CA GLN MA 375 64.65 84.35 -42.70
C GLN MA 375 63.86 84.20 -41.41
N PRO MA 376 63.54 82.98 -41.00
CA PRO MA 376 62.79 82.78 -39.75
C PRO MA 376 63.58 83.15 -38.51
N LEU MA 377 64.90 83.30 -38.64
CA LEU MA 377 65.85 83.46 -37.56
C LEU MA 377 66.02 82.16 -36.79
N SER MA 378 65.28 81.11 -37.13
CA SER MA 378 65.59 79.77 -36.68
C SER MA 378 66.98 79.39 -37.14
N MET MA 379 67.67 78.61 -36.33
CA MET MA 379 69.08 78.32 -36.58
C MET MA 379 69.31 77.09 -37.42
N LEU MA 380 68.28 76.44 -37.92
CA LEU MA 380 68.52 75.15 -38.56
C LEU MA 380 69.14 75.12 -39.96
N ARG MA 381 68.53 75.50 -41.10
CA ARG MA 381 67.58 76.57 -41.52
C ARG MA 381 68.33 77.83 -42.01
N ASP MA 382 69.64 77.90 -41.81
CA ASP MA 382 70.42 78.97 -42.44
C ASP MA 382 71.55 78.35 -43.25
N GLN MA 383 72.47 77.67 -42.58
CA GLN MA 383 73.28 76.62 -43.18
C GLN MA 383 74.10 77.13 -44.38
N ALA MA 384 75.15 77.86 -44.06
CA ALA MA 384 76.20 78.05 -45.04
C ALA MA 384 77.07 76.79 -45.12
N LEU MA 385 78.06 76.82 -46.00
CA LEU MA 385 79.13 75.85 -45.97
C LEU MA 385 80.35 76.49 -46.63
N PHE MA 386 81.54 76.15 -46.15
CA PHE MA 386 82.72 76.97 -46.39
C PHE MA 386 83.85 76.23 -47.08
N ARG MA 387 84.32 75.12 -46.55
CA ARG MA 387 85.44 74.39 -47.17
C ARG MA 387 86.65 75.34 -47.21
N GLY MA 388 87.52 75.21 -48.22
CA GLY MA 388 88.62 76.12 -48.45
C GLY MA 388 89.55 76.29 -47.27
N ASN MA 389 90.49 77.22 -47.41
CA ASN MA 389 91.26 77.39 -48.63
C ASN MA 389 92.62 76.82 -48.30
N GLN MA 390 92.75 76.41 -47.03
CA GLN MA 390 93.96 76.29 -46.21
C GLN MA 390 94.31 77.64 -45.60
N THR MA 391 93.70 78.73 -46.06
CA THR MA 391 93.93 80.07 -45.56
C THR MA 391 92.61 80.74 -45.18
N THR MA 392 91.67 80.81 -46.13
CA THR MA 392 90.38 81.46 -45.92
C THR MA 392 89.29 80.43 -46.18
N TYR MA 393 88.12 80.65 -45.57
CA TYR MA 393 86.93 79.88 -45.92
C TYR MA 393 86.20 80.58 -47.06
N ASN MA 394 85.67 79.79 -47.99
CA ASN MA 394 85.00 80.34 -49.16
C ASN MA 394 83.66 79.64 -49.36
N LEU MA 395 82.57 80.39 -49.22
CA LEU MA 395 81.23 79.81 -49.36
C LEU MA 395 81.12 79.03 -50.66
N CYS MA 396 80.64 77.79 -50.56
CA CYS MA 396 80.67 76.86 -51.68
C CYS MA 396 79.28 76.68 -52.27
N SER MA 397 79.22 76.72 -53.59
CA SER MA 397 78.03 76.38 -54.36
C SER MA 397 77.74 74.89 -54.23
N ASP MA 398 76.52 74.51 -54.64
CA ASP MA 398 76.01 73.15 -54.52
C ASP MA 398 75.83 72.80 -53.05
N VAL MA 399 76.54 71.79 -52.54
CA VAL MA 399 76.15 71.03 -51.35
C VAL MA 399 74.95 70.14 -51.65
N TRP MA 400 75.21 69.02 -52.32
CA TRP MA 400 74.26 67.96 -52.57
C TRP MA 400 73.98 67.16 -51.30
N MET MA 401 73.23 66.07 -51.43
CA MET MA 401 72.91 65.26 -50.27
C MET MA 401 74.15 64.58 -49.72
N PHE MA 402 74.18 64.44 -48.40
CA PHE MA 402 75.31 63.90 -47.65
C PHE MA 402 74.77 63.21 -46.42
N PRO MA 403 75.44 62.16 -45.93
CA PRO MA 403 74.82 61.30 -44.90
C PRO MA 403 74.32 61.99 -43.65
N ASN MA 404 75.08 62.91 -43.08
CA ASN MA 404 74.74 63.45 -41.78
C ASN MA 404 73.91 64.71 -41.85
N GLN MA 405 73.41 65.09 -43.02
CA GLN MA 405 72.79 66.39 -43.18
C GLN MA 405 71.53 66.53 -42.34
N ILE MA 406 71.35 67.73 -41.79
CA ILE MA 406 70.08 68.16 -41.24
C ILE MA 406 69.72 69.50 -41.84
N TRP MA 407 68.47 69.63 -42.27
CA TRP MA 407 67.93 70.91 -42.64
C TRP MA 407 66.54 70.98 -42.04
N ASP MA 408 65.98 72.18 -42.04
CA ASP MA 408 64.64 72.37 -41.54
C ASP MA 408 63.74 72.71 -42.70
N ARG MA 409 62.59 72.05 -42.76
CA ARG MA 409 61.66 72.29 -43.84
C ARG MA 409 61.24 73.74 -43.87
N TYR MA 410 60.89 74.23 -45.04
CA TYR MA 410 60.58 75.64 -45.21
C TYR MA 410 59.53 76.07 -44.18
N PRO MA 411 59.72 77.22 -43.53
CA PRO MA 411 58.85 77.59 -42.39
C PRO MA 411 57.41 77.81 -42.76
N ILE MA 412 57.11 77.90 -44.06
CA ILE MA 412 55.84 78.27 -44.65
C ILE MA 412 55.29 79.54 -44.03
N THR MA 413 53.96 79.68 -44.02
CA THR MA 413 53.24 80.88 -43.62
C THR MA 413 51.77 80.66 -43.94
N ARG MA 414 50.92 81.63 -43.62
CA ARG MA 414 49.50 81.46 -43.89
C ARG MA 414 49.16 81.44 -45.38
N GLU MA 415 50.03 81.98 -46.23
CA GLU MA 415 49.76 82.12 -47.64
C GLU MA 415 50.12 80.89 -48.46
N ASN MA 416 50.61 79.85 -47.85
CA ASN MA 416 51.22 78.78 -48.61
C ASN MA 416 50.21 77.71 -48.99
N PRO MA 417 50.51 76.95 -50.03
CA PRO MA 417 49.73 75.73 -50.30
C PRO MA 417 49.96 74.69 -49.22
N ILE MA 418 48.88 74.00 -48.88
CA ILE MA 418 48.97 72.98 -47.84
C ILE MA 418 49.77 71.78 -48.34
N TRP MA 419 49.40 71.25 -49.50
CA TRP MA 419 49.97 70.01 -50.00
C TRP MA 419 50.41 70.17 -51.44
N CYS MA 420 51.15 69.18 -51.90
CA CYS MA 420 51.54 69.01 -53.29
C CYS MA 420 51.56 67.52 -53.57
N LYS MA 421 51.18 67.15 -54.79
CA LYS MA 421 51.13 65.73 -55.12
C LYS MA 421 52.50 65.22 -55.47
N LYS MA 422 52.91 64.13 -54.82
CA LYS MA 422 54.16 63.47 -55.14
C LYS MA 422 53.93 62.57 -56.36
N PRO MA 423 54.57 62.88 -57.49
CA PRO MA 423 54.31 62.09 -58.70
C PRO MA 423 54.78 60.65 -58.57
N ARG MA 424 53.99 59.75 -59.14
CA ARG MA 424 54.29 58.33 -59.07
C ARG MA 424 55.50 58.01 -59.92
N SER MA 425 56.49 57.39 -59.30
CA SER MA 425 57.70 57.01 -60.02
C SER MA 425 58.36 55.88 -59.26
N ASP MA 426 59.25 55.17 -59.95
CA ASP MA 426 59.93 54.03 -59.34
C ASP MA 426 60.74 54.47 -58.13
N LYS MA 427 61.67 55.39 -58.34
CA LYS MA 427 62.63 55.78 -57.32
C LYS MA 427 62.52 57.26 -57.02
N HIS MA 428 62.83 57.61 -55.77
CA HIS MA 428 62.88 59.00 -55.37
C HIS MA 428 63.71 59.13 -54.12
N THR MA 429 64.15 60.35 -53.86
CA THR MA 429 64.91 60.71 -52.66
C THR MA 429 63.99 61.19 -51.55
N THR MA 430 64.55 61.90 -50.56
CA THR MA 430 63.84 62.16 -49.31
C THR MA 430 62.46 62.77 -49.49
N ILE MA 431 62.23 63.49 -50.59
CA ILE MA 431 60.98 64.20 -50.85
C ILE MA 431 60.70 65.25 -49.79
N ASP MA 432 61.49 66.33 -49.79
CA ASP MA 432 61.11 67.52 -49.03
C ASP MA 432 60.91 68.66 -50.01
N PRO MA 433 59.67 69.07 -50.30
CA PRO MA 433 59.48 70.19 -51.23
C PRO MA 433 60.00 71.49 -50.65
N PHE MA 434 60.66 72.28 -51.49
CA PHE MA 434 61.23 73.54 -51.03
C PHE MA 434 60.24 74.68 -51.06
N ASP MA 435 59.01 74.41 -51.44
CA ASP MA 435 57.92 75.36 -51.34
C ASP MA 435 57.27 75.27 -49.97
N GLY MA 436 57.85 74.51 -49.06
CA GLY MA 436 57.12 74.08 -47.89
C GLY MA 436 56.08 73.09 -48.35
N SER MA 437 54.82 73.37 -48.05
CA SER MA 437 53.72 72.50 -48.43
C SER MA 437 53.96 71.07 -47.96
N LEU MA 438 53.54 70.10 -48.75
CA LEU MA 438 53.60 68.70 -48.35
C LEU MA 438 53.58 67.86 -49.61
N ALA MA 439 53.97 66.61 -49.45
CA ALA MA 439 53.89 65.64 -50.54
C ALA MA 439 53.04 64.48 -50.08
N MET MA 440 52.12 64.05 -50.94
CA MET MA 440 51.29 62.89 -50.63
C MET MA 440 51.15 62.03 -51.86
N ASP MA 441 51.11 60.72 -51.66
CA ASP MA 441 50.78 59.81 -52.73
C ASP MA 441 49.45 60.21 -53.36
N HIS MA 442 48.40 60.22 -52.56
CA HIS MA 442 47.09 60.69 -52.99
C HIS MA 442 46.72 61.92 -52.18
N PRO MA 443 46.81 63.11 -52.75
CA PRO MA 443 46.30 64.29 -52.08
C PRO MA 443 44.78 64.30 -52.13
N PRO MA 444 44.13 65.34 -51.63
CA PRO MA 444 42.69 65.45 -51.87
C PRO MA 444 42.40 65.40 -53.36
N GLY MA 445 41.48 64.53 -53.74
CA GLY MA 445 41.11 64.43 -55.14
C GLY MA 445 40.44 65.70 -55.59
N THR MA 446 40.90 66.23 -56.72
CA THR MA 446 40.30 67.46 -57.24
C THR MA 446 38.86 67.20 -57.62
N ILE MA 447 37.97 68.08 -57.17
CA ILE MA 447 36.56 67.99 -57.50
C ILE MA 447 36.32 68.83 -58.74
N PHE MA 448 35.82 68.18 -59.79
CA PHE MA 448 35.55 68.83 -61.06
C PHE MA 448 34.06 69.05 -61.20
N ILE MA 449 33.70 70.11 -61.90
CA ILE MA 449 32.30 70.47 -62.05
C ILE MA 449 32.11 71.17 -63.39
N LYS MA 450 30.98 70.90 -64.04
CA LYS MA 450 30.71 71.35 -65.38
C LYS MA 450 29.22 71.66 -65.48
N MET MA 451 28.84 72.37 -66.53
CA MET MA 451 27.50 72.92 -66.64
C MET MA 451 26.52 72.07 -67.44
N ALA MA 452 26.88 70.87 -67.85
CA ALA MA 452 25.89 69.98 -68.45
C ALA MA 452 25.28 70.56 -69.71
N LYS MA 453 25.99 70.49 -70.83
CA LYS MA 453 25.58 71.14 -72.06
C LYS MA 453 24.13 70.87 -72.37
N ILE MA 454 23.38 71.94 -72.60
CA ILE MA 454 21.99 71.83 -73.02
C ILE MA 454 21.93 72.36 -74.44
N PRO MA 455 21.80 71.50 -75.44
CA PRO MA 455 21.85 71.97 -76.83
C PRO MA 455 20.53 72.57 -77.24
N VAL MA 456 20.51 73.12 -78.46
CA VAL MA 456 19.32 73.75 -79.00
C VAL MA 456 19.23 73.37 -80.47
N PRO MA 457 18.04 73.18 -81.00
CA PRO MA 457 17.93 72.68 -82.37
C PRO MA 457 18.28 73.74 -83.40
N SER MA 458 18.83 73.28 -84.51
CA SER MA 458 19.15 74.16 -85.63
C SER MA 458 19.11 73.35 -86.91
N ASN MA 459 19.30 74.05 -88.04
CA ASN MA 459 19.23 73.41 -89.35
C ASN MA 459 20.55 72.76 -89.75
N ASN MA 460 21.66 73.44 -89.48
CA ASN MA 460 22.97 73.07 -90.01
C ASN MA 460 23.37 71.58 -89.92
N ASN MA 461 23.25 70.92 -88.75
CA ASN MA 461 22.74 71.50 -87.52
C ASN MA 461 23.88 71.80 -86.56
N ALA MA 462 23.51 72.34 -85.40
CA ALA MA 462 24.45 72.70 -84.35
C ALA MA 462 25.54 73.67 -84.89
N ASP MA 463 26.75 73.76 -84.33
CA ASP MA 463 27.01 73.61 -82.89
C ASP MA 463 26.41 74.81 -82.16
N SER MA 464 25.50 74.51 -81.25
CA SER MA 464 24.82 75.55 -80.49
C SER MA 464 24.36 74.94 -79.17
N TYR MA 465 24.25 75.79 -78.17
CA TYR MA 465 23.94 75.33 -76.83
C TYR MA 465 23.31 76.48 -76.07
N LEU MA 466 22.68 76.13 -74.95
CA LEU MA 466 21.99 77.10 -74.15
C LEU MA 466 22.93 77.67 -73.10
N ASN MA 467 22.87 78.98 -72.89
CA ASN MA 467 23.86 79.69 -72.08
C ASN MA 467 23.35 79.76 -70.65
N ILE MA 468 24.03 79.06 -69.74
CA ILE MA 468 23.62 78.96 -68.34
C ILE MA 468 24.85 79.06 -67.46
N TYR MA 469 24.63 79.20 -66.16
CA TYR MA 469 25.69 79.11 -65.18
C TYR MA 469 25.13 78.58 -63.88
N CYS MA 470 25.99 78.03 -63.06
CA CYS MA 470 25.59 77.45 -61.80
C CYS MA 470 26.12 78.29 -60.66
N THR MA 471 25.45 78.20 -59.52
CA THR MA 471 25.84 78.93 -58.34
C THR MA 471 25.47 78.09 -57.14
N GLY MA 472 26.33 78.08 -56.14
CA GLY MA 472 26.05 77.22 -55.01
C GLY MA 472 27.05 77.44 -53.91
N GLN MA 473 27.06 76.51 -52.97
CA GLN MA 473 27.85 76.67 -51.77
C GLN MA 473 28.67 75.42 -51.50
N VAL MA 474 29.98 75.59 -51.43
CA VAL MA 474 30.89 74.53 -51.01
C VAL MA 474 31.19 74.74 -49.53
N SER MA 475 31.18 73.67 -48.77
CA SER MA 475 31.63 73.73 -47.39
C SER MA 475 32.78 72.76 -47.24
N CYS MA 476 33.97 73.28 -47.03
CA CYS MA 476 35.15 72.45 -46.82
C CYS MA 476 35.44 72.43 -45.32
N GLU MA 477 35.19 71.30 -44.70
CA GLU MA 477 35.39 71.12 -43.26
C GLU MA 477 36.51 70.10 -43.08
N ILE MA 478 37.66 70.55 -42.59
CA ILE MA 478 38.82 69.68 -42.49
C ILE MA 478 39.28 69.61 -41.04
N VAL MA 479 39.72 68.44 -40.63
CA VAL MA 479 40.17 68.18 -39.28
C VAL MA 479 41.69 68.13 -39.28
N TRP MA 480 42.30 68.71 -38.26
CA TRP MA 480 43.74 68.85 -38.19
C TRP MA 480 44.23 68.09 -36.97
N GLU MA 481 45.05 67.06 -37.18
CA GLU MA 481 45.80 66.52 -36.06
C GLU MA 481 46.75 67.58 -35.56
N VAL MA 482 46.70 67.86 -34.26
CA VAL MA 482 47.42 68.99 -33.71
C VAL MA 482 48.04 68.55 -32.39
N GLU MA 483 49.23 69.07 -32.09
CA GLU MA 483 49.95 68.72 -30.87
C GLU MA 483 50.42 69.98 -30.17
N ARG MA 484 50.24 70.02 -28.85
CA ARG MA 484 50.45 71.22 -28.07
C ARG MA 484 51.80 71.16 -27.36
N TYR MA 485 52.44 72.31 -27.21
CA TYR MA 485 53.83 72.33 -26.80
C TYR MA 485 53.98 72.54 -25.30
N ALA MA 486 54.97 71.87 -24.74
CA ALA MA 486 55.43 72.11 -23.39
C ALA MA 486 56.94 72.17 -23.40
N THR MA 487 57.51 73.06 -22.61
CA THR MA 487 58.96 73.21 -22.64
C THR MA 487 59.46 73.67 -21.28
N LYS MA 488 60.74 73.43 -21.05
CA LYS MA 488 61.39 73.79 -19.80
C LYS MA 488 62.09 75.13 -19.85
N ASN MA 489 61.98 75.85 -20.96
CA ASN MA 489 62.61 77.16 -21.06
C ASN MA 489 62.05 78.07 -19.99
N TRP MA 490 62.93 78.87 -19.40
CA TRP MA 490 62.51 79.84 -18.39
C TRP MA 490 61.94 81.09 -19.01
N ARG MA 491 62.41 81.46 -20.18
CA ARG MA 491 62.18 82.77 -20.77
C ARG MA 491 60.92 82.82 -21.62
N PRO MA 492 60.43 84.03 -21.91
CA PRO MA 492 59.11 84.18 -22.53
C PRO MA 492 58.94 83.60 -23.92
N GLU MA 493 59.99 83.24 -24.63
CA GLU MA 493 59.94 82.79 -26.05
C GLU MA 493 59.31 83.91 -26.88
N ARG MA 494 58.50 83.58 -27.89
CA ARG MA 494 58.07 84.55 -28.89
C ARG MA 494 56.70 84.14 -29.40
N ARG MA 495 55.89 85.14 -29.76
CA ARG MA 495 54.56 84.90 -30.29
C ARG MA 495 54.36 85.81 -31.48
N HIS MA 496 53.15 85.78 -32.05
CA HIS MA 496 52.81 86.67 -33.14
C HIS MA 496 51.81 87.70 -32.62
N THR MA 497 52.31 88.91 -32.41
CA THR MA 497 51.48 90.07 -32.10
C THR MA 497 50.91 90.67 -33.38
N THR MA 498 49.82 91.41 -33.21
CA THR MA 498 49.43 92.36 -34.25
C THR MA 498 50.47 93.45 -34.43
N PHE MA 499 51.38 93.62 -33.48
CA PHE MA 499 52.34 94.71 -33.65
C PHE MA 499 53.30 94.48 -34.80
N GLY MA 500 53.49 93.23 -35.22
CA GLY MA 500 54.17 93.00 -36.47
C GLY MA 500 53.39 93.56 -37.65
N LEU MA 501 52.07 93.65 -37.50
CA LEU MA 501 51.19 94.16 -38.54
C LEU MA 501 51.33 95.67 -38.64
N GLY MA 502 50.86 96.23 -39.75
CA GLY MA 502 50.94 97.66 -39.97
C GLY MA 502 49.74 98.17 -40.73
N ILE MA 503 49.58 99.49 -40.68
CA ILE MA 503 48.37 100.17 -41.14
C ILE MA 503 48.42 100.34 -42.65
N GLY MA 504 47.27 100.28 -43.31
CA GLY MA 504 47.26 100.45 -44.75
C GLY MA 504 45.87 100.62 -45.32
N GLY MA 505 45.85 100.91 -46.61
CA GLY MA 505 44.64 101.01 -47.44
C GLY MA 505 44.03 102.40 -47.43
N ALA MA 506 43.48 102.80 -48.59
CA ALA MA 506 42.80 104.08 -48.79
C ALA MA 506 43.53 105.24 -48.15
N ASP MA 507 42.79 106.09 -47.46
CA ASP MA 507 43.38 106.86 -46.38
C ASP MA 507 43.82 105.88 -45.31
N ASN MA 508 45.01 106.11 -44.75
CA ASN MA 508 45.78 105.01 -44.15
C ASN MA 508 44.96 104.16 -43.20
N LEU MA 509 43.84 104.67 -42.71
CA LEU MA 509 43.05 104.02 -41.68
C LEU MA 509 42.71 102.57 -42.04
N ASN MA 510 42.53 101.77 -41.00
CA ASN MA 510 42.36 100.33 -40.86
C ASN MA 510 43.74 99.69 -40.91
N PRO MA 511 44.01 98.67 -40.08
CA PRO MA 511 45.39 98.22 -39.99
C PRO MA 511 45.89 97.32 -41.11
N THR MA 512 45.49 96.06 -41.10
CA THR MA 512 46.04 95.12 -42.07
C THR MA 512 45.01 94.10 -42.54
N TYR MA 513 44.58 93.20 -41.68
CA TYR MA 513 43.53 92.28 -42.07
C TYR MA 513 42.21 92.92 -41.67
N HIS MA 514 41.54 93.52 -42.66
CA HIS MA 514 40.43 94.41 -42.37
C HIS MA 514 39.97 95.02 -43.67
N VAL MA 515 38.75 95.55 -43.65
CA VAL MA 515 38.16 96.14 -44.84
C VAL MA 515 38.57 97.58 -45.03
N ASP MA 516 38.52 98.04 -46.27
CA ASP MA 516 38.74 99.42 -46.68
C ASP MA 516 37.39 100.15 -46.63
N LYS MA 517 37.30 101.35 -47.23
CA LYS MA 517 36.08 102.15 -47.01
C LYS MA 517 34.86 102.25 -47.99
N ASN MA 518 34.77 101.84 -49.27
CA ASN MA 518 35.76 101.37 -50.25
C ASN MA 518 36.05 99.89 -50.13
N GLY MA 519 35.34 99.22 -49.23
CA GLY MA 519 35.91 98.06 -48.58
C GLY MA 519 36.54 97.05 -49.49
N THR MA 520 37.86 96.92 -49.29
CA THR MA 520 38.72 95.97 -49.95
C THR MA 520 39.68 95.48 -48.89
N TYR MA 521 39.69 94.18 -48.69
CA TYR MA 521 40.50 93.58 -47.65
C TYR MA 521 41.95 93.98 -47.81
N ILE MA 522 42.52 94.60 -46.77
CA ILE MA 522 43.88 95.11 -46.89
C ILE MA 522 44.86 93.95 -46.89
N GLN MA 523 45.73 93.96 -47.77
CA GLN MA 523 46.59 92.79 -47.77
C GLN MA 523 47.81 93.02 -46.89
N PRO MA 524 48.29 91.95 -46.26
CA PRO MA 524 49.51 92.04 -45.47
C PRO MA 524 50.71 92.32 -46.34
N THR MA 525 51.52 93.30 -45.93
CA THR MA 525 52.67 93.75 -46.70
C THR MA 525 53.97 93.28 -46.04
N THR MA 526 54.80 92.64 -46.84
CA THR MA 526 55.96 91.77 -46.58
C THR MA 526 55.66 90.55 -45.71
N TRP MA 527 56.71 90.00 -45.09
CA TRP MA 527 56.68 88.60 -44.71
C TRP MA 527 56.14 88.39 -43.30
N ASP MA 528 56.55 89.22 -42.35
CA ASP MA 528 56.15 89.02 -40.96
C ASP MA 528 54.66 89.17 -40.75
N MET MA 529 54.00 90.00 -41.55
CA MET MA 529 52.56 90.17 -41.47
C MET MA 529 51.87 88.82 -41.44
N CYS MA 530 51.92 88.09 -42.55
CA CYS MA 530 51.58 86.68 -42.54
C CYS MA 530 52.46 86.01 -41.49
N PHE MA 531 51.84 85.26 -40.59
CA PHE MA 531 52.59 84.82 -39.43
C PHE MA 531 53.14 83.43 -39.66
N PRO MA 532 54.44 83.29 -39.92
CA PRO MA 532 54.96 81.97 -40.31
C PRO MA 532 55.11 81.08 -39.09
N VAL MA 533 54.85 79.79 -39.28
CA VAL MA 533 55.26 78.86 -38.25
C VAL MA 533 56.78 78.73 -38.30
N LYS MA 534 57.34 78.16 -37.24
CA LYS MA 534 58.74 77.79 -37.10
C LYS MA 534 59.56 78.99 -36.62
N THR MA 535 58.97 80.17 -36.50
CA THR MA 535 59.63 81.31 -35.89
C THR MA 535 59.34 81.41 -34.40
N ASN MA 536 58.56 80.49 -33.84
CA ASN MA 536 58.14 80.59 -32.45
C ASN MA 536 58.52 79.33 -31.69
N ILE MA 537 58.09 79.30 -30.44
CA ILE MA 537 58.39 78.26 -29.46
C ILE MA 537 59.90 78.09 -29.41
N ASN MA 538 60.35 76.88 -29.12
CA ASN MA 538 61.74 76.47 -29.17
C ASN MA 538 61.77 74.95 -29.15
N LYS MA 539 62.89 74.38 -29.55
CA LYS MA 539 63.09 72.95 -29.35
C LYS MA 539 64.56 72.71 -28.99
N VAL MA 540 64.76 71.93 -27.94
CA VAL MA 540 66.10 71.38 -27.72
C VAL MA 540 66.36 70.35 -28.82
N LEU MA 541 67.47 70.52 -29.52
CA LEU MA 541 67.79 69.60 -30.60
C LEU MA 541 68.25 68.26 -30.03
N GLY NA 34 67.96 46.60 7.27
CA GLY NA 34 67.93 47.87 7.99
C GLY NA 34 67.89 49.09 7.10
N SER NA 35 67.93 50.27 7.71
CA SER NA 35 67.89 51.52 6.97
C SER NA 35 68.52 52.62 7.81
N GLY NA 36 68.90 53.70 7.17
CA GLY NA 36 69.45 54.86 7.84
C GLY NA 36 70.96 54.92 7.72
N VAL NA 37 71.52 55.95 8.35
CA VAL NA 37 72.96 56.10 8.41
C VAL NA 37 73.58 54.88 9.10
N GLY NA 38 74.73 54.46 8.62
CA GLY NA 38 75.40 53.31 9.17
C GLY NA 38 75.02 51.99 8.52
N ILE NA 39 74.14 52.00 7.53
CA ILE NA 39 73.75 50.82 6.80
C ILE NA 39 73.99 51.12 5.33
N SER NA 40 74.93 50.41 4.70
CA SER NA 40 75.25 50.69 3.31
C SER NA 40 74.07 50.34 2.43
N THR NA 41 73.87 51.13 1.38
CA THR NA 41 72.68 50.93 0.57
C THR NA 41 72.87 49.81 -0.45
N GLY NA 42 74.02 49.78 -1.11
CA GLY NA 42 74.30 48.73 -2.07
C GLY NA 42 75.78 48.46 -2.09
N GLY NA 43 76.15 47.31 -2.67
CA GLY NA 43 77.52 46.87 -2.71
C GLY NA 43 78.17 47.12 -4.05
N TRP NA 44 79.45 46.79 -4.11
CA TRP NA 44 80.22 46.93 -5.33
C TRP NA 44 79.79 45.90 -6.35
N VAL NA 45 80.01 46.21 -7.63
CA VAL NA 45 79.51 45.40 -8.73
C VAL NA 45 80.53 45.44 -9.86
N GLY NA 46 80.61 44.36 -10.63
CA GLY NA 46 81.41 44.37 -11.84
C GLY NA 46 81.66 42.96 -12.35
N GLY NA 47 82.53 42.87 -13.36
CA GLY NA 47 83.11 41.61 -13.80
C GLY NA 47 82.60 41.04 -15.10
N SER NA 48 81.71 41.73 -15.80
CA SER NA 48 81.05 41.31 -17.03
C SER NA 48 80.37 39.95 -16.98
N TYR NA 49 80.10 39.36 -18.15
CA TYR NA 49 79.33 38.12 -18.20
C TYR NA 49 79.63 37.18 -19.37
N PHE NA 50 79.29 37.62 -20.59
CA PHE NA 50 79.47 36.88 -21.83
C PHE NA 50 78.71 35.58 -22.03
N THR NA 51 77.42 35.68 -22.37
CA THR NA 51 76.64 34.61 -22.98
C THR NA 51 76.47 34.87 -24.47
N ASP NA 52 76.35 33.81 -25.26
CA ASP NA 52 76.22 33.89 -26.70
C ASP NA 52 75.21 34.92 -27.17
N SER NA 53 74.07 35.00 -26.49
CA SER NA 53 73.02 35.92 -26.92
C SER NA 53 73.26 37.34 -26.43
N TYR NA 54 73.89 37.53 -25.28
CA TYR NA 54 74.07 38.87 -24.75
C TYR NA 54 75.25 38.91 -23.81
N VAL NA 55 75.76 40.12 -23.61
CA VAL NA 55 76.88 40.38 -22.71
C VAL NA 55 76.44 41.42 -21.70
N ILE NA 56 76.60 41.11 -20.41
CA ILE NA 56 76.26 42.03 -19.33
C ILE NA 56 77.55 42.56 -18.74
N THR NA 57 77.82 43.84 -18.95
CA THR NA 57 78.98 44.50 -18.36
C THR NA 57 78.52 45.28 -17.14
N LYS NA 58 79.23 45.10 -16.04
CA LYS NA 58 78.90 45.75 -14.78
C LYS NA 58 80.11 46.56 -14.33
N ASN NA 59 79.86 47.75 -13.81
CA ASN NA 59 80.93 48.63 -13.38
C ASN NA 59 80.47 49.43 -12.18
N THR NA 60 81.42 49.88 -11.38
CA THR NA 60 81.14 50.67 -10.21
C THR NA 60 82.26 51.68 -10.03
N ARG NA 61 81.94 52.85 -9.49
CA ARG NA 61 82.89 53.94 -9.39
C ARG NA 61 82.78 54.63 -8.05
N GLN NA 62 83.75 55.49 -7.79
CA GLN NA 62 83.71 56.41 -6.68
C GLN NA 62 83.78 57.81 -7.28
N PHE NA 63 82.83 58.67 -6.94
CA PHE NA 63 82.76 59.99 -7.56
C PHE NA 63 82.68 61.06 -6.49
N LEU NA 64 82.89 62.31 -6.89
CA LEU NA 64 82.63 63.41 -5.97
C LEU NA 64 82.11 64.62 -6.71
N VAL NA 65 81.18 65.33 -6.06
CA VAL NA 65 80.57 66.54 -6.58
C VAL NA 65 81.13 67.72 -5.80
N LYS NA 66 81.61 68.72 -6.51
CA LYS NA 66 82.51 69.72 -5.95
C LYS NA 66 81.84 71.06 -5.59
N ILE NA 67 80.54 71.23 -5.84
CA ILE NA 67 79.91 72.56 -5.82
C ILE NA 67 80.60 73.46 -6.84
N GLN NA 68 80.29 73.26 -8.12
CA GLN NA 68 80.84 74.14 -9.14
C GLN NA 68 80.05 75.43 -9.22
N ASN NA 69 80.75 76.53 -9.48
CA ASN NA 69 80.16 77.79 -9.92
C ASN NA 69 79.30 78.42 -8.83
N ASN NA 70 79.77 78.37 -7.59
CA ASN NA 70 78.94 78.70 -6.42
C ASN NA 70 77.67 77.87 -6.61
N HIS NA 71 76.49 78.37 -6.29
CA HIS NA 71 75.29 77.75 -6.83
C HIS NA 71 74.64 78.57 -7.93
N GLN NA 72 75.15 79.76 -8.21
CA GLN NA 72 74.63 80.58 -9.27
C GLN NA 72 75.13 80.11 -10.64
N TYR NA 73 74.42 80.55 -11.68
CA TYR NA 73 74.61 80.13 -13.06
C TYR NA 73 75.67 80.92 -13.82
N LYS NA 74 75.49 82.23 -13.94
CA LYS NA 74 76.23 83.11 -14.83
C LYS NA 74 76.12 82.72 -16.29
N THR NA 75 77.10 83.12 -17.11
CA THR NA 75 77.11 82.88 -18.54
C THR NA 75 78.53 82.49 -18.98
N GLU NA 76 79.49 83.34 -18.65
CA GLU NA 76 80.93 83.13 -18.69
C GLU NA 76 81.66 83.46 -19.98
N LEU NA 77 80.95 83.60 -21.11
CA LEU NA 77 81.54 84.13 -22.35
C LEU NA 77 82.97 83.62 -22.55
N ILE NA 78 83.10 82.34 -22.87
CA ILE NA 78 84.33 81.61 -22.53
C ILE NA 78 85.58 82.26 -23.11
N SER NA 79 85.85 82.05 -24.40
CA SER NA 79 86.91 82.68 -25.17
C SER NA 79 88.31 82.36 -24.66
N PRO NA 80 89.31 82.31 -25.51
CA PRO NA 80 90.65 82.72 -25.09
C PRO NA 80 90.88 84.15 -25.54
N SER NA 81 92.04 84.72 -25.24
CA SER NA 81 92.43 85.97 -25.89
C SER NA 81 93.92 86.05 -26.23
N THR NA 82 94.33 86.22 -27.49
CA THR NA 82 93.63 85.89 -28.77
C THR NA 82 92.14 86.21 -28.93
N SER NA 83 91.79 87.48 -28.69
CA SER NA 83 90.40 87.92 -28.79
C SER NA 83 89.78 87.62 -30.15
N GLN NA 84 90.60 87.34 -31.16
CA GLN NA 84 90.09 86.93 -32.46
C GLN NA 84 89.33 85.61 -32.40
N GLY NA 85 89.40 84.90 -31.28
CA GLY NA 85 88.78 83.58 -31.19
C GLY NA 85 87.26 83.65 -31.27
N LYS NA 86 86.65 82.47 -31.21
CA LYS NA 86 85.20 82.38 -31.35
C LYS NA 86 84.48 83.04 -30.19
N SER NA 87 84.94 82.81 -28.97
CA SER NA 87 84.40 83.47 -27.78
C SER NA 87 82.93 83.12 -27.57
N GLN NA 88 82.62 81.84 -27.62
CA GLN NA 88 81.26 81.39 -27.33
C GLN NA 88 80.86 81.80 -25.92
N ARG NA 89 79.61 82.24 -25.76
CA ARG NA 89 79.19 82.80 -24.49
C ARG NA 89 78.85 81.71 -23.48
N CYS NA 90 78.24 80.63 -23.96
CA CYS NA 90 77.77 79.51 -23.15
C CYS NA 90 76.90 79.90 -21.96
N VAL NA 91 76.81 79.00 -20.99
CA VAL NA 91 76.11 79.17 -19.72
C VAL NA 91 76.75 78.19 -18.75
N SER NA 92 76.96 78.60 -17.52
CA SER NA 92 77.46 77.69 -16.51
C SER NA 92 76.34 77.42 -15.52
N THR NA 93 76.36 76.24 -14.92
CA THR NA 93 75.33 75.84 -13.97
C THR NA 93 75.98 75.24 -12.75
N PRO NA 94 75.28 75.24 -11.61
CA PRO NA 94 75.80 74.53 -10.43
C PRO NA 94 75.85 73.03 -10.61
N TRP NA 95 75.20 72.50 -11.63
CA TRP NA 95 75.03 71.06 -11.76
C TRP NA 95 76.27 70.40 -12.34
N SER NA 96 76.44 69.14 -11.97
CA SER NA 96 77.43 68.24 -12.56
C SER NA 96 76.67 67.06 -13.12
N TYR NA 97 77.29 66.31 -14.02
CA TYR NA 97 76.57 65.25 -14.69
C TYR NA 97 77.46 64.02 -14.86
N PHE NA 98 76.78 62.88 -14.99
CA PHE NA 98 77.44 61.61 -15.26
C PHE NA 98 77.45 61.35 -16.75
N ASN NA 99 78.65 61.21 -17.32
CA ASN NA 99 78.82 60.83 -18.71
C ASN NA 99 79.26 59.37 -18.74
N PHE NA 100 78.39 58.49 -19.22
CA PHE NA 100 78.71 57.08 -19.34
C PHE NA 100 79.14 56.68 -20.74
N ASN NA 101 79.31 57.63 -21.65
CA ASN NA 101 79.40 57.31 -23.07
C ASN NA 101 80.87 57.11 -23.44
N GLN NA 102 81.25 55.85 -23.61
CA GLN NA 102 82.52 55.39 -24.14
C GLN NA 102 82.54 53.89 -24.01
N TYR NA 103 83.35 53.23 -24.82
CA TYR NA 103 83.46 51.78 -24.67
C TYR NA 103 84.45 51.41 -23.59
N SER NA 104 85.59 52.09 -23.55
CA SER NA 104 86.64 51.74 -22.60
C SER NA 104 86.19 51.86 -21.17
N SER NA 105 85.07 52.52 -20.91
CA SER NA 105 84.56 52.59 -19.55
C SER NA 105 83.89 51.29 -19.15
N HIS NA 106 83.16 50.68 -20.06
CA HIS NA 106 82.35 49.51 -19.75
C HIS NA 106 83.04 48.19 -20.04
N PHE NA 107 84.18 48.19 -20.72
CA PHE NA 107 84.84 46.96 -21.12
C PHE NA 107 86.30 46.99 -20.70
N SER NA 108 86.71 45.97 -19.96
CA SER NA 108 88.12 45.79 -19.71
C SER NA 108 88.82 45.46 -21.02
N PRO NA 109 90.13 45.70 -21.10
CA PRO NA 109 90.85 45.31 -22.31
C PRO NA 109 90.71 43.85 -22.68
N GLN NA 110 90.36 42.97 -21.73
CA GLN NA 110 90.02 41.62 -22.11
C GLN NA 110 88.56 41.43 -22.49
N ASP NA 111 87.63 42.04 -21.78
CA ASP NA 111 86.23 41.93 -22.17
C ASP NA 111 86.03 42.43 -23.59
N TRP NA 112 86.41 43.67 -23.85
CA TRP NA 112 86.72 44.05 -25.20
C TRP NA 112 87.84 43.15 -25.66
N GLN NA 113 87.82 42.75 -26.93
CA GLN NA 113 88.65 41.68 -27.48
C GLN NA 113 88.12 40.30 -27.15
N ARG NA 114 87.30 40.15 -26.14
CA ARG NA 114 86.52 38.92 -26.11
C ARG NA 114 85.31 39.01 -27.00
N LEU NA 115 84.65 40.16 -27.06
CA LEU NA 115 83.59 40.34 -28.04
C LEU NA 115 84.12 40.70 -29.40
N THR NA 116 85.18 41.50 -29.47
CA THR NA 116 85.72 41.88 -30.77
C THR NA 116 86.21 40.66 -31.53
N ASN NA 117 86.72 39.66 -30.81
CA ASN NA 117 87.15 38.44 -31.47
C ASN NA 117 85.98 37.50 -31.73
N GLU NA 118 85.08 37.37 -30.77
CA GLU NA 118 84.11 36.27 -30.79
C GLU NA 118 82.74 36.62 -31.36
N TYR NA 119 82.49 37.86 -31.77
CA TYR NA 119 81.13 38.20 -32.17
C TYR NA 119 81.10 39.06 -33.43
N LYS NA 120 80.05 38.84 -34.24
CA LYS NA 120 79.83 39.68 -35.42
C LYS NA 120 79.48 41.09 -35.04
N ARG NA 121 78.50 41.26 -34.15
CA ARG NA 121 77.89 42.56 -33.98
C ARG NA 121 77.32 42.63 -32.58
N PHE NA 122 77.18 43.86 -32.10
CA PHE NA 122 76.63 44.08 -30.78
C PHE NA 122 76.02 45.45 -30.73
N ARG NA 123 75.02 45.60 -29.88
CA ARG NA 123 74.46 46.92 -29.60
C ARG NA 123 74.01 46.89 -28.16
N PRO NA 124 74.09 48.01 -27.45
CA PRO NA 124 73.60 48.01 -26.07
C PRO NA 124 72.09 47.85 -26.04
N LYS NA 125 71.63 46.87 -25.26
CA LYS NA 125 70.20 46.61 -25.15
C LYS NA 125 69.55 47.50 -24.11
N GLY NA 126 70.19 47.67 -22.96
CA GLY NA 126 69.60 48.41 -21.86
C GLY NA 126 70.69 48.90 -20.94
N MET NA 127 70.28 49.70 -19.97
CA MET NA 127 71.22 50.33 -19.05
C MET NA 127 70.54 50.53 -17.71
N HIS NA 128 71.29 50.31 -16.64
CA HIS NA 128 70.75 50.42 -15.30
C HIS NA 128 71.79 51.09 -14.43
N VAL NA 129 71.45 52.21 -13.82
CA VAL NA 129 72.40 53.01 -13.07
C VAL NA 129 71.89 53.17 -11.65
N LYS NA 130 72.79 53.09 -10.69
CA LYS NA 130 72.42 53.19 -9.28
C LYS NA 130 73.39 54.12 -8.58
N ILE NA 131 72.88 55.19 -7.99
CA ILE NA 131 73.63 56.04 -7.08
C ILE NA 131 73.38 55.49 -5.69
N TYR NA 132 74.43 55.35 -4.89
CA TYR NA 132 74.26 54.85 -3.54
C TYR NA 132 75.52 55.12 -2.74
N ASN NA 133 75.47 54.77 -1.47
CA ASN NA 133 76.59 54.97 -0.55
C ASN NA 133 77.08 56.41 -0.58
N LEU NA 134 76.15 57.35 -0.43
CA LEU NA 134 76.48 58.75 -0.52
C LEU NA 134 77.13 59.24 0.77
N GLN NA 135 77.95 60.28 0.65
CA GLN NA 135 78.62 60.88 1.80
C GLN NA 135 78.72 62.37 1.58
N ILE NA 136 78.42 63.17 2.61
CA ILE NA 136 78.57 64.62 2.55
C ILE NA 136 79.60 64.99 3.59
N LYS NA 137 80.75 65.50 3.17
CA LYS NA 137 81.87 65.58 4.09
C LYS NA 137 82.16 66.96 4.67
N GLN NA 138 81.48 68.02 4.26
CA GLN NA 138 81.59 69.30 4.97
C GLN NA 138 83.03 69.79 5.06
N ILE NA 139 83.54 70.31 3.94
CA ILE NA 139 84.87 70.91 3.95
C ILE NA 139 84.96 71.99 5.00
N LEU NA 140 86.07 72.00 5.75
CA LEU NA 140 86.41 73.11 6.63
C LEU NA 140 87.82 73.59 6.35
N SER NA 141 88.05 74.86 6.61
CA SER NA 141 89.37 75.46 6.48
C SER NA 141 89.63 76.36 7.68
N ASN NA 142 90.66 76.02 8.45
CA ASN NA 142 91.15 76.86 9.52
C ASN NA 142 92.25 77.80 9.04
N GLY NA 143 92.48 77.81 7.73
CA GLY NA 143 93.65 78.40 7.13
C GLY NA 143 94.65 77.31 6.86
N ALA NA 144 95.34 77.40 5.72
CA ALA NA 144 96.18 76.33 5.18
C ALA NA 144 95.35 75.04 5.20
N ASP NA 145 95.95 73.87 5.46
CA ASP NA 145 95.34 72.61 5.87
C ASP NA 145 94.03 72.27 5.16
N THR NA 146 93.12 71.64 5.91
CA THR NA 146 91.69 71.42 5.70
C THR NA 146 91.22 70.43 6.75
N THR NA 147 89.93 70.36 7.00
CA THR NA 147 89.37 69.29 7.82
C THR NA 147 88.02 68.91 7.24
N TYR NA 148 87.63 67.67 7.46
CA TYR NA 148 86.39 67.11 6.94
C TYR NA 148 85.64 66.49 8.11
N ASN NA 149 84.52 67.10 8.50
CA ASN NA 149 83.84 66.66 9.71
C ASN NA 149 82.85 65.56 9.42
N ASN NA 150 82.87 65.05 8.20
CA ASN NA 150 81.77 64.31 7.63
C ASN NA 150 80.57 65.25 7.71
N ASP NA 151 79.37 64.69 7.88
CA ASP NA 151 78.17 65.49 7.99
C ASP NA 151 77.00 64.53 8.01
N LEU NA 152 75.88 65.00 8.53
CA LEU NA 152 74.60 64.37 8.35
C LEU NA 152 73.62 65.49 8.10
N THR NA 153 72.35 65.15 7.93
CA THR NA 153 71.32 66.12 7.63
C THR NA 153 71.72 67.03 6.48
N ALA NA 154 72.31 66.46 5.44
CA ALA NA 154 72.66 67.18 4.22
C ALA NA 154 72.11 66.40 3.04
N GLY NA 155 72.11 67.00 1.86
CA GLY NA 155 71.39 66.46 0.74
C GLY NA 155 72.11 66.66 -0.57
N VAL NA 156 71.66 65.91 -1.56
CA VAL NA 156 72.22 65.91 -2.90
C VAL NA 156 71.07 65.81 -3.88
N HIS NA 157 71.03 66.74 -4.82
CA HIS NA 157 70.03 66.73 -5.88
C HIS NA 157 70.48 65.77 -6.98
N ILE NA 158 69.57 64.95 -7.45
CA ILE NA 158 69.85 64.02 -8.54
C ILE NA 158 68.70 64.08 -9.52
N PHE NA 159 69.01 64.37 -10.78
CA PHE NA 159 68.01 64.60 -11.79
C PHE NA 159 68.40 63.87 -13.06
N CYS NA 160 67.42 63.26 -13.72
CA CYS NA 160 67.64 62.53 -14.96
C CYS NA 160 66.71 63.06 -16.04
N ASP NA 161 67.14 62.95 -17.30
CA ASP NA 161 66.35 63.35 -18.44
C ASP NA 161 65.74 62.12 -19.12
N GLY NA 162 64.44 61.94 -18.98
CA GLY NA 162 63.78 60.94 -19.78
C GLY NA 162 63.22 61.54 -21.06
N GLU NA 163 62.94 62.83 -21.02
CA GLU NA 163 62.38 63.53 -22.17
C GLU NA 163 63.45 64.13 -23.07
N HIS NA 164 64.69 64.22 -22.59
CA HIS NA 164 65.76 64.98 -23.22
C HIS NA 164 65.37 66.41 -23.50
N ALA NA 165 64.48 66.98 -22.70
CA ALA NA 165 64.49 68.41 -22.51
C ALA NA 165 65.80 68.79 -21.84
N TYR NA 166 66.18 70.05 -21.96
CA TYR NA 166 67.45 70.59 -21.51
C TYR NA 166 68.57 70.28 -22.51
N PRO NA 167 69.57 71.14 -22.56
CA PRO NA 167 70.56 71.07 -23.65
C PRO NA 167 71.47 69.86 -23.70
N ASN NA 168 71.42 68.94 -22.72
CA ASN NA 168 72.13 67.66 -22.72
C ASN NA 168 73.64 67.76 -23.03
N ALA NA 169 74.42 68.11 -22.01
CA ALA NA 169 75.85 68.38 -22.17
C ALA NA 169 76.57 67.33 -23.02
N THR NA 170 76.23 66.06 -22.87
CA THR NA 170 77.04 64.99 -23.41
C THR NA 170 77.31 65.20 -24.90
N HIS NA 171 78.58 65.20 -25.25
CA HIS NA 171 79.12 65.24 -26.60
C HIS NA 171 80.00 64.02 -26.75
N PRO NA 172 80.01 63.38 -27.92
CA PRO NA 172 80.67 62.06 -28.02
C PRO NA 172 82.08 61.98 -27.45
N TRP NA 173 82.96 62.88 -27.81
CA TRP NA 173 84.36 62.69 -27.42
C TRP NA 173 84.60 63.26 -26.03
N ASP NA 174 84.61 64.58 -25.92
CA ASP NA 174 84.77 65.28 -24.65
C ASP NA 174 85.97 64.68 -23.93
N GLU NA 175 85.84 64.35 -22.66
CA GLU NA 175 86.92 63.92 -21.78
C GLU NA 175 86.27 62.87 -20.90
N ASP NA 176 86.94 62.53 -19.81
CA ASP NA 176 86.28 61.98 -18.60
C ASP NA 176 85.46 60.75 -18.98
N VAL NA 177 84.13 60.82 -18.97
CA VAL NA 177 83.24 59.67 -18.96
C VAL NA 177 83.64 58.93 -17.70
N MET NA 178 83.52 57.62 -17.68
CA MET NA 178 84.00 56.88 -16.53
C MET NA 178 85.48 56.63 -16.71
N PRO NA 179 86.27 56.61 -15.65
CA PRO NA 179 87.66 56.21 -15.83
C PRO NA 179 87.67 54.77 -16.30
N GLU NA 180 88.41 54.52 -17.37
CA GLU NA 180 88.44 53.18 -17.94
C GLU NA 180 88.83 52.14 -16.92
N LEU NA 181 89.48 52.58 -15.85
CA LEU NA 181 90.05 51.73 -14.83
C LEU NA 181 89.26 51.92 -13.55
N PRO NA 182 88.66 50.89 -12.95
CA PRO NA 182 87.94 51.09 -11.69
C PRO NA 182 88.89 51.51 -10.58
N TYR NA 183 88.41 51.61 -9.34
CA TYR NA 183 89.18 52.04 -8.17
C TYR NA 183 89.71 53.46 -8.36
N GLN NA 184 89.56 54.00 -9.56
CA GLN NA 184 90.00 55.34 -9.87
C GLN NA 184 88.83 56.27 -9.66
N THR NA 185 88.96 57.19 -8.71
CA THR NA 185 87.85 58.06 -8.38
C THR NA 185 87.45 58.90 -9.57
N TRP NA 186 86.16 59.18 -9.68
CA TRP NA 186 85.62 59.81 -10.88
C TRP NA 186 85.13 61.21 -10.55
N TYR NA 187 85.85 62.21 -11.02
CA TYR NA 187 85.50 63.59 -10.76
C TYR NA 187 84.50 64.05 -11.80
N LEU NA 188 83.35 64.51 -11.35
CA LEU NA 188 82.32 65.01 -12.24
C LEU NA 188 82.70 66.38 -12.80
N PHE NA 189 82.04 66.74 -13.89
CA PHE NA 189 82.31 67.98 -14.60
C PHE NA 189 81.06 68.84 -14.65
N GLN NA 190 81.28 70.14 -14.66
CA GLN NA 190 80.18 71.09 -14.58
C GLN NA 190 79.32 71.03 -15.82
N TYR NA 191 78.02 71.21 -15.63
CA TYR NA 191 77.08 71.23 -16.75
C TYR NA 191 76.94 72.63 -17.29
N GLY NA 192 77.06 72.77 -18.61
CA GLY NA 192 76.90 74.04 -19.26
C GLY NA 192 76.35 73.81 -20.65
N TYR NA 193 75.95 74.90 -21.30
CA TYR NA 193 75.42 74.78 -22.63
C TYR NA 193 75.53 76.09 -23.36
N ILE NA 194 75.51 76.04 -24.68
CA ILE NA 194 75.54 77.23 -25.51
C ILE NA 194 74.11 77.71 -25.73
N PRO NA 195 73.70 78.83 -25.16
CA PRO NA 195 72.35 79.33 -25.46
C PRO NA 195 72.21 79.78 -26.90
N VAL NA 196 73.16 80.56 -27.42
CA VAL NA 196 73.13 81.10 -28.77
C VAL NA 196 74.55 81.41 -29.20
N ILE NA 197 74.79 81.36 -30.52
CA ILE NA 197 76.07 81.77 -31.09
C ILE NA 197 76.42 83.16 -30.58
N HIS NA 198 77.65 83.32 -30.08
CA HIS NA 198 78.03 84.59 -29.47
C HIS NA 198 78.02 85.71 -30.50
N GLU NA 199 78.76 85.54 -31.59
CA GLU NA 199 78.53 86.41 -32.73
C GLU NA 199 77.10 86.21 -33.19
N LEU NA 200 76.54 87.20 -33.89
CA LEU NA 200 75.11 87.20 -34.17
C LEU NA 200 74.33 87.30 -32.86
N ALA NA 201 74.16 88.54 -32.38
CA ALA NA 201 73.86 88.96 -31.00
C ALA NA 201 75.06 89.49 -30.23
N GLU NA 202 76.22 89.62 -30.87
CA GLU NA 202 77.37 90.21 -30.17
C GLU NA 202 77.08 91.52 -29.38
N MET NA 203 76.34 92.51 -29.89
CA MET NA 203 75.89 92.69 -31.27
C MET NA 203 76.42 94.05 -31.73
N GLU NA 204 76.53 94.25 -33.04
CA GLU NA 204 77.19 95.45 -33.53
C GLU NA 204 76.19 96.55 -33.84
N ASP NA 205 76.17 97.57 -32.98
CA ASP NA 205 75.40 98.81 -33.19
C ASP NA 205 73.96 98.50 -33.60
N SER NA 206 73.43 99.31 -34.52
CA SER NA 206 72.23 98.98 -35.29
C SER NA 206 71.12 98.38 -34.34
N ASN NA 207 70.57 97.16 -34.44
CA ASN NA 207 70.65 96.15 -35.50
C ASN NA 207 69.27 95.59 -35.80
N ALA NA 208 68.68 94.98 -34.78
CA ALA NA 208 67.34 94.43 -34.74
C ALA NA 208 67.26 93.07 -35.43
N VAL NA 209 68.25 92.76 -36.25
CA VAL NA 209 68.39 91.37 -36.73
C VAL NA 209 69.17 90.54 -35.71
N GLU NA 210 70.19 91.13 -35.09
CA GLU NA 210 70.86 90.45 -33.99
C GLU NA 210 70.24 90.80 -32.65
N LYS NA 211 69.39 91.83 -32.60
CA LYS NA 211 68.61 92.07 -31.40
C LYS NA 211 67.67 90.90 -31.17
N ALA NA 212 66.87 90.56 -32.17
CA ALA NA 212 66.32 89.23 -32.22
C ALA NA 212 67.47 88.24 -32.36
N ILE NA 213 67.24 87.01 -31.87
CA ILE NA 213 68.24 85.97 -31.68
C ILE NA 213 69.06 86.27 -30.44
N CYS NA 214 69.14 87.53 -30.03
CA CYS NA 214 69.60 87.85 -28.68
C CYS NA 214 68.45 87.80 -27.70
N LEU NA 215 67.31 88.35 -28.08
CA LEU NA 215 66.12 88.29 -27.23
C LEU NA 215 65.62 86.86 -27.09
N GLN NA 216 65.85 86.03 -28.10
CA GLN NA 216 65.24 84.71 -28.10
C GLN NA 216 66.11 83.66 -27.44
N ILE NA 217 67.26 84.04 -26.88
CA ILE NA 217 68.15 83.01 -26.35
C ILE NA 217 67.39 82.34 -25.21
N PRO NA 218 67.21 81.04 -25.24
CA PRO NA 218 66.50 80.36 -24.16
C PRO NA 218 67.41 80.22 -22.96
N PHE NA 219 66.78 80.14 -21.80
CA PHE NA 219 67.49 79.97 -20.54
C PHE NA 219 66.90 78.78 -19.82
N PHE NA 220 67.69 77.72 -19.68
CA PHE NA 220 67.23 76.48 -19.10
C PHE NA 220 67.77 76.36 -17.69
N MET NA 221 66.96 75.77 -16.81
CA MET NA 221 67.31 75.61 -15.42
C MET NA 221 66.89 74.22 -15.00
N LEU NA 222 67.73 73.54 -14.26
CA LEU NA 222 67.41 72.20 -13.85
C LEU NA 222 66.55 72.17 -12.60
N GLU NA 223 66.14 73.33 -12.10
CA GLU NA 223 65.31 73.31 -10.91
C GLU NA 223 63.89 72.96 -11.30
N ASN NA 224 63.11 73.89 -11.87
CA ASN NA 224 62.08 73.55 -12.85
C ASN NA 224 61.47 72.18 -12.59
N SER NA 225 61.61 71.28 -13.56
CA SER NA 225 61.14 69.91 -13.40
C SER NA 225 61.69 69.29 -12.13
N ASP NA 226 60.85 68.51 -11.46
CA ASP NA 226 61.18 67.98 -10.15
C ASP NA 226 62.27 66.93 -10.22
N HIS NA 227 62.95 66.72 -9.10
CA HIS NA 227 64.02 65.75 -9.00
C HIS NA 227 64.20 65.37 -7.54
N GLU NA 228 64.92 64.28 -7.33
CA GLU NA 228 65.07 63.74 -5.99
C GLU NA 228 66.25 64.36 -5.26
N VAL NA 229 66.07 64.58 -3.97
CA VAL NA 229 67.16 64.92 -3.06
C VAL NA 229 67.42 63.69 -2.22
N LEU NA 230 68.68 63.48 -1.85
CA LEU NA 230 69.06 62.31 -1.09
C LEU NA 230 69.94 62.71 0.07
N ARG NA 231 69.61 62.24 1.26
CA ARG NA 231 70.59 62.26 2.32
C ARG NA 231 71.47 61.02 2.16
N THR NA 232 72.28 60.73 3.18
CA THR NA 232 73.21 59.61 3.09
C THR NA 232 72.49 58.28 2.89
N GLY NA 233 71.61 57.91 3.81
CA GLY NA 233 71.03 56.57 3.79
C GLY NA 233 70.27 56.23 2.52
N GLU NA 234 69.80 57.24 1.79
CA GLU NA 234 69.01 57.00 0.60
C GLU NA 234 69.88 56.71 -0.61
N SER NA 235 69.28 56.06 -1.60
CA SER NA 235 69.90 55.81 -2.90
C SER NA 235 68.90 56.10 -4.01
N THR NA 236 69.31 55.84 -5.25
CA THR NA 236 68.45 56.06 -6.40
C THR NA 236 68.86 55.11 -7.50
N GLU NA 237 67.88 54.67 -8.29
CA GLU NA 237 68.12 53.85 -9.46
C GLU NA 237 67.61 54.57 -10.70
N PHE NA 238 68.20 54.24 -11.84
CA PHE NA 238 67.71 54.71 -13.12
C PHE NA 238 67.86 53.59 -14.14
N THR NA 239 66.89 53.48 -15.03
CA THR NA 239 66.94 52.50 -16.10
C THR NA 239 66.87 53.20 -17.45
N PHE NA 240 67.33 52.51 -18.47
CA PHE NA 240 67.29 53.04 -19.82
C PHE NA 240 67.11 51.89 -20.79
N ASN NA 241 66.40 52.15 -21.87
CA ASN NA 241 66.26 51.20 -22.96
C ASN NA 241 66.68 51.89 -24.23
N PHE NA 242 67.19 51.11 -25.17
CA PHE NA 242 67.81 51.64 -26.37
C PHE NA 242 67.08 51.15 -27.60
N ASP NA 243 66.59 52.09 -28.41
CA ASP NA 243 66.30 51.81 -29.80
C ASP NA 243 67.57 52.19 -30.56
N CYS NA 244 68.26 51.19 -31.06
CA CYS NA 244 69.67 51.37 -31.37
C CYS NA 244 70.07 50.48 -32.54
N GLU NA 245 70.98 50.99 -33.35
CA GLU NA 245 71.48 50.26 -34.51
C GLU NA 245 72.68 49.41 -34.11
N TRP NA 246 72.77 48.22 -34.71
CA TRP NA 246 73.91 47.36 -34.47
C TRP NA 246 75.19 48.06 -34.91
N ILE NA 247 76.29 47.77 -34.22
CA ILE NA 247 77.62 48.09 -34.70
C ILE NA 247 78.28 46.77 -35.08
N ASN NA 248 78.76 46.69 -36.31
CA ASN NA 248 79.15 45.42 -36.89
C ASN NA 248 80.65 45.22 -36.83
N ASN NA 249 81.08 44.13 -36.25
CA ASN NA 249 82.47 43.68 -36.31
C ASN NA 249 82.54 42.59 -37.36
N GLU NA 250 83.11 42.93 -38.51
CA GLU NA 250 83.10 42.13 -39.72
C GLU NA 250 84.00 42.83 -40.71
N ARG NA 251 84.44 42.08 -41.71
CA ARG NA 251 85.42 42.58 -42.66
C ARG NA 251 85.06 42.09 -44.04
N ALA NA 252 85.07 43.00 -45.01
CA ALA NA 252 84.90 42.64 -46.40
C ALA NA 252 86.28 42.38 -46.99
N TYR NA 253 86.50 41.15 -47.45
CA TYR NA 253 87.79 40.80 -48.02
C TYR NA 253 87.98 41.32 -49.43
N ILE NA 254 86.91 41.79 -50.08
CA ILE NA 254 86.99 42.40 -51.41
C ILE NA 254 86.06 43.60 -51.46
N PRO NA 255 86.34 44.53 -52.36
CA PRO NA 255 85.40 45.61 -52.62
C PRO NA 255 84.08 45.05 -53.10
N PRO NA 256 82.98 45.78 -52.91
CA PRO NA 256 81.70 45.26 -53.40
C PRO NA 256 81.63 45.15 -54.91
N GLY NA 257 82.39 45.97 -55.64
CA GLY NA 257 82.42 45.86 -57.08
C GLY NA 257 83.28 44.76 -57.61
N LEU NA 258 83.99 44.04 -56.74
CA LEU NA 258 84.88 42.98 -57.15
C LEU NA 258 84.21 41.61 -57.10
N MET NA 259 82.91 41.58 -56.86
CA MET NA 259 82.18 40.32 -56.72
C MET NA 259 81.70 39.89 -58.09
N PHE NA 260 82.30 38.83 -58.63
CA PHE NA 260 81.88 38.24 -59.89
C PHE NA 260 82.79 37.04 -60.15
N ASN NA 261 82.34 36.18 -61.04
CA ASN NA 261 83.17 35.06 -61.44
C ASN NA 261 84.01 35.50 -62.63
N PRO NA 262 85.31 35.72 -62.44
CA PRO NA 262 86.13 36.24 -63.52
C PRO NA 262 86.37 35.23 -64.62
N LEU NA 263 86.10 33.95 -64.36
CA LEU NA 263 86.26 32.95 -65.39
C LEU NA 263 85.21 33.11 -66.48
N VAL NA 264 83.98 33.42 -66.10
CA VAL NA 264 82.89 33.43 -67.05
C VAL NA 264 82.96 34.69 -67.91
N PRO NA 265 82.83 34.59 -69.23
CA PRO NA 265 82.79 35.80 -70.06
C PRO NA 265 81.54 36.61 -69.77
N THR NA 266 81.59 37.87 -70.17
CA THR NA 266 80.48 38.78 -69.93
C THR NA 266 79.86 39.21 -71.25
N ARG NA 267 78.56 39.47 -71.23
CA ARG NA 267 77.91 40.10 -72.36
C ARG NA 267 77.72 41.59 -72.09
N ARG NA 268 78.59 42.39 -72.69
CA ARG NA 268 78.67 43.83 -72.48
C ARG NA 268 79.71 44.35 -73.44
N ALA NA 269 79.74 45.66 -73.69
CA ALA NA 269 80.70 46.20 -74.62
C ALA NA 269 81.15 47.57 -74.16
N GLN NA 270 82.33 47.95 -74.63
CA GLN NA 270 82.95 49.22 -74.30
C GLN NA 270 83.13 49.99 -75.60
N TYR NA 271 82.39 51.08 -75.76
CA TYR NA 271 82.70 52.05 -76.80
C TYR NA 271 83.67 53.05 -76.18
N ILE NA 272 84.71 53.38 -76.92
CA ILE NA 272 85.71 54.33 -76.46
C ILE NA 272 85.83 55.44 -77.49
N ARG NA 273 85.65 56.68 -77.04
CA ARG NA 273 85.66 57.83 -77.93
C ARG NA 273 87.01 57.98 -78.61
N ARG NA 274 87.02 58.64 -79.77
CA ARG NA 274 88.26 59.05 -80.40
C ARG NA 274 89.13 59.79 -79.40
N ASN NA 275 90.41 59.43 -79.34
CA ASN NA 275 91.24 59.89 -78.24
C ASN NA 275 91.68 61.34 -78.43
N ASN NA 276 91.74 61.81 -79.67
CA ASN NA 276 92.13 63.19 -79.97
C ASN NA 276 93.45 63.53 -79.29
N ASN NA 277 94.52 62.98 -79.84
CA ASN NA 277 95.86 62.90 -79.23
C ASN NA 277 95.78 61.89 -78.08
N PRO NA 278 96.86 61.12 -77.87
CA PRO NA 278 97.94 60.90 -78.84
C PRO NA 278 97.50 60.20 -80.12
N GLN NA 279 96.71 59.13 -79.99
CA GLN NA 279 96.51 58.19 -81.08
C GLN NA 279 95.35 57.26 -80.72
N THR NA 280 95.18 56.15 -81.43
CA THR NA 280 94.18 55.12 -81.13
C THR NA 280 92.75 55.62 -81.31
N ALA NA 281 92.31 55.69 -82.56
CA ALA NA 281 90.95 56.09 -82.90
C ALA NA 281 89.94 55.13 -82.29
N GLU NA 282 88.70 55.61 -82.20
CA GLU NA 282 87.64 54.94 -81.44
C GLU NA 282 87.43 53.51 -81.88
N SER NA 283 87.09 52.65 -80.92
CA SER NA 283 86.77 51.26 -81.19
C SER NA 283 85.82 50.74 -80.12
N THR NA 284 85.00 49.78 -80.49
CA THR NA 284 84.15 49.06 -79.55
C THR NA 284 84.69 47.65 -79.35
N SER NA 285 84.50 47.11 -78.16
CA SER NA 285 85.06 45.81 -77.82
C SER NA 285 84.27 45.21 -76.68
N ARG NA 286 84.36 43.89 -76.55
CA ARG NA 286 83.72 43.19 -75.45
C ARG NA 286 84.54 43.35 -74.19
N ILE NA 287 83.85 43.51 -73.06
CA ILE NA 287 84.52 43.63 -71.78
C ILE NA 287 85.17 42.31 -71.42
N ALA NA 288 86.41 42.37 -70.95
CA ALA NA 288 87.16 41.18 -70.61
C ALA NA 288 86.45 40.38 -69.53
N PRO NA 289 86.67 39.06 -69.48
CA PRO NA 289 85.98 38.26 -68.45
C PRO NA 289 86.32 38.69 -67.05
N TYR NA 290 87.61 38.89 -66.77
CA TYR NA 290 88.02 39.60 -65.58
C TYR NA 290 87.63 41.06 -65.71
N ALA NA 291 87.57 41.75 -64.58
CA ALA NA 291 87.32 43.19 -64.56
C ALA NA 291 86.00 43.53 -65.24
N LYS NA 292 84.95 42.89 -64.79
CA LYS NA 292 83.62 43.23 -65.25
C LYS NA 292 83.16 44.52 -64.59
N PRO NA 293 82.33 45.30 -65.28
CA PRO NA 293 81.81 46.53 -64.67
C PRO NA 293 80.94 46.22 -63.48
N THR NA 294 80.70 47.25 -62.69
CA THR NA 294 79.94 47.08 -61.47
C THR NA 294 78.95 48.21 -61.28
N SER NA 295 77.92 47.90 -60.50
CA SER NA 295 77.16 48.89 -59.76
C SER NA 295 77.93 49.22 -58.49
N TRP NA 296 77.22 49.78 -57.53
CA TRP NA 296 77.79 49.89 -56.19
C TRP NA 296 78.97 50.85 -56.14
N MET NA 297 78.61 52.13 -56.20
CA MET NA 297 79.44 53.30 -56.03
C MET NA 297 80.07 53.33 -54.64
N THR NA 298 81.17 54.07 -54.52
CA THR NA 298 81.85 54.21 -53.24
C THR NA 298 81.08 55.15 -52.31
N GLY NA 299 81.32 55.01 -51.02
CA GLY NA 299 80.71 55.85 -50.03
C GLY NA 299 81.16 57.29 -50.16
N PRO NA 300 80.36 58.21 -49.62
CA PRO NA 300 80.65 59.63 -49.80
C PRO NA 300 81.73 60.13 -48.87
N GLY NA 301 82.39 61.20 -49.29
CA GLY NA 301 83.39 61.87 -48.48
C GLY NA 301 83.58 63.27 -49.00
N LEU NA 302 84.30 64.08 -48.22
CA LEU NA 302 84.73 65.41 -48.67
C LEU NA 302 86.22 65.53 -48.44
N LEU NA 303 87.00 65.48 -49.51
CA LEU NA 303 88.45 65.52 -49.42
C LEU NA 303 89.10 66.83 -49.85
N SER NA 304 88.36 67.82 -50.32
CA SER NA 304 89.04 68.95 -50.98
C SER NA 304 89.60 69.95 -49.98
N ALA NA 305 88.88 70.19 -48.89
CA ALA NA 305 89.17 71.28 -47.98
C ALA NA 305 90.45 71.05 -47.20
N GLN NA 306 90.96 72.12 -46.60
CA GLN NA 306 92.09 72.06 -45.69
C GLN NA 306 91.78 72.89 -44.46
N ARG NA 307 92.22 72.41 -43.30
CA ARG NA 307 91.99 73.15 -42.06
C ARG NA 307 92.61 74.55 -42.16
N VAL NA 308 91.92 75.51 -41.58
CA VAL NA 308 92.17 76.92 -41.86
C VAL NA 308 92.64 77.64 -40.60
N GLY NA 309 93.89 78.08 -40.63
CA GLY NA 309 94.38 79.04 -39.68
C GLY NA 309 94.93 78.44 -38.41
N PRO NA 310 95.14 79.28 -37.39
CA PRO NA 310 95.81 78.83 -36.17
C PRO NA 310 94.88 78.00 -35.30
N ALA NA 311 95.51 77.19 -34.45
CA ALA NA 311 94.75 76.41 -33.48
C ALA NA 311 94.08 77.34 -32.48
N THR NA 312 93.08 76.80 -31.79
CA THR NA 312 92.16 77.46 -30.84
C THR NA 312 91.16 78.33 -31.59
N SER NA 313 91.27 78.47 -32.90
CA SER NA 313 90.33 79.21 -33.72
C SER NA 313 89.25 78.32 -34.32
N ASP NA 314 89.19 77.05 -33.94
CA ASP NA 314 88.28 76.07 -34.53
C ASP NA 314 88.55 75.87 -36.01
N THR NA 315 89.64 75.17 -36.32
CA THR NA 315 89.93 74.86 -37.71
C THR NA 315 89.33 73.50 -38.05
N GLY NA 316 88.25 73.52 -38.82
CA GLY NA 316 87.58 72.27 -39.16
C GLY NA 316 87.75 71.79 -40.58
N ALA NA 317 88.24 72.67 -41.45
CA ALA NA 317 88.31 72.56 -42.91
C ALA NA 317 86.92 72.60 -43.54
N TRP NA 318 85.86 72.35 -42.79
CA TRP NA 318 84.50 72.55 -43.26
C TRP NA 318 83.73 73.18 -42.12
N MET NA 319 83.26 74.41 -42.33
CA MET NA 319 82.47 75.11 -41.32
C MET NA 319 81.03 75.13 -41.78
N VAL NA 320 80.12 74.71 -40.90
CA VAL NA 320 78.71 74.67 -41.26
C VAL NA 320 78.08 76.05 -41.14
N ALA NA 321 78.39 76.76 -40.06
CA ALA NA 321 77.89 78.10 -39.77
C ALA NA 321 76.37 78.26 -39.93
N VAL NA 322 75.95 79.49 -40.20
CA VAL NA 322 74.55 79.85 -40.42
C VAL NA 322 74.41 80.87 -41.54
N LYS NA 323 74.96 82.06 -41.32
CA LYS NA 323 74.80 83.21 -42.21
C LYS NA 323 73.33 83.62 -42.41
N PRO NA 324 72.71 84.19 -41.38
CA PRO NA 324 71.44 84.90 -41.62
C PRO NA 324 71.67 86.09 -42.54
N GLU NA 325 70.59 86.55 -43.15
CA GLU NA 325 70.71 87.37 -44.35
C GLU NA 325 71.41 88.70 -44.07
N ASN NA 326 71.05 89.34 -42.96
CA ASN NA 326 71.77 90.57 -42.60
C ASN NA 326 72.75 90.32 -41.47
N ALA NA 327 72.23 90.27 -40.25
CA ALA NA 327 73.00 90.10 -39.01
C ALA NA 327 74.16 91.10 -39.02
N SER NA 328 75.29 90.67 -38.48
CA SER NA 328 76.59 91.29 -38.70
C SER NA 328 77.62 90.26 -38.29
N ILE NA 329 78.82 90.37 -38.84
CA ILE NA 329 79.83 89.36 -38.61
C ILE NA 329 81.19 90.04 -38.49
N ASP NA 330 81.96 89.59 -37.50
CA ASP NA 330 83.33 90.03 -37.29
C ASP NA 330 84.23 89.29 -38.27
N THR NA 331 85.53 89.33 -38.07
CA THR NA 331 86.41 88.43 -38.82
C THR NA 331 85.88 87.01 -38.71
N GLY NA 332 85.83 86.32 -39.84
CA GLY NA 332 85.14 85.04 -39.89
C GLY NA 332 83.89 85.07 -40.73
N MET NA 333 83.30 83.93 -41.14
CA MET NA 333 83.75 82.53 -40.95
C MET NA 333 84.22 82.20 -39.51
N SER NA 334 85.45 81.72 -39.37
CA SER NA 334 86.07 81.50 -38.06
C SER NA 334 85.21 80.56 -37.16
N GLY NA 335 84.60 80.92 -36.02
CA GLY NA 335 84.11 82.23 -35.57
C GLY NA 335 82.60 82.28 -35.64
N ILE NA 336 82.04 81.46 -36.52
CA ILE NA 336 80.62 81.13 -36.51
C ILE NA 336 80.52 79.68 -36.94
N GLY NA 337 79.53 78.99 -36.40
CA GLY NA 337 79.33 77.60 -36.74
C GLY NA 337 80.45 76.69 -36.26
N SER NA 338 80.38 75.44 -36.71
CA SER NA 338 81.20 74.38 -36.18
C SER NA 338 82.01 73.73 -37.29
N GLY NA 339 83.20 73.24 -36.95
CA GLY NA 339 83.97 72.47 -37.89
C GLY NA 339 83.41 71.06 -38.04
N PHE NA 340 83.38 70.58 -39.28
CA PHE NA 340 82.89 69.25 -39.58
C PHE NA 340 84.08 68.30 -39.64
N ASP NA 341 84.06 67.28 -38.79
CA ASP NA 341 85.22 66.42 -38.62
C ASP NA 341 84.79 64.99 -38.33
N PRO NA 342 85.51 63.99 -38.88
CA PRO NA 342 86.34 64.01 -40.08
C PRO NA 342 85.57 63.93 -41.38
N PRO NA 343 85.82 64.84 -42.32
CA PRO NA 343 85.67 64.48 -43.72
C PRO NA 343 86.95 63.89 -44.32
N GLN NA 344 86.98 62.87 -45.17
CA GLN NA 344 86.16 61.66 -45.14
C GLN NA 344 84.63 61.91 -45.16
N GLY NA 345 83.73 61.15 -44.51
CA GLY NA 345 83.87 59.80 -43.99
C GLY NA 345 84.20 58.78 -45.06
N SER NA 346 84.55 57.57 -44.64
CA SER NA 346 85.02 56.53 -45.54
C SER NA 346 86.14 57.07 -46.41
N LEU NA 347 86.12 56.73 -47.70
CA LEU NA 347 86.86 57.44 -48.74
C LEU NA 347 88.28 57.76 -48.30
N ALA NA 348 89.16 56.77 -48.32
CA ALA NA 348 90.41 56.80 -47.56
C ALA NA 348 91.13 58.15 -47.70
N PRO NA 349 91.57 58.76 -46.61
CA PRO NA 349 92.04 60.14 -46.66
C PRO NA 349 93.41 60.28 -47.30
N THR NA 350 93.73 61.52 -47.65
CA THR NA 350 95.01 61.85 -48.25
C THR NA 350 96.11 61.89 -47.19
N ASN NA 351 96.05 62.87 -46.30
CA ASN NA 351 97.09 62.97 -45.29
C ASN NA 351 96.50 62.89 -43.89
N LEU NA 352 97.37 63.07 -42.90
CA LEU NA 352 97.04 62.94 -41.49
C LEU NA 352 95.90 63.88 -41.10
N GLU NA 353 95.75 64.97 -41.85
CA GLU NA 353 94.82 66.03 -41.45
C GLU NA 353 93.39 65.52 -41.35
N TYR NA 354 93.04 64.47 -42.08
CA TYR NA 354 91.71 63.89 -42.06
C TYR NA 354 91.59 62.65 -41.21
N LYS NA 355 92.67 62.23 -40.55
CA LYS NA 355 92.81 60.86 -40.07
C LYS NA 355 92.26 60.69 -38.66
N ILE NA 356 91.54 61.69 -38.16
CA ILE NA 356 91.15 61.88 -36.76
C ILE NA 356 92.44 61.92 -35.94
N GLN NA 357 92.33 61.65 -34.63
CA GLN NA 357 93.43 61.61 -33.69
C GLN NA 357 92.79 61.70 -32.30
N TRP NA 358 93.47 61.29 -31.24
CA TRP NA 358 93.08 61.71 -29.90
C TRP NA 358 94.22 61.44 -28.94
N TYR NA 359 94.18 62.11 -27.79
CA TYR NA 359 95.32 62.03 -26.87
C TYR NA 359 95.14 60.95 -25.81
N GLN NA 360 93.94 60.41 -25.66
CA GLN NA 360 93.62 59.39 -24.66
C GLN NA 360 94.20 59.70 -23.28
N THR NA 361 94.28 60.99 -22.94
CA THR NA 361 94.91 61.46 -21.73
C THR NA 361 94.77 62.98 -21.65
N PRO NA 362 94.38 63.51 -20.50
CA PRO NA 362 94.34 64.98 -20.38
C PRO NA 362 95.72 65.60 -20.31
N GLN NA 363 96.72 64.86 -19.83
CA GLN NA 363 98.07 65.40 -19.76
C GLN NA 363 98.73 65.44 -21.12
N GLY NA 364 98.07 64.92 -22.16
CA GLY NA 364 98.67 64.86 -23.47
C GLY NA 364 99.02 66.21 -24.07
N THR NA 365 100.30 66.40 -24.41
CA THR NA 365 100.77 67.61 -25.06
C THR NA 365 100.55 67.47 -26.56
N ASN NA 366 101.15 68.37 -27.35
CA ASN NA 366 100.90 68.37 -28.78
C ASN NA 366 101.21 67.01 -29.40
N ASN NA 367 102.44 66.53 -29.26
CA ASN NA 367 102.75 65.14 -29.57
C ASN NA 367 103.16 64.44 -28.30
N ASN NA 368 102.24 63.63 -27.77
CA ASN NA 368 102.34 62.78 -26.60
C ASN NA 368 100.96 62.18 -26.47
N GLY NA 369 100.82 61.02 -25.83
CA GLY NA 369 99.54 60.35 -26.00
C GLY NA 369 99.37 60.21 -27.49
N ASN NA 370 98.31 60.84 -28.02
CA ASN NA 370 98.26 61.21 -29.42
C ASN NA 370 98.21 59.99 -30.34
N ILE NA 371 97.34 59.04 -30.03
CA ILE NA 371 97.20 57.88 -30.90
C ILE NA 371 96.34 58.28 -32.09
N ILE NA 372 96.74 57.86 -33.26
CA ILE NA 372 96.15 58.31 -34.50
C ILE NA 372 95.42 57.15 -35.15
N SER NA 373 94.24 57.42 -35.71
CA SER NA 373 93.47 56.38 -36.35
C SER NA 373 94.23 55.84 -37.57
N ASN NA 374 93.88 54.62 -37.96
CA ASN NA 374 94.59 53.92 -39.01
C ASN NA 374 93.59 53.16 -39.86
N GLN NA 375 94.05 52.63 -40.99
CA GLN NA 375 93.12 51.90 -41.86
C GLN NA 375 92.87 50.50 -41.31
N PRO NA 376 91.62 50.06 -41.28
CA PRO NA 376 91.32 48.71 -40.78
C PRO NA 376 91.85 47.61 -41.68
N LEU NA 377 92.21 47.95 -42.92
CA LEU NA 377 92.55 47.02 -44.00
C LEU NA 377 91.31 46.31 -44.51
N SER NA 378 90.15 46.54 -43.90
CA SER NA 378 88.89 46.15 -44.49
C SER NA 378 88.73 46.83 -45.85
N MET NA 379 88.09 46.15 -46.78
CA MET NA 379 88.05 46.62 -48.16
C MET NA 379 86.85 47.50 -48.46
N LEU NA 380 86.02 47.83 -47.47
CA LEU NA 380 84.78 48.50 -47.83
C LEU NA 380 84.83 49.99 -48.21
N ARG NA 381 85.08 51.02 -47.38
CA ARG NA 381 85.97 51.26 -46.21
C ARG NA 381 87.32 51.87 -46.65
N ASP NA 382 87.62 51.87 -47.94
CA ASP NA 382 88.79 52.61 -48.41
C ASP NA 382 88.35 53.60 -49.49
N GLN NA 383 87.85 53.09 -50.60
CA GLN NA 383 86.94 53.83 -51.48
C GLN NA 383 87.55 55.13 -52.00
N ALA NA 384 88.46 54.97 -52.95
CA ALA NA 384 88.80 56.12 -53.77
C ALA NA 384 87.70 56.34 -54.82
N LEU NA 385 87.89 57.37 -55.64
CA LEU NA 385 87.11 57.52 -56.85
C LEU NA 385 87.93 58.36 -57.82
N PHE NA 386 87.80 58.08 -59.11
CA PHE NA 386 88.79 58.50 -60.08
C PHE NA 386 88.25 59.38 -61.20
N ARG NA 387 87.25 58.94 -61.93
CA ARG NA 387 86.71 59.74 -63.04
C ARG NA 387 87.83 59.97 -64.05
N GLY NA 388 87.83 61.10 -64.76
CA GLY NA 388 88.91 61.49 -65.64
C GLY NA 388 89.26 60.48 -66.71
N ASN NA 389 90.33 60.75 -67.44
CA ASN NA 389 90.60 62.08 -67.96
C ASN NA 389 90.28 61.98 -69.44
N GLN NA 390 89.91 60.76 -69.84
CA GLN NA 390 90.02 60.14 -71.16
C GLN NA 390 91.42 59.58 -71.37
N THR NA 391 92.37 59.93 -70.52
CA THR NA 391 93.75 59.47 -70.60
C THR NA 391 94.20 58.88 -69.26
N THR NA 392 94.10 59.66 -68.19
CA THR NA 392 94.52 59.24 -66.86
C THR NA 392 93.31 59.32 -65.92
N TYR NA 393 93.35 58.54 -64.85
CA TYR NA 393 92.38 58.69 -63.76
C TYR NA 393 92.93 59.69 -62.75
N ASN NA 394 92.06 60.54 -62.22
CA ASN NA 394 92.45 61.58 -61.29
C ASN NA 394 91.53 61.57 -60.08
N LEU NA 395 92.09 61.25 -58.91
CA LEU NA 395 91.30 61.18 -57.69
C LEU NA 395 90.48 62.45 -57.50
N CYS NA 396 89.18 62.29 -57.26
CA CYS NA 396 88.25 63.40 -57.27
C CYS NA 396 87.82 63.76 -55.85
N SER NA 397 87.83 65.06 -55.58
CA SER NA 397 87.28 65.61 -54.35
C SER NA 397 85.76 65.45 -54.33
N ASP NA 398 85.18 65.67 -53.15
CA ASP NA 398 83.75 65.47 -52.91
C ASP NA 398 83.41 64.00 -53.03
N VAL NA 399 82.54 63.62 -53.96
CA VAL NA 399 81.74 62.38 -53.90
C VAL NA 399 80.66 62.50 -52.84
N TRP NA 400 79.59 63.21 -53.17
CA TRP NA 400 78.37 63.32 -52.38
C TRP NA 400 77.57 62.02 -52.44
N MET NA 401 76.37 62.04 -51.88
CA MET NA 401 75.53 60.85 -51.90
C MET NA 401 75.09 60.51 -53.30
N PHE NA 402 74.98 59.21 -53.57
CA PHE NA 402 74.66 58.66 -54.88
C PHE NA 402 73.91 57.35 -54.66
N PRO NA 403 72.99 57.00 -55.57
CA PRO NA 403 72.06 55.89 -55.27
C PRO NA 403 72.69 54.56 -54.87
N ASN NA 404 73.73 54.12 -55.55
CA ASN NA 404 74.23 52.77 -55.33
C ASN NA 404 75.33 52.70 -54.29
N GLN NA 405 75.59 53.78 -53.57
CA GLN NA 405 76.77 53.81 -52.72
C GLN NA 405 76.72 52.79 -51.60
N ILE NA 406 77.88 52.21 -51.32
CA ILE NA 406 78.10 51.45 -50.10
C ILE NA 406 79.35 51.97 -49.42
N TRP NA 407 79.26 52.20 -48.12
CA TRP NA 407 80.42 52.47 -47.32
C TRP NA 407 80.27 51.66 -46.05
N ASP NA 408 81.36 51.56 -45.30
CA ASP NA 408 81.35 50.85 -44.05
C ASP NA 408 81.50 51.85 -42.93
N ARG NA 409 80.66 51.72 -41.90
CA ARG NA 409 80.71 52.64 -40.80
C ARG NA 409 82.07 52.59 -40.14
N TYR NA 410 82.48 53.69 -39.53
CA TYR NA 410 83.81 53.79 -38.96
C TYR NA 410 84.08 52.60 -38.03
N PRO NA 411 85.25 51.98 -38.13
CA PRO NA 411 85.49 50.72 -37.40
C PRO NA 411 85.47 50.85 -35.90
N ILE NA 412 85.48 52.07 -35.40
CA ILE NA 412 85.62 52.46 -34.00
C ILE NA 412 86.79 51.74 -33.35
N THR NA 413 86.70 51.53 -32.04
CA THR NA 413 87.77 51.00 -31.20
C THR NA 413 87.30 51.08 -29.75
N ARG NA 414 88.11 50.62 -28.81
CA ARG NA 414 87.70 50.66 -27.41
C ARG NA 414 87.60 52.07 -26.86
N GLU NA 415 88.27 53.04 -27.47
CA GLU NA 415 88.33 54.41 -26.96
C GLU NA 415 87.17 55.28 -27.39
N ASN NA 416 86.24 54.77 -28.14
CA ASN NA 416 85.26 55.62 -28.78
C ASN NA 416 84.04 55.84 -27.93
N PRO NA 417 83.31 56.92 -28.18
CA PRO NA 417 81.98 57.06 -27.58
C PRO NA 417 81.01 56.05 -28.15
N ILE NA 418 80.15 55.54 -27.27
CA ILE NA 418 79.18 54.54 -27.70
C ILE NA 418 78.12 55.17 -28.59
N TRP NA 419 77.52 56.26 -28.14
CA TRP NA 419 76.38 56.85 -28.82
C TRP NA 419 76.59 58.35 -28.98
N CYS NA 420 75.73 58.93 -29.80
CA CYS NA 420 75.60 60.36 -29.99
C CYS NA 420 74.14 60.66 -30.21
N LYS NA 421 73.67 61.81 -29.71
CA LYS NA 421 72.26 62.12 -29.85
C LYS NA 421 71.98 62.70 -31.23
N LYS NA 422 70.98 62.13 -31.90
CA LYS NA 422 70.54 62.65 -33.18
C LYS NA 422 69.60 63.82 -32.91
N PRO NA 423 69.98 65.03 -33.29
CA PRO NA 423 69.14 66.19 -33.00
C PRO NA 423 67.80 66.16 -33.71
N ARG NA 424 66.78 66.60 -33.00
CA ARG NA 424 65.42 66.59 -33.54
C ARG NA 424 65.29 67.63 -34.64
N SER NA 425 64.85 67.18 -35.81
CA SER NA 425 64.67 68.08 -36.93
C SER NA 425 63.68 67.45 -37.89
N ASP NA 426 63.12 68.28 -38.77
CA ASP NA 426 62.12 67.79 -39.70
C ASP NA 426 62.71 66.73 -40.62
N LYS NA 427 63.77 67.08 -41.33
CA LYS NA 427 64.33 66.22 -42.36
C LYS NA 427 65.77 65.89 -42.06
N HIS NA 428 66.20 64.71 -42.49
CA HIS NA 428 67.59 64.32 -42.37
C HIS NA 428 67.88 63.21 -43.37
N THR NA 429 69.17 63.03 -43.63
CA THR NA 429 69.67 61.96 -44.50
C THR NA 429 70.01 60.70 -43.70
N THR NA 430 70.82 59.81 -44.27
CA THR NA 430 70.98 58.46 -43.75
C THR NA 430 71.36 58.42 -42.27
N ILE NA 431 72.01 59.46 -41.76
CA ILE NA 431 72.48 59.51 -40.37
C ILE NA 431 73.50 58.41 -40.10
N ASP NA 432 74.69 58.52 -40.68
CA ASP NA 432 75.82 57.71 -40.24
C ASP NA 432 76.89 58.64 -39.69
N PRO NA 433 77.08 58.72 -38.37
CA PRO NA 433 78.14 59.60 -37.85
C PRO NA 433 79.52 59.10 -38.23
N PHE NA 434 80.39 60.02 -38.60
CA PHE NA 434 81.73 59.66 -39.02
C PHE NA 434 82.69 59.52 -37.86
N ASP NA 435 82.21 59.70 -36.65
CA ASP NA 435 82.96 59.41 -35.44
C ASP NA 435 82.80 57.96 -35.04
N GLY NA 436 82.16 57.16 -35.88
CA GLY NA 436 81.64 55.89 -35.43
C GLY NA 436 80.47 56.18 -34.52
N SER NA 437 80.54 55.69 -33.29
CA SER NA 437 79.49 55.89 -32.30
C SER NA 437 78.15 55.47 -32.86
N LEU NA 438 77.10 56.20 -32.49
CA LEU NA 438 75.74 55.82 -32.83
C LEU NA 438 74.87 57.06 -32.76
N ALA NA 439 73.71 56.99 -33.37
CA ALA NA 439 72.73 58.05 -33.29
C ALA NA 439 71.45 57.47 -32.73
N MET NA 440 70.85 58.17 -31.78
CA MET NA 440 69.59 57.74 -31.21
C MET NA 440 68.68 58.94 -31.01
N ASP NA 441 67.40 58.74 -31.23
CA ASP NA 441 66.41 59.77 -30.89
C ASP NA 441 66.57 60.16 -29.44
N HIS NA 442 66.43 59.20 -28.54
CA HIS NA 442 66.67 59.41 -27.12
C HIS NA 442 67.82 58.54 -26.69
N PRO NA 443 69.00 59.11 -26.47
CA PRO NA 443 70.09 58.36 -25.88
C PRO NA 443 69.85 58.17 -24.40
N PRO NA 444 70.76 57.56 -23.67
CA PRO NA 444 70.64 57.57 -22.21
C PRO NA 444 70.52 59.00 -21.70
N GLY NA 445 69.48 59.23 -20.89
CA GLY NA 445 69.30 60.55 -20.32
C GLY NA 445 70.44 60.87 -19.39
N THR NA 446 71.01 62.05 -19.56
CA THR NA 446 72.10 62.46 -18.69
C THR NA 446 71.60 62.60 -17.27
N ILE NA 447 72.33 62.02 -16.34
CA ILE NA 447 72.01 62.12 -14.92
C ILE NA 447 72.76 63.30 -14.35
N PHE NA 448 72.02 64.26 -13.80
CA PHE NA 448 72.58 65.46 -13.24
C PHE NA 448 72.56 65.36 -11.73
N ILE NA 449 73.52 65.98 -11.08
CA ILE NA 449 73.65 65.91 -9.64
C ILE NA 449 74.28 67.19 -9.12
N LYS NA 450 73.81 67.65 -7.97
CA LYS NA 450 74.19 68.93 -7.40
C LYS NA 450 74.24 68.78 -5.89
N MET NA 451 74.85 69.75 -5.23
CA MET NA 451 75.16 69.64 -3.81
C MET NA 451 74.15 70.28 -2.88
N ALA NA 452 73.01 70.75 -3.37
CA ALA NA 452 71.95 71.20 -2.47
C ALA NA 452 72.41 72.33 -1.57
N LYS NA 453 72.43 73.55 -2.10
CA LYS NA 453 72.98 74.70 -1.39
C LYS NA 453 72.47 74.78 0.03
N ILE NA 454 73.39 74.87 0.98
CA ILE NA 454 73.05 75.07 2.38
C ILE NA 454 73.53 76.46 2.76
N PRO NA 455 72.64 77.42 2.89
CA PRO NA 455 73.08 78.79 3.15
C PRO NA 455 73.44 78.99 4.60
N VAL NA 456 73.95 80.17 4.90
CA VAL NA 456 74.37 80.51 6.25
C VAL NA 456 73.95 81.95 6.51
N PRO NA 457 73.55 82.30 7.73
CA PRO NA 457 73.01 83.63 7.97
C PRO NA 457 74.09 84.69 7.96
N SER NA 458 73.72 85.88 7.53
CA SER NA 458 74.62 87.03 7.54
C SER NA 458 73.78 88.31 7.65
N ASN NA 459 74.48 89.43 7.77
CA ASN NA 459 73.82 90.72 7.94
C ASN NA 459 73.40 91.34 6.61
N ASN NA 460 74.25 91.24 5.59
CA ASN NA 460 74.10 91.99 4.35
C ASN NA 460 72.69 91.96 3.69
N ASN NA 461 72.06 90.80 3.51
CA ASN NA 461 72.55 89.49 3.90
C ASN NA 461 73.07 88.73 2.70
N ALA NA 462 73.56 87.52 2.96
CA ALA NA 462 74.09 86.63 1.94
C ALA NA 462 75.22 87.34 1.14
N ASP NA 463 75.52 86.98 -0.12
CA ASP NA 463 75.45 85.60 -0.63
C ASP NA 463 76.54 84.78 0.04
N SER NA 464 76.11 83.73 0.73
CA SER NA 464 77.03 82.86 1.44
C SER NA 464 76.39 81.49 1.58
N TYR NA 465 77.23 80.48 1.66
CA TYR NA 465 76.74 79.11 1.68
C TYR NA 465 77.78 78.24 2.37
N LEU NA 466 77.36 77.05 2.73
CA LEU NA 466 78.22 76.13 3.45
C LEU NA 466 78.95 75.24 2.45
N ASN NA 467 80.24 75.02 2.70
CA ASN NA 467 81.12 74.37 1.74
C ASN NA 467 81.13 72.88 2.02
N ILE NA 468 80.57 72.10 1.09
CA ILE NA 468 80.45 70.65 1.24
C ILE NA 468 80.76 69.98 -0.08
N TYR NA 469 80.89 68.66 -0.03
CA TYR NA 469 80.99 67.87 -1.25
C TYR NA 469 80.40 66.50 -0.99
N CYS NA 470 80.03 65.82 -2.06
CA CYS NA 470 79.41 64.52 -1.97
C CYS NA 470 80.35 63.48 -2.53
N THR NA 471 80.16 62.25 -2.07
CA THR NA 471 80.98 61.14 -2.52
C THR NA 471 80.12 59.90 -2.49
N GLY NA 472 80.26 59.05 -3.49
CA GLY NA 472 79.40 57.89 -3.54
C GLY NA 472 79.79 56.97 -4.66
N GLN NA 473 78.90 56.05 -4.97
CA GLN NA 473 79.22 54.99 -5.90
C GLN NA 473 78.12 54.87 -6.95
N VAL NA 474 78.50 55.00 -8.21
CA VAL NA 474 77.63 54.75 -9.34
C VAL NA 474 77.92 53.34 -9.83
N SER NA 475 76.87 52.59 -10.13
CA SER NA 475 77.03 51.30 -10.78
C SER NA 475 76.27 51.35 -12.08
N CYS NA 476 76.99 51.33 -13.19
CA CYS NA 476 76.38 51.32 -14.50
C CYS NA 476 76.44 49.89 -15.03
N GLU NA 477 75.29 49.24 -15.08
CA GLU NA 477 75.18 47.85 -15.54
C GLU NA 477 74.36 47.86 -16.81
N ILE NA 478 75.00 47.55 -17.94
CA ILE NA 478 74.35 47.65 -19.23
C ILE NA 478 74.39 46.30 -19.92
N VAL NA 479 73.31 45.97 -20.61
CA VAL NA 479 73.16 44.71 -21.32
C VAL NA 479 73.35 44.96 -22.79
N TRP NA 480 74.06 44.05 -23.46
CA TRP NA 480 74.43 44.21 -24.85
C TRP NA 480 73.80 43.09 -25.65
N GLU NA 481 72.91 43.42 -26.58
CA GLU NA 481 72.52 42.45 -27.58
C GLU NA 481 73.74 42.11 -28.42
N VAL NA 482 74.02 40.82 -28.53
CA VAL NA 482 75.27 40.37 -29.13
C VAL NA 482 74.97 39.17 -30.01
N GLU NA 483 75.69 39.06 -31.12
CA GLU NA 483 75.49 37.98 -32.08
C GLU NA 483 76.82 37.36 -32.43
N ARG NA 484 76.86 36.03 -32.47
CA ARG NA 484 78.10 35.28 -32.58
C ARG NA 484 78.27 34.80 -34.02
N TYR NA 485 79.52 34.74 -34.47
CA TYR NA 485 79.78 34.57 -35.90
C TYR NA 485 80.04 33.11 -36.24
N ALA NA 486 79.56 32.71 -37.41
CA ALA NA 486 79.90 31.45 -38.03
C ALA NA 486 80.21 31.72 -39.48
N THR NA 487 81.19 31.01 -40.03
CA THR NA 487 81.59 31.27 -41.41
C THR NA 487 82.14 30.00 -42.02
N LYS NA 488 82.13 29.99 -43.36
CA LYS NA 488 82.62 28.85 -44.11
C LYS NA 488 84.06 29.02 -44.57
N ASN NA 489 84.73 30.09 -44.16
CA ASN NA 489 86.12 30.26 -44.54
C ASN NA 489 86.95 29.12 -44.01
N TRP NA 490 87.89 28.67 -44.83
CA TRP NA 490 88.80 27.60 -44.42
C TRP NA 490 89.92 28.11 -43.55
N ARG NA 491 90.34 29.33 -43.76
CA ARG NA 491 91.58 29.87 -43.23
C ARG NA 491 91.40 30.50 -41.85
N PRO NA 492 92.50 30.70 -41.13
CA PRO NA 492 92.44 31.10 -39.71
C PRO NA 492 91.80 32.46 -39.42
N GLU NA 493 91.61 33.33 -40.40
CA GLU NA 493 91.12 34.72 -40.19
C GLU NA 493 92.10 35.44 -39.25
N ARG NA 494 91.62 36.30 -38.37
CA ARG NA 494 92.49 37.20 -37.62
C ARG NA 494 91.85 37.50 -36.28
N ARG NA 495 92.69 37.71 -35.27
CA ARG NA 495 92.22 38.03 -33.94
C ARG NA 495 93.06 39.17 -33.39
N HIS NA 496 92.82 39.52 -32.14
CA HIS NA 496 93.61 40.53 -31.47
C HIS NA 496 94.48 39.87 -30.42
N THR NA 497 95.76 39.73 -30.73
CA THR NA 497 96.76 39.29 -29.78
C THR NA 497 97.23 40.45 -28.92
N THR NA 498 97.78 40.11 -27.76
CA THR NA 498 98.63 41.05 -27.06
C THR NA 498 99.89 41.39 -27.85
N PHE NA 499 100.23 40.60 -28.86
CA PHE NA 499 101.46 40.92 -29.58
C PHE NA 499 101.36 42.20 -30.37
N GLY NA 500 100.15 42.65 -30.70
CA GLY NA 500 100.02 44.01 -31.19
C GLY NA 500 100.41 45.04 -30.16
N LEU NA 501 100.28 44.68 -28.89
CA LEU NA 501 100.63 45.56 -27.78
C LEU NA 501 102.14 45.67 -27.64
N GLY NA 502 102.58 46.68 -26.90
CA GLY NA 502 104.00 46.90 -26.72
C GLY NA 502 104.29 47.45 -25.34
N ILE NA 503 105.56 47.37 -24.96
CA ILE NA 503 106.01 47.62 -23.61
C ILE NA 503 106.17 49.12 -23.39
N GLY NA 504 105.91 49.59 -22.17
CA GLY NA 504 106.04 51.00 -21.90
C GLY NA 504 105.96 51.34 -20.42
N GLY NA 505 106.23 52.61 -20.14
CA GLY NA 505 106.11 53.23 -18.83
C GLY NA 505 107.37 53.12 -18.00
N ALA NA 506 107.64 54.17 -17.22
CA ALA NA 506 108.79 54.25 -16.31
C ALA NA 506 110.07 53.73 -16.93
N ASP NA 507 110.80 52.92 -16.17
CA ASP NA 507 111.69 51.95 -16.78
C ASP NA 507 110.81 50.97 -17.55
N ASN NA 508 111.23 50.61 -18.77
CA ASN NA 508 110.30 50.15 -19.79
C ASN NA 508 109.34 49.08 -19.29
N LEU NA 509 109.67 48.42 -18.19
CA LEU NA 509 108.91 47.27 -17.69
C LEU NA 509 107.43 47.59 -17.55
N ASN NA 510 106.63 46.53 -17.67
CA ASN NA 510 105.18 46.39 -17.78
C ASN NA 510 104.78 46.65 -19.22
N PRO NA 511 103.84 45.89 -19.78
CA PRO NA 511 103.62 46.02 -21.23
C PRO NA 511 102.80 47.21 -21.68
N THR NA 512 101.48 47.16 -21.50
CA THR NA 512 100.64 48.20 -22.04
C THR NA 512 99.45 48.51 -21.14
N TYR NA 513 98.50 47.60 -21.01
CA TYR NA 513 97.42 47.83 -20.07
C TYR NA 513 97.83 47.21 -18.74
N HIS NA 514 98.29 48.08 -17.84
CA HIS NA 514 98.99 47.60 -16.67
C HIS NA 514 99.49 48.81 -15.89
N VAL NA 515 99.81 48.59 -14.63
CA VAL NA 515 100.26 49.66 -13.77
C VAL NA 515 101.76 49.91 -13.89
N ASP NA 516 102.17 51.12 -13.56
CA ASP NA 516 103.56 51.55 -13.48
C ASP NA 516 104.06 51.28 -12.05
N LYS NA 517 105.21 51.84 -11.67
CA LYS NA 517 105.80 51.44 -10.38
C LYS NA 517 105.67 52.19 -9.01
N ASN NA 518 105.23 53.45 -8.81
CA ASN NA 518 104.91 54.58 -9.69
C ASN NA 518 103.51 54.51 -10.24
N GLY NA 519 102.74 53.52 -9.81
CA GLY NA 519 101.71 52.98 -10.66
C GLY NA 519 100.80 53.99 -11.29
N THR NA 520 100.90 54.00 -12.62
CA THR NA 520 100.10 54.81 -13.52
C THR NA 520 99.79 53.91 -14.70
N TYR NA 521 98.52 53.73 -14.98
CA TYR NA 521 98.07 52.83 -16.02
C TYR NA 521 98.71 53.22 -17.34
N ILE NA 522 99.44 52.29 -17.95
CA ILE NA 522 100.17 52.62 -19.17
C ILE NA 522 99.19 52.77 -20.31
N GLN NA 523 99.32 53.79 -21.02
CA GLN NA 523 98.32 53.94 -22.06
C GLN NA 523 98.77 53.26 -23.35
N PRO NA 524 97.80 52.72 -24.08
CA PRO NA 524 98.12 52.13 -25.39
C PRO NA 524 98.59 53.19 -26.37
N THR NA 525 99.68 52.91 -27.07
CA THR NA 525 100.30 53.85 -27.99
C THR NA 525 100.07 53.41 -29.42
N THR NA 526 99.56 54.35 -30.22
CA THR NA 526 98.90 54.28 -31.52
C THR NA 526 97.66 53.39 -31.59
N TRP NA 527 97.32 52.95 -32.80
CA TRP NA 527 95.93 52.57 -33.07
C TRP NA 527 95.66 51.10 -32.80
N ASP NA 528 96.58 50.22 -33.21
CA ASP NA 528 96.34 48.78 -33.08
C ASP NA 528 96.24 48.33 -31.64
N MET NA 529 96.93 49.01 -30.72
CA MET NA 529 96.85 48.70 -29.31
C MET NA 529 95.41 48.57 -28.87
N CYS NA 530 94.68 49.68 -28.86
CA CYS NA 530 93.24 49.63 -28.78
C CYS NA 530 92.74 48.74 -29.91
N PHE NA 531 91.91 47.76 -29.58
CA PHE NA 531 91.65 46.73 -30.57
C PHE NA 531 90.35 47.06 -31.30
N PRO NA 532 90.42 47.52 -32.54
CA PRO NA 532 89.21 48.00 -33.21
C PRO NA 532 88.38 46.82 -33.69
N VAL NA 533 87.07 46.97 -33.64
CA VAL NA 533 86.23 46.04 -34.35
C VAL NA 533 86.35 46.34 -35.84
N LYS NA 534 85.90 45.38 -36.66
CA LYS NA 534 85.78 45.47 -38.10
C LYS NA 534 87.10 45.13 -38.78
N THR NA 535 88.17 44.90 -38.02
CA THR NA 535 89.42 44.40 -38.57
C THR NA 535 89.51 42.88 -38.51
N ASN NA 536 88.48 42.21 -38.00
CA ASN NA 536 88.53 40.77 -37.79
C ASN NA 536 87.37 40.09 -38.49
N ILE NA 537 87.29 38.79 -38.27
CA ILE NA 537 86.33 37.88 -38.89
C ILE NA 537 86.41 38.07 -40.41
N ASN NA 538 85.31 37.86 -41.10
CA ASN NA 538 85.14 38.14 -42.53
C ASN NA 538 83.65 38.14 -42.80
N LYS NA 539 83.25 38.71 -43.92
CA LYS NA 539 81.89 38.57 -44.40
C LYS NA 539 81.91 38.45 -45.91
N VAL NA 540 81.19 37.45 -46.43
CA VAL NA 540 80.87 37.46 -47.84
C VAL NA 540 79.89 38.58 -48.09
N LEU NA 541 80.22 39.45 -49.03
CA LEU NA 541 79.35 40.57 -49.32
C LEU NA 541 78.12 40.10 -50.09
N GLY OA 34 -70.13 39.71 -18.66
CA GLY OA 34 -70.82 39.46 -19.90
C GLY OA 34 -70.62 40.54 -20.95
N SER OA 35 -71.28 40.38 -22.09
CA SER OA 35 -71.17 41.35 -23.18
C SER OA 35 -72.41 41.25 -24.05
N GLY OA 36 -72.64 42.30 -24.84
CA GLY OA 36 -73.74 42.32 -25.79
C GLY OA 36 -74.90 43.16 -25.27
N VAL OA 37 -75.96 43.19 -26.08
CA VAL OA 37 -77.17 43.88 -25.68
C VAL OA 37 -77.73 43.25 -24.41
N GLY OA 38 -78.29 44.08 -23.54
CA GLY OA 38 -78.82 43.60 -22.29
C GLY OA 38 -77.83 43.58 -21.15
N ILE OA 39 -76.59 43.99 -21.38
CA ILE OA 39 -75.57 44.08 -20.34
C ILE OA 39 -75.03 45.50 -20.38
N SER OA 40 -75.26 46.26 -19.31
CA SER OA 40 -74.83 47.65 -19.29
C SER OA 40 -73.31 47.72 -19.31
N THR OA 41 -72.79 48.71 -20.01
CA THR OA 41 -71.35 48.76 -20.17
C THR OA 41 -70.65 49.38 -18.96
N GLY OA 42 -71.20 50.47 -18.44
CA GLY OA 42 -70.63 51.10 -17.26
C GLY OA 42 -71.74 51.75 -16.46
N GLY OA 43 -71.42 52.06 -15.20
CA GLY OA 43 -72.38 52.63 -14.29
C GLY OA 43 -72.23 54.13 -14.13
N TRP OA 44 -73.14 54.69 -13.34
CA TRP OA 44 -73.13 56.11 -13.06
C TRP OA 44 -71.96 56.45 -12.15
N VAL OA 45 -71.51 57.71 -12.22
CA VAL OA 45 -70.31 58.16 -11.54
C VAL OA 45 -70.51 59.60 -11.08
N GLY OA 46 -69.88 59.96 -9.96
CA GLY OA 46 -69.86 61.35 -9.55
C GLY OA 46 -69.43 61.48 -8.10
N GLY OA 47 -69.54 62.72 -7.59
CA GLY OA 47 -69.45 62.98 -6.17
C GLY OA 47 -68.18 63.68 -5.68
N SER OA 48 -67.28 64.03 -6.58
CA SER OA 48 -65.96 64.61 -6.30
C SER OA 48 -65.09 63.86 -5.30
N TYR OA 49 -64.09 64.53 -4.74
CA TYR OA 49 -63.14 63.84 -3.88
C TYR OA 49 -62.51 64.69 -2.77
N PHE OA 50 -61.67 65.66 -3.17
CA PHE OA 50 -60.95 66.58 -2.28
C PHE OA 50 -59.89 66.00 -1.34
N THR OA 51 -58.72 65.70 -1.87
CA THR OA 51 -57.49 65.53 -1.11
C THR OA 51 -56.61 66.77 -1.26
N ASP OA 52 -55.81 67.05 -0.23
CA ASP OA 52 -54.93 68.22 -0.20
C ASP OA 52 -54.13 68.42 -1.47
N SER OA 53 -53.61 67.34 -2.04
CA SER OA 53 -52.78 67.45 -3.24
C SER OA 53 -53.59 67.58 -4.51
N TYR OA 54 -54.78 66.97 -4.58
CA TYR OA 54 -55.55 67.01 -5.80
C TYR OA 54 -57.03 66.80 -5.50
N VAL OA 55 -57.86 67.21 -6.45
CA VAL OA 55 -59.30 67.08 -6.38
C VAL OA 55 -59.77 66.33 -7.61
N ILE OA 56 -60.51 65.26 -7.40
CA ILE OA 56 -61.07 64.46 -8.48
C ILE OA 56 -62.55 64.74 -8.56
N THR OA 57 -62.98 65.40 -9.63
CA THR OA 57 -64.40 65.64 -9.87
C THR OA 57 -64.90 64.65 -10.89
N LYS OA 58 -66.02 64.01 -10.59
CA LYS OA 58 -66.62 63.00 -11.44
C LYS OA 58 -68.02 63.44 -11.80
N ASN OA 59 -68.42 63.22 -13.03
CA ASN OA 59 -69.73 63.63 -13.50
C ASN OA 59 -70.23 62.65 -14.54
N THR OA 60 -71.53 62.57 -14.68
CA THR OA 60 -72.16 61.68 -15.64
C THR OA 60 -73.40 62.36 -16.18
N ARG OA 61 -73.74 62.09 -17.44
CA ARG OA 61 -74.83 62.78 -18.10
C ARG OA 61 -75.65 61.81 -18.94
N GLN OA 62 -76.78 62.30 -19.39
CA GLN OA 62 -77.60 61.62 -20.38
C GLN OA 62 -77.69 62.56 -21.57
N PHE OA 63 -77.33 62.07 -22.76
CA PHE OA 63 -77.28 62.93 -23.92
C PHE OA 63 -78.06 62.31 -25.06
N LEU OA 64 -78.34 63.09 -26.10
CA LEU OA 64 -78.91 62.53 -27.30
C LEU OA 64 -78.40 63.24 -28.54
N VAL OA 65 -78.21 62.47 -29.61
CA VAL OA 65 -77.74 62.96 -30.88
C VAL OA 65 -78.91 62.92 -31.85
N LYS OA 66 -79.16 64.03 -32.53
CA LYS OA 66 -80.45 64.27 -33.18
C LYS OA 66 -80.46 64.04 -34.70
N ILE OA 67 -79.32 63.69 -35.31
CA ILE OA 67 -79.18 63.75 -36.78
C ILE OA 67 -79.39 65.18 -37.23
N GLN OA 68 -78.40 66.05 -37.03
CA GLN OA 68 -78.50 67.40 -37.54
C GLN OA 68 -78.15 67.46 -39.01
N ASN OA 69 -78.86 68.34 -39.73
CA ASN OA 69 -78.47 68.78 -41.06
C ASN OA 69 -78.54 67.65 -42.09
N ASN OA 70 -79.57 66.82 -42.01
CA ASN OA 70 -79.63 65.56 -42.73
C ASN OA 70 -78.31 64.87 -42.41
N HIS OA 71 -77.67 64.19 -43.36
CA HIS OA 71 -76.26 63.88 -43.16
C HIS OA 71 -75.35 64.73 -44.03
N GLN OA 72 -75.92 65.54 -44.91
CA GLN OA 72 -75.12 66.41 -45.76
C GLN OA 72 -74.66 67.65 -44.99
N TYR OA 73 -73.64 68.31 -45.54
CA TYR OA 73 -72.93 69.43 -44.95
C TYR OA 73 -73.56 70.79 -45.20
N LYS OA 74 -73.68 71.18 -46.46
CA LYS OA 74 -74.03 72.52 -46.90
C LYS OA 74 -73.03 73.58 -46.42
N THR OA 75 -73.48 74.83 -46.35
CA THR OA 75 -72.64 75.96 -45.96
C THR OA 75 -73.42 76.89 -45.03
N GLU OA 76 -74.59 77.32 -45.50
CA GLU OA 76 -75.67 77.97 -44.76
C GLU OA 76 -75.63 79.49 -44.66
N LEU OA 77 -74.49 80.13 -44.93
CA LEU OA 77 -74.41 81.60 -45.06
C LEU OA 77 -75.31 82.30 -44.05
N ILE OA 78 -74.92 82.25 -42.77
CA ILE OA 78 -75.89 82.35 -41.68
C ILE OA 78 -76.74 83.61 -41.76
N SER OA 79 -76.20 84.74 -41.32
CA SER OA 79 -76.78 86.08 -41.44
C SER OA 79 -78.10 86.22 -40.69
N PRO OA 80 -78.42 87.40 -40.17
CA PRO OA 80 -79.82 87.80 -40.11
C PRO OA 80 -80.13 88.70 -41.29
N SER OA 81 -81.37 89.16 -41.41
CA SER OA 81 -81.65 90.25 -42.36
C SER OA 81 -82.67 91.25 -41.84
N THR OA 82 -82.34 92.55 -41.71
CA THR OA 82 -81.02 93.19 -41.53
C THR OA 82 -79.81 92.71 -42.36
N SER OA 83 -79.99 92.71 -43.68
CA SER OA 83 -78.95 92.26 -44.60
C SER OA 83 -77.64 93.00 -44.40
N GLN OA 84 -77.65 94.15 -43.72
CA GLN OA 84 -76.44 94.87 -43.39
C GLN OA 84 -75.53 94.07 -42.46
N GLY OA 85 -76.01 92.98 -41.90
CA GLY OA 85 -75.23 92.23 -40.93
C GLY OA 85 -73.99 91.60 -41.54
N LYS OA 86 -73.24 90.91 -40.68
CA LYS OA 86 -71.98 90.31 -41.12
C LYS OA 86 -72.19 89.19 -42.13
N SER OA 87 -73.18 88.33 -41.87
CA SER OA 87 -73.56 87.28 -42.81
C SER OA 87 -72.42 86.30 -43.06
N GLN OA 88 -71.81 85.82 -41.97
CA GLN OA 88 -70.78 84.81 -42.10
C GLN OA 88 -71.33 83.56 -42.78
N ARG OA 89 -70.53 82.97 -43.66
CA ARG OA 89 -71.03 81.86 -44.47
C ARG OA 89 -71.03 80.56 -43.71
N CYS OA 90 -70.01 80.35 -42.88
CA CYS OA 90 -69.78 79.13 -42.10
C CYS OA 90 -69.84 77.85 -42.92
N VAL OA 91 -70.07 76.73 -42.22
CA VAL OA 91 -70.25 75.40 -42.77
C VAL OA 91 -71.04 74.61 -41.74
N SER OA 92 -71.99 73.80 -42.18
CA SER OA 92 -72.70 72.94 -41.26
C SER OA 92 -72.27 71.51 -41.53
N THR OA 93 -72.31 70.68 -40.51
CA THR OA 93 -71.90 69.29 -40.61
C THR OA 93 -72.94 68.40 -39.96
N PRO OA 94 -73.00 67.13 -40.34
CA PRO OA 94 -73.88 66.20 -39.61
C PRO OA 94 -73.44 65.93 -38.19
N TRP OA 95 -72.23 66.31 -37.83
CA TRP OA 95 -71.65 65.94 -36.56
C TRP OA 95 -72.15 66.81 -35.43
N SER OA 96 -72.18 66.23 -34.24
CA SER OA 96 -72.40 66.92 -32.98
C SER OA 96 -71.18 66.69 -32.11
N TYR OA 97 -71.01 67.52 -31.09
CA TYR OA 97 -69.80 67.43 -30.30
C TYR OA 97 -70.09 67.63 -28.83
N PHE OA 98 -69.19 67.10 -28.01
CA PHE OA 98 -69.24 67.26 -26.56
C PHE OA 98 -68.38 68.44 -26.16
N ASN OA 99 -68.99 69.43 -25.53
CA ASN OA 99 -68.26 70.56 -24.95
C ASN OA 99 -68.22 70.38 -23.45
N PHE OA 100 -67.05 70.11 -22.91
CA PHE OA 100 -66.87 69.96 -21.47
C PHE OA 100 -66.35 71.21 -20.79
N ASN OA 101 -66.23 72.32 -21.51
CA ASN OA 101 -65.45 73.45 -21.03
C ASN OA 101 -66.36 74.40 -20.26
N GLN OA 102 -66.26 74.36 -18.94
CA GLN OA 102 -66.87 75.28 -17.99
C GLN OA 102 -66.57 74.74 -16.61
N TYR OA 103 -66.59 75.61 -15.61
CA TYR OA 103 -66.40 75.11 -14.25
C TYR OA 103 -67.69 74.59 -13.65
N SER OA 104 -68.79 75.29 -13.87
CA SER OA 104 -70.05 74.91 -13.25
C SER OA 104 -70.51 73.54 -13.68
N SER OA 105 -69.92 72.98 -14.74
CA SER OA 105 -70.28 71.63 -15.14
C SER OA 105 -69.63 70.60 -14.24
N HIS OA 106 -68.39 70.83 -13.84
CA HIS OA 106 -67.62 69.86 -13.10
C HIS OA 106 -67.67 70.04 -11.59
N PHE OA 107 -68.22 71.14 -11.10
CA PHE OA 107 -68.21 71.45 -9.68
C PHE OA 107 -69.61 71.79 -9.21
N SER OA 108 -70.08 71.09 -8.19
CA SER OA 108 -71.29 71.50 -7.54
C SER OA 108 -71.05 72.82 -6.83
N PRO OA 109 -72.11 73.58 -6.55
CA PRO OA 109 -71.92 74.81 -5.80
C PRO OA 109 -71.24 74.63 -4.47
N GLN OA 110 -71.25 73.43 -3.89
CA GLN OA 110 -70.43 73.19 -2.72
C GLN OA 110 -69.01 72.76 -3.05
N ASP OA 111 -68.81 71.90 -4.04
CA ASP OA 111 -67.46 71.52 -4.41
C ASP OA 111 -66.65 72.75 -4.78
N TRP OA 112 -67.12 73.50 -5.77
CA TRP OA 112 -66.74 74.90 -5.87
C TRP OA 112 -67.15 75.55 -4.56
N GLN OA 113 -66.34 76.47 -4.07
CA GLN OA 113 -66.42 77.03 -2.70
C GLN OA 113 -65.83 76.10 -1.66
N ARG OA 114 -65.68 74.81 -1.94
CA ARG OA 114 -64.77 74.07 -1.10
C ARG OA 114 -63.33 74.26 -1.53
N LEU OA 115 -63.07 74.33 -2.83
CA LEU OA 115 -61.73 74.69 -3.27
C LEU OA 115 -61.50 76.18 -3.26
N THR OA 116 -62.52 76.97 -3.60
CA THR OA 116 -62.34 78.42 -3.62
C THR OA 116 -62.01 78.93 -2.23
N ASN OA 117 -62.55 78.29 -1.20
CA ASN OA 117 -62.22 78.69 0.17
C ASN OA 117 -60.90 78.08 0.62
N GLU OA 118 -60.67 76.81 0.30
CA GLU OA 118 -59.61 76.06 0.97
C GLU OA 118 -58.30 75.98 0.20
N TYR OA 119 -58.19 76.55 -0.99
CA TYR OA 119 -56.97 76.34 -1.76
C TYR OA 119 -56.48 77.62 -2.43
N LYS OA 120 -55.15 77.73 -2.55
CA LYS OA 120 -54.54 78.85 -3.27
C LYS OA 120 -54.83 78.77 -4.75
N ARG OA 121 -54.58 77.61 -5.35
CA ARG OA 121 -54.52 77.55 -6.78
C ARG OA 121 -54.84 76.14 -7.22
N PHE OA 122 -55.30 76.03 -8.46
CA PHE OA 122 -55.64 74.73 -9.01
C PHE OA 122 -55.53 74.80 -10.51
N ARG OA 123 -55.24 73.66 -11.11
CA ARG OA 123 -55.29 73.54 -12.56
C ARG OA 123 -55.70 72.11 -12.85
N PRO OA 124 -56.44 71.88 -13.93
CA PRO OA 124 -56.80 70.51 -14.27
C PRO OA 124 -55.57 69.72 -14.67
N LYS OA 125 -55.38 68.57 -14.03
CA LYS OA 125 -54.24 67.73 -14.33
C LYS OA 125 -54.51 66.81 -15.50
N GLY OA 126 -55.69 66.20 -15.55
CA GLY OA 126 -56.01 65.22 -16.57
C GLY OA 126 -57.51 65.11 -16.71
N MET OA 127 -57.92 64.34 -17.71
CA MET OA 127 -59.32 64.21 -18.05
C MET OA 127 -59.56 62.84 -18.62
N HIS OA 128 -60.69 62.23 -18.25
CA HIS OA 128 -61.03 60.89 -18.70
C HIS OA 128 -62.51 60.86 -19.03
N VAL OA 129 -62.84 60.51 -20.26
CA VAL OA 129 -64.22 60.57 -20.73
C VAL OA 129 -64.62 59.20 -21.22
N LYS OA 130 -65.85 58.80 -20.91
CA LYS OA 130 -66.35 57.49 -21.30
C LYS OA 130 -67.75 57.63 -21.86
N ILE OA 131 -67.93 57.22 -23.11
CA ILE OA 131 -69.24 57.05 -23.71
C ILE OA 131 -69.67 55.62 -23.45
N TYR OA 132 -70.90 55.42 -23.01
CA TYR OA 132 -71.36 54.07 -22.76
C TYR OA 132 -72.88 54.09 -22.63
N ASN OA 133 -73.45 52.90 -22.46
CA ASN OA 133 -74.89 52.72 -22.35
C ASN OA 133 -75.63 53.39 -23.49
N LEU OA 134 -75.21 53.10 -24.70
CA LEU OA 134 -75.80 53.74 -25.87
C LEU OA 134 -77.14 53.11 -26.22
N GLN OA 135 -78.00 53.89 -26.87
CA GLN OA 135 -79.31 53.44 -27.29
C GLN OA 135 -79.65 54.10 -28.61
N ILE OA 136 -80.16 53.33 -29.56
CA ILE OA 136 -80.63 53.87 -30.83
C ILE OA 136 -82.11 53.59 -30.91
N LYS OA 137 -82.93 54.64 -30.92
CA LYS OA 137 -84.35 54.44 -30.68
C LYS OA 137 -85.26 54.49 -31.90
N GLN OA 138 -84.76 54.81 -33.10
CA GLN OA 138 -85.55 54.64 -34.31
C GLN OA 138 -86.89 55.39 -34.24
N ILE OA 139 -86.82 56.71 -34.40
CA ILE OA 139 -88.03 57.52 -34.47
C ILE OA 139 -88.96 57.00 -35.56
N LEU OA 140 -90.25 56.91 -35.24
CA LEU OA 140 -91.29 56.64 -36.22
C LEU OA 140 -92.39 57.69 -36.11
N SER OA 141 -93.03 57.96 -37.24
CA SER OA 141 -94.17 58.87 -37.28
C SER OA 141 -95.26 58.24 -38.13
N ASN OA 142 -96.42 58.00 -37.53
CA ASN OA 142 -97.61 57.59 -38.23
C ASN OA 142 -98.46 58.78 -38.65
N GLY OA 143 -97.94 59.97 -38.43
CA GLY OA 143 -98.69 61.21 -38.48
C GLY OA 143 -99.06 61.59 -37.07
N ALA OA 144 -99.01 62.89 -36.77
CA ALA OA 144 -99.12 63.44 -35.42
C ALA OA 144 -98.13 62.65 -34.53
N ASP OA 145 -98.46 62.38 -33.27
CA ASP OA 145 -97.87 61.39 -32.38
C ASP OA 145 -96.35 61.26 -32.47
N THR OA 146 -95.87 60.02 -32.30
CA THR OA 146 -94.56 59.45 -32.61
C THR OA 146 -94.52 58.07 -31.98
N THR OA 147 -93.59 57.23 -32.42
CA THR OA 147 -93.32 55.97 -31.74
C THR OA 147 -91.83 55.70 -31.81
N TYR OA 148 -91.32 54.97 -30.83
CA TYR OA 148 -89.90 54.65 -30.73
C TYR OA 148 -89.80 53.15 -30.56
N ASN OA 149 -89.26 52.47 -31.57
CA ASN OA 149 -89.27 51.01 -31.56
C ASN OA 149 -88.04 50.47 -30.87
N ASN OA 150 -87.26 51.34 -30.26
CA ASN OA 150 -85.87 51.08 -29.93
C ASN OA 150 -85.20 50.72 -31.24
N ASP OA 151 -84.20 49.85 -31.19
CA ASP OA 151 -83.51 49.40 -32.38
C ASP OA 151 -82.33 48.55 -31.93
N LEU OA 152 -81.85 47.72 -32.83
CA LEU OA 152 -80.57 47.08 -32.70
C LEU OA 152 -79.93 47.15 -34.08
N THR OA 153 -78.74 46.59 -34.21
CA THR OA 153 -78.00 46.63 -35.46
C THR OA 153 -77.93 48.04 -36.02
N ALA OA 154 -77.69 49.02 -35.17
CA ALA OA 154 -77.47 50.41 -35.57
C ALA OA 154 -76.20 50.90 -34.93
N GLY OA 155 -75.71 52.06 -35.36
CA GLY OA 155 -74.39 52.48 -35.00
C GLY OA 155 -74.29 53.98 -34.78
N VAL OA 156 -73.20 54.36 -34.14
CA VAL OA 156 -72.92 55.75 -33.79
C VAL OA 156 -71.44 55.99 -34.03
N HIS OA 157 -71.13 57.02 -34.80
CA HIS OA 157 -69.75 57.42 -35.04
C HIS OA 157 -69.28 58.27 -33.88
N ILE OA 158 -68.07 57.99 -33.39
CA ILE OA 158 -67.47 58.77 -32.32
C ILE OA 158 -66.03 59.05 -32.69
N PHE OA 159 -65.67 60.33 -32.71
CA PHE OA 159 -64.38 60.76 -33.19
C PHE OA 159 -63.81 61.79 -32.23
N CYS OA 160 -62.51 61.70 -31.96
CA CYS OA 160 -61.82 62.62 -31.07
C CYS OA 160 -60.63 63.23 -31.79
N ASP OA 161 -60.26 64.45 -31.38
CA ASP OA 161 -59.10 65.13 -31.93
C ASP OA 161 -57.94 65.06 -30.94
N GLY OA 162 -56.92 64.27 -31.28
CA GLY OA 162 -55.70 64.33 -30.51
C GLY OA 162 -54.72 65.31 -31.12
N GLU OA 163 -54.84 65.51 -32.43
CA GLU OA 163 -53.95 66.39 -33.15
C GLU OA 163 -54.46 67.82 -33.22
N HIS OA 164 -55.74 68.03 -32.90
CA HIS OA 164 -56.43 69.30 -33.13
C HIS OA 164 -56.35 69.74 -34.57
N ALA OA 165 -56.22 68.82 -35.51
CA ALA OA 165 -56.70 69.09 -36.85
C ALA OA 165 -58.20 69.26 -36.78
N TYR OA 166 -58.76 69.90 -37.79
CA TYR OA 166 -60.16 70.29 -37.87
C TYR OA 166 -60.42 71.56 -37.07
N PRO OA 167 -61.42 72.34 -37.48
CA PRO OA 167 -61.60 73.69 -36.94
C PRO OA 167 -61.99 73.81 -35.46
N ASN OA 168 -62.25 72.72 -34.76
CA ASN OA 168 -62.49 72.69 -33.31
C ASN OA 168 -63.54 73.68 -32.81
N ALA OA 169 -64.82 73.31 -32.95
CA ALA OA 169 -65.94 74.20 -32.65
C ALA OA 169 -65.79 74.95 -31.33
N THR OA 170 -65.26 74.29 -30.30
CA THR OA 170 -65.34 74.83 -28.95
C THR OA 170 -64.80 76.25 -28.88
N HIS OA 171 -65.63 77.14 -28.38
CA HIS OA 171 -65.32 78.53 -28.07
C HIS OA 171 -65.63 78.72 -26.60
N PRO OA 172 -64.85 79.52 -25.88
CA PRO OA 172 -64.98 79.53 -24.41
C PRO OA 172 -66.38 79.70 -23.87
N TRP OA 173 -67.14 80.69 -24.33
CA TRP OA 173 -68.41 80.97 -23.68
C TRP OA 173 -69.51 80.10 -24.28
N ASP OA 174 -69.91 80.40 -25.50
CA ASP OA 174 -70.91 79.61 -26.23
C ASP OA 174 -72.11 79.41 -25.30
N GLU OA 175 -72.61 78.21 -25.19
CA GLU OA 175 -73.84 77.86 -24.49
C GLU OA 175 -73.54 76.52 -23.85
N ASP OA 176 -74.58 75.83 -23.40
CA ASP OA 176 -74.57 74.36 -23.27
C ASP OA 176 -73.39 73.93 -22.40
N VAL OA 177 -72.37 73.30 -22.95
CA VAL OA 177 -71.36 72.54 -22.23
C VAL OA 177 -72.17 71.47 -21.53
N MET OA 178 -71.75 71.02 -20.36
CA MET OA 178 -72.57 70.08 -19.63
C MET OA 178 -73.60 70.86 -18.84
N PRO OA 179 -74.81 70.35 -18.64
CA PRO OA 179 -75.72 71.05 -17.74
C PRO OA 179 -75.09 71.04 -16.36
N GLU OA 180 -75.03 72.21 -15.74
CA GLU OA 180 -74.40 72.30 -14.42
C GLU OA 180 -75.01 71.33 -13.43
N LEU OA 181 -76.22 70.88 -13.71
CA LEU OA 181 -77.01 70.06 -12.83
C LEU OA 181 -77.13 68.68 -13.43
N PRO OA 182 -76.71 67.59 -12.76
CA PRO OA 182 -76.89 66.26 -13.36
C PRO OA 182 -78.35 65.91 -13.51
N TYR OA 183 -78.66 64.68 -13.91
CA TYR OA 183 -80.03 64.21 -14.16
C TYR OA 183 -80.72 65.03 -15.25
N GLN OA 184 -80.07 66.10 -15.67
CA GLN OA 184 -80.61 66.97 -16.71
C GLN OA 184 -80.03 66.50 -18.03
N THR OA 185 -80.88 66.04 -18.93
CA THR OA 185 -80.40 65.48 -20.18
C THR OA 185 -79.65 66.53 -20.98
N TRP OA 186 -78.62 66.09 -21.69
CA TRP OA 186 -77.70 67.00 -22.34
C TRP OA 186 -77.85 66.89 -23.86
N TYR OA 187 -78.43 67.91 -24.45
CA TYR OA 187 -78.64 67.93 -25.90
C TYR OA 187 -77.39 68.46 -26.58
N LEU OA 188 -76.84 67.66 -27.48
CA LEU OA 188 -75.66 68.06 -28.22
C LEU OA 188 -76.00 69.10 -29.28
N PHE OA 189 -74.98 69.79 -29.74
CA PHE OA 189 -75.13 70.86 -30.71
C PHE OA 189 -74.32 70.56 -31.96
N GLN OA 190 -74.82 71.05 -33.08
CA GLN OA 190 -74.24 70.73 -34.37
C GLN OA 190 -72.85 71.33 -34.50
N TYR OA 191 -71.96 70.61 -35.18
CA TYR OA 191 -70.61 71.10 -35.41
C TYR OA 191 -70.56 71.89 -36.70
N GLY OA 192 -69.97 73.07 -36.64
CA GLY OA 192 -69.81 73.92 -37.80
C GLY OA 192 -68.56 74.75 -37.64
N TYR OA 193 -68.16 75.40 -38.73
CA TYR OA 193 -66.98 76.22 -38.66
C TYR OA 193 -67.01 77.26 -39.77
N ILE OA 194 -66.26 78.33 -39.57
CA ILE OA 194 -66.14 79.38 -40.57
C ILE OA 194 -65.00 79.02 -41.51
N PRO OA 195 -65.28 78.67 -42.77
CA PRO OA 195 -64.15 78.43 -43.69
C PRO OA 195 -63.37 79.68 -44.01
N VAL OA 196 -64.04 80.79 -44.32
CA VAL OA 196 -63.42 82.06 -44.68
C VAL OA 196 -64.40 83.19 -44.39
N ILE OA 197 -63.86 84.38 -44.12
CA ILE OA 197 -64.67 85.57 -43.96
C ILE OA 197 -65.60 85.71 -45.17
N HIS OA 198 -66.89 85.92 -44.92
CA HIS OA 198 -67.84 85.98 -46.03
C HIS OA 198 -67.56 87.15 -46.95
N GLU OA 199 -67.51 88.35 -46.40
CA GLU OA 199 -66.94 89.45 -47.16
C GLU OA 199 -65.48 89.09 -47.46
N LEU OA 200 -64.91 89.69 -48.50
CA LEU OA 200 -63.62 89.24 -49.00
C LEU OA 200 -63.73 87.80 -49.52
N ALA OA 201 -64.18 87.69 -50.79
CA ALA OA 201 -64.80 86.53 -51.44
C ALA OA 201 -66.32 86.60 -51.55
N GLU OA 202 -66.93 87.72 -51.18
CA GLU OA 202 -68.37 87.85 -51.37
C GLU OA 202 -68.91 87.45 -52.77
N MET OA 203 -68.29 87.80 -53.90
CA MET OA 203 -67.23 88.78 -54.08
C MET OA 203 -67.74 89.81 -55.09
N GLU OA 204 -67.18 91.01 -55.10
CA GLU OA 204 -67.73 92.07 -55.92
C GLU OA 204 -67.05 92.17 -57.27
N ASP OA 205 -67.77 91.75 -58.32
CA ASP OA 205 -67.36 91.90 -59.70
C ASP OA 205 -65.91 91.48 -59.91
N SER OA 206 -65.18 92.22 -60.76
CA SER OA 206 -63.72 92.20 -60.82
C SER OA 206 -63.20 90.71 -60.77
N ASN OA 207 -62.40 90.18 -59.83
CA ASN OA 207 -61.63 90.80 -58.76
C ASN OA 207 -60.21 90.24 -58.72
N ALA OA 208 -60.16 88.93 -58.50
CA ALA OA 208 -58.95 88.08 -58.48
C ALA OA 208 -58.17 88.24 -57.18
N VAL OA 209 -58.43 89.31 -56.44
CA VAL OA 209 -57.94 89.37 -55.06
C VAL OA 209 -58.89 88.66 -54.11
N GLU OA 210 -60.20 88.80 -54.34
CA GLU OA 210 -61.16 88.00 -53.58
C GLU OA 210 -61.49 86.70 -54.29
N LYS OA 211 -61.10 86.55 -55.55
CA LYS OA 211 -61.19 85.24 -56.19
C LYS OA 211 -60.26 84.28 -55.48
N ALA OA 212 -58.99 84.63 -55.36
CA ALA OA 212 -58.19 84.02 -54.32
C ALA OA 212 -58.77 84.40 -52.97
N ILE OA 213 -58.55 83.53 -51.99
CA ILE OA 213 -59.18 83.55 -50.67
C ILE OA 213 -60.59 82.99 -50.78
N CYS OA 214 -61.19 83.06 -51.96
CA CYS OA 214 -62.38 82.25 -52.22
C CYS OA 214 -61.99 80.86 -52.71
N LEU OA 215 -61.02 80.79 -53.60
CA LEU OA 215 -60.51 79.51 -54.07
C LEU OA 215 -59.82 78.75 -52.95
N GLN OA 216 -59.24 79.46 -52.00
CA GLN OA 216 -58.42 78.78 -51.01
C GLN OA 216 -59.20 78.35 -49.79
N ILE OA 217 -60.52 78.54 -49.77
CA ILE OA 217 -61.27 78.23 -48.55
C ILE OA 217 -61.11 76.72 -48.35
N PRO OA 218 -60.61 76.29 -47.20
CA PRO OA 218 -60.46 74.86 -46.95
C PRO OA 218 -61.80 74.25 -46.61
N PHE OA 219 -61.91 72.96 -46.90
CA PHE OA 219 -63.12 72.21 -46.60
C PHE OA 219 -62.74 70.98 -45.82
N PHE OA 220 -63.18 70.94 -44.56
CA PHE OA 220 -62.81 69.88 -43.64
C PHE OA 220 -63.98 68.93 -43.49
N MET OA 221 -63.66 67.66 -43.34
CA MET OA 221 -64.65 66.61 -43.21
C MET OA 221 -64.19 65.67 -42.13
N LEU OA 222 -65.09 65.25 -41.27
CA LEU OA 222 -64.71 64.36 -40.20
C LEU OA 222 -64.71 62.92 -40.62
N GLU OA 223 -64.95 62.63 -41.90
CA GLU OA 223 -64.93 61.24 -42.31
C GLU OA 223 -63.49 60.79 -42.47
N ASN OA 224 -62.80 61.16 -43.56
CA ASN OA 224 -61.36 61.40 -43.52
C ASN OA 224 -60.66 60.49 -42.52
N SER OA 225 -60.02 61.11 -41.53
CA SER OA 225 -59.38 60.35 -40.46
C SER OA 225 -60.35 59.38 -39.81
N ASP OA 226 -59.84 58.20 -39.47
CA ASP OA 226 -60.69 57.11 -39.00
C ASP OA 226 -61.25 57.38 -37.62
N HIS OA 227 -62.35 56.72 -37.30
CA HIS OA 227 -63.01 56.86 -36.02
C HIS OA 227 -63.86 55.63 -35.75
N GLU OA 228 -64.27 55.48 -34.51
CA GLU OA 228 -64.98 54.29 -34.09
C GLU OA 228 -66.47 54.42 -34.32
N VAL OA 229 -67.09 53.33 -34.73
CA VAL OA 229 -68.54 53.20 -34.74
C VAL OA 229 -68.90 52.26 -33.59
N LEU OA 230 -70.05 52.49 -32.98
CA LEU OA 230 -70.46 51.72 -31.83
C LEU OA 230 -71.91 51.29 -31.99
N ARG OA 231 -72.16 49.99 -31.82
CA ARG OA 231 -73.53 49.59 -31.59
C ARG OA 231 -73.83 49.77 -30.10
N THR OA 232 -74.96 49.24 -29.65
CA THR OA 232 -75.37 49.42 -28.26
C THR OA 232 -74.35 48.87 -27.27
N GLY OA 233 -74.05 47.57 -27.37
CA GLY OA 233 -73.23 46.94 -26.34
C GLY OA 233 -71.85 47.53 -26.18
N GLU OA 234 -71.34 48.20 -27.19
CA GLU OA 234 -69.99 48.75 -27.15
C GLU OA 234 -69.95 50.09 -26.42
N SER OA 235 -68.76 50.44 -25.92
CA SER OA 235 -68.49 51.74 -25.33
C SER OA 235 -67.15 52.26 -25.85
N THR OA 236 -66.75 53.41 -25.33
CA THR OA 236 -65.48 54.02 -25.72
C THR OA 236 -64.97 54.87 -24.57
N GLU OA 237 -63.64 54.93 -24.45
CA GLU OA 237 -62.99 55.78 -23.48
C GLU OA 237 -62.08 56.77 -24.19
N PHE OA 238 -61.85 57.91 -23.55
CA PHE OA 238 -60.89 58.88 -24.02
C PHE OA 238 -60.16 59.46 -22.82
N THR OA 239 -58.86 59.72 -22.99
CA THR OA 239 -58.07 60.35 -21.95
C THR OA 239 -57.46 61.63 -22.48
N PHE OA 240 -57.10 62.51 -21.56
CA PHE OA 240 -56.47 63.76 -21.92
C PHE OA 240 -55.50 64.15 -20.82
N ASN OA 241 -54.41 64.78 -21.21
CA ASN OA 241 -53.46 65.34 -20.27
C ASN OA 241 -53.27 66.81 -20.60
N PHE OA 242 -52.97 67.61 -19.58
CA PHE OA 242 -52.96 69.05 -19.73
C PHE OA 242 -51.57 69.58 -19.41
N ASP OA 243 -50.97 70.28 -20.37
CA ASP OA 243 -49.91 71.23 -20.08
C ASP OA 243 -50.60 72.57 -19.87
N CYS OA 244 -50.62 73.04 -18.63
CA CYS OA 244 -51.63 74.01 -18.24
C CYS OA 244 -51.09 74.92 -17.16
N GLU OA 245 -51.50 76.18 -17.20
CA GLU OA 245 -51.09 77.16 -16.22
C GLU OA 245 -52.03 77.15 -15.03
N TRP OA 246 -51.48 77.35 -13.84
CA TRP OA 246 -52.30 77.46 -12.64
C TRP OA 246 -53.27 78.62 -12.77
N ILE OA 247 -54.44 78.48 -12.17
CA ILE OA 247 -55.31 79.61 -11.92
C ILE OA 247 -55.31 79.87 -10.42
N ASN OA 248 -55.00 81.10 -10.03
CA ASN OA 248 -54.66 81.39 -8.65
C ASN OA 248 -55.84 82.01 -7.92
N ASN OA 249 -56.22 81.41 -6.82
CA ASN OA 249 -57.18 81.99 -5.89
C ASN OA 249 -56.39 82.58 -4.74
N GLU OA 250 -56.31 83.91 -4.71
CA GLU OA 250 -55.43 84.69 -3.85
C GLU OA 250 -55.79 86.14 -4.06
N ARG OA 251 -55.40 86.96 -3.10
CA ARG OA 251 -55.80 88.36 -3.09
C ARG OA 251 -54.63 89.20 -2.63
N ALA OA 252 -54.34 90.26 -3.35
CA ALA OA 252 -53.36 91.24 -2.93
C ALA OA 252 -54.06 92.31 -2.13
N TYR OA 253 -53.68 92.44 -0.87
CA TYR OA 253 -54.30 93.42 0.00
C TYR OA 253 -53.82 94.84 -0.26
N ILE OA 254 -52.73 95.00 -1.01
CA ILE OA 254 -52.23 96.32 -1.40
C ILE OA 254 -51.77 96.27 -2.85
N PRO OA 255 -51.74 97.42 -3.51
CA PRO OA 255 -51.13 97.50 -4.83
C PRO OA 255 -49.66 97.10 -4.74
N PRO OA 256 -49.07 96.65 -5.85
CA PRO OA 256 -47.65 96.28 -5.79
C PRO OA 256 -46.74 97.48 -5.54
N GLY OA 257 -47.16 98.67 -5.94
CA GLY OA 257 -46.38 99.85 -5.68
C GLY OA 257 -46.49 100.40 -4.27
N LEU OA 258 -47.34 99.81 -3.45
CA LEU OA 258 -47.57 100.26 -2.10
C LEU OA 258 -46.71 99.51 -1.09
N MET OA 259 -45.79 98.67 -1.57
CA MET OA 259 -44.96 97.86 -0.69
C MET OA 259 -43.71 98.65 -0.33
N PHE OA 260 -43.63 99.06 0.93
CA PHE OA 260 -42.46 99.75 1.46
C PHE OA 260 -42.73 100.05 2.92
N ASN OA 261 -41.67 100.33 3.66
CA ASN OA 261 -41.81 100.73 5.04
C ASN OA 261 -41.96 102.24 5.07
N PRO OA 262 -43.16 102.76 5.33
CA PRO OA 262 -43.35 104.21 5.27
C PRO OA 262 -42.69 104.95 6.41
N LEU OA 263 -42.30 104.24 7.46
CA LEU OA 263 -41.60 104.88 8.57
C LEU OA 263 -40.21 105.33 8.14
N VAL OA 264 -39.52 104.52 7.36
CA VAL OA 264 -38.12 104.79 7.04
C VAL OA 264 -38.03 105.90 6.01
N PRO OA 265 -37.19 106.92 6.19
CA PRO OA 265 -37.02 107.93 5.16
C PRO OA 265 -36.39 107.33 3.92
N THR OA 266 -36.53 108.04 2.80
CA THR OA 266 -36.01 107.57 1.53
C THR OA 266 -34.90 108.50 1.05
N ARG OA 267 -33.94 107.94 0.32
CA ARG OA 267 -32.97 108.76 -0.38
C ARG OA 267 -33.34 108.86 -1.85
N ARG OA 268 -33.91 110.01 -2.20
CA ARG OA 268 -34.46 110.29 -3.52
C ARG OA 268 -34.90 111.74 -3.52
N ALA OA 269 -35.13 112.32 -4.69
CA ALA OA 269 -35.52 113.71 -4.74
C ALA OA 269 -36.48 113.94 -5.87
N GLN OA 270 -37.26 115.00 -5.74
CA GLN OA 270 -38.26 115.40 -6.73
C GLN OA 270 -37.90 116.78 -7.23
N TYR OA 271 -37.50 116.88 -8.48
CA TYR OA 271 -37.43 118.16 -9.15
C TYR OA 271 -38.78 118.40 -9.78
N ILE OA 272 -39.30 119.60 -9.63
CA ILE OA 272 -40.59 119.97 -10.18
C ILE OA 272 -40.42 121.20 -11.05
N ARG OA 273 -40.83 121.10 -12.31
CA ARG OA 273 -40.64 122.17 -13.27
C ARG OA 273 -41.40 123.43 -12.83
N ARG OA 274 -40.93 124.58 -13.31
CA ARG OA 274 -41.68 125.82 -13.16
C ARG OA 274 -43.12 125.61 -13.64
N ASN OA 275 -44.07 126.07 -12.84
CA ASN OA 275 -45.45 125.68 -13.07
C ASN OA 275 -46.08 126.46 -14.22
N ASN OA 276 -45.57 127.66 -14.50
CA ASN OA 276 -46.07 128.49 -15.60
C ASN OA 276 -47.59 128.65 -15.51
N ASN OA 277 -48.00 129.46 -14.54
CA ASN OA 277 -49.38 129.56 -14.04
C ASN OA 277 -49.68 128.29 -13.26
N PRO OA 278 -50.47 128.40 -12.18
CA PRO OA 278 -50.74 129.65 -11.46
C PRO OA 278 -49.50 130.32 -10.84
N GLN OA 279 -48.67 129.52 -10.16
CA GLN OA 279 -47.67 130.07 -9.25
C GLN OA 279 -46.72 128.95 -8.87
N THR OA 280 -45.91 129.14 -7.82
CA THR OA 280 -45.00 128.11 -7.28
C THR OA 280 -43.90 127.73 -8.25
N ALA OA 281 -42.88 128.58 -8.34
CA ALA OA 281 -41.72 128.32 -9.17
C ALA OA 281 -40.99 127.06 -8.72
N GLU OA 282 -40.17 126.53 -9.64
CA GLU OA 282 -39.58 125.20 -9.50
C GLU OA 282 -38.80 125.06 -8.19
N SER OA 283 -38.83 123.85 -7.65
CA SER OA 283 -38.08 123.52 -6.44
C SER OA 283 -37.78 122.03 -6.44
N THR OA 284 -36.66 121.67 -5.80
CA THR OA 284 -36.32 120.28 -5.56
C THR OA 284 -36.49 119.97 -4.08
N SER OA 285 -36.86 118.73 -3.78
CA SER OA 285 -37.15 118.34 -2.41
C SER OA 285 -36.99 116.84 -2.27
N ARG OA 286 -36.80 116.40 -1.03
CA ARG OA 286 -36.71 114.98 -0.76
C ARG OA 286 -38.09 114.36 -0.73
N ILE OA 287 -38.20 113.14 -1.25
CA ILE OA 287 -39.46 112.44 -1.25
C ILE OA 287 -39.84 112.06 0.17
N ALA OA 288 -41.10 112.27 0.52
CA ALA OA 288 -41.57 112.02 1.86
C ALA OA 288 -41.39 110.54 2.21
N PRO OA 289 -41.26 110.23 3.51
CA PRO OA 289 -41.06 108.81 3.89
C PRO OA 289 -42.22 107.94 3.46
N TYR OA 290 -43.44 108.38 3.72
CA TYR OA 290 -44.61 107.78 3.09
C TYR OA 290 -44.59 108.13 1.61
N ALA OA 291 -45.35 107.36 0.83
CA ALA OA 291 -45.52 107.65 -0.59
C ALA OA 291 -44.19 107.67 -1.33
N LYS OA 292 -43.43 106.61 -1.16
CA LYS OA 292 -42.20 106.47 -1.91
C LYS OA 292 -42.52 106.07 -3.35
N PRO OA 293 -41.68 106.46 -4.30
CA PRO OA 293 -41.92 106.08 -5.69
C PRO OA 293 -41.79 104.58 -5.87
N THR OA 294 -42.30 104.11 -6.98
CA THR OA 294 -42.31 102.68 -7.25
C THR OA 294 -41.91 102.37 -8.67
N SER OA 295 -41.43 101.16 -8.86
CA SER OA 295 -41.50 100.46 -10.13
C SER OA 295 -42.88 99.87 -10.29
N TRP OA 296 -42.99 98.88 -11.16
CA TRP OA 296 -44.21 98.08 -11.20
C TRP OA 296 -45.41 98.88 -11.66
N MET OA 297 -45.42 99.11 -12.96
CA MET OA 297 -46.48 99.72 -13.75
C MET OA 297 -47.75 98.87 -13.69
N THR OA 298 -48.88 99.49 -13.98
CA THR OA 298 -50.15 98.80 -14.01
C THR OA 298 -50.28 97.94 -15.26
N GLY OA 299 -51.14 96.93 -15.18
CA GLY OA 299 -51.41 96.06 -16.28
C GLY OA 299 -52.07 96.80 -17.44
N PRO OA 300 -51.96 96.23 -18.64
CA PRO OA 300 -52.45 96.93 -19.83
C PRO OA 300 -53.96 96.81 -19.98
N GLY OA 301 -54.52 97.79 -20.67
CA GLY OA 301 -55.94 97.77 -21.01
C GLY OA 301 -56.17 98.71 -22.18
N LEU OA 302 -57.37 98.64 -22.75
CA LEU OA 302 -57.80 99.59 -23.76
C LEU OA 302 -59.16 100.14 -23.35
N LEU OA 303 -59.18 101.39 -22.90
CA LEU OA 303 -60.39 102.03 -22.41
C LEU OA 303 -61.02 103.07 -23.33
N SER OA 304 -60.43 103.39 -24.48
CA SER OA 304 -60.89 104.58 -25.18
C SER OA 304 -62.14 104.32 -26.02
N ALA OA 305 -62.22 103.13 -26.62
CA ALA OA 305 -63.22 102.82 -27.62
C ALA OA 305 -64.62 102.72 -27.01
N GLN OA 306 -65.63 102.77 -27.88
CA GLN OA 306 -67.01 102.54 -27.51
C GLN OA 306 -67.65 101.61 -28.52
N ARG OA 307 -68.51 100.71 -28.04
CA ARG OA 307 -69.19 99.79 -28.94
C ARG OA 307 -69.99 100.56 -29.98
N VAL OA 308 -70.00 100.04 -31.20
CA VAL OA 308 -70.40 100.78 -32.38
C VAL OA 308 -71.65 100.18 -33.00
N GLY OA 309 -72.75 100.92 -32.93
CA GLY OA 309 -73.90 100.63 -33.75
C GLY OA 309 -74.88 99.68 -33.12
N PRO OA 310 -75.81 99.17 -33.93
CA PRO OA 310 -76.89 98.34 -33.40
C PRO OA 310 -76.43 96.95 -33.07
N ALA OA 311 -77.18 96.29 -32.18
CA ALA OA 311 -76.91 94.91 -31.85
C ALA OA 311 -77.16 94.02 -33.06
N THR OA 312 -76.59 92.81 -33.01
CA THR OA 312 -76.55 91.79 -34.06
C THR OA 312 -75.57 92.18 -35.15
N SER OA 313 -74.98 93.36 -35.10
CA SER OA 313 -73.96 93.80 -36.04
C SER OA 313 -72.54 93.54 -35.56
N ASP OA 314 -72.38 92.82 -34.45
CA ASP OA 314 -71.08 92.60 -33.82
C ASP OA 314 -70.44 93.91 -33.37
N THR OA 315 -70.96 94.47 -32.29
CA THR OA 315 -70.35 95.68 -31.74
C THR OA 315 -69.34 95.29 -30.69
N GLY OA 316 -68.06 95.42 -31.01
CA GLY OA 316 -67.02 95.01 -30.08
C GLY OA 316 -66.27 96.15 -29.42
N ALA OA 317 -66.40 97.35 -29.96
CA ALA OA 317 -65.64 98.56 -29.67
C ALA OA 317 -64.20 98.44 -30.14
N TRP OA 318 -63.69 97.24 -30.39
CA TRP OA 318 -62.40 97.04 -31.03
C TRP OA 318 -62.58 95.92 -32.02
N MET OA 319 -62.40 96.22 -33.31
CA MET OA 319 -62.50 95.21 -34.35
C MET OA 319 -61.10 94.90 -34.85
N VAL OA 320 -60.75 93.63 -34.90
CA VAL OA 320 -59.41 93.25 -35.34
C VAL OA 320 -59.34 93.24 -36.86
N ALA OA 321 -60.34 92.68 -37.52
CA ALA OA 321 -60.44 92.59 -38.97
C ALA OA 321 -59.20 92.06 -39.66
N VAL OA 322 -59.02 92.44 -40.92
CA VAL OA 322 -57.88 92.05 -41.75
C VAL OA 322 -57.42 93.21 -42.62
N LYS OA 323 -58.28 93.64 -43.54
CA LYS OA 323 -57.95 94.63 -44.56
C LYS OA 323 -56.80 94.22 -45.47
N PRO OA 324 -56.99 93.23 -46.34
CA PRO OA 324 -56.05 93.02 -47.44
C PRO OA 324 -56.02 94.25 -48.33
N GLU OA 325 -54.95 94.37 -49.11
CA GLU OA 325 -54.60 95.66 -49.68
C GLU OA 325 -55.65 96.13 -50.68
N ASN OA 326 -56.13 95.23 -51.53
CA ASN OA 326 -57.21 95.62 -52.44
C ASN OA 326 -58.55 95.08 -51.97
N ALA OA 327 -58.79 93.80 -52.24
CA ALA OA 327 -60.03 93.09 -51.93
C ALA OA 327 -61.21 93.94 -52.42
N SER OA 328 -62.29 93.90 -51.67
CA SER OA 328 -63.37 94.89 -51.73
C SER OA 328 -64.16 94.74 -50.44
N ILE OA 329 -64.84 95.80 -50.05
CA ILE OA 329 -65.52 95.79 -48.75
C ILE OA 329 -66.84 96.53 -48.90
N ASP OA 330 -67.88 95.95 -48.31
CA ASP OA 330 -69.20 96.55 -48.24
C ASP OA 330 -69.18 97.59 -47.11
N THR OA 331 -70.36 98.05 -46.68
CA THR OA 331 -70.41 98.83 -45.46
C THR OA 331 -69.70 98.08 -44.35
N GLY OA 332 -68.86 98.80 -43.60
CA GLY OA 332 -67.96 98.16 -42.68
C GLY OA 332 -66.49 98.25 -43.08
N MET OA 333 -65.52 97.98 -42.20
CA MET OA 333 -65.62 97.64 -40.77
C MET OA 333 -66.69 96.57 -40.44
N SER OA 334 -67.64 96.90 -39.56
CA SER OA 334 -68.79 96.05 -39.27
C SER OA 334 -68.35 94.62 -38.82
N GLY OA 335 -68.58 93.48 -39.50
CA GLY OA 335 -68.77 93.25 -40.93
C GLY OA 335 -67.54 92.61 -41.54
N ILE OA 336 -66.39 92.84 -40.89
CA ILE OA 336 -65.18 92.06 -41.11
C ILE OA 336 -64.49 91.96 -39.76
N GLY OA 337 -63.82 90.84 -39.54
CA GLY OA 337 -63.13 90.61 -38.29
C GLY OA 337 -64.05 90.50 -37.10
N SER OA 338 -63.42 90.48 -35.93
CA SER OA 338 -64.10 90.12 -34.69
C SER OA 338 -63.97 91.24 -33.68
N GLY OA 339 -64.99 91.37 -32.83
CA GLY OA 339 -64.89 92.31 -31.73
C GLY OA 339 -64.00 91.76 -30.62
N PHE OA 340 -63.18 92.64 -30.06
CA PHE OA 340 -62.29 92.27 -28.96
C PHE OA 340 -62.95 92.61 -27.65
N ASP OA 341 -63.14 91.61 -26.80
CA ASP OA 341 -63.95 91.77 -25.60
C ASP OA 341 -63.39 90.91 -24.47
N PRO OA 342 -63.41 91.41 -23.22
CA PRO OA 342 -63.42 92.81 -22.80
C PRO OA 342 -62.08 93.50 -22.88
N PRO OA 343 -62.00 94.68 -23.52
CA PRO OA 343 -61.02 95.66 -23.10
C PRO OA 343 -61.57 96.60 -22.02
N GLN OA 344 -60.87 97.03 -20.96
CA GLN OA 344 -59.92 96.26 -20.16
C GLN OA 344 -58.76 95.62 -20.96
N GLY OA 345 -58.18 94.44 -20.65
CA GLY OA 345 -58.23 93.68 -19.40
C GLY OA 345 -57.66 94.44 -18.24
N SER OA 346 -57.85 93.90 -17.03
CA SER OA 346 -57.48 94.58 -15.81
C SER OA 346 -58.03 95.99 -15.79
N LEU OA 347 -57.23 96.95 -15.34
CA LEU OA 347 -57.42 98.37 -15.61
C LEU OA 347 -58.88 98.78 -15.44
N ALA OA 348 -59.33 98.93 -14.19
CA ALA OA 348 -60.74 98.90 -13.85
C ALA OA 348 -61.58 99.74 -14.81
N PRO OA 349 -62.69 99.23 -15.32
CA PRO OA 349 -63.40 99.88 -16.41
C PRO OA 349 -64.16 101.11 -15.97
N THR OA 350 -64.56 101.90 -16.96
CA THR OA 350 -65.33 103.11 -16.73
C THR OA 350 -66.80 102.78 -16.47
N ASN OA 351 -67.49 102.28 -17.49
CA ASN OA 351 -68.90 101.96 -17.30
C ASN OA 351 -69.17 100.50 -17.60
N LEU OA 352 -70.45 100.15 -17.55
CA LEU OA 352 -70.92 98.78 -17.71
C LEU OA 352 -70.47 98.18 -19.04
N GLU OA 353 -70.21 99.04 -20.03
CA GLU OA 353 -69.96 98.58 -21.38
C GLU OA 353 -68.74 97.66 -21.46
N TYR OA 354 -67.80 97.81 -20.54
CA TYR OA 354 -66.59 96.99 -20.50
C TYR OA 354 -66.65 95.86 -19.48
N LYS OA 355 -67.76 95.71 -18.76
CA LYS OA 355 -67.79 94.99 -17.51
C LYS OA 355 -68.07 93.50 -17.71
N ILE OA 356 -68.03 93.03 -18.95
CA ILE OA 356 -68.53 91.74 -19.42
C ILE OA 356 -70.01 91.67 -19.07
N GLN OA 357 -70.57 90.46 -19.01
CA GLN OA 357 -71.96 90.18 -18.67
C GLN OA 357 -72.21 88.76 -19.13
N TRP OA 358 -73.24 88.08 -18.62
CA TRP OA 358 -73.77 86.90 -19.29
C TRP OA 358 -75.13 86.58 -18.72
N TYR OA 359 -75.91 85.79 -19.47
CA TYR OA 359 -77.29 85.54 -19.07
C TYR OA 359 -77.45 84.26 -18.27
N GLN OA 360 -76.43 83.42 -18.24
CA GLN OA 360 -76.45 82.13 -17.52
C GLN OA 360 -77.75 81.37 -17.74
N THR OA 361 -78.32 81.49 -18.94
CA THR OA 361 -79.63 80.91 -19.27
C THR OA 361 -79.94 81.21 -20.72
N PRO OA 362 -80.39 80.23 -21.49
CA PRO OA 362 -80.81 80.53 -22.87
C PRO OA 362 -82.10 81.31 -22.94
N GLN OA 363 -82.97 81.16 -21.94
CA GLN OA 363 -84.22 81.91 -21.94
C GLN OA 363 -84.02 83.38 -21.59
N GLY OA 364 -82.80 83.77 -21.25
CA GLY OA 364 -82.54 85.14 -20.82
C GLY OA 364 -82.84 86.18 -21.88
N THR OA 365 -83.72 87.12 -21.55
CA THR OA 365 -84.06 88.23 -22.41
C THR OA 365 -83.03 89.34 -22.20
N ASN OA 366 -83.30 90.55 -22.73
CA ASN OA 366 -82.32 91.62 -22.67
C ASN OA 366 -81.89 91.88 -21.23
N ASN OA 367 -82.81 92.21 -20.34
CA ASN OA 367 -82.54 92.23 -18.92
C ASN OA 367 -83.38 91.15 -18.25
N ASN OA 368 -82.73 90.05 -17.91
CA ASN OA 368 -83.23 88.87 -17.21
C ASN OA 368 -82.05 87.93 -17.18
N GLY OA 369 -81.99 87.01 -16.24
CA GLY OA 369 -80.71 86.35 -16.07
C GLY OA 369 -79.71 87.46 -15.84
N ASN OA 370 -78.75 87.58 -16.75
CA ASN OA 370 -78.03 88.83 -16.96
C ASN OA 370 -77.18 89.21 -15.75
N ILE OA 371 -76.41 88.27 -15.24
CA ILE OA 371 -75.53 88.60 -14.13
C ILE OA 371 -74.29 89.28 -14.69
N ILE OA 372 -73.87 90.33 -14.01
CA ILE OA 372 -72.83 91.22 -14.53
C ILE OA 372 -71.59 91.07 -13.65
N SER OA 373 -70.43 91.05 -14.28
CA SER OA 373 -69.19 90.92 -13.52
C SER OA 373 -69.00 92.13 -12.62
N ASN OA 374 -68.19 91.95 -11.58
CA ASN OA 374 -68.01 92.96 -10.56
C ASN OA 374 -66.55 92.97 -10.14
N GLN OA 375 -66.17 93.97 -9.35
CA GLN OA 375 -64.77 94.05 -8.93
C GLN OA 375 -64.50 93.06 -7.79
N PRO OA 376 -63.40 92.31 -7.85
CA PRO OA 376 -63.10 91.37 -6.76
C PRO OA 376 -62.74 92.05 -5.47
N LEU OA 377 -62.44 93.35 -5.51
CA LEU OA 377 -61.89 94.15 -4.42
C LEU OA 377 -60.45 93.77 -4.15
N SER OA 378 -59.91 92.77 -4.86
CA SER OA 378 -58.47 92.56 -4.91
C SER OA 378 -57.79 93.80 -5.45
N MET OA 379 -56.58 94.08 -4.95
CA MET OA 379 -55.93 95.34 -5.25
C MET OA 379 -55.04 95.27 -6.48
N LEU OA 380 -54.99 94.16 -7.20
CA LEU OA 380 -53.98 94.07 -8.24
C LEU OA 380 -54.19 94.83 -9.55
N ARG OA 381 -55.11 94.54 -10.50
CA ARG OA 381 -56.52 94.07 -10.52
C ARG OA 381 -57.52 95.25 -10.53
N ASP OA 382 -57.04 96.47 -10.29
CA ASP OA 382 -57.91 97.63 -10.49
C ASP OA 382 -57.23 98.59 -11.45
N GLN OA 383 -56.09 99.14 -11.03
CA GLN OA 383 -55.08 99.65 -11.96
C GLN OA 383 -55.61 100.75 -12.88
N ALA OA 384 -55.79 101.93 -12.30
CA ALA OA 384 -55.90 103.10 -13.14
C ALA OA 384 -54.51 103.52 -13.64
N LEU OA 385 -54.47 104.58 -14.42
CA LEU OA 385 -53.22 105.25 -14.73
C LEU OA 385 -53.57 106.69 -15.10
N PHE OA 386 -52.68 107.62 -14.75
CA PHE OA 386 -53.07 109.02 -14.66
C PHE OA 386 -52.24 109.94 -15.55
N ARG OA 387 -50.92 109.95 -15.43
CA ARG OA 387 -50.10 110.85 -16.25
C ARG OA 387 -50.50 112.29 -15.94
N GLY OA 388 -50.41 113.19 -16.91
CA GLY OA 388 -50.89 114.56 -16.78
C GLY OA 388 -50.32 115.32 -15.60
N ASN OA 389 -50.85 116.52 -15.37
CA ASN OA 389 -51.12 117.47 -16.45
C ASN OA 389 -50.03 118.52 -16.31
N GLN OA 390 -49.21 118.32 -15.27
CA GLN OA 390 -48.41 119.29 -14.52
C GLN OA 390 -49.27 119.96 -13.46
N THR OA 391 -50.59 119.82 -13.53
CA THR OA 391 -51.53 120.40 -12.58
C THR OA 391 -52.46 119.34 -12.02
N THR OA 392 -53.17 118.62 -12.89
CA THR OA 392 -54.12 117.59 -12.49
C THR OA 392 -53.70 116.27 -13.12
N TYR OA 393 -54.10 115.17 -12.49
CA TYR OA 393 -53.96 113.85 -13.11
C TYR OA 393 -55.21 113.56 -13.94
N ASN OA 394 -55.01 112.94 -15.11
CA ASN OA 394 -56.11 112.65 -16.02
C ASN OA 394 -56.04 111.21 -16.48
N LEU OA 395 -57.03 110.41 -16.10
CA LEU OA 395 -57.04 109.00 -16.46
C LEU OA 395 -56.82 108.82 -17.96
N CYS OA 396 -55.88 107.95 -18.31
CA CYS OA 396 -55.41 107.84 -19.68
C CYS OA 396 -55.94 106.56 -20.32
N SER OA 397 -56.43 106.71 -21.55
CA SER OA 397 -56.80 105.59 -22.40
C SER OA 397 -55.56 104.81 -22.82
N ASP OA 398 -55.79 103.61 -23.37
CA ASP OA 398 -54.74 102.67 -23.73
C ASP OA 398 -54.02 102.18 -22.48
N VAL OA 399 -52.71 102.44 -22.36
CA VAL OA 399 -51.80 101.66 -21.52
C VAL OA 399 -51.54 100.28 -22.13
N TRP OA 400 -50.69 100.26 -23.15
CA TRP OA 400 -50.18 99.06 -23.79
C TRP OA 400 -49.16 98.35 -22.88
N MET OA 401 -48.52 97.32 -23.40
CA MET OA 401 -47.54 96.59 -22.62
C MET OA 401 -46.33 97.45 -22.31
N PHE OA 402 -45.77 97.25 -21.13
CA PHE OA 402 -44.66 98.02 -20.60
C PHE OA 402 -43.84 97.11 -19.69
N PRO OA 403 -42.53 97.32 -19.60
CA PRO OA 403 -41.66 96.32 -18.96
C PRO OA 403 -42.04 95.90 -17.54
N ASN OA 404 -42.39 96.83 -16.68
CA ASN OA 404 -42.56 96.50 -15.27
C ASN OA 404 -43.98 96.14 -14.91
N GLN OA 405 -44.86 95.98 -15.88
CA GLN OA 405 -46.27 95.84 -15.58
C GLN OA 405 -46.59 94.59 -14.77
N ILE OA 406 -47.52 94.73 -13.84
CA ILE OA 406 -48.17 93.61 -13.18
C ILE OA 406 -49.67 93.80 -13.27
N TRP OA 407 -50.36 92.73 -13.66
CA TRP OA 407 -51.81 92.70 -13.56
C TRP OA 407 -52.17 91.34 -13.01
N ASP OA 408 -53.41 91.21 -12.61
CA ASP OA 408 -53.90 89.95 -12.08
C ASP OA 408 -54.90 89.37 -13.07
N ARG OA 409 -54.75 88.10 -13.37
CA ARG OA 409 -55.62 87.46 -14.33
C ARG OA 409 -57.06 87.55 -13.84
N TYR OA 410 -57.99 87.55 -14.77
CA TYR OA 410 -59.39 87.75 -14.43
C TYR OA 410 -59.81 86.76 -13.34
N PRO OA 411 -60.54 87.22 -12.32
CA PRO OA 411 -60.80 86.37 -11.14
C PRO OA 411 -61.64 85.14 -11.43
N ILE OA 412 -62.23 85.08 -12.62
CA ILE OA 412 -63.21 84.10 -13.07
C ILE OA 412 -64.32 83.91 -12.04
N THR OA 413 -64.90 82.71 -12.02
CA THR OA 413 -66.08 82.36 -11.23
C THR OA 413 -66.52 80.98 -11.64
N ARG OA 414 -67.56 80.45 -11.02
CA ARG OA 414 -68.00 79.09 -11.34
C ARG OA 414 -68.59 79.00 -12.75
N GLU OA 415 -69.03 80.11 -13.34
CA GLU OA 415 -69.71 80.09 -14.63
C GLU OA 415 -68.77 80.15 -15.82
N ASN OA 416 -67.49 80.18 -15.60
CA ASN OA 416 -66.57 80.51 -16.69
C ASN OA 416 -66.12 79.27 -17.43
N PRO OA 417 -65.68 79.45 -18.67
CA PRO OA 417 -64.98 78.37 -19.36
C PRO OA 417 -63.64 78.08 -18.73
N ILE OA 418 -63.30 76.79 -18.66
CA ILE OA 418 -62.04 76.40 -18.06
C ILE OA 418 -60.87 76.82 -18.92
N TRP OA 419 -60.91 76.47 -20.20
CA TRP OA 419 -59.79 76.66 -21.10
C TRP OA 419 -60.24 77.33 -22.39
N CYS OA 420 -59.25 77.77 -23.15
CA CYS OA 420 -59.42 78.28 -24.50
C CYS OA 420 -58.20 77.85 -25.30
N LYS OA 421 -58.40 77.55 -26.57
CA LYS OA 421 -57.28 77.08 -27.37
C LYS OA 421 -56.46 78.25 -27.86
N LYS OA 422 -55.15 78.17 -27.64
CA LYS OA 422 -54.23 79.18 -28.14
C LYS OA 422 -53.92 78.85 -29.60
N PRO OA 423 -54.33 79.69 -30.54
CA PRO OA 423 -54.12 79.38 -31.95
C PRO OA 423 -52.65 79.33 -32.33
N ARG OA 424 -52.33 78.37 -33.20
CA ARG OA 424 -50.96 78.17 -33.63
C ARG OA 424 -50.51 79.32 -34.51
N SER OA 425 -49.42 79.96 -34.14
CA SER OA 425 -48.89 81.06 -34.92
C SER OA 425 -47.41 81.21 -34.60
N ASP OA 426 -46.70 81.91 -35.47
CA ASP OA 426 -45.27 82.08 -35.29
C ASP OA 426 -44.96 82.81 -34.00
N LYS OA 427 -45.52 84.01 -33.85
CA LYS OA 427 -45.18 84.88 -32.75
C LYS OA 427 -46.41 85.22 -31.94
N HIS OA 428 -46.21 85.44 -30.64
CA HIS OA 428 -47.29 85.89 -29.78
C HIS OA 428 -46.69 86.54 -28.54
N THR OA 429 -47.52 87.32 -27.86
CA THR OA 429 -47.19 87.97 -26.60
C THR OA 429 -47.57 87.11 -25.41
N THR OA 430 -47.68 87.71 -24.23
CA THR OA 430 -47.74 86.96 -22.97
C THR OA 430 -48.83 85.90 -22.95
N ILE OA 431 -49.90 86.09 -23.73
CA ILE OA 431 -51.05 85.18 -23.75
C ILE OA 431 -51.72 85.11 -22.38
N ASP OA 432 -52.39 86.19 -21.99
CA ASP OA 432 -53.32 86.13 -20.88
C ASP OA 432 -54.71 86.45 -21.38
N PRO OA 433 -55.61 85.48 -21.53
CA PRO OA 433 -56.96 85.80 -22.01
C PRO OA 433 -57.73 86.62 -21.00
N PHE OA 434 -58.46 87.61 -21.48
CA PHE OA 434 -59.20 88.50 -20.60
C PHE OA 434 -60.57 87.95 -20.25
N ASP OA 435 -60.89 86.76 -20.73
CA ASP OA 435 -62.08 86.04 -20.31
C ASP OA 435 -61.80 85.21 -19.08
N GLY OA 436 -60.62 85.37 -18.49
CA GLY OA 436 -60.13 84.38 -17.56
C GLY OA 436 -59.77 83.15 -18.36
N SER OA 437 -60.38 82.02 -18.01
CA SER OA 437 -60.13 80.75 -18.69
C SER OA 437 -58.64 80.46 -18.74
N LEU OA 438 -58.18 79.86 -19.83
CA LEU OA 438 -56.81 79.40 -19.95
C LEU OA 438 -56.49 79.28 -21.43
N ALA OA 439 -55.20 79.22 -21.72
CA ALA OA 439 -54.73 78.98 -23.08
C ALA OA 439 -53.87 77.74 -23.07
N MET OA 440 -54.10 76.87 -24.04
CA MET OA 440 -53.29 75.67 -24.17
C MET OA 440 -52.98 75.43 -25.64
N ASP OA 441 -51.77 74.93 -25.91
CA ASP OA 441 -51.44 74.48 -27.25
C ASP OA 441 -52.47 73.46 -27.73
N HIS OA 442 -52.59 72.38 -26.98
CA HIS OA 442 -53.61 71.36 -27.24
C HIS OA 442 -54.56 71.30 -26.06
N PRO OA 443 -55.76 71.84 -26.17
CA PRO OA 443 -56.75 71.66 -25.13
C PRO OA 443 -57.31 70.26 -25.21
N PRO OA 444 -58.29 69.91 -24.39
CA PRO OA 444 -58.99 68.65 -24.60
C PRO OA 444 -59.53 68.58 -26.01
N GLY OA 445 -59.22 67.48 -26.70
CA GLY OA 445 -59.72 67.30 -28.04
C GLY OA 445 -61.22 67.15 -28.03
N THR OA 446 -61.88 67.91 -28.89
CA THR OA 446 -63.33 67.83 -28.96
C THR OA 446 -63.74 66.44 -29.43
N ILE OA 447 -64.69 65.85 -28.71
CA ILE OA 447 -65.23 64.55 -29.08
C ILE OA 447 -66.44 64.77 -29.95
N PHE OA 448 -66.40 64.23 -31.16
CA PHE OA 448 -67.46 64.38 -32.13
C PHE OA 448 -68.23 63.08 -32.21
N ILE OA 449 -69.52 63.19 -32.50
CA ILE OA 449 -70.39 62.02 -32.53
C ILE OA 449 -71.50 62.27 -33.55
N LYS OA 450 -71.86 61.21 -34.27
CA LYS OA 450 -72.80 61.30 -35.37
C LYS OA 450 -73.63 60.03 -35.38
N MET OA 451 -74.74 60.04 -36.12
CA MET OA 451 -75.73 58.99 -36.05
C MET OA 451 -75.59 57.91 -37.12
N ALA OA 452 -74.54 57.91 -37.92
CA ALA OA 452 -74.30 56.78 -38.81
C ALA OA 452 -75.45 56.57 -39.80
N LYS OA 453 -75.49 57.39 -40.86
CA LYS OA 453 -76.61 57.39 -41.78
C LYS OA 453 -76.99 55.97 -42.20
N ILE OA 454 -78.27 55.66 -42.05
CA ILE OA 454 -78.81 54.39 -42.51
C ILE OA 454 -79.75 54.71 -43.66
N PRO OA 455 -79.36 54.45 -44.89
CA PRO OA 455 -80.20 54.84 -46.03
C PRO OA 455 -81.34 53.86 -46.23
N VAL OA 456 -82.21 54.20 -47.16
CA VAL OA 456 -83.37 53.36 -47.46
C VAL OA 456 -83.55 53.37 -48.97
N PRO OA 457 -83.98 52.27 -49.56
CA PRO OA 457 -84.02 52.20 -51.03
C PRO OA 457 -85.15 53.02 -51.60
N SER OA 458 -84.92 53.54 -52.80
CA SER OA 458 -85.94 54.29 -53.52
C SER OA 458 -85.66 54.17 -55.02
N ASN OA 459 -86.56 54.73 -55.82
CA ASN OA 459 -86.47 54.64 -57.27
C ASN OA 459 -85.56 55.72 -57.85
N ASN OA 460 -85.66 56.94 -57.34
CA ASN OA 460 -85.05 58.12 -57.95
C ASN OA 460 -83.56 58.00 -58.37
N ASN OA 461 -82.66 57.50 -57.52
CA ASN OA 461 -82.94 57.05 -56.17
C ASN OA 461 -82.49 58.07 -55.14
N ALA OA 462 -82.72 57.74 -53.87
CA ALA OA 462 -82.36 58.58 -52.75
C ALA OA 462 -83.00 59.99 -52.90
N ASP OA 463 -82.46 61.08 -52.32
CA ASP OA 463 -81.78 61.06 -51.03
C ASP OA 463 -82.79 60.79 -49.93
N SER OA 464 -82.56 59.71 -49.19
CA SER OA 464 -83.47 59.31 -48.13
C SER OA 464 -82.68 58.50 -47.12
N TYR OA 465 -83.15 58.53 -45.88
CA TYR OA 465 -82.41 57.90 -44.80
C TYR OA 465 -83.40 57.57 -43.69
N LEU OA 466 -82.95 56.72 -42.78
CA LEU OA 466 -83.79 56.27 -41.69
C LEU OA 466 -83.61 57.20 -40.49
N ASN OA 467 -84.71 57.53 -39.84
CA ASN OA 467 -84.72 58.57 -38.82
C ASN OA 467 -84.50 57.92 -37.45
N ILE OA 468 -83.35 58.19 -36.84
CA ILE OA 468 -82.96 57.58 -35.57
C ILE OA 468 -82.32 58.64 -34.70
N TYR OA 469 -82.10 58.28 -33.44
CA TYR OA 469 -81.32 59.12 -32.54
C TYR OA 469 -80.64 58.22 -31.52
N CYS OA 470 -79.59 58.74 -30.92
CA CYS OA 470 -78.80 58.00 -29.95
C CYS OA 470 -78.98 58.60 -28.59
N THR OA 471 -78.78 57.79 -27.57
CA THR OA 471 -78.90 58.23 -26.19
C THR OA 471 -77.91 57.43 -25.37
N GLY OA 472 -77.26 58.09 -24.42
CA GLY OA 472 -76.26 57.38 -23.68
C GLY OA 472 -75.73 58.23 -22.56
N GLN OA 473 -74.60 57.81 -22.00
CA GLN OA 473 -74.07 58.42 -20.81
C GLN OA 473 -72.60 58.74 -20.98
N VAL OA 474 -72.25 60.01 -20.83
CA VAL OA 474 -70.86 60.46 -20.80
C VAL OA 474 -70.47 60.60 -19.34
N SER OA 475 -69.28 60.14 -19.00
CA SER OA 475 -68.73 60.37 -17.68
C SER OA 475 -67.42 61.12 -17.87
N CYS OA 476 -67.39 62.37 -17.46
CA CYS OA 476 -66.17 63.17 -17.54
C CYS OA 476 -65.57 63.23 -16.14
N GLU OA 477 -64.46 62.53 -15.96
CA GLU OA 477 -63.77 62.46 -14.68
C GLU OA 477 -62.41 63.14 -14.85
N ILE OA 478 -62.24 64.28 -14.20
CA ILE OA 478 -61.03 65.08 -14.40
C ILE OA 478 -60.34 65.28 -13.06
N VAL OA 479 -59.03 65.26 -13.08
CA VAL OA 479 -58.19 65.40 -11.90
C VAL OA 479 -57.61 66.80 -11.89
N TRP OA 480 -57.58 67.41 -10.72
CA TRP OA 480 -57.15 68.80 -10.58
C TRP OA 480 -55.93 68.84 -9.69
N GLU OA 481 -54.80 69.29 -10.23
CA GLU OA 481 -53.70 69.65 -9.37
C GLU OA 481 -54.12 70.83 -8.51
N VAL OA 482 -53.96 70.68 -7.20
CA VAL OA 482 -54.51 71.65 -6.27
C VAL OA 482 -53.49 71.89 -5.18
N GLU OA 483 -53.42 73.13 -4.69
CA GLU OA 483 -52.46 73.51 -3.66
C GLU OA 483 -53.18 74.26 -2.56
N ARG OA 484 -52.84 73.93 -1.32
CA ARG OA 484 -53.58 74.41 -0.15
C ARG OA 484 -52.81 75.54 0.52
N TYR OA 485 -53.54 76.49 1.08
CA TYR OA 485 -52.93 77.74 1.49
C TYR OA 485 -52.57 77.74 2.97
N ALA OA 486 -51.45 78.37 3.28
CA ALA OA 486 -51.07 78.68 4.64
C ALA OA 486 -50.58 80.12 4.66
N THR OA 487 -50.90 80.83 5.74
CA THR OA 487 -50.53 82.24 5.79
C THR OA 487 -50.31 82.65 7.23
N LYS OA 488 -49.57 83.74 7.39
CA LYS OA 488 -49.25 84.28 8.69
C LYS OA 488 -50.19 85.39 9.12
N ASN OA 489 -51.22 85.68 8.34
CA ASN OA 489 -52.17 86.70 8.73
C ASN OA 489 -52.83 86.33 10.04
N TRP OA 490 -53.03 87.33 10.89
CA TRP OA 490 -53.69 87.11 12.16
C TRP OA 490 -55.21 87.08 12.02
N ARG OA 491 -55.74 87.80 11.07
CA ARG OA 491 -57.15 88.10 10.98
C ARG OA 491 -57.92 87.06 10.18
N PRO OA 492 -59.24 87.04 10.33
CA PRO OA 492 -60.06 85.94 9.78
C PRO OA 492 -60.06 85.79 8.25
N GLU OA 493 -59.59 86.76 7.49
CA GLU OA 493 -59.68 86.75 6.00
C GLU OA 493 -61.15 86.65 5.60
N ARG OA 494 -61.47 85.93 4.53
CA ARG OA 494 -62.81 85.99 3.94
C ARG OA 494 -63.11 84.65 3.28
N ARG OA 495 -64.38 84.27 3.29
CA ARG OA 495 -64.81 83.03 2.69
C ARG OA 495 -66.07 83.31 1.88
N HIS OA 496 -66.65 82.26 1.32
CA HIS OA 496 -67.92 82.37 0.62
C HIS OA 496 -69.00 81.71 1.45
N THR OA 497 -69.83 82.54 2.08
CA THR OA 497 -71.03 82.10 2.75
C THR OA 497 -72.17 81.95 1.76
N THR OA 498 -73.15 81.14 2.16
CA THR OA 498 -74.46 81.23 1.52
C THR OA 498 -75.11 82.59 1.76
N PHE OA 499 -74.63 83.37 2.73
CA PHE OA 499 -75.30 84.63 2.96
C PHE OA 499 -75.12 85.62 1.83
N GLY OA 500 -74.10 85.44 0.99
CA GLY OA 500 -74.06 86.19 -0.25
C GLY OA 500 -75.21 85.80 -1.16
N LEU OA 501 -75.70 84.58 -1.03
CA LEU OA 501 -76.81 84.09 -1.83
C LEU OA 501 -78.12 84.72 -1.38
N GLY OA 502 -79.13 84.61 -2.23
CA GLY OA 502 -80.42 85.19 -1.93
C GLY OA 502 -81.54 84.35 -2.48
N ILE OA 503 -82.75 84.61 -1.98
CA ILE OA 503 -83.92 83.76 -2.18
C ILE OA 503 -84.54 84.10 -3.53
N GLY OA 504 -85.12 83.09 -4.19
CA GLY OA 504 -85.73 83.34 -5.49
C GLY OA 504 -86.56 82.18 -5.98
N GLY OA 505 -87.25 82.43 -7.09
CA GLY OA 505 -88.03 81.46 -7.84
C GLY OA 505 -89.46 81.35 -7.36
N ALA OA 506 -90.38 81.12 -8.31
CA ALA OA 506 -91.81 80.93 -8.07
C ALA OA 506 -92.35 81.91 -7.04
N ASP OA 507 -93.15 81.40 -6.11
CA ASP OA 507 -93.27 82.05 -4.81
C ASP OA 507 -91.90 81.98 -4.16
N ASN OA 508 -91.49 83.08 -3.54
CA ASN OA 508 -90.07 83.36 -3.35
C ASN OA 508 -89.30 82.19 -2.77
N LEU OA 509 -89.99 81.24 -2.15
CA LEU OA 509 -89.36 80.13 -1.43
C LEU OA 509 -88.34 79.40 -2.28
N ASN OA 510 -87.35 78.82 -1.59
CA ASN OA 510 -86.11 78.17 -1.98
C ASN OA 510 -85.07 79.26 -2.22
N PRO OA 511 -83.83 79.06 -1.81
CA PRO OA 511 -82.89 80.19 -1.85
C PRO OA 511 -82.29 80.52 -3.20
N THR OA 512 -81.33 79.73 -3.65
CA THR OA 512 -80.63 80.08 -4.88
C THR OA 512 -80.24 78.86 -5.71
N TYR OA 513 -79.33 78.03 -5.22
CA TYR OA 513 -79.04 76.81 -5.94
C TYR OA 513 -79.93 75.72 -5.36
N HIS OA 514 -81.01 75.44 -6.08
CA HIS OA 514 -82.09 74.66 -5.51
C HIS OA 514 -83.21 74.61 -6.53
N VAL OA 515 -84.10 73.64 -6.34
CA VAL OA 515 -85.21 73.44 -7.27
C VAL OA 515 -86.40 74.33 -6.91
N ASP OA 516 -87.22 74.61 -7.93
CA ASP OA 516 -88.48 75.32 -7.81
C ASP OA 516 -89.60 74.30 -7.53
N LYS OA 517 -90.87 74.68 -7.66
CA LYS OA 517 -91.94 73.77 -7.22
C LYS OA 517 -92.77 72.80 -8.10
N ASN OA 518 -92.85 72.77 -9.45
CA ASN OA 518 -92.41 73.69 -10.52
C ASN OA 518 -90.97 73.45 -10.91
N GLY OA 519 -90.34 72.45 -10.33
CA GLY OA 519 -88.92 72.50 -10.12
C GLY OA 519 -88.09 72.89 -11.32
N THR OA 520 -87.46 74.05 -11.15
CA THR OA 520 -86.53 74.64 -12.10
C THR OA 520 -85.42 75.22 -11.25
N TYR OA 521 -84.21 74.78 -11.53
CA TYR OA 521 -83.05 75.18 -10.75
C TYR OA 521 -82.94 76.70 -10.73
N ILE OA 522 -82.94 77.29 -9.54
CA ILE OA 522 -82.95 78.74 -9.44
C ILE OA 522 -81.58 79.27 -9.82
N GLN OA 523 -81.56 80.23 -10.64
CA GLN OA 523 -80.23 80.64 -11.03
C GLN OA 523 -79.71 81.73 -10.10
N PRO OA 524 -78.40 81.74 -9.88
CA PRO OA 524 -77.78 82.80 -9.08
C PRO OA 524 -77.91 84.14 -9.78
N THR OA 525 -78.32 85.16 -9.03
CA THR OA 525 -78.56 86.49 -9.57
C THR OA 525 -77.48 87.45 -9.10
N THR OA 526 -76.88 88.13 -10.06
CA THR OA 526 -75.62 88.89 -10.11
C THR OA 526 -74.38 88.09 -9.73
N TRP OA 527 -73.32 88.81 -9.32
CA TRP OA 527 -71.97 88.26 -9.46
C TRP OA 527 -71.53 87.49 -8.23
N ASP OA 528 -71.81 88.01 -7.04
CA ASP OA 528 -71.32 87.38 -5.82
C ASP OA 528 -71.91 86.00 -5.58
N MET OA 529 -73.14 85.77 -6.06
CA MET OA 529 -73.77 84.46 -5.95
C MET OA 529 -72.82 83.37 -6.42
N CYS OA 530 -72.53 83.35 -7.71
CA CYS OA 530 -71.40 82.58 -8.20
C CYS OA 530 -70.17 83.02 -7.45
N PHE OA 531 -69.44 82.07 -6.88
CA PHE OA 531 -68.41 82.47 -5.92
C PHE OA 531 -67.07 82.55 -6.63
N PRO OA 532 -66.57 83.75 -6.90
CA PRO OA 532 -65.36 83.87 -7.71
C PRO OA 532 -64.12 83.54 -6.89
N VAL OA 533 -63.15 82.90 -7.52
CA VAL OA 533 -61.85 82.84 -6.89
C VAL OA 533 -61.22 84.22 -6.95
N LYS OA 534 -60.18 84.41 -6.15
CA LYS OA 534 -59.31 85.58 -6.12
C LYS OA 534 -59.90 86.66 -5.24
N THR OA 535 -61.11 86.48 -4.72
CA THR OA 535 -61.67 87.38 -3.73
C THR OA 535 -61.40 86.93 -2.30
N ASN OA 536 -60.68 85.83 -2.12
CA ASN OA 536 -60.46 85.27 -0.80
C ASN OA 536 -58.98 85.10 -0.53
N ILE OA 537 -58.71 84.51 0.63
CA ILE OA 537 -57.37 84.32 1.17
C ILE OA 537 -56.66 85.67 1.20
N ASN OA 538 -55.34 85.66 1.05
CA ASN OA 538 -54.51 86.82 0.89
C ASN OA 538 -53.17 86.36 0.37
N LYS OA 539 -52.39 87.26 -0.20
CA LYS OA 539 -51.00 86.97 -0.50
C LYS OA 539 -50.16 88.20 -0.22
N VAL OA 540 -49.05 87.99 0.49
CA VAL OA 540 -48.03 89.02 0.52
C VAL OA 540 -47.39 89.09 -0.86
N LEU OA 541 -47.37 90.28 -1.44
CA LEU OA 541 -46.80 90.43 -2.77
C LEU OA 541 -45.29 90.35 -2.70
N GLY PA 34 -14.31 77.71 24.53
CA GLY PA 34 -15.19 77.98 25.64
C GLY PA 34 -16.56 78.47 25.24
N SER PA 35 -17.38 78.81 26.23
CA SER PA 35 -18.73 79.29 25.97
C SER PA 35 -19.20 80.11 27.16
N GLY PA 36 -20.23 80.91 26.94
CA GLY PA 36 -20.82 81.71 28.00
C GLY PA 36 -20.38 83.16 27.94
N VAL PA 37 -20.88 83.92 28.90
CA VAL PA 37 -20.47 85.32 29.03
C VAL PA 37 -18.98 85.39 29.26
N GLY PA 38 -18.34 86.41 28.68
CA GLY PA 38 -16.91 86.57 28.81
C GLY PA 38 -16.11 85.88 27.73
N ILE PA 39 -16.75 85.20 26.80
CA ILE PA 39 -16.09 84.56 25.68
C ILE PA 39 -16.75 85.08 24.41
N SER PA 40 -15.99 85.81 23.60
CA SER PA 40 -16.57 86.40 22.40
C SER PA 40 -16.97 85.32 21.43
N THR PA 41 -18.08 85.53 20.72
CA THR PA 41 -18.59 84.47 19.87
C THR PA 41 -17.86 84.43 18.54
N GLY PA 42 -17.65 85.59 17.92
CA GLY PA 42 -16.93 85.65 16.65
C GLY PA 42 -16.18 86.95 16.56
N GLY PA 43 -15.23 86.99 15.64
CA GLY PA 43 -14.37 88.14 15.47
C GLY PA 43 -14.79 89.02 14.30
N TRP PA 44 -14.06 90.12 14.15
CA TRP PA 44 -14.31 91.06 13.09
C TRP PA 44 -13.88 90.45 11.75
N VAL PA 45 -14.50 90.94 10.67
CA VAL PA 45 -14.32 90.36 9.34
C VAL PA 45 -14.37 91.49 8.32
N GLY PA 46 -13.64 91.32 7.22
CA GLY PA 46 -13.75 92.24 6.11
C GLY PA 46 -12.59 92.09 5.14
N GLY PA 47 -12.53 93.02 4.17
CA GLY PA 47 -11.36 93.21 3.34
C GLY PA 47 -11.46 92.74 1.91
N SER PA 48 -12.61 92.24 1.49
CA SER PA 48 -12.89 91.65 0.17
C SER PA 48 -11.92 90.56 -0.29
N TYR PA 49 -11.88 90.29 -1.60
CA TYR PA 49 -11.08 89.16 -2.08
C TYR PA 49 -10.53 89.31 -3.50
N PHE PA 50 -11.43 89.30 -4.49
CA PHE PA 50 -11.11 89.41 -5.92
C PHE PA 50 -10.31 88.29 -6.59
N THR PA 51 -10.96 87.18 -6.88
CA THR PA 51 -10.50 86.19 -7.84
C THR PA 51 -11.28 86.32 -9.15
N ASP PA 52 -10.64 85.97 -10.26
CA ASP PA 52 -11.23 86.07 -11.59
C ASP PA 52 -12.64 85.54 -11.68
N SER PA 53 -12.91 84.41 -11.04
CA SER PA 53 -14.22 83.79 -11.13
C SER PA 53 -15.23 84.41 -10.17
N TYR PA 54 -14.79 84.90 -9.02
CA TYR PA 54 -15.73 85.43 -8.04
C TYR PA 54 -15.04 86.42 -7.12
N VAL PA 55 -15.85 87.26 -6.50
CA VAL PA 55 -15.39 88.26 -5.54
C VAL PA 55 -16.13 88.04 -4.24
N ILE PA 56 -15.39 87.90 -3.15
CA ILE PA 56 -15.96 87.74 -1.82
C ILE PA 56 -15.78 89.03 -1.06
N THR PA 57 -16.87 89.73 -0.80
CA THR PA 57 -16.84 90.94 0.01
C THR PA 57 -17.30 90.60 1.42
N LYS PA 58 -16.53 91.04 2.40
CA LYS PA 58 -16.81 90.78 3.80
C LYS PA 58 -16.95 92.10 4.52
N ASN PA 59 -17.91 92.18 5.43
CA ASN PA 59 -18.16 93.41 6.16
C ASN PA 59 -18.63 93.08 7.56
N THR PA 60 -18.44 94.00 8.48
CA THR PA 60 -18.85 93.83 9.86
C THR PA 60 -19.27 95.18 10.41
N ARG PA 61 -20.24 95.18 11.32
CA ARG PA 61 -20.82 96.42 11.81
C ARG PA 61 -21.04 96.34 13.30
N GLN PA 62 -21.36 97.49 13.87
CA GLN PA 62 -21.82 97.61 15.23
C GLN PA 62 -23.22 98.22 15.17
N PHE PA 63 -24.20 97.56 15.78
CA PHE PA 63 -25.57 98.01 15.66
C PHE PA 63 -26.20 98.13 17.04
N LEU PA 64 -27.35 98.79 17.12
CA LEU PA 64 -28.10 98.78 18.35
C LEU PA 64 -29.59 98.79 18.08
N VAL PA 65 -30.33 98.07 18.92
CA VAL PA 65 -31.78 97.96 18.84
C VAL PA 65 -32.36 98.75 20.00
N LYS PA 66 -33.30 99.64 19.70
CA LYS PA 66 -33.67 100.72 20.60
C LYS PA 66 -34.96 100.49 21.40
N ILE PA 67 -35.67 99.37 21.20
CA ILE PA 67 -37.04 99.21 21.67
C ILE PA 67 -37.92 100.28 21.05
N GLN PA 68 -38.27 100.12 19.78
CA GLN PA 68 -39.18 101.06 19.15
C GLN PA 68 -40.61 100.75 19.52
N ASN PA 69 -41.40 101.81 19.67
CA ASN PA 69 -42.87 101.73 19.69
C ASN PA 69 -43.38 100.98 20.92
N ASN PA 70 -42.77 101.22 22.07
CA ASN PA 70 -42.97 100.38 23.26
C ASN PA 70 -42.74 98.96 22.77
N HIS PA 71 -43.51 97.98 23.22
CA HIS PA 71 -43.56 96.73 22.48
C HIS PA 71 -44.87 96.54 21.72
N GLN PA 72 -45.82 97.45 21.90
CA GLN PA 72 -47.08 97.38 21.18
C GLN PA 72 -46.93 97.89 19.75
N TYR PA 73 -47.91 97.52 18.92
CA TYR PA 73 -47.92 97.76 17.48
C TYR PA 73 -48.48 99.11 17.07
N LYS PA 74 -49.73 99.39 17.41
CA LYS PA 74 -50.52 100.50 16.91
C LYS PA 74 -50.69 100.47 15.39
N THR PA 75 -50.96 101.64 14.81
CA THR PA 75 -51.22 101.77 13.38
C THR PA 75 -50.51 103.01 12.85
N GLU PA 76 -50.81 104.16 13.47
CA GLU PA 76 -50.11 105.44 13.39
C GLU PA 76 -50.56 106.42 12.31
N LEU PA 77 -51.31 105.96 11.30
CA LEU PA 77 -51.97 106.86 10.32
C LEU PA 77 -51.08 108.06 9.99
N ILE PA 78 -50.01 107.80 9.25
CA ILE PA 78 -48.82 108.66 9.32
C ILE PA 78 -49.13 110.13 9.04
N SER PA 79 -49.27 110.49 7.76
CA SER PA 79 -49.70 111.80 7.28
C SER PA 79 -48.75 112.93 7.68
N PRO PA 80 -48.63 113.97 6.88
CA PRO PA 80 -48.38 115.29 7.44
C PRO PA 80 -49.70 116.05 7.53
N SER PA 81 -49.69 117.28 8.04
CA SER PA 81 -50.86 118.13 7.88
C SER PA 81 -50.50 119.60 7.62
N THR PA 82 -50.91 120.22 6.50
CA THR PA 82 -51.28 119.64 5.18
C THR PA 82 -52.15 118.38 5.11
N SER PA 83 -53.31 118.44 5.78
CA SER PA 83 -54.23 117.29 5.82
C SER PA 83 -54.63 116.81 4.43
N GLN PA 84 -54.41 117.63 3.39
CA GLN PA 84 -54.65 117.19 2.03
C GLN PA 84 -53.75 116.04 1.60
N GLY PA 85 -52.74 115.72 2.40
CA GLY PA 85 -51.78 114.70 2.01
C GLY PA 85 -52.41 113.32 1.92
N LYS PA 86 -51.57 112.35 1.55
CA LYS PA 86 -52.04 110.98 1.36
C LYS PA 86 -52.51 110.36 2.67
N SER PA 87 -51.74 110.54 3.73
CA SER PA 87 -52.13 110.09 5.07
C SER PA 87 -52.28 108.57 5.13
N GLN PA 88 -51.28 107.86 4.62
CA GLN PA 88 -51.27 106.41 4.71
C GLN PA 88 -51.32 105.97 6.17
N ARG PA 89 -52.10 104.92 6.43
CA ARG PA 89 -52.32 104.53 7.82
C ARG PA 89 -51.17 103.70 8.37
N CYS PA 90 -50.59 102.85 7.53
CA CYS PA 90 -49.51 101.94 7.89
C CYS PA 90 -49.79 101.08 9.12
N VAL PA 91 -48.71 100.57 9.71
CA VAL PA 91 -48.70 99.79 10.94
C VAL PA 91 -47.29 99.94 11.51
N SER PA 92 -47.19 100.08 12.82
CA SER PA 92 -45.87 100.11 13.45
C SER PA 92 -45.71 98.84 14.25
N THR PA 93 -44.49 98.38 14.40
CA THR PA 93 -44.20 97.16 15.12
C THR PA 93 -43.04 97.39 16.07
N PRO PA 94 -42.92 96.58 17.12
CA PRO PA 94 -41.73 96.67 17.98
C PRO PA 94 -40.45 96.25 17.29
N TRP PA 95 -40.55 95.60 16.14
CA TRP PA 95 -39.39 95.00 15.50
C TRP PA 95 -38.56 96.02 14.75
N SER PA 96 -37.27 95.73 14.65
CA SER PA 96 -36.33 96.43 13.81
C SER PA 96 -35.75 95.42 12.84
N TYR PA 97 -35.17 95.89 11.75
CA TYR PA 97 -34.69 94.96 10.74
C TYR PA 97 -33.36 95.41 10.16
N PHE PA 98 -32.65 94.43 9.61
CA PHE PA 98 -31.38 94.65 8.93
C PHE PA 98 -31.64 94.81 7.44
N ASN PA 99 -31.27 95.95 6.89
CA ASN PA 99 -31.33 96.18 5.46
C ASN PA 99 -29.91 96.12 4.92
N PHE PA 100 -29.60 95.09 4.15
CA PHE PA 100 -28.29 94.95 3.54
C PHE PA 100 -28.23 95.43 2.10
N ASN PA 101 -29.30 96.01 1.59
CA ASN PA 101 -29.45 96.20 0.15
C ASN PA 101 -28.87 97.55 -0.25
N GLN PA 102 -27.69 97.52 -0.84
CA GLN PA 102 -27.01 98.64 -1.48
C GLN PA 102 -25.64 98.15 -1.88
N TYR PA 103 -25.03 98.80 -2.87
CA TYR PA 103 -23.68 98.40 -3.23
C TYR PA 103 -22.64 99.06 -2.34
N SER PA 104 -22.82 100.34 -2.04
CA SER PA 104 -21.84 101.07 -1.27
C SER PA 104 -21.63 100.49 0.12
N SER PA 105 -22.53 99.62 0.57
CA SER PA 105 -22.33 98.98 1.85
C SER PA 105 -21.31 97.87 1.76
N HIS PA 106 -21.32 97.11 0.68
CA HIS PA 106 -20.48 95.93 0.55
C HIS PA 106 -19.18 96.18 -0.18
N PHE PA 107 -18.99 97.34 -0.79
CA PHE PA 107 -17.81 97.62 -1.59
C PHE PA 107 -17.18 98.93 -1.16
N SER PA 108 -15.90 98.88 -0.83
CA SER PA 108 -15.16 100.10 -0.63
C SER PA 108 -15.05 100.84 -1.96
N PRO PA 109 -14.82 102.14 -1.92
CA PRO PA 109 -14.61 102.87 -3.18
C PRO PA 109 -13.50 102.30 -4.04
N GLN PA 110 -12.56 101.57 -3.47
CA GLN PA 110 -11.60 100.85 -4.31
C GLN PA 110 -12.08 99.49 -4.76
N ASP PA 111 -12.73 98.72 -3.89
CA ASP PA 111 -13.25 97.42 -4.32
C ASP PA 111 -14.21 97.60 -5.48
N TRP PA 112 -15.26 98.39 -5.28
CA TRP PA 112 -15.92 99.01 -6.40
C TRP PA 112 -14.88 99.83 -7.14
N GLN PA 113 -14.95 99.85 -8.46
CA GLN PA 113 -13.89 100.36 -9.34
C GLN PA 113 -12.76 99.36 -9.53
N ARG PA 114 -12.59 98.39 -8.65
CA ARG PA 114 -11.78 97.27 -9.06
C ARG PA 114 -12.58 96.29 -9.89
N LEU PA 115 -13.85 96.06 -9.55
CA LEU PA 115 -14.69 95.27 -10.43
C LEU PA 115 -15.27 96.08 -11.57
N THR PA 116 -15.61 97.34 -11.34
CA THR PA 116 -16.17 98.15 -12.40
C THR PA 116 -15.18 98.32 -13.53
N ASN PA 117 -13.89 98.37 -13.20
CA ASN PA 117 -12.87 98.46 -14.24
C ASN PA 117 -12.55 97.10 -14.84
N GLU PA 118 -12.46 96.07 -14.00
CA GLU PA 118 -11.84 94.82 -14.43
C GLU PA 118 -12.81 93.74 -14.86
N TYR PA 119 -14.12 93.95 -14.81
CA TYR PA 119 -15.03 92.86 -15.09
C TYR PA 119 -16.20 93.29 -15.96
N LYS PA 120 -16.66 92.35 -16.82
CA LYS PA 120 -17.85 92.59 -17.63
C LYS PA 120 -19.10 92.67 -16.78
N ARG PA 121 -19.29 91.69 -15.91
CA ARG PA 121 -20.59 91.51 -15.30
C ARG PA 121 -20.41 90.80 -13.97
N PHE PA 122 -21.38 91.00 -13.10
CA PHE PA 122 -21.34 90.38 -11.80
C PHE PA 122 -22.74 90.24 -11.27
N ARG PA 123 -22.97 89.24 -10.45
CA ARG PA 123 -24.21 89.11 -9.72
C ARG PA 123 -23.89 88.46 -8.40
N PRO PA 124 -24.60 88.81 -7.33
CA PRO PA 124 -24.33 88.16 -6.06
C PRO PA 124 -24.72 86.70 -6.12
N LYS PA 125 -23.78 85.84 -5.74
CA LYS PA 125 -24.02 84.40 -5.75
C LYS PA 125 -24.69 83.93 -4.48
N GLY PA 126 -24.24 84.43 -3.33
CA GLY PA 126 -24.74 83.96 -2.05
C GLY PA 126 -24.49 85.00 -1.00
N MET PA 127 -25.02 84.74 0.19
CA MET PA 127 -24.94 85.70 1.28
C MET PA 127 -24.92 84.93 2.59
N HIS PA 128 -24.12 85.42 3.53
CA HIS PA 128 -23.97 84.75 4.83
C HIS PA 128 -23.90 85.83 5.88
N VAL PA 129 -24.82 85.78 6.84
CA VAL PA 129 -24.94 86.83 7.84
C VAL PA 129 -24.80 86.20 9.22
N LYS PA 130 -24.09 86.88 10.11
CA LYS PA 130 -23.86 86.38 11.46
C LYS PA 130 -24.09 87.49 12.46
N ILE PA 131 -25.02 87.27 13.37
CA ILE PA 131 -25.20 88.12 14.54
C ILE PA 131 -24.36 87.51 15.64
N TYR PA 132 -23.61 88.33 16.35
CA TYR PA 132 -22.79 87.80 17.44
C TYR PA 132 -22.32 88.97 18.30
N ASN PA 133 -21.61 88.63 19.38
CA ASN PA 133 -21.11 89.60 20.33
C ASN PA 133 -22.20 90.54 20.82
N LEU PA 134 -23.30 89.96 21.27
CA LEU PA 134 -24.44 90.74 21.70
C LEU PA 134 -24.22 91.32 23.08
N GLN PA 135 -24.88 92.44 23.36
CA GLN PA 135 -24.79 93.10 24.65
C GLN PA 135 -26.14 93.71 24.98
N ILE PA 136 -26.61 93.54 26.21
CA ILE PA 136 -27.85 94.17 26.67
C ILE PA 136 -27.47 95.10 27.80
N LYS PA 137 -27.65 96.40 27.60
CA LYS PA 137 -27.02 97.35 28.51
C LYS PA 137 -27.93 97.99 29.55
N GLN PA 138 -29.24 97.75 29.53
CA GLN PA 138 -30.09 98.17 30.64
C GLN PA 138 -29.99 99.68 30.93
N ILE PA 139 -30.62 100.47 30.08
CA ILE PA 139 -30.67 101.92 30.32
C ILE PA 139 -31.25 102.21 31.69
N LEU PA 140 -30.62 103.14 32.41
CA LEU PA 140 -31.18 103.69 33.64
C LEU PA 140 -31.18 105.20 33.57
N SER PA 141 -32.14 105.80 34.25
CA SER PA 141 -32.24 107.25 34.38
C SER PA 141 -32.53 107.61 35.82
N ASN PA 142 -31.62 108.36 36.44
CA ASN PA 142 -31.83 108.94 37.76
C ASN PA 142 -32.43 110.33 37.65
N GLY PA 143 -32.78 110.75 36.44
CA GLY PA 143 -33.09 112.12 36.10
C GLY PA 143 -31.85 112.73 35.48
N ALA PA 144 -32.05 113.56 34.47
CA ALA PA 144 -30.99 114.08 33.59
C ALA PA 144 -30.15 112.88 33.14
N ASP PA 145 -28.83 113.02 32.99
CA ASP PA 145 -27.81 111.98 32.92
C ASP PA 145 -28.21 110.75 32.10
N THR PA 146 -27.74 109.58 32.56
CA THR PA 146 -28.13 108.20 32.27
C THR PA 146 -27.07 107.30 32.89
N THR PA 147 -27.40 106.03 33.07
CA THR PA 147 -26.40 105.04 33.45
C THR PA 147 -26.73 103.73 32.75
N TYR PA 148 -25.70 102.93 32.51
CA TYR PA 148 -25.83 101.66 31.80
C TYR PA 148 -25.17 100.60 32.67
N ASN PA 149 -25.97 99.70 33.23
CA ASN PA 149 -25.45 98.75 34.20
C ASN PA 149 -24.92 97.50 33.51
N ASN PA 150 -24.86 97.53 32.18
CA ASN PA 150 -24.80 96.34 31.37
C ASN PA 150 -26.01 95.51 31.76
N ASP PA 151 -25.90 94.20 31.69
CA ASP PA 151 -26.99 93.31 32.06
C ASP PA 151 -26.56 91.90 31.72
N LEU PA 152 -27.19 90.94 32.36
CA LEU PA 152 -27.16 89.55 31.94
C LEU PA 152 -28.58 89.04 32.07
N THR PA 153 -28.78 87.77 31.77
CA THR PA 153 -30.10 87.17 31.82
C THR PA 153 -31.12 88.01 31.07
N ALA PA 154 -30.76 88.52 29.91
CA ALA PA 154 -31.66 89.24 29.02
C ALA PA 154 -31.54 88.64 27.63
N GLY PA 155 -32.46 89.02 26.75
CA GLY PA 155 -32.61 88.32 25.50
C GLY PA 155 -32.96 89.25 24.35
N VAL PA 156 -32.77 88.71 23.16
CA VAL PA 156 -33.01 89.43 21.92
C VAL PA 156 -33.65 88.47 20.94
N HIS PA 157 -34.78 88.87 20.38
CA HIS PA 157 -35.46 88.08 19.37
C HIS PA 157 -34.83 88.34 18.03
N ILE PA 158 -34.58 87.28 17.26
CA ILE PA 158 -34.02 87.41 15.92
C ILE PA 158 -34.79 86.49 15.00
N PHE PA 159 -35.35 87.06 13.95
CA PHE PA 159 -36.24 86.34 13.06
C PHE PA 159 -35.87 86.64 11.61
N CYS PA 160 -35.91 85.63 10.76
CA CYS PA 160 -35.58 85.75 9.36
C CYS PA 160 -36.73 85.23 8.51
N ASP PA 161 -36.88 85.77 7.31
CA ASP PA 161 -37.89 85.31 6.35
C ASP PA 161 -37.24 84.45 5.29
N GLY PA 162 -37.51 83.15 5.33
CA GLY PA 162 -37.13 82.32 4.21
C GLY PA 162 -38.26 82.19 3.22
N GLU PA 163 -39.48 82.32 3.70
CA GLU PA 163 -40.66 82.19 2.86
C GLU PA 163 -41.10 83.52 2.26
N HIS PA 164 -40.58 84.63 2.77
CA HIS PA 164 -41.07 85.97 2.45
C HIS PA 164 -42.56 86.12 2.71
N ALA PA 165 -43.11 85.36 3.64
CA ALA PA 165 -44.31 85.81 4.32
C ALA PA 165 -43.95 87.06 5.10
N TYR PA 166 -44.96 87.85 5.43
CA TYR PA 166 -44.84 89.15 6.07
C TYR PA 166 -44.50 90.23 5.05
N PRO PA 167 -44.90 91.46 5.32
CA PRO PA 167 -44.85 92.51 4.30
C PRO PA 167 -43.47 92.97 3.84
N ASN PA 168 -42.38 92.50 4.44
CA ASN PA 168 -41.00 92.74 3.99
C ASN PA 168 -40.65 94.22 3.76
N ALA PA 169 -40.34 94.93 4.86
CA ALA PA 169 -40.12 96.37 4.83
C ALA PA 169 -39.22 96.83 3.69
N THR PA 170 -38.18 96.05 3.37
CA THR PA 170 -37.13 96.55 2.49
C THR PA 170 -37.70 97.07 1.19
N HIS PA 171 -37.37 98.32 0.88
CA HIS PA 171 -37.65 99.02 -0.36
C HIS PA 171 -36.31 99.47 -0.91
N PRO PA 172 -36.13 99.44 -2.24
CA PRO PA 172 -34.77 99.63 -2.78
C PRO PA 172 -34.01 100.84 -2.26
N TRP PA 173 -34.60 102.01 -2.26
CA TRP PA 173 -33.81 103.21 -1.93
C TRP PA 173 -33.77 103.42 -0.43
N ASP PA 174 -34.89 103.84 0.14
CA ASP PA 174 -35.04 104.03 1.58
C ASP PA 174 -33.85 104.86 2.07
N GLU PA 175 -33.20 104.46 3.13
CA GLU PA 175 -32.15 105.20 3.82
C GLU PA 175 -31.18 104.12 4.26
N ASP PA 176 -30.28 104.49 5.18
CA ASP PA 176 -29.65 103.52 6.11
C ASP PA 176 -28.99 102.41 5.29
N VAL PA 177 -29.51 101.18 5.31
CA VAL PA 177 -28.82 99.98 4.89
C VAL PA 177 -27.62 99.91 5.82
N MET PA 178 -26.50 99.38 5.37
CA MET PA 178 -25.32 99.42 6.19
C MET PA 178 -24.63 100.75 5.96
N PRO PA 179 -23.99 101.34 6.96
CA PRO PA 179 -23.20 102.53 6.69
C PRO PA 179 -22.09 102.13 5.73
N GLU PA 180 -21.95 102.90 4.65
CA GLU PA 180 -20.95 102.56 3.65
C GLU PA 180 -19.57 102.44 4.24
N LEU PA 181 -19.38 103.04 5.41
CA LEU PA 181 -18.10 103.15 6.07
C LEU PA 181 -18.13 102.29 7.32
N PRO PA 182 -17.24 101.30 7.51
CA PRO PA 182 -17.27 100.53 8.75
C PRO PA 182 -16.94 101.39 9.95
N TYR PA 183 -16.80 100.80 11.13
CA TYR PA 183 -16.53 101.49 12.39
C TYR PA 183 -17.64 102.48 12.72
N GLN PA 184 -18.55 102.69 11.80
CA GLN PA 184 -19.67 103.59 11.99
C GLN PA 184 -20.84 102.76 12.49
N THR PA 185 -21.29 103.05 13.70
CA THR PA 185 -22.34 102.25 14.30
C THR PA 185 -23.61 102.32 13.48
N TRP PA 186 -24.34 101.22 13.45
CA TRP PA 186 -25.47 101.09 12.55
C TRP PA 186 -26.77 101.05 13.33
N TYR PA 187 -27.54 102.12 13.27
CA TYR PA 187 -28.80 102.20 13.98
C TYR PA 187 -29.89 101.57 13.16
N LEU PA 188 -30.56 100.57 13.73
CA LEU PA 188 -31.65 99.91 13.04
C LEU PA 188 -32.89 100.78 13.01
N PHE PA 189 -33.80 100.44 12.11
CA PHE PA 189 -35.02 101.20 11.89
C PHE PA 189 -36.23 100.32 12.12
N GLN PA 190 -37.31 100.96 12.58
CA GLN PA 190 -38.50 100.23 12.97
C GLN PA 190 -39.16 99.57 11.77
N TYR PA 191 -39.72 98.39 11.99
CA TYR PA 191 -40.42 97.68 10.93
C TYR PA 191 -41.89 98.08 10.92
N GLY PA 192 -42.38 98.43 9.73
CA GLY PA 192 -43.78 98.79 9.56
C GLY PA 192 -44.21 98.40 8.18
N TYR PA 193 -45.52 98.47 7.95
CA TYR PA 193 -46.04 98.12 6.65
C TYR PA 193 -47.40 98.76 6.44
N ILE PA 194 -47.77 98.91 5.18
CA ILE PA 194 -49.09 99.45 4.82
C ILE PA 194 -50.07 98.30 4.76
N PRO PA 195 -51.02 98.20 5.69
CA PRO PA 195 -52.03 97.15 5.56
C PRO PA 195 -52.95 97.36 4.37
N VAL PA 196 -53.45 98.58 4.18
CA VAL PA 196 -54.38 98.92 3.10
C VAL PA 196 -54.28 100.41 2.82
N ILE PA 197 -54.59 100.80 1.59
CA ILE PA 197 -54.68 102.22 1.23
C ILE PA 197 -55.60 102.92 2.20
N HIS PA 198 -55.14 104.05 2.76
CA HIS PA 198 -55.93 104.73 3.76
C HIS PA 198 -57.25 105.23 3.20
N GLU PA 199 -57.19 106.03 2.14
CA GLU PA 199 -58.40 106.27 1.38
C GLU PA 199 -58.89 104.92 0.84
N LEU PA 200 -60.18 104.83 0.53
CA LEU PA 200 -60.77 103.53 0.25
C LEU PA 200 -60.72 102.64 1.48
N ALA PA 201 -61.72 102.82 2.38
CA ALA PA 201 -61.74 102.49 3.80
C ALA PA 201 -61.51 103.67 4.74
N GLU PA 202 -61.43 104.89 4.22
CA GLU PA 202 -61.31 106.05 5.10
C GLU PA 202 -62.30 106.11 6.29
N MET PA 203 -63.61 105.81 6.14
CA MET PA 203 -64.36 105.65 4.91
C MET PA 203 -65.52 106.64 4.97
N GLU PA 204 -66.08 107.00 3.82
CA GLU PA 204 -67.06 108.08 3.80
C GLU PA 204 -68.49 107.54 3.88
N ASP PA 205 -69.11 107.74 5.04
CA ASP PA 205 -70.52 107.45 5.26
C ASP PA 205 -70.91 106.07 4.75
N SER PA 206 -72.11 105.97 4.17
CA SER PA 206 -72.49 104.85 3.30
C SER PA 206 -72.05 103.48 3.96
N ASN PA 207 -71.21 102.58 3.42
CA ASN PA 207 -70.63 102.48 2.08
C ASN PA 207 -70.74 101.05 1.57
N ALA PA 208 -70.09 100.16 2.31
CA ALA PA 208 -70.06 98.71 2.12
C ALA PA 208 -69.12 98.30 1.00
N VAL PA 209 -68.76 99.23 0.13
CA VAL PA 209 -67.66 98.98 -0.80
C VAL PA 209 -66.32 99.29 -0.12
N GLU PA 210 -66.27 100.35 0.68
CA GLU PA 210 -65.07 100.60 1.49
C GLU PA 210 -65.17 99.94 2.85
N LYS PA 211 -66.36 99.48 3.24
CA LYS PA 211 -66.45 98.66 4.43
C LYS PA 211 -65.69 97.37 4.22
N ALA PA 212 -66.00 96.65 3.14
CA ALA PA 212 -65.04 95.71 2.62
C ALA PA 212 -63.82 96.47 2.16
N ILE PA 213 -62.67 95.80 2.18
CA ILE PA 213 -61.34 96.36 2.01
C ILE PA 213 -60.90 97.05 3.30
N CYS PA 214 -61.86 97.47 4.12
CA CYS PA 214 -61.53 97.81 5.50
C CYS PA 214 -61.57 96.59 6.39
N LEU PA 215 -62.58 95.75 6.20
CA LEU PA 215 -62.67 94.51 6.95
C LEU PA 215 -61.56 93.56 6.57
N GLN PA 216 -61.08 93.64 5.34
CA GLN PA 216 -60.14 92.64 4.86
C GLN PA 216 -58.70 93.02 5.13
N ILE PA 217 -58.43 94.13 5.80
CA ILE PA 217 -57.05 94.56 5.95
C ILE PA 217 -56.36 93.47 6.77
N PRO PA 218 -55.29 92.87 6.26
CA PRO PA 218 -54.61 91.84 7.03
C PRO PA 218 -53.76 92.46 8.12
N PHE PA 219 -53.54 91.69 9.16
CA PHE PA 219 -52.73 92.11 10.28
C PHE PA 219 -51.66 91.07 10.54
N PHE PA 220 -50.41 91.44 10.31
CA PHE PA 220 -49.29 90.53 10.41
C PHE PA 220 -48.54 90.79 11.70
N MET PA 221 -48.03 89.73 12.28
CA MET PA 221 -47.31 89.79 13.54
C MET PA 221 -46.11 88.88 13.42
N LEU PA 222 -44.97 89.35 13.90
CA LEU PA 222 -43.78 88.54 13.80
C LEU PA 222 -43.66 87.56 14.95
N GLU PA 223 -44.66 87.48 15.82
CA GLU PA 223 -44.55 86.53 16.91
C GLU PA 223 -44.87 85.14 16.40
N ASN PA 224 -46.15 84.80 16.17
CA ASN PA 224 -46.54 83.87 15.12
C ASN PA 224 -45.47 82.82 14.87
N SER PA 225 -44.95 82.78 13.65
CA SER PA 225 -43.86 81.88 13.31
C SER PA 225 -42.70 82.00 14.28
N ASP PA 226 -42.10 80.87 14.61
CA ASP PA 226 -41.09 80.83 15.66
C ASP PA 226 -39.80 81.51 15.24
N HIS PA 227 -39.03 81.91 16.24
CA HIS PA 227 -37.76 82.58 16.00
C HIS PA 227 -36.88 82.42 17.23
N GLU PA 228 -35.61 82.72 17.07
CA GLU PA 228 -34.64 82.48 18.13
C GLU PA 228 -34.53 83.68 19.05
N VAL PA 229 -34.37 83.41 20.32
CA VAL PA 229 -34.00 84.41 21.31
C VAL PA 229 -32.54 84.13 21.67
N LEU PA 230 -31.80 85.19 21.98
CA LEU PA 230 -30.38 85.05 22.26
C LEU PA 230 -30.05 85.84 23.51
N ARG PA 231 -29.37 85.20 24.46
CA ARG PA 231 -28.69 85.98 25.47
C ARG PA 231 -27.34 86.41 24.90
N THR PA 232 -26.48 86.93 25.77
CA THR PA 232 -25.19 87.45 25.30
C THR PA 232 -24.34 86.38 24.64
N GLY PA 233 -24.03 85.30 25.35
CA GLY PA 233 -23.07 84.33 24.85
C GLY PA 233 -23.46 83.68 23.53
N GLU PA 234 -24.74 83.67 23.19
CA GLU PA 234 -25.22 83.03 21.98
C GLU PA 234 -25.03 83.92 20.76
N SER PA 235 -24.99 83.28 19.59
CA SER PA 235 -24.98 83.97 18.30
C SER PA 235 -25.95 83.28 17.35
N THR PA 236 -25.98 83.76 16.12
CA THR PA 236 -26.85 83.18 15.09
C THR PA 236 -26.22 83.42 13.72
N GLU PA 237 -26.44 82.46 12.82
CA GLU PA 237 -26.03 82.60 11.43
C GLU PA 237 -27.23 82.53 10.52
N PHE PA 238 -27.11 83.13 9.35
CA PHE PA 238 -28.11 83.02 8.30
C PHE PA 238 -27.39 82.93 6.97
N THR PA 239 -27.93 82.11 6.07
CA THR PA 239 -27.41 81.99 4.73
C THR PA 239 -28.48 82.34 3.72
N PHE PA 240 -28.05 82.70 2.52
CA PHE PA 240 -28.97 83.03 1.45
C PHE PA 240 -28.33 82.62 0.14
N ASN PA 241 -29.17 82.19 -0.79
CA ASN PA 241 -28.74 81.90 -2.14
C ASN PA 241 -29.61 82.70 -3.10
N PHE PA 242 -29.03 83.06 -4.24
CA PHE PA 242 -29.68 83.99 -5.15
C PHE PA 242 -29.90 83.31 -6.50
N ASP PA 243 -31.16 83.27 -6.93
CA ASP PA 243 -31.47 83.11 -8.34
C ASP PA 243 -31.60 84.52 -8.89
N CYS PA 244 -30.64 84.92 -9.71
CA CYS PA 244 -30.40 86.34 -9.90
C CYS PA 244 -29.86 86.59 -11.30
N GLU PA 245 -30.24 87.72 -11.86
CA GLU PA 245 -29.80 88.12 -13.19
C GLU PA 245 -28.50 88.89 -13.10
N TRP PA 246 -27.62 88.68 -14.07
CA TRP PA 246 -26.39 89.44 -14.14
C TRP PA 246 -26.68 90.92 -14.27
N ILE PA 247 -25.80 91.74 -13.71
CA ILE PA 247 -25.77 93.17 -14.03
C ILE PA 247 -24.50 93.41 -14.82
N ASN PA 248 -24.66 94.01 -16.00
CA ASN PA 248 -23.59 94.03 -17.00
C ASN PA 248 -22.88 95.37 -16.98
N ASN PA 249 -21.57 95.32 -16.81
CA ASN PA 249 -20.70 96.48 -17.00
C ASN PA 249 -20.08 96.34 -18.37
N GLU PA 250 -20.52 97.15 -19.31
CA GLU PA 250 -20.24 97.06 -20.74
C GLU PA 250 -20.84 98.27 -21.40
N ARG PA 251 -20.36 98.57 -22.59
CA ARG PA 251 -20.75 99.78 -23.27
C ARG PA 251 -20.90 99.48 -24.75
N ALA PA 252 -22.00 99.93 -25.33
CA ALA PA 252 -22.19 99.85 -26.76
C ALA PA 252 -21.68 101.14 -27.38
N TYR PA 253 -20.67 101.01 -28.23
CA TYR PA 253 -20.08 102.18 -28.88
C TYR PA 253 -20.94 102.73 -30.00
N ILE PA 254 -21.92 101.97 -30.46
CA ILE PA 254 -22.86 102.44 -31.49
C ILE PA 254 -24.26 101.97 -31.13
N PRO PA 255 -25.28 102.66 -31.64
CA PRO PA 255 -26.64 102.17 -31.52
C PRO PA 255 -26.77 100.82 -32.18
N PRO PA 256 -27.74 100.00 -31.78
CA PRO PA 256 -27.92 98.71 -32.44
C PRO PA 256 -28.33 98.83 -33.90
N GLY PA 257 -29.00 99.90 -34.27
CA GLY PA 257 -29.37 100.10 -35.65
C GLY PA 257 -28.27 100.63 -36.53
N LEU PA 258 -27.11 100.93 -35.96
CA LEU PA 258 -25.99 101.48 -36.70
C LEU PA 258 -25.01 100.39 -37.14
N MET PA 259 -25.37 99.13 -36.96
CA MET PA 259 -24.48 98.02 -37.28
C MET PA 259 -24.72 97.62 -38.73
N PHE PA 260 -23.75 97.91 -39.59
CA PHE PA 260 -23.79 97.50 -40.99
C PHE PA 260 -22.50 98.00 -41.64
N ASN PA 261 -22.20 97.43 -42.79
CA ASN PA 261 -21.05 97.89 -43.55
C ASN PA 261 -21.52 98.99 -44.48
N PRO PA 262 -21.18 100.25 -44.20
CA PRO PA 262 -21.71 101.34 -45.02
C PRO PA 262 -21.09 101.39 -46.40
N LEU PA 263 -19.98 100.69 -46.60
CA LEU PA 263 -19.37 100.66 -47.92
C LEU PA 263 -20.24 99.88 -48.90
N VAL PA 264 -20.83 98.78 -48.46
CA VAL PA 264 -21.55 97.89 -49.38
C VAL PA 264 -22.89 98.49 -49.72
N PRO PA 265 -23.28 98.53 -51.00
CA PRO PA 265 -24.62 99.02 -51.34
C PRO PA 265 -25.68 98.07 -50.81
N THR PA 266 -26.90 98.57 -50.73
CA THR PA 266 -28.02 97.80 -50.21
C THR PA 266 -29.04 97.55 -51.30
N ARG PA 267 -29.72 96.42 -51.22
CA ARG PA 267 -30.88 96.18 -52.06
C ARG PA 267 -32.16 96.44 -51.29
N ARG PA 268 -32.75 97.60 -51.55
CA ARG PA 268 -33.91 98.12 -50.85
C ARG PA 268 -34.31 99.40 -51.55
N ALA PA 269 -35.53 99.88 -51.30
CA ALA PA 269 -35.96 101.09 -51.98
C ALA PA 269 -36.85 101.90 -51.05
N GLN PA 270 -36.92 103.20 -51.33
CA GLN PA 270 -37.72 104.14 -50.57
C GLN PA 270 -38.74 104.75 -51.50
N TYR PA 271 -40.01 104.44 -51.28
CA TYR PA 271 -41.08 105.19 -51.91
C TYR PA 271 -41.42 106.33 -50.96
N ILE PA 272 -41.58 107.52 -51.51
CA ILE PA 272 -41.91 108.70 -50.73
C ILE PA 272 -43.16 109.32 -51.30
N ARG PA 273 -44.17 109.49 -50.45
CA ARG PA 273 -45.46 110.00 -50.87
C ARG PA 273 -45.33 111.42 -51.43
N ARG PA 274 -46.28 111.79 -52.28
CA ARG PA 274 -46.40 113.18 -52.70
C ARG PA 274 -46.43 114.10 -51.48
N ASN PA 275 -45.64 115.16 -51.54
CA ASN PA 275 -45.39 115.94 -50.33
C ASN PA 275 -46.56 116.85 -49.99
N ASN PA 276 -47.35 117.23 -50.98
CA ASN PA 276 -48.53 118.08 -50.76
C ASN PA 276 -48.14 119.33 -49.98
N ASN PA 277 -47.44 120.24 -50.67
CA ASN PA 277 -46.70 121.37 -50.11
C ASN PA 277 -45.48 120.80 -49.39
N PRO PA 278 -44.34 121.53 -49.43
CA PRO PA 278 -44.07 122.61 -50.40
C PRO PA 278 -44.03 122.15 -51.87
N GLN PA 279 -43.34 121.05 -52.13
CA GLN PA 279 -42.94 120.70 -53.49
C GLN PA 279 -42.42 119.26 -53.50
N THR PA 280 -41.74 118.85 -54.57
CA THR PA 280 -41.10 117.53 -54.66
C THR PA 280 -42.10 116.39 -54.68
N ALA PA 281 -42.73 116.18 -55.83
CA ALA PA 281 -43.67 115.08 -56.03
C ALA PA 281 -42.99 113.73 -55.83
N GLU PA 282 -43.83 112.71 -55.59
CA GLU PA 282 -43.37 111.41 -55.13
C GLU PA 282 -42.32 110.81 -56.06
N SER PA 283 -41.39 110.06 -55.47
CA SER PA 283 -40.36 109.36 -56.22
C SER PA 283 -39.91 108.15 -55.42
N THR PA 284 -39.47 107.11 -56.12
CA THR PA 284 -38.84 105.96 -55.51
C THR PA 284 -37.34 105.97 -55.82
N SER PA 285 -36.56 105.45 -54.89
CA SER PA 285 -35.11 105.49 -55.02
C SER PA 285 -34.49 104.40 -54.18
N ARG PA 286 -33.26 104.04 -54.53
CA ARG PA 286 -32.53 103.05 -53.75
C ARG PA 286 -31.95 103.69 -52.50
N ILE PA 287 -31.98 102.94 -51.41
CA ILE PA 287 -31.43 103.42 -50.16
C ILE PA 287 -29.92 103.54 -50.27
N ALA PA 288 -29.38 104.65 -49.79
CA ALA PA 288 -27.96 104.92 -49.88
C ALA PA 288 -27.16 103.84 -49.16
N PRO PA 289 -25.92 103.61 -49.58
CA PRO PA 289 -25.12 102.56 -48.92
C PRO PA 289 -24.92 102.82 -47.44
N TYR PA 290 -24.55 104.05 -47.09
CA TYR PA 290 -24.64 104.49 -45.72
C TYR PA 290 -26.10 104.62 -45.33
N ALA PA 291 -26.37 104.64 -44.02
CA ALA PA 291 -27.71 104.87 -43.51
C ALA PA 291 -28.70 103.85 -44.04
N LYS PA 292 -28.37 102.60 -43.87
CA LYS PA 292 -29.28 101.53 -44.21
C LYS PA 292 -30.36 101.43 -43.15
N PRO PA 293 -31.56 100.99 -43.53
CA PRO PA 293 -32.62 100.83 -42.54
C PRO PA 293 -32.29 99.75 -41.55
N THR PA 294 -33.01 99.75 -40.44
CA THR PA 294 -32.75 98.81 -39.38
C THR PA 294 -34.02 98.23 -38.81
N SER PA 295 -33.87 97.06 -38.22
CA SER PA 295 -34.77 96.56 -37.19
C SER PA 295 -34.37 97.21 -35.86
N TRP PA 296 -34.80 96.59 -34.78
CA TRP PA 296 -34.26 96.97 -33.49
C TRP PA 296 -34.67 98.37 -33.07
N MET PA 297 -35.93 98.47 -32.69
CA MET PA 297 -36.60 99.61 -32.10
C MET PA 297 -35.95 100.00 -30.77
N THR PA 298 -36.17 101.26 -30.38
CA THR PA 298 -35.65 101.75 -29.12
C THR PA 298 -36.44 101.20 -27.94
N GLY PA 299 -35.81 101.21 -26.78
CA GLY PA 299 -36.45 100.77 -25.57
C GLY PA 299 -37.59 101.68 -25.16
N PRO PA 300 -38.51 101.15 -24.35
CA PRO PA 300 -39.71 101.91 -24.02
C PRO PA 300 -39.46 102.96 -22.94
N GLY PA 301 -40.30 103.98 -22.95
CA GLY PA 301 -40.26 105.02 -21.93
C GLY PA 301 -41.59 105.74 -21.93
N LEU PA 302 -41.80 106.55 -20.89
CA LEU PA 302 -42.95 107.45 -20.84
C LEU PA 302 -42.46 108.86 -20.55
N LEU PA 303 -42.48 109.72 -21.56
CA LEU PA 303 -41.97 111.08 -21.44
C LEU PA 303 -43.02 112.18 -21.36
N SER PA 304 -44.31 111.88 -21.46
CA SER PA 304 -45.27 112.96 -21.67
C SER PA 304 -45.63 113.68 -20.37
N ALA PA 305 -45.74 112.93 -19.29
CA ALA PA 305 -46.30 113.41 -18.04
C ALA PA 305 -45.38 114.44 -17.37
N GLN PA 306 -45.95 115.18 -16.42
CA GLN PA 306 -45.19 116.08 -15.57
C GLN PA 306 -45.64 115.90 -14.13
N ARG PA 307 -44.68 115.97 -13.20
CA ARG PA 307 -45.01 115.83 -11.79
C ARG PA 307 -46.04 116.88 -11.38
N VAL PA 308 -46.95 116.47 -10.51
CA VAL PA 308 -48.20 117.20 -10.26
C VAL PA 308 -48.25 117.70 -8.83
N GLY PA 309 -48.18 119.02 -8.67
CA GLY PA 309 -48.56 119.65 -7.43
C GLY PA 309 -47.41 119.79 -6.44
N PRO PA 310 -47.75 120.11 -5.20
CA PRO PA 310 -46.72 120.42 -4.21
C PRO PA 310 -46.04 119.16 -3.71
N ALA PA 311 -44.83 119.35 -3.18
CA ALA PA 311 -44.11 118.26 -2.56
C ALA PA 311 -44.83 117.79 -1.30
N THR PA 312 -44.49 116.57 -0.88
CA THR PA 312 -45.09 115.81 0.22
C THR PA 312 -46.45 115.26 -0.18
N SER PA 313 -46.96 115.60 -1.35
CA SER PA 313 -48.21 115.07 -1.87
C SER PA 313 -48.01 113.86 -2.77
N ASP PA 314 -46.79 113.34 -2.86
CA ASP PA 314 -46.45 112.24 -3.78
C ASP PA 314 -46.66 112.65 -5.24
N THR PA 315 -45.76 113.48 -5.75
CA THR PA 315 -45.82 113.85 -7.15
C THR PA 315 -44.96 112.89 -7.96
N GLY PA 316 -45.61 111.99 -8.69
CA GLY PA 316 -44.88 111.01 -9.47
C GLY PA 316 -44.85 111.22 -10.96
N ALA PA 317 -45.72 112.08 -11.45
CA ALA PA 317 -46.08 112.32 -12.85
C ALA PA 317 -46.81 111.13 -13.46
N TRP PA 318 -46.73 109.94 -12.87
CA TRP PA 318 -47.54 108.81 -13.26
C TRP PA 318 -48.00 108.14 -11.98
N MET PA 319 -49.31 108.11 -11.76
CA MET PA 319 -49.87 107.47 -10.58
C MET PA 319 -50.55 106.20 -11.03
N VAL PA 320 -50.24 105.09 -10.38
CA VAL PA 320 -50.81 103.81 -10.75
C VAL PA 320 -52.22 103.65 -10.16
N ALA PA 321 -52.37 104.02 -8.90
CA ALA PA 321 -53.63 103.94 -8.16
C ALA PA 321 -54.36 102.61 -8.28
N VAL PA 322 -55.68 102.65 -8.11
CA VAL PA 322 -56.56 101.49 -8.21
C VAL PA 322 -57.86 101.85 -8.90
N LYS PA 323 -58.65 102.73 -8.26
CA LYS PA 323 -59.98 103.08 -8.70
C LYS PA 323 -60.94 101.87 -8.76
N PRO PA 324 -61.34 101.33 -7.61
CA PRO PA 324 -62.48 100.41 -7.60
C PRO PA 324 -63.73 101.15 -8.05
N GLU PA 325 -64.73 100.37 -8.48
CA GLU PA 325 -65.79 100.92 -9.31
C GLU PA 325 -66.62 101.96 -8.55
N ASN PA 326 -66.94 101.69 -7.29
CA ASN PA 326 -67.65 102.69 -6.51
C ASN PA 326 -66.72 103.38 -5.53
N ALA PA 327 -66.46 102.70 -4.42
CA ALA PA 327 -65.64 103.19 -3.31
C ALA PA 327 -66.10 104.59 -2.93
N SER PA 328 -65.16 105.44 -2.55
CA SER PA 328 -65.30 106.88 -2.53
C SER PA 328 -63.89 107.45 -2.48
N ILE PA 329 -63.75 108.70 -2.93
CA ILE PA 329 -62.42 109.28 -3.06
C ILE PA 329 -62.49 110.75 -2.68
N ASP PA 330 -61.51 111.18 -1.89
CA ASP PA 330 -61.35 112.58 -1.52
C ASP PA 330 -60.69 113.31 -2.69
N THR PA 331 -60.19 114.52 -2.46
CA THR PA 331 -59.35 115.15 -3.46
C THR PA 331 -58.24 114.18 -3.86
N GLY PA 332 -58.02 114.07 -5.16
CA GLY PA 332 -57.17 113.02 -5.68
C GLY PA 332 -57.91 111.97 -6.48
N MET PA 333 -57.25 111.10 -7.27
CA MET PA 333 -55.80 111.04 -7.59
C MET PA 333 -54.88 111.17 -6.36
N SER PA 334 -53.98 112.14 -6.36
CA SER PA 334 -53.14 112.47 -5.20
C SER PA 334 -52.33 111.23 -4.71
N GLY PA 335 -52.49 110.61 -3.52
CA GLY PA 335 -53.66 110.51 -2.65
C GLY PA 335 -54.28 109.13 -2.73
N ILE PA 336 -54.05 108.47 -3.85
CA ILE PA 336 -54.25 107.02 -4.00
C ILE PA 336 -53.15 106.52 -4.91
N GLY PA 337 -52.72 105.29 -4.66
CA GLY PA 337 -51.68 104.69 -5.47
C GLY PA 337 -50.35 105.38 -5.33
N SER PA 338 -49.43 104.98 -6.19
CA SER PA 338 -48.02 105.33 -6.06
C SER PA 338 -47.53 106.02 -7.31
N GLY PA 339 -46.56 106.92 -7.14
CA GLY PA 339 -45.91 107.52 -8.29
C GLY PA 339 -44.93 106.56 -8.93
N PHE PA 340 -44.93 106.55 -10.25
CA PHE PA 340 -44.02 105.70 -11.02
C PHE PA 340 -42.79 106.52 -11.39
N ASP PA 341 -41.62 106.05 -10.96
CA ASP PA 341 -40.40 106.82 -11.07
C ASP PA 341 -39.20 105.91 -11.31
N PRO PA 342 -38.25 106.33 -12.17
CA PRO PA 342 -38.37 107.29 -13.27
C PRO PA 342 -38.99 106.72 -14.52
N PRO PA 343 -40.01 107.39 -15.08
CA PRO PA 343 -40.20 107.31 -16.52
C PRO PA 343 -39.42 108.42 -17.26
N GLN PA 344 -38.79 108.23 -18.43
CA GLN PA 344 -38.02 107.07 -18.83
C GLN PA 344 -38.79 105.73 -18.79
N GLY PA 345 -38.22 104.54 -18.48
CA GLY PA 345 -36.82 104.15 -18.46
C GLY PA 345 -36.17 104.28 -19.82
N SER PA 346 -34.84 104.15 -19.84
CA SER PA 346 -34.06 104.38 -21.05
C SER PA 346 -34.42 105.72 -21.65
N LEU PA 347 -34.53 105.79 -22.98
CA LEU PA 347 -35.24 106.85 -23.69
C LEU PA 347 -34.87 108.22 -23.14
N ALA PA 348 -33.69 108.72 -23.48
CA ALA PA 348 -33.03 109.79 -22.74
C ALA PA 348 -34.00 110.92 -22.39
N PRO PA 349 -34.02 111.38 -21.14
CA PRO PA 349 -35.08 112.28 -20.67
C PRO PA 349 -34.93 113.69 -21.21
N THR PA 350 -36.00 114.45 -21.08
CA THR PA 350 -36.04 115.84 -21.51
C THR PA 350 -35.35 116.73 -20.49
N ASN PA 351 -35.93 116.87 -19.31
CA ASN PA 351 -35.31 117.73 -18.31
C ASN PA 351 -35.00 116.95 -17.05
N LEU PA 352 -34.53 117.68 -16.04
CA LEU PA 352 -34.08 117.13 -14.77
C LEU PA 352 -35.18 116.33 -14.09
N GLU PA 353 -36.43 116.64 -14.41
CA GLU PA 353 -37.56 116.06 -13.69
C GLU PA 353 -37.59 114.54 -13.78
N TYR PA 354 -37.04 113.98 -14.86
CA TYR PA 354 -37.00 112.55 -15.08
C TYR PA 354 -35.67 111.91 -14.71
N LYS PA 355 -34.71 112.68 -14.23
CA LYS PA 355 -33.30 112.30 -14.26
C LYS PA 355 -32.89 111.53 -13.00
N ILE PA 356 -33.86 111.12 -12.19
CA ILE PA 356 -33.72 110.62 -10.84
C ILE PA 356 -33.03 111.71 -10.02
N GLN PA 357 -32.41 111.33 -8.89
CA GLN PA 357 -31.67 112.21 -8.01
C GLN PA 357 -31.52 111.45 -6.69
N TRP PA 358 -30.57 111.80 -5.83
CA TRP PA 358 -30.65 111.39 -4.43
C TRP PA 358 -29.70 112.24 -3.61
N TYR PA 359 -29.93 112.24 -2.30
CA TYR PA 359 -29.15 113.15 -1.45
C TYR PA 359 -27.93 112.49 -0.84
N GLN PA 360 -27.84 111.16 -0.92
CA GLN PA 360 -26.73 110.38 -0.34
C GLN PA 360 -26.36 110.84 1.06
N THR PA 361 -27.34 111.28 1.83
CA THR PA 361 -27.14 111.86 3.16
C THR PA 361 -28.49 112.21 3.75
N PRO PA 362 -28.73 111.85 5.01
CA PRO PA 362 -29.98 112.28 5.65
C PRO PA 362 -30.01 113.76 5.96
N GLN PA 363 -28.85 114.39 6.16
CA GLN PA 363 -28.81 115.81 6.44
C GLN PA 363 -29.08 116.64 5.20
N GLY PA 364 -29.18 116.01 4.04
CA GLY PA 364 -29.35 116.73 2.79
C GLY PA 364 -30.59 117.58 2.71
N THR PA 365 -30.41 118.88 2.49
CA THR PA 365 -31.52 119.81 2.32
C THR PA 365 -31.96 119.78 0.86
N ASN PA 366 -32.80 120.74 0.46
CA ASN PA 366 -33.34 120.71 -0.89
C ASN PA 366 -32.25 120.65 -1.95
N ASN PA 367 -31.34 121.61 -1.97
CA ASN PA 367 -30.11 121.50 -2.75
C ASN PA 367 -28.93 121.46 -1.79
N ASN PA 368 -28.39 120.26 -1.60
CA ASN PA 368 -27.23 119.92 -0.79
C ASN PA 368 -27.14 118.41 -0.91
N GLY PA 369 -25.98 117.81 -0.73
CA GLY PA 369 -25.90 116.43 -1.14
C GLY PA 369 -26.32 116.43 -2.60
N ASN PA 370 -27.41 115.72 -2.88
CA ASN PA 370 -28.21 115.99 -4.08
C ASN PA 370 -27.46 115.68 -5.36
N ILE PA 371 -26.84 114.51 -5.42
CA ILE PA 371 -26.17 114.13 -6.65
C ILE PA 371 -27.20 113.62 -7.64
N ILE PA 372 -27.06 114.02 -8.88
CA ILE PA 372 -28.08 113.79 -9.90
C ILE PA 372 -27.53 112.82 -10.91
N SER PA 373 -28.37 111.90 -11.36
CA SER PA 373 -27.93 110.93 -12.36
C SER PA 373 -27.59 111.63 -13.66
N ASN PA 374 -26.77 110.96 -14.47
CA ASN PA 374 -26.24 111.55 -15.69
C ASN PA 374 -26.20 110.48 -16.77
N GLN PA 375 -25.95 110.90 -18.01
CA GLN PA 375 -25.92 109.92 -19.09
C GLN PA 375 -24.60 109.15 -19.08
N PRO PA 376 -24.65 107.83 -19.23
CA PRO PA 376 -23.41 107.04 -19.25
C PRO PA 376 -22.55 107.29 -20.47
N LEU PA 377 -23.12 107.92 -21.50
CA LEU PA 377 -22.54 108.09 -22.82
C LEU PA 377 -22.51 106.77 -23.58
N SER PA 378 -22.93 105.67 -22.95
CA SER PA 378 -23.24 104.45 -23.67
C SER PA 378 -24.33 104.73 -24.69
N MET PA 379 -24.26 104.03 -25.83
CA MET PA 379 -25.14 104.34 -26.93
C MET PA 379 -26.43 103.55 -26.93
N LEU PA 380 -26.70 102.75 -25.92
CA LEU PA 380 -27.85 101.86 -26.03
C LEU PA 380 -29.26 102.45 -25.86
N ARG PA 381 -29.79 102.89 -24.71
CA ARG PA 381 -29.32 103.64 -23.51
C ARG PA 381 -29.50 105.17 -23.68
N ASP PA 382 -29.82 105.63 -24.89
CA ASP PA 382 -30.21 107.02 -25.05
C ASP PA 382 -31.58 107.10 -25.71
N GLN PA 383 -31.67 106.62 -26.94
CA GLN PA 383 -32.92 106.14 -27.52
C GLN PA 383 -34.02 107.20 -27.54
N ALA PA 384 -33.87 108.14 -28.45
CA ALA PA 384 -35.02 108.96 -28.82
C ALA PA 384 -35.94 108.15 -29.74
N LEU PA 385 -37.04 108.77 -30.14
CA LEU PA 385 -37.84 108.26 -31.23
C LEU PA 385 -38.60 109.44 -31.83
N PHE PA 386 -38.83 109.41 -33.13
CA PHE PA 386 -39.15 110.63 -33.88
C PHE PA 386 -40.47 110.55 -34.62
N ARG PA 387 -40.69 109.57 -35.48
CA ARG PA 387 -41.94 109.49 -36.24
C ARG PA 387 -42.06 110.76 -37.09
N GLY PA 388 -43.28 111.23 -37.35
CA GLY PA 388 -43.53 112.49 -38.02
C GLY PA 388 -42.87 112.64 -39.37
N ASN PA 389 -42.97 113.84 -39.93
CA ASN PA 389 -44.21 114.59 -39.95
C ASN PA 389 -44.71 114.47 -41.37
N GLN PA 390 -43.89 113.79 -42.18
CA GLN PA 390 -43.75 113.87 -43.64
C GLN PA 390 -42.83 115.03 -44.00
N THR PA 391 -42.52 115.92 -43.07
CA THR PA 391 -41.64 117.06 -43.28
C THR PA 391 -40.53 117.10 -42.23
N THR PA 392 -40.90 117.10 -40.95
CA THR PA 392 -39.96 117.16 -39.85
C THR PA 392 -40.16 115.94 -38.97
N TYR PA 393 -39.11 115.56 -38.24
CA TYR PA 393 -39.23 114.56 -37.19
C TYR PA 393 -39.59 115.25 -35.88
N ASN PA 394 -40.47 114.63 -35.10
CA ASN PA 394 -40.94 115.21 -33.85
C ASN PA 394 -40.87 114.17 -32.74
N LEU PA 395 -40.00 114.43 -31.75
CA LEU PA 395 -39.83 113.48 -30.65
C LEU PA 395 -41.18 113.11 -30.04
N CYS PA 396 -41.41 111.81 -29.90
CA CYS PA 396 -42.73 111.31 -29.53
C CYS PA 396 -42.74 110.83 -28.08
N SER PA 397 -43.78 111.22 -27.36
CA SER PA 397 -44.07 110.71 -26.03
C SER PA 397 -44.46 109.24 -26.10
N ASP PA 398 -44.48 108.60 -24.92
CA ASP PA 398 -44.73 107.16 -24.79
C ASP PA 398 -43.60 106.38 -25.43
N VAL PA 399 -43.88 105.57 -26.46
CA VAL PA 399 -43.06 104.43 -26.86
C VAL PA 399 -43.20 103.30 -25.84
N TRP PA 400 -44.31 102.58 -25.92
CA TRP PA 400 -44.58 101.37 -25.17
C TRP PA 400 -43.76 100.20 -25.70
N MET PA 401 -44.01 99.00 -25.19
CA MET PA 401 -43.28 97.83 -25.64
C MET PA 401 -43.59 97.50 -27.09
N PHE PA 402 -42.58 97.02 -27.79
CA PHE PA 402 -42.64 96.73 -29.21
C PHE PA 402 -41.69 95.57 -29.49
N PRO PA 403 -41.99 94.72 -30.48
CA PRO PA 403 -41.26 93.45 -30.62
C PRO PA 403 -39.75 93.54 -30.70
N ASN PA 404 -39.20 94.47 -31.47
CA ASN PA 404 -37.77 94.46 -31.73
C ASN PA 404 -36.98 95.33 -30.77
N GLN PA 405 -37.60 95.81 -29.71
CA GLN PA 405 -36.94 96.80 -28.87
C GLN PA 405 -35.69 96.27 -28.19
N ILE PA 406 -34.68 97.12 -28.11
CA ILE PA 406 -33.54 96.90 -27.23
C ILE PA 406 -33.34 98.15 -26.39
N TRP PA 407 -33.15 97.95 -25.09
CA TRP PA 407 -32.70 99.01 -24.22
C TRP PA 407 -31.64 98.43 -23.33
N ASP PA 408 -30.93 99.30 -22.65
CA ASP PA 408 -29.90 98.87 -21.73
C ASP PA 408 -30.36 99.19 -20.32
N ARG PA 409 -30.21 98.22 -19.43
CA ARG PA 409 -30.65 98.41 -18.07
C ARG PA 409 -29.89 99.57 -17.44
N TYR PA 410 -30.52 100.22 -16.48
CA TYR PA 410 -29.94 101.43 -15.89
C TYR PA 410 -28.51 101.15 -15.43
N PRO PA 411 -27.57 102.06 -15.71
CA PRO PA 411 -26.15 101.77 -15.48
C PRO PA 411 -25.79 101.57 -14.03
N ILE PA 412 -26.70 101.91 -13.13
CA ILE PA 412 -26.53 101.97 -11.68
C ILE PA 412 -25.28 102.74 -11.30
N THR PA 413 -24.69 102.40 -10.15
CA THR PA 413 -23.58 103.11 -9.53
C THR PA 413 -23.35 102.49 -8.16
N ARG PA 414 -22.35 102.97 -7.43
CA ARG PA 414 -22.07 102.40 -6.12
C ARG PA 414 -23.17 102.69 -5.10
N GLU PA 415 -23.98 103.72 -5.32
CA GLU PA 415 -24.99 104.15 -4.36
C GLU PA 415 -26.31 103.40 -4.47
N ASN PA 416 -26.43 102.48 -5.37
CA ASN PA 416 -27.73 101.93 -5.70
C ASN PA 416 -28.09 100.74 -4.83
N PRO PA 417 -29.37 100.44 -4.70
CA PRO PA 417 -29.78 99.17 -4.11
C PRO PA 417 -29.42 98.02 -5.02
N ILE PA 418 -29.00 96.92 -4.40
CA ILE PA 418 -28.61 95.74 -5.17
C ILE PA 418 -29.82 95.09 -5.80
N TRP PA 419 -30.84 94.82 -5.01
CA TRP PA 419 -31.99 94.05 -5.46
C TRP PA 419 -33.28 94.75 -5.08
N CYS PA 420 -34.36 94.25 -5.65
CA CYS PA 420 -35.73 94.63 -5.33
C CYS PA 420 -36.58 93.38 -5.45
N LYS PA 421 -37.58 93.26 -4.59
CA LYS PA 421 -38.41 92.06 -4.63
C LYS PA 421 -39.46 92.18 -5.72
N LYS PA 422 -39.53 91.16 -6.57
CA LYS PA 422 -40.57 91.10 -7.59
C LYS PA 422 -41.84 90.56 -6.95
N PRO PA 423 -42.89 91.37 -6.87
CA PRO PA 423 -44.11 90.92 -6.19
C PRO PA 423 -44.78 89.76 -6.89
N ARG PA 424 -45.30 88.84 -6.09
CA ARG PA 424 -45.96 87.65 -6.63
C ARG PA 424 -47.26 88.02 -7.30
N SER PA 425 -47.41 87.64 -8.55
CA SER PA 425 -48.63 87.92 -9.28
C SER PA 425 -48.74 86.92 -10.43
N ASP PA 426 -49.95 86.79 -10.96
CA ASP PA 426 -50.18 85.83 -12.03
C ASP PA 426 -49.34 86.17 -13.25
N LYS PA 427 -49.50 87.38 -13.77
CA LYS PA 427 -48.88 87.77 -15.03
C LYS PA 427 -47.98 88.97 -14.83
N HIS PA 428 -46.93 89.04 -15.65
CA HIS PA 428 -46.05 90.19 -15.65
C HIS PA 428 -45.31 90.24 -16.97
N THR PA 429 -44.77 91.42 -17.26
CA THR PA 429 -43.94 91.66 -18.44
C THR PA 429 -42.46 91.46 -18.12
N THR PA 430 -41.58 92.01 -18.96
CA THR PA 430 -40.16 91.64 -18.95
C THR PA 430 -39.51 91.76 -17.57
N ILE PA 431 -40.03 92.64 -16.71
CA ILE PA 431 -39.45 92.91 -15.39
C ILE PA 431 -38.04 93.45 -15.51
N ASP PA 432 -37.90 94.69 -15.99
CA ASP PA 432 -36.64 95.41 -15.84
C ASP PA 432 -36.89 96.64 -14.98
N PRO PA 433 -36.48 96.66 -13.72
CA PRO PA 433 -36.70 97.87 -12.90
C PRO PA 433 -35.89 99.04 -13.40
N PHE PA 434 -36.52 100.21 -13.41
CA PHE PA 434 -35.86 101.40 -13.91
C PHE PA 434 -35.01 102.09 -12.85
N ASP PA 435 -34.95 101.53 -11.66
CA ASP PA 435 -34.04 101.97 -10.62
C ASP PA 435 -32.69 101.28 -10.76
N GLY PA 436 -32.49 100.55 -11.84
CA GLY PA 436 -31.42 99.58 -11.87
C GLY PA 436 -31.79 98.46 -10.95
N SER PA 437 -30.93 98.19 -9.96
CA SER PA 437 -31.17 97.13 -9.00
C SER PA 437 -31.46 95.81 -9.68
N LEU PA 438 -32.35 95.01 -9.10
CA LEU PA 438 -32.62 93.67 -9.58
C LEU PA 438 -33.98 93.26 -9.09
N ALA PA 439 -34.53 92.24 -9.72
CA ALA PA 439 -35.79 91.65 -9.27
C ALA PA 439 -35.56 90.18 -8.99
N MET PA 440 -36.07 89.72 -7.85
CA MET PA 440 -35.96 88.32 -7.50
C MET PA 440 -37.27 87.85 -6.91
N ASP PA 441 -37.63 86.60 -7.20
CA ASP PA 441 -38.76 85.97 -6.54
C ASP PA 441 -38.58 86.04 -5.03
N HIS PA 442 -37.50 85.47 -4.54
CA HIS PA 442 -37.14 85.55 -3.13
C HIS PA 442 -35.82 86.29 -3.01
N PRO PA 443 -35.83 87.55 -2.60
CA PRO PA 443 -34.60 88.24 -2.30
C PRO PA 443 -34.04 87.73 -0.98
N PRO PA 444 -32.94 88.30 -0.49
CA PRO PA 444 -32.52 87.97 0.88
C PRO PA 444 -33.64 88.25 1.85
N GLY PA 445 -33.96 87.25 2.67
CA GLY PA 445 -34.99 87.43 3.67
C GLY PA 445 -34.57 88.46 4.68
N THR PA 446 -35.46 89.41 4.94
CA THR PA 446 -35.14 90.44 5.92
C THR PA 446 -34.99 89.82 7.30
N ILE PA 447 -33.91 90.18 7.98
CA ILE PA 447 -33.66 89.70 9.33
C ILE PA 447 -34.24 90.71 10.29
N PHE PA 448 -35.16 90.26 11.13
CA PHE PA 448 -35.83 91.10 12.10
C PHE PA 448 -35.26 90.82 13.47
N ILE PA 449 -35.26 91.84 14.32
CA ILE PA 449 -34.68 91.72 15.64
C ILE PA 449 -35.42 92.66 16.59
N LYS PA 450 -35.61 92.20 17.83
CA LYS PA 450 -36.41 92.90 18.81
C LYS PA 450 -35.78 92.68 20.17
N MET PA 451 -36.19 93.48 21.14
CA MET PA 451 -35.53 93.54 22.43
C MET PA 451 -36.14 92.66 23.51
N ALA PA 452 -37.12 91.83 23.20
CA ALA PA 452 -37.59 90.86 24.19
C ALA PA 452 -38.13 91.52 25.44
N LYS PA 453 -39.37 92.01 25.37
CA LYS PA 453 -39.94 92.80 26.45
C LYS PA 453 -39.74 92.14 27.79
N ILE PA 454 -39.19 92.90 28.73
CA ILE PA 454 -39.03 92.45 30.10
C ILE PA 454 -39.95 93.30 30.95
N PRO PA 455 -41.07 92.77 31.41
CA PRO PA 455 -42.04 93.59 32.14
C PRO PA 455 -41.60 93.79 33.57
N VAL PA 456 -42.37 94.61 34.28
CA VAL PA 456 -42.07 94.91 35.67
C VAL PA 456 -43.40 94.97 36.41
N PRO PA 457 -43.45 94.52 37.66
CA PRO PA 457 -44.73 94.43 38.36
C PRO PA 457 -45.28 95.78 38.75
N SER PA 458 -46.60 95.88 38.75
CA SER PA 458 -47.29 97.09 39.19
C SER PA 458 -48.65 96.72 39.72
N ASN PA 459 -49.37 97.72 40.24
CA ASN PA 459 -50.67 97.50 40.85
C ASN PA 459 -51.79 97.49 39.82
N ASN PA 460 -51.73 98.40 38.86
CA ASN PA 460 -52.84 98.68 37.94
C ASN PA 460 -53.54 97.45 37.29
N ASN PA 461 -52.80 96.50 36.71
CA ASN PA 461 -51.36 96.49 36.62
C ASN PA 461 -50.90 96.89 35.23
N ALA PA 462 -49.58 96.92 35.06
CA ALA PA 462 -48.93 97.27 33.80
C ALA PA 462 -49.41 98.67 33.31
N ASP PA 463 -49.39 99.01 32.01
CA ASP PA 463 -48.38 98.56 31.06
C ASP PA 463 -47.06 99.21 31.41
N SER PA 464 -46.07 98.38 31.67
CA SER PA 464 -44.75 98.85 32.05
C SER PA 464 -43.73 97.79 31.69
N TYR PA 465 -42.51 98.22 31.43
CA TYR PA 465 -41.48 97.33 30.95
C TYR PA 465 -40.13 97.92 31.30
N LEU PA 466 -39.11 97.08 31.21
CA LEU PA 466 -37.77 97.47 31.57
C LEU PA 466 -37.05 98.02 30.34
N ASN PA 467 -36.33 99.11 30.52
CA ASN PA 467 -35.76 99.86 29.40
C ASN PA 467 -34.35 99.35 29.13
N ILE PA 468 -34.16 98.70 27.99
CA ILE PA 468 -32.89 98.08 27.62
C ILE PA 468 -32.62 98.34 26.15
N TYR PA 469 -31.41 98.02 25.72
CA TYR PA 469 -31.07 98.03 24.31
C TYR PA 469 -29.99 97.00 24.05
N CYS PA 470 -29.88 96.59 22.81
CA CYS PA 470 -28.93 95.56 22.42
C CYS PA 470 -27.86 96.18 21.55
N THR PA 471 -26.70 95.54 21.54
CA THR PA 471 -25.58 96.01 20.75
C THR PA 471 -24.80 94.79 20.32
N GLY PA 472 -24.32 94.79 19.09
CA GLY PA 472 -23.63 93.61 18.62
C GLY PA 472 -23.04 93.84 17.26
N GLN PA 473 -22.66 92.74 16.61
CA GLN PA 473 -21.93 92.82 15.37
C GLN PA 473 -22.54 91.92 14.33
N VAL PA 474 -22.93 92.50 13.20
CA VAL PA 474 -23.39 91.75 12.04
C VAL PA 474 -22.21 91.63 11.09
N SER PA 475 -22.03 90.45 10.53
CA SER PA 475 -21.04 90.28 9.47
C SER PA 475 -21.77 89.76 8.26
N CYS PA 476 -21.86 90.58 7.22
CA CYS PA 476 -22.49 90.19 5.98
C CYS PA 476 -21.39 89.86 4.98
N GLU PA 477 -21.25 88.58 4.69
CA GLU PA 477 -20.22 88.09 3.77
C GLU PA 477 -20.94 87.51 2.56
N ILE PA 478 -20.80 88.17 1.41
CA ILE PA 478 -21.54 87.77 0.23
C ILE PA 478 -20.56 87.46 -0.90
N VAL PA 479 -20.88 86.45 -1.68
CA VAL PA 479 -20.06 85.99 -2.78
C VAL PA 479 -20.69 86.47 -4.08
N TRP PA 480 -19.85 86.92 -5.00
CA TRP PA 480 -20.32 87.52 -6.25
C TRP PA 480 -19.81 86.68 -7.40
N GLU PA 481 -20.73 86.09 -8.17
CA GLU PA 481 -20.34 85.55 -9.45
C GLU PA 481 -19.88 86.69 -10.34
N VAL PA 482 -18.67 86.56 -10.88
CA VAL PA 482 -18.04 87.66 -11.59
C VAL PA 482 -17.39 87.11 -12.84
N GLU PA 483 -17.39 87.91 -13.91
CA GLU PA 483 -16.82 87.50 -15.19
C GLU PA 483 -15.92 88.59 -15.71
N ARG PA 484 -14.75 88.19 -16.21
CA ARG PA 484 -13.70 89.13 -16.57
C ARG PA 484 -13.67 89.34 -18.08
N TYR PA 485 -13.32 90.55 -18.51
CA TYR PA 485 -13.54 90.93 -19.89
C TYR PA 485 -12.28 90.75 -20.72
N ALA PA 486 -12.49 90.34 -21.96
CA ALA PA 486 -11.46 90.33 -22.98
C ALA PA 486 -12.05 90.91 -24.25
N THR PA 487 -11.26 91.68 -24.98
CA THR PA 487 -11.79 92.33 -26.17
C THR PA 487 -10.69 92.53 -27.19
N LYS PA 488 -11.10 92.70 -28.43
CA LYS PA 488 -10.19 92.89 -29.55
C LYS PA 488 -9.96 94.35 -29.88
N ASN PA 489 -10.54 95.27 -29.11
CA ASN PA 489 -10.32 96.68 -29.37
C ASN PA 489 -8.84 97.01 -29.26
N TRP PA 490 -8.38 97.86 -30.17
CA TRP PA 490 -6.99 98.29 -30.15
C TRP PA 490 -6.75 99.39 -29.14
N ARG PA 491 -7.74 100.21 -28.89
CA ARG PA 491 -7.60 101.47 -28.18
C ARG PA 491 -7.77 101.32 -26.68
N PRO PA 492 -7.32 102.31 -25.91
CA PRO PA 492 -7.24 102.16 -24.45
C PRO PA 492 -8.56 101.98 -23.71
N GLU PA 493 -9.71 102.22 -24.31
CA GLU PA 493 -11.03 102.20 -23.64
C GLU PA 493 -11.00 103.22 -22.49
N ARG PA 494 -11.65 102.92 -21.36
CA ARG PA 494 -11.89 103.92 -20.33
C ARG PA 494 -11.94 103.23 -18.98
N ARG PA 495 -11.51 103.94 -17.95
CA ARG PA 495 -11.51 103.42 -16.60
C ARG PA 495 -12.03 104.49 -15.67
N HIS PA 496 -12.03 104.20 -14.38
CA HIS PA 496 -12.42 105.19 -13.38
C HIS PA 496 -11.17 105.62 -12.61
N THR PA 497 -10.70 106.82 -12.93
CA THR PA 497 -9.66 107.48 -12.18
C THR PA 497 -10.23 108.17 -10.96
N THR PA 498 -9.35 108.41 -9.99
CA THR PA 498 -9.65 109.42 -8.98
C THR PA 498 -9.76 110.81 -9.58
N PHE PA 499 -9.27 111.01 -10.80
CA PHE PA 499 -9.34 112.36 -11.34
C PHE PA 499 -10.76 112.81 -11.62
N GLY PA 500 -11.69 111.88 -11.78
CA GLY PA 500 -13.09 112.26 -11.78
C GLY PA 500 -13.51 112.82 -10.44
N LEU PA 501 -12.83 112.40 -9.37
CA LEU PA 501 -13.13 112.86 -8.02
C LEU PA 501 -12.64 114.29 -7.82
N GLY PA 502 -13.13 114.93 -6.77
CA GLY PA 502 -12.76 116.30 -6.49
C GLY PA 502 -12.69 116.55 -5.01
N ILE PA 503 -12.04 117.66 -4.66
CA ILE PA 503 -11.66 117.97 -3.29
C ILE PA 503 -12.85 118.57 -2.55
N GLY PA 504 -12.96 118.31 -1.26
CA GLY PA 504 -14.07 118.86 -0.50
C GLY PA 504 -13.91 118.69 0.99
N GLY PA 505 -14.84 119.31 1.71
CA GLY PA 505 -15.00 119.21 3.16
C GLY PA 505 -14.18 120.24 3.92
N ALA PA 506 -14.75 120.73 5.02
CA ALA PA 506 -14.13 121.69 5.93
C ALA PA 506 -13.41 122.81 5.19
N ASP PA 507 -12.19 123.12 5.62
CA ASP PA 507 -11.22 123.71 4.72
C ASP PA 507 -10.92 122.68 3.65
N ASN PA 508 -10.85 123.14 2.39
CA ASN PA 508 -11.11 122.26 1.25
C ASN PA 508 -10.36 120.94 1.33
N LEU PA 509 -9.30 120.88 2.12
CA LEU PA 509 -8.41 119.73 2.17
C LEU PA 509 -9.17 118.42 2.38
N ASN PA 510 -8.57 117.35 1.88
CA ASN PA 510 -8.99 115.96 1.71
C ASN PA 510 -9.83 115.88 0.44
N PRO PA 511 -9.68 114.83 -0.37
CA PRO PA 511 -10.34 114.88 -1.68
C PRO PA 511 -11.82 114.57 -1.69
N THR PA 512 -12.17 113.29 -1.57
CA THR PA 512 -13.58 112.91 -1.72
C THR PA 512 -13.98 111.78 -0.80
N TYR PA 513 -13.48 110.58 -1.01
CA TYR PA 513 -13.76 109.50 -0.07
C TYR PA 513 -12.64 109.51 0.96
N HIS PA 514 -12.94 110.09 2.12
CA HIS PA 514 -11.89 110.42 3.07
C HIS PA 514 -12.53 111.17 4.22
N VAL PA 515 -11.81 111.21 5.33
CA VAL PA 515 -12.31 111.86 6.53
C VAL PA 515 -12.03 113.36 6.53
N ASP PA 516 -12.85 114.10 7.26
CA ASP PA 516 -12.69 115.52 7.52
C ASP PA 516 -11.82 115.71 8.77
N LYS PA 517 -11.78 116.91 9.35
CA LYS PA 517 -10.79 117.15 10.42
C LYS PA 517 -11.06 117.08 11.97
N ASN PA 518 -12.25 117.03 12.59
CA ASN PA 518 -13.64 117.24 12.17
C ASN PA 518 -14.26 115.99 11.61
N GLY PA 519 -13.52 114.88 11.64
CA GLY PA 519 -13.69 113.87 10.64
C GLY PA 519 -15.10 113.44 10.38
N THR PA 520 -15.52 113.72 9.14
CA THR PA 520 -16.79 113.36 8.57
C THR PA 520 -16.50 112.95 7.15
N TYR PA 521 -16.88 111.74 6.81
CA TYR PA 521 -16.59 111.18 5.50
C TYR PA 521 -17.13 112.09 4.42
N ILE PA 522 -16.25 112.55 3.53
CA ILE PA 522 -16.68 113.51 2.52
C ILE PA 522 -17.54 112.81 1.48
N GLN PA 523 -18.62 113.37 1.18
CA GLN PA 523 -19.45 112.63 0.24
C GLN PA 523 -19.10 113.00 -1.19
N PRO PA 524 -19.21 112.04 -2.09
CA PRO PA 524 -19.01 112.32 -3.51
C PRO PA 524 -20.09 113.24 -4.05
N THR PA 525 -19.67 114.28 -4.77
CA THR PA 525 -20.58 115.29 -5.29
C THR PA 525 -20.74 115.14 -6.79
N THR PA 526 -22.00 115.09 -7.22
CA THR PA 526 -22.60 114.63 -8.48
C THR PA 526 -22.27 113.19 -8.88
N TRP PA 527 -22.40 112.89 -10.17
CA TRP PA 527 -22.66 111.51 -10.58
C TRP PA 527 -21.37 110.74 -10.85
N ASP PA 528 -20.41 111.36 -11.53
CA ASP PA 528 -19.20 110.66 -11.92
C ASP PA 528 -18.37 110.21 -10.74
N MET PA 529 -18.42 110.96 -9.63
CA MET PA 529 -17.71 110.58 -8.42
C MET PA 529 -17.97 109.12 -8.08
N CYS PA 530 -19.20 108.80 -7.69
CA CYS PA 530 -19.65 107.42 -7.66
C CYS PA 530 -19.41 106.83 -9.04
N PHE PA 531 -18.73 105.69 -9.09
CA PHE PA 531 -18.25 105.24 -10.39
C PHE PA 531 -19.23 104.25 -10.97
N PRO PA 532 -20.02 104.64 -11.98
CA PRO PA 532 -21.09 103.75 -12.45
C PRO PA 532 -20.52 102.67 -13.34
N VAL PA 533 -21.09 101.48 -13.26
CA VAL PA 533 -20.80 100.49 -14.27
C VAL PA 533 -21.50 100.92 -15.55
N LYS PA 534 -21.09 100.31 -16.66
CA LYS PA 534 -21.69 100.43 -17.99
C LYS PA 534 -21.12 101.64 -18.72
N THR PA 535 -20.30 102.46 -18.07
CA THR PA 535 -19.59 103.53 -18.73
C THR PA 535 -18.21 103.11 -19.21
N ASN PA 536 -17.83 101.86 -18.99
CA ASN PA 536 -16.48 101.41 -19.31
C ASN PA 536 -16.53 100.20 -20.22
N ILE PA 537 -15.34 99.67 -20.48
CA ILE PA 537 -15.08 98.57 -21.40
C ILE PA 537 -15.71 98.92 -22.75
N ASN PA 538 -16.15 97.92 -23.49
CA ASN PA 538 -16.91 98.04 -24.72
C ASN PA 538 -17.53 96.70 -25.01
N LYS PA 539 -18.54 96.68 -25.86
CA LYS PA 539 -19.05 95.43 -26.38
C LYS PA 539 -19.43 95.61 -27.85
N VAL PA 540 -18.98 94.69 -28.69
CA VAL PA 540 -19.55 94.60 -30.01
C VAL PA 540 -20.97 94.07 -29.88
N LEU PA 541 -21.92 94.81 -30.44
CA LEU PA 541 -23.31 94.41 -30.33
C LEU PA 541 -23.58 93.21 -31.23
N GLY QA 34 -9.98 75.12 33.18
CA GLY QA 34 -11.24 75.83 33.05
C GLY QA 34 -11.23 76.93 32.02
N SER QA 35 -12.34 77.66 31.91
CA SER QA 35 -12.47 78.74 30.95
C SER QA 35 -13.53 79.71 31.43
N GLY QA 36 -13.51 80.91 30.87
CA GLY QA 36 -14.48 81.93 31.18
C GLY QA 36 -13.96 82.96 32.15
N VAL QA 37 -14.84 83.89 32.49
CA VAL QA 37 -14.52 84.91 33.49
C VAL QA 37 -14.19 84.23 34.82
N GLY QA 38 -13.22 84.78 35.53
CA GLY QA 38 -12.80 84.22 36.79
C GLY QA 38 -11.70 83.19 36.69
N ILE QA 39 -11.21 82.91 35.49
CA ILE QA 39 -10.12 81.98 35.27
C ILE QA 39 -9.07 82.74 34.47
N SER QA 40 -7.90 82.98 35.07
CA SER QA 40 -6.87 83.74 34.38
C SER QA 40 -6.37 82.97 33.18
N THR QA 41 -6.06 83.70 32.11
CA THR QA 41 -5.69 83.01 30.88
C THR QA 41 -4.23 82.58 30.89
N GLY QA 42 -3.34 83.46 31.33
CA GLY QA 42 -1.92 83.12 31.40
C GLY QA 42 -1.30 83.87 32.55
N GLY QA 43 -0.11 83.41 32.95
CA GLY QA 43 0.59 83.98 34.08
C GLY QA 43 1.70 84.93 33.66
N TRP QA 44 2.33 85.51 34.66
CA TRP QA 44 3.44 86.42 34.45
C TRP QA 44 4.67 85.65 33.98
N VAL QA 45 5.55 86.35 33.26
CA VAL QA 45 6.70 85.74 32.61
C VAL QA 45 7.87 86.71 32.65
N GLY QA 46 9.08 86.17 32.71
CA GLY QA 46 10.26 87.00 32.58
C GLY QA 46 11.51 86.26 33.04
N GLY QA 47 12.62 87.02 33.11
CA GLY QA 47 13.83 86.58 33.78
C GLY QA 47 14.99 86.18 32.91
N SER QA 48 14.86 86.31 31.59
CA SER QA 48 15.84 85.90 30.59
C SER QA 48 16.35 84.46 30.69
N TYR QA 49 17.50 84.18 30.05
CA TYR QA 49 17.96 82.79 30.00
C TYR QA 49 19.48 82.61 29.92
N PHE QA 50 20.07 83.02 28.80
CA PHE QA 50 21.51 82.93 28.51
C PHE QA 50 22.14 81.54 28.39
N THR QA 51 21.94 80.90 27.24
CA THR QA 51 22.76 79.78 26.78
C THR QA 51 23.71 80.26 25.69
N ASP QA 52 24.87 79.60 25.59
CA ASP QA 52 25.90 79.96 24.62
C ASP QA 52 25.38 80.19 23.22
N SER QA 53 24.46 79.35 22.77
CA SER QA 53 23.95 79.47 21.40
C SER QA 53 22.87 80.53 21.28
N TYR QA 54 22.08 80.77 22.31
CA TYR QA 54 20.97 81.71 22.19
C TYR QA 54 20.60 82.25 23.55
N VAL QA 55 19.94 83.40 23.54
CA VAL QA 55 19.45 84.07 24.74
C VAL QA 55 17.95 84.29 24.59
N ILE QA 56 17.18 83.82 25.57
CA ILE QA 56 15.74 83.99 25.58
C ILE QA 56 15.39 85.04 26.61
N THR QA 57 14.93 86.20 26.15
CA THR QA 57 14.47 87.25 27.04
C THR QA 57 12.96 87.22 27.11
N LYS QA 58 12.42 87.25 28.31
CA LYS QA 58 10.99 87.19 28.55
C LYS QA 58 10.58 88.43 29.32
N ASN QA 59 9.44 89.00 28.96
CA ASN QA 59 8.96 90.20 29.61
C ASN QA 59 7.45 90.18 29.65
N THR QA 60 6.88 90.91 30.60
CA THR QA 60 5.44 91.00 30.75
C THR QA 60 5.10 92.40 31.24
N ARG QA 61 3.94 92.90 30.84
CA ARG QA 61 3.57 94.28 31.12
C ARG QA 61 2.11 94.36 31.52
N GLN QA 62 1.74 95.53 32.01
CA GLN QA 62 0.35 95.89 32.25
C GLN QA 62 0.07 97.11 31.39
N PHE QA 63 -0.95 97.04 30.56
CA PHE QA 63 -1.23 98.11 29.61
C PHE QA 63 -2.67 98.56 29.74
N LEU QA 64 -2.99 99.71 29.15
CA LEU QA 64 -4.38 100.10 29.04
C LEU QA 64 -4.64 100.85 27.74
N VAL QA 65 -5.82 100.61 27.18
CA VAL QA 65 -6.27 101.23 25.94
C VAL QA 65 -7.35 102.25 26.30
N LYS QA 66 -7.20 103.48 25.83
CA LYS QA 66 -7.91 104.62 26.38
C LYS QA 66 -9.13 105.07 25.57
N ILE QA 67 -9.43 104.44 24.43
CA ILE QA 67 -10.37 105.01 23.46
C ILE QA 67 -9.86 106.36 22.99
N GLN QA 68 -8.86 106.36 22.12
CA GLN QA 68 -8.39 107.61 21.55
C GLN QA 68 -9.29 108.07 20.42
N ASN QA 69 -9.46 109.38 20.32
CA ASN QA 69 -10.01 110.04 19.12
C ASN QA 69 -11.46 109.67 18.89
N ASN QA 70 -12.26 109.61 19.95
CA ASN QA 70 -13.59 109.01 19.90
C ASN QA 70 -13.39 107.66 19.25
N HIS QA 71 -14.28 107.20 18.39
CA HIS QA 71 -13.91 106.12 17.48
C HIS QA 71 -13.70 106.58 16.05
N GLN QA 72 -13.98 107.85 15.77
CA GLN QA 72 -13.77 108.39 14.44
C GLN QA 72 -12.31 108.72 14.21
N TYR QA 73 -11.96 108.87 12.94
CA TYR QA 73 -10.60 109.05 12.43
C TYR QA 73 -10.11 110.49 12.42
N LYS QA 74 -10.79 111.36 11.68
CA LYS QA 74 -10.36 112.70 11.34
C LYS QA 74 -9.04 112.72 10.58
N THR QA 75 -8.33 113.86 10.64
CA THR QA 75 -7.09 114.06 9.92
C THR QA 75 -6.09 114.78 10.81
N GLU QA 76 -6.51 115.93 11.34
CA GLU QA 76 -5.91 116.70 12.44
C GLU QA 76 -4.87 117.75 12.07
N LEU QA 77 -4.29 117.69 10.86
CA LEU QA 77 -3.44 118.77 10.34
C LEU QA 77 -2.56 119.36 11.44
N ILE QA 78 -1.56 118.59 11.87
CA ILE QA 78 -1.03 118.75 13.23
C ILE QA 78 -0.56 120.17 13.52
N SER QA 79 0.64 120.52 13.05
CA SER QA 79 1.24 121.86 13.09
C SER QA 79 1.44 122.38 14.51
N PRO QA 80 2.44 123.20 14.75
CA PRO QA 80 2.31 124.24 15.77
C PRO QA 80 1.94 125.55 15.09
N SER QA 81 1.76 126.62 15.86
CA SER QA 81 1.69 127.94 15.23
C SER QA 81 2.38 129.03 16.07
N THR QA 82 3.39 129.74 15.56
CA THR QA 82 4.35 129.40 14.47
C THR QA 82 3.83 128.73 13.18
N SER QA 83 2.84 129.37 12.56
CA SER QA 83 2.23 128.83 11.34
C SER QA 83 3.25 128.58 10.24
N GLN QA 84 4.45 129.15 10.35
CA GLN QA 84 5.53 128.87 9.40
C GLN QA 84 5.97 127.41 9.45
N GLY QA 85 5.52 126.64 10.43
CA GLY QA 85 5.97 125.27 10.58
C GLY QA 85 5.53 124.38 9.43
N LYS QA 86 5.93 123.11 9.52
CA LYS QA 86 5.64 122.17 8.45
C LYS QA 86 4.15 121.89 8.34
N SER QA 87 3.48 121.69 9.46
CA SER QA 87 2.03 121.52 9.50
C SER QA 87 1.58 120.28 8.72
N GLN QA 88 2.24 119.16 9.00
CA GLN QA 88 1.83 117.90 8.39
C GLN QA 88 0.39 117.58 8.76
N ARG QA 89 -0.36 117.06 7.78
CA ARG QA 89 -1.79 116.87 8.00
C ARG QA 89 -2.08 115.60 8.76
N CYS QA 90 -1.30 114.55 8.51
CA CYS QA 90 -1.47 113.23 9.10
C CYS QA 90 -2.86 112.65 9.01
N VAL QA 91 -3.15 111.68 9.88
CA VAL QA 91 -4.45 111.03 10.05
C VAL QA 91 -4.46 110.48 11.47
N SER QA 92 -5.58 110.58 12.15
CA SER QA 92 -5.69 109.98 13.46
C SER QA 92 -6.65 108.81 13.35
N THR QA 93 -6.48 107.81 14.19
CA THR QA 93 -7.31 106.62 14.17
C THR QA 93 -7.72 106.27 15.58
N PRO QA 94 -8.82 105.53 15.75
CA PRO QA 94 -9.18 105.04 17.09
C PRO QA 94 -8.20 104.03 17.63
N TRP QA 95 -7.33 103.49 16.80
CA TRP QA 95 -6.48 102.37 17.19
C TRP QA 95 -5.29 102.82 18.00
N SER QA 96 -4.82 101.93 18.87
CA SER QA 96 -3.57 102.05 19.57
C SER QA 96 -2.72 100.85 19.20
N TYR QA 97 -1.41 100.94 19.44
CA TYR QA 97 -0.54 99.88 18.97
C TYR QA 97 0.54 99.58 19.99
N PHE QA 98 1.07 98.37 19.91
CA PHE QA 98 2.18 97.92 20.74
C PHE QA 98 3.48 98.15 20.00
N ASN QA 99 4.37 98.94 20.58
CA ASN QA 99 5.71 99.14 20.05
C ASN QA 99 6.67 98.36 20.94
N PHE QA 100 7.26 97.30 20.41
CA PHE QA 100 8.23 96.50 21.14
C PHE QA 100 9.66 96.85 20.81
N ASN QA 101 9.90 97.88 20.01
CA ASN QA 101 11.21 98.08 19.39
C ASN QA 101 12.05 98.96 20.29
N GLN QA 102 13.00 98.33 20.98
CA GLN QA 102 14.06 98.95 21.75
C GLN QA 102 14.79 97.82 22.47
N TYR QA 103 16.05 98.07 22.84
CA TYR QA 103 16.75 97.04 23.59
C TYR QA 103 16.45 97.12 25.07
N SER QA 104 16.39 98.33 25.62
CA SER QA 104 16.18 98.49 27.06
C SER QA 104 14.86 97.92 27.52
N SER QA 105 13.95 97.63 26.60
CA SER QA 105 12.70 97.00 27.00
C SER QA 105 12.88 95.53 27.28
N HIS QA 106 13.71 94.85 26.49
CA HIS QA 106 13.85 93.40 26.58
C HIS QA 106 15.01 92.95 27.44
N PHE QA 107 15.90 93.86 27.85
CA PHE QA 107 17.09 93.49 28.59
C PHE QA 107 17.20 94.32 29.85
N SER QA 108 17.34 93.65 30.98
CA SER QA 108 17.68 94.35 32.20
C SER QA 108 19.08 94.89 32.08
N PRO QA 109 19.43 95.91 32.86
CA PRO QA 109 20.80 96.40 32.83
C PRO QA 109 21.84 95.35 33.11
N GLN QA 110 21.49 94.25 33.78
CA GLN QA 110 22.42 93.14 33.88
C GLN QA 110 22.37 92.18 32.70
N ASP QA 111 21.17 91.85 32.19
CA ASP QA 111 21.11 90.98 31.03
C ASP QA 111 21.86 91.58 29.87
N TRP QA 112 21.51 92.79 29.47
CA TRP QA 112 22.44 93.64 28.76
C TRP QA 112 23.64 93.81 29.65
N GLN QA 113 24.84 93.82 29.07
CA GLN QA 113 26.12 93.72 29.78
C GLN QA 113 26.45 92.29 30.15
N ARG QA 114 25.50 91.39 30.21
CA ARG QA 114 25.90 90.00 30.19
C ARG QA 114 26.17 89.53 28.79
N LEU QA 115 25.37 89.97 27.82
CA LEU QA 115 25.71 89.67 26.43
C LEU QA 115 26.73 90.63 25.86
N THR QA 116 26.67 91.91 26.24
CA THR QA 116 27.64 92.86 25.72
C THR QA 116 29.05 92.48 26.13
N ASN QA 117 29.20 91.90 27.33
CA ASN QA 117 30.52 91.45 27.74
C ASN QA 117 30.86 90.09 27.15
N GLU QA 118 29.91 89.17 27.11
CA GLU QA 118 30.24 87.77 26.88
C GLU QA 118 30.06 87.30 25.44
N TYR QA 119 29.60 88.14 24.52
CA TYR QA 119 29.31 87.64 23.18
C TYR QA 119 29.80 88.57 22.08
N LYS QA 120 30.21 87.96 20.96
CA LYS QA 120 30.60 88.74 19.79
C LYS QA 120 29.41 89.45 19.17
N ARG QA 121 28.34 88.71 18.92
CA ARG QA 121 27.29 89.22 18.06
C ARG QA 121 25.98 88.56 18.44
N PHE QA 122 24.90 89.23 18.11
CA PHE QA 122 23.59 88.70 18.40
C PHE QA 122 22.59 89.30 17.42
N ARG QA 123 21.54 88.56 17.14
CA ARG QA 123 20.43 89.09 16.38
C ARG QA 123 19.19 88.40 16.91
N PRO QA 124 18.05 89.08 16.92
CA PRO QA 124 16.82 88.41 17.36
C PRO QA 124 16.42 87.33 16.38
N LYS QA 125 16.22 86.13 16.89
CA LYS QA 125 15.82 85.01 16.06
C LYS QA 125 14.32 84.96 15.84
N GLY QA 126 13.54 85.18 16.88
CA GLY QA 126 12.10 85.07 16.80
C GLY QA 126 11.45 85.88 17.90
N MET QA 127 10.12 85.95 17.84
CA MET QA 127 9.37 86.77 18.77
C MET QA 127 8.01 86.13 18.99
N HIS QA 128 7.53 86.16 20.22
CA HIS QA 128 6.27 85.55 20.57
C HIS QA 128 5.56 86.48 21.54
N VAL QA 129 4.36 86.91 21.19
CA VAL QA 129 3.64 87.91 21.96
C VAL QA 129 2.29 87.33 22.35
N LYS QA 130 1.87 87.58 23.59
CA LYS QA 130 0.61 87.07 24.10
C LYS QA 130 -0.14 88.17 24.81
N ILE QA 131 -1.34 88.47 24.34
CA ILE QA 131 -2.28 89.32 25.05
C ILE QA 131 -3.14 88.40 25.90
N TYR QA 132 -3.34 88.76 27.16
CA TYR QA 132 -4.17 87.93 28.02
C TYR QA 132 -4.54 88.72 29.27
N ASN QA 133 -5.34 88.11 30.11
CA ASN QA 133 -5.83 88.72 31.34
C ASN QA 133 -6.44 90.09 31.08
N LEU QA 134 -7.36 90.14 30.13
CA LEU QA 134 -7.96 91.40 29.74
C LEU QA 134 -9.03 91.82 30.74
N GLN QA 135 -9.25 93.13 30.83
CA GLN QA 135 -10.26 93.70 31.73
C GLN QA 135 -10.88 94.91 31.05
N ILE QA 136 -12.20 95.02 31.11
CA ILE QA 136 -12.90 96.19 30.58
C ILE QA 136 -13.61 96.84 31.76
N LYS QA 137 -13.19 98.05 32.12
CA LYS QA 137 -13.59 98.58 33.41
C LYS QA 137 -14.72 99.62 33.40
N GLN QA 138 -15.20 100.06 32.24
CA GLN QA 138 -16.42 100.88 32.20
C GLN QA 138 -16.31 102.13 33.07
N ILE QA 139 -15.56 103.12 32.57
CA ILE QA 139 -15.47 104.40 33.28
C ILE QA 139 -16.87 104.98 33.50
N LEU QA 140 -17.10 105.49 34.71
CA LEU QA 140 -18.29 106.28 35.00
C LEU QA 140 -17.89 107.59 35.65
N SER QA 141 -18.72 108.61 35.43
CA SER QA 141 -18.54 109.91 36.05
C SER QA 141 -19.87 110.41 36.57
N ASN QA 142 -19.96 110.61 37.87
CA ASN QA 142 -21.10 111.26 38.50
C ASN QA 142 -20.90 112.77 38.61
N GLY QA 143 -19.83 113.26 38.01
CA GLY QA 143 -19.31 114.59 38.25
C GLY QA 143 -18.19 114.50 39.25
N ALA QA 144 -17.15 115.30 39.04
CA ALA QA 144 -15.87 115.20 39.76
C ALA QA 144 -15.43 113.73 39.72
N ASP QA 145 -14.82 113.19 40.76
CA ASP QA 145 -14.63 111.78 41.08
C ASP QA 145 -14.30 110.88 39.89
N THR QA 146 -14.81 109.65 39.93
CA THR QA 146 -14.98 108.64 38.89
C THR QA 146 -15.40 107.35 39.58
N THR QA 147 -15.95 106.40 38.84
CA THR QA 147 -16.18 105.07 39.35
C THR QA 147 -15.94 104.08 38.21
N TYR QA 148 -15.55 102.87 38.58
CA TYR QA 148 -15.23 101.82 37.62
C TYR QA 148 -16.04 100.59 38.03
N ASN QA 149 -17.02 100.22 37.21
CA ASN QA 149 -17.93 99.15 37.61
C ASN QA 149 -17.40 97.80 37.19
N ASN QA 150 -16.17 97.76 36.71
CA ASN QA 150 -15.67 96.66 35.90
C ASN QA 150 -16.62 96.57 34.72
N ASP QA 151 -16.81 95.37 34.20
CA ASP QA 151 -17.73 95.15 33.08
C ASP QA 151 -17.58 93.70 32.66
N LEU QA 152 -18.60 93.20 31.98
CA LEU QA 152 -18.50 91.98 31.23
C LEU QA 152 -19.23 92.24 29.93
N THR QA 153 -19.32 91.22 29.08
CA THR QA 153 -19.93 91.36 27.77
C THR QA 153 -19.42 92.58 27.03
N ALA QA 154 -18.12 92.81 27.07
CA ALA QA 154 -17.46 93.87 26.31
C ALA QA 154 -16.29 93.26 25.57
N GLY QA 155 -15.70 94.01 24.64
CA GLY QA 155 -14.77 93.45 23.71
C GLY QA 155 -13.65 94.40 23.38
N VAL QA 156 -12.60 93.81 22.80
CA VAL QA 156 -11.39 94.52 22.42
C VAL QA 156 -10.94 93.98 21.08
N HIS QA 157 -10.73 94.88 20.13
CA HIS QA 157 -10.22 94.51 18.82
C HIS QA 157 -8.70 94.39 18.90
N ILE QA 158 -8.17 93.33 18.31
CA ILE QA 158 -6.72 93.12 18.27
C ILE QA 158 -6.35 92.69 16.87
N PHE QA 159 -5.45 93.43 16.25
CA PHE QA 159 -5.10 93.23 14.85
C PHE QA 159 -3.60 93.26 14.70
N CYS QA 160 -3.06 92.38 13.87
CA CYS QA 160 -1.63 92.31 13.61
C CYS QA 160 -1.37 92.40 12.12
N ASP QA 161 -0.20 92.91 11.75
CA ASP QA 161 0.21 92.99 10.35
C ASP QA 161 1.22 91.89 10.04
N GLY QA 162 0.80 90.89 9.27
CA GLY QA 162 1.78 89.96 8.75
C GLY QA 162 2.25 90.38 7.38
N GLU QA 163 1.42 91.13 6.67
CA GLU QA 163 1.76 91.57 5.33
C GLU QA 163 2.45 92.93 5.32
N HIS QA 164 2.42 93.65 6.44
CA HIS QA 164 2.83 95.04 6.51
C HIS QA 164 2.13 95.92 5.50
N ALA QA 165 0.92 95.56 5.09
CA ALA QA 165 -0.01 96.57 4.62
C ALA QA 165 -0.32 97.49 5.78
N TYR QA 166 -0.80 98.68 5.46
CA TYR QA 166 -1.05 99.76 6.41
C TYR QA 166 0.24 100.50 6.74
N PRO QA 167 0.13 101.77 7.07
CA PRO QA 167 1.31 102.65 7.17
C PRO QA 167 2.30 102.35 8.28
N ASN QA 168 2.03 101.40 9.19
CA ASN QA 168 2.96 100.92 10.22
C ASN QA 168 3.62 102.02 11.06
N ALA QA 169 2.89 102.50 12.06
CA ALA QA 169 3.31 103.66 12.87
C ALA QA 169 4.76 103.57 13.32
N THR QA 170 5.24 102.38 13.68
CA THR QA 170 6.51 102.26 14.38
C THR QA 170 7.62 102.97 13.63
N HIS QA 171 8.29 103.87 14.32
CA HIS QA 171 9.48 104.59 13.90
C HIS QA 171 10.55 104.30 14.94
N PRO QA 172 11.81 104.15 14.54
CA PRO QA 172 12.81 103.64 15.48
C PRO QA 172 12.86 104.32 16.83
N TRP QA 173 12.92 105.63 16.89
CA TRP QA 173 13.17 106.28 18.19
C TRP QA 173 11.85 106.48 18.92
N ASP QA 174 11.05 107.42 18.45
CA ASP QA 174 9.72 107.69 19.01
C ASP QA 174 9.87 107.83 20.52
N GLU QA 175 9.02 107.18 21.30
CA GLU QA 175 8.92 107.32 22.73
C GLU QA 175 8.62 105.92 23.22
N ASP QA 176 8.17 105.81 24.46
CA ASP QA 176 7.33 104.68 24.91
C ASP QA 176 8.05 103.36 24.62
N VAL QA 177 7.58 102.56 23.67
CA VAL QA 177 7.93 101.16 23.50
C VAL QA 177 7.48 100.54 24.82
N MET QA 178 8.15 99.51 25.28
CA MET QA 178 7.81 98.98 26.59
C MET QA 178 8.56 99.78 27.63
N PRO QA 179 7.99 99.99 28.81
CA PRO QA 179 8.78 100.63 29.86
C PRO QA 179 9.95 99.72 30.18
N GLU QA 180 11.16 100.28 30.19
CA GLU QA 180 12.34 99.46 30.42
C GLU QA 180 12.23 98.70 31.72
N LEU QA 181 11.37 99.14 32.61
CA LEU QA 181 11.23 98.62 33.95
C LEU QA 181 9.89 97.92 34.06
N PRO QA 182 9.81 96.63 34.40
CA PRO QA 182 8.49 96.00 34.54
C PRO QA 182 7.69 96.62 35.68
N TYR QA 183 6.54 96.05 36.00
CA TYR QA 183 5.63 96.56 37.05
C TYR QA 183 5.17 97.97 36.73
N GLN QA 184 5.75 98.59 35.71
CA GLN QA 184 5.39 99.93 35.30
C GLN QA 184 4.35 99.81 34.20
N THR QA 185 3.15 100.32 34.48
CA THR QA 185 2.06 100.16 33.53
C THR QA 185 2.40 100.83 32.21
N TRP QA 186 1.93 100.24 31.12
CA TRP QA 186 2.34 100.66 29.79
C TRP QA 186 1.16 101.28 29.07
N TYR QA 187 1.19 102.59 28.90
CA TYR QA 187 0.13 103.31 28.23
C TYR QA 187 0.37 103.28 26.73
N LEU QA 188 -0.60 102.77 25.99
CA LEU QA 188 -0.50 102.71 24.54
C LEU QA 188 -0.70 104.10 23.93
N PHE QA 189 -0.26 104.22 22.69
CA PHE QA 189 -0.31 105.48 21.97
C PHE QA 189 -1.14 105.33 20.70
N GLN QA 190 -1.78 106.43 20.31
CA GLN QA 190 -2.71 106.40 19.20
C GLN QA 190 -1.98 106.12 17.89
N TYR QA 191 -2.63 105.38 17.00
CA TYR QA 191 -2.08 105.09 15.70
C TYR QA 191 -2.47 106.17 14.71
N GLY QA 192 -1.49 106.68 13.98
CA GLY QA 192 -1.73 107.68 12.96
C GLY QA 192 -0.70 107.53 11.87
N TYR QA 193 -0.93 108.24 10.77
CA TYR QA 193 0.01 108.15 9.67
C TYR QA 193 -0.13 109.38 8.79
N ILE QA 194 0.93 109.66 8.05
CA ILE QA 194 0.93 110.78 7.09
C ILE QA 194 0.39 110.26 5.77
N PRO QA 195 -0.81 110.67 5.34
CA PRO QA 195 -1.26 110.26 4.01
C PRO QA 195 -0.45 110.88 2.90
N VAL QA 196 -0.18 112.18 2.95
CA VAL QA 196 0.57 112.90 1.93
C VAL QA 196 1.18 114.14 2.56
N ILE QA 197 2.29 114.61 1.99
CA ILE QA 197 2.91 115.87 2.39
C ILE QA 197 1.86 116.96 2.37
N HIS QA 198 1.77 117.72 3.47
CA HIS QA 198 0.72 118.73 3.55
C HIS QA 198 0.89 119.81 2.50
N GLU QA 199 2.07 120.44 2.46
CA GLU QA 199 2.39 121.23 1.29
C GLU QA 199 2.42 120.30 0.09
N LEU QA 200 2.24 120.84 -1.11
CA LEU QA 200 2.01 120.01 -2.28
C LEU QA 200 0.70 119.25 -2.13
N ALA QA 201 -0.42 119.92 -2.48
CA ALA QA 201 -1.80 119.68 -2.06
C ALA QA 201 -2.31 120.62 -0.98
N GLU QA 202 -1.53 121.62 -0.58
CA GLU QA 202 -2.04 122.60 0.39
C GLU QA 202 -3.46 123.16 0.11
N MET QA 203 -3.84 123.54 -1.12
CA MET QA 203 -3.01 123.75 -2.29
C MET QA 203 -3.23 125.19 -2.75
N GLU QA 204 -2.29 125.75 -3.51
CA GLU QA 204 -2.38 127.16 -3.82
C GLU QA 204 -3.06 127.42 -5.16
N ASP QA 205 -4.29 127.92 -5.10
CA ASP QA 205 -5.04 128.39 -6.26
C ASP QA 205 -5.00 127.37 -7.39
N SER QA 206 -4.92 127.86 -8.63
CA SER QA 206 -4.51 127.06 -9.79
C SER QA 206 -5.25 125.67 -9.77
N ASN QA 207 -4.68 124.45 -9.72
CA ASN QA 207 -3.28 124.04 -9.86
C ASN QA 207 -3.17 122.85 -10.79
N ALA QA 208 -3.82 121.76 -10.36
CA ALA QA 208 -3.96 120.49 -11.07
C ALA QA 208 -2.71 119.64 -10.96
N VAL QA 209 -1.58 120.25 -10.60
CA VAL QA 209 -0.41 119.46 -10.21
C VAL QA 209 -0.50 119.08 -8.74
N GLU QA 210 -0.98 119.99 -7.89
CA GLU QA 210 -1.25 119.63 -6.51
C GLU QA 210 -2.68 119.15 -6.32
N LYS QA 211 -3.54 119.35 -7.32
CA LYS QA 211 -4.85 118.70 -7.27
C LYS QA 211 -4.68 117.20 -7.33
N ALA QA 212 -3.97 116.71 -8.33
CA ALA QA 212 -3.37 115.40 -8.19
C ALA QA 212 -2.35 115.44 -7.06
N ILE QA 213 -2.14 114.29 -6.44
CA ILE QA 213 -1.39 114.11 -5.20
C ILE QA 213 -2.26 114.52 -4.02
N CYS QA 214 -3.25 115.40 -4.26
CA CYS QA 214 -4.31 115.56 -3.29
C CYS QA 214 -5.42 114.54 -3.49
N LEU QA 215 -5.77 114.31 -4.75
CA LEU QA 215 -6.78 113.30 -5.07
C LEU QA 215 -6.25 111.90 -4.76
N GLN QA 216 -4.95 111.70 -4.85
CA GLN QA 216 -4.41 110.37 -4.74
C GLN QA 216 -4.07 109.98 -3.31
N ILE QA 217 -4.35 110.84 -2.33
CA ILE QA 217 -3.92 110.51 -0.98
C ILE QA 217 -4.68 109.25 -0.58
N PRO QA 218 -3.99 108.19 -0.20
CA PRO QA 218 -4.67 106.97 0.21
C PRO QA 218 -5.24 107.12 1.59
N PHE QA 219 -6.30 106.36 1.85
CA PHE QA 219 -6.94 106.37 3.16
C PHE QA 219 -7.05 104.93 3.64
N PHE QA 220 -6.32 104.63 4.70
CA PHE QA 220 -6.23 103.28 5.22
C PHE QA 220 -7.08 103.17 6.47
N MET QA 221 -7.68 102.00 6.65
CA MET QA 221 -8.57 101.74 7.76
C MET QA 221 -8.26 100.34 8.27
N LEU QA 222 -8.20 100.20 9.57
CA LEU QA 222 -7.88 98.91 10.13
C LEU QA 222 -9.10 98.02 10.26
N GLU QA 223 -10.26 98.47 9.78
CA GLU QA 223 -11.43 97.62 9.89
C GLU QA 223 -11.38 96.56 8.81
N ASN QA 224 -11.70 96.90 7.55
CA ASN QA 224 -11.06 96.25 6.39
C ASN QA 224 -10.71 94.80 6.66
N SER QA 225 -9.42 94.49 6.58
CA SER QA 225 -8.94 93.15 6.89
C SER QA 225 -9.40 92.71 8.28
N ASP QA 226 -9.76 91.44 8.39
CA ASP QA 226 -10.38 90.93 9.60
C ASP QA 226 -9.40 90.86 10.75
N HIS QA 227 -9.94 90.86 11.97
CA HIS QA 227 -9.15 90.79 13.17
C HIS QA 227 -10.01 90.25 14.30
N GLU QA 228 -9.36 89.87 15.38
CA GLU QA 228 -10.04 89.22 16.48
C GLU QA 228 -10.58 90.23 17.48
N VAL QA 229 -11.76 89.94 18.01
CA VAL QA 229 -12.30 90.65 19.15
C VAL QA 229 -12.19 89.70 20.34
N LEU QA 230 -11.99 90.24 21.52
CA LEU QA 230 -11.79 89.43 22.71
C LEU QA 230 -12.63 89.97 23.84
N ARG QA 231 -13.41 89.11 24.47
CA ARG QA 231 -13.93 89.48 25.78
C ARG QA 231 -12.86 89.16 26.82
N THR QA 232 -13.23 89.21 28.10
CA THR QA 232 -12.25 89.01 29.16
C THR QA 232 -11.59 87.64 29.09
N GLY QA 233 -12.38 86.56 29.13
CA GLY QA 233 -11.79 85.24 29.26
C GLY QA 233 -10.88 84.83 28.13
N GLU QA 234 -11.01 85.45 26.97
CA GLU QA 234 -10.21 85.10 25.81
C GLU QA 234 -8.83 85.75 25.86
N SER QA 235 -7.90 85.15 25.13
CA SER QA 235 -6.56 85.70 24.92
C SER QA 235 -6.18 85.55 23.45
N THR QA 236 -4.95 85.97 23.13
CA THR QA 236 -4.45 85.87 21.77
C THR QA 236 -2.94 85.74 21.81
N GLU QA 237 -2.39 85.00 20.85
CA GLU QA 237 -0.96 84.86 20.68
C GLU QA 237 -0.55 85.38 19.31
N PHE QA 238 0.69 85.81 19.20
CA PHE QA 238 1.28 86.18 17.92
C PHE QA 238 2.72 85.72 17.90
N THR QA 239 3.17 85.25 16.74
CA THR QA 239 4.55 84.86 16.56
C THR QA 239 5.18 85.68 15.45
N PHE QA 240 6.51 85.74 15.47
CA PHE QA 240 7.24 86.45 14.45
C PHE QA 240 8.57 85.75 14.23
N ASN QA 241 9.04 85.77 13.00
CA ASN QA 241 10.35 85.27 12.65
C ASN QA 241 11.10 86.37 11.94
N PHE QA 242 12.42 86.37 12.09
CA PHE QA 242 13.25 87.46 11.61
C PHE QA 242 14.24 86.96 10.58
N ASP QA 243 14.20 87.54 9.39
CA ASP QA 243 15.33 87.52 8.49
C ASP QA 243 16.11 88.79 8.79
N CYS QA 244 17.27 88.65 9.41
CA CYS QA 244 17.85 89.75 10.15
C CYS QA 244 19.37 89.66 10.12
N GLU QA 245 20.01 90.82 10.08
CA GLU QA 245 21.45 90.91 10.08
C GLU QA 245 21.99 90.94 11.49
N TRP QA 246 23.13 90.29 11.70
CA TRP QA 246 23.79 90.33 13.00
C TRP QA 246 24.14 91.77 13.37
N ILE QA 247 24.11 92.06 14.65
CA ILE QA 247 24.73 93.27 15.19
C ILE QA 247 25.95 92.83 15.98
N ASN QA 248 27.09 93.40 15.65
CA ASN QA 248 28.37 92.87 16.10
C ASN QA 248 28.90 93.66 17.27
N ASN QA 249 29.19 92.98 18.37
CA ASN QA 249 29.91 93.55 19.49
C ASN QA 249 31.35 93.08 19.38
N GLU QA 250 32.23 93.99 18.99
CA GLU QA 250 33.61 93.72 18.60
C GLU QA 250 34.27 95.06 18.39
N ARG QA 251 35.59 95.06 18.42
CA ARG QA 251 36.35 96.28 18.36
C ARG QA 251 37.59 96.06 17.52
N ALA QA 252 37.83 96.98 16.60
CA ALA QA 252 39.06 96.97 15.82
C ALA QA 252 40.09 97.81 16.56
N TYR QA 253 41.19 97.19 16.95
CA TYR QA 253 42.22 97.88 17.68
C TYR QA 253 43.09 98.76 16.78
N ILE QA 254 42.99 98.58 15.47
CA ILE QA 254 43.72 99.42 14.51
C ILE QA 254 42.82 99.73 13.33
N PRO QA 255 43.08 100.82 12.62
CA PRO QA 255 42.39 101.07 11.37
C PRO QA 255 42.66 99.95 10.39
N PRO QA 256 41.78 99.75 9.42
CA PRO QA 256 42.04 98.68 8.44
C PRO QA 256 43.24 98.95 7.57
N GLY QA 257 43.59 100.21 7.36
CA GLY QA 257 44.77 100.53 6.59
C GLY QA 257 46.07 100.41 7.34
N LEU QA 258 46.01 100.11 8.63
CA LEU QA 258 47.18 100.02 9.47
C LEU QA 258 47.69 98.59 9.58
N MET QA 259 47.11 97.67 8.82
CA MET QA 259 47.47 96.25 8.89
C MET QA 259 48.62 95.99 7.93
N PHE QA 260 49.80 95.74 8.48
CA PHE QA 260 50.98 95.37 7.70
C PHE QA 260 52.11 95.15 8.68
N ASN QA 261 53.14 94.46 8.21
CA ASN QA 261 54.33 94.28 9.02
C ASN QA 261 55.27 95.45 8.75
N PRO QA 262 55.40 96.38 9.69
CA PRO QA 262 56.22 97.56 9.43
C PRO QA 262 57.70 97.27 9.37
N LEU QA 263 58.12 96.11 9.86
CA LEU QA 263 59.52 95.73 9.79
C LEU QA 263 59.94 95.47 8.35
N VAL QA 264 59.09 94.81 7.59
CA VAL QA 264 59.48 94.38 6.25
C VAL QA 264 59.47 95.57 5.30
N PRO QA 265 60.51 95.77 4.48
CA PRO QA 265 60.48 96.83 3.49
C PRO QA 265 59.42 96.55 2.44
N THR QA 266 59.04 97.60 1.72
CA THR QA 266 58.01 97.49 0.70
C THR QA 266 58.59 97.76 -0.67
N ARG QA 267 58.03 97.12 -1.69
CA ARG QA 267 58.36 97.47 -3.05
C ARG QA 267 57.28 98.35 -3.64
N ARG QA 268 57.57 99.64 -3.70
CA ARG QA 268 56.64 100.69 -4.11
C ARG QA 268 57.42 101.98 -4.15
N ALA QA 269 56.89 103.01 -4.80
CA ALA QA 269 57.62 104.26 -4.89
C ALA QA 269 56.65 105.43 -4.86
N GLN QA 270 57.18 106.57 -4.45
CA GLN QA 270 56.42 107.81 -4.34
C GLN QA 270 57.06 108.82 -5.28
N TYR QA 271 56.36 109.19 -6.33
CA TYR QA 271 56.72 110.36 -7.11
C TYR QA 271 56.01 111.54 -6.49
N ILE QA 272 56.71 112.64 -6.32
CA ILE QA 272 56.15 113.84 -5.73
C ILE QA 272 56.37 114.99 -6.69
N ARG QA 273 55.29 115.66 -7.06
CA ARG QA 273 55.35 116.73 -8.05
C ARG QA 273 56.22 117.89 -7.53
N ARG QA 274 56.75 118.66 -8.47
CA ARG QA 274 57.40 119.91 -8.13
C ARG QA 274 56.49 120.75 -7.25
N ASN QA 275 57.05 121.28 -6.17
CA ASN QA 275 56.20 121.85 -5.12
C ASN QA 275 55.69 123.23 -5.51
N ASN QA 276 56.41 123.95 -6.37
CA ASN QA 276 56.00 125.27 -6.84
C ASN QA 276 55.70 126.18 -5.66
N ASN QA 277 56.77 126.61 -4.98
CA ASN QA 277 56.76 127.24 -3.66
C ASN QA 277 56.40 126.15 -2.64
N PRO QA 278 56.99 126.22 -1.44
CA PRO QA 278 58.21 126.99 -1.14
C PRO QA 278 59.46 126.55 -1.91
N GLN QA 279 59.68 125.23 -1.96
CA GLN QA 279 60.99 124.70 -2.34
C GLN QA 279 60.85 123.19 -2.57
N THR QA 280 61.97 122.46 -2.65
CA THR QA 280 61.99 121.00 -2.77
C THR QA 280 61.40 120.51 -4.08
N ALA QA 281 62.19 120.60 -5.14
CA ALA QA 281 61.80 120.11 -6.46
C ALA QA 281 61.55 118.61 -6.44
N GLU QA 282 60.83 118.15 -7.46
CA GLU QA 282 60.27 116.80 -7.49
C GLU QA 282 61.34 115.75 -7.30
N SER QA 283 60.96 114.65 -6.64
CA SER QA 283 61.83 113.51 -6.45
C SER QA 283 60.99 112.26 -6.29
N THR QA 284 61.55 111.12 -6.70
CA THR QA 284 60.96 109.82 -6.46
C THR QA 284 61.75 109.08 -5.39
N SER QA 285 61.06 108.26 -4.60
CA SER QA 285 61.69 107.57 -3.49
C SER QA 285 60.89 106.34 -3.14
N ARG QA 286 61.54 105.41 -2.46
CA ARG QA 286 60.86 104.20 -2.00
C ARG QA 286 60.06 104.51 -0.75
N ILE QA 287 58.89 103.89 -0.66
CA ILE QA 287 58.04 104.08 0.51
C ILE QA 287 58.69 103.42 1.72
N ALA QA 288 58.68 104.14 2.84
CA ALA QA 288 59.31 103.66 4.05
C ALA QA 288 58.68 102.34 4.50
N PRO QA 289 59.44 101.51 5.22
CA PRO QA 289 58.88 100.23 5.66
C PRO QA 289 57.66 100.39 6.54
N TYR QA 290 57.74 101.27 7.52
CA TYR QA 290 56.55 101.73 8.21
C TYR QA 290 55.73 102.59 7.26
N ALA QA 291 54.45 102.76 7.59
CA ALA QA 291 53.57 103.66 6.83
C ALA QA 291 53.49 103.24 5.36
N LYS QA 292 53.17 101.98 5.15
CA LYS QA 292 52.94 101.51 3.80
C LYS QA 292 51.57 101.99 3.33
N PRO QA 293 51.41 102.20 2.02
CA PRO QA 293 50.10 102.62 1.51
C PRO QA 293 49.07 101.53 1.70
N THR QA 294 47.82 101.92 1.57
CA THR QA 294 46.73 100.99 1.80
C THR QA 294 45.65 101.13 0.75
N SER QA 295 44.89 100.06 0.60
CA SER QA 295 43.54 100.10 0.09
C SER QA 295 42.62 100.50 1.22
N TRP QA 296 41.33 100.21 1.05
CA TRP QA 296 40.42 100.31 2.18
C TRP QA 296 40.22 101.73 2.65
N MET QA 297 39.45 102.45 1.84
CA MET QA 297 38.95 103.79 2.05
C MET QA 297 38.04 103.84 3.28
N THR QA 298 37.88 105.04 3.82
CA THR QA 298 37.03 105.25 4.98
C THR QA 298 35.56 105.20 4.58
N GLY QA 299 34.71 104.91 5.56
CA GLY QA 299 33.29 104.88 5.35
C GLY QA 299 32.73 106.24 5.02
N PRO QA 300 31.57 106.27 4.38
CA PRO QA 300 31.01 107.53 3.90
C PRO QA 300 30.35 108.34 5.00
N GLY QA 301 30.30 109.65 4.79
CA GLY QA 301 29.62 110.55 5.69
C GLY QA 301 29.30 111.83 4.96
N LEU QA 302 28.48 112.68 5.57
CA LEU QA 302 28.24 114.02 5.08
C LEU QA 302 28.45 115.00 6.22
N LEU QA 303 29.56 115.75 6.16
CA LEU QA 303 29.92 116.67 7.22
C LEU QA 303 29.73 118.15 6.91
N SER QA 304 29.32 118.52 5.70
CA SER QA 304 29.43 119.94 5.34
C SER QA 304 28.28 120.77 5.90
N ALA QA 305 27.08 120.21 5.92
CA ALA QA 305 25.86 120.94 6.20
C ALA QA 305 25.79 121.38 7.66
N GLN QA 306 24.89 122.33 7.92
CA GLN QA 306 24.57 122.77 9.27
C GLN QA 306 23.06 122.86 9.43
N ARG QA 307 22.57 122.48 10.60
CA ARG QA 307 21.14 122.55 10.85
C ARG QA 307 20.64 123.97 10.66
N VAL QA 308 19.44 124.10 10.10
CA VAL QA 308 18.96 125.35 9.54
C VAL QA 308 17.74 125.85 10.31
N GLY QA 309 17.91 126.96 11.01
CA GLY QA 309 16.80 127.73 11.50
C GLY QA 309 16.32 127.31 12.87
N PRO QA 310 15.14 127.78 13.25
CA PRO QA 310 14.65 127.56 14.62
C PRO QA 310 14.14 126.15 14.81
N ALA QA 311 14.12 125.73 16.07
CA ALA QA 311 13.57 124.43 16.42
C ALA QA 311 12.06 124.42 16.15
N THR QA 312 11.51 123.20 16.05
CA THR QA 312 10.14 122.87 15.68
C THR QA 312 9.91 123.05 14.18
N SER QA 313 10.89 123.58 13.45
CA SER QA 313 10.81 123.73 12.00
C SER QA 313 11.45 122.56 11.26
N ASP QA 314 11.83 121.49 11.97
CA ASP QA 314 12.53 120.35 11.37
C ASP QA 314 13.88 120.77 10.80
N THR QA 315 14.84 121.03 11.67
CA THR QA 315 16.18 121.35 11.21
C THR QA 315 16.99 120.07 11.14
N GLY QA 316 17.25 119.59 9.92
CA GLY QA 316 17.99 118.35 9.76
C GLY QA 316 19.40 118.48 9.26
N ALA QA 317 19.75 119.66 8.74
CA ALA QA 317 20.95 120.00 8.01
C ALA QA 317 20.99 119.32 6.64
N TRP QA 318 20.21 118.27 6.41
CA TRP QA 318 20.04 117.67 5.10
C TRP QA 318 18.57 117.35 4.96
N MET QA 319 17.91 117.99 4.01
CA MET QA 319 16.50 117.74 3.75
C MET QA 319 16.39 116.96 2.45
N VAL QA 320 15.66 115.85 2.49
CA VAL QA 320 15.52 115.03 1.30
C VAL QA 320 14.47 115.60 0.36
N ALA QA 321 13.34 116.02 0.91
CA ALA QA 321 12.22 116.60 0.17
C ALA QA 321 11.78 115.81 -1.05
N VAL QA 322 11.18 116.51 -2.02
CA VAL QA 322 10.72 115.93 -3.28
C VAL QA 322 10.98 116.88 -4.44
N LYS QA 323 10.33 118.04 -4.42
CA LYS QA 323 10.34 119.00 -5.51
C LYS QA 323 9.79 118.43 -6.83
N PRO QA 324 8.49 118.17 -6.91
CA PRO QA 324 7.89 117.96 -8.22
C PRO QA 324 8.04 119.20 -9.09
N GLU QA 325 7.91 119.01 -10.40
CA GLU QA 325 8.43 120.00 -11.34
C GLU QA 325 7.69 121.33 -11.22
N ASN QA 326 6.36 121.29 -11.10
CA ASN QA 326 5.64 122.54 -10.89
C ASN QA 326 5.20 122.69 -9.43
N ALA QA 327 4.13 122.00 -9.08
CA ALA QA 327 3.51 122.04 -7.76
C ALA QA 327 3.32 123.51 -7.34
N SER QA 328 3.49 123.77 -6.05
CA SER QA 328 3.74 125.10 -5.52
C SER QA 328 4.30 124.90 -4.13
N ILE QA 329 5.05 125.89 -3.65
CA ILE QA 329 5.73 125.73 -2.38
C ILE QA 329 5.69 127.05 -1.63
N ASP QA 330 5.42 126.96 -0.34
CA ASP QA 330 5.44 128.09 0.58
C ASP QA 330 6.89 128.39 0.94
N THR QA 331 7.12 129.19 1.97
CA THR QA 331 8.46 129.29 2.52
C THR QA 331 9.00 127.89 2.79
N GLY QA 332 10.24 127.64 2.40
CA GLY QA 332 10.76 126.30 2.39
C GLY QA 332 11.00 125.73 1.01
N MET QA 333 11.76 124.65 0.84
CA MET QA 333 12.53 123.86 1.83
C MET QA 333 11.75 123.54 3.12
N SER QA 334 12.28 123.94 4.28
CA SER QA 334 11.59 123.83 5.55
C SER QA 334 11.14 122.36 5.86
N GLY QA 335 9.86 121.94 5.93
CA GLY QA 335 8.65 122.46 5.32
C GLY QA 335 8.19 121.57 4.17
N ILE QA 336 9.16 120.84 3.60
CA ILE QA 336 8.88 119.70 2.75
C ILE QA 336 9.99 118.69 3.02
N GLY QA 337 9.63 117.41 2.93
CA GLY QA 337 10.60 116.36 3.16
C GLY QA 337 11.09 116.30 4.59
N SER QA 338 12.11 115.47 4.79
CA SER QA 338 12.53 115.07 6.12
C SER QA 338 14.00 115.39 6.31
N GLY QA 339 14.36 115.70 7.55
CA GLY QA 339 15.77 115.88 7.86
C GLY QA 339 16.48 114.54 7.95
N PHE QA 340 17.69 114.49 7.41
CA PHE QA 340 18.52 113.29 7.45
C PHE QA 340 19.46 113.37 8.64
N ASP QA 341 19.36 112.40 9.53
CA ASP QA 341 20.05 112.46 10.81
C ASP QA 341 20.48 111.06 11.26
N PRO QA 342 21.67 110.93 11.85
CA PRO QA 342 22.86 111.79 11.74
C PRO QA 342 23.67 111.58 10.48
N PRO QA 343 23.97 112.65 9.75
CA PRO QA 343 25.21 112.66 8.97
C PRO QA 343 26.39 113.20 9.77
N GLN QA 344 27.63 112.70 9.73
CA GLN QA 344 28.01 111.29 9.66
C GLN QA 344 27.40 110.51 8.46
N GLY QA 345 27.05 109.21 8.51
CA GLY QA 345 27.43 108.18 9.46
C GLY QA 345 28.92 107.93 9.48
N SER QA 346 29.37 107.16 10.47
CA SER QA 346 30.79 106.94 10.71
C SER QA 346 31.52 108.27 10.78
N LEU QA 347 32.70 108.34 10.17
CA LEU QA 347 33.34 109.59 9.79
C LEU QA 347 33.27 110.62 10.92
N ALA QA 348 34.10 110.46 11.94
CA ALA QA 348 33.89 111.08 13.24
C ALA QA 348 33.49 112.55 13.11
N PRO QA 349 32.44 112.98 13.82
CA PRO QA 349 31.86 114.31 13.56
C PRO QA 349 32.72 115.44 14.09
N THR QA 350 32.40 116.64 13.62
CA THR QA 350 33.09 117.85 14.04
C THR QA 350 32.59 118.31 15.40
N ASN QA 351 31.35 118.75 15.48
CA ASN QA 351 30.83 119.21 16.77
C ASN QA 351 29.61 118.41 17.19
N LEU QA 352 29.02 118.84 18.30
CA LEU QA 352 27.89 118.17 18.92
C LEU QA 352 26.72 118.03 17.97
N GLU QA 353 26.64 118.92 16.98
CA GLU QA 353 25.47 118.99 16.11
C GLU QA 353 25.22 117.69 15.38
N TYR QA 354 26.26 116.90 15.13
CA TYR QA 354 26.14 115.63 14.43
C TYR QA 354 26.13 114.43 15.36
N LYS QA 355 26.19 114.63 16.67
CA LYS QA 355 26.61 113.60 17.60
C LYS QA 355 25.44 112.76 18.10
N ILE QA 356 24.27 112.91 17.48
CA ILE QA 356 22.97 112.44 17.93
C ILE QA 356 22.71 113.06 19.29
N GLN QA 357 21.81 112.46 20.07
CA GLN QA 357 21.45 112.88 21.42
C GLN QA 357 20.13 112.18 21.73
N TRP QA 358 19.74 112.03 22.99
CA TRP QA 358 18.35 111.74 23.32
C TRP QA 358 18.12 112.02 24.79
N TYR QA 359 16.85 112.18 25.15
CA TYR QA 359 16.54 112.60 26.52
C TYR QA 359 16.24 111.43 27.45
N GLN QA 360 16.06 110.23 26.90
CA GLN QA 360 15.74 109.01 27.67
C GLN QA 360 14.69 109.27 28.74
N THR QA 361 13.74 110.16 28.47
CA THR QA 361 12.74 110.58 29.43
C THR QA 361 11.80 111.58 28.75
N PRO QA 362 10.49 111.42 28.92
CA PRO QA 362 9.58 112.43 28.37
C PRO QA 362 9.62 113.74 29.12
N GLN QA 363 9.96 113.70 30.40
CA GLN QA 363 10.04 114.94 31.19
C GLN QA 363 11.28 115.75 30.84
N GLY QA 364 12.16 115.22 30.00
CA GLY QA 364 13.40 115.91 29.68
C GLY QA 364 13.22 117.27 29.04
N THR QA 365 13.79 118.29 29.67
CA THR QA 365 13.76 119.64 29.13
C THR QA 365 14.94 119.80 28.18
N ASN QA 366 15.23 121.04 27.76
CA ASN QA 366 16.28 121.25 26.77
C ASN QA 366 17.60 120.62 27.19
N ASN QA 367 18.14 121.01 28.34
CA ASN QA 367 19.24 120.29 28.93
C ASN QA 367 18.77 119.70 30.25
N ASN QA 368 18.52 118.39 30.24
CA ASN QA 368 18.10 117.53 31.33
C ASN QA 368 17.91 116.18 30.68
N GLY QA 369 18.00 115.08 31.41
CA GLY QA 369 18.10 113.84 30.69
C GLY QA 369 19.29 114.00 29.76
N ASN QA 370 19.01 113.93 28.46
CA ASN QA 370 19.89 114.54 27.46
C ASN QA 370 21.25 113.85 27.40
N ILE QA 371 21.26 112.53 27.35
CA ILE QA 371 22.52 111.83 27.22
C ILE QA 371 22.96 111.88 25.76
N ILE QA 372 24.22 112.13 25.55
CA ILE QA 372 24.75 112.41 24.21
C ILE QA 372 25.66 111.27 23.81
N SER QA 373 25.57 110.87 22.54
CA SER QA 373 26.41 109.78 22.05
C SER QA 373 27.88 110.20 22.10
N ASN QA 374 28.75 109.19 22.13
CA ASN QA 374 30.17 109.41 22.32
C ASN QA 374 30.94 108.43 21.43
N GLN QA 375 32.24 108.64 21.32
CA GLN QA 375 33.03 107.75 20.47
C GLN QA 375 33.29 106.43 21.18
N PRO QA 376 33.12 105.30 20.48
CA PRO QA 376 33.38 103.99 21.12
C PRO QA 376 34.84 103.76 21.42
N LEU QA 377 35.73 104.56 20.82
CA LEU QA 377 37.18 104.39 20.82
C LEU QA 377 37.58 103.21 19.95
N SER QA 378 36.62 102.48 19.38
CA SER QA 378 36.91 101.55 18.29
C SER QA 378 37.52 102.32 17.13
N MET QA 379 38.42 101.64 16.42
CA MET QA 379 39.21 102.33 15.40
C MET QA 379 38.58 102.28 14.02
N LEU QA 380 37.39 101.74 13.87
CA LEU QA 380 36.90 101.55 12.51
C LEU QA 380 36.39 102.75 11.72
N ARG QA 381 35.26 103.44 11.96
CA ARG QA 381 34.49 103.88 13.15
C ARG QA 381 34.93 105.29 13.62
N ASP QA 382 36.02 105.81 13.08
CA ASP QA 382 36.34 107.21 13.33
C ASP QA 382 36.49 107.94 12.00
N GLN QA 383 37.49 107.54 11.20
CA GLN QA 383 37.47 107.74 9.76
C GLN QA 383 37.35 109.20 9.35
N ALA QA 384 38.46 109.92 9.51
CA ALA QA 384 38.57 111.18 8.81
C ALA QA 384 38.92 110.92 7.33
N LEU QA 385 39.04 112.00 6.57
CA LEU QA 385 39.65 111.93 5.26
C LEU QA 385 40.19 113.32 4.94
N PHE QA 386 41.31 113.37 4.21
CA PHE QA 386 42.14 114.56 4.20
C PHE QA 386 42.34 115.14 2.80
N ARG QA 387 42.85 114.37 1.84
CA ARG QA 387 43.09 114.90 0.50
C ARG QA 387 44.10 116.05 0.62
N GLY QA 388 44.03 117.06 -0.24
CA GLY QA 388 44.84 118.26 -0.15
C GLY QA 388 46.33 118.02 -0.11
N ASN QA 389 47.07 119.09 0.12
CA ASN QA 389 46.83 120.37 -0.54
C ASN QA 389 47.94 120.48 -1.58
N GLN QA 390 48.80 119.46 -1.57
CA GLN QA 390 50.20 119.42 -2.01
C GLN QA 390 51.11 119.95 -0.91
N THR QA 391 50.55 120.60 0.12
CA THR QA 391 51.30 121.15 1.23
C THR QA 391 50.73 120.65 2.56
N THR QA 392 49.44 120.87 2.79
CA THR QA 392 48.77 120.49 4.02
C THR QA 392 47.63 119.55 3.69
N TYR QA 393 47.24 118.71 4.64
CA TYR QA 393 46.01 117.94 4.53
C TYR QA 393 44.85 118.75 5.08
N ASN QA 394 43.70 118.67 4.42
CA ASN QA 394 42.53 119.43 4.83
C ASN QA 394 41.30 118.53 4.87
N LEU QA 395 40.76 118.34 6.07
CA LEU QA 395 39.60 117.47 6.24
C LEU QA 395 38.50 117.83 5.25
N CYS QA 396 37.99 116.82 4.55
CA CYS QA 396 37.10 117.04 3.42
C CYS QA 396 35.67 116.67 3.80
N SER QA 397 34.74 117.54 3.43
CA SER QA 397 33.31 117.28 3.52
C SER QA 397 32.91 116.19 2.52
N ASP QA 398 31.69 115.68 2.70
CA ASP QA 398 31.18 114.57 1.91
C ASP QA 398 31.97 113.31 2.20
N VAL QA 399 32.63 112.72 1.20
CA VAL QA 399 33.01 111.30 1.18
C VAL QA 399 31.78 110.42 0.99
N TRP QA 400 31.32 110.35 -0.26
CA TRP QA 400 30.27 109.45 -0.70
C TRP QA 400 30.78 108.02 -0.78
N MET QA 401 29.95 107.12 -1.31
CA MET QA 401 30.36 105.72 -1.42
C MET QA 401 31.50 105.55 -2.41
N PHE QA 402 32.39 104.62 -2.11
CA PHE QA 402 33.59 104.36 -2.87
C PHE QA 402 33.90 102.87 -2.74
N PRO QA 403 34.53 102.26 -3.76
CA PRO QA 403 34.61 100.79 -3.80
C PRO QA 403 35.23 100.12 -2.58
N ASN QA 404 36.32 100.63 -2.05
CA ASN QA 404 37.05 99.92 -1.02
C ASN QA 404 36.64 100.29 0.38
N GLN QA 405 35.57 101.05 0.54
CA GLN QA 405 35.26 101.60 1.85
C GLN QA 405 34.94 100.53 2.88
N ILE QA 406 35.40 100.77 4.10
CA ILE QA 406 34.94 100.04 5.27
C ILE QA 406 34.53 101.04 6.34
N TRP QA 407 33.36 100.81 6.93
CA TRP QA 407 32.95 101.53 8.11
C TRP QA 407 32.38 100.51 9.07
N ASP QA 408 32.19 100.93 10.30
CA ASP QA 408 31.60 100.08 11.30
C ASP QA 408 30.23 100.62 11.65
N ARG QA 409 29.25 99.72 11.70
CA ARG QA 409 27.90 100.14 11.99
C ARG QA 409 27.86 100.79 13.36
N TYR QA 410 26.90 101.69 13.55
CA TYR QA 410 26.83 102.45 14.78
C TYR QA 410 26.84 101.52 15.99
N PRO QA 411 27.63 101.83 17.02
CA PRO QA 411 27.83 100.88 18.12
C PRO QA 411 26.59 100.57 18.92
N ILE QA 412 25.53 101.34 18.71
CA ILE QA 412 24.28 101.35 19.46
C ILE QA 412 24.54 101.39 20.96
N THR QA 413 23.61 100.83 21.74
CA THR QA 413 23.58 100.91 23.20
C THR QA 413 22.27 100.30 23.66
N ARG QA 414 22.06 100.23 24.97
CA ARG QA 414 20.82 99.64 25.48
C ARG QA 414 19.59 100.46 25.14
N GLU QA 415 19.74 101.74 24.86
CA GLU QA 415 18.61 102.64 24.65
C GLU QA 415 18.10 102.65 23.21
N ASN QA 416 18.66 101.88 22.34
CA ASN QA 416 18.40 102.05 20.93
C ASN QA 416 17.23 101.22 20.46
N PRO QA 417 16.60 101.61 19.36
CA PRO QA 417 15.64 100.72 18.71
C PRO QA 417 16.33 99.51 18.11
N ILE QA 418 15.67 98.36 18.22
CA ILE QA 418 16.24 97.13 17.70
C ILE QA 418 16.26 97.16 16.18
N TRP QA 419 15.12 97.45 15.56
CA TRP QA 419 14.96 97.34 14.13
C TRP QA 419 14.34 98.60 13.56
N CYS QA 420 14.38 98.68 12.24
CA CYS QA 420 13.70 99.70 11.46
C CYS QA 420 13.24 99.04 10.17
N LYS QA 421 12.08 99.45 9.66
CA LYS QA 421 11.57 98.83 8.46
C LYS QA 421 12.23 99.42 7.23
N LYS QA 422 12.75 98.56 6.37
CA LYS QA 422 13.31 98.98 5.10
C LYS QA 422 12.17 99.17 4.11
N PRO QA 423 11.91 100.40 3.67
CA PRO QA 423 10.78 100.64 2.77
C PRO QA 423 10.94 99.95 1.43
N ARG QA 424 9.83 99.42 0.93
CA ARG QA 424 9.82 98.70 -0.34
C ARG QA 424 10.06 99.66 -1.49
N SER QA 425 11.08 99.36 -2.29
CA SER QA 425 11.40 100.20 -3.43
C SER QA 425 12.17 99.35 -4.43
N ASP QA 426 12.22 99.83 -5.67
CA ASP QA 426 12.90 99.09 -6.72
C ASP QA 426 14.37 98.94 -6.40
N LYS QA 427 15.07 100.05 -6.18
CA LYS QA 427 16.51 100.05 -6.05
C LYS QA 427 16.92 100.64 -4.71
N HIS QA 428 18.03 100.17 -4.18
CA HIS QA 428 18.60 100.73 -2.96
C HIS QA 428 20.06 100.36 -2.88
N THR QA 429 20.78 101.11 -2.05
CA THR QA 429 22.19 100.88 -1.76
C THR QA 429 22.36 99.98 -0.54
N THR QA 430 23.56 99.99 0.06
CA THR QA 430 23.95 98.97 1.04
C THR QA 430 22.94 98.79 2.16
N ILE QA 431 22.17 99.82 2.50
CA ILE QA 431 21.22 99.81 3.61
C ILE QA 431 21.94 99.58 4.94
N ASP QA 432 22.69 100.57 5.39
CA ASP QA 432 23.14 100.58 6.78
C ASP QA 432 22.55 101.79 7.47
N PRO QA 433 21.55 101.63 8.34
CA PRO QA 433 20.99 102.80 9.03
C PRO QA 433 21.99 103.40 9.99
N PHE QA 434 22.05 104.73 10.01
CA PHE QA 434 22.99 105.43 10.87
C PHE QA 434 22.47 105.63 12.28
N ASP QA 435 21.28 105.15 12.56
CA ASP QA 435 20.74 105.10 13.90
C ASP QA 435 21.17 103.83 14.62
N GLY QA 436 22.07 103.07 14.01
CA GLY QA 436 22.25 101.69 14.42
C GLY QA 436 21.02 100.92 14.00
N SER QA 437 20.36 100.29 14.96
CA SER QA 437 19.16 99.51 14.71
C SER QA 437 19.40 98.50 13.60
N LEU QA 438 18.38 98.26 12.78
CA LEU QA 438 18.44 97.22 11.77
C LEU QA 438 17.42 97.56 10.69
N ALA QA 439 17.58 96.92 9.55
CA ALA QA 439 16.61 97.05 8.47
C ALA QA 439 16.11 95.67 8.12
N MET QA 440 14.79 95.56 7.96
CA MET QA 440 14.20 94.29 7.58
C MET QA 440 13.10 94.55 6.56
N ASP QA 441 12.97 93.63 5.60
CA ASP QA 441 11.84 93.67 4.69
C ASP QA 441 10.54 93.69 5.47
N HIS QA 442 10.34 92.66 6.28
CA HIS QA 442 9.19 92.59 7.19
C HIS QA 442 9.70 92.58 8.61
N PRO QA 443 9.59 93.68 9.34
CA PRO QA 443 9.90 93.67 10.75
C PRO QA 443 8.77 92.99 11.51
N PRO QA 444 8.83 92.95 12.83
CA PRO QA 444 7.65 92.49 13.58
C PRO QA 444 6.44 93.31 13.21
N GLY QA 445 5.36 92.62 12.85
CA GLY QA 445 4.13 93.32 12.50
C GLY QA 445 3.58 94.03 13.71
N THR QA 446 3.24 95.30 13.54
CA THR QA 446 2.70 96.07 14.64
C THR QA 446 1.35 95.48 15.05
N ILE QA 447 1.18 95.27 16.34
CA ILE QA 447 -0.07 94.77 16.89
C ILE QA 447 -0.93 95.94 17.27
N PHE QA 448 -2.10 96.04 16.67
CA PHE QA 448 -3.03 97.13 16.91
C PHE QA 448 -4.15 96.64 17.80
N ILE QA 449 -4.69 97.55 18.59
CA ILE QA 449 -5.73 97.19 19.55
C ILE QA 449 -6.64 98.39 19.76
N LYS QA 450 -7.93 98.12 19.91
CA LYS QA 450 -8.95 99.14 19.98
C LYS QA 450 -10.02 98.68 20.95
N MET QA 451 -10.87 99.60 21.37
CA MET QA 451 -11.81 99.35 22.45
C MET QA 451 -13.20 98.92 22.01
N ALA QA 452 -13.44 98.67 20.73
CA ALA QA 452 -14.72 98.10 20.33
C ALA QA 452 -15.90 98.97 20.70
N LYS QA 453 -16.15 100.02 19.91
CA LYS QA 453 -17.15 101.01 20.24
C LYS QA 453 -18.46 100.37 20.66
N ILE QA 454 -18.96 100.78 21.82
CA ILE QA 454 -20.25 100.34 22.31
C ILE QA 454 -21.17 101.56 22.30
N PRO QA 455 -22.08 101.66 21.35
CA PRO QA 455 -22.89 102.87 21.23
C PRO QA 455 -24.01 102.86 22.27
N VAL QA 456 -24.73 103.98 22.31
CA VAL QA 456 -25.83 104.13 23.25
C VAL QA 456 -26.96 104.85 22.51
N PRO QA 457 -28.21 104.53 22.80
CA PRO QA 457 -29.30 105.09 22.00
C PRO QA 457 -29.54 106.56 22.33
N SER QA 458 -29.98 107.30 21.32
CA SER QA 458 -30.34 108.69 21.50
C SER QA 458 -31.39 109.07 20.45
N ASN QA 459 -31.88 110.30 20.55
CA ASN QA 459 -32.93 110.78 19.65
C ASN QA 459 -32.38 111.30 18.34
N ASN QA 460 -31.27 112.04 18.39
CA ASN QA 460 -30.76 112.80 17.26
C ASN QA 460 -30.67 112.07 15.89
N ASN QA 461 -30.10 110.86 15.82
CA ASN QA 461 -29.53 110.13 16.94
C ASN QA 461 -28.01 110.22 16.91
N ALA QA 462 -27.40 109.58 17.90
CA ALA QA 462 -25.94 109.54 18.06
C ALA QA 462 -25.36 110.97 18.10
N ASP QA 463 -24.10 111.22 17.73
CA ASP QA 463 -22.98 110.32 17.96
C ASP QA 463 -22.69 110.23 19.45
N SER QA 464 -22.78 109.01 19.97
CA SER QA 464 -22.57 108.78 21.39
C SER QA 464 -22.13 107.35 21.57
N TYR QA 465 -21.37 107.12 22.63
CA TYR QA 465 -20.78 105.82 22.87
C TYR QA 465 -20.51 105.66 24.34
N LEU QA 466 -20.27 104.43 24.75
CA LEU QA 466 -20.05 104.11 26.14
C LEU QA 466 -18.57 104.20 26.45
N ASN QA 467 -18.22 104.79 27.59
CA ASN QA 467 -16.85 105.12 27.93
C ASN QA 467 -16.23 103.97 28.71
N ILE QA 468 -15.26 103.29 28.10
CA ILE QA 468 -14.63 102.11 28.69
C ILE QA 468 -13.14 102.17 28.42
N TYR QA 469 -12.40 101.27 29.08
CA TYR QA 469 -11.00 101.08 28.78
C TYR QA 469 -10.63 99.65 29.07
N CYS QA 470 -9.55 99.20 28.46
CA CYS QA 470 -9.09 97.83 28.60
C CYS QA 470 -7.80 97.81 29.38
N THR QA 471 -7.53 96.69 30.02
CA THR QA 471 -6.32 96.51 30.78
C THR QA 471 -5.93 95.05 30.70
N GLY QA 472 -4.65 94.79 30.59
CA GLY QA 472 -4.24 93.41 30.41
C GLY QA 472 -2.75 93.29 30.42
N GLN QA 473 -2.27 92.12 29.98
CA GLN QA 473 -0.86 91.80 30.10
C GLN QA 473 -0.33 91.29 28.78
N VAL QA 474 0.69 91.96 28.27
CA VAL QA 474 1.43 91.51 27.10
C VAL QA 474 2.68 90.80 27.60
N SER QA 475 3.00 89.67 26.99
CA SER QA 475 4.25 89.00 27.27
C SER QA 475 5.00 88.89 25.95
N CYS QA 476 6.10 89.62 25.83
CA CYS QA 476 6.93 89.56 24.64
C CYS QA 476 8.14 88.70 24.96
N GLU QA 477 8.18 87.51 24.39
CA GLU QA 477 9.25 86.55 24.61
C GLU QA 477 9.98 86.37 23.30
N ILE QA 478 11.22 86.84 23.23
CA ILE QA 478 11.97 86.84 21.98
C ILE QA 478 13.26 86.06 22.17
N VAL QA 479 13.64 85.33 21.13
CA VAL QA 479 14.82 84.49 21.14
C VAL QA 479 15.89 85.18 20.32
N TRP QA 480 17.12 85.14 20.81
CA TRP QA 480 18.23 85.86 20.20
C TRP QA 480 19.27 84.85 19.75
N GLU QA 481 19.53 84.78 18.46
CA GLU QA 481 20.72 84.07 18.00
C GLU QA 481 21.93 84.81 18.52
N VAL QA 482 22.82 84.10 19.19
CA VAL QA 482 23.92 84.71 19.90
C VAL QA 482 25.17 83.87 19.68
N GLU QA 483 26.32 84.55 19.58
CA GLU QA 483 27.58 83.88 19.33
C GLU QA 483 28.62 84.36 20.33
N ARG QA 484 29.39 83.42 20.87
CA ARG QA 484 30.28 83.70 21.99
C ARG QA 484 31.71 83.83 21.48
N TYR QA 485 32.49 84.70 22.13
CA TYR QA 485 33.76 85.11 21.56
C TYR QA 485 34.91 84.29 22.14
N ALA QA 486 35.89 84.01 21.28
CA ALA QA 486 37.17 83.47 21.69
C ALA QA 486 38.25 84.25 20.95
N THR QA 487 39.36 84.50 21.64
CA THR QA 487 40.41 85.30 21.01
C THR QA 487 41.76 84.89 21.56
N LYS QA 488 42.80 85.21 20.80
CA LYS QA 488 44.16 84.90 21.17
C LYS QA 488 44.87 86.04 21.85
N ASN QA 489 44.18 87.14 22.12
CA ASN QA 489 44.80 88.25 22.81
C ASN QA 489 45.29 87.80 24.18
N TRP QA 490 46.46 88.29 24.56
CA TRP QA 490 47.01 87.97 25.87
C TRP QA 490 46.42 88.85 26.96
N ARG QA 491 46.04 90.05 26.63
CA ARG QA 491 45.71 91.08 27.60
C ARG QA 491 44.25 91.08 28.01
N PRO QA 492 43.93 91.73 29.12
CA PRO QA 492 42.59 91.60 29.72
C PRO QA 492 41.41 92.12 28.89
N GLU QA 493 41.63 92.89 27.83
CA GLU QA 493 40.55 93.54 27.04
C GLU QA 493 39.75 94.44 27.98
N ARG QA 494 38.43 94.53 27.80
CA ARG QA 494 37.63 95.54 28.47
C ARG QA 494 36.23 95.00 28.67
N ARG QA 495 35.59 95.42 29.76
CA ARG QA 495 34.24 95.00 30.07
C ARG QA 495 33.45 96.22 30.51
N HIS QA 496 32.21 96.01 30.91
CA HIS QA 496 31.38 97.07 31.45
C HIS QA 496 31.21 96.85 32.95
N THR QA 497 31.92 97.65 33.72
CA THR QA 497 31.75 97.71 35.16
C THR QA 497 30.60 98.64 35.52
N THR QA 498 30.05 98.44 36.72
CA THR QA 498 29.26 99.47 37.34
C THR QA 498 30.08 100.72 37.62
N PHE QA 499 31.41 100.63 37.61
CA PHE QA 499 32.17 101.83 37.93
C PHE QA 499 32.04 102.91 36.88
N GLY QA 500 31.67 102.56 35.66
CA GLY QA 500 31.27 103.59 34.72
C GLY QA 500 30.02 104.32 35.18
N LEU QA 501 29.19 103.65 35.96
CA LEU QA 501 27.96 104.21 36.48
C LEU QA 501 28.26 105.21 37.59
N GLY QA 502 27.28 106.05 37.91
CA GLY QA 502 27.46 107.05 38.93
C GLY QA 502 26.18 107.28 39.70
N ILE QA 503 26.33 107.93 40.86
CA ILE QA 503 25.28 108.04 41.86
C ILE QA 503 24.34 109.17 41.48
N GLY QA 504 23.05 109.03 41.81
CA GLY QA 504 22.11 110.08 41.47
C GLY QA 504 20.75 109.89 42.13
N GLY QA 505 19.92 110.91 41.96
CA GLY QA 505 18.53 110.94 42.38
C GLY QA 505 18.34 111.44 43.80
N ALA QA 506 17.24 112.17 44.02
CA ALA QA 506 16.85 112.72 45.31
C ALA QA 506 18.02 113.32 46.08
N ASP QA 507 18.11 113.00 47.37
CA ASP QA 507 19.40 113.01 48.03
C ASP QA 507 20.26 111.93 47.37
N ASN QA 508 21.52 112.26 47.12
CA ASN QA 508 22.28 111.60 46.05
C ASN QA 508 22.19 110.09 46.10
N LEU QA 509 21.80 109.52 47.24
CA LEU QA 509 21.80 108.08 47.46
C LEU QA 509 21.05 107.34 46.36
N ASN QA 510 21.49 106.09 46.16
CA ASN QA 510 21.19 105.08 45.13
C ASN QA 510 22.04 105.41 43.91
N PRO QA 511 22.59 104.41 43.23
CA PRO QA 511 23.57 104.74 42.19
C PRO QA 511 23.02 105.20 40.86
N THR QA 512 22.49 104.28 40.06
CA THR QA 512 22.06 104.64 38.72
C THR QA 512 20.83 103.89 38.26
N TYR QA 513 20.93 102.59 38.05
CA TYR QA 513 19.74 101.82 37.74
C TYR QA 513 19.18 101.29 39.04
N HIS QA 514 18.15 101.97 39.53
CA HIS QA 514 17.72 101.76 40.90
C HIS QA 514 16.62 102.76 41.21
N VAL QA 515 15.86 102.47 42.25
CA VAL QA 515 14.74 103.31 42.62
C VAL QA 515 15.17 104.47 43.52
N ASP QA 516 14.38 105.53 43.49
CA ASP QA 516 14.52 106.70 44.36
C ASP QA 516 13.71 106.46 45.64
N LYS QA 517 13.47 107.48 46.45
CA LYS QA 517 12.88 107.24 47.77
C LYS QA 517 11.37 107.35 48.16
N ASN QA 518 10.37 107.92 47.45
CA ASN QA 518 10.34 108.78 46.26
C ASN QA 518 10.35 107.99 44.98
N GLY QA 519 10.33 106.66 45.09
CA GLY QA 519 10.96 105.83 44.09
C GLY QA 519 10.62 106.16 42.67
N THR QA 520 11.67 106.58 41.97
CA THR QA 520 11.67 106.89 40.55
C THR QA 520 12.98 106.35 40.02
N TYR QA 521 12.89 105.48 39.04
CA TYR QA 521 14.05 104.82 38.49
C TYR QA 521 15.06 105.85 38.02
N ILE QA 522 16.28 105.80 38.56
CA ILE QA 522 17.27 106.82 38.24
C ILE QA 522 17.76 106.60 36.82
N GLN QA 523 17.80 107.62 36.09
CA GLN QA 523 18.20 107.36 34.72
C GLN QA 523 19.71 107.48 34.58
N PRO QA 524 20.28 106.68 33.68
CA PRO QA 524 21.71 106.78 33.39
C PRO QA 524 22.03 108.12 32.73
N THR QA 525 23.07 108.77 33.22
CA THR QA 525 23.46 110.10 32.75
C THR QA 525 24.74 110.00 31.93
N THR QA 526 24.68 110.58 30.73
CA THR QA 526 25.53 110.45 29.54
C THR QA 526 25.68 109.02 28.99
N TRP QA 527 26.75 108.80 28.23
CA TRP QA 527 26.73 107.72 27.24
C TRP QA 527 27.24 106.41 27.81
N ASP QA 528 28.33 106.46 28.58
CA ASP QA 528 28.95 105.23 29.07
C ASP QA 528 28.06 104.45 30.02
N MET QA 529 27.19 105.16 30.76
CA MET QA 529 26.24 104.51 31.65
C MET QA 529 25.52 103.37 30.93
N CYS QA 530 24.67 103.73 29.98
CA CYS QA 530 24.19 102.76 29.02
C CYS QA 530 25.39 102.08 28.38
N PHE QA 531 25.43 100.76 28.39
CA PHE QA 531 26.66 100.10 28.04
C PHE QA 531 26.64 99.71 26.57
N PRO QA 532 27.38 100.41 25.71
CA PRO QA 532 27.25 100.17 24.28
C PRO QA 532 28.01 98.91 23.89
N VAL QA 533 27.47 98.17 22.93
CA VAL QA 533 28.28 97.14 22.31
C VAL QA 533 29.30 97.82 21.42
N LYS QA 534 30.32 97.06 21.02
CA LYS QA 534 31.35 97.43 20.06
C LYS QA 534 32.48 98.19 20.76
N THR QA 535 32.35 98.50 22.04
CA THR QA 535 33.44 99.07 22.81
C THR QA 535 34.25 98.00 23.53
N ASN QA 536 33.91 96.73 23.37
CA ASN QA 536 34.56 95.67 24.11
C ASN QA 536 35.10 94.62 23.16
N ILE QA 537 35.64 93.56 23.78
CA ILE QA 537 36.32 92.46 23.11
C ILE QA 537 37.41 93.04 22.22
N ASN QA 538 37.72 92.37 21.12
CA ASN QA 538 38.61 92.84 20.07
C ASN QA 538 38.37 91.96 18.85
N LYS QA 539 38.79 92.43 17.69
CA LYS QA 539 38.81 91.58 16.51
C LYS QA 539 40.05 91.89 15.71
N VAL QA 540 40.77 90.85 15.31
CA VAL QA 540 41.77 91.02 14.26
C VAL QA 540 41.03 91.28 12.95
N LEU QA 541 41.38 92.37 12.30
CA LEU QA 541 40.73 92.71 11.06
C LEU QA 541 41.19 91.79 9.94
N GLY RA 34 62.13 54.40 4.96
CA GLY RA 34 62.81 54.63 6.21
C GLY RA 34 62.42 55.91 6.91
N SER RA 35 63.06 56.20 8.04
CA SER RA 35 62.78 57.40 8.82
C SER RA 35 63.99 57.76 9.65
N GLY RA 36 64.02 59.00 10.11
CA GLY RA 36 65.08 59.49 10.96
C GLY RA 36 66.09 60.32 10.22
N VAL RA 37 67.11 60.75 10.95
CA VAL RA 37 68.21 61.49 10.36
C VAL RA 37 68.89 60.63 9.30
N GLY RA 38 69.33 61.26 8.21
CA GLY RA 38 69.96 60.54 7.13
C GLY RA 38 69.02 60.04 6.07
N ILE RA 39 67.72 60.29 6.21
CA ILE RA 39 66.73 59.90 5.22
C ILE RA 39 65.97 61.17 4.86
N SER RA 40 66.09 61.62 3.62
CA SER RA 40 65.44 62.85 3.21
C SER RA 40 63.93 62.68 3.25
N THR RA 41 63.22 63.73 3.64
CA THR RA 41 61.79 63.59 3.82
C THR RA 41 61.04 63.71 2.50
N GLY RA 42 61.41 64.68 1.68
CA GLY RA 42 60.77 64.85 0.38
C GLY RA 42 61.78 65.42 -0.59
N GLY RA 43 61.44 65.30 -1.87
CA GLY RA 43 62.31 65.73 -2.94
C GLY RA 43 61.93 67.09 -3.51
N TRP RA 44 62.74 67.55 -4.44
CA TRP RA 44 62.51 68.80 -5.12
C TRP RA 44 61.31 68.68 -6.06
N VAL RA 45 60.67 69.81 -6.33
CA VAL RA 45 59.42 69.84 -7.09
C VAL RA 45 59.39 71.10 -7.94
N GLY RA 46 58.74 71.03 -9.10
CA GLY RA 46 58.50 72.22 -9.88
C GLY RA 46 58.08 71.86 -11.30
N GLY RA 47 58.00 72.90 -12.15
CA GLY RA 47 57.90 72.74 -13.59
C GLY RA 47 56.55 73.03 -14.21
N SER RA 48 55.58 73.48 -13.43
CA SER RA 48 54.20 73.74 -13.83
C SER RA 48 53.49 72.60 -14.55
N TYR RA 49 52.40 72.91 -15.26
CA TYR RA 49 51.59 71.86 -15.87
C TYR RA 49 50.86 72.24 -17.15
N PHE RA 50 49.87 73.13 -17.03
CA PHE RA 50 49.02 73.63 -18.13
C PHE RA 50 48.10 72.64 -18.84
N THR RA 51 46.98 72.32 -18.21
CA THR RA 51 45.81 71.73 -18.87
C THR RA 51 44.74 72.80 -19.05
N ASP RA 52 43.92 72.64 -20.10
CA ASP RA 52 42.87 73.59 -20.44
C ASP RA 52 42.02 74.01 -19.25
N SER RA 53 41.67 73.07 -18.39
CA SER RA 53 40.80 73.38 -17.26
C SER RA 53 41.56 73.99 -16.09
N TYR RA 54 42.82 73.63 -15.89
CA TYR RA 54 43.55 74.13 -14.73
C TYR RA 54 45.04 74.10 -15.00
N VAL RA 55 45.77 74.90 -14.23
CA VAL RA 55 47.22 74.99 -14.30
C VAL RA 55 47.77 74.71 -12.92
N ILE RA 56 48.69 73.75 -12.82
CA ILE RA 56 49.34 73.40 -11.58
C ILE RA 56 50.76 73.93 -11.61
N THR RA 57 51.05 74.93 -10.79
CA THR RA 57 52.39 75.46 -10.66
C THR RA 57 53.04 74.90 -9.42
N LYS RA 58 54.25 74.39 -9.56
CA LYS RA 58 54.99 73.77 -8.47
C LYS RA 58 56.29 74.52 -8.29
N ASN RA 59 56.69 74.74 -7.04
CA ASN RA 59 57.90 75.47 -6.75
C ASN RA 59 58.52 74.91 -5.49
N THR RA 60 59.83 75.10 -5.35
CA THR RA 60 60.56 74.64 -4.19
C THR RA 60 61.67 75.63 -3.90
N ARG RA 61 62.02 75.79 -2.62
CA ARG RA 61 62.96 76.82 -2.21
C ARG RA 61 63.90 76.26 -1.16
N GLN RA 62 64.93 77.05 -0.89
CA GLN RA 62 65.82 76.82 0.23
C GLN RA 62 65.73 78.06 1.12
N PHE RA 63 65.44 77.88 2.39
CA PHE RA 63 65.20 79.01 3.28
C PHE RA 63 66.07 78.87 4.52
N LEU RA 64 66.17 79.95 5.29
CA LEU RA 64 66.80 79.85 6.58
C LEU RA 64 66.15 80.80 7.58
N VAL RA 65 66.06 80.34 8.83
CA VAL RA 65 65.48 81.08 9.93
C VAL RA 65 66.63 81.51 10.84
N LYS RA 66 66.68 82.80 11.17
CA LYS RA 66 67.88 83.42 11.69
C LYS RA 66 67.89 83.63 13.21
N ILE RA 67 66.82 83.28 13.92
CA ILE RA 67 66.63 83.73 15.30
C ILE RA 67 66.59 85.25 15.34
N GLN RA 68 65.48 85.84 14.92
CA GLN RA 68 65.34 87.29 15.02
C GLN RA 68 64.96 87.71 16.43
N ASN RA 69 65.49 88.85 16.85
CA ASN RA 69 65.00 89.58 18.02
C ASN RA 69 65.23 88.82 19.31
N ASN RA 70 66.39 88.19 19.45
CA ASN RA 70 66.64 87.21 20.51
C ASN RA 70 65.46 86.24 20.43
N HIS RA 71 64.91 85.76 21.54
CA HIS RA 71 63.58 85.18 21.48
C HIS RA 71 62.52 86.07 22.10
N GLN RA 72 62.92 87.19 22.69
CA GLN RA 72 61.97 88.12 23.27
C GLN RA 72 61.34 88.99 22.20
N TYR RA 73 60.21 89.60 22.56
CA TYR RA 73 59.33 90.37 21.69
C TYR RA 73 59.73 91.83 21.53
N LYS RA 74 59.75 92.58 22.63
CA LYS RA 74 59.85 94.04 22.66
C LYS RA 74 58.71 94.72 21.92
N THR RA 75 58.95 95.97 21.49
CA THR RA 75 57.95 96.78 20.83
C THR RA 75 58.58 97.52 19.65
N GLU RA 76 59.66 98.26 19.95
CA GLU RA 76 60.63 98.85 19.04
C GLU RA 76 60.34 100.25 18.50
N LEU RA 77 59.10 100.74 18.60
CA LEU RA 77 58.78 102.15 18.32
C LEU RA 77 59.58 102.67 17.13
N ILE RA 78 59.22 102.20 15.94
CA ILE RA 78 60.19 102.15 14.84
C ILE RA 78 60.83 103.51 14.53
N SER RA 79 60.11 104.37 13.81
CA SER RA 79 60.47 105.75 13.52
C SER RA 79 61.76 105.88 12.73
N PRO RA 80 61.89 106.91 11.90
CA PRO RA 80 63.21 107.50 11.68
C PRO RA 80 63.34 108.74 12.56
N SER RA 81 64.48 109.42 12.52
CA SER RA 81 64.54 110.75 13.12
C SER RA 81 65.40 111.73 12.30
N THR RA 82 64.88 112.86 11.82
CA THR RA 82 63.46 113.19 11.49
C THR RA 82 62.34 112.78 12.46
N SER RA 83 62.48 113.17 13.72
CA SER RA 83 61.50 112.83 14.75
C SER RA 83 60.09 113.27 14.38
N GLN RA 84 59.94 114.17 13.41
CA GLN RA 84 58.62 114.55 12.92
C GLN RA 84 57.88 113.39 12.27
N GLY RA 85 58.55 112.27 12.03
CA GLY RA 85 57.92 111.16 11.34
C GLY RA 85 56.79 110.54 12.13
N LYS RA 86 56.19 109.51 11.52
CA LYS RA 86 55.03 108.87 12.14
C LYS RA 86 55.41 108.14 13.41
N SER RA 87 56.52 107.40 13.39
CA SER RA 87 57.06 106.74 14.58
C SER RA 87 56.09 105.69 15.12
N GLN RA 88 55.60 104.84 14.24
CA GLN RA 88 54.74 103.75 14.67
C GLN RA 88 55.48 102.85 15.65
N ARG RA 89 54.75 102.41 16.69
CA ARG RA 89 55.42 101.68 17.76
C ARG RA 89 55.65 100.21 17.40
N CYS RA 90 54.69 99.63 16.69
CA CYS RA 90 54.70 98.22 16.31
C CYS RA 90 54.94 97.24 17.44
N VAL RA 91 55.37 96.03 17.08
CA VAL RA 91 55.76 94.96 17.99
C VAL RA 91 56.70 94.06 17.19
N SER RA 92 57.74 93.57 17.83
CA SER RA 92 58.62 92.62 17.16
C SER RA 92 58.43 91.27 17.83
N THR RA 93 58.63 90.20 17.09
CA THR RA 93 58.45 88.86 17.61
C THR RA 93 59.63 88.00 17.20
N PRO RA 94 59.90 86.91 17.92
CA PRO RA 94 60.94 85.98 17.47
C PRO RA 94 60.58 85.25 16.19
N TRP RA 95 59.33 85.31 15.77
CA TRP RA 95 58.85 84.49 14.66
C TRP RA 95 59.23 85.08 13.32
N SER RA 96 59.38 84.19 12.35
CA SER RA 96 59.52 84.54 10.95
C SER RA 96 58.38 83.87 10.21
N TYR RA 97 58.10 84.34 8.99
CA TYR RA 97 56.93 83.82 8.30
C TYR RA 97 57.22 83.65 6.82
N PHE RA 98 56.44 82.77 6.20
CA PHE RA 98 56.49 82.52 4.77
C PHE RA 98 55.46 83.38 4.07
N ASN RA 99 55.91 84.23 3.16
CA ASN RA 99 55.03 85.03 2.32
C ASN RA 99 55.05 84.41 0.92
N PHE RA 100 53.95 83.82 0.51
CA PHE RA 100 53.84 83.23 -0.82
C PHE RA 100 53.14 84.14 -1.81
N ASN RA 101 52.82 85.37 -1.44
CA ASN RA 101 51.88 86.17 -2.21
C ASN RA 101 52.64 87.00 -3.22
N GLN RA 102 52.57 86.57 -4.48
CA GLN RA 102 53.03 87.28 -5.66
C GLN RA 102 52.87 86.32 -6.83
N TYR RA 103 52.77 86.87 -8.04
CA TYR RA 103 52.69 85.98 -9.19
C TYR RA 103 54.07 85.53 -9.65
N SER RA 104 55.03 86.44 -9.67
CA SER RA 104 56.35 86.11 -10.18
C SER RA 104 57.03 85.01 -9.38
N SER RA 105 56.51 84.69 -8.21
CA SER RA 105 57.07 83.58 -7.45
C SER RA 105 56.63 82.25 -8.00
N HIS RA 106 55.37 82.15 -8.42
CA HIS RA 106 54.79 80.88 -8.84
C HIS RA 106 54.85 80.64 -10.34
N PHE RA 107 55.22 81.64 -11.13
CA PHE RA 107 55.19 81.52 -12.58
C PHE RA 107 56.52 81.94 -13.16
N SER RA 108 57.13 81.07 -13.95
CA SER RA 108 58.28 81.48 -14.73
C SER RA 108 57.84 82.48 -15.77
N PRO RA 109 58.76 83.29 -16.27
CA PRO RA 109 58.40 84.22 -17.34
C PRO RA 109 57.78 83.56 -18.55
N GLN RA 110 58.01 82.26 -18.77
CA GLN RA 110 57.27 81.57 -19.80
C GLN RA 110 55.93 81.02 -19.34
N ASP RA 111 55.85 80.45 -18.13
CA ASP RA 111 54.57 79.98 -17.64
C ASP RA 111 53.56 81.11 -17.60
N TRP RA 112 53.87 82.18 -16.89
CA TRP RA 112 53.27 83.46 -17.18
C TRP RA 112 53.59 83.78 -18.62
N GLN RA 113 52.65 84.37 -19.35
CA GLN RA 113 52.68 84.53 -20.81
C GLN RA 113 52.27 83.26 -21.52
N ARG RA 114 52.32 82.10 -20.89
CA ARG RA 114 51.58 81.00 -21.47
C ARG RA 114 50.12 81.07 -21.08
N LEU RA 115 49.82 81.46 -19.84
CA LEU RA 115 48.43 81.70 -19.49
C LEU RA 115 47.95 83.07 -19.91
N THR RA 116 48.82 84.09 -19.83
CA THR RA 116 48.40 85.42 -20.22
C THR RA 116 48.03 85.46 -21.69
N ASN RA 117 48.69 84.66 -22.51
CA ASN RA 117 48.33 84.59 -23.92
C ASN RA 117 47.15 83.66 -24.15
N GLU RA 118 47.11 82.52 -23.48
CA GLU RA 118 46.21 81.45 -23.88
C GLU RA 118 44.92 81.37 -23.10
N TYR RA 119 44.69 82.23 -22.11
CA TYR RA 119 43.50 82.05 -21.28
C TYR RA 119 42.78 83.36 -20.99
N LYS RA 120 41.45 83.27 -20.89
CA LYS RA 120 40.66 84.44 -20.50
C LYS RA 120 40.92 84.83 -19.06
N ARG RA 121 40.83 83.87 -18.15
CA ARG RA 121 40.75 84.21 -16.75
C ARG RA 121 41.30 83.06 -15.94
N PHE RA 122 41.74 83.37 -14.74
CA PHE RA 122 42.28 82.36 -13.86
C PHE RA 122 42.13 82.83 -12.42
N ARG RA 123 42.01 81.88 -11.52
CA ARG RA 123 42.04 82.17 -10.10
C ARG RA 123 42.68 80.98 -9.42
N PRO RA 124 43.42 81.19 -8.35
CA PRO RA 124 43.99 80.04 -7.64
C PRO RA 124 42.90 79.22 -7.00
N LYS RA 125 42.92 77.92 -7.28
CA LYS RA 125 41.93 77.02 -6.74
C LYS RA 125 42.32 76.51 -5.35
N GLY RA 126 43.58 76.15 -5.17
CA GLY RA 126 44.03 75.57 -3.92
C GLY RA 126 45.52 75.76 -3.78
N MET RA 127 46.03 75.38 -2.61
CA MET RA 127 47.43 75.59 -2.31
C MET RA 127 47.89 74.49 -1.36
N HIS RA 128 49.10 74.00 -1.56
CA HIS RA 128 49.64 72.91 -0.77
C HIS RA 128 51.10 73.23 -0.48
N VAL RA 129 51.46 73.30 0.79
CA VAL RA 129 52.79 73.72 1.19
C VAL RA 129 53.41 72.62 2.04
N LYS RA 130 54.70 72.36 1.82
CA LYS RA 130 55.40 71.32 2.55
C LYS RA 130 56.74 71.84 3.02
N ILE RA 131 56.95 71.83 4.33
CA ILE RA 131 58.26 72.06 4.92
C ILE RA 131 58.91 70.70 5.07
N TYR RA 132 60.18 70.60 4.68
CA TYR RA 132 60.87 69.32 4.81
C TYR RA 132 62.36 69.56 4.64
N ASN RA 133 63.12 68.49 4.80
CA ASN RA 133 64.58 68.52 4.70
C ASN RA 133 65.17 69.61 5.59
N LEU RA 134 64.78 69.60 6.85
CA LEU RA 134 65.22 70.63 7.78
C LEU RA 134 66.63 70.36 8.25
N GLN RA 135 67.33 71.43 8.63
CA GLN RA 135 68.70 71.33 9.14
C GLN RA 135 68.89 72.39 10.21
N ILE RA 136 69.51 72.02 11.32
CA ILE RA 136 69.84 72.96 12.38
C ILE RA 136 71.35 72.97 12.51
N LYS RA 137 71.98 74.09 12.19
CA LYS RA 137 73.42 74.07 11.98
C LYS RA 137 74.27 74.61 13.12
N GLN RA 138 73.70 75.16 14.18
CA GLN RA 138 74.49 75.48 15.38
C GLN RA 138 75.68 76.40 15.07
N ILE RA 139 75.38 77.68 14.85
CA ILE RA 139 76.45 78.66 14.65
C ILE RA 139 77.43 78.63 15.82
N LEU RA 140 78.72 78.67 15.50
CA LEU RA 140 79.75 78.88 16.51
C LEU RA 140 80.67 80.01 16.07
N SER RA 141 81.24 80.69 17.06
CA SER RA 141 82.21 81.74 16.83
C SER RA 141 83.37 81.58 17.79
N ASN RA 142 84.56 81.36 17.25
CA ASN RA 142 85.79 81.38 18.01
C ASN RA 142 86.42 82.76 18.05
N GLY RA 143 85.71 83.74 17.52
CA GLY RA 143 86.25 85.05 17.19
C GLY RA 143 86.59 85.07 15.72
N ALA RA 144 86.34 86.20 15.08
CA ALA RA 144 86.37 86.35 13.62
C ALA RA 144 85.56 85.20 13.02
N ASP RA 145 85.96 84.64 11.88
CA ASP RA 145 85.56 83.35 11.32
C ASP RA 145 84.08 83.00 11.48
N THR RA 146 83.81 81.71 11.68
CA THR RA 146 82.61 81.05 12.17
C THR RA 146 82.81 79.55 11.96
N THR RA 147 82.02 78.73 12.63
CA THR RA 147 81.98 77.30 12.34
C THR RA 147 80.55 76.82 12.53
N TYR RA 148 80.20 75.77 11.81
CA TYR RA 148 78.86 75.21 11.83
C TYR RA 148 79.00 73.72 12.10
N ASN RA 149 78.57 73.27 13.28
CA ASN RA 149 78.82 71.89 13.67
C ASN RA 149 77.71 70.98 13.19
N ASN RA 150 76.81 71.51 12.38
CA ASN RA 150 75.49 70.93 12.17
C ASN RA 150 74.87 70.85 13.55
N ASP RA 151 74.01 69.85 13.77
CA ASP RA 151 73.37 69.65 15.06
C ASP RA 151 72.38 68.52 14.89
N LEU RA 152 72.01 67.92 16.01
CA LEU RA 152 70.86 67.07 16.09
C LEU RA 152 70.18 67.42 17.41
N THR RA 153 69.09 66.73 17.72
CA THR RA 153 68.33 66.99 18.92
C THR RA 153 68.02 68.48 19.07
N ALA RA 154 67.64 69.12 17.98
CA ALA RA 154 67.19 70.51 17.98
C ALA RA 154 65.87 70.58 17.25
N GLY RA 155 65.18 71.72 17.35
CA GLY RA 155 63.81 71.80 16.92
C GLY RA 155 63.48 73.13 16.29
N VAL RA 156 62.35 73.13 15.59
CA VAL RA 156 61.86 74.30 14.87
C VAL RA 156 60.36 74.35 15.07
N HIS RA 157 59.86 75.49 15.52
CA HIS RA 157 58.43 75.70 15.67
C HIS RA 157 57.84 76.10 14.32
N ILE RA 158 56.72 75.50 13.97
CA ILE RA 158 56.02 75.83 12.73
C ILE RA 158 54.55 75.96 13.04
N PHE RA 159 53.99 77.11 12.71
CA PHE RA 159 52.62 77.45 13.08
C PHE RA 159 51.91 78.05 11.88
N CYS RA 160 50.65 77.68 11.68
CA CYS RA 160 49.85 78.18 10.58
C CYS RA 160 48.55 78.77 11.13
N ASP RA 161 48.00 79.74 10.40
CA ASP RA 161 46.72 80.35 10.76
C ASP RA 161 45.61 79.80 9.87
N GLY RA 162 44.74 78.98 10.43
CA GLY RA 162 43.54 78.63 9.70
C GLY RA 162 42.40 79.55 10.05
N GLU RA 163 42.45 80.14 11.24
CA GLU RA 163 41.41 81.03 11.70
C GLU RA 163 41.68 82.48 11.35
N HIS RA 164 42.91 82.81 10.95
CA HIS RA 164 43.38 84.17 10.80
C HIS RA 164 43.19 85.00 12.05
N ALA RA 165 43.19 84.37 13.22
CA ALA RA 165 43.58 85.08 14.42
C ALA RA 165 45.04 85.47 14.27
N TYR RA 166 45.46 86.46 15.04
CA TYR RA 166 46.78 87.07 14.96
C TYR RA 166 46.84 88.10 13.83
N PRO RA 167 47.68 89.10 13.98
CA PRO RA 167 47.65 90.27 13.08
C PRO RA 167 48.05 90.03 11.63
N ASN RA 168 48.51 88.83 11.25
CA ASN RA 168 48.79 88.43 9.86
C ASN RA 168 49.67 89.41 9.07
N ALA RA 169 50.99 89.31 9.29
CA ALA RA 169 51.96 90.25 8.72
C ALA RA 169 51.71 90.55 7.24
N THR RA 170 51.33 89.56 6.46
CA THR RA 170 51.35 89.69 5.00
C THR RA 170 50.58 90.93 4.55
N HIS RA 171 51.26 91.77 3.79
CA HIS RA 171 50.74 92.94 3.13
C HIS RA 171 51.05 92.76 1.65
N PRO RA 172 50.16 93.18 0.74
CA PRO RA 172 50.32 92.80 -0.67
C PRO RA 172 51.69 93.05 -1.26
N TRP RA 173 52.25 94.23 -1.11
CA TRP RA 173 53.49 94.53 -1.86
C TRP RA 173 54.69 94.05 -1.07
N ASP RA 174 55.01 94.74 0.02
CA ASP RA 174 56.11 94.36 0.91
C ASP RA 174 57.35 94.12 0.07
N GLU RA 175 58.05 93.01 0.27
CA GLU RA 175 59.33 92.71 -0.33
C GLU RA 175 59.27 91.21 -0.55
N ASP RA 176 60.42 90.60 -0.81
CA ASP RA 176 60.66 89.18 -0.52
C ASP RA 176 59.59 88.33 -1.22
N VAL RA 177 58.66 87.72 -0.47
CA VAL RA 177 57.82 86.63 -0.94
C VAL RA 177 58.82 85.55 -1.31
N MET RA 178 58.51 84.73 -2.30
CA MET RA 178 59.49 83.77 -2.75
C MET RA 178 60.38 84.46 -3.77
N PRO RA 179 61.66 84.11 -3.84
CA PRO RA 179 62.47 84.66 -4.92
C PRO RA 179 61.90 84.16 -6.23
N GLU RA 180 61.66 85.08 -7.16
CA GLU RA 180 61.04 84.70 -8.42
C GLU RA 180 61.83 83.61 -9.11
N LEU RA 181 63.09 83.46 -8.74
CA LEU RA 181 64.03 82.56 -9.38
C LEU RA 181 64.36 81.44 -8.42
N PRO RA 182 64.14 80.17 -8.74
CA PRO RA 182 64.52 79.10 -7.80
C PRO RA 182 66.03 79.06 -7.59
N TYR RA 183 66.52 78.06 -6.86
CA TYR RA 183 67.94 77.91 -6.52
C TYR RA 183 68.45 79.10 -5.73
N GLN RA 184 67.63 80.14 -5.61
CA GLN RA 184 67.99 81.33 -4.87
C GLN RA 184 67.46 81.17 -3.45
N THR RA 185 68.36 81.13 -2.49
CA THR RA 185 67.96 80.88 -1.11
C THR RA 185 67.01 81.97 -0.62
N TRP RA 186 66.06 81.58 0.21
CA TRP RA 186 64.99 82.48 0.59
C TRP RA 186 65.12 82.83 2.07
N TYR RA 187 65.50 84.06 2.35
CA TYR RA 187 65.67 84.52 3.71
C TYR RA 187 64.33 85.00 4.25
N LEU RA 188 63.90 84.42 5.35
CA LEU RA 188 62.65 84.81 5.98
C LEU RA 188 62.80 86.15 6.69
N PHE RA 189 61.66 86.76 6.96
CA PHE RA 189 61.61 88.07 7.58
C PHE RA 189 60.83 88.00 8.89
N GLN RA 190 61.22 88.87 9.81
CA GLN RA 190 60.66 88.84 11.15
C GLN RA 190 59.19 89.21 11.14
N TYR RA 191 58.42 88.57 12.01
CA TYR RA 191 57.00 88.87 12.14
C TYR RA 191 56.79 89.98 13.15
N GLY RA 192 56.01 90.98 12.77
CA GLY RA 192 55.68 92.08 13.65
C GLY RA 192 54.32 92.61 13.29
N TYR RA 193 53.80 93.47 14.15
CA TYR RA 193 52.49 94.03 13.90
C TYR RA 193 52.33 95.33 14.66
N ILE RA 194 51.42 96.16 14.18
CA ILE RA 194 51.09 97.43 14.84
C ILE RA 194 50.01 97.15 15.88
N PRO RA 195 50.31 97.22 17.18
CA PRO RA 195 49.23 97.07 18.16
C PRO RA 195 48.24 98.22 18.12
N VAL RA 196 48.72 99.46 18.09
CA VAL RA 196 47.88 100.66 18.09
C VAL RA 196 48.67 101.80 17.47
N ILE RA 197 47.94 102.76 16.89
CA ILE RA 197 48.55 103.99 16.38
C ILE RA 197 49.40 104.61 17.48
N HIS RA 198 50.65 104.95 17.14
CA HIS RA 198 51.55 105.47 18.17
C HIS RA 198 51.06 106.79 18.73
N GLU RA 199 50.83 107.77 17.86
CA GLU RA 199 50.06 108.91 18.30
C GLU RA 199 48.69 108.43 18.72
N LEU RA 200 47.99 109.20 19.56
CA LEU RA 200 46.78 108.70 20.20
C LEU RA 200 47.11 107.52 21.10
N ALA RA 201 47.55 107.83 22.34
CA ALA RA 201 48.34 107.02 23.27
C ALA RA 201 49.81 107.37 23.32
N GLU RA 202 50.24 108.43 22.63
CA GLU RA 202 51.65 108.85 22.76
C GLU RA 202 52.21 108.95 24.20
N MET RA 203 51.51 109.50 25.19
CA MET RA 203 50.31 110.30 25.11
C MET RA 203 50.61 111.64 25.78
N GLU RA 204 49.84 112.69 25.46
CA GLU RA 204 50.21 114.01 25.92
C GLU RA 204 49.48 114.38 27.22
N ASP RA 205 50.23 114.39 28.32
CA ASP RA 205 49.77 114.87 29.62
C ASP RA 205 48.40 114.29 29.97
N SER RA 206 47.55 115.10 30.60
CA SER RA 206 46.11 114.85 30.69
C SER RA 206 45.85 113.35 31.07
N ASN RA 207 45.16 112.45 30.35
CA ASN RA 207 44.33 112.61 29.16
C ASN RA 207 43.03 111.83 29.32
N ALA RA 208 43.19 110.52 29.47
CA ALA RA 208 42.14 109.53 29.73
C ALA RA 208 41.38 109.17 28.46
N VAL RA 209 41.48 110.01 27.43
CA VAL RA 209 41.01 109.60 26.10
C VAL RA 209 42.09 108.81 25.38
N GLU RA 210 43.35 109.23 25.52
CA GLU RA 210 44.45 108.42 25.00
C GLU RA 210 44.98 107.44 26.04
N LYS RA 211 44.58 107.60 27.30
CA LYS RA 211 44.87 106.55 28.28
C LYS RA 211 44.14 105.29 27.90
N ALA RA 212 42.83 105.38 27.72
CA ALA RA 212 42.16 104.37 26.91
C ALA RA 212 42.71 104.45 25.49
N ILE RA 213 42.66 103.31 24.80
CA ILE RA 213 43.30 103.06 23.51
C ILE RA 213 44.79 102.81 23.75
N CYS RA 214 45.34 103.30 24.85
CA CYS RA 214 46.63 102.80 25.30
C CYS RA 214 46.48 101.57 26.17
N LEU RA 215 45.49 101.59 27.05
CA LEU RA 215 45.21 100.43 27.89
C LEU RA 215 44.68 99.27 27.05
N GLN RA 216 44.01 99.58 25.95
CA GLN RA 216 43.34 98.53 25.21
C GLN RA 216 44.22 97.90 24.14
N ILE RA 217 45.48 98.30 24.04
CA ILE RA 217 46.29 97.77 22.94
C ILE RA 217 46.39 96.27 23.17
N PRO RA 218 46.00 95.45 22.21
CA PRO RA 218 46.10 94.01 22.38
C PRO RA 218 47.53 93.56 22.20
N PHE RA 219 47.84 92.44 22.83
CA PHE RA 219 49.17 91.86 22.73
C PHE RA 219 49.02 90.40 22.34
N PHE RA 220 49.47 90.08 21.14
CA PHE RA 220 49.31 88.76 20.56
C PHE RA 220 50.63 88.01 20.65
N MET RA 221 50.53 86.71 20.86
CA MET RA 221 51.68 85.85 21.03
C MET RA 221 51.41 84.57 20.27
N LEU RA 222 52.39 84.10 19.54
CA LEU RA 222 52.19 82.89 18.77
C LEU RA 222 52.41 81.64 19.59
N GLU RA 223 52.66 81.77 20.89
CA GLU RA 223 52.87 80.58 21.68
C GLU RA 223 51.53 79.95 21.99
N ASN RA 224 50.76 80.50 22.95
CA ASN RA 224 49.29 80.47 22.88
C ASN RA 224 48.78 79.22 22.19
N SER RA 225 48.07 79.41 21.08
CA SER RA 225 47.59 78.28 20.28
C SER RA 225 48.72 77.34 19.91
N ASP RA 226 48.43 76.05 19.94
CA ASP RA 226 49.46 75.04 19.77
C ASP RA 226 49.99 75.00 18.36
N HIS RA 227 51.20 74.46 18.21
CA HIS RA 227 51.84 74.33 16.93
C HIS RA 227 52.89 73.24 17.01
N GLU RA 228 53.36 72.81 15.84
CA GLU RA 228 54.26 71.69 15.77
C GLU RA 228 55.71 72.12 15.90
N VAL RA 229 56.50 71.31 16.59
CA VAL RA 229 57.94 71.43 16.61
C VAL RA 229 58.48 70.29 15.76
N LEU RA 230 59.59 70.51 15.09
CA LEU RA 230 60.16 69.52 14.19
C LEU RA 230 61.64 69.39 14.44
N ARG RA 231 62.11 68.18 14.63
CA ARG RA 231 63.54 67.96 14.49
C ARG RA 231 63.84 67.75 13.00
N THR RA 232 65.06 67.30 12.69
CA THR RA 232 65.45 67.17 11.29
C THR RA 232 64.57 66.19 10.53
N GLY RA 233 64.47 64.94 10.99
CA GLY RA 233 63.80 63.92 10.20
C GLY RA 233 62.35 64.19 9.92
N GLU RA 234 61.70 65.03 10.71
CA GLU RA 234 60.29 65.32 10.55
C GLU RA 234 60.05 66.37 9.47
N SER RA 235 58.83 66.36 8.93
CA SER RA 235 58.36 67.38 8.01
C SER RA 235 56.94 67.79 8.38
N THR RA 236 56.36 68.68 7.57
CA THR RA 236 55.01 69.15 7.80
C THR RA 236 54.38 69.54 6.47
N GLU RA 237 53.07 69.34 6.36
CA GLU RA 237 52.31 69.76 5.21
C GLU RA 237 51.24 70.75 5.63
N PHE RA 238 50.83 71.61 4.70
CA PHE RA 238 49.71 72.50 4.91
C PHE RA 238 48.93 72.59 3.61
N THR RA 239 47.60 72.65 3.72
CA THR RA 239 46.75 72.83 2.57
C THR RA 239 45.92 74.09 2.73
N PHE RA 240 45.44 74.61 1.60
CA PHE RA 240 44.60 75.78 1.61
C PHE RA 240 43.61 75.68 0.47
N ASN RA 241 42.41 76.20 0.69
CA ASN RA 241 41.41 76.31 -0.34
C ASN RA 241 40.98 77.76 -0.43
N PHE RA 242 40.58 78.18 -1.63
CA PHE RA 242 40.31 79.58 -1.89
C PHE RA 242 38.86 79.76 -2.32
N ASP RA 243 38.14 80.60 -1.59
CA ASP RA 243 36.94 81.23 -2.11
C ASP RA 243 37.41 82.55 -2.70
N CYS RA 244 37.39 82.65 -4.02
CA CYS RA 244 38.23 83.63 -4.69
C CYS RA 244 37.56 84.09 -5.98
N GLU RA 245 37.76 85.35 -6.31
CA GLU RA 245 37.22 85.93 -7.52
C GLU RA 245 38.17 85.75 -8.68
N TRP RA 246 37.63 85.51 -9.86
CA TRP RA 246 38.45 85.41 -11.06
C TRP RA 246 39.20 86.71 -11.29
N ILE RA 247 40.39 86.60 -11.85
CA ILE RA 247 41.08 87.74 -12.44
C ILE RA 247 41.06 87.55 -13.94
N ASN RA 248 40.57 88.55 -14.65
CA ASN RA 248 40.22 88.39 -16.06
C ASN RA 248 41.30 88.96 -16.95
N ASN RA 249 41.80 88.14 -17.86
CA ASN RA 249 42.67 88.59 -18.93
C ASN RA 249 41.81 88.69 -20.18
N GLU RA 250 41.52 89.92 -20.58
CA GLU RA 250 40.55 90.27 -21.61
C GLU RA 250 40.66 91.76 -21.82
N ARG RA 251 40.16 92.20 -22.97
CA ARG RA 251 40.31 93.58 -23.38
C ARG RA 251 39.04 94.05 -24.04
N ALA RA 252 38.57 95.22 -23.63
CA ALA RA 252 37.44 95.86 -24.29
C ALA RA 252 37.98 96.75 -25.39
N TYR RA 253 37.61 96.47 -26.62
CA TYR RA 253 38.08 97.25 -27.75
C TYR RA 253 37.36 98.58 -27.88
N ILE RA 254 36.25 98.76 -27.18
CA ILE RA 254 35.53 100.03 -27.17
C ILE RA 254 35.05 100.32 -25.77
N PRO RA 255 34.81 101.60 -25.44
CA PRO RA 255 34.16 101.92 -24.19
C PRO RA 255 32.78 101.30 -24.13
N PRO RA 256 32.25 101.08 -22.93
CA PRO RA 256 30.91 100.49 -22.85
C PRO RA 256 29.83 101.40 -23.39
N GLY RA 257 30.03 102.70 -23.37
CA GLY RA 257 29.07 103.61 -23.93
C GLY RA 257 29.12 103.75 -25.43
N LEU RA 258 30.08 103.10 -26.07
CA LEU RA 258 30.26 103.19 -27.50
C LEU RA 258 29.57 102.05 -28.24
N MET RA 259 28.79 101.24 -27.52
CA MET RA 259 28.12 100.08 -28.12
C MET RA 259 26.77 100.52 -28.66
N PHE RA 260 26.65 100.54 -29.98
CA PHE RA 260 25.39 100.84 -30.65
C PHE RA 260 25.65 100.76 -32.14
N ASN RA 261 24.58 100.64 -32.89
CA ASN RA 261 24.69 100.66 -34.35
C ASN RA 261 24.58 102.11 -34.81
N PRO RA 262 25.68 102.72 -35.23
CA PRO RA 262 25.63 104.14 -35.59
C PRO RA 262 24.88 104.40 -36.87
N LEU RA 263 24.64 103.37 -37.67
CA LEU RA 263 23.87 103.54 -38.89
C LEU RA 263 22.41 103.86 -38.58
N VAL RA 264 21.85 103.19 -37.58
CA VAL RA 264 20.42 103.32 -37.32
C VAL RA 264 20.13 104.64 -36.64
N PRO RA 265 19.12 105.41 -37.09
CA PRO RA 265 18.77 106.63 -36.37
C PRO RA 265 18.21 106.31 -35.00
N THR RA 266 18.20 107.32 -34.14
CA THR RA 266 17.74 107.15 -32.77
C THR RA 266 16.49 107.99 -32.54
N ARG RA 267 15.62 107.50 -31.67
CA ARG RA 267 14.51 108.31 -31.21
C ARG RA 267 14.82 108.89 -29.84
N ARG RA 268 15.18 110.16 -29.84
CA ARG RA 268 15.65 110.89 -28.66
C ARG RA 268 15.84 112.33 -29.08
N ALA RA 269 15.94 113.25 -28.13
CA ALA RA 269 16.09 114.65 -28.49
C ALA RA 269 16.98 115.35 -27.48
N GLN RA 270 17.58 116.43 -27.93
CA GLN RA 270 18.48 117.25 -27.13
C GLN RA 270 17.87 118.64 -27.03
N TYR RA 271 17.44 119.02 -25.85
CA TYR RA 271 17.13 120.42 -25.56
C TYR RA 271 18.42 121.05 -25.07
N ILE RA 272 18.73 122.23 -25.56
CA ILE RA 272 19.93 122.94 -25.16
C ILE RA 272 19.53 124.32 -24.67
N ARG RA 273 19.93 124.65 -23.45
CA ARG RA 273 19.53 125.90 -22.83
C ARG RA 273 20.09 127.09 -23.62
N ARG RA 274 19.43 128.24 -23.48
CA ARG RA 274 19.97 129.48 -23.98
C ARG RA 274 21.40 129.67 -23.50
N ASN RA 275 22.28 130.03 -24.43
CA ASN RA 275 23.71 129.96 -24.12
C ASN RA 275 24.17 131.12 -23.26
N ASN RA 276 23.46 132.26 -23.32
CA ASN RA 276 23.79 133.42 -22.51
C ASN RA 276 25.26 133.81 -22.68
N ASN RA 277 25.56 134.37 -23.85
CA ASN RA 277 26.91 134.55 -24.39
C ASN RA 277 27.44 133.17 -24.78
N PRO RA 278 28.22 133.10 -25.87
CA PRO RA 278 28.31 134.12 -26.92
C PRO RA 278 27.00 134.37 -27.68
N GLN RA 279 26.32 133.30 -28.07
CA GLN RA 279 25.27 133.39 -29.09
C GLN RA 279 24.51 132.05 -29.11
N THR RA 280 23.70 131.81 -30.15
CA THR RA 280 23.00 130.54 -30.36
C THR RA 280 21.95 130.26 -29.30
N ALA RA 281 20.81 130.92 -29.42
CA ALA RA 281 19.68 130.73 -28.51
C ALA RA 281 19.18 129.28 -28.57
N GLU RA 282 18.43 128.91 -27.53
CA GLU RA 282 18.08 127.52 -27.28
C GLU RA 282 17.37 126.89 -28.47
N SER RA 283 17.61 125.60 -28.65
CA SER RA 283 16.95 124.82 -29.69
C SER RA 283 16.90 123.36 -29.27
N THR RA 284 15.88 122.65 -29.74
CA THR RA 284 15.77 121.22 -29.58
C THR RA 284 16.03 120.53 -30.92
N SER RA 285 16.61 119.33 -30.86
CA SER RA 285 16.99 118.63 -32.07
C SER RA 285 17.09 117.15 -31.78
N ARG RA 286 17.00 116.35 -32.84
CA ARG RA 286 17.15 114.91 -32.70
C ARG RA 286 18.62 114.55 -32.58
N ILE RA 287 18.91 113.57 -31.74
CA ILE RA 287 20.28 113.11 -31.56
C ILE RA 287 20.74 112.41 -32.84
N ALA RA 288 21.96 112.72 -33.26
CA ALA RA 288 22.51 112.17 -34.48
C ALA RA 288 22.58 110.65 -34.40
N PRO RA 289 22.53 109.98 -35.55
CA PRO RA 289 22.58 108.50 -35.52
C PRO RA 289 23.85 107.98 -34.88
N TYR RA 290 24.99 108.52 -35.29
CA TYR RA 290 26.22 108.32 -34.54
C TYR RA 290 26.12 109.07 -33.22
N ALA RA 291 26.97 108.69 -32.27
CA ALA RA 291 27.06 109.40 -30.99
C ALA RA 291 25.72 109.41 -30.26
N LYS RA 292 25.15 108.24 -30.10
CA LYS RA 292 23.95 108.12 -29.31
C LYS RA 292 24.29 108.20 -27.83
N PRO RA 293 23.38 108.70 -27.01
CA PRO RA 293 23.64 108.77 -25.57
C PRO RA 293 23.77 107.38 -24.98
N THR RA 294 24.32 107.33 -23.78
CA THR RA 294 24.55 106.05 -23.13
C THR RA 294 24.18 106.11 -21.66
N SER RA 295 23.91 104.93 -21.13
CA SER RA 295 24.05 104.64 -19.72
C SER RA 295 25.51 104.36 -19.42
N TRP RA 296 25.75 103.69 -18.31
CA TRP RA 296 27.08 103.15 -18.08
C TRP RA 296 28.13 104.22 -17.90
N MET RA 297 28.08 104.82 -16.71
CA MET RA 297 28.99 105.79 -16.16
C MET RA 297 30.39 105.17 -15.99
N THR RA 298 31.39 106.05 -15.93
CA THR RA 298 32.76 105.60 -15.73
C THR RA 298 33.00 105.16 -14.29
N GLY RA 299 34.02 104.33 -14.11
CA GLY RA 299 34.40 103.87 -12.80
C GLY RA 299 34.91 104.99 -11.93
N PRO RA 300 34.86 104.79 -10.62
CA PRO RA 300 35.21 105.86 -9.69
C PRO RA 300 36.71 106.05 -9.54
N GLY RA 301 37.09 107.26 -9.16
CA GLY RA 301 38.47 107.58 -8.87
C GLY RA 301 38.52 108.82 -8.02
N LEU RA 302 39.70 109.12 -7.48
CA LEU RA 302 39.94 110.37 -6.79
C LEU RA 302 41.20 111.00 -7.37
N LEU RA 303 41.02 112.07 -8.16
CA LEU RA 303 42.12 112.73 -8.84
C LEU RA 303 42.55 114.07 -8.26
N SER RA 304 41.88 114.60 -7.25
CA SER RA 304 42.12 116.01 -6.91
C SER RA 304 43.38 116.19 -6.07
N ALA RA 305 43.64 115.27 -5.16
CA ALA RA 305 44.66 115.41 -4.13
C ALA RA 305 46.07 115.38 -4.72
N GLN RA 306 47.03 115.84 -3.93
CA GLN RA 306 48.44 115.75 -4.25
C GLN RA 306 49.21 115.26 -3.03
N ARG RA 307 50.21 114.41 -3.26
CA ARG RA 307 51.01 113.91 -2.16
C ARG RA 307 51.64 115.06 -1.40
N VAL RA 308 51.71 114.92 -0.07
CA VAL RA 308 51.96 116.03 0.83
C VAL RA 308 53.27 115.84 1.57
N GLY RA 309 54.24 116.70 1.27
CA GLY RA 309 55.40 116.85 2.10
C GLY RA 309 56.54 115.93 1.75
N PRO RA 310 57.52 115.83 2.65
CA PRO RA 310 58.74 115.09 2.35
C PRO RA 310 58.51 113.59 2.43
N ALA RA 311 59.39 112.85 1.76
CA ALA RA 311 59.36 111.40 1.83
C ALA RA 311 59.73 110.94 3.24
N THR RA 312 59.36 109.69 3.55
CA THR RA 312 59.47 109.03 4.84
C THR RA 312 58.40 109.53 5.80
N SER RA 313 57.63 110.55 5.43
CA SER RA 313 56.54 111.06 6.24
C SER RA 313 55.19 110.44 5.87
N ASP RA 314 55.18 109.42 5.01
CA ASP RA 314 53.94 108.81 4.51
C ASP RA 314 53.11 109.82 3.73
N THR RA 315 53.55 110.14 2.52
CA THR RA 315 52.78 111.01 1.67
C THR RA 315 51.87 110.17 0.79
N GLY RA 316 50.57 110.18 1.09
CA GLY RA 316 49.64 109.37 0.33
C GLY RA 316 48.72 110.12 -0.60
N ALA RA 317 48.65 111.43 -0.43
CA ALA RA 317 47.70 112.37 -1.03
C ALA RA 317 46.29 112.16 -0.50
N TRP RA 318 45.98 111.00 0.09
CA TRP RA 318 44.72 110.79 0.79
C TRP RA 318 45.06 110.03 2.05
N MET RA 319 44.80 110.64 3.20
CA MET RA 319 45.04 110.01 4.48
C MET RA 319 43.70 109.63 5.09
N VAL RA 320 43.56 108.38 5.50
CA VAL RA 320 42.30 107.93 6.07
C VAL RA 320 42.19 108.34 7.53
N ALA RA 321 43.26 108.17 8.29
CA ALA RA 321 43.34 108.50 9.71
C ALA RA 321 42.18 107.98 10.55
N VAL RA 322 41.91 108.68 11.67
CA VAL RA 322 40.83 108.35 12.58
C VAL RA 322 40.16 109.62 13.10
N LYS RA 323 40.92 110.42 13.85
CA LYS RA 323 40.42 111.60 14.55
C LYS RA 323 39.31 111.27 15.57
N PRO RA 324 39.66 110.61 16.67
CA PRO RA 324 38.73 110.58 17.80
C PRO RA 324 38.47 111.98 18.32
N GLU RA 325 37.37 112.14 19.05
CA GLU RA 325 36.80 113.46 19.25
C GLU RA 325 37.74 114.37 20.05
N ASN RA 326 38.35 113.84 21.11
CA ASN RA 326 39.32 114.64 21.84
C ASN RA 326 40.75 114.22 21.51
N ALA RA 327 41.19 113.13 22.12
CA ALA RA 327 42.53 112.58 22.00
C ALA RA 327 43.55 113.70 22.21
N SER RA 328 44.66 113.64 21.48
CA SER RA 328 45.54 114.77 21.23
C SER RA 328 46.37 114.39 20.02
N ILE RA 329 46.87 115.40 19.31
CA ILE RA 329 47.58 115.14 18.07
C ILE RA 329 48.76 116.09 17.96
N ASP RA 330 49.88 115.55 17.54
CA ASP RA 330 51.10 116.32 17.26
C ASP RA 330 50.93 116.98 15.89
N THR RA 331 52.02 117.49 15.32
CA THR RA 331 51.98 117.89 13.93
C THR RA 331 51.41 116.74 13.09
N GLY RA 332 50.50 117.07 12.19
CA GLY RA 332 49.73 116.05 11.52
C GLY RA 332 48.27 116.02 11.91
N MET RA 333 47.37 115.36 11.16
CA MET RA 333 47.57 114.64 9.87
C MET RA 333 48.80 113.72 9.84
N SER RA 334 49.70 113.93 8.88
CA SER RA 334 50.99 113.24 8.82
C SER RA 334 50.81 111.68 8.79
N GLY RA 335 51.20 110.84 9.77
CA GLY RA 335 51.39 111.06 11.19
C GLY RA 335 50.27 110.43 12.00
N ILE RA 336 49.11 110.27 11.33
CA ILE RA 336 48.05 109.39 11.79
C ILE RA 336 47.41 108.79 10.54
N GLY RA 337 46.95 107.57 10.67
CA GLY RA 337 46.33 106.88 9.55
C GLY RA 337 47.29 106.60 8.42
N SER RA 338 46.70 106.15 7.31
CA SER RA 338 47.46 105.56 6.22
C SER RA 338 47.17 106.31 4.93
N GLY RA 339 48.17 106.37 4.06
CA GLY RA 339 47.94 106.93 2.73
C GLY RA 339 47.18 105.95 1.86
N PHE RA 340 46.24 106.48 1.08
CA PHE RA 340 45.45 105.67 0.16
C PHE RA 340 46.08 105.74 -1.22
N ASP RA 341 46.45 104.58 -1.74
CA ASP RA 341 47.25 104.52 -2.96
C ASP RA 341 46.87 103.29 -3.79
N PRO RA 342 46.83 103.43 -5.12
CA PRO RA 342 46.63 104.64 -5.93
C PRO RA 342 45.18 105.09 -6.02
N PRO RA 343 44.90 106.35 -5.73
CA PRO RA 343 43.77 107.01 -6.39
C PRO RA 343 44.19 107.68 -7.70
N GLN RA 344 43.45 107.67 -8.82
CA GLN RA 344 42.67 106.56 -9.36
C GLN RA 344 41.61 105.99 -8.37
N GLY RA 345 41.24 104.69 -8.32
CA GLY RA 345 41.45 103.63 -9.30
C GLY RA 345 40.78 103.92 -10.62
N SER RA 346 41.09 103.11 -11.63
CA SER RA 346 40.63 103.34 -12.99
C SER RA 346 40.95 104.76 -13.42
N LEU RA 347 40.01 105.40 -14.11
CA LEU RA 347 39.97 106.86 -14.24
C LEU RA 347 41.34 107.43 -14.56
N ALA RA 348 41.78 107.29 -15.81
CA ALA RA 348 43.20 107.40 -16.17
C ALA RA 348 43.85 108.62 -15.52
N PRO RA 349 45.02 108.44 -14.90
CA PRO RA 349 45.59 109.50 -14.05
C PRO RA 349 46.15 110.66 -14.84
N THR RA 350 46.38 111.76 -14.14
CA THR RA 350 46.95 112.96 -14.71
C THR RA 350 48.46 112.81 -14.89
N ASN RA 351 49.19 112.75 -13.80
CA ASN RA 351 50.65 112.63 -13.92
C ASN RA 351 51.14 111.36 -13.23
N LEU RA 352 52.46 111.23 -13.21
CA LEU RA 352 53.15 110.07 -12.67
C LEU RA 352 52.78 109.80 -11.23
N GLU RA 353 52.36 110.86 -10.51
CA GLU RA 353 52.15 110.75 -9.07
C GLU RA 353 51.10 109.71 -8.72
N TYR RA 354 50.17 109.43 -9.62
CA TYR RA 354 49.11 108.45 -9.39
C TYR RA 354 49.38 107.11 -10.05
N LYS RA 355 50.51 106.94 -10.72
CA LYS RA 355 50.69 105.90 -11.72
C LYS RA 355 51.22 104.61 -11.11
N ILE RA 356 51.23 104.52 -9.79
CA ILE RA 356 51.92 103.51 -8.99
C ILE RA 356 53.40 103.59 -9.34
N GLN RA 357 54.15 102.52 -9.07
CA GLN RA 357 55.57 102.40 -9.36
C GLN RA 357 56.06 101.22 -8.51
N TRP RA 358 57.19 100.60 -8.84
CA TRP RA 358 57.89 99.76 -7.87
C TRP RA 358 59.30 99.52 -8.35
N TYR RA 359 60.17 99.12 -7.43
CA TYR RA 359 61.58 99.00 -7.78
C TYR RA 359 61.98 97.60 -8.19
N GLN RA 360 61.12 96.61 -7.96
CA GLN RA 360 61.38 95.20 -8.28
C GLN RA 360 62.77 94.75 -7.89
N THR RA 361 63.30 95.31 -6.79
CA THR RA 361 64.66 95.07 -6.34
C THR RA 361 64.88 95.82 -5.04
N PRO RA 362 65.47 95.18 -4.03
CA PRO RA 362 65.80 95.92 -2.81
C PRO RA 362 66.94 96.89 -2.99
N GLN RA 363 67.84 96.62 -3.93
CA GLN RA 363 68.96 97.53 -4.17
C GLN RA 363 68.52 98.78 -4.91
N GLY RA 364 67.26 98.85 -5.33
CA GLY RA 364 66.80 99.98 -6.11
C GLY RA 364 66.89 101.32 -5.40
N THR RA 365 67.61 102.25 -6.02
CA THR RA 365 67.74 103.61 -5.50
C THR RA 365 66.55 104.43 -5.99
N ASN RA 366 66.60 105.75 -5.82
CA ASN RA 366 65.46 106.58 -6.18
C ASN RA 366 65.02 106.35 -7.62
N ASN RA 367 65.90 106.57 -8.58
CA ASN RA 367 65.67 106.14 -9.94
C ASN RA 367 66.69 105.08 -10.30
N ASN RA 368 66.24 103.83 -10.31
CA ASN RA 368 66.95 102.60 -10.65
C ASN RA 368 65.93 101.51 -10.39
N GLY RA 369 66.05 100.36 -11.02
CA GLY RA 369 64.90 99.48 -10.97
C GLY RA 369 63.74 100.30 -11.48
N ASN RA 370 62.75 100.50 -10.61
CA ASN RA 370 61.83 101.64 -10.76
C ASN RA 370 60.96 101.51 -12.00
N ILE RA 371 60.36 100.35 -12.21
CA ILE RA 371 59.47 100.19 -13.34
C ILE RA 371 58.12 100.80 -12.98
N ILE RA 372 57.55 101.53 -13.90
CA ILE RA 372 56.36 102.33 -13.64
C ILE RA 372 55.20 101.75 -14.40
N SER RA 373 54.03 101.71 -13.77
CA SER RA 373 52.85 101.17 -14.42
C SER RA 373 52.48 102.03 -15.63
N ASN RA 374 51.74 101.43 -16.55
CA ASN RA 374 51.42 102.06 -17.81
C ASN RA 374 49.98 101.71 -18.20
N GLN RA 375 49.46 102.37 -19.21
CA GLN RA 375 48.09 102.10 -19.61
C GLN RA 375 48.02 100.80 -20.42
N PRO RA 376 47.05 99.93 -20.12
CA PRO RA 376 46.93 98.67 -20.89
C PRO RA 376 46.50 98.89 -22.32
N LEU RA 377 45.99 100.08 -22.64
CA LEU RA 377 45.34 100.43 -23.89
C LEU RA 377 43.98 99.75 -24.02
N SER RA 378 43.60 98.93 -23.03
CA SER RA 378 42.21 98.51 -22.90
C SER RA 378 41.33 99.72 -22.71
N MET RA 379 40.11 99.64 -23.24
CA MET RA 379 39.24 100.81 -23.29
C MET RA 379 38.34 100.95 -22.07
N LEU RA 380 38.47 100.09 -21.07
CA LEU RA 380 37.46 100.13 -20.02
C LEU RA 380 37.51 101.25 -18.98
N ARG RA 381 38.44 101.41 -18.02
CA ARG RA 381 39.91 101.20 -17.89
C ARG RA 381 40.70 102.48 -18.24
N ASP RA 382 40.04 103.48 -18.81
CA ASP RA 382 40.69 104.78 -18.97
C ASP RA 382 39.84 105.85 -18.31
N GLN RA 383 38.63 106.07 -18.82
CA GLN RA 383 37.53 106.64 -18.06
C GLN RA 383 37.85 108.02 -17.50
N ALA RA 384 37.85 109.00 -18.39
CA ALA RA 384 37.73 110.37 -17.92
C ALA RA 384 36.29 110.66 -17.53
N LEU RA 385 36.05 111.90 -17.07
CA LEU RA 385 34.70 112.41 -16.95
C LEU RA 385 34.80 113.93 -17.01
N PHE RA 386 33.78 114.57 -17.58
CA PHE RA 386 33.93 115.93 -18.07
C PHE RA 386 32.94 116.91 -17.46
N ARG RA 387 31.64 116.66 -17.54
CA ARG RA 387 30.66 117.61 -16.99
C ARG RA 387 30.83 118.95 -17.71
N GLY RA 388 30.57 120.07 -17.04
CA GLY RA 388 30.81 121.40 -17.56
C GLY RA 388 30.16 121.69 -18.89
N ASN RA 389 30.50 122.85 -19.46
CA ASN RA 389 30.57 124.08 -18.70
C ASN RA 389 29.33 124.86 -19.10
N GLN RA 390 28.58 124.25 -20.02
CA GLN RA 390 27.65 124.81 -21.00
C GLN RA 390 28.41 125.30 -22.22
N THR RA 391 29.73 125.40 -22.15
CA THR RA 391 30.58 125.84 -23.24
C THR RA 391 31.68 124.82 -23.51
N THR RA 392 32.48 124.51 -22.49
CA THR RA 392 33.60 123.58 -22.60
C THR RA 392 33.39 122.44 -21.63
N TYR RA 393 33.98 121.28 -21.91
CA TYR RA 393 34.06 120.20 -20.95
C TYR RA 393 35.30 120.36 -20.10
N ASN RA 394 35.19 120.08 -18.81
CA ASN RA 394 36.30 120.24 -17.87
C ASN RA 394 36.45 119.00 -17.02
N LEU RA 395 37.57 118.30 -17.18
CA LEU RA 395 37.82 117.07 -16.43
C LEU RA 395 37.59 117.29 -14.95
N CYS RA 396 36.79 116.41 -14.34
CA CYS RA 396 36.31 116.62 -12.98
C CYS RA 396 37.03 115.68 -12.02
N SER RA 397 37.46 116.24 -10.89
CA SER RA 397 38.00 115.49 -9.76
C SER RA 397 36.89 114.66 -9.12
N ASP RA 398 37.31 113.73 -8.26
CA ASP RA 398 36.42 112.77 -7.62
C ASP RA 398 35.81 111.84 -8.66
N VAL RA 399 34.49 111.83 -8.82
CA VAL RA 399 33.73 110.69 -9.38
C VAL RA 399 33.70 109.54 -8.39
N TRP RA 400 32.83 109.66 -7.39
CA TRP RA 400 32.51 108.61 -6.44
C TRP RA 400 31.66 107.53 -7.08
N MET RA 401 31.18 106.59 -6.27
CA MET RA 401 30.35 105.51 -6.80
C MET RA 401 29.02 106.04 -7.30
N PHE RA 402 28.53 105.43 -8.37
CA PHE RA 402 27.32 105.82 -9.06
C PHE RA 402 26.69 104.56 -9.65
N PRO RA 403 25.35 104.52 -9.77
CA PRO RA 403 24.68 103.25 -10.08
C PRO RA 403 25.16 102.52 -11.33
N ASN RA 404 25.37 103.21 -12.43
CA ASN RA 404 25.63 102.53 -13.69
C ASN RA 404 27.10 102.33 -13.97
N GLN RA 405 27.97 102.59 -13.01
CA GLN RA 405 29.40 102.61 -13.30
C GLN RA 405 29.92 101.25 -13.72
N ILE RA 406 30.84 101.28 -14.69
CA ILE RA 406 31.69 100.14 -15.01
C ILE RA 406 33.14 100.59 -15.01
N TRP RA 407 33.98 99.81 -14.36
CA TRP RA 407 35.41 99.98 -14.47
C TRP RA 407 36.01 98.60 -14.63
N ASP RA 408 37.27 98.57 -15.01
CA ASP RA 408 37.97 97.32 -15.17
C ASP RA 408 39.02 97.22 -14.08
N ARG RA 409 39.08 96.07 -13.43
CA ARG RA 409 40.02 95.89 -12.35
C ARG RA 409 41.44 96.07 -12.89
N TYR RA 410 42.34 96.49 -12.00
CA TYR RA 410 43.69 96.81 -12.42
C TYR RA 410 44.30 95.64 -13.20
N PRO RA 411 44.96 95.89 -14.33
CA PRO RA 411 45.39 94.80 -15.22
C PRO RA 411 46.41 93.87 -14.62
N ILE RA 412 46.97 94.24 -13.48
CA ILE RA 412 48.09 93.61 -12.78
C ILE RA 412 49.24 93.32 -13.74
N THR RA 413 50.01 92.28 -13.44
CA THR RA 413 51.25 91.93 -14.13
C THR RA 413 51.90 90.80 -13.35
N ARG RA 414 53.04 90.29 -13.83
CA ARG RA 414 53.69 89.19 -13.14
C ARG RA 414 54.24 89.59 -11.78
N GLU RA 415 54.48 90.87 -11.55
CA GLU RA 415 55.13 91.34 -10.33
C GLU RA 415 54.16 91.57 -9.17
N ASN RA 416 52.90 91.33 -9.35
CA ASN RA 416 51.92 91.79 -8.39
C ASN RA 416 51.66 90.77 -7.31
N PRO RA 417 51.17 91.21 -6.16
CA PRO RA 417 50.65 90.26 -5.18
C PRO RA 417 49.38 89.59 -5.68
N ILE RA 418 49.26 88.30 -5.36
CA ILE RA 418 48.09 87.54 -5.80
C ILE RA 418 46.85 88.00 -5.07
N TRP RA 419 46.92 88.04 -3.73
CA TRP RA 419 45.76 88.29 -2.90
C TRP RA 419 46.07 89.37 -1.87
N CYS RA 420 45.00 89.83 -1.24
CA CYS RA 420 45.04 90.72 -0.10
C CYS RA 420 43.90 90.33 0.82
N LYS RA 421 44.11 90.44 2.13
CA LYS RA 421 43.07 90.04 3.06
C LYS RA 421 42.05 91.15 3.21
N LYS RA 422 40.77 90.80 3.05
CA LYS RA 422 39.69 91.73 3.27
C LYS RA 422 39.41 91.79 4.77
N PRO RA 423 39.65 92.92 5.42
CA PRO RA 423 39.46 92.99 6.87
C PRO RA 423 38.01 92.81 7.29
N ARG RA 424 37.83 92.09 8.39
CA ARG RA 424 36.50 91.80 8.90
C ARG RA 424 35.85 93.07 9.43
N SER RA 425 34.67 93.38 8.91
CA SER RA 425 33.95 94.56 9.36
C SER RA 425 32.47 94.35 9.05
N ASP RA 426 31.64 95.15 9.72
CA ASP RA 426 30.20 95.01 9.53
C ASP RA 426 29.82 95.30 8.09
N LYS RA 427 30.17 96.48 7.59
CA LYS RA 427 29.71 96.93 6.29
C LYS RA 427 30.90 97.23 5.38
N HIS RA 428 30.69 97.04 4.09
CA HIS RA 428 31.70 97.40 3.10
C HIS RA 428 31.03 97.56 1.75
N THR RA 429 31.74 98.24 0.86
CA THR RA 429 31.32 98.44 -0.52
C THR RA 429 31.88 97.35 -1.43
N THR RA 430 31.91 97.61 -2.75
CA THR RA 430 32.13 96.55 -3.74
C THR RA 430 33.38 95.73 -3.48
N ILE RA 431 34.39 96.29 -2.81
CA ILE RA 431 35.67 95.64 -2.56
C ILE RA 431 36.38 95.30 -3.87
N ASP RA 432 36.86 96.32 -4.57
CA ASP RA 432 37.82 96.10 -5.64
C ASP RA 432 39.13 96.78 -5.27
N PRO RA 433 40.17 96.05 -4.88
CA PRO RA 433 41.44 96.71 -4.54
C PRO RA 433 42.08 97.32 -5.77
N PHE RA 434 42.62 98.52 -5.60
CA PHE RA 434 43.24 99.24 -6.71
C PHE RA 434 44.68 98.84 -6.93
N ASP RA 435 45.19 97.91 -6.14
CA ASP RA 435 46.48 97.31 -6.36
C ASP RA 435 46.38 96.12 -7.30
N GLY RA 436 45.21 95.92 -7.90
CA GLY RA 436 44.90 94.64 -8.49
C GLY RA 436 44.73 93.64 -7.37
N SER RA 437 45.52 92.58 -7.40
CA SER RA 437 45.47 91.53 -6.39
C SER RA 437 44.05 91.02 -6.21
N LEU RA 438 43.68 90.69 -4.98
CA LEU RA 438 42.40 90.06 -4.71
C LEU RA 438 42.06 90.31 -3.25
N ALA RA 439 40.80 90.13 -2.92
CA ALA RA 439 40.34 90.21 -1.54
C ALA RA 439 39.69 88.89 -1.17
N MET RA 440 40.04 88.37 0.00
CA MET RA 440 39.44 87.15 0.48
C MET RA 440 39.14 87.28 1.96
N ASP RA 441 38.03 86.68 2.39
CA ASP RA 441 37.75 86.58 3.81
C ASP RA 441 38.91 85.93 4.53
N HIS RA 442 39.24 84.71 4.12
CA HIS RA 442 40.40 84.00 4.63
C HIS RA 442 41.36 83.77 3.49
N PRO RA 443 42.45 84.51 3.41
CA PRO RA 443 43.49 84.21 2.44
C PRO RA 443 44.28 82.99 2.91
N PRO RA 444 45.32 82.60 2.20
CA PRO RA 444 46.22 81.57 2.74
C PRO RA 444 46.73 81.99 4.10
N GLY RA 445 46.58 81.10 5.07
CA GLY RA 445 47.07 81.39 6.41
C GLY RA 445 48.57 81.50 6.40
N THR RA 446 49.09 82.57 6.99
CA THR RA 446 50.53 82.76 7.04
C THR RA 446 51.15 81.64 7.88
N ILE RA 447 52.19 81.04 7.34
CA ILE RA 447 52.93 80.00 8.05
C ILE RA 447 54.07 80.65 8.79
N PHE RA 448 54.08 80.49 10.11
CA PHE RA 448 55.09 81.08 10.96
C PHE RA 448 56.06 80.00 11.39
N ILE RA 449 57.31 80.40 11.61
CA ILE RA 449 58.35 79.45 11.95
C ILE RA 449 59.39 80.15 12.83
N LYS RA 450 59.91 79.42 13.81
CA LYS RA 450 60.79 79.97 14.82
C LYS RA 450 61.82 78.90 15.16
N MET RA 451 62.88 79.31 15.84
CA MET RA 451 64.04 78.46 16.06
C MET RA 451 64.06 77.72 17.38
N ALA RA 452 62.99 77.77 18.17
CA ALA RA 452 62.93 76.92 19.35
C ALA RA 452 64.07 77.19 20.33
N LYS RA 453 63.95 78.26 21.12
CA LYS RA 453 65.03 78.71 21.98
C LYS RA 453 65.63 77.57 22.77
N ILE RA 454 66.95 77.44 22.68
CA ILE RA 454 67.67 76.45 23.47
C ILE RA 454 68.53 77.23 24.46
N PRO RA 455 68.16 77.27 25.73
CA PRO RA 455 68.89 78.11 26.68
C PRO RA 455 70.18 77.42 27.12
N VAL RA 456 70.95 78.15 27.91
CA VAL RA 456 72.22 77.64 28.40
C VAL RA 456 72.36 78.10 29.84
N PRO RA 457 72.96 77.30 30.71
CA PRO RA 457 72.97 77.65 32.13
C PRO RA 457 73.94 78.79 32.43
N SER RA 458 73.59 79.58 33.43
CA SER RA 458 74.46 80.65 33.89
C SER RA 458 74.17 80.92 35.37
N ASN RA 459 74.95 81.83 35.95
CA ASN RA 459 74.83 82.14 37.37
C ASN RA 459 73.75 83.17 37.65
N ASN RA 460 73.65 84.20 36.81
CA ASN RA 460 72.84 85.38 37.07
C ASN RA 460 71.38 85.14 37.54
N ASN RA 461 70.60 84.28 36.89
CA ASN RA 461 70.99 83.51 35.71
C ASN RA 461 70.40 84.12 34.45
N ALA RA 462 70.70 83.49 33.33
CA ALA RA 462 70.24 83.90 32.01
C ALA RA 462 70.63 85.38 31.74
N ASP RA 463 69.93 86.15 30.90
CA ASP RA 463 69.30 85.66 29.67
C ASP RA 463 70.37 85.26 28.67
N SER RA 464 70.34 83.99 28.27
CA SER RA 464 71.32 83.46 27.35
C SER RA 464 70.71 82.28 26.64
N TYR RA 465 71.18 82.04 25.43
CA TYR RA 465 70.60 81.01 24.58
C TYR RA 465 71.64 80.55 23.59
N LEU RA 466 71.37 79.42 22.97
CA LEU RA 466 72.30 78.82 22.04
C LEU RA 466 72.00 79.32 20.64
N ASN RA 467 73.04 79.65 19.88
CA ASN RA 467 72.90 80.33 18.60
C ASN RA 467 72.82 79.29 17.49
N ILE RA 468 71.67 79.19 16.85
CA ILE RA 468 71.41 78.19 15.82
C ILE RA 468 70.63 78.84 14.69
N TYR RA 469 70.50 78.11 13.59
CA TYR RA 469 69.61 78.52 12.51
C TYR RA 469 69.12 77.27 11.80
N CYS RA 470 68.00 77.42 11.11
CA CYS RA 470 67.38 76.31 10.41
C CYS RA 470 67.49 76.52 8.92
N THR RA 471 67.45 75.43 8.18
CA THR RA 471 67.52 75.48 6.74
C THR RA 471 66.70 74.33 6.20
N GLY RA 472 65.98 74.57 5.12
CA GLY RA 472 65.11 73.53 4.62
C GLY RA 472 64.48 73.94 3.33
N GLN RA 473 63.45 73.18 2.94
CA GLN RA 473 62.85 73.35 1.63
C GLN RA 473 61.35 73.46 1.75
N VAL RA 474 60.81 74.55 1.25
CA VAL RA 474 59.36 74.73 1.13
C VAL RA 474 58.98 74.39 -0.30
N SER RA 475 57.90 73.66 -0.47
CA SER RA 475 57.35 73.41 -1.79
C SER RA 475 55.94 73.95 -1.79
N CYS RA 476 55.70 75.01 -2.54
CA CYS RA 476 54.37 75.59 -2.66
C CYS RA 476 53.80 75.15 -3.98
N GLU RA 477 52.82 74.26 -3.95
CA GLU RA 477 52.18 73.71 -5.14
C GLU RA 477 50.74 74.17 -5.14
N ILE RA 478 50.38 75.05 -6.07
CA ILE RA 478 49.06 75.66 -6.09
C ILE RA 478 48.39 75.35 -7.41
N VAL RA 479 47.08 75.12 -7.34
CA VAL RA 479 46.28 74.78 -8.50
C VAL RA 479 45.46 76.00 -8.89
N TRP RA 480 45.35 76.25 -10.18
CA TRP RA 480 44.71 77.45 -10.69
C TRP RA 480 43.52 77.03 -11.53
N GLU RA 481 42.32 77.42 -11.11
CA GLU RA 481 41.19 77.34 -12.02
C GLU RA 481 41.44 78.27 -13.18
N VAL RA 482 41.34 77.75 -14.39
CA VAL RA 482 41.74 78.48 -15.57
C VAL RA 482 40.71 78.23 -16.67
N GLU RA 483 40.46 79.26 -17.48
CA GLU RA 483 39.47 79.17 -18.55
C GLU RA 483 40.08 79.68 -19.84
N ARG RA 484 39.84 78.95 -20.93
CA ARG RA 484 40.52 79.20 -22.20
C ARG RA 484 39.58 79.95 -23.14
N TYR RA 485 40.16 80.82 -23.97
CA TYR RA 485 39.36 81.78 -24.70
C TYR RA 485 39.05 81.30 -26.10
N ALA RA 486 37.84 81.62 -26.56
CA ALA RA 486 37.44 81.47 -27.94
C ALA RA 486 36.73 82.74 -28.36
N THR RA 487 36.95 83.16 -29.60
CA THR RA 487 36.36 84.42 -30.04
C THR RA 487 36.10 84.36 -31.53
N LYS RA 488 35.19 85.23 -31.98
CA LYS RA 488 34.83 85.32 -33.37
C LYS RA 488 35.58 86.39 -34.12
N ASN RA 489 36.52 87.06 -33.48
CA ASN RA 489 37.30 88.07 -34.16
C ASN RA 489 38.05 87.46 -35.33
N TRP RA 490 38.10 88.19 -36.43
CA TRP RA 490 38.82 87.73 -37.61
C TRP RA 490 40.31 88.00 -37.49
N ARG RA 491 40.68 89.04 -36.80
CA ARG RA 491 42.04 89.58 -36.83
C ARG RA 491 42.95 88.95 -35.79
N PRO RA 492 44.26 89.11 -35.96
CA PRO RA 492 45.23 88.36 -35.14
C PRO RA 492 45.22 88.65 -33.63
N GLU RA 493 44.58 89.72 -33.16
CA GLU RA 493 44.64 90.13 -31.74
C GLU RA 493 46.10 90.40 -31.37
N ARG RA 494 46.51 90.08 -30.15
CA ARG RA 494 47.79 90.52 -29.63
C ARG RA 494 48.29 89.49 -28.62
N ARG RA 495 49.61 89.35 -28.55
CA ARG RA 495 50.23 88.41 -27.63
C ARG RA 495 51.40 89.10 -26.97
N HIS RA 496 52.14 88.36 -26.15
CA HIS RA 496 53.35 88.88 -25.53
C HIS RA 496 54.55 88.20 -26.17
N THR RA 497 55.23 88.94 -27.02
CA THR RA 497 56.51 88.53 -27.58
C THR RA 497 57.64 88.86 -26.62
N THR RA 498 58.76 88.15 -26.79
CA THR RA 498 60.01 88.63 -26.24
C THR RA 498 60.43 89.95 -26.86
N PHE RA 499 59.86 90.34 -28.00
CA PHE RA 499 60.31 91.58 -28.61
C PHE RA 499 59.94 92.80 -27.78
N GLY RA 500 58.95 92.70 -26.92
CA GLY RA 500 58.76 93.75 -25.93
C GLY RA 500 59.93 93.84 -24.97
N LEU RA 501 60.62 92.73 -24.78
CA LEU RA 501 61.77 92.66 -23.89
C LEU RA 501 62.98 93.35 -24.53
N GLY RA 502 63.97 93.66 -23.70
CA GLY RA 502 65.16 94.34 -24.19
C GLY RA 502 66.38 93.88 -23.45
N ILE RA 503 67.54 94.19 -24.04
CA ILE RA 503 68.82 93.64 -23.63
C ILE RA 503 69.36 94.44 -22.45
N GLY RA 504 70.08 93.77 -21.54
CA GLY RA 504 70.60 94.48 -20.39
C GLY RA 504 71.60 93.65 -19.60
N GLY RA 505 72.22 94.32 -18.63
CA GLY RA 505 73.12 93.75 -17.65
C GLY RA 505 74.57 93.73 -18.11
N ALA RA 506 75.48 93.95 -17.16
CA ALA RA 506 76.93 93.93 -17.37
C ALA RA 506 77.34 94.66 -18.65
N ASP RA 507 78.23 94.03 -19.42
CA ASP RA 507 78.27 94.30 -20.84
C ASP RA 507 76.95 93.84 -21.43
N ASN RA 508 76.37 94.64 -22.32
CA ASN RA 508 74.93 94.61 -22.55
C ASN RA 508 74.38 93.20 -22.75
N LEU RA 509 75.23 92.24 -23.10
CA LEU RA 509 74.82 90.89 -23.45
C LEU RA 509 73.90 90.28 -22.40
N ASN RA 510 73.05 89.37 -22.89
CA ASN RA 510 71.91 88.66 -22.30
C ASN RA 510 70.70 89.58 -22.35
N PRO RA 511 69.52 89.07 -22.66
CA PRO RA 511 68.42 90.00 -22.92
C PRO RA 511 67.74 90.60 -21.70
N THR RA 512 66.90 89.81 -21.02
CA THR RA 512 66.12 90.37 -19.92
C THR RA 512 65.94 89.39 -18.77
N TYR RA 513 65.18 88.33 -18.98
CA TYR RA 513 65.08 87.32 -17.94
C TYR RA 513 66.15 86.28 -18.21
N HIS RA 514 67.24 86.40 -17.46
CA HIS RA 514 68.45 85.67 -17.81
C HIS RA 514 69.55 86.09 -16.86
N VAL RA 515 70.59 85.27 -16.78
CA VAL RA 515 71.69 85.53 -15.87
C VAL RA 515 72.73 86.48 -16.48
N ASP RA 516 73.46 87.16 -15.61
CA ASP RA 516 74.59 88.00 -15.96
C ASP RA 516 75.87 87.15 -15.96
N LYS RA 517 77.05 87.76 -15.97
CA LYS RA 517 78.26 86.96 -16.17
C LYS RA 517 79.23 86.42 -15.06
N ASN RA 518 79.27 86.79 -13.77
CA ASN RA 518 78.67 87.88 -12.99
C ASN RA 518 77.29 87.53 -12.51
N GLY RA 519 76.83 86.31 -12.78
CA GLY RA 519 75.42 86.07 -12.95
C GLY RA 519 74.53 86.64 -11.89
N THR RA 520 73.72 87.58 -12.37
CA THR RA 520 72.68 88.25 -11.61
C THR RA 520 71.50 88.38 -12.55
N TYR RA 521 70.37 87.85 -12.14
CA TYR RA 521 69.19 87.81 -12.97
C TYR RA 521 68.83 89.22 -13.41
N ILE RA 522 68.77 89.44 -14.72
CA ILE RA 522 68.53 90.79 -15.23
C ILE RA 522 67.09 91.17 -14.98
N GLN RA 523 66.89 92.29 -14.47
CA GLN RA 523 65.50 92.59 -14.17
C GLN RA 523 64.83 93.26 -15.37
N PRO RA 524 63.54 92.99 -15.54
CA PRO RA 524 62.78 93.66 -16.60
C PRO RA 524 62.65 95.15 -16.31
N THR RA 525 62.91 95.96 -17.32
CA THR RA 525 62.92 97.42 -17.19
C THR RA 525 61.70 98.00 -17.88
N THR RA 526 60.98 98.83 -17.14
CA THR RA 526 59.61 99.35 -17.29
C THR RA 526 58.52 98.28 -17.39
N TRP RA 527 57.37 98.67 -17.96
CA TRP RA 527 56.12 97.97 -17.64
C TRP RA 527 55.85 96.82 -18.59
N ASP RA 528 56.07 97.02 -19.88
CA ASP RA 528 55.72 96.00 -20.87
C ASP RA 528 56.54 94.74 -20.71
N MET RA 529 57.77 94.85 -20.23
CA MET RA 529 58.62 93.69 -19.98
C MET RA 529 57.84 92.63 -19.20
N CYS RA 530 57.54 92.92 -17.94
CA CYS RA 530 56.54 92.15 -17.22
C CYS RA 530 55.27 92.14 -18.04
N PHE RA 531 54.72 90.97 -18.31
CA PHE RA 531 53.66 90.90 -19.31
C PHE RA 531 52.31 90.96 -18.62
N PRO RA 532 51.60 92.09 -18.69
CA PRO RA 532 50.38 92.23 -17.91
C PRO RA 532 49.24 91.48 -18.59
N VAL RA 533 48.37 90.90 -17.78
CA VAL RA 533 47.11 90.44 -18.33
C VAL RA 533 46.25 91.65 -18.64
N LYS RA 534 45.21 91.44 -19.44
CA LYS RA 534 44.17 92.40 -19.77
C LYS RA 534 44.60 93.27 -20.94
N THR RA 535 45.83 93.14 -21.42
CA THR RA 535 46.27 93.81 -22.63
C THR RA 535 46.09 92.94 -23.87
N ASN RA 536 45.58 91.73 -23.72
CA ASN RA 536 45.49 90.79 -24.82
C ASN RA 536 44.06 90.31 -24.99
N ILE RA 537 43.92 89.38 -25.94
CA ILE RA 537 42.65 88.81 -26.37
C ILE RA 537 41.72 89.97 -26.76
N ASN RA 538 40.42 89.77 -26.59
CA ASN RA 538 39.39 90.80 -26.73
C ASN RA 538 38.14 90.28 -26.08
N LYS RA 539 37.20 91.17 -25.78
CA LYS RA 539 35.88 90.75 -25.36
C LYS RA 539 34.86 91.68 -25.96
N VAL RA 540 33.82 91.11 -26.55
CA VAL RA 540 32.64 91.91 -26.85
C VAL RA 540 31.96 92.25 -25.52
N LEU RA 541 31.74 93.53 -25.30
CA LEU RA 541 31.11 93.96 -24.07
C LEU RA 541 29.63 93.62 -24.07
N GLY SA 34 1.84 68.83 -45.85
CA GLY SA 34 2.69 68.93 -47.02
C GLY SA 34 3.95 69.74 -46.81
N SER SA 35 4.74 69.90 -47.87
CA SER SA 35 5.98 70.65 -47.79
C SER SA 35 6.33 71.17 -49.18
N GLY SA 36 7.21 72.16 -49.23
CA GLY SA 36 7.69 72.72 -50.47
C GLY SA 36 7.02 74.03 -50.81
N VAL SA 37 7.39 74.56 -51.97
CA VAL SA 37 6.77 75.77 -52.48
C VAL SA 37 5.28 75.53 -52.69
N GLY SA 38 4.48 76.55 -52.40
CA GLY SA 38 3.04 76.43 -52.52
C GLY SA 38 2.34 75.95 -51.29
N ILE SA 39 3.07 75.69 -50.21
CA ILE SA 39 2.49 75.28 -48.94
C ILE SA 39 3.03 76.25 -47.89
N SER SA 40 2.14 77.04 -47.30
CA SER SA 40 2.57 78.03 -46.33
C SER SA 40 3.13 77.34 -45.10
N THR SA 41 4.16 77.93 -44.51
CA THR SA 41 4.83 77.26 -43.41
C THR SA 41 4.09 77.47 -42.09
N GLY SA 42 3.67 78.71 -41.83
CA GLY SA 42 2.93 79.00 -40.62
C GLY SA 42 1.96 80.13 -40.88
N GLY SA 43 1.00 80.27 -39.98
CA GLY SA 43 -0.05 81.26 -40.12
C GLY SA 43 0.20 82.50 -39.27
N TRP SA 44 -0.70 83.46 -39.42
CA TRP SA 44 -0.65 84.69 -38.66
C TRP SA 44 -0.99 84.42 -37.20
N VAL SA 45 -0.50 85.29 -36.32
CA VAL SA 45 -0.61 85.10 -34.88
C VAL SA 45 -0.78 86.46 -34.21
N GLY SA 46 -1.49 86.49 -33.09
CA GLY SA 46 -1.56 87.69 -32.30
C GLY SA 46 -2.70 87.63 -31.30
N GLY SA 47 -2.94 88.77 -30.63
CA GLY SA 47 -4.14 89.00 -29.85
C GLY SA 47 -3.99 88.97 -28.34
N SER SA 48 -2.79 88.80 -27.84
CA SER SA 48 -2.46 88.67 -26.41
C SER SA 48 -3.25 87.61 -25.64
N TYR SA 49 -3.26 87.72 -24.31
CA TYR SA 49 -3.88 86.66 -23.51
C TYR SA 49 -4.48 87.11 -22.18
N PHE SA 50 -3.62 87.53 -21.24
CA PHE SA 50 -3.98 87.98 -19.89
C PHE SA 50 -4.60 86.98 -18.93
N THR SA 51 -3.77 86.12 -18.34
CA THR SA 51 -4.09 85.38 -17.12
C THR SA 51 -3.38 86.02 -15.94
N ASP SA 52 -3.98 85.88 -14.75
CA ASP SA 52 -3.45 86.46 -13.52
C ASP SA 52 -1.96 86.22 -13.31
N SER SA 53 -1.51 85.00 -13.61
CA SER SA 53 -0.11 84.66 -13.38
C SER SA 53 0.80 85.14 -14.50
N TYR SA 54 0.32 85.21 -15.73
CA TYR SA 54 1.19 85.58 -16.84
C TYR SA 54 0.36 86.14 -17.98
N VAL SA 55 1.03 86.89 -18.84
CA VAL SA 55 0.44 87.50 -20.03
C VAL SA 55 1.23 87.05 -21.24
N ILE SA 56 0.55 86.49 -22.23
CA ILE SA 56 1.17 86.05 -23.46
C ILE SA 56 0.80 87.02 -24.56
N THR SA 57 1.77 87.79 -25.04
CA THR SA 57 1.56 88.69 -26.16
C THR SA 57 2.10 88.05 -27.42
N LYS SA 58 1.30 88.07 -28.47
CA LYS SA 58 1.64 87.46 -29.75
C LYS SA 58 1.58 88.54 -30.81
N ASN SA 59 2.53 88.51 -31.73
CA ASN SA 59 2.59 89.51 -32.78
C ASN SA 59 3.15 88.87 -34.04
N THR SA 60 2.82 89.46 -35.19
CA THR SA 60 3.29 88.97 -36.46
C THR SA 60 3.50 90.16 -37.38
N ARG SA 61 4.48 90.07 -38.28
CA ARG SA 61 4.86 91.19 -39.11
C ARG SA 61 5.13 90.74 -40.52
N GLN SA 62 5.26 91.71 -41.40
CA GLN SA 62 5.73 91.51 -42.75
C GLN SA 62 7.01 92.33 -42.90
N PHE SA 63 8.09 91.71 -43.32
CA PHE SA 63 9.38 92.39 -43.37
C PHE SA 63 10.00 92.22 -44.74
N LEU SA 64 11.03 93.00 -45.03
CA LEU SA 64 11.80 92.77 -46.23
C LEU SA 64 13.27 93.11 -46.01
N VAL SA 65 14.14 92.31 -46.63
CA VAL SA 65 15.58 92.47 -46.56
C VAL SA 65 16.04 93.00 -47.90
N LYS SA 66 16.83 94.07 -47.90
CA LYS SA 66 17.03 94.90 -49.07
C LYS SA 66 18.36 94.65 -49.80
N ILE SA 67 19.23 93.77 -49.31
CA ILE SA 67 20.62 93.72 -49.75
C ILE SA 67 21.29 95.06 -49.48
N GLN SA 68 21.63 95.32 -48.22
CA GLN SA 68 22.36 96.54 -47.90
C GLN SA 68 23.84 96.38 -48.21
N ASN SA 69 24.45 97.47 -48.67
CA ASN SA 69 25.91 97.62 -48.71
C ASN SA 69 26.56 96.66 -49.68
N ASN SA 70 25.95 96.46 -50.84
CA ASN SA 70 26.32 95.37 -51.75
C ASN SA 70 26.32 94.12 -50.87
N HIS SA 71 27.25 93.19 -51.05
CA HIS SA 71 27.50 92.23 -49.98
C HIS SA 71 28.79 92.48 -49.24
N GLN SA 72 29.58 93.45 -49.68
CA GLN SA 72 30.81 93.79 -49.00
C GLN SA 72 30.54 94.65 -47.78
N TYR SA 73 31.55 94.70 -46.90
CA TYR SA 73 31.49 95.33 -45.58
C TYR SA 73 31.81 96.82 -45.58
N LYS SA 74 33.01 97.19 -46.02
CA LYS SA 74 33.59 98.52 -45.87
C LYS SA 74 33.71 98.95 -44.42
N THR SA 75 33.78 100.26 -44.19
CA THR SA 75 33.98 100.83 -42.87
C THR SA 75 33.06 102.05 -42.69
N GLU SA 76 33.18 102.99 -43.63
CA GLU SA 76 32.28 104.12 -43.89
C GLU SA 76 32.55 105.42 -43.15
N LEU SA 77 33.32 105.40 -42.06
CA LEU SA 77 33.80 106.62 -41.40
C LEU SA 77 32.72 107.71 -41.39
N ILE SA 78 31.68 107.49 -40.58
CA ILE SA 78 30.38 108.10 -40.86
C ILE SA 78 30.44 109.62 -41.02
N SER SA 79 30.49 110.34 -39.90
CA SER SA 79 30.68 111.79 -39.81
C SER SA 79 29.57 112.58 -40.49
N PRO SA 80 29.26 113.77 -40.02
CA PRO SA 80 28.80 114.82 -40.93
C PRO SA 80 29.98 115.73 -41.27
N SER SA 81 29.77 116.74 -42.09
CA SER SA 81 30.78 117.79 -42.21
C SER SA 81 30.18 119.19 -42.37
N THR SA 82 30.46 120.16 -41.49
CA THR SA 82 30.89 120.05 -40.06
C THR SA 82 31.96 119.02 -39.66
N SER SA 83 33.10 119.07 -40.34
CA SER SA 83 34.19 118.13 -40.08
C SER SA 83 34.63 118.14 -38.62
N GLN SA 84 34.27 119.17 -37.86
CA GLN SA 84 34.55 119.19 -36.43
C GLN SA 84 33.82 118.07 -35.67
N GLY SA 85 32.90 117.37 -36.32
CA GLY SA 85 32.13 116.36 -35.63
C GLY SA 85 32.97 115.18 -35.17
N LYS SA 86 32.29 114.23 -34.53
CA LYS SA 86 32.98 113.07 -33.97
C LYS SA 86 33.58 112.19 -35.06
N SER SA 87 32.81 111.94 -36.11
CA SER SA 87 33.30 111.19 -37.27
C SER SA 87 33.71 109.76 -36.90
N GLN SA 88 32.82 109.07 -36.19
CA GLN SA 88 33.06 107.68 -35.86
C GLN SA 88 33.21 106.86 -37.14
N ARG SA 89 34.16 105.92 -37.12
CA ARG SA 89 34.48 105.20 -38.35
C ARG SA 89 33.49 104.08 -38.61
N CYS SA 90 33.05 103.41 -37.55
CA CYS SA 90 32.14 102.27 -37.61
C CYS SA 90 32.58 101.15 -38.55
N VAL SA 91 31.61 100.32 -38.94
CA VAL SA 91 31.76 99.24 -39.91
C VAL SA 91 30.37 98.98 -40.47
N SER SA 92 30.27 98.73 -41.75
CA SER SA 92 28.99 98.37 -42.33
C SER SA 92 29.06 96.91 -42.74
N THR SA 93 27.93 96.23 -42.73
CA THR SA 93 27.87 94.83 -43.06
C THR SA 93 26.71 94.58 -44.01
N PRO SA 94 26.74 93.50 -44.78
CA PRO SA 94 25.58 93.15 -45.61
C PRO SA 94 24.38 92.73 -44.79
N TRP SA 95 24.55 92.47 -43.51
CA TRP SA 95 23.49 91.88 -42.70
C TRP SA 95 22.49 92.92 -42.25
N SER SA 96 21.26 92.46 -42.04
CA SER SA 96 20.20 93.21 -41.40
C SER SA 96 19.77 92.42 -40.18
N TYR SA 97 19.08 93.08 -39.25
CA TYR SA 97 18.76 92.41 -38.01
C TYR SA 97 17.35 92.78 -37.54
N PHE SA 98 16.80 91.89 -36.72
CA PHE SA 98 15.50 92.08 -36.10
C PHE SA 98 15.69 92.69 -34.72
N ASN SA 99 15.12 93.87 -34.51
CA ASN SA 99 15.10 94.51 -33.20
C ASN SA 99 13.70 94.36 -32.64
N PHE SA 100 13.55 93.56 -31.60
CA PHE SA 100 12.26 93.38 -30.95
C PHE SA 100 12.10 94.22 -29.69
N ASN SA 101 13.04 95.11 -29.40
CA ASN SA 101 13.12 95.72 -28.07
C ASN SA 101 12.32 97.01 -28.07
N GLN SA 102 11.14 96.95 -27.46
CA GLN SA 102 10.28 98.08 -27.15
C GLN SA 102 8.99 97.50 -26.59
N TYR SA 103 8.27 98.29 -25.81
CA TYR SA 103 6.99 97.79 -25.32
C TYR SA 103 5.88 98.00 -26.34
N SER SA 104 5.86 99.15 -27.00
CA SER SA 104 4.77 99.45 -27.92
C SER SA 104 4.71 98.48 -29.08
N SER SA 105 5.74 97.68 -29.28
CA SER SA 105 5.69 96.68 -30.33
C SER SA 105 4.86 95.48 -29.91
N HIS SA 106 4.97 95.08 -28.65
CA HIS SA 106 4.34 93.86 -28.17
C HIS SA 106 2.99 94.09 -27.51
N PHE SA 107 2.60 95.34 -27.25
CA PHE SA 107 1.38 95.62 -26.53
C PHE SA 107 0.55 96.63 -27.30
N SER SA 108 -0.70 96.28 -27.57
CA SER SA 108 -1.63 97.26 -28.10
C SER SA 108 -1.89 98.30 -27.03
N PRO SA 109 -2.34 99.49 -27.42
CA PRO SA 109 -2.69 100.49 -26.42
C PRO SA 109 -3.71 100.03 -25.41
N GLN SA 110 -4.51 99.01 -25.72
CA GLN SA 110 -5.35 98.42 -24.70
C GLN SA 110 -4.66 97.34 -23.88
N ASP SA 111 -3.88 96.46 -24.52
CA ASP SA 111 -3.16 95.45 -23.75
C ASP SA 111 -2.26 96.11 -22.72
N TRP SA 112 -1.36 96.97 -23.15
CA TRP SA 112 -0.84 97.99 -22.27
C TRP SA 112 -2.02 98.79 -21.77
N GLN SA 113 -1.99 99.19 -20.51
CA GLN SA 113 -3.14 99.76 -19.78
C GLN SA 113 -4.09 98.68 -19.29
N ARG SA 114 -4.07 97.49 -19.85
CA ARG SA 114 -4.70 96.41 -19.12
C ARG SA 114 -3.77 95.86 -18.07
N LEU SA 115 -2.48 95.75 -18.37
CA LEU SA 115 -1.53 95.39 -17.31
C LEU SA 115 -1.12 96.56 -16.47
N THR SA 116 -0.99 97.74 -17.06
CA THR SA 116 -0.59 98.91 -16.28
C THR SA 116 -1.63 99.22 -15.21
N ASN SA 117 -2.90 98.97 -15.51
CA ASN SA 117 -3.94 99.18 -14.52
C ASN SA 117 -4.05 98.01 -13.57
N GLU SA 118 -3.96 96.79 -14.07
CA GLU SA 118 -4.37 95.62 -13.29
C GLU SA 118 -3.24 94.89 -12.59
N TYR SA 119 -1.98 95.29 -12.74
CA TYR SA 119 -0.90 94.49 -12.17
C TYR SA 119 0.16 95.33 -11.48
N LYS SA 120 0.73 94.76 -10.42
CA LYS SA 120 1.85 95.42 -9.73
C LYS SA 120 3.08 95.46 -10.60
N ARG SA 121 3.47 94.31 -11.15
CA ARG SA 121 4.79 94.19 -11.72
C ARG SA 121 4.76 93.12 -12.80
N PHE SA 122 5.71 93.22 -13.70
CA PHE SA 122 5.80 92.26 -14.78
C PHE SA 122 7.22 92.22 -15.28
N ARG SA 123 7.63 91.07 -15.79
CA ARG SA 123 8.89 90.95 -16.48
C ARG SA 123 8.71 89.91 -17.57
N PRO SA 124 9.38 90.05 -18.69
CA PRO SA 124 9.26 89.03 -19.73
C PRO SA 124 9.88 87.72 -19.27
N LYS SA 125 9.11 86.66 -19.36
CA LYS SA 125 9.58 85.35 -18.95
C LYS SA 125 10.35 84.64 -20.06
N GLY SA 126 9.85 84.70 -21.28
CA GLY SA 126 10.45 83.99 -22.39
C GLY SA 126 10.06 84.64 -23.69
N MET SA 127 10.65 84.15 -24.77
CA MET SA 127 10.44 84.73 -26.08
C MET SA 127 10.58 83.64 -27.13
N HIS SA 128 9.74 83.68 -28.14
CA HIS SA 128 9.72 82.67 -29.18
C HIS SA 128 9.50 83.38 -30.51
N VAL SA 129 10.43 83.21 -31.44
CA VAL SA 129 10.41 83.94 -32.70
C VAL SA 129 10.41 82.93 -33.83
N LYS SA 130 9.61 83.20 -34.87
CA LYS SA 130 9.50 82.31 -36.01
C LYS SA 130 9.58 83.11 -37.29
N ILE SA 131 10.56 82.80 -38.12
CA ILE SA 131 10.62 83.30 -39.49
C ILE SA 131 9.92 82.27 -40.35
N TYR SA 132 9.05 82.72 -41.25
CA TYR SA 132 8.36 81.79 -42.12
C TYR SA 132 7.73 82.56 -43.27
N ASN SA 133 7.11 81.83 -44.18
CA ASN SA 133 6.47 82.39 -45.36
C ASN SA 133 7.41 83.31 -46.11
N LEU SA 134 8.60 82.82 -46.42
CA LEU SA 134 9.61 83.63 -47.07
C LEU SA 134 9.33 83.74 -48.56
N GLN SA 135 9.80 84.84 -49.16
CA GLN SA 135 9.64 85.08 -50.59
C GLN SA 135 10.87 85.79 -51.10
N ILE SA 136 11.39 85.36 -52.25
CA ILE SA 136 12.52 86.02 -52.89
C ILE SA 136 12.02 86.52 -54.24
N LYS SA 137 11.97 87.84 -54.42
CA LYS SA 137 11.22 88.37 -55.54
C LYS SA 137 12.03 88.83 -56.74
N GLN SA 138 13.36 88.83 -56.69
CA GLN SA 138 14.16 89.05 -57.90
C GLN SA 138 13.81 90.37 -58.59
N ILE SA 139 14.29 91.47 -58.01
CA ILE SA 139 14.10 92.78 -58.65
C ILE SA 139 14.66 92.76 -60.07
N LEU SA 140 13.90 93.33 -61.00
CA LEU SA 140 14.40 93.59 -62.35
C LEU SA 140 14.15 95.05 -62.71
N SER SA 141 15.02 95.57 -63.57
CA SER SA 141 14.87 96.92 -64.10
C SER SA 141 15.13 96.91 -65.59
N ASN SA 142 14.13 97.28 -66.37
CA ASN SA 142 14.27 97.50 -67.79
C ASN SA 142 14.62 98.94 -68.10
N GLY SA 143 14.88 99.73 -67.07
CA GLY SA 143 14.93 101.18 -67.14
C GLY SA 143 13.60 101.73 -66.69
N ALA SA 144 13.64 102.84 -65.96
CA ALA SA 144 12.49 103.39 -65.24
C ALA SA 144 11.85 102.25 -64.45
N ASP SA 145 10.52 102.21 -64.31
CA ASP SA 145 9.69 101.08 -63.92
C ASP SA 145 10.26 100.20 -62.81
N THR SA 146 10.00 98.89 -62.90
CA THR SA 146 10.61 97.75 -62.24
C THR SA 146 9.74 96.54 -62.56
N THR SA 147 10.26 95.34 -62.37
CA THR SA 147 9.45 94.13 -62.44
C THR SA 147 9.98 93.15 -61.40
N TYR SA 148 9.09 92.29 -60.92
CA TYR SA 148 9.41 91.32 -59.89
C TYR SA 148 8.96 89.96 -60.41
N ASN SA 149 9.92 89.08 -60.70
CA ASN SA 149 9.57 87.82 -61.35
C ASN SA 149 9.24 86.76 -60.32
N ASN SA 150 9.15 87.14 -59.07
CA ASN SA 150 9.26 86.23 -57.94
C ASN SA 150 10.61 85.55 -58.11
N ASP SA 151 10.71 84.31 -57.67
CA ASP SA 151 11.95 83.54 -57.80
C ASP SA 151 11.74 82.23 -57.06
N LEU SA 152 12.55 81.25 -57.42
CA LEU SA 152 12.72 80.06 -56.62
C LEU SA 152 14.21 79.77 -56.64
N THR SA 153 14.62 78.68 -56.00
CA THR SA 153 16.02 78.32 -55.90
C THR SA 153 16.87 79.50 -55.45
N ALA SA 154 16.40 80.25 -54.47
CA ALA SA 154 17.15 81.33 -53.85
C ALA SA 154 17.10 81.14 -52.35
N GLY SA 155 17.92 81.90 -51.61
CA GLY SA 155 18.15 81.61 -50.22
C GLY SA 155 18.31 82.87 -49.41
N VAL SA 156 18.19 82.68 -48.09
CA VAL SA 156 18.27 83.75 -47.12
C VAL SA 156 19.04 83.22 -45.93
N HIS SA 157 20.08 83.94 -45.54
CA HIS SA 157 20.86 83.59 -44.36
C HIS SA 157 20.15 84.12 -43.12
N ILE SA 158 20.07 83.30 -42.09
CA ILE SA 158 19.46 83.70 -40.82
C ILE SA 158 20.36 83.22 -39.70
N PHE SA 159 20.79 84.14 -38.86
CA PHE SA 159 21.76 83.87 -37.82
C PHE SA 159 21.31 84.50 -36.52
N CYS SA 160 21.49 83.78 -35.42
CA CYS SA 160 21.12 84.26 -34.10
C CYS SA 160 22.32 84.19 -33.17
N ASP SA 161 22.35 85.06 -32.17
CA ASP SA 161 23.40 85.07 -31.15
C ASP SA 161 22.88 84.44 -29.87
N GLY SA 162 23.35 83.25 -29.55
CA GLY SA 162 23.09 82.72 -28.22
C GLY SA 162 24.20 83.05 -27.27
N GLU SA 163 25.40 83.26 -27.80
CA GLU SA 163 26.56 83.57 -26.99
C GLU SA 163 26.76 85.06 -26.80
N HIS SA 164 26.08 85.89 -27.59
CA HIS SA 164 26.33 87.32 -27.67
C HIS SA 164 27.77 87.64 -27.99
N ALA SA 165 28.47 86.75 -28.68
CA ALA SA 165 29.60 87.18 -29.49
C ALA SA 165 29.05 88.08 -30.59
N TYR SA 166 29.93 88.89 -31.16
CA TYR SA 166 29.60 89.92 -32.13
C TYR SA 166 29.06 91.17 -31.45
N PRO SA 167 29.27 92.32 -32.06
CA PRO SA 167 29.02 93.61 -31.39
C PRO SA 167 27.57 93.94 -31.05
N ASN SA 168 26.58 93.14 -31.45
CA ASN SA 168 25.17 93.27 -31.07
C ASN SA 168 24.58 94.67 -31.25
N ALA SA 169 24.19 94.98 -32.50
CA ALA SA 169 23.73 96.32 -32.88
C ALA SA 169 22.74 96.91 -31.88
N THR SA 170 21.83 96.12 -31.34
CA THR SA 170 20.69 96.65 -30.61
C THR SA 170 21.13 97.62 -29.52
N HIS SA 171 20.59 98.82 -29.57
CA HIS SA 171 20.73 99.88 -28.59
C HIS SA 171 19.32 100.23 -28.15
N PRO SA 172 19.11 100.56 -26.87
CA PRO SA 172 17.73 100.67 -26.37
C PRO SA 172 16.80 101.53 -27.20
N TRP SA 173 17.18 102.74 -27.55
CA TRP SA 173 16.21 103.65 -28.17
C TRP SA 173 16.18 103.41 -29.67
N ASP SA 174 17.23 103.84 -30.36
CA ASP SA 174 17.37 103.64 -31.81
C ASP SA 174 16.08 104.08 -32.48
N GLU SA 175 15.52 103.28 -33.37
CA GLU SA 175 14.39 103.62 -34.20
C GLU SA 175 13.62 102.32 -34.31
N ASP SA 176 12.70 102.25 -35.26
CA ASP SA 176 12.25 100.98 -35.86
C ASP SA 176 11.76 100.04 -34.75
N VAL SA 177 12.48 98.96 -34.44
CA VAL SA 177 11.99 97.83 -33.67
C VAL SA 177 10.84 97.31 -34.52
N MET SA 178 9.82 96.75 -33.92
CA MET SA 178 8.66 96.37 -34.69
C MET SA 178 7.76 97.57 -34.82
N PRO SA 179 7.05 97.73 -35.94
CA PRO SA 179 6.07 98.81 -35.99
C PRO SA 179 5.01 98.52 -34.93
N GLU SA 180 4.73 99.53 -34.11
CA GLU SA 180 3.78 99.32 -33.02
C GLU SA 180 2.45 98.82 -33.54
N LEU SA 181 2.19 99.02 -34.82
CA LEU SA 181 0.92 98.72 -35.45
C LEU SA 181 1.12 97.56 -36.41
N PRO SA 182 0.42 96.43 -36.28
CA PRO SA 182 0.60 95.35 -37.26
C PRO SA 182 0.16 95.77 -38.65
N TYR SA 183 0.15 94.85 -39.60
CA TYR SA 183 -0.20 95.11 -41.01
C TYR SA 183 0.74 96.13 -41.63
N GLN SA 184 1.59 96.74 -40.81
CA GLN SA 184 2.55 97.73 -41.28
C GLN SA 184 3.85 97.00 -41.56
N THR SA 185 4.27 97.01 -42.82
CA THR SA 185 5.45 96.25 -43.20
C THR SA 185 6.68 96.76 -42.45
N TRP SA 186 7.58 95.85 -42.13
CA TRP SA 186 8.69 96.17 -41.25
C TRP SA 186 9.99 96.11 -42.03
N TYR SA 187 10.58 97.27 -42.29
CA TYR SA 187 11.82 97.36 -43.03
C TYR SA 187 12.99 97.17 -42.08
N LEU SA 188 13.82 96.19 -42.36
CA LEU SA 188 14.99 95.93 -41.54
C LEU SA 188 16.07 96.98 -41.79
N PHE SA 189 17.00 97.06 -40.85
CA PHE SA 189 18.06 98.03 -40.89
C PHE SA 189 19.42 97.33 -40.89
N GLN SA 190 20.38 97.98 -41.53
CA GLN SA 190 21.69 97.39 -41.73
C GLN SA 190 22.42 97.21 -40.41
N TYR SA 191 23.17 96.13 -40.29
CA TYR SA 191 23.95 95.88 -39.11
C TYR SA 191 25.33 96.51 -39.23
N GLY SA 192 25.74 97.24 -38.21
CA GLY SA 192 27.05 97.86 -38.18
C GLY SA 192 27.51 97.96 -36.75
N TYR SA 193 28.78 98.31 -36.59
CA TYR SA 193 29.31 98.44 -35.26
C TYR SA 193 30.54 99.32 -35.27
N ILE SA 194 30.85 99.88 -34.11
CA ILE SA 194 32.05 100.71 -33.95
C ILE SA 194 33.22 99.80 -33.59
N PRO SA 195 34.19 99.60 -34.48
CA PRO SA 195 35.36 98.81 -34.07
C PRO SA 195 36.20 99.51 -33.02
N VAL SA 196 36.50 100.79 -33.19
CA VAL SA 196 37.32 101.57 -32.28
C VAL SA 196 36.97 103.04 -32.44
N ILE SA 197 37.18 103.81 -31.36
CA ILE SA 197 37.03 105.27 -31.42
C ILE SA 197 37.85 105.81 -32.58
N HIS SA 198 37.21 106.65 -33.41
CA HIS SA 198 37.91 107.13 -34.60
C HIS SA 198 39.11 107.98 -34.24
N GLU SA 199 38.89 109.02 -33.44
CA GLU SA 199 40.03 109.66 -32.81
C GLU SA 199 40.72 108.63 -31.93
N LEU SA 200 42.00 108.84 -31.63
CA LEU SA 200 42.79 107.80 -31.00
C LEU SA 200 42.92 106.60 -31.94
N ALA SA 201 43.89 106.68 -32.87
CA ALA SA 201 44.01 105.96 -34.14
C ALA SA 201 43.61 106.78 -35.36
N GLU SA 202 43.32 108.06 -35.21
CA GLU SA 202 43.03 108.90 -36.38
C GLU SA 202 44.03 108.77 -37.56
N MET SA 203 45.35 108.74 -37.37
CA MET SA 203 46.09 109.07 -36.17
C MET SA 203 47.07 110.18 -36.52
N GLU SA 204 47.54 110.94 -35.53
CA GLU SA 204 48.32 112.12 -35.85
C GLU SA 204 49.82 111.83 -35.81
N ASP SA 205 50.44 111.79 -37.00
CA ASP SA 205 51.88 111.70 -37.16
C ASP SA 205 52.47 110.60 -36.28
N SER SA 206 53.66 110.86 -35.73
CA SER SA 206 54.20 110.11 -34.59
C SER SA 206 54.00 108.56 -34.82
N ASN SA 207 53.31 107.72 -34.03
CA ASN SA 207 52.74 107.91 -32.70
C ASN SA 207 53.06 106.72 -31.81
N ALA SA 208 52.58 105.56 -32.25
CA ALA SA 208 52.80 104.24 -31.66
C ALA SA 208 51.91 104.02 -30.44
N VAL SA 209 51.37 105.09 -29.87
CA VAL SA 209 50.31 104.93 -28.88
C VAL SA 209 48.95 104.81 -29.58
N GLU SA 210 48.75 105.58 -30.65
CA GLU SA 210 47.55 105.38 -31.46
C GLU SA 210 47.78 104.39 -32.59
N LYS SA 211 49.05 104.04 -32.86
CA LYS SA 211 49.30 102.93 -33.77
C LYS SA 211 48.76 101.65 -33.18
N ALA SA 212 49.16 101.34 -31.96
CA ALA SA 212 48.35 100.43 -31.17
C ALA SA 212 47.00 101.08 -30.91
N ILE SA 213 45.99 100.25 -30.72
CA ILE SA 213 44.58 100.61 -30.67
C ILE SA 213 44.06 100.83 -32.10
N CYS SA 214 44.96 101.16 -33.03
CA CYS SA 214 44.61 101.03 -34.43
C CYS SA 214 44.88 99.63 -34.95
N LEU SA 215 46.01 99.06 -34.55
CA LEU SA 215 46.32 97.68 -34.93
C LEU SA 215 45.36 96.71 -34.26
N GLN SA 216 44.85 97.05 -33.09
CA GLN SA 216 44.08 96.09 -32.33
C GLN SA 216 42.60 96.14 -32.66
N ILE SA 217 42.18 96.96 -33.61
CA ILE SA 217 40.74 97.08 -33.84
C ILE SA 217 40.27 95.70 -34.30
N PRO SA 218 39.29 95.11 -33.63
CA PRO SA 218 38.81 93.80 -34.05
C PRO SA 218 37.91 93.95 -35.25
N PHE SA 219 37.84 92.88 -36.03
CA PHE SA 219 36.99 92.84 -37.21
C PHE SA 219 36.13 91.60 -37.13
N PHE SA 220 34.82 91.82 -36.98
CA PHE SA 220 33.87 90.74 -36.78
C PHE SA 220 33.12 90.49 -38.08
N MET SA 221 32.80 89.23 -38.33
CA MET SA 221 32.12 88.82 -39.53
C MET SA 221 31.08 87.79 -39.14
N LEU SA 222 29.89 87.91 -39.69
CA LEU SA 222 28.85 86.99 -39.36
C LEU SA 222 28.91 85.71 -40.17
N GLU SA 223 29.94 85.55 -41.00
CA GLU SA 223 30.01 84.33 -41.78
C GLU SA 223 30.54 83.22 -40.90
N ASN SA 224 31.85 83.18 -40.63
CA ASN SA 224 32.37 82.65 -39.35
C ASN SA 224 31.49 81.55 -38.79
N SER SA 225 30.95 81.79 -37.60
CA SER SA 225 30.02 80.84 -36.98
C SER SA 225 28.87 80.50 -37.93
N ASP SA 226 28.48 79.23 -37.92
CA ASP SA 226 27.52 78.73 -38.89
C ASP SA 226 26.13 79.27 -38.64
N HIS SA 227 25.32 79.24 -39.69
CA HIS SA 227 23.95 79.73 -39.62
C HIS SA 227 23.14 79.09 -40.74
N GLU SA 228 21.83 79.20 -40.63
CA GLU SA 228 20.95 78.52 -41.56
C GLU SA 228 20.66 79.38 -42.78
N VAL SA 229 20.58 78.73 -43.93
CA VAL SA 229 20.07 79.34 -45.15
C VAL SA 229 18.69 78.74 -45.38
N LEU SA 230 17.79 79.52 -45.95
CA LEU SA 230 16.43 79.07 -46.15
C LEU SA 230 15.98 79.41 -47.56
N ARG SA 231 15.45 78.43 -48.27
CA ARG SA 231 14.68 78.77 -49.45
C ARG SA 231 13.26 79.11 -49.00
N THR SA 232 12.33 79.22 -49.96
CA THR SA 232 10.97 79.62 -49.62
C THR SA 232 10.30 78.65 -48.66
N GLY SA 233 10.20 77.38 -49.03
CA GLY SA 233 9.40 76.46 -48.24
C GLY SA 233 9.85 76.27 -46.81
N GLU SA 234 11.11 76.57 -46.52
CA GLU SA 234 11.65 76.39 -45.18
C GLU SA 234 11.30 77.55 -44.26
N SER SA 235 11.33 77.27 -42.95
CA SER SA 235 11.18 78.28 -41.91
C SER SA 235 12.22 78.05 -40.83
N THR SA 236 12.15 78.87 -39.78
CA THR SA 236 13.07 78.76 -38.66
C THR SA 236 12.39 79.27 -37.40
N GLU SA 237 12.74 78.66 -36.27
CA GLU SA 237 12.27 79.09 -34.97
C GLU SA 237 13.44 79.50 -34.11
N PHE SA 238 13.19 80.37 -33.15
CA PHE SA 238 14.18 80.73 -32.14
C PHE SA 238 13.46 80.91 -30.81
N THR SA 239 14.11 80.47 -29.73
CA THR SA 239 13.57 80.65 -28.40
C THR SA 239 14.56 81.45 -27.56
N PHE SA 240 14.03 82.06 -26.50
CA PHE SA 240 14.86 82.82 -25.59
C PHE SA 240 14.27 82.70 -24.20
N ASN SA 241 15.14 82.70 -23.20
CA ASN SA 241 14.74 82.74 -21.81
C ASN SA 241 15.43 83.91 -21.16
N PHE SA 242 14.78 84.48 -20.14
CA PHE SA 242 15.24 85.72 -19.54
C PHE SA 242 15.55 85.49 -18.07
N ASP SA 243 16.77 85.79 -17.67
CA ASP SA 243 17.08 86.08 -16.29
C ASP SA 243 16.96 87.60 -16.16
N CYS SA 244 15.92 88.05 -15.47
CA CYS SA 244 15.44 89.40 -15.68
C CYS SA 244 14.84 89.94 -14.39
N GLU SA 245 15.02 91.24 -14.18
CA GLU SA 245 14.48 91.91 -13.01
C GLU SA 245 13.07 92.40 -13.28
N TRP SA 246 12.22 92.33 -12.27
CA TRP SA 246 10.87 92.86 -12.39
C TRP SA 246 10.91 94.35 -12.69
N ILE SA 247 9.94 94.82 -13.43
CA ILE SA 247 9.66 96.25 -13.54
C ILE SA 247 8.35 96.50 -12.80
N ASN SA 248 8.37 97.42 -11.86
CA ASN SA 248 7.30 97.55 -10.89
C ASN SA 248 6.37 98.69 -11.26
N ASN SA 249 5.09 98.38 -11.38
CA ASN SA 249 4.04 99.38 -11.51
C ASN SA 249 3.41 99.54 -10.14
N GLU SA 250 3.70 100.65 -9.48
CA GLU SA 250 3.39 100.91 -8.08
C GLU SA 250 3.78 102.34 -7.81
N ARG SA 251 3.22 102.89 -6.74
CA ARG SA 251 3.39 104.30 -6.43
C ARG SA 251 3.55 104.45 -4.93
N ALA SA 252 4.55 105.22 -4.53
CA ALA SA 252 4.72 105.58 -3.13
C ALA SA 252 3.98 106.88 -2.90
N TYR SA 253 2.99 106.85 -2.02
CA TYR SA 253 2.20 108.02 -1.72
C TYR SA 253 2.93 109.01 -0.81
N ILE SA 254 4.02 108.58 -0.19
CA ILE SA 254 4.83 109.47 0.65
C ILE SA 254 6.30 109.17 0.41
N PRO SA 255 7.18 110.13 0.67
CA PRO SA 255 8.60 109.85 0.65
C PRO SA 255 8.94 108.79 1.69
N PRO SA 256 10.05 108.07 1.50
CA PRO SA 256 10.40 107.06 2.50
C PRO SA 256 10.76 107.65 3.85
N GLY SA 257 11.24 108.88 3.88
CA GLY SA 257 11.53 109.52 5.14
C GLY SA 257 10.34 110.08 5.87
N LEU SA 258 9.16 110.01 5.26
CA LEU SA 258 7.95 110.55 5.83
C LEU SA 258 7.16 109.50 6.59
N MET SA 259 7.72 108.31 6.76
CA MET SA 259 7.02 107.21 7.42
C MET SA 259 7.29 107.28 8.91
N PHE SA 260 6.27 107.63 9.68
CA PHE SA 260 6.33 107.66 11.13
C PHE SA 260 4.98 108.09 11.64
N ASN SA 261 4.73 107.82 12.91
CA ASN SA 261 3.51 108.29 13.53
C ASN SA 261 3.77 109.67 14.11
N PRO SA 262 3.24 110.72 13.49
CA PRO SA 262 3.55 112.08 13.96
C PRO SA 262 2.91 112.41 15.28
N LEU SA 263 1.92 111.63 15.71
CA LEU SA 263 1.30 111.86 17.00
C LEU SA 263 2.26 111.55 18.13
N VAL SA 264 3.02 110.48 18.00
CA VAL SA 264 3.86 110.02 19.11
C VAL SA 264 5.08 110.91 19.24
N PRO SA 265 5.42 111.37 20.45
CA PRO SA 265 6.65 112.14 20.61
C PRO SA 265 7.87 111.27 20.34
N THR SA 266 8.99 111.94 20.10
CA THR SA 266 10.23 111.24 19.79
C THR SA 266 11.26 111.49 20.88
N ARG SA 267 12.12 110.50 21.10
CA ARG SA 267 13.28 110.71 21.95
C ARG SA 267 14.51 110.96 21.11
N ARG SA 268 14.89 112.22 21.01
CA ARG SA 268 15.97 112.70 20.16
C ARG SA 268 16.14 114.18 20.46
N ALA SA 269 17.26 114.76 20.06
CA ALA SA 269 17.48 116.17 20.35
C ALA SA 269 18.25 116.82 19.21
N GLN SA 270 18.09 118.13 19.11
CA GLN SA 270 18.73 118.94 18.10
C GLN SA 270 19.62 119.95 18.80
N TYR SA 271 20.92 119.80 18.65
CA TYR SA 271 21.85 120.86 19.00
C TYR SA 271 22.01 121.74 17.78
N ILE SA 272 21.97 123.04 17.96
CA ILE SA 272 22.11 123.98 16.87
C ILE SA 272 23.24 124.94 17.20
N ARG SA 273 24.22 125.03 16.31
CA ARG SA 273 25.40 125.84 16.55
C ARG SA 273 25.02 127.32 16.68
N ARG SA 274 25.87 128.07 17.37
CA ARG SA 274 25.76 129.52 17.38
C ARG SA 274 25.66 130.04 15.96
N ASN SA 275 24.70 130.93 15.73
CA ASN SA 275 24.35 131.28 14.35
C ASN SA 275 25.36 132.23 13.73
N ASN SA 276 26.06 133.02 14.56
CA ASN SA 276 27.08 133.95 14.08
C ASN SA 276 26.51 134.85 12.98
N ASN SA 277 25.66 135.79 13.40
CA ASN SA 277 24.76 136.57 12.56
C ASN SA 277 23.66 135.63 12.07
N PRO SA 278 22.43 136.14 11.93
CA PRO SA 278 21.95 137.39 12.56
C PRO SA 278 21.96 137.37 14.10
N GLN SA 279 21.45 136.29 14.68
CA GLN SA 279 21.07 136.28 16.09
C GLN SA 279 20.81 134.84 16.51
N THR SA 280 20.17 134.63 17.68
CA THR SA 280 19.76 133.31 18.16
C THR SA 280 20.94 132.39 18.47
N ALA SA 281 21.56 132.63 19.62
CA ALA SA 281 22.66 131.81 20.09
C ALA SA 281 22.22 130.35 20.30
N GLU SA 282 23.22 129.47 20.35
CA GLU SA 282 22.99 128.03 20.28
C GLU SA 282 22.04 127.56 21.37
N SER SA 283 21.26 126.53 21.03
CA SER SA 283 20.36 125.91 21.98
C SER SA 283 20.11 124.47 21.56
N THR SA 284 19.84 123.61 22.54
CA THR SA 284 19.42 122.24 22.30
C THR SA 284 17.94 122.09 22.63
N SER SA 285 17.27 121.21 21.90
CA SER SA 285 15.83 121.05 22.05
C SER SA 285 15.42 119.68 21.57
N ARG SA 286 14.26 119.23 22.03
CA ARG SA 286 13.72 117.96 21.59
C ARG SA 286 13.09 118.11 20.22
N ILE SA 287 13.26 117.09 19.38
CA ILE SA 287 12.67 117.11 18.06
C ILE SA 287 11.16 117.00 18.18
N ALA SA 288 10.45 117.83 17.40
CA ALA SA 288 9.01 117.87 17.45
C ALA SA 288 8.42 116.51 17.09
N PRO SA 289 7.22 116.20 17.58
CA PRO SA 289 6.61 114.90 17.27
C PRO SA 289 6.42 114.70 15.78
N TYR SA 290 5.86 115.69 15.11
CA TYR SA 290 5.90 115.73 13.66
C TYR SA 290 7.33 115.99 13.22
N ALA SA 291 7.62 115.68 11.96
CA ALA SA 291 8.93 115.98 11.36
C ALA SA 291 10.06 115.32 12.14
N LYS SA 292 9.93 114.03 12.34
CA LYS SA 292 11.00 113.28 12.95
C LYS SA 292 12.12 113.05 11.94
N PRO SA 293 13.36 112.95 12.39
CA PRO SA 293 14.46 112.71 11.46
C PRO SA 293 14.33 111.34 10.83
N THR SA 294 15.07 111.15 9.75
CA THR SA 294 14.99 109.91 9.00
C THR SA 294 16.36 109.41 8.60
N SER SA 295 16.42 108.11 8.35
CA SER SA 295 17.40 107.50 7.49
C SER SA 295 16.95 107.68 6.05
N TRP SA 296 17.49 106.85 5.17
CA TRP SA 296 16.93 106.76 3.84
C TRP SA 296 17.11 108.04 3.04
N MET SA 297 18.35 108.23 2.61
CA MET SA 297 18.84 109.24 1.71
C MET SA 297 18.17 109.14 0.34
N THR SA 298 18.18 110.24 -0.40
CA THR SA 298 17.61 110.27 -1.73
C THR SA 298 18.52 109.56 -2.73
N GLY SA 299 17.92 109.11 -3.83
CA GLY SA 299 18.65 108.47 -4.88
C GLY SA 299 19.63 109.39 -5.56
N PRO SA 300 20.64 108.82 -6.20
CA PRO SA 300 21.71 109.65 -6.78
C PRO SA 300 21.31 110.29 -8.09
N GLY SA 301 21.97 111.40 -8.40
CA GLY SA 301 21.80 112.08 -9.65
C GLY SA 301 22.98 112.98 -9.91
N LEU SA 302 23.08 113.50 -11.13
CA LEU SA 302 24.06 114.52 -11.46
C LEU SA 302 23.35 115.68 -12.13
N LEU SA 303 23.21 116.79 -11.40
CA LEU SA 303 22.49 117.95 -11.89
C LEU SA 303 23.34 119.14 -12.31
N SER SA 304 24.66 119.10 -12.15
CA SER SA 304 25.42 120.35 -12.28
C SER SA 304 25.68 120.71 -13.74
N ALA SA 305 25.95 119.72 -14.57
CA ALA SA 305 26.45 119.92 -15.92
C ALA SA 305 25.39 120.54 -16.83
N GLN SA 306 25.85 121.06 -17.96
CA GLN SA 306 24.98 121.56 -19.02
C GLN SA 306 25.48 121.04 -20.36
N ARG SA 307 24.55 120.70 -21.24
CA ARG SA 307 24.93 120.22 -22.56
C ARG SA 307 25.78 121.25 -23.28
N VAL SA 308 26.78 120.78 -24.02
CA VAL SA 308 27.88 121.60 -24.49
C VAL SA 308 27.88 121.68 -26.01
N GLY SA 309 27.61 122.86 -26.53
CA GLY SA 309 27.89 123.17 -27.91
C GLY SA 309 26.78 122.84 -28.86
N PRO SA 310 27.09 122.84 -30.15
CA PRO SA 310 26.04 122.68 -31.17
C PRO SA 310 25.59 121.24 -31.28
N ALA SA 311 24.38 121.07 -31.81
CA ALA SA 311 23.85 119.75 -32.08
C ALA SA 311 24.67 119.07 -33.17
N THR SA 312 24.56 117.74 -33.23
CA THR SA 312 25.30 116.81 -34.08
C THR SA 312 26.73 116.62 -33.57
N SER SA 313 27.14 117.37 -32.55
CA SER SA 313 28.45 117.22 -31.94
C SER SA 313 28.43 116.30 -30.71
N ASP SA 314 27.31 115.63 -30.46
CA ASP SA 314 27.13 114.80 -29.26
C ASP SA 314 27.23 115.63 -27.99
N THR SA 315 26.20 116.41 -27.71
CA THR SA 315 26.18 117.16 -26.47
C THR SA 315 25.47 116.34 -25.40
N GLY SA 316 26.23 115.81 -24.45
CA GLY SA 316 25.65 114.98 -23.43
C GLY SA 316 25.55 115.59 -22.05
N ALA SA 317 26.27 116.70 -21.84
CA ALA SA 317 26.54 117.37 -20.58
C ALA SA 317 27.44 116.54 -19.68
N TRP SA 318 27.58 115.24 -19.91
CA TRP SA 318 28.55 114.41 -19.22
C TRP SA 318 29.15 113.49 -20.27
N MET SA 319 30.44 113.62 -20.52
CA MET SA 319 31.14 112.78 -21.47
C MET SA 319 32.01 111.81 -20.70
N VAL SA 320 31.89 110.52 -21.01
CA VAL SA 320 32.67 109.52 -20.30
C VAL SA 320 34.08 109.44 -20.85
N ALA SA 321 34.20 109.45 -22.17
CA ALA SA 321 35.48 109.38 -22.89
C ALA SA 321 36.42 108.27 -22.41
N VAL SA 322 37.72 108.48 -22.62
CA VAL SA 322 38.77 107.56 -22.21
C VAL SA 322 39.99 108.31 -21.69
N LYS SA 323 40.63 109.09 -22.56
CA LYS SA 323 41.88 109.77 -22.28
C LYS SA 323 43.02 108.81 -21.91
N PRO SA 324 43.52 108.02 -22.86
CA PRO SA 324 44.80 107.35 -22.64
C PRO SA 324 45.91 108.38 -22.44
N GLU SA 325 47.01 107.93 -21.84
CA GLU SA 325 47.95 108.87 -21.23
C GLU SA 325 48.60 109.77 -22.27
N ASN SA 326 49.01 109.21 -23.40
CA ASN SA 326 49.55 110.06 -24.45
C ASN SA 326 48.54 110.27 -25.58
N ALA SA 327 48.42 109.27 -26.44
CA ALA SA 327 47.56 109.28 -27.62
C ALA SA 327 47.79 110.58 -28.39
N SER SA 328 46.72 111.11 -28.98
CA SER SA 328 46.63 112.50 -29.41
C SER SA 328 45.16 112.79 -29.58
N ILE SA 329 44.79 114.06 -29.48
CA ILE SA 329 43.39 114.43 -29.51
C ILE SA 329 43.23 115.72 -30.29
N ASP SA 330 42.21 115.75 -31.13
CA ASP SA 330 41.81 116.93 -31.89
C ASP SA 330 41.03 117.86 -30.95
N THR SA 331 40.34 118.85 -31.50
CA THR SA 331 39.37 119.59 -30.71
C THR SA 331 38.45 118.60 -30.01
N GLY SA 332 38.21 118.82 -28.73
CA GLY SA 332 37.53 117.84 -27.92
C GLY SA 332 38.42 117.19 -26.87
N MET SA 333 37.89 116.50 -25.85
CA MET SA 333 36.46 116.28 -25.50
C MET SA 333 35.57 115.90 -26.69
N SER SA 334 34.51 116.67 -26.94
CA SER SA 334 33.67 116.52 -28.12
C SER SA 334 33.08 115.07 -28.23
N GLY SA 335 33.36 114.18 -29.19
CA GLY SA 335 34.56 114.04 -30.03
C GLY SA 335 35.39 112.86 -29.58
N ILE SA 336 35.25 112.50 -28.30
CA ILE SA 336 35.68 111.21 -27.78
C ILE SA 336 34.67 110.81 -26.72
N GLY SA 337 34.44 109.51 -26.61
CA GLY SA 337 33.50 109.01 -25.63
C GLY SA 337 32.07 109.41 -25.92
N SER SA 338 31.21 109.11 -24.96
CA SER SA 338 29.77 109.16 -25.16
C SER SA 338 29.14 110.09 -24.14
N GLY SA 339 28.05 110.73 -24.55
CA GLY SA 339 27.28 111.53 -23.60
C GLY SA 339 26.46 110.64 -22.68
N PHE SA 340 26.42 111.00 -21.41
CA PHE SA 340 25.64 110.26 -20.41
C PHE SA 340 24.29 110.93 -20.26
N ASP SA 341 23.23 110.17 -20.51
CA ASP SA 341 21.90 110.74 -20.59
C ASP SA 341 20.86 109.74 -20.07
N PRO SA 342 19.83 110.22 -19.35
CA PRO SA 342 19.75 111.46 -18.57
C PRO SA 342 20.44 111.39 -17.21
N PRO SA 343 21.31 112.34 -16.90
CA PRO SA 343 21.48 112.72 -15.50
C PRO SA 343 20.52 113.83 -15.09
N GLN SA 344 19.89 113.89 -13.90
CA GLN SA 344 19.31 112.77 -13.16
C GLN SA 344 20.30 111.61 -12.85
N GLY SA 345 19.95 110.31 -12.79
CA GLY SA 345 18.63 109.71 -12.66
C GLY SA 345 17.93 110.11 -11.38
N SER SA 346 16.64 109.77 -11.29
CA SER SA 346 15.80 110.20 -10.18
C SER SA 346 15.91 111.71 -9.99
N LEU SA 347 15.99 112.15 -8.74
CA LEU SA 347 16.49 113.47 -8.38
C LEU SA 347 15.92 114.56 -9.29
N ALA SA 348 14.66 114.94 -9.07
CA ALA SA 348 13.86 115.63 -10.07
C ALA SA 348 14.63 116.76 -10.74
N PRO SA 349 14.61 116.83 -12.07
CA PRO SA 349 15.51 117.73 -12.80
C PRO SA 349 15.11 119.20 -12.68
N THR SA 350 16.05 120.05 -13.04
CA THR SA 350 15.85 121.49 -13.03
C THR SA 350 15.05 121.93 -14.24
N ASN SA 351 15.62 121.82 -15.43
CA ASN SA 351 14.90 122.25 -16.62
C ASN SA 351 14.75 121.10 -17.60
N LEU SA 352 14.18 121.43 -18.76
CA LEU SA 352 13.87 120.48 -19.81
C LEU SA 352 15.09 119.70 -20.26
N GLU SA 353 16.28 120.30 -20.08
CA GLU SA 353 17.51 119.73 -20.63
C GLU SA 353 17.78 118.34 -20.10
N TYR SA 354 17.30 118.02 -18.90
CA TYR SA 354 17.50 116.71 -18.29
C TYR SA 354 16.30 115.79 -18.43
N LYS SA 355 15.23 116.22 -19.08
CA LYS SA 355 13.91 115.64 -18.92
C LYS SA 355 13.67 114.49 -19.89
N ILE SA 356 14.70 114.03 -20.58
CA ILE SA 356 14.68 113.15 -21.73
C ILE SA 356 13.84 113.83 -22.80
N GLN SA 357 13.32 113.06 -23.76
CA GLN SA 357 12.48 113.52 -24.85
C GLN SA 357 12.49 112.40 -25.88
N TRP SA 358 11.52 112.33 -26.79
CA TRP SA 358 11.69 111.56 -28.02
C TRP SA 358 10.63 111.97 -29.02
N TYR SA 359 10.88 111.65 -30.28
CA TYR SA 359 9.98 112.13 -31.33
C TYR SA 359 8.91 111.13 -31.71
N GLN SA 360 9.03 109.88 -31.25
CA GLN SA 360 8.08 108.80 -31.56
C GLN SA 360 7.67 108.77 -33.01
N THR SA 361 8.59 109.14 -33.92
CA THR SA 361 8.32 109.27 -35.34
C THR SA 361 9.61 109.65 -36.04
N PRO SA 362 9.94 109.00 -37.16
CA PRO SA 362 11.11 109.44 -37.91
C PRO SA 362 10.92 110.75 -38.63
N GLN SA 363 9.68 111.09 -38.97
CA GLN SA 363 9.41 112.35 -39.65
C GLN SA 363 9.49 113.53 -38.69
N GLY SA 364 9.68 113.28 -37.40
CA GLY SA 364 9.69 114.35 -36.42
C GLY SA 364 10.78 115.38 -36.62
N THR SA 365 10.37 116.63 -36.76
CA THR SA 365 11.31 117.74 -36.90
C THR SA 365 11.71 118.20 -35.50
N ASN SA 366 12.38 119.36 -35.40
CA ASN SA 366 12.88 119.81 -34.11
C ASN SA 366 11.78 119.86 -33.06
N ASN SA 367 10.73 120.64 -33.29
CA ASN SA 367 9.53 120.54 -32.48
C ASN SA 367 8.39 120.05 -33.36
N ASN SA 368 8.05 118.78 -33.19
CA ASN SA 368 6.99 118.02 -33.84
C ASN SA 368 7.15 116.62 -33.29
N GLY SA 369 6.11 115.80 -33.27
CA GLY SA 369 6.25 114.61 -32.48
C GLY SA 369 6.62 115.08 -31.09
N ASN SA 370 7.81 114.68 -30.65
CA ASN SA 370 8.53 115.41 -29.60
C ASN SA 370 7.80 115.35 -28.26
N ILE SA 371 7.39 114.16 -27.86
CA ILE SA 371 6.75 114.03 -26.56
C ILE SA 371 7.83 114.00 -25.49
N ILE SA 372 7.60 114.71 -24.42
CA ILE SA 372 8.62 114.95 -23.40
C ILE SA 372 8.21 114.23 -22.13
N SER SA 373 9.18 113.62 -21.46
CA SER SA 373 8.89 112.91 -20.22
C SER SA 373 8.41 113.89 -19.16
N ASN SA 374 7.69 113.35 -18.17
CA ASN SA 374 7.04 114.16 -17.16
C ASN SA 374 7.15 113.46 -15.81
N GLN SA 375 6.80 114.16 -14.75
CA GLN SA 375 6.90 113.55 -13.43
C GLN SA 375 5.74 112.59 -13.19
N PRO SA 376 6.00 111.39 -12.67
CA PRO SA 376 4.90 110.44 -12.41
C PRO SA 376 3.99 110.89 -11.29
N LEU SA 377 4.42 111.87 -10.49
CA LEU SA 377 3.80 112.31 -9.25
C LEU SA 377 3.96 111.27 -8.16
N SER SA 378 4.58 110.12 -8.46
CA SER SA 378 5.06 109.23 -7.42
C SER SA 378 6.07 109.96 -6.55
N MET SA 379 6.08 109.60 -5.27
CA MET SA 379 6.87 110.36 -4.31
C MET SA 379 8.28 109.83 -4.12
N LEU SA 380 8.70 108.83 -4.88
CA LEU SA 380 9.98 108.21 -4.54
C LEU SA 380 11.27 108.94 -4.91
N ARG SA 381 11.75 109.13 -6.15
CA ARG SA 381 11.20 109.42 -7.50
C ARG SA 381 11.11 110.94 -7.77
N ASP SA 382 11.32 111.76 -6.75
CA ASP SA 382 11.47 113.19 -7.01
C ASP SA 382 12.79 113.68 -6.42
N GLN SA 383 12.94 113.59 -5.10
CA GLN SA 383 14.24 113.51 -4.45
C GLN SA 383 15.14 114.70 -4.76
N ALA SA 384 14.81 115.83 -4.13
CA ALA SA 384 15.80 116.88 -4.04
C ALA SA 384 16.83 116.53 -2.96
N LEU SA 385 17.80 117.42 -2.78
CA LEU SA 385 18.65 117.38 -1.60
C LEU SA 385 19.19 118.79 -1.39
N PHE SA 386 19.38 119.16 -0.13
CA PHE SA 386 19.48 120.57 0.23
C PHE SA 386 20.79 120.93 0.93
N ARG SA 387 21.13 120.29 2.03
CA ARG SA 387 22.36 120.63 2.75
C ARG SA 387 22.25 122.10 3.20
N GLY SA 388 23.37 122.81 3.28
CA GLY SA 388 23.39 124.24 3.56
C GLY SA 388 22.68 124.64 4.83
N ASN SA 389 22.56 125.95 5.03
CA ASN SA 389 23.66 126.88 4.80
C ASN SA 389 24.14 127.26 6.19
N GLN SA 390 23.44 126.70 7.18
CA GLN SA 390 23.24 127.16 8.56
C GLN SA 390 22.13 128.21 8.60
N THR SA 391 21.70 128.74 7.46
CA THR SA 391 20.65 129.73 7.36
C THR SA 391 19.58 129.28 6.38
N THR SA 392 19.97 128.99 5.14
CA THR SA 392 19.06 128.58 4.08
C THR SA 392 19.47 127.21 3.58
N TYR SA 393 18.52 126.46 3.02
CA TYR SA 393 18.84 125.25 2.29
C TYR SA 393 19.10 125.59 0.83
N ASN SA 394 20.09 124.93 0.24
CA ASN SA 394 20.48 125.20 -1.14
C ASN SA 394 20.61 123.90 -1.91
N LEU SA 395 19.74 123.70 -2.91
CA LEU SA 395 19.76 122.48 -3.70
C LEU SA 395 21.16 122.18 -4.20
N CYS SA 396 21.61 120.95 -3.98
CA CYS SA 396 23.00 120.58 -4.22
C CYS SA 396 23.11 119.72 -5.47
N SER SA 397 24.10 120.05 -6.30
CA SER SA 397 24.50 119.25 -7.44
C SER SA 397 25.13 117.94 -6.97
N ASP SA 398 25.29 117.01 -7.91
CA ASP SA 398 25.77 115.67 -7.63
C ASP SA 398 24.77 114.92 -6.77
N VAL SA 399 25.16 114.49 -5.57
CA VAL SA 399 24.53 113.37 -4.84
C VAL SA 399 24.88 112.05 -5.51
N TRP SA 400 26.10 111.57 -5.24
CA TRP SA 400 26.57 110.26 -5.63
C TRP SA 400 25.94 109.18 -4.77
N MET SA 401 26.41 107.94 -4.93
CA MET SA 401 25.86 106.84 -4.15
C MET SA 401 26.19 106.99 -2.67
N PHE SA 402 25.26 106.57 -1.83
CA PHE SA 402 25.33 106.70 -0.39
C PHE SA 402 24.58 105.52 0.21
N PRO SA 403 24.99 105.06 1.41
CA PRO SA 403 24.48 103.77 1.91
C PRO SA 403 22.97 103.64 2.00
N ASN SA 404 22.26 104.64 2.49
CA ASN SA 404 20.85 104.48 2.77
C ASN SA 404 19.95 104.89 1.63
N GLN SA 405 20.50 105.14 0.46
CA GLN SA 405 19.71 105.74 -0.60
C GLN SA 405 18.59 104.83 -1.07
N ILE SA 406 17.45 105.44 -1.37
CA ILE SA 406 16.38 104.81 -2.13
C ILE SA 406 15.99 105.71 -3.28
N TRP SA 407 15.87 105.13 -4.46
CA TRP SA 407 15.28 105.80 -5.59
C TRP SA 407 14.34 104.83 -6.25
N ASP SA 408 13.52 105.34 -7.14
CA ASP SA 408 12.59 104.51 -7.88
C ASP SA 408 13.03 104.48 -9.33
N ARG SA 409 13.07 103.29 -9.90
CA ARG SA 409 13.50 103.15 -11.27
C ARG SA 409 12.58 103.95 -12.18
N TYR SA 410 13.11 104.39 -13.31
CA TYR SA 410 12.36 105.26 -14.19
C TYR SA 410 11.00 104.65 -14.52
N PRO SA 411 9.92 105.43 -14.48
CA PRO SA 411 8.58 104.85 -14.59
C PRO SA 411 8.28 104.20 -15.92
N ILE SA 412 9.14 104.41 -16.90
CA ILE SA 412 9.01 104.04 -18.31
C ILE SA 412 7.65 104.44 -18.86
N THR SA 413 7.16 103.69 -19.84
CA THR SA 413 5.95 104.00 -20.61
C THR SA 413 5.87 103.00 -21.75
N ARG SA 414 4.82 103.08 -22.56
CA ARG SA 414 4.67 102.12 -23.65
C ARG SA 414 5.73 102.29 -24.73
N GLU SA 415 6.36 103.45 -24.83
CA GLU SA 415 7.30 103.76 -25.90
C GLU SA 415 8.72 103.30 -25.61
N ASN SA 416 8.98 102.70 -24.49
CA ASN SA 416 10.34 102.50 -24.06
C ASN SA 416 10.91 101.19 -24.55
N PRO SA 417 12.23 101.09 -24.63
CA PRO SA 417 12.85 99.78 -24.84
C PRO SA 417 12.67 98.88 -23.63
N ILE SA 418 12.45 97.60 -23.91
CA ILE SA 418 12.23 96.64 -22.83
C ILE SA 418 13.52 96.41 -22.06
N TRP SA 419 14.61 96.10 -22.78
CA TRP SA 419 15.85 95.68 -22.16
C TRP SA 419 17.01 96.46 -22.75
N CYS SA 420 18.15 96.32 -22.08
CA CYS SA 420 19.43 96.82 -22.53
C CYS SA 420 20.48 95.81 -22.09
N LYS SA 421 21.52 95.62 -22.90
CA LYS SA 421 22.52 94.64 -22.54
C LYS SA 421 23.51 95.23 -21.56
N LYS SA 422 23.74 94.52 -20.45
CA LYS SA 422 24.74 94.92 -19.48
C LYS SA 422 26.10 94.44 -19.98
N PRO SA 423 27.01 95.36 -20.32
CA PRO SA 423 28.30 94.95 -20.86
C PRO SA 423 29.14 94.17 -19.87
N ARG SA 424 29.82 93.15 -20.39
CA ARG SA 424 30.65 92.28 -19.56
C ARG SA 424 31.86 93.04 -19.06
N SER SA 425 32.04 93.06 -17.74
CA SER SA 425 33.18 93.74 -17.15
C SER SA 425 33.42 93.13 -15.78
N ASP SA 426 34.62 93.36 -15.26
CA ASP SA 426 34.99 92.80 -13.97
C ASP SA 426 34.07 93.32 -12.87
N LYS SA 427 34.01 94.65 -12.72
CA LYS SA 427 33.31 95.26 -11.61
C LYS SA 427 32.22 96.19 -12.11
N HIS SA 428 31.16 96.31 -11.33
CA HIS SA 428 30.10 97.26 -11.63
C HIS SA 428 29.32 97.55 -10.36
N THR SA 429 28.59 98.66 -10.40
CA THR SA 429 27.70 99.09 -9.32
C THR SA 429 26.29 98.56 -9.54
N THR SA 430 25.31 99.17 -8.86
CA THR SA 430 23.97 98.58 -8.73
C THR SA 430 23.35 98.20 -10.07
N ILE SA 431 23.73 98.87 -11.16
CA ILE SA 431 23.16 98.66 -12.49
C ILE SA 431 21.67 98.97 -12.49
N ASP SA 432 21.32 100.25 -12.38
CA ASP SA 432 19.97 100.68 -12.71
C ASP SA 432 20.03 101.64 -13.88
N PRO SA 433 19.64 101.24 -15.09
CA PRO SA 433 19.69 102.18 -16.21
C PRO SA 433 18.68 103.29 -16.04
N PHE SA 434 19.10 104.50 -16.38
CA PHE SA 434 18.23 105.67 -16.23
C PHE SA 434 17.31 105.88 -17.41
N ASP SA 435 17.38 105.00 -18.40
CA ASP SA 435 16.44 104.97 -19.50
C ASP SA 435 15.22 104.14 -19.14
N GLY SA 436 15.11 103.72 -17.88
CA GLY SA 436 14.22 102.63 -17.55
C GLY SA 436 14.79 101.37 -18.14
N SER SA 437 14.02 100.70 -18.98
CA SER SA 437 14.44 99.46 -19.62
C SER SA 437 14.93 98.47 -18.59
N LEU SA 438 15.95 97.69 -18.94
CA LEU SA 438 16.43 96.61 -18.10
C LEU SA 438 17.86 96.31 -18.50
N ALA SA 439 18.55 95.60 -17.62
CA ALA SA 439 19.90 95.13 -17.91
C ALA SA 439 19.92 93.63 -17.76
N MET SA 440 20.53 92.95 -18.73
CA MET SA 440 20.66 91.51 -18.68
C MET SA 440 22.05 91.11 -19.13
N ASP SA 441 22.59 90.07 -18.51
CA ASP SA 441 23.83 89.48 -18.99
C ASP SA 441 23.69 89.10 -20.45
N HIS SA 442 22.73 88.24 -20.73
CA HIS SA 442 22.38 87.86 -22.10
C HIS SA 442 20.97 88.31 -22.39
N PRO SA 443 20.78 89.37 -23.15
CA PRO SA 443 19.45 89.74 -23.60
C PRO SA 443 19.01 88.79 -24.71
N PRO SA 444 17.86 89.01 -25.31
CA PRO SA 444 17.53 88.24 -26.52
C PRO SA 444 18.61 88.41 -27.56
N GLY SA 445 19.10 87.29 -28.07
CA GLY SA 445 20.12 87.34 -29.10
C GLY SA 445 19.56 87.96 -30.36
N THR SA 446 20.28 88.93 -30.91
CA THR SA 446 19.84 89.58 -32.12
C THR SA 446 19.81 88.57 -33.26
N ILE SA 447 18.71 88.54 -33.98
CA ILE SA 447 18.57 87.67 -35.14
C ILE SA 447 18.99 88.44 -36.37
N PHE SA 448 20.00 87.93 -37.06
CA PHE SA 448 20.54 88.57 -38.24
C PHE SA 448 20.07 87.82 -39.47
N ILE SA 449 19.92 88.55 -40.57
CA ILE SA 449 19.39 87.97 -41.79
C ILE SA 449 19.99 88.70 -42.98
N LYS SA 450 20.28 87.95 -44.04
CA LYS SA 450 20.98 88.46 -45.20
C LYS SA 450 20.43 87.77 -46.43
N MET SA 451 20.73 88.32 -47.60
CA MET SA 451 20.10 87.90 -48.84
C MET SA 451 20.87 86.86 -49.64
N ALA SA 452 21.96 86.32 -49.12
CA ALA SA 452 22.61 85.21 -49.81
C ALA SA 452 23.07 85.57 -51.21
N LYS SA 453 24.20 86.26 -51.32
CA LYS SA 453 24.66 86.80 -52.58
C LYS SA 453 24.60 85.76 -53.69
N ILE SA 454 23.96 86.12 -54.78
CA ILE SA 454 23.90 85.28 -55.97
C ILE SA 454 24.70 85.99 -57.05
N PRO SA 455 25.90 85.54 -57.36
CA PRO SA 455 26.74 86.27 -58.31
C PRO SA 455 26.31 85.98 -59.74
N VAL SA 456 26.94 86.69 -60.67
CA VAL SA 456 26.63 86.53 -62.08
C VAL SA 456 27.96 86.58 -62.84
N PRO SA 457 28.10 85.82 -63.91
CA PRO SA 457 29.40 85.75 -64.58
C PRO SA 457 29.73 87.02 -65.35
N SER SA 458 31.02 87.33 -65.41
CA SER SA 458 31.50 88.45 -66.19
C SER SA 458 32.93 88.18 -66.64
N ASN SA 459 33.47 89.10 -67.44
CA ASN SA 459 34.81 88.93 -67.98
C ASN SA 459 35.89 89.40 -67.02
N ASN SA 460 35.66 90.53 -66.35
CA ASN SA 460 36.69 91.23 -65.58
C ASN SA 460 37.55 90.37 -64.63
N ASN SA 461 36.98 89.51 -63.78
CA ASN SA 461 35.54 89.29 -63.66
C ASN SA 461 34.99 89.98 -62.42
N ALA SA 462 33.69 89.85 -62.23
CA ALA SA 462 32.97 90.43 -61.11
C ALA SA 462 33.20 91.96 -61.05
N ASP SA 463 33.10 92.64 -59.90
CA ASP SA 463 32.14 92.33 -58.85
C ASP SA 463 30.73 92.62 -59.32
N SER SA 464 29.90 91.59 -59.31
CA SER SA 464 28.53 91.71 -59.79
C SER SA 464 27.70 90.65 -59.11
N TYR SA 465 26.42 90.94 -58.95
CA TYR SA 465 25.54 90.06 -58.22
C TYR SA 465 24.12 90.28 -58.69
N LEU SA 466 23.25 89.35 -58.34
CA LEU SA 466 21.87 89.40 -58.77
C LEU SA 466 21.05 90.14 -57.73
N ASN SA 467 20.15 91.01 -58.19
CA ASN SA 467 19.44 91.93 -57.32
C ASN SA 467 18.13 91.29 -56.87
N ILE SA 468 18.03 90.98 -55.59
CA ILE SA 468 16.87 90.28 -55.03
C ILE SA 468 16.52 90.90 -53.69
N TYR SA 469 15.36 90.52 -53.16
CA TYR SA 469 14.99 90.88 -51.81
C TYR SA 469 14.11 89.79 -51.24
N CYS SA 470 14.03 89.73 -49.92
CA CYS SA 470 13.26 88.72 -49.24
C CYS SA 470 12.08 89.37 -48.56
N THR SA 471 11.04 88.59 -48.34
CA THR SA 471 9.85 89.06 -47.68
C THR SA 471 9.25 87.90 -46.91
N GLY SA 472 8.75 88.17 -45.72
CA GLY SA 472 8.26 87.08 -44.91
C GLY SA 472 7.62 87.58 -43.66
N GLN SA 473 7.40 86.66 -42.72
CA GLN SA 473 6.63 86.97 -41.53
C GLN SA 473 7.36 86.51 -40.30
N VAL SA 474 7.62 87.44 -39.40
CA VAL SA 474 8.17 87.14 -38.08
C VAL SA 474 7.00 87.10 -37.10
N SER SA 475 7.00 86.12 -36.22
CA SER SA 475 6.03 86.08 -35.14
C SER SA 475 6.82 86.07 -33.85
N CYS SA 476 6.73 87.15 -33.09
CA CYS SA 476 7.40 87.24 -31.80
C CYS SA 476 6.36 87.02 -30.73
N GLU SA 477 6.40 85.87 -30.07
CA GLU SA 477 5.46 85.49 -29.03
C GLU SA 477 6.22 85.41 -27.72
N ILE SA 478 5.95 86.33 -26.81
CA ILE SA 478 6.72 86.42 -25.57
C ILE SA 478 5.77 86.28 -24.39
N VAL SA 479 6.25 85.61 -23.36
CA VAL SA 479 5.48 85.35 -22.15
C VAL SA 479 5.99 86.27 -21.06
N TRP SA 480 5.08 86.82 -20.28
CA TRP SA 480 5.40 87.81 -19.26
C TRP SA 480 5.02 87.26 -17.91
N GLU SA 481 6.00 87.07 -17.04
CA GLU SA 481 5.67 86.86 -15.63
C GLU SA 481 5.00 88.11 -15.11
N VAL SA 482 3.83 87.95 -14.51
CA VAL SA 482 3.00 89.08 -14.14
C VAL SA 482 2.41 88.81 -12.76
N GLU SA 483 2.27 89.87 -11.96
CA GLU SA 483 1.75 89.74 -10.61
C GLU SA 483 0.65 90.77 -10.40
N ARG SA 484 -0.44 90.35 -9.77
CA ARG SA 484 -1.64 91.16 -9.67
C ARG SA 484 -1.74 91.78 -8.28
N TYR SA 485 -2.29 92.99 -8.21
CA TYR SA 485 -2.18 93.78 -7.00
C TYR SA 485 -3.41 93.63 -6.11
N ALA SA 486 -3.16 93.63 -4.81
CA ALA SA 486 -4.20 93.74 -3.81
C ALA SA 486 -3.74 94.75 -2.77
N THR SA 487 -4.67 95.55 -2.27
CA THR SA 487 -4.28 96.59 -1.33
C THR SA 487 -5.42 96.88 -0.38
N LYS SA 488 -5.07 97.46 0.76
CA LYS SA 488 -6.04 97.80 1.78
C LYS SA 488 -6.51 99.23 1.70
N ASN SA 489 -6.07 99.98 0.70
CA ASN SA 489 -6.53 101.35 0.55
C ASN SA 489 -8.04 101.39 0.39
N TRP SA 490 -8.66 102.37 1.03
CA TRP SA 490 -10.10 102.55 0.92
C TRP SA 490 -10.48 103.27 -0.36
N ARG SA 491 -9.64 104.13 -0.84
CA ARG SA 491 -9.98 105.09 -1.88
C ARG SA 491 -9.75 104.56 -3.29
N PRO SA 492 -10.33 105.20 -4.29
CA PRO SA 492 -10.36 104.64 -5.65
C PRO SA 492 -9.00 104.47 -6.35
N GLU SA 493 -7.93 105.06 -5.84
CA GLU SA 493 -6.60 105.06 -6.53
C GLU SA 493 -6.76 105.70 -7.91
N ARG SA 494 -6.06 105.21 -8.92
CA ARG SA 494 -5.96 105.90 -10.20
C ARG SA 494 -5.76 104.87 -11.30
N ARG SA 495 -6.28 105.18 -12.48
CA ARG SA 495 -6.16 104.30 -13.63
C ARG SA 495 -5.80 105.14 -14.84
N HIS SA 496 -5.72 104.51 -16.00
CA HIS SA 496 -5.48 105.21 -17.24
C HIS SA 496 -6.76 105.21 -18.06
N THR SA 497 -7.43 106.34 -18.09
CA THR SA 497 -8.56 106.58 -18.97
C THR SA 497 -8.09 106.99 -20.35
N THR SA 498 -8.96 106.80 -21.34
CA THR SA 498 -8.81 107.50 -22.59
C THR SA 498 -8.95 109.01 -22.41
N PHE SA 499 -9.49 109.47 -21.29
CA PHE SA 499 -9.65 110.91 -21.16
C PHE SA 499 -8.33 111.65 -21.05
N GLY SA 500 -7.27 110.97 -20.65
CA GLY SA 500 -5.95 111.56 -20.80
C GLY SA 500 -5.59 111.78 -22.25
N LEU SA 501 -6.16 110.97 -23.14
CA LEU SA 501 -5.92 111.06 -24.57
C LEU SA 501 -6.64 112.27 -25.15
N GLY SA 502 -6.23 112.66 -26.35
CA GLY SA 502 -6.82 113.82 -27.00
C GLY SA 502 -6.89 113.62 -28.49
N ILE SA 503 -7.70 114.47 -29.13
CA ILE SA 503 -8.10 114.31 -30.52
C ILE SA 503 -7.02 114.87 -31.42
N GLY SA 504 -6.84 114.27 -32.59
CA GLY SA 504 -5.81 114.76 -33.50
C GLY SA 504 -5.89 114.15 -34.89
N GLY SA 505 -5.07 114.69 -35.77
CA GLY SA 505 -4.86 114.21 -37.13
C GLY SA 505 -5.82 114.83 -38.13
N ALA SA 506 -5.31 115.07 -39.35
CA ALA SA 506 -6.07 115.62 -40.47
C ALA SA 506 -6.97 116.77 -40.06
N ASP SA 507 -8.22 116.75 -40.54
CA ASP SA 507 -9.29 117.40 -39.81
C ASP SA 507 -9.44 116.68 -38.49
N ASN SA 508 -9.61 117.45 -37.41
CA ASN SA 508 -9.24 116.99 -36.07
C ASN SA 508 -9.76 115.60 -35.75
N LEU SA 509 -10.78 115.13 -36.47
CA LEU SA 509 -11.47 113.88 -36.18
C LEU SA 509 -10.49 112.72 -36.03
N ASN SA 510 -10.93 111.75 -35.22
CA ASN SA 510 -10.29 110.55 -34.67
C ASN SA 510 -9.47 110.97 -33.46
N PRO SA 511 -9.46 110.19 -32.39
CA PRO SA 511 -8.85 110.71 -31.16
C PRO SA 511 -7.34 110.66 -31.08
N THR SA 512 -6.78 109.48 -30.85
CA THR SA 512 -5.34 109.41 -30.64
C THR SA 512 -4.72 108.14 -31.21
N TYR SA 513 -5.04 106.98 -30.65
CA TYR SA 513 -4.56 105.75 -31.26
C TYR SA 513 -5.63 105.27 -32.22
N HIS SA 514 -5.41 105.55 -33.50
CA HIS SA 514 -6.46 105.41 -34.48
C HIS SA 514 -5.94 105.90 -35.81
N VAL SA 515 -6.63 105.51 -36.87
CA VAL SA 515 -6.21 105.87 -38.22
C VAL SA 515 -6.74 107.24 -38.63
N ASP SA 516 -6.03 107.86 -39.57
CA ASP SA 516 -6.42 109.11 -40.21
C ASP SA 516 -7.28 108.78 -41.45
N LYS SA 517 -7.51 109.74 -42.34
CA LYS SA 517 -8.49 109.50 -43.40
C LYS SA 517 -8.18 109.05 -44.87
N ASN SA 518 -6.98 109.03 -45.50
CA ASN SA 518 -5.66 109.58 -45.18
C ASN SA 518 -4.85 108.65 -44.30
N GLY SA 519 -5.39 107.48 -44.00
CA GLY SA 519 -5.09 106.83 -42.75
C GLY SA 519 -3.62 106.72 -42.42
N THR SA 520 -3.30 107.41 -41.33
CA THR SA 520 -2.00 107.44 -40.71
C THR SA 520 -2.25 107.41 -39.22
N TYR SA 521 -1.68 106.43 -38.55
CA TYR SA 521 -1.90 106.22 -37.15
C TYR SA 521 -1.54 107.48 -36.37
N ILE SA 522 -2.51 108.02 -35.63
CA ILE SA 522 -2.27 109.29 -34.95
C ILE SA 522 -1.34 109.06 -33.77
N GLN SA 523 -0.37 109.85 -33.66
CA GLN SA 523 0.54 109.55 -32.58
C GLN SA 523 0.10 110.26 -31.31
N PRO SA 524 0.36 109.62 -30.17
CA PRO SA 524 0.07 110.25 -28.87
C PRO SA 524 0.98 111.46 -28.66
N THR SA 525 0.37 112.56 -28.23
CA THR SA 525 1.08 113.83 -28.06
C THR SA 525 1.24 114.12 -26.57
N THR SA 526 2.47 114.40 -26.18
CA THR SA 526 3.11 114.43 -24.86
C THR SA 526 3.02 113.12 -24.06
N TRP SA 527 3.17 113.24 -22.74
CA TRP SA 527 3.64 112.09 -21.96
C TRP SA 527 2.49 111.23 -21.45
N ASP SA 528 1.42 111.85 -20.96
CA ASP SA 528 0.33 111.09 -20.35
C ASP SA 528 -0.39 110.21 -21.34
N MET SA 529 -0.43 110.60 -22.61
CA MET SA 529 -1.03 109.78 -23.65
C MET SA 529 -0.53 108.35 -23.57
N CYS SA 530 0.74 108.15 -23.89
CA CYS SA 530 1.42 106.90 -23.53
C CYS SA 530 1.24 106.69 -22.04
N PHE SA 531 0.76 105.53 -21.64
CA PHE SA 531 0.33 105.38 -20.26
C PHE SA 531 1.46 104.77 -19.45
N PRO SA 532 2.14 105.56 -18.61
CA PRO SA 532 3.33 105.04 -17.93
C PRO SA 532 2.92 104.16 -16.76
N VAL SA 533 3.69 103.11 -16.52
CA VAL SA 533 3.54 102.41 -15.26
C VAL SA 533 4.13 103.29 -14.17
N LYS SA 534 3.80 102.96 -12.92
CA LYS SA 534 4.33 103.55 -11.70
C LYS SA 534 3.56 104.81 -11.33
N THR SA 535 2.63 105.26 -12.17
CA THR SA 535 1.74 106.35 -11.82
C THR SA 535 0.43 105.85 -11.21
N ASN SA 536 0.26 104.55 -11.05
CA ASN SA 536 -0.99 104.00 -10.59
C ASN SA 536 -0.77 103.11 -9.37
N ILE SA 537 -1.87 102.50 -8.94
CA ILE SA 537 -1.96 101.68 -7.74
C ILE SA 537 -1.43 102.49 -6.56
N ASN SA 538 -0.85 101.83 -5.58
CA ASN SA 538 -0.15 102.43 -4.45
C ASN SA 538 0.68 101.34 -3.80
N LYS SA 539 1.66 101.73 -3.01
CA LYS SA 539 2.36 100.77 -2.17
C LYS SA 539 2.67 101.42 -0.83
N VAL SA 540 2.35 100.71 0.25
CA VAL SA 540 2.90 101.10 1.54
C VAL SA 540 4.40 100.80 1.51
N LEU SA 541 5.19 101.81 1.81
CA LEU SA 541 6.63 101.63 1.80
C LEU SA 541 7.08 100.81 3.00
N GLY TA 34 -25.61 70.95 33.96
CA GLY TA 34 -24.71 72.10 34.09
C GLY TA 34 -24.16 72.30 35.48
N SER TA 35 -23.38 73.37 35.66
CA SER TA 35 -22.79 73.68 36.95
C SER TA 35 -22.48 75.17 37.01
N GLY TA 36 -22.29 75.66 38.22
CA GLY TA 36 -21.92 77.05 38.43
C GLY TA 36 -23.11 77.89 38.86
N VAL TA 37 -22.84 79.18 39.04
CA VAL TA 37 -23.89 80.14 39.37
C VAL TA 37 -24.93 80.15 38.27
N GLY TA 38 -26.18 80.29 38.65
CA GLY TA 38 -27.27 80.29 37.69
C GLY TA 38 -27.86 78.93 37.40
N ILE TA 39 -27.35 77.88 38.02
CA ILE TA 39 -27.87 76.53 37.87
C ILE TA 39 -28.18 76.03 39.27
N SER TA 40 -29.46 75.79 39.57
CA SER TA 40 -29.84 75.36 40.90
C SER TA 40 -29.28 73.97 41.18
N THR TA 41 -28.87 73.75 42.41
CA THR TA 41 -28.21 72.49 42.72
C THR TA 41 -29.21 71.37 42.95
N GLY TA 42 -30.27 71.64 43.69
CA GLY TA 42 -31.30 70.64 43.94
C GLY TA 42 -32.63 71.31 44.11
N GLY TA 43 -33.69 70.52 43.99
CA GLY TA 43 -35.04 71.02 44.05
C GLY TA 43 -35.69 70.79 45.41
N TRP TA 44 -36.91 71.30 45.53
CA TRP TA 44 -37.68 71.14 46.74
C TRP TA 44 -38.13 69.70 46.89
N VAL TA 45 -38.40 69.30 48.14
CA VAL TA 45 -38.69 67.92 48.47
C VAL TA 45 -39.69 67.89 49.61
N GLY TA 46 -40.54 66.87 49.64
CA GLY TA 46 -41.41 66.65 50.78
C GLY TA 46 -42.52 65.68 50.45
N GLY TA 47 -43.47 65.55 51.40
CA GLY TA 47 -44.74 64.89 51.15
C GLY TA 47 -44.94 63.52 51.78
N SER TA 48 -43.97 63.04 52.54
CA SER TA 48 -43.93 61.72 53.16
C SER TA 48 -44.17 60.54 52.22
N TYR TA 49 -44.52 59.38 52.79
CA TYR TA 49 -44.63 58.17 51.97
C TYR TA 49 -45.65 57.14 52.44
N PHE TA 50 -45.37 56.52 53.60
CA PHE TA 50 -46.20 55.48 54.23
C PHE TA 50 -46.38 54.14 53.51
N THR TA 51 -45.37 53.29 53.57
CA THR TA 51 -45.49 51.85 53.30
C THR TA 51 -45.50 51.09 54.62
N ASP TA 52 -46.17 49.93 54.62
CA ASP TA 52 -46.32 49.09 55.81
C ASP TA 52 -45.02 48.86 56.56
N SER TA 53 -43.94 48.64 55.83
CA SER TA 53 -42.65 48.35 56.47
C SER TA 53 -41.93 49.60 56.93
N TYR TA 54 -42.09 50.73 56.24
CA TYR TA 54 -41.35 51.92 56.60
C TYR TA 54 -42.09 53.16 56.10
N VAL TA 55 -41.76 54.29 56.72
CA VAL TA 55 -42.30 55.59 56.37
C VAL TA 55 -41.16 56.52 56.06
N ILE TA 56 -41.20 57.14 54.88
CA ILE TA 56 -40.20 58.10 54.45
C ILE TA 56 -40.78 59.49 54.54
N THR TA 57 -40.31 60.29 55.48
CA THR TA 57 -40.72 61.68 55.59
C THR TA 57 -39.66 62.57 54.97
N LYS TA 58 -40.10 63.48 54.13
CA LYS TA 58 -39.23 64.39 53.41
C LYS TA 58 -39.62 65.82 53.75
N ASN TA 59 -38.63 66.68 53.94
CA ASN TA 59 -38.88 68.06 54.31
C ASN TA 59 -37.82 68.94 53.70
N THR TA 60 -38.16 70.21 53.51
CA THR TA 60 -37.24 71.17 52.95
C THR TA 60 -37.52 72.53 53.59
N ARG TA 61 -36.47 73.34 53.74
CA ARG TA 61 -36.59 74.58 54.48
C ARG TA 61 -35.82 75.68 53.77
N GLN TA 62 -36.05 76.89 54.23
CA GLN TA 62 -35.26 78.05 53.85
C GLN TA 62 -34.64 78.59 55.12
N PHE TA 63 -33.32 78.74 55.14
CA PHE TA 63 -32.64 79.14 56.36
C PHE TA 63 -31.74 80.34 56.08
N LEU TA 64 -31.26 80.98 57.15
CA LEU TA 64 -30.24 81.99 56.97
C LEU TA 64 -29.28 82.00 58.14
N VAL TA 65 -28.01 82.27 57.83
CA VAL TA 65 -26.93 82.34 58.80
C VAL TA 65 -26.54 83.80 58.95
N LYS TA 66 -26.49 84.28 60.18
CA LYS TA 66 -26.51 85.71 60.46
C LYS TA 66 -25.15 86.32 60.79
N ILE TA 67 -24.06 85.53 60.83
CA ILE TA 67 -22.80 85.98 61.43
C ILE TA 67 -23.03 86.33 62.89
N GLN TA 68 -23.17 85.32 63.74
CA GLN TA 68 -23.29 85.59 65.17
C GLN TA 68 -21.93 85.87 65.79
N ASN TA 69 -21.92 86.78 66.76
CA ASN TA 69 -20.81 86.94 67.69
C ASN TA 69 -19.54 87.44 67.01
N ASN TA 70 -19.68 88.37 66.07
CA ASN TA 70 -18.61 88.74 65.15
C ASN TA 70 -18.12 87.42 64.58
N HIS TA 71 -16.83 87.21 64.37
CA HIS TA 71 -16.35 85.85 64.21
C HIS TA 71 -15.58 85.34 65.42
N GLN TA 72 -15.36 86.20 66.41
CA GLN TA 72 -14.68 85.78 67.62
C GLN TA 72 -15.63 85.03 68.56
N TYR TA 73 -15.03 84.30 69.50
CA TYR TA 73 -15.69 83.39 70.42
C TYR TA 73 -16.23 84.05 71.69
N LYS TA 74 -15.36 84.64 72.48
CA LYS TA 74 -15.63 85.11 73.83
C LYS TA 74 -16.06 83.99 74.77
N THR TA 75 -16.77 84.34 75.84
CA THR TA 75 -17.20 83.40 76.86
C THR TA 75 -18.63 83.73 77.28
N GLU TA 76 -18.85 84.98 77.69
CA GLU TA 76 -20.12 85.66 77.88
C GLU TA 76 -20.76 85.55 79.27
N LEU TA 77 -20.36 84.59 80.11
CA LEU TA 77 -20.76 84.56 81.53
C LEU TA 77 -22.23 84.97 81.69
N ILE TA 78 -23.14 84.10 81.24
CA ILE TA 78 -24.46 84.55 80.82
C ILE TA 78 -25.20 85.34 81.90
N SER TA 79 -25.80 84.64 82.87
CA SER TA 79 -26.43 85.20 84.06
C SER TA 79 -27.61 86.10 83.74
N PRO TA 80 -28.61 86.16 84.61
CA PRO TA 80 -29.35 87.42 84.77
C PRO TA 80 -28.81 88.16 85.98
N SER TA 81 -29.33 89.34 86.29
CA SER TA 81 -29.04 89.94 87.59
C SER TA 81 -30.26 90.66 88.21
N THR TA 82 -30.74 90.28 89.40
CA THR TA 82 -30.64 88.97 90.10
C THR TA 82 -29.30 88.22 90.11
N SER TA 83 -28.24 88.90 90.56
CA SER TA 83 -26.90 88.31 90.60
C SER TA 83 -26.86 87.01 91.40
N GLN TA 84 -27.88 86.75 92.22
CA GLN TA 84 -27.97 85.48 92.94
C GLN TA 84 -28.12 84.29 92.00
N GLY TA 85 -28.36 84.53 90.71
CA GLY TA 85 -28.60 83.45 89.78
C GLY TA 85 -27.37 82.56 89.58
N LYS TA 86 -27.55 81.54 88.73
CA LYS TA 86 -26.50 80.57 88.51
C LYS TA 86 -25.30 81.20 87.80
N SER TA 87 -25.55 82.02 86.78
CA SER TA 87 -24.51 82.76 86.09
C SER TA 87 -23.50 81.84 85.43
N GLN TA 88 -24.00 80.86 84.68
CA GLN TA 88 -23.12 79.98 83.92
C GLN TA 88 -22.29 80.78 82.94
N ARG TA 89 -21.01 80.41 82.81
CA ARG TA 89 -20.10 81.22 82.02
C ARG TA 89 -20.25 80.93 80.53
N CYS TA 90 -20.48 79.67 80.18
CA CYS TA 90 -20.60 79.19 78.81
C CYS TA 90 -19.44 79.58 77.90
N VAL TA 91 -19.69 79.55 76.60
CA VAL TA 91 -18.79 79.95 75.53
C VAL TA 91 -19.66 80.28 74.34
N SER TA 92 -19.34 81.34 73.61
CA SER TA 92 -20.06 81.64 72.39
C SER TA 92 -19.14 81.39 71.23
N THR TA 93 -19.69 81.03 70.09
CA THR TA 93 -18.93 80.73 68.90
C THR TA 93 -19.53 81.43 67.70
N PRO TA 94 -18.75 81.67 66.65
CA PRO TA 94 -19.34 82.20 65.41
C PRO TA 94 -20.27 81.25 64.72
N TRP TA 95 -20.26 79.98 65.11
CA TRP TA 95 -20.98 78.95 64.38
C TRP TA 95 -22.46 78.94 64.72
N SER TA 96 -23.26 78.50 63.75
CA SER TA 96 -24.66 78.20 63.92
C SER TA 96 -24.85 76.74 63.56
N TYR TA 97 -25.96 76.16 63.99
CA TYR TA 97 -26.14 74.73 63.78
C TYR TA 97 -27.58 74.41 63.42
N PHE TA 98 -27.73 73.27 62.75
CA PHE TA 98 -29.03 72.74 62.38
C PHE TA 98 -29.50 71.76 63.45
N ASN TA 99 -30.64 72.04 64.05
CA ASN TA 99 -31.28 71.13 64.99
C ASN TA 99 -32.46 70.50 64.30
N PHE TA 100 -32.38 69.21 64.01
CA PHE TA 100 -33.47 68.48 63.39
C PHE TA 100 -34.33 67.71 64.37
N ASN TA 101 -34.09 67.86 65.66
CA ASN TA 101 -34.64 66.93 66.65
C ASN TA 101 -35.99 67.44 67.13
N GLN TA 102 -37.05 66.82 66.63
CA GLN TA 102 -38.43 66.99 67.07
C GLN TA 102 -39.28 66.17 66.12
N TYR TA 103 -40.48 65.78 66.57
CA TYR TA 103 -41.35 65.07 65.65
C TYR TA 103 -42.15 66.02 64.78
N SER TA 104 -42.65 67.10 65.36
CA SER TA 104 -43.49 68.03 64.61
C SER TA 104 -42.78 68.65 63.43
N SER TA 105 -41.46 68.54 63.37
CA SER TA 105 -40.74 69.05 62.22
C SER TA 105 -40.87 68.12 61.03
N HIS TA 106 -40.82 66.81 61.27
CA HIS TA 106 -40.80 65.83 60.20
C HIS TA 106 -42.16 65.27 59.83
N PHE TA 107 -43.20 65.56 60.61
CA PHE TA 107 -44.52 64.98 60.38
C PHE TA 107 -45.56 66.07 60.36
N SER TA 108 -46.33 66.10 59.28
CA SER TA 108 -47.50 66.95 59.26
C SER TA 108 -48.51 66.42 60.27
N PRO TA 109 -49.43 67.27 60.72
CA PRO TA 109 -50.46 66.78 61.63
C PRO TA 109 -51.25 65.62 61.07
N GLN TA 110 -51.30 65.43 59.76
CA GLN TA 110 -51.89 64.22 59.22
C GLN TA 110 -50.92 63.05 59.14
N ASP TA 111 -49.68 63.29 58.72
CA ASP TA 111 -48.71 62.20 58.69
C ASP TA 111 -48.56 61.57 60.06
N TRP TA 112 -48.19 62.39 61.05
CA TRP TA 112 -48.49 62.05 62.42
C TRP TA 112 -50.00 61.89 62.50
N GLN TA 113 -50.47 60.93 63.29
CA GLN TA 113 -51.85 60.46 63.31
C GLN TA 113 -52.16 59.51 62.16
N ARG TA 114 -51.38 59.51 61.10
CA ARG TA 114 -51.47 58.36 60.23
C ARG TA 114 -50.64 57.21 60.75
N LEU TA 115 -49.48 57.49 61.31
CA LEU TA 115 -48.73 56.43 61.98
C LEU TA 115 -49.21 56.19 63.39
N THR TA 116 -49.61 57.24 64.10
CA THR TA 116 -50.07 57.04 65.47
C THR TA 116 -51.32 56.17 65.49
N ASN TA 117 -52.16 56.28 64.47
CA ASN TA 117 -53.33 55.43 64.40
C ASN TA 117 -52.99 54.05 63.84
N GLU TA 118 -52.15 53.98 62.82
CA GLU TA 118 -52.04 52.77 62.03
C GLU TA 118 -50.86 51.88 62.40
N TYR TA 119 -50.03 52.24 63.37
CA TYR TA 119 -48.84 51.43 63.61
C TYR TA 119 -48.58 51.21 65.09
N LYS TA 120 -48.03 50.03 65.42
CA LYS TA 120 -47.61 49.75 66.78
C LYS TA 120 -46.44 50.61 67.20
N ARG TA 121 -45.39 50.63 66.39
CA ARG TA 121 -44.13 51.15 66.84
C ARG TA 121 -43.35 51.66 65.65
N PHE TA 122 -42.44 52.57 65.92
CA PHE TA 122 -41.61 53.13 64.87
C PHE TA 122 -40.32 53.62 65.49
N ARG TA 123 -39.27 53.61 64.69
CA ARG TA 123 -38.02 54.23 65.08
C ARG TA 123 -37.38 54.76 63.81
N PRO TA 124 -36.66 55.87 63.88
CA PRO TA 124 -35.99 56.36 62.68
C PRO TA 124 -34.89 55.42 62.26
N LYS TA 125 -34.93 55.01 60.99
CA LYS TA 125 -33.93 54.10 60.47
C LYS TA 125 -32.68 54.83 59.99
N GLY TA 126 -32.86 55.94 59.30
CA GLY TA 126 -31.75 56.66 58.71
C GLY TA 126 -32.14 58.10 58.46
N MET TA 127 -31.16 58.89 58.05
CA MET TA 127 -31.36 60.31 57.86
C MET TA 127 -30.44 60.79 56.76
N HIS TA 128 -30.93 61.69 55.92
CA HIS TA 128 -30.17 62.20 54.79
C HIS TA 128 -30.45 63.68 54.68
N VAL TA 129 -29.40 64.49 54.76
CA VAL TA 129 -29.54 65.94 54.79
C VAL TA 129 -28.76 66.53 53.64
N LYS TA 130 -29.33 67.55 53.00
CA LYS TA 130 -28.69 68.18 51.85
C LYS TA 130 -28.80 69.70 52.00
N ILE TA 131 -27.65 70.35 52.02
CA ILE TA 131 -27.57 71.80 51.91
C ILE TA 131 -27.41 72.11 50.45
N TYR TA 132 -28.17 73.08 49.94
CA TYR TA 132 -28.04 73.43 48.54
C TYR TA 132 -28.73 74.77 48.31
N ASN TA 133 -28.64 75.25 47.07
CA ASN TA 133 -29.21 76.53 46.67
C ASN TA 133 -28.78 77.66 47.61
N LEU TA 134 -27.47 77.75 47.82
CA LEU TA 134 -26.95 78.74 48.74
C LEU TA 134 -26.92 80.12 48.10
N GLN TA 135 -26.99 81.15 48.95
CA GLN TA 135 -26.95 82.53 48.50
C GLN TA 135 -26.22 83.36 49.53
N ILE TA 136 -25.31 84.23 49.09
CA ILE TA 136 -24.61 85.15 49.98
C ILE TA 136 -25.00 86.55 49.56
N LYS TA 137 -25.70 87.28 50.41
CA LYS TA 137 -26.37 88.48 49.96
C LYS TA 137 -25.69 89.81 50.31
N GLN TA 138 -24.61 89.82 51.10
CA GLN TA 138 -23.82 91.04 51.27
C GLN TA 138 -24.66 92.21 51.76
N ILE TA 139 -24.99 92.19 53.05
CA ILE TA 139 -25.70 93.31 53.66
C ILE TA 139 -24.94 94.61 53.43
N LEU TA 140 -25.66 95.66 53.06
CA LEU TA 140 -25.11 97.01 53.05
C LEU TA 140 -26.02 97.95 53.81
N SER TA 141 -25.42 98.99 54.38
CA SER TA 141 -26.14 100.03 55.08
C SER TA 141 -25.59 101.38 54.66
N ASN TA 142 -26.45 102.21 54.06
CA ASN TA 142 -26.14 103.60 53.76
C ASN TA 142 -26.57 104.52 54.91
N GLY TA 143 -27.01 103.93 56.01
CA GLY TA 143 -27.71 104.61 57.07
C GLY TA 143 -29.20 104.39 56.86
N ALA TA 144 -29.91 104.19 57.97
CA ALA TA 144 -31.31 103.74 57.98
C ALA TA 144 -31.39 102.50 57.08
N ASP TA 145 -32.48 102.31 56.33
CA ASP TA 145 -32.63 101.42 55.18
C ASP TA 145 -31.93 100.07 55.29
N THR TA 146 -31.43 99.59 54.15
CA THR TA 146 -30.46 98.52 53.91
C THR TA 146 -30.46 98.26 52.42
N THR TA 147 -29.41 97.60 51.91
CA THR TA 147 -29.41 97.10 50.54
C THR TA 147 -28.69 95.77 50.53
N TYR TA 148 -29.05 94.93 49.57
CA TYR TA 148 -28.48 93.60 49.43
C TYR TA 148 -28.02 93.46 47.99
N ASN TA 149 -26.70 93.39 47.79
CA ASN TA 149 -26.17 93.42 46.44
C ASN TA 149 -26.08 92.03 45.85
N ASN TA 150 -26.64 91.05 46.55
CA ASN TA 150 -26.29 89.66 46.37
C ASN TA 150 -24.79 89.57 46.59
N ASP TA 151 -24.14 88.64 45.91
CA ASP TA 151 -22.69 88.49 46.01
C ASP TA 151 -22.31 87.25 45.22
N LEU TA 152 -21.06 87.19 44.84
CA LEU TA 152 -20.44 85.96 44.38
C LEU TA 152 -19.06 85.93 45.01
N THR TA 153 -18.29 84.90 44.70
CA THR TA 153 -16.97 84.72 45.28
C THR TA 153 -17.01 84.86 46.80
N ALA TA 154 -18.01 84.28 47.43
CA ALA TA 154 -18.10 84.22 48.88
C ALA TA 154 -18.36 82.77 49.29
N GLY TA 155 -18.25 82.48 50.58
CA GLY TA 155 -18.22 81.11 51.02
C GLY TA 155 -18.94 80.91 52.34
N VAL TA 156 -19.22 79.64 52.61
CA VAL TA 156 -19.93 79.22 53.80
C VAL TA 156 -19.27 77.96 54.31
N HIS TA 157 -18.90 77.96 55.59
CA HIS TA 157 -18.33 76.78 56.21
C HIS TA 157 -19.45 75.86 56.65
N ILE TA 158 -19.30 74.57 56.40
CA ILE TA 158 -20.28 73.57 56.80
C ILE TA 158 -19.53 72.40 57.39
N PHE TA 159 -19.87 72.05 58.63
CA PHE TA 159 -19.14 71.04 59.38
C PHE TA 159 -20.13 70.12 60.06
N CYS TA 160 -19.83 68.82 60.06
CA CYS TA 160 -20.68 67.82 60.68
C CYS TA 160 -19.86 67.00 61.66
N ASP TA 161 -20.52 66.48 62.70
CA ASP TA 161 -19.89 65.61 63.68
C ASP TA 161 -20.24 64.16 63.41
N GLY TA 162 -19.28 63.38 62.93
CA GLY TA 162 -19.50 61.95 62.88
C GLY TA 162 -18.99 61.28 64.14
N GLU TA 163 -18.00 61.91 64.78
CA GLU TA 163 -17.40 61.35 65.97
C GLU TA 163 -18.07 61.83 67.24
N HIS TA 164 -18.90 62.86 67.15
CA HIS TA 164 -19.45 63.56 68.30
C HIS TA 164 -18.36 64.05 69.25
N ALA TA 165 -17.17 64.32 68.74
CA ALA TA 165 -16.32 65.29 69.41
C ALA TA 165 -17.01 66.63 69.34
N TYR TA 166 -16.61 67.54 70.22
CA TYR TA 166 -17.22 68.85 70.42
C TYR TA 166 -18.47 68.74 71.27
N PRO TA 167 -18.79 69.80 72.00
CA PRO TA 167 -19.84 69.73 73.04
C PRO TA 167 -21.27 69.50 72.58
N ASN TA 168 -21.55 69.48 71.28
CA ASN TA 168 -22.85 69.12 70.69
C ASN TA 168 -24.05 69.86 71.30
N ALA TA 169 -24.26 71.10 70.84
CA ALA TA 169 -25.28 72.00 71.41
C ALA TA 169 -26.62 71.31 71.64
N THR TA 170 -27.04 70.44 70.74
CA THR TA 170 -28.43 69.96 70.75
C THR TA 170 -28.81 69.40 72.10
N HIS TA 171 -29.90 69.94 72.65
CA HIS TA 171 -30.57 69.52 73.87
C HIS TA 171 -32.00 69.21 73.48
N PRO TA 172 -32.61 68.18 74.07
CA PRO TA 172 -33.91 67.72 73.54
C PRO TA 172 -34.96 68.80 73.32
N TRP TA 173 -35.22 69.65 74.30
CA TRP TA 173 -36.36 70.56 74.15
C TRP TA 173 -35.93 71.81 73.41
N ASP TA 174 -35.17 72.66 74.06
CA ASP TA 174 -34.62 73.88 73.46
C ASP TA 174 -35.77 74.63 72.79
N GLU TA 175 -35.62 75.06 71.55
CA GLU TA 175 -36.54 75.91 70.83
C GLU TA 175 -36.45 75.41 69.41
N ASP TA 176 -36.96 76.20 68.47
CA ASP TA 176 -36.50 76.17 67.06
C ASP TA 176 -36.64 74.75 66.52
N VAL TA 177 -35.55 74.03 66.27
CA VAL TA 177 -35.50 72.84 65.44
C VAL TA 177 -35.98 73.34 64.09
N MET TA 178 -36.65 72.49 63.32
CA MET TA 178 -37.21 72.99 62.08
C MET TA 178 -38.57 73.59 62.38
N PRO TA 179 -39.00 74.62 61.68
CA PRO TA 179 -40.35 75.08 61.88
C PRO TA 179 -41.30 73.96 61.46
N GLU TA 180 -42.24 73.64 62.33
CA GLU TA 180 -43.15 72.53 62.04
C GLU TA 180 -43.85 72.72 60.71
N LEU TA 181 -43.89 73.94 60.23
CA LEU TA 181 -44.63 74.33 59.05
C LEU TA 181 -43.64 74.71 57.96
N PRO TA 182 -43.64 74.08 56.78
CA PRO TA 182 -42.69 74.51 55.73
C PRO TA 182 -42.98 75.93 55.27
N TYR TA 183 -42.29 76.40 54.24
CA TYR TA 183 -42.42 77.75 53.70
C TYR TA 183 -42.06 78.80 54.75
N GLN TA 184 -41.88 78.36 55.98
CA GLN TA 184 -41.52 79.24 57.08
C GLN TA 184 -40.01 79.24 57.19
N THR TA 185 -39.39 80.39 56.97
CA THR TA 185 -37.94 80.47 56.97
C THR TA 185 -37.39 80.06 58.32
N TRP TA 186 -36.22 79.42 58.31
CA TRP TA 186 -35.68 78.82 59.50
C TRP TA 186 -34.41 79.56 59.92
N TYR TA 187 -34.50 80.31 61.00
CA TYR TA 187 -33.37 81.08 61.50
C TYR TA 187 -32.53 80.19 62.39
N LEU TA 188 -31.26 80.06 62.06
CA LEU TA 188 -30.34 79.27 62.85
C LEU TA 188 -29.97 79.98 64.13
N PHE TA 189 -29.46 79.21 65.08
CA PHE TA 189 -29.11 79.71 66.40
C PHE TA 189 -27.62 79.47 66.66
N GLN TA 190 -27.06 80.37 67.45
CA GLN TA 190 -25.62 80.36 67.70
C GLN TA 190 -25.21 79.12 68.49
N TYR TA 191 -24.05 78.59 68.18
CA TYR TA 191 -23.52 77.43 68.89
C TYR TA 191 -22.71 77.89 70.08
N GLY TA 192 -22.99 77.29 71.25
CA GLY TA 192 -22.26 77.59 72.45
C GLY TA 192 -22.25 76.37 73.33
N TYR TA 193 -21.43 76.43 74.37
CA TYR TA 193 -21.35 75.30 75.27
C TYR TA 193 -20.82 75.75 76.62
N ILE TA 194 -21.12 74.96 77.64
CA ILE TA 194 -20.61 75.22 78.99
C ILE TA 194 -19.26 74.56 79.14
N PRO TA 195 -18.16 75.31 79.22
CA PRO TA 195 -16.87 74.67 79.47
C PRO TA 195 -16.78 74.05 80.86
N VAL TA 196 -17.19 74.78 81.90
CA VAL TA 196 -17.14 74.31 83.29
C VAL TA 196 -18.18 75.08 84.10
N ILE TA 197 -18.66 74.45 85.17
CA ILE TA 197 -19.55 75.11 86.12
C ILE TA 197 -18.92 76.43 86.55
N HIS TA 198 -19.70 77.51 86.48
CA HIS TA 198 -19.15 78.82 86.79
C HIS TA 198 -18.71 78.91 88.24
N GLU TA 199 -19.61 78.62 89.18
CA GLU TA 199 -19.15 78.38 90.52
C GLU TA 199 -18.23 77.18 90.50
N LEU TA 200 -17.36 77.05 91.50
CA LEU TA 200 -16.29 76.07 91.44
C LEU TA 200 -15.34 76.41 90.29
N ALA TA 201 -14.40 77.33 90.56
CA ALA TA 201 -13.64 78.18 89.63
C ALA TA 201 -14.14 79.61 89.54
N GLU TA 202 -15.11 80.01 90.36
CA GLU TA 202 -15.54 81.41 90.36
C GLU TA 202 -14.40 82.47 90.41
N MET TA 203 -13.35 82.34 91.23
CA MET TA 203 -13.17 81.42 92.33
C MET TA 203 -12.90 82.27 93.58
N GLU TA 204 -13.13 81.72 94.77
CA GLU TA 204 -13.05 82.54 95.96
C GLU TA 204 -11.69 82.45 96.62
N ASP TA 205 -10.91 83.53 96.51
CA ASP TA 205 -9.65 83.70 97.21
C ASP TA 205 -8.77 82.48 97.08
N SER TA 206 -8.05 82.13 98.15
CA SER TA 206 -7.45 80.81 98.36
C SER TA 206 -6.73 80.34 97.03
N ASN TA 207 -7.02 79.24 96.31
CA ASN TA 207 -7.87 78.09 96.61
C ASN TA 207 -7.16 76.80 96.28
N ALA TA 208 -6.83 76.68 94.98
CA ALA TA 208 -6.08 75.59 94.37
C ALA TA 208 -6.94 74.36 94.15
N VAL TA 209 -8.08 74.27 94.84
CA VAL TA 209 -9.07 73.27 94.47
C VAL TA 209 -9.96 73.78 93.34
N GLU TA 210 -10.31 75.07 93.39
CA GLU TA 210 -11.01 75.67 92.25
C GLU TA 210 -10.05 76.27 91.25
N LYS TA 211 -8.77 76.42 91.62
CA LYS TA 211 -7.78 76.78 90.62
C LYS TA 211 -7.66 75.67 89.60
N ALA TA 212 -7.42 74.46 90.05
CA ALA TA 212 -7.76 73.32 89.23
C ALA TA 212 -9.27 73.31 89.02
N ILE TA 213 -9.69 72.73 87.90
CA ILE TA 213 -11.05 72.78 87.36
C ILE TA 213 -11.27 74.13 86.69
N CYS TA 214 -10.52 75.15 87.10
CA CYS TA 214 -10.44 76.36 86.28
C CYS TA 214 -9.36 76.23 85.23
N LEU TA 215 -8.21 75.68 85.61
CA LEU TA 215 -7.14 75.44 84.65
C LEU TA 215 -7.54 74.38 83.64
N GLN TA 216 -8.39 73.45 84.04
CA GLN TA 216 -8.67 72.31 83.18
C GLN TA 216 -9.83 72.55 82.23
N ILE TA 217 -10.42 73.75 82.22
CA ILE TA 217 -11.60 73.95 81.40
C ILE TA 217 -11.15 73.76 79.97
N PRO TA 218 -11.76 72.85 79.22
CA PRO TA 218 -11.38 72.65 77.84
C PRO TA 218 -11.93 73.76 76.96
N PHE TA 219 -11.25 74.00 75.86
CA PHE TA 219 -11.66 75.00 74.90
C PHE TA 219 -11.72 74.37 73.53
N PHE TA 220 -12.93 74.26 72.99
CA PHE TA 220 -13.16 73.58 71.74
C PHE TA 220 -13.37 74.61 70.64
N MET TA 221 -12.90 74.29 69.45
CA MET TA 221 -12.99 75.17 68.31
C MET TA 221 -13.37 74.33 67.11
N LEU TA 222 -14.28 74.83 66.30
CA LEU TA 222 -14.71 74.07 65.15
C LEU TA 222 -13.79 74.26 63.96
N GLU TA 223 -12.69 75.00 64.12
CA GLU TA 223 -11.81 75.18 62.99
C GLU TA 223 -10.96 73.93 62.81
N ASN TA 224 -9.93 73.72 63.64
CA ASN TA 224 -9.51 72.37 64.03
C ASN TA 224 -9.75 71.36 62.93
N SER TA 225 -10.58 70.36 63.24
CA SER TA 225 -10.96 69.36 62.25
C SER TA 225 -11.51 70.01 60.98
N ASP TA 226 -11.15 69.44 59.84
CA ASP TA 226 -11.45 70.05 58.56
C ASP TA 226 -12.94 70.00 58.25
N HIS TA 227 -13.37 70.90 57.37
CA HIS TA 227 -14.75 70.99 56.95
C HIS TA 227 -14.83 71.69 55.61
N GLU TA 228 -15.98 71.58 54.98
CA GLU TA 228 -16.14 72.09 53.63
C GLU TA 228 -16.57 73.54 53.63
N VAL TA 229 -16.04 74.30 52.68
CA VAL TA 229 -16.52 75.63 52.37
C VAL TA 229 -17.27 75.52 51.05
N LEU TA 230 -18.31 76.34 50.89
CA LEU TA 230 -19.14 76.26 49.70
C LEU TA 230 -19.38 77.66 49.17
N ARG TA 231 -19.13 77.86 47.88
CA ARG TA 231 -19.69 79.03 47.23
C ARG TA 231 -21.13 78.71 46.84
N THR TA 232 -21.73 79.57 46.04
CA THR TA 232 -23.13 79.39 45.66
C THR TA 232 -23.37 78.08 44.93
N GLY TA 233 -22.69 77.86 43.80
CA GLY TA 233 -23.01 76.72 42.97
C GLY TA 233 -22.86 75.36 43.63
N GLU TA 234 -22.06 75.29 44.69
CA GLU TA 234 -21.80 74.03 45.36
C GLU TA 234 -22.90 73.67 46.34
N SER TA 235 -23.01 72.38 46.65
CA SER TA 235 -23.90 71.87 47.69
C SER TA 235 -23.16 70.84 48.53
N THR TA 236 -23.89 70.24 49.47
CA THR TA 236 -23.32 69.22 50.34
C THR TA 236 -24.41 68.27 50.78
N GLU TA 237 -24.05 67.01 50.96
CA GLU TA 237 -24.95 65.99 51.50
C GLU TA 237 -24.38 65.43 52.79
N PHE TA 238 -25.26 64.94 53.65
CA PHE TA 238 -24.87 64.23 54.84
C PHE TA 238 -25.83 63.07 55.06
N THR TA 239 -25.30 61.95 55.52
CA THR TA 239 -26.13 60.80 55.83
C THR TA 239 -25.94 60.42 57.29
N PHE TA 240 -26.91 59.70 57.83
CA PHE TA 240 -26.84 59.24 59.20
C PHE TA 240 -27.56 57.91 59.30
N ASN TA 241 -27.05 57.05 60.16
CA ASN TA 241 -27.71 55.80 60.48
C ASN TA 241 -27.91 55.73 61.98
N PHE TA 242 -28.95 55.03 62.39
CA PHE TA 242 -29.37 55.04 63.78
C PHE TA 242 -29.33 53.63 64.35
N ASP TA 243 -28.56 53.46 65.42
CA ASP TA 243 -28.77 52.35 66.34
C ASP TA 243 -29.71 52.87 67.41
N CYS TA 244 -30.95 52.40 67.40
CA CYS TA 244 -32.01 53.14 68.02
C CYS TA 244 -33.08 52.19 68.55
N GLU TA 245 -33.68 52.56 69.67
CA GLU TA 245 -34.73 51.76 70.29
C GLU TA 245 -36.07 52.17 69.73
N TRP TA 246 -36.95 51.18 69.57
CA TRP TA 246 -38.31 51.45 69.13
C TRP TA 246 -39.01 52.36 70.13
N ILE TA 247 -39.90 53.20 69.63
CA ILE TA 247 -40.87 53.89 70.47
C ILE TA 247 -42.23 53.28 70.17
N ASN TA 248 -42.92 52.82 71.21
CA ASN TA 248 -44.07 51.95 71.05
C ASN TA 248 -45.36 52.73 71.20
N ASN TA 249 -46.21 52.65 70.19
CA ASN TA 249 -47.58 53.15 70.28
C ASN TA 249 -48.47 51.96 70.52
N GLU TA 250 -48.97 51.84 71.74
CA GLU TA 250 -49.66 50.67 72.28
C GLU TA 250 -50.17 51.06 73.65
N ARG TA 251 -51.15 50.30 74.12
CA ARG TA 251 -51.84 50.64 75.35
C ARG TA 251 -52.11 49.36 76.12
N ALA TA 252 -51.79 49.37 77.41
CA ALA TA 252 -52.15 48.28 78.29
C ALA TA 252 -53.50 48.59 78.90
N TYR TA 253 -54.47 47.73 78.63
CA TYR TA 253 -55.82 47.94 79.15
C TYR TA 253 -55.95 47.57 80.60
N ILE TA 254 -54.97 46.87 81.17
CA ILE TA 254 -54.95 46.53 82.59
C ILE TA 254 -53.54 46.68 83.13
N PRO TA 255 -53.39 46.90 84.43
CA PRO TA 255 -52.08 46.86 85.04
C PRO TA 255 -51.45 45.49 84.85
N PRO TA 256 -50.13 45.39 84.90
CA PRO TA 256 -49.50 44.08 84.74
C PRO TA 256 -49.83 43.13 85.87
N GLY TA 257 -50.10 43.65 87.07
CA GLY TA 257 -50.47 42.80 88.17
C GLY TA 257 -51.90 42.33 88.16
N LEU TA 258 -52.70 42.80 87.21
CA LEU TA 258 -54.11 42.45 87.12
C LEU TA 258 -54.34 41.28 86.18
N MET TA 259 -53.29 40.64 85.70
CA MET TA 259 -53.40 39.55 84.75
C MET TA 259 -53.54 38.24 85.51
N PHE TA 260 -54.73 37.66 85.46
CA PHE TA 260 -55.00 36.36 86.05
C PHE TA 260 -56.46 36.02 85.79
N ASN TA 261 -56.78 34.76 85.92
CA ASN TA 261 -58.16 34.33 85.78
C ASN TA 261 -58.82 34.43 87.16
N PRO TA 262 -59.68 35.40 87.38
CA PRO TA 262 -60.25 35.58 88.72
C PRO TA 262 -61.24 34.50 89.08
N LEU TA 263 -61.71 33.74 88.11
CA LEU TA 263 -62.63 32.64 88.40
C LEU TA 263 -61.92 31.53 89.15
N VAL TA 264 -60.69 31.22 88.77
CA VAL TA 264 -60.00 30.06 89.33
C VAL TA 264 -59.52 30.38 90.73
N PRO TA 265 -59.74 29.50 91.71
CA PRO TA 265 -59.18 29.74 93.05
C PRO TA 265 -57.66 29.66 93.02
N THR TA 266 -57.05 30.23 94.05
CA THR TA 266 -55.60 30.26 94.14
C THR TA 266 -55.13 29.42 95.32
N ARG TA 267 -53.95 28.84 95.19
CA ARG TA 267 -53.30 28.22 96.32
C ARG TA 267 -52.24 29.13 96.89
N ARG TA 268 -52.59 29.78 98.01
CA ARG TA 268 -51.77 30.80 98.65
C ARG TA 268 -52.50 31.17 99.94
N ALA TA 269 -51.82 31.83 100.85
CA ALA TA 269 -52.45 32.18 102.11
C ALA TA 269 -51.93 33.52 102.60
N GLN TA 270 -52.75 34.16 103.43
CA GLN TA 270 -52.44 35.46 104.00
C GLN TA 270 -52.40 35.29 105.51
N TYR TA 271 -51.23 35.43 106.11
CA TYR TA 271 -51.11 35.60 107.54
C TYR TA 271 -51.19 37.10 107.80
N ILE TA 272 -51.97 37.48 108.79
CA ILE TA 272 -52.12 38.88 109.16
C ILE TA 272 -51.79 39.04 110.63
N ARG TA 273 -50.84 39.92 110.92
CA ARG TA 273 -50.37 40.12 112.29
C ARG TA 273 -51.49 40.61 113.18
N ARG TA 274 -51.35 40.35 114.48
CA ARG TA 274 -52.22 40.95 115.48
C ARG TA 274 -52.28 42.46 115.27
N ASN TA 275 -53.49 43.01 115.27
CA ASN TA 275 -53.67 44.38 114.82
C ASN TA 275 -53.23 45.39 115.87
N ASN TA 276 -53.26 45.01 117.14
CA ASN TA 276 -52.82 45.89 118.23
C ASN TA 276 -53.53 47.24 118.14
N ASN TA 277 -54.82 47.22 118.49
CA ASN TA 277 -55.79 48.28 118.23
C ASN TA 277 -56.09 48.28 116.73
N PRO TA 278 -57.34 48.56 116.33
CA PRO TA 278 -58.53 48.50 117.20
C PRO TA 278 -58.84 47.11 117.76
N GLN TA 279 -58.80 46.09 116.90
CA GLN TA 279 -59.40 44.81 117.22
C GLN TA 279 -58.93 43.79 116.16
N THR TA 280 -59.60 42.63 116.08
CA THR TA 280 -59.32 41.61 115.07
C THR TA 280 -57.93 40.99 115.20
N ALA TA 281 -57.80 40.07 116.15
CA ALA TA 281 -56.56 39.34 116.37
C ALA TA 281 -56.19 38.52 115.13
N GLU TA 282 -54.91 38.14 115.09
CA GLU TA 282 -54.31 37.57 113.89
C GLU TA 282 -55.06 36.35 113.39
N SER TA 283 -55.07 36.18 112.08
CA SER TA 283 -55.68 35.02 111.45
C SER TA 283 -55.01 34.76 110.11
N THR TA 284 -54.98 33.50 109.70
CA THR TA 284 -54.55 33.11 108.37
C THR TA 284 -55.74 32.69 107.54
N SER TA 285 -55.67 32.94 106.23
CA SER TA 285 -56.79 32.67 105.34
C SER TA 285 -56.27 32.49 103.93
N ARG TA 286 -57.08 31.84 103.11
CA ARG TA 286 -56.75 31.67 101.71
C ARG TA 286 -57.05 32.94 100.94
N ILE TA 287 -56.18 33.27 99.99
CA ILE TA 287 -56.40 34.44 99.17
C ILE TA 287 -57.59 34.22 98.26
N ALA TA 288 -58.44 35.24 98.17
CA ALA TA 288 -59.66 35.14 97.38
C ALA TA 288 -59.34 34.87 95.92
N PRO TA 289 -60.26 34.24 95.19
CA PRO TA 289 -59.97 33.93 93.77
C PRO TA 289 -59.71 35.18 92.96
N TYR TA 290 -60.56 36.19 93.11
CA TYR TA 290 -60.23 37.52 92.62
C TYR TA 290 -59.11 38.10 93.47
N ALA TA 291 -58.44 39.11 92.94
CA ALA TA 291 -57.41 39.83 93.68
C ALA TA 291 -56.30 38.90 94.15
N LYS TA 292 -55.75 38.16 93.22
CA LYS TA 292 -54.60 37.34 93.51
C LYS TA 292 -53.36 38.21 93.61
N PRO TA 293 -52.38 37.81 94.42
CA PRO TA 293 -51.15 38.58 94.53
C PRO TA 293 -50.38 38.57 93.22
N THR TA 294 -49.45 39.50 93.11
CA THR TA 294 -48.70 39.64 91.89
C THR TA 294 -47.22 39.85 92.16
N SER TA 295 -46.42 39.51 91.17
CA SER TA 295 -45.11 40.08 90.96
C SER TA 295 -45.26 41.43 90.29
N TRP TA 296 -44.19 41.90 89.68
CA TRP TA 296 -44.31 43.04 88.79
C TRP TA 296 -44.68 44.32 89.52
N MET TA 297 -43.67 44.83 90.21
CA MET TA 297 -43.63 46.10 90.90
C MET TA 297 -43.83 47.27 89.92
N THR TA 298 -44.25 48.41 90.46
CA THR TA 298 -44.45 49.60 89.64
C THR TA 298 -43.11 50.23 89.28
N GLY TA 299 -43.12 51.01 88.20
CA GLY TA 299 -41.96 51.72 87.76
C GLY TA 299 -41.51 52.77 88.75
N PRO TA 300 -40.24 53.15 88.68
CA PRO TA 300 -39.69 54.07 89.68
C PRO TA 300 -40.06 55.51 89.42
N GLY TA 301 -40.06 56.29 90.50
CA GLY TA 301 -40.30 57.71 90.43
C GLY TA 301 -39.76 58.37 91.67
N LEU TA 302 -39.69 59.70 91.63
CA LEU TA 302 -39.37 60.48 92.82
C LEU TA 302 -40.44 61.55 93.00
N LEU TA 303 -41.30 61.37 94.00
CA LEU TA 303 -42.41 62.27 94.25
C LEU TA 303 -42.26 63.19 95.46
N SER TA 304 -41.19 63.09 96.24
CA SER TA 304 -41.21 63.78 97.53
C SER TA 304 -40.88 65.26 97.41
N ALA TA 305 -39.95 65.61 96.53
CA ALA TA 305 -39.37 66.92 96.46
C ALA TA 305 -40.37 67.96 95.96
N GLN TA 306 -40.03 69.23 96.18
CA GLN TA 306 -40.78 70.36 95.65
C GLN TA 306 -39.81 71.37 95.06
N ARG TA 307 -40.19 71.97 93.94
CA ARG TA 307 -39.34 72.98 93.32
C ARG TA 307 -39.06 74.11 94.30
N VAL TA 308 -37.83 74.62 94.25
CA VAL TA 308 -37.27 75.45 95.31
C VAL TA 308 -36.98 76.85 94.79
N GLY TA 309 -37.73 77.81 95.31
CA GLY TA 309 -37.36 79.21 95.18
C GLY TA 309 -37.90 79.87 93.94
N PRO TA 310 -37.37 81.06 93.63
CA PRO TA 310 -37.90 81.86 92.54
C PRO TA 310 -37.49 81.32 91.18
N ALA TA 311 -38.27 81.68 90.17
CA ALA TA 311 -37.93 81.32 88.81
C ALA TA 311 -36.65 82.05 88.38
N THR TA 312 -36.03 81.53 87.32
CA THR TA 312 -34.74 81.94 86.75
C THR TA 312 -33.59 81.46 87.63
N SER TA 313 -33.87 80.87 88.79
CA SER TA 313 -32.85 80.31 89.67
C SER TA 313 -32.63 78.82 89.45
N ASP TA 314 -33.24 78.24 88.41
CA ASP TA 314 -33.19 76.80 88.15
C ASP TA 314 -33.83 76.01 89.29
N THR TA 315 -35.15 76.05 89.37
CA THR TA 315 -35.85 75.25 90.36
C THR TA 315 -36.21 73.91 89.75
N GLY TA 316 -35.51 72.86 90.16
CA GLY TA 316 -35.76 71.55 89.60
C GLY TA 316 -36.46 70.56 90.51
N ALA TA 317 -36.52 70.88 91.81
CA ALA TA 317 -36.93 70.05 92.92
C ALA TA 317 -35.94 68.91 93.17
N TRP TA 318 -35.08 68.57 92.21
CA TRP TA 318 -33.99 67.64 92.43
C TRP TA 318 -32.78 68.23 91.72
N MET TA 319 -31.75 68.56 92.47
CA MET TA 319 -30.52 69.09 91.90
C MET TA 319 -29.46 68.02 91.99
N VAL TA 320 -28.80 67.74 90.87
CA VAL TA 320 -27.78 66.70 90.85
C VAL TA 320 -26.46 67.23 91.40
N ALA TA 321 -26.07 68.42 90.98
CA ALA TA 321 -24.84 69.10 91.39
C ALA TA 321 -23.59 68.24 91.31
N VAL TA 322 -22.60 68.58 92.14
CA VAL TA 322 -21.33 67.86 92.23
C VAL TA 322 -20.86 67.76 93.67
N LYS TA 323 -20.56 68.91 94.28
CA LYS TA 323 -19.97 69.01 95.61
C LYS TA 323 -18.60 68.31 95.69
N PRO TA 324 -17.56 68.86 95.06
CA PRO TA 324 -16.20 68.43 95.39
C PRO TA 324 -15.89 68.74 96.85
N GLU TA 325 -14.88 68.05 97.38
CA GLU TA 325 -14.76 67.93 98.83
C GLU TA 325 -14.48 69.29 99.48
N ASN TA 326 -13.61 70.10 98.88
CA ASN TA 326 -13.39 71.44 99.42
C ASN TA 326 -14.09 72.49 98.57
N ALA TA 327 -13.46 72.83 97.46
CA ALA TA 327 -13.92 73.87 96.53
C ALA TA 327 -14.26 75.14 97.32
N SER TA 328 -15.30 75.84 96.87
CA SER TA 328 -16.02 76.81 97.66
C SER TA 328 -17.35 77.03 96.96
N ILE TA 329 -18.35 77.47 97.72
CA ILE TA 329 -19.68 77.59 97.16
C ILE TA 329 -20.35 78.84 97.72
N ASP TA 330 -21.01 79.57 96.83
CA ASP TA 330 -21.80 80.74 97.19
C ASP TA 330 -23.14 80.25 97.75
N THR TA 331 -24.12 81.15 97.87
CA THR TA 331 -25.47 80.70 98.14
C THR TA 331 -25.85 79.62 97.15
N GLY TA 332 -26.44 78.55 97.65
CA GLY TA 332 -26.64 77.35 96.85
C GLY TA 332 -25.79 76.18 97.29
N MET TA 333 -26.06 74.93 96.86
CA MET TA 333 -27.19 74.46 96.01
C MET TA 333 -27.46 75.33 94.77
N SER TA 334 -28.68 75.84 94.64
CA SER TA 334 -29.04 76.80 93.59
C SER TA 334 -28.72 76.25 92.16
N GLY TA 335 -27.79 76.75 91.32
CA GLY TA 335 -26.56 77.50 91.59
C GLY TA 335 -25.35 76.63 91.38
N ILE TA 336 -25.55 75.32 91.51
CA ILE TA 336 -24.62 74.31 91.03
C ILE TA 336 -25.45 73.13 90.54
N GLY TA 337 -24.97 72.47 89.51
CA GLY TA 337 -25.68 71.33 88.97
C GLY TA 337 -26.99 71.70 88.32
N SER TA 338 -27.74 70.66 87.97
CA SER TA 338 -28.90 70.80 87.10
C SER TA 338 -30.13 70.25 87.79
N GLY TA 339 -31.29 70.84 87.48
CA GLY TA 339 -32.54 70.29 87.97
C GLY TA 339 -32.92 69.05 87.19
N PHE TA 340 -33.43 68.05 87.91
CA PHE TA 340 -33.87 66.82 87.30
C PHE TA 340 -35.38 66.89 87.06
N ASP TA 341 -35.78 66.75 85.80
CA ASP TA 341 -37.15 67.01 85.42
C ASP TA 341 -37.57 66.06 84.29
N PRO TA 342 -38.83 65.57 84.31
CA PRO TA 342 -39.71 65.39 85.47
C PRO TA 342 -39.41 64.17 86.31
N PRO TA 343 -39.28 64.34 87.62
CA PRO TA 343 -39.64 63.24 88.52
C PRO TA 343 -41.12 63.31 88.93
N GLN TA 344 -41.91 62.23 89.05
CA GLN TA 344 -41.95 61.05 88.18
C GLN TA 344 -40.59 60.31 88.03
N GLY TA 345 -40.19 59.70 86.90
CA GLY TA 345 -40.97 59.26 85.75
C GLY TA 345 -42.03 58.25 86.12
N SER TA 346 -42.92 57.97 85.16
CA SER TA 346 -44.08 57.11 85.41
C SER TA 346 -44.83 57.59 86.63
N LEU TA 347 -45.27 56.65 87.46
CA LEU TA 347 -45.66 56.92 88.85
C LEU TA 347 -46.51 58.17 88.97
N ALA TA 348 -47.79 58.09 88.60
CA ALA TA 348 -48.60 59.25 88.27
C ALA TA 348 -48.42 60.37 89.28
N PRO TA 349 -48.20 61.61 88.83
CA PRO TA 349 -47.78 62.68 89.73
C PRO TA 349 -48.92 63.18 90.61
N THR TA 350 -48.53 63.92 91.64
CA THR TA 350 -49.48 64.51 92.57
C THR TA 350 -50.12 65.76 91.97
N ASN TA 351 -49.33 66.82 91.78
CA ASN TA 351 -49.89 68.03 91.24
C ASN TA 351 -49.19 68.43 89.95
N LEU TA 352 -49.58 69.59 89.43
CA LEU TA 352 -49.10 70.12 88.16
C LEU TA 352 -47.59 70.25 88.14
N GLU TA 353 -46.98 70.39 89.32
CA GLU TA 353 -45.56 70.70 89.41
C GLU TA 353 -44.69 69.64 88.75
N TYR TA 354 -45.17 68.40 88.69
CA TYR TA 354 -44.44 67.29 88.09
C TYR TA 354 -44.90 66.97 86.67
N LYS TA 355 -45.86 67.70 86.12
CA LYS TA 355 -46.65 67.24 85.00
C LYS TA 355 -46.03 67.61 83.66
N ILE TA 356 -44.79 68.08 83.68
CA ILE TA 356 -44.09 68.75 82.58
C ILE TA 356 -44.92 69.97 82.20
N GLN TA 357 -44.72 70.48 80.98
CA GLN TA 357 -45.42 71.62 80.42
C GLN TA 357 -44.60 72.08 79.23
N TRP TA 358 -45.15 72.83 78.27
CA TRP TA 358 -44.33 73.59 77.35
C TRP TA 358 -45.20 74.63 76.68
N TYR TA 359 -44.55 75.65 76.11
CA TYR TA 359 -45.31 76.77 75.55
C TYR TA 359 -45.57 76.62 74.07
N GLN TA 360 -44.90 75.68 73.40
CA GLN TA 360 -45.03 75.45 71.96
C GLN TA 360 -45.04 76.74 71.15
N THR TA 361 -44.30 77.75 71.61
CA THR TA 361 -44.28 79.08 71.02
C THR TA 361 -43.28 79.94 71.77
N PRO TA 362 -42.43 80.67 71.08
CA PRO TA 362 -41.53 81.60 71.79
C PRO TA 362 -42.25 82.80 72.36
N GLN TA 363 -43.37 83.20 71.76
CA GLN TA 363 -44.13 84.34 72.28
C GLN TA 363 -44.90 83.99 73.54
N GLY TA 364 -44.88 82.72 73.94
CA GLY TA 364 -45.66 82.29 75.09
C GLY TA 364 -45.28 82.96 76.40
N THR TA 365 -46.25 83.62 77.03
CA THR TA 365 -46.05 84.25 78.32
C THR TA 365 -46.27 83.21 79.41
N ASN TA 366 -46.38 83.64 80.66
CA ASN TA 366 -46.48 82.70 81.77
C ASN TA 366 -47.63 81.71 81.56
N ASN TA 367 -48.85 82.21 81.42
CA ASN TA 367 -49.96 81.39 80.97
C ASN TA 367 -50.44 81.92 79.63
N ASN TA 368 -50.05 81.20 78.58
CA ASN TA 368 -50.38 81.41 77.17
C ASN TA 368 -49.61 80.32 76.45
N GLY TA 369 -50.04 79.92 75.26
CA GLY TA 369 -49.45 78.69 74.77
C GLY TA 369 -49.69 77.66 75.85
N ASN TA 370 -48.60 77.14 76.41
CA ASN TA 370 -48.63 76.54 77.74
C ASN TA 370 -49.48 75.27 77.79
N ILE TA 371 -49.27 74.38 76.83
CA ILE TA 371 -50.00 73.12 76.86
C ILE TA 371 -49.33 72.19 77.86
N ILE TA 372 -50.13 71.52 78.64
CA ILE TA 372 -49.65 70.76 79.78
C ILE TA 372 -49.86 69.28 79.50
N SER TA 373 -48.89 68.45 79.86
CA SER TA 373 -49.01 67.03 79.64
C SER TA 373 -50.16 66.45 80.47
N ASN TA 374 -50.66 65.31 80.04
CA ASN TA 374 -51.85 64.72 80.63
C ASN TA 374 -51.67 63.21 80.68
N GLN TA 375 -52.56 62.52 81.39
CA GLN TA 375 -52.43 61.08 81.48
C GLN TA 375 -52.91 60.41 80.22
N PRO TA 376 -52.17 59.43 79.69
CA PRO TA 376 -52.61 58.73 78.47
C PRO TA 376 -53.84 57.88 78.68
N LEU TA 377 -54.18 57.60 79.94
CA LEU TA 377 -55.20 56.64 80.36
C LEU TA 377 -54.74 55.22 80.11
N SER TA 378 -53.56 55.02 79.52
CA SER TA 378 -52.90 53.72 79.53
C SER TA 378 -52.67 53.30 80.96
N MET TA 379 -52.73 51.99 81.20
CA MET TA 379 -52.70 51.49 82.56
C MET TA 379 -51.30 51.15 83.06
N LEU TA 380 -50.26 51.41 82.29
CA LEU TA 380 -48.96 50.90 82.70
C LEU TA 380 -48.22 51.61 83.85
N ARG TA 381 -47.67 52.84 83.80
CA ARG TA 381 -47.98 54.15 83.19
C ARG TA 381 -48.81 55.03 84.15
N ASP TA 382 -49.30 54.49 85.25
CA ASP TA 382 -49.90 55.34 86.28
C ASP TA 382 -49.20 55.07 87.60
N GLN TA 383 -49.32 53.85 88.11
CA GLN TA 383 -48.35 53.28 89.04
C GLN TA 383 -48.19 54.12 90.32
N ALA TA 384 -49.19 54.02 91.18
CA ALA TA 384 -48.96 54.43 92.55
C ALA TA 384 -48.18 53.35 93.30
N LEU TA 385 -47.91 53.61 94.57
CA LEU TA 385 -47.44 52.57 95.47
C LEU TA 385 -47.81 53.01 96.88
N PHE TA 386 -48.12 52.04 97.73
CA PHE TA 386 -48.87 52.32 98.95
C PHE TA 386 -48.15 51.91 100.22
N ARG TA 387 -47.76 50.65 100.36
CA ARG TA 387 -47.09 50.20 101.60
C ARG TA 387 -48.06 50.42 102.77
N GLY TA 388 -47.56 50.70 103.96
CA GLY TA 388 -48.36 51.06 105.11
C GLY TA 388 -49.43 50.06 105.47
N ASN TA 389 -50.27 50.43 106.43
CA ASN TA 389 -49.82 51.08 107.65
C ASN TA 389 -49.94 50.01 108.72
N GLN TA 390 -50.43 48.84 108.28
CA GLN TA 390 -51.13 47.80 109.02
C GLN TA 390 -52.60 48.15 109.16
N THR TA 391 -52.99 49.39 108.86
CA THR TA 391 -54.36 49.86 108.94
C THR TA 391 -54.78 50.51 107.63
N THR TA 392 -54.04 51.52 107.18
CA THR TA 392 -54.34 52.26 105.96
C THR TA 392 -53.16 52.14 105.02
N TYR TA 393 -53.41 52.29 103.72
CA TYR TA 393 -52.34 52.43 102.75
C TYR TA 393 -52.00 53.91 102.60
N ASN TA 394 -50.71 54.21 102.47
CA ASN TA 394 -50.24 55.58 102.38
C ASN TA 394 -49.27 55.73 101.22
N LEU TA 395 -49.66 56.50 100.21
CA LEU TA 395 -48.82 56.69 99.03
C LEU TA 395 -47.41 57.09 99.42
N CYS TA 396 -46.43 56.38 98.88
CA CYS TA 396 -45.05 56.50 99.32
C CYS TA 396 -44.22 57.26 98.30
N SER TA 397 -43.41 58.19 98.80
CA SER TA 397 -42.42 58.90 98.02
C SER TA 397 -41.30 57.95 97.61
N ASP TA 398 -40.48 58.40 96.66
CA ASP TA 398 -39.41 57.60 96.07
C ASP TA 398 -40.02 56.45 95.28
N VAL TA 399 -39.73 55.19 95.64
CA VAL TA 399 -39.80 54.05 94.74
C VAL TA 399 -38.65 54.08 93.73
N TRP TA 400 -37.47 53.70 94.17
CA TRP TA 400 -36.28 53.51 93.36
C TRP TA 400 -36.41 52.24 92.52
N MET TA 401 -35.33 51.88 91.84
CA MET TA 401 -35.36 50.67 91.02
C MET TA 401 -35.48 49.42 91.86
N PHE TA 402 -36.19 48.44 91.33
CA PHE TA 402 -36.52 47.20 92.01
C PHE TA 402 -36.63 46.11 90.95
N PRO TA 403 -36.30 44.86 91.29
CA PRO TA 403 -36.13 43.83 90.25
C PRO TA 403 -37.31 43.62 89.31
N ASN TA 404 -38.53 43.58 89.82
CA ASN TA 404 -39.65 43.19 89.00
C ASN TA 404 -40.36 44.36 88.34
N GLN TA 405 -39.81 45.55 88.41
CA GLN TA 405 -40.54 46.73 88.00
C GLN TA 405 -40.86 46.72 86.50
N ILE TA 406 -42.06 47.19 86.19
CA ILE TA 406 -42.44 47.55 84.82
C ILE TA 406 -42.99 48.96 84.82
N TRP TA 407 -42.52 49.77 83.89
CA TRP TA 407 -43.13 51.05 83.62
C TRP TA 407 -43.22 51.19 82.13
N ASP TA 408 -43.98 52.18 81.69
CA ASP TA 408 -44.13 52.44 80.28
C ASP TA 408 -43.45 53.76 79.97
N ARG TA 409 -42.65 53.77 78.91
CA ARG TA 409 -41.93 54.97 78.55
C ARG TA 409 -42.92 56.09 78.26
N TYR TA 410 -42.48 57.33 78.47
CA TYR TA 410 -43.37 58.47 78.33
C TYR TA 410 -44.07 58.44 76.98
N PRO TA 411 -45.38 58.68 76.94
CA PRO TA 411 -46.15 58.47 75.71
C PRO TA 411 -45.75 59.38 74.56
N ILE TA 412 -44.95 60.39 74.85
CA ILE TA 412 -44.56 61.49 73.97
C ILE TA 412 -45.78 62.11 73.28
N THR TA 413 -45.56 62.65 72.09
CA THR TA 413 -46.54 63.43 71.33
C THR TA 413 -45.83 64.02 70.12
N ARG TA 414 -46.55 64.74 69.27
CA ARG TA 414 -45.92 65.31 68.09
C ARG TA 414 -44.93 66.40 68.42
N GLU TA 415 -45.01 67.01 69.59
CA GLU TA 415 -44.18 68.16 69.95
C GLU TA 415 -42.83 67.77 70.54
N ASN TA 416 -42.54 66.51 70.67
CA ASN TA 416 -41.41 66.08 71.48
C ASN TA 416 -40.14 65.99 70.66
N PRO TA 417 -38.99 66.08 71.32
CA PRO TA 417 -37.74 65.74 70.66
C PRO TA 417 -37.67 64.26 70.34
N ILE TA 418 -37.10 63.95 69.19
CA ILE TA 418 -36.99 62.56 68.77
C ILE TA 418 -35.98 61.83 69.63
N TRP TA 419 -34.77 62.38 69.75
CA TRP TA 419 -33.67 61.70 70.41
C TRP TA 419 -33.01 62.62 71.42
N CYS TA 420 -32.15 62.01 72.22
CA CYS TA 420 -31.27 62.68 73.16
C CYS TA 420 -29.98 61.90 73.20
N LYS TA 421 -28.85 62.59 73.35
CA LYS TA 421 -27.58 61.90 73.35
C LYS TA 421 -27.30 61.30 74.72
N LYS TA 422 -26.98 60.03 74.74
CA LYS TA 422 -26.58 59.35 75.97
C LYS TA 422 -25.11 59.66 76.23
N PRO TA 423 -24.79 60.40 77.29
CA PRO TA 423 -23.40 60.78 77.53
C PRO TA 423 -22.50 59.58 77.81
N ARG TA 424 -21.29 59.65 77.28
CA ARG TA 424 -20.33 58.56 77.44
C ARG TA 424 -19.85 58.49 78.87
N SER TA 425 -20.00 57.32 79.47
CA SER TA 425 -19.56 57.12 80.84
C SER TA 425 -19.33 55.63 81.07
N ASP TA 426 -18.59 55.32 82.12
CA ASP TA 426 -18.26 53.93 82.40
C ASP TA 426 -19.52 53.12 82.67
N LYS TA 427 -20.31 53.55 83.64
CA LYS TA 427 -21.45 52.78 84.10
C LYS TA 427 -22.73 53.58 83.96
N HIS TA 428 -23.83 52.88 83.74
CA HIS TA 428 -25.14 53.51 83.69
C HIS TA 428 -26.21 52.46 83.94
N THR TA 429 -27.39 52.94 84.30
CA THR TA 429 -28.57 52.10 84.51
C THR TA 429 -29.40 52.00 83.23
N THR TA 430 -30.67 51.62 83.36
CA THR TA 430 -31.48 51.19 82.21
C THR TA 430 -31.50 52.21 81.07
N ILE TA 431 -31.30 53.49 81.38
CA ILE TA 431 -31.37 54.57 80.39
C ILE TA 431 -32.76 54.65 79.76
N ASP TA 432 -33.76 55.08 80.52
CA ASP TA 432 -35.02 55.49 79.95
C ASP TA 432 -35.24 56.97 80.23
N PRO TA 433 -35.07 57.87 79.27
CA PRO TA 433 -35.30 59.29 79.56
C PRO TA 433 -36.76 59.57 79.85
N PHE TA 434 -36.99 60.41 80.84
CA PHE TA 434 -38.36 60.73 81.25
C PHE TA 434 -38.96 61.85 80.43
N ASP TA 435 -38.23 62.36 79.46
CA ASP TA 435 -38.75 63.30 78.49
C ASP TA 435 -39.37 62.57 77.32
N GLY TA 436 -39.50 61.26 77.41
CA GLY TA 436 -39.72 60.45 76.24
C GLY TA 436 -38.45 60.46 75.43
N SER TA 437 -38.53 60.90 74.18
CA SER TA 437 -37.39 60.97 73.29
C SER TA 437 -36.68 59.63 73.23
N LEU TA 438 -35.35 59.66 73.13
CA LEU TA 438 -34.56 58.47 72.92
C LEU TA 438 -33.14 58.75 73.38
N ALA TA 439 -32.39 57.69 73.60
CA ALA TA 439 -30.98 57.81 73.93
C ALA TA 439 -30.19 57.04 72.89
N MET TA 440 -29.12 57.65 72.40
CA MET TA 440 -28.26 56.99 71.45
C MET TA 440 -26.81 57.29 71.78
N ASP TA 441 -25.94 56.30 71.58
CA ASP TA 441 -24.51 56.55 71.69
C ASP TA 441 -24.11 57.69 70.78
N HIS TA 442 -24.37 57.54 69.48
CA HIS TA 442 -24.14 58.59 68.51
C HIS TA 442 -25.48 58.98 67.91
N PRO TA 443 -26.04 60.12 68.29
CA PRO TA 443 -27.22 60.62 67.62
C PRO TA 443 -26.84 61.20 66.27
N PRO TA 444 -27.77 61.78 65.53
CA PRO TA 444 -27.37 62.52 64.33
C PRO TA 444 -26.36 63.59 64.70
N GLY TA 445 -25.24 63.59 63.97
CA GLY TA 445 -24.21 64.59 64.21
C GLY TA 445 -24.73 65.96 63.87
N THR TA 446 -24.55 66.90 64.79
CA THR TA 446 -25.01 68.26 64.55
C THR TA 446 -24.24 68.86 63.38
N ILE TA 447 -24.97 69.44 62.44
CA ILE TA 447 -24.37 70.10 61.30
C ILE TA 447 -24.17 71.57 61.65
N PHE TA 448 -22.93 72.02 61.60
CA PHE TA 448 -22.57 73.38 61.94
C PHE TA 448 -22.29 74.15 60.66
N ILE TA 449 -22.57 75.44 60.68
CA ILE TA 449 -22.43 76.27 59.50
C ILE TA 449 -22.08 77.68 59.93
N LYS TA 450 -21.21 78.33 59.17
CA LYS TA 450 -20.66 79.63 59.51
C LYS TA 450 -20.49 80.42 58.23
N MET TA 451 -20.28 81.72 58.36
CA MET TA 451 -20.30 82.63 57.23
C MET TA 451 -18.95 82.95 56.62
N ALA TA 452 -17.87 82.31 57.06
CA ALA TA 452 -16.60 82.47 56.36
C ALA TA 452 -16.11 83.91 56.37
N LYS TA 453 -15.55 84.35 57.48
CA LYS TA 453 -15.19 85.75 57.67
C LYS TA 453 -14.44 86.29 56.46
N ILE TA 454 -14.92 87.41 55.95
CA ILE TA 454 -14.26 88.11 54.86
C ILE TA 454 -13.76 89.44 55.43
N PRO TA 455 -12.47 89.57 55.68
CA PRO TA 455 -11.98 90.78 56.34
C PRO TA 455 -11.86 91.93 55.35
N VAL TA 456 -11.53 93.09 55.87
CA VAL TA 456 -11.39 94.28 55.06
C VAL TA 456 -10.18 95.05 55.57
N PRO TA 457 -9.43 95.71 54.71
CA PRO TA 457 -8.18 96.33 55.16
C PRO TA 457 -8.43 97.58 55.97
N SER TA 458 -7.53 97.84 56.92
CA SER TA 458 -7.58 99.05 57.73
C SER TA 458 -6.16 99.39 58.18
N ASN TA 459 -6.04 100.53 58.86
CA ASN TA 459 -4.74 101.01 59.31
C ASN TA 459 -4.32 100.39 60.63
N ASN TA 460 -5.26 100.26 61.57
CA ASN TA 460 -4.96 99.90 62.96
C ASN TA 460 -4.00 98.71 63.19
N ASN TA 461 -4.19 97.56 62.56
CA ASN TA 461 -5.26 97.29 61.61
C ASN TA 461 -6.35 96.45 62.26
N ALA TA 462 -7.39 96.16 61.47
CA ALA TA 462 -8.52 95.36 61.90
C ALA TA 462 -9.17 95.99 63.16
N ASP TA 463 -9.87 95.24 64.04
CA ASP TA 463 -10.71 94.10 63.65
C ASP TA 463 -11.91 94.60 62.88
N SER TA 464 -12.04 94.11 61.65
CA SER TA 464 -13.12 94.53 60.78
C SER TA 464 -13.37 93.43 59.77
N TYR TA 465 -14.60 93.34 59.31
CA TYR TA 465 -15.00 92.26 58.43
C TYR TA 465 -16.19 92.73 57.60
N LEU TA 466 -16.47 91.97 56.55
CA LEU TA 466 -17.53 92.31 55.64
C LEU TA 466 -18.82 91.66 56.08
N ASN TA 467 -19.92 92.40 56.03
CA ASN TA 467 -21.18 91.99 56.62
C ASN TA 467 -22.00 91.25 55.56
N ILE TA 468 -22.19 89.95 55.75
CA ILE TA 468 -22.89 89.10 54.79
C ILE TA 468 -23.79 88.13 55.54
N TYR TA 469 -24.64 87.45 54.80
CA TYR TA 469 -25.43 86.36 55.35
C TYR TA 469 -25.70 85.35 54.25
N CYS TA 470 -26.01 84.13 54.66
CA CYS TA 470 -26.24 83.04 53.73
C CYS TA 470 -27.70 82.65 53.78
N THR TA 471 -28.16 82.07 52.69
CA THR TA 471 -29.54 81.63 52.60
C THR TA 471 -29.56 80.41 51.71
N GLY TA 472 -30.37 79.43 52.05
CA GLY TA 472 -30.35 78.22 51.28
C GLY TA 472 -31.43 77.27 51.75
N GLN TA 473 -31.31 76.02 51.30
CA GLN TA 473 -32.36 75.05 51.52
C GLN TA 473 -31.78 73.76 52.07
N VAL TA 474 -32.26 73.36 53.23
CA VAL TA 474 -31.94 72.07 53.82
C VAL TA 474 -33.07 71.12 53.49
N SER TA 475 -32.74 69.90 53.11
CA SER TA 475 -33.74 68.87 52.93
C SER TA 475 -33.37 67.72 53.85
N CYS TA 476 -34.18 67.51 54.87
CA CYS TA 476 -33.96 66.40 55.79
C CYS TA 476 -34.93 65.29 55.43
N GLU TA 477 -34.41 64.22 54.88
CA GLU TA 477 -35.21 63.08 54.44
C GLU TA 477 -34.81 61.89 55.31
N ILE TA 478 -35.72 61.45 56.18
CA ILE TA 478 -35.41 60.41 57.13
C ILE TA 478 -36.36 59.24 56.93
N VAL TA 479 -35.84 58.04 57.10
CA VAL TA 479 -36.58 56.81 56.92
C VAL TA 479 -36.90 56.24 58.29
N TRP TA 480 -38.11 55.73 58.45
CA TRP TA 480 -38.59 55.25 59.74
C TRP TA 480 -38.90 53.78 59.63
N GLU TA 481 -38.18 52.95 60.38
CA GLU TA 481 -38.64 51.58 60.56
C GLU TA 481 -39.98 51.61 61.29
N VAL TA 482 -40.97 50.95 60.71
CA VAL TA 482 -42.33 51.06 61.20
C VAL TA 482 -42.96 49.67 61.17
N GLU TA 483 -43.82 49.40 62.15
CA GLU TA 483 -44.47 48.10 62.27
C GLU TA 483 -45.95 48.30 62.48
N ARG TA 484 -46.76 47.52 61.77
CA ARG TA 484 -48.20 47.71 61.70
C ARG TA 484 -48.90 46.72 62.61
N TYR TA 485 -50.02 47.15 63.20
CA TYR TA 485 -50.61 46.39 64.30
C TYR TA 485 -51.72 45.48 63.80
N ALA TA 486 -51.81 44.32 64.43
CA ALA TA 486 -52.93 43.41 64.29
C ALA TA 486 -53.32 42.93 65.68
N THR TA 487 -54.61 42.78 65.91
CA THR TA 487 -55.05 42.39 67.24
C THR TA 487 -56.34 41.60 67.15
N LYS TA 488 -56.61 40.84 68.20
CA LYS TA 488 -57.80 40.02 68.27
C LYS TA 488 -58.93 40.69 69.02
N ASN TA 489 -58.77 41.95 69.43
CA ASN TA 489 -59.85 42.64 70.11
C ASN TA 489 -61.06 42.73 69.21
N TRP TA 490 -62.23 42.56 69.80
CA TRP TA 490 -63.48 42.66 69.06
C TRP TA 490 -63.91 44.10 68.89
N ARG TA 491 -63.58 44.95 69.81
CA ARG TA 491 -64.15 46.28 69.93
C ARG TA 491 -63.35 47.33 69.15
N PRO TA 492 -63.98 48.48 68.90
CA PRO TA 492 -63.40 49.47 67.97
C PRO TA 492 -62.06 50.08 68.37
N GLU TA 493 -61.60 49.94 69.61
CA GLU TA 493 -60.38 50.61 70.12
C GLU TA 493 -60.56 52.12 69.97
N ARG TA 494 -59.50 52.86 69.65
CA ARG TA 494 -59.51 54.31 69.73
C ARG TA 494 -58.57 54.87 68.69
N ARG TA 495 -58.91 56.05 68.16
CA ARG TA 495 -58.08 56.71 67.17
C ARG TA 495 -57.98 58.18 67.54
N HIS TA 496 -57.33 58.96 66.69
CA HIS TA 496 -57.25 60.40 66.88
C HIS TA 496 -58.10 61.08 65.82
N THR TA 497 -59.26 61.57 66.25
CA THR TA 497 -60.13 62.40 65.45
C THR TA 497 -59.65 63.85 65.50
N THR TA 498 -60.05 64.62 64.49
CA THR TA 498 -60.04 66.05 64.62
C THR TA 498 -61.00 66.53 65.71
N PHE TA 499 -61.93 65.70 66.15
CA PHE TA 499 -62.87 66.19 67.15
C PHE TA 499 -62.21 66.46 68.48
N GLY TA 500 -61.06 65.86 68.76
CA GLY TA 500 -60.27 66.30 69.89
C GLY TA 500 -59.78 67.72 69.71
N LEU TA 501 -59.63 68.15 68.46
CA LEU TA 501 -59.17 69.49 68.14
C LEU TA 501 -60.28 70.50 68.39
N GLY TA 502 -59.90 71.78 68.46
CA GLY TA 502 -60.87 72.82 68.72
C GLY TA 502 -60.50 74.09 67.97
N ILE TA 503 -61.47 74.99 67.88
CA ILE TA 503 -61.43 76.16 67.02
C ILE TA 503 -60.63 77.26 67.72
N GLY TA 504 -59.92 78.07 66.95
CA GLY TA 504 -59.15 79.15 67.56
C GLY TA 504 -58.59 80.12 66.54
N GLY TA 505 -58.01 81.19 67.08
CA GLY TA 505 -57.30 82.23 66.35
C GLY TA 505 -58.20 83.36 65.87
N ALA TA 506 -57.66 84.58 65.88
CA ALA TA 506 -58.33 85.79 65.43
C ALA TA 506 -59.78 85.87 65.89
N ASP TA 507 -60.67 86.24 64.98
CA ASP TA 507 -62.05 85.82 65.10
C ASP TA 507 -62.08 84.31 64.99
N ASN TA 508 -62.86 83.65 65.86
CA ASN TA 508 -62.59 82.27 66.23
C ASN TA 508 -62.35 81.35 65.04
N LEU TA 509 -62.77 81.77 63.85
CA LEU TA 509 -62.72 80.93 62.66
C LEU TA 509 -61.34 80.34 62.42
N ASN TA 510 -61.34 79.18 61.77
CA ASN TA 510 -60.29 78.20 61.48
C ASN TA 510 -60.11 77.32 62.70
N PRO TA 511 -59.92 76.01 62.54
CA PRO TA 511 -59.96 75.16 63.72
C PRO TA 511 -58.72 75.14 64.60
N THR TA 512 -57.67 74.45 64.16
CA THR TA 512 -56.50 74.29 65.00
C THR TA 512 -55.20 74.30 64.21
N TYR TA 513 -54.96 73.28 63.40
CA TYR TA 513 -53.77 73.31 62.57
C TYR TA 513 -54.19 73.94 61.24
N HIS TA 514 -53.87 75.21 61.09
CA HIS TA 514 -54.47 75.99 60.01
C HIS TA 514 -54.00 77.43 60.18
N VAL TA 515 -54.13 78.19 59.10
CA VAL TA 515 -53.69 79.57 59.10
C VAL TA 515 -54.77 80.51 59.64
N ASP TA 516 -54.33 81.66 60.14
CA ASP TA 516 -55.17 82.75 60.58
C ASP TA 516 -55.44 83.69 59.40
N LYS TA 517 -55.95 84.90 59.63
CA LYS TA 517 -56.39 85.71 58.48
C LYS TA 517 -55.58 86.86 57.79
N ASN TA 518 -54.46 87.47 58.23
CA ASN TA 518 -53.74 87.47 59.51
C ASN TA 518 -52.77 86.31 59.63
N GLY TA 519 -52.66 85.52 58.58
CA GLY TA 519 -52.31 84.12 58.75
C GLY TA 519 -51.14 83.85 59.64
N THR TA 520 -51.47 83.18 60.73
CA THR TA 520 -50.56 82.69 61.74
C THR TA 520 -51.07 81.32 62.13
N TYR TA 521 -50.22 80.33 61.99
CA TYR TA 521 -50.60 78.94 62.23
C TYR TA 521 -51.15 78.81 63.64
N ILE TA 522 -52.39 78.33 63.76
CA ILE TA 522 -53.02 78.26 65.07
C ILE TA 522 -52.38 77.14 65.88
N GLN TA 523 -52.04 77.44 67.05
CA GLN TA 523 -51.37 76.36 67.77
C GLN TA 523 -52.37 75.50 68.52
N PRO TA 524 -52.07 74.20 68.61
CA PRO TA 524 -52.92 73.30 69.39
C PRO TA 524 -52.88 73.66 70.87
N THR TA 525 -54.06 73.72 71.48
CA THR TA 525 -54.20 74.14 72.87
C THR TA 525 -54.54 72.94 73.74
N THR TA 526 -53.76 72.75 74.80
CA THR TA 526 -53.55 71.60 75.68
C THR TA 526 -53.10 70.32 74.98
N TRP TA 527 -53.32 69.18 75.64
CA TRP TA 527 -52.49 68.01 75.36
C TRP TA 527 -53.06 67.12 74.27
N ASP TA 528 -54.39 66.90 74.29
CA ASP TA 528 -54.99 65.97 73.34
C ASP TA 528 -54.89 66.46 71.90
N MET TA 529 -54.86 67.78 71.70
CA MET TA 529 -54.69 68.34 70.36
C MET TA 529 -53.53 67.67 69.64
N CYS TA 530 -52.32 67.92 70.11
CA CYS TA 530 -51.18 67.10 69.73
C CYS TA 530 -51.52 65.65 70.03
N PHE TA 531 -51.37 64.79 69.05
CA PHE TA 531 -51.94 63.46 69.22
C PHE TA 531 -50.87 62.51 69.73
N PRO TA 532 -50.91 62.12 71.01
CA PRO TA 532 -49.82 61.34 71.57
C PRO TA 532 -49.92 59.89 71.13
N VAL TA 533 -48.79 59.26 70.89
CA VAL TA 533 -48.80 57.81 70.79
C VAL TA 533 -49.03 57.23 72.16
N LYS TA 534 -49.39 55.95 72.20
CA LYS TA 534 -49.54 55.13 73.40
C LYS TA 534 -50.93 55.29 74.00
N THR TA 535 -51.75 56.20 73.48
CA THR TA 535 -53.13 56.31 73.89
C THR TA 535 -54.06 55.49 73.01
N ASN TA 536 -53.53 54.79 72.01
CA ASN TA 536 -54.35 54.06 71.06
C ASN TA 536 -53.96 52.60 71.01
N ILE TA 537 -54.62 51.90 70.08
CA ILE TA 537 -54.51 50.47 69.89
C ILE TA 537 -54.76 49.77 71.23
N ASN TA 538 -54.15 48.62 71.44
CA ASN TA 538 -54.14 47.90 72.71
C ASN TA 538 -53.01 46.89 72.62
N LYS TA 539 -52.59 46.38 73.77
CA LYS TA 539 -51.69 45.24 73.79
C LYS TA 539 -52.08 44.32 74.94
N VAL TA 540 -52.20 43.03 74.65
CA VAL TA 540 -52.22 42.07 75.72
C VAL TA 540 -50.85 42.02 76.37
N LEU TA 541 -50.79 42.21 77.67
CA LEU TA 541 -49.52 42.22 78.36
C LEU TA 541 -48.97 40.80 78.47
N GLY UA 34 -55.58 1.80 61.25
CA GLY UA 34 -56.97 2.17 60.99
C GLY UA 34 -57.33 3.57 61.40
N SER UA 35 -58.60 3.93 61.25
CA SER UA 35 -59.08 5.26 61.61
C SER UA 35 -60.57 5.20 61.87
N GLY UA 36 -61.07 6.21 62.56
CA GLY UA 36 -62.49 6.33 62.84
C GLY UA 36 -62.82 5.91 64.26
N VAL UA 37 -64.12 5.96 64.57
CA VAL UA 37 -64.60 5.52 65.86
C VAL UA 37 -64.26 4.05 66.06
N GLY UA 38 -63.92 3.68 67.27
CA GLY UA 38 -63.55 2.31 67.58
C GLY UA 38 -62.07 2.01 67.44
N ILE UA 39 -61.27 3.00 67.06
CA ILE UA 39 -59.83 2.85 66.93
C ILE UA 39 -59.21 3.94 67.79
N SER UA 40 -58.51 3.57 68.85
CA SER UA 40 -57.94 4.55 69.75
C SER UA 40 -56.85 5.33 69.03
N THR UA 41 -56.76 6.62 69.33
CA THR UA 41 -55.82 7.45 68.59
C THR UA 41 -54.41 7.32 69.12
N GLY UA 42 -54.24 7.33 70.44
CA GLY UA 42 -52.92 7.19 71.03
C GLY UA 42 -53.06 6.51 72.38
N GLY UA 43 -51.93 6.01 72.87
CA GLY UA 43 -51.90 5.26 74.11
C GLY UA 43 -51.41 6.09 75.28
N TRP UA 44 -51.43 5.46 76.45
CA TRP UA 44 -50.97 6.10 77.66
C TRP UA 44 -49.46 6.25 77.63
N VAL UA 45 -48.96 7.22 78.39
CA VAL UA 45 -47.55 7.60 78.36
C VAL UA 45 -47.13 8.04 79.75
N GLY UA 46 -45.87 7.80 80.09
CA GLY UA 46 -45.31 8.34 81.32
C GLY UA 46 -44.00 7.66 81.68
N GLY UA 47 -43.52 7.98 82.89
CA GLY UA 47 -42.44 7.23 83.52
C GLY UA 47 -41.08 7.91 83.58
N SER UA 48 -40.97 9.13 83.10
CA SER UA 48 -39.74 9.91 82.99
C SER UA 48 -38.58 9.22 82.28
N TYR UA 49 -37.36 9.72 82.49
CA TYR UA 49 -36.22 9.21 81.73
C TYR UA 49 -34.87 9.27 82.44
N PHE UA 50 -34.36 10.49 82.67
CA PHE UA 50 -33.08 10.76 83.33
C PHE UA 50 -31.79 10.32 82.63
N THR UA 51 -31.37 11.06 81.62
CA THR UA 51 -30.00 11.03 81.10
C THR UA 51 -29.24 12.26 81.60
N ASP UA 52 -27.92 12.13 81.74
CA ASP UA 52 -27.06 13.19 82.24
C ASP UA 52 -27.31 14.54 81.58
N SER UA 53 -27.52 14.54 80.28
CA SER UA 53 -27.71 15.80 79.56
C SER UA 53 -29.12 16.33 79.66
N TYR UA 54 -30.13 15.46 79.76
CA TYR UA 54 -31.50 15.93 79.77
C TYR UA 54 -32.39 14.90 80.46
N VAL UA 55 -33.55 15.38 80.90
CA VAL UA 55 -34.56 14.56 81.55
C VAL UA 55 -35.86 14.73 80.79
N ILE UA 56 -36.45 13.61 80.38
CA ILE UA 56 -37.73 13.61 79.67
C ILE UA 56 -38.80 13.11 80.62
N THR UA 57 -39.69 14.00 81.03
CA THR UA 57 -40.83 13.62 81.86
C THR UA 57 -42.06 13.50 80.99
N LYS UA 58 -42.77 12.39 81.15
CA LYS UA 58 -43.95 12.09 80.37
C LYS UA 58 -45.12 11.90 81.32
N ASN UA 59 -46.29 12.42 80.94
CA ASN UA 59 -47.46 12.33 81.78
C ASN UA 59 -48.69 12.22 80.91
N THR UA 60 -49.75 11.65 81.47
CA THR UA 60 -51.00 11.49 80.77
C THR UA 60 -52.14 11.63 81.77
N ARG UA 61 -53.27 12.15 81.31
CA ARG UA 61 -54.37 12.47 82.21
C ARG UA 61 -55.69 12.08 81.57
N GLN UA 62 -56.72 12.12 82.39
CA GLN UA 62 -58.10 12.00 81.95
C GLN UA 62 -58.80 13.28 82.35
N PHE UA 63 -59.42 13.96 81.39
CA PHE UA 63 -60.01 15.26 81.67
C PHE UA 63 -61.46 15.28 81.21
N LEU UA 64 -62.21 16.30 81.64
CA LEU UA 64 -63.53 16.50 81.08
C LEU UA 64 -63.87 17.98 81.00
N VAL UA 65 -64.59 18.32 79.93
CA VAL UA 65 -65.02 19.68 79.67
C VAL UA 65 -66.52 19.74 79.92
N LYS UA 66 -66.96 20.71 80.71
CA LYS UA 66 -68.27 20.67 81.34
C LYS UA 66 -69.33 21.54 80.67
N ILE UA 67 -69.00 22.28 79.61
CA ILE UA 67 -69.87 23.36 79.11
C ILE UA 67 -70.06 24.39 80.21
N GLN UA 68 -69.06 25.22 80.46
CA GLN UA 68 -69.23 26.29 81.43
C GLN UA 68 -69.97 27.47 80.82
N ASN UA 69 -70.80 28.11 81.65
CA ASN UA 69 -71.33 29.44 81.36
C ASN UA 69 -72.28 29.44 80.16
N ASN UA 70 -73.11 28.42 80.06
CA ASN UA 70 -73.88 28.14 78.84
C ASN UA 70 -72.85 28.17 77.72
N HIS UA 71 -73.14 28.70 76.55
CA HIS UA 71 -72.05 29.07 75.65
C HIS UA 71 -71.84 30.57 75.57
N GLN UA 72 -72.68 31.36 76.22
CA GLN UA 72 -72.52 32.80 76.24
C GLN UA 72 -71.45 33.22 77.24
N TYR UA 73 -70.97 34.45 77.07
CA TYR UA 73 -69.85 35.04 77.79
C TYR UA 73 -70.23 35.69 79.12
N LYS UA 74 -71.08 36.69 79.08
CA LYS UA 74 -71.39 37.60 80.19
C LYS UA 74 -70.16 38.34 80.68
N THR UA 75 -70.20 38.81 81.93
CA THR UA 75 -69.13 39.61 82.53
C THR UA 75 -68.91 39.15 83.96
N GLU UA 76 -69.97 39.15 84.76
CA GLU UA 76 -70.14 38.53 86.06
C GLU UA 76 -69.76 39.36 87.28
N LEU UA 77 -69.00 40.44 87.14
CA LEU UA 77 -68.77 41.42 88.22
C LEU UA 77 -68.61 40.71 89.56
N ILE UA 78 -67.48 40.02 89.74
CA ILE UA 78 -67.42 38.89 90.66
C ILE UA 78 -67.85 39.26 92.08
N SER UA 79 -66.96 39.89 92.85
CA SER UA 79 -67.21 40.45 94.18
C SER UA 79 -67.62 39.40 95.20
N PRO UA 80 -67.29 39.59 96.46
CA PRO UA 80 -68.19 39.10 97.53
C PRO UA 80 -69.04 40.25 98.02
N SER UA 81 -69.93 40.03 98.98
CA SER UA 81 -70.56 41.14 99.66
C SER UA 81 -70.76 40.89 101.17
N THR UA 82 -70.21 41.70 102.08
CA THR UA 82 -69.01 42.58 101.97
C THR UA 82 -68.80 43.43 100.70
N SER UA 83 -69.81 44.23 100.36
CA SER UA 83 -69.76 45.07 99.16
C SER UA 83 -68.56 45.99 99.16
N GLN UA 84 -67.91 46.20 100.31
CA GLN UA 84 -66.68 46.98 100.37
C GLN UA 84 -65.54 46.33 99.57
N GLY UA 85 -65.71 45.10 99.12
CA GLY UA 85 -64.64 44.40 98.45
C GLY UA 85 -64.28 45.04 97.11
N LYS UA 86 -63.28 44.42 96.45
CA LYS UA 86 -62.78 44.97 95.21
C LYS UA 86 -63.83 44.90 94.10
N SER UA 87 -64.51 43.76 93.99
CA SER UA 87 -65.60 43.59 93.05
C SER UA 87 -65.14 43.74 91.61
N GLN UA 88 -64.07 43.03 91.26
CA GLN UA 88 -63.59 43.02 89.89
C GLN UA 88 -64.67 42.49 88.96
N ARG UA 89 -64.80 43.12 87.79
CA ARG UA 89 -65.91 42.79 86.90
C ARG UA 89 -65.62 41.53 86.10
N CYS UA 90 -64.37 41.34 85.69
CA CYS UA 90 -63.92 40.24 84.86
C CYS UA 90 -64.73 40.01 83.59
N VAL UA 91 -64.63 38.79 83.06
CA VAL UA 91 -65.38 38.31 81.89
C VAL UA 91 -65.39 36.79 82.02
N SER UA 92 -66.52 36.17 81.71
CA SER UA 92 -66.56 34.72 81.68
C SER UA 92 -66.70 34.28 80.25
N THR UA 93 -66.19 33.11 79.93
CA THR UA 93 -66.23 32.57 78.58
C THR UA 93 -66.68 31.13 78.61
N PRO UA 94 -67.22 30.61 77.51
CA PRO UA 94 -67.54 29.19 77.44
C PRO UA 94 -66.32 28.30 77.47
N TRP UA 95 -65.13 28.86 77.27
CA TRP UA 95 -63.93 28.07 77.09
C TRP UA 95 -63.37 27.57 78.42
N SER UA 96 -62.69 26.44 78.35
CA SER UA 96 -61.88 25.90 79.43
C SER UA 96 -60.47 25.77 78.90
N TYR UA 97 -59.51 25.65 79.81
CA TYR UA 97 -58.12 25.65 79.37
C TYR UA 97 -57.30 24.65 80.17
N PHE UA 98 -56.20 24.23 79.55
CA PHE UA 98 -55.24 23.34 80.18
C PHE UA 98 -54.13 24.16 80.81
N ASN UA 99 -53.96 24.02 82.12
CA ASN UA 99 -52.85 24.64 82.84
C ASN UA 99 -51.84 23.55 83.16
N PHE UA 100 -50.68 23.60 82.53
CA PHE UA 100 -49.62 22.64 82.78
C PHE UA 100 -48.56 23.16 83.74
N ASN UA 101 -48.75 24.33 84.32
CA ASN UA 101 -47.66 25.03 84.99
C ASN UA 101 -47.62 24.63 86.46
N GLN UA 102 -46.67 23.78 86.80
CA GLN UA 102 -46.31 23.39 88.15
C GLN UA 102 -45.26 22.30 88.02
N TYR UA 103 -44.44 22.13 89.06
CA TYR UA 103 -43.48 21.04 89.00
C TYR UA 103 -44.09 19.72 89.44
N SER UA 104 -44.90 19.74 90.48
CA SER UA 104 -45.47 18.51 91.02
C SER UA 104 -46.34 17.79 90.01
N SER UA 105 -46.72 18.45 88.94
CA SER UA 105 -47.50 17.77 87.91
C SER UA 105 -46.61 16.89 87.05
N HIS UA 106 -45.41 17.35 86.72
CA HIS UA 106 -44.53 16.65 85.80
C HIS UA 106 -43.52 15.74 86.47
N PHE UA 107 -43.38 15.79 87.79
CA PHE UA 107 -42.37 15.02 88.49
C PHE UA 107 -42.99 14.25 89.62
N SER UA 108 -42.77 12.94 89.63
CA SER UA 108 -43.12 12.16 90.79
C SER UA 108 -42.24 12.56 91.95
N PRO UA 109 -42.67 12.31 93.18
CA PRO UA 109 -41.81 12.61 94.32
C PRO UA 109 -40.46 11.95 94.25
N GLN UA 110 -40.30 10.87 93.50
CA GLN UA 110 -38.96 10.33 93.27
C GLN UA 110 -38.24 10.99 92.10
N ASP UA 111 -38.93 11.25 90.99
CA ASP UA 111 -38.28 11.93 89.88
C ASP UA 111 -37.72 13.26 90.32
N TRP UA 112 -38.58 14.12 90.85
CA TRP UA 112 -38.12 15.17 91.73
C TRP UA 112 -37.42 14.48 92.88
N GLN UA 113 -36.33 15.08 93.37
CA GLN UA 113 -35.38 14.45 94.29
C GLN UA 113 -34.42 13.51 93.59
N ARG UA 114 -34.74 13.03 92.40
CA ARG UA 114 -33.66 12.47 91.62
C ARG UA 114 -32.88 13.55 90.90
N LEU UA 115 -33.55 14.58 90.41
CA LEU UA 115 -32.83 15.72 89.87
C LEU UA 115 -32.39 16.69 90.94
N THR UA 116 -33.19 16.88 91.98
CA THR UA 116 -32.81 17.81 93.03
C THR UA 116 -31.54 17.34 93.72
N ASN UA 117 -31.36 16.03 93.83
CA ASN UA 117 -30.13 15.51 94.42
C ASN UA 117 -29.00 15.48 93.41
N GLU UA 118 -29.27 15.08 92.17
CA GLU UA 118 -28.21 14.71 91.26
C GLU UA 118 -27.80 15.79 90.28
N TYR UA 119 -28.41 16.97 90.29
CA TYR UA 119 -28.10 17.94 89.25
C TYR UA 119 -27.96 19.35 89.79
N LYS UA 120 -27.05 20.12 89.18
CA LYS UA 120 -26.91 21.53 89.52
C LYS UA 120 -28.13 22.34 89.12
N ARG UA 121 -28.56 22.20 87.88
CA ARG UA 121 -29.49 23.15 87.33
C ARG UA 121 -30.28 22.47 86.23
N PHE UA 122 -31.47 23.00 85.97
CA PHE UA 122 -32.31 22.46 84.93
C PHE UA 122 -33.24 23.55 84.44
N ARG UA 123 -33.63 23.44 83.19
CA ARG UA 123 -34.66 24.30 82.64
C ARG UA 123 -35.42 23.48 81.62
N PRO UA 124 -36.72 23.71 81.47
CA PRO UA 124 -37.45 22.97 80.44
C PRO UA 124 -36.98 23.38 79.06
N LYS UA 125 -36.63 22.37 78.26
CA LYS UA 125 -36.16 22.63 76.91
C LYS UA 125 -37.32 22.75 75.91
N GLY UA 126 -38.31 21.87 76.03
CA GLY UA 126 -39.39 21.83 75.08
C GLY UA 126 -40.59 21.15 75.70
N MET UA 127 -41.70 21.18 74.97
CA MET UA 127 -42.95 20.66 75.48
C MET UA 127 -43.76 20.13 74.32
N HIS UA 128 -44.43 19.00 74.52
CA HIS UA 128 -45.23 18.37 73.48
C HIS UA 128 -46.50 17.86 74.10
N VAL UA 129 -47.64 18.33 73.60
CA VAL UA 129 -48.93 18.01 74.19
C VAL UA 129 -49.80 17.34 73.13
N LYS UA 130 -50.55 16.33 73.55
CA LYS UA 130 -51.40 15.59 72.63
C LYS UA 130 -52.76 15.39 73.27
N ILE UA 131 -53.80 15.88 72.62
CA ILE UA 131 -55.18 15.56 72.97
C ILE UA 131 -55.57 14.37 72.12
N TYR UA 132 -56.19 13.37 72.73
CA TYR UA 132 -56.61 12.21 71.98
C TYR UA 132 -57.60 11.41 72.80
N ASN UA 133 -58.12 10.34 72.21
CA ASN UA 133 -59.10 9.47 72.83
C ASN UA 133 -60.28 10.26 73.38
N LEU UA 134 -60.85 11.11 72.53
CA LEU UA 134 -61.94 11.98 72.96
C LEU UA 134 -63.25 11.20 73.02
N GLN UA 135 -64.16 11.68 73.88
CA GLN UA 135 -65.47 11.07 74.04
C GLN UA 135 -66.48 12.16 74.31
N ILE UA 136 -67.63 12.10 73.65
CA ILE UA 136 -68.72 13.05 73.90
C ILE UA 136 -69.89 12.22 74.42
N LYS UA 137 -70.29 12.44 75.66
CA LYS UA 137 -71.18 11.48 76.30
C LYS UA 137 -72.64 11.89 76.40
N GLN UA 138 -73.03 13.11 76.02
CA GLN UA 138 -74.46 13.44 75.89
C GLN UA 138 -75.22 13.19 77.19
N ILE UA 139 -75.04 14.10 78.15
CA ILE UA 139 -75.81 14.03 79.39
C ILE UA 139 -77.30 14.00 79.10
N LEU UA 140 -78.02 13.12 79.78
CA LEU UA 140 -79.48 13.14 79.79
C LEU UA 140 -80.00 13.14 81.21
N SER UA 141 -81.17 13.73 81.39
CA SER UA 141 -81.85 13.74 82.67
C SER UA 141 -83.32 13.43 82.45
N ASN UA 142 -83.79 12.33 83.05
CA ASN UA 142 -85.19 11.99 83.09
C ASN UA 142 -85.87 12.55 84.34
N GLY UA 143 -85.12 13.35 85.11
CA GLY UA 143 -85.47 13.73 86.45
C GLY UA 143 -84.72 12.82 87.41
N ALA UA 144 -84.25 13.41 88.51
CA ALA UA 144 -83.31 12.77 89.44
C ALA UA 144 -82.16 12.21 88.61
N ASP UA 145 -81.59 11.04 88.97
CA ASP UA 145 -80.74 10.17 88.16
C ASP UA 145 -79.74 10.88 87.26
N THR UA 146 -79.51 10.28 86.08
CA THR UA 146 -78.88 10.79 84.86
C THR UA 146 -78.68 9.60 83.95
N THR UA 147 -78.47 9.84 82.65
CA THR UA 147 -78.04 8.79 81.74
C THR UA 147 -77.07 9.41 80.74
N TYR UA 148 -76.18 8.57 80.23
CA TYR UA 148 -75.15 9.00 79.29
C TYR UA 148 -75.24 8.07 78.08
N ASN UA 149 -75.66 8.60 76.94
CA ASN UA 149 -75.92 7.75 75.79
C ASN UA 149 -74.68 7.56 74.94
N ASN UA 150 -73.55 8.04 75.45
CA ASN UA 150 -72.38 8.32 74.64
C ASN UA 150 -72.85 9.31 73.58
N ASP UA 151 -72.25 9.25 72.40
CA ASP UA 151 -72.64 10.12 71.30
C ASP UA 151 -71.65 9.89 70.17
N LEU UA 152 -72.06 10.24 68.98
CA LEU UA 152 -71.16 10.41 67.85
C LEU UA 152 -71.62 11.66 67.14
N THR UA 153 -70.96 12.00 66.04
CA THR UA 153 -71.27 13.19 65.29
C THR UA 153 -71.34 14.42 66.19
N ALA UA 154 -70.41 14.53 67.14
CA ALA UA 154 -70.29 15.70 67.99
C ALA UA 154 -68.83 16.16 67.95
N GLY UA 155 -68.57 17.35 68.49
CA GLY UA 155 -67.30 17.99 68.27
C GLY UA 155 -66.82 18.74 69.49
N VAL UA 156 -65.53 19.06 69.45
CA VAL UA 156 -64.84 19.76 70.51
C VAL UA 156 -63.90 20.76 69.88
N HIS UA 157 -64.00 22.02 70.31
CA HIS UA 157 -63.10 23.05 69.83
C HIS UA 157 -61.82 23.00 70.64
N ILE UA 158 -60.69 23.11 69.98
CA ILE UA 158 -59.39 23.11 70.64
C ILE UA 158 -58.56 24.22 70.01
N PHE UA 159 -58.08 25.13 70.84
CA PHE UA 159 -57.39 26.32 70.37
C PHE UA 159 -56.15 26.55 71.21
N CYS UA 160 -55.06 26.94 70.57
CA CYS UA 160 -53.80 27.20 71.24
C CYS UA 160 -53.31 28.60 70.89
N ASP UA 161 -52.55 29.20 71.81
CA ASP UA 161 -51.96 30.52 71.59
C ASP UA 161 -50.48 30.37 71.24
N GLY UA 162 -50.13 30.62 69.99
CA GLY UA 162 -48.72 30.73 69.67
C GLY UA 162 -48.25 32.17 69.76
N GLU UA 163 -49.19 33.10 69.55
CA GLU UA 163 -48.86 34.51 69.57
C GLU UA 163 -49.02 35.12 70.95
N HIS UA 164 -49.68 34.43 71.87
CA HIS UA 164 -50.10 34.97 73.15
C HIS UA 164 -50.93 36.24 73.00
N ALA UA 165 -51.63 36.39 71.89
CA ALA UA 165 -52.83 37.21 71.91
C ALA UA 165 -53.83 36.54 72.83
N TYR UA 166 -54.79 37.32 73.30
CA TYR UA 166 -55.78 36.92 74.30
C TYR UA 166 -55.19 37.00 75.70
N PRO UA 167 -56.04 37.24 76.69
CA PRO UA 167 -55.56 37.58 78.05
C PRO UA 167 -54.84 36.48 78.81
N ASN UA 168 -54.74 35.26 78.31
CA ASN UA 168 -53.95 34.16 78.87
C ASN UA 168 -54.17 33.90 80.37
N ALA UA 169 -55.26 33.18 80.67
CA ALA UA 169 -55.70 32.96 82.06
C ALA UA 169 -54.56 32.57 82.99
N THR UA 170 -53.62 31.76 82.53
CA THR UA 170 -52.66 31.14 83.46
C THR UA 170 -51.96 32.16 84.32
N HIS UA 171 -52.06 31.95 85.63
CA HIS UA 171 -51.38 32.69 86.69
C HIS UA 171 -50.58 31.68 87.47
N PRO UA 172 -49.38 32.04 87.94
CA PRO UA 172 -48.49 31.00 88.49
C PRO UA 172 -49.11 30.07 89.52
N TRP UA 173 -49.77 30.60 90.54
CA TRP UA 173 -50.20 29.71 91.63
C TRP UA 173 -51.54 29.08 91.29
N ASP UA 174 -52.60 29.87 91.33
CA ASP UA 174 -53.95 29.43 90.97
C ASP UA 174 -54.24 28.13 91.73
N GLU UA 175 -54.73 27.11 91.06
CA GLU UA 175 -55.20 25.86 91.64
C GLU UA 175 -54.80 24.82 90.63
N ASP UA 176 -55.37 23.62 90.75
CA ASP UA 176 -55.55 22.69 89.61
C ASP UA 176 -54.20 22.43 88.97
N VAL UA 177 -53.94 22.93 87.76
CA VAL UA 177 -52.87 22.49 86.88
C VAL UA 177 -53.19 21.02 86.66
N MET UA 178 -52.18 20.19 86.48
CA MET UA 178 -52.46 18.77 86.37
C MET UA 178 -52.50 18.20 87.79
N PRO UA 179 -53.33 17.20 88.05
CA PRO UA 179 -53.25 16.57 89.35
C PRO UA 179 -51.87 15.93 89.49
N GLU UA 180 -51.20 16.23 90.59
CA GLU UA 180 -49.84 15.71 90.77
C GLU UA 180 -49.79 14.21 90.64
N LEU UA 181 -50.92 13.56 90.79
CA LEU UA 181 -51.05 12.12 90.83
C LEU UA 181 -51.80 11.67 89.59
N PRO UA 182 -51.24 10.80 88.73
CA PRO UA 182 -52.01 10.35 87.57
C PRO UA 182 -53.23 9.55 87.98
N TYR UA 183 -53.95 8.96 87.04
CA TYR UA 183 -55.18 8.20 87.27
C TYR UA 183 -56.26 9.06 87.91
N GLN UA 184 -55.89 10.26 88.31
CA GLN UA 184 -56.81 11.20 88.93
C GLN UA 184 -57.36 12.08 87.83
N THR UA 185 -58.67 12.01 87.60
CA THR UA 185 -59.27 12.75 86.52
C THR UA 185 -59.07 14.24 86.70
N TRP UA 186 -58.91 14.95 85.59
CA TRP UA 186 -58.51 16.35 85.64
C TRP UA 186 -59.66 17.22 85.15
N TYR UA 187 -60.29 17.94 86.05
CA TYR UA 187 -61.41 18.80 85.71
C TYR UA 187 -60.86 20.15 85.28
N LEU UA 188 -61.22 20.55 84.07
CA LEU UA 188 -60.81 21.84 83.54
C LEU UA 188 -61.58 22.97 84.19
N PHE UA 189 -61.02 24.17 84.08
CA PHE UA 189 -61.58 25.36 84.70
C PHE UA 189 -61.90 26.40 83.63
N GLN UA 190 -62.93 27.19 83.92
CA GLN UA 190 -63.44 28.14 82.95
C GLN UA 190 -62.42 29.24 82.67
N TYR UA 191 -62.36 29.69 81.44
CA TYR UA 191 -61.46 30.77 81.05
C TYR UA 191 -62.15 32.11 81.24
N GLY UA 192 -61.47 33.04 81.91
CA GLY UA 192 -61.99 34.36 82.11
C GLY UA 192 -60.83 35.33 82.20
N TYR UA 193 -61.17 36.61 82.16
CA TYR UA 193 -60.11 37.61 82.24
C TYR UA 193 -60.70 38.93 82.72
N ILE UA 194 -59.82 39.77 83.26
CA ILE UA 194 -60.22 41.11 83.70
C ILE UA 194 -60.11 42.06 82.53
N PRO UA 195 -61.21 42.56 81.97
CA PRO UA 195 -61.08 43.57 80.92
C PRO UA 195 -60.50 44.88 81.41
N VAL UA 196 -61.00 45.40 82.54
CA VAL UA 196 -60.55 46.67 83.12
C VAL UA 196 -60.86 46.65 84.61
N ILE UA 197 -60.07 47.42 85.37
CA ILE UA 197 -60.33 47.61 86.79
C ILE UA 197 -61.77 48.06 86.98
N HIS UA 198 -62.49 47.40 87.88
CA HIS UA 198 -63.91 47.70 88.05
C HIS UA 198 -64.11 49.12 88.54
N GLU UA 199 -63.49 49.48 89.66
CA GLU UA 199 -63.39 50.89 89.98
C GLU UA 199 -62.62 51.57 88.87
N LEU UA 200 -62.80 52.88 88.72
CA LEU UA 200 -62.29 53.58 87.54
C LEU UA 200 -62.98 53.05 86.29
N ALA UA 201 -64.18 53.60 86.01
CA ALA UA 201 -65.27 53.06 85.19
C ALA UA 201 -66.42 52.46 85.98
N GLU UA 202 -66.41 52.57 87.30
CA GLU UA 202 -67.55 52.08 88.08
C GLU UA 202 -68.95 52.52 87.58
N MET UA 203 -69.21 53.78 87.18
CA MET UA 203 -68.38 54.96 87.36
C MET UA 203 -69.24 55.98 88.11
N GLU UA 204 -68.62 56.95 88.77
CA GLU UA 204 -69.38 57.83 89.63
C GLU UA 204 -69.77 59.12 88.92
N ASP UA 205 -71.07 59.22 88.61
CA ASP UA 205 -71.67 60.44 88.08
C ASP UA 205 -70.87 61.02 86.94
N SER UA 206 -70.78 62.35 86.87
CA SER UA 206 -69.77 63.07 86.10
C SER UA 206 -69.64 62.44 84.66
N ASN UA 207 -68.53 61.89 84.13
CA ASN UA 207 -67.14 61.90 84.59
C ASN UA 207 -66.21 62.24 83.44
N ALA UA 208 -66.25 61.35 82.43
CA ALA UA 208 -65.53 61.44 81.16
C ALA UA 208 -64.08 61.03 81.31
N VAL UA 209 -63.56 61.03 82.54
CA VAL UA 209 -62.27 60.39 82.78
C VAL UA 209 -62.45 58.89 83.00
N GLU UA 210 -63.51 58.50 83.71
CA GLU UA 210 -63.84 57.08 83.81
C GLU UA 210 -64.78 56.64 82.70
N LYS UA 211 -65.38 57.59 81.97
CA LYS UA 211 -66.11 57.21 80.78
C LYS UA 211 -65.15 56.63 79.76
N ALA UA 212 -64.10 57.35 79.44
CA ALA UA 212 -62.93 56.70 78.88
C ALA UA 212 -62.38 55.74 79.92
N ILE UA 213 -61.71 54.69 79.44
CA ILE UA 213 -61.27 53.52 80.20
C ILE UA 213 -62.45 52.60 80.44
N CYS UA 214 -63.67 53.14 80.40
CA CYS UA 214 -64.84 52.28 80.28
C CYS UA 214 -65.15 51.99 78.82
N LEU UA 215 -65.06 53.01 77.98
CA LEU UA 215 -65.25 52.82 76.55
C LEU UA 215 -64.15 51.97 75.96
N GLN UA 216 -62.96 52.02 76.53
CA GLN UA 216 -61.82 51.37 75.91
C GLN UA 216 -61.64 49.94 76.35
N ILE UA 217 -62.54 49.40 77.18
CA ILE UA 217 -62.31 48.06 77.70
C ILE UA 217 -62.33 47.14 76.50
N PRO UA 218 -61.28 46.36 76.27
CA PRO UA 218 -61.28 45.45 75.14
C PRO UA 218 -62.12 44.22 75.44
N PHE UA 219 -62.62 43.62 74.38
CA PHE UA 219 -63.43 42.42 74.49
C PHE UA 219 -62.86 41.37 73.57
N PHE UA 220 -62.33 40.31 74.17
CA PHE UA 220 -61.64 39.27 73.44
C PHE UA 220 -62.55 38.05 73.32
N MET UA 221 -62.45 37.37 72.19
CA MET UA 221 -63.27 36.21 71.91
C MET UA 221 -62.38 35.17 71.27
N LEU UA 222 -62.53 33.93 71.69
CA LEU UA 222 -61.69 32.88 71.13
C LEU UA 222 -62.24 32.34 69.83
N GLU UA 223 -63.33 32.91 69.31
CA GLU UA 223 -63.85 32.40 68.06
C GLU UA 223 -63.00 32.92 66.92
N ASN UA 224 -63.17 34.19 66.51
CA ASN UA 224 -62.07 34.98 65.97
C ASN UA 224 -61.05 34.13 65.23
N SER UA 225 -59.81 34.14 65.71
CA SER UA 225 -58.78 33.30 65.13
C SER UA 225 -59.21 31.84 65.06
N ASP UA 226 -58.84 31.18 63.97
CA ASP UA 226 -59.33 29.85 63.69
C ASP UA 226 -58.74 28.81 64.64
N HIS UA 227 -59.45 27.70 64.78
CA HIS UA 227 -59.03 26.61 65.64
C HIS UA 227 -59.69 25.33 65.18
N GLU UA 228 -59.17 24.21 65.68
CA GLU UA 228 -59.62 22.91 65.22
C GLU UA 228 -60.82 22.42 66.02
N VAL UA 229 -61.73 21.77 65.33
CA VAL UA 229 -62.80 21.01 65.95
C VAL UA 229 -62.46 19.55 65.76
N LEU UA 230 -62.84 18.72 66.73
CA LEU UA 230 -62.49 17.31 66.69
C LEU UA 230 -63.72 16.48 67.02
N ARG UA 231 -64.02 15.50 66.19
CA ARG UA 231 -64.92 14.45 66.63
C ARG UA 231 -64.10 13.43 67.42
N THR UA 232 -64.70 12.29 67.71
CA THR UA 232 -64.03 11.28 68.52
C THR UA 232 -62.74 10.79 67.89
N GLY UA 233 -62.82 10.25 66.67
CA GLY UA 233 -61.66 9.59 66.09
C GLY UA 233 -60.44 10.48 65.90
N GLU UA 234 -60.64 11.79 65.84
CA GLU UA 234 -59.54 12.72 65.61
C GLU UA 234 -58.79 13.02 66.89
N SER UA 235 -57.54 13.46 66.73
CA SER UA 235 -56.70 13.95 67.82
C SER UA 235 -56.00 15.22 67.39
N THR UA 236 -55.15 15.74 68.28
CA THR UA 236 -54.39 16.95 67.98
C THR UA 236 -53.09 16.92 68.78
N GLU UA 237 -52.05 17.50 68.19
CA GLU UA 237 -50.77 17.67 68.86
C GLU UA 237 -50.42 19.14 68.95
N PHE UA 238 -49.61 19.47 69.95
CA PHE UA 238 -49.07 20.81 70.08
C PHE UA 238 -47.63 20.70 70.56
N THR UA 239 -46.77 21.57 70.05
CA THR UA 239 -45.39 21.61 70.49
C THR UA 239 -45.07 22.99 71.04
N PHE UA 240 -44.03 23.06 71.85
CA PHE UA 240 -43.59 24.33 72.41
C PHE UA 240 -42.09 24.28 72.58
N ASN UA 241 -41.45 25.42 72.40
CA ASN UA 241 -40.04 25.58 72.68
C ASN UA 241 -39.86 26.73 73.64
N PHE UA 242 -38.82 26.66 74.45
CA PHE UA 242 -38.63 27.60 75.54
C PHE UA 242 -37.33 28.35 75.37
N ASP UA 243 -37.42 29.67 75.32
CA ASP UA 243 -36.29 30.53 75.63
C ASP UA 243 -36.40 30.84 77.11
N CYS UA 244 -35.50 30.27 77.90
CA CYS UA 244 -35.79 30.09 79.31
C CYS UA 244 -34.49 30.15 80.11
N GLU UA 245 -34.59 30.71 81.31
CA GLU UA 245 -33.45 30.81 82.21
C GLU UA 245 -33.34 29.57 83.06
N TRP UA 246 -32.10 29.16 83.34
CA TRP UA 246 -31.87 28.04 84.22
C TRP UA 246 -32.42 28.33 85.60
N ILE UA 247 -32.89 27.29 86.28
CA ILE UA 247 -33.15 27.37 87.71
C ILE UA 247 -32.09 26.51 88.39
N ASN UA 248 -31.38 27.10 89.35
CA ASN UA 248 -30.15 26.53 89.87
C ASN UA 248 -30.40 25.84 91.19
N ASN UA 249 -30.03 24.57 91.26
CA ASN UA 249 -29.99 23.84 92.51
C ASN UA 249 -28.55 23.79 92.96
N GLU UA 250 -28.22 24.57 93.98
CA GLU UA 250 -26.87 24.87 94.43
C GLU UA 250 -27.00 25.67 95.71
N ARG UA 251 -25.92 25.69 96.48
CA ARG UA 251 -25.95 26.30 97.80
C ARG UA 251 -24.65 27.03 98.02
N ALA UA 252 -24.74 28.26 98.49
CA ALA UA 252 -23.57 29.02 98.91
C ALA UA 252 -23.34 28.76 100.38
N TYR UA 253 -22.19 28.18 100.70
CA TYR UA 253 -21.88 27.87 102.09
C TYR UA 253 -21.45 29.08 102.88
N ILE UA 254 -21.15 30.20 102.21
CA ILE UA 254 -20.80 31.45 102.88
C ILE UA 254 -21.44 32.61 102.14
N PRO UA 255 -21.67 33.73 102.82
CA PRO UA 255 -22.10 34.93 102.14
C PRO UA 255 -21.07 35.35 101.11
N PRO UA 256 -21.46 36.10 100.09
CA PRO UA 256 -20.48 36.54 99.10
C PRO UA 256 -19.45 37.49 99.67
N GLY UA 257 -19.80 38.24 100.70
CA GLY UA 257 -18.84 39.12 101.33
C GLY UA 257 -17.88 38.46 102.27
N LEU UA 258 -18.04 37.16 102.51
CA LEU UA 258 -17.21 36.41 103.43
C LEU UA 258 -16.06 35.72 102.71
N MET UA 259 -15.86 35.99 101.43
CA MET UA 259 -14.83 35.34 100.64
C MET UA 259 -13.55 36.14 100.76
N PHE UA 260 -12.57 35.59 101.45
CA PHE UA 260 -11.25 36.18 101.57
C PHE UA 260 -10.40 35.26 102.44
N ASN UA 261 -9.10 35.44 102.35
CA ASN UA 261 -8.20 34.68 103.20
C ASN UA 261 -8.01 35.46 104.50
N PRO UA 262 -8.59 35.02 105.60
CA PRO UA 262 -8.51 35.81 106.83
C PRO UA 262 -7.13 35.79 107.45
N LEU UA 263 -6.28 34.87 107.03
CA LEU UA 263 -4.91 34.83 107.54
C LEU UA 263 -4.12 36.04 107.06
N VAL UA 264 -4.30 36.42 105.80
CA VAL UA 264 -3.46 37.46 105.21
C VAL UA 264 -3.90 38.82 105.72
N PRO UA 265 -2.98 39.69 106.14
CA PRO UA 265 -3.37 41.04 106.53
C PRO UA 265 -3.86 41.82 105.33
N THR UA 266 -4.58 42.90 105.61
CA THR UA 266 -5.15 43.72 104.55
C THR UA 266 -4.51 45.11 104.58
N ARG UA 267 -4.41 45.72 103.40
CA ARG UA 267 -4.04 47.12 103.34
C ARG UA 267 -5.27 47.98 103.13
N ARG UA 268 -5.71 48.61 104.22
CA ARG UA 268 -6.94 49.38 104.28
C ARG UA 268 -6.99 50.00 105.67
N ALA UA 269 -7.83 51.00 105.87
CA ALA UA 269 -7.89 51.66 107.16
C ALA UA 269 -9.31 52.08 107.46
N GLN UA 270 -9.58 52.22 108.75
CA GLN UA 270 -10.89 52.63 109.25
C GLN UA 270 -10.71 53.93 110.01
N TYR UA 271 -11.26 55.02 109.47
CA TYR UA 271 -11.42 56.24 110.24
C TYR UA 271 -12.77 56.14 110.92
N ILE UA 272 -12.82 56.49 112.19
CA ILE UA 272 -14.05 56.46 112.96
C ILE UA 272 -14.28 57.82 113.57
N ARG UA 273 -15.45 58.40 113.29
CA ARG UA 273 -15.76 59.75 113.74
C ARG UA 273 -15.79 59.81 115.26
N ARG UA 274 -15.56 61.02 115.79
CA ARG UA 274 -15.77 61.28 117.20
C ARG UA 274 -17.16 60.80 117.61
N ASN UA 275 -17.22 60.07 118.72
CA ASN UA 275 -18.44 59.34 119.05
C ASN UA 275 -19.52 60.25 119.60
N ASN UA 276 -19.11 61.38 120.22
CA ASN UA 276 -20.07 62.35 120.77
C ASN UA 276 -21.06 61.65 121.70
N ASN UA 277 -20.56 61.28 122.88
CA ASN UA 277 -21.20 60.35 123.81
C ASN UA 277 -21.12 58.95 123.21
N PRO UA 278 -20.93 57.92 124.04
CA PRO UA 278 -20.42 58.03 125.42
C PRO UA 278 -18.99 58.58 125.53
N GLN UA 279 -18.08 58.08 124.70
CA GLN UA 279 -16.66 58.26 124.92
C GLN UA 279 -15.92 57.82 123.65
N THR UA 280 -14.59 57.62 123.74
CA THR UA 280 -13.77 57.11 122.63
C THR UA 280 -13.70 58.05 121.44
N ALA UA 281 -12.88 59.09 121.58
CA ALA UA 281 -12.65 60.06 120.51
C ALA UA 281 -12.06 59.37 119.28
N GLU UA 282 -12.18 60.07 118.14
CA GLU UA 282 -11.91 59.49 116.84
C GLU UA 282 -10.50 58.91 116.75
N SER UA 283 -10.37 57.84 115.98
CA SER UA 283 -9.08 57.22 115.73
C SER UA 283 -9.13 56.50 114.39
N THR UA 284 -7.98 56.40 113.74
CA THR UA 284 -7.82 55.60 112.54
C THR UA 284 -7.00 54.36 112.86
N SER UA 285 -7.30 53.26 112.15
CA SER UA 285 -6.65 51.99 112.44
C SER UA 285 -6.72 51.11 111.20
N ARG UA 286 -5.83 50.13 111.16
CA ARG UA 286 -5.83 49.17 110.08
C ARG UA 286 -6.92 48.14 110.29
N ILE UA 287 -7.57 47.74 109.20
CA ILE UA 287 -8.60 46.72 109.29
C ILE UA 287 -7.98 45.39 109.64
N ALA UA 288 -8.62 44.67 110.56
CA ALA UA 288 -8.09 43.41 111.03
C ALA UA 288 -8.01 42.40 109.89
N PRO UA 289 -7.10 41.43 109.99
CA PRO UA 289 -6.95 40.46 108.89
C PRO UA 289 -8.23 39.69 108.64
N TYR UA 290 -8.86 39.18 109.69
CA TYR UA 290 -10.22 38.70 109.60
C TYR UA 290 -11.15 39.89 109.39
N ALA UA 291 -12.35 39.61 108.91
CA ALA UA 291 -13.38 40.64 108.76
C ALA UA 291 -12.91 41.78 107.87
N LYS UA 292 -12.45 41.42 106.69
CA LYS UA 292 -12.10 42.42 105.71
C LYS UA 292 -13.37 42.99 105.09
N PRO UA 293 -13.34 44.25 104.66
CA PRO UA 293 -14.51 44.84 104.03
C PRO UA 293 -14.82 44.16 102.70
N THR UA 294 -16.02 44.39 102.23
CA THR UA 294 -16.46 43.73 101.01
C THR UA 294 -17.20 44.69 100.09
N SER UA 295 -17.20 44.34 98.82
CA SER UA 295 -18.22 44.75 97.88
C SER UA 295 -19.44 43.86 98.06
N TRP UA 296 -20.28 43.83 97.05
CA TRP UA 296 -21.32 42.81 97.02
C TRP UA 296 -22.35 43.00 98.12
N MET UA 297 -23.19 44.00 97.88
CA MET UA 297 -24.36 44.36 98.64
C MET UA 297 -25.40 43.23 98.62
N THR UA 298 -26.29 43.25 99.62
CA THR UA 298 -27.35 42.25 99.70
C THR UA 298 -28.44 42.52 98.67
N GLY UA 299 -29.18 41.48 98.33
CA GLY UA 299 -30.28 41.59 97.42
C GLY UA 299 -31.39 42.45 97.96
N PRO UA 300 -32.23 42.99 97.07
CA PRO UA 300 -33.25 43.94 97.49
C PRO UA 300 -34.46 43.26 98.10
N GLY UA 301 -35.16 44.01 98.94
CA GLY UA 301 -36.39 43.57 99.55
C GLY UA 301 -37.17 44.76 100.03
N LEU UA 302 -38.43 44.53 100.39
CA LEU UA 302 -39.25 45.54 101.04
C LEU UA 302 -39.84 44.93 102.31
N LEU UA 303 -39.33 45.35 103.46
CA LEU UA 303 -39.75 44.81 104.74
C LEU UA 303 -40.63 45.72 105.59
N SER UA 304 -40.91 46.95 105.17
CA SER UA 304 -41.51 47.88 106.13
C SER UA 304 -43.01 47.68 106.28
N ALA UA 305 -43.70 47.37 105.19
CA ALA UA 305 -45.14 47.38 105.12
C ALA UA 305 -45.75 46.25 105.95
N GLN UA 306 -47.04 46.38 106.22
CA GLN UA 306 -47.83 45.33 106.86
C GLN UA 306 -49.14 45.16 106.12
N ARG UA 307 -49.59 43.92 105.98
CA ARG UA 307 -50.86 43.66 105.30
C ARG UA 307 -51.99 44.41 105.99
N VAL UA 308 -52.92 44.92 105.18
CA VAL UA 308 -53.86 45.94 105.60
C VAL UA 308 -55.28 45.41 105.55
N GLY UA 309 -55.89 45.27 106.72
CA GLY UA 309 -57.32 45.09 106.81
C GLY UA 309 -57.77 43.66 106.75
N PRO UA 310 -59.08 43.46 106.56
CA PRO UA 310 -59.65 42.12 106.62
C PRO UA 310 -59.34 41.31 105.38
N ALA UA 311 -59.42 40.00 105.53
CA ALA UA 311 -59.24 39.10 104.40
C ALA UA 311 -60.40 39.28 103.42
N THR UA 312 -60.18 38.82 102.19
CA THR UA 312 -61.05 38.95 101.01
C THR UA 312 -61.00 40.36 100.46
N SER UA 313 -60.33 41.30 101.12
CA SER UA 313 -60.16 42.66 100.65
C SER UA 313 -58.86 42.87 99.88
N ASP UA 314 -58.12 41.79 99.59
CA ASP UA 314 -56.81 41.87 98.94
C ASP UA 314 -55.81 42.63 99.81
N THR UA 315 -55.35 41.99 100.88
CA THR UA 315 -54.33 42.60 101.71
C THR UA 315 -52.97 42.15 101.23
N GLY UA 316 -52.24 43.06 100.58
CA GLY UA 316 -50.95 42.70 100.04
C GLY UA 316 -49.75 43.28 100.76
N ALA UA 317 -49.99 44.26 101.63
CA ALA UA 317 -49.03 45.13 102.29
C ALA UA 317 -48.34 46.06 101.31
N TRP UA 318 -48.35 45.78 100.01
CA TRP UA 318 -47.90 46.71 98.99
C TRP UA 318 -48.90 46.63 97.86
N MET UA 319 -49.57 47.74 97.58
CA MET UA 319 -50.53 47.80 96.49
C MET UA 319 -49.92 48.64 95.39
N VAL UA 320 -49.94 48.10 94.17
CA VAL UA 320 -49.35 48.81 93.04
C VAL UA 320 -50.32 49.85 92.50
N ALA UA 321 -51.58 49.49 92.36
CA ALA UA 321 -52.65 50.35 91.85
C ALA UA 321 -52.32 51.10 90.57
N VAL UA 322 -52.97 52.24 90.38
CA VAL UA 322 -52.78 53.11 89.22
C VAL UA 322 -52.82 54.58 89.62
N LYS UA 323 -53.98 55.02 90.10
CA LYS UA 323 -54.26 56.42 90.41
C LYS UA 323 -54.11 57.34 89.18
N PRO UA 324 -55.01 57.26 88.22
CA PRO UA 324 -55.11 58.32 87.22
C PRO UA 324 -55.48 59.64 87.88
N GLU UA 325 -55.20 60.74 87.18
CA GLU UA 325 -55.10 62.03 87.85
C GLU UA 325 -56.45 62.46 88.42
N ASN UA 326 -57.53 62.26 87.68
CA ASN UA 326 -58.84 62.58 88.25
C ASN UA 326 -59.59 61.32 88.65
N ALA UA 327 -60.17 60.66 87.67
CA ALA UA 327 -60.98 59.45 87.83
C ALA UA 327 -62.01 59.69 88.94
N SER UA 328 -62.29 58.65 89.71
CA SER UA 328 -62.91 58.76 91.03
C SER UA 328 -62.64 57.44 91.72
N ILE UA 329 -62.67 57.46 93.05
CA ILE UA 329 -62.29 56.28 93.80
C ILE UA 329 -63.20 56.16 95.02
N ASP UA 330 -63.65 54.95 95.28
CA ASP UA 330 -64.44 54.62 96.46
C ASP UA 330 -63.48 54.47 97.64
N THR UA 331 -63.95 53.90 98.74
CA THR UA 331 -63.02 53.50 99.79
C THR UA 331 -61.90 52.68 99.19
N GLY UA 332 -60.68 52.98 99.58
CA GLY UA 332 -59.52 52.43 98.90
C GLY UA 332 -58.73 53.46 98.12
N MET UA 333 -57.48 53.19 97.69
CA MET UA 333 -56.65 51.98 97.94
C MET UA 333 -57.39 50.65 97.74
N SER UA 334 -57.42 49.80 98.76
CA SER UA 334 -58.20 48.57 98.76
C SER UA 334 -57.84 47.64 97.55
N GLY UA 335 -58.68 47.34 96.54
CA GLY UA 335 -59.82 48.07 95.98
C GLY UA 335 -59.46 48.69 94.65
N ILE UA 336 -58.17 48.93 94.46
CA ILE UA 336 -57.58 49.20 93.16
C ILE UA 336 -56.20 48.57 93.15
N GLY UA 337 -55.78 48.10 91.99
CA GLY UA 337 -54.48 47.49 91.87
C GLY UA 337 -54.36 46.19 92.63
N SER UA 338 -53.12 45.70 92.69
CA SER UA 338 -52.85 44.35 93.14
C SER UA 338 -51.87 44.37 94.30
N GLY UA 339 -52.00 43.40 95.20
CA GLY UA 339 -51.01 43.26 96.26
C GLY UA 339 -49.73 42.64 95.72
N PHE UA 340 -48.60 43.15 96.19
CA PHE UA 340 -47.30 42.65 95.80
C PHE UA 340 -46.83 41.65 96.84
N ASP UA 341 -46.58 40.41 96.41
CA ASP UA 341 -46.32 39.33 97.33
C ASP UA 341 -45.31 38.34 96.73
N PRO UA 342 -44.40 37.80 97.55
CA PRO UA 342 -43.87 38.33 98.81
C PRO UA 342 -42.83 39.41 98.66
N PRO UA 343 -43.00 40.55 99.33
CA PRO UA 343 -41.82 41.30 99.75
C PRO UA 343 -41.33 40.86 101.14
N GLN UA 344 -40.03 40.75 101.47
CA GLN UA 344 -38.95 40.22 100.64
C GLN UA 344 -38.76 40.94 99.27
N GLY UA 345 -38.37 40.32 98.14
CA GLY UA 345 -37.71 39.04 97.97
C GLY UA 345 -36.37 38.97 98.66
N SER UA 346 -35.80 37.77 98.73
CA SER UA 346 -34.57 37.53 99.48
C SER UA 346 -34.71 38.06 100.89
N LEU UA 347 -33.65 38.70 101.39
CA LEU UA 347 -33.72 39.60 102.54
C LEU UA 347 -34.56 39.02 103.65
N ALA UA 348 -34.02 38.07 104.41
CA ALA UA 348 -34.81 37.15 105.22
C ALA UA 348 -35.90 37.88 106.01
N PRO UA 349 -37.14 37.40 105.98
CA PRO UA 349 -38.27 38.16 106.51
C PRO UA 349 -38.28 38.21 108.03
N THR UA 350 -39.09 39.13 108.54
CA THR UA 350 -39.27 39.30 109.97
C THR UA 350 -40.21 38.24 110.53
N ASN UA 351 -41.49 38.30 110.15
CA ASN UA 351 -42.42 37.33 110.68
C ASN UA 351 -43.08 36.55 109.55
N LEU UA 352 -44.02 35.70 109.94
CA LEU UA 352 -44.73 34.80 109.03
C LEU UA 352 -45.41 35.55 107.90
N GLU UA 353 -45.73 36.82 108.14
CA GLU UA 353 -46.54 37.58 107.19
C GLU UA 353 -45.89 37.68 105.82
N TYR UA 354 -44.57 37.60 105.75
CA TYR UA 354 -43.82 37.69 104.50
C TYR UA 354 -43.39 36.33 103.97
N LYS UA 355 -43.73 35.24 104.64
CA LYS UA 355 -43.04 33.97 104.48
C LYS UA 355 -43.65 33.11 103.38
N ILE UA 356 -44.54 33.69 102.58
CA ILE UA 356 -45.45 33.02 101.66
C ILE UA 356 -46.29 32.04 102.47
N GLN UA 357 -46.87 31.04 101.81
CA GLN UA 357 -47.68 29.99 102.40
C GLN UA 357 -48.44 29.35 101.25
N TRP UA 358 -48.96 28.13 101.40
CA TRP UA 358 -50.00 27.65 100.50
C TRP UA 358 -50.66 26.44 101.13
N TYR UA 359 -51.86 26.12 100.64
CA TYR UA 359 -52.63 25.05 101.28
C TYR UA 359 -52.44 23.71 100.61
N GLN UA 360 -51.83 23.67 99.42
CA GLN UA 360 -51.61 22.45 98.65
C GLN UA 360 -52.82 21.53 98.62
N THR UA 361 -54.02 22.12 98.62
CA THR UA 361 -55.28 21.39 98.72
C THR UA 361 -56.43 22.38 98.64
N PRO UA 362 -57.44 22.11 97.83
CA PRO UA 362 -58.61 23.00 97.84
C PRO UA 362 -59.45 22.88 99.10
N GLN UA 363 -59.42 21.73 99.75
CA GLN UA 363 -60.19 21.55 100.98
C GLN UA 363 -59.54 22.26 102.16
N GLY UA 364 -58.36 22.84 101.96
CA GLY UA 364 -57.65 23.47 103.06
C GLY UA 364 -58.38 24.63 103.70
N THR UA 365 -58.61 24.53 105.01
CA THR UA 365 -59.23 25.59 105.78
C THR UA 365 -58.16 26.58 106.22
N ASN UA 366 -58.49 27.48 107.13
CA ASN UA 366 -57.55 28.52 107.52
C ASN UA 366 -56.21 27.93 107.97
N ASN UA 367 -56.23 27.09 109.00
CA ASN UA 367 -55.07 26.28 109.33
C ASN UA 367 -55.42 24.82 109.12
N ASN UA 368 -54.92 24.27 108.02
CA ASN UA 368 -55.03 22.89 107.56
C ASN UA 368 -54.32 22.90 106.22
N GLY UA 369 -53.82 21.76 105.76
CA GLY UA 369 -52.91 21.88 104.64
C GLY UA 369 -51.84 22.85 105.10
N ASN UA 370 -51.74 23.97 104.40
CA ASN UA 370 -51.14 25.18 104.96
C ASN UA 370 -49.64 25.00 105.24
N ILE UA 371 -48.92 24.48 104.26
CA ILE UA 371 -47.48 24.36 104.43
C ILE UA 371 -46.84 25.72 104.17
N ILE UA 372 -45.90 26.07 105.00
CA ILE UA 372 -45.34 27.42 105.02
C ILE UA 372 -43.89 27.35 104.55
N SER UA 373 -43.47 28.30 103.74
CA SER UA 373 -42.11 28.32 103.26
C SER UA 373 -41.13 28.51 104.41
N ASN UA 374 -39.90 28.10 104.20
CA ASN UA 374 -38.89 28.08 105.25
C ASN UA 374 -37.56 28.49 104.65
N GLN UA 375 -36.57 28.75 105.50
CA GLN UA 375 -35.29 29.17 105.00
C GLN UA 375 -34.50 27.98 104.45
N PRO UA 376 -33.88 28.11 103.27
CA PRO UA 376 -33.11 26.99 102.71
C PRO UA 376 -31.85 26.68 103.50
N LEU UA 377 -31.43 27.60 104.37
CA LEU UA 377 -30.16 27.60 105.08
C LEU UA 377 -29.01 27.89 104.13
N SER UA 378 -29.28 28.05 102.83
CA SER UA 378 -28.32 28.65 101.92
C SER UA 378 -27.97 30.04 102.39
N MET UA 379 -26.72 30.44 102.15
CA MET UA 379 -26.23 31.70 102.73
C MET UA 379 -26.43 32.89 101.82
N LEU UA 380 -27.07 32.75 100.68
CA LEU UA 380 -27.07 33.87 99.74
C LEU UA 380 -27.97 35.08 100.04
N ARG UA 381 -29.32 35.11 99.98
CA ARG UA 381 -30.43 34.18 100.30
C ARG UA 381 -30.93 34.39 101.75
N ASP UA 382 -30.21 35.15 102.56
CA ASP UA 382 -30.75 35.54 103.86
C ASP UA 382 -30.73 37.05 103.97
N GLN UA 383 -29.54 37.64 103.96
CA GLN UA 383 -29.34 39.03 103.54
C GLN UA 383 -30.14 40.02 104.39
N ALA UA 384 -29.66 40.23 105.61
CA ALA UA 384 -30.09 41.41 106.33
C ALA UA 384 -29.36 42.64 105.79
N LEU UA 385 -29.66 43.80 106.37
CA LEU UA 385 -28.85 44.98 106.17
C LEU UA 385 -29.08 45.89 107.38
N PHE UA 386 -28.05 46.61 107.78
CA PHE UA 386 -28.00 47.18 109.12
C PHE UA 386 -27.85 48.69 109.14
N ARG UA 387 -26.82 49.24 108.51
CA ARG UA 387 -26.62 50.70 108.54
C ARG UA 387 -26.43 51.13 110.00
N GLY UA 388 -26.85 52.34 110.36
CA GLY UA 388 -26.86 52.81 111.74
C GLY UA 388 -25.52 52.73 112.44
N ASN UA 389 -25.53 53.02 113.73
CA ASN UA 389 -26.27 54.15 114.27
C ASN UA 389 -25.21 55.18 114.61
N GLN UA 390 -23.95 54.77 114.36
CA GLN UA 390 -22.71 55.22 114.98
C GLN UA 390 -22.49 54.50 116.30
N THR UA 391 -23.50 53.82 116.83
CA THR UA 391 -23.43 53.08 118.09
C THR UA 391 -23.91 51.65 117.89
N THR UA 392 -25.14 51.48 117.39
CA THR UA 392 -25.74 50.17 117.19
C THR UA 392 -26.09 50.02 115.72
N TYR UA 393 -26.17 48.78 115.24
CA TYR UA 393 -26.72 48.50 113.93
C TYR UA 393 -28.22 48.29 114.06
N ASN UA 394 -28.98 48.81 113.09
CA ASN UA 394 -30.43 48.72 113.12
C ASN UA 394 -30.96 48.23 111.78
N LEU UA 395 -31.56 47.04 111.77
CA LEU UA 395 -32.07 46.47 110.53
C LEU UA 395 -32.95 47.46 109.79
N CYS UA 396 -32.67 47.64 108.50
CA CYS UA 396 -33.28 48.71 107.73
C CYS UA 396 -34.33 48.16 106.77
N SER UA 397 -35.48 48.82 106.73
CA SER UA 397 -36.52 48.57 105.76
C SER UA 397 -36.05 48.98 104.37
N ASP UA 398 -36.81 48.54 103.35
CA ASP UA 398 -36.47 48.75 101.95
C ASP UA 398 -35.20 47.99 101.61
N VAL UA 399 -34.12 48.67 101.18
CA VAL UA 399 -33.06 48.10 100.37
C VAL UA 399 -33.54 47.85 98.94
N TRP UA 400 -33.61 48.91 98.15
CA TRP UA 400 -33.90 48.88 96.73
C TRP UA 400 -32.69 48.35 95.95
N MET UA 401 -32.77 48.42 94.63
CA MET UA 401 -31.66 47.94 93.81
C MET UA 401 -30.43 48.81 93.98
N PHE UA 402 -29.27 48.18 93.91
CA PHE UA 402 -27.99 48.80 94.14
C PHE UA 402 -26.96 48.06 93.29
N PRO UA 403 -25.91 48.74 92.82
CA PRO UA 403 -25.04 48.16 91.79
C PRO UA 403 -24.43 46.80 92.11
N ASN UA 404 -23.94 46.60 93.31
CA ASN UA 404 -23.17 45.39 93.59
C ASN UA 404 -24.02 44.26 94.15
N GLN UA 405 -25.33 44.40 94.15
CA GLN UA 405 -26.16 43.44 94.86
C GLN UA 405 -26.07 42.04 94.28
N ILE UA 406 -26.08 41.06 95.17
CA ILE UA 406 -26.31 39.66 94.83
C ILE UA 406 -27.42 39.11 95.70
N TRP UA 407 -28.37 38.43 95.09
CA TRP UA 407 -29.34 37.66 95.81
C TRP UA 407 -29.47 36.34 95.10
N ASP UA 408 -30.12 35.39 95.76
CA ASP UA 408 -30.35 34.09 95.18
C ASP UA 408 -31.83 33.95 94.91
N ARG UA 409 -32.16 33.48 93.72
CA ARG UA 409 -33.55 33.34 93.34
C ARG UA 409 -34.23 32.37 94.30
N TYR UA 410 -35.54 32.54 94.48
CA TYR UA 410 -36.28 31.76 95.45
C TYR UA 410 -36.02 30.27 95.23
N PRO UA 411 -35.77 29.50 96.30
CA PRO UA 411 -35.33 28.11 96.13
C PRO UA 411 -36.34 27.20 95.49
N ILE UA 412 -37.57 27.68 95.36
CA ILE UA 412 -38.76 26.95 94.92
C ILE UA 412 -38.90 25.63 95.67
N THR UA 413 -39.51 24.64 95.02
CA THR UA 413 -39.89 23.35 95.60
C THR UA 413 -40.74 22.61 94.58
N ARG UA 414 -41.16 21.40 94.89
CA ARG UA 414 -41.95 20.63 93.94
C ARG UA 414 -43.33 21.23 93.70
N GLU UA 415 -43.84 22.04 94.62
CA GLU UA 415 -45.20 22.57 94.54
C GLU UA 415 -45.31 23.84 93.71
N ASN UA 416 -44.25 24.33 93.15
CA ASN UA 416 -44.25 25.67 92.59
C ASN UA 416 -44.66 25.67 91.14
N PRO UA 417 -45.14 26.81 90.65
CA PRO UA 417 -45.30 26.97 89.21
C PRO UA 417 -43.97 27.02 88.50
N ILE UA 418 -43.91 26.41 87.33
CA ILE UA 418 -42.67 26.38 86.57
C ILE UA 418 -42.35 27.76 86.03
N TRP UA 419 -43.30 28.39 85.35
CA TRP UA 419 -43.07 29.63 84.65
C TRP UA 419 -44.14 30.65 84.99
N CYS UA 420 -43.86 31.88 84.59
CA CYS UA 420 -44.79 33.00 84.64
C CYS UA 420 -44.54 33.85 83.42
N LYS UA 421 -45.60 34.43 82.86
CA LYS UA 421 -45.42 35.23 81.66
C LYS UA 421 -44.94 36.63 82.01
N LYS UA 422 -43.87 37.05 81.37
CA LYS UA 422 -43.36 38.40 81.52
C LYS UA 422 -44.18 39.33 80.64
N PRO UA 423 -44.95 40.24 81.22
CA PRO UA 423 -45.81 41.10 80.40
C PRO UA 423 -45.02 42.03 79.48
N ARG UA 424 -45.55 42.21 78.28
CA ARG UA 424 -44.89 43.04 77.28
C ARG UA 424 -44.96 44.50 77.68
N SER UA 425 -43.80 45.13 77.75
CA SER UA 425 -43.75 46.54 78.11
C SER UA 425 -42.45 47.12 77.58
N ASP UA 426 -42.40 48.44 77.49
CA ASP UA 426 -41.23 49.10 76.95
C ASP UA 426 -40.00 48.81 77.81
N LYS UA 427 -40.08 49.13 79.09
CA LYS UA 427 -38.93 49.06 79.98
C LYS UA 427 -39.20 48.13 81.14
N HIS UA 428 -38.15 47.50 81.64
CA HIS UA 428 -38.26 46.66 82.82
C HIS UA 428 -36.88 46.50 83.44
N THR UA 429 -36.88 46.10 84.70
CA THR UA 429 -35.67 45.81 85.45
C THR UA 429 -35.30 44.33 85.36
N THR UA 430 -34.47 43.84 86.28
CA THR UA 430 -33.81 42.54 86.12
C THR UA 430 -34.78 41.40 85.83
N ILE UA 431 -36.03 41.52 86.27
CA ILE UA 431 -37.03 40.46 86.12
C ILE UA 431 -36.61 39.20 86.86
N ASP UA 432 -36.62 39.23 88.19
CA ASP UA 432 -36.55 38.01 88.97
C ASP UA 432 -37.83 37.87 89.77
N PRO UA 433 -38.75 36.99 89.40
CA PRO UA 433 -39.98 36.84 90.19
C PRO UA 433 -39.71 36.27 91.56
N PHE UA 434 -40.37 36.82 92.56
CA PHE UA 434 -40.16 36.39 93.94
C PHE UA 434 -40.99 35.18 94.31
N ASP UA 435 -41.76 34.67 93.38
CA ASP UA 435 -42.46 33.41 93.53
C ASP UA 435 -41.59 32.25 93.13
N GLY UA 436 -40.32 32.50 92.86
CA GLY UA 436 -39.52 31.55 92.12
C GLY UA 436 -40.02 31.54 90.70
N SER UA 437 -40.43 30.38 90.22
CA SER UA 437 -40.94 30.22 88.87
C SER UA 437 -39.96 30.79 87.86
N LEU UA 438 -40.48 31.39 86.79
CA LEU UA 438 -39.67 31.85 85.69
C LEU UA 438 -40.44 32.93 84.94
N ALA UA 439 -39.73 33.70 84.14
CA ALA UA 439 -40.36 34.68 83.28
C ALA UA 439 -39.95 34.38 81.85
N MET UA 440 -40.93 34.42 80.96
CA MET UA 440 -40.66 34.20 79.55
C MET UA 440 -41.46 35.18 78.72
N ASP UA 441 -40.87 35.65 77.63
CA ASP UA 441 -41.62 36.43 76.66
C ASP UA 441 -42.86 35.68 76.22
N HIS UA 442 -42.65 34.49 75.65
CA HIS UA 442 -43.74 33.60 75.28
C HIS UA 442 -43.63 32.34 76.10
N PRO UA 443 -44.47 32.15 77.10
CA PRO UA 443 -44.52 30.88 77.80
C PRO UA 443 -45.23 29.85 76.94
N PRO UA 444 -45.44 28.64 77.44
CA PRO UA 444 -46.31 27.72 76.71
C PRO UA 444 -47.67 28.35 76.47
N GLY UA 445 -48.10 28.33 75.21
CA GLY UA 445 -49.40 28.89 74.87
C GLY UA 445 -50.49 28.07 75.53
N THR UA 446 -51.41 28.76 76.20
CA THR UA 446 -52.50 28.07 76.84
C THR UA 446 -53.38 27.39 75.80
N ILE UA 447 -53.68 26.12 76.04
CA ILE UA 447 -54.54 25.36 75.15
C ILE UA 447 -55.96 25.49 75.66
N PHE UA 448 -56.84 26.02 74.83
CA PHE UA 448 -58.23 26.23 75.17
C PHE UA 448 -59.08 25.17 74.50
N ILE UA 449 -60.18 24.80 75.14
CA ILE UA 449 -61.03 23.74 74.65
C ILE UA 449 -62.46 24.02 75.07
N LYS UA 450 -63.41 23.72 74.18
CA LYS UA 450 -64.81 24.05 74.37
C LYS UA 450 -65.64 22.93 73.78
N MET UA 451 -66.92 22.92 74.11
CA MET UA 451 -67.78 21.79 73.80
C MET UA 451 -68.60 21.93 72.52
N ALA UA 452 -68.39 22.98 71.72
CA ALA UA 452 -69.02 23.03 70.41
C ALA UA 452 -70.54 23.03 70.51
N LYS UA 453 -71.13 24.17 70.83
CA LYS UA 453 -72.56 24.25 71.10
C LYS UA 453 -73.37 23.54 70.03
N ILE UA 454 -74.25 22.66 70.48
CA ILE UA 454 -75.17 21.97 69.59
C ILE UA 454 -76.57 22.45 69.95
N PRO UA 455 -77.17 23.31 69.15
CA PRO UA 455 -78.45 23.89 69.52
C PRO UA 455 -79.59 22.92 69.25
N VAL UA 456 -80.78 23.32 69.66
CA VAL UA 456 -81.96 22.50 69.48
C VAL UA 456 -83.11 23.41 69.08
N PRO UA 457 -84.01 22.97 68.24
CA PRO UA 457 -85.04 23.88 67.72
C PRO UA 457 -86.09 24.19 68.77
N SER UA 458 -86.64 25.40 68.68
CA SER UA 458 -87.72 25.82 69.56
C SER UA 458 -88.55 26.88 68.83
N ASN UA 459 -89.63 27.30 69.48
CA ASN UA 459 -90.55 28.26 68.88
C ASN UA 459 -90.10 29.70 69.09
N ASN UA 460 -89.60 30.01 70.29
CA ASN UA 460 -89.34 31.39 70.72
C ASN UA 460 -88.59 32.31 69.72
N ASN UA 461 -87.46 31.89 69.15
CA ASN UA 461 -86.84 30.60 69.36
C ASN UA 461 -85.64 30.72 70.29
N ALA UA 462 -85.02 29.58 70.56
CA ALA UA 462 -83.84 29.48 71.41
C ALA UA 462 -84.15 30.08 72.81
N ASP UA 463 -83.17 30.58 73.59
CA ASP UA 463 -81.81 30.04 73.65
C ASP UA 463 -81.85 28.67 74.32
N SER UA 464 -81.39 27.67 73.57
CA SER UA 464 -81.40 26.30 74.06
C SER UA 464 -80.31 25.54 73.34
N TYR UA 465 -79.79 24.52 74.00
CA TYR UA 465 -78.66 23.78 73.48
C TYR UA 465 -78.67 22.39 74.07
N LEU UA 466 -77.90 21.51 73.47
CA LEU UA 466 -77.85 20.13 73.89
C LEU UA 466 -76.75 19.95 74.92
N ASN UA 467 -77.04 19.19 75.97
CA ASN UA 467 -76.17 19.10 77.13
C ASN UA 467 -75.21 17.92 76.95
N ILE UA 468 -73.92 18.21 76.77
CA ILE UA 468 -72.90 17.21 76.50
C ILE UA 468 -71.65 17.54 77.30
N TYR UA 469 -70.72 16.60 77.33
CA TYR UA 469 -69.41 16.85 77.89
C TYR UA 469 -68.40 15.99 77.16
N CYS UA 470 -67.14 16.40 77.24
CA CYS UA 470 -66.07 15.70 76.55
C CYS UA 470 -65.16 15.05 77.58
N THR UA 471 -64.47 14.00 77.14
CA THR UA 471 -63.56 13.29 78.01
C THR UA 471 -62.44 12.76 77.14
N GLY UA 472 -61.22 12.81 77.64
CA GLY UA 472 -60.13 12.39 76.81
C GLY UA 472 -58.84 12.40 77.59
N GLN UA 473 -57.74 12.32 76.85
CA GLN UA 473 -56.44 12.13 77.46
C GLN UA 473 -55.44 13.14 76.91
N VAL UA 474 -54.86 13.93 77.80
CA VAL UA 474 -53.76 14.82 77.46
C VAL UA 474 -52.48 14.13 77.84
N SER UA 475 -51.47 14.20 76.98
CA SER UA 475 -50.15 13.72 77.32
C SER UA 475 -49.20 14.90 77.18
N CYS UA 476 -48.67 15.36 78.30
CA CYS UA 476 -47.71 16.45 78.29
C CYS UA 476 -46.33 15.85 78.48
N GLU UA 477 -45.53 15.86 77.42
CA GLU UA 477 -44.19 15.28 77.43
C GLU UA 477 -43.21 16.44 77.23
N ILE UA 478 -42.44 16.76 78.27
CA ILE UA 478 -41.56 17.92 78.23
C ILE UA 478 -40.13 17.47 78.47
N VAL UA 479 -39.21 18.10 77.77
CA VAL UA 479 -37.80 17.79 77.85
C VAL UA 479 -37.12 18.87 78.67
N TRP UA 480 -36.19 18.46 79.52
CA TRP UA 480 -35.54 19.38 80.45
C TRP UA 480 -34.05 19.39 80.15
N GLU UA 481 -33.53 20.54 79.76
CA GLU UA 481 -32.08 20.71 79.77
C GLU UA 481 -31.60 20.60 81.20
N VAL UA 482 -30.63 19.73 81.44
CA VAL UA 482 -30.22 19.40 82.79
C VAL UA 482 -28.70 19.31 82.82
N GLU UA 483 -28.10 19.73 83.93
CA GLU UA 483 -26.66 19.73 84.08
C GLU UA 483 -26.28 19.08 85.40
N ARG UA 484 -25.28 18.22 85.37
CA ARG UA 484 -24.93 17.37 86.50
C ARG UA 484 -23.73 17.95 87.23
N TYR UA 485 -23.70 17.77 88.55
CA TYR UA 485 -22.75 18.52 89.37
C TYR UA 485 -21.51 17.69 89.66
N ALA UA 486 -20.38 18.39 89.70
CA ALA UA 486 -19.12 17.84 90.20
C ALA UA 486 -18.50 18.89 91.11
N THR UA 487 -17.87 18.44 92.18
CA THR UA 487 -17.32 19.38 93.13
C THR UA 487 -16.11 18.78 93.82
N LYS UA 488 -15.28 19.65 94.37
CA LYS UA 488 -14.07 19.24 95.06
C LYS UA 488 -14.25 19.14 96.56
N ASN UA 489 -15.47 19.34 97.06
CA ASN UA 489 -15.70 19.22 98.48
C ASN UA 489 -15.36 17.82 98.95
N TRP UA 490 -14.75 17.73 100.12
CA TRP UA 490 -14.41 16.44 100.70
C TRP UA 490 -15.59 15.81 101.40
N ARG UA 491 -16.47 16.60 101.93
CA ARG UA 491 -17.51 16.15 102.86
C ARG UA 491 -18.79 15.73 102.15
N PRO UA 492 -19.63 14.98 102.87
CA PRO UA 492 -20.79 14.32 102.23
C PRO UA 492 -21.84 15.24 101.62
N GLU UA 493 -21.85 16.54 101.90
CA GLU UA 493 -22.91 17.48 101.46
C GLU UA 493 -24.25 16.99 102.00
N ARG UA 494 -25.34 17.13 101.24
CA ARG UA 494 -26.68 16.93 101.76
C ARG UA 494 -27.58 16.45 100.64
N ARG UA 495 -28.55 15.62 100.98
CA ARG UA 495 -29.50 15.10 100.02
C ARG UA 495 -30.90 15.19 100.62
N HIS UA 496 -31.88 14.67 99.89
CA HIS UA 496 -33.25 14.61 100.40
C HIS UA 496 -33.59 13.16 100.69
N THR UA 497 -33.60 12.82 101.97
CA THR UA 497 -34.08 11.55 102.46
C THR UA 497 -35.60 11.58 102.59
N THR UA 498 -36.19 10.38 102.58
CA THR UA 498 -37.53 10.23 103.10
C THR UA 498 -37.59 10.55 104.60
N PHE UA 499 -36.46 10.58 105.29
CA PHE UA 499 -36.53 10.83 106.72
C PHE UA 499 -37.00 12.24 107.04
N GLY UA 500 -36.86 13.18 106.12
CA GLY UA 500 -37.53 14.45 106.28
C GLY UA 500 -39.03 14.29 106.26
N LEU UA 501 -39.52 13.26 105.59
CA LEU UA 501 -40.94 12.98 105.49
C LEU UA 501 -41.47 12.42 106.80
N GLY UA 502 -42.79 12.44 106.96
CA GLY UA 502 -43.41 11.96 108.18
C GLY UA 502 -44.73 11.31 107.89
N ILE UA 503 -45.21 10.55 108.88
CA ILE UA 503 -46.34 9.64 108.74
C ILE UA 503 -47.64 10.43 108.87
N GLY UA 504 -48.67 10.02 108.16
CA GLY UA 504 -49.94 10.73 108.25
C GLY UA 504 -51.08 9.99 107.57
N GLY UA 505 -52.27 10.54 107.77
CA GLY UA 505 -53.52 10.12 107.15
C GLY UA 505 -54.24 9.04 107.94
N ALA UA 506 -55.58 9.11 107.92
CA ALA UA 506 -56.47 8.16 108.57
C ALA UA 506 -56.00 7.77 109.96
N ASP UA 507 -56.04 6.48 110.26
CA ASP UA 507 -55.13 5.94 111.26
C ASP UA 507 -53.72 6.11 110.73
N ASN UA 508 -52.80 6.54 111.61
CA ASN UA 508 -51.61 7.25 111.17
C ASN UA 508 -50.88 6.55 110.01
N LEU UA 509 -51.14 5.27 109.82
CA LEU UA 509 -50.41 4.46 108.86
C LEU UA 509 -50.37 5.09 107.47
N ASN UA 510 -49.31 4.76 106.73
CA ASN UA 510 -48.80 5.25 105.46
C ASN UA 510 -48.02 6.52 105.71
N PRO UA 511 -46.88 6.73 105.06
CA PRO UA 511 -46.04 7.85 105.47
C PRO UA 511 -46.45 9.23 104.99
N THR UA 512 -46.21 9.53 103.72
CA THR UA 512 -46.47 10.88 103.24
C THR UA 512 -46.98 10.90 101.81
N TYR UA 513 -46.14 10.54 100.84
CA TYR UA 513 -46.63 10.46 99.48
C TYR UA 513 -47.09 9.02 99.26
N HIS UA 514 -48.40 8.83 99.35
CA HIS UA 514 -48.93 7.48 99.46
C HIS UA 514 -50.44 7.59 99.66
N VAL UA 515 -51.12 6.49 99.40
CA VAL UA 515 -52.57 6.46 99.51
C VAL UA 515 -53.03 6.17 100.93
N ASP UA 516 -54.24 6.61 101.25
CA ASP UA 516 -54.94 6.33 102.49
C ASP UA 516 -55.74 5.04 102.34
N LYS UA 517 -56.68 4.74 103.25
CA LYS UA 517 -57.30 3.41 103.21
C LYS UA 517 -58.67 3.04 102.57
N ASN UA 518 -59.64 3.88 102.15
CA ASN UA 518 -59.88 5.32 102.31
C ASN UA 518 -59.16 6.14 101.26
N GLY UA 519 -58.49 5.47 100.33
CA GLY UA 519 -57.32 6.05 99.72
C GLY UA 519 -57.47 7.46 99.22
N THR UA 520 -56.69 8.31 99.86
CA THR UA 520 -56.55 9.72 99.57
C THR UA 520 -55.08 10.03 99.73
N TYR UA 521 -54.48 10.55 98.69
CA TYR UA 521 -53.05 10.80 98.66
C TYR UA 521 -52.69 11.72 99.82
N ILE UA 522 -51.77 11.25 100.68
CA ILE UA 522 -51.45 12.02 101.88
C ILE UA 522 -50.62 13.24 101.48
N GLN UA 523 -50.99 14.33 101.96
CA GLN UA 523 -50.22 15.48 101.49
C GLN UA 523 -49.03 15.74 102.40
N PRO UA 524 -47.93 16.21 101.80
CA PRO UA 524 -46.76 16.59 102.60
C PRO UA 524 -47.07 17.77 103.50
N THR UA 525 -46.68 17.66 104.77
CA THR UA 525 -46.98 18.67 105.78
C THR UA 525 -45.71 19.43 106.14
N THR UA 526 -45.80 20.75 106.07
CA THR UA 526 -44.79 21.80 106.02
C THR UA 526 -43.78 21.70 104.87
N TRP UA 527 -42.63 22.34 105.04
CA TRP UA 527 -41.85 22.76 103.88
C TRP UA 527 -40.84 21.71 103.43
N ASP UA 528 -40.15 21.08 104.38
CA ASP UA 528 -39.09 20.14 104.02
C ASP UA 528 -39.61 18.91 103.31
N MET UA 529 -40.86 18.51 103.60
CA MET UA 529 -41.47 17.39 102.90
C MET UA 529 -41.30 17.52 101.40
N CYS UA 530 -41.97 18.50 100.81
CA CYS UA 530 -41.63 18.92 99.46
C CYS UA 530 -40.16 19.26 99.43
N PHE UA 531 -39.44 18.69 98.49
CA PHE UA 531 -37.98 18.78 98.60
C PHE UA 531 -37.48 19.93 97.75
N PRO UA 532 -37.07 21.05 98.36
CA PRO UA 532 -36.73 22.22 97.58
C PRO UA 532 -35.36 22.07 96.96
N VAL UA 533 -35.21 22.59 95.75
CA VAL UA 533 -33.86 22.76 95.24
C VAL UA 533 -33.20 23.90 95.99
N LYS UA 534 -31.87 23.97 95.87
CA LYS UA 534 -31.02 25.04 96.39
C LYS UA 534 -30.64 24.79 97.84
N THR UA 535 -31.20 23.76 98.47
CA THR UA 535 -30.78 23.35 99.80
C THR UA 535 -29.70 22.29 99.77
N ASN UA 536 -29.27 21.87 98.58
CA ASN UA 536 -28.32 20.78 98.46
C ASN UA 536 -27.11 21.20 97.66
N ILE UA 537 -26.24 20.22 97.42
CA ILE UA 537 -24.95 20.38 96.77
C ILE UA 537 -24.18 21.49 97.48
N ASN UA 538 -23.33 22.20 96.76
CA ASN UA 538 -22.63 23.40 97.22
C ASN UA 538 -22.10 24.10 95.99
N LYS UA 539 -21.76 25.37 96.14
CA LYS UA 539 -21.03 26.07 95.09
C LYS UA 539 -20.01 26.99 95.73
N VAL UA 540 -18.77 26.93 95.24
CA VAL UA 540 -17.84 27.98 95.55
C VAL UA 540 -18.29 29.25 94.83
N LEU UA 541 -18.45 30.33 95.58
CA LEU UA 541 -18.91 31.56 94.99
C LEU UA 541 -17.79 32.20 94.16
N GLY VA 34 20.43 21.60 77.21
CA GLY VA 34 20.60 20.60 78.24
C GLY VA 34 19.44 20.50 79.20
N SER VA 35 19.57 19.63 80.21
CA SER VA 35 18.52 19.44 81.19
C SER VA 35 19.14 18.90 82.48
N GLY VA 36 18.40 19.01 83.56
CA GLY VA 36 18.83 18.49 84.85
C GLY VA 36 19.37 19.57 85.75
N VAL VA 37 19.80 19.14 86.94
CA VAL VA 37 20.44 20.05 87.88
C VAL VA 37 21.68 20.66 87.26
N GLY VA 38 21.92 21.92 87.55
CA GLY VA 38 23.06 22.62 86.99
C GLY VA 38 22.79 23.33 85.68
N ILE VA 39 21.57 23.25 85.17
CA ILE VA 39 21.18 23.92 83.95
C ILE VA 39 19.95 24.76 84.30
N SER VA 40 20.08 26.08 84.23
CA SER VA 40 18.97 26.94 84.60
C SER VA 40 17.82 26.77 83.61
N THR VA 41 16.60 26.83 84.12
CA THR VA 41 15.47 26.55 83.26
C THR VA 41 15.07 27.75 82.43
N GLY VA 42 15.03 28.93 83.04
CA GLY VA 42 14.70 30.15 82.31
C GLY VA 42 15.42 31.32 82.94
N GLY VA 43 15.48 32.41 82.19
CA GLY VA 43 16.19 33.59 82.60
C GLY VA 43 15.27 34.67 83.14
N TRP VA 44 15.89 35.75 83.60
CA TRP VA 44 15.17 36.89 84.13
C TRP VA 44 14.47 37.62 83.00
N VAL VA 45 13.39 38.34 83.34
CA VAL VA 45 12.53 38.97 82.36
C VAL VA 45 12.01 40.27 82.95
N GLY VA 46 11.76 41.26 82.09
CA GLY VA 46 11.09 42.47 82.52
C GLY VA 46 11.25 43.58 81.49
N GLY VA 47 10.80 44.78 81.89
CA GLY VA 47 11.12 46.01 81.18
C GLY VA 47 9.99 46.64 80.38
N SER VA 48 8.80 46.08 80.42
CA SER VA 48 7.61 46.49 79.67
C SER VA 48 7.81 46.62 78.16
N TYR VA 49 6.90 47.35 77.49
CA TYR VA 49 6.94 47.41 76.04
C TYR VA 49 6.41 48.70 75.42
N PHE VA 50 5.09 48.93 75.54
CA PHE VA 50 4.37 50.09 75.00
C PHE VA 50 4.30 50.27 73.49
N THR VA 51 3.42 49.51 72.84
CA THR VA 51 2.93 49.80 71.49
C THR VA 51 1.52 50.38 71.57
N ASP VA 52 1.16 51.21 70.60
CA ASP VA 52 -0.13 51.89 70.56
C ASP VA 52 -1.31 50.96 70.82
N SER VA 53 -1.27 49.76 70.26
CA SER VA 53 -2.38 48.83 70.41
C SER VA 53 -2.35 48.07 71.72
N TYR VA 54 -1.18 47.79 72.26
CA TYR VA 54 -1.10 47.00 73.48
C TYR VA 54 0.20 47.30 74.21
N VAL VA 55 0.20 46.98 75.50
CA VAL VA 55 1.35 47.13 76.38
C VAL VA 55 1.65 45.80 77.01
N ILE VA 56 2.90 45.35 76.88
CA ILE VA 56 3.35 44.09 77.47
C ILE VA 56 4.23 44.41 78.65
N THR VA 57 3.75 44.12 79.85
CA THR VA 57 4.54 44.29 81.07
C THR VA 57 5.09 42.94 81.49
N LYS VA 58 6.38 42.91 81.77
CA LYS VA 58 7.07 41.70 82.15
C LYS VA 58 7.71 41.91 83.51
N ASN VA 59 7.65 40.90 84.36
CA ASN VA 59 8.18 41.00 85.71
C ASN VA 59 8.72 39.66 86.14
N THR VA 60 9.66 39.67 87.07
CA THR VA 60 10.25 38.46 87.60
C THR VA 60 10.56 38.68 89.07
N ARG VA 61 10.49 37.60 89.85
CA ARG VA 61 10.62 37.72 91.29
C ARG VA 61 11.45 36.57 91.83
N GLN VA 62 11.81 36.71 93.09
CA GLN VA 62 12.42 35.64 93.86
C GLN VA 62 11.50 35.37 95.03
N PHE VA 63 11.08 34.13 95.21
CA PHE VA 63 10.10 33.81 96.23
C PHE VA 63 10.60 32.66 97.09
N LEU VA 64 9.94 32.44 98.23
CA LEU VA 64 10.23 31.25 99.00
C LEU VA 64 8.98 30.73 99.69
N VAL VA 65 8.89 29.40 99.77
CA VAL VA 65 7.78 28.70 100.39
C VAL VA 65 8.29 28.12 101.70
N LYS VA 66 7.57 28.37 102.79
CA LYS VA 66 8.11 28.22 104.12
C LYS VA 66 7.67 26.95 104.85
N ILE VA 67 6.84 26.10 104.25
CA ILE VA 67 6.14 25.03 104.98
C ILE VA 67 5.28 25.65 106.08
N GLN VA 68 4.15 26.23 105.71
CA GLN VA 68 3.24 26.76 106.72
C GLN VA 68 2.41 25.65 107.33
N ASN VA 69 2.13 25.78 108.63
CA ASN VA 69 1.09 25.02 109.30
C ASN VA 69 1.41 23.53 109.37
N ASN VA 70 2.67 23.19 109.62
CA ASN VA 70 3.17 21.82 109.46
C ASN VA 70 2.74 21.43 108.04
N HIS VA 71 2.32 20.21 107.79
CA HIS VA 71 1.55 19.95 106.59
C HIS VA 71 0.08 19.73 106.86
N GLN VA 72 -0.32 19.68 108.11
CA GLN VA 72 -1.73 19.52 108.46
C GLN VA 72 -2.49 20.83 108.33
N TYR VA 73 -3.81 20.71 108.27
CA TYR VA 73 -4.75 21.79 107.99
C TYR VA 73 -5.18 22.59 109.23
N LYS VA 74 -5.79 21.92 110.18
CA LYS VA 74 -6.49 22.51 111.32
C LYS VA 74 -7.64 23.43 110.89
N THR VA 75 -8.02 24.35 111.75
CA THR VA 75 -9.14 25.26 111.52
C THR VA 75 -8.76 26.67 111.99
N GLU VA 76 -8.34 26.76 113.26
CA GLU VA 76 -7.67 27.88 113.90
C GLU VA 76 -8.54 28.95 114.56
N LEU VA 77 -9.85 29.01 114.24
CA LEU VA 77 -10.80 29.85 114.97
C LEU VA 77 -10.17 31.19 115.37
N ILE VA 78 -9.94 32.05 114.38
CA ILE VA 78 -8.89 33.06 114.48
C ILE VA 78 -9.04 33.95 115.72
N SER VA 79 -9.93 34.94 115.66
CA SER VA 79 -10.33 35.81 116.77
C SER VA 79 -9.17 36.64 117.31
N PRO VA 80 -9.43 37.84 117.82
CA PRO VA 80 -8.63 38.34 118.94
C PRO VA 80 -9.37 38.09 120.23
N SER VA 81 -8.81 38.46 121.37
CA SER VA 81 -9.59 38.50 122.60
C SER VA 81 -9.24 39.69 123.51
N THR VA 82 -10.18 40.59 123.83
CA THR VA 82 -11.44 40.96 123.14
C THR VA 82 -12.34 39.86 122.56
N SER VA 83 -12.71 38.90 123.40
CA SER VA 83 -13.55 37.77 122.97
C SER VA 83 -14.85 38.24 122.34
N GLN VA 84 -15.25 39.49 122.54
CA GLN VA 84 -16.43 40.04 121.88
C GLN VA 84 -16.27 40.10 120.36
N GLY VA 85 -15.07 39.86 119.84
CA GLY VA 85 -14.83 39.99 118.42
C GLY VA 85 -15.60 38.95 117.61
N LYS VA 86 -15.41 39.03 116.28
CA LYS VA 86 -16.14 38.15 115.38
C LYS VA 86 -15.71 36.70 115.55
N SER VA 87 -14.40 36.46 115.65
CA SER VA 87 -13.87 35.13 115.91
C SER VA 87 -14.21 34.15 114.81
N GLN VA 88 -13.96 34.55 113.56
CA GLN VA 88 -14.16 33.66 112.43
C GLN VA 88 -13.29 32.42 112.57
N ARG VA 89 -13.86 31.26 112.23
CA ARG VA 89 -13.17 30.01 112.49
C ARG VA 89 -12.12 29.72 111.42
N CYS VA 90 -12.43 30.07 110.17
CA CYS VA 90 -11.58 29.82 109.01
C CYS VA 90 -11.11 28.38 108.86
N VAL VA 91 -10.03 28.20 108.10
CA VAL VA 91 -9.34 26.94 107.87
C VAL VA 91 -7.92 27.31 107.47
N SER VA 92 -6.93 26.58 107.95
CA SER VA 92 -5.57 26.80 107.51
C SER VA 92 -5.14 25.62 106.68
N THR VA 93 -4.25 25.84 105.74
CA THR VA 93 -3.78 24.79 104.86
C THR VA 93 -2.27 24.85 104.75
N PRO VA 94 -1.62 23.74 104.40
CA PRO VA 94 -0.18 23.79 104.14
C PRO VA 94 0.20 24.61 102.93
N TRP VA 95 -0.76 24.96 102.09
CA TRP VA 95 -0.48 25.59 100.81
C TRP VA 95 -0.19 27.07 100.96
N SER VA 96 0.61 27.59 100.03
CA SER VA 96 0.84 29.00 99.84
C SER VA 96 0.43 29.33 98.42
N TYR VA 97 0.21 30.60 98.14
CA TYR VA 97 -0.31 30.96 96.83
C TYR VA 97 0.33 32.24 96.33
N PHE VA 98 0.30 32.38 95.00
CA PHE VA 98 0.78 33.57 94.33
C PHE VA 98 -0.37 34.52 94.09
N ASN VA 99 -0.26 35.73 94.63
CA ASN VA 99 -1.23 36.79 94.38
C ASN VA 99 -0.59 37.79 93.44
N PHE VA 100 -1.07 37.86 92.21
CA PHE VA 100 -0.57 38.80 91.23
C PHE VA 100 -1.41 40.06 91.11
N ASN VA 101 -2.42 40.23 91.95
CA ASN VA 101 -3.46 41.22 91.71
C ASN VA 101 -3.06 42.53 92.37
N GLN VA 102 -2.61 43.48 91.54
CA GLN VA 102 -2.35 44.86 91.89
C GLN VA 102 -1.73 45.50 90.66
N TYR VA 103 -1.84 46.83 90.55
CA TYR VA 103 -1.18 47.48 89.43
C TYR VA 103 0.27 47.77 89.72
N SER VA 104 0.58 48.21 90.93
CA SER VA 104 1.95 48.59 91.27
C SER VA 104 2.91 47.43 91.15
N SER VA 105 2.42 46.20 91.06
CA SER VA 105 3.30 45.08 90.87
C SER VA 105 3.78 44.99 89.43
N HIS VA 106 2.90 45.27 88.48
CA HIS VA 106 3.19 45.08 87.06
C HIS VA 106 3.69 46.33 86.36
N PHE VA 107 3.62 47.49 87.00
CA PHE VA 107 3.99 48.74 86.36
C PHE VA 107 4.96 49.51 87.23
N SER VA 108 6.10 49.88 86.65
CA SER VA 108 6.98 50.79 87.30
C SER VA 108 6.31 52.15 87.40
N PRO VA 109 6.73 53.00 88.32
CA PRO VA 109 6.17 54.34 88.40
C PRO VA 109 6.28 55.11 87.11
N GLN VA 110 7.21 54.77 86.22
CA GLN VA 110 7.20 55.37 84.89
C GLN VA 110 6.30 54.66 83.90
N ASP VA 111 6.28 53.32 83.90
CA ASP VA 111 5.38 52.61 83.00
C ASP VA 111 3.95 53.03 83.25
N TRP VA 112 3.48 52.86 84.47
CA TRP VA 112 2.36 53.64 84.94
C TRP VA 112 2.77 55.09 84.82
N GLN VA 113 1.83 55.96 84.44
CA GLN VA 113 2.09 57.33 84.03
C GLN VA 113 2.58 57.43 82.60
N ARG VA 114 3.11 56.36 82.03
CA ARG VA 114 3.21 56.38 80.58
C ARG VA 114 1.91 55.99 79.94
N LEU VA 115 1.19 55.03 80.51
CA LEU VA 115 -0.15 54.75 80.02
C LEU VA 115 -1.19 55.69 80.59
N THR VA 116 -1.04 56.10 81.84
CA THR VA 116 -2.02 57.01 82.43
C THR VA 116 -2.03 58.33 81.70
N ASN VA 117 -0.88 58.76 81.18
CA ASN VA 117 -0.84 59.99 80.40
C ASN VA 117 -1.25 59.74 78.96
N GLU VA 118 -0.81 58.65 78.36
CA GLU VA 118 -0.88 58.52 76.92
C GLU VA 118 -2.06 57.70 76.41
N TYR VA 119 -2.93 57.18 77.26
CA TYR VA 119 -3.98 56.29 76.76
C TYR VA 119 -5.33 56.57 77.40
N LYS VA 120 -6.40 56.38 76.62
CA LYS VA 120 -7.75 56.48 77.14
C LYS VA 120 -8.06 55.37 78.12
N ARG VA 121 -7.80 54.14 77.72
CA ARG VA 121 -8.35 53.01 78.43
C ARG VA 121 -7.46 51.81 78.22
N PHE VA 122 -7.52 50.88 79.15
CA PHE VA 122 -6.73 49.67 79.05
C PHE VA 122 -7.42 48.57 79.84
N ARG VA 123 -7.20 47.34 79.41
CA ARG VA 123 -7.63 46.19 80.18
C ARG VA 123 -6.63 45.10 79.94
N PRO VA 124 -6.36 44.25 80.92
CA PRO VA 124 -5.43 43.16 80.69
C PRO VA 124 -6.01 42.16 79.69
N LYS VA 125 -5.24 41.87 78.66
CA LYS VA 125 -5.68 40.95 77.63
C LYS VA 125 -5.39 39.49 78.00
N GLY VA 126 -4.21 39.24 78.54
CA GLY VA 126 -3.79 37.88 78.84
C GLY VA 126 -2.70 37.90 79.89
N MET VA 127 -2.34 36.71 80.34
CA MET VA 127 -1.38 36.58 81.42
C MET VA 127 -0.62 35.28 81.23
N HIS VA 128 0.69 35.31 81.50
CA HIS VA 128 1.54 34.14 81.33
C HIS VA 128 2.50 34.09 82.49
N VAL VA 129 2.47 32.99 83.24
CA VAL VA 129 3.26 32.86 84.46
C VAL VA 129 4.16 31.66 84.33
N LYS VA 130 5.40 31.79 84.81
CA LYS VA 130 6.37 30.72 84.72
C LYS VA 130 7.09 30.58 86.06
N ILE VA 131 7.00 29.40 86.65
CA ILE VA 131 7.80 29.03 87.80
C ILE VA 131 9.04 28.35 87.25
N TYR VA 132 10.21 28.72 87.75
CA TYR VA 132 11.42 28.08 87.27
C TYR VA 132 12.56 28.40 88.24
N ASN VA 133 13.72 27.82 87.96
CA ASN VA 133 14.91 27.99 88.78
C ASN VA 133 14.62 27.69 90.25
N LEU VA 134 14.03 26.53 90.48
CA LEU VA 134 13.63 26.15 91.83
C LEU VA 134 14.84 25.66 92.62
N GLN VA 135 14.75 25.82 93.95
CA GLN VA 135 15.81 25.38 94.86
C GLN VA 135 15.17 24.87 96.14
N ILE VA 136 15.63 23.74 96.63
CA ILE VA 136 15.17 23.20 97.91
C ILE VA 136 16.38 23.16 98.83
N LYS VA 137 16.35 23.96 99.89
CA LYS VA 137 17.58 24.21 100.64
C LYS VA 137 17.75 23.44 101.94
N GLN VA 138 16.75 22.70 102.41
CA GLN VA 138 16.96 21.79 103.54
C GLN VA 138 17.52 22.52 104.78
N ILE VA 139 16.63 23.24 105.46
CA ILE VA 139 17.01 23.88 106.71
C ILE VA 139 17.59 22.86 107.68
N LEU VA 140 18.68 23.22 108.34
CA LEU VA 140 19.20 22.46 109.47
C LEU VA 140 19.43 23.37 110.65
N SER VA 141 19.32 22.80 111.84
CA SER VA 141 19.60 23.51 113.09
C SER VA 141 20.43 22.62 113.99
N ASN VA 142 21.63 23.07 114.32
CA ASN VA 142 22.46 22.44 115.33
C ASN VA 142 22.23 23.02 116.71
N GLY VA 143 21.23 23.90 116.81
CA GLY VA 143 21.04 24.76 117.95
C GLY VA 143 21.62 26.11 117.62
N ALA VA 144 20.94 27.17 118.05
CA ALA VA 144 21.21 28.56 117.63
C ALA VA 144 21.28 28.57 116.11
N ASP VA 145 22.16 29.38 115.51
CA ASP VA 145 22.65 29.32 114.12
C ASP VA 145 21.59 28.95 113.08
N THR VA 146 22.03 28.21 112.06
CA THR VA 146 21.30 27.43 111.06
C THR VA 146 22.31 26.99 110.02
N THR VA 147 21.97 25.98 109.22
CA THR VA 147 22.76 25.64 108.05
C THR VA 147 21.81 25.20 106.95
N TYR VA 148 22.24 25.39 105.71
CA TYR VA 148 21.43 25.06 104.54
C TYR VA 148 22.30 24.19 103.64
N ASN VA 149 21.93 22.92 103.51
CA ASN VA 149 22.79 21.98 102.79
C ASN VA 149 22.48 21.96 101.31
N ASN VA 150 21.64 22.89 100.87
CA ASN VA 150 20.92 22.77 99.62
C ASN VA 150 20.16 21.46 99.70
N ASP VA 151 19.95 20.80 98.57
CA ASP VA 151 19.26 19.52 98.54
C ASP VA 151 19.08 19.15 97.09
N LEU VA 152 18.87 17.86 96.86
CA LEU VA 152 18.37 17.38 95.60
C LEU VA 152 17.35 16.31 95.96
N THR VA 153 16.77 15.68 94.95
CA THR VA 153 15.74 14.67 95.15
C THR VA 153 14.66 15.17 96.10
N ALA VA 154 14.24 16.41 95.94
CA ALA VA 154 13.13 16.97 96.70
C ALA VA 154 12.16 17.62 95.71
N GLY VA 155 10.97 17.98 96.18
CA GLY VA 155 9.90 18.34 95.29
C GLY VA 155 9.05 19.47 95.83
N VAL VA 156 8.28 20.05 94.92
CA VAL VA 156 7.41 21.17 95.21
C VAL VA 156 6.11 20.95 94.46
N HIS VA 157 5.00 21.02 95.17
CA HIS VA 157 3.69 20.90 94.55
C HIS VA 157 3.28 22.25 94.00
N ILE VA 158 2.75 22.27 92.79
CA ILE VA 158 2.28 23.50 92.16
C ILE VA 158 0.93 23.21 91.53
N PHE VA 159 -0.07 23.98 91.91
CA PHE VA 159 -1.44 23.73 91.50
C PHE VA 159 -2.09 25.04 91.09
N CYS VA 160 -2.87 25.00 90.02
CA CYS VA 160 -3.56 26.17 89.51
C CYS VA 160 -5.05 25.88 89.39
N ASP VA 161 -5.87 26.92 89.51
CA ASP VA 161 -7.31 26.81 89.35
C ASP VA 161 -7.73 27.32 87.98
N GLY VA 162 -8.13 26.42 87.09
CA GLY VA 162 -8.76 26.87 85.87
C GLY VA 162 -10.26 26.92 86.02
N GLU VA 163 -10.79 26.09 86.92
CA GLU VA 163 -12.22 26.01 87.14
C GLU VA 163 -12.69 26.96 88.22
N HIS VA 164 -11.78 27.51 89.01
CA HIS VA 164 -12.10 28.26 90.22
C HIS VA 164 -12.97 27.46 91.18
N ALA VA 165 -12.88 26.14 91.16
CA ALA VA 165 -13.20 25.39 92.35
C ALA VA 165 -12.19 25.76 93.41
N TYR VA 166 -12.54 25.51 94.66
CA TYR VA 166 -11.79 25.89 95.85
C TYR VA 166 -12.03 27.35 96.20
N PRO VA 167 -11.92 27.68 97.47
CA PRO VA 167 -12.37 29.00 97.96
C PRO VA 167 -11.61 30.23 97.48
N ASN VA 168 -10.51 30.08 96.73
CA ASN VA 168 -9.77 31.16 96.08
C ASN VA 168 -9.41 32.34 97.00
N ALA VA 169 -8.33 32.16 97.77
CA ALA VA 169 -7.93 33.12 98.80
C ALA VA 169 -7.96 34.56 98.32
N THR VA 170 -7.57 34.83 97.09
CA THR VA 170 -7.32 36.21 96.66
C THR VA 170 -8.51 37.11 96.94
N HIS VA 171 -8.25 38.19 97.66
CA HIS VA 171 -9.15 39.28 97.96
C HIS VA 171 -8.49 40.54 97.45
N PRO VA 172 -9.25 41.49 96.92
CA PRO VA 172 -8.61 42.60 96.20
C PRO VA 172 -7.49 43.31 96.95
N TRP VA 173 -7.71 43.71 98.19
CA TRP VA 173 -6.69 44.56 98.83
C TRP VA 173 -5.62 43.69 99.48
N ASP VA 174 -5.96 43.03 100.57
CA ASP VA 174 -5.06 42.11 101.27
C ASP VA 174 -3.73 42.82 101.49
N GLU VA 175 -2.62 42.20 101.17
CA GLU VA 175 -1.27 42.67 101.45
C GLU VA 175 -0.47 42.22 100.25
N ASP VA 176 0.85 42.25 100.37
CA ASP VA 176 1.75 41.38 99.58
C ASP VA 176 1.47 41.60 98.10
N VAL VA 177 0.88 40.64 97.39
CA VAL VA 177 0.87 40.54 95.94
C VAL VA 177 2.35 40.46 95.59
N MET VA 178 2.75 40.99 94.45
CA MET VA 178 4.17 41.02 94.15
C MET VA 178 4.75 42.28 94.79
N PRO VA 179 5.99 42.26 95.25
CA PRO VA 179 6.58 43.49 95.70
C PRO VA 179 6.67 44.45 94.52
N GLU VA 180 6.17 45.66 94.70
CA GLU VA 180 6.15 46.61 93.61
C GLU VA 180 7.53 46.80 93.00
N LEU VA 181 8.56 46.47 93.75
CA LEU VA 181 9.94 46.70 93.40
C LEU VA 181 10.61 45.36 93.15
N PRO VA 182 11.19 45.09 91.97
CA PRO VA 182 11.87 43.80 91.77
C PRO VA 182 13.07 43.66 92.68
N TYR VA 183 13.85 42.60 92.52
CA TYR VA 183 15.02 42.30 93.35
C TYR VA 183 14.63 42.10 94.81
N GLN VA 184 13.38 42.41 95.14
CA GLN VA 184 12.87 42.27 96.49
C GLN VA 184 12.22 40.90 96.59
N THR VA 185 12.77 40.05 97.44
CA THR VA 185 12.27 38.69 97.54
C THR VA 185 10.81 38.67 97.97
N TRP VA 186 10.07 37.71 97.45
CA TRP VA 186 8.64 37.70 97.62
C TRP VA 186 8.23 36.52 98.51
N TYR VA 187 7.83 36.81 99.72
CA TYR VA 187 7.43 35.79 100.67
C TYR VA 187 5.97 35.46 100.44
N LEU VA 188 5.68 34.19 100.19
CA LEU VA 188 4.32 33.73 99.99
C LEU VA 188 3.57 33.67 101.30
N PHE VA 189 2.26 33.64 101.20
CA PHE VA 189 1.37 33.64 102.35
C PHE VA 189 0.50 32.40 102.34
N GLN VA 190 0.15 31.96 103.54
CA GLN VA 190 -0.58 30.70 103.70
C GLN VA 190 -1.98 30.80 103.12
N TYR VA 191 -2.45 29.73 102.54
CA TYR VA 191 -3.79 29.68 101.99
C TYR VA 191 -4.78 29.22 103.04
N GLY VA 192 -5.87 29.96 103.18
CA GLY VA 192 -6.91 29.62 104.12
C GLY VA 192 -8.23 30.12 103.59
N TYR VA 193 -9.30 29.67 104.24
CA TYR VA 193 -10.62 30.09 103.80
C TYR VA 193 -11.61 29.95 104.93
N ILE VA 194 -12.71 30.70 104.83
CA ILE VA 194 -13.79 30.62 105.80
C ILE VA 194 -14.75 29.53 105.38
N PRO VA 195 -14.82 28.40 106.08
CA PRO VA 195 -15.83 27.40 105.71
C PRO VA 195 -17.25 27.88 105.97
N VAL VA 196 -17.52 28.46 107.14
CA VAL VA 196 -18.84 28.94 107.52
C VAL VA 196 -18.68 30.03 108.58
N ILE VA 197 -19.66 30.93 108.63
CA ILE VA 197 -19.71 31.94 109.69
C ILE VA 197 -19.59 31.25 111.04
N HIS VA 198 -18.69 31.75 111.88
CA HIS VA 198 -18.44 31.10 113.16
C HIS VA 198 -19.67 31.14 114.05
N GLU VA 199 -20.21 32.33 114.30
CA GLU VA 199 -21.54 32.38 114.86
C GLU VA 199 -22.49 31.73 113.86
N LEU VA 200 -23.64 31.28 114.34
CA LEU VA 200 -24.51 30.44 113.52
C LEU VA 200 -23.80 29.12 113.18
N ALA VA 201 -23.88 28.16 114.12
CA ALA VA 201 -23.00 27.01 114.33
C ALA VA 201 -21.99 27.18 115.47
N GLU VA 202 -22.06 28.27 116.23
CA GLU VA 202 -21.16 28.41 117.38
C GLU VA 202 -21.07 27.18 118.32
N MET VA 203 -22.15 26.48 118.70
CA MET VA 203 -23.55 26.85 118.54
C MET VA 203 -24.17 26.83 119.94
N GLU VA 204 -25.28 27.53 120.14
CA GLU VA 204 -25.80 27.70 121.49
C GLU VA 204 -26.86 26.66 121.81
N ASP VA 205 -26.49 25.70 122.67
CA ASP VA 205 -27.41 24.71 123.24
C ASP VA 205 -28.27 24.08 122.17
N SER VA 206 -29.55 23.83 122.50
CA SER VA 206 -30.61 23.58 121.52
C SER VA 206 -30.11 22.57 120.42
N ASN VA 207 -30.02 22.81 119.09
CA ASN VA 207 -30.53 23.91 118.28
C ASN VA 207 -31.22 23.38 117.04
N ALA VA 208 -30.41 22.69 116.23
CA ALA VA 208 -30.78 21.98 115.00
C ALA VA 208 -30.94 22.94 113.84
N VAL VA 209 -31.09 24.24 114.12
CA VAL VA 209 -30.97 25.23 113.05
C VAL VA 209 -29.50 25.60 112.83
N GLU VA 210 -28.73 25.70 113.92
CA GLU VA 210 -27.29 25.88 113.77
C GLU VA 210 -26.56 24.54 113.74
N LYS VA 211 -27.24 23.45 114.10
CA LYS VA 211 -26.65 22.14 113.88
C LYS VA 211 -26.49 21.90 112.39
N ALA VA 212 -27.57 22.06 111.64
CA ALA VA 212 -27.39 22.32 110.22
C ALA VA 212 -26.68 23.65 110.06
N ILE VA 213 -25.97 23.79 108.95
CA ILE VA 213 -25.02 24.87 108.66
C ILE VA 213 -23.73 24.62 109.40
N CYS VA 214 -23.78 23.85 110.50
CA CYS VA 214 -22.55 23.30 111.05
C CYS VA 214 -22.21 21.98 110.39
N LEU VA 215 -23.21 21.14 110.18
CA LEU VA 215 -23.00 19.88 109.47
C LEU VA 215 -22.63 20.12 108.02
N GLN VA 216 -23.10 21.21 107.44
CA GLN VA 216 -22.93 21.41 106.01
C GLN VA 216 -21.66 22.13 105.66
N ILE VA 217 -20.81 22.45 106.65
CA ILE VA 217 -19.63 23.26 106.32
C ILE VA 217 -18.80 22.41 105.37
N PRO VA 218 -18.47 22.91 104.20
CA PRO VA 218 -17.65 22.14 103.27
C PRO VA 218 -16.20 22.18 103.69
N PHE VA 219 -15.48 21.14 103.30
CA PHE VA 219 -14.06 21.03 103.60
C PHE VA 219 -13.32 20.77 102.31
N PHE VA 220 -12.51 21.73 101.89
CA PHE VA 220 -11.82 21.67 100.62
C PHE VA 220 -10.36 21.33 100.86
N MET VA 221 -9.79 20.58 99.95
CA MET VA 221 -8.42 20.12 100.06
C MET VA 221 -7.79 20.24 98.68
N LEU VA 222 -6.58 20.73 98.63
CA LEU VA 222 -5.94 20.90 97.34
C LEU VA 222 -5.26 19.64 96.87
N GLU VA 223 -5.40 18.53 97.60
CA GLU VA 223 -4.76 17.31 97.14
C GLU VA 223 -5.59 16.71 96.03
N ASN VA 224 -6.72 16.05 96.34
CA ASN VA 224 -7.88 16.03 95.44
C ASN VA 224 -7.48 16.10 93.98
N SER VA 225 -7.93 17.14 93.30
CA SER VA 225 -7.55 17.36 91.91
C SER VA 225 -6.04 17.34 91.74
N ASP VA 226 -5.58 16.75 90.63
CA ASP VA 226 -4.17 16.51 90.43
C ASP VA 226 -3.41 17.80 90.17
N HIS VA 227 -2.11 17.75 90.43
CA HIS VA 227 -1.22 18.88 90.24
C HIS VA 227 0.20 18.39 90.08
N GLU VA 228 1.06 19.29 89.60
CA GLU VA 228 2.41 18.90 89.27
C GLU VA 228 3.34 19.04 90.48
N VAL VA 229 4.26 18.11 90.59
CA VAL VA 229 5.38 18.20 91.52
C VAL VA 229 6.61 18.49 90.68
N LEU VA 230 7.54 19.26 91.24
CA LEU VA 230 8.73 19.66 90.50
C LEU VA 230 9.95 19.45 91.36
N ARG VA 231 10.95 18.77 90.82
CA ARG VA 231 12.27 18.87 91.43
C ARG VA 231 12.93 20.15 90.90
N THR VA 232 14.22 20.28 91.16
CA THR VA 232 14.93 21.50 90.76
C THR VA 232 14.90 21.73 89.26
N GLY VA 233 15.40 20.78 88.47
CA GLY VA 233 15.57 21.02 87.05
C GLY VA 233 14.29 21.33 86.31
N GLU VA 234 13.14 20.94 86.84
CA GLU VA 234 11.88 21.15 86.16
C GLU VA 234 11.35 22.56 86.39
N SER VA 235 10.47 23.00 85.48
CA SER VA 235 9.74 24.25 85.60
C SER VA 235 8.28 24.02 85.23
N THR VA 236 7.50 25.11 85.23
CA THR VA 236 6.10 25.04 84.88
C THR VA 236 5.66 26.38 84.31
N GLU VA 237 4.73 26.33 83.36
CA GLU VA 237 4.11 27.53 82.80
C GLU VA 237 2.63 27.52 83.07
N PHE VA 238 2.04 28.71 83.10
CA PHE VA 238 0.60 28.86 83.18
C PHE VA 238 0.18 30.02 82.31
N THR VA 239 -0.95 29.89 81.64
CA THR VA 239 -1.49 30.97 80.84
C THR VA 239 -2.88 31.34 81.34
N PHE VA 240 -3.31 32.54 81.01
CA PHE VA 240 -4.63 33.00 81.39
C PHE VA 240 -5.13 33.94 80.32
N ASN VA 241 -6.44 33.91 80.09
CA ASN VA 241 -7.10 34.86 79.21
C ASN VA 241 -8.21 35.53 79.97
N PHE VA 242 -8.50 36.76 79.60
CA PHE VA 242 -9.42 37.60 80.36
C PHE VA 242 -10.60 38.00 79.50
N ASP VA 243 -11.80 37.67 79.97
CA ASP VA 243 -13.00 38.36 79.55
C ASP VA 243 -13.21 39.48 80.56
N CYS VA 244 -12.99 40.72 80.12
CA CYS VA 244 -12.69 41.77 81.06
C CYS VA 244 -13.20 43.10 80.53
N GLU VA 245 -13.65 43.95 81.44
CA GLU VA 245 -14.15 45.27 81.10
C GLU VA 245 -13.01 46.26 81.09
N TRP VA 246 -13.07 47.21 80.16
CA TRP VA 246 -12.10 48.28 80.11
C TRP VA 246 -12.13 49.09 81.40
N ILE VA 247 -10.98 49.60 81.79
CA ILE VA 247 -10.91 50.64 82.81
C ILE VA 247 -10.49 51.92 82.10
N ASN VA 248 -11.28 52.97 82.27
CA ASN VA 248 -11.19 54.16 81.43
C ASN VA 248 -10.42 55.25 82.13
N ASN VA 249 -9.36 55.74 81.49
CA ASN VA 249 -8.67 56.94 81.91
C ASN VA 249 -9.15 58.07 81.03
N GLU VA 250 -9.97 58.95 81.60
CA GLU VA 250 -10.73 59.98 80.90
C GLU VA 250 -11.40 60.83 81.97
N ARG VA 251 -11.79 62.03 81.58
CA ARG VA 251 -12.31 63.00 82.52
C ARG VA 251 -13.47 63.73 81.88
N ALA VA 252 -14.57 63.85 82.60
CA ALA VA 252 -15.69 64.66 82.17
C ALA VA 252 -15.50 66.06 82.73
N TYR VA 253 -15.38 67.03 81.84
CA TYR VA 253 -15.17 68.41 82.27
C TYR VA 253 -16.44 69.06 82.76
N ILE VA 254 -17.60 68.46 82.52
CA ILE VA 254 -18.87 68.97 83.03
C ILE VA 254 -19.72 67.80 83.49
N PRO VA 255 -20.67 68.04 84.40
CA PRO VA 255 -21.64 67.03 84.73
C PRO VA 255 -22.44 66.64 83.51
N PRO VA 256 -23.02 65.44 83.48
CA PRO VA 256 -23.82 65.05 82.32
C PRO VA 256 -25.06 65.89 82.15
N GLY VA 257 -25.61 66.43 83.23
CA GLY VA 257 -26.76 67.29 83.13
C GLY VA 257 -26.47 68.70 82.70
N LEU VA 258 -25.20 69.05 82.54
CA LEU VA 258 -24.79 70.39 82.16
C LEU VA 258 -24.59 70.52 80.65
N MET VA 259 -24.95 69.51 79.89
CA MET VA 259 -24.74 69.51 78.45
C MET VA 259 -25.96 70.12 77.78
N PHE VA 260 -25.79 71.32 77.24
CA PHE VA 260 -26.83 72.00 76.48
C PHE VA 260 -26.26 73.32 76.01
N ASN VA 261 -26.91 73.90 75.02
CA ASN VA 261 -26.52 75.22 74.56
C ASN VA 261 -27.28 76.26 75.38
N PRO VA 262 -26.62 76.94 76.29
CA PRO VA 262 -27.35 77.87 77.16
C PRO VA 262 -27.83 79.11 76.44
N LEU VA 263 -27.30 79.38 75.26
CA LEU VA 263 -27.75 80.52 74.48
C LEU VA 263 -29.18 80.31 73.99
N VAL VA 264 -29.50 79.11 73.55
CA VAL VA 264 -30.79 78.86 72.92
C VAL VA 264 -31.88 78.80 73.97
N PRO VA 265 -33.00 79.48 73.78
CA PRO VA 265 -34.12 79.35 74.73
C PRO VA 265 -34.70 77.94 74.69
N THR VA 266 -35.42 77.60 75.74
CA THR VA 266 -36.01 76.28 75.86
C THR VA 266 -37.53 76.38 75.83
N ARG VA 267 -38.17 75.34 75.30
CA ARG VA 267 -39.60 75.22 75.42
C ARG VA 267 -39.96 74.24 76.53
N ARG VA 268 -40.34 74.81 77.68
CA ARG VA 268 -40.61 74.07 78.91
C ARG VA 268 -41.13 75.08 79.91
N ALA VA 269 -41.75 74.62 80.98
CA ALA VA 269 -42.29 75.56 81.95
C ALA VA 269 -42.16 74.98 83.35
N GLN VA 270 -42.16 75.89 84.32
CA GLN VA 270 -42.04 75.55 85.73
C GLN VA 270 -43.30 76.02 86.43
N TYR VA 271 -44.12 75.10 86.90
CA TYR VA 271 -45.17 75.43 87.85
C TYR VA 271 -44.56 75.30 89.23
N ILE VA 272 -44.84 76.27 90.08
CA ILE VA 272 -44.34 76.27 91.44
C ILE VA 272 -45.50 76.41 92.40
N ARG VA 273 -45.62 75.46 93.32
CA ARG VA 273 -46.73 75.42 94.24
C ARG VA 273 -46.76 76.66 95.12
N ARG VA 274 -47.94 77.00 95.63
CA ARG VA 274 -48.06 78.02 96.65
C ARG VA 274 -47.10 77.72 97.80
N ASN VA 275 -46.37 78.75 98.22
CA ASN VA 275 -45.24 78.51 99.11
C ASN VA 275 -45.68 78.25 100.54
N ASN VA 276 -46.85 78.76 100.93
CA ASN VA 276 -47.38 78.55 102.27
C ASN VA 276 -46.35 78.92 103.33
N ASN VA 277 -46.15 80.24 103.48
CA ASN VA 277 -45.03 80.86 104.19
C ASN VA 277 -43.78 80.65 103.34
N PRO VA 278 -42.86 81.63 103.33
CA PRO VA 278 -43.12 83.03 103.74
C PRO VA 278 -44.16 83.76 102.88
N GLN VA 279 -44.05 83.64 101.56
CA GLN VA 279 -44.74 84.53 100.64
C GLN VA 279 -44.63 83.94 99.23
N THR VA 280 -44.93 84.75 98.20
CA THR VA 280 -44.79 84.35 96.79
C THR VA 280 -45.72 83.22 96.38
N ALA VA 281 -46.99 83.57 96.16
CA ALA VA 281 -47.99 82.63 95.70
C ALA VA 281 -47.61 82.03 94.34
N GLU VA 282 -48.24 80.90 94.03
CA GLU VA 282 -47.84 80.06 92.91
C GLU VA 282 -47.82 80.83 91.60
N SER VA 283 -46.89 80.46 90.72
CA SER VA 283 -46.80 81.03 89.40
C SER VA 283 -46.15 80.03 88.46
N THR VA 284 -46.50 80.10 87.18
CA THR VA 284 -45.84 79.33 86.14
C THR VA 284 -44.98 80.26 85.29
N SER VA 285 -43.88 79.72 84.78
CA SER VA 285 -42.93 80.53 84.03
C SER VA 285 -42.12 79.63 83.12
N ARG VA 286 -41.53 80.24 82.09
CA ARG VA 286 -40.67 79.51 81.19
C ARG VA 286 -39.30 79.31 81.82
N ILE VA 287 -38.72 78.14 81.58
CA ILE VA 287 -37.39 77.86 82.10
C ILE VA 287 -36.37 78.71 81.39
N ALA VA 288 -35.45 79.29 82.16
CA ALA VA 288 -34.44 80.19 81.62
C ALA VA 288 -33.59 79.47 80.59
N PRO VA 289 -33.02 80.21 79.63
CA PRO VA 289 -32.19 79.55 78.61
C PRO VA 289 -31.01 78.81 79.20
N TYR VA 290 -30.29 79.46 80.10
CA TYR VA 290 -29.34 78.75 80.94
C TYR VA 290 -30.11 77.87 81.92
N ALA VA 291 -29.41 76.90 82.49
CA ALA VA 291 -29.99 76.04 83.52
C ALA VA 291 -31.24 75.34 83.03
N LYS VA 292 -31.12 74.66 81.92
CA LYS VA 292 -32.20 73.84 81.43
C LYS VA 292 -32.28 72.56 82.24
N PRO VA 293 -33.47 71.99 82.38
CA PRO VA 293 -33.61 70.74 83.12
C PRO VA 293 -32.89 69.60 82.40
N THR VA 294 -32.67 68.53 83.14
CA THR VA 294 -31.93 67.41 82.60
C THR VA 294 -32.57 66.09 82.96
N SER VA 295 -32.28 65.09 82.15
CA SER VA 295 -32.31 63.70 82.55
C SER VA 295 -31.03 63.38 83.28
N TRP VA 296 -30.71 62.11 83.37
CA TRP VA 296 -29.38 61.72 83.82
C TRP VA 296 -29.14 62.06 85.29
N MET VA 297 -29.77 61.25 86.12
CA MET VA 297 -29.66 61.19 87.56
C MET VA 297 -28.22 60.85 87.99
N THR VA 298 -27.89 61.21 89.22
CA THR VA 298 -26.57 60.90 89.76
C THR VA 298 -26.45 59.43 90.12
N GLY VA 299 -25.21 58.96 90.16
CA GLY VA 299 -24.93 57.60 90.54
C GLY VA 299 -25.31 57.31 91.98
N PRO VA 300 -25.52 56.03 92.29
CA PRO VA 300 -26.02 55.67 93.61
C PRO VA 300 -24.92 55.68 94.67
N GLY VA 301 -25.34 55.87 95.91
CA GLY VA 301 -24.46 55.81 97.05
C GLY VA 301 -25.27 55.58 98.30
N LEU VA 302 -24.58 55.27 99.39
CA LEU VA 302 -25.20 55.20 100.71
C LEU VA 302 -24.38 56.06 101.67
N LEU VA 303 -24.93 57.21 102.05
CA LEU VA 303 -24.24 58.15 102.91
C LEU VA 303 -24.74 58.23 104.35
N SER VA 304 -25.78 57.51 104.73
CA SER VA 304 -26.41 57.82 106.01
C SER VA 304 -25.66 57.20 107.18
N ALA VA 305 -25.15 55.99 107.01
CA ALA VA 305 -24.63 55.17 108.08
C ALA VA 305 -23.33 55.76 108.64
N GLN VA 306 -22.96 55.28 109.83
CA GLN VA 306 -21.68 55.60 110.46
C GLN VA 306 -21.07 54.32 111.00
N ARG VA 307 -19.75 54.21 110.87
CA ARG VA 307 -19.06 53.03 111.38
C ARG VA 307 -19.32 52.87 112.88
N VAL VA 308 -19.47 51.62 113.30
CA VAL VA 308 -20.06 51.29 114.59
C VAL VA 308 -19.04 50.60 115.48
N GLY VA 309 -18.65 51.28 116.56
CA GLY VA 309 -17.96 50.64 117.65
C GLY VA 309 -16.46 50.62 117.50
N PRO VA 310 -15.80 49.81 118.34
CA PRO VA 310 -14.35 49.81 118.38
C PRO VA 310 -13.74 49.09 117.19
N ALA VA 311 -12.49 49.42 116.91
CA ALA VA 311 -11.75 48.73 115.87
C ALA VA 311 -11.51 47.28 116.27
N THR VA 312 -11.20 46.45 115.27
CA THR VA 312 -11.04 45.00 115.33
C THR VA 312 -12.38 44.30 115.44
N SER VA 313 -13.48 45.03 115.60
CA SER VA 313 -14.82 44.47 115.64
C SER VA 313 -15.51 44.48 114.28
N ASP VA 314 -14.78 44.82 113.21
CA ASP VA 314 -15.36 44.95 111.86
C ASP VA 314 -16.41 46.06 111.82
N THR VA 315 -15.96 47.30 111.86
CA THR VA 315 -16.89 48.42 111.73
C THR VA 315 -16.98 48.81 110.27
N GLY VA 316 -18.11 48.48 109.64
CA GLY VA 316 -18.27 48.77 108.23
C GLY VA 316 -19.23 49.89 107.90
N ALA VA 317 -20.03 50.31 108.88
CA ALA VA 317 -21.17 51.20 108.78
C ALA VA 317 -22.32 50.57 108.01
N TRP VA 318 -22.09 49.54 107.21
CA TRP VA 318 -23.14 48.75 106.59
C TRP VA 318 -22.73 47.31 106.71
N MET VA 319 -23.52 46.52 107.43
CA MET VA 319 -23.25 45.10 107.59
C MET VA 319 -24.28 44.34 106.77
N VAL VA 320 -23.81 43.42 105.94
CA VAL VA 320 -24.71 42.66 105.09
C VAL VA 320 -25.34 41.50 105.87
N ALA VA 321 -24.54 40.80 106.64
CA ALA VA 321 -24.96 39.66 107.46
C ALA VA 321 -25.81 38.62 106.74
N VAL VA 322 -26.63 37.91 107.50
CA VAL VA 322 -27.54 36.90 106.99
C VAL VA 322 -28.88 36.93 107.72
N LYS VA 323 -28.85 36.64 109.02
CA LYS VA 323 -30.05 36.50 109.85
C LYS VA 323 -30.98 35.38 109.35
N PRO VA 324 -30.60 34.12 109.48
CA PRO VA 324 -31.58 33.04 109.34
C PRO VA 324 -32.64 33.16 110.42
N GLU VA 325 -33.79 32.52 110.17
CA GLU VA 325 -35.01 32.89 110.87
C GLU VA 325 -34.90 32.59 112.37
N ASN VA 326 -34.33 31.44 112.73
CA ASN VA 326 -34.14 31.17 114.15
C ASN VA 326 -32.67 31.35 114.54
N ALA VA 327 -31.87 30.34 114.23
CA ALA VA 327 -30.44 30.28 114.56
C ALA VA 327 -30.26 30.62 116.03
N SER VA 328 -29.17 31.30 116.36
CA SER VA 328 -29.01 32.05 117.58
C SER VA 328 -27.86 33.02 117.34
N ILE VA 329 -27.84 34.11 118.11
CA ILE VA 329 -26.86 35.16 117.86
C ILE VA 329 -26.39 35.71 119.19
N ASP VA 330 -25.08 35.91 119.29
CA ASP VA 330 -24.45 36.55 120.44
C ASP VA 330 -24.64 38.06 120.32
N THR VA 331 -23.90 38.84 121.10
CA THR VA 331 -23.85 40.26 120.85
C THR VA 331 -23.52 40.50 119.38
N GLY VA 332 -24.25 41.41 118.75
CA GLY VA 332 -24.17 41.55 117.31
C GLY VA 332 -25.44 41.12 116.60
N MET VA 333 -25.66 41.47 115.31
CA MET VA 333 -24.84 42.33 114.43
C MET VA 333 -23.33 42.03 114.46
N SER VA 334 -22.51 43.02 114.78
CA SER VA 334 -21.07 42.84 114.98
C SER VA 334 -20.38 42.18 113.74
N GLY VA 335 -19.81 40.96 113.72
CA GLY VA 335 -20.08 39.77 114.52
C GLY VA 335 -20.83 38.74 113.72
N ILE VA 336 -21.54 39.21 112.69
CA ILE VA 336 -22.04 38.38 111.60
C ILE VA 336 -21.96 39.21 110.34
N GLY VA 337 -21.71 38.55 109.22
CA GLY VA 337 -21.62 39.24 107.96
C GLY VA 337 -20.44 40.18 107.88
N SER VA 338 -20.44 40.97 106.80
CA SER VA 338 -19.27 41.74 106.40
C SER VA 338 -19.63 43.21 106.30
N GLY VA 339 -18.66 44.07 106.58
CA GLY VA 339 -18.86 45.49 106.37
C GLY VA 339 -18.77 45.83 104.89
N PHE VA 340 -19.65 46.71 104.44
CA PHE VA 340 -19.68 47.17 103.07
C PHE VA 340 -18.89 48.46 102.96
N ASP VA 341 -17.85 48.46 102.13
CA ASP VA 341 -16.91 49.57 102.10
C ASP VA 341 -16.38 49.77 100.68
N PRO VA 342 -16.20 51.03 100.25
CA PRO VA 342 -16.85 52.25 100.71
C PRO VA 342 -18.25 52.47 100.17
N PRO VA 343 -19.22 52.74 101.04
CA PRO VA 343 -20.34 53.56 100.61
C PRO VA 343 -20.08 55.06 100.87
N GLN VA 344 -20.44 56.03 100.01
CA GLN VA 344 -20.38 56.01 98.55
C GLN VA 344 -21.15 54.83 97.88
N GLY VA 345 -20.76 54.21 96.76
CA GLY VA 345 -19.81 54.65 95.74
C GLY VA 345 -20.22 55.94 95.07
N SER VA 346 -19.31 56.51 94.28
CA SER VA 346 -19.53 57.81 93.67
C SER VA 346 -19.93 58.82 94.73
N LEU VA 347 -20.90 59.67 94.40
CA LEU VA 347 -21.68 60.43 95.38
C LEU VA 347 -20.81 61.02 96.46
N ALA VA 348 -20.10 62.11 96.16
CA ALA VA 348 -18.94 62.54 96.92
C ALA VA 348 -19.19 62.50 98.42
N PRO VA 349 -18.28 61.92 99.21
CA PRO VA 349 -18.56 61.62 100.61
C PRO VA 349 -18.55 62.87 101.49
N THR VA 350 -19.11 62.70 102.68
CA THR VA 350 -19.16 63.77 103.66
C THR VA 350 -17.82 63.94 104.35
N ASN VA 351 -17.41 62.95 105.15
CA ASN VA 351 -16.15 63.08 105.84
C ASN VA 351 -15.21 61.94 105.48
N LEU VA 352 -14.06 61.92 106.15
CA LEU VA 352 -12.99 60.97 105.90
C LEU VA 352 -13.46 59.53 106.03
N GLU VA 353 -14.52 59.33 106.82
CA GLU VA 353 -14.95 57.97 107.16
C GLU VA 353 -15.32 57.15 105.94
N TYR VA 354 -15.75 57.81 104.86
CA TYR VA 354 -16.13 57.14 103.62
C TYR VA 354 -15.04 57.17 102.56
N LYS VA 355 -13.89 57.75 102.84
CA LYS VA 355 -12.96 58.21 101.81
C LYS VA 355 -11.96 57.14 101.40
N ILE VA 356 -12.20 55.90 101.83
CA ILE VA 356 -11.26 54.78 101.80
C ILE VA 356 -10.02 55.19 102.58
N GLN VA 357 -8.90 54.53 102.33
CA GLN VA 357 -7.61 54.79 102.96
C GLN VA 357 -6.76 53.56 102.70
N TRP VA 358 -5.43 53.63 102.78
CA TRP VA 358 -4.63 52.42 102.94
C TRP VA 358 -3.24 52.83 103.40
N TYR VA 359 -2.51 51.86 103.95
CA TYR VA 359 -1.22 52.18 104.55
C TYR VA 359 -0.06 51.97 103.60
N GLN VA 360 -0.28 51.30 102.46
CA GLN VA 360 0.75 51.00 101.47
C GLN VA 360 2.05 50.51 102.11
N THR VA 361 1.94 49.78 103.21
CA THR VA 361 3.09 49.34 103.99
C THR VA 361 2.59 48.50 105.15
N PRO VA 362 3.19 47.34 105.41
CA PRO VA 362 2.80 46.57 106.59
C PRO VA 362 3.26 47.20 107.89
N GLN VA 363 4.34 47.97 107.86
CA GLN VA 363 4.81 48.63 109.07
C GLN VA 363 3.94 49.81 109.46
N GLY VA 364 2.97 50.17 108.63
CA GLY VA 364 2.15 51.34 108.88
C GLY VA 364 1.35 51.27 110.17
N THR VA 365 1.57 52.26 111.04
CA THR VA 365 0.84 52.38 112.29
C THR VA 365 -0.47 53.12 112.01
N ASN VA 366 -1.16 53.54 113.07
CA ASN VA 366 -2.46 54.17 112.89
C ASN VA 366 -2.40 55.35 111.93
N ASN VA 367 -1.58 56.35 112.24
CA ASN VA 367 -1.25 57.38 111.28
C ASN VA 367 0.23 57.30 110.96
N ASN VA 368 0.52 56.74 109.79
CA ASN VA 368 1.84 56.55 109.18
C ASN VA 368 1.54 55.81 107.90
N GLY VA 369 2.40 55.90 106.89
CA GLY VA 369 1.92 55.42 105.60
C GLY VA 369 0.64 56.18 105.35
N ASN VA 370 -0.46 55.44 105.25
CA ASN VA 370 -1.79 56.01 105.48
C ASN VA 370 -2.18 57.04 104.44
N ILE VA 371 -1.98 56.70 103.17
CA ILE VA 371 -2.40 57.63 102.12
C ILE VA 371 -3.90 57.50 101.91
N ILE VA 372 -4.55 58.61 101.77
CA ILE VA 372 -6.01 58.67 101.77
C ILE VA 372 -6.49 59.05 100.38
N SER VA 373 -7.56 58.41 99.92
CA SER VA 373 -8.09 58.72 98.61
C SER VA 373 -8.60 60.16 98.56
N ASN VA 374 -8.68 60.70 97.36
CA ASN VA 374 -9.00 62.11 97.16
C ASN VA 374 -9.89 62.23 95.94
N GLN VA 375 -10.47 63.41 95.73
CA GLN VA 375 -11.35 63.58 94.60
C GLN VA 375 -10.55 63.75 93.31
N PRO VA 376 -10.93 63.07 92.23
CA PRO VA 376 -10.18 63.22 90.97
C PRO VA 376 -10.34 64.59 90.34
N LEU VA 377 -11.33 65.36 90.79
CA LEU VA 377 -11.78 66.62 90.20
C LEU VA 377 -12.50 66.37 88.89
N SER VA 378 -12.58 65.12 88.43
CA SER VA 378 -13.52 64.76 87.37
C SER VA 378 -14.93 65.07 87.82
N MET VA 379 -15.77 65.45 86.85
CA MET VA 379 -17.09 65.95 87.19
C MET VA 379 -18.16 64.88 87.23
N LEU VA 380 -17.82 63.62 87.04
CA LEU VA 380 -18.88 62.64 86.88
C LEU VA 380 -19.67 62.18 88.13
N ARG VA 381 -19.20 61.43 89.14
CA ARG VA 381 -17.92 61.28 89.87
C ARG VA 381 -17.89 62.19 91.13
N ASP VA 382 -18.84 63.10 91.26
CA ASP VA 382 -18.97 63.83 92.53
C ASP VA 382 -20.38 63.65 93.06
N GLN VA 383 -21.37 64.16 92.33
CA GLN VA 383 -22.74 63.66 92.39
C GLN VA 383 -23.34 63.76 93.79
N ALA VA 384 -23.68 64.99 94.17
CA ALA VA 384 -24.61 65.14 95.27
C ALA VA 384 -26.03 64.85 94.80
N LEU VA 385 -26.98 64.96 95.73
CA LEU VA 385 -28.38 65.01 95.37
C LEU VA 385 -29.11 65.72 96.51
N PHE VA 386 -30.15 66.46 96.17
CA PHE VA 386 -30.66 67.50 97.06
C PHE VA 386 -32.12 67.31 97.44
N ARG VA 387 -33.03 67.23 96.48
CA ARG VA 387 -34.46 67.09 96.80
C ARG VA 387 -34.89 68.32 97.60
N GLY VA 388 -35.85 68.19 98.52
CA GLY VA 388 -36.25 69.23 99.44
C GLY VA 388 -36.65 70.53 98.77
N ASN VA 389 -36.88 71.55 99.59
CA ASN VA 389 -37.64 71.40 100.82
C ASN VA 389 -38.99 72.05 100.52
N GLN VA 390 -39.08 72.58 99.29
CA GLN VA 390 -39.93 73.66 98.82
C GLN VA 390 -39.31 75.01 99.15
N THR VA 391 -38.29 75.04 100.00
CA THR VA 391 -37.61 76.26 100.40
C THR VA 391 -36.10 76.12 100.21
N THR VA 392 -35.50 75.09 100.82
CA THR VA 392 -34.06 74.84 100.75
C THR VA 392 -33.83 73.46 100.16
N TYR VA 393 -32.67 73.26 99.56
CA TYR VA 393 -32.24 71.92 99.16
C TYR VA 393 -31.48 71.29 100.32
N ASN VA 394 -31.71 69.99 100.54
CA ASN VA 394 -31.09 69.27 101.64
C ASN VA 394 -30.47 67.97 101.15
N LEU VA 395 -29.15 67.87 101.22
CA LEU VA 395 -28.46 66.67 100.74
C LEU VA 395 -29.08 65.41 101.33
N CYS VA 396 -29.39 64.47 100.46
CA CYS VA 396 -30.18 63.30 100.84
C CYS VA 396 -29.30 62.06 100.94
N SER VA 397 -29.49 61.30 102.01
CA SER VA 397 -28.89 59.99 102.19
C SER VA 397 -29.49 59.00 101.20
N ASP VA 398 -28.82 57.85 101.07
CA ASP VA 398 -29.18 56.82 100.11
C ASP VA 398 -28.95 57.33 98.69
N VAL VA 399 -29.99 57.42 97.85
CA VAL VA 399 -29.88 57.40 96.40
C VAL VA 399 -29.50 56.01 95.90
N TRP VA 400 -30.48 55.12 95.86
CA TRP VA 400 -30.39 53.79 95.28
C TRP VA 400 -30.36 53.87 93.75
N MET VA 401 -30.43 52.72 93.11
CA MET VA 401 -30.42 52.70 91.64
C MET VA 401 -31.67 53.32 91.07
N PHE VA 402 -31.52 53.99 89.94
CA PHE VA 402 -32.57 54.73 89.27
C PHE VA 402 -32.28 54.71 87.78
N PRO VA 403 -33.32 54.74 86.94
CA PRO VA 403 -33.12 54.44 85.50
C PRO VA 403 -32.07 55.27 84.78
N ASN VA 404 -32.03 56.57 85.00
CA ASN VA 404 -31.19 57.43 84.18
C ASN VA 404 -29.81 57.66 84.78
N GLN VA 405 -29.45 56.95 85.83
CA GLN VA 405 -28.24 57.28 86.56
C GLN VA 405 -26.98 57.10 85.71
N ILE VA 406 -26.05 58.02 85.90
CA ILE VA 406 -24.67 57.87 85.44
C ILE VA 406 -23.73 58.12 86.60
N TRP VA 407 -22.76 57.24 86.77
CA TRP VA 407 -21.67 57.48 87.67
C TRP VA 407 -20.41 57.06 86.95
N ASP VA 408 -19.27 57.44 87.51
CA ASP VA 408 -17.99 57.09 86.95
C ASP VA 408 -17.32 56.11 87.89
N ARG VA 409 -16.80 55.03 87.34
CA ARG VA 409 -16.16 54.02 88.15
C ARG VA 409 -14.99 54.64 88.90
N TYR VA 410 -14.66 54.07 90.06
CA TYR VA 410 -13.64 54.64 90.91
C TYR VA 410 -12.36 54.87 90.11
N PRO VA 411 -11.71 56.02 90.26
CA PRO VA 411 -10.59 56.38 89.39
C PRO VA 411 -9.38 55.48 89.51
N ILE VA 412 -9.37 54.64 90.54
CA ILE VA 412 -8.26 53.79 90.98
C ILE VA 412 -6.96 54.59 91.08
N THR VA 413 -5.83 53.90 90.88
CA THR VA 413 -4.49 54.43 91.07
C THR VA 413 -3.51 53.27 90.92
N ARG VA 414 -2.22 53.53 91.03
CA ARG VA 414 -1.24 52.47 90.87
C ARG VA 414 -1.30 51.44 91.98
N GLU VA 415 -1.84 51.79 93.14
CA GLU VA 415 -1.83 50.91 94.31
C GLU VA 415 -2.99 49.93 94.35
N ASN VA 416 -3.85 49.93 93.38
CA ASN VA 416 -5.11 49.22 93.50
C ASN VA 416 -5.00 47.79 93.01
N PRO VA 417 -5.88 46.92 93.48
CA PRO VA 417 -6.02 45.61 92.85
C PRO VA 417 -6.57 45.71 91.45
N ILE VA 418 -6.06 44.87 90.57
CA ILE VA 418 -6.51 44.90 89.18
C ILE VA 418 -7.92 44.36 89.08
N TRP VA 419 -8.17 43.19 89.64
CA TRP VA 419 -9.43 42.49 89.46
C TRP VA 419 -9.98 42.04 90.80
N CYS VA 420 -11.23 41.61 90.76
CA CYS VA 420 -11.92 40.97 91.86
C CYS VA 420 -12.84 39.92 91.27
N LYS VA 421 -13.01 38.79 91.96
CA LYS VA 421 -13.84 37.74 91.41
C LYS VA 421 -15.31 38.03 91.69
N LYS VA 422 -16.11 37.98 90.64
CA LYS VA 422 -17.55 38.12 90.77
C LYS VA 422 -18.13 36.78 91.21
N PRO VA 423 -18.68 36.69 92.42
CA PRO VA 423 -19.18 35.40 92.90
C PRO VA 423 -20.36 34.88 92.09
N ARG VA 424 -20.37 33.57 91.88
CA ARG VA 424 -21.41 32.93 91.08
C ARG VA 424 -22.73 32.96 91.83
N SER VA 425 -23.74 33.51 91.18
CA SER VA 425 -25.06 33.57 91.79
C SER VA 425 -26.09 33.71 90.68
N ASP VA 426 -27.34 33.41 91.02
CA ASP VA 426 -28.40 33.46 90.03
C ASP VA 426 -28.57 34.86 89.47
N LYS VA 427 -28.80 35.83 90.34
CA LYS VA 427 -29.13 37.18 89.93
C LYS VA 427 -28.14 38.18 90.48
N HIS VA 428 -27.92 39.26 89.75
CA HIS VA 428 -27.08 40.34 90.22
C HIS VA 428 -27.42 41.60 89.45
N THR VA 429 -27.01 42.73 90.02
CA THR VA 429 -27.17 44.05 89.41
C THR VA 429 -25.94 44.43 88.60
N THR VA 430 -25.77 45.72 88.32
CA THR VA 430 -24.81 46.18 87.31
C THR VA 430 -23.40 45.64 87.53
N ILE VA 431 -23.03 45.32 88.76
CA ILE VA 431 -21.68 44.87 89.11
C ILE VA 431 -20.65 45.95 88.80
N ASP VA 432 -20.64 47.04 89.55
CA ASP VA 432 -19.51 47.95 89.54
C ASP VA 432 -18.88 47.97 90.92
N PRO VA 433 -17.74 47.35 91.14
CA PRO VA 433 -17.13 47.38 92.47
C PRO VA 433 -16.66 48.78 92.84
N PHE VA 434 -16.90 49.16 94.08
CA PHE VA 434 -16.55 50.50 94.54
C PHE VA 434 -15.11 50.59 95.00
N ASP VA 435 -14.37 49.51 94.91
CA ASP VA 435 -12.94 49.51 95.13
C ASP VA 435 -12.19 49.84 93.86
N GLY VA 436 -12.90 50.23 92.82
CA GLY VA 436 -12.34 50.21 91.50
C GLY VA 436 -12.18 48.77 91.09
N SER VA 437 -10.96 48.37 90.76
CA SER VA 437 -10.66 47.01 90.35
C SER VA 437 -11.58 46.57 89.22
N LEU VA 438 -11.97 45.31 89.23
CA LEU VA 438 -12.73 44.72 88.14
C LEU VA 438 -13.46 43.50 88.67
N ALA VA 439 -14.46 43.07 87.92
CA ALA VA 439 -15.16 41.84 88.24
C ALA VA 439 -15.07 40.91 87.04
N MET VA 440 -14.77 39.65 87.31
CA MET VA 440 -14.70 38.67 86.26
C MET VA 440 -15.33 37.37 86.73
N ASP VA 441 -16.01 36.68 85.82
CA ASP VA 441 -16.49 35.34 86.12
C ASP VA 441 -15.35 34.47 86.58
N HIS VA 442 -14.33 34.32 85.73
CA HIS VA 442 -13.12 33.61 86.07
C HIS VA 442 -11.96 34.58 86.03
N PRO VA 443 -11.45 35.01 87.17
CA PRO VA 443 -10.23 35.80 87.19
C PRO VA 443 -9.04 34.91 86.93
N PRO VA 444 -7.83 35.43 86.98
CA PRO VA 444 -6.67 34.54 86.95
C PRO VA 444 -6.76 33.52 88.06
N GLY VA 445 -6.62 32.25 87.69
CA GLY VA 445 -6.66 31.18 88.68
C GLY VA 445 -5.48 31.31 89.62
N THR VA 446 -5.77 31.26 90.92
CA THR VA 446 -4.70 31.36 91.90
C THR VA 446 -3.78 30.15 91.77
N ILE VA 447 -2.48 30.43 91.72
CA ILE VA 447 -1.48 29.38 91.65
C ILE VA 447 -1.05 29.04 93.07
N PHE VA 448 -1.24 27.79 93.45
CA PHE VA 448 -0.92 27.31 94.78
C PHE VA 448 0.36 26.50 94.72
N ILE VA 449 1.12 26.53 95.80
CA ILE VA 449 2.41 25.86 95.85
C ILE VA 449 2.69 25.42 97.27
N LYS VA 450 3.29 24.25 97.41
CA LYS VA 450 3.51 23.60 98.69
C LYS VA 450 4.84 22.88 98.64
N MET VA 451 5.34 22.49 99.81
CA MET VA 451 6.69 21.99 99.94
C MET VA 451 6.83 20.47 99.90
N ALA VA 452 5.76 19.73 99.63
CA ALA VA 452 5.91 18.29 99.41
C ALA VA 452 6.48 17.58 100.63
N LYS VA 453 5.64 17.33 101.63
CA LYS VA 453 6.10 16.80 102.91
C LYS VA 453 7.03 15.61 102.71
N ILE VA 454 8.19 15.69 103.35
CA ILE VA 454 9.15 14.60 103.35
C ILE VA 454 9.22 14.07 104.77
N PRO VA 455 8.62 12.93 105.06
CA PRO VA 455 8.57 12.46 106.44
C PRO VA 455 9.89 11.82 106.85
N VAL VA 456 9.96 11.48 108.12
CA VAL VA 456 11.17 10.86 108.68
C VAL VA 456 10.73 9.76 109.63
N PRO VA 457 11.45 8.66 109.71
CA PRO VA 457 10.97 7.53 110.51
C PRO VA 457 11.09 7.79 112.00
N SER VA 458 10.17 7.21 112.75
CA SER VA 458 10.19 7.30 114.20
C SER VA 458 9.50 6.07 114.78
N ASN VA 459 9.53 5.96 116.11
CA ASN VA 459 8.96 4.81 116.79
C ASN VA 459 7.46 4.95 117.02
N ASN VA 460 7.02 6.15 117.40
CA ASN VA 460 5.65 6.38 117.89
C ASN VA 460 4.49 5.78 117.06
N ASN VA 461 4.45 5.97 115.73
CA ASN VA 461 5.43 6.72 114.95
C ASN VA 461 4.90 8.09 114.59
N ALA VA 462 5.74 8.85 113.88
CA ALA VA 462 5.41 10.19 113.42
C ALA VA 462 5.00 11.09 114.63
N ASP VA 463 4.20 12.15 114.47
CA ASP VA 463 4.21 13.01 113.28
C ASP VA 463 5.51 13.80 113.25
N SER VA 464 6.25 13.61 112.16
CA SER VA 464 7.53 14.26 111.99
C SER VA 464 7.82 14.37 110.51
N TYR VA 465 8.59 15.38 110.15
CA TYR VA 465 8.85 15.67 108.75
C TYR VA 465 10.16 16.42 108.65
N LEU VA 466 10.68 16.48 107.44
CA LEU VA 466 11.96 17.12 107.19
C LEU VA 466 11.75 18.58 106.86
N ASN VA 467 12.58 19.44 107.42
CA ASN VA 467 12.38 20.88 107.36
C ASN VA 467 13.11 21.44 106.15
N ILE VA 468 12.35 21.91 105.16
CA ILE VA 468 12.91 22.41 103.90
C ILE VA 468 12.15 23.66 103.50
N TYR VA 469 12.68 24.35 102.49
CA TYR VA 469 11.98 25.45 101.87
C TYR VA 469 12.40 25.54 100.41
N CYS VA 470 11.55 26.18 99.61
CA CYS VA 470 11.79 26.30 98.19
C CYS VA 470 12.08 27.75 97.86
N THR VA 471 12.79 27.94 96.76
CA THR VA 471 13.14 29.27 96.30
C THR VA 471 13.20 29.22 94.79
N GLY VA 472 12.72 30.27 94.14
CA GLY VA 472 12.67 30.23 92.71
C GLY VA 472 12.22 31.55 92.15
N GLN VA 473 11.86 31.53 90.87
CA GLN VA 473 11.57 32.75 90.15
C GLN VA 473 10.27 32.63 89.41
N VAL VA 474 9.34 33.52 89.70
CA VAL VA 474 8.09 33.65 88.95
C VAL VA 474 8.26 34.77 87.95
N SER VA 475 7.81 34.56 86.74
CA SER VA 475 7.77 35.63 85.75
C SER VA 475 6.33 35.79 85.32
N CYS VA 476 5.73 36.91 85.68
CA CYS VA 476 4.37 37.21 85.29
C CYS VA 476 4.42 38.20 84.14
N GLU VA 477 4.09 37.73 82.95
CA GLU VA 477 4.12 38.54 81.73
C GLU VA 477 2.69 38.68 81.24
N ILE VA 478 2.13 39.88 81.33
CA ILE VA 478 0.73 40.09 80.99
C ILE VA 478 0.63 41.12 79.89
N VAL VA 479 -0.32 40.91 78.99
CA VAL VA 479 -0.55 41.77 77.85
C VAL VA 479 -1.79 42.61 78.13
N TRP VA 480 -1.73 43.88 77.76
CA TRP VA 480 -2.79 44.82 78.07
C TRP VA 480 -3.36 45.35 76.76
N GLU VA 481 -4.63 45.09 76.52
CA GLU VA 481 -5.33 45.82 75.46
C GLU VA 481 -5.37 47.29 75.85
N VAL VA 482 -4.91 48.14 74.95
CA VAL VA 482 -4.72 49.55 75.28
C VAL VA 482 -5.19 50.38 74.10
N GLU VA 483 -5.78 51.54 74.39
CA GLU VA 483 -6.31 52.42 73.37
C GLU VA 483 -5.81 53.84 73.59
N ARG VA 484 -5.38 54.49 72.53
CA ARG VA 484 -4.69 55.78 72.62
C ARG VA 484 -5.65 56.90 72.28
N TYR VA 485 -5.47 58.05 72.93
CA TYR VA 485 -6.48 59.08 72.90
C TYR VA 485 -6.17 60.13 71.84
N ALA VA 486 -7.23 60.63 71.21
CA ALA VA 486 -7.18 61.79 70.35
C ALA VA 486 -8.35 62.68 70.71
N THR VA 487 -8.14 63.99 70.68
CA THR VA 487 -9.20 64.90 71.08
C THR VA 487 -9.06 66.21 70.34
N LYS VA 488 -10.17 66.95 70.29
CA LYS VA 488 -10.22 68.22 69.61
C LYS VA 488 -10.02 69.40 70.55
N ASN VA 489 -9.74 69.14 71.82
CA ASN VA 489 -9.50 70.23 72.75
C ASN VA 489 -8.31 71.05 72.30
N TRP VA 490 -8.43 72.36 72.45
CA TRP VA 490 -7.34 73.26 72.09
C TRP VA 490 -6.30 73.34 73.19
N ARG VA 491 -6.69 73.18 74.42
CA ARG VA 491 -5.88 73.49 75.58
C ARG VA 491 -5.02 72.32 76.04
N PRO VA 492 -3.99 72.60 76.84
CA PRO VA 492 -2.98 71.59 77.17
C PRO VA 492 -3.46 70.36 77.93
N GLU VA 493 -4.66 70.35 78.51
CA GLU VA 493 -5.15 69.26 79.38
C GLU VA 493 -4.19 69.09 80.56
N ARG VA 494 -3.94 67.87 81.02
CA ARG VA 494 -3.23 67.64 82.27
C ARG VA 494 -2.49 66.33 82.18
N ARG VA 495 -1.35 66.25 82.86
CA ARG VA 495 -0.54 65.06 82.89
C ARG VA 495 -0.10 64.81 84.32
N HIS VA 496 0.73 63.79 84.50
CA HIS VA 496 1.30 63.50 85.81
C HIS VA 496 2.79 63.84 85.78
N THR VA 497 3.14 64.96 86.39
CA THR VA 497 4.51 65.34 86.62
C THR VA 497 5.05 64.66 87.86
N THR VA 498 6.37 64.56 87.93
CA THR VA 498 7.03 64.33 89.20
C THR VA 498 6.79 65.48 90.17
N PHE VA 499 6.36 66.64 89.70
CA PHE VA 499 6.19 67.74 90.64
C PHE VA 499 5.06 67.51 91.62
N GLY VA 500 4.11 66.64 91.30
CA GLY VA 500 3.19 66.19 92.31
C GLY VA 500 3.88 65.41 93.41
N LEU VA 501 5.02 64.80 93.08
CA LEU VA 501 5.79 64.02 94.04
C LEU VA 501 6.54 64.94 94.98
N GLY VA 502 7.01 64.38 96.09
CA GLY VA 502 7.71 65.17 97.08
C GLY VA 502 8.81 64.35 97.73
N ILE VA 503 9.71 65.06 98.40
CA ILE VA 503 10.97 64.52 98.90
C ILE VA 503 10.72 63.80 100.23
N GLY VA 504 11.47 62.75 100.49
CA GLY VA 504 11.27 62.03 101.75
C GLY VA 504 12.36 61.01 102.01
N GLY VA 505 12.30 60.45 103.22
CA GLY VA 505 13.14 59.36 103.69
C GLY VA 505 14.42 59.83 104.34
N ALA VA 506 14.85 59.11 105.37
CA ALA VA 506 16.08 59.36 106.12
C ALA VA 506 16.30 60.83 106.41
N ASP VA 507 17.53 61.30 106.18
CA ASP VA 507 17.72 62.71 105.87
C ASP VA 507 17.02 62.97 104.55
N ASN VA 508 16.31 64.10 104.46
CA ASN VA 508 15.20 64.23 103.53
C ASN VA 508 15.54 63.78 102.11
N LEU VA 509 16.83 63.72 101.78
CA LEU VA 509 17.29 63.45 100.43
C LEU VA 509 16.66 62.20 99.84
N ASN VA 510 16.55 62.20 98.51
CA ASN VA 510 15.87 61.32 97.57
C ASN VA 510 14.41 61.70 97.52
N PRO VA 511 13.78 61.71 96.34
CA PRO VA 511 12.44 62.29 96.28
C PRO VA 511 11.30 61.42 96.79
N THR VA 512 10.89 60.43 95.99
CA THR VA 512 9.72 59.64 96.36
C THR VA 512 9.86 58.19 95.96
N TYR VA 513 9.85 57.88 94.67
CA TYR VA 513 10.08 56.51 94.26
C TYR VA 513 11.58 56.35 94.04
N HIS VA 514 12.25 55.79 95.03
CA HIS VA 514 13.69 55.84 95.07
C HIS VA 514 14.15 55.20 96.37
N VAL VA 515 15.42 54.83 96.40
CA VAL VA 515 15.99 54.17 97.57
C VAL VA 515 16.46 55.17 98.61
N ASP VA 516 16.51 54.71 99.85
CA ASP VA 516 17.05 55.43 100.99
C ASP VA 516 18.55 55.13 101.11
N LYS VA 517 19.20 55.45 102.23
CA LYS VA 517 20.66 55.34 102.26
C LYS VA 517 21.50 54.16 102.85
N ASN VA 518 21.06 53.15 103.63
CA ASN VA 518 19.81 52.89 104.36
C ASN VA 518 18.76 52.24 103.49
N GLY VA 519 19.11 51.94 102.25
CA GLY VA 519 18.13 51.94 101.20
C GLY VA 519 16.86 51.18 101.48
N THR VA 520 15.79 51.97 101.52
CA THR VA 520 14.43 51.53 101.69
C THR VA 520 13.60 52.38 100.76
N TYR VA 521 12.87 51.73 99.88
CA TYR VA 521 12.11 52.42 98.85
C TYR VA 521 11.16 53.40 99.51
N ILE VA 522 11.27 54.68 99.14
CA ILE VA 522 10.46 55.70 99.79
C ILE VA 522 9.02 55.58 99.33
N GLN VA 523 8.15 55.58 100.23
CA GLN VA 523 6.79 55.38 99.75
C GLN VA 523 6.13 56.72 99.41
N PRO VA 524 5.27 56.70 98.40
CA PRO VA 524 4.52 57.91 98.06
C PRO VA 524 3.55 58.28 99.17
N THR VA 525 3.55 59.56 99.54
CA THR VA 525 2.74 60.06 100.65
C THR VA 525 1.58 60.88 100.12
N THR VA 526 0.39 60.53 100.58
CA THR VA 526 -0.98 60.83 100.11
C THR VA 526 -1.28 60.42 98.66
N TRP VA 527 -2.29 61.04 98.07
CA TRP VA 527 -3.00 60.41 96.97
C TRP VA 527 -2.41 60.75 95.62
N ASP VA 528 -2.05 62.02 95.40
CA ASP VA 528 -1.59 62.45 94.09
C ASP VA 528 -0.27 61.80 93.71
N MET VA 529 0.58 61.47 94.69
CA MET VA 529 1.83 60.78 94.41
C MET VA 529 1.60 59.59 93.49
N CYS VA 530 0.92 58.57 94.00
CA CYS VA 530 0.37 57.55 93.13
C CYS VA 530 -0.49 58.23 92.08
N PHE VA 531 -0.25 57.93 90.83
CA PHE VA 531 -0.87 58.76 89.79
C PHE VA 531 -2.14 58.10 89.31
N PRO VA 532 -3.32 58.62 89.70
CA PRO VA 532 -4.55 57.93 89.38
C PRO VA 532 -4.94 58.16 87.93
N VAL VA 533 -5.51 57.14 87.31
CA VAL VA 533 -6.17 57.39 86.04
C VAL VA 533 -7.46 58.15 86.32
N LYS VA 534 -8.01 58.73 85.26
CA LYS VA 534 -9.31 59.40 85.23
C LYS VA 534 -9.18 60.85 85.67
N THR VA 535 -8.00 61.28 86.11
CA THR VA 535 -7.75 62.68 86.39
C THR VA 535 -7.15 63.41 85.20
N ASN VA 536 -6.95 62.73 84.08
CA ASN VA 536 -6.29 63.32 82.93
C ASN VA 536 -7.16 63.21 81.69
N ILE VA 537 -6.57 63.65 80.58
CA ILE VA 537 -7.21 63.76 79.28
C ILE VA 537 -8.51 64.55 79.45
N ASN VA 538 -9.50 64.26 78.62
CA ASN VA 538 -10.86 64.79 78.72
C ASN VA 538 -11.74 63.90 77.86
N LYS VA 539 -13.05 63.97 78.08
CA LYS VA 539 -13.98 63.36 77.17
C LYS VA 539 -15.20 64.26 77.03
N VAL VA 540 -15.61 64.51 75.79
CA VAL VA 540 -16.93 65.05 75.58
C VAL VA 540 -17.96 63.99 75.94
N LEU VA 541 -18.88 64.32 76.82
CA LEU VA 541 -19.88 63.36 77.24
C LEU VA 541 -20.90 63.15 76.12
N GLY WA 34 28.87 16.45 75.79
CA GLY WA 34 28.01 16.33 76.95
C GLY WA 34 27.52 17.65 77.48
N SER WA 35 26.79 17.61 78.59
CA SER WA 35 26.25 18.82 79.21
C SER WA 35 25.99 18.55 80.68
N GLY WA 36 25.85 19.63 81.44
CA GLY WA 36 25.54 19.53 82.86
C GLY WA 36 26.76 19.74 83.73
N VAL WA 37 26.54 19.62 85.03
CA VAL WA 37 27.62 19.71 85.99
C VAL WA 37 28.62 18.59 85.71
N GLY WA 38 29.90 18.89 85.90
CA GLY WA 38 30.95 17.94 85.64
C GLY WA 38 31.48 17.94 84.24
N ILE WA 39 30.97 18.79 83.37
CA ILE WA 39 31.45 18.94 82.00
C ILE WA 39 31.79 20.40 81.81
N SER WA 40 33.07 20.70 81.60
CA SER WA 40 33.48 22.08 81.47
C SER WA 40 32.90 22.69 80.20
N THR WA 41 32.52 23.95 80.27
CA THR WA 41 31.85 24.55 79.13
C THR WA 41 32.82 24.99 78.06
N GLY WA 42 33.92 25.63 78.45
CA GLY WA 42 34.92 26.05 77.48
C GLY WA 42 36.28 26.03 78.14
N GLY WA 43 37.31 26.07 77.29
CA GLY WA 43 38.68 25.98 77.75
C GLY WA 43 39.37 27.33 77.80
N TRP WA 44 40.61 27.30 78.28
CA TRP WA 44 41.41 28.49 78.37
C TRP WA 44 41.84 28.95 76.98
N VAL WA 45 42.12 30.24 76.85
CA VAL WA 45 42.39 30.87 75.57
C VAL WA 45 43.43 31.96 75.77
N GLY WA 46 44.25 32.20 74.74
CA GLY WA 46 45.15 33.32 74.75
C GLY WA 46 46.22 33.19 73.68
N GLY WA 47 47.20 34.10 73.74
CA GLY WA 47 48.44 33.98 73.00
C GLY WA 47 48.61 34.89 71.79
N SER WA 48 47.67 35.77 71.54
CA SER WA 48 47.61 36.67 70.39
C SER WA 48 47.78 36.02 69.01
N TYR WA 49 48.12 36.82 68.00
CA TYR WA 49 48.17 36.28 66.64
C TYR WA 49 49.17 36.95 65.70
N PHE WA 50 48.91 38.22 65.35
CA PHE WA 50 49.73 39.03 64.45
C PHE WA 50 49.85 38.63 62.99
N THR WA 51 48.82 38.91 62.21
CA THR WA 51 48.89 38.97 60.75
C THR WA 51 48.93 40.43 60.29
N ASP WA 52 49.56 40.66 59.14
CA ASP WA 52 49.73 42.01 58.58
C ASP WA 52 48.45 42.82 58.58
N SER WA 53 47.33 42.20 58.23
CA SER WA 53 46.08 42.92 58.14
C SER WA 53 45.39 43.11 59.49
N TYR WA 54 45.56 42.18 60.42
CA TYR WA 54 44.87 42.28 61.70
C TYR WA 54 45.62 41.51 62.76
N VAL WA 55 45.35 41.86 64.02
CA VAL WA 55 45.92 41.21 65.18
C VAL WA 55 44.79 40.73 66.07
N ILE WA 56 44.81 39.45 66.41
CA ILE WA 56 43.81 38.84 67.28
C ILE WA 56 44.45 38.60 68.64
N THR WA 57 44.03 39.35 69.64
CA THR WA 57 44.49 39.14 71.00
C THR WA 57 43.44 38.37 71.77
N LYS WA 58 43.88 37.32 72.46
CA LYS WA 58 42.99 36.46 73.22
C LYS WA 58 43.45 36.46 74.67
N ASN WA 59 42.49 36.48 75.59
CA ASN WA 59 42.81 36.52 77.00
C ASN WA 59 41.74 35.76 77.76
N THR WA 60 42.12 35.28 78.94
CA THR WA 60 41.20 34.55 79.80
C THR WA 60 41.55 34.86 81.24
N ARG WA 61 40.52 34.86 82.10
CA ARG WA 61 40.71 35.28 83.48
C ARG WA 61 39.95 34.37 84.42
N GLN WA 62 40.22 34.54 85.70
CA GLN WA 62 39.46 33.94 86.76
C GLN WA 62 38.90 35.08 87.60
N PHE WA 63 37.59 35.10 87.81
CA PHE WA 63 36.96 36.21 88.49
C PHE WA 63 36.09 35.71 89.62
N LEU WA 64 35.67 36.61 90.49
CA LEU WA 64 34.68 36.24 91.49
C LEU WA 64 33.76 37.41 91.80
N VAL WA 65 32.49 37.08 92.02
CA VAL WA 65 31.45 38.05 92.35
C VAL WA 65 31.11 37.88 93.82
N LYS WA 66 31.11 38.98 94.57
CA LYS WA 66 31.19 38.93 96.02
C LYS WA 66 29.85 39.15 96.74
N ILE WA 67 28.74 39.39 96.02
CA ILE WA 67 27.52 39.91 96.64
C ILE WA 67 27.82 41.25 97.30
N GLN WA 68 27.95 42.31 96.50
CA GLN WA 68 28.14 43.62 97.08
C GLN WA 68 26.81 44.22 97.52
N ASN WA 69 26.87 44.96 98.63
CA ASN WA 69 25.79 45.87 99.04
C ASN WA 69 24.52 45.13 99.42
N ASN WA 70 24.66 44.00 100.11
CA ASN WA 70 23.56 43.06 100.31
C ASN WA 70 23.00 42.80 98.91
N HIS WA 71 21.71 42.68 98.71
CA HIS WA 71 21.17 42.84 97.37
C HIS WA 71 20.44 44.16 97.18
N GLN WA 72 20.29 44.94 98.23
CA GLN WA 72 19.64 46.23 98.13
C GLN WA 72 20.60 47.28 97.56
N TYR WA 73 20.01 48.38 97.09
CA TYR WA 73 20.68 49.46 96.38
C TYR WA 73 21.28 50.53 97.28
N LYS WA 74 20.46 51.19 98.08
CA LYS WA 74 20.79 52.40 98.82
C LYS WA 74 21.23 53.55 97.92
N THR WA 75 21.98 54.50 98.47
CA THR WA 75 22.42 55.70 97.77
C THR WA 75 23.88 55.98 98.13
N GLU WA 76 24.14 56.10 99.43
CA GLU WA 76 25.44 56.10 100.10
C GLU WA 76 26.14 57.45 100.27
N LEU WA 77 25.73 58.49 99.54
CA LEU WA 77 26.19 59.86 99.79
C LEU WA 77 27.66 59.90 100.17
N ILE WA 78 28.53 59.63 99.20
CA ILE WA 78 29.86 59.08 99.50
C ILE WA 78 30.65 59.93 100.48
N SER WA 79 31.26 61.01 100.00
CA SER WA 79 31.96 62.04 100.78
C SER WA 79 33.15 61.49 101.54
N PRO WA 80 34.19 62.29 101.76
CA PRO WA 80 34.97 62.14 102.99
C PRO WA 80 34.49 63.17 104.01
N SER WA 81 35.06 63.20 105.21
CA SER WA 81 34.84 64.33 106.08
C SER WA 81 36.10 64.74 106.87
N THR WA 82 36.61 65.98 106.75
CA THR WA 82 36.49 66.95 105.64
C THR WA 82 35.13 67.17 104.96
N SER WA 83 34.12 67.48 105.76
CA SER WA 83 32.76 67.69 105.26
C SER WA 83 32.71 68.76 104.17
N GLN WA 84 33.75 69.59 104.06
CA GLN WA 84 33.83 70.57 102.97
C GLN WA 84 33.91 69.91 101.60
N GLY WA 85 34.11 68.60 101.54
CA GLY WA 85 34.28 67.94 100.26
C GLY WA 85 33.04 67.97 99.41
N LYS WA 86 33.15 67.38 98.22
CA LYS WA 86 32.04 67.41 97.26
C LYS WA 86 30.85 66.61 97.77
N SER WA 87 31.09 65.43 98.32
CA SER WA 87 30.05 64.61 98.94
C SER WA 87 28.98 64.20 97.91
N GLN WA 88 29.44 63.68 96.78
CA GLN WA 88 28.50 63.17 95.79
C GLN WA 88 27.65 62.05 96.38
N ARG WA 89 26.36 62.04 96.03
CA ARG WA 89 25.44 61.12 96.68
C ARG WA 89 25.53 59.73 96.06
N CYS WA 90 25.71 59.67 94.75
CA CYS WA 90 25.76 58.44 93.97
C CYS WA 90 24.59 57.49 94.20
N VAL WA 91 24.79 56.22 93.86
CA VAL WA 91 23.86 55.11 94.05
C VAL WA 91 24.70 53.86 94.07
N SER WA 92 24.38 52.93 94.95
CA SER WA 92 25.06 51.65 94.96
C SER WA 92 24.08 50.59 94.48
N THR WA 93 24.60 49.55 93.86
CA THR WA 93 23.77 48.48 93.33
C THR WA 93 24.35 47.14 93.73
N PRO WA 94 23.55 46.08 93.75
CA PRO WA 94 24.10 44.75 93.98
C PRO WA 94 24.98 44.26 92.85
N TRP WA 95 24.95 44.92 91.70
CA TRP WA 95 25.61 44.42 90.52
C TRP WA 95 27.10 44.71 90.53
N SER WA 96 27.84 43.84 89.85
CA SER WA 96 29.25 44.03 89.54
C SER WA 96 29.38 43.99 88.03
N TYR WA 97 30.49 44.52 87.53
CA TYR WA 97 30.61 44.63 86.09
C TYR WA 97 32.02 44.30 85.63
N PHE WA 98 32.12 43.91 84.36
CA PHE WA 98 33.39 43.63 83.72
C PHE WA 98 33.87 44.87 82.98
N ASN WA 99 35.04 45.36 83.36
CA ASN WA 99 35.68 46.47 82.66
C ASN WA 99 36.83 45.88 81.84
N PHE WA 100 36.69 45.91 80.52
CA PHE WA 100 37.74 45.42 79.64
C PHE WA 100 38.61 46.52 79.07
N ASN WA 101 38.43 47.76 79.51
CA ASN WA 101 38.98 48.92 78.81
C ASN WA 101 40.36 49.23 79.37
N GLN WA 102 41.39 48.86 78.60
CA GLN WA 102 42.79 49.20 78.81
C GLN WA 102 43.58 48.43 77.77
N TYR WA 103 44.77 48.93 77.45
CA TYR WA 103 45.60 48.16 76.52
C TYR WA 103 46.39 47.08 77.23
N SER WA 104 46.94 47.39 78.39
CA SER WA 104 47.78 46.43 79.09
C SER WA 104 47.04 45.16 79.46
N SER WA 105 45.72 45.17 79.39
CA SER WA 105 44.97 43.95 79.66
C SER WA 105 45.03 43.00 78.48
N HIS WA 106 44.96 43.52 77.27
CA HIS WA 106 44.86 42.71 76.08
C HIS WA 106 46.20 42.43 75.40
N PHE WA 107 47.27 43.09 75.81
CA PHE WA 107 48.56 42.96 75.15
C PHE WA 107 49.64 42.65 76.16
N SER WA 108 50.37 41.58 75.93
CA SER WA 108 51.56 41.34 76.70
C SER WA 108 52.58 42.41 76.38
N PRO WA 109 53.55 42.64 77.27
CA PRO WA 109 54.60 43.60 76.95
C PRO WA 109 55.34 43.29 75.67
N GLN WA 110 55.33 42.05 75.20
CA GLN WA 110 55.87 41.79 73.87
C GLN WA 110 54.85 41.99 72.75
N ASP WA 111 53.60 41.57 72.93
CA ASP WA 111 52.61 41.81 71.89
C ASP WA 111 52.49 43.29 71.60
N TRP WA 112 52.18 44.08 72.63
CA TRP WA 112 52.52 45.48 72.59
C TRP WA 112 54.02 45.56 72.40
N GLN WA 113 54.50 46.53 71.63
CA GLN WA 113 55.86 46.61 71.12
C GLN WA 113 56.10 45.69 69.93
N ARG WA 114 55.29 44.68 69.72
CA ARG WA 114 55.31 44.08 68.40
C ARG WA 114 54.47 44.87 67.43
N LEU WA 115 53.32 45.39 67.87
CA LEU WA 115 52.57 46.30 67.02
C LEU WA 115 53.10 47.72 67.08
N THR WA 116 53.55 48.17 68.24
CA THR WA 116 54.07 49.53 68.34
C THR WA 116 55.29 49.71 67.46
N ASN WA 117 56.08 48.66 67.29
CA ASN WA 117 57.24 48.75 66.40
C ASN WA 117 56.83 48.52 64.96
N GLU WA 118 55.96 47.56 64.69
CA GLU WA 118 55.77 47.07 63.34
C GLU WA 118 54.59 47.67 62.59
N TYR WA 119 53.80 48.56 63.19
CA TYR WA 119 52.60 49.01 62.50
C TYR WA 119 52.38 50.51 62.64
N LYS WA 120 51.81 51.11 61.58
CA LYS WA 120 51.45 52.51 61.62
C LYS WA 120 50.31 52.76 62.59
N ARG WA 121 49.24 51.99 62.47
CA ARG WA 121 48.00 52.35 63.13
C ARG WA 121 47.19 51.10 63.38
N PHE WA 122 46.31 51.20 64.36
CA PHE WA 122 45.48 50.08 64.70
C PHE WA 122 44.22 50.59 65.37
N ARG WA 123 43.14 49.85 65.22
CA ARG WA 123 41.93 50.13 65.97
C ARG WA 123 41.26 48.79 66.21
N PRO WA 124 40.58 48.63 67.34
CA PRO WA 124 39.88 47.38 67.58
C PRO WA 124 38.73 47.21 66.60
N LYS WA 125 38.71 46.07 65.92
CA LYS WA 125 37.66 45.79 64.95
C LYS WA 125 36.43 45.20 65.60
N GLY WA 126 36.61 44.27 66.53
CA GLY WA 126 35.50 43.56 67.14
C GLY WA 126 35.92 43.00 68.47
N MET WA 127 34.95 42.45 69.18
CA MET WA 127 35.19 41.93 70.52
C MET WA 127 34.23 40.77 70.78
N HIS WA 128 34.73 39.75 71.44
CA HIS WA 128 33.94 38.56 71.72
C HIS WA 128 34.26 38.11 73.13
N VAL WA 129 33.24 38.03 73.98
CA VAL WA 129 33.43 37.74 75.39
C VAL WA 129 32.62 36.50 75.75
N LYS WA 130 33.19 35.64 76.56
CA LYS WA 130 32.53 34.39 76.96
C LYS WA 130 32.68 34.20 78.45
N ILE WA 131 31.56 34.10 79.15
CA ILE WA 131 31.53 33.68 80.53
C ILE WA 131 31.31 32.18 80.52
N TYR WA 132 32.08 31.45 81.31
CA TYR WA 132 31.92 30.01 81.35
C TYR WA 132 32.63 29.47 82.57
N ASN WA 133 32.51 28.16 82.77
CA ASN WA 133 33.10 27.47 83.91
C ASN WA 133 32.74 28.14 85.23
N LEU WA 134 31.45 28.36 85.43
CA LEU WA 134 30.99 29.06 86.61
C LEU WA 134 30.97 28.13 87.81
N GLN WA 135 31.11 28.72 89.01
CA GLN WA 135 31.09 27.97 90.25
C GLN WA 135 30.42 28.81 91.31
N ILE WA 136 29.52 28.22 92.10
CA ILE WA 136 28.89 28.90 93.21
C ILE WA 136 29.30 28.16 94.47
N LYS WA 137 30.05 28.82 95.35
CA LYS WA 137 30.73 28.07 96.40
C LYS WA 137 30.11 28.15 97.78
N GLN WA 138 29.06 28.94 98.01
CA GLN WA 138 28.32 28.86 99.27
C GLN WA 138 29.22 29.05 100.49
N ILE WA 139 29.59 30.31 100.75
CA ILE WA 139 30.36 30.62 101.94
C ILE WA 139 29.62 30.14 103.18
N LEU WA 140 30.36 29.52 104.10
CA LEU WA 140 29.85 29.22 105.43
C LEU WA 140 30.81 29.73 106.49
N SER WA 141 30.26 30.06 107.65
CA SER WA 141 31.04 30.49 108.79
C SER WA 141 30.52 29.80 110.04
N ASN WA 142 31.38 29.00 110.68
CA ASN WA 142 31.10 28.42 111.97
C ASN WA 142 31.59 29.31 113.10
N GLY WA 143 32.05 30.50 112.76
CA GLY WA 143 32.82 31.36 113.63
C GLY WA 143 34.28 31.17 113.32
N ALA WA 144 35.04 32.27 113.35
CA ALA WA 144 36.41 32.33 112.85
C ALA WA 144 36.43 31.73 111.45
N ASP WA 145 37.49 31.01 111.05
CA ASP WA 145 37.57 30.08 109.93
C ASP WA 145 36.84 30.52 108.66
N THR WA 146 36.27 29.53 107.96
CA THR WA 146 35.27 29.56 106.90
C THR WA 146 35.19 28.17 106.31
N THR WA 147 34.12 27.86 105.60
CA THR WA 147 34.06 26.64 104.81
C THR WA 147 33.28 26.94 103.54
N TYR WA 148 33.60 26.18 102.49
CA TYR WA 148 32.99 26.36 101.18
C TYR WA 148 32.46 24.99 100.74
N ASN WA 149 31.13 24.85 100.68
CA ASN WA 149 30.56 23.55 100.43
C ASN WA 149 30.40 23.29 98.94
N ASN WA 150 30.95 24.18 98.13
CA ASN WA 150 30.57 24.32 96.74
C ASN WA 150 29.08 24.60 96.76
N ASP WA 151 28.36 24.16 95.73
CA ASP WA 151 26.92 24.34 95.65
C ASP WA 151 26.47 23.86 94.29
N LEU WA 152 25.21 23.54 94.19
CA LEU WA 152 24.54 23.37 92.91
C LEU WA 152 23.18 24.05 93.08
N THR WA 153 22.37 23.99 92.03
CA THR WA 153 21.07 24.63 92.03
C THR WA 153 21.17 26.08 92.50
N ALA WA 154 22.17 26.80 92.04
CA ALA WA 154 22.32 28.23 92.30
C ALA WA 154 22.55 28.93 90.97
N GLY WA 155 22.48 30.26 90.98
CA GLY WA 155 22.43 31.00 89.75
C GLY WA 155 23.18 32.31 89.81
N VAL WA 156 23.43 32.85 88.63
CA VAL WA 156 24.17 34.09 88.47
C VAL WA 156 23.50 34.88 87.36
N HIS WA 157 23.17 36.13 87.66
CA HIS WA 157 22.60 37.02 86.68
C HIS WA 157 23.70 37.62 85.84
N ILE WA 158 23.51 37.67 84.53
CA ILE WA 158 24.47 38.26 83.61
C ILE WA 158 23.72 39.12 82.63
N PHE WA 159 24.08 40.39 82.55
CA PHE WA 159 23.36 41.36 81.77
C PHE WA 159 24.34 42.21 80.98
N CYS WA 160 24.00 42.51 79.73
CA CYS WA 160 24.84 43.32 78.85
C CYS WA 160 24.03 44.48 78.30
N ASP WA 161 24.72 45.58 78.00
CA ASP WA 161 24.09 46.74 77.40
C ASP WA 161 24.41 46.80 75.92
N GLY WA 162 23.40 46.54 75.08
CA GLY WA 162 23.57 46.81 73.67
C GLY WA 162 23.08 48.19 73.31
N GLU WA 163 22.14 48.70 74.10
CA GLU WA 163 21.56 50.01 73.85
C GLU WA 163 22.31 51.12 74.57
N HIS WA 164 23.16 50.78 75.53
CA HIS WA 164 23.77 51.74 76.45
C HIS WA 164 22.74 52.57 77.18
N ALA WA 165 21.53 52.05 77.37
CA ALA WA 165 20.73 52.51 78.50
C ALA WA 165 21.46 52.12 79.77
N TYR WA 166 21.12 52.79 80.86
CA TYR WA 166 21.77 52.67 82.15
C TYR WA 166 23.06 53.49 82.19
N PRO WA 167 23.44 53.95 83.38
CA PRO WA 167 24.50 54.95 83.50
C PRO WA 167 25.91 54.51 83.12
N ASN WA 168 26.15 53.23 82.80
CA ASN WA 168 27.43 52.71 82.28
C ASN WA 168 28.65 53.11 83.09
N ALA WA 169 28.90 52.37 84.18
CA ALA WA 169 29.95 52.70 85.14
C ALA WA 169 31.29 53.04 84.49
N THR WA 170 31.65 52.33 83.42
CA THR WA 170 33.01 52.42 82.89
C THR WA 170 33.43 53.85 82.64
N HIS WA 171 34.55 54.23 83.26
CA HIS WA 171 35.25 55.48 83.08
C HIS WA 171 36.66 55.13 82.64
N PRO WA 172 37.26 55.92 81.75
CA PRO WA 172 38.53 55.47 81.14
C PRO WA 172 39.59 54.99 82.10
N TRP WA 173 39.92 55.74 83.13
CA TRP WA 173 41.08 55.36 83.95
C TRP WA 173 40.67 54.37 85.01
N ASP WA 174 39.95 54.85 86.02
CA ASP WA 174 39.42 54.00 87.10
C ASP WA 174 40.57 53.15 87.63
N GLU WA 175 40.37 51.85 87.78
CA GLU WA 175 41.30 50.93 88.42
C GLU WA 175 41.13 49.65 87.61
N ASP WA 176 41.64 48.54 88.15
CA ASP WA 176 41.14 47.19 87.84
C ASP WA 176 41.21 46.98 86.32
N VAL WA 177 40.08 46.93 85.61
CA VAL WA 177 39.96 46.39 84.27
C VAL WA 177 40.42 44.96 84.43
N MET WA 178 41.02 44.37 83.42
CA MET WA 178 41.55 43.03 83.59
C MET WA 178 42.95 43.16 84.19
N PRO WA 179 43.37 42.23 85.03
CA PRO WA 179 44.75 42.28 85.47
C PRO WA 179 45.64 42.09 84.25
N GLU WA 180 46.61 42.98 84.09
CA GLU WA 180 47.47 42.93 82.92
C GLU WA 180 48.13 41.57 82.78
N LEU WA 181 48.20 40.82 83.87
CA LEU WA 181 48.90 39.56 83.95
C LEU WA 181 47.88 38.45 84.12
N PRO WA 182 47.81 37.44 83.25
CA PRO WA 182 46.85 36.36 83.46
C PRO WA 182 47.16 35.58 84.73
N TYR WA 183 46.44 34.48 84.98
CA TYR WA 183 46.59 33.65 86.18
C TYR WA 183 46.31 34.45 87.44
N GLN WA 184 46.15 35.75 87.30
CA GLN WA 184 45.86 36.63 88.41
C GLN WA 184 44.36 36.79 88.50
N THR WA 185 43.77 36.34 89.60
CA THR WA 185 42.32 36.36 89.72
C THR WA 185 41.80 37.79 89.65
N TRP WA 186 40.62 37.94 89.07
CA TRP WA 186 40.10 39.27 88.76
C TRP WA 186 38.88 39.54 89.62
N TYR WA 187 39.03 40.43 90.59
CA TYR WA 187 37.95 40.78 91.49
C TYR WA 187 37.11 41.87 90.85
N LEU WA 188 35.82 41.61 90.69
CA LEU WA 188 34.91 42.58 90.13
C LEU WA 188 34.61 43.68 91.14
N PHE WA 189 34.12 44.79 90.62
CA PHE WA 189 33.81 45.97 91.40
C PHE WA 189 32.35 46.34 91.29
N GLN WA 190 31.83 46.92 92.36
CA GLN WA 190 30.41 47.20 92.45
C GLN WA 190 30.00 48.26 91.44
N TYR WA 191 28.80 48.11 90.90
CA TYR WA 191 28.26 49.08 89.95
C TYR WA 191 27.51 50.17 90.68
N GLY WA 192 27.82 51.41 90.36
CA GLY WA 192 27.15 52.55 90.94
C GLY WA 192 27.13 53.68 89.95
N TYR WA 193 26.35 54.70 90.27
CA TYR WA 193 26.27 55.84 89.37
C TYR WA 193 25.81 57.06 90.12
N ILE WA 194 26.11 58.23 89.57
CA ILE WA 194 25.67 59.49 90.15
C ILE WA 194 24.30 59.83 89.58
N PRO WA 195 23.23 59.78 90.38
CA PRO WA 195 21.93 60.20 89.85
C PRO WA 195 21.87 61.68 89.56
N VAL WA 196 22.35 62.53 90.49
CA VAL WA 196 22.33 63.98 90.35
C VAL WA 196 23.42 64.57 91.23
N ILE WA 197 23.92 65.75 90.84
CA ILE WA 197 24.87 66.49 91.66
C ILE WA 197 24.29 66.64 93.07
N HIS WA 198 25.11 66.31 94.08
CA HIS WA 198 24.60 66.33 95.44
C HIS WA 198 24.21 67.74 95.87
N GLU WA 199 25.14 68.69 95.76
CA GLU WA 199 24.73 70.07 95.84
C GLU WA 199 23.77 70.34 94.70
N LEU WA 200 22.94 71.38 94.83
CA LEU WA 200 21.83 71.56 93.90
C LEU WA 200 20.85 70.39 94.01
N ALA WA 201 19.94 70.47 95.00
CA ALA WA 201 19.18 69.40 95.65
C ALA WA 201 19.72 68.98 97.01
N GLU WA 202 20.73 69.67 97.54
CA GLU WA 202 21.20 69.34 98.89
C GLU WA 202 20.10 69.18 99.97
N MET WA 203 19.07 70.03 100.07
CA MET WA 203 18.90 71.34 99.43
C MET WA 203 18.70 72.35 100.54
N GLU WA 204 18.96 73.63 100.26
CA GLU WA 204 18.96 74.62 101.33
C GLU WA 204 17.61 75.32 101.44
N ASP WA 205 16.88 74.99 102.50
CA ASP WA 205 15.63 75.67 102.87
C ASP WA 205 14.71 75.85 101.68
N SER WA 206 14.03 76.99 101.61
CA SER WA 206 13.40 77.50 100.39
C SER WA 206 12.61 76.34 99.67
N ASN WA 207 12.85 75.87 98.43
CA ASN WA 207 13.68 76.39 97.34
C ASN WA 207 12.91 76.37 96.03
N ALA WA 208 12.54 75.15 95.64
CA ALA WA 208 11.72 74.82 94.46
C ALA WA 208 12.54 74.86 93.19
N VAL WA 209 13.70 75.52 93.21
CA VAL WA 209 14.65 75.36 92.12
C VAL WA 209 15.51 74.11 92.33
N GLU WA 210 15.90 73.86 93.58
CA GLU WA 210 16.58 72.60 93.89
C GLU WA 210 15.60 71.51 94.29
N LYS WA 211 14.34 71.88 94.57
CA LYS WA 211 13.32 70.86 94.74
C LYS WA 211 13.13 70.11 93.43
N ALA WA 212 12.88 70.84 92.35
CA ALA WA 212 13.15 70.28 91.05
C ALA WA 212 14.65 70.03 90.94
N ILE WA 213 15.01 69.05 90.10
CA ILE WA 213 16.35 68.48 89.99
C ILE WA 213 16.59 67.52 91.15
N CYS WA 214 15.88 67.70 92.26
CA CYS WA 214 15.81 66.64 93.24
C CYS WA 214 14.68 65.67 92.93
N LEU WA 215 13.54 66.21 92.52
CA LEU WA 215 12.43 65.36 92.11
C LEU WA 215 12.75 64.61 90.84
N GLN WA 216 13.60 65.17 89.99
CA GLN WA 216 13.80 64.58 88.68
C GLN WA 216 14.93 63.57 88.67
N ILE WA 217 15.56 63.28 89.81
CA ILE WA 217 16.71 62.40 89.78
C ILE WA 217 16.21 61.05 89.29
N PRO WA 218 16.77 60.51 88.22
CA PRO WA 218 16.32 59.22 87.73
C PRO WA 218 16.88 58.10 88.58
N PHE WA 219 16.17 57.00 88.60
CA PHE WA 219 16.57 55.82 89.36
C PHE WA 219 16.57 54.63 88.42
N PHE WA 220 17.74 54.09 88.17
CA PHE WA 220 17.92 53.01 87.22
C PHE WA 220 18.11 51.72 87.97
N MET WA 221 17.59 50.64 87.39
CA MET WA 221 17.66 49.32 88.01
C MET WA 221 17.97 48.34 86.90
N LEU WA 222 18.86 47.40 87.18
CA LEU WA 222 19.22 46.45 86.17
C LEU WA 222 18.27 45.27 86.13
N GLU WA 223 17.21 45.30 86.91
CA GLU WA 223 16.28 44.17 86.86
C GLU WA 223 15.40 44.32 85.64
N ASN WA 224 14.39 45.19 85.66
CA ASN WA 224 13.94 45.88 84.45
C ASN WA 224 14.11 45.04 83.21
N SER WA 225 14.92 45.53 82.27
CA SER WA 225 15.23 44.77 81.07
C SER WA 225 15.76 43.38 81.40
N ASP WA 226 15.34 42.41 80.60
CA ASP WA 226 15.61 41.01 80.91
C ASP WA 226 17.09 40.68 80.73
N HIS WA 227 17.51 39.61 81.40
CA HIS WA 227 18.88 39.15 81.34
C HIS WA 227 18.93 37.68 81.72
N GLU WA 228 20.05 37.05 81.43
CA GLU WA 228 20.18 35.62 81.61
C GLU WA 228 20.65 35.28 83.02
N VAL WA 229 20.10 34.21 83.56
CA VAL WA 229 20.61 33.58 84.77
C VAL WA 229 21.31 32.31 84.35
N LEU WA 230 22.36 31.94 85.06
CA LEU WA 230 23.15 30.78 84.70
C LEU WA 230 23.40 29.93 85.93
N ARG WA 231 23.12 28.64 85.85
CA ARG WA 231 23.69 27.74 86.82
C ARG WA 231 25.11 27.39 86.37
N THR WA 232 25.70 26.39 87.01
CA THR WA 232 27.08 26.02 86.69
C THR WA 232 27.26 25.60 85.25
N GLY WA 233 26.52 24.57 84.81
CA GLY WA 233 26.78 24.00 83.50
C GLY WA 233 26.62 24.95 82.33
N GLU WA 234 25.85 26.02 82.52
CA GLU WA 234 25.58 26.97 81.45
C GLU WA 234 26.71 27.97 81.29
N SER WA 235 26.79 28.56 80.10
CA SER WA 235 27.70 29.65 79.79
C SER WA 235 26.97 30.73 79.01
N THR WA 236 27.70 31.75 78.59
CA THR WA 236 27.13 32.84 77.82
C THR WA 236 28.22 33.46 76.95
N GLU WA 237 27.83 33.93 75.77
CA GLU WA 237 28.71 34.65 74.88
C GLU WA 237 28.17 36.05 74.65
N PHE WA 238 29.08 36.96 74.31
CA PHE WA 238 28.70 38.31 73.90
C PHE WA 238 29.64 38.75 72.80
N THR WA 239 29.09 39.45 71.82
CA THR WA 239 29.90 40.01 70.74
C THR WA 239 29.75 41.51 70.71
N PHE WA 240 30.73 42.17 70.09
CA PHE WA 240 30.69 43.61 69.95
C PHE WA 240 31.37 43.98 68.64
N ASN WA 241 30.87 45.03 68.02
CA ASN WA 241 31.50 45.60 66.84
C ASN WA 241 31.75 47.07 67.10
N PHE WA 242 32.80 47.60 66.48
CA PHE WA 242 33.27 48.94 66.78
C PHE WA 242 33.20 49.80 65.53
N ASP WA 243 32.47 50.91 65.63
CA ASP WA 243 32.68 52.05 64.74
C ASP WA 243 33.67 52.94 65.46
N CYS WA 244 34.89 53.00 64.95
CA CYS WA 244 36.01 53.43 65.77
C CYS WA 244 37.06 54.11 64.93
N GLU WA 245 37.70 55.12 65.51
CA GLU WA 245 38.75 55.85 64.83
C GLU WA 245 40.09 55.18 65.05
N TRP WA 246 40.93 55.22 64.02
CA TRP WA 246 42.29 54.69 64.15
C TRP WA 246 43.05 55.45 65.23
N ILE WA 247 43.95 54.74 65.90
CA ILE WA 247 44.97 55.37 66.72
C ILE WA 247 46.30 55.18 66.01
N ASN WA 248 47.00 56.27 65.77
CA ASN WA 248 48.12 56.27 64.83
C ASN WA 248 49.44 56.21 65.59
N ASN WA 249 50.25 55.22 65.25
CA ASN WA 249 51.62 55.15 65.70
C ASN WA 249 52.50 55.63 64.56
N GLU WA 250 53.04 56.84 64.72
CA GLU WA 250 53.71 57.59 63.67
C GLU WA 250 54.29 58.83 64.33
N ARG WA 251 55.25 59.43 63.66
CA ARG WA 251 56.00 60.54 64.23
C ARG WA 251 56.26 61.56 63.15
N ALA WA 252 55.99 62.82 63.46
CA ALA WA 252 56.35 63.92 62.58
C ALA WA 252 57.73 64.40 62.96
N TYR WA 253 58.68 64.30 62.03
CA TYR WA 253 60.04 64.71 62.30
C TYR WA 253 60.21 66.23 62.26
N ILE WA 254 59.23 66.96 61.74
CA ILE WA 254 59.26 68.42 61.73
C ILE WA 254 57.87 68.95 62.05
N PRO WA 255 57.78 70.18 62.56
CA PRO WA 255 56.49 70.82 62.70
C PRO WA 255 55.82 70.96 61.35
N PRO WA 256 54.49 71.06 61.31
CA PRO WA 256 53.83 71.22 60.02
C PRO WA 256 54.16 72.52 59.33
N GLY WA 257 54.48 73.56 60.09
CA GLY WA 257 54.88 74.82 59.50
C GLY WA 257 56.29 74.87 58.99
N LEU WA 258 57.07 73.82 59.20
CA LEU WA 258 58.46 73.76 58.79
C LEU WA 258 58.63 73.10 57.44
N MET WA 259 57.53 72.81 56.75
CA MET WA 259 57.58 72.12 55.47
C MET WA 259 57.71 73.15 54.36
N PHE WA 260 58.88 73.20 53.74
CA PHE WA 260 59.13 74.06 52.59
C PHE WA 260 60.57 73.83 52.15
N ASN WA 261 60.86 74.24 50.93
CA ASN WA 261 62.22 74.17 50.44
C ASN WA 261 62.93 75.46 50.82
N PRO WA 262 63.83 75.43 51.78
CA PRO WA 262 64.45 76.68 52.23
C PRO WA 262 65.42 77.25 51.23
N LEU WA 263 65.84 76.45 50.25
CA LEU WA 263 66.73 76.96 49.21
C LEU WA 263 66.02 77.97 48.32
N VAL WA 264 64.77 77.69 47.98
CA VAL WA 264 64.07 78.52 46.99
C VAL WA 264 63.64 79.83 47.63
N PRO WA 265 63.87 80.97 46.99
CA PRO WA 265 63.38 82.23 47.55
C PRO WA 265 61.85 82.27 47.52
N THR WA 266 61.30 83.17 48.31
CA THR WA 266 59.86 83.29 48.43
C THR WA 266 59.40 84.63 47.89
N ARG WA 267 58.19 84.67 47.33
CA ARG WA 267 57.57 85.94 47.01
C ARG WA 267 56.56 86.32 48.06
N ARG WA 268 56.96 87.24 48.93
CA ARG WA 268 56.21 87.67 50.10
C ARG WA 268 56.99 88.82 50.72
N ALA WA 269 56.36 89.59 51.59
CA ALA WA 269 57.05 90.72 52.18
C ALA WA 269 56.60 90.91 53.62
N GLN WA 270 57.46 91.55 54.41
CA GLN WA 270 57.20 91.83 55.81
C GLN WA 270 57.22 93.34 55.99
N TYR WA 271 56.07 93.92 56.29
CA TYR WA 271 56.03 95.28 56.78
C TYR WA 271 56.15 95.21 58.29
N ILE WA 272 56.98 96.06 58.86
CA ILE WA 272 57.18 96.09 60.30
C ILE WA 272 56.91 97.50 60.79
N ARG WA 273 56.00 97.62 61.76
CA ARG WA 273 55.58 98.92 62.25
C ARG WA 273 56.76 99.65 62.90
N ARG WA 274 56.65 100.98 62.94
CA ARG WA 274 57.58 101.78 63.72
C ARG WA 274 57.68 101.24 65.14
N ASN WA 275 58.90 101.09 65.63
CA ASN WA 275 59.10 100.33 66.86
C ASN WA 275 58.73 101.13 68.08
N ASN WA 276 58.79 102.47 68.00
CA ASN WA 276 58.42 103.34 69.12
C ASN WA 276 59.17 102.94 70.39
N ASN WA 277 60.47 103.25 70.40
CA ASN WA 277 61.46 102.72 71.33
C ASN WA 277 61.70 101.25 70.98
N PRO WA 278 62.95 100.77 71.13
CA PRO WA 278 64.16 101.59 71.23
C PRO WA 278 64.46 102.44 69.98
N GLN WA 279 64.35 101.83 68.81
CA GLN WA 279 64.92 102.40 67.59
C GLN WA 279 64.39 101.63 66.39
N THR WA 280 65.01 101.78 65.21
CA THR WA 280 64.67 101.03 64.00
C THR WA 280 63.28 101.33 63.48
N ALA WA 281 63.15 102.48 62.80
CA ALA WA 281 61.90 102.88 62.19
C ALA WA 281 61.46 101.88 61.13
N GLU WA 282 60.16 101.95 60.79
CA GLU WA 282 59.50 100.93 59.99
C GLU WA 282 60.20 100.70 58.66
N SER WA 283 60.16 99.45 58.20
CA SER WA 283 60.71 99.08 56.90
C SER WA 283 59.98 97.86 56.39
N THR WA 284 59.91 97.74 55.07
CA THR WA 284 59.41 96.55 54.41
C THR WA 284 60.56 95.79 53.77
N SER WA 285 60.44 94.47 53.72
CA SER WA 285 61.51 93.63 53.22
C SER WA 285 60.95 92.30 52.76
N ARG WA 286 61.70 91.63 51.90
CA ARG WA 286 61.31 90.31 51.44
C ARG WA 286 61.63 89.28 52.50
N ILE WA 287 60.74 88.29 52.63
CA ILE WA 287 60.96 87.23 53.59
C ILE WA 287 62.11 86.36 53.13
N ALA WA 288 62.98 86.01 54.07
CA ALA WA 288 64.17 85.24 53.76
C ALA WA 288 63.78 83.88 53.18
N PRO WA 289 64.66 83.29 52.36
CA PRO WA 289 64.31 81.99 51.77
C PRO WA 289 64.06 80.92 52.81
N TYR WA 290 64.94 80.81 53.79
CA TYR WA 290 64.63 80.05 54.99
C TYR WA 290 63.56 80.78 55.78
N ALA WA 291 62.90 80.06 56.67
CA ALA WA 291 61.92 80.65 57.58
C ALA WA 291 60.80 81.34 56.81
N LYS WA 292 60.20 80.62 55.91
CA LYS WA 292 59.04 81.13 55.22
C LYS WA 292 57.82 81.06 56.13
N PRO WA 293 56.87 81.97 55.96
CA PRO WA 293 55.66 81.93 56.79
C PRO WA 293 54.86 80.69 56.51
N THR WA 294 53.94 80.41 57.42
CA THR WA 294 53.15 79.20 57.31
C THR WA 294 51.69 79.46 57.63
N SER WA 295 50.84 78.59 57.11
CA SER WA 295 49.55 78.31 57.67
C SER WA 295 49.72 77.34 58.83
N TRP WA 296 48.63 76.67 59.19
CA TRP WA 296 48.76 75.55 60.09
C TRP WA 296 49.19 75.97 61.49
N MET WA 297 48.22 76.55 62.19
CA MET WA 297 48.23 76.93 63.58
C MET WA 297 48.44 75.72 64.48
N THR WA 298 48.91 75.98 65.70
CA THR WA 298 49.10 74.91 66.68
C THR WA 298 47.78 74.46 67.26
N GLY WA 299 47.78 73.23 67.77
CA GLY WA 299 46.61 72.67 68.41
C GLY WA 299 46.24 73.42 69.67
N PRO WA 300 44.98 73.30 70.07
CA PRO WA 300 44.49 74.09 71.21
C PRO WA 300 44.90 73.50 72.55
N GLY WA 301 44.96 74.37 73.55
CA GLY WA 301 45.24 73.97 74.91
C GLY WA 301 44.77 75.06 75.85
N LEU WA 302 44.74 74.73 77.13
CA LEU WA 302 44.49 75.72 78.18
C LEU WA 302 45.58 75.63 79.22
N LEU WA 303 46.48 76.62 79.23
CA LEU WA 303 47.62 76.62 80.13
C LEU WA 303 47.55 77.59 81.30
N SER WA 304 46.50 78.41 81.41
CA SER WA 304 46.59 79.51 82.37
C SER WA 304 46.30 79.07 83.79
N ALA WA 305 45.35 78.16 83.96
CA ALA WA 305 44.80 77.82 85.26
C ALA WA 305 45.81 77.08 86.12
N GLN WA 306 45.52 77.01 87.42
CA GLN WA 306 46.28 76.23 88.37
C GLN WA 306 45.32 75.45 89.26
N ARG WA 307 45.68 74.22 89.60
CA ARG WA 307 44.83 73.41 90.46
C ARG WA 307 44.62 74.12 91.79
N VAL WA 308 43.41 73.99 92.32
CA VAL WA 308 42.91 74.85 93.38
C VAL WA 308 42.65 74.05 94.64
N GLY WA 309 43.45 74.32 95.67
CA GLY WA 309 43.11 73.89 97.01
C GLY WA 309 43.62 72.51 97.36
N PRO WA 310 43.12 71.97 98.47
CA PRO WA 310 43.64 70.71 98.98
C PRO WA 310 43.15 69.52 98.18
N ALA WA 311 43.91 68.43 98.27
CA ALA WA 311 43.50 67.19 97.63
C ALA WA 311 42.24 66.65 98.29
N THR WA 312 41.56 65.75 97.58
CA THR WA 312 40.26 65.15 97.89
C THR WA 312 39.13 66.14 97.67
N SER WA 313 39.43 67.40 97.35
CA SER WA 313 38.44 68.40 97.03
C SER WA 313 38.16 68.52 95.54
N ASP WA 314 38.72 67.62 94.71
CA ASP WA 314 38.62 67.70 93.26
C ASP WA 314 39.27 68.96 92.72
N THR WA 315 40.60 68.99 92.72
CA THR WA 315 41.31 70.12 92.15
C THR WA 315 41.61 69.82 90.69
N GLY WA 316 40.89 70.47 89.78
CA GLY WA 316 41.08 70.22 88.37
C GLY WA 316 41.79 71.31 87.59
N ALA WA 317 41.89 72.49 88.19
CA ALA WA 317 42.33 73.75 87.60
C ALA WA 317 41.32 74.27 86.59
N TRP WA 318 40.41 73.45 86.07
CA TRP WA 318 39.29 73.89 85.26
C TRP WA 318 38.09 73.10 85.71
N MET WA 319 37.09 73.79 86.24
CA MET WA 319 35.86 73.16 86.69
C MET WA 319 34.77 73.51 85.69
N VAL WA 320 34.05 72.50 85.20
CA VAL WA 320 33.01 72.75 84.21
C VAL WA 320 31.72 73.20 84.90
N ALA WA 321 31.36 72.54 86.00
CA ALA WA 321 30.17 72.83 86.79
C ALA WA 321 28.89 72.98 85.98
N VAL WA 322 27.94 73.73 86.52
CA VAL WA 322 26.66 74.02 85.90
C VAL WA 322 26.23 75.46 86.14
N LYS WA 323 26.00 75.81 87.40
CA LYS WA 323 25.44 77.09 87.81
C LYS WA 323 24.06 77.38 87.20
N PRO WA 324 23.02 76.67 87.63
CA PRO WA 324 21.67 77.13 87.34
C PRO WA 324 21.42 78.49 87.98
N GLU WA 325 20.42 79.19 87.46
CA GLU WA 325 20.34 80.63 87.68
C GLU WA 325 20.12 80.96 89.16
N ASN WA 326 19.25 80.22 89.83
CA ASN WA 326 19.10 80.46 91.26
C ASN WA 326 19.79 79.38 92.08
N ALA WA 327 19.14 78.23 92.20
CA ALA WA 327 19.59 77.08 92.98
C ALA WA 327 20.00 77.56 94.37
N SER WA 328 21.03 76.94 94.92
CA SER WA 328 21.81 77.46 96.02
C SER WA 328 23.12 76.70 96.03
N ILE WA 329 24.16 77.30 96.59
CA ILE WA 329 25.49 76.69 96.53
C ILE WA 329 26.20 76.93 97.85
N ASP WA 330 26.85 75.89 98.34
CA ASP WA 330 27.69 75.95 99.53
C ASP WA 330 29.03 76.57 99.14
N THR WA 331 30.04 76.45 99.99
CA THR WA 331 31.38 76.79 99.57
C THR WA 331 31.69 76.05 98.27
N GLY WA 332 32.27 76.76 97.32
CA GLY WA 332 32.41 76.25 95.98
C GLY WA 332 31.53 76.96 94.95
N MET WA 333 31.76 76.81 93.63
CA MET WA 333 32.84 76.06 92.95
C MET WA 333 33.09 74.64 93.51
N SER WA 334 34.32 74.36 93.93
CA SER WA 334 34.67 73.12 94.62
C SER WA 334 34.28 71.86 93.78
N GLY WA 335 33.34 70.96 94.12
CA GLY WA 335 32.15 71.08 94.95
C GLY WA 335 30.89 71.12 94.09
N ILE WA 336 31.06 71.53 92.85
CA ILE WA 336 30.08 71.32 91.78
C ILE WA 336 30.87 71.08 90.51
N GLY WA 337 30.32 70.25 89.64
CA GLY WA 337 30.97 69.94 88.39
C GLY WA 337 32.28 69.19 88.56
N SER WA 338 32.98 69.06 87.44
CA SER WA 338 34.11 68.15 87.34
C SER WA 338 35.35 68.90 86.91
N GLY WA 339 36.52 68.43 87.38
CA GLY WA 339 37.76 69.00 86.90
C GLY WA 339 38.08 68.50 85.51
N PHE WA 340 38.58 69.41 84.68
CA PHE WA 340 38.98 69.08 83.31
C PHE WA 340 40.46 68.79 83.28
N ASP WA 341 40.81 67.58 82.85
CA ASP WA 341 42.19 67.11 82.97
C ASP WA 341 42.54 66.22 81.78
N PRO WA 342 43.77 66.31 81.26
CA PRO WA 342 44.70 67.44 81.30
C PRO WA 342 44.39 68.55 80.32
N PRO WA 343 44.32 69.79 80.77
CA PRO WA 343 44.68 70.90 79.90
C PRO WA 343 46.16 71.25 79.99
N GLN WA 344 46.93 71.57 78.94
CA GLN WA 344 46.90 70.99 77.61
C GLN WA 344 45.52 71.05 76.90
N GLY WA 345 45.06 70.11 76.06
CA GLY WA 345 45.78 69.05 75.35
C GLY WA 345 46.82 69.60 74.41
N SER WA 346 47.67 68.72 73.89
CA SER WA 346 48.81 69.11 73.07
C SER WA 346 49.62 70.18 73.77
N LEU WA 347 50.06 71.18 73.03
CA LEU WA 347 50.51 72.46 73.58
C LEU WA 347 51.40 72.27 74.80
N ALA WA 348 52.66 71.90 74.58
CA ALA WA 348 53.49 71.28 75.62
C ALA WA 348 53.39 72.03 76.95
N PRO WA 349 53.19 71.32 78.05
CA PRO WA 349 52.84 71.97 79.32
C PRO WA 349 54.02 72.68 79.96
N THR WA 350 53.69 73.54 80.92
CA THR WA 350 54.69 74.28 81.67
C THR WA 350 55.34 73.40 82.73
N ASN WA 351 54.57 73.00 83.74
CA ASN WA 351 55.15 72.18 84.79
C ASN WA 351 54.42 70.85 84.91
N LEU WA 352 54.82 70.08 85.91
CA LEU WA 352 54.31 68.75 86.16
C LEU WA 352 52.80 68.74 86.34
N GLU WA 353 52.24 69.88 86.76
CA GLU WA 353 50.84 69.93 87.14
C GLU WA 353 49.92 69.55 85.99
N TYR WA 354 50.35 69.76 84.75
CA TYR WA 354 49.57 69.43 83.56
C TYR WA 354 49.97 68.11 82.92
N LYS WA 355 50.93 67.39 83.47
CA LYS WA 355 51.67 66.37 82.75
C LYS WA 355 51.01 65.01 82.83
N ILE WA 356 49.78 64.95 83.34
CA ILE WA 356 49.06 63.76 83.77
C ILE WA 356 49.91 63.09 84.85
N GLN WA 357 49.68 61.79 85.08
CA GLN WA 357 50.40 60.96 86.04
C GLN WA 357 49.53 59.72 86.25
N TRP WA 358 50.08 58.62 86.75
CA TRP WA 358 49.25 57.57 87.32
C TRP WA 358 50.12 56.65 88.15
N TYR WA 359 49.49 55.89 89.04
CA TYR WA 359 50.27 55.08 89.98
C TYR WA 359 50.46 53.65 89.50
N GLN WA 360 49.74 53.24 88.45
CA GLN WA 360 49.81 51.87 87.91
C GLN WA 360 49.82 50.80 88.99
N THR WA 361 49.12 51.05 90.10
CA THR WA 361 49.13 50.18 91.26
C THR WA 361 48.18 50.75 92.30
N PRO WA 362 47.33 49.93 92.89
CA PRO WA 362 46.49 50.44 93.99
C PRO WA 362 47.27 50.71 95.26
N GLN WA 363 48.36 50.00 95.47
CA GLN WA 363 49.17 50.23 96.67
C GLN WA 363 49.98 51.51 96.57
N GLY WA 364 49.94 52.19 95.43
CA GLY WA 364 50.75 53.38 95.24
C GLY WA 364 50.44 54.51 96.20
N THR WA 365 51.45 54.96 96.94
CA THR WA 365 51.32 56.09 97.85
C THR WA 365 51.55 57.36 97.07
N ASN WA 366 51.71 58.49 97.77
CA ASN WA 366 51.83 59.78 97.09
C ASN WA 366 52.94 59.76 96.04
N ASN WA 367 54.17 59.48 96.46
CA ASN WA 367 55.23 59.19 95.51
C ASN WA 367 55.68 57.75 95.72
N ASN WA 368 55.24 56.89 94.79
CA ASN WA 368 55.53 55.46 94.67
C ASN WA 368 54.70 55.03 93.48
N GLY WA 369 55.06 53.96 92.80
CA GLY WA 369 54.42 53.76 91.52
C GLY WA 369 54.67 55.04 90.76
N ASN WA 370 53.59 55.73 90.41
CA ASN WA 370 53.65 57.16 90.12
C ASN WA 370 54.46 57.46 88.86
N ILE WA 371 54.19 56.74 87.79
CA ILE WA 371 54.88 57.03 86.55
C ILE WA 371 54.22 58.23 85.88
N ILE WA 372 55.03 59.12 85.37
CA ILE WA 372 54.57 60.41 84.90
C ILE WA 372 54.73 60.47 83.39
N SER WA 373 53.74 61.03 82.70
CA SER WA 373 53.82 61.13 81.25
C SER WA 373 54.98 62.03 80.85
N ASN WA 374 55.44 61.85 79.62
CA ASN WA 374 56.62 62.53 79.12
C ASN WA 374 56.40 62.91 77.67
N GLN WA 375 57.30 63.73 77.14
CA GLN WA 375 57.11 64.16 75.75
C GLN WA 375 57.54 63.05 74.79
N PRO WA 376 56.75 62.79 73.75
CA PRO WA 376 57.13 61.74 72.79
C PRO WA 376 58.34 62.10 71.95
N LEU WA 377 58.71 63.38 71.94
CA LEU WA 377 59.72 63.97 71.07
C LEU WA 377 59.20 64.07 69.64
N SER WA 378 58.01 63.57 69.37
CA SER WA 378 57.31 63.88 68.13
C SER WA 378 57.11 65.39 68.04
N MET WA 379 57.15 65.90 66.82
CA MET WA 379 57.16 67.34 66.63
C MET WA 379 55.77 67.95 66.46
N LEU WA 380 54.70 67.17 66.59
CA LEU WA 380 53.40 67.72 66.24
C LEU WA 380 52.73 68.70 67.20
N ARG WA 381 52.21 68.39 68.41
CA ARG WA 381 52.54 67.49 69.54
C ARG WA 381 53.43 68.20 70.59
N ASP WA 382 53.94 69.39 70.27
CA ASP WA 382 54.60 70.18 71.31
C ASP WA 382 53.94 71.55 71.38
N GLN WA 383 54.05 72.32 70.30
CA GLN WA 383 53.10 73.39 69.99
C GLN WA 383 53.01 74.45 71.09
N ALA WA 384 54.04 75.28 71.15
CA ALA WA 384 53.87 76.53 71.86
C ALA WA 384 53.09 77.51 71.00
N LEU WA 385 52.87 78.71 71.55
CA LEU WA 385 52.40 79.83 70.76
C LEU WA 385 52.84 81.10 71.48
N PHE WA 386 53.15 82.14 70.72
CA PHE WA 386 53.96 83.24 71.24
C PHE WA 386 53.27 84.60 71.14
N ARG WA 387 52.85 85.02 69.97
CA ARG WA 387 52.21 86.34 69.82
C ARG WA 387 53.24 87.41 70.26
N GLY WA 388 52.78 88.52 70.82
CA GLY WA 388 53.63 89.54 71.40
C GLY WA 388 54.69 90.08 70.46
N ASN WA 389 55.58 90.91 71.00
CA ASN WA 389 55.19 91.96 71.93
C ASN WA 389 55.30 93.24 71.12
N GLN WA 390 55.75 93.06 69.87
CA GLN WA 390 56.44 94.00 68.98
C GLN WA 390 57.94 94.00 69.31
N THR WA 391 58.34 93.43 70.43
CA THR WA 391 59.73 93.37 70.86
C THR WA 391 60.13 91.93 71.19
N THR WA 392 59.40 91.28 72.09
CA THR WA 392 59.68 89.93 72.53
C THR WA 392 58.45 89.06 72.25
N TYR WA 393 58.67 87.75 72.10
CA TYR WA 393 57.57 86.81 72.06
C TYR WA 393 57.26 86.35 73.48
N ASN WA 394 55.98 86.19 73.79
CA ASN WA 394 55.54 85.81 75.13
C ASN WA 394 54.54 84.68 75.05
N LEU WA 395 54.91 83.50 75.56
CA LEU WA 395 54.04 82.34 75.50
C LEU WA 395 52.66 82.68 76.03
N CYS WA 396 51.63 82.33 75.26
CA CYS WA 396 50.28 82.78 75.52
C CYS WA 396 49.43 81.63 76.08
N SER WA 397 48.67 81.94 77.13
CA SER WA 397 47.67 81.05 77.68
C SER WA 397 46.51 80.90 76.70
N ASP WA 398 45.66 79.90 76.96
CA ASP WA 398 44.56 79.53 76.08
C ASP WA 398 45.09 78.99 74.77
N VAL WA 399 44.79 79.63 73.64
CA VAL WA 399 44.79 79.02 72.31
C VAL WA 399 43.62 78.06 72.17
N TRP WA 400 42.43 78.62 71.94
CA TRP WA 400 41.22 77.89 71.61
C TRP WA 400 41.27 77.36 70.19
N MET WA 401 40.15 76.80 69.72
CA MET WA 401 40.11 76.26 68.36
C MET WA 401 40.23 77.38 67.33
N PHE WA 402 40.90 77.05 66.23
CA PHE WA 402 41.21 77.97 65.15
C PHE WA 402 41.25 77.19 63.85
N PRO WA 403 40.90 77.81 62.73
CA PRO WA 403 40.67 77.03 61.49
C PRO WA 403 41.80 76.14 61.04
N ASN WA 404 43.03 76.60 61.07
CA ASN WA 404 44.11 75.85 60.46
C ASN WA 404 44.83 74.93 61.43
N GLN WA 405 44.31 74.75 62.63
CA GLN WA 405 45.07 74.05 63.66
C GLN WA 405 45.33 72.60 63.30
N ILE WA 406 46.53 72.14 63.65
CA ILE WA 406 46.86 70.73 63.69
C ILE WA 406 47.46 70.41 65.04
N TRP WA 407 46.98 69.32 65.64
CA TRP WA 407 47.62 68.76 66.81
C TRP WA 407 47.66 67.26 66.60
N ASP WA 408 48.43 66.59 67.43
CA ASP WA 408 48.54 65.16 67.38
C ASP WA 408 47.88 64.57 68.62
N ARG WA 409 47.05 63.57 68.42
CA ARG WA 409 46.34 62.97 69.53
C ARG WA 409 47.36 62.41 70.52
N TYR WA 410 46.97 62.35 71.79
CA TYR WA 410 47.89 61.94 72.84
C TYR WA 410 48.53 60.60 72.47
N PRO WA 411 49.85 60.48 72.66
CA PRO WA 411 50.56 59.29 72.16
C PRO WA 411 50.15 57.99 72.80
N ILE WA 412 49.40 58.06 73.88
CA ILE WA 412 49.00 56.98 74.77
C ILE WA 412 50.21 56.13 75.17
N THR WA 413 49.96 54.85 75.45
CA THR WA 413 50.93 53.91 76.00
C THR WA 413 50.20 52.63 76.33
N ARG WA 414 50.90 51.62 76.82
CA ARG WA 414 50.26 50.35 77.13
C ARG WA 414 49.30 50.45 78.30
N GLU WA 415 49.45 51.46 79.16
CA GLU WA 415 48.66 51.57 80.37
C GLU WA 415 47.34 52.29 80.18
N ASN WA 416 47.01 52.70 79.00
CA ASN WA 416 45.90 53.61 78.81
C ASN WA 416 44.59 52.87 78.58
N PRO WA 417 43.48 53.53 78.86
CA PRO WA 417 42.19 53.00 78.42
C PRO WA 417 42.06 53.03 76.92
N ILE WA 418 41.44 51.99 76.37
CA ILE WA 418 41.28 51.89 74.93
C ILE WA 418 40.27 52.92 74.45
N TRP WA 419 39.10 52.96 75.05
CA TRP WA 419 38.01 53.78 74.58
C TRP WA 419 37.41 54.58 75.73
N CYS WA 420 36.56 55.52 75.34
CA CYS WA 420 35.73 56.31 76.24
C CYS WA 420 34.42 56.56 75.54
N LYS WA 421 33.32 56.58 76.29
CA LYS WA 421 32.03 56.77 75.66
C LYS WA 421 31.78 58.26 75.39
N LYS WA 422 31.42 58.57 74.16
CA LYS WA 422 31.04 59.93 73.80
C LYS WA 422 29.59 60.15 74.21
N PRO WA 423 29.35 61.04 75.17
CA PRO WA 423 27.97 61.23 75.64
C PRO WA 423 27.05 61.79 74.57
N ARG WA 424 25.82 61.30 74.56
CA ARG WA 424 24.83 61.72 73.58
C ARG WA 424 24.42 63.15 73.84
N SER WA 425 24.55 64.00 72.83
CA SER WA 425 24.15 65.39 72.96
C SER WA 425 23.88 65.93 71.58
N ASP WA 426 23.17 67.05 71.53
CA ASP WA 426 22.82 67.64 70.25
C ASP WA 426 24.07 68.05 69.48
N LYS WA 427 24.91 68.88 70.08
CA LYS WA 427 26.03 69.47 69.38
C LYS WA 427 27.32 69.12 70.09
N HIS WA 428 28.40 69.02 69.31
CA HIS WA 428 29.73 68.81 69.88
C HIS WA 428 30.77 69.24 68.86
N THR WA 429 31.98 69.46 69.37
CA THR WA 429 33.14 69.80 68.55
C THR WA 429 33.92 68.56 68.15
N THR WA 430 35.18 68.74 67.76
CA THR WA 430 35.93 67.69 67.05
C THR WA 430 35.94 66.35 67.79
N ILE WA 431 35.79 66.37 69.11
CA ILE WA 431 35.87 65.17 69.94
C ILE WA 431 37.23 64.49 69.83
N ASP WA 432 38.26 65.11 70.38
CA ASP WA 432 39.52 64.42 70.61
C ASP WA 432 39.79 64.37 72.10
N PRO WA 433 39.62 63.23 72.77
CA PRO WA 433 39.89 63.18 74.21
C PRO WA 433 41.37 63.36 74.49
N PHE WA 434 41.66 64.13 75.53
CA PHE WA 434 43.05 64.42 75.88
C PHE WA 434 43.66 63.36 76.76
N ASP WA 435 42.90 62.32 77.08
CA ASP WA 435 43.41 61.13 77.75
C ASP WA 435 43.97 60.15 76.76
N GLY WA 436 44.06 60.53 75.50
CA GLY WA 436 44.22 59.56 74.44
C GLY WA 436 42.91 58.81 74.32
N SER WA 437 42.98 57.49 74.47
CA SER WA 437 41.80 56.63 74.37
C SER WA 437 41.04 56.90 73.08
N LEU WA 438 39.72 56.83 73.14
CA LEU WA 438 38.88 56.93 71.96
C LEU WA 438 37.50 57.35 72.39
N ALA WA 439 36.72 57.82 71.43
CA ALA WA 439 35.33 58.16 71.67
C ALA WA 439 34.47 57.34 70.72
N MET WA 440 33.41 56.75 71.25
CA MET WA 440 32.49 56.00 70.42
C MET WA 440 31.06 56.30 70.85
N ASP WA 441 30.16 56.35 69.87
CA ASP WA 441 28.74 56.44 70.18
C ASP WA 441 28.34 55.31 71.11
N HIS WA 442 28.55 54.08 70.66
CA HIS WA 442 28.32 52.91 71.48
C HIS WA 442 29.65 52.18 71.67
N PRO WA 443 30.25 52.29 72.85
CA PRO WA 443 31.42 51.49 73.14
C PRO WA 443 31.01 50.06 73.42
N PRO WA 444 31.93 49.18 73.79
CA PRO WA 444 31.51 47.86 74.27
C PRO WA 444 30.54 48.01 75.42
N GLY WA 445 29.39 47.33 75.30
CA GLY WA 445 28.41 47.38 76.37
C GLY WA 445 28.96 46.72 77.62
N THR WA 446 28.84 47.40 78.74
CA THR WA 446 29.32 46.85 79.99
C THR WA 446 28.53 45.60 80.33
N ILE WA 447 29.24 44.54 80.68
CA ILE WA 447 28.61 43.30 81.09
C ILE WA 447 28.47 43.32 82.59
N PHE WA 448 27.24 43.20 83.06
CA PHE WA 448 26.93 43.23 84.48
C PHE WA 448 26.64 41.83 84.96
N ILE WA 449 26.96 41.55 86.21
CA ILE WA 449 26.79 40.22 86.77
C ILE WA 449 26.50 40.33 88.25
N LYS WA 450 25.63 39.47 88.74
CA LYS WA 450 25.13 39.53 90.11
C LYS WA 450 24.93 38.11 90.60
N MET WA 451 24.76 37.95 91.90
CA MET WA 451 24.78 36.65 92.53
C MET WA 451 23.40 36.03 92.76
N ALA WA 452 22.33 36.62 92.26
CA ALA WA 452 21.04 35.95 92.32
C ALA WA 452 20.60 35.64 93.74
N LYS WA 453 20.08 36.64 94.44
CA LYS WA 453 19.77 36.53 95.86
C LYS WA 453 19.00 35.26 96.14
N ILE WA 454 19.49 34.48 97.10
CA ILE WA 454 18.81 33.29 97.57
C ILE WA 454 18.38 33.57 99.00
N PRO WA 455 17.10 33.82 99.25
CA PRO WA 455 16.67 34.21 100.58
C PRO WA 455 16.55 32.98 101.48
N VAL WA 456 16.27 33.25 102.75
CA VAL WA 456 16.13 32.19 103.73
C VAL WA 456 14.97 32.56 104.64
N PRO WA 457 14.20 31.59 105.12
CA PRO WA 457 12.99 31.92 105.86
C PRO WA 457 13.31 32.42 107.26
N SER WA 458 12.45 33.31 107.75
CA SER WA 458 12.56 33.83 109.11
C SER WA 458 11.19 34.25 109.59
N ASN WA 459 11.12 34.65 110.86
CA ASN WA 459 9.85 35.02 111.48
C ASN WA 459 9.46 36.47 111.18
N ASN WA 460 10.42 37.37 111.22
CA ASN WA 460 10.17 38.82 111.21
C ASN WA 460 9.18 39.34 110.13
N ASN WA 461 9.32 38.98 108.86
CA ASN WA 461 10.34 38.07 108.34
C ASN WA 461 11.43 38.86 107.64
N ALA WA 462 12.42 38.14 107.14
CA ALA WA 462 13.56 38.69 106.41
C ALA WA 462 14.27 39.77 107.28
N ASP WA 463 14.97 40.77 106.72
CA ASP WA 463 15.76 40.63 105.49
C ASP WA 463 16.95 39.72 105.76
N SER WA 464 17.02 38.63 105.01
CA SER WA 464 18.08 37.65 105.18
C SER WA 464 18.26 36.91 103.87
N TYR WA 465 19.48 36.44 103.65
CA TYR WA 465 19.81 35.82 102.38
C TYR WA 465 20.97 34.87 102.60
N LEU WA 466 21.19 34.01 101.62
CA LEU WA 466 22.23 33.01 101.72
C LEU WA 466 23.52 33.57 101.14
N ASN WA 467 24.64 33.30 101.81
CA ASN WA 467 25.91 33.94 101.47
C ASN WA 467 26.66 33.04 100.50
N ILE WA 468 26.83 33.52 99.27
CA ILE WA 468 27.46 32.75 98.20
C ILE WA 468 28.36 33.67 97.39
N TYR WA 469 29.16 33.07 96.52
CA TYR WA 469 29.93 33.83 95.56
C TYR WA 469 30.13 32.99 94.31
N CYS WA 470 30.41 33.65 93.21
CA CYS WA 470 30.60 32.97 91.94
C CYS WA 470 32.04 33.07 91.51
N THR WA 471 32.45 32.13 90.69
CA THR WA 471 33.81 32.09 90.19
C THR WA 471 33.76 31.49 88.80
N GLY WA 472 34.55 32.02 87.89
CA GLY WA 472 34.47 31.54 86.54
C GLY WA 472 35.53 32.17 85.68
N GLN WA 473 35.35 32.02 84.37
CA GLN WA 473 36.39 32.43 83.43
C GLN WA 473 35.79 33.27 82.32
N VAL WA 474 36.30 34.49 82.17
CA VAL WA 474 35.97 35.35 81.05
C VAL WA 474 37.06 35.21 80.02
N SER WA 475 36.67 35.11 78.75
CA SER WA 475 37.64 35.13 77.67
C SER WA 475 37.27 36.30 76.77
N CYS WA 476 38.10 37.33 76.76
CA CYS WA 476 37.89 38.48 75.91
C CYS WA 476 38.82 38.35 74.71
N GLU WA 477 38.24 38.06 73.55
CA GLU WA 477 38.98 37.88 72.31
C GLU WA 477 38.59 38.99 71.37
N ILE WA 478 39.51 39.91 71.09
CA ILE WA 478 39.21 41.09 70.31
C ILE WA 478 40.12 41.12 69.09
N VAL WA 479 39.56 41.57 67.97
CA VAL WA 479 40.27 41.65 66.70
C VAL WA 479 40.61 43.10 66.45
N TRP WA 480 41.82 43.34 65.94
CA TRP WA 480 42.33 44.68 65.75
C TRP WA 480 42.59 44.89 64.27
N GLU WA 481 41.89 45.83 63.66
CA GLU WA 481 42.31 46.30 62.35
C GLU WA 481 43.66 46.96 62.49
N VAL WA 482 44.61 46.52 61.67
CA VAL WA 482 45.99 46.93 61.85
C VAL WA 482 46.58 47.20 60.47
N GLU WA 483 47.47 48.19 60.38
CA GLU WA 483 48.08 48.58 59.13
C GLU WA 483 49.59 48.68 59.31
N ARG WA 484 50.34 48.15 58.35
CA ARG WA 484 51.77 48.00 58.48
C ARG WA 484 52.48 49.09 57.69
N TYR WA 485 53.63 49.53 58.20
CA TYR WA 485 54.24 50.75 57.68
C TYR WA 485 55.31 50.45 56.65
N ALA WA 486 55.37 51.31 55.64
CA ALA WA 486 56.47 51.34 54.70
C ALA WA 486 56.89 52.78 54.52
N THR WA 487 58.19 53.02 54.37
CA THR WA 487 58.66 54.38 54.28
C THR WA 487 59.93 54.43 53.44
N LYS WA 488 60.22 55.61 52.93
CA LYS WA 488 61.39 55.84 52.10
C LYS WA 488 62.57 56.38 52.87
N ASN WA 489 62.45 56.51 54.19
CA ASN WA 489 63.57 56.98 54.98
C ASN WA 489 64.76 56.04 54.83
N TRP WA 490 65.94 56.63 54.74
CA TRP WA 490 67.16 55.85 54.63
C TRP WA 490 67.63 55.34 55.98
N ARG WA 491 67.35 56.07 57.03
CA ARG WA 491 67.96 55.88 58.33
C ARG WA 491 67.19 54.91 59.20
N PRO WA 492 67.83 54.38 60.26
CA PRO WA 492 67.24 53.27 61.03
C PRO WA 492 65.94 53.56 61.76
N GLU WA 493 65.52 54.82 61.92
CA GLU WA 493 64.34 55.20 62.73
C GLU WA 493 64.55 54.71 64.16
N ARG WA 494 63.51 54.26 64.85
CA ARG WA 494 63.57 54.01 66.29
C ARG WA 494 62.60 52.90 66.64
N ARG WA 495 62.95 52.11 67.65
CA ARG WA 495 62.12 51.03 68.10
C ARG WA 495 62.07 51.06 69.61
N HIS WA 496 61.41 50.07 70.21
CA HIS WA 496 61.38 49.94 71.65
C HIS WA 496 62.22 48.73 72.05
N THR WA 497 63.41 49.01 72.58
CA THR WA 497 64.25 48.02 73.19
C THR WA 497 63.83 47.76 74.62
N THR WA 498 64.22 46.59 75.13
CA THR WA 498 64.25 46.39 76.57
C THR WA 498 65.27 47.32 77.23
N PHE WA 499 66.19 47.90 76.48
CA PHE WA 499 67.18 48.74 77.15
C PHE WA 499 66.57 50.00 77.74
N GLY WA 500 65.42 50.44 77.26
CA GLY WA 500 64.68 51.47 77.96
C GLY WA 500 64.23 50.98 79.32
N LEU WA 501 64.04 49.68 79.48
CA LEU WA 501 63.61 49.08 80.72
C LEU WA 501 64.76 49.06 81.73
N GLY WA 502 64.42 48.85 82.99
CA GLY WA 502 65.43 48.85 84.04
C GLY WA 502 65.07 47.86 85.12
N ILE WA 503 66.07 47.53 85.94
CA ILE WA 503 66.02 46.43 86.89
C ILE WA 503 65.29 46.89 88.15
N GLY WA 504 64.57 45.97 88.79
CA GLY WA 504 63.86 46.35 90.00
C GLY WA 504 63.29 45.16 90.75
N GLY WA 505 62.77 45.46 91.94
CA GLY WA 505 62.05 44.53 92.81
C GLY WA 505 62.98 43.80 93.76
N ALA WA 506 62.46 43.54 94.97
CA ALA WA 506 63.16 42.81 96.04
C ALA WA 506 64.61 43.21 96.16
N ASP WA 507 65.49 42.21 96.28
CA ASP WA 507 66.86 42.39 95.85
C ASP WA 507 66.84 42.61 94.35
N ASN WA 508 67.63 43.57 93.88
CA ASN WA 508 67.33 44.26 92.62
C ASN WA 508 67.02 43.32 91.48
N LEU WA 509 67.41 42.05 91.59
CA LEU WA 509 67.29 41.07 90.52
C LEU WA 509 65.89 41.01 89.95
N ASN WA 510 65.83 40.64 88.66
CA ASN WA 510 64.75 40.61 87.69
C ASN WA 510 64.58 42.00 87.11
N PRO WA 511 64.35 42.14 85.81
CA PRO WA 511 64.41 43.49 85.24
C PRO WA 511 63.20 44.38 85.46
N THR WA 512 62.12 44.13 84.73
CA THR WA 512 60.98 45.04 84.80
C THR WA 512 59.65 44.30 84.68
N TYR WA 513 59.34 43.74 83.51
CA TYR WA 513 58.12 42.94 83.41
C TYR WA 513 58.51 41.51 83.70
N HIS WA 514 58.23 41.09 84.93
CA HIS WA 514 58.81 39.85 85.42
C HIS WA 514 58.39 39.70 86.88
N VAL WA 515 58.50 38.47 87.37
CA VAL WA 515 58.11 38.17 88.74
C VAL WA 515 59.23 38.46 89.73
N ASP WA 516 58.85 38.71 90.97
CA ASP WA 516 59.74 38.87 92.11
C ASP WA 516 59.98 37.49 92.75
N LYS WA 517 60.54 37.44 93.96
CA LYS WA 517 60.96 36.13 94.49
C LYS WA 517 60.16 35.21 95.48
N ASN WA 518 59.08 35.54 96.20
CA ASN WA 518 58.40 36.82 96.52
C ASN WA 518 57.41 37.21 95.46
N GLY WA 519 57.22 36.37 94.46
CA GLY WA 519 56.86 36.85 93.15
C GLY WA 519 55.70 37.82 93.12
N THR WA 520 56.06 39.03 92.69
CA THR WA 520 55.17 40.15 92.47
C THR WA 520 55.65 40.81 91.21
N TYR WA 521 54.77 40.93 90.24
CA TYR WA 521 55.11 41.46 88.95
C TYR WA 521 55.71 42.85 89.10
N ILE WA 522 56.93 43.04 88.62
CA ILE WA 522 57.61 44.31 88.82
C ILE WA 522 56.98 45.37 87.93
N GLN WA 523 56.69 46.45 88.49
CA GLN WA 523 56.02 47.40 87.63
C GLN WA 523 57.02 48.30 86.91
N PRO WA 524 56.68 48.69 85.69
CA PRO WA 524 57.52 49.63 84.95
C PRO WA 524 57.56 50.99 85.63
N THR WA 525 58.76 51.53 85.79
CA THR WA 525 58.96 52.80 86.48
C THR WA 525 59.30 53.90 85.49
N THR WA 526 58.56 55.00 85.59
CA THR WA 526 58.34 56.11 84.66
C THR WA 526 57.82 55.73 83.28
N TRP WA 527 58.03 56.62 82.31
CA TRP WA 527 57.16 56.65 81.14
C TRP WA 527 57.68 55.76 80.01
N ASP WA 528 58.98 55.78 79.75
CA ASP WA 528 59.52 55.05 78.62
C ASP WA 528 59.38 53.55 78.77
N MET WA 529 59.39 53.05 80.01
CA MET WA 529 59.19 51.63 80.27
C MET WA 529 57.99 51.11 79.49
N CYS WA 530 56.79 51.55 79.89
CA CYS WA 530 55.62 51.40 79.05
C CYS WA 530 55.93 52.01 77.70
N PHE WA 531 55.72 51.25 76.63
CA PHE WA 531 56.26 51.69 75.35
C PHE WA 531 55.18 52.44 74.58
N PRO WA 532 55.25 53.75 74.49
CA PRO WA 532 54.16 54.51 73.89
C PRO WA 532 54.21 54.40 72.37
N VAL WA 533 53.04 54.36 71.76
CA VAL WA 533 53.02 54.57 70.32
C VAL WA 533 53.28 56.04 70.06
N LYS WA 534 53.60 56.35 68.80
CA LYS WA 534 53.77 57.69 68.25
C LYS WA 534 55.17 58.20 68.50
N THR WA 535 55.99 57.47 69.24
CA THR WA 535 57.41 57.81 69.38
C THR WA 535 58.28 57.11 68.36
N ASN WA 536 57.69 56.31 67.47
CA ASN WA 536 58.46 55.52 66.53
C ASN WA 536 58.03 55.80 65.11
N ILE WA 537 58.62 55.04 64.19
CA ILE WA 537 58.46 55.17 62.75
C ILE WA 537 58.74 56.61 62.37
N ASN WA 538 58.10 57.10 61.32
CA ASN WA 538 58.12 58.50 60.90
C ASN WA 538 56.97 58.68 59.93
N LYS WA 539 56.57 59.92 59.70
CA LYS WA 539 55.65 60.23 58.63
C LYS WA 539 56.05 61.54 57.98
N VAL WA 540 56.10 61.54 56.66
CA VAL WA 540 56.14 62.81 55.95
C VAL WA 540 54.79 63.48 56.10
N LEU WA 541 54.80 64.71 56.58
CA LEU WA 541 53.55 65.41 56.78
C LEU WA 541 52.96 65.86 55.45
N GLY XA 34 57.81 57.64 13.39
CA GLY XA 34 59.19 57.27 13.63
C GLY XA 34 59.61 57.35 15.09
N SER XA 35 60.88 57.08 15.35
CA SER XA 35 61.41 57.12 16.71
C SER XA 35 62.90 57.35 16.65
N GLY XA 36 63.47 57.78 17.77
CA GLY XA 36 64.90 57.99 17.89
C GLY XA 36 65.26 59.45 17.80
N VAL XA 37 66.57 59.69 17.87
CA VAL XA 37 67.09 61.05 17.71
C VAL XA 37 66.71 61.56 16.33
N GLY XA 38 66.40 62.86 16.25
CA GLY XA 38 66.01 63.47 15.01
C GLY XA 38 64.52 63.43 14.74
N ILE XA 39 63.73 62.86 15.64
CA ILE XA 39 62.29 62.83 15.52
C ILE XA 39 61.73 63.43 16.80
N SER XA 40 61.06 64.57 16.69
CA SER XA 40 60.55 65.24 17.87
C SER XA 40 59.46 64.40 18.51
N THR XA 41 59.41 64.41 19.84
CA THR XA 41 58.47 63.52 20.51
C THR XA 41 57.08 64.11 20.56
N GLY XA 42 56.96 65.40 20.89
CA GLY XA 42 55.67 66.05 20.92
C GLY XA 42 55.83 67.50 20.55
N GLY XA 43 54.71 68.13 20.21
CA GLY XA 43 54.70 69.50 19.75
C GLY XA 43 54.28 70.47 20.85
N TRP XA 44 54.32 71.74 20.50
CA TRP XA 44 53.93 72.81 21.40
C TRP XA 44 52.42 72.79 21.60
N VAL XA 45 51.97 73.32 22.74
CA VAL XA 45 50.58 73.24 23.15
C VAL XA 45 50.23 74.53 23.90
N GLY XA 46 48.97 74.94 23.79
CA GLY XA 46 48.47 76.02 24.61
C GLY XA 46 47.16 76.57 24.07
N GLY XA 47 46.72 77.69 24.67
CA GLY XA 47 45.65 78.50 24.12
C GLY XA 47 44.32 78.44 24.84
N SER XA 48 44.23 77.72 25.94
CA SER XA 48 43.01 77.47 26.72
C SER XA 48 41.81 76.96 25.93
N TYR XA 49 40.61 77.08 26.51
CA TYR XA 49 39.43 76.50 25.88
C TYR XA 49 38.10 77.22 26.14
N PHE XA 50 37.64 77.18 27.40
CA PHE XA 50 36.39 77.80 27.87
C PHE XA 50 35.07 77.26 27.32
N THR XA 51 34.63 76.11 27.83
CA THR XA 51 33.25 75.67 27.74
C THR XA 51 32.54 75.88 29.08
N ASP XA 52 31.22 76.10 29.03
CA ASP XA 52 30.41 76.37 30.21
C ASP XA 52 30.68 75.42 31.36
N SER XA 53 30.85 74.14 31.07
CA SER XA 53 31.04 73.15 32.13
C SER XA 53 32.48 73.09 32.61
N TYR XA 54 33.45 73.35 31.74
CA TYR XA 54 34.84 73.23 32.15
C TYR XA 54 35.73 74.09 31.27
N VAL XA 55 36.91 74.38 31.81
CA VAL XA 55 37.92 75.17 31.11
C VAL XA 55 39.20 74.36 31.05
N ILE XA 56 39.74 74.19 29.85
CA ILE XA 56 40.99 73.46 29.65
C ILE XA 56 42.08 74.47 29.34
N THR XA 57 43.01 74.64 30.26
CA THR XA 57 44.17 75.50 30.04
C THR XA 57 45.36 74.64 29.67
N LYS XA 58 46.05 75.03 28.61
CA LYS XA 58 47.19 74.30 28.09
C LYS XA 58 48.39 75.23 28.09
N ASN XA 59 49.55 74.71 28.47
CA ASN XA 59 50.75 75.53 28.53
C ASN XA 59 51.95 74.67 28.17
N THR XA 60 53.00 75.31 27.70
CA THR XA 60 54.22 74.62 27.34
C THR XA 60 55.40 75.53 27.66
N ARG XA 61 56.53 74.93 28.03
CA ARG XA 61 57.67 75.70 28.50
C ARG XA 61 58.95 75.14 27.92
N GLN XA 62 60.02 75.90 28.12
CA GLN XA 62 61.36 75.45 27.85
C GLN XA 62 62.12 75.53 29.16
N PHE XA 63 62.73 74.43 29.58
CA PHE XA 63 63.37 74.39 30.89
C PHE XA 63 64.79 73.89 30.75
N LEU XA 64 65.58 74.07 31.80
CA LEU XA 64 66.90 73.44 31.84
C LEU XA 64 67.27 73.02 33.24
N VAL XA 65 67.96 71.88 33.32
CA VAL XA 65 68.42 71.30 34.58
C VAL XA 65 69.93 71.48 34.63
N LYS XA 66 70.42 72.03 35.73
CA LYS XA 66 71.76 72.62 35.79
C LYS XA 66 72.83 71.74 36.45
N ILE XA 67 72.48 70.54 36.95
CA ILE XA 67 73.35 69.80 37.85
C ILE XA 67 73.63 70.63 39.10
N GLN XA 68 72.65 70.71 39.99
CA GLN XA 68 72.89 71.42 41.24
C GLN XA 68 73.63 70.54 42.23
N ASN XA 69 74.51 71.17 43.01
CA ASN XA 69 75.07 70.58 44.23
C ASN XA 69 75.98 69.39 43.92
N ASN XA 70 76.78 69.49 42.86
CA ASN XA 70 77.49 68.34 42.31
C ASN XA 70 76.42 67.29 42.11
N HIS XA 71 76.68 66.01 42.36
CA HIS XA 71 75.59 65.08 42.56
C HIS XA 71 75.40 64.68 44.02
N GLN XA 72 76.30 65.11 44.89
CA GLN XA 72 76.18 64.81 46.31
C GLN XA 72 75.15 65.72 46.99
N TYR XA 73 74.71 65.30 48.16
CA TYR XA 73 73.63 65.90 48.94
C TYR XA 73 74.07 67.03 49.85
N LYS XA 74 74.96 66.75 50.79
CA LYS XA 74 75.33 67.61 51.90
C LYS XA 74 74.14 67.96 52.80
N THR XA 75 74.25 69.07 53.52
CA THR XA 75 73.22 69.50 54.48
C THR XA 75 73.02 71.01 54.35
N GLU XA 76 74.13 71.75 54.49
CA GLU XA 76 74.31 73.16 54.16
C GLU XA 76 74.00 74.18 55.25
N LEU XA 77 73.28 73.80 56.31
CA LEU XA 77 73.11 74.65 57.51
C LEU XA 77 72.98 76.13 57.13
N ILE XA 78 71.84 76.48 56.54
CA ILE XA 78 71.79 77.64 55.65
C ILE XA 78 72.28 78.92 56.31
N SER XA 79 71.43 79.55 57.12
CA SER XA 79 71.75 80.72 57.96
C SER XA 79 72.17 81.94 57.15
N PRO XA 80 71.89 83.14 57.63
CA PRO XA 80 72.80 84.25 57.36
C PRO XA 80 73.71 84.45 58.56
N SER XA 81 74.62 85.40 58.51
CA SER XA 81 75.31 85.81 59.74
C SER XA 81 75.57 87.32 59.81
N THR XA 82 75.06 88.05 60.83
CA THR XA 82 73.89 87.77 61.70
C THR XA 82 73.65 86.36 62.26
N SER XA 83 74.69 85.82 62.92
CA SER XA 83 74.62 84.47 63.48
C SER XA 83 73.43 84.28 64.42
N GLN XA 84 72.83 85.38 64.89
CA GLN XA 84 71.63 85.30 65.71
C GLN XA 84 70.45 84.71 64.96
N GLY XA 85 70.56 84.54 63.63
CA GLY XA 85 69.45 84.07 62.85
C GLY XA 85 69.05 82.64 63.18
N LYS XA 86 68.02 82.17 62.47
CA LYS XA 86 67.49 80.84 62.75
C LYS XA 86 68.49 79.75 62.39
N SER XA 87 69.14 79.88 61.23
CA SER XA 87 70.20 78.96 60.82
C SER XA 87 69.68 77.53 60.66
N GLN XA 88 68.57 77.39 59.94
CA GLN XA 88 68.05 76.07 59.64
C GLN XA 88 69.08 75.25 58.88
N ARG XA 89 69.18 73.97 59.23
CA ARG XA 89 70.25 73.15 58.66
C ARG XA 89 69.90 72.66 57.26
N CYS XA 90 68.63 72.33 57.04
CA CYS XA 90 68.12 71.79 55.79
C CYS XA 90 68.88 70.58 55.26
N VAL XA 91 68.72 70.33 53.96
CA VAL XA 91 69.41 69.29 53.19
C VAL XA 91 69.38 69.75 51.75
N SER XA 92 70.48 69.55 51.03
CA SER XA 92 70.48 69.85 49.61
C SER XA 92 70.55 68.55 48.86
N THR XA 93 70.00 68.52 47.66
CA THR XA 93 69.97 67.32 46.85
C THR XA 93 70.39 67.66 45.42
N PRO XA 94 70.87 66.69 44.66
CA PRO XA 94 71.14 66.93 43.24
C PRO XA 94 69.89 67.20 42.43
N TRP XA 95 68.72 66.91 42.97
CA TRP XA 95 67.48 66.95 42.20
C TRP XA 95 66.96 68.37 42.04
N SER XA 96 66.25 68.57 40.94
CA SER XA 96 65.47 69.77 40.68
C SER XA 96 64.03 69.34 40.49
N TYR XA 97 63.10 70.26 40.62
CA TYR XA 97 61.70 69.88 40.57
C TYR XA 97 60.87 70.90 39.80
N PHE XA 98 59.74 70.43 39.29
CA PHE XA 98 58.77 71.27 38.60
C PHE XA 98 57.72 71.74 39.59
N ASN XA 99 57.59 73.04 39.74
CA ASN XA 99 56.53 73.64 40.55
C ASN XA 99 55.50 74.23 39.60
N PHE XA 100 54.33 73.63 39.55
CA PHE XA 100 53.25 74.12 38.71
C PHE XA 100 52.24 74.98 39.46
N ASN XA 101 52.49 75.28 40.72
CA ASN XA 101 51.44 75.80 41.60
C ASN XA 101 51.45 77.32 41.54
N GLN XA 102 50.48 77.87 40.82
CA GLN XA 102 50.15 79.29 40.76
C GLN XA 102 49.06 79.43 39.70
N TYR XA 103 48.28 80.50 39.80
CA TYR XA 103 47.29 80.72 38.76
C TYR XA 103 47.88 81.41 37.55
N SER XA 104 48.73 82.42 37.77
CA SER XA 104 49.27 83.20 36.67
C SER XA 104 50.09 82.35 35.71
N SER XA 105 50.45 81.14 36.10
CA SER XA 105 51.16 80.27 35.18
C SER XA 105 50.22 79.66 34.17
N HIS XA 106 49.03 79.28 34.58
CA HIS XA 106 48.10 78.56 33.73
C HIS XA 106 47.09 79.43 33.03
N PHE XA 107 47.00 80.71 33.38
CA PHE XA 107 45.99 81.59 32.82
C PHE XA 107 46.63 82.86 32.30
N SER XA 108 46.37 83.17 31.03
CA SER XA 108 46.74 84.47 30.52
C SER XA 108 45.91 85.53 31.20
N PRO XA 109 46.38 86.77 31.22
CA PRO XA 109 45.57 87.84 31.79
C PRO XA 109 44.20 87.96 31.19
N GLN XA 110 43.98 87.47 29.96
CA GLN XA 110 42.62 87.41 29.46
C GLN XA 110 41.88 86.15 29.85
N ASP XA 111 42.53 84.98 29.83
CA ASP XA 111 41.86 83.76 30.27
C ASP XA 111 41.37 83.92 31.69
N TRP XA 112 42.26 84.21 32.62
CA TRP XA 112 41.86 84.85 33.85
C TRP XA 112 41.19 86.14 33.47
N GLN XA 113 40.13 86.52 34.18
CA GLN XA 113 39.20 87.59 33.82
C GLN XA 113 38.19 87.14 32.78
N ARG XA 114 38.44 86.08 32.03
CA ARG XA 114 37.32 85.48 31.35
C ARG XA 114 36.55 84.56 32.28
N LEU XA 115 37.24 83.82 33.14
CA LEU XA 115 36.53 83.06 34.15
C LEU XA 115 36.16 83.91 35.36
N THR XA 116 37.01 84.85 35.75
CA THR XA 116 36.68 85.68 36.90
C THR XA 116 35.44 86.49 36.64
N ASN XA 117 35.21 86.90 35.40
CA ASN XA 117 33.99 87.62 35.07
C ASN XA 117 32.83 86.68 34.85
N GLU XA 118 33.04 85.56 34.18
CA GLU XA 118 31.93 84.79 33.65
C GLU XA 118 31.51 83.59 34.50
N TYR XA 119 32.17 83.32 35.63
CA TYR XA 119 31.84 82.10 36.35
C TYR XA 119 31.77 82.32 37.86
N LYS XA 120 30.87 81.57 38.51
CA LYS XA 120 30.77 81.59 39.97
C LYS XA 120 31.99 80.99 40.61
N ARG XA 121 32.37 79.80 40.18
CA ARG XA 121 33.32 79.02 40.95
C ARG XA 121 34.05 78.08 40.02
N PHE XA 122 35.23 77.68 40.44
CA PHE XA 122 36.02 76.76 39.64
C PHE XA 122 36.96 76.01 40.56
N ARG XA 123 37.31 74.80 40.16
CA ARG XA 123 38.35 74.05 40.84
C ARG XA 123 39.04 73.21 39.79
N PRO XA 124 40.33 72.97 39.92
CA PRO XA 124 41.01 72.13 38.95
C PRO XA 124 40.50 70.70 39.05
N LYS XA 125 40.09 70.15 37.91
CA LYS XA 125 39.59 68.79 37.88
C LYS XA 125 40.70 67.77 37.73
N GLY XA 126 41.67 68.05 36.86
CA GLY XA 126 42.73 67.10 36.58
C GLY XA 126 43.92 67.82 36.01
N MET XA 127 45.00 67.07 35.83
CA MET XA 127 46.25 67.65 35.38
C MET XA 127 47.01 66.60 34.59
N HIS XA 128 47.66 67.05 33.52
CA HIS XA 128 48.39 66.14 32.63
C HIS XA 128 49.67 66.83 32.23
N VAL XA 129 50.80 66.20 32.53
CA VAL XA 129 52.11 66.82 32.31
C VAL XA 129 52.92 65.91 31.40
N LYS XA 130 53.66 66.52 30.47
CA LYS XA 130 54.46 65.77 29.51
C LYS XA 130 55.82 66.40 29.40
N ILE XA 131 56.86 65.62 29.71
CA ILE XA 131 58.23 65.99 29.42
C ILE XA 131 58.55 65.42 28.06
N TYR XA 132 59.17 66.22 27.20
CA TYR XA 132 59.52 65.73 25.88
C TYR XA 132 60.53 66.69 25.25
N ASN XA 133 60.99 66.33 24.06
CA ASN XA 133 61.96 67.11 23.32
C ASN XA 133 63.19 67.43 24.16
N LEU XA 134 63.76 66.40 24.78
CA LEU XA 134 64.88 66.59 25.67
C LEU XA 134 66.17 66.79 24.89
N GLN XA 135 67.12 67.48 25.51
CA GLN XA 135 68.42 67.74 24.91
C GLN XA 135 69.47 67.73 25.99
N ILE XA 136 70.60 67.07 25.75
CA ILE XA 136 71.72 67.07 26.68
C ILE XA 136 72.89 67.72 25.96
N LYS XA 137 73.34 68.88 26.43
CA LYS XA 137 74.22 69.68 25.61
C LYS XA 137 75.69 69.64 25.97
N GLN XA 138 76.10 68.99 27.06
CA GLN XA 138 77.52 68.75 27.30
C GLN XA 138 78.33 70.05 27.32
N ILE XA 139 78.22 70.79 28.43
CA ILE XA 139 79.02 72.00 28.60
C ILE XA 139 80.50 71.66 28.46
N LEU XA 140 81.22 72.51 27.72
CA LEU XA 140 82.68 72.47 27.69
C LEU XA 140 83.25 73.84 27.99
N SER XA 141 84.45 73.85 28.56
CA SER XA 141 85.18 75.07 28.83
C SER XA 141 86.63 74.89 28.43
N ASN XA 142 87.08 75.69 27.47
CA ASN XA 142 88.49 75.78 27.10
C ASN XA 142 89.20 76.86 27.90
N GLY XA 143 88.53 77.44 28.88
CA GLY XA 143 88.93 78.65 29.53
C GLY XA 143 88.18 79.81 28.91
N ALA XA 144 87.78 80.76 29.73
CA ALA XA 144 86.86 81.84 29.35
C ALA XA 144 85.65 81.19 28.66
N ASP XA 145 85.07 81.82 27.63
CA ASP XA 145 84.17 81.25 26.62
C ASP XA 145 83.16 80.24 27.15
N THR XA 146 82.86 79.23 26.32
CA THR XA 146 82.20 77.95 26.55
C THR XA 146 81.93 77.34 25.20
N THR XA 147 81.68 76.03 25.15
CA THR XA 147 81.19 75.39 23.96
C THR XA 147 80.21 74.30 24.36
N TYR XA 148 79.27 74.01 23.47
CA TYR XA 148 78.22 73.03 23.71
C TYR XA 148 78.24 72.06 22.53
N ASN XA 149 78.64 70.82 22.78
CA ASN XA 149 78.83 69.88 21.68
C ASN XA 149 77.55 69.14 21.36
N ASN XA 150 76.45 69.57 21.98
CA ASN XA 150 75.27 68.74 22.12
C ASN XA 150 75.73 67.48 22.82
N ASP XA 151 75.08 66.35 22.52
CA ASP XA 151 75.45 65.07 23.11
C ASP XA 151 74.42 64.06 22.68
N LEU XA 152 74.80 62.80 22.73
CA LEU XA 152 73.87 61.70 22.68
C LEU XA 152 74.34 60.70 23.72
N THR XA 153 73.64 59.58 23.83
CA THR XA 153 73.95 58.58 24.82
C THR XA 153 74.09 59.19 26.21
N ALA XA 154 73.21 60.09 26.56
CA ALA XA 154 73.14 60.67 27.89
C ALA XA 154 71.70 60.57 28.39
N GLY XA 155 71.49 60.84 29.67
CA GLY XA 155 70.24 60.51 30.29
C GLY XA 155 69.82 61.55 31.33
N VAL XA 156 68.54 61.47 31.66
CA VAL XA 156 67.92 62.37 32.61
C VAL XA 156 66.98 61.57 33.48
N HIS XA 157 67.13 61.69 34.79
CA HIS XA 157 66.25 61.03 35.73
C HIS XA 157 65.00 61.86 35.90
N ILE XA 158 63.85 61.23 35.89
CA ILE XA 158 62.57 61.90 36.11
C ILE XA 158 61.75 61.07 37.06
N PHE XA 159 61.34 61.68 38.16
CA PHE XA 159 60.66 60.98 39.23
C PHE XA 159 59.45 61.79 39.68
N CYS XA 160 58.35 61.10 39.97
CA CYS XA 160 57.12 61.73 40.42
C CYS XA 160 56.67 61.09 41.72
N ASP XA 161 55.97 61.87 42.55
CA ASP XA 161 55.40 61.38 43.79
C ASP XA 161 53.91 61.13 43.63
N GLY XA 162 53.52 59.86 43.61
CA GLY XA 162 52.10 59.56 43.70
C GLY XA 162 51.68 59.33 45.13
N GLU XA 163 52.62 58.90 45.96
CA GLU XA 163 52.35 58.61 47.35
C GLU XA 163 52.58 59.81 48.26
N HIS XA 164 53.24 60.85 47.75
CA HIS XA 164 53.73 61.96 48.56
C HIS XA 164 54.59 61.51 49.72
N ALA XA 165 55.26 60.37 49.59
CA ALA XA 165 56.48 60.17 50.36
C ALA XA 165 57.49 61.19 49.88
N TYR XA 166 58.49 61.45 50.70
CA TYR XA 166 59.50 62.48 50.50
C TYR XA 166 58.97 63.85 50.90
N PRO XA 167 59.86 64.74 51.34
CA PRO XA 167 59.44 65.99 51.99
C PRO XA 167 58.71 67.01 51.11
N ASN XA 168 58.56 66.79 49.81
CA ASN XA 168 57.75 67.61 48.90
C ASN XA 168 58.03 69.12 48.97
N ALA XA 169 59.10 69.55 48.29
CA ALA XA 169 59.59 70.93 48.37
C ALA XA 169 58.48 71.97 48.25
N THR XA 170 57.49 71.72 47.39
CA THR XA 170 56.55 72.79 47.02
C THR XA 170 55.93 73.42 48.24
N HIS XA 171 56.05 74.74 48.32
CA HIS XA 171 55.44 75.62 49.30
C HIS XA 171 54.63 76.63 48.52
N PRO XA 172 53.47 77.05 49.02
CA PRO XA 172 52.57 77.84 48.17
C PRO XA 172 53.19 79.04 47.48
N TRP XA 173 53.91 79.89 48.18
CA TRP XA 173 54.35 81.14 47.55
C TRP XA 173 55.66 80.92 46.81
N ASP XA 174 56.75 80.75 47.55
CA ASP XA 174 58.06 80.46 46.99
C ASP XA 174 58.33 81.48 45.88
N GLU XA 175 58.78 81.04 44.72
CA GLU XA 175 59.23 81.87 43.62
C GLU XA 175 58.77 81.12 42.39
N ASP XA 176 59.31 81.50 41.23
CA ASP XA 176 59.42 80.60 40.07
C ASP XA 176 58.03 80.06 39.71
N VAL XA 177 57.75 78.78 39.94
CA VAL XA 177 56.64 78.06 39.36
C VAL XA 177 56.90 78.16 37.87
N MET XA 178 55.86 78.20 37.05
CA MET XA 178 56.09 78.41 35.64
C MET XA 178 56.18 79.90 35.39
N PRO XA 179 56.98 80.37 34.45
CA PRO XA 179 56.93 81.79 34.13
C PRO XA 179 55.55 82.09 33.59
N GLU XA 180 54.92 83.12 34.14
CA GLU XA 180 53.56 83.45 33.73
C GLU XA 180 53.46 83.66 32.24
N LEU XA 181 54.58 83.93 31.60
CA LEU XA 181 54.66 84.28 30.21
C LEU XA 181 55.34 83.16 29.46
N PRO XA 182 54.74 82.53 28.44
CA PRO XA 182 55.45 81.47 27.71
C PRO XA 182 56.66 82.02 26.98
N TYR XA 183 57.33 81.20 26.17
CA TYR XA 183 58.54 81.57 25.44
C TYR XA 183 59.67 81.97 26.39
N GLN XA 184 59.35 82.10 27.66
CA GLN XA 184 60.32 82.47 28.67
C GLN XA 184 60.85 81.18 29.27
N THR XA 185 62.15 80.94 29.10
CA THR XA 185 62.73 79.70 29.56
C THR XA 185 62.59 79.55 31.06
N TRP XA 186 62.39 78.32 31.50
CA TRP XA 186 62.05 78.06 32.89
C TRP XA 186 63.19 77.35 33.59
N TYR XA 187 63.88 78.05 34.46
CA TYR XA 187 65.00 77.49 35.19
C TYR XA 187 64.49 76.78 36.42
N LEU XA 188 64.82 75.50 36.54
CA LEU XA 188 64.42 74.71 37.69
C LEU XA 188 65.25 75.09 38.91
N PHE XA 189 64.72 74.72 40.07
CA PHE XA 189 65.35 75.03 41.35
C PHE XA 189 65.66 73.75 42.12
N GLN XA 190 66.71 73.82 42.90
CA GLN XA 190 67.21 72.65 43.60
C GLN XA 190 66.21 72.17 44.64
N TYR XA 191 66.13 70.86 44.81
CA TYR XA 191 65.25 70.28 45.81
C TYR XA 191 65.99 70.13 47.13
N GLY XA 192 65.35 70.60 48.20
CA GLY XA 192 65.92 70.49 49.53
C GLY XA 192 64.80 70.38 50.53
N TYR XA 193 65.15 70.05 51.76
CA TYR XA 193 64.14 69.93 52.79
C TYR XA 193 64.78 70.09 54.16
N ILE XA 194 63.96 70.45 55.13
CA ILE XA 194 64.40 70.57 56.51
C ILE XA 194 64.27 69.22 57.18
N PRO XA 195 65.37 68.54 57.52
CA PRO XA 195 65.23 67.28 58.26
C PRO XA 195 64.71 67.49 59.67
N VAL XA 196 65.25 68.46 60.40
CA VAL XA 196 64.87 68.74 61.79
C VAL XA 196 65.22 70.19 62.10
N ILE XA 197 64.49 70.78 63.04
CA ILE XA 197 64.81 72.12 63.54
C ILE XA 197 66.28 72.16 63.96
N HIS XA 198 67.01 73.17 63.49
CA HIS XA 198 68.43 73.22 63.78
C HIS XA 198 68.70 73.37 65.26
N GLU XA 199 68.13 74.40 65.88
CA GLU XA 199 68.08 74.41 67.33
C GLU XA 199 67.29 73.19 67.77
N LEU XA 200 67.50 72.74 69.02
CA LEU XA 200 66.97 71.45 69.44
C LEU XA 200 67.60 70.33 68.62
N ALA XA 201 68.80 69.89 69.06
CA ALA XA 201 69.85 69.19 68.30
C ALA XA 201 71.01 70.06 67.85
N GLU XA 202 71.05 71.33 68.26
CA GLU XA 202 72.20 72.16 67.92
C GLU XA 202 73.59 71.53 68.18
N MET XA 203 73.86 70.85 69.30
CA MET XA 203 73.09 70.79 70.53
C MET XA 203 74.01 71.26 71.66
N GLU XA 204 73.43 71.71 72.77
CA GLU XA 204 74.25 72.34 73.80
C GLU XA 204 74.66 71.35 74.87
N ASP XA 205 75.95 70.97 74.87
CA ASP XA 205 76.57 70.17 75.90
C ASP XA 205 75.74 68.94 76.25
N SER XA 206 75.69 68.60 77.54
CA SER XA 206 74.67 67.71 78.10
C SER XA 206 74.46 66.45 77.17
N ASN XA 207 73.32 66.09 76.55
CA ASN XA 207 71.95 66.58 76.72
C ASN XA 207 70.99 65.41 76.81
N ALA XA 208 70.97 64.62 75.74
CA ALA XA 208 70.20 63.38 75.56
C ALA XA 208 68.74 63.66 75.25
N VAL XA 209 68.28 64.87 75.53
CA VAL XA 209 66.97 65.29 75.02
C VAL XA 209 67.12 65.84 73.60
N GLU XA 210 68.19 66.58 73.34
CA GLU XA 210 68.48 66.99 71.97
C GLU XA 210 69.37 65.98 71.25
N LYS XA 211 69.98 65.05 72.00
CA LYS XA 211 70.65 63.94 71.34
C LYS XA 211 69.64 63.12 70.57
N ALA XA 212 68.59 62.66 71.25
CA ALA XA 212 67.39 62.30 70.53
C ALA XA 212 66.84 63.54 69.85
N ILE XA 213 66.12 63.33 68.74
CA ILE XA 213 65.68 64.34 67.78
C ILE XA 213 66.85 64.75 66.90
N CYS XA 214 68.08 64.57 67.38
CA CYS XA 214 69.22 64.61 66.47
C CYS XA 214 69.46 63.24 65.85
N LEU XA 215 69.37 62.19 66.66
CA LEU XA 215 69.51 60.84 66.15
C LEU XA 215 68.35 60.47 65.22
N GLN XA 216 67.19 61.06 65.45
CA GLN XA 216 66.02 60.63 64.72
C GLN XA 216 65.82 61.39 63.42
N ILE XA 217 66.72 62.30 63.06
CA ILE XA 217 66.47 63.11 61.87
C ILE XA 217 66.43 62.15 60.70
N PRO XA 218 65.34 62.13 59.94
CA PRO XA 218 65.27 61.23 58.80
C PRO XA 218 66.09 61.77 57.64
N PHE XA 219 66.53 60.86 56.79
CA PHE XA 219 67.31 61.21 55.62
C PHE XA 219 66.66 60.57 54.41
N PHE XA 220 66.14 61.40 53.53
CA PHE XA 220 65.40 60.95 52.37
C PHE XA 220 66.26 61.08 51.14
N MET XA 221 66.09 60.14 50.22
CA MET XA 221 66.88 60.10 49.00
C MET XA 221 65.93 59.73 47.88
N LEU XA 222 66.06 60.41 46.76
CA LEU XA 222 65.17 60.13 45.65
C LEU XA 222 65.66 58.97 44.81
N GLU XA 223 66.74 58.30 45.21
CA GLU XA 223 67.20 57.19 44.40
C GLU XA 223 66.33 55.98 44.70
N ASN XA 224 66.52 55.29 45.84
CA ASN XA 224 65.42 54.61 46.53
C ASN XA 224 64.36 54.12 45.57
N SER XA 225 63.14 54.61 45.72
CA SER XA 225 62.06 54.28 44.81
C SER XA 225 62.44 54.52 43.36
N ASP XA 226 62.01 53.62 42.49
CA ASP XA 226 62.45 53.63 41.11
C ASP XA 226 61.88 54.81 40.34
N HIS XA 227 62.55 55.16 39.26
CA HIS XA 227 62.13 56.26 38.41
C HIS XA 227 62.73 56.08 37.03
N GLU XA 228 62.21 56.83 36.07
CA GLU XA 228 62.60 56.66 34.69
C GLU XA 228 63.81 57.51 34.34
N VAL XA 229 64.69 56.96 33.52
CA VAL XA 229 65.75 57.71 32.89
C VAL XA 229 65.35 57.87 31.42
N LEU XA 230 65.74 58.98 30.82
CA LEU XA 230 65.37 59.27 29.45
C LEU XA 230 66.58 59.75 28.68
N ARG XA 231 66.82 59.14 27.53
CA ARG XA 231 67.70 59.79 26.57
C ARG XA 231 66.88 60.80 25.79
N THR XA 232 67.46 61.33 24.71
CA THR XA 232 66.78 62.36 23.94
C THR XA 232 65.46 61.88 23.36
N GLY XA 233 65.48 60.82 22.56
CA GLY XA 233 64.28 60.43 21.83
C GLY XA 233 63.09 60.09 22.70
N GLU XA 234 63.31 59.74 23.96
CA GLU XA 234 62.24 59.33 24.84
C GLU XA 234 61.54 60.54 25.46
N SER XA 235 60.30 60.32 25.89
CA SER XA 235 59.52 61.30 26.65
C SER XA 235 58.83 60.61 27.82
N THR XA 236 58.04 61.38 28.55
CA THR XA 236 57.31 60.85 29.69
C THR XA 236 56.04 61.66 29.89
N GLU XA 237 54.98 60.99 30.36
CA GLU XA 237 53.74 61.64 30.71
C GLU XA 237 53.44 61.42 32.18
N PHE XA 238 52.67 62.32 32.76
CA PHE XA 238 52.16 62.17 34.11
C PHE XA 238 50.76 62.71 34.16
N THR XA 239 49.90 62.05 34.92
CA THR XA 239 48.54 62.51 35.12
C THR XA 239 48.28 62.73 36.60
N PHE XA 240 47.27 63.54 36.89
CA PHE XA 240 46.89 63.81 38.25
C PHE XA 240 45.39 64.04 38.30
N ASN XA 241 44.79 63.62 39.40
CA ASN XA 241 43.39 63.90 39.66
C ASN XA 241 43.28 64.58 41.00
N PHE XA 242 42.27 65.42 41.16
CA PHE XA 242 42.15 66.28 42.32
C PHE XA 242 40.86 65.97 43.06
N ASP XA 243 40.99 65.63 44.34
CA ASP XA 243 39.89 65.77 45.28
C ASP XA 243 40.07 67.15 45.91
N CYS XA 244 39.18 68.07 45.56
CA CYS XA 244 39.51 69.47 45.70
C CYS XA 244 38.26 70.28 45.98
N GLU XA 245 38.41 71.31 46.79
CA GLU XA 245 37.30 72.20 47.13
C GLU XA 245 37.20 73.32 46.11
N TRP XA 246 35.95 73.70 45.82
CA TRP XA 246 35.72 74.83 44.93
C TRP XA 246 36.34 76.09 45.51
N ILE XA 247 36.79 76.98 44.63
CA ILE XA 247 37.11 78.35 45.01
C ILE XA 247 36.05 79.23 44.37
N ASN XA 248 35.40 80.05 45.19
CA ASN XA 248 34.16 80.72 44.79
C ASN XA 248 34.44 82.16 44.40
N ASN XA 249 34.04 82.52 43.19
CA ASN XA 249 34.02 83.91 42.75
C ASN XA 249 32.59 84.39 42.86
N GLU XA 250 32.34 85.22 43.87
CA GLU XA 250 31.01 85.64 44.30
C GLU XA 250 31.21 86.70 45.36
N ARG XA 251 30.17 87.47 45.60
CA ARG XA 251 30.26 88.62 46.48
C ARG XA 251 28.97 88.71 47.30
N ALA XA 252 29.13 88.89 48.59
CA ALA XA 252 27.99 89.16 49.46
C ALA XA 252 27.81 90.66 49.55
N TYR XA 253 26.66 91.14 49.10
CA TYR XA 253 26.39 92.56 49.12
C TYR XA 253 26.02 93.08 50.51
N ILE XA 254 25.73 92.19 51.44
CA ILE XA 254 25.45 92.57 52.83
C ILE XA 254 26.10 91.56 53.76
N PRO XA 255 26.37 91.97 55.00
CA PRO XA 255 26.81 91.03 56.00
C PRO XA 255 25.77 89.96 56.22
N PRO XA 256 26.14 88.78 56.70
CA PRO XA 256 25.14 87.75 56.96
C PRO XA 256 24.15 88.12 58.04
N GLY XA 257 24.56 88.95 59.00
CA GLY XA 257 23.66 89.39 60.03
C GLY XA 257 22.71 90.49 59.62
N LEU XA 258 22.84 91.00 58.40
CA LEU XA 258 22.02 92.09 57.92
C LEU XA 258 20.82 91.58 57.12
N MET XA 259 20.59 90.28 57.10
CA MET XA 259 19.51 89.68 56.33
C MET XA 259 18.27 89.65 57.19
N PHE XA 260 17.29 90.49 56.84
CA PHE XA 260 15.99 90.51 57.50
C PHE XA 260 15.15 91.58 56.82
N ASN XA 261 13.85 91.50 57.01
CA ASN XA 261 12.96 92.52 56.51
C ASN XA 261 12.84 93.61 57.56
N PRO XA 262 13.45 94.77 57.35
CA PRO XA 262 13.44 95.80 58.40
C PRO XA 262 12.08 96.44 58.57
N LEU XA 263 11.19 96.26 57.60
CA LEU XA 263 9.85 96.81 57.74
C LEU XA 263 9.07 96.09 58.83
N VAL XA 264 9.21 94.78 58.92
CA VAL XA 264 8.37 93.99 59.83
C VAL XA 264 8.88 94.17 61.25
N PRO XA 265 8.00 94.42 62.22
CA PRO XA 265 8.44 94.48 63.61
C PRO XA 265 8.91 93.12 64.09
N THR XA 266 9.67 93.13 65.18
CA THR XA 266 10.22 91.90 65.73
C THR XA 266 9.63 91.63 67.10
N ARG XA 267 9.51 90.35 67.44
CA ARG XA 267 9.17 89.98 68.81
C ARG XA 267 10.42 89.55 69.56
N ARG XA 268 10.92 90.46 70.39
CA ARG XA 268 12.17 90.32 71.11
C ARG XA 268 12.29 91.52 72.03
N ALA XA 269 13.17 91.47 73.02
CA ALA XA 269 13.29 92.58 73.93
C ALA XA 269 14.73 92.74 74.37
N GLN XA 270 15.06 93.95 74.79
CA GLN XA 270 16.39 94.31 75.25
C GLN XA 270 16.28 94.76 76.69
N TYR XA 271 16.84 93.99 77.60
CA TYR XA 271 17.06 94.45 78.96
C TYR XA 271 18.43 95.10 78.97
N ILE XA 272 18.54 96.25 79.58
CA ILE XA 272 19.80 96.97 79.68
C ILE XA 272 20.09 97.26 81.14
N ARG XA 273 21.26 96.82 81.59
CA ARG XA 273 21.63 96.94 82.99
C ARG XA 273 21.70 98.42 83.40
N ARG XA 274 21.54 98.66 84.70
CA ARG XA 274 21.81 99.98 85.26
C ARG XA 274 23.20 100.44 84.82
N ASN XA 275 23.28 101.68 84.37
CA ASN XA 275 24.48 102.13 83.69
C ASN XA 275 25.61 102.44 84.66
N ASN XA 276 25.27 102.79 85.91
CA ASN XA 276 26.27 103.09 86.94
C ASN XA 276 27.27 104.12 86.43
N ASN XA 277 26.80 105.37 86.35
CA ASN XA 277 27.43 106.47 85.64
C ASN XA 277 27.30 106.20 84.14
N PRO XA 278 27.12 107.24 83.32
CA PRO XA 278 26.66 108.58 83.76
C PRO XA 278 25.25 108.60 84.38
N GLN XA 279 24.31 107.92 83.73
CA GLN XA 279 22.89 108.13 84.01
C GLN XA 279 22.09 107.03 83.32
N THR XA 280 20.76 107.19 83.20
CA THR XA 280 19.89 106.26 82.48
C THR XA 280 19.80 104.90 83.14
N ALA XA 281 19.02 104.81 84.21
CA ALA XA 281 18.79 103.57 84.92
C ALA XA 281 18.13 102.53 84.00
N GLU XA 282 18.23 101.27 84.42
CA GLU XA 282 17.88 100.13 83.58
C GLU XA 282 16.46 100.22 83.05
N SER XA 283 16.28 99.71 81.83
CA SER XA 283 14.95 99.65 81.21
C SER XA 283 14.93 98.49 80.22
N THR XA 284 13.76 97.92 80.02
CA THR XA 284 13.53 96.93 78.98
C THR XA 284 12.69 97.55 77.86
N SER XA 285 12.93 97.10 76.64
CA SER XA 285 12.26 97.68 75.48
C SER XA 285 12.26 96.68 74.35
N ARG XA 286 11.33 96.87 73.41
CA ARG XA 286 11.28 96.03 72.23
C ARG XA 286 12.34 96.45 71.24
N ILE XA 287 12.93 95.46 70.58
CA ILE XA 287 13.94 95.73 69.58
C ILE XA 287 13.29 96.40 68.37
N ALA XA 288 13.94 97.44 67.87
CA ALA XA 288 13.41 98.19 66.75
C ALA XA 288 13.23 97.31 65.52
N PRO XA 289 12.30 97.65 64.64
CA PRO XA 289 12.10 96.80 63.45
C PRO XA 289 13.34 96.69 62.59
N TYR XA 290 13.98 97.81 62.31
CA TYR XA 290 15.33 97.79 61.77
C TYR XA 290 16.28 97.30 62.86
N ALA XA 291 17.46 96.85 62.43
CA ALA XA 291 18.52 96.45 63.36
C ALA XA 291 18.05 95.34 64.29
N LYS XA 292 17.54 94.28 63.69
CA LYS XA 292 17.19 93.11 64.46
C LYS XA 292 18.44 92.34 64.84
N PRO XA 293 18.42 91.65 65.97
CA PRO XA 293 19.60 90.85 66.35
C PRO XA 293 19.83 89.72 65.38
N THR XA 294 21.02 89.16 65.45
CA THR XA 294 21.40 88.11 64.53
C THR XA 294 22.13 86.99 65.23
N SER XA 295 22.08 85.83 64.61
CA SER XA 295 23.07 84.79 64.76
C SER XA 295 24.27 85.13 63.89
N TRP XA 296 25.07 84.12 63.60
CA TRP XA 296 26.08 84.29 62.56
C TRP XA 296 27.16 85.28 62.95
N MET XA 297 28.01 84.81 63.84
CA MET XA 297 29.23 85.44 64.33
C MET XA 297 30.22 85.65 63.18
N THR XA 298 31.15 86.58 63.38
CA THR XA 298 32.18 86.85 62.40
C THR XA 298 33.24 85.75 62.39
N GLY XA 299 33.93 85.65 61.27
CA GLY XA 299 35.01 84.70 61.14
C GLY XA 299 36.16 85.00 62.07
N PRO XA 300 36.98 83.98 62.35
CA PRO XA 300 38.04 84.15 63.33
C PRO XA 300 39.26 84.87 62.77
N GLY XA 301 40.00 85.49 63.66
CA GLY XA 301 41.25 86.15 63.31
C GLY XA 301 42.08 86.33 64.56
N LEU XA 302 43.35 86.69 64.36
CA LEU XA 302 44.21 87.08 65.47
C LEU XA 302 44.84 88.43 65.14
N LEU XA 303 44.38 89.48 65.82
CA LEU XA 303 44.83 90.83 65.56
C LEU XA 303 45.77 91.44 66.61
N SER XA 304 46.07 90.75 67.70
CA SER XA 304 46.72 91.44 68.81
C SER XA 304 48.22 91.59 68.58
N ALA XA 305 48.86 90.58 68.02
CA ALA XA 305 50.30 90.47 67.95
C ALA XA 305 50.90 91.51 67.01
N GLN XA 306 52.21 91.71 67.14
CA GLN XA 306 52.99 92.55 66.25
C GLN XA 306 54.27 91.82 65.88
N ARG XA 307 54.68 91.96 64.61
CA ARG XA 307 55.91 91.32 64.17
C ARG XA 307 57.09 91.78 65.02
N VAL XA 308 58.00 90.86 65.29
CA VAL XA 308 58.99 91.00 66.34
C VAL XA 308 60.39 91.03 65.77
N GLY XA 309 61.04 92.19 65.85
CA GLY XA 309 62.46 92.27 65.66
C GLY XA 309 62.88 92.52 64.23
N PRO XA 310 64.17 92.34 63.95
CA PRO XA 310 64.70 92.69 62.63
C PRO XA 310 64.33 91.67 61.58
N ALA XA 311 64.36 92.11 60.33
CA ALA XA 311 64.12 91.21 59.22
C ALA XA 311 65.25 90.18 59.13
N THR XA 312 64.96 89.09 58.42
CA THR XA 312 65.80 87.89 58.24
C THR XA 312 65.77 87.04 59.50
N SER XA 313 65.15 87.49 60.58
CA SER XA 313 65.00 86.73 61.81
C SER XA 313 63.68 85.97 61.88
N ASP XA 314 62.91 85.96 60.80
CA ASP XA 314 61.57 85.35 60.78
C ASP XA 314 60.63 86.05 61.75
N THR XA 315 60.19 87.25 61.38
CA THR XA 315 59.22 87.95 62.20
C THR XA 315 57.82 87.62 61.71
N GLY XA 316 57.11 86.80 62.47
CA GLY XA 316 55.77 86.39 62.05
C GLY XA 316 54.63 87.01 62.82
N ALA XA 317 54.93 87.62 63.95
CA ALA XA 317 54.02 88.10 64.98
C ALA XA 317 53.31 86.96 65.71
N TRP XA 318 53.28 85.76 65.14
CA TRP XA 318 52.81 84.57 65.83
C TRP XA 318 53.77 83.45 65.47
N MET XA 319 54.46 82.91 66.47
CA MET XA 319 55.39 81.81 66.25
C MET XA 319 54.76 80.56 66.83
N VAL XA 320 54.71 79.49 66.04
CA VAL XA 320 54.11 78.26 66.50
C VAL XA 320 55.09 77.47 67.36
N ALA XA 321 56.34 77.37 66.93
CA ALA XA 321 57.41 76.67 67.61
C ALA XA 321 57.05 75.25 68.07
N VAL XA 322 57.74 74.78 69.12
CA VAL XA 322 57.52 73.47 69.71
C VAL XA 322 57.62 73.54 71.23
N LYS XA 323 58.80 73.87 71.72
CA LYS XA 323 59.13 73.84 73.14
C LYS XA 323 58.97 72.44 73.78
N PRO XA 324 59.84 71.49 73.44
CA PRO XA 324 59.93 70.28 74.25
C PRO XA 324 60.36 70.63 75.67
N GLU XA 325 60.08 69.71 76.60
CA GLU XA 325 60.05 70.07 78.00
C GLU XA 325 61.43 70.50 78.51
N ASN XA 326 62.48 69.79 78.11
CA ASN XA 326 63.81 70.23 78.50
C ASN XA 326 64.54 70.88 77.33
N ALA XA 327 65.06 70.05 76.45
CA ALA XA 327 65.84 70.46 75.28
C ALA XA 327 66.92 71.45 75.73
N SER XA 328 67.21 72.43 74.88
CA SER XA 328 67.87 73.67 75.25
C SER XA 328 67.59 74.65 74.12
N ILE XA 329 67.67 75.94 74.44
CA ILE XA 329 67.28 76.96 73.47
C ILE XA 329 68.23 78.14 73.60
N ASP XA 330 68.66 78.65 72.45
CA ASP XA 330 69.47 79.84 72.37
C ASP XA 330 68.56 81.06 72.52
N THR XA 331 69.04 82.25 72.19
CA THR XA 331 68.15 83.39 72.08
C THR XA 331 66.98 83.01 71.18
N GLY XA 332 65.78 83.36 71.61
CA GLY XA 332 64.58 82.86 70.97
C GLY XA 332 63.79 81.89 71.82
N MET XA 333 62.53 81.57 71.50
CA MET XA 333 61.67 82.10 70.41
C MET XA 333 62.36 82.19 69.03
N SER XA 334 62.41 83.37 68.44
CA SER XA 334 63.16 83.63 67.21
C SER XA 334 62.72 82.66 66.05
N GLY XA 335 63.51 81.72 65.50
CA GLY XA 335 64.65 80.99 66.04
C GLY XA 335 64.26 79.56 66.37
N ILE XA 336 62.97 79.36 66.62
CA ILE XA 336 62.35 78.04 66.61
C ILE XA 336 60.95 78.22 66.04
N GLY XA 337 60.48 77.20 65.34
CA GLY XA 337 59.15 77.26 64.76
C GLY XA 337 59.02 78.30 63.67
N SER XA 338 57.78 78.50 63.25
CA SER XA 338 57.48 79.26 62.05
C SER XA 338 56.55 80.41 62.36
N GLY XA 339 56.67 81.50 61.62
CA GLY XA 339 55.72 82.59 61.75
C GLY XA 339 54.41 82.25 61.06
N PHE XA 340 53.32 82.61 61.72
CA PHE XA 340 51.98 82.38 61.19
C PHE XA 340 51.51 83.64 60.46
N ASP XA 341 51.21 83.50 59.17
CA ASP XA 341 50.96 84.65 58.33
C ASP XA 341 49.91 84.32 57.27
N PRO XA 342 49.01 85.26 56.96
CA PRO XA 342 48.54 86.39 57.77
C PRO XA 342 47.53 86.03 58.83
N PRO XA 343 47.74 86.43 60.09
CA PRO XA 343 46.61 86.71 60.95
C PRO XA 343 46.16 88.17 60.86
N GLN XA 344 44.87 88.55 60.85
CA GLN XA 344 43.75 87.89 60.20
C GLN XA 344 43.53 86.40 60.61
N GLY XA 345 43.08 85.46 59.77
CA GLY XA 345 42.38 85.59 58.50
C GLY XA 345 41.06 86.31 58.65
N SER XA 346 40.46 86.66 57.51
CA SER XA 346 39.25 87.48 57.49
C SER XA 346 39.46 88.73 58.32
N LEU XA 347 38.44 89.12 59.09
CA LEU XA 347 38.57 90.02 60.21
C LEU XA 347 39.44 91.22 59.88
N ALA XA 348 38.90 92.18 59.13
CA ALA XA 348 39.69 93.15 58.39
C ALA XA 348 40.83 93.73 59.24
N PRO XA 349 42.05 93.78 58.71
CA PRO XA 349 43.22 94.09 59.53
C PRO XA 349 43.29 95.55 59.91
N THR XA 350 44.15 95.82 60.90
CA THR XA 350 44.38 97.17 61.38
C THR XA 350 45.31 97.92 60.44
N ASN XA 351 46.57 97.51 60.37
CA ASN XA 351 47.49 98.22 59.49
C ASN XA 351 48.09 97.28 58.46
N LEU XA 352 49.03 97.81 57.69
CA LEU XA 352 49.67 97.12 56.59
C LEU XA 352 50.32 95.82 57.04
N GLU XA 353 50.69 95.75 58.32
CA GLU XA 353 51.50 94.64 58.82
C GLU XA 353 50.80 93.30 58.63
N TYR XA 354 49.47 93.30 58.60
CA TYR XA 354 48.68 92.08 58.42
C TYR XA 354 48.19 91.87 57.00
N LYS XA 355 48.52 92.76 56.07
CA LYS XA 355 47.79 92.92 54.83
C LYS XA 355 48.34 92.02 53.72
N ILE XA 356 49.21 91.09 54.07
CA ILE XA 356 50.07 90.31 53.19
C ILE XA 356 50.91 91.29 52.38
N GLN XA 357 51.43 90.85 51.23
CA GLN XA 357 52.23 91.65 50.32
C GLN XA 357 52.94 90.64 49.41
N TRP XA 358 53.41 91.05 48.23
CA TRP XA 358 54.42 90.25 47.53
C TRP XA 358 55.06 91.11 46.46
N TYR XA 359 56.24 90.68 45.99
CA TYR XA 359 56.99 91.51 45.07
C TYR XA 359 56.74 91.17 43.62
N GLN XA 360 56.09 90.03 43.35
CA GLN XA 360 55.80 89.56 41.99
C GLN XA 360 57.00 89.71 41.05
N THR XA 361 58.20 89.54 41.58
CA THR XA 361 59.44 89.76 40.85
C THR XA 361 60.61 89.43 41.76
N PRO XA 362 61.60 88.68 41.27
CA PRO XA 362 62.79 88.45 42.09
C PRO XA 362 63.67 89.67 42.22
N GLN XA 363 63.63 90.57 41.24
CA GLN XA 363 64.43 91.79 41.32
C GLN XA 363 63.86 92.79 42.31
N GLY XA 364 62.68 92.51 42.86
CA GLY XA 364 62.03 93.46 43.75
C GLY XA 364 62.81 93.80 44.99
N THR XA 365 63.09 95.09 45.18
CA THR XA 365 63.77 95.59 46.36
C THR XA 365 62.74 95.82 47.46
N ASN XA 366 63.13 96.50 48.54
CA ASN XA 366 62.23 96.67 49.67
C ASN XA 366 60.90 97.28 49.24
N ASN XA 367 60.93 98.47 48.65
CA ASN XA 367 59.75 99.01 47.98
C ASN XA 367 60.06 99.12 46.50
N ASN XA 368 59.51 98.19 45.73
CA ASN XA 368 59.56 98.05 44.28
C ASN XA 368 58.81 96.76 44.01
N GLY XA 369 58.25 96.58 42.82
CA GLY XA 369 57.31 95.49 42.72
C GLY XA 369 56.28 95.75 43.81
N ASN XA 370 56.19 94.82 44.75
CA ASN XA 370 55.64 95.13 46.07
C ASN XA 370 54.16 95.46 46.02
N ILE XA 371 53.38 94.65 45.32
CA ILE XA 371 51.95 94.89 45.28
C ILE XA 371 51.34 94.34 46.57
N ILE XA 372 50.43 95.11 47.15
CA ILE XA 372 49.91 94.84 48.48
C ILE XA 372 48.45 94.44 48.35
N SER XA 373 48.04 93.45 49.12
CA SER XA 373 46.65 93.02 49.08
C SER XA 373 45.73 94.12 49.56
N ASN XA 374 44.47 94.04 49.16
CA ASN XA 374 43.50 95.10 49.42
C ASN XA 374 42.16 94.46 49.73
N GLN XA 375 41.22 95.27 50.20
CA GLN XA 375 39.92 94.71 50.55
C GLN XA 375 39.08 94.47 49.30
N PRO XA 376 38.43 93.32 49.18
CA PRO XA 376 37.61 93.05 48.00
C PRO XA 376 36.37 93.92 47.92
N LEU XA 377 36.01 94.57 49.03
CA LEU XA 377 34.76 95.30 49.22
C LEU XA 377 33.59 94.33 49.34
N SER XA 378 33.81 93.04 49.20
CA SER XA 378 32.84 92.03 49.61
C SER XA 378 32.55 92.19 51.09
N MET XA 379 31.30 91.91 51.48
CA MET XA 379 30.87 92.20 52.83
C MET XA 379 31.06 91.05 53.79
N LEU XA 380 31.68 89.94 53.37
CA LEU XA 380 31.67 88.79 54.25
C LEU XA 380 32.60 88.77 55.46
N ARG XA 381 33.95 88.66 55.42
CA ARG XA 381 35.05 89.16 54.55
C ARG XA 381 35.61 90.51 55.06
N ASP XA 382 34.93 91.14 56.01
CA ASP XA 382 35.53 92.31 56.66
C ASP XA 382 35.57 92.09 58.17
N GLN XA 383 34.40 91.97 58.78
CA GLN XA 383 34.22 91.27 60.04
C GLN XA 383 35.08 91.85 61.17
N ALA XA 384 34.65 93.01 61.66
CA ALA XA 384 35.14 93.43 62.95
C ALA XA 384 34.42 92.65 64.06
N LEU XA 385 34.79 92.93 65.31
CA LEU XA 385 34.00 92.51 66.45
C LEU XA 385 34.30 93.46 67.58
N PHE XA 386 33.31 93.73 68.42
CA PHE XA 386 33.32 94.91 69.28
C PHE XA 386 33.21 94.60 70.76
N ARG XA 387 32.18 93.89 71.20
CA ARG XA 387 32.02 93.59 72.63
C ARG XA 387 31.90 94.93 73.38
N GLY XA 388 32.36 94.99 74.62
CA GLY XA 388 32.44 96.23 75.38
C GLY XA 388 31.12 96.97 75.51
N ASN XA 389 31.19 98.16 76.08
CA ASN XA 389 31.98 98.41 77.28
C ASN XA 389 30.97 98.53 78.40
N GLN XA 390 29.69 98.43 77.99
CA GLN XA 390 28.48 98.97 78.61
C GLN XA 390 28.28 100.42 78.20
N THR XA 391 29.30 101.06 77.62
CA THR XA 391 29.25 102.45 77.19
C THR XA 391 29.69 102.57 75.73
N THR XA 392 30.88 102.09 75.41
CA THR XA 392 31.44 102.16 74.07
C THR XA 392 31.73 100.75 73.58
N TYR XA 393 31.76 100.57 72.27
CA TYR XA 393 32.26 99.33 71.68
C TYR XA 393 33.75 99.46 71.45
N ASN XA 394 34.49 98.38 71.71
CA ASN XA 394 35.95 98.38 71.58
C ASN XA 394 36.41 97.17 70.78
N LEU XA 395 36.97 97.42 69.61
CA LEU XA 395 37.42 96.32 68.75
C LEU XA 395 38.30 95.36 69.52
N CYS XA 396 37.98 94.07 69.42
CA CYS XA 396 38.59 93.05 70.26
C CYS XA 396 39.58 92.22 69.47
N SER XA 397 40.75 92.00 70.07
CA SER XA 397 41.75 91.07 69.57
C SER XA 397 41.24 89.64 69.68
N ASP XA 398 41.95 88.73 69.00
CA ASP XA 398 41.56 87.32 68.90
C ASP XA 398 40.27 87.20 68.12
N VAL XA 399 39.20 86.66 68.73
CA VAL XA 399 38.08 86.03 68.04
C VAL XA 399 38.51 84.69 67.45
N TRP XA 400 38.58 83.68 68.32
CA TRP XA 400 38.81 82.29 67.96
C TRP XA 400 37.56 81.68 67.32
N MET XA 401 37.59 80.38 67.07
CA MET XA 401 36.45 79.72 66.47
C MET XA 401 35.25 79.72 67.40
N PHE XA 402 34.07 79.83 66.81
CA PHE XA 402 32.80 79.95 67.51
C PHE XA 402 31.73 79.32 66.65
N PRO XA 403 30.68 78.74 67.25
CA PRO XA 403 29.75 77.90 66.48
C PRO XA 403 29.13 78.53 65.24
N ASN XA 404 28.67 79.76 65.33
CA ASN XA 404 27.88 80.33 64.24
C ASN XA 404 28.71 81.10 63.24
N GLN XA 405 30.03 81.02 63.32
CA GLN XA 405 30.86 81.90 62.51
C GLN XA 405 30.70 81.67 61.03
N ILE XA 406 30.72 82.76 60.27
CA ILE XA 406 30.90 82.71 58.83
C ILE XA 406 32.01 83.66 58.45
N TRP XA 407 32.93 83.19 57.61
CA TRP XA 407 33.90 84.05 56.99
C TRP XA 407 33.97 83.64 55.53
N ASP XA 408 34.61 84.48 54.73
CA ASP XA 408 34.78 84.19 53.33
C ASP XA 408 36.24 83.91 53.08
N ARG XA 409 36.52 82.85 52.34
CA ARG XA 409 37.89 82.48 52.07
C ARG XA 409 38.58 83.61 51.32
N TYR XA 410 39.89 83.70 51.48
CA TYR XA 410 40.64 84.81 50.91
C TYR XA 410 40.33 84.93 49.41
N PRO XA 411 40.10 86.16 48.92
CA PRO XA 411 39.61 86.32 47.54
C PRO XA 411 40.57 85.86 46.47
N ILE XA 412 41.82 85.60 46.85
CA ILE XA 412 42.97 85.30 46.00
C ILE XA 412 43.08 86.31 44.88
N THR XA 413 43.66 85.89 43.75
CA THR XA 413 44.02 86.74 42.62
C THR XA 413 44.80 85.88 41.64
N ARG XA 414 45.20 86.45 40.51
CA ARG XA 414 45.93 85.67 39.52
C ARG XA 414 47.32 85.26 39.99
N GLU XA 415 47.89 85.95 40.98
CA GLU XA 415 49.25 85.72 41.42
C GLU XA 415 49.38 84.63 42.47
N ASN XA 416 48.30 84.01 42.86
CA ASN XA 416 48.33 83.17 44.04
C ASN XA 416 48.68 81.73 43.70
N PRO XA 417 49.18 80.98 44.68
CA PRO XA 417 49.30 79.54 44.52
C PRO XA 417 47.93 78.88 44.46
N ILE XA 418 47.82 77.87 43.60
CA ILE XA 418 46.56 77.18 43.44
C ILE XA 418 46.25 76.35 44.68
N TRP XA 419 47.20 75.53 45.11
CA TRP XA 419 46.96 74.57 46.17
C TRP XA 419 48.08 74.65 47.21
N CYS XA 420 47.83 73.98 48.32
CA CYS XA 420 48.79 73.75 49.39
C CYS XA 420 48.51 72.38 49.96
N LYS XA 421 49.57 71.68 50.36
CA LYS XA 421 49.37 70.33 50.88
C LYS XA 421 48.94 70.37 52.32
N LYS XA 422 47.85 69.68 52.64
CA LYS XA 422 47.40 69.54 54.01
C LYS XA 422 48.22 68.45 54.68
N PRO XA 423 49.03 68.78 55.67
CA PRO XA 423 49.89 67.77 56.30
C PRO XA 423 49.10 66.70 57.02
N ARG XA 424 49.58 65.46 56.91
CA ARG XA 424 48.91 64.32 57.52
C ARG XA 424 49.03 64.40 59.03
N SER XA 425 47.91 64.35 59.71
CA SER XA 425 47.90 64.39 61.16
C SER XA 425 46.60 63.78 61.65
N ASP XA 426 46.59 63.39 62.92
CA ASP XA 426 45.41 62.75 63.48
C ASP XA 426 44.21 63.69 63.44
N LYS XA 427 44.34 64.87 64.04
CA LYS XA 427 43.23 65.78 64.21
C LYS XA 427 43.53 67.11 63.55
N HIS XA 428 42.47 67.77 63.09
CA HIS XA 428 42.59 69.11 62.54
C HIS XA 428 41.24 69.78 62.56
N THR XA 429 41.27 71.10 62.45
CA THR XA 429 40.07 71.94 62.37
C THR XA 429 39.67 72.18 60.93
N THR XA 430 38.85 73.22 60.69
CA THR XA 430 38.14 73.37 59.41
C THR XA 430 39.07 73.32 58.20
N ILE XA 431 40.34 73.68 58.37
CA ILE XA 431 41.31 73.75 57.27
C ILE XA 431 40.87 74.76 56.22
N ASP XA 432 40.94 76.05 56.55
CA ASP XA 432 40.86 77.10 55.54
C ASP XA 432 42.16 77.87 55.53
N PRO XA 433 43.05 77.67 54.56
CA PRO XA 433 44.30 78.43 54.54
C PRO XA 433 44.05 79.92 54.30
N PHE XA 434 44.77 80.74 55.04
CA PHE XA 434 44.60 82.19 54.94
C PHE XA 434 45.41 82.80 53.81
N ASP XA 435 46.13 81.98 53.07
CA ASP XA 435 46.80 82.39 51.85
C ASP XA 435 45.88 82.28 50.66
N GLY XA 436 44.61 82.00 50.91
CA GLY XA 436 43.76 81.52 49.84
C GLY XA 436 44.20 80.12 49.49
N SER XA 437 44.56 79.91 48.24
CA SER XA 437 45.01 78.61 47.77
C SER XA 437 44.01 77.51 48.13
N LEU XA 438 44.51 76.34 48.46
CA LEU XA 438 43.67 75.17 48.70
C LEU XA 438 44.45 74.20 49.54
N ALA XA 439 43.73 73.27 50.14
CA ALA XA 439 44.35 72.18 50.89
C ALA XA 439 43.89 70.86 50.29
N MET XA 440 44.84 69.96 50.08
CA MET XA 440 44.51 68.64 49.57
C MET XA 440 45.31 67.60 50.31
N ASP XA 441 44.69 66.43 50.54
CA ASP XA 441 45.43 65.30 51.07
C ASP XA 441 46.63 65.00 50.18
N HIS XA 442 46.37 64.72 48.92
CA HIS XA 442 47.42 64.52 47.93
C HIS XA 442 47.30 65.61 46.87
N PRO XA 443 48.16 66.61 46.89
CA PRO XA 443 48.19 67.57 45.81
C PRO XA 443 48.85 66.95 44.60
N PRO XA 444 49.05 67.70 43.51
CA PRO XA 444 49.87 67.16 42.42
C PRO XA 444 51.23 66.75 42.94
N GLY XA 445 51.61 65.52 42.62
CA GLY XA 445 52.92 65.03 43.04
C GLY XA 445 54.00 65.82 42.35
N THR XA 446 54.96 66.29 43.14
CA THR XA 446 56.07 67.05 42.57
C THR XA 446 56.87 66.15 41.64
N ILE XA 447 57.15 66.66 40.45
CA ILE XA 447 57.96 65.94 39.48
C ILE XA 447 59.40 66.37 39.67
N PHE XA 448 60.27 65.41 39.96
CA PHE XA 448 61.68 65.65 40.19
C PHE XA 448 62.46 65.21 38.97
N ILE XA 449 63.57 65.89 38.73
CA ILE XA 449 64.38 65.62 37.55
C ILE XA 449 65.84 65.93 37.87
N LYS XA 450 66.74 65.11 37.34
CA LYS XA 450 68.15 65.17 37.65
C LYS XA 450 68.92 64.81 36.40
N MET XA 451 70.22 65.11 36.40
CA MET XA 451 71.04 65.03 35.21
C MET XA 451 71.81 63.73 35.04
N ALA XA 452 71.59 62.73 35.88
CA ALA XA 452 72.19 61.42 35.62
C ALA XA 452 73.70 61.48 35.58
N LYS XA 453 74.34 61.51 36.74
CA LYS XA 453 75.78 61.71 36.84
C LYS XA 453 76.53 60.81 35.88
N ILE XA 454 77.39 61.42 35.08
CA ILE XA 454 78.26 60.68 34.17
C ILE XA 454 79.69 60.88 34.68
N PRO XA 455 80.28 59.89 35.32
CA PRO XA 455 81.60 60.08 35.91
C PRO XA 455 82.68 60.01 34.86
N VAL XA 456 83.91 60.28 35.31
CA VAL XA 456 85.06 60.26 34.41
C VAL XA 456 86.21 59.64 35.18
N PRO XA 457 87.08 58.87 34.53
CA PRO XA 457 88.12 58.15 35.26
C PRO XA 457 89.22 59.06 35.76
N SER XA 458 89.78 58.69 36.90
CA SER XA 458 90.91 59.42 37.47
C SER XA 458 91.74 58.45 38.30
N ASN XA 459 92.86 58.96 38.81
CA ASN XA 459 93.78 58.13 39.59
C ASN XA 459 93.38 58.03 41.06
N ASN XA 460 92.94 59.14 41.64
CA ASN XA 460 92.74 59.26 43.09
C ASN XA 460 91.99 58.11 43.79
N ASN XA 461 90.82 57.67 43.29
CA ASN XA 461 90.17 58.18 42.11
C ASN XA 461 89.01 59.09 42.48
N ALA XA 462 88.35 59.63 41.45
CA ALA XA 462 87.21 60.52 41.59
C ALA XA 462 87.58 61.74 42.47
N ASP XA 463 86.66 62.41 43.17
CA ASP XA 463 85.28 62.64 42.70
C ASP XA 463 85.31 63.58 41.51
N SER XA 464 84.79 63.10 40.39
CA SER XA 464 84.77 63.88 39.18
C SER XA 464 83.63 63.38 38.30
N TYR XA 465 83.11 64.27 37.48
CA TYR XA 465 81.94 63.96 36.68
C TYR XA 465 81.94 64.86 35.46
N LEU XA 466 81.12 64.48 34.49
CA LEU XA 466 81.04 65.20 33.24
C LEU XA 466 79.98 66.28 33.34
N ASN XA 467 80.29 67.46 32.82
CA ASN XA 467 79.45 68.64 33.03
C ASN XA 467 78.46 68.75 31.87
N ILE XA 468 77.17 68.56 32.17
CA ILE XA 468 76.11 68.55 31.17
C ILE XA 468 74.91 69.29 31.72
N TYR XA 469 73.95 69.55 30.85
CA TYR XA 469 72.66 70.08 31.25
C TYR XA 469 71.60 69.59 30.30
N CYS XA 470 70.36 69.60 30.74
CA CYS XA 470 69.25 69.14 29.96
C CYS XA 470 68.36 70.30 29.59
N THR XA 471 67.63 70.14 28.49
CA THR XA 471 66.73 71.16 28.02
C THR XA 471 65.56 70.47 27.35
N GLY XA 472 64.36 70.99 27.56
CA GLY XA 472 63.22 70.30 27.01
C GLY XA 472 61.96 71.10 27.23
N GLN XA 473 60.83 70.43 27.03
CA GLN XA 473 59.56 71.10 27.03
C GLN XA 473 58.58 70.37 27.92
N VAL XA 474 58.04 71.08 28.92
CA VAL XA 474 56.96 70.57 29.76
C VAL XA 474 55.66 71.14 29.21
N SER XA 475 54.64 70.31 29.13
CA SER XA 475 53.32 70.78 28.78
C SER XA 475 52.40 70.42 29.93
N CYS XA 476 51.92 71.42 30.65
CA CYS XA 476 50.99 71.20 31.75
C CYS XA 476 49.60 71.55 31.25
N GLU XA 477 48.77 70.55 31.05
CA GLU XA 477 47.41 70.72 30.55
C GLU XA 477 46.46 70.30 31.66
N ILE XA 478 45.74 71.25 32.23
CA ILE XA 478 44.89 70.97 33.38
C ILE XA 478 43.46 71.36 33.05
N VAL XA 479 42.52 70.57 33.54
CA VAL XA 479 41.11 70.75 33.32
C VAL XA 479 40.49 71.33 34.57
N TRP XA 480 39.59 72.28 34.40
CA TRP XA 480 38.99 73.00 35.52
C TRP XA 480 37.50 72.75 35.52
N GLU XA 481 36.99 72.12 36.57
CA GLU XA 481 35.56 72.13 36.79
C GLU XA 481 35.12 73.56 37.03
N VAL XA 482 34.14 74.02 36.27
CA VAL XA 482 33.77 75.42 36.27
C VAL XA 482 32.26 75.51 36.23
N GLU XA 483 31.71 76.52 36.91
CA GLU XA 483 30.27 76.71 37.00
C GLU XA 483 29.92 78.15 36.67
N ARG XA 484 28.89 78.34 35.87
CA ARG XA 484 28.56 79.64 35.31
C ARG XA 484 27.40 80.26 36.08
N TYR XA 485 27.42 81.58 36.21
CA TYR XA 485 26.53 82.25 37.14
C TYR XA 485 25.27 82.76 36.45
N ALA XA 486 24.16 82.66 37.17
CA ALA XA 486 22.92 83.30 36.81
C ALA XA 486 22.35 83.97 38.05
N THR XA 487 21.75 85.14 37.87
CA THR XA 487 21.26 85.87 39.03
C THR XA 487 20.06 86.71 38.64
N LYS XA 488 19.28 87.08 39.63
CA LYS XA 488 18.08 87.88 39.44
C LYS XA 488 18.32 89.36 39.67
N ASN XA 489 19.55 89.75 39.93
CA ASN XA 489 19.84 91.17 40.11
C ASN XA 489 19.47 91.95 38.87
N TRP XA 490 18.89 93.12 39.07
CA TRP XA 490 18.54 93.99 37.96
C TRP XA 490 19.73 94.78 37.45
N ARG XA 491 20.67 95.09 38.31
CA ARG XA 491 21.71 96.07 38.04
C ARG XA 491 22.94 95.45 37.41
N PRO XA 492 23.80 96.27 36.82
CA PRO XA 492 24.91 95.76 36.00
C PRO XA 492 25.97 94.93 36.72
N GLU XA 493 26.02 94.92 38.04
CA GLU XA 493 27.09 94.25 38.83
C GLU XA 493 28.45 94.84 38.41
N ARG XA 494 29.51 94.04 38.35
CA ARG XA 494 30.85 94.56 38.21
C ARG XA 494 31.70 93.54 37.46
N ARG XA 495 32.66 94.04 36.70
CA ARG XA 495 33.56 93.19 35.94
C ARG XA 495 34.97 93.71 36.11
N HIS XA 496 35.92 93.09 35.42
CA HIS XA 496 37.29 93.55 35.41
C HIS XA 496 37.61 94.16 34.05
N THR XA 497 37.65 95.48 34.01
CA THR XA 497 38.12 96.22 32.86
C THR XA 497 39.64 96.31 32.87
N THR XA 498 40.20 96.54 31.67
CA THR XA 498 41.54 97.06 31.60
C THR XA 498 41.67 98.43 32.23
N PHE XA 499 40.57 99.13 32.46
CA PHE XA 499 40.70 100.47 33.02
C PHE XA 499 41.22 100.45 34.45
N GLY XA 500 41.07 99.35 35.16
CA GLY XA 500 41.79 99.19 36.42
C GLY XA 500 43.29 99.18 36.20
N LEU XA 501 43.72 98.74 35.02
CA LEU XA 501 45.13 98.66 34.68
C LEU XA 501 45.68 100.05 34.41
N GLY XA 502 47.01 100.16 34.42
CA GLY XA 502 47.65 101.44 34.20
C GLY XA 502 48.95 101.27 33.45
N ILE XA 503 49.44 102.38 32.91
CA ILE XA 503 50.54 102.42 31.96
C ILE XA 503 51.86 102.33 32.71
N GLY XA 504 52.86 101.70 32.11
CA GLY XA 504 54.15 101.59 32.77
C GLY XA 504 55.24 101.07 31.86
N GLY XA 505 56.46 101.09 32.40
CA GLY XA 505 57.66 100.55 31.80
C GLY XA 505 58.38 101.54 30.91
N ALA XA 506 59.72 101.47 30.92
CA ALA XA 506 60.61 102.30 30.10
C ALA XA 506 60.17 103.75 30.05
N ASP XA 507 60.18 104.33 28.87
CA ASP XA 507 59.30 105.45 28.59
C ASP XA 507 57.88 104.93 28.69
N ASN XA 508 57.00 105.72 29.33
CA ASN XA 508 55.81 105.16 29.98
C ASN XA 508 55.03 104.23 29.07
N LEU XA 509 55.24 104.31 27.76
CA LEU XA 509 54.45 103.58 26.78
C LEU XA 509 54.39 102.08 27.09
N ASN XA 510 53.29 101.47 26.65
CA ASN XA 510 52.74 100.13 26.85
C ASN XA 510 52.01 100.12 28.18
N PRO XA 511 50.85 99.47 28.28
CA PRO XA 511 50.05 99.64 29.49
C PRO XA 511 50.50 98.86 30.71
N THR XA 512 50.22 97.56 30.73
CA THR XA 512 50.50 96.78 31.93
C THR XA 512 50.96 95.36 31.62
N TYR XA 513 50.07 94.53 31.08
CA TYR XA 513 50.52 93.21 30.67
C TYR XA 513 50.92 93.31 29.21
N HIS XA 514 52.23 93.40 28.99
CA HIS XA 514 52.73 93.79 27.68
C HIS XA 514 54.24 93.91 27.78
N VAL XA 515 54.89 93.89 26.62
CA VAL XA 515 56.33 93.97 26.56
C VAL XA 515 56.84 95.40 26.59
N ASP XA 516 58.07 95.57 27.05
CA ASP XA 516 58.81 96.82 27.03
C ASP XA 516 59.56 96.93 25.70
N LYS XA 517 60.51 97.86 25.58
CA LYS XA 517 61.09 98.11 24.25
C LYS XA 517 62.44 97.53 23.70
N ASN XA 518 63.41 96.90 24.39
CA ASN XA 518 63.70 96.72 25.82
C ASN XA 518 62.97 95.54 26.41
N GLY XA 519 62.25 94.80 25.58
CA GLY XA 519 61.07 94.11 26.04
C GLY XA 519 61.25 93.31 27.30
N THR XA 520 60.51 93.78 28.31
CA THR XA 520 60.40 93.17 29.62
C THR XA 520 58.95 93.30 30.01
N TYR XA 521 58.32 92.18 30.29
CA TYR XA 521 56.90 92.15 30.59
C TYR XA 521 56.61 93.09 31.75
N ILE XA 522 55.72 94.05 31.53
CA ILE XA 522 55.45 95.05 32.56
C ILE XA 522 54.66 94.41 33.69
N GLN XA 523 55.06 94.63 34.85
CA GLN XA 523 54.32 93.94 35.88
C GLN XA 523 53.16 94.80 36.38
N PRO XA 524 52.06 94.15 36.75
CA PRO XA 524 50.93 94.87 37.33
C PRO XA 524 51.31 95.47 38.68
N THR XA 525 50.97 96.75 38.86
CA THR XA 525 51.33 97.49 40.06
C THR XA 525 50.09 97.71 40.93
N THR XA 526 50.22 97.34 42.20
CA THR XA 526 49.24 97.09 43.26
C THR XA 526 48.19 96.03 42.93
N TRP XA 527 47.06 96.07 43.63
CA TRP XA 527 46.25 94.87 43.82
C TRP XA 527 45.21 94.71 42.73
N ASP XA 528 44.53 95.79 42.35
CA ASP XA 528 43.43 95.68 41.40
C ASP XA 528 43.89 95.24 40.02
N MET XA 529 45.13 95.58 39.65
CA MET XA 529 45.68 95.13 38.37
C MET XA 529 45.46 93.65 38.17
N CYS XA 530 46.14 92.83 38.97
CA CYS XA 530 45.77 91.44 39.09
C CYS XA 530 44.30 91.38 39.48
N PHE XA 531 43.52 90.61 38.74
CA PHE XA 531 42.08 90.73 38.89
C PHE XA 531 41.58 89.67 39.85
N PRO XA 532 41.23 90.02 41.08
CA PRO XA 532 40.90 89.00 42.07
C PRO XA 532 39.50 88.47 41.84
N VAL XA 533 39.31 87.18 42.08
CA VAL XA 533 37.95 86.70 42.17
C VAL XA 533 37.36 87.18 43.47
N LYS XA 534 36.03 87.10 43.57
CA LYS XA 534 35.23 87.38 44.76
C LYS XA 534 34.90 88.86 44.86
N THR XA 535 35.45 89.69 43.97
CA THR XA 535 35.06 91.09 43.89
C THR XA 535 33.95 91.33 42.88
N ASN XA 536 33.47 90.28 42.23
CA ASN XA 536 32.49 90.43 41.16
C ASN XA 536 31.25 89.58 41.44
N ILE XA 537 30.35 89.61 40.48
CA ILE XA 537 29.04 88.97 40.53
C ILE XA 537 28.33 89.45 41.79
N ASN XA 538 27.48 88.60 42.35
CA ASN XA 538 26.83 88.80 43.64
C ASN XA 538 26.28 87.46 44.08
N LYS XA 539 25.98 87.33 45.36
CA LYS XA 539 25.23 86.18 45.84
C LYS XA 539 24.26 86.63 46.91
N VAL XA 540 23.01 86.19 46.79
CA VAL XA 540 22.12 86.29 47.93
C VAL XA 540 22.58 85.29 48.97
N LEU XA 541 22.80 85.78 50.19
CA LEU XA 541 23.27 84.90 51.25
C LEU XA 541 22.14 83.99 51.72
N GLY YA 34 -16.96 70.95 39.01
CA GLY YA 34 -17.12 72.19 38.27
C GLY YA 34 -15.93 73.12 38.35
N SER YA 35 -16.05 74.29 37.74
CA SER YA 35 -14.97 75.26 37.73
C SER YA 35 -15.56 76.66 37.50
N GLY YA 36 -14.78 77.67 37.83
CA GLY YA 36 -15.16 79.05 37.63
C GLY YA 36 -15.65 79.71 38.90
N VAL YA 37 -16.05 80.97 38.75
CA VAL YA 37 -16.62 81.70 39.88
C VAL YA 37 -17.87 80.99 40.37
N GLY YA 38 -18.07 81.00 41.68
CA GLY YA 38 -19.20 80.34 42.28
C GLY YA 38 -18.96 78.90 42.66
N ILE YA 39 -17.76 78.37 42.43
CA ILE YA 39 -17.39 77.02 42.81
C ILE YA 39 -16.13 77.15 43.65
N SER YA 40 -16.22 76.78 44.93
CA SER YA 40 -15.07 76.92 45.81
C SER YA 40 -13.97 75.97 45.38
N THR YA 41 -12.73 76.42 45.51
CA THR YA 41 -11.64 75.60 44.99
C THR YA 41 -11.24 74.51 45.98
N GLY YA 42 -11.14 74.84 47.26
CA GLY YA 42 -10.80 73.85 48.26
C GLY YA 42 -11.46 74.21 49.56
N GLY YA 43 -11.52 73.24 50.47
CA GLY YA 43 -12.18 73.40 51.74
C GLY YA 43 -11.21 73.65 52.87
N TRP YA 44 -11.79 73.88 54.05
CA TRP YA 44 -11.01 74.12 55.25
C TRP YA 44 -10.32 72.83 55.69
N VAL YA 45 -9.22 72.98 56.42
CA VAL YA 45 -8.37 71.86 56.79
C VAL YA 45 -7.79 72.12 58.17
N GLY YA 46 -7.55 71.06 58.93
CA GLY YA 46 -6.83 71.18 60.18
C GLY YA 46 -6.98 69.94 61.04
N GLY YA 47 -6.50 70.04 62.28
CA GLY YA 47 -6.80 69.08 63.34
C GLY YA 47 -5.69 68.13 63.72
N SER YA 48 -4.51 68.27 63.14
CA SER YA 48 -3.35 67.41 63.33
C SER YA 48 -3.59 65.91 63.14
N TYR YA 49 -2.68 65.08 63.67
CA TYR YA 49 -2.77 63.64 63.40
C TYR YA 49 -2.23 62.72 64.50
N PHE YA 50 -0.90 62.76 64.70
CA PHE YA 50 -0.17 61.96 65.68
C PHE YA 50 -0.15 60.44 65.52
N THR YA 51 0.68 59.95 64.60
CA THR YA 51 1.14 58.56 64.57
C THR YA 51 2.56 58.47 65.09
N ASP YA 52 2.91 57.33 65.68
CA ASP YA 52 4.22 57.10 66.28
C ASP YA 52 5.38 57.53 65.39
N SER YA 53 5.28 57.25 64.10
CA SER YA 53 6.38 57.56 63.19
C SER YA 53 6.37 59.02 62.74
N TYR YA 54 5.20 59.64 62.63
CA TYR YA 54 5.14 61.01 62.13
C TYR YA 54 3.88 61.70 62.63
N VAL YA 55 3.93 63.02 62.60
CA VAL YA 55 2.82 63.87 63.01
C VAL YA 55 2.49 64.80 61.84
N ILE YA 56 1.23 64.81 61.42
CA ILE YA 56 0.77 65.67 60.35
C ILE YA 56 -0.06 66.79 60.97
N THR YA 57 0.45 68.00 60.92
CA THR YA 57 -0.28 69.17 61.40
C THR YA 57 -0.87 69.90 60.19
N LYS YA 58 -2.14 70.22 60.28
CA LYS YA 58 -2.86 70.88 59.20
C LYS YA 58 -3.44 72.18 59.74
N ASN YA 59 -3.37 73.23 58.94
CA ASN YA 59 -3.86 74.53 59.36
C ASN YA 59 -4.41 75.27 58.16
N THR YA 60 -5.31 76.20 58.41
CA THR YA 60 -5.93 77.00 57.38
C THR YA 60 -6.17 78.40 57.92
N ARG YA 61 -6.10 79.40 57.06
CA ARG YA 61 -6.18 80.78 57.49
C ARG YA 61 -7.03 81.59 56.53
N GLN YA 62 -7.34 82.80 56.95
CA GLN YA 62 -7.95 83.80 56.11
C GLN YA 62 -6.99 84.98 56.07
N PHE YA 63 -6.60 85.41 54.88
CA PHE YA 63 -5.59 86.45 54.77
C PHE YA 63 -6.09 87.56 53.86
N LEU YA 64 -5.40 88.70 53.88
CA LEU YA 64 -5.69 89.73 52.90
C LEU YA 64 -4.44 90.48 52.50
N VAL YA 65 -4.39 90.84 51.22
CA VAL YA 65 -3.27 91.58 50.63
C VAL YA 65 -3.75 93.00 50.38
N LYS YA 66 -2.99 93.98 50.84
CA LYS YA 66 -3.48 95.34 51.01
C LYS YA 66 -3.06 96.32 49.92
N ILE YA 67 -2.27 95.90 48.93
CA ILE YA 67 -1.57 96.83 48.02
C ILE YA 67 -0.67 97.74 48.84
N GLN YA 68 0.48 97.21 49.29
CA GLN YA 68 1.43 98.05 49.99
C GLN YA 68 2.26 98.87 49.01
N ASN YA 69 2.58 100.09 49.42
CA ASN YA 69 3.63 100.90 48.79
C ASN YA 69 3.27 101.30 47.37
N ASN YA 70 2.01 101.67 47.15
CA ASN YA 70 1.47 101.81 45.79
C ASN YA 70 1.83 100.52 45.08
N HIS YA 71 2.21 100.54 43.81
CA HIS YA 71 2.93 99.40 43.27
C HIS YA 71 4.40 99.67 43.06
N GLN YA 72 4.85 100.89 43.27
CA GLN YA 72 6.25 101.23 43.15
C GLN YA 72 7.04 100.78 44.37
N TYR YA 73 8.36 100.70 44.19
CA TYR YA 73 9.32 100.17 45.15
C TYR YA 73 9.82 101.18 46.17
N LYS YA 74 10.45 102.25 45.71
CA LYS YA 74 11.21 103.20 46.52
C LYS YA 74 12.36 102.54 47.27
N THR YA 75 12.80 103.18 48.36
CA THR YA 75 13.93 102.71 49.15
C THR YA 75 13.61 102.86 50.64
N GLU YA 76 13.24 104.08 51.03
CA GLU YA 76 12.63 104.48 52.29
C GLU YA 76 13.56 104.85 53.44
N LEU YA 77 14.84 104.49 53.38
CA LEU YA 77 15.85 104.99 54.33
C LEU YA 77 15.28 105.09 55.74
N ILE YA 78 15.05 103.94 56.37
CA ILE YA 78 14.02 103.85 57.42
C ILE YA 78 14.24 104.85 58.56
N SER YA 79 15.16 104.55 59.47
CA SER YA 79 15.61 105.42 60.55
C SER YA 79 14.51 105.79 61.53
N PRO YA 80 14.82 106.01 62.79
CA PRO YA 80 14.08 107.01 63.56
C PRO YA 80 14.86 108.31 63.57
N SER YA 81 14.34 109.35 64.21
CA SER YA 81 15.18 110.51 64.51
C SER YA 81 14.90 111.14 65.88
N THR YA 82 15.87 111.24 66.79
CA THR YA 82 17.12 110.44 66.95
C THR YA 82 17.96 110.08 65.71
N SER YA 83 18.33 111.12 64.96
CA SER YA 83 19.12 110.92 63.73
C SER YA 83 20.41 110.17 63.99
N GLN YA 84 20.85 110.07 65.24
CA GLN YA 84 22.02 109.26 65.59
C GLN YA 84 21.81 107.79 65.31
N GLY YA 85 20.58 107.37 65.01
CA GLY YA 85 20.30 105.96 64.82
C GLY YA 85 21.00 105.38 63.60
N LYS YA 86 20.77 104.08 63.40
CA LYS YA 86 21.44 103.38 62.31
C LYS YA 86 20.97 103.87 60.95
N SER YA 87 19.66 104.07 60.78
CA SER YA 87 19.10 104.64 59.57
C SER YA 87 19.38 103.76 58.36
N GLN YA 88 19.10 102.47 58.49
CA GLN YA 88 19.24 101.56 57.35
C GLN YA 88 18.34 102.00 56.20
N ARG YA 89 18.86 101.92 54.98
CA ARG YA 89 18.13 102.47 53.84
C ARG YA 89 17.03 101.52 53.36
N CYS YA 90 17.31 100.22 53.41
CA CYS YA 90 16.41 99.17 52.93
C CYS YA 90 15.89 99.36 51.52
N VAL YA 91 14.79 98.69 51.22
CA VAL YA 91 14.05 98.77 49.96
C VAL YA 91 12.63 98.33 50.29
N SER YA 92 11.64 99.00 49.72
CA SER YA 92 10.27 98.56 49.89
C SER YA 92 9.78 98.03 48.56
N THR YA 93 8.85 97.09 48.60
CA THR YA 93 8.32 96.47 47.40
C THR YA 93 6.81 96.41 47.49
N PRO YA 94 6.11 96.33 46.35
CA PRO YA 94 4.66 96.11 46.39
C PRO YA 94 4.28 94.75 46.94
N TRP YA 95 5.21 93.83 47.06
CA TRP YA 95 4.89 92.45 47.40
C TRP YA 95 4.67 92.27 48.89
N SER YA 96 3.84 91.28 49.20
CA SER YA 96 3.64 90.78 50.55
C SER YA 96 4.01 89.31 50.54
N TYR YA 97 4.27 88.74 51.72
CA TYR YA 97 4.75 87.38 51.76
C TYR YA 97 4.12 86.62 52.91
N PHE YA 98 4.11 85.29 52.75
CA PHE YA 98 3.63 84.38 53.78
C PHE YA 98 4.81 83.90 54.60
N ASN YA 99 4.76 84.17 55.90
CA ASN YA 99 5.75 83.65 56.84
C ASN YA 99 5.09 82.53 57.63
N PHE YA 100 5.54 81.30 57.41
CA PHE YA 100 5.03 80.15 58.13
C PHE YA 100 5.90 79.73 59.29
N ASN YA 101 6.94 80.48 59.61
CA ASN YA 101 7.99 80.00 60.49
C ASN YA 101 7.66 80.35 61.93
N GLN YA 102 7.21 79.36 62.68
CA GLN YA 102 7.01 79.38 64.12
C GLN YA 102 6.36 78.07 64.49
N TYR YA 103 6.51 77.66 65.75
CA TYR YA 103 5.83 76.44 66.17
C TYR YA 103 4.39 76.70 66.55
N SER YA 104 4.14 77.79 67.27
CA SER YA 104 2.81 78.07 67.76
C SER YA 104 1.80 78.24 66.64
N SER YA 105 2.25 78.41 65.41
CA SER YA 105 1.33 78.51 64.29
C SER YA 105 0.80 77.14 63.91
N HIS YA 106 1.65 76.12 63.94
CA HIS YA 106 1.30 74.81 63.44
C HIS YA 106 0.81 73.85 64.52
N PHE YA 107 0.94 74.21 65.80
CA PHE YA 107 0.59 73.31 66.89
C PHE YA 107 -0.34 74.01 67.86
N SER YA 108 -1.48 73.40 68.13
CA SER YA 108 -2.31 73.86 69.21
C SER YA 108 -1.59 73.63 70.53
N PRO YA 109 -1.96 74.36 71.57
CA PRO YA 109 -1.35 74.10 72.88
C PRO YA 109 -1.49 72.68 73.35
N GLN YA 110 -2.46 71.91 72.84
CA GLN YA 110 -2.48 70.50 73.14
C GLN YA 110 -1.64 69.66 72.18
N ASP YA 111 -1.66 69.95 70.89
CA ASP YA 111 -0.82 69.20 69.97
C ASP YA 111 0.65 69.32 70.37
N TRP YA 112 1.15 70.54 70.46
CA TRP YA 112 2.31 70.78 71.28
C TRP YA 112 1.94 70.36 72.69
N GLN YA 113 2.88 69.77 73.41
CA GLN YA 113 2.65 69.05 74.67
C GLN YA 113 2.11 67.66 74.46
N ARG YA 114 1.52 67.36 73.32
CA ARG YA 114 1.37 65.95 73.01
C ARG YA 114 2.64 65.37 72.45
N LEU YA 115 3.35 66.12 71.61
CA LEU YA 115 4.67 65.67 71.17
C LEU YA 115 5.75 65.99 72.19
N THR YA 116 5.66 67.12 72.86
CA THR YA 116 6.68 67.46 73.84
C THR YA 116 6.71 66.44 74.97
N ASN YA 117 5.55 65.88 75.32
CA ASN YA 117 5.51 64.85 76.34
C ASN YA 117 5.87 63.48 75.77
N GLU YA 118 5.37 63.16 74.59
CA GLU YA 118 5.40 61.78 74.12
C GLU YA 118 6.54 61.42 73.18
N TYR YA 119 7.41 62.36 72.83
CA TYR YA 119 8.42 62.03 71.81
C TYR YA 119 9.79 62.57 72.17
N LYS YA 120 10.82 61.81 71.78
CA LYS YA 120 12.20 62.25 71.95
C LYS YA 120 12.51 63.45 71.07
N ARG YA 121 12.20 63.34 69.78
CA ARG YA 121 12.74 64.28 68.84
C ARG YA 121 11.81 64.36 67.64
N PHE YA 122 11.89 65.48 66.95
CA PHE YA 122 11.05 65.68 65.77
C PHE YA 122 11.74 66.67 64.87
N ARG YA 123 11.46 66.54 63.57
CA ARG YA 123 11.89 67.52 62.61
C ARG YA 123 10.85 67.57 61.52
N PRO YA 124 10.60 68.72 60.92
CA PRO YA 124 9.62 68.77 59.84
C PRO YA 124 10.14 68.00 58.63
N LYS YA 125 9.32 67.07 58.14
CA LYS YA 125 9.70 66.27 56.99
C LYS YA 125 9.38 66.97 55.68
N GLY YA 126 8.21 67.58 55.59
CA GLY YA 126 7.77 68.20 54.35
C GLY YA 126 6.73 69.24 54.64
N MET YA 127 6.34 69.97 53.60
CA MET YA 127 5.40 71.07 53.74
C MET YA 127 4.61 71.20 52.46
N HIS YA 128 3.32 71.50 52.60
CA HIS YA 128 2.43 71.61 51.46
C HIS YA 128 1.51 72.78 51.70
N VAL YA 129 1.52 73.76 50.79
CA VAL YA 129 0.79 75.00 50.98
C VAL YA 129 -0.16 75.17 49.80
N LYS YA 130 -1.36 75.64 50.08
CA LYS YA 130 -2.38 75.82 49.05
C LYS YA 130 -3.05 77.17 49.25
N ILE YA 131 -2.96 78.02 48.22
CA ILE YA 131 -3.75 79.24 48.15
C ILE YA 131 -5.01 78.89 47.41
N TYR YA 132 -6.16 79.33 47.92
CA TYR YA 132 -7.41 79.05 47.24
C TYR YA 132 -8.49 79.94 47.81
N ASN YA 133 -9.68 79.84 47.22
CA ASN YA 133 -10.83 80.63 47.62
C ASN YA 133 -10.50 82.12 47.63
N LEU YA 134 -9.94 82.61 46.53
CA LEU YA 134 -9.51 83.98 46.46
C LEU YA 134 -10.69 84.91 46.21
N GLN YA 135 -10.56 86.16 46.65
CA GLN YA 135 -11.59 87.17 46.47
C GLN YA 135 -10.92 88.50 46.22
N ILE YA 136 -11.40 89.27 45.25
CA ILE YA 136 -10.90 90.61 44.99
C ILE YA 136 -12.07 91.55 45.21
N LYS YA 137 -11.99 92.42 46.22
CA LYS YA 137 -13.19 93.11 46.66
C LYS YA 137 -13.32 94.56 46.22
N GLN YA 138 -12.34 95.16 45.57
CA GLN YA 138 -12.54 96.47 44.94
C GLN YA 138 -13.01 97.52 45.95
N ILE YA 139 -12.09 98.00 46.77
CA ILE YA 139 -12.41 99.08 47.69
C ILE YA 139 -12.96 100.28 46.94
N LEU YA 140 -14.04 100.87 47.47
CA LEU YA 140 -14.54 102.16 46.99
C LEU YA 140 -14.70 103.11 48.16
N SER YA 141 -14.56 104.39 47.86
CA SER YA 141 -14.76 105.45 48.84
C SER YA 141 -15.58 106.56 48.21
N ASN YA 142 -16.76 106.82 48.77
CA ASN YA 142 -17.58 107.96 48.39
C ASN YA 142 -17.27 109.16 49.27
N GLY YA 143 -16.25 109.06 50.11
CA GLY YA 143 -15.99 109.96 51.20
C GLY YA 143 -16.55 109.34 52.47
N ALA YA 144 -15.82 109.51 53.57
CA ALA YA 144 -16.06 108.80 54.83
C ALA YA 144 -16.20 107.31 54.50
N ASP YA 145 -17.07 106.57 55.19
CA ASP YA 145 -17.61 105.25 54.84
C ASP YA 145 -16.60 104.29 54.22
N THR YA 146 -17.10 103.48 53.28
CA THR YA 146 -16.42 102.65 52.27
C THR YA 146 -17.48 101.76 51.64
N THR YA 147 -17.20 101.21 50.47
CA THR YA 147 -18.05 100.17 49.91
C THR YA 147 -17.15 99.17 49.20
N TYR YA 148 -17.62 97.93 49.13
CA TYR YA 148 -16.87 96.83 48.51
C TYR YA 148 -17.79 96.18 47.49
N ASN YA 149 -17.46 96.32 46.21
CA ASN YA 149 -18.38 95.86 45.17
C ASN YA 149 -18.12 94.41 44.82
N ASN YA 150 -17.28 93.75 45.59
CA ASN YA 150 -16.60 92.55 45.17
C ASN YA 150 -15.86 92.89 43.89
N ASP YA 151 -15.73 91.94 42.98
CA ASP YA 151 -15.07 92.18 41.71
C ASP YA 151 -14.95 90.83 41.01
N LEU YA 152 -14.80 90.89 39.70
CA LEU YA 152 -14.35 89.76 38.91
C LEU YA 152 -13.36 90.32 37.92
N THR YA 153 -12.82 89.46 37.06
CA THR YA 153 -11.83 89.85 36.09
C THR YA 153 -10.69 90.63 36.74
N ALA YA 154 -10.25 90.19 37.90
CA ALA YA 154 -9.09 90.77 38.58
C ALA YA 154 -8.14 89.63 38.95
N GLY YA 155 -6.93 89.97 39.37
CA GLY YA 155 -5.88 89.00 39.49
C GLY YA 155 -4.98 89.24 40.67
N VAL YA 156 -4.23 88.21 41.00
CA VAL YA 156 -3.31 88.22 42.13
C VAL YA 156 -2.05 87.49 41.70
N HIS YA 157 -0.91 88.14 41.88
CA HIS YA 157 0.37 87.52 41.59
C HIS YA 157 0.79 86.68 42.77
N ILE YA 158 1.28 85.47 42.49
CA ILE YA 158 1.77 84.57 43.53
C ILE YA 158 3.08 83.98 43.06
N PHE YA 159 4.12 84.15 43.86
CA PHE YA 159 5.46 83.77 43.48
C PHE YA 159 6.13 83.06 44.64
N CYS YA 160 6.88 82.00 44.33
CA CYS YA 160 7.58 81.22 45.33
C CYS YA 160 9.06 81.12 44.96
N ASP YA 161 9.91 80.98 45.97
CA ASP YA 161 11.34 80.82 45.78
C ASP YA 161 11.73 79.35 45.96
N GLY YA 162 12.07 78.68 44.87
CA GLY YA 162 12.66 77.37 45.01
C GLY YA 162 14.17 77.45 45.03
N GLU YA 163 14.70 78.51 44.41
CA GLU YA 163 16.14 78.70 44.33
C GLU YA 163 16.69 79.52 45.48
N HIS YA 164 15.82 80.19 46.23
CA HIS YA 164 16.20 81.20 47.21
C HIS YA 164 17.09 82.28 46.63
N ALA YA 165 16.96 82.56 45.33
CA ALA YA 165 17.29 83.88 44.85
C ALA YA 165 16.33 84.87 45.48
N TYR YA 166 16.73 86.14 45.50
CA TYR YA 166 16.03 87.22 46.17
C TYR YA 166 16.32 87.23 47.67
N PRO YA 167 16.26 88.40 48.28
CA PRO YA 167 16.78 88.56 49.65
C PRO YA 167 16.03 87.84 50.76
N ASN YA 168 14.91 87.18 50.49
CA ASN YA 168 14.17 86.32 51.43
C ASN YA 168 13.88 86.97 52.79
N ALA YA 169 12.82 87.78 52.84
CA ALA YA 169 12.49 88.58 54.01
C ALA YA 169 12.55 87.80 55.32
N THR YA 170 12.12 86.54 55.32
CA THR YA 170 11.89 85.83 56.56
C THR YA 170 13.12 85.87 57.46
N HIS YA 171 12.91 86.33 58.68
CA HIS YA 171 13.87 86.35 59.77
C HIS YA 171 13.21 85.60 60.91
N PRO YA 172 13.98 84.83 61.70
CA PRO YA 172 13.35 83.91 62.65
C PRO YA 172 12.29 84.51 63.55
N TRP YA 173 12.55 85.62 64.19
CA TRP YA 173 11.60 86.09 65.21
C TRP YA 173 10.52 86.94 64.55
N ASP YA 174 10.88 88.15 64.13
CA ASP YA 174 9.98 89.06 63.43
C ASP YA 174 8.68 89.14 64.23
N GLU YA 175 7.53 89.02 63.58
CA GLU YA 175 6.22 89.22 64.15
C GLU YA 175 5.36 88.17 63.48
N ASP YA 176 4.04 88.33 63.57
CA ASP YA 176 3.09 87.78 62.59
C ASP YA 176 3.32 86.28 62.45
N VAL YA 177 3.85 85.79 61.34
CA VAL YA 177 3.80 84.40 60.92
C VAL YA 177 2.31 84.12 60.83
N MET YA 178 1.89 82.90 61.10
CA MET YA 178 0.47 82.64 61.12
C MET YA 178 -0.05 82.99 62.50
N PRO YA 179 -1.27 83.48 62.62
CA PRO YA 179 -1.81 83.67 63.97
C PRO YA 179 -1.92 82.30 64.61
N GLU YA 180 -1.39 82.19 65.83
CA GLU YA 180 -1.37 80.91 66.51
C GLU YA 180 -2.76 80.32 66.61
N LEU YA 181 -3.77 81.15 66.49
CA LEU YA 181 -5.16 80.81 66.69
C LEU YA 181 -5.87 80.87 65.35
N PRO YA 182 -6.51 79.81 64.85
CA PRO YA 182 -7.23 79.92 63.58
C PRO YA 182 -8.40 80.87 63.68
N TYR YA 183 -9.23 80.97 62.65
CA TYR YA 183 -10.36 81.89 62.57
C TYR YA 183 -9.92 83.34 62.70
N GLN YA 184 -8.66 83.55 63.02
CA GLN YA 184 -8.11 84.88 63.16
C GLN YA 184 -7.50 85.27 61.84
N THR YA 185 -8.04 86.31 61.21
CA THR YA 185 -7.58 86.69 59.89
C THR YA 185 -6.11 87.07 59.92
N TRP YA 186 -5.40 86.77 58.84
CA TRP YA 186 -3.96 86.90 58.81
C TRP YA 186 -3.56 88.01 57.85
N TYR YA 187 -3.10 89.12 58.39
CA TYR YA 187 -2.70 90.25 57.59
C TYR YA 187 -1.25 90.06 57.16
N LEU YA 188 -1.03 90.09 55.86
CA LEU YA 188 0.31 89.96 55.33
C LEU YA 188 1.11 91.24 55.53
N PHE YA 189 2.42 91.10 55.43
CA PHE YA 189 3.35 92.20 55.65
C PHE YA 189 4.18 92.45 54.41
N GLN YA 190 4.56 93.70 54.23
CA GLN YA 190 5.25 94.11 53.02
C GLN YA 190 6.64 93.49 52.94
N TYR YA 191 7.05 93.15 51.73
CA TYR YA 191 8.38 92.59 51.51
C TYR YA 191 9.39 93.69 51.28
N GLY YA 192 10.50 93.63 51.99
CA GLY YA 192 11.57 94.59 51.83
C GLY YA 192 12.88 93.91 52.14
N TYR YA 193 13.97 94.62 51.82
CA TYR YA 193 15.27 94.05 52.08
C TYR YA 193 16.29 95.16 52.16
N ILE YA 194 17.41 94.86 52.83
CA ILE YA 194 18.52 95.80 52.93
C ILE YA 194 19.44 95.60 51.73
N PRO YA 195 19.50 96.53 50.79
CA PRO YA 195 20.47 96.37 49.70
C PRO YA 195 21.91 96.47 50.17
N VAL YA 196 22.24 97.47 50.98
CA VAL YA 196 23.59 97.70 51.49
C VAL YA 196 23.49 98.49 52.79
N ILE YA 197 24.50 98.32 53.64
CA ILE YA 197 24.62 99.12 54.86
C ILE YA 197 24.53 100.59 54.50
N HIS YA 198 23.68 101.32 55.21
CA HIS YA 198 23.45 102.72 54.86
C HIS YA 198 24.72 103.55 55.05
N GLU YA 199 25.29 103.51 56.25
CA GLU YA 199 26.65 103.99 56.38
C GLU YA 199 27.54 103.14 55.50
N LEU YA 200 28.70 103.69 55.11
CA LEU YA 200 29.51 103.04 54.08
C LEU YA 200 28.74 103.03 52.75
N ALA YA 201 28.83 104.16 52.03
CA ALA YA 201 27.92 104.65 50.98
C ALA YA 201 26.98 105.75 51.43
N GLU YA 202 27.10 106.24 52.66
CA GLU YA 202 26.25 107.36 53.09
C GLU YA 202 26.15 108.54 52.10
N MET YA 203 27.23 109.03 51.46
CA MET YA 203 28.64 108.78 51.73
C MET YA 203 29.29 110.13 52.01
N GLU YA 204 30.43 110.13 52.69
CA GLU YA 204 31.00 111.39 53.14
C GLU YA 204 32.04 111.91 52.16
N ASP YA 205 31.68 112.97 51.43
CA ASP YA 205 32.59 113.71 50.57
C ASP YA 205 33.40 112.78 49.67
N SER YA 206 34.67 113.12 49.46
CA SER YA 206 35.69 112.20 48.96
C SER YA 206 35.12 111.37 47.75
N ASN YA 207 35.00 110.03 47.68
CA ASN YA 207 35.51 108.98 48.56
C ASN YA 207 36.12 107.86 47.74
N ALA YA 208 35.27 107.26 46.91
CA ALA YA 208 35.58 106.21 45.95
C ALA YA 208 35.73 104.84 46.61
N VAL YA 209 35.92 104.82 47.93
CA VAL YA 209 35.79 103.56 48.67
C VAL YA 209 34.33 103.32 49.03
N GLU YA 210 33.60 104.37 49.40
CA GLU YA 210 32.17 104.23 49.59
C GLU YA 210 31.39 104.52 48.31
N LYS YA 211 32.05 105.10 47.30
CA LYS YA 211 31.43 105.19 45.99
C LYS YA 211 31.19 103.81 45.44
N ALA YA 212 32.25 103.00 45.38
CA ALA YA 212 32.04 101.57 45.32
C ALA YA 212 31.36 101.13 46.62
N ILE YA 213 30.60 100.04 46.53
CA ILE YA 213 29.69 99.54 47.54
C ILE YA 213 28.41 100.36 47.52
N CYS YA 214 28.48 101.59 47.02
CA CYS YA 214 27.25 102.30 46.65
C CYS YA 214 26.85 101.95 45.23
N LEU YA 215 27.82 101.91 44.32
CA LEU YA 215 27.55 101.51 42.95
C LEU YA 215 27.14 100.05 42.87
N GLN YA 216 27.62 99.23 43.79
CA GLN YA 216 27.41 97.80 43.66
C GLN YA 216 26.13 97.33 44.34
N ILE YA 217 25.33 98.24 44.90
CA ILE YA 217 24.17 97.78 45.65
C ILE YA 217 23.27 97.07 44.65
N PRO YA 218 22.92 95.83 44.89
CA PRO YA 218 22.05 95.11 43.96
C PRO YA 218 20.61 95.56 44.14
N PHE YA 219 19.85 95.43 43.07
CA PHE YA 219 18.44 95.79 43.08
C PHE YA 219 17.65 94.61 42.56
N PHE YA 220 16.85 94.01 43.44
CA PHE YA 220 16.10 92.81 43.13
C PHE YA 220 14.65 93.17 42.90
N MET YA 221 14.02 92.46 41.97
CA MET YA 221 12.65 92.70 41.60
C MET YA 221 11.98 91.36 41.44
N LEU YA 222 10.78 91.23 41.96
CA LEU YA 222 10.09 89.96 41.86
C LEU YA 222 9.36 89.80 40.55
N GLU YA 223 9.50 90.76 39.63
CA GLU YA 223 8.81 90.60 38.36
C GLU YA 223 9.58 89.64 37.49
N ASN YA 224 10.70 90.05 36.89
CA ASN YA 224 11.81 89.15 36.62
C ASN YA 224 11.37 87.72 36.37
N SER YA 225 11.82 86.81 37.22
CA SER YA 225 11.40 85.42 37.14
C SER YA 225 9.88 85.30 37.14
N ASP YA 226 9.38 84.38 36.34
CA ASP YA 226 7.95 84.27 36.10
C ASP YA 226 7.21 83.76 37.33
N HIS YA 227 5.92 84.05 37.38
CA HIS YA 227 5.07 83.64 38.48
C HIS YA 227 3.63 83.63 38.02
N GLU YA 228 2.78 83.00 38.81
CA GLU YA 228 1.40 82.79 38.42
C GLU YA 228 0.53 83.96 38.85
N VAL YA 229 -0.42 84.31 37.99
CA VAL YA 229 -1.50 85.22 38.34
C VAL YA 229 -2.75 84.37 38.48
N LEU YA 230 -3.64 84.77 39.38
CA LEU YA 230 -4.85 84.00 39.66
C LEU YA 230 -6.04 84.92 39.70
N ARG YA 231 -7.08 84.58 38.95
CA ARG YA 231 -8.37 85.18 39.23
C ARG YA 231 -9.01 84.41 40.37
N THR YA 232 -10.30 84.66 40.61
CA THR YA 232 -10.98 84.03 41.73
C THR YA 232 -10.99 82.51 41.62
N GLY YA 233 -11.55 81.97 40.54
CA GLY YA 233 -11.76 80.53 40.46
C GLY YA 233 -10.50 79.69 40.56
N GLU YA 234 -9.35 80.28 40.26
CA GLU YA 234 -8.10 79.53 40.26
C GLU YA 234 -7.52 79.42 41.66
N SER YA 235 -6.67 78.41 41.85
CA SER YA 235 -5.90 78.23 43.07
C SER YA 235 -4.45 77.88 42.72
N THR YA 236 -3.65 77.61 43.75
CA THR YA 236 -2.26 77.25 43.56
C THR YA 236 -1.81 76.37 44.71
N GLU YA 237 -0.91 75.43 44.42
CA GLU YA 237 -0.29 74.60 45.43
C GLU YA 237 1.21 74.82 45.42
N PHE YA 238 1.83 74.57 46.57
CA PHE YA 238 3.28 74.57 46.69
C PHE YA 238 3.70 73.45 47.61
N THR YA 239 4.80 72.80 47.29
CA THR YA 239 5.35 71.76 48.15
C THR YA 239 6.76 72.12 48.56
N PHE YA 240 7.21 71.52 49.65
CA PHE YA 240 8.56 71.75 50.14
C PHE YA 240 9.05 70.48 50.80
N ASN YA 241 10.35 70.23 50.67
CA ASN YA 241 11.00 69.13 51.37
C ASN YA 241 12.15 69.70 52.15
N PHE YA 242 12.48 69.05 53.26
CA PHE YA 242 13.43 69.58 54.21
C PHE YA 242 14.60 68.62 54.36
N ASP YA 243 15.80 69.12 54.10
CA ASP YA 243 17.01 68.51 54.64
C ASP YA 243 17.29 69.23 55.95
N CYS YA 244 17.09 68.54 57.05
CA CYS YA 244 16.85 69.24 58.30
C CYS YA 244 17.38 68.40 59.46
N GLU YA 245 17.89 69.09 60.47
CA GLU YA 245 18.41 68.44 61.67
C GLU YA 245 17.30 68.24 62.69
N TRP YA 246 17.37 67.11 63.40
CA TRP YA 246 16.41 66.86 64.46
C TRP YA 246 16.52 67.93 65.53
N ILE YA 247 15.39 68.24 66.17
CA ILE YA 247 15.40 68.99 67.41
C ILE YA 247 14.99 68.03 68.51
N ASN YA 248 15.82 67.94 69.54
CA ASN YA 248 15.72 66.86 70.51
C ASN YA 248 15.01 67.32 71.77
N ASN YA 249 13.96 66.61 72.13
CA ASN YA 249 13.30 66.78 73.42
C ASN YA 249 13.79 65.65 74.32
N GLU YA 250 14.65 65.99 75.27
CA GLU YA 250 15.42 65.06 76.08
C GLU YA 250 16.14 65.88 77.12
N ARG YA 251 16.56 65.22 78.18
CA ARG YA 251 17.14 65.91 79.32
C ARG YA 251 18.30 65.08 79.85
N ALA YA 252 19.43 65.73 80.09
CA ALA YA 252 20.55 65.10 80.74
C ALA YA 252 20.41 65.33 82.23
N TYR YA 253 20.29 64.25 82.99
CA TYR YA 253 20.14 64.36 84.44
C TYR YA 253 21.45 64.66 85.14
N ILE YA 254 22.59 64.53 84.46
CA ILE YA 254 23.89 64.87 85.01
C ILE YA 254 24.73 65.56 83.95
N PRO YA 255 25.70 66.35 84.36
CA PRO YA 255 26.67 66.89 83.41
C PRO YA 255 27.41 65.76 82.72
N PRO YA 256 27.94 65.99 81.52
CA PRO YA 256 28.69 64.92 80.87
C PRO YA 256 29.95 64.53 81.59
N GLY YA 257 30.55 65.44 82.34
CA GLY YA 257 31.73 65.11 83.11
C GLY YA 257 31.46 64.39 84.41
N LEU YA 258 30.19 64.19 84.74
CA LEU YA 258 29.82 63.54 85.98
C LEU YA 258 29.56 62.05 85.80
N MET YA 259 29.86 61.52 84.61
CA MET YA 259 29.60 60.11 84.30
C MET YA 259 30.81 59.30 84.71
N PHE YA 260 30.65 58.50 85.76
CA PHE YA 260 31.69 57.58 86.22
C PHE YA 260 31.14 56.84 87.43
N ASN YA 261 31.77 55.73 87.75
CA ASN YA 261 31.39 55.00 88.94
C ASN YA 261 32.21 55.54 90.10
N PRO YA 262 31.62 56.30 91.01
CA PRO YA 262 32.40 56.92 92.07
C PRO YA 262 32.88 55.93 93.11
N LEU YA 263 32.33 54.72 93.12
CA LEU YA 263 32.79 53.70 94.04
C LEU YA 263 34.19 53.22 93.68
N VAL YA 264 34.46 53.06 92.39
CA VAL YA 264 35.71 52.45 91.96
C VAL YA 264 36.84 53.47 92.10
N PRO YA 265 37.98 53.10 92.68
CA PRO YA 265 39.12 54.02 92.72
C PRO YA 265 39.65 54.27 91.32
N THR YA 266 40.41 55.35 91.20
CA THR YA 266 40.96 55.75 89.92
C THR YA 266 42.48 55.65 89.95
N ARG YA 267 43.06 55.36 88.79
CA ARG YA 267 44.50 55.46 88.65
C ARG YA 267 44.86 56.75 87.94
N ARG YA 268 45.31 57.72 88.73
CA ARG YA 268 45.60 59.08 88.27
C ARG YA 268 46.19 59.81 89.46
N ALA YA 269 46.84 60.95 89.24
CA ALA YA 269 47.44 61.67 90.34
C ALA YA 269 47.34 63.16 90.10
N GLN YA 270 47.40 63.91 91.19
CA GLN YA 270 47.33 65.36 91.19
C GLN YA 270 48.62 65.89 91.76
N TYR YA 271 49.43 66.54 90.92
CA TYR YA 271 50.53 67.35 91.42
C TYR YA 271 49.96 68.75 91.63
N ILE YA 272 50.30 69.35 92.76
CA ILE YA 272 49.84 70.69 93.08
C ILE YA 272 51.04 71.56 93.38
N ARG YA 273 51.17 72.67 92.66
CA ARG YA 273 52.32 73.54 92.79
C ARG YA 273 52.41 74.13 94.20
N ARG YA 274 53.62 74.51 94.59
CA ARG YA 274 53.81 75.28 95.81
C ARG YA 274 52.87 76.48 95.81
N ASN YA 275 52.19 76.68 96.93
CA ASN YA 275 51.08 77.63 96.94
C ASN YA 275 51.57 79.07 96.98
N ASN YA 276 52.76 79.31 97.52
CA ASN YA 276 53.35 80.65 97.60
C ASN YA 276 52.36 81.62 98.25
N ASN YA 277 52.21 81.48 99.56
CA ASN YA 277 51.13 82.06 100.37
C ASN YA 277 49.84 81.32 100.02
N PRO YA 278 48.96 81.11 101.01
CA PRO YA 278 49.28 81.19 102.45
C PRO YA 278 50.30 80.16 102.93
N GLN YA 279 50.14 78.90 102.51
CA GLN YA 279 50.82 77.79 103.15
C GLN YA 279 50.65 76.55 102.28
N THR YA 280 50.93 75.35 102.82
CA THR YA 280 50.72 74.08 102.13
C THR YA 280 51.61 73.90 100.91
N ALA YA 281 52.87 73.57 101.15
CA ALA YA 281 53.83 73.31 100.09
C ALA YA 281 53.39 72.13 99.23
N GLU YA 282 53.98 72.07 98.02
CA GLU YA 282 53.51 71.17 96.97
C GLU YA 282 53.47 69.72 97.43
N SER YA 283 52.50 68.98 96.90
CA SER YA 283 52.36 67.56 97.17
C SER YA 283 51.65 66.90 96.01
N THR YA 284 51.96 65.62 95.78
CA THR YA 284 51.25 64.80 94.83
C THR YA 284 50.38 63.79 95.56
N SER YA 285 49.24 63.44 94.97
CA SER YA 285 48.29 62.57 95.63
C SER YA 285 47.42 61.89 94.58
N ARG YA 286 46.82 60.77 94.96
CA ARG YA 286 45.90 60.08 94.08
C ARG YA 286 44.55 60.78 94.08
N ILE YA 287 43.92 60.83 92.91
CA ILE YA 287 42.61 61.43 92.79
C ILE YA 287 41.59 60.58 93.51
N ALA YA 288 40.72 61.23 94.28
CA ALA YA 288 39.72 60.53 95.06
C ALA YA 288 38.81 59.71 94.16
N PRO YA 289 38.22 58.63 94.69
CA PRO YA 289 37.34 57.81 93.84
C PRO YA 289 36.17 58.58 93.30
N TYR YA 290 35.48 59.33 94.16
CA TYR YA 290 34.56 60.34 93.70
C TYR YA 290 35.33 61.47 93.04
N ALA YA 291 34.63 62.26 92.23
CA ALA YA 291 35.22 63.45 91.62
C ALA YA 291 36.43 63.09 90.77
N LYS YA 292 36.25 62.16 89.87
CA LYS YA 292 37.29 61.84 88.92
C LYS YA 292 37.36 62.91 87.84
N PRO YA 293 38.54 63.15 87.28
CA PRO YA 293 38.66 64.15 86.22
C PRO YA 293 37.89 63.71 84.99
N THR YA 294 37.66 64.68 84.11
CA THR YA 294 36.87 64.41 82.93
C THR YA 294 37.49 65.05 81.70
N SER YA 295 37.14 64.49 80.56
CA SER YA 295 37.15 65.19 79.29
C SER YA 295 35.88 66.02 79.19
N TRP YA 296 35.53 66.40 77.97
CA TRP YA 296 34.21 66.96 77.74
C TRP YA 296 34.03 68.32 78.41
N MET YA 297 34.67 69.30 77.79
CA MET YA 297 34.60 70.72 78.06
C MET YA 297 33.18 71.25 77.87
N THR YA 298 32.90 72.38 78.51
CA THR YA 298 31.59 73.01 78.38
C THR YA 298 31.43 73.69 77.03
N GLY YA 299 30.19 73.89 76.62
CA GLY YA 299 29.89 74.56 75.40
C GLY YA 299 30.32 76.01 75.41
N PRO YA 300 30.49 76.60 74.24
CA PRO YA 300 31.03 77.96 74.17
C PRO YA 300 29.98 79.01 74.45
N GLY YA 301 30.44 80.17 74.90
CA GLY YA 301 29.59 81.32 75.13
C GLY YA 301 30.44 82.56 75.15
N LEU YA 302 29.78 83.72 75.12
CA LEU YA 302 30.45 85.00 75.32
C LEU YA 302 29.70 85.77 76.40
N LEU YA 303 30.29 85.86 77.59
CA LEU YA 303 29.66 86.51 78.72
C LEU YA 303 30.21 87.87 79.10
N SER YA 304 31.25 88.37 78.44
CA SER YA 304 31.93 89.55 79.01
C SER YA 304 31.21 90.85 78.69
N ALA YA 305 30.66 90.95 77.49
CA ALA YA 305 30.14 92.20 76.96
C ALA YA 305 28.89 92.66 77.70
N GLN YA 306 28.55 93.93 77.51
CA GLN YA 306 27.31 94.51 78.00
C GLN YA 306 26.67 95.33 76.90
N ARG YA 307 25.35 95.28 76.82
CA ARG YA 307 24.64 96.07 75.81
C ARG YA 307 24.96 97.55 75.98
N VAL YA 308 25.08 98.23 74.84
CA VAL YA 308 25.71 99.55 74.79
C VAL YA 308 24.70 100.60 74.35
N GLY YA 309 24.38 101.50 75.27
CA GLY YA 309 23.71 102.73 74.92
C GLY YA 309 22.21 102.64 74.91
N PRO YA 310 21.56 103.65 74.33
CA PRO YA 310 20.10 103.73 74.41
C PRO YA 310 19.43 102.76 73.45
N ALA YA 311 18.18 102.44 73.76
CA ALA YA 311 17.38 101.61 72.88
C ALA YA 311 17.12 102.33 71.57
N THR YA 312 16.75 101.55 70.56
CA THR YA 312 16.54 101.93 69.15
C THR YA 312 17.87 102.17 68.45
N SER YA 313 18.98 102.11 69.16
CA SER YA 313 20.32 102.24 68.58
C SER YA 313 20.95 100.90 68.25
N ASP YA 314 20.20 99.80 68.37
CA ASP YA 314 20.73 98.45 68.19
C ASP YA 314 21.81 98.13 69.21
N THR YA 315 21.39 97.90 70.45
CA THR YA 315 22.35 97.50 71.47
C THR YA 315 22.41 95.98 71.52
N GLY YA 316 23.50 95.41 71.02
CA GLY YA 316 23.62 93.96 70.99
C GLY YA 316 24.59 93.35 71.98
N ALA YA 317 25.44 94.20 72.56
CA ALA YA 317 26.62 93.87 73.37
C ALA YA 317 27.72 93.23 72.54
N TRP YA 318 27.41 92.70 71.37
CA TRP YA 318 28.42 92.23 70.42
C TRP YA 318 27.98 92.68 69.06
N MET YA 319 28.77 93.55 68.42
CA MET YA 319 28.47 94.02 67.08
C MET YA 319 29.44 93.37 66.12
N VAL YA 320 28.91 92.77 65.06
CA VAL YA 320 29.76 92.09 64.09
C VAL YA 320 30.38 93.09 63.12
N ALA YA 321 29.59 94.04 62.64
CA ALA YA 321 30.01 95.07 61.70
C ALA YA 321 30.80 94.57 60.49
N VAL YA 322 31.63 95.45 59.94
CA VAL YA 322 32.49 95.15 58.80
C VAL YA 322 33.85 95.82 58.95
N LYS YA 323 33.86 97.14 58.96
CA LYS YA 323 35.08 97.94 58.96
C LYS YA 323 35.97 97.69 57.73
N PRO YA 324 35.55 98.11 56.54
CA PRO YA 324 36.49 98.20 55.42
C PRO YA 324 37.60 99.18 55.74
N GLU YA 325 38.71 99.04 55.02
CA GLU YA 325 39.96 99.62 55.49
C GLU YA 325 39.91 101.14 55.55
N ASN YA 326 39.33 101.76 54.52
CA ASN YA 326 39.17 103.21 54.58
C ASN YA 326 37.73 103.60 54.89
N ALA YA 327 36.88 103.55 53.87
CA ALA YA 327 35.47 103.92 53.94
C ALA YA 327 35.36 105.30 54.61
N SER YA 328 34.30 105.48 55.39
CA SER YA 328 34.19 106.52 56.40
C SER YA 328 33.07 106.10 57.32
N ILE YA 329 33.10 106.60 58.55
CA ILE YA 329 32.15 106.15 59.56
C ILE YA 329 31.75 107.34 60.41
N ASP YA 330 30.45 107.43 60.68
CA ASP YA 330 29.88 108.42 61.57
C ASP YA 330 30.11 107.96 63.01
N THR YA 331 29.43 108.56 63.97
CA THR YA 331 29.40 107.99 65.31
C THR YA 331 29.03 106.52 65.23
N GLY YA 332 29.76 105.69 65.95
CA GLY YA 332 29.64 104.25 65.77
C GLY YA 332 30.86 103.62 65.14
N MET YA 333 31.05 102.28 65.19
CA MET YA 333 30.22 101.25 65.86
C MET YA 333 28.70 101.39 65.62
N SER YA 334 27.93 101.50 66.69
CA SER YA 334 26.49 101.79 66.61
C SER YA 334 25.74 100.75 65.72
N GLY YA 335 25.14 101.02 64.55
CA GLY YA 335 25.40 102.06 63.56
C GLY YA 335 26.08 101.48 62.33
N ILE YA 336 26.77 100.36 62.55
CA ILE YA 336 27.20 99.48 61.47
C ILE YA 336 27.11 98.06 62.01
N GLY YA 337 26.80 97.13 61.13
CA GLY YA 337 26.68 95.74 61.53
C GLY YA 337 25.52 95.48 62.46
N SER YA 338 25.50 94.26 62.98
CA SER YA 338 24.35 93.73 63.68
C SER YA 338 24.74 93.29 65.09
N GLY YA 339 23.81 93.41 66.03
CA GLY YA 339 24.05 92.87 67.34
C GLY YA 339 23.91 91.35 67.36
N PHE YA 340 24.80 90.70 68.08
CA PHE YA 340 24.78 89.25 68.21
C PHE YA 340 24.04 88.89 69.48
N ASP YA 341 22.97 88.11 69.33
CA ASP YA 341 22.06 87.86 70.44
C ASP YA 341 21.49 86.44 70.34
N PRO YA 342 21.33 85.75 71.48
CA PRO YA 342 22.03 85.90 72.76
C PRO YA 342 23.41 85.29 72.79
N PRO YA 343 24.42 86.04 73.21
CA PRO YA 343 25.55 85.41 73.89
C PRO YA 343 25.34 85.32 75.40
N GLN YA 344 25.70 84.26 76.14
CA GLN YA 344 25.58 82.85 75.79
C GLN YA 344 26.29 82.44 74.48
N GLY YA 345 25.84 81.50 73.63
CA GLY YA 345 24.87 80.44 73.86
C GLY YA 345 25.30 79.48 74.96
N SER YA 346 24.37 78.61 75.37
CA SER YA 346 24.60 77.73 76.51
C SER YA 346 25.08 78.52 77.70
N LEU YA 347 26.06 77.98 78.43
CA LEU YA 347 26.90 78.74 79.34
C LEU YA 347 26.08 79.69 80.20
N ALA YA 348 25.39 79.16 81.21
CA ALA YA 348 24.27 79.84 81.85
C ALA YA 348 24.57 81.31 82.13
N PRO YA 349 23.68 82.23 81.78
CA PRO YA 349 24.01 83.66 81.80
C PRO YA 349 24.07 84.23 83.20
N THR YA 350 24.66 85.41 83.29
CA THR YA 350 24.78 86.12 84.55
C THR YA 350 23.47 86.81 84.92
N ASN YA 351 23.06 87.81 84.14
CA ASN YA 351 21.83 88.50 84.47
C ASN YA 351 20.84 88.43 83.31
N LEU YA 352 19.72 89.11 83.48
CA LEU YA 352 18.61 89.11 82.53
C LEU YA 352 19.05 89.55 81.15
N GLU YA 353 20.13 90.33 81.08
CA GLU YA 353 20.54 90.97 79.83
C GLU YA 353 20.83 89.94 78.74
N TYR YA 354 21.23 88.73 79.12
CA TYR YA 354 21.54 87.66 78.19
C TYR YA 354 20.43 86.65 78.01
N LYS YA 355 19.30 86.83 78.69
CA LYS YA 355 18.36 85.75 78.94
C LYS YA 355 17.31 85.62 77.84
N ILE YA 356 17.52 86.30 76.72
CA ILE YA 356 16.57 86.56 75.66
C ILE YA 356 15.36 87.26 76.28
N GLN YA 357 14.20 87.20 75.62
CA GLN YA 357 12.95 87.78 76.07
C GLN YA 357 12.06 87.84 74.83
N TRP YA 358 10.74 87.93 74.97
CA TRP YA 358 9.90 88.38 73.86
C TRP YA 358 8.54 88.78 74.40
N TYR YA 359 7.80 89.56 73.62
CA TYR YA 359 6.55 90.11 74.11
C TYR YA 359 5.35 89.26 73.74
N GLN YA 360 5.51 88.31 72.82
CA GLN YA 360 4.43 87.44 72.35
C GLN YA 360 3.14 88.20 72.06
N THR YA 361 3.27 89.44 71.59
CA THR YA 361 2.14 90.33 71.37
C THR YA 361 2.66 91.64 70.79
N PRO YA 362 2.02 92.16 69.74
CA PRO YA 362 2.44 93.47 69.24
C PRO YA 362 2.06 94.61 70.17
N GLN YA 363 0.99 94.44 70.95
CA GLN YA 363 0.59 95.49 71.88
C GLN YA 363 1.50 95.57 73.08
N GLY YA 364 2.46 94.65 73.20
CA GLY YA 364 3.32 94.62 74.36
C GLY YA 364 4.16 95.87 74.58
N THR YA 365 4.00 96.50 75.74
CA THR YA 365 4.79 97.66 76.11
C THR YA 365 6.10 97.19 76.71
N ASN YA 366 6.85 98.11 77.34
CA ASN YA 366 8.16 97.76 77.85
C ASN YA 366 8.09 96.56 78.80
N ASN YA 367 7.32 96.66 79.87
CA ASN YA 367 6.98 95.50 80.67
C ASN YA 367 5.49 95.25 80.57
N ASN YA 368 5.13 94.25 79.79
CA ASN YA 368 3.79 93.73 79.52
C ASN YA 368 4.03 92.64 78.49
N GLY YA 369 3.14 91.66 78.38
CA GLY YA 369 3.55 90.50 77.61
C GLY YA 369 4.84 90.05 78.25
N ASN YA 370 5.92 90.09 77.47
CA ASN YA 370 7.26 90.14 78.03
C ASN YA 370 7.65 88.88 78.78
N ILE YA 371 7.39 87.73 78.18
CA ILE YA 371 7.80 86.48 78.82
C ILE YA 371 9.28 86.28 78.59
N ILE YA 372 9.97 85.86 79.63
CA ILE YA 372 11.43 85.80 79.64
C ILE YA 372 11.86 84.36 79.68
N SER YA 373 12.89 84.02 78.92
CA SER YA 373 13.38 82.66 78.90
C SER YA 373 13.93 82.28 80.28
N ASN YA 374 13.98 80.98 80.53
CA ASN YA 374 14.34 80.46 81.85
C ASN YA 374 15.19 79.22 81.66
N GLN YA 375 15.79 78.74 82.75
CA GLN YA 375 16.64 77.56 82.63
C GLN YA 375 15.80 76.30 82.53
N PRO YA 376 16.12 75.38 81.62
CA PRO YA 376 15.34 74.14 81.51
C PRO YA 376 15.51 73.22 82.69
N LEU YA 377 16.54 73.46 83.51
CA LEU YA 377 17.00 72.59 84.59
C LEU YA 377 17.67 71.35 84.02
N SER YA 378 17.70 71.18 82.70
CA SER YA 378 18.57 70.21 82.08
C SER YA 378 20.02 70.52 82.43
N MET YA 379 20.83 69.48 82.56
CA MET YA 379 22.18 69.65 83.08
C MET YA 379 23.21 69.89 81.99
N LEU YA 380 22.83 70.02 80.74
CA LEU YA 380 23.86 70.05 79.71
C LEU YA 380 24.67 71.33 79.52
N ARG YA 381 24.22 72.50 79.02
CA ARG YA 381 22.96 73.29 79.09
C ARG YA 381 23.00 74.31 80.25
N ASP YA 382 23.99 74.21 81.14
CA ASP YA 382 24.18 75.27 82.12
C ASP YA 382 25.61 75.79 82.02
N GLN YA 383 26.58 74.93 82.31
CA GLN YA 383 27.94 75.07 81.80
C GLN YA 383 28.59 76.40 82.19
N ALA YA 384 28.98 76.47 83.45
CA ALA YA 384 29.95 77.49 83.81
C ALA YA 384 31.35 77.05 83.37
N LEU YA 385 32.33 77.91 83.64
CA LEU YA 385 33.72 77.51 83.57
C LEU YA 385 34.52 78.43 84.48
N PHE YA 386 35.56 77.91 85.10
CA PHE YA 386 36.14 78.53 86.29
C PHE YA 386 37.61 78.90 86.14
N ARG YA 387 38.48 77.96 85.81
CA ARG YA 387 39.91 78.26 85.70
C ARG YA 387 40.40 78.75 87.06
N GLY YA 388 41.40 79.64 87.09
CA GLY YA 388 41.85 80.29 88.30
C GLY YA 388 42.27 79.34 89.41
N ASN YA 389 42.56 79.90 90.57
CA ASN YA 389 43.36 81.11 90.68
C ASN YA 389 44.71 80.63 91.18
N GLN YA 390 44.77 79.32 91.42
CA GLN YA 390 45.63 78.58 92.34
C GLN YA 390 45.07 78.62 93.76
N THR YA 391 44.09 79.47 94.02
CA THR YA 391 43.45 79.61 95.31
C THR YA 391 41.93 79.50 95.18
N THR YA 392 41.33 80.34 94.34
CA THR YA 392 39.89 80.37 94.14
C THR YA 392 39.59 80.11 92.67
N TYR YA 393 38.39 79.61 92.38
CA TYR YA 393 37.92 79.54 91.01
C TYR YA 393 37.18 80.83 90.67
N ASN YA 394 37.37 81.33 89.45
CA ASN YA 394 36.78 82.57 89.02
C ASN YA 394 36.12 82.40 87.66
N LEU YA 395 34.79 82.55 87.63
CA LEU YA 395 34.04 82.37 86.39
C LEU YA 395 34.65 83.20 85.26
N CYS YA 396 34.90 82.56 84.13
CA CYS YA 396 35.66 83.17 83.06
C CYS YA 396 34.76 83.56 81.90
N SER YA 397 34.97 84.77 81.40
CA SER YA 397 34.34 85.25 80.18
C SER YA 397 34.86 84.50 78.97
N ASP YA 398 34.17 84.65 77.84
CA ASP YA 398 34.46 83.93 76.61
C ASP YA 398 34.19 82.44 76.81
N VAL YA 399 35.20 81.58 76.66
CA VAL YA 399 35.03 80.16 76.33
C VAL YA 399 34.60 80.00 74.88
N TRP YA 400 35.55 80.14 73.97
CA TRP YA 400 35.40 79.87 72.55
C TRP YA 400 35.32 78.37 72.28
N MET YA 401 35.32 77.99 71.01
CA MET YA 401 35.26 76.57 70.67
C MET YA 401 36.51 75.84 71.10
N PHE YA 402 36.33 74.60 71.50
CA PHE YA 402 37.38 73.74 72.05
C PHE YA 402 37.04 72.30 71.70
N PRO YA 403 38.05 71.45 71.49
CA PRO YA 403 37.78 70.12 70.90
C PRO YA 403 36.74 69.27 71.59
N ASN YA 404 36.74 69.19 72.90
CA ASN YA 404 35.89 68.22 73.58
C ASN YA 404 34.55 68.79 73.99
N GLN YA 405 34.20 69.98 73.54
CA GLN YA 405 33.03 70.65 74.07
C GLN YA 405 31.74 69.91 73.76
N ILE YA 406 30.84 69.92 74.73
CA ILE YA 406 29.45 69.54 74.52
C ILE YA 406 28.57 70.64 75.07
N TRP YA 407 27.57 71.03 74.28
CA TRP YA 407 26.52 71.89 74.76
C TRP YA 407 25.22 71.32 74.23
N ASP YA 408 24.12 71.81 74.78
CA ASP YA 408 22.81 71.39 74.34
C ASP YA 408 22.15 72.53 73.63
N ARG YA 409 21.56 72.25 72.47
CA ARG YA 409 20.93 73.29 71.70
C ARG YA 409 19.81 73.92 72.51
N TYR YA 410 19.51 75.17 72.22
CA TYR YA 410 18.53 75.91 73.01
C TYR YA 410 17.22 75.12 73.10
N PRO YA 411 16.62 75.03 74.28
CA PRO YA 411 15.47 74.12 74.47
C PRO YA 411 14.25 74.50 73.67
N ILE YA 412 14.25 75.68 73.08
CA ILE YA 412 13.14 76.33 72.39
C ILE YA 412 11.87 76.29 73.23
N THR YA 413 10.72 76.27 72.56
CA THR YA 413 9.40 76.39 73.17
C THR YA 413 8.38 76.52 72.05
N ARG YA 414 7.10 76.60 72.37
CA ARG YA 414 6.08 76.71 71.34
C ARG YA 414 6.15 78.03 70.57
N GLU YA 415 6.74 79.07 71.15
CA GLU YA 415 6.75 80.41 70.56
C GLU YA 415 7.89 80.63 69.58
N ASN YA 416 8.71 79.66 69.33
CA ASN YA 416 9.94 79.91 68.61
C ASN YA 416 9.78 79.75 67.12
N PRO YA 417 10.65 80.37 66.35
CA PRO YA 417 10.72 80.05 64.92
C PRO YA 417 11.24 78.65 64.69
N ILE YA 418 10.66 77.99 63.69
CA ILE YA 418 11.06 76.62 63.39
C ILE YA 418 12.45 76.59 62.79
N TRP YA 419 12.69 77.40 61.77
CA TRP YA 419 13.92 77.34 61.00
C TRP YA 419 14.50 78.74 60.83
N CYS YA 420 15.74 78.76 60.37
CA CYS YA 420 16.45 79.96 59.96
C CYS YA 420 17.32 79.59 58.78
N LYS YA 421 17.47 80.50 57.84
CA LYS YA 421 18.27 80.18 56.65
C LYS YA 421 19.74 80.34 56.95
N LYS YA 422 20.52 79.31 56.62
CA LYS YA 422 21.96 79.37 56.74
C LYS YA 422 22.51 80.08 55.51
N PRO YA 423 23.11 81.25 55.68
CA PRO YA 423 23.59 82.00 54.51
C PRO YA 423 24.71 81.29 53.78
N ARG YA 424 24.67 81.38 52.46
CA ARG YA 424 25.66 80.73 51.62
C ARG YA 424 27.01 81.40 51.77
N SER YA 425 28.02 80.62 52.12
CA SER YA 425 29.36 81.16 52.27
C SER YA 425 30.35 80.02 52.11
N ASP YA 426 31.61 80.38 51.85
CA ASP YA 426 32.62 79.37 51.64
C ASP YA 426 32.80 78.51 52.88
N LYS YA 427 33.10 79.13 54.01
CA LYS YA 427 33.47 78.42 55.22
C LYS YA 427 32.52 78.77 56.34
N HIS YA 428 32.31 77.81 57.24
CA HIS YA 428 31.52 78.06 58.44
C HIS YA 428 31.87 77.01 59.48
N THR YA 429 31.51 77.33 60.73
CA THR YA 429 31.68 76.43 61.86
C THR YA 429 30.43 75.59 62.09
N THR YA 430 30.29 75.03 63.30
CA THR YA 430 29.32 73.97 63.55
C THR YA 430 27.89 74.34 63.14
N ILE YA 431 27.56 75.64 63.12
CA ILE YA 431 26.21 76.11 62.81
C ILE YA 431 25.19 75.60 63.81
N ASP YA 432 25.26 76.09 65.05
CA ASP YA 432 24.15 75.91 65.98
C ASP YA 432 23.58 77.27 66.32
N PRO YA 433 22.42 77.66 65.81
CA PRO YA 433 21.86 78.96 66.16
C PRO YA 433 21.45 79.01 67.62
N PHE YA 434 21.75 80.13 68.26
CA PHE YA 434 21.45 80.29 69.68
C PHE YA 434 20.03 80.76 69.93
N ASP YA 435 19.26 80.94 68.88
CA ASP YA 435 17.83 81.20 68.97
C ASP YA 435 17.05 79.90 69.05
N GLY YA 436 17.74 78.78 69.17
CA GLY YA 436 17.12 77.51 68.87
C GLY YA 436 16.91 77.44 67.38
N SER YA 437 15.67 77.25 66.96
CA SER YA 437 15.31 77.16 65.56
C SER YA 437 16.18 76.14 64.84
N LEU YA 438 16.53 76.42 63.59
CA LEU YA 438 17.23 75.46 62.76
C LEU YA 438 17.94 76.23 61.67
N ALA YA 439 18.91 75.57 61.03
CA ALA YA 439 19.58 76.14 59.89
C ALA YA 439 19.42 75.19 58.72
N MET YA 440 19.09 75.73 57.56
CA MET YA 440 18.96 74.93 56.37
C MET YA 440 19.57 75.66 55.19
N ASP YA 441 20.20 74.90 54.29
CA ASP YA 441 20.65 75.49 53.03
C ASP YA 441 19.49 76.16 52.33
N HIS YA 442 18.45 75.40 52.04
CA HIS YA 442 17.22 75.93 51.46
C HIS YA 442 16.09 75.70 52.44
N PRO YA 443 15.63 76.73 53.14
CA PRO YA 443 14.45 76.61 53.95
C PRO YA 443 13.22 76.59 53.07
N PRO YA 444 12.02 76.56 53.63
CA PRO YA 444 10.84 76.77 52.80
C PRO YA 444 10.94 78.07 52.05
N GLY YA 445 10.75 78.00 50.73
CA GLY YA 445 10.79 79.20 49.91
C GLY YA 445 9.67 80.12 50.30
N THR YA 446 9.99 81.39 50.52
CA THR YA 446 8.96 82.35 50.87
C THR YA 446 8.00 82.52 49.71
N ILE YA 447 6.72 82.46 50.00
CA ILE YA 447 5.67 82.66 49.00
C ILE YA 447 5.30 84.12 49.01
N PHE YA 448 5.46 84.77 47.86
CA PHE YA 448 5.18 86.18 47.70
C PHE YA 448 3.87 86.34 46.96
N ILE YA 449 3.16 87.41 47.25
CA ILE YA 449 1.85 87.64 46.66
C ILE YA 449 1.60 89.14 46.55
N LYS YA 450 0.97 89.55 45.46
CA LYS YA 450 0.78 90.95 45.14
C LYS YA 450 -0.57 91.10 44.47
N MET YA 451 -1.04 92.33 44.37
CA MET YA 451 -2.40 92.61 43.95
C MET YA 451 -2.58 92.92 42.48
N ALA YA 452 -1.54 92.80 41.65
CA ALA YA 452 -1.74 92.91 40.22
C ALA YA 452 -2.29 94.28 39.81
N LYS YA 453 -1.42 95.28 39.76
CA LYS YA 453 -1.85 96.65 39.54
C LYS YA 453 -2.82 96.76 38.38
N ILE YA 454 -3.96 97.39 38.64
CA ILE YA 454 -4.94 97.66 37.60
C ILE YA 454 -4.98 99.17 37.42
N PRO YA 455 -4.40 99.69 36.35
CA PRO YA 455 -4.31 101.14 36.20
C PRO YA 455 -5.63 101.72 35.72
N VAL YA 456 -5.68 103.04 35.66
CA VAL YA 456 -6.87 103.74 35.23
C VAL YA 456 -6.42 104.91 34.35
N PRO YA 457 -7.18 105.26 33.32
CA PRO YA 457 -6.71 106.27 32.38
C PRO YA 457 -6.77 107.67 32.98
N SER YA 458 -5.83 108.51 32.54
CA SER YA 458 -5.80 109.91 32.95
C SER YA 458 -5.13 110.72 31.86
N ASN YA 459 -5.11 112.04 32.05
CA ASN YA 459 -4.54 112.95 31.06
C ASN YA 459 -3.03 113.09 31.20
N ASN YA 460 -2.54 113.18 32.44
CA ASN YA 460 -1.16 113.57 32.72
C ASN YA 460 -0.05 112.85 31.91
N ASN YA 461 -0.05 111.53 31.80
CA ASN YA 461 -1.03 110.63 32.38
C ASN YA 461 -0.48 109.95 33.62
N ALA YA 462 -1.32 109.12 34.23
CA ALA YA 462 -0.97 108.36 35.43
C ALA YA 462 -0.49 109.32 36.55
N ASP YA 463 0.34 108.90 37.52
CA ASP YA 463 0.32 107.56 38.10
C ASP YA 463 -0.97 107.38 38.90
N SER YA 464 -1.74 106.38 38.50
CA SER YA 464 -3.02 106.11 39.14
C SER YA 464 -3.36 104.65 38.93
N TYR YA 465 -4.11 104.10 39.87
CA TYR YA 465 -4.41 102.68 39.84
C TYR YA 465 -5.72 102.45 40.60
N LEU YA 466 -6.27 101.27 40.41
CA LEU YA 466 -7.53 100.93 41.01
C LEU YA 466 -7.29 100.27 42.36
N ASN YA 467 -8.09 100.64 43.36
CA ASN YA 467 -7.84 100.26 44.74
C ASN YA 467 -8.60 98.97 45.03
N ILE YA 468 -7.87 97.88 45.26
CA ILE YA 468 -8.45 96.57 45.48
C ILE YA 468 -7.68 95.87 46.58
N TYR YA 469 -8.23 94.75 47.04
CA TYR YA 469 -7.51 93.87 47.95
C TYR YA 469 -7.98 92.44 47.73
N CYS YA 470 -7.15 91.50 48.14
CA CYS YA 470 -7.43 90.09 47.96
C CYS YA 470 -7.70 89.45 49.30
N THR YA 471 -8.43 88.36 49.27
CA THR YA 471 -8.76 87.62 50.47
C THR YA 471 -8.88 86.16 50.09
N GLY YA 472 -8.38 85.29 50.96
CA GLY YA 472 -8.40 83.89 50.59
C GLY YA 472 -7.92 83.04 51.73
N GLN YA 473 -7.62 81.79 51.42
CA GLN YA 473 -7.32 80.81 52.44
C GLN YA 473 -6.04 80.07 52.10
N VAL YA 474 -5.07 80.13 53.00
CA VAL YA 474 -3.85 79.34 52.92
C VAL YA 474 -4.04 78.12 53.80
N SER YA 475 -3.63 76.97 53.30
CA SER YA 475 -3.60 75.76 54.11
C SER YA 475 -2.17 75.27 54.13
N CYS YA 476 -1.52 75.35 55.28
CA CYS YA 476 -0.16 74.87 55.43
C CYS YA 476 -0.23 73.53 56.14
N GLU YA 477 0.04 72.46 55.40
CA GLU YA 477 -0.01 71.10 55.93
C GLU YA 477 1.41 70.55 55.90
N ILE YA 478 2.00 70.34 57.06
CA ILE YA 478 3.39 69.93 57.15
C ILE YA 478 3.49 68.62 57.91
N VAL YA 479 4.40 67.76 57.46
CA VAL YA 479 4.61 66.45 58.04
C VAL YA 479 5.87 66.50 58.87
N TRP YA 480 5.85 65.86 60.03
CA TRP YA 480 6.94 65.91 60.98
C TRP YA 480 7.48 64.51 61.19
N GLU YA 481 8.74 64.29 60.82
CA GLU YA 481 9.40 63.09 61.27
C GLU YA 481 9.51 63.13 62.78
N VAL YA 482 9.05 62.08 63.43
CA VAL YA 482 8.90 62.09 64.88
C VAL YA 482 9.36 60.74 65.41
N GLU YA 483 9.98 60.74 66.59
CA GLU YA 483 10.50 59.53 67.20
C GLU YA 483 10.05 59.45 68.65
N ARG YA 484 9.61 58.28 69.06
CA ARG YA 484 8.96 58.10 70.35
C ARG YA 484 9.94 57.49 71.35
N TYR YA 485 9.82 57.88 72.62
CA TYR YA 485 10.85 57.58 73.59
C TYR YA 485 10.54 56.33 74.38
N ALA YA 486 11.59 55.57 74.68
CA ALA YA 486 11.53 54.48 75.62
C ALA YA 486 12.76 54.59 76.53
N THR YA 487 12.57 54.27 77.81
CA THR YA 487 13.68 54.43 78.74
C THR YA 487 13.55 53.42 79.87
N LYS YA 488 14.67 53.17 80.52
CA LYS YA 488 14.73 52.21 81.61
C LYS YA 488 14.60 52.88 82.97
N ASN YA 489 14.36 54.19 83.02
CA ASN YA 489 14.19 54.85 84.29
C ASN YA 489 13.01 54.26 85.04
N TRP YA 490 13.18 54.10 86.35
CA TRP YA 490 12.10 53.59 87.18
C TRP YA 490 11.10 54.67 87.54
N ARG YA 491 11.53 55.89 87.63
CA ARG YA 491 10.77 56.97 88.23
C ARG YA 491 9.89 57.70 87.23
N PRO YA 492 8.91 58.46 87.73
CA PRO YA 492 7.87 59.03 86.84
C PRO YA 492 8.35 60.04 85.79
N GLU YA 493 9.57 60.57 85.88
CA GLU YA 493 10.06 61.65 84.98
C GLU YA 493 9.13 62.86 85.12
N ARG YA 494 8.86 63.59 84.05
CA ARG YA 494 8.20 64.88 84.13
C ARG YA 494 7.42 65.12 82.85
N ARG YA 495 6.30 65.82 82.98
CA ARG YA 495 5.46 66.14 81.84
C ARG YA 495 5.06 67.60 81.93
N HIS YA 496 4.21 68.04 81.01
CA HIS YA 496 3.68 69.39 81.05
C HIS YA 496 2.21 69.33 81.42
N THR YA 497 1.92 69.68 82.66
CA THR YA 497 0.56 69.86 83.14
C THR YA 497 0.05 71.25 82.77
N THR YA 498 -1.28 71.37 82.74
CA THR YA 498 -1.89 72.68 82.82
C THR YA 498 -1.58 73.35 84.15
N PHE YA 499 -1.14 72.63 85.16
CA PHE YA 499 -0.91 73.28 86.44
C PHE YA 499 0.25 74.26 86.39
N GLY YA 500 1.16 74.11 85.43
CA GLY YA 500 2.11 75.18 85.19
C GLY YA 500 1.43 76.44 84.70
N LEU YA 501 0.28 76.29 84.07
CA LEU YA 501 -0.50 77.41 83.55
C LEU YA 501 -1.18 78.16 84.69
N GLY YA 502 -1.63 79.37 84.40
CA GLY YA 502 -2.27 80.19 85.42
C GLY YA 502 -3.36 81.04 84.80
N ILE YA 503 -4.22 81.55 85.68
CA ILE YA 503 -5.47 82.20 85.32
C ILE YA 503 -5.19 83.65 84.91
N GLY YA 504 -5.97 84.16 83.96
CA GLY YA 504 -5.75 85.53 83.53
C GLY YA 504 -6.85 86.06 82.64
N GLY YA 505 -6.76 87.35 82.35
CA GLY YA 505 -7.61 88.08 81.43
C GLY YA 505 -8.86 88.64 82.08
N ALA YA 506 -9.27 89.83 81.62
CA ALA YA 506 -10.46 90.53 82.08
C ALA YA 506 -10.63 90.48 83.60
N ASP YA 507 -11.85 90.20 84.04
CA ASP YA 507 -12.01 89.59 85.35
C ASP YA 507 -11.36 88.21 85.29
N ASN YA 508 -10.61 87.86 86.34
CA ASN YA 508 -9.54 86.88 86.21
C ASN YA 508 -9.94 85.62 85.47
N LEU YA 509 -11.24 85.35 85.40
CA LEU YA 509 -11.76 84.10 84.84
C LEU YA 509 -11.18 83.80 83.46
N ASN YA 510 -11.13 82.50 83.17
CA ASN YA 510 -10.51 81.76 82.07
C ASN YA 510 -9.04 81.58 82.38
N PRO YA 511 -8.46 80.41 82.11
CA PRO YA 511 -7.09 80.19 82.61
C PRO YA 511 -5.97 80.84 81.83
N THR YA 512 -5.62 80.28 80.68
CA THR YA 512 -4.46 80.78 79.96
C THR YA 512 -4.64 80.71 78.45
N TYR YA 513 -4.70 79.53 77.86
CA TYR YA 513 -4.98 79.46 76.44
C TYR YA 513 -6.50 79.30 76.29
N HIS YA 514 -7.14 80.42 75.98
CA HIS YA 514 -8.58 80.49 76.10
C HIS YA 514 -9.02 81.91 75.78
N VAL YA 515 -10.29 82.06 75.48
CA VAL YA 515 -10.84 83.35 75.11
C VAL YA 515 -11.24 84.17 76.34
N ASP YA 516 -11.26 85.48 76.17
CA ASP YA 516 -11.74 86.44 77.15
C ASP YA 516 -13.24 86.67 76.92
N LYS YA 517 -13.82 87.71 77.52
CA LYS YA 517 -15.29 87.81 77.47
C LYS YA 517 -16.15 88.67 76.48
N ASN YA 518 -15.71 89.64 75.66
CA ASN YA 518 -14.44 90.38 75.52
C ASN YA 518 -13.44 89.64 74.66
N GLY YA 519 -13.85 88.51 74.10
CA GLY YA 519 -12.90 87.46 73.82
C GLY YA 519 -11.65 87.87 73.11
N THR YA 520 -10.56 87.70 73.85
CA THR YA 520 -9.20 87.94 73.41
C THR YA 520 -8.39 86.80 74.00
N TYR YA 521 -7.70 86.07 73.14
CA TYR YA 521 -6.96 84.90 73.55
C TYR YA 521 -5.96 85.28 74.63
N ILE YA 522 -6.04 84.64 75.79
CA ILE YA 522 -5.18 85.03 76.90
C ILE YA 522 -3.77 84.56 76.62
N GLN YA 523 -2.87 85.40 76.80
CA GLN YA 523 -1.53 84.95 76.45
C GLN YA 523 -0.85 84.30 77.64
N PRO YA 524 -0.03 83.30 77.38
CA PRO YA 524 0.75 82.66 78.45
C PRO YA 524 1.77 83.64 79.03
N THR YA 525 1.82 83.72 80.35
CA THR YA 525 2.68 84.66 81.05
C THR YA 525 3.85 83.92 81.70
N THR YA 526 5.05 84.41 81.41
CA THR YA 526 6.39 83.85 81.54
C THR YA 526 6.62 82.53 80.82
N TRP YA 527 7.65 81.79 81.25
CA TRP YA 527 8.29 80.83 80.36
C TRP YA 527 7.66 79.45 80.41
N ASP YA 528 7.34 78.97 81.62
CA ASP YA 528 6.83 77.61 81.76
C ASP YA 528 5.48 77.41 81.09
N MET YA 529 4.67 78.47 81.03
CA MET YA 529 3.39 78.40 80.33
C MET YA 529 3.54 77.76 78.96
N CYS YA 530 4.21 78.46 78.05
CA CYS YA 530 4.70 77.83 76.84
C CYS YA 530 5.55 76.64 77.25
N PHE YA 531 5.25 75.47 76.69
CA PHE YA 531 5.85 74.27 77.24
C PHE YA 531 7.09 73.91 76.45
N PRO YA 532 8.29 74.14 76.99
CA PRO YA 532 9.50 73.94 76.20
C PRO YA 532 9.83 72.47 76.09
N VAL YA 533 10.35 72.08 74.94
CA VAL YA 533 10.97 70.77 74.87
C VAL YA 533 12.29 70.83 75.63
N LYS YA 534 12.83 69.65 75.94
CA LYS YA 534 14.14 69.44 76.54
C LYS YA 534 14.06 69.55 78.06
N THR YA 535 12.92 69.91 78.61
CA THR YA 535 12.72 69.89 80.05
C THR YA 535 12.10 68.58 80.52
N ASN YA 536 11.84 67.64 79.62
CA ASN YA 536 11.15 66.41 79.96
C ASN YA 536 11.97 65.20 79.54
N ILE YA 537 11.37 64.03 79.74
CA ILE YA 537 11.96 62.73 79.53
C ILE YA 537 13.27 62.67 80.29
N ASN YA 538 14.23 61.90 79.78
CA ASN YA 538 15.60 61.84 80.27
C ASN YA 538 16.43 61.17 79.19
N LYS YA 539 17.74 61.34 79.26
CA LYS YA 539 18.63 60.56 78.42
C LYS YA 539 19.87 60.20 79.22
N VAL YA 540 20.25 58.92 79.17
CA VAL YA 540 21.57 58.55 79.62
C VAL YA 540 22.57 59.11 78.61
N LEU YA 541 23.54 59.86 79.11
CA LEU YA 541 24.51 60.45 78.23
C LEU YA 541 25.50 59.40 77.73
N GLY ZA 34 -1.50 -60.04 56.89
CA GLY ZA 34 -2.40 -61.18 56.76
C GLY ZA 34 -3.63 -61.11 57.64
N SER ZA 35 -4.44 -62.16 57.59
CA SER ZA 35 -5.66 -62.22 58.39
C SER ZA 35 -6.05 -63.68 58.59
N GLY ZA 36 -6.90 -63.91 59.58
CA GLY ZA 36 -7.40 -65.25 59.86
C GLY ZA 36 -6.70 -65.89 61.04
N VAL ZA 37 -7.11 -67.12 61.31
CA VAL ZA 37 -6.47 -67.91 62.36
C VAL ZA 37 -5.00 -68.10 62.02
N GLY ZA 38 -4.16 -68.07 63.05
CA GLY ZA 38 -2.73 -68.21 62.85
C GLY ZA 38 -2.00 -66.91 62.63
N ILE ZA 39 -2.69 -65.78 62.64
CA ILE ZA 39 -2.08 -64.47 62.51
C ILE ZA 39 -2.55 -63.65 63.70
N SER ZA 40 -1.62 -63.28 64.57
CA SER ZA 40 -2.00 -62.54 65.77
C SER ZA 40 -2.52 -61.17 65.40
N THR ZA 41 -3.52 -60.70 66.14
CA THR ZA 41 -4.16 -59.46 65.75
C THR ZA 41 -3.37 -58.25 66.23
N GLY ZA 42 -2.90 -58.28 67.47
CA GLY ZA 42 -2.11 -57.19 68.00
C GLY ZA 42 -1.13 -57.72 69.02
N GLY ZA 43 -0.12 -56.90 69.31
CA GLY ZA 43 0.94 -57.30 70.21
C GLY ZA 43 0.76 -56.73 71.61
N TRP ZA 44 1.69 -57.12 72.48
CA TRP ZA 44 1.69 -56.66 73.85
C TRP ZA 44 2.09 -55.19 73.90
N VAL ZA 45 1.65 -54.51 74.97
CA VAL ZA 45 1.81 -53.07 75.09
C VAL ZA 45 2.04 -52.73 76.57
N GLY ZA 46 2.79 -51.67 76.82
CA GLY ZA 46 2.93 -51.15 78.16
C GLY ZA 46 4.11 -50.21 78.29
N GLY ZA 47 4.40 -49.82 79.54
CA GLY ZA 47 5.63 -49.15 79.88
C GLY ZA 47 5.54 -47.67 80.20
N SER ZA 48 4.35 -47.10 80.20
CA SER ZA 48 4.07 -45.67 80.39
C SER ZA 48 4.85 -44.71 79.51
N TYR ZA 49 4.91 -43.44 79.90
CA TYR ZA 49 5.54 -42.44 79.03
C TYR ZA 49 6.20 -41.25 79.74
N PHE ZA 50 5.38 -40.41 80.39
CA PHE ZA 50 5.81 -39.21 81.13
C PHE ZA 50 6.44 -38.06 80.35
N THR ZA 51 5.60 -37.28 79.66
CA THR ZA 51 5.95 -35.94 79.21
C THR ZA 51 5.30 -34.89 80.11
N ASP ZA 52 5.94 -33.73 80.22
CA ASP ZA 52 5.47 -32.64 81.08
C ASP ZA 52 3.99 -32.35 80.94
N SER ZA 53 3.48 -32.36 79.71
CA SER ZA 53 2.09 -32.01 79.49
C SER ZA 53 1.14 -33.19 79.73
N TYR ZA 54 1.58 -34.42 79.50
CA TYR ZA 54 0.70 -35.56 79.65
C TYR ZA 54 1.49 -36.82 79.92
N VAL ZA 55 0.80 -37.81 80.48
CA VAL ZA 55 1.38 -39.11 80.78
C VAL ZA 55 0.52 -40.16 80.10
N ILE ZA 56 1.15 -41.02 79.31
CA ILE ZA 56 0.48 -42.11 78.63
C ILE ZA 56 0.84 -43.41 79.32
N THR ZA 57 -0.13 -44.01 80.00
CA THR ZA 57 0.07 -45.31 80.62
C THR ZA 57 -0.54 -46.38 79.74
N LYS ZA 58 0.23 -47.44 79.49
CA LYS ZA 58 -0.19 -48.53 78.63
C LYS ZA 58 -0.13 -49.81 79.43
N ASN ZA 59 -1.12 -50.67 79.24
CA ASN ZA 59 -1.19 -51.92 79.98
C ASN ZA 59 -1.80 -52.99 79.10
N THR ZA 60 -1.51 -54.24 79.40
CA THR ZA 60 -2.04 -55.37 78.66
C THR ZA 60 -2.24 -56.52 79.62
N ARG ZA 61 -3.25 -57.34 79.36
CA ARG ZA 61 -3.63 -58.39 80.29
C ARG ZA 61 -3.96 -59.67 79.53
N GLN ZA 62 -4.10 -60.73 80.30
CA GLN ZA 62 -4.63 -61.99 79.82
C GLN ZA 62 -5.88 -62.28 80.63
N PHE ZA 63 -7.00 -62.52 79.97
CA PHE ZA 63 -8.26 -62.68 80.67
C PHE ZA 63 -8.94 -63.96 80.22
N LEU ZA 64 -9.96 -64.39 80.96
CA LEU ZA 64 -10.78 -65.48 80.49
C LEU ZA 64 -12.22 -65.30 80.93
N VAL ZA 65 -13.13 -65.70 80.04
CA VAL ZA 65 -14.57 -65.62 80.26
C VAL ZA 65 -15.07 -67.04 80.48
N LYS ZA 66 -15.81 -67.24 81.57
CA LYS ZA 66 -16.04 -68.57 82.12
C LYS ZA 66 -17.40 -69.19 81.78
N ILE ZA 67 -18.29 -68.49 81.05
CA ILE ZA 67 -19.69 -68.87 80.95
C ILE ZA 67 -20.32 -68.88 82.34
N GLN ZA 68 -20.60 -67.71 82.89
CA GLN ZA 68 -21.28 -67.65 84.17
C GLN ZA 68 -22.77 -67.87 84.00
N ASN ZA 69 -23.36 -68.55 84.99
CA ASN ZA 69 -24.82 -68.57 85.18
C ASN ZA 69 -25.54 -69.29 84.04
N ASN ZA 70 -24.97 -70.39 83.57
CA ASN ZA 70 -25.41 -71.02 82.31
C ASN ZA 70 -25.41 -69.89 81.30
N HIS ZA 71 -26.36 -69.82 80.39
CA HIS ZA 71 -26.60 -68.56 79.70
C HIS ZA 71 -27.86 -67.85 80.16
N GLN ZA 72 -28.64 -68.48 81.03
CA GLN ZA 72 -29.84 -67.86 81.56
C GLN ZA 72 -29.51 -66.86 82.67
N TYR ZA 73 -30.47 -66.00 82.95
CA TYR ZA 73 -30.35 -64.85 83.86
C TYR ZA 73 -30.62 -65.18 85.31
N LYS ZA 74 -31.82 -65.65 85.62
CA LYS ZA 74 -32.36 -65.79 86.96
C LYS ZA 74 -32.43 -64.47 87.71
N THR ZA 75 -32.44 -64.54 89.04
CA THR ZA 75 -32.58 -63.36 89.90
C THR ZA 75 -31.62 -63.50 91.09
N GLU ZA 76 -31.74 -64.61 91.81
CA GLU ZA 76 -30.82 -65.15 92.81
C GLU ZA 76 -31.01 -64.70 94.25
N LEU ZA 77 -31.76 -63.62 94.51
CA LEU ZA 77 -32.18 -63.24 95.87
C LEU ZA 77 -31.07 -63.51 96.89
N ILE ZA 78 -30.01 -62.70 96.83
CA ILE ZA 78 -28.70 -63.16 97.30
C ILE ZA 78 -28.71 -63.64 98.74
N SER ZA 79 -28.70 -62.71 99.70
CA SER ZA 79 -28.85 -62.95 101.13
C SER ZA 79 -27.74 -63.82 101.72
N PRO ZA 80 -27.37 -63.63 102.97
CA PRO ZA 80 -26.93 -64.77 103.77
C PRO ZA 80 -28.08 -65.26 104.62
N SER ZA 81 -27.89 -66.31 105.42
CA SER ZA 81 -28.87 -66.62 106.45
C SER ZA 81 -28.23 -67.12 107.76
N THR ZA 82 -28.45 -66.45 108.91
CA THR ZA 82 -28.83 -65.03 109.13
C THR ZA 82 -29.90 -64.38 108.26
N SER ZA 83 -31.08 -65.02 108.21
CA SER ZA 83 -32.18 -64.53 107.39
C SER ZA 83 -32.58 -63.10 107.73
N GLN ZA 84 -32.15 -62.59 108.89
CA GLN ZA 84 -32.37 -61.20 109.24
C GLN ZA 84 -31.66 -60.23 108.30
N GLY ZA 85 -30.78 -60.73 107.43
CA GLY ZA 85 -30.00 -59.86 106.57
C GLY ZA 85 -30.86 -59.13 105.56
N LYS ZA 86 -30.19 -58.31 104.75
CA LYS ZA 86 -30.89 -57.47 103.78
C LYS ZA 86 -31.56 -58.32 102.70
N SER ZA 87 -30.84 -59.31 102.18
CA SER ZA 87 -31.39 -60.26 101.22
C SER ZA 87 -31.82 -59.57 99.93
N GLN ZA 88 -30.93 -58.75 99.38
CA GLN ZA 88 -31.20 -58.11 98.10
C GLN ZA 88 -31.42 -59.16 97.02
N ARG ZA 89 -32.40 -58.91 96.15
CA ARG ZA 89 -32.78 -59.93 95.19
C ARG ZA 89 -31.83 -59.96 93.99
N CYS ZA 90 -31.37 -58.80 93.56
CA CYS ZA 90 -30.50 -58.62 92.41
C CYS ZA 90 -31.01 -59.28 91.13
N VAL ZA 91 -30.09 -59.50 90.20
CA VAL ZA 91 -30.30 -60.19 88.93
C VAL ZA 91 -28.93 -60.72 88.51
N SER ZA 92 -28.89 -61.93 87.97
CA SER ZA 92 -27.64 -62.44 87.43
C SER ZA 92 -27.77 -62.50 85.93
N THR ZA 93 -26.67 -62.38 85.23
CA THR ZA 93 -26.65 -62.39 83.78
C THR ZA 93 -25.53 -63.29 83.29
N PRO ZA 94 -25.64 -63.80 82.07
CA PRO ZA 94 -24.51 -64.56 81.50
C PRO ZA 94 -23.29 -63.71 81.24
N TRP ZA 95 -23.43 -62.39 81.26
CA TRP ZA 95 -22.35 -61.50 80.84
C TRP ZA 95 -21.30 -61.33 81.91
N SER ZA 96 -20.08 -61.05 81.46
CA SER ZA 96 -18.98 -60.64 82.30
C SER ZA 96 -18.52 -59.28 81.79
N TYR ZA 97 -17.79 -58.55 82.61
CA TYR ZA 97 -17.43 -57.19 82.23
C TYR ZA 97 -16.01 -56.86 82.64
N PHE ZA 98 -15.45 -55.89 81.94
CA PHE ZA 98 -14.12 -55.36 82.22
C PHE ZA 98 -14.24 -54.15 83.13
N ASN ZA 99 -13.64 -54.22 84.30
CA ASN ZA 99 -13.55 -53.09 85.21
C ASN ZA 99 -12.13 -52.55 85.15
N PHE ZA 100 -11.97 -51.36 84.59
CA PHE ZA 100 -10.67 -50.72 84.51
C PHE ZA 100 -10.43 -49.70 85.61
N ASN ZA 101 -11.33 -49.58 86.57
CA ASN ZA 101 -11.35 -48.42 87.46
C ASN ZA 101 -10.51 -48.72 88.69
N GLN ZA 102 -9.31 -48.16 88.73
CA GLN ZA 102 -8.40 -48.13 89.86
C GLN ZA 102 -7.12 -47.49 89.37
N TYR ZA 103 -6.34 -46.93 90.30
CA TYR ZA 103 -5.06 -46.38 89.87
C TYR ZA 103 -3.98 -47.44 89.80
N SER ZA 104 -3.95 -48.35 90.78
CA SER ZA 104 -2.90 -49.35 90.83
C SER ZA 104 -2.90 -50.26 89.62
N SER ZA 105 -3.97 -50.25 88.84
CA SER ZA 105 -3.98 -51.05 87.62
C SER ZA 105 -3.17 -50.39 86.53
N HIS ZA 106 -3.25 -49.06 86.41
CA HIS ZA 106 -2.63 -48.35 85.31
C HIS ZA 106 -1.25 -47.80 85.63
N PHE ZA 107 -0.82 -47.84 86.88
CA PHE ZA 107 0.44 -47.24 87.28
C PHE ZA 107 1.27 -48.23 88.06
N SER ZA 108 2.50 -48.46 87.62
CA SER ZA 108 3.43 -49.21 88.42
C SER ZA 108 3.76 -48.41 89.67
N PRO ZA 109 4.23 -49.08 90.72
CA PRO ZA 109 4.65 -48.33 91.91
C PRO ZA 109 5.68 -47.27 91.63
N GLN ZA 110 6.44 -47.38 90.55
CA GLN ZA 110 7.31 -46.26 90.17
C GLN ZA 110 6.62 -45.22 89.32
N ASP ZA 111 5.78 -45.61 88.36
CA ASP ZA 111 5.07 -44.62 87.57
C ASP ZA 111 4.23 -43.73 88.47
N TRP ZA 112 3.34 -44.33 89.25
CA TRP ZA 112 2.87 -43.67 90.45
C TRP ZA 112 4.10 -43.41 91.31
N GLN ZA 113 4.12 -42.27 91.99
CA GLN ZA 113 5.31 -41.72 92.64
C GLN ZA 113 6.25 -41.03 91.67
N ARG ZA 114 6.18 -41.31 90.38
CA ARG ZA 114 6.80 -40.38 89.48
C ARG ZA 114 5.89 -39.20 89.21
N LEU ZA 115 4.58 -39.42 89.08
CA LEU ZA 115 3.67 -38.30 89.00
C LEU ZA 115 3.33 -37.72 90.36
N THR ZA 116 3.21 -38.55 91.38
CA THR ZA 116 2.87 -38.04 92.70
C THR ZA 116 3.96 -37.11 93.20
N ASN ZA 117 5.21 -37.38 92.84
CA ASN ZA 117 6.29 -36.49 93.23
C ASN ZA 117 6.40 -35.29 92.30
N GLU ZA 118 6.25 -35.51 91.00
CA GLU ZA 118 6.65 -34.50 90.03
C GLU ZA 118 5.53 -33.63 89.51
N TYR ZA 119 4.29 -33.82 89.91
CA TYR ZA 119 3.21 -33.06 89.29
C TYR ZA 119 2.20 -32.55 90.31
N LYS ZA 120 1.64 -31.36 90.02
CA LYS ZA 120 0.57 -30.81 90.84
C LYS ZA 120 -0.70 -31.63 90.74
N ARG ZA 121 -1.13 -31.90 89.52
CA ARG ZA 121 -2.48 -32.39 89.31
C ARG ZA 121 -2.52 -33.19 88.03
N PHE ZA 122 -3.49 -34.08 87.96
CA PHE ZA 122 -3.65 -34.91 86.78
C PHE ZA 122 -5.09 -35.34 86.68
N ARG ZA 123 -5.55 -35.57 85.47
CA ARG ZA 123 -6.84 -36.18 85.24
C ARG ZA 123 -6.73 -37.00 83.98
N PRO ZA 124 -7.44 -38.12 83.90
CA PRO ZA 124 -7.38 -38.90 82.67
C PRO ZA 124 -8.02 -38.14 81.52
N LYS ZA 125 -7.28 -38.02 80.43
CA LYS ZA 125 -7.78 -37.31 79.26
C LYS ZA 125 -8.61 -38.21 78.35
N GLY ZA 126 -8.15 -39.44 78.13
CA GLY ZA 126 -8.82 -40.33 77.21
C GLY ZA 126 -8.45 -41.75 77.53
N MET ZA 127 -9.10 -42.68 76.83
CA MET ZA 127 -8.92 -44.09 77.09
C MET ZA 127 -9.13 -44.86 75.80
N HIS ZA 128 -8.31 -45.88 75.60
CA HIS ZA 128 -8.37 -46.68 74.38
C HIS ZA 128 -8.18 -48.13 74.76
N VAL ZA 129 -9.16 -48.97 74.43
CA VAL ZA 129 -9.15 -50.36 74.85
C VAL ZA 129 -9.22 -51.24 73.62
N LYS ZA 130 -8.47 -52.33 73.63
CA LYS ZA 130 -8.42 -53.25 72.49
C LYS ZA 130 -8.51 -54.67 73.00
N ILE ZA 131 -9.52 -55.39 72.54
CA ILE ZA 131 -9.62 -56.83 72.73
C ILE ZA 131 -8.99 -57.46 71.51
N TYR ZA 132 -8.14 -58.46 71.72
CA TYR ZA 132 -7.51 -59.12 70.58
C TYR ZA 132 -6.90 -60.43 71.06
N ASN ZA 133 -6.34 -61.17 70.11
CA ASN ZA 133 -5.73 -62.46 70.38
C ASN ZA 133 -6.66 -63.39 71.15
N LEU ZA 134 -7.88 -63.52 70.64
CA LEU ZA 134 -8.88 -64.32 71.32
C LEU ZA 134 -8.65 -65.80 71.09
N GLN ZA 135 -9.12 -66.61 72.04
CA GLN ZA 135 -9.00 -68.06 71.95
C GLN ZA 135 -10.23 -68.69 72.57
N ILE ZA 136 -10.80 -69.69 71.92
CA ILE ZA 136 -11.93 -70.44 72.46
C ILE ZA 136 -11.47 -71.87 72.63
N LYS ZA 137 -11.39 -72.35 73.87
CA LYS ZA 137 -10.66 -73.58 74.11
C LYS ZA 137 -11.51 -74.83 74.32
N GLN ZA 138 -12.83 -74.74 74.38
CA GLN ZA 138 -13.67 -75.94 74.35
C GLN ZA 138 -13.31 -76.93 75.47
N ILE ZA 139 -13.73 -76.60 76.69
CA ILE ZA 139 -13.52 -77.52 77.81
C ILE ZA 139 -14.14 -78.87 77.50
N LEU ZA 140 -13.40 -79.94 77.82
CA LEU ZA 140 -13.93 -81.29 77.79
C LEU ZA 140 -13.66 -81.98 79.12
N SER ZA 141 -14.53 -82.90 79.48
CA SER ZA 141 -14.37 -83.73 80.67
C SER ZA 141 -14.68 -85.17 80.33
N ASN ZA 142 -13.71 -86.04 80.48
CA ASN ZA 142 -13.89 -87.48 80.38
C ASN ZA 142 -14.22 -88.10 81.73
N GLY ZA 143 -14.40 -87.26 82.74
CA GLY ZA 143 -14.43 -87.64 84.12
C GLY ZA 143 -13.06 -87.37 84.72
N ALA ZA 144 -13.04 -86.90 85.96
CA ALA ZA 144 -11.85 -86.36 86.62
C ALA ZA 144 -11.21 -85.35 85.66
N ASP ZA 145 -9.88 -85.25 85.61
CA ASP ZA 145 -9.06 -84.64 84.55
C ASP ZA 145 -9.63 -83.34 83.98
N THR ZA 146 -9.41 -83.15 82.68
CA THR ZA 146 -10.02 -82.23 81.72
C THR ZA 146 -9.19 -82.29 80.45
N THR ZA 147 -9.76 -81.83 79.34
CA THR ZA 147 -8.98 -81.64 78.12
C THR ZA 147 -9.50 -80.41 77.41
N TYR ZA 148 -8.62 -79.76 76.65
CA TYR ZA 148 -8.93 -78.53 75.94
C TYR ZA 148 -8.54 -78.75 74.49
N ASN ZA 149 -9.52 -78.81 73.60
CA ASN ZA 149 -9.25 -79.17 72.22
C ASN ZA 149 -8.91 -77.94 71.39
N ASN ZA 150 -8.76 -76.80 72.05
CA ASN ZA 150 -8.86 -75.50 71.42
C ASN ZA 150 -10.23 -75.47 70.76
N ASP ZA 151 -10.35 -74.76 69.66
CA ASP ZA 151 -11.61 -74.68 68.93
C ASP ZA 151 -11.42 -73.68 67.81
N LEU ZA 152 -12.26 -73.78 66.80
CA LEU ZA 152 -12.45 -72.73 65.82
C LEU ZA 152 -13.94 -72.64 65.60
N THR ZA 153 -14.36 -71.76 64.70
CA THR ZA 153 -15.76 -71.54 64.42
C THR ZA 153 -16.56 -71.34 65.70
N ALA ZA 154 -16.03 -70.57 66.62
CA ALA ZA 154 -16.73 -70.18 67.84
C ALA ZA 154 -16.63 -68.68 68.00
N GLY ZA 155 -17.40 -68.12 68.92
CA GLY ZA 155 -17.59 -66.69 68.96
C GLY ZA 155 -17.68 -66.16 70.38
N VAL ZA 156 -17.52 -64.86 70.48
CA VAL ZA 156 -17.54 -64.14 71.74
C VAL ZA 156 -18.28 -62.83 71.52
N HIS ZA 157 -19.28 -62.58 72.35
CA HIS ZA 157 -20.02 -61.34 72.30
C HIS ZA 157 -19.26 -60.28 73.05
N ILE ZA 158 -19.16 -59.08 72.49
CA ILE ZA 158 -18.50 -57.96 73.14
C ILE ZA 158 -19.36 -56.73 72.95
N PHE ZA 159 -19.73 -56.12 74.06
CA PHE ZA 159 -20.68 -55.02 74.05
C PHE ZA 159 -20.17 -53.89 74.95
N CYS ZA 160 -20.33 -52.66 74.51
CA CYS ZA 160 -19.89 -51.48 75.24
C CYS ZA 160 -21.05 -50.53 75.43
N ASP ZA 161 -21.03 -49.75 76.50
CA ASP ZA 161 -22.04 -48.73 76.78
C ASP ZA 161 -21.49 -47.36 76.43
N GLY ZA 162 -21.99 -46.76 75.36
CA GLY ZA 162 -21.69 -45.37 75.13
C GLY ZA 162 -22.76 -44.48 75.72
N GLU ZA 163 -23.96 -45.01 75.83
CA GLU ZA 163 -25.09 -44.25 76.36
C GLU ZA 163 -25.24 -44.39 77.86
N HIS ZA 164 -24.55 -45.36 78.46
CA HIS ZA 164 -24.77 -45.76 79.85
C HIS ZA 164 -26.22 -46.11 80.14
N ALA ZA 165 -26.96 -46.56 79.14
CA ALA ZA 165 -28.11 -47.41 79.43
C ALA ZA 165 -27.58 -48.69 80.04
N TYR ZA 166 -28.44 -49.40 80.74
CA TYR ZA 166 -28.13 -50.60 81.52
C TYR ZA 166 -27.53 -50.22 82.86
N PRO ZA 167 -27.72 -51.08 83.86
CA PRO ZA 167 -27.41 -50.71 85.25
C PRO ZA 167 -25.94 -50.50 85.59
N ASN ZA 168 -25.00 -50.74 84.69
CA ASN ZA 168 -23.57 -50.43 84.85
C ASN ZA 168 -22.94 -50.95 86.15
N ALA ZA 169 -22.58 -52.24 86.16
CA ALA ZA 169 -22.10 -52.92 87.36
C ALA ZA 169 -21.06 -52.12 88.13
N THR ZA 170 -20.16 -51.43 87.43
CA THR ZA 170 -18.97 -50.87 88.08
C THR ZA 170 -19.35 -50.02 89.27
N HIS ZA 171 -18.78 -50.35 90.42
CA HIS ZA 171 -18.84 -49.63 91.68
C HIS ZA 171 -17.41 -49.32 92.07
N PRO ZA 172 -17.15 -48.16 92.66
CA PRO ZA 172 -15.74 -47.74 92.82
C PRO ZA 172 -14.82 -48.76 93.46
N TRP ZA 173 -15.18 -49.35 94.57
CA TRP ZA 173 -14.20 -50.20 95.27
C TRP ZA 173 -14.23 -51.61 94.71
N ASP ZA 174 -15.29 -52.36 95.01
CA ASP ZA 174 -15.50 -53.70 94.49
C ASP ZA 174 -14.21 -54.50 94.73
N GLU ZA 175 -13.72 -55.20 93.74
CA GLU ZA 175 -12.61 -56.13 93.84
C GLU ZA 175 -11.88 -55.96 92.52
N ASP ZA 176 -10.99 -56.90 92.21
CA ASP ZA 176 -10.61 -57.21 90.81
C ASP ZA 176 -10.11 -55.94 90.14
N VAL ZA 177 -10.84 -55.36 89.18
CA VAL ZA 177 -10.36 -54.39 88.23
C VAL ZA 177 -9.26 -55.12 87.49
N MET ZA 178 -8.23 -54.43 87.05
CA MET ZA 178 -7.12 -55.13 86.45
C MET ZA 178 -6.18 -55.57 87.56
N PRO ZA 179 -5.51 -56.71 87.45
CA PRO ZA 179 -4.51 -57.03 88.45
C PRO ZA 179 -3.42 -55.96 88.37
N GLU ZA 180 -3.08 -55.40 89.52
CA GLU ZA 180 -2.08 -54.32 89.53
C GLU ZA 180 -0.79 -54.74 88.87
N LEU ZA 181 -0.57 -56.05 88.77
CA LEU ZA 181 0.65 -56.63 88.29
C LEU ZA 181 0.39 -57.29 86.96
N PRO ZA 182 1.07 -56.95 85.86
CA PRO ZA 182 0.80 -57.65 84.60
C PRO ZA 182 1.21 -59.11 84.69
N TYR ZA 183 1.16 -59.84 83.58
CA TYR ZA 183 1.46 -61.27 83.50
C TYR ZA 183 0.54 -62.08 84.39
N GLN ZA 184 -0.26 -61.40 85.20
CA GLN ZA 184 -1.21 -62.05 86.08
C GLN ZA 184 -2.54 -62.11 85.35
N THR ZA 185 -3.01 -63.33 85.10
CA THR ZA 185 -4.22 -63.49 84.33
C THR ZA 185 -5.40 -62.85 85.03
N TRP ZA 186 -6.32 -62.30 84.25
CA TRP ZA 186 -7.39 -61.49 84.80
C TRP ZA 186 -8.71 -62.19 84.62
N TYR ZA 187 -9.28 -62.69 85.71
CA TYR ZA 187 -10.55 -63.39 85.67
C TYR ZA 187 -11.68 -62.39 85.75
N LEU ZA 188 -12.56 -62.42 84.75
CA LEU ZA 188 -13.70 -61.53 84.73
C LEU ZA 188 -14.75 -61.98 85.73
N PHE ZA 189 -15.64 -61.05 86.06
CA PHE ZA 189 -16.69 -61.28 87.04
C PHE ZA 189 -18.06 -61.08 86.41
N GLN ZA 190 -19.03 -61.83 86.94
CA GLN ZA 190 -20.35 -61.85 86.35
C GLN ZA 190 -21.04 -60.50 86.51
N TYR ZA 191 -21.82 -60.13 85.50
CA TYR ZA 191 -22.57 -58.88 85.55
C TYR ZA 191 -23.93 -59.11 86.18
N GLY ZA 192 -24.27 -58.27 87.15
CA GLY ZA 192 -25.56 -58.34 87.80
C GLY ZA 192 -25.97 -56.96 88.23
N TYR ZA 193 -27.23 -56.84 88.65
CA TYR ZA 193 -27.70 -55.55 89.09
C TYR ZA 193 -28.91 -55.73 90.00
N ILE ZA 194 -29.17 -54.72 90.82
CA ILE ZA 194 -30.33 -54.71 91.70
C ILE ZA 194 -31.50 -54.13 90.94
N PRO ZA 195 -32.52 -54.92 90.59
CA PRO ZA 195 -33.69 -54.32 89.95
C PRO ZA 195 -34.48 -53.42 90.89
N VAL ZA 196 -34.73 -53.87 92.12
CA VAL ZA 196 -35.51 -53.12 93.11
C VAL ZA 196 -35.12 -53.61 94.49
N ILE ZA 197 -35.26 -52.74 95.49
CA ILE ZA 197 -35.07 -53.13 96.89
C ILE ZA 197 -35.92 -54.35 97.19
N HIS ZA 198 -35.29 -55.37 97.79
CA HIS ZA 198 -36.01 -56.61 98.03
C HIS ZA 198 -37.17 -56.41 98.98
N GLU ZA 199 -36.90 -55.88 100.16
CA GLU ZA 199 -37.99 -55.37 100.97
C GLU ZA 199 -38.68 -54.27 100.19
N LEU ZA 200 -39.95 -53.98 100.50
CA LEU ZA 200 -40.75 -53.12 99.65
C LEU ZA 200 -40.94 -53.76 98.29
N ALA ZA 201 -41.94 -54.65 98.19
CA ALA ZA 201 -42.12 -55.73 97.21
C ALA ZA 201 -41.75 -57.12 97.72
N GLU ZA 202 -41.41 -57.26 99.00
CA GLU ZA 202 -41.14 -58.59 99.53
C GLU ZA 202 -42.18 -59.69 99.19
N MET ZA 203 -43.51 -59.46 99.26
CA MET ZA 203 -44.19 -58.33 99.87
C MET ZA 203 -45.15 -58.90 100.90
N GLU ZA 204 -45.56 -58.10 101.88
CA GLU ZA 204 -46.32 -58.65 102.99
C GLU ZA 204 -47.82 -58.50 102.77
N ASP ZA 205 -48.48 -59.62 102.49
CA ASP ZA 205 -49.93 -59.72 102.42
C ASP ZA 205 -50.53 -58.61 101.56
N SER ZA 206 -51.68 -58.09 101.98
CA SER ZA 206 -52.20 -56.80 101.53
C SER ZA 206 -52.07 -56.67 99.96
N ASN ZA 207 -51.36 -55.75 99.29
CA ASN ZA 207 -50.73 -54.51 99.75
C ASN ZA 207 -51.06 -53.37 98.81
N ALA ZA 208 -50.64 -53.55 97.56
CA ALA ZA 208 -50.86 -52.67 96.41
C ALA ZA 208 -49.94 -51.46 96.44
N VAL ZA 209 -49.35 -51.16 97.58
CA VAL ZA 209 -48.25 -50.19 97.61
C VAL ZA 209 -46.93 -50.88 97.29
N GLU ZA 210 -46.74 -52.10 97.79
CA GLU ZA 210 -45.58 -52.89 97.37
C GLU ZA 210 -45.89 -53.76 96.17
N LYS ZA 211 -47.17 -53.91 95.82
CA LYS ZA 211 -47.49 -54.54 94.55
C LYS ZA 211 -46.96 -53.69 93.41
N ALA ZA 212 -47.32 -52.41 93.39
CA ALA ZA 212 -46.52 -51.47 92.65
C ALA ZA 212 -45.15 -51.40 93.29
N ILE ZA 213 -44.15 -51.05 92.49
CA ILE ZA 213 -42.73 -51.14 92.79
C ILE ZA 213 -42.26 -52.58 92.67
N CYS ZA 214 -43.17 -53.53 92.81
CA CYS ZA 214 -42.88 -54.90 92.37
C CYS ZA 214 -43.20 -55.07 90.89
N LEU ZA 215 -44.33 -54.53 90.47
CA LEU ZA 215 -44.70 -54.57 89.06
C LEU ZA 215 -43.76 -53.73 88.22
N GLN ZA 216 -43.20 -52.68 88.80
CA GLN ZA 216 -42.42 -51.75 88.01
C GLN ZA 216 -40.96 -52.12 87.92
N ILE ZA 217 -40.54 -53.25 88.50
CA ILE ZA 217 -39.11 -53.54 88.51
C ILE ZA 217 -38.69 -53.70 87.05
N PRO ZA 218 -37.72 -52.93 86.59
CA PRO ZA 218 -37.28 -53.06 85.20
C PRO ZA 218 -36.41 -54.29 85.03
N PHE ZA 219 -36.41 -54.81 83.83
CA PHE ZA 219 -35.60 -55.98 83.49
C PHE ZA 219 -34.77 -55.64 82.27
N PHE ZA 220 -33.47 -55.59 82.46
CA PHE ZA 220 -32.54 -55.19 81.42
C PHE ZA 220 -31.84 -56.41 80.87
N MET ZA 221 -31.57 -56.38 79.58
CA MET ZA 221 -30.94 -57.49 78.88
C MET ZA 221 -29.92 -56.90 77.93
N LEU ZA 222 -28.75 -57.51 77.88
CA LEU ZA 222 -27.72 -56.99 77.01
C LEU ZA 222 -27.86 -57.50 75.59
N GLU ZA 223 -28.91 -58.25 75.29
CA GLU ZA 223 -29.05 -58.72 73.93
C GLU ZA 223 -29.58 -57.61 73.06
N ASN ZA 224 -30.89 -57.28 73.13
CA ASN ZA 224 -31.37 -55.92 72.92
C ASN ZA 224 -30.49 -55.15 71.94
N SER ZA 225 -29.91 -54.06 72.41
CA SER ZA 225 -28.98 -53.28 71.60
C SER ZA 225 -27.89 -54.15 71.02
N ASP ZA 226 -27.52 -53.86 69.77
CA ASP ZA 226 -26.62 -54.73 69.03
C ASP ZA 226 -25.20 -54.65 69.56
N HIS ZA 227 -24.43 -55.69 69.27
CA HIS ZA 227 -23.05 -55.77 69.71
C HIS ZA 227 -22.30 -56.74 68.81
N GLU ZA 228 -20.99 -56.70 68.89
CA GLU ZA 228 -20.16 -57.47 67.99
C GLU ZA 228 -19.89 -58.86 68.54
N VAL ZA 229 -19.87 -59.83 67.65
CA VAL ZA 229 -19.39 -61.17 67.95
C VAL ZA 229 -18.03 -61.31 67.26
N LEU ZA 230 -17.13 -62.07 67.87
CA LEU ZA 230 -15.79 -62.20 67.34
C LEU ZA 230 -15.39 -63.67 67.34
N ARG ZA 231 -14.91 -64.15 66.20
CA ARG ZA 231 -14.17 -65.40 66.23
C ARG ZA 231 -12.73 -65.07 66.62
N THR ZA 232 -11.85 -66.06 66.48
CA THR ZA 232 -10.46 -65.86 66.89
C THR ZA 232 -9.78 -64.73 66.14
N GLY ZA 233 -9.72 -64.81 64.82
CA GLY ZA 233 -8.92 -63.86 64.05
C GLY ZA 233 -9.33 -62.41 64.22
N GLU ZA 234 -10.57 -62.15 64.62
CA GLU ZA 234 -11.07 -60.79 64.76
C GLU ZA 234 -10.64 -60.17 66.08
N SER ZA 235 -10.63 -58.83 66.11
CA SER ZA 235 -10.42 -58.05 67.32
C SER ZA 235 -11.43 -56.91 67.38
N THR ZA 236 -11.29 -56.08 68.40
CA THR ZA 236 -12.18 -54.93 68.58
C THR ZA 236 -11.43 -53.84 69.33
N GLU ZA 237 -11.76 -52.59 69.00
CA GLU ZA 237 -11.23 -51.43 69.71
C GLU ZA 237 -12.36 -50.65 70.32
N PHE ZA 238 -12.05 -49.92 71.39
CA PHE ZA 238 -12.99 -48.99 71.99
C PHE ZA 238 -12.22 -47.76 72.44
N THR ZA 239 -12.83 -46.60 72.27
CA THR ZA 239 -12.24 -45.35 72.73
C THR ZA 239 -13.17 -44.68 73.73
N PHE ZA 240 -12.59 -43.80 74.54
CA PHE ZA 240 -13.36 -43.06 75.52
C PHE ZA 240 -12.73 -41.69 75.68
N ASN ZA 241 -13.57 -40.70 75.93
CA ASN ZA 241 -13.11 -39.37 76.27
C ASN ZA 241 -13.75 -38.96 77.58
N PHE ZA 242 -13.05 -38.13 78.34
CA PHE ZA 242 -13.45 -37.81 79.70
C PHE ZA 242 -13.70 -36.31 79.82
N ASP ZA 243 -14.91 -35.96 80.24
CA ASP ZA 243 -15.15 -34.66 80.85
C ASP ZA 243 -14.99 -34.88 82.35
N CYS ZA 244 -13.91 -34.34 82.90
CA CYS ZA 244 -13.40 -34.86 84.15
C CYS ZA 244 -12.74 -33.75 84.95
N GLU ZA 245 -12.87 -33.82 86.26
CA GLU ZA 245 -12.26 -32.85 87.16
C GLU ZA 245 -10.86 -33.27 87.52
N TRP ZA 246 -9.97 -32.29 87.65
CA TRP ZA 246 -8.62 -32.57 88.09
C TRP ZA 246 -8.62 -33.19 89.47
N ILE ZA 247 -7.65 -34.05 89.74
CA ILE ZA 247 -7.35 -34.47 91.10
C ILE ZA 247 -6.00 -33.87 91.45
N ASN ZA 248 -5.96 -33.15 92.56
CA ASN ZA 248 -4.85 -32.25 92.87
C ASN ZA 248 -3.90 -32.90 93.86
N ASN ZA 249 -2.64 -32.99 93.48
CA ASN ZA 249 -1.57 -33.36 94.40
C ASN ZA 249 -0.88 -32.09 94.83
N GLU ZA 250 -1.11 -31.68 96.06
CA GLU ZA 250 -0.75 -30.38 96.62
C GLU ZA 250 -1.08 -30.42 98.09
N ARG ZA 251 -0.47 -29.52 98.84
CA ARG ZA 251 -0.58 -29.53 100.28
C ARG ZA 251 -0.69 -28.10 100.78
N ALA ZA 252 -1.64 -27.86 101.65
CA ALA ZA 252 -1.75 -26.58 102.32
C ALA ZA 252 -0.97 -26.66 103.62
N TYR ZA 253 0.05 -25.82 103.74
CA TYR ZA 253 0.88 -25.82 104.93
C TYR ZA 253 0.22 -25.13 106.11
N ILE ZA 254 -0.86 -24.40 105.88
CA ILE ZA 254 -1.62 -23.76 106.96
C ILE ZA 254 -3.10 -23.89 106.65
N PRO ZA 255 -3.94 -23.82 107.69
CA PRO ZA 255 -5.38 -23.73 107.47
C PRO ZA 255 -5.71 -22.49 106.67
N PRO ZA 256 -6.83 -22.47 105.97
CA PRO ZA 256 -7.19 -21.26 105.22
C PRO ZA 256 -7.48 -20.06 106.11
N GLY ZA 257 -7.92 -20.29 107.33
CA GLY ZA 257 -8.15 -19.20 108.25
C GLY ZA 257 -6.91 -18.66 108.92
N LEU ZA 258 -5.76 -19.26 108.67
CA LEU ZA 258 -4.51 -18.86 109.29
C LEU ZA 258 -3.73 -17.91 108.39
N MET ZA 259 -4.31 -17.46 107.30
CA MET ZA 259 -3.62 -16.60 106.34
C MET ZA 259 -3.84 -15.15 106.75
N PHE ZA 260 -2.78 -14.52 107.23
CA PHE ZA 260 -2.79 -13.10 107.58
C PHE ZA 260 -1.40 -12.73 108.07
N ASN ZA 261 -1.12 -11.45 108.10
CA ASN ZA 261 0.14 -10.97 108.63
C ASN ZA 261 -0.06 -10.72 110.11
N PRO ZA 262 0.48 -11.57 110.98
CA PRO ZA 262 0.22 -11.41 112.41
C PRO ZA 262 0.93 -10.22 113.01
N LEU ZA 263 1.91 -9.66 112.31
CA LEU ZA 263 2.58 -8.48 112.80
C LEU ZA 263 1.65 -7.27 112.79
N VAL ZA 264 0.85 -7.14 111.75
CA VAL ZA 264 0.04 -5.92 111.58
C VAL ZA 264 -1.14 -5.96 112.52
N PRO ZA 265 -1.43 -4.88 113.25
CA PRO ZA 265 -2.63 -4.86 114.09
C PRO ZA 265 -3.88 -4.89 113.22
N THR ZA 266 -5.00 -5.25 113.85
CA THR ZA 266 -6.26 -5.35 113.15
C THR ZA 266 -7.24 -4.32 113.67
N ARG ZA 267 -8.12 -3.86 112.79
CA ARG ZA 267 -9.24 -3.04 113.22
C ARG ZA 267 -10.50 -3.88 113.32
N ARG ZA 268 -10.85 -4.25 114.55
CA ARG ZA 268 -11.95 -5.15 114.86
C ARG ZA 268 -12.06 -5.18 116.38
N ALA ZA 269 -13.18 -5.68 116.90
CA ALA ZA 269 -13.34 -5.69 118.34
C ALA ZA 269 -14.13 -6.93 118.75
N GLN ZA 270 -13.94 -7.32 120.00
CA GLN ZA 270 -14.60 -8.48 120.58
C GLN ZA 270 -15.43 -8.00 121.76
N TYR ZA 271 -16.75 -8.08 121.62
CA TYR ZA 271 -17.62 -7.93 122.77
C TYR ZA 271 -17.80 -9.33 123.36
N ILE ZA 272 -17.70 -9.44 124.66
CA ILE ZA 272 -17.87 -10.72 125.35
C ILE ZA 272 -18.95 -10.57 126.39
N ARG ZA 273 -19.96 -11.42 126.31
CA ARG ZA 273 -21.11 -11.35 127.20
C ARG ZA 273 -20.68 -11.56 128.66
N ARG ZA 274 -21.49 -11.03 129.57
CA ARG ZA 274 -21.32 -11.35 130.98
C ARG ZA 274 -21.27 -12.86 131.17
N ASN ZA 275 -20.30 -13.31 131.95
CA ASN ZA 275 -19.99 -14.73 131.98
C ASN ZA 275 -20.99 -15.52 132.81
N ASN ZA 276 -21.63 -14.87 133.78
CA ASN ZA 276 -22.64 -15.52 134.62
C ASN ZA 276 -22.09 -16.80 135.22
N ASN ZA 277 -21.19 -16.62 136.20
CA ASN ZA 277 -20.30 -17.65 136.74
C ASN ZA 277 -19.24 -17.95 135.68
N PRO ZA 278 -18.00 -18.24 136.10
CA PRO ZA 278 -17.47 -17.92 137.44
C PRO ZA 278 -17.42 -16.41 137.76
N GLN ZA 279 -16.93 -15.62 136.82
CA GLN ZA 279 -16.50 -14.26 137.11
C GLN ZA 279 -16.26 -13.52 135.79
N THR ZA 280 -15.59 -12.36 135.83
CA THR ZA 280 -15.20 -11.61 134.63
C THR ZA 280 -16.39 -11.07 133.85
N ALA ZA 281 -16.97 -9.98 134.36
CA ALA ZA 281 -18.08 -9.30 133.70
C ALA ZA 281 -17.66 -8.79 132.32
N GLU ZA 282 -18.69 -8.52 131.51
CA GLU ZA 282 -18.51 -8.27 130.08
C GLU ZA 282 -17.53 -7.12 129.82
N SER ZA 283 -16.79 -7.25 128.72
CA SER ZA 283 -15.86 -6.21 128.29
C SER ZA 283 -15.69 -6.31 126.79
N THR ZA 284 -15.41 -5.17 126.16
CA THR ZA 284 -15.03 -5.11 124.76
C THR ZA 284 -13.54 -4.80 124.63
N SER ZA 285 -12.93 -5.33 123.59
CA SER ZA 285 -11.49 -5.19 123.41
C SER ZA 285 -11.14 -5.36 121.95
N ARG ZA 286 -9.98 -4.84 121.58
CA ARG ZA 286 -9.50 -5.01 120.22
C ARG ZA 286 -8.90 -6.39 120.04
N ILE ZA 287 -9.13 -6.97 118.87
CA ILE ZA 287 -8.59 -8.28 118.56
C ILE ZA 287 -7.08 -8.19 118.43
N ALA ZA 288 -6.38 -9.14 119.04
CA ALA ZA 288 -4.93 -9.15 119.04
C ALA ZA 288 -4.40 -9.22 117.62
N PRO ZA 289 -3.19 -8.70 117.39
CA PRO ZA 289 -2.64 -8.73 116.01
C PRO ZA 289 -2.50 -10.14 115.48
N TYR ZA 290 -1.94 -11.04 116.28
CA TYR ZA 290 -2.03 -12.46 116.00
C TYR ZA 290 -3.47 -12.90 116.21
N ALA ZA 291 -3.81 -14.06 115.64
CA ALA ZA 291 -5.12 -14.66 115.84
C ALA ZA 291 -6.24 -13.72 115.42
N LYS ZA 292 -6.16 -13.25 114.20
CA LYS ZA 292 -7.22 -12.46 113.63
C LYS ZA 292 -8.38 -13.36 113.24
N PRO ZA 293 -9.61 -12.85 113.29
CA PRO ZA 293 -10.75 -13.67 112.86
C PRO ZA 293 -10.68 -13.99 111.39
N THR ZA 294 -11.47 -14.97 110.99
CA THR ZA 294 -11.45 -15.43 109.62
C THR ZA 294 -12.84 -15.67 109.09
N SER ZA 295 -12.95 -15.61 107.78
CA SER ZA 295 -13.99 -16.29 107.03
C SER ZA 295 -13.57 -17.75 106.85
N TRP ZA 296 -14.18 -18.40 105.88
CA TRP ZA 296 -13.66 -19.70 105.47
C TRP ZA 296 -13.84 -20.76 106.55
N MET ZA 297 -15.09 -21.18 106.68
CA MET ZA 297 -15.58 -22.27 107.49
C MET ZA 297 -14.95 -23.60 107.05
N THR ZA 298 -14.96 -24.57 107.97
CA THR ZA 298 -14.45 -25.89 107.67
C THR ZA 298 -15.41 -26.68 106.78
N GLY ZA 299 -14.86 -27.67 106.10
CA GLY ZA 299 -15.65 -28.53 105.25
C GLY ZA 299 -16.63 -29.36 106.05
N PRO ZA 300 -17.68 -29.84 105.38
CA PRO ZA 300 -18.74 -30.54 106.09
C PRO ZA 300 -18.38 -31.98 106.41
N GLY ZA 301 -19.02 -32.51 107.44
CA GLY ZA 301 -18.86 -33.90 107.82
C GLY ZA 301 -20.03 -34.30 108.69
N LEU ZA 302 -20.16 -35.61 108.92
CA LEU ZA 302 -21.13 -36.13 109.88
C LEU ZA 302 -20.41 -37.07 110.84
N LEU ZA 303 -20.21 -36.61 112.07
CA LEU ZA 303 -19.47 -37.37 113.07
C LEU ZA 303 -20.30 -38.01 114.17
N SER ZA 304 -21.61 -37.82 114.21
CA SER ZA 304 -22.34 -38.19 115.41
C SER ZA 304 -22.65 -39.69 115.46
N ALA ZA 305 -22.97 -40.27 114.32
CA ALA ZA 305 -23.51 -41.61 114.23
C ALA ZA 305 -22.47 -42.67 114.59
N GLN ZA 306 -22.95 -43.88 114.87
CA GLN ZA 306 -22.11 -45.04 115.08
C GLN ZA 306 -22.68 -46.21 114.30
N ARG ZA 307 -21.79 -47.03 113.73
CA ARG ZA 307 -22.23 -48.19 112.98
C ARG ZA 307 -23.08 -49.10 113.87
N VAL ZA 308 -24.10 -49.69 113.27
CA VAL ZA 308 -25.21 -50.30 114.01
C VAL ZA 308 -25.26 -51.79 113.75
N GLY ZA 309 -24.97 -52.58 114.78
CA GLY ZA 309 -25.30 -53.98 114.78
C GLY ZA 309 -24.22 -54.87 114.20
N PRO ZA 310 -24.58 -56.12 113.92
CA PRO ZA 310 -23.58 -57.10 113.51
C PRO ZA 310 -23.18 -56.90 112.06
N ALA ZA 311 -21.99 -57.41 111.74
CA ALA ZA 311 -21.52 -57.39 110.36
C ALA ZA 311 -22.40 -58.28 109.49
N THR ZA 312 -22.32 -58.04 108.18
CA THR ZA 312 -23.12 -58.64 107.11
C THR ZA 312 -24.52 -58.07 107.10
N SER ZA 313 -24.89 -57.22 108.05
CA SER ZA 313 -26.17 -56.55 108.10
C SER ZA 313 -26.13 -55.16 107.48
N ASP ZA 314 -25.03 -54.79 106.84
CA ASP ZA 314 -24.84 -53.44 106.29
C ASP ZA 314 -24.87 -52.39 107.39
N THR ZA 315 -23.80 -52.32 108.18
CA THR ZA 315 -23.70 -51.28 109.18
C THR ZA 315 -22.98 -50.08 108.60
N GLY ZA 316 -23.73 -49.02 108.32
CA GLY ZA 316 -23.14 -47.84 107.72
C GLY ZA 316 -22.97 -46.64 108.62
N ALA ZA 317 -23.63 -46.67 109.76
CA ALA ZA 317 -23.84 -45.58 110.72
C ALA ZA 317 -24.74 -44.48 110.14
N TRP ZA 318 -24.92 -44.42 108.83
CA TRP ZA 318 -25.89 -43.54 108.21
C TRP ZA 318 -26.55 -44.34 107.10
N MET ZA 319 -27.86 -44.56 107.22
CA MET ZA 319 -28.61 -45.29 106.21
C MET ZA 319 -29.47 -44.29 105.48
N VAL ZA 320 -29.41 -44.31 104.15
CA VAL ZA 320 -30.18 -43.37 103.36
C VAL ZA 320 -31.62 -43.86 103.20
N ALA ZA 321 -31.79 -45.13 102.92
CA ALA ZA 321 -33.09 -45.77 102.74
C ALA ZA 321 -34.05 -45.04 101.80
N VAL ZA 322 -35.35 -45.25 102.01
CA VAL ZA 322 -36.41 -44.62 101.24
C VAL ZA 322 -37.58 -44.24 102.14
N LYS ZA 323 -38.23 -45.24 102.73
CA LYS ZA 323 -39.45 -45.08 103.49
C LYS ZA 323 -40.61 -44.47 102.67
N PRO ZA 324 -41.17 -45.22 101.72
CA PRO ZA 324 -42.46 -44.82 101.16
C PRO ZA 324 -43.52 -44.82 102.25
N GLU ZA 325 -44.62 -44.10 101.98
CA GLU ZA 325 -45.50 -43.69 103.07
C GLU ZA 325 -46.17 -44.88 103.73
N ASN ZA 326 -46.63 -45.85 102.95
CA ASN ZA 326 -47.18 -47.05 103.56
C ASN ZA 326 -46.21 -48.22 103.48
N ALA ZA 327 -46.16 -48.83 102.32
CA ALA ZA 327 -45.34 -50.01 102.04
C ALA ZA 327 -45.57 -51.05 103.13
N SER ZA 328 -44.51 -51.76 103.48
CA SER ZA 328 -44.38 -52.50 104.73
C SER ZA 328 -42.90 -52.78 104.92
N ILE ZA 329 -42.50 -52.99 106.17
CA ILE ZA 329 -41.08 -53.12 106.47
C ILE ZA 329 -40.91 -54.18 107.55
N ASP ZA 330 -39.93 -55.04 107.35
CA ASP ZA 330 -39.54 -56.05 108.33
C ASP ZA 330 -38.69 -55.37 109.40
N THR ZA 331 -37.99 -56.15 110.22
CA THR ZA 331 -36.98 -55.56 111.08
C THR ZA 331 -36.04 -54.70 110.24
N GLY ZA 332 -35.76 -53.51 110.74
CA GLY ZA 332 -35.08 -52.51 109.93
C GLY ZA 332 -35.95 -51.32 109.57
N MET ZA 333 -35.40 -50.19 109.10
CA MET ZA 333 -33.97 -49.84 108.92
C MET ZA 333 -33.13 -50.94 108.25
N SER ZA 334 -32.07 -51.39 108.90
CA SER ZA 334 -31.26 -52.53 108.46
C SER ZA 334 -30.72 -52.32 107.01
N GLY ZA 335 -31.08 -53.06 105.93
CA GLY ZA 335 -32.30 -53.81 105.65
C GLY ZA 335 -33.15 -53.08 104.63
N ILE ZA 336 -32.97 -51.76 104.57
CA ILE ZA 336 -33.42 -50.94 103.45
C ILE ZA 336 -32.38 -49.86 103.25
N GLY ZA 337 -32.19 -49.46 102.00
CA GLY ZA 337 -31.23 -48.42 101.70
C GLY ZA 337 -29.80 -48.84 101.95
N SER ZA 338 -28.92 -47.87 101.86
CA SER ZA 338 -27.48 -48.11 101.81
C SER ZA 338 -26.79 -47.34 102.92
N GLY ZA 339 -25.69 -47.91 103.42
CA GLY ZA 339 -24.86 -47.18 104.37
C GLY ZA 339 -24.04 -46.12 103.68
N PHE ZA 340 -23.94 -44.96 104.31
CA PHE ZA 340 -23.16 -43.85 103.80
C PHE ZA 340 -21.77 -43.89 104.43
N ASP ZA 341 -20.75 -44.00 103.60
CA ASP ZA 341 -19.40 -44.24 104.07
C ASP ZA 341 -18.37 -43.55 103.19
N PRO ZA 342 -17.31 -42.98 103.78
CA PRO ZA 342 -17.17 -42.49 105.16
C PRO ZA 342 -17.80 -41.14 105.41
N PRO ZA 343 -18.64 -41.02 106.45
CA PRO ZA 343 -18.75 -39.73 107.12
C PRO ZA 343 -17.73 -39.61 108.27
N GLN ZA 344 -17.06 -38.48 108.56
CA GLN ZA 344 -16.49 -37.54 107.62
C GLN ZA 344 -17.50 -36.93 106.61
N GLY ZA 345 -17.18 -36.60 105.34
CA GLY ZA 345 -15.88 -36.38 104.73
C GLY ZA 345 -15.12 -35.24 105.38
N SER ZA 346 -13.84 -35.12 105.02
CA SER ZA 346 -12.95 -34.15 105.66
C SER ZA 346 -13.02 -34.30 107.17
N LEU ZA 347 -13.02 -33.18 107.89
CA LEU ZA 347 -13.48 -33.12 109.28
C LEU ZA 347 -12.90 -34.26 110.10
N ALA ZA 348 -11.64 -34.17 110.47
CA ALA ZA 348 -10.85 -35.32 110.89
C ALA ZA 348 -11.62 -36.21 111.87
N PRO ZA 349 -11.63 -37.52 111.65
CA PRO ZA 349 -12.54 -38.41 112.40
C PRO ZA 349 -12.09 -38.63 113.83
N THR ZA 350 -13.02 -39.15 114.62
CA THR ZA 350 -12.77 -39.46 116.02
C THR ZA 350 -12.00 -40.76 116.14
N ASN ZA 351 -12.63 -41.88 115.80
CA ASN ZA 351 -11.93 -43.15 115.93
C ASN ZA 351 -11.85 -43.85 114.58
N LEU ZA 352 -11.32 -45.08 114.63
CA LEU ZA 352 -11.07 -45.89 113.45
C LEU ZA 352 -12.34 -46.13 112.64
N GLU ZA 353 -13.49 -46.04 113.30
CA GLU ZA 353 -14.75 -46.42 112.68
C GLU ZA 353 -15.05 -45.59 111.43
N TYR ZA 354 -14.54 -44.36 111.38
CA TYR ZA 354 -14.75 -43.47 110.25
C TYR ZA 354 -13.59 -43.43 109.28
N LYS ZA 355 -12.53 -44.19 109.52
CA LYS ZA 355 -11.22 -43.94 108.93
C LYS ZA 355 -11.04 -44.64 107.59
N ILE ZA 356 -12.12 -45.17 107.03
CA ILE ZA 356 -12.16 -46.10 105.91
C ILE ZA 356 -11.34 -47.33 106.31
N GLN ZA 357 -10.89 -48.10 105.32
CA GLN ZA 357 -10.06 -49.28 105.50
C GLN ZA 357 -10.14 -50.04 104.17
N TRP ZA 358 -9.20 -50.94 103.87
CA TRP ZA 358 -9.45 -51.95 102.85
C TRP ZA 358 -8.42 -53.05 102.99
N TYR ZA 359 -8.72 -54.20 102.40
CA TYR ZA 359 -7.86 -55.37 102.61
C TYR ZA 359 -6.82 -55.53 101.51
N GLN ZA 360 -6.97 -54.80 100.40
CA GLN ZA 360 -6.06 -54.89 99.24
C GLN ZA 360 -5.71 -56.32 98.88
N THR ZA 361 -6.65 -57.25 99.06
CA THR ZA 361 -6.43 -58.67 98.87
C THR ZA 361 -7.73 -59.40 99.13
N PRO ZA 362 -8.11 -60.33 98.26
CA PRO ZA 362 -9.30 -61.14 98.55
C PRO ZA 362 -9.09 -62.14 99.67
N GLN ZA 363 -7.85 -62.59 99.88
CA GLN ZA 363 -7.57 -63.53 100.95
C GLN ZA 363 -7.59 -62.86 102.31
N GLY ZA 364 -7.74 -61.54 102.36
CA GLY ZA 364 -7.69 -60.82 103.62
C GLY ZA 364 -8.74 -61.21 104.61
N THR ZA 365 -8.31 -61.65 105.80
CA THR ZA 365 -9.22 -62.00 106.88
C THR ZA 365 -9.56 -60.73 107.66
N ASN ZA 366 -10.18 -60.87 108.83
CA ASN ZA 366 -10.63 -59.70 109.57
C ASN ZA 366 -9.49 -58.72 109.81
N ASN ZA 367 -8.42 -59.15 110.48
CA ASN ZA 367 -7.19 -58.38 110.53
C ASN ZA 367 -6.10 -59.15 109.81
N ASN ZA 368 -5.80 -58.72 108.59
CA ASN ZA 368 -4.78 -59.20 107.67
C ASN ZA 368 -4.96 -58.36 106.43
N GLY ZA 369 -3.94 -58.19 105.61
CA GLY ZA 369 -4.09 -57.14 104.63
C GLY ZA 369 -4.41 -55.89 105.41
N ASN ZA 370 -5.58 -55.33 105.16
CA ASN ZA 370 -6.24 -54.45 106.13
C ASN ZA 370 -5.47 -53.15 106.34
N ILE ZA 371 -5.08 -52.51 105.26
CA ILE ZA 371 -4.39 -51.23 105.41
C ILE ZA 371 -5.44 -50.15 105.66
N ILE ZA 372 -5.15 -49.27 106.58
CA ILE ZA 372 -6.12 -48.30 107.07
C ILE ZA 372 -5.69 -46.92 106.64
N SER ZA 373 -6.65 -46.10 106.23
CA SER ZA 373 -6.33 -44.75 105.81
C SER ZA 373 -5.78 -43.95 106.97
N ASN ZA 374 -5.05 -42.88 106.65
CA ASN ZA 374 -4.34 -42.10 107.64
C ASN ZA 374 -4.42 -40.63 107.25
N GLN ZA 375 -4.01 -39.75 108.16
CA GLN ZA 375 -4.08 -38.33 107.86
C GLN ZA 375 -2.94 -37.91 106.94
N PRO ZA 376 -3.22 -37.14 105.90
CA PRO ZA 376 -2.14 -36.70 105.00
C PRO ZA 376 -1.17 -35.73 105.65
N LEU ZA 377 -1.55 -35.16 106.79
CA LEU ZA 377 -0.86 -34.08 107.48
C LEU ZA 377 -1.02 -32.77 106.72
N SER ZA 378 -1.67 -32.79 105.55
CA SER ZA 378 -2.15 -31.57 104.92
C SER ZA 378 -3.10 -30.85 105.87
N MET ZA 379 -3.08 -29.52 105.82
CA MET ZA 379 -3.81 -28.73 106.79
C MET ZA 379 -5.22 -28.39 106.37
N LEU ZA 380 -5.70 -28.89 105.24
CA LEU ZA 380 -6.99 -28.39 104.76
C LEU ZA 380 -8.27 -28.87 105.45
N ARG ZA 381 -8.79 -30.11 105.36
CA ARG ZA 381 -8.27 -31.50 105.32
C ARG ZA 381 -8.16 -32.11 106.74
N ASP ZA 382 -8.31 -31.30 107.79
CA ASP ZA 382 -8.42 -31.85 109.12
C ASP ZA 382 -9.71 -31.36 109.77
N GLN ZA 383 -9.81 -30.06 109.99
CA GLN ZA 383 -11.08 -29.36 110.10
C GLN ZA 383 -11.97 -29.90 111.22
N ALA ZA 384 -11.58 -29.56 112.44
CA ALA ZA 384 -12.53 -29.68 113.54
C ALA ZA 384 -13.53 -28.51 113.47
N LEU ZA 385 -14.47 -28.50 114.41
CA LEU ZA 385 -15.27 -27.33 114.67
C LEU ZA 385 -15.76 -27.42 116.11
N PHE ZA 386 -15.90 -26.27 116.76
CA PHE ZA 386 -15.94 -26.24 118.22
C PHE ZA 386 -17.21 -25.59 118.77
N ARG ZA 387 -17.54 -24.37 118.40
CA ARG ZA 387 -18.73 -23.71 118.95
C ARG ZA 387 -18.56 -23.60 120.46
N GLY ZA 388 -19.65 -23.64 121.22
CA GLY ZA 388 -19.63 -23.69 122.68
C GLY ZA 388 -18.85 -22.57 123.33
N ASN ZA 389 -18.69 -22.67 124.64
CA ASN ZA 389 -19.77 -23.06 125.54
C ASN ZA 389 -20.19 -21.79 126.22
N GLN ZA 390 -19.46 -20.72 125.88
CA GLN ZA 390 -19.20 -19.49 126.63
C GLN ZA 390 -18.07 -19.71 127.62
N THR ZA 391 -17.67 -20.95 127.86
CA THR ZA 391 -16.58 -21.30 128.77
C THR ZA 391 -15.56 -22.20 128.08
N THR ZA 392 -16.01 -23.32 127.52
CA THR ZA 392 -15.14 -24.28 126.86
C THR ZA 392 -15.62 -24.46 125.43
N TYR ZA 393 -14.71 -24.86 124.54
CA TYR ZA 393 -15.09 -25.29 123.20
C TYR ZA 393 -15.40 -26.78 123.22
N ASN ZA 394 -16.43 -27.18 122.48
CA ASN ZA 394 -16.87 -28.57 122.45
C ASN ZA 394 -17.05 -29.03 121.01
N LEU ZA 395 -16.23 -29.98 120.58
CA LEU ZA 395 -16.31 -30.47 119.20
C LEU ZA 395 -17.74 -30.86 118.85
N CYS ZA 396 -18.21 -30.36 117.72
CA CYS ZA 396 -19.62 -30.47 117.36
C CYS ZA 396 -19.82 -31.49 116.25
N SER ZA 397 -20.82 -32.34 116.43
CA SER ZA 397 -21.28 -33.26 115.40
C SER ZA 397 -21.93 -32.49 114.26
N ASP ZA 398 -22.14 -33.19 113.14
CA ASP ZA 398 -22.66 -32.61 111.91
C ASP ZA 398 -21.65 -31.63 111.34
N VAL ZA 399 -22.00 -30.35 111.20
CA VAL ZA 399 -21.39 -29.42 110.26
C VAL ZA 399 -21.80 -29.75 108.83
N TRP ZA 400 -23.01 -29.35 108.47
CA TRP ZA 400 -23.55 -29.42 107.13
C TRP ZA 400 -22.91 -28.36 106.23
N MET ZA 401 -23.42 -28.23 105.01
CA MET ZA 401 -22.88 -27.23 104.10
C MET ZA 401 -23.15 -25.82 104.58
N PHE ZA 402 -22.20 -24.94 104.32
CA PHE ZA 402 -22.21 -23.57 104.78
C PHE ZA 402 -21.48 -22.72 103.74
N PRO ZA 403 -21.86 -21.45 103.57
CA PRO ZA 403 -21.36 -20.68 102.41
C PRO ZA 403 -19.86 -20.60 102.24
N ASN ZA 404 -19.11 -20.38 103.30
CA ASN ZA 404 -17.69 -20.11 103.16
C ASN ZA 404 -16.82 -21.34 103.26
N GLN ZA 405 -17.41 -22.52 103.28
CA GLN ZA 405 -16.63 -23.71 103.58
C GLN ZA 405 -15.56 -24.00 102.56
N ILE ZA 406 -14.41 -24.46 103.05
CA ILE ZA 406 -13.39 -25.08 102.22
C ILE ZA 406 -13.02 -26.42 102.83
N TRP ZA 407 -12.96 -27.45 101.99
CA TRP ZA 407 -12.39 -28.71 102.38
C TRP ZA 407 -11.51 -29.17 101.24
N ASP ZA 408 -10.70 -30.16 101.52
CA ASP ZA 408 -9.83 -30.73 100.51
C ASP ZA 408 -10.32 -32.12 100.18
N ARG ZA 409 -10.41 -32.41 98.88
CA ARG ZA 409 -10.90 -33.70 98.46
C ARG ZA 409 -9.98 -34.80 99.01
N TYR ZA 410 -10.54 -35.98 99.21
CA TYR ZA 410 -9.80 -37.06 99.83
C TYR ZA 410 -8.48 -37.28 99.10
N PRO ZA 411 -7.37 -37.45 99.84
CA PRO ZA 411 -6.04 -37.46 99.20
C PRO ZA 411 -5.82 -38.62 98.25
N ILE ZA 412 -6.72 -39.60 98.27
CA ILE ZA 412 -6.64 -40.88 97.58
C ILE ZA 412 -5.29 -41.55 97.82
N THR ZA 413 -4.85 -42.36 96.85
CA THR ZA 413 -3.68 -43.21 96.94
C THR ZA 413 -3.66 -44.09 95.70
N ARG ZA 414 -2.64 -44.93 95.56
CA ARG ZA 414 -2.56 -45.79 94.38
C ARG ZA 414 -3.66 -46.85 94.34
N GLU ZA 415 -4.25 -47.19 95.48
CA GLU ZA 415 -5.21 -48.27 95.56
C GLU ZA 415 -6.65 -47.85 95.24
N ASN ZA 416 -6.87 -46.62 94.92
CA ASN ZA 416 -8.23 -46.10 94.86
C ASN ZA 416 -8.85 -46.28 93.49
N PRO ZA 417 -10.18 -46.29 93.42
CA PRO ZA 417 -10.85 -46.19 92.13
C PRO ZA 417 -10.64 -44.82 91.52
N ILE ZA 418 -10.47 -44.80 90.20
CA ILE ZA 418 -10.25 -43.54 89.50
C ILE ZA 418 -11.51 -42.71 89.49
N TRP ZA 419 -12.62 -43.30 89.06
CA TRP ZA 419 -13.85 -42.57 88.85
C TRP ZA 419 -15.02 -43.29 89.51
N CYS ZA 420 -16.13 -42.57 89.57
CA CYS ZA 420 -17.42 -43.08 89.99
C CYS ZA 420 -18.48 -42.39 89.16
N LYS ZA 421 -19.54 -43.11 88.83
CA LYS ZA 421 -20.58 -42.51 87.99
C LYS ZA 421 -21.51 -41.66 88.82
N LYS ZA 422 -21.70 -40.42 88.38
CA LYS ZA 422 -22.66 -39.53 89.02
C LYS ZA 422 -24.05 -39.87 88.50
N PRO ZA 423 -24.95 -40.37 89.35
CA PRO ZA 423 -26.27 -40.78 88.87
C PRO ZA 423 -27.09 -39.62 88.36
N ARG ZA 424 -27.82 -39.87 87.28
CA ARG ZA 424 -28.64 -38.84 86.65
C ARG ZA 424 -29.81 -38.49 87.55
N SER ZA 425 -29.94 -37.22 87.86
CA SER ZA 425 -31.04 -36.75 88.69
C SER ZA 425 -31.25 -35.28 88.43
N ASP ZA 426 -32.43 -34.79 88.81
CA ASP ZA 426 -32.76 -33.39 88.56
C ASP ZA 426 -31.79 -32.47 89.28
N LYS ZA 427 -31.69 -32.61 90.60
CA LYS ZA 427 -30.93 -31.69 91.43
C LYS ZA 427 -29.84 -32.42 92.17
N HIS ZA 428 -28.74 -31.71 92.44
CA HIS ZA 428 -27.67 -32.25 93.25
C HIS ZA 428 -26.84 -31.11 93.79
N THR ZA 429 -26.07 -31.42 94.83
CA THR ZA 429 -25.14 -30.48 95.46
C THR ZA 429 -23.75 -30.61 94.84
N THR ZA 430 -22.72 -30.12 95.55
CA THR ZA 430 -21.41 -29.90 94.96
C THR ZA 430 -20.84 -31.15 94.26
N ILE ZA 431 -21.24 -32.34 94.69
CA ILE ZA 431 -20.71 -33.60 94.16
C ILE ZA 431 -19.22 -33.72 94.41
N ASP ZA 432 -18.83 -33.91 95.67
CA ASP ZA 432 -17.47 -34.36 95.98
C ASP ZA 432 -17.55 -35.71 96.65
N PRO ZA 433 -17.23 -36.81 95.97
CA PRO ZA 433 -17.28 -38.12 96.64
C PRO ZA 433 -16.23 -38.24 97.73
N PHE ZA 434 -16.64 -38.83 98.85
CA PHE ZA 434 -15.74 -38.96 99.98
C PHE ZA 434 -14.85 -40.19 99.88
N ASP ZA 435 -14.98 -40.95 98.81
CA ASP ZA 435 -14.08 -42.04 98.50
C ASP ZA 435 -12.87 -41.54 97.73
N GLY ZA 436 -12.74 -40.23 97.59
CA GLY ZA 436 -11.86 -39.69 96.58
C GLY ZA 436 -12.50 -39.96 95.24
N SER ZA 437 -11.76 -40.65 94.37
CA SER ZA 437 -12.25 -40.98 93.04
C SER ZA 437 -12.73 -39.74 92.31
N LEU ZA 438 -13.79 -39.89 91.52
CA LEU ZA 438 -14.26 -38.81 90.66
C LEU ZA 438 -15.71 -39.08 90.34
N ALA ZA 439 -16.39 -38.05 89.88
CA ALA ZA 439 -17.76 -38.19 89.40
C ALA ZA 439 -17.82 -37.71 87.97
N MET ZA 440 -18.48 -38.49 87.12
CA MET ZA 440 -18.66 -38.10 85.73
C MET ZA 440 -20.07 -38.42 85.30
N ASP ZA 441 -20.63 -37.56 84.44
CA ASP ZA 441 -21.89 -37.86 83.80
C ASP ZA 441 -21.81 -39.21 83.09
N HIS ZA 442 -20.89 -39.32 82.16
CA HIS ZA 442 -20.62 -40.57 81.47
C HIS ZA 442 -19.19 -41.00 81.79
N PRO ZA 443 -19.01 -41.98 82.66
CA PRO ZA 443 -17.69 -42.54 82.86
C PRO ZA 443 -17.32 -43.42 81.68
N PRO ZA 444 -16.17 -44.08 81.71
CA PRO ZA 444 -15.91 -45.10 80.68
C PRO ZA 444 -17.03 -46.12 80.66
N GLY ZA 445 -17.58 -46.36 79.47
CA GLY ZA 445 -18.62 -47.35 79.33
C GLY ZA 445 -18.09 -48.72 79.63
N THR ZA 446 -18.80 -49.44 80.49
CA THR ZA 446 -18.37 -50.79 80.82
C THR ZA 446 -18.43 -51.68 79.59
N ILE ZA 447 -17.35 -52.41 79.36
CA ILE ZA 447 -17.28 -53.34 78.24
C ILE ZA 447 -17.73 -54.70 78.74
N PHE ZA 448 -18.77 -55.23 78.12
CA PHE ZA 448 -19.35 -56.51 78.50
C PHE ZA 448 -18.93 -57.55 77.48
N ILE ZA 449 -18.80 -58.78 77.93
CA ILE ZA 449 -18.33 -59.86 77.08
C ILE ZA 449 -18.95 -61.17 77.55
N LYS ZA 450 -19.31 -62.03 76.59
CA LYS ZA 450 -20.04 -63.25 76.86
C LYS ZA 450 -19.55 -64.31 75.89
N MET ZA 451 -19.87 -65.56 76.17
CA MET ZA 451 -19.29 -66.69 75.46
C MET ZA 451 -20.13 -67.22 74.31
N ALA ZA 452 -21.22 -66.57 73.94
CA ALA ZA 452 -21.93 -66.96 72.72
C ALA ZA 452 -22.42 -68.39 72.78
N LYS ZA 453 -23.54 -68.62 73.47
CA LYS ZA 453 -24.03 -69.96 73.72
C LYS ZA 453 -24.04 -70.80 72.47
N ILE ZA 454 -23.43 -71.97 72.55
CA ILE ZA 454 -23.44 -72.94 71.47
C ILE ZA 454 -24.25 -74.13 71.95
N PRO ZA 455 -25.48 -74.29 71.49
CA PRO ZA 455 -26.32 -75.37 72.02
C PRO ZA 455 -25.96 -76.70 71.40
N VAL ZA 456 -26.61 -77.74 71.90
CA VAL ZA 456 -26.35 -79.09 71.42
C VAL ZA 456 -27.70 -79.81 71.36
N PRO ZA 457 -27.91 -80.67 70.38
CA PRO ZA 457 -29.23 -81.27 70.21
C PRO ZA 457 -29.55 -82.30 71.27
N SER ZA 458 -30.83 -82.39 71.60
CA SER ZA 458 -31.31 -83.39 72.56
C SER ZA 458 -32.75 -83.71 72.24
N ASN ZA 459 -33.31 -84.69 72.98
CA ASN ZA 459 -34.67 -85.14 72.74
C ASN ZA 459 -35.70 -84.28 73.45
N ASN ZA 460 -35.40 -83.89 74.68
CA ASN ZA 460 -36.38 -83.26 75.58
C ASN ZA 460 -37.24 -82.12 74.99
N ASN ZA 461 -36.66 -81.12 74.32
CA ASN ZA 461 -35.24 -80.98 74.08
C ASN ZA 461 -34.62 -79.96 75.01
N ALA ZA 462 -33.31 -79.78 74.87
CA ALA ZA 462 -32.53 -78.84 75.66
C ALA ZA 462 -32.71 -79.12 77.18
N ASP ZA 463 -32.54 -78.16 78.10
CA ASP ZA 463 -31.56 -77.08 77.99
C ASP ZA 463 -30.17 -77.66 78.12
N SER ZA 464 -29.37 -77.45 77.09
CA SER ZA 464 -28.02 -77.97 77.06
C SER ZA 464 -27.19 -77.09 76.14
N TYR ZA 465 -25.89 -77.04 76.40
CA TYR ZA 465 -25.01 -76.15 75.67
C TYR ZA 465 -23.61 -76.71 75.74
N LEU ZA 466 -22.75 -76.18 74.87
CA LEU ZA 466 -21.39 -76.65 74.78
C LEU ZA 466 -20.51 -75.83 75.70
N ASN ZA 467 -19.61 -76.50 76.41
CA ASN ZA 467 -18.84 -75.87 77.48
C ASN ZA 467 -17.53 -75.34 76.91
N ILE ZA 468 -17.38 -74.02 76.88
CA ILE ZA 468 -16.23 -73.35 76.29
C ILE ZA 468 -15.82 -72.19 77.18
N TYR ZA 469 -14.66 -71.63 76.89
CA TYR ZA 469 -14.23 -70.39 77.52
C TYR ZA 469 -13.34 -69.63 76.56
N CYS ZA 470 -13.22 -68.33 76.79
CA CYS ZA 470 -12.46 -67.47 75.93
C CYS ZA 470 -11.24 -66.97 76.67
N THR ZA 471 -10.21 -66.62 75.91
CA THR ZA 471 -8.98 -66.12 76.48
C THR ZA 471 -8.40 -65.13 75.50
N GLY ZA 472 -7.84 -64.04 76.02
CA GLY ZA 472 -7.36 -63.02 75.11
C GLY ZA 472 -6.65 -61.94 75.86
N GLN ZA 473 -6.43 -60.83 75.16
CA GLN ZA 473 -5.61 -59.76 75.69
C GLN ZA 473 -6.30 -58.43 75.56
N VAL ZA 474 -6.51 -57.75 76.68
CA VAL ZA 474 -7.01 -56.39 76.69
C VAL ZA 474 -5.81 -55.46 76.83
N SER ZA 475 -5.81 -54.38 76.07
CA SER ZA 475 -4.80 -53.35 76.24
C SER ZA 475 -5.54 -52.06 76.54
N CYS ZA 476 -5.41 -51.57 77.76
CA CYS ZA 476 -6.01 -50.31 78.16
C CYS ZA 476 -4.93 -49.24 78.15
N GLU ZA 477 -5.00 -48.36 77.18
CA GLU ZA 477 -4.02 -47.29 77.01
C GLU ZA 477 -4.75 -45.96 77.25
N ILE ZA 478 -4.42 -45.29 78.34
CA ILE ZA 478 -5.14 -44.09 78.73
C ILE ZA 478 -4.15 -42.93 78.82
N VAL ZA 479 -4.60 -41.76 78.41
CA VAL ZA 479 -3.80 -40.55 78.40
C VAL ZA 479 -4.24 -39.68 79.56
N TRP ZA 480 -3.28 -39.07 80.24
CA TRP ZA 480 -3.55 -38.29 81.44
C TRP ZA 480 -3.12 -36.86 81.19
N GLU ZA 481 -4.08 -35.94 81.24
CA GLU ZA 481 -3.71 -34.54 81.34
C GLU ZA 481 -2.99 -34.32 82.65
N VAL ZA 482 -1.79 -33.74 82.57
CA VAL ZA 482 -0.93 -33.64 83.73
C VAL ZA 482 -0.30 -32.26 83.76
N GLU ZA 483 -0.09 -31.73 84.95
CA GLU ZA 483 0.48 -30.39 85.12
C GLU ZA 483 1.60 -30.45 86.13
N ARG ZA 484 2.71 -29.78 85.81
CA ARG ZA 484 3.94 -29.89 86.58
C ARG ZA 484 4.10 -28.68 87.49
N TYR ZA 485 4.69 -28.90 88.67
CA TYR ZA 485 4.65 -27.89 89.71
C TYR ZA 485 5.90 -27.04 89.72
N ALA ZA 486 5.71 -25.76 90.02
CA ALA ZA 486 6.79 -24.84 90.31
C ALA ZA 486 6.39 -24.04 91.54
N THR ZA 487 7.36 -23.76 92.40
CA THR ZA 487 7.04 -23.06 93.64
C THR ZA 487 8.22 -22.23 94.09
N LYS ZA 488 7.93 -21.25 94.92
CA LYS ZA 488 8.94 -20.35 95.45
C LYS ZA 488 9.45 -20.77 96.81
N ASN ZA 489 9.00 -21.91 97.33
CA ASN ZA 489 9.49 -22.37 98.62
C ASN ZA 489 10.99 -22.58 98.56
N TRP ZA 490 11.66 -22.19 99.64
CA TRP ZA 490 13.10 -22.37 99.73
C TRP ZA 490 13.47 -23.79 100.13
N ARG ZA 491 12.63 -24.45 100.90
CA ARG ZA 491 12.95 -25.68 101.59
C ARG ZA 491 12.65 -26.92 100.76
N PRO ZA 492 13.23 -28.06 101.14
CA PRO ZA 492 13.18 -29.25 100.29
C PRO ZA 492 11.80 -29.85 100.02
N GLU ZA 493 10.76 -29.48 100.75
CA GLU ZA 493 9.41 -30.09 100.65
C GLU ZA 493 9.55 -31.59 100.95
N ARG ZA 494 8.78 -32.45 100.27
CA ARG ZA 494 8.66 -33.85 100.67
C ARG ZA 494 8.39 -34.68 99.43
N ARG ZA 495 8.88 -35.91 99.45
CA ARG ZA 495 8.69 -36.83 98.33
C ARG ZA 495 8.31 -38.19 98.90
N HIS ZA 496 8.17 -39.17 98.02
CA HIS ZA 496 7.91 -40.54 98.45
C HIS ZA 496 9.16 -41.38 98.21
N THR ZA 497 9.86 -41.68 99.29
CA THR ZA 497 10.95 -42.61 99.28
C THR ZA 497 10.44 -44.04 99.39
N THR ZA 498 11.28 -44.97 98.94
CA THR ZA 498 11.10 -46.36 99.36
C THR ZA 498 11.28 -46.52 100.86
N PHE ZA 499 11.88 -45.55 101.54
CA PHE ZA 499 12.10 -45.75 102.97
C PHE ZA 499 10.80 -45.77 103.76
N GLY ZA 500 9.73 -45.19 103.23
CA GLY ZA 500 8.43 -45.43 103.82
C GLY ZA 500 8.03 -46.89 103.72
N LEU ZA 501 8.55 -47.59 102.71
CA LEU ZA 501 8.25 -48.99 102.49
C LEU ZA 501 8.98 -49.85 103.51
N GLY ZA 502 8.54 -51.10 103.65
CA GLY ZA 502 9.14 -52.00 104.60
C GLY ZA 502 9.15 -53.42 104.08
N ILE ZA 503 9.97 -54.25 104.73
CA ILE ZA 503 10.31 -55.59 104.25
C ILE ZA 503 9.19 -56.56 104.63
N GLY ZA 504 8.96 -57.56 103.80
CA GLY ZA 504 7.91 -58.52 104.11
C GLY ZA 504 7.94 -59.73 103.20
N GLY ZA 505 7.09 -60.69 103.56
CA GLY ZA 505 6.82 -61.91 102.80
C GLY ZA 505 7.76 -63.05 103.15
N ALA ZA 506 7.22 -64.27 103.13
CA ALA ZA 506 7.94 -65.51 103.39
C ALA ZA 506 8.90 -65.40 104.57
N ASP ZA 507 10.12 -65.89 104.38
CA ASP ZA 507 11.24 -65.36 105.14
C ASP ZA 507 11.42 -63.91 104.73
N ASN ZA 508 11.67 -63.04 105.72
CA ASN ZA 508 11.32 -61.62 105.58
C ASN ZA 508 11.81 -61.02 104.28
N LEU ZA 509 12.79 -61.64 103.63
CA LEU ZA 509 13.45 -61.09 102.45
C LEU ZA 509 12.45 -60.66 101.38
N ASN ZA 510 12.87 -59.67 100.60
CA ASN ZA 510 12.22 -58.86 99.59
C ASN ZA 510 11.47 -57.74 100.30
N PRO ZA 511 11.48 -56.51 99.77
CA PRO ZA 511 10.93 -55.42 100.58
C PRO ZA 511 9.41 -55.30 100.61
N THR ZA 512 8.83 -54.79 99.53
CA THR ZA 512 7.39 -54.51 99.55
C THR ZA 512 6.73 -54.78 98.21
N TYR ZA 513 7.02 -53.98 97.19
CA TYR ZA 513 6.49 -54.28 95.87
C TYR ZA 513 7.51 -55.14 95.16
N HIS ZA 514 7.25 -56.45 95.15
CA HIS ZA 514 8.27 -57.40 94.76
C HIS ZA 514 7.71 -58.79 94.96
N VAL ZA 515 8.34 -59.76 94.31
CA VAL ZA 515 7.89 -61.13 94.38
C VAL ZA 515 8.44 -61.86 95.60
N ASP ZA 516 7.72 -62.89 96.03
CA ASP ZA 516 8.12 -63.81 97.08
C ASP ZA 516 8.92 -64.96 96.47
N LYS ZA 517 9.14 -66.06 97.19
CA LYS ZA 517 10.08 -67.08 96.68
C LYS ZA 517 9.70 -68.39 95.92
N ASN ZA 518 8.48 -68.96 95.81
CA ASN ZA 518 7.19 -68.73 96.45
C ASN ZA 518 6.39 -67.64 95.78
N GLY ZA 519 6.91 -67.10 94.69
CA GLY ZA 519 6.62 -65.74 94.34
C GLY ZA 519 5.18 -65.35 94.38
N THR ZA 520 4.91 -64.43 95.30
CA THR ZA 520 3.63 -63.79 95.51
C THR ZA 520 3.94 -62.34 95.81
N TYR ZA 521 3.36 -61.46 95.01
CA TYR ZA 521 3.64 -60.04 95.12
C TYR ZA 521 3.35 -59.57 96.53
N ILE ZA 522 4.35 -58.99 97.19
CA ILE ZA 522 4.18 -58.60 98.58
C ILE ZA 522 3.27 -57.38 98.66
N GLN ZA 523 2.34 -57.42 99.49
CA GLN ZA 523 1.46 -56.27 99.46
C GLN ZA 523 1.96 -55.20 100.42
N PRO ZA 524 1.73 -53.94 100.07
CA PRO ZA 524 2.07 -52.84 100.96
C PRO ZA 524 1.22 -52.86 102.21
N THR ZA 525 1.88 -52.73 103.37
CA THR ZA 525 1.20 -52.80 104.66
C THR ZA 525 1.11 -51.43 105.29
N THR ZA 526 -0.10 -51.07 105.70
CA THR ZA 526 -0.68 -49.77 106.04
C THR ZA 526 -0.60 -48.71 104.95
N TRP ZA 527 -0.70 -47.44 105.35
CA TRP ZA 527 -1.17 -46.41 104.43
C TRP ZA 527 -0.03 -45.75 103.66
N ASP ZA 528 1.07 -45.44 104.33
CA ASP ZA 528 2.15 -44.71 103.69
C ASP ZA 528 2.81 -45.50 102.57
N MET ZA 529 2.82 -46.83 102.68
CA MET ZA 529 3.36 -47.67 101.63
C MET ZA 529 2.82 -47.26 100.27
N CYS ZA 530 1.53 -47.48 100.04
CA CYS ZA 530 0.84 -46.84 98.94
C CYS ZA 530 1.06 -45.34 99.07
N PHE ZA 531 1.52 -44.71 97.99
CA PHE ZA 531 1.99 -43.35 98.15
C PHE ZA 531 0.89 -42.38 97.78
N PRO ZA 532 0.25 -41.73 98.75
CA PRO ZA 532 -0.92 -40.91 98.44
C PRO ZA 532 -0.50 -39.59 97.83
N VAL ZA 533 -1.29 -39.10 96.89
CA VAL ZA 533 -1.11 -37.71 96.50
C VAL ZA 533 -1.64 -36.83 97.62
N LYS ZA 534 -1.27 -35.56 97.56
CA LYS ZA 534 -1.74 -34.48 98.42
C LYS ZA 534 -0.92 -34.42 99.71
N THR ZA 535 -0.01 -35.37 99.93
CA THR ZA 535 0.93 -35.29 101.03
C THR ZA 535 2.24 -34.63 100.64
N ASN ZA 536 2.37 -34.19 99.39
CA ASN ZA 536 3.63 -33.65 98.91
C ASN ZA 536 3.43 -32.26 98.33
N ILE ZA 537 4.52 -31.74 97.78
CA ILE ZA 537 4.63 -30.39 97.25
C ILE ZA 537 4.17 -29.41 98.33
N ASN ZA 538 3.60 -28.28 97.92
CA ASN ZA 538 2.96 -27.30 98.77
C ASN ZA 538 2.12 -26.40 97.89
N LYS ZA 539 1.19 -25.69 98.48
CA LYS ZA 539 0.49 -24.63 97.77
C LYS ZA 539 0.26 -23.46 98.71
N VAL ZA 540 0.59 -22.26 98.25
CA VAL ZA 540 0.10 -21.08 98.93
C VAL ZA 540 -1.40 -20.99 98.69
N LEU ZA 541 -2.16 -20.90 99.78
CA LEU ZA 541 -3.61 -20.83 99.65
C LEU ZA 541 -4.03 -19.47 99.12
N GLY AB 34 13.36 15.19 80.21
CA GLY AB 34 14.64 14.87 80.83
C GLY AB 34 14.62 13.62 81.68
N SER AB 35 15.75 13.32 82.32
CA SER AB 35 15.87 12.13 83.15
C SER AB 35 16.98 12.35 84.16
N GLY AB 36 16.97 11.54 85.22
CA GLY AB 36 17.99 11.58 86.24
C GLY AB 36 17.53 12.32 87.48
N VAL AB 37 18.45 12.41 88.43
CA VAL AB 37 18.18 13.17 89.65
C VAL AB 37 17.89 14.62 89.30
N GLY AB 38 16.97 15.22 90.03
CA GLY AB 38 16.58 16.58 89.78
C GLY AB 38 15.45 16.75 88.80
N ILE AB 39 14.91 15.66 88.26
CA ILE AB 39 13.78 15.69 87.36
C ILE AB 39 12.72 14.77 87.96
N SER AB 40 11.58 15.33 88.37
CA SER AB 40 10.56 14.52 89.00
C SER AB 40 9.98 13.53 88.00
N THR AB 41 9.66 12.33 88.47
CA THR AB 41 9.23 11.31 87.54
C THR AB 41 7.75 11.45 87.18
N GLY AB 42 6.91 11.71 88.16
CA GLY AB 42 5.49 11.90 87.90
C GLY AB 42 4.92 12.87 88.91
N GLY AB 43 3.74 13.39 88.60
CA GLY AB 43 3.09 14.38 89.43
C GLY AB 43 2.00 13.79 90.29
N TRP AB 44 1.42 14.66 91.11
CA TRP AB 44 0.34 14.28 91.99
C TRP AB 44 -0.92 14.03 91.19
N VAL AB 45 -1.81 13.21 91.74
CA VAL AB 45 -3.00 12.74 91.03
C VAL AB 45 -4.14 12.60 92.04
N GLY AB 46 -5.37 12.81 91.57
CA GLY AB 46 -6.53 12.53 92.39
C GLY AB 46 -7.78 13.18 91.83
N GLY AB 47 -8.86 13.10 92.61
CA GLY AB 47 -10.07 13.90 92.39
C GLY AB 47 -11.27 13.17 91.84
N SER AB 48 -11.19 11.86 91.66
CA SER AB 48 -12.21 11.00 91.08
C SER AB 48 -12.75 11.43 89.72
N TYR AB 49 -13.93 10.91 89.34
CA TYR AB 49 -14.44 11.18 88.00
C TYR AB 49 -15.97 11.19 87.85
N PHE AB 50 -16.59 10.02 88.03
CA PHE AB 50 -18.03 9.81 87.93
C PHE AB 50 -18.71 10.02 86.58
N THR AB 51 -18.57 9.04 85.68
CA THR AB 51 -19.44 8.86 84.52
C THR AB 51 -20.41 7.72 84.77
N ASP AB 52 -21.59 7.80 84.16
CA ASP AB 52 -22.65 6.82 84.33
C ASP AB 52 -22.17 5.38 84.22
N SER AB 53 -21.29 5.11 83.27
CA SER AB 53 -20.83 3.73 83.06
C SER AB 53 -19.72 3.33 84.02
N TYR AB 54 -18.88 4.27 84.45
CA TYR AB 54 -17.76 3.91 85.31
C TYR AB 54 -17.32 5.11 86.13
N VAL AB 55 -16.63 4.81 87.22
CA VAL AB 55 -16.08 5.82 88.12
C VAL AB 55 -14.59 5.58 88.23
N ILE AB 56 -13.79 6.61 87.98
CA ILE AB 56 -12.34 6.54 88.10
C ILE AB 56 -11.93 7.30 89.34
N THR AB 57 -11.45 6.59 90.34
CA THR AB 57 -10.93 7.21 91.56
C THR AB 57 -9.41 7.23 91.48
N LYS AB 58 -8.84 8.38 91.76
CA LYS AB 58 -7.40 8.58 91.70
C LYS AB 58 -6.92 9.05 93.06
N ASN AB 59 -5.78 8.54 93.50
CA ASN AB 59 -5.24 8.88 94.80
C ASN AB 59 -3.73 8.88 94.73
N THR AB 60 -3.12 9.62 95.63
CA THR AB 60 -1.67 9.72 95.70
C THR AB 60 -1.27 9.86 97.16
N ARG AB 61 -0.11 9.33 97.52
CA ARG AB 61 0.32 9.29 98.91
C ARG AB 61 1.79 9.62 99.02
N GLN AB 62 2.21 9.82 100.26
CA GLN AB 62 3.61 9.94 100.61
C GLN AB 62 3.89 8.81 101.59
N PHE AB 63 4.89 7.99 101.31
CA PHE AB 63 5.15 6.82 102.13
C PHE AB 63 6.61 6.79 102.55
N LEU AB 64 6.94 5.95 103.52
CA LEU AB 64 8.34 5.72 103.83
C LEU AB 64 8.58 4.28 104.26
N VAL AB 65 9.73 3.76 103.86
CA VAL AB 65 10.15 2.40 104.18
C VAL AB 65 11.27 2.49 105.21
N LYS AB 66 11.14 1.75 106.29
CA LYS AB 66 11.90 2.01 107.51
C LYS AB 66 13.10 1.08 107.72
N ILE AB 67 13.35 0.12 106.85
CA ILE AB 67 14.28 -0.99 107.14
C ILE AB 67 13.78 -1.73 108.38
N GLN AB 68 12.75 -2.56 108.22
CA GLN AB 68 12.29 -3.37 109.33
C GLN AB 68 13.16 -4.61 109.49
N ASN AB 69 13.37 -5.00 110.74
CA ASN AB 69 13.89 -6.33 111.09
C ASN AB 69 15.33 -6.52 110.63
N ASN AB 70 16.15 -5.49 110.78
CA ASN AB 70 17.48 -5.44 110.14
C ASN AB 70 17.21 -5.77 108.68
N HIS AB 71 18.05 -6.53 108.00
CA HIS AB 71 17.61 -7.17 106.77
C HIS AB 71 17.37 -8.65 106.92
N GLN AB 72 17.68 -9.23 108.06
CA GLN AB 72 17.44 -10.63 108.31
C GLN AB 72 15.97 -10.89 108.63
N TYR AB 73 15.58 -12.16 108.50
CA TYR AB 73 14.21 -12.64 108.61
C TYR AB 73 13.77 -12.96 110.03
N LYS AB 74 14.45 -13.90 110.69
CA LYS AB 74 14.04 -14.52 111.94
C LYS AB 74 12.70 -15.22 111.84
N THR AB 75 12.02 -15.40 112.98
CA THR AB 75 10.76 -16.12 113.06
C THR AB 75 9.81 -15.37 114.01
N GLU AB 76 10.28 -15.12 115.23
CA GLU AB 76 9.75 -14.22 116.24
C GLU AB 76 8.72 -14.78 117.21
N LEU AB 77 8.10 -15.93 116.91
CA LEU AB 77 7.26 -16.65 117.88
C LEU AB 77 6.43 -15.69 118.74
N ILE AB 78 5.44 -15.06 118.12
CA ILE AB 78 4.97 -13.76 118.59
C ILE AB 78 4.54 -13.77 120.06
N SER AB 79 3.34 -14.28 120.34
CA SER AB 79 2.79 -14.52 121.67
C SER AB 79 2.64 -13.25 122.50
N PRO AB 80 1.68 -13.17 123.39
CA PRO AB 80 1.88 -12.42 124.62
C PRO AB 80 2.26 -13.38 125.73
N SER AB 81 2.50 -12.89 126.94
CA SER AB 81 2.57 -13.78 128.09
C SER AB 81 1.95 -13.20 129.36
N THR AB 82 0.94 -13.83 129.98
CA THR AB 82 -0.06 -14.79 129.43
C THR AB 82 0.40 -15.90 128.48
N SER AB 83 1.38 -16.68 128.93
CA SER AB 83 1.93 -17.77 128.11
C SER AB 83 0.85 -18.75 127.65
N GLN AB 84 -0.32 -18.74 128.28
CA GLN AB 84 -1.44 -19.56 127.83
C GLN AB 84 -1.92 -19.18 126.44
N GLY AB 85 -1.45 -18.06 125.89
CA GLY AB 85 -1.94 -17.60 124.61
C GLY AB 85 -1.57 -18.54 123.48
N LYS AB 86 -2.00 -18.15 122.27
CA LYS AB 86 -1.77 -18.99 121.10
C LYS AB 86 -0.30 -19.08 120.75
N SER AB 87 0.41 -17.96 120.78
CA SER AB 87 1.86 -17.93 120.57
C SER AB 87 2.22 -18.42 119.18
N GLN AB 88 1.55 -17.87 118.17
CA GLN AB 88 1.90 -18.20 116.79
C GLN AB 88 3.34 -17.82 116.50
N ARG AB 89 4.04 -18.67 115.76
CA ARG AB 89 5.47 -18.47 115.56
C ARG AB 89 5.76 -17.42 114.49
N CYS AB 90 4.94 -17.43 113.43
CA CYS AB 90 5.08 -16.56 112.27
C CYS AB 90 6.47 -16.55 111.64
N VAL AB 91 6.75 -15.50 110.89
CA VAL AB 91 8.03 -15.23 110.24
C VAL AB 91 8.08 -13.73 110.01
N SER AB 92 9.23 -13.12 110.23
CA SER AB 92 9.38 -11.71 109.93
C SER AB 92 10.30 -11.58 108.73
N THR AB 93 10.12 -10.54 107.95
CA THR AB 93 10.91 -10.31 106.76
C THR AB 93 11.37 -8.87 106.71
N PRO AB 94 12.46 -8.57 106.00
CA PRO AB 94 12.85 -7.17 105.80
C PRO AB 94 11.86 -6.38 104.97
N TRP AB 95 10.94 -7.05 104.29
CA TRP AB 95 10.08 -6.39 103.32
C TRP AB 95 8.92 -5.67 103.99
N SER AB 96 8.47 -4.62 103.31
CA SER AB 96 7.25 -3.90 103.64
C SER AB 96 6.35 -3.98 102.42
N TYR AB 97 5.06 -3.74 102.61
CA TYR AB 97 4.14 -3.93 101.51
C TYR AB 97 3.08 -2.82 101.50
N PHE AB 98 2.52 -2.62 100.31
CA PHE AB 98 1.43 -1.68 100.10
C PHE AB 98 0.11 -2.42 100.19
N ASN AB 99 -0.74 -2.01 101.13
CA ASN AB 99 -2.09 -2.53 101.25
C ASN AB 99 -3.04 -1.46 100.73
N PHE AB 100 -3.67 -1.72 99.60
CA PHE AB 100 -4.64 -0.80 99.02
C PHE AB 100 -6.07 -1.16 99.34
N ASN AB 101 -6.32 -2.17 100.17
CA ASN AB 101 -7.63 -2.78 100.28
C ASN AB 101 -8.43 -2.07 101.36
N GLN AB 102 -9.37 -1.23 100.93
CA GLN AB 102 -10.38 -0.58 101.76
C GLN AB 102 -11.11 0.38 100.85
N TYR AB 103 -12.34 0.73 101.21
CA TYR AB 103 -13.06 1.72 100.41
C TYR AB 103 -12.68 3.13 100.80
N SER AB 104 -12.58 3.39 102.10
CA SER AB 104 -12.31 4.75 102.57
C SER AB 104 -10.99 5.28 102.07
N SER AB 105 -10.12 4.43 101.54
CA SER AB 105 -8.87 4.92 100.97
C SER AB 105 -9.10 5.54 99.61
N HIS AB 106 -9.96 4.94 98.80
CA HIS AB 106 -10.15 5.35 97.42
C HIS AB 106 -11.29 6.33 97.21
N PHE AB 107 -12.13 6.55 98.22
CA PHE AB 107 -13.32 7.39 98.07
C PHE AB 107 -13.35 8.44 99.16
N SER AB 108 -13.46 9.70 98.77
CA SER AB 108 -13.74 10.73 99.73
C SER AB 108 -15.14 10.52 100.29
N PRO AB 109 -15.42 11.07 101.47
CA PRO AB 109 -16.78 10.97 101.99
C PRO AB 109 -17.83 11.52 101.06
N GLN AB 110 -17.49 12.40 100.12
CA GLN AB 110 -18.45 12.77 99.10
C GLN AB 110 -18.46 11.84 97.90
N ASP AB 111 -17.30 11.39 97.43
CA ASP AB 111 -17.30 10.44 96.32
C ASP AB 111 -18.09 9.20 96.66
N TRP AB 112 -17.71 8.53 97.75
CA TRP AB 112 -18.64 7.68 98.44
C TRP AB 112 -19.81 8.55 98.85
N GLN AB 113 -21.03 8.01 98.79
CA GLN AB 113 -22.28 8.76 98.89
C GLN AB 113 -22.64 9.45 97.59
N ARG AB 114 -21.71 9.69 96.70
CA ARG AB 114 -22.15 9.99 95.36
C ARG AB 114 -22.49 8.74 94.59
N LEU AB 115 -21.71 7.67 94.77
CA LEU AB 115 -22.10 6.39 94.19
C LEU AB 115 -23.12 5.65 95.04
N THR AB 116 -23.01 5.74 96.35
CA THR AB 116 -23.96 5.04 97.20
C THR AB 116 -25.37 5.57 96.97
N ASN AB 117 -25.50 6.86 96.67
CA ASN AB 117 -26.81 7.41 96.38
C ASN AB 117 -27.23 7.15 94.94
N GLU AB 118 -26.30 7.29 94.00
CA GLU AB 118 -26.67 7.38 92.60
C GLU AB 118 -26.55 6.08 91.81
N TYR AB 119 -26.12 4.98 92.41
CA TYR AB 119 -25.88 3.78 91.61
C TYR AB 119 -26.38 2.52 92.29
N LYS AB 120 -26.86 1.57 91.46
CA LYS AB 120 -27.27 0.27 91.97
C LYS AB 120 -26.08 -0.52 92.48
N ARG AB 121 -25.03 -0.63 91.67
CA ARG AB 121 -24.01 -1.61 91.94
C ARG AB 121 -22.71 -1.14 91.32
N PHE AB 122 -21.61 -1.64 91.87
CA PHE AB 122 -20.31 -1.28 91.37
C PHE AB 122 -19.35 -2.39 91.71
N ARG AB 123 -18.32 -2.52 90.87
CA ARG AB 123 -17.22 -3.41 91.18
C ARG AB 123 -15.98 -2.80 90.58
N PRO AB 124 -14.82 -2.97 91.20
CA PRO AB 124 -13.60 -2.42 90.61
C PRO AB 124 -13.27 -3.15 89.33
N LYS AB 125 -13.07 -2.37 88.26
CA LYS AB 125 -12.74 -2.95 86.96
C LYS AB 125 -11.26 -3.20 86.82
N GLY AB 126 -10.43 -2.25 87.24
CA GLY AB 126 -9.00 -2.36 87.06
C GLY AB 126 -8.29 -1.49 88.06
N MET AB 127 -6.97 -1.59 88.08
CA MET AB 127 -6.15 -0.89 89.05
C MET AB 127 -4.81 -0.58 88.43
N HIS AB 128 -4.29 0.61 88.72
CA HIS AB 128 -3.02 1.04 88.16
C HIS AB 128 -2.24 1.76 89.25
N VAL AB 129 -1.05 1.28 89.55
CA VAL AB 129 -0.27 1.80 90.66
C VAL AB 129 1.07 2.26 90.13
N LYS AB 130 1.54 3.39 90.65
CA LYS AB 130 2.81 3.97 90.21
C LYS AB 130 3.61 4.39 91.41
N ILE AB 131 4.80 3.83 91.56
CA ILE AB 131 5.79 4.32 92.52
C ILE AB 131 6.64 5.32 91.78
N TYR AB 132 6.91 6.46 92.40
CA TYR AB 132 7.74 7.46 91.76
C TYR AB 132 8.18 8.49 92.80
N ASN AB 133 9.01 9.42 92.35
CA ASN AB 133 9.54 10.47 93.20
C ASN AB 133 10.18 9.90 94.45
N LEU AB 134 11.07 8.93 94.26
CA LEU AB 134 11.70 8.25 95.38
C LEU AB 134 12.80 9.10 95.98
N GLN AB 135 13.07 8.88 97.27
CA GLN AB 135 14.13 9.59 97.98
C GLN AB 135 14.76 8.65 98.98
N ILE AB 136 16.09 8.64 99.06
CA ILE AB 136 16.81 7.86 100.05
C ILE AB 136 17.56 8.84 100.92
N LYS AB 137 17.20 8.93 102.20
CA LYS AB 137 17.66 10.05 103.00
C LYS AB 137 18.82 9.77 103.95
N GLN AB 138 19.26 8.53 104.12
CA GLN AB 138 20.50 8.28 104.85
C GLN AB 138 20.46 8.85 106.27
N ILE AB 139 19.73 8.16 107.16
CA ILE AB 139 19.71 8.56 108.56
C ILE AB 139 21.12 8.61 109.12
N LEU AB 140 21.42 9.67 109.88
CA LEU AB 140 22.64 9.74 110.67
C LEU AB 140 22.30 10.08 112.12
N SER AB 141 23.14 9.62 113.02
CA SER AB 141 23.02 9.94 114.43
C SER AB 141 24.40 10.29 114.98
N ASN AB 142 24.53 11.52 115.48
CA ASN AB 142 25.71 11.95 116.20
C ASN AB 142 25.56 11.72 117.70
N GLY AB 143 24.48 11.06 118.09
CA GLY AB 143 24.02 11.01 119.46
C GLY AB 143 22.92 12.04 119.63
N ALA AB 144 21.90 11.69 120.40
CA ALA AB 144 20.65 12.45 120.51
C ALA AB 144 20.17 12.75 119.08
N ASP AB 145 19.57 13.91 118.82
CA ASP AB 145 19.35 14.54 117.51
C ASP AB 145 18.96 13.58 116.39
N THR AB 146 19.44 13.89 115.19
CA THR AB 146 19.54 13.09 113.96
C THR AB 146 19.95 14.04 112.84
N THR AB 147 20.45 13.50 111.74
CA THR AB 147 20.65 14.31 110.54
C THR AB 147 20.35 13.43 109.34
N TYR AB 148 19.93 14.07 108.26
CA TYR AB 148 19.55 13.38 107.02
C TYR AB 148 20.33 14.03 105.89
N ASN AB 149 21.27 13.29 105.31
CA ASN AB 149 22.16 13.89 104.32
C ASN AB 149 21.58 13.80 102.93
N ASN AB 150 20.34 13.38 102.83
CA ASN AB 150 19.78 12.84 101.61
C ASN AB 150 20.68 11.69 101.21
N ASP AB 151 20.82 11.45 99.91
CA ASP AB 151 21.68 10.38 99.42
C ASP AB 151 21.48 10.30 97.92
N LEU AB 152 22.45 9.71 97.24
CA LEU AB 152 22.30 9.26 95.89
C LEU AB 152 22.99 7.92 95.83
N THR AB 153 23.00 7.31 94.65
CA THR AB 153 23.59 6.00 94.46
C THR AB 153 23.07 5.01 95.50
N ALA AB 154 21.78 5.04 95.79
CA ALA AB 154 21.14 4.09 96.68
C ALA AB 154 19.91 3.53 95.96
N GLY AB 155 19.32 2.48 96.50
CA GLY AB 155 18.34 1.72 95.79
C GLY AB 155 17.22 1.22 96.67
N VAL AB 156 16.15 0.81 96.02
CA VAL AB 156 14.95 0.32 96.67
C VAL AB 156 14.43 -0.85 95.86
N HIS AB 157 14.21 -1.97 96.53
CA HIS AB 157 13.64 -3.14 95.89
C HIS AB 157 12.13 -3.00 95.84
N ILE AB 158 11.54 -3.32 94.70
CA ILE AB 158 10.09 -3.27 94.54
C ILE AB 158 9.66 -4.53 93.82
N PHE AB 159 8.75 -5.28 94.43
CA PHE AB 159 8.35 -6.58 93.94
C PHE AB 159 6.84 -6.69 94.00
N CYS AB 160 6.24 -7.29 92.98
CA CYS AB 160 4.81 -7.48 92.89
C CYS AB 160 4.49 -8.95 92.66
N ASP AB 161 3.33 -9.40 93.11
CA ASP AB 161 2.87 -10.75 92.90
C ASP AB 161 1.82 -10.79 91.80
N GLY AB 162 2.18 -11.32 90.64
CA GLY AB 162 1.17 -11.59 89.65
C GLY AB 162 0.65 -13.01 89.77
N GLU AB 163 1.47 -13.89 90.31
CA GLU AB 163 1.10 -15.29 90.47
C GLU AB 163 0.44 -15.58 91.80
N HIS AB 164 0.54 -14.66 92.75
CA HIS AB 164 0.17 -14.88 94.15
C HIS AB 164 0.86 -16.09 94.74
N ALA AB 165 2.04 -16.43 94.26
CA ALA AB 165 2.99 -17.14 95.09
C ALA AB 165 3.37 -16.23 96.25
N TYR AB 166 3.87 -16.82 97.32
CA TYR AB 166 4.18 -16.16 98.57
C TYR AB 166 2.93 -15.95 99.41
N PRO AB 167 3.09 -15.92 100.73
CA PRO AB 167 1.93 -15.99 101.64
C PRO AB 167 0.97 -14.81 101.63
N ASN AB 168 1.25 -13.73 100.91
CA ASN AB 168 0.35 -12.59 100.69
C ASN AB 168 -0.25 -12.00 101.98
N ALA AB 169 0.54 -11.15 102.65
CA ALA AB 169 0.18 -10.61 103.96
C ALA AB 169 -1.26 -10.11 104.03
N THR AB 170 -1.75 -9.47 102.98
CA THR AB 170 -3.00 -8.72 103.06
C THR AB 170 -4.13 -9.59 103.63
N HIS AB 171 -4.75 -9.09 104.68
CA HIS AB 171 -5.92 -9.63 105.34
C HIS AB 171 -6.96 -8.52 105.32
N PRO AB 172 -8.25 -8.84 105.13
CA PRO AB 172 -9.22 -7.78 104.87
C PRO AB 172 -9.21 -6.61 105.84
N TRP AB 173 -9.22 -6.85 107.13
CA TRP AB 173 -9.40 -5.73 108.06
C TRP AB 173 -8.05 -5.09 108.38
N ASP AB 174 -7.24 -5.79 109.17
CA ASP AB 174 -5.89 -5.35 109.51
C ASP AB 174 -5.98 -3.90 109.98
N GLU AB 175 -5.13 -3.02 109.49
CA GLU AB 175 -4.97 -1.65 109.94
C GLU AB 175 -4.68 -0.88 108.67
N ASP AB 176 -4.19 0.35 108.82
CA ASP AB 176 -3.38 1.02 107.79
C ASP AB 176 -4.14 1.04 106.47
N VAL AB 177 -3.73 0.28 105.46
CA VAL AB 177 -4.12 0.45 104.08
C VAL AB 177 -3.64 1.85 103.75
N MET AB 178 -4.34 2.56 102.88
CA MET AB 178 -3.96 3.94 102.63
C MET AB 178 -4.64 4.79 103.68
N PRO AB 179 -4.03 5.88 104.13
CA PRO AB 179 -4.76 6.78 105.00
C PRO AB 179 -5.94 7.34 104.23
N GLU AB 180 -7.13 7.25 104.82
CA GLU AB 180 -8.32 7.69 104.13
C GLU AB 180 -8.20 9.13 103.66
N LEU AB 181 -7.29 9.88 104.27
CA LEU AB 181 -7.11 11.29 104.05
C LEU AB 181 -5.78 11.51 103.35
N PRO AB 182 -5.73 12.14 102.16
CA PRO AB 182 -4.43 12.37 101.53
C PRO AB 182 -3.58 13.32 102.35
N TYR AB 183 -2.42 13.73 101.84
CA TYR AB 183 -1.47 14.60 102.53
C TYR AB 183 -0.97 13.97 103.82
N GLN AB 184 -1.57 12.86 104.21
CA GLN AB 184 -1.19 12.14 105.41
C GLN AB 184 -0.19 11.08 105.01
N THR AB 185 1.03 11.19 105.52
CA THR AB 185 2.07 10.27 105.11
C THR AB 185 1.71 8.85 105.49
N TRP AB 186 2.12 7.90 104.66
CA TRP AB 186 1.68 6.52 104.79
C TRP AB 186 2.84 5.64 105.19
N TYR AB 187 2.84 5.18 106.43
CA TYR AB 187 3.90 4.34 106.94
C TYR AB 187 3.61 2.90 106.59
N LEU AB 188 4.53 2.26 105.89
CA LEU AB 188 4.38 0.88 105.51
C LEU AB 188 4.60 -0.03 106.71
N PHE AB 189 4.11 -1.26 106.58
CA PHE AB 189 4.19 -2.26 107.64
C PHE AB 189 4.96 -3.48 107.18
N GLN AB 190 5.61 -4.12 108.13
CA GLN AB 190 6.50 -5.23 107.82
C GLN AB 190 5.72 -6.42 107.30
N TYR AB 191 6.32 -7.13 106.36
CA TYR AB 191 5.70 -8.33 105.80
C TYR AB 191 6.09 -9.55 106.61
N GLY AB 192 5.10 -10.34 106.99
CA GLY AB 192 5.33 -11.56 107.72
C GLY AB 192 4.25 -12.56 107.37
N TYR AB 193 4.46 -13.79 107.81
CA TYR AB 193 3.49 -14.82 107.51
C TYR AB 193 3.63 -15.95 108.51
N ILE AB 194 2.54 -16.72 108.65
CA ILE AB 194 2.55 -17.89 109.52
C ILE AB 194 3.03 -19.09 108.71
N PRO AB 195 4.22 -19.62 108.98
CA PRO AB 195 4.61 -20.84 108.26
C PRO AB 195 3.77 -22.05 108.64
N VAL AB 196 3.55 -22.28 109.93
CA VAL AB 196 2.78 -23.41 110.44
C VAL AB 196 2.23 -23.05 111.81
N ILE AB 197 1.11 -23.69 112.17
CA ILE AB 197 0.55 -23.55 113.51
C ILE AB 197 1.62 -23.85 114.54
N HIS AB 198 1.78 -22.97 115.52
CA HIS AB 198 2.86 -23.13 116.48
C HIS AB 198 2.68 -24.40 117.31
N GLU AB 199 1.52 -24.54 117.96
CA GLU AB 199 1.18 -25.85 118.47
C GLU AB 199 1.08 -26.80 117.29
N LEU AB 200 1.24 -28.10 117.56
CA LEU AB 200 1.40 -29.06 116.48
C LEU AB 200 2.69 -28.78 115.72
N ALA AB 201 3.81 -29.30 116.25
CA ALA AB 201 5.20 -28.89 116.06
C ALA AB 201 5.77 -28.05 117.20
N GLU AB 202 5.04 -27.87 118.29
CA GLU AB 202 5.61 -27.16 119.43
C GLU AB 202 7.03 -27.60 119.88
N MET AB 203 7.38 -28.89 119.95
CA MET AB 203 6.52 -30.07 119.92
C MET AB 203 6.77 -30.84 121.22
N GLU AB 204 5.82 -31.67 121.63
CA GLU AB 204 5.93 -32.30 122.94
C GLU AB 204 6.56 -33.67 122.86
N ASP AB 205 7.81 -33.76 123.33
CA ASP AB 205 8.53 -35.02 123.49
C ASP AB 205 8.44 -35.89 122.24
N SER AB 206 8.30 -37.21 122.45
CA SER AB 206 7.83 -38.14 121.43
C SER AB 206 8.54 -37.85 120.05
N ASN AB 207 7.93 -37.50 118.89
CA ASN AB 207 6.52 -37.50 118.52
C ASN AB 207 6.34 -38.13 117.15
N ALA AB 208 6.98 -37.49 116.17
CA ALA AB 208 7.06 -37.90 114.77
C ALA AB 208 5.78 -37.57 114.00
N VAL AB 209 4.68 -37.33 114.72
CA VAL AB 209 3.51 -36.74 114.08
C VAL AB 209 3.64 -35.22 114.03
N GLU AB 210 4.18 -34.62 115.09
CA GLU AB 210 4.49 -33.19 115.04
C GLU AB 210 5.90 -32.94 114.56
N LYS AB 211 6.74 -33.98 114.51
CA LYS AB 211 8.03 -33.84 113.84
C LYS AB 211 7.81 -33.54 112.37
N ALA AB 212 7.05 -34.39 111.70
CA ALA AB 212 6.41 -33.95 110.47
C ALA AB 212 5.45 -32.83 110.80
N ILE AB 213 5.22 -31.95 109.82
CA ILE AB 213 4.52 -30.68 109.95
C ILE AB 213 5.44 -29.66 110.58
N CYS AB 214 6.44 -30.10 111.33
CA CYS AB 214 7.55 -29.22 111.68
C CYS AB 214 8.61 -29.24 110.60
N LEU AB 215 8.93 -30.42 110.08
CA LEU AB 215 9.87 -30.53 108.99
C LEU AB 215 9.33 -29.91 107.72
N GLN AB 216 8.01 -29.91 107.56
CA GLN AB 216 7.44 -29.49 106.28
C GLN AB 216 7.14 -28.00 106.25
N ILE AB 217 7.48 -27.24 107.29
CA ILE AB 217 7.09 -25.84 107.30
C ILE AB 217 7.82 -25.19 106.12
N PRO AB 218 7.12 -24.56 105.21
CA PRO AB 218 7.78 -23.92 104.08
C PRO AB 218 8.41 -22.61 104.52
N PHE AB 219 9.44 -22.22 103.79
CA PHE AB 219 10.14 -20.98 104.06
C PHE AB 219 10.22 -20.18 102.77
N PHE AB 220 9.52 -19.06 102.74
CA PHE AB 220 9.41 -18.24 101.56
C PHE AB 220 10.31 -17.03 101.69
N MET AB 221 10.88 -16.62 100.57
CA MET AB 221 11.80 -15.50 100.53
C MET AB 221 11.47 -14.68 99.30
N LEU AB 222 11.45 -13.37 99.44
CA LEU AB 222 11.12 -12.53 98.32
C LEU AB 222 12.31 -12.24 97.44
N GLU AB 223 13.46 -12.84 97.74
CA GLU AB 223 14.61 -12.58 96.88
C GLU AB 223 14.49 -13.40 95.62
N ASN AB 224 14.76 -14.71 95.65
CA ASN AB 224 14.09 -15.67 94.79
C ASN AB 224 13.70 -15.07 93.45
N SER AB 225 12.39 -15.05 93.17
CA SER AB 225 11.89 -14.42 91.96
C SER AB 225 12.39 -13.00 91.82
N ASP AB 226 12.71 -12.61 90.59
CA ASP AB 226 13.36 -11.34 90.33
C ASP AB 226 12.42 -10.17 90.57
N HIS AB 227 13.01 -9.01 90.81
CA HIS AB 227 12.26 -7.79 91.05
C HIS AB 227 13.15 -6.59 90.75
N GLU AB 228 12.52 -5.44 90.63
CA GLU AB 228 13.22 -4.24 90.22
C GLU AB 228 13.83 -3.51 91.41
N VAL AB 229 15.02 -2.97 91.20
CA VAL AB 229 15.62 -2.02 92.12
C VAL AB 229 15.53 -0.66 91.46
N LEU AB 230 15.38 0.39 92.27
CA LEU AB 230 15.21 1.73 91.75
C LEU AB 230 16.10 2.69 92.51
N ARG AB 231 16.88 3.48 91.78
CA ARG AB 231 17.45 4.65 92.40
C ARG AB 231 16.41 5.76 92.38
N THR AB 232 16.84 6.98 92.68
CA THR AB 232 15.89 8.09 92.76
C THR AB 232 15.19 8.35 91.43
N GLY AB 233 15.95 8.62 90.37
CA GLY AB 233 15.33 9.05 89.12
C GLY AB 233 14.36 8.07 88.51
N GLU AB 234 14.46 6.80 88.87
CA GLU AB 234 13.61 5.77 88.28
C GLU AB 234 12.26 5.70 88.98
N SER AB 235 11.27 5.17 88.26
CA SER AB 235 9.96 4.87 88.81
C SER AB 235 9.51 3.48 88.36
N THR AB 236 8.29 3.12 88.72
CA THR AB 236 7.73 1.83 88.34
C THR AB 236 6.22 1.94 88.27
N GLU AB 237 5.62 1.19 87.37
CA GLU AB 237 4.18 1.09 87.24
C GLU AB 237 3.74 -0.35 87.47
N PHE AB 238 2.50 -0.51 87.90
CA PHE AB 238 1.89 -1.83 88.00
C PHE AB 238 0.43 -1.70 87.60
N THR AB 239 -0.08 -2.71 86.90
CA THR AB 239 -1.48 -2.75 86.53
C THR AB 239 -2.13 -4.00 87.09
N PHE AB 240 -3.44 -3.96 87.20
CA PHE AB 240 -4.20 -5.10 87.70
C PHE AB 240 -5.55 -5.11 87.02
N ASN AB 241 -6.06 -6.30 86.78
CA ASN AB 241 -7.41 -6.48 86.27
C ASN AB 241 -8.14 -7.41 87.20
N PHE AB 242 -9.45 -7.24 87.28
CA PHE AB 242 -10.26 -7.92 88.27
C PHE AB 242 -11.31 -8.77 87.59
N ASP AB 243 -11.29 -10.07 87.89
CA ASP AB 243 -12.47 -10.91 87.72
C ASP AB 243 -13.18 -10.87 89.05
N CYS AB 244 -14.33 -10.21 89.08
CA CYS AB 244 -14.85 -9.71 90.34
C CYS AB 244 -16.37 -9.68 90.30
N GLU AB 245 -16.97 -9.95 91.45
CA GLU AB 245 -18.42 -9.94 91.59
C GLU AB 245 -18.90 -8.55 91.95
N TRP AB 246 -20.06 -8.17 91.41
CA TRP AB 246 -20.66 -6.90 91.76
C TRP AB 246 -20.96 -6.85 93.25
N ILE AB 247 -20.87 -5.66 93.83
CA ILE AB 247 -21.43 -5.40 95.15
C ILE AB 247 -22.64 -4.49 94.94
N ASN AB 248 -23.78 -4.91 95.46
CA ASN AB 248 -25.05 -4.31 95.09
C ASN AB 248 -25.52 -3.33 96.16
N ASN AB 249 -25.78 -2.11 95.74
CA ASN AB 249 -26.45 -1.11 96.57
C ASN AB 249 -27.90 -1.07 96.14
N GLU AB 250 -28.77 -1.63 96.97
CA GLU AB 250 -30.16 -1.91 96.67
C GLU AB 250 -30.80 -2.40 97.95
N ARG AB 251 -32.11 -2.33 98.00
CA ARG AB 251 -32.85 -2.63 99.21
C ARG AB 251 -34.11 -3.38 98.85
N ALA AB 252 -34.37 -4.47 99.55
CA ALA AB 252 -35.62 -5.19 99.41
C ALA AB 252 -36.59 -4.63 100.43
N TYR AB 253 -37.70 -4.07 99.95
CA TYR AB 253 -38.69 -3.49 100.84
C TYR AB 253 -39.56 -4.54 101.51
N ILE AB 254 -39.52 -5.79 101.05
CA ILE AB 254 -40.25 -6.89 101.68
C ILE AB 254 -39.38 -8.12 101.68
N PRO AB 255 -39.64 -9.05 102.60
CA PRO AB 255 -38.99 -10.35 102.54
C PRO AB 255 -39.33 -11.05 101.24
N PRO AB 256 -38.48 -11.97 100.78
CA PRO AB 256 -38.81 -12.68 99.54
C PRO AB 256 -40.04 -13.55 99.66
N GLY AB 257 -40.36 -14.03 100.85
CA GLY AB 257 -41.56 -14.82 101.03
C GLY AB 257 -42.83 -14.01 101.13
N LEU AB 258 -42.73 -12.69 101.12
CA LEU AB 258 -43.89 -11.82 101.26
C LEU AB 258 -44.42 -11.38 99.91
N MET AB 259 -43.90 -11.94 98.82
CA MET AB 259 -44.30 -11.53 97.47
C MET AB 259 -45.49 -12.38 97.06
N PHE AB 260 -46.65 -11.75 96.97
CA PHE AB 260 -47.87 -12.40 96.48
C PHE AB 260 -48.97 -11.35 96.52
N ASN AB 261 -50.04 -11.64 95.79
CA ASN AB 261 -51.20 -10.77 95.84
C ASN AB 261 -52.11 -11.27 96.94
N PRO AB 262 -52.19 -10.55 98.06
CA PRO AB 262 -52.98 -11.05 99.19
C PRO AB 262 -54.47 -10.99 98.95
N LEU AB 263 -54.90 -10.24 97.93
CA LEU AB 263 -56.31 -10.19 97.61
C LEU AB 263 -56.80 -11.52 97.05
N VAL AB 264 -55.99 -12.15 96.21
CA VAL AB 264 -56.45 -13.34 95.50
C VAL AB 264 -56.44 -14.53 96.44
N PRO AB 265 -57.50 -15.33 96.48
CA PRO AB 265 -57.47 -16.56 97.30
C PRO AB 265 -56.46 -17.54 96.76
N THR AB 266 -56.08 -18.49 97.61
CA THR AB 266 -55.09 -19.48 97.25
C THR AB 266 -55.72 -20.87 97.22
N ARG AB 267 -55.21 -21.73 96.35
CA ARG AB 267 -55.57 -23.13 96.39
C ARG AB 267 -54.49 -23.92 97.08
N ARG AB 268 -54.75 -24.27 98.34
CA ARG AB 268 -53.80 -24.93 99.23
C ARG AB 268 -54.55 -25.24 100.51
N ALA AB 269 -54.02 -26.12 101.35
CA ALA AB 269 -54.71 -26.46 102.57
C ALA AB 269 -53.71 -26.72 103.68
N GLN AB 270 -54.19 -26.56 104.90
CA GLN AB 270 -53.39 -26.76 106.10
C GLN AB 270 -54.03 -27.88 106.90
N TYR AB 271 -53.35 -29.02 107.00
CA TYR AB 271 -53.72 -30.03 107.98
C TYR AB 271 -52.94 -29.69 109.24
N ILE AB 272 -53.61 -29.75 110.38
CA ILE AB 272 -52.99 -29.47 111.66
C ILE AB 272 -53.21 -30.66 112.58
N ARG AB 273 -52.12 -31.20 113.10
CA ARG AB 273 -52.19 -32.40 113.93
C ARG AB 273 -53.00 -32.13 115.19
N ARG AB 274 -53.55 -33.21 115.77
CA ARG AB 274 -54.15 -33.13 117.09
C ARG AB 274 -53.19 -32.48 118.07
N ASN AB 275 -53.69 -31.52 118.84
CA ASN AB 275 -52.79 -30.67 119.60
C ASN AB 275 -52.25 -31.38 120.84
N ASN AB 276 -52.98 -32.35 121.37
CA ASN AB 276 -52.56 -33.12 122.54
C ASN AB 276 -52.18 -32.18 123.68
N ASN AB 277 -53.21 -31.58 124.28
CA ASN AB 277 -53.13 -30.44 125.19
C ASN AB 277 -52.77 -29.21 124.35
N PRO AB 278 -53.32 -28.04 124.70
CA PRO AB 278 -54.50 -27.88 125.57
C PRO AB 278 -55.78 -28.49 125.01
N GLN AB 279 -56.06 -28.24 123.72
CA GLN AB 279 -57.39 -28.46 123.17
C GLN AB 279 -57.30 -28.35 121.65
N THR AB 280 -58.44 -28.23 120.96
CA THR AB 280 -58.50 -28.01 119.52
C THR AB 280 -57.98 -29.20 118.72
N ALA AB 281 -58.81 -30.24 118.60
CA ALA AB 281 -58.48 -31.43 117.82
C ALA AB 281 -58.27 -31.07 116.36
N GLU AB 282 -57.60 -31.98 115.65
CA GLU AB 282 -57.08 -31.73 114.30
C GLU AB 282 -58.18 -31.27 113.36
N SER AB 283 -57.80 -30.40 112.42
CA SER AB 283 -58.70 -29.93 111.39
C SER AB 283 -57.89 -29.52 110.17
N THR AB 284 -58.50 -29.64 109.00
CA THR AB 284 -57.93 -29.14 107.76
C THR AB 284 -58.71 -27.91 107.30
N SER AB 285 -58.01 -26.98 106.66
CA SER AB 285 -58.62 -25.72 106.26
C SER AB 285 -57.84 -25.13 105.10
N ARG AB 286 -58.50 -24.24 104.37
CA ARG AB 286 -57.85 -23.54 103.28
C ARG AB 286 -56.99 -22.41 103.82
N ILE AB 287 -55.83 -22.22 103.20
CA ILE AB 287 -54.93 -21.14 103.61
C ILE AB 287 -55.56 -19.80 103.27
N ALA AB 288 -55.49 -18.87 104.22
CA ALA AB 288 -56.08 -17.57 104.03
C ALA AB 288 -55.49 -16.86 102.84
N PRO AB 289 -56.24 -15.94 102.21
CA PRO AB 289 -55.70 -15.24 101.03
C PRO AB 289 -54.45 -14.46 101.35
N TYR AB 290 -54.45 -13.70 102.43
CA TYR AB 290 -53.23 -13.17 103.00
C TYR AB 290 -52.42 -14.31 103.58
N ALA AB 291 -51.13 -14.06 103.78
CA ALA AB 291 -50.25 -15.03 104.44
C ALA AB 291 -50.24 -16.36 103.71
N LYS AB 292 -49.96 -16.30 102.43
CA LYS AB 292 -49.79 -17.51 101.67
C LYS AB 292 -48.42 -18.12 101.96
N PRO AB 293 -48.30 -19.45 101.88
CA PRO AB 293 -47.01 -20.08 102.13
C PRO AB 293 -46.01 -19.68 101.06
N THR AB 294 -44.75 -19.93 101.37
CA THR AB 294 -43.68 -19.53 100.48
C THR AB 294 -42.63 -20.61 100.35
N SER AB 295 -41.92 -20.55 99.24
CA SER AB 295 -40.58 -21.09 99.12
C SER AB 295 -39.60 -20.10 99.73
N TRP AB 296 -38.34 -20.24 99.36
CA TRP AB 296 -37.38 -19.19 99.66
C TRP AB 296 -37.12 -19.06 101.16
N MET AB 297 -36.37 -20.03 101.65
CA MET AB 297 -35.81 -20.14 102.98
C MET AB 297 -34.86 -18.98 103.27
N THR AB 298 -34.65 -18.72 104.56
CA THR AB 298 -33.75 -17.67 104.98
C THR AB 298 -32.29 -18.08 104.80
N GLY AB 299 -31.42 -17.09 104.70
CA GLY AB 299 -30.01 -17.33 104.58
C GLY AB 299 -29.43 -17.98 105.81
N PRO AB 300 -28.28 -18.63 105.65
CA PRO AB 300 -27.71 -19.41 106.75
C PRO AB 300 -26.99 -18.53 107.75
N GLY AB 301 -26.90 -19.04 108.98
CA GLY AB 301 -26.16 -18.38 110.04
C GLY AB 301 -25.85 -19.39 111.11
N LEU AB 302 -24.97 -19.01 112.04
CA LEU AB 302 -24.70 -19.79 113.23
C LEU AB 302 -24.86 -18.90 114.45
N LEU AB 303 -25.94 -19.08 115.20
CA LEU AB 303 -26.24 -18.25 116.35
C LEU AB 303 -26.02 -18.89 117.71
N SER AB 304 -25.63 -20.16 117.79
CA SER AB 304 -25.71 -20.83 119.10
C SER AB 304 -24.52 -20.50 119.99
N ALA AB 305 -23.34 -20.39 119.40
CA ALA AB 305 -22.09 -20.31 120.14
C ALA AB 305 -21.95 -19.00 120.89
N GLN AB 306 -21.02 -18.98 121.84
CA GLN AB 306 -20.64 -17.76 122.56
C GLN AB 306 -19.13 -17.69 122.62
N ARG AB 307 -18.60 -16.47 122.49
CA ARG AB 307 -17.15 -16.29 122.57
C ARG AB 307 -16.63 -16.80 123.90
N VAL AB 308 -15.45 -17.41 123.85
CA VAL AB 308 -14.95 -18.25 124.93
C VAL AB 308 -13.69 -17.64 125.54
N GLY AB 309 -13.81 -17.22 126.79
CA GLY AB 309 -12.65 -16.94 127.60
C GLY AB 309 -12.14 -15.52 127.48
N PRO AB 310 -10.92 -15.29 127.99
CA PRO AB 310 -10.39 -13.93 128.06
C PRO AB 310 -9.92 -13.44 126.70
N ALA AB 311 -9.86 -12.12 126.58
CA ALA AB 311 -9.33 -11.50 125.37
C ALA AB 311 -7.85 -11.81 125.24
N THR AB 312 -7.34 -11.65 124.02
CA THR AB 312 -5.98 -11.98 123.56
C THR AB 312 -5.81 -13.48 123.40
N SER AB 313 -6.80 -14.27 123.78
CA SER AB 313 -6.78 -15.72 123.60
C SER AB 313 -7.46 -16.17 122.32
N ASP AB 314 -7.84 -15.24 121.45
CA ASP AB 314 -8.61 -15.54 120.23
C ASP AB 314 -9.96 -16.16 120.56
N THR AB 315 -10.88 -15.32 121.04
CA THR AB 315 -12.23 -15.82 121.30
C THR AB 315 -13.08 -15.57 120.07
N GLY AB 316 -13.39 -16.64 119.34
CA GLY AB 316 -14.17 -16.50 118.12
C GLY AB 316 -15.61 -16.97 118.19
N ALA AB 317 -15.93 -17.73 119.24
CA ALA AB 317 -17.16 -18.50 119.45
C ALA AB 317 -17.26 -19.67 118.48
N TRP AB 318 -16.53 -19.67 117.38
CA TRP AB 318 -16.42 -20.82 116.49
C TRP AB 318 -14.97 -20.93 116.10
N MET AB 319 -14.32 -22.03 116.49
CA MET AB 319 -12.93 -22.27 116.14
C MET AB 319 -12.89 -23.35 115.09
N VAL AB 320 -12.19 -23.09 113.99
CA VAL AB 320 -12.12 -24.08 112.91
C VAL AB 320 -11.08 -25.14 113.22
N ALA AB 321 -9.91 -24.73 113.71
CA ALA AB 321 -8.81 -25.61 114.07
C ALA AB 321 -8.44 -26.64 113.01
N VAL AB 322 -7.86 -27.76 113.46
CA VAL AB 322 -7.46 -28.87 112.59
C VAL AB 322 -7.73 -30.21 113.27
N LYS AB 323 -7.05 -30.46 114.38
CA LYS AB 323 -7.07 -31.73 115.08
C LYS AB 323 -6.59 -32.91 114.20
N PRO AB 324 -5.30 -32.98 113.89
CA PRO AB 324 -4.75 -34.22 113.37
C PRO AB 324 -4.89 -35.34 114.39
N GLU AB 325 -4.82 -36.57 113.90
CA GLU AB 325 -5.34 -37.69 114.68
C GLU AB 325 -4.56 -37.90 115.98
N ASN AB 326 -3.24 -37.81 115.91
CA ASN AB 326 -2.47 -37.91 117.15
C ASN AB 326 -1.97 -36.55 117.61
N ALA AB 327 -0.91 -36.07 116.97
CA ALA AB 327 -0.24 -34.81 117.29
C ALA AB 327 0.01 -34.74 118.80
N SER AB 328 -0.11 -33.55 119.35
CA SER AB 328 -0.30 -33.32 120.78
C SER AB 328 -0.82 -31.90 120.90
N ILE AB 329 -1.51 -31.63 122.00
CA ILE AB 329 -2.17 -30.33 122.16
C ILE AB 329 -2.06 -29.91 123.61
N ASP AB 330 -1.74 -28.63 123.80
CA ASP AB 330 -1.69 -28.00 125.11
C ASP AB 330 -3.12 -27.66 125.52
N THR AB 331 -3.29 -26.83 126.54
CA THR AB 331 -4.61 -26.28 126.81
C THR AB 331 -5.17 -25.68 125.53
N GLY AB 332 -6.44 -25.98 125.25
CA GLY AB 332 -7.00 -25.66 123.96
C GLY AB 332 -7.30 -26.88 123.11
N MET AB 333 -8.11 -26.79 122.03
CA MET AB 333 -8.85 -25.62 121.52
C MET AB 333 -8.03 -24.31 121.47
N SER AB 334 -8.52 -23.27 122.13
CA SER AB 334 -7.77 -22.01 122.29
C SER AB 334 -7.36 -21.41 120.91
N GLY AB 335 -6.09 -21.27 120.47
CA GLY AB 335 -4.88 -22.03 120.80
C GLY AB 335 -4.50 -22.95 119.65
N ILE AB 336 -5.51 -23.31 118.86
CA ILE AB 336 -5.30 -23.89 117.54
C ILE AB 336 -6.41 -23.37 116.66
N GLY AB 337 -6.10 -23.19 115.38
CA GLY AB 337 -7.10 -22.70 114.45
C GLY AB 337 -7.52 -21.28 114.72
N SER AB 338 -8.55 -20.87 113.99
CA SER AB 338 -8.95 -19.47 113.91
C SER AB 338 -10.40 -19.31 114.33
N GLY AB 339 -10.72 -18.16 114.92
CA GLY AB 339 -12.10 -17.86 115.20
C GLY AB 339 -12.85 -17.45 113.95
N PHE AB 340 -14.08 -17.92 113.83
CA PHE AB 340 -14.93 -17.59 112.70
C PHE AB 340 -15.82 -16.43 113.08
N ASP AB 341 -15.72 -15.35 112.32
CA ASP AB 341 -16.36 -14.10 112.70
C ASP AB 341 -16.82 -13.33 111.45
N PRO AB 342 -18.00 -12.69 111.50
CA PRO AB 342 -19.15 -12.96 112.35
C PRO AB 342 -20.02 -14.12 111.90
N PRO AB 343 -20.32 -15.06 112.78
CA PRO AB 343 -21.58 -15.78 112.66
C PRO AB 343 -22.72 -15.09 113.42
N GLN AB 344 -23.97 -14.99 112.95
CA GLN AB 344 -24.39 -14.73 111.58
C GLN AB 344 -23.86 -15.73 110.54
N GLY AB 345 -23.53 -15.41 109.27
CA GLY AB 345 -23.91 -14.24 108.49
C GLY AB 345 -25.41 -14.11 108.31
N SER AB 346 -25.84 -12.96 107.79
CA SER AB 346 -27.26 -12.64 107.68
C SER AB 346 -27.94 -12.85 109.02
N LEU AB 347 -29.15 -13.43 109.00
CA LEU AB 347 -29.76 -14.05 110.16
C LEU AB 347 -29.62 -13.19 111.41
N ALA AB 348 -30.42 -12.13 111.51
CA ALA AB 348 -30.14 -11.01 112.40
C ALA AB 348 -29.70 -11.47 113.79
N PRO AB 349 -28.62 -10.93 114.33
CA PRO AB 349 -28.00 -11.49 115.54
C PRO AB 349 -28.81 -11.20 116.79
N THR AB 350 -28.48 -11.94 117.84
CA THR AB 350 -29.12 -11.77 119.14
C THR AB 350 -28.55 -10.56 119.87
N ASN AB 351 -27.29 -10.62 120.27
CA ASN AB 351 -26.73 -9.50 120.99
C ASN AB 351 -25.51 -8.94 120.26
N LEU AB 352 -24.87 -7.96 120.90
CA LEU AB 352 -23.73 -7.24 120.35
C LEU AB 352 -22.61 -8.18 119.96
N GLU AB 353 -22.54 -9.35 120.60
CA GLU AB 353 -21.39 -10.24 120.44
C GLU AB 353 -21.21 -10.68 119.00
N TYR AB 354 -22.27 -10.70 118.21
CA TYR AB 354 -22.23 -11.09 116.81
C TYR AB 354 -22.22 -9.92 115.84
N LYS AB 355 -22.22 -8.70 116.34
CA LYS AB 355 -22.64 -7.54 115.56
C LYS AB 355 -21.47 -6.90 114.81
N ILE AB 356 -20.33 -7.58 114.76
CA ILE AB 356 -19.02 -7.08 114.37
C ILE AB 356 -18.70 -5.89 115.26
N GLN AB 357 -17.79 -5.02 114.82
CA GLN AB 357 -17.37 -3.82 115.51
C GLN AB 357 -16.05 -3.39 114.85
N TRP AB 358 -15.63 -2.14 114.98
CA TRP AB 358 -14.23 -1.80 114.71
C TRP AB 358 -13.94 -0.44 115.31
N TYR AB 359 -12.65 -0.15 115.50
CA TYR AB 359 -12.28 1.07 116.21
C TYR AB 359 -11.99 2.23 115.25
N GLN AB 360 -11.85 1.96 113.96
CA GLN AB 360 -11.54 2.97 112.95
C GLN AB 360 -10.45 3.94 113.38
N THR AB 361 -9.48 3.44 114.16
CA THR AB 361 -8.44 4.25 114.75
C THR AB 361 -7.49 3.34 115.53
N PRO AB 362 -6.19 3.50 115.37
CA PRO AB 362 -5.27 2.71 116.20
C PRO AB 362 -5.24 3.15 117.65
N GLN AB 363 -5.54 4.42 117.91
CA GLN AB 363 -5.55 4.90 119.29
C GLN AB 363 -6.78 4.42 120.05
N GLY AB 364 -7.70 3.75 119.38
CA GLY AB 364 -8.93 3.33 120.01
C GLY AB 364 -8.75 2.39 121.18
N THR AB 365 -9.25 2.79 122.36
CA THR AB 365 -9.22 1.96 123.55
C THR AB 365 -10.41 1.02 123.53
N ASN AB 366 -10.69 0.36 124.65
CA ASN AB 366 -11.76 -0.63 124.68
C ASN AB 366 -13.08 -0.04 124.21
N ASN AB 367 -13.57 1.00 124.86
CA ASN AB 367 -14.67 1.79 124.33
C ASN AB 367 -14.17 3.18 124.03
N ASN AB 368 -13.96 3.45 122.75
CA ASN AB 368 -13.53 4.70 122.14
C ASN AB 368 -13.40 4.36 120.67
N GLY AB 369 -13.49 5.33 119.77
CA GLY AB 369 -13.66 4.91 118.39
C GLY AB 369 -14.87 4.00 118.40
N ASN AB 370 -14.64 2.74 118.02
CA ASN AB 370 -15.54 1.66 118.42
C ASN AB 370 -16.91 1.78 117.79
N ILE AB 371 -16.96 2.03 116.50
CA ILE AB 371 -18.26 2.10 115.83
C ILE AB 371 -18.74 0.68 115.56
N ILE AB 372 -20.00 0.45 115.81
CA ILE AB 372 -20.57 -0.88 115.81
C ILE AB 372 -21.53 -1.01 114.64
N SER AB 373 -21.50 -2.15 113.96
CA SER AB 373 -22.38 -2.36 112.83
C SER AB 373 -23.84 -2.36 113.29
N ASN AB 374 -24.73 -2.08 112.35
CA ASN AB 374 -26.15 -1.90 112.66
C ASN AB 374 -26.97 -2.52 111.54
N GLN AB 375 -28.27 -2.65 111.76
CA GLN AB 375 -29.11 -3.25 110.73
C GLN AB 375 -29.39 -2.26 109.61
N PRO AB 376 -29.28 -2.69 108.35
CA PRO AB 376 -29.56 -1.77 107.24
C PRO AB 376 -31.01 -1.39 107.13
N LEU AB 377 -31.89 -2.12 107.80
CA LEU AB 377 -33.35 -2.04 107.69
C LEU AB 377 -33.82 -2.61 106.36
N SER AB 378 -32.89 -3.03 105.49
CA SER AB 378 -33.24 -3.86 104.36
C SER AB 378 -33.88 -5.15 104.85
N MET AB 379 -34.83 -5.67 104.08
CA MET AB 379 -35.63 -6.79 104.54
C MET AB 379 -35.06 -8.15 104.17
N LEU AB 380 -33.88 -8.22 103.57
CA LEU AB 380 -33.45 -9.50 103.05
C LEU AB 380 -32.94 -10.56 104.03
N ARG AB 381 -31.78 -10.52 104.72
CA ARG AB 381 -30.96 -9.47 105.38
C ARG AB 381 -31.34 -9.32 106.87
N ASP AB 382 -32.43 -9.94 107.31
CA ASP AB 382 -32.71 -9.99 108.74
C ASP AB 382 -32.88 -11.46 109.16
N GLN AB 383 -33.91 -12.10 108.63
CA GLN AB 383 -33.94 -13.56 108.49
C GLN AB 383 -33.79 -14.28 109.83
N ALA AB 384 -34.87 -14.25 110.60
CA ALA AB 384 -34.98 -15.23 111.67
C ALA AB 384 -35.38 -16.59 111.10
N LEU AB 385 -35.50 -17.57 111.99
CA LEU AB 385 -36.16 -18.81 111.65
C LEU AB 385 -36.68 -19.42 112.95
N PHE AB 386 -37.81 -20.10 112.88
CA PHE AB 386 -38.62 -20.37 114.07
C PHE AB 386 -38.85 -21.85 114.33
N ARG AB 387 -39.41 -22.59 113.38
CA ARG AB 387 -39.70 -24.02 113.61
C ARG AB 387 -40.67 -24.12 114.79
N GLY AB 388 -40.59 -25.20 115.58
CA GLY AB 388 -41.35 -25.36 116.79
C GLY AB 388 -42.85 -25.22 116.63
N ASN AB 389 -43.56 -25.21 117.75
CA ASN AB 389 -43.31 -26.15 118.84
C ASN AB 389 -44.44 -27.15 118.75
N GLN AB 390 -45.33 -26.89 117.79
CA GLN AB 390 -46.74 -27.26 117.71
C GLN AB 390 -47.60 -26.29 118.51
N THR AB 391 -47.00 -25.45 119.34
CA THR AB 391 -47.68 -24.47 120.16
C THR AB 391 -47.08 -23.08 119.95
N THR AB 392 -45.77 -22.94 120.18
CA THR AB 392 -45.07 -21.67 120.05
C THR AB 392 -43.97 -21.82 119.00
N TYR AB 393 -43.57 -20.71 118.40
CA TYR AB 393 -42.37 -20.70 117.57
C TYR AB 393 -41.16 -20.36 118.44
N ASN AB 394 -40.04 -21.02 118.18
CA ASN AB 394 -38.84 -20.84 118.96
C ASN AB 394 -37.64 -20.62 118.06
N LEU AB 395 -37.05 -19.43 118.12
CA LEU AB 395 -35.91 -19.10 117.26
C LEU AB 395 -34.84 -20.18 117.35
N CYS AB 396 -34.40 -20.66 116.20
CA CYS AB 396 -33.53 -21.82 116.13
C CYS AB 396 -32.10 -21.42 115.79
N SER AB 397 -31.17 -22.00 116.53
CA SER AB 397 -29.75 -21.90 116.24
C SER AB 397 -29.41 -22.63 114.95
N ASP AB 398 -28.20 -22.38 114.44
CA ASP AB 398 -27.74 -22.92 113.16
C ASP AB 398 -28.56 -22.32 112.03
N VAL AB 399 -29.27 -23.15 111.26
CA VAL AB 399 -29.70 -22.84 109.89
C VAL AB 399 -28.51 -22.87 108.94
N TRP AB 400 -28.09 -24.08 108.57
CA TRP AB 400 -27.08 -24.34 107.56
C TRP AB 400 -27.64 -24.07 106.16
N MET AB 401 -26.86 -24.41 105.14
CA MET AB 401 -27.31 -24.21 103.77
C MET AB 401 -28.49 -25.10 103.43
N PHE AB 402 -29.38 -24.57 102.62
CA PHE AB 402 -30.63 -25.21 102.24
C PHE AB 402 -30.99 -24.74 100.83
N PRO AB 403 -31.65 -25.58 100.03
CA PRO AB 403 -31.79 -25.28 98.60
C PRO AB 403 -32.38 -23.93 98.24
N ASN AB 404 -33.43 -23.50 98.90
CA ASN AB 404 -34.15 -22.32 98.45
C ASN AB 404 -33.67 -21.04 99.11
N GLN AB 405 -32.57 -21.09 99.85
CA GLN AB 405 -32.20 -19.95 100.67
C GLN AB 405 -31.87 -18.72 99.85
N ILE AB 406 -32.28 -17.57 100.37
CA ILE AB 406 -31.80 -16.27 99.90
C ILE AB 406 -31.32 -15.48 101.09
N TRP AB 407 -30.14 -14.88 100.96
CA TRP AB 407 -29.68 -13.90 101.91
C TRP AB 407 -29.09 -12.77 101.11
N ASP AB 408 -28.85 -11.66 101.80
CA ASP AB 408 -28.25 -10.50 101.16
C ASP AB 408 -26.86 -10.33 101.71
N ARG AB 409 -25.90 -10.11 100.82
CA ARG AB 409 -24.53 -9.96 101.23
C ARG AB 409 -24.40 -8.77 102.17
N TYR AB 410 -23.42 -8.81 103.06
CA TYR AB 410 -23.28 -7.79 104.08
C TYR AB 410 -23.28 -6.40 103.44
N PRO AB 411 -24.02 -5.45 104.00
CA PRO AB 411 -24.21 -4.15 103.33
C PRO AB 411 -22.94 -3.34 103.16
N ILE AB 412 -21.87 -3.74 103.82
CA ILE AB 412 -20.60 -3.06 103.95
C ILE AB 412 -20.80 -1.60 104.34
N THR AB 413 -19.86 -0.74 103.93
CA THR AB 413 -19.78 0.66 104.33
C THR AB 413 -18.48 1.22 103.80
N ARG AB 414 -18.21 2.50 104.01
CA ARG AB 414 -16.98 3.09 103.50
C ARG AB 414 -15.73 2.54 104.18
N GLU AB 415 -15.85 1.98 105.38
CA GLU AB 415 -14.71 1.55 106.17
C GLU AB 415 -14.24 0.13 105.83
N ASN AB 416 -14.87 -0.54 104.91
CA ASN AB 416 -14.64 -1.96 104.75
C ASN AB 416 -13.52 -2.25 103.79
N PRO AB 417 -12.92 -3.43 103.90
CA PRO AB 417 -12.02 -3.90 102.85
C PRO AB 417 -12.76 -4.19 101.57
N ILE AB 418 -12.13 -3.85 100.45
CA ILE AB 418 -12.76 -4.07 99.16
C ILE AB 418 -12.83 -5.54 98.84
N TRP AB 419 -11.71 -6.25 98.95
CA TRP AB 419 -11.60 -7.63 98.51
C TRP AB 419 -10.95 -8.47 99.59
N CYS AB 420 -11.05 -9.78 99.39
CA CYS AB 420 -10.37 -10.80 100.18
C CYS AB 420 -9.98 -11.91 99.23
N LYS AB 421 -8.83 -12.52 99.48
CA LYS AB 421 -8.38 -13.58 98.58
C LYS AB 421 -9.07 -14.89 98.91
N LYS AB 422 -9.64 -15.52 97.89
CA LYS AB 422 -10.23 -16.83 98.05
C LYS AB 422 -9.13 -17.87 97.97
N PRO AB 423 -8.86 -18.59 99.06
CA PRO AB 423 -7.75 -19.55 99.04
C PRO AB 423 -7.97 -20.70 98.08
N ARG AB 424 -6.90 -21.10 97.42
CA ARG AB 424 -6.96 -22.17 96.43
C ARG AB 424 -7.21 -23.49 97.12
N SER AB 425 -8.27 -24.17 96.68
CA SER AB 425 -8.60 -25.47 97.25
C SER AB 425 -9.43 -26.23 96.24
N ASP AB 426 -9.51 -27.55 96.43
CA ASP AB 426 -10.25 -28.37 95.50
C ASP AB 426 -11.72 -27.99 95.47
N LYS AB 427 -12.37 -28.02 96.62
CA LYS AB 427 -13.81 -27.84 96.71
C LYS AB 427 -14.14 -26.66 97.60
N HIS AB 428 -15.26 -26.00 97.30
CA HIS AB 428 -15.75 -24.93 98.14
C HIS AB 428 -17.23 -24.72 97.86
N THR AB 429 -17.89 -24.05 98.80
CA THR AB 429 -19.29 -23.68 98.69
C THR AB 429 -19.45 -22.29 98.08
N THR AB 430 -20.62 -21.67 98.28
CA THR AB 430 -21.01 -20.48 97.52
C THR AB 430 -19.96 -19.36 97.55
N ILE AB 431 -19.15 -19.30 98.61
CA ILE AB 431 -18.17 -18.24 98.80
C ILE AB 431 -18.83 -16.87 98.90
N ASP AB 432 -19.55 -16.63 100.00
CA ASP AB 432 -19.95 -15.27 100.33
C ASP AB 432 -19.29 -14.88 101.65
N PRO AB 433 -18.27 -14.04 101.65
CA PRO AB 433 -17.65 -13.64 102.92
C PRO AB 433 -18.60 -12.81 103.76
N PHE AB 434 -18.61 -13.08 105.06
CA PHE AB 434 -19.50 -12.38 105.96
C PHE AB 434 -18.93 -11.07 106.45
N ASP AB 435 -17.74 -10.72 106.00
CA ASP AB 435 -17.16 -9.41 106.23
C ASP AB 435 -17.60 -8.42 105.18
N GLY AB 436 -18.53 -8.81 104.33
CA GLY AB 436 -18.75 -8.10 103.08
C GLY AB 436 -17.56 -8.37 102.20
N SER AB 437 -16.88 -7.32 101.78
CA SER AB 437 -15.71 -7.42 100.92
C SER AB 437 -16.02 -8.27 99.69
N LEU AB 438 -15.04 -9.05 99.24
CA LEU AB 438 -15.16 -9.79 98.00
C LEU AB 438 -14.18 -10.94 98.05
N ALA AB 439 -14.38 -11.91 97.19
CA ALA AB 439 -13.47 -13.02 97.04
C ALA AB 439 -13.01 -13.06 95.60
N MET AB 440 -11.71 -13.23 95.40
CA MET AB 440 -11.16 -13.34 94.06
C MET AB 440 -10.10 -14.43 94.04
N ASP AB 441 -10.03 -15.15 92.94
CA ASP AB 441 -8.93 -16.09 92.73
C ASP AB 441 -7.61 -15.36 92.87
N HIS AB 442 -7.40 -14.34 92.04
CA HIS AB 442 -6.23 -13.49 92.14
C HIS AB 442 -6.69 -12.09 92.46
N PRO AB 443 -6.51 -11.62 93.69
CA PRO AB 443 -6.76 -10.24 94.00
C PRO AB 443 -5.64 -9.38 93.48
N PRO AB 444 -5.65 -8.09 93.73
CA PRO AB 444 -4.46 -7.29 93.41
C PRO AB 444 -3.24 -7.87 94.08
N GLY AB 445 -2.20 -8.09 93.29
CA GLY AB 445 -0.95 -8.62 93.84
C GLY AB 445 -0.35 -7.62 94.79
N THR AB 446 0.02 -8.08 95.97
CA THR AB 446 0.63 -7.19 96.94
C THR AB 446 1.97 -6.70 96.41
N ILE AB 447 2.18 -5.40 96.49
CA ILE AB 447 3.44 -4.79 96.08
C ILE AB 447 4.34 -4.71 97.29
N PHE AB 448 5.50 -5.35 97.20
CA PHE AB 448 6.47 -5.40 98.28
C PHE AB 448 7.60 -4.45 97.96
N ILE AB 449 8.20 -3.89 99.00
CA ILE AB 449 9.26 -2.91 98.83
C ILE AB 449 10.21 -2.99 100.01
N LYS AB 450 11.50 -2.83 99.73
CA LYS AB 450 12.55 -3.02 100.72
C LYS AB 450 13.64 -2.00 100.43
N MET AB 451 14.54 -1.83 101.39
CA MET AB 451 15.51 -0.75 101.36
C MET AB 451 16.87 -1.11 100.80
N ALA AB 452 17.06 -2.32 100.26
CA ALA AB 452 18.29 -2.61 99.56
C ALA AB 452 19.51 -2.49 100.45
N LYS AB 453 19.76 -3.49 101.28
CA LYS AB 453 20.81 -3.43 102.29
C LYS AB 453 22.11 -2.91 101.71
N ILE AB 454 22.66 -1.89 102.35
CA ILE AB 454 23.96 -1.36 101.98
C ILE AB 454 24.91 -1.66 103.13
N PRO AB 455 25.79 -2.64 102.99
CA PRO AB 455 26.63 -3.03 104.11
C PRO AB 455 27.79 -2.07 104.30
N VAL AB 456 28.55 -2.29 105.36
CA VAL AB 456 29.68 -1.45 105.68
C VAL AB 456 30.79 -2.36 106.18
N PRO AB 457 32.05 -2.05 105.88
CA PRO AB 457 33.12 -2.98 106.22
C PRO AB 457 33.42 -3.00 107.71
N SER AB 458 33.84 -4.15 108.19
CA SER AB 458 34.25 -4.31 109.58
C SER AB 458 35.27 -5.44 109.67
N ASN AB 459 35.81 -5.63 110.87
CA ASN AB 459 36.83 -6.64 111.10
C ASN AB 459 36.24 -8.03 111.33
N ASN AB 460 35.16 -8.11 112.10
CA ASN AB 460 34.63 -9.37 112.62
C ASN AB 460 34.47 -10.53 111.60
N ASN AB 461 33.86 -10.32 110.44
CA ASN AB 461 33.31 -9.05 109.98
C ASN AB 461 31.80 -9.04 110.12
N ALA AB 462 31.20 -7.92 109.74
CA ALA AB 462 29.76 -7.72 109.79
C ALA AB 462 29.23 -7.98 111.22
N ASP AB 463 27.95 -8.36 111.43
CA ASP AB 463 26.81 -7.90 110.63
C ASP AB 463 26.58 -6.42 110.89
N SER AB 464 26.66 -5.64 109.82
CA SER AB 464 26.49 -4.20 109.92
C SER AB 464 26.01 -3.68 108.58
N TYR AB 465 25.28 -2.58 108.62
CA TYR AB 465 24.66 -2.06 107.42
C TYR AB 465 24.45 -0.56 107.61
N LEU AB 466 24.18 0.11 106.51
CA LEU AB 466 24.01 1.54 106.52
C LEU AB 466 22.54 1.87 106.73
N ASN AB 467 22.26 2.86 107.57
CA ASN AB 467 20.91 3.15 108.02
C ASN AB 467 20.29 4.19 107.09
N ILE AB 468 19.28 3.77 106.33
CA ILE AB 468 18.63 4.63 105.34
C ILE AB 468 17.13 4.40 105.39
N TYR AB 469 16.40 5.26 104.69
CA TYR AB 469 14.97 5.05 104.49
C TYR AB 469 14.57 5.67 103.16
N CYS AB 470 13.46 5.22 102.63
CA CYS AB 470 12.97 5.68 101.35
C CYS AB 470 11.70 6.47 101.55
N THR AB 471 11.42 7.35 100.60
CA THR AB 471 10.24 8.17 100.65
C THR AB 471 9.81 8.43 99.22
N GLY AB 472 8.51 8.41 98.98
CA GLY AB 472 8.06 8.56 97.62
C GLY AB 472 6.56 8.64 97.55
N GLN AB 473 6.04 8.49 96.35
CA GLN AB 473 4.63 8.72 96.11
C GLN AB 473 4.04 7.55 95.33
N VAL AB 474 3.01 6.94 95.91
CA VAL AB 474 2.22 5.93 95.24
C VAL AB 474 0.97 6.60 94.70
N SER AB 475 0.60 6.28 93.48
CA SER AB 475 -0.67 6.73 92.93
C SER AB 475 -1.46 5.50 92.57
N CYS AB 476 -2.54 5.25 93.28
CA CYS AB 476 -3.41 4.13 93.00
C CYS AB 476 -4.63 4.67 92.27
N GLU AB 477 -4.73 4.38 90.99
CA GLU AB 477 -5.83 4.84 90.14
C GLU AB 477 -6.61 3.62 89.70
N ILE AB 478 -7.84 3.48 90.19
CA ILE AB 478 -8.63 2.29 89.93
C ILE AB 478 -9.93 2.68 89.27
N VAL AB 479 -10.37 1.86 88.34
CA VAL AB 479 -11.57 2.09 87.56
C VAL AB 479 -12.66 1.17 88.09
N TRP AB 480 -13.88 1.68 88.20
CA TRP AB 480 -14.98 0.96 88.80
C TRP AB 480 -16.06 0.79 87.76
N GLU AB 481 -16.37 -0.46 87.41
CA GLU AB 481 -17.59 -0.71 86.67
C GLU AB 481 -18.77 -0.34 87.55
N VAL AB 482 -19.65 0.50 87.02
CA VAL AB 482 -20.70 1.09 87.83
C VAL AB 482 -21.99 1.09 87.01
N GLU AB 483 -23.12 0.89 87.68
CA GLU AB 483 -24.41 0.83 87.03
C GLU AB 483 -25.39 1.73 87.75
N ARG AB 484 -26.17 2.48 87.00
CA ARG AB 484 -27.01 3.53 87.54
C ARG AB 484 -28.46 3.06 87.61
N TYR AB 485 -29.18 3.51 88.62
CA TYR AB 485 -30.47 2.91 88.94
C TYR AB 485 -31.62 3.69 88.33
N ALA AB 486 -32.63 2.95 87.89
CA ALA AB 486 -33.91 3.50 87.51
C ALA AB 486 -34.99 2.64 88.13
N THR AB 487 -36.07 3.28 88.57
CA THR AB 487 -37.12 2.52 89.25
C THR AB 487 -38.46 3.19 89.02
N LYS AB 488 -39.51 2.40 89.21
CA LYS AB 488 -40.87 2.87 89.03
C LYS AB 488 -41.52 3.30 90.32
N ASN AB 489 -40.79 3.30 91.43
CA ASN AB 489 -41.36 3.75 92.69
C ASN AB 489 -41.80 5.19 92.58
N TRP AB 490 -42.94 5.49 93.18
CA TRP AB 490 -43.46 6.85 93.18
C TRP AB 490 -42.80 7.69 94.24
N ARG AB 491 -42.40 7.10 95.33
CA ARG AB 491 -42.01 7.79 96.54
C ARG AB 491 -40.53 8.15 96.57
N PRO AB 492 -40.15 9.09 97.45
CA PRO AB 492 -38.80 9.66 97.42
C PRO AB 492 -37.64 8.69 97.69
N GLU AB 493 -37.87 7.50 98.21
CA GLU AB 493 -36.80 6.55 98.62
C GLU AB 493 -35.93 7.24 99.68
N ARG AB 494 -34.63 7.00 99.68
CA ARG AB 494 -33.78 7.41 100.79
C ARG AB 494 -32.38 7.68 100.26
N ARG AB 495 -31.70 8.63 100.89
CA ARG AB 495 -30.34 8.99 100.50
C ARG AB 495 -29.50 9.13 101.76
N HIS AB 496 -28.26 9.53 101.59
CA HIS AB 496 -27.38 9.79 102.72
C HIS AB 496 -27.16 11.29 102.83
N THR AB 497 -27.82 11.89 103.81
CA THR AB 497 -27.59 13.27 104.19
C THR AB 497 -26.40 13.37 105.13
N THR AB 498 -25.82 14.57 105.17
CA THR AB 498 -24.97 14.92 106.29
C THR AB 498 -25.75 14.95 107.61
N PHE AB 499 -27.07 14.99 107.57
CA PHE AB 499 -27.79 15.07 108.83
C PHE AB 499 -27.67 13.79 109.64
N GLY AB 500 -27.35 12.66 109.01
CA GLY AB 500 -26.96 11.51 109.80
C GLY AB 500 -25.68 11.75 110.55
N LEU AB 501 -24.84 12.65 110.05
CA LEU AB 501 -23.57 12.99 110.67
C LEU AB 501 -23.81 13.86 111.91
N GLY AB 502 -22.78 13.95 112.75
CA GLY AB 502 -22.90 14.73 113.97
C GLY AB 502 -21.58 15.39 114.31
N ILE AB 503 -21.67 16.37 115.21
CA ILE AB 503 -20.59 17.30 115.51
C ILE AB 503 -19.63 16.64 116.49
N GLY AB 504 -18.34 16.96 116.38
CA GLY AB 504 -17.38 16.37 117.28
C GLY AB 504 -16.01 17.02 117.20
N GLY AB 505 -15.14 16.60 118.12
CA GLY AB 505 -13.74 16.95 118.20
C GLY AB 505 -13.49 18.22 118.99
N ALA AB 506 -12.36 18.23 119.72
CA ALA AB 506 -11.91 19.36 120.53
C ALA AB 506 -13.03 20.01 121.32
N ASP AB 507 -13.08 21.34 121.29
CA ASP AB 507 -14.34 22.02 121.51
C ASP AB 507 -15.26 21.65 120.35
N ASN AB 508 -16.52 21.36 120.65
CA ASN AB 508 -17.33 20.50 119.80
C ASN AB 508 -17.27 20.87 118.33
N LEU AB 509 -16.87 22.11 118.02
CA LEU AB 509 -16.90 22.64 116.67
C LEU AB 509 -16.22 21.71 115.67
N ASN AB 510 -16.69 21.81 114.42
CA ASN AB 510 -16.47 21.02 113.22
C ASN AB 510 -17.35 19.78 113.27
N PRO AB 511 -17.96 19.37 112.17
CA PRO AB 511 -18.96 18.31 112.30
C PRO AB 511 -18.44 16.89 112.43
N THR AB 512 -17.98 16.31 111.34
CA THR AB 512 -17.59 14.90 111.38
C THR AB 512 -16.39 14.60 110.49
N TYR AB 513 -16.54 14.68 109.18
CA TYR AB 513 -15.38 14.50 108.32
C TYR AB 513 -14.79 15.89 108.07
N HIS AB 514 -13.73 16.19 108.82
CA HIS AB 514 -13.25 17.54 108.90
C HIS AB 514 -12.11 17.59 109.90
N VAL AB 515 -11.32 18.65 109.82
CA VAL AB 515 -10.17 18.80 110.68
C VAL AB 515 -10.54 19.42 112.03
N ASP AB 516 -9.71 19.13 113.03
CA ASP AB 516 -9.78 19.72 114.36
C ASP AB 516 -8.94 20.99 114.38
N LYS AB 517 -8.64 21.54 115.56
CA LYS AB 517 -8.01 22.87 115.59
C LYS AB 517 -6.48 23.18 115.73
N ASN AB 518 -5.49 22.34 116.09
CA ASN AB 518 -5.47 20.98 116.66
C ASN AB 518 -5.57 19.91 115.60
N GLY AB 519 -5.58 20.31 114.34
CA GLY AB 519 -6.27 19.54 113.34
C GLY AB 519 -5.96 18.07 113.31
N THR AB 520 -7.02 17.33 113.61
CA THR AB 520 -7.07 15.88 113.60
C THR AB 520 -8.42 15.52 112.99
N TYR AB 521 -8.39 14.75 111.93
CA TYR AB 521 -9.59 14.40 111.20
C TYR AB 521 -10.59 13.75 112.14
N ILE AB 522 -11.78 14.32 112.25
CA ILE AB 522 -12.75 13.81 113.21
C ILE AB 522 -13.31 12.49 112.70
N GLN AB 523 -13.33 11.55 113.53
CA GLN AB 523 -13.79 10.29 112.99
C GLN AB 523 -15.30 10.16 113.13
N PRO AB 524 -15.92 9.49 112.17
CA PRO AB 524 -17.36 9.23 112.26
C PRO AB 524 -17.67 8.29 113.42
N THR AB 525 -18.67 8.64 114.21
CA THR AB 525 -19.04 7.90 115.41
C THR AB 525 -20.35 7.16 115.18
N THR AB 526 -20.32 5.86 115.47
CA THR AB 526 -21.21 4.75 115.11
C THR AB 526 -21.43 4.56 113.61
N TRP AB 527 -22.53 3.89 113.26
CA TRP AB 527 -22.58 3.17 111.98
C TRP AB 527 -23.11 4.03 110.85
N ASP AB 528 -24.17 4.80 111.11
CA ASP AB 528 -24.80 5.57 110.04
C ASP AB 528 -23.89 6.65 109.47
N MET AB 529 -22.99 7.19 110.29
CA MET AB 529 -22.01 8.17 109.82
C MET AB 529 -21.35 7.70 108.53
N CYS AB 530 -20.53 6.66 108.63
CA CYS AB 530 -20.11 5.93 107.44
C CYS AB 530 -21.36 5.50 106.70
N PHE AB 531 -21.43 5.81 105.41
CA PHE AB 531 -22.71 5.65 104.73
C PHE AB 531 -22.75 4.31 104.03
N PRO AB 532 -23.48 3.33 104.55
CA PRO AB 532 -23.43 1.99 103.98
C PRO AB 532 -24.23 1.92 102.70
N VAL AB 533 -23.75 1.13 101.75
CA VAL AB 533 -24.61 0.78 100.64
C VAL AB 533 -25.65 -0.22 101.15
N LYS AB 534 -26.69 -0.40 100.35
CA LYS AB 534 -27.76 -1.38 100.54
C LYS AB 534 -28.84 -0.85 101.47
N THR AB 535 -28.65 0.32 102.05
CA THR AB 535 -29.69 0.98 102.82
C THR AB 535 -30.51 1.95 101.97
N ASN AB 536 -30.21 2.07 100.68
CA ASN AB 536 -30.86 3.05 99.83
C ASN AB 536 -31.48 2.38 98.61
N ILE AB 537 -32.01 3.22 97.75
CA ILE AB 537 -32.74 2.84 96.54
C ILE AB 537 -33.85 1.87 96.95
N ASN AB 538 -34.22 0.96 96.06
CA ASN AB 538 -35.14 -0.15 96.31
C ASN AB 538 -34.96 -1.14 95.19
N LYS AB 539 -35.41 -2.36 95.39
CA LYS AB 539 -35.50 -3.32 94.31
C LYS AB 539 -36.76 -4.14 94.48
N VAL AB 540 -37.53 -4.27 93.40
CA VAL AB 540 -38.56 -5.29 93.37
C VAL AB 540 -37.86 -6.65 93.31
N LEU AB 541 -38.20 -7.52 94.23
CA LEU AB 541 -37.58 -8.82 94.26
C LEU AB 541 -38.11 -9.69 93.13
N GLY BB 34 -60.29 -5.55 56.37
CA GLY BB 34 -60.93 -4.37 56.90
C GLY BB 34 -60.46 -3.99 58.29
N SER BB 35 -61.07 -2.93 58.84
CA SER BB 35 -60.71 -2.46 60.17
C SER BB 35 -61.88 -1.69 60.75
N GLY BB 36 -61.86 -1.53 62.07
CA GLY BB 36 -62.88 -0.76 62.77
C GLY BB 36 -63.89 -1.65 63.45
N VAL BB 37 -64.87 -1.00 64.07
CA VAL BB 37 -65.97 -1.73 64.70
C VAL BB 37 -66.71 -2.53 63.65
N GLY BB 38 -67.17 -3.72 64.03
CA GLY BB 38 -67.86 -4.58 63.12
C GLY BB 38 -66.97 -5.54 62.36
N ILE BB 39 -65.67 -5.50 62.58
CA ILE BB 39 -64.72 -6.41 61.96
C ILE BB 39 -63.93 -7.06 63.08
N SER BB 40 -64.09 -8.37 63.24
CA SER BB 40 -63.41 -9.06 64.33
C SER BB 40 -61.91 -9.03 64.11
N THR BB 41 -61.17 -8.89 65.20
CA THR BB 41 -59.73 -8.73 65.05
C THR BB 41 -59.02 -10.07 64.86
N GLY BB 42 -59.40 -11.08 65.62
CA GLY BB 42 -58.80 -12.39 65.48
C GLY BB 42 -59.83 -13.45 65.85
N GLY BB 43 -59.54 -14.68 65.44
CA GLY BB 43 -60.44 -15.79 65.65
C GLY BB 43 -60.03 -16.66 66.83
N TRP BB 44 -60.87 -17.65 67.10
CA TRP BB 44 -60.62 -18.59 68.16
C TRP BB 44 -59.47 -19.51 67.79
N VAL BB 45 -58.80 -20.06 68.81
CA VAL BB 45 -57.58 -20.83 68.62
C VAL BB 45 -57.55 -21.95 69.66
N GLY BB 46 -56.94 -23.07 69.31
CA GLY BB 46 -56.70 -24.12 70.28
C GLY BB 46 -56.34 -25.44 69.60
N GLY BB 47 -56.26 -26.49 70.43
CA GLY BB 47 -56.22 -27.86 69.94
C GLY BB 47 -54.88 -28.58 70.05
N SER BB 48 -53.87 -27.94 70.61
CA SER BB 48 -52.49 -28.43 70.72
C SER BB 48 -51.85 -28.90 69.42
N TYR BB 49 -50.78 -29.69 69.54
CA TYR BB 49 -50.03 -30.07 68.34
C TYR BB 49 -49.33 -31.42 68.40
N PHE BB 50 -48.30 -31.54 69.26
CA PHE BB 50 -47.49 -32.74 69.47
C PHE BB 50 -46.62 -33.24 68.32
N THR BB 51 -45.49 -32.58 68.10
CA THR BB 51 -44.37 -33.12 67.34
C THR BB 51 -43.26 -33.58 68.30
N ASP BB 52 -42.50 -34.58 67.88
CA ASP BB 52 -41.42 -35.16 68.69
C ASP BB 52 -40.52 -34.13 69.33
N SER BB 53 -40.17 -33.08 68.59
CA SER BB 53 -39.25 -32.07 69.12
C SER BB 53 -39.94 -31.05 70.00
N TYR BB 54 -41.21 -30.73 69.75
CA TYR BB 54 -41.88 -29.71 70.52
C TYR BB 54 -43.38 -29.92 70.48
N VAL BB 55 -44.06 -29.32 71.45
CA VAL BB 55 -45.51 -29.36 71.59
C VAL BB 55 -46.02 -27.93 71.64
N ILE BB 56 -46.95 -27.62 70.76
CA ILE BB 56 -47.58 -26.30 70.72
C ILE BB 56 -48.97 -26.41 71.28
N THR BB 57 -49.20 -25.82 72.45
CA THR BB 57 -50.53 -25.78 73.04
C THR BB 57 -51.14 -24.42 72.79
N LYS BB 58 -52.37 -24.40 72.32
CA LYS BB 58 -53.08 -23.18 71.99
C LYS BB 58 -54.36 -23.13 72.80
N ASN BB 59 -54.70 -21.97 73.30
CA ASN BB 59 -55.88 -21.80 74.13
C ASN BB 59 -56.48 -20.43 73.90
N THR BB 60 -57.77 -20.31 74.15
CA THR BB 60 -58.48 -19.06 73.98
C THR BB 60 -59.54 -18.96 75.06
N ARG BB 61 -59.84 -17.75 75.51
CA ARG BB 61 -60.74 -17.55 76.63
C ARG BB 61 -61.65 -16.37 76.37
N GLN BB 62 -62.65 -16.25 77.23
CA GLN BB 62 -63.51 -15.08 77.29
C GLN BB 62 -63.35 -14.51 78.69
N PHE BB 63 -63.01 -13.22 78.78
CA PHE BB 63 -62.72 -12.63 80.07
C PHE BB 63 -63.52 -11.36 80.25
N LEU BB 64 -63.58 -10.85 81.48
CA LEU BB 64 -64.16 -9.54 81.70
C LEU BB 64 -63.45 -8.80 82.81
N VAL BB 65 -63.33 -7.49 82.63
CA VAL BB 65 -62.69 -6.60 83.60
C VAL BB 65 -63.79 -5.78 84.25
N LYS BB 66 -63.78 -5.75 85.58
CA LYS BB 66 -64.95 -5.34 86.35
C LYS BB 66 -64.91 -3.91 86.89
N ILE BB 67 -63.81 -3.17 86.67
CA ILE BB 67 -63.56 -1.92 87.42
C ILE BB 67 -63.48 -2.23 88.90
N GLN BB 68 -62.37 -2.80 89.34
CA GLN BB 68 -62.18 -3.03 90.77
C GLN BB 68 -61.73 -1.77 91.47
N ASN BB 69 -62.22 -1.60 92.71
CA ASN BB 69 -61.66 -0.64 93.65
C ASN BB 69 -61.87 0.81 93.21
N ASN BB 70 -63.04 1.11 92.66
CA ASN BB 70 -63.28 2.36 91.96
C ASN BB 70 -62.13 2.47 90.95
N HIS BB 71 -61.56 3.64 90.72
CA HIS BB 71 -60.25 3.67 90.09
C HIS BB 71 -59.14 4.04 91.06
N GLN BB 72 -59.49 4.39 92.29
CA GLN BB 72 -58.49 4.72 93.29
C GLN BB 72 -57.87 3.46 93.88
N TYR BB 73 -56.71 3.64 94.52
CA TYR BB 73 -55.84 2.59 95.04
C TYR BB 73 -56.20 2.13 96.44
N LYS BB 74 -56.17 3.02 97.42
CA LYS BB 74 -56.22 2.74 98.84
C LYS BB 74 -55.09 1.83 99.31
N THR BB 75 -55.31 1.14 100.43
CA THR BB 75 -54.30 0.27 101.04
C THR BB 75 -54.96 -1.02 101.52
N GLU BB 76 -56.01 -0.86 102.35
CA GLU BB 76 -57.00 -1.86 102.75
C GLU BB 76 -56.68 -2.70 103.98
N LEU BB 77 -55.42 -2.74 104.44
CA LEU BB 77 -55.08 -3.34 105.74
C LEU BB 77 -55.90 -4.60 106.01
N ILE BB 78 -55.61 -5.67 105.27
CA ILE BB 78 -56.62 -6.70 105.01
C ILE BB 78 -57.22 -7.27 106.29
N SER BB 79 -56.50 -8.20 106.94
CA SER BB 79 -56.82 -8.78 108.24
C SER BB 79 -58.14 -9.55 108.24
N PRO BB 80 -58.28 -10.58 109.06
CA PRO BB 80 -59.59 -10.88 109.64
C PRO BB 80 -59.65 -10.30 111.04
N SER BB 81 -60.77 -10.46 111.73
CA SER BB 81 -60.78 -10.18 113.17
C SER BB 81 -61.63 -11.16 113.97
N THR BB 82 -61.08 -11.90 114.95
CA THR BB 82 -59.67 -12.34 115.15
C THR BB 82 -58.53 -11.34 114.91
N SER BB 83 -58.62 -10.19 115.60
CA SER BB 83 -57.61 -9.14 115.46
C SER BB 83 -56.20 -9.63 115.74
N GLN BB 84 -56.06 -10.79 116.39
CA GLN BB 84 -54.76 -11.39 116.61
C GLN BB 84 -54.07 -11.78 115.31
N GLY BB 85 -54.78 -11.74 114.19
CA GLY BB 85 -54.21 -12.19 112.93
C GLY BB 85 -53.08 -11.31 112.45
N LYS BB 86 -52.52 -11.70 111.30
CA LYS BB 86 -51.36 -10.98 110.77
C LYS BB 86 -51.71 -9.56 110.35
N SER BB 87 -52.85 -9.40 109.68
CA SER BB 87 -53.36 -8.07 109.32
C SER BB 87 -52.40 -7.34 108.39
N GLN BB 88 -51.97 -8.02 107.33
CA GLN BB 88 -51.13 -7.38 106.33
C GLN BB 88 -51.85 -6.19 105.70
N ARG BB 89 -51.11 -5.11 105.48
CA ARG BB 89 -51.75 -3.88 105.03
C ARG BB 89 -52.04 -3.90 103.55
N CYS BB 90 -51.13 -4.48 102.77
CA CYS BB 90 -51.19 -4.55 101.31
C CYS BB 90 -51.42 -3.22 100.63
N VAL BB 91 -51.89 -3.28 99.38
CA VAL BB 91 -52.28 -2.15 98.55
C VAL BB 91 -53.27 -2.68 97.53
N SER BB 92 -54.31 -1.94 97.23
CA SER BB 92 -55.23 -2.33 96.19
C SER BB 92 -55.05 -1.38 95.02
N THR BB 93 -55.31 -1.86 93.82
CA THR BB 93 -55.16 -1.07 92.61
C THR BB 93 -56.38 -1.24 91.73
N PRO BB 94 -56.65 -0.29 90.85
CA PRO BB 94 -57.73 -0.49 89.87
C PRO BB 94 -57.44 -1.57 88.86
N TRP BB 95 -56.21 -2.03 88.78
CA TRP BB 95 -55.79 -2.94 87.73
C TRP BB 95 -56.20 -4.37 88.01
N SER BB 96 -56.42 -5.12 86.94
CA SER BB 96 -56.60 -6.56 86.96
C SER BB 96 -55.50 -7.17 86.11
N TYR BB 97 -55.25 -8.46 86.28
CA TYR BB 97 -54.13 -9.06 85.58
C TYR BB 97 -54.47 -10.45 85.09
N PHE BB 98 -53.75 -10.87 84.07
CA PHE BB 98 -53.86 -12.22 83.51
C PHE BB 98 -52.83 -13.11 84.15
N ASN BB 99 -53.29 -14.17 84.80
CA ASN BB 99 -52.41 -15.21 85.35
C ASN BB 99 -52.51 -16.42 84.45
N PHE BB 100 -51.44 -16.72 83.73
CA PHE BB 100 -51.39 -17.89 82.86
C PHE BB 100 -50.70 -19.08 83.50
N ASN BB 101 -50.33 -19.00 84.77
CA ASN BB 101 -49.39 -19.95 85.35
C ASN BB 101 -50.16 -21.11 85.95
N GLN BB 102 -50.15 -22.24 85.25
CA GLN BB 102 -50.65 -23.54 85.69
C GLN BB 102 -50.55 -24.46 84.50
N TYR BB 103 -50.48 -25.77 84.75
CA TYR BB 103 -50.47 -26.69 83.63
C TYR BB 103 -51.87 -27.00 83.14
N SER BB 104 -52.81 -27.19 84.05
CA SER BB 104 -54.15 -27.58 83.67
C SER BB 104 -54.83 -26.54 82.80
N SER BB 105 -54.28 -25.33 82.72
CA SER BB 105 -54.85 -24.34 81.84
C SER BB 105 -54.47 -24.59 80.40
N HIS BB 106 -53.23 -25.01 80.17
CA HIS BB 106 -52.70 -25.15 78.82
C HIS BB 106 -52.83 -26.55 78.25
N PHE BB 107 -53.19 -27.54 79.06
CA PHE BB 107 -53.22 -28.93 78.62
C PHE BB 107 -54.56 -29.54 78.95
N SER BB 108 -55.22 -30.10 77.95
CA SER BB 108 -56.38 -30.91 78.21
C SER BB 108 -55.95 -32.17 78.94
N PRO BB 109 -56.87 -32.82 79.66
CA PRO BB 109 -56.51 -34.07 80.30
C PRO BB 109 -55.97 -35.12 79.37
N GLN BB 110 -56.24 -35.03 78.07
CA GLN BB 110 -55.55 -35.91 77.13
C GLN BB 110 -54.22 -35.37 76.66
N ASP BB 111 -54.11 -34.07 76.36
CA ASP BB 111 -52.83 -33.52 75.97
C ASP BB 111 -51.79 -33.77 77.04
N TRP BB 112 -52.05 -33.30 78.25
CA TRP BB 112 -51.41 -33.89 79.41
C TRP BB 112 -51.78 -35.36 79.41
N GLN BB 113 -50.85 -36.22 79.80
CA GLN BB 113 -50.92 -37.68 79.62
C GLN BB 113 -50.58 -38.11 78.21
N ARG BB 114 -50.64 -37.23 77.22
CA ARG BB 114 -49.95 -37.57 76.00
C ARG BB 114 -48.47 -37.25 76.10
N LEU BB 115 -48.12 -36.14 76.74
CA LEU BB 115 -46.71 -35.89 77.01
C LEU BB 115 -46.21 -36.62 78.23
N THR BB 116 -47.04 -36.75 79.27
CA THR BB 116 -46.60 -37.44 80.47
C THR BB 116 -46.28 -38.89 80.16
N ASN BB 117 -46.99 -39.49 79.22
CA ASN BB 117 -46.69 -40.86 78.83
C ASN BB 117 -45.54 -40.92 77.83
N GLU BB 118 -45.52 -40.01 76.86
CA GLU BB 118 -44.67 -40.18 75.70
C GLU BB 118 -43.34 -39.44 75.75
N TYR BB 119 -43.05 -38.67 76.80
CA TYR BB 119 -41.84 -37.86 76.76
C TYR BB 119 -41.08 -37.89 78.08
N LYS BB 120 -39.75 -37.81 77.98
CA LYS BB 120 -38.90 -37.71 79.17
C LYS BB 120 -39.09 -36.39 79.88
N ARG BB 121 -39.02 -35.29 79.14
CA ARG BB 121 -38.88 -34.01 79.77
C ARG BB 121 -39.42 -32.94 78.85
N PHE BB 122 -39.81 -31.83 79.45
CA PHE BB 122 -40.34 -30.72 78.68
C PHE BB 122 -40.12 -29.45 79.45
N ARG BB 123 -40.00 -28.35 78.72
CA ARG BB 123 -39.97 -27.04 79.33
C ARG BB 123 -40.62 -26.09 78.34
N PRO BB 124 -41.31 -25.07 78.81
CA PRO BB 124 -41.90 -24.11 77.88
C PRO BB 124 -40.80 -23.33 77.17
N LYS BB 125 -40.87 -23.31 75.84
CA LYS BB 125 -39.88 -22.60 75.05
C LYS BB 125 -40.24 -21.14 74.89
N GLY BB 126 -41.51 -20.84 74.62
CA GLY BB 126 -41.93 -19.48 74.35
C GLY BB 126 -43.41 -19.35 74.62
N MET BB 127 -43.88 -18.11 74.53
CA MET BB 127 -45.26 -17.80 74.85
C MET BB 127 -45.71 -16.63 74.01
N HIS BB 128 -46.95 -16.69 73.53
CA HIS BB 128 -47.50 -15.65 72.67
C HIS BB 128 -48.93 -15.40 73.09
N VAL BB 129 -49.24 -14.16 73.46
CA VAL BB 129 -50.55 -13.83 74.01
C VAL BB 129 -51.16 -12.74 73.15
N LYS BB 130 -52.46 -12.85 72.89
CA LYS BB 130 -53.17 -11.88 72.07
C LYS BB 130 -54.47 -11.51 72.73
N ILE BB 131 -54.64 -10.23 73.02
CA ILE BB 131 -55.92 -9.67 73.43
C ILE BB 131 -56.61 -9.20 72.16
N TYR BB 132 -57.89 -9.53 72.01
CA TYR BB 132 -58.61 -9.09 70.83
C TYR BB 132 -60.10 -9.26 71.08
N ASN BB 133 -60.89 -8.84 70.09
CA ASN BB 133 -62.34 -8.90 70.16
C ASN BB 133 -62.87 -8.27 71.43
N LEU BB 134 -62.42 -7.05 71.69
CA LEU BB 134 -62.81 -6.37 72.92
C LEU BB 134 -64.22 -5.80 72.81
N GLN BB 135 -64.87 -5.65 73.96
CA GLN BB 135 -66.21 -5.09 74.03
C GLN BB 135 -66.34 -4.28 75.30
N ILE BB 136 -66.92 -3.10 75.21
CA ILE BB 136 -67.19 -2.27 76.39
C ILE BB 136 -68.69 -2.11 76.47
N LYS BB 137 -69.30 -2.64 77.53
CA LYS BB 137 -70.75 -2.80 77.50
C LYS BB 137 -71.54 -1.79 78.32
N GLN BB 138 -70.91 -0.89 79.08
CA GLN BB 138 -71.65 0.22 79.68
C GLN BB 138 -72.82 -0.26 80.54
N ILE BB 139 -72.49 -0.75 81.74
CA ILE BB 139 -73.54 -1.13 82.69
C ILE BB 139 -74.48 0.04 82.95
N LEU BB 140 -75.78 -0.24 82.97
CA LEU BB 140 -76.77 0.72 83.43
C LEU BB 140 -77.67 0.07 84.47
N SER BB 141 -78.18 0.89 85.37
CA SER BB 141 -79.13 0.45 86.38
C SER BB 141 -80.25 1.46 86.48
N ASN BB 142 -81.48 1.02 86.19
CA ASN BB 142 -82.68 1.80 86.42
C ASN BB 142 -83.26 1.54 87.80
N GLY BB 143 -82.54 0.79 88.61
CA GLY BB 143 -83.06 0.20 89.83
C GLY BB 143 -83.44 -1.23 89.54
N ALA BB 144 -83.18 -2.12 90.48
CA ALA BB 144 -83.27 -3.58 90.31
C ALA BB 144 -82.51 -3.93 89.02
N ASP BB 145 -82.96 -4.90 88.24
CA ASP BB 145 -82.63 -5.17 86.84
C ASP BB 145 -81.15 -4.98 86.48
N THR BB 146 -80.92 -4.50 85.26
CA THR BB 146 -79.72 -3.91 84.68
C THR BB 146 -79.97 -3.78 83.18
N THR BB 147 -79.18 -2.95 82.50
CA THR BB 147 -79.20 -2.92 81.05
C THR BB 147 -77.77 -2.67 80.57
N TYR BB 148 -77.48 -3.15 79.37
CA TYR BB 148 -76.15 -3.04 78.78
C TYR BB 148 -76.33 -2.44 77.40
N ASN BB 149 -75.87 -1.21 77.20
CA ASN BB 149 -76.14 -0.50 75.96
C ASN BB 149 -75.08 -0.80 74.92
N ASN BB 150 -74.19 -1.74 75.22
CA ASN BB 150 -72.90 -1.84 74.57
C ASN BB 150 -72.23 -0.51 74.77
N ASP BB 151 -71.40 -0.10 73.82
CA ASP BB 151 -70.72 1.18 73.88
C ASP BB 151 -69.75 1.25 72.72
N LEU BB 152 -69.37 2.46 72.36
CA LEU BB 152 -68.24 2.70 71.50
C LEU BB 152 -67.51 3.89 72.11
N THR BB 153 -66.44 4.31 71.47
CA THR BB 153 -65.62 5.40 71.97
C THR BB 153 -65.25 5.20 73.44
N ALA BB 154 -64.90 3.98 73.81
CA ALA BB 154 -64.41 3.66 75.15
C ALA BB 154 -63.11 2.90 75.00
N GLY BB 155 -62.39 2.71 76.11
CA GLY BB 155 -61.04 2.24 76.03
C GLY BB 155 -60.69 1.32 77.19
N VAL BB 156 -59.59 0.61 76.99
CA VAL BB 156 -59.08 -0.37 77.95
C VAL BB 156 -57.57 -0.24 77.99
N HIS BB 157 -57.03 -0.07 79.18
CA HIS BB 157 -55.59 -0.01 79.37
C HIS BB 157 -55.05 -1.42 79.43
N ILE BB 158 -53.95 -1.67 78.73
CA ILE BB 158 -53.29 -2.97 78.75
C ILE BB 158 -51.80 -2.74 78.90
N PHE BB 159 -51.22 -3.34 79.93
CA PHE BB 159 -49.83 -3.09 80.28
C PHE BB 159 -49.15 -4.42 80.58
N CYS BB 160 -47.91 -4.57 80.12
CA CYS BB 160 -47.13 -5.77 80.34
C CYS BB 160 -45.80 -5.41 80.98
N ASP BB 161 -45.24 -6.35 81.74
CA ASP BB 161 -43.94 -6.17 82.37
C ASP BB 161 -42.88 -6.96 81.61
N GLY BB 162 -42.01 -6.24 80.90
CA GLY BB 162 -40.85 -6.91 80.34
C GLY BB 162 -39.67 -6.82 81.29
N GLU BB 163 -39.66 -5.78 82.12
CA GLU BB 163 -38.58 -5.57 83.05
C GLU BB 163 -38.82 -6.23 84.40
N HIS BB 164 -40.06 -6.65 84.67
CA HIS BB 164 -40.48 -7.10 85.99
C HIS BB 164 -40.23 -6.05 87.06
N ALA BB 165 -40.20 -4.78 86.71
CA ALA BB 165 -40.53 -3.77 87.69
C ALA BB 165 -41.98 -3.95 88.09
N TYR BB 166 -42.35 -3.41 89.23
CA TYR BB 166 -43.65 -3.58 89.88
C TYR BB 166 -43.72 -4.91 90.61
N PRO BB 167 -44.53 -4.97 91.66
CA PRO BB 167 -44.49 -6.10 92.59
C PRO BB 167 -44.96 -7.46 92.04
N ASN BB 168 -45.46 -7.55 90.82
CA ASN BB 168 -45.80 -8.80 90.13
C ASN BB 168 -46.68 -9.76 90.93
N ALA BB 169 -47.99 -9.50 90.93
CA ALA BB 169 -48.95 -10.23 91.76
C ALA BB 169 -48.76 -11.74 91.72
N THR BB 170 -48.43 -12.30 90.55
CA THR BB 170 -48.49 -13.73 90.37
C THR BB 170 -47.71 -14.47 91.44
N HIS BB 171 -48.39 -15.38 92.11
CA HIS BB 171 -47.86 -16.32 93.08
C HIS BB 171 -48.23 -17.71 92.59
N PRO BB 172 -47.37 -18.70 92.77
CA PRO BB 172 -47.59 -19.99 92.08
C PRO BB 172 -48.97 -20.59 92.24
N TRP BB 173 -49.50 -20.69 93.45
CA TRP BB 173 -50.74 -21.44 93.61
C TRP BB 173 -51.94 -20.53 93.37
N ASP BB 174 -52.20 -19.63 94.30
CA ASP BB 174 -53.27 -18.63 94.18
C ASP BB 174 -54.55 -19.38 93.79
N GLU BB 175 -55.27 -18.90 92.80
CA GLU BB 175 -56.58 -19.38 92.40
C GLU BB 175 -56.58 -19.26 90.89
N ASP BB 176 -57.75 -19.35 90.29
CA ASP BB 176 -58.02 -18.73 88.97
C ASP BB 176 -57.00 -19.25 87.95
N VAL BB 177 -56.07 -18.43 87.49
CA VAL BB 177 -55.27 -18.65 86.29
C VAL BB 177 -56.31 -18.75 85.19
N MET BB 178 -56.06 -19.54 84.16
CA MET BB 178 -57.09 -19.73 83.16
C MET BB 178 -58.00 -20.84 83.64
N PRO BB 179 -59.29 -20.80 83.34
CA PRO BB 179 -60.12 -21.96 83.66
C PRO BB 179 -59.60 -23.13 82.86
N GLU BB 180 -59.37 -24.25 83.54
CA GLU BB 180 -58.82 -25.42 82.86
C GLU BB 180 -59.66 -25.82 81.66
N LEU BB 181 -60.91 -25.39 81.64
CA LEU BB 181 -61.90 -25.79 80.67
C LEU BB 181 -62.23 -24.59 79.81
N PRO BB 182 -62.06 -24.62 78.47
CA PRO BB 182 -62.43 -23.45 77.67
C PRO BB 182 -63.92 -23.19 77.73
N TYR BB 183 -64.43 -22.24 76.94
CA TYR BB 183 -65.83 -21.84 76.92
C TYR BB 183 -66.29 -21.32 78.28
N GLN BB 184 -65.43 -21.46 79.28
CA GLN BB 184 -65.73 -21.00 80.62
C GLN BB 184 -65.16 -19.60 80.76
N THR BB 185 -66.01 -18.62 80.97
CA THR BB 185 -65.56 -17.24 81.01
C THR BB 185 -64.58 -17.04 82.15
N TRP BB 186 -63.61 -16.17 81.93
CA TRP BB 186 -62.49 -16.02 82.84
C TRP BB 186 -62.56 -14.66 83.52
N TYR BB 187 -62.89 -14.65 84.80
CA TYR BB 187 -63.00 -13.42 85.55
C TYR BB 187 -61.64 -13.05 86.10
N LEU BB 188 -61.18 -11.86 85.75
CA LEU BB 188 -59.90 -11.37 86.23
C LEU BB 188 -59.98 -10.96 87.69
N PHE BB 189 -58.81 -10.87 88.32
CA PHE BB 189 -58.70 -10.56 89.73
C PHE BB 189 -57.88 -9.30 89.93
N GLN BB 190 -58.21 -8.58 90.99
CA GLN BB 190 -57.60 -7.29 91.24
C GLN BB 190 -56.12 -7.42 91.55
N TYR BB 191 -55.34 -6.46 91.09
CA TYR BB 191 -53.91 -6.44 91.36
C TYR BB 191 -53.63 -5.71 92.66
N GLY BB 192 -52.84 -6.33 93.52
CA GLY BB 192 -52.45 -5.73 94.77
C GLY BB 192 -51.08 -6.24 95.17
N TYR BB 193 -50.50 -5.60 96.17
CA TYR BB 193 -49.20 -6.03 96.61
C TYR BB 193 -48.96 -5.58 98.05
N ILE BB 194 -48.05 -6.25 98.72
CA ILE BB 194 -47.66 -5.89 100.08
C ILE BB 194 -46.55 -4.86 100.01
N PRO BB 195 -46.80 -3.60 100.38
CA PRO BB 195 -45.68 -2.64 100.41
C PRO BB 195 -44.66 -2.96 101.48
N VAL BB 196 -45.10 -3.26 102.70
CA VAL BB 196 -44.23 -3.55 103.84
C VAL BB 196 -45.01 -4.38 104.84
N ILE BB 197 -44.28 -5.19 105.63
CA ILE BB 197 -44.87 -5.94 106.72
C ILE BB 197 -45.67 -4.99 107.60
N HIS BB 198 -46.91 -5.35 107.91
CA HIS BB 198 -47.77 -4.45 108.68
C HIS BB 198 -47.21 -4.22 110.08
N GLU BB 199 -46.98 -5.28 110.82
CA GLU BB 199 -46.17 -5.14 112.02
C GLU BB 199 -44.79 -4.65 111.58
N LEU BB 200 -44.05 -4.03 112.49
CA LEU BB 200 -42.83 -3.34 112.10
C LEU BB 200 -43.16 -2.17 111.16
N ALA BB 201 -43.54 -1.04 111.76
CA ALA BB 201 -44.32 0.08 111.21
C ALA BB 201 -45.78 0.10 111.62
N GLU BB 202 -46.21 -0.80 112.51
CA GLU BB 202 -47.59 -0.74 112.99
C GLU BB 202 -48.10 0.66 113.43
N MET BB 203 -47.35 1.49 114.17
CA MET BB 203 -46.11 1.19 114.89
C MET BB 203 -46.36 1.56 116.35
N GLU BB 204 -45.59 0.99 117.27
CA GLU BB 204 -45.89 1.16 118.68
C GLU BB 204 -45.10 2.31 119.29
N ASP BB 205 -45.82 3.40 119.58
CA ASP BB 205 -45.29 4.55 120.32
C ASP BB 205 -43.94 4.98 119.78
N SER BB 206 -43.03 5.38 120.68
CA SER BB 206 -41.60 5.48 120.42
C SER BB 206 -41.36 6.19 119.02
N ASN BB 207 -40.73 5.67 117.95
CA ASN BB 207 -39.94 4.45 117.82
C ASN BB 207 -38.65 4.74 117.05
N ALA BB 208 -38.85 5.19 115.81
CA ALA BB 208 -37.82 5.64 114.86
C ALA BB 208 -37.12 4.45 114.20
N VAL BB 209 -37.23 3.27 114.80
CA VAL BB 209 -36.83 2.05 114.09
C VAL BB 209 -37.96 1.55 113.20
N GLU BB 210 -39.20 1.64 113.68
CA GLU BB 210 -40.34 1.34 112.81
C GLU BB 210 -40.85 2.59 112.11
N LYS BB 211 -40.41 3.77 112.53
CA LYS BB 211 -40.69 4.97 111.75
C LYS BB 211 -40.00 4.86 110.40
N ALA BB 212 -38.71 4.61 110.40
CA ALA BB 212 -38.10 4.04 109.22
C ALA BB 212 -38.69 2.66 108.99
N ILE BB 213 -38.70 2.24 107.73
CA ILE BB 213 -39.40 1.06 107.22
C ILE BB 213 -40.88 1.39 107.07
N CYS BB 214 -41.37 2.36 107.82
CA CYS BB 214 -42.67 2.95 107.49
C CYS BB 214 -42.52 4.07 106.47
N LEU BB 215 -41.51 4.91 106.66
CA LEU BB 215 -41.21 5.96 105.70
C LEU BB 215 -40.75 5.39 104.37
N GLN BB 216 -40.12 4.23 104.40
CA GLN BB 216 -39.50 3.73 103.18
C GLN BB 216 -40.43 2.85 102.38
N ILE BB 217 -41.69 2.70 102.78
CA ILE BB 217 -42.56 1.78 102.06
C ILE BB 217 -42.70 2.34 100.65
N PRO BB 218 -42.36 1.57 99.62
CA PRO BB 218 -42.50 2.06 98.26
C PRO BB 218 -43.94 2.03 97.83
N PHE BB 219 -44.26 2.91 96.89
CA PHE BB 219 -45.61 2.99 96.35
C PHE BB 219 -45.51 2.91 94.83
N PHE BB 220 -46.03 1.83 94.27
CA PHE BB 220 -45.92 1.56 92.85
C PHE BB 220 -47.26 1.86 92.19
N MET BB 221 -47.19 2.36 90.97
CA MET BB 221 -48.36 2.74 90.21
C MET BB 221 -48.15 2.28 88.79
N LEU BB 222 -49.17 1.71 88.19
CA LEU BB 222 -49.03 1.22 86.84
C LEU BB 222 -49.27 2.30 85.81
N GLU BB 223 -49.46 3.54 86.24
CA GLU BB 223 -49.67 4.59 85.25
C GLU BB 223 -48.33 4.99 84.68
N ASN BB 224 -47.52 5.78 85.39
CA ASN BB 224 -46.06 5.68 85.29
C ASN BB 224 -45.60 5.27 83.90
N SER BB 225 -44.93 4.13 83.81
CA SER BB 225 -44.52 3.60 82.53
C SER BB 225 -45.69 3.48 81.57
N ASP BB 226 -45.43 3.78 80.30
CA ASP BB 226 -46.49 3.88 79.31
C ASP BB 226 -47.08 2.52 78.97
N HIS BB 227 -48.31 2.54 78.46
CA HIS BB 227 -49.01 1.34 78.08
C HIS BB 227 -50.09 1.68 77.07
N GLU BB 228 -50.60 0.66 76.41
CA GLU BB 228 -51.54 0.86 75.33
C GLU BB 228 -52.96 0.94 75.84
N VAL BB 229 -53.75 1.82 75.23
CA VAL BB 229 -55.19 1.84 75.40
C VAL BB 229 -55.79 1.29 74.11
N LEU BB 230 -56.92 0.62 74.23
CA LEU BB 230 -57.54 -0.02 73.08
C LEU BB 230 -59.03 0.29 73.08
N ARG BB 231 -59.53 0.77 71.94
CA ARG BB 231 -60.96 0.72 71.74
C ARG BB 231 -61.32 -0.67 71.23
N THR BB 232 -62.55 -0.84 70.77
CA THR BB 232 -63.01 -2.15 70.33
C THR BB 232 -62.18 -2.70 69.18
N GLY BB 233 -62.11 -1.97 68.06
CA GLY BB 233 -61.50 -2.53 66.87
C GLY BB 233 -60.05 -2.92 67.03
N GLU BB 234 -59.36 -2.35 68.00
CA GLU BB 234 -57.93 -2.62 68.18
C GLU BB 234 -57.70 -3.91 68.96
N SER BB 235 -56.51 -4.47 68.78
CA SER BB 235 -56.04 -5.62 69.55
C SER BB 235 -54.60 -5.38 69.99
N THR BB 236 -54.03 -6.39 70.64
CA THR BB 236 -52.65 -6.31 71.10
C THR BB 236 -52.07 -7.71 71.17
N GLU BB 237 -50.76 -7.80 70.90
CA GLU BB 237 -50.03 -9.04 71.03
C GLU BB 237 -48.91 -8.88 72.05
N PHE BB 238 -48.52 -10.00 72.66
CA PHE BB 238 -47.37 -10.03 73.53
C PHE BB 238 -46.63 -11.34 73.30
N THR BB 239 -45.30 -11.28 73.35
CA THR BB 239 -44.48 -12.46 73.23
C THR BB 239 -43.61 -12.62 74.46
N PHE BB 240 -43.16 -13.84 74.69
CA PHE BB 240 -42.28 -14.12 75.81
C PHE BB 240 -41.34 -15.24 75.42
N ASN BB 241 -40.13 -15.18 75.94
CA ASN BB 241 -39.16 -16.24 75.77
C ASN BB 241 -38.68 -16.66 77.15
N PHE BB 242 -38.31 -17.93 77.27
CA PHE BB 242 -38.02 -18.52 78.57
C PHE BB 242 -36.58 -19.01 78.59
N ASP BB 243 -35.81 -18.51 79.55
CA ASP BB 243 -34.61 -19.19 80.01
C ASP BB 243 -35.06 -20.05 81.18
N CYS BB 244 -35.08 -21.36 80.98
CA CYS BB 244 -35.92 -22.21 81.81
C CYS BB 244 -35.29 -23.58 81.95
N GLU BB 245 -35.46 -24.17 83.12
CA GLU BB 245 -34.94 -25.50 83.39
C GLU BB 245 -35.95 -26.57 82.99
N TRP BB 246 -35.45 -27.68 82.47
CA TRP BB 246 -36.33 -28.80 82.14
C TRP BB 246 -37.05 -29.29 83.37
N ILE BB 247 -38.26 -29.79 83.18
CA ILE BB 247 -38.94 -30.59 84.20
C ILE BB 247 -38.99 -32.01 83.68
N ASN BB 248 -38.48 -32.95 84.47
CA ASN BB 248 -38.19 -34.28 83.99
C ASN BB 248 -39.28 -35.26 84.39
N ASN BB 249 -39.84 -35.93 83.40
CA ASN BB 249 -40.74 -37.06 83.63
C ASN BB 249 -39.93 -38.32 83.42
N GLU BB 250 -39.61 -39.00 84.52
CA GLU BB 250 -38.66 -40.11 84.59
C GLU BB 250 -38.74 -40.65 86.00
N ARG BB 251 -38.27 -41.88 86.15
CA ARG BB 251 -38.41 -42.59 87.41
C ARG BB 251 -37.14 -43.36 87.68
N ALA BB 252 -36.61 -43.25 88.89
CA ALA BB 252 -35.50 -44.06 89.32
C ALA BB 252 -36.05 -45.31 89.98
N TYR BB 253 -35.73 -46.46 89.40
CA TYR BB 253 -36.22 -47.72 89.93
C TYR BB 253 -35.48 -48.17 91.17
N ILE BB 254 -34.32 -47.57 91.47
CA ILE BB 254 -33.57 -47.86 92.68
C ILE BB 254 -33.03 -46.57 93.26
N PRO BB 255 -32.75 -46.55 94.56
CA PRO BB 255 -32.04 -45.42 95.15
C PRO BB 255 -30.68 -45.25 94.49
N PRO BB 256 -30.11 -44.05 94.53
CA PRO BB 256 -28.78 -43.88 93.92
C PRO BB 256 -27.69 -44.65 94.64
N GLY BB 257 -27.86 -44.91 95.93
CA GLY BB 257 -26.90 -45.69 96.66
C GLY BB 257 -27.00 -47.19 96.46
N LEU BB 258 -27.99 -47.64 95.72
CA LEU BB 258 -28.23 -49.05 95.49
C LEU BB 258 -27.59 -49.53 94.19
N MET BB 259 -26.81 -48.67 93.53
CA MET BB 259 -26.20 -49.00 92.25
C MET BB 259 -24.86 -49.67 92.51
N PHE BB 260 -24.79 -50.96 92.23
CA PHE BB 260 -23.55 -51.73 92.32
C PHE BB 260 -23.87 -53.15 91.92
N ASN BB 261 -22.82 -53.90 91.60
CA ASN BB 261 -22.98 -55.31 91.29
C ASN BB 261 -22.86 -56.08 92.60
N PRO BB 262 -23.95 -56.60 93.14
CA PRO BB 262 -23.87 -57.27 94.44
C PRO BB 262 -23.16 -58.60 94.38
N LEU BB 263 -22.98 -59.15 93.19
CA LEU BB 263 -22.25 -60.41 93.06
C LEU BB 263 -20.77 -60.21 93.39
N VAL BB 264 -20.20 -59.11 92.94
CA VAL BB 264 -18.75 -58.92 93.06
C VAL BB 264 -18.40 -58.57 94.49
N PRO BB 265 -17.40 -59.20 95.11
CA PRO BB 265 -16.97 -58.79 96.44
C PRO BB 265 -16.38 -57.40 96.41
N THR BB 266 -16.31 -56.79 97.59
CA THR BB 266 -15.80 -55.43 97.72
C THR BB 266 -14.51 -55.43 98.53
N ARG BB 267 -13.62 -54.49 98.22
CA ARG BB 267 -12.47 -54.26 99.08
C ARG BB 267 -12.72 -53.04 99.96
N ARG BB 268 -13.05 -53.32 101.21
CA ARG BB 268 -13.44 -52.33 102.20
C ARG BB 268 -13.61 -53.06 103.52
N ALA BB 269 -13.65 -52.33 104.62
CA ALA BB 269 -13.78 -52.98 105.91
C ALA BB 269 -14.61 -52.14 106.84
N GLN BB 270 -15.19 -52.80 107.83
CA GLN BB 270 -16.03 -52.17 108.85
C GLN BB 270 -15.39 -52.41 110.20
N TYR BB 271 -14.89 -51.35 110.81
CA TYR BB 271 -14.54 -51.40 112.22
C TYR BB 271 -15.79 -51.01 112.99
N ILE BB 272 -16.08 -51.75 114.04
CA ILE BB 272 -17.24 -51.49 114.87
C ILE BB 272 -16.79 -51.33 116.31
N ARG BB 273 -17.13 -50.21 116.92
CA ARG BB 273 -16.68 -49.89 118.26
C ARG BB 273 -17.23 -50.91 119.26
N ARG BB 274 -16.53 -51.05 120.38
CA ARG BB 274 -17.05 -51.81 121.51
C ARG BB 274 -18.46 -51.34 121.85
N ASN BB 275 -19.37 -52.30 122.03
CA ASN BB 275 -20.78 -51.95 122.08
C ASN BB 275 -21.18 -51.35 123.42
N ASN BB 276 -20.43 -51.68 124.49
CA ASN BB 276 -20.70 -51.15 125.82
C ASN BB 276 -22.17 -51.36 126.21
N ASN BB 277 -22.49 -52.61 126.50
CA ASN BB 277 -23.85 -53.14 126.61
C ASN BB 277 -24.44 -53.20 125.20
N PRO BB 278 -25.26 -54.22 124.91
CA PRO BB 278 -25.35 -55.47 125.68
C PRO BB 278 -24.06 -56.30 125.71
N GLN BB 279 -23.43 -56.47 124.54
CA GLN BB 279 -22.42 -57.50 124.37
C GLN BB 279 -21.71 -57.25 123.04
N THR BB 280 -20.95 -58.23 122.54
CA THR BB 280 -20.28 -58.17 121.23
C THR BB 280 -19.20 -57.10 121.16
N ALA BB 281 -18.05 -57.40 121.73
CA ALA BB 281 -16.90 -56.52 121.70
C ALA BB 281 -16.44 -56.26 120.27
N GLU BB 282 -15.67 -55.18 120.10
CA GLU BB 282 -15.34 -54.63 118.80
C GLU BB 282 -14.70 -55.67 117.88
N SER BB 283 -14.99 -55.55 116.59
CA SER BB 283 -14.38 -56.41 115.58
C SER BB 283 -14.36 -55.67 114.26
N THR BB 284 -13.38 -56.01 113.42
CA THR BB 284 -13.31 -55.53 112.05
C THR BB 284 -13.64 -56.66 111.10
N SER BB 285 -14.25 -56.33 109.97
CA SER BB 285 -14.69 -57.34 109.02
C SER BB 285 -14.82 -56.72 107.65
N ARG BB 286 -14.79 -57.57 106.64
CA ARG BB 286 -14.99 -57.11 105.27
C ARG BB 286 -16.46 -56.88 105.00
N ILE BB 287 -16.74 -55.83 104.24
CA ILE BB 287 -18.12 -55.52 103.88
C ILE BB 287 -18.65 -56.58 102.93
N ALA BB 288 -19.87 -57.02 103.19
CA ALA BB 288 -20.47 -58.08 102.41
C ALA BB 288 -20.59 -57.66 100.94
N PRO BB 289 -20.60 -58.63 100.02
CA PRO BB 289 -20.69 -58.26 98.59
C PRO BB 289 -21.96 -57.49 98.28
N TYR BB 290 -23.09 -57.97 98.76
CA TYR BB 290 -24.30 -57.16 98.78
C TYR BB 290 -24.12 -56.05 99.80
N ALA BB 291 -24.95 -55.02 99.67
CA ALA BB 291 -24.98 -53.93 100.64
C ALA BB 291 -23.61 -53.26 100.76
N LYS BB 292 -23.07 -52.85 99.64
CA LYS BB 292 -21.84 -52.09 99.65
C LYS BB 292 -22.13 -50.66 100.07
N PRO BB 293 -21.17 -50.00 100.71
CA PRO BB 293 -21.39 -48.60 101.11
C PRO BB 293 -21.52 -47.71 99.89
N THR BB 294 -22.04 -46.52 100.13
CA THR BB 294 -22.28 -45.60 99.05
C THR BB 294 -21.86 -44.18 99.41
N SER BB 295 -21.60 -43.41 98.37
CA SER BB 295 -21.70 -41.97 98.42
C SER BB 295 -23.16 -41.57 98.25
N TRP BB 296 -23.38 -40.34 97.86
CA TRP BB 296 -24.72 -39.95 97.43
C TRP BB 296 -25.72 -39.98 98.57
N MET BB 297 -25.60 -38.97 99.40
CA MET BB 297 -26.47 -38.61 100.50
C MET BB 297 -27.88 -38.28 99.99
N THR BB 298 -28.85 -38.38 100.89
CA THR BB 298 -30.23 -38.05 100.56
C THR BB 298 -30.43 -36.54 100.46
N GLY BB 299 -31.46 -36.14 99.72
CA GLY BB 299 -31.81 -34.76 99.58
C GLY BB 299 -32.24 -34.14 100.90
N PRO BB 300 -32.16 -32.82 100.97
CA PRO BB 300 -32.44 -32.14 102.24
C PRO BB 300 -33.92 -32.00 102.51
N GLY BB 301 -34.26 -31.89 103.79
CA GLY BB 301 -35.62 -31.63 104.22
C GLY BB 301 -35.60 -31.09 105.63
N LEU BB 302 -36.75 -30.59 106.07
CA LEU BB 302 -36.93 -30.20 107.47
C LEU BB 302 -38.19 -30.87 107.99
N LEU BB 303 -38.02 -31.87 108.84
CA LEU BB 303 -39.12 -32.65 109.37
C LEU BB 303 -39.48 -32.38 110.83
N SER BB 304 -38.77 -31.53 111.56
CA SER BB 304 -38.96 -31.52 113.00
C SER BB 304 -40.18 -30.70 113.42
N ALA BB 305 -40.43 -29.60 112.72
CA ALA BB 305 -41.40 -28.60 113.14
C ALA BB 305 -42.83 -29.13 113.02
N GLN BB 306 -43.75 -28.43 113.68
CA GLN BB 306 -45.18 -28.69 113.57
C GLN BB 306 -45.90 -27.37 113.39
N ARG BB 307 -46.94 -27.37 112.56
CA ARG BB 307 -47.72 -26.16 112.34
C ARG BB 307 -48.29 -25.65 113.66
N VAL BB 308 -48.32 -24.34 113.82
CA VAL BB 308 -48.50 -23.69 115.11
C VAL BB 308 -49.79 -22.90 115.14
N GLY BB 309 -50.74 -23.36 115.94
CA GLY BB 309 -51.87 -22.53 116.32
C GLY BB 309 -53.05 -22.64 115.38
N PRO BB 310 -53.99 -21.72 115.53
CA PRO BB 310 -55.24 -21.81 114.77
C PRO BB 310 -55.06 -21.40 113.33
N ALA BB 311 -55.98 -21.87 112.49
CA ALA BB 311 -55.99 -21.46 111.09
C ALA BB 311 -56.31 -19.98 110.98
N THR BB 312 -55.97 -19.42 109.82
CA THR BB 312 -56.05 -18.00 109.45
C THR BB 312 -54.94 -17.20 110.13
N SER BB 313 -54.16 -17.81 111.00
CA SER BB 313 -53.01 -17.18 111.63
C SER BB 313 -51.71 -17.43 110.90
N ASP BB 314 -51.75 -18.03 109.72
CA ASP BB 314 -50.56 -18.42 108.97
C ASP BB 314 -49.73 -19.44 109.75
N THR BB 315 -50.20 -20.68 109.80
CA THR BB 315 -49.42 -21.73 110.44
C THR BB 315 -48.57 -22.42 109.39
N GLY BB 316 -47.27 -22.16 109.42
CA GLY BB 316 -46.39 -22.74 108.42
C GLY BB 316 -45.49 -23.85 108.92
N ALA BB 317 -45.36 -23.98 110.23
CA ALA BB 317 -44.41 -24.80 110.97
C ALA BB 317 -42.99 -24.28 110.84
N TRP BB 318 -42.69 -23.47 109.83
CA TRP BB 318 -41.42 -22.77 109.73
C TRP BB 318 -41.73 -21.35 109.29
N MET BB 319 -41.41 -20.38 110.14
CA MET BB 319 -41.62 -18.98 109.81
C MET BB 319 -40.28 -18.35 109.52
N VAL BB 320 -40.16 -17.67 108.40
CA VAL BB 320 -38.89 -17.06 108.03
C VAL BB 320 -38.72 -15.72 108.75
N ALA BB 321 -39.76 -14.91 108.79
CA ALA BB 321 -39.78 -13.60 109.44
C ALA BB 321 -38.61 -12.70 109.09
N VAL BB 322 -38.28 -11.79 110.00
CA VAL BB 322 -37.17 -10.84 109.85
C VAL BB 322 -36.45 -10.64 111.18
N LYS BB 323 -37.15 -10.08 112.15
CA LYS BB 323 -36.59 -9.67 113.43
C LYS BB 323 -35.47 -8.64 113.30
N PRO BB 324 -35.78 -7.40 112.92
CA PRO BB 324 -34.82 -6.31 113.11
C PRO BB 324 -34.51 -6.14 114.58
N GLU BB 325 -33.38 -5.49 114.86
CA GLU BB 325 -32.76 -5.61 116.17
C GLU BB 325 -33.64 -5.01 117.26
N ASN BB 326 -34.22 -3.84 117.00
CA ASN BB 326 -35.15 -3.28 117.98
C ASN BB 326 -36.59 -3.47 117.55
N ALA BB 327 -37.04 -2.61 116.64
CA ALA BB 327 -38.40 -2.57 116.13
C ALA BB 327 -39.38 -2.59 117.31
N SER BB 328 -40.50 -3.26 117.12
CA SER BB 328 -41.37 -3.73 118.19
C SER BB 328 -42.25 -4.80 117.59
N ILE BB 329 -42.76 -5.69 118.43
CA ILE BB 329 -43.51 -6.83 117.92
C ILE BB 329 -44.67 -7.11 118.87
N ASP BB 330 -45.84 -7.37 118.30
CA ASP BB 330 -47.02 -7.78 119.02
C ASP BB 330 -46.89 -9.27 119.35
N THR BB 331 -47.99 -9.90 119.76
CA THR BB 331 -47.98 -11.35 119.84
C THR BB 331 -47.49 -11.92 118.52
N GLY BB 332 -46.59 -12.90 118.60
CA GLY BB 332 -45.89 -13.36 117.43
C GLY BB 332 -44.41 -13.01 117.43
N MET BB 333 -43.55 -13.61 116.58
CA MET BB 333 -43.82 -14.69 115.61
C MET BB 333 -45.08 -14.49 114.75
N SER BB 334 -46.01 -15.44 114.78
CA SER BB 334 -47.32 -15.32 114.14
C SER BB 334 -47.18 -14.99 112.61
N GLY BB 335 -47.56 -13.85 112.02
CA GLY BB 335 -47.69 -12.50 112.56
C GLY BB 335 -46.56 -11.61 112.08
N ILE BB 336 -45.44 -12.25 111.74
CA ILE BB 336 -44.38 -11.63 110.95
C ILE BB 336 -43.81 -12.74 110.06
N GLY BB 337 -43.38 -12.35 108.88
CA GLY BB 337 -42.82 -13.31 107.94
C GLY BB 337 -43.82 -14.32 107.44
N SER BB 338 -43.29 -15.31 106.73
CA SER BB 338 -44.10 -16.23 105.95
C SER BB 338 -43.84 -17.66 106.39
N GLY BB 339 -44.87 -18.50 106.27
CA GLY BB 339 -44.67 -19.91 106.52
C GLY BB 339 -43.98 -20.57 105.34
N PHE BB 340 -43.05 -21.47 105.65
CA PHE BB 340 -42.32 -22.21 104.63
C PHE BB 340 -43.00 -23.55 104.41
N ASP BB 341 -43.42 -23.80 103.18
CA ASP BB 341 -44.27 -24.94 102.89
C ASP BB 341 -43.96 -25.49 101.49
N PRO BB 342 -43.96 -26.81 101.32
CA PRO BB 342 -43.75 -27.87 102.30
C PRO BB 342 -42.30 -28.10 102.67
N PRO BB 343 -41.97 -28.12 103.96
CA PRO BB 343 -40.85 -28.94 104.41
C PRO BB 343 -41.29 -30.36 104.79
N GLN BB 344 -40.60 -31.47 104.50
CA GLN BB 344 -39.86 -31.76 103.28
C GLN BB 344 -38.78 -30.71 102.89
N GLY BB 345 -38.45 -30.38 101.63
CA GLY BB 345 -38.73 -31.09 100.39
C GLY BB 345 -38.10 -32.46 100.35
N SER BB 346 -38.47 -33.25 99.34
CA SER BB 346 -38.06 -34.64 99.25
C SER BB 346 -38.35 -35.36 100.55
N LEU BB 347 -37.42 -36.20 100.98
CA LEU BB 347 -37.33 -36.67 102.37
C LEU BB 347 -38.70 -37.07 102.91
N ALA BB 348 -39.20 -38.25 102.51
CA ALA BB 348 -40.61 -38.57 102.60
C ALA BB 348 -41.21 -38.18 103.94
N PRO BB 349 -42.36 -37.52 103.97
CA PRO BB 349 -42.86 -36.91 105.19
C PRO BB 349 -43.42 -37.93 106.16
N THR BB 350 -43.59 -37.46 107.40
CA THR BB 350 -44.15 -38.29 108.47
C THR BB 350 -45.66 -38.40 108.34
N ASN BB 351 -46.37 -37.29 108.55
CA ASN BB 351 -47.82 -37.33 108.45
C ASN BB 351 -48.33 -36.36 107.41
N LEU BB 352 -49.65 -36.28 107.32
CA LEU BB 352 -50.35 -35.48 106.33
C LEU BB 352 -49.94 -34.01 106.38
N GLU BB 353 -49.46 -33.57 107.55
CA GLU BB 353 -49.20 -32.15 107.77
C GLU BB 353 -48.18 -31.59 106.79
N TYR BB 354 -47.28 -32.44 106.29
CA TYR BB 354 -46.25 -32.03 105.34
C TYR BB 354 -46.58 -32.36 103.90
N LYS BB 355 -47.74 -32.95 103.64
CA LYS BB 355 -47.99 -33.68 102.40
C LYS BB 355 -48.52 -32.79 101.29
N ILE BB 356 -48.48 -31.48 101.49
CA ILE BB 356 -49.18 -30.45 100.72
C ILE BB 356 -50.67 -30.77 100.77
N GLN BB 357 -51.44 -30.25 99.82
CA GLN BB 357 -52.88 -30.45 99.68
C GLN BB 357 -53.36 -29.35 98.74
N TRP BB 358 -54.52 -29.50 98.11
CA TRP BB 358 -55.21 -28.35 97.54
C TRP BB 358 -56.64 -28.73 97.25
N TYR BB 359 -57.50 -27.71 97.09
CA TYR BB 359 -58.93 -27.98 96.95
C TYR BB 359 -59.37 -28.06 95.50
N GLN BB 360 -58.53 -27.64 94.57
CA GLN BB 360 -58.83 -27.63 93.13
C GLN BB 360 -60.23 -27.10 92.83
N THR BB 361 -60.69 -26.14 93.63
CA THR BB 361 -62.06 -25.61 93.56
C THR BB 361 -62.20 -24.50 94.58
N PRO BB 362 -62.78 -23.36 94.21
CA PRO BB 362 -63.04 -22.32 95.21
C PRO BB 362 -64.16 -22.69 96.16
N GLN BB 363 -65.10 -23.51 95.71
CA GLN BB 363 -66.20 -23.92 96.59
C GLN BB 363 -65.75 -24.94 97.63
N GLY BB 364 -64.51 -25.39 97.56
CA GLY BB 364 -64.04 -26.43 98.47
C GLY BB 364 -64.07 -26.03 99.93
N THR BB 365 -64.78 -26.81 100.74
CA THR BB 365 -64.85 -26.61 102.17
C THR BB 365 -63.66 -27.31 102.81
N ASN BB 366 -63.67 -27.45 104.15
CA ASN BB 366 -62.52 -28.01 104.84
C ASN BB 366 -62.13 -29.37 104.28
N ASN BB 367 -63.04 -30.34 104.31
CA ASN BB 367 -62.87 -31.58 103.57
C ASN BB 367 -63.93 -31.65 102.49
N ASN BB 368 -63.52 -31.39 101.26
CA ASN BB 368 -64.27 -31.43 100.01
C ASN BB 368 -63.29 -30.95 98.97
N GLY BB 369 -63.46 -31.32 97.71
CA GLY BB 369 -62.34 -31.10 96.83
C GLY BB 369 -61.17 -31.82 97.47
N ASN BB 370 -60.15 -31.05 97.83
CA ASN BB 370 -59.19 -31.46 98.86
C ASN BB 370 -58.38 -32.67 98.43
N ILE BB 371 -57.83 -32.63 97.23
CA ILE BB 371 -56.98 -33.73 96.80
C ILE BB 371 -55.59 -33.54 97.42
N ILE BB 372 -55.04 -34.63 97.90
CA ILE BB 372 -53.83 -34.59 98.71
C ILE BB 372 -52.70 -35.24 97.92
N SER BB 373 -51.51 -34.65 97.98
CA SER BB 373 -50.37 -35.20 97.27
C SER BB 373 -50.02 -36.57 97.82
N ASN BB 374 -49.33 -37.36 97.00
CA ASN BB 374 -49.04 -38.74 97.32
C ASN BB 374 -47.63 -39.08 96.84
N GLN BB 375 -47.14 -40.23 97.24
CA GLN BB 375 -45.77 -40.59 96.83
C GLN BB 375 -45.77 -41.09 95.39
N PRO BB 376 -44.82 -40.63 94.57
CA PRO BB 376 -44.77 -41.11 93.18
C PRO BB 376 -44.38 -42.56 93.05
N LEU BB 377 -43.85 -43.15 94.12
CA LEU BB 377 -43.24 -44.48 94.16
C LEU BB 377 -41.91 -44.47 93.43
N SER BB 378 -41.52 -43.35 92.82
CA SER BB 378 -40.14 -43.16 92.40
C SER BB 378 -39.22 -43.28 93.59
N MET BB 379 -38.01 -43.81 93.34
CA MET BB 379 -37.12 -44.14 94.44
C MET BB 379 -36.17 -43.02 94.81
N LEU BB 380 -36.28 -41.84 94.21
CA LEU BB 380 -35.23 -40.85 94.44
C LEU BB 380 -35.22 -40.10 95.77
N ARG BB 381 -36.10 -39.17 96.17
CA ARG BB 381 -37.58 -38.96 96.05
C ARG BB 381 -38.33 -39.57 97.25
N ASP BB 382 -37.66 -40.36 98.07
CA ASP BB 382 -38.29 -40.78 99.33
C ASP BB 382 -37.39 -40.40 100.49
N GLN BB 383 -36.19 -40.99 100.53
CA GLN BB 383 -35.04 -40.40 101.22
C GLN BB 383 -35.30 -40.17 102.71
N ALA BB 384 -35.30 -41.26 103.46
CA ALA BB 384 -35.14 -41.10 104.89
C ALA BB 384 -33.67 -40.83 105.22
N LEU BB 385 -33.38 -40.67 106.50
CA LEU BB 385 -32.01 -40.70 106.99
C LEU BB 385 -32.07 -41.09 108.46
N PHE BB 386 -31.05 -41.83 108.91
CA PHE BB 386 -31.18 -42.61 110.13
C PHE BB 386 -30.14 -42.26 111.20
N ARG BB 387 -28.85 -42.32 110.89
CA ARG BB 387 -27.83 -42.03 111.89
C ARG BB 387 -27.98 -43.02 113.04
N GLY BB 388 -27.65 -42.63 114.27
CA GLY BB 388 -27.89 -43.42 115.47
C GLY BB 388 -27.28 -44.80 115.43
N ASN BB 389 -27.59 -45.61 116.44
CA ASN BB 389 -27.61 -45.14 117.82
C ASN BB 389 -26.36 -45.74 118.44
N GLN BB 390 -25.66 -46.52 117.60
CA GLN BB 390 -24.75 -47.63 117.91
C GLN BB 390 -25.54 -48.91 118.13
N THR BB 391 -26.86 -48.82 118.30
CA THR BB 391 -27.74 -49.97 118.51
C THR BB 391 -28.88 -49.96 117.51
N THR BB 392 -29.65 -48.87 117.45
CA THR BB 392 -30.80 -48.75 116.57
C THR BB 392 -30.58 -47.53 115.67
N TYR BB 393 -31.22 -47.55 114.50
CA TYR BB 393 -31.28 -46.36 113.66
C TYR BB 393 -32.50 -45.54 114.05
N ASN BB 394 -32.34 -44.21 114.06
CA ASN BB 394 -33.41 -43.31 114.47
C ASN BB 394 -33.57 -42.19 113.46
N LEU BB 395 -34.72 -42.16 112.78
CA LEU BB 395 -34.96 -41.15 111.76
C LEU BB 395 -34.68 -39.76 112.29
N CYS BB 396 -33.88 -39.00 111.54
CA CYS BB 396 -33.36 -37.73 112.03
C CYS BB 396 -34.06 -36.56 111.35
N SER BB 397 -34.44 -35.58 112.17
CA SER BB 397 -34.95 -34.30 111.72
C SER BB 397 -33.85 -33.51 111.01
N ASP BB 398 -34.25 -32.46 110.31
CA ASP BB 398 -33.37 -31.65 109.48
C ASP BB 398 -32.84 -32.46 108.32
N VAL BB 399 -31.52 -32.66 108.23
CA VAL BB 399 -30.82 -32.98 106.97
C VAL BB 399 -30.78 -31.75 106.06
N TRP BB 400 -29.88 -30.84 106.37
CA TRP BB 400 -29.55 -29.67 105.56
C TRP BB 400 -28.74 -30.08 104.32
N MET BB 401 -28.27 -29.10 103.57
CA MET BB 401 -27.49 -29.39 102.38
C MET BB 401 -26.17 -30.04 102.73
N PHE BB 402 -25.73 -30.95 101.87
CA PHE BB 402 -24.54 -31.76 102.06
C PHE BB 402 -23.96 -32.07 100.68
N PRO BB 403 -22.65 -32.22 100.56
CA PRO BB 403 -22.02 -32.25 99.23
C PRO BB 403 -22.56 -33.29 98.26
N ASN BB 404 -22.80 -34.51 98.69
CA ASN BB 404 -23.12 -35.57 97.76
C ASN BB 404 -24.60 -35.76 97.55
N GLN BB 405 -25.43 -34.86 98.05
CA GLN BB 405 -26.86 -35.10 98.06
C GLN BB 405 -27.45 -35.20 96.67
N ILE BB 406 -28.40 -36.11 96.51
CA ILE BB 406 -29.29 -36.15 95.36
C ILE BB 406 -30.72 -36.21 95.85
N TRP BB 407 -31.57 -35.37 95.26
CA TRP BB 407 -33.00 -35.48 95.46
C TRP BB 407 -33.63 -35.32 94.10
N ASP BB 408 -34.91 -35.64 94.04
CA ASP BB 408 -35.65 -35.49 92.80
C ASP BB 408 -36.67 -34.38 92.98
N ARG BB 409 -36.73 -33.49 92.02
CA ARG BB 409 -37.64 -32.36 92.11
C ARG BB 409 -39.07 -32.88 92.22
N TYR BB 410 -39.92 -32.10 92.86
CA TYR BB 410 -41.28 -32.54 93.13
C TYR BB 410 -41.94 -33.01 91.84
N PRO BB 411 -42.65 -34.15 91.86
CA PRO BB 411 -43.14 -34.76 90.62
C PRO BB 411 -44.16 -33.93 89.88
N ILE BB 412 -44.68 -32.89 90.52
CA ILE BB 412 -45.78 -32.05 90.09
C ILE BB 412 -46.97 -32.88 89.64
N THR BB 413 -47.76 -32.33 88.72
CA THR BB 413 -49.04 -32.88 88.27
C THR BB 413 -49.69 -31.85 87.37
N ARG BB 414 -50.86 -32.17 86.81
CA ARG BB 414 -51.52 -31.23 85.91
C ARG BB 414 -52.01 -29.99 86.63
N GLU BB 415 -52.20 -30.03 87.94
CA GLU BB 415 -52.79 -28.92 88.68
C GLU BB 415 -51.78 -27.89 89.13
N ASN BB 416 -50.53 -28.05 88.81
CA ASN BB 416 -49.50 -27.24 89.45
C ASN BB 416 -49.23 -25.97 88.67
N PRO BB 417 -48.68 -24.96 89.34
CA PRO BB 417 -48.14 -23.81 88.62
C PRO BB 417 -46.93 -24.18 87.81
N ILE BB 418 -46.83 -23.59 86.62
CA ILE BB 418 -45.71 -23.88 85.75
C ILE BB 418 -44.42 -23.29 86.31
N TRP BB 419 -44.44 -22.01 86.64
CA TRP BB 419 -43.24 -21.29 87.03
C TRP BB 419 -43.48 -20.51 88.31
N CYS BB 420 -42.38 -20.03 88.87
CA CYS BB 420 -42.35 -19.11 90.00
C CYS BB 420 -41.19 -18.17 89.78
N LYS BB 421 -41.35 -16.92 90.19
CA LYS BB 421 -40.29 -15.96 89.97
C LYS BB 421 -39.23 -16.08 91.04
N LYS BB 422 -37.98 -16.20 90.62
CA LYS BB 422 -36.86 -16.22 91.54
C LYS BB 422 -36.51 -14.79 91.92
N PRO BB 423 -36.70 -14.40 93.17
CA PRO BB 423 -36.46 -13.01 93.56
C PRO BB 423 -35.00 -12.61 93.41
N ARG BB 424 -34.80 -11.37 92.97
CA ARG BB 424 -33.46 -10.85 92.74
C ARG BB 424 -32.76 -10.63 94.07
N SER BB 425 -31.59 -11.24 94.21
CA SER BB 425 -30.82 -11.09 95.44
C SER BB 425 -29.36 -11.39 95.12
N ASP BB 426 -28.48 -10.95 96.01
CA ASP BB 426 -27.06 -11.14 95.79
C ASP BB 426 -26.71 -12.62 95.72
N LYS BB 427 -27.05 -13.36 96.78
CA LYS BB 427 -26.63 -14.74 96.91
C LYS BB 427 -27.83 -15.64 97.04
N HIS BB 428 -27.68 -16.88 96.56
CA HIS BB 428 -28.72 -17.89 96.73
C HIS BB 428 -28.10 -19.26 96.55
N THR BB 429 -28.81 -20.26 97.05
CA THR BB 429 -28.45 -21.67 96.92
C THR BB 429 -29.06 -22.29 95.68
N THR BB 430 -29.14 -23.62 95.64
CA THR BB 430 -29.42 -24.35 94.40
C THR BB 430 -30.69 -23.88 93.69
N ILE BB 431 -31.65 -23.32 94.44
CA ILE BB 431 -32.94 -22.90 93.90
C ILE BB 431 -33.70 -24.08 93.30
N ASP BB 432 -34.19 -24.97 94.15
CA ASP BB 432 -35.19 -25.94 93.73
C ASP BB 432 -36.46 -25.70 94.52
N PRO BB 433 -37.51 -25.12 93.94
CA PRO BB 433 -38.74 -24.90 94.71
C PRO BB 433 -39.41 -26.21 95.05
N PHE BB 434 -39.91 -26.30 96.28
CA PHE BB 434 -40.54 -27.53 96.75
C PHE BB 434 -42.01 -27.61 96.36
N ASP BB 435 -42.51 -26.62 95.65
CA ASP BB 435 -43.83 -26.66 95.06
C ASP BB 435 -43.79 -27.32 93.70
N GLY BB 436 -42.65 -27.87 93.32
CA GLY BB 436 -42.41 -28.18 91.93
C GLY BB 436 -42.23 -26.87 91.20
N SER BB 437 -43.05 -26.63 90.19
CA SER BB 437 -42.99 -25.41 89.40
C SER BB 437 -41.58 -25.18 88.89
N LEU BB 438 -41.17 -23.91 88.82
CA LEU BB 438 -39.90 -23.54 88.23
C LEU BB 438 -39.51 -22.19 88.78
N ALA BB 439 -38.23 -21.86 88.62
CA ALA BB 439 -37.73 -20.55 89.00
C ALA BB 439 -37.10 -19.92 87.77
N MET BB 440 -37.42 -18.65 87.55
CA MET BB 440 -36.84 -17.92 86.44
C MET BB 440 -36.49 -16.52 86.89
N ASP BB 441 -35.37 -16.00 86.36
CA ASP BB 441 -35.04 -14.60 86.58
C ASP BB 441 -36.20 -13.72 86.14
N HIS BB 442 -36.57 -13.83 84.87
CA HIS BB 442 -37.74 -13.14 84.33
C HIS BB 442 -38.76 -14.17 83.88
N PRO BB 443 -39.82 -14.39 84.63
CA PRO BB 443 -40.90 -15.22 84.16
C PRO BB 443 -41.70 -14.49 83.11
N PRO BB 444 -42.79 -15.06 82.60
CA PRO BB 444 -43.69 -14.28 81.76
C PRO BB 444 -44.14 -13.03 82.50
N GLY BB 445 -43.99 -11.89 81.84
CA GLY BB 445 -44.41 -10.64 82.43
C GLY BB 445 -45.92 -10.62 82.59
N THR BB 446 -46.37 -10.27 83.78
CA THR BB 446 -47.80 -10.22 84.03
C THR BB 446 -48.43 -9.14 83.16
N ILE BB 447 -49.51 -9.50 82.48
CA ILE BB 447 -50.25 -8.56 81.66
C ILE BB 447 -51.34 -7.95 82.50
N PHE BB 448 -51.32 -6.63 82.64
CA PHE BB 448 -52.27 -5.90 83.44
C PHE BB 448 -53.26 -5.21 82.52
N ILE BB 449 -54.48 -5.05 83.00
CA ILE BB 449 -55.54 -4.48 82.19
C ILE BB 449 -56.52 -3.75 83.10
N LYS BB 450 -57.03 -2.61 82.63
CA LYS BB 450 -57.85 -1.73 83.42
C LYS BB 450 -58.90 -1.12 82.50
N MET BB 451 -59.93 -0.52 83.09
CA MET BB 451 -61.10 -0.10 82.35
C MET BB 451 -61.09 1.37 81.92
N ALA BB 452 -60.00 2.10 82.11
CA ALA BB 452 -59.91 3.44 81.55
C ALA BB 452 -61.01 4.37 82.07
N LYS BB 453 -60.83 4.89 83.29
CA LYS BB 453 -61.87 5.66 83.95
C LYS BB 453 -62.47 6.70 83.03
N ILE BB 454 -63.79 6.68 82.94
CA ILE BB 454 -64.52 7.69 82.19
C ILE BB 454 -65.31 8.50 83.19
N PRO BB 455 -64.90 9.72 83.50
CA PRO BB 455 -65.57 10.48 84.55
C PRO BB 455 -66.85 11.10 84.03
N VAL BB 456 -67.58 11.72 84.95
CA VAL BB 456 -68.85 12.36 84.60
C VAL BB 456 -68.92 13.67 85.38
N PRO BB 457 -69.51 14.71 84.81
CA PRO BB 457 -69.46 16.01 85.48
C PRO BB 457 -70.38 16.07 86.68
N SER BB 458 -69.98 16.87 87.66
CA SER BB 458 -70.79 17.10 88.85
C SER BB 458 -70.44 18.46 89.42
N ASN BB 459 -71.17 18.85 90.46
CA ASN BB 459 -71.00 20.17 91.08
C ASN BB 459 -69.87 20.17 92.10
N ASN BB 460 -69.78 19.12 92.91
CA ASN BB 460 -68.93 19.08 94.09
C ASN BB 460 -67.46 19.56 93.92
N ASN BB 461 -66.72 19.09 92.90
CA ASN BB 461 -67.17 18.13 91.91
C ASN BB 461 -66.61 16.75 92.19
N ALA BB 462 -66.98 15.81 91.34
CA ALA BB 462 -66.55 14.42 91.44
C ALA BB 462 -66.92 13.84 92.83
N ASP BB 463 -66.23 12.82 93.37
CA ASP BB 463 -65.65 11.72 92.59
C ASP BB 463 -66.76 10.86 92.02
N SER BB 464 -66.79 10.76 90.69
CA SER BB 464 -67.82 10.01 90.01
C SER BB 464 -67.26 9.55 88.68
N TYR BB 465 -67.80 8.44 88.18
CA TYR BB 465 -67.27 7.85 86.98
C TYR BB 465 -68.36 7.01 86.35
N LEU BB 466 -68.15 6.65 85.09
CA LEU BB 466 -69.12 5.89 84.33
C LEU BB 466 -68.85 4.40 84.50
N ASN BB 467 -69.92 3.64 84.69
CA ASN BB 467 -69.81 2.23 85.07
C ASN BB 467 -69.80 1.38 83.80
N ILE BB 468 -68.66 0.75 83.52
CA ILE BB 468 -68.48 -0.05 82.31
C ILE BB 468 -67.72 -1.31 82.66
N TYR BB 469 -67.66 -2.22 81.69
CA TYR BB 469 -66.80 -3.39 81.81
C TYR BB 469 -66.36 -3.81 80.43
N CYS BB 470 -65.27 -4.56 80.37
CA CYS BB 470 -64.70 -5.01 79.12
C CYS BB 470 -64.86 -6.50 79.00
N THR BB 471 -64.88 -6.98 77.76
CA THR BB 471 -65.01 -8.39 77.49
C THR BB 471 -64.24 -8.68 76.22
N GLY BB 472 -63.55 -9.81 76.19
CA GLY BB 472 -62.74 -10.08 75.04
C GLY BB 472 -62.14 -11.46 75.11
N GLN BB 473 -61.15 -11.70 74.26
CA GLN BB 473 -60.59 -13.02 74.10
C GLN BB 473 -59.09 -12.98 74.18
N VAL BB 474 -58.53 -13.72 75.12
CA VAL BB 474 -57.08 -13.93 75.22
C VAL BB 474 -56.77 -15.25 74.55
N SER BB 475 -55.71 -15.29 73.76
CA SER BB 475 -55.21 -16.53 73.21
C SER BB 475 -53.78 -16.69 73.68
N CYS BB 476 -53.55 -17.66 74.54
CA CYS BB 476 -52.21 -17.95 75.03
C CYS BB 476 -51.70 -19.17 74.28
N GLU BB 477 -50.75 -18.95 73.38
CA GLU BB 477 -50.17 -20.01 72.56
C GLU BB 477 -48.71 -20.16 72.96
N ILE BB 478 -48.37 -21.27 73.59
CA ILE BB 478 -47.02 -21.45 74.13
C ILE BB 478 -46.41 -22.70 73.51
N VAL BB 479 -45.12 -22.63 73.25
CA VAL BB 479 -44.35 -23.70 72.64
C VAL BB 479 -43.53 -24.37 73.71
N TRP BB 480 -43.46 -25.69 73.66
CA TRP BB 480 -42.79 -26.48 74.69
C TRP BB 480 -41.65 -27.24 74.05
N GLU BB 481 -40.43 -26.95 74.48
CA GLU BB 481 -39.34 -27.85 74.16
C GLU BB 481 -39.59 -29.19 74.82
N VAL BB 482 -39.55 -30.25 74.03
CA VAL BB 482 -39.98 -31.55 74.50
C VAL BB 482 -39.00 -32.59 73.97
N GLU BB 483 -38.74 -33.62 74.78
CA GLU BB 483 -37.80 -34.67 74.42
C GLU BB 483 -38.45 -36.03 74.65
N ARG BB 484 -38.25 -36.93 73.70
CA ARG BB 484 -38.97 -38.20 73.68
C ARG BB 484 -38.06 -39.32 74.17
N TYR BB 485 -38.64 -40.30 74.85
CA TYR BB 485 -37.84 -41.25 75.59
C TYR BB 485 -37.59 -42.52 74.80
N ALA BB 486 -36.39 -43.07 74.97
CA ALA BB 486 -36.05 -44.40 74.49
C ALA BB 486 -35.31 -45.10 75.61
N THR BB 487 -35.57 -46.40 75.75
CA THR BB 487 -34.95 -47.13 76.86
C THR BB 487 -34.76 -48.58 76.46
N LYS BB 488 -33.85 -49.24 77.18
CA LYS BB 488 -33.52 -50.62 76.93
C LYS BB 488 -34.27 -51.57 77.84
N ASN BB 489 -35.17 -51.06 78.67
CA ASN BB 489 -35.94 -51.94 79.53
C ASN BB 489 -36.75 -52.91 78.70
N TRP BB 490 -36.82 -54.15 79.18
CA TRP BB 490 -37.60 -55.17 78.50
C TRP BB 490 -39.08 -55.09 78.83
N ARG BB 491 -39.40 -54.63 80.01
CA ARG BB 491 -40.73 -54.74 80.58
C ARG BB 491 -41.62 -53.56 80.23
N PRO BB 492 -42.93 -53.72 80.40
CA PRO BB 492 -43.89 -52.72 79.89
C PRO BB 492 -43.82 -51.32 80.50
N GLU BB 493 -43.13 -51.12 81.61
CA GLU BB 493 -43.12 -49.83 82.35
C GLU BB 493 -44.56 -49.48 82.75
N ARG BB 494 -44.93 -48.20 82.72
CA ARG BB 494 -46.19 -47.75 83.31
C ARG BB 494 -46.68 -46.54 82.55
N ARG BB 495 -48.00 -46.40 82.46
CA ARG BB 495 -48.60 -45.28 81.79
C ARG BB 495 -49.74 -44.75 82.66
N HIS BB 496 -50.47 -43.77 82.15
CA HIS BB 496 -51.63 -43.25 82.84
C HIS BB 496 -52.88 -43.68 82.07
N THR BB 497 -53.58 -44.66 82.63
CA THR BB 497 -54.88 -45.07 82.16
C THR BB 497 -55.96 -44.17 82.73
N THR BB 498 -57.10 -44.15 82.04
CA THR BB 498 -58.32 -43.69 82.67
C THR BB 498 -58.73 -44.58 83.84
N PHE BB 499 -58.18 -45.79 83.94
CA PHE BB 499 -58.62 -46.64 85.02
C PHE BB 499 -58.19 -46.13 86.39
N GLY BB 500 -57.17 -45.29 86.45
CA GLY BB 500 -56.91 -44.56 87.68
C GLY BB 500 -58.04 -43.62 88.02
N LEU BB 501 -58.76 -43.16 87.01
CA LEU BB 501 -59.88 -42.25 87.19
C LEU BB 501 -61.08 -42.99 87.76
N GLY BB 502 -62.04 -42.23 88.28
CA GLY BB 502 -63.22 -42.83 88.88
C GLY BB 502 -64.43 -41.96 88.64
N ILE BB 503 -65.60 -42.57 88.85
CA ILE BB 503 -66.89 -42.01 88.46
C ILE BB 503 -67.35 -41.02 89.52
N GLY BB 504 -68.05 -39.97 89.09
CA GLY BB 504 -68.52 -38.98 90.06
C GLY BB 504 -69.51 -38.01 89.47
N GLY BB 505 -70.07 -37.19 90.36
CA GLY BB 505 -70.96 -36.09 90.05
C GLY BB 505 -72.42 -36.49 89.99
N ALA BB 506 -73.30 -35.58 90.44
CA ALA BB 506 -74.75 -35.75 90.43
C ALA BB 506 -75.17 -37.14 90.87
N ASP BB 507 -76.11 -37.73 90.13
CA ASP BB 507 -76.19 -39.18 90.08
C ASP BB 507 -74.91 -39.67 89.43
N ASN BB 508 -74.35 -40.74 89.99
CA ASN BB 508 -72.92 -40.99 89.86
C ASN BB 508 -72.41 -40.89 88.43
N LEU BB 509 -73.31 -40.99 87.45
CA LEU BB 509 -72.94 -41.05 86.04
C LEU BB 509 -72.01 -39.92 85.64
N ASN BB 510 -71.20 -40.20 84.62
CA ASN BB 510 -70.08 -39.51 84.02
C ASN BB 510 -68.84 -39.79 84.86
N PRO BB 511 -67.68 -40.02 84.25
CA PRO BB 511 -66.55 -40.51 85.05
C PRO BB 511 -65.82 -39.47 85.88
N THR BB 512 -64.99 -38.67 85.25
CA THR BB 512 -64.16 -37.74 86.00
C THR BB 512 -63.94 -36.41 85.30
N TYR BB 513 -63.23 -36.40 84.18
CA TYR BB 513 -63.12 -35.16 83.43
C TYR BB 513 -64.23 -35.16 82.39
N HIS BB 514 -65.29 -34.43 82.72
CA HIS BB 514 -66.53 -34.58 81.98
C HIS BB 514 -67.58 -33.70 82.65
N VAL BB 515 -68.64 -33.41 81.90
CA VAL BB 515 -69.70 -32.55 82.40
C VAL BB 515 -70.73 -33.33 83.22
N ASP BB 516 -71.42 -32.61 84.10
CA ASP BB 516 -72.53 -33.10 84.89
C ASP BB 516 -73.83 -32.88 84.10
N LYS BB 517 -75.00 -33.00 84.74
CA LYS BB 517 -76.24 -32.97 83.95
C LYS BB 517 -77.18 -31.75 83.71
N ASN BB 518 -77.17 -30.56 84.36
CA ASN BB 518 -76.50 -30.06 85.58
C ASN BB 518 -75.10 -29.56 85.30
N GLY BB 519 -74.71 -29.56 84.04
CA GLY BB 519 -73.32 -29.72 83.70
C GLY BB 519 -72.35 -28.85 84.47
N THR BB 520 -71.53 -29.54 85.25
CA THR BB 520 -70.45 -28.98 86.04
C THR BB 520 -69.31 -29.97 85.90
N TYR BB 521 -68.18 -29.47 85.44
CA TYR BB 521 -67.03 -30.30 85.17
C TYR BB 521 -66.64 -31.07 86.43
N ILE BB 522 -66.62 -32.39 86.35
CA ILE BB 522 -66.37 -33.19 87.54
C ILE BB 522 -64.91 -33.08 87.91
N GLN BB 523 -64.66 -32.84 89.12
CA GLN BB 523 -63.25 -32.66 89.41
C GLN BB 523 -62.60 -33.99 89.79
N PRO BB 524 -61.33 -34.14 89.43
CA PRO BB 524 -60.59 -35.34 89.83
C PRO BB 524 -60.41 -35.40 91.34
N THR BB 525 -60.69 -36.56 91.92
CA THR BB 525 -60.64 -36.76 93.36
C THR BB 525 -59.43 -37.60 93.74
N THR BB 526 -58.66 -37.08 94.68
CA THR BB 526 -57.29 -37.38 95.10
C THR BB 526 -56.23 -37.27 94.00
N TRP BB 527 -55.10 -37.94 94.20
CA TRP BB 527 -53.86 -37.51 93.55
C TRP BB 527 -53.65 -38.19 92.20
N ASP BB 528 -53.91 -39.49 92.12
CA ASP BB 528 -53.62 -40.23 90.90
C ASP BB 528 -54.48 -39.78 89.73
N MET BB 529 -55.69 -39.29 89.99
CA MET BB 529 -56.55 -38.75 88.95
C MET BB 529 -55.79 -37.78 88.06
N CYS BB 530 -55.43 -36.63 88.62
CA CYS BB 530 -54.43 -35.79 87.99
C CYS BB 530 -53.18 -36.62 87.76
N PHE BB 531 -52.69 -36.63 86.53
CA PHE BB 531 -51.67 -37.62 86.21
C PHE BB 531 -50.28 -37.01 86.36
N PRO BB 532 -49.56 -37.35 87.42
CA PRO BB 532 -48.29 -36.66 87.68
C PRO BB 532 -47.20 -37.18 86.77
N VAL BB 533 -46.32 -36.28 86.34
CA VAL BB 533 -45.10 -36.76 85.73
C VAL BB 533 -44.22 -37.36 86.82
N LYS BB 534 -43.22 -38.11 86.39
CA LYS BB 534 -42.15 -38.70 87.21
C LYS BB 534 -42.60 -40.01 87.81
N THR BB 535 -43.85 -40.41 87.64
CA THR BB 535 -44.31 -41.74 88.03
C THR BB 535 -44.21 -42.75 86.89
N ASN BB 536 -43.73 -42.34 85.72
CA ASN BB 536 -43.70 -43.21 84.56
C ASN BB 536 -42.30 -43.31 84.00
N ILE BB 537 -42.21 -44.02 82.88
CA ILE BB 537 -40.98 -44.35 82.20
C ILE BB 537 -40.03 -45.02 83.20
N ASN BB 538 -38.73 -44.85 83.00
CA ASN BB 538 -37.69 -45.25 83.92
C ASN BB 538 -36.43 -44.53 83.52
N LYS BB 539 -35.45 -44.45 84.42
CA LYS BB 539 -34.13 -44.00 84.05
C LYS BB 539 -33.10 -44.82 84.79
N VAL BB 540 -32.09 -45.30 84.06
CA VAL BB 540 -30.91 -45.80 84.73
C VAL BB 540 -30.18 -44.62 85.33
N LEU BB 541 -29.90 -44.70 86.62
CA LEU BB 541 -29.23 -43.60 87.29
C LEU BB 541 -27.76 -43.57 86.90
N GLY CB 34 -66.27 -1.39 49.50
CA GLY CB 34 -66.18 -0.97 50.89
C GLY CB 34 -66.13 -2.12 51.87
N SER CB 35 -66.11 -1.79 53.16
CA SER CB 35 -66.07 -2.79 54.22
C SER CB 35 -66.64 -2.19 55.50
N GLY CB 36 -67.00 -3.07 56.42
CA GLY CB 36 -67.50 -2.64 57.72
C GLY CB 36 -69.01 -2.73 57.81
N VAL CB 37 -69.51 -2.33 58.97
CA VAL CB 37 -70.95 -2.27 59.18
C VAL CB 37 -71.57 -1.31 58.18
N GLY CB 38 -72.76 -1.65 57.70
CA GLY CB 38 -73.43 -0.82 56.72
C GLY CB 38 -73.12 -1.17 55.28
N ILE CB 39 -72.27 -2.16 55.05
CA ILE CB 39 -71.95 -2.63 53.71
C ILE CB 39 -72.23 -4.12 53.68
N SER CB 40 -73.20 -4.54 52.88
CA SER CB 40 -73.57 -5.95 52.85
C SER CB 40 -72.44 -6.77 52.27
N THR CB 41 -72.25 -7.97 52.81
CA THR CB 41 -71.10 -8.75 52.38
C THR CB 41 -71.35 -9.48 51.08
N GLY CB 42 -72.53 -10.09 50.94
CA GLY CB 42 -72.88 -10.78 49.71
C GLY CB 42 -74.37 -10.71 49.50
N GLY CB 43 -74.78 -10.98 48.26
CA GLY CB 43 -76.17 -10.89 47.88
C GLY CB 43 -76.86 -12.24 47.85
N TRP CB 44 -78.15 -12.18 47.56
CA TRP CB 44 -78.97 -13.38 47.46
C TRP CB 44 -78.60 -14.15 46.19
N VAL CB 45 -78.85 -15.46 46.22
CA VAL CB 45 -78.42 -16.37 45.17
C VAL CB 45 -79.48 -17.46 45.00
N GLY CB 46 -79.62 -17.96 43.78
CA GLY CB 46 -80.46 -19.11 43.54
C GLY CB 46 -80.77 -19.29 42.07
N GLY CB 47 -81.68 -20.23 41.78
CA GLY CB 47 -82.31 -20.35 40.48
C GLY CB 47 -81.88 -21.51 39.61
N SER CB 48 -80.99 -22.36 40.11
CA SER CB 48 -80.38 -23.49 39.40
C SER CB 48 -79.74 -23.17 38.06
N TYR CB 49 -79.53 -24.19 37.22
CA TYR CB 49 -78.80 -23.96 35.97
C TYR CB 49 -79.17 -24.89 34.80
N PHE CB 50 -78.85 -26.18 34.94
CA PHE CB 50 -79.12 -27.23 33.95
C PHE CB 50 -78.39 -27.15 32.61
N THR CB 51 -77.11 -27.53 32.59
CA THR CB 51 -76.40 -27.91 31.38
C THR CB 51 -76.26 -29.43 31.30
N ASP CB 52 -76.20 -29.96 30.07
CA ASP CB 52 -76.12 -31.39 29.83
C ASP CB 52 -75.10 -32.11 30.69
N SER CB 53 -73.94 -31.50 30.89
CA SER CB 53 -72.88 -32.15 31.65
C SER CB 53 -73.05 -32.00 33.16
N TYR CB 54 -73.64 -30.89 33.62
CA TYR CB 54 -73.76 -30.67 35.04
C TYR CB 54 -74.91 -29.72 35.34
N VAL CB 55 -75.38 -29.78 36.58
CA VAL CB 55 -76.45 -28.93 37.07
C VAL CB 55 -75.95 -28.20 38.30
N ILE CB 56 -76.06 -26.88 38.28
CA ILE CB 56 -75.67 -26.04 39.40
C ILE CB 56 -76.91 -25.55 40.11
N THR CB 57 -77.15 -26.03 41.31
CA THR CB 57 -78.27 -25.56 42.12
C THR CB 57 -77.74 -24.57 43.15
N LYS CB 58 -78.41 -23.43 43.25
CA LYS CB 58 -78.03 -22.36 44.15
C LYS CB 58 -79.18 -22.08 45.08
N ASN CB 59 -78.89 -21.84 46.34
CA ASN CB 59 -79.92 -21.59 47.34
C ASN CB 59 -79.40 -20.61 48.36
N THR CB 60 -80.31 -19.90 49.02
CA THR CB 60 -79.96 -18.95 50.05
C THR CB 60 -81.04 -18.96 51.11
N ARG CB 61 -80.66 -18.70 52.35
CA ARG CB 61 -81.58 -18.84 53.47
C ARG CB 61 -81.39 -17.69 54.44
N GLN CB 62 -82.33 -17.60 55.37
CA GLN CB 62 -82.22 -16.73 56.52
C GLN CB 62 -82.28 -17.62 57.75
N PHE CB 63 -81.29 -17.50 58.63
CA PHE CB 63 -81.20 -18.40 59.77
C PHE CB 63 -81.05 -17.61 61.05
N LEU CB 64 -81.24 -18.27 62.18
CA LEU CB 64 -80.91 -17.63 63.44
C LEU CB 64 -80.39 -18.64 64.45
N VAL CB 65 -79.42 -18.19 65.24
CA VAL CB 65 -78.78 -18.99 66.28
C VAL CB 65 -79.28 -18.47 67.62
N LYS CB 66 -79.76 -19.38 68.46
CA LYS CB 66 -80.61 -19.02 69.60
C LYS CB 66 -79.89 -18.99 70.95
N ILE CB 67 -78.59 -19.32 71.02
CA ILE CB 67 -77.93 -19.61 72.29
C ILE CB 67 -78.62 -20.79 72.97
N GLN CB 68 -78.37 -22.00 72.48
CA GLN CB 68 -78.92 -23.17 73.13
C GLN CB 68 -78.10 -23.56 74.34
N ASN CB 69 -78.79 -24.04 75.37
CA ASN CB 69 -78.17 -24.77 76.48
C ASN CB 69 -77.26 -23.87 77.32
N ASN CB 70 -77.68 -22.64 77.56
CA ASN CB 70 -76.79 -21.61 78.11
C ASN CB 70 -75.57 -21.63 77.21
N HIS CB 71 -74.36 -21.47 77.73
CA HIS CB 71 -73.20 -21.89 76.96
C HIS CB 71 -72.56 -23.17 77.48
N GLN CB 72 -73.05 -23.69 78.60
CA GLN CB 72 -72.54 -24.93 79.15
C GLN CB 72 -73.10 -26.14 78.41
N TYR CB 73 -72.43 -27.26 78.58
CA TYR CB 73 -72.68 -28.52 77.87
C TYR CB 73 -73.74 -29.40 78.50
N LYS CB 74 -73.52 -29.83 79.74
CA LYS CB 74 -74.28 -30.86 80.43
C LYS CB 74 -74.23 -32.20 79.71
N THR CB 75 -75.23 -33.05 79.97
CA THR CB 75 -75.29 -34.40 79.42
C THR CB 75 -76.73 -34.70 78.99
N GLU CB 76 -77.66 -34.54 79.92
CA GLU CB 76 -79.11 -34.48 79.76
C GLU CB 76 -79.88 -35.80 79.81
N LEU CB 77 -79.21 -36.95 79.68
CA LEU CB 77 -79.82 -38.27 79.94
C LEU CB 77 -81.27 -38.31 79.46
N ILE CB 78 -81.45 -38.32 78.14
CA ILE CB 78 -82.68 -37.79 77.55
C ILE CB 78 -83.94 -38.46 78.09
N SER CB 79 -84.26 -39.67 77.61
CA SER CB 79 -85.33 -40.53 78.09
C SER CB 79 -86.71 -39.92 77.95
N PRO CB 80 -87.75 -40.71 77.74
CA PRO CB 80 -89.05 -40.35 78.29
C PRO CB 80 -89.27 -41.10 79.59
N SER CB 81 -90.40 -40.91 80.26
CA SER CB 81 -90.77 -41.81 81.34
C SER CB 81 -92.27 -42.10 81.40
N THR CB 82 -92.72 -43.37 81.30
CA THR CB 82 -92.08 -44.55 80.66
C THR CB 82 -90.59 -44.83 80.89
N SER CB 83 -90.20 -44.89 82.17
CA SER CB 83 -88.80 -45.13 82.52
C SER CB 83 -88.23 -46.40 81.91
N GLN CB 84 -89.10 -47.30 81.43
CA GLN CB 84 -88.65 -48.48 80.72
C GLN CB 84 -87.92 -48.16 79.42
N GLY CB 85 -87.98 -46.90 78.98
CA GLY CB 85 -87.39 -46.54 77.70
C GLY CB 85 -85.88 -46.68 77.70
N LYS CB 86 -85.30 -46.37 76.53
CA LYS CB 86 -83.86 -46.53 76.36
C LYS CB 86 -83.07 -45.57 77.24
N SER CB 87 -83.50 -44.31 77.30
CA SER CB 87 -82.90 -43.32 78.19
C SER CB 87 -81.43 -43.08 77.85
N GLN CB 88 -81.16 -42.84 76.57
CA GLN CB 88 -79.80 -42.50 76.15
C GLN CB 88 -79.34 -41.23 76.85
N ARG CB 89 -78.07 -41.22 77.27
CA ARG CB 89 -77.59 -40.11 78.08
C ARG CB 89 -77.24 -38.89 77.23
N CYS CB 90 -76.68 -39.13 76.05
CA CYS CB 90 -76.22 -38.11 75.13
C CYS CB 90 -75.29 -37.07 75.74
N VAL CB 91 -75.20 -35.92 75.08
CA VAL CB 91 -74.44 -34.75 75.50
C VAL CB 91 -75.09 -33.56 74.78
N SER CB 92 -75.22 -32.45 75.47
CA SER CB 92 -75.72 -31.24 74.82
C SER CB 92 -74.58 -30.26 74.73
N THR CB 93 -74.60 -29.41 73.73
CA THR CB 93 -73.55 -28.43 73.51
C THR CB 93 -74.17 -27.07 73.22
N PRO CB 94 -73.44 -25.99 73.45
CA PRO CB 94 -73.93 -24.67 73.04
C PRO CB 94 -74.04 -24.50 71.54
N TRP CB 95 -73.43 -25.39 70.77
CA TRP CB 95 -73.31 -25.21 69.33
C TRP CB 95 -74.59 -25.58 68.60
N SER CB 96 -74.79 -24.93 67.47
CA SER CB 96 -75.82 -25.28 66.50
C SER CB 96 -75.11 -25.59 65.19
N TYR CB 97 -75.79 -26.28 64.30
CA TYR CB 97 -75.13 -26.70 63.07
C TYR CB 97 -76.05 -26.57 61.87
N PHE CB 98 -75.42 -26.47 60.71
CA PHE CB 98 -76.11 -26.43 59.43
C PHE CB 98 -76.20 -27.83 58.85
N ASN CB 99 -77.42 -28.30 58.63
CA ASN CB 99 -77.65 -29.57 57.96
C ASN CB 99 -78.13 -29.26 56.54
N PHE CB 100 -77.31 -29.56 55.55
CA PHE CB 100 -77.67 -29.35 54.16
C PHE CB 100 -78.17 -30.61 53.47
N ASN CB 101 -78.34 -31.70 54.20
CA ASN CB 101 -78.50 -33.01 53.58
C ASN CB 101 -79.97 -33.29 53.35
N GLN CB 102 -80.40 -33.15 52.10
CA GLN CB 102 -81.71 -33.54 51.59
C GLN CB 102 -81.76 -33.06 50.15
N TYR CB 103 -82.62 -33.69 49.35
CA TYR CB 103 -82.75 -33.21 47.98
C TYR CB 103 -83.73 -32.05 47.89
N SER CB 104 -84.85 -32.13 48.61
CA SER CB 104 -85.86 -31.11 48.51
C SER CB 104 -85.36 -29.74 48.93
N SER CB 105 -84.22 -29.67 49.59
CA SER CB 105 -83.66 -28.38 49.94
C SER CB 105 -83.01 -27.72 48.75
N HIS CB 106 -82.32 -28.49 47.91
CA HIS CB 106 -81.54 -27.95 46.82
C HIS CB 106 -82.27 -27.91 45.50
N PHE CB 107 -83.44 -28.53 45.39
CA PHE CB 107 -84.15 -28.63 44.13
C PHE CB 107 -85.59 -28.19 44.30
N SER CB 108 -86.01 -27.24 43.49
CA SER CB 108 -87.42 -26.91 43.42
C SER CB 108 -88.17 -28.09 42.83
N PRO CB 109 -89.47 -28.18 43.09
CA PRO CB 109 -90.25 -29.26 42.47
C PRO CB 109 -90.15 -29.28 40.97
N GLN CB 110 -89.81 -28.18 40.32
CA GLN CB 110 -89.52 -28.25 38.89
C GLN CB 110 -88.09 -28.62 38.57
N ASP CB 111 -87.11 -28.10 39.30
CA ASP CB 111 -85.73 -28.49 39.04
C ASP CB 111 -85.57 -29.99 39.20
N TRP CB 112 -85.91 -30.51 40.37
CA TRP CB 112 -86.27 -31.91 40.46
C TRP CB 112 -87.43 -32.12 39.52
N GLN CB 113 -87.47 -33.26 38.84
CA GLN CB 113 -88.35 -33.54 37.70
C GLN CB 113 -87.84 -32.92 36.41
N ARG CB 114 -86.98 -31.92 36.46
CA ARG CB 114 -86.25 -31.64 35.24
C ARG CB 114 -85.07 -32.57 35.09
N LEU CB 115 -84.37 -32.90 36.17
CA LEU CB 115 -83.35 -33.93 36.08
C LEU CB 115 -83.92 -35.33 36.15
N THR CB 116 -84.96 -35.55 36.95
CA THR CB 116 -85.53 -36.88 37.06
C THR CB 116 -86.09 -37.32 35.72
N ASN CB 117 -86.60 -36.39 34.93
CA ASN CB 117 -87.09 -36.74 33.60
C ASN CB 117 -85.96 -36.81 32.58
N GLU CB 118 -85.01 -35.88 32.64
CA GLU CB 118 -84.09 -35.69 31.53
C GLU CB 118 -82.74 -36.35 31.70
N TYR CB 119 -82.45 -37.03 32.80
CA TYR CB 119 -81.11 -37.54 32.99
C TYR CB 119 -81.10 -38.96 33.55
N LYS CB 120 -80.08 -39.74 33.12
CA LYS CB 120 -79.88 -41.08 33.67
C LYS CB 120 -79.48 -41.04 35.12
N ARG CB 121 -78.47 -40.24 35.43
CA ARG CB 121 -77.81 -40.37 36.71
C ARG CB 121 -77.18 -39.04 37.09
N PHE CB 122 -76.99 -38.86 38.37
CA PHE CB 122 -76.39 -37.64 38.86
C PHE CB 122 -75.73 -37.91 40.19
N ARG CB 123 -74.70 -37.16 40.50
CA ARG CB 123 -74.10 -37.18 41.82
C ARG CB 123 -73.58 -35.79 42.09
N PRO CB 124 -73.62 -35.34 43.34
CA PRO CB 124 -73.08 -34.02 43.63
C PRO CB 124 -71.58 -34.00 43.42
N LYS CB 125 -71.12 -33.04 42.64
CA LYS CB 125 -69.69 -32.91 42.36
C LYS CB 125 -68.97 -32.11 43.42
N GLY CB 126 -69.57 -31.01 43.87
CA GLY CB 126 -68.91 -30.12 44.82
C GLY CB 126 -69.95 -29.30 45.54
N MET CB 127 -69.48 -28.55 46.52
CA MET CB 127 -70.37 -27.77 47.37
C MET CB 127 -69.64 -26.53 47.84
N HIS CB 128 -70.36 -25.42 47.89
CA HIS CB 128 -69.76 -24.14 48.28
C HIS CB 128 -70.76 -23.42 49.16
N VAL CB 129 -70.35 -23.09 50.38
CA VAL CB 129 -71.26 -22.52 51.37
C VAL CB 129 -70.69 -21.18 51.82
N LYS CB 130 -71.56 -20.19 51.99
CA LYS CB 130 -71.14 -18.86 52.39
C LYS CB 130 -72.06 -18.35 53.48
N ILE CB 131 -71.49 -18.04 54.63
CA ILE CB 131 -72.18 -17.32 55.69
C ILE CB 131 -71.90 -15.84 55.46
N TYR CB 132 -72.92 -15.02 55.53
CA TYR CB 132 -72.71 -13.58 55.34
C TYR CB 132 -73.94 -12.84 55.83
N ASN CB 133 -73.86 -11.51 55.77
CA ASN CB 133 -74.92 -10.64 56.22
C ASN CB 133 -75.38 -10.97 57.64
N LEU CB 134 -74.42 -11.06 58.54
CA LEU CB 134 -74.72 -11.45 59.91
C LEU CB 134 -75.30 -10.28 60.68
N GLN CB 135 -76.08 -10.61 61.71
CA GLN CB 135 -76.70 -9.61 62.57
C GLN CB 135 -76.76 -10.15 63.98
N ILE CB 136 -76.40 -9.34 64.97
CA ILE CB 136 -76.52 -9.72 66.38
C ILE CB 136 -77.49 -8.76 67.01
N LYS CB 137 -78.64 -9.25 67.46
CA LYS CB 137 -79.73 -8.34 67.78
C LYS CB 137 -79.96 -8.07 69.27
N GLN CB 138 -79.26 -8.72 70.18
CA GLN CB 138 -79.30 -8.32 71.58
C GLN CB 138 -80.73 -8.30 72.15
N ILE CB 139 -81.26 -9.49 72.42
CA ILE CB 139 -82.57 -9.58 73.04
C ILE CB 139 -82.60 -8.79 74.35
N LEU CB 140 -83.67 -8.04 74.56
CA LEU CB 140 -83.94 -7.42 75.85
C LEU CB 140 -85.35 -7.75 76.30
N SER CB 141 -85.53 -7.80 77.61
CA SER CB 141 -86.85 -8.01 78.21
C SER CB 141 -87.03 -7.02 79.36
N ASN CB 142 -88.04 -6.18 79.24
CA ASN CB 142 -88.48 -5.30 80.32
C ASN CB 142 -89.56 -5.96 81.16
N GLY CB 143 -89.84 -7.22 80.90
CA GLY CB 143 -91.00 -7.92 81.38
C GLY CB 143 -92.06 -7.89 80.28
N ALA CB 144 -92.77 -9.00 80.15
CA ALA CB 144 -93.67 -9.27 79.01
C ALA CB 144 -92.88 -8.99 77.73
N ASP CB 145 -93.50 -8.45 76.68
CA ASP CB 145 -92.90 -7.79 75.52
C ASP CB 145 -91.64 -8.45 74.98
N THR CB 146 -90.72 -7.60 74.50
CA THR CB 146 -89.30 -7.80 74.19
C THR CB 146 -88.84 -6.56 73.44
N THR CB 147 -87.53 -6.35 73.38
CA THR CB 147 -86.97 -5.32 72.50
C THR CB 147 -85.65 -5.83 71.95
N TYR CB 148 -85.30 -5.35 70.77
CA TYR CB 148 -84.09 -5.78 70.07
C TYR CB 148 -83.32 -4.51 69.71
N ASN CB 149 -82.17 -4.30 70.34
CA ASN CB 149 -81.46 -3.05 70.17
C ASN CB 149 -80.51 -3.11 68.98
N ASN CB 150 -80.60 -4.19 68.21
CA ASN CB 150 -79.53 -4.61 67.33
C ASN CB 150 -78.31 -4.77 68.21
N ASP CB 151 -77.13 -4.52 67.67
CA ASP CB 151 -75.89 -4.62 68.43
C ASP CB 151 -74.74 -4.42 67.45
N LEU CB 152 -73.60 -4.05 67.99
CA LEU CB 152 -72.35 -4.13 67.28
C LEU CB 152 -71.34 -4.66 68.28
N THR CB 153 -70.09 -4.78 67.87
CA THR CB 153 -69.04 -5.32 68.71
C THR CB 153 -69.47 -6.63 69.35
N ALA CB 154 -70.10 -7.50 68.59
CA ALA CB 154 -70.46 -8.84 69.03
C ALA CB 154 -69.99 -9.83 67.98
N GLY CB 155 -70.02 -11.12 68.31
CA GLY CB 155 -69.35 -12.10 67.51
C GLY CB 155 -70.11 -13.41 67.44
N VAL CB 156 -69.72 -14.21 66.47
CA VAL CB 156 -70.33 -15.50 66.19
C VAL CB 156 -69.22 -16.47 65.83
N HIS CB 157 -69.19 -17.60 66.52
CA HIS CB 157 -68.23 -18.65 66.24
C HIS CB 157 -68.74 -19.48 65.09
N ILE CB 158 -67.87 -19.80 64.14
CA ILE CB 158 -68.23 -20.64 63.00
C ILE CB 158 -67.11 -21.64 62.79
N PHE CB 159 -67.47 -22.92 62.82
CA PHE CB 159 -66.49 -23.99 62.78
C PHE CB 159 -66.95 -25.06 61.80
N CYS CB 160 -66.01 -25.60 61.03
CA CYS CB 160 -66.28 -26.62 60.04
C CYS CB 160 -65.40 -27.84 60.28
N ASP CB 161 -65.87 -29.01 59.91
CA ASP CB 161 -65.11 -30.25 60.01
C ASP CB 161 -64.56 -30.64 58.64
N GLY CB 162 -63.26 -30.50 58.46
CA GLY CB 162 -62.66 -31.08 57.28
C GLY CB 162 -62.14 -32.47 57.56
N GLU CB 163 -61.81 -32.73 58.81
CA GLU CB 163 -61.27 -34.02 59.21
C GLU CB 163 -62.35 -35.00 59.64
N HIS CB 164 -63.57 -34.51 59.87
CA HIS CB 164 -64.64 -35.28 60.50
C HIS CB 164 -64.23 -35.87 61.84
N ALA CB 165 -63.29 -35.25 62.53
CA ALA CB 165 -63.25 -35.39 63.98
C ALA CB 165 -64.52 -34.78 64.53
N TYR CB 166 -64.87 -35.17 65.75
CA TYR CB 166 -66.11 -34.82 66.42
C TYR CB 166 -67.26 -35.70 65.94
N PRO CB 167 -68.25 -35.91 66.80
CA PRO CB 167 -69.28 -36.93 66.53
C PRO CB 167 -70.23 -36.66 65.37
N ASN CB 168 -70.17 -35.51 64.71
CA ASN CB 168 -70.92 -35.20 63.47
C ASN CB 168 -72.43 -35.48 63.55
N ALA CB 169 -73.17 -34.55 64.15
CA ALA CB 169 -74.59 -34.72 64.43
C ALA CB 169 -75.38 -35.29 63.25
N THR CB 170 -75.05 -34.86 62.03
CA THR CB 170 -75.93 -35.14 60.89
C THR CB 170 -76.23 -36.62 60.77
N HIS CB 171 -77.53 -36.92 60.75
CA HIS CB 171 -78.11 -38.24 60.51
C HIS CB 171 -79.02 -38.08 59.31
N PRO CB 172 -79.10 -39.08 58.43
CA PRO CB 172 -79.80 -38.85 57.15
C PRO CB 172 -81.18 -38.25 57.24
N TRP CB 173 -82.06 -38.78 58.07
CA TRP CB 173 -83.45 -38.31 58.02
C TRP CB 173 -83.62 -37.08 58.90
N ASP CB 174 -83.58 -37.27 60.21
CA ASP CB 174 -83.67 -36.18 61.18
C ASP CB 174 -84.87 -35.31 60.80
N GLU CB 175 -84.71 -34.01 60.76
CA GLU CB 175 -85.76 -33.02 60.58
C GLU CB 175 -85.11 -31.95 59.73
N ASP CB 176 -85.76 -30.78 59.66
CA ASP CB 176 -85.07 -29.50 59.38
C ASP CB 176 -84.30 -29.63 58.06
N VAL CB 177 -82.97 -29.66 58.07
CA VAL CB 177 -82.11 -29.43 56.93
C VAL CB 177 -82.47 -28.02 56.50
N MET CB 178 -82.40 -27.71 55.22
CA MET CB 178 -82.85 -26.41 54.79
C MET CB 178 -84.35 -26.49 54.55
N PRO CB 179 -85.11 -25.43 54.80
CA PRO CB 179 -86.51 -25.47 54.43
C PRO CB 179 -86.58 -25.61 52.92
N GLU CB 180 -87.37 -26.58 52.46
CA GLU CB 180 -87.45 -26.83 51.02
C GLU CB 180 -87.84 -25.59 50.26
N LEU CB 181 -88.43 -24.62 50.95
CA LEU CB 181 -88.98 -23.43 50.36
C LEU CB 181 -88.15 -22.25 50.80
N PRO CB 182 -87.55 -21.44 49.90
CA PRO CB 182 -86.79 -20.28 50.37
C PRO CB 182 -87.68 -19.27 51.06
N TYR CB 183 -87.15 -18.10 51.42
CA TYR CB 183 -87.86 -17.04 52.13
C TYR CB 183 -88.36 -17.53 53.48
N GLN CB 184 -88.24 -18.81 53.74
CA GLN CB 184 -88.66 -19.41 54.99
C GLN CB 184 -87.45 -19.44 55.90
N THR CB 185 -87.52 -18.73 57.02
CA THR CB 185 -86.38 -18.63 57.89
C THR CB 185 -85.99 -19.99 58.44
N TRP CB 186 -84.70 -20.19 58.63
CA TRP CB 186 -84.18 -21.52 58.96
C TRP CB 186 -83.64 -21.52 60.36
N TYR CB 187 -84.35 -22.18 61.27
CA TYR CB 187 -83.95 -22.26 62.66
C TYR CB 187 -82.98 -23.40 62.84
N LEU CB 188 -81.79 -23.09 63.35
CA LEU CB 188 -80.79 -24.11 63.60
C LEU CB 188 -81.15 -24.94 64.82
N PHE CB 189 -80.52 -26.11 64.90
CA PHE CB 189 -80.78 -27.06 65.97
C PHE CB 189 -79.51 -27.35 66.74
N GLN CB 190 -79.69 -27.64 68.03
CA GLN CB 190 -78.57 -27.81 68.92
C GLN CB 190 -77.74 -29.03 68.56
N TYR CB 191 -76.43 -28.92 68.73
CA TYR CB 191 -75.54 -30.04 68.46
C TYR CB 191 -75.37 -30.89 69.70
N GLY CB 192 -75.54 -32.20 69.54
CA GLY CB 192 -75.36 -33.13 70.63
C GLY CB 192 -74.88 -34.44 70.08
N TYR CB 193 -74.47 -35.33 70.98
CA TYR CB 193 -73.99 -36.62 70.54
C TYR CB 193 -74.09 -37.62 71.68
N ILE CB 194 -74.12 -38.89 71.32
CA ILE CB 194 -74.15 -39.97 72.30
C ILE CB 194 -72.71 -40.33 72.65
N PRO CB 195 -72.24 -40.04 73.87
CA PRO CB 195 -70.90 -40.48 74.23
C PRO CB 195 -70.79 -41.99 74.36
N VAL CB 196 -71.74 -42.64 75.02
CA VAL CB 196 -71.74 -44.08 75.24
C VAL CB 196 -73.18 -44.53 75.50
N ILE CB 197 -73.45 -45.79 75.17
CA ILE CB 197 -74.74 -46.41 75.50
C ILE CB 197 -75.03 -46.20 76.97
N HIS CB 198 -76.24 -45.71 77.28
CA HIS CB 198 -76.55 -45.41 78.67
C HIS CB 198 -76.55 -46.66 79.53
N GLU CB 199 -77.33 -47.66 79.15
CA GLU CB 199 -77.13 -48.97 79.74
C GLU CB 199 -75.72 -49.41 79.39
N LEU CB 200 -75.15 -50.34 80.18
CA LEU CB 200 -73.74 -50.65 80.06
C LEU CB 200 -72.90 -49.43 80.42
N ALA CB 201 -72.68 -49.24 81.74
CA ALA CB 201 -72.32 -48.00 82.44
C ALA CB 201 -73.48 -47.32 83.16
N GLU CB 202 -74.66 -47.94 83.20
CA GLU CB 202 -75.76 -47.36 83.97
C GLU CB 202 -75.41 -46.89 85.41
N MET CB 203 -74.66 -47.63 86.23
CA MET CB 203 -74.26 -49.03 86.08
C MET CB 203 -74.75 -49.77 87.32
N GLU CB 204 -74.91 -51.09 87.23
CA GLU CB 204 -75.55 -51.81 88.32
C GLU CB 204 -74.53 -52.39 89.28
N ASP CB 205 -74.45 -51.79 90.47
CA ASP CB 205 -73.66 -52.30 91.59
C ASP CB 205 -72.24 -52.66 91.16
N SER CB 206 -71.72 -53.75 91.72
CA SER CB 206 -70.56 -54.47 91.18
C SER CB 206 -69.43 -53.44 90.76
N ASN CB 207 -68.93 -53.27 89.53
CA ASN CB 207 -69.08 -54.08 88.31
C ASN CB 207 -67.72 -54.29 87.65
N ALA CB 208 -67.11 -53.17 87.28
CA ALA CB 208 -65.78 -53.05 86.69
C ALA CB 208 -65.78 -53.42 85.21
N VAL CB 209 -66.81 -54.12 84.75
CA VAL CB 209 -67.00 -54.28 83.31
C VAL CB 209 -67.76 -53.07 82.75
N GLU CB 210 -68.75 -52.57 83.50
CA GLU CB 210 -69.39 -51.32 83.11
C GLU CB 210 -68.72 -50.11 83.74
N LYS CB 211 -67.84 -50.33 84.71
CA LYS CB 211 -67.01 -49.23 85.18
C LYS CB 211 -66.10 -48.77 84.06
N ALA CB 212 -65.34 -49.70 83.48
CA ALA CB 212 -64.83 -49.46 82.15
C ALA CB 212 -66.00 -49.34 81.19
N ILE CB 213 -65.80 -48.60 80.11
CA ILE CB 213 -66.82 -48.15 79.17
C ILE CB 213 -67.59 -46.98 79.76
N CYS CB 214 -67.61 -46.87 81.09
CA CYS CB 214 -68.02 -45.62 81.71
C CYS CB 214 -66.84 -44.66 81.84
N LEU CB 215 -65.69 -45.20 82.25
CA LEU CB 215 -64.48 -44.39 82.34
C LEU CB 215 -64.02 -43.95 80.96
N GLN CB 216 -64.30 -44.75 79.94
CA GLN CB 216 -63.73 -44.47 78.63
C GLN CB 216 -64.61 -43.56 77.79
N ILE CB 217 -65.73 -43.07 78.32
CA ILE CB 217 -66.63 -42.30 77.47
C ILE CB 217 -65.85 -41.05 77.05
N PRO CB 218 -65.70 -40.81 75.76
CA PRO CB 218 -64.98 -39.62 75.32
C PRO CB 218 -65.84 -38.38 75.48
N PHE CB 219 -65.17 -37.26 75.64
CA PHE CB 219 -65.85 -35.97 75.77
C PHE CB 219 -65.26 -35.02 74.76
N PHE CB 220 -66.07 -34.62 73.79
CA PHE CB 220 -65.64 -33.79 72.69
C PHE CB 220 -66.12 -32.38 72.91
N MET CB 221 -65.31 -31.43 72.50
CA MET CB 221 -65.60 -30.01 72.67
C MET CB 221 -65.20 -29.31 71.39
N LEU CB 222 -66.04 -28.41 70.93
CA LEU CB 222 -65.74 -27.72 69.70
C LEU CB 222 -64.84 -26.52 69.92
N GLU CB 223 -64.37 -26.30 71.15
CA GLU CB 223 -63.50 -25.16 71.36
C GLU CB 223 -62.11 -25.50 70.88
N ASN CB 224 -61.33 -26.29 71.63
CA ASN CB 224 -60.34 -27.20 71.05
C ASN CB 224 -59.77 -26.66 69.75
N SER CB 225 -59.96 -27.39 68.66
CA SER CB 225 -59.53 -26.94 67.35
C SER CB 225 -60.06 -25.55 67.04
N ASP CB 226 -59.21 -24.75 66.39
CA ASP CB 226 -59.52 -23.34 66.19
C ASP CB 226 -60.62 -23.15 65.17
N HIS CB 227 -61.27 -21.99 65.26
CA HIS CB 227 -62.36 -21.64 64.37
C HIS CB 227 -62.51 -20.13 64.33
N GLU CB 228 -63.26 -19.65 63.35
CA GLU CB 228 -63.36 -18.23 63.12
C GLU CB 228 -64.50 -17.62 63.93
N VAL CB 229 -64.27 -16.43 64.43
CA VAL CB 229 -65.31 -15.59 65.01
C VAL CB 229 -65.58 -14.48 64.00
N LEU CB 230 -66.83 -14.03 63.94
CA LEU CB 230 -67.22 -13.03 62.96
C LEU CB 230 -68.05 -11.96 63.65
N ARG CB 231 -67.68 -10.70 63.45
CA ARG CB 231 -68.63 -9.64 63.73
C ARG CB 231 -69.54 -9.50 62.52
N THR CB 232 -70.32 -8.42 62.50
CA THR CB 232 -71.28 -8.23 61.42
C THR CB 232 -70.62 -8.14 60.06
N GLY CB 233 -69.71 -7.19 59.87
CA GLY CB 233 -69.18 -6.92 58.54
C GLY CB 233 -68.47 -8.11 57.90
N GLU CB 234 -68.00 -9.06 58.69
CA GLU CB 234 -67.25 -10.19 58.19
C GLU CB 234 -68.18 -11.28 57.65
N SER CB 235 -67.64 -12.11 56.77
CA SER CB 235 -68.31 -13.31 56.27
C SER CB 235 -67.34 -14.48 56.26
N THR CB 236 -67.80 -15.61 55.76
CA THR CB 236 -66.98 -16.81 55.67
C THR CB 236 -67.46 -17.66 54.52
N GLU CB 237 -66.52 -18.36 53.88
CA GLU CB 237 -66.83 -19.31 52.83
C GLU CB 237 -66.34 -20.69 53.23
N PHE CB 238 -66.98 -21.71 52.68
CA PHE CB 238 -66.53 -23.09 52.84
C PHE CB 238 -66.75 -23.81 51.52
N THR CB 239 -65.81 -24.68 51.17
CA THR CB 239 -65.93 -25.50 49.99
C THR CB 239 -65.88 -26.98 50.37
N PHE CB 240 -66.41 -27.81 49.48
CA PHE CB 240 -66.41 -29.24 49.70
C PHE CB 240 -66.29 -29.93 48.36
N ASN CB 241 -65.60 -31.06 48.35
CA ASN CB 241 -65.53 -31.91 47.18
C ASN CB 241 -65.98 -33.30 47.58
N PHE CB 242 -66.56 -34.02 46.62
CA PHE CB 242 -67.20 -35.29 46.91
C PHE CB 242 -66.52 -36.40 46.12
N ASP CB 243 -66.04 -37.41 46.83
CA ASP CB 243 -65.81 -38.72 46.23
C ASP CB 243 -67.08 -39.51 46.48
N CYS CB 244 -67.83 -39.75 45.42
CA CYS CB 244 -69.24 -40.05 45.59
C CYS CB 244 -69.71 -40.98 44.48
N GLU CB 245 -70.63 -41.86 44.82
CA GLU CB 245 -71.21 -42.80 43.87
C GLU CB 245 -72.40 -42.18 43.17
N TRP CB 246 -72.55 -42.50 41.89
CA TRP CB 246 -73.71 -42.05 41.15
C TRP CB 246 -74.98 -42.59 41.77
N ILE CB 247 -76.06 -41.82 41.67
CA ILE CB 247 -77.41 -42.33 41.93
C ILE CB 247 -78.11 -42.38 40.60
N ASN CB 248 -78.65 -43.54 40.26
CA ASN CB 248 -79.09 -43.82 38.89
C ASN CB 248 -80.59 -43.68 38.78
N ASN CB 249 -81.03 -42.84 37.85
CA ASN CB 249 -82.43 -42.77 37.45
C ASN CB 249 -82.57 -43.54 36.17
N GLU CB 250 -83.18 -44.71 36.26
CA GLU CB 250 -83.24 -45.73 35.21
C GLU CB 250 -84.15 -46.82 35.70
N ARG CB 251 -84.65 -47.62 34.77
CA ARG CB 251 -85.64 -48.62 35.07
C ARG CB 251 -85.35 -49.87 34.27
N ALA CB 252 -85.37 -51.01 34.95
CA ALA CB 252 -85.26 -52.29 34.27
C ALA CB 252 -86.66 -52.77 33.95
N TYR CB 253 -86.94 -52.93 32.66
CA TYR CB 253 -88.25 -53.37 32.24
C TYR CB 253 -88.48 -54.86 32.44
N ILE CB 254 -87.43 -55.62 32.70
CA ILE CB 254 -87.54 -57.05 33.00
C ILE CB 254 -86.58 -57.40 34.13
N PRO CB 255 -86.86 -58.48 34.85
CA PRO CB 255 -85.90 -59.00 35.81
C PRO CB 255 -84.61 -59.37 35.11
N PRO CB 256 -83.49 -59.40 35.81
CA PRO CB 256 -82.24 -59.80 35.17
C PRO CB 256 -82.24 -61.25 34.71
N GLY CB 257 -82.99 -62.11 35.37
CA GLY CB 257 -83.07 -63.49 34.95
C GLY CB 257 -84.00 -63.74 33.79
N LEU CB 258 -84.69 -62.71 33.31
CA LEU CB 258 -85.63 -62.84 32.22
C LEU CB 258 -84.99 -62.50 30.87
N MET CB 259 -83.69 -62.30 30.84
CA MET CB 259 -82.99 -61.90 29.62
C MET CB 259 -82.57 -63.16 28.89
N PHE CB 260 -83.21 -63.42 27.75
CA PHE CB 260 -82.86 -64.54 26.87
C PHE CB 260 -83.81 -64.50 25.68
N ASN CB 261 -83.43 -65.19 24.63
CA ASN CB 261 -84.30 -65.30 23.47
C ASN CB 261 -85.17 -66.52 23.68
N PRO CB 262 -86.45 -66.35 23.97
CA PRO CB 262 -87.30 -67.51 24.27
C PRO CB 262 -87.60 -68.34 23.05
N LEU CB 263 -87.38 -67.80 21.86
CA LEU CB 263 -87.60 -68.58 20.65
C LEU CB 263 -86.58 -69.70 20.53
N VAL CB 264 -85.33 -69.44 20.87
CA VAL CB 264 -84.27 -70.41 20.63
C VAL CB 264 -84.34 -71.52 21.66
N PRO CB 265 -84.26 -72.79 21.27
CA PRO CB 265 -84.22 -73.87 22.27
C PRO CB 265 -82.94 -73.80 23.07
N THR CB 266 -82.96 -74.47 24.22
CA THR CB 266 -81.82 -74.48 25.11
C THR CB 266 -81.23 -75.87 25.22
N ARG CB 267 -79.93 -75.95 25.43
CA ARG CB 267 -79.30 -77.21 25.77
C ARG CB 267 -79.05 -77.29 27.27
N ARG CB 268 -79.92 -78.02 27.95
CA ARG CB 268 -79.95 -78.14 29.39
C ARG CB 268 -81.01 -79.17 29.73
N ALA CB 269 -81.01 -79.69 30.95
CA ALA CB 269 -81.98 -80.70 31.31
C ALA CB 269 -82.39 -80.54 32.76
N GLN CB 270 -83.57 -81.05 33.07
CA GLN CB 270 -84.14 -81.01 34.41
C GLN CB 270 -84.35 -82.44 34.87
N TYR CB 271 -83.59 -82.85 35.86
CA TYR CB 271 -83.90 -84.08 36.58
C TYR CB 271 -84.82 -83.68 37.73
N ILE CB 272 -85.87 -84.44 37.93
CA ILE CB 272 -86.82 -84.18 39.00
C ILE CB 272 -86.96 -85.42 39.85
N ARG CB 273 -86.72 -85.27 41.15
CA ARG CB 273 -86.73 -86.39 42.07
C ARG CB 273 -88.11 -87.05 42.12
N ARG CB 274 -88.13 -88.32 42.49
CA ARG CB 274 -89.38 -88.99 42.80
C ARG CB 274 -90.19 -88.16 43.79
N ASN CB 275 -91.47 -87.99 43.49
CA ASN CB 275 -92.25 -87.00 44.21
C ASN CB 275 -92.66 -87.49 45.60
N ASN CB 276 -92.75 -88.80 45.78
CA ASN CB 276 -93.11 -89.38 47.08
C ASN CB 276 -94.39 -88.77 47.61
N ASN CB 277 -95.51 -89.14 46.98
CA ASN CB 277 -96.81 -88.50 47.09
C ASN CB 277 -96.73 -87.16 46.36
N PRO CB 278 -97.81 -86.73 45.71
CA PRO CB 278 -98.94 -87.60 45.30
C PRO CB 278 -98.57 -88.71 44.32
N GLN CB 279 -97.81 -88.37 43.29
CA GLN CB 279 -97.67 -89.22 42.12
C GLN CB 279 -96.53 -88.69 41.25
N THR CB 280 -96.42 -89.15 40.00
CA THR CB 280 -95.43 -88.65 39.03
C THR CB 280 -94.00 -88.98 39.43
N ALA CB 281 -93.60 -90.23 39.21
CA ALA CB 281 -92.24 -90.68 39.47
C ALA CB 281 -91.23 -89.90 38.63
N GLU CB 282 -89.98 -89.96 39.07
CA GLU CB 282 -88.92 -89.10 38.56
C GLU CB 282 -88.77 -89.22 37.04
N SER CB 283 -88.41 -88.10 36.42
CA SER CB 283 -88.15 -88.06 34.98
C SER CB 283 -87.18 -86.93 34.70
N THR CB 284 -86.39 -87.10 33.64
CA THR CB 284 -85.54 -86.04 33.11
C THR CB 284 -86.11 -85.52 31.80
N SER CB 285 -85.89 -84.24 31.54
CA SER CB 285 -86.47 -83.60 30.37
C SER CB 285 -85.66 -82.38 30.01
N ARG CB 286 -85.79 -81.96 28.76
CA ARG CB 286 -85.12 -80.75 28.31
C ARG CB 286 -85.90 -79.52 28.76
N ILE CB 287 -85.16 -78.49 29.15
CA ILE CB 287 -85.78 -77.25 29.57
C ILE CB 287 -86.45 -76.58 28.38
N ALA CB 288 -87.67 -76.10 28.60
CA ALA CB 288 -88.44 -75.48 27.54
C ALA CB 288 -87.72 -74.27 26.98
N PRO CB 289 -87.97 -73.93 25.71
CA PRO CB 289 -87.27 -72.76 25.13
C PRO CB 289 -87.55 -71.48 25.88
N TYR CB 290 -88.82 -71.22 26.18
CA TYR CB 290 -89.17 -70.20 27.16
C TYR CB 290 -88.74 -70.67 28.53
N ALA CB 291 -88.62 -69.72 29.47
CA ALA CB 291 -88.33 -70.04 30.86
C ALA CB 291 -87.02 -70.81 30.99
N LYS CB 292 -85.98 -70.26 30.43
CA LYS CB 292 -84.66 -70.82 30.60
C LYS CB 292 -84.13 -70.49 31.99
N PRO CB 293 -83.30 -71.36 32.56
CA PRO CB 293 -82.73 -71.05 33.88
C PRO CB 293 -81.82 -69.85 33.81
N THR CB 294 -81.53 -69.31 34.99
CA THR CB 294 -80.72 -68.12 35.07
C THR CB 294 -79.70 -68.20 36.18
N SER CB 295 -78.65 -67.42 36.02
CA SER CB 295 -77.84 -66.93 37.12
C SER CB 295 -78.55 -65.74 37.75
N TRP CB 296 -77.78 -64.95 38.48
CA TRP CB 296 -78.31 -63.66 38.90
C TRP CB 296 -79.45 -63.80 39.91
N MET CB 297 -79.06 -64.15 41.11
CA MET CB 297 -79.86 -64.22 42.32
C MET CB 297 -80.43 -62.85 42.68
N THR CB 298 -81.50 -62.87 43.46
CA THR CB 298 -82.12 -61.64 43.92
C THR CB 298 -81.29 -60.96 45.01
N GLY CB 299 -81.50 -59.67 45.16
CA GLY CB 299 -80.82 -58.91 46.19
C GLY CB 299 -81.24 -59.34 47.58
N PRO CB 300 -80.39 -59.05 48.57
CA PRO CB 300 -80.65 -59.53 49.92
C PRO CB 300 -81.67 -58.71 50.66
N GLY CB 301 -82.32 -59.34 51.63
CA GLY CB 301 -83.27 -58.66 52.49
C GLY CB 301 -83.45 -59.49 53.75
N LEU CB 302 -84.10 -58.89 54.75
CA LEU CB 302 -84.51 -59.61 55.94
C LEU CB 302 -85.99 -59.37 56.18
N LEU CB 303 -86.81 -60.38 55.92
CA LEU CB 303 -88.25 -60.26 56.03
C LEU CB 303 -88.89 -60.96 57.23
N SER CB 304 -88.13 -61.65 58.07
CA SER CB 304 -88.79 -62.53 59.03
C SER CB 304 -89.29 -61.77 60.26
N ALA CB 305 -88.52 -60.79 60.71
CA ALA CB 305 -88.74 -60.13 61.98
C ALA CB 305 -90.01 -59.28 61.98
N GLN CB 306 -90.47 -58.92 63.18
CA GLN CB 306 -91.56 -57.99 63.36
C GLN CB 306 -91.19 -56.99 64.44
N ARG CB 307 -91.59 -55.73 64.24
CA ARG CB 307 -91.29 -54.70 65.23
C ARG CB 307 -91.88 -55.09 66.58
N VAL CB 308 -91.14 -54.76 67.64
CA VAL CB 308 -91.35 -55.34 68.96
C VAL CB 308 -91.76 -54.27 69.95
N GLY CB 309 -93.01 -54.35 70.42
CA GLY CB 309 -93.42 -53.62 71.59
C GLY CB 309 -93.95 -52.23 71.30
N PRO CB 310 -94.09 -51.43 72.35
CA PRO CB 310 -94.73 -50.12 72.21
C PRO CB 310 -93.80 -49.12 71.56
N ALA CB 311 -94.41 -48.09 70.99
CA ALA CB 311 -93.65 -46.99 70.42
C ALA CB 311 -92.91 -46.23 71.53
N THR CB 312 -91.90 -45.48 71.11
CA THR CB 312 -90.94 -44.73 71.94
C THR CB 312 -89.94 -45.68 72.58
N SER CB 313 -90.09 -46.98 72.43
CA SER CB 313 -89.15 -47.97 72.93
C SER CB 313 -88.12 -48.40 71.89
N ASP CB 314 -88.09 -47.74 70.73
CA ASP CB 314 -87.22 -48.13 69.62
C ASP CB 314 -87.57 -49.52 69.11
N THR CB 315 -88.68 -49.63 68.39
CA THR CB 315 -89.03 -50.89 67.78
C THR CB 315 -88.48 -50.94 66.37
N GLY CB 316 -87.43 -51.73 66.17
CA GLY CB 316 -86.81 -51.81 64.87
C GLY CB 316 -87.05 -53.08 64.08
N ALA CB 317 -87.54 -54.10 64.76
CA ALA CB 317 -87.67 -55.49 64.34
C ALA CB 317 -86.31 -56.16 64.17
N TRP CB 318 -85.23 -55.41 64.07
CA TRP CB 318 -83.88 -55.95 64.10
C TRP CB 318 -83.05 -55.00 64.95
N MET CB 319 -82.54 -55.49 66.07
CA MET CB 319 -81.70 -54.69 66.95
C MET CB 319 -80.28 -55.19 66.82
N VAL CB 320 -79.35 -54.27 66.58
CA VAL CB 320 -77.96 -54.65 66.40
C VAL CB 320 -77.29 -54.85 67.76
N ALA CB 321 -77.52 -53.95 68.70
CA ALA CB 321 -76.97 -53.99 70.04
C ALA CB 321 -75.47 -54.22 70.11
N VAL CB 322 -75.02 -54.78 71.24
CA VAL CB 322 -73.62 -55.11 71.48
C VAL CB 322 -73.49 -56.43 72.22
N LYS CB 323 -74.00 -56.48 73.45
CA LYS CB 323 -73.84 -57.60 74.36
C LYS CB 323 -72.37 -57.92 74.67
N PRO CB 324 -71.69 -57.07 75.44
CA PRO CB 324 -70.42 -57.49 76.03
C PRO CB 324 -70.65 -58.66 76.98
N GLU CB 325 -69.57 -59.39 77.26
CA GLU CB 325 -69.71 -60.73 77.79
C GLU CB 325 -70.35 -60.73 79.18
N ASN CB 326 -69.94 -59.80 80.04
CA ASN CB 326 -70.60 -59.71 81.33
C ASN CB 326 -71.56 -58.52 81.38
N ALA CB 327 -70.99 -57.35 81.58
CA ALA CB 327 -71.72 -56.09 81.72
C ALA CB 327 -72.85 -56.26 82.74
N SER CB 328 -73.97 -55.61 82.49
CA SER CB 328 -75.26 -55.94 83.08
C SER CB 328 -76.31 -55.26 82.21
N ILE CB 329 -77.52 -55.80 82.24
CA ILE CB 329 -78.56 -55.31 81.34
C ILE CB 329 -79.89 -55.31 82.08
N ASP CB 330 -80.63 -54.22 81.90
CA ASP CB 330 -81.98 -54.09 82.42
C ASP CB 330 -82.93 -54.85 81.51
N THR CB 331 -84.23 -54.63 81.64
CA THR CB 331 -85.16 -55.13 80.64
C THR CB 331 -84.67 -54.71 79.26
N GLY CB 332 -84.69 -55.66 78.33
CA GLY CB 332 -84.04 -55.45 77.05
C GLY CB 332 -82.81 -56.31 76.84
N MET CB 333 -82.27 -56.46 75.62
CA MET CB 333 -82.75 -55.96 74.31
C MET CB 333 -83.18 -54.47 74.33
N SER CB 334 -84.42 -54.18 73.95
CA SER CB 334 -85.00 -52.84 74.05
C SER CB 334 -84.14 -51.78 73.29
N GLY CB 335 -83.47 -50.76 73.88
CA GLY CB 335 -82.93 -50.63 75.23
C GLY CB 335 -81.42 -50.76 75.22
N ILE CB 336 -80.91 -51.45 74.20
CA ILE CB 336 -79.51 -51.41 73.82
C ILE CB 336 -79.46 -51.50 72.30
N GLY CB 337 -78.47 -50.84 71.72
CA GLY CB 337 -78.32 -50.87 70.28
C GLY CB 337 -79.45 -50.18 69.55
N SER CB 338 -79.44 -50.34 68.24
CA SER CB 338 -80.28 -49.56 67.34
C SER CB 338 -81.14 -50.47 66.49
N GLY CB 339 -82.32 -49.99 66.13
CA GLY CB 339 -83.15 -50.72 65.19
C GLY CB 339 -82.64 -50.57 63.78
N PHE CB 340 -82.66 -51.66 63.04
CA PHE CB 340 -82.23 -51.67 61.64
C PHE CB 340 -83.45 -51.48 60.75
N ASP CB 341 -83.44 -50.43 59.95
CA ASP CB 341 -84.61 -50.03 59.20
C ASP CB 341 -84.22 -49.44 57.85
N PRO CB 342 -84.97 -49.73 56.78
CA PRO CB 342 -85.85 -50.89 56.56
C PRO CB 342 -85.13 -52.15 56.17
N PRO CB 343 -85.39 -53.27 56.85
CA PRO CB 343 -85.29 -54.56 56.17
C PRO CB 343 -86.62 -54.96 55.53
N GLN CB 344 -86.71 -55.57 54.33
CA GLN CB 344 -85.92 -55.29 53.15
C GLN CB 344 -84.39 -55.41 53.33
N GLY CB 345 -83.49 -54.64 52.68
CA GLY CB 345 -83.64 -53.82 51.49
C GLY CB 345 -84.04 -54.62 50.28
N SER CB 346 -84.41 -53.93 49.21
CA SER CB 346 -84.94 -54.57 48.01
C SER CB 346 -86.08 -55.50 48.39
N LEU CB 347 -86.13 -56.68 47.75
CA LEU CB 347 -86.87 -57.84 48.25
C LEU CB 347 -88.26 -57.44 48.71
N ALA CB 348 -89.18 -57.20 47.78
CA ALA CB 348 -90.39 -56.44 48.03
C ALA CB 348 -91.07 -56.86 49.33
N PRO CB 349 -91.46 -55.92 50.18
CA PRO CB 349 -91.90 -56.25 51.54
C PRO CB 349 -93.28 -56.88 51.58
N THR CB 350 -93.58 -57.47 52.72
CA THR CB 350 -94.87 -58.10 52.95
C THR CB 350 -95.92 -57.06 53.27
N ASN CB 351 -95.81 -56.40 54.42
CA ASN CB 351 -96.81 -55.41 54.78
C ASN CB 351 -96.17 -54.05 54.98
N LEU CB 352 -97.00 -53.10 55.41
CA LEU CB 352 -96.62 -51.71 55.60
C LEU CB 352 -95.45 -51.57 56.56
N GLU CB 353 -95.28 -52.54 57.45
CA GLU CB 353 -94.31 -52.43 58.52
C GLU CB 353 -92.89 -52.24 58.01
N TYR CB 354 -92.60 -52.75 56.81
CA TYR CB 354 -91.29 -52.64 56.20
C TYR CB 354 -91.18 -51.53 55.17
N LYS CB 355 -92.24 -50.77 54.95
CA LYS CB 355 -92.40 -49.98 53.73
C LYS CB 355 -91.81 -48.58 53.86
N ILE CB 356 -91.05 -48.34 54.92
CA ILE CB 356 -90.60 -47.04 55.40
C ILE CB 356 -91.84 -46.20 55.67
N GLN CB 357 -91.69 -44.87 55.71
CA GLN CB 357 -92.76 -43.91 55.91
C GLN CB 357 -92.07 -42.60 56.28
N TRP CB 358 -92.73 -41.45 56.14
CA TRP CB 358 -92.28 -40.25 56.84
C TRP CB 358 -93.40 -39.23 56.84
N TYR CB 359 -93.29 -38.25 57.74
CA TYR CB 359 -94.40 -37.31 57.90
C TYR CB 359 -94.21 -36.04 57.09
N GLN CB 360 -93.01 -35.82 56.55
CA GLN CB 360 -92.68 -34.61 55.77
C GLN CB 360 -93.21 -33.33 56.40
N THR CB 361 -93.24 -33.29 57.73
CA THR CB 361 -93.82 -32.18 58.49
C THR CB 361 -93.63 -32.46 59.97
N PRO CB 362 -93.17 -31.47 60.74
CA PRO CB 362 -93.09 -31.67 62.19
C PRO CB 362 -94.45 -31.70 62.86
N GLN CB 363 -95.45 -31.04 62.28
CA GLN CB 363 -96.79 -31.05 62.87
C GLN CB 363 -97.49 -32.38 62.64
N GLY CB 364 -96.89 -33.29 61.88
CA GLY CB 364 -97.54 -34.55 61.54
C GLY CB 364 -97.86 -35.41 62.74
N THR CB 365 -99.15 -35.75 62.89
CA THR CB 365 -99.61 -36.63 63.94
C THR CB 365 -99.46 -38.08 63.47
N ASN CB 366 -100.04 -39.03 64.19
CA ASN CB 366 -99.86 -40.43 63.86
C ASN CB 366 -100.22 -40.72 62.40
N ASN CB 367 -101.46 -40.44 62.01
CA ASN CB 367 -101.83 -40.43 60.60
C ASN CB 367 -102.21 -39.01 60.21
N ASN CB 368 -101.29 -38.34 59.52
CA ASN CB 368 -101.37 -37.00 58.95
C ASN CB 368 -100.00 -36.78 58.34
N GLY CB 369 -99.87 -35.91 57.36
CA GLY CB 369 -98.63 -35.96 56.63
C GLY CB 369 -98.51 -37.39 56.14
N ASN CB 370 -97.46 -38.07 56.60
CA ASN CB 370 -97.45 -39.54 56.64
C ASN CB 370 -97.47 -40.15 55.24
N ILE CB 371 -96.62 -39.66 54.37
CA ILE CB 371 -96.54 -40.26 53.04
C ILE CB 371 -95.71 -41.53 53.13
N ILE CB 372 -96.17 -42.56 52.46
CA ILE CB 372 -95.60 -43.89 52.61
C ILE CB 372 -94.93 -44.28 51.31
N SER CB 373 -93.77 -44.92 51.41
CA SER CB 373 -93.06 -45.34 50.22
C SER CB 373 -93.87 -46.38 49.46
N ASN CB 374 -93.57 -46.50 48.16
CA ASN CB 374 -94.35 -47.35 47.27
C ASN CB 374 -93.40 -48.03 46.30
N GLN CB 375 -93.91 -49.00 45.55
CA GLN CB 375 -93.05 -49.70 44.62
C GLN CB 375 -92.81 -48.87 43.36
N PRO CB 376 -91.57 -48.77 42.89
CA PRO CB 376 -91.30 -47.99 41.68
C PRO CB 376 -91.88 -48.61 40.43
N LEU CB 377 -92.28 -49.88 40.49
CA LEU CB 377 -92.69 -50.71 39.37
C LEU CB 377 -91.49 -51.08 38.51
N SER CB 378 -90.30 -50.57 38.82
CA SER CB 378 -89.07 -51.11 38.27
C SER CB 378 -88.95 -52.58 38.63
N MET CB 379 -88.36 -53.36 37.72
CA MET CB 379 -88.35 -54.80 37.89
C MET CB 379 -87.14 -55.33 38.63
N LEU CB 380 -86.26 -54.48 39.14
CA LEU CB 380 -85.02 -55.01 39.68
C LEU CB 380 -85.05 -55.71 41.04
N ARG CB 381 -85.23 -55.11 42.23
CA ARG CB 381 -86.07 -54.00 42.77
C ARG CB 381 -87.43 -54.52 43.30
N ASP CB 382 -87.77 -55.78 43.03
CA ASP CB 382 -88.92 -56.38 43.68
C ASP CB 382 -88.50 -57.65 44.40
N GLN CB 383 -88.06 -58.64 43.64
CA GLN CB 383 -87.16 -59.68 44.12
C GLN CB 383 -87.75 -60.47 45.30
N ALA CB 384 -88.71 -61.33 44.97
CA ALA CB 384 -89.04 -62.38 45.91
C ALA CB 384 -87.97 -63.48 45.85
N LEU CB 385 -88.15 -64.51 46.68
CA LEU CB 385 -87.41 -65.74 46.53
C LEU CB 385 -88.25 -66.85 47.16
N PHE CB 386 -88.17 -68.05 46.60
CA PHE CB 386 -89.20 -69.06 46.83
C PHE CB 386 -88.66 -70.36 47.41
N ARG CB 387 -87.69 -71.00 46.78
CA ARG CB 387 -87.17 -72.28 47.30
C ARG CB 387 -88.33 -73.28 47.33
N GLY CB 388 -88.32 -74.22 48.27
CA GLY CB 388 -89.42 -75.15 48.51
C GLY CB 388 -89.84 -75.94 47.29
N ASN CB 389 -90.93 -76.68 47.44
CA ASN CB 389 -91.17 -77.49 48.62
C ASN CB 389 -90.91 -78.91 48.18
N GLN CB 390 -90.60 -79.03 46.89
CA GLN CB 390 -90.77 -80.18 46.00
C GLN CB 390 -92.19 -80.22 45.46
N THR CB 391 -93.11 -79.45 46.02
CA THR CB 391 -94.50 -79.38 45.60
C THR CB 391 -94.92 -77.93 45.34
N THR CB 392 -94.75 -77.06 46.33
CA THR CB 392 -95.13 -75.66 46.24
C THR CB 392 -93.90 -74.81 46.49
N TYR CB 393 -93.91 -73.58 45.96
CA TYR CB 393 -92.90 -72.58 46.32
C TYR CB 393 -93.38 -71.81 47.54
N ASN CB 394 -92.46 -71.51 48.45
CA ASN CB 394 -92.79 -70.82 49.69
C ASN CB 394 -91.83 -69.67 49.92
N LEU CB 395 -92.36 -68.44 49.88
CA LEU CB 395 -91.52 -67.25 50.06
C LEU CB 395 -90.66 -67.39 51.31
N CYS CB 396 -89.37 -67.14 51.15
CA CYS CB 396 -88.40 -67.43 52.20
C CYS CB 396 -87.92 -66.14 52.86
N SER CB 397 -87.87 -66.16 54.18
CA SER CB 397 -87.26 -65.11 54.98
C SER CB 397 -85.75 -65.11 54.77
N ASP CB 398 -85.12 -64.02 55.23
CA ASP CB 398 -83.69 -63.78 55.03
C ASP CB 398 -83.39 -63.58 53.56
N VAL CB 399 -82.57 -64.43 52.95
CA VAL CB 399 -81.81 -64.12 51.73
C VAL CB 399 -80.69 -63.14 52.04
N TRP CB 400 -79.61 -63.65 52.62
CA TRP CB 400 -78.36 -62.95 52.85
C TRP CB 400 -77.60 -62.74 51.55
N MET CB 401 -76.38 -62.22 51.65
CA MET CB 401 -75.57 -62.00 50.45
C MET CB 401 -75.19 -63.31 49.79
N PHE CB 402 -75.13 -63.28 48.47
CA PHE CB 402 -74.88 -64.43 47.63
C PHE CB 402 -74.16 -63.96 46.38
N PRO CB 403 -73.28 -64.78 45.78
CA PRO CB 403 -72.38 -64.28 44.74
C PRO CB 403 -73.02 -63.58 43.56
N ASN CB 404 -74.10 -64.10 43.02
CA ASN CB 404 -74.64 -63.58 41.78
C ASN CB 404 -75.70 -62.52 41.98
N GLN CB 405 -75.90 -62.05 43.19
CA GLN CB 405 -77.04 -61.19 43.46
C GLN CB 405 -76.99 -59.87 42.71
N ILE CB 406 -78.15 -59.43 42.25
CA ILE CB 406 -78.35 -58.06 41.79
C ILE CB 406 -79.56 -57.49 42.50
N TRP CB 407 -79.41 -56.27 43.01
CA TRP CB 407 -80.54 -55.52 43.49
C TRP CB 407 -80.37 -54.10 42.98
N ASP CB 408 -81.42 -53.33 43.09
CA ASP CB 408 -81.38 -51.94 42.67
C ASP CB 408 -81.47 -51.07 43.91
N ARG CB 409 -80.59 -50.08 43.97
CA ARG CB 409 -80.57 -49.20 45.12
C ARG CB 409 -81.92 -48.50 45.26
N TYR CB 410 -82.27 -48.14 46.49
CA TYR CB 410 -83.58 -47.57 46.76
C TYR CB 410 -83.84 -46.40 45.82
N PRO CB 411 -85.04 -46.31 45.24
CA PRO CB 411 -85.29 -45.32 44.18
C PRO CB 411 -85.20 -43.89 44.64
N ILE CB 412 -85.16 -43.67 45.95
CA ILE CB 412 -85.23 -42.39 46.64
C ILE CB 412 -86.41 -41.57 46.13
N THR CB 413 -86.27 -40.24 46.21
CA THR CB 413 -87.33 -39.27 45.92
C THR CB 413 -86.80 -37.90 46.31
N ARG CB 414 -87.60 -36.86 46.10
CA ARG CB 414 -87.15 -35.51 46.43
C ARG CB 414 -86.97 -35.29 47.93
N GLU CB 415 -87.64 -36.09 48.76
CA GLU CB 415 -87.64 -35.89 50.20
C GLU CB 415 -86.46 -36.54 50.92
N ASN CB 416 -85.58 -37.18 50.22
CA ASN CB 416 -84.61 -38.03 50.86
C ASN CB 416 -83.34 -37.28 51.23
N PRO CB 417 -82.59 -37.79 52.20
CA PRO CB 417 -81.25 -37.28 52.42
C PRO CB 417 -80.33 -37.63 51.28
N ILE CB 418 -79.44 -36.69 50.94
CA ILE CB 418 -78.52 -36.91 49.84
C ILE CB 418 -77.49 -37.95 50.21
N TRP CB 419 -76.83 -37.77 51.35
CA TRP CB 419 -75.70 -38.60 51.74
C TRP CB 419 -75.87 -39.09 53.16
N CYS CB 420 -75.02 -40.04 53.52
CA CYS CB 420 -74.86 -40.56 54.87
C CYS CB 420 -73.39 -40.88 55.05
N LYS CB 421 -72.89 -40.66 56.26
CA LYS CB 421 -71.46 -40.91 56.50
C LYS CB 421 -71.21 -42.38 56.74
N LYS CB 422 -70.27 -42.94 55.99
CA LYS CB 422 -69.85 -44.32 56.20
C LYS CB 422 -68.86 -44.35 57.37
N PRO CB 423 -69.23 -44.98 58.48
CA PRO CB 423 -68.34 -44.97 59.65
C PRO CB 423 -67.03 -45.69 59.40
N ARG CB 424 -65.96 -45.13 59.95
CA ARG CB 424 -64.63 -45.70 59.77
C ARG CB 424 -64.52 -47.01 60.53
N SER CB 425 -64.14 -48.05 59.82
CA SER CB 425 -63.97 -49.36 60.44
C SER CB 425 -63.03 -50.18 59.57
N ASP CB 426 -62.48 -51.23 60.17
CA ASP CB 426 -61.53 -52.07 59.45
C ASP CB 426 -62.18 -52.71 58.23
N LYS CB 427 -63.26 -53.45 58.45
CA LYS CB 427 -63.88 -54.25 57.41
C LYS CB 427 -65.33 -53.82 57.21
N HIS CB 428 -65.80 -53.98 55.97
CA HIS CB 428 -67.19 -53.73 55.66
C HIS CB 428 -67.55 -54.44 54.38
N THR CB 429 -68.86 -54.62 54.18
CA THR CB 429 -69.41 -55.22 52.97
C THR CB 429 -69.76 -54.14 51.95
N THR CB 430 -70.62 -54.48 50.97
CA THR CB 430 -70.80 -53.67 49.78
C THR CB 430 -71.12 -52.20 50.08
N ILE CB 431 -71.72 -51.91 51.23
CA ILE CB 431 -72.15 -50.56 51.61
C ILE CB 431 -73.18 -50.02 50.63
N ASP CB 432 -74.39 -50.58 50.66
CA ASP CB 432 -75.52 -49.93 50.01
C ASP CB 432 -76.55 -49.57 51.06
N PRO CB 433 -76.69 -48.31 51.45
CA PRO CB 433 -77.70 -47.97 52.46
C PRO CB 433 -79.11 -48.18 51.94
N PHE CB 434 -79.96 -48.73 52.79
CA PHE CB 434 -81.32 -49.02 52.39
C PHE CB 434 -82.25 -47.82 52.54
N ASP CB 435 -81.72 -46.69 52.98
CA ASP CB 435 -82.44 -45.43 53.00
C ASP CB 435 -82.30 -44.71 51.67
N GLY CB 436 -81.72 -45.38 50.68
CA GLY CB 436 -81.22 -44.67 49.52
C GLY CB 436 -80.01 -43.88 49.97
N SER CB 437 -80.06 -42.57 49.76
CA SER CB 437 -78.96 -41.69 50.13
C SER CB 437 -77.64 -42.17 49.56
N LEU CB 438 -76.57 -42.00 50.30
CA LEU CB 438 -75.23 -42.30 49.81
C LEU CB 438 -74.33 -42.52 51.00
N ALA CB 439 -73.19 -43.14 50.75
CA ALA CB 439 -72.17 -43.32 51.77
C ALA CB 439 -70.88 -42.69 51.28
N MET CB 440 -70.24 -41.93 52.16
CA MET CB 440 -68.97 -41.32 51.82
C MET CB 440 -68.03 -41.43 53.00
N ASP CB 441 -66.75 -41.63 52.71
CA ASP CB 441 -65.73 -41.56 53.75
C ASP CB 441 -65.82 -40.23 54.47
N HIS CB 442 -65.68 -39.14 53.73
CA HIS CB 442 -65.85 -37.80 54.26
C HIS CB 442 -67.02 -37.14 53.55
N PRO CB 443 -68.17 -37.04 54.19
CA PRO CB 443 -69.26 -36.26 53.63
C PRO CB 443 -68.96 -34.78 53.76
N PRO CB 444 -69.88 -33.91 53.37
CA PRO CB 444 -69.70 -32.48 53.70
C PRO CB 444 -69.52 -32.31 55.19
N GLY CB 445 -68.45 -31.62 55.57
CA GLY CB 445 -68.21 -31.36 56.98
C GLY CB 445 -69.30 -30.48 57.54
N THR CB 446 -69.85 -30.90 58.67
CA THR CB 446 -70.90 -30.11 59.30
C THR CB 446 -70.34 -28.78 59.75
N ILE CB 447 -71.05 -27.71 59.41
CA ILE CB 447 -70.66 -26.37 59.81
C ILE CB 447 -71.36 -26.05 61.11
N PHE CB 448 -70.58 -25.75 62.14
CA PHE CB 448 -71.09 -25.46 63.47
C PHE CB 448 -71.00 -23.96 63.70
N ILE CB 449 -71.93 -23.45 64.49
CA ILE CB 449 -72.01 -22.02 64.73
C ILE CB 449 -72.57 -21.79 66.13
N LYS CB 450 -72.04 -20.78 66.81
CA LYS CB 450 -72.37 -20.51 68.20
C LYS CB 450 -72.37 -19.00 68.40
N MET CB 451 -72.93 -18.55 69.51
CA MET CB 451 -73.20 -17.14 69.73
C MET CB 451 -72.13 -16.40 70.52
N ALA CB 452 -71.00 -17.02 70.83
CA ALA CB 452 -69.90 -16.27 71.43
C ALA CB 452 -70.29 -15.63 72.75
N LYS CB 453 -70.29 -16.42 73.82
CA LYS CB 453 -70.78 -15.97 75.11
C LYS CB 453 -70.21 -14.62 75.49
N ILE CB 454 -71.10 -13.70 75.83
CA ILE CB 454 -70.70 -12.39 76.32
C ILE CB 454 -71.13 -12.32 77.77
N PRO CB 455 -70.20 -12.43 78.71
CA PRO CB 455 -70.59 -12.48 80.12
C PRO CB 455 -70.91 -11.09 80.65
N VAL CB 456 -71.36 -11.06 81.89
CA VAL CB 456 -71.72 -9.79 82.53
C VAL CB 456 -71.26 -9.88 83.98
N PRO CB 457 -70.80 -8.79 84.56
CA PRO CB 457 -70.22 -8.86 85.91
C PRO CB 457 -71.27 -9.07 86.97
N SER CB 458 -70.86 -9.78 88.03
CA SER CB 458 -71.73 -10.00 89.18
C SER CB 458 -70.86 -10.20 90.41
N ASN CB 459 -71.52 -10.32 91.57
CA ASN CB 459 -70.81 -10.46 92.84
C ASN CB 459 -70.42 -11.90 93.12
N ASN CB 460 -71.30 -12.84 92.83
CA ASN CB 460 -71.18 -14.23 93.27
C ASN CB 460 -69.81 -14.91 93.05
N ASN CB 461 -69.21 -14.84 91.86
CA ASN CB 461 -69.73 -14.15 90.69
C ASN CB 461 -70.31 -15.14 89.70
N ALA CB 462 -70.83 -14.60 88.60
CA ALA CB 462 -71.42 -15.38 87.52
C ALA CB 462 -72.56 -16.29 88.07
N ASP CB 463 -72.91 -17.42 87.45
CA ASP CB 463 -72.90 -17.60 86.00
C ASP CB 463 -73.99 -16.74 85.38
N SER CB 464 -73.56 -15.85 84.50
CA SER CB 464 -74.48 -14.94 83.85
C SER CB 464 -73.88 -14.51 82.53
N TYR CB 465 -74.74 -14.17 81.58
CA TYR CB 465 -74.30 -13.86 80.23
C TYR CB 465 -75.34 -12.97 79.58
N LEU CB 466 -74.94 -12.36 78.48
CA LEU CB 466 -75.79 -11.43 77.77
C LEU CB 466 -76.59 -12.18 76.73
N ASN CB 467 -77.87 -11.85 76.61
CA ASN CB 467 -78.81 -12.63 75.80
C ASN CB 467 -78.86 -12.02 74.40
N ILE CB 468 -78.36 -12.76 73.41
CA ILE CB 468 -78.25 -12.29 72.03
C ILE CB 468 -78.64 -13.42 71.09
N TYR CB 469 -78.80 -13.08 69.83
CA TYR CB 469 -78.97 -14.08 68.78
C TYR CB 469 -78.41 -13.54 67.49
N CYS CB 470 -78.11 -14.44 66.57
CA CYS CB 470 -77.52 -14.08 65.31
C CYS CB 470 -78.50 -14.36 64.20
N THR CB 471 -78.34 -13.65 63.09
CA THR CB 471 -79.21 -13.80 61.95
C THR CB 471 -78.38 -13.52 60.72
N GLY CB 472 -78.59 -14.30 59.67
CA GLY CB 472 -77.75 -14.12 58.50
C GLY CB 472 -78.23 -14.99 57.37
N GLN CB 473 -77.36 -15.12 56.37
CA GLN CB 473 -77.74 -15.78 55.14
C GLN CB 473 -76.70 -16.80 54.75
N VAL CB 474 -77.12 -18.06 54.61
CA VAL CB 474 -76.29 -19.12 54.08
C VAL CB 474 -76.64 -19.27 52.61
N SER CB 475 -75.63 -19.43 51.78
CA SER CB 475 -75.85 -19.76 50.37
C SER CB 475 -75.14 -21.06 50.10
N CYS CB 476 -75.89 -22.12 49.86
CA CYS CB 476 -75.33 -23.41 49.53
C CYS CB 476 -75.45 -23.61 48.03
N GLU CB 477 -74.32 -23.54 47.35
CA GLU CB 477 -74.27 -23.68 45.89
C GLU CB 477 -73.50 -24.95 45.58
N ILE CB 478 -74.19 -25.96 45.06
CA ILE CB 478 -73.58 -27.26 44.84
C ILE CB 478 -73.68 -27.62 43.37
N VAL CB 479 -72.65 -28.26 42.85
CA VAL CB 479 -72.56 -28.66 41.47
C VAL CB 479 -72.80 -30.15 41.38
N TRP CB 480 -73.55 -30.57 40.38
CA TRP CB 480 -73.96 -31.96 40.23
C TRP CB 480 -73.40 -32.50 38.94
N GLU CB 481 -72.54 -33.51 39.03
CA GLU CB 481 -72.22 -34.28 37.85
C GLU CB 481 -73.47 -34.98 37.37
N VAL CB 482 -73.80 -34.78 36.10
CA VAL CB 482 -75.08 -35.24 35.57
C VAL CB 482 -74.84 -35.84 34.20
N GLU CB 483 -75.61 -36.87 33.87
CA GLU CB 483 -75.47 -37.57 32.59
C GLU CB 483 -76.83 -37.74 31.96
N ARG CB 484 -76.91 -37.47 30.66
CA ARG CB 484 -78.17 -37.39 29.95
C ARG CB 484 -78.42 -38.67 29.16
N TYR CB 485 -79.68 -39.06 29.05
CA TYR CB 485 -79.99 -40.40 28.57
C TYR CB 485 -80.31 -40.40 27.08
N ALA CB 486 -79.88 -41.47 26.42
CA ALA CB 486 -80.29 -41.78 25.07
C ALA CB 486 -80.64 -43.25 25.01
N THR CB 487 -81.66 -43.58 24.24
CA THR CB 487 -82.10 -44.97 24.20
C THR CB 487 -82.71 -45.28 22.85
N LYS CB 488 -82.75 -46.57 22.53
CA LYS CB 488 -83.30 -47.05 21.28
C LYS CB 488 -84.75 -47.48 21.39
N ASN CB 489 -85.36 -47.31 22.55
CA ASN CB 489 -86.77 -47.67 22.69
C ASN CB 489 -87.61 -46.87 21.72
N TRP CB 490 -88.60 -47.54 21.14
CA TRP CB 490 -89.51 -46.88 20.21
C TRP CB 490 -90.60 -46.12 20.95
N ARG CB 491 -90.99 -46.58 22.11
CA ARG CB 491 -92.19 -46.14 22.80
C ARG CB 491 -91.95 -44.95 23.72
N PRO CB 492 -93.02 -44.26 24.10
CA PRO CB 492 -92.87 -42.98 24.81
C PRO CB 492 -92.19 -43.01 26.17
N GLU CB 493 -92.01 -44.16 26.80
CA GLU CB 493 -91.48 -44.29 28.18
C GLU CB 493 -92.40 -43.51 29.13
N ARG CB 494 -91.87 -42.85 30.15
CA ARG CB 494 -92.68 -42.31 31.23
C ARG CB 494 -91.98 -41.08 31.79
N ARG CB 495 -92.78 -40.13 32.25
CA ARG CB 495 -92.25 -38.90 32.83
C ARG CB 495 -93.04 -38.61 34.10
N HIS CB 496 -92.73 -37.47 34.72
CA HIS CB 496 -93.48 -37.03 35.89
C HIS CB 496 -94.33 -35.82 35.49
N THR CB 497 -95.62 -36.05 35.34
CA THR CB 497 -96.60 -35.01 35.16
C THR CB 497 -97.00 -34.42 36.50
N THR CB 498 -97.51 -33.19 36.44
CA THR CB 498 -98.32 -32.69 37.55
C THR CB 498 -99.58 -33.51 37.75
N PHE CB 499 -100.00 -34.31 36.76
CA PHE CB 499 -101.23 -35.04 36.95
C PHE CB 499 -101.13 -36.10 38.04
N GLY CB 500 -99.93 -36.55 38.36
CA GLY CB 500 -99.76 -37.35 39.56
C GLY CB 500 -100.10 -36.56 40.81
N LEU CB 501 -99.93 -35.24 40.74
CA LEU CB 501 -100.20 -34.35 41.85
C LEU CB 501 -101.70 -34.19 42.05
N GLY CB 502 -102.10 -33.70 43.21
CA GLY CB 502 -103.50 -33.52 43.52
C GLY CB 502 -103.72 -32.30 44.37
N ILE CB 503 -104.98 -31.87 44.42
CA ILE CB 503 -105.38 -30.58 44.99
C ILE CB 503 -105.48 -30.71 46.51
N GLY CB 504 -105.16 -29.64 47.22
CA GLY CB 504 -105.24 -29.69 48.67
C GLY CB 504 -105.10 -28.33 49.32
N GLY CB 505 -105.32 -28.33 50.63
CA GLY CB 505 -105.13 -27.20 51.53
C GLY CB 505 -106.37 -26.33 51.65
N ALA CB 506 -106.58 -25.79 52.85
CA ALA CB 506 -107.68 -24.89 53.18
C ALA CB 506 -109.01 -25.34 52.58
N ASP CB 507 -109.74 -24.40 51.99
CA ASP CB 507 -110.66 -24.75 50.93
C ASP CB 507 -109.85 -25.30 49.77
N ASN CB 508 -110.33 -26.39 49.16
CA ASN CB 508 -109.44 -27.31 48.46
C ASN CB 508 -108.50 -26.61 47.50
N LEU CB 509 -108.81 -25.38 47.10
CA LEU CB 509 -108.07 -24.67 46.08
C LEU CB 509 -106.57 -24.65 46.36
N ASN CB 510 -105.80 -24.55 45.27
CA ASN CB 510 -104.37 -24.66 45.06
C ASN CB 510 -104.01 -26.14 44.97
N PRO CB 511 -103.11 -26.54 44.07
CA PRO CB 511 -102.95 -27.99 43.87
C PRO CB 511 -102.11 -28.72 44.91
N THR CB 512 -100.79 -28.56 44.83
CA THR CB 512 -99.93 -29.35 45.71
C THR CB 512 -98.70 -28.58 46.16
N TYR CB 513 -97.78 -28.28 45.27
CA TYR CB 513 -96.65 -27.44 45.66
C TYR CB 513 -97.04 -26.00 45.38
N HIS CB 514 -97.44 -25.30 46.44
CA HIS CB 514 -98.11 -24.02 46.26
C HIS CB 514 -98.54 -23.54 47.63
N VAL CB 515 -98.82 -22.24 47.71
CA VAL CB 515 -99.21 -21.63 48.96
C VAL CB 515 -100.71 -21.76 49.22
N ASP CB 516 -101.07 -21.71 50.50
CA ASP CB 516 -102.44 -21.67 50.98
C ASP CB 516 -102.90 -20.22 51.07
N LYS CB 517 -104.01 -19.93 51.74
CA LYS CB 517 -104.57 -18.57 51.65
C LYS CB 517 -104.38 -17.42 52.68
N ASN CB 518 -103.88 -17.50 53.94
CA ASN CB 518 -103.57 -18.62 54.84
C ASN CB 518 -102.19 -19.18 54.60
N GLY CB 519 -101.43 -18.57 53.69
CA GLY CB 519 -100.45 -19.30 52.94
C GLY CB 519 -99.53 -20.18 53.74
N THR CB 520 -99.68 -21.47 53.47
CA THR CB 520 -98.89 -22.54 54.02
C THR CB 520 -98.65 -23.50 52.88
N TYR CB 521 -97.39 -23.76 52.59
CA TYR CB 521 -97.02 -24.60 51.47
C TYR CB 521 -97.70 -25.95 51.57
N ILE CB 522 -98.47 -26.32 50.55
CA ILE CB 522 -99.23 -27.55 50.63
C ILE CB 522 -98.29 -28.74 50.50
N GLN CB 523 -98.42 -29.66 51.33
CA GLN CB 523 -97.45 -30.72 51.21
C GLN CB 523 -97.96 -31.81 50.27
N PRO CB 524 -97.05 -32.45 49.55
CA PRO CB 524 -97.42 -33.58 48.70
C PRO CB 524 -97.89 -34.75 49.53
N THR CB 525 -99.03 -35.33 49.14
CA THR CB 525 -99.66 -36.41 49.87
C THR CB 525 -99.48 -37.73 49.12
N THR CB 526 -98.98 -38.73 49.84
CA THR CB 526 -98.37 -40.01 49.45
C THR CB 526 -97.16 -39.90 48.51
N TRP CB 527 -96.87 -40.99 47.81
CA TRP CB 527 -95.50 -41.22 47.33
C TRP CB 527 -95.27 -40.63 45.95
N ASP CB 528 -96.22 -40.80 45.03
CA ASP CB 528 -96.02 -40.36 43.66
C ASP CB 528 -95.88 -38.86 43.53
N MET CB 529 -96.53 -38.10 44.43
CA MET CB 529 -96.40 -36.65 44.44
C MET CB 529 -94.95 -36.24 44.35
N CYS CB 530 -94.19 -36.50 45.41
CA CYS CB 530 -92.74 -36.46 45.32
C CYS CB 530 -92.31 -37.37 44.19
N PHE CB 531 -91.51 -36.85 43.27
CA PHE CB 531 -91.29 -37.59 42.04
C PHE CB 531 -90.03 -38.41 42.15
N PRO CB 532 -90.13 -39.73 42.33
CA PRO CB 532 -88.92 -40.52 42.60
C PRO CB 532 -88.15 -40.76 41.32
N VAL CB 533 -86.82 -40.77 41.44
CA VAL CB 533 -86.05 -41.28 40.33
C VAL CB 533 -86.22 -42.80 40.29
N LYS CB 534 -85.83 -43.39 39.17
CA LYS CB 534 -85.76 -44.83 38.93
C LYS CB 534 -87.11 -45.37 38.48
N THR CB 535 -88.16 -44.54 38.47
CA THR CB 535 -89.44 -44.92 37.90
C THR CB 535 -89.56 -44.52 36.44
N ASN CB 536 -88.54 -43.91 35.87
CA ASN CB 536 -88.62 -43.38 34.52
C ASN CB 536 -87.51 -43.95 33.65
N ILE CB 537 -87.46 -43.45 32.43
CA ILE CB 537 -86.56 -43.88 31.37
C ILE CB 537 -86.69 -45.39 31.22
N ASN CB 538 -85.62 -46.05 30.82
CA ASN CB 538 -85.48 -47.50 30.77
C ASN CB 538 -84.01 -47.81 30.65
N LYS CB 539 -83.64 -49.05 30.95
CA LYS CB 539 -82.30 -49.52 30.65
C LYS CB 539 -82.37 -50.97 30.19
N VAL CB 540 -81.70 -51.26 29.08
CA VAL CB 540 -81.44 -52.65 28.76
C VAL CB 540 -80.43 -53.18 29.76
N LEU CB 541 -80.78 -54.28 30.42
CA LEU CB 541 -79.88 -54.84 31.41
C LEU CB 541 -78.70 -55.51 30.74
N GLY DB 34 -11.49 -59.51 56.31
CA GLY DB 34 -11.03 -60.85 56.07
C GLY DB 34 -12.14 -61.81 55.68
N SER DB 35 -11.78 -63.09 55.51
CA SER DB 35 -12.74 -64.12 55.13
C SER DB 35 -12.21 -65.47 55.57
N GLY DB 36 -13.13 -66.44 55.64
CA GLY DB 36 -12.76 -67.81 55.98
C GLY DB 36 -13.10 -68.14 57.42
N VAL DB 37 -12.76 -69.36 57.80
CA VAL DB 37 -12.95 -69.80 59.17
C VAL DB 37 -12.11 -68.92 60.10
N GLY DB 38 -12.66 -68.63 61.28
CA GLY DB 38 -11.99 -67.78 62.22
C GLY DB 38 -12.30 -66.32 62.09
N ILE DB 39 -13.15 -65.93 61.14
CA ILE DB 39 -13.58 -64.56 60.96
C ILE DB 39 -15.10 -64.57 60.98
N SER DB 40 -15.69 -63.94 61.99
CA SER DB 40 -17.14 -63.95 62.12
C SER DB 40 -17.77 -63.19 60.96
N THR DB 41 -18.90 -63.68 60.49
CA THR DB 41 -19.49 -63.07 59.31
C THR DB 41 -20.29 -61.82 59.65
N GLY DB 42 -21.08 -61.86 60.71
CA GLY DB 42 -21.85 -60.70 61.13
C GLY DB 42 -22.02 -60.73 62.63
N GLY DB 43 -22.39 -59.58 63.18
CA GLY DB 43 -22.54 -59.42 64.60
C GLY DB 43 -23.99 -59.49 65.06
N TRP DB 44 -24.15 -59.42 66.37
CA TRP DB 44 -25.46 -59.44 66.98
C TRP DB 44 -26.20 -58.13 66.69
N VAL DB 45 -27.53 -58.19 66.71
CA VAL DB 45 -28.37 -57.07 66.30
C VAL DB 45 -29.62 -57.06 67.18
N GLY DB 46 -30.16 -55.87 67.43
CA GLY DB 46 -31.45 -55.77 68.09
C GLY DB 46 -31.70 -54.36 68.60
N GLY DB 47 -32.79 -54.22 69.37
CA GLY DB 47 -33.04 -53.04 70.17
C GLY DB 47 -34.13 -52.10 69.68
N SER DB 48 -34.81 -52.45 68.61
CA SER DB 48 -35.84 -51.63 67.94
C SER DB 48 -35.43 -50.20 67.58
N TYR DB 49 -36.42 -49.35 67.34
CA TYR DB 49 -36.10 -48.00 66.86
C TYR DB 49 -37.09 -46.90 67.26
N PHE DB 50 -38.32 -46.97 66.71
CA PHE DB 50 -39.41 -46.03 66.94
C PHE DB 50 -39.25 -44.59 66.47
N THR DB 51 -39.41 -44.37 65.17
CA THR DB 51 -39.69 -43.05 64.60
C THR DB 51 -41.16 -42.94 64.23
N ASP DB 52 -41.69 -41.72 64.27
CA ASP DB 52 -43.10 -41.45 63.99
C ASP DB 52 -43.62 -42.13 62.74
N SER DB 53 -42.82 -42.14 61.68
CA SER DB 53 -43.26 -42.71 60.42
C SER DB 53 -43.11 -44.23 60.37
N TYR DB 54 -42.12 -44.79 61.06
CA TYR DB 54 -41.89 -46.22 60.98
C TYR DB 54 -41.15 -46.70 62.21
N VAL DB 55 -41.25 -48.00 62.46
CA VAL DB 55 -40.59 -48.67 63.57
C VAL DB 55 -39.75 -49.81 63.00
N ILE DB 56 -38.47 -49.82 63.34
CA ILE DB 56 -37.56 -50.86 62.92
C ILE DB 56 -37.27 -51.75 64.10
N THR DB 57 -37.76 -52.99 64.06
CA THR DB 57 -37.46 -53.97 65.09
C THR DB 57 -36.38 -54.91 64.59
N LYS DB 58 -35.37 -55.12 65.42
CA LYS DB 58 -34.23 -55.95 65.08
C LYS DB 58 -34.13 -57.07 66.10
N ASN DB 59 -33.81 -58.26 65.65
CA ASN DB 59 -33.72 -59.41 66.53
C ASN DB 59 -32.65 -60.36 66.02
N THR DB 60 -32.10 -61.14 66.92
CA THR DB 60 -31.07 -62.11 66.59
C THR DB 60 -31.25 -63.33 67.46
N ARG DB 61 -30.91 -64.50 66.94
CA ARG DB 61 -31.17 -65.75 67.64
C ARG DB 61 -29.99 -66.69 67.49
N GLN DB 62 -30.04 -67.76 68.27
CA GLN DB 62 -29.13 -68.88 68.13
C GLN DB 62 -30.00 -70.10 67.84
N PHE DB 63 -29.70 -70.80 66.75
CA PHE DB 63 -30.55 -71.90 66.34
C PHE DB 63 -29.71 -73.15 66.11
N LEU DB 64 -30.37 -74.30 66.00
CA LEU DB 64 -29.67 -75.50 65.59
C LEU DB 64 -30.55 -76.40 64.75
N VAL DB 65 -29.93 -77.03 63.76
CA VAL DB 65 -30.60 -77.95 62.84
C VAL DB 65 -30.15 -79.36 63.20
N LYS DB 66 -31.11 -80.26 63.38
CA LYS DB 66 -30.87 -81.51 64.08
C LYS DB 66 -30.69 -82.74 63.17
N ILE DB 67 -30.80 -82.58 61.84
CA ILE DB 67 -30.95 -83.75 60.95
C ILE DB 67 -32.21 -84.50 61.32
N GLN DB 68 -33.37 -83.97 60.95
CA GLN DB 68 -34.60 -84.69 61.18
C GLN DB 68 -34.83 -85.75 60.11
N ASN DB 69 -35.41 -86.88 60.54
CA ASN DB 69 -35.99 -87.87 59.64
C ASN DB 69 -34.94 -88.55 58.77
N ASN DB 70 -33.79 -88.87 59.34
CA ASN DB 70 -32.62 -89.28 58.58
C ASN DB 70 -32.45 -88.19 57.52
N HIS DB 71 -32.08 -88.52 56.28
CA HIS DB 71 -32.31 -87.56 55.21
C HIS DB 71 -33.46 -87.97 54.30
N GLN DB 72 -34.03 -89.15 54.51
CA GLN DB 72 -35.15 -89.60 53.70
C GLN DB 72 -36.45 -88.94 54.18
N TYR DB 73 -37.46 -88.99 53.30
CA TYR DB 73 -38.75 -88.32 53.44
C TYR DB 73 -39.78 -89.12 54.22
N LYS DB 74 -40.14 -90.30 53.75
CA LYS DB 74 -41.26 -91.10 54.19
C LYS DB 74 -42.60 -90.37 54.04
N THR DB 75 -43.59 -90.78 54.82
CA THR DB 75 -44.95 -90.23 54.75
C THR DB 75 -45.49 -90.03 56.17
N GLU DB 76 -45.47 -91.12 56.95
CA GLU DB 76 -45.66 -91.18 58.40
C GLU DB 76 -47.09 -91.36 58.91
N LEU DB 77 -48.11 -91.10 58.08
CA LEU DB 77 -49.50 -91.45 58.42
C LEU DB 77 -49.79 -91.20 59.90
N ILE DB 78 -49.86 -89.92 60.29
CA ILE DB 78 -49.57 -89.54 61.67
C ILE DB 78 -50.42 -90.29 62.69
N SER DB 79 -51.67 -89.85 62.87
CA SER DB 79 -52.70 -90.49 63.69
C SER DB 79 -52.32 -90.58 65.16
N PRO DB 80 -53.29 -90.53 66.07
CA PRO DB 80 -53.14 -91.29 67.31
C PRO DB 80 -53.89 -92.60 67.19
N SER DB 81 -53.87 -93.44 68.22
CA SER DB 81 -54.80 -94.57 68.25
C SER DB 81 -55.34 -94.86 69.65
N THR DB 82 -56.67 -94.82 69.89
CA THR DB 82 -57.75 -94.08 69.18
C THR DB 82 -57.76 -94.06 67.64
N SER DB 83 -57.73 -95.26 67.04
CA SER DB 83 -57.72 -95.39 65.59
C SER DB 83 -58.89 -94.68 64.93
N GLN DB 84 -59.93 -94.34 65.68
CA GLN DB 84 -61.04 -93.56 65.16
C GLN DB 84 -60.62 -92.16 64.72
N GLY DB 85 -59.40 -91.75 65.05
CA GLY DB 85 -58.97 -90.40 64.75
C GLY DB 85 -58.86 -90.14 63.26
N LYS DB 86 -58.47 -88.90 62.93
CA LYS DB 86 -58.39 -88.50 61.53
C LYS DB 86 -57.30 -89.24 60.78
N SER DB 87 -56.13 -89.38 61.40
CA SER DB 87 -55.04 -90.18 60.84
C SER DB 87 -54.56 -89.60 59.51
N GLN DB 88 -54.30 -88.30 59.49
CA GLN DB 88 -53.75 -87.67 58.30
C GLN DB 88 -52.40 -88.29 57.95
N ARG DB 89 -52.17 -88.50 56.66
CA ARG DB 89 -50.98 -89.24 56.24
C ARG DB 89 -49.75 -88.36 56.24
N CYS DB 90 -49.92 -87.10 55.84
CA CYS DB 90 -48.84 -86.11 55.71
C CYS DB 90 -47.65 -86.58 54.89
N VAL DB 91 -46.51 -85.91 55.10
CA VAL DB 91 -45.22 -86.22 54.50
C VAL DB 91 -44.17 -85.63 55.43
N SER DB 92 -43.09 -86.33 55.65
CA SER DB 92 -41.99 -85.79 56.44
C SER DB 92 -40.83 -85.53 55.50
N THR DB 93 -40.02 -84.54 55.83
CA THR DB 93 -38.88 -84.16 55.01
C THR DB 93 -37.66 -83.99 55.89
N PRO DB 94 -36.46 -84.11 55.32
CA PRO DB 94 -35.25 -83.79 56.09
C PRO DB 94 -35.13 -82.33 56.45
N TRP DB 95 -35.93 -81.46 55.84
CA TRP DB 95 -35.76 -80.03 55.98
C TRP DB 95 -36.35 -79.52 57.27
N SER DB 96 -35.77 -78.43 57.77
CA SER DB 96 -36.29 -77.63 58.86
C SER DB 96 -36.51 -76.23 58.33
N TYR DB 97 -37.32 -75.44 59.03
CA TYR DB 97 -37.66 -74.14 58.50
C TYR DB 97 -37.70 -73.09 59.60
N PHE DB 98 -37.52 -71.85 59.20
CA PHE DB 98 -37.62 -70.70 60.09
C PHE DB 98 -39.02 -70.13 60.03
N ASN DB 99 -39.70 -70.11 61.17
CA ASN DB 99 -41.00 -69.46 61.29
C ASN DB 99 -40.81 -68.15 62.03
N PHE DB 100 -40.98 -67.04 61.34
CA PHE DB 100 -40.87 -65.72 61.95
C PHE DB 100 -42.20 -65.12 62.33
N ASN DB 101 -43.30 -65.85 62.20
CA ASN DB 101 -44.62 -65.26 62.23
C ASN DB 101 -45.14 -65.27 63.65
N GLN DB 102 -45.11 -64.10 64.29
CA GLN DB 102 -45.72 -63.80 65.58
C GLN DB 102 -45.29 -62.40 65.94
N TYR DB 103 -46.06 -61.74 66.80
CA TYR DB 103 -45.65 -60.41 67.24
C TYR DB 103 -44.66 -60.49 68.39
N SER DB 104 -44.91 -61.37 69.35
CA SER DB 104 -44.08 -61.45 70.53
C SER DB 104 -42.64 -61.80 70.21
N SER DB 105 -42.36 -62.27 68.99
CA SER DB 105 -41.00 -62.54 68.61
C SER DB 105 -40.25 -61.26 68.28
N HIS DB 106 -40.92 -60.32 67.62
CA HIS DB 106 -40.27 -59.12 67.13
C HIS DB 106 -40.38 -57.93 68.06
N PHE DB 107 -41.20 -58.01 69.11
CA PHE DB 107 -41.45 -56.87 69.99
C PHE DB 107 -41.24 -57.28 71.43
N SER DB 108 -40.38 -56.55 72.13
CA SER DB 108 -40.30 -56.71 73.55
C SER DB 108 -41.60 -56.25 74.18
N PRO DB 109 -41.90 -56.71 75.40
CA PRO DB 109 -43.10 -56.21 76.07
C PRO DB 109 -43.14 -54.71 76.22
N GLN DB 110 -42.01 -54.02 76.17
CA GLN DB 110 -42.06 -52.57 76.10
C GLN DB 110 -42.20 -52.02 74.70
N ASP DB 111 -41.49 -52.59 73.71
CA ASP DB 111 -41.65 -52.12 72.35
C ASP DB 111 -43.10 -52.23 71.92
N TRP DB 112 -43.66 -53.43 71.98
CA TRP DB 112 -45.09 -53.57 72.08
C TRP DB 112 -45.52 -52.82 73.32
N GLN DB 113 -46.66 -52.15 73.27
CA GLN DB 113 -47.11 -51.17 74.26
C GLN DB 113 -46.44 -49.82 74.08
N ARG DB 114 -45.31 -49.73 73.40
CA ARG DB 114 -44.93 -48.42 72.94
C ARG DB 114 -45.65 -48.07 71.65
N LEU DB 115 -45.84 -49.03 70.75
CA LEU DB 115 -46.68 -48.76 69.60
C LEU DB 115 -48.16 -48.91 69.90
N THR DB 116 -48.52 -49.86 70.75
CA THR DB 116 -49.93 -50.05 71.07
C THR DB 116 -50.49 -48.82 71.75
N ASN DB 117 -49.67 -48.12 72.53
CA ASN DB 117 -50.13 -46.89 73.16
C ASN DB 117 -50.03 -45.71 72.20
N GLU DB 118 -48.95 -45.62 71.44
CA GLU DB 118 -48.63 -44.37 70.75
C GLU DB 118 -49.06 -44.31 69.29
N TYR DB 119 -49.66 -45.35 68.73
CA TYR DB 119 -49.93 -45.32 67.30
C TYR DB 119 -51.32 -45.85 66.96
N LYS DB 120 -51.92 -45.27 65.91
CA LYS DB 120 -53.20 -45.76 65.41
C LYS DB 120 -53.06 -47.13 64.78
N ARG DB 121 -52.10 -47.28 63.89
CA ARG DB 121 -52.09 -48.44 63.02
C ARG DB 121 -50.68 -48.72 62.58
N PHE DB 122 -50.44 -49.96 62.21
CA PHE DB 122 -49.12 -50.36 61.75
C PHE DB 122 -49.26 -51.56 60.86
N ARG DB 123 -48.33 -51.70 59.94
CA ARG DB 123 -48.23 -52.90 59.13
C ARG DB 123 -46.76 -53.11 58.83
N PRO DB 124 -46.31 -54.34 58.72
CA PRO DB 124 -44.91 -54.56 58.38
C PRO DB 124 -44.64 -54.11 56.95
N LYS DB 125 -43.62 -53.27 56.79
CA LYS DB 125 -43.27 -52.76 55.48
C LYS DB 125 -42.34 -53.71 54.75
N GLY DB 126 -41.35 -54.25 55.43
CA GLY DB 126 -40.34 -55.09 54.80
C GLY DB 126 -39.70 -55.98 55.83
N MET DB 127 -38.85 -56.87 55.35
CA MET DB 127 -38.22 -57.86 56.20
C MET DB 127 -36.87 -58.22 55.63
N HIS DB 128 -35.88 -58.39 56.50
CA HIS DB 128 -34.53 -58.69 56.08
C HIS DB 128 -33.96 -59.73 57.03
N VAL DB 129 -33.54 -60.87 56.49
CA VAL DB 129 -33.10 -61.99 57.31
C VAL DB 129 -31.69 -62.35 56.91
N LYS DB 130 -30.85 -62.66 57.89
CA LYS DB 130 -29.46 -63.00 57.65
C LYS DB 130 -29.09 -64.23 58.46
N ILE DB 131 -28.68 -65.29 57.77
CA ILE DB 131 -28.06 -66.44 58.39
C ILE DB 131 -26.56 -66.19 58.40
N TYR DB 132 -25.91 -66.43 59.53
CA TYR DB 132 -24.47 -66.21 59.60
C TYR DB 132 -23.93 -66.90 60.83
N ASN DB 133 -22.61 -66.84 60.99
CA ASN DB 133 -21.91 -67.46 62.10
C ASN DB 133 -22.29 -68.92 62.26
N LEU DB 134 -22.21 -69.66 61.16
CA LEU DB 134 -22.62 -71.05 61.17
C LEU DB 134 -21.54 -71.93 61.81
N GLN DB 135 -21.97 -73.06 62.36
CA GLN DB 135 -21.07 -74.02 62.99
C GLN DB 135 -21.59 -75.41 62.74
N ILE DB 136 -20.71 -76.34 62.35
CA ILE DB 136 -21.09 -77.74 62.18
C ILE DB 136 -20.28 -78.53 63.19
N LYS DB 137 -20.95 -79.16 64.15
CA LYS DB 137 -20.23 -79.66 65.31
C LYS DB 137 -19.97 -81.16 65.35
N GLN DB 138 -20.49 -81.95 64.40
CA GLN DB 138 -20.07 -83.35 64.29
C GLN DB 138 -20.27 -84.12 65.59
N ILE DB 139 -21.53 -84.47 65.87
CA ILE DB 139 -21.83 -85.30 67.03
C ILE DB 139 -21.03 -86.60 66.98
N LEU DB 140 -20.47 -86.99 68.11
CA LEU DB 140 -19.87 -88.31 68.27
C LEU DB 140 -20.43 -88.97 69.52
N SER DB 141 -20.47 -90.30 69.48
CA SER DB 141 -20.89 -91.10 70.62
C SER DB 141 -19.93 -92.27 70.79
N ASN DB 142 -19.26 -92.32 71.94
CA ASN DB 142 -18.46 -93.46 72.33
C ASN DB 142 -19.27 -94.46 73.13
N GLY DB 143 -20.56 -94.23 73.24
CA GLY DB 143 -21.43 -94.89 74.19
C GLY DB 143 -21.61 -93.98 75.37
N ALA DB 144 -22.83 -93.95 75.91
CA ALA DB 144 -23.26 -92.98 76.92
C ALA DB 144 -22.87 -91.58 76.40
N ASP DB 145 -22.47 -90.65 77.26
CA ASP DB 145 -21.74 -89.42 76.99
C ASP DB 145 -22.18 -88.68 75.72
N THR DB 146 -21.21 -88.06 75.06
CA THR DB 146 -21.17 -87.53 73.70
C THR DB 146 -19.89 -86.73 73.57
N THR DB 147 -19.46 -86.45 72.34
CA THR DB 147 -18.37 -85.51 72.11
C THR DB 147 -18.68 -84.74 70.83
N TYR DB 148 -18.16 -83.52 70.75
CA TYR DB 148 -18.38 -82.64 69.62
C TYR DB 148 -17.02 -82.17 69.15
N ASN DB 149 -16.61 -82.60 67.96
CA ASN DB 149 -15.25 -82.33 67.50
C ASN DB 149 -15.18 -81.01 66.77
N ASN DB 150 -16.27 -80.26 66.79
CA ASN DB 150 -16.52 -79.21 65.82
C ASN DB 150 -16.47 -79.88 64.46
N ASP DB 151 -16.04 -79.16 63.44
CA ASP DB 151 -15.91 -79.70 62.10
C ASP DB 151 -15.54 -78.56 61.18
N LEU DB 152 -14.97 -78.90 60.04
CA LEU DB 152 -14.84 -78.01 58.92
C LEU DB 152 -15.18 -78.84 57.68
N THR DB 153 -15.10 -78.21 56.53
CA THR DB 153 -15.44 -78.88 55.28
C THR DB 153 -16.80 -79.56 55.37
N ALA DB 154 -17.77 -78.91 55.96
CA ALA DB 154 -19.15 -79.39 56.02
C ALA DB 154 -20.06 -78.28 55.56
N GLY DB 155 -21.33 -78.59 55.32
CA GLY DB 155 -22.20 -77.69 54.63
C GLY DB 155 -23.62 -77.73 55.16
N VAL DB 156 -24.36 -76.70 54.80
CA VAL DB 156 -25.75 -76.52 55.22
C VAL DB 156 -26.53 -75.99 54.03
N HIS DB 157 -27.62 -76.65 53.70
CA HIS DB 157 -28.50 -76.20 52.63
C HIS DB 157 -29.43 -75.15 53.19
N ILE DB 158 -29.61 -74.06 52.43
CA ILE DB 158 -30.53 -73.00 52.82
C ILE DB 158 -31.33 -72.61 51.60
N PHE DB 159 -32.65 -72.67 51.72
CA PHE DB 159 -33.54 -72.47 50.60
C PHE DB 159 -34.69 -71.57 51.02
N CYS DB 160 -35.07 -70.65 50.15
CA CYS DB 160 -36.16 -69.72 50.40
C CYS DB 160 -37.19 -69.81 49.29
N ASP DB 161 -38.44 -69.50 49.62
CA ASP DB 161 -39.52 -69.47 48.64
C ASP DB 161 -39.86 -68.03 48.27
N GLY DB 162 -39.50 -67.64 47.05
CA GLY DB 162 -39.99 -66.37 46.56
C GLY DB 162 -41.28 -66.55 45.78
N GLU DB 163 -41.45 -67.73 45.21
CA GLU DB 163 -42.62 -68.03 44.41
C GLU DB 163 -43.76 -68.62 45.23
N HIS DB 164 -43.48 -69.05 46.46
CA HIS DB 164 -44.41 -69.84 47.26
C HIS DB 164 -44.89 -71.09 46.54
N ALA DB 165 -44.10 -71.62 45.63
CA ALA DB 165 -44.21 -73.04 45.34
C ALA DB 165 -43.81 -73.81 46.59
N TYR DB 166 -44.23 -75.06 46.66
CA TYR DB 166 -44.08 -75.93 47.83
C TYR DB 166 -45.14 -75.63 48.88
N PRO DB 167 -45.50 -76.63 49.66
CA PRO DB 167 -46.67 -76.52 50.54
C PRO DB 167 -46.61 -75.53 51.69
N ASN DB 168 -45.48 -74.87 51.93
CA ASN DB 168 -45.32 -73.79 52.91
C ASN DB 168 -45.84 -74.10 54.31
N ALA DB 169 -45.04 -74.82 55.10
CA ALA DB 169 -45.44 -75.32 56.41
C ALA DB 169 -46.15 -74.29 57.27
N THR DB 170 -45.71 -73.02 57.22
CA THR DB 170 -46.15 -72.04 58.20
C THR DB 170 -47.66 -71.97 58.28
N HIS DB 171 -48.18 -72.15 59.48
CA HIS DB 171 -49.57 -71.99 59.86
C HIS DB 171 -49.60 -70.96 60.98
N PRO DB 172 -50.61 -70.09 61.03
CA PRO DB 172 -50.53 -68.94 61.94
C PRO DB 172 -50.16 -69.26 63.38
N TRP DB 173 -50.81 -70.22 64.01
CA TRP DB 173 -50.58 -70.40 65.45
C TRP DB 173 -49.39 -71.31 65.68
N ASP DB 174 -49.54 -72.58 65.41
CA ASP DB 174 -48.46 -73.57 65.52
C ASP DB 174 -47.82 -73.40 66.89
N GLU DB 175 -46.50 -73.33 66.96
CA GLU DB 175 -45.71 -73.33 68.17
C GLU DB 175 -44.56 -72.40 67.86
N ASP DB 176 -43.53 -72.44 68.69
CA ASP DB 176 -42.15 -72.06 68.29
C ASP DB 176 -42.17 -70.63 67.73
N VAL DB 177 -41.98 -70.44 66.43
CA VAL DB 177 -41.63 -69.17 65.82
C VAL DB 177 -40.31 -68.82 66.48
N MET DB 178 -40.02 -67.54 66.66
CA MET DB 178 -38.82 -67.19 67.39
C MET DB 178 -39.15 -67.21 68.87
N PRO DB 179 -38.22 -67.59 69.74
CA PRO DB 179 -38.51 -67.44 71.16
C PRO DB 179 -38.70 -65.96 71.45
N GLU DB 180 -39.79 -65.62 72.12
CA GLU DB 180 -40.08 -64.22 72.39
C GLU DB 180 -38.93 -63.53 73.10
N LEU DB 181 -38.07 -64.31 73.73
CA LEU DB 181 -36.99 -63.84 74.56
C LEU DB 181 -35.68 -64.15 73.88
N PRO DB 182 -34.80 -63.17 73.58
CA PRO DB 182 -33.52 -63.52 72.95
C PRO DB 182 -32.66 -64.34 73.88
N TYR DB 183 -31.41 -64.62 73.50
CA TYR DB 183 -30.48 -65.45 74.27
C TYR DB 183 -31.01 -66.86 74.45
N GLN DB 184 -32.26 -67.08 74.08
CA GLN DB 184 -32.89 -68.38 74.19
C GLN DB 184 -32.71 -69.09 72.85
N THR DB 185 -31.99 -70.20 72.87
CA THR DB 185 -31.67 -70.89 71.63
C THR DB 185 -32.95 -71.35 70.94
N TRP DB 186 -32.93 -71.33 69.62
CA TRP DB 186 -34.13 -71.56 68.84
C TRP DB 186 -34.02 -72.88 68.09
N TYR DB 187 -34.78 -73.87 68.52
CA TYR DB 187 -34.75 -75.17 67.89
C TYR DB 187 -35.72 -75.19 66.73
N LEU DB 188 -35.21 -75.51 65.55
CA LEU DB 188 -36.03 -75.58 64.36
C LEU DB 188 -36.89 -76.83 64.37
N PHE DB 189 -37.93 -76.81 63.55
CA PHE DB 189 -38.90 -77.89 63.47
C PHE DB 189 -38.95 -78.45 62.06
N GLN DB 190 -39.24 -79.74 61.98
CA GLN DB 190 -39.20 -80.45 60.72
C GLN DB 190 -40.27 -79.94 59.78
N TYR DB 191 -39.95 -79.91 58.48
CA TYR DB 191 -40.90 -79.49 57.47
C TYR DB 191 -41.69 -80.68 56.98
N GLY DB 192 -43.00 -80.54 56.94
CA GLY DB 192 -43.88 -81.58 56.44
C GLY DB 192 -45.11 -80.95 55.84
N TYR DB 193 -45.88 -81.76 55.14
CA TYR DB 193 -47.09 -81.24 54.53
C TYR DB 193 -48.07 -82.37 54.28
N ILE DB 194 -49.34 -82.00 54.15
CA ILE DB 194 -50.38 -82.97 53.84
C ILE DB 194 -50.50 -83.10 52.32
N PRO DB 195 -50.09 -84.22 51.73
CA PRO DB 195 -50.31 -84.36 50.28
C PRO DB 195 -51.77 -84.45 49.90
N VAL DB 196 -52.56 -85.26 50.61
CA VAL DB 196 -53.98 -85.47 50.33
C VAL DB 196 -54.65 -85.95 51.61
N ILE DB 197 -55.96 -85.66 51.73
CA ILE DB 197 -56.76 -86.17 52.82
C ILE DB 197 -56.58 -87.69 52.91
N HIS DB 198 -56.30 -88.18 54.10
CA HIS DB 198 -56.02 -89.62 54.24
C HIS DB 198 -57.24 -90.46 53.89
N GLU DB 199 -58.36 -90.19 54.55
CA GLU DB 199 -59.61 -90.74 54.03
C GLU DB 199 -59.82 -90.16 52.63
N LEU DB 200 -60.62 -90.83 51.81
CA LEU DB 200 -60.69 -90.49 50.40
C LEU DB 200 -59.33 -90.72 49.73
N ALA DB 201 -59.09 -91.98 49.34
CA ALA DB 201 -57.79 -92.63 49.10
C ALA DB 201 -57.31 -93.53 50.21
N GLU DB 202 -58.11 -93.75 51.25
CA GLU DB 202 -57.71 -94.70 52.30
C GLU DB 202 -57.17 -96.07 51.81
N MET DB 203 -57.75 -96.75 50.82
CA MET DB 203 -59.06 -96.52 50.22
C MET DB 203 -59.85 -97.82 50.38
N GLU DB 204 -61.17 -97.75 50.33
CA GLU DB 204 -61.97 -98.92 50.65
C GLU DB 204 -62.36 -99.71 49.39
N ASP DB 205 -61.73 -100.88 49.24
CA ASP DB 205 -62.06 -101.84 48.20
C ASP DB 205 -62.21 -101.19 46.84
N SER DB 206 -63.18 -101.65 46.05
CA SER DB 206 -63.71 -100.93 44.89
C SER DB 206 -62.51 -100.34 44.04
N ASN DB 207 -62.28 -99.04 43.76
CA ASN DB 207 -63.13 -97.86 43.97
C ASN DB 207 -63.13 -96.99 42.72
N ALA DB 208 -61.92 -96.53 42.38
CA ALA DB 208 -61.59 -95.74 41.19
C ALA DB 208 -61.98 -94.27 41.36
N VAL DB 209 -62.86 -93.98 42.32
CA VAL DB 209 -63.07 -92.59 42.72
C VAL DB 209 -62.02 -92.17 43.75
N GLU DB 210 -61.68 -93.07 44.68
CA GLU DB 210 -60.56 -92.79 45.58
C GLU DB 210 -59.25 -93.31 45.02
N LYS DB 211 -59.29 -94.14 43.98
CA LYS DB 211 -58.06 -94.47 43.27
C LYS DB 211 -57.49 -93.22 42.64
N ALA DB 212 -58.28 -92.52 41.85
CA ALA DB 212 -57.98 -91.12 41.60
C ALA DB 212 -58.08 -90.37 42.92
N ILE DB 213 -57.34 -89.27 43.02
CA ILE DB 213 -57.08 -88.51 44.24
C ILE DB 213 -56.05 -89.24 45.08
N CYS DB 214 -55.92 -90.55 44.91
CA CYS DB 214 -54.74 -91.24 45.42
C CYS DB 214 -53.60 -91.18 44.41
N LEU DB 215 -53.92 -91.40 43.14
CA LEU DB 215 -52.93 -91.29 42.08
C LEU DB 215 -52.44 -89.86 41.93
N GLN DB 216 -53.30 -88.89 42.24
CA GLN DB 216 -52.94 -87.52 41.94
C GLN DB 216 -52.22 -86.83 43.08
N ILE DB 217 -51.91 -87.54 44.16
CA ILE DB 217 -51.31 -86.86 45.30
C ILE DB 217 -49.97 -86.33 44.82
N PRO DB 218 -49.72 -85.03 44.93
CA PRO DB 218 -48.44 -84.49 44.50
C PRO DB 218 -47.37 -84.79 45.51
N PHE DB 219 -46.14 -84.85 45.03
CA PHE DB 219 -44.99 -85.10 45.88
C PHE DB 219 -43.97 -84.01 45.63
N PHE DB 220 -43.73 -83.19 46.65
CA PHE DB 220 -42.87 -82.04 46.53
C PHE DB 220 -41.54 -82.35 47.21
N MET DB 221 -40.48 -81.82 46.64
CA MET DB 221 -39.14 -82.04 47.14
C MET DB 221 -38.40 -80.72 47.08
N LEU DB 222 -37.66 -80.41 48.12
CA LEU DB 222 -36.95 -79.15 48.13
C LEU DB 222 -35.61 -79.24 47.43
N GLU DB 223 -35.30 -80.37 46.82
CA GLU DB 223 -34.02 -80.45 46.13
C GLU DB 223 -34.14 -79.75 44.79
N ASN DB 224 -34.77 -80.36 43.78
CA ASN DB 224 -35.51 -79.62 42.76
C ASN DB 224 -34.90 -78.25 42.49
N SER DB 225 -35.69 -77.20 42.74
CA SER DB 225 -35.20 -75.84 42.60
C SER DB 225 -33.92 -75.63 43.40
N ASP DB 226 -33.00 -74.86 42.81
CA ASP DB 226 -31.66 -74.71 43.38
C ASP DB 226 -31.68 -73.90 44.66
N HIS DB 227 -30.64 -74.10 45.47
CA HIS DB 227 -30.50 -73.40 46.73
C HIS DB 227 -29.04 -73.40 47.13
N GLU DB 228 -28.71 -72.54 48.09
CA GLU DB 228 -27.33 -72.35 48.48
C GLU DB 228 -26.91 -73.34 49.55
N VAL DB 229 -25.67 -73.80 49.45
CA VAL DB 229 -25.02 -74.54 50.52
C VAL DB 229 -23.99 -73.60 51.12
N LEU DB 230 -23.76 -73.74 52.42
CA LEU DB 230 -22.86 -72.85 53.12
C LEU DB 230 -21.93 -73.67 54.01
N ARG DB 231 -20.63 -73.42 53.88
CA ARG DB 231 -19.74 -73.86 54.94
C ARG DB 231 -19.76 -72.82 56.05
N THR DB 232 -18.84 -72.93 56.99
CA THR DB 232 -18.83 -72.02 58.14
C THR DB 232 -18.66 -70.57 57.72
N GLY DB 233 -17.57 -70.25 57.02
CA GLY DB 233 -17.26 -68.85 56.76
C GLY DB 233 -18.31 -68.10 55.98
N GLU DB 234 -19.15 -68.80 55.24
CA GLU DB 234 -20.16 -68.16 54.40
C GLU DB 234 -21.39 -67.78 55.20
N SER DB 235 -22.14 -66.81 54.68
CA SER DB 235 -23.44 -66.42 55.21
C SER DB 235 -24.43 -66.24 54.07
N THR DB 236 -25.64 -65.82 54.41
CA THR DB 236 -26.68 -65.59 53.42
C THR DB 236 -27.63 -64.52 53.93
N GLU DB 237 -28.17 -63.74 53.00
CA GLU DB 237 -29.18 -62.75 53.31
C GLU DB 237 -30.45 -63.05 52.54
N PHE DB 238 -31.58 -62.60 53.08
CA PHE DB 238 -32.85 -62.67 52.39
C PHE DB 238 -33.63 -61.40 52.68
N THR DB 239 -34.34 -60.91 51.67
CA THR DB 239 -35.19 -59.75 51.84
C THR DB 239 -36.63 -60.10 51.49
N PHE DB 240 -37.55 -59.31 52.00
CA PHE DB 240 -38.96 -59.51 51.72
C PHE DB 240 -39.65 -58.16 51.71
N ASN DB 241 -40.65 -58.03 50.86
CA ASN DB 241 -41.49 -56.86 50.83
C ASN DB 241 -42.93 -57.31 50.97
N PHE DB 242 -43.76 -56.45 51.56
CA PHE DB 242 -45.11 -56.83 51.93
C PHE DB 242 -46.10 -55.94 51.21
N ASP DB 243 -47.00 -56.55 50.45
CA ASP DB 243 -48.27 -55.93 50.10
C ASP DB 243 -49.25 -56.36 51.17
N CYS DB 244 -49.65 -55.43 52.02
CA CYS DB 244 -50.17 -55.81 53.33
C CYS DB 244 -51.18 -54.79 53.80
N GLU DB 245 -52.20 -55.28 54.49
CA GLU DB 245 -53.24 -54.43 55.04
C GLU DB 245 -52.85 -53.94 56.42
N TRP DB 246 -53.21 -52.68 56.72
CA TRP DB 246 -52.98 -52.14 58.05
C TRP DB 246 -53.71 -52.97 59.09
N ILE DB 247 -53.13 -53.05 60.28
CA ILE DB 247 -53.85 -53.51 61.46
C ILE DB 247 -54.05 -52.31 62.36
N ASN DB 248 -55.30 -52.05 62.74
CA ASN DB 248 -55.66 -50.77 63.33
C ASN DB 248 -55.78 -50.90 64.84
N ASN DB 249 -55.05 -50.07 65.55
CA ASN DB 249 -55.21 -49.91 66.99
C ASN DB 249 -56.02 -48.64 67.21
N GLU DB 250 -57.29 -48.82 67.59
CA GLU DB 250 -58.31 -47.79 67.64
C GLU DB 250 -59.53 -48.42 68.27
N ARG DB 251 -60.42 -47.57 68.76
CA ARG DB 251 -61.57 -48.02 69.52
C ARG DB 251 -62.77 -47.19 69.14
N ALA DB 252 -63.88 -47.84 68.87
CA ALA DB 252 -65.14 -47.15 68.66
C ALA DB 252 -65.85 -47.05 69.99
N TYR DB 253 -66.08 -45.82 70.43
CA TYR DB 253 -66.74 -45.61 71.71
C TYR DB 253 -68.24 -45.83 71.65
N ILE DB 254 -68.82 -45.92 70.44
CA ILE DB 254 -70.24 -46.23 70.27
C ILE DB 254 -70.40 -47.18 69.10
N PRO DB 255 -71.49 -47.93 69.08
CA PRO DB 255 -71.83 -48.72 67.90
C PRO DB 255 -72.00 -47.81 66.69
N PRO DB 256 -71.83 -48.33 65.49
CA PRO DB 256 -72.01 -47.48 64.30
C PRO DB 256 -73.45 -47.02 64.13
N GLY DB 257 -74.41 -47.79 64.61
CA GLY DB 257 -75.79 -47.38 64.54
C GLY DB 257 -76.22 -46.37 65.57
N LEU DB 258 -75.33 -46.03 66.49
CA LEU DB 258 -75.64 -45.10 67.57
C LEU DB 258 -75.23 -43.67 67.22
N MET DB 259 -74.80 -43.43 65.98
CA MET DB 259 -74.33 -42.11 65.56
C MET DB 259 -75.51 -41.31 65.06
N PHE DB 260 -75.90 -40.29 65.83
CA PHE DB 260 -76.95 -39.36 65.44
C PHE DB 260 -77.09 -38.35 66.56
N ASN DB 261 -77.73 -37.24 66.24
CA ASN DB 261 -78.02 -36.23 67.25
C ASN DB 261 -79.37 -36.57 67.86
N PRO DB 262 -79.40 -37.07 69.09
CA PRO DB 262 -80.68 -37.49 69.67
C PRO DB 262 -81.58 -36.33 70.03
N LEU DB 263 -81.03 -35.12 70.08
CA LEU DB 263 -81.86 -33.95 70.36
C LEU DB 263 -82.80 -33.66 69.20
N VAL DB 264 -82.32 -33.81 67.98
CA VAL DB 264 -83.10 -33.39 66.81
C VAL DB 264 -84.19 -34.41 66.53
N PRO DB 265 -85.43 -34.00 66.31
CA PRO DB 265 -86.47 -34.96 65.93
C PRO DB 265 -86.17 -35.55 64.57
N THR DB 266 -86.81 -36.68 64.29
CA THR DB 266 -86.60 -37.38 63.04
C THR DB 266 -87.88 -37.38 62.21
N ARG DB 267 -87.74 -37.38 60.89
CA ARG DB 267 -88.88 -37.60 60.02
C ARG DB 267 -88.87 -39.03 59.53
N ARG DB 268 -89.74 -39.84 60.14
CA ARG DB 268 -89.83 -41.28 59.92
C ARG DB 268 -91.01 -41.77 60.72
N ALA DB 269 -91.50 -42.97 60.44
CA ALA DB 269 -92.65 -43.47 61.15
C ALA DB 269 -92.53 -44.97 61.34
N GLN DB 270 -93.23 -45.46 62.36
CA GLN DB 270 -93.26 -46.88 62.71
C GLN DB 270 -94.69 -47.36 62.60
N TYR DB 271 -94.96 -48.21 61.62
CA TYR DB 271 -96.19 -48.96 61.61
C TYR DB 271 -95.93 -50.24 62.39
N ILE DB 272 -96.85 -50.61 63.24
CA ILE DB 272 -96.74 -51.81 64.05
C ILE DB 272 -97.96 -52.67 63.83
N ARG DB 273 -97.75 -53.91 63.42
CA ARG DB 273 -98.84 -54.81 63.08
C ARG DB 273 -99.71 -55.08 64.31
N ARG DB 274 -100.97 -55.44 64.06
CA ARG DB 274 -101.84 -55.94 65.11
C ARG DB 274 -101.13 -57.05 65.89
N ASN DB 275 -101.18 -56.97 67.21
CA ASN DB 275 -100.32 -57.81 68.02
C ASN DB 275 -100.84 -59.24 68.12
N ASN DB 276 -102.16 -59.43 67.95
CA ASN DB 276 -102.76 -60.76 67.99
C ASN DB 276 -102.36 -61.50 69.26
N ASN DB 277 -102.93 -61.07 70.38
CA ASN DB 277 -102.50 -61.39 71.74
C ASN DB 277 -101.18 -60.66 72.00
N PRO DB 278 -100.97 -60.19 73.24
CA PRO DB 278 -102.01 -59.97 74.25
C PRO DB 278 -103.07 -58.93 73.85
N GLN DB 279 -102.62 -57.78 73.34
CA GLN DB 279 -103.47 -56.60 73.26
C GLN DB 279 -102.77 -55.57 72.36
N THR DB 280 -103.22 -54.31 72.38
CA THR DB 280 -102.60 -53.20 71.66
C THR DB 280 -102.67 -53.36 70.15
N ALA DB 281 -103.83 -53.07 69.59
CA ALA DB 281 -104.05 -53.10 68.16
C ALA DB 281 -103.13 -52.11 67.44
N GLU DB 282 -102.97 -52.35 66.13
CA GLU DB 282 -101.95 -51.68 65.33
C GLU DB 282 -102.07 -50.16 65.41
N SER DB 283 -100.92 -49.50 65.35
CA SER DB 283 -100.86 -48.04 65.33
C SER DB 283 -99.59 -47.61 64.62
N THR DB 284 -99.65 -46.43 64.00
CA THR DB 284 -98.48 -45.79 63.42
C THR DB 284 -98.09 -44.58 64.27
N SER DB 285 -96.79 -44.31 64.33
CA SER DB 285 -96.28 -43.24 65.18
C SER DB 285 -94.95 -42.77 64.66
N ARG DB 286 -94.58 -41.56 65.05
CA ARG DB 286 -93.29 -41.02 64.68
C ARG DB 286 -92.20 -41.60 65.57
N ILE DB 287 -91.04 -41.86 64.97
CA ILE DB 287 -89.92 -42.40 65.71
C ILE DB 287 -89.39 -41.34 66.66
N ALA DB 288 -89.12 -41.75 67.89
CA ALA DB 288 -88.67 -40.84 68.92
C ALA DB 288 -87.35 -40.17 68.50
N PRO DB 289 -87.08 -38.97 69.02
CA PRO DB 289 -85.83 -38.29 68.63
C PRO DB 289 -84.61 -39.09 68.99
N TYR DB 290 -84.55 -39.59 70.22
CA TYR DB 290 -83.58 -40.61 70.58
C TYR DB 290 -83.94 -41.91 69.86
N ALA DB 291 -82.98 -42.81 69.76
CA ALA DB 291 -83.22 -44.14 69.19
C ALA DB 291 -83.75 -44.05 67.77
N LYS DB 292 -83.04 -43.32 66.94
CA LYS DB 292 -83.38 -43.28 65.53
C LYS DB 292 -82.93 -44.57 64.85
N PRO DB 293 -83.63 -44.99 63.81
CA PRO DB 293 -83.22 -46.21 63.10
C PRO DB 293 -81.88 -46.01 62.42
N THR DB 294 -81.28 -47.12 62.05
CA THR DB 294 -79.96 -47.07 61.45
C THR DB 294 -79.86 -48.00 60.25
N SER DB 295 -78.91 -47.68 59.39
CA SER DB 295 -78.28 -48.64 58.52
C SER DB 295 -77.21 -49.39 59.30
N TRP DB 296 -76.28 -49.99 58.58
CA TRP DB 296 -75.09 -50.51 59.24
C TRP DB 296 -75.40 -51.67 60.17
N MET DB 297 -75.65 -52.80 59.53
CA MET DB 297 -75.84 -54.12 60.10
C MET DB 297 -74.58 -54.58 60.84
N THR DB 298 -74.75 -55.52 61.75
CA THR DB 298 -73.63 -56.10 62.49
C THR DB 298 -72.82 -57.04 61.62
N GLY DB 299 -71.56 -57.23 62.00
CA GLY DB 299 -70.69 -58.13 61.31
C GLY DB 299 -71.16 -59.58 61.42
N PRO DB 300 -70.70 -60.41 60.49
CA PRO DB 300 -71.20 -61.79 60.43
C PRO DB 300 -70.54 -62.68 61.47
N GLY DB 301 -71.25 -63.74 61.83
CA GLY DB 301 -70.73 -64.76 62.73
C GLY DB 301 -71.54 -66.02 62.56
N LEU DB 302 -71.04 -67.11 63.14
CA LEU DB 302 -71.80 -68.35 63.22
C LEU DB 302 -71.80 -68.82 64.67
N LEU DB 303 -72.94 -68.69 65.33
CA LEU DB 303 -73.07 -69.03 66.74
C LEU DB 303 -73.83 -70.32 67.05
N SER DB 304 -74.38 -71.03 66.06
CA SER DB 304 -75.33 -72.07 66.41
C SER DB 304 -74.64 -73.37 66.82
N ALA DB 305 -73.53 -73.69 66.17
CA ALA DB 305 -72.89 -75.00 66.29
C ALA DB 305 -72.27 -75.20 67.66
N GLN DB 306 -71.97 -76.45 67.97
CA GLN DB 306 -71.24 -76.83 69.17
C GLN DB 306 -70.16 -77.83 68.81
N ARG DB 307 -69.00 -77.71 69.44
CA ARG DB 307 -67.92 -78.65 69.17
C ARG DB 307 -68.36 -80.08 69.46
N VAL DB 308 -67.90 -81.00 68.62
CA VAL DB 308 -68.48 -82.33 68.52
C VAL DB 308 -67.48 -83.39 68.94
N GLY DB 309 -67.76 -84.04 70.06
CA GLY DB 309 -67.08 -85.27 70.40
C GLY DB 309 -65.81 -85.09 71.20
N PRO DB 310 -65.03 -86.15 71.29
CA PRO DB 310 -63.84 -86.12 72.16
C PRO DB 310 -62.71 -85.34 71.54
N ALA DB 311 -61.80 -84.88 72.39
CA ALA DB 311 -60.60 -84.21 71.92
C ALA DB 311 -59.71 -85.18 71.16
N THR DB 312 -58.81 -84.62 70.36
CA THR DB 312 -57.90 -85.28 69.42
C THR DB 312 -58.65 -85.75 68.19
N SER DB 313 -59.96 -85.62 68.15
CA SER DB 313 -60.77 -85.96 66.98
C SER DB 313 -61.04 -84.76 66.08
N ASP DB 314 -60.40 -83.62 66.34
CA ASP DB 314 -60.66 -82.38 65.61
C ASP DB 314 -62.10 -81.91 65.79
N THR DB 315 -62.41 -81.39 66.97
CA THR DB 315 -63.73 -80.83 67.20
C THR DB 315 -63.72 -79.35 66.87
N GLY DB 316 -64.32 -78.98 65.76
CA GLY DB 316 -64.31 -77.59 65.34
C GLY DB 316 -65.62 -76.85 65.50
N ALA DB 317 -66.70 -77.59 65.68
CA ALA DB 317 -68.10 -77.18 65.64
C ALA DB 317 -68.54 -76.80 64.23
N TRP DB 318 -67.62 -76.51 63.33
CA TRP DB 318 -67.92 -76.33 61.92
C TRP DB 318 -66.84 -77.05 61.14
N MET DB 319 -67.21 -78.07 60.39
CA MET DB 319 -66.27 -78.81 59.56
C MET DB 319 -66.52 -78.44 58.11
N VAL DB 320 -65.46 -78.07 57.41
CA VAL DB 320 -65.61 -77.66 56.02
C VAL DB 320 -65.67 -78.89 55.11
N ALA DB 321 -64.80 -79.86 55.34
CA ALA DB 321 -64.71 -81.10 54.59
C ALA DB 321 -64.70 -80.93 53.08
N VAL DB 322 -65.15 -81.96 52.37
CA VAL DB 322 -65.23 -81.97 50.90
C VAL DB 322 -66.50 -82.68 50.44
N LYS DB 323 -66.60 -83.97 50.73
CA LYS DB 323 -67.67 -84.83 50.24
C LYS DB 323 -67.74 -84.90 48.71
N PRO DB 324 -66.77 -85.55 48.06
CA PRO DB 324 -66.96 -85.93 46.66
C PRO DB 324 -68.13 -86.89 46.54
N GLU DB 325 -68.66 -86.99 45.32
CA GLU DB 325 -70.01 -87.52 45.15
C GLU DB 325 -70.08 -89.00 45.55
N ASN DB 326 -69.08 -89.79 45.17
CA ASN DB 326 -69.07 -91.18 45.63
C ASN DB 326 -68.07 -91.39 46.74
N ALA DB 327 -66.80 -91.50 46.36
CA ALA DB 327 -65.68 -91.76 47.25
C ALA DB 327 -66.03 -92.95 48.16
N SER DB 328 -65.58 -92.88 49.40
CA SER DB 328 -66.10 -93.67 50.51
C SER DB 328 -65.63 -92.99 51.78
N ILE DB 329 -66.36 -93.21 52.86
CA ILE DB 329 -66.07 -92.49 54.10
C ILE DB 329 -66.27 -93.43 55.27
N ASP DB 330 -65.33 -93.39 56.21
CA ASP DB 330 -65.40 -94.12 57.46
C ASP DB 330 -66.35 -93.37 58.40
N THR DB 331 -66.33 -93.71 59.69
CA THR DB 331 -67.00 -92.87 60.66
C THR DB 331 -66.54 -91.43 60.47
N GLY DB 332 -67.49 -90.50 60.49
CA GLY DB 332 -67.21 -89.14 60.09
C GLY DB 332 -67.85 -88.73 58.77
N MET DB 333 -67.93 -87.44 58.43
CA MET DB 333 -67.54 -86.23 59.19
C MET DB 333 -66.15 -86.32 59.85
N SER DB 334 -66.08 -86.15 61.17
CA SER DB 334 -64.86 -86.35 61.95
C SER DB 334 -63.67 -85.48 61.40
N GLY DB 335 -62.56 -85.96 60.83
CA GLY DB 335 -62.31 -87.20 60.12
C GLY DB 335 -62.18 -86.95 58.62
N ILE DB 336 -62.80 -85.86 58.18
CA ILE DB 336 -62.53 -85.26 56.87
C ILE DB 336 -62.65 -83.75 57.06
N GLY DB 337 -61.85 -83.02 56.31
CA GLY DB 337 -61.87 -81.57 56.39
C GLY DB 337 -61.40 -81.05 57.72
N SER DB 338 -61.58 -79.74 57.89
CA SER DB 338 -60.96 -79.00 58.97
C SER DB 338 -62.01 -78.29 59.80
N GLY DB 339 -61.74 -78.14 61.09
CA GLY DB 339 -62.63 -77.34 61.92
C GLY DB 339 -62.42 -75.86 61.67
N PHE DB 340 -63.52 -75.12 61.64
CA PHE DB 340 -63.48 -73.68 61.44
C PHE DB 340 -63.51 -72.99 62.79
N ASP DB 341 -62.49 -72.20 63.08
CA ASP DB 341 -62.31 -71.66 64.42
C ASP DB 341 -61.69 -70.26 64.34
N PRO DB 342 -62.12 -69.33 65.20
CA PRO DB 342 -63.40 -69.24 65.90
C PRO DB 342 -64.54 -68.73 65.04
N PRO DB 343 -65.67 -69.44 65.01
CA PRO DB 343 -66.94 -68.75 64.80
C PRO DB 343 -67.59 -68.32 66.12
N GLN DB 344 -68.21 -67.15 66.31
CA GLN DB 344 -67.83 -65.85 65.77
C GLN DB 344 -67.69 -65.79 64.23
N GLY DB 345 -66.79 -65.01 63.58
CA GLY DB 345 -66.04 -63.86 64.07
C GLY DB 345 -66.92 -62.73 64.51
N SER DB 346 -66.32 -61.73 65.16
CA SER DB 346 -67.06 -60.64 65.77
C SER DB 346 -68.16 -61.18 66.65
N LEU DB 347 -69.34 -60.56 66.59
CA LEU DB 347 -70.59 -61.15 67.05
C LEU DB 347 -70.43 -61.84 68.40
N ALA DB 348 -70.37 -61.06 69.48
CA ALA DB 348 -69.81 -61.51 70.75
C ALA DB 348 -70.31 -62.90 71.13
N PRO DB 349 -69.44 -63.81 71.53
CA PRO DB 349 -69.81 -65.21 71.68
C PRO DB 349 -70.66 -65.47 72.91
N THR DB 350 -71.27 -66.65 72.92
CA THR DB 350 -72.10 -67.08 74.04
C THR DB 350 -71.25 -67.57 75.19
N ASN DB 351 -70.56 -68.69 75.00
CA ASN DB 351 -69.74 -69.21 76.08
C ASN DB 351 -68.29 -69.34 75.65
N LEU DB 352 -67.48 -69.89 76.56
CA LEU DB 352 -66.04 -70.02 76.39
C LEU DB 352 -65.69 -70.78 75.12
N GLU DB 353 -66.61 -71.63 74.65
CA GLU DB 353 -66.31 -72.54 73.55
C GLU DB 353 -65.90 -71.80 72.28
N TYR DB 354 -66.37 -70.57 72.11
CA TYR DB 354 -66.05 -69.75 70.94
C TYR DB 354 -64.96 -68.73 71.19
N LYS DB 355 -64.40 -68.68 72.39
CA LYS DB 355 -63.67 -67.52 72.88
C LYS DB 355 -62.19 -67.55 72.51
N ILE DB 356 -61.81 -68.48 71.64
CA ILE DB 356 -60.44 -68.90 71.35
C ILE DB 356 -59.82 -69.37 72.66
N GLN DB 357 -58.48 -69.38 72.73
CA GLN DB 357 -57.70 -69.78 73.90
C GLN DB 357 -56.29 -70.03 73.39
N TRP DB 358 -55.27 -70.02 74.24
CA TRP DB 358 -54.00 -70.63 73.89
C TRP DB 358 -53.18 -70.81 75.15
N TYR DB 359 -52.18 -71.70 75.08
CA TYR DB 359 -51.43 -72.04 76.28
C TYR DB 359 -50.16 -71.22 76.45
N GLN DB 360 -49.75 -70.50 75.41
CA GLN DB 360 -48.53 -69.68 75.41
C GLN DB 360 -47.35 -70.40 76.03
N THR DB 361 -47.28 -71.72 75.86
CA THR DB 361 -46.27 -72.58 76.49
C THR DB 361 -46.48 -74.00 76.01
N PRO DB 362 -45.42 -74.70 75.63
CA PRO DB 362 -45.57 -76.11 75.28
C PRO DB 362 -45.82 -76.99 76.49
N GLN DB 363 -45.34 -76.59 77.66
CA GLN DB 363 -45.57 -77.39 78.86
C GLN DB 363 -47.00 -77.25 79.37
N GLY DB 364 -47.81 -76.41 78.75
CA GLY DB 364 -49.16 -76.17 79.22
C GLY DB 364 -50.05 -77.40 79.21
N THR DB 365 -50.59 -77.75 80.37
CA THR DB 365 -51.52 -78.86 80.50
C THR DB 365 -52.92 -78.35 80.19
N ASN DB 366 -53.95 -79.16 80.49
CA ASN DB 366 -55.31 -78.78 80.12
C ASN DB 366 -55.68 -77.41 80.66
N ASN DB 367 -55.62 -77.21 81.97
CA ASN DB 367 -55.70 -75.89 82.55
C ASN DB 367 -54.38 -75.58 83.22
N ASN DB 368 -53.58 -74.75 82.56
CA ASN DB 368 -52.28 -74.21 82.95
C ASN DB 368 -51.84 -73.39 81.76
N GLY DB 369 -50.99 -72.40 81.94
CA GLY DB 369 -50.84 -71.48 80.84
C GLY DB 369 -52.24 -70.97 80.55
N ASN DB 370 -52.72 -71.25 79.35
CA ASN DB 370 -54.16 -71.28 79.08
C ASN DB 370 -54.79 -69.90 79.22
N ILE DB 371 -54.19 -68.90 78.61
CA ILE DB 371 -54.79 -67.58 78.65
C ILE DB 371 -55.90 -67.51 77.61
N ILE DB 372 -57.01 -66.93 77.99
CA ILE DB 372 -58.23 -66.98 77.20
C ILE DB 372 -58.53 -65.57 76.68
N SER DB 373 -58.96 -65.48 75.43
CA SER DB 373 -59.28 -64.18 74.86
C SER DB 373 -60.45 -63.56 75.60
N ASN DB 374 -60.55 -62.23 75.49
CA ASN DB 374 -61.53 -61.47 76.25
C ASN DB 374 -62.07 -60.35 75.36
N GLN DB 375 -63.12 -59.70 75.82
CA GLN DB 375 -63.69 -58.63 75.01
C GLN DB 375 -62.85 -57.35 75.12
N PRO DB 376 -62.56 -56.69 74.00
CA PRO DB 376 -61.77 -55.46 74.06
C PRO DB 376 -62.50 -54.31 74.72
N LEU DB 377 -63.81 -54.43 74.89
CA LEU DB 377 -64.73 -53.38 75.33
C LEU DB 377 -64.90 -52.34 74.24
N SER DB 378 -64.20 -52.46 73.12
CA SER DB 378 -64.53 -51.71 71.92
C SER DB 378 -65.95 -52.04 71.50
N MET DB 379 -66.64 -51.04 70.93
CA MET DB 379 -68.06 -51.18 70.66
C MET DB 379 -68.36 -51.73 69.28
N LEU DB 380 -67.36 -52.09 68.49
CA LEU DB 380 -67.68 -52.42 67.10
C LEU DB 380 -68.34 -53.76 66.79
N ARG DB 381 -67.76 -54.97 66.88
CA ARG DB 381 -66.80 -55.65 67.80
C ARG DB 381 -67.53 -56.38 68.94
N ASP DB 382 -68.83 -56.16 69.09
CA ASP DB 382 -69.59 -57.00 70.03
C ASP DB 382 -70.77 -57.62 69.28
N GLN DB 383 -71.69 -56.78 68.80
CA GLN DB 383 -72.55 -57.12 67.68
C GLN DB 383 -73.40 -58.36 67.93
N ALA DB 384 -74.42 -58.19 68.77
CA ALA DB 384 -75.49 -59.17 68.76
C ALA DB 384 -76.40 -58.93 67.55
N LEU DB 385 -77.42 -59.76 67.43
CA LEU DB 385 -78.52 -59.48 66.52
C LEU DB 385 -79.73 -60.23 67.04
N PHE DB 386 -80.92 -59.65 66.86
CA PHE DB 386 -82.07 -60.04 67.65
C PHE DB 386 -83.26 -60.52 66.82
N ARG DB 387 -83.75 -59.73 65.87
CA ARG DB 387 -84.91 -60.15 65.07
C ARG DB 387 -86.09 -60.36 66.01
N GLY DB 388 -86.99 -61.28 65.70
CA GLY DB 388 -88.07 -61.69 66.58
C GLY DB 388 -88.96 -60.55 67.04
N ASN DB 389 -89.88 -60.86 67.95
CA ASN DB 389 -90.68 -62.07 67.86
C ASN DB 389 -92.06 -61.58 67.44
N GLN DB 390 -92.15 -60.25 67.32
CA GLN DB 390 -93.32 -59.39 67.44
C GLN DB 390 -93.61 -59.08 68.90
N THR DB 391 -92.99 -59.80 69.83
CA THR DB 391 -93.16 -59.61 71.27
C THR DB 391 -91.81 -59.43 71.95
N THR DB 392 -90.90 -60.39 71.78
CA THR DB 392 -89.59 -60.37 72.41
C THR DB 392 -88.53 -60.42 71.31
N TYR DB 393 -87.34 -59.91 71.61
CA TYR DB 393 -86.19 -60.11 70.74
C TYR DB 393 -85.48 -61.39 71.15
N ASN DB 394 -85.01 -62.15 70.15
CA ASN DB 394 -84.35 -63.43 70.40
C ASN DB 394 -83.06 -63.52 69.62
N LEU DB 395 -81.94 -63.57 70.34
CA LEU DB 395 -80.63 -63.62 69.70
C LEU DB 395 -80.59 -64.71 68.64
N CYS DB 396 -80.14 -64.35 67.44
CA CYS DB 396 -80.24 -65.23 66.29
C CYS DB 396 -78.87 -65.80 65.93
N SER DB 397 -78.86 -67.10 65.67
CA SER DB 397 -77.71 -67.80 65.13
C SER DB 397 -77.44 -67.36 63.69
N ASP DB 398 -76.27 -67.71 63.19
CA ASP DB 398 -75.79 -67.29 61.87
C ASP DB 398 -75.57 -65.79 61.85
N VAL DB 399 -76.29 -65.05 61.00
CA VAL DB 399 -75.88 -63.73 60.51
C VAL DB 399 -74.71 -63.86 59.53
N TRP DB 400 -75.03 -64.25 58.31
CA TRP DB 400 -74.12 -64.29 57.18
C TRP DB 400 -73.82 -62.87 56.67
N MET DB 401 -73.10 -62.78 55.56
CA MET DB 401 -72.77 -61.48 55.01
C MET DB 401 -74.01 -60.75 54.52
N PHE DB 402 -73.99 -59.44 54.68
CA PHE DB 402 -75.11 -58.57 54.37
C PHE DB 402 -74.53 -57.21 53.95
N PRO DB 403 -75.22 -56.48 53.06
CA PRO DB 403 -74.58 -55.31 52.43
C PRO DB 403 -74.03 -54.26 53.37
N ASN DB 404 -74.74 -53.89 54.42
CA ASN DB 404 -74.33 -52.75 55.21
C ASN DB 404 -73.47 -53.13 56.39
N GLN DB 405 -73.01 -54.36 56.48
CA GLN DB 405 -72.36 -54.83 57.69
C GLN DB 405 -71.06 -54.09 57.98
N ILE DB 406 -70.82 -53.82 59.26
CA ILE DB 406 -69.53 -53.41 59.76
C ILE DB 406 -69.15 -54.30 60.92
N TRP DB 407 -67.91 -54.79 60.90
CA TRP DB 407 -67.34 -55.46 62.05
C TRP DB 407 -65.94 -54.93 62.20
N ASP DB 408 -65.34 -55.23 63.34
CA ASP DB 408 -63.98 -54.81 63.60
C ASP DB 408 -63.10 -56.05 63.63
N ARG DB 409 -61.98 -55.98 62.94
CA ARG DB 409 -61.09 -57.13 62.88
C ARG DB 409 -60.63 -57.49 64.28
N TYR DB 410 -60.31 -58.75 64.49
CA TYR DB 410 -59.96 -59.24 65.81
C TYR DB 410 -58.87 -58.36 66.42
N PRO DB 411 -58.99 -57.98 67.69
CA PRO DB 411 -58.08 -56.98 68.27
C PRO DB 411 -56.64 -57.43 68.36
N ILE DB 412 -56.40 -58.72 68.14
CA ILE DB 412 -55.14 -59.42 68.32
C ILE DB 412 -54.53 -59.11 69.69
N THR DB 413 -53.20 -59.18 69.76
CA THR DB 413 -52.42 -59.08 70.99
C THR DB 413 -50.97 -59.39 70.65
N ARG DB 414 -50.08 -59.32 71.63
CA ARG DB 414 -48.67 -59.57 71.36
C ARG DB 414 -48.40 -61.03 71.00
N GLU DB 415 -49.29 -61.95 71.37
CA GLU DB 415 -49.05 -63.38 71.17
C GLU DB 415 -49.48 -63.89 69.81
N ASN DB 416 -49.98 -63.04 68.96
CA ASN DB 416 -50.65 -63.53 67.76
C ASN DB 416 -49.68 -63.68 66.60
N PRO DB 417 -50.04 -64.52 65.63
CA PRO DB 417 -49.32 -64.53 64.37
C PRO DB 417 -49.53 -63.25 63.60
N ILE DB 418 -48.46 -62.77 62.96
CA ILE DB 418 -48.54 -61.54 62.19
C ILE DB 418 -49.39 -61.73 60.95
N TRP DB 419 -49.07 -62.75 60.16
CA TRP DB 419 -49.70 -62.94 58.87
C TRP DB 419 -50.18 -64.38 58.72
N CYS DB 420 -50.97 -64.58 57.67
CA CYS DB 420 -51.42 -65.88 57.21
C CYS DB 420 -51.49 -65.83 55.70
N LYS DB 421 -51.17 -66.94 55.05
CA LYS DB 421 -51.17 -66.94 53.60
C LYS DB 421 -52.57 -67.13 53.07
N LYS DB 422 -52.98 -66.24 52.17
CA LYS DB 422 -54.27 -66.37 51.50
C LYS DB 422 -54.11 -67.36 50.35
N PRO DB 423 -54.77 -68.51 50.42
CA PRO DB 423 -54.60 -69.52 49.37
C PRO DB 423 -55.10 -69.05 48.02
N ARG DB 424 -54.35 -69.44 46.98
CA ARG DB 424 -54.69 -69.04 45.63
C ARG DB 424 -55.94 -69.76 45.16
N SER DB 425 -56.92 -68.98 44.73
CA SER DB 425 -58.17 -69.56 44.25
C SER DB 425 -58.84 -68.55 43.34
N ASP DB 426 -59.77 -69.04 42.53
CA ASP DB 426 -60.45 -68.17 41.58
C ASP DB 426 -61.21 -67.07 42.30
N LYS DB 427 -62.12 -67.46 43.20
CA LYS DB 427 -63.03 -66.52 43.82
C LYS DB 427 -62.87 -66.55 45.33
N HIS DB 428 -63.11 -65.41 45.97
CA HIS DB 428 -63.11 -65.34 47.42
C HIS DB 428 -63.89 -64.12 47.85
N THR DB 429 -64.30 -64.13 49.11
CA THR DB 429 -64.99 -63.02 49.76
C THR DB 429 -64.02 -62.07 50.44
N THR DB 430 -64.51 -61.26 51.37
CA THR DB 430 -63.76 -60.10 51.87
C THR DB 430 -62.37 -60.46 52.38
N ILE DB 431 -62.17 -61.71 52.83
CA ILE DB 431 -60.90 -62.16 53.42
C ILE DB 431 -60.56 -61.36 54.67
N ASP DB 432 -61.30 -61.57 55.74
CA ASP DB 432 -60.87 -61.13 57.06
C ASP DB 432 -60.67 -62.33 57.95
N PRO DB 433 -59.44 -62.75 58.24
CA PRO DB 433 -59.25 -63.91 59.12
C PRO DB 433 -59.69 -63.62 60.53
N PHE DB 434 -60.37 -64.59 61.14
CA PHE DB 434 -60.90 -64.41 62.49
C PHE DB 434 -59.87 -64.73 63.55
N ASP DB 435 -58.66 -65.08 63.16
CA ASP DB 435 -57.54 -65.22 64.07
C ASP DB 435 -56.84 -63.89 64.27
N GLY DB 436 -57.41 -62.81 63.75
CA GLY DB 436 -56.65 -61.60 63.56
C GLY DB 436 -55.66 -61.85 62.45
N SER DB 437 -54.38 -61.67 62.75
CA SER DB 437 -53.32 -61.86 61.77
C SER DB 437 -53.59 -61.08 60.51
N LEU DB 438 -53.23 -61.64 59.36
CA LEU DB 438 -53.31 -60.94 58.09
C LEU DB 438 -53.35 -61.98 56.99
N ALA DB 439 -53.78 -61.54 55.81
CA ALA DB 439 -53.77 -62.38 54.63
C ALA DB 439 -52.94 -61.69 53.57
N MET DB 440 -52.06 -62.46 52.93
CA MET DB 440 -51.26 -61.93 51.85
C MET DB 440 -51.18 -62.94 50.72
N ASP DB 441 -51.17 -62.44 49.49
CA ASP DB 441 -50.91 -63.30 48.35
C ASP DB 441 -49.60 -64.05 48.55
N HIS DB 442 -48.52 -63.29 48.70
CA HIS DB 442 -47.21 -63.85 49.02
C HIS DB 442 -46.77 -63.35 50.38
N PRO DB 443 -46.84 -64.16 51.42
CA PRO DB 443 -46.28 -63.79 52.69
C PRO DB 443 -44.77 -63.89 52.63
N PRO DB 444 -44.06 -63.66 53.73
CA PRO DB 444 -42.63 -63.96 53.74
C PRO DB 444 -42.41 -65.41 53.36
N GLY DB 445 -41.52 -65.62 52.39
CA GLY DB 445 -41.20 -66.96 51.96
C GLY DB 445 -40.51 -67.71 53.08
N THR DB 446 -40.99 -68.91 53.36
CA THR DB 446 -40.38 -69.71 54.40
C THR DB 446 -38.96 -70.06 54.02
N ILE DB 447 -38.04 -69.85 54.95
CA ILE DB 447 -36.64 -70.19 54.74
C ILE DB 447 -36.42 -71.59 55.26
N PHE DB 448 -35.98 -72.49 54.38
CA PHE DB 448 -35.74 -73.87 54.72
C PHE DB 448 -34.25 -74.10 54.85
N ILE DB 449 -33.88 -75.04 55.71
CA ILE DB 449 -32.48 -75.30 55.99
C ILE DB 449 -32.32 -76.77 56.36
N LYS DB 450 -31.23 -77.36 55.90
CA LYS DB 450 -30.99 -78.80 56.04
C LYS DB 450 -29.50 -79.00 56.26
N MET DB 451 -29.13 -80.19 56.71
CA MET DB 451 -27.78 -80.46 57.17
C MET DB 451 -26.85 -81.08 56.13
N ALA DB 452 -27.27 -81.19 54.87
CA ALA DB 452 -26.33 -81.61 53.83
C ALA DB 452 -25.74 -82.99 54.10
N LYS DB 453 -26.50 -84.04 53.81
CA LYS DB 453 -26.11 -85.40 54.16
C LYS DB 453 -24.67 -85.69 53.76
N ILE DB 454 -23.91 -86.17 54.73
CA ILE DB 454 -22.55 -86.60 54.49
C ILE DB 454 -22.51 -88.11 54.68
N PRO DB 455 -22.45 -88.88 53.61
CA PRO DB 455 -22.54 -90.34 53.76
C PRO DB 455 -21.21 -90.92 54.20
N VAL DB 456 -21.23 -92.22 54.47
CA VAL DB 456 -20.03 -92.92 54.92
C VAL DB 456 -20.00 -94.27 54.22
N PRO DB 457 -18.85 -94.79 53.87
CA PRO DB 457 -18.80 -96.01 53.07
C PRO DB 457 -19.16 -97.23 53.89
N SER DB 458 -19.76 -98.21 53.21
CA SER DB 458 -20.10 -99.48 53.83
C SER DB 458 -20.13 -100.55 52.75
N ASN DB 459 -20.33 -101.80 53.19
CA ASN DB 459 -20.33 -102.94 52.28
C ASN DB 459 -21.68 -103.14 51.61
N ASN DB 460 -22.76 -103.00 52.36
CA ASN DB 460 -24.11 -103.39 51.93
C ASN DB 460 -24.55 -102.95 50.52
N ASN DB 461 -24.40 -101.68 50.14
CA ASN DB 461 -23.83 -100.62 50.95
C ASN DB 461 -24.93 -99.72 51.50
N ALA DB 462 -24.51 -98.73 52.27
CA ALA DB 462 -25.39 -97.75 52.89
C ALA DB 462 -26.46 -98.47 53.76
N ASP DB 463 -27.66 -97.91 54.01
CA ASP DB 463 -27.86 -96.47 54.20
C ASP DB 463 -27.21 -96.04 55.50
N SER DB 464 -26.27 -95.10 55.38
CA SER DB 464 -25.53 -94.62 56.54
C SER DB 464 -25.05 -93.22 56.23
N TYR DB 465 -24.87 -92.43 57.28
CA TYR DB 465 -24.52 -91.04 57.11
C TYR DB 465 -23.83 -90.57 58.38
N LEU DB 466 -23.18 -89.42 58.27
CA LEU DB 466 -22.43 -88.86 59.37
C LEU DB 466 -23.32 -87.95 60.19
N ASN DB 467 -23.21 -88.05 61.51
CA ASN DB 467 -24.14 -87.39 62.42
C ASN DB 467 -23.58 -86.01 62.79
N ILE DB 468 -24.25 -84.95 62.33
CA ILE DB 468 -23.79 -83.58 62.54
C ILE DB 468 -24.99 -82.71 62.87
N TYR DB 469 -24.70 -81.49 63.29
CA TYR DB 469 -25.74 -80.49 63.46
C TYR DB 469 -25.14 -79.12 63.21
N CYS DB 470 -26.00 -78.16 62.90
CA CYS DB 470 -25.57 -76.81 62.59
C CYS DB 470 -26.03 -75.88 63.68
N THR DB 471 -25.32 -74.77 63.82
CA THR DB 471 -25.64 -73.78 64.82
C THR DB 471 -25.25 -72.43 64.25
N GLY DB 472 -26.08 -71.42 64.50
CA GLY DB 472 -25.77 -70.14 63.91
C GLY DB 472 -26.73 -69.09 64.39
N GLN DB 473 -26.74 -67.96 63.70
CA GLN DB 473 -27.47 -66.80 64.15
C GLN DB 473 -28.32 -66.24 63.02
N VAL DB 474 -29.62 -66.17 63.25
CA VAL DB 474 -30.55 -65.50 62.35
C VAL DB 474 -30.79 -64.10 62.89
N SER DB 475 -30.79 -63.11 62.02
CA SER DB 475 -31.18 -61.77 62.40
C SER DB 475 -32.35 -61.38 61.53
N CYS DB 476 -33.51 -61.25 62.13
CA CYS DB 476 -34.71 -60.83 61.42
C CYS DB 476 -34.95 -59.36 61.74
N GLU DB 477 -34.71 -58.50 60.77
CA GLU DB 477 -34.86 -57.06 60.92
C GLU DB 477 -36.00 -56.62 60.01
N ILE DB 478 -37.11 -56.20 60.59
CA ILE DB 478 -38.30 -55.88 59.82
C ILE DB 478 -38.71 -54.44 60.09
N VAL DB 479 -39.17 -53.77 59.07
CA VAL DB 479 -39.58 -52.37 59.12
C VAL DB 479 -41.09 -52.32 59.12
N TRP DB 480 -41.65 -51.45 59.95
CA TRP DB 480 -43.09 -51.36 60.13
C TRP DB 480 -43.56 -49.99 59.71
N GLU DB 481 -44.40 -49.93 58.68
CA GLU DB 481 -45.13 -48.70 58.43
C GLU DB 481 -46.04 -48.43 59.60
N VAL DB 482 -45.93 -47.23 60.16
CA VAL DB 482 -46.60 -46.92 61.41
C VAL DB 482 -47.18 -45.52 61.30
N GLU DB 483 -48.34 -45.30 61.93
CA GLU DB 483 -49.02 -44.02 61.87
C GLU DB 483 -49.42 -43.61 63.28
N ARG DB 484 -49.21 -42.34 63.60
CA ARG DB 484 -49.35 -41.85 64.96
C ARG DB 484 -50.67 -41.10 65.11
N TYR DB 485 -51.27 -41.19 66.28
CA TYR DB 485 -52.64 -40.76 66.45
C TYR DB 485 -52.73 -39.34 66.98
N ALA DB 486 -53.73 -38.61 66.50
CA ALA DB 486 -54.12 -37.34 67.06
C ALA DB 486 -55.64 -37.33 67.15
N THR DB 487 -56.15 -36.73 68.23
CA THR DB 487 -57.60 -36.75 68.43
C THR DB 487 -58.03 -35.51 69.19
N LYS DB 488 -59.31 -35.20 69.06
CA LYS DB 488 -59.89 -34.05 69.70
C LYS DB 488 -60.56 -34.38 71.02
N ASN DB 489 -60.47 -35.63 71.46
CA ASN DB 489 -61.06 -35.99 72.74
C ASN DB 489 -60.44 -35.17 73.86
N TRP DB 490 -61.27 -34.75 74.80
CA TRP DB 490 -60.79 -34.00 75.95
C TRP DB 490 -60.21 -34.90 77.02
N ARG DB 491 -60.70 -36.10 77.13
CA ARG DB 491 -60.47 -36.97 78.26
C ARG DB 491 -59.23 -37.85 78.08
N PRO DB 492 -58.73 -38.41 79.17
CA PRO DB 492 -57.41 -39.10 79.14
C PRO DB 492 -57.31 -40.34 78.25
N GLU DB 493 -58.41 -40.91 77.78
CA GLU DB 493 -58.41 -42.19 77.02
C GLU DB 493 -57.78 -43.28 77.90
N ARG DB 494 -57.02 -44.20 77.32
CA ARG DB 494 -56.59 -45.40 78.04
C ARG DB 494 -55.26 -45.86 77.48
N ARG DB 495 -54.44 -46.45 78.34
CA ARG DB 495 -53.14 -46.94 77.93
C ARG DB 495 -52.96 -48.33 78.55
N HIS DB 496 -51.78 -48.90 78.35
CA HIS DB 496 -51.44 -50.17 78.96
C HIS DB 496 -50.40 -49.93 80.04
N THR DB 497 -50.85 -49.98 81.30
CA THR DB 497 -49.98 -49.97 82.45
C THR DB 497 -49.44 -51.36 82.73
N THR DB 498 -48.32 -51.40 83.45
CA THR DB 498 -47.94 -52.62 84.13
C THR DB 498 -48.95 -53.02 85.20
N PHE DB 499 -49.83 -52.11 85.61
CA PHE DB 499 -50.75 -52.49 86.66
C PHE DB 499 -51.76 -53.53 86.21
N GLY DB 500 -52.00 -53.65 84.92
CA GLY DB 500 -52.73 -54.81 84.43
C GLY DB 500 -51.98 -56.09 84.68
N LEU DB 501 -50.66 -56.01 84.75
CA LEU DB 501 -49.81 -57.17 84.99
C LEU DB 501 -49.90 -57.60 86.46
N GLY DB 502 -49.45 -58.82 86.73
CA GLY DB 502 -49.51 -59.34 88.07
C GLY DB 502 -48.32 -60.24 88.35
N ILE DB 503 -48.11 -60.49 89.65
CA ILE DB 503 -46.89 -61.12 90.16
C ILE DB 503 -47.01 -62.63 90.00
N GLY DB 504 -45.88 -63.29 89.75
CA GLY DB 504 -45.92 -64.74 89.59
C GLY DB 504 -44.55 -65.36 89.58
N GLY DB 505 -44.55 -66.70 89.58
CA GLY DB 505 -43.39 -67.55 89.45
C GLY DB 505 -42.74 -67.88 90.78
N ALA DB 506 -42.21 -69.11 90.88
CA ALA DB 506 -41.50 -69.62 92.06
C ALA DB 506 -42.18 -69.24 93.36
N ASP DB 507 -41.39 -68.77 94.33
CA ASP DB 507 -41.92 -67.88 95.34
C ASP DB 507 -42.34 -66.61 94.63
N ASN DB 508 -43.50 -66.08 95.01
CA ASN DB 508 -44.28 -65.23 94.11
C ASN DB 508 -43.46 -64.13 93.46
N LEU DB 509 -42.31 -63.80 94.03
CA LEU DB 509 -41.49 -62.67 93.59
C LEU DB 509 -41.21 -62.71 92.10
N ASN DB 510 -41.02 -61.51 91.54
CA ASN DB 510 -40.89 -61.07 90.17
C ASN DB 510 -42.28 -60.92 89.58
N PRO DB 511 -42.55 -59.89 88.79
CA PRO DB 511 -43.95 -59.64 88.41
C PRO DB 511 -44.51 -60.52 87.31
N THR DB 512 -44.14 -60.25 86.06
CA THR DB 512 -44.76 -60.97 84.95
C THR DB 512 -43.79 -61.23 83.81
N TYR DB 513 -43.34 -60.19 83.11
CA TYR DB 513 -42.33 -60.41 82.10
C TYR DB 513 -40.97 -60.19 82.76
N HIS DB 514 -40.34 -61.31 83.10
CA HIS DB 514 -39.20 -61.25 83.99
C HIS DB 514 -38.76 -62.68 84.27
N VAL DB 515 -37.52 -62.81 84.75
CA VAL DB 515 -36.96 -64.12 85.03
C VAL DB 515 -37.34 -64.62 86.42
N ASP DB 516 -37.32 -65.94 86.58
CA ASP DB 516 -37.51 -66.63 87.85
C ASP DB 516 -36.14 -66.79 88.53
N LYS DB 517 -36.03 -67.64 89.56
CA LYS DB 517 -34.79 -67.66 90.33
C LYS DB 517 -33.59 -68.65 90.17
N ASN DB 518 -33.57 -69.81 89.48
CA ASN DB 518 -34.61 -70.64 88.84
C ASN DB 518 -34.94 -70.17 87.44
N GLY DB 519 -34.22 -69.17 86.96
CA GLY DB 519 -34.79 -68.26 86.00
C GLY DB 519 -35.49 -68.90 84.82
N THR DB 520 -36.80 -68.65 84.80
CA THR DB 520 -37.71 -69.06 83.76
C THR DB 520 -38.64 -67.88 83.55
N TYR DB 521 -38.69 -67.40 82.32
CA TYR DB 521 -39.47 -66.22 82.00
C TYR DB 521 -40.91 -66.42 82.41
N ILE DB 522 -41.43 -65.54 83.26
CA ILE DB 522 -42.77 -65.72 83.79
C ILE DB 522 -43.78 -65.43 82.70
N GLN DB 523 -44.70 -66.27 82.53
CA GLN DB 523 -45.58 -65.98 81.43
C GLN DB 523 -46.77 -65.14 81.89
N PRO DB 524 -47.25 -64.27 81.01
CA PRO DB 524 -48.44 -63.48 81.32
C PRO DB 524 -49.66 -64.37 81.46
N THR DB 525 -50.43 -64.15 82.52
CA THR DB 525 -51.60 -64.97 82.83
C THR DB 525 -52.87 -64.19 82.56
N THR DB 526 -53.76 -64.81 81.79
CA THR DB 526 -54.93 -64.33 81.05
C THR DB 526 -54.64 -63.22 80.04
N TRP DB 527 -55.68 -62.45 79.68
CA TRP DB 527 -55.68 -61.76 78.39
C TRP DB 527 -55.08 -60.37 78.48
N ASP DB 528 -55.44 -59.61 79.53
CA ASP DB 528 -55.00 -58.23 79.62
C ASP DB 528 -53.50 -58.09 79.78
N MET DB 529 -52.84 -59.08 80.38
CA MET DB 529 -51.39 -59.08 80.50
C MET DB 529 -50.74 -58.77 79.16
N CYS DB 530 -50.85 -59.69 78.22
CA CYS DB 530 -50.57 -59.37 76.83
C CYS DB 530 -51.42 -58.18 76.44
N PHE DB 531 -50.78 -57.15 75.89
CA PHE DB 531 -51.51 -55.89 75.76
C PHE DB 531 -52.10 -55.79 74.36
N PRO DB 532 -53.41 -55.98 74.21
CA PRO DB 532 -53.99 -56.04 72.87
C PRO DB 532 -54.12 -54.65 72.27
N VAL DB 533 -53.89 -54.55 70.97
CA VAL DB 533 -54.30 -53.33 70.30
C VAL DB 533 -55.82 -53.31 70.22
N LYS DB 534 -56.36 -52.14 69.92
CA LYS DB 534 -57.77 -51.87 69.65
C LYS DB 534 -58.53 -51.65 70.94
N THR DB 535 -57.90 -51.82 72.10
CA THR DB 535 -58.50 -51.46 73.38
C THR DB 535 -58.16 -50.03 73.80
N ASN DB 536 -57.39 -49.31 73.00
CA ASN DB 536 -56.92 -47.99 73.38
C ASN DB 536 -57.30 -46.96 72.34
N ILE DB 537 -56.82 -45.74 72.58
CA ILE DB 537 -57.12 -44.56 71.79
C ILE DB 537 -58.64 -44.41 71.69
N ASN DB 538 -59.12 -43.84 70.59
CA ASN DB 538 -60.52 -43.76 70.24
C ASN DB 538 -60.59 -43.41 68.77
N LYS DB 539 -61.73 -43.63 68.15
CA LYS DB 539 -61.98 -43.11 66.82
C LYS DB 539 -63.42 -42.66 66.72
N VAL DB 540 -63.63 -41.45 66.20
CA VAL DB 540 -64.96 -41.08 65.76
C VAL DB 540 -65.29 -41.91 64.53
N LEU DB 541 -66.42 -42.60 64.57
CA LEU DB 541 -66.80 -43.44 63.45
C LEU DB 541 -67.29 -42.58 62.29
N GLY EB 34 -58.64 10.52 57.39
CA GLY EB 34 -59.75 9.59 57.50
C GLY EB 34 -61.05 10.11 56.93
N SER EB 35 -62.12 9.32 57.06
CA SER EB 35 -63.42 9.69 56.53
C SER EB 35 -64.50 8.95 57.31
N GLY EB 36 -65.72 9.44 57.22
CA GLY EB 36 -66.86 8.82 57.85
C GLY EB 36 -67.26 9.51 59.13
N VAL EB 37 -68.29 8.94 59.76
CA VAL EB 37 -68.73 9.44 61.06
C VAL EB 37 -67.59 9.33 62.07
N GLY EB 38 -67.50 10.32 62.95
CA GLY EB 38 -66.45 10.35 63.93
C GLY EB 38 -65.19 11.05 63.49
N ILE EB 39 -65.15 11.58 62.28
CA ILE EB 39 -64.02 12.34 61.78
C ILE EB 39 -64.58 13.68 61.31
N SER EB 40 -64.18 14.76 61.97
CA SER EB 40 -64.71 16.07 61.62
C SER EB 40 -64.24 16.46 60.23
N THR EB 41 -65.11 17.14 59.49
CA THR EB 41 -64.77 17.43 58.11
C THR EB 41 -63.88 18.66 57.99
N GLY EB 42 -64.19 19.71 58.73
CA GLY EB 42 -63.36 20.91 58.71
C GLY EB 42 -63.43 21.58 60.06
N GLY EB 43 -62.47 22.48 60.29
CA GLY EB 43 -62.35 23.17 61.56
C GLY EB 43 -62.92 24.57 61.52
N TRP EB 44 -62.88 25.20 62.68
CA TRP EB 44 -63.36 26.57 62.82
C TRP EB 44 -62.40 27.53 62.13
N VAL EB 45 -62.93 28.68 61.73
CA VAL EB 45 -62.20 29.64 60.92
C VAL EB 45 -62.62 31.05 61.33
N GLY EB 46 -61.70 32.00 61.22
CA GLY EB 46 -62.05 33.40 61.40
C GLY EB 46 -60.81 34.26 61.59
N GLY EB 47 -61.05 35.53 61.95
CA GLY EB 47 -60.02 36.43 62.45
C GLY EB 47 -59.54 37.51 61.51
N SER EB 48 -60.12 37.62 60.32
CA SER EB 48 -59.74 38.54 59.26
C SER EB 48 -58.27 38.53 58.85
N TYR EB 49 -57.82 39.60 58.18
CA TYR EB 49 -56.46 39.59 57.64
C TYR EB 49 -55.77 40.96 57.54
N PHE EB 50 -56.29 41.81 56.65
CA PHE EB 50 -55.79 43.15 56.37
C PHE EB 50 -54.40 43.31 55.78
N THR EB 51 -54.27 43.07 54.47
CA THR EB 51 -53.15 43.54 53.66
C THR EB 51 -53.58 44.74 52.82
N ASP EB 52 -52.63 45.62 52.52
CA ASP EB 52 -52.88 46.84 51.77
C ASP EB 52 -53.73 46.63 50.52
N SER EB 53 -53.47 45.55 49.79
CA SER EB 53 -54.19 45.31 48.54
C SER EB 53 -55.55 44.67 48.77
N TYR EB 54 -55.70 43.85 49.81
CA TYR EB 54 -56.96 43.15 50.02
C TYR EB 54 -57.13 42.78 51.48
N VAL EB 55 -58.37 42.55 51.86
CA VAL EB 55 -58.74 42.14 53.20
C VAL EB 55 -59.51 40.83 53.11
N ILE EB 56 -59.07 39.82 53.85
CA ILE EB 56 -59.73 38.52 53.89
C ILE EB 56 -60.44 38.40 55.22
N THR EB 57 -61.76 38.41 55.20
CA THR EB 57 -62.56 38.20 56.40
C THR EB 57 -63.05 36.76 56.41
N LYS EB 58 -62.88 36.10 57.54
CA LYS EB 58 -63.26 34.71 57.71
C LYS EB 58 -64.24 34.62 58.87
N ASN EB 59 -65.26 33.79 58.71
CA ASN EB 59 -66.28 33.65 59.73
C ASN EB 59 -66.79 32.22 59.74
N THR EB 60 -67.32 31.80 60.87
CA THR EB 60 -67.85 30.46 61.02
C THR EB 60 -69.05 30.53 61.96
N ARG EB 61 -70.03 29.66 61.74
CA ARG EB 61 -71.27 29.73 62.49
C ARG EB 61 -71.73 28.33 62.87
N GLN EB 62 -72.74 28.30 63.73
CA GLN EB 62 -73.46 27.10 64.06
C GLN EB 62 -74.92 27.35 63.68
N PHE EB 63 -75.49 26.49 62.85
CA PHE EB 63 -76.83 26.72 62.34
C PHE EB 63 -77.70 25.50 62.59
N LEU EB 64 -79.01 25.67 62.43
CA LEU EB 64 -79.88 24.51 62.45
C LEU EB 64 -81.05 24.69 61.50
N VAL EB 65 -81.44 23.59 60.87
CA VAL EB 65 -82.56 23.55 59.93
C VAL EB 65 -83.71 22.83 60.61
N LYS EB 66 -84.88 23.43 60.59
CA LYS EB 66 -85.96 23.06 61.50
C LYS EB 66 -87.06 22.18 60.88
N ILE EB 67 -86.98 21.85 59.60
CA ILE EB 67 -88.13 21.29 58.86
C ILE EB 67 -89.28 22.29 58.91
N GLN EB 68 -89.20 23.34 58.10
CA GLN EB 68 -90.32 24.28 58.04
C GLN EB 68 -91.41 23.75 57.12
N ASN EB 69 -92.65 24.03 57.49
CA ASN EB 69 -93.81 23.91 56.59
C ASN EB 69 -94.09 22.46 56.21
N ASN EB 70 -93.97 21.55 57.17
CA ASN EB 70 -93.94 20.11 56.89
C ASN EB 70 -92.89 19.94 55.80
N HIS EB 71 -93.08 19.08 54.81
CA HIS EB 71 -92.30 19.22 53.59
C HIS EB 71 -93.10 19.76 52.43
N GLN EB 72 -94.40 19.94 52.61
CA GLN EB 72 -95.23 20.51 51.56
C GLN EB 72 -95.07 22.03 51.48
N TYR EB 73 -95.49 22.58 50.35
CA TYR EB 73 -95.32 23.98 49.97
C TYR EB 73 -96.42 24.90 50.48
N LYS EB 74 -97.66 24.65 50.08
CA LYS EB 74 -98.80 25.55 50.25
C LYS EB 74 -98.59 26.90 49.57
N THR EB 75 -99.32 27.91 50.04
CA THR EB 75 -99.28 29.25 49.45
C THR EB 75 -99.27 30.30 50.57
N GLU EB 76 -100.26 30.20 51.46
CA GLU EB 76 -100.37 30.86 52.76
C GLU EB 76 -101.02 32.23 52.80
N LEU EB 77 -101.16 32.92 51.66
CA LEU EB 77 -101.97 34.15 51.58
C LEU EB 77 -101.82 35.01 52.83
N ILE EB 78 -100.66 35.62 52.99
CA ILE EB 78 -100.16 35.97 54.33
C ILE EB 78 -101.14 36.85 55.11
N SER EB 79 -101.17 38.15 54.82
CA SER EB 79 -102.13 39.12 55.34
C SER EB 79 -102.04 39.29 56.85
N PRO EB 80 -102.33 40.46 57.38
CA PRO EB 80 -102.96 40.53 58.70
C PRO EB 80 -104.46 40.71 58.52
N SER EB 81 -105.21 40.78 59.61
CA SER EB 81 -106.59 41.25 59.50
C SER EB 81 -107.04 42.13 60.67
N THR EB 82 -107.47 43.38 60.46
CA THR EB 82 -107.18 44.31 59.34
C THR EB 82 -107.19 43.78 57.89
N SER EB 83 -108.31 43.16 57.52
CA SER EB 83 -108.45 42.59 56.18
C SER EB 83 -108.22 43.61 55.08
N GLN EB 84 -108.26 44.91 55.41
CA GLN EB 84 -107.94 45.95 54.44
C GLN EB 84 -106.49 45.88 53.97
N GLY EB 85 -105.65 45.07 54.62
CA GLY EB 85 -104.24 45.03 54.28
C GLY EB 85 -104.00 44.49 52.88
N LYS EB 86 -102.72 44.44 52.52
CA LYS EB 86 -102.34 44.00 51.18
C LYS EB 86 -102.66 42.54 50.95
N SER EB 87 -102.36 41.68 51.92
CA SER EB 87 -102.72 40.27 51.87
C SER EB 87 -102.04 39.57 50.70
N GLN EB 88 -100.73 39.77 50.58
CA GLN EB 88 -99.97 39.06 49.55
C GLN EB 88 -100.07 37.55 49.74
N ARG EB 89 -100.21 36.83 48.65
CA ARG EB 89 -100.49 35.39 48.75
C ARG EB 89 -99.21 34.60 49.02
N CYS EB 90 -98.11 35.02 48.41
CA CYS EB 90 -96.82 34.35 48.50
C CYS EB 90 -96.84 32.86 48.19
N VAL EB 91 -95.80 32.16 48.65
CA VAL EB 91 -95.64 30.72 48.56
C VAL EB 91 -94.70 30.32 49.68
N SER EB 92 -94.97 29.21 50.34
CA SER EB 92 -94.05 28.72 51.36
C SER EB 92 -93.42 27.45 50.82
N THR EB 93 -92.20 27.18 51.25
CA THR EB 93 -91.47 26.02 50.80
C THR EB 93 -90.85 25.31 51.98
N PRO EB 94 -90.54 24.02 51.87
CA PRO EB 94 -89.80 23.33 52.93
C PRO EB 94 -88.38 23.84 53.10
N TRP EB 95 -87.87 24.60 52.15
CA TRP EB 95 -86.46 24.96 52.13
C TRP EB 95 -86.17 26.12 53.08
N SER EB 96 -84.94 26.13 53.57
CA SER EB 96 -84.37 27.24 54.31
C SER EB 96 -83.14 27.70 53.55
N TYR EB 97 -82.68 28.91 53.82
CA TYR EB 97 -81.58 29.45 53.04
C TYR EB 97 -80.61 30.22 53.91
N PHE EB 98 -79.39 30.32 53.41
CA PHE EB 98 -78.34 31.10 54.05
C PHE EB 98 -78.30 32.49 53.45
N ASN EB 99 -78.50 33.50 54.29
CA ASN EB 99 -78.36 34.89 53.89
C ASN EB 99 -77.05 35.41 54.47
N PHE EB 100 -76.09 35.68 53.61
CA PHE EB 100 -74.80 36.23 54.03
C PHE EB 100 -74.70 37.74 53.87
N ASN EB 101 -75.79 38.41 53.48
CA ASN EB 101 -75.70 39.77 53.01
C ASN EB 101 -75.87 40.74 54.17
N GLN EB 102 -74.76 41.31 54.61
CA GLN EB 102 -74.67 42.40 55.58
C GLN EB 102 -73.20 42.61 55.86
N TYR EB 103 -72.85 43.81 56.31
CA TYR EB 103 -71.45 44.03 56.67
C TYR EB 103 -71.14 43.55 58.08
N SER EB 104 -72.05 43.82 59.02
CA SER EB 104 -71.80 43.47 60.40
C SER EB 104 -71.62 41.98 60.61
N SER EB 105 -71.98 41.16 59.64
CA SER EB 105 -71.76 39.73 59.76
C SER EB 105 -70.30 39.39 59.51
N HIS EB 106 -69.67 40.05 58.54
CA HIS EB 106 -68.32 39.70 58.13
C HIS EB 106 -67.23 40.52 58.79
N PHE EB 107 -67.58 41.58 59.51
CA PHE EB 107 -66.59 42.47 60.09
C PHE EB 107 -66.87 42.67 61.57
N SER EB 108 -65.87 42.40 62.40
CA SER EB 108 -65.96 42.78 63.78
C SER EB 108 -65.98 44.30 63.88
N PRO EB 109 -66.50 44.84 64.98
CA PRO EB 109 -66.45 46.29 65.16
C PRO EB 109 -65.06 46.87 65.07
N GLN EB 110 -64.01 46.08 65.29
CA GLN EB 110 -62.67 46.59 65.02
C GLN EB 110 -62.23 46.38 63.57
N ASP EB 111 -62.54 45.23 62.97
CA ASP EB 111 -62.17 45.05 61.56
C ASP EB 111 -62.80 46.12 60.70
N TRP EB 112 -64.13 46.24 60.75
CA TRP EB 112 -64.76 47.49 60.40
C TRP EB 112 -64.19 48.54 61.32
N GLN EB 113 -63.97 49.75 60.81
CA GLN EB 113 -63.19 50.81 61.45
C GLN EB 113 -61.70 50.60 61.31
N ARG EB 114 -61.24 49.40 61.03
CA ARG EB 114 -59.88 49.33 60.52
C ARG EB 114 -59.83 49.63 59.05
N LEU EB 115 -60.81 49.16 58.28
CA LEU EB 115 -60.89 49.57 56.88
C LEU EB 115 -61.55 50.93 56.72
N THR EB 116 -62.55 51.23 57.52
CA THR EB 116 -63.21 52.52 57.39
C THR EB 116 -62.25 53.66 57.66
N ASN EB 117 -61.29 53.44 58.57
CA ASN EB 117 -60.30 54.46 58.83
C ASN EB 117 -59.17 54.43 57.80
N GLU EB 118 -58.72 53.24 57.42
CA GLU EB 118 -57.47 53.13 56.71
C GLU EB 118 -57.58 53.00 55.19
N TYR EB 119 -58.78 52.99 54.62
CA TYR EB 119 -58.87 52.74 53.19
C TYR EB 119 -59.87 53.65 52.50
N LYS EB 120 -59.55 54.01 51.24
CA LYS EB 120 -60.48 54.78 50.42
C LYS EB 120 -61.72 53.99 50.08
N ARG EB 121 -61.54 52.78 49.58
CA ARG EB 121 -62.63 52.10 48.94
C ARG EB 121 -62.40 50.61 49.02
N PHE EB 122 -63.48 49.86 48.93
CA PHE EB 122 -63.39 48.41 48.99
C PHE EB 122 -64.58 47.84 48.27
N ARG EB 123 -64.39 46.64 47.73
CA ARG EB 123 -65.50 45.88 47.18
C ARG EB 123 -65.18 44.42 47.40
N PRO EB 124 -66.17 43.58 47.63
CA PRO EB 124 -65.88 42.15 47.79
C PRO EB 124 -65.39 41.57 46.49
N LYS EB 125 -64.25 40.90 46.54
CA LYS EB 125 -63.67 40.28 45.35
C LYS EB 125 -64.24 38.90 45.10
N GLY EB 126 -64.37 38.10 46.15
CA GLY EB 126 -64.82 36.72 46.00
C GLY EB 126 -65.39 36.23 47.30
N MET EB 127 -65.95 35.03 47.25
CA MET EB 127 -66.63 34.45 48.40
C MET EB 127 -66.49 32.95 48.34
N HIS EB 128 -66.28 32.34 49.50
CA HIS EB 128 -66.09 30.90 49.59
C HIS EB 128 -66.84 30.40 50.80
N VAL EB 129 -67.76 29.47 50.61
CA VAL EB 129 -68.64 29.01 51.68
C VAL EB 129 -68.48 27.51 51.81
N LYS EB 130 -68.47 27.03 53.04
CA LYS EB 130 -68.29 25.60 53.31
C LYS EB 130 -69.29 25.16 54.35
N ILE EB 131 -70.14 24.21 54.00
CA ILE EB 131 -70.98 23.51 54.96
C ILE EB 131 -70.21 22.29 55.41
N TYR EB 132 -70.18 22.04 56.72
CA TYR EB 132 -69.48 20.87 57.20
C TYR EB 132 -69.90 20.61 58.64
N ASN EB 133 -69.37 19.52 59.20
CA ASN EB 133 -69.68 19.11 60.56
C ASN EB 133 -71.18 19.02 60.79
N LEU EB 134 -71.87 18.31 59.90
CA LEU EB 134 -73.31 18.21 59.97
C LEU EB 134 -73.73 17.22 61.04
N GLN EB 135 -74.93 17.42 61.58
CA GLN EB 135 -75.50 16.54 62.59
C GLN EB 135 -76.99 16.45 62.38
N ILE EB 136 -77.55 15.24 62.45
CA ILE EB 136 -78.99 15.04 62.35
C ILE EB 136 -79.43 14.44 63.68
N LYS EB 137 -80.23 15.16 64.45
CA LYS EB 137 -80.42 14.78 65.84
C LYS EB 137 -81.73 14.07 66.16
N GLN EB 138 -82.67 13.94 65.24
CA GLN EB 138 -83.82 13.07 65.46
C GLN EB 138 -84.60 13.46 66.72
N ILE EB 139 -85.37 14.54 66.62
CA ILE EB 139 -86.23 14.94 67.73
C ILE EB 139 -87.16 13.80 68.12
N LEU EB 140 -87.30 13.57 69.42
CA LEU EB 140 -88.32 12.68 69.96
C LEU EB 140 -89.12 13.39 71.03
N SER EB 141 -90.37 12.99 71.18
CA SER EB 141 -91.25 13.49 72.22
C SER EB 141 -91.99 12.33 72.85
N ASN EB 142 -91.78 12.13 74.15
CA ASN EB 142 -92.55 11.19 74.93
C ASN EB 142 -93.76 11.86 75.57
N GLY EB 143 -94.01 13.11 75.21
CA GLY EB 143 -94.92 13.98 75.91
C GLY EB 143 -94.11 14.87 76.84
N ALA EB 144 -94.51 16.13 76.95
CA ALA EB 144 -93.73 17.18 77.60
C ALA EB 144 -92.30 17.11 77.05
N ASP EB 145 -91.27 17.37 77.86
CA ASP EB 145 -89.86 17.04 77.66
C ASP EB 145 -89.35 17.22 76.23
N THR EB 146 -88.44 16.34 75.83
CA THR EB 146 -87.95 16.00 74.48
C THR EB 146 -86.74 15.08 74.67
N THR EB 147 -86.37 14.36 73.63
CA THR EB 147 -85.10 13.64 73.63
C THR EB 147 -84.52 13.70 72.23
N TYR EB 148 -83.20 13.62 72.16
CA TYR EB 148 -82.47 13.71 70.89
C TYR EB 148 -81.55 12.50 70.82
N ASN EB 149 -81.83 11.58 69.91
CA ASN EB 149 -81.10 10.32 69.88
C ASN EB 149 -79.86 10.43 69.02
N ASN EB 150 -79.54 11.63 68.59
CA ASN EB 150 -78.68 11.86 67.45
C ASN EB 150 -79.30 11.11 66.29
N ASP EB 151 -78.49 10.60 65.38
CA ASP EB 151 -78.99 9.84 64.24
C ASP EB 151 -77.80 9.57 63.34
N LEU EB 152 -77.95 8.55 62.51
CA LEU EB 152 -77.08 8.34 61.37
C LEU EB 152 -77.99 7.92 60.23
N THR EB 153 -77.41 7.65 59.07
CA THR EB 153 -78.17 7.29 57.89
C THR EB 153 -79.30 8.28 57.63
N ALA EB 154 -79.03 9.57 57.79
CA ALA EB 154 -79.97 10.63 57.47
C ALA EB 154 -79.25 11.64 56.58
N GLY EB 155 -80.00 12.56 55.98
CA GLY EB 155 -79.48 13.38 54.93
C GLY EB 155 -80.01 14.79 54.97
N VAL EB 156 -79.33 15.65 54.25
CA VAL EB 156 -79.64 17.07 54.17
C VAL EB 156 -79.44 17.51 52.73
N HIS EB 157 -80.46 18.13 52.16
CA HIS EB 157 -80.37 18.68 50.82
C HIS EB 157 -79.71 20.03 50.87
N ILE EB 158 -78.78 20.28 49.96
CA ILE EB 158 -78.09 21.57 49.87
C ILE EB 158 -78.03 21.97 48.41
N PHE EB 159 -78.56 23.14 48.11
CA PHE EB 159 -78.72 23.60 46.75
C PHE EB 159 -78.27 25.04 46.64
N CYS EB 160 -77.57 25.38 45.56
CA CYS EB 160 -77.07 26.72 45.32
C CYS EB 160 -77.55 27.20 43.96
N ASP EB 161 -77.70 28.51 43.81
CA ASP EB 161 -78.08 29.13 42.55
C ASP EB 161 -76.86 29.75 41.88
N GLY EB 162 -76.38 29.15 40.81
CA GLY EB 162 -75.39 29.82 40.01
C GLY EB 162 -76.02 30.60 38.89
N GLU EB 163 -77.21 30.17 38.47
CA GLU EB 163 -77.92 30.82 37.38
C GLU EB 163 -78.86 31.92 37.86
N HIS EB 164 -79.14 31.96 39.16
CA HIS EB 164 -80.19 32.79 39.73
C HIS EB 164 -81.53 32.57 39.08
N ALA EB 165 -81.78 31.37 38.55
CA ALA EB 165 -83.14 30.90 38.45
C ALA EB 165 -83.69 30.75 39.86
N TYR EB 166 -85.01 30.73 39.97
CA TYR EB 166 -85.75 30.72 41.22
C TYR EB 166 -85.82 32.11 41.83
N PRO EB 167 -86.87 32.38 42.59
CA PRO EB 167 -87.18 33.77 43.00
C PRO EB 167 -86.21 34.43 43.96
N ASN EB 168 -85.18 33.74 44.46
CA ASN EB 168 -84.09 34.30 45.27
C ASN EB 168 -84.55 35.16 46.46
N ALA EB 169 -84.91 34.49 47.56
CA ALA EB 169 -85.50 35.15 48.72
C ALA EB 169 -84.77 36.41 49.14
N THR EB 170 -83.44 36.42 49.07
CA THR EB 170 -82.66 37.46 49.71
C THR EB 170 -83.13 38.85 49.28
N HIS EB 171 -83.45 39.67 50.26
CA HIS EB 171 -83.79 41.08 50.14
C HIS EB 171 -82.82 41.82 51.03
N PRO EB 172 -82.37 43.02 50.62
CA PRO EB 172 -81.25 43.65 51.34
C PRO EB 172 -81.40 43.73 52.85
N TRP EB 173 -82.51 44.20 53.36
CA TRP EB 173 -82.57 44.46 54.81
C TRP EB 173 -82.98 43.19 55.54
N ASP EB 174 -84.25 42.82 55.42
CA ASP EB 174 -84.78 41.59 56.01
C ASP EB 174 -84.35 41.56 57.48
N GLU EB 175 -83.83 40.45 57.96
CA GLU EB 175 -83.52 40.19 59.36
C GLU EB 175 -82.25 39.38 59.31
N ASP EB 176 -81.90 38.74 60.42
CA ASP EB 176 -81.07 37.53 60.44
C ASP EB 176 -79.76 37.81 59.70
N VAL EB 177 -79.53 37.25 58.52
CA VAL EB 177 -78.23 37.13 57.88
C VAL EB 177 -77.42 36.33 58.88
N MET EB 178 -76.13 36.56 58.96
CA MET EB 178 -75.36 35.88 59.99
C MET EB 178 -75.46 36.69 61.26
N PRO EB 179 -75.46 36.07 62.43
CA PRO EB 179 -75.39 36.86 63.64
C PRO EB 179 -74.07 37.60 63.65
N GLU EB 180 -74.14 38.91 63.87
CA GLU EB 180 -72.93 39.72 63.83
C GLU EB 180 -71.87 39.19 64.77
N LEU EB 181 -72.27 38.41 65.74
CA LEU EB 181 -71.44 37.91 66.81
C LEU EB 181 -71.26 36.42 66.64
N PRO EB 182 -70.05 35.86 66.51
CA PRO EB 182 -69.93 34.40 66.39
C PRO EB 182 -70.38 33.71 67.65
N TYR EB 183 -70.19 32.39 67.75
CA TYR EB 183 -70.62 31.56 68.87
C TYR EB 183 -72.13 31.64 69.07
N GLN EB 184 -72.79 32.52 68.35
CA GLN EB 184 -74.22 32.69 68.43
C GLN EB 184 -74.84 31.83 67.35
N THR EB 185 -75.63 30.84 67.75
CA THR EB 185 -76.18 29.91 66.79
C THR EB 185 -77.08 30.63 65.80
N TRP EB 186 -77.09 30.16 64.56
CA TRP EB 186 -77.74 30.85 63.48
C TRP EB 186 -78.94 30.07 63.00
N TYR EB 187 -80.12 30.56 63.31
CA TYR EB 187 -81.35 29.88 62.91
C TYR EB 187 -81.72 30.32 61.50
N LEU EB 188 -81.87 29.35 60.61
CA LEU EB 188 -82.25 29.62 59.25
C LEU EB 188 -83.72 29.97 59.16
N PHE EB 189 -84.09 30.60 58.05
CA PHE EB 189 -85.44 31.07 57.82
C PHE EB 189 -86.02 30.42 56.56
N GLN EB 190 -87.33 30.24 56.57
CA GLN EB 190 -88.00 29.52 55.50
C GLN EB 190 -87.93 30.30 54.20
N TYR EB 191 -87.80 29.57 53.10
CA TYR EB 191 -87.77 30.18 51.78
C TYR EB 191 -89.17 30.31 51.23
N GLY EB 192 -89.51 31.50 50.75
CA GLY EB 192 -90.80 31.74 50.15
C GLY EB 192 -90.65 32.81 49.10
N TYR EB 193 -91.71 32.98 48.30
CA TYR EB 193 -91.66 33.99 47.27
C TYR EB 193 -93.06 34.39 46.88
N ILE EB 194 -93.18 35.58 46.30
CA ILE EB 194 -94.46 36.07 45.80
C ILE EB 194 -94.64 35.59 44.37
N PRO EB 195 -95.56 34.67 44.10
CA PRO EB 195 -95.79 34.30 42.70
C PRO EB 195 -96.41 35.42 41.88
N VAL EB 196 -97.44 36.08 42.40
CA VAL EB 196 -98.14 37.16 41.72
C VAL EB 196 -98.80 38.05 42.76
N ILE EB 197 -98.99 39.33 42.41
CA ILE EB 197 -99.75 40.25 43.24
C ILE EB 197 -101.09 39.64 43.59
N HIS EB 198 -101.44 39.65 44.88
CA HIS EB 198 -102.66 38.98 45.30
C HIS EB 198 -103.89 39.65 44.70
N GLU EB 199 -104.04 40.95 44.91
CA GLU EB 199 -104.99 41.68 44.09
C GLU EB 199 -104.55 41.57 42.64
N LEU EB 200 -105.49 41.75 41.71
CA LEU EB 200 -105.22 41.43 40.32
C LEU EB 200 -104.97 39.94 40.17
N ALA EB 201 -106.06 39.17 40.06
CA ALA EB 201 -106.21 37.73 40.33
C ALA EB 201 -106.86 37.41 41.67
N GLU EB 202 -107.33 38.41 42.41
CA GLU EB 202 -108.05 38.11 43.65
C GLU EB 202 -109.15 37.02 43.57
N MET EB 203 -110.01 36.95 42.54
CA MET EB 203 -110.28 37.96 41.53
C MET EB 203 -111.77 38.30 41.61
N GLU EB 204 -112.17 39.45 41.11
CA GLU EB 204 -113.55 39.89 41.32
C GLU EB 204 -114.44 39.53 40.15
N ASP EB 205 -115.31 38.53 40.37
CA ASP EB 205 -116.35 38.15 39.43
C ASP EB 205 -115.82 38.00 38.01
N SER EB 206 -116.61 38.43 37.03
CA SER EB 206 -116.14 38.72 35.67
C SER EB 206 -115.18 37.56 35.18
N ASN EB 207 -113.89 37.69 34.81
CA ASN EB 207 -113.09 38.88 34.56
C ASN EB 207 -112.30 38.73 33.27
N ALA EB 208 -111.44 37.70 33.28
CA ALA EB 208 -110.61 37.25 32.16
C ALA EB 208 -109.39 38.13 31.98
N VAL EB 209 -109.40 39.34 32.56
CA VAL EB 209 -108.16 40.11 32.66
C VAL EB 209 -107.38 39.70 33.90
N GLU EB 210 -108.08 39.43 35.00
CA GLU EB 210 -107.42 38.86 36.17
C GLU EB 210 -107.44 37.35 36.15
N LYS EB 211 -108.25 36.74 35.27
CA LYS EB 211 -108.13 35.31 35.06
C LYS EB 211 -106.77 34.98 34.48
N ALA EB 212 -106.42 35.63 33.39
CA ALA EB 212 -105.01 35.74 33.06
C ALA EB 212 -104.32 36.54 34.15
N ILE EB 213 -103.03 36.27 34.33
CA ILE EB 213 -102.20 36.73 35.44
C ILE EB 213 -102.49 35.90 36.67
N CYS EB 214 -103.67 35.29 36.74
CA CYS EB 214 -103.88 34.21 37.70
C CYS EB 214 -103.46 32.88 37.11
N LEU EB 215 -103.79 32.64 35.85
CA LEU EB 215 -103.36 31.43 35.17
C LEU EB 215 -101.86 31.41 34.97
N GLN EB 216 -101.24 32.58 34.85
CA GLN EB 216 -99.84 32.63 34.48
C GLN EB 216 -98.92 32.62 35.69
N ILE EB 217 -99.45 32.50 36.91
CA ILE EB 217 -98.58 32.60 38.06
C ILE EB 217 -97.61 31.43 37.98
N PRO EB 218 -96.31 31.67 37.98
CA PRO EB 218 -95.36 30.57 37.90
C PRO EB 218 -95.24 29.89 39.26
N PHE EB 219 -94.86 28.62 39.20
CA PHE EB 219 -94.68 27.83 40.41
C PHE EB 219 -93.30 27.20 40.35
N PHE EB 220 -92.43 27.63 41.26
CA PHE EB 220 -91.05 27.21 41.27
C PHE EB 220 -90.85 26.18 42.38
N MET EB 221 -89.99 25.23 42.13
CA MET EB 221 -89.71 24.14 43.05
C MET EB 221 -88.22 23.91 43.05
N LEU EB 222 -87.64 23.73 44.21
CA LEU EB 222 -86.21 23.53 44.28
C LEU EB 222 -85.83 22.08 44.07
N GLU EB 223 -86.79 21.22 43.76
CA GLU EB 223 -86.42 19.83 43.54
C GLU EB 223 -85.84 19.68 42.15
N ASN EB 224 -86.65 19.68 41.08
CA ASN EB 224 -86.23 20.21 39.79
C ASN EB 224 -84.75 20.03 39.54
N SER EB 225 -84.04 21.15 39.37
CA SER EB 225 -82.60 21.12 39.20
C SER EB 225 -81.92 20.35 40.34
N ASP EB 226 -80.90 19.58 39.98
CA ASP EB 226 -80.28 18.66 40.91
C ASP EB 226 -79.51 19.39 41.99
N HIS EB 227 -79.30 18.71 43.11
CA HIS EB 227 -78.57 19.26 44.24
C HIS EB 227 -78.05 18.12 45.09
N GLU EB 228 -77.12 18.45 45.98
CA GLU EB 228 -76.43 17.44 46.76
C GLU EB 228 -77.19 17.13 48.03
N VAL EB 229 -77.19 15.85 48.41
CA VAL EB 229 -77.62 15.41 49.72
C VAL EB 229 -76.37 15.04 50.49
N LEU EB 230 -76.39 15.25 51.80
CA LEU EB 230 -75.23 14.99 52.62
C LEU EB 230 -75.63 14.22 53.86
N ARG EB 231 -74.95 13.13 54.14
CA ARG EB 231 -75.02 12.58 55.48
C ARG EB 231 -74.04 13.34 56.36
N THR EB 232 -73.79 12.81 57.55
CA THR EB 232 -72.93 13.51 58.50
C THR EB 232 -71.51 13.69 57.96
N GLY EB 233 -70.83 12.59 57.61
CA GLY EB 233 -69.42 12.68 57.27
C GLY EB 233 -69.11 13.57 56.09
N GLU EB 234 -70.08 13.82 55.23
CA GLU EB 234 -69.85 14.62 54.03
C GLU EB 234 -69.93 16.10 54.32
N SER EB 235 -69.29 16.89 53.45
CA SER EB 235 -69.38 18.35 53.47
C SER EB 235 -69.59 18.87 52.06
N THR EB 236 -69.61 20.19 51.92
CA THR EB 236 -69.79 20.82 50.63
C THR EB 236 -69.12 22.18 50.64
N GLU EB 237 -68.59 22.59 49.49
CA GLU EB 237 -68.02 23.91 49.31
C GLU EB 237 -68.79 24.65 48.22
N PHE EB 238 -68.75 25.97 48.30
CA PHE EB 238 -69.28 26.82 47.25
C PHE EB 238 -68.37 28.02 47.08
N THR EB 239 -68.18 28.45 45.85
CA THR EB 239 -67.39 29.64 45.57
C THR EB 239 -68.24 30.66 44.82
N PHE EB 240 -67.82 31.90 44.89
CA PHE EB 240 -68.51 32.98 44.19
C PHE EB 240 -67.50 34.01 43.78
N ASN EB 241 -67.75 34.63 42.63
CA ASN EB 241 -66.95 35.75 42.16
C ASN EB 241 -67.88 36.91 41.89
N PHE EB 242 -67.37 38.12 42.05
CA PHE EB 242 -68.19 39.32 42.01
C PHE EB 242 -67.72 40.23 40.89
N ASP EB 243 -68.64 40.55 39.98
CA ASP EB 243 -68.51 41.74 39.15
C ASP EB 243 -69.24 42.83 39.90
N CYS EB 244 -68.50 43.78 40.44
CA CYS EB 244 -69.02 44.57 41.55
C CYS EB 244 -68.42 45.96 41.51
N GLU EB 245 -69.21 46.94 41.90
CA GLU EB 245 -68.78 48.33 41.94
C GLU EB 245 -68.16 48.64 43.30
N TRP EB 246 -67.11 49.47 43.28
CA TRP EB 246 -66.50 49.91 44.52
C TRP EB 246 -67.50 50.65 45.37
N ILE EB 247 -67.36 50.54 46.69
CA ILE EB 247 -68.03 51.43 47.62
C ILE EB 247 -66.95 52.32 48.23
N ASN EB 248 -67.15 53.62 48.14
CA ASN EB 248 -66.08 54.57 48.40
C ASN EB 248 -66.22 55.17 49.79
N ASN EB 249 -65.15 55.06 50.58
CA ASN EB 249 -65.04 55.76 51.85
C ASN EB 249 -64.15 56.96 51.60
N GLU EB 250 -64.76 58.14 51.58
CA GLU EB 250 -64.16 59.39 51.14
C GLU EB 250 -65.16 60.48 51.42
N ARG EB 251 -64.67 61.70 51.48
CA ARG EB 251 -65.50 62.83 51.88
C ARG EB 251 -65.14 64.03 51.02
N ALA EB 252 -66.16 64.70 50.49
CA ALA EB 252 -65.96 65.94 49.79
C ALA EB 252 -66.10 67.07 50.79
N TYR EB 253 -65.02 67.84 50.96
CA TYR EB 253 -65.04 68.94 51.91
C TYR EB 253 -65.78 70.16 51.39
N ILE EB 254 -66.10 70.20 50.10
CA ILE EB 254 -66.88 71.29 49.51
C ILE EB 254 -67.85 70.70 48.50
N PRO EB 255 -68.94 71.42 48.23
CA PRO EB 255 -69.82 71.03 47.13
C PRO EB 255 -69.06 71.05 45.83
N PRO EB 256 -69.50 70.29 44.83
CA PRO EB 256 -68.80 70.33 43.54
C PRO EB 256 -68.89 71.67 42.85
N GLY EB 257 -69.94 72.44 43.10
CA GLY EB 257 -70.04 73.76 42.51
C GLY EB 257 -69.23 74.82 43.21
N LEU EB 258 -68.57 74.49 44.31
CA LEU EB 258 -67.80 75.44 45.08
C LEU EB 258 -66.33 75.42 44.68
N MET EB 259 -65.98 74.69 43.62
CA MET EB 259 -64.58 74.55 43.21
C MET EB 259 -64.27 75.68 42.24
N PHE EB 260 -63.44 76.62 42.69
CA PHE EB 260 -62.96 77.71 41.85
C PHE EB 260 -62.03 78.56 42.71
N ASN EB 261 -61.23 79.36 42.04
CA ASN EB 261 -60.38 80.30 42.76
C ASN EB 261 -61.15 81.59 42.94
N PRO EB 262 -61.61 81.90 44.14
CA PRO EB 262 -62.45 83.08 44.33
C PRO EB 262 -61.68 84.37 44.21
N LEU EB 263 -60.35 84.31 44.26
CA LEU EB 263 -59.55 85.51 44.09
C LEU EB 263 -59.63 86.03 42.66
N VAL EB 264 -59.62 85.12 41.69
CA VAL EB 264 -59.53 85.54 40.29
C VAL EB 264 -60.88 86.06 39.83
N PRO EB 265 -60.94 87.20 39.15
CA PRO EB 265 -62.22 87.66 38.59
C PRO EB 265 -62.68 86.73 37.50
N THR EB 266 -63.98 86.83 37.19
CA THR EB 266 -64.58 85.97 36.19
C THR EB 266 -65.05 86.80 35.00
N ARG EB 267 -65.02 86.21 33.82
CA ARG EB 267 -65.65 86.82 32.66
C ARG EB 267 -67.00 86.18 32.41
N ARG EB 268 -68.05 86.89 32.81
CA ARG EB 268 -69.43 86.42 32.78
C ARG EB 268 -70.29 87.58 33.21
N ALA EB 269 -71.60 87.52 32.96
CA ALA EB 269 -72.46 88.62 33.34
C ALA EB 269 -73.82 88.09 33.76
N GLN EB 270 -74.50 88.90 34.56
CA GLN EB 270 -75.82 88.58 35.07
C GLN EB 270 -76.79 89.63 34.57
N TYR EB 271 -77.70 89.24 33.69
CA TYR EB 271 -78.84 90.08 33.38
C TYR EB 271 -79.93 89.71 34.38
N ILE EB 272 -80.58 90.71 34.94
CA ILE EB 272 -81.65 90.49 35.90
C ILE EB 272 -82.90 91.21 35.42
N ARG EB 273 -83.99 90.46 35.28
CA ARG EB 273 -85.22 91.02 34.75
C ARG EB 273 -85.76 92.12 35.65
N ARG EB 274 -86.55 93.02 35.06
CA ARG EB 274 -87.31 93.98 35.83
C ARG EB 274 -88.08 93.28 36.94
N ASN EB 275 -87.99 93.82 38.15
CA ASN EB 275 -88.46 93.07 39.31
C ASN EB 275 -89.98 93.10 39.42
N ASN EB 276 -90.63 94.13 38.88
CA ASN EB 276 -92.09 94.25 38.90
C ASN EB 276 -92.61 94.09 40.33
N ASN EB 277 -92.37 95.13 41.13
CA ASN EB 277 -92.51 95.14 42.59
C ASN EB 277 -91.35 94.30 43.15
N PRO EB 278 -90.81 94.71 44.31
CA PRO EB 278 -90.95 96.06 44.89
C PRO EB 278 -90.37 97.18 44.04
N GLN EB 279 -89.15 96.98 43.53
CA GLN EB 279 -88.35 98.08 43.01
C GLN EB 279 -87.16 97.49 42.26
N THR EB 280 -86.14 98.31 41.95
CA THR EB 280 -84.90 97.86 41.32
C THR EB 280 -85.09 97.34 39.91
N ALA EB 281 -85.24 98.26 38.96
CA ALA EB 281 -85.39 97.92 37.55
C ALA EB 281 -84.15 97.20 37.04
N GLU EB 282 -84.33 96.51 35.91
CA GLU EB 282 -83.35 95.56 35.38
C GLU EB 282 -81.98 96.19 35.21
N SER EB 283 -80.95 95.38 35.43
CA SER EB 283 -79.57 95.79 35.22
C SER EB 283 -78.73 94.57 34.91
N THR EB 284 -77.67 94.79 34.14
CA THR EB 284 -76.65 93.76 33.90
C THR EB 284 -75.38 94.11 34.65
N SER EB 285 -74.65 93.09 35.08
CA SER EB 285 -73.46 93.29 35.89
C SER EB 285 -72.55 92.09 35.77
N ARG EB 286 -71.28 92.30 36.08
CA ARG EB 286 -70.32 91.21 36.08
C ARG EB 286 -70.47 90.38 37.35
N ILE EB 287 -70.32 89.07 37.19
CA ILE EB 287 -70.40 88.17 38.33
C ILE EB 287 -69.20 88.41 39.24
N ALA EB 288 -69.47 88.46 40.54
CA ALA EB 288 -68.43 88.72 41.51
C ALA EB 288 -67.36 87.65 41.46
N PRO EB 289 -66.12 87.98 41.86
CA PRO EB 289 -65.05 86.97 41.79
C PRO EB 289 -65.34 85.76 42.65
N TYR EB 290 -65.78 85.98 43.89
CA TYR EB 290 -66.39 84.93 44.67
C TYR EB 290 -67.73 84.57 44.07
N ALA EB 291 -68.23 83.39 44.42
CA ALA EB 291 -69.57 82.97 44.01
C ALA EB 291 -69.71 82.96 42.49
N LYS EB 292 -68.80 82.28 41.83
CA LYS EB 292 -68.91 82.10 40.41
C LYS EB 292 -69.96 81.04 40.10
N PRO EB 293 -70.63 81.15 38.96
CA PRO EB 293 -71.63 80.14 38.60
C PRO EB 293 -70.97 78.79 38.37
N THR EB 294 -71.81 77.77 38.37
CA THR EB 294 -71.30 76.42 38.24
C THR EB 294 -72.16 75.60 37.29
N SER EB 295 -71.54 74.57 36.74
CA SER EB 295 -72.22 73.39 36.26
C SER EB 295 -72.53 72.49 37.44
N TRP EB 296 -72.78 71.23 37.16
CA TRP EB 296 -72.82 70.24 38.23
C TRP EB 296 -74.00 70.46 39.17
N MET EB 297 -75.16 70.09 38.65
CA MET EB 297 -76.44 70.02 39.31
C MET EB 297 -76.42 69.02 40.47
N THR EB 298 -77.35 69.19 41.40
CA THR EB 298 -77.45 68.29 42.53
C THR EB 298 -78.07 66.96 42.12
N GLY EB 299 -77.80 65.93 42.92
CA GLY EB 299 -78.34 64.63 42.69
C GLY EB 299 -79.85 64.61 42.84
N PRO EB 300 -80.49 63.61 42.24
CA PRO EB 300 -81.95 63.57 42.22
C PRO EB 300 -82.53 63.06 43.52
N GLY EB 301 -83.77 63.47 43.79
CA GLY EB 301 -84.52 63.00 44.94
C GLY EB 301 -85.98 63.24 44.70
N LEU EB 302 -86.82 62.65 45.55
CA LEU EB 302 -88.25 62.93 45.56
C LEU EB 302 -88.66 63.30 46.98
N LEU EB 303 -88.93 64.58 47.22
CA LEU EB 303 -89.27 65.07 48.54
C LEU EB 303 -90.73 65.43 48.76
N SER EB 304 -91.60 65.32 47.75
CA SER EB 304 -92.93 65.94 47.92
C SER EB 304 -93.88 65.06 48.72
N ALA EB 305 -93.80 63.75 48.52
CA ALA EB 305 -94.79 62.81 49.02
C ALA EB 305 -94.73 62.68 50.54
N GLN EB 306 -95.79 62.12 51.10
CA GLN EB 306 -95.85 61.77 52.52
C GLN EB 306 -96.42 60.37 52.65
N ARG EB 307 -95.88 59.62 53.61
CA ARG EB 307 -96.38 58.26 53.85
C ARG EB 307 -97.86 58.30 54.17
N VAL EB 308 -98.58 57.30 53.67
CA VAL EB 308 -100.03 57.33 53.58
C VAL EB 308 -100.65 56.25 54.45
N GLY EB 309 -101.34 56.68 55.49
CA GLY EB 309 -102.25 55.81 56.21
C GLY EB 309 -101.60 55.04 57.34
N PRO EB 310 -102.32 54.03 57.84
CA PRO EB 310 -101.85 53.31 59.03
C PRO EB 310 -100.73 52.35 58.70
N ALA EB 311 -99.97 52.01 59.73
CA ALA EB 311 -98.91 51.02 59.59
C ALA EB 311 -99.53 49.65 59.29
N THR EB 312 -98.70 48.76 58.77
CA THR EB 312 -99.01 47.42 58.28
C THR EB 312 -99.73 47.48 56.94
N SER EB 313 -100.08 48.66 56.46
CA SER EB 313 -100.70 48.85 55.15
C SER EB 313 -99.70 49.15 54.06
N ASP EB 314 -98.40 49.06 54.34
CA ASP EB 314 -97.34 49.44 53.40
C ASP EB 314 -97.41 50.91 53.04
N THR EB 315 -97.01 51.77 53.97
CA THR EB 315 -96.97 53.20 53.67
C THR EB 315 -95.58 53.55 53.16
N GLY EB 316 -95.47 53.80 51.86
CA GLY EB 316 -94.17 54.11 51.29
C GLY EB 316 -93.94 55.55 50.90
N ALA EB 317 -95.02 56.32 50.84
CA ALA EB 317 -95.13 57.67 50.28
C ALA EB 317 -94.96 57.67 48.77
N TRP EB 318 -94.39 56.64 48.18
CA TRP EB 318 -94.35 56.46 46.73
C TRP EB 318 -94.64 55.01 46.46
N MET EB 319 -95.75 54.74 45.78
CA MET EB 319 -96.12 53.38 45.42
C MET EB 319 -95.89 53.21 43.93
N VAL EB 320 -95.17 52.15 43.56
CA VAL EB 320 -94.88 51.92 42.15
C VAL EB 320 -96.06 51.25 41.46
N ALA EB 321 -96.65 50.25 42.10
CA ALA EB 321 -97.80 49.51 41.60
C ALA EB 321 -97.66 49.01 40.16
N VAL EB 322 -98.80 48.82 39.50
CA VAL EB 322 -98.87 48.38 38.10
C VAL EB 322 -99.98 49.09 37.36
N LYS EB 323 -101.22 48.86 37.78
CA LYS EB 323 -102.41 49.34 37.10
C LYS EB 323 -102.53 48.83 35.66
N PRO EB 324 -102.80 47.55 35.46
CA PRO EB 324 -103.26 47.09 34.14
C PRO EB 324 -104.57 47.76 33.78
N GLU EB 325 -104.87 47.76 32.48
CA GLU EB 325 -105.86 48.71 31.96
C GLU EB 325 -107.25 48.44 32.53
N ASN EB 326 -107.64 47.17 32.60
CA ASN EB 326 -108.93 46.87 33.22
C ASN EB 326 -108.75 46.30 34.63
N ALA EB 327 -108.41 45.03 34.70
CA ALA EB 327 -108.24 44.27 35.94
C ALA EB 327 -109.46 44.52 36.84
N SER EB 328 -109.21 44.58 38.14
CA SER EB 328 -110.12 45.17 39.12
C SER EB 328 -109.29 45.43 40.35
N ILE EB 329 -109.73 46.38 41.17
CA ILE EB 329 -108.93 46.80 42.32
C ILE EB 329 -109.87 47.08 43.48
N ASP EB 330 -109.47 46.61 44.65
CA ASP EB 330 -110.15 46.87 45.91
C ASP EB 330 -109.77 48.27 46.38
N THR EB 331 -110.05 48.61 47.63
CA THR EB 331 -109.49 49.82 48.20
C THR EB 331 -107.98 49.82 47.97
N GLY EB 332 -107.46 50.96 47.54
CA GLY EB 332 -106.09 51.01 47.08
C GLY EB 332 -105.97 51.24 45.58
N MET EB 333 -104.80 51.62 45.05
CA MET EB 333 -103.51 51.94 45.72
C MET EB 333 -103.09 50.92 46.80
N SER EB 334 -102.88 51.39 48.02
CA SER EB 334 -102.61 50.52 49.18
C SER EB 334 -101.39 49.58 48.92
N GLY EB 335 -101.44 48.23 48.83
CA GLY EB 335 -102.54 47.35 48.41
C GLY EB 335 -102.28 46.80 47.02
N ILE EB 336 -101.49 47.55 46.25
CA ILE EB 336 -100.86 47.04 45.04
C ILE EB 336 -99.50 47.70 44.95
N GLY EB 337 -98.53 46.97 44.40
CA GLY EB 337 -97.20 47.50 44.27
C GLY EB 337 -96.51 47.72 45.60
N SER EB 338 -95.35 48.37 45.51
CA SER EB 338 -94.41 48.45 46.61
C SER EB 338 -94.11 49.91 46.95
N GLY EB 339 -93.85 50.18 48.22
CA GLY EB 339 -93.40 51.50 48.60
C GLY EB 339 -91.95 51.71 48.22
N PHE EB 340 -91.65 52.90 47.72
CA PHE EB 340 -90.29 53.27 47.35
C PHE EB 340 -89.65 54.01 48.51
N ASP EB 341 -88.54 53.47 48.99
CA ASP EB 341 -87.94 53.96 50.23
C ASP EB 341 -86.41 53.84 50.16
N PRO EB 342 -85.68 54.83 50.69
CA PRO EB 342 -86.04 56.23 50.91
C PRO EB 342 -85.99 57.10 49.67
N PRO EB 343 -87.05 57.84 49.37
CA PRO EB 343 -86.86 59.11 48.66
C PRO EB 343 -86.66 60.28 49.63
N GLN EB 344 -85.79 61.27 49.43
CA GLN EB 344 -84.44 61.18 48.88
C GLN EB 344 -84.36 60.53 47.47
N GLY EB 345 -83.34 59.76 47.05
CA GLY EB 345 -81.99 59.65 47.58
C GLY EB 345 -81.23 60.96 47.55
N SER EB 346 -80.07 60.98 48.21
CA SER EB 346 -79.30 62.20 48.38
C SER EB 346 -80.18 63.31 48.93
N LEU EB 347 -80.03 64.52 48.40
CA LEU EB 347 -81.02 65.58 48.51
C LEU EB 347 -81.58 65.69 49.92
N ALA EB 348 -80.81 66.27 50.84
CA ALA EB 348 -81.01 66.10 52.27
C ALA EB 348 -82.48 66.21 52.67
N PRO EB 349 -83.01 65.28 53.45
CA PRO EB 349 -84.46 65.20 53.67
C PRO EB 349 -84.97 66.30 54.59
N THR EB 350 -86.29 66.47 54.55
CA THR EB 350 -86.96 67.45 55.39
C THR EB 350 -87.10 66.93 56.82
N ASN EB 351 -87.90 65.90 57.02
CA ASN EB 351 -88.08 65.40 58.37
C ASN EB 351 -87.68 63.93 58.47
N LEU EB 352 -87.90 63.37 59.65
CA LEU EB 352 -87.51 61.99 59.97
C LEU EB 352 -88.12 60.99 59.01
N GLU EB 353 -89.25 61.36 58.40
CA GLU EB 353 -90.01 60.40 57.60
C GLU EB 353 -89.20 59.85 56.43
N TYR EB 354 -88.22 60.59 55.95
CA TYR EB 354 -87.37 60.17 54.85
C TYR EB 354 -86.01 59.64 55.29
N LYS EB 355 -85.75 59.57 56.59
CA LYS EB 355 -84.39 59.50 57.11
C LYS EB 355 -83.91 58.06 57.25
N ILE EB 356 -84.65 57.10 56.69
CA ILE EB 356 -84.57 55.67 56.92
C ILE EB 356 -84.76 55.43 58.42
N GLN EB 357 -84.29 54.29 58.92
CA GLN EB 357 -84.36 53.90 60.32
C GLN EB 357 -84.11 52.39 60.34
N TRP EB 358 -83.71 51.80 61.46
CA TRP EB 358 -83.85 50.36 61.63
C TRP EB 358 -83.70 50.02 63.10
N TYR EB 359 -84.17 48.84 63.49
CA TYR EB 359 -84.21 48.50 64.90
C TYR EB 359 -82.98 47.71 65.35
N GLN EB 360 -82.18 47.21 64.41
CA GLN EB 360 -80.99 46.41 64.70
C GLN EB 360 -81.22 45.36 65.77
N THR EB 361 -82.44 44.80 65.81
CA THR EB 361 -82.85 43.87 66.84
C THR EB 361 -84.28 43.41 66.54
N PRO EB 362 -84.55 42.12 66.62
CA PRO EB 362 -85.94 41.67 66.44
C PRO EB 362 -86.83 42.03 67.61
N GLN EB 363 -86.26 42.16 68.81
CA GLN EB 363 -87.07 42.52 69.97
C GLN EB 363 -87.45 44.00 69.96
N GLY EB 364 -86.94 44.76 69.00
CA GLY EB 364 -87.20 46.19 68.97
C GLY EB 364 -88.65 46.57 68.84
N THR EB 365 -89.16 47.34 69.81
CA THR EB 365 -90.52 47.84 69.79
C THR EB 365 -90.55 49.12 68.96
N ASN EB 366 -91.67 49.86 69.02
CA ASN EB 366 -91.81 51.04 68.19
C ASN EB 366 -90.65 52.01 68.38
N ASN EB 367 -90.43 52.48 69.60
CA ASN EB 367 -89.20 53.19 69.93
C ASN EB 367 -88.43 52.37 70.94
N ASN EB 368 -87.38 51.71 70.46
CA ASN EB 368 -86.41 50.89 71.17
C ASN EB 368 -85.51 50.36 70.08
N GLY EB 369 -84.28 49.98 70.39
CA GLY EB 369 -83.38 49.77 69.27
C GLY EB 369 -83.42 51.06 68.48
N ASN EB 370 -83.87 50.97 67.23
CA ASN EB 370 -84.40 52.12 66.53
C ASN EB 370 -83.35 53.18 66.25
N ILE EB 371 -82.20 52.76 65.74
CA ILE EB 371 -81.18 53.74 65.39
C ILE EB 371 -81.54 54.36 64.05
N ILE EB 372 -81.38 55.65 63.96
CA ILE EB 372 -81.86 56.44 62.83
C ILE EB 372 -80.68 56.97 62.06
N SER EB 373 -80.76 56.93 60.73
CA SER EB 373 -79.68 57.43 59.91
C SER EB 373 -79.50 58.93 60.13
N ASN EB 374 -78.30 59.41 59.81
CA ASN EB 374 -77.93 60.78 60.10
C ASN EB 374 -77.08 61.31 58.94
N GLN EB 375 -76.84 62.61 58.93
CA GLN EB 375 -76.05 63.17 57.84
C GLN EB 375 -74.57 62.89 58.03
N PRO EB 376 -73.86 62.46 56.98
CA PRO EB 376 -72.43 62.19 57.12
C PRO EB 376 -71.61 63.44 57.34
N LEU EB 377 -72.19 64.61 57.08
CA LEU EB 377 -71.52 65.91 57.05
C LEU EB 377 -70.62 66.02 55.83
N SER EB 378 -70.52 64.96 55.02
CA SER EB 378 -69.95 65.08 53.69
C SER EB 378 -70.77 66.07 52.87
N MET EB 379 -70.10 66.79 51.99
CA MET EB 379 -70.74 67.90 51.29
C MET EB 379 -71.37 67.49 49.97
N LEU EB 380 -71.38 66.22 49.62
CA LEU EB 380 -71.81 65.89 48.27
C LEU EB 380 -73.31 65.93 47.94
N ARG EB 381 -74.24 65.06 48.39
CA ARG EB 381 -74.51 64.32 49.65
C ARG EB 381 -75.43 65.12 50.59
N ASP EB 382 -75.69 66.39 50.29
CA ASP EB 382 -76.72 67.11 51.03
C ASP EB 382 -77.74 67.68 50.04
N GLN EB 383 -77.29 68.59 49.18
CA GLN EB 383 -77.93 68.84 47.89
C GLN EB 383 -79.40 69.27 48.03
N ALA EB 384 -79.57 70.51 48.45
CA ALA EB 384 -80.87 71.13 48.24
C ALA EB 384 -80.99 71.57 46.78
N LEU EB 385 -82.14 72.15 46.45
CA LEU EB 385 -82.29 72.89 45.21
C LEU EB 385 -83.41 73.90 45.40
N PHE EB 386 -83.30 75.05 44.77
CA PHE EB 386 -84.06 76.23 45.18
C PHE EB 386 -84.94 76.81 44.09
N ARG EB 387 -84.39 77.15 42.94
CA ARG EB 387 -85.21 77.76 41.87
C ARG EB 387 -85.82 79.06 42.41
N GLY EB 388 -87.01 79.44 41.95
CA GLY EB 388 -87.74 80.57 42.47
C GLY EB 388 -86.99 81.88 42.46
N ASN EB 389 -87.59 82.90 43.06
CA ASN EB 389 -89.01 83.18 42.89
C ASN EB 389 -89.05 84.39 41.98
N GLN EB 390 -87.84 84.87 41.65
CA GLN EB 390 -87.45 86.22 41.25
C GLN EB 390 -87.25 87.10 42.49
N THR EB 391 -87.67 86.64 43.67
CA THR EB 391 -87.53 87.36 44.91
C THR EB 391 -86.87 86.47 45.97
N THR EB 392 -87.44 85.31 46.24
CA THR EB 392 -86.95 84.38 47.24
C THR EB 392 -86.63 83.05 46.57
N TYR EB 393 -85.73 82.28 47.17
CA TYR EB 393 -85.53 80.90 46.76
C TYR EB 393 -86.47 80.00 47.55
N ASN EB 394 -87.03 78.99 46.89
CA ASN EB 394 -87.98 78.09 47.50
C ASN EB 394 -87.61 76.65 47.21
N LEU EB 395 -87.26 75.90 48.25
CA LEU EB 395 -86.84 74.51 48.08
C LEU EB 395 -87.87 73.74 47.26
N CYS EB 396 -87.40 73.04 46.24
CA CYS EB 396 -88.27 72.44 45.25
C CYS EB 396 -88.33 70.93 45.43
N SER EB 397 -89.55 70.40 45.38
CA SER EB 397 -89.80 68.97 45.35
C SER EB 397 -89.32 68.37 44.03
N ASP EB 398 -89.24 67.04 43.99
CA ASP EB 398 -88.71 66.30 42.85
C ASP EB 398 -87.22 66.59 42.69
N VAL EB 399 -86.80 67.16 41.56
CA VAL EB 399 -85.42 67.06 41.05
C VAL EB 399 -85.15 65.65 40.53
N TRP EB 400 -85.65 65.37 39.33
CA TRP EB 400 -85.39 64.16 38.58
C TRP EB 400 -83.97 64.17 38.01
N MET EB 401 -83.65 63.19 37.18
CA MET EB 401 -82.32 63.13 36.59
C MET EB 401 -82.09 64.28 35.63
N PHE EB 402 -80.86 64.75 35.59
CA PHE EB 402 -80.44 65.91 34.81
C PHE EB 402 -78.98 65.70 34.42
N PRO EB 403 -78.56 66.22 33.26
CA PRO EB 403 -77.25 65.83 32.71
C PRO EB 403 -76.05 66.01 33.62
N ASN EB 404 -75.95 67.12 34.32
CA ASN EB 404 -74.72 67.43 35.04
C ASN EB 404 -74.75 66.96 36.48
N GLN EB 405 -75.73 66.18 36.87
CA GLN EB 405 -75.90 65.89 38.28
C GLN EB 405 -74.75 65.09 38.86
N ILE EB 406 -74.40 65.43 40.10
CA ILE EB 406 -73.54 64.60 40.93
C ILE EB 406 -74.22 64.39 42.26
N TRP EB 407 -74.24 63.14 42.72
CA TRP EB 407 -74.63 62.83 44.07
C TRP EB 407 -73.64 61.82 44.59
N ASP EB 408 -73.68 61.61 45.90
CA ASP EB 408 -72.80 60.63 46.52
C ASP EB 408 -73.65 59.49 47.01
N ARG EB 409 -73.21 58.27 46.72
CA ARG EB 409 -73.95 57.10 47.12
C ARG EB 409 -74.09 57.07 48.63
N TYR EB 410 -75.16 56.45 49.11
CA TYR EB 410 -75.46 56.46 50.53
C TYR EB 410 -74.24 55.99 51.33
N PRO EB 411 -73.91 56.69 52.41
CA PRO EB 411 -72.64 56.40 53.11
C PRO EB 411 -72.56 55.03 53.73
N ILE EB 412 -73.67 54.32 53.79
CA ILE EB 412 -73.88 53.05 54.46
C ILE EB 412 -73.35 53.09 55.89
N THR EB 413 -72.93 51.93 56.40
CA THR EB 413 -72.53 51.73 57.79
C THR EB 413 -72.32 50.24 57.99
N ARG EB 414 -71.91 49.82 59.18
CA ARG EB 414 -71.66 48.41 59.42
C ARG EB 414 -72.93 47.56 59.38
N GLU EB 415 -74.10 48.17 59.58
CA GLU EB 415 -75.35 47.44 59.67
C GLU EB 415 -76.00 47.16 58.32
N ASN EB 416 -75.42 47.57 57.24
CA ASN EB 416 -76.12 47.57 55.98
C ASN EB 416 -75.95 46.27 55.23
N PRO EB 417 -76.87 45.97 54.33
CA PRO EB 417 -76.64 44.88 53.38
C PRO EB 417 -75.54 45.22 52.41
N ILE EB 418 -74.73 44.20 52.08
CA ILE EB 418 -73.62 44.41 51.17
C ILE EB 418 -74.12 44.65 49.76
N TRP EB 419 -74.99 43.77 49.27
CA TRP EB 419 -75.41 43.79 47.88
C TRP EB 419 -76.92 43.69 47.79
N CYS EB 420 -77.41 43.95 46.59
CA CYS EB 420 -78.81 43.76 46.20
C CYS EB 420 -78.80 43.30 44.76
N LYS EB 421 -79.74 42.43 44.41
CA LYS EB 421 -79.76 41.91 43.05
C LYS EB 421 -80.45 42.90 42.13
N LYS EB 422 -79.78 43.22 41.02
CA LYS EB 422 -80.37 44.07 40.00
C LYS EB 422 -81.26 43.21 39.12
N PRO EB 423 -82.57 43.44 39.13
CA PRO EB 423 -83.47 42.58 38.35
C PRO EB 423 -83.25 42.69 36.86
N ARG EB 424 -83.35 41.55 36.19
CA ARG EB 424 -83.13 41.49 34.75
C ARG EB 424 -84.25 42.19 34.01
N SER EB 425 -83.89 43.15 33.18
CA SER EB 425 -84.88 43.89 32.41
C SER EB 425 -84.19 44.48 31.20
N ASP EB 426 -85.00 44.86 30.20
CA ASP EB 426 -84.45 45.40 28.98
C ASP EB 426 -83.67 46.68 29.25
N LYS EB 427 -84.33 47.66 29.84
CA LYS EB 427 -83.77 48.99 30.00
C LYS EB 427 -83.72 49.37 31.47
N HIS EB 428 -82.73 50.18 31.82
CA HIS EB 428 -82.63 50.72 33.17
C HIS EB 428 -81.77 51.96 33.14
N THR EB 429 -81.89 52.76 34.21
CA THR EB 429 -81.10 53.95 34.42
C THR EB 429 -79.85 53.65 35.24
N THR EB 430 -79.24 54.68 35.83
CA THR EB 430 -77.89 54.58 36.39
C THR EB 430 -77.72 53.41 37.36
N ILE EB 431 -78.81 52.99 38.02
CA ILE EB 431 -78.76 51.94 39.04
C ILE EB 431 -77.87 52.34 40.22
N ASP EB 432 -78.32 53.31 41.01
CA ASP EB 432 -77.72 53.54 42.32
C ASP EB 432 -78.76 53.28 43.39
N PRO EB 433 -78.71 52.17 44.11
CA PRO EB 433 -79.71 51.93 45.16
C PRO EB 433 -79.57 52.93 46.30
N PHE EB 434 -80.71 53.41 46.78
CA PHE EB 434 -80.70 54.40 47.85
C PHE EB 434 -80.61 53.78 49.23
N ASP EB 435 -80.51 52.47 49.30
CA ASP EB 435 -80.23 51.76 50.53
C ASP EB 435 -78.73 51.65 50.76
N GLY EB 436 -77.94 52.32 49.93
CA GLY EB 436 -76.54 51.98 49.83
C GLY EB 436 -76.44 50.64 49.15
N SER EB 437 -75.81 49.68 49.81
CA SER EB 437 -75.64 48.34 49.28
C SER EB 437 -75.02 48.39 47.89
N LEU EB 438 -75.45 47.48 47.02
CA LEU EB 438 -74.84 47.33 45.71
C LEU EB 438 -75.84 46.65 44.81
N ALA EB 439 -75.60 46.75 43.50
CA ALA EB 439 -76.41 46.05 42.53
C ALA EB 439 -75.49 45.16 41.71
N MET EB 440 -75.91 43.93 41.49
CA MET EB 440 -75.14 43.01 40.67
C MET EB 440 -76.08 42.21 39.79
N ASP EB 441 -75.63 41.93 38.57
CA ASP EB 441 -76.37 41.01 37.71
C ASP EB 441 -76.59 39.70 38.42
N HIS EB 442 -75.50 39.05 38.82
CA HIS EB 442 -75.56 37.83 39.61
C HIS EB 442 -74.90 38.10 40.95
N PRO EB 443 -75.68 38.25 42.02
CA PRO EB 443 -75.10 38.33 43.34
C PRO EB 443 -74.66 36.96 43.79
N PRO EB 444 -74.18 36.81 45.01
CA PRO EB 444 -73.95 35.45 45.53
C PRO EB 444 -75.22 34.65 45.45
N GLY EB 445 -75.11 33.46 44.85
CA GLY EB 445 -76.27 32.58 44.75
C GLY EB 445 -76.70 32.14 46.12
N THR EB 446 -77.98 32.26 46.40
CA THR EB 446 -78.49 31.84 47.69
C THR EB 446 -78.32 30.34 47.84
N ILE EB 447 -77.79 29.93 48.97
CA ILE EB 447 -77.61 28.51 49.29
C ILE EB 447 -78.84 28.05 50.04
N PHE EB 448 -79.53 27.06 49.49
CA PHE EB 448 -80.73 26.52 50.08
C PHE EB 448 -80.42 25.19 50.72
N ILE EB 449 -81.14 24.86 51.78
CA ILE EB 449 -80.89 23.64 52.53
C ILE EB 449 -82.19 23.15 53.14
N LYS EB 450 -82.37 21.84 53.15
CA LYS EB 450 -83.61 21.21 53.56
C LYS EB 450 -83.26 19.92 54.28
N MET EB 451 -84.24 19.36 54.98
CA MET EB 451 -84.01 18.25 55.89
C MET EB 451 -84.27 16.87 55.31
N ALA EB 452 -84.55 16.75 54.02
CA ALA EB 452 -84.63 15.43 53.41
C ALA EB 452 -85.70 14.55 54.05
N LYS EB 453 -86.96 14.78 53.67
CA LYS EB 453 -88.08 14.12 54.31
C LYS EB 453 -87.85 12.63 54.45
N ILE EB 454 -88.01 12.13 55.67
CA ILE EB 454 -87.93 10.71 55.94
C ILE EB 454 -89.32 10.26 56.36
N PRO EB 455 -90.05 9.57 55.48
CA PRO EB 455 -91.43 9.22 55.80
C PRO EB 455 -91.49 8.03 56.73
N VAL EB 456 -92.70 7.71 57.16
CA VAL EB 456 -92.93 6.60 58.06
C VAL EB 456 -94.20 5.89 57.61
N PRO EB 457 -94.27 4.57 57.74
CA PRO EB 457 -95.42 3.86 57.18
C PRO EB 457 -96.67 4.07 58.00
N SER EB 458 -97.81 4.04 57.31
CA SER EB 458 -99.11 4.13 57.96
C SER EB 458 -100.14 3.42 57.10
N ASN EB 459 -101.37 3.35 57.62
CA ASN EB 459 -102.45 2.65 56.92
C ASN EB 459 -103.14 3.53 55.88
N ASN EB 460 -103.37 4.80 56.22
CA ASN EB 460 -104.23 5.69 55.44
C ASN EB 460 -104.00 5.72 53.91
N ASN EB 461 -102.76 5.87 53.42
CA ASN EB 461 -101.55 6.01 54.21
C ASN EB 461 -101.09 7.46 54.26
N ALA EB 462 -99.99 7.68 54.97
CA ALA EB 462 -99.39 9.00 55.12
C ALA EB 462 -100.43 10.00 55.69
N ASP EB 463 -100.32 11.32 55.45
CA ASP EB 463 -99.05 12.05 55.36
C ASP EB 463 -98.39 12.07 56.73
N SER EB 464 -97.19 11.52 56.78
CA SER EB 464 -96.45 11.43 58.03
C SER EB 464 -94.97 11.35 57.71
N TYR EB 465 -94.16 11.84 58.63
CA TYR EB 465 -92.73 11.93 58.39
C TYR EB 465 -92.02 11.91 59.74
N LEU EB 466 -90.72 11.68 59.68
CA LEU EB 466 -89.92 11.59 60.87
C LEU EB 466 -89.36 12.96 61.22
N ASN EB 467 -89.39 13.30 62.50
CA ASN EB 467 -89.09 14.65 62.96
C ASN EB 467 -87.60 14.74 63.29
N ILE EB 468 -86.85 15.51 62.51
CA ILE EB 468 -85.41 15.64 62.65
C ILE EB 468 -85.02 17.08 62.44
N TYR EB 469 -83.76 17.38 62.76
CA TYR EB 469 -83.19 18.68 62.43
C TYR EB 469 -81.70 18.51 62.20
N CYS EB 470 -81.12 19.46 61.50
CA CYS EB 470 -79.71 19.42 61.16
C CYS EB 470 -78.98 20.52 61.91
N THR EB 471 -77.69 20.31 62.10
CA THR EB 471 -76.86 21.28 62.78
C THR EB 471 -75.47 21.17 62.20
N GLY EB 472 -74.82 22.30 62.01
CA GLY EB 472 -73.52 22.25 61.37
C GLY EB 472 -72.88 23.61 61.37
N GLN EB 473 -71.84 23.73 60.56
CA GLN EB 473 -71.01 24.92 60.58
C GLN EB 473 -70.80 25.45 59.17
N VAL EB 474 -71.19 26.69 58.95
CA VAL EB 474 -70.91 27.40 57.71
C VAL EB 474 -69.69 28.26 57.95
N SER EB 475 -68.78 28.27 56.99
CA SER EB 475 -67.65 29.19 57.03
C SER EB 475 -67.72 30.04 55.78
N CYS EB 476 -68.01 31.32 55.94
CA CYS EB 476 -68.05 32.25 54.83
C CYS EB 476 -66.76 33.05 54.84
N GLU EB 477 -65.89 32.78 53.89
CA GLU EB 477 -64.60 33.44 53.78
C GLU EB 477 -64.60 34.25 52.50
N ILE EB 478 -64.60 35.57 52.62
CA ILE EB 478 -64.74 36.45 51.47
C ILE EB 478 -63.54 37.37 51.39
N VAL EB 479 -63.09 37.64 50.17
CA VAL EB 479 -61.93 38.46 49.91
C VAL EB 479 -62.42 39.81 49.41
N TRP EB 480 -61.79 40.88 49.87
CA TRP EB 480 -62.21 42.23 49.57
C TRP EB 480 -61.10 42.94 48.82
N GLU EB 481 -61.37 43.34 47.58
CA GLU EB 481 -60.49 44.28 46.93
C GLU EB 481 -60.53 45.59 47.70
N VAL EB 482 -59.37 46.08 48.08
CA VAL EB 482 -59.29 47.21 48.99
C VAL EB 482 -58.18 48.14 48.51
N GLU EB 483 -58.38 49.44 48.68
CA GLU EB 483 -57.44 50.45 48.23
C GLU EB 483 -57.16 51.43 49.35
N ARG EB 484 -55.90 51.76 49.54
CA ARG EB 484 -55.46 52.53 50.70
C ARG EB 484 -55.23 53.98 50.30
N TYR EB 485 -55.50 54.89 51.22
CA TYR EB 485 -55.59 56.31 50.87
C TYR EB 485 -54.29 57.03 51.15
N ALA EB 486 -53.96 57.97 50.26
CA ALA EB 486 -52.90 58.93 50.47
C ALA EB 486 -53.43 60.29 50.08
N THR EB 487 -53.04 61.33 50.83
CA THR EB 487 -53.57 62.65 50.54
C THR EB 487 -52.55 63.70 50.94
N LYS EB 488 -52.72 64.89 50.35
CA LYS EB 488 -51.84 66.01 50.61
C LYS EB 488 -52.36 66.94 51.67
N ASN EB 489 -53.49 66.62 52.30
CA ASN EB 489 -54.01 67.47 53.36
C ASN EB 489 -53.01 67.58 54.48
N TRP EB 490 -52.89 68.78 55.03
CA TRP EB 490 -51.99 69.01 56.15
C TRP EB 490 -52.61 68.58 57.46
N ARG EB 491 -53.91 68.66 57.58
CA ARG EB 491 -54.61 68.57 58.84
C ARG EB 491 -55.00 67.14 59.20
N PRO EB 492 -55.32 66.89 60.47
CA PRO EB 492 -55.50 65.51 60.96
C PRO EB 492 -56.64 64.71 60.33
N GLU EB 493 -57.57 65.31 59.62
CA GLU EB 493 -58.78 64.62 59.09
C GLU EB 493 -59.56 64.02 60.27
N ARG EB 494 -60.17 62.86 60.12
CA ARG EB 494 -61.12 62.35 61.09
C ARG EB 494 -61.08 60.83 61.05
N ARG EB 495 -61.32 60.22 62.21
CA ARG EB 495 -61.34 58.78 62.33
C ARG EB 495 -62.54 58.38 63.15
N HIS EB 496 -62.66 57.09 63.44
CA HIS EB 496 -63.72 56.59 64.30
C HIS EB 496 -63.10 56.14 65.62
N THR EB 497 -63.29 56.96 66.64
CA THR EB 497 -62.95 56.61 68.01
C THR EB 497 -64.06 55.78 68.64
N THR EB 498 -63.68 55.04 69.68
CA THR EB 498 -64.68 54.55 70.62
C THR EB 498 -65.38 55.69 71.33
N PHE EB 499 -64.84 56.90 71.32
CA PHE EB 499 -65.50 57.96 72.06
C PHE EB 499 -66.84 58.34 71.46
N GLY EB 500 -67.06 58.05 70.17
CA GLY EB 500 -68.42 58.15 69.66
C GLY EB 500 -69.34 57.16 70.31
N LEU EB 501 -68.80 56.05 70.80
CA LEU EB 501 -69.57 55.01 71.47
C LEU EB 501 -69.98 55.46 72.86
N GLY EB 502 -70.95 54.76 73.43
CA GLY EB 502 -71.44 55.12 74.76
C GLY EB 502 -71.84 53.89 75.53
N ILE EB 503 -71.99 54.08 76.83
CA ILE EB 503 -72.14 52.99 77.80
C ILE EB 503 -73.59 52.54 77.83
N GLY EB 504 -73.81 51.25 78.06
CA GLY EB 504 -75.17 50.75 78.10
C GLY EB 504 -75.27 49.33 78.62
N GLY EB 505 -76.52 48.91 78.81
CA GLY EB 505 -76.90 47.56 79.18
C GLY EB 505 -76.95 47.35 80.68
N ALA EB 506 -77.92 46.53 81.13
CA ALA EB 506 -78.11 46.16 82.53
C ALA EB 506 -77.97 47.35 83.47
N ASP EB 507 -77.24 47.13 84.56
CA ASP EB 507 -76.58 48.24 85.22
C ASP EB 507 -75.55 48.79 84.24
N ASN EB 508 -75.46 50.12 84.14
CA ASN EB 508 -74.96 50.76 82.93
C ASN EB 508 -73.65 50.16 82.43
N LEU EB 509 -72.92 49.46 83.29
CA LEU EB 509 -71.59 48.96 82.98
C LEU EB 509 -71.56 48.18 81.68
N ASN EB 510 -70.38 48.20 81.06
CA ASN EB 510 -69.94 47.75 79.74
C ASN EB 510 -70.31 48.81 78.72
N PRO EB 511 -69.45 49.10 77.75
CA PRO EB 511 -69.74 50.27 76.91
C PRO EB 511 -70.77 50.09 75.82
N THR EB 512 -70.41 49.42 74.74
CA THR EB 512 -71.32 49.33 73.61
C THR EB 512 -71.23 47.99 72.89
N TYR EB 513 -70.13 47.69 72.23
CA TYR EB 513 -69.99 46.37 71.64
C TYR EB 513 -69.29 45.49 72.67
N HIS EB 514 -70.10 44.68 73.35
CA HIS EB 514 -69.63 44.02 74.54
C HIS EB 514 -70.80 43.26 75.16
N VAL EB 515 -70.47 42.32 76.02
CA VAL EB 515 -71.49 41.49 76.65
C VAL EB 515 -72.06 42.15 77.91
N ASP EB 516 -73.28 41.75 78.24
CA ASP EB 516 -73.97 42.14 79.47
C ASP EB 516 -73.63 41.13 80.56
N LYS EB 517 -74.37 41.13 81.68
CA LYS EB 517 -73.92 40.30 82.81
C LYS EB 517 -74.43 38.87 83.19
N ASN EB 518 -75.51 38.23 82.71
CA ASN EB 518 -76.67 38.64 81.90
C ASN EB 518 -76.38 38.59 80.42
N GLY EB 519 -75.20 38.12 80.05
CA GLY EB 519 -74.57 38.58 78.85
C GLY EB 519 -75.44 38.56 77.61
N THR EB 520 -75.66 39.78 77.13
CA THR EB 520 -76.39 40.08 75.92
C THR EB 520 -75.63 41.20 75.26
N TYR EB 521 -75.21 40.98 74.02
CA TYR EB 521 -74.39 41.93 73.30
C TYR EB 521 -75.09 43.28 73.25
N ILE EB 522 -74.44 44.32 73.75
CA ILE EB 522 -75.08 45.62 73.83
C ILE EB 522 -75.18 46.22 72.44
N GLN EB 523 -76.29 46.68 72.12
CA GLN EB 523 -76.37 47.17 70.75
C GLN EB 523 -75.99 48.64 70.68
N PRO EB 524 -75.36 49.03 69.58
CA PRO EB 524 -75.04 50.44 69.37
C PRO EB 524 -76.31 51.28 69.22
N THR EB 525 -76.37 52.39 69.93
CA THR EB 525 -77.54 53.26 69.97
C THR EB 525 -77.26 54.54 69.19
N THR EB 526 -78.18 54.85 68.27
CA THR EB 526 -78.14 55.76 67.13
C THR EB 526 -77.02 55.51 66.12
N TRP EB 527 -76.69 56.55 65.35
CA TRP EB 527 -76.07 56.32 64.04
C TRP EB 527 -74.55 56.29 64.12
N ASP EB 528 -73.96 57.21 64.88
CA ASP EB 528 -72.50 57.32 64.91
C ASP EB 528 -71.84 56.09 65.51
N MET EB 529 -72.52 55.42 66.44
CA MET EB 529 -72.00 54.18 67.02
C MET EB 529 -71.50 53.24 65.94
N CYS EB 530 -72.42 52.70 65.15
CA CYS EB 530 -72.04 52.07 63.90
C CYS EB 530 -71.24 53.06 63.09
N PHE EB 531 -70.06 52.66 62.63
CA PHE EB 531 -69.15 53.65 62.09
C PHE EB 531 -69.30 53.71 60.58
N PRO EB 532 -69.94 54.74 60.04
CA PRO EB 532 -70.22 54.76 58.61
C PRO EB 532 -68.98 55.11 57.82
N VAL EB 533 -68.84 54.50 56.65
CA VAL EB 533 -67.86 55.00 55.72
C VAL EB 533 -68.38 56.32 55.14
N LYS EB 534 -67.47 57.07 54.52
CA LYS EB 534 -67.74 58.30 53.78
C LYS EB 534 -67.78 59.50 54.72
N THR EB 535 -67.68 59.30 56.02
CA THR EB 535 -67.54 60.39 56.96
C THR EB 535 -66.09 60.70 57.28
N ASN EB 536 -65.14 59.99 56.68
CA ASN EB 536 -63.73 60.14 57.00
C ASN EB 536 -62.92 60.44 55.75
N ILE EB 537 -61.62 60.51 55.95
CA ILE EB 537 -60.63 60.87 54.96
C ILE EB 537 -61.04 62.21 54.35
N ASN EB 538 -60.69 62.43 53.09
CA ASN EB 538 -61.13 63.57 52.29
C ASN EB 538 -60.84 63.22 50.84
N LYS EB 539 -61.47 63.93 49.92
CA LYS EB 539 -61.10 63.85 48.53
C LYS EB 539 -61.20 65.22 47.90
N VAL EB 540 -60.16 65.62 47.17
CA VAL EB 540 -60.29 66.75 46.27
C VAL EB 540 -61.21 66.33 45.14
N LEU EB 541 -62.25 67.11 44.91
CA LEU EB 541 -63.18 66.78 43.86
C LEU EB 541 -62.58 67.08 42.49
N GLY FB 34 -23.97 75.12 25.02
CA GLY FB 34 -23.52 75.67 26.28
C GLY FB 34 -24.56 75.61 27.38
N SER FB 35 -24.21 76.15 28.55
CA SER FB 35 -25.12 76.16 29.69
C SER FB 35 -24.73 77.29 30.62
N GLY FB 36 -25.67 77.67 31.49
CA GLY FB 36 -25.42 78.69 32.49
C GLY FB 36 -26.04 80.02 32.09
N VAL FB 37 -25.81 81.01 32.95
CA VAL FB 37 -26.27 82.36 32.67
C VAL FB 37 -25.61 82.87 31.40
N GLY FB 38 -26.36 83.63 30.61
CA GLY FB 38 -25.86 84.13 29.36
C GLY FB 38 -26.09 83.25 28.17
N ILE FB 39 -26.72 82.10 28.36
CA ILE FB 39 -27.07 81.19 27.28
C ILE FB 39 -28.56 80.93 27.39
N SER FB 40 -29.32 81.37 26.38
CA SER FB 40 -30.76 81.22 26.43
C SER FB 40 -31.13 79.75 26.37
N THR FB 41 -32.18 79.38 27.10
CA THR FB 41 -32.50 77.97 27.19
C THR FB 41 -33.31 77.49 25.99
N GLY FB 42 -34.29 78.28 25.56
CA GLY FB 42 -35.09 77.92 24.40
C GLY FB 42 -35.55 79.19 23.71
N GLY FB 43 -35.98 79.02 22.46
CA GLY FB 43 -36.40 80.12 21.64
C GLY FB 43 -37.91 80.28 21.57
N TRP FB 44 -38.32 81.33 20.87
CA TRP FB 44 -39.72 81.62 20.69
C TRP FB 44 -40.34 80.59 19.74
N VAL FB 45 -41.66 80.40 19.87
CA VAL FB 45 -42.37 79.35 19.15
C VAL FB 45 -43.76 79.86 18.80
N GLY FB 46 -44.30 79.39 17.68
CA GLY FB 46 -45.69 79.67 17.36
C GLY FB 46 -45.98 79.36 15.90
N GLY FB 47 -47.20 79.75 15.48
CA GLY FB 47 -47.56 79.81 14.07
C GLY FB 47 -48.51 78.73 13.57
N SER FB 48 -48.98 77.86 14.44
CA SER FB 48 -49.83 76.70 14.12
C SER FB 48 -49.32 75.77 13.03
N TYR FB 49 -50.21 74.95 12.47
CA TYR FB 49 -49.76 73.95 11.51
C TYR FB 49 -50.78 73.56 10.43
N PHE FB 50 -51.88 72.91 10.84
CA PHE FB 50 -52.96 72.45 9.97
C PHE FB 50 -52.66 71.35 8.94
N THR FB 51 -52.57 70.12 9.39
CA THR FB 51 -52.69 68.93 8.55
C THR FB 51 -54.07 68.30 8.74
N ASP FB 52 -54.55 67.63 7.69
CA ASP FB 52 -55.87 67.01 7.68
C ASP FB 52 -56.16 66.18 8.92
N SER FB 53 -55.17 65.43 9.39
CA SER FB 53 -55.38 64.56 10.54
C SER FB 53 -55.28 65.29 11.87
N TYR FB 54 -54.45 66.33 11.96
CA TYR FB 54 -54.26 67.01 13.22
C TYR FB 54 -53.79 68.43 12.99
N VAL FB 55 -53.97 69.26 14.01
CA VAL FB 55 -53.56 70.66 14.01
C VAL FB 55 -52.66 70.89 15.21
N ILE FB 56 -51.48 71.42 14.97
CA ILE FB 56 -50.53 71.74 16.02
C ILE FB 56 -50.51 73.24 16.20
N THR FB 57 -51.01 73.72 17.33
CA THR FB 57 -50.95 75.13 17.66
C THR FB 57 -49.82 75.37 18.65
N LYS FB 58 -49.00 76.36 18.36
CA LYS FB 58 -47.84 76.69 19.17
C LYS FB 58 -47.97 78.12 19.64
N ASN FB 59 -47.62 78.38 20.87
CA ASN FB 59 -47.73 79.72 21.44
C ASN FB 59 -46.62 79.95 22.44
N THR FB 60 -46.27 81.20 22.64
CA THR FB 60 -45.23 81.58 23.58
C THR FB 60 -45.61 82.90 24.23
N ARG FB 61 -45.21 83.09 25.47
CA ARG FB 61 -45.64 84.25 26.24
C ARG FB 61 -44.49 84.80 27.05
N GLN FB 62 -44.71 85.97 27.60
CA GLN FB 62 -43.84 86.58 28.59
C GLN FB 62 -44.67 86.77 29.84
N PHE FB 63 -44.19 86.25 30.97
CA PHE FB 63 -44.98 86.28 32.18
C PHE FB 63 -44.16 86.86 33.32
N LEU FB 64 -44.82 87.21 34.42
CA LEU FB 64 -44.09 87.58 35.62
C LEU FB 64 -44.82 87.14 36.87
N VAL FB 65 -44.04 86.73 37.87
CA VAL FB 65 -44.55 86.27 39.15
C VAL FB 65 -44.22 87.36 40.17
N LYS FB 66 -45.23 87.77 40.93
CA LYS FB 66 -45.17 89.03 41.67
C LYS FB 66 -44.86 88.90 43.16
N ILE FB 67 -44.71 87.67 43.69
CA ILE FB 67 -44.72 87.45 45.15
C ILE FB 67 -46.05 87.91 45.71
N GLN FB 68 -47.10 87.12 45.51
CA GLN FB 68 -48.38 87.45 46.10
C GLN FB 68 -48.43 87.02 47.56
N ASN FB 69 -49.11 87.84 48.37
CA ASN FB 69 -49.54 87.45 49.71
C ASN FB 69 -48.37 87.23 50.66
N ASN FB 70 -47.36 88.09 50.58
CA ASN FB 70 -46.08 87.85 51.23
C ASN FB 70 -45.68 86.45 50.79
N HIS FB 71 -45.09 85.62 51.65
CA HIS FB 71 -45.08 84.20 51.36
C HIS FB 71 -46.04 83.41 52.24
N GLN FB 72 -46.68 84.07 53.20
CA GLN FB 72 -47.63 83.40 54.05
C GLN FB 72 -48.99 83.24 53.35
N TYR FB 73 -49.80 82.34 53.89
CA TYR FB 73 -51.08 81.89 53.32
C TYR FB 73 -52.26 82.76 53.70
N LYS FB 74 -52.56 82.88 54.99
CA LYS FB 74 -53.78 83.44 55.54
C LYS FB 74 -55.03 82.71 55.07
N THR FB 75 -56.17 83.39 55.11
CA THR FB 75 -57.47 82.81 54.75
C THR FB 75 -58.27 83.82 53.93
N GLU FB 76 -58.43 85.03 54.49
CA GLU FB 76 -58.90 86.26 53.85
C GLU FB 76 -60.40 86.52 53.85
N LEU FB 77 -61.24 85.50 54.10
CA LEU FB 77 -62.68 85.71 54.33
C LEU FB 77 -63.24 86.79 53.41
N ILE FB 78 -63.34 86.48 52.12
CA ILE FB 78 -63.30 87.52 51.09
C ILE FB 78 -64.36 88.60 51.30
N SER FB 79 -65.61 88.31 50.91
CA SER FB 79 -66.80 89.14 51.14
C SER FB 79 -66.71 90.50 50.47
N PRO FB 80 -67.83 91.08 50.05
CA PRO FB 80 -67.94 92.54 50.09
C PRO FB 80 -68.70 92.94 51.34
N SER FB 81 -68.90 94.23 51.57
CA SER FB 81 -69.86 94.65 52.60
C SER FB 81 -70.67 95.88 52.20
N THR FB 82 -72.01 95.82 52.14
CA THR FB 82 -72.91 94.66 51.92
C THR FB 82 -72.63 93.33 52.66
N SER FB 83 -72.53 93.42 53.99
CA SER FB 83 -72.24 92.25 54.81
C SER FB 83 -73.24 91.12 54.60
N GLN FB 84 -74.40 91.41 54.00
CA GLN FB 84 -75.36 90.38 53.65
C GLN FB 84 -74.82 89.39 52.61
N GLY FB 85 -73.67 89.69 52.01
CA GLY FB 85 -73.15 88.85 50.96
C GLY FB 85 -72.74 87.47 51.46
N LYS FB 86 -72.26 86.66 50.51
CA LYS FB 86 -71.90 85.28 50.84
C LYS FB 86 -70.71 85.21 51.79
N SER FB 87 -69.69 86.02 51.52
CA SER FB 87 -68.53 86.13 52.41
C SER FB 87 -67.79 84.81 52.53
N GLN FB 88 -67.49 84.19 51.39
CA GLN FB 88 -66.70 82.98 51.39
C GLN FB 88 -65.33 83.23 52.01
N ARG FB 89 -64.87 82.27 52.81
CA ARG FB 89 -63.64 82.49 53.57
C ARG FB 89 -62.40 82.28 52.72
N CYS FB 90 -62.45 81.30 51.83
CA CYS FB 90 -61.34 80.90 50.97
C CYS FB 90 -60.03 80.65 51.69
N VAL FB 91 -58.93 80.70 50.94
CA VAL FB 91 -57.56 80.58 51.41
C VAL FB 91 -56.69 81.27 50.37
N SER FB 92 -55.68 82.01 50.81
CA SER FB 92 -54.75 82.60 49.87
C SER FB 92 -53.43 81.88 50.02
N THR FB 93 -52.66 81.83 48.95
CA THR FB 93 -51.38 81.15 48.94
C THR FB 93 -50.34 82.04 48.29
N PRO FB 94 -49.06 81.83 48.58
CA PRO FB 94 -48.01 82.56 47.85
C PRO FB 94 -47.91 82.16 46.39
N TRP FB 95 -48.55 81.07 45.99
CA TRP FB 95 -48.36 80.52 44.67
C TRP FB 95 -49.18 81.26 43.63
N SER FB 96 -48.67 81.25 42.40
CA SER FB 96 -49.37 81.69 41.21
C SER FB 96 -49.43 80.51 40.26
N TYR FB 97 -50.34 80.57 39.29
CA TYR FB 97 -50.52 79.42 38.43
C TYR FB 97 -50.74 79.83 36.99
N PHE FB 98 -50.45 78.91 36.09
CA PHE FB 98 -50.68 79.08 34.66
C PHE FB 98 -52.02 78.50 34.30
N ASN FB 99 -52.91 79.33 33.76
CA ASN FB 99 -54.19 78.88 33.23
C ASN FB 99 -54.10 78.90 31.72
N PHE FB 100 -54.10 77.73 31.09
CA PHE FB 100 -54.06 77.62 29.65
C PHE FB 100 -55.43 77.41 29.02
N ASN FB 101 -56.50 77.46 29.80
CA ASN FB 101 -57.79 76.94 29.36
C ASN FB 101 -58.57 78.07 28.71
N GLN FB 102 -58.63 78.05 27.38
CA GLN FB 102 -59.46 78.89 26.53
C GLN FB 102 -59.06 78.58 25.10
N TYR FB 103 -59.96 78.84 24.16
CA TYR FB 103 -59.60 78.64 22.76
C TYR FB 103 -58.85 79.84 22.20
N SER FB 104 -59.31 81.04 22.52
CA SER FB 104 -58.72 82.24 21.96
C SER FB 104 -57.26 82.40 22.32
N SER FB 105 -56.77 81.64 23.30
CA SER FB 105 -55.37 81.70 23.63
C SER FB 105 -54.53 80.93 22.63
N HIS FB 106 -55.03 79.78 22.18
CA HIS FB 106 -54.27 78.89 21.33
C HIS FB 106 -54.51 79.08 19.84
N PHE FB 107 -55.52 79.86 19.46
CA PHE FB 107 -55.89 80.00 18.06
C PHE FB 107 -55.98 81.47 17.69
N SER FB 108 -55.25 81.86 16.66
CA SER FB 108 -55.45 83.17 16.10
C SER FB 108 -56.82 83.24 15.47
N PRO FB 109 -57.37 84.44 15.30
CA PRO FB 109 -58.66 84.55 14.62
C PRO FB 109 -58.68 83.93 13.25
N GLN FB 110 -57.54 83.75 12.60
CA GLN FB 110 -57.53 82.98 11.36
C GLN FB 110 -57.38 81.48 11.59
N ASP FB 111 -56.51 81.06 12.51
CA ASP FB 111 -56.40 79.63 12.78
C ASP FB 111 -57.74 79.06 13.19
N TRP FB 112 -58.34 79.60 14.24
CA TRP FB 112 -59.77 79.49 14.41
C TRP FB 112 -60.39 80.10 13.18
N GLN FB 113 -61.48 79.52 12.70
CA GLN FB 113 -62.09 79.80 11.39
C GLN FB 113 -61.35 79.11 10.26
N ARG FB 114 -60.11 78.69 10.44
CA ARG FB 114 -59.60 77.72 9.50
C ARG FB 114 -60.06 76.32 9.87
N LEU FB 115 -60.10 75.99 11.15
CA LEU FB 115 -60.69 74.72 11.54
C LEU FB 115 -62.20 74.79 11.62
N THR FB 116 -62.76 75.91 12.07
CA THR FB 116 -64.20 76.02 12.17
C THR FB 116 -64.85 75.89 10.80
N ASN FB 117 -64.17 76.36 9.76
CA ASN FB 117 -64.70 76.20 8.41
C ASN FB 117 -64.38 74.83 7.84
N GLU FB 118 -63.17 74.33 8.07
CA GLU FB 118 -62.69 73.19 7.30
C GLU FB 118 -62.83 71.84 7.98
N TYR FB 119 -63.34 71.76 9.21
CA TYR FB 119 -63.33 70.48 9.89
C TYR FB 119 -64.64 70.20 10.61
N LYS FB 120 -65.01 68.91 10.67
CA LYS FB 120 -66.19 68.49 11.43
C LYS FB 120 -65.98 68.66 12.91
N ARG FB 121 -64.87 68.14 13.41
CA ARG FB 121 -64.73 67.98 14.84
C ARG FB 121 -63.26 68.00 15.21
N PHE FB 122 -63.00 68.34 16.46
CA PHE FB 122 -61.63 68.39 16.93
C PHE FB 122 -61.64 68.20 18.43
N ARG FB 123 -60.55 67.65 18.94
CA ARG FB 123 -60.34 67.57 20.37
C ARG FB 123 -58.85 67.68 20.59
N PRO FB 124 -58.42 68.29 21.69
CA PRO FB 124 -56.99 68.36 21.96
C PRO FB 124 -56.44 66.97 22.24
N LYS FB 125 -55.38 66.60 21.52
CA LYS FB 125 -54.77 65.30 21.70
C LYS FB 125 -53.75 65.31 22.82
N GLY FB 126 -52.92 66.34 22.88
CA GLY FB 126 -51.84 66.40 23.86
C GLY FB 126 -51.44 67.83 24.08
N MET FB 127 -50.54 68.02 25.04
CA MET FB 127 -50.11 69.34 25.44
C MET FB 127 -48.69 69.28 25.94
N HIS FB 128 -47.90 70.29 25.59
CA HIS FB 128 -46.49 70.33 25.97
C HIS FB 128 -46.16 71.75 26.37
N VAL FB 129 -45.68 71.93 27.60
CA VAL FB 129 -45.44 73.26 28.14
C VAL FB 129 -43.99 73.35 28.56
N LYS FB 130 -43.37 74.49 28.29
CA LYS FB 130 -41.97 74.71 28.61
C LYS FB 130 -41.80 76.06 29.26
N ILE FB 131 -41.29 76.07 30.49
CA ILE FB 131 -40.84 77.29 31.15
C ILE FB 131 -39.36 77.44 30.82
N TYR FB 132 -38.95 78.64 30.43
CA TYR FB 132 -37.54 78.85 30.12
C TYR FB 132 -37.28 80.34 30.08
N ASN FB 133 -36.01 80.68 29.86
CA ASN FB 133 -35.56 82.07 29.81
C ASN FB 133 -36.00 82.85 31.03
N LEU FB 134 -35.73 82.29 32.20
CA LEU FB 134 -36.18 82.92 33.44
C LEU FB 134 -35.28 84.09 33.82
N GLN FB 135 -35.84 85.04 34.56
CA GLN FB 135 -35.11 86.20 35.02
C GLN FB 135 -35.62 86.58 36.40
N ILE FB 136 -34.71 86.87 37.33
CA ILE FB 136 -35.09 87.34 38.65
C ILE FB 136 -34.51 88.74 38.80
N LYS FB 137 -35.38 89.74 38.92
CA LYS FB 137 -34.91 91.11 38.74
C LYS FB 137 -34.71 91.92 40.01
N GLN FB 138 -35.06 91.42 41.19
CA GLN FB 138 -34.67 92.08 42.43
C GLN FB 138 -35.15 93.54 42.48
N ILE FB 139 -36.45 93.72 42.73
CA ILE FB 139 -36.99 95.06 42.92
C ILE FB 139 -36.24 95.80 44.02
N LEU FB 140 -35.91 97.06 43.76
CA LEU FB 140 -35.40 97.96 44.78
C LEU FB 140 -36.21 99.24 44.79
N SER FB 141 -36.28 99.86 45.97
CA SER FB 141 -36.94 101.14 46.14
C SER FB 141 -36.07 102.03 47.01
N ASN FB 142 -35.63 103.16 46.45
CA ASN FB 142 -34.96 104.20 47.19
C ASN FB 142 -35.94 105.23 47.73
N GLY FB 143 -37.22 104.97 47.57
CA GLY FB 143 -38.27 105.94 47.73
C GLY FB 143 -38.65 106.47 46.38
N ALA FB 144 -39.95 106.69 46.16
CA ALA FB 144 -40.53 106.99 44.85
C ALA FB 144 -40.01 105.94 43.87
N ASP FB 145 -39.75 106.29 42.61
CA ASP FB 145 -38.94 105.58 41.62
C ASP FB 145 -39.11 104.06 41.63
N THR FB 146 -38.00 103.36 41.35
CA THR FB 146 -37.69 101.95 41.55
C THR FB 146 -36.38 101.68 40.83
N THR FB 147 -35.72 100.57 41.16
CA THR FB 147 -34.58 100.11 40.38
C THR FB 147 -34.61 98.59 40.36
N TYR FB 148 -34.04 98.02 39.30
CA TYR FB 148 -34.02 96.58 39.10
C TYR FB 148 -32.58 96.19 38.83
N ASN FB 149 -31.96 95.47 39.76
CA ASN FB 149 -30.53 95.20 39.66
C ASN FB 149 -30.28 93.93 38.86
N ASN FB 150 -31.33 93.38 38.27
CA ASN FB 150 -31.36 92.00 37.85
C ASN FB 150 -31.07 91.18 39.09
N ASP FB 151 -30.42 90.04 38.93
CA ASP FB 151 -30.06 89.18 40.06
C ASP FB 151 -29.48 87.90 39.49
N LEU FB 152 -28.71 87.21 40.31
CA LEU FB 152 -28.35 85.84 40.06
C LEU FB 152 -28.47 85.13 41.41
N THR FB 153 -28.15 83.86 41.43
CA THR FB 153 -28.26 83.06 42.64
C THR FB 153 -29.63 83.22 43.29
N ALA FB 154 -30.68 83.23 42.49
CA ALA FB 154 -32.06 83.27 42.98
C ALA FB 154 -32.83 82.16 42.29
N GLY FB 155 -34.04 81.88 42.77
CA GLY FB 155 -34.73 80.69 42.37
C GLY FB 155 -36.23 80.90 42.25
N VAL FB 156 -36.85 79.95 41.58
CA VAL FB 156 -38.29 79.96 41.31
C VAL FB 156 -38.81 78.55 41.48
N HIS FB 157 -39.83 78.40 42.30
CA HIS FB 157 -40.48 77.11 42.48
C HIS FB 157 -41.47 76.89 41.36
N ILE FB 158 -41.47 75.68 40.80
CA ILE FB 158 -42.40 75.32 39.74
C ILE FB 158 -42.94 73.94 40.05
N PHE FB 159 -44.27 73.84 40.14
CA PHE FB 159 -44.92 72.62 40.57
C PHE FB 159 -46.09 72.33 39.66
N CYS FB 160 -46.28 71.06 39.31
CA CYS FB 160 -47.36 70.62 38.44
C CYS FB 160 -48.16 69.53 39.14
N ASP FB 161 -49.44 69.43 38.79
CA ASP FB 161 -50.31 68.39 39.32
C ASP FB 161 -50.52 67.30 38.27
N GLY FB 162 -49.93 66.13 38.50
CA GLY FB 162 -50.27 65.00 37.67
C GLY FB 162 -51.39 64.19 38.30
N GLU FB 163 -51.49 64.26 39.62
CA GLU FB 163 -52.50 63.51 40.34
C GLU FB 163 -53.79 64.29 40.53
N HIS FB 164 -53.76 65.60 40.29
CA HIS FB 164 -54.85 66.51 40.65
C HIS FB 164 -55.22 66.42 42.11
N ALA FB 165 -54.29 66.05 42.98
CA ALA FB 165 -54.39 66.48 44.35
C ALA FB 165 -54.27 68.00 44.38
N TYR FB 166 -54.73 68.59 45.46
CA TYR FB 166 -54.83 70.04 45.64
C TYR FB 166 -56.06 70.60 44.94
N PRO FB 167 -56.60 71.69 45.45
CA PRO FB 167 -57.91 72.17 45.01
C PRO FB 167 -58.04 72.67 43.57
N ASN FB 168 -56.96 72.76 42.81
CA ASN FB 168 -56.96 73.09 41.38
C ASN FB 168 -57.75 74.34 41.00
N ALA FB 169 -57.13 75.51 41.19
CA ALA FB 169 -57.79 76.80 41.01
C ALA FB 169 -58.62 76.89 39.74
N THR FB 170 -58.14 76.31 38.63
CA THR FB 170 -58.72 76.58 37.33
C THR FB 170 -60.22 76.33 37.33
N HIS FB 171 -60.97 77.35 36.93
CA HIS FB 171 -62.40 77.34 36.70
C HIS FB 171 -62.61 77.78 35.26
N PRO FB 172 -63.58 77.21 34.55
CA PRO FB 172 -63.64 77.44 33.10
C PRO FB 172 -63.57 78.88 32.65
N TRP FB 173 -64.36 79.78 33.22
CA TRP FB 173 -64.41 81.13 32.66
C TRP FB 173 -63.31 82.00 33.25
N ASP FB 174 -63.46 82.36 34.51
CA ASP FB 174 -62.45 83.14 35.24
C ASP FB 174 -62.07 84.34 34.38
N GLU FB 175 -60.79 84.60 34.20
CA GLU FB 175 -60.26 85.78 33.55
C GLU FB 175 -59.03 85.27 32.81
N ASP FB 176 -58.18 86.19 32.37
CA ASP FB 176 -56.74 85.90 32.15
C ASP FB 176 -56.61 84.72 31.18
N VAL FB 177 -56.17 83.56 31.64
CA VAL FB 177 -55.66 82.48 30.81
C VAL FB 177 -54.48 83.10 30.09
N MET FB 178 -54.19 82.68 28.87
CA MET FB 178 -53.15 83.35 28.13
C MET FB 178 -53.76 84.56 27.45
N PRO FB 179 -53.03 85.66 27.28
CA PRO FB 179 -53.58 86.74 26.47
C PRO FB 179 -53.77 86.22 25.07
N GLU FB 180 -54.96 86.43 24.52
CA GLU FB 180 -55.25 85.91 23.19
C GLU FB 180 -54.23 86.39 22.16
N LEU FB 181 -53.53 87.46 22.48
CA LEU FB 181 -52.62 88.14 21.59
C LEU FB 181 -51.21 87.95 22.10
N PRO FB 182 -50.27 87.37 21.34
CA PRO FB 182 -48.90 87.24 21.86
C PRO FB 182 -48.26 88.60 22.06
N TYR FB 183 -46.97 88.64 22.40
CA TYR FB 183 -46.23 89.87 22.69
C TYR FB 183 -46.83 90.63 23.87
N GLN FB 184 -47.99 90.18 24.32
CA GLN FB 184 -48.67 90.80 25.44
C GLN FB 184 -48.26 90.05 26.70
N THR FB 185 -47.59 90.74 27.61
CA THR FB 185 -47.07 90.08 28.79
C THR FB 185 -48.20 89.49 29.62
N TRP FB 186 -47.93 88.36 30.24
CA TRP FB 186 -48.97 87.59 30.90
C TRP FB 186 -48.76 87.62 32.41
N TYR FB 187 -49.61 88.34 33.11
CA TYR FB 187 -49.51 88.45 34.55
C TYR FB 187 -50.23 87.29 35.20
N LEU FB 188 -49.52 86.53 36.02
CA LEU FB 188 -50.10 85.41 36.72
C LEU FB 188 -50.98 85.88 37.86
N PHE FB 189 -51.84 84.98 38.31
CA PHE FB 189 -52.81 85.27 39.35
C PHE FB 189 -52.61 84.33 40.54
N GLN FB 190 -52.93 84.85 41.72
CA GLN FB 190 -52.66 84.13 42.95
C GLN FB 190 -53.52 82.88 43.04
N TYR FB 191 -52.95 81.82 43.62
CA TYR FB 191 -53.68 80.59 43.81
C TYR FB 191 -54.40 80.61 45.14
N GLY FB 192 -55.67 80.26 45.13
CA GLY FB 192 -56.47 80.19 46.33
C GLY FB 192 -57.54 79.14 46.16
N TYR FB 193 -58.19 78.80 47.27
CA TYR FB 193 -59.24 77.81 47.19
C TYR FB 193 -60.19 77.97 48.36
N ILE FB 194 -61.39 77.46 48.20
CA ILE FB 194 -62.40 77.48 49.26
C ILE FB 194 -62.22 76.23 50.11
N PRO FB 195 -61.75 76.35 51.35
CA PRO FB 195 -61.68 75.14 52.20
C PRO FB 195 -63.05 74.60 52.56
N VAL FB 196 -63.98 75.45 52.97
CA VAL FB 196 -65.33 75.06 53.38
C VAL FB 196 -66.25 76.27 53.22
N ILE FB 197 -67.54 75.99 53.00
CA ILE FB 197 -68.56 77.02 52.97
C ILE FB 197 -68.44 77.87 54.23
N HIS FB 198 -68.41 79.19 54.06
CA HIS FB 198 -68.21 80.06 55.22
C HIS FB 198 -69.37 79.96 56.20
N GLU FB 199 -70.58 80.18 55.73
CA GLU FB 199 -71.73 79.78 56.53
C GLU FB 199 -71.65 78.27 56.73
N LEU FB 200 -72.30 77.75 57.77
CA LEU FB 200 -72.08 76.37 58.17
C LEU FB 200 -70.63 76.16 58.60
N ALA FB 201 -70.36 76.50 59.88
CA ALA FB 201 -69.06 76.84 60.47
C ALA FB 201 -68.83 78.32 60.68
N GLU FB 202 -69.82 79.17 60.42
CA GLU FB 202 -69.66 80.60 60.70
C GLU FB 202 -69.08 80.96 62.09
N MET FB 203 -69.48 80.34 63.21
CA MET FB 203 -70.65 79.48 63.40
C MET FB 203 -71.49 80.11 64.50
N GLU FB 204 -72.78 79.79 64.55
CA GLU FB 204 -73.66 80.49 65.46
C GLU FB 204 -73.82 79.75 66.79
N ASP FB 205 -73.21 80.30 67.84
CA ASP FB 205 -73.37 79.84 69.21
C ASP FB 205 -73.23 78.33 69.31
N SER FB 206 -74.05 77.71 70.18
CA SER FB 206 -74.32 76.26 70.14
C SER FB 206 -72.97 75.47 69.97
N ASN FB 207 -72.65 74.64 68.95
CA ASN FB 207 -73.48 74.08 67.89
C ASN FB 207 -73.21 72.59 67.74
N ALA FB 208 -71.95 72.29 67.42
CA ALA FB 208 -71.37 70.95 67.29
C ALA FB 208 -71.74 70.30 65.96
N VAL FB 209 -72.78 70.81 65.30
CA VAL FB 209 -73.01 70.44 63.91
C VAL FB 209 -72.17 71.29 62.97
N GLU FB 210 -72.04 72.59 63.27
CA GLU FB 210 -71.10 73.42 62.52
C GLU FB 210 -69.73 73.44 63.15
N LYS FB 211 -69.59 72.95 64.38
CA LYS FB 211 -68.26 72.74 64.94
C LYS FB 211 -67.54 71.69 64.12
N ALA FB 212 -68.14 70.53 63.95
CA ALA FB 212 -67.76 69.69 62.84
C ALA FB 212 -68.09 70.42 61.55
N ILE FB 213 -67.33 70.10 60.50
CA ILE FB 213 -67.30 70.81 59.21
C ILE FB 213 -66.47 72.07 59.37
N CYS FB 214 -66.35 72.60 60.57
CA CYS FB 214 -65.32 73.58 60.85
C CYS FB 214 -64.00 72.91 61.22
N LEU FB 215 -64.08 71.88 62.05
CA LEU FB 215 -62.90 71.11 62.41
C LEU FB 215 -62.35 70.35 61.21
N GLN FB 216 -63.21 69.98 60.27
CA GLN FB 216 -62.77 69.11 59.20
C GLN FB 216 -62.26 69.89 57.99
N ILE FB 217 -62.18 71.21 58.06
CA ILE FB 217 -61.79 71.96 56.87
C ILE FB 217 -60.37 71.53 56.55
N PRO FB 218 -60.11 71.03 55.35
CA PRO FB 218 -58.75 70.62 55.01
C PRO FB 218 -57.90 71.84 54.70
N PHE FB 219 -56.61 71.67 54.91
CA PHE FB 219 -55.64 72.73 54.63
C PHE FB 219 -54.56 72.17 53.74
N PHE FB 220 -54.50 72.68 52.52
CA PHE FB 220 -53.59 72.17 51.51
C PHE FB 220 -52.43 73.14 51.36
N MET FB 221 -51.26 72.59 51.10
CA MET FB 221 -50.05 73.37 50.96
C MET FB 221 -49.27 72.80 49.80
N LEU FB 222 -48.73 73.66 48.96
CA LEU FB 222 -48.00 73.19 47.82
C LEU FB 222 -46.56 72.88 48.14
N GLU FB 223 -46.16 72.97 49.41
CA GLU FB 223 -44.78 72.65 49.73
C GLU FB 223 -44.62 71.15 49.78
N ASN FB 224 -45.06 70.47 50.85
CA ASN FB 224 -45.58 69.11 50.75
C ASN FB 224 -44.88 68.32 49.65
N SER FB 225 -45.67 67.87 48.67
CA SER FB 225 -45.11 67.17 47.52
C SER FB 225 -44.00 67.98 46.86
N ASP FB 226 -42.97 67.27 46.41
CA ASP FB 226 -41.76 67.92 45.92
C ASP FB 226 -41.99 68.61 44.59
N HIS FB 227 -41.14 69.58 44.30
CA HIS FB 227 -41.22 70.34 43.06
C HIS FB 227 -39.87 70.94 42.77
N GLU FB 228 -39.70 71.41 41.53
CA GLU FB 228 -38.41 71.89 41.08
C GLU FB 228 -38.24 73.36 41.39
N VAL FB 229 -37.02 73.73 41.76
CA VAL FB 229 -36.61 75.13 41.84
C VAL FB 229 -35.69 75.37 40.66
N LEU FB 230 -35.71 76.58 40.13
CA LEU FB 230 -34.93 76.91 38.95
C LEU FB 230 -34.22 78.23 39.17
N ARG FB 231 -32.91 78.24 38.93
CA ARG FB 231 -32.25 79.52 38.74
C ARG FB 231 -32.46 79.95 37.28
N THR FB 232 -31.74 80.97 36.86
CA THR FB 232 -31.91 81.50 35.51
C THR FB 232 -31.62 80.46 34.44
N GLY FB 233 -30.41 79.91 34.42
CA GLY FB 233 -30.01 79.05 33.32
C GLY FB 233 -30.87 77.83 33.12
N GLU FB 234 -31.57 77.39 34.14
CA GLU FB 234 -32.38 76.18 34.06
C GLU FB 234 -33.73 76.45 33.42
N SER FB 235 -34.34 75.39 32.89
CA SER FB 235 -35.70 75.41 32.37
C SER FB 235 -36.44 74.17 32.85
N THR FB 236 -37.68 74.03 32.39
CA THR FB 236 -38.50 72.89 32.75
C THR FB 236 -39.50 72.62 31.63
N GLU FB 237 -39.83 71.35 31.44
CA GLU FB 237 -40.85 70.94 30.50
C GLU FB 237 -41.96 70.19 31.22
N PHE FB 238 -43.15 70.23 30.64
CA PHE FB 238 -44.27 69.45 31.13
C PHE FB 238 -45.05 68.92 29.93
N THR FB 239 -45.54 67.70 30.04
CA THR FB 239 -46.37 67.12 29.01
C THR FB 239 -47.72 66.73 29.58
N PHE FB 240 -48.70 66.61 28.71
CA PHE FB 240 -50.03 66.21 29.12
C PHE FB 240 -50.66 65.41 27.99
N ASN FB 241 -51.48 64.44 28.36
CA ASN FB 241 -52.26 63.68 27.41
C ASN FB 241 -53.72 63.76 27.83
N PHE FB 242 -54.61 63.69 26.85
CA PHE FB 242 -56.02 63.95 27.09
C PHE FB 242 -56.83 62.71 26.73
N ASP FB 243 -57.59 62.20 27.70
CA ASP FB 243 -58.74 61.36 27.42
C ASP FB 243 -59.92 62.32 27.33
N CYS FB 244 -60.45 62.51 26.13
CA CYS FB 244 -61.22 63.71 25.86
C CYS FB 244 -62.27 63.43 24.82
N GLU FB 245 -63.42 64.07 24.97
CA GLU FB 245 -64.52 63.92 24.03
C GLU FB 245 -64.39 64.93 22.90
N TRP FB 246 -64.76 64.50 21.69
CA TRP FB 246 -64.76 65.42 20.56
C TRP FB 246 -65.71 66.57 20.81
N ILE FB 247 -65.37 67.73 20.26
CA ILE FB 247 -66.31 68.82 20.13
C ILE FB 247 -66.65 68.97 18.66
N ASN FB 248 -67.93 68.93 18.33
CA ASN FB 248 -68.36 68.74 16.96
C ASN FB 248 -68.78 70.07 16.35
N ASN FB 249 -68.17 70.40 15.22
CA ASN FB 249 -68.60 71.51 14.39
C ASN FB 249 -69.39 70.93 13.24
N GLU FB 250 -70.72 71.11 13.30
CA GLU FB 250 -71.70 70.46 12.44
C GLU FB 250 -73.03 71.08 12.77
N ARG FB 251 -73.97 70.92 11.84
CA ARG FB 251 -75.26 71.58 11.94
C ARG FB 251 -76.34 70.63 11.48
N ALA FB 252 -77.39 70.51 12.26
CA ALA FB 252 -78.57 69.76 11.84
C ALA FB 252 -79.52 70.71 11.15
N TYR FB 253 -79.79 70.45 9.89
CA TYR FB 253 -80.68 71.30 9.12
C TYR FB 253 -82.14 71.09 9.45
N ILE FB 254 -82.48 70.00 10.15
CA ILE FB 254 -83.85 69.75 10.60
C ILE FB 254 -83.82 69.19 12.01
N PRO FB 255 -84.91 69.34 12.75
CA PRO FB 255 -85.03 68.67 14.03
C PRO FB 255 -84.94 67.16 13.84
N PRO FB 256 -84.56 66.42 14.87
CA PRO FB 256 -84.48 64.96 14.72
C PRO FB 256 -85.84 64.33 14.50
N GLY FB 257 -86.90 64.95 15.00
CA GLY FB 257 -88.23 64.42 14.78
C GLY FB 257 -88.82 64.73 13.42
N LEU FB 258 -88.12 65.51 12.61
CA LEU FB 258 -88.59 65.90 11.30
C LEU FB 258 -88.08 64.98 10.20
N MET FB 259 -87.42 63.89 10.57
CA MET FB 259 -86.83 62.97 9.60
C MET FB 259 -87.87 61.94 9.22
N PHE FB 260 -88.36 62.02 7.99
CA PHE FB 260 -89.29 61.04 7.44
C PHE FB 260 -89.61 61.47 6.02
N ASN FB 261 -90.14 60.53 5.25
CA ASN FB 261 -90.58 60.84 3.90
C ASN FB 261 -92.03 61.28 3.99
N PRO FB 262 -92.32 62.57 3.82
CA PRO FB 262 -93.69 63.03 3.99
C PRO FB 262 -94.61 62.60 2.87
N LEU FB 263 -94.05 62.15 1.76
CA LEU FB 263 -94.87 61.67 0.66
C LEU FB 263 -95.57 60.37 1.03
N VAL FB 264 -94.86 59.48 1.73
CA VAL FB 264 -95.39 58.14 1.98
C VAL FB 264 -96.44 58.20 3.08
N PRO FB 265 -97.61 57.59 2.92
CA PRO FB 265 -98.58 57.55 4.01
C PRO FB 265 -98.05 56.73 5.17
N THR FB 266 -98.66 56.93 6.33
CA THR FB 266 -98.23 56.25 7.54
C THR FB 266 -99.33 55.32 8.02
N ARG FB 267 -98.93 54.22 8.66
CA ARG FB 267 -99.89 53.38 9.36
C ARG FB 267 -99.84 53.67 10.84
N ARG FB 268 -100.83 54.43 11.30
CA ARG FB 268 -100.92 54.93 12.67
C ARG FB 268 -102.26 55.64 12.79
N ALA FB 269 -102.71 55.90 14.00
CA ALA FB 269 -104.00 56.55 14.16
C ALA FB 269 -103.96 57.47 15.36
N GLN FB 270 -104.86 58.44 15.35
CA GLN FB 270 -105.00 59.43 16.41
C GLN FB 270 -106.40 59.32 16.98
N TYR FB 271 -106.50 58.85 18.21
CA TYR FB 271 -107.73 58.99 18.96
C TYR FB 271 -107.67 60.33 19.68
N ILE FB 272 -108.75 61.07 19.63
CA ILE FB 272 -108.83 62.37 20.28
C ILE FB 272 -110.01 62.38 21.22
N ARG FB 273 -109.77 62.68 22.48
CA ARG FB 273 -110.80 62.64 23.50
C ARG FB 273 -111.90 63.66 23.19
N ARG FB 274 -113.09 63.40 23.72
CA ARG FB 274 -114.17 64.38 23.70
C ARG FB 274 -113.66 65.71 24.23
N ASN FB 275 -113.95 66.79 23.52
CA ASN FB 275 -113.29 68.05 23.80
C ASN FB 275 -113.87 68.74 25.03
N ASN FB 276 -115.13 68.45 25.36
CA ASN FB 276 -115.78 69.03 26.54
C ASN FB 276 -115.65 70.55 26.54
N ASN FB 277 -116.41 71.18 25.65
CA ASN FB 277 -116.26 72.58 25.23
C ASN FB 277 -115.00 72.68 24.39
N PRO FB 278 -115.01 73.54 23.36
CA PRO FB 278 -116.21 74.10 22.74
C PRO FB 278 -117.15 73.06 22.10
N GLN FB 279 -116.57 72.14 21.33
CA GLN FB 279 -117.35 71.33 20.39
C GLN FB 279 -116.46 70.20 19.89
N THR FB 280 -116.87 69.51 18.82
CA THR FB 280 -116.08 68.46 18.16
C THR FB 280 -115.87 67.24 19.04
N ALA FB 281 -116.89 66.41 19.14
CA ALA FB 281 -116.83 65.17 19.88
C ALA FB 281 -115.76 64.24 19.31
N GLU FB 282 -115.35 63.27 20.15
CA GLU FB 282 -114.18 62.44 19.89
C GLU FB 282 -114.26 61.74 18.53
N SER FB 283 -113.10 61.57 17.91
CA SER FB 283 -113.00 60.85 16.65
C SER FB 283 -111.60 60.27 16.53
N THR FB 284 -111.50 59.15 15.82
CA THR FB 284 -110.22 58.56 15.46
C THR FB 284 -109.97 58.76 13.97
N SER FB 285 -108.69 58.91 13.62
CA SER FB 285 -108.33 59.20 12.24
C SER FB 285 -106.90 58.76 12.00
N ARG FB 286 -106.58 58.57 10.72
CA ARG FB 286 -105.22 58.23 10.35
C ARG FB 286 -104.34 59.46 10.35
N ILE FB 287 -103.10 59.30 10.80
CA ILE FB 287 -102.16 60.40 10.82
C ILE FB 287 -101.79 60.78 9.40
N ALA FB 288 -101.77 62.08 9.14
CA ALA FB 288 -101.50 62.58 7.81
C ALA FB 288 -100.11 62.15 7.35
N PRO FB 289 -99.90 62.04 6.03
CA PRO FB 289 -98.57 61.60 5.54
C PRO FB 289 -97.47 62.53 5.98
N TYR FB 290 -97.67 63.83 5.81
CA TYR FB 290 -96.81 64.81 6.46
C TYR FB 290 -97.08 64.77 7.97
N ALA FB 291 -96.14 65.31 8.73
CA ALA FB 291 -96.31 65.44 10.18
C ALA FB 291 -96.55 64.09 10.84
N LYS FB 292 -95.68 63.15 10.56
CA LYS FB 292 -95.74 61.87 11.23
C LYS FB 292 -95.21 62.01 12.65
N PRO FB 293 -95.71 61.20 13.58
CA PRO FB 293 -95.21 61.27 14.96
C PRO FB 293 -93.76 60.84 15.03
N THR FB 294 -93.13 61.18 16.14
CA THR FB 294 -91.72 60.89 16.30
C THR FB 294 -91.42 60.35 17.68
N SER FB 295 -90.31 59.63 17.76
CA SER FB 295 -89.56 59.47 18.98
C SER FB 295 -88.69 60.70 19.18
N TRP FB 296 -87.66 60.56 19.99
CA TRP FB 296 -86.63 61.59 20.04
C TRP FB 296 -87.15 62.89 20.62
N MET FB 297 -87.30 62.86 21.93
CA MET FB 297 -87.64 63.96 22.81
C MET FB 297 -86.56 65.04 22.76
N THR FB 298 -86.94 66.25 23.15
CA THR FB 298 -86.00 67.37 23.21
C THR FB 298 -85.07 67.24 24.40
N GLY FB 299 -83.91 67.89 24.30
CA GLY FB 299 -82.95 67.91 25.36
C GLY FB 299 -83.47 68.63 26.60
N PRO FB 300 -82.88 68.33 27.75
CA PRO FB 300 -83.40 68.87 29.01
C PRO FB 300 -82.98 70.31 29.23
N GLY FB 301 -83.78 71.00 30.02
CA GLY FB 301 -83.47 72.36 30.43
C GLY FB 301 -84.28 72.69 31.67
N LEU FB 302 -83.94 73.82 32.30
CA LEU FB 302 -84.74 74.36 33.39
C LEU FB 302 -85.03 75.82 33.09
N LEU FB 303 -86.27 76.12 32.73
CA LEU FB 303 -86.68 77.46 32.35
C LEU FB 303 -87.52 78.21 33.37
N SER FB 304 -87.90 77.62 34.50
CA SER FB 304 -88.93 78.26 35.31
C SER FB 304 -88.38 79.37 36.19
N ALA FB 305 -87.17 79.18 36.71
CA ALA FB 305 -86.61 80.04 37.75
C ALA FB 305 -86.27 81.42 37.21
N GLN FB 306 -86.07 82.36 38.13
CA GLN FB 306 -85.59 83.70 37.82
C GLN FB 306 -84.50 84.07 38.80
N ARG FB 307 -83.48 84.77 38.31
CA ARG FB 307 -82.39 85.20 39.18
C ARG FB 307 -82.93 86.06 40.31
N VAL FB 308 -82.35 85.89 41.49
CA VAL FB 308 -82.94 86.35 42.74
C VAL FB 308 -82.07 87.42 43.38
N GLY FB 309 -82.58 88.64 43.42
CA GLY FB 309 -82.03 89.65 44.28
C GLY FB 309 -80.93 90.47 43.65
N PRO FB 310 -80.21 91.23 44.48
CA PRO FB 310 -79.21 92.16 43.95
C PRO FB 310 -77.95 91.46 43.50
N ALA FB 311 -77.21 92.12 42.61
CA ALA FB 311 -75.93 91.61 42.18
C ALA FB 311 -74.94 91.61 43.34
N THR FB 312 -73.88 90.81 43.18
CA THR FB 312 -72.83 90.51 44.16
C THR FB 312 -73.34 89.55 45.22
N SER FB 313 -74.62 89.21 45.21
CA SER FB 313 -75.20 88.24 46.13
C SER FB 313 -75.25 86.83 45.54
N ASP FB 314 -74.64 86.61 44.38
CA ASP FB 314 -74.71 85.33 43.67
C ASP FB 314 -76.15 84.99 43.28
N THR FB 315 -76.66 85.68 42.27
CA THR FB 315 -77.98 85.35 41.76
C THR FB 315 -77.86 84.35 40.63
N GLY FB 316 -78.22 83.11 40.90
CA GLY FB 316 -78.09 82.08 39.88
C GLY FB 316 -79.38 81.60 39.26
N ALA FB 317 -80.50 81.93 39.88
CA ALA FB 317 -81.85 81.44 39.64
C ALA FB 317 -82.00 79.98 40.02
N TRP FB 318 -80.91 79.23 40.16
CA TRP FB 318 -80.93 77.88 40.71
C TRP FB 318 -79.74 77.77 41.63
N MET FB 319 -80.00 77.57 42.92
CA MET FB 319 -78.94 77.40 43.91
C MET FB 319 -78.89 75.94 44.31
N VAL FB 320 -77.71 75.35 44.26
CA VAL FB 320 -77.58 73.94 44.59
C VAL FB 320 -77.50 73.76 46.11
N ALA FB 321 -76.73 74.59 46.78
CA ALA FB 321 -76.53 74.58 48.23
C ALA FB 321 -76.22 73.21 48.81
N VAL FB 322 -76.56 73.03 50.09
CA VAL FB 322 -76.37 71.78 50.82
C VAL FB 322 -77.54 71.50 51.74
N LYS FB 323 -77.74 72.36 52.73
CA LYS FB 323 -78.72 72.17 53.79
C LYS FB 323 -78.50 70.89 54.61
N PRO FB 324 -77.44 70.83 55.42
CA PRO FB 324 -77.37 69.80 56.45
C PRO FB 324 -78.53 69.95 57.42
N GLU FB 325 -78.82 68.87 58.15
CA GLU FB 325 -80.12 68.74 58.78
C GLU FB 325 -80.32 69.80 59.87
N ASN FB 326 -79.29 70.04 60.68
CA ASN FB 326 -79.41 71.12 61.66
C ASN FB 326 -78.64 72.35 61.24
N ALA FB 327 -77.33 72.31 61.43
CA ALA FB 327 -76.41 73.41 61.15
C ALA FB 327 -76.97 74.70 61.76
N SER FB 328 -76.76 75.80 61.07
CA SER FB 328 -77.51 77.04 61.25
C SER FB 328 -77.28 77.87 60.00
N ILE FB 329 -78.20 78.77 59.71
CA ILE FB 329 -78.14 79.52 58.46
C ILE FB 329 -78.59 80.95 58.72
N ASP FB 330 -77.85 81.89 58.16
CA ASP FB 330 -78.18 83.30 58.19
C ASP FB 330 -79.26 83.56 57.14
N THR FB 331 -79.50 84.83 56.81
CA THR FB 331 -80.32 85.12 55.65
C THR FB 331 -79.79 84.34 54.46
N GLY FB 332 -80.69 83.72 53.71
CA GLY FB 332 -80.29 82.77 52.70
C GLY FB 332 -80.65 81.33 53.02
N MET FB 333 -80.63 80.38 52.08
CA MET FB 333 -80.35 80.51 50.63
C MET FB 333 -79.12 81.37 50.29
N SER FB 334 -79.30 82.41 49.49
CA SER FB 334 -78.26 83.40 49.21
C SER FB 334 -76.96 82.72 48.64
N GLY FB 335 -75.77 82.68 49.25
CA GLY FB 335 -75.43 82.72 50.67
C GLY FB 335 -75.01 81.36 51.17
N ILE FB 336 -75.50 80.32 50.48
CA ILE FB 336 -74.96 78.97 50.58
C ILE FB 336 -75.07 78.37 49.19
N GLY FB 337 -74.12 77.51 48.86
CA GLY FB 337 -74.10 76.87 47.56
C GLY FB 337 -73.88 77.83 46.42
N SER FB 338 -74.05 77.29 45.22
CA SER FB 338 -73.63 77.96 44.00
C SER FB 338 -74.80 78.12 43.05
N GLY FB 339 -74.78 79.20 42.27
CA GLY FB 339 -75.78 79.35 41.23
C GLY FB 339 -75.47 78.45 40.05
N PHE FB 340 -76.52 77.85 39.50
CA PHE FB 340 -76.40 76.98 38.33
C PHE FB 340 -76.67 77.79 37.08
N ASP FB 341 -75.70 77.83 36.18
CA ASP FB 341 -75.76 78.73 35.04
C ASP FB 341 -75.09 78.10 33.82
N PRO FB 342 -75.65 78.29 32.62
CA PRO FB 342 -77.04 78.60 32.30
C PRO FB 342 -77.98 77.42 32.35
N PRO FB 343 -79.10 77.53 33.05
CA PRO FB 343 -80.28 76.78 32.65
C PRO FB 343 -81.16 77.58 31.67
N GLN FB 344 -81.77 77.05 30.60
CA GLN FB 344 -81.25 76.02 29.70
C GLN FB 344 -80.81 74.70 30.40
N GLY FB 345 -79.79 73.93 29.97
CA GLY FB 345 -79.10 73.92 28.68
C GLY FB 345 -80.02 73.58 27.55
N SER FB 346 -79.52 73.75 26.32
CA SER FB 346 -80.33 73.59 25.12
C SER FB 346 -81.60 74.41 25.23
N LEU FB 347 -82.72 73.83 24.80
CA LEU FB 347 -84.06 74.28 25.17
C LEU FB 347 -84.18 75.81 25.10
N ALA FB 348 -84.30 76.36 23.89
CA ALA FB 348 -84.01 77.76 23.63
C ALA FB 348 -84.62 78.68 24.69
N PRO FB 349 -83.87 79.62 25.22
CA PRO FB 349 -84.31 80.38 26.39
C PRO FB 349 -85.38 81.39 26.07
N THR FB 350 -86.02 81.87 27.14
CA THR FB 350 -87.07 82.88 27.02
C THR FB 350 -86.47 84.26 26.83
N ASN FB 351 -85.79 84.78 27.85
CA ASN FB 351 -85.21 86.10 27.72
C ASN FB 351 -83.71 86.06 27.94
N LEU FB 352 -83.11 87.25 27.92
CA LEU FB 352 -81.67 87.43 28.02
C LEU FB 352 -81.10 86.79 29.28
N GLU FB 353 -81.94 86.64 30.31
CA GLU FB 353 -81.46 86.21 31.62
C GLU FB 353 -80.80 84.84 31.57
N TYR FB 354 -81.19 84.01 30.61
CA TYR FB 354 -80.62 82.67 30.45
C TYR FB 354 -79.56 82.57 29.36
N LYS FB 355 -79.24 83.67 28.70
CA LYS FB 355 -78.59 83.65 27.40
C LYS FB 355 -77.07 83.62 27.51
N ILE FB 356 -76.55 83.41 28.72
CA ILE FB 356 -75.16 83.62 29.13
C ILE FB 356 -74.82 85.08 28.86
N GLN FB 357 -73.53 85.39 28.74
CA GLN FB 357 -73.00 86.72 28.46
C GLN FB 357 -71.53 86.66 28.84
N TRP FB 358 -70.69 87.57 28.34
CA TRP FB 358 -69.39 87.81 28.97
C TRP FB 358 -68.84 89.12 28.45
N TYR FB 359 -67.87 89.68 29.19
CA TYR FB 359 -67.38 91.01 28.85
C TYR FB 359 -66.14 90.97 27.97
N GLN FB 360 -65.52 89.81 27.83
CA GLN FB 360 -64.29 89.63 27.03
C GLN FB 360 -63.27 90.73 27.27
N THR FB 361 -63.21 91.24 28.50
CA THR FB 361 -62.38 92.39 28.87
C THR FB 361 -62.53 92.64 30.35
N PRO FB 362 -61.44 92.85 31.08
CA PRO FB 362 -61.57 93.23 32.49
C PRO FB 362 -62.07 94.64 32.68
N GLN FB 363 -61.81 95.53 31.72
CA GLN FB 363 -62.29 96.90 31.84
C GLN FB 363 -63.79 97.01 31.58
N GLY FB 364 -64.44 95.91 31.20
CA GLY FB 364 -65.85 95.96 30.85
C GLY FB 364 -66.75 96.38 31.99
N THR FB 365 -67.52 97.45 31.77
CA THR FB 365 -68.49 97.93 32.72
C THR FB 365 -69.79 97.16 32.53
N ASN FB 366 -70.89 97.63 33.15
CA ASN FB 366 -72.13 96.88 33.10
C ASN FB 366 -72.56 96.60 31.67
N ASN FB 367 -72.74 97.63 30.85
CA ASN FB 367 -72.89 97.46 29.42
C ASN FB 367 -71.71 98.12 28.73
N ASN FB 368 -70.78 97.29 28.28
CA ASN FB 368 -69.56 97.59 27.53
C ASN FB 368 -68.87 96.26 27.38
N GLY FB 369 -68.04 96.08 26.37
CA GLY FB 369 -67.66 94.71 26.09
C GLY FB 369 -68.96 93.97 25.89
N ASN FB 370 -69.21 92.99 26.75
CA ASN FB 370 -70.57 92.51 27.00
C ASN FB 370 -71.17 91.84 25.78
N ILE FB 371 -70.43 90.93 25.16
CA ILE FB 371 -70.98 90.21 24.03
C ILE FB 371 -71.87 89.09 24.56
N ILE FB 372 -73.01 88.93 23.94
CA ILE FB 372 -74.06 88.05 24.45
C ILE FB 372 -74.21 86.87 23.51
N SER FB 373 -74.39 85.68 24.06
CA SER FB 373 -74.55 84.50 23.24
C SER FB 373 -75.82 84.60 22.41
N ASN FB 374 -75.86 83.84 21.32
CA ASN FB 374 -76.94 83.93 20.35
C ASN FB 374 -77.26 82.53 19.85
N GLN FB 375 -78.36 82.41 19.12
CA GLN FB 375 -78.73 81.08 18.63
C GLN FB 375 -77.88 80.70 17.41
N PRO FB 376 -77.36 79.48 17.36
CA PRO FB 376 -76.57 79.07 16.21
C PRO FB 376 -77.37 78.93 14.94
N LEU FB 377 -78.69 78.89 15.04
CA LEU FB 377 -79.65 78.58 13.98
C LEU FB 377 -79.57 77.11 13.61
N SER FB 378 -78.67 76.34 14.22
CA SER FB 378 -78.75 74.90 14.18
C SER FB 378 -80.06 74.43 14.76
N MET FB 379 -80.60 73.34 14.22
CA MET FB 379 -81.95 72.92 14.57
C MET FB 379 -81.99 71.96 15.74
N LEU FB 380 -80.87 71.65 16.38
CA LEU FB 380 -80.93 70.57 17.36
C LEU FB 380 -81.56 70.84 18.72
N ARG FB 381 -81.05 71.62 19.70
CA ARG FB 381 -80.30 72.91 19.77
C ARG FB 381 -81.26 74.11 19.90
N ASP FB 382 -82.56 73.90 19.72
CA ASP FB 382 -83.51 74.96 20.04
C ASP FB 382 -84.54 74.42 21.03
N GLN FB 383 -85.32 73.43 20.59
CA GLN FB 383 -85.97 72.48 21.49
C GLN FB 383 -86.89 73.16 22.50
N ALA FB 384 -88.04 73.60 22.02
CA ALA FB 384 -89.12 73.88 22.94
C ALA FB 384 -89.78 72.57 23.39
N LEU FB 385 -90.78 72.68 24.24
CA LEU FB 385 -91.67 71.57 24.52
C LEU FB 385 -92.99 72.16 25.00
N PHE FB 386 -94.10 71.51 24.66
CA PHE FB 386 -95.40 72.16 24.69
C PHE FB 386 -96.41 71.47 25.60
N ARG FB 387 -96.68 70.19 25.40
CA ARG FB 387 -97.68 69.50 26.23
C ARG FB 387 -99.03 70.20 26.04
N GLY FB 388 -99.88 70.22 27.06
CA GLY FB 388 -101.13 70.96 27.05
C GLY FB 388 -102.05 70.64 25.90
N ASN FB 389 -103.14 71.40 25.78
CA ASN FB 389 -103.95 71.77 26.93
C ASN FB 389 -105.20 70.92 26.80
N GLN FB 390 -105.22 70.15 25.71
CA GLN FB 390 -106.37 69.61 24.98
C GLN FB 390 -106.92 70.65 24.02
N THR FB 391 -106.51 71.91 24.15
CA THR FB 391 -106.95 73.01 23.29
C THR FB 391 -105.75 73.75 22.71
N THR FB 392 -104.86 74.24 23.56
CA THR FB 392 -103.69 75.00 23.15
C THR FB 392 -102.44 74.28 23.67
N TYR FB 393 -101.32 74.51 23.00
CA TYR FB 393 -100.02 74.08 23.52
C TYR FB 393 -99.45 75.18 24.39
N ASN FB 394 -98.82 74.80 25.50
CA ASN FB 394 -98.27 75.75 26.45
C ASN FB 394 -96.85 75.37 26.82
N LEU FB 395 -95.89 76.21 26.44
CA LEU FB 395 -94.49 75.93 26.70
C LEU FB 395 -94.28 75.58 28.17
N CYS FB 396 -93.60 74.45 28.41
CA CYS FB 396 -93.50 73.89 29.74
C CYS FB 396 -92.11 74.11 30.32
N SER FB 397 -92.09 74.54 31.58
CA SER FB 397 -90.88 74.63 32.38
C SER FB 397 -90.33 73.24 32.68
N ASP FB 398 -89.09 73.20 33.16
CA ASP FB 398 -88.36 71.96 33.40
C ASP FB 398 -88.09 71.24 32.09
N VAL FB 399 -88.61 70.03 31.91
CA VAL FB 399 -88.07 69.03 30.97
C VAL FB 399 -86.74 68.48 31.48
N TRP FB 400 -86.83 67.57 32.44
CA TRP FB 400 -85.72 66.79 32.97
C TRP FB 400 -85.28 65.72 31.96
N MET FB 401 -84.36 64.86 32.38
CA MET FB 401 -83.89 63.81 31.50
C MET FB 401 -84.99 62.81 31.18
N PHE FB 402 -84.97 62.30 29.97
CA PHE FB 402 -85.97 61.40 29.43
C PHE FB 402 -85.28 60.49 28.42
N PRO FB 403 -85.76 59.25 28.26
CA PRO FB 403 -84.98 58.24 27.52
C PRO FB 403 -84.58 58.63 26.10
N ASN FB 404 -85.47 59.21 25.32
CA ASN FB 404 -85.19 59.40 23.90
C ASN FB 404 -84.57 60.75 23.60
N GLN FB 405 -84.19 61.51 24.60
CA GLN FB 405 -83.79 62.89 24.37
C GLN FB 405 -82.55 63.01 23.50
N ILE FB 406 -82.55 64.01 22.63
CA ILE FB 406 -81.36 64.47 21.93
C ILE FB 406 -81.25 65.96 22.12
N TRP FB 407 -80.04 66.41 22.47
CA TRP FB 407 -79.72 67.83 22.45
C TRP FB 407 -78.36 67.95 21.83
N ASP FB 408 -78.01 69.17 21.49
CA ASP FB 408 -76.71 69.44 20.90
C ASP FB 408 -75.89 70.23 21.90
N ARG FB 409 -74.66 69.82 22.11
CA ARG FB 409 -73.81 70.49 23.08
C ARG FB 409 -73.63 71.95 22.67
N TYR FB 410 -73.40 72.80 23.64
CA TYR FB 410 -73.33 74.23 23.40
C TYR FB 410 -72.34 74.52 22.27
N PRO FB 411 -72.70 75.39 21.32
CA PRO FB 411 -71.88 75.56 20.11
C PRO FB 411 -70.50 76.12 20.36
N ILE FB 412 -70.26 76.61 21.58
CA ILE FB 412 -69.09 77.34 22.01
C ILE FB 412 -68.74 78.46 21.03
N THR FB 413 -67.45 78.80 20.97
CA THR FB 413 -66.91 79.94 20.22
C THR FB 413 -65.45 80.07 20.56
N ARG FB 414 -64.76 81.03 19.96
CA ARG FB 414 -63.33 81.18 20.22
C ARG FB 414 -63.04 81.64 21.64
N GLU FB 415 -64.01 82.25 22.33
CA GLU FB 415 -63.78 82.83 23.65
C GLU FB 415 -63.96 81.84 24.78
N ASN FB 416 -64.26 80.61 24.50
CA ASN FB 416 -64.70 79.70 25.56
C ASN FB 416 -63.54 78.97 26.19
N PRO FB 417 -63.73 78.49 27.41
CA PRO FB 417 -62.78 77.55 27.99
C PRO FB 417 -62.80 76.23 27.27
N ILE FB 418 -61.61 75.65 27.10
CA ILE FB 418 -61.50 74.37 26.41
C ILE FB 418 -62.10 73.25 27.23
N TRP FB 419 -61.68 73.14 28.48
CA TRP FB 419 -62.05 72.02 29.33
C TRP FB 419 -62.54 72.51 30.68
N CYS FB 420 -63.12 71.58 31.42
CA CYS FB 420 -63.52 71.75 32.81
C CYS FB 420 -63.29 70.42 33.51
N LYS FB 421 -62.89 70.47 34.77
CA LYS FB 421 -62.61 69.24 35.47
C LYS FB 421 -63.89 68.62 35.99
N LYS FB 422 -64.09 67.34 35.69
CA LYS FB 422 -65.22 66.60 36.22
C LYS FB 422 -64.89 66.14 37.63
N PRO FB 423 -65.58 66.64 38.64
CA PRO FB 423 -65.24 66.29 40.02
C PRO FB 423 -65.45 64.82 40.32
N ARG FB 424 -64.54 64.25 41.10
CA ARG FB 424 -64.59 62.84 41.44
C ARG FB 424 -65.76 62.57 42.37
N SER FB 425 -66.62 61.65 41.98
CA SER FB 425 -67.76 61.30 42.80
C SER FB 425 -68.22 59.90 42.41
N ASP FB 426 -68.99 59.28 43.29
CA ASP FB 426 -69.45 57.92 43.05
C ASP FB 426 -70.30 57.85 41.79
N LYS FB 427 -71.37 58.65 41.75
CA LYS FB 427 -72.35 58.55 40.69
C LYS FB 427 -72.48 59.88 39.98
N HIS FB 428 -72.81 59.81 38.69
CA HIS FB 428 -73.09 61.01 37.91
C HIS FB 428 -73.90 60.63 36.69
N THR FB 429 -74.54 61.64 36.11
CA THR FB 429 -75.30 61.52 34.88
C THR FB 429 -74.45 61.81 33.65
N THR FB 430 -75.09 62.11 32.52
CA THR FB 430 -74.41 62.11 31.22
C THR FB 430 -73.15 62.97 31.19
N ILE FB 431 -73.08 64.00 32.04
CA ILE FB 431 -71.97 64.95 32.06
C ILE FB 431 -71.84 65.69 30.73
N ASP FB 432 -72.79 66.57 30.45
CA ASP FB 432 -72.60 67.55 29.39
C ASP FB 432 -72.62 68.93 29.99
N PRO FB 433 -71.48 69.62 30.12
CA PRO FB 433 -71.50 70.97 30.69
C PRO FB 433 -72.19 71.95 29.77
N PHE FB 434 -73.00 72.82 30.37
CA PHE FB 434 -73.77 73.79 29.60
C PHE FB 434 -72.98 75.03 29.27
N ASP FB 435 -71.73 75.09 29.69
CA ASP FB 435 -70.81 76.14 29.29
C ASP FB 435 -70.12 75.78 27.99
N GLY FB 436 -70.54 74.70 27.35
CA GLY FB 436 -69.72 74.09 26.33
C GLY FB 436 -68.55 73.45 27.03
N SER FB 437 -67.34 73.85 26.64
CA SER FB 437 -66.12 73.30 27.21
C SER FB 437 -66.12 71.79 27.17
N LEU FB 438 -65.56 71.15 28.20
CA LEU FB 438 -65.38 69.71 28.21
C LEU FB 438 -65.24 69.28 29.65
N ALA FB 439 -65.42 67.98 29.87
CA ALA FB 439 -65.21 67.40 31.18
C ALA FB 439 -64.17 66.30 31.05
N MET FB 440 -63.21 66.30 31.97
CA MET FB 440 -62.20 65.27 31.98
C MET FB 440 -61.94 64.82 33.40
N ASP FB 441 -61.68 63.52 33.57
CA ASP FB 441 -61.23 63.02 34.86
C ASP FB 441 -60.00 63.80 35.33
N HIS FB 442 -58.96 63.76 34.52
CA HIS FB 442 -57.75 64.54 34.76
C HIS FB 442 -57.56 65.53 33.63
N PRO FB 443 -57.85 66.81 33.84
CA PRO FB 443 -57.53 67.81 32.86
C PRO FB 443 -56.05 68.08 32.87
N PRO FB 444 -55.56 69.03 32.08
CA PRO FB 444 -54.17 69.45 32.24
C PRO FB 444 -53.92 69.87 33.68
N GLY FB 445 -52.87 69.31 34.27
CA GLY FB 445 -52.52 69.67 35.62
C GLY FB 445 -52.08 71.12 35.69
N THR FB 446 -52.64 71.86 36.62
CA THR FB 446 -52.27 73.25 36.77
C THR FB 446 -50.81 73.35 37.17
N ILE FB 447 -50.08 74.21 36.47
CA ILE FB 447 -48.68 74.46 36.77
C ILE FB 447 -48.60 75.63 37.72
N PHE FB 448 -48.03 75.40 38.90
CA PHE FB 448 -47.91 76.42 39.92
C PHE FB 448 -46.48 76.91 39.96
N ILE FB 449 -46.31 78.17 40.33
CA ILE FB 449 -45.00 78.79 40.33
C ILE FB 449 -44.96 79.86 41.42
N LYS FB 450 -43.81 79.97 42.09
CA LYS FB 450 -43.66 80.83 43.24
C LYS FB 450 -42.25 81.39 43.21
N MET FB 451 -42.00 82.43 44.00
CA MET FB 451 -40.78 83.20 43.92
C MET FB 451 -39.69 82.79 44.91
N ALA FB 452 -39.86 81.70 45.65
CA ALA FB 452 -38.75 81.19 46.45
C ALA FB 452 -38.27 82.20 47.48
N LYS FB 453 -39.00 82.33 48.59
CA LYS FB 453 -38.73 83.37 49.58
C LYS FB 453 -37.25 83.44 49.92
N ILE FB 454 -36.70 84.64 49.82
CA ILE FB 454 -35.33 84.89 50.22
C ILE FB 454 -35.38 85.80 51.44
N PRO FB 455 -35.13 85.29 52.63
CA PRO FB 455 -35.30 86.11 53.83
C PRO FB 455 -34.10 87.02 54.03
N VAL FB 456 -34.21 87.88 55.03
CA VAL FB 456 -33.14 88.83 55.34
C VAL FB 456 -33.03 88.90 56.85
N PRO FB 457 -31.84 89.07 57.40
CA PRO FB 457 -31.68 89.00 58.85
C PRO FB 457 -32.23 90.23 59.54
N SER FB 458 -32.72 90.03 60.75
CA SER FB 458 -33.22 91.11 61.58
C SER FB 458 -33.07 90.72 63.04
N ASN FB 459 -33.39 91.67 63.93
CA ASN FB 459 -33.25 91.46 65.36
C ASN FB 459 -34.45 90.74 65.96
N ASN FB 460 -35.65 91.11 65.54
CA ASN FB 460 -36.90 90.70 66.19
C ASN FB 460 -37.06 89.20 66.52
N ASN FB 461 -36.79 88.27 65.59
CA ASN FB 461 -36.36 88.55 64.23
C ASN FB 461 -37.51 88.37 63.25
N ALA FB 462 -37.21 88.62 61.98
CA ALA FB 462 -38.17 88.51 60.89
C ALA FB 462 -39.41 89.40 61.17
N ASP FB 463 -40.61 89.12 60.64
CA ASP FB 463 -40.80 88.53 59.31
C ASP FB 463 -40.40 89.54 58.25
N SER FB 464 -39.42 89.16 57.43
CA SER FB 464 -38.91 90.04 56.40
C SER FB 464 -38.33 89.18 55.29
N TYR FB 465 -38.33 89.72 54.09
CA TYR FB 465 -37.91 88.95 52.93
C TYR FB 465 -37.46 89.92 51.86
N LEU FB 466 -36.76 89.38 50.87
CA LEU FB 466 -36.22 90.19 49.79
C LEU FB 466 -37.23 90.27 48.66
N ASN FB 467 -37.37 91.46 48.09
CA ASN FB 467 -38.44 91.73 47.14
C ASN FB 467 -37.92 91.48 45.73
N ILE FB 468 -38.45 90.45 45.07
CA ILE FB 468 -38.00 90.03 43.75
C ILE FB 468 -39.21 89.67 42.91
N TYR FB 469 -38.97 89.47 41.62
CA TYR FB 469 -39.99 88.93 40.73
C TYR FB 469 -39.30 88.16 39.63
N CYS FB 470 -40.05 87.27 39.01
CA CYS FB 470 -39.53 86.42 37.95
C CYS FB 470 -40.16 86.80 36.64
N THR FB 471 -39.46 86.51 35.56
CA THR FB 471 -39.94 86.81 34.23
C THR FB 471 -39.40 85.73 33.30
N GLY FB 472 -40.23 85.29 32.36
CA GLY FB 472 -39.77 84.22 31.52
C GLY FB 472 -40.77 83.94 30.43
N GLN FB 473 -40.61 82.79 29.79
CA GLN FB 473 -41.38 82.47 28.61
C GLN FB 473 -41.98 81.08 28.73
N VAL FB 474 -43.30 81.00 28.64
CA VAL FB 474 -44.01 79.73 28.56
C VAL FB 474 -44.31 79.47 27.10
N SER FB 475 -44.11 78.24 26.66
CA SER FB 475 -44.52 77.83 25.33
C SER FB 475 -45.50 76.68 25.50
N CYS FB 476 -46.75 76.92 25.17
CA CYS FB 476 -47.77 75.88 25.24
C CYS FB 476 -48.02 75.39 23.82
N GLU FB 477 -47.57 74.19 23.53
CA GLU FB 477 -47.70 73.58 22.21
C GLU FB 477 -48.63 72.38 22.35
N ILE FB 478 -49.82 72.47 21.78
CA ILE FB 478 -50.82 71.43 21.95
C ILE FB 478 -51.23 70.88 20.60
N VAL FB 479 -51.47 69.59 20.54
CA VAL FB 479 -51.83 68.88 19.33
C VAL FB 479 -53.32 68.58 19.39
N TRP FB 480 -53.99 68.75 18.26
CA TRP FB 480 -55.44 68.60 18.19
C TRP FB 480 -55.77 67.48 17.24
N GLU FB 481 -56.40 66.43 17.75
CA GLU FB 481 -57.03 65.47 16.85
C GLU FB 481 -58.14 66.17 16.10
N VAL FB 482 -58.10 66.07 14.78
CA VAL FB 482 -58.99 66.86 13.94
C VAL FB 482 -59.49 65.97 12.82
N GLU FB 483 -60.73 66.19 12.40
CA GLU FB 483 -61.36 65.39 11.35
C GLU FB 483 -62.00 66.31 10.34
N ARG FB 484 -61.81 65.99 9.06
CA ARG FB 484 -62.20 66.89 7.98
C ARG FB 484 -63.50 66.40 7.34
N TYR FB 485 -64.32 67.34 6.89
CA TYR FB 485 -65.68 67.01 6.53
C TYR FB 485 -65.83 66.76 5.03
N ALA FB 486 -66.68 65.80 4.70
CA ALA FB 486 -67.14 65.58 3.35
C ALA FB 486 -68.65 65.38 3.40
N THR FB 487 -69.34 65.91 2.39
CA THR FB 487 -70.79 65.83 2.40
C THR FB 487 -71.32 65.78 0.99
N LYS FB 488 -72.54 65.28 0.87
CA LYS FB 488 -73.20 65.16 -0.42
C LYS FB 488 -74.12 66.32 -0.72
N ASN FB 489 -74.16 67.33 0.14
CA ASN FB 489 -75.00 68.49 -0.14
C ASN FB 489 -74.57 69.15 -1.43
N TRP FB 490 -75.55 69.59 -2.20
CA TRP FB 490 -75.28 70.29 -3.45
C TRP FB 490 -74.95 71.75 -3.22
N ARG FB 491 -75.49 72.35 -2.20
CA ARG FB 491 -75.50 73.78 -2.02
C ARG FB 491 -74.29 74.28 -1.24
N PRO FB 492 -74.01 75.58 -1.32
CA PRO FB 492 -72.74 76.13 -0.80
C PRO FB 492 -72.51 76.00 0.71
N GLU FB 493 -73.51 75.68 1.51
CA GLU FB 493 -73.41 75.67 2.99
C GLU FB 493 -73.00 77.07 3.46
N ARG FB 494 -72.17 77.17 4.50
CA ARG FB 494 -71.93 78.45 5.17
C ARG FB 494 -70.53 78.43 5.75
N ARG FB 495 -69.90 79.61 5.78
CA ARG FB 495 -68.57 79.75 6.33
C ARG FB 495 -68.55 80.98 7.21
N HIS FB 496 -67.37 81.31 7.73
CA HIS FB 496 -67.20 82.52 8.52
C HIS FB 496 -66.38 83.51 7.71
N THR FB 497 -67.06 84.52 7.17
CA THR FB 497 -66.43 85.66 6.54
C THR FB 497 -66.00 86.67 7.57
N THR FB 498 -65.04 87.51 7.18
CA THR FB 498 -64.84 88.76 7.89
C THR FB 498 -66.05 89.68 7.78
N PHE FB 499 -66.96 89.43 6.84
CA PHE FB 499 -68.07 90.34 6.72
C PHE FB 499 -69.01 90.28 7.91
N GLY FB 500 -69.00 89.19 8.67
CA GLY FB 500 -69.67 89.22 9.97
C GLY FB 500 -69.02 90.21 10.91
N LEU FB 501 -67.73 90.47 10.72
CA LEU FB 501 -66.99 91.40 11.55
C LEU FB 501 -67.37 92.83 11.21
N GLY FB 502 -67.01 93.75 12.11
CA GLY FB 502 -67.35 95.14 11.91
C GLY FB 502 -66.26 96.04 12.47
N ILE FB 503 -66.31 97.30 12.05
CA ILE FB 503 -65.24 98.27 12.26
C ILE FB 503 -65.37 98.85 13.66
N GLY FB 504 -64.24 99.18 14.28
CA GLY FB 504 -64.29 99.75 15.62
C GLY FB 504 -62.96 100.29 16.08
N GLY FB 505 -63.01 100.95 17.25
CA GLY FB 505 -61.87 101.47 17.97
C GLY FB 505 -61.50 102.88 17.56
N ALA FB 506 -61.04 103.67 18.55
CA ALA FB 506 -60.58 105.05 18.37
C ALA FB 506 -61.50 105.84 17.44
N ASP FB 507 -60.89 106.59 16.51
CA ASP FB 507 -61.57 106.91 15.28
C ASP FB 507 -61.81 105.60 14.54
N ASN FB 508 -63.00 105.46 13.98
CA ASN FB 508 -63.57 104.13 13.73
C ASN FB 508 -62.60 103.19 13.04
N LEU FB 509 -61.57 103.72 12.39
CA LEU FB 509 -60.65 102.94 11.57
C LEU FB 509 -60.09 101.74 12.31
N ASN FB 510 -59.76 100.71 11.53
CA ASN FB 510 -59.34 99.34 11.81
C ASN FB 510 -60.60 98.52 12.06
N PRO FB 511 -60.68 97.29 11.57
CA PRO FB 511 -61.97 96.59 11.64
C PRO FB 511 -62.33 95.98 12.98
N THR FB 512 -61.73 94.85 13.32
CA THR FB 512 -62.14 94.15 14.54
C THR FB 512 -60.98 93.49 15.25
N TYR FB 513 -60.38 92.46 14.66
CA TYR FB 513 -59.19 91.89 15.28
C TYR FB 513 -57.98 92.59 14.68
N HIS FB 514 -57.46 93.55 15.44
CA HIS FB 514 -56.51 94.49 14.88
C HIS FB 514 -56.18 95.51 15.95
N VAL FB 515 -55.07 96.21 15.75
CA VAL FB 515 -54.61 97.19 16.71
C VAL FB 515 -55.26 98.55 16.49
N ASP FB 516 -55.31 99.34 17.56
CA ASP FB 516 -55.76 100.72 17.55
C ASP FB 516 -54.56 101.63 17.27
N LYS FB 517 -54.68 102.95 17.50
CA LYS FB 517 -53.60 103.84 17.05
C LYS FB 517 -52.44 104.41 17.91
N ASN FB 518 -52.32 104.40 19.26
CA ASN FB 518 -53.24 104.07 20.37
C ASN FB 518 -53.28 102.59 20.66
N GLY FB 519 -52.45 101.81 19.98
CA GLY FB 519 -52.80 100.45 19.69
C GLY FB 519 -53.28 99.64 20.87
N THR FB 520 -54.55 99.25 20.75
CA THR FB 520 -55.26 98.40 21.68
C THR FB 520 -56.09 97.48 20.81
N TYR FB 521 -55.89 96.19 21.00
CA TYR FB 521 -56.55 95.18 20.18
C TYR FB 521 -58.06 95.37 20.25
N ILE FB 522 -58.69 95.57 19.11
CA ILE FB 522 -60.12 95.86 19.11
C ILE FB 522 -60.89 94.61 19.45
N GLN FB 523 -61.79 94.72 20.32
CA GLN FB 523 -62.43 93.47 20.67
C GLN FB 523 -63.65 93.23 19.79
N PRO FB 524 -63.93 91.97 19.49
CA PRO FB 524 -65.13 91.62 18.74
C PRO FB 524 -66.39 91.96 19.53
N THR FB 525 -67.34 92.61 18.87
CA THR FB 525 -68.57 93.07 19.51
C THR FB 525 -69.75 92.22 19.05
N THR FB 526 -70.49 91.71 20.02
CA THR FB 526 -71.47 90.62 20.05
C THR FB 526 -70.96 89.27 19.55
N TRP FB 527 -71.89 88.40 19.13
CA TRP FB 527 -71.62 86.97 19.16
C TRP FB 527 -71.01 86.47 17.86
N ASP FB 528 -71.53 86.92 16.72
CA ASP FB 528 -71.08 86.40 15.44
C ASP FB 528 -69.63 86.73 15.15
N MET FB 529 -69.13 87.86 15.67
CA MET FB 529 -67.73 88.22 15.51
C MET FB 529 -66.82 87.05 15.85
N CYS FB 530 -66.78 86.68 17.12
CA CYS FB 530 -66.23 85.39 17.50
C CYS FB 530 -66.95 84.32 16.71
N PHE FB 531 -66.19 83.46 16.04
CA PHE FB 531 -66.84 82.60 15.06
C PHE FB 531 -67.15 81.25 15.70
N PRO FB 532 -68.41 80.97 16.02
CA PRO FB 532 -68.72 79.76 16.77
C PRO FB 532 -68.69 78.54 15.86
N VAL FB 533 -68.22 77.42 16.40
CA VAL FB 533 -68.45 76.18 15.69
C VAL FB 533 -69.92 75.83 15.82
N LYS FB 534 -70.36 74.90 14.97
CA LYS FB 534 -71.68 74.27 14.97
C LYS FB 534 -72.67 75.12 14.20
N THR FB 535 -72.28 76.31 13.73
CA THR FB 535 -73.10 77.10 12.84
C THR FB 535 -72.80 76.83 11.37
N ASN FB 536 -71.86 75.93 11.08
CA ASN FB 536 -71.44 75.70 9.71
C ASN FB 536 -71.58 74.23 9.35
N ILE FB 537 -71.11 73.93 8.14
CA ILE FB 537 -71.22 72.62 7.52
C ILE FB 537 -72.69 72.18 7.54
N ASN FB 538 -72.93 70.88 7.61
CA ASN FB 538 -74.23 70.28 7.81
C ASN FB 538 -74.01 68.84 8.23
N LYS FB 539 -75.01 68.22 8.80
CA LYS FB 539 -74.98 66.79 9.02
C LYS FB 539 -76.37 66.22 8.77
N VAL FB 540 -76.43 65.14 7.99
CA VAL FB 540 -77.64 64.34 7.97
C VAL FB 540 -77.76 63.64 9.31
N LEU FB 541 -78.89 63.82 9.97
CA LEU FB 541 -79.08 63.20 11.27
C LEU FB 541 -79.31 61.70 11.12
N GLY GB 34 -74.55 30.73 -18.52
CA GLY GB 34 -74.70 31.72 -19.57
C GLY GB 34 -74.89 33.13 -19.06
N SER GB 35 -75.11 34.06 -19.98
CA SER GB 35 -75.30 35.47 -19.62
C SER GB 35 -76.08 36.16 -20.73
N GLY GB 36 -76.64 37.31 -20.40
CA GLY GB 36 -77.36 38.12 -21.37
C GLY GB 36 -78.87 37.96 -21.23
N VAL GB 37 -79.56 38.66 -22.12
CA VAL GB 37 -81.02 38.54 -22.17
C VAL GB 37 -81.40 37.11 -22.48
N GLY GB 38 -82.49 36.65 -21.87
CA GLY GB 38 -82.94 35.28 -22.06
C GLY GB 38 -82.36 34.29 -21.08
N ILE GB 39 -81.53 34.73 -20.15
CA ILE GB 39 -80.96 33.88 -19.12
C ILE GB 39 -81.28 34.54 -17.79
N SER GB 40 -82.09 33.89 -16.97
CA SER GB 40 -82.49 34.49 -15.70
C SER GB 40 -81.30 34.60 -14.79
N THR GB 41 -81.25 35.69 -14.01
CA THR GB 41 -80.07 35.92 -13.20
C THR GB 41 -80.09 35.12 -11.90
N GLY GB 42 -81.24 35.09 -11.24
CA GLY GB 42 -81.37 34.32 -10.01
C GLY GB 42 -82.79 33.84 -9.88
N GLY GB 43 -82.97 32.85 -9.00
CA GLY GB 43 -84.25 32.22 -8.80
C GLY GB 43 -84.96 32.73 -7.56
N TRP GB 44 -86.17 32.22 -7.39
CA TRP GB 44 -86.99 32.57 -6.24
C TRP GB 44 -86.41 31.95 -4.98
N VAL GB 45 -86.71 32.57 -3.83
CA VAL GB 45 -86.11 32.20 -2.56
C VAL GB 45 -87.15 32.40 -1.46
N GLY GB 46 -87.07 31.58 -0.41
CA GLY GB 46 -87.88 31.79 0.76
C GLY GB 46 -87.92 30.56 1.65
N GLY GB 47 -88.79 30.62 2.67
CA GLY GB 47 -89.16 29.46 3.46
C GLY GB 47 -88.60 29.37 4.86
N SER GB 48 -87.85 30.37 5.30
CA SER GB 48 -87.15 30.44 6.59
C SER GB 48 -86.26 29.25 6.92
N TYR GB 49 -85.92 29.08 8.21
CA TYR GB 49 -84.96 28.04 8.57
C TYR GB 49 -85.13 27.44 9.97
N PHE GB 50 -84.89 28.24 11.00
CA PHE GB 50 -84.98 27.86 12.42
C PHE GB 50 -84.01 26.82 12.96
N THR GB 51 -82.78 27.22 13.22
CA THR GB 51 -81.85 26.51 14.08
C THR GB 51 -81.75 27.22 15.44
N ASP GB 52 -81.47 26.44 16.49
CA ASP GB 52 -81.39 26.95 17.85
C ASP GB 52 -80.58 28.23 17.98
N SER GB 53 -79.46 28.31 17.28
CA SER GB 53 -78.59 29.47 17.41
C SER GB 53 -79.04 30.65 16.55
N TYR GB 54 -79.67 30.38 15.40
CA TYR GB 54 -80.05 31.47 14.51
C TYR GB 54 -81.21 31.05 13.63
N VAL GB 55 -81.90 32.05 13.10
CA VAL GB 55 -83.03 31.85 12.19
C VAL GB 55 -82.74 32.62 10.92
N ILE GB 56 -82.81 31.94 9.79
CA ILE GB 56 -82.61 32.55 8.49
C ILE GB 56 -83.95 32.68 7.80
N THR GB 57 -84.43 33.90 7.64
CA THR GB 57 -85.67 34.16 6.91
C THR GB 57 -85.32 34.64 5.51
N LYS GB 58 -85.96 34.04 4.52
CA LYS GB 58 -85.72 34.35 3.13
C LYS GB 58 -87.02 34.79 2.50
N ASN GB 59 -86.97 35.80 1.66
CA ASN GB 59 -88.16 36.34 1.02
C ASN GB 59 -87.81 36.83 -0.37
N THR GB 60 -88.81 36.87 -1.24
CA THR GB 60 -88.63 37.34 -2.60
C THR GB 60 -89.90 38.05 -3.03
N ARG GB 61 -89.75 39.05 -3.89
CA ARG GB 61 -90.88 39.90 -4.26
C ARG GB 61 -90.84 40.19 -5.74
N GLN GB 62 -91.94 40.77 -6.21
CA GLN GB 62 -92.03 41.34 -7.54
C GLN GB 62 -92.35 42.82 -7.36
N PHE GB 63 -91.54 43.69 -7.96
CA PHE GB 63 -91.70 45.11 -7.74
C PHE GB 63 -91.77 45.84 -9.06
N LEU GB 64 -92.20 47.09 -9.03
CA LEU GB 64 -92.10 47.91 -10.22
C LEU GB 64 -91.81 49.36 -9.87
N VAL GB 65 -91.00 50.00 -10.72
CA VAL GB 65 -90.60 51.39 -10.57
C VAL GB 65 -91.32 52.19 -11.64
N LYS GB 66 -91.99 53.26 -11.23
CA LYS GB 66 -93.02 53.90 -12.04
C LYS GB 66 -92.58 55.17 -12.78
N ILE GB 67 -91.33 55.62 -12.62
CA ILE GB 67 -90.94 56.97 -13.03
C ILE GB 67 -91.78 58.00 -12.28
N GLN GB 68 -91.48 58.22 -11.01
CA GLN GB 68 -92.18 59.25 -10.27
C GLN GB 68 -91.62 60.62 -10.58
N ASN GB 69 -92.51 61.61 -10.62
CA ASN GB 69 -92.14 63.03 -10.57
C ASN GB 69 -91.37 63.47 -11.81
N ASN GB 70 -91.79 62.99 -12.98
CA ASN GB 70 -90.99 63.11 -14.21
C ASN GB 70 -89.62 62.58 -13.83
N HIS GB 71 -88.53 63.16 -14.30
CA HIS GB 71 -87.26 62.92 -13.64
C HIS GB 71 -86.78 64.12 -12.83
N GLN GB 72 -87.49 65.23 -12.89
CA GLN GB 72 -87.12 66.41 -12.11
C GLN GB 72 -87.58 66.26 -10.66
N TYR GB 73 -86.99 67.09 -9.81
CA TYR GB 73 -87.13 67.06 -8.35
C TYR GB 73 -88.32 67.84 -7.83
N LYS GB 74 -88.36 69.14 -8.08
CA LYS GB 74 -89.27 70.10 -7.47
C LYS GB 74 -89.13 70.16 -5.95
N THR GB 75 -90.18 70.61 -5.27
CA THR GB 75 -90.18 70.79 -3.82
C THR GB 75 -91.51 70.30 -3.25
N GLU GB 76 -92.60 70.86 -3.78
CA GLU GB 76 -94.00 70.43 -3.66
C GLU GB 76 -94.80 70.98 -2.49
N LEU GB 77 -94.15 71.56 -1.47
CA LEU GB 77 -94.85 72.32 -0.40
C LEU GB 77 -96.18 71.66 -0.04
N ILE GB 78 -96.10 70.51 0.63
CA ILE GB 78 -97.18 69.52 0.54
C ILE GB 78 -98.54 70.09 0.94
N SER GB 79 -98.80 70.21 2.25
CA SER GB 79 -99.97 70.85 2.84
C SER GB 79 -101.28 70.17 2.46
N PRO GB 80 -102.28 70.20 3.32
CA PRO GB 80 -103.66 70.25 2.83
C PRO GB 80 -104.14 71.69 2.86
N SER GB 81 -105.38 71.96 2.44
CA SER GB 81 -105.97 73.26 2.72
C SER GB 81 -107.47 73.17 3.05
N THR GB 82 -107.93 73.63 4.23
CA THR GB 82 -107.21 73.79 5.53
C THR GB 82 -105.80 74.39 5.56
N SER GB 83 -105.67 75.58 4.97
CA SER GB 83 -104.37 76.26 4.89
C SER GB 83 -103.74 76.46 6.27
N GLN GB 84 -104.53 76.34 7.35
CA GLN GB 84 -103.98 76.40 8.69
C GLN GB 84 -103.01 75.26 8.99
N GLY GB 85 -102.94 74.26 8.12
CA GLY GB 85 -102.11 73.10 8.39
C GLY GB 85 -100.63 73.44 8.42
N LYS GB 86 -99.83 72.41 8.68
CA LYS GB 86 -98.39 72.60 8.81
C LYS GB 86 -97.75 73.02 7.49
N SER GB 87 -98.15 72.37 6.39
CA SER GB 87 -97.69 72.75 5.05
C SER GB 87 -96.18 72.61 4.90
N GLN GB 88 -95.66 71.45 5.31
CA GLN GB 88 -94.24 71.18 5.13
C GLN GB 88 -93.88 71.23 3.65
N ARG GB 89 -92.72 71.81 3.35
CA ARG GB 89 -92.37 72.05 1.96
C ARG GB 89 -91.82 70.79 1.29
N CYS GB 90 -91.05 70.00 2.04
CA CYS GB 90 -90.39 68.80 1.56
C CYS GB 90 -89.56 68.98 0.30
N VAL GB 91 -89.31 67.86 -0.38
CA VAL GB 91 -88.61 67.78 -1.66
C VAL GB 91 -89.07 66.47 -2.30
N SER GB 92 -89.30 66.48 -3.60
CA SER GB 92 -89.62 65.25 -4.30
C SER GB 92 -88.45 64.89 -5.18
N THR GB 93 -88.26 63.62 -5.43
CA THR GB 93 -87.15 63.15 -6.24
C THR GB 93 -87.66 62.11 -7.24
N PRO GB 94 -86.95 61.91 -8.34
CA PRO GB 94 -87.32 60.82 -9.26
C PRO GB 94 -87.13 59.45 -8.67
N TRP GB 95 -86.41 59.34 -7.56
CA TRP GB 95 -86.01 58.04 -7.02
C TRP GB 95 -87.14 57.38 -6.26
N SER GB 96 -87.09 56.05 -6.25
CA SER GB 96 -87.93 55.22 -5.41
C SER GB 96 -87.00 54.38 -4.55
N TYR GB 97 -87.52 53.83 -3.46
CA TYR GB 97 -86.65 53.12 -2.54
C TYR GB 97 -87.32 51.87 -2.00
N PHE GB 98 -86.47 50.95 -1.57
CA PHE GB 98 -86.90 49.70 -0.93
C PHE GB 98 -86.92 49.89 0.57
N ASN GB 99 -88.09 49.71 1.18
CA ASN GB 99 -88.22 49.72 2.62
C ASN GB 99 -88.42 48.28 3.08
N PHE GB 100 -87.43 47.73 3.76
CA PHE GB 100 -87.51 46.38 4.29
C PHE GB 100 -87.91 46.32 5.75
N ASN GB 101 -88.25 47.44 6.36
CA ASN GB 101 -88.33 47.53 7.81
C ASN GB 101 -89.74 47.21 8.27
N GLN GB 102 -89.91 46.00 8.79
CA GLN GB 102 -91.11 45.51 9.46
C GLN GB 102 -90.87 44.05 9.75
N TYR GB 103 -91.58 43.52 10.75
CA TYR GB 103 -91.44 42.09 11.01
C TYR GB 103 -92.34 41.26 10.11
N SER GB 104 -93.57 41.71 9.90
CA SER GB 104 -94.52 40.94 9.13
C SER GB 104 -94.07 40.71 7.70
N SER GB 105 -93.07 41.46 7.24
CA SER GB 105 -92.55 41.22 5.91
C SER GB 105 -91.66 39.99 5.87
N HIS GB 106 -90.85 39.78 6.90
CA HIS GB 106 -89.86 38.74 6.91
C HIS GB 106 -90.32 37.45 7.58
N PHE GB 107 -91.46 37.46 8.25
CA PHE GB 107 -91.93 36.30 9.00
C PHE GB 107 -93.35 35.97 8.63
N SER GB 108 -93.58 34.73 8.23
CA SER GB 108 -94.93 34.25 8.07
C SER GB 108 -95.60 34.20 9.43
N PRO GB 109 -96.92 34.23 9.48
CA PRO GB 109 -97.61 34.09 10.76
C PRO GB 109 -97.22 32.83 11.52
N GLN GB 110 -96.73 31.80 10.85
CA GLN GB 110 -96.17 30.67 11.59
C GLN GB 110 -94.72 30.85 11.98
N ASP GB 111 -93.88 31.39 11.09
CA ASP GB 111 -92.49 31.62 11.47
C ASP GB 111 -92.41 32.52 12.68
N TRP GB 112 -92.99 33.71 12.59
CA TRP GB 112 -93.40 34.40 13.79
C TRP GB 112 -94.36 33.50 14.51
N GLN GB 113 -94.31 33.48 15.83
CA GLN GB 113 -94.96 32.48 16.69
C GLN GB 113 -94.20 31.18 16.75
N ARG GB 114 -93.33 30.88 15.80
CA ARG GB 114 -92.38 29.83 16.10
C ARG GB 114 -91.21 30.38 16.91
N LEU GB 115 -90.75 31.59 16.62
CA LEU GB 115 -89.77 32.21 17.48
C LEU GB 115 -90.38 32.85 18.71
N THR GB 116 -91.56 33.45 18.58
CA THR GB 116 -92.18 34.09 19.72
C THR GB 116 -92.49 33.07 20.81
N ASN GB 117 -92.81 31.84 20.41
CA ASN GB 117 -93.04 30.80 21.40
C ASN GB 117 -91.74 30.17 21.88
N GLU GB 118 -90.80 29.94 20.98
CA GLU GB 118 -89.68 29.07 21.29
C GLU GB 118 -88.40 29.78 21.70
N TYR GB 119 -88.35 31.10 21.73
CA TYR GB 119 -87.08 31.76 21.99
C TYR GB 119 -87.23 32.94 22.95
N LYS GB 120 -86.18 33.14 23.77
CA LYS GB 120 -86.12 34.30 24.65
C LYS GB 120 -86.01 35.59 23.88
N ARG GB 121 -85.05 35.65 22.97
CA ARG GB 121 -84.65 36.93 22.41
C ARG GB 121 -84.07 36.70 21.03
N PHE GB 122 -84.12 37.75 20.23
CA PHE GB 122 -83.59 37.67 18.89
C PHE GB 122 -83.21 39.06 18.43
N ARG GB 123 -82.22 39.13 17.56
CA ARG GB 123 -81.89 40.38 16.89
C ARG GB 123 -81.39 40.02 15.51
N PRO GB 124 -81.65 40.86 14.51
CA PRO GB 124 -81.13 40.55 13.19
C PRO GB 124 -79.63 40.64 13.17
N LYS GB 125 -78.99 39.58 12.69
CA LYS GB 125 -77.53 39.54 12.62
C LYS GB 125 -77.00 40.18 11.35
N GLY GB 126 -77.65 39.91 10.21
CA GLY GB 126 -77.16 40.40 8.94
C GLY GB 126 -78.28 40.42 7.94
N MET GB 127 -77.99 40.97 6.77
CA MET GB 127 -79.00 41.15 5.74
C MET GB 127 -78.33 41.07 4.39
N HIS GB 128 -79.01 40.44 3.44
CA HIS GB 128 -78.46 40.25 2.10
C HIS GB 128 -79.58 40.46 1.11
N VAL GB 129 -79.41 41.42 0.20
CA VAL GB 129 -80.47 41.81 -0.72
C VAL GB 129 -79.95 41.63 -2.14
N LYS GB 130 -80.81 41.13 -3.03
CA LYS GB 130 -80.43 40.90 -4.42
C LYS GB 130 -81.53 41.41 -5.32
N ILE GB 131 -81.18 42.34 -6.20
CA ILE GB 131 -82.04 42.76 -7.29
C ILE GB 131 -81.67 41.88 -8.48
N TYR GB 132 -82.66 41.36 -9.17
CA TYR GB 132 -82.36 40.52 -10.33
C TYR GB 132 -83.64 40.35 -11.14
N ASN GB 133 -83.51 39.66 -12.27
CA ASN GB 133 -84.61 39.42 -13.18
C ASN GB 133 -85.34 40.71 -13.55
N LEU GB 134 -84.58 41.70 -13.98
CA LEU GB 134 -85.14 42.99 -14.29
C LEU GB 134 -85.83 42.98 -15.65
N GLN GB 135 -86.80 43.87 -15.81
CA GLN GB 135 -87.54 43.99 -17.06
C GLN GB 135 -87.89 45.45 -17.27
N ILE GB 136 -87.70 45.96 -18.48
CA ILE GB 136 -88.10 47.32 -18.83
C ILE GB 136 -89.14 47.21 -19.92
N LYS GB 137 -90.37 47.63 -19.63
CA LYS GB 137 -91.47 47.25 -20.50
C LYS GB 137 -91.97 48.34 -21.45
N GLN GB 138 -91.48 49.57 -21.38
CA GLN GB 138 -91.78 50.56 -22.41
C GLN GB 138 -93.29 50.77 -22.60
N ILE GB 139 -93.90 51.48 -21.67
CA ILE GB 139 -95.32 51.83 -21.80
C ILE GB 139 -95.56 52.55 -23.13
N LEU GB 140 -96.63 52.16 -23.81
CA LEU GB 140 -97.13 52.89 -24.97
C LEU GB 140 -98.60 53.19 -24.80
N SER GB 141 -99.04 54.29 -25.39
CA SER GB 141 -100.45 54.67 -25.41
C SER GB 141 -100.81 55.12 -26.82
N ASN GB 142 -101.76 54.42 -27.43
CA ASN GB 142 -102.36 54.83 -28.69
C ASN GB 142 -103.60 55.67 -28.45
N GLY GB 143 -103.87 56.02 -27.21
CA GLY GB 143 -105.13 56.56 -26.76
C GLY GB 143 -105.94 55.43 -26.17
N ALA GB 144 -106.66 55.72 -25.09
CA ALA GB 144 -107.33 54.73 -24.25
C ALA GB 144 -106.30 53.64 -23.91
N ASP GB 145 -106.69 52.37 -23.83
CA ASP GB 145 -105.86 51.16 -23.88
C ASP GB 145 -104.54 51.26 -23.13
N THR GB 146 -103.52 50.60 -23.69
CA THR GB 146 -102.08 50.69 -23.47
C THR GB 146 -101.44 49.53 -24.21
N THR GB 147 -100.13 49.61 -24.45
CA THR GB 147 -99.38 48.47 -24.95
C THR GB 147 -98.01 48.49 -24.32
N TYR GB 148 -97.42 47.31 -24.19
CA TYR GB 148 -96.10 47.14 -23.56
C TYR GB 148 -95.24 46.35 -24.54
N ASN GB 149 -94.23 46.99 -25.10
CA ASN GB 149 -93.46 46.36 -26.16
C ASN GB 149 -92.30 45.56 -25.59
N ASN GB 150 -92.28 45.42 -24.27
CA ASN GB 150 -91.07 45.07 -23.54
C ASN GB 150 -90.05 46.12 -23.92
N ASP GB 151 -88.78 45.75 -23.94
CA ASP GB 151 -87.71 46.67 -24.31
C ASP GB 151 -86.40 45.95 -24.09
N LEU GB 152 -85.37 46.43 -24.75
CA LEU GB 152 -84.00 46.10 -24.42
C LEU GB 152 -83.23 47.40 -24.52
N THR GB 153 -81.92 47.33 -24.29
CA THR GB 153 -81.07 48.50 -24.30
C THR GB 153 -81.65 49.62 -23.45
N ALA GB 154 -82.16 49.28 -22.28
CA ALA GB 154 -82.63 50.25 -21.31
C ALA GB 154 -82.00 49.93 -19.96
N GLY GB 155 -82.14 50.84 -19.00
CA GLY GB 155 -81.36 50.77 -17.80
C GLY GB 155 -82.14 51.21 -16.57
N VAL GB 156 -81.59 50.85 -15.43
CA VAL GB 156 -82.18 51.14 -14.13
C VAL GB 156 -81.05 51.52 -13.19
N HIS GB 157 -81.19 52.66 -12.55
CA HIS GB 157 -80.23 53.11 -11.56
C HIS GB 157 -80.54 52.44 -10.23
N ILE GB 158 -79.51 51.96 -9.55
CA ILE GB 158 -79.67 51.34 -8.24
C ILE GB 158 -78.57 51.86 -7.34
N PHE GB 159 -78.96 52.44 -6.23
CA PHE GB 159 -78.03 53.12 -5.34
C PHE GB 159 -78.32 52.72 -3.89
N CYS GB 160 -77.27 52.50 -3.11
CA CYS GB 160 -77.38 52.11 -1.72
C CYS GB 160 -76.60 53.08 -0.85
N ASP GB 161 -77.03 53.25 0.39
CA ASP GB 161 -76.33 54.08 1.37
C ASP GB 161 -75.56 53.22 2.33
N GLY GB 162 -74.24 53.23 2.22
CA GLY GB 162 -73.44 52.62 3.26
C GLY GB 162 -73.03 53.63 4.30
N GLU GB 163 -72.95 54.89 3.89
CA GLU GB 163 -72.54 55.96 4.79
C GLU GB 163 -73.72 56.61 5.50
N HIS GB 164 -74.94 56.35 5.04
CA HIS GB 164 -76.14 57.07 5.47
C HIS GB 164 -76.00 58.57 5.30
N ALA GB 165 -75.20 59.03 4.36
CA ALA GB 165 -75.44 60.34 3.78
C ALA GB 165 -76.78 60.28 3.06
N TYR GB 166 -77.36 61.44 2.83
CA TYR GB 166 -78.70 61.61 2.28
C TYR GB 166 -79.76 61.42 3.35
N PRO GB 167 -80.91 62.08 3.18
CA PRO GB 167 -81.89 62.17 4.27
C PRO GB 167 -82.59 60.87 4.67
N ASN GB 168 -82.38 59.75 3.99
CA ASN GB 168 -82.86 58.42 4.38
C ASN GB 168 -84.36 58.34 4.68
N ALA GB 169 -85.18 58.26 3.63
CA ALA GB 169 -86.63 58.32 3.74
C ALA GB 169 -87.19 57.45 4.86
N THR GB 170 -86.63 56.26 5.06
CA THR GB 170 -87.27 55.27 5.92
C THR GB 170 -87.60 55.85 7.29
N HIS GB 171 -88.88 55.74 7.65
CA HIS GB 171 -89.44 56.07 8.95
C HIS GB 171 -90.10 54.81 9.46
N PRO GB 172 -90.05 54.54 10.76
CA PRO GB 172 -90.47 53.21 11.24
C PRO GB 172 -91.83 52.74 10.76
N TRP GB 173 -92.86 53.55 10.87
CA TRP GB 173 -94.21 53.02 10.58
C TRP GB 173 -94.51 53.13 9.10
N ASP GB 174 -94.72 54.35 8.62
CA ASP GB 174 -94.96 54.62 7.20
C ASP GB 174 -96.04 53.65 6.71
N GLU GB 175 -95.83 53.00 5.59
CA GLU GB 175 -96.80 52.17 4.89
C GLU GB 175 -95.96 51.04 4.33
N ASP GB 176 -96.54 50.29 3.39
CA ASP GB 176 -95.77 49.54 2.37
C ASP GB 176 -94.77 48.62 3.07
N VAL GB 177 -93.47 48.90 3.00
CA VAL GB 177 -92.40 47.96 3.30
C VAL GB 177 -92.63 46.84 2.31
N MET GB 178 -92.31 45.61 2.66
CA MET GB 178 -92.62 44.52 1.78
C MET GB 178 -94.05 44.08 2.06
N PRO GB 179 -94.81 43.63 1.06
CA PRO GB 179 -96.11 43.08 1.38
C PRO GB 179 -95.89 41.85 2.24
N GLU GB 180 -96.61 41.80 3.36
CA GLU GB 180 -96.43 40.68 4.29
C GLU GB 180 -96.62 39.35 3.61
N LEU GB 181 -97.30 39.35 2.47
CA LEU GB 181 -97.70 38.16 1.76
C LEU GB 181 -96.92 38.11 0.46
N PRO GB 182 -96.14 37.06 0.15
CA PRO GB 182 -95.44 37.03 -1.14
C PRO GB 182 -96.42 36.95 -2.29
N TYR GB 183 -95.93 36.77 -3.52
CA TYR GB 183 -96.73 36.73 -4.74
C TYR GB 183 -97.49 38.02 -4.94
N GLN GB 184 -97.47 38.90 -3.96
CA GLN GB 184 -98.13 40.18 -4.03
C GLN GB 184 -97.12 41.20 -4.52
N THR GB 185 -97.38 41.78 -5.68
CA THR GB 185 -96.43 42.69 -6.28
C THR GB 185 -96.20 43.89 -5.39
N TRP GB 186 -94.97 44.39 -5.39
CA TRP GB 186 -94.57 45.42 -4.43
C TRP GB 186 -94.32 46.72 -5.15
N TYR GB 187 -95.20 47.68 -4.98
CA TYR GB 187 -95.07 48.97 -5.61
C TYR GB 187 -94.19 49.87 -4.77
N LEU GB 188 -93.12 50.37 -5.37
CA LEU GB 188 -92.22 51.26 -4.67
C LEU GB 188 -92.83 52.64 -4.51
N PHE GB 189 -92.27 53.40 -3.59
CA PHE GB 189 -92.75 54.73 -3.26
C PHE GB 189 -91.67 55.76 -3.48
N GLN GB 190 -92.10 56.97 -3.83
CA GLN GB 190 -91.17 58.02 -4.21
C GLN GB 190 -90.33 58.46 -3.02
N TYR GB 191 -89.08 58.79 -3.28
CA TYR GB 191 -88.19 59.27 -2.24
C TYR GB 191 -88.29 60.78 -2.12
N GLY GB 192 -88.47 61.26 -0.89
CA GLY GB 192 -88.53 62.68 -0.62
C GLY GB 192 -87.99 62.94 0.75
N TYR GB 193 -87.78 64.22 1.06
CA TYR GB 193 -87.27 64.57 2.36
C TYR GB 193 -87.62 66.01 2.68
N ILE GB 194 -87.62 66.32 3.97
CA ILE GB 194 -87.87 67.69 4.43
C ILE GB 194 -86.55 68.42 4.47
N PRO GB 195 -86.31 69.40 3.59
CA PRO GB 195 -85.07 70.18 3.70
C PRO GB 195 -85.04 71.04 4.95
N VAL GB 196 -86.12 71.75 5.25
CA VAL GB 196 -86.21 72.66 6.40
C VAL GB 196 -87.68 72.83 6.77
N ILE GB 197 -87.93 73.12 8.04
CA ILE GB 197 -89.28 73.46 8.50
C ILE GB 197 -89.84 74.57 7.62
N HIS GB 198 -91.06 74.37 7.12
CA HIS GB 198 -91.62 75.34 6.21
C HIS GB 198 -91.83 76.69 6.87
N GLU GB 199 -92.55 76.72 7.98
CA GLU GB 199 -92.51 77.90 8.82
C GLU GB 199 -91.08 78.08 9.28
N LEU GB 200 -90.70 79.31 9.66
CA LEU GB 200 -89.30 79.62 9.89
C LEU GB 200 -88.51 79.47 8.60
N ALA GB 201 -88.53 80.55 7.78
CA ALA GB 201 -88.28 80.60 6.33
C ALA GB 201 -89.54 80.67 5.47
N GLU GB 202 -90.72 80.79 6.07
CA GLU GB 202 -91.93 80.96 5.26
C GLU GB 202 -91.85 82.02 4.13
N MET GB 203 -91.29 83.23 4.32
CA MET GB 203 -90.92 83.85 5.58
C MET GB 203 -91.66 85.18 5.65
N GLU GB 204 -91.84 85.73 6.85
CA GLU GB 204 -92.70 86.89 6.99
C GLU GB 204 -91.90 88.19 6.96
N ASP GB 205 -92.03 88.92 5.85
CA ASP GB 205 -91.48 90.25 5.69
C ASP GB 205 -90.03 90.34 6.12
N SER GB 206 -89.66 91.45 6.76
CA SER GB 206 -88.44 91.55 7.57
C SER GB 206 -87.22 90.89 6.81
N ASN GB 207 -86.48 89.86 7.23
CA ASN GB 207 -86.42 89.18 8.53
C ASN GB 207 -84.97 88.97 8.95
N ALA GB 208 -84.27 88.22 8.12
CA ALA GB 208 -82.85 87.90 8.21
C ALA GB 208 -82.57 86.82 9.25
N VAL GB 209 -83.51 86.59 10.16
CA VAL GB 209 -83.43 85.40 11.01
C VAL GB 209 -84.04 84.20 10.28
N GLU GB 210 -85.13 84.41 9.55
CA GLU GB 210 -85.65 83.34 8.70
C GLU GB 210 -85.06 83.39 7.30
N LYS GB 211 -84.40 84.50 6.95
CA LYS GB 211 -83.63 84.51 5.71
C LYS GB 211 -82.51 83.49 5.80
N ALA GB 212 -81.69 83.60 6.83
CA ALA GB 212 -80.93 82.44 7.24
C ALA GB 212 -81.89 81.35 7.69
N ILE GB 213 -81.46 80.10 7.56
CA ILE GB 213 -82.26 78.90 7.69
C ILE GB 213 -83.10 78.68 6.43
N CYS GB 214 -83.37 79.76 5.69
CA CYS GB 214 -83.85 79.58 4.33
C CYS GB 214 -82.68 79.45 3.35
N LEU GB 215 -81.66 80.27 3.54
CA LEU GB 215 -80.46 80.17 2.72
C LEU GB 215 -79.73 78.87 2.97
N GLN GB 216 -79.83 78.33 4.18
CA GLN GB 216 -79.02 77.19 4.54
C GLN GB 216 -79.69 75.87 4.22
N ILE GB 217 -80.87 75.87 3.62
CA ILE GB 217 -81.57 74.61 3.42
C ILE GB 217 -80.68 73.78 2.49
N PRO GB 218 -80.28 72.58 2.90
CA PRO GB 218 -79.45 71.76 2.03
C PRO GB 218 -80.28 71.12 0.93
N PHE GB 219 -79.62 70.83 -0.16
CA PHE GB 219 -80.26 70.19 -1.30
C PHE GB 219 -79.46 68.96 -1.68
N PHE GB 220 -80.07 67.80 -1.50
CA PHE GB 220 -79.40 66.53 -1.71
C PHE GB 220 -79.87 65.93 -3.02
N MET GB 221 -78.97 65.26 -3.70
CA MET GB 221 -79.24 64.66 -4.98
C MET GB 221 -78.58 63.29 -5.00
N LEU GB 222 -79.29 62.30 -5.50
CA LEU GB 222 -78.73 60.97 -5.52
C LEU GB 222 -77.86 60.74 -6.74
N GLU GB 223 -77.63 61.76 -7.56
CA GLU GB 223 -76.78 61.54 -8.71
C GLU GB 223 -75.33 61.54 -8.28
N ASN GB 224 -74.73 62.72 -8.01
CA ASN GB 224 -73.68 62.85 -7.00
C ASN GB 224 -72.85 61.58 -6.87
N SER GB 225 -72.86 60.98 -5.69
CA SER GB 225 -72.17 59.72 -5.47
C SER GB 225 -72.57 58.67 -6.49
N ASP GB 226 -71.60 57.89 -6.93
CA ASP GB 226 -71.81 56.96 -8.03
C ASP GB 226 -72.71 55.81 -7.63
N HIS GB 227 -73.32 55.19 -8.64
CA HIS GB 227 -74.21 54.06 -8.44
C HIS GB 227 -74.30 53.26 -9.72
N GLU GB 228 -74.83 52.06 -9.61
CA GLU GB 228 -74.84 51.14 -10.73
C GLU GB 228 -76.09 51.32 -11.57
N VAL GB 229 -75.92 51.20 -12.87
CA VAL GB 229 -77.03 51.09 -13.81
C VAL GB 229 -77.07 49.64 -14.27
N LEU GB 230 -78.27 49.14 -14.54
CA LEU GB 230 -78.43 47.74 -14.91
C LEU GB 230 -79.34 47.65 -16.12
N ARG GB 231 -78.90 46.93 -17.14
CA ARG GB 231 -79.85 46.47 -18.14
C ARG GB 231 -80.51 45.21 -17.62
N THR GB 232 -81.23 44.51 -18.49
CA THR GB 232 -81.97 43.32 -18.06
C THR GB 232 -81.05 42.24 -17.52
N GLY GB 233 -80.09 41.78 -18.32
CA GLY GB 233 -79.31 40.62 -17.93
C GLY GB 233 -78.53 40.78 -16.64
N GLU GB 234 -78.25 42.01 -16.23
CA GLU GB 234 -77.45 42.27 -15.04
C GLU GB 234 -78.30 42.18 -13.78
N SER GB 235 -77.62 41.94 -12.65
CA SER GB 235 -78.22 41.98 -11.32
C SER GB 235 -77.30 42.73 -10.37
N THR GB 236 -77.70 42.77 -9.11
CA THR GB 236 -76.91 43.44 -8.07
C THR GB 236 -77.19 42.79 -6.73
N GLU GB 237 -76.16 42.76 -5.89
CA GLU GB 237 -76.31 42.28 -4.52
C GLU GB 237 -75.95 43.39 -3.55
N PHE GB 238 -76.50 43.31 -2.35
CA PHE GB 238 -76.13 44.20 -1.26
C PHE GB 238 -76.11 43.39 0.03
N THR GB 239 -75.16 43.70 0.89
CA THR GB 239 -75.07 43.07 2.19
C THR GB 239 -75.15 44.13 3.28
N PHE GB 240 -75.52 43.69 4.48
CA PHE GB 240 -75.60 44.58 5.62
C PHE GB 240 -75.25 43.79 6.86
N ASN GB 241 -74.61 44.47 7.80
CA ASN GB 241 -74.35 43.91 9.11
C ASN GB 241 -74.91 44.85 10.16
N PHE GB 242 -75.31 44.28 11.29
CA PHE GB 242 -76.04 45.04 12.30
C PHE GB 242 -75.26 45.03 13.61
N ASP GB 243 -74.95 46.23 14.10
CA ASP GB 243 -74.66 46.41 15.51
C ASP GB 243 -75.98 46.77 16.16
N CYS GB 244 -76.52 45.85 16.95
CA CYS GB 244 -77.95 45.88 17.23
C CYS GB 244 -78.22 45.31 18.60
N GLU GB 245 -79.21 45.87 19.27
CA GLU GB 245 -79.63 45.42 20.59
C GLU GB 245 -80.65 44.30 20.46
N TRP GB 246 -80.56 43.34 21.38
CA TRP GB 246 -81.54 42.28 21.43
C TRP GB 246 -82.92 42.84 21.68
N ILE GB 247 -83.93 42.18 21.13
CA ILE GB 247 -85.32 42.41 21.54
C ILE GB 247 -85.76 41.16 22.28
N ASN GB 248 -86.26 41.35 23.49
CA ASN GB 248 -86.43 40.25 24.43
C ASN GB 248 -87.89 39.80 24.47
N ASN GB 249 -88.11 38.53 24.22
CA ASN GB 249 -89.40 37.89 24.44
C ASN GB 249 -89.33 37.16 25.75
N GLU GB 250 -89.97 37.70 26.77
CA GLU GB 250 -89.86 37.29 28.17
C GLU GB 250 -90.89 38.08 28.95
N ARG GB 251 -91.22 37.59 30.13
CA ARG GB 251 -92.28 38.16 30.91
C ARG GB 251 -91.88 38.15 32.38
N ALA GB 252 -92.07 39.28 33.03
CA ALA GB 252 -91.88 39.36 34.47
C ALA GB 252 -93.20 39.06 35.14
N TYR GB 253 -93.24 37.99 35.93
CA TYR GB 253 -94.45 37.61 36.61
C TYR GB 253 -94.76 38.48 37.82
N ILE GB 254 -93.80 39.26 38.28
CA ILE GB 254 -94.02 40.20 39.39
C ILE GB 254 -93.30 41.51 39.08
N PRO GB 255 -93.75 42.60 39.69
CA PRO GB 255 -93.01 43.85 39.60
C PRO GB 255 -91.63 43.67 40.18
N PRO GB 256 -90.66 44.49 39.78
CA PRO GB 256 -89.32 44.36 40.36
C PRO GB 256 -89.28 44.69 41.85
N GLY GB 257 -90.17 45.54 42.32
CA GLY GB 257 -90.22 45.85 43.73
C GLY GB 257 -90.91 44.81 44.58
N LEU GB 258 -91.46 43.77 43.97
CA LEU GB 258 -92.18 42.74 44.68
C LEU GB 258 -91.28 41.54 45.00
N MET GB 259 -89.99 41.65 44.75
CA MET GB 259 -89.06 40.54 44.96
C MET GB 259 -88.55 40.61 46.39
N PHE GB 260 -88.97 39.67 47.21
CA PHE GB 260 -88.49 39.52 48.58
C PHE GB 260 -89.20 38.32 49.19
N ASN GB 261 -88.64 37.83 50.28
CA ASN GB 261 -89.27 36.75 51.00
C ASN GB 261 -90.21 37.36 52.03
N PRO GB 262 -91.52 37.29 51.81
CA PRO GB 262 -92.44 37.96 52.73
C PRO GB 262 -92.53 37.28 54.07
N LEU GB 263 -92.06 36.04 54.17
CA LEU GB 263 -92.08 35.35 55.45
C LEU GB 263 -91.09 35.99 56.42
N VAL GB 264 -89.92 36.38 55.94
CA VAL GB 264 -88.86 36.85 56.84
C VAL GB 264 -89.17 38.26 57.30
N PRO GB 265 -89.05 38.56 58.59
CA PRO GB 265 -89.24 39.95 59.04
C PRO GB 265 -88.14 40.83 58.50
N THR GB 266 -88.39 42.14 58.52
CA THR GB 266 -87.45 43.11 58.02
C THR GB 266 -86.94 43.99 59.14
N ARG GB 267 -85.70 44.45 59.02
CA ARG GB 267 -85.19 45.47 59.91
C ARG GB 267 -85.24 46.83 59.22
N ARG GB 268 -86.25 47.62 59.59
CA ARG GB 268 -86.55 48.90 58.99
C ARG GB 268 -87.69 49.50 59.79
N ALA GB 269 -87.94 50.79 59.64
CA ALA GB 269 -88.99 51.41 60.41
C ALA GB 269 -89.67 52.50 59.60
N GLN GB 270 -90.90 52.80 59.97
CA GLN GB 270 -91.71 53.81 59.31
C GLN GB 270 -92.06 54.87 60.34
N TYR GB 271 -91.52 56.06 60.17
CA TYR GB 271 -92.00 57.22 60.90
C TYR GB 271 -93.11 57.83 60.06
N ILE GB 272 -94.20 58.18 60.69
CA ILE GB 272 -95.33 58.79 60.00
C ILE GB 272 -95.66 60.10 60.68
N ARG GB 273 -95.67 61.17 59.90
CA ARG GB 273 -95.89 62.52 60.43
C ARG GB 273 -97.28 62.62 61.06
N ARG GB 274 -97.41 63.57 61.99
CA ARG GB 274 -98.72 63.93 62.51
C ARG GB 274 -99.68 64.21 61.35
N ASN GB 275 -100.88 63.64 61.44
CA ASN GB 275 -101.75 63.63 60.28
C ASN GB 275 -102.43 64.97 60.05
N ASN GB 276 -102.60 65.76 61.11
CA ASN GB 276 -103.21 67.09 61.02
C ASN GB 276 -104.55 67.00 60.30
N ASN GB 277 -105.54 66.45 61.01
CA ASN GB 277 -106.82 65.99 60.48
C ASN GB 277 -106.55 64.72 59.66
N PRO GB 278 -107.48 63.75 59.69
CA PRO GB 278 -108.54 63.63 60.71
C PRO GB 278 -108.02 63.41 62.14
N GLN GB 279 -107.06 62.50 62.29
CA GLN GB 279 -106.73 61.95 63.60
C GLN GB 279 -105.43 61.16 63.49
N THR GB 280 -105.09 60.34 64.49
CA THR GB 280 -103.92 59.45 64.46
C THR GB 280 -102.61 60.21 64.46
N ALA GB 281 -102.21 60.71 65.63
CA ALA GB 281 -100.94 61.41 65.80
C ALA GB 281 -99.76 60.49 65.47
N GLU GB 282 -98.63 61.13 65.21
CA GLU GB 282 -97.46 60.46 64.65
C GLU GB 282 -97.03 59.25 65.48
N SER GB 283 -96.51 58.23 64.78
CA SER GB 283 -95.99 57.04 65.43
C SER GB 283 -94.94 56.42 64.53
N THR GB 284 -93.97 55.74 65.14
CA THR GB 284 -93.00 54.94 64.42
C THR GB 284 -93.29 53.45 64.64
N SER GB 285 -92.99 52.64 63.64
CA SER GB 285 -93.31 51.23 63.70
C SER GB 285 -92.41 50.46 62.75
N ARG GB 286 -92.28 49.17 63.01
CA ARG GB 286 -91.50 48.32 62.13
C ARG GB 286 -92.31 47.96 60.90
N ILE GB 287 -91.63 47.91 59.76
CA ILE GB 287 -92.28 47.55 58.51
C ILE GB 287 -92.69 46.08 58.56
N ALA GB 288 -93.91 45.81 58.12
CA ALA GB 288 -94.44 44.46 58.15
C ALA GB 288 -93.58 43.51 57.32
N PRO GB 289 -93.58 42.23 57.66
CA PRO GB 289 -92.75 41.29 56.88
C PRO GB 289 -93.12 41.24 55.42
N TYR GB 290 -94.42 41.14 55.13
CA TYR GB 290 -94.91 41.40 53.79
C TYR GB 290 -94.77 42.88 53.50
N ALA GB 291 -94.81 43.23 52.21
CA ALA GB 291 -94.79 44.63 51.78
C ALA GB 291 -93.56 45.36 52.31
N LYS GB 292 -92.41 44.80 52.03
CA LYS GB 292 -91.17 45.47 52.35
C LYS GB 292 -90.91 46.58 51.35
N PRO GB 293 -90.23 47.64 51.76
CA PRO GB 293 -89.92 48.72 50.82
C PRO GB 293 -88.98 48.24 49.74
N THR GB 294 -88.89 49.03 48.68
CA THR GB 294 -88.08 48.65 47.54
C THR GB 294 -87.29 49.82 47.01
N SER GB 295 -86.21 49.49 46.33
CA SER GB 295 -85.60 50.34 45.32
C SER GB 295 -86.38 50.16 44.02
N TRP GB 296 -85.75 50.53 42.93
CA TRP GB 296 -86.31 50.16 41.63
C TRP GB 296 -87.62 50.87 41.34
N MET GB 297 -87.48 52.15 41.03
CA MET GB 297 -88.50 53.06 40.56
C MET GB 297 -89.08 52.59 39.22
N THR GB 298 -90.29 53.07 38.93
CA THR GB 298 -90.94 52.74 37.68
C THR GB 298 -90.32 53.49 36.50
N GLY GB 299 -90.51 52.95 35.32
CA GLY GB 299 -90.02 53.57 34.11
C GLY GB 299 -90.70 54.89 33.83
N PRO GB 300 -90.05 55.74 33.04
CA PRO GB 300 -90.57 57.08 32.82
C PRO GB 300 -91.70 57.12 31.81
N GLY GB 301 -92.54 58.13 31.93
CA GLY GB 301 -93.62 58.36 30.98
C GLY GB 301 -94.06 59.81 31.09
N LEU GB 302 -94.87 60.24 30.13
CA LEU GB 302 -95.52 61.54 30.20
C LEU GB 302 -97.02 61.35 29.97
N LEU GB 303 -97.80 61.48 31.04
CA LEU GB 303 -99.23 61.25 30.98
C LEU GB 303 -100.11 62.50 31.04
N SER GB 304 -99.56 63.70 31.18
CA SER GB 304 -100.41 64.83 31.52
C SER GB 304 -101.12 65.40 30.29
N ALA GB 305 -100.42 65.44 29.16
CA ALA GB 305 -100.85 66.16 27.98
C ALA GB 305 -102.07 65.51 27.33
N GLN GB 306 -102.74 66.27 26.46
CA GLN GB 306 -103.82 65.77 25.64
C GLN GB 306 -103.62 66.26 24.22
N ARG GB 307 -103.94 65.40 23.24
CA ARG GB 307 -103.81 65.79 21.85
C ARG GB 307 -104.65 67.03 21.56
N VAL GB 308 -104.12 67.90 20.72
CA VAL GB 308 -104.60 69.27 20.59
C VAL GB 308 -105.16 69.51 19.20
N GLY GB 309 -106.47 69.72 19.12
CA GLY GB 309 -107.08 70.29 17.95
C GLY GB 309 -107.50 69.26 16.91
N PRO GB 310 -107.81 69.74 15.71
CA PRO GB 310 -108.37 68.85 14.69
C PRO GB 310 -107.30 67.98 14.07
N ALA GB 311 -107.76 66.87 13.49
CA ALA GB 311 -106.86 65.99 12.76
C ALA GB 311 -106.33 66.69 11.51
N THR GB 312 -105.23 66.14 10.99
CA THR GB 312 -104.42 66.66 9.88
C THR GB 312 -103.60 67.85 10.32
N SER GB 313 -103.76 68.34 11.54
CA SER GB 313 -102.97 69.43 12.09
C SER GB 313 -101.77 68.94 12.89
N ASP GB 314 -101.50 67.63 12.88
CA ASP GB 314 -100.44 67.03 13.71
C ASP GB 314 -100.73 67.22 15.19
N THR GB 315 -101.69 66.47 15.72
CA THR GB 315 -101.96 66.50 17.14
C THR GB 315 -101.15 65.42 17.84
N GLY GB 316 -100.10 65.84 18.54
CA GLY GB 316 -99.24 64.88 19.21
C GLY GB 316 -99.37 64.79 20.71
N ALA GB 317 -100.02 65.78 21.30
CA ALA GB 317 -100.11 66.08 22.73
C ALA GB 317 -98.76 66.52 23.30
N TRP GB 318 -97.65 66.25 22.62
CA TRP GB 318 -96.35 66.80 22.99
C TRP GB 318 -95.68 67.21 21.69
N MET GB 319 -95.41 68.50 21.54
CA MET GB 319 -94.73 69.00 20.35
C MET GB 319 -93.33 69.39 20.75
N VAL GB 320 -92.34 68.91 20.01
CA VAL GB 320 -90.96 69.20 20.33
C VAL GB 320 -90.55 70.58 19.81
N ALA GB 321 -90.94 70.88 18.57
CA ALA GB 321 -90.66 72.15 17.91
C ALA GB 321 -89.21 72.60 17.98
N VAL GB 322 -89.00 73.91 17.88
CA VAL GB 322 -87.68 74.54 17.96
C VAL GB 322 -87.74 75.84 18.74
N LYS GB 323 -88.47 76.82 18.21
CA LYS GB 323 -88.53 78.17 18.74
C LYS GB 323 -87.16 78.87 18.76
N PRO GB 324 -86.61 79.22 17.60
CA PRO GB 324 -85.49 80.17 17.60
C PRO GB 324 -85.94 81.51 18.16
N GLU GB 325 -84.95 82.30 18.59
CA GLU GB 325 -85.23 83.39 19.51
C GLU GB 325 -86.13 84.45 18.87
N ASN GB 326 -85.87 84.80 17.62
CA ASN GB 326 -86.75 85.74 16.95
C ASN GB 326 -87.67 85.02 15.95
N ALA GB 327 -87.11 84.71 14.79
CA ALA GB 327 -87.82 84.08 13.68
C ALA GB 327 -89.11 84.83 13.42
N SER GB 328 -90.15 84.09 13.04
CA SER GB 328 -91.54 84.52 13.13
C SER GB 328 -92.38 83.25 13.03
N ILE GB 329 -93.59 83.33 13.57
CA ILE GB 329 -94.42 82.12 13.65
C ILE GB 329 -95.87 82.51 13.38
N ASP GB 330 -96.53 81.69 12.57
CA ASP GB 330 -97.95 81.82 12.29
C ASP GB 330 -98.73 81.25 13.46
N THR GB 331 -100.03 81.01 13.29
CA THR GB 331 -100.76 80.24 14.28
C THR GB 331 -100.00 78.94 14.55
N GLY GB 332 -99.87 78.61 15.83
CA GLY GB 332 -98.98 77.55 16.23
C GLY GB 332 -97.75 78.02 17.01
N MET GB 333 -97.00 77.15 17.69
CA MET GB 333 -97.21 75.70 17.93
C MET GB 333 -97.59 74.90 16.66
N SER GB 334 -98.72 74.21 16.67
CA SER GB 334 -99.26 73.53 15.50
C SER GB 334 -98.24 72.52 14.88
N GLY GB 335 -97.67 72.64 13.67
CA GLY GB 335 -97.39 73.82 12.85
C GLY GB 335 -95.91 74.15 12.88
N ILE GB 336 -95.24 73.72 13.94
CA ILE GB 336 -93.78 73.64 14.00
C ILE GB 336 -93.45 72.40 14.81
N GLY GB 337 -92.35 71.75 14.46
CA GLY GB 337 -91.93 70.57 15.18
C GLY GB 337 -92.88 69.40 15.01
N SER GB 338 -92.62 68.37 15.79
CA SER GB 338 -93.24 67.07 15.60
C SER GB 338 -93.95 66.64 16.87
N GLY GB 339 -95.03 65.88 16.70
CA GLY GB 339 -95.69 65.29 17.86
C GLY GB 339 -94.91 64.10 18.38
N PHE GB 340 -94.83 64.00 19.70
CA PHE GB 340 -94.14 62.90 20.36
C PHE GB 340 -95.15 61.83 20.71
N ASP GB 341 -94.95 60.63 20.18
CA ASP GB 341 -95.94 59.58 20.28
C ASP GB 341 -95.27 58.20 20.40
N PRO GB 342 -95.83 57.30 21.23
CA PRO GB 342 -96.68 57.53 22.40
C PRO GB 342 -95.94 57.94 23.64
N PRO GB 343 -96.36 59.03 24.30
CA PRO GB 343 -96.17 59.11 25.74
C PRO GB 343 -97.37 58.52 26.50
N GLN GB 344 -97.24 57.78 27.62
CA GLN GB 344 -96.24 56.77 27.90
C GLN GB 344 -94.77 57.27 27.82
N GLY GB 345 -93.74 56.51 27.40
CA GLY GB 345 -93.63 55.06 27.28
C GLY GB 345 -93.82 54.36 28.60
N SER GB 346 -93.95 53.03 28.54
CA SER GB 346 -94.27 52.23 29.72
C SER GB 346 -95.49 52.80 30.42
N LEU GB 347 -95.45 52.83 31.76
CA LEU GB 347 -96.31 53.69 32.58
C LEU GB 347 -97.75 53.63 32.10
N ALA GB 348 -98.46 52.55 32.41
CA ALA GB 348 -99.68 52.17 31.70
C ALA GB 348 -100.61 53.36 31.48
N PRO GB 349 -101.12 53.55 30.27
CA PRO GB 349 -101.82 54.79 29.93
C PRO GB 349 -103.20 54.88 30.55
N THR GB 350 -103.74 56.09 30.52
CA THR GB 350 -105.07 56.37 31.05
C THR GB 350 -106.13 55.93 30.05
N ASN GB 351 -106.21 56.61 28.91
CA ASN GB 351 -107.24 56.24 27.94
C ASN GB 351 -106.60 55.86 26.62
N LEU GB 352 -107.47 55.60 25.64
CA LEU GB 352 -107.09 55.15 24.31
C LEU GB 352 -106.12 56.11 23.64
N GLU GB 353 -106.16 57.38 24.04
CA GLU GB 353 -105.41 58.42 23.35
C GLU GB 353 -103.91 58.14 23.35
N TYR GB 354 -103.41 57.42 24.35
CA TYR GB 354 -102.00 57.09 24.47
C TYR GB 354 -101.66 55.69 23.99
N LYS GB 355 -102.64 54.93 23.51
CA LYS GB 355 -102.54 53.48 23.43
C LYS GB 355 -101.94 53.01 22.11
N ILE GB 356 -101.38 53.93 21.33
CA ILE GB 356 -101.00 53.78 19.94
C ILE GB 356 -102.24 53.37 19.16
N GLN GB 357 -102.06 52.77 17.98
CA GLN GB 357 -103.12 52.28 17.11
C GLN GB 357 -102.47 52.07 15.75
N TRP GB 358 -103.05 51.27 14.86
CA TRP GB 358 -102.70 51.36 13.44
C TRP GB 358 -103.77 50.65 12.63
N TYR GB 359 -103.80 50.95 11.34
CA TYR GB 359 -104.89 50.43 10.51
C TYR GB 359 -104.51 49.15 9.79
N GLN GB 360 -103.23 48.79 9.78
CA GLN GB 360 -102.71 47.59 9.09
C GLN GB 360 -103.31 47.41 7.70
N THR GB 361 -103.59 48.51 7.01
CA THR GB 361 -104.27 48.51 5.72
C THR GB 361 -104.38 49.94 5.23
N PRO GB 362 -104.05 50.19 3.96
CA PRO GB 362 -104.25 51.54 3.42
C PRO GB 362 -105.71 51.88 3.22
N GLN GB 363 -106.57 50.88 2.99
CA GLN GB 363 -107.99 51.14 2.80
C GLN GB 363 -108.67 51.47 4.11
N GLY GB 364 -107.97 51.38 5.23
CA GLY GB 364 -108.58 51.60 6.54
C GLY GB 364 -109.16 52.98 6.73
N THR GB 365 -110.46 53.04 7.03
CA THR GB 365 -111.14 54.29 7.32
C THR GB 365 -110.94 54.62 8.80
N ASN GB 366 -111.69 55.60 9.31
CA ASN GB 366 -111.49 56.04 10.68
C ASN GB 366 -111.58 54.88 11.67
N ASN GB 367 -112.71 54.18 11.70
CA ASN GB 367 -112.79 52.90 12.40
C ASN GB 367 -113.05 51.81 11.39
N ASN GB 368 -111.99 51.06 11.09
CA ASN GB 368 -111.93 49.91 10.20
C ASN GB 368 -110.46 49.52 10.21
N GLY GB 369 -110.11 48.28 9.92
CA GLY GB 369 -108.76 47.91 10.24
C GLY GB 369 -108.59 48.22 11.72
N ASN GB 370 -107.67 49.13 12.01
CA ASN GB 370 -107.71 49.89 13.27
C ASN GB 370 -107.48 49.00 14.48
N ILE GB 371 -106.46 48.17 14.43
CA ILE GB 371 -106.15 47.35 15.59
C ILE GB 371 -105.40 48.20 16.60
N ILE GB 372 -105.75 48.06 17.85
CA ILE GB 372 -105.27 48.94 18.91
C ILE GB 372 -104.37 48.15 19.83
N SER GB 373 -103.28 48.76 20.26
CA SER GB 373 -102.36 48.08 21.16
C SER GB 373 -103.04 47.80 22.49
N ASN GB 374 -102.51 46.81 23.21
CA ASN GB 374 -103.13 46.33 24.43
C ASN GB 374 -102.03 46.01 25.44
N GLN GB 375 -102.42 45.76 26.68
CA GLN GB 375 -101.41 45.47 27.69
C GLN GB 375 -100.91 44.03 27.56
N PRO GB 376 -99.61 43.82 27.62
CA PRO GB 376 -99.08 42.44 27.52
C PRO GB 376 -99.43 41.57 28.71
N LEU GB 377 -99.87 42.19 29.81
CA LEU GB 377 -100.09 41.56 31.11
C LEU GB 377 -98.76 41.23 31.77
N SER GB 378 -97.64 41.46 31.10
CA SER GB 378 -96.34 41.48 31.75
C SER GB 378 -96.34 42.53 32.84
N MET GB 379 -95.61 42.26 33.93
CA MET GB 379 -95.68 43.11 35.10
C MET GB 379 -94.65 44.22 35.11
N LEU GB 380 -93.86 44.40 34.06
CA LEU GB 380 -92.77 45.34 34.18
C LEU GB 380 -93.07 46.84 34.13
N ARG GB 381 -93.46 47.52 33.03
CA ARG GB 381 -94.35 47.28 31.87
C ARG GB 381 -95.80 47.75 32.15
N ASP GB 382 -96.12 48.08 33.40
CA ASP GB 382 -97.40 48.71 33.68
C ASP GB 382 -97.17 50.02 34.41
N GLN GB 383 -96.62 49.94 35.61
CA GLN GB 383 -95.86 51.03 36.22
C GLN GB 383 -96.69 52.31 36.37
N ALA GB 384 -97.59 52.28 37.34
CA ALA GB 384 -98.14 53.54 37.82
C ALA GB 384 -97.11 54.23 38.73
N LEU GB 385 -97.48 55.40 39.23
CA LEU GB 385 -96.77 56.02 40.33
C LEU GB 385 -97.74 56.94 41.04
N PHE GB 386 -97.59 57.08 42.35
CA PHE GB 386 -98.68 57.58 43.19
C PHE GB 386 -98.30 58.81 44.00
N ARG GB 387 -97.25 58.77 44.80
CA ARG GB 387 -96.89 59.93 45.63
C ARG GB 387 -98.06 60.24 46.56
N GLY GB 388 -98.26 61.51 46.91
CA GLY GB 388 -99.41 61.96 47.68
C GLY GB 388 -99.62 61.25 49.00
N ASN GB 389 -100.74 61.54 49.64
CA ASN GB 389 -101.23 62.90 49.78
C ASN GB 389 -100.93 63.27 51.21
N GLN GB 390 -100.38 62.28 51.93
CA GLN GB 390 -100.41 62.06 53.38
C GLN GB 390 -101.71 61.36 53.77
N THR GB 391 -102.69 61.30 52.88
CA THR GB 391 -103.97 60.65 53.12
C THR GB 391 -104.29 59.64 52.02
N THR GB 392 -104.28 60.09 50.76
CA THR GB 392 -104.59 59.25 49.62
C THR GB 392 -103.41 59.26 48.67
N TYR GB 393 -103.28 58.21 47.86
CA TYR GB 393 -102.33 58.21 46.75
C TYR GB 393 -103.01 58.78 45.52
N ASN GB 394 -102.27 59.57 44.75
CA ASN GB 394 -102.81 60.23 43.56
C ASN GB 394 -101.87 60.03 42.38
N LEU GB 395 -102.34 59.29 41.37
CA LEU GB 395 -101.51 59.02 40.20
C LEU GB 395 -100.92 60.30 39.64
N CYS GB 396 -99.61 60.29 39.43
CA CYS GB 396 -98.87 61.50 39.09
C CYS GB 396 -98.48 61.52 37.63
N SER GB 397 -98.69 62.66 36.99
CA SER GB 397 -98.22 62.93 35.64
C SER GB 397 -96.70 63.02 35.64
N ASP GB 398 -96.12 62.99 34.43
CA ASP GB 398 -94.68 62.97 34.22
C ASP GB 398 -94.10 61.67 34.74
N VAL GB 399 -93.20 61.72 35.73
CA VAL GB 399 -92.22 60.67 36.00
C VAL GB 399 -91.14 60.65 34.92
N TRP GB 400 -90.21 61.59 35.01
CA TRP GB 400 -89.01 61.67 34.20
C TRP GB 400 -88.00 60.60 34.61
N MET GB 401 -86.81 60.65 34.03
CA MET GB 401 -85.79 59.68 34.36
C MET GB 401 -85.32 59.82 35.80
N PHE GB 402 -85.01 58.70 36.41
CA PHE GB 402 -84.64 58.60 37.81
C PHE GB 402 -83.68 57.43 37.96
N PRO GB 403 -82.73 57.49 38.91
CA PRO GB 403 -81.63 56.52 38.92
C PRO GB 403 -82.01 55.05 38.93
N ASN GB 404 -82.98 54.65 39.72
CA ASN GB 404 -83.25 53.23 39.91
C ASN GB 404 -84.30 52.69 38.96
N GLN GB 405 -84.71 53.46 37.97
CA GLN GB 405 -85.86 53.06 37.17
C GLN GB 405 -85.62 51.78 36.39
N ILE GB 406 -86.66 50.96 36.31
CA ILE GB 406 -86.72 49.86 35.36
C ILE GB 406 -88.03 49.96 34.59
N TRP GB 407 -87.94 49.82 33.28
CA TRP GB 407 -89.11 49.65 32.46
C TRP GB 407 -88.80 48.55 31.47
N ASP GB 408 -89.83 48.07 30.81
CA ASP GB 408 -89.67 47.04 29.80
C ASP GB 408 -89.96 47.65 28.45
N ARG GB 409 -89.09 47.37 27.49
CA ARG GB 409 -89.26 47.93 26.17
C ARG GB 409 -90.59 47.46 25.58
N TYR GB 410 -91.15 48.26 24.70
CA TYR GB 410 -92.47 47.97 24.15
C TYR GB 410 -92.51 46.54 23.61
N PRO GB 411 -93.57 45.79 23.91
CA PRO GB 411 -93.58 44.35 23.57
C PRO GB 411 -93.54 44.05 22.09
N ILE GB 412 -93.74 45.07 21.26
CA ILE GB 412 -93.91 45.02 19.82
C ILE GB 412 -94.93 43.96 19.42
N THR GB 413 -94.77 43.40 18.23
CA THR GB 413 -95.72 42.48 17.59
C THR GB 413 -95.24 42.24 16.18
N ARG GB 414 -95.95 41.40 15.43
CA ARG GB 414 -95.51 41.10 14.07
C ARG GB 414 -95.63 42.30 13.13
N GLU GB 415 -96.47 43.28 13.46
CA GLU GB 415 -96.74 44.41 12.58
C GLU GB 415 -95.74 45.56 12.72
N ASN GB 416 -94.77 45.43 13.56
CA ASN GB 416 -93.96 46.58 13.92
C ASN GB 416 -92.77 46.75 13.00
N PRO GB 417 -92.23 47.96 12.92
CA PRO GB 417 -90.94 48.15 12.28
C PRO GB 417 -89.83 47.51 13.08
N ILE GB 418 -88.87 46.93 12.37
CA ILE GB 418 -87.76 46.26 13.03
C ILE GB 418 -86.85 47.28 13.69
N TRP GB 419 -86.42 48.29 12.93
CA TRP GB 419 -85.41 49.23 13.39
C TRP GB 419 -85.87 50.65 13.13
N CYS GB 420 -85.13 51.58 13.73
CA CYS GB 420 -85.25 53.01 13.50
C CYS GB 420 -83.85 53.59 13.59
N LYS GB 421 -83.58 54.60 12.78
CA LYS GB 421 -82.24 55.18 12.78
C LYS GB 421 -82.09 56.16 13.93
N LYS GB 422 -81.04 55.97 14.72
CA LYS GB 422 -80.71 56.91 15.78
C LYS GB 422 -79.96 58.09 15.17
N PRO GB 423 -80.56 59.29 15.21
CA PRO GB 423 -79.91 60.43 14.57
C PRO GB 423 -78.61 60.82 15.23
N ARG GB 424 -77.64 61.20 14.40
CA ARG GB 424 -76.32 61.58 14.89
C ARG GB 424 -76.39 62.88 15.65
N SER GB 425 -75.92 62.87 16.88
CA SER GB 425 -75.91 64.07 17.70
C SER GB 425 -74.86 63.90 18.78
N ASP GB 426 -74.46 65.03 19.36
CA ASP GB 426 -73.41 65.00 20.38
C ASP GB 426 -73.85 64.16 21.57
N LYS GB 427 -74.97 64.52 22.18
CA LYS GB 427 -75.40 63.91 23.43
C LYS GB 427 -76.77 63.27 23.26
N HIS GB 428 -77.00 62.21 24.03
CA HIS GB 428 -78.30 61.57 24.06
C HIS GB 428 -78.43 60.76 25.33
N THR GB 429 -79.68 60.44 25.67
CA THR GB 429 -80.01 59.60 26.82
C THR GB 429 -80.12 58.14 26.40
N THR GB 430 -80.79 57.32 27.23
CA THR GB 430 -80.71 55.87 27.12
C THR GB 430 -81.03 55.35 25.72
N ILE GB 431 -81.83 56.08 24.94
CA ILE GB 431 -82.28 55.65 23.62
C ILE GB 431 -83.09 54.37 23.69
N ASP GB 432 -84.30 54.44 24.24
CA ASP GB 432 -85.26 53.36 24.07
C ASP GB 432 -86.46 53.90 23.32
N PRO GB 433 -86.63 53.58 22.04
CA PRO GB 433 -87.81 54.09 21.32
C PRO GB 433 -89.10 53.49 21.85
N PHE GB 434 -90.11 54.33 21.97
CA PHE GB 434 -91.38 53.88 22.51
C PHE GB 434 -92.28 53.25 21.45
N ASP GB 435 -91.81 53.17 20.23
CA ASP GB 435 -92.48 52.43 19.17
C ASP GB 435 -92.06 50.97 19.18
N GLY GB 436 -91.33 50.56 20.20
CA GLY GB 436 -90.59 49.32 20.12
C GLY GB 436 -89.46 49.54 19.14
N SER GB 437 -89.43 48.70 18.10
CA SER GB 437 -88.40 48.79 17.08
C SER GB 437 -87.01 48.78 17.69
N LEU GB 438 -86.10 49.52 17.11
CA LEU GB 438 -84.69 49.50 17.51
C LEU GB 438 -84.05 50.79 17.07
N ALA GB 439 -82.91 51.08 17.65
CA ALA GB 439 -82.11 52.23 17.24
C ALA GB 439 -80.73 51.73 16.84
N MET GB 440 -80.24 52.22 15.71
CA MET GB 440 -78.91 51.86 15.26
C MET GB 440 -78.22 53.09 14.72
N ASP GB 441 -76.91 53.18 14.94
CA ASP GB 441 -76.11 54.21 14.31
C ASP GB 441 -76.29 54.16 12.80
N HIS GB 442 -75.97 53.01 12.21
CA HIS GB 442 -76.20 52.77 10.79
C HIS GB 442 -77.20 51.63 10.65
N PRO GB 443 -78.45 51.92 10.32
CA PRO GB 443 -79.38 50.86 10.00
C PRO GB 443 -79.07 50.30 8.62
N PRO GB 444 -79.86 49.37 8.12
CA PRO GB 444 -79.70 48.98 6.70
C PRO GB 444 -79.81 50.20 5.81
N GLY GB 445 -78.81 50.37 4.95
CA GLY GB 445 -78.83 51.49 4.02
C GLY GB 445 -79.98 51.34 3.06
N THR GB 446 -80.75 52.41 2.91
CA THR GB 446 -81.88 52.37 1.98
C THR GB 446 -81.37 52.19 0.57
N ILE GB 447 -81.97 51.24 -0.15
CA ILE GB 447 -81.63 50.99 -1.54
C ILE GB 447 -82.55 51.82 -2.40
N PHE GB 448 -81.97 52.69 -3.22
CA PHE GB 448 -82.72 53.58 -4.09
C PHE GB 448 -82.63 53.06 -5.51
N ILE GB 449 -83.67 53.31 -6.28
CA ILE GB 449 -83.75 52.80 -7.64
C ILE GB 449 -84.57 53.77 -8.48
N LYS GB 450 -84.14 53.95 -9.73
CA LYS GB 450 -84.72 54.94 -10.62
C LYS GB 450 -84.71 54.36 -12.03
N MET GB 451 -85.46 54.99 -12.92
CA MET GB 451 -85.72 54.43 -14.24
C MET GB 451 -84.80 54.94 -15.34
N ALA GB 452 -83.78 55.71 -15.03
CA ALA GB 452 -82.79 56.05 -16.05
C ALA GB 452 -83.40 56.79 -17.22
N LYS GB 453 -83.63 58.09 -17.06
CA LYS GB 453 -84.34 58.88 -18.05
C LYS GB 453 -83.82 58.64 -19.45
N ILE GB 454 -84.72 58.31 -20.36
CA ILE GB 454 -84.38 58.16 -21.76
C ILE GB 454 -85.08 59.28 -22.51
N PRO GB 455 -84.36 60.31 -22.93
CA PRO GB 455 -85.01 61.46 -23.55
C PRO GB 455 -85.37 61.17 -24.99
N VAL GB 456 -86.06 62.13 -25.60
CA VAL GB 456 -86.49 61.98 -26.99
C VAL GB 456 -86.32 63.34 -27.65
N PRO GB 457 -85.95 63.38 -28.92
CA PRO GB 457 -85.64 64.67 -29.55
C PRO GB 457 -86.88 65.49 -29.81
N SER GB 458 -86.70 66.81 -29.74
CA SER GB 458 -87.78 67.74 -30.06
C SER GB 458 -87.17 69.04 -30.55
N ASN GB 459 -88.04 69.97 -30.96
CA ASN GB 459 -87.60 71.25 -31.51
C ASN GB 459 -87.31 72.27 -30.42
N ASN GB 460 -88.16 72.33 -29.40
CA ASN GB 460 -88.17 73.40 -28.41
C ASN GB 460 -86.80 73.81 -27.80
N ASN GB 461 -85.98 72.86 -27.33
CA ASN GB 461 -86.24 71.44 -27.32
C ASN GB 461 -86.65 70.97 -25.93
N ALA GB 462 -86.94 69.67 -25.83
CA ALA GB 462 -87.34 69.03 -24.59
C ALA GB 462 -88.58 69.74 -23.99
N ASP GB 463 -88.85 69.71 -22.67
CA ASP GB 463 -88.56 68.56 -21.81
C ASP GB 463 -89.48 67.41 -22.19
N SER GB 464 -88.87 66.30 -22.56
CA SER GB 464 -89.62 65.13 -22.97
C SER GB 464 -88.76 63.91 -22.73
N TYR GB 465 -89.42 62.78 -22.51
CA TYR GB 465 -88.71 61.56 -22.15
C TYR GB 465 -89.58 60.38 -22.54
N LEU GB 466 -88.95 59.21 -22.56
CA LEU GB 466 -89.63 58.00 -22.97
C LEU GB 466 -90.24 57.32 -21.74
N ASN GB 467 -91.46 56.84 -21.89
CA ASN GB 467 -92.24 56.35 -20.76
C ASN GB 467 -92.00 54.85 -20.60
N ILE GB 468 -91.35 54.47 -19.50
CA ILE GB 468 -90.97 53.08 -19.25
C ILE GB 468 -91.20 52.77 -17.78
N TYR GB 469 -91.11 51.49 -17.44
CA TYR GB 469 -91.11 51.07 -16.05
C TYR GB 469 -90.29 49.80 -15.93
N CYS GB 470 -89.85 49.53 -14.72
CA CYS GB 470 -89.01 48.38 -14.45
C CYS GB 470 -89.78 47.39 -13.60
N THR GB 471 -89.38 46.13 -13.69
CA THR GB 471 -90.02 45.07 -12.94
C THR GB 471 -88.96 44.04 -12.64
N GLY GB 472 -88.99 43.49 -11.43
CA GLY GB 472 -87.94 42.56 -11.08
C GLY GB 472 -88.21 41.93 -9.74
N GLN GB 473 -87.18 41.30 -9.19
CA GLN GB 473 -87.33 40.52 -7.99
C GLN GB 473 -86.27 40.88 -6.99
N VAL GB 474 -86.70 41.30 -5.79
CA VAL GB 474 -85.82 41.52 -4.66
C VAL GB 474 -85.88 40.28 -3.79
N SER GB 475 -84.73 39.84 -3.31
CA SER GB 475 -84.70 38.76 -2.33
C SER GB 475 -83.99 39.31 -1.11
N CYS GB 476 -84.71 39.48 -0.02
CA CYS GB 476 -84.14 39.94 1.23
C CYS GB 476 -83.97 38.73 2.14
N GLU GB 477 -82.74 38.33 2.34
CA GLU GB 477 -82.41 37.16 3.17
C GLU GB 477 -81.63 37.67 4.38
N ILE GB 478 -82.25 37.59 5.55
CA ILE GB 478 -81.65 38.16 6.75
C ILE GB 478 -81.48 37.06 7.79
N VAL GB 479 -80.38 37.13 8.53
CA VAL GB 479 -80.04 36.17 9.55
C VAL GB 479 -80.31 36.78 10.90
N TRP GB 480 -80.87 36.00 11.81
CA TRP GB 480 -81.29 36.48 13.12
C TRP GB 480 -80.50 35.75 14.18
N GLU GB 481 -79.71 36.48 14.95
CA GLU GB 481 -79.19 35.91 16.18
C GLU GB 481 -80.35 35.62 17.11
N VAL GB 482 -80.43 34.38 17.58
CA VAL GB 482 -81.59 33.93 18.32
C VAL GB 482 -81.12 33.10 19.50
N GLU GB 483 -81.84 33.19 20.61
CA GLU GB 483 -81.48 32.47 21.83
C GLU GB 483 -82.70 31.76 22.38
N ARG GB 484 -82.51 30.51 22.78
CA ARG GB 484 -83.62 29.63 23.15
C ARG GB 484 -83.75 29.55 24.66
N TYR GB 485 -84.97 29.42 25.14
CA TYR GB 485 -85.23 29.61 26.56
C TYR GB 485 -85.26 28.29 27.31
N ALA GB 486 -84.75 28.33 28.53
CA ALA GB 486 -84.89 27.25 29.49
C ALA GB 486 -85.27 27.86 30.83
N THR GB 487 -86.14 27.19 31.56
CA THR GB 487 -86.61 27.76 32.82
C THR GB 487 -86.96 26.65 33.79
N LYS GB 488 -86.98 27.01 35.06
CA LYS GB 488 -87.29 26.07 36.13
C LYS GB 488 -88.74 26.11 36.55
N ASN GB 489 -89.57 26.91 35.88
CA ASN GB 489 -90.98 26.95 36.21
C ASN GB 489 -91.60 25.57 36.05
N TRP GB 490 -92.48 25.23 36.98
CA TRP GB 490 -93.17 23.95 36.92
C TRP GB 490 -94.36 24.00 35.97
N ARG GB 491 -94.98 25.15 35.83
CA ARG GB 491 -96.28 25.30 35.20
C ARG GB 491 -96.17 25.54 33.70
N PRO GB 492 -97.28 25.33 32.98
CA PRO GB 492 -97.23 25.33 31.51
C PRO GB 492 -96.82 26.63 30.83
N GLU GB 493 -96.80 27.76 31.51
CA GLU GB 493 -96.55 29.10 30.91
C GLU GB 493 -97.61 29.35 29.83
N ARG GB 494 -97.26 30.00 28.72
CA ARG GB 494 -98.25 30.50 27.78
C ARG GB 494 -97.63 30.50 26.39
N ARG GB 495 -98.47 30.28 25.39
CA ARG GB 495 -98.03 30.27 24.00
C ARG GB 495 -99.03 31.05 23.18
N HIS GB 496 -98.82 31.08 21.87
CA HIS GB 496 -99.76 31.72 20.96
C HIS GB 496 -100.48 30.63 20.16
N THR GB 497 -101.72 30.38 20.53
CA THR GB 497 -102.61 29.54 19.77
C THR GB 497 -103.25 30.31 18.63
N THR GB 498 -103.71 29.56 17.63
CA THR GB 498 -104.69 30.12 16.70
C THR GB 498 -105.99 30.46 17.40
N PHE GB 499 -106.23 29.94 18.61
CA PHE GB 499 -107.51 30.23 19.23
C PHE GB 499 -107.65 31.70 19.62
N GLY GB 500 -106.54 32.41 19.77
CA GLY GB 500 -106.64 33.86 19.87
C GLY GB 500 -107.18 34.47 18.59
N LEU GB 501 -106.96 33.79 17.47
CA LEU GB 501 -107.42 34.26 16.17
C LEU GB 501 -108.92 34.07 16.04
N GLY GB 502 -109.51 34.74 15.06
CA GLY GB 502 -110.95 34.67 14.85
C GLY GB 502 -111.28 34.74 13.39
N ILE GB 503 -112.51 34.35 13.08
CA ILE GB 503 -112.97 34.12 11.71
C ILE GB 503 -113.36 35.46 11.08
N GLY GB 504 -113.15 35.60 9.78
CA GLY GB 504 -113.51 36.84 9.12
C GLY GB 504 -113.46 36.75 7.61
N GLY GB 505 -113.92 37.83 6.99
CA GLY GB 505 -113.87 38.06 5.55
C GLY GB 505 -115.08 37.51 4.82
N ALA GB 506 -115.50 38.24 3.78
CA ALA GB 506 -116.62 37.87 2.91
C ALA GB 506 -117.82 37.34 3.68
N ASP GB 507 -118.39 36.24 3.20
CA ASP GB 507 -119.11 35.34 4.08
C ASP GB 507 -118.10 34.78 5.07
N ASN GB 508 -118.49 34.71 6.35
CA ASN GB 508 -117.52 34.72 7.44
C ASN GB 508 -116.39 33.74 7.24
N LEU GB 509 -116.57 32.74 6.38
CA LEU GB 509 -115.63 31.65 6.21
C LEU GB 509 -114.21 32.15 5.95
N ASN GB 510 -113.25 31.32 6.35
CA ASN GB 510 -111.80 31.45 6.45
C ASN GB 510 -111.49 32.17 7.75
N PRO GB 511 -110.45 31.77 8.49
CA PRO GB 511 -110.29 32.34 9.83
C PRO GB 511 -109.69 33.73 9.90
N THR GB 512 -108.38 33.83 9.72
CA THR GB 512 -107.72 35.12 9.92
C THR GB 512 -106.59 35.36 8.94
N TYR GB 513 -105.49 34.61 9.05
CA TYR GB 513 -104.44 34.74 8.06
C TYR GB 513 -104.72 33.72 6.97
N HIS GB 514 -105.30 34.20 5.87
CA HIS GB 514 -105.87 33.30 4.89
C HIS GB 514 -106.55 34.15 3.83
N VAL GB 515 -106.79 33.53 2.68
CA VAL GB 515 -107.39 34.22 1.56
C VAL GB 515 -108.92 34.24 1.65
N ASP GB 516 -109.51 35.23 1.01
CA ASP GB 516 -110.95 35.37 0.83
C ASP GB 516 -111.37 34.65 -0.45
N LYS GB 517 -112.59 34.87 -0.95
CA LYS GB 517 -113.08 34.02 -2.05
C LYS GB 517 -113.04 34.37 -3.57
N ASN GB 518 -112.80 35.57 -4.14
CA ASN GB 518 -112.70 36.94 -3.63
C ASN GB 518 -111.32 37.27 -3.12
N GLY GB 519 -110.39 36.34 -3.26
CA GLY GB 519 -109.30 36.24 -2.33
C GLY GB 519 -108.58 37.52 -2.01
N THR GB 520 -108.72 37.90 -0.75
CA THR GB 520 -108.08 39.03 -0.13
C THR GB 520 -107.66 38.58 1.24
N TYR GB 521 -106.38 38.69 1.52
CA TYR GB 521 -105.82 38.21 2.77
C TYR GB 521 -106.55 38.85 3.94
N ILE GB 522 -107.12 38.02 4.81
CA ILE GB 522 -107.93 38.56 5.90
C ILE GB 522 -107.01 39.20 6.93
N GLN GB 523 -107.33 40.33 7.33
CA GLN GB 523 -106.39 40.94 8.25
C GLN GB 523 -106.75 40.58 9.69
N PRO GB 524 -105.73 40.44 10.54
CA PRO GB 524 -105.98 40.21 11.96
C PRO GB 524 -106.63 41.41 12.61
N THR GB 525 -107.69 41.15 13.38
CA THR GB 525 -108.48 42.19 14.01
C THR GB 525 -108.21 42.23 15.51
N THR GB 526 -107.88 43.43 15.99
CA THR GB 526 -107.25 43.84 17.25
C THR GB 526 -105.89 43.21 17.54
N TRP GB 527 -105.49 43.20 18.81
CA TRP GB 527 -104.07 43.15 19.15
C TRP GB 527 -103.56 41.73 19.30
N ASP GB 528 -104.32 40.86 19.96
CA ASP GB 528 -103.85 39.51 20.23
C ASP GB 528 -103.64 38.69 18.98
N MET GB 529 -104.42 38.96 17.93
CA MET GB 529 -104.26 38.27 16.66
C MET GB 529 -102.80 38.26 16.24
N CYS GB 530 -102.26 39.43 15.90
CA CYS GB 530 -100.83 39.61 15.81
C CYS GB 530 -100.22 39.16 17.12
N PHE GB 531 -99.24 38.28 17.07
CA PHE GB 531 -98.82 37.64 18.30
C PHE GB 531 -97.62 38.36 18.87
N PRO GB 532 -97.79 39.15 19.94
CA PRO GB 532 -96.69 39.98 20.41
C PRO GB 532 -95.69 39.15 21.19
N VAL GB 533 -94.42 39.49 21.06
CA VAL GB 533 -93.46 38.95 21.99
C VAL GB 533 -93.67 39.63 23.34
N LYS GB 534 -93.09 39.04 24.37
CA LYS GB 534 -93.02 39.56 25.74
C LYS GB 534 -94.27 39.19 26.52
N THR GB 535 -95.28 38.59 25.88
CA THR GB 535 -96.43 38.06 26.57
C THR GB 535 -96.26 36.59 26.94
N ASN GB 536 -95.13 35.99 26.62
CA ASN GB 536 -94.94 34.57 26.83
C ASN GB 536 -93.69 34.31 27.67
N ILE GB 537 -93.40 33.03 27.83
CA ILE GB 537 -92.33 32.51 28.66
C ILE GB 537 -92.47 33.10 30.06
N ASN GB 538 -91.36 33.28 30.75
CA ASN GB 538 -91.27 33.98 32.03
C ASN GB 538 -89.81 34.30 32.26
N LYS GB 539 -89.55 35.23 33.16
CA LYS GB 539 -88.19 35.45 33.63
C LYS GB 539 -88.22 35.76 35.12
N VAL GB 540 -87.35 35.08 35.87
CA VAL GB 540 -87.08 35.54 37.22
C VAL GB 540 -86.30 36.83 37.12
N LEU GB 541 -86.80 37.87 37.78
CA LEU GB 541 -86.13 39.16 37.73
C LEU GB 541 -84.86 39.13 38.56
N GLY HB 34 -65.24 8.55 50.14
CA GLY HB 34 -65.44 7.66 51.26
C GLY HB 34 -66.50 6.60 51.03
N SER HB 35 -66.75 5.79 52.06
CA SER HB 35 -67.74 4.73 51.97
C SER HB 35 -68.24 4.39 53.37
N GLY HB 36 -69.38 3.72 53.43
CA GLY HB 36 -69.96 3.28 54.68
C GLY HB 36 -71.08 4.16 55.14
N VAL HB 37 -71.61 3.82 56.31
CA VAL HB 37 -72.65 4.63 56.93
C VAL HB 37 -72.11 6.03 57.20
N GLY HB 38 -72.96 7.04 57.03
CA GLY HB 38 -72.56 8.41 57.22
C GLY HB 38 -72.02 9.08 55.99
N ILE HB 39 -71.96 8.39 54.86
CA ILE HB 39 -71.51 8.96 53.60
C ILE HB 39 -72.63 8.69 52.60
N SER HB 40 -73.26 9.76 52.11
CA SER HB 40 -74.37 9.59 51.18
C SER HB 40 -73.87 8.99 49.88
N THR HB 41 -74.68 8.12 49.28
CA THR HB 41 -74.21 7.42 48.10
C THR HB 41 -74.35 8.27 46.84
N GLY HB 42 -75.49 8.94 46.68
CA GLY HB 42 -75.70 9.80 45.53
C GLY HB 42 -76.59 10.95 45.93
N GLY HB 43 -76.59 11.98 45.09
CA GLY HB 43 -77.35 13.19 45.35
C GLY HB 43 -78.65 13.25 44.57
N TRP HB 44 -79.40 14.30 44.83
CA TRP HB 44 -80.66 14.54 44.16
C TRP HB 44 -80.41 14.92 42.70
N VAL HB 45 -81.40 14.66 41.85
CA VAL HB 45 -81.27 14.84 40.41
C VAL HB 45 -82.61 15.30 39.85
N GLY HB 46 -82.56 16.09 38.77
CA GLY HB 46 -83.77 16.43 38.06
C GLY HB 46 -83.53 17.61 37.12
N GLY HB 47 -84.64 18.10 36.54
CA GLY HB 47 -84.66 19.38 35.85
C GLY HB 47 -84.75 19.33 34.33
N SER HB 48 -84.85 18.15 33.76
CA SER HB 48 -84.86 17.90 32.31
C SER HB 48 -83.71 18.51 31.52
N TYR HB 49 -83.88 18.64 30.20
CA TYR HB 49 -82.77 19.09 29.36
C TYR HB 49 -83.16 19.85 28.10
N PHE HB 50 -83.79 19.15 27.15
CA PHE HB 50 -84.24 19.68 25.85
C PHE HB 50 -83.19 20.16 24.86
N THR HB 51 -82.55 19.22 24.17
CA THR HB 51 -81.83 19.47 22.93
C THR HB 51 -82.65 18.97 21.75
N ASP HB 52 -82.46 19.62 20.59
CA ASP HB 52 -83.20 19.29 19.37
C ASP HB 52 -83.26 17.80 19.08
N SER HB 53 -82.15 17.10 19.27
CA SER HB 53 -82.11 15.68 18.94
C SER HB 53 -82.70 14.81 20.04
N TYR HB 54 -82.60 15.21 21.29
CA TYR HB 54 -83.07 14.36 22.38
C TYR HB 54 -83.40 15.20 23.59
N VAL HB 55 -84.22 14.64 24.47
CA VAL HB 55 -84.63 15.25 25.72
C VAL HB 55 -84.29 14.30 26.86
N ILE HB 56 -83.55 14.81 27.84
CA ILE HB 56 -83.17 14.03 29.01
C ILE HB 56 -83.99 14.51 30.18
N THR HB 57 -84.91 13.67 30.66
CA THR HB 57 -85.69 13.98 31.84
C THR HB 57 -85.10 13.24 33.03
N LYS HB 58 -84.91 13.97 34.12
CA LYS HB 58 -84.31 13.43 35.33
C LYS HB 58 -85.29 13.63 36.47
N ASN HB 59 -85.41 12.63 37.33
CA ASN HB 59 -86.34 12.70 38.44
C ASN HB 59 -85.76 11.94 39.62
N THR HB 60 -86.20 12.31 40.81
CA THR HB 60 -85.75 11.66 42.03
C THR HB 60 -86.91 11.63 43.02
N ARG HB 61 -86.96 10.60 43.85
CA ARG HB 61 -88.09 10.38 44.73
C ARG HB 61 -87.62 9.95 46.11
N GLN HB 62 -88.56 9.94 47.03
CA GLN HB 62 -88.38 9.35 48.35
C GLN HB 62 -89.42 8.25 48.47
N PHE HB 63 -89.00 7.04 48.78
CA PHE HB 63 -89.92 5.91 48.81
C PHE HB 63 -89.81 5.18 50.14
N LEU HB 64 -90.76 4.31 50.42
CA LEU HB 64 -90.62 3.43 51.55
C LEU HB 64 -91.26 2.07 51.28
N VAL HB 65 -90.62 1.03 51.80
CA VAL HB 65 -91.06 -0.35 51.66
C VAL HB 65 -91.59 -0.79 53.02
N LYS HB 66 -92.80 -1.35 53.03
CA LYS HB 66 -93.59 -1.47 54.24
C LYS HB 66 -93.57 -2.86 54.88
N ILE HB 67 -92.91 -3.85 54.28
CA ILE HB 67 -93.11 -5.26 54.65
C ILE HB 67 -94.57 -5.63 54.43
N GLN HB 68 -94.96 -5.83 53.18
CA GLN HB 68 -96.31 -6.29 52.90
C GLN HB 68 -96.44 -7.79 53.11
N ASN HB 69 -97.60 -8.20 53.61
CA ASN HB 69 -98.03 -9.60 53.58
C ASN HB 69 -97.17 -10.49 54.45
N ASN HB 70 -96.79 -10.01 55.63
CA ASN HB 70 -95.74 -10.64 56.44
C ASN HB 70 -94.57 -10.83 55.49
N HIS HB 71 -93.83 -11.94 55.55
CA HIS HB 71 -92.99 -12.29 54.41
C HIS HB 71 -93.54 -13.45 53.61
N GLN HB 72 -94.62 -14.07 54.07
CA GLN HB 72 -95.23 -15.16 53.35
C GLN HB 72 -96.09 -14.65 52.21
N TYR HB 73 -96.39 -15.57 51.28
CA TYR HB 73 -97.07 -15.30 50.01
C TYR HB 73 -98.59 -15.33 50.10
N LYS HB 74 -99.16 -16.45 50.49
CA LYS HB 74 -100.58 -16.76 50.40
C LYS HB 74 -101.11 -16.70 48.97
N THR HB 75 -102.42 -16.49 48.83
CA THR HB 75 -103.09 -16.49 47.54
C THR HB 75 -104.11 -15.34 47.49
N GLU HB 76 -105.00 -15.34 48.48
CA GLU HB 76 -105.91 -14.26 48.87
C GLU HB 76 -107.28 -14.21 48.20
N LEU HB 77 -107.47 -14.91 47.07
CA LEU HB 77 -108.80 -15.09 46.47
C LEU HB 77 -109.65 -13.83 46.59
N ILE HB 78 -109.28 -12.80 45.82
CA ILE HB 78 -109.60 -11.43 46.22
C ILE HB 78 -111.09 -11.20 46.47
N SER HB 79 -111.87 -11.03 45.40
CA SER HB 79 -113.32 -10.92 45.40
C SER HB 79 -113.84 -9.73 46.19
N PRO HB 80 -114.97 -9.17 45.82
CA PRO HB 80 -115.86 -8.58 46.81
C PRO HB 80 -116.96 -9.58 47.14
N SER HB 81 -117.87 -9.23 48.05
CA SER HB 81 -119.09 -10.02 48.18
C SER HB 81 -120.33 -9.17 48.46
N THR HB 82 -121.38 -9.20 47.63
CA THR HB 82 -121.44 -9.55 46.18
C THR HB 82 -120.66 -10.77 45.66
N SER HB 83 -120.90 -11.92 46.28
CA SER HB 83 -120.21 -13.15 45.90
C SER HB 83 -120.39 -13.49 44.42
N GLN HB 84 -121.36 -12.88 43.74
CA GLN HB 84 -121.51 -13.05 42.31
C GLN HB 84 -120.32 -12.51 41.52
N GLY HB 85 -119.41 -11.79 42.17
CA GLY HB 85 -118.31 -11.18 41.46
C GLY HB 85 -117.35 -12.20 40.87
N LYS HB 86 -116.31 -11.68 40.21
CA LYS HB 86 -115.35 -12.55 39.54
C LYS HB 86 -114.55 -13.37 40.53
N SER HB 87 -114.09 -12.74 41.61
CA SER HB 87 -113.39 -13.45 42.69
C SER HB 87 -112.10 -14.09 42.20
N GLN HB 88 -111.29 -13.31 41.49
CA GLN HB 88 -109.99 -13.80 41.06
C GLN HB 88 -109.14 -14.19 42.27
N ARG HB 89 -108.41 -15.30 42.14
CA ARG HB 89 -107.70 -15.83 43.30
C ARG HB 89 -106.39 -15.10 43.54
N CYS HB 90 -105.71 -14.72 42.46
CA CYS HB 90 -104.42 -14.06 42.50
C CYS HB 90 -103.36 -14.77 43.33
N VAL HB 91 -102.33 -14.02 43.72
CA VAL HB 91 -101.25 -14.43 44.61
C VAL HB 91 -100.69 -13.16 45.22
N SER HB 92 -100.36 -13.20 46.49
CA SER HB 92 -99.72 -12.05 47.11
C SER HB 92 -98.28 -12.43 47.41
N THR HB 93 -97.39 -11.46 47.42
CA THR HB 93 -95.99 -11.69 47.67
C THR HB 93 -95.47 -10.67 48.65
N PRO HB 94 -94.37 -10.96 49.35
CA PRO HB 94 -93.75 -9.95 50.21
C PRO HB 94 -93.16 -8.79 49.44
N TRP HB 95 -93.00 -8.93 48.13
CA TRP HB 95 -92.26 -7.96 47.34
C TRP HB 95 -93.10 -6.74 47.02
N SER HB 96 -92.42 -5.62 46.85
CA SER HB 96 -92.98 -4.39 46.32
C SER HB 96 -92.18 -4.04 45.08
N TYR HB 97 -92.75 -3.17 44.23
CA TYR HB 97 -92.10 -2.91 42.96
C TYR HB 97 -92.20 -1.43 42.60
N PHE HB 98 -91.26 -1.00 41.76
CA PHE HB 98 -91.24 0.34 41.22
C PHE HB 98 -91.95 0.36 39.88
N ASN HB 99 -92.99 1.17 39.78
CA ASN HB 99 -93.69 1.39 38.51
C ASN HB 99 -93.30 2.78 38.02
N PHE HB 100 -92.54 2.83 36.94
CA PHE HB 100 -92.14 4.10 36.34
C PHE HB 100 -93.00 4.51 35.17
N ASN HB 101 -94.07 3.78 34.87
CA ASN HB 101 -94.75 3.91 33.59
C ASN HB 101 -95.86 4.94 33.72
N GLN HB 102 -95.60 6.12 33.17
CA GLN HB 102 -96.55 7.21 32.98
C GLN HB 102 -95.76 8.39 32.45
N TYR HB 103 -96.44 9.31 31.77
CA TYR HB 103 -95.72 10.49 31.32
C TYR HB 103 -95.64 11.55 32.40
N SER HB 104 -96.74 11.76 33.14
CA SER HB 104 -96.77 12.81 34.14
C SER HB 104 -95.74 12.61 35.22
N SER HB 105 -95.16 11.43 35.33
CA SER HB 105 -94.10 11.22 36.30
C SER HB 105 -92.79 11.82 35.85
N HIS HB 106 -92.48 11.72 34.56
CA HIS HB 106 -91.19 12.13 34.04
C HIS HB 106 -91.18 13.54 33.47
N PHE HB 107 -92.34 14.18 33.32
CA PHE HB 107 -92.42 15.49 32.69
C PHE HB 107 -93.20 16.44 33.56
N SER HB 108 -92.60 17.58 33.88
CA SER HB 108 -93.34 18.64 34.51
C SER HB 108 -94.37 19.17 33.54
N PRO HB 109 -95.42 19.81 34.03
CA PRO HB 109 -96.38 20.42 33.12
C PRO HB 109 -95.78 21.39 32.13
N GLN HB 110 -94.61 21.96 32.42
CA GLN HB 110 -93.92 22.74 31.40
C GLN HB 110 -93.04 21.90 30.48
N ASP HB 111 -92.31 20.92 31.02
CA ASP HB 111 -91.51 20.08 30.14
C ASP HB 111 -92.38 19.39 29.12
N TRP HB 112 -93.38 18.65 29.55
CA TRP HB 112 -94.52 18.39 28.71
C TRP HB 112 -95.11 19.74 28.34
N GLN HB 113 -95.57 19.87 27.11
CA GLN HB 113 -95.94 21.15 26.48
C GLN HB 113 -94.72 21.90 25.97
N ARG HB 114 -93.53 21.62 26.45
CA ARG HB 114 -92.39 22.07 25.68
C ARG HB 114 -92.09 21.13 24.55
N LEU HB 115 -92.23 19.82 24.77
CA LEU HB 115 -92.11 18.89 23.64
C LEU HB 115 -93.39 18.78 22.85
N THR HB 116 -94.54 18.84 23.51
CA THR HB 116 -95.80 18.73 22.79
C THR HB 116 -95.96 19.88 21.81
N ASN HB 117 -95.45 21.06 22.16
CA ASN HB 117 -95.50 22.18 21.24
C ASN HB 117 -94.38 22.11 20.22
N GLU HB 118 -93.18 21.76 20.63
CA GLU HB 118 -92.00 21.98 19.79
C GLU HB 118 -91.54 20.78 18.99
N TYR HB 119 -92.18 19.62 19.10
CA TYR HB 119 -91.63 18.45 18.43
C TYR HB 119 -92.71 17.62 17.74
N LYS HB 120 -92.32 17.01 16.60
CA LYS HB 120 -93.22 16.09 15.91
C LYS HB 120 -93.46 14.83 16.71
N ARG HB 121 -92.38 14.20 17.16
CA ARG HB 121 -92.49 12.84 17.65
C ARG HB 121 -91.39 12.59 18.64
N PHE HB 122 -91.62 11.63 19.51
CA PHE HB 122 -90.64 11.28 20.52
C PHE HB 122 -90.86 9.85 20.93
N ARG HB 123 -89.78 9.19 21.35
CA ARG HB 123 -89.88 7.89 21.95
C ARG HB 123 -88.76 7.79 22.98
N PRO HB 124 -88.98 7.09 24.07
CA PRO HB 124 -87.89 6.94 25.04
C PRO HB 124 -86.77 6.11 24.46
N LYS HB 125 -85.56 6.65 24.52
CA LYS HB 125 -84.40 5.96 24.00
C LYS HB 125 -83.80 5.00 25.03
N GLY HB 126 -83.69 5.42 26.27
CA GLY HB 126 -83.06 4.61 27.30
C GLY HB 126 -83.55 5.05 28.66
N MET HB 127 -83.12 4.29 29.67
CA MET HB 127 -83.58 4.52 31.03
C MET HB 127 -82.48 4.11 31.99
N HIS HB 128 -82.30 4.88 33.05
CA HIS HB 128 -81.25 4.62 34.02
C HIS HB 128 -81.83 4.89 35.40
N VAL HB 129 -81.80 3.88 36.26
CA VAL HB 129 -82.44 3.97 37.57
C VAL HB 129 -81.39 3.70 38.63
N LYS HB 130 -81.44 4.46 39.72
CA LYS HB 130 -80.48 4.32 40.81
C LYS HB 130 -81.22 4.32 42.13
N ILE HB 131 -81.06 3.24 42.89
CA ILE HB 131 -81.49 3.19 44.27
C ILE HB 131 -80.30 3.62 45.11
N TYR HB 132 -80.52 4.49 46.08
CA TYR HB 132 -79.42 4.93 46.93
C TYR HB 132 -79.99 5.63 48.15
N ASN HB 133 -79.10 6.02 49.04
CA ASN HB 133 -79.45 6.68 50.29
C ASN HB 133 -80.50 5.90 51.05
N LEU HB 134 -80.24 4.61 51.26
CA LEU HB 134 -81.20 3.74 51.91
C LEU HB 134 -81.17 3.94 53.41
N GLN HB 135 -82.30 3.65 54.06
CA GLN HB 135 -82.43 3.76 55.51
C GLN HB 135 -83.35 2.66 56.00
N ILE HB 136 -82.97 1.99 57.08
CA ILE HB 136 -83.80 0.98 57.70
C ILE HB 136 -84.12 1.47 59.11
N LYS HB 137 -85.39 1.76 59.38
CA LYS HB 137 -85.70 2.53 60.57
C LYS HB 137 -86.25 1.73 61.75
N GLN HB 138 -86.51 0.44 61.63
CA GLN HB 138 -86.82 -0.38 62.81
C GLN HB 138 -88.00 0.17 63.60
N ILE HB 139 -89.21 -0.04 63.08
CA ILE HB 139 -90.41 0.36 63.81
C ILE HB 139 -90.43 -0.29 65.19
N LEU HB 140 -90.79 0.50 66.19
CA LEU HB 140 -91.08 -0.03 67.53
C LEU HB 140 -92.43 0.48 68.00
N SER HB 141 -93.07 -0.32 68.84
CA SER HB 141 -94.33 0.05 69.47
C SER HB 141 -94.28 -0.31 70.94
N ASN HB 142 -94.41 0.69 71.79
CA ASN HB 142 -94.58 0.50 73.22
C ASN HB 142 -96.04 0.42 73.60
N GLY HB 143 -96.92 0.39 72.62
CA GLY HB 143 -98.34 0.61 72.78
C GLY HB 143 -98.64 2.05 72.44
N ALA HB 144 -99.77 2.28 71.78
CA ALA HB 144 -100.13 3.56 71.16
C ALA HB 144 -98.93 4.02 70.33
N ASP HB 145 -98.62 5.32 70.27
CA ASP HB 145 -97.38 5.94 69.84
C ASP HB 145 -96.70 5.28 68.65
N THR HB 146 -95.36 5.28 68.67
CA THR HB 146 -94.39 4.51 67.89
C THR HB 146 -93.02 5.10 68.18
N THR HB 147 -91.96 4.36 67.89
CA THR HB 147 -90.61 4.92 67.92
C THR HB 147 -89.81 4.28 66.80
N TYR HB 148 -88.82 5.02 66.31
CA TYR HB 148 -87.99 4.58 65.20
C TYR HB 148 -86.54 4.72 65.64
N ASN HB 149 -85.85 3.59 65.83
CA ASN HB 149 -84.52 3.65 66.41
C ASN HB 149 -83.47 3.83 65.34
N ASN HB 150 -83.89 4.08 64.11
CA ASN HB 150 -83.08 3.86 62.93
C ASN HB 150 -82.68 2.41 62.98
N ASP HB 151 -81.50 2.10 62.46
CA ASP HB 151 -80.99 0.73 62.46
C ASP HB 151 -79.71 0.72 61.66
N LEU HB 152 -78.89 -0.29 61.90
CA LEU HB 152 -77.81 -0.64 61.02
C LEU HB 152 -77.81 -2.15 60.94
N THR HB 153 -76.87 -2.72 60.20
CA THR HB 153 -76.79 -4.15 60.00
C THR HB 153 -78.14 -4.73 59.59
N ALA HB 154 -78.83 -4.05 58.69
CA ALA HB 154 -80.07 -4.53 58.10
C ALA HB 154 -79.96 -4.42 56.60
N GLY HB 155 -80.90 -5.03 55.88
CA GLY HB 155 -80.74 -5.22 54.45
C GLY HB 155 -82.05 -5.08 53.71
N VAL HB 156 -81.91 -4.91 52.40
CA VAL HB 156 -83.02 -4.72 51.48
C VAL HB 156 -82.73 -5.50 50.23
N HIS HB 157 -83.66 -6.36 49.83
CA HIS HB 157 -83.54 -7.10 48.59
C HIS HB 157 -83.98 -6.22 47.43
N ILE HB 158 -83.22 -6.24 46.36
CA ILE HB 158 -83.56 -5.48 45.15
C ILE HB 158 -83.32 -6.37 43.96
N PHE HB 159 -84.36 -6.56 43.16
CA PHE HB 159 -84.34 -7.50 42.05
C PHE HB 159 -84.93 -6.85 40.82
N CYS HB 160 -84.33 -7.09 39.67
CA CYS HB 160 -84.79 -6.55 38.41
C CYS HB 160 -85.02 -7.67 37.41
N ASP HB 161 -85.93 -7.46 36.47
CA ASP HB 161 -86.20 -8.42 35.40
C ASP HB 161 -85.56 -7.96 34.10
N GLY HB 162 -84.49 -8.63 33.68
CA GLY HB 162 -84.00 -8.38 32.34
C GLY HB 162 -84.60 -9.35 31.35
N GLU HB 163 -85.01 -10.51 31.84
CA GLU HB 163 -85.58 -11.53 30.98
C GLU HB 163 -87.09 -11.43 30.88
N HIS HB 164 -87.73 -10.65 31.75
CA HIS HB 164 -89.17 -10.63 31.92
C HIS HB 164 -89.75 -12.00 32.18
N ALA HB 165 -88.98 -12.90 32.77
CA ALA HB 165 -89.59 -13.97 33.55
C ALA HB 165 -90.30 -13.34 34.73
N TYR HB 166 -91.23 -14.07 35.30
CA TYR HB 166 -92.12 -13.61 36.36
C TYR HB 166 -93.28 -12.80 35.79
N PRO HB 167 -94.41 -12.82 36.47
CA PRO HB 167 -95.66 -12.28 35.89
C PRO HB 167 -95.72 -10.78 35.65
N ASN HB 168 -94.72 -9.99 36.06
CA ASN HB 168 -94.58 -8.55 35.76
C ASN HB 168 -95.83 -7.72 36.07
N ALA HB 169 -95.98 -7.36 37.34
CA ALA HB 169 -97.18 -6.68 37.84
C ALA HB 169 -97.62 -5.52 36.94
N THR HB 170 -96.69 -4.76 36.40
CA THR HB 170 -97.03 -3.49 35.77
C THR HB 170 -98.12 -3.66 34.72
N HIS HB 171 -99.18 -2.90 34.88
CA HIS HB 171 -100.30 -2.77 33.97
C HIS HB 171 -100.40 -1.29 33.63
N PRO HB 172 -100.74 -0.93 32.39
CA PRO HB 172 -100.61 0.47 31.98
C PRO HB 172 -101.22 1.49 32.90
N TRP HB 173 -102.46 1.33 33.31
CA TRP HB 173 -103.12 2.42 34.05
C TRP HB 173 -102.81 2.30 35.52
N ASP HB 174 -103.40 1.32 36.19
CA ASP HB 174 -103.14 1.04 37.60
C ASP HB 174 -103.29 2.35 38.37
N GLU HB 175 -102.34 2.68 39.24
CA GLU HB 175 -102.41 3.79 40.16
C GLU HB 175 -100.98 4.29 40.21
N ASP HB 176 -100.68 5.12 41.21
CA ASP HB 176 -99.31 5.26 41.74
C ASP HB 176 -98.36 5.64 40.60
N VAL HB 177 -97.46 4.74 40.18
CA VAL HB 177 -96.29 5.06 39.38
C VAL HB 177 -95.51 6.02 40.25
N MET HB 178 -94.80 6.95 39.66
CA MET HB 178 -94.15 7.96 40.47
C MET HB 178 -95.14 9.07 40.73
N PRO HB 179 -95.09 9.72 41.88
CA PRO HB 179 -95.95 10.88 42.06
C PRO HB 179 -95.52 11.94 41.04
N GLU HB 180 -96.49 12.47 40.31
CA GLU HB 180 -96.16 13.43 39.27
C GLU HB 180 -95.38 14.59 39.82
N LEU HB 181 -95.45 14.80 41.12
CA LEU HB 181 -94.88 15.94 41.80
C LEU HB 181 -93.73 15.46 42.67
N PRO HB 182 -92.49 15.93 42.50
CA PRO HB 182 -91.42 15.48 43.40
C PRO HB 182 -91.67 15.90 44.84
N TYR HB 183 -90.71 15.67 45.72
CA TYR HB 183 -90.82 15.97 47.16
C TYR HB 183 -91.97 15.21 47.79
N GLN HB 184 -92.78 14.55 46.98
CA GLN HB 184 -93.91 13.77 47.46
C GLN HB 184 -93.44 12.34 47.61
N THR HB 185 -93.46 11.85 48.85
CA THR HB 185 -92.94 10.52 49.11
C THR HB 185 -93.72 9.47 48.34
N TRP HB 186 -93.03 8.43 47.90
CA TRP HB 186 -93.61 7.46 46.99
C TRP HB 186 -93.77 6.12 47.70
N TYR HB 187 -95.00 5.76 47.99
CA TYR HB 187 -95.29 4.51 48.67
C TYR HB 187 -95.39 3.40 47.64
N LEU HB 188 -94.58 2.37 47.82
CA LEU HB 188 -94.60 1.23 46.92
C LEU HB 188 -95.83 0.36 47.18
N PHE HB 189 -96.14 -0.47 46.20
CA PHE HB 189 -97.31 -1.33 46.24
C PHE HB 189 -96.89 -2.79 46.12
N GLN HB 190 -97.69 -3.65 46.76
CA GLN HB 190 -97.34 -5.05 46.85
C GLN HB 190 -97.39 -5.72 45.47
N TYR HB 191 -96.49 -6.66 45.25
CA TYR HB 191 -96.46 -7.39 44.01
C TYR HB 191 -97.34 -8.63 44.10
N GLY HB 192 -98.19 -8.82 43.11
CA GLY HB 192 -99.06 -9.97 43.05
C GLY HB 192 -99.33 -10.32 41.61
N TYR HB 193 -99.93 -11.48 41.40
CA TYR HB 193 -100.23 -11.89 40.05
C TYR HB 193 -101.34 -12.92 40.05
N ILE HB 194 -102.01 -13.04 38.92
CA ILE HB 194 -103.07 -14.04 38.75
C ILE HB 194 -102.43 -15.33 38.27
N PRO HB 195 -102.38 -16.39 39.09
CA PRO HB 195 -101.86 -17.65 38.57
C PRO HB 195 -102.76 -18.27 37.52
N VAL HB 196 -104.07 -18.32 37.76
CA VAL HB 196 -105.05 -18.91 36.85
C VAL HB 196 -106.41 -18.30 37.13
N ILE HB 197 -107.27 -18.29 36.11
CA ILE HB 197 -108.66 -17.85 36.26
C ILE HB 197 -109.28 -18.63 37.41
N HIS HB 198 -109.94 -17.90 38.33
CA HIS HB 198 -110.48 -18.57 39.50
C HIS HB 198 -111.57 -19.55 39.14
N GLU HB 199 -112.59 -19.08 38.42
CA GLU HB 199 -113.47 -20.03 37.77
C GLU HB 199 -112.65 -20.84 36.79
N LEU HB 200 -113.12 -22.04 36.43
CA LEU HB 200 -112.29 -22.98 35.70
C LEU HB 200 -111.09 -23.40 36.54
N ALA HB 201 -111.32 -24.39 37.42
CA ALA HB 201 -110.57 -24.73 38.64
C ALA HB 201 -111.22 -24.26 39.93
N GLU HB 202 -112.42 -23.72 39.88
CA GLU HB 202 -113.13 -23.35 41.12
C GLU HB 202 -113.14 -24.43 42.23
N MET HB 203 -113.38 -25.72 41.97
CA MET HB 203 -113.91 -26.30 40.75
C MET HB 203 -115.18 -27.06 41.13
N GLU HB 204 -116.07 -27.31 40.16
CA GLU HB 204 -117.36 -27.87 40.52
C GLU HB 204 -117.37 -29.39 40.37
N ASP HB 205 -117.39 -30.07 41.51
CA ASP HB 205 -117.58 -31.52 41.60
C ASP HB 205 -116.67 -32.26 40.62
N SER HB 206 -117.18 -33.33 40.03
CA SER HB 206 -116.62 -33.93 38.81
C SER HB 206 -115.06 -34.05 38.94
N ASN HB 207 -114.14 -33.49 38.14
CA ASN HB 207 -114.28 -32.80 36.86
C ASN HB 207 -113.23 -33.29 35.88
N ALA HB 208 -111.98 -33.07 36.26
CA ALA HB 208 -110.76 -33.50 35.58
C ALA HB 208 -110.43 -32.60 34.40
N VAL HB 209 -111.40 -31.83 33.92
CA VAL HB 209 -111.09 -30.75 32.99
C VAL HB 209 -110.67 -29.49 33.75
N GLU HB 210 -111.32 -29.21 34.88
CA GLU HB 210 -110.85 -28.13 35.74
C GLU HB 210 -109.86 -28.63 36.79
N LYS HB 211 -109.76 -29.95 36.96
CA LYS HB 211 -108.67 -30.48 37.78
C LYS HB 211 -107.35 -30.16 37.14
N ALA HB 212 -107.19 -30.53 35.88
CA ALA HB 212 -106.18 -29.86 35.08
C ALA HB 212 -106.56 -28.40 34.94
N ILE HB 213 -105.55 -27.56 34.74
CA ILE HB 213 -105.63 -26.10 34.80
C ILE HB 213 -105.66 -25.65 36.26
N CYS HB 214 -106.11 -26.52 37.16
CA CYS HB 214 -105.84 -26.30 38.57
C CYS HB 214 -104.50 -26.87 38.98
N LEU HB 215 -104.18 -28.06 38.48
CA LEU HB 215 -102.88 -28.66 38.75
C LEU HB 215 -101.77 -27.87 38.07
N GLN HB 216 -102.07 -27.22 36.96
CA GLN HB 216 -101.02 -26.60 36.18
C GLN HB 216 -100.75 -25.16 36.59
N ILE HB 217 -101.42 -24.66 37.62
CA ILE HB 217 -101.24 -23.24 37.93
C ILE HB 217 -99.78 -23.08 38.32
N PRO HB 218 -99.04 -22.19 37.66
CA PRO HB 218 -97.64 -22.00 38.02
C PRO HB 218 -97.54 -21.17 39.28
N PHE HB 219 -96.44 -21.36 39.99
CA PHE HB 219 -96.17 -20.62 41.21
C PHE HB 219 -94.79 -20.01 41.10
N PHE HB 220 -94.75 -18.68 41.03
CA PHE HB 220 -93.52 -17.95 40.81
C PHE HB 220 -93.06 -17.34 42.13
N MET HB 221 -91.75 -17.29 42.30
CA MET HB 221 -91.15 -16.79 43.52
C MET HB 221 -89.96 -15.94 43.12
N LEU HB 222 -89.81 -14.79 43.74
CA LEU HB 222 -88.71 -13.93 43.40
C LEU HB 222 -87.44 -14.29 44.12
N GLU HB 223 -87.44 -15.38 44.89
CA GLU HB 223 -86.22 -15.74 45.58
C GLU HB 223 -85.28 -16.42 44.60
N ASN HB 224 -85.51 -17.69 44.25
CA ASN HB 224 -85.17 -18.22 42.92
C ASN HB 224 -83.95 -17.53 42.34
N SER HB 225 -84.13 -16.87 41.20
CA SER HB 225 -83.05 -16.11 40.58
C SER HB 225 -82.44 -15.12 41.55
N ASP HB 226 -81.13 -14.98 41.48
CA ASP HB 226 -80.39 -14.20 42.46
C ASP HB 226 -80.66 -12.72 42.33
N HIS HB 227 -80.42 -12.00 43.42
CA HIS HB 227 -80.62 -10.56 43.45
C HIS HB 227 -79.78 -9.97 44.57
N GLU HB 228 -79.63 -8.66 44.54
CA GLU HB 228 -78.75 -7.98 45.47
C GLU HB 228 -79.46 -7.62 46.75
N VAL HB 229 -78.74 -7.74 47.86
CA VAL HB 229 -79.17 -7.20 49.14
C VAL HB 229 -78.30 -5.99 49.41
N LEU HB 230 -78.85 -4.99 50.08
CA LEU HB 230 -78.14 -3.76 50.32
C LEU HB 230 -78.30 -3.35 51.77
N ARG HB 231 -77.20 -3.07 52.44
CA ARG HB 231 -77.31 -2.32 53.68
C ARG HB 231 -77.39 -0.84 53.33
N THR HB 232 -77.26 0.02 54.34
CA THR HB 232 -77.41 1.46 54.11
C THR HB 232 -76.38 1.99 53.13
N GLY HB 233 -75.09 1.82 53.41
CA GLY HB 233 -74.07 2.48 52.61
C GLY HB 233 -74.06 2.09 51.15
N GLU HB 234 -74.62 0.94 50.81
CA GLU HB 234 -74.62 0.46 49.44
C GLU HB 234 -75.73 1.09 48.62
N SER HB 235 -75.54 1.09 47.29
CA SER HB 235 -76.55 1.51 46.33
C SER HB 235 -76.59 0.51 45.18
N THR HB 236 -77.44 0.81 44.19
CA THR HB 236 -77.57 -0.04 43.02
C THR HB 236 -78.00 0.81 41.84
N GLU HB 237 -77.54 0.43 40.65
CA GLU HB 237 -77.94 1.06 39.41
C GLU HB 237 -78.62 0.04 38.51
N PHE HB 238 -79.48 0.52 37.63
CA PHE HB 238 -80.07 -0.31 36.59
C PHE HB 238 -80.18 0.51 35.32
N THR HB 239 -79.93 -0.13 34.18
CA THR HB 239 -80.08 0.52 32.89
C THR HB 239 -81.10 -0.23 32.06
N PHE HB 240 -81.66 0.47 31.07
CA PHE HB 240 -82.61 -0.13 30.17
C PHE HB 240 -82.46 0.51 28.80
N ASN HB 241 -82.68 -0.27 27.76
CA ASN HB 241 -82.70 0.22 26.41
C ASN HB 241 -84.03 -0.19 25.79
N PHE HB 242 -84.51 0.62 24.86
CA PHE HB 242 -85.84 0.45 24.31
C PHE HB 242 -85.77 0.21 22.81
N ASP HB 243 -86.33 -0.91 22.37
CA ASP HB 243 -86.75 -1.06 20.99
C ASP HB 243 -88.21 -0.64 20.97
N CYS HB 244 -88.49 0.51 20.37
CA CYS HB 244 -89.71 1.23 20.70
C CYS HB 244 -90.18 2.00 19.48
N GLU HB 245 -91.50 2.10 19.35
CA GLU HB 245 -92.11 2.83 18.26
C GLU HB 245 -92.30 4.29 18.64
N TRP HB 246 -92.12 5.18 17.67
CA TRP HB 246 -92.36 6.60 17.90
C TRP HB 246 -93.81 6.82 18.29
N ILE HB 247 -94.04 7.82 19.12
CA ILE HB 247 -95.38 8.36 19.33
C ILE HB 247 -95.40 9.74 18.69
N ASN HB 248 -96.36 9.96 17.81
CA ASN HB 248 -96.33 11.10 16.91
C ASN HB 248 -97.23 12.21 17.40
N ASN HB 249 -96.68 13.39 17.57
CA ASN HB 249 -97.45 14.60 17.82
C ASN HB 249 -97.54 15.34 16.50
N GLU HB 250 -98.72 15.31 15.90
CA GLU HB 250 -98.99 15.77 14.54
C GLU HB 250 -100.48 15.68 14.34
N ARG HB 251 -100.97 16.40 13.34
CA ARG HB 251 -102.40 16.54 13.12
C ARG HB 251 -102.66 16.51 11.63
N ALA HB 252 -103.63 15.70 11.23
CA ALA HB 252 -104.10 15.70 9.85
C ALA HB 252 -105.23 16.69 9.74
N TYR HB 253 -105.05 17.71 8.91
CA TYR HB 253 -106.06 18.73 8.74
C TYR HB 253 -107.22 18.27 7.86
N ILE HB 254 -107.05 17.16 7.15
CA ILE HB 254 -108.12 16.59 6.33
C ILE HB 254 -108.11 15.08 6.48
N PRO HB 255 -109.24 14.43 6.22
CA PRO HB 255 -109.24 12.98 6.15
C PRO HB 255 -108.33 12.51 5.03
N PRO HB 256 -107.83 11.27 5.11
CA PRO HB 256 -106.97 10.79 4.02
C PRO HB 256 -107.69 10.65 2.70
N GLY HB 257 -108.99 10.42 2.72
CA GLY HB 257 -109.74 10.34 1.50
C GLY HB 257 -110.10 11.66 0.87
N LEU HB 258 -109.77 12.77 1.54
CA LEU HB 258 -110.09 14.09 1.07
C LEU HB 258 -108.94 14.72 0.29
N MET HB 259 -107.89 13.95 0.01
CA MET HB 259 -106.71 14.46 -0.68
C MET HB 259 -106.92 14.31 -2.18
N PHE HB 260 -107.10 15.43 -2.86
CA PHE HB 260 -107.22 15.46 -4.32
C PHE HB 260 -107.41 16.91 -4.72
N ASN HB 261 -107.16 17.18 -5.99
CA ASN HB 261 -107.41 18.51 -6.52
C ASN HB 261 -108.85 18.56 -7.01
N PRO HB 262 -109.73 19.24 -6.29
CA PRO HB 262 -111.15 19.23 -6.69
C PRO HB 262 -111.42 20.02 -7.95
N LEU HB 263 -110.48 20.86 -8.37
CA LEU HB 263 -110.65 21.60 -9.61
C LEU HB 263 -110.60 20.67 -10.81
N VAL HB 264 -109.70 19.71 -10.79
CA VAL HB 264 -109.48 18.88 -11.98
C VAL HB 264 -110.60 17.86 -12.11
N PRO HB 265 -111.19 17.69 -13.30
CA PRO HB 265 -112.19 16.65 -13.48
C PRO HB 265 -111.56 15.28 -13.34
N THR HB 266 -112.42 14.29 -13.11
CA THR HB 266 -111.96 12.92 -12.91
C THR HB 266 -112.48 12.03 -14.04
N ARG HB 267 -111.69 11.01 -14.37
CA ARG HB 267 -112.17 9.98 -15.27
C ARG HB 267 -112.61 8.76 -14.48
N ARG HB 268 -113.92 8.63 -14.32
CA ARG HB 268 -114.55 7.61 -13.50
C ARG HB 268 -116.05 7.75 -13.71
N ALA HB 269 -116.82 6.74 -13.33
CA ALA HB 269 -118.25 6.81 -13.54
C ALA HB 269 -118.98 6.12 -12.41
N GLN HB 270 -120.23 6.52 -12.21
CA GLN HB 270 -121.10 5.98 -11.18
C GLN HB 270 -122.30 5.35 -11.86
N TYR HB 271 -122.40 4.04 -11.79
CA TYR HB 271 -123.65 3.36 -12.13
C TYR HB 271 -124.46 3.30 -10.85
N ILE HB 272 -125.74 3.61 -10.95
CA ILE HB 272 -126.63 3.58 -9.80
C ILE HB 272 -127.81 2.68 -10.14
N ARG HB 273 -128.04 1.68 -9.29
CA ARG HB 273 -129.08 0.70 -9.55
C ARG HB 273 -130.46 1.37 -9.55
N ARG HB 274 -131.41 0.72 -10.24
CA ARG HB 274 -132.80 1.12 -10.14
C ARG HB 274 -133.22 1.22 -8.69
N ASN HB 275 -133.88 2.31 -8.35
CA ASN HB 275 -134.08 2.63 -6.93
C ASN HB 275 -135.18 1.79 -6.31
N ASN HB 276 -136.14 1.32 -7.12
CA ASN HB 276 -137.22 0.47 -6.63
C ASN HB 276 -137.93 1.13 -5.45
N ASN HB 277 -138.70 2.17 -5.77
CA ASN HB 277 -139.25 3.14 -4.83
C ASN HB 277 -138.08 4.01 -4.34
N PRO HB 278 -138.33 5.31 -4.10
CA PRO HB 278 -139.49 6.06 -4.62
C PRO HB 278 -139.56 6.15 -6.15
N GLN HB 279 -138.43 6.47 -6.77
CA GLN HB 279 -138.42 6.93 -8.16
C GLN HB 279 -136.98 6.94 -8.66
N THR HB 280 -136.71 7.59 -9.81
CA THR HB 280 -135.37 7.77 -10.35
C THR HB 280 -134.72 6.46 -10.78
N ALA HB 281 -135.13 5.98 -11.95
CA ALA HB 281 -134.58 4.77 -12.53
C ALA HB 281 -133.07 4.93 -12.81
N GLU HB 282 -132.41 3.79 -12.97
CA GLU HB 282 -130.96 3.73 -12.99
C GLU HB 282 -130.36 4.64 -14.05
N SER HB 283 -129.19 5.18 -13.74
CA SER HB 283 -128.44 6.01 -14.67
C SER HB 283 -126.96 5.93 -14.34
N THR HB 284 -126.12 6.10 -15.36
CA THR HB 284 -124.69 6.23 -15.19
C THR HB 284 -124.27 7.67 -15.44
N SER HB 285 -123.23 8.11 -14.74
CA SER HB 285 -122.80 9.49 -14.83
C SER HB 285 -121.35 9.59 -14.41
N ARG HB 286 -120.70 10.68 -14.84
CA ARG HB 286 -119.33 10.93 -14.45
C ARG HB 286 -119.28 11.48 -13.05
N ILE HB 287 -118.27 11.07 -12.29
CA ILE HB 287 -118.10 11.56 -10.93
C ILE HB 287 -117.70 13.03 -10.98
N ALA HB 288 -118.33 13.82 -10.11
CA ALA HB 288 -118.09 15.25 -10.08
C ALA HB 288 -116.62 15.54 -9.77
N PRO HB 289 -116.11 16.68 -10.23
CA PRO HB 289 -114.70 17.00 -9.96
C PRO HB 289 -114.38 17.06 -8.49
N TYR HB 290 -115.20 17.75 -7.72
CA TYR HB 290 -115.17 17.62 -6.28
C TYR HB 290 -115.69 16.25 -5.90
N ALA HB 291 -115.37 15.82 -4.68
CA ALA HB 291 -115.89 14.56 -4.14
C ALA HB 291 -115.51 13.38 -5.02
N LYS HB 292 -114.23 13.26 -5.30
CA LYS HB 292 -113.75 12.11 -6.01
C LYS HB 292 -113.69 10.90 -5.07
N PRO HB 293 -113.86 9.70 -5.60
CA PRO HB 293 -113.79 8.51 -4.75
C PRO HB 293 -112.39 8.34 -4.19
N THR HB 294 -112.30 7.50 -3.18
CA THR HB 294 -111.02 7.29 -2.51
C THR HB 294 -110.78 5.83 -2.22
N SER HB 295 -109.51 5.50 -2.06
CA SER HB 295 -109.06 4.36 -1.30
C SER HB 295 -109.07 4.75 0.17
N TRP HB 296 -108.32 3.99 0.97
CA TRP HB 296 -108.05 4.44 2.32
C TRP HB 296 -109.29 4.46 3.19
N MET HB 297 -109.70 3.25 3.57
CA MET HB 297 -110.74 2.91 4.50
C MET HB 297 -110.42 3.46 5.90
N THR HB 298 -111.48 3.61 6.70
CA THR HB 298 -111.31 4.08 8.07
C THR HB 298 -110.74 2.99 8.96
N GLY HB 299 -110.13 3.42 10.06
CA GLY HB 299 -109.59 2.51 11.03
C GLY HB 299 -110.65 1.69 11.71
N PRO HB 300 -110.26 0.54 12.26
CA PRO HB 300 -111.24 -0.38 12.83
C PRO HB 300 -111.72 0.05 14.20
N GLY HB 301 -112.92 -0.40 14.54
CA GLY HB 301 -113.49 -0.18 15.85
C GLY HB 301 -114.58 -1.19 16.10
N LEU HB 302 -115.05 -1.26 17.34
CA LEU HB 302 -116.22 -2.05 17.69
C LEU HB 302 -117.18 -1.17 18.47
N LEU HB 303 -118.28 -0.77 17.83
CA LEU HB 303 -119.24 0.13 18.43
C LEU HB 303 -120.55 -0.50 18.88
N SER HB 304 -120.78 -1.79 18.65
CA SER HB 304 -122.15 -2.30 18.82
C SER HB 304 -122.48 -2.58 20.28
N ALA HB 305 -121.52 -3.09 21.03
CA ALA HB 305 -121.73 -3.63 22.36
C ALA HB 305 -122.08 -2.53 23.36
N GLN HB 306 -122.62 -2.96 24.50
CA GLN HB 306 -122.89 -2.08 25.64
C GLN HB 306 -122.40 -2.76 26.91
N ARG HB 307 -121.83 -1.97 27.82
CA ARG HB 307 -121.37 -2.52 29.07
C ARG HB 307 -122.51 -3.20 29.81
N VAL HB 308 -122.20 -4.32 30.47
CA VAL HB 308 -123.20 -5.26 30.93
C VAL HB 308 -123.19 -5.36 32.45
N GLY HB 309 -124.27 -4.89 33.06
CA GLY HB 309 -124.56 -5.20 34.44
C GLY HB 309 -123.96 -4.24 35.43
N PRO HB 310 -123.95 -4.62 36.70
CA PRO HB 310 -123.53 -3.70 37.76
C PRO HB 310 -122.03 -3.54 37.80
N ALA HB 311 -121.60 -2.44 38.38
CA ALA HB 311 -120.18 -2.19 38.58
C ALA HB 311 -119.62 -3.20 39.59
N THR HB 312 -118.29 -3.35 39.57
CA THR HB 312 -117.48 -4.31 40.31
C THR HB 312 -117.61 -5.71 39.71
N SER HB 313 -118.48 -5.90 38.72
CA SER HB 313 -118.62 -7.17 38.03
C SER HB 313 -117.79 -7.25 36.75
N ASP HB 314 -116.92 -6.26 36.51
CA ASP HB 314 -116.14 -6.18 35.28
C ASP HB 314 -117.04 -6.03 34.06
N THR HB 315 -117.61 -4.85 33.88
CA THR HB 315 -118.41 -4.59 32.70
C THR HB 315 -117.53 -3.99 31.63
N GLY HB 316 -117.21 -4.78 30.60
CA GLY HB 316 -116.34 -4.30 29.55
C GLY HB 316 -116.99 -4.00 28.23
N ALA HB 317 -118.22 -4.47 28.06
CA ALA HB 317 -119.01 -4.52 26.83
C ALA HB 317 -118.42 -5.51 25.83
N TRP HB 318 -117.16 -5.90 25.97
CA TRP HB 318 -116.58 -6.98 25.17
C TRP HB 318 -115.74 -7.80 26.13
N MET HB 319 -116.12 -9.07 26.31
CA MET HB 319 -115.38 -9.97 27.17
C MET HB 319 -114.65 -10.96 26.28
N VAL HB 320 -113.34 -11.11 26.51
CA VAL HB 320 -112.55 -12.02 25.70
C VAL HB 320 -112.73 -13.46 26.17
N ALA HB 321 -112.69 -13.67 27.47
CA ALA HB 321 -112.83 -14.97 28.12
C ALA HB 321 -111.96 -16.08 27.52
N VAL HB 322 -112.41 -17.33 27.67
CA VAL HB 322 -111.74 -18.51 27.14
C VAL HB 322 -112.74 -19.52 26.60
N LYS HB 323 -113.58 -20.05 27.49
CA LYS HB 323 -114.51 -21.13 27.19
C LYS HB 323 -113.82 -22.40 26.69
N PRO HB 324 -113.10 -23.11 27.56
CA PRO HB 324 -112.71 -24.48 27.23
C PRO HB 324 -113.94 -25.35 27.04
N GLU HB 325 -113.75 -26.47 26.35
CA GLU HB 325 -114.89 -27.16 25.76
C GLU HB 325 -115.85 -27.70 26.81
N ASN HB 326 -115.32 -28.28 27.88
CA ASN HB 326 -116.20 -28.72 28.95
C ASN HB 326 -116.14 -27.77 30.15
N ALA HB 327 -115.10 -27.90 30.95
CA ALA HB 327 -114.87 -27.13 32.16
C ALA HB 327 -116.15 -27.15 33.01
N SER HB 328 -116.43 -26.05 33.69
CA SER HB 328 -117.74 -25.71 34.21
C SER HB 328 -117.72 -24.23 34.48
N ILE HB 329 -118.91 -23.62 34.49
CA ILE HB 329 -118.98 -22.17 34.61
C ILE HB 329 -120.17 -21.81 35.49
N ASP HB 330 -119.96 -20.87 36.38
CA ASP HB 330 -120.99 -20.30 37.24
C ASP HB 330 -121.79 -19.30 36.41
N THR HB 331 -122.60 -18.46 37.06
CA THR HB 331 -123.17 -17.32 36.37
C THR HB 331 -122.06 -16.56 35.66
N GLY HB 332 -122.30 -16.19 34.41
CA GLY HB 332 -121.25 -15.68 33.57
C GLY HB 332 -120.85 -16.59 32.44
N MET HB 333 -120.12 -16.15 31.40
CA MET HB 333 -119.64 -14.77 31.12
C MET HB 333 -119.03 -14.05 32.33
N SER HB 334 -119.55 -12.88 32.69
CA SER HB 334 -119.17 -12.16 33.89
C SER HB 334 -117.64 -11.87 33.94
N GLY HB 335 -116.78 -12.39 34.83
CA GLY HB 335 -116.82 -13.64 35.59
C GLY HB 335 -115.86 -14.66 35.02
N ILE HB 336 -115.55 -14.50 33.72
CA ILE HB 336 -114.40 -15.14 33.10
C ILE HB 336 -113.87 -14.15 32.07
N GLY HB 337 -112.56 -14.19 31.88
CA GLY HB 337 -111.93 -13.29 30.93
C GLY HB 337 -112.02 -11.83 31.33
N SER HB 338 -111.61 -10.98 30.39
CA SER HB 338 -111.36 -9.58 30.68
C SER HB 338 -112.20 -8.72 29.75
N GLY HB 339 -112.59 -7.55 30.26
CA GLY HB 339 -113.27 -6.58 29.41
C GLY HB 339 -112.29 -5.89 28.48
N PHE HB 340 -112.70 -5.70 27.24
CA PHE HB 340 -111.89 -5.01 26.24
C PHE HB 340 -112.28 -3.55 26.20
N ASP HB 341 -111.31 -2.68 26.46
CA ASP HB 341 -111.60 -1.27 26.65
C ASP HB 341 -110.44 -0.41 26.12
N PRO HB 342 -110.75 0.73 25.49
CA PRO HB 342 -111.99 1.10 24.80
C PRO HB 342 -112.13 0.51 23.41
N PRO HB 343 -113.25 -0.13 23.11
CA PRO HB 343 -113.73 -0.14 21.73
C PRO HB 343 -114.65 1.05 21.45
N GLN HB 344 -114.64 1.75 20.31
CA GLN HB 344 -113.47 2.15 19.53
C GLN HB 344 -112.56 0.98 19.08
N GLY HB 345 -111.22 1.07 18.96
CA GLY HB 345 -110.38 2.26 18.86
C GLY HB 345 -110.70 3.10 17.65
N SER HB 346 -110.12 4.30 17.61
CA SER HB 346 -110.43 5.28 16.57
C SER HB 346 -111.93 5.48 16.48
N LEU HB 347 -112.45 5.58 15.26
CA LEU HB 347 -113.87 5.36 14.96
C LEU HB 347 -114.77 6.07 15.97
N ALA HB 348 -114.90 7.39 15.84
CA ALA HB 348 -115.36 8.25 16.93
C ALA HB 348 -116.58 7.66 17.63
N PRO HB 349 -116.58 7.62 18.96
CA PRO HB 349 -117.60 6.86 19.70
C PRO HB 349 -118.96 7.54 19.69
N THR HB 350 -119.97 6.76 20.06
CA THR HB 350 -121.33 7.24 20.15
C THR HB 350 -121.54 8.03 21.44
N ASN HB 351 -121.49 7.37 22.58
CA ASN HB 351 -121.70 8.09 23.84
C ASN HB 351 -120.48 7.94 24.75
N LEU HB 352 -120.64 8.48 25.95
CA LEU HB 352 -119.58 8.53 26.95
C LEU HB 352 -119.04 7.16 27.28
N GLU HB 353 -119.87 6.12 27.08
CA GLU HB 353 -119.53 4.78 27.53
C GLU HB 353 -118.25 4.27 26.89
N TYR HB 354 -117.90 4.76 25.70
CA TYR HB 354 -116.70 4.35 24.99
C TYR HB 354 -115.55 5.34 25.14
N LYS HB 355 -115.73 6.42 25.87
CA LYS HB 355 -114.91 7.62 25.74
C LYS HB 355 -113.68 7.56 26.65
N ILE HB 356 -113.40 6.41 27.24
CA ILE HB 356 -112.47 6.19 28.34
C ILE HB 356 -112.91 7.08 29.49
N GLN HB 357 -112.00 7.37 30.43
CA GLN HB 357 -112.22 8.21 31.59
C GLN HB 357 -111.08 7.92 32.55
N TRP HB 358 -110.77 8.79 33.50
CA TRP HB 358 -109.97 8.39 34.66
C TRP HB 358 -110.11 9.44 35.73
N TYR HB 359 -109.78 9.05 36.97
CA TYR HB 359 -110.02 9.95 38.09
C TYR HB 359 -108.80 10.79 38.46
N GLN HB 360 -107.64 10.45 37.92
CA GLN HB 360 -106.37 11.15 38.19
C GLN HB 360 -106.19 11.45 39.68
N THR HB 361 -106.68 10.56 40.54
CA THR HB 361 -106.67 10.76 41.98
C THR HB 361 -107.27 9.52 42.64
N PRO HB 362 -106.63 9.00 43.69
CA PRO HB 362 -107.25 7.89 44.41
C PRO HB 362 -108.46 8.29 45.22
N GLN HB 363 -108.52 9.55 45.65
CA GLN HB 363 -109.67 10.01 46.43
C GLN HB 363 -110.90 10.22 45.54
N GLY HB 364 -110.75 10.07 44.23
CA GLY HB 364 -111.85 10.34 43.32
C GLY HB 364 -113.07 9.46 43.53
N THR HB 365 -114.21 10.09 43.78
CA THR HB 365 -115.48 9.38 43.93
C THR HB 365 -116.08 9.17 42.56
N ASN HB 366 -117.35 8.75 42.49
CA ASN HB 366 -117.96 8.43 41.21
C ASN HB 366 -117.84 9.58 40.22
N ASN HB 367 -118.39 10.75 40.57
CA ASN HB 367 -118.10 11.96 39.83
C ASN HB 367 -117.34 12.92 40.73
N ASN HB 368 -116.04 13.01 40.49
CA ASN HB 368 -115.05 13.87 41.14
C ASN HB 368 -113.74 13.47 40.49
N GLY HB 369 -112.74 14.33 40.48
CA GLY HB 369 -111.64 14.02 39.60
C GLY HB 369 -112.26 13.83 38.23
N ASN HB 370 -112.12 12.62 37.70
CA ASN HB 370 -113.03 12.13 36.66
C ASN HB 370 -112.90 12.92 35.37
N ILE HB 371 -111.68 13.12 34.90
CA ILE HB 371 -111.50 13.80 33.63
C ILE HB 371 -111.74 12.81 32.51
N ILE HB 372 -112.45 13.24 31.50
CA ILE HB 372 -112.94 12.36 30.45
C ILE HB 372 -112.23 12.70 29.16
N SER HB 373 -111.85 11.68 28.40
CA SER HB 373 -111.17 11.91 27.13
C SER HB 373 -112.09 12.64 26.17
N ASN HB 374 -111.47 13.31 25.19
CA ASN HB 374 -112.20 14.16 24.27
C ASN HB 374 -111.60 14.01 22.87
N GLN HB 375 -112.27 14.56 21.88
CA GLN HB 375 -111.76 14.43 20.52
C GLN HB 375 -110.61 15.40 20.28
N PRO HB 376 -109.52 14.94 19.67
CA PRO HB 376 -108.39 15.85 19.40
C PRO HB 376 -108.70 16.90 18.37
N LEU HB 377 -109.79 16.72 17.61
CA LEU HB 377 -110.16 17.50 16.44
C LEU HB 377 -109.24 17.22 15.27
N SER HB 378 -108.22 16.37 15.47
CA SER HB 378 -107.50 15.79 14.34
C SER HB 378 -108.45 15.01 13.48
N MET HB 379 -108.18 15.00 12.17
CA MET HB 379 -109.14 14.44 11.23
C MET HB 379 -108.90 12.97 10.92
N LEU HB 380 -107.96 12.32 11.58
CA LEU HB 380 -107.63 10.97 11.14
C LEU HB 380 -108.58 9.82 11.48
N ARG HB 381 -108.80 9.30 12.71
CA ARG HB 381 -108.90 9.82 14.10
C ARG HB 381 -110.35 10.17 14.48
N ASP HB 382 -111.26 10.20 13.50
CA ASP HB 382 -112.67 10.31 13.84
C ASP HB 382 -113.44 9.15 13.23
N GLN HB 383 -113.46 9.08 11.89
CA GLN HB 383 -113.67 7.83 11.17
C GLN HB 383 -115.00 7.17 11.51
N ALA HB 384 -116.07 7.74 10.98
CA ALA HB 384 -117.30 6.98 10.90
C ALA HB 384 -117.22 5.99 9.75
N LEU HB 385 -118.29 5.22 9.57
CA LEU HB 385 -118.48 4.46 8.35
C LEU HB 385 -119.98 4.22 8.20
N PHE HB 386 -120.45 4.19 6.96
CA PHE HB 386 -121.87 4.38 6.69
C PHE HB 386 -122.52 3.22 5.94
N ARG HB 387 -122.02 2.83 4.79
CA ARG HB 387 -122.64 1.75 4.03
C ARG HB 387 -124.08 2.17 3.68
N GLY HB 388 -125.00 1.22 3.59
CA GLY HB 388 -126.42 1.49 3.40
C GLY HB 388 -126.74 2.35 2.20
N ASN HB 389 -128.01 2.73 2.10
CA ASN HB 389 -129.12 1.82 2.33
C ASN HB 389 -129.66 1.52 0.94
N GLN HB 390 -129.03 2.17 -0.04
CA GLN HB 390 -129.52 2.54 -1.38
C GLN HB 390 -130.32 3.83 -1.30
N THR HB 391 -130.69 4.27 -0.09
CA THR HB 391 -131.45 5.49 0.12
C THR HB 391 -130.75 6.39 1.13
N THR HB 392 -130.47 5.86 2.32
CA THR HB 392 -129.83 6.61 3.40
C THR HB 392 -128.54 5.91 3.79
N TYR HB 393 -127.60 6.66 4.35
CA TYR HB 393 -126.43 6.06 4.98
C TYR HB 393 -126.74 5.77 6.44
N ASN HB 394 -126.26 4.63 6.93
CA ASN HB 394 -126.53 4.21 8.30
C ASN HB 394 -125.23 3.78 8.98
N LEU HB 395 -124.82 4.53 10.01
CA LEU HB 395 -123.58 4.23 10.71
C LEU HB 395 -123.54 2.76 11.12
N CYS HB 396 -122.43 2.10 10.80
CA CYS HB 396 -122.34 0.65 10.93
C CYS HB 396 -121.45 0.29 12.12
N SER HB 397 -121.92 -0.67 12.91
CA SER HB 397 -121.16 -1.29 13.97
C SER HB 397 -120.03 -2.13 13.38
N ASP HB 398 -119.09 -2.53 14.25
CA ASP HB 398 -117.89 -3.24 13.86
C ASP HB 398 -117.01 -2.35 13.00
N VAL HB 399 -116.73 -2.73 11.75
CA VAL HB 399 -115.55 -2.29 10.99
C VAL HB 399 -114.29 -2.93 11.55
N TRP HB 400 -114.08 -4.20 11.19
CA TRP HB 400 -112.87 -4.95 11.46
C TRP HB 400 -111.73 -4.48 10.57
N MET HB 401 -110.61 -5.19 10.62
CA MET HB 401 -109.46 -4.82 9.80
C MET HB 401 -109.75 -5.01 8.32
N PHE HB 402 -109.20 -4.13 7.51
CA PHE HB 402 -109.42 -4.08 6.08
C PHE HB 402 -108.15 -3.53 5.43
N PRO HB 403 -107.84 -3.95 4.19
CA PRO HB 403 -106.51 -3.66 3.63
C PRO HB 403 -106.08 -2.20 3.62
N ASN HB 404 -106.95 -1.29 3.24
CA ASN HB 404 -106.53 0.08 3.02
C ASN HB 404 -106.69 0.97 4.23
N GLN HB 405 -106.99 0.40 5.39
CA GLN HB 405 -107.36 1.23 6.53
C GLN HB 405 -106.22 2.11 7.00
N ILE HB 406 -106.58 3.33 7.39
CA ILE HB 406 -105.70 4.20 8.16
C ILE HB 406 -106.45 4.69 9.39
N TRP HB 407 -105.79 4.61 10.53
CA TRP HB 407 -106.27 5.24 11.74
C TRP HB 407 -105.09 5.93 12.38
N ASP HB 408 -105.38 6.78 13.35
CA ASP HB 408 -104.35 7.47 14.08
C ASP HB 408 -104.33 6.94 15.50
N ARG HB 409 -103.14 6.63 15.99
CA ARG HB 409 -103.02 6.09 17.32
C ARG HB 409 -103.57 7.09 18.32
N TYR HB 410 -104.04 6.58 19.45
CA TYR HB 410 -104.70 7.42 20.43
C TYR HB 410 -103.81 8.61 20.79
N PRO HB 411 -104.36 9.83 20.86
CA PRO HB 411 -103.52 11.02 21.01
C PRO HB 411 -102.76 11.10 22.30
N ILE HB 412 -103.08 10.22 23.25
CA ILE HB 412 -102.61 10.20 24.63
C ILE HB 412 -102.70 11.57 25.27
N THR HB 413 -101.83 11.84 26.24
CA THR HB 413 -101.85 13.03 27.09
C THR HB 413 -100.79 12.84 28.16
N ARG HB 414 -100.61 13.83 29.03
CA ARG HB 414 -99.59 13.72 30.07
C ARG HB 414 -99.90 12.64 31.09
N GLU HB 415 -101.16 12.25 31.23
CA GLU HB 415 -101.59 11.31 32.27
C GLU HB 415 -101.44 9.85 31.88
N ASN HB 416 -100.96 9.56 30.71
CA ASN HB 416 -101.06 8.21 30.19
C ASN HB 416 -99.86 7.37 30.56
N PRO HB 417 -100.02 6.05 30.56
CA PRO HB 417 -98.85 5.18 30.65
C PRO HB 417 -98.00 5.26 29.40
N ILE HB 418 -96.69 5.21 29.60
CA ILE HB 418 -95.77 5.30 28.47
C ILE HB 418 -95.84 4.05 27.63
N TRP HB 419 -95.71 2.88 28.26
CA TRP HB 419 -95.58 1.63 27.55
C TRP HB 419 -96.54 0.60 28.12
N CYS HB 420 -96.67 -0.50 27.39
CA CYS HB 420 -97.38 -1.69 27.80
C CYS HB 420 -96.63 -2.88 27.23
N LYS HB 421 -96.60 -3.98 27.97
CA LYS HB 421 -95.86 -5.14 27.50
C LYS HB 421 -96.69 -5.93 26.51
N LYS HB 422 -96.10 -6.21 25.34
CA LYS HB 422 -96.74 -7.05 24.35
C LYS HB 422 -96.52 -8.51 24.74
N PRO HB 423 -97.57 -9.24 25.09
CA PRO HB 423 -97.40 -10.62 25.53
C PRO HB 423 -96.85 -11.53 24.45
N ARG HB 424 -95.97 -12.43 24.86
CA ARG HB 424 -95.32 -13.35 23.93
C ARG HB 424 -96.34 -14.36 23.42
N SER HB 425 -96.46 -14.44 22.09
CA SER HB 425 -97.38 -15.38 21.49
C SER HB 425 -96.91 -15.65 20.07
N ASP HB 426 -97.40 -16.75 19.50
CA ASP HB 426 -96.99 -17.13 18.16
C ASP HB 426 -97.38 -16.06 17.15
N LYS HB 427 -98.67 -15.73 17.09
CA LYS HB 427 -99.19 -14.86 16.06
C LYS HB 427 -99.86 -13.64 16.68
N HIS HB 428 -99.82 -12.53 15.97
CA HIS HB 428 -100.52 -11.33 16.39
C HIS HB 428 -100.72 -10.42 15.18
N THR HB 429 -101.65 -9.50 15.33
CA THR HB 429 -101.96 -8.47 14.34
C THR HB 429 -101.15 -7.20 14.59
N THR HB 430 -101.59 -6.08 14.01
CA THR HB 430 -100.75 -4.87 13.92
C THR HB 430 -100.19 -4.43 15.26
N ILE HB 431 -100.86 -4.74 16.37
CA ILE HB 431 -100.46 -4.31 17.71
C ILE HB 431 -100.48 -2.79 17.82
N ASP HB 432 -101.66 -2.20 17.81
CA ASP HB 432 -101.80 -0.81 18.24
C ASP HB 432 -102.69 -0.77 19.46
N PRO HB 433 -102.15 -0.54 20.66
CA PRO HB 433 -103.02 -0.48 21.84
C PRO HB 433 -103.92 0.74 21.80
N PHE HB 434 -105.17 0.54 22.20
CA PHE HB 434 -106.15 1.62 22.17
C PHE HB 434 -106.10 2.48 23.41
N ASP HB 435 -105.21 2.18 24.33
CA ASP HB 435 -104.93 3.03 25.48
C ASP HB 435 -103.89 4.08 25.14
N GLY HB 436 -103.53 4.19 23.86
CA GLY HB 436 -102.31 4.87 23.50
C GLY HB 436 -101.15 4.03 23.98
N SER HB 437 -100.30 4.60 24.81
CA SER HB 437 -99.14 3.90 25.34
C SER HB 437 -98.32 3.29 24.23
N LEU HB 438 -97.74 2.12 24.47
CA LEU HB 438 -96.82 1.51 23.54
C LEU HB 438 -96.79 0.01 23.83
N ALA HB 439 -96.29 -0.74 22.87
CA ALA HB 439 -96.08 -2.17 23.05
C ALA HB 439 -94.61 -2.47 22.81
N MET HB 440 -94.02 -3.27 23.70
CA MET HB 440 -92.64 -3.66 23.54
C MET HB 440 -92.50 -5.13 23.90
N ASP HB 441 -91.62 -5.82 23.17
CA ASP HB 441 -91.27 -7.18 23.55
C ASP HB 441 -90.78 -7.22 24.99
N HIS HB 442 -89.73 -6.46 25.27
CA HIS HB 442 -89.23 -6.29 26.62
C HIS HB 442 -89.37 -4.83 27.01
N PRO HB 443 -90.33 -4.49 27.85
CA PRO HB 443 -90.40 -3.15 28.40
C PRO HB 443 -89.33 -2.98 29.47
N PRO HB 444 -89.27 -1.85 30.14
CA PRO HB 444 -88.39 -1.75 31.31
C PRO HB 444 -88.72 -2.85 32.30
N GLY HB 445 -87.69 -3.58 32.71
CA GLY HB 445 -87.89 -4.64 33.68
C GLY HB 445 -88.32 -4.06 35.00
N THR HB 446 -89.38 -4.61 35.58
CA THR HB 446 -89.86 -4.13 36.85
C THR HB 446 -88.81 -4.37 37.92
N ILE HB 447 -88.52 -3.35 38.70
CA ILE HB 447 -87.57 -3.45 39.81
C ILE HB 447 -88.34 -3.80 41.06
N PHE HB 448 -88.01 -4.93 41.65
CA PHE HB 448 -88.68 -5.42 42.85
C PHE HB 448 -87.78 -5.18 44.05
N ILE HB 449 -88.41 -4.96 45.20
CA ILE HB 449 -87.67 -4.65 46.41
C ILE HB 449 -88.44 -5.16 47.61
N LYS HB 450 -87.71 -5.67 48.60
CA LYS HB 450 -88.28 -6.33 49.75
C LYS HB 450 -87.43 -6.00 50.96
N MET HB 451 -87.96 -6.26 52.14
CA MET HB 451 -87.36 -5.81 53.38
C MET HB 451 -86.46 -6.82 54.07
N ALA HB 452 -86.17 -7.96 53.46
CA ALA HB 452 -85.17 -8.86 54.04
C ALA HB 452 -85.54 -9.33 55.44
N LYS HB 453 -86.44 -10.31 55.52
CA LYS HB 453 -86.99 -10.74 56.80
C LYS HB 453 -85.90 -10.96 57.83
N ILE HB 454 -86.06 -10.33 58.98
CA ILE HB 454 -85.16 -10.52 60.11
C ILE HB 454 -85.96 -11.23 61.19
N PRO HB 455 -85.74 -12.51 61.41
CA PRO HB 455 -86.57 -13.26 62.35
C PRO HB 455 -86.12 -12.98 63.78
N VAL HB 456 -86.89 -13.53 64.72
CA VAL HB 456 -86.60 -13.35 66.13
C VAL HB 456 -86.87 -14.68 66.82
N PRO HB 457 -86.10 -15.05 67.84
CA PRO HB 457 -86.24 -16.38 68.42
C PRO HB 457 -87.51 -16.50 69.25
N SER HB 458 -88.06 -17.71 69.27
CA SER HB 458 -89.22 -18.01 70.09
C SER HB 458 -89.21 -19.49 70.44
N ASN HB 459 -90.17 -19.90 71.27
CA ASN HB 459 -90.24 -21.28 71.73
C ASN HB 459 -90.97 -22.18 70.75
N ASN HB 460 -92.07 -21.69 70.16
CA ASN HB 460 -92.99 -22.51 69.39
C ASN HB 460 -92.38 -23.46 68.33
N ASN HB 461 -91.47 -23.01 67.46
CA ASN HB 461 -90.97 -21.64 67.40
C ASN HB 461 -91.61 -20.88 66.25
N ALA HB 462 -91.23 -19.62 66.12
CA ALA HB 462 -91.71 -18.73 65.08
C ALA HB 462 -93.26 -18.65 65.11
N ASP HB 463 -93.97 -18.34 64.02
CA ASP HB 463 -93.54 -17.40 62.99
C ASP HB 463 -93.52 -16.00 63.57
N SER HB 464 -92.35 -15.38 63.53
CA SER HB 464 -92.17 -14.05 64.09
C SER HB 464 -91.00 -13.40 63.39
N TYR HB 465 -91.04 -12.08 63.32
CA TYR HB 465 -90.04 -11.34 62.58
C TYR HB 465 -89.95 -9.94 63.14
N LEU HB 466 -88.89 -9.24 62.78
CA LEU HB 466 -88.64 -7.92 63.28
C LEU HB 466 -89.26 -6.90 62.34
N ASN HB 467 -89.91 -5.88 62.90
CA ASN HB 467 -90.71 -4.95 62.13
C ASN HB 467 -89.85 -3.76 61.72
N ILE HB 468 -89.59 -3.64 60.43
CA ILE HB 468 -88.71 -2.60 59.89
C ILE HB 468 -89.33 -2.05 58.61
N TYR HB 469 -88.75 -0.95 58.12
CA TYR HB 469 -89.10 -0.43 56.81
C TYR HB 469 -87.89 0.26 56.23
N CYS HB 470 -87.89 0.41 54.91
CA CYS HB 470 -86.78 1.02 54.21
C CYS HB 470 -87.23 2.34 53.63
N THR HB 471 -86.26 3.22 53.42
CA THR HB 471 -86.53 4.52 52.86
C THR HB 471 -85.32 4.93 52.05
N GLY HB 472 -85.55 5.55 50.91
CA GLY HB 472 -84.42 5.87 50.06
C GLY HB 472 -84.86 6.68 48.88
N GLN HB 473 -83.96 6.78 47.90
CA GLN HB 473 -84.17 7.67 46.77
C GLN HB 473 -83.94 6.95 45.47
N VAL HB 474 -84.95 6.93 44.62
CA VAL HB 474 -84.84 6.43 43.26
C VAL HB 474 -84.62 7.63 42.35
N SER HB 475 -83.71 7.50 41.40
CA SER HB 475 -83.54 8.51 40.38
C SER HB 475 -83.75 7.82 39.05
N CYS HB 476 -84.83 8.16 38.37
CA CYS HB 476 -85.12 7.61 37.05
C CYS HB 476 -84.76 8.67 36.02
N GLU HB 477 -83.68 8.44 35.29
CA GLU HB 477 -83.18 9.36 34.28
C GLU HB 477 -83.32 8.68 32.93
N ILE HB 478 -84.22 9.18 32.10
CA ILE HB 478 -84.53 8.53 30.83
C ILE HB 478 -84.27 9.51 29.70
N VAL HB 479 -83.76 8.98 28.59
CA VAL HB 479 -83.41 9.76 27.42
C VAL HB 479 -84.47 9.51 26.36
N TRP HB 480 -84.88 10.57 25.67
CA TRP HB 480 -85.97 10.51 24.72
C TRP HB 480 -85.43 10.87 23.34
N GLU HB 481 -85.48 9.93 22.41
CA GLU HB 481 -85.29 10.31 21.01
C GLU HB 481 -86.41 11.24 20.61
N VAL HB 482 -86.05 12.39 20.07
CA VAL HB 482 -87.01 13.44 19.81
C VAL HB 482 -86.70 14.06 18.46
N GLU HB 483 -87.75 14.46 17.74
CA GLU HB 483 -87.60 15.03 16.41
C GLU HB 483 -88.41 16.31 16.32
N ARG HB 484 -87.80 17.35 15.73
CA ARG HB 484 -88.36 18.69 15.75
C ARG HB 484 -89.03 18.99 14.42
N TYR HB 485 -90.11 19.78 14.45
CA TYR HB 485 -90.97 19.90 13.29
C TYR HB 485 -90.62 21.13 12.47
N ALA HB 486 -90.74 20.98 11.15
CA ALA HB 486 -90.70 22.08 10.23
C ALA HB 486 -91.84 21.89 9.23
N THR HB 487 -92.46 22.99 8.84
CA THR HB 487 -93.61 22.88 7.94
C THR HB 487 -93.72 24.11 7.08
N LYS HB 488 -94.42 23.96 5.96
CA LYS HB 488 -94.62 25.04 5.02
C LYS HB 488 -95.92 25.77 5.22
N ASN HB 489 -96.68 25.43 6.25
CA ASN HB 489 -97.93 26.13 6.51
C ASN HB 489 -97.66 27.60 6.75
N TRP HB 490 -98.53 28.44 6.22
CA TRP HB 490 -98.41 29.88 6.41
C TRP HB 490 -98.97 30.31 7.75
N ARG HB 491 -99.96 29.62 8.25
CA ARG HB 491 -100.77 30.07 9.37
C ARG HB 491 -100.22 29.64 10.72
N PRO HB 492 -100.68 30.28 11.79
CA PRO HB 492 -100.05 30.10 13.11
C PRO HB 492 -100.11 28.70 13.72
N GLU HB 493 -100.94 27.79 13.20
CA GLU HB 493 -101.16 26.45 13.81
C GLU HB 493 -101.68 26.64 15.24
N ARG HB 494 -101.28 25.79 16.18
CA ARG HB 494 -101.91 25.75 17.49
C ARG HB 494 -100.88 25.28 18.51
N ARG HB 495 -101.02 25.77 19.73
CA ARG HB 495 -100.12 25.40 20.81
C ARG HB 495 -100.95 25.13 22.05
N HIS HB 496 -100.28 24.86 23.16
CA HIS HB 496 -100.95 24.68 24.44
C HIS HB 496 -100.64 25.87 25.32
N THR HB 497 -101.62 26.74 25.46
CA THR HB 497 -101.58 27.84 26.42
C THR HB 497 -102.01 27.36 27.79
N THR HB 498 -101.59 28.12 28.81
CA THR HB 498 -102.24 28.03 30.10
C THR HB 498 -103.70 28.46 30.02
N PHE HB 499 -104.11 29.16 28.97
CA PHE HB 499 -105.49 29.61 28.94
C PHE HB 499 -106.48 28.46 28.81
N GLY HB 500 -106.04 27.32 28.31
CA GLY HB 500 -106.88 26.13 28.42
C GLY HB 500 -107.08 25.73 29.87
N LEU HB 501 -106.13 26.07 30.73
CA LEU HB 501 -106.19 25.76 32.14
C LEU HB 501 -107.20 26.66 32.85
N GLY HB 502 -107.60 26.25 34.04
CA GLY HB 502 -108.58 27.01 34.80
C GLY HB 502 -108.29 26.94 36.27
N ILE HB 503 -108.92 27.86 37.01
CA ILE HB 503 -108.61 28.13 38.40
C ILE HB 503 -109.33 27.12 39.28
N GLY HB 504 -108.72 26.74 40.41
CA GLY HB 504 -109.35 25.77 41.28
C GLY HB 504 -108.66 25.65 42.63
N GLY HB 505 -109.30 24.89 43.50
CA GLY HB 505 -108.81 24.50 44.81
C GLY HB 505 -109.17 25.49 45.90
N ALA HB 506 -109.43 24.96 47.10
CA ALA HB 506 -109.76 25.73 48.30
C ALA HB 506 -110.73 26.87 48.01
N ASP HB 507 -110.43 28.06 48.56
CA ASP HB 507 -110.90 29.27 47.93
C ASP HB 507 -110.24 29.38 46.57
N ASN HB 508 -111.02 29.76 45.56
CA ASN HB 508 -110.71 29.39 44.18
C ASN HB 508 -109.26 29.67 43.80
N LEU HB 509 -108.57 30.52 44.53
CA LEU HB 509 -107.22 30.97 44.20
C LEU HB 509 -106.29 29.80 43.92
N ASN HB 510 -105.29 30.09 43.07
CA ASN HB 510 -104.28 29.26 42.41
C ASN HB 510 -104.92 28.62 41.19
N PRO HB 511 -104.21 28.54 40.07
CA PRO HB 511 -104.91 28.12 38.84
C PRO HB 511 -105.17 26.64 38.68
N THR HB 512 -104.14 25.87 38.35
CA THR HB 512 -104.35 24.46 38.05
C THR HB 512 -103.20 23.58 38.51
N TYR HB 513 -102.04 23.70 37.88
CA TYR HB 513 -100.90 22.95 38.39
C TYR HB 513 -100.17 23.84 39.37
N HIS HB 514 -100.42 23.59 40.65
CA HIS HB 514 -100.02 24.54 41.67
C HIS HB 514 -100.53 24.03 43.01
N VAL HB 515 -99.95 24.56 44.08
CA VAL HB 515 -100.31 24.13 45.41
C VAL HB 515 -101.53 24.89 45.95
N ASP HB 516 -102.22 24.26 46.88
CA ASP HB 516 -103.33 24.83 47.63
C ASP HB 516 -102.78 25.53 48.89
N LYS HB 517 -103.63 25.88 49.84
CA LYS HB 517 -103.14 26.72 50.95
C LYS HB 517 -102.67 26.23 52.36
N ASN HB 518 -102.86 25.02 52.92
CA ASN HB 518 -103.68 23.85 52.57
C ASN HB 518 -102.97 22.94 51.59
N GLY HB 519 -101.73 23.26 51.24
CA GLY HB 519 -101.23 22.92 49.93
C GLY HB 519 -101.43 21.48 49.52
N THR HB 520 -102.23 21.38 48.46
CA THR HB 520 -102.55 20.14 47.78
C THR HB 520 -102.55 20.48 46.30
N TYR HB 521 -101.74 19.78 45.54
CA TYR HB 521 -101.56 20.05 44.14
C TYR HB 521 -102.91 20.00 43.43
N ILE HB 522 -103.29 21.09 42.78
CA ILE HB 522 -104.62 21.16 42.17
C ILE HB 522 -104.64 20.27 40.94
N GLN HB 523 -105.61 19.49 40.83
CA GLN HB 523 -105.56 18.61 39.68
C GLN HB 523 -106.23 19.26 38.48
N PRO HB 524 -105.72 18.96 37.29
CA PRO HB 524 -106.35 19.45 36.06
C PRO HB 524 -107.72 18.82 35.87
N THR HB 525 -108.71 19.65 35.55
CA THR HB 525 -110.09 19.22 35.42
C THR HB 525 -110.49 19.21 33.95
N THR HB 526 -111.04 18.08 33.52
CA THR HB 526 -111.26 17.56 32.17
C THR HB 526 -110.01 17.44 31.29
N TRP HB 527 -110.21 17.41 29.97
CA TRP HB 527 -109.23 16.78 29.09
C TRP HB 527 -108.19 17.76 28.60
N ASP HB 528 -108.61 18.96 28.20
CA ASP HB 528 -107.69 19.92 27.60
C ASP HB 528 -106.62 20.39 28.57
N MET HB 529 -106.93 20.42 29.87
CA MET HB 529 -105.95 20.79 30.88
C MET HB 529 -104.66 20.02 30.68
N CYS HB 530 -104.69 18.71 30.91
CA CYS HB 530 -103.63 17.84 30.44
C CYS HB 530 -103.47 18.07 28.94
N PHE HB 531 -102.26 18.33 28.50
CA PHE HB 531 -102.11 18.82 27.15
C PHE HB 531 -101.77 17.65 26.23
N PRO HB 532 -102.72 17.19 25.41
CA PRO HB 532 -102.49 15.98 24.63
C PRO HB 532 -101.61 16.28 23.43
N VAL HB 533 -100.75 15.34 23.08
CA VAL HB 533 -100.11 15.43 21.79
C VAL HB 533 -101.14 15.10 20.72
N LYS HB 534 -100.82 15.44 19.48
CA LYS HB 534 -101.57 15.12 18.27
C LYS HB 534 -102.67 16.14 18.03
N THR HB 535 -102.88 17.08 18.94
CA THR HB 535 -103.79 18.19 18.71
C THR HB 535 -103.08 19.41 18.14
N ASN HB 536 -101.78 19.34 17.91
CA ASN HB 536 -101.01 20.48 17.48
C ASN HB 536 -100.26 20.17 16.20
N ILE HB 537 -99.46 21.16 15.79
CA ILE HB 537 -98.70 21.17 14.54
C ILE HB 537 -99.67 20.89 13.40
N ASN HB 538 -99.19 20.25 12.33
CA ASN HB 538 -99.98 19.76 11.22
C ASN HB 538 -99.11 18.78 10.46
N LYS HB 539 -99.72 17.95 9.63
CA LYS HB 539 -98.97 17.14 8.69
C LYS HB 539 -99.74 17.05 7.39
N VAL HB 540 -99.04 17.29 6.28
CA VAL HB 540 -99.61 16.92 5.00
C VAL HB 540 -99.61 15.39 4.92
N LEU HB 541 -100.77 14.83 4.64
CA LEU HB 541 -100.88 13.39 4.57
C LEU HB 541 -100.22 12.87 3.30
#